data_7SQD
#
_entry.id   7SQD
#
_cell.length_a   1.00
_cell.length_b   1.00
_cell.length_c   1.00
_cell.angle_alpha   90.00
_cell.angle_beta   90.00
_cell.angle_gamma   90.00
#
_symmetry.space_group_name_H-M   'P 1'
#
_entity_poly.entity_id   1
_entity_poly.type   'polypeptide(L)'
_entity_poly.pdbx_seq_one_letter_code
;MAAVINTNYLSLVAQNNLNKSQSSLGTAIERLSSGLRINSAKDDAAGMAIANRFTANVRGLTQAARNANDGISLAQTTEG
AASEVNTHLQRIRELTVQASNGSYSQEQLDSVQGEINQRLADIDRISEQTDFNGVKVLSDSAKPLTLQVGANDGETITLN
LSEISVKTLGLDGFNVNGKGVTQNRSATVTDVIAQGGTLQGDGTYKATTTFNAASAETVLSKLEDGNTVAVGGGATYTYD
AAKGNFTYTKTVDTTVGADVTALANKIKPSSGTISGSYEISTGKSASFDVDAAGKITIGGNAAFLNADGELTTNDASGAL
TQATLDDVLTSVGTEANSSVTIGGTKYSHSAADELSYTAVATTADVLSAMGSSTAVSTVTLGSGITSAAVTFAIATTDSN
NTWVDNKGELTDIQTFDTSYKINADTGEVTVVGDNSATAGQYASADGAKVLVGSDGKLTTETTSAGDKTTDPLKTLDAAF
TKLDKLTGELGAVQNRLESTIANLNNVVNNLSSARSRIQDADYATEVSNMSKAQILQQAGTSVLAQANQVPQTVLSLLR
;
_entity_poly.pdbx_strand_id   A,B,C,D,E,F,G,H,I,J,K,L,M,N,O,P,Q,R,S,T,U,V,W,X,Y,Z,a,b,c,d,e,f,g,h,i,j,k,l,m,n,o,p,q,r,s,t,u,v
#
# COMPACT_ATOMS: atom_id res chain seq x y z
N ALA A 2 -183.56 -74.32 -55.51
CA ALA A 2 -184.63 -73.54 -56.11
C ALA A 2 -185.32 -72.66 -55.07
N ALA A 3 -186.48 -73.10 -54.61
CA ALA A 3 -187.25 -72.39 -53.58
C ALA A 3 -187.31 -73.17 -52.28
N VAL A 4 -186.22 -73.84 -51.91
CA VAL A 4 -186.18 -74.62 -50.68
C VAL A 4 -185.97 -73.69 -49.50
N ILE A 5 -186.62 -74.03 -48.38
CA ILE A 5 -186.51 -73.26 -47.16
C ILE A 5 -185.74 -74.02 -46.08
N ASN A 6 -185.88 -75.35 -46.06
CA ASN A 6 -185.30 -76.15 -44.99
C ASN A 6 -183.77 -76.06 -45.00
N THR A 7 -183.15 -76.31 -46.15
CA THR A 7 -181.71 -76.37 -46.27
C THR A 7 -181.23 -75.29 -47.24
N ASN A 8 -180.25 -74.50 -46.80
CA ASN A 8 -179.64 -73.46 -47.63
C ASN A 8 -178.19 -73.85 -47.88
N TYR A 9 -177.91 -74.36 -49.09
CA TYR A 9 -176.56 -74.79 -49.42
C TYR A 9 -175.57 -73.63 -49.44
N LEU A 10 -176.01 -72.46 -49.90
CA LEU A 10 -175.12 -71.31 -50.00
C LEU A 10 -174.58 -70.90 -48.63
N SER A 11 -175.44 -70.97 -47.61
CA SER A 11 -174.97 -70.65 -46.26
C SER A 11 -173.86 -71.60 -45.83
N LEU A 12 -174.02 -72.89 -46.14
CA LEU A 12 -172.99 -73.87 -45.77
C LEU A 12 -171.68 -73.58 -46.52
N VAL A 13 -171.77 -73.24 -47.80
CA VAL A 13 -170.57 -72.89 -48.55
C VAL A 13 -169.88 -71.69 -47.93
N ALA A 14 -170.66 -70.66 -47.57
CA ALA A 14 -170.08 -69.46 -46.97
C ALA A 14 -169.43 -69.78 -45.63
N GLN A 15 -170.06 -70.62 -44.82
CA GLN A 15 -169.47 -71.00 -43.54
C GLN A 15 -168.16 -71.74 -43.73
N ASN A 16 -168.11 -72.66 -44.69
CA ASN A 16 -166.87 -73.40 -44.92
C ASN A 16 -165.76 -72.48 -45.39
N ASN A 17 -166.06 -71.58 -46.33
CA ASN A 17 -165.04 -70.63 -46.79
C ASN A 17 -164.56 -69.74 -45.64
N LEU A 18 -165.49 -69.27 -44.81
CA LEU A 18 -165.12 -68.45 -43.67
C LEU A 18 -164.24 -69.24 -42.70
N ASN A 19 -164.53 -70.53 -42.52
CA ASN A 19 -163.69 -71.35 -41.65
C ASN A 19 -162.28 -71.48 -42.20
N LYS A 20 -162.15 -71.69 -43.51
CA LYS A 20 -160.81 -71.74 -44.10
C LYS A 20 -160.07 -70.43 -43.88
N SER A 21 -160.74 -69.30 -44.13
CA SER A 21 -160.10 -68.00 -43.93
C SER A 21 -159.71 -67.79 -42.48
N GLN A 22 -160.57 -68.20 -41.55
CA GLN A 22 -160.27 -68.02 -40.13
C GLN A 22 -159.11 -68.90 -39.70
N SER A 23 -159.01 -70.11 -40.23
CA SER A 23 -157.86 -70.95 -39.94
C SER A 23 -156.57 -70.30 -40.42
N SER A 24 -156.60 -69.75 -41.64
CA SER A 24 -155.41 -69.05 -42.14
C SER A 24 -155.08 -67.86 -41.26
N LEU A 25 -156.10 -67.11 -40.84
CA LEU A 25 -155.87 -65.96 -39.96
C LEU A 25 -155.27 -66.40 -38.64
N GLY A 26 -155.75 -67.51 -38.09
CA GLY A 26 -155.21 -68.01 -36.83
C GLY A 26 -153.75 -68.39 -36.94
N THR A 27 -153.39 -69.10 -38.01
CA THR A 27 -151.98 -69.44 -38.21
C THR A 27 -151.14 -68.18 -38.38
N ALA A 28 -151.63 -67.20 -39.13
CA ALA A 28 -150.89 -65.96 -39.32
C ALA A 28 -150.69 -65.24 -38.00
N ILE A 29 -151.74 -65.17 -37.18
CA ILE A 29 -151.65 -64.47 -35.90
C ILE A 29 -150.71 -65.19 -34.95
N GLU A 30 -150.76 -66.52 -34.93
CA GLU A 30 -149.83 -67.28 -34.10
C GLU A 30 -148.39 -67.04 -34.53
N ARG A 31 -148.13 -67.03 -35.83
CA ARG A 31 -146.79 -66.75 -36.32
C ARG A 31 -146.34 -65.34 -35.95
N LEU A 32 -147.26 -64.37 -36.04
CA LEU A 32 -146.93 -63.00 -35.68
C LEU A 32 -146.57 -62.90 -34.21
N SER A 33 -147.42 -63.42 -33.33
CA SER A 33 -147.20 -63.30 -31.89
C SER A 33 -145.94 -64.04 -31.47
N SER A 34 -145.84 -65.32 -31.83
CA SER A 34 -144.69 -66.11 -31.42
C SER A 34 -143.41 -65.62 -32.08
N GLY A 35 -143.50 -65.18 -33.34
CA GLY A 35 -142.32 -64.82 -34.10
C GLY A 35 -141.60 -65.98 -34.74
N LEU A 36 -142.10 -67.20 -34.57
CA LEU A 36 -141.50 -68.40 -35.13
C LEU A 36 -142.44 -68.95 -36.19
N ARG A 37 -141.97 -69.06 -37.43
CA ARG A 37 -142.80 -69.63 -38.48
C ARG A 37 -143.13 -71.08 -38.19
N ILE A 38 -142.14 -71.86 -37.74
CA ILE A 38 -142.35 -73.27 -37.42
C ILE A 38 -142.63 -73.37 -35.93
N ASN A 39 -143.91 -73.20 -35.59
CA ASN A 39 -144.42 -73.41 -34.25
C ASN A 39 -145.58 -74.38 -34.35
N SER A 40 -145.84 -75.12 -33.27
CA SER A 40 -146.91 -76.12 -33.28
C SER A 40 -146.64 -77.17 -34.36
N ALA A 41 -145.68 -78.04 -34.04
CA ALA A 41 -144.92 -78.87 -34.99
C ALA A 41 -145.72 -79.41 -36.16
N LYS A 42 -147.05 -79.47 -36.04
CA LYS A 42 -147.90 -79.77 -37.19
C LYS A 42 -147.51 -78.97 -38.43
N ASP A 43 -146.88 -77.81 -38.24
CA ASP A 43 -146.38 -77.00 -39.35
C ASP A 43 -144.91 -77.34 -39.57
N ASP A 44 -144.60 -77.94 -40.71
CA ASP A 44 -143.22 -78.24 -41.14
C ASP A 44 -142.52 -79.11 -40.08
N ALA A 45 -143.00 -80.36 -40.01
CA ALA A 45 -142.54 -81.27 -38.96
C ALA A 45 -141.03 -81.48 -39.01
N ALA A 46 -140.47 -81.69 -40.20
CA ALA A 46 -139.02 -81.87 -40.30
C ALA A 46 -138.28 -80.59 -39.95
N GLY A 47 -138.86 -79.44 -40.29
CA GLY A 47 -138.23 -78.17 -39.96
C GLY A 47 -138.08 -77.97 -38.47
N MET A 48 -139.10 -78.37 -37.69
CA MET A 48 -138.99 -78.24 -36.25
C MET A 48 -137.90 -79.14 -35.68
N ALA A 49 -137.77 -80.35 -36.20
CA ALA A 49 -136.70 -81.23 -35.73
C ALA A 49 -135.33 -80.63 -36.05
N ILE A 50 -135.16 -80.11 -37.26
CA ILE A 50 -133.88 -79.51 -37.63
C ILE A 50 -133.61 -78.27 -36.77
N ALA A 51 -134.64 -77.46 -36.51
CA ALA A 51 -134.46 -76.29 -35.67
C ALA A 51 -134.12 -76.66 -34.24
N ASN A 52 -134.74 -77.73 -33.72
CA ASN A 52 -134.42 -78.18 -32.37
C ASN A 52 -132.97 -78.66 -32.30
N ARG A 53 -132.53 -79.40 -33.30
CA ARG A 53 -131.12 -79.81 -33.35
C ARG A 53 -130.22 -78.58 -33.40
N PHE A 54 -130.59 -77.58 -34.19
CA PHE A 54 -129.79 -76.37 -34.30
C PHE A 54 -129.73 -75.62 -32.97
N THR A 55 -130.87 -75.52 -32.28
CA THR A 55 -130.88 -74.84 -30.98
C THR A 55 -130.00 -75.57 -29.98
N ALA A 56 -130.10 -76.89 -29.92
CA ALA A 56 -129.25 -77.66 -29.02
C ALA A 56 -127.78 -77.44 -29.34
N ASN A 57 -127.44 -77.46 -30.63
CA ASN A 57 -126.05 -77.26 -31.02
C ASN A 57 -125.58 -75.86 -30.66
N VAL A 58 -126.43 -74.85 -30.86
CA VAL A 58 -126.03 -73.47 -30.59
C VAL A 58 -125.79 -73.27 -29.09
N ARG A 59 -126.72 -73.75 -28.26
CA ARG A 59 -126.54 -73.60 -26.82
C ARG A 59 -125.31 -74.37 -26.35
N GLY A 60 -125.10 -75.58 -26.88
CA GLY A 60 -123.92 -76.33 -26.52
C GLY A 60 -122.64 -75.61 -26.90
N LEU A 61 -122.61 -75.00 -28.08
CA LEU A 61 -121.41 -74.31 -28.53
C LEU A 61 -121.14 -73.05 -27.72
N THR A 62 -122.20 -72.31 -27.35
CA THR A 62 -122.00 -71.15 -26.49
C THR A 62 -121.47 -71.56 -25.12
N GLN A 63 -122.04 -72.63 -24.54
CA GLN A 63 -121.52 -73.10 -23.26
C GLN A 63 -120.09 -73.59 -23.41
N ALA A 64 -119.76 -74.17 -24.57
CA ALA A 64 -118.39 -74.58 -24.84
C ALA A 64 -117.46 -73.39 -24.92
N ALA A 65 -117.93 -72.29 -25.51
CA ALA A 65 -117.11 -71.07 -25.55
C ALA A 65 -116.86 -70.56 -24.14
N ARG A 66 -117.88 -70.64 -23.27
CA ARG A 66 -117.67 -70.26 -21.88
C ARG A 66 -116.64 -71.17 -21.21
N ASN A 67 -116.72 -72.48 -21.48
CA ASN A 67 -115.73 -73.41 -20.92
C ASN A 67 -114.34 -73.09 -21.43
N ALA A 68 -114.21 -72.75 -22.71
CA ALA A 68 -112.92 -72.39 -23.26
C ALA A 68 -112.37 -71.11 -22.64
N ASN A 69 -113.26 -70.16 -22.35
CA ASN A 69 -112.83 -68.95 -21.64
C ASN A 69 -112.31 -69.31 -20.25
N ASP A 70 -112.99 -70.24 -19.57
CA ASP A 70 -112.49 -70.70 -18.28
C ASP A 70 -111.12 -71.35 -18.41
N GLY A 71 -110.92 -72.14 -19.46
CA GLY A 71 -109.60 -72.71 -19.71
C GLY A 71 -108.54 -71.64 -19.95
N ILE A 72 -108.89 -70.61 -20.71
CA ILE A 72 -107.96 -69.50 -20.93
C ILE A 72 -107.58 -68.87 -19.61
N SER A 73 -108.55 -68.64 -18.73
CA SER A 73 -108.25 -68.02 -17.46
C SER A 73 -107.38 -68.92 -16.58
N LEU A 74 -107.67 -70.22 -16.57
CA LEU A 74 -106.84 -71.15 -15.81
C LEU A 74 -105.40 -71.14 -16.32
N ALA A 75 -105.23 -71.16 -17.64
CA ALA A 75 -103.90 -71.07 -18.21
C ALA A 75 -103.23 -69.76 -17.84
N GLN A 76 -104.00 -68.68 -17.76
CA GLN A 76 -103.44 -67.39 -17.37
C GLN A 76 -102.92 -67.41 -15.93
N THR A 77 -103.69 -67.99 -15.02
CA THR A 77 -103.23 -68.09 -13.63
C THR A 77 -101.97 -68.94 -13.54
N THR A 78 -101.95 -70.08 -14.22
CA THR A 78 -100.75 -70.92 -14.21
C THR A 78 -99.57 -70.18 -14.79
N GLU A 79 -99.79 -69.43 -15.87
CA GLU A 79 -98.72 -68.67 -16.51
C GLU A 79 -98.17 -67.59 -15.58
N GLY A 80 -99.04 -66.90 -14.84
CA GLY A 80 -98.58 -65.90 -13.91
C GLY A 80 -97.75 -66.50 -12.77
N ALA A 81 -98.24 -67.62 -12.23
CA ALA A 81 -97.46 -68.29 -11.18
C ALA A 81 -96.10 -68.73 -11.70
N ALA A 82 -96.07 -69.29 -12.92
CA ALA A 82 -94.80 -69.69 -13.51
C ALA A 82 -93.89 -68.51 -13.75
N SER A 83 -94.46 -67.35 -14.13
CA SER A 83 -93.63 -66.16 -14.31
C SER A 83 -93.00 -65.73 -12.99
N GLU A 84 -93.75 -65.83 -11.89
CA GLU A 84 -93.16 -65.51 -10.59
C GLU A 84 -92.06 -66.50 -10.23
N VAL A 85 -92.27 -67.80 -10.51
CA VAL A 85 -91.21 -68.77 -10.28
C VAL A 85 -89.98 -68.43 -11.10
N ASN A 86 -90.19 -67.97 -12.33
CA ASN A 86 -89.07 -67.56 -13.19
C ASN A 86 -88.33 -66.38 -12.58
N THR A 87 -89.06 -65.38 -12.11
CA THR A 87 -88.42 -64.22 -11.49
C THR A 87 -87.62 -64.63 -10.27
N HIS A 88 -88.10 -65.62 -9.53
CA HIS A 88 -87.29 -66.19 -8.44
C HIS A 88 -86.02 -66.82 -9.00
N LEU A 89 -86.17 -67.72 -9.97
CA LEU A 89 -85.02 -68.49 -10.45
C LEU A 89 -83.93 -67.58 -10.98
N GLN A 90 -84.28 -66.43 -11.55
CA GLN A 90 -83.24 -65.48 -11.94
C GLN A 90 -82.46 -65.01 -10.72
N ARG A 91 -83.15 -64.72 -9.62
CA ARG A 91 -82.46 -64.25 -8.43
C ARG A 91 -81.58 -65.33 -7.81
N ILE A 92 -82.09 -66.57 -7.75
CA ILE A 92 -81.25 -67.68 -7.27
C ILE A 92 -80.03 -67.85 -8.16
N ARG A 93 -80.19 -67.74 -9.48
CA ARG A 93 -79.04 -67.89 -10.36
C ARG A 93 -78.02 -66.78 -10.12
N GLU A 94 -78.49 -65.54 -10.00
CA GLU A 94 -77.56 -64.43 -9.78
C GLU A 94 -76.82 -64.58 -8.46
N LEU A 95 -77.54 -64.98 -7.40
CA LEU A 95 -76.89 -65.16 -6.11
C LEU A 95 -75.94 -66.35 -6.11
N THR A 96 -76.26 -67.40 -6.87
CA THR A 96 -75.34 -68.52 -7.01
C THR A 96 -74.06 -68.10 -7.71
N VAL A 97 -74.19 -67.27 -8.75
CA VAL A 97 -73.01 -66.73 -9.41
C VAL A 97 -72.19 -65.89 -8.43
N GLN A 98 -72.87 -65.08 -7.62
CA GLN A 98 -72.17 -64.25 -6.63
C GLN A 98 -71.42 -65.11 -5.63
N ALA A 99 -72.09 -66.12 -5.07
CA ALA A 99 -71.50 -66.93 -4.03
C ALA A 99 -70.45 -67.90 -4.56
N SER A 100 -70.48 -68.20 -5.86
CA SER A 100 -69.45 -69.05 -6.45
C SER A 100 -68.09 -68.39 -6.39
N ASN A 101 -68.04 -67.07 -6.24
CA ASN A 101 -66.77 -66.38 -6.05
C ASN A 101 -66.16 -66.80 -4.71
N GLY A 102 -64.87 -67.11 -4.73
CA GLY A 102 -64.22 -67.62 -3.54
C GLY A 102 -63.79 -66.58 -2.52
N SER A 103 -63.90 -65.29 -2.86
CA SER A 103 -63.44 -64.25 -1.94
C SER A 103 -64.31 -64.18 -0.70
N TYR A 104 -65.60 -64.49 -0.82
CA TYR A 104 -66.50 -64.41 0.33
C TYR A 104 -66.18 -65.48 1.36
N SER A 105 -66.21 -65.10 2.63
CA SER A 105 -65.95 -66.04 3.70
C SER A 105 -67.18 -66.91 3.94
N GLN A 106 -67.07 -67.83 4.90
CA GLN A 106 -68.12 -68.83 5.10
C GLN A 106 -69.42 -68.19 5.57
N GLU A 107 -69.32 -67.16 6.42
CA GLU A 107 -70.53 -66.56 6.99
C GLU A 107 -71.37 -65.87 5.92
N GLN A 108 -70.72 -65.20 4.96
CA GLN A 108 -71.48 -64.53 3.91
C GLN A 108 -72.11 -65.53 2.96
N LEU A 109 -71.43 -66.64 2.69
CA LEU A 109 -72.07 -67.72 1.94
C LEU A 109 -73.25 -68.29 2.73
N ASP A 110 -73.15 -68.31 4.06
CA ASP A 110 -74.27 -68.75 4.87
C ASP A 110 -75.46 -67.81 4.72
N SER A 111 -75.22 -66.50 4.71
CA SER A 111 -76.30 -65.56 4.49
C SER A 111 -76.90 -65.73 3.09
N VAL A 112 -76.05 -65.92 2.09
CA VAL A 112 -76.52 -66.14 0.73
C VAL A 112 -77.41 -67.37 0.67
N GLN A 113 -76.95 -68.47 1.29
CA GLN A 113 -77.73 -69.70 1.27
C GLN A 113 -79.01 -69.55 2.08
N GLY A 114 -79.00 -68.71 3.11
CA GLY A 114 -80.25 -68.42 3.80
C GLY A 114 -81.26 -67.74 2.89
N GLU A 115 -80.79 -66.76 2.13
CA GLU A 115 -81.69 -66.12 1.16
C GLU A 115 -82.17 -67.12 0.11
N ILE A 116 -81.27 -67.97 -0.38
CA ILE A 116 -81.64 -68.96 -1.39
C ILE A 116 -82.67 -69.94 -0.84
N ASN A 117 -82.47 -70.40 0.39
CA ASN A 117 -83.46 -71.26 1.03
C ASN A 117 -84.78 -70.56 1.17
N GLN A 118 -84.75 -69.27 1.49
CA GLN A 118 -85.99 -68.50 1.59
C GLN A 118 -86.71 -68.48 0.25
N ARG A 119 -85.97 -68.26 -0.84
CA ARG A 119 -86.56 -68.20 -2.17
C ARG A 119 -87.13 -69.56 -2.58
N LEU A 120 -86.41 -70.64 -2.28
CA LEU A 120 -86.91 -71.98 -2.60
C LEU A 120 -88.16 -72.30 -1.80
N ALA A 121 -88.20 -71.87 -0.54
CA ALA A 121 -89.41 -72.01 0.24
C ALA A 121 -90.56 -71.24 -0.39
N ASP A 122 -90.26 -70.07 -0.95
CA ASP A 122 -91.31 -69.31 -1.64
C ASP A 122 -91.79 -70.06 -2.87
N ILE A 123 -90.88 -70.69 -3.60
CA ILE A 123 -91.27 -71.47 -4.78
C ILE A 123 -92.19 -72.62 -4.37
N ASP A 124 -91.83 -73.32 -3.29
CA ASP A 124 -92.69 -74.38 -2.78
C ASP A 124 -94.05 -73.83 -2.33
N ARG A 125 -94.05 -72.65 -1.71
CA ARG A 125 -95.31 -72.01 -1.33
C ARG A 125 -96.15 -71.72 -2.56
N ILE A 126 -95.53 -71.21 -3.62
CA ILE A 126 -96.24 -70.88 -4.84
C ILE A 126 -96.87 -72.15 -5.41
N SER A 127 -96.12 -73.25 -5.41
CA SER A 127 -96.64 -74.50 -5.93
C SER A 127 -97.81 -75.00 -5.09
N GLU A 128 -97.69 -74.96 -3.77
CA GLU A 128 -98.70 -75.57 -2.91
C GLU A 128 -99.90 -74.67 -2.65
N GLN A 129 -99.83 -73.37 -2.94
CA GLN A 129 -100.91 -72.45 -2.62
C GLN A 129 -101.52 -71.76 -3.82
N THR A 130 -100.99 -71.95 -5.03
CA THR A 130 -101.65 -71.42 -6.21
C THR A 130 -102.94 -72.20 -6.43
N ASP A 131 -104.06 -71.48 -6.54
CA ASP A 131 -105.37 -72.11 -6.57
C ASP A 131 -106.22 -71.52 -7.69
N PHE A 132 -107.17 -72.33 -8.16
CA PHE A 132 -108.15 -71.87 -9.14
C PHE A 132 -109.36 -72.79 -9.03
N ASN A 133 -110.46 -72.26 -8.50
CA ASN A 133 -111.69 -73.02 -8.31
C ASN A 133 -111.44 -74.30 -7.50
N GLY A 134 -110.63 -74.17 -6.46
CA GLY A 134 -110.34 -75.32 -5.63
C GLY A 134 -109.39 -76.32 -6.25
N VAL A 135 -108.78 -76.01 -7.38
CA VAL A 135 -107.84 -76.89 -8.05
C VAL A 135 -106.46 -76.24 -7.97
N LYS A 136 -105.54 -76.88 -7.25
CA LYS A 136 -104.18 -76.39 -7.12
C LYS A 136 -103.46 -76.71 -8.42
N VAL A 137 -103.59 -75.80 -9.39
CA VAL A 137 -103.19 -76.09 -10.75
C VAL A 137 -101.67 -76.31 -10.84
N LEU A 138 -100.89 -75.47 -10.18
CA LEU A 138 -99.44 -75.58 -10.26
C LEU A 138 -98.89 -76.31 -9.03
N SER A 139 -99.39 -77.51 -8.78
CA SER A 139 -99.04 -78.20 -7.53
C SER A 139 -98.51 -79.60 -7.77
N ASP A 140 -98.32 -80.35 -6.68
CA ASP A 140 -97.87 -81.73 -6.77
C ASP A 140 -98.99 -82.68 -7.18
N SER A 141 -100.25 -82.24 -7.04
CA SER A 141 -101.41 -83.06 -7.41
C SER A 141 -102.24 -82.24 -8.39
N ALA A 142 -101.89 -82.32 -9.67
CA ALA A 142 -102.61 -81.57 -10.70
C ALA A 142 -102.57 -82.40 -11.99
N LYS A 143 -103.61 -83.18 -12.21
CA LYS A 143 -103.72 -83.93 -13.43
C LYS A 143 -104.21 -83.03 -14.56
N PRO A 144 -103.88 -83.35 -15.81
CA PRO A 144 -104.36 -82.52 -16.93
C PRO A 144 -105.88 -82.49 -16.99
N LEU A 145 -106.41 -81.33 -17.40
CA LEU A 145 -107.85 -81.13 -17.49
C LEU A 145 -108.37 -81.59 -18.84
N THR A 146 -109.66 -81.38 -19.08
CA THR A 146 -110.30 -81.77 -20.33
C THR A 146 -110.74 -80.56 -21.15
N LEU A 147 -111.56 -79.68 -20.57
CA LEU A 147 -112.03 -78.46 -21.23
C LEU A 147 -112.78 -78.79 -22.52
N GLN A 148 -113.92 -79.47 -22.34
CA GLN A 148 -114.75 -79.84 -23.48
C GLN A 148 -115.16 -78.61 -24.27
N VAL A 149 -114.97 -78.67 -25.58
CA VAL A 149 -115.27 -77.55 -26.48
C VAL A 149 -116.17 -78.09 -27.60
N GLY A 150 -117.48 -78.00 -27.40
CA GLY A 150 -118.44 -78.41 -28.39
C GLY A 150 -119.39 -79.47 -27.89
N ALA A 151 -120.56 -79.59 -28.50
CA ALA A 151 -121.49 -80.66 -28.17
C ALA A 151 -120.96 -81.96 -28.76
N ASN A 152 -121.75 -83.03 -28.66
CA ASN A 152 -121.35 -84.36 -29.13
C ASN A 152 -120.05 -84.79 -28.45
N ASP A 153 -120.19 -85.00 -27.13
CA ASP A 153 -119.05 -85.24 -26.24
C ASP A 153 -118.07 -86.23 -26.85
N GLY A 154 -116.79 -85.98 -26.61
CA GLY A 154 -115.73 -86.80 -27.17
C GLY A 154 -114.51 -85.99 -27.56
N GLU A 155 -114.65 -84.66 -27.58
CA GLU A 155 -113.56 -83.77 -27.93
C GLU A 155 -113.21 -82.89 -26.74
N THR A 156 -111.92 -82.82 -26.42
CA THR A 156 -111.43 -82.05 -25.29
C THR A 156 -110.18 -81.29 -25.73
N ILE A 157 -109.64 -80.49 -24.80
CA ILE A 157 -108.36 -79.82 -25.00
C ILE A 157 -107.56 -80.07 -23.72
N THR A 158 -106.73 -81.11 -23.74
CA THR A 158 -105.99 -81.50 -22.55
C THR A 158 -104.88 -80.47 -22.25
N LEU A 159 -104.71 -80.15 -20.98
CA LEU A 159 -103.82 -79.06 -20.58
C LEU A 159 -102.40 -79.52 -20.25
N ASN A 160 -102.24 -80.61 -19.50
CA ASN A 160 -100.93 -81.13 -19.09
C ASN A 160 -100.14 -80.08 -18.29
N LEU A 161 -100.69 -79.72 -17.14
CA LEU A 161 -100.04 -78.78 -16.24
C LEU A 161 -99.82 -79.45 -14.89
N SER A 162 -98.59 -79.41 -14.38
CA SER A 162 -98.25 -79.97 -13.09
C SER A 162 -96.77 -79.75 -12.80
N GLU A 163 -96.43 -79.85 -11.51
CA GLU A 163 -95.06 -80.07 -11.04
C GLU A 163 -94.10 -78.96 -11.48
N ILE A 164 -94.35 -77.77 -10.92
CA ILE A 164 -93.35 -76.69 -10.90
C ILE A 164 -93.12 -76.34 -9.43
N SER A 165 -91.99 -76.78 -8.90
CA SER A 165 -91.64 -76.58 -7.49
C SER A 165 -90.27 -77.18 -7.22
N VAL A 166 -89.77 -77.01 -5.99
CA VAL A 166 -88.70 -77.88 -5.56
C VAL A 166 -89.26 -79.28 -5.42
N LYS A 167 -88.36 -80.27 -5.39
CA LYS A 167 -88.70 -81.69 -5.39
C LYS A 167 -89.19 -82.12 -6.77
N THR A 168 -89.34 -81.16 -7.68
CA THR A 168 -89.62 -81.49 -9.08
C THR A 168 -88.84 -80.66 -10.10
N LEU A 169 -88.32 -79.48 -9.74
CA LEU A 169 -87.42 -78.78 -10.66
C LEU A 169 -86.01 -79.35 -10.63
N GLY A 170 -85.70 -80.23 -9.68
CA GLY A 170 -84.42 -80.90 -9.63
C GLY A 170 -83.45 -80.30 -8.64
N LEU A 171 -83.67 -79.06 -8.21
CA LEU A 171 -82.74 -78.42 -7.27
C LEU A 171 -82.73 -79.21 -5.97
N ASP A 172 -83.85 -79.13 -5.24
CA ASP A 172 -84.23 -80.09 -4.22
C ASP A 172 -83.31 -80.09 -3.02
N GLY A 173 -82.12 -79.51 -3.17
CA GLY A 173 -81.14 -79.44 -2.10
C GLY A 173 -80.23 -78.25 -2.26
N PHE A 174 -80.70 -77.18 -2.90
CA PHE A 174 -79.78 -76.28 -3.57
C PHE A 174 -78.88 -75.58 -2.57
N ASN A 175 -77.70 -76.16 -2.38
CA ASN A 175 -76.77 -75.79 -1.33
C ASN A 175 -75.53 -75.15 -1.95
N VAL A 176 -75.24 -73.92 -1.54
CA VAL A 176 -74.04 -73.21 -2.00
C VAL A 176 -72.98 -73.12 -0.92
N ASN A 177 -73.32 -73.42 0.33
CA ASN A 177 -72.39 -73.49 1.44
C ASN A 177 -72.36 -74.93 1.96
N GLY A 178 -71.72 -75.13 3.10
CA GLY A 178 -71.47 -76.48 3.54
C GLY A 178 -72.64 -77.25 4.12
N LYS A 179 -73.72 -76.60 4.53
CA LYS A 179 -74.70 -77.30 5.36
C LYS A 179 -75.62 -78.20 4.52
N GLY A 180 -76.40 -77.62 3.61
CA GLY A 180 -77.32 -78.40 2.78
C GLY A 180 -78.28 -79.30 3.54
N VAL A 181 -78.97 -80.14 2.76
CA VAL A 181 -79.87 -81.15 3.29
C VAL A 181 -80.13 -82.18 2.20
N THR A 182 -80.19 -83.45 2.59
CA THR A 182 -80.49 -84.55 1.67
C THR A 182 -81.36 -85.56 2.40
N GLN A 183 -82.57 -85.78 1.88
CA GLN A 183 -83.46 -86.77 2.47
C GLN A 183 -83.03 -88.18 2.10
N ASN A 184 -83.08 -89.09 3.07
CA ASN A 184 -82.72 -90.48 2.85
C ASN A 184 -83.90 -91.21 2.21
N ARG A 185 -83.82 -92.54 2.17
CA ARG A 185 -84.88 -93.37 1.63
C ARG A 185 -85.34 -94.37 2.68
N SER A 186 -86.63 -94.69 2.65
CA SER A 186 -87.20 -95.64 3.59
C SER A 186 -86.59 -97.02 3.36
N ALA A 187 -86.17 -97.67 4.44
CA ALA A 187 -85.58 -99.00 4.34
C ALA A 187 -86.65 -100.04 4.01
N THR A 188 -86.23 -101.06 3.27
CA THR A 188 -87.10 -102.16 2.87
C THR A 188 -86.63 -103.45 3.52
N VAL A 189 -87.37 -104.53 3.27
CA VAL A 189 -87.00 -105.82 3.84
C VAL A 189 -85.67 -106.30 3.27
N THR A 190 -85.39 -106.02 2.00
CA THR A 190 -84.10 -106.36 1.44
C THR A 190 -82.98 -105.61 2.14
N ASP A 191 -83.20 -104.34 2.49
CA ASP A 191 -82.18 -103.56 3.17
C ASP A 191 -81.84 -104.15 4.53
N VAL A 192 -82.86 -104.53 5.31
CA VAL A 192 -82.57 -105.11 6.62
C VAL A 192 -81.96 -106.50 6.48
N ILE A 193 -82.41 -107.29 5.50
CA ILE A 193 -81.79 -108.60 5.28
C ILE A 193 -80.32 -108.45 4.92
N ALA A 194 -79.97 -107.35 4.24
CA ALA A 194 -78.56 -107.08 3.96
C ALA A 194 -77.73 -106.96 5.22
N GLN A 195 -78.34 -106.59 6.35
CA GLN A 195 -77.62 -106.55 7.61
C GLN A 195 -77.32 -107.93 8.18
N GLY A 196 -77.96 -108.97 7.66
CA GLY A 196 -77.65 -110.34 8.07
C GLY A 196 -78.28 -110.79 9.36
N GLY A 197 -79.23 -110.03 9.92
CA GLY A 197 -79.89 -110.42 11.14
C GLY A 197 -81.01 -111.41 10.90
N THR A 198 -81.72 -111.72 11.98
CA THR A 198 -82.79 -112.70 11.96
C THR A 198 -84.14 -112.02 11.88
N LEU A 199 -85.11 -112.70 11.26
CA LEU A 199 -86.44 -112.17 11.06
C LEU A 199 -87.44 -113.09 11.74
N GLN A 200 -88.52 -112.48 12.28
CA GLN A 200 -89.50 -113.23 13.06
C GLN A 200 -90.92 -112.89 12.65
N GLY A 201 -91.89 -113.31 13.45
CA GLY A 201 -93.28 -113.11 13.09
C GLY A 201 -93.65 -111.65 12.98
N ASP A 202 -94.74 -111.40 12.25
CA ASP A 202 -95.22 -110.05 11.92
C ASP A 202 -94.20 -109.25 11.13
N GLY A 203 -93.22 -109.93 10.54
CA GLY A 203 -92.15 -109.24 9.85
C GLY A 203 -91.12 -108.60 10.75
N THR A 204 -91.20 -108.83 12.06
CA THR A 204 -90.22 -108.30 12.99
C THR A 204 -88.84 -108.87 12.66
N TYR A 205 -87.85 -107.98 12.60
CA TYR A 205 -86.52 -108.35 12.17
C TYR A 205 -85.52 -107.89 13.22
N LYS A 206 -84.42 -108.62 13.35
CA LYS A 206 -83.44 -108.39 14.40
C LYS A 206 -82.16 -107.86 13.75
N ALA A 207 -82.05 -106.54 13.69
CA ALA A 207 -80.87 -105.90 13.13
C ALA A 207 -79.92 -105.54 14.27
N THR A 208 -78.68 -106.04 14.19
CA THR A 208 -77.67 -105.82 15.23
C THR A 208 -76.69 -104.79 14.71
N THR A 209 -76.94 -103.52 15.02
CA THR A 209 -76.05 -102.44 14.62
C THR A 209 -74.80 -102.41 15.49
N THR A 210 -73.65 -102.28 14.85
CA THR A 210 -72.38 -102.15 15.56
C THR A 210 -72.15 -100.69 15.95
N PHE A 211 -71.26 -100.49 16.91
CA PHE A 211 -71.03 -99.17 17.48
C PHE A 211 -69.55 -98.88 17.69
N ASN A 212 -68.68 -99.55 16.94
CA ASN A 212 -67.23 -99.38 17.10
C ASN A 212 -66.85 -97.92 16.94
N ALA A 213 -66.37 -97.31 18.02
CA ALA A 213 -66.13 -95.88 18.06
C ALA A 213 -65.14 -95.61 19.20
N ALA A 214 -65.07 -94.34 19.62
CA ALA A 214 -64.18 -93.91 20.70
C ALA A 214 -62.71 -93.97 20.26
N SER A 215 -62.45 -93.50 19.05
CA SER A 215 -61.07 -93.39 18.56
C SER A 215 -60.44 -92.13 19.15
N ALA A 216 -59.22 -91.81 18.70
CA ALA A 216 -58.45 -90.74 19.33
C ALA A 216 -59.08 -89.38 19.09
N GLU A 217 -59.62 -89.14 17.90
CA GLU A 217 -60.10 -87.80 17.56
C GLU A 217 -61.30 -87.36 18.41
N THR A 218 -62.06 -88.30 18.97
CA THR A 218 -63.21 -87.93 19.77
C THR A 218 -62.92 -87.94 21.27
N VAL A 219 -62.00 -88.78 21.73
CA VAL A 219 -61.68 -88.81 23.15
C VAL A 219 -60.93 -87.56 23.57
N LEU A 220 -60.03 -87.07 22.71
CA LEU A 220 -59.28 -85.87 23.03
C LEU A 220 -60.17 -84.62 23.07
N SER A 221 -61.35 -84.69 22.46
CA SER A 221 -62.27 -83.56 22.52
C SER A 221 -62.74 -83.29 23.95
N LYS A 222 -62.86 -84.34 24.76
CA LYS A 222 -63.22 -84.23 26.16
C LYS A 222 -62.02 -84.72 26.97
N LEU A 223 -61.11 -83.81 27.29
CA LEU A 223 -59.89 -84.19 27.98
C LEU A 223 -59.37 -83.03 28.83
N GLU A 224 -59.14 -83.32 30.12
CA GLU A 224 -58.45 -82.40 31.01
C GLU A 224 -57.38 -83.09 31.87
N ASP A 225 -57.49 -84.39 32.11
CA ASP A 225 -56.53 -85.11 32.91
C ASP A 225 -55.34 -85.55 32.05
N GLY A 226 -54.52 -86.45 32.57
CA GLY A 226 -53.29 -86.81 31.89
C GLY A 226 -53.51 -87.77 30.72
N ASN A 227 -52.50 -87.82 29.86
CA ASN A 227 -52.47 -88.68 28.69
C ASN A 227 -51.11 -89.37 28.65
N THR A 228 -51.06 -90.55 28.03
CA THR A 228 -49.81 -91.29 27.95
C THR A 228 -49.76 -92.10 26.67
N VAL A 229 -48.54 -92.37 26.20
CA VAL A 229 -48.29 -93.26 25.07
C VAL A 229 -47.16 -94.19 25.45
N ALA A 230 -47.17 -95.39 24.89
CA ALA A 230 -46.15 -96.39 25.18
C ALA A 230 -46.14 -97.44 24.09
N VAL A 231 -44.95 -97.85 23.68
CA VAL A 231 -44.77 -98.82 22.61
C VAL A 231 -44.10 -100.07 23.19
N GLY A 232 -44.72 -101.22 22.98
CA GLY A 232 -44.18 -102.50 23.40
C GLY A 232 -43.61 -102.53 24.81
N GLY A 233 -42.35 -102.92 24.91
CA GLY A 233 -41.61 -102.88 26.16
C GLY A 233 -40.72 -101.67 26.31
N GLY A 234 -40.85 -100.67 25.45
CA GLY A 234 -40.01 -99.49 25.50
C GLY A 234 -40.46 -98.48 26.54
N ALA A 235 -39.83 -97.32 26.50
CA ALA A 235 -40.14 -96.26 27.46
C ALA A 235 -41.53 -95.71 27.22
N THR A 236 -42.12 -95.16 28.29
CA THR A 236 -43.46 -94.62 28.26
C THR A 236 -43.41 -93.11 28.50
N TYR A 237 -44.08 -92.35 27.64
CA TYR A 237 -44.16 -90.90 27.76
C TYR A 237 -45.58 -90.48 28.07
N THR A 238 -45.72 -89.57 29.02
CA THR A 238 -47.03 -89.10 29.48
C THR A 238 -47.23 -87.64 29.09
N TYR A 239 -48.50 -87.25 29.04
CA TYR A 239 -48.90 -85.91 28.60
C TYR A 239 -49.99 -85.41 29.54
N ASP A 240 -50.33 -84.13 29.40
CA ASP A 240 -51.40 -83.52 30.19
C ASP A 240 -51.87 -82.26 29.49
N ALA A 241 -53.12 -82.25 29.04
CA ALA A 241 -53.68 -81.12 28.31
C ALA A 241 -53.93 -79.97 29.28
N ALA A 242 -53.06 -78.96 29.25
CA ALA A 242 -53.18 -77.78 30.10
C ALA A 242 -53.16 -76.54 29.23
N LYS A 243 -54.22 -75.73 29.33
CA LYS A 243 -54.33 -74.46 28.60
C LYS A 243 -54.14 -74.65 27.10
N GLY A 244 -54.75 -75.71 26.56
CA GLY A 244 -54.65 -76.01 25.14
C GLY A 244 -53.36 -76.65 24.71
N ASN A 245 -52.49 -76.99 25.65
CA ASN A 245 -51.20 -77.61 25.33
C ASN A 245 -50.96 -78.80 26.26
N PHE A 246 -50.17 -79.75 25.77
CA PHE A 246 -49.84 -80.94 26.53
C PHE A 246 -48.44 -80.81 27.10
N THR A 247 -48.31 -80.99 28.42
CA THR A 247 -47.03 -80.84 29.11
C THR A 247 -46.24 -82.15 28.98
N TYR A 248 -45.81 -82.41 27.75
CA TYR A 248 -45.01 -83.59 27.48
C TYR A 248 -43.65 -83.48 28.14
N THR A 249 -43.20 -84.57 28.76
CA THR A 249 -41.92 -84.62 29.45
C THR A 249 -41.00 -85.53 28.64
N LYS A 250 -39.98 -84.92 28.01
CA LYS A 250 -39.01 -85.68 27.22
C LYS A 250 -38.03 -86.33 28.19
N THR A 251 -38.38 -87.54 28.61
CA THR A 251 -37.55 -88.31 29.54
C THR A 251 -36.59 -89.18 28.75
N VAL A 252 -35.29 -88.87 28.85
CA VAL A 252 -34.29 -89.66 28.15
C VAL A 252 -34.32 -91.09 28.69
N ASP A 253 -34.19 -92.06 27.79
CA ASP A 253 -34.24 -93.47 28.13
C ASP A 253 -33.23 -93.81 29.21
N THR A 254 -33.45 -94.91 29.93
CA THR A 254 -32.56 -95.27 31.03
C THR A 254 -31.73 -96.50 30.68
N THR A 255 -32.36 -97.66 30.50
CA THR A 255 -31.77 -98.87 29.91
C THR A 255 -30.29 -99.07 30.24
N VAL A 256 -29.89 -98.90 31.50
CA VAL A 256 -28.48 -98.91 31.87
C VAL A 256 -28.30 -99.54 33.24
N GLY A 257 -27.24 -100.33 33.39
CA GLY A 257 -26.74 -100.73 34.68
C GLY A 257 -25.54 -99.88 35.06
N ALA A 258 -24.33 -100.40 34.84
CA ALA A 258 -23.12 -99.64 35.09
C ALA A 258 -22.62 -98.87 33.88
N ASP A 259 -23.26 -99.02 32.72
CA ASP A 259 -22.81 -98.36 31.50
C ASP A 259 -23.48 -96.98 31.39
N VAL A 260 -23.07 -96.10 32.31
CA VAL A 260 -23.67 -94.77 32.40
C VAL A 260 -23.48 -93.97 31.11
N THR A 261 -22.48 -94.33 30.29
CA THR A 261 -22.17 -93.54 29.10
C THR A 261 -23.33 -93.48 28.11
N ALA A 262 -24.28 -94.41 28.19
CA ALA A 262 -25.39 -94.42 27.23
C ALA A 262 -26.24 -93.15 27.35
N LEU A 263 -26.59 -92.76 28.57
CA LEU A 263 -27.39 -91.56 28.76
C LEU A 263 -26.61 -90.32 28.35
N ALA A 264 -25.32 -90.26 28.68
CA ALA A 264 -24.51 -89.12 28.29
C ALA A 264 -24.41 -89.00 26.78
N ASN A 265 -24.21 -90.13 26.09
CA ASN A 265 -24.14 -90.13 24.63
C ASN A 265 -25.49 -89.96 23.97
N LYS A 266 -26.58 -90.13 24.71
CA LYS A 266 -27.90 -89.80 24.21
C LYS A 266 -28.25 -88.33 24.37
N ILE A 267 -27.79 -87.72 25.46
CA ILE A 267 -28.11 -86.31 25.72
C ILE A 267 -27.11 -85.36 25.07
N LYS A 268 -25.88 -85.81 24.82
CA LYS A 268 -24.88 -84.94 24.20
C LYS A 268 -25.28 -84.47 22.80
N PRO A 269 -25.79 -85.31 21.90
CA PRO A 269 -26.17 -84.80 20.57
C PRO A 269 -27.29 -83.78 20.62
N SER A 270 -28.07 -83.74 21.70
CA SER A 270 -29.09 -82.69 21.82
C SER A 270 -28.45 -81.31 21.86
N SER A 271 -27.20 -81.21 22.30
CA SER A 271 -26.45 -79.96 22.28
C SER A 271 -25.02 -80.22 21.83
N GLY A 272 -24.85 -81.11 20.86
CA GLY A 272 -23.53 -81.56 20.43
C GLY A 272 -22.79 -80.61 19.51
N THR A 273 -22.51 -79.41 19.99
CA THR A 273 -21.70 -78.44 19.26
C THR A 273 -21.13 -77.46 20.26
N ILE A 274 -20.08 -76.75 19.83
CA ILE A 274 -19.45 -75.75 20.70
C ILE A 274 -20.43 -74.59 20.91
N SER A 275 -20.79 -74.35 22.16
CA SER A 275 -21.68 -73.27 22.53
C SER A 275 -21.12 -72.58 23.77
N GLY A 276 -21.90 -71.66 24.34
CA GLY A 276 -21.46 -70.92 25.50
C GLY A 276 -22.64 -70.54 26.36
N SER A 277 -22.33 -69.88 27.48
CA SER A 277 -23.33 -69.43 28.45
C SER A 277 -24.18 -70.58 28.98
N TYR A 278 -23.58 -71.77 29.08
CA TYR A 278 -24.30 -72.91 29.63
C TYR A 278 -24.60 -72.67 31.10
N GLU A 279 -25.70 -73.26 31.57
CA GLU A 279 -26.12 -73.19 32.96
C GLU A 279 -25.97 -74.57 33.57
N ILE A 280 -25.05 -74.70 34.53
CA ILE A 280 -24.78 -75.97 35.19
C ILE A 280 -25.28 -75.84 36.62
N SER A 281 -26.45 -76.42 36.89
CA SER A 281 -27.05 -76.40 38.22
C SER A 281 -27.00 -77.82 38.78
N THR A 282 -25.88 -78.15 39.39
CA THR A 282 -25.67 -79.43 40.05
C THR A 282 -25.72 -79.25 41.56
N GLY A 283 -25.53 -80.34 42.28
CA GLY A 283 -25.58 -80.26 43.74
C GLY A 283 -26.96 -79.82 44.19
N LYS A 284 -27.04 -78.63 44.78
CA LYS A 284 -28.31 -78.07 45.18
C LYS A 284 -28.59 -76.69 44.60
N SER A 285 -27.60 -75.81 44.58
CA SER A 285 -27.80 -74.44 44.12
C SER A 285 -26.57 -73.96 43.34
N ALA A 286 -26.09 -74.79 42.42
CA ALA A 286 -24.87 -74.46 41.68
C ALA A 286 -25.05 -73.19 40.86
N SER A 287 -25.92 -73.24 39.85
CA SER A 287 -26.23 -72.07 39.02
C SER A 287 -24.97 -71.42 38.45
N PHE A 288 -24.17 -72.21 37.76
CA PHE A 288 -23.00 -71.70 37.05
C PHE A 288 -23.38 -71.03 35.73
N ASP A 289 -22.41 -70.33 35.16
CA ASP A 289 -22.48 -69.76 33.81
C ASP A 289 -21.22 -70.21 33.08
N VAL A 290 -21.33 -71.31 32.33
CA VAL A 290 -20.18 -72.07 31.86
C VAL A 290 -20.13 -72.03 30.34
N ASP A 291 -18.92 -71.90 29.80
CA ASP A 291 -18.66 -72.04 28.38
C ASP A 291 -18.17 -73.47 28.10
N ALA A 292 -18.45 -73.95 26.89
CA ALA A 292 -18.06 -75.31 26.52
C ALA A 292 -17.66 -75.34 25.05
N ALA A 293 -16.37 -75.58 24.80
CA ALA A 293 -15.84 -75.81 23.46
C ALA A 293 -15.41 -77.26 23.32
N GLY A 294 -16.20 -78.16 23.90
CA GLY A 294 -15.80 -79.52 24.14
C GLY A 294 -15.18 -79.75 25.51
N LYS A 295 -14.73 -78.69 26.17
CA LYS A 295 -14.21 -78.73 27.53
C LYS A 295 -15.00 -77.75 28.38
N ILE A 296 -15.35 -78.17 29.59
CA ILE A 296 -16.14 -77.31 30.48
C ILE A 296 -15.23 -76.23 31.04
N THR A 297 -15.57 -74.97 30.78
CA THR A 297 -14.81 -73.83 31.27
C THR A 297 -15.76 -72.71 31.66
N ILE A 298 -15.47 -72.07 32.78
CA ILE A 298 -16.20 -70.88 33.20
C ILE A 298 -15.43 -69.67 32.71
N GLY A 299 -16.11 -68.51 32.67
CA GLY A 299 -15.53 -67.33 32.06
C GLY A 299 -14.20 -66.91 32.66
N GLY A 300 -13.13 -67.12 31.89
CA GLY A 300 -11.80 -66.76 32.31
C GLY A 300 -11.09 -67.79 33.17
N ASN A 301 -11.64 -68.99 33.34
CA ASN A 301 -11.03 -69.99 34.21
C ASN A 301 -11.18 -71.36 33.55
N ALA A 302 -10.81 -72.40 34.30
CA ALA A 302 -10.79 -73.77 33.78
C ALA A 302 -11.97 -74.61 34.23
N ALA A 303 -12.49 -74.39 35.44
CA ALA A 303 -13.71 -75.03 35.94
C ALA A 303 -13.58 -76.56 35.93
N PHE A 304 -12.67 -77.04 36.78
CA PHE A 304 -12.50 -78.47 36.95
C PHE A 304 -13.70 -79.07 37.67
N LEU A 305 -13.68 -80.39 37.83
CA LEU A 305 -14.71 -81.12 38.56
C LEU A 305 -14.05 -82.10 39.52
N ASN A 306 -14.56 -82.19 40.74
CA ASN A 306 -14.00 -83.09 41.75
C ASN A 306 -15.12 -83.48 42.70
N ALA A 307 -14.73 -84.01 43.87
CA ALA A 307 -15.65 -84.44 44.92
C ALA A 307 -16.56 -85.56 44.42
N ASP A 308 -15.94 -86.69 44.06
CA ASP A 308 -16.70 -87.86 43.65
C ASP A 308 -17.63 -88.31 44.77
N GLY A 309 -18.84 -88.70 44.38
CA GLY A 309 -19.91 -89.02 45.32
C GLY A 309 -20.80 -87.83 45.58
N GLU A 310 -20.22 -86.62 45.58
CA GLU A 310 -20.97 -85.38 45.67
C GLU A 310 -20.95 -84.59 44.37
N LEU A 311 -19.82 -84.62 43.64
CA LEU A 311 -19.76 -84.21 42.24
C LEU A 311 -20.17 -82.75 42.05
N THR A 312 -19.36 -81.86 42.61
CA THR A 312 -19.50 -80.43 42.37
C THR A 312 -18.44 -79.98 41.37
N THR A 313 -18.75 -78.91 40.64
CA THR A 313 -17.81 -78.35 39.66
C THR A 313 -16.70 -77.65 40.42
N ASN A 314 -15.54 -78.30 40.52
CA ASN A 314 -14.46 -77.84 41.37
C ASN A 314 -13.47 -77.02 40.54
N ASP A 315 -13.84 -75.76 40.29
CA ASP A 315 -12.93 -74.87 39.58
C ASP A 315 -11.69 -74.55 40.39
N ALA A 316 -11.67 -74.88 41.68
CA ALA A 316 -10.45 -74.93 42.46
C ALA A 316 -10.01 -76.40 42.57
N SER A 317 -8.76 -76.67 42.19
CA SER A 317 -8.30 -78.05 42.09
C SER A 317 -8.26 -78.73 43.46
N GLY A 318 -8.61 -80.02 43.47
CA GLY A 318 -8.57 -80.80 44.69
C GLY A 318 -7.88 -82.13 44.53
N ALA A 319 -6.88 -82.19 43.65
CA ALA A 319 -5.99 -83.33 43.39
C ALA A 319 -6.68 -84.46 42.61
N LEU A 320 -7.97 -84.37 42.34
CA LEU A 320 -8.69 -85.44 41.62
C LEU A 320 -9.62 -84.82 40.59
N THR A 321 -9.13 -83.84 39.84
CA THR A 321 -9.95 -83.05 38.94
C THR A 321 -9.82 -83.55 37.51
N GLN A 322 -10.89 -83.40 36.74
CA GLN A 322 -10.96 -83.87 35.37
C GLN A 322 -11.21 -82.76 34.36
N ALA A 323 -12.19 -81.89 34.62
CA ALA A 323 -12.46 -80.71 33.80
C ALA A 323 -12.78 -81.08 32.35
N THR A 324 -13.89 -81.79 32.17
CA THR A 324 -14.36 -82.14 30.83
C THR A 324 -15.87 -82.32 30.82
N LEU A 325 -16.46 -82.15 29.63
CA LEU A 325 -17.90 -82.06 29.51
C LEU A 325 -18.59 -83.40 29.75
N ASP A 326 -18.07 -84.48 29.16
CA ASP A 326 -18.75 -85.78 29.29
C ASP A 326 -18.75 -86.25 30.73
N ASP A 327 -17.66 -85.99 31.47
CA ASP A 327 -17.65 -86.28 32.88
C ASP A 327 -18.71 -85.48 33.62
N VAL A 328 -18.97 -84.24 33.17
CA VAL A 328 -20.03 -83.44 33.78
C VAL A 328 -21.39 -84.07 33.52
N LEU A 329 -21.66 -84.47 32.28
CA LEU A 329 -22.95 -85.08 31.95
C LEU A 329 -23.17 -86.37 32.72
N THR A 330 -22.15 -87.22 32.81
CA THR A 330 -22.25 -88.39 33.69
C THR A 330 -22.41 -87.96 35.14
N SER A 331 -21.85 -86.80 35.50
CA SER A 331 -21.83 -86.34 36.88
C SER A 331 -23.14 -85.68 37.28
N VAL A 332 -23.73 -84.89 36.40
CA VAL A 332 -24.86 -84.05 36.78
C VAL A 332 -26.14 -84.88 36.87
N GLY A 333 -26.46 -85.33 38.09
CA GLY A 333 -27.66 -86.08 38.35
C GLY A 333 -27.83 -87.35 37.56
N THR A 334 -26.85 -87.66 36.71
CA THR A 334 -26.89 -88.91 35.98
C THR A 334 -26.26 -90.04 36.80
N GLU A 335 -25.35 -89.71 37.70
CA GLU A 335 -24.78 -90.70 38.60
C GLU A 335 -25.03 -90.39 40.07
N ALA A 336 -24.64 -89.21 40.55
CA ALA A 336 -24.63 -88.97 42.00
C ALA A 336 -25.16 -87.59 42.35
N ASN A 337 -26.22 -87.15 41.69
CA ASN A 337 -26.93 -85.93 42.08
C ASN A 337 -28.42 -86.13 41.88
N SER A 338 -29.20 -85.33 42.59
CA SER A 338 -30.66 -85.44 42.57
C SER A 338 -31.27 -84.08 42.30
N SER A 339 -32.29 -84.05 41.43
CA SER A 339 -33.06 -82.84 41.12
C SER A 339 -32.14 -81.72 40.63
N VAL A 340 -31.16 -82.07 39.81
CA VAL A 340 -30.23 -81.12 39.23
C VAL A 340 -30.44 -81.08 37.73
N THR A 341 -29.83 -80.09 37.07
CA THR A 341 -30.09 -79.88 35.66
C THR A 341 -28.93 -79.14 35.02
N ILE A 342 -28.92 -79.16 33.69
CA ILE A 342 -28.08 -78.29 32.87
C ILE A 342 -29.00 -77.39 32.07
N GLY A 343 -28.87 -76.08 32.27
CA GLY A 343 -29.63 -75.10 31.56
C GLY A 343 -28.84 -74.47 30.43
N GLY A 344 -29.13 -73.21 30.15
CA GLY A 344 -28.46 -72.49 29.08
C GLY A 344 -28.86 -72.95 27.70
N THR A 345 -28.81 -72.04 26.74
CA THR A 345 -29.18 -72.32 25.34
C THR A 345 -30.60 -72.89 25.27
N LYS A 346 -31.46 -72.41 26.18
CA LYS A 346 -32.88 -72.72 26.19
C LYS A 346 -33.11 -74.23 26.29
N TYR A 347 -32.77 -74.78 27.45
CA TYR A 347 -33.23 -76.09 27.87
C TYR A 347 -32.95 -76.23 29.36
N SER A 348 -33.46 -77.30 29.94
CA SER A 348 -33.14 -77.65 31.34
C SER A 348 -33.19 -79.17 31.44
N HIS A 349 -32.03 -79.81 31.30
CA HIS A 349 -31.95 -81.27 31.33
C HIS A 349 -31.92 -81.72 32.79
N SER A 350 -33.10 -81.68 33.41
CA SER A 350 -33.22 -82.06 34.81
C SER A 350 -32.97 -83.55 34.99
N ALA A 351 -32.56 -83.92 36.21
CA ALA A 351 -32.29 -85.30 36.57
C ALA A 351 -33.40 -85.79 37.49
N ALA A 352 -34.28 -86.65 36.96
CA ALA A 352 -35.34 -87.22 37.78
C ALA A 352 -34.79 -88.18 38.82
N ASP A 353 -33.73 -88.91 38.49
CA ASP A 353 -33.17 -89.90 39.40
C ASP A 353 -31.65 -89.95 39.21
N GLU A 354 -30.97 -90.53 40.19
CA GLU A 354 -29.53 -90.72 40.15
C GLU A 354 -29.19 -92.20 40.05
N LEU A 355 -28.06 -92.49 39.41
CA LEU A 355 -27.62 -93.85 39.13
C LEU A 355 -26.68 -94.30 40.23
N SER A 356 -27.19 -95.12 41.14
CA SER A 356 -26.34 -95.82 42.10
C SER A 356 -25.69 -97.06 41.49
N TYR A 357 -25.74 -97.18 40.16
CA TYR A 357 -25.26 -98.30 39.36
C TYR A 357 -26.06 -99.57 39.60
N THR A 358 -27.02 -99.56 40.50
CA THR A 358 -28.06 -100.57 40.60
C THR A 358 -29.44 -100.00 40.30
N ALA A 359 -29.86 -98.97 41.03
CA ALA A 359 -31.01 -98.18 40.62
C ALA A 359 -30.59 -97.26 39.48
N VAL A 360 -31.48 -97.10 38.50
CA VAL A 360 -31.14 -96.48 37.23
C VAL A 360 -31.61 -95.03 37.24
N ALA A 361 -30.82 -94.16 36.61
CA ALA A 361 -31.09 -92.74 36.54
C ALA A 361 -31.71 -92.36 35.20
N THR A 362 -32.05 -91.09 35.07
CA THR A 362 -32.53 -90.54 33.80
C THR A 362 -32.41 -89.02 33.84
N THR A 363 -31.92 -88.45 32.74
CA THR A 363 -31.95 -87.02 32.54
C THR A 363 -33.24 -86.68 31.80
N ALA A 364 -33.90 -85.61 32.22
CA ALA A 364 -35.17 -85.25 31.62
C ALA A 364 -35.24 -83.75 31.42
N ASP A 365 -35.77 -83.33 30.29
CA ASP A 365 -36.08 -81.93 30.03
C ASP A 365 -37.55 -81.85 29.65
N VAL A 366 -38.29 -81.00 30.37
CA VAL A 366 -39.69 -80.81 30.05
C VAL A 366 -39.78 -79.77 28.94
N LEU A 367 -39.67 -80.23 27.70
CA LEU A 367 -39.65 -79.31 26.56
C LEU A 367 -40.96 -78.57 26.41
N SER A 368 -42.04 -79.08 27.00
CA SER A 368 -43.41 -78.61 26.78
C SER A 368 -43.80 -78.62 25.32
N ALA A 369 -42.99 -79.26 24.46
CA ALA A 369 -43.32 -79.40 23.06
C ALA A 369 -44.48 -80.38 22.90
N MET A 370 -44.84 -80.66 21.65
CA MET A 370 -45.88 -81.63 21.34
C MET A 370 -47.23 -81.20 21.90
N GLY A 371 -47.31 -79.93 22.31
CA GLY A 371 -48.43 -79.47 23.12
C GLY A 371 -49.76 -79.45 22.37
N SER A 372 -49.74 -79.05 21.11
CA SER A 372 -50.99 -78.86 20.38
C SER A 372 -51.76 -80.17 20.31
N SER A 373 -53.04 -80.12 20.69
CA SER A 373 -53.85 -81.33 20.70
C SER A 373 -54.04 -81.89 19.29
N THR A 374 -53.95 -81.02 18.28
CA THR A 374 -54.01 -81.50 16.90
C THR A 374 -52.84 -82.42 16.59
N ALA A 375 -51.63 -82.04 17.00
CA ALA A 375 -50.48 -82.91 16.79
C ALA A 375 -50.58 -84.18 17.64
N VAL A 376 -51.11 -84.07 18.86
CA VAL A 376 -51.28 -85.23 19.71
C VAL A 376 -52.21 -86.23 19.04
N SER A 377 -53.33 -85.74 18.50
CA SER A 377 -54.26 -86.62 17.80
C SER A 377 -53.58 -87.30 16.62
N THR A 378 -52.83 -86.55 15.82
CA THR A 378 -52.20 -87.12 14.63
C THR A 378 -51.19 -88.20 15.00
N VAL A 379 -50.34 -87.91 15.99
CA VAL A 379 -49.31 -88.88 16.36
C VAL A 379 -49.95 -90.12 16.97
N THR A 380 -50.94 -89.95 17.85
CA THR A 380 -51.62 -91.13 18.38
C THR A 380 -52.53 -91.77 17.35
N LEU A 381 -52.84 -91.07 16.26
CA LEU A 381 -53.58 -91.64 15.13
C LEU A 381 -52.58 -92.19 14.12
N GLY A 382 -51.95 -93.30 14.50
CA GLY A 382 -50.96 -93.93 13.65
C GLY A 382 -49.58 -93.99 14.28
N SER A 383 -49.17 -95.19 14.67
CA SER A 383 -47.88 -95.42 15.29
C SER A 383 -47.45 -96.85 14.94
N GLY A 384 -46.49 -97.38 15.69
CA GLY A 384 -46.04 -98.74 15.47
C GLY A 384 -46.80 -99.70 16.35
N ILE A 385 -46.16 -100.16 17.43
CA ILE A 385 -46.82 -100.96 18.44
C ILE A 385 -47.22 -100.10 19.64
N THR A 386 -47.35 -98.79 19.43
CA THR A 386 -47.60 -97.84 20.52
C THR A 386 -49.07 -97.88 20.89
N SER A 387 -49.40 -98.60 21.97
CA SER A 387 -50.75 -98.65 22.50
C SER A 387 -50.87 -97.60 23.61
N ALA A 388 -51.49 -96.47 23.28
CA ALA A 388 -51.56 -95.34 24.20
C ALA A 388 -52.73 -95.51 25.16
N ALA A 389 -52.95 -94.49 26.00
CA ALA A 389 -54.02 -94.53 26.99
C ALA A 389 -54.30 -93.11 27.46
N VAL A 390 -55.57 -92.81 27.73
CA VAL A 390 -55.99 -91.50 28.23
C VAL A 390 -56.97 -91.66 29.38
N THR A 391 -56.72 -90.94 30.47
CA THR A 391 -57.70 -90.69 31.51
C THR A 391 -58.23 -89.28 31.28
N PHE A 392 -59.53 -89.15 31.04
CA PHE A 392 -60.06 -87.91 30.46
C PHE A 392 -61.33 -87.44 31.16
N ALA A 393 -61.40 -87.61 32.49
CA ALA A 393 -62.54 -87.11 33.24
C ALA A 393 -62.12 -86.92 34.69
N ILE A 394 -63.11 -86.71 35.57
CA ILE A 394 -62.84 -86.49 36.99
C ILE A 394 -62.11 -87.70 37.56
N ALA A 395 -61.12 -87.45 38.42
CA ALA A 395 -60.35 -88.54 39.02
C ALA A 395 -61.26 -89.53 39.74
N THR A 396 -62.33 -89.04 40.36
CA THR A 396 -63.32 -89.94 40.95
C THR A 396 -64.16 -90.63 39.89
N THR A 397 -64.34 -89.99 38.74
CA THR A 397 -65.37 -90.35 37.76
C THR A 397 -64.74 -90.59 36.39
N ASP A 398 -63.72 -91.43 36.34
CA ASP A 398 -63.06 -91.72 35.07
C ASP A 398 -62.53 -93.16 35.06
N SER A 399 -62.02 -93.55 33.90
CA SER A 399 -61.31 -94.80 33.69
C SER A 399 -60.25 -94.52 32.62
N ASN A 400 -59.72 -95.58 32.00
CA ASN A 400 -58.69 -95.43 30.99
C ASN A 400 -59.18 -95.93 29.65
N ASN A 401 -58.67 -95.32 28.57
CA ASN A 401 -59.05 -95.67 27.21
C ASN A 401 -57.78 -95.85 26.38
N THR A 402 -57.54 -97.07 25.92
CA THR A 402 -56.44 -97.36 25.01
C THR A 402 -56.93 -97.29 23.57
N TRP A 403 -56.09 -97.74 22.63
CA TRP A 403 -56.50 -97.89 21.25
C TRP A 403 -55.62 -98.90 20.53
N VAL A 404 -56.04 -99.23 19.31
CA VAL A 404 -55.17 -99.94 18.38
C VAL A 404 -53.95 -99.08 18.10
N ASP A 405 -52.78 -99.71 18.11
CA ASP A 405 -51.52 -98.97 18.00
C ASP A 405 -51.42 -98.24 16.66
N ASN A 406 -51.79 -98.91 15.57
CA ASN A 406 -51.48 -98.41 14.24
C ASN A 406 -52.49 -97.38 13.72
N LYS A 407 -53.64 -97.21 14.38
CA LYS A 407 -54.61 -96.23 13.93
C LYS A 407 -55.30 -95.47 15.05
N GLY A 408 -54.95 -95.70 16.31
CA GLY A 408 -55.56 -94.95 17.39
C GLY A 408 -57.06 -95.18 17.54
N GLU A 409 -57.52 -96.40 17.32
CA GLU A 409 -58.93 -96.73 17.45
C GLU A 409 -59.11 -97.75 18.57
N LEU A 410 -60.15 -97.57 19.37
CA LEU A 410 -60.44 -98.40 20.52
C LEU A 410 -61.58 -99.37 20.24
N THR A 411 -61.33 -100.66 20.50
CA THR A 411 -62.25 -101.74 20.18
C THR A 411 -63.11 -102.15 21.35
N ASP A 412 -62.50 -102.39 22.52
CA ASP A 412 -63.25 -102.87 23.68
C ASP A 412 -64.21 -101.82 24.22
N ILE A 413 -64.09 -100.57 23.78
CA ILE A 413 -65.00 -99.50 24.17
C ILE A 413 -65.70 -98.98 22.92
N GLN A 414 -67.02 -98.86 23.00
CA GLN A 414 -67.84 -98.35 21.93
C GLN A 414 -68.66 -97.16 22.44
N THR A 415 -69.34 -96.48 21.51
CA THR A 415 -70.16 -95.34 21.87
C THR A 415 -71.56 -95.52 21.28
N PHE A 416 -72.57 -95.32 22.11
CA PHE A 416 -73.96 -95.33 21.67
C PHE A 416 -74.22 -94.04 20.88
N ASP A 417 -75.46 -93.88 20.40
CA ASP A 417 -75.86 -92.64 19.74
C ASP A 417 -75.59 -91.44 20.63
N THR A 418 -75.78 -91.58 21.95
CA THR A 418 -75.61 -90.45 22.86
C THR A 418 -74.85 -90.82 24.12
N SER A 419 -74.11 -91.93 24.13
CA SER A 419 -73.36 -92.31 25.32
C SER A 419 -72.20 -93.21 24.91
N TYR A 420 -71.24 -93.33 25.82
CA TYR A 420 -70.04 -94.15 25.61
C TYR A 420 -70.21 -95.52 26.26
N LYS A 421 -71.25 -96.24 25.87
CA LYS A 421 -71.55 -97.54 26.47
C LYS A 421 -70.74 -98.65 25.81
N ILE A 422 -70.31 -99.61 26.63
CA ILE A 422 -69.33 -100.60 26.19
C ILE A 422 -69.89 -101.51 25.12
N ASN A 423 -71.14 -101.95 25.29
CA ASN A 423 -71.72 -102.95 24.40
C ASN A 423 -71.62 -102.53 22.94
N ALA A 424 -70.91 -103.33 22.14
CA ALA A 424 -70.70 -102.97 20.73
C ALA A 424 -71.94 -103.16 19.88
N ASP A 425 -72.91 -103.93 20.35
CA ASP A 425 -74.09 -104.27 19.57
C ASP A 425 -75.33 -104.05 20.41
N THR A 426 -76.40 -103.55 19.77
CA THR A 426 -77.66 -103.29 20.45
C THR A 426 -78.79 -104.19 20.00
N GLY A 427 -78.72 -104.75 18.79
CA GLY A 427 -79.81 -105.59 18.31
C GLY A 427 -81.10 -104.83 18.13
N GLU A 428 -81.05 -103.71 17.42
CA GLU A 428 -82.24 -102.90 17.19
C GLU A 428 -83.32 -103.73 16.52
N VAL A 429 -84.55 -103.60 17.02
CA VAL A 429 -85.68 -104.38 16.54
C VAL A 429 -86.45 -103.54 15.55
N THR A 430 -86.51 -104.00 14.30
CA THR A 430 -87.21 -103.30 13.23
C THR A 430 -88.26 -104.24 12.65
N VAL A 431 -89.49 -103.75 12.51
CA VAL A 431 -90.61 -104.52 11.98
C VAL A 431 -91.02 -103.92 10.64
N VAL A 432 -91.16 -104.78 9.64
CA VAL A 432 -91.54 -104.33 8.30
C VAL A 432 -93.05 -104.28 8.19
N GLY A 433 -93.58 -103.15 7.74
CA GLY A 433 -95.01 -102.99 7.57
C GLY A 433 -95.52 -103.58 6.27
N ASP A 434 -96.27 -104.67 6.36
CA ASP A 434 -96.82 -105.30 5.16
C ASP A 434 -97.80 -104.37 4.47
N ASN A 435 -97.88 -104.51 3.15
CA ASN A 435 -98.71 -103.68 2.26
C ASN A 435 -98.25 -102.23 2.26
N SER A 436 -97.15 -101.91 2.93
CA SER A 436 -96.59 -100.57 2.93
C SER A 436 -95.09 -100.52 2.69
N ALA A 437 -94.37 -101.64 2.84
CA ALA A 437 -92.94 -101.71 2.59
C ALA A 437 -92.16 -100.69 3.41
N THR A 438 -92.58 -100.49 4.65
CA THR A 438 -91.91 -99.57 5.57
C THR A 438 -91.33 -100.38 6.72
N ALA A 439 -90.02 -100.26 6.93
CA ALA A 439 -89.34 -100.95 8.03
C ALA A 439 -89.51 -100.12 9.30
N GLY A 440 -90.73 -100.16 9.84
CA GLY A 440 -91.04 -99.42 11.05
C GLY A 440 -90.20 -99.83 12.24
N GLN A 441 -89.66 -98.84 12.95
CA GLN A 441 -88.86 -99.13 14.13
C GLN A 441 -89.74 -99.72 15.23
N TYR A 442 -89.18 -100.63 16.02
CA TYR A 442 -89.98 -101.39 16.97
C TYR A 442 -89.41 -101.45 18.38
N ALA A 443 -88.10 -101.28 18.57
CA ALA A 443 -87.49 -101.50 19.88
C ALA A 443 -88.00 -100.54 20.96
N SER A 444 -87.71 -99.25 20.82
CA SER A 444 -88.06 -98.30 21.87
C SER A 444 -88.81 -97.08 21.35
N ALA A 445 -88.43 -96.54 20.19
CA ALA A 445 -89.16 -95.41 19.63
C ALA A 445 -90.54 -95.82 19.12
N ASP A 446 -90.73 -97.10 18.82
CA ASP A 446 -92.04 -97.69 18.53
C ASP A 446 -92.71 -96.99 17.34
N GLY A 447 -92.07 -97.15 16.18
CA GLY A 447 -92.62 -96.59 14.96
C GLY A 447 -91.90 -95.35 14.47
N ALA A 448 -90.58 -95.40 14.47
CA ALA A 448 -89.75 -94.26 14.08
C ALA A 448 -89.50 -94.18 12.59
N LYS A 449 -90.03 -95.12 11.79
CA LYS A 449 -89.91 -95.09 10.33
C LYS A 449 -88.44 -95.09 9.90
N VAL A 450 -87.79 -96.22 10.16
CA VAL A 450 -86.37 -96.36 9.87
C VAL A 450 -86.09 -96.08 8.41
N LEU A 451 -85.12 -95.21 8.14
CA LEU A 451 -84.59 -94.97 6.81
C LEU A 451 -83.14 -95.42 6.74
N VAL A 452 -82.63 -95.55 5.52
CA VAL A 452 -81.25 -95.95 5.30
C VAL A 452 -80.38 -94.69 5.24
N GLY A 453 -79.41 -94.62 6.14
CA GLY A 453 -78.56 -93.44 6.23
C GLY A 453 -77.55 -93.37 5.09
N SER A 454 -76.94 -92.19 4.98
CA SER A 454 -75.96 -91.95 3.93
C SER A 454 -74.71 -92.82 4.09
N ASP A 455 -74.46 -93.33 5.28
CA ASP A 455 -73.32 -94.20 5.52
C ASP A 455 -73.64 -95.68 5.31
N GLY A 456 -74.86 -96.00 4.87
CA GLY A 456 -75.28 -97.36 4.70
C GLY A 456 -75.93 -97.99 5.91
N LYS A 457 -75.99 -97.30 7.03
CA LYS A 457 -76.59 -97.81 8.24
C LYS A 457 -78.04 -97.33 8.38
N LEU A 458 -78.83 -98.11 9.10
CA LEU A 458 -80.21 -97.74 9.37
C LEU A 458 -80.28 -96.60 10.37
N THR A 459 -81.21 -95.68 10.13
CA THR A 459 -81.39 -94.54 11.02
C THR A 459 -82.83 -94.06 10.95
N THR A 460 -83.31 -93.47 12.03
CA THR A 460 -84.65 -92.92 12.07
C THR A 460 -84.72 -91.50 11.52
N GLU A 461 -83.58 -90.85 11.30
CA GLU A 461 -83.59 -89.51 10.74
C GLU A 461 -83.87 -89.57 9.25
N THR A 462 -84.89 -88.83 8.81
CA THR A 462 -85.28 -88.87 7.41
C THR A 462 -84.27 -88.17 6.50
N THR A 463 -83.74 -87.04 6.93
CA THR A 463 -82.83 -86.27 6.11
C THR A 463 -81.39 -86.57 6.51
N SER A 464 -80.46 -85.86 5.87
CA SER A 464 -79.04 -85.97 6.17
C SER A 464 -78.40 -84.62 5.95
N ALA A 465 -77.08 -84.56 6.16
CA ALA A 465 -76.37 -83.29 6.05
C ALA A 465 -76.20 -82.88 4.60
N GLY A 466 -75.45 -83.66 3.83
CA GLY A 466 -75.07 -83.28 2.49
C GLY A 466 -73.96 -82.23 2.49
N ASP A 467 -73.35 -82.05 1.32
CA ASP A 467 -72.22 -81.13 1.22
C ASP A 467 -72.53 -79.92 0.35
N LYS A 468 -72.87 -80.11 -0.94
CA LYS A 468 -72.77 -79.01 -1.93
C LYS A 468 -73.35 -79.48 -3.25
N THR A 469 -74.01 -78.58 -3.96
CA THR A 469 -74.48 -78.87 -5.31
C THR A 469 -73.28 -78.79 -6.25
N THR A 470 -72.86 -79.93 -6.79
CA THR A 470 -71.62 -79.99 -7.55
C THR A 470 -71.68 -79.10 -8.78
N ASP A 471 -72.81 -79.09 -9.49
CA ASP A 471 -73.01 -78.27 -10.67
C ASP A 471 -74.23 -77.39 -10.40
N PRO A 472 -74.04 -76.27 -9.71
CA PRO A 472 -75.19 -75.43 -9.33
C PRO A 472 -75.89 -74.83 -10.55
N LEU A 473 -75.12 -74.18 -11.42
CA LEU A 473 -75.73 -73.53 -12.57
C LEU A 473 -76.27 -74.52 -13.59
N LYS A 474 -75.69 -75.72 -13.67
CA LYS A 474 -76.27 -76.73 -14.54
C LYS A 474 -77.66 -77.13 -14.07
N THR A 475 -77.81 -77.37 -12.77
CA THR A 475 -79.13 -77.69 -12.23
C THR A 475 -80.09 -76.52 -12.40
N LEU A 476 -79.59 -75.30 -12.19
CA LEU A 476 -80.42 -74.13 -12.39
C LEU A 476 -80.89 -74.02 -13.84
N ASP A 477 -80.00 -74.28 -14.79
CA ASP A 477 -80.37 -74.22 -16.20
C ASP A 477 -81.37 -75.32 -16.55
N ALA A 478 -81.21 -76.49 -15.94
CA ALA A 478 -82.22 -77.53 -16.11
C ALA A 478 -83.57 -77.07 -15.59
N ALA A 479 -83.58 -76.36 -14.45
CA ALA A 479 -84.82 -75.81 -13.92
C ALA A 479 -85.43 -74.81 -14.89
N PHE A 480 -84.61 -73.93 -15.46
CA PHE A 480 -85.13 -73.01 -16.47
C PHE A 480 -85.71 -73.76 -17.65
N THR A 481 -85.04 -74.82 -18.11
CA THR A 481 -85.54 -75.54 -19.28
C THR A 481 -86.90 -76.16 -18.99
N LYS A 482 -87.05 -76.80 -17.82
CA LYS A 482 -88.34 -77.42 -17.49
C LYS A 482 -89.43 -76.36 -17.33
N LEU A 483 -89.12 -75.29 -16.60
CA LEU A 483 -90.12 -74.24 -16.37
C LEU A 483 -90.54 -73.59 -17.68
N ASP A 484 -89.57 -73.31 -18.56
CA ASP A 484 -89.87 -72.70 -19.85
C ASP A 484 -90.63 -73.66 -20.75
N LYS A 485 -90.34 -74.95 -20.66
CA LYS A 485 -91.13 -75.94 -21.39
C LYS A 485 -92.59 -75.84 -21.01
N LEU A 486 -92.88 -75.87 -19.70
CA LEU A 486 -94.28 -75.80 -19.29
C LEU A 486 -94.90 -74.44 -19.61
N THR A 487 -94.16 -73.36 -19.42
CA THR A 487 -94.70 -72.03 -19.72
C THR A 487 -95.03 -71.89 -21.20
N GLY A 488 -94.14 -72.39 -22.07
CA GLY A 488 -94.42 -72.32 -23.49
C GLY A 488 -95.60 -73.19 -23.90
N GLU A 489 -95.72 -74.38 -23.30
CA GLU A 489 -96.85 -75.23 -23.64
C GLU A 489 -98.17 -74.59 -23.20
N LEU A 490 -98.19 -73.97 -22.01
CA LEU A 490 -99.38 -73.24 -21.59
C LEU A 490 -99.66 -72.04 -22.49
N GLY A 491 -98.63 -71.34 -22.95
CA GLY A 491 -98.86 -70.25 -23.88
C GLY A 491 -99.46 -70.73 -25.19
N ALA A 492 -98.95 -71.85 -25.71
CA ALA A 492 -99.49 -72.41 -26.94
C ALA A 492 -100.94 -72.83 -26.76
N VAL A 493 -101.26 -73.47 -25.62
CA VAL A 493 -102.64 -73.88 -25.41
C VAL A 493 -103.53 -72.67 -25.21
N GLN A 494 -103.01 -71.59 -24.62
CA GLN A 494 -103.79 -70.37 -24.50
C GLN A 494 -104.12 -69.79 -25.88
N ASN A 495 -103.14 -69.78 -26.78
CA ASN A 495 -103.41 -69.30 -28.13
C ASN A 495 -104.43 -70.18 -28.84
N ARG A 496 -104.28 -71.50 -28.70
CA ARG A 496 -105.24 -72.39 -29.35
C ARG A 496 -106.63 -72.22 -28.77
N LEU A 497 -106.73 -71.96 -27.48
CA LEU A 497 -108.04 -71.71 -26.87
C LEU A 497 -108.66 -70.42 -27.39
N GLU A 498 -107.85 -69.38 -27.57
CA GLU A 498 -108.39 -68.16 -28.18
C GLU A 498 -108.86 -68.41 -29.61
N SER A 499 -108.09 -69.18 -30.37
CA SER A 499 -108.52 -69.53 -31.73
C SER A 499 -109.82 -70.31 -31.72
N THR A 500 -109.97 -71.24 -30.78
CA THR A 500 -111.22 -71.97 -30.67
C THR A 500 -112.36 -71.06 -30.23
N ILE A 501 -112.08 -70.05 -29.41
CA ILE A 501 -113.11 -69.07 -29.07
C ILE A 501 -113.62 -68.39 -30.34
N ALA A 502 -112.69 -67.93 -31.18
CA ALA A 502 -113.10 -67.26 -32.41
C ALA A 502 -113.89 -68.22 -33.32
N ASN A 503 -113.40 -69.45 -33.47
CA ASN A 503 -114.07 -70.42 -34.33
C ASN A 503 -115.46 -70.75 -33.80
N LEU A 504 -115.58 -70.95 -32.49
CA LEU A 504 -116.87 -71.26 -31.90
C LEU A 504 -117.84 -70.09 -32.07
N ASN A 505 -117.36 -68.86 -31.90
CA ASN A 505 -118.23 -67.71 -32.13
C ASN A 505 -118.72 -67.67 -33.57
N ASN A 506 -117.82 -67.88 -34.53
CA ASN A 506 -118.23 -67.86 -35.93
C ASN A 506 -119.26 -68.95 -36.22
N VAL A 507 -119.03 -70.16 -35.72
CA VAL A 507 -119.97 -71.25 -35.97
C VAL A 507 -121.30 -70.98 -35.27
N VAL A 508 -121.27 -70.36 -34.09
CA VAL A 508 -122.50 -70.02 -33.39
C VAL A 508 -123.32 -69.04 -34.21
N ASN A 509 -122.67 -68.01 -34.75
CA ASN A 509 -123.38 -67.04 -35.57
C ASN A 509 -123.96 -67.69 -36.82
N ASN A 510 -123.17 -68.52 -37.50
CA ASN A 510 -123.66 -69.17 -38.71
C ASN A 510 -124.83 -70.10 -38.39
N LEU A 511 -124.75 -70.83 -37.28
CA LEU A 511 -125.83 -71.75 -36.92
C LEU A 511 -127.08 -70.99 -36.49
N SER A 512 -126.91 -69.84 -35.83
CA SER A 512 -128.07 -69.02 -35.50
C SER A 512 -128.76 -68.51 -36.75
N SER A 513 -127.97 -68.07 -37.73
CA SER A 513 -128.54 -67.65 -39.00
C SER A 513 -129.26 -68.80 -39.69
N ALA A 514 -128.65 -70.00 -39.65
CA ALA A 514 -129.28 -71.16 -40.27
C ALA A 514 -130.60 -71.52 -39.59
N ARG A 515 -130.64 -71.43 -38.26
CA ARG A 515 -131.89 -71.64 -37.53
C ARG A 515 -132.91 -70.59 -37.92
N SER A 516 -132.48 -69.34 -38.05
CA SER A 516 -133.40 -68.27 -38.44
C SER A 516 -134.00 -68.54 -39.81
N ARG A 517 -133.19 -69.04 -40.74
CA ARG A 517 -133.65 -69.27 -42.11
C ARG A 517 -134.82 -70.25 -42.16
N ILE A 518 -135.00 -71.10 -41.16
CA ILE A 518 -136.05 -72.10 -41.16
C ILE A 518 -137.03 -71.94 -40.01
N GLN A 519 -136.81 -71.04 -39.07
CA GLN A 519 -137.63 -70.95 -37.87
C GLN A 519 -138.44 -69.68 -37.79
N ASP A 520 -137.80 -68.51 -37.83
CA ASP A 520 -138.51 -67.27 -37.56
C ASP A 520 -139.37 -66.87 -38.74
N ALA A 521 -140.25 -65.91 -38.49
CA ALA A 521 -141.28 -65.50 -39.44
C ALA A 521 -140.85 -64.27 -40.23
N ASP A 522 -141.06 -64.32 -41.54
CA ASP A 522 -140.86 -63.15 -42.39
C ASP A 522 -142.01 -62.19 -42.14
N TYR A 523 -141.81 -61.23 -41.23
CA TYR A 523 -142.92 -60.43 -40.74
C TYR A 523 -143.63 -59.66 -41.84
N ALA A 524 -142.94 -59.30 -42.92
CA ALA A 524 -143.63 -58.69 -44.04
C ALA A 524 -144.69 -59.64 -44.61
N THR A 525 -144.30 -60.88 -44.89
CA THR A 525 -145.24 -61.84 -45.45
C THR A 525 -146.35 -62.17 -44.46
N GLU A 526 -146.00 -62.34 -43.18
CA GLU A 526 -147.02 -62.67 -42.18
C GLU A 526 -148.01 -61.54 -42.00
N VAL A 527 -147.55 -60.29 -41.98
CA VAL A 527 -148.48 -59.17 -41.89
C VAL A 527 -149.36 -59.10 -43.12
N SER A 528 -148.79 -59.35 -44.30
CA SER A 528 -149.60 -59.37 -45.51
C SER A 528 -150.67 -60.44 -45.42
N ASN A 529 -150.31 -61.64 -44.95
CA ASN A 529 -151.27 -62.72 -44.83
C ASN A 529 -152.34 -62.40 -43.79
N MET A 530 -151.95 -61.77 -42.69
CA MET A 530 -152.93 -61.40 -41.67
C MET A 530 -153.94 -60.38 -42.22
N SER A 531 -153.45 -59.37 -42.93
CA SER A 531 -154.35 -58.40 -43.52
C SER A 531 -155.26 -59.04 -44.55
N LYS A 532 -154.71 -59.91 -45.40
CA LYS A 532 -155.52 -60.60 -46.39
C LYS A 532 -156.58 -61.47 -45.72
N ALA A 533 -156.21 -62.16 -44.65
CA ALA A 533 -157.17 -63.01 -43.95
C ALA A 533 -158.27 -62.19 -43.31
N GLN A 534 -157.93 -61.00 -42.79
CA GLN A 534 -158.96 -60.12 -42.27
C GLN A 534 -159.91 -59.66 -43.37
N ILE A 535 -159.37 -59.33 -44.54
CA ILE A 535 -160.23 -58.96 -45.67
C ILE A 535 -161.16 -60.10 -46.03
N LEU A 536 -160.62 -61.32 -46.11
CA LEU A 536 -161.46 -62.47 -46.42
C LEU A 536 -162.49 -62.71 -45.34
N GLN A 537 -162.15 -62.45 -44.07
CA GLN A 537 -163.13 -62.63 -42.99
C GLN A 537 -164.29 -61.67 -43.13
N GLN A 538 -164.00 -60.39 -43.33
CA GLN A 538 -165.08 -59.41 -43.45
C GLN A 538 -165.91 -59.67 -44.70
N ALA A 539 -165.25 -59.99 -45.82
CA ALA A 539 -165.98 -60.31 -47.03
C ALA A 539 -166.84 -61.56 -46.85
N GLY A 540 -166.31 -62.56 -46.15
CA GLY A 540 -167.05 -63.79 -45.93
C GLY A 540 -168.27 -63.58 -45.07
N THR A 541 -168.12 -62.82 -43.98
CA THR A 541 -169.28 -62.57 -43.14
C THR A 541 -170.31 -61.71 -43.86
N SER A 542 -169.88 -60.77 -44.69
CA SER A 542 -170.83 -59.97 -45.46
C SER A 542 -171.58 -60.84 -46.48
N VAL A 543 -170.85 -61.67 -47.23
CA VAL A 543 -171.51 -62.50 -48.24
C VAL A 543 -172.39 -63.54 -47.57
N LEU A 544 -172.01 -64.00 -46.38
CA LEU A 544 -172.87 -64.92 -45.65
C LEU A 544 -174.15 -64.22 -45.18
N ALA A 545 -174.02 -62.98 -44.73
CA ALA A 545 -175.21 -62.21 -44.37
C ALA A 545 -176.17 -62.11 -45.55
N GLN A 546 -175.66 -61.67 -46.71
CA GLN A 546 -176.49 -61.66 -47.92
C GLN A 546 -176.95 -63.04 -48.35
N ALA A 547 -176.25 -64.10 -47.95
CA ALA A 547 -176.72 -65.45 -48.26
C ALA A 547 -177.89 -65.84 -47.37
N ASN A 548 -177.96 -65.29 -46.15
CA ASN A 548 -179.05 -65.65 -45.26
C ASN A 548 -180.40 -65.10 -45.71
N GLN A 549 -180.41 -63.99 -46.45
CA GLN A 549 -181.68 -63.47 -46.95
C GLN A 549 -182.07 -64.03 -48.30
N VAL A 550 -181.32 -64.99 -48.83
CA VAL A 550 -181.73 -65.66 -50.06
C VAL A 550 -183.10 -66.32 -49.91
N PRO A 551 -183.39 -67.07 -48.85
CA PRO A 551 -184.75 -67.64 -48.72
C PRO A 551 -185.81 -66.62 -48.37
N GLN A 552 -185.45 -65.39 -47.97
CA GLN A 552 -186.46 -64.39 -47.67
C GLN A 552 -187.29 -64.04 -48.91
N THR A 553 -186.67 -64.08 -50.09
CA THR A 553 -187.42 -63.88 -51.32
C THR A 553 -188.54 -64.89 -51.45
N VAL A 554 -188.33 -66.12 -50.96
CA VAL A 554 -189.40 -67.11 -50.92
C VAL A 554 -190.51 -66.62 -50.00
N LEU A 555 -190.16 -66.00 -48.89
CA LEU A 555 -191.18 -65.53 -47.95
C LEU A 555 -191.73 -64.20 -48.42
N SER A 556 -192.10 -64.13 -49.70
CA SER A 556 -192.87 -63.02 -50.24
C SER A 556 -194.20 -63.49 -50.80
N LEU A 557 -194.17 -64.46 -51.70
CA LEU A 557 -195.39 -65.09 -52.17
C LEU A 557 -195.91 -66.07 -51.13
N LEU A 558 -197.22 -66.09 -50.95
CA LEU A 558 -197.83 -66.98 -49.96
C LEU A 558 -199.22 -67.41 -50.41
N ALA B 2 -182.26 -46.41 -70.32
CA ALA B 2 -183.51 -47.13 -70.05
C ALA B 2 -183.54 -47.63 -68.61
N ALA B 3 -184.51 -48.49 -68.32
CA ALA B 3 -184.68 -49.07 -66.99
C ALA B 3 -184.46 -50.57 -67.00
N VAL B 4 -183.46 -51.03 -67.73
CA VAL B 4 -183.18 -52.45 -67.85
C VAL B 4 -182.37 -52.92 -66.64
N ILE B 5 -182.62 -54.15 -66.22
CA ILE B 5 -181.95 -54.73 -65.06
C ILE B 5 -181.02 -55.87 -65.42
N ASN B 6 -181.13 -56.43 -66.62
CA ASN B 6 -180.28 -57.56 -67.00
C ASN B 6 -178.82 -57.14 -67.06
N THR B 7 -178.53 -55.97 -67.61
CA THR B 7 -177.16 -55.50 -67.76
C THR B 7 -177.03 -54.07 -67.25
N ASN B 8 -175.87 -53.74 -66.72
CA ASN B 8 -175.59 -52.42 -66.16
C ASN B 8 -174.34 -51.87 -66.83
N TYR B 9 -174.53 -51.00 -67.83
CA TYR B 9 -173.40 -50.41 -68.53
C TYR B 9 -172.58 -49.51 -67.61
N LEU B 10 -173.24 -48.78 -66.71
CA LEU B 10 -172.53 -47.88 -65.81
C LEU B 10 -171.59 -48.66 -64.90
N SER B 11 -172.02 -49.82 -64.41
CA SER B 11 -171.15 -50.64 -63.58
C SER B 11 -169.92 -51.09 -64.35
N LEU B 12 -170.10 -51.48 -65.61
CA LEU B 12 -168.96 -51.92 -66.41
C LEU B 12 -167.98 -50.77 -66.64
N VAL B 13 -168.50 -49.58 -66.94
CA VAL B 13 -167.62 -48.42 -67.13
C VAL B 13 -166.85 -48.11 -65.85
N ALA B 14 -167.55 -48.14 -64.72
CA ALA B 14 -166.89 -47.90 -63.44
C ALA B 14 -165.81 -48.94 -63.17
N GLN B 15 -166.08 -50.21 -63.49
CA GLN B 15 -165.07 -51.25 -63.31
C GLN B 15 -163.85 -50.99 -64.17
N ASN B 16 -164.05 -50.58 -65.42
CA ASN B 16 -162.91 -50.30 -66.29
C ASN B 16 -162.07 -49.14 -65.76
N ASN B 17 -162.72 -48.05 -65.35
CA ASN B 17 -161.96 -46.93 -64.81
C ASN B 17 -161.24 -47.31 -63.52
N LEU B 18 -161.89 -48.14 -62.69
CA LEU B 18 -161.23 -48.62 -61.48
C LEU B 18 -159.99 -49.45 -61.81
N ASN B 19 -160.08 -50.28 -62.84
CA ASN B 19 -158.91 -51.08 -63.24
C ASN B 19 -157.78 -50.18 -63.73
N LYS B 20 -158.10 -49.15 -64.50
CA LYS B 20 -157.06 -48.23 -64.95
C LYS B 20 -156.39 -47.54 -63.75
N SER B 21 -157.20 -47.08 -62.80
CA SER B 21 -156.65 -46.43 -61.62
C SER B 21 -155.77 -47.38 -60.83
N GLN B 22 -156.20 -48.64 -60.69
CA GLN B 22 -155.42 -49.62 -59.95
C GLN B 22 -154.11 -49.94 -60.65
N SER B 23 -154.11 -49.97 -61.98
CA SER B 23 -152.86 -50.18 -62.71
C SER B 23 -151.89 -49.03 -62.47
N SER B 24 -152.40 -47.79 -62.51
CA SER B 24 -151.53 -46.65 -62.21
C SER B 24 -151.00 -46.72 -60.78
N LEU B 25 -151.86 -47.10 -59.83
CA LEU B 25 -151.43 -47.26 -58.45
C LEU B 25 -150.36 -48.33 -58.33
N GLY B 26 -150.53 -49.43 -59.04
CA GLY B 26 -149.56 -50.52 -58.96
C GLY B 26 -148.21 -50.11 -59.48
N THR B 27 -148.17 -49.45 -60.64
CA THR B 27 -146.87 -49.04 -61.16
C THR B 27 -146.22 -47.99 -60.26
N ALA B 28 -147.02 -47.09 -59.68
CA ALA B 28 -146.46 -46.12 -58.73
C ALA B 28 -145.88 -46.82 -57.50
N ILE B 29 -146.58 -47.84 -56.98
CA ILE B 29 -146.08 -48.54 -55.80
C ILE B 29 -144.80 -49.29 -56.13
N GLU B 30 -144.73 -49.94 -57.29
CA GLU B 30 -143.48 -50.61 -57.66
C GLU B 30 -142.34 -49.62 -57.79
N ARG B 31 -142.59 -48.46 -58.42
CA ARG B 31 -141.51 -47.49 -58.58
C ARG B 31 -141.07 -46.89 -57.25
N LEU B 32 -141.98 -46.77 -56.29
CA LEU B 32 -141.57 -46.33 -54.96
C LEU B 32 -140.78 -47.42 -54.23
N SER B 33 -141.27 -48.65 -54.26
CA SER B 33 -140.65 -49.71 -53.48
C SER B 33 -139.26 -50.03 -54.00
N SER B 34 -139.13 -50.25 -55.32
CA SER B 34 -137.82 -50.54 -55.88
C SER B 34 -136.93 -49.31 -55.86
N GLY B 35 -137.51 -48.13 -56.01
CA GLY B 35 -136.75 -46.92 -56.18
C GLY B 35 -136.21 -46.71 -57.58
N LEU B 36 -136.50 -47.63 -58.51
CA LEU B 36 -136.03 -47.55 -59.88
C LEU B 36 -137.22 -47.29 -60.78
N ARG B 37 -137.15 -46.20 -61.55
CA ARG B 37 -138.24 -45.87 -62.46
C ARG B 37 -138.42 -46.95 -63.51
N ILE B 38 -137.33 -47.43 -64.08
CA ILE B 38 -137.36 -48.40 -65.17
C ILE B 38 -137.03 -49.77 -64.59
N ASN B 39 -138.08 -50.46 -64.15
CA ASN B 39 -138.02 -51.88 -63.83
C ASN B 39 -139.22 -52.53 -64.52
N SER B 40 -139.11 -53.83 -64.79
CA SER B 40 -140.11 -54.53 -65.59
C SER B 40 -140.22 -53.87 -66.97
N ALA B 41 -139.18 -54.11 -67.78
CA ALA B 41 -138.78 -53.30 -68.93
C ALA B 41 -139.91 -52.78 -69.81
N LYS B 42 -141.10 -53.40 -69.73
CA LYS B 42 -142.27 -52.98 -70.48
C LYS B 42 -142.48 -51.46 -70.45
N ASP B 43 -141.97 -50.78 -69.41
CA ASP B 43 -141.95 -49.32 -69.39
C ASP B 43 -140.54 -48.84 -69.79
N ASP B 44 -140.47 -48.03 -70.85
CA ASP B 44 -139.21 -47.45 -71.31
C ASP B 44 -138.18 -48.54 -71.63
N ALA B 45 -138.51 -49.35 -72.65
CA ALA B 45 -137.67 -50.49 -72.99
C ALA B 45 -136.24 -50.07 -73.34
N ALA B 46 -136.09 -49.01 -74.14
CA ALA B 46 -134.76 -48.51 -74.46
C ALA B 46 -134.08 -47.93 -73.22
N GLY B 47 -134.86 -47.39 -72.29
CA GLY B 47 -134.28 -46.84 -71.08
C GLY B 47 -133.54 -47.89 -70.28
N MET B 48 -134.13 -49.08 -70.14
CA MET B 48 -133.44 -50.13 -69.38
C MET B 48 -132.21 -50.64 -70.11
N ALA B 49 -132.24 -50.69 -71.44
CA ALA B 49 -131.03 -51.08 -72.17
C ALA B 49 -129.91 -50.08 -71.93
N ILE B 50 -130.22 -48.79 -72.00
CA ILE B 50 -129.20 -47.78 -71.77
C ILE B 50 -128.71 -47.83 -70.32
N ALA B 51 -129.63 -48.03 -69.38
CA ALA B 51 -129.24 -48.13 -67.97
C ALA B 51 -128.38 -49.36 -67.71
N ASN B 52 -128.69 -50.49 -68.35
CA ASN B 52 -127.87 -51.67 -68.22
C ASN B 52 -126.47 -51.43 -68.75
N ARG B 53 -126.37 -50.75 -69.89
CA ARG B 53 -125.05 -50.39 -70.41
C ARG B 53 -124.31 -49.49 -69.43
N PHE B 54 -125.02 -48.55 -68.81
CA PHE B 54 -124.39 -47.66 -67.83
C PHE B 54 -123.89 -48.44 -66.62
N THR B 55 -124.70 -49.37 -66.11
CA THR B 55 -124.28 -50.16 -64.96
C THR B 55 -123.07 -51.01 -65.29
N ALA B 56 -123.07 -51.65 -66.47
CA ALA B 56 -121.92 -52.44 -66.87
C ALA B 56 -120.67 -51.56 -66.95
N ASN B 57 -120.81 -50.37 -67.56
CA ASN B 57 -119.66 -49.50 -67.72
C ASN B 57 -119.15 -48.99 -66.37
N VAL B 58 -120.05 -48.60 -65.48
CA VAL B 58 -119.62 -48.05 -64.19
C VAL B 58 -118.95 -49.14 -63.34
N ARG B 59 -119.53 -50.34 -63.33
CA ARG B 59 -118.92 -51.42 -62.55
C ARG B 59 -117.55 -51.80 -63.12
N GLY B 60 -117.46 -51.88 -64.44
CA GLY B 60 -116.18 -52.16 -65.06
C GLY B 60 -115.14 -51.10 -64.75
N LEU B 61 -115.56 -49.83 -64.73
CA LEU B 61 -114.59 -48.77 -64.47
C LEU B 61 -114.17 -48.76 -63.00
N THR B 62 -115.09 -49.08 -62.09
CA THR B 62 -114.69 -49.20 -60.69
C THR B 62 -113.69 -50.34 -60.51
N GLN B 63 -113.95 -51.49 -61.12
CA GLN B 63 -112.99 -52.59 -61.05
C GLN B 63 -111.67 -52.20 -61.69
N ALA B 64 -111.72 -51.38 -62.74
CA ALA B 64 -110.50 -50.86 -63.34
C ALA B 64 -109.75 -49.95 -62.39
N ALA B 65 -110.48 -49.16 -61.59
CA ALA B 65 -109.82 -48.35 -60.56
C ALA B 65 -109.12 -49.24 -59.54
N ARG B 66 -109.75 -50.35 -59.17
CA ARG B 66 -109.07 -51.31 -58.29
C ARG B 66 -107.83 -51.86 -58.94
N ASN B 67 -107.90 -52.18 -60.24
CA ASN B 67 -106.72 -52.67 -60.96
C ASN B 67 -105.61 -51.63 -60.98
N ALA B 68 -105.97 -50.36 -61.17
CA ALA B 68 -104.98 -49.29 -61.15
C ALA B 68 -104.36 -49.15 -59.77
N ASN B 69 -105.16 -49.35 -58.72
CA ASN B 69 -104.61 -49.36 -57.37
C ASN B 69 -103.61 -50.51 -57.19
N ASP B 70 -103.92 -51.68 -57.75
CA ASP B 70 -102.97 -52.78 -57.70
C ASP B 70 -101.69 -52.42 -58.42
N GLY B 71 -101.80 -51.79 -59.60
CA GLY B 71 -100.61 -51.40 -60.33
C GLY B 71 -99.76 -50.37 -59.59
N ILE B 72 -100.41 -49.39 -58.97
CA ILE B 72 -99.66 -48.38 -58.23
C ILE B 72 -99.00 -48.99 -57.00
N SER B 73 -99.66 -49.96 -56.36
CA SER B 73 -99.01 -50.66 -55.25
C SER B 73 -97.79 -51.44 -55.72
N LEU B 74 -97.90 -52.11 -56.88
CA LEU B 74 -96.76 -52.81 -57.44
C LEU B 74 -95.60 -51.85 -57.72
N ALA B 75 -95.93 -50.69 -58.30
CA ALA B 75 -94.91 -49.68 -58.57
C ALA B 75 -94.29 -49.18 -57.28
N GLN B 76 -95.10 -49.04 -56.22
CA GLN B 76 -94.58 -48.62 -54.93
C GLN B 76 -93.57 -49.63 -54.39
N THR B 77 -93.89 -50.92 -54.45
CA THR B 77 -92.97 -51.93 -53.96
C THR B 77 -91.68 -51.94 -54.77
N THR B 78 -91.79 -51.89 -56.10
CA THR B 78 -90.61 -51.92 -56.93
C THR B 78 -89.73 -50.68 -56.68
N GLU B 79 -90.36 -49.52 -56.58
CA GLU B 79 -89.62 -48.29 -56.33
C GLU B 79 -88.96 -48.31 -54.96
N GLY B 80 -89.64 -48.88 -53.97
CA GLY B 80 -89.05 -48.98 -52.64
C GLY B 80 -87.83 -49.88 -52.62
N ALA B 81 -87.91 -51.02 -53.31
CA ALA B 81 -86.74 -51.88 -53.40
C ALA B 81 -85.59 -51.19 -54.13
N ALA B 82 -85.90 -50.51 -55.23
CA ALA B 82 -84.86 -49.81 -55.98
C ALA B 82 -84.25 -48.69 -55.17
N SER B 83 -85.03 -48.03 -54.30
CA SER B 83 -84.53 -46.92 -53.52
C SER B 83 -83.43 -47.35 -52.57
N GLU B 84 -83.45 -48.61 -52.13
CA GLU B 84 -82.40 -49.08 -51.22
C GLU B 84 -81.28 -49.79 -51.98
N VAL B 85 -81.59 -50.38 -53.15
CA VAL B 85 -80.50 -50.78 -54.03
C VAL B 85 -79.66 -49.56 -54.39
N ASN B 86 -80.30 -48.39 -54.44
CA ASN B 86 -79.58 -47.14 -54.64
C ASN B 86 -78.57 -46.92 -53.52
N THR B 87 -78.99 -47.13 -52.26
CA THR B 87 -78.07 -46.95 -51.15
C THR B 87 -76.92 -47.95 -51.22
N HIS B 88 -77.22 -49.18 -51.63
CA HIS B 88 -76.16 -50.17 -51.82
C HIS B 88 -75.13 -49.67 -52.83
N LEU B 89 -75.60 -49.15 -53.97
CA LEU B 89 -74.67 -48.65 -54.97
C LEU B 89 -73.90 -47.44 -54.46
N GLN B 90 -74.55 -46.58 -53.67
CA GLN B 90 -73.85 -45.44 -53.09
C GLN B 90 -72.71 -45.89 -52.18
N ARG B 91 -72.99 -46.85 -51.31
CA ARG B 91 -71.95 -47.34 -50.41
C ARG B 91 -70.83 -48.00 -51.18
N ILE B 92 -71.17 -48.76 -52.23
CA ILE B 92 -70.16 -49.40 -53.05
C ILE B 92 -69.27 -48.36 -53.71
N ARG B 93 -69.87 -47.28 -54.23
CA ARG B 93 -69.09 -46.23 -54.87
C ARG B 93 -68.18 -45.54 -53.88
N GLU B 94 -68.70 -45.22 -52.69
CA GLU B 94 -67.87 -44.57 -51.69
C GLU B 94 -66.69 -45.44 -51.29
N LEU B 95 -66.93 -46.74 -51.09
CA LEU B 95 -65.82 -47.61 -50.70
C LEU B 95 -64.88 -47.88 -51.86
N THR B 96 -65.38 -47.83 -53.10
CA THR B 96 -64.51 -47.92 -54.26
C THR B 96 -63.56 -46.73 -54.31
N VAL B 97 -64.07 -45.54 -54.03
CA VAL B 97 -63.19 -44.37 -53.96
C VAL B 97 -62.19 -44.53 -52.83
N GLN B 98 -62.63 -45.05 -51.69
CA GLN B 98 -61.71 -45.21 -50.56
C GLN B 98 -60.60 -46.20 -50.89
N ALA B 99 -60.94 -47.33 -51.49
CA ALA B 99 -59.97 -48.38 -51.73
C ALA B 99 -59.12 -48.13 -52.97
N SER B 100 -59.53 -47.19 -53.83
CA SER B 100 -58.70 -46.82 -54.96
C SER B 100 -57.44 -46.09 -54.54
N ASN B 101 -57.36 -45.66 -53.27
CA ASN B 101 -56.13 -45.08 -52.76
C ASN B 101 -55.03 -46.13 -52.74
N GLY B 102 -53.78 -45.66 -52.90
CA GLY B 102 -52.65 -46.55 -52.84
C GLY B 102 -52.11 -46.82 -51.47
N SER B 103 -52.50 -46.01 -50.48
CA SER B 103 -51.99 -46.19 -49.12
C SER B 103 -52.51 -47.47 -48.47
N TYR B 104 -53.58 -48.05 -49.00
CA TYR B 104 -54.14 -49.25 -48.41
C TYR B 104 -53.39 -50.47 -48.90
N SER B 105 -52.91 -51.29 -47.96
CA SER B 105 -52.22 -52.51 -48.33
C SER B 105 -53.22 -53.57 -48.78
N GLN B 106 -52.70 -54.74 -49.17
CA GLN B 106 -53.55 -55.73 -49.81
C GLN B 106 -54.61 -56.29 -48.88
N GLU B 107 -54.31 -56.40 -47.57
CA GLU B 107 -55.28 -56.96 -46.64
C GLU B 107 -56.52 -56.07 -46.52
N GLN B 108 -56.33 -54.77 -46.43
CA GLN B 108 -57.47 -53.88 -46.30
C GLN B 108 -58.24 -53.77 -47.61
N LEU B 109 -57.56 -53.86 -48.74
CA LEU B 109 -58.27 -53.96 -50.01
C LEU B 109 -59.10 -55.24 -50.05
N ASP B 110 -58.58 -56.33 -49.47
CA ASP B 110 -59.36 -57.55 -49.38
C ASP B 110 -60.58 -57.37 -48.49
N SER B 111 -60.44 -56.64 -47.40
CA SER B 111 -61.59 -56.36 -46.55
C SER B 111 -62.64 -55.53 -47.30
N VAL B 112 -62.20 -54.52 -48.04
CA VAL B 112 -63.13 -53.73 -48.85
C VAL B 112 -63.81 -54.60 -49.88
N GLN B 113 -63.05 -55.49 -50.52
CA GLN B 113 -63.62 -56.40 -51.49
C GLN B 113 -64.63 -57.35 -50.87
N GLY B 114 -64.36 -57.83 -49.66
CA GLY B 114 -65.32 -58.65 -48.97
C GLY B 114 -66.61 -57.91 -48.67
N GLU B 115 -66.50 -56.67 -48.21
CA GLU B 115 -67.70 -55.89 -47.93
C GLU B 115 -68.49 -55.62 -49.21
N ILE B 116 -67.78 -55.31 -50.29
CA ILE B 116 -68.43 -55.07 -51.58
C ILE B 116 -69.08 -56.34 -52.10
N ASN B 117 -68.44 -57.49 -51.86
CA ASN B 117 -69.05 -58.77 -52.21
C ASN B 117 -70.34 -58.98 -51.43
N GLN B 118 -70.34 -58.60 -50.17
CA GLN B 118 -71.57 -58.65 -49.39
C GLN B 118 -72.64 -57.75 -50.01
N ARG B 119 -72.25 -56.55 -50.42
CA ARG B 119 -73.22 -55.63 -51.02
C ARG B 119 -73.79 -56.20 -52.31
N LEU B 120 -72.94 -56.75 -53.16
CA LEU B 120 -73.42 -57.33 -54.42
C LEU B 120 -74.31 -58.55 -54.17
N ALA B 121 -73.93 -59.39 -53.21
CA ALA B 121 -74.78 -60.52 -52.86
C ALA B 121 -76.12 -60.03 -52.35
N ASP B 122 -76.14 -58.95 -51.59
CA ASP B 122 -77.40 -58.40 -51.11
C ASP B 122 -78.23 -57.83 -52.25
N ILE B 123 -77.60 -57.19 -53.23
CA ILE B 123 -78.33 -56.71 -54.39
C ILE B 123 -78.97 -57.87 -55.13
N ASP B 124 -78.22 -58.95 -55.33
CA ASP B 124 -78.78 -60.12 -55.97
C ASP B 124 -79.91 -60.72 -55.15
N ARG B 125 -79.76 -60.73 -53.83
CA ARG B 125 -80.83 -61.21 -52.96
C ARG B 125 -82.07 -60.34 -53.09
N ILE B 126 -81.88 -59.03 -53.20
CA ILE B 126 -83.01 -58.12 -53.39
C ILE B 126 -83.72 -58.46 -54.70
N SER B 127 -82.95 -58.67 -55.75
CA SER B 127 -83.56 -59.01 -57.04
C SER B 127 -84.35 -60.31 -56.96
N GLU B 128 -83.79 -61.33 -56.31
CA GLU B 128 -84.44 -62.63 -56.29
C GLU B 128 -85.65 -62.67 -55.35
N GLN B 129 -85.54 -62.06 -54.17
CA GLN B 129 -86.53 -62.22 -53.12
C GLN B 129 -87.61 -61.16 -53.14
N THR B 130 -87.43 -60.06 -53.87
CA THR B 130 -88.47 -59.01 -53.91
C THR B 130 -89.72 -59.59 -54.55
N ASP B 131 -90.76 -59.79 -53.75
CA ASP B 131 -91.96 -60.46 -54.21
C ASP B 131 -93.16 -59.54 -54.02
N PHE B 132 -94.15 -59.72 -54.90
CA PHE B 132 -95.39 -58.97 -54.81
C PHE B 132 -96.47 -59.83 -55.44
N ASN B 133 -97.32 -60.44 -54.61
CA ASN B 133 -98.39 -61.32 -55.05
C ASN B 133 -97.82 -62.42 -55.94
N GLY B 134 -96.83 -63.13 -55.41
CA GLY B 134 -96.24 -64.25 -56.11
C GLY B 134 -95.55 -63.89 -57.41
N VAL B 135 -95.17 -62.62 -57.58
CA VAL B 135 -94.48 -62.17 -58.78
C VAL B 135 -93.21 -61.47 -58.35
N LYS B 136 -92.06 -62.00 -58.78
CA LYS B 136 -90.77 -61.39 -58.49
C LYS B 136 -90.62 -60.19 -59.42
N VAL B 137 -91.21 -59.06 -58.99
CA VAL B 137 -91.35 -57.92 -59.89
C VAL B 137 -89.99 -57.35 -60.28
N LEU B 138 -89.08 -57.20 -59.32
CA LEU B 138 -87.75 -56.69 -59.62
C LEU B 138 -86.75 -57.84 -59.67
N SER B 139 -86.91 -58.70 -60.67
CA SER B 139 -86.09 -59.90 -60.75
C SER B 139 -85.53 -60.12 -62.15
N ASP B 140 -84.93 -61.30 -62.34
CA ASP B 140 -84.36 -61.64 -63.64
C ASP B 140 -85.44 -61.95 -64.67
N SER B 141 -86.54 -62.58 -64.24
CA SER B 141 -87.63 -62.95 -65.13
C SER B 141 -88.85 -62.13 -64.71
N ALA B 142 -88.99 -60.95 -65.29
CA ALA B 142 -90.08 -60.03 -64.97
C ALA B 142 -90.54 -59.36 -66.26
N LYS B 143 -91.55 -59.93 -66.88
CA LYS B 143 -92.12 -59.35 -68.09
C LYS B 143 -92.95 -58.13 -67.74
N PRO B 144 -93.11 -57.19 -68.68
CA PRO B 144 -94.01 -56.05 -68.44
C PRO B 144 -95.44 -56.51 -68.19
N LEU B 145 -96.11 -55.82 -67.29
CA LEU B 145 -97.46 -56.18 -66.88
C LEU B 145 -98.48 -55.59 -67.84
N THR B 146 -99.77 -55.79 -67.54
CA THR B 146 -100.86 -55.34 -68.39
C THR B 146 -101.63 -54.19 -67.75
N LEU B 147 -102.16 -54.38 -66.54
CA LEU B 147 -102.87 -53.34 -65.81
C LEU B 147 -104.05 -52.81 -66.62
N GLN B 148 -105.01 -53.70 -66.88
CA GLN B 148 -106.17 -53.33 -67.68
C GLN B 148 -106.99 -52.27 -66.95
N VAL B 149 -107.03 -51.06 -67.51
CA VAL B 149 -107.80 -49.95 -66.97
C VAL B 149 -108.87 -49.60 -67.99
N GLY B 150 -110.11 -49.51 -67.53
CA GLY B 150 -111.25 -49.25 -68.39
C GLY B 150 -111.92 -50.52 -68.88
N ALA B 151 -113.19 -50.39 -69.20
CA ALA B 151 -113.95 -51.47 -69.81
C ALA B 151 -113.61 -51.52 -71.30
N ASN B 152 -114.40 -52.27 -72.07
CA ASN B 152 -114.18 -52.40 -73.51
C ASN B 152 -112.78 -52.96 -73.79
N ASP B 153 -112.61 -54.22 -73.39
CA ASP B 153 -111.35 -54.94 -73.45
C ASP B 153 -110.52 -54.58 -74.67
N GLY B 154 -109.27 -54.22 -74.45
CA GLY B 154 -108.39 -53.84 -75.53
C GLY B 154 -107.40 -52.74 -75.21
N GLU B 155 -107.54 -52.11 -74.04
CA GLU B 155 -106.62 -51.07 -73.61
C GLU B 155 -106.05 -51.42 -72.25
N THR B 156 -104.75 -51.16 -72.07
CA THR B 156 -104.01 -51.56 -70.89
C THR B 156 -102.95 -50.50 -70.60
N ILE B 157 -102.02 -50.85 -69.71
CA ILE B 157 -100.89 -49.98 -69.35
C ILE B 157 -99.66 -50.86 -69.18
N THR B 158 -98.71 -50.76 -70.11
CA THR B 158 -97.49 -51.55 -70.03
C THR B 158 -96.62 -51.03 -68.89
N LEU B 159 -96.39 -51.87 -67.88
CA LEU B 159 -95.61 -51.42 -66.72
C LEU B 159 -94.12 -51.31 -67.05
N ASN B 160 -93.58 -52.29 -67.78
CA ASN B 160 -92.22 -52.25 -68.30
C ASN B 160 -91.20 -52.12 -67.16
N LEU B 161 -91.14 -53.17 -66.35
CA LEU B 161 -90.17 -53.27 -65.26
C LEU B 161 -89.44 -54.60 -65.37
N SER B 162 -88.12 -54.57 -65.17
CA SER B 162 -87.33 -55.80 -65.20
C SER B 162 -85.89 -55.55 -64.81
N GLU B 163 -85.30 -56.54 -64.13
CA GLU B 163 -83.87 -56.83 -64.16
C GLU B 163 -83.01 -55.66 -63.67
N ILE B 164 -83.11 -55.40 -62.37
CA ILE B 164 -82.04 -54.70 -61.65
C ILE B 164 -81.43 -55.70 -60.68
N SER B 165 -80.13 -55.96 -60.87
CA SER B 165 -79.37 -56.91 -60.08
C SER B 165 -77.93 -56.83 -60.54
N VAL B 166 -77.07 -57.59 -59.86
CA VAL B 166 -75.78 -57.90 -60.46
C VAL B 166 -76.02 -58.76 -61.70
N LYS B 167 -75.03 -58.76 -62.59
CA LYS B 167 -75.09 -59.48 -63.87
C LYS B 167 -76.00 -58.74 -64.86
N THR B 168 -76.68 -57.70 -64.40
CA THR B 168 -77.43 -56.83 -65.31
C THR B 168 -77.19 -55.35 -65.07
N LEU B 169 -76.74 -54.94 -63.88
CA LEU B 169 -76.22 -53.60 -63.72
C LEU B 169 -74.85 -53.46 -64.38
N GLY B 170 -74.27 -54.55 -64.84
CA GLY B 170 -73.02 -54.55 -65.57
C GLY B 170 -71.80 -54.87 -64.74
N LEU B 171 -71.90 -54.80 -63.42
CA LEU B 171 -70.73 -55.07 -62.59
C LEU B 171 -70.27 -56.51 -62.75
N ASP B 172 -71.04 -57.44 -62.19
CA ASP B 172 -70.94 -58.89 -62.43
C ASP B 172 -69.60 -59.44 -61.96
N GLY B 173 -68.63 -58.56 -61.74
CA GLY B 173 -67.30 -58.99 -61.35
C GLY B 173 -66.60 -57.94 -60.52
N PHE B 174 -67.38 -57.03 -59.93
CA PHE B 174 -66.82 -55.80 -59.38
C PHE B 174 -65.73 -56.09 -58.38
N ASN B 175 -64.49 -55.75 -58.72
CA ASN B 175 -63.33 -56.09 -57.92
C ASN B 175 -62.46 -54.86 -57.77
N VAL B 176 -61.97 -54.63 -56.55
CA VAL B 176 -61.16 -53.45 -56.28
C VAL B 176 -59.74 -53.88 -55.92
N ASN B 177 -59.61 -55.05 -55.29
CA ASN B 177 -58.28 -55.50 -54.90
C ASN B 177 -57.48 -55.97 -56.10
N GLY B 178 -57.92 -57.06 -56.75
CA GLY B 178 -57.15 -57.67 -57.81
C GLY B 178 -55.70 -57.82 -57.39
N LYS B 179 -54.77 -57.32 -58.19
CA LYS B 179 -53.43 -57.04 -57.69
C LYS B 179 -52.90 -55.74 -58.30
N GLY B 180 -53.71 -55.07 -59.11
CA GLY B 180 -53.28 -53.86 -59.79
C GLY B 180 -53.03 -54.09 -61.26
N VAL B 181 -51.99 -53.46 -61.79
CA VAL B 181 -51.58 -53.63 -63.17
C VAL B 181 -50.39 -54.58 -63.15
N THR B 182 -50.66 -55.86 -63.36
CA THR B 182 -49.63 -56.88 -63.22
C THR B 182 -48.57 -56.73 -64.30
N GLN B 183 -47.31 -56.80 -63.89
CA GLN B 183 -46.17 -56.69 -64.80
C GLN B 183 -45.58 -58.07 -65.06
N ASN B 184 -45.17 -58.30 -66.30
CA ASN B 184 -44.63 -59.58 -66.69
C ASN B 184 -43.19 -59.73 -66.19
N ARG B 185 -42.73 -60.97 -66.18
CA ARG B 185 -41.35 -61.28 -65.82
C ARG B 185 -40.52 -61.47 -67.08
N SER B 186 -39.24 -61.11 -66.99
CA SER B 186 -38.34 -61.18 -68.13
C SER B 186 -38.26 -62.60 -68.67
N ALA B 187 -38.77 -62.82 -69.88
CA ALA B 187 -38.67 -64.14 -70.49
C ALA B 187 -37.21 -64.46 -70.82
N THR B 188 -36.77 -65.65 -70.42
CA THR B 188 -35.38 -66.03 -70.54
C THR B 188 -35.25 -67.31 -71.35
N VAL B 189 -34.01 -67.74 -71.54
CA VAL B 189 -33.72 -68.91 -72.38
C VAL B 189 -34.37 -70.16 -71.80
N THR B 190 -34.52 -70.24 -70.48
CA THR B 190 -35.19 -71.38 -69.88
C THR B 190 -36.65 -71.45 -70.33
N ASP B 191 -37.37 -70.33 -70.27
CA ASP B 191 -38.75 -70.31 -70.71
C ASP B 191 -38.84 -70.51 -72.22
N VAL B 192 -37.88 -69.97 -72.97
CA VAL B 192 -37.88 -70.14 -74.41
C VAL B 192 -37.74 -71.61 -74.79
N ILE B 193 -36.73 -72.28 -74.22
CA ILE B 193 -36.52 -73.69 -74.52
C ILE B 193 -37.67 -74.54 -73.98
N ALA B 194 -38.35 -74.05 -72.93
CA ALA B 194 -39.51 -74.78 -72.43
C ALA B 194 -40.65 -74.77 -73.44
N GLN B 195 -40.82 -73.66 -74.17
CA GLN B 195 -41.93 -73.52 -75.11
C GLN B 195 -41.54 -73.99 -76.51
N GLY B 196 -41.03 -75.22 -76.60
CA GLY B 196 -40.67 -75.79 -77.88
C GLY B 196 -39.63 -75.02 -78.65
N GLY B 197 -38.83 -74.20 -77.97
CA GLY B 197 -37.83 -73.41 -78.65
C GLY B 197 -36.72 -74.29 -79.22
N THR B 198 -36.18 -73.86 -80.35
CA THR B 198 -35.09 -74.57 -81.02
C THR B 198 -33.87 -73.68 -81.06
N LEU B 199 -32.72 -74.24 -80.70
CA LEU B 199 -31.47 -73.49 -80.76
C LEU B 199 -31.11 -73.15 -82.19
N GLN B 200 -30.64 -71.92 -82.40
CA GLN B 200 -30.24 -71.46 -83.73
C GLN B 200 -28.82 -70.93 -83.78
N GLY B 201 -28.28 -70.42 -82.68
CA GLY B 201 -26.94 -69.88 -82.68
C GLY B 201 -26.47 -69.35 -81.35
N ASP B 202 -25.83 -68.17 -81.36
CA ASP B 202 -25.29 -67.56 -80.15
C ASP B 202 -26.43 -67.00 -79.31
N GLY B 203 -27.07 -67.90 -78.56
CA GLY B 203 -28.21 -67.50 -77.77
C GLY B 203 -29.41 -67.09 -78.59
N THR B 204 -29.43 -67.44 -79.86
CA THR B 204 -30.52 -67.09 -80.76
C THR B 204 -31.48 -68.26 -80.88
N TYR B 205 -32.74 -68.04 -80.55
CA TYR B 205 -33.75 -69.08 -80.58
C TYR B 205 -34.93 -68.61 -81.41
N LYS B 206 -35.49 -69.51 -82.21
CA LYS B 206 -36.63 -69.21 -83.08
C LYS B 206 -37.83 -69.96 -82.54
N ALA B 207 -38.72 -69.23 -81.87
CA ALA B 207 -39.98 -69.81 -81.40
C ALA B 207 -40.98 -69.85 -82.54
N THR B 208 -41.50 -71.03 -82.83
CA THR B 208 -42.41 -71.23 -83.95
C THR B 208 -43.72 -71.81 -83.46
N THR B 209 -44.80 -71.42 -84.12
CA THR B 209 -46.14 -71.87 -83.76
C THR B 209 -47.01 -72.01 -85.00
N THR B 210 -47.42 -73.24 -85.28
CA THR B 210 -48.25 -73.53 -86.45
C THR B 210 -49.70 -73.23 -86.15
N PHE B 211 -50.41 -72.72 -87.16
CA PHE B 211 -51.78 -72.24 -87.03
C PHE B 211 -52.72 -72.86 -88.06
N ASN B 212 -52.46 -74.10 -88.48
CA ASN B 212 -53.33 -74.72 -89.47
C ASN B 212 -54.75 -74.82 -88.93
N ALA B 213 -55.65 -74.03 -89.50
CA ALA B 213 -56.96 -73.82 -88.91
C ALA B 213 -57.92 -73.36 -90.01
N ALA B 214 -59.04 -72.74 -89.59
CA ALA B 214 -60.07 -72.26 -90.50
C ALA B 214 -60.78 -73.42 -91.21
N SER B 215 -61.29 -74.36 -90.40
CA SER B 215 -62.03 -75.49 -90.93
C SER B 215 -63.39 -75.05 -91.44
N ALA B 216 -64.19 -76.02 -91.88
CA ALA B 216 -65.50 -75.72 -92.44
C ALA B 216 -66.42 -75.08 -91.40
N GLU B 217 -66.43 -75.62 -90.18
CA GLU B 217 -67.30 -75.07 -89.14
C GLU B 217 -66.89 -73.66 -88.77
N THR B 218 -65.59 -73.43 -88.61
CA THR B 218 -65.09 -72.11 -88.23
C THR B 218 -65.36 -71.06 -89.30
N VAL B 219 -65.64 -71.47 -90.53
CA VAL B 219 -65.99 -70.53 -91.59
C VAL B 219 -67.49 -70.35 -91.68
N LEU B 220 -68.24 -71.45 -91.65
CA LEU B 220 -69.70 -71.36 -91.68
C LEU B 220 -70.26 -70.64 -90.47
N SER B 221 -69.48 -70.53 -89.39
CA SER B 221 -69.96 -69.81 -88.21
C SER B 221 -70.21 -68.34 -88.51
N LYS B 222 -69.43 -67.74 -89.41
CA LYS B 222 -69.54 -66.33 -89.75
C LYS B 222 -70.07 -66.13 -91.17
N LEU B 223 -71.04 -66.96 -91.56
CA LEU B 223 -71.57 -66.95 -92.92
C LEU B 223 -72.90 -66.22 -92.97
N GLU B 224 -73.01 -65.29 -93.93
CA GLU B 224 -74.27 -64.65 -94.24
C GLU B 224 -74.52 -64.55 -95.75
N ASP B 225 -73.53 -64.87 -96.57
CA ASP B 225 -73.63 -64.75 -98.02
C ASP B 225 -73.56 -66.14 -98.65
N GLY B 226 -73.46 -66.17 -99.97
CA GLY B 226 -73.48 -67.43 -100.70
C GLY B 226 -72.12 -68.08 -100.83
N ASN B 227 -72.12 -69.40 -100.80
CA ASN B 227 -70.92 -70.20 -100.99
C ASN B 227 -71.09 -71.08 -102.23
N THR B 228 -70.12 -71.95 -102.48
CA THR B 228 -70.15 -72.80 -103.66
C THR B 228 -69.51 -74.15 -103.33
N VAL B 229 -69.96 -75.18 -104.05
CA VAL B 229 -69.41 -76.52 -103.96
C VAL B 229 -69.20 -77.07 -105.36
N ALA B 230 -68.01 -77.58 -105.63
CA ALA B 230 -67.70 -78.19 -106.93
C ALA B 230 -66.86 -79.42 -106.69
N VAL B 231 -67.23 -80.52 -107.34
CA VAL B 231 -66.54 -81.80 -107.19
C VAL B 231 -65.50 -81.87 -108.30
N GLY B 232 -64.32 -81.31 -108.03
CA GLY B 232 -63.24 -81.36 -109.01
C GLY B 232 -63.62 -80.66 -110.29
N GLY B 233 -63.43 -81.36 -111.41
CA GLY B 233 -63.77 -80.81 -112.72
C GLY B 233 -65.18 -81.13 -113.16
N GLY B 234 -66.02 -81.54 -112.21
CA GLY B 234 -67.41 -81.87 -112.49
C GLY B 234 -68.33 -80.68 -112.34
N ALA B 235 -69.60 -80.97 -112.04
CA ALA B 235 -70.58 -79.92 -111.88
C ALA B 235 -70.30 -79.10 -110.62
N THR B 236 -70.87 -77.90 -110.59
CA THR B 236 -70.67 -76.97 -109.49
C THR B 236 -72.02 -76.50 -108.97
N TYR B 237 -72.15 -76.37 -107.65
CA TYR B 237 -73.38 -75.92 -107.02
C TYR B 237 -73.07 -74.81 -106.03
N THR B 238 -73.95 -73.82 -105.94
CA THR B 238 -73.80 -72.70 -105.05
C THR B 238 -75.00 -72.62 -104.12
N TYR B 239 -74.72 -72.37 -102.84
CA TYR B 239 -75.76 -72.25 -101.82
C TYR B 239 -75.66 -70.88 -101.16
N ASP B 240 -76.82 -70.35 -100.74
CA ASP B 240 -76.89 -69.04 -100.11
C ASP B 240 -77.64 -69.16 -98.80
N ALA B 241 -77.04 -68.65 -97.72
CA ALA B 241 -77.63 -68.71 -96.39
C ALA B 241 -78.42 -67.42 -96.14
N ALA B 242 -79.73 -67.49 -96.36
CA ALA B 242 -80.57 -66.31 -96.14
C ALA B 242 -80.81 -66.06 -94.66
N LYS B 243 -81.29 -67.08 -93.95
CA LYS B 243 -81.60 -66.97 -92.52
C LYS B 243 -80.88 -68.05 -91.71
N GLY B 244 -79.77 -68.57 -92.22
CA GLY B 244 -79.16 -69.76 -91.68
C GLY B 244 -79.62 -71.05 -92.34
N ASN B 245 -80.67 -70.98 -93.16
CA ASN B 245 -81.13 -72.11 -93.96
C ASN B 245 -80.74 -71.83 -95.41
N PHE B 246 -79.89 -72.67 -95.97
CA PHE B 246 -79.32 -72.41 -97.28
C PHE B 246 -80.34 -72.60 -98.39
N THR B 247 -80.16 -71.86 -99.48
CA THR B 247 -81.00 -71.96 -100.66
C THR B 247 -80.13 -72.21 -101.88
N TYR B 248 -80.65 -73.01 -102.81
CA TYR B 248 -79.93 -73.37 -104.02
C TYR B 248 -80.92 -74.04 -104.96
N THR B 249 -80.42 -74.39 -106.15
CA THR B 249 -81.22 -75.08 -107.16
C THR B 249 -80.50 -76.33 -107.62
N LYS B 250 -81.29 -77.36 -107.90
CA LYS B 250 -80.77 -78.59 -108.48
C LYS B 250 -81.72 -79.07 -109.56
N THR B 251 -81.18 -79.64 -110.62
CA THR B 251 -82.00 -80.13 -111.72
C THR B 251 -82.62 -81.48 -111.37
N VAL B 252 -83.87 -81.65 -111.74
CA VAL B 252 -84.57 -82.93 -111.64
C VAL B 252 -84.81 -83.43 -113.05
N ASP B 253 -84.22 -84.57 -113.39
CA ASP B 253 -84.29 -85.08 -114.76
C ASP B 253 -84.10 -86.59 -114.73
N THR B 254 -83.89 -87.17 -115.91
CA THR B 254 -83.75 -88.61 -116.07
C THR B 254 -82.64 -88.87 -117.08
N THR B 255 -82.58 -90.11 -117.57
CA THR B 255 -81.56 -90.50 -118.53
C THR B 255 -82.09 -90.85 -119.90
N VAL B 256 -83.39 -91.10 -120.05
CA VAL B 256 -83.98 -91.54 -121.31
C VAL B 256 -84.79 -90.38 -121.89
N GLY B 257 -84.36 -89.92 -123.08
CA GLY B 257 -85.12 -88.89 -123.77
C GLY B 257 -86.47 -89.38 -124.26
N ALA B 258 -86.58 -90.66 -124.62
CA ALA B 258 -87.81 -91.20 -125.17
C ALA B 258 -88.88 -91.42 -124.11
N ASP B 259 -88.50 -91.49 -122.84
CA ASP B 259 -89.46 -91.76 -121.77
C ASP B 259 -89.01 -91.07 -120.49
N VAL B 260 -89.82 -90.15 -120.00
CA VAL B 260 -89.48 -89.39 -118.80
C VAL B 260 -90.58 -89.55 -117.76
N THR B 261 -91.25 -90.71 -117.76
CA THR B 261 -92.22 -90.99 -116.71
C THR B 261 -91.56 -90.92 -115.33
N ALA B 262 -90.31 -91.31 -115.23
CA ALA B 262 -89.57 -91.18 -113.98
C ALA B 262 -89.41 -89.71 -113.60
N LEU B 263 -89.26 -88.82 -114.59
CA LEU B 263 -89.16 -87.40 -114.29
C LEU B 263 -90.44 -86.87 -113.65
N ALA B 264 -91.60 -87.23 -114.21
CA ALA B 264 -92.86 -86.83 -113.62
C ALA B 264 -93.04 -87.44 -112.24
N ASN B 265 -92.66 -88.70 -112.08
CA ASN B 265 -92.77 -89.35 -110.77
C ASN B 265 -91.73 -88.85 -109.79
N LYS B 266 -90.74 -88.10 -110.24
CA LYS B 266 -89.82 -87.40 -109.36
C LYS B 266 -90.37 -86.04 -108.94
N ILE B 267 -91.03 -85.35 -109.87
CA ILE B 267 -91.62 -84.06 -109.54
C ILE B 267 -92.81 -84.25 -108.60
N LYS B 268 -93.60 -85.31 -108.81
CA LYS B 268 -94.84 -85.48 -108.05
C LYS B 268 -94.62 -85.49 -106.54
N PRO B 269 -93.67 -86.24 -105.97
CA PRO B 269 -93.50 -86.18 -104.51
C PRO B 269 -93.13 -84.79 -104.00
N SER B 270 -92.41 -83.99 -104.79
CA SER B 270 -92.11 -82.63 -104.38
C SER B 270 -93.37 -81.81 -104.19
N SER B 271 -94.33 -81.95 -105.11
CA SER B 271 -95.61 -81.27 -104.96
C SER B 271 -96.39 -81.82 -103.76
N GLY B 272 -96.35 -83.12 -103.57
CA GLY B 272 -97.11 -83.75 -102.50
C GLY B 272 -98.23 -84.61 -103.03
N THR B 273 -99.30 -84.78 -102.24
CA THR B 273 -100.44 -85.59 -102.64
C THR B 273 -101.68 -84.74 -102.88
N ILE B 274 -102.12 -83.99 -101.87
CA ILE B 274 -103.31 -83.15 -101.98
C ILE B 274 -102.98 -81.78 -101.39
N SER B 275 -103.22 -80.73 -102.16
CA SER B 275 -103.02 -79.36 -101.69
C SER B 275 -104.08 -78.47 -102.34
N GLY B 276 -103.91 -77.16 -102.18
CA GLY B 276 -104.89 -76.21 -102.68
C GLY B 276 -104.44 -75.41 -103.88
N SER B 277 -104.08 -74.15 -103.66
CA SER B 277 -103.75 -73.26 -104.76
C SER B 277 -102.42 -73.64 -105.39
N TYR B 278 -102.40 -73.67 -106.72
CA TYR B 278 -101.20 -73.89 -107.51
C TYR B 278 -101.04 -72.76 -108.52
N GLU B 279 -99.95 -72.81 -109.29
CA GLU B 279 -99.70 -71.85 -110.37
C GLU B 279 -99.06 -72.59 -111.53
N ILE B 280 -99.84 -72.85 -112.58
CA ILE B 280 -99.35 -73.53 -113.77
C ILE B 280 -99.12 -72.49 -114.86
N SER B 281 -97.90 -72.44 -115.37
CA SER B 281 -97.50 -71.47 -116.38
C SER B 281 -97.14 -72.18 -117.69
N THR B 282 -97.93 -73.16 -118.07
CA THR B 282 -97.68 -73.90 -119.30
C THR B 282 -97.86 -72.99 -120.52
N GLY B 283 -97.22 -73.39 -121.62
CA GLY B 283 -97.25 -72.58 -122.81
C GLY B 283 -96.39 -71.35 -122.67
N LYS B 284 -97.00 -70.17 -122.64
CA LYS B 284 -96.27 -68.93 -122.47
C LYS B 284 -96.65 -68.17 -121.21
N SER B 285 -97.93 -67.87 -121.02
CA SER B 285 -98.39 -67.04 -119.90
C SER B 285 -99.68 -67.58 -119.33
N ALA B 286 -99.74 -68.90 -119.11
CA ALA B 286 -100.95 -69.49 -118.54
C ALA B 286 -101.23 -68.93 -117.16
N SER B 287 -100.34 -69.19 -116.20
CA SER B 287 -100.40 -68.60 -114.86
C SER B 287 -101.75 -68.85 -114.19
N PHE B 288 -102.25 -70.06 -114.32
CA PHE B 288 -103.52 -70.42 -113.71
C PHE B 288 -103.39 -70.52 -112.19
N ASP B 289 -104.53 -70.66 -111.52
CA ASP B 289 -104.61 -70.89 -110.08
C ASP B 289 -105.58 -72.05 -109.88
N VAL B 290 -105.05 -73.26 -109.81
CA VAL B 290 -105.85 -74.45 -109.84
C VAL B 290 -105.93 -75.06 -108.44
N ASP B 291 -106.81 -76.04 -108.28
CA ASP B 291 -106.99 -76.80 -107.03
C ASP B 291 -106.87 -78.28 -107.39
N ALA B 292 -105.66 -78.81 -107.30
CA ALA B 292 -105.38 -80.17 -107.73
C ALA B 292 -105.48 -81.12 -106.55
N ALA B 293 -106.64 -81.76 -106.41
CA ALA B 293 -106.87 -82.83 -105.44
C ALA B 293 -107.18 -84.08 -106.25
N GLY B 294 -106.13 -84.78 -106.66
CA GLY B 294 -106.29 -85.85 -107.64
C GLY B 294 -106.32 -85.27 -109.03
N LYS B 295 -107.50 -85.22 -109.63
CA LYS B 295 -107.67 -84.51 -110.89
C LYS B 295 -107.52 -83.01 -110.67
N ILE B 296 -106.87 -82.33 -111.61
CA ILE B 296 -106.61 -80.90 -111.48
C ILE B 296 -107.87 -80.13 -111.87
N THR B 297 -108.30 -79.22 -110.99
CA THR B 297 -109.47 -78.39 -111.23
C THR B 297 -109.14 -76.94 -110.89
N ILE B 298 -109.95 -76.03 -111.41
CA ILE B 298 -109.82 -74.61 -111.15
C ILE B 298 -110.89 -74.23 -110.14
N GLY B 299 -110.73 -73.06 -109.51
CA GLY B 299 -111.70 -72.61 -108.55
C GLY B 299 -113.09 -72.50 -109.15
N GLY B 300 -113.97 -73.42 -108.77
CA GLY B 300 -115.33 -73.45 -109.27
C GLY B 300 -115.54 -74.15 -110.60
N ASN B 301 -114.52 -74.80 -111.16
CA ASN B 301 -114.69 -75.46 -112.44
C ASN B 301 -113.61 -76.53 -112.61
N ALA B 302 -113.81 -77.38 -113.62
CA ALA B 302 -112.86 -78.41 -113.99
C ALA B 302 -112.18 -78.04 -115.30
N ALA B 303 -110.86 -78.20 -115.34
CA ALA B 303 -110.05 -77.77 -116.48
C ALA B 303 -109.52 -78.97 -117.24
N PHE B 304 -109.69 -78.96 -118.56
CA PHE B 304 -109.13 -79.97 -119.44
C PHE B 304 -107.79 -79.47 -119.99
N LEU B 305 -107.22 -80.21 -120.94
CA LEU B 305 -105.90 -79.90 -121.46
C LEU B 305 -105.89 -80.07 -122.97
N ASN B 306 -105.52 -79.00 -123.68
CA ASN B 306 -105.33 -79.04 -125.12
C ASN B 306 -103.86 -79.31 -125.41
N ALA B 307 -103.60 -80.20 -126.37
CA ALA B 307 -102.26 -80.76 -126.54
C ALA B 307 -101.86 -80.80 -128.01
N ASP B 308 -100.58 -81.14 -128.21
CA ASP B 308 -99.97 -81.53 -129.48
C ASP B 308 -99.74 -80.36 -130.44
N GLY B 309 -100.26 -79.18 -130.12
CA GLY B 309 -99.79 -77.98 -130.77
C GLY B 309 -98.94 -77.18 -129.80
N GLU B 310 -99.51 -76.96 -128.62
CA GLU B 310 -98.81 -76.37 -127.48
C GLU B 310 -99.66 -76.69 -126.26
N LEU B 311 -99.10 -77.46 -125.32
CA LEU B 311 -99.91 -78.04 -124.26
C LEU B 311 -100.31 -76.95 -123.28
N THR B 312 -101.55 -76.48 -123.42
CA THR B 312 -102.12 -75.48 -122.54
C THR B 312 -103.33 -76.06 -121.81
N THR B 313 -103.62 -75.49 -120.65
CA THR B 313 -104.76 -75.90 -119.83
C THR B 313 -105.92 -74.94 -120.08
N ASN B 314 -107.08 -75.49 -120.42
CA ASN B 314 -108.26 -74.67 -120.65
C ASN B 314 -109.49 -75.43 -120.18
N ASP B 315 -110.40 -74.71 -119.52
CA ASP B 315 -111.63 -75.32 -119.02
C ASP B 315 -112.57 -75.74 -120.15
N ALA B 316 -112.51 -75.08 -121.30
CA ALA B 316 -113.39 -75.40 -122.42
C ALA B 316 -112.92 -76.70 -123.06
N SER B 317 -113.76 -77.73 -122.98
CA SER B 317 -113.37 -79.04 -123.49
C SER B 317 -113.20 -79.01 -125.00
N GLY B 318 -112.21 -79.77 -125.48
CA GLY B 318 -111.98 -79.95 -126.89
C GLY B 318 -112.30 -81.36 -127.33
N ALA B 319 -112.05 -81.63 -128.61
CA ALA B 319 -112.33 -82.95 -129.16
C ALA B 319 -111.41 -84.02 -128.61
N LEU B 320 -110.16 -83.66 -128.29
CA LEU B 320 -109.14 -84.61 -127.86
C LEU B 320 -108.48 -84.15 -126.57
N THR B 321 -109.28 -83.73 -125.59
CA THR B 321 -108.76 -83.17 -124.35
C THR B 321 -108.94 -84.14 -123.19
N GLN B 322 -108.02 -84.03 -122.22
CA GLN B 322 -108.06 -84.84 -121.01
C GLN B 322 -107.79 -83.93 -119.81
N ALA B 323 -108.20 -84.39 -118.64
CA ALA B 323 -108.10 -83.60 -117.41
C ALA B 323 -107.54 -84.47 -116.28
N THR B 324 -106.29 -84.23 -115.91
CA THR B 324 -105.69 -84.85 -114.73
C THR B 324 -104.39 -84.14 -114.41
N LEU B 325 -103.90 -84.39 -113.19
CA LEU B 325 -102.63 -83.79 -112.76
C LEU B 325 -101.46 -84.35 -113.55
N ASP B 326 -101.51 -85.64 -113.89
CA ASP B 326 -100.40 -86.27 -114.60
C ASP B 326 -100.18 -85.63 -115.95
N ASP B 327 -101.27 -85.31 -116.67
CA ASP B 327 -101.14 -84.68 -117.98
C ASP B 327 -100.52 -83.29 -117.84
N VAL B 328 -100.93 -82.52 -116.83
CA VAL B 328 -100.35 -81.20 -116.62
C VAL B 328 -98.86 -81.31 -116.30
N LEU B 329 -98.51 -82.27 -115.44
CA LEU B 329 -97.10 -82.47 -115.11
C LEU B 329 -96.29 -82.87 -116.33
N THR B 330 -96.85 -83.74 -117.18
CA THR B 330 -96.17 -84.11 -118.41
C THR B 330 -96.00 -82.91 -119.33
N SER B 331 -97.03 -82.08 -119.44
CA SER B 331 -96.92 -80.86 -120.25
C SER B 331 -95.80 -79.98 -119.75
N VAL B 332 -95.71 -79.78 -118.44
CA VAL B 332 -94.65 -78.95 -117.88
C VAL B 332 -93.29 -79.60 -118.12
N GLY B 333 -93.22 -80.91 -118.03
CA GLY B 333 -91.94 -81.61 -118.13
C GLY B 333 -91.53 -82.02 -119.52
N THR B 334 -92.51 -82.41 -120.36
CA THR B 334 -92.22 -82.96 -121.67
C THR B 334 -92.47 -81.97 -122.80
N GLU B 335 -93.67 -81.38 -122.86
CA GLU B 335 -94.06 -80.51 -123.97
C GLU B 335 -94.02 -79.04 -123.58
N ALA B 336 -93.17 -78.68 -122.62
CA ALA B 336 -93.06 -77.27 -122.21
C ALA B 336 -92.58 -76.40 -123.36
N ASN B 337 -91.46 -76.77 -123.98
CA ASN B 337 -90.88 -76.08 -125.12
C ASN B 337 -90.61 -74.60 -124.81
N SER B 338 -90.58 -74.23 -123.54
CA SER B 338 -90.37 -72.84 -123.14
C SER B 338 -90.16 -72.83 -121.63
N SER B 339 -90.08 -71.62 -121.07
CA SER B 339 -89.94 -71.43 -119.63
C SER B 339 -91.29 -71.71 -118.98
N VAL B 340 -91.56 -72.99 -118.75
CA VAL B 340 -92.81 -73.46 -118.15
C VAL B 340 -92.51 -73.94 -116.74
N THR B 341 -93.29 -73.47 -115.77
CA THR B 341 -93.06 -73.78 -114.38
C THR B 341 -94.38 -74.09 -113.69
N ILE B 342 -94.28 -74.78 -112.56
CA ILE B 342 -95.40 -75.01 -111.67
C ILE B 342 -95.14 -74.22 -110.41
N GLY B 343 -95.95 -73.18 -110.18
CA GLY B 343 -95.75 -72.29 -109.05
C GLY B 343 -96.42 -72.72 -107.77
N GLY B 344 -97.00 -73.92 -107.73
CA GLY B 344 -97.71 -74.35 -106.56
C GLY B 344 -96.80 -74.76 -105.42
N THR B 345 -97.37 -74.74 -104.21
CA THR B 345 -96.67 -75.11 -102.98
C THR B 345 -95.37 -74.31 -102.81
N LYS B 346 -95.44 -73.02 -103.16
CA LYS B 346 -94.33 -72.09 -102.94
C LYS B 346 -93.06 -72.54 -103.66
N TYR B 347 -93.20 -73.27 -104.74
CA TYR B 347 -92.09 -73.74 -105.54
C TYR B 347 -92.19 -73.20 -106.96
N SER B 348 -91.17 -73.47 -107.77
CA SER B 348 -91.20 -73.11 -109.19
C SER B 348 -90.38 -74.15 -109.93
N HIS B 349 -91.05 -75.19 -110.41
CA HIS B 349 -90.40 -76.27 -111.17
C HIS B 349 -90.30 -75.84 -112.63
N SER B 350 -89.44 -74.87 -112.87
CA SER B 350 -89.26 -74.35 -114.21
C SER B 350 -88.64 -75.40 -115.12
N ALA B 351 -89.16 -75.50 -116.33
CA ALA B 351 -88.64 -76.43 -117.34
C ALA B 351 -87.47 -75.75 -118.05
N ALA B 352 -86.28 -75.89 -117.47
CA ALA B 352 -85.10 -75.30 -118.09
C ALA B 352 -84.84 -75.89 -119.47
N ASP B 353 -84.99 -77.21 -119.60
CA ASP B 353 -84.89 -77.88 -120.90
C ASP B 353 -86.11 -78.76 -121.09
N GLU B 354 -86.78 -78.62 -122.23
CA GLU B 354 -87.93 -79.42 -122.53
C GLU B 354 -87.50 -80.78 -123.10
N LEU B 355 -88.48 -81.66 -123.29
CA LEU B 355 -88.24 -82.98 -123.86
C LEU B 355 -88.53 -82.92 -125.35
N SER B 356 -87.48 -82.97 -126.15
CA SER B 356 -87.60 -83.16 -127.60
C SER B 356 -87.80 -84.62 -127.97
N TYR B 357 -87.98 -85.49 -126.97
CA TYR B 357 -88.06 -86.95 -127.09
C TYR B 357 -86.76 -87.56 -127.58
N THR B 358 -85.71 -86.76 -127.75
CA THR B 358 -84.36 -87.24 -128.00
C THR B 358 -83.41 -86.85 -126.88
N ALA B 359 -83.40 -85.57 -126.51
CA ALA B 359 -82.61 -85.08 -125.38
C ALA B 359 -83.48 -85.02 -124.14
N VAL B 360 -82.92 -85.45 -123.02
CA VAL B 360 -83.70 -85.55 -121.78
C VAL B 360 -84.08 -84.17 -121.29
N ALA B 361 -85.31 -84.02 -120.80
CA ALA B 361 -85.82 -82.76 -120.33
C ALA B 361 -85.25 -82.40 -118.96
N THR B 362 -85.33 -81.12 -118.63
CA THR B 362 -84.88 -80.60 -117.35
C THR B 362 -86.00 -79.80 -116.71
N THR B 363 -86.28 -80.07 -115.43
CA THR B 363 -87.29 -79.38 -114.66
C THR B 363 -86.68 -78.83 -113.38
N ALA B 364 -85.55 -78.15 -113.53
CA ALA B 364 -84.81 -77.64 -112.38
C ALA B 364 -85.68 -76.71 -111.53
N ASP B 365 -85.57 -76.87 -110.22
CA ASP B 365 -86.30 -76.06 -109.26
C ASP B 365 -85.36 -75.64 -108.14
N VAL B 366 -85.65 -74.50 -107.53
CA VAL B 366 -84.96 -74.07 -106.32
C VAL B 366 -85.61 -74.80 -105.16
N LEU B 367 -85.01 -75.93 -104.74
CA LEU B 367 -85.61 -76.73 -103.68
C LEU B 367 -85.23 -76.25 -102.29
N SER B 368 -83.95 -75.92 -102.08
CA SER B 368 -83.40 -75.56 -100.77
C SER B 368 -83.60 -76.67 -99.74
N ALA B 369 -83.85 -77.89 -100.20
CA ALA B 369 -84.04 -79.01 -99.28
C ALA B 369 -82.77 -79.34 -98.51
N MET B 370 -81.62 -78.89 -99.00
CA MET B 370 -80.33 -79.07 -98.34
C MET B 370 -79.99 -77.87 -97.46
N GLY B 371 -81.02 -77.16 -97.00
CA GLY B 371 -80.84 -75.84 -96.42
C GLY B 371 -80.11 -75.81 -95.09
N SER B 372 -80.29 -76.84 -94.26
CA SER B 372 -79.77 -76.81 -92.90
C SER B 372 -78.27 -76.58 -92.90
N SER B 373 -77.82 -75.62 -92.08
CA SER B 373 -76.41 -75.27 -92.05
C SER B 373 -75.55 -76.44 -91.58
N THR B 374 -76.04 -77.18 -90.59
CA THR B 374 -75.32 -78.38 -90.16
C THR B 374 -75.26 -79.41 -91.28
N ALA B 375 -76.35 -79.54 -92.04
CA ALA B 375 -76.34 -80.45 -93.18
C ALA B 375 -75.29 -80.02 -94.21
N VAL B 376 -75.20 -78.72 -94.48
CA VAL B 376 -74.20 -78.24 -95.42
C VAL B 376 -72.79 -78.50 -94.89
N SER B 377 -72.59 -78.31 -93.59
CA SER B 377 -71.30 -78.63 -93.00
C SER B 377 -70.95 -80.10 -93.18
N THR B 378 -71.94 -80.98 -93.02
CA THR B 378 -71.68 -82.41 -93.21
C THR B 378 -71.34 -82.72 -94.66
N VAL B 379 -72.08 -82.14 -95.61
CA VAL B 379 -71.84 -82.47 -97.01
C VAL B 379 -70.49 -81.93 -97.46
N THR B 380 -70.09 -80.77 -96.95
CA THR B 380 -68.78 -80.24 -97.32
C THR B 380 -67.64 -80.87 -96.52
N LEU B 381 -67.96 -81.57 -95.42
CA LEU B 381 -66.95 -82.30 -94.67
C LEU B 381 -66.68 -83.67 -95.25
N GLY B 382 -67.73 -84.39 -95.65
CA GLY B 382 -67.58 -85.73 -96.19
C GLY B 382 -67.65 -85.79 -97.70
N SER B 383 -67.40 -84.67 -98.36
CA SER B 383 -67.45 -84.63 -99.82
C SER B 383 -66.28 -85.42 -100.41
N GLY B 384 -66.38 -85.68 -101.70
CA GLY B 384 -65.34 -86.41 -102.41
C GLY B 384 -64.16 -85.52 -102.77
N ILE B 385 -63.66 -85.64 -104.00
CA ILE B 385 -62.60 -84.76 -104.48
C ILE B 385 -63.22 -83.45 -104.93
N THR B 386 -63.31 -82.49 -104.01
CA THR B 386 -64.02 -81.24 -104.24
C THR B 386 -63.11 -80.05 -103.99
N SER B 387 -63.61 -78.88 -104.37
CA SER B 387 -62.91 -77.61 -104.16
C SER B 387 -63.89 -76.54 -103.70
N ALA B 388 -64.77 -76.89 -102.77
CA ALA B 388 -65.83 -75.99 -102.35
C ALA B 388 -65.26 -74.74 -101.69
N ALA B 389 -65.93 -73.61 -101.93
CA ALA B 389 -65.47 -72.31 -101.45
C ALA B 389 -66.63 -71.53 -100.85
N VAL B 390 -66.28 -70.59 -99.98
CA VAL B 390 -67.25 -69.77 -99.25
C VAL B 390 -66.96 -68.30 -99.51
N THR B 391 -67.99 -67.56 -99.94
CA THR B 391 -67.97 -66.11 -99.97
C THR B 391 -68.85 -65.62 -98.82
N PHE B 392 -68.28 -64.83 -97.92
CA PHE B 392 -68.97 -64.56 -96.66
C PHE B 392 -68.87 -63.11 -96.20
N ALA B 393 -68.65 -62.16 -97.11
CA ALA B 393 -68.51 -60.77 -96.68
C ALA B 393 -69.03 -59.85 -97.77
N ILE B 394 -69.29 -58.60 -97.38
CA ILE B 394 -69.74 -57.59 -98.33
C ILE B 394 -68.61 -57.31 -99.34
N ALA B 395 -69.02 -56.85 -100.53
CA ALA B 395 -68.05 -56.62 -101.60
C ALA B 395 -66.94 -55.67 -101.19
N THR B 396 -67.21 -54.78 -100.25
CA THR B 396 -66.16 -53.89 -99.75
C THR B 396 -65.10 -54.65 -98.98
N THR B 397 -65.47 -55.74 -98.31
CA THR B 397 -64.54 -56.54 -97.52
C THR B 397 -64.62 -58.02 -97.87
N ASP B 398 -65.03 -58.35 -99.09
CA ASP B 398 -65.28 -59.74 -99.46
C ASP B 398 -63.99 -60.55 -99.48
N SER B 399 -64.13 -61.85 -99.22
CA SER B 399 -63.01 -62.79 -99.30
C SER B 399 -63.56 -64.16 -99.61
N ASN B 400 -62.69 -65.03 -100.11
CA ASN B 400 -63.07 -66.38 -100.51
C ASN B 400 -62.15 -67.38 -99.81
N ASN B 401 -62.74 -68.48 -99.35
CA ASN B 401 -62.01 -69.51 -98.62
C ASN B 401 -62.10 -70.82 -99.40
N THR B 402 -60.94 -71.36 -99.79
CA THR B 402 -60.86 -72.62 -100.50
C THR B 402 -60.12 -73.63 -99.63
N TRP B 403 -60.72 -74.81 -99.45
CA TRP B 403 -60.23 -75.80 -98.51
C TRP B 403 -60.11 -77.17 -99.17
N VAL B 404 -59.70 -78.14 -98.36
CA VAL B 404 -59.40 -79.49 -98.83
C VAL B 404 -60.67 -80.15 -99.38
N ASP B 405 -60.47 -81.19 -100.19
CA ASP B 405 -61.60 -81.88 -100.80
C ASP B 405 -62.53 -82.49 -99.74
N ASN B 406 -61.97 -83.08 -98.68
CA ASN B 406 -62.79 -83.78 -97.71
C ASN B 406 -62.36 -83.49 -96.27
N LYS B 407 -61.88 -82.28 -96.00
CA LYS B 407 -61.46 -81.96 -94.65
C LYS B 407 -62.09 -80.67 -94.13
N GLY B 408 -62.36 -79.74 -95.03
CA GLY B 408 -62.84 -78.43 -94.63
C GLY B 408 -61.74 -77.46 -94.25
N GLU B 409 -60.49 -77.90 -94.19
CA GLU B 409 -59.39 -77.08 -93.71
C GLU B 409 -58.82 -76.22 -94.84
N LEU B 410 -58.76 -74.92 -94.62
CA LEU B 410 -58.13 -74.02 -95.58
C LEU B 410 -56.62 -74.27 -95.58
N THR B 411 -56.11 -74.81 -96.68
CA THR B 411 -54.67 -75.07 -96.76
C THR B 411 -53.87 -73.79 -96.75
N ASP B 412 -54.29 -72.79 -97.53
CA ASP B 412 -53.54 -71.56 -97.70
C ASP B 412 -54.00 -70.43 -96.78
N ILE B 413 -55.03 -70.63 -95.98
CA ILE B 413 -55.52 -69.62 -95.04
C ILE B 413 -55.54 -70.22 -93.65
N GLN B 414 -54.95 -69.52 -92.70
CA GLN B 414 -54.86 -69.96 -91.32
C GLN B 414 -55.51 -68.93 -90.41
N THR B 415 -55.41 -69.16 -89.10
CA THR B 415 -55.93 -68.24 -88.10
C THR B 415 -54.84 -67.98 -87.06
N PHE B 416 -54.65 -66.72 -86.71
CA PHE B 416 -53.80 -66.40 -85.57
C PHE B 416 -54.59 -66.65 -84.28
N ASP B 417 -54.06 -66.19 -83.16
CA ASP B 417 -54.80 -66.25 -81.92
C ASP B 417 -56.06 -65.39 -81.94
N THR B 418 -56.20 -64.49 -82.91
CA THR B 418 -57.31 -63.56 -82.95
C THR B 418 -58.18 -63.70 -84.19
N SER B 419 -57.60 -63.73 -85.39
CA SER B 419 -58.38 -63.59 -86.60
C SER B 419 -57.76 -64.41 -87.73
N TYR B 420 -58.40 -64.35 -88.89
CA TYR B 420 -57.97 -65.12 -90.06
C TYR B 420 -56.80 -64.42 -90.73
N LYS B 421 -55.73 -65.17 -90.99
CA LYS B 421 -54.55 -64.64 -91.66
C LYS B 421 -53.98 -65.70 -92.60
N ILE B 422 -53.20 -65.23 -93.57
CA ILE B 422 -52.65 -66.10 -94.59
C ILE B 422 -51.27 -66.61 -94.19
N ASN B 423 -50.90 -66.41 -92.92
CA ASN B 423 -49.61 -66.86 -92.40
C ASN B 423 -49.82 -68.10 -91.53
N ALA B 424 -49.20 -69.21 -91.93
CA ALA B 424 -49.36 -70.45 -91.18
C ALA B 424 -48.59 -70.43 -89.87
N ASP B 425 -47.43 -69.77 -89.85
CA ASP B 425 -46.57 -69.76 -88.67
C ASP B 425 -45.87 -68.42 -88.60
N THR B 426 -46.06 -67.71 -87.48
CA THR B 426 -45.35 -66.45 -87.27
C THR B 426 -43.84 -66.67 -87.17
N GLY B 427 -43.43 -67.59 -86.30
CA GLY B 427 -42.02 -67.96 -86.21
C GLY B 427 -41.07 -66.83 -85.88
N GLU B 428 -41.41 -66.01 -84.90
CA GLU B 428 -40.50 -64.95 -84.48
C GLU B 428 -39.26 -65.54 -83.84
N VAL B 429 -38.16 -64.78 -83.91
CA VAL B 429 -36.85 -65.24 -83.45
C VAL B 429 -36.44 -64.40 -82.25
N THR B 430 -36.06 -65.06 -81.17
CA THR B 430 -35.65 -64.39 -79.94
C THR B 430 -34.18 -64.68 -79.67
N VAL B 431 -33.41 -63.63 -79.38
CA VAL B 431 -31.99 -63.74 -79.06
C VAL B 431 -31.82 -63.54 -77.56
N VAL B 432 -31.00 -64.39 -76.94
CA VAL B 432 -30.79 -64.39 -75.51
C VAL B 432 -29.42 -63.80 -75.22
N GLY B 433 -29.38 -62.78 -74.35
CA GLY B 433 -28.11 -62.21 -73.95
C GLY B 433 -27.26 -63.22 -73.20
N ASP B 434 -25.94 -63.08 -73.36
CA ASP B 434 -25.03 -64.01 -72.73
C ASP B 434 -24.67 -63.58 -71.30
N ASN B 435 -24.19 -62.35 -71.16
CA ASN B 435 -23.81 -61.82 -69.84
C ASN B 435 -25.01 -61.43 -69.00
N SER B 436 -26.20 -61.36 -69.59
CA SER B 436 -27.41 -61.01 -68.88
C SER B 436 -28.52 -61.98 -69.25
N ALA B 437 -29.34 -62.34 -68.27
CA ALA B 437 -30.38 -63.34 -68.50
C ALA B 437 -31.47 -62.86 -69.44
N THR B 438 -31.58 -61.55 -69.68
CA THR B 438 -32.63 -61.03 -70.53
C THR B 438 -32.45 -61.51 -71.97
N ALA B 439 -33.57 -61.68 -72.66
CA ALA B 439 -33.59 -62.13 -74.04
C ALA B 439 -34.14 -61.03 -74.93
N GLY B 440 -33.39 -60.70 -75.98
CA GLY B 440 -33.83 -59.70 -76.94
C GLY B 440 -34.71 -60.32 -78.02
N GLN B 441 -35.08 -59.48 -78.98
CA GLN B 441 -35.90 -59.89 -80.11
C GLN B 441 -35.09 -59.77 -81.40
N TYR B 442 -34.94 -60.88 -82.11
CA TYR B 442 -34.28 -60.87 -83.41
C TYR B 442 -35.36 -60.81 -84.50
N ALA B 443 -36.04 -59.67 -84.53
CA ALA B 443 -37.18 -59.46 -85.43
C ALA B 443 -37.36 -57.96 -85.61
N SER B 444 -38.52 -57.56 -86.14
CA SER B 444 -38.80 -56.14 -86.34
C SER B 444 -38.81 -55.36 -85.03
N ALA B 445 -39.09 -56.04 -83.91
CA ALA B 445 -38.96 -55.38 -82.60
C ALA B 445 -37.51 -54.98 -82.35
N ASP B 446 -36.58 -55.90 -82.63
CA ASP B 446 -35.14 -55.62 -82.70
C ASP B 446 -34.63 -54.98 -81.41
N GLY B 447 -34.69 -55.76 -80.33
CA GLY B 447 -34.09 -55.39 -79.06
C GLY B 447 -35.07 -55.15 -77.94
N ALA B 448 -36.38 -55.10 -78.22
CA ALA B 448 -37.35 -54.98 -77.16
C ALA B 448 -37.33 -56.23 -76.28
N LYS B 449 -37.06 -56.05 -74.99
CA LYS B 449 -36.94 -57.17 -74.08
C LYS B 449 -38.23 -57.98 -74.04
N VAL B 450 -38.11 -59.29 -74.16
CA VAL B 450 -39.26 -60.19 -74.19
C VAL B 450 -39.63 -60.58 -72.77
N LEU B 451 -40.93 -60.71 -72.52
CA LEU B 451 -41.42 -61.05 -71.19
C LEU B 451 -42.50 -62.11 -71.32
N VAL B 452 -42.67 -62.90 -70.26
CA VAL B 452 -43.72 -63.90 -70.17
C VAL B 452 -44.90 -63.29 -69.45
N GLY B 453 -46.04 -63.21 -70.13
CA GLY B 453 -47.22 -62.60 -69.57
C GLY B 453 -47.92 -63.52 -68.57
N SER B 454 -48.96 -62.97 -67.95
CA SER B 454 -49.77 -63.72 -66.99
C SER B 454 -50.47 -64.86 -67.73
N ASP B 455 -50.01 -66.09 -67.52
CA ASP B 455 -50.51 -67.28 -68.20
C ASP B 455 -50.36 -67.18 -69.72
N GLY B 456 -49.56 -66.23 -70.19
CA GLY B 456 -49.27 -66.11 -71.61
C GLY B 456 -47.95 -66.77 -71.95
N LYS B 457 -47.80 -67.14 -73.22
CA LYS B 457 -46.58 -67.80 -73.66
C LYS B 457 -45.37 -66.88 -73.49
N LEU B 458 -45.33 -65.77 -74.21
CA LEU B 458 -44.31 -64.76 -74.08
C LEU B 458 -44.72 -63.54 -74.89
N THR B 459 -44.55 -62.36 -74.30
CA THR B 459 -44.98 -61.11 -74.91
C THR B 459 -43.80 -60.13 -74.95
N THR B 460 -44.05 -58.95 -75.51
CA THR B 460 -43.01 -57.95 -75.65
C THR B 460 -43.13 -56.81 -74.65
N GLU B 461 -44.35 -56.37 -74.32
CA GLU B 461 -44.54 -55.29 -73.37
C GLU B 461 -44.56 -55.80 -71.95
N THR B 462 -44.01 -55.00 -71.03
CA THR B 462 -43.61 -55.46 -69.71
C THR B 462 -44.78 -55.69 -68.77
N THR B 463 -45.98 -55.24 -69.10
CA THR B 463 -47.11 -55.40 -68.18
C THR B 463 -48.20 -56.25 -68.82
N SER B 464 -49.34 -56.35 -68.15
CA SER B 464 -50.50 -57.02 -68.71
C SER B 464 -51.71 -56.62 -67.87
N ALA B 465 -52.89 -56.96 -68.38
CA ALA B 465 -54.13 -56.56 -67.72
C ALA B 465 -54.24 -57.23 -66.35
N GLY B 466 -54.72 -56.46 -65.37
CA GLY B 466 -54.91 -56.96 -64.02
C GLY B 466 -56.23 -57.67 -63.88
N ASP B 467 -56.63 -57.88 -62.62
CA ASP B 467 -57.86 -58.58 -62.31
C ASP B 467 -58.91 -57.71 -61.64
N LYS B 468 -58.56 -56.52 -61.12
CA LYS B 468 -59.57 -55.49 -60.82
C LYS B 468 -60.23 -54.98 -62.10
N THR B 469 -61.46 -54.51 -61.96
CA THR B 469 -62.15 -53.90 -63.09
C THR B 469 -61.43 -52.63 -63.50
N THR B 470 -61.29 -52.42 -64.81
CA THR B 470 -60.42 -51.37 -65.32
C THR B 470 -60.82 -49.99 -64.81
N ASP B 471 -62.09 -49.64 -64.95
CA ASP B 471 -62.60 -48.36 -64.49
C ASP B 471 -63.83 -48.63 -63.64
N PRO B 472 -63.65 -48.91 -62.35
CA PRO B 472 -64.80 -49.26 -61.51
C PRO B 472 -65.84 -48.16 -61.42
N LEU B 473 -65.41 -46.90 -61.38
CA LEU B 473 -66.36 -45.81 -61.22
C LEU B 473 -67.20 -45.61 -62.48
N LYS B 474 -66.63 -45.84 -63.66
CA LYS B 474 -67.43 -45.77 -64.88
C LYS B 474 -68.51 -46.86 -64.89
N THR B 475 -68.16 -48.08 -64.50
CA THR B 475 -69.16 -49.14 -64.44
C THR B 475 -70.23 -48.82 -63.42
N LEU B 476 -69.82 -48.27 -62.27
CA LEU B 476 -70.80 -47.91 -61.24
C LEU B 476 -71.72 -46.79 -61.72
N ASP B 477 -71.17 -45.81 -62.44
CA ASP B 477 -72.01 -44.75 -62.99
C ASP B 477 -72.96 -45.28 -64.04
N ALA B 478 -72.52 -46.27 -64.83
CA ALA B 478 -73.44 -46.92 -65.76
C ALA B 478 -74.58 -47.62 -65.01
N ALA B 479 -74.25 -48.28 -63.91
CA ALA B 479 -75.28 -48.91 -63.09
C ALA B 479 -76.23 -47.87 -62.52
N PHE B 480 -75.69 -46.73 -62.07
CA PHE B 480 -76.55 -45.64 -61.60
C PHE B 480 -77.49 -45.17 -62.70
N THR B 481 -76.97 -44.99 -63.91
CA THR B 481 -77.81 -44.52 -65.00
C THR B 481 -78.92 -45.50 -65.30
N LYS B 482 -78.60 -46.80 -65.34
CA LYS B 482 -79.63 -47.80 -65.60
C LYS B 482 -80.69 -47.82 -64.51
N LEU B 483 -80.26 -47.85 -63.24
CA LEU B 483 -81.21 -47.94 -62.14
C LEU B 483 -82.06 -46.67 -62.05
N ASP B 484 -81.45 -45.50 -62.24
CA ASP B 484 -82.20 -44.25 -62.23
C ASP B 484 -83.19 -44.18 -63.39
N LYS B 485 -82.80 -44.67 -64.56
CA LYS B 485 -83.74 -44.72 -65.67
C LYS B 485 -84.96 -45.57 -65.32
N LEU B 486 -84.73 -46.75 -64.76
CA LEU B 486 -85.87 -47.62 -64.46
C LEU B 486 -86.73 -47.04 -63.34
N THR B 487 -86.11 -46.50 -62.29
CA THR B 487 -86.91 -45.95 -61.19
C THR B 487 -87.66 -44.70 -61.62
N GLY B 488 -87.07 -43.91 -62.53
CA GLY B 488 -87.81 -42.79 -63.10
C GLY B 488 -88.99 -43.23 -63.94
N GLU B 489 -88.81 -44.31 -64.71
CA GLU B 489 -89.93 -44.86 -65.46
C GLU B 489 -91.05 -45.31 -64.52
N LEU B 490 -90.69 -45.98 -63.43
CA LEU B 490 -91.71 -46.40 -62.47
C LEU B 490 -92.38 -45.21 -61.78
N GLY B 491 -91.61 -44.16 -61.48
CA GLY B 491 -92.23 -42.97 -60.91
C GLY B 491 -93.20 -42.32 -61.88
N ALA B 492 -92.81 -42.23 -63.15
CA ALA B 492 -93.69 -41.65 -64.16
C ALA B 492 -94.97 -42.46 -64.31
N VAL B 493 -94.85 -43.79 -64.35
CA VAL B 493 -96.04 -44.61 -64.49
C VAL B 493 -96.88 -44.54 -63.22
N GLN B 494 -96.26 -44.37 -62.06
CA GLN B 494 -97.03 -44.18 -60.83
C GLN B 494 -97.85 -42.90 -60.90
N ASN B 495 -97.24 -41.81 -61.39
CA ASN B 495 -98.00 -40.57 -61.56
C ASN B 495 -99.13 -40.75 -62.56
N ARG B 496 -98.88 -41.45 -63.67
CA ARG B 496 -99.93 -41.62 -64.66
C ARG B 496 -101.06 -42.48 -64.12
N LEU B 497 -100.74 -43.50 -63.32
CA LEU B 497 -101.80 -44.26 -62.67
C LEU B 497 -102.60 -43.41 -61.68
N GLU B 498 -101.94 -42.50 -60.96
CA GLU B 498 -102.70 -41.61 -60.09
C GLU B 498 -103.68 -40.76 -60.91
N SER B 499 -103.19 -40.20 -62.02
CA SER B 499 -104.05 -39.38 -62.86
C SER B 499 -105.19 -40.20 -63.44
N THR B 500 -104.93 -41.44 -63.84
CA THR B 500 -105.99 -42.27 -64.38
C THR B 500 -106.98 -42.68 -63.30
N ILE B 501 -106.54 -42.88 -62.06
CA ILE B 501 -107.49 -43.15 -60.99
C ILE B 501 -108.42 -41.96 -60.80
N ALA B 502 -107.87 -40.75 -60.80
CA ALA B 502 -108.72 -39.57 -60.70
C ALA B 502 -109.69 -39.49 -61.88
N ASN B 503 -109.20 -39.74 -63.09
CA ASN B 503 -110.04 -39.68 -64.28
C ASN B 503 -111.16 -40.71 -64.22
N LEU B 504 -110.83 -41.95 -63.85
CA LEU B 504 -111.83 -42.99 -63.72
C LEU B 504 -112.85 -42.66 -62.64
N ASN B 505 -112.41 -42.10 -61.51
CA ASN B 505 -113.36 -41.71 -60.48
C ASN B 505 -114.33 -40.66 -61.00
N ASN B 506 -113.82 -39.65 -61.71
CA ASN B 506 -114.69 -38.62 -62.26
C ASN B 506 -115.69 -39.23 -63.25
N VAL B 507 -115.22 -40.09 -64.14
CA VAL B 507 -116.09 -40.68 -65.15
C VAL B 507 -117.12 -41.60 -64.48
N VAL B 508 -116.73 -42.30 -63.42
CA VAL B 508 -117.66 -43.16 -62.69
C VAL B 508 -118.77 -42.32 -62.06
N ASN B 509 -118.41 -41.21 -61.42
CA ASN B 509 -119.43 -40.37 -60.81
C ASN B 509 -120.37 -39.80 -61.87
N ASN B 510 -119.80 -39.32 -62.99
CA ASN B 510 -120.65 -38.75 -64.03
C ASN B 510 -121.56 -39.80 -64.64
N LEU B 511 -121.06 -41.02 -64.84
CA LEU B 511 -121.89 -42.08 -65.41
C LEU B 511 -122.97 -42.51 -64.42
N SER B 512 -122.65 -42.54 -63.12
CA SER B 512 -123.65 -42.85 -62.12
C SER B 512 -124.76 -41.81 -62.12
N SER B 513 -124.39 -40.53 -62.20
CA SER B 513 -125.40 -39.48 -62.31
C SER B 513 -126.23 -39.65 -63.57
N ALA B 514 -125.59 -39.99 -64.69
CA ALA B 514 -126.33 -40.19 -65.93
C ALA B 514 -127.31 -41.33 -65.81
N ARG B 515 -126.90 -42.43 -65.17
CA ARG B 515 -127.80 -43.55 -64.96
C ARG B 515 -128.96 -43.17 -64.05
N SER B 516 -128.68 -42.36 -63.03
CA SER B 516 -129.76 -41.86 -62.18
C SER B 516 -130.75 -41.04 -62.98
N ARG B 517 -130.26 -40.23 -63.92
CA ARG B 517 -131.14 -39.40 -64.74
C ARG B 517 -132.13 -40.21 -65.56
N ILE B 518 -131.86 -41.49 -65.80
CA ILE B 518 -132.72 -42.31 -66.64
C ILE B 518 -133.32 -43.50 -65.91
N GLN B 519 -132.76 -43.93 -64.79
CA GLN B 519 -133.22 -45.14 -64.11
C GLN B 519 -133.88 -44.88 -62.77
N ASP B 520 -133.27 -44.05 -61.93
CA ASP B 520 -133.79 -43.83 -60.59
C ASP B 520 -135.12 -43.11 -60.63
N ALA B 521 -135.96 -43.37 -59.63
CA ALA B 521 -137.31 -42.83 -59.58
C ALA B 521 -137.33 -41.49 -58.87
N ASP B 522 -138.12 -40.57 -59.41
CA ASP B 522 -138.31 -39.26 -58.79
C ASP B 522 -139.43 -39.38 -57.77
N TYR B 523 -139.07 -39.50 -56.49
CA TYR B 523 -140.07 -39.72 -55.46
C TYR B 523 -141.06 -38.58 -55.34
N ALA B 524 -140.66 -37.36 -55.70
CA ALA B 524 -141.55 -36.22 -55.59
C ALA B 524 -142.79 -36.41 -56.48
N THR B 525 -142.59 -36.89 -57.70
CA THR B 525 -143.72 -37.14 -58.58
C THR B 525 -144.35 -38.51 -58.37
N GLU B 526 -143.57 -39.51 -57.96
CA GLU B 526 -144.12 -40.84 -57.75
C GLU B 526 -145.09 -40.85 -56.58
N VAL B 527 -144.75 -40.15 -55.49
CA VAL B 527 -145.64 -40.12 -54.33
C VAL B 527 -146.94 -39.39 -54.68
N SER B 528 -146.85 -38.29 -55.43
CA SER B 528 -148.06 -37.60 -55.85
C SER B 528 -148.91 -38.48 -56.76
N ASN B 529 -148.27 -39.23 -57.66
CA ASN B 529 -149.01 -40.17 -58.49
C ASN B 529 -149.72 -41.22 -57.65
N MET B 530 -149.04 -41.73 -56.62
CA MET B 530 -149.67 -42.70 -55.73
C MET B 530 -150.87 -42.09 -55.00
N SER B 531 -150.72 -40.84 -54.53
CA SER B 531 -151.82 -40.19 -53.83
C SER B 531 -153.02 -40.00 -54.74
N LYS B 532 -152.79 -39.52 -55.97
CA LYS B 532 -153.89 -39.38 -56.91
C LYS B 532 -154.50 -40.72 -57.26
N ALA B 533 -153.68 -41.76 -57.35
CA ALA B 533 -154.21 -43.09 -57.63
C ALA B 533 -155.10 -43.58 -56.51
N GLN B 534 -154.70 -43.36 -55.25
CA GLN B 534 -155.53 -43.76 -54.12
C GLN B 534 -156.84 -42.98 -54.11
N ILE B 535 -156.77 -41.67 -54.40
CA ILE B 535 -157.99 -40.88 -54.50
C ILE B 535 -158.91 -41.44 -55.56
N LEU B 536 -158.36 -41.75 -56.73
CA LEU B 536 -159.16 -42.32 -57.81
C LEU B 536 -159.72 -43.68 -57.43
N GLN B 537 -158.97 -44.45 -56.63
CA GLN B 537 -159.45 -45.76 -56.21
C GLN B 537 -160.66 -45.64 -55.31
N GLN B 538 -160.58 -44.79 -54.28
CA GLN B 538 -161.73 -44.60 -53.40
C GLN B 538 -162.93 -44.02 -54.17
N ALA B 539 -162.68 -43.05 -55.04
CA ALA B 539 -163.75 -42.48 -55.84
C ALA B 539 -164.39 -43.55 -56.72
N GLY B 540 -163.56 -44.40 -57.34
CA GLY B 540 -164.10 -45.44 -58.20
C GLY B 540 -164.93 -46.45 -57.44
N THR B 541 -164.47 -46.85 -56.26
CA THR B 541 -165.27 -47.77 -55.45
C THR B 541 -166.60 -47.15 -55.07
N SER B 542 -166.60 -45.88 -54.66
CA SER B 542 -167.85 -45.23 -54.29
C SER B 542 -168.80 -45.13 -55.48
N VAL B 543 -168.30 -44.67 -56.62
CA VAL B 543 -169.17 -44.49 -57.78
C VAL B 543 -169.66 -45.83 -58.29
N LEU B 544 -168.83 -46.87 -58.18
CA LEU B 544 -169.29 -48.22 -58.56
C LEU B 544 -170.41 -48.69 -57.63
N ALA B 545 -170.30 -48.39 -56.34
CA ALA B 545 -171.39 -48.72 -55.43
C ALA B 545 -172.68 -48.03 -55.86
N GLN B 546 -172.63 -46.71 -56.05
CA GLN B 546 -173.84 -46.00 -56.45
C GLN B 546 -174.37 -46.49 -57.79
N ALA B 547 -173.48 -46.88 -58.71
CA ALA B 547 -173.93 -47.45 -59.98
C ALA B 547 -174.64 -48.78 -59.76
N ASN B 548 -174.18 -49.56 -58.77
CA ASN B 548 -174.89 -50.79 -58.43
C ASN B 548 -176.24 -50.51 -57.79
N GLN B 549 -176.39 -49.36 -57.13
CA GLN B 549 -177.71 -48.96 -56.64
C GLN B 549 -178.60 -48.38 -57.71
N VAL B 550 -178.08 -48.14 -58.92
CA VAL B 550 -178.90 -47.56 -59.99
C VAL B 550 -180.08 -48.45 -60.39
N PRO B 551 -179.88 -49.75 -60.65
CA PRO B 551 -181.03 -50.56 -61.07
C PRO B 551 -182.03 -50.85 -59.98
N GLN B 552 -181.70 -50.57 -58.72
CA GLN B 552 -182.64 -50.83 -57.63
C GLN B 552 -183.85 -49.92 -57.70
N THR B 553 -183.71 -48.72 -58.27
CA THR B 553 -184.86 -47.84 -58.46
C THR B 553 -185.91 -48.50 -59.34
N VAL B 554 -185.49 -49.37 -60.26
CA VAL B 554 -186.45 -50.14 -61.03
C VAL B 554 -187.26 -51.05 -60.13
N LEU B 555 -186.62 -51.61 -59.10
CA LEU B 555 -187.32 -52.51 -58.19
C LEU B 555 -188.08 -51.66 -57.16
N SER B 556 -188.84 -50.68 -57.64
CA SER B 556 -189.75 -49.93 -56.82
C SER B 556 -191.19 -50.09 -57.27
N LEU B 557 -191.46 -49.82 -58.55
CA LEU B 557 -192.75 -50.14 -59.14
C LEU B 557 -192.81 -51.62 -59.46
N LEU B 558 -193.97 -52.22 -59.22
CA LEU B 558 -194.17 -53.64 -59.50
C LEU B 558 -195.63 -53.93 -59.86
N ALA C 2 -187.25 -23.41 -52.39
CA ALA C 2 -188.51 -24.03 -52.00
C ALA C 2 -188.42 -25.55 -52.13
N ALA C 3 -189.34 -26.12 -52.90
CA ALA C 3 -189.38 -27.56 -53.15
C ALA C 3 -188.77 -27.92 -54.49
N VAL C 4 -187.78 -27.16 -54.95
CA VAL C 4 -187.17 -27.40 -56.25
C VAL C 4 -186.06 -28.44 -56.11
N ILE C 5 -185.94 -29.30 -57.11
CA ILE C 5 -184.86 -30.29 -57.14
C ILE C 5 -184.03 -30.23 -58.41
N ASN C 6 -184.54 -29.63 -59.49
CA ASN C 6 -183.75 -29.54 -60.72
C ASN C 6 -182.51 -28.70 -60.52
N THR C 7 -182.64 -27.55 -59.84
CA THR C 7 -181.53 -26.65 -59.58
C THR C 7 -181.36 -26.48 -58.08
N ASN C 8 -180.12 -26.56 -57.62
CA ASN C 8 -179.79 -26.43 -56.20
C ASN C 8 -178.88 -25.21 -56.05
N TYR C 9 -179.50 -24.06 -55.75
CA TYR C 9 -178.75 -22.82 -55.66
C TYR C 9 -177.71 -22.87 -54.54
N LEU C 10 -178.06 -23.50 -53.41
CA LEU C 10 -177.15 -23.57 -52.28
C LEU C 10 -175.87 -24.32 -52.65
N SER C 11 -176.00 -25.42 -53.40
CA SER C 11 -174.82 -26.16 -53.82
C SER C 11 -173.93 -25.30 -54.71
N LEU C 12 -174.53 -24.52 -55.60
CA LEU C 12 -173.75 -23.64 -56.47
C LEU C 12 -172.99 -22.59 -55.66
N VAL C 13 -173.66 -21.99 -54.68
CA VAL C 13 -173.00 -20.99 -53.85
C VAL C 13 -171.85 -21.62 -53.08
N ALA C 14 -172.08 -22.81 -52.51
CA ALA C 14 -171.04 -23.49 -51.76
C ALA C 14 -169.86 -23.84 -52.67
N GLN C 15 -170.13 -24.29 -53.89
CA GLN C 15 -169.06 -24.61 -54.82
C GLN C 15 -168.25 -23.37 -55.18
N ASN C 16 -168.92 -22.24 -55.40
CA ASN C 16 -168.19 -21.02 -55.72
C ASN C 16 -167.30 -20.59 -54.56
N ASN C 17 -167.83 -20.62 -53.34
CA ASN C 17 -167.02 -20.25 -52.18
C ASN C 17 -165.86 -21.22 -51.99
N LEU C 18 -166.09 -22.51 -52.22
CA LEU C 18 -165.02 -23.49 -52.13
C LEU C 18 -163.94 -23.22 -53.17
N ASN C 19 -164.34 -22.81 -54.38
CA ASN C 19 -163.37 -22.46 -55.40
C ASN C 19 -162.53 -21.27 -54.99
N LYS C 20 -163.16 -20.26 -54.40
CA LYS C 20 -162.40 -19.12 -53.90
C LYS C 20 -161.40 -19.55 -52.82
N SER C 21 -161.86 -20.39 -51.89
CA SER C 21 -160.99 -20.88 -50.83
C SER C 21 -159.81 -21.67 -51.40
N GLN C 22 -160.07 -22.50 -52.41
CA GLN C 22 -159.01 -23.30 -52.99
C GLN C 22 -158.03 -22.45 -53.78
N SER C 23 -158.51 -21.37 -54.42
CA SER C 23 -157.59 -20.45 -55.07
C SER C 23 -156.69 -19.77 -54.06
N SER C 24 -157.25 -19.36 -52.92
CA SER C 24 -156.42 -18.79 -51.86
C SER C 24 -155.40 -19.80 -51.35
N LEU C 25 -155.84 -21.06 -51.18
CA LEU C 25 -154.92 -22.10 -50.73
C LEU C 25 -153.81 -22.32 -51.75
N GLY C 26 -154.15 -22.29 -53.04
CA GLY C 26 -153.14 -22.48 -54.06
C GLY C 26 -152.10 -21.37 -54.05
N THR C 27 -152.56 -20.12 -53.93
CA THR C 27 -151.60 -19.01 -53.83
C THR C 27 -150.72 -19.15 -52.60
N ALA C 28 -151.32 -19.52 -51.46
CA ALA C 28 -150.53 -19.70 -50.25
C ALA C 28 -149.52 -20.83 -50.40
N ILE C 29 -149.93 -21.94 -51.02
CA ILE C 29 -149.04 -23.09 -51.20
C ILE C 29 -147.88 -22.72 -52.11
N GLU C 30 -148.17 -22.02 -53.21
CA GLU C 30 -147.11 -21.62 -54.12
C GLU C 30 -146.12 -20.69 -53.43
N ARG C 31 -146.63 -19.69 -52.69
CA ARG C 31 -145.73 -18.79 -51.98
C ARG C 31 -144.94 -19.50 -50.90
N LEU C 32 -145.55 -20.50 -50.24
CA LEU C 32 -144.85 -21.26 -49.22
C LEU C 32 -143.71 -22.07 -49.84
N SER C 33 -144.00 -22.82 -50.91
CA SER C 33 -143.00 -23.69 -51.51
C SER C 33 -141.87 -22.88 -52.12
N SER C 34 -142.20 -21.88 -52.94
CA SER C 34 -141.15 -21.10 -53.58
C SER C 34 -140.48 -20.15 -52.59
N GLY C 35 -141.22 -19.68 -51.60
CA GLY C 35 -140.72 -18.70 -50.65
C GLY C 35 -140.85 -17.25 -51.11
N LEU C 36 -141.26 -17.03 -52.35
CA LEU C 36 -141.30 -15.70 -52.93
C LEU C 36 -142.75 -15.21 -52.93
N ARG C 37 -142.98 -14.06 -52.29
CA ARG C 37 -144.31 -13.46 -52.34
C ARG C 37 -144.64 -13.01 -53.75
N ILE C 38 -143.66 -12.44 -54.46
CA ILE C 38 -143.87 -11.97 -55.83
C ILE C 38 -143.45 -13.12 -56.75
N ASN C 39 -144.42 -13.95 -57.11
CA ASN C 39 -144.24 -14.98 -58.11
C ASN C 39 -145.47 -14.97 -59.01
N SER C 40 -145.30 -15.43 -60.25
CA SER C 40 -146.41 -15.47 -61.20
C SER C 40 -146.99 -14.07 -61.41
N ALA C 41 -146.22 -13.27 -62.16
CA ALA C 41 -146.30 -11.81 -62.21
C ALA C 41 -147.72 -11.23 -62.20
N LYS C 42 -148.72 -12.05 -62.57
CA LYS C 42 -150.11 -11.70 -62.31
C LYS C 42 -150.33 -11.24 -60.87
N ASP C 43 -149.45 -11.63 -59.95
CA ASP C 43 -149.46 -11.13 -58.59
C ASP C 43 -148.36 -10.08 -58.43
N ASP C 44 -148.77 -8.86 -58.08
CA ASP C 44 -147.84 -7.74 -57.82
C ASP C 44 -146.96 -7.46 -59.05
N ALA C 45 -147.63 -7.02 -60.12
CA ALA C 45 -146.96 -6.85 -61.41
C ALA C 45 -145.78 -5.90 -61.32
N ALA C 46 -146.00 -4.69 -60.76
CA ALA C 46 -144.89 -3.76 -60.61
C ALA C 46 -143.87 -4.27 -59.61
N GLY C 47 -144.32 -5.08 -58.64
CA GLY C 47 -143.39 -5.64 -57.69
C GLY C 47 -142.34 -6.53 -58.34
N MET C 48 -142.74 -7.34 -59.30
CA MET C 48 -141.76 -8.18 -59.99
C MET C 48 -140.83 -7.35 -60.86
N ALA C 49 -141.32 -6.27 -61.46
CA ALA C 49 -140.42 -5.38 -62.19
C ALA C 49 -139.36 -4.80 -61.26
N ILE C 50 -139.77 -4.32 -60.09
CA ILE C 50 -138.82 -3.77 -59.13
C ILE C 50 -137.85 -4.85 -58.66
N ALA C 51 -138.37 -6.05 -58.39
CA ALA C 51 -137.53 -7.15 -57.92
C ALA C 51 -136.52 -7.55 -58.99
N ASN C 52 -136.94 -7.59 -60.26
CA ASN C 52 -136.02 -7.91 -61.34
C ASN C 52 -134.94 -6.86 -61.47
N ARG C 53 -135.32 -5.58 -61.34
CA ARG C 53 -134.32 -4.52 -61.35
C ARG C 53 -133.30 -4.73 -60.23
N PHE C 54 -133.79 -5.05 -59.03
CA PHE C 54 -132.89 -5.26 -57.90
C PHE C 54 -131.99 -6.47 -58.11
N THR C 55 -132.54 -7.56 -58.66
CA THR C 55 -131.72 -8.76 -58.89
C THR C 55 -130.63 -8.48 -59.90
N ALA C 56 -130.98 -7.84 -61.02
CA ALA C 56 -129.95 -7.50 -62.00
C ALA C 56 -128.91 -6.58 -61.40
N ASN C 57 -129.33 -5.59 -60.61
CA ASN C 57 -128.39 -4.67 -59.99
C ASN C 57 -127.46 -5.40 -59.03
N VAL C 58 -128.00 -6.25 -58.16
CA VAL C 58 -127.17 -6.90 -57.14
C VAL C 58 -126.21 -7.89 -57.78
N ARG C 59 -126.65 -8.62 -58.81
CA ARG C 59 -125.74 -9.55 -59.45
C ARG C 59 -124.65 -8.83 -60.25
N GLY C 60 -125.02 -7.75 -60.93
CA GLY C 60 -124.01 -6.93 -61.58
C GLY C 60 -123.02 -6.36 -60.60
N LEU C 61 -123.49 -5.96 -59.41
CA LEU C 61 -122.59 -5.39 -58.42
C LEU C 61 -121.68 -6.44 -57.81
N THR C 62 -122.17 -7.67 -57.62
CA THR C 62 -121.27 -8.73 -57.17
C THR C 62 -120.20 -9.02 -58.22
N GLN C 63 -120.59 -9.09 -59.49
CA GLN C 63 -119.59 -9.29 -60.53
C GLN C 63 -118.62 -8.12 -60.59
N ALA C 64 -119.11 -6.91 -60.32
CA ALA C 64 -118.25 -5.73 -60.26
C ALA C 64 -117.27 -5.82 -59.11
N ALA C 65 -117.72 -6.33 -57.96
CA ALA C 65 -116.81 -6.57 -56.85
C ALA C 65 -115.73 -7.56 -57.24
N ARG C 66 -116.10 -8.59 -57.98
CA ARG C 66 -115.09 -9.53 -58.49
C ARG C 66 -114.09 -8.82 -59.39
N ASN C 67 -114.58 -7.96 -60.30
CA ASN C 67 -113.69 -7.23 -61.19
C ASN C 67 -112.74 -6.33 -60.42
N ALA C 68 -113.26 -5.58 -59.45
CA ALA C 68 -112.44 -4.70 -58.65
C ALA C 68 -111.40 -5.50 -57.85
N ASN C 69 -111.79 -6.66 -57.34
CA ASN C 69 -110.85 -7.50 -56.60
C ASN C 69 -109.75 -8.02 -57.51
N ASP C 70 -110.08 -8.34 -58.77
CA ASP C 70 -109.05 -8.72 -59.73
C ASP C 70 -108.11 -7.55 -60.01
N GLY C 71 -108.65 -6.34 -60.13
CA GLY C 71 -107.81 -5.17 -60.30
C GLY C 71 -106.87 -4.97 -59.13
N ILE C 72 -107.34 -5.28 -57.92
CA ILE C 72 -106.48 -5.21 -56.74
C ILE C 72 -105.29 -6.14 -56.88
N SER C 73 -105.55 -7.37 -57.35
CA SER C 73 -104.45 -8.32 -57.53
C SER C 73 -103.48 -7.87 -58.61
N LEU C 74 -104.00 -7.31 -59.70
CA LEU C 74 -103.14 -6.76 -60.73
C LEU C 74 -102.22 -5.68 -60.17
N ALA C 75 -102.78 -4.75 -59.39
CA ALA C 75 -101.97 -3.71 -58.79
C ALA C 75 -100.97 -4.29 -57.80
N GLN C 76 -101.36 -5.33 -57.06
CA GLN C 76 -100.43 -5.98 -56.14
C GLN C 76 -99.24 -6.57 -56.87
N THR C 77 -99.49 -7.27 -57.97
CA THR C 77 -98.40 -7.88 -58.73
C THR C 77 -97.47 -6.81 -59.29
N THR C 78 -98.04 -5.76 -59.87
CA THR C 78 -97.20 -4.70 -60.43
C THR C 78 -96.41 -3.99 -59.34
N GLU C 79 -97.02 -3.80 -58.17
CA GLU C 79 -96.33 -3.17 -57.06
C GLU C 79 -95.17 -4.02 -56.57
N GLY C 80 -95.35 -5.34 -56.53
CA GLY C 80 -94.25 -6.20 -56.15
C GLY C 80 -93.09 -6.15 -57.14
N ALA C 81 -93.41 -6.19 -58.43
CA ALA C 81 -92.36 -6.06 -59.43
C ALA C 81 -91.65 -4.72 -59.30
N ALA C 82 -92.40 -3.64 -59.08
CA ALA C 82 -91.79 -2.33 -58.89
C ALA C 82 -90.91 -2.29 -57.65
N SER C 83 -91.31 -2.98 -56.59
CA SER C 83 -90.46 -3.05 -55.40
C SER C 83 -89.15 -3.75 -55.70
N GLU C 84 -89.20 -4.81 -56.49
CA GLU C 84 -87.95 -5.46 -56.86
C GLU C 84 -87.06 -4.54 -57.70
N VAL C 85 -87.66 -3.81 -58.65
CA VAL C 85 -86.90 -2.82 -59.40
C VAL C 85 -86.31 -1.78 -58.45
N ASN C 86 -87.06 -1.42 -57.41
CA ASN C 86 -86.57 -0.45 -56.43
C ASN C 86 -85.33 -0.96 -55.72
N THR C 87 -85.35 -2.24 -55.32
CA THR C 87 -84.15 -2.83 -54.69
C THR C 87 -82.98 -2.82 -55.66
N HIS C 88 -83.24 -3.12 -56.94
CA HIS C 88 -82.17 -3.06 -57.93
C HIS C 88 -81.57 -1.67 -58.02
N LEU C 89 -82.41 -0.63 -58.05
CA LEU C 89 -81.89 0.73 -58.09
C LEU C 89 -81.12 1.07 -56.83
N GLN C 90 -81.56 0.60 -55.67
CA GLN C 90 -80.81 0.85 -54.44
C GLN C 90 -79.41 0.25 -54.52
N ARG C 91 -79.31 -0.99 -55.00
CA ARG C 91 -77.98 -1.60 -55.11
C ARG C 91 -77.14 -0.87 -56.16
N ILE C 92 -77.76 -0.46 -57.27
CA ILE C 92 -77.02 0.28 -58.28
C ILE C 92 -76.48 1.58 -57.71
N ARG C 93 -77.28 2.27 -56.89
CA ARG C 93 -76.82 3.50 -56.27
C ARG C 93 -75.68 3.25 -55.30
N GLU C 94 -75.78 2.20 -54.48
CA GLU C 94 -74.69 1.84 -53.58
C GLU C 94 -73.39 1.65 -54.34
N LEU C 95 -73.41 0.78 -55.34
CA LEU C 95 -72.17 0.46 -56.01
C LEU C 95 -71.73 1.58 -56.96
N THR C 96 -72.65 2.46 -57.37
CA THR C 96 -72.26 3.64 -58.13
C THR C 96 -71.49 4.62 -57.26
N VAL C 97 -71.97 4.83 -56.02
CA VAL C 97 -71.22 5.64 -55.07
C VAL C 97 -69.87 5.00 -54.80
N GLN C 98 -69.83 3.67 -54.73
CA GLN C 98 -68.55 2.99 -54.56
C GLN C 98 -67.61 3.23 -55.74
N ALA C 99 -68.13 3.11 -56.96
CA ALA C 99 -67.29 3.17 -58.14
C ALA C 99 -66.85 4.58 -58.47
N SER C 100 -67.64 5.58 -58.10
CA SER C 100 -67.28 6.96 -58.41
C SER C 100 -66.03 7.42 -57.66
N ASN C 101 -65.57 6.67 -56.67
CA ASN C 101 -64.30 6.96 -56.04
C ASN C 101 -63.16 6.77 -57.05
N GLY C 102 -62.15 7.62 -56.94
CA GLY C 102 -61.02 7.55 -57.84
C GLY C 102 -59.95 6.56 -57.47
N SER C 103 -60.00 5.99 -56.26
CA SER C 103 -58.97 5.06 -55.84
C SER C 103 -59.02 3.76 -56.62
N TYR C 104 -60.18 3.41 -57.16
CA TYR C 104 -60.33 2.12 -57.84
C TYR C 104 -59.65 2.16 -59.21
N SER C 105 -58.85 1.13 -59.48
CA SER C 105 -58.25 1.00 -60.80
C SER C 105 -59.32 0.58 -61.81
N GLN C 106 -58.92 0.59 -63.09
CA GLN C 106 -59.88 0.42 -64.18
C GLN C 106 -60.57 -0.94 -64.10
N GLU C 107 -59.85 -1.98 -63.65
CA GLU C 107 -60.41 -3.32 -63.65
C GLU C 107 -61.54 -3.47 -62.63
N GLN C 108 -61.39 -2.88 -61.45
CA GLN C 108 -62.48 -2.92 -60.49
C GLN C 108 -63.69 -2.16 -61.00
N LEU C 109 -63.47 -1.05 -61.70
CA LEU C 109 -64.59 -0.37 -62.35
C LEU C 109 -65.23 -1.26 -63.42
N ASP C 110 -64.43 -2.07 -64.10
CA ASP C 110 -65.00 -3.01 -65.07
C ASP C 110 -65.89 -4.04 -64.39
N SER C 111 -65.46 -4.57 -63.24
CA SER C 111 -66.29 -5.50 -62.50
C SER C 111 -67.57 -4.83 -62.01
N VAL C 112 -67.45 -3.59 -61.53
CA VAL C 112 -68.63 -2.83 -61.10
C VAL C 112 -69.59 -2.66 -62.25
N GLN C 113 -69.07 -2.29 -63.42
CA GLN C 113 -69.93 -2.10 -64.59
C GLN C 113 -70.56 -3.42 -65.04
N GLY C 114 -69.85 -4.53 -64.88
CA GLY C 114 -70.46 -5.82 -65.16
C GLY C 114 -71.65 -6.08 -64.25
N GLU C 115 -71.51 -5.76 -62.96
CA GLU C 115 -72.64 -5.91 -62.06
C GLU C 115 -73.78 -4.94 -62.39
N ILE C 116 -73.44 -3.72 -62.82
CA ILE C 116 -74.46 -2.77 -63.25
C ILE C 116 -75.22 -3.33 -64.44
N ASN C 117 -74.50 -3.90 -65.41
CA ASN C 117 -75.14 -4.48 -66.57
C ASN C 117 -76.05 -5.63 -66.19
N GLN C 118 -75.61 -6.46 -65.24
CA GLN C 118 -76.46 -7.55 -64.78
C GLN C 118 -77.74 -7.02 -64.14
N ARG C 119 -77.62 -6.00 -63.28
CA ARG C 119 -78.81 -5.45 -62.64
C ARG C 119 -79.74 -4.81 -63.66
N LEU C 120 -79.18 -4.08 -64.63
CA LEU C 120 -80.01 -3.44 -65.65
C LEU C 120 -80.71 -4.48 -66.51
N ALA C 121 -80.00 -5.56 -66.85
CA ALA C 121 -80.62 -6.65 -67.61
C ALA C 121 -81.74 -7.27 -66.82
N ASP C 122 -81.58 -7.40 -65.50
CA ASP C 122 -82.68 -7.94 -64.70
C ASP C 122 -83.86 -6.98 -64.65
N ILE C 123 -83.58 -5.68 -64.60
CA ILE C 123 -84.67 -4.70 -64.63
C ILE C 123 -85.44 -4.84 -65.93
N ASP C 124 -84.74 -4.97 -67.05
CA ASP C 124 -85.40 -5.16 -68.33
C ASP C 124 -86.16 -6.48 -68.37
N ARG C 125 -85.62 -7.52 -67.74
CA ARG C 125 -86.31 -8.81 -67.66
C ARG C 125 -87.61 -8.67 -66.89
N ILE C 126 -87.58 -7.98 -65.75
CA ILE C 126 -88.79 -7.72 -64.99
C ILE C 126 -89.78 -6.95 -65.83
N SER C 127 -89.27 -5.99 -66.62
CA SER C 127 -90.14 -5.21 -67.49
C SER C 127 -90.86 -6.11 -68.50
N GLU C 128 -90.11 -7.00 -69.15
CA GLU C 128 -90.67 -7.77 -70.26
C GLU C 128 -91.31 -9.08 -69.82
N GLN C 129 -91.22 -9.45 -68.54
CA GLN C 129 -91.71 -10.75 -68.10
C GLN C 129 -92.71 -10.70 -66.96
N THR C 130 -92.93 -9.54 -66.34
CA THR C 130 -93.96 -9.44 -65.31
C THR C 130 -95.32 -9.61 -65.97
N ASP C 131 -95.91 -10.78 -65.80
CA ASP C 131 -97.13 -11.14 -66.50
C ASP C 131 -98.29 -11.31 -65.52
N PHE C 132 -99.49 -10.98 -66.00
CA PHE C 132 -100.71 -11.17 -65.24
C PHE C 132 -101.82 -11.42 -66.24
N ASN C 133 -102.38 -12.63 -66.24
CA ASN C 133 -103.42 -13.00 -67.19
C ASN C 133 -102.98 -12.75 -68.63
N GLY C 134 -101.74 -13.12 -68.93
CA GLY C 134 -101.21 -12.92 -70.27
C GLY C 134 -101.08 -11.47 -70.66
N VAL C 135 -100.74 -10.59 -69.71
CA VAL C 135 -100.52 -9.18 -69.96
C VAL C 135 -99.13 -8.81 -69.47
N LYS C 136 -98.32 -8.26 -70.36
CA LYS C 136 -97.01 -7.74 -69.97
C LYS C 136 -97.25 -6.45 -69.21
N VAL C 137 -97.72 -6.56 -67.97
CA VAL C 137 -98.30 -5.41 -67.28
C VAL C 137 -97.27 -4.32 -67.06
N LEU C 138 -96.09 -4.69 -66.57
CA LEU C 138 -95.04 -3.71 -66.30
C LEU C 138 -94.06 -3.62 -67.46
N SER C 139 -94.57 -3.43 -68.67
CA SER C 139 -93.73 -3.37 -69.87
C SER C 139 -93.94 -2.06 -70.59
N ASP C 140 -93.23 -1.89 -71.70
CA ASP C 140 -93.35 -0.68 -72.50
C ASP C 140 -94.62 -0.65 -73.33
N SER C 141 -95.34 -1.75 -73.43
CA SER C 141 -96.61 -1.82 -74.15
C SER C 141 -97.66 -2.34 -73.18
N ALA C 142 -98.24 -1.42 -72.40
CA ALA C 142 -99.29 -1.79 -71.46
C ALA C 142 -100.22 -0.57 -71.32
N LYS C 143 -101.30 -0.57 -72.10
CA LYS C 143 -102.27 0.49 -71.99
C LYS C 143 -103.02 0.37 -70.67
N PRO C 144 -103.45 1.50 -70.10
CA PRO C 144 -104.20 1.45 -68.83
C PRO C 144 -105.47 0.62 -68.97
N LEU C 145 -105.79 -0.13 -67.92
CA LEU C 145 -106.98 -0.97 -67.92
C LEU C 145 -108.20 -0.16 -67.49
N THR C 146 -109.36 -0.80 -67.51
CA THR C 146 -110.62 -0.13 -67.19
C THR C 146 -111.16 -0.49 -65.82
N LEU C 147 -111.25 -1.78 -65.49
CA LEU C 147 -111.79 -2.24 -64.21
C LEU C 147 -113.20 -1.71 -63.99
N GLN C 148 -114.10 -2.12 -64.88
CA GLN C 148 -115.49 -1.68 -64.80
C GLN C 148 -116.11 -2.07 -63.47
N VAL C 149 -116.44 -1.06 -62.66
CA VAL C 149 -117.00 -1.27 -61.32
C VAL C 149 -118.42 -0.71 -61.32
N GLY C 150 -119.38 -1.55 -60.98
CA GLY C 150 -120.77 -1.19 -60.92
C GLY C 150 -121.51 -1.54 -62.20
N ALA C 151 -122.80 -1.86 -62.06
CA ALA C 151 -123.65 -2.05 -63.22
C ALA C 151 -123.91 -0.70 -63.90
N ASN C 152 -124.72 -0.72 -64.95
CA ASN C 152 -125.06 0.48 -65.71
C ASN C 152 -123.77 1.13 -66.25
N ASP C 153 -123.15 0.40 -67.17
CA ASP C 153 -121.81 0.71 -67.66
C ASP C 153 -121.67 2.19 -68.02
N GLY C 154 -120.45 2.69 -67.86
CA GLY C 154 -120.16 4.09 -68.09
C GLY C 154 -119.13 4.61 -67.10
N GLU C 155 -118.85 3.83 -66.07
CA GLU C 155 -117.89 4.20 -65.03
C GLU C 155 -116.84 3.10 -64.90
N THR C 156 -115.58 3.51 -64.83
CA THR C 156 -114.45 2.59 -64.72
C THR C 156 -113.45 3.17 -63.74
N ILE C 157 -112.32 2.49 -63.59
CA ILE C 157 -111.20 2.95 -62.76
C ILE C 157 -109.94 2.72 -63.58
N THR C 158 -109.46 3.78 -64.23
CA THR C 158 -108.26 3.66 -65.06
C THR C 158 -107.04 3.38 -64.20
N LEU C 159 -106.20 2.44 -64.65
CA LEU C 159 -105.02 2.04 -63.89
C LEU C 159 -103.83 2.97 -64.13
N ASN C 160 -103.55 3.27 -65.41
CA ASN C 160 -102.46 4.16 -65.81
C ASN C 160 -101.12 3.65 -65.27
N LEU C 161 -100.73 2.48 -65.75
CA LEU C 161 -99.46 1.87 -65.41
C LEU C 161 -98.79 1.34 -66.67
N SER C 162 -97.52 1.70 -66.87
CA SER C 162 -96.78 1.27 -68.05
C SER C 162 -95.35 1.82 -68.00
N GLU C 163 -94.49 1.21 -68.82
CA GLU C 163 -93.15 1.71 -69.14
C GLU C 163 -92.29 1.90 -67.89
N ILE C 164 -91.98 0.78 -67.24
CA ILE C 164 -90.88 0.69 -66.28
C ILE C 164 -89.87 -0.28 -66.85
N SER C 165 -88.70 0.23 -67.21
CA SER C 165 -87.63 -0.55 -67.83
C SER C 165 -86.42 0.36 -68.00
N VAL C 166 -85.31 -0.23 -68.41
CA VAL C 166 -84.22 0.57 -68.93
C VAL C 166 -84.71 1.29 -70.18
N LYS C 167 -84.11 2.46 -70.46
CA LYS C 167 -84.48 3.33 -71.58
C LYS C 167 -85.77 4.08 -71.31
N THR C 168 -86.42 3.81 -70.17
CA THR C 168 -87.55 4.62 -69.73
C THR C 168 -87.45 5.06 -68.28
N LEU C 169 -86.66 4.37 -67.44
CA LEU C 169 -86.18 4.99 -66.21
C LEU C 169 -85.14 6.06 -66.49
N GLY C 170 -84.69 6.18 -67.74
CA GLY C 170 -83.79 7.23 -68.15
C GLY C 170 -82.34 6.83 -68.23
N LEU C 171 -81.96 5.71 -67.61
CA LEU C 171 -80.56 5.33 -67.60
C LEU C 171 -80.07 5.04 -69.01
N ASP C 172 -80.52 3.93 -69.59
CA ASP C 172 -80.41 3.61 -71.01
C ASP C 172 -78.97 3.48 -71.48
N GLY C 173 -78.02 3.95 -70.68
CA GLY C 173 -76.62 3.85 -71.01
C GLY C 173 -75.75 3.79 -69.77
N PHE C 174 -76.37 3.58 -68.61
CA PHE C 174 -75.72 3.86 -67.34
C PHE C 174 -74.37 3.17 -67.25
N ASN C 175 -73.33 3.95 -67.00
CA ASN C 175 -71.97 3.49 -67.19
C ASN C 175 -71.03 4.23 -66.28
N VAL C 176 -70.01 3.51 -65.80
CA VAL C 176 -68.98 4.11 -64.96
C VAL C 176 -67.59 4.03 -65.59
N ASN C 177 -67.37 3.18 -66.58
CA ASN C 177 -66.10 2.99 -67.24
C ASN C 177 -66.27 3.18 -68.76
N GLY C 178 -65.26 2.75 -69.52
CA GLY C 178 -65.32 2.91 -70.96
C GLY C 178 -66.51 2.20 -71.60
N LYS C 179 -66.76 0.95 -71.21
CA LYS C 179 -67.80 0.16 -71.86
C LYS C 179 -69.19 0.60 -71.44
N GLY C 180 -69.73 1.59 -72.13
CA GLY C 180 -71.03 2.14 -71.80
C GLY C 180 -71.91 2.42 -73.00
N VAL C 181 -71.83 1.59 -74.04
CA VAL C 181 -72.45 1.86 -75.33
C VAL C 181 -73.89 2.31 -75.19
N THR C 182 -74.19 3.48 -75.75
CA THR C 182 -75.51 4.10 -75.68
C THR C 182 -76.24 3.88 -77.01
N GLN C 183 -77.39 4.53 -77.16
CA GLN C 183 -78.24 4.36 -78.33
C GLN C 183 -78.28 5.67 -79.12
N ASN C 184 -78.18 5.55 -80.44
CA ASN C 184 -78.28 6.69 -81.32
C ASN C 184 -79.74 6.90 -81.74
N ARG C 185 -79.96 7.89 -82.60
CA ARG C 185 -81.30 8.25 -83.06
C ARG C 185 -81.35 8.18 -84.58
N SER C 186 -82.52 7.81 -85.10
CA SER C 186 -82.71 7.77 -86.54
C SER C 186 -82.55 9.17 -87.12
N ALA C 187 -81.76 9.27 -88.19
CA ALA C 187 -81.54 10.56 -88.83
C ALA C 187 -82.80 11.04 -89.52
N THR C 188 -83.09 12.33 -89.38
CA THR C 188 -84.24 12.95 -90.03
C THR C 188 -83.79 13.69 -91.28
N VAL C 189 -84.78 14.04 -92.12
CA VAL C 189 -84.47 14.76 -93.35
C VAL C 189 -83.82 16.10 -93.05
N THR C 190 -84.25 16.77 -91.97
CA THR C 190 -83.66 18.05 -91.61
C THR C 190 -82.17 17.90 -91.31
N ASP C 191 -81.80 16.84 -90.59
CA ASP C 191 -80.39 16.61 -90.30
C ASP C 191 -79.60 16.36 -91.57
N VAL C 192 -80.17 15.61 -92.51
CA VAL C 192 -79.48 15.33 -93.76
C VAL C 192 -79.24 16.62 -94.53
N ILE C 193 -80.25 17.49 -94.58
CA ILE C 193 -80.07 18.77 -95.24
C ILE C 193 -79.07 19.65 -94.49
N ALA C 194 -79.00 19.52 -93.17
CA ALA C 194 -78.10 20.35 -92.39
C ALA C 194 -76.64 20.13 -92.76
N GLN C 195 -76.25 18.87 -92.95
CA GLN C 195 -74.86 18.53 -93.27
C GLN C 195 -74.64 18.56 -94.79
N GLY C 196 -74.94 19.71 -95.38
CA GLY C 196 -74.69 19.92 -96.80
C GLY C 196 -75.49 18.99 -97.70
N GLY C 197 -76.74 18.71 -97.34
CA GLY C 197 -77.57 17.85 -98.16
C GLY C 197 -77.87 18.48 -99.50
N THR C 198 -77.70 17.70 -100.57
CA THR C 198 -77.99 18.14 -101.93
C THR C 198 -79.05 17.22 -102.51
N LEU C 199 -80.18 17.79 -102.90
CA LEU C 199 -81.29 17.00 -103.41
C LEU C 199 -80.94 16.41 -104.77
N GLN C 200 -81.40 15.18 -105.02
CA GLN C 200 -81.22 14.52 -106.30
C GLN C 200 -82.49 13.93 -106.88
N GLY C 201 -83.58 13.84 -106.10
CA GLY C 201 -84.81 13.25 -106.60
C GLY C 201 -85.87 13.16 -105.53
N ASP C 202 -86.52 12.00 -105.42
CA ASP C 202 -87.56 11.77 -104.42
C ASP C 202 -86.90 11.56 -103.07
N GLY C 203 -86.56 12.68 -102.43
CA GLY C 203 -85.89 12.62 -101.15
C GLY C 203 -84.52 11.99 -101.21
N THR C 204 -83.83 12.11 -102.33
CA THR C 204 -82.52 11.52 -102.53
C THR C 204 -81.46 12.59 -102.27
N TYR C 205 -80.74 12.44 -101.16
CA TYR C 205 -79.78 13.44 -100.71
C TYR C 205 -78.39 12.81 -100.65
N LYS C 206 -77.39 13.57 -101.09
CA LYS C 206 -76.00 13.10 -101.11
C LYS C 206 -75.19 14.06 -100.24
N ALA C 207 -74.74 13.58 -99.09
CA ALA C 207 -73.85 14.35 -98.24
C ALA C 207 -72.44 14.35 -98.83
N THR C 208 -71.74 15.48 -98.67
CA THR C 208 -70.39 15.63 -99.19
C THR C 208 -69.41 15.85 -98.04
N THR C 209 -68.18 15.39 -98.24
CA THR C 209 -67.10 15.65 -97.28
C THR C 209 -65.80 15.64 -98.07
N THR C 210 -65.32 16.82 -98.46
CA THR C 210 -64.06 16.89 -99.19
C THR C 210 -62.90 16.47 -98.31
N PHE C 211 -61.92 15.83 -98.92
CA PHE C 211 -60.77 15.30 -98.18
C PHE C 211 -59.44 15.86 -98.66
N ASN C 212 -59.45 16.90 -99.49
CA ASN C 212 -58.20 17.42 -100.05
C ASN C 212 -57.29 17.88 -98.92
N ALA C 213 -56.22 17.13 -98.69
CA ALA C 213 -55.39 17.31 -97.51
C ALA C 213 -54.03 16.68 -97.79
N ALA C 214 -53.28 16.39 -96.73
CA ALA C 214 -51.92 15.84 -96.81
C ALA C 214 -50.96 16.86 -97.44
N SER C 215 -50.91 18.04 -96.84
CA SER C 215 -49.95 19.06 -97.23
C SER C 215 -48.53 18.58 -96.90
N ALA C 216 -47.54 19.41 -97.24
CA ALA C 216 -46.15 19.02 -97.08
C ALA C 216 -45.82 18.75 -95.61
N GLU C 217 -46.39 19.53 -94.70
CA GLU C 217 -46.09 19.35 -93.28
C GLU C 217 -46.56 17.98 -92.79
N THR C 218 -47.78 17.58 -93.15
CA THR C 218 -48.33 16.34 -92.64
C THR C 218 -47.61 15.13 -93.22
N VAL C 219 -47.10 15.22 -94.45
CA VAL C 219 -46.40 14.09 -95.03
C VAL C 219 -44.95 14.06 -94.57
N LEU C 220 -44.37 15.23 -94.25
CA LEU C 220 -43.06 15.24 -93.61
C LEU C 220 -43.13 14.75 -92.18
N SER C 221 -44.30 14.84 -91.54
CA SER C 221 -44.45 14.36 -90.17
C SER C 221 -44.25 12.86 -90.05
N LYS C 222 -44.48 12.11 -91.13
CA LYS C 222 -44.32 10.66 -91.08
C LYS C 222 -43.28 10.21 -92.09
N LEU C 223 -42.15 10.91 -92.14
CA LEU C 223 -41.10 10.64 -93.12
C LEU C 223 -39.92 9.96 -92.45
N GLU C 224 -39.45 8.85 -93.06
CA GLU C 224 -38.27 8.17 -92.57
C GLU C 224 -37.38 7.71 -93.73
N ASP C 225 -37.67 8.10 -94.97
CA ASP C 225 -36.89 7.67 -96.11
C ASP C 225 -36.53 8.86 -96.99
N GLY C 226 -36.00 8.60 -98.18
CA GLY C 226 -35.56 9.65 -99.06
C GLY C 226 -36.67 10.25 -99.90
N ASN C 227 -36.58 11.56 -100.11
CA ASN C 227 -37.51 12.30 -100.96
C ASN C 227 -36.71 12.93 -102.10
N THR C 228 -37.39 13.76 -102.89
CA THR C 228 -36.74 14.39 -104.04
C THR C 228 -37.43 15.70 -104.38
N VAL C 229 -36.68 16.60 -104.99
CA VAL C 229 -37.18 17.88 -105.47
C VAL C 229 -36.69 18.09 -106.89
N ALA C 230 -37.62 18.36 -107.80
CA ALA C 230 -37.29 18.62 -109.19
C ALA C 230 -38.06 19.83 -109.68
N VAL C 231 -37.35 20.82 -110.22
CA VAL C 231 -37.97 22.06 -110.68
C VAL C 231 -38.35 21.84 -112.14
N GLY C 232 -39.53 21.28 -112.36
CA GLY C 232 -39.96 20.98 -113.71
C GLY C 232 -39.04 19.98 -114.38
N GLY C 233 -38.62 20.32 -115.60
CA GLY C 233 -37.71 19.50 -116.37
C GLY C 233 -36.25 19.79 -116.17
N GLY C 234 -35.89 20.59 -115.17
CA GLY C 234 -34.51 20.94 -114.88
C GLY C 234 -33.82 19.93 -113.99
N ALA C 235 -32.83 20.40 -113.26
CA ALA C 235 -32.07 19.55 -112.36
C ALA C 235 -32.95 19.05 -111.22
N THR C 236 -32.56 17.92 -110.64
CA THR C 236 -33.32 17.26 -109.59
C THR C 236 -32.42 17.01 -108.39
N TYR C 237 -32.96 17.22 -107.20
CA TYR C 237 -32.24 16.99 -105.95
C TYR C 237 -32.99 16.01 -105.08
N THR C 238 -32.26 15.13 -104.42
CA THR C 238 -32.82 14.14 -103.52
C THR C 238 -32.23 14.32 -102.13
N TYR C 239 -33.06 14.08 -101.11
CA TYR C 239 -32.68 14.26 -99.72
C TYR C 239 -33.06 13.03 -98.92
N ASP C 240 -32.26 12.73 -97.90
CA ASP C 240 -32.48 11.56 -97.06
C ASP C 240 -32.49 11.98 -95.60
N ALA C 241 -33.55 11.61 -94.88
CA ALA C 241 -33.70 11.94 -93.46
C ALA C 241 -33.10 10.82 -92.62
N ALA C 242 -31.87 11.03 -92.13
CA ALA C 242 -31.22 10.01 -91.31
C ALA C 242 -31.99 9.77 -90.01
N LYS C 243 -32.06 10.80 -89.16
CA LYS C 243 -32.82 10.76 -87.92
C LYS C 243 -33.98 11.74 -87.96
N GLY C 244 -34.45 12.08 -89.16
CA GLY C 244 -35.30 13.23 -89.36
C GLY C 244 -34.55 14.46 -89.85
N ASN C 245 -33.21 14.44 -89.77
CA ASN C 245 -32.38 15.49 -90.35
C ASN C 245 -31.92 15.04 -91.72
N PHE C 246 -32.02 15.92 -92.70
CA PHE C 246 -31.83 15.54 -94.10
C PHE C 246 -30.37 15.61 -94.49
N THR C 247 -29.90 14.58 -95.21
CA THR C 247 -28.55 14.53 -95.75
C THR C 247 -28.64 14.42 -97.26
N TYR C 248 -27.84 15.21 -97.96
CA TYR C 248 -27.90 15.27 -99.41
C TYR C 248 -26.59 15.86 -99.92
N THR C 249 -26.50 16.03 -101.24
CA THR C 249 -25.29 16.54 -101.87
C THR C 249 -25.57 17.85 -102.58
N LYS C 250 -24.59 18.75 -102.53
CA LYS C 250 -24.63 20.00 -103.28
C LYS C 250 -23.34 20.15 -104.05
N THR C 251 -23.45 20.42 -105.35
CA THR C 251 -22.27 20.61 -106.18
C THR C 251 -21.68 22.00 -105.94
N VAL C 252 -20.35 22.07 -105.95
CA VAL C 252 -19.62 23.31 -105.82
C VAL C 252 -18.74 23.46 -107.05
N ASP C 253 -18.98 24.51 -107.82
CA ASP C 253 -18.26 24.72 -109.08
C ASP C 253 -18.41 26.18 -109.49
N THR C 254 -17.99 26.48 -110.70
CA THR C 254 -18.04 27.83 -111.25
C THR C 254 -18.48 27.74 -112.71
N THR C 255 -18.27 28.83 -113.45
CA THR C 255 -18.66 28.90 -114.85
C THR C 255 -17.49 29.07 -115.81
N VAL C 256 -16.28 29.36 -115.31
CA VAL C 256 -15.13 29.65 -116.14
C VAL C 256 -14.23 28.43 -116.14
N GLY C 257 -14.03 27.82 -117.31
CA GLY C 257 -13.15 26.67 -117.42
C GLY C 257 -11.70 27.02 -117.17
N ALA C 258 -11.27 28.20 -117.61
CA ALA C 258 -9.88 28.61 -117.48
C ALA C 258 -9.54 29.22 -116.12
N ASP C 259 -10.55 29.52 -115.31
CA ASP C 259 -10.31 30.15 -114.00
C ASP C 259 -11.35 29.64 -113.02
N VAL C 260 -10.91 28.84 -112.05
CA VAL C 260 -11.79 28.33 -111.01
C VAL C 260 -11.26 28.77 -109.65
N THR C 261 -10.62 29.95 -109.62
CA THR C 261 -10.21 30.52 -108.34
C THR C 261 -11.42 30.72 -107.43
N ALA C 262 -12.57 31.07 -108.01
CA ALA C 262 -13.79 31.18 -107.22
C ALA C 262 -14.22 29.82 -106.67
N LEU C 263 -13.93 28.73 -107.39
CA LEU C 263 -14.22 27.41 -106.86
C LEU C 263 -13.42 27.13 -105.59
N ALA C 264 -12.13 27.45 -105.61
CA ALA C 264 -11.31 27.29 -104.42
C ALA C 264 -11.77 28.21 -103.30
N ASN C 265 -12.14 29.45 -103.64
CA ASN C 265 -12.64 30.40 -102.66
C ASN C 265 -14.06 30.07 -102.19
N LYS C 266 -14.70 29.10 -102.82
CA LYS C 266 -15.95 28.52 -102.34
C LYS C 266 -15.71 27.34 -101.40
N ILE C 267 -14.78 26.45 -101.76
CA ILE C 267 -14.49 25.30 -100.91
C ILE C 267 -13.81 25.73 -99.61
N LYS C 268 -12.90 26.70 -99.69
CA LYS C 268 -12.12 27.08 -98.52
C LYS C 268 -12.97 27.57 -97.35
N PRO C 269 -13.93 28.48 -97.52
CA PRO C 269 -14.78 28.86 -96.37
C PRO C 269 -15.56 27.70 -95.79
N SER C 270 -15.96 26.74 -96.62
CA SER C 270 -16.66 25.56 -96.10
C SER C 270 -15.75 24.77 -95.15
N SER C 271 -14.47 24.67 -95.48
CA SER C 271 -13.54 23.97 -94.60
C SER C 271 -13.33 24.72 -93.30
N GLY C 272 -13.44 26.04 -93.31
CA GLY C 272 -13.23 26.86 -92.15
C GLY C 272 -12.01 27.75 -92.26
N THR C 273 -11.47 28.12 -91.11
CA THR C 273 -10.29 28.97 -91.04
C THR C 273 -9.07 28.25 -90.47
N ILE C 274 -9.19 27.71 -89.25
CA ILE C 274 -8.12 26.96 -88.61
C ILE C 274 -8.72 25.74 -87.95
N SER C 275 -8.15 24.57 -88.24
CA SER C 275 -8.60 23.32 -87.64
C SER C 275 -7.43 22.34 -87.62
N GLY C 276 -7.69 21.14 -87.10
CA GLY C 276 -6.64 20.17 -86.88
C GLY C 276 -6.57 19.07 -87.92
N SER C 277 -7.06 17.89 -87.57
CA SER C 277 -6.90 16.71 -88.42
C SER C 277 -7.75 16.84 -89.68
N TYR C 278 -7.10 16.84 -90.84
CA TYR C 278 -7.73 16.76 -92.14
C TYR C 278 -7.31 15.46 -92.82
N GLU C 279 -7.92 15.20 -93.97
CA GLU C 279 -7.52 14.08 -94.82
C GLU C 279 -7.49 14.54 -96.26
N ILE C 280 -6.43 14.21 -96.99
CA ILE C 280 -6.29 14.52 -98.40
C ILE C 280 -6.14 13.21 -99.15
N SER C 281 -6.94 13.04 -100.20
CA SER C 281 -6.94 11.83 -101.01
C SER C 281 -6.46 12.12 -102.43
N THR C 282 -5.49 13.01 -102.57
CA THR C 282 -4.96 13.32 -103.89
C THR C 282 -4.29 12.10 -104.50
N GLY C 283 -4.29 12.05 -105.83
CA GLY C 283 -3.88 10.84 -106.50
C GLY C 283 -5.01 9.83 -106.50
N LYS C 284 -4.80 8.66 -105.91
CA LYS C 284 -5.88 7.70 -105.78
C LYS C 284 -6.04 7.17 -104.36
N SER C 285 -4.94 7.00 -103.64
CA SER C 285 -4.98 6.39 -102.31
C SER C 285 -4.08 7.14 -101.33
N ALA C 286 -4.16 8.47 -101.33
CA ALA C 286 -3.35 9.26 -100.41
C ALA C 286 -3.75 8.99 -98.96
N SER C 287 -4.98 9.35 -98.58
CA SER C 287 -5.53 9.07 -97.25
C SER C 287 -4.65 9.63 -96.14
N PHE C 288 -4.53 10.95 -96.12
CA PHE C 288 -3.63 11.60 -95.17
C PHE C 288 -4.29 11.76 -93.79
N ASP C 289 -3.46 12.14 -92.82
CA ASP C 289 -3.91 12.69 -91.54
C ASP C 289 -3.08 13.94 -91.30
N VAL C 290 -3.52 15.06 -91.88
CA VAL C 290 -2.73 16.29 -91.91
C VAL C 290 -3.31 17.28 -90.91
N ASP C 291 -2.49 18.28 -90.57
CA ASP C 291 -2.86 19.37 -89.67
C ASP C 291 -2.52 20.68 -90.36
N ALA C 292 -3.54 21.36 -90.88
CA ALA C 292 -3.35 22.60 -91.65
C ALA C 292 -3.79 23.77 -90.78
N ALA C 293 -2.83 24.38 -90.09
CA ALA C 293 -3.06 25.64 -89.38
C ALA C 293 -2.71 26.79 -90.31
N GLY C 294 -3.51 26.92 -91.37
CA GLY C 294 -3.16 27.80 -92.47
C GLY C 294 -2.36 27.05 -93.50
N LYS C 295 -1.04 27.19 -93.46
CA LYS C 295 -0.16 26.42 -94.32
C LYS C 295 -0.29 24.93 -93.98
N ILE C 296 -0.25 24.09 -95.01
CA ILE C 296 -0.51 22.67 -94.84
C ILE C 296 0.72 21.97 -94.27
N THR C 297 0.52 21.20 -93.20
CA THR C 297 1.59 20.46 -92.54
C THR C 297 1.12 19.04 -92.24
N ILE C 298 2.07 18.21 -91.83
CA ILE C 298 1.81 16.84 -91.40
C ILE C 298 2.21 16.73 -89.93
N GLY C 299 1.66 15.72 -89.26
CA GLY C 299 2.05 15.47 -87.89
C GLY C 299 3.52 15.13 -87.79
N GLY C 300 4.32 16.07 -87.28
CA GLY C 300 5.74 15.86 -87.11
C GLY C 300 6.63 16.52 -88.15
N ASN C 301 6.07 17.06 -89.23
CA ASN C 301 6.89 17.66 -90.29
C ASN C 301 6.03 18.61 -91.12
N ALA C 302 6.64 19.16 -92.16
CA ALA C 302 5.97 20.07 -93.08
C ALA C 302 5.27 19.27 -94.17
N ALA C 303 4.74 19.95 -95.19
CA ALA C 303 4.07 19.27 -96.29
C ALA C 303 4.14 20.17 -97.52
N PHE C 304 5.08 19.87 -98.42
CA PHE C 304 5.20 20.57 -99.69
C PHE C 304 4.30 19.89 -100.71
N LEU C 305 4.42 20.29 -101.98
CA LEU C 305 3.56 19.72 -103.02
C LEU C 305 4.32 19.71 -104.34
N ASN C 306 4.32 18.56 -105.00
CA ASN C 306 4.86 18.42 -106.35
C ASN C 306 3.71 18.32 -107.34
N ALA C 307 3.82 19.03 -108.46
CA ALA C 307 2.68 19.30 -109.30
C ALA C 307 2.98 19.06 -110.78
N ASP C 308 1.91 19.14 -111.57
CA ASP C 308 1.91 19.19 -113.03
C ASP C 308 2.21 17.85 -113.70
N GLY C 309 2.63 16.86 -112.92
CA GLY C 309 2.61 15.49 -113.41
C GLY C 309 1.46 14.74 -112.76
N GLU C 310 1.41 14.85 -111.44
CA GLU C 310 0.31 14.38 -110.61
C GLU C 310 0.44 15.07 -109.26
N LEU C 311 -0.53 15.92 -108.92
CA LEU C 311 -0.37 16.84 -107.80
C LEU C 311 -0.51 16.06 -106.50
N THR C 312 0.62 15.70 -105.91
CA THR C 312 0.68 14.96 -104.65
C THR C 312 1.30 15.83 -103.57
N THR C 313 1.08 15.45 -102.31
CA THR C 313 1.57 16.21 -101.17
C THR C 313 2.61 15.38 -100.41
N ASN C 314 3.77 15.98 -100.16
CA ASN C 314 4.84 15.35 -99.41
C ASN C 314 5.71 16.44 -98.77
N ASP C 315 6.45 16.06 -97.74
CA ASP C 315 7.45 16.97 -97.19
C ASP C 315 8.80 16.83 -97.88
N ALA C 316 8.95 15.87 -98.79
CA ALA C 316 10.17 15.69 -99.57
C ALA C 316 10.12 16.65 -100.74
N SER C 317 10.65 17.86 -100.53
CA SER C 317 10.56 18.90 -101.55
C SER C 317 11.48 18.59 -102.72
N GLY C 318 11.01 18.90 -103.92
CA GLY C 318 11.79 18.83 -105.12
C GLY C 318 12.30 20.19 -105.57
N ALA C 319 12.55 20.31 -106.87
CA ALA C 319 13.02 21.58 -107.42
C ALA C 319 11.89 22.59 -107.60
N LEU C 320 10.67 22.14 -107.86
CA LEU C 320 9.55 23.00 -108.20
C LEU C 320 8.36 22.72 -107.28
N THR C 321 8.61 22.68 -105.98
CA THR C 321 7.59 22.32 -105.00
C THR C 321 7.23 23.52 -104.13
N GLN C 322 5.96 23.57 -103.73
CA GLN C 322 5.43 24.64 -102.90
C GLN C 322 4.60 24.03 -101.78
N ALA C 323 4.35 24.82 -100.73
CA ALA C 323 3.65 24.33 -99.56
C ALA C 323 2.65 25.38 -99.08
N THR C 324 1.36 25.11 -99.29
CA THR C 324 0.29 25.92 -98.72
C THR C 324 -1.03 25.19 -98.92
N LEU C 325 -2.05 25.65 -98.17
CA LEU C 325 -3.37 25.06 -98.27
C LEU C 325 -4.02 25.35 -99.63
N ASP C 326 -3.74 26.53 -100.19
CA ASP C 326 -4.35 26.90 -101.45
C ASP C 326 -3.92 25.96 -102.57
N ASP C 327 -2.64 25.60 -102.60
CA ASP C 327 -2.18 24.66 -103.62
C ASP C 327 -2.84 23.29 -103.47
N VAL C 328 -2.99 22.82 -102.23
CA VAL C 328 -3.63 21.53 -102.00
C VAL C 328 -5.10 21.57 -102.42
N LEU C 329 -5.78 22.67 -102.10
CA LEU C 329 -7.18 22.80 -102.49
C LEU C 329 -7.32 22.89 -104.00
N THR C 330 -6.37 23.57 -104.67
CA THR C 330 -6.37 23.58 -106.13
C THR C 330 -6.15 22.18 -106.68
N SER C 331 -5.22 21.42 -106.08
CA SER C 331 -5.01 20.04 -106.49
C SER C 331 -6.28 19.23 -106.39
N VAL C 332 -6.99 19.35 -105.27
CA VAL C 332 -8.22 18.59 -105.09
C VAL C 332 -9.28 19.03 -106.07
N GLY C 333 -9.42 20.33 -106.27
CA GLY C 333 -10.53 20.85 -107.05
C GLY C 333 -10.26 21.12 -108.52
N THR C 334 -8.99 21.32 -108.89
CA THR C 334 -8.66 21.70 -110.26
C THR C 334 -7.90 20.61 -111.00
N GLU C 335 -6.76 20.16 -110.46
CA GLU C 335 -5.89 19.21 -111.13
C GLU C 335 -5.96 17.81 -110.50
N ALA C 336 -7.12 17.46 -109.93
CA ALA C 336 -7.28 16.14 -109.35
C ALA C 336 -7.16 15.06 -110.42
N ASN C 337 -7.84 15.27 -111.56
CA ASN C 337 -7.86 14.33 -112.69
C ASN C 337 -8.30 12.93 -112.28
N SER C 338 -8.98 12.82 -111.14
CA SER C 338 -9.43 11.53 -110.62
C SER C 338 -10.37 11.81 -109.45
N SER C 339 -10.81 10.73 -108.80
CA SER C 339 -11.68 10.84 -107.63
C SER C 339 -10.82 11.25 -106.45
N VAL C 340 -10.75 12.55 -106.21
CA VAL C 340 -9.96 13.12 -105.13
C VAL C 340 -10.90 13.89 -104.22
N THR C 341 -10.78 13.64 -102.91
CA THR C 341 -11.66 14.27 -101.93
C THR C 341 -10.85 14.66 -100.71
N ILE C 342 -11.44 15.51 -99.88
CA ILE C 342 -10.87 15.92 -98.60
C ILE C 342 -11.81 15.47 -97.50
N GLY C 343 -11.30 14.65 -96.58
CA GLY C 343 -12.07 14.13 -95.48
C GLY C 343 -12.04 14.96 -94.22
N GLY C 344 -11.43 16.14 -94.26
CA GLY C 344 -11.30 16.93 -93.05
C GLY C 344 -12.63 17.49 -92.57
N THR C 345 -12.78 17.53 -91.24
CA THR C 345 -13.97 18.07 -90.58
C THR C 345 -15.24 17.35 -91.03
N LYS C 346 -15.14 16.04 -91.24
CA LYS C 346 -16.29 15.18 -91.53
C LYS C 346 -17.06 15.64 -92.77
N TYR C 347 -16.34 16.08 -93.79
CA TYR C 347 -16.89 16.32 -95.11
C TYR C 347 -16.12 15.50 -96.14
N SER C 348 -16.60 15.53 -97.38
CA SER C 348 -15.92 14.83 -98.47
C SER C 348 -16.14 15.64 -99.75
N HIS C 349 -15.17 16.51 -100.04
CA HIS C 349 -15.23 17.36 -101.24
C HIS C 349 -14.64 16.61 -102.42
N SER C 350 -15.39 15.60 -102.88
CA SER C 350 -14.93 14.75 -103.97
C SER C 350 -14.87 15.54 -105.27
N ALA C 351 -13.84 15.26 -106.06
CA ALA C 351 -13.68 15.89 -107.38
C ALA C 351 -14.47 15.08 -108.39
N ALA C 352 -15.76 15.39 -108.48
CA ALA C 352 -16.63 14.71 -109.46
C ALA C 352 -16.14 14.96 -110.88
N ASP C 353 -15.73 16.19 -111.18
CA ASP C 353 -15.15 16.54 -112.46
C ASP C 353 -13.91 17.37 -112.22
N GLU C 354 -12.81 17.02 -112.88
CA GLU C 354 -11.58 17.80 -112.79
C GLU C 354 -11.61 18.95 -113.80
N LEU C 355 -10.60 19.80 -113.70
CA LEU C 355 -10.46 20.94 -114.61
C LEU C 355 -9.39 20.61 -115.66
N SER C 356 -9.82 20.47 -116.91
CA SER C 356 -8.90 20.39 -118.03
C SER C 356 -8.54 21.77 -118.58
N TYR C 357 -8.78 22.82 -117.79
CA TYR C 357 -8.57 24.23 -118.11
C TYR C 357 -9.52 24.73 -119.17
N THR C 358 -10.38 23.87 -119.72
CA THR C 358 -11.46 24.27 -120.63
C THR C 358 -12.82 23.93 -120.05
N ALA C 359 -13.01 22.70 -119.57
CA ALA C 359 -14.25 22.30 -118.94
C ALA C 359 -14.19 22.57 -117.43
N VAL C 360 -15.26 23.16 -116.91
CA VAL C 360 -15.28 23.56 -115.51
C VAL C 360 -15.23 22.34 -114.61
N ALA C 361 -14.49 22.44 -113.51
CA ALA C 361 -14.35 21.34 -112.57
C ALA C 361 -15.49 21.33 -111.56
N THR C 362 -15.70 20.16 -110.95
CA THR C 362 -16.78 19.95 -109.98
C THR C 362 -16.21 19.37 -108.71
N THR C 363 -16.59 19.95 -107.57
CA THR C 363 -16.14 19.52 -106.25
C THR C 363 -17.33 19.26 -105.34
N ALA C 364 -18.29 18.48 -105.85
CA ALA C 364 -19.52 18.23 -105.12
C ALA C 364 -19.23 17.57 -103.78
N ASP C 365 -20.02 17.94 -102.77
CA ASP C 365 -19.86 17.42 -101.42
C ASP C 365 -21.22 17.11 -100.84
N VAL C 366 -21.23 16.26 -99.81
CA VAL C 366 -22.43 16.01 -99.03
C VAL C 366 -22.58 17.19 -98.07
N LEU C 367 -23.36 18.19 -98.47
CA LEU C 367 -23.46 19.40 -97.68
C LEU C 367 -24.44 19.22 -96.51
N SER C 368 -25.62 18.69 -96.79
CA SER C 368 -26.70 18.58 -95.80
C SER C 368 -27.02 19.94 -95.19
N ALA C 369 -26.79 21.01 -95.96
CA ALA C 369 -27.04 22.36 -95.47
C ALA C 369 -28.51 22.61 -95.20
N MET C 370 -29.40 21.84 -95.82
CA MET C 370 -30.84 21.93 -95.57
C MET C 370 -31.29 20.83 -94.63
N GLY C 371 -30.40 20.42 -93.73
CA GLY C 371 -30.66 19.24 -92.90
C GLY C 371 -31.87 19.39 -92.01
N SER C 372 -32.14 20.60 -91.55
CA SER C 372 -33.31 20.83 -90.71
C SER C 372 -34.58 20.46 -91.45
N SER C 373 -35.46 19.72 -90.78
CA SER C 373 -36.69 19.28 -91.42
C SER C 373 -37.57 20.45 -91.81
N THR C 374 -37.64 21.47 -90.95
CA THR C 374 -38.39 22.67 -91.31
C THR C 374 -37.73 23.43 -92.44
N ALA C 375 -36.40 23.31 -92.59
CA ALA C 375 -35.75 23.92 -93.74
C ALA C 375 -36.21 23.28 -95.04
N VAL C 376 -36.31 21.95 -95.06
CA VAL C 376 -36.85 21.27 -96.23
C VAL C 376 -38.31 21.63 -96.43
N SER C 377 -39.06 21.79 -95.33
CA SER C 377 -40.44 22.24 -95.47
C SER C 377 -40.51 23.61 -96.11
N THR C 378 -39.59 24.50 -95.75
CA THR C 378 -39.54 25.83 -96.37
C THR C 378 -39.23 25.73 -97.86
N VAL C 379 -38.24 24.93 -98.21
CA VAL C 379 -37.83 24.89 -99.62
C VAL C 379 -38.90 24.22 -100.48
N THR C 380 -39.63 23.24 -99.93
CA THR C 380 -40.70 22.62 -100.69
C THR C 380 -41.99 23.43 -100.65
N LEU C 381 -42.11 24.37 -99.70
CA LEU C 381 -43.28 25.24 -99.62
C LEU C 381 -43.10 26.54 -100.39
N GLY C 382 -41.87 27.04 -100.48
CA GLY C 382 -41.60 28.25 -101.23
C GLY C 382 -40.93 27.98 -102.56
N SER C 383 -41.04 26.73 -103.03
CA SER C 383 -40.42 26.36 -104.29
C SER C 383 -41.12 27.03 -105.47
N GLY C 384 -40.43 27.06 -106.59
CA GLY C 384 -40.99 27.61 -107.81
C GLY C 384 -41.93 26.64 -108.50
N ILE C 385 -41.84 26.54 -109.82
CA ILE C 385 -42.66 25.59 -110.56
C ILE C 385 -41.95 24.24 -110.54
N THR C 386 -42.19 23.46 -109.49
CA THR C 386 -41.47 22.22 -109.26
C THR C 386 -42.45 21.06 -109.16
N SER C 387 -41.89 19.85 -109.10
CA SER C 387 -42.64 18.62 -108.94
C SER C 387 -41.99 17.74 -107.88
N ALA C 388 -41.68 18.35 -106.74
CA ALA C 388 -40.98 17.65 -105.66
C ALA C 388 -41.84 16.49 -105.15
N ALA C 389 -41.18 15.40 -104.79
CA ALA C 389 -41.85 14.17 -104.41
C ALA C 389 -41.21 13.59 -103.15
N VAL C 390 -42.02 12.85 -102.38
CA VAL C 390 -41.58 12.26 -101.13
C VAL C 390 -41.88 10.77 -101.14
N THR C 391 -40.87 9.95 -100.83
CA THR C 391 -41.05 8.54 -100.53
C THR C 391 -40.85 8.39 -99.03
N PHE C 392 -41.91 8.03 -98.32
CA PHE C 392 -41.94 8.07 -96.86
C PHE C 392 -42.24 6.73 -96.23
N ALA C 393 -42.04 5.63 -96.95
CA ALA C 393 -42.38 4.33 -96.41
C ALA C 393 -41.47 3.28 -97.01
N ILE C 394 -41.51 2.09 -96.42
CA ILE C 394 -40.60 1.01 -96.76
C ILE C 394 -41.23 0.15 -97.86
N ALA C 395 -40.38 -0.66 -98.50
CA ALA C 395 -40.74 -1.46 -99.68
C ALA C 395 -42.10 -2.14 -99.58
N THR C 396 -42.44 -2.69 -98.41
CA THR C 396 -43.75 -3.32 -98.26
C THR C 396 -44.88 -2.29 -98.20
N THR C 397 -44.56 -1.03 -97.89
CA THR C 397 -45.54 0.04 -97.88
C THR C 397 -45.09 1.21 -98.76
N ASP C 398 -44.12 1.00 -99.64
CA ASP C 398 -43.50 2.08 -100.39
C ASP C 398 -44.52 2.77 -101.29
N SER C 399 -44.33 4.07 -101.45
CA SER C 399 -45.20 4.89 -102.28
C SER C 399 -44.46 6.19 -102.60
N ASN C 400 -45.18 7.12 -103.22
CA ASN C 400 -44.62 8.43 -103.53
C ASN C 400 -45.74 9.45 -103.52
N ASN C 401 -45.43 10.65 -103.04
CA ASN C 401 -46.38 11.74 -102.97
C ASN C 401 -45.97 12.84 -103.93
N THR C 402 -46.89 13.28 -104.78
CA THR C 402 -46.66 14.40 -105.69
C THR C 402 -47.68 15.49 -105.40
N TRP C 403 -47.21 16.73 -105.31
CA TRP C 403 -48.03 17.83 -104.85
C TRP C 403 -47.80 19.07 -105.70
N VAL C 404 -48.49 20.15 -105.33
CA VAL C 404 -48.46 21.38 -106.10
C VAL C 404 -47.06 21.99 -106.05
N ASP C 405 -46.71 22.72 -107.11
CA ASP C 405 -45.36 23.25 -107.26
C ASP C 405 -44.94 24.10 -106.07
N ASN C 406 -45.88 24.80 -105.42
CA ASN C 406 -45.50 25.69 -104.35
C ASN C 406 -46.46 25.68 -103.16
N LYS C 407 -47.32 24.68 -103.05
CA LYS C 407 -48.26 24.61 -101.93
C LYS C 407 -48.06 23.42 -101.01
N GLY C 408 -47.60 22.29 -101.52
CA GLY C 408 -47.49 21.08 -100.72
C GLY C 408 -48.74 20.24 -100.69
N GLU C 409 -49.86 20.73 -101.23
CA GLU C 409 -51.10 19.98 -101.21
C GLU C 409 -51.05 18.88 -102.27
N LEU C 410 -51.29 17.64 -101.85
CA LEU C 410 -51.24 16.50 -102.75
C LEU C 410 -52.49 16.48 -103.62
N THR C 411 -52.33 16.77 -104.91
CA THR C 411 -53.48 16.89 -105.79
C THR C 411 -54.26 15.58 -105.89
N ASP C 412 -53.56 14.46 -106.05
CA ASP C 412 -54.21 13.17 -106.24
C ASP C 412 -54.28 12.34 -104.97
N ILE C 413 -53.79 12.85 -103.85
CA ILE C 413 -53.80 12.13 -102.59
C ILE C 413 -54.53 12.96 -101.55
N GLN C 414 -55.54 12.36 -100.92
CA GLN C 414 -56.36 13.01 -99.91
C GLN C 414 -56.26 12.23 -98.61
N THR C 415 -56.74 12.85 -97.53
CA THR C 415 -56.81 12.20 -96.23
C THR C 415 -58.26 12.15 -95.76
N PHE C 416 -58.70 10.97 -95.35
CA PHE C 416 -60.03 10.83 -94.76
C PHE C 416 -59.97 11.32 -93.32
N ASP C 417 -61.03 11.06 -92.56
CA ASP C 417 -60.97 11.33 -91.12
C ASP C 417 -60.00 10.40 -90.40
N THR C 418 -59.55 9.33 -91.06
CA THR C 418 -58.64 8.37 -90.43
C THR C 418 -57.28 8.33 -91.11
N SER C 419 -57.22 8.10 -92.42
CA SER C 419 -55.95 7.84 -93.09
C SER C 419 -56.00 8.47 -94.49
N TYR C 420 -55.03 8.11 -95.32
CA TYR C 420 -54.89 8.66 -96.66
C TYR C 420 -55.66 7.81 -97.67
N LYS C 421 -56.11 8.44 -98.75
CA LYS C 421 -56.69 7.73 -99.88
C LYS C 421 -56.78 8.70 -101.04
N ILE C 422 -56.95 8.15 -102.24
CA ILE C 422 -56.95 8.96 -103.45
C ILE C 422 -58.35 9.42 -103.81
N ASN C 423 -59.28 9.29 -102.88
CA ASN C 423 -60.66 9.72 -103.09
C ASN C 423 -60.83 11.14 -102.58
N ALA C 424 -61.31 12.04 -103.45
CA ALA C 424 -61.53 13.42 -103.04
C ALA C 424 -62.66 13.52 -102.02
N ASP C 425 -63.77 12.83 -102.25
CA ASP C 425 -64.88 12.85 -101.34
C ASP C 425 -65.64 11.53 -101.44
N THR C 426 -66.07 11.02 -100.28
CA THR C 426 -66.89 9.82 -100.26
C THR C 426 -68.20 10.05 -101.01
N GLY C 427 -68.90 11.12 -100.68
CA GLY C 427 -70.11 11.49 -101.39
C GLY C 427 -71.20 10.43 -101.35
N GLU C 428 -71.37 9.77 -100.20
CA GLU C 428 -72.43 8.78 -100.08
C GLU C 428 -73.80 9.45 -100.17
N VAL C 429 -74.77 8.70 -100.69
CA VAL C 429 -76.10 9.22 -100.97
C VAL C 429 -77.09 8.51 -100.06
N THR C 430 -77.83 9.30 -99.28
CA THR C 430 -78.84 8.77 -98.38
C THR C 430 -80.21 9.23 -98.85
N VAL C 431 -81.12 8.29 -99.07
CA VAL C 431 -82.46 8.58 -99.55
C VAL C 431 -83.42 8.59 -98.38
N VAL C 432 -84.29 9.60 -98.34
CA VAL C 432 -85.23 9.80 -97.26
C VAL C 432 -86.58 9.24 -97.65
N GLY C 433 -87.12 8.34 -96.83
CA GLY C 433 -88.46 7.83 -97.04
C GLY C 433 -89.50 8.95 -96.96
N ASP C 434 -90.41 9.00 -97.92
CA ASP C 434 -91.42 10.04 -97.91
C ASP C 434 -92.49 9.81 -96.86
N ASN C 435 -92.94 8.56 -96.72
CA ASN C 435 -94.06 8.25 -95.83
C ASN C 435 -93.67 8.19 -94.36
N SER C 436 -92.38 8.19 -94.04
CA SER C 436 -91.94 8.11 -92.66
C SER C 436 -90.59 8.81 -92.53
N ALA C 437 -90.25 9.18 -91.28
CA ALA C 437 -89.00 9.86 -91.03
C ALA C 437 -87.79 8.98 -91.33
N THR C 438 -88.00 7.68 -91.49
CA THR C 438 -86.90 6.76 -91.80
C THR C 438 -86.16 7.19 -93.06
N ALA C 439 -84.84 7.25 -92.96
CA ALA C 439 -83.98 7.60 -94.08
C ALA C 439 -83.19 6.36 -94.48
N GLY C 440 -83.29 5.97 -95.75
CA GLY C 440 -82.60 4.82 -96.26
C GLY C 440 -81.17 5.12 -96.65
N GLN C 441 -80.51 4.10 -97.19
CA GLN C 441 -79.13 4.22 -97.68
C GLN C 441 -79.14 3.96 -99.18
N TYR C 442 -78.87 5.00 -99.97
CA TYR C 442 -78.81 4.87 -101.42
C TYR C 442 -77.35 4.73 -101.85
N ALA C 443 -76.80 3.54 -101.61
CA ALA C 443 -75.40 3.26 -101.89
C ALA C 443 -75.23 1.75 -101.99
N SER C 444 -73.98 1.28 -101.94
CA SER C 444 -73.72 -0.16 -101.98
C SER C 444 -74.30 -0.86 -100.77
N ALA C 445 -74.44 -0.16 -99.64
CA ALA C 445 -75.12 -0.74 -98.48
C ALA C 445 -76.59 -1.01 -98.80
N ASP C 446 -77.20 -0.13 -99.60
CA ASP C 446 -78.51 -0.37 -100.22
C ASP C 446 -79.60 -0.62 -99.18
N GLY C 447 -79.87 0.42 -98.40
CA GLY C 447 -80.98 0.42 -97.48
C GLY C 447 -80.63 0.20 -96.03
N ALA C 448 -79.35 0.08 -95.69
CA ALA C 448 -78.97 0.00 -94.29
C ALA C 448 -79.39 1.28 -93.56
N LYS C 449 -79.95 1.11 -92.36
CA LYS C 449 -80.46 2.24 -91.62
C LYS C 449 -79.35 3.22 -91.27
N VAL C 450 -79.64 4.51 -91.45
CA VAL C 450 -78.70 5.57 -91.12
C VAL C 450 -79.17 6.27 -89.84
N LEU C 451 -78.26 6.43 -88.90
CA LEU C 451 -78.57 7.05 -87.62
C LEU C 451 -77.48 8.05 -87.27
N VAL C 452 -77.87 9.11 -86.59
CA VAL C 452 -76.92 10.14 -86.18
C VAL C 452 -76.38 9.78 -84.81
N GLY C 453 -75.07 9.54 -84.73
CA GLY C 453 -74.42 9.19 -83.49
C GLY C 453 -74.07 10.42 -82.65
N SER C 454 -73.50 10.15 -81.49
CA SER C 454 -73.07 11.21 -80.58
C SER C 454 -71.91 11.97 -81.22
N ASP C 455 -72.12 13.26 -81.48
CA ASP C 455 -71.13 14.10 -82.15
C ASP C 455 -70.72 13.50 -83.50
N GLY C 456 -71.68 12.92 -84.19
CA GLY C 456 -71.44 12.32 -85.49
C GLY C 456 -72.30 12.97 -86.55
N LYS C 457 -71.73 13.14 -87.74
CA LYS C 457 -72.50 13.65 -88.86
C LYS C 457 -73.66 12.71 -89.18
N LEU C 458 -73.35 11.48 -89.59
CA LEU C 458 -74.33 10.45 -89.85
C LEU C 458 -73.59 9.13 -90.03
N THR C 459 -74.19 8.04 -89.56
CA THR C 459 -73.56 6.73 -89.65
C THR C 459 -74.65 5.67 -89.72
N THR C 460 -74.23 4.42 -89.85
CA THR C 460 -75.14 3.30 -90.01
C THR C 460 -75.43 2.57 -88.70
N GLU C 461 -74.43 2.32 -87.87
CA GLU C 461 -74.64 1.51 -86.68
C GLU C 461 -75.39 2.33 -85.64
N THR C 462 -76.29 1.67 -84.91
CA THR C 462 -77.25 2.33 -84.05
C THR C 462 -76.73 2.66 -82.66
N THR C 463 -75.51 2.27 -82.32
CA THR C 463 -74.97 2.52 -80.99
C THR C 463 -73.62 3.21 -81.08
N SER C 464 -73.22 3.84 -79.97
CA SER C 464 -71.96 4.54 -79.87
C SER C 464 -71.48 4.47 -78.43
N ALA C 465 -70.21 4.82 -78.23
CA ALA C 465 -69.61 4.72 -76.90
C ALA C 465 -70.29 5.69 -75.93
N GLY C 466 -70.45 5.22 -74.69
CA GLY C 466 -71.12 6.01 -73.67
C GLY C 466 -70.23 7.05 -73.02
N ASP C 467 -68.97 6.70 -72.79
CA ASP C 467 -67.95 7.63 -72.32
C ASP C 467 -68.34 8.26 -70.98
N LYS C 468 -68.44 7.40 -69.96
CA LYS C 468 -68.48 7.84 -68.55
C LYS C 468 -69.66 8.78 -68.30
N THR C 469 -70.86 8.21 -68.35
CA THR C 469 -72.10 8.96 -68.14
C THR C 469 -71.94 10.03 -67.08
N THR C 470 -72.32 11.26 -67.44
CA THR C 470 -71.88 12.47 -66.76
C THR C 470 -72.24 12.51 -65.28
N ASP C 471 -73.53 12.56 -64.95
CA ASP C 471 -73.99 12.67 -63.58
C ASP C 471 -74.77 11.40 -63.23
N PRO C 472 -74.11 10.42 -62.62
CA PRO C 472 -74.77 9.14 -62.34
C PRO C 472 -75.89 9.25 -61.32
N LEU C 473 -75.57 9.82 -60.15
CA LEU C 473 -76.54 9.79 -59.06
C LEU C 473 -77.77 10.61 -59.36
N LYS C 474 -77.64 11.70 -60.11
CA LYS C 474 -78.83 12.47 -60.48
C LYS C 474 -79.72 11.69 -61.43
N THR C 475 -79.12 10.98 -62.38
CA THR C 475 -79.93 10.10 -63.25
C THR C 475 -80.62 9.02 -62.43
N LEU C 476 -79.90 8.42 -61.48
CA LEU C 476 -80.50 7.42 -60.61
C LEU C 476 -81.63 8.01 -59.80
N ASP C 477 -81.48 9.24 -59.33
CA ASP C 477 -82.53 9.89 -58.56
C ASP C 477 -83.74 10.18 -59.42
N ALA C 478 -83.54 10.55 -60.69
CA ALA C 478 -84.66 10.73 -61.60
C ALA C 478 -85.40 9.41 -61.81
N ALA C 479 -84.64 8.32 -61.99
CA ALA C 479 -85.27 7.00 -62.07
C ALA C 479 -86.04 6.68 -60.81
N PHE C 480 -85.46 7.02 -59.65
CA PHE C 480 -86.14 6.81 -58.38
C PHE C 480 -87.45 7.58 -58.32
N THR C 481 -87.43 8.84 -58.76
CA THR C 481 -88.64 9.65 -58.72
C THR C 481 -89.72 9.07 -59.61
N LYS C 482 -89.35 8.66 -60.83
CA LYS C 482 -90.35 8.07 -61.72
C LYS C 482 -90.93 6.78 -61.14
N LEU C 483 -90.05 5.89 -60.66
CA LEU C 483 -90.50 4.62 -60.12
C LEU C 483 -91.37 4.83 -58.88
N ASP C 484 -90.97 5.75 -57.99
CA ASP C 484 -91.75 5.99 -56.79
C ASP C 484 -93.07 6.65 -57.11
N LYS C 485 -93.11 7.51 -58.12
CA LYS C 485 -94.38 8.09 -58.55
C LYS C 485 -95.34 7.01 -59.02
N LEU C 486 -94.85 6.10 -59.87
CA LEU C 486 -95.73 5.04 -60.35
C LEU C 486 -96.15 4.11 -59.22
N THR C 487 -95.23 3.80 -58.30
CA THR C 487 -95.56 2.94 -57.17
C THR C 487 -96.61 3.59 -56.26
N GLY C 488 -96.45 4.88 -55.99
CA GLY C 488 -97.44 5.57 -55.19
C GLY C 488 -98.79 5.66 -55.87
N GLU C 489 -98.80 5.85 -57.19
CA GLU C 489 -100.07 5.80 -57.91
C GLU C 489 -100.72 4.44 -57.76
N LEU C 490 -99.94 3.36 -57.86
CA LEU C 490 -100.51 2.02 -57.71
C LEU C 490 -101.03 1.81 -56.30
N GLY C 491 -100.31 2.29 -55.29
CA GLY C 491 -100.80 2.16 -53.92
C GLY C 491 -102.10 2.92 -53.70
N ALA C 492 -102.19 4.13 -54.25
CA ALA C 492 -103.43 4.89 -54.15
C ALA C 492 -104.57 4.15 -54.85
N VAL C 493 -104.28 3.54 -56.00
CA VAL C 493 -105.31 2.77 -56.70
C VAL C 493 -105.74 1.57 -55.86
N GLN C 494 -104.80 0.93 -55.18
CA GLN C 494 -105.16 -0.19 -54.31
C GLN C 494 -106.08 0.26 -53.19
N ASN C 495 -105.76 1.41 -52.57
CA ASN C 495 -106.62 1.95 -51.52
C ASN C 495 -108.01 2.26 -52.05
N ARG C 496 -108.09 2.94 -53.19
CA ARG C 496 -109.37 3.28 -53.78
C ARG C 496 -110.16 2.02 -54.11
N LEU C 497 -109.49 1.00 -54.65
CA LEU C 497 -110.17 -0.22 -55.03
C LEU C 497 -110.70 -0.97 -53.82
N GLU C 498 -109.94 -1.00 -52.72
CA GLU C 498 -110.45 -1.65 -51.52
C GLU C 498 -111.62 -0.88 -50.92
N SER C 499 -111.57 0.45 -50.93
CA SER C 499 -112.69 1.22 -50.45
C SER C 499 -113.93 1.00 -51.32
N THR C 500 -113.74 0.89 -52.63
CA THR C 500 -114.87 0.58 -53.50
C THR C 500 -115.38 -0.84 -53.25
N ILE C 501 -114.49 -1.77 -52.91
CA ILE C 501 -114.95 -3.10 -52.54
C ILE C 501 -115.88 -3.03 -51.35
N ALA C 502 -115.49 -2.27 -50.32
CA ALA C 502 -116.35 -2.12 -49.15
C ALA C 502 -117.67 -1.46 -49.52
N ASN C 503 -117.62 -0.41 -50.34
CA ASN C 503 -118.83 0.30 -50.74
C ASN C 503 -119.76 -0.62 -51.53
N LEU C 504 -119.22 -1.34 -52.50
CA LEU C 504 -120.03 -2.26 -53.29
C LEU C 504 -120.63 -3.36 -52.43
N ASN C 505 -119.87 -3.90 -51.46
CA ASN C 505 -120.43 -4.90 -50.57
C ASN C 505 -121.59 -4.33 -49.77
N ASN C 506 -121.44 -3.10 -49.27
CA ASN C 506 -122.53 -2.47 -48.55
C ASN C 506 -123.76 -2.32 -49.42
N VAL C 507 -123.57 -1.87 -50.67
CA VAL C 507 -124.71 -1.70 -51.57
C VAL C 507 -125.34 -3.04 -51.90
N VAL C 508 -124.53 -4.10 -52.02
CA VAL C 508 -125.07 -5.43 -52.29
C VAL C 508 -125.96 -5.88 -51.16
N ASN C 509 -125.49 -5.74 -49.92
CA ASN C 509 -126.33 -6.15 -48.79
C ASN C 509 -127.60 -5.33 -48.72
N ASN C 510 -127.48 -4.01 -48.92
CA ASN C 510 -128.66 -3.15 -48.82
C ASN C 510 -129.67 -3.46 -49.92
N LEU C 511 -129.20 -3.72 -51.13
CA LEU C 511 -130.11 -4.04 -52.23
C LEU C 511 -130.72 -5.42 -52.06
N SER C 512 -129.97 -6.38 -51.51
CA SER C 512 -130.56 -7.68 -51.21
C SER C 512 -131.66 -7.54 -50.18
N SER C 513 -131.42 -6.74 -49.14
CA SER C 513 -132.46 -6.49 -48.15
C SER C 513 -133.67 -5.81 -48.78
N ALA C 514 -133.45 -4.81 -49.64
CA ALA C 514 -134.55 -4.12 -50.27
C ALA C 514 -135.37 -5.07 -51.15
N ARG C 515 -134.69 -5.99 -51.83
CA ARG C 515 -135.39 -7.02 -52.58
C ARG C 515 -136.21 -7.91 -51.65
N SER C 516 -135.67 -8.22 -50.47
CA SER C 516 -136.44 -9.00 -49.50
C SER C 516 -137.70 -8.28 -49.06
N ARG C 517 -137.61 -6.97 -48.80
CA ARG C 517 -138.80 -6.23 -48.38
C ARG C 517 -139.92 -6.27 -49.41
N ILE C 518 -139.61 -6.57 -50.68
CA ILE C 518 -140.60 -6.57 -51.74
C ILE C 518 -140.89 -7.96 -52.27
N GLN C 519 -139.84 -8.74 -52.57
CA GLN C 519 -140.04 -9.93 -53.39
C GLN C 519 -140.50 -11.14 -52.57
N ASP C 520 -139.66 -11.62 -51.67
CA ASP C 520 -139.90 -12.89 -51.01
C ASP C 520 -140.96 -12.75 -49.91
N ALA C 521 -141.48 -13.91 -49.47
CA ALA C 521 -142.70 -13.97 -48.68
C ALA C 521 -142.41 -14.17 -47.20
N ASP C 522 -143.29 -13.62 -46.37
CA ASP C 522 -143.18 -13.75 -44.92
C ASP C 522 -143.90 -15.02 -44.50
N TYR C 523 -143.13 -16.02 -44.03
CA TYR C 523 -143.71 -17.31 -43.69
C TYR C 523 -144.71 -17.21 -42.56
N ALA C 524 -144.53 -16.25 -41.65
CA ALA C 524 -145.48 -16.09 -40.56
C ALA C 524 -146.89 -15.83 -41.10
N THR C 525 -147.01 -14.98 -42.11
CA THR C 525 -148.31 -14.76 -42.73
C THR C 525 -148.73 -15.94 -43.59
N GLU C 526 -147.77 -16.54 -44.30
CA GLU C 526 -148.11 -17.56 -45.30
C GLU C 526 -148.65 -18.82 -44.64
N VAL C 527 -148.03 -19.26 -43.54
CA VAL C 527 -148.49 -20.46 -42.87
C VAL C 527 -149.89 -20.25 -42.31
N SER C 528 -150.14 -19.09 -41.71
CA SER C 528 -151.46 -18.78 -41.21
C SER C 528 -152.48 -18.75 -42.34
N ASN C 529 -152.09 -18.19 -43.49
CA ASN C 529 -152.99 -18.18 -44.65
C ASN C 529 -153.31 -19.59 -45.11
N MET C 530 -152.31 -20.46 -45.14
CA MET C 530 -152.54 -21.85 -45.50
C MET C 530 -153.51 -22.52 -44.53
N SER C 531 -153.32 -22.30 -43.23
CA SER C 531 -154.21 -22.92 -42.25
C SER C 531 -155.64 -22.42 -42.41
N LYS C 532 -155.82 -21.11 -42.58
CA LYS C 532 -157.16 -20.57 -42.77
C LYS C 532 -157.79 -21.12 -44.04
N ALA C 533 -157.02 -21.22 -45.12
CA ALA C 533 -157.55 -21.77 -46.36
C ALA C 533 -157.96 -23.22 -46.20
N GLN C 534 -157.16 -24.01 -45.47
CA GLN C 534 -157.50 -25.41 -45.25
C GLN C 534 -158.80 -25.54 -44.45
N ILE C 535 -158.93 -24.75 -43.37
CA ILE C 535 -160.16 -24.81 -42.59
C ILE C 535 -161.35 -24.39 -43.44
N LEU C 536 -161.19 -23.33 -44.23
CA LEU C 536 -162.27 -22.87 -45.08
C LEU C 536 -162.67 -23.94 -46.09
N GLN C 537 -161.69 -24.62 -46.68
CA GLN C 537 -161.99 -25.62 -47.69
C GLN C 537 -162.71 -26.81 -47.08
N GLN C 538 -162.26 -27.29 -45.91
CA GLN C 538 -162.93 -28.42 -45.29
C GLN C 538 -164.35 -28.07 -44.85
N ALA C 539 -164.52 -26.87 -44.29
CA ALA C 539 -165.86 -26.41 -43.93
C ALA C 539 -166.74 -26.31 -45.18
N GLY C 540 -166.17 -25.82 -46.28
CA GLY C 540 -166.93 -25.74 -47.52
C GLY C 540 -167.35 -27.09 -48.03
N THR C 541 -166.45 -28.08 -47.95
CA THR C 541 -166.81 -29.43 -48.37
C THR C 541 -167.96 -29.99 -47.53
N SER C 542 -167.87 -29.81 -46.21
CA SER C 542 -168.94 -30.33 -45.35
C SER C 542 -170.27 -29.63 -45.62
N VAL C 543 -170.25 -28.30 -45.73
CA VAL C 543 -171.49 -27.57 -45.95
C VAL C 543 -172.04 -27.88 -47.34
N LEU C 544 -171.16 -28.15 -48.32
CA LEU C 544 -171.63 -28.60 -49.62
C LEU C 544 -172.31 -29.95 -49.53
N ALA C 545 -171.76 -30.86 -48.72
CA ALA C 545 -172.43 -32.15 -48.51
C ALA C 545 -173.83 -31.95 -47.95
N GLN C 546 -173.94 -31.10 -46.92
CA GLN C 546 -175.28 -30.83 -46.39
C GLN C 546 -176.17 -30.11 -47.39
N ALA C 547 -175.62 -29.25 -48.24
CA ALA C 547 -176.42 -28.57 -49.24
C ALA C 547 -176.98 -29.56 -50.25
N ASN C 548 -176.16 -30.51 -50.70
CA ASN C 548 -176.66 -31.57 -51.57
C ASN C 548 -177.64 -32.49 -50.85
N GLN C 549 -177.55 -32.57 -49.52
CA GLN C 549 -178.55 -33.33 -48.77
C GLN C 549 -179.85 -32.57 -48.57
N VAL C 550 -179.84 -31.24 -48.71
CA VAL C 550 -181.06 -30.45 -48.52
C VAL C 550 -182.21 -30.92 -49.40
N PRO C 551 -182.05 -31.07 -50.72
CA PRO C 551 -183.20 -31.47 -51.55
C PRO C 551 -183.66 -32.90 -51.30
N GLN C 552 -182.91 -33.69 -50.55
CA GLN C 552 -183.36 -35.04 -50.23
C GLN C 552 -184.66 -35.02 -49.42
N THR C 553 -184.88 -33.95 -48.65
CA THR C 553 -186.12 -33.83 -47.91
C THR C 553 -187.33 -33.77 -48.83
N VAL C 554 -187.14 -33.29 -50.06
CA VAL C 554 -188.22 -33.33 -51.04
C VAL C 554 -188.62 -34.77 -51.32
N LEU C 555 -187.64 -35.66 -51.37
CA LEU C 555 -187.92 -37.09 -51.57
C LEU C 555 -188.25 -37.75 -50.23
N SER C 556 -189.18 -37.15 -49.51
CA SER C 556 -189.73 -37.72 -48.29
C SER C 556 -191.24 -37.91 -48.39
N LEU C 557 -191.96 -36.88 -48.82
CA LEU C 557 -193.39 -37.01 -49.06
C LEU C 557 -193.62 -37.61 -50.44
N LEU C 558 -194.44 -38.65 -50.50
CA LEU C 558 -194.70 -39.34 -51.75
C LEU C 558 -196.04 -40.06 -51.70
N ALA D 2 -188.53 -28.22 -22.78
CA ALA D 2 -189.47 -29.27 -23.12
C ALA D 2 -189.04 -29.99 -24.40
N ALA D 3 -189.89 -29.94 -25.42
CA ALA D 3 -189.61 -30.55 -26.71
C ALA D 3 -189.59 -29.50 -27.80
N VAL D 4 -189.03 -28.32 -27.49
CA VAL D 4 -188.99 -27.22 -28.44
C VAL D 4 -187.86 -27.44 -29.43
N ILE D 5 -188.05 -26.91 -30.64
CA ILE D 5 -187.02 -26.95 -31.66
C ILE D 5 -186.69 -25.58 -32.23
N ASN D 6 -187.57 -24.58 -32.07
CA ASN D 6 -187.28 -23.25 -32.57
C ASN D 6 -186.10 -22.62 -31.82
N THR D 7 -186.05 -22.80 -30.51
CA THR D 7 -185.00 -22.24 -29.68
C THR D 7 -184.31 -23.34 -28.90
N ASN D 8 -182.99 -23.25 -28.78
CA ASN D 8 -182.18 -24.21 -28.04
C ASN D 8 -181.35 -23.46 -27.01
N TYR D 9 -181.84 -23.41 -25.77
CA TYR D 9 -181.14 -22.65 -24.73
C TYR D 9 -179.78 -23.26 -24.43
N LEU D 10 -179.67 -24.59 -24.48
CA LEU D 10 -178.40 -25.24 -24.20
C LEU D 10 -177.33 -24.80 -25.18
N SER D 11 -177.68 -24.69 -26.45
CA SER D 11 -176.71 -24.23 -27.45
C SER D 11 -176.24 -22.82 -27.15
N LEU D 12 -177.15 -21.94 -26.74
CA LEU D 12 -176.76 -20.57 -26.42
C LEU D 12 -175.82 -20.53 -25.21
N VAL D 13 -176.13 -21.32 -24.18
CA VAL D 13 -175.25 -21.37 -23.01
C VAL D 13 -173.87 -21.89 -23.40
N ALA D 14 -173.84 -22.94 -24.21
CA ALA D 14 -172.55 -23.48 -24.66
C ALA D 14 -171.77 -22.45 -25.47
N GLN D 15 -172.47 -21.71 -26.33
CA GLN D 15 -171.79 -20.69 -27.12
C GLN D 15 -171.21 -19.59 -26.24
N ASN D 16 -171.96 -19.16 -25.23
CA ASN D 16 -171.45 -18.11 -24.34
C ASN D 16 -170.22 -18.59 -23.57
N ASN D 17 -170.28 -19.82 -23.04
CA ASN D 17 -169.11 -20.34 -22.32
C ASN D 17 -167.93 -20.51 -23.26
N LEU D 18 -168.19 -20.94 -24.50
CA LEU D 18 -167.14 -21.06 -25.49
C LEU D 18 -166.50 -19.71 -25.77
N ASN D 19 -167.31 -18.66 -25.89
CA ASN D 19 -166.77 -17.33 -26.13
C ASN D 19 -165.91 -16.86 -24.96
N LYS D 20 -166.36 -17.11 -23.73
CA LYS D 20 -165.56 -16.71 -22.57
C LYS D 20 -164.23 -17.45 -22.54
N SER D 21 -164.27 -18.77 -22.79
CA SER D 21 -163.04 -19.54 -22.83
C SER D 21 -162.11 -19.09 -23.95
N GLN D 22 -162.69 -18.74 -25.10
CA GLN D 22 -161.89 -18.26 -26.22
C GLN D 22 -161.24 -16.92 -25.90
N SER D 23 -161.96 -16.04 -25.20
CA SER D 23 -161.35 -14.78 -24.79
C SER D 23 -160.20 -15.02 -23.83
N SER D 24 -160.37 -15.94 -22.88
CA SER D 24 -159.28 -16.27 -21.97
C SER D 24 -158.09 -16.83 -22.73
N LEU D 25 -158.34 -17.71 -23.70
CA LEU D 25 -157.26 -18.26 -24.51
C LEU D 25 -156.55 -17.18 -25.30
N GLY D 26 -157.31 -16.23 -25.85
CA GLY D 26 -156.70 -15.15 -26.60
C GLY D 26 -155.81 -14.27 -25.73
N THR D 27 -156.28 -13.95 -24.52
CA THR D 27 -155.44 -13.19 -23.60
C THR D 27 -154.18 -13.96 -23.25
N ALA D 28 -154.31 -15.27 -23.02
CA ALA D 28 -153.13 -16.08 -22.70
C ALA D 28 -152.14 -16.09 -23.85
N ILE D 29 -152.62 -16.26 -25.08
CA ILE D 29 -151.74 -16.29 -26.24
C ILE D 29 -151.06 -14.95 -26.45
N GLU D 30 -151.80 -13.86 -26.27
CA GLU D 30 -151.22 -12.53 -26.41
C GLU D 30 -150.12 -12.29 -25.38
N ARG D 31 -150.39 -12.65 -24.12
CA ARG D 31 -149.37 -12.48 -23.08
C ARG D 31 -148.16 -13.36 -23.35
N LEU D 32 -148.41 -14.57 -23.88
CA LEU D 32 -147.32 -15.49 -24.19
C LEU D 32 -146.43 -14.93 -25.30
N SER D 33 -147.04 -14.49 -26.39
CA SER D 33 -146.27 -14.03 -27.54
C SER D 33 -145.52 -12.74 -27.21
N SER D 34 -146.21 -11.77 -26.63
CA SER D 34 -145.54 -10.52 -26.29
C SER D 34 -144.50 -10.72 -25.20
N GLY D 35 -144.81 -11.57 -24.22
CA GLY D 35 -143.98 -11.71 -23.04
C GLY D 35 -144.22 -10.67 -21.98
N LEU D 36 -145.15 -9.74 -22.21
CA LEU D 36 -145.47 -8.67 -21.27
C LEU D 36 -146.87 -8.91 -20.73
N ARG D 37 -146.99 -9.01 -19.41
CA ARG D 37 -148.31 -9.18 -18.81
C ARG D 37 -149.16 -7.93 -19.01
N ILE D 38 -148.57 -6.74 -18.86
CA ILE D 38 -149.28 -5.48 -19.06
C ILE D 38 -148.99 -5.02 -20.48
N ASN D 39 -149.83 -5.44 -21.41
CA ASN D 39 -149.90 -4.87 -22.74
C ASN D 39 -151.37 -4.70 -23.08
N SER D 40 -151.66 -3.83 -24.04
CA SER D 40 -153.04 -3.48 -24.36
C SER D 40 -153.73 -2.93 -23.10
N ALA D 41 -153.32 -1.72 -22.75
CA ALA D 41 -153.42 -1.15 -21.41
C ALA D 41 -154.75 -1.37 -20.71
N LYS D 42 -155.81 -1.63 -21.48
CA LYS D 42 -157.15 -1.87 -20.94
C LYS D 42 -157.17 -2.79 -19.72
N ASP D 43 -156.17 -3.65 -19.58
CA ASP D 43 -155.97 -4.41 -18.35
C ASP D 43 -154.86 -3.79 -17.53
N ASP D 44 -155.12 -3.57 -16.24
CA ASP D 44 -154.14 -3.00 -15.31
C ASP D 44 -153.63 -1.65 -15.80
N ALA D 45 -154.56 -0.68 -15.88
CA ALA D 45 -154.20 0.65 -16.34
C ALA D 45 -153.17 1.31 -15.44
N ALA D 46 -153.36 1.21 -14.12
CA ALA D 46 -152.36 1.73 -13.20
C ALA D 46 -151.03 1.02 -13.37
N GLY D 47 -151.08 -0.29 -13.58
CA GLY D 47 -149.86 -1.02 -13.89
C GLY D 47 -149.19 -0.53 -15.16
N MET D 48 -150.00 -0.21 -16.18
CA MET D 48 -149.44 0.35 -17.41
C MET D 48 -148.76 1.69 -17.16
N ALA D 49 -149.39 2.56 -16.37
CA ALA D 49 -148.78 3.85 -16.06
C ALA D 49 -147.48 3.67 -15.30
N ILE D 50 -147.47 2.75 -14.33
CA ILE D 50 -146.25 2.50 -13.55
C ILE D 50 -145.15 1.95 -14.45
N ALA D 51 -145.49 1.02 -15.34
CA ALA D 51 -144.50 0.46 -16.25
C ALA D 51 -143.95 1.53 -17.20
N ASN D 52 -144.83 2.40 -17.70
CA ASN D 52 -144.37 3.49 -18.56
C ASN D 52 -143.41 4.41 -17.81
N ARG D 53 -143.75 4.77 -16.58
CA ARG D 53 -142.87 5.62 -15.78
C ARG D 53 -141.52 4.94 -15.55
N PHE D 54 -141.55 3.63 -15.24
CA PHE D 54 -140.30 2.91 -15.00
C PHE D 54 -139.45 2.83 -16.28
N THR D 55 -140.09 2.58 -17.42
CA THR D 55 -139.34 2.54 -18.68
C THR D 55 -138.68 3.88 -18.96
N ALA D 56 -139.44 4.97 -18.79
CA ALA D 56 -138.86 6.30 -19.03
C ALA D 56 -137.70 6.55 -18.09
N ASN D 57 -137.86 6.22 -16.82
CA ASN D 57 -136.79 6.44 -15.85
C ASN D 57 -135.56 5.60 -16.19
N VAL D 58 -135.76 4.35 -16.62
CA VAL D 58 -134.63 3.48 -16.92
C VAL D 58 -133.86 3.98 -18.12
N ARG D 59 -134.58 4.37 -19.19
CA ARG D 59 -133.90 4.92 -20.35
C ARG D 59 -133.16 6.21 -20.00
N GLY D 60 -133.80 7.09 -19.22
CA GLY D 60 -133.14 8.31 -18.81
C GLY D 60 -131.88 8.05 -18.01
N LEU D 61 -131.92 7.07 -17.11
CA LEU D 61 -130.75 6.79 -16.29
C LEU D 61 -129.65 6.10 -17.08
N THR D 62 -129.99 5.27 -18.06
CA THR D 62 -128.96 4.71 -18.93
C THR D 62 -128.27 5.82 -19.73
N GLN D 63 -129.05 6.74 -20.29
CA GLN D 63 -128.44 7.87 -20.98
C GLN D 63 -127.63 8.73 -20.02
N ALA D 64 -128.07 8.82 -18.76
CA ALA D 64 -127.30 9.54 -17.75
C ALA D 64 -125.95 8.87 -17.49
N ALA D 65 -125.94 7.54 -17.44
CA ALA D 65 -124.69 6.81 -17.28
C ALA D 65 -123.77 7.08 -18.47
N ARG D 66 -124.33 7.12 -19.67
CA ARG D 66 -123.53 7.47 -20.84
C ARG D 66 -122.94 8.88 -20.70
N ASN D 67 -123.77 9.83 -20.25
CA ASN D 67 -123.31 11.20 -20.07
C ASN D 67 -122.18 11.28 -19.06
N ALA D 68 -122.32 10.57 -17.93
CA ALA D 68 -121.29 10.60 -16.91
C ALA D 68 -120.01 9.92 -17.39
N ASN D 69 -120.13 8.87 -18.21
CA ASN D 69 -118.95 8.28 -18.82
C ASN D 69 -118.24 9.28 -19.73
N ASP D 70 -119.01 10.04 -20.49
CA ASP D 70 -118.41 11.09 -21.32
C ASP D 70 -117.70 12.12 -20.45
N GLY D 71 -118.31 12.49 -19.33
CA GLY D 71 -117.66 13.41 -18.41
C GLY D 71 -116.37 12.85 -17.85
N ILE D 72 -116.36 11.57 -17.52
CA ILE D 72 -115.13 10.93 -17.03
C ILE D 72 -114.05 10.98 -18.10
N SER D 73 -114.41 10.69 -19.34
CA SER D 73 -113.42 10.73 -20.42
C SER D 73 -112.88 12.15 -20.62
N LEU D 74 -113.78 13.14 -20.56
CA LEU D 74 -113.34 14.52 -20.68
C LEU D 74 -112.36 14.89 -19.56
N ALA D 75 -112.69 14.49 -18.33
CA ALA D 75 -111.79 14.74 -17.21
C ALA D 75 -110.46 14.03 -17.42
N GLN D 76 -110.49 12.84 -18.02
CA GLN D 76 -109.25 12.12 -18.30
C GLN D 76 -108.36 12.89 -19.26
N THR D 77 -108.93 13.37 -20.37
CA THR D 77 -108.13 14.13 -21.32
C THR D 77 -107.57 15.40 -20.68
N THR D 78 -108.43 16.13 -19.95
CA THR D 78 -107.98 17.36 -19.32
C THR D 78 -106.89 17.09 -18.29
N GLU D 79 -107.03 16.01 -17.53
CA GLU D 79 -106.03 15.65 -16.54
C GLU D 79 -104.71 15.26 -17.19
N GLY D 80 -104.76 14.56 -18.32
CA GLY D 80 -103.53 14.24 -19.03
C GLY D 80 -102.80 15.47 -19.50
N ALA D 81 -103.54 16.41 -20.10
CA ALA D 81 -102.92 17.66 -20.51
C ALA D 81 -102.36 18.43 -19.32
N ALA D 82 -103.08 18.42 -18.20
CA ALA D 82 -102.60 19.08 -16.99
C ALA D 82 -101.32 18.45 -16.49
N SER D 83 -101.23 17.12 -16.54
CA SER D 83 -100.02 16.44 -16.11
C SER D 83 -98.84 16.79 -17.00
N GLU D 84 -99.08 16.91 -18.31
CA GLU D 84 -97.99 17.30 -19.18
C GLU D 84 -97.53 18.73 -18.90
N VAL D 85 -98.48 19.64 -18.64
CA VAL D 85 -98.10 20.99 -18.22
C VAL D 85 -97.32 20.93 -16.92
N ASN D 86 -97.68 20.00 -16.04
CA ASN D 86 -96.97 19.82 -14.78
C ASN D 86 -95.53 19.42 -15.01
N THR D 87 -95.30 18.48 -15.94
CA THR D 87 -93.93 18.11 -16.29
C THR D 87 -93.17 19.29 -16.87
N HIS D 88 -93.85 20.11 -17.67
CA HIS D 88 -93.20 21.31 -18.19
C HIS D 88 -92.79 22.26 -17.08
N LEU D 89 -93.67 22.44 -16.08
CA LEU D 89 -93.33 23.28 -14.93
C LEU D 89 -92.14 22.71 -14.16
N GLN D 90 -92.10 21.39 -14.03
CA GLN D 90 -90.97 20.75 -13.37
C GLN D 90 -89.66 21.04 -14.11
N ARG D 91 -89.67 20.89 -15.43
CA ARG D 91 -88.47 21.17 -16.20
C ARG D 91 -88.08 22.63 -16.11
N ILE D 92 -89.06 23.53 -16.14
CA ILE D 92 -88.77 24.95 -16.05
C ILE D 92 -88.14 25.28 -14.69
N ARG D 93 -88.67 24.69 -13.62
CA ARG D 93 -88.09 24.91 -12.30
C ARG D 93 -86.66 24.36 -12.23
N GLU D 94 -86.42 23.22 -12.87
CA GLU D 94 -85.07 22.67 -12.94
C GLU D 94 -84.11 23.65 -13.63
N LEU D 95 -84.51 24.19 -14.77
CA LEU D 95 -83.68 25.18 -15.46
C LEU D 95 -83.52 26.44 -14.62
N THR D 96 -84.57 26.85 -13.91
CA THR D 96 -84.50 28.05 -13.09
C THR D 96 -83.48 27.88 -11.98
N VAL D 97 -83.47 26.72 -11.33
CA VAL D 97 -82.47 26.44 -10.31
C VAL D 97 -81.07 26.42 -10.92
N GLN D 98 -80.94 25.80 -12.10
CA GLN D 98 -79.63 25.71 -12.73
C GLN D 98 -79.08 27.08 -13.08
N ALA D 99 -79.92 27.95 -13.65
CA ALA D 99 -79.48 29.26 -14.12
C ALA D 99 -79.47 30.31 -13.03
N SER D 100 -80.05 30.03 -11.86
CA SER D 100 -79.96 30.98 -10.77
C SER D 100 -78.53 31.13 -10.26
N ASN D 101 -77.66 30.19 -10.60
CA ASN D 101 -76.25 30.28 -10.24
C ASN D 101 -75.60 31.46 -10.95
N GLY D 102 -74.58 32.03 -10.31
CA GLY D 102 -73.85 33.14 -10.89
C GLY D 102 -72.66 32.75 -11.73
N SER D 103 -72.23 31.49 -11.68
CA SER D 103 -71.06 31.07 -12.44
C SER D 103 -71.34 31.08 -13.95
N TYR D 104 -72.59 30.88 -14.35
CA TYR D 104 -72.93 30.88 -15.76
C TYR D 104 -72.87 32.28 -16.33
N SER D 105 -72.22 32.43 -17.49
CA SER D 105 -72.13 33.71 -18.15
C SER D 105 -73.44 34.00 -18.89
N GLN D 106 -73.45 35.12 -19.61
CA GLN D 106 -74.71 35.60 -20.20
C GLN D 106 -75.19 34.68 -21.32
N GLU D 107 -74.27 34.10 -22.09
CA GLU D 107 -74.67 33.29 -23.23
C GLU D 107 -75.38 32.00 -22.79
N GLN D 108 -74.85 31.33 -21.77
CA GLN D 108 -75.53 30.14 -21.27
C GLN D 108 -76.88 30.49 -20.67
N LEU D 109 -76.97 31.65 -20.00
CA LEU D 109 -78.26 32.11 -19.52
C LEU D 109 -79.23 32.35 -20.67
N ASP D 110 -78.73 32.87 -21.79
CA ASP D 110 -79.58 33.06 -22.96
C ASP D 110 -80.06 31.73 -23.51
N SER D 111 -79.19 30.73 -23.53
CA SER D 111 -79.61 29.40 -23.97
C SER D 111 -80.68 28.83 -23.04
N VAL D 112 -80.49 28.99 -21.73
CA VAL D 112 -81.49 28.53 -20.76
C VAL D 112 -82.80 29.26 -21.00
N GLN D 113 -82.74 30.57 -21.24
CA GLN D 113 -83.96 31.33 -21.47
C GLN D 113 -84.65 30.88 -22.75
N GLY D 114 -83.88 30.54 -23.77
CA GLY D 114 -84.48 30.00 -24.99
C GLY D 114 -85.19 28.68 -24.72
N GLU D 115 -84.57 27.81 -23.94
CA GLU D 115 -85.23 26.55 -23.59
C GLU D 115 -86.51 26.80 -22.78
N ILE D 116 -86.46 27.76 -21.85
CA ILE D 116 -87.64 28.09 -21.06
C ILE D 116 -88.74 28.66 -21.94
N ASN D 117 -88.36 29.48 -22.92
CA ASN D 117 -89.35 30.01 -23.86
C ASN D 117 -89.97 28.90 -24.68
N GLN D 118 -89.18 27.93 -25.10
CA GLN D 118 -89.73 26.78 -25.82
C GLN D 118 -90.73 26.04 -24.94
N ARG D 119 -90.39 25.84 -23.66
CA ARG D 119 -91.29 25.16 -22.75
C ARG D 119 -92.59 25.95 -22.56
N LEU D 120 -92.47 27.27 -22.41
CA LEU D 120 -93.66 28.11 -22.23
C LEU D 120 -94.54 28.09 -23.47
N ALA D 121 -93.91 28.13 -24.65
CA ALA D 121 -94.67 28.01 -25.88
C ALA D 121 -95.40 26.69 -25.96
N ASP D 122 -94.75 25.61 -25.51
CA ASP D 122 -95.44 24.32 -25.48
C ASP D 122 -96.61 24.33 -24.50
N ILE D 123 -96.44 24.98 -23.34
CA ILE D 123 -97.53 25.06 -22.38
C ILE D 123 -98.71 25.79 -23.00
N ASP D 124 -98.43 26.91 -23.67
CA ASP D 124 -99.50 27.67 -24.31
C ASP D 124 -100.15 26.85 -25.42
N ARG D 125 -99.35 26.09 -26.16
CA ARG D 125 -99.90 25.22 -27.20
C ARG D 125 -100.83 24.18 -26.61
N ILE D 126 -100.41 23.54 -25.51
CA ILE D 126 -101.25 22.55 -24.85
C ILE D 126 -102.55 23.18 -24.41
N SER D 127 -102.47 24.42 -23.92
CA SER D 127 -103.69 25.13 -23.53
C SER D 127 -104.62 25.33 -24.71
N GLU D 128 -104.08 25.88 -25.80
CA GLU D 128 -104.94 26.23 -26.93
C GLU D 128 -105.43 25.02 -27.72
N GLN D 129 -104.79 23.86 -27.59
CA GLN D 129 -105.08 22.76 -28.49
C GLN D 129 -105.56 21.48 -27.81
N THR D 130 -105.61 21.43 -26.48
CA THR D 130 -106.19 20.27 -25.82
C THR D 130 -107.68 20.25 -26.11
N ASP D 131 -108.10 19.34 -26.99
CA ASP D 131 -109.45 19.35 -27.53
C ASP D 131 -110.19 18.08 -27.14
N PHE D 132 -111.50 18.22 -26.96
CA PHE D 132 -112.36 17.08 -26.67
C PHE D 132 -113.73 17.40 -27.25
N ASN D 133 -114.07 16.74 -28.36
CA ASN D 133 -115.35 16.97 -29.04
C ASN D 133 -115.52 18.45 -29.38
N GLY D 134 -114.46 19.06 -29.92
CA GLY D 134 -114.53 20.46 -30.27
C GLY D 134 -114.61 21.40 -29.10
N VAL D 135 -114.18 20.98 -27.92
CA VAL D 135 -114.20 21.81 -26.71
C VAL D 135 -112.77 22.00 -26.27
N LYS D 136 -112.34 23.26 -26.18
CA LYS D 136 -110.99 23.59 -25.73
C LYS D 136 -110.98 23.53 -24.21
N VAL D 137 -110.88 22.31 -23.69
CA VAL D 137 -111.13 22.07 -22.28
C VAL D 137 -110.09 22.76 -21.40
N LEU D 138 -108.81 22.56 -21.70
CA LEU D 138 -107.75 23.17 -20.89
C LEU D 138 -107.27 24.49 -21.51
N SER D 139 -108.20 25.39 -21.81
CA SER D 139 -107.83 26.58 -22.58
C SER D 139 -108.22 27.87 -21.89
N ASP D 140 -108.09 28.98 -22.61
CA ASP D 140 -108.43 30.29 -22.08
C ASP D 140 -109.91 30.60 -22.23
N SER D 141 -110.67 29.78 -22.95
CA SER D 141 -112.11 29.94 -23.11
C SER D 141 -112.74 28.58 -22.82
N ALA D 142 -113.01 28.31 -21.55
CA ALA D 142 -113.56 27.01 -21.15
C ALA D 142 -114.45 27.23 -19.93
N LYS D 143 -115.74 27.39 -20.18
CA LYS D 143 -116.69 27.49 -19.09
C LYS D 143 -116.94 26.11 -18.49
N PRO D 144 -117.30 26.06 -17.20
CA PRO D 144 -117.64 24.76 -16.60
C PRO D 144 -118.84 24.12 -17.28
N LEU D 145 -118.83 22.79 -17.32
CA LEU D 145 -119.87 22.03 -18.02
C LEU D 145 -120.99 21.68 -17.05
N THR D 146 -121.93 20.85 -17.51
CA THR D 146 -123.10 20.47 -16.72
C THR D 146 -123.15 18.99 -16.41
N LEU D 147 -123.04 18.13 -17.42
CA LEU D 147 -123.07 16.68 -17.25
C LEU D 147 -124.36 16.22 -16.58
N GLN D 148 -125.46 16.43 -17.30
CA GLN D 148 -126.76 15.97 -16.83
C GLN D 148 -126.71 14.49 -16.48
N VAL D 149 -126.94 14.18 -15.21
CA VAL D 149 -126.90 12.80 -14.71
C VAL D 149 -128.23 12.51 -14.02
N GLY D 150 -129.17 11.95 -14.77
CA GLY D 150 -130.43 11.50 -14.20
C GLY D 150 -131.64 12.05 -14.91
N ALA D 151 -132.77 11.37 -14.77
CA ALA D 151 -134.04 11.90 -15.25
C ALA D 151 -134.49 13.03 -14.33
N ASN D 152 -135.69 13.55 -14.59
CA ASN D 152 -136.24 14.66 -13.83
C ASN D 152 -135.30 15.86 -13.87
N ASP D 153 -135.18 16.40 -15.09
CA ASP D 153 -134.23 17.45 -15.43
C ASP D 153 -134.11 18.49 -14.32
N GLY D 154 -132.87 18.83 -13.98
CA GLY D 154 -132.62 19.76 -12.90
C GLY D 154 -131.38 19.50 -12.08
N GLU D 155 -130.70 18.38 -12.33
CA GLU D 155 -129.47 18.04 -11.62
C GLU D 155 -128.31 17.93 -12.59
N THR D 156 -127.15 18.43 -12.17
CA THR D 156 -125.96 18.50 -13.00
C THR D 156 -124.73 18.29 -12.14
N ILE D 157 -123.61 17.99 -12.80
CA ILE D 157 -122.32 17.83 -12.14
C ILE D 157 -121.36 18.81 -12.82
N THR D 158 -121.21 19.99 -12.23
CA THR D 158 -120.31 21.00 -12.77
C THR D 158 -118.86 20.54 -12.68
N LEU D 159 -118.10 20.77 -13.75
CA LEU D 159 -116.70 20.37 -13.79
C LEU D 159 -115.75 21.43 -13.25
N ASN D 160 -116.01 22.71 -13.53
CA ASN D 160 -115.16 23.82 -13.07
C ASN D 160 -113.73 23.64 -13.58
N LEU D 161 -113.60 23.68 -14.91
CA LEU D 161 -112.33 23.50 -15.60
C LEU D 161 -112.06 24.71 -16.48
N SER D 162 -110.87 25.30 -16.34
CA SER D 162 -110.49 26.48 -17.10
C SER D 162 -109.07 26.91 -16.74
N GLU D 163 -108.45 27.65 -17.66
CA GLU D 163 -107.32 28.53 -17.37
C GLU D 163 -106.10 27.76 -16.82
N ILE D 164 -105.55 26.92 -17.68
CA ILE D 164 -104.20 26.39 -17.50
C ILE D 164 -103.40 26.79 -18.73
N SER D 165 -102.54 27.79 -18.58
CA SER D 165 -101.72 28.31 -19.68
C SER D 165 -100.72 29.29 -19.09
N VAL D 166 -99.75 29.69 -19.91
CA VAL D 166 -99.02 30.90 -19.60
C VAL D 166 -100.01 32.06 -19.59
N LYS D 167 -99.69 33.09 -18.82
CA LYS D 167 -100.48 34.28 -18.55
C LYS D 167 -101.62 33.98 -17.58
N THR D 168 -101.86 32.72 -17.20
CA THR D 168 -102.78 32.41 -16.13
C THR D 168 -102.18 31.54 -15.03
N LEU D 169 -101.08 30.85 -15.30
CA LEU D 169 -100.25 30.32 -14.22
C LEU D 169 -99.39 31.40 -13.58
N GLY D 170 -99.45 32.62 -14.11
CA GLY D 170 -98.81 33.77 -13.50
C GLY D 170 -97.49 34.16 -14.10
N LEU D 171 -96.83 33.26 -14.84
CA LEU D 171 -95.51 33.56 -15.35
C LEU D 171 -95.55 34.71 -16.35
N ASP D 172 -96.06 34.44 -17.56
CA ASP D 172 -96.41 35.45 -18.55
C ASP D 172 -95.23 36.27 -19.06
N GLY D 173 -94.10 36.23 -18.35
CA GLY D 173 -92.91 36.93 -18.77
C GLY D 173 -91.65 36.29 -18.26
N PHE D 174 -91.76 35.02 -17.85
CA PHE D 174 -90.76 34.40 -17.00
C PHE D 174 -89.38 34.47 -17.67
N ASN D 175 -88.48 35.23 -17.06
CA ASN D 175 -87.24 35.68 -17.70
C ASN D 175 -86.09 35.33 -16.77
N VAL D 176 -85.51 34.15 -16.97
CA VAL D 176 -84.45 33.69 -16.07
C VAL D 176 -83.19 34.52 -16.25
N ASN D 177 -82.90 34.97 -17.47
CA ASN D 177 -81.78 35.87 -17.68
C ASN D 177 -82.29 37.31 -17.66
N GLY D 178 -81.46 38.26 -18.08
CA GLY D 178 -81.80 39.66 -18.07
C GLY D 178 -80.80 40.46 -17.28
N LYS D 179 -81.09 41.76 -17.17
CA LYS D 179 -80.18 42.66 -16.48
C LYS D 179 -80.08 42.38 -14.98
N GLY D 180 -80.97 41.56 -14.44
CA GLY D 180 -80.90 41.23 -13.02
C GLY D 180 -81.15 42.46 -12.18
N VAL D 181 -80.17 42.80 -11.33
CA VAL D 181 -80.25 43.97 -10.46
C VAL D 181 -79.40 45.05 -11.11
N THR D 182 -80.04 46.01 -11.75
CA THR D 182 -79.31 47.10 -12.39
C THR D 182 -78.70 48.03 -11.35
N GLN D 183 -77.54 48.58 -11.67
CA GLN D 183 -76.82 49.48 -10.78
C GLN D 183 -76.97 50.91 -11.29
N ASN D 184 -77.51 51.78 -10.44
CA ASN D 184 -77.63 53.18 -10.80
C ASN D 184 -76.26 53.84 -10.78
N ARG D 185 -76.13 54.94 -11.51
CA ARG D 185 -74.87 55.67 -11.59
C ARG D 185 -74.96 56.95 -10.78
N SER D 186 -73.85 57.30 -10.13
CA SER D 186 -73.83 58.42 -9.20
C SER D 186 -74.13 59.73 -9.93
N ALA D 187 -75.00 60.54 -9.32
CA ALA D 187 -75.34 61.85 -9.87
C ALA D 187 -74.19 62.84 -9.64
N THR D 188 -74.28 63.98 -10.32
CA THR D 188 -73.27 65.01 -10.20
C THR D 188 -73.93 66.38 -10.36
N VAL D 189 -73.11 67.42 -10.42
CA VAL D 189 -73.62 68.78 -10.50
C VAL D 189 -74.40 69.00 -11.79
N THR D 190 -73.99 68.35 -12.89
CA THR D 190 -74.70 68.53 -14.15
C THR D 190 -76.16 68.09 -14.03
N ASP D 191 -76.39 66.92 -13.42
CA ASP D 191 -77.75 66.44 -13.27
C ASP D 191 -78.58 67.38 -12.41
N VAL D 192 -78.01 67.84 -11.30
CA VAL D 192 -78.78 68.68 -10.38
C VAL D 192 -79.11 70.03 -11.03
N ILE D 193 -78.14 70.64 -11.72
CA ILE D 193 -78.44 71.89 -12.42
C ILE D 193 -79.37 71.66 -13.59
N ALA D 194 -79.42 70.43 -14.12
CA ALA D 194 -80.43 70.11 -15.12
C ALA D 194 -81.82 70.04 -14.50
N GLN D 195 -81.90 69.65 -13.22
CA GLN D 195 -83.20 69.70 -12.56
C GLN D 195 -83.64 71.12 -12.24
N GLY D 196 -82.76 72.10 -12.38
CA GLY D 196 -83.17 73.49 -12.38
C GLY D 196 -83.27 74.18 -11.05
N GLY D 197 -82.70 73.62 -9.99
CA GLY D 197 -82.66 74.27 -8.70
C GLY D 197 -81.52 75.27 -8.61
N THR D 198 -81.25 75.72 -7.39
CA THR D 198 -80.30 76.79 -7.14
C THR D 198 -79.08 76.27 -6.40
N LEU D 199 -77.95 76.92 -6.63
CA LEU D 199 -76.71 76.64 -5.92
C LEU D 199 -76.47 77.73 -4.89
N GLN D 200 -75.60 77.43 -3.93
CA GLN D 200 -75.13 78.43 -2.98
C GLN D 200 -73.72 78.03 -2.53
N GLY D 201 -73.25 78.65 -1.45
CA GLY D 201 -71.89 78.42 -1.01
C GLY D 201 -71.63 76.97 -0.66
N ASP D 202 -70.38 76.56 -0.88
CA ASP D 202 -69.89 75.20 -0.64
C ASP D 202 -70.57 74.17 -1.54
N GLY D 203 -71.17 74.62 -2.64
CA GLY D 203 -71.72 73.72 -3.63
C GLY D 203 -73.01 73.03 -3.22
N THR D 204 -73.53 73.30 -2.03
CA THR D 204 -74.78 72.68 -1.60
C THR D 204 -75.92 73.15 -2.51
N TYR D 205 -76.74 72.19 -2.93
CA TYR D 205 -77.72 72.42 -3.99
C TYR D 205 -79.13 72.23 -3.42
N LYS D 206 -80.08 72.96 -4.01
CA LYS D 206 -81.48 72.91 -3.60
C LYS D 206 -82.28 72.28 -4.74
N ALA D 207 -82.37 70.96 -4.73
CA ALA D 207 -83.15 70.24 -5.72
C ALA D 207 -84.60 70.18 -5.31
N THR D 208 -85.50 70.42 -6.25
CA THR D 208 -86.94 70.43 -5.99
C THR D 208 -87.55 69.23 -6.70
N THR D 209 -88.16 68.33 -5.93
CA THR D 209 -88.72 67.09 -6.45
C THR D 209 -90.24 67.12 -6.34
N THR D 210 -90.91 66.90 -7.46
CA THR D 210 -92.36 66.79 -7.49
C THR D 210 -92.78 65.34 -7.26
N PHE D 211 -93.97 65.16 -6.70
CA PHE D 211 -94.49 63.84 -6.39
C PHE D 211 -95.89 63.62 -6.97
N ASN D 212 -96.14 64.09 -8.19
CA ASN D 212 -97.43 63.88 -8.83
C ASN D 212 -97.76 62.40 -8.87
N ALA D 213 -98.71 61.98 -8.04
CA ALA D 213 -98.92 60.58 -7.71
C ALA D 213 -100.32 60.42 -7.15
N ALA D 214 -100.56 59.29 -6.47
CA ALA D 214 -101.86 58.96 -5.88
C ALA D 214 -102.89 58.71 -6.96
N SER D 215 -102.50 57.93 -7.96
CA SER D 215 -103.38 57.57 -9.06
C SER D 215 -104.20 56.34 -8.67
N ALA D 216 -104.91 55.76 -9.64
CA ALA D 216 -105.84 54.69 -9.34
C ALA D 216 -105.13 53.45 -8.80
N GLU D 217 -104.00 53.08 -9.40
CA GLU D 217 -103.39 51.79 -9.08
C GLU D 217 -102.92 51.72 -7.63
N THR D 218 -102.62 52.86 -7.01
CA THR D 218 -102.14 52.87 -5.64
C THR D 218 -103.21 53.17 -4.61
N VAL D 219 -104.18 54.03 -4.93
CA VAL D 219 -105.26 54.29 -3.99
C VAL D 219 -106.17 53.08 -3.86
N LEU D 220 -106.54 52.47 -4.99
CA LEU D 220 -107.45 51.34 -4.95
C LEU D 220 -106.83 50.10 -4.31
N SER D 221 -105.50 50.09 -4.12
CA SER D 221 -104.86 48.97 -3.42
C SER D 221 -105.23 48.92 -1.95
N LYS D 222 -105.56 50.07 -1.36
CA LYS D 222 -105.99 50.16 0.03
C LYS D 222 -107.41 50.70 0.04
N LEU D 223 -108.41 49.81 0.08
CA LEU D 223 -109.79 50.23 -0.02
C LEU D 223 -110.70 49.19 0.60
N GLU D 224 -111.53 49.65 1.55
CA GLU D 224 -112.67 48.86 2.03
C GLU D 224 -113.95 49.68 2.14
N ASP D 225 -113.89 51.01 2.19
CA ASP D 225 -115.05 51.85 2.38
C ASP D 225 -115.58 52.32 1.01
N GLY D 226 -116.48 53.31 1.05
CA GLY D 226 -117.20 53.69 -0.16
C GLY D 226 -116.31 54.35 -1.20
N ASN D 227 -116.72 54.21 -2.46
CA ASN D 227 -116.05 54.82 -3.60
C ASN D 227 -117.10 55.38 -4.53
N THR D 228 -116.84 56.58 -5.06
CA THR D 228 -117.84 57.29 -5.86
C THR D 228 -117.26 57.67 -7.21
N VAL D 229 -118.10 57.62 -8.25
CA VAL D 229 -117.76 58.14 -9.57
C VAL D 229 -118.93 58.96 -10.06
N ALA D 230 -118.63 59.94 -10.92
CA ALA D 230 -119.65 60.82 -11.48
C ALA D 230 -119.03 61.63 -12.61
N VAL D 231 -119.82 61.93 -13.63
CA VAL D 231 -119.36 62.69 -14.79
C VAL D 231 -120.06 64.04 -14.81
N GLY D 232 -119.27 65.11 -14.78
CA GLY D 232 -119.81 66.45 -14.90
C GLY D 232 -120.87 66.74 -13.86
N GLY D 233 -121.98 67.31 -14.30
CA GLY D 233 -123.14 67.55 -13.49
C GLY D 233 -124.19 66.46 -13.55
N GLY D 234 -123.87 65.31 -14.14
CA GLY D 234 -124.82 64.23 -14.27
C GLY D 234 -124.99 63.46 -12.98
N ALA D 235 -125.59 62.27 -13.09
CA ALA D 235 -125.87 61.45 -11.93
C ALA D 235 -124.58 60.95 -11.30
N THR D 236 -124.63 60.74 -9.99
CA THR D 236 -123.48 60.30 -9.20
C THR D 236 -123.74 58.89 -8.69
N TYR D 237 -122.76 58.02 -8.83
CA TYR D 237 -122.87 56.62 -8.42
C TYR D 237 -121.79 56.29 -7.41
N THR D 238 -122.12 55.38 -6.49
CA THR D 238 -121.26 55.03 -5.37
C THR D 238 -120.97 53.54 -5.38
N TYR D 239 -119.80 53.18 -4.84
CA TYR D 239 -119.32 51.80 -4.79
C TYR D 239 -118.91 51.47 -3.37
N ASP D 240 -118.83 50.17 -3.07
CA ASP D 240 -118.45 49.69 -1.75
C ASP D 240 -117.63 48.41 -1.92
N ALA D 241 -116.34 48.47 -1.57
CA ALA D 241 -115.44 47.34 -1.73
C ALA D 241 -115.68 46.35 -0.60
N ALA D 242 -116.42 45.28 -0.87
CA ALA D 242 -116.69 44.23 0.09
C ALA D 242 -116.38 42.87 -0.53
N LYS D 243 -115.57 42.07 0.16
CA LYS D 243 -115.21 40.72 -0.29
C LYS D 243 -114.60 40.74 -1.69
N GLY D 244 -113.78 41.75 -1.97
CA GLY D 244 -113.10 41.84 -3.23
C GLY D 244 -113.94 42.36 -4.38
N ASN D 245 -115.17 42.76 -4.13
CA ASN D 245 -116.05 43.25 -5.17
C ASN D 245 -116.76 44.50 -4.70
N PHE D 246 -117.23 45.29 -5.65
CA PHE D 246 -117.92 46.55 -5.36
C PHE D 246 -119.41 46.38 -5.61
N THR D 247 -120.22 46.79 -4.62
CA THR D 247 -121.67 46.65 -4.70
C THR D 247 -122.26 47.84 -5.47
N TYR D 248 -122.03 47.81 -6.78
CA TYR D 248 -122.58 48.84 -7.66
C TYR D 248 -124.10 48.67 -7.74
N THR D 249 -124.80 49.79 -7.69
CA THR D 249 -126.25 49.84 -7.87
C THR D 249 -126.55 50.66 -9.10
N LYS D 250 -127.14 50.03 -10.11
CA LYS D 250 -127.49 50.72 -11.35
C LYS D 250 -128.67 51.64 -11.07
N THR D 251 -128.39 52.91 -10.80
CA THR D 251 -129.43 53.88 -10.50
C THR D 251 -129.94 54.48 -11.80
N VAL D 252 -131.26 54.42 -12.00
CA VAL D 252 -131.85 55.00 -13.19
C VAL D 252 -131.61 56.50 -13.20
N ASP D 253 -131.39 57.05 -14.40
CA ASP D 253 -131.41 58.50 -14.55
C ASP D 253 -132.77 59.02 -14.12
N THR D 254 -132.77 60.11 -13.35
CA THR D 254 -134.02 60.60 -12.78
C THR D 254 -134.68 61.62 -13.71
N THR D 255 -134.03 62.78 -13.88
CA THR D 255 -134.29 63.74 -14.96
C THR D 255 -135.74 63.83 -15.42
N VAL D 256 -136.69 63.90 -14.49
CA VAL D 256 -138.11 63.85 -14.82
C VAL D 256 -138.90 64.76 -13.91
N GLY D 257 -139.89 65.43 -14.48
CA GLY D 257 -140.93 66.11 -13.73
C GLY D 257 -142.16 65.22 -13.69
N ALA D 258 -143.12 65.48 -14.58
CA ALA D 258 -144.30 64.63 -14.72
C ALA D 258 -144.16 63.59 -15.82
N ASP D 259 -143.00 63.51 -16.47
CA ASP D 259 -142.81 62.62 -17.61
C ASP D 259 -142.21 61.29 -17.16
N VAL D 260 -143.05 60.53 -16.44
CA VAL D 260 -142.65 59.21 -15.95
C VAL D 260 -142.35 58.25 -17.09
N THR D 261 -142.87 58.53 -18.29
CA THR D 261 -142.65 57.65 -19.43
C THR D 261 -141.17 57.51 -19.75
N ALA D 262 -140.37 58.53 -19.48
CA ALA D 262 -138.93 58.42 -19.72
C ALA D 262 -138.32 57.32 -18.88
N LEU D 263 -138.64 57.29 -17.58
CA LEU D 263 -138.13 56.25 -16.70
C LEU D 263 -138.68 54.89 -17.10
N ALA D 264 -139.98 54.83 -17.42
CA ALA D 264 -140.58 53.55 -17.80
C ALA D 264 -139.91 52.97 -19.03
N ASN D 265 -139.69 53.80 -20.06
CA ASN D 265 -139.07 53.35 -21.30
C ASN D 265 -137.56 53.20 -21.19
N LYS D 266 -136.94 53.74 -20.14
CA LYS D 266 -135.55 53.39 -19.87
C LYS D 266 -135.45 52.02 -19.21
N ILE D 267 -136.40 51.70 -18.32
CA ILE D 267 -136.41 50.38 -17.69
C ILE D 267 -136.78 49.31 -18.70
N LYS D 268 -137.69 49.63 -19.63
CA LYS D 268 -138.25 48.64 -20.55
C LYS D 268 -137.21 47.83 -21.33
N PRO D 269 -136.18 48.42 -21.95
CA PRO D 269 -135.25 47.60 -22.73
C PRO D 269 -134.49 46.57 -21.92
N SER D 270 -134.33 46.79 -20.61
CA SER D 270 -133.67 45.79 -19.77
C SER D 270 -134.48 44.51 -19.68
N SER D 271 -135.77 44.55 -20.03
CA SER D 271 -136.60 43.35 -20.05
C SER D 271 -137.54 43.37 -21.26
N GLY D 272 -137.11 43.96 -22.37
CA GLY D 272 -137.97 44.14 -23.52
C GLY D 272 -138.14 42.91 -24.39
N THR D 273 -138.68 41.85 -23.81
CA THR D 273 -138.94 40.61 -24.55
C THR D 273 -140.07 39.87 -23.84
N ILE D 274 -140.79 39.06 -24.60
CA ILE D 274 -141.89 38.27 -24.05
C ILE D 274 -141.30 37.19 -23.15
N SER D 275 -141.65 37.23 -21.86
CA SER D 275 -141.12 36.31 -20.88
C SER D 275 -142.23 35.96 -19.89
N GLY D 276 -141.87 35.23 -18.84
CA GLY D 276 -142.83 34.81 -17.84
C GLY D 276 -142.19 34.72 -16.48
N SER D 277 -143.00 34.31 -15.50
CA SER D 277 -142.56 34.15 -14.11
C SER D 277 -142.04 35.46 -13.52
N TYR D 278 -142.56 36.58 -14.00
CA TYR D 278 -142.18 37.87 -13.44
C TYR D 278 -142.70 38.01 -12.01
N GLU D 279 -141.93 38.72 -11.19
CA GLU D 279 -142.27 38.96 -9.80
C GLU D 279 -142.58 40.45 -9.63
N ILE D 280 -143.87 40.76 -9.50
CA ILE D 280 -144.32 42.13 -9.28
C ILE D 280 -144.60 42.26 -7.78
N SER D 281 -143.65 42.85 -7.06
CA SER D 281 -143.79 43.07 -5.62
C SER D 281 -144.06 44.55 -5.41
N THR D 282 -145.33 44.93 -5.50
CA THR D 282 -145.78 46.30 -5.27
C THR D 282 -146.49 46.38 -3.93
N GLY D 283 -146.74 47.62 -3.50
CA GLY D 283 -147.35 47.83 -2.21
C GLY D 283 -146.48 47.33 -1.08
N LYS D 284 -146.89 46.28 -0.40
CA LYS D 284 -146.07 45.75 0.67
C LYS D 284 -145.76 44.27 0.52
N SER D 285 -146.75 43.45 0.15
CA SER D 285 -146.58 42.00 0.11
C SER D 285 -147.26 41.41 -1.12
N ALA D 286 -147.05 42.04 -2.29
CA ALA D 286 -147.67 41.55 -3.50
C ALA D 286 -147.18 40.15 -3.85
N SER D 287 -145.88 40.01 -4.11
CA SER D 287 -145.22 38.74 -4.37
C SER D 287 -145.98 37.93 -5.43
N PHE D 288 -146.19 38.56 -6.59
CA PHE D 288 -146.88 37.93 -7.69
C PHE D 288 -145.95 37.03 -8.49
N ASP D 289 -146.56 36.13 -9.26
CA ASP D 289 -145.87 35.25 -10.21
C ASP D 289 -146.65 35.32 -11.52
N VAL D 290 -146.28 36.29 -12.37
CA VAL D 290 -147.11 36.66 -13.52
C VAL D 290 -146.32 36.41 -14.80
N ASP D 291 -147.01 36.60 -15.92
CA ASP D 291 -146.45 36.48 -17.26
C ASP D 291 -146.64 37.78 -18.01
N ALA D 292 -145.83 37.98 -19.04
CA ALA D 292 -145.89 39.20 -19.84
C ALA D 292 -145.58 38.89 -21.29
N ALA D 293 -146.54 39.17 -22.17
CA ALA D 293 -146.38 39.03 -23.62
C ALA D 293 -146.79 40.32 -24.31
N GLY D 294 -146.31 41.44 -23.78
CA GLY D 294 -146.82 42.75 -24.13
C GLY D 294 -147.98 43.20 -23.27
N LYS D 295 -148.37 42.39 -22.28
CA LYS D 295 -149.48 42.71 -21.39
C LYS D 295 -149.35 41.82 -20.15
N ILE D 296 -149.42 42.44 -18.97
CA ILE D 296 -149.23 41.71 -17.73
C ILE D 296 -150.43 40.81 -17.47
N THR D 297 -150.16 39.54 -17.19
CA THR D 297 -151.21 38.59 -16.83
C THR D 297 -150.59 37.46 -16.02
N ILE D 298 -151.40 36.91 -15.12
CA ILE D 298 -150.98 35.80 -14.27
C ILE D 298 -151.61 34.53 -14.83
N GLY D 299 -151.10 33.38 -14.39
CA GLY D 299 -151.53 32.10 -14.92
C GLY D 299 -153.02 31.86 -14.78
N GLY D 300 -153.72 31.89 -15.91
CA GLY D 300 -155.15 31.66 -15.93
C GLY D 300 -156.03 32.86 -15.67
N ASN D 301 -155.46 34.07 -15.61
CA ASN D 301 -156.24 35.27 -15.31
C ASN D 301 -155.73 36.41 -16.17
N ALA D 302 -156.17 37.63 -15.86
CA ALA D 302 -155.83 38.81 -16.63
C ALA D 302 -154.95 39.81 -15.88
N ALA D 303 -155.05 39.85 -14.54
CA ALA D 303 -154.20 40.69 -13.70
C ALA D 303 -154.34 42.17 -14.05
N PHE D 304 -155.55 42.68 -13.82
CA PHE D 304 -155.81 44.10 -14.02
C PHE D 304 -155.10 44.94 -12.97
N LEU D 305 -154.93 46.23 -13.29
CA LEU D 305 -154.33 47.20 -12.39
C LEU D 305 -155.42 48.01 -11.72
N ASN D 306 -155.22 48.33 -10.44
CA ASN D 306 -156.26 48.96 -9.62
C ASN D 306 -155.66 50.08 -8.78
N ALA D 307 -156.55 50.79 -8.10
CA ALA D 307 -156.21 51.64 -6.96
C ALA D 307 -155.19 52.72 -7.33
N ASP D 308 -155.63 53.65 -8.16
CA ASP D 308 -154.78 54.79 -8.48
C ASP D 308 -154.35 55.51 -7.21
N GLY D 309 -153.11 55.99 -7.19
CA GLY D 309 -152.49 56.49 -5.99
C GLY D 309 -151.91 55.41 -5.11
N GLU D 310 -152.46 54.20 -5.15
CA GLU D 310 -151.93 53.03 -4.45
C GLU D 310 -151.37 51.99 -5.40
N LEU D 311 -152.03 51.75 -6.53
CA LEU D 311 -151.48 51.00 -7.65
C LEU D 311 -151.11 49.57 -7.26
N THR D 312 -152.14 48.81 -6.90
CA THR D 312 -152.00 47.39 -6.58
C THR D 312 -152.66 46.55 -7.67
N THR D 313 -152.02 45.45 -8.03
CA THR D 313 -152.48 44.59 -9.11
C THR D 313 -153.38 43.49 -8.56
N ASN D 314 -154.61 43.41 -9.05
CA ASN D 314 -155.54 42.36 -8.68
C ASN D 314 -156.45 42.07 -9.87
N ASP D 315 -156.84 40.80 -10.01
CA ASP D 315 -157.62 40.39 -11.17
C ASP D 315 -159.03 40.96 -11.17
N ALA D 316 -159.64 41.11 -9.99
CA ALA D 316 -161.02 41.59 -9.92
C ALA D 316 -161.06 43.06 -10.29
N SER D 317 -161.74 43.38 -11.39
CA SER D 317 -161.74 44.73 -11.92
C SER D 317 -162.57 45.66 -11.05
N GLY D 318 -162.17 46.93 -11.01
CA GLY D 318 -162.90 47.93 -10.26
C GLY D 318 -163.44 49.05 -11.13
N ALA D 319 -163.75 48.72 -12.38
CA ALA D 319 -164.29 49.61 -13.40
C ALA D 319 -163.32 50.69 -13.84
N LEU D 320 -162.09 50.71 -13.31
CA LEU D 320 -161.06 51.68 -13.68
C LEU D 320 -159.74 50.96 -13.90
N THR D 321 -159.77 49.87 -14.64
CA THR D 321 -158.61 48.99 -14.81
C THR D 321 -158.00 49.17 -16.19
N GLN D 322 -156.69 48.97 -16.27
CA GLN D 322 -155.96 49.07 -17.52
C GLN D 322 -155.18 47.83 -17.89
N ALA D 323 -154.51 47.19 -16.92
CA ALA D 323 -153.82 45.92 -17.11
C ALA D 323 -152.77 46.01 -18.23
N THR D 324 -151.78 46.86 -18.01
CA THR D 324 -150.72 47.07 -18.98
C THR D 324 -149.36 47.03 -18.31
N LEU D 325 -148.37 46.44 -18.98
CA LEU D 325 -147.02 46.38 -18.45
C LEU D 325 -146.43 47.77 -18.30
N ASP D 326 -146.63 48.64 -19.30
CA ASP D 326 -146.17 50.02 -19.17
C ASP D 326 -146.86 50.71 -18.00
N ASP D 327 -148.16 50.47 -17.83
CA ASP D 327 -148.90 51.06 -16.71
C ASP D 327 -148.34 50.56 -15.39
N VAL D 328 -148.02 49.27 -15.29
CA VAL D 328 -147.44 48.74 -14.07
C VAL D 328 -146.08 49.39 -13.79
N LEU D 329 -145.22 49.45 -14.81
CA LEU D 329 -143.88 49.98 -14.61
C LEU D 329 -143.92 51.45 -14.21
N THR D 330 -144.79 52.23 -14.83
CA THR D 330 -144.99 53.61 -14.37
C THR D 330 -145.52 53.62 -12.94
N SER D 331 -146.42 52.70 -12.62
CA SER D 331 -146.99 52.65 -11.28
C SER D 331 -145.97 52.18 -10.25
N VAL D 332 -145.31 51.06 -10.52
CA VAL D 332 -144.53 50.37 -9.49
C VAL D 332 -143.36 51.23 -9.03
N GLY D 333 -143.43 51.70 -7.79
CA GLY D 333 -142.33 52.40 -7.15
C GLY D 333 -141.83 53.61 -7.90
N THR D 334 -142.46 53.92 -9.02
CA THR D 334 -142.00 54.98 -9.90
C THR D 334 -142.96 56.15 -9.93
N GLU D 335 -144.22 55.95 -9.55
CA GLU D 335 -145.16 57.04 -9.40
C GLU D 335 -145.69 57.19 -7.99
N ALA D 336 -146.22 56.12 -7.39
CA ALA D 336 -146.89 56.27 -6.10
C ALA D 336 -146.59 55.13 -5.14
N ASN D 337 -145.45 54.45 -5.31
CA ASN D 337 -145.06 53.39 -4.39
C ASN D 337 -143.60 53.57 -3.97
N SER D 338 -143.27 53.02 -2.82
CA SER D 338 -141.92 53.11 -2.27
C SER D 338 -141.50 51.74 -1.75
N SER D 339 -140.20 51.46 -1.86
CA SER D 339 -139.61 50.22 -1.38
C SER D 339 -140.30 49.00 -2.00
N VAL D 340 -140.62 49.10 -3.29
CA VAL D 340 -141.21 48.01 -4.05
C VAL D 340 -140.31 47.70 -5.23
N THR D 341 -140.52 46.52 -5.81
CA THR D 341 -139.54 45.98 -6.75
C THR D 341 -140.25 45.17 -7.82
N ILE D 342 -139.67 45.17 -9.02
CA ILE D 342 -140.07 44.30 -10.12
C ILE D 342 -139.04 43.19 -10.17
N GLY D 343 -139.39 42.03 -9.65
CA GLY D 343 -138.49 40.89 -9.60
C GLY D 343 -138.63 39.99 -10.82
N GLY D 344 -138.30 38.72 -10.61
CA GLY D 344 -138.39 37.74 -11.68
C GLY D 344 -137.30 37.89 -12.72
N THR D 345 -137.00 36.81 -13.44
CA THR D 345 -136.03 36.82 -14.53
C THR D 345 -134.67 37.35 -14.02
N LYS D 346 -134.27 36.87 -12.84
CA LYS D 346 -132.96 37.13 -12.24
C LYS D 346 -132.59 38.62 -12.25
N TYR D 347 -133.57 39.49 -12.01
CA TYR D 347 -133.28 40.88 -11.69
C TYR D 347 -134.32 41.37 -10.70
N SER D 348 -134.01 42.49 -10.06
CA SER D 348 -134.90 43.09 -9.07
C SER D 348 -134.75 44.60 -9.16
N HIS D 349 -135.66 45.24 -9.88
CA HIS D 349 -135.64 46.69 -10.04
C HIS D 349 -136.34 47.31 -8.83
N SER D 350 -135.60 47.37 -7.72
CA SER D 350 -136.09 48.03 -6.53
C SER D 350 -136.23 49.53 -6.76
N ALA D 351 -137.20 50.14 -6.09
CA ALA D 351 -137.50 51.55 -6.25
C ALA D 351 -136.95 52.32 -5.05
N ALA D 352 -135.97 53.18 -5.30
CA ALA D 352 -135.43 54.01 -4.23
C ALA D 352 -136.34 55.18 -3.90
N ASP D 353 -136.97 55.78 -4.90
CA ASP D 353 -137.81 56.95 -4.69
C ASP D 353 -139.04 56.87 -5.59
N GLU D 354 -140.09 57.56 -5.17
CA GLU D 354 -141.32 57.68 -5.94
C GLU D 354 -141.45 59.09 -6.50
N LEU D 355 -142.29 59.22 -7.52
CA LEU D 355 -142.46 60.48 -8.25
C LEU D 355 -143.74 61.15 -7.76
N SER D 356 -143.58 62.15 -6.89
CA SER D 356 -144.70 62.98 -6.46
C SER D 356 -145.17 63.95 -7.53
N TYR D 357 -144.68 63.77 -8.76
CA TYR D 357 -144.90 64.63 -9.93
C TYR D 357 -144.23 65.98 -9.79
N THR D 358 -143.62 66.27 -8.64
CA THR D 358 -142.67 67.36 -8.47
C THR D 358 -141.29 66.85 -8.13
N ALA D 359 -141.17 66.05 -7.09
CA ALA D 359 -139.93 65.31 -6.82
C ALA D 359 -139.82 64.14 -7.78
N VAL D 360 -138.61 63.84 -8.19
CA VAL D 360 -138.36 62.84 -9.22
C VAL D 360 -138.13 61.48 -8.57
N ALA D 361 -138.58 60.43 -9.26
CA ALA D 361 -138.44 59.07 -8.78
C ALA D 361 -137.15 58.44 -9.29
N THR D 362 -136.82 57.29 -8.72
CA THR D 362 -135.69 56.50 -9.19
C THR D 362 -135.86 55.05 -8.76
N THR D 363 -135.68 54.14 -9.70
CA THR D 363 -135.64 52.71 -9.42
C THR D 363 -134.25 52.19 -9.78
N ALA D 364 -133.76 51.23 -8.99
CA ALA D 364 -132.42 50.74 -9.17
C ALA D 364 -132.37 49.25 -8.93
N ASP D 365 -131.48 48.57 -9.66
CA ASP D 365 -131.19 47.17 -9.45
C ASP D 365 -129.73 47.05 -9.06
N VAL D 366 -129.46 46.18 -8.08
CA VAL D 366 -128.09 46.01 -7.61
C VAL D 366 -127.42 44.99 -8.52
N LEU D 367 -126.92 45.45 -9.67
CA LEU D 367 -126.27 44.56 -10.61
C LEU D 367 -124.94 44.02 -10.09
N SER D 368 -124.37 44.67 -9.08
CA SER D 368 -122.99 44.41 -8.65
C SER D 368 -122.01 44.56 -9.79
N ALA D 369 -122.38 45.34 -10.81
CA ALA D 369 -121.54 45.55 -11.97
C ALA D 369 -120.24 46.22 -11.56
N MET D 370 -119.25 46.13 -12.45
CA MET D 370 -117.91 46.65 -12.16
C MET D 370 -117.35 45.99 -10.90
N GLY D 371 -117.81 44.77 -10.63
CA GLY D 371 -117.55 44.11 -9.36
C GLY D 371 -116.09 44.00 -8.98
N SER D 372 -115.31 43.28 -9.79
CA SER D 372 -113.88 43.20 -9.54
C SER D 372 -113.26 44.59 -9.58
N SER D 373 -112.36 44.85 -8.62
CA SER D 373 -111.73 46.16 -8.54
C SER D 373 -111.00 46.52 -9.82
N THR D 374 -110.59 45.53 -10.61
CA THR D 374 -109.97 45.81 -11.90
C THR D 374 -110.93 46.54 -12.82
N ALA D 375 -112.21 46.13 -12.84
CA ALA D 375 -113.19 46.78 -13.70
C ALA D 375 -113.38 48.24 -13.29
N VAL D 376 -113.51 48.49 -11.99
CA VAL D 376 -113.68 49.87 -11.53
C VAL D 376 -112.44 50.70 -11.86
N SER D 377 -111.26 50.12 -11.64
CA SER D 377 -110.02 50.84 -11.97
C SER D 377 -109.97 51.19 -13.45
N THR D 378 -110.29 50.23 -14.31
CA THR D 378 -110.26 50.49 -15.75
C THR D 378 -111.27 51.54 -16.13
N VAL D 379 -112.45 51.53 -15.51
CA VAL D 379 -113.47 52.53 -15.82
C VAL D 379 -112.99 53.92 -15.42
N THR D 380 -112.44 54.06 -14.21
CA THR D 380 -111.95 55.36 -13.79
C THR D 380 -110.61 55.72 -14.41
N LEU D 381 -109.80 54.73 -14.77
CA LEU D 381 -108.53 54.99 -15.47
C LEU D 381 -108.81 55.10 -16.97
N GLY D 382 -109.36 56.26 -17.34
CA GLY D 382 -109.80 56.48 -18.70
C GLY D 382 -111.30 56.61 -18.82
N SER D 383 -111.78 57.84 -18.97
CA SER D 383 -113.20 58.12 -19.01
C SER D 383 -113.40 59.44 -19.74
N GLY D 384 -114.56 60.07 -19.53
CA GLY D 384 -114.87 61.34 -20.15
C GLY D 384 -114.56 62.49 -19.21
N ILE D 385 -115.59 63.07 -18.60
CA ILE D 385 -115.39 64.06 -17.56
C ILE D 385 -115.76 63.41 -16.23
N THR D 386 -115.60 62.09 -16.17
CA THR D 386 -115.98 61.32 -14.99
C THR D 386 -114.92 61.48 -13.91
N SER D 387 -115.15 62.40 -12.98
CA SER D 387 -114.25 62.64 -11.86
C SER D 387 -114.72 61.79 -10.67
N ALA D 388 -113.88 60.84 -10.27
CA ALA D 388 -114.21 59.94 -9.17
C ALA D 388 -113.79 60.53 -7.83
N ALA D 389 -114.18 59.85 -6.77
CA ALA D 389 -113.71 60.16 -5.42
C ALA D 389 -113.74 58.88 -4.59
N VAL D 390 -112.69 58.65 -3.81
CA VAL D 390 -112.50 57.41 -3.08
C VAL D 390 -112.41 57.71 -1.60
N THR D 391 -113.22 57.02 -0.80
CA THR D 391 -113.20 57.10 0.65
C THR D 391 -112.68 55.77 1.19
N PHE D 392 -111.46 55.79 1.75
CA PHE D 392 -110.77 54.54 2.01
C PHE D 392 -110.09 54.49 3.38
N ALA D 393 -110.75 55.00 4.43
CA ALA D 393 -110.20 54.91 5.77
C ALA D 393 -111.32 54.75 6.78
N ILE D 394 -110.95 54.72 8.06
CA ILE D 394 -111.92 54.65 9.15
C ILE D 394 -112.55 56.02 9.33
N ALA D 395 -113.87 56.04 9.52
CA ALA D 395 -114.59 57.32 9.60
C ALA D 395 -114.05 58.22 10.70
N THR D 396 -113.43 57.64 11.72
CA THR D 396 -112.76 58.46 12.74
C THR D 396 -111.57 59.21 12.15
N THR D 397 -110.81 58.56 11.28
CA THR D 397 -109.60 59.15 10.70
C THR D 397 -109.62 59.06 9.17
N ASP D 398 -110.73 59.43 8.55
CA ASP D 398 -110.94 59.24 7.13
C ASP D 398 -110.64 60.51 6.35
N SER D 399 -110.43 60.34 5.05
CA SER D 399 -110.18 61.44 4.14
C SER D 399 -110.64 61.01 2.75
N ASN D 400 -110.64 61.95 1.80
CA ASN D 400 -111.10 61.68 0.45
C ASN D 400 -110.10 62.25 -0.54
N ASN D 401 -110.08 61.67 -1.74
CA ASN D 401 -109.23 62.14 -2.83
C ASN D 401 -110.08 62.35 -4.06
N THR D 402 -109.93 63.51 -4.70
CA THR D 402 -110.58 63.75 -5.98
C THR D 402 -109.73 63.17 -7.10
N TRP D 403 -110.32 63.05 -8.28
CA TRP D 403 -109.68 62.33 -9.36
C TRP D 403 -109.80 63.10 -10.66
N VAL D 404 -108.73 63.05 -11.46
CA VAL D 404 -108.76 63.58 -12.80
C VAL D 404 -109.48 62.58 -13.70
N ASP D 405 -110.38 63.10 -14.54
CA ASP D 405 -111.31 62.25 -15.28
C ASP D 405 -110.60 61.30 -16.24
N ASN D 406 -109.68 61.83 -17.05
CA ASN D 406 -109.19 61.08 -18.20
C ASN D 406 -107.99 60.20 -17.90
N LYS D 407 -107.39 60.31 -16.72
CA LYS D 407 -106.25 59.45 -16.40
C LYS D 407 -106.28 58.87 -15.00
N GLY D 408 -107.29 59.19 -14.19
CA GLY D 408 -107.38 58.60 -12.87
C GLY D 408 -106.25 58.98 -11.94
N GLU D 409 -105.63 60.13 -12.16
CA GLU D 409 -104.62 60.68 -11.26
C GLU D 409 -105.21 61.86 -10.50
N LEU D 410 -104.55 62.24 -9.42
CA LEU D 410 -104.96 63.38 -8.60
C LEU D 410 -103.82 64.38 -8.53
N THR D 411 -104.14 65.66 -8.79
CA THR D 411 -103.14 66.72 -8.68
C THR D 411 -103.10 67.35 -7.29
N ASP D 412 -104.23 67.41 -6.59
CA ASP D 412 -104.28 68.08 -5.30
C ASP D 412 -103.47 67.31 -4.26
N ILE D 413 -103.65 66.01 -4.19
CA ILE D 413 -103.00 65.17 -3.18
C ILE D 413 -101.91 64.37 -3.87
N GLN D 414 -100.67 64.56 -3.42
CA GLN D 414 -99.52 63.82 -3.91
C GLN D 414 -99.14 62.77 -2.89
N THR D 415 -98.10 61.99 -3.21
CA THR D 415 -97.56 61.00 -2.28
C THR D 415 -96.05 61.18 -2.17
N PHE D 416 -95.58 61.36 -0.95
CA PHE D 416 -94.15 61.33 -0.70
C PHE D 416 -93.62 59.92 -0.98
N ASP D 417 -92.29 59.80 -1.03
CA ASP D 417 -91.65 58.51 -1.32
C ASP D 417 -92.20 57.40 -0.43
N THR D 418 -92.61 57.73 0.79
CA THR D 418 -93.11 56.73 1.73
C THR D 418 -94.47 57.07 2.32
N SER D 419 -95.11 58.17 1.93
CA SER D 419 -96.34 58.58 2.58
C SER D 419 -97.20 59.40 1.63
N TYR D 420 -98.46 59.59 2.02
CA TYR D 420 -99.43 60.38 1.26
C TYR D 420 -99.42 61.81 1.78
N LYS D 421 -98.52 62.63 1.23
CA LYS D 421 -98.38 64.00 1.67
C LYS D 421 -98.87 64.96 0.60
N ILE D 422 -99.65 65.95 1.03
CA ILE D 422 -100.23 66.92 0.10
C ILE D 422 -99.14 67.78 -0.54
N ASN D 423 -98.07 68.07 0.19
CA ASN D 423 -97.01 68.95 -0.31
C ASN D 423 -96.35 68.35 -1.55
N ALA D 424 -96.61 68.96 -2.71
CA ALA D 424 -96.10 68.43 -3.97
C ALA D 424 -94.59 68.58 -4.09
N ASP D 425 -93.98 69.49 -3.34
CA ASP D 425 -92.55 69.73 -3.43
C ASP D 425 -91.93 69.81 -2.05
N THR D 426 -90.75 69.21 -1.89
CA THR D 426 -90.00 69.28 -0.64
C THR D 426 -88.74 70.11 -0.70
N GLY D 427 -88.16 70.33 -1.88
CA GLY D 427 -86.93 71.08 -1.95
C GLY D 427 -85.76 70.38 -1.27
N GLU D 428 -85.53 69.12 -1.64
CA GLU D 428 -84.46 68.34 -1.04
C GLU D 428 -83.12 69.05 -1.20
N VAL D 429 -82.26 68.89 -0.20
CA VAL D 429 -80.99 69.60 -0.12
C VAL D 429 -79.87 68.60 -0.32
N THR D 430 -79.16 68.73 -1.43
CA THR D 430 -78.00 67.88 -1.74
C THR D 430 -76.76 68.74 -1.84
N VAL D 431 -75.62 68.18 -1.46
CA VAL D 431 -74.34 68.87 -1.56
C VAL D 431 -73.47 68.12 -2.57
N VAL D 432 -72.88 68.87 -3.49
CA VAL D 432 -71.97 68.30 -4.49
C VAL D 432 -70.61 68.13 -3.80
N GLY D 433 -70.26 66.90 -3.44
CA GLY D 433 -69.01 66.65 -2.78
C GLY D 433 -67.83 67.07 -3.63
N ASP D 434 -67.19 68.17 -3.26
CA ASP D 434 -66.06 68.67 -4.03
C ASP D 434 -64.91 67.67 -3.96
N ASN D 435 -64.22 67.51 -5.09
CA ASN D 435 -63.15 66.53 -5.30
C ASN D 435 -63.67 65.10 -5.31
N SER D 436 -64.96 64.88 -5.06
CA SER D 436 -65.56 63.57 -5.14
C SER D 436 -66.58 63.43 -6.25
N ALA D 437 -67.13 64.54 -6.74
CA ALA D 437 -68.08 64.54 -7.86
C ALA D 437 -69.30 63.67 -7.57
N THR D 438 -69.67 63.55 -6.30
CA THR D 438 -70.85 62.79 -5.91
C THR D 438 -71.75 63.68 -5.07
N ALA D 439 -73.02 63.78 -5.49
CA ALA D 439 -73.98 64.65 -4.81
C ALA D 439 -74.42 63.97 -3.51
N GLY D 440 -73.60 64.15 -2.48
CA GLY D 440 -73.96 63.63 -1.17
C GLY D 440 -75.21 64.32 -0.64
N GLN D 441 -76.04 63.55 0.04
CA GLN D 441 -77.27 64.09 0.59
C GLN D 441 -76.97 65.01 1.77
N TYR D 442 -77.81 66.01 1.97
CA TYR D 442 -77.56 66.99 3.02
C TYR D 442 -78.77 67.22 3.92
N ALA D 443 -79.98 67.04 3.38
CA ALA D 443 -81.19 67.43 4.09
C ALA D 443 -81.39 66.66 5.39
N SER D 444 -81.65 65.36 5.31
CA SER D 444 -81.86 64.56 6.51
C SER D 444 -81.08 63.26 6.48
N ALA D 445 -80.82 62.73 5.27
CA ALA D 445 -80.01 61.52 5.16
C ALA D 445 -78.56 61.81 5.48
N ASP D 446 -78.08 63.01 5.16
CA ASP D 446 -76.76 63.51 5.56
C ASP D 446 -75.65 62.59 5.06
N GLY D 447 -75.56 62.50 3.74
CA GLY D 447 -74.51 61.72 3.11
C GLY D 447 -74.98 60.43 2.51
N ALA D 448 -76.19 60.43 1.96
CA ALA D 448 -76.74 59.23 1.34
C ALA D 448 -76.09 58.91 -0.01
N LYS D 449 -75.25 59.80 -0.54
CA LYS D 449 -74.56 59.60 -1.81
C LYS D 449 -75.57 59.34 -2.94
N VAL D 450 -76.32 60.40 -3.25
CA VAL D 450 -77.43 60.30 -4.19
C VAL D 450 -76.97 59.71 -5.52
N LEU D 451 -77.80 58.82 -6.07
CA LEU D 451 -77.62 58.29 -7.42
C LEU D 451 -78.83 58.65 -8.28
N VAL D 452 -78.60 58.69 -9.60
CA VAL D 452 -79.67 58.94 -10.55
C VAL D 452 -80.49 57.67 -10.72
N GLY D 453 -81.81 57.79 -10.54
CA GLY D 453 -82.68 56.65 -10.69
C GLY D 453 -82.93 56.28 -12.14
N SER D 454 -83.73 55.24 -12.33
CA SER D 454 -84.04 54.78 -13.67
C SER D 454 -84.91 55.78 -14.44
N ASP D 455 -85.66 56.62 -13.74
CA ASP D 455 -86.51 57.63 -14.36
C ASP D 455 -85.87 59.00 -14.41
N GLY D 456 -84.61 59.12 -14.01
CA GLY D 456 -83.87 60.37 -14.12
C GLY D 456 -83.92 61.26 -12.89
N LYS D 457 -84.79 60.98 -11.93
CA LYS D 457 -84.85 61.80 -10.73
C LYS D 457 -83.76 61.37 -9.74
N LEU D 458 -83.51 62.23 -8.77
CA LEU D 458 -82.51 61.97 -7.74
C LEU D 458 -83.07 61.02 -6.69
N THR D 459 -82.26 60.06 -6.27
CA THR D 459 -82.67 59.08 -5.29
C THR D 459 -81.44 58.58 -4.54
N THR D 460 -81.68 58.06 -3.34
CA THR D 460 -80.59 57.57 -2.49
C THR D 460 -80.29 56.09 -2.68
N GLU D 461 -81.10 55.37 -3.45
CA GLU D 461 -80.85 53.96 -3.68
C GLU D 461 -79.71 53.77 -4.66
N THR D 462 -78.97 52.67 -4.48
CA THR D 462 -77.85 52.36 -5.36
C THR D 462 -78.23 51.41 -6.48
N THR D 463 -79.11 50.44 -6.21
CA THR D 463 -79.48 49.41 -7.16
C THR D 463 -80.97 49.47 -7.43
N SER D 464 -81.34 49.40 -8.71
CA SER D 464 -82.74 49.46 -9.12
C SER D 464 -83.27 48.04 -9.31
N ALA D 465 -84.53 47.96 -9.77
CA ALA D 465 -85.17 46.66 -9.95
C ALA D 465 -84.51 45.85 -11.06
N GLY D 466 -84.14 46.51 -12.15
CA GLY D 466 -83.59 45.80 -13.30
C GLY D 466 -84.68 45.29 -14.22
N ASP D 467 -84.44 44.17 -14.89
CA ASP D 467 -85.44 43.61 -15.80
C ASP D 467 -85.31 42.08 -15.76
N LYS D 468 -86.07 41.45 -14.86
CA LYS D 468 -85.87 40.04 -14.45
C LYS D 468 -86.97 39.63 -13.48
N THR D 469 -87.39 38.37 -13.49
CA THR D 469 -88.40 37.91 -12.54
C THR D 469 -87.80 37.88 -11.15
N THR D 470 -88.20 38.84 -10.31
CA THR D 470 -87.54 39.05 -9.02
C THR D 470 -87.67 37.82 -8.12
N ASP D 471 -88.77 37.08 -8.23
CA ASP D 471 -89.01 35.89 -7.42
C ASP D 471 -89.36 34.73 -8.35
N PRO D 472 -88.35 34.15 -9.01
CA PRO D 472 -88.66 33.10 -10.00
C PRO D 472 -89.27 31.86 -9.37
N LEU D 473 -88.59 31.26 -8.39
CA LEU D 473 -89.07 30.01 -7.81
C LEU D 473 -90.38 30.20 -7.05
N LYS D 474 -90.58 31.35 -6.42
CA LYS D 474 -91.85 31.59 -5.74
C LYS D 474 -93.01 31.65 -6.72
N THR D 475 -92.82 32.32 -7.86
CA THR D 475 -93.86 32.32 -8.89
C THR D 475 -94.09 30.93 -9.45
N LEU D 476 -93.01 30.16 -9.61
CA LEU D 476 -93.16 28.79 -10.07
C LEU D 476 -93.94 27.95 -9.07
N ASP D 477 -93.70 28.16 -7.78
CA ASP D 477 -94.47 27.45 -6.76
C ASP D 477 -95.93 27.87 -6.77
N ALA D 478 -96.20 29.15 -7.04
CA ALA D 478 -97.58 29.60 -7.16
C ALA D 478 -98.28 28.92 -8.33
N ALA D 479 -97.58 28.82 -9.46
CA ALA D 479 -98.12 28.11 -10.62
C ALA D 479 -98.35 26.63 -10.28
N PHE D 480 -97.41 26.03 -9.55
CA PHE D 480 -97.56 24.65 -9.11
C PHE D 480 -98.80 24.48 -8.25
N THR D 481 -99.03 25.41 -7.33
CA THR D 481 -100.20 25.33 -6.46
C THR D 481 -101.48 25.44 -7.27
N LYS D 482 -101.53 26.38 -8.21
CA LYS D 482 -102.73 26.52 -9.05
C LYS D 482 -103.00 25.24 -9.84
N LEU D 483 -101.96 24.71 -10.49
CA LEU D 483 -102.12 23.51 -11.30
C LEU D 483 -102.52 22.32 -10.45
N ASP D 484 -101.90 22.17 -9.27
CA ASP D 484 -102.23 21.06 -8.39
C ASP D 484 -103.66 21.17 -7.87
N LYS D 485 -104.09 22.39 -7.56
CA LYS D 485 -105.48 22.58 -7.13
C LYS D 485 -106.44 22.15 -8.23
N LEU D 486 -106.19 22.57 -9.47
CA LEU D 486 -107.10 22.18 -10.54
C LEU D 486 -107.04 20.67 -10.79
N THR D 487 -105.86 20.08 -10.73
CA THR D 487 -105.73 18.64 -10.96
C THR D 487 -106.47 17.86 -9.87
N GLY D 488 -106.33 18.27 -8.61
CA GLY D 488 -107.06 17.60 -7.55
C GLY D 488 -108.56 17.77 -7.67
N GLU D 489 -109.00 18.97 -8.09
CA GLU D 489 -110.42 19.18 -8.32
C GLU D 489 -110.93 18.23 -9.40
N LEU D 490 -110.20 18.11 -10.51
CA LEU D 490 -110.62 17.22 -11.59
C LEU D 490 -110.63 15.77 -11.13
N GLY D 491 -109.63 15.37 -10.34
CA GLY D 491 -109.60 14.00 -9.84
C GLY D 491 -110.78 13.70 -8.94
N ALA D 492 -111.10 14.63 -8.03
CA ALA D 492 -112.26 14.43 -7.16
C ALA D 492 -113.55 14.36 -7.95
N VAL D 493 -113.70 15.24 -8.94
CA VAL D 493 -114.91 15.22 -9.76
C VAL D 493 -115.01 13.90 -10.53
N GLN D 494 -113.88 13.41 -11.04
CA GLN D 494 -113.92 12.15 -11.78
C GLN D 494 -114.24 10.98 -10.87
N ASN D 495 -113.72 11.00 -9.64
CA ASN D 495 -114.06 9.94 -8.69
C ASN D 495 -115.55 9.96 -8.35
N ARG D 496 -116.10 11.15 -8.10
CA ARG D 496 -117.52 11.24 -7.85
C ARG D 496 -118.33 10.81 -9.06
N LEU D 497 -117.83 11.09 -10.26
CA LEU D 497 -118.50 10.63 -11.47
C LEU D 497 -118.50 9.11 -11.57
N GLU D 498 -117.39 8.46 -11.21
CA GLU D 498 -117.36 7.01 -11.19
C GLU D 498 -118.32 6.45 -10.17
N SER D 499 -118.39 7.08 -8.99
CA SER D 499 -119.34 6.65 -7.97
C SER D 499 -120.77 6.78 -8.46
N THR D 500 -121.08 7.88 -9.16
CA THR D 500 -122.41 8.03 -9.71
C THR D 500 -122.67 7.04 -10.83
N ILE D 501 -121.65 6.68 -11.60
CA ILE D 501 -121.81 5.61 -12.58
C ILE D 501 -122.28 4.34 -11.91
N ALA D 502 -121.59 3.96 -10.82
CA ALA D 502 -121.97 2.74 -10.10
C ALA D 502 -123.37 2.86 -9.52
N ASN D 503 -123.69 4.03 -8.94
CA ASN D 503 -125.00 4.21 -8.33
C ASN D 503 -126.11 4.15 -9.37
N LEU D 504 -125.93 4.82 -10.51
CA LEU D 504 -126.92 4.75 -11.58
C LEU D 504 -127.06 3.35 -12.13
N ASN D 505 -125.96 2.60 -12.26
CA ASN D 505 -126.07 1.22 -12.71
C ASN D 505 -126.90 0.40 -11.73
N ASN D 506 -126.65 0.56 -10.44
CA ASN D 506 -127.43 -0.16 -9.44
C ASN D 506 -128.90 0.22 -9.52
N VAL D 507 -129.19 1.51 -9.64
CA VAL D 507 -130.58 1.96 -9.68
C VAL D 507 -131.27 1.46 -10.94
N VAL D 508 -130.54 1.43 -12.07
CA VAL D 508 -131.10 0.88 -13.31
C VAL D 508 -131.45 -0.59 -13.12
N ASN D 509 -130.55 -1.36 -12.50
CA ASN D 509 -130.84 -2.77 -12.29
C ASN D 509 -132.08 -2.95 -11.41
N ASN D 510 -132.17 -2.20 -10.32
CA ASN D 510 -133.31 -2.38 -9.42
C ASN D 510 -134.62 -1.90 -10.05
N LEU D 511 -134.57 -0.82 -10.84
CA LEU D 511 -135.78 -0.36 -11.50
C LEU D 511 -136.21 -1.30 -12.61
N SER D 512 -135.26 -1.92 -13.32
CA SER D 512 -135.62 -2.95 -14.27
C SER D 512 -136.25 -4.15 -13.58
N SER D 513 -135.73 -4.49 -12.39
CA SER D 513 -136.36 -5.55 -11.61
C SER D 513 -137.80 -5.19 -11.23
N ALA D 514 -138.01 -3.95 -10.78
CA ALA D 514 -139.36 -3.53 -10.41
C ALA D 514 -140.29 -3.57 -11.63
N ARG D 515 -139.79 -3.13 -12.78
CA ARG D 515 -140.57 -3.23 -14.00
C ARG D 515 -140.87 -4.67 -14.34
N SER D 516 -139.96 -5.59 -14.02
CA SER D 516 -140.20 -7.00 -14.26
C SER D 516 -141.31 -7.53 -13.36
N ARG D 517 -141.26 -7.18 -12.06
CA ARG D 517 -142.35 -7.58 -11.17
C ARG D 517 -143.69 -7.03 -11.62
N ILE D 518 -143.71 -5.79 -12.12
CA ILE D 518 -145.00 -5.16 -12.39
C ILE D 518 -145.54 -5.55 -13.76
N GLN D 519 -144.68 -5.69 -14.77
CA GLN D 519 -145.10 -5.71 -16.17
C GLN D 519 -144.93 -7.05 -16.84
N ASP D 520 -143.81 -7.74 -16.64
CA ASP D 520 -143.51 -8.93 -17.41
C ASP D 520 -144.39 -10.10 -16.96
N ALA D 521 -144.39 -11.14 -17.78
CA ALA D 521 -145.23 -12.32 -17.57
C ALA D 521 -144.38 -13.51 -17.16
N ASP D 522 -144.75 -14.15 -16.05
CA ASP D 522 -144.09 -15.36 -15.59
C ASP D 522 -144.66 -16.58 -16.29
N TYR D 523 -143.91 -17.05 -17.30
CA TYR D 523 -144.44 -17.95 -18.33
C TYR D 523 -145.08 -19.21 -17.78
N ALA D 524 -144.76 -19.63 -16.56
CA ALA D 524 -145.42 -20.81 -15.99
C ALA D 524 -146.93 -20.60 -15.94
N THR D 525 -147.35 -19.46 -15.39
CA THR D 525 -148.78 -19.19 -15.24
C THR D 525 -149.47 -19.09 -16.59
N GLU D 526 -148.85 -18.38 -17.54
CA GLU D 526 -149.50 -18.21 -18.84
C GLU D 526 -149.55 -19.50 -19.62
N VAL D 527 -148.52 -20.34 -19.52
CA VAL D 527 -148.56 -21.64 -20.20
C VAL D 527 -149.64 -22.52 -19.59
N SER D 528 -149.72 -22.56 -18.26
CA SER D 528 -150.77 -23.35 -17.63
C SER D 528 -152.15 -22.83 -18.01
N ASN D 529 -152.31 -21.52 -18.08
CA ASN D 529 -153.59 -20.94 -18.49
C ASN D 529 -153.88 -21.26 -19.95
N MET D 530 -152.87 -21.29 -20.80
CA MET D 530 -153.09 -21.68 -22.20
C MET D 530 -153.61 -23.10 -22.26
N SER D 531 -152.99 -24.00 -21.49
CA SER D 531 -153.42 -25.39 -21.50
C SER D 531 -154.85 -25.53 -20.99
N LYS D 532 -155.16 -24.85 -19.88
CA LYS D 532 -156.51 -24.92 -19.35
C LYS D 532 -157.53 -24.36 -20.34
N ALA D 533 -157.19 -23.25 -20.99
CA ALA D 533 -158.09 -22.65 -21.96
C ALA D 533 -158.28 -23.55 -23.17
N GLN D 534 -157.22 -24.24 -23.61
CA GLN D 534 -157.35 -25.14 -24.74
C GLN D 534 -158.24 -26.33 -24.41
N ILE D 535 -158.04 -26.93 -23.24
CA ILE D 535 -158.91 -28.03 -22.84
C ILE D 535 -160.34 -27.56 -22.70
N LEU D 536 -160.54 -26.37 -22.12
CA LEU D 536 -161.88 -25.81 -22.01
C LEU D 536 -162.48 -25.57 -23.39
N GLN D 537 -161.66 -25.14 -24.35
CA GLN D 537 -162.14 -24.90 -25.71
C GLN D 537 -162.65 -26.19 -26.34
N GLN D 538 -161.84 -27.25 -26.26
CA GLN D 538 -162.25 -28.51 -26.85
C GLN D 538 -163.49 -29.07 -26.17
N ALA D 539 -163.53 -28.99 -24.84
CA ALA D 539 -164.70 -29.46 -24.10
C ALA D 539 -165.94 -28.65 -24.47
N GLY D 540 -165.79 -27.34 -24.61
CA GLY D 540 -166.92 -26.51 -24.99
C GLY D 540 -167.43 -26.82 -26.38
N THR D 541 -166.52 -27.03 -27.33
CA THR D 541 -166.95 -27.41 -28.66
C THR D 541 -167.70 -28.74 -28.64
N SER D 542 -167.19 -29.71 -27.88
CA SER D 542 -167.86 -31.00 -27.81
C SER D 542 -169.24 -30.88 -27.16
N VAL D 543 -169.33 -30.13 -26.06
CA VAL D 543 -170.61 -29.97 -25.37
C VAL D 543 -171.60 -29.24 -26.26
N LEU D 544 -171.13 -28.22 -26.97
CA LEU D 544 -172.00 -27.54 -27.93
C LEU D 544 -172.46 -28.50 -29.01
N ALA D 545 -171.58 -29.40 -29.43
CA ALA D 545 -171.98 -30.40 -30.42
C ALA D 545 -173.13 -31.24 -29.89
N GLN D 546 -172.97 -31.82 -28.69
CA GLN D 546 -174.06 -32.66 -28.17
C GLN D 546 -175.33 -31.86 -27.95
N ALA D 547 -175.20 -30.60 -27.53
CA ALA D 547 -176.37 -29.74 -27.42
C ALA D 547 -177.05 -29.57 -28.77
N ASN D 548 -176.28 -29.54 -29.85
CA ASN D 548 -176.88 -29.39 -31.17
C ASN D 548 -177.73 -30.60 -31.57
N GLN D 549 -177.31 -31.81 -31.20
CA GLN D 549 -178.17 -32.97 -31.47
C GLN D 549 -179.17 -33.25 -30.37
N VAL D 550 -179.16 -32.48 -29.28
CA VAL D 550 -180.21 -32.62 -28.27
C VAL D 550 -181.61 -32.56 -28.89
N PRO D 551 -181.95 -31.60 -29.75
CA PRO D 551 -183.31 -31.58 -30.30
C PRO D 551 -183.59 -32.66 -31.33
N GLN D 552 -182.58 -33.38 -31.82
CA GLN D 552 -182.84 -34.43 -32.80
C GLN D 552 -183.72 -35.53 -32.24
N THR D 553 -183.73 -35.71 -30.92
CA THR D 553 -184.62 -36.70 -30.32
C THR D 553 -186.08 -36.38 -30.62
N VAL D 554 -186.39 -35.12 -30.90
CA VAL D 554 -187.73 -34.77 -31.36
C VAL D 554 -188.03 -35.47 -32.67
N LEU D 555 -187.03 -35.60 -33.54
CA LEU D 555 -187.22 -36.31 -34.79
C LEU D 555 -187.11 -37.81 -34.58
N SER D 556 -187.83 -38.31 -33.57
CA SER D 556 -188.06 -39.74 -33.38
C SER D 556 -189.54 -40.06 -33.38
N LEU D 557 -190.34 -39.24 -32.69
CA LEU D 557 -191.79 -39.30 -32.78
C LEU D 557 -192.24 -38.41 -33.93
N LEU D 558 -193.17 -38.91 -34.73
CA LEU D 558 -193.67 -38.16 -35.87
C LEU D 558 -195.15 -38.44 -36.12
N ALA E 2 -178.46 -55.11 -13.86
CA ALA E 2 -179.05 -55.82 -15.00
C ALA E 2 -179.18 -54.89 -16.21
N ALA E 3 -180.40 -54.45 -16.48
CA ALA E 3 -180.69 -53.53 -17.57
C ALA E 3 -181.15 -52.17 -17.07
N VAL E 4 -180.57 -51.69 -15.97
CA VAL E 4 -180.95 -50.41 -15.40
C VAL E 4 -180.32 -49.29 -16.19
N ILE E 5 -181.03 -48.18 -16.32
CA ILE E 5 -180.56 -47.01 -17.02
C ILE E 5 -180.28 -45.85 -16.07
N ASN E 6 -181.07 -45.74 -15.00
CA ASN E 6 -180.96 -44.59 -14.10
C ASN E 6 -179.60 -44.53 -13.44
N THR E 7 -179.16 -45.62 -12.83
CA THR E 7 -177.93 -45.66 -12.07
C THR E 7 -176.98 -46.69 -12.68
N ASN E 8 -175.74 -46.27 -12.92
CA ASN E 8 -174.70 -47.16 -13.44
C ASN E 8 -173.62 -47.31 -12.37
N TYR E 9 -173.63 -48.45 -11.69
CA TYR E 9 -172.67 -48.70 -10.62
C TYR E 9 -171.24 -48.76 -11.14
N LEU E 10 -171.05 -49.31 -12.34
CA LEU E 10 -169.71 -49.45 -12.89
C LEU E 10 -169.05 -48.10 -13.09
N SER E 11 -169.82 -47.10 -13.53
CA SER E 11 -169.26 -45.76 -13.69
C SER E 11 -168.77 -45.22 -12.36
N LEU E 12 -169.55 -45.42 -11.29
CA LEU E 12 -169.13 -44.96 -9.97
C LEU E 12 -167.85 -45.65 -9.52
N VAL E 13 -167.76 -46.95 -9.75
CA VAL E 13 -166.54 -47.68 -9.39
C VAL E 13 -165.35 -47.12 -10.15
N ALA E 14 -165.52 -46.88 -11.45
CA ALA E 14 -164.43 -46.34 -12.26
C ALA E 14 -164.01 -44.96 -11.78
N GLN E 15 -164.99 -44.11 -11.43
CA GLN E 15 -164.65 -42.78 -10.94
C GLN E 15 -163.88 -42.85 -9.63
N ASN E 16 -164.29 -43.74 -8.71
CA ASN E 16 -163.58 -43.85 -7.46
C ASN E 16 -162.14 -44.34 -7.66
N ASN E 17 -161.97 -45.36 -8.53
CA ASN E 17 -160.61 -45.84 -8.81
C ASN E 17 -159.76 -44.75 -9.45
N LEU E 18 -160.34 -43.99 -10.38
CA LEU E 18 -159.61 -42.91 -11.00
C LEU E 18 -159.24 -41.84 -9.98
N ASN E 19 -160.12 -41.57 -9.01
CA ASN E 19 -159.80 -40.61 -7.97
C ASN E 19 -158.63 -41.09 -7.11
N LYS E 20 -158.61 -42.38 -6.76
CA LYS E 20 -157.48 -42.91 -6.02
C LYS E 20 -156.18 -42.76 -6.80
N SER E 21 -156.21 -43.11 -8.09
CA SER E 21 -155.01 -43.00 -8.91
C SER E 21 -154.57 -41.55 -9.05
N GLN E 22 -155.52 -40.63 -9.18
CA GLN E 22 -155.18 -39.21 -9.31
C GLN E 22 -154.60 -38.67 -8.03
N SER E 23 -155.11 -39.10 -6.87
CA SER E 23 -154.51 -38.68 -5.61
C SER E 23 -153.08 -39.16 -5.50
N SER E 24 -152.82 -40.42 -5.88
CA SER E 24 -151.44 -40.91 -5.86
C SER E 24 -150.56 -40.12 -6.82
N LEU E 25 -151.09 -39.81 -8.01
CA LEU E 25 -150.34 -39.00 -8.97
C LEU E 25 -150.03 -37.62 -8.40
N GLY E 26 -150.99 -37.02 -7.72
CA GLY E 26 -150.76 -35.70 -7.14
C GLY E 26 -149.68 -35.72 -6.09
N THR E 27 -149.71 -36.73 -5.21
CA THR E 27 -148.65 -36.82 -4.21
C THR E 27 -147.29 -37.05 -4.85
N ALA E 28 -147.24 -37.89 -5.88
CA ALA E 28 -145.96 -38.13 -6.57
C ALA E 28 -145.45 -36.85 -7.22
N ILE E 29 -146.34 -36.10 -7.87
CA ILE E 29 -145.95 -34.88 -8.56
C ILE E 29 -145.48 -33.83 -7.56
N GLU E 30 -146.18 -33.72 -6.43
CA GLU E 30 -145.74 -32.79 -5.40
C GLU E 30 -144.37 -33.17 -4.87
N ARG E 31 -144.14 -34.46 -4.64
CA ARG E 31 -142.84 -34.89 -4.15
C ARG E 31 -141.74 -34.60 -5.17
N LEU E 32 -142.02 -34.78 -6.46
CA LEU E 32 -141.02 -34.45 -7.48
C LEU E 32 -140.74 -32.95 -7.51
N SER E 33 -141.79 -32.13 -7.59
CA SER E 33 -141.60 -30.69 -7.75
C SER E 33 -140.93 -30.09 -6.52
N SER E 34 -141.47 -30.35 -5.33
CA SER E 34 -140.88 -29.81 -4.12
C SER E 34 -139.52 -30.42 -3.83
N GLY E 35 -139.36 -31.72 -4.10
CA GLY E 35 -138.13 -32.41 -3.78
C GLY E 35 -138.05 -32.97 -2.38
N LEU E 36 -139.09 -32.83 -1.58
CA LEU E 36 -139.12 -33.33 -0.21
C LEU E 36 -140.22 -34.37 -0.10
N ARG E 37 -139.85 -35.58 0.34
CA ARG E 37 -140.85 -36.63 0.52
C ARG E 37 -141.85 -36.23 1.59
N ILE E 38 -141.36 -35.69 2.71
CA ILE E 38 -142.21 -35.26 3.82
C ILE E 38 -142.52 -33.77 3.61
N ASN E 39 -143.54 -33.52 2.81
CA ASN E 39 -144.09 -32.19 2.61
C ASN E 39 -145.58 -32.26 2.88
N SER E 40 -146.16 -31.15 3.34
CA SER E 40 -147.58 -31.11 3.68
C SER E 40 -147.88 -32.15 4.77
N ALA E 41 -147.48 -31.79 5.99
CA ALA E 41 -147.21 -32.68 7.11
C ALA E 41 -148.16 -33.87 7.25
N LYS E 42 -149.34 -33.79 6.65
CA LYS E 42 -150.23 -34.95 6.57
C LYS E 42 -149.49 -36.21 6.12
N ASP E 43 -148.38 -36.06 5.40
CA ASP E 43 -147.53 -37.18 5.03
C ASP E 43 -146.41 -37.32 6.06
N ASP E 44 -146.46 -38.39 6.85
CA ASP E 44 -145.43 -38.70 7.85
C ASP E 44 -145.28 -37.54 8.84
N ALA E 45 -146.32 -37.39 9.67
CA ALA E 45 -146.42 -36.23 10.54
C ALA E 45 -145.23 -36.12 11.50
N ALA E 46 -144.84 -37.24 12.11
CA ALA E 46 -143.69 -37.20 13.01
C ALA E 46 -142.41 -36.92 12.24
N GLY E 47 -142.34 -37.40 10.99
CA GLY E 47 -141.15 -37.20 10.20
C GLY E 47 -140.84 -35.74 9.94
N MET E 48 -141.88 -34.94 9.69
CA MET E 48 -141.63 -33.52 9.46
C MET E 48 -141.16 -32.82 10.73
N ALA E 49 -141.71 -33.19 11.89
CA ALA E 49 -141.22 -32.61 13.13
C ALA E 49 -139.76 -32.97 13.37
N ILE E 50 -139.40 -34.22 13.14
CA ILE E 50 -138.02 -34.62 13.40
C ILE E 50 -137.07 -33.96 12.41
N ALA E 51 -137.49 -33.88 11.14
CA ALA E 51 -136.69 -33.20 10.14
C ALA E 51 -136.56 -31.71 10.45
N ASN E 52 -137.62 -31.11 11.00
CA ASN E 52 -137.56 -29.72 11.42
C ASN E 52 -136.53 -29.53 12.54
N ARG E 53 -136.50 -30.48 13.49
CA ARG E 53 -135.49 -30.41 14.53
C ARG E 53 -134.09 -30.49 13.94
N PHE E 54 -133.89 -31.37 12.96
CA PHE E 54 -132.58 -31.41 12.29
C PHE E 54 -132.28 -30.10 11.55
N THR E 55 -133.27 -29.52 10.88
CA THR E 55 -133.02 -28.27 10.16
C THR E 55 -132.59 -27.17 11.11
N ALA E 56 -133.32 -27.03 12.23
CA ALA E 56 -132.96 -26.02 13.21
C ALA E 56 -131.57 -26.28 13.77
N ASN E 57 -131.26 -27.54 14.09
CA ASN E 57 -129.95 -27.87 14.62
C ASN E 57 -128.85 -27.58 13.61
N VAL E 58 -129.11 -27.88 12.33
CA VAL E 58 -128.09 -27.69 11.30
C VAL E 58 -127.79 -26.21 11.10
N ARG E 59 -128.83 -25.39 10.96
CA ARG E 59 -128.60 -23.96 10.79
C ARG E 59 -127.93 -23.36 12.03
N GLY E 60 -128.35 -23.78 13.22
CA GLY E 60 -127.69 -23.32 14.43
C GLY E 60 -126.22 -23.70 14.47
N LEU E 61 -125.90 -24.93 14.07
CA LEU E 61 -124.51 -25.37 14.10
C LEU E 61 -123.67 -24.62 13.08
N THR E 62 -124.20 -24.38 11.88
CA THR E 62 -123.45 -23.60 10.90
C THR E 62 -123.20 -22.18 11.40
N GLN E 63 -124.22 -21.55 11.99
CA GLN E 63 -124.02 -20.22 12.54
C GLN E 63 -123.01 -20.25 13.68
N ALA E 64 -123.01 -21.33 14.46
CA ALA E 64 -122.02 -21.50 15.52
C ALA E 64 -120.62 -21.64 14.96
N ALA E 65 -120.48 -22.35 13.84
CA ALA E 65 -119.18 -22.45 13.18
C ALA E 65 -118.71 -21.08 12.73
N ARG E 66 -119.63 -20.26 12.21
CA ARG E 66 -119.27 -18.90 11.86
C ARG E 66 -118.81 -18.10 13.08
N ASN E 67 -119.52 -18.27 14.20
CA ASN E 67 -119.12 -17.60 15.44
C ASN E 67 -117.74 -18.05 15.88
N ALA E 68 -117.46 -19.34 15.77
CA ALA E 68 -116.15 -19.86 16.13
C ALA E 68 -115.06 -19.31 15.22
N ASN E 69 -115.37 -19.14 13.93
CA ASN E 69 -114.42 -18.50 13.03
C ASN E 69 -114.13 -17.07 13.46
N ASP E 70 -115.18 -16.34 13.86
CA ASP E 70 -114.97 -15.00 14.39
C ASP E 70 -114.09 -15.02 15.63
N GLY E 71 -114.30 -15.99 16.51
CA GLY E 71 -113.44 -16.12 17.68
C GLY E 71 -112.00 -16.41 17.30
N ILE E 72 -111.79 -17.25 16.29
CA ILE E 72 -110.44 -17.52 15.80
C ILE E 72 -109.79 -16.23 15.32
N SER E 73 -110.55 -15.42 14.57
CA SER E 73 -110.00 -14.16 14.07
C SER E 73 -109.66 -13.21 15.22
N LEU E 74 -110.54 -13.13 16.22
CA LEU E 74 -110.27 -12.27 17.38
C LEU E 74 -109.01 -12.72 18.10
N ALA E 75 -108.87 -14.02 18.31
CA ALA E 75 -107.66 -14.55 18.93
C ALA E 75 -106.44 -14.24 18.09
N GLN E 76 -106.57 -14.29 16.76
CA GLN E 76 -105.44 -13.96 15.90
C GLN E 76 -105.02 -12.50 16.06
N THR E 77 -105.98 -11.58 16.11
CA THR E 77 -105.64 -10.18 16.31
C THR E 77 -104.95 -9.97 17.65
N THR E 78 -105.50 -10.56 18.71
CA THR E 78 -104.88 -10.43 20.03
C THR E 78 -103.47 -11.02 20.02
N GLU E 79 -103.30 -12.15 19.35
CA GLU E 79 -101.99 -12.80 19.27
C GLU E 79 -100.99 -11.94 18.52
N GLY E 80 -101.42 -11.30 17.44
CA GLY E 80 -100.51 -10.42 16.71
C GLY E 80 -100.09 -9.22 17.54
N ALA E 81 -101.05 -8.60 18.24
CA ALA E 81 -100.70 -7.48 19.10
C ALA E 81 -99.75 -7.92 20.21
N ALA E 82 -99.99 -9.09 20.79
CA ALA E 82 -99.09 -9.61 21.82
C ALA E 82 -97.71 -9.89 21.26
N SER E 83 -97.63 -10.40 20.03
CA SER E 83 -96.32 -10.63 19.42
C SER E 83 -95.58 -9.31 19.23
N GLU E 84 -96.30 -8.25 18.85
CA GLU E 84 -95.65 -6.96 18.72
C GLU E 84 -95.14 -6.45 20.07
N VAL E 85 -95.95 -6.62 21.12
CA VAL E 85 -95.48 -6.26 22.47
C VAL E 85 -94.26 -7.06 22.85
N ASN E 86 -94.22 -8.33 22.44
CA ASN E 86 -93.05 -9.17 22.72
C ASN E 86 -91.81 -8.63 22.01
N THR E 87 -91.96 -8.27 20.74
CA THR E 87 -90.83 -7.72 19.99
C THR E 87 -90.34 -6.43 20.61
N HIS E 88 -91.25 -5.64 21.18
CA HIS E 88 -90.83 -4.48 21.96
C HIS E 88 -90.04 -4.91 23.19
N LEU E 89 -90.60 -5.81 23.99
CA LEU E 89 -89.97 -6.19 25.25
C LEU E 89 -88.57 -6.73 25.04
N GLN E 90 -88.33 -7.40 23.91
CA GLN E 90 -86.96 -7.80 23.61
C GLN E 90 -86.04 -6.60 23.49
N ARG E 91 -86.51 -5.53 22.83
CA ARG E 91 -85.67 -4.34 22.67
C ARG E 91 -85.45 -3.63 24.00
N ILE E 92 -86.49 -3.52 24.82
CA ILE E 92 -86.31 -2.93 26.15
C ILE E 92 -85.32 -3.76 26.97
N ARG E 93 -85.40 -5.09 26.89
CA ARG E 93 -84.46 -5.90 27.65
C ARG E 93 -83.03 -5.70 27.16
N GLU E 94 -82.84 -5.66 25.85
CA GLU E 94 -81.50 -5.46 25.31
C GLU E 94 -80.94 -4.11 25.72
N LEU E 95 -81.76 -3.06 25.65
CA LEU E 95 -81.29 -1.73 26.02
C LEU E 95 -81.03 -1.63 27.52
N THR E 96 -81.82 -2.32 28.33
CA THR E 96 -81.56 -2.34 29.77
C THR E 96 -80.25 -3.03 30.08
N VAL E 97 -79.96 -4.13 29.37
CA VAL E 97 -78.66 -4.79 29.53
C VAL E 97 -77.54 -3.85 29.11
N GLN E 98 -77.75 -3.11 28.03
CA GLN E 98 -76.74 -2.16 27.57
C GLN E 98 -76.48 -1.08 28.61
N ALA E 99 -77.55 -0.43 29.08
CA ALA E 99 -77.42 0.69 30.01
C ALA E 99 -77.01 0.25 31.40
N SER E 100 -77.16 -1.04 31.72
CA SER E 100 -76.67 -1.53 33.00
C SER E 100 -75.16 -1.43 33.10
N ASN E 101 -74.46 -1.34 31.98
CA ASN E 101 -73.03 -1.10 31.99
C ASN E 101 -72.75 0.29 32.56
N GLY E 102 -71.80 0.37 33.48
CA GLY E 102 -71.50 1.63 34.14
C GLY E 102 -70.61 2.57 33.37
N SER E 103 -70.07 2.14 32.23
CA SER E 103 -69.17 3.00 31.47
C SER E 103 -69.90 4.19 30.86
N TYR E 104 -71.16 4.02 30.50
CA TYR E 104 -71.92 5.10 29.86
C TYR E 104 -72.17 6.22 30.85
N SER E 105 -72.00 7.46 30.39
CA SER E 105 -72.23 8.62 31.24
C SER E 105 -73.74 8.89 31.36
N GLN E 106 -74.07 9.93 32.12
CA GLN E 106 -75.48 10.16 32.46
C GLN E 106 -76.30 10.54 31.23
N GLU E 107 -75.72 11.31 30.30
CA GLU E 107 -76.46 11.78 29.14
C GLU E 107 -76.89 10.62 28.25
N GLN E 108 -76.00 9.65 28.05
CA GLN E 108 -76.36 8.52 27.19
C GLN E 108 -77.39 7.63 27.85
N LEU E 109 -77.33 7.47 29.17
CA LEU E 109 -78.41 6.78 29.87
C LEU E 109 -79.71 7.56 29.73
N ASP E 110 -79.64 8.89 29.68
CA ASP E 110 -80.84 9.69 29.44
C ASP E 110 -81.42 9.40 28.07
N SER E 111 -80.57 9.31 27.05
CA SER E 111 -81.06 8.96 25.70
C SER E 111 -81.66 7.56 25.69
N VAL E 112 -81.01 6.61 26.37
CA VAL E 112 -81.52 5.25 26.44
C VAL E 112 -82.89 5.25 27.10
N GLN E 113 -83.03 5.97 28.21
CA GLN E 113 -84.31 6.01 28.91
C GLN E 113 -85.37 6.73 28.09
N GLY E 114 -84.96 7.71 27.27
CA GLY E 114 -85.91 8.31 26.35
C GLY E 114 -86.43 7.31 25.34
N GLU E 115 -85.54 6.49 24.78
CA GLU E 115 -85.98 5.46 23.85
C GLU E 115 -86.89 4.45 24.56
N ILE E 116 -86.53 4.07 25.79
CA ILE E 116 -87.34 3.10 26.54
C ILE E 116 -88.71 3.67 26.85
N ASN E 117 -88.77 4.95 27.22
CA ASN E 117 -90.06 5.61 27.44
C ASN E 117 -90.88 5.62 26.18
N GLN E 118 -90.22 5.85 25.03
CA GLN E 118 -90.93 5.81 23.76
C GLN E 118 -91.52 4.43 23.51
N ARG E 119 -90.73 3.38 23.79
CA ARG E 119 -91.21 2.01 23.59
C ARG E 119 -92.37 1.68 24.52
N LEU E 120 -92.29 2.10 25.78
CA LEU E 120 -93.37 1.87 26.72
C LEU E 120 -94.63 2.62 26.30
N ALA E 121 -94.47 3.84 25.81
CA ALA E 121 -95.61 4.58 25.28
C ALA E 121 -96.22 3.83 24.09
N ASP E 122 -95.37 3.21 23.27
CA ASP E 122 -95.89 2.42 22.17
C ASP E 122 -96.67 1.21 22.68
N ILE E 123 -96.18 0.57 23.74
CA ILE E 123 -96.91 -0.56 24.30
C ILE E 123 -98.27 -0.11 24.83
N ASP E 124 -98.31 1.03 25.50
CA ASP E 124 -99.58 1.58 25.96
C ASP E 124 -100.50 1.91 24.79
N ARG E 125 -99.94 2.46 23.71
CA ARG E 125 -100.73 2.74 22.52
C ARG E 125 -101.29 1.45 21.92
N ILE E 126 -100.47 0.40 21.88
CA ILE E 126 -100.93 -0.89 21.37
C ILE E 126 -102.09 -1.38 22.20
N SER E 127 -101.98 -1.26 23.52
CA SER E 127 -103.06 -1.71 24.40
C SER E 127 -104.33 -0.91 24.17
N GLU E 128 -104.22 0.41 24.10
CA GLU E 128 -105.40 1.26 24.05
C GLU E 128 -106.01 1.40 22.66
N GLN E 129 -105.29 1.01 21.61
CA GLN E 129 -105.79 1.20 20.25
C GLN E 129 -105.99 -0.10 19.47
N THR E 130 -105.60 -1.24 20.02
CA THR E 130 -105.92 -2.51 19.36
C THR E 130 -107.43 -2.71 19.41
N ASP E 131 -108.02 -2.95 18.24
CA ASP E 131 -109.48 -2.97 18.12
C ASP E 131 -109.93 -4.19 17.33
N PHE E 132 -111.16 -4.61 17.60
CA PHE E 132 -111.80 -5.67 16.83
C PHE E 132 -113.30 -5.51 16.99
N ASN E 133 -113.98 -5.07 15.92
CA ASN E 133 -115.42 -4.87 15.93
C ASN E 133 -115.85 -3.94 17.06
N GLY E 134 -115.06 -2.88 17.28
CA GLY E 134 -115.37 -1.95 18.35
C GLY E 134 -115.07 -2.44 19.73
N VAL E 135 -114.37 -3.57 19.86
CA VAL E 135 -113.98 -4.12 21.15
C VAL E 135 -112.47 -4.03 21.26
N LYS E 136 -112.00 -3.23 22.21
CA LYS E 136 -110.56 -3.09 22.45
C LYS E 136 -110.10 -4.34 23.18
N VAL E 137 -109.77 -5.38 22.41
CA VAL E 137 -109.55 -6.70 22.97
C VAL E 137 -108.34 -6.71 23.92
N LEU E 138 -107.25 -6.09 23.51
CA LEU E 138 -106.04 -6.09 24.32
C LEU E 138 -105.91 -4.78 25.10
N SER E 139 -106.94 -4.47 25.90
CA SER E 139 -106.95 -3.17 26.56
C SER E 139 -107.23 -3.28 28.05
N ASP E 140 -107.42 -2.13 28.70
CA ASP E 140 -107.72 -2.12 30.13
C ASP E 140 -109.16 -2.52 30.41
N SER E 141 -110.03 -2.48 29.41
CA SER E 141 -111.45 -2.83 29.58
C SER E 141 -111.76 -3.91 28.54
N ALA E 142 -111.49 -5.16 28.92
CA ALA E 142 -111.76 -6.28 28.01
C ALA E 142 -112.13 -7.49 28.87
N LYS E 143 -113.42 -7.68 29.08
CA LYS E 143 -113.89 -8.86 29.77
C LYS E 143 -113.87 -10.06 28.82
N PRO E 144 -113.69 -11.26 29.36
CA PRO E 144 -113.67 -12.46 28.50
C PRO E 144 -114.98 -12.62 27.74
N LEU E 145 -114.88 -13.13 26.52
CA LEU E 145 -116.03 -13.29 25.64
C LEU E 145 -116.71 -14.64 25.88
N THR E 146 -117.72 -14.94 25.08
CA THR E 146 -118.49 -16.16 25.23
C THR E 146 -118.33 -17.10 24.03
N LEU E 147 -118.64 -16.63 22.82
CA LEU E 147 -118.50 -17.40 21.59
C LEU E 147 -119.29 -18.71 21.67
N GLN E 148 -120.62 -18.54 21.69
CA GLN E 148 -121.51 -19.70 21.71
C GLN E 148 -121.25 -20.61 20.52
N VAL E 149 -121.08 -21.90 20.79
CA VAL E 149 -120.80 -22.90 19.76
C VAL E 149 -121.83 -24.02 19.93
N GLY E 150 -122.87 -23.99 19.10
CA GLY E 150 -123.90 -24.99 19.11
C GLY E 150 -125.25 -24.41 19.49
N ALA E 151 -126.33 -25.09 19.12
CA ALA E 151 -127.67 -24.70 19.53
C ALA E 151 -127.85 -25.09 20.99
N ASN E 152 -129.07 -24.93 21.51
CA ASN E 152 -129.38 -25.25 22.91
C ASN E 152 -128.47 -24.47 23.86
N ASP E 153 -128.67 -23.14 23.82
CA ASP E 153 -127.81 -22.20 24.51
C ASP E 153 -127.49 -22.66 25.93
N GLY E 154 -126.25 -22.40 26.35
CA GLY E 154 -125.76 -22.84 27.63
C GLY E 154 -124.31 -23.27 27.58
N GLU E 155 -123.75 -23.36 26.37
CA GLU E 155 -122.36 -23.70 26.18
C GLU E 155 -121.64 -22.56 25.47
N THR E 156 -120.45 -22.22 25.97
CA THR E 156 -119.67 -21.10 25.46
C THR E 156 -118.20 -21.50 25.43
N ILE E 157 -117.37 -20.59 24.94
CA ILE E 157 -115.91 -20.75 24.96
C ILE E 157 -115.35 -19.44 25.50
N THR E 158 -115.09 -19.39 26.80
CA THR E 158 -114.62 -18.16 27.44
C THR E 158 -113.15 -17.92 27.06
N LEU E 159 -112.81 -16.67 26.78
CA LEU E 159 -111.50 -16.36 26.21
C LEU E 159 -110.44 -15.96 27.24
N ASN E 160 -110.80 -15.15 28.24
CA ASN E 160 -109.85 -14.66 29.24
C ASN E 160 -108.68 -13.91 28.61
N LEU E 161 -109.03 -12.78 27.99
CA LEU E 161 -108.04 -11.88 27.39
C LEU E 161 -108.23 -10.49 27.98
N SER E 162 -107.15 -9.90 28.50
CA SER E 162 -107.16 -8.53 29.00
C SER E 162 -105.76 -8.17 29.50
N GLU E 163 -105.53 -6.86 29.64
CA GLU E 163 -104.47 -6.30 30.47
C GLU E 163 -103.07 -6.76 30.02
N ILE E 164 -102.69 -6.32 28.83
CA ILE E 164 -101.30 -6.33 28.40
C ILE E 164 -100.91 -4.90 28.07
N SER E 165 -100.15 -4.28 28.96
CA SER E 165 -99.75 -2.87 28.84
C SER E 165 -98.86 -2.50 30.01
N VAL E 166 -98.36 -1.26 30.03
CA VAL E 166 -97.87 -0.74 31.28
C VAL E 166 -99.07 -0.54 32.21
N LYS E 167 -98.78 -0.40 33.50
CA LYS E 167 -99.78 -0.33 34.58
C LYS E 167 -100.38 -1.70 34.81
N THR E 168 -100.03 -2.68 33.97
CA THR E 168 -100.40 -4.07 34.24
C THR E 168 -99.30 -5.09 33.99
N LEU E 169 -98.29 -4.78 33.18
CA LEU E 169 -97.14 -5.69 33.09
C LEU E 169 -96.20 -5.55 34.27
N GLY E 170 -96.36 -4.51 35.08
CA GLY E 170 -95.59 -4.34 36.29
C GLY E 170 -94.40 -3.40 36.15
N LEU E 171 -93.95 -3.13 34.93
CA LEU E 171 -92.81 -2.25 34.75
C LEU E 171 -93.17 -0.86 35.26
N ASP E 172 -94.04 -0.18 34.53
CA ASP E 172 -94.91 0.87 35.01
C ASP E 172 -94.17 2.11 35.50
N GLY E 173 -92.86 1.99 35.66
CA GLY E 173 -92.00 3.09 36.07
C GLY E 173 -90.61 2.93 35.51
N PHE E 174 -90.48 2.25 34.37
CA PHE E 174 -89.22 1.61 34.03
C PHE E 174 -88.14 2.65 33.79
N ASN E 175 -87.37 2.91 34.84
CA ASN E 175 -86.38 3.96 34.88
C ASN E 175 -84.99 3.34 34.96
N VAL E 176 -84.13 3.68 34.01
CA VAL E 176 -82.75 3.21 34.00
C VAL E 176 -81.77 4.32 34.36
N ASN E 177 -82.22 5.58 34.35
CA ASN E 177 -81.43 6.72 34.77
C ASN E 177 -82.12 7.33 35.99
N GLY E 178 -81.68 8.53 36.38
CA GLY E 178 -82.13 9.07 37.64
C GLY E 178 -83.53 9.65 37.68
N LYS E 179 -84.16 9.97 36.54
CA LYS E 179 -85.35 10.80 36.59
C LYS E 179 -86.59 9.99 36.99
N GLY E 180 -86.98 9.00 36.18
CA GLY E 180 -88.15 8.18 36.48
C GLY E 180 -89.45 8.93 36.72
N VAL E 181 -90.43 8.18 37.21
CA VAL E 181 -91.73 8.73 37.60
C VAL E 181 -92.42 7.70 38.49
N THR E 182 -93.09 8.18 39.52
CA THR E 182 -93.83 7.33 40.45
C THR E 182 -95.16 8.00 40.77
N GLN E 183 -96.26 7.28 40.58
CA GLN E 183 -97.57 7.83 40.88
C GLN E 183 -97.86 7.76 42.37
N ASN E 184 -98.41 8.85 42.91
CA ASN E 184 -98.82 8.89 44.30
C ASN E 184 -100.20 8.26 44.44
N ARG E 185 -100.78 8.34 45.63
CA ARG E 185 -102.11 7.81 45.89
C ARG E 185 -103.02 8.90 46.43
N SER E 186 -104.30 8.81 46.05
CA SER E 186 -105.28 9.79 46.52
C SER E 186 -105.44 9.69 48.02
N ALA E 187 -105.39 10.84 48.69
CA ALA E 187 -105.52 10.87 50.13
C ALA E 187 -106.96 10.58 50.55
N THR E 188 -107.11 9.98 51.73
CA THR E 188 -108.42 9.63 52.28
C THR E 188 -108.64 10.43 53.57
N VAL E 189 -109.83 10.26 54.14
CA VAL E 189 -110.15 10.95 55.39
C VAL E 189 -109.25 10.47 56.51
N THR E 190 -108.88 9.17 56.52
CA THR E 190 -107.94 8.68 57.52
C THR E 190 -106.58 9.34 57.36
N ASP E 191 -106.15 9.57 56.13
CA ASP E 191 -104.85 10.20 55.90
C ASP E 191 -104.81 11.61 56.47
N VAL E 192 -105.88 12.39 56.25
CA VAL E 192 -105.89 13.75 56.78
C VAL E 192 -106.07 13.74 58.29
N ILE E 193 -106.85 12.79 58.83
CA ILE E 193 -106.95 12.67 60.28
C ILE E 193 -105.60 12.37 60.90
N ALA E 194 -104.76 11.62 60.18
CA ALA E 194 -103.41 11.36 60.66
C ALA E 194 -102.62 12.65 60.88
N GLN E 195 -102.95 13.72 60.16
CA GLN E 195 -102.30 15.01 60.37
C GLN E 195 -102.72 15.68 61.67
N GLY E 196 -103.78 15.20 62.31
CA GLY E 196 -104.20 15.74 63.59
C GLY E 196 -104.98 17.04 63.54
N GLY E 197 -105.37 17.49 62.35
CA GLY E 197 -106.14 18.71 62.22
C GLY E 197 -107.61 18.50 62.55
N THR E 198 -108.38 19.58 62.40
CA THR E 198 -109.79 19.57 62.74
C THR E 198 -110.64 19.41 61.48
N LEU E 199 -111.80 18.76 61.65
CA LEU E 199 -112.70 18.48 60.56
C LEU E 199 -114.05 19.17 60.83
N GLN E 200 -114.70 19.60 59.76
CA GLN E 200 -115.92 20.38 59.87
C GLN E 200 -116.99 19.88 58.92
N GLY E 201 -118.06 20.66 58.76
CA GLY E 201 -119.17 20.23 57.93
C GLY E 201 -118.77 20.01 56.48
N ASP E 202 -119.58 19.19 55.80
CA ASP E 202 -119.34 18.75 54.43
C ASP E 202 -118.04 17.97 54.30
N GLY E 203 -117.48 17.52 55.42
CA GLY E 203 -116.19 16.86 55.40
C GLY E 203 -115.02 17.80 55.27
N THR E 204 -115.24 19.11 55.30
CA THR E 204 -114.15 20.06 55.22
C THR E 204 -113.21 19.87 56.40
N TYR E 205 -111.91 19.82 56.12
CA TYR E 205 -110.92 19.46 57.11
C TYR E 205 -109.83 20.52 57.11
N LYS E 206 -109.18 20.70 58.26
CA LYS E 206 -108.17 21.74 58.45
C LYS E 206 -106.81 21.06 58.61
N ALA E 207 -106.10 20.88 57.50
CA ALA E 207 -104.76 20.33 57.51
C ALA E 207 -103.76 21.47 57.62
N THR E 208 -103.00 21.50 58.72
CA THR E 208 -102.02 22.56 58.97
C THR E 208 -100.63 21.99 58.66
N THR E 209 -100.22 22.12 57.41
CA THR E 209 -98.91 21.65 56.99
C THR E 209 -97.83 22.60 57.51
N THR E 210 -96.80 22.02 58.12
CA THR E 210 -95.65 22.79 58.56
C THR E 210 -94.69 23.00 57.40
N PHE E 211 -93.94 24.10 57.47
CA PHE E 211 -93.14 24.56 56.34
C PHE E 211 -91.70 24.85 56.74
N ASN E 212 -91.21 24.18 57.80
CA ASN E 212 -89.86 24.44 58.29
C ASN E 212 -88.82 24.17 57.21
N ALA E 213 -88.09 25.21 56.82
CA ALA E 213 -87.15 25.14 55.71
C ALA E 213 -86.15 26.27 55.87
N ALA E 214 -85.43 26.58 54.79
CA ALA E 214 -84.46 27.68 54.75
C ALA E 214 -83.22 27.35 55.60
N SER E 215 -82.71 26.15 55.44
CA SER E 215 -81.46 25.75 56.08
C SER E 215 -80.29 26.26 55.23
N ALA E 216 -79.08 25.80 55.56
CA ALA E 216 -77.88 26.37 54.95
C ALA E 216 -77.77 26.00 53.47
N GLU E 217 -78.16 24.79 53.09
CA GLU E 217 -77.92 24.33 51.73
C GLU E 217 -78.74 25.09 50.69
N THR E 218 -79.87 25.68 51.08
CA THR E 218 -80.69 26.40 50.13
C THR E 218 -80.43 27.91 50.15
N VAL E 219 -80.02 28.47 51.29
CA VAL E 219 -79.76 29.90 51.35
C VAL E 219 -78.49 30.25 50.56
N LEU E 220 -77.46 29.39 50.64
CA LEU E 220 -76.22 29.65 49.93
C LEU E 220 -76.41 29.59 48.43
N SER E 221 -77.47 28.94 47.94
CA SER E 221 -77.73 28.91 46.51
C SER E 221 -78.03 30.30 45.97
N LYS E 222 -78.64 31.16 46.78
CA LYS E 222 -78.92 32.54 46.41
C LYS E 222 -78.10 33.42 47.36
N LEU E 223 -76.86 33.70 46.99
CA LEU E 223 -75.97 34.46 47.87
C LEU E 223 -74.95 35.24 47.05
N GLU E 224 -74.88 36.55 47.31
CA GLU E 224 -73.82 37.39 46.78
C GLU E 224 -73.23 38.33 47.83
N ASP E 225 -73.96 38.67 48.88
CA ASP E 225 -73.48 39.58 49.91
C ASP E 225 -72.69 38.79 50.95
N GLY E 226 -72.43 39.41 52.10
CA GLY E 226 -71.55 38.82 53.08
C GLY E 226 -72.20 37.70 53.89
N ASN E 227 -71.33 36.88 54.48
CA ASN E 227 -71.70 35.79 55.36
C ASN E 227 -70.85 35.88 56.62
N THR E 228 -71.39 35.38 57.73
CA THR E 228 -70.66 35.43 58.99
C THR E 228 -71.03 34.25 59.86
N VAL E 229 -70.09 33.84 60.72
CA VAL E 229 -70.32 32.79 61.71
C VAL E 229 -69.77 33.27 63.05
N ALA E 230 -70.41 32.84 64.13
CA ALA E 230 -70.00 33.23 65.47
C ALA E 230 -70.50 32.20 66.46
N VAL E 231 -69.65 31.86 67.43
CA VAL E 231 -69.97 30.86 68.45
C VAL E 231 -69.98 31.56 69.80
N GLY E 232 -71.10 31.43 70.52
CA GLY E 232 -71.25 31.99 71.85
C GLY E 232 -70.77 33.41 72.00
N GLY E 233 -69.87 33.64 72.94
CA GLY E 233 -69.21 34.91 73.12
C GLY E 233 -67.83 35.01 72.52
N GLY E 234 -67.44 34.07 71.67
CA GLY E 234 -66.13 34.06 71.07
C GLY E 234 -66.02 34.99 69.88
N ALA E 235 -64.89 34.89 69.20
CA ALA E 235 -64.63 35.74 68.03
C ALA E 235 -65.58 35.38 66.89
N THR E 236 -65.86 36.38 66.05
CA THR E 236 -66.78 36.24 64.94
C THR E 236 -66.01 36.37 63.63
N TYR E 237 -66.21 35.42 62.72
CA TYR E 237 -65.57 35.42 61.42
C TYR E 237 -66.60 35.65 60.32
N THR E 238 -66.27 36.54 59.39
CA THR E 238 -67.16 36.91 58.30
C THR E 238 -66.64 36.38 56.98
N TYR E 239 -67.55 36.22 56.02
CA TYR E 239 -67.24 35.70 54.70
C TYR E 239 -67.95 36.54 53.66
N ASP E 240 -67.60 36.31 52.40
CA ASP E 240 -68.25 37.03 51.29
C ASP E 240 -68.03 36.25 50.01
N ALA E 241 -69.11 35.74 49.43
CA ALA E 241 -69.04 34.93 48.21
C ALA E 241 -68.67 35.82 47.04
N ALA E 242 -67.44 35.69 46.55
CA ALA E 242 -66.95 36.44 45.41
C ALA E 242 -66.32 35.48 44.41
N LYS E 243 -66.86 35.45 43.19
CA LYS E 243 -66.34 34.62 42.10
C LYS E 243 -66.27 33.14 42.51
N GLY E 244 -67.32 32.67 43.18
CA GLY E 244 -67.38 31.30 43.62
C GLY E 244 -66.56 30.98 44.84
N ASN E 245 -65.94 31.97 45.47
CA ASN E 245 -65.13 31.77 46.65
C ASN E 245 -65.50 32.79 47.71
N PHE E 246 -65.29 32.44 48.96
CA PHE E 246 -65.57 33.32 50.09
C PHE E 246 -64.28 33.95 50.58
N THR E 247 -64.27 35.28 50.68
CA THR E 247 -63.09 36.02 51.12
C THR E 247 -63.04 36.00 52.65
N TYR E 248 -62.80 34.81 53.18
CA TYR E 248 -62.68 34.65 54.63
C TYR E 248 -61.44 35.36 55.13
N THR E 249 -61.58 36.08 56.23
CA THR E 249 -60.50 36.83 56.84
C THR E 249 -60.12 36.15 58.15
N LYS E 250 -58.98 35.47 58.17
CA LYS E 250 -58.51 34.78 59.36
C LYS E 250 -57.95 35.84 60.32
N THR E 251 -58.85 36.38 61.15
CA THR E 251 -58.47 37.38 62.13
C THR E 251 -58.10 36.67 63.43
N VAL E 252 -56.83 36.77 63.82
CA VAL E 252 -56.39 36.16 65.07
C VAL E 252 -57.13 36.80 66.23
N ASP E 253 -57.56 35.97 67.19
CA ASP E 253 -58.30 36.43 68.35
C ASP E 253 -57.54 37.53 69.08
N THR E 254 -58.26 38.36 69.85
CA THR E 254 -57.61 39.49 70.50
C THR E 254 -57.47 39.28 72.00
N THR E 255 -58.59 39.18 72.73
CA THR E 255 -58.64 38.77 74.13
C THR E 255 -57.45 39.20 74.97
N VAL E 256 -57.02 40.46 74.85
CA VAL E 256 -55.81 40.92 75.51
C VAL E 256 -56.01 42.31 76.08
N GLY E 257 -55.51 42.52 77.30
CA GLY E 257 -55.35 43.84 77.87
C GLY E 257 -53.90 44.25 77.73
N ALA E 258 -53.12 44.10 78.80
CA ALA E 258 -51.69 44.38 78.77
C ALA E 258 -50.85 43.16 78.42
N ASP E 259 -51.47 41.98 78.31
CA ASP E 259 -50.73 40.75 78.03
C ASP E 259 -50.66 40.51 76.52
N VAL E 260 -49.87 41.37 75.87
CA VAL E 260 -49.75 41.32 74.41
C VAL E 260 -49.18 39.99 73.93
N THR E 261 -48.48 39.26 74.80
CA THR E 261 -47.80 38.03 74.38
C THR E 261 -48.75 36.97 73.85
N ALA E 262 -50.04 37.06 74.15
CA ALA E 262 -50.99 36.08 73.65
C ALA E 262 -51.05 36.12 72.13
N LEU E 263 -51.08 37.33 71.54
CA LEU E 263 -51.12 37.45 70.09
C LEU E 263 -49.84 36.89 69.46
N ALA E 264 -48.69 37.21 70.04
CA ALA E 264 -47.44 36.71 69.50
C ALA E 264 -47.35 35.19 69.58
N ASN E 265 -47.76 34.62 70.72
CA ASN E 265 -47.74 33.17 70.89
C ASN E 265 -48.83 32.47 70.12
N LYS E 266 -49.83 33.20 69.63
CA LYS E 266 -50.83 32.62 68.75
C LYS E 266 -50.41 32.68 67.29
N ILE E 267 -49.68 33.73 66.90
CA ILE E 267 -49.26 33.87 65.51
C ILE E 267 -47.94 33.15 65.21
N LYS E 268 -47.07 32.99 66.20
CA LYS E 268 -45.79 32.33 65.98
C LYS E 268 -45.93 30.89 65.49
N PRO E 269 -46.80 30.04 66.07
CA PRO E 269 -46.90 28.66 65.57
C PRO E 269 -47.33 28.57 64.12
N SER E 270 -47.99 29.60 63.58
CA SER E 270 -48.34 29.59 62.16
C SER E 270 -47.11 29.54 61.27
N SER E 271 -45.98 30.04 61.77
CA SER E 271 -44.71 29.96 61.07
C SER E 271 -43.59 29.63 62.04
N GLY E 272 -43.87 28.74 62.99
CA GLY E 272 -42.94 28.43 64.06
C GLY E 272 -41.81 27.49 63.68
N THR E 273 -40.97 27.90 62.73
CA THR E 273 -39.80 27.13 62.33
C THR E 273 -38.81 28.10 61.70
N ILE E 274 -37.56 27.67 61.61
CA ILE E 274 -36.53 28.48 60.97
C ILE E 274 -36.83 28.58 59.48
N SER E 275 -37.05 29.80 59.00
CA SER E 275 -37.34 30.05 57.59
C SER E 275 -36.49 31.23 57.13
N GLY E 276 -36.74 31.68 55.90
CA GLY E 276 -35.99 32.78 55.34
C GLY E 276 -36.83 33.57 54.36
N SER E 277 -36.24 34.65 53.84
CA SER E 277 -36.89 35.54 52.88
C SER E 277 -38.19 36.11 53.45
N TYR E 278 -38.25 36.31 54.77
CA TYR E 278 -39.42 36.92 55.35
C TYR E 278 -39.54 38.37 54.90
N GLU E 279 -40.79 38.82 54.83
CA GLU E 279 -41.10 40.19 54.43
C GLU E 279 -41.66 40.91 55.66
N ILE E 280 -40.89 41.86 56.19
CA ILE E 280 -41.29 42.62 57.36
C ILE E 280 -41.69 44.01 56.86
N SER E 281 -42.99 44.25 56.75
CA SER E 281 -43.52 45.53 56.31
C SER E 281 -44.18 46.20 57.51
N THR E 282 -43.39 46.88 58.31
CA THR E 282 -43.85 47.66 59.44
C THR E 282 -43.81 49.15 59.09
N GLY E 283 -44.21 49.98 60.05
CA GLY E 283 -44.21 51.41 59.82
C GLY E 283 -45.18 51.77 58.70
N LYS E 284 -44.64 52.27 57.60
CA LYS E 284 -45.47 52.59 56.44
C LYS E 284 -45.01 51.90 55.17
N SER E 285 -43.71 51.88 54.89
CA SER E 285 -43.19 51.32 53.65
C SER E 285 -41.89 50.55 53.92
N ALA E 286 -41.90 49.71 54.95
CA ALA E 286 -40.69 48.97 55.31
C ALA E 286 -40.26 48.05 54.18
N SER E 287 -41.08 47.07 53.83
CA SER E 287 -40.80 46.14 52.74
C SER E 287 -39.41 45.52 52.88
N PHE E 288 -39.12 45.00 54.06
CA PHE E 288 -37.84 44.35 54.32
C PHE E 288 -37.79 42.96 53.70
N ASP E 289 -36.56 42.43 53.61
CA ASP E 289 -36.31 41.07 53.15
C ASP E 289 -35.40 40.42 54.19
N VAL E 290 -36.00 39.71 55.14
CA VAL E 290 -35.35 39.35 56.39
C VAL E 290 -35.33 37.83 56.54
N ASP E 291 -34.21 37.31 57.05
CA ASP E 291 -34.09 35.92 57.46
C ASP E 291 -34.40 35.78 58.94
N ALA E 292 -34.88 34.61 59.34
CA ALA E 292 -35.25 34.36 60.73
C ALA E 292 -34.91 32.92 61.09
N ALA E 293 -33.89 32.75 61.93
CA ALA E 293 -33.52 31.45 62.49
C ALA E 293 -33.82 31.42 63.99
N GLY E 294 -34.94 32.03 64.36
CA GLY E 294 -35.21 32.37 65.74
C GLY E 294 -34.80 33.77 66.12
N LYS E 295 -33.87 34.37 65.37
CA LYS E 295 -33.46 35.76 65.54
C LYS E 295 -33.64 36.47 64.21
N ILE E 296 -34.17 37.70 64.27
CA ILE E 296 -34.44 38.45 63.05
C ILE E 296 -33.13 39.00 62.50
N THR E 297 -32.80 38.62 61.27
CA THR E 297 -31.57 39.07 60.62
C THR E 297 -31.84 39.31 59.14
N ILE E 298 -31.31 40.40 58.62
CA ILE E 298 -31.35 40.67 57.19
C ILE E 298 -30.06 40.14 56.59
N GLY E 299 -30.06 39.96 55.26
CA GLY E 299 -28.96 39.30 54.59
C GLY E 299 -27.61 39.95 54.83
N GLY E 300 -26.77 39.29 55.62
CA GLY E 300 -25.45 39.78 55.93
C GLY E 300 -25.37 40.77 57.07
N ASN E 301 -26.45 40.99 57.81
CA ASN E 301 -26.44 41.97 58.89
C ASN E 301 -27.22 41.40 60.08
N ALA E 302 -27.41 42.24 61.11
CA ALA E 302 -28.03 41.80 62.35
C ALA E 302 -29.49 42.20 62.49
N ALA E 303 -29.88 43.36 61.95
CA ALA E 303 -31.27 43.80 61.89
C ALA E 303 -31.89 43.90 63.29
N PHE E 304 -31.36 44.83 64.08
CA PHE E 304 -31.92 45.12 65.38
C PHE E 304 -33.26 45.85 65.23
N LEU E 305 -33.91 46.12 66.36
CA LEU E 305 -35.15 46.87 66.42
C LEU E 305 -35.06 47.94 67.50
N ASN E 306 -35.54 49.14 67.20
CA ASN E 306 -35.50 50.23 68.16
C ASN E 306 -36.66 51.18 67.87
N ALA E 307 -36.57 52.40 68.41
CA ALA E 307 -37.58 53.44 68.23
C ALA E 307 -38.93 53.02 68.80
N ASP E 308 -38.94 52.78 70.10
CA ASP E 308 -40.19 52.44 70.79
C ASP E 308 -41.22 53.54 70.60
N GLY E 309 -42.46 53.14 70.37
CA GLY E 309 -43.54 54.05 70.01
C GLY E 309 -43.73 54.13 68.52
N GLU E 310 -42.63 54.06 67.76
CA GLU E 310 -42.66 53.98 66.31
C GLU E 310 -42.24 52.62 65.78
N LEU E 311 -41.27 51.99 66.44
CA LEU E 311 -40.97 50.57 66.27
C LEU E 311 -40.60 50.22 64.83
N THR E 312 -39.48 50.77 64.38
CA THR E 312 -38.91 50.42 63.08
C THR E 312 -37.76 49.44 63.28
N THR E 313 -37.49 48.64 62.25
CA THR E 313 -36.42 47.65 62.32
C THR E 313 -35.09 48.38 62.21
N ASN E 314 -34.42 48.56 63.36
CA ASN E 314 -33.21 49.39 63.44
C ASN E 314 -31.98 48.52 63.30
N ASP E 315 -31.65 48.15 62.06
CA ASP E 315 -30.43 47.43 61.80
C ASP E 315 -29.19 48.28 62.07
N ALA E 316 -29.36 49.58 62.25
CA ALA E 316 -28.33 50.44 62.83
C ALA E 316 -28.69 50.71 64.28
N SER E 317 -27.77 50.40 65.19
CA SER E 317 -28.07 50.43 66.61
C SER E 317 -28.35 51.85 67.09
N GLY E 318 -29.28 51.97 68.03
CA GLY E 318 -29.60 53.24 68.64
C GLY E 318 -29.65 53.20 70.15
N ALA E 319 -28.81 52.36 70.76
CA ALA E 319 -28.63 52.18 72.20
C ALA E 319 -29.80 51.49 72.88
N LEU E 320 -30.89 51.21 72.18
CA LEU E 320 -32.06 50.57 72.78
C LEU E 320 -32.58 49.46 71.87
N THR E 321 -31.66 48.61 71.39
CA THR E 321 -31.98 47.62 70.38
C THR E 321 -32.13 46.23 70.99
N GLN E 322 -32.97 45.41 70.37
CA GLN E 322 -33.26 44.06 70.85
C GLN E 322 -32.85 42.98 69.85
N ALA E 323 -33.29 43.11 68.59
CA ALA E 323 -32.95 42.16 67.53
C ALA E 323 -33.42 40.73 67.85
N THR E 324 -34.75 40.57 67.93
CA THR E 324 -35.33 39.26 68.13
C THR E 324 -36.73 39.21 67.52
N LEU E 325 -37.18 37.98 67.21
CA LEU E 325 -38.41 37.81 66.43
C LEU E 325 -39.66 38.14 67.23
N ASP E 326 -39.74 37.65 68.48
CA ASP E 326 -40.96 37.87 69.25
C ASP E 326 -41.20 39.35 69.52
N ASP E 327 -40.11 40.10 69.75
CA ASP E 327 -40.25 41.54 69.88
C ASP E 327 -40.79 42.16 68.59
N VAL E 328 -40.41 41.60 67.44
CA VAL E 328 -40.95 42.08 66.18
C VAL E 328 -42.45 41.81 66.09
N LEU E 329 -42.86 40.58 66.41
CA LEU E 329 -44.28 40.23 66.33
C LEU E 329 -45.12 41.08 67.27
N THR E 330 -44.65 41.29 68.49
CA THR E 330 -45.33 42.25 69.37
C THR E 330 -45.24 43.66 68.79
N SER E 331 -44.19 43.94 68.03
CA SER E 331 -43.95 45.28 67.51
C SER E 331 -44.78 45.56 66.26
N VAL E 332 -44.86 44.59 65.36
CA VAL E 332 -45.44 44.84 64.04
C VAL E 332 -46.96 44.92 64.13
N GLY E 333 -47.47 46.15 64.21
CA GLY E 333 -48.89 46.39 64.21
C GLY E 333 -49.66 45.76 65.35
N THR E 334 -48.95 45.01 66.20
CA THR E 334 -49.59 44.39 67.35
C THR E 334 -49.60 45.32 68.54
N GLU E 335 -48.63 46.22 68.65
CA GLU E 335 -48.61 47.20 69.72
C GLU E 335 -48.66 48.64 69.22
N ALA E 336 -47.74 49.04 68.35
CA ALA E 336 -47.60 50.46 68.03
C ALA E 336 -47.41 50.68 66.53
N ASN E 337 -48.12 49.92 65.70
CA ASN E 337 -48.16 50.18 64.27
C ASN E 337 -49.56 49.90 63.75
N SER E 338 -49.88 50.52 62.62
CA SER E 338 -51.20 50.40 62.02
C SER E 338 -51.05 50.06 60.53
N SER E 339 -51.91 49.18 60.05
CA SER E 339 -51.97 48.78 58.64
C SER E 339 -50.62 48.27 58.15
N VAL E 340 -49.97 47.45 58.98
CA VAL E 340 -48.68 46.86 58.64
C VAL E 340 -48.84 45.34 58.65
N THR E 341 -47.82 44.65 58.14
CA THR E 341 -47.92 43.20 57.98
C THR E 341 -46.53 42.58 57.97
N ILE E 342 -46.52 41.26 58.13
CA ILE E 342 -45.35 40.43 57.85
C ILE E 342 -45.70 39.52 56.68
N GLY E 343 -44.94 39.64 55.61
CA GLY E 343 -45.10 38.81 54.44
C GLY E 343 -44.13 37.64 54.44
N GLY E 344 -43.74 37.22 53.24
CA GLY E 344 -42.79 36.14 53.09
C GLY E 344 -43.38 34.78 53.39
N THR E 345 -42.88 33.75 52.70
CA THR E 345 -43.37 32.38 52.87
C THR E 345 -44.87 32.29 52.64
N LYS E 346 -45.36 33.12 51.70
CA LYS E 346 -46.75 33.09 51.23
C LYS E 346 -47.74 33.31 52.38
N TYR E 347 -47.68 34.51 52.95
CA TYR E 347 -48.75 35.02 53.81
C TYR E 347 -48.54 36.53 53.95
N SER E 348 -49.51 37.17 54.58
CA SER E 348 -49.40 38.59 54.91
C SER E 348 -50.22 38.82 56.19
N HIS E 349 -49.53 38.81 57.33
CA HIS E 349 -50.19 38.94 58.63
C HIS E 349 -50.42 40.42 58.90
N SER E 350 -51.43 40.98 58.24
CA SER E 350 -51.75 42.39 58.39
C SER E 350 -52.29 42.67 59.79
N ALA E 351 -52.13 43.90 60.22
CA ALA E 351 -52.61 44.34 61.54
C ALA E 351 -53.82 45.23 61.35
N ALA E 352 -54.98 44.75 61.76
CA ALA E 352 -56.20 45.56 61.68
C ALA E 352 -56.16 46.72 62.68
N ASP E 353 -55.59 46.50 63.86
CA ASP E 353 -55.56 47.52 64.90
C ASP E 353 -54.26 47.39 65.68
N GLU E 354 -53.93 48.44 66.42
CA GLU E 354 -52.77 48.46 67.29
C GLU E 354 -53.21 48.49 68.75
N LEU E 355 -52.37 47.92 69.60
CA LEU E 355 -52.65 47.78 71.03
C LEU E 355 -52.03 48.95 71.78
N SER E 356 -52.85 49.93 72.13
CA SER E 356 -52.43 50.98 73.04
C SER E 356 -52.47 50.52 74.49
N TYR E 357 -52.58 49.21 74.71
CA TYR E 357 -52.71 48.53 76.00
C TYR E 357 -54.05 48.81 76.66
N THR E 358 -54.89 49.66 76.08
CA THR E 358 -56.29 49.80 76.43
C THR E 358 -57.21 49.37 75.30
N ALA E 359 -57.08 50.00 74.13
CA ALA E 359 -57.71 49.48 72.93
C ALA E 359 -56.94 48.27 72.43
N VAL E 360 -57.66 47.24 72.00
CA VAL E 360 -57.09 45.93 71.76
C VAL E 360 -56.78 45.77 70.28
N ALA E 361 -55.67 45.09 69.99
CA ALA E 361 -55.19 44.91 68.62
C ALA E 361 -55.49 43.49 68.13
N THR E 362 -55.12 43.24 66.88
CA THR E 362 -55.20 41.91 66.30
C THR E 362 -54.37 41.87 65.03
N THR E 363 -53.68 40.77 64.81
CA THR E 363 -53.01 40.50 63.54
C THR E 363 -53.94 39.66 62.69
N ALA E 364 -54.09 40.03 61.42
CA ALA E 364 -55.03 39.35 60.55
C ALA E 364 -54.37 39.09 59.20
N ASP E 365 -54.55 37.87 58.71
CA ASP E 365 -54.12 37.50 57.37
C ASP E 365 -55.34 37.03 56.60
N VAL E 366 -55.58 37.64 55.43
CA VAL E 366 -56.70 37.23 54.60
C VAL E 366 -56.24 36.04 53.78
N LEU E 367 -56.36 34.83 54.36
CA LEU E 367 -55.88 33.63 53.68
C LEU E 367 -56.66 33.34 52.40
N SER E 368 -57.86 33.92 52.26
CA SER E 368 -58.82 33.58 51.23
C SER E 368 -59.18 32.10 51.24
N ALA E 369 -58.79 31.37 52.28
CA ALA E 369 -59.12 29.97 52.41
C ALA E 369 -60.60 29.82 52.70
N MET E 370 -61.05 28.58 52.85
CA MET E 370 -62.43 28.27 53.19
C MET E 370 -63.39 28.77 52.10
N GLY E 371 -62.83 29.08 50.94
CA GLY E 371 -63.58 29.82 49.93
C GLY E 371 -64.71 29.05 49.30
N SER E 372 -64.52 27.76 49.06
CA SER E 372 -65.51 26.97 48.33
C SER E 372 -66.84 26.96 49.07
N SER E 373 -67.91 27.29 48.37
CA SER E 373 -69.23 27.36 49.00
C SER E 373 -69.67 25.99 49.50
N THR E 374 -69.18 24.93 48.87
CA THR E 374 -69.50 23.58 49.33
C THR E 374 -68.94 23.33 50.73
N ALA E 375 -67.69 23.76 50.98
CA ALA E 375 -67.13 23.64 52.32
C ALA E 375 -67.82 24.57 53.31
N VAL E 376 -68.22 25.76 52.84
CA VAL E 376 -68.93 26.70 53.72
C VAL E 376 -70.24 26.07 54.18
N SER E 377 -70.98 25.45 53.25
CA SER E 377 -72.23 24.79 53.63
C SER E 377 -71.97 23.70 54.65
N THR E 378 -70.96 22.87 54.42
CA THR E 378 -70.70 21.75 55.32
C THR E 378 -70.34 22.23 56.72
N VAL E 379 -69.45 23.22 56.81
CA VAL E 379 -69.03 23.71 58.13
C VAL E 379 -70.19 24.40 58.84
N THR E 380 -70.96 25.22 58.14
CA THR E 380 -72.12 25.82 58.78
C THR E 380 -73.24 24.79 58.97
N LEU E 381 -73.17 23.64 58.31
CA LEU E 381 -74.10 22.54 58.55
C LEU E 381 -73.49 21.59 59.59
N GLY E 382 -73.49 22.07 60.83
CA GLY E 382 -72.91 21.30 61.92
C GLY E 382 -71.75 21.99 62.59
N SER E 383 -71.98 22.49 63.79
CA SER E 383 -70.97 23.19 64.57
C SER E 383 -71.28 22.97 66.05
N GLY E 384 -70.71 23.81 66.90
CA GLY E 384 -70.98 23.71 68.33
C GLY E 384 -72.13 24.63 68.71
N ILE E 385 -71.80 25.77 69.31
CA ILE E 385 -72.79 26.80 69.60
C ILE E 385 -72.71 27.93 68.55
N THR E 386 -72.22 27.62 67.35
CA THR E 386 -71.98 28.63 66.33
C THR E 386 -73.28 28.95 65.61
N SER E 387 -73.89 30.09 65.95
CA SER E 387 -75.08 30.57 65.27
C SER E 387 -74.67 31.55 64.18
N ALA E 388 -74.70 31.09 62.93
CA ALA E 388 -74.23 31.88 61.81
C ALA E 388 -75.31 32.85 61.33
N ALA E 389 -74.99 33.63 60.30
CA ALA E 389 -75.91 34.62 59.76
C ALA E 389 -75.46 34.97 58.36
N VAL E 390 -76.43 35.17 57.46
CA VAL E 390 -76.15 35.54 56.07
C VAL E 390 -77.10 36.64 55.61
N THR E 391 -76.53 37.69 55.02
CA THR E 391 -77.25 38.65 54.21
C THR E 391 -77.01 38.25 52.76
N PHE E 392 -78.07 37.97 52.02
CA PHE E 392 -77.91 37.25 50.75
C PHE E 392 -78.77 37.85 49.64
N ALA E 393 -78.91 39.17 49.62
CA ALA E 393 -79.65 39.84 48.56
C ALA E 393 -79.21 41.30 48.47
N ILE E 394 -79.98 42.10 47.75
CA ILE E 394 -79.66 43.51 47.59
C ILE E 394 -79.63 44.20 48.93
N ALA E 395 -78.65 45.07 49.14
CA ALA E 395 -78.51 45.77 50.41
C ALA E 395 -79.78 46.52 50.78
N THR E 396 -80.48 47.08 49.78
CA THR E 396 -81.76 47.69 50.03
C THR E 396 -82.85 46.67 50.29
N THR E 397 -82.71 45.47 49.73
CA THR E 397 -83.78 44.49 49.63
C THR E 397 -83.36 43.16 50.24
N ASP E 398 -82.87 43.19 51.48
CA ASP E 398 -82.44 41.97 52.15
C ASP E 398 -82.70 42.08 53.66
N SER E 399 -82.45 40.97 54.34
CA SER E 399 -82.46 40.86 55.79
C SER E 399 -81.39 39.84 56.18
N ASN E 400 -81.47 39.32 57.39
CA ASN E 400 -80.47 38.37 57.88
C ASN E 400 -81.14 37.03 58.22
N ASN E 401 -80.38 35.96 58.05
CA ASN E 401 -80.85 34.60 58.30
C ASN E 401 -79.85 33.87 59.18
N THR E 402 -80.26 33.50 60.38
CA THR E 402 -79.45 32.68 61.27
C THR E 402 -79.83 31.21 61.08
N TRP E 403 -79.29 30.35 61.95
CA TRP E 403 -79.66 28.94 61.98
C TRP E 403 -79.37 28.33 63.34
N VAL E 404 -79.89 27.11 63.52
CA VAL E 404 -79.50 26.29 64.66
C VAL E 404 -78.03 25.97 64.56
N ASP E 405 -77.32 26.09 65.69
CA ASP E 405 -75.88 25.97 65.69
C ASP E 405 -75.42 24.59 65.23
N ASN E 406 -76.07 23.53 65.72
CA ASN E 406 -75.57 22.18 65.53
C ASN E 406 -75.94 21.57 64.19
N LYS E 407 -76.86 22.17 63.44
CA LYS E 407 -77.21 21.62 62.14
C LYS E 407 -77.44 22.66 61.05
N GLY E 408 -77.24 23.94 61.33
CA GLY E 408 -77.40 24.96 60.30
C GLY E 408 -78.79 25.05 59.72
N GLU E 409 -79.82 24.91 60.56
CA GLU E 409 -81.20 25.01 60.13
C GLU E 409 -81.88 26.19 60.81
N LEU E 410 -82.70 26.91 60.06
CA LEU E 410 -83.38 28.11 60.52
C LEU E 410 -84.85 27.84 60.82
N THR E 411 -85.26 28.21 62.03
CA THR E 411 -86.60 27.94 62.54
C THR E 411 -87.54 29.12 62.34
N ASP E 412 -87.13 30.32 62.76
CA ASP E 412 -88.02 31.47 62.71
C ASP E 412 -88.37 31.88 61.28
N ILE E 413 -87.64 31.38 60.28
CA ILE E 413 -87.89 31.67 58.88
C ILE E 413 -88.21 30.35 58.17
N GLN E 414 -89.31 30.36 57.43
CA GLN E 414 -89.74 29.18 56.68
C GLN E 414 -89.88 29.55 55.21
N THR E 415 -90.13 28.55 54.37
CA THR E 415 -90.30 28.77 52.95
C THR E 415 -91.62 28.15 52.49
N PHE E 416 -92.40 28.95 51.77
CA PHE E 416 -93.62 28.46 51.13
C PHE E 416 -93.18 27.62 49.92
N ASP E 417 -94.14 26.96 49.27
CA ASP E 417 -93.83 26.18 48.07
C ASP E 417 -93.07 27.00 47.04
N THR E 418 -93.36 28.29 46.95
CA THR E 418 -92.70 29.15 45.98
C THR E 418 -92.22 30.48 46.57
N SER E 419 -92.11 30.59 47.89
CA SER E 419 -91.65 31.83 48.49
C SER E 419 -91.08 31.54 49.87
N TYR E 420 -90.33 32.51 50.39
CA TYR E 420 -89.68 32.40 51.70
C TYR E 420 -90.50 33.09 52.78
N LYS E 421 -91.78 32.72 52.89
CA LYS E 421 -92.66 33.43 53.80
C LYS E 421 -92.52 32.92 55.23
N ILE E 422 -92.68 33.84 56.19
CA ILE E 422 -92.34 33.56 57.58
C ILE E 422 -93.26 32.52 58.19
N ASN E 423 -94.56 32.61 57.91
CA ASN E 423 -95.54 31.76 58.57
C ASN E 423 -95.21 30.29 58.39
N ALA E 424 -94.99 29.59 59.51
CA ALA E 424 -94.62 28.19 59.44
C ALA E 424 -95.80 27.27 59.15
N ASP E 425 -97.02 27.75 59.32
CA ASP E 425 -98.21 26.94 59.15
C ASP E 425 -99.18 27.65 58.21
N THR E 426 -99.82 26.87 57.35
CA THR E 426 -100.74 27.42 56.36
C THR E 426 -102.20 27.08 56.62
N GLY E 427 -102.49 25.99 57.32
CA GLY E 427 -103.87 25.60 57.55
C GLY E 427 -104.61 25.27 56.28
N GLU E 428 -103.99 24.46 55.41
CA GLU E 428 -104.59 24.10 54.14
C GLU E 428 -105.95 23.46 54.35
N VAL E 429 -106.93 23.89 53.56
CA VAL E 429 -108.31 23.44 53.69
C VAL E 429 -108.57 22.38 52.64
N THR E 430 -108.87 21.15 53.10
CA THR E 430 -109.16 20.03 52.22
C THR E 430 -110.50 19.45 52.60
N VAL E 431 -111.35 19.21 51.59
CA VAL E 431 -112.68 18.67 51.79
C VAL E 431 -112.74 17.27 51.19
N VAL E 432 -113.25 16.32 51.97
CA VAL E 432 -113.34 14.94 51.51
C VAL E 432 -114.62 14.74 50.72
N GLY E 433 -114.50 14.15 49.53
CA GLY E 433 -115.65 13.88 48.69
C GLY E 433 -116.39 12.63 49.10
N ASP E 434 -117.58 12.79 49.66
CA ASP E 434 -118.39 11.65 50.06
C ASP E 434 -118.79 10.84 48.83
N ASN E 435 -118.94 9.53 49.04
CA ASN E 435 -119.24 8.55 48.00
C ASN E 435 -118.12 8.43 46.97
N SER E 436 -117.00 9.11 47.19
CA SER E 436 -115.85 9.02 46.29
C SER E 436 -114.53 8.81 47.01
N ALA E 437 -114.45 9.09 48.32
CA ALA E 437 -113.23 8.88 49.10
C ALA E 437 -112.04 9.64 48.52
N THR E 438 -112.31 10.85 48.04
CA THR E 438 -111.28 11.73 47.49
C THR E 438 -111.20 12.98 48.35
N ALA E 439 -110.01 13.25 48.88
CA ALA E 439 -109.78 14.44 49.71
C ALA E 439 -109.53 15.64 48.81
N GLY E 440 -110.62 16.12 48.21
CA GLY E 440 -110.55 17.25 47.30
C GLY E 440 -110.02 18.51 47.96
N GLN E 441 -109.07 19.16 47.31
CA GLN E 441 -108.50 20.40 47.84
C GLN E 441 -109.55 21.51 47.80
N TYR E 442 -109.52 22.39 48.80
CA TYR E 442 -110.60 23.35 48.98
C TYR E 442 -110.14 24.79 49.17
N ALA E 443 -108.94 25.04 49.67
CA ALA E 443 -108.51 26.39 50.04
C ALA E 443 -108.46 27.35 48.86
N SER E 444 -107.55 27.13 47.91
CA SER E 444 -107.36 28.09 46.83
C SER E 444 -107.39 27.47 45.44
N ALA E 445 -106.80 26.30 45.25
CA ALA E 445 -106.86 25.66 43.94
C ALA E 445 -108.24 25.09 43.65
N ASP E 446 -109.06 24.89 44.68
CA ASP E 446 -110.49 24.60 44.55
C ASP E 446 -110.73 23.33 43.73
N GLY E 447 -110.28 22.21 44.30
CA GLY E 447 -110.49 20.92 43.66
C GLY E 447 -109.25 20.37 43.00
N ALA E 448 -108.13 20.40 43.70
CA ALA E 448 -106.85 19.99 43.14
C ALA E 448 -106.56 18.49 43.32
N LYS E 449 -107.49 17.73 43.92
CA LYS E 449 -107.33 16.28 44.06
C LYS E 449 -106.05 15.94 44.83
N VAL E 450 -106.07 16.28 46.12
CA VAL E 450 -104.91 16.05 46.97
C VAL E 450 -104.51 14.59 46.98
N LEU E 451 -103.24 14.32 46.68
CA LEU E 451 -102.64 13.01 46.84
C LEU E 451 -101.58 13.05 47.93
N VAL E 452 -101.27 11.88 48.48
CA VAL E 452 -100.25 11.78 49.53
C VAL E 452 -98.89 11.68 48.87
N GLY E 453 -98.00 12.63 49.18
CA GLY E 453 -96.70 12.66 48.58
C GLY E 453 -95.79 11.56 49.10
N SER E 454 -94.68 11.36 48.38
CA SER E 454 -93.71 10.33 48.76
C SER E 454 -93.03 10.64 50.08
N ASP E 455 -93.05 11.89 50.52
CA ASP E 455 -92.47 12.27 51.80
C ASP E 455 -93.47 12.20 52.96
N GLY E 456 -94.68 11.71 52.71
CA GLY E 456 -95.70 11.62 53.74
C GLY E 456 -96.60 12.82 53.88
N LYS E 457 -96.35 13.89 53.14
CA LYS E 457 -97.15 15.10 53.21
C LYS E 457 -98.16 15.13 52.07
N LEU E 458 -99.26 15.85 52.30
CA LEU E 458 -100.28 16.03 51.28
C LEU E 458 -99.79 16.95 50.19
N THR E 459 -100.13 16.62 48.94
CA THR E 459 -99.73 17.43 47.82
C THR E 459 -100.75 17.29 46.69
N THR E 460 -100.88 18.35 45.90
CA THR E 460 -101.76 18.31 44.74
C THR E 460 -101.10 17.65 43.53
N GLU E 461 -99.80 17.40 43.60
CA GLU E 461 -99.11 16.73 42.50
C GLU E 461 -99.45 15.24 42.51
N THR E 462 -99.91 14.75 41.36
CA THR E 462 -100.30 13.34 41.28
C THR E 462 -99.09 12.42 41.18
N THR E 463 -98.04 12.84 40.49
CA THR E 463 -96.87 12.01 40.29
C THR E 463 -95.77 12.38 41.28
N SER E 464 -94.63 11.72 41.14
CA SER E 464 -93.45 12.01 41.95
C SER E 464 -92.21 11.73 41.11
N ALA E 465 -91.04 11.99 41.69
CA ALA E 465 -89.80 11.84 40.96
C ALA E 465 -89.44 10.37 40.79
N GLY E 466 -89.18 9.67 41.90
CA GLY E 466 -88.66 8.32 41.84
C GLY E 466 -87.19 8.30 41.47
N ASP E 467 -86.55 7.16 41.72
CA ASP E 467 -85.12 7.04 41.48
C ASP E 467 -84.79 6.06 40.37
N LYS E 468 -85.15 4.77 40.50
CA LYS E 468 -84.53 3.70 39.70
C LYS E 468 -85.24 2.39 39.96
N THR E 469 -85.37 1.57 38.92
CA THR E 469 -85.92 0.23 39.07
C THR E 469 -84.84 -0.67 39.66
N THR E 470 -85.06 -1.13 40.90
CA THR E 470 -84.00 -1.84 41.62
C THR E 470 -83.58 -3.11 40.91
N ASP E 471 -84.55 -3.89 40.41
CA ASP E 471 -84.29 -5.13 39.68
C ASP E 471 -84.91 -4.99 38.30
N PRO E 472 -84.20 -4.37 37.36
CA PRO E 472 -84.79 -4.12 36.04
C PRO E 472 -85.12 -5.39 35.28
N LEU E 473 -84.12 -6.27 35.13
CA LEU E 473 -84.35 -7.48 34.35
C LEU E 473 -85.29 -8.45 35.04
N LYS E 474 -85.37 -8.40 36.37
CA LYS E 474 -86.38 -9.21 37.05
C LYS E 474 -87.79 -8.75 36.66
N THR E 475 -88.03 -7.45 36.66
CA THR E 475 -89.33 -6.94 36.25
C THR E 475 -89.60 -7.25 34.78
N LEU E 476 -88.56 -7.15 33.94
CA LEU E 476 -88.72 -7.48 32.53
C LEU E 476 -89.08 -8.95 32.34
N ASP E 477 -88.43 -9.83 33.11
CA ASP E 477 -88.75 -11.25 33.02
C ASP E 477 -90.15 -11.54 33.53
N ALA E 478 -90.59 -10.83 34.57
CA ALA E 478 -91.96 -11.00 35.03
C ALA E 478 -92.97 -10.56 33.97
N ALA E 479 -92.69 -9.44 33.31
CA ALA E 479 -93.54 -9.01 32.21
C ALA E 479 -93.54 -10.03 31.07
N PHE E 480 -92.37 -10.59 30.77
CA PHE E 480 -92.27 -11.62 29.77
C PHE E 480 -93.13 -12.82 30.13
N THR E 481 -93.08 -13.24 31.40
CA THR E 481 -93.85 -14.40 31.82
C THR E 481 -95.34 -14.13 31.70
N LYS E 482 -95.80 -12.95 32.14
CA LYS E 482 -97.23 -12.64 32.02
C LYS E 482 -97.67 -12.61 30.56
N LEU E 483 -96.88 -11.94 29.71
CA LEU E 483 -97.24 -11.83 28.30
C LEU E 483 -97.25 -13.20 27.64
N ASP E 484 -96.27 -14.05 27.96
CA ASP E 484 -96.24 -15.39 27.39
C ASP E 484 -97.38 -16.26 27.91
N LYS E 485 -97.78 -16.05 29.17
CA LYS E 485 -98.94 -16.76 29.70
C LYS E 485 -100.18 -16.43 28.88
N LEU E 486 -100.43 -15.14 28.67
CA LEU E 486 -101.61 -14.77 27.89
C LEU E 486 -101.50 -15.22 26.44
N THR E 487 -100.32 -15.11 25.83
CA THR E 487 -100.15 -15.53 24.45
C THR E 487 -100.39 -17.04 24.31
N GLY E 488 -99.86 -17.83 25.25
CA GLY E 488 -100.10 -19.26 25.21
C GLY E 488 -101.56 -19.61 25.43
N GLU E 489 -102.24 -18.89 26.32
CA GLU E 489 -103.65 -19.15 26.53
C GLU E 489 -104.47 -18.87 25.27
N LEU E 490 -104.17 -17.76 24.60
CA LEU E 490 -104.84 -17.47 23.34
C LEU E 490 -104.48 -18.49 22.26
N GLY E 491 -103.23 -18.97 22.23
CA GLY E 491 -102.89 -20.00 21.26
C GLY E 491 -103.64 -21.30 21.49
N ALA E 492 -103.75 -21.71 22.76
CA ALA E 492 -104.51 -22.90 23.09
C ALA E 492 -105.98 -22.75 22.71
N VAL E 493 -106.56 -21.58 23.02
CA VAL E 493 -107.97 -21.40 22.68
C VAL E 493 -108.15 -21.34 21.17
N GLN E 494 -107.16 -20.81 20.45
CA GLN E 494 -107.23 -20.81 18.98
C GLN E 494 -107.23 -22.23 18.43
N ASN E 495 -106.33 -23.07 18.95
CA ASN E 495 -106.32 -24.46 18.50
C ASN E 495 -107.62 -25.17 18.82
N ARG E 496 -108.15 -24.97 20.02
CA ARG E 496 -109.38 -25.67 20.39
C ARG E 496 -110.57 -25.14 19.60
N LEU E 497 -110.54 -23.85 19.24
CA LEU E 497 -111.56 -23.32 18.33
C LEU E 497 -111.46 -23.97 16.96
N GLU E 498 -110.25 -24.19 16.44
CA GLU E 498 -110.12 -24.88 15.16
C GLU E 498 -110.66 -26.30 15.25
N SER E 499 -110.37 -26.99 16.36
CA SER E 499 -110.90 -28.33 16.57
C SER E 499 -112.42 -28.31 16.61
N THR E 500 -113.00 -27.33 17.28
CA THR E 500 -114.46 -27.20 17.28
C THR E 500 -114.99 -26.90 15.90
N ILE E 501 -114.25 -26.15 15.08
CA ILE E 501 -114.66 -25.92 13.70
C ILE E 501 -114.77 -27.25 12.96
N ALA E 502 -113.74 -28.08 13.08
CA ALA E 502 -113.77 -29.38 12.41
C ALA E 502 -114.92 -30.25 12.93
N ASN E 503 -115.11 -30.29 14.24
CA ASN E 503 -116.16 -31.10 14.82
C ASN E 503 -117.54 -30.61 14.39
N LEU E 504 -117.74 -29.30 14.40
CA LEU E 504 -119.02 -28.73 13.97
C LEU E 504 -119.29 -29.04 12.51
N ASN E 505 -118.26 -28.93 11.66
CA ASN E 505 -118.46 -29.27 10.25
C ASN E 505 -118.86 -30.74 10.10
N ASN E 506 -118.18 -31.64 10.80
CA ASN E 506 -118.52 -33.06 10.70
C ASN E 506 -119.95 -33.33 11.16
N VAL E 507 -120.34 -32.73 12.28
CA VAL E 507 -121.70 -32.95 12.79
C VAL E 507 -122.73 -32.34 11.84
N VAL E 508 -122.40 -31.20 11.23
CA VAL E 508 -123.31 -30.60 10.26
C VAL E 508 -123.52 -31.52 9.07
N ASN E 509 -122.44 -32.10 8.56
CA ASN E 509 -122.57 -33.02 7.43
C ASN E 509 -123.40 -34.24 7.81
N ASN E 510 -123.12 -34.82 8.99
CA ASN E 510 -123.86 -36.01 9.41
C ASN E 510 -125.34 -35.69 9.62
N LEU E 511 -125.64 -34.54 10.21
CA LEU E 511 -127.04 -34.18 10.44
C LEU E 511 -127.75 -33.86 9.13
N SER E 512 -127.05 -33.24 8.18
CA SER E 512 -127.65 -33.02 6.87
C SER E 512 -127.97 -34.34 6.18
N SER E 513 -127.05 -35.31 6.26
CA SER E 513 -127.33 -36.62 5.70
C SER E 513 -128.51 -37.29 6.41
N ALA E 514 -128.59 -37.13 7.74
CA ALA E 514 -129.70 -37.71 8.48
C ALA E 514 -131.02 -37.08 8.08
N ARG E 515 -131.03 -35.76 7.88
CA ARG E 515 -132.24 -35.09 7.40
C ARG E 515 -132.60 -35.59 6.01
N SER E 516 -131.59 -35.80 5.15
CA SER E 516 -131.84 -36.34 3.82
C SER E 516 -132.49 -37.72 3.90
N ARG E 517 -132.01 -38.56 4.81
CA ARG E 517 -132.53 -39.92 4.93
C ARG E 517 -134.02 -39.96 5.25
N ILE E 518 -134.57 -38.89 5.80
CA ILE E 518 -135.96 -38.88 6.26
C ILE E 518 -136.83 -37.88 5.50
N GLN E 519 -136.24 -36.94 4.77
CA GLN E 519 -136.99 -35.82 4.21
C GLN E 519 -137.08 -35.86 2.69
N ASP E 520 -135.95 -35.98 2.00
CA ASP E 520 -135.97 -35.85 0.55
C ASP E 520 -136.54 -37.08 -0.12
N ALA E 521 -136.86 -36.94 -1.41
CA ALA E 521 -137.54 -37.97 -2.17
C ALA E 521 -136.55 -38.71 -3.07
N ASP E 522 -136.71 -40.03 -3.10
CA ASP E 522 -135.92 -40.89 -3.99
C ASP E 522 -136.49 -40.77 -5.40
N TYR E 523 -135.91 -39.87 -6.21
CA TYR E 523 -136.47 -39.55 -7.52
C TYR E 523 -136.63 -40.77 -8.41
N ALA E 524 -135.84 -41.81 -8.24
CA ALA E 524 -136.09 -43.03 -8.98
C ALA E 524 -137.47 -43.58 -8.65
N THR E 525 -137.75 -43.76 -7.36
CA THR E 525 -139.05 -44.28 -6.95
C THR E 525 -140.16 -43.30 -7.28
N GLU E 526 -139.91 -42.00 -7.10
CA GLU E 526 -140.95 -41.01 -7.37
C GLU E 526 -141.31 -40.97 -8.84
N VAL E 527 -140.30 -41.03 -9.73
CA VAL E 527 -140.59 -41.05 -11.16
C VAL E 527 -141.31 -42.34 -11.54
N SER E 528 -140.90 -43.46 -10.95
CA SER E 528 -141.62 -44.70 -11.20
C SER E 528 -143.09 -44.59 -10.80
N ASN E 529 -143.34 -44.00 -9.62
CA ASN E 529 -144.72 -43.84 -9.17
C ASN E 529 -145.50 -42.89 -10.06
N MET E 530 -144.86 -41.81 -10.53
CA MET E 530 -145.55 -40.89 -11.43
C MET E 530 -145.93 -41.58 -12.74
N SER E 531 -144.99 -42.35 -13.31
CA SER E 531 -145.29 -43.07 -14.54
C SER E 531 -146.40 -44.08 -14.34
N LYS E 532 -146.34 -44.81 -13.22
CA LYS E 532 -147.38 -45.79 -12.91
C LYS E 532 -148.73 -45.09 -12.75
N ALA E 533 -148.75 -43.95 -12.06
CA ALA E 533 -150.00 -43.24 -11.85
C ALA E 533 -150.56 -42.71 -13.18
N GLN E 534 -149.69 -42.28 -14.08
CA GLN E 534 -150.16 -41.87 -15.40
C GLN E 534 -150.76 -43.05 -16.16
N ILE E 535 -150.12 -44.21 -16.08
CA ILE E 535 -150.68 -45.39 -16.73
C ILE E 535 -152.05 -45.71 -16.15
N LEU E 536 -152.17 -45.68 -14.81
CA LEU E 536 -153.47 -45.92 -14.19
C LEU E 536 -154.49 -44.88 -14.60
N GLN E 537 -154.07 -43.62 -14.77
CA GLN E 537 -155.02 -42.58 -15.17
C GLN E 537 -155.56 -42.83 -16.57
N GLN E 538 -154.67 -43.13 -17.52
CA GLN E 538 -155.13 -43.37 -18.89
C GLN E 538 -155.98 -44.64 -18.95
N ALA E 539 -155.56 -45.70 -18.24
CA ALA E 539 -156.35 -46.91 -18.20
C ALA E 539 -157.71 -46.66 -17.56
N GLY E 540 -157.75 -45.86 -16.49
CA GLY E 540 -159.00 -45.58 -15.82
C GLY E 540 -159.96 -44.78 -16.68
N THR E 541 -159.45 -43.75 -17.36
CA THR E 541 -160.34 -42.98 -18.23
C THR E 541 -160.82 -43.83 -19.40
N SER E 542 -159.97 -44.71 -19.94
CA SER E 542 -160.40 -45.58 -21.03
C SER E 542 -161.47 -46.56 -20.55
N VAL E 543 -161.23 -47.22 -19.41
CA VAL E 543 -162.19 -48.19 -18.92
C VAL E 543 -163.49 -47.50 -18.51
N LEU E 544 -163.41 -46.27 -18.02
CA LEU E 544 -164.63 -45.52 -17.72
C LEU E 544 -165.39 -45.16 -18.99
N ALA E 545 -164.65 -44.80 -20.05
CA ALA E 545 -165.30 -44.55 -21.34
C ALA E 545 -166.07 -45.77 -21.80
N GLN E 546 -165.41 -46.93 -21.83
CA GLN E 546 -166.12 -48.18 -22.14
C GLN E 546 -167.20 -48.53 -21.14
N ALA E 547 -167.12 -48.04 -19.91
CA ALA E 547 -168.19 -48.28 -18.95
C ALA E 547 -169.41 -47.41 -19.23
N ASN E 548 -169.21 -46.25 -19.86
CA ASN E 548 -170.34 -45.36 -20.10
C ASN E 548 -171.31 -45.91 -21.15
N GLN E 549 -170.83 -46.70 -22.11
CA GLN E 549 -171.75 -47.25 -23.11
C GLN E 549 -172.31 -48.61 -22.72
N VAL E 550 -172.05 -49.07 -21.50
CA VAL E 550 -172.70 -50.30 -21.02
C VAL E 550 -174.21 -50.18 -21.10
N PRO E 551 -174.86 -49.08 -20.67
CA PRO E 551 -176.32 -48.99 -20.85
C PRO E 551 -176.76 -48.77 -22.28
N GLN E 552 -175.86 -48.41 -23.21
CA GLN E 552 -176.28 -48.25 -24.59
C GLN E 552 -176.77 -49.55 -25.20
N THR E 553 -176.25 -50.68 -24.72
CA THR E 553 -176.78 -51.97 -25.16
C THR E 553 -178.26 -52.09 -24.83
N VAL E 554 -178.69 -51.50 -23.72
CA VAL E 554 -180.12 -51.42 -23.42
C VAL E 554 -180.84 -50.60 -24.48
N LEU E 555 -180.21 -49.52 -24.94
CA LEU E 555 -180.85 -48.67 -25.94
C LEU E 555 -180.64 -49.28 -27.32
N SER E 556 -180.94 -50.57 -27.45
CA SER E 556 -181.05 -51.23 -28.74
C SER E 556 -182.44 -51.81 -28.94
N LEU E 557 -182.91 -52.61 -27.99
CA LEU E 557 -184.28 -53.09 -28.00
C LEU E 557 -185.21 -52.00 -27.50
N LEU E 558 -186.36 -51.87 -28.16
CA LEU E 558 -187.32 -50.83 -27.78
C LEU E 558 -188.75 -51.29 -28.05
N ALA F 2 -164.66 -15.03 -31.71
CA ALA F 2 -165.56 -16.10 -31.34
C ALA F 2 -165.30 -17.34 -32.18
N ALA F 3 -166.24 -17.66 -33.07
CA ALA F 3 -166.13 -18.80 -33.99
C ALA F 3 -165.81 -18.35 -35.41
N VAL F 4 -165.00 -17.32 -35.55
CA VAL F 4 -164.65 -16.80 -36.87
C VAL F 4 -163.54 -17.66 -37.47
N ILE F 5 -163.62 -17.86 -38.78
CA ILE F 5 -162.63 -18.64 -39.51
C ILE F 5 -161.83 -17.76 -40.46
N ASN F 6 -162.47 -16.75 -41.04
CA ASN F 6 -161.81 -15.95 -42.08
C ASN F 6 -160.60 -15.22 -41.54
N THR F 7 -160.75 -14.52 -40.42
CA THR F 7 -159.69 -13.70 -39.86
C THR F 7 -159.35 -14.20 -38.45
N ASN F 8 -158.07 -14.43 -38.21
CA ASN F 8 -157.58 -14.84 -36.89
C ASN F 8 -156.72 -13.71 -36.33
N TYR F 9 -157.29 -12.95 -35.40
CA TYR F 9 -156.58 -11.81 -34.81
C TYR F 9 -155.35 -12.25 -34.02
N LEU F 10 -155.45 -13.40 -33.33
CA LEU F 10 -154.35 -13.87 -32.49
C LEU F 10 -153.11 -14.15 -33.33
N SER F 11 -153.29 -14.73 -34.51
CA SER F 11 -152.15 -14.96 -35.38
C SER F 11 -151.46 -13.66 -35.74
N LEU F 12 -152.24 -12.62 -36.04
CA LEU F 12 -151.65 -11.33 -36.38
C LEU F 12 -150.88 -10.75 -35.19
N VAL F 13 -151.44 -10.87 -34.00
CA VAL F 13 -150.74 -10.38 -32.80
C VAL F 13 -149.42 -11.11 -32.62
N ALA F 14 -149.45 -12.44 -32.77
CA ALA F 14 -148.22 -13.22 -32.62
C ALA F 14 -147.19 -12.86 -33.67
N GLN F 15 -147.62 -12.65 -34.91
CA GLN F 15 -146.68 -12.25 -35.96
C GLN F 15 -146.05 -10.91 -35.66
N ASN F 16 -146.84 -9.94 -35.19
CA ASN F 16 -146.28 -8.62 -34.89
C ASN F 16 -145.27 -8.71 -33.75
N ASN F 17 -145.59 -9.45 -32.69
CA ASN F 17 -144.66 -9.55 -31.58
C ASN F 17 -143.39 -10.30 -31.98
N LEU F 18 -143.54 -11.33 -32.83
CA LEU F 18 -142.38 -12.03 -33.35
C LEU F 18 -141.52 -11.11 -34.20
N ASN F 19 -142.15 -10.20 -34.96
CA ASN F 19 -141.38 -9.24 -35.74
C ASN F 19 -140.61 -8.30 -34.83
N LYS F 20 -141.22 -7.84 -33.75
CA LYS F 20 -140.51 -7.00 -32.79
C LYS F 20 -139.30 -7.73 -32.21
N SER F 21 -139.51 -8.99 -31.80
CA SER F 21 -138.41 -9.78 -31.25
C SER F 21 -137.30 -9.99 -32.28
N GLN F 22 -137.68 -10.25 -33.53
CA GLN F 22 -136.67 -10.47 -34.57
C GLN F 22 -135.90 -9.19 -34.87
N SER F 23 -136.56 -8.04 -34.82
CA SER F 23 -135.84 -6.78 -35.01
C SER F 23 -134.84 -6.58 -33.88
N SER F 24 -135.23 -6.85 -32.64
CA SER F 24 -134.29 -6.74 -31.54
C SER F 24 -133.13 -7.70 -31.71
N LEU F 25 -133.41 -8.93 -32.16
CA LEU F 25 -132.36 -9.90 -32.40
C LEU F 25 -131.41 -9.42 -33.48
N GLY F 26 -131.96 -8.80 -34.54
CA GLY F 26 -131.11 -8.30 -35.61
C GLY F 26 -130.19 -7.20 -35.15
N THR F 27 -130.72 -6.26 -34.36
CA THR F 27 -129.85 -5.21 -33.83
C THR F 27 -128.78 -5.79 -32.93
N ALA F 28 -129.14 -6.76 -32.08
CA ALA F 28 -128.14 -7.38 -31.21
C ALA F 28 -127.07 -8.09 -32.03
N ILE F 29 -127.49 -8.80 -33.08
CA ILE F 29 -126.54 -9.58 -33.88
C ILE F 29 -125.59 -8.65 -34.63
N GLU F 30 -126.11 -7.57 -35.20
CA GLU F 30 -125.23 -6.67 -35.93
C GLU F 30 -124.27 -5.96 -34.99
N ARG F 31 -124.74 -5.61 -33.78
CA ARG F 31 -123.83 -5.02 -32.80
C ARG F 31 -122.74 -6.02 -32.41
N LEU F 32 -123.10 -7.28 -32.25
CA LEU F 32 -122.11 -8.30 -31.91
C LEU F 32 -121.07 -8.45 -33.01
N SER F 33 -121.52 -8.62 -34.25
CA SER F 33 -120.60 -8.86 -35.36
C SER F 33 -119.71 -7.66 -35.61
N SER F 34 -120.31 -6.47 -35.74
CA SER F 34 -119.53 -5.27 -36.00
C SER F 34 -118.64 -4.91 -34.80
N GLY F 35 -119.14 -5.14 -33.59
CA GLY F 35 -118.44 -4.71 -32.40
C GLY F 35 -118.66 -3.26 -32.03
N LEU F 36 -119.47 -2.53 -32.80
CA LEU F 36 -119.76 -1.14 -32.54
C LEU F 36 -121.24 -1.01 -32.19
N ARG F 37 -121.53 -0.45 -31.01
CA ARG F 37 -122.92 -0.25 -30.62
C ARG F 37 -123.60 0.74 -31.56
N ILE F 38 -122.93 1.83 -31.88
CA ILE F 38 -123.49 2.86 -32.77
C ILE F 38 -123.03 2.54 -34.19
N ASN F 39 -123.81 1.69 -34.85
CA ASN F 39 -123.63 1.37 -36.25
C ASN F 39 -124.97 1.61 -36.94
N SER F 40 -124.93 1.94 -38.23
CA SER F 40 -126.16 2.22 -38.98
C SER F 40 -126.89 3.41 -38.36
N ALA F 41 -126.36 4.60 -38.63
CA ALA F 41 -126.55 5.83 -37.84
C ALA F 41 -127.95 6.05 -37.30
N LYS F 42 -128.96 5.40 -37.90
CA LYS F 42 -130.30 5.38 -37.31
C LYS F 42 -130.28 5.09 -35.82
N ASP F 43 -129.26 4.39 -35.34
CA ASP F 43 -129.06 4.13 -33.91
C ASP F 43 -128.17 5.23 -33.35
N ASP F 44 -128.72 6.07 -32.47
CA ASP F 44 -127.97 7.10 -31.77
C ASP F 44 -127.27 8.03 -32.77
N ALA F 45 -128.08 8.81 -33.46
CA ALA F 45 -127.58 9.63 -34.57
C ALA F 45 -126.50 10.61 -34.11
N ALA F 46 -126.74 11.28 -32.99
CA ALA F 46 -125.74 12.22 -32.48
C ALA F 46 -124.48 11.48 -32.01
N GLY F 47 -124.66 10.27 -31.48
CA GLY F 47 -123.52 9.50 -31.02
C GLY F 47 -122.55 9.17 -32.15
N MET F 48 -123.07 8.81 -33.32
CA MET F 48 -122.18 8.49 -34.43
C MET F 48 -121.46 9.73 -34.93
N ALA F 49 -122.13 10.88 -34.95
CA ALA F 49 -121.44 12.11 -35.34
C ALA F 49 -120.31 12.44 -34.37
N ILE F 50 -120.58 12.31 -33.07
CA ILE F 50 -119.54 12.58 -32.07
C ILE F 50 -118.39 11.58 -32.21
N ALA F 51 -118.72 10.31 -32.43
CA ALA F 51 -117.69 9.29 -32.59
C ALA F 51 -116.87 9.53 -33.85
N ASN F 52 -117.53 10.00 -34.93
CA ASN F 52 -116.80 10.32 -36.15
C ASN F 52 -115.83 11.48 -35.93
N ARG F 53 -116.27 12.51 -35.21
CA ARG F 53 -115.36 13.59 -34.86
C ARG F 53 -114.20 13.07 -34.03
N PHE F 54 -114.49 12.18 -33.08
CA PHE F 54 -113.43 11.61 -32.25
C PHE F 54 -112.45 10.80 -33.08
N THR F 55 -112.95 10.00 -34.02
CA THR F 55 -112.06 9.20 -34.86
C THR F 55 -111.18 10.09 -35.72
N ALA F 56 -111.77 11.10 -36.35
CA ALA F 56 -110.97 12.00 -37.17
C ALA F 56 -109.89 12.67 -36.35
N ASN F 57 -110.25 13.14 -35.15
CA ASN F 57 -109.27 13.79 -34.29
C ASN F 57 -108.18 12.81 -33.87
N VAL F 58 -108.54 11.55 -33.60
CA VAL F 58 -107.55 10.56 -33.17
C VAL F 58 -106.55 10.26 -34.28
N ARG F 59 -107.05 10.03 -35.49
CA ARG F 59 -106.13 9.78 -36.60
C ARG F 59 -105.25 10.99 -36.86
N GLY F 60 -105.82 12.19 -36.79
CA GLY F 60 -105.03 13.39 -36.95
C GLY F 60 -103.93 13.51 -35.90
N LEU F 61 -104.27 13.23 -34.65
CA LEU F 61 -103.28 13.34 -33.58
C LEU F 61 -102.18 12.30 -33.72
N THR F 62 -102.52 11.07 -34.13
CA THR F 62 -101.49 10.07 -34.33
C THR F 62 -100.56 10.45 -35.48
N GLN F 63 -101.13 10.94 -36.59
CA GLN F 63 -100.28 11.38 -37.70
C GLN F 63 -99.43 12.57 -37.28
N ALA F 64 -99.97 13.42 -36.40
CA ALA F 64 -99.19 14.53 -35.86
C ALA F 64 -98.04 14.02 -35.01
N ALA F 65 -98.26 12.97 -34.23
CA ALA F 65 -97.19 12.37 -33.46
C ALA F 65 -96.09 11.84 -34.38
N ARG F 66 -96.49 11.23 -35.49
CA ARG F 66 -95.50 10.77 -36.47
C ARG F 66 -94.73 11.96 -37.05
N ASN F 67 -95.43 13.04 -37.36
CA ASN F 67 -94.75 14.24 -37.88
C ASN F 67 -93.76 14.79 -36.86
N ALA F 68 -94.16 14.82 -35.59
CA ALA F 68 -93.27 15.33 -34.55
C ALA F 68 -92.07 14.40 -34.36
N ASN F 69 -92.26 13.09 -34.53
CA ASN F 69 -91.11 12.18 -34.52
C ASN F 69 -90.14 12.49 -35.65
N ASP F 70 -90.68 12.77 -36.84
CA ASP F 70 -89.82 13.19 -37.95
C ASP F 70 -89.10 14.49 -37.62
N GLY F 71 -89.77 15.42 -36.96
CA GLY F 71 -89.10 16.64 -36.53
C GLY F 71 -87.98 16.37 -35.54
N ILE F 72 -88.20 15.44 -34.61
CA ILE F 72 -87.15 15.05 -33.68
C ILE F 72 -85.95 14.52 -34.43
N SER F 73 -86.21 13.66 -35.43
CA SER F 73 -85.10 13.08 -36.18
C SER F 73 -84.34 14.15 -36.97
N LEU F 74 -85.08 15.10 -37.57
CA LEU F 74 -84.42 16.18 -38.29
C LEU F 74 -83.54 17.01 -37.35
N ALA F 75 -84.07 17.32 -36.16
CA ALA F 75 -83.27 18.06 -35.19
C ALA F 75 -82.06 17.25 -34.77
N GLN F 76 -82.18 15.93 -34.68
CA GLN F 76 -81.05 15.09 -34.32
C GLN F 76 -79.96 15.14 -35.39
N THR F 77 -80.35 15.06 -36.67
CA THR F 77 -79.35 15.16 -37.73
C THR F 77 -78.65 16.51 -37.70
N THR F 78 -79.41 17.59 -37.55
CA THR F 78 -78.81 18.91 -37.47
C THR F 78 -77.88 19.02 -36.28
N GLU F 79 -78.28 18.45 -35.14
CA GLU F 79 -77.46 18.48 -33.94
C GLU F 79 -76.15 17.73 -34.15
N GLY F 80 -76.21 16.57 -34.81
CA GLY F 80 -75.00 15.83 -35.07
C GLY F 80 -74.04 16.58 -35.98
N ALA F 81 -74.58 17.16 -37.05
CA ALA F 81 -73.74 17.96 -37.94
C ALA F 81 -73.11 19.14 -37.20
N ALA F 82 -73.90 19.83 -36.38
CA ALA F 82 -73.37 20.95 -35.59
C ALA F 82 -72.31 20.48 -34.61
N SER F 83 -72.48 19.30 -34.01
CA SER F 83 -71.48 18.77 -33.11
C SER F 83 -70.17 18.50 -33.84
N GLU F 84 -70.26 17.99 -35.07
CA GLU F 84 -69.04 17.79 -35.84
C GLU F 84 -68.37 19.11 -36.19
N VAL F 85 -69.16 20.13 -36.53
CA VAL F 85 -68.59 21.45 -36.78
C VAL F 85 -67.92 21.98 -35.51
N ASN F 86 -68.50 21.70 -34.35
CA ASN F 86 -67.90 22.09 -33.09
C ASN F 86 -66.55 21.39 -32.88
N THR F 87 -66.50 20.08 -33.15
CA THR F 87 -65.25 19.35 -33.01
C THR F 87 -64.19 19.91 -33.94
N HIS F 88 -64.60 20.37 -35.13
CA HIS F 88 -63.66 21.09 -36.00
C HIS F 88 -63.19 22.37 -35.34
N LEU F 89 -64.12 23.21 -34.89
CA LEU F 89 -63.77 24.52 -34.38
C LEU F 89 -62.81 24.42 -33.21
N GLN F 90 -62.92 23.36 -32.40
CA GLN F 90 -61.92 23.16 -31.35
C GLN F 90 -60.52 22.99 -31.95
N ARG F 91 -60.41 22.22 -33.03
CA ARG F 91 -59.09 22.01 -33.64
C ARG F 91 -58.56 23.28 -34.27
N ILE F 92 -59.41 24.04 -34.96
CA ILE F 92 -58.96 25.33 -35.50
C ILE F 92 -58.51 26.25 -34.37
N ARG F 93 -59.23 26.27 -33.25
CA ARG F 93 -58.82 27.14 -32.15
C ARG F 93 -57.48 26.71 -31.58
N GLU F 94 -57.29 25.40 -31.39
CA GLU F 94 -56.02 24.91 -30.85
C GLU F 94 -54.87 25.22 -31.79
N LEU F 95 -55.07 25.03 -33.09
CA LEU F 95 -54.01 25.31 -34.05
C LEU F 95 -53.74 26.81 -34.16
N THR F 96 -54.77 27.63 -34.01
CA THR F 96 -54.56 29.08 -34.00
C THR F 96 -53.74 29.49 -32.79
N VAL F 97 -54.02 28.90 -31.62
CA VAL F 97 -53.20 29.16 -30.44
C VAL F 97 -51.77 28.73 -30.69
N GLN F 98 -51.58 27.58 -31.34
CA GLN F 98 -50.24 27.09 -31.62
C GLN F 98 -49.49 28.04 -32.54
N ALA F 99 -50.10 28.39 -33.67
CA ALA F 99 -49.43 29.20 -34.67
C ALA F 99 -49.28 30.65 -34.24
N SER F 100 -50.08 31.11 -33.26
CA SER F 100 -49.92 32.46 -32.74
C SER F 100 -48.58 32.64 -32.06
N ASN F 101 -47.93 31.56 -31.65
CA ASN F 101 -46.58 31.64 -31.11
C ASN F 101 -45.62 32.10 -32.20
N GLY F 102 -44.75 33.04 -31.85
CA GLY F 102 -43.85 33.62 -32.84
C GLY F 102 -42.61 32.80 -33.15
N SER F 103 -42.37 31.72 -32.42
CA SER F 103 -41.16 30.94 -32.65
C SER F 103 -41.20 30.23 -33.99
N TYR F 104 -42.39 29.82 -34.44
CA TYR F 104 -42.50 29.09 -35.70
C TYR F 104 -42.17 29.99 -36.87
N SER F 105 -41.42 29.45 -37.83
CA SER F 105 -41.07 30.21 -39.02
C SER F 105 -42.24 30.24 -39.99
N GLN F 106 -42.04 30.91 -41.13
CA GLN F 106 -43.15 31.16 -42.04
C GLN F 106 -43.68 29.87 -42.66
N GLU F 107 -42.79 28.92 -42.98
CA GLU F 107 -43.22 27.70 -43.64
C GLU F 107 -44.13 26.87 -42.75
N GLN F 108 -43.82 26.79 -41.46
CA GLN F 108 -44.66 25.98 -40.59
C GLN F 108 -46.01 26.64 -40.35
N LEU F 109 -46.05 27.97 -40.28
CA LEU F 109 -47.33 28.66 -40.25
C LEU F 109 -48.09 28.42 -41.56
N ASP F 110 -47.38 28.28 -42.67
CA ASP F 110 -48.04 27.93 -43.93
C ASP F 110 -48.67 26.55 -43.86
N SER F 111 -47.97 25.59 -43.27
CA SER F 111 -48.57 24.26 -43.09
C SER F 111 -49.77 24.32 -42.16
N VAL F 112 -49.67 25.10 -41.08
CA VAL F 112 -50.79 25.26 -40.16
C VAL F 112 -51.99 25.84 -40.90
N GLN F 113 -51.77 26.88 -41.70
CA GLN F 113 -52.87 27.52 -42.41
C GLN F 113 -53.41 26.60 -43.49
N GLY F 114 -52.58 25.74 -44.07
CA GLY F 114 -53.09 24.74 -44.98
C GLY F 114 -54.04 23.79 -44.29
N GLU F 115 -53.67 23.32 -43.10
CA GLU F 115 -54.58 22.46 -42.34
C GLU F 115 -55.87 23.20 -41.98
N ILE F 116 -55.73 24.46 -41.57
CA ILE F 116 -56.90 25.24 -41.17
C ILE F 116 -57.83 25.46 -42.36
N ASN F 117 -57.27 25.77 -43.52
CA ASN F 117 -58.07 25.90 -44.73
C ASN F 117 -58.75 24.58 -45.06
N GLN F 118 -58.06 23.47 -44.84
CA GLN F 118 -58.65 22.17 -45.08
C GLN F 118 -59.87 21.97 -44.18
N ARG F 119 -59.73 22.32 -42.90
CA ARG F 119 -60.84 22.18 -41.95
C ARG F 119 -62.00 23.10 -42.30
N LEU F 120 -61.72 24.33 -42.73
CA LEU F 120 -62.79 25.23 -43.12
C LEU F 120 -63.50 24.72 -44.37
N ALA F 121 -62.75 24.15 -45.31
CA ALA F 121 -63.38 23.51 -46.46
C ALA F 121 -64.26 22.36 -46.02
N ASP F 122 -63.84 21.62 -44.98
CA ASP F 122 -64.69 20.56 -44.46
C ASP F 122 -65.96 21.12 -43.84
N ILE F 123 -65.87 22.25 -43.14
CA ILE F 123 -67.04 22.88 -42.57
C ILE F 123 -68.01 23.29 -43.66
N ASP F 124 -67.49 23.88 -44.74
CA ASP F 124 -68.33 24.25 -45.86
C ASP F 124 -68.95 23.02 -46.51
N ARG F 125 -68.19 21.93 -46.61
CA ARG F 125 -68.75 20.68 -47.12
C ARG F 125 -69.88 20.19 -46.25
N ILE F 126 -69.70 20.24 -44.93
CA ILE F 126 -70.72 19.79 -44.01
C ILE F 126 -71.98 20.62 -44.18
N SER F 127 -71.82 21.92 -44.36
CA SER F 127 -72.97 22.79 -44.57
C SER F 127 -73.68 22.45 -45.87
N GLU F 128 -72.93 22.27 -46.96
CA GLU F 128 -73.55 22.10 -48.27
C GLU F 128 -74.02 20.69 -48.57
N GLN F 129 -73.60 19.69 -47.78
CA GLN F 129 -73.92 18.30 -48.07
C GLN F 129 -74.71 17.58 -46.98
N THR F 130 -74.93 18.21 -45.83
CA THR F 130 -75.82 17.61 -44.84
C THR F 130 -77.23 17.60 -45.39
N ASP F 131 -77.88 16.45 -45.34
CA ASP F 131 -79.16 16.27 -46.01
C ASP F 131 -80.14 15.55 -45.09
N PHE F 132 -81.43 15.79 -45.34
CA PHE F 132 -82.49 15.06 -44.65
C PHE F 132 -83.74 15.14 -45.53
N ASN F 133 -84.11 14.02 -46.15
CA ASN F 133 -85.28 13.96 -47.01
C ASN F 133 -85.20 15.00 -48.12
N GLY F 134 -84.02 15.18 -48.69
CA GLY F 134 -83.85 16.15 -49.74
C GLY F 134 -83.82 17.58 -49.30
N VAL F 135 -83.76 17.84 -47.99
CA VAL F 135 -83.69 19.18 -47.43
C VAL F 135 -82.33 19.36 -46.79
N LYS F 136 -81.53 20.27 -47.33
CA LYS F 136 -80.21 20.56 -46.78
C LYS F 136 -80.41 21.42 -45.54
N VAL F 137 -80.61 20.74 -44.41
CA VAL F 137 -81.06 21.42 -43.19
C VAL F 137 -80.02 22.41 -42.70
N LEU F 138 -78.75 22.02 -42.68
CA LEU F 138 -77.69 22.88 -42.17
C LEU F 138 -76.96 23.57 -43.33
N SER F 139 -77.71 24.28 -44.17
CA SER F 139 -77.10 24.83 -45.37
C SER F 139 -77.38 26.31 -45.57
N ASP F 140 -76.99 26.84 -46.72
CA ASP F 140 -77.24 28.24 -47.04
C ASP F 140 -78.70 28.50 -47.41
N SER F 141 -79.43 27.46 -47.81
CA SER F 141 -80.83 27.58 -48.20
C SER F 141 -81.62 26.61 -47.33
N ALA F 142 -82.01 27.07 -46.14
CA ALA F 142 -82.78 26.23 -45.22
C ALA F 142 -83.69 27.15 -44.41
N LYS F 143 -84.91 27.32 -44.88
CA LYS F 143 -85.89 28.08 -44.14
C LYS F 143 -86.45 27.26 -42.98
N PRO F 144 -86.91 27.91 -41.91
CA PRO F 144 -87.49 27.17 -40.79
C PRO F 144 -88.70 26.35 -41.23
N LEU F 145 -88.85 25.18 -40.60
CA LEU F 145 -89.92 24.26 -40.95
C LEU F 145 -91.19 24.58 -40.17
N THR F 146 -92.23 23.78 -40.36
CA THR F 146 -93.52 24.00 -39.72
C THR F 146 -93.86 22.89 -38.72
N LEU F 147 -93.91 21.64 -39.17
CA LEU F 147 -94.15 20.48 -38.32
C LEU F 147 -95.47 20.61 -37.57
N GLN F 148 -96.56 20.56 -38.34
CA GLN F 148 -97.89 20.61 -37.76
C GLN F 148 -98.08 19.49 -36.77
N VAL F 149 -98.58 19.81 -35.58
CA VAL F 149 -98.83 18.85 -34.52
C VAL F 149 -100.26 19.03 -34.02
N GLY F 150 -101.17 18.23 -34.56
CA GLY F 150 -102.56 18.25 -34.17
C GLY F 150 -103.48 18.45 -35.36
N ALA F 151 -104.75 18.15 -35.19
CA ALA F 151 -105.75 18.49 -36.21
C ALA F 151 -106.05 19.98 -36.08
N ASN F 152 -107.07 20.46 -36.82
CA ASN F 152 -107.47 21.86 -36.77
C ASN F 152 -106.29 22.77 -37.13
N ASP F 153 -105.87 22.63 -38.38
CA ASP F 153 -104.66 23.28 -38.87
C ASP F 153 -104.59 24.75 -38.47
N GLY F 154 -103.37 25.22 -38.22
CA GLY F 154 -103.15 26.55 -37.71
C GLY F 154 -102.04 26.58 -36.68
N GLU F 155 -101.51 25.40 -36.35
CA GLU F 155 -100.44 25.25 -35.38
C GLU F 155 -99.21 24.67 -36.06
N THR F 156 -98.03 25.17 -35.69
CA THR F 156 -96.77 24.71 -36.22
C THR F 156 -95.76 24.63 -35.10
N ILE F 157 -94.58 24.12 -35.43
CA ILE F 157 -93.41 24.17 -34.53
C ILE F 157 -92.26 24.66 -35.39
N THR F 158 -91.98 25.96 -35.34
CA THR F 158 -90.94 26.53 -36.17
C THR F 158 -89.56 26.12 -35.65
N LEU F 159 -88.70 25.65 -36.55
CA LEU F 159 -87.40 25.13 -36.14
C LEU F 159 -86.31 26.19 -36.11
N ASN F 160 -86.30 27.11 -37.08
CA ASN F 160 -85.31 28.19 -37.16
C ASN F 160 -83.89 27.64 -37.19
N LEU F 161 -83.60 26.87 -38.24
CA LEU F 161 -82.28 26.28 -38.43
C LEU F 161 -81.74 26.70 -39.79
N SER F 162 -80.52 27.24 -39.80
CA SER F 162 -79.84 27.60 -41.03
C SER F 162 -78.45 28.16 -40.70
N GLU F 163 -77.60 28.20 -41.72
CA GLU F 163 -76.39 29.02 -41.74
C GLU F 163 -75.42 28.66 -40.61
N ILE F 164 -74.87 27.46 -40.70
CA ILE F 164 -73.66 27.09 -39.98
C ILE F 164 -72.61 26.70 -41.02
N SER F 165 -71.67 27.60 -41.28
CA SER F 165 -70.63 27.41 -42.29
C SER F 165 -69.69 28.60 -42.29
N VAL F 166 -68.64 28.55 -43.10
CA VAL F 166 -67.96 29.78 -43.42
C VAL F 166 -68.91 30.64 -44.25
N LYS F 167 -68.60 31.94 -44.34
CA LYS F 167 -69.41 32.96 -44.99
C LYS F 167 -70.64 33.26 -44.13
N THR F 168 -70.82 32.49 -43.04
CA THR F 168 -71.86 32.81 -42.06
C THR F 168 -71.42 32.66 -40.61
N LEU F 169 -70.39 31.88 -40.30
CA LEU F 169 -69.83 31.91 -38.95
C LEU F 169 -68.92 33.12 -38.74
N GLY F 170 -68.57 33.83 -39.80
CA GLY F 170 -67.79 35.03 -39.70
C GLY F 170 -66.31 34.86 -39.96
N LEU F 171 -65.80 33.64 -39.90
CA LEU F 171 -64.37 33.44 -40.13
C LEU F 171 -64.01 33.86 -41.54
N ASP F 172 -64.42 33.05 -42.51
CA ASP F 172 -64.62 33.43 -43.90
C ASP F 172 -63.33 33.80 -44.61
N GLY F 173 -62.28 34.06 -43.84
CA GLY F 173 -60.99 34.44 -44.35
C GLY F 173 -59.88 33.98 -43.44
N PHE F 174 -60.10 32.91 -42.69
CA PHE F 174 -59.32 32.68 -41.48
C PHE F 174 -57.86 32.43 -41.83
N ASN F 175 -57.08 33.50 -41.75
CA ASN F 175 -55.70 33.52 -42.20
C ASN F 175 -54.79 33.75 -41.00
N VAL F 176 -53.87 32.82 -40.77
CA VAL F 176 -52.89 32.94 -39.70
C VAL F 176 -51.51 33.30 -40.24
N ASN F 177 -51.28 33.12 -41.53
CA ASN F 177 -50.05 33.47 -42.20
C ASN F 177 -50.34 34.58 -43.21
N GLY F 178 -49.37 34.87 -44.07
CA GLY F 178 -49.48 36.05 -44.91
C GLY F 178 -50.44 35.96 -46.09
N LYS F 179 -50.83 34.77 -46.53
CA LYS F 179 -51.48 34.69 -47.84
C LYS F 179 -52.96 35.11 -47.77
N GLY F 180 -53.78 34.38 -47.02
CA GLY F 180 -55.21 34.69 -46.91
C GLY F 180 -55.96 34.82 -48.23
N VAL F 181 -57.18 35.32 -48.11
CA VAL F 181 -58.03 35.61 -49.26
C VAL F 181 -59.16 36.53 -48.80
N THR F 182 -59.52 37.48 -49.66
CA THR F 182 -60.63 38.39 -49.40
C THR F 182 -61.36 38.66 -50.70
N GLN F 183 -62.64 38.30 -50.76
CA GLN F 183 -63.43 38.56 -51.95
C GLN F 183 -63.84 40.02 -52.02
N ASN F 184 -63.77 40.60 -53.21
CA ASN F 184 -64.14 41.98 -53.43
C ASN F 184 -65.66 42.09 -53.56
N ARG F 185 -66.14 43.25 -53.98
CA ARG F 185 -67.56 43.48 -54.20
C ARG F 185 -67.80 43.89 -55.64
N SER F 186 -68.94 43.46 -56.19
CA SER F 186 -69.28 43.79 -57.56
C SER F 186 -69.49 45.30 -57.70
N ALA F 187 -68.89 45.87 -58.74
CA ALA F 187 -69.01 47.31 -58.95
C ALA F 187 -70.40 47.67 -59.42
N THR F 188 -70.86 48.86 -59.02
CA THR F 188 -72.16 49.39 -59.39
C THR F 188 -71.98 50.60 -60.28
N VAL F 189 -73.10 51.16 -60.74
CA VAL F 189 -73.04 52.34 -61.60
C VAL F 189 -72.47 53.53 -60.84
N THR F 190 -72.77 53.65 -59.54
CA THR F 190 -72.16 54.72 -58.75
C THR F 190 -70.65 54.55 -58.66
N ASP F 191 -70.19 53.31 -58.53
CA ASP F 191 -68.75 53.08 -58.43
C ASP F 191 -68.03 53.51 -59.70
N VAL F 192 -68.57 53.17 -60.86
CA VAL F 192 -67.92 53.57 -62.10
C VAL F 192 -68.04 55.07 -62.31
N ILE F 193 -69.19 55.67 -61.99
CA ILE F 193 -69.33 57.11 -62.12
C ILE F 193 -68.33 57.83 -61.23
N ALA F 194 -67.96 57.22 -60.09
CA ALA F 194 -66.91 57.80 -59.27
C ALA F 194 -65.59 57.93 -60.01
N GLN F 195 -65.36 57.11 -61.04
CA GLN F 195 -64.17 57.25 -61.87
C GLN F 195 -64.21 58.47 -62.78
N GLY F 196 -65.36 59.11 -62.93
CA GLY F 196 -65.46 60.31 -63.74
C GLY F 196 -65.61 60.07 -65.22
N GLY F 197 -65.91 58.85 -65.65
CA GLY F 197 -66.01 58.53 -67.06
C GLY F 197 -67.33 58.99 -67.68
N THR F 198 -67.45 58.72 -68.97
CA THR F 198 -68.63 59.08 -69.73
C THR F 198 -69.50 57.86 -69.99
N LEU F 199 -70.81 58.10 -70.10
CA LEU F 199 -71.79 57.03 -70.20
C LEU F 199 -72.51 57.10 -71.54
N GLN F 200 -72.87 55.94 -72.07
CA GLN F 200 -73.47 55.85 -73.40
C GLN F 200 -74.67 54.90 -73.39
N GLY F 201 -75.13 54.53 -74.58
CA GLY F 201 -76.29 53.67 -74.68
C GLY F 201 -76.07 52.31 -74.04
N ASP F 202 -77.19 51.67 -73.67
CA ASP F 202 -77.20 50.38 -72.98
C ASP F 202 -76.49 50.44 -71.63
N GLY F 203 -76.29 51.63 -71.09
CA GLY F 203 -75.55 51.78 -69.85
C GLY F 203 -74.05 51.62 -69.98
N THR F 204 -73.53 51.52 -71.20
CA THR F 204 -72.11 51.38 -71.41
C THR F 204 -71.36 52.59 -70.87
N TYR F 205 -70.24 52.35 -70.19
CA TYR F 205 -69.49 53.38 -69.53
C TYR F 205 -68.05 53.35 -70.02
N LYS F 206 -67.39 54.51 -69.97
CA LYS F 206 -66.00 54.66 -70.42
C LYS F 206 -65.13 54.98 -69.21
N ALA F 207 -64.59 53.94 -68.59
CA ALA F 207 -63.68 54.10 -67.46
C ALA F 207 -62.25 54.13 -67.99
N THR F 208 -61.56 55.24 -67.76
CA THR F 208 -60.20 55.44 -68.25
C THR F 208 -59.24 55.21 -67.09
N THR F 209 -58.86 53.96 -66.88
CA THR F 209 -57.96 53.62 -65.79
C THR F 209 -56.53 54.06 -66.12
N THR F 210 -55.89 54.69 -65.15
CA THR F 210 -54.50 55.11 -65.29
C THR F 210 -53.57 53.94 -64.98
N PHE F 211 -52.31 54.08 -65.40
CA PHE F 211 -51.35 52.99 -65.27
C PHE F 211 -49.98 53.50 -64.84
N ASN F 212 -49.93 54.63 -64.13
CA ASN F 212 -48.65 55.20 -63.69
C ASN F 212 -47.88 54.20 -62.86
N ALA F 213 -46.74 53.75 -63.40
CA ALA F 213 -45.97 52.68 -62.78
C ALA F 213 -44.53 52.77 -63.32
N ALA F 214 -43.78 51.68 -63.17
CA ALA F 214 -42.38 51.60 -63.61
C ALA F 214 -41.48 52.51 -62.79
N SER F 215 -41.63 52.45 -61.48
CA SER F 215 -40.74 53.16 -60.56
C SER F 215 -39.47 52.35 -60.39
N ALA F 216 -38.61 52.78 -59.45
CA ALA F 216 -37.30 52.17 -59.31
C ALA F 216 -37.38 50.73 -58.81
N GLU F 217 -38.29 50.45 -57.88
CA GLU F 217 -38.31 49.13 -57.25
C GLU F 217 -38.67 48.01 -58.21
N THR F 218 -39.37 48.32 -59.31
CA THR F 218 -39.74 47.28 -60.26
C THR F 218 -38.77 47.17 -61.44
N VAL F 219 -38.13 48.29 -61.83
CA VAL F 219 -37.20 48.22 -62.95
C VAL F 219 -35.94 47.47 -62.56
N LEU F 220 -35.47 47.65 -61.32
CA LEU F 220 -34.26 46.96 -60.87
C LEU F 220 -34.45 45.45 -60.80
N SER F 221 -35.70 44.99 -60.72
CA SER F 221 -35.95 43.55 -60.70
C SER F 221 -35.50 42.89 -62.00
N LYS F 222 -35.60 43.60 -63.12
CA LYS F 222 -35.14 43.13 -64.42
C LYS F 222 -34.01 44.04 -64.86
N LEU F 223 -32.79 43.71 -64.47
CA LEU F 223 -31.65 44.57 -64.77
C LEU F 223 -30.38 43.74 -64.87
N GLU F 224 -29.67 43.90 -65.99
CA GLU F 224 -28.33 43.35 -66.15
C GLU F 224 -27.35 44.34 -66.77
N ASP F 225 -27.81 45.33 -67.51
CA ASP F 225 -26.93 46.30 -68.16
C ASP F 225 -26.63 47.44 -67.19
N GLY F 226 -26.07 48.53 -67.70
CA GLY F 226 -25.60 49.60 -66.84
C GLY F 226 -26.72 50.48 -66.30
N ASN F 227 -26.37 51.19 -65.23
CA ASN F 227 -27.25 52.13 -64.56
C ASN F 227 -26.47 53.43 -64.33
N THR F 228 -27.19 54.54 -64.23
CA THR F 228 -26.54 55.83 -64.04
C THR F 228 -27.44 56.75 -63.24
N VAL F 229 -26.81 57.70 -62.54
CA VAL F 229 -27.50 58.76 -61.83
C VAL F 229 -26.80 60.08 -62.14
N ALA F 230 -27.57 61.16 -62.11
CA ALA F 230 -27.03 62.49 -62.36
C ALA F 230 -27.98 63.53 -61.81
N VAL F 231 -27.43 64.56 -61.18
CA VAL F 231 -28.21 65.63 -60.55
C VAL F 231 -27.91 66.94 -61.26
N GLY F 232 -28.97 67.60 -61.76
CA GLY F 232 -28.86 68.89 -62.42
C GLY F 232 -27.74 68.98 -63.43
N GLY F 233 -26.87 69.97 -63.26
CA GLY F 233 -25.68 70.12 -64.05
C GLY F 233 -24.42 69.55 -63.43
N GLY F 234 -24.54 68.77 -62.35
CA GLY F 234 -23.40 68.21 -61.67
C GLY F 234 -22.86 66.97 -62.36
N ALA F 235 -21.95 66.30 -61.65
CA ALA F 235 -21.32 65.10 -62.19
C ALA F 235 -22.33 63.97 -62.32
N THR F 236 -22.07 63.07 -63.26
CA THR F 236 -22.92 61.92 -63.53
C THR F 236 -22.20 60.64 -63.12
N TYR F 237 -22.87 59.85 -62.27
CA TYR F 237 -22.30 58.62 -61.73
C TYR F 237 -23.06 57.41 -62.27
N THR F 238 -22.32 56.41 -62.72
CA THR F 238 -22.88 55.24 -63.38
C THR F 238 -22.71 54.00 -62.52
N TYR F 239 -23.50 52.97 -62.86
CA TYR F 239 -23.50 51.70 -62.15
C TYR F 239 -23.60 50.58 -63.16
N ASP F 240 -23.47 49.34 -62.66
CA ASP F 240 -23.66 48.16 -63.50
C ASP F 240 -23.88 46.95 -62.60
N ALA F 241 -25.06 46.35 -62.67
CA ALA F 241 -25.42 45.21 -61.82
C ALA F 241 -24.61 44.00 -62.28
N ALA F 242 -23.62 43.62 -61.47
CA ALA F 242 -22.75 42.48 -61.76
C ALA F 242 -22.70 41.58 -60.54
N LYS F 243 -23.18 40.33 -60.70
CA LYS F 243 -23.14 39.32 -59.64
C LYS F 243 -23.82 39.81 -58.36
N GLY F 244 -24.97 40.47 -58.51
CA GLY F 244 -25.70 40.98 -57.39
C GLY F 244 -25.18 42.28 -56.81
N ASN F 245 -24.15 42.86 -57.39
CA ASN F 245 -23.57 44.11 -56.92
C ASN F 245 -23.38 45.06 -58.10
N PHE F 246 -23.40 46.35 -57.81
CA PHE F 246 -23.24 47.38 -58.82
C PHE F 246 -21.82 47.93 -58.78
N THR F 247 -21.16 47.93 -59.94
CA THR F 247 -19.78 48.39 -60.05
C THR F 247 -19.76 49.93 -60.07
N TYR F 248 -19.98 50.50 -58.89
CA TYR F 248 -19.88 51.94 -58.74
C TYR F 248 -18.44 52.40 -58.95
N THR F 249 -18.29 53.48 -59.70
CA THR F 249 -16.99 54.10 -59.92
C THR F 249 -17.03 55.48 -59.26
N LYS F 250 -16.34 55.61 -58.14
CA LYS F 250 -16.30 56.88 -57.41
C LYS F 250 -15.35 57.80 -58.17
N THR F 251 -15.91 58.55 -59.11
CA THR F 251 -15.15 59.48 -59.92
C THR F 251 -15.15 60.85 -59.24
N VAL F 252 -13.97 61.28 -58.77
CA VAL F 252 -13.88 62.59 -58.15
C VAL F 252 -14.22 63.66 -59.17
N ASP F 253 -14.98 64.67 -58.74
CA ASP F 253 -15.41 65.76 -59.60
C ASP F 253 -14.21 66.41 -60.27
N THR F 254 -14.42 67.10 -61.39
CA THR F 254 -13.31 67.69 -62.12
C THR F 254 -13.28 69.20 -62.01
N THR F 255 -14.31 69.90 -62.50
CA THR F 255 -14.56 71.32 -62.26
C THR F 255 -13.30 72.18 -62.12
N VAL F 256 -12.33 72.01 -63.01
CA VAL F 256 -11.03 72.68 -62.86
C VAL F 256 -10.52 73.10 -64.23
N GLY F 257 -9.95 74.30 -64.28
CA GLY F 257 -9.15 74.74 -65.40
C GLY F 257 -7.68 74.59 -65.05
N ALA F 258 -7.05 75.69 -64.66
CA ALA F 258 -5.66 75.66 -64.20
C ALA F 258 -5.53 75.48 -62.69
N ASP F 259 -6.63 75.50 -61.95
CA ASP F 259 -6.60 75.38 -60.49
C ASP F 259 -6.65 73.90 -60.10
N VAL F 260 -5.55 73.21 -60.39
CA VAL F 260 -5.46 71.77 -60.15
C VAL F 260 -5.63 71.43 -58.67
N THR F 261 -5.39 72.39 -57.77
CA THR F 261 -5.40 72.10 -56.35
C THR F 261 -6.74 71.60 -55.85
N ALA F 262 -7.84 71.86 -56.58
CA ALA F 262 -9.14 71.39 -56.14
C ALA F 262 -9.19 69.86 -56.09
N LEU F 263 -8.66 69.21 -57.13
CA LEU F 263 -8.63 67.76 -57.14
C LEU F 263 -7.80 67.20 -56.00
N ALA F 264 -6.63 67.79 -55.76
CA ALA F 264 -5.77 67.31 -54.68
C ALA F 264 -6.44 67.51 -53.33
N ASN F 265 -7.06 68.66 -53.11
CA ASN F 265 -7.72 68.94 -51.84
C ASN F 265 -9.02 68.18 -51.69
N LYS F 266 -9.56 67.62 -52.76
CA LYS F 266 -10.72 66.74 -52.67
C LYS F 266 -10.33 65.29 -52.40
N ILE F 267 -9.21 64.84 -52.98
CA ILE F 267 -8.79 63.45 -52.80
C ILE F 267 -7.95 63.25 -51.54
N LYS F 268 -7.26 64.29 -51.06
CA LYS F 268 -6.45 64.15 -49.85
C LYS F 268 -7.26 63.76 -48.62
N PRO F 269 -8.43 64.36 -48.34
CA PRO F 269 -9.17 63.95 -47.13
C PRO F 269 -9.63 62.50 -47.17
N SER F 270 -9.68 61.88 -48.35
CA SER F 270 -9.99 60.45 -48.42
C SER F 270 -8.96 59.62 -47.67
N SER F 271 -7.72 60.11 -47.57
CA SER F 271 -6.67 59.48 -46.79
C SER F 271 -5.88 60.53 -46.03
N GLY F 272 -6.58 61.53 -45.49
CA GLY F 272 -5.92 62.66 -44.86
C GLY F 272 -5.43 62.41 -43.45
N THR F 273 -4.48 61.49 -43.30
CA THR F 273 -3.87 61.21 -42.01
C THR F 273 -2.53 60.54 -42.28
N ILE F 274 -1.63 60.61 -41.29
CA ILE F 274 -0.32 59.97 -41.43
C ILE F 274 -0.51 58.46 -41.49
N SER F 275 -0.08 57.86 -42.59
CA SER F 275 -0.18 56.43 -42.80
C SER F 275 1.12 55.94 -43.44
N GLY F 276 1.16 54.65 -43.77
CA GLY F 276 2.35 54.06 -44.34
C GLY F 276 1.99 52.99 -45.33
N SER F 277 3.02 52.39 -45.92
CA SER F 277 2.88 51.34 -46.93
C SER F 277 2.05 51.81 -48.13
N TYR F 278 2.12 53.10 -48.44
CA TYR F 278 1.40 53.61 -49.59
C TYR F 278 1.99 53.03 -50.88
N GLU F 279 1.14 52.91 -51.89
CA GLU F 279 1.51 52.40 -53.19
C GLU F 279 1.36 53.52 -54.21
N ILE F 280 2.47 53.96 -54.78
CA ILE F 280 2.48 55.01 -55.79
C ILE F 280 2.81 54.36 -57.12
N SER F 281 1.80 54.16 -57.95
CA SER F 281 1.98 53.60 -59.28
C SER F 281 1.74 54.72 -60.29
N THR F 282 2.79 55.49 -60.56
CA THR F 282 2.78 56.57 -61.53
C THR F 282 3.54 56.14 -62.78
N GLY F 283 3.58 57.03 -63.75
CA GLY F 283 4.26 56.72 -65.00
C GLY F 283 3.60 55.54 -65.68
N LYS F 284 4.32 54.42 -65.74
CA LYS F 284 3.77 53.20 -66.32
C LYS F 284 3.81 52.01 -65.37
N SER F 285 4.92 51.81 -64.68
CA SER F 285 5.08 50.65 -63.80
C SER F 285 5.86 51.04 -62.54
N ALA F 286 5.47 52.15 -61.92
CA ALA F 286 6.18 52.64 -60.74
C ALA F 286 6.13 51.64 -59.61
N SER F 287 4.95 51.39 -59.06
CA SER F 287 4.75 50.37 -58.02
C SER F 287 5.71 50.57 -56.83
N PHE F 288 5.66 51.75 -56.23
CA PHE F 288 6.43 52.02 -55.02
C PHE F 288 5.75 51.47 -53.78
N ASP F 289 6.53 51.41 -52.69
CA ASP F 289 6.03 51.08 -51.36
C ASP F 289 6.58 52.15 -50.43
N VAL F 290 5.82 53.22 -50.20
CA VAL F 290 6.33 54.44 -49.59
C VAL F 290 5.50 54.79 -48.37
N ASP F 291 6.12 55.51 -47.44
CA ASP F 291 5.45 56.04 -46.26
C ASP F 291 5.10 57.50 -46.47
N ALA F 292 4.13 57.99 -45.70
CA ALA F 292 3.72 59.39 -45.79
C ALA F 292 3.31 59.87 -44.41
N ALA F 293 4.12 60.75 -43.82
CA ALA F 293 3.80 61.43 -42.58
C ALA F 293 3.48 62.89 -42.85
N GLY F 294 2.78 63.14 -43.96
CA GLY F 294 2.67 64.45 -44.54
C GLY F 294 3.71 64.75 -45.59
N LYS F 295 4.81 64.00 -45.59
CA LYS F 295 5.86 64.08 -46.60
C LYS F 295 6.07 62.71 -47.19
N ILE F 296 6.25 62.64 -48.51
CA ILE F 296 6.45 61.37 -49.19
C ILE F 296 7.85 60.85 -48.86
N THR F 297 7.90 59.65 -48.30
CA THR F 297 9.17 58.99 -47.97
C THR F 297 9.06 57.51 -48.29
N ILE F 298 10.08 56.98 -48.95
CA ILE F 298 10.21 55.55 -49.15
C ILE F 298 11.08 55.02 -48.02
N GLY F 299 10.92 53.74 -47.70
CA GLY F 299 11.50 53.18 -46.50
C GLY F 299 13.00 53.36 -46.40
N GLY F 300 13.42 54.24 -45.51
CA GLY F 300 14.83 54.55 -45.33
C GLY F 300 15.38 55.61 -46.25
N ASN F 301 14.55 56.28 -47.04
CA ASN F 301 15.04 57.27 -47.98
C ASN F 301 14.07 58.46 -47.99
N ALA F 302 14.31 59.41 -48.90
CA ALA F 302 13.58 60.67 -48.92
C ALA F 302 12.52 60.75 -50.00
N ALA F 303 12.71 60.09 -51.15
CA ALA F 303 11.71 59.99 -52.21
C ALA F 303 11.29 61.37 -52.73
N PHE F 304 12.25 62.05 -53.36
CA PHE F 304 11.94 63.32 -54.02
C PHE F 304 11.13 63.06 -55.29
N LEU F 305 10.72 64.15 -55.94
CA LEU F 305 9.96 64.11 -57.18
C LEU F 305 10.55 65.10 -58.17
N ASN F 306 10.72 64.67 -59.41
CA ASN F 306 11.28 65.53 -60.44
C ASN F 306 10.72 65.11 -61.79
N ALA F 307 11.39 65.54 -62.87
CA ALA F 307 11.01 65.22 -64.25
C ALA F 307 9.62 65.78 -64.59
N ASP F 308 9.51 67.11 -64.51
CA ASP F 308 8.27 67.78 -64.86
C ASP F 308 7.87 67.45 -66.30
N GLY F 309 6.58 67.24 -66.52
CA GLY F 309 6.05 66.77 -67.79
C GLY F 309 5.93 65.27 -67.84
N GLU F 310 6.86 64.57 -67.19
CA GLU F 310 6.81 63.12 -67.01
C GLU F 310 6.51 62.73 -65.58
N LEU F 311 7.05 63.47 -64.61
CA LEU F 311 6.60 63.43 -63.22
C LEU F 311 6.75 62.03 -62.61
N THR F 312 7.99 61.59 -62.49
CA THR F 312 8.33 60.38 -61.75
C THR F 312 8.82 60.75 -60.36
N THR F 313 8.68 59.82 -59.43
CA THR F 313 9.15 60.02 -58.07
C THR F 313 10.67 59.85 -58.04
N ASN F 314 11.39 60.97 -57.96
CA ASN F 314 12.84 61.00 -58.15
C ASN F 314 13.55 61.05 -56.79
N ASP F 315 13.62 59.90 -56.12
CA ASP F 315 14.35 59.83 -54.85
C ASP F 315 15.84 60.09 -55.03
N ALA F 316 16.34 60.05 -56.26
CA ALA F 316 17.66 60.56 -56.59
C ALA F 316 17.48 61.98 -57.13
N SER F 317 18.12 62.95 -56.47
CA SER F 317 17.86 64.34 -56.77
C SER F 317 18.31 64.69 -58.19
N GLY F 318 17.52 65.54 -58.85
CA GLY F 318 17.85 65.99 -60.19
C GLY F 318 17.80 67.51 -60.32
N ALA F 319 18.14 68.21 -59.23
CA ALA F 319 18.23 69.66 -59.13
C ALA F 319 16.87 70.37 -59.18
N LEU F 320 15.77 69.65 -59.35
CA LEU F 320 14.45 70.26 -59.43
C LEU F 320 13.44 69.45 -58.62
N THR F 321 13.83 69.05 -57.41
CA THR F 321 13.06 68.11 -56.61
C THR F 321 12.25 68.84 -55.54
N GLN F 322 11.10 68.26 -55.19
CA GLN F 322 10.19 68.84 -54.20
C GLN F 322 9.95 67.92 -53.01
N ALA F 323 9.67 66.64 -53.25
CA ALA F 323 9.50 65.63 -52.20
C ALA F 323 8.39 66.00 -51.21
N THR F 324 7.15 66.02 -51.72
CA THR F 324 6.00 66.24 -50.87
C THR F 324 4.76 65.57 -51.43
N LEU F 325 3.80 65.32 -50.54
CA LEU F 325 2.63 64.50 -50.86
C LEU F 325 1.68 65.21 -51.81
N ASP F 326 1.35 66.48 -51.54
CA ASP F 326 0.40 67.19 -52.37
C ASP F 326 0.91 67.36 -53.79
N ASP F 327 2.23 67.55 -53.95
CA ASP F 327 2.80 67.60 -55.28
C ASP F 327 2.60 66.27 -56.00
N VAL F 328 2.67 65.16 -55.27
CA VAL F 328 2.42 63.85 -55.89
C VAL F 328 0.97 63.75 -56.34
N LEU F 329 0.03 64.13 -55.46
CA LEU F 329 -1.39 64.04 -55.82
C LEU F 329 -1.72 64.92 -57.02
N THR F 330 -1.18 66.13 -57.07
CA THR F 330 -1.31 66.94 -58.28
C THR F 330 -0.58 66.27 -59.45
N SER F 331 0.46 65.50 -59.14
CA SER F 331 1.33 64.94 -60.16
C SER F 331 0.80 63.61 -60.71
N VAL F 332 0.30 62.74 -59.84
CA VAL F 332 -0.03 61.38 -60.24
C VAL F 332 -1.31 61.38 -61.06
N GLY F 333 -1.16 61.36 -62.38
CA GLY F 333 -2.28 61.30 -63.29
C GLY F 333 -3.25 62.45 -63.19
N THR F 334 -3.00 63.37 -62.27
CA THR F 334 -3.86 64.53 -62.14
C THR F 334 -3.43 65.66 -63.07
N GLU F 335 -2.14 65.74 -63.38
CA GLU F 335 -1.65 66.73 -64.34
C GLU F 335 -1.00 66.12 -65.56
N ALA F 336 0.01 65.25 -65.38
CA ALA F 336 0.80 64.82 -66.54
C ALA F 336 1.10 63.33 -66.49
N ASN F 337 0.11 62.52 -66.10
CA ASN F 337 0.22 61.08 -66.20
C ASN F 337 -1.13 60.50 -66.60
N SER F 338 -1.09 59.30 -67.17
CA SER F 338 -2.28 58.64 -67.68
C SER F 338 -2.36 57.22 -67.14
N SER F 339 -3.58 56.82 -66.75
CA SER F 339 -3.87 55.47 -66.29
C SER F 339 -2.95 55.06 -65.14
N VAL F 340 -2.71 55.99 -64.22
CA VAL F 340 -1.87 55.74 -63.05
C VAL F 340 -2.74 55.88 -61.80
N THR F 341 -2.19 55.45 -60.67
CA THR F 341 -3.00 55.36 -59.46
C THR F 341 -2.10 55.43 -58.23
N ILE F 342 -2.74 55.67 -57.09
CA ILE F 342 -2.14 55.50 -55.78
C ILE F 342 -2.88 54.39 -55.06
N GLY F 343 -2.15 53.35 -54.67
CA GLY F 343 -2.68 52.25 -53.93
C GLY F 343 -2.40 52.38 -52.44
N GLY F 344 -2.24 51.23 -51.79
CA GLY F 344 -1.96 51.21 -50.37
C GLY F 344 -3.16 51.58 -49.52
N THR F 345 -3.25 51.00 -48.32
CA THR F 345 -4.35 51.25 -47.39
C THR F 345 -5.70 50.97 -48.07
N LYS F 346 -5.70 49.97 -48.95
CA LYS F 346 -6.91 49.46 -49.58
C LYS F 346 -7.67 50.55 -50.34
N TYR F 347 -7.03 51.05 -51.40
CA TYR F 347 -7.70 51.82 -52.43
C TYR F 347 -6.81 51.84 -53.65
N SER F 348 -7.36 52.36 -54.76
CA SER F 348 -6.59 52.58 -55.97
C SER F 348 -7.17 53.81 -56.66
N HIS F 349 -6.58 54.98 -56.40
CA HIS F 349 -7.08 56.24 -56.94
C HIS F 349 -6.55 56.39 -58.36
N SER F 350 -7.14 55.62 -59.27
CA SER F 350 -6.73 55.66 -60.66
C SER F 350 -7.06 57.01 -61.29
N ALA F 351 -6.28 57.37 -62.30
CA ALA F 351 -6.49 58.61 -63.04
C ALA F 351 -7.07 58.27 -64.40
N ALA F 352 -8.34 58.61 -64.61
CA ALA F 352 -8.95 58.39 -65.92
C ALA F 352 -8.37 59.32 -66.97
N ASP F 353 -8.01 60.53 -66.59
CA ASP F 353 -7.51 61.52 -67.55
C ASP F 353 -6.48 62.40 -66.86
N GLU F 354 -5.69 63.10 -67.69
CA GLU F 354 -4.68 64.03 -67.21
C GLU F 354 -5.05 65.46 -67.57
N LEU F 355 -4.60 66.39 -66.73
CA LEU F 355 -4.93 67.81 -66.88
C LEU F 355 -3.82 68.49 -67.68
N SER F 356 -4.10 68.77 -68.95
CA SER F 356 -3.26 69.64 -69.74
C SER F 356 -3.51 71.11 -69.44
N TYR F 357 -4.26 71.40 -68.38
CA TYR F 357 -4.70 72.73 -67.95
C TYR F 357 -5.70 73.34 -68.91
N THR F 358 -6.01 72.67 -70.03
CA THR F 358 -7.17 72.99 -70.86
C THR F 358 -8.19 71.86 -70.86
N ALA F 359 -7.77 70.66 -71.23
CA ALA F 359 -8.58 69.47 -70.99
C ALA F 359 -8.47 69.08 -69.52
N VAL F 360 -9.58 68.67 -68.93
CA VAL F 360 -9.69 68.51 -67.49
C VAL F 360 -9.47 67.05 -67.11
N ALA F 361 -8.84 66.83 -65.97
CA ALA F 361 -8.51 65.50 -65.48
C ALA F 361 -9.50 65.06 -64.41
N THR F 362 -9.30 63.84 -63.92
CA THR F 362 -10.06 63.32 -62.80
C THR F 362 -9.34 62.11 -62.23
N THR F 363 -9.21 62.07 -60.91
CA THR F 363 -8.77 60.89 -60.20
C THR F 363 -9.99 60.08 -59.80
N ALA F 364 -9.90 58.77 -59.96
CA ALA F 364 -11.05 57.91 -59.70
C ALA F 364 -10.59 56.63 -59.03
N ASP F 365 -11.36 56.20 -58.03
CA ASP F 365 -11.17 54.90 -57.41
C ASP F 365 -12.46 54.12 -57.57
N VAL F 366 -12.36 52.92 -58.14
CA VAL F 366 -13.55 52.09 -58.30
C VAL F 366 -13.75 51.34 -56.99
N LEU F 367 -14.44 51.99 -56.05
CA LEU F 367 -14.63 51.40 -54.73
C LEU F 367 -15.47 50.13 -54.78
N SER F 368 -16.24 49.94 -55.85
CA SER F 368 -17.27 48.90 -55.95
C SER F 368 -18.27 48.96 -54.81
N ALA F 369 -18.26 50.06 -54.05
CA ALA F 369 -19.24 50.26 -53.00
C ALA F 369 -20.61 50.50 -53.63
N MET F 370 -21.61 50.74 -52.78
CA MET F 370 -22.97 51.04 -53.23
C MET F 370 -23.55 49.87 -54.02
N GLY F 371 -22.90 48.70 -53.90
CA GLY F 371 -23.17 47.60 -54.82
C GLY F 371 -24.55 47.00 -54.66
N SER F 372 -25.02 46.85 -53.42
CA SER F 372 -26.26 46.12 -53.18
C SER F 372 -27.43 46.82 -53.87
N SER F 373 -28.21 46.05 -54.61
CA SER F 373 -29.34 46.62 -55.34
C SER F 373 -30.39 47.19 -54.39
N THR F 374 -30.45 46.67 -53.16
CA THR F 374 -31.38 47.21 -52.17
C THR F 374 -31.01 48.65 -51.82
N ALA F 375 -29.72 48.92 -51.64
CA ALA F 375 -29.29 50.29 -51.40
C ALA F 375 -29.46 51.16 -52.64
N VAL F 376 -29.21 50.59 -53.82
CA VAL F 376 -29.38 51.34 -55.06
C VAL F 376 -30.83 51.80 -55.20
N SER F 377 -31.78 50.90 -54.93
CA SER F 377 -33.18 51.28 -55.00
C SER F 377 -33.48 52.41 -54.01
N THR F 378 -33.01 52.28 -52.78
CA THR F 378 -33.34 53.28 -51.75
C THR F 378 -32.78 54.65 -52.12
N VAL F 379 -31.53 54.69 -52.58
CA VAL F 379 -30.94 55.99 -52.92
C VAL F 379 -31.61 56.58 -54.15
N THR F 380 -31.88 55.76 -55.17
CA THR F 380 -32.60 56.30 -56.32
C THR F 380 -34.08 56.51 -56.01
N LEU F 381 -34.58 55.93 -54.93
CA LEU F 381 -35.93 56.21 -54.45
C LEU F 381 -35.87 57.35 -53.44
N GLY F 382 -35.62 58.55 -53.97
CA GLY F 382 -35.50 59.72 -53.13
C GLY F 382 -34.14 60.39 -53.22
N SER F 383 -34.11 61.55 -53.86
CA SER F 383 -32.89 62.32 -54.04
C SER F 383 -33.29 63.79 -54.12
N GLY F 384 -32.39 64.62 -54.64
CA GLY F 384 -32.68 66.03 -54.80
C GLY F 384 -33.22 66.32 -56.17
N ILE F 385 -32.39 66.85 -57.06
CA ILE F 385 -32.75 67.03 -58.45
C ILE F 385 -32.12 65.92 -59.31
N THR F 386 -31.83 64.77 -58.72
CA THR F 386 -31.12 63.69 -59.40
C THR F 386 -32.09 62.91 -60.28
N SER F 387 -32.06 63.15 -61.59
CA SER F 387 -32.86 62.39 -62.55
C SER F 387 -31.98 61.28 -63.12
N ALA F 388 -32.14 60.08 -62.59
CA ALA F 388 -31.31 58.95 -62.99
C ALA F 388 -31.86 58.29 -64.26
N ALA F 389 -31.21 57.22 -64.68
CA ALA F 389 -31.57 56.53 -65.92
C ALA F 389 -31.02 55.12 -65.88
N VAL F 390 -31.77 54.16 -66.43
CA VAL F 390 -31.36 52.76 -66.47
C VAL F 390 -31.62 52.16 -67.84
N THR F 391 -30.59 51.50 -68.39
CA THR F 391 -30.72 50.60 -69.52
C THR F 391 -30.70 49.19 -68.96
N PHE F 392 -31.79 48.44 -69.12
CA PHE F 392 -32.02 47.24 -68.31
C PHE F 392 -32.48 46.06 -69.16
N ALA F 393 -31.95 45.94 -70.37
CA ALA F 393 -32.28 44.80 -71.23
C ALA F 393 -31.17 44.63 -72.26
N ILE F 394 -31.43 43.79 -73.25
CA ILE F 394 -30.46 43.53 -74.31
C ILE F 394 -30.11 44.83 -75.01
N ALA F 395 -28.82 45.00 -75.31
CA ALA F 395 -28.36 46.23 -75.96
C ALA F 395 -29.11 46.48 -77.26
N THR F 396 -29.43 45.41 -77.99
CA THR F 396 -30.26 45.55 -79.18
C THR F 396 -31.71 45.83 -78.83
N THR F 397 -32.16 45.37 -77.67
CA THR F 397 -33.58 45.28 -77.33
C THR F 397 -33.85 46.03 -76.02
N ASP F 398 -33.41 47.28 -75.94
CA ASP F 398 -33.63 48.07 -74.74
C ASP F 398 -33.82 49.54 -75.11
N SER F 399 -34.14 50.32 -74.08
CA SER F 399 -34.21 51.78 -74.14
C SER F 399 -33.76 52.29 -72.76
N ASN F 400 -34.07 53.55 -72.46
CA ASN F 400 -33.68 54.15 -71.21
C ASN F 400 -34.91 54.54 -70.40
N ASN F 401 -34.78 54.49 -69.07
CA ASN F 401 -35.86 54.81 -68.16
C ASN F 401 -35.35 55.78 -67.09
N THR F 402 -35.85 57.01 -67.11
CA THR F 402 -35.57 57.97 -66.06
C THR F 402 -36.65 57.88 -65.00
N TRP F 403 -36.62 58.80 -64.04
CA TRP F 403 -37.69 58.94 -63.06
C TRP F 403 -37.71 60.33 -62.47
N VAL F 404 -38.77 60.60 -61.69
CA VAL F 404 -38.82 61.80 -60.89
C VAL F 404 -37.68 61.80 -59.88
N ASP F 405 -37.01 62.93 -59.75
CA ASP F 405 -35.81 63.02 -58.93
C ASP F 405 -36.10 62.69 -57.46
N ASN F 406 -37.18 63.22 -56.92
CA ASN F 406 -37.42 63.17 -55.48
C ASN F 406 -38.03 61.86 -55.00
N LYS F 407 -38.53 61.02 -55.91
CA LYS F 407 -39.10 59.75 -55.47
C LYS F 407 -38.80 58.58 -56.40
N GLY F 408 -38.00 58.76 -57.44
CA GLY F 408 -37.65 57.65 -58.31
C GLY F 408 -38.82 57.00 -59.01
N GLU F 409 -39.78 57.80 -59.47
CA GLU F 409 -40.94 57.30 -60.19
C GLU F 409 -40.96 57.89 -61.59
N LEU F 410 -41.31 57.07 -62.57
CA LEU F 410 -41.32 57.46 -63.98
C LEU F 410 -42.73 57.69 -64.49
N THR F 411 -42.93 58.86 -65.09
CA THR F 411 -44.23 59.31 -65.57
C THR F 411 -44.46 59.01 -67.04
N ASP F 412 -43.48 59.35 -67.89
CA ASP F 412 -43.65 59.17 -69.33
C ASP F 412 -43.77 57.70 -69.72
N ILE F 413 -43.42 56.78 -68.83
CA ILE F 413 -43.52 55.35 -69.06
C ILE F 413 -44.49 54.77 -68.05
N GLN F 414 -45.46 54.00 -68.54
CA GLN F 414 -46.42 53.31 -67.70
C GLN F 414 -46.34 51.82 -67.97
N THR F 415 -47.06 51.04 -67.16
CA THR F 415 -47.06 49.59 -67.30
C THR F 415 -48.50 49.09 -67.34
N PHE F 416 -48.81 48.26 -68.33
CA PHE F 416 -50.10 47.59 -68.41
C PHE F 416 -50.15 46.50 -67.34
N ASP F 417 -51.30 45.79 -67.28
CA ASP F 417 -51.41 44.65 -66.38
C ASP F 417 -50.28 43.65 -66.59
N THR F 418 -49.85 43.47 -67.84
CA THR F 418 -48.82 42.47 -68.14
C THR F 418 -47.77 42.98 -69.11
N SER F 419 -47.63 44.30 -69.28
CA SER F 419 -46.63 44.82 -70.20
C SER F 419 -46.28 46.25 -69.79
N TYR F 420 -45.14 46.71 -70.29
CA TYR F 420 -44.64 48.06 -70.02
C TYR F 420 -45.01 49.01 -71.16
N LYS F 421 -46.30 49.11 -71.45
CA LYS F 421 -46.75 49.93 -72.57
C LYS F 421 -46.88 51.39 -72.16
N ILE F 422 -46.54 52.28 -73.10
CA ILE F 422 -46.37 53.69 -72.77
C ILE F 422 -47.71 54.33 -72.39
N ASN F 423 -48.78 54.01 -73.11
CA ASN F 423 -50.06 54.67 -72.92
C ASN F 423 -50.50 54.63 -71.47
N ALA F 424 -50.70 55.80 -70.87
CA ALA F 424 -51.08 55.88 -69.46
C ALA F 424 -52.54 55.54 -69.23
N ASP F 425 -53.38 55.64 -70.24
CA ASP F 425 -54.82 55.43 -70.10
C ASP F 425 -55.31 54.45 -71.14
N THR F 426 -56.22 53.57 -70.73
CA THR F 426 -56.76 52.54 -71.62
C THR F 426 -58.21 52.75 -72.00
N GLY F 427 -58.99 53.47 -71.21
CA GLY F 427 -60.39 53.66 -71.52
C GLY F 427 -61.17 52.36 -71.51
N GLU F 428 -61.01 51.59 -70.44
CA GLU F 428 -61.71 50.31 -70.32
C GLU F 428 -63.21 50.51 -70.44
N VAL F 429 -63.86 49.65 -71.22
CA VAL F 429 -65.28 49.74 -71.52
C VAL F 429 -66.03 48.80 -70.58
N THR F 430 -66.88 49.37 -69.73
CA THR F 430 -67.69 48.60 -68.80
C THR F 430 -69.15 48.95 -69.00
N VAL F 431 -70.01 47.94 -69.09
CA VAL F 431 -71.44 48.11 -69.30
C VAL F 431 -72.18 47.64 -68.05
N VAL F 432 -73.10 48.46 -67.58
CA VAL F 432 -73.86 48.14 -66.38
C VAL F 432 -75.06 47.26 -66.77
N GLY F 433 -75.23 46.16 -66.05
CA GLY F 433 -76.34 45.26 -66.31
C GLY F 433 -77.62 45.70 -65.65
N ASP F 434 -78.58 46.16 -66.45
CA ASP F 434 -79.86 46.59 -65.91
C ASP F 434 -80.60 45.41 -65.30
N ASN F 435 -81.39 45.69 -64.26
CA ASN F 435 -82.13 44.72 -63.47
C ASN F 435 -81.20 43.76 -62.73
N SER F 436 -79.90 43.98 -62.79
CA SER F 436 -78.93 43.16 -62.07
C SER F 436 -77.88 43.96 -61.32
N ALA F 437 -77.68 45.24 -61.66
CA ALA F 437 -76.72 46.11 -60.97
C ALA F 437 -75.31 45.53 -60.99
N THR F 438 -74.93 44.93 -62.11
CA THR F 438 -73.59 44.38 -62.30
C THR F 438 -72.89 45.16 -63.39
N ALA F 439 -71.74 45.74 -63.07
CA ALA F 439 -70.96 46.51 -64.04
C ALA F 439 -70.14 45.53 -64.87
N GLY F 440 -70.83 44.83 -65.77
CA GLY F 440 -70.21 43.84 -66.63
C GLY F 440 -69.14 44.41 -67.52
N GLN F 441 -67.99 43.74 -67.58
CA GLN F 441 -66.90 44.18 -68.44
C GLN F 441 -67.31 44.03 -69.91
N TYR F 442 -66.84 44.95 -70.75
CA TYR F 442 -67.30 45.00 -72.13
C TYR F 442 -66.19 45.11 -73.17
N ALA F 443 -65.01 45.63 -72.83
CA ALA F 443 -64.00 45.94 -73.85
C ALA F 443 -63.48 44.71 -74.59
N SER F 444 -62.79 43.82 -73.90
CA SER F 444 -62.17 42.67 -74.55
C SER F 444 -62.51 41.34 -73.90
N ALA F 445 -62.55 41.28 -72.57
CA ALA F 445 -62.91 40.04 -71.90
C ALA F 445 -64.39 39.71 -72.08
N ASP F 446 -65.20 40.71 -72.41
CA ASP F 446 -66.59 40.52 -72.84
C ASP F 446 -67.41 39.78 -71.78
N GLY F 447 -67.56 40.44 -70.64
CA GLY F 447 -68.37 39.90 -69.56
C GLY F 447 -67.57 39.32 -68.42
N ALA F 448 -66.56 40.07 -67.96
CA ALA F 448 -65.68 39.58 -66.91
C ALA F 448 -66.16 39.89 -65.50
N LYS F 449 -67.33 40.52 -65.35
CA LYS F 449 -67.92 40.81 -64.04
C LYS F 449 -66.97 41.63 -63.17
N VAL F 450 -66.77 42.88 -63.59
CA VAL F 450 -65.86 43.78 -62.89
C VAL F 450 -66.27 43.93 -61.43
N LEU F 451 -65.31 43.74 -60.54
CA LEU F 451 -65.45 44.04 -59.12
C LEU F 451 -64.53 45.20 -58.75
N VAL F 452 -64.83 45.82 -57.61
CA VAL F 452 -64.02 46.93 -57.13
C VAL F 452 -62.86 46.37 -56.30
N GLY F 453 -61.64 46.67 -56.72
CA GLY F 453 -60.46 46.14 -56.06
C GLY F 453 -60.23 46.78 -54.70
N SER F 454 -59.35 46.12 -53.93
CA SER F 454 -59.04 46.61 -52.59
C SER F 454 -58.33 47.95 -52.61
N ASP F 455 -57.70 48.31 -53.72
CA ASP F 455 -57.02 49.60 -53.84
C ASP F 455 -57.93 50.69 -54.41
N GLY F 456 -59.21 50.41 -54.62
CA GLY F 456 -60.14 51.38 -55.15
C GLY F 456 -60.31 51.36 -56.65
N LYS F 457 -59.55 50.56 -57.37
CA LYS F 457 -59.64 50.48 -58.82
C LYS F 457 -60.48 49.29 -59.25
N LEU F 458 -61.07 49.40 -60.43
CA LEU F 458 -61.87 48.33 -60.99
C LEU F 458 -60.98 47.18 -61.43
N THR F 459 -61.46 45.95 -61.19
CA THR F 459 -60.73 44.77 -61.59
C THR F 459 -61.70 43.62 -61.82
N THR F 460 -61.31 42.70 -62.70
CA THR F 460 -62.13 41.52 -62.96
C THR F 460 -61.90 40.41 -61.94
N GLU F 461 -60.87 40.53 -61.10
CA GLU F 461 -60.61 39.52 -60.10
C GLU F 461 -61.61 39.64 -58.95
N THR F 462 -62.28 38.54 -58.63
CA THR F 462 -63.29 38.57 -57.58
C THR F 462 -62.67 38.66 -56.19
N THR F 463 -61.58 37.94 -55.95
CA THR F 463 -60.97 37.89 -54.63
C THR F 463 -59.78 38.83 -54.57
N SER F 464 -59.09 38.81 -53.43
CA SER F 464 -57.90 39.63 -53.22
C SER F 464 -56.95 38.87 -52.31
N ALA F 465 -55.82 39.49 -52.02
CA ALA F 465 -54.80 38.83 -51.20
C ALA F 465 -55.21 38.78 -49.73
N GLY F 466 -55.35 39.93 -49.09
CA GLY F 466 -55.55 39.99 -47.66
C GLY F 466 -54.27 39.69 -46.91
N ASP F 467 -54.25 40.06 -45.63
CA ASP F 467 -53.05 39.90 -44.82
C ASP F 467 -53.23 38.87 -43.72
N LYS F 468 -54.18 39.07 -42.78
CA LYS F 468 -54.16 38.35 -41.49
C LYS F 468 -55.44 38.67 -40.73
N THR F 469 -55.95 37.69 -40.00
CA THR F 469 -57.10 37.92 -39.12
C THR F 469 -56.58 38.61 -37.86
N THR F 470 -56.98 39.88 -37.68
CA THR F 470 -56.41 40.69 -36.62
C THR F 470 -56.72 40.11 -35.23
N ASP F 471 -57.94 39.65 -35.02
CA ASP F 471 -58.37 39.08 -33.75
C ASP F 471 -58.83 37.65 -34.01
N PRO F 472 -57.91 36.69 -34.01
CA PRO F 472 -58.27 35.32 -34.38
C PRO F 472 -59.24 34.65 -33.42
N LEU F 473 -58.86 34.58 -32.14
CA LEU F 473 -59.70 33.88 -31.17
C LEU F 473 -60.97 34.65 -30.84
N LYS F 474 -60.99 35.97 -31.00
CA LYS F 474 -62.27 36.66 -30.86
C LYS F 474 -63.25 36.23 -31.96
N THR F 475 -62.78 36.13 -33.19
CA THR F 475 -63.63 35.63 -34.27
C THR F 475 -64.04 34.18 -34.01
N LEU F 476 -63.10 33.37 -33.53
CA LEU F 476 -63.41 31.98 -33.20
C LEU F 476 -64.45 31.89 -32.10
N ASP F 477 -64.36 32.75 -31.10
CA ASP F 477 -65.32 32.74 -30.00
C ASP F 477 -66.68 33.22 -30.47
N ALA F 478 -66.71 34.20 -31.38
CA ALA F 478 -67.99 34.62 -31.95
C ALA F 478 -68.64 33.47 -32.73
N ALA F 479 -67.83 32.75 -33.52
CA ALA F 479 -68.35 31.58 -34.23
C ALA F 479 -68.84 30.53 -33.25
N PHE F 480 -68.10 30.32 -32.16
CA PHE F 480 -68.51 29.37 -31.13
C PHE F 480 -69.85 29.77 -30.54
N THR F 481 -70.03 31.05 -30.24
CA THR F 481 -71.28 31.52 -29.66
C THR F 481 -72.44 31.32 -30.62
N LYS F 482 -72.25 31.64 -31.90
CA LYS F 482 -73.32 31.44 -32.86
C LYS F 482 -73.69 29.96 -33.00
N LEU F 483 -72.67 29.11 -33.12
CA LEU F 483 -72.91 27.68 -33.27
C LEU F 483 -73.59 27.11 -32.03
N ASP F 484 -73.15 27.53 -30.84
CA ASP F 484 -73.78 27.06 -29.61
C ASP F 484 -75.19 27.58 -29.46
N LYS F 485 -75.46 28.80 -29.96
CA LYS F 485 -76.81 29.33 -29.94
C LYS F 485 -77.73 28.44 -30.77
N LEU F 486 -77.31 28.10 -31.99
CA LEU F 486 -78.14 27.24 -32.81
C LEU F 486 -78.26 25.84 -32.23
N THR F 487 -77.17 25.29 -31.68
CA THR F 487 -77.23 23.96 -31.10
C THR F 487 -78.17 23.93 -29.89
N GLY F 488 -78.13 24.96 -29.05
CA GLY F 488 -79.03 25.02 -27.92
C GLY F 488 -80.47 25.21 -28.35
N GLU F 489 -80.72 25.99 -29.40
CA GLU F 489 -82.08 26.14 -29.88
C GLU F 489 -82.63 24.81 -30.40
N LEU F 490 -81.82 24.07 -31.16
CA LEU F 490 -82.24 22.75 -31.61
C LEU F 490 -82.42 21.78 -30.44
N GLY F 491 -81.59 21.86 -29.41
CA GLY F 491 -81.79 21.00 -28.26
C GLY F 491 -83.10 21.30 -27.54
N ALA F 492 -83.40 22.59 -27.37
CA ALA F 492 -84.66 22.98 -26.75
C ALA F 492 -85.85 22.49 -27.56
N VAL F 493 -85.78 22.66 -28.89
CA VAL F 493 -86.90 22.21 -29.71
C VAL F 493 -87.00 20.70 -29.69
N GLN F 494 -85.87 19.99 -29.57
CA GLN F 494 -85.91 18.54 -29.48
C GLN F 494 -86.60 18.08 -28.20
N ASN F 495 -86.26 18.70 -27.07
CA ASN F 495 -86.93 18.36 -25.82
C ASN F 495 -88.42 18.66 -25.91
N ARG F 496 -88.78 19.83 -26.46
CA ARG F 496 -90.18 20.20 -26.52
C ARG F 496 -90.94 19.28 -27.47
N LEU F 497 -90.29 18.82 -28.54
CA LEU F 497 -90.90 17.84 -29.43
C LEU F 497 -91.13 16.51 -28.73
N GLU F 498 -90.17 16.07 -27.89
CA GLU F 498 -90.41 14.84 -27.13
C GLU F 498 -91.61 15.01 -26.19
N SER F 499 -91.71 16.18 -25.57
CA SER F 499 -92.88 16.46 -24.74
C SER F 499 -94.16 16.43 -25.56
N THR F 500 -94.12 16.95 -26.78
CA THR F 500 -95.28 16.87 -27.65
C THR F 500 -95.63 15.42 -27.97
N ILE F 501 -94.62 14.57 -28.19
CA ILE F 501 -94.89 13.15 -28.42
C ILE F 501 -95.65 12.56 -27.24
N ALA F 502 -95.15 12.79 -26.03
CA ALA F 502 -95.80 12.21 -24.86
C ALA F 502 -97.22 12.75 -24.68
N ASN F 503 -97.39 14.06 -24.83
CA ASN F 503 -98.72 14.65 -24.66
C ASN F 503 -99.69 14.15 -25.72
N LEU F 504 -99.24 14.07 -26.97
CA LEU F 504 -100.08 13.57 -28.04
C LEU F 504 -100.49 12.13 -27.78
N ASN F 505 -99.54 11.30 -27.30
CA ASN F 505 -99.90 9.93 -26.96
C ASN F 505 -100.96 9.87 -25.88
N ASN F 506 -100.80 10.68 -24.82
CA ASN F 506 -101.79 10.68 -23.75
C ASN F 506 -103.17 11.09 -24.26
N VAL F 507 -103.22 12.16 -25.08
CA VAL F 507 -104.50 12.62 -25.59
C VAL F 507 -105.10 11.58 -26.53
N VAL F 508 -104.27 10.91 -27.32
CA VAL F 508 -104.77 9.88 -28.22
C VAL F 508 -105.42 8.74 -27.44
N ASN F 509 -104.73 8.27 -26.40
CA ASN F 509 -105.29 7.18 -25.60
C ASN F 509 -106.59 7.60 -24.92
N ASN F 510 -106.61 8.79 -24.33
CA ASN F 510 -107.82 9.26 -23.67
C ASN F 510 -108.97 9.43 -24.66
N LEU F 511 -108.68 9.94 -25.86
CA LEU F 511 -109.72 10.10 -26.86
C LEU F 511 -110.21 8.76 -27.39
N SER F 512 -109.32 7.78 -27.50
CA SER F 512 -109.74 6.44 -27.89
C SER F 512 -110.67 5.85 -26.84
N SER F 513 -110.35 6.04 -25.57
CA SER F 513 -111.25 5.60 -24.50
C SER F 513 -112.59 6.32 -24.58
N ALA F 514 -112.56 7.63 -24.87
CA ALA F 514 -113.79 8.39 -25.00
C ALA F 514 -114.65 7.87 -26.14
N ARG F 515 -114.02 7.57 -27.28
CA ARG F 515 -114.75 6.97 -28.39
C ARG F 515 -115.32 5.62 -28.02
N SER F 516 -114.55 4.82 -27.27
CA SER F 516 -115.03 3.52 -26.83
C SER F 516 -116.27 3.67 -25.97
N ARG F 517 -116.30 4.67 -25.10
CA ARG F 517 -117.41 4.84 -24.19
C ARG F 517 -118.75 5.03 -24.90
N ILE F 518 -118.74 5.50 -26.14
CA ILE F 518 -119.97 5.78 -26.86
C ILE F 518 -120.14 4.97 -28.13
N GLN F 519 -119.13 4.21 -28.56
CA GLN F 519 -119.18 3.54 -29.85
C GLN F 519 -119.26 2.03 -29.71
N ASP F 520 -118.36 1.41 -28.95
CA ASP F 520 -118.28 -0.04 -28.92
C ASP F 520 -119.42 -0.64 -28.11
N ALA F 521 -119.58 -1.95 -28.27
CA ALA F 521 -120.69 -2.68 -27.66
C ALA F 521 -120.21 -3.43 -26.41
N ASP F 522 -121.03 -3.38 -25.37
CA ASP F 522 -120.80 -4.15 -24.15
C ASP F 522 -121.20 -5.59 -24.42
N TYR F 523 -120.21 -6.44 -24.73
CA TYR F 523 -120.52 -7.80 -25.18
C TYR F 523 -121.30 -8.61 -24.15
N ALA F 524 -121.13 -8.31 -22.86
CA ALA F 524 -121.97 -8.98 -21.88
C ALA F 524 -123.44 -8.66 -22.11
N THR F 525 -123.77 -7.36 -22.18
CA THR F 525 -125.14 -6.96 -22.41
C THR F 525 -125.63 -7.39 -23.78
N GLU F 526 -124.77 -7.28 -24.80
CA GLU F 526 -125.19 -7.62 -26.15
C GLU F 526 -125.49 -9.12 -26.27
N VAL F 527 -124.65 -9.96 -25.67
CA VAL F 527 -124.90 -11.40 -25.71
C VAL F 527 -126.13 -11.74 -24.89
N SER F 528 -126.34 -11.06 -23.76
CA SER F 528 -127.57 -11.27 -23.00
C SER F 528 -128.79 -10.94 -23.85
N ASN F 529 -128.74 -9.82 -24.58
CA ASN F 529 -129.85 -9.45 -25.44
C ASN F 529 -130.04 -10.45 -26.57
N MET F 530 -128.95 -10.97 -27.14
CA MET F 530 -129.07 -11.96 -28.20
C MET F 530 -129.74 -13.23 -27.68
N SER F 531 -129.30 -13.73 -26.52
CA SER F 531 -129.91 -14.92 -25.96
C SER F 531 -131.37 -14.70 -25.63
N LYS F 532 -131.69 -13.54 -25.04
CA LYS F 532 -133.07 -13.21 -24.74
C LYS F 532 -133.92 -13.16 -26.01
N ALA F 533 -133.39 -12.54 -27.07
CA ALA F 533 -134.14 -12.45 -28.30
C ALA F 533 -134.35 -13.81 -28.93
N GLN F 534 -133.37 -14.70 -28.82
CA GLN F 534 -133.56 -16.06 -29.30
C GLN F 534 -134.66 -16.78 -28.52
N ILE F 535 -134.69 -16.60 -27.20
CA ILE F 535 -135.74 -17.22 -26.41
C ILE F 535 -137.10 -16.67 -26.84
N LEU F 536 -137.18 -15.35 -27.02
CA LEU F 536 -138.43 -14.76 -27.51
C LEU F 536 -138.81 -15.30 -28.88
N GLN F 537 -137.83 -15.52 -29.75
CA GLN F 537 -138.14 -16.04 -31.08
C GLN F 537 -138.74 -17.44 -31.01
N GLN F 538 -138.10 -18.33 -30.24
CA GLN F 538 -138.63 -19.68 -30.13
C GLN F 538 -139.98 -19.70 -29.44
N ALA F 539 -140.15 -18.89 -28.38
CA ALA F 539 -141.44 -18.79 -27.74
C ALA F 539 -142.50 -18.23 -28.67
N GLY F 540 -142.13 -17.24 -29.49
CA GLY F 540 -143.09 -16.64 -30.40
C GLY F 540 -143.52 -17.60 -31.49
N THR F 541 -142.57 -18.35 -32.06
CA THR F 541 -142.96 -19.31 -33.08
C THR F 541 -143.79 -20.45 -32.48
N SER F 542 -143.49 -20.86 -31.25
CA SER F 542 -144.30 -21.89 -30.61
C SER F 542 -145.71 -21.40 -30.33
N VAL F 543 -145.83 -20.19 -29.77
CA VAL F 543 -147.15 -19.67 -29.45
C VAL F 543 -147.94 -19.39 -30.72
N LEU F 544 -147.26 -18.97 -31.80
CA LEU F 544 -147.94 -18.83 -33.08
C LEU F 544 -148.41 -20.17 -33.62
N ALA F 545 -147.61 -21.22 -33.46
CA ALA F 545 -148.04 -22.55 -33.85
C ALA F 545 -149.32 -22.94 -33.12
N GLN F 546 -149.32 -22.82 -31.79
CA GLN F 546 -150.55 -23.06 -31.03
C GLN F 546 -151.67 -22.09 -31.37
N ALA F 547 -151.36 -20.90 -31.87
CA ALA F 547 -152.42 -19.97 -32.26
C ALA F 547 -153.06 -20.37 -33.58
N ASN F 548 -152.32 -21.06 -34.45
CA ASN F 548 -152.87 -21.43 -35.75
C ASN F 548 -153.97 -22.48 -35.64
N GLN F 549 -153.96 -23.33 -34.61
CA GLN F 549 -155.03 -24.30 -34.46
C GLN F 549 -156.16 -23.82 -33.56
N VAL F 550 -156.17 -22.55 -33.18
CA VAL F 550 -157.34 -21.99 -32.49
C VAL F 550 -158.60 -22.18 -33.33
N PRO F 551 -158.62 -21.92 -34.64
CA PRO F 551 -159.83 -22.21 -35.42
C PRO F 551 -160.05 -23.69 -35.68
N GLN F 552 -159.09 -24.56 -35.39
CA GLN F 552 -159.30 -25.99 -35.60
C GLN F 552 -160.46 -26.51 -34.75
N THR F 553 -160.61 -26.00 -33.53
CA THR F 553 -161.73 -26.41 -32.69
C THR F 553 -163.06 -26.09 -33.35
N VAL F 554 -163.11 -25.03 -34.16
CA VAL F 554 -164.30 -24.75 -34.95
C VAL F 554 -164.55 -25.89 -35.93
N LEU F 555 -163.48 -26.45 -36.51
CA LEU F 555 -163.64 -27.53 -37.46
C LEU F 555 -163.79 -28.84 -36.69
N SER F 556 -164.70 -28.85 -35.72
CA SER F 556 -165.15 -30.08 -35.08
C SER F 556 -166.65 -30.26 -35.23
N LEU F 557 -167.44 -29.25 -34.84
CA LEU F 557 -168.86 -29.26 -35.10
C LEU F 557 -169.10 -28.94 -36.57
N LEU F 558 -170.04 -29.67 -37.18
CA LEU F 558 -170.30 -29.52 -38.60
C LEU F 558 -171.76 -29.81 -38.93
N ALA G 2 -132.94 -35.17 -58.31
CA ALA G 2 -134.14 -34.57 -57.74
C ALA G 2 -134.47 -35.22 -56.39
N ALA G 3 -135.38 -36.19 -56.42
CA ALA G 3 -135.78 -36.93 -55.22
C ALA G 3 -135.34 -38.39 -55.30
N VAL G 4 -134.15 -38.64 -55.83
CA VAL G 4 -133.66 -40.01 -56.00
C VAL G 4 -133.00 -40.47 -54.70
N ILE G 5 -133.12 -41.76 -54.41
CA ILE G 5 -132.54 -42.36 -53.22
C ILE G 5 -131.44 -43.35 -53.57
N ASN G 6 -131.59 -44.07 -54.69
CA ASN G 6 -130.67 -45.17 -55.01
C ASN G 6 -129.23 -44.67 -55.11
N THR G 7 -129.01 -43.61 -55.88
CA THR G 7 -127.68 -43.03 -56.08
C THR G 7 -127.70 -41.57 -55.68
N ASN G 8 -126.79 -41.18 -54.81
CA ASN G 8 -126.63 -39.79 -54.39
C ASN G 8 -125.34 -39.26 -54.99
N TYR G 9 -125.48 -38.46 -56.05
CA TYR G 9 -124.31 -37.93 -56.75
C TYR G 9 -123.47 -37.03 -55.86
N LEU G 10 -124.13 -36.26 -54.99
CA LEU G 10 -123.40 -35.34 -54.11
C LEU G 10 -122.48 -36.08 -53.17
N SER G 11 -122.92 -37.23 -52.66
CA SER G 11 -122.05 -38.03 -51.81
C SER G 11 -120.81 -38.46 -52.55
N LEU G 12 -120.97 -38.89 -53.81
CA LEU G 12 -119.81 -39.30 -54.60
C LEU G 12 -118.85 -38.14 -54.83
N VAL G 13 -119.39 -36.95 -55.11
CA VAL G 13 -118.54 -35.78 -55.29
C VAL G 13 -117.76 -35.48 -54.03
N ALA G 14 -118.44 -35.53 -52.87
CA ALA G 14 -117.78 -35.27 -51.61
C ALA G 14 -116.69 -36.29 -51.33
N GLN G 15 -116.97 -37.57 -51.61
CA GLN G 15 -115.96 -38.60 -51.40
C GLN G 15 -114.74 -38.38 -52.28
N ASN G 16 -114.94 -38.00 -53.55
CA ASN G 16 -113.80 -37.79 -54.43
C ASN G 16 -112.97 -36.59 -53.96
N ASN G 17 -113.62 -35.49 -53.58
CA ASN G 17 -112.86 -34.33 -53.13
C ASN G 17 -112.14 -34.63 -51.82
N LEU G 18 -112.77 -35.40 -50.93
CA LEU G 18 -112.10 -35.83 -49.71
C LEU G 18 -110.89 -36.70 -50.03
N ASN G 19 -110.99 -37.54 -51.05
CA ASN G 19 -109.85 -38.36 -51.46
C ASN G 19 -108.71 -37.49 -51.98
N LYS G 20 -109.03 -36.47 -52.76
CA LYS G 20 -107.99 -35.56 -53.22
C LYS G 20 -107.30 -34.87 -52.05
N SER G 21 -108.09 -34.37 -51.10
CA SER G 21 -107.52 -33.71 -49.94
C SER G 21 -106.66 -34.67 -49.12
N GLN G 22 -107.12 -35.92 -48.96
CA GLN G 22 -106.37 -36.90 -48.19
C GLN G 22 -105.07 -37.26 -48.89
N SER G 23 -105.08 -37.35 -50.22
CA SER G 23 -103.84 -37.60 -50.94
C SER G 23 -102.85 -36.47 -50.74
N SER G 24 -103.32 -35.22 -50.81
CA SER G 24 -102.44 -34.09 -50.56
C SER G 24 -101.90 -34.13 -49.13
N LEU G 25 -102.75 -34.47 -48.16
CA LEU G 25 -102.32 -34.58 -46.78
C LEU G 25 -101.27 -35.67 -46.62
N GLY G 26 -101.46 -36.79 -47.30
CA GLY G 26 -100.50 -37.88 -47.21
C GLY G 26 -99.14 -37.49 -47.76
N THR G 27 -99.13 -36.82 -48.92
CA THR G 27 -97.85 -36.36 -49.47
C THR G 27 -97.19 -35.35 -48.53
N ALA G 28 -97.97 -34.44 -47.95
CA ALA G 28 -97.40 -33.47 -47.03
C ALA G 28 -96.82 -34.15 -45.80
N ILE G 29 -97.54 -35.13 -45.26
CA ILE G 29 -97.08 -35.82 -44.05
C ILE G 29 -95.82 -36.63 -44.34
N GLU G 30 -95.77 -37.29 -45.50
CA GLU G 30 -94.58 -38.03 -45.87
C GLU G 30 -93.38 -37.10 -46.03
N ARG G 31 -93.60 -35.94 -46.65
CA ARG G 31 -92.53 -34.97 -46.81
C ARG G 31 -92.04 -34.47 -45.46
N LEU G 32 -92.96 -34.20 -44.53
CA LEU G 32 -92.55 -33.74 -43.21
C LEU G 32 -91.77 -34.80 -42.45
N SER G 33 -92.30 -36.03 -42.41
CA SER G 33 -91.65 -37.09 -41.66
C SER G 33 -90.28 -37.42 -42.23
N SER G 34 -90.21 -37.66 -43.54
CA SER G 34 -88.94 -37.98 -44.16
C SER G 34 -87.99 -36.78 -44.15
N GLY G 35 -88.52 -35.58 -44.37
CA GLY G 35 -87.70 -34.41 -44.51
C GLY G 35 -87.16 -34.17 -45.90
N LEU G 36 -87.48 -35.04 -46.85
CA LEU G 36 -87.01 -34.91 -48.23
C LEU G 36 -88.21 -34.59 -49.12
N ARG G 37 -88.17 -33.46 -49.81
CA ARG G 37 -89.27 -33.10 -50.70
C ARG G 37 -89.40 -34.11 -51.83
N ILE G 38 -88.26 -34.50 -52.43
CA ILE G 38 -88.25 -35.49 -53.50
C ILE G 38 -88.00 -36.86 -52.87
N ASN G 39 -89.08 -37.47 -52.41
CA ASN G 39 -89.08 -38.84 -51.94
C ASN G 39 -90.12 -39.61 -52.74
N SER G 40 -89.86 -40.90 -52.95
CA SER G 40 -90.75 -41.71 -53.79
C SER G 40 -90.86 -41.12 -55.19
N ALA G 41 -89.79 -41.33 -55.96
CA ALA G 41 -89.42 -40.57 -57.16
C ALA G 41 -90.59 -40.17 -58.05
N LYS G 42 -91.74 -40.83 -57.92
CA LYS G 42 -92.96 -40.34 -58.56
C LYS G 42 -93.14 -38.84 -58.38
N ASP G 43 -92.60 -38.27 -57.30
CA ASP G 43 -92.57 -36.83 -57.11
C ASP G 43 -91.26 -36.29 -57.71
N ASP G 44 -91.37 -35.59 -58.83
CA ASP G 44 -90.23 -34.92 -59.48
C ASP G 44 -89.14 -35.94 -59.79
N ALA G 45 -89.45 -36.78 -60.80
CA ALA G 45 -88.60 -37.93 -61.10
C ALA G 45 -87.18 -37.51 -61.45
N ALA G 46 -87.02 -36.49 -62.29
CA ALA G 46 -85.69 -36.03 -62.66
C ALA G 46 -84.94 -35.47 -61.46
N GLY G 47 -85.68 -34.85 -60.54
CA GLY G 47 -85.05 -34.29 -59.36
C GLY G 47 -84.35 -35.35 -58.51
N MET G 48 -84.98 -36.52 -58.37
CA MET G 48 -84.35 -37.57 -57.57
C MET G 48 -83.11 -38.13 -58.27
N ALA G 49 -83.14 -38.21 -59.60
CA ALA G 49 -81.93 -38.64 -60.31
C ALA G 49 -80.79 -37.65 -60.11
N ILE G 50 -81.10 -36.35 -60.19
CA ILE G 50 -80.06 -35.34 -59.99
C ILE G 50 -79.56 -35.35 -58.56
N ALA G 51 -80.47 -35.55 -57.60
CA ALA G 51 -80.07 -35.63 -56.20
C ALA G 51 -79.24 -36.87 -55.93
N ASN G 52 -79.57 -37.98 -56.60
CA ASN G 52 -78.76 -39.19 -56.48
C ASN G 52 -77.34 -38.95 -56.99
N ARG G 53 -77.22 -38.29 -58.14
CA ARG G 53 -75.90 -37.96 -58.65
C ARG G 53 -75.16 -37.04 -57.69
N PHE G 54 -75.87 -36.07 -57.10
CA PHE G 54 -75.24 -35.16 -56.15
C PHE G 54 -74.77 -35.90 -54.90
N THR G 55 -75.57 -36.83 -54.39
CA THR G 55 -75.17 -37.60 -53.21
C THR G 55 -73.96 -38.44 -53.50
N ALA G 56 -73.96 -39.12 -54.65
CA ALA G 56 -72.78 -39.92 -55.02
C ALA G 56 -71.55 -39.04 -55.13
N ASN G 57 -71.69 -37.87 -55.75
CA ASN G 57 -70.56 -36.98 -55.91
C ASN G 57 -70.05 -36.48 -54.56
N VAL G 58 -70.95 -36.09 -53.66
CA VAL G 58 -70.53 -35.49 -52.40
C VAL G 58 -69.88 -36.55 -51.51
N ARG G 59 -70.43 -37.76 -51.48
CA ARG G 59 -69.79 -38.82 -50.71
C ARG G 59 -68.42 -39.17 -51.29
N GLY G 60 -68.32 -39.22 -52.62
CA GLY G 60 -67.02 -39.46 -53.23
C GLY G 60 -66.00 -38.40 -52.86
N LEU G 61 -66.41 -37.13 -52.89
CA LEU G 61 -65.48 -36.06 -52.52
C LEU G 61 -65.11 -36.09 -51.03
N THR G 62 -66.04 -36.44 -50.15
CA THR G 62 -65.67 -36.57 -48.74
C THR G 62 -64.66 -37.69 -48.54
N GLN G 63 -64.90 -38.85 -49.17
CA GLN G 63 -63.95 -39.93 -49.05
C GLN G 63 -62.61 -39.56 -49.69
N ALA G 64 -62.65 -38.76 -50.75
CA ALA G 64 -61.44 -38.26 -51.37
C ALA G 64 -60.69 -37.32 -50.44
N ALA G 65 -61.41 -36.49 -49.68
CA ALA G 65 -60.76 -35.65 -48.69
C ALA G 65 -60.07 -36.49 -47.63
N ARG G 66 -60.72 -37.58 -47.21
CA ARG G 66 -60.07 -38.48 -46.27
C ARG G 66 -58.81 -39.10 -46.88
N ASN G 67 -58.87 -39.49 -48.16
CA ASN G 67 -57.70 -40.03 -48.83
C ASN G 67 -56.58 -38.99 -48.91
N ALA G 68 -56.93 -37.75 -49.20
CA ALA G 68 -55.93 -36.70 -49.26
C ALA G 68 -55.31 -36.43 -47.89
N ASN G 69 -56.10 -36.52 -46.83
CA ASN G 69 -55.54 -36.42 -45.49
C ASN G 69 -54.55 -37.54 -45.22
N ASP G 70 -54.88 -38.76 -45.65
CA ASP G 70 -53.94 -39.87 -45.53
C ASP G 70 -52.66 -39.61 -46.31
N GLY G 71 -52.78 -39.04 -47.51
CA GLY G 71 -51.59 -38.66 -48.26
C GLY G 71 -50.76 -37.61 -47.55
N ILE G 72 -51.42 -36.64 -46.93
CA ILE G 72 -50.70 -35.62 -46.17
C ILE G 72 -49.91 -36.27 -45.04
N SER G 73 -50.54 -37.20 -44.33
CA SER G 73 -49.85 -37.85 -43.22
C SER G 73 -48.69 -38.71 -43.72
N LEU G 74 -48.87 -39.41 -44.83
CA LEU G 74 -47.77 -40.20 -45.40
C LEU G 74 -46.60 -39.30 -45.78
N ALA G 75 -46.90 -38.16 -46.41
CA ALA G 75 -45.84 -37.20 -46.73
C ALA G 75 -45.17 -36.70 -45.47
N GLN G 76 -45.94 -36.52 -44.40
CA GLN G 76 -45.36 -36.06 -43.13
C GLN G 76 -44.39 -37.08 -42.55
N THR G 77 -44.76 -38.36 -42.58
CA THR G 77 -43.85 -39.39 -42.08
C THR G 77 -42.57 -39.44 -42.92
N THR G 78 -42.71 -39.40 -44.24
CA THR G 78 -41.53 -39.40 -45.10
C THR G 78 -40.67 -38.17 -44.84
N GLU G 79 -41.32 -37.02 -44.61
CA GLU G 79 -40.60 -35.78 -44.34
C GLU G 79 -39.82 -35.89 -43.03
N GLY G 80 -40.43 -36.46 -41.99
CA GLY G 80 -39.71 -36.62 -40.73
C GLY G 80 -38.51 -37.53 -40.87
N ALA G 81 -38.69 -38.66 -41.56
CA ALA G 81 -37.57 -39.56 -41.78
C ALA G 81 -36.45 -38.87 -42.55
N ALA G 82 -36.80 -38.14 -43.61
CA ALA G 82 -35.79 -37.44 -44.39
C ALA G 82 -35.11 -36.35 -43.57
N SER G 83 -35.85 -35.69 -42.68
CA SER G 83 -35.24 -34.68 -41.82
C SER G 83 -34.22 -35.32 -40.90
N GLU G 84 -34.52 -36.51 -40.37
CA GLU G 84 -33.53 -37.17 -39.53
C GLU G 84 -32.31 -37.60 -40.34
N VAL G 85 -32.52 -38.06 -41.58
CA VAL G 85 -31.40 -38.36 -42.45
C VAL G 85 -30.55 -37.11 -42.66
N ASN G 86 -31.20 -35.96 -42.81
CA ASN G 86 -30.48 -34.70 -42.98
C ASN G 86 -29.65 -34.37 -41.73
N THR G 87 -30.25 -34.54 -40.56
CA THR G 87 -29.51 -34.28 -39.32
C THR G 87 -28.31 -35.19 -39.21
N HIS G 88 -28.43 -36.44 -39.67
CA HIS G 88 -27.27 -37.31 -39.75
C HIS G 88 -26.22 -36.73 -40.69
N LEU G 89 -26.63 -36.42 -41.93
CA LEU G 89 -25.68 -35.98 -42.94
C LEU G 89 -24.89 -34.76 -42.47
N GLN G 90 -25.51 -33.89 -41.67
CA GLN G 90 -24.76 -32.77 -41.10
C GLN G 90 -23.62 -33.30 -40.22
N ARG G 91 -23.90 -34.31 -39.40
CA ARG G 91 -22.86 -34.83 -38.51
C ARG G 91 -21.75 -35.54 -39.29
N ILE G 92 -22.12 -36.33 -40.30
CA ILE G 92 -21.10 -36.94 -41.15
C ILE G 92 -20.24 -35.88 -41.82
N ARG G 93 -20.86 -34.80 -42.31
CA ARG G 93 -20.07 -33.75 -42.96
C ARG G 93 -19.14 -33.08 -41.98
N GLU G 94 -19.62 -32.76 -40.78
CA GLU G 94 -18.77 -32.12 -39.78
C GLU G 94 -17.60 -33.02 -39.40
N LEU G 95 -17.87 -34.30 -39.19
CA LEU G 95 -16.78 -35.23 -38.84
C LEU G 95 -15.82 -35.42 -39.99
N THR G 96 -16.30 -35.39 -41.23
CA THR G 96 -15.41 -35.48 -42.37
C THR G 96 -14.50 -34.26 -42.44
N VAL G 97 -15.04 -33.08 -42.18
CA VAL G 97 -14.21 -31.88 -42.12
C VAL G 97 -13.17 -32.01 -41.01
N GLN G 98 -13.59 -32.57 -39.87
CA GLN G 98 -12.65 -32.76 -38.77
C GLN G 98 -11.52 -33.70 -39.14
N ALA G 99 -11.87 -34.87 -39.67
CA ALA G 99 -10.87 -35.90 -39.96
C ALA G 99 -10.04 -35.58 -41.18
N SER G 100 -10.51 -34.67 -42.05
CA SER G 100 -9.70 -34.26 -43.19
C SER G 100 -8.43 -33.54 -42.75
N ASN G 101 -8.39 -33.04 -41.53
CA ASN G 101 -7.17 -32.46 -40.98
C ASN G 101 -6.12 -33.56 -40.82
N GLY G 102 -4.88 -33.25 -41.19
CA GLY G 102 -3.83 -34.24 -41.15
C GLY G 102 -3.17 -34.42 -39.80
N SER G 103 -3.50 -33.59 -38.82
CA SER G 103 -2.85 -33.70 -37.51
C SER G 103 -3.25 -34.99 -36.79
N TYR G 104 -4.47 -35.46 -36.99
CA TYR G 104 -4.94 -36.65 -36.31
C TYR G 104 -4.20 -37.88 -36.82
N SER G 105 -3.80 -38.76 -35.90
CA SER G 105 -3.11 -39.98 -36.28
C SER G 105 -4.12 -41.00 -36.80
N GLN G 106 -3.60 -42.17 -37.19
CA GLN G 106 -4.44 -43.15 -37.89
C GLN G 106 -5.53 -43.70 -36.97
N GLU G 107 -5.21 -43.90 -35.69
CA GLU G 107 -6.19 -44.48 -34.78
C GLU G 107 -7.39 -43.58 -34.58
N GLN G 108 -7.17 -42.27 -34.47
CA GLN G 108 -8.29 -41.36 -34.29
C GLN G 108 -9.14 -41.24 -35.54
N LEU G 109 -8.52 -41.29 -36.72
CA LEU G 109 -9.30 -41.39 -37.94
C LEU G 109 -10.09 -42.69 -37.99
N ASP G 110 -9.53 -43.75 -37.41
CA ASP G 110 -10.26 -45.02 -37.34
C ASP G 110 -11.50 -44.88 -36.45
N SER G 111 -11.36 -44.19 -35.32
CA SER G 111 -12.53 -43.95 -34.46
C SER G 111 -13.56 -43.09 -35.17
N VAL G 112 -13.10 -42.06 -35.90
CA VAL G 112 -14.01 -41.21 -36.65
C VAL G 112 -14.75 -42.04 -37.69
N GLN G 113 -14.04 -42.89 -38.42
CA GLN G 113 -14.68 -43.71 -39.44
C GLN G 113 -15.61 -44.74 -38.82
N GLY G 114 -15.30 -45.21 -37.61
CA GLY G 114 -16.25 -46.06 -36.91
C GLY G 114 -17.55 -45.35 -36.60
N GLU G 115 -17.45 -44.11 -36.12
CA GLU G 115 -18.67 -43.33 -35.89
C GLU G 115 -19.42 -43.09 -37.19
N ILE G 116 -18.70 -42.78 -38.27
CA ILE G 116 -19.33 -42.52 -39.55
C ILE G 116 -20.02 -43.77 -40.07
N ASN G 117 -19.38 -44.93 -39.93
CA ASN G 117 -20.01 -46.19 -40.32
C ASN G 117 -21.26 -46.44 -39.51
N GLN G 118 -21.22 -46.12 -38.21
CA GLN G 118 -22.40 -46.27 -37.39
C GLN G 118 -23.54 -45.37 -37.89
N ARG G 119 -23.21 -44.13 -38.25
CA ARG G 119 -24.22 -43.21 -38.75
C ARG G 119 -24.80 -43.69 -40.08
N LEU G 120 -23.94 -44.20 -40.98
CA LEU G 120 -24.43 -44.73 -42.25
C LEU G 120 -25.32 -45.93 -42.04
N ALA G 121 -24.95 -46.80 -41.10
CA ALA G 121 -25.81 -47.93 -40.76
C ALA G 121 -27.15 -47.44 -40.23
N ASP G 122 -27.14 -46.34 -39.47
CA ASP G 122 -28.40 -45.78 -38.99
C ASP G 122 -29.24 -45.25 -40.14
N ILE G 123 -28.60 -44.62 -41.13
CA ILE G 123 -29.32 -44.12 -42.30
C ILE G 123 -29.96 -45.29 -43.04
N ASP G 124 -29.21 -46.38 -43.22
CA ASP G 124 -29.76 -47.56 -43.87
C ASP G 124 -30.90 -48.15 -43.07
N ARG G 125 -30.76 -48.16 -41.73
CA ARG G 125 -31.85 -48.62 -40.88
C ARG G 125 -33.08 -47.77 -41.06
N ILE G 126 -32.90 -46.45 -41.10
CA ILE G 126 -34.03 -45.53 -41.27
C ILE G 126 -34.74 -45.83 -42.59
N SER G 127 -33.96 -46.06 -43.65
CA SER G 127 -34.56 -46.37 -44.94
C SER G 127 -35.33 -47.68 -44.89
N GLU G 128 -34.74 -48.72 -44.30
CA GLU G 128 -35.35 -50.04 -44.36
C GLU G 128 -36.45 -50.26 -43.33
N GLN G 129 -36.57 -49.39 -42.32
CA GLN G 129 -37.55 -49.60 -41.27
C GLN G 129 -38.58 -48.48 -41.14
N THR G 130 -38.45 -47.39 -41.90
CA THR G 130 -39.51 -46.39 -41.92
C THR G 130 -40.74 -47.00 -42.56
N ASP G 131 -41.85 -46.98 -41.84
CA ASP G 131 -43.04 -47.70 -42.24
C ASP G 131 -44.27 -46.80 -42.14
N PHE G 132 -45.27 -47.10 -42.96
CA PHE G 132 -46.55 -46.41 -42.90
C PHE G 132 -47.60 -47.36 -43.47
N ASN G 133 -48.41 -47.94 -42.60
CA ASN G 133 -49.49 -48.86 -43.01
C ASN G 133 -48.93 -50.01 -43.84
N GLY G 134 -47.79 -50.56 -43.41
CA GLY G 134 -47.20 -51.67 -44.12
C GLY G 134 -46.49 -51.30 -45.40
N VAL G 135 -46.31 -50.01 -45.68
CA VAL G 135 -45.60 -49.55 -46.86
C VAL G 135 -44.34 -48.85 -46.40
N LYS G 136 -43.18 -49.42 -46.72
CA LYS G 136 -41.90 -48.83 -46.37
C LYS G 136 -41.66 -47.67 -47.33
N VAL G 137 -42.15 -46.49 -46.94
CA VAL G 137 -42.21 -45.36 -47.86
C VAL G 137 -40.81 -44.91 -48.27
N LEU G 138 -39.89 -44.81 -47.31
CA LEU G 138 -38.54 -44.33 -47.60
C LEU G 138 -37.58 -45.50 -47.76
N SER G 139 -37.89 -46.41 -48.68
CA SER G 139 -37.11 -47.63 -48.77
C SER G 139 -36.64 -47.94 -50.18
N ASP G 140 -35.99 -49.09 -50.36
CA ASP G 140 -35.52 -49.50 -51.67
C ASP G 140 -36.66 -49.97 -52.58
N SER G 141 -37.81 -50.30 -52.01
CA SER G 141 -38.97 -50.75 -52.76
C SER G 141 -40.15 -49.86 -52.37
N ALA G 142 -40.26 -48.72 -53.04
CA ALA G 142 -41.35 -47.78 -52.76
C ALA G 142 -41.69 -47.07 -54.08
N LYS G 143 -42.67 -47.62 -54.78
CA LYS G 143 -43.13 -46.99 -56.00
C LYS G 143 -44.03 -45.80 -55.67
N PRO G 144 -44.06 -44.80 -56.54
CA PRO G 144 -44.93 -43.63 -56.28
C PRO G 144 -46.40 -44.05 -56.17
N LEU G 145 -47.12 -43.35 -55.31
CA LEU G 145 -48.50 -43.70 -54.99
C LEU G 145 -49.46 -43.00 -55.95
N THR G 146 -50.76 -43.18 -55.72
CA THR G 146 -51.78 -42.58 -56.57
C THR G 146 -52.61 -41.54 -55.83
N LEU G 147 -53.27 -41.93 -54.74
CA LEU G 147 -54.06 -41.02 -53.90
C LEU G 147 -55.14 -40.30 -54.71
N GLN G 148 -56.10 -41.09 -55.18
CA GLN G 148 -57.22 -40.53 -55.92
C GLN G 148 -57.95 -39.48 -55.10
N VAL G 149 -58.19 -38.33 -55.71
CA VAL G 149 -58.91 -37.22 -55.08
C VAL G 149 -60.07 -36.84 -56.00
N GLY G 150 -61.27 -37.25 -55.63
CA GLY G 150 -62.46 -36.95 -56.40
C GLY G 150 -63.11 -38.22 -56.92
N ALA G 151 -64.38 -38.13 -57.30
CA ALA G 151 -65.05 -39.24 -57.97
C ALA G 151 -64.60 -39.23 -59.44
N ASN G 152 -65.21 -40.09 -60.25
CA ASN G 152 -64.90 -40.16 -61.69
C ASN G 152 -63.41 -40.43 -61.90
N ASP G 153 -63.01 -41.64 -61.50
CA ASP G 153 -61.61 -42.03 -61.44
C ASP G 153 -60.89 -41.72 -62.75
N GLY G 154 -59.57 -41.54 -62.64
CA GLY G 154 -58.76 -41.11 -63.75
C GLY G 154 -57.80 -40.04 -63.29
N GLU G 155 -57.98 -39.61 -62.04
CA GLU G 155 -57.13 -38.60 -61.42
C GLU G 155 -56.37 -39.21 -60.26
N THR G 156 -55.11 -38.82 -60.13
CA THR G 156 -54.27 -39.26 -59.02
C THR G 156 -53.44 -38.07 -58.57
N ILE G 157 -52.73 -38.26 -57.45
CA ILE G 157 -51.69 -37.34 -57.01
C ILE G 157 -50.46 -38.20 -56.78
N THR G 158 -49.62 -38.33 -57.80
CA THR G 158 -48.48 -39.23 -57.73
C THR G 158 -47.40 -38.62 -56.85
N LEU G 159 -46.82 -39.43 -55.96
CA LEU G 159 -45.95 -38.90 -54.91
C LEU G 159 -44.48 -38.84 -55.30
N ASN G 160 -43.96 -39.86 -55.97
CA ASN G 160 -42.54 -39.96 -56.33
C ASN G 160 -41.65 -39.88 -55.08
N LEU G 161 -41.81 -40.87 -54.21
CA LEU G 161 -40.99 -40.99 -53.02
C LEU G 161 -40.29 -42.35 -53.04
N SER G 162 -38.96 -42.35 -52.93
CA SER G 162 -38.17 -43.57 -52.84
C SER G 162 -36.70 -43.20 -52.69
N GLU G 163 -35.91 -44.18 -52.24
CA GLU G 163 -34.46 -44.19 -52.37
C GLU G 163 -33.80 -42.99 -51.69
N ILE G 164 -33.92 -42.96 -50.36
CA ILE G 164 -33.05 -42.14 -49.52
C ILE G 164 -32.35 -43.10 -48.56
N SER G 165 -31.08 -43.40 -48.83
CA SER G 165 -30.32 -44.38 -48.07
C SER G 165 -28.89 -44.46 -48.59
N VAL G 166 -28.08 -45.31 -47.98
CA VAL G 166 -26.87 -45.75 -48.66
C VAL G 166 -27.31 -46.62 -49.84
N LYS G 167 -26.40 -46.77 -50.80
CA LYS G 167 -26.64 -47.50 -52.06
C LYS G 167 -27.52 -46.66 -52.98
N THR G 168 -27.98 -45.50 -52.49
CA THR G 168 -28.65 -44.54 -53.35
C THR G 168 -28.24 -43.09 -53.14
N LEU G 169 -27.69 -42.72 -51.98
CA LEU G 169 -27.17 -41.35 -51.84
C LEU G 169 -25.80 -41.18 -52.45
N GLY G 170 -25.10 -42.26 -52.78
CA GLY G 170 -23.86 -42.19 -53.50
C GLY G 170 -22.61 -42.34 -52.65
N LEU G 171 -22.70 -42.16 -51.33
CA LEU G 171 -21.52 -42.30 -50.50
C LEU G 171 -20.99 -43.72 -50.62
N ASP G 172 -21.73 -44.68 -50.08
CA ASP G 172 -21.68 -46.09 -50.43
C ASP G 172 -20.36 -46.75 -50.07
N GLY G 173 -19.35 -45.93 -49.77
CA GLY G 173 -18.04 -46.41 -49.40
C GLY G 173 -17.36 -45.45 -48.46
N PHE G 174 -18.15 -44.69 -47.68
CA PHE G 174 -17.66 -43.44 -47.16
C PHE G 174 -16.53 -43.67 -46.17
N ASN G 175 -15.31 -43.60 -46.69
CA ASN G 175 -14.11 -44.00 -45.98
C ASN G 175 -13.21 -42.79 -45.79
N VAL G 176 -12.91 -42.46 -44.54
CA VAL G 176 -12.00 -41.36 -44.23
C VAL G 176 -10.65 -41.85 -43.75
N ASN G 177 -10.52 -43.14 -43.45
CA ASN G 177 -9.27 -43.79 -43.12
C ASN G 177 -8.98 -44.84 -44.19
N GLY G 178 -8.00 -45.69 -43.94
CA GLY G 178 -7.53 -46.58 -44.98
C GLY G 178 -8.40 -47.79 -45.28
N LYS G 179 -9.32 -48.18 -44.40
CA LYS G 179 -9.92 -49.52 -44.56
C LYS G 179 -10.99 -49.55 -45.64
N GLY G 180 -12.07 -48.78 -45.47
CA GLY G 180 -13.16 -48.76 -46.44
C GLY G 180 -13.76 -50.13 -46.77
N VAL G 181 -14.58 -50.12 -47.81
CA VAL G 181 -15.19 -51.33 -48.35
C VAL G 181 -15.72 -51.01 -49.75
N THR G 182 -15.54 -51.97 -50.67
CA THR G 182 -16.03 -51.83 -52.03
C THR G 182 -16.54 -53.19 -52.49
N GLN G 183 -17.82 -53.27 -52.80
CA GLN G 183 -18.39 -54.51 -53.31
C GLN G 183 -18.01 -54.72 -54.78
N ASN G 184 -17.67 -55.95 -55.12
CA ASN G 184 -17.31 -56.29 -56.49
C ASN G 184 -18.58 -56.48 -57.32
N ARG G 185 -18.42 -56.99 -58.54
CA ARG G 185 -19.55 -57.27 -59.42
C ARG G 185 -19.58 -58.75 -59.77
N SER G 186 -20.78 -59.28 -59.92
CA SER G 186 -20.94 -60.69 -60.28
C SER G 186 -20.35 -60.96 -61.64
N ALA G 187 -19.58 -62.03 -61.74
CA ALA G 187 -18.96 -62.39 -63.01
C ALA G 187 -20.01 -62.93 -63.98
N THR G 188 -19.74 -62.75 -65.26
CA THR G 188 -20.61 -63.22 -66.34
C THR G 188 -19.87 -64.24 -67.19
N VAL G 189 -20.58 -64.80 -68.17
CA VAL G 189 -19.95 -65.74 -69.09
C VAL G 189 -18.90 -65.03 -69.94
N THR G 190 -19.13 -63.77 -70.29
CA THR G 190 -18.11 -63.02 -71.02
C THR G 190 -16.85 -62.84 -70.18
N ASP G 191 -17.01 -62.61 -68.87
CA ASP G 191 -15.85 -62.44 -68.01
C ASP G 191 -15.01 -63.71 -67.96
N VAL G 192 -15.64 -64.86 -67.80
CA VAL G 192 -14.88 -66.11 -67.75
C VAL G 192 -14.28 -66.43 -69.11
N ILE G 193 -15.00 -66.12 -70.20
CA ILE G 193 -14.44 -66.31 -71.53
C ILE G 193 -13.19 -65.46 -71.72
N ALA G 194 -13.17 -64.26 -71.12
CA ALA G 194 -11.97 -63.42 -71.19
C ALA G 194 -10.75 -64.12 -70.60
N GLN G 195 -10.95 -65.08 -69.70
CA GLN G 195 -9.83 -65.85 -69.16
C GLN G 195 -9.25 -66.85 -70.15
N GLY G 196 -9.97 -67.14 -71.24
CA GLY G 196 -9.47 -68.03 -72.27
C GLY G 196 -9.59 -69.51 -71.98
N GLY G 197 -10.30 -69.90 -70.93
CA GLY G 197 -10.49 -71.30 -70.62
C GLY G 197 -11.56 -71.93 -71.50
N THR G 198 -11.79 -73.22 -71.24
CA THR G 198 -12.73 -74.01 -72.02
C THR G 198 -14.08 -74.10 -71.30
N LEU G 199 -15.14 -74.22 -72.10
CA LEU G 199 -16.50 -74.27 -71.59
C LEU G 199 -17.14 -75.59 -71.99
N GLN G 200 -18.00 -76.11 -71.11
CA GLN G 200 -18.59 -77.42 -71.31
C GLN G 200 -20.09 -77.41 -71.05
N GLY G 201 -20.69 -78.60 -70.95
CA GLY G 201 -22.13 -78.68 -70.79
C GLY G 201 -22.62 -78.05 -69.51
N ASP G 202 -23.91 -77.70 -69.51
CA ASP G 202 -24.56 -76.97 -68.42
C ASP G 202 -23.93 -75.62 -68.19
N GLY G 203 -23.14 -75.13 -69.15
CA GLY G 203 -22.40 -73.90 -68.97
C GLY G 203 -21.17 -74.03 -68.09
N THR G 204 -20.82 -75.25 -67.68
CA THR G 204 -19.64 -75.45 -66.87
C THR G 204 -18.40 -74.99 -67.63
N TYR G 205 -17.57 -74.21 -66.96
CA TYR G 205 -16.44 -73.55 -67.61
C TYR G 205 -15.17 -73.87 -66.82
N LYS G 206 -14.05 -73.89 -67.53
CA LYS G 206 -12.77 -74.32 -66.97
C LYS G 206 -11.81 -73.13 -66.95
N ALA G 207 -11.84 -72.36 -65.85
CA ALA G 207 -10.99 -71.21 -65.69
C ALA G 207 -9.71 -71.63 -64.95
N THR G 208 -8.56 -71.33 -65.54
CA THR G 208 -7.27 -71.74 -64.99
C THR G 208 -6.60 -70.51 -64.39
N THR G 209 -6.83 -70.30 -63.10
CA THR G 209 -6.21 -69.18 -62.40
C THR G 209 -4.74 -69.47 -62.12
N THR G 210 -3.89 -68.50 -62.44
CA THR G 210 -2.47 -68.60 -62.16
C THR G 210 -2.18 -68.15 -60.73
N PHE G 211 -1.00 -68.51 -60.23
CA PHE G 211 -0.66 -68.27 -58.84
C PHE G 211 0.79 -67.82 -58.67
N ASN G 212 1.37 -67.22 -59.71
CA ASN G 212 2.77 -66.80 -59.65
C ASN G 212 2.99 -65.83 -58.49
N ALA G 213 3.69 -66.29 -57.46
CA ALA G 213 3.81 -65.57 -56.21
C ALA G 213 5.07 -66.06 -55.50
N ALA G 214 5.15 -65.78 -54.19
CA ALA G 214 6.29 -66.15 -53.36
C ALA G 214 7.54 -65.38 -53.76
N SER G 215 7.39 -64.06 -53.93
CA SER G 215 8.51 -63.19 -54.19
C SER G 215 9.22 -62.86 -52.88
N ALA G 216 10.17 -61.92 -52.94
CA ALA G 216 11.03 -61.66 -51.79
C ALA G 216 10.26 -61.03 -50.63
N GLU G 217 9.31 -60.14 -50.93
CA GLU G 217 8.65 -59.39 -49.88
C GLU G 217 7.80 -60.26 -48.96
N THR G 218 7.32 -61.40 -49.44
CA THR G 218 6.47 -62.25 -48.62
C THR G 218 7.24 -63.36 -47.91
N VAL G 219 8.35 -63.83 -48.50
CA VAL G 219 9.11 -64.90 -47.86
C VAL G 219 9.83 -64.39 -46.62
N LEU G 220 10.38 -63.16 -46.69
CA LEU G 220 11.13 -62.63 -45.56
C LEU G 220 10.23 -62.39 -44.34
N SER G 221 8.91 -62.37 -44.54
CA SER G 221 8.01 -62.29 -43.40
C SER G 221 8.08 -63.53 -42.53
N LYS G 222 8.34 -64.69 -43.14
CA LYS G 222 8.51 -65.96 -42.44
C LYS G 222 9.95 -66.41 -42.65
N LEU G 223 10.86 -65.94 -41.78
CA LEU G 223 12.26 -66.26 -41.95
C LEU G 223 12.97 -66.23 -40.59
N GLU G 224 13.67 -67.33 -40.30
CA GLU G 224 14.56 -67.40 -39.14
C GLU G 224 15.91 -68.02 -39.45
N ASP G 225 16.03 -68.84 -40.49
CA ASP G 225 17.27 -69.50 -40.84
C ASP G 225 18.06 -68.61 -41.80
N GLY G 226 19.09 -69.17 -42.44
CA GLY G 226 20.00 -68.37 -43.23
C GLY G 226 19.43 -67.95 -44.57
N ASN G 227 20.06 -66.93 -45.13
CA ASN G 227 19.74 -66.37 -46.44
C ASN G 227 21.03 -66.18 -47.21
N THR G 228 20.94 -66.26 -48.54
CA THR G 228 22.13 -66.12 -49.36
C THR G 228 21.78 -65.51 -50.70
N VAL G 229 22.75 -64.80 -51.28
CA VAL G 229 22.65 -64.22 -52.62
C VAL G 229 23.95 -64.52 -53.36
N ALA G 230 23.86 -64.60 -54.68
CA ALA G 230 25.03 -64.87 -55.50
C ALA G 230 24.73 -64.47 -56.95
N VAL G 231 25.72 -63.89 -57.62
CA VAL G 231 25.58 -63.42 -58.98
C VAL G 231 26.50 -64.24 -59.88
N GLY G 232 25.92 -64.84 -60.92
CA GLY G 232 26.65 -65.60 -61.91
C GLY G 232 27.66 -66.58 -61.33
N GLY G 233 28.92 -66.45 -61.74
CA GLY G 233 30.01 -67.20 -61.19
C GLY G 233 30.82 -66.48 -60.13
N GLY G 234 30.33 -65.35 -59.62
CA GLY G 234 31.05 -64.57 -58.64
C GLY G 234 30.90 -65.14 -57.23
N ALA G 235 31.36 -64.34 -56.27
CA ALA G 235 31.33 -64.74 -54.88
C ALA G 235 29.88 -64.84 -54.38
N THR G 236 29.67 -65.71 -53.40
CA THR G 236 28.35 -65.93 -52.81
C THR G 236 28.35 -65.41 -51.38
N TYR G 237 27.38 -64.56 -51.07
CA TYR G 237 27.27 -63.91 -49.76
C TYR G 237 26.03 -64.39 -49.04
N THR G 238 26.18 -64.75 -47.78
CA THR G 238 25.11 -65.33 -46.98
C THR G 238 24.66 -64.37 -45.90
N TYR G 239 23.47 -64.66 -45.35
CA TYR G 239 22.85 -63.84 -44.32
C TYR G 239 22.20 -64.76 -43.29
N ASP G 240 21.74 -64.16 -42.19
CA ASP G 240 20.99 -64.89 -41.19
C ASP G 240 20.21 -63.91 -40.32
N ALA G 241 18.89 -63.97 -40.38
CA ALA G 241 18.03 -63.04 -39.65
C ALA G 241 18.06 -63.38 -38.16
N ALA G 242 18.82 -62.61 -37.39
CA ALA G 242 18.93 -62.80 -35.95
C ALA G 242 18.55 -61.50 -35.24
N LYS G 243 17.52 -61.56 -34.40
CA LYS G 243 17.05 -60.42 -33.63
C LYS G 243 16.74 -59.22 -34.51
N GLY G 244 16.07 -59.47 -35.64
CA GLY G 244 15.70 -58.42 -36.56
C GLY G 244 16.79 -57.93 -37.47
N ASN G 245 17.98 -58.52 -37.42
CA ASN G 245 19.10 -58.13 -38.25
C ASN G 245 19.72 -59.35 -38.89
N PHE G 246 20.33 -59.14 -40.07
CA PHE G 246 20.95 -60.22 -40.82
C PHE G 246 22.45 -60.18 -40.61
N THR G 247 23.02 -61.32 -40.22
CA THR G 247 24.45 -61.42 -39.92
C THR G 247 25.24 -61.54 -41.21
N TYR G 248 25.28 -60.43 -41.94
CA TYR G 248 26.10 -60.36 -43.15
C TYR G 248 27.57 -60.48 -42.80
N THR G 249 28.27 -61.29 -43.58
CA THR G 249 29.71 -61.46 -43.45
C THR G 249 30.35 -60.91 -44.72
N LYS G 250 30.98 -59.73 -44.61
CA LYS G 250 31.62 -59.11 -45.76
C LYS G 250 32.91 -59.87 -46.03
N THR G 251 32.81 -60.92 -46.84
CA THR G 251 33.95 -61.75 -47.18
C THR G 251 34.62 -61.19 -48.43
N VAL G 252 35.85 -60.73 -48.28
CA VAL G 252 36.59 -60.20 -49.42
C VAL G 252 36.83 -61.30 -50.43
N ASP G 253 36.60 -60.99 -51.71
CA ASP G 253 36.76 -61.93 -52.80
C ASP G 253 38.16 -62.55 -52.76
N THR G 254 38.33 -63.73 -53.36
CA THR G 254 39.61 -64.41 -53.28
C THR G 254 40.35 -64.40 -54.62
N THR G 255 39.79 -65.05 -55.65
CA THR G 255 40.27 -64.99 -57.03
C THR G 255 41.79 -64.87 -57.17
N VAL G 256 42.55 -65.66 -56.41
CA VAL G 256 44.00 -65.51 -56.37
C VAL G 256 44.67 -66.87 -56.35
N GLY G 257 45.76 -66.99 -57.11
CA GLY G 257 46.69 -68.10 -56.99
C GLY G 257 47.90 -67.65 -56.18
N ALA G 258 48.97 -67.28 -56.87
CA ALA G 258 50.16 -66.76 -56.21
C ALA G 258 50.16 -65.24 -56.12
N ASP G 259 49.16 -64.56 -56.69
CA ASP G 259 49.12 -63.10 -56.68
C ASP G 259 48.37 -62.61 -55.44
N VAL G 260 49.01 -62.82 -54.29
CA VAL G 260 48.40 -62.46 -53.02
C VAL G 260 48.10 -60.97 -52.92
N THR G 261 48.78 -60.14 -53.72
CA THR G 261 48.63 -58.70 -53.61
C THR G 261 47.20 -58.23 -53.88
N ALA G 262 46.40 -59.03 -54.58
CA ALA G 262 45.04 -58.62 -54.87
C ALA G 262 44.21 -58.48 -53.59
N LEU G 263 44.35 -59.43 -52.67
CA LEU G 263 43.64 -59.34 -51.41
C LEU G 263 44.08 -58.12 -50.60
N ALA G 264 45.39 -57.88 -50.54
CA ALA G 264 45.89 -56.73 -49.80
C ALA G 264 45.41 -55.43 -50.41
N ASN G 265 45.43 -55.32 -51.74
CA ASN G 265 44.98 -54.11 -52.42
C ASN G 265 43.47 -53.97 -52.42
N LYS G 266 42.73 -55.04 -52.11
CA LYS G 266 41.29 -54.92 -51.92
C LYS G 266 40.92 -54.55 -50.50
N ILE G 267 41.68 -55.00 -49.51
CA ILE G 267 41.38 -54.68 -48.12
C ILE G 267 41.99 -53.36 -47.68
N LYS G 268 43.07 -52.91 -48.31
CA LYS G 268 43.70 -51.64 -47.93
C LYS G 268 42.78 -50.44 -48.09
N PRO G 269 42.04 -50.26 -49.19
CA PRO G 269 41.18 -49.08 -49.30
C PRO G 269 40.10 -49.01 -48.23
N SER G 270 39.76 -50.13 -47.59
CA SER G 270 38.81 -50.09 -46.49
C SER G 270 39.34 -49.25 -45.34
N SER G 271 40.67 -49.15 -45.20
CA SER G 271 41.30 -48.30 -44.21
C SER G 271 42.49 -47.58 -44.81
N GLY G 272 42.37 -47.14 -46.06
CA GLY G 272 43.47 -46.56 -46.79
C GLY G 272 43.78 -45.12 -46.42
N THR G 273 44.12 -44.88 -45.17
CA THR G 273 44.50 -43.54 -44.70
C THR G 273 45.34 -43.72 -43.44
N ILE G 274 46.16 -42.71 -43.14
CA ILE G 274 47.00 -42.75 -41.95
C ILE G 274 46.09 -42.70 -40.72
N SER G 275 46.16 -43.74 -39.89
CA SER G 275 45.37 -43.84 -38.68
C SER G 275 46.26 -44.35 -37.56
N GLY G 276 45.67 -44.62 -36.40
CA GLY G 276 46.41 -45.08 -35.25
C GLY G 276 45.58 -46.02 -34.42
N SER G 277 46.21 -46.53 -33.36
CA SER G 277 45.57 -47.47 -32.42
C SER G 277 45.08 -48.72 -33.13
N TYR G 278 45.73 -49.10 -34.22
CA TYR G 278 45.38 -50.34 -34.90
C TYR G 278 45.65 -51.54 -34.00
N GLU G 279 44.78 -52.54 -34.12
CA GLU G 279 44.91 -53.80 -33.39
C GLU G 279 45.36 -54.86 -34.37
N ILE G 280 46.59 -55.33 -34.21
CA ILE G 280 47.18 -56.35 -35.08
C ILE G 280 47.18 -57.65 -34.30
N SER G 281 46.21 -58.50 -34.55
CA SER G 281 46.08 -59.79 -33.86
C SER G 281 46.40 -60.89 -34.86
N THR G 282 47.70 -61.18 -35.02
CA THR G 282 48.17 -62.27 -35.85
C THR G 282 48.62 -63.43 -34.96
N GLY G 283 49.14 -64.47 -35.60
CA GLY G 283 49.60 -65.62 -34.85
C GLY G 283 48.45 -66.29 -34.13
N LYS G 284 48.49 -66.27 -32.80
CA LYS G 284 47.39 -66.81 -32.01
C LYS G 284 46.82 -65.81 -31.01
N SER G 285 47.66 -65.06 -30.31
CA SER G 285 47.21 -64.15 -29.26
C SER G 285 48.04 -62.86 -29.30
N ALA G 286 48.22 -62.30 -30.49
CA ALA G 286 49.04 -61.11 -30.65
C ALA G 286 48.49 -59.94 -29.84
N SER G 287 47.29 -59.47 -30.21
CA SER G 287 46.64 -58.35 -29.53
C SER G 287 47.57 -57.13 -29.44
N PHE G 288 48.11 -56.74 -30.58
CA PHE G 288 48.99 -55.57 -30.64
C PHE G 288 48.19 -54.27 -30.61
N ASP G 289 48.91 -53.18 -30.34
CA ASP G 289 48.37 -51.82 -30.38
C ASP G 289 49.34 -51.00 -31.22
N VAL G 290 49.03 -50.83 -32.51
CA VAL G 290 49.99 -50.39 -33.50
C VAL G 290 49.49 -49.12 -34.18
N ASP G 291 50.41 -48.20 -34.43
CA ASP G 291 50.13 -47.01 -35.24
C ASP G 291 50.59 -47.26 -36.68
N ALA G 292 49.93 -46.60 -37.62
CA ALA G 292 50.23 -46.80 -39.04
C ALA G 292 50.15 -45.46 -39.77
N ALA G 293 51.31 -44.96 -40.21
CA ALA G 293 51.39 -43.78 -41.06
C ALA G 293 51.85 -44.18 -42.45
N GLY G 294 51.37 -45.33 -42.92
CA GLY G 294 51.92 -46.01 -44.07
C GLY G 294 52.96 -47.05 -43.73
N LYS G 295 53.57 -46.96 -42.54
CA LYS G 295 54.50 -47.94 -42.03
C LYS G 295 54.01 -48.42 -40.67
N ILE G 296 54.09 -49.73 -40.43
CA ILE G 296 53.58 -50.30 -39.20
C ILE G 296 54.55 -49.97 -38.06
N THR G 297 54.05 -49.27 -37.05
CA THR G 297 54.85 -48.89 -35.89
C THR G 297 54.03 -49.02 -34.63
N ILE G 298 54.63 -49.61 -33.59
CA ILE G 298 54.02 -49.63 -32.27
C ILE G 298 54.50 -48.40 -31.52
N GLY G 299 53.78 -48.04 -30.47
CA GLY G 299 54.02 -46.77 -29.79
C GLY G 299 55.43 -46.62 -29.27
N GLY G 300 56.20 -45.75 -29.92
CA GLY G 300 57.57 -45.50 -29.54
C GLY G 300 58.61 -46.44 -30.11
N ASN G 301 58.23 -47.34 -31.03
CA ASN G 301 59.18 -48.30 -31.57
C ASN G 301 58.91 -48.46 -33.07
N ALA G 302 59.61 -49.41 -33.69
CA ALA G 302 59.56 -49.59 -35.14
C ALA G 302 58.66 -50.73 -35.58
N ALA G 303 58.55 -51.80 -34.79
CA ALA G 303 57.62 -52.91 -35.04
C ALA G 303 57.87 -53.56 -36.40
N PHE G 304 59.04 -54.19 -36.51
CA PHE G 304 59.37 -54.97 -37.70
C PHE G 304 58.54 -56.25 -37.74
N LEU G 305 58.69 -57.00 -38.83
CA LEU G 305 58.03 -58.28 -39.03
C LEU G 305 59.03 -59.30 -39.55
N ASN G 306 58.95 -60.52 -39.03
CA ASN G 306 59.88 -61.57 -39.46
C ASN G 306 59.20 -62.92 -39.28
N ALA G 307 60.00 -63.98 -39.25
CA ALA G 307 59.53 -65.36 -39.08
C ALA G 307 58.60 -65.78 -40.22
N ASP G 308 59.15 -65.77 -41.43
CA ASP G 308 58.40 -66.23 -42.59
C ASP G 308 57.94 -67.67 -42.40
N GLY G 309 56.70 -67.93 -42.79
CA GLY G 309 56.04 -69.20 -42.53
C GLY G 309 55.20 -69.16 -41.26
N GLU G 310 55.67 -68.43 -40.25
CA GLU G 310 54.92 -68.17 -39.03
C GLU G 310 54.43 -66.74 -38.95
N LEU G 311 55.24 -65.77 -39.39
CA LEU G 311 54.80 -64.41 -39.67
C LEU G 311 54.22 -63.73 -38.43
N THR G 312 55.09 -63.49 -37.46
CA THR G 312 54.76 -62.69 -36.28
C THR G 312 55.42 -61.32 -36.39
N THR G 313 54.80 -60.33 -35.76
CA THR G 313 55.31 -58.96 -35.80
C THR G 313 56.57 -58.89 -34.94
N ASN G 314 57.73 -58.99 -35.61
CA ASN G 314 59.02 -59.07 -34.92
C ASN G 314 59.58 -57.68 -34.72
N ASP G 315 59.07 -56.98 -33.71
CA ASP G 315 59.58 -55.66 -33.39
C ASP G 315 61.02 -55.71 -32.89
N ALA G 316 61.52 -56.89 -32.54
CA ALA G 316 62.96 -57.10 -32.36
C ALA G 316 63.50 -57.74 -33.62
N SER G 317 64.56 -57.15 -34.17
CA SER G 317 65.05 -57.55 -35.48
C SER G 317 65.62 -58.98 -35.46
N GLY G 318 65.40 -59.70 -36.55
CA GLY G 318 65.93 -61.04 -36.70
C GLY G 318 66.61 -61.27 -38.04
N ALA G 319 67.23 -60.23 -38.59
CA ALA G 319 67.98 -60.22 -39.84
C ALA G 319 67.12 -60.36 -41.09
N LEU G 320 65.81 -60.57 -40.95
CA LEU G 320 64.92 -60.74 -42.10
C LEU G 320 63.65 -59.92 -41.91
N THR G 321 63.82 -58.66 -41.50
CA THR G 321 62.69 -57.82 -41.12
C THR G 321 62.34 -56.84 -42.23
N GLN G 322 61.05 -56.52 -42.33
CA GLN G 322 60.52 -55.63 -43.36
C GLN G 322 59.88 -54.39 -42.78
N ALA G 323 58.97 -54.53 -41.82
CA ALA G 323 58.32 -53.40 -41.14
C ALA G 323 57.58 -52.48 -42.10
N THR G 324 56.54 -53.02 -42.73
CA THR G 324 55.68 -52.22 -43.60
C THR G 324 54.27 -52.78 -43.59
N LEU G 325 53.31 -51.91 -43.96
CA LEU G 325 51.89 -52.24 -43.82
C LEU G 325 51.46 -53.34 -44.77
N ASP G 326 51.80 -53.22 -46.06
CA ASP G 326 51.31 -54.18 -47.04
C ASP G 326 51.86 -55.59 -46.77
N ASP G 327 53.10 -55.67 -46.31
CA ASP G 327 53.63 -56.97 -45.90
C ASP G 327 52.84 -57.54 -44.74
N VAL G 328 52.36 -56.69 -43.83
CA VAL G 328 51.52 -57.16 -42.74
C VAL G 328 50.20 -57.69 -43.28
N LEU G 329 49.56 -56.93 -44.17
CA LEU G 329 48.26 -57.36 -44.71
C LEU G 329 48.37 -58.68 -45.46
N THR G 330 49.42 -58.83 -46.27
CA THR G 330 49.66 -60.14 -46.88
C THR G 330 50.01 -61.17 -45.83
N SER G 331 50.60 -60.74 -44.71
CA SER G 331 51.07 -61.65 -43.69
C SER G 331 49.94 -62.12 -42.77
N VAL G 332 49.05 -61.20 -42.38
CA VAL G 332 48.05 -61.51 -41.35
C VAL G 332 46.95 -62.38 -41.93
N GLY G 333 47.06 -63.69 -41.70
CA GLY G 333 46.05 -64.64 -42.13
C GLY G 333 45.75 -64.66 -43.60
N THR G 334 46.43 -63.81 -44.37
CA THR G 334 46.24 -63.79 -45.80
C THR G 334 47.15 -64.79 -46.49
N GLU G 335 48.31 -65.08 -45.90
CA GLU G 335 49.22 -66.09 -46.44
C GLU G 335 49.47 -67.23 -45.48
N ALA G 336 49.94 -66.96 -44.26
CA ALA G 336 50.43 -68.04 -43.39
C ALA G 336 49.95 -67.86 -41.95
N ASN G 337 48.70 -67.46 -41.77
CA ASN G 337 48.09 -67.44 -40.44
C ASN G 337 46.63 -67.86 -40.55
N SER G 338 46.09 -68.33 -39.44
CA SER G 338 44.73 -68.85 -39.38
C SER G 338 43.97 -68.21 -38.24
N SER G 339 42.71 -67.83 -38.51
CA SER G 339 41.81 -67.28 -37.51
C SER G 339 42.40 -66.07 -36.82
N VAL G 340 43.05 -65.20 -37.61
CA VAL G 340 43.65 -63.97 -37.10
C VAL G 340 42.94 -62.79 -37.76
N THR G 341 43.22 -61.60 -37.25
CA THR G 341 42.50 -60.42 -37.69
C THR G 341 43.31 -59.17 -37.41
N ILE G 342 42.89 -58.08 -38.05
CA ILE G 342 43.34 -56.73 -37.72
C ILE G 342 42.15 -55.98 -37.15
N GLY G 343 42.29 -55.52 -35.92
CA GLY G 343 41.27 -54.74 -35.25
C GLY G 343 41.54 -53.25 -35.36
N GLY G 344 41.08 -52.53 -34.34
CA GLY G 344 41.28 -51.09 -34.30
C GLY G 344 40.41 -50.35 -35.30
N THR G 345 40.07 -49.10 -34.99
CA THR G 345 39.25 -48.24 -35.87
C THR G 345 37.94 -48.94 -36.21
N LYS G 346 37.41 -49.70 -35.25
CA LYS G 346 36.11 -50.35 -35.34
C LYS G 346 35.99 -51.22 -36.60
N TYR G 347 36.81 -52.27 -36.62
CA TYR G 347 36.63 -53.36 -37.57
C TYR G 347 37.47 -54.53 -37.07
N SER G 348 37.24 -55.70 -37.67
CA SER G 348 38.04 -56.89 -37.37
C SER G 348 38.10 -57.72 -38.65
N HIS G 349 39.16 -57.52 -39.43
CA HIS G 349 39.32 -58.21 -40.71
C HIS G 349 39.87 -59.61 -40.45
N SER G 350 38.99 -60.49 -40.00
CA SER G 350 39.37 -61.86 -39.68
C SER G 350 39.75 -62.61 -40.95
N ALA G 351 40.60 -63.62 -40.78
CA ALA G 351 41.06 -64.45 -41.89
C ALA G 351 40.40 -65.82 -41.78
N ALA G 352 39.47 -66.11 -42.69
CA ALA G 352 38.84 -67.42 -42.70
C ALA G 352 39.79 -68.51 -43.17
N ASP G 353 40.71 -68.17 -44.07
CA ASP G 353 41.63 -69.16 -44.62
C ASP G 353 42.98 -68.51 -44.86
N GLU G 354 44.02 -69.34 -45.01
CA GLU G 354 45.36 -68.90 -45.32
C GLU G 354 45.76 -69.38 -46.72
N LEU G 355 46.59 -68.59 -47.39
CA LEU G 355 46.99 -68.85 -48.77
C LEU G 355 48.30 -69.63 -48.75
N SER G 356 48.20 -70.92 -49.04
CA SER G 356 49.39 -71.73 -49.31
C SER G 356 49.86 -71.60 -50.75
N TYR G 357 49.33 -70.61 -51.48
CA TYR G 357 49.57 -70.32 -52.89
C TYR G 357 48.98 -71.39 -53.80
N THR G 358 48.42 -72.46 -53.26
CA THR G 358 47.56 -73.38 -53.99
C THR G 358 46.13 -73.34 -53.49
N ALA G 359 45.93 -73.57 -52.19
CA ALA G 359 44.64 -73.28 -51.57
C ALA G 359 44.53 -71.78 -51.31
N VAL G 360 43.36 -71.22 -51.56
CA VAL G 360 43.18 -69.77 -51.63
C VAL G 360 42.64 -69.27 -50.30
N ALA G 361 43.07 -68.08 -49.91
CA ALA G 361 42.69 -67.47 -48.65
C ALA G 361 41.65 -66.37 -48.86
N THR G 362 41.19 -65.80 -47.75
CA THR G 362 40.29 -64.66 -47.78
C THR G 362 40.28 -64.00 -46.41
N THR G 363 40.36 -62.68 -46.40
CA THR G 363 40.15 -61.89 -45.19
C THR G 363 38.70 -61.48 -45.14
N ALA G 364 38.09 -61.58 -43.96
CA ALA G 364 36.68 -61.27 -43.83
C ALA G 364 36.43 -60.54 -42.52
N ASP G 365 35.58 -59.54 -42.58
CA ASP G 365 35.11 -58.83 -41.40
C ASP G 365 33.60 -58.99 -41.32
N VAL G 366 33.10 -59.40 -40.16
CA VAL G 366 31.66 -59.54 -39.98
C VAL G 366 31.15 -58.17 -39.60
N LEU G 367 30.85 -57.34 -40.61
CA LEU G 367 30.40 -55.98 -40.36
C LEU G 367 29.05 -55.95 -39.67
N SER G 368 28.27 -57.02 -39.75
CA SER G 368 26.88 -57.08 -39.34
C SER G 368 26.03 -56.02 -40.02
N ALA G 369 26.57 -55.37 -41.05
CA ALA G 369 25.81 -54.40 -41.82
C ALA G 369 24.74 -55.12 -42.63
N MET G 370 23.97 -54.35 -43.40
CA MET G 370 22.94 -54.88 -44.27
C MET G 370 21.87 -55.62 -43.47
N GLY G 371 21.87 -55.39 -42.15
CA GLY G 371 21.09 -56.22 -41.26
C GLY G 371 19.59 -56.06 -41.39
N SER G 372 19.13 -54.83 -41.61
CA SER G 372 17.69 -54.57 -41.61
C SER G 372 17.01 -55.35 -42.72
N SER G 373 15.94 -56.08 -42.35
CA SER G 373 15.25 -56.90 -43.34
C SER G 373 14.60 -56.04 -44.41
N THR G 374 14.28 -54.79 -44.09
CA THR G 374 13.74 -53.89 -45.10
C THR G 374 14.75 -53.63 -46.21
N ALA G 375 16.02 -53.41 -45.85
CA ALA G 375 17.06 -53.25 -46.86
C ALA G 375 17.33 -54.56 -47.57
N VAL G 376 17.25 -55.68 -46.85
CA VAL G 376 17.47 -56.98 -47.48
C VAL G 376 16.45 -57.22 -48.58
N SER G 377 15.17 -56.93 -48.28
CA SER G 377 14.13 -57.08 -49.29
C SER G 377 14.41 -56.20 -50.50
N THR G 378 14.78 -54.94 -50.27
CA THR G 378 14.98 -54.01 -51.38
C THR G 378 16.13 -54.45 -52.27
N VAL G 379 17.24 -54.86 -51.66
CA VAL G 379 18.39 -55.27 -52.46
C VAL G 379 18.11 -56.57 -53.20
N THR G 380 17.49 -57.55 -52.54
CA THR G 380 17.13 -58.77 -53.25
C THR G 380 15.96 -58.54 -54.20
N LEU G 381 15.22 -57.43 -54.04
CA LEU G 381 14.19 -57.04 -55.00
C LEU G 381 14.82 -56.11 -56.04
N GLY G 382 15.62 -56.72 -56.91
CA GLY G 382 16.31 -55.97 -57.94
C GLY G 382 17.82 -56.04 -57.84
N SER G 383 18.42 -56.79 -58.77
CA SER G 383 19.87 -56.96 -58.82
C SER G 383 20.25 -57.18 -60.29
N GLY G 384 21.43 -57.71 -60.52
CA GLY G 384 21.87 -58.00 -61.87
C GLY G 384 21.53 -59.43 -62.24
N ILE G 385 22.54 -60.30 -62.23
CA ILE G 385 22.32 -61.73 -62.41
C ILE G 385 22.31 -62.45 -61.05
N THR G 386 22.06 -61.71 -59.97
CA THR G 386 22.12 -62.24 -58.61
C THR G 386 20.84 -63.00 -58.31
N SER G 387 20.92 -64.33 -58.34
CA SER G 387 19.80 -65.19 -57.99
C SER G 387 19.95 -65.59 -56.52
N ALA G 388 19.04 -65.10 -55.69
CA ALA G 388 19.13 -65.31 -54.25
C ALA G 388 18.63 -66.70 -53.89
N ALA G 389 18.68 -67.01 -52.59
CA ALA G 389 18.18 -68.26 -52.07
C ALA G 389 17.98 -68.12 -50.57
N VAL G 390 16.86 -68.63 -50.06
CA VAL G 390 16.52 -68.52 -48.65
C VAL G 390 16.04 -69.86 -48.11
N THR G 391 16.61 -70.30 -47.00
CA THR G 391 16.07 -71.36 -46.17
C THR G 391 15.36 -70.70 -45.00
N PHE G 392 14.05 -70.90 -44.89
CA PHE G 392 13.23 -70.02 -44.05
C PHE G 392 12.25 -70.80 -43.20
N ALA G 393 12.66 -71.97 -42.70
CA ALA G 393 11.82 -72.75 -41.81
C ALA G 393 12.70 -73.71 -41.01
N ILE G 394 12.07 -74.65 -40.32
CA ILE G 394 12.78 -75.63 -39.53
C ILE G 394 13.74 -76.42 -40.42
N ALA G 395 14.96 -76.64 -39.92
CA ALA G 395 15.97 -77.36 -40.71
C ALA G 395 15.46 -78.73 -41.15
N THR G 396 14.64 -79.37 -40.32
CA THR G 396 14.00 -80.62 -40.73
C THR G 396 12.87 -80.36 -41.72
N THR G 397 12.23 -79.20 -41.65
CA THR G 397 10.96 -78.93 -42.31
C THR G 397 11.07 -77.69 -43.19
N ASP G 398 12.08 -77.67 -44.05
CA ASP G 398 12.28 -76.53 -44.95
C ASP G 398 12.83 -77.02 -46.29
N SER G 399 12.92 -76.07 -47.22
CA SER G 399 13.56 -76.26 -48.52
C SER G 399 14.19 -74.91 -48.90
N ASN G 400 14.54 -74.76 -50.17
CA ASN G 400 15.19 -73.54 -50.65
C ASN G 400 14.29 -72.84 -51.67
N ASN G 401 14.38 -71.52 -51.70
CA ASN G 401 13.61 -70.68 -52.60
C ASN G 401 14.54 -69.70 -53.29
N THR G 402 14.67 -69.81 -54.62
CA THR G 402 15.45 -68.86 -55.41
C THR G 402 14.52 -67.76 -55.93
N TRP G 403 15.04 -66.90 -56.80
CA TRP G 403 14.22 -65.87 -57.42
C TRP G 403 14.79 -65.45 -58.77
N VAL G 404 13.95 -64.74 -59.52
CA VAL G 404 14.44 -64.02 -60.68
C VAL G 404 15.44 -62.97 -60.22
N ASP G 405 16.57 -62.91 -60.92
CA ASP G 405 17.68 -62.07 -60.47
C ASP G 405 17.29 -60.60 -60.43
N ASN G 406 16.59 -60.12 -61.46
CA ASN G 406 16.37 -58.69 -61.64
C ASN G 406 15.19 -58.15 -60.85
N LYS G 407 14.33 -59.00 -60.30
CA LYS G 407 13.22 -58.52 -59.51
C LYS G 407 12.91 -59.33 -58.26
N GLY G 408 13.70 -60.35 -57.96
CA GLY G 408 13.48 -61.12 -56.73
C GLY G 408 12.14 -61.82 -56.68
N GLU G 409 11.69 -62.39 -57.79
CA GLU G 409 10.44 -63.14 -57.85
C GLU G 409 10.73 -64.59 -58.22
N LEU G 410 9.98 -65.51 -57.62
CA LEU G 410 10.16 -66.94 -57.81
C LEU G 410 9.09 -67.52 -58.71
N THR G 411 9.53 -68.23 -59.75
CA THR G 411 8.66 -68.80 -60.77
C THR G 411 8.27 -70.23 -60.48
N ASP G 412 9.25 -71.10 -60.22
CA ASP G 412 8.99 -72.52 -60.03
C ASP G 412 8.15 -72.80 -58.79
N ILE G 413 8.03 -71.83 -57.89
CA ILE G 413 7.23 -71.95 -56.68
C ILE G 413 6.11 -70.92 -56.73
N GLN G 414 4.89 -71.37 -56.49
CA GLN G 414 3.71 -70.52 -56.45
C GLN G 414 3.02 -70.66 -55.09
N THR G 415 2.03 -69.81 -54.87
CA THR G 415 1.29 -69.83 -53.61
C THR G 415 -0.20 -69.90 -53.88
N PHE G 416 -0.87 -70.86 -53.24
CA PHE G 416 -2.31 -70.95 -53.27
C PHE G 416 -2.91 -69.80 -52.45
N ASP G 417 -4.24 -69.73 -52.42
CA ASP G 417 -4.91 -68.74 -51.57
C ASP G 417 -4.44 -68.84 -50.13
N THR G 418 -4.16 -70.06 -49.66
CA THR G 418 -3.76 -70.25 -48.26
C THR G 418 -2.60 -71.22 -48.10
N SER G 419 -1.82 -71.48 -49.15
CA SER G 419 -0.70 -72.39 -49.03
C SER G 419 0.33 -72.08 -50.11
N TYR G 420 1.55 -72.56 -49.88
CA TYR G 420 2.66 -72.36 -50.81
C TYR G 420 2.82 -73.58 -51.73
N LYS G 421 1.75 -73.93 -52.44
CA LYS G 421 1.76 -75.14 -53.26
C LYS G 421 2.38 -74.85 -54.62
N ILE G 422 3.10 -75.85 -55.14
CA ILE G 422 3.95 -75.64 -56.31
C ILE G 422 3.12 -75.33 -57.55
N ASN G 423 2.01 -76.06 -57.74
CA ASN G 423 1.24 -75.98 -58.98
C ASN G 423 0.82 -74.54 -59.26
N ALA G 424 1.28 -74.01 -60.39
CA ALA G 424 0.97 -72.63 -60.75
C ALA G 424 -0.48 -72.44 -61.16
N ASP G 425 -1.18 -73.52 -61.53
CA ASP G 425 -2.53 -73.44 -62.03
C ASP G 425 -3.42 -74.41 -61.27
N THR G 426 -4.66 -73.99 -61.01
CA THR G 426 -5.62 -74.82 -60.32
C THR G 426 -6.78 -75.29 -61.19
N GLY G 427 -7.06 -74.60 -62.29
CA GLY G 427 -8.17 -74.97 -63.14
C GLY G 427 -9.50 -74.90 -62.43
N GLU G 428 -9.75 -73.77 -61.76
CA GLU G 428 -11.01 -73.58 -61.03
C GLU G 428 -12.20 -73.78 -61.95
N VAL G 429 -13.17 -74.57 -61.50
CA VAL G 429 -14.33 -74.92 -62.30
C VAL G 429 -15.49 -74.04 -61.87
N THR G 430 -15.95 -73.19 -62.77
CA THR G 430 -17.07 -72.29 -62.53
C THR G 430 -18.16 -72.58 -63.54
N VAL G 431 -19.39 -72.73 -63.07
CA VAL G 431 -20.55 -72.98 -63.93
C VAL G 431 -21.40 -71.72 -63.97
N VAL G 432 -21.74 -71.30 -65.19
CA VAL G 432 -22.56 -70.10 -65.35
C VAL G 432 -24.01 -70.45 -65.07
N GLY G 433 -24.65 -69.67 -64.19
CA GLY G 433 -26.02 -69.92 -63.85
C GLY G 433 -26.98 -69.44 -64.92
N ASP G 434 -27.54 -70.37 -65.67
CA ASP G 434 -28.51 -70.03 -66.70
C ASP G 434 -29.74 -69.44 -66.06
N ASN G 435 -30.42 -68.54 -66.79
CA ASN G 435 -31.59 -67.81 -66.32
C ASN G 435 -31.23 -66.84 -65.19
N SER G 436 -29.96 -66.77 -64.80
CA SER G 436 -29.52 -65.88 -63.73
C SER G 436 -28.27 -65.08 -64.07
N ALA G 437 -27.49 -65.49 -65.07
CA ALA G 437 -26.26 -64.80 -65.46
C ALA G 437 -25.29 -64.68 -64.29
N THR G 438 -25.25 -65.71 -63.44
CA THR G 438 -24.34 -65.77 -62.31
C THR G 438 -23.36 -66.90 -62.54
N ALA G 439 -22.06 -66.56 -62.57
CA ALA G 439 -21.01 -67.57 -62.77
C ALA G 439 -20.76 -68.27 -61.45
N GLY G 440 -21.72 -69.10 -61.04
CA GLY G 440 -21.63 -69.83 -59.80
C GLY G 440 -20.44 -70.75 -59.72
N GLN G 441 -19.72 -70.71 -58.61
CA GLN G 441 -18.56 -71.57 -58.42
C GLN G 441 -19.01 -73.03 -58.35
N TYR G 442 -18.20 -73.93 -58.89
CA TYR G 442 -18.59 -75.32 -59.03
C TYR G 442 -17.60 -76.34 -58.51
N ALA G 443 -16.29 -76.02 -58.46
CA ALA G 443 -15.28 -77.00 -58.12
C ALA G 443 -15.43 -77.58 -56.71
N SER G 444 -15.24 -76.74 -55.69
CA SER G 444 -15.25 -77.24 -54.31
C SER G 444 -16.19 -76.46 -53.40
N ALA G 445 -16.24 -75.13 -53.53
CA ALA G 445 -17.17 -74.37 -52.70
C ALA G 445 -18.62 -74.59 -53.10
N ASP G 446 -18.85 -75.06 -54.33
CA ASP G 446 -20.15 -75.55 -54.80
C ASP G 446 -21.24 -74.48 -54.65
N GLY G 447 -21.07 -73.40 -55.42
CA GLY G 447 -22.05 -72.35 -55.45
C GLY G 447 -21.65 -71.12 -54.66
N ALA G 448 -20.41 -70.67 -54.83
CA ALA G 448 -19.88 -69.56 -54.06
C ALA G 448 -20.15 -68.20 -54.70
N LYS G 449 -20.86 -68.15 -55.84
CA LYS G 449 -21.24 -66.89 -56.48
C LYS G 449 -20.01 -66.05 -56.80
N VAL G 450 -19.21 -66.55 -57.74
CA VAL G 450 -17.96 -65.89 -58.11
C VAL G 450 -18.23 -64.47 -58.58
N LEU G 451 -17.52 -63.52 -57.98
CA LEU G 451 -17.48 -62.14 -58.44
C LEU G 451 -16.10 -61.82 -59.00
N VAL G 452 -16.03 -60.74 -59.77
CA VAL G 452 -14.77 -60.31 -60.36
C VAL G 452 -14.05 -59.41 -59.37
N GLY G 453 -12.85 -59.80 -58.98
CA GLY G 453 -12.09 -59.03 -58.01
C GLY G 453 -11.58 -57.72 -58.57
N SER G 454 -11.18 -56.83 -57.66
CA SER G 454 -10.68 -55.53 -58.06
C SER G 454 -9.38 -55.62 -58.85
N ASP G 455 -8.68 -56.73 -58.76
CA ASP G 455 -7.46 -56.96 -59.55
C ASP G 455 -7.78 -57.53 -60.92
N GLY G 456 -9.05 -57.79 -61.22
CA GLY G 456 -9.44 -58.40 -62.48
C GLY G 456 -9.53 -59.90 -62.45
N LYS G 457 -9.21 -60.54 -61.32
CA LYS G 457 -9.28 -61.99 -61.19
C LYS G 457 -10.60 -62.40 -60.54
N LEU G 458 -11.02 -63.62 -60.85
CA LEU G 458 -12.23 -64.17 -60.28
C LEU G 458 -12.03 -64.50 -58.81
N THR G 459 -13.04 -64.24 -58.00
CA THR G 459 -12.99 -64.56 -56.58
C THR G 459 -14.40 -64.73 -56.04
N THR G 460 -14.52 -65.52 -54.98
CA THR G 460 -15.81 -65.72 -54.34
C THR G 460 -16.16 -64.61 -53.36
N GLU G 461 -15.22 -63.72 -53.04
CA GLU G 461 -15.50 -62.64 -52.11
C GLU G 461 -16.32 -61.57 -52.82
N THR G 462 -17.43 -61.17 -52.19
CA THR G 462 -18.30 -60.17 -52.78
C THR G 462 -17.71 -58.77 -52.69
N THR G 463 -17.08 -58.43 -51.56
CA THR G 463 -16.57 -57.10 -51.33
C THR G 463 -15.06 -57.05 -51.59
N SER G 464 -14.48 -55.90 -51.32
CA SER G 464 -13.04 -55.71 -51.45
C SER G 464 -12.60 -54.68 -50.41
N ALA G 465 -11.30 -54.37 -50.42
CA ALA G 465 -10.76 -53.46 -49.41
C ALA G 465 -11.14 -52.02 -49.70
N GLY G 466 -10.68 -51.48 -50.82
CA GLY G 466 -10.84 -50.07 -51.12
C GLY G 466 -9.88 -49.23 -50.30
N ASP G 467 -9.71 -47.98 -50.74
CA ASP G 467 -8.76 -47.09 -50.09
C ASP G 467 -9.42 -45.92 -49.39
N LYS G 468 -10.16 -45.04 -50.10
CA LYS G 468 -10.50 -43.72 -49.58
C LYS G 468 -11.45 -43.02 -50.54
N THR G 469 -12.40 -42.27 -50.00
CA THR G 469 -13.29 -41.45 -50.83
C THR G 469 -12.51 -40.23 -51.29
N THR G 470 -12.26 -40.14 -52.59
CA THR G 470 -11.37 -39.10 -53.12
C THR G 470 -11.91 -37.70 -52.85
N ASP G 471 -13.21 -37.50 -53.05
CA ASP G 471 -13.85 -36.20 -52.84
C ASP G 471 -14.97 -36.40 -51.82
N PRO G 472 -14.64 -36.38 -50.54
CA PRO G 472 -15.65 -36.69 -49.50
C PRO G 472 -16.79 -35.68 -49.46
N LEU G 473 -16.46 -34.40 -49.30
CA LEU G 473 -17.51 -33.39 -49.21
C LEU G 473 -18.22 -33.17 -50.55
N LYS G 474 -17.58 -33.50 -51.67
CA LYS G 474 -18.31 -33.47 -52.93
C LYS G 474 -19.43 -34.50 -52.93
N THR G 475 -19.13 -35.74 -52.52
CA THR G 475 -20.16 -36.76 -52.42
C THR G 475 -21.20 -36.39 -51.39
N LEU G 476 -20.77 -35.79 -50.28
CA LEU G 476 -21.71 -35.35 -49.25
C LEU G 476 -22.64 -34.28 -49.79
N ASP G 477 -22.12 -33.33 -50.57
CA ASP G 477 -22.96 -32.30 -51.15
C ASP G 477 -23.92 -32.88 -52.18
N ALA G 478 -23.46 -33.88 -52.94
CA ALA G 478 -24.38 -34.55 -53.87
C ALA G 478 -25.51 -35.24 -53.13
N ALA G 479 -25.17 -35.91 -52.01
CA ALA G 479 -26.20 -36.53 -51.19
C ALA G 479 -27.16 -35.47 -50.63
N PHE G 480 -26.61 -34.34 -50.19
CA PHE G 480 -27.44 -33.26 -49.70
C PHE G 480 -28.40 -32.77 -50.79
N THR G 481 -27.89 -32.61 -52.01
CA THR G 481 -28.74 -32.14 -53.10
C THR G 481 -29.87 -33.13 -53.38
N LYS G 482 -29.54 -34.43 -53.44
CA LYS G 482 -30.58 -35.42 -53.71
C LYS G 482 -31.63 -35.45 -52.60
N LEU G 483 -31.17 -35.46 -51.34
CA LEU G 483 -32.09 -35.50 -50.22
C LEU G 483 -32.96 -34.26 -50.16
N ASP G 484 -32.37 -33.08 -50.41
CA ASP G 484 -33.15 -31.86 -50.42
C ASP G 484 -34.11 -31.82 -51.59
N LYS G 485 -33.74 -32.41 -52.73
CA LYS G 485 -34.67 -32.51 -53.85
C LYS G 485 -35.90 -33.30 -53.45
N LEU G 486 -35.71 -34.48 -52.86
CA LEU G 486 -36.86 -35.27 -52.45
C LEU G 486 -37.66 -34.59 -51.34
N THR G 487 -36.97 -33.96 -50.38
CA THR G 487 -37.68 -33.28 -49.29
C THR G 487 -38.51 -32.11 -49.82
N GLY G 488 -37.95 -31.33 -50.74
CA GLY G 488 -38.70 -30.23 -51.32
C GLY G 488 -39.88 -30.71 -52.15
N GLU G 489 -39.70 -31.80 -52.90
CA GLU G 489 -40.82 -32.33 -53.66
C GLU G 489 -41.92 -32.81 -52.74
N LEU G 490 -41.55 -33.48 -51.64
CA LEU G 490 -42.54 -33.91 -50.66
C LEU G 490 -43.24 -32.72 -50.00
N GLY G 491 -42.51 -31.65 -49.72
CA GLY G 491 -43.13 -30.46 -49.15
C GLY G 491 -44.10 -29.82 -50.12
N ALA G 492 -43.73 -29.74 -51.40
CA ALA G 492 -44.63 -29.18 -52.40
C ALA G 492 -45.90 -30.01 -52.52
N VAL G 493 -45.76 -31.35 -52.54
CA VAL G 493 -46.96 -32.17 -52.64
C VAL G 493 -47.77 -32.09 -51.35
N GLN G 494 -47.13 -31.87 -50.20
CA GLN G 494 -47.88 -31.68 -48.96
C GLN G 494 -48.73 -30.42 -49.03
N ASN G 495 -48.14 -29.31 -49.49
CA ASN G 495 -48.91 -28.08 -49.63
C ASN G 495 -50.04 -28.26 -50.62
N ARG G 496 -49.77 -28.91 -51.75
CA ARG G 496 -50.81 -29.06 -52.76
C ARG G 496 -51.91 -29.98 -52.28
N LEU G 497 -51.57 -30.97 -51.45
CA LEU G 497 -52.60 -31.80 -50.82
C LEU G 497 -53.45 -30.99 -49.85
N GLU G 498 -52.83 -30.08 -49.10
CA GLU G 498 -53.63 -29.22 -48.23
C GLU G 498 -54.59 -28.35 -49.05
N SER G 499 -54.11 -27.83 -50.18
CA SER G 499 -54.99 -27.07 -51.06
C SER G 499 -56.11 -27.94 -51.62
N THR G 500 -55.81 -29.20 -51.93
CA THR G 500 -56.87 -30.11 -52.35
C THR G 500 -57.88 -30.31 -51.24
N ILE G 501 -57.42 -30.40 -49.99
CA ILE G 501 -58.36 -30.53 -48.87
C ILE G 501 -59.30 -29.33 -48.83
N ALA G 502 -58.74 -28.12 -48.95
CA ALA G 502 -59.59 -26.93 -48.91
C ALA G 502 -60.58 -26.91 -50.06
N ASN G 503 -60.11 -27.18 -51.28
CA ASN G 503 -61.00 -27.14 -52.44
C ASN G 503 -62.07 -28.22 -52.36
N LEU G 504 -61.69 -29.42 -51.93
CA LEU G 504 -62.64 -30.51 -51.77
C LEU G 504 -63.70 -30.14 -50.75
N ASN G 505 -63.31 -29.55 -49.63
CA ASN G 505 -64.30 -29.14 -48.63
C ASN G 505 -65.24 -28.09 -49.19
N ASN G 506 -64.71 -27.09 -49.91
CA ASN G 506 -65.57 -26.07 -50.47
C ASN G 506 -66.58 -26.67 -51.45
N VAL G 507 -66.12 -27.55 -52.34
CA VAL G 507 -67.02 -28.15 -53.31
C VAL G 507 -68.03 -29.05 -52.61
N VAL G 508 -67.62 -29.74 -51.54
CA VAL G 508 -68.54 -30.58 -50.79
C VAL G 508 -69.67 -29.75 -50.20
N ASN G 509 -69.31 -28.62 -49.57
CA ASN G 509 -70.34 -27.77 -48.97
C ASN G 509 -71.28 -27.22 -50.03
N ASN G 510 -70.72 -26.75 -51.15
CA ASN G 510 -71.56 -26.19 -52.20
C ASN G 510 -72.47 -27.25 -52.81
N LEU G 511 -71.96 -28.47 -53.00
CA LEU G 511 -72.77 -29.54 -53.56
C LEU G 511 -73.85 -29.99 -52.57
N SER G 512 -73.54 -29.96 -51.27
CA SER G 512 -74.56 -30.27 -50.28
C SER G 512 -75.68 -29.24 -50.33
N SER G 513 -75.33 -27.96 -50.45
CA SER G 513 -76.35 -26.94 -50.61
C SER G 513 -77.16 -27.15 -51.89
N ALA G 514 -76.48 -27.53 -52.97
CA ALA G 514 -77.19 -27.79 -54.22
C ALA G 514 -78.16 -28.95 -54.08
N ARG G 515 -77.74 -30.02 -53.40
CA ARG G 515 -78.64 -31.14 -53.15
C ARG G 515 -79.83 -30.70 -52.30
N SER G 516 -79.58 -29.86 -51.30
CA SER G 516 -80.66 -29.37 -50.45
C SER G 516 -81.67 -28.58 -51.28
N ARG G 517 -81.20 -27.76 -52.22
CA ARG G 517 -82.08 -26.91 -53.00
C ARG G 517 -83.14 -27.69 -53.75
N ILE G 518 -82.89 -28.95 -54.09
CA ILE G 518 -83.83 -29.76 -54.87
C ILE G 518 -84.36 -30.96 -54.10
N GLN G 519 -83.81 -31.27 -52.93
CA GLN G 519 -84.20 -32.48 -52.20
C GLN G 519 -84.86 -32.16 -50.87
N ASP G 520 -84.23 -31.33 -50.05
CA ASP G 520 -84.72 -31.10 -48.70
C ASP G 520 -86.03 -30.31 -48.72
N ALA G 521 -86.75 -30.39 -47.61
CA ALA G 521 -88.12 -29.90 -47.53
C ALA G 521 -88.19 -28.57 -46.82
N ASP G 522 -88.87 -27.60 -47.44
CA ASP G 522 -89.12 -26.30 -46.84
C ASP G 522 -90.28 -26.44 -45.87
N TYR G 523 -89.98 -26.66 -44.59
CA TYR G 523 -91.02 -27.04 -43.63
C TYR G 523 -92.08 -25.96 -43.44
N ALA G 524 -91.77 -24.69 -43.68
CA ALA G 524 -92.80 -23.67 -43.51
C ALA G 524 -93.98 -23.94 -44.45
N THR G 525 -93.69 -24.10 -45.74
CA THR G 525 -94.75 -24.33 -46.72
C THR G 525 -95.46 -25.64 -46.47
N GLU G 526 -94.71 -26.68 -46.13
CA GLU G 526 -95.32 -28.02 -45.99
C GLU G 526 -96.15 -28.12 -44.71
N VAL G 527 -95.73 -27.43 -43.64
CA VAL G 527 -96.58 -27.34 -42.46
C VAL G 527 -97.86 -26.58 -42.79
N SER G 528 -97.75 -25.48 -43.55
CA SER G 528 -98.95 -24.80 -44.01
C SER G 528 -99.84 -25.74 -44.81
N ASN G 529 -99.24 -26.56 -45.67
CA ASN G 529 -100.01 -27.50 -46.48
C ASN G 529 -100.67 -28.57 -45.61
N MET G 530 -99.98 -29.06 -44.58
CA MET G 530 -100.59 -30.04 -43.69
C MET G 530 -101.78 -29.46 -42.96
N SER G 531 -101.63 -28.24 -42.43
CA SER G 531 -102.75 -27.60 -41.75
C SER G 531 -103.91 -27.39 -42.71
N LYS G 532 -103.62 -26.92 -43.93
CA LYS G 532 -104.65 -26.72 -44.93
C LYS G 532 -105.36 -28.03 -45.26
N ALA G 533 -104.59 -29.11 -45.43
CA ALA G 533 -105.19 -30.39 -45.77
C ALA G 533 -106.05 -30.91 -44.64
N GLN G 534 -105.65 -30.67 -43.40
CA GLN G 534 -106.50 -31.05 -42.26
C GLN G 534 -107.80 -30.26 -42.27
N ILE G 535 -107.72 -28.96 -42.56
CA ILE G 535 -108.95 -28.16 -42.64
C ILE G 535 -109.86 -28.69 -43.74
N LEU G 536 -109.28 -28.99 -44.91
CA LEU G 536 -110.08 -29.57 -45.99
C LEU G 536 -110.67 -30.91 -45.60
N GLN G 537 -109.93 -31.72 -44.84
CA GLN G 537 -110.45 -33.02 -44.42
C GLN G 537 -111.65 -32.87 -43.51
N GLN G 538 -111.55 -32.00 -42.50
CA GLN G 538 -112.68 -31.83 -41.58
C GLN G 538 -113.86 -31.19 -42.30
N ALA G 539 -113.61 -30.21 -43.15
CA ALA G 539 -114.70 -29.61 -43.92
C ALA G 539 -115.33 -30.64 -44.86
N GLY G 540 -114.51 -31.50 -45.46
CA GLY G 540 -115.04 -32.50 -46.37
C GLY G 540 -115.89 -33.54 -45.67
N THR G 541 -115.44 -34.00 -44.50
CA THR G 541 -116.25 -34.97 -43.78
C THR G 541 -117.53 -34.33 -43.25
N SER G 542 -117.48 -33.06 -42.85
CA SER G 542 -118.71 -32.39 -42.42
C SER G 542 -119.68 -32.22 -43.59
N VAL G 543 -119.19 -31.77 -44.74
CA VAL G 543 -120.07 -31.57 -45.88
C VAL G 543 -120.59 -32.90 -46.40
N LEU G 544 -119.79 -33.96 -46.28
CA LEU G 544 -120.28 -35.30 -46.62
C LEU G 544 -121.38 -35.75 -45.67
N ALA G 545 -121.22 -35.47 -44.37
CA ALA G 545 -122.28 -35.78 -43.42
C ALA G 545 -123.58 -35.09 -43.81
N GLN G 546 -123.52 -33.78 -44.02
CA GLN G 546 -124.71 -33.07 -44.50
C GLN G 546 -125.18 -33.52 -45.87
N ALA G 547 -124.30 -34.11 -46.69
CA ALA G 547 -124.74 -34.64 -47.98
C ALA G 547 -125.49 -35.94 -47.82
N ASN G 548 -125.19 -36.72 -46.77
CA ASN G 548 -125.87 -37.98 -46.56
C ASN G 548 -127.32 -37.81 -46.15
N GLN G 549 -127.67 -36.68 -45.52
CA GLN G 549 -129.07 -36.44 -45.17
C GLN G 549 -129.83 -35.69 -46.26
N VAL G 550 -129.22 -35.46 -47.42
CA VAL G 550 -129.97 -34.90 -48.54
C VAL G 550 -131.16 -35.77 -48.91
N PRO G 551 -131.04 -37.10 -49.02
CA PRO G 551 -132.24 -37.92 -49.28
C PRO G 551 -133.16 -38.07 -48.08
N GLN G 552 -132.74 -37.64 -46.88
CA GLN G 552 -133.61 -37.75 -45.72
C GLN G 552 -134.89 -36.95 -45.89
N THR G 553 -134.79 -35.76 -46.49
CA THR G 553 -135.98 -34.94 -46.73
C THR G 553 -137.00 -35.69 -47.55
N VAL G 554 -136.56 -36.59 -48.42
CA VAL G 554 -137.50 -37.43 -49.17
C VAL G 554 -138.29 -38.30 -48.21
N LEU G 555 -137.62 -38.85 -47.20
CA LEU G 555 -138.30 -39.75 -46.27
C LEU G 555 -139.02 -38.91 -45.21
N SER G 556 -139.79 -37.93 -45.68
CA SER G 556 -140.77 -37.24 -44.86
C SER G 556 -142.17 -37.38 -45.44
N LEU G 557 -142.34 -37.03 -46.71
CA LEU G 557 -143.56 -37.33 -47.43
C LEU G 557 -143.58 -38.79 -47.84
N LEU G 558 -144.73 -39.44 -47.65
CA LEU G 558 -144.85 -40.87 -47.91
C LEU G 558 -146.26 -41.23 -48.37
N ALA H 2 -115.06 -58.46 -22.92
CA ALA H 2 -115.94 -58.07 -24.00
C ALA H 2 -116.55 -56.70 -23.73
N ALA H 3 -117.82 -56.68 -23.33
CA ALA H 3 -118.53 -55.45 -22.99
C ALA H 3 -118.86 -55.38 -21.51
N VAL H 4 -117.95 -55.84 -20.65
CA VAL H 4 -118.19 -55.86 -19.22
C VAL H 4 -117.86 -54.50 -18.62
N ILE H 5 -118.56 -54.14 -17.55
CA ILE H 5 -118.35 -52.89 -16.85
C ILE H 5 -117.87 -53.12 -15.42
N ASN H 6 -118.38 -54.16 -14.77
CA ASN H 6 -118.11 -54.35 -13.34
C ASN H 6 -116.63 -54.46 -13.06
N THR H 7 -115.92 -55.30 -13.81
CA THR H 7 -114.48 -55.48 -13.64
C THR H 7 -113.79 -55.19 -14.95
N ASN H 8 -112.79 -54.32 -14.90
CA ASN H 8 -111.98 -53.97 -16.07
C ASN H 8 -110.59 -54.56 -15.86
N TYR H 9 -110.31 -55.67 -16.55
CA TYR H 9 -109.04 -56.35 -16.38
C TYR H 9 -107.86 -55.48 -16.83
N LEU H 10 -108.05 -54.71 -17.90
CA LEU H 10 -106.97 -53.88 -18.42
C LEU H 10 -106.54 -52.84 -17.40
N SER H 11 -107.50 -52.26 -16.67
CA SER H 11 -107.14 -51.32 -15.62
C SER H 11 -106.27 -51.97 -14.56
N LEU H 12 -106.60 -53.20 -14.17
CA LEU H 12 -105.81 -53.91 -13.18
C LEU H 12 -104.39 -54.17 -13.69
N VAL H 13 -104.27 -54.56 -14.96
CA VAL H 13 -102.95 -54.79 -15.53
C VAL H 13 -102.14 -53.50 -15.52
N ALA H 14 -102.77 -52.39 -15.91
CA ALA H 14 -102.08 -51.12 -15.92
C ALA H 14 -101.63 -50.72 -14.51
N GLN H 15 -102.49 -50.92 -13.52
CA GLN H 15 -102.12 -50.59 -12.15
C GLN H 15 -100.93 -51.42 -11.67
N ASN H 16 -100.94 -52.72 -11.97
CA ASN H 16 -99.83 -53.56 -11.54
C ASN H 16 -98.52 -53.16 -12.19
N ASN H 17 -98.55 -52.89 -13.50
CA ASN H 17 -97.32 -52.50 -14.18
C ASN H 17 -96.83 -51.13 -13.69
N LEU H 18 -97.76 -50.21 -13.42
CA LEU H 18 -97.38 -48.94 -12.85
C LEU H 18 -96.75 -49.13 -11.47
N ASN H 19 -97.26 -50.08 -10.69
CA ASN H 19 -96.67 -50.37 -9.38
C ASN H 19 -95.26 -50.90 -9.52
N LYS H 20 -95.03 -51.79 -10.50
CA LYS H 20 -93.67 -52.28 -10.73
C LYS H 20 -92.73 -51.14 -11.09
N SER H 21 -93.17 -50.28 -12.00
CA SER H 21 -92.34 -49.15 -12.41
C SER H 21 -92.08 -48.21 -11.24
N GLN H 22 -93.08 -47.97 -10.40
CA GLN H 22 -92.90 -47.09 -9.26
C GLN H 22 -91.95 -47.69 -8.24
N SER H 23 -92.00 -49.01 -8.04
CA SER H 23 -91.05 -49.65 -7.14
C SER H 23 -89.63 -49.49 -7.66
N SER H 24 -89.43 -49.70 -8.96
CA SER H 24 -88.10 -49.48 -9.53
C SER H 24 -87.65 -48.04 -9.37
N LEU H 25 -88.57 -47.10 -9.59
CA LEU H 25 -88.26 -45.69 -9.40
C LEU H 25 -87.87 -45.40 -7.96
N GLY H 26 -88.58 -46.00 -7.00
CA GLY H 26 -88.26 -45.77 -5.61
C GLY H 26 -86.88 -46.29 -5.24
N THR H 27 -86.54 -47.50 -5.71
CA THR H 27 -85.20 -48.00 -5.45
C THR H 27 -84.14 -47.12 -6.08
N ALA H 28 -84.37 -46.66 -7.32
CA ALA H 28 -83.40 -45.78 -7.97
C ALA H 28 -83.24 -44.47 -7.20
N ILE H 29 -84.35 -43.90 -6.74
CA ILE H 29 -84.31 -42.63 -6.03
C ILE H 29 -83.59 -42.80 -4.69
N GLU H 30 -83.84 -43.90 -3.99
CA GLU H 30 -83.14 -44.15 -2.73
C GLU H 30 -81.65 -44.30 -2.97
N ARG H 31 -81.28 -45.02 -4.03
CA ARG H 31 -79.85 -45.18 -4.35
C ARG H 31 -79.21 -43.84 -4.67
N LEU H 32 -79.91 -42.98 -5.41
CA LEU H 32 -79.37 -41.66 -5.72
C LEU H 32 -79.22 -40.82 -4.46
N SER H 33 -80.26 -40.76 -3.64
CA SER H 33 -80.23 -39.90 -2.46
C SER H 33 -79.16 -40.35 -1.47
N SER H 34 -79.18 -41.63 -1.09
CA SER H 34 -78.21 -42.11 -0.12
C SER H 34 -76.81 -42.19 -0.70
N GLY H 35 -76.70 -42.50 -1.98
CA GLY H 35 -75.41 -42.71 -2.60
C GLY H 35 -74.85 -44.10 -2.43
N LEU H 36 -75.58 -45.00 -1.77
CA LEU H 36 -75.13 -46.36 -1.54
C LEU H 36 -76.03 -47.31 -2.31
N ARG H 37 -75.45 -48.08 -3.22
CA ARG H 37 -76.24 -49.06 -3.96
C ARG H 37 -76.83 -50.10 -3.03
N ILE H 38 -76.01 -50.61 -2.11
CA ILE H 38 -76.44 -51.62 -1.14
C ILE H 38 -76.90 -50.88 0.12
N ASN H 39 -78.15 -50.46 0.10
CA ASN H 39 -78.82 -49.86 1.25
C ASN H 39 -80.09 -50.65 1.50
N SER H 40 -80.48 -50.75 2.77
CA SER H 40 -81.66 -51.54 3.14
C SER H 40 -81.49 -52.99 2.69
N ALA H 41 -80.64 -53.71 3.44
CA ALA H 41 -79.94 -54.92 3.03
C ALA H 41 -80.75 -55.88 2.15
N LYS H 42 -82.08 -55.77 2.17
CA LYS H 42 -82.91 -56.51 1.22
C LYS H 42 -82.34 -56.46 -0.19
N ASP H 43 -81.61 -55.41 -0.53
CA ASP H 43 -80.89 -55.33 -1.79
C ASP H 43 -79.49 -55.90 -1.59
N ASP H 44 -79.25 -57.10 -2.14
CA ASP H 44 -77.93 -57.73 -2.12
C ASP H 44 -77.45 -57.91 -0.66
N ALA H 45 -78.11 -58.85 0.02
CA ALA H 45 -77.88 -59.04 1.44
C ALA H 45 -76.42 -59.31 1.75
N ALA H 46 -75.76 -60.16 0.95
CA ALA H 46 -74.35 -60.47 1.19
C ALA H 46 -73.49 -59.24 1.00
N GLY H 47 -73.86 -58.37 0.06
CA GLY H 47 -73.07 -57.18 -0.17
C GLY H 47 -72.99 -56.28 1.05
N MET H 48 -74.10 -56.14 1.78
CA MET H 48 -74.06 -55.30 2.96
C MET H 48 -73.21 -55.91 4.06
N ALA H 49 -73.21 -57.24 4.18
CA ALA H 49 -72.32 -57.88 5.14
C ALA H 49 -70.86 -57.65 4.77
N ILE H 50 -70.53 -57.79 3.49
CA ILE H 50 -69.17 -57.53 3.06
C ILE H 50 -68.77 -56.08 3.33
N ALA H 51 -69.68 -55.15 3.02
CA ALA H 51 -69.39 -53.74 3.24
C ALA H 51 -69.27 -53.42 4.72
N ASN H 52 -70.08 -54.06 5.55
CA ASN H 52 -69.98 -53.86 6.99
C ASN H 52 -68.63 -54.32 7.51
N ARG H 53 -68.19 -55.51 7.07
CA ARG H 53 -66.87 -55.98 7.48
C ARG H 53 -65.78 -55.05 7.00
N PHE H 54 -65.91 -54.56 5.77
CA PHE H 54 -64.91 -53.65 5.21
C PHE H 54 -64.87 -52.34 5.99
N THR H 55 -66.04 -51.80 6.34
CA THR H 55 -66.09 -50.56 7.10
C THR H 55 -65.46 -50.74 8.47
N ALA H 56 -65.81 -51.81 9.17
CA ALA H 56 -65.21 -52.06 10.47
C ALA H 56 -63.69 -52.16 10.35
N ASN H 57 -63.22 -52.92 9.34
CA ASN H 57 -61.80 -53.11 9.18
C ASN H 57 -61.10 -51.80 8.85
N VAL H 58 -61.68 -50.97 7.98
CA VAL H 58 -61.00 -49.75 7.55
C VAL H 58 -60.98 -48.72 8.67
N ARG H 59 -62.07 -48.59 9.42
CA ARG H 59 -62.06 -47.67 10.55
C ARG H 59 -61.06 -48.13 11.61
N GLY H 60 -61.03 -49.43 11.91
CA GLY H 60 -60.02 -49.95 12.81
C GLY H 60 -58.62 -49.69 12.30
N LEU H 61 -58.43 -49.80 10.98
CA LEU H 61 -57.11 -49.63 10.39
C LEU H 61 -56.64 -48.18 10.53
N THR H 62 -57.53 -47.22 10.25
CA THR H 62 -57.17 -45.81 10.40
C THR H 62 -56.91 -45.47 11.86
N GLN H 63 -57.72 -46.00 12.78
CA GLN H 63 -57.47 -45.77 14.20
C GLN H 63 -56.14 -46.37 14.62
N ALA H 64 -55.80 -47.52 14.04
CA ALA H 64 -54.49 -48.11 14.30
C ALA H 64 -53.37 -47.26 13.76
N ALA H 65 -53.59 -46.62 12.60
CA ALA H 65 -52.59 -45.69 12.08
C ALA H 65 -52.40 -44.52 13.03
N ARG H 66 -53.49 -44.02 13.61
CA ARG H 66 -53.36 -42.97 14.63
C ARG H 66 -52.58 -43.47 15.83
N ASN H 67 -52.85 -44.70 16.27
CA ASN H 67 -52.10 -45.28 17.38
C ASN H 67 -50.61 -45.39 17.05
N ALA H 68 -50.30 -45.80 15.83
CA ALA H 68 -48.90 -45.92 15.42
C ALA H 68 -48.23 -44.55 15.36
N ASN H 69 -48.97 -43.51 14.95
CA ASN H 69 -48.43 -42.15 14.99
C ASN H 69 -48.13 -41.74 16.42
N ASP H 70 -49.02 -42.07 17.36
CA ASP H 70 -48.73 -41.80 18.76
C ASP H 70 -47.49 -42.54 19.23
N GLY H 71 -47.32 -43.79 18.80
CA GLY H 71 -46.10 -44.51 19.12
C GLY H 71 -44.86 -43.85 18.55
N ILE H 72 -44.96 -43.34 17.32
CA ILE H 72 -43.84 -42.62 16.73
C ILE H 72 -43.48 -41.42 17.58
N SER H 73 -44.48 -40.67 18.02
CA SER H 73 -44.20 -39.47 18.82
C SER H 73 -43.60 -39.85 20.17
N LEU H 74 -44.10 -40.92 20.79
CA LEU H 74 -43.51 -41.38 22.05
C LEU H 74 -42.06 -41.77 21.87
N ALA H 75 -41.76 -42.49 20.79
CA ALA H 75 -40.38 -42.84 20.50
C ALA H 75 -39.54 -41.61 20.27
N GLN H 76 -40.12 -40.58 19.64
CA GLN H 76 -39.39 -39.34 19.41
C GLN H 76 -39.03 -38.66 20.73
N THR H 77 -39.99 -38.59 21.67
CA THR H 77 -39.69 -37.98 22.96
C THR H 77 -38.62 -38.76 23.70
N THR H 78 -38.72 -40.08 23.72
CA THR H 78 -37.70 -40.89 24.37
C THR H 78 -36.34 -40.70 23.72
N GLU H 79 -36.32 -40.63 22.39
CA GLU H 79 -35.09 -40.43 21.64
C GLU H 79 -34.45 -39.08 21.98
N GLY H 80 -35.28 -38.03 22.07
CA GLY H 80 -34.74 -36.73 22.42
C GLY H 80 -34.15 -36.69 23.82
N ALA H 81 -34.86 -37.28 24.78
CA ALA H 81 -34.32 -37.35 26.14
C ALA H 81 -33.01 -38.14 26.17
N ALA H 82 -32.96 -39.27 25.47
CA ALA H 82 -31.73 -40.05 25.41
C ALA H 82 -30.60 -39.28 24.75
N SER H 83 -30.90 -38.51 23.71
CA SER H 83 -29.88 -37.70 23.07
C SER H 83 -29.32 -36.65 24.03
N GLU H 84 -30.19 -36.06 24.86
CA GLU H 84 -29.69 -35.11 25.83
C GLU H 84 -28.81 -35.79 26.87
N VAL H 85 -29.20 -37.00 27.31
CA VAL H 85 -28.35 -37.76 28.22
C VAL H 85 -27.00 -38.05 27.56
N ASN H 86 -27.00 -38.33 26.26
CA ASN H 86 -25.76 -38.55 25.54
C ASN H 86 -24.90 -37.30 25.54
N THR H 87 -25.49 -36.14 25.28
CA THR H 87 -24.73 -34.90 25.31
C THR H 87 -24.14 -34.64 26.68
N HIS H 88 -24.86 -35.04 27.73
CA HIS H 88 -24.28 -35.00 29.07
C HIS H 88 -23.07 -35.93 29.16
N LEU H 89 -23.26 -37.19 28.80
CA LEU H 89 -22.20 -38.19 28.98
C LEU H 89 -20.92 -37.78 28.25
N GLN H 90 -21.04 -37.08 27.12
CA GLN H 90 -19.84 -36.57 26.48
C GLN H 90 -19.10 -35.60 27.40
N ARG H 91 -19.84 -34.71 28.07
CA ARG H 91 -19.19 -33.75 28.95
C ARG H 91 -18.58 -34.43 30.17
N ILE H 92 -19.28 -35.39 30.77
CA ILE H 92 -18.69 -36.13 31.88
C ILE H 92 -17.43 -36.85 31.44
N ARG H 93 -17.44 -37.46 30.25
CA ARG H 93 -16.25 -38.15 29.78
C ARG H 93 -15.09 -37.19 29.57
N GLU H 94 -15.36 -36.03 28.96
CA GLU H 94 -14.30 -35.06 28.73
C GLU H 94 -13.72 -34.56 30.04
N LEU H 95 -14.59 -34.28 31.03
CA LEU H 95 -14.09 -33.81 32.32
C LEU H 95 -13.35 -34.91 33.07
N THR H 96 -13.76 -36.16 32.92
CA THR H 96 -13.03 -37.25 33.54
C THR H 96 -11.64 -37.39 32.94
N VAL H 97 -11.54 -37.22 31.61
CA VAL H 97 -10.23 -37.22 30.97
C VAL H 97 -9.38 -36.06 31.49
N GLN H 98 -10.01 -34.89 31.66
CA GLN H 98 -9.29 -33.74 32.17
C GLN H 98 -8.75 -33.99 33.58
N ALA H 99 -9.62 -34.46 34.47
CA ALA H 99 -9.24 -34.65 35.86
C ALA H 99 -8.34 -35.86 36.06
N SER H 100 -8.32 -36.78 35.11
CA SER H 100 -7.38 -37.90 35.19
C SER H 100 -5.93 -37.44 35.18
N ASN H 101 -5.68 -36.24 34.66
CA ASN H 101 -4.35 -35.65 34.75
C ASN H 101 -4.01 -35.36 36.20
N GLY H 102 -2.79 -35.71 36.61
CA GLY H 102 -2.39 -35.55 37.99
C GLY H 102 -1.91 -34.17 38.37
N SER H 103 -1.76 -33.26 37.40
CA SER H 103 -1.25 -31.94 37.71
C SER H 103 -2.23 -31.13 38.55
N TYR H 104 -3.52 -31.35 38.36
CA TYR H 104 -4.53 -30.60 39.11
C TYR H 104 -4.49 -30.99 40.59
N SER H 105 -4.58 -29.99 41.46
CA SER H 105 -4.58 -30.25 42.88
C SER H 105 -5.96 -30.74 43.34
N GLN H 106 -6.08 -31.01 44.63
CA GLN H 106 -7.29 -31.65 45.15
C GLN H 106 -8.51 -30.75 45.00
N GLU H 107 -8.33 -29.44 45.21
CA GLU H 107 -9.46 -28.53 45.17
C GLU H 107 -10.08 -28.46 43.78
N GLN H 108 -9.26 -28.44 42.73
CA GLN H 108 -9.81 -28.37 41.38
C GLN H 108 -10.50 -29.67 41.00
N LEU H 109 -9.97 -30.80 41.44
CA LEU H 109 -10.69 -32.05 41.26
C LEU H 109 -12.01 -32.04 42.02
N ASP H 110 -12.05 -31.36 43.16
CA ASP H 110 -13.30 -31.21 43.89
C ASP H 110 -14.31 -30.41 43.09
N SER H 111 -13.86 -29.32 42.47
CA SER H 111 -14.77 -28.54 41.62
C SER H 111 -15.25 -29.36 40.43
N VAL H 112 -14.33 -30.12 39.81
CA VAL H 112 -14.71 -30.97 38.69
C VAL H 112 -15.75 -32.00 39.13
N GLN H 113 -15.54 -32.63 40.29
CA GLN H 113 -16.47 -33.63 40.77
C GLN H 113 -17.80 -33.00 41.15
N GLY H 114 -17.79 -31.76 41.62
CA GLY H 114 -19.04 -31.06 41.84
C GLY H 114 -19.83 -30.86 40.56
N GLU H 115 -19.13 -30.44 39.50
CA GLU H 115 -19.80 -30.32 38.21
C GLU H 115 -20.32 -31.67 37.74
N ILE H 116 -19.52 -32.73 37.89
CA ILE H 116 -19.93 -34.05 37.45
C ILE H 116 -21.15 -34.52 38.24
N ASN H 117 -21.16 -34.29 39.56
CA ASN H 117 -22.30 -34.65 40.37
C ASN H 117 -23.54 -33.91 39.92
N GLN H 118 -23.39 -32.63 39.58
CA GLN H 118 -24.54 -31.89 39.08
C GLN H 118 -25.03 -32.45 37.75
N ARG H 119 -24.12 -32.85 36.87
CA ARG H 119 -24.53 -33.46 35.61
C ARG H 119 -25.27 -34.77 35.84
N LEU H 120 -24.77 -35.60 36.78
CA LEU H 120 -25.46 -36.85 37.09
C LEU H 120 -26.83 -36.58 37.69
N ALA H 121 -26.94 -35.54 38.53
CA ALA H 121 -28.23 -35.14 39.05
C ALA H 121 -29.16 -34.73 37.93
N ASP H 122 -28.63 -34.06 36.90
CA ASP H 122 -29.45 -33.69 35.76
C ASP H 122 -29.91 -34.92 34.99
N ILE H 123 -29.03 -35.92 34.87
CA ILE H 123 -29.44 -37.17 34.22
C ILE H 123 -30.57 -37.84 34.99
N ASP H 124 -30.45 -37.87 36.31
CA ASP H 124 -31.51 -38.43 37.15
C ASP H 124 -32.80 -37.61 37.01
N ARG H 125 -32.67 -36.28 36.93
CA ARG H 125 -33.83 -35.43 36.72
C ARG H 125 -34.49 -35.74 35.38
N ILE H 126 -33.69 -35.91 34.35
CA ILE H 126 -34.22 -36.23 33.02
C ILE H 126 -34.99 -37.55 33.09
N SER H 127 -34.43 -38.53 33.78
CA SER H 127 -35.11 -39.82 33.90
C SER H 127 -36.42 -39.70 34.65
N GLU H 128 -36.42 -39.02 35.80
CA GLU H 128 -37.60 -38.97 36.64
C GLU H 128 -38.63 -37.94 36.19
N GLN H 129 -38.28 -37.05 35.26
CA GLN H 129 -39.17 -35.97 34.87
C GLN H 129 -39.58 -35.99 33.41
N THR H 130 -38.98 -36.86 32.59
CA THR H 130 -39.43 -37.01 31.21
C THR H 130 -40.81 -37.66 31.22
N ASP H 131 -41.76 -37.05 30.53
CA ASP H 131 -43.15 -37.47 30.58
C ASP H 131 -43.74 -37.51 29.19
N PHE H 132 -44.75 -38.35 29.02
CA PHE H 132 -45.54 -38.39 27.79
C PHE H 132 -46.89 -38.97 28.15
N ASN H 133 -47.93 -38.13 28.14
CA ASN H 133 -49.29 -38.55 28.46
C ASN H 133 -49.35 -39.21 29.84
N GLY H 134 -48.63 -38.65 30.81
CA GLY H 134 -48.64 -39.19 32.14
C GLY H 134 -47.84 -40.46 32.32
N VAL H 135 -47.05 -40.86 31.33
CA VAL H 135 -46.21 -42.04 31.40
C VAL H 135 -44.76 -41.58 31.36
N LYS H 136 -44.05 -41.80 32.47
CA LYS H 136 -42.64 -41.44 32.54
C LYS H 136 -41.86 -42.47 31.74
N VAL H 137 -41.73 -42.20 30.44
CA VAL H 137 -41.22 -43.21 29.52
C VAL H 137 -39.77 -43.57 29.83
N LEU H 138 -38.94 -42.57 30.11
CA LEU H 138 -37.52 -42.82 30.37
C LEU H 138 -37.24 -42.84 31.88
N SER H 139 -37.95 -43.70 32.60
CA SER H 139 -37.84 -43.67 34.06
C SER H 139 -37.51 -45.04 34.64
N ASP H 140 -37.55 -45.13 35.97
CA ASP H 140 -37.33 -46.41 36.64
C ASP H 140 -38.54 -47.32 36.56
N SER H 141 -39.72 -46.76 36.28
CA SER H 141 -40.96 -47.53 36.18
C SER H 141 -41.55 -47.25 34.81
N ALA H 142 -41.10 -48.00 33.80
CA ALA H 142 -41.60 -47.84 32.44
C ALA H 142 -41.56 -49.21 31.77
N LYS H 143 -42.68 -49.90 31.84
CA LYS H 143 -42.78 -51.18 31.16
C LYS H 143 -42.99 -50.96 29.66
N PRO H 144 -42.54 -51.91 28.83
CA PRO H 144 -42.73 -51.76 27.38
C PRO H 144 -44.21 -51.67 27.02
N LEU H 145 -44.49 -50.88 25.99
CA LEU H 145 -45.86 -50.60 25.58
C LEU H 145 -46.35 -51.66 24.60
N THR H 146 -47.57 -51.48 24.07
CA THR H 146 -48.16 -52.43 23.14
C THR H 146 -48.36 -51.82 21.75
N LEU H 147 -49.12 -50.73 21.65
CA LEU H 147 -49.35 -50.02 20.39
C LEU H 147 -49.93 -50.94 19.32
N GLN H 148 -51.16 -51.38 19.57
CA GLN H 148 -51.85 -52.23 18.61
C GLN H 148 -51.95 -51.53 17.25
N VAL H 149 -51.59 -52.26 16.20
CA VAL H 149 -51.67 -51.76 14.83
C VAL H 149 -52.49 -52.76 14.02
N GLY H 150 -53.76 -52.44 13.81
CA GLY H 150 -54.67 -53.26 13.05
C GLY H 150 -55.87 -53.66 13.87
N ALA H 151 -56.94 -54.08 13.22
CA ALA H 151 -58.06 -54.69 13.91
C ALA H 151 -57.69 -56.14 14.23
N ASN H 152 -58.64 -56.92 14.73
CA ASN H 152 -58.42 -58.33 15.04
C ASN H 152 -57.26 -58.48 16.04
N ASP H 153 -57.51 -57.97 17.25
CA ASP H 153 -56.49 -57.82 18.27
C ASP H 153 -55.69 -59.11 18.47
N GLY H 154 -54.46 -58.95 18.92
CA GLY H 154 -53.52 -60.05 19.02
C GLY H 154 -52.16 -59.61 18.54
N GLU H 155 -52.10 -58.40 18.02
CA GLU H 155 -50.87 -57.80 17.51
C GLU H 155 -50.52 -56.56 18.31
N THR H 156 -49.24 -56.42 18.62
CA THR H 156 -48.72 -55.24 19.29
C THR H 156 -47.39 -54.87 18.64
N ILE H 157 -46.86 -53.74 19.06
CA ILE H 157 -45.48 -53.35 18.74
C ILE H 157 -44.82 -53.00 20.08
N THR H 158 -44.17 -53.97 20.68
CA THR H 158 -43.59 -53.78 22.00
C THR H 158 -42.36 -52.89 21.91
N LEU H 159 -42.26 -51.90 22.80
CA LEU H 159 -41.25 -50.85 22.65
C LEU H 159 -39.93 -51.17 23.35
N ASN H 160 -39.97 -51.74 24.55
CA ASN H 160 -38.78 -52.02 25.34
C ASN H 160 -37.97 -50.75 25.61
N LEU H 161 -38.60 -49.84 26.35
CA LEU H 161 -37.97 -48.59 26.76
C LEU H 161 -38.04 -48.49 28.28
N SER H 162 -36.90 -48.24 28.91
CA SER H 162 -36.81 -48.07 30.36
C SER H 162 -35.36 -47.80 30.75
N GLU H 163 -35.19 -47.30 31.98
CA GLU H 163 -33.95 -47.36 32.74
C GLU H 163 -32.76 -46.75 31.99
N ILE H 164 -32.85 -45.44 31.77
CA ILE H 164 -31.70 -44.62 31.42
C ILE H 164 -31.56 -43.57 32.50
N SER H 165 -30.59 -43.77 33.40
CA SER H 165 -30.37 -42.90 34.54
C SER H 165 -29.18 -43.42 35.33
N VAL H 166 -28.81 -42.71 36.41
CA VAL H 166 -28.01 -43.37 37.41
C VAL H 166 -28.85 -44.44 38.09
N LYS H 167 -28.18 -45.35 38.79
CA LYS H 167 -28.75 -46.54 39.42
C LYS H 167 -29.08 -47.56 38.33
N THR H 168 -28.92 -47.19 37.07
CA THR H 168 -29.06 -48.14 35.97
C THR H 168 -28.02 -48.00 34.86
N LEU H 169 -27.37 -46.85 34.69
CA LEU H 169 -26.25 -46.79 33.76
C LEU H 169 -24.97 -47.36 34.33
N GLY H 170 -24.93 -47.61 35.64
CA GLY H 170 -23.79 -48.24 36.26
C GLY H 170 -22.77 -47.30 36.86
N LEU H 171 -22.78 -46.03 36.47
CA LEU H 171 -21.81 -45.09 36.99
C LEU H 171 -22.02 -44.95 38.50
N ASP H 172 -23.11 -44.26 38.86
CA ASP H 172 -23.82 -44.42 40.12
C ASP H 172 -23.01 -44.04 41.34
N GLY H 173 -21.71 -43.84 41.16
CA GLY H 173 -20.82 -43.45 42.23
C GLY H 173 -19.70 -42.59 41.71
N PHE H 174 -19.96 -41.87 40.62
CA PHE H 174 -18.87 -41.44 39.76
C PHE H 174 -18.00 -40.42 40.49
N ASN H 175 -16.94 -40.92 41.11
CA ASN H 175 -16.09 -40.14 42.00
C ASN H 175 -14.71 -40.05 41.39
N VAL H 176 -14.28 -38.82 41.08
CA VAL H 176 -12.95 -38.58 40.54
C VAL H 176 -12.02 -38.00 41.58
N ASN H 177 -12.55 -37.47 42.68
CA ASN H 177 -11.80 -37.04 43.84
C ASN H 177 -12.08 -38.02 44.97
N GLY H 178 -11.63 -37.68 46.18
CA GLY H 178 -11.68 -38.66 47.24
C GLY H 178 -13.02 -38.89 47.92
N LYS H 179 -14.01 -38.02 47.73
CA LYS H 179 -15.17 -38.09 48.62
C LYS H 179 -16.14 -39.21 48.23
N GLY H 180 -16.72 -39.14 47.03
CA GLY H 180 -17.66 -40.15 46.57
C GLY H 180 -18.85 -40.42 47.50
N VAL H 181 -19.56 -41.49 47.15
CA VAL H 181 -20.68 -41.98 47.96
C VAL H 181 -20.99 -43.41 47.52
N THR H 182 -21.27 -44.27 48.50
CA THR H 182 -21.65 -45.65 48.23
C THR H 182 -22.73 -46.04 49.24
N GLN H 183 -23.90 -46.43 48.73
CA GLN H 183 -24.98 -46.86 49.60
C GLN H 183 -24.72 -48.28 50.10
N ASN H 184 -25.03 -48.51 51.37
CA ASN H 184 -24.89 -49.83 51.97
C ASN H 184 -26.08 -50.69 51.56
N ARG H 185 -26.21 -51.86 52.19
CA ARG H 185 -27.32 -52.77 51.93
C ARG H 185 -28.07 -53.02 53.23
N SER H 186 -29.39 -53.18 53.11
CA SER H 186 -30.22 -53.45 54.27
C SER H 186 -29.82 -54.76 54.92
N ALA H 187 -29.67 -54.73 56.24
CA ALA H 187 -29.30 -55.93 56.98
C ALA H 187 -30.49 -56.89 57.04
N THR H 188 -30.18 -58.18 57.04
CA THR H 188 -31.17 -59.24 57.12
C THR H 188 -30.98 -60.01 58.42
N VAL H 189 -31.88 -60.97 58.66
CA VAL H 189 -31.77 -61.78 59.87
C VAL H 189 -30.50 -62.61 59.86
N THR H 190 -30.09 -63.10 58.68
CA THR H 190 -28.80 -63.79 58.59
C THR H 190 -27.64 -62.85 58.94
N ASP H 191 -27.72 -61.60 58.49
CA ASP H 191 -26.64 -60.66 58.77
C ASP H 191 -26.50 -60.41 60.26
N VAL H 192 -27.63 -60.24 60.97
CA VAL H 192 -27.54 -60.02 62.41
C VAL H 192 -27.11 -61.30 63.13
N ILE H 193 -27.61 -62.45 62.69
CA ILE H 193 -27.19 -63.72 63.30
C ILE H 193 -25.70 -63.92 63.15
N ALA H 194 -25.11 -63.37 62.09
CA ALA H 194 -23.66 -63.45 61.93
C ALA H 194 -22.91 -62.89 63.14
N GLN H 195 -23.48 -61.92 63.85
CA GLN H 195 -22.85 -61.42 65.07
C GLN H 195 -22.96 -62.40 66.23
N GLY H 196 -23.80 -63.42 66.13
CA GLY H 196 -23.88 -64.44 67.17
C GLY H 196 -24.71 -64.06 68.38
N GLY H 197 -25.53 -63.02 68.30
CA GLY H 197 -26.36 -62.62 69.41
C GLY H 197 -27.57 -63.50 69.58
N THR H 198 -28.42 -63.12 70.52
CA THR H 198 -29.62 -63.88 70.86
C THR H 198 -30.85 -63.23 70.25
N LEU H 199 -31.84 -64.06 69.91
CA LEU H 199 -33.06 -63.62 69.26
C LEU H 199 -34.26 -63.92 70.15
N GLN H 200 -35.26 -63.05 70.09
CA GLN H 200 -36.43 -63.16 70.97
C GLN H 200 -37.72 -62.94 70.19
N GLY H 201 -38.82 -62.76 70.91
CA GLY H 201 -40.11 -62.60 70.28
C GLY H 201 -40.18 -61.41 69.35
N ASP H 202 -41.12 -61.48 68.40
CA ASP H 202 -41.30 -60.49 67.35
C ASP H 202 -40.06 -60.35 66.47
N GLY H 203 -39.15 -61.32 66.53
CA GLY H 203 -37.92 -61.24 65.77
C GLY H 203 -36.87 -60.32 66.36
N THR H 204 -37.11 -59.79 67.56
CA THR H 204 -36.13 -58.90 68.19
C THR H 204 -34.83 -59.65 68.44
N TYR H 205 -33.71 -58.99 68.13
CA TYR H 205 -32.40 -59.61 68.19
C TYR H 205 -31.48 -58.77 69.05
N LYS H 206 -30.46 -59.41 69.62
CA LYS H 206 -29.51 -58.76 70.52
C LYS H 206 -28.13 -58.73 69.86
N ALA H 207 -27.85 -57.68 69.10
CA ALA H 207 -26.54 -57.47 68.52
C ALA H 207 -25.70 -56.64 69.48
N THR H 208 -24.60 -57.21 69.96
CA THR H 208 -23.72 -56.56 70.92
C THR H 208 -22.50 -56.05 70.18
N THR H 209 -22.61 -54.84 69.65
CA THR H 209 -21.52 -54.24 68.90
C THR H 209 -20.38 -53.83 69.84
N THR H 210 -19.17 -54.22 69.50
CA THR H 210 -18.00 -53.86 70.28
C THR H 210 -17.53 -52.46 69.89
N PHE H 211 -16.72 -51.86 70.77
CA PHE H 211 -16.34 -50.47 70.60
C PHE H 211 -14.86 -50.25 70.89
N ASN H 212 -14.04 -51.29 70.73
CA ASN H 212 -12.60 -51.19 71.01
C ASN H 212 -11.97 -50.08 70.19
N ALA H 213 -11.55 -49.01 70.86
CA ALA H 213 -11.06 -47.82 70.19
C ALA H 213 -10.20 -47.04 71.20
N ALA H 214 -9.97 -45.76 70.90
CA ALA H 214 -9.16 -44.87 71.73
C ALA H 214 -7.69 -45.28 71.71
N SER H 215 -7.18 -45.52 70.51
CA SER H 215 -5.76 -45.80 70.31
C SER H 215 -4.99 -44.48 70.30
N ALA H 216 -3.72 -44.54 69.91
CA ALA H 216 -2.85 -43.37 70.01
C ALA H 216 -3.22 -42.30 69.00
N GLU H 217 -3.61 -42.70 67.78
CA GLU H 217 -3.83 -41.72 66.72
C GLU H 217 -5.00 -40.79 66.99
N THR H 218 -5.97 -41.22 67.81
CA THR H 218 -7.14 -40.39 68.05
C THR H 218 -7.01 -39.54 69.32
N VAL H 219 -6.25 -40.01 70.31
CA VAL H 219 -6.11 -39.24 71.54
C VAL H 219 -5.26 -38.01 71.32
N LEU H 220 -4.21 -38.12 70.50
CA LEU H 220 -3.31 -36.99 70.29
C LEU H 220 -4.00 -35.84 69.59
N SER H 221 -5.15 -36.09 68.95
CA SER H 221 -5.92 -35.01 68.36
C SER H 221 -6.43 -34.04 69.41
N LYS H 222 -6.77 -34.54 70.59
CA LYS H 222 -7.20 -33.71 71.72
C LYS H 222 -6.16 -33.86 72.82
N LEU H 223 -5.12 -33.02 72.77
CA LEU H 223 -4.04 -33.13 73.73
C LEU H 223 -3.42 -31.75 73.97
N GLU H 224 -3.37 -31.35 75.24
CA GLU H 224 -2.64 -30.17 75.66
C GLU H 224 -1.78 -30.39 76.89
N ASP H 225 -2.10 -31.38 77.72
CA ASP H 225 -1.35 -31.65 78.94
C ASP H 225 -0.20 -32.61 78.64
N GLY H 226 0.40 -33.17 79.69
CA GLY H 226 1.59 -33.97 79.52
C GLY H 226 1.32 -35.36 78.97
N ASN H 227 2.39 -35.94 78.43
CA ASN H 227 2.39 -37.30 77.90
C ASN H 227 3.59 -38.04 78.46
N THR H 228 3.48 -39.36 78.59
CA THR H 228 4.58 -40.15 79.13
C THR H 228 4.58 -41.53 78.52
N VAL H 229 5.77 -42.12 78.42
CA VAL H 229 5.97 -43.48 77.99
C VAL H 229 6.95 -44.16 78.95
N ALA H 230 6.82 -45.47 79.09
CA ALA H 230 7.67 -46.22 80.00
C ALA H 230 7.63 -47.70 79.61
N VAL H 231 8.80 -48.34 79.65
CA VAL H 231 8.94 -49.74 79.29
C VAL H 231 9.35 -50.53 80.52
N GLY H 232 8.57 -51.57 80.84
CA GLY H 232 8.84 -52.46 81.95
C GLY H 232 9.26 -51.78 83.24
N GLY H 233 10.41 -52.17 83.76
CA GLY H 233 11.02 -51.52 84.91
C GLY H 233 12.08 -50.49 84.58
N GLY H 234 12.19 -50.08 83.32
CA GLY H 234 13.19 -49.13 82.91
C GLY H 234 12.78 -47.70 83.20
N ALA H 235 13.58 -46.77 82.67
CA ALA H 235 13.35 -45.36 82.88
C ALA H 235 12.07 -44.90 82.18
N THR H 236 11.45 -43.86 82.72
CA THR H 236 10.22 -43.30 82.20
C THR H 236 10.49 -41.90 81.65
N TYR H 237 10.05 -41.65 80.42
CA TYR H 237 10.24 -40.37 79.76
C TYR H 237 8.88 -39.70 79.53
N THR H 238 8.81 -38.41 79.81
CA THR H 238 7.57 -37.65 79.72
C THR H 238 7.63 -36.68 78.55
N TYR H 239 6.45 -36.20 78.16
CA TYR H 239 6.29 -35.27 77.05
C TYR H 239 5.29 -34.20 77.43
N ASP H 240 5.18 -33.18 76.59
CA ASP H 240 4.18 -32.13 76.79
C ASP H 240 3.98 -31.39 75.49
N ALA H 241 2.78 -31.48 74.93
CA ALA H 241 2.46 -30.84 73.65
C ALA H 241 2.39 -29.33 73.84
N ALA H 242 3.40 -28.62 73.35
CA ALA H 242 3.45 -27.16 73.43
C ALA H 242 3.75 -26.60 72.04
N LYS H 243 2.82 -25.80 71.51
CA LYS H 243 2.98 -25.13 70.22
C LYS H 243 3.30 -26.12 69.11
N GLY H 244 2.60 -27.26 69.11
CA GLY H 244 2.77 -28.27 68.09
C GLY H 244 3.97 -29.17 68.28
N ASN H 245 4.71 -29.02 69.37
CA ASN H 245 5.88 -29.84 69.65
C ASN H 245 5.84 -30.33 71.08
N PHE H 246 6.47 -31.46 71.34
CA PHE H 246 6.49 -32.07 72.66
C PHE H 246 7.83 -31.80 73.32
N THR H 247 7.79 -31.21 74.51
CA THR H 247 9.00 -30.86 75.26
C THR H 247 9.56 -32.11 75.94
N TYR H 248 10.06 -33.01 75.11
CA TYR H 248 10.72 -34.22 75.61
C TYR H 248 11.99 -33.85 76.35
N THR H 249 12.20 -34.46 77.51
CA THR H 249 13.37 -34.24 78.33
C THR H 249 14.22 -35.50 78.31
N LYS H 250 15.37 -35.42 77.62
CA LYS H 250 16.26 -36.56 77.50
C LYS H 250 17.01 -36.71 78.82
N THR H 251 16.44 -37.50 79.71
CA THR H 251 17.04 -37.75 81.01
C THR H 251 17.89 -39.01 80.93
N VAL H 252 19.20 -38.84 81.12
CA VAL H 252 20.09 -40.00 81.09
C VAL H 252 19.75 -40.91 82.27
N ASP H 253 19.74 -42.23 82.00
CA ASP H 253 19.43 -43.23 83.00
C ASP H 253 20.33 -43.05 84.22
N THR H 254 19.89 -43.54 85.38
CA THR H 254 20.65 -43.32 86.61
C THR H 254 21.32 -44.60 87.09
N THR H 255 20.54 -45.61 87.46
CA THR H 255 21.01 -46.98 87.75
C THR H 255 22.40 -47.05 88.37
N VAL H 256 22.67 -46.23 89.38
CA VAL H 256 24.02 -46.12 89.94
C VAL H 256 23.94 -45.99 91.45
N GLY H 257 24.84 -46.69 92.14
CA GLY H 257 25.12 -46.45 93.54
C GLY H 257 26.38 -45.62 93.67
N ALA H 258 27.50 -46.26 93.94
CA ALA H 258 28.79 -45.58 93.98
C ALA H 258 29.52 -45.60 92.64
N ASP H 259 28.96 -46.27 91.63
CA ASP H 259 29.62 -46.39 90.32
C ASP H 259 29.21 -45.22 89.43
N VAL H 260 29.67 -44.03 89.83
CA VAL H 260 29.32 -42.80 89.11
C VAL H 260 29.81 -42.85 87.66
N THR H 261 30.80 -43.69 87.36
CA THR H 261 31.36 -43.73 86.02
C THR H 261 30.34 -44.12 84.95
N ALA H 262 29.24 -44.76 85.33
CA ALA H 262 28.24 -45.14 84.35
C ALA H 262 27.61 -43.91 83.69
N LEU H 263 27.28 -42.90 84.49
CA LEU H 263 26.72 -41.67 83.94
C LEU H 263 27.71 -40.96 83.04
N ALA H 264 28.98 -40.90 83.45
CA ALA H 264 29.99 -40.25 82.62
C ALA H 264 30.18 -41.00 81.30
N ASN H 265 30.23 -42.34 81.36
CA ASN H 265 30.41 -43.14 80.15
C ASN H 265 29.15 -43.19 79.29
N LYS H 266 28.01 -42.79 79.83
CA LYS H 266 26.80 -42.67 79.02
C LYS H 266 26.67 -41.31 78.38
N ILE H 267 27.11 -40.24 79.06
CA ILE H 267 26.98 -38.90 78.52
C ILE H 267 28.17 -38.50 77.66
N LYS H 268 29.34 -39.09 77.87
CA LYS H 268 30.51 -38.76 77.05
C LYS H 268 30.33 -39.08 75.57
N PRO H 269 29.79 -40.23 75.17
CA PRO H 269 29.63 -40.49 73.72
C PRO H 269 28.71 -39.50 73.03
N SER H 270 27.84 -38.81 73.77
CA SER H 270 27.02 -37.78 73.17
C SER H 270 27.88 -36.67 72.57
N SER H 271 29.07 -36.45 73.13
CA SER H 271 30.03 -35.50 72.61
C SER H 271 31.44 -36.09 72.63
N GLY H 272 31.54 -37.37 72.32
CA GLY H 272 32.80 -38.09 72.43
C GLY H 272 33.78 -37.85 71.30
N THR H 273 34.20 -36.60 71.14
CA THR H 273 35.18 -36.24 70.12
C THR H 273 35.81 -34.92 70.55
N ILE H 274 37.00 -34.64 70.04
CA ILE H 274 37.70 -33.40 70.35
C ILE H 274 36.91 -32.23 69.77
N SER H 275 36.49 -31.32 70.65
CA SER H 275 35.72 -30.15 70.26
C SER H 275 36.29 -28.94 71.00
N GLY H 276 35.61 -27.80 70.88
CA GLY H 276 36.05 -26.59 71.52
C GLY H 276 34.87 -25.70 71.87
N SER H 277 35.18 -24.59 72.53
CA SER H 277 34.19 -23.60 72.96
C SER H 277 33.11 -24.22 73.85
N TYR H 278 33.48 -25.20 74.65
CA TYR H 278 32.52 -25.79 75.58
C TYR H 278 32.11 -24.77 76.63
N GLU H 279 30.89 -24.92 77.10
CA GLU H 279 30.35 -24.09 78.18
C GLU H 279 30.22 -24.97 79.41
N ILE H 280 31.03 -24.69 80.43
CA ILE H 280 31.05 -25.46 81.67
C ILE H 280 30.44 -24.58 82.74
N SER H 281 29.15 -24.77 83.01
CA SER H 281 28.43 -23.99 84.01
C SER H 281 28.19 -24.89 85.21
N THR H 282 29.17 -24.95 86.10
CA THR H 282 29.08 -25.68 87.35
C THR H 282 28.87 -24.70 88.50
N GLY H 283 28.77 -25.24 89.71
CA GLY H 283 28.58 -24.40 90.87
C GLY H 283 27.28 -23.64 90.79
N LYS H 284 27.36 -22.32 90.68
CA LYS H 284 26.17 -21.50 90.52
C LYS H 284 26.21 -20.61 89.29
N SER H 285 27.34 -19.99 89.00
CA SER H 285 27.45 -19.06 87.87
C SER H 285 28.82 -19.20 87.22
N ALA H 286 29.22 -20.44 86.93
CA ALA H 286 30.54 -20.68 86.34
C ALA H 286 30.66 -20.03 84.97
N SER H 287 29.89 -20.51 83.99
CA SER H 287 29.85 -19.93 82.65
C SER H 287 31.24 -19.79 82.02
N PHE H 288 32.01 -20.88 82.07
CA PHE H 288 33.30 -20.95 81.40
C PHE H 288 33.14 -21.06 79.89
N ASP H 289 34.26 -20.85 79.19
CA ASP H 289 34.38 -21.10 77.75
C ASP H 289 35.64 -21.96 77.57
N VAL H 290 35.46 -23.26 77.45
CA VAL H 290 36.53 -24.24 77.64
C VAL H 290 36.72 -25.04 76.36
N ASP H 291 37.97 -25.34 76.03
CA ASP H 291 38.33 -26.26 74.97
C ASP H 291 38.59 -27.64 75.56
N ALA H 292 38.40 -28.67 74.75
CA ALA H 292 38.59 -30.05 75.19
C ALA H 292 39.16 -30.88 74.06
N ALA H 293 40.41 -31.32 74.20
CA ALA H 293 41.04 -32.24 73.28
C ALA H 293 41.27 -33.59 73.96
N GLY H 294 40.28 -34.00 74.75
CA GLY H 294 40.45 -35.08 75.71
C GLY H 294 40.86 -34.60 77.09
N LYS H 295 41.40 -33.40 77.19
CA LYS H 295 41.75 -32.77 78.46
C LYS H 295 41.05 -31.41 78.53
N ILE H 296 40.50 -31.09 79.69
CA ILE H 296 39.79 -29.83 79.86
C ILE H 296 40.80 -28.71 79.98
N THR H 297 40.73 -27.75 79.06
CA THR H 297 41.61 -26.58 79.07
C THR H 297 40.81 -25.36 78.65
N ILE H 298 40.96 -24.27 79.40
CA ILE H 298 40.39 -23.00 79.02
C ILE H 298 41.40 -22.30 78.13
N GLY H 299 40.93 -21.31 77.36
CA GLY H 299 41.75 -20.72 76.32
C GLY H 299 43.06 -20.15 76.80
N GLY H 300 44.15 -20.83 76.46
CA GLY H 300 45.48 -20.41 76.86
C GLY H 300 45.93 -20.87 78.22
N ASN H 301 45.18 -21.72 78.90
CA ASN H 301 45.52 -22.14 80.26
C ASN H 301 45.24 -23.64 80.39
N ALA H 302 45.38 -24.14 81.63
CA ALA H 302 45.28 -25.57 81.89
C ALA H 302 43.93 -25.99 82.49
N ALA H 303 43.29 -25.13 83.27
CA ALA H 303 41.93 -25.35 83.78
C ALA H 303 41.85 -26.63 84.62
N PHE H 304 42.54 -26.60 85.75
CA PHE H 304 42.46 -27.70 86.70
C PHE H 304 41.10 -27.67 87.42
N LEU H 305 40.87 -28.68 88.25
CA LEU H 305 39.66 -28.80 89.03
C LEU H 305 40.01 -29.20 90.46
N ASN H 306 39.36 -28.56 91.43
CA ASN H 306 39.64 -28.84 92.83
C ASN H 306 38.37 -28.57 93.65
N ALA H 307 38.55 -28.40 94.96
CA ALA H 307 37.45 -28.14 95.89
C ALA H 307 36.43 -29.28 95.90
N ASP H 308 36.92 -30.46 96.28
CA ASP H 308 36.06 -31.63 96.38
C ASP H 308 34.91 -31.36 97.36
N GLY H 309 33.72 -31.81 96.99
CA GLY H 309 32.50 -31.50 97.71
C GLY H 309 31.80 -30.27 97.16
N GLU H 310 32.57 -29.30 96.69
CA GLU H 310 32.07 -28.12 95.99
C GLU H 310 32.36 -28.16 94.50
N LEU H 311 33.55 -28.65 94.12
CA LEU H 311 33.87 -29.03 92.75
C LEU H 311 33.73 -27.85 91.78
N THR H 312 34.60 -26.86 91.95
CA THR H 312 34.73 -25.77 91.01
C THR H 312 35.96 -26.00 90.13
N THR H 313 35.92 -25.44 88.92
CA THR H 313 37.02 -25.57 87.97
C THR H 313 38.17 -24.68 88.42
N ASN H 314 39.15 -25.29 89.09
CA ASN H 314 40.24 -24.55 89.72
C ASN H 314 41.41 -24.43 88.75
N ASP H 315 41.29 -23.53 87.78
CA ASP H 315 42.40 -23.30 86.87
C ASP H 315 43.62 -22.71 87.58
N ALA H 316 43.44 -22.23 88.81
CA ALA H 316 44.55 -21.96 89.71
C ALA H 316 44.71 -23.17 90.64
N SER H 317 45.93 -23.72 90.71
CA SER H 317 46.14 -24.97 91.42
C SER H 317 45.91 -24.80 92.92
N GLY H 318 45.34 -25.84 93.53
CA GLY H 318 45.10 -25.86 94.96
C GLY H 318 45.61 -27.12 95.63
N ALA H 319 46.68 -27.69 95.09
CA ALA H 319 47.39 -28.87 95.60
C ALA H 319 46.62 -30.18 95.46
N LEU H 320 45.38 -30.14 94.96
CA LEU H 320 44.56 -31.35 94.82
C LEU H 320 43.84 -31.33 93.48
N THR H 321 44.56 -30.99 92.41
CA THR H 321 43.97 -30.74 91.10
C THR H 321 44.18 -31.93 90.18
N GLN H 322 43.20 -32.13 89.28
CA GLN H 322 43.21 -33.24 88.34
C GLN H 322 43.27 -32.78 86.89
N ALA H 323 42.38 -31.86 86.48
CA ALA H 323 42.38 -31.28 85.14
C ALA H 323 42.19 -32.34 84.05
N THR H 324 41.01 -32.98 84.07
CA THR H 324 40.65 -33.92 83.02
C THR H 324 39.15 -33.93 82.80
N LEU H 325 38.74 -34.40 81.61
CA LEU H 325 37.36 -34.23 81.17
C LEU H 325 36.40 -35.13 81.95
N ASP H 326 36.75 -36.40 82.12
CA ASP H 326 35.84 -37.33 82.79
C ASP H 326 35.62 -36.93 84.25
N ASP H 327 36.67 -36.41 84.90
CA ASP H 327 36.50 -35.86 86.24
C ASP H 327 35.52 -34.69 86.23
N VAL H 328 35.52 -33.91 85.16
CA VAL H 328 34.57 -32.81 85.04
C VAL H 328 33.15 -33.35 84.92
N LEU H 329 32.95 -34.36 84.06
CA LEU H 329 31.61 -34.92 83.88
C LEU H 329 31.08 -35.53 85.16
N THR H 330 31.91 -36.29 85.87
CA THR H 330 31.51 -36.78 87.19
C THR H 330 31.31 -35.63 88.16
N SER H 331 32.05 -34.55 87.97
CA SER H 331 32.02 -33.41 88.90
C SER H 331 30.80 -32.53 88.67
N VAL H 332 30.43 -32.29 87.41
CA VAL H 332 29.42 -31.29 87.10
C VAL H 332 28.02 -31.84 87.39
N GLY H 333 27.50 -31.53 88.57
CA GLY H 333 26.16 -31.91 88.97
C GLY H 333 25.89 -33.40 88.98
N THR H 334 26.88 -34.19 88.59
CA THR H 334 26.72 -35.63 88.62
C THR H 334 27.04 -36.19 89.99
N GLU H 335 27.91 -35.52 90.75
CA GLU H 335 28.23 -35.94 92.11
C GLU H 335 27.90 -34.88 93.16
N ALA H 336 28.42 -33.66 93.01
CA ALA H 336 28.33 -32.70 94.10
C ALA H 336 27.98 -31.31 93.60
N ASN H 337 27.09 -31.21 92.63
CA ASN H 337 26.54 -29.92 92.21
C ASN H 337 25.06 -30.09 91.87
N SER H 338 24.34 -28.97 91.89
CA SER H 338 22.91 -28.97 91.64
C SER H 338 22.56 -27.92 90.60
N SER H 339 21.64 -28.28 89.71
CA SER H 339 21.11 -27.36 88.70
C SER H 339 22.23 -26.75 87.86
N VAL H 340 23.23 -27.55 87.52
CA VAL H 340 24.35 -27.11 86.70
C VAL H 340 24.34 -27.90 85.40
N THR H 341 25.13 -27.44 84.44
CA THR H 341 25.08 -28.01 83.10
C THR H 341 26.39 -27.80 82.39
N ILE H 342 26.57 -28.55 81.30
CA ILE H 342 27.62 -28.32 80.32
C ILE H 342 26.95 -27.88 79.02
N GLY H 343 27.27 -26.68 78.57
CA GLY H 343 26.77 -26.15 77.32
C GLY H 343 27.76 -26.34 76.20
N GLY H 344 27.71 -25.41 75.24
CA GLY H 344 28.60 -25.48 74.09
C GLY H 344 28.21 -26.57 73.11
N THR H 345 28.58 -26.40 71.85
CA THR H 345 28.25 -27.35 70.79
C THR H 345 26.76 -27.66 70.77
N LYS H 346 25.96 -26.65 71.12
CA LYS H 346 24.50 -26.70 71.05
C LYS H 346 23.96 -27.89 71.87
N TYR H 347 24.10 -27.77 73.18
CA TYR H 347 23.39 -28.64 74.12
C TYR H 347 23.51 -28.03 75.50
N SER H 348 22.78 -28.59 76.45
CA SER H 348 22.90 -28.20 77.85
C SER H 348 22.58 -29.41 78.71
N HIS H 349 23.63 -30.13 79.13
CA HIS H 349 23.47 -31.35 79.90
C HIS H 349 23.26 -30.97 81.37
N SER H 350 22.05 -30.49 81.66
CA SER H 350 21.72 -30.07 83.02
C SER H 350 21.70 -31.26 83.96
N ALA H 351 21.93 -30.98 85.24
CA ALA H 351 21.93 -32.00 86.28
C ALA H 351 20.68 -31.80 87.14
N ALA H 352 19.72 -32.72 87.01
CA ALA H 352 18.52 -32.64 87.82
C ALA H 352 18.80 -32.95 89.28
N ASP H 353 19.76 -33.84 89.55
CA ASP H 353 20.06 -34.24 90.92
C ASP H 353 21.55 -34.50 91.04
N GLU H 354 22.03 -34.51 92.28
CA GLU H 354 23.43 -34.81 92.58
C GLU H 354 23.53 -36.15 93.30
N LEU H 355 24.67 -36.81 93.11
CA LEU H 355 24.91 -38.15 93.63
C LEU H 355 25.65 -38.04 94.96
N SER H 356 24.92 -38.24 96.06
CA SER H 356 25.54 -38.40 97.36
C SER H 356 26.04 -39.82 97.59
N TYR H 357 26.09 -40.63 96.53
CA TYR H 357 26.45 -42.04 96.50
C TYR H 357 25.43 -42.92 97.21
N THR H 358 24.40 -42.34 97.81
CA THR H 358 23.22 -43.06 98.25
C THR H 358 21.99 -42.65 97.45
N ALA H 359 21.66 -41.36 97.45
CA ALA H 359 20.69 -40.83 96.50
C ALA H 359 21.35 -40.69 95.14
N VAL H 360 20.62 -41.03 94.10
CA VAL H 360 21.18 -41.20 92.76
C VAL H 360 20.95 -39.94 91.95
N ALA H 361 21.93 -39.59 91.12
CA ALA H 361 21.89 -38.39 90.30
C ALA H 361 21.51 -38.74 88.87
N THR H 362 21.39 -37.70 88.05
CA THR H 362 21.15 -37.86 86.61
C THR H 362 21.51 -36.56 85.90
N THR H 363 22.20 -36.68 84.78
CA THR H 363 22.42 -35.57 83.88
C THR H 363 21.32 -35.60 82.82
N ALA H 364 20.77 -34.43 82.51
CA ALA H 364 19.67 -34.36 81.57
C ALA H 364 19.83 -33.14 80.67
N ASP H 365 19.55 -33.33 79.39
CA ASP H 365 19.50 -32.25 78.43
C ASP H 365 18.12 -32.23 77.81
N VAL H 366 17.48 -31.07 77.81
CA VAL H 366 16.17 -30.94 77.18
C VAL H 366 16.40 -30.68 75.71
N LEU H 367 16.55 -31.75 74.93
CA LEU H 367 16.84 -31.63 73.51
C LEU H 367 15.68 -30.99 72.76
N SER H 368 14.48 -31.01 73.34
CA SER H 368 13.23 -30.64 72.67
C SER H 368 13.00 -31.44 71.40
N ALA H 369 13.77 -32.50 71.19
CA ALA H 369 13.58 -33.37 70.04
C ALA H 369 12.29 -34.17 70.23
N MET H 370 12.00 -35.02 69.25
CA MET H 370 10.84 -35.91 69.30
C MET H 370 9.53 -35.10 69.34
N GLY H 371 9.64 -33.81 69.02
CA GLY H 371 8.54 -32.89 69.28
C GLY H 371 7.32 -33.13 68.43
N SER H 372 7.51 -33.46 67.15
CA SER H 372 6.38 -33.54 66.23
C SER H 372 5.40 -34.61 66.69
N SER H 373 4.12 -34.23 66.77
CA SER H 373 3.10 -35.16 67.25
C SER H 373 2.95 -36.35 66.31
N THR H 374 3.27 -36.16 65.03
CA THR H 374 3.25 -37.28 64.09
C THR H 374 4.28 -38.35 64.48
N ALA H 375 5.49 -37.91 64.83
CA ALA H 375 6.50 -38.87 65.29
C ALA H 375 6.12 -39.47 66.64
N VAL H 376 5.51 -38.67 67.52
CA VAL H 376 5.06 -39.19 68.80
C VAL H 376 4.06 -40.31 68.60
N SER H 377 3.09 -40.09 67.69
CA SER H 377 2.11 -41.13 67.41
C SER H 377 2.79 -42.39 66.88
N THR H 378 3.72 -42.24 65.93
CA THR H 378 4.35 -43.40 65.32
C THR H 378 5.14 -44.20 66.35
N VAL H 379 5.91 -43.53 67.20
CA VAL H 379 6.71 -44.25 68.18
C VAL H 379 5.82 -44.90 69.23
N THR H 380 4.80 -44.19 69.71
CA THR H 380 3.89 -44.82 70.65
C THR H 380 2.97 -45.83 69.96
N LEU H 381 2.89 -45.79 68.63
CA LEU H 381 2.17 -46.81 67.87
C LEU H 381 3.16 -47.89 67.45
N GLY H 382 3.57 -48.68 68.44
CA GLY H 382 4.54 -49.73 68.20
C GLY H 382 5.83 -49.56 68.98
N SER H 383 6.00 -50.39 70.01
CA SER H 383 7.17 -50.36 70.86
C SER H 383 7.40 -51.77 71.38
N GLY H 384 8.18 -51.90 72.45
CA GLY H 384 8.43 -53.20 73.03
C GLY H 384 7.43 -53.48 74.15
N ILE H 385 7.86 -53.35 75.39
CA ILE H 385 6.97 -53.42 76.54
C ILE H 385 6.60 -52.01 77.03
N THR H 386 6.75 -51.01 76.16
CA THR H 386 6.53 -49.61 76.53
C THR H 386 5.04 -49.33 76.56
N SER H 387 4.47 -49.28 77.77
CA SER H 387 3.06 -48.93 77.96
C SER H 387 2.97 -47.43 78.22
N ALA H 388 2.45 -46.69 77.25
CA ALA H 388 2.41 -45.24 77.35
C ALA H 388 1.26 -44.80 78.25
N ALA H 389 1.13 -43.49 78.43
CA ALA H 389 0.07 -42.89 79.22
C ALA H 389 -0.03 -41.42 78.86
N VAL H 390 -1.25 -40.92 78.72
CA VAL H 390 -1.48 -39.52 78.36
C VAL H 390 -2.59 -38.94 79.23
N THR H 391 -2.31 -37.78 79.82
CA THR H 391 -3.32 -36.90 80.38
C THR H 391 -3.57 -35.80 79.36
N PHE H 392 -4.81 -35.71 78.85
CA PHE H 392 -5.06 -34.95 77.64
C PHE H 392 -6.29 -34.06 77.76
N ALA H 393 -6.53 -33.52 78.95
CA ALA H 393 -7.64 -32.59 79.15
C ALA H 393 -7.34 -31.73 80.37
N ILE H 394 -8.36 -30.99 80.82
CA ILE H 394 -8.21 -30.13 81.98
C ILE H 394 -7.79 -30.95 83.19
N ALA H 395 -6.81 -30.43 83.95
CA ALA H 395 -6.31 -31.16 85.11
C ALA H 395 -7.43 -31.48 86.09
N THR H 396 -8.41 -30.59 86.21
CA THR H 396 -9.60 -30.90 87.00
C THR H 396 -10.46 -31.98 86.34
N THR H 397 -10.48 -32.02 85.01
CA THR H 397 -11.46 -32.76 84.24
C THR H 397 -10.76 -33.73 83.28
N ASP H 398 -9.84 -34.53 83.80
CA ASP H 398 -9.13 -35.52 82.98
C ASP H 398 -8.85 -36.76 83.79
N SER H 399 -8.29 -37.75 83.10
CA SER H 399 -7.78 -39.00 83.67
C SER H 399 -6.59 -39.43 82.84
N ASN H 400 -6.18 -40.69 82.97
CA ASN H 400 -5.04 -41.21 82.24
C ASN H 400 -5.48 -42.32 81.29
N ASN H 401 -4.76 -42.43 80.17
CA ASN H 401 -5.06 -43.42 79.14
C ASN H 401 -3.78 -44.17 78.78
N THR H 402 -3.74 -45.46 79.06
CA THR H 402 -2.59 -46.29 78.69
C THR H 402 -2.83 -46.88 77.31
N TRP H 403 -1.95 -47.80 76.90
CA TRP H 403 -2.14 -48.53 75.65
C TRP H 403 -1.43 -49.87 75.69
N VAL H 404 -1.79 -50.73 74.74
CA VAL H 404 -1.00 -51.91 74.47
C VAL H 404 0.38 -51.49 74.00
N ASP H 405 1.41 -52.12 74.57
CA ASP H 405 2.77 -51.68 74.34
C ASP H 405 3.16 -51.78 72.86
N ASN H 406 2.79 -52.87 72.21
CA ASN H 406 3.30 -53.17 70.88
C ASN H 406 2.53 -52.51 69.75
N LYS H 407 1.36 -51.93 70.03
CA LYS H 407 0.63 -51.25 68.97
C LYS H 407 -0.06 -49.96 69.40
N GLY H 408 0.12 -49.52 70.65
CA GLY H 408 -0.47 -48.26 71.08
C GLY H 408 -1.98 -48.24 71.05
N GLU H 409 -2.63 -49.32 71.46
CA GLU H 409 -4.08 -49.40 71.54
C GLU H 409 -4.50 -49.64 72.97
N LEU H 410 -5.59 -49.00 73.39
CA LEU H 410 -6.10 -49.11 74.75
C LEU H 410 -7.36 -49.95 74.81
N THR H 411 -7.37 -50.94 75.69
CA THR H 411 -8.44 -51.92 75.81
C THR H 411 -9.46 -51.53 76.86
N ASP H 412 -9.01 -51.12 78.04
CA ASP H 412 -9.93 -50.81 79.13
C ASP H 412 -10.77 -49.58 78.84
N ILE H 413 -10.43 -48.79 77.82
CA ILE H 413 -11.17 -47.60 77.43
C ILE H 413 -11.66 -47.78 76.00
N GLN H 414 -12.95 -47.57 75.80
CA GLN H 414 -13.57 -47.66 74.48
C GLN H 414 -14.23 -46.33 74.14
N THR H 415 -14.69 -46.22 72.89
CA THR H 415 -15.31 -44.99 72.42
C THR H 415 -16.67 -45.33 71.80
N PHE H 416 -17.70 -44.64 72.25
CA PHE H 416 -19.02 -44.74 71.65
C PHE H 416 -19.02 -44.04 70.29
N ASP H 417 -20.16 -44.05 69.61
CA ASP H 417 -20.29 -43.32 68.35
C ASP H 417 -19.91 -41.85 68.53
N THR H 418 -20.23 -41.26 69.68
CA THR H 418 -19.97 -39.84 69.89
C THR H 418 -19.40 -39.55 71.28
N SER H 419 -18.84 -40.54 71.97
CA SER H 419 -18.29 -40.31 73.30
C SER H 419 -17.27 -41.39 73.61
N TYR H 420 -16.42 -41.11 74.59
CA TYR H 420 -15.39 -42.04 75.04
C TYR H 420 -15.88 -42.81 76.28
N LYS H 421 -16.98 -43.53 76.13
CA LYS H 421 -17.55 -44.27 77.26
C LYS H 421 -16.87 -45.61 77.42
N ILE H 422 -16.70 -46.01 78.69
CA ILE H 422 -15.85 -47.15 79.02
C ILE H 422 -16.43 -48.45 78.47
N ASN H 423 -17.74 -48.64 78.59
CA ASN H 423 -18.36 -49.92 78.24
C ASN H 423 -18.03 -50.32 76.81
N ALA H 424 -17.40 -51.49 76.66
CA ALA H 424 -16.99 -51.96 75.34
C ALA H 424 -18.16 -52.48 74.52
N ASP H 425 -19.28 -52.80 75.15
CA ASP H 425 -20.43 -53.40 74.48
C ASP H 425 -21.69 -52.64 74.84
N THR H 426 -22.56 -52.46 73.84
CA THR H 426 -23.83 -51.76 74.04
C THR H 426 -25.05 -52.65 73.96
N GLY H 427 -24.96 -53.78 73.27
CA GLY H 427 -26.13 -54.64 73.10
C GLY H 427 -27.23 -53.96 72.32
N GLU H 428 -26.89 -53.42 71.15
CA GLU H 428 -27.86 -52.73 70.31
C GLU H 428 -29.04 -53.64 70.02
N VAL H 429 -30.25 -53.11 70.21
CA VAL H 429 -31.48 -53.88 70.08
C VAL H 429 -32.00 -53.70 68.67
N THR H 430 -32.00 -54.79 67.90
CA THR H 430 -32.46 -54.78 66.52
C THR H 430 -33.59 -55.78 66.36
N VAL H 431 -34.64 -55.38 65.65
CA VAL H 431 -35.78 -56.25 65.36
C VAL H 431 -35.85 -56.44 63.85
N VAL H 432 -35.98 -57.70 63.43
CA VAL H 432 -36.12 -58.01 62.02
C VAL H 432 -37.54 -57.72 61.58
N GLY H 433 -37.68 -56.94 60.50
CA GLY H 433 -39.00 -56.57 60.05
C GLY H 433 -39.66 -57.69 59.28
N ASP H 434 -40.65 -58.32 59.92
CA ASP H 434 -41.38 -59.40 59.28
C ASP H 434 -42.15 -58.86 58.08
N ASN H 435 -42.31 -59.71 57.07
CA ASN H 435 -42.95 -59.38 55.80
C ASN H 435 -42.15 -58.34 55.00
N SER H 436 -41.01 -57.89 55.52
CA SER H 436 -40.16 -56.93 54.84
C SER H 436 -38.69 -57.29 54.82
N ALA H 437 -38.23 -58.18 55.70
CA ALA H 437 -36.83 -58.58 55.78
C ALA H 437 -35.92 -57.38 56.00
N THR H 438 -36.36 -56.46 56.86
CA THR H 438 -35.59 -55.27 57.22
C THR H 438 -35.26 -55.34 58.70
N ALA H 439 -33.98 -55.34 59.04
CA ALA H 439 -33.54 -55.38 60.44
C ALA H 439 -33.74 -53.99 61.04
N GLY H 440 -35.00 -53.65 61.27
CA GLY H 440 -35.34 -52.35 61.84
C GLY H 440 -34.74 -52.13 63.22
N GLN H 441 -34.12 -50.97 63.41
CA GLN H 441 -33.52 -50.63 64.69
C GLN H 441 -34.62 -50.47 65.73
N TYR H 442 -34.35 -50.89 66.96
CA TYR H 442 -35.38 -50.92 67.99
C TYR H 442 -34.97 -50.30 69.32
N ALA H 443 -33.67 -50.20 69.63
CA ALA H 443 -33.24 -49.75 70.95
C ALA H 443 -33.65 -48.32 71.29
N SER H 444 -33.12 -47.35 70.55
CA SER H 444 -33.38 -45.94 70.87
C SER H 444 -33.85 -45.12 69.68
N ALA H 445 -33.28 -45.33 68.50
CA ALA H 445 -33.74 -44.59 67.33
C ALA H 445 -35.10 -45.07 66.86
N ASP H 446 -35.49 -46.29 67.22
CA ASP H 446 -36.85 -46.80 67.04
C ASP H 446 -37.27 -46.76 65.57
N GLY H 447 -36.57 -47.57 64.78
CA GLY H 447 -36.89 -47.69 63.37
C GLY H 447 -35.92 -46.98 62.46
N ALA H 448 -34.63 -47.15 62.71
CA ALA H 448 -33.60 -46.46 61.95
C ALA H 448 -33.16 -47.21 60.69
N LYS H 449 -33.76 -48.38 60.41
CA LYS H 449 -33.47 -49.13 59.19
C LYS H 449 -31.97 -49.48 59.10
N VAL H 450 -31.54 -50.34 60.02
CA VAL H 450 -30.13 -50.72 60.09
C VAL H 450 -29.67 -51.32 58.77
N LEU H 451 -28.59 -50.77 58.23
CA LEU H 451 -27.89 -51.34 57.09
C LEU H 451 -26.52 -51.88 57.52
N VAL H 452 -25.96 -52.76 56.69
CA VAL H 452 -24.65 -53.33 56.97
C VAL H 452 -23.59 -52.38 56.42
N GLY H 453 -22.70 -51.90 57.30
CA GLY H 453 -21.70 -50.95 56.89
C GLY H 453 -20.60 -51.57 56.05
N SER H 454 -19.80 -50.69 55.45
CA SER H 454 -18.71 -51.15 54.59
C SER H 454 -17.63 -51.90 55.35
N ASP H 455 -17.58 -51.74 56.67
CA ASP H 455 -16.61 -52.44 57.50
C ASP H 455 -17.15 -53.77 58.04
N GLY H 456 -18.37 -54.16 57.65
CA GLY H 456 -18.98 -55.36 58.15
C GLY H 456 -19.83 -55.19 59.39
N LYS H 457 -19.90 -53.99 59.94
CA LYS H 457 -20.66 -53.71 61.15
C LYS H 457 -22.03 -53.13 60.81
N LEU H 458 -22.98 -53.34 61.72
CA LEU H 458 -24.32 -52.78 61.55
C LEU H 458 -24.30 -51.29 61.81
N THR H 459 -25.04 -50.55 61.00
CA THR H 459 -25.15 -49.10 61.17
C THR H 459 -26.46 -48.62 60.58
N THR H 460 -26.95 -47.49 61.10
CA THR H 460 -28.18 -46.90 60.60
C THR H 460 -27.96 -46.01 59.38
N GLU H 461 -26.71 -45.69 59.06
CA GLU H 461 -26.44 -44.86 57.90
C GLU H 461 -26.60 -45.67 56.61
N THR H 462 -27.39 -45.14 55.68
CA THR H 462 -27.64 -45.86 54.44
C THR H 462 -26.45 -45.81 53.49
N THR H 463 -25.79 -44.66 53.39
CA THR H 463 -24.69 -44.49 52.46
C THR H 463 -23.35 -44.65 53.19
N SER H 464 -22.27 -44.53 52.43
CA SER H 464 -20.92 -44.61 52.97
C SER H 464 -20.03 -43.66 52.19
N ALA H 465 -18.76 -43.59 52.58
CA ALA H 465 -17.85 -42.64 51.95
C ALA H 465 -17.45 -43.10 50.56
N GLY H 466 -16.77 -44.23 50.46
CA GLY H 466 -16.19 -44.66 49.20
C GLY H 466 -14.94 -43.88 48.88
N ASP H 467 -14.17 -44.39 47.92
CA ASP H 467 -12.91 -43.77 47.56
C ASP H 467 -12.93 -43.17 46.15
N LYS H 468 -13.13 -43.99 45.11
CA LYS H 468 -12.78 -43.59 43.73
C LYS H 468 -13.28 -44.65 42.75
N THR H 469 -13.73 -44.21 41.58
CA THR H 469 -14.10 -45.14 40.51
C THR H 469 -12.82 -45.64 39.85
N THR H 470 -12.52 -46.93 40.02
CA THR H 470 -11.23 -47.46 39.60
C THR H 470 -11.04 -47.33 38.10
N ASP H 471 -12.07 -47.64 37.32
CA ASP H 471 -12.02 -47.56 35.85
C ASP H 471 -13.10 -46.59 35.41
N PRO H 472 -12.80 -45.29 35.43
CA PRO H 472 -13.83 -44.29 35.13
C PRO H 472 -14.30 -44.36 33.68
N LEU H 473 -13.35 -44.31 32.75
CA LEU H 473 -13.73 -44.31 31.34
C LEU H 473 -14.30 -45.65 30.89
N LYS H 474 -13.91 -46.75 31.55
CA LYS H 474 -14.56 -48.02 31.25
C LYS H 474 -16.04 -47.98 31.62
N THR H 475 -16.35 -47.46 32.80
CA THR H 475 -17.76 -47.33 33.20
C THR H 475 -18.49 -46.37 32.27
N LEU H 476 -17.83 -45.29 31.87
CA LEU H 476 -18.44 -44.35 30.94
C LEU H 476 -18.72 -45.00 29.60
N ASP H 477 -17.80 -45.83 29.12
CA ASP H 477 -18.02 -46.53 27.85
C ASP H 477 -19.14 -47.55 27.98
N ALA H 478 -19.23 -48.22 29.12
CA ALA H 478 -20.35 -49.14 29.34
C ALA H 478 -21.69 -48.41 29.33
N ALA H 479 -21.74 -47.25 29.99
CA ALA H 479 -22.95 -46.43 29.97
C ALA H 479 -23.27 -45.98 28.55
N PHE H 480 -22.23 -45.60 27.79
CA PHE H 480 -22.43 -45.23 26.40
C PHE H 480 -23.02 -46.38 25.61
N THR H 481 -22.50 -47.59 25.81
CA THR H 481 -23.01 -48.75 25.09
C THR H 481 -24.47 -49.02 25.43
N LYS H 482 -24.82 -48.95 26.71
CA LYS H 482 -26.22 -49.19 27.09
C LYS H 482 -27.15 -48.12 26.50
N LEU H 483 -26.75 -46.85 26.61
CA LEU H 483 -27.57 -45.77 26.09
C LEU H 483 -27.71 -45.86 24.59
N ASP H 484 -26.63 -46.19 23.88
CA ASP H 484 -26.69 -46.33 22.44
C ASP H 484 -27.51 -47.55 22.03
N LYS H 485 -27.48 -48.61 22.83
CA LYS H 485 -28.35 -49.76 22.58
C LYS H 485 -29.82 -49.34 22.62
N LEU H 486 -30.20 -48.62 23.67
CA LEU H 486 -31.60 -48.20 23.75
C LEU H 486 -31.94 -47.19 22.67
N THR H 487 -31.04 -46.26 22.35
CA THR H 487 -31.31 -45.29 21.31
C THR H 487 -31.47 -45.96 19.95
N GLY H 488 -30.62 -46.94 19.64
CA GLY H 488 -30.76 -47.65 18.39
C GLY H 488 -32.03 -48.47 18.33
N GLU H 489 -32.41 -49.09 19.45
CA GLU H 489 -33.68 -49.82 19.47
C GLU H 489 -34.86 -48.90 19.23
N LEU H 490 -34.84 -47.72 19.87
CA LEU H 490 -35.91 -46.75 19.66
C LEU H 490 -35.92 -46.24 18.22
N GLY H 491 -34.75 -46.02 17.62
CA GLY H 491 -34.72 -45.60 16.23
C GLY H 491 -35.24 -46.67 15.28
N ALA H 492 -34.89 -47.92 15.53
CA ALA H 492 -35.39 -49.01 14.71
C ALA H 492 -36.90 -49.11 14.81
N VAL H 493 -37.43 -49.02 16.03
CA VAL H 493 -38.89 -49.11 16.17
C VAL H 493 -39.54 -47.89 15.56
N GLN H 494 -38.89 -46.74 15.58
CA GLN H 494 -39.44 -45.54 14.94
C GLN H 494 -39.55 -45.73 13.44
N ASN H 495 -38.49 -46.25 12.81
CA ASN H 495 -38.54 -46.51 11.38
C ASN H 495 -39.61 -47.54 11.05
N ARG H 496 -39.69 -48.62 11.83
CA ARG H 496 -40.65 -49.66 11.52
C ARG H 496 -42.07 -49.16 11.74
N LEU H 497 -42.26 -48.24 12.71
CA LEU H 497 -43.56 -47.61 12.87
C LEU H 497 -43.91 -46.73 11.69
N GLU H 498 -42.94 -46.01 11.13
CA GLU H 498 -43.23 -45.23 9.92
C GLU H 498 -43.64 -46.14 8.77
N SER H 499 -42.95 -47.28 8.64
CA SER H 499 -43.35 -48.24 7.62
C SER H 499 -44.75 -48.78 7.88
N THR H 500 -45.10 -49.02 9.14
CA THR H 500 -46.46 -49.41 9.46
C THR H 500 -47.45 -48.33 9.08
N ILE H 501 -47.10 -47.07 9.29
CA ILE H 501 -48.00 -45.97 8.89
C ILE H 501 -48.28 -46.04 7.40
N ALA H 502 -47.22 -46.17 6.60
CA ALA H 502 -47.40 -46.20 5.15
C ALA H 502 -48.21 -47.43 4.71
N ASN H 503 -47.91 -48.60 5.29
CA ASN H 503 -48.63 -49.81 4.92
C ASN H 503 -50.09 -49.73 5.34
N LEU H 504 -50.36 -49.19 6.53
CA LEU H 504 -51.72 -48.97 6.99
C LEU H 504 -52.47 -48.07 6.03
N ASN H 505 -51.83 -46.99 5.58
CA ASN H 505 -52.49 -46.09 4.62
C ASN H 505 -52.80 -46.81 3.32
N ASN H 506 -51.85 -47.58 2.79
CA ASN H 506 -52.10 -48.30 1.55
C ASN H 506 -53.27 -49.27 1.69
N VAL H 507 -53.29 -50.03 2.77
CA VAL H 507 -54.36 -51.00 2.98
C VAL H 507 -55.69 -50.27 3.16
N VAL H 508 -55.68 -49.12 3.84
CA VAL H 508 -56.91 -48.36 4.03
C VAL H 508 -57.47 -47.90 2.69
N ASN H 509 -56.60 -47.36 1.83
CA ASN H 509 -57.07 -46.89 0.53
C ASN H 509 -57.61 -48.03 -0.31
N ASN H 510 -56.89 -49.15 -0.35
CA ASN H 510 -57.35 -50.28 -1.15
C ASN H 510 -58.65 -50.85 -0.62
N LEU H 511 -58.81 -50.93 0.70
CA LEU H 511 -60.05 -51.43 1.27
C LEU H 511 -61.20 -50.47 1.04
N SER H 512 -60.94 -49.16 1.07
CA SER H 512 -61.99 -48.20 0.74
C SER H 512 -62.44 -48.37 -0.70
N SER H 513 -61.50 -48.58 -1.61
CA SER H 513 -61.87 -48.84 -3.00
C SER H 513 -62.68 -50.13 -3.11
N ALA H 514 -62.28 -51.17 -2.36
CA ALA H 514 -63.01 -52.43 -2.39
C ALA H 514 -64.43 -52.25 -1.88
N ARG H 515 -64.60 -51.48 -0.81
CA ARG H 515 -65.95 -51.20 -0.31
C ARG H 515 -66.75 -50.42 -1.34
N SER H 516 -66.12 -49.46 -2.00
CA SER H 516 -66.81 -48.69 -3.03
C SER H 516 -67.29 -49.59 -4.16
N ARG H 517 -66.48 -50.57 -4.55
CA ARG H 517 -66.82 -51.42 -5.68
C ARG H 517 -68.14 -52.17 -5.48
N ILE H 518 -68.58 -52.35 -4.24
CA ILE H 518 -69.80 -53.08 -3.96
C ILE H 518 -70.86 -52.24 -3.27
N GLN H 519 -70.53 -51.06 -2.78
CA GLN H 519 -71.46 -50.27 -1.97
C GLN H 519 -71.96 -49.04 -2.70
N ASP H 520 -71.07 -48.22 -3.23
CA ASP H 520 -71.47 -46.96 -3.82
C ASP H 520 -72.14 -47.18 -5.17
N ALA H 521 -72.89 -46.17 -5.61
CA ALA H 521 -73.70 -46.26 -6.80
C ALA H 521 -73.01 -45.60 -7.99
N ASP H 522 -72.97 -46.31 -9.11
CA ASP H 522 -72.52 -45.75 -10.38
C ASP H 522 -73.60 -44.81 -10.89
N TYR H 523 -73.52 -43.53 -10.50
CA TYR H 523 -74.67 -42.62 -10.67
C TYR H 523 -75.14 -42.52 -12.10
N ALA H 524 -74.27 -42.78 -13.08
CA ALA H 524 -74.76 -42.83 -14.45
C ALA H 524 -75.88 -43.84 -14.57
N THR H 525 -75.70 -45.03 -14.01
CA THR H 525 -76.69 -46.09 -14.16
C THR H 525 -77.98 -45.76 -13.41
N GLU H 526 -77.88 -45.33 -12.15
CA GLU H 526 -79.11 -45.01 -11.40
C GLU H 526 -79.83 -43.80 -11.98
N VAL H 527 -79.09 -42.82 -12.49
CA VAL H 527 -79.76 -41.68 -13.13
C VAL H 527 -80.50 -42.13 -14.39
N SER H 528 -79.86 -43.00 -15.19
CA SER H 528 -80.56 -43.54 -16.36
C SER H 528 -81.79 -44.32 -15.94
N ASN H 529 -81.67 -45.12 -14.87
CA ASN H 529 -82.82 -45.88 -14.39
C ASN H 529 -83.92 -44.98 -13.87
N MET H 530 -83.56 -43.89 -13.19
CA MET H 530 -84.56 -42.96 -12.68
C MET H 530 -85.31 -42.28 -13.81
N SER H 531 -84.58 -41.83 -14.84
CA SER H 531 -85.24 -41.23 -15.99
C SER H 531 -86.13 -42.23 -16.69
N LYS H 532 -85.64 -43.46 -16.87
CA LYS H 532 -86.44 -44.51 -17.49
C LYS H 532 -87.70 -44.79 -16.67
N ALA H 533 -87.57 -44.87 -15.35
CA ALA H 533 -88.71 -45.16 -14.50
C ALA H 533 -89.72 -44.03 -14.56
N GLN H 534 -89.25 -42.79 -14.64
CA GLN H 534 -90.17 -41.66 -14.80
C GLN H 534 -90.93 -41.77 -16.12
N ILE H 535 -90.24 -42.14 -17.20
CA ILE H 535 -90.93 -42.32 -18.47
C ILE H 535 -91.96 -43.43 -18.38
N LEU H 536 -91.59 -44.55 -17.75
CA LEU H 536 -92.56 -45.63 -17.54
C LEU H 536 -93.74 -45.15 -16.71
N GLN H 537 -93.50 -44.30 -15.72
CA GLN H 537 -94.61 -43.82 -14.88
C GLN H 537 -95.57 -42.96 -15.69
N GLN H 538 -95.04 -42.01 -16.47
CA GLN H 538 -95.93 -41.16 -17.27
C GLN H 538 -96.66 -41.97 -18.33
N ALA H 539 -95.95 -42.88 -19.00
CA ALA H 539 -96.60 -43.74 -19.98
C ALA H 539 -97.66 -44.62 -19.33
N GLY H 540 -97.38 -45.16 -18.15
CA GLY H 540 -98.33 -46.02 -17.47
C GLY H 540 -99.56 -45.28 -17.04
N THR H 541 -99.40 -44.07 -16.48
CA THR H 541 -100.57 -43.32 -16.07
C THR H 541 -101.38 -42.88 -17.28
N SER H 542 -100.73 -42.54 -18.39
CA SER H 542 -101.47 -42.19 -19.60
C SER H 542 -102.25 -43.39 -20.14
N VAL H 543 -101.58 -44.54 -20.25
CA VAL H 543 -102.25 -45.71 -20.81
C VAL H 543 -103.36 -46.18 -19.87
N LEU H 544 -103.18 -46.01 -18.56
CA LEU H 544 -104.25 -46.34 -17.63
C LEU H 544 -105.42 -45.39 -17.77
N ALA H 545 -105.15 -44.09 -17.96
CA ALA H 545 -106.21 -43.13 -18.16
C ALA H 545 -107.04 -43.51 -19.37
N GLN H 546 -106.38 -43.78 -20.50
CA GLN H 546 -107.12 -44.26 -21.67
C GLN H 546 -107.71 -45.66 -21.47
N ALA H 547 -107.20 -46.45 -20.54
CA ALA H 547 -107.82 -47.74 -20.26
C ALA H 547 -109.10 -47.58 -19.48
N ASN H 548 -109.24 -46.50 -18.72
CA ASN H 548 -110.47 -46.28 -17.96
C ASN H 548 -111.66 -45.96 -18.86
N GLN H 549 -111.43 -45.42 -20.05
CA GLN H 549 -112.52 -45.15 -20.98
C GLN H 549 -112.79 -46.31 -21.94
N VAL H 550 -112.14 -47.46 -21.75
CA VAL H 550 -112.51 -48.64 -22.52
C VAL H 550 -113.98 -49.00 -22.31
N PRO H 551 -114.53 -49.00 -21.09
CA PRO H 551 -115.97 -49.25 -20.94
C PRO H 551 -116.84 -48.06 -21.36
N GLN H 552 -116.26 -46.88 -21.61
CA GLN H 552 -117.09 -45.75 -22.04
C GLN H 552 -117.79 -46.05 -23.35
N THR H 553 -117.12 -46.72 -24.29
CA THR H 553 -117.76 -47.08 -25.54
C THR H 553 -119.01 -47.92 -25.33
N VAL H 554 -119.03 -48.71 -24.26
CA VAL H 554 -120.24 -49.45 -23.91
C VAL H 554 -121.38 -48.47 -23.61
N LEU H 555 -121.08 -47.40 -22.90
CA LEU H 555 -122.11 -46.43 -22.54
C LEU H 555 -122.33 -45.48 -23.73
N SER H 556 -122.51 -46.06 -24.91
CA SER H 556 -123.02 -45.35 -26.07
C SER H 556 -124.32 -45.98 -26.58
N LEU H 557 -124.29 -47.27 -26.87
CA LEU H 557 -125.50 -48.02 -27.14
C LEU H 557 -126.25 -48.27 -25.84
N LEU H 558 -127.56 -48.10 -25.89
CA LEU H 558 -128.39 -48.25 -24.69
C LEU H 558 -129.79 -48.75 -25.05
N ALA I 2 -111.06 -20.78 3.09
CA ALA I 2 -111.82 -21.81 2.40
C ALA I 2 -111.62 -21.70 0.89
N ALA I 3 -112.70 -21.40 0.18
CA ALA I 3 -112.66 -21.19 -1.28
C ALA I 3 -112.94 -19.74 -1.64
N VAL I 4 -112.43 -18.81 -0.86
CA VAL I 4 -112.67 -17.39 -1.10
C VAL I 4 -111.71 -16.89 -2.16
N ILE I 5 -112.17 -15.91 -2.94
CA ILE I 5 -111.36 -15.32 -4.00
C ILE I 5 -111.07 -13.84 -3.73
N ASN I 6 -112.02 -13.13 -3.11
CA ASN I 6 -111.88 -11.69 -2.94
C ASN I 6 -110.62 -11.33 -2.17
N THR I 7 -110.41 -11.98 -1.03
CA THR I 7 -109.25 -11.73 -0.18
C THR I 7 -108.49 -13.03 0.02
N ASN I 8 -107.18 -12.99 -0.23
CA ASN I 8 -106.29 -14.13 -0.03
C ASN I 8 -105.38 -13.79 1.14
N TYR I 9 -105.68 -14.35 2.31
CA TYR I 9 -104.91 -14.06 3.51
C TYR I 9 -103.47 -14.52 3.38
N LEU I 10 -103.24 -15.65 2.70
CA LEU I 10 -101.89 -16.18 2.55
C LEU I 10 -101.00 -15.21 1.77
N SER I 11 -101.55 -14.57 0.75
CA SER I 11 -100.78 -13.58 0.01
C SER I 11 -100.34 -12.44 0.93
N LEU I 12 -101.25 -11.98 1.80
CA LEU I 12 -100.89 -10.90 2.72
C LEU I 12 -99.80 -11.34 3.68
N VAL I 13 -99.89 -12.57 4.19
CA VAL I 13 -98.86 -13.07 5.09
C VAL I 13 -97.51 -13.11 4.38
N ALA I 14 -97.51 -13.61 3.14
CA ALA I 14 -96.26 -13.69 2.38
C ALA I 14 -95.69 -12.30 2.13
N GLN I 15 -96.54 -11.34 1.79
CA GLN I 15 -96.05 -9.98 1.56
C GLN I 15 -95.43 -9.39 2.82
N ASN I 16 -96.08 -9.59 3.97
CA ASN I 16 -95.54 -9.04 5.21
C ASN I 16 -94.19 -9.67 5.56
N ASN I 17 -94.09 -10.99 5.42
CA ASN I 17 -92.82 -11.64 5.74
C ASN I 17 -91.73 -11.23 4.76
N LEU I 18 -92.08 -11.06 3.49
CA LEU I 18 -91.13 -10.56 2.51
C LEU I 18 -90.68 -9.14 2.87
N ASN I 19 -91.60 -8.33 3.38
CA ASN I 19 -91.23 -6.99 3.82
C ASN I 19 -90.25 -7.03 4.98
N LYS I 20 -90.49 -7.92 5.94
CA LYS I 20 -89.53 -8.07 7.04
C LYS I 20 -88.15 -8.48 6.52
N SER I 21 -88.12 -9.46 5.61
CA SER I 21 -86.85 -9.90 5.05
C SER I 21 -86.16 -8.77 4.30
N GLN I 22 -86.92 -7.98 3.53
CA GLN I 22 -86.34 -6.89 2.77
C GLN I 22 -85.82 -5.79 3.68
N SER I 23 -86.50 -5.52 4.78
CA SER I 23 -85.99 -4.56 5.75
C SER I 23 -84.67 -5.02 6.33
N SER I 24 -84.58 -6.30 6.70
CA SER I 24 -83.32 -6.82 7.21
C SER I 24 -82.22 -6.73 6.15
N LEU I 25 -82.56 -7.05 4.91
CA LEU I 25 -81.60 -6.95 3.82
C LEU I 25 -81.13 -5.51 3.64
N GLY I 26 -82.05 -4.56 3.75
CA GLY I 26 -81.67 -3.16 3.59
C GLY I 26 -80.73 -2.69 4.68
N THR I 27 -81.01 -3.07 5.93
CA THR I 27 -80.09 -2.71 7.00
C THR I 27 -78.72 -3.35 6.79
N ALA I 28 -78.70 -4.62 6.38
CA ALA I 28 -77.43 -5.30 6.13
C ALA I 28 -76.65 -4.61 5.02
N ILE I 29 -77.33 -4.25 3.93
CA ILE I 29 -76.67 -3.62 2.79
C ILE I 29 -76.15 -2.24 3.18
N GLU I 30 -76.92 -1.48 3.95
CA GLU I 30 -76.47 -0.17 4.41
C GLU I 30 -75.24 -0.32 5.28
N ARG I 31 -75.23 -1.31 6.19
CA ARG I 31 -74.07 -1.53 7.04
C ARG I 31 -72.85 -1.91 6.21
N LEU I 32 -73.04 -2.74 5.18
CA LEU I 32 -71.92 -3.12 4.32
C LEU I 32 -71.37 -1.92 3.57
N SER I 33 -72.24 -1.16 2.92
CA SER I 33 -71.78 -0.03 2.11
C SER I 33 -71.12 1.04 2.98
N SER I 34 -71.79 1.47 4.04
CA SER I 34 -71.23 2.51 4.90
C SER I 34 -70.02 2.00 5.67
N GLY I 35 -70.05 0.75 6.10
CA GLY I 35 -69.00 0.21 6.94
C GLY I 35 -69.16 0.48 8.42
N LEU I 36 -70.24 1.14 8.83
CA LEU I 36 -70.48 1.45 10.23
C LEU I 36 -71.77 0.74 10.66
N ARG I 37 -71.68 -0.08 11.70
CA ARG I 37 -72.86 -0.76 12.22
C ARG I 37 -73.87 0.25 12.74
N ILE I 38 -73.41 1.23 13.51
CA ILE I 38 -74.27 2.27 14.07
C ILE I 38 -74.30 3.43 13.09
N ASN I 39 -75.17 3.30 12.09
CA ASN I 39 -75.46 4.37 11.15
C ASN I 39 -76.96 4.60 11.18
N SER I 40 -77.36 5.86 10.94
CA SER I 40 -78.78 6.23 11.02
C SER I 40 -79.33 5.91 12.41
N ALA I 41 -78.96 6.78 13.36
CA ALA I 41 -78.95 6.52 14.81
C ALA I 41 -80.13 5.70 15.33
N LYS I 42 -81.23 5.65 14.57
CA LYS I 42 -82.32 4.72 14.86
C LYS I 42 -81.80 3.33 15.23
N ASP I 43 -80.63 2.95 14.72
CA ASP I 43 -79.96 1.73 15.12
C ASP I 43 -79.02 2.05 16.28
N ASP I 44 -79.39 1.60 17.48
CA ASP I 44 -78.56 1.74 18.68
C ASP I 44 -78.22 3.21 18.93
N ALA I 45 -79.25 3.94 19.37
CA ALA I 45 -79.14 5.39 19.51
C ALA I 45 -78.02 5.79 20.46
N ALA I 46 -77.88 5.09 21.58
CA ALA I 46 -76.81 5.42 22.52
C ALA I 46 -75.43 5.17 21.93
N GLY I 47 -75.32 4.15 21.08
CA GLY I 47 -74.04 3.85 20.46
C GLY I 47 -73.54 4.99 19.60
N MET I 48 -74.43 5.64 18.86
CA MET I 48 -74.00 6.76 18.04
C MET I 48 -73.56 7.94 18.89
N ALA I 49 -74.22 8.17 20.02
CA ALA I 49 -73.77 9.23 20.92
C ALA I 49 -72.38 8.93 21.48
N ILE I 50 -72.16 7.68 21.90
CA ILE I 50 -70.83 7.30 22.39
C ILE I 50 -69.79 7.47 21.29
N ALA I 51 -70.12 7.05 20.07
CA ALA I 51 -69.19 7.16 18.96
C ALA I 51 -68.93 8.62 18.62
N ASN I 52 -69.95 9.47 18.71
CA ASN I 52 -69.77 10.90 18.48
C ASN I 52 -68.80 11.48 19.49
N ARG I 53 -68.99 11.16 20.77
CA ARG I 53 -68.07 11.65 21.78
C ARG I 53 -66.66 11.13 21.55
N PHE I 54 -66.54 9.85 21.16
CA PHE I 54 -65.23 9.26 20.91
C PHE I 54 -64.55 9.92 19.72
N THR I 55 -65.30 10.20 18.65
CA THR I 55 -64.73 10.88 17.50
C THR I 55 -64.26 12.28 17.87
N ALA I 56 -65.09 13.03 18.60
CA ALA I 56 -64.67 14.35 19.04
C ALA I 56 -63.39 14.26 19.84
N ASN I 57 -63.31 13.30 20.76
CA ASN I 57 -62.12 13.16 21.59
C ASN I 57 -60.91 12.79 20.76
N VAL I 58 -61.06 11.88 19.79
CA VAL I 58 -59.88 11.39 19.05
C VAL I 58 -59.35 12.47 18.11
N ARG I 59 -60.24 13.17 17.40
CA ARG I 59 -59.76 14.27 16.56
C ARG I 59 -59.15 15.38 17.40
N GLY I 60 -59.76 15.70 18.54
CA GLY I 60 -59.16 16.68 19.43
C GLY I 60 -57.79 16.28 19.90
N LEU I 61 -57.62 15.00 20.24
CA LEU I 61 -56.33 14.53 20.74
C LEU I 61 -55.27 14.52 19.65
N THR I 62 -55.64 14.15 18.41
CA THR I 62 -54.68 14.23 17.32
C THR I 62 -54.26 15.67 17.05
N GLN I 63 -55.23 16.59 17.06
CA GLN I 63 -54.89 18.00 16.89
C GLN I 63 -54.02 18.49 18.04
N ALA I 64 -54.27 17.98 19.24
CA ALA I 64 -53.44 18.32 20.39
C ALA I 64 -52.02 17.79 20.22
N ALA I 65 -51.88 16.60 19.65
CA ALA I 65 -50.55 16.07 19.35
C ALA I 65 -49.83 16.97 18.34
N ARG I 66 -50.56 17.46 17.34
CA ARG I 66 -49.96 18.40 16.42
C ARG I 66 -49.52 19.68 17.13
N ASN I 67 -50.36 20.19 18.03
CA ASN I 67 -50.00 21.38 18.81
C ASN I 67 -48.76 21.13 19.66
N ALA I 68 -48.68 19.95 20.28
CA ALA I 68 -47.52 19.61 21.09
C ALA I 68 -46.27 19.48 20.24
N ASN I 69 -46.40 18.96 19.02
CA ASN I 69 -45.26 18.93 18.11
C ASN I 69 -44.79 20.34 17.77
N ASP I 70 -45.74 21.25 17.55
CA ASP I 70 -45.37 22.66 17.34
C ASP I 70 -44.65 23.23 18.56
N GLY I 71 -45.11 22.88 19.77
CA GLY I 71 -44.41 23.31 20.97
C GLY I 71 -43.00 22.75 21.05
N ILE I 72 -42.83 21.48 20.66
CA ILE I 72 -41.49 20.88 20.64
C ILE I 72 -40.59 21.66 19.69
N SER I 73 -41.10 22.00 18.50
CA SER I 73 -40.28 22.73 17.55
C SER I 73 -39.95 24.12 18.04
N LEU I 74 -40.91 24.80 18.68
CA LEU I 74 -40.63 26.11 19.26
C LEU I 74 -39.54 26.02 20.32
N ALA I 75 -39.63 25.02 21.19
CA ALA I 75 -38.59 24.81 22.19
C ALA I 75 -37.26 24.53 21.52
N GLN I 76 -37.27 23.82 20.40
CA GLN I 76 -36.02 23.53 19.69
C GLN I 76 -35.38 24.79 19.15
N THR I 77 -36.18 25.68 18.55
CA THR I 77 -35.63 26.93 18.05
C THR I 77 -35.06 27.76 19.19
N THR I 78 -35.80 27.87 20.30
CA THR I 78 -35.30 28.63 21.44
C THR I 78 -34.02 28.01 22.00
N GLU I 79 -33.96 26.67 22.02
CA GLU I 79 -32.79 25.98 22.50
C GLU I 79 -31.58 26.26 21.61
N GLY I 80 -31.78 26.25 20.30
CA GLY I 80 -30.67 26.54 19.41
C GLY I 80 -30.16 27.96 19.57
N ALA I 81 -31.07 28.92 19.66
CA ALA I 81 -30.65 30.30 19.87
C ALA I 81 -29.90 30.44 21.20
N ALA I 82 -30.40 29.82 22.27
CA ALA I 82 -29.73 29.90 23.55
C ALA I 82 -28.36 29.23 23.50
N SER I 83 -28.24 28.12 22.78
CA SER I 83 -26.94 27.46 22.65
C SER I 83 -25.95 28.35 21.93
N GLU I 84 -26.40 29.07 20.91
CA GLU I 84 -25.48 29.98 20.24
C GLU I 84 -25.07 31.14 21.14
N VAL I 85 -26.02 31.65 21.94
CA VAL I 85 -25.67 32.67 22.93
C VAL I 85 -24.63 32.11 23.91
N ASN I 86 -24.77 30.84 24.27
CA ASN I 86 -23.80 30.20 25.15
C ASN I 86 -22.42 30.16 24.50
N THR I 87 -22.37 29.76 23.23
CA THR I 87 -21.09 29.73 22.53
C THR I 87 -20.46 31.10 22.46
N HIS I 88 -21.29 32.15 22.36
CA HIS I 88 -20.76 33.51 22.48
C HIS I 88 -20.17 33.75 23.87
N LEU I 89 -20.96 33.48 24.91
CA LEU I 89 -20.53 33.79 26.26
C LEU I 89 -19.22 33.10 26.61
N GLN I 90 -18.97 31.92 26.04
CA GLN I 90 -17.67 31.29 26.24
C GLN I 90 -16.56 32.17 25.69
N ARG I 91 -16.75 32.75 24.50
CA ARG I 91 -15.73 33.58 23.90
C ARG I 91 -15.53 34.87 24.67
N ILE I 92 -16.63 35.50 25.12
CA ILE I 92 -16.48 36.69 25.96
C ILE I 92 -15.73 36.35 27.25
N ARG I 93 -16.02 35.19 27.85
CA ARG I 93 -15.31 34.83 29.07
C ARG I 93 -13.82 34.62 28.81
N GLU I 94 -13.49 33.92 27.72
CA GLU I 94 -12.09 33.68 27.41
C GLU I 94 -11.35 34.99 27.14
N LEU I 95 -11.98 35.91 26.40
CA LEU I 95 -11.34 37.18 26.13
C LEU I 95 -11.23 38.05 27.37
N THR I 96 -12.21 37.96 28.27
CA THR I 96 -12.10 38.70 29.54
C THR I 96 -10.94 38.17 30.37
N VAL I 97 -10.76 36.85 30.39
CA VAL I 97 -9.60 36.28 31.09
C VAL I 97 -8.31 36.76 30.45
N GLN I 98 -8.28 36.79 29.11
CA GLN I 98 -7.08 37.25 28.41
C GLN I 98 -6.76 38.70 28.74
N ALA I 99 -7.77 39.57 28.68
CA ALA I 99 -7.55 40.99 28.87
C ALA I 99 -7.35 41.36 30.33
N SER I 100 -7.78 40.51 31.26
CA SER I 100 -7.52 40.77 32.66
C SER I 100 -6.03 40.76 32.98
N ASN I 101 -5.21 40.15 32.11
CA ASN I 101 -3.77 40.20 32.27
C ASN I 101 -3.29 41.64 32.09
N GLY I 102 -2.40 42.07 32.98
CA GLY I 102 -1.94 43.45 32.96
C GLY I 102 -0.87 43.77 31.95
N SER I 103 -0.28 42.75 31.31
CA SER I 103 0.80 43.01 30.37
C SER I 103 0.32 43.74 29.12
N TYR I 104 -0.91 43.48 28.69
CA TYR I 104 -1.43 44.11 27.49
C TYR I 104 -1.62 45.61 27.70
N SER I 105 -1.17 46.39 26.73
CA SER I 105 -1.30 47.84 26.82
C SER I 105 -2.72 48.26 26.50
N GLN I 106 -2.98 49.57 26.56
CA GLN I 106 -4.34 50.07 26.47
C GLN I 106 -4.96 49.82 25.10
N GLU I 107 -4.16 49.92 24.04
CA GLU I 107 -4.69 49.76 22.69
C GLU I 107 -5.20 48.34 22.45
N GLN I 108 -4.45 47.33 22.95
CA GLN I 108 -4.90 45.96 22.74
C GLN I 108 -6.14 45.65 23.57
N LEU I 109 -6.25 46.22 24.77
CA LEU I 109 -7.50 46.09 25.51
C LEU I 109 -8.63 46.79 24.77
N ASP I 110 -8.33 47.87 24.05
CA ASP I 110 -9.35 48.53 23.24
C ASP I 110 -9.82 47.62 22.12
N SER I 111 -8.89 46.91 21.47
CA SER I 111 -9.28 45.95 20.44
C SER I 111 -10.10 44.81 21.03
N VAL I 112 -9.69 44.31 22.20
CA VAL I 112 -10.44 43.26 22.88
C VAL I 112 -11.85 43.72 23.17
N GLN I 113 -11.99 44.94 23.70
CA GLN I 113 -13.31 45.45 24.04
C GLN I 113 -14.13 45.73 22.79
N GLY I 114 -13.49 46.07 21.67
CA GLY I 114 -14.21 46.16 20.43
C GLY I 114 -14.80 44.83 20.01
N GLU I 115 -14.00 43.76 20.11
CA GLU I 115 -14.52 42.43 19.80
C GLU I 115 -15.65 42.06 20.76
N ILE I 116 -15.49 42.37 22.05
CA ILE I 116 -16.50 42.04 23.04
C ILE I 116 -17.79 42.78 22.77
N ASN I 117 -17.71 44.07 22.45
CA ASN I 117 -18.89 44.84 22.08
C ASN I 117 -19.54 44.26 20.84
N GLN I 118 -18.72 43.78 19.91
CA GLN I 118 -19.25 43.17 18.70
C GLN I 118 -20.06 41.92 19.07
N ARG I 119 -19.53 41.10 19.97
CA ARG I 119 -20.21 39.89 20.40
C ARG I 119 -21.50 40.20 21.18
N LEU I 120 -21.45 41.23 22.03
CA LEU I 120 -22.66 41.62 22.77
C LEU I 120 -23.73 42.15 21.82
N ALA I 121 -23.31 42.91 20.80
CA ALA I 121 -24.26 43.33 19.78
C ALA I 121 -24.83 42.12 19.06
N ASP I 122 -24.02 41.08 18.86
CA ASP I 122 -24.55 39.85 18.25
C ASP I 122 -25.58 39.20 19.15
N ILE I 123 -25.33 39.19 20.46
CA ILE I 123 -26.27 38.59 21.40
C ILE I 123 -27.59 39.36 21.35
N ASP I 124 -27.51 40.69 21.33
CA ASP I 124 -28.72 41.51 21.22
C ASP I 124 -29.44 41.25 19.90
N ARG I 125 -28.69 41.10 18.81
CA ARG I 125 -29.30 40.76 17.53
C ARG I 125 -30.00 39.41 17.58
N ILE I 126 -29.36 38.43 18.22
CA ILE I 126 -29.96 37.11 18.36
C ILE I 126 -31.28 37.21 19.12
N SER I 127 -31.28 37.99 20.20
CA SER I 127 -32.50 38.16 20.99
C SER I 127 -33.60 38.83 20.19
N GLU I 128 -33.27 39.91 19.48
CA GLU I 128 -34.29 40.70 18.81
C GLU I 128 -34.73 40.12 17.47
N GLN I 129 -33.97 39.18 16.89
CA GLN I 129 -34.28 38.66 15.57
C GLN I 129 -34.57 37.17 15.53
N THR I 130 -34.44 36.46 16.65
CA THR I 130 -34.90 35.07 16.68
C THR I 130 -36.41 35.06 16.58
N ASP I 131 -36.93 34.30 15.62
CA ASP I 131 -38.35 34.36 15.29
C ASP I 131 -38.90 32.95 15.14
N PHE I 132 -40.21 32.83 15.37
CA PHE I 132 -40.93 31.58 15.12
C PHE I 132 -42.39 31.92 14.92
N ASN I 133 -42.87 31.78 13.69
CA ASN I 133 -44.27 32.05 13.35
C ASN I 133 -44.69 33.46 13.77
N GLY I 134 -43.79 34.41 13.57
CA GLY I 134 -44.08 35.78 13.96
C GLY I 134 -44.00 36.05 15.45
N VAL I 135 -43.49 35.10 16.23
CA VAL I 135 -43.32 35.28 17.68
C VAL I 135 -41.83 35.30 17.96
N LYS I 136 -41.32 36.43 18.43
CA LYS I 136 -39.91 36.56 18.80
C LYS I 136 -39.73 35.87 20.14
N VAL I 137 -39.48 34.56 20.08
CA VAL I 137 -39.54 33.74 21.29
C VAL I 137 -38.45 34.14 22.28
N LEU I 138 -37.22 34.33 21.81
CA LEU I 138 -36.13 34.69 22.70
C LEU I 138 -35.87 36.20 22.66
N SER I 139 -36.90 36.97 22.98
CA SER I 139 -36.78 38.43 22.85
C SER I 139 -37.17 39.15 24.12
N ASP I 140 -37.26 40.48 24.04
CA ASP I 140 -37.68 41.27 25.18
C ASP I 140 -39.18 41.21 25.41
N SER I 141 -39.95 40.81 24.41
CA SER I 141 -41.41 40.74 24.51
C SER I 141 -41.81 39.31 24.14
N ALA I 142 -41.79 38.42 25.12
CA ALA I 142 -42.15 37.03 24.88
C ALA I 142 -42.82 36.49 26.14
N LYS I 143 -44.13 36.56 26.18
CA LYS I 143 -44.86 35.99 27.29
C LYS I 143 -44.93 34.47 27.14
N PRO I 144 -44.98 33.74 28.24
CA PRO I 144 -45.06 32.27 28.16
C PRO I 144 -46.30 31.82 27.40
N LEU I 145 -46.17 30.73 26.66
CA LEU I 145 -47.21 30.26 25.78
C LEU I 145 -48.16 29.34 26.52
N THR I 146 -49.12 28.74 25.80
CA THR I 146 -50.12 27.86 26.41
C THR I 146 -49.98 26.42 25.93
N LEU I 147 -50.08 26.17 24.62
CA LEU I 147 -49.91 24.84 24.03
C LEU I 147 -50.88 23.84 24.65
N GLN I 148 -52.17 24.06 24.38
CA GLN I 148 -53.19 23.14 24.84
C GLN I 148 -52.93 21.73 24.33
N VAL I 149 -52.99 20.76 25.24
CA VAL I 149 -52.81 19.34 24.90
C VAL I 149 -54.02 18.59 25.44
N GLY I 150 -54.92 18.22 24.54
CA GLY I 150 -56.12 17.49 24.90
C GLY I 150 -57.38 18.29 24.62
N ALA I 151 -58.51 17.62 24.52
CA ALA I 151 -59.79 18.30 24.44
C ALA I 151 -60.17 18.77 25.84
N ASN I 152 -61.38 19.32 26.00
CA ASN I 152 -61.87 19.76 27.30
C ASN I 152 -60.92 20.81 27.91
N ASP I 153 -60.89 21.97 27.22
CA ASP I 153 -59.93 23.01 27.52
C ASP I 153 -59.91 23.36 29.01
N GLY I 154 -58.77 23.87 29.45
CA GLY I 154 -58.53 24.13 30.85
C GLY I 154 -57.13 23.67 31.22
N GLU I 155 -56.48 23.00 30.27
CA GLU I 155 -55.13 22.49 30.42
C GLU I 155 -54.21 23.21 29.43
N THR I 156 -53.01 23.50 29.87
CA THR I 156 -52.00 24.11 29.02
C THR I 156 -50.64 23.52 29.38
N ILE I 157 -49.63 23.93 28.63
CA ILE I 157 -48.23 23.64 28.97
C ILE I 157 -47.51 24.98 28.86
N THR I 158 -47.43 25.72 29.96
CA THR I 158 -46.85 27.05 29.94
C THR I 158 -45.34 26.93 29.80
N LEU I 159 -44.76 27.71 28.88
CA LEU I 159 -43.36 27.51 28.49
C LEU I 159 -42.37 28.27 29.36
N ASN I 160 -42.67 29.51 29.74
CA ASN I 160 -41.77 30.36 30.51
C ASN I 160 -40.44 30.56 29.78
N LEU I 161 -40.53 31.21 28.62
CA LEU I 161 -39.36 31.55 27.83
C LEU I 161 -39.36 33.05 27.57
N SER I 162 -38.26 33.72 27.91
CA SER I 162 -38.08 35.14 27.62
C SER I 162 -36.71 35.58 28.12
N GLU I 163 -36.27 36.73 27.60
CA GLU I 163 -35.21 37.55 28.20
C GLU I 163 -33.88 36.80 28.32
N ILE I 164 -33.29 36.51 27.15
CA ILE I 164 -31.86 36.22 27.06
C ILE I 164 -31.27 37.25 26.10
N SER I 165 -30.56 38.22 26.67
CA SER I 165 -29.98 39.34 25.91
C SER I 165 -29.15 40.22 26.82
N VAL I 166 -28.51 41.24 26.24
CA VAL I 166 -28.08 42.36 27.06
C VAL I 166 -29.34 43.05 27.57
N LYS I 167 -29.18 43.81 28.67
CA LYS I 167 -30.27 44.48 29.38
C LYS I 167 -31.07 43.47 30.20
N THR I 168 -30.72 42.18 30.07
CA THR I 168 -31.29 41.17 30.96
C THR I 168 -30.29 40.14 31.47
N LEU I 169 -29.17 39.89 30.79
CA LEU I 169 -28.19 38.97 31.34
C LEU I 169 -27.32 39.60 32.42
N GLY I 170 -27.35 40.92 32.57
CA GLY I 170 -26.70 41.59 33.66
C GLY I 170 -25.37 42.23 33.30
N LEU I 171 -24.72 41.82 32.21
CA LEU I 171 -23.46 42.43 31.84
C LEU I 171 -23.70 43.91 31.55
N ASP I 172 -24.41 44.17 30.47
CA ASP I 172 -25.13 45.41 30.21
C ASP I 172 -24.21 46.61 30.06
N GLY I 173 -22.96 46.45 30.44
CA GLY I 173 -21.96 47.50 30.32
C GLY I 173 -20.58 46.92 30.12
N PHE I 174 -20.51 45.73 29.54
CA PHE I 174 -19.37 44.86 29.80
C PHE I 174 -18.09 45.46 29.25
N ASN I 175 -17.36 46.15 30.13
CA ASN I 175 -16.24 46.98 29.78
C ASN I 175 -14.98 46.43 30.42
N VAL I 176 -13.98 46.11 29.60
CA VAL I 176 -12.69 45.64 30.08
C VAL I 176 -11.61 46.70 29.99
N ASN I 177 -11.86 47.78 29.26
CA ASN I 177 -10.97 48.93 29.17
C ASN I 177 -11.69 50.13 29.77
N GLY I 178 -11.11 51.32 29.59
CA GLY I 178 -11.60 52.47 30.32
C GLY I 178 -12.89 53.10 29.83
N LYS I 179 -13.35 52.80 28.60
CA LYS I 179 -14.40 53.64 28.04
C LYS I 179 -15.78 53.27 28.56
N GLY I 180 -16.25 52.05 28.31
CA GLY I 180 -17.57 51.62 28.76
C GLY I 180 -18.73 52.50 28.33
N VAL I 181 -19.89 52.20 28.91
CA VAL I 181 -21.10 52.99 28.70
C VAL I 181 -22.09 52.64 29.81
N THR I 182 -22.76 53.66 30.33
CA THR I 182 -23.78 53.48 31.38
C THR I 182 -24.93 54.44 31.10
N GLN I 183 -26.12 53.89 30.89
CA GLN I 183 -27.30 54.72 30.66
C GLN I 183 -27.79 55.33 31.96
N ASN I 184 -28.17 56.59 31.90
CA ASN I 184 -28.68 57.31 33.07
C ASN I 184 -30.16 56.95 33.27
N ARG I 185 -30.83 57.70 34.13
CA ARG I 185 -32.25 57.50 34.41
C ARG I 185 -33.03 58.78 34.13
N SER I 186 -34.27 58.61 33.66
CA SER I 186 -35.11 59.76 33.37
C SER I 186 -35.41 60.53 34.65
N ALA I 187 -35.23 61.85 34.59
CA ALA I 187 -35.49 62.68 35.75
C ALA I 187 -36.98 62.80 35.99
N THR I 188 -37.35 62.85 37.27
CA THR I 188 -38.75 62.95 37.69
C THR I 188 -38.97 64.31 38.37
N VAL I 189 -40.23 64.58 38.71
CA VAL I 189 -40.56 65.86 39.35
C VAL I 189 -39.87 65.96 40.71
N THR I 190 -39.71 64.85 41.42
CA THR I 190 -38.95 64.89 42.67
C THR I 190 -37.50 65.25 42.40
N ASP I 191 -36.93 64.74 41.31
CA ASP I 191 -35.54 65.04 40.99
C ASP I 191 -35.35 66.53 40.72
N VAL I 192 -36.27 67.15 39.97
CA VAL I 192 -36.13 68.57 39.71
C VAL I 192 -36.39 69.38 40.98
N ILE I 193 -37.37 68.97 41.80
CA ILE I 193 -37.62 69.65 43.06
C ILE I 193 -36.39 69.60 43.97
N ALA I 194 -35.58 68.54 43.83
CA ALA I 194 -34.37 68.43 44.63
C ALA I 194 -33.43 69.62 44.45
N GLN I 195 -33.43 70.27 43.28
CA GLN I 195 -32.62 71.47 43.11
C GLN I 195 -33.23 72.69 43.77
N GLY I 196 -34.48 72.63 44.21
CA GLY I 196 -35.07 73.73 44.96
C GLY I 196 -35.56 74.89 44.12
N GLY I 197 -35.70 74.73 42.81
CA GLY I 197 -36.22 75.77 41.96
C GLY I 197 -37.73 75.89 42.05
N THR I 198 -38.27 76.75 41.20
CA THR I 198 -39.70 77.04 41.21
C THR I 198 -40.41 76.30 40.08
N LEU I 199 -41.65 75.91 40.35
CA LEU I 199 -42.47 75.16 39.41
C LEU I 199 -43.73 75.96 39.10
N GLN I 200 -44.17 75.88 37.83
CA GLN I 200 -45.27 76.71 37.35
C GLN I 200 -46.29 75.87 36.60
N GLY I 201 -47.21 76.54 35.90
CA GLY I 201 -48.26 75.84 35.19
C GLY I 201 -47.72 74.89 34.13
N ASP I 202 -48.55 73.90 33.80
CA ASP I 202 -48.20 72.81 32.90
C ASP I 202 -47.05 71.97 33.45
N GLY I 203 -46.71 72.16 34.72
CA GLY I 203 -45.58 71.48 35.32
C GLY I 203 -44.24 72.06 34.96
N THR I 204 -44.20 73.19 34.24
CA THR I 204 -42.94 73.81 33.89
C THR I 204 -42.18 74.22 35.15
N TYR I 205 -40.89 73.89 35.19
CA TYR I 205 -40.08 74.04 36.38
C TYR I 205 -38.82 74.82 36.03
N LYS I 206 -38.28 75.53 37.01
CA LYS I 206 -37.10 76.38 36.82
C LYS I 206 -35.91 75.79 37.57
N ALA I 207 -35.09 75.02 36.85
CA ALA I 207 -33.85 74.50 37.39
C ALA I 207 -32.72 75.45 37.02
N THR I 208 -32.02 75.97 38.03
CA THR I 208 -30.93 76.92 37.84
C THR I 208 -29.62 76.18 38.05
N THR I 209 -29.07 75.64 36.97
CA THR I 209 -27.83 74.88 37.06
C THR I 209 -26.64 75.81 37.17
N THR I 210 -25.74 75.50 38.10
CA THR I 210 -24.53 76.29 38.31
C THR I 210 -23.41 75.79 37.40
N PHE I 211 -22.51 76.72 37.07
CA PHE I 211 -21.45 76.46 36.09
C PHE I 211 -20.06 76.77 36.67
N ASN I 212 -19.90 76.67 37.99
CA ASN I 212 -18.62 77.00 38.61
C ASN I 212 -17.50 76.14 38.03
N ALA I 213 -16.64 76.76 37.24
CA ALA I 213 -15.64 76.05 36.48
C ALA I 213 -14.51 77.02 36.13
N ALA I 214 -13.69 76.65 35.14
CA ALA I 214 -12.56 77.46 34.69
C ALA I 214 -11.46 77.52 35.75
N SER I 215 -11.15 76.36 36.33
CA SER I 215 -10.04 76.25 37.27
C SER I 215 -8.73 76.15 36.52
N ALA I 216 -7.66 75.82 37.22
CA ALA I 216 -6.33 75.85 36.63
C ALA I 216 -6.14 74.74 35.60
N GLU I 217 -6.68 73.55 35.86
CA GLU I 217 -6.39 72.41 34.99
C GLU I 217 -6.97 72.58 33.59
N THR I 218 -8.03 73.37 33.42
CA THR I 218 -8.64 73.52 32.11
C THR I 218 -8.13 74.73 31.35
N VAL I 219 -7.71 75.78 32.05
CA VAL I 219 -7.21 76.97 31.36
C VAL I 219 -5.85 76.69 30.72
N LEU I 220 -4.98 75.97 31.43
CA LEU I 220 -3.64 75.72 30.92
C LEU I 220 -3.66 74.87 29.66
N SER I 221 -4.77 74.19 29.39
CA SER I 221 -4.90 73.45 28.13
C SER I 221 -4.88 74.39 26.94
N LYS I 222 -5.42 75.59 27.09
CA LYS I 222 -5.41 76.61 26.05
C LYS I 222 -4.58 77.78 26.57
N LEU I 223 -3.27 77.73 26.34
CA LEU I 223 -2.38 78.77 26.86
C LEU I 223 -1.16 78.90 25.98
N GLU I 224 -0.91 80.13 25.52
CA GLU I 224 0.33 80.48 24.84
C GLU I 224 0.96 81.78 25.34
N ASP I 225 0.18 82.68 25.92
CA ASP I 225 0.70 83.96 26.39
C ASP I 225 1.21 83.80 27.83
N GLY I 226 1.46 84.92 28.50
CA GLY I 226 2.11 84.88 29.79
C GLY I 226 1.19 84.44 30.91
N ASN I 227 1.83 83.99 31.99
CA ASN I 227 1.16 83.56 33.21
C ASN I 227 1.87 84.21 34.39
N THR I 228 1.13 84.43 35.47
CA THR I 228 1.72 85.05 36.66
C THR I 228 1.04 84.54 37.92
N VAL I 229 1.80 84.54 39.01
CA VAL I 229 1.28 84.22 40.34
C VAL I 229 1.81 85.27 41.30
N ALA I 230 1.05 85.51 42.38
CA ALA I 230 1.43 86.52 43.36
C ALA I 230 0.66 86.26 44.65
N VAL I 231 1.36 86.39 45.77
CA VAL I 231 0.78 86.13 47.09
C VAL I 231 0.74 87.43 47.87
N GLY I 232 -0.46 87.79 48.35
CA GLY I 232 -0.68 88.97 49.17
C GLY I 232 0.00 90.22 48.67
N GLY I 233 0.83 90.83 49.52
CA GLY I 233 1.66 91.95 49.16
C GLY I 233 3.09 91.61 48.82
N GLY I 234 3.41 90.33 48.64
CA GLY I 234 4.76 89.91 48.34
C GLY I 234 5.11 90.07 46.88
N ALA I 235 6.27 89.53 46.52
CA ALA I 235 6.76 89.63 45.15
C ALA I 235 5.89 88.82 44.20
N THR I 236 5.88 89.24 42.94
CA THR I 236 5.07 88.62 41.90
C THR I 236 5.99 87.95 40.88
N TYR I 237 5.69 86.70 40.54
CA TYR I 237 6.47 85.93 39.58
C TYR I 237 5.63 85.62 38.35
N THR I 238 6.21 85.81 37.18
CA THR I 238 5.51 85.62 35.92
C THR I 238 6.08 84.43 35.16
N TYR I 239 5.27 83.92 34.23
CA TYR I 239 5.62 82.74 33.45
C TYR I 239 5.21 82.97 32.00
N ASP I 240 5.63 82.05 31.13
CA ASP I 240 5.23 82.10 29.73
C ASP I 240 5.44 80.71 29.11
N ALA I 241 4.35 80.08 28.70
CA ALA I 241 4.41 78.74 28.13
C ALA I 241 5.03 78.80 26.74
N ALA I 242 6.29 78.39 26.63
CA ALA I 242 7.00 78.37 25.35
C ALA I 242 7.57 76.97 25.14
N LYS I 243 7.17 76.34 24.03
CA LYS I 243 7.66 75.00 23.65
C LYS I 243 7.45 73.98 24.76
N GLY I 244 6.28 74.03 25.40
CA GLY I 244 5.95 73.11 26.46
C GLY I 244 6.55 73.43 27.81
N ASN I 245 7.25 74.56 27.95
CA ASN I 245 7.87 74.96 29.19
C ASN I 245 7.55 76.41 29.48
N PHE I 246 7.55 76.76 30.77
CA PHE I 246 7.28 78.13 31.21
C PHE I 246 8.59 78.82 31.54
N THR I 247 8.78 80.02 31.00
CA THR I 247 10.00 80.80 31.21
C THR I 247 9.90 81.55 32.54
N TYR I 248 9.88 80.77 33.62
CA TYR I 248 9.90 81.34 34.96
C TYR I 248 11.19 82.10 35.19
N THR I 249 11.06 83.31 35.74
CA THR I 249 12.19 84.17 36.04
C THR I 249 12.34 84.27 37.55
N LYS I 250 13.39 83.65 38.09
CA LYS I 250 13.64 83.68 39.52
C LYS I 250 14.23 85.05 39.86
N THR I 251 13.34 86.00 40.12
CA THR I 251 13.75 87.36 40.47
C THR I 251 13.88 87.45 41.98
N VAL I 252 15.11 87.63 42.46
CA VAL I 252 15.34 87.74 43.89
C VAL I 252 14.60 88.96 44.42
N ASP I 253 13.93 88.78 45.55
CA ASP I 253 13.15 89.83 46.19
C ASP I 253 13.99 91.09 46.39
N THR I 254 13.35 92.25 46.51
CA THR I 254 14.10 93.50 46.62
C THR I 254 14.02 94.07 48.03
N THR I 255 12.82 94.45 48.48
CA THR I 255 12.54 94.82 49.87
C THR I 255 13.69 95.52 50.59
N VAL I 256 14.33 96.50 49.94
CA VAL I 256 15.53 97.13 50.49
C VAL I 256 15.50 98.62 50.21
N GLY I 257 15.91 99.39 51.22
CA GLY I 257 16.26 100.79 51.04
C GLY I 257 17.76 100.93 51.00
N ALA I 258 18.37 101.29 52.12
CA ALA I 258 19.82 101.38 52.22
C ALA I 258 20.48 100.10 52.67
N ASP I 259 19.71 99.08 53.04
CA ASP I 259 20.27 97.82 53.56
C ASP I 259 20.46 96.84 52.40
N VAL I 260 21.41 97.19 51.52
CA VAL I 260 21.71 96.39 50.35
C VAL I 260 22.13 94.97 50.71
N THR I 261 22.63 94.77 51.94
CA THR I 261 23.14 93.46 52.34
C THR I 261 22.09 92.36 52.27
N ALA I 262 20.80 92.71 52.30
CA ALA I 262 19.77 91.68 52.21
C ALA I 262 19.83 90.94 50.88
N LEU I 263 20.04 91.69 49.79
CA LEU I 263 20.16 91.04 48.48
C LEU I 263 21.38 90.13 48.43
N ALA I 264 22.51 90.59 48.95
CA ALA I 264 23.72 89.77 48.95
C ALA I 264 23.53 88.51 49.79
N ASN I 265 22.92 88.64 50.96
CA ASN I 265 22.70 87.50 51.84
C ASN I 265 21.59 86.59 51.33
N LYS I 266 20.77 87.05 50.40
CA LYS I 266 19.80 86.18 49.75
C LYS I 266 20.38 85.45 48.55
N ILE I 267 21.29 86.09 47.82
CA ILE I 267 21.87 85.48 46.63
C ILE I 267 23.08 84.60 46.94
N LYS I 268 23.82 84.90 48.01
CA LYS I 268 24.99 84.11 48.36
C LYS I 268 24.68 82.66 48.65
N PRO I 269 23.64 82.31 49.43
CA PRO I 269 23.39 80.89 49.70
C PRO I 269 23.06 80.08 48.45
N SER I 270 22.65 80.73 47.37
CA SER I 270 22.44 80.01 46.12
C SER I 270 23.74 79.36 45.63
N SER I 271 24.88 79.94 45.98
CA SER I 271 26.19 79.38 45.67
C SER I 271 27.11 79.52 46.88
N GLY I 272 26.57 79.32 48.08
CA GLY I 272 27.31 79.55 49.30
C GLY I 272 28.29 78.45 49.68
N THR I 273 29.27 78.20 48.82
CA THR I 273 30.30 77.22 49.08
C THR I 273 31.50 77.56 48.20
N ILE I 274 32.67 77.09 48.60
CA ILE I 274 33.88 77.35 47.83
C ILE I 274 33.78 76.66 46.48
N SER I 275 33.84 77.45 45.40
CA SER I 275 33.76 76.93 44.04
C SER I 275 34.82 77.65 43.22
N GLY I 276 34.83 77.37 41.91
CA GLY I 276 35.80 77.97 41.01
C GLY I 276 35.21 78.14 39.64
N SER I 277 36.02 78.73 38.75
CA SER I 277 35.62 79.01 37.37
C SER I 277 34.37 79.88 37.31
N TYR I 278 34.20 80.76 38.29
CA TYR I 278 33.07 81.69 38.25
C TYR I 278 33.22 82.65 37.09
N GLU I 279 32.09 83.11 36.58
CA GLU I 279 32.03 84.07 35.49
C GLU I 279 31.49 85.38 36.06
N ILE I 280 32.30 86.43 36.03
CA ILE I 280 31.94 87.73 36.57
C ILE I 280 31.82 88.68 35.38
N SER I 281 30.58 88.97 34.99
CA SER I 281 30.31 89.88 33.88
C SER I 281 29.67 91.14 34.45
N THR I 282 30.49 92.07 34.89
CA THR I 282 30.07 93.37 35.38
C THR I 282 30.38 94.43 34.34
N GLY I 283 30.03 95.67 34.66
CA GLY I 283 30.29 96.76 33.73
C GLY I 283 29.51 96.55 32.45
N LYS I 284 30.24 96.33 31.36
CA LYS I 284 29.61 96.04 30.08
C LYS I 284 30.07 94.73 29.45
N SER I 285 31.37 94.46 29.48
CA SER I 285 31.92 93.27 28.83
C SER I 285 33.04 92.68 29.69
N ALA I 286 32.78 92.53 30.98
CA ALA I 286 33.80 92.02 31.89
C ALA I 286 34.24 90.60 31.51
N SER I 287 33.33 89.64 31.64
CA SER I 287 33.58 88.26 31.23
C SER I 287 34.86 87.69 31.86
N PHE I 288 34.94 87.79 33.18
CA PHE I 288 36.05 87.20 33.93
C PHE I 288 35.90 85.69 34.06
N ASP I 289 37.00 85.06 34.48
CA ASP I 289 37.04 83.64 34.87
C ASP I 289 37.70 83.60 36.23
N VAL I 290 36.89 83.58 37.29
CA VAL I 290 37.35 83.87 38.65
C VAL I 290 37.09 82.68 39.56
N ASP I 291 38.02 82.44 40.47
CA ASP I 291 37.87 81.46 41.54
C ASP I 291 37.42 82.17 42.82
N ALA I 292 36.72 81.43 43.68
CA ALA I 292 36.20 82.00 44.92
C ALA I 292 36.27 80.96 46.02
N ALA I 293 37.19 81.17 46.96
CA ALA I 293 37.31 80.34 48.16
C ALA I 293 36.87 81.12 49.39
N GLY I 294 35.81 81.91 49.22
CA GLY I 294 35.43 82.93 50.15
C GLY I 294 36.00 84.30 49.84
N LYS I 295 37.09 84.35 49.08
CA LYS I 295 37.69 85.58 48.59
C LYS I 295 37.78 85.50 47.08
N ILE I 296 37.44 86.60 46.39
CA ILE I 296 37.45 86.60 44.94
C ILE I 296 38.89 86.65 44.45
N THR I 297 39.28 85.65 43.68
CA THR I 297 40.63 85.57 43.11
C THR I 297 40.54 85.02 41.70
N ILE I 298 41.29 85.63 40.78
CA ILE I 298 41.41 85.12 39.43
C ILE I 298 42.66 84.25 39.38
N GLY I 299 42.73 83.40 38.36
CA GLY I 299 43.77 82.39 38.30
C GLY I 299 45.18 82.93 38.37
N GLY I 300 45.84 82.71 39.50
CA GLY I 300 47.19 83.19 39.71
C GLY I 300 47.31 84.61 40.20
N ASN I 301 46.20 85.29 40.50
CA ASN I 301 46.25 86.70 40.90
C ASN I 301 45.23 86.91 42.02
N ALA I 302 45.09 88.17 42.45
CA ALA I 302 44.26 88.51 43.60
C ALA I 302 42.90 89.09 43.23
N ALA I 303 42.80 89.81 42.10
CA ALA I 303 41.52 90.30 41.57
C ALA I 303 40.80 91.19 42.59
N PHE I 304 41.41 92.33 42.86
CA PHE I 304 40.79 93.33 43.72
C PHE I 304 39.61 94.00 43.02
N LEU I 305 38.94 94.90 43.73
CA LEU I 305 37.81 95.66 43.21
C LEU I 305 37.96 97.11 43.59
N ASN I 306 37.69 98.01 42.64
CA ASN I 306 37.80 99.45 42.91
C ASN I 306 36.81 100.18 41.99
N ALA I 307 37.04 101.48 41.81
CA ALA I 307 36.22 102.34 40.95
C ALA I 307 34.78 102.39 41.43
N ASP I 308 34.61 102.90 42.65
CA ASP I 308 33.27 103.07 43.21
C ASP I 308 32.43 103.97 42.31
N GLY I 309 31.16 103.62 42.17
CA GLY I 309 30.25 104.27 41.25
C GLY I 309 30.22 103.60 39.90
N GLU I 310 31.36 103.06 39.47
CA GLU I 310 31.46 102.26 38.26
C GLU I 310 31.72 100.78 38.55
N LEU I 311 32.51 100.49 39.58
CA LEU I 311 32.60 99.16 40.19
C LEU I 311 33.03 98.10 39.18
N THR I 312 34.28 98.24 38.72
CA THR I 312 34.93 97.21 37.93
C THR I 312 35.87 96.40 38.81
N THR I 313 36.10 95.15 38.42
CA THR I 313 36.98 94.28 39.18
C THR I 313 38.43 94.71 38.93
N ASN I 314 38.98 95.47 39.88
CA ASN I 314 40.27 96.12 39.70
C ASN I 314 41.37 95.20 40.25
N ASP I 315 41.74 94.20 39.45
CA ASP I 315 42.85 93.34 39.82
C ASP I 315 44.18 94.07 39.84
N ALA I 316 44.23 95.28 39.29
CA ALA I 316 45.35 96.19 39.51
C ALA I 316 44.93 97.20 40.58
N SER I 317 45.73 97.30 41.64
CA SER I 317 45.34 98.10 42.79
C SER I 317 45.24 99.58 42.45
N GLY I 318 44.22 100.24 43.00
CA GLY I 318 44.03 101.66 42.80
C GLY I 318 43.82 102.43 44.09
N ALA I 319 44.47 101.97 45.17
CA ALA I 319 44.48 102.57 46.50
C ALA I 319 43.15 102.46 47.24
N LEU I 320 42.10 101.91 46.63
CA LEU I 320 40.80 101.78 47.29
C LEU I 320 40.20 100.41 47.01
N THR I 321 41.01 99.37 47.15
CA THR I 321 40.64 98.02 46.75
C THR I 321 40.24 97.17 47.95
N GLN I 322 39.30 96.26 47.71
CA GLN I 322 38.76 95.39 48.75
C GLN I 322 39.02 93.92 48.50
N ALA I 323 38.70 93.42 47.31
CA ALA I 323 38.96 92.03 46.91
C ALA I 323 38.26 91.03 47.84
N THR I 324 36.93 91.06 47.81
CA THR I 324 36.14 90.08 48.55
C THR I 324 34.82 89.81 47.84
N LEU I 325 34.23 88.64 48.14
CA LEU I 325 33.10 88.15 47.36
C LEU I 325 31.84 88.96 47.61
N ASP I 326 31.52 89.24 48.88
CA ASP I 326 30.28 89.93 49.18
C ASP I 326 30.28 91.35 48.63
N ASP I 327 31.43 92.02 48.65
CA ASP I 327 31.54 93.31 47.99
C ASP I 327 31.27 93.19 46.51
N VAL I 328 31.67 92.07 45.89
CA VAL I 328 31.36 91.85 44.49
C VAL I 328 29.86 91.72 44.28
N LEU I 329 29.20 90.90 45.12
CA LEU I 329 27.76 90.70 44.96
C LEU I 329 26.99 92.00 45.14
N THR I 330 27.34 92.80 46.15
CA THR I 330 26.75 94.11 46.28
C THR I 330 27.14 95.00 45.10
N SER I 331 28.32 94.77 44.54
CA SER I 331 28.83 95.60 43.45
C SER I 331 28.18 95.25 42.13
N VAL I 332 28.03 93.96 41.84
CA VAL I 332 27.60 93.54 40.51
C VAL I 332 26.10 93.78 40.33
N GLY I 333 25.77 94.89 39.66
CA GLY I 333 24.40 95.21 39.31
C GLY I 333 23.45 95.33 40.48
N THR I 334 23.95 95.11 41.69
CA THR I 334 23.10 95.24 42.86
C THR I 334 23.12 96.67 43.40
N GLU I 335 24.22 97.39 43.18
CA GLU I 335 24.29 98.80 43.58
C GLU I 335 24.52 99.74 42.41
N ALA I 336 25.57 99.54 41.61
CA ALA I 336 25.95 100.54 40.63
C ALA I 336 26.32 99.92 39.29
N ASN I 337 25.58 98.91 38.86
CA ASN I 337 25.74 98.36 37.52
C ASN I 337 24.37 97.98 36.97
N SER I 338 24.29 97.93 35.64
CA SER I 338 23.04 97.61 34.96
C SER I 338 23.28 96.54 33.91
N SER I 339 22.33 95.61 33.80
CA SER I 339 22.38 94.54 32.79
C SER I 339 23.66 93.73 32.89
N VAL I 340 24.08 93.44 34.12
CA VAL I 340 25.28 92.65 34.38
C VAL I 340 24.88 91.40 35.15
N THR I 341 25.82 90.45 35.23
CA THR I 341 25.49 89.15 35.82
C THR I 341 26.75 88.49 36.34
N ILE I 342 26.53 87.46 37.16
CA ILE I 342 27.57 86.51 37.54
C ILE I 342 27.19 85.16 36.96
N GLY I 343 28.07 84.61 36.13
CA GLY I 343 27.88 83.31 35.53
C GLY I 343 28.64 82.23 36.27
N GLY I 344 29.07 81.22 35.52
CA GLY I 344 29.82 80.13 36.11
C GLY I 344 28.95 79.19 36.93
N THR I 345 29.36 77.92 37.04
CA THR I 345 28.65 76.92 37.83
C THR I 345 27.18 76.84 37.40
N LYS I 346 26.95 77.04 36.11
CA LYS I 346 25.64 76.91 35.48
C LYS I 346 24.59 77.78 36.18
N TYR I 347 24.79 79.09 36.08
CA TYR I 347 23.77 80.07 36.44
C TYR I 347 24.20 81.40 35.84
N SER I 348 23.27 82.36 35.86
CA SER I 348 23.58 83.72 35.40
C SER I 348 22.68 84.67 36.19
N HIS I 349 23.23 85.24 37.27
CA HIS I 349 22.48 86.12 38.15
C HIS I 349 22.47 87.53 37.57
N SER I 350 21.63 87.71 36.54
CA SER I 350 21.52 88.99 35.89
C SER I 350 20.91 90.03 36.83
N ALA I 351 21.26 91.29 36.59
CA ALA I 351 20.74 92.39 37.39
C ALA I 351 19.77 93.20 36.54
N ALA I 352 18.49 93.10 36.86
CA ALA I 352 17.48 93.88 36.12
C ALA I 352 17.58 95.36 36.42
N ASP I 353 17.97 95.72 37.64
CA ASP I 353 18.02 97.12 38.04
C ASP I 353 19.18 97.32 38.99
N GLU I 354 19.58 98.59 39.16
CA GLU I 354 20.64 98.97 40.08
C GLU I 354 20.07 99.79 41.22
N LEU I 355 20.73 99.71 42.38
CA LEU I 355 20.28 100.38 43.60
C LEU I 355 20.99 101.71 43.71
N SER I 356 20.28 102.79 43.38
CA SER I 356 20.76 104.13 43.66
C SER I 356 20.54 104.52 45.11
N TYR I 357 20.24 103.55 45.97
CA TYR I 357 19.91 103.67 47.39
C TYR I 357 18.57 104.37 47.62
N THR I 358 17.91 104.85 46.57
CA THR I 358 16.51 105.24 46.62
C THR I 358 15.65 104.36 45.73
N ALA I 359 15.97 104.28 44.44
CA ALA I 359 15.38 103.27 43.58
C ALA I 359 16.02 101.92 43.89
N VAL I 360 15.20 100.88 43.90
CA VAL I 360 15.60 99.58 44.44
C VAL I 360 16.03 98.67 43.30
N ALA I 361 17.05 97.85 43.55
CA ALA I 361 17.60 96.93 42.58
C ALA I 361 17.07 95.52 42.80
N THR I 362 17.49 94.61 41.92
CA THR I 362 17.20 93.19 42.07
C THR I 362 18.12 92.39 41.18
N THR I 363 18.70 91.33 41.73
CA THR I 363 19.42 90.34 40.94
C THR I 363 18.44 89.26 40.53
N ALA I 364 18.59 88.75 39.31
CA ALA I 364 17.67 87.74 38.81
C ALA I 364 18.42 86.76 37.93
N ASP I 365 18.09 85.48 38.08
CA ASP I 365 18.56 84.44 37.19
C ASP I 365 17.36 83.77 36.57
N VAL I 366 17.35 83.68 35.24
CA VAL I 366 16.26 83.00 34.56
C VAL I 366 16.58 81.52 34.54
N LEU I 367 16.21 80.82 35.61
CA LEU I 367 16.55 79.41 35.74
C LEU I 367 15.86 78.56 34.68
N SER I 368 14.79 79.06 34.08
CA SER I 368 13.89 78.31 33.21
C SER I 368 13.32 77.08 33.91
N ALA I 369 13.49 76.98 35.23
CA ALA I 369 12.89 75.90 35.99
C ALA I 369 11.39 76.11 36.05
N MET I 370 10.70 75.18 36.74
CA MET I 370 9.26 75.26 36.94
C MET I 370 8.52 75.21 35.59
N GLY I 371 9.25 74.79 34.56
CA GLY I 371 8.75 74.94 33.20
C GLY I 371 7.57 74.06 32.86
N SER I 372 7.58 72.81 33.35
CA SER I 372 6.56 71.86 32.94
C SER I 372 5.18 72.35 33.34
N SER I 373 4.24 72.32 32.39
CA SER I 373 2.89 72.81 32.66
C SER I 373 2.20 71.97 33.72
N THR I 374 2.57 70.70 33.84
CA THR I 374 2.02 69.86 34.89
C THR I 374 2.40 70.38 36.28
N ALA I 375 3.67 70.78 36.45
CA ALA I 375 4.08 71.36 37.72
C ALA I 375 3.42 72.72 37.95
N VAL I 376 3.27 73.51 36.88
CA VAL I 376 2.60 74.80 37.00
C VAL I 376 1.17 74.61 37.50
N SER I 377 0.46 73.65 36.91
CA SER I 377 -0.90 73.37 37.36
C SER I 377 -0.92 72.98 38.83
N THR I 378 -0.02 72.07 39.23
CA THR I 378 -0.03 71.58 40.61
C THR I 378 0.24 72.71 41.60
N VAL I 379 1.24 73.55 41.32
CA VAL I 379 1.57 74.62 42.25
C VAL I 379 0.47 75.67 42.29
N THR I 380 -0.08 76.04 41.13
CA THR I 380 -1.20 76.97 41.16
C THR I 380 -2.48 76.31 41.65
N LEU I 381 -2.53 74.98 41.67
CA LEU I 381 -3.65 74.26 42.26
C LEU I 381 -3.32 73.96 43.73
N GLY I 382 -3.35 75.02 44.53
CA GLY I 382 -3.04 74.90 45.94
C GLY I 382 -1.84 75.74 46.34
N SER I 383 -2.09 76.82 47.07
CA SER I 383 -1.06 77.72 47.54
C SER I 383 -1.54 78.35 48.84
N GLY I 384 -0.94 79.46 49.23
CA GLY I 384 -1.35 80.16 50.44
C GLY I 384 -2.36 81.24 50.09
N ILE I 385 -1.92 82.49 50.05
CA ILE I 385 -2.74 83.60 49.58
C ILE I 385 -2.38 83.97 48.14
N THR I 386 -1.80 83.03 47.40
CA THR I 386 -1.30 83.29 46.05
C THR I 386 -2.46 83.24 45.07
N SER I 387 -2.93 84.41 44.64
CA SER I 387 -3.97 84.51 43.63
C SER I 387 -3.32 84.71 42.26
N ALA I 388 -3.38 83.68 41.43
CA ALA I 388 -2.69 83.70 40.15
C ALA I 388 -3.48 84.52 39.13
N ALA I 389 -2.93 84.62 37.91
CA ALA I 389 -3.57 85.32 36.81
C ALA I 389 -2.94 84.84 35.52
N VAL I 390 -3.76 84.58 34.51
CA VAL I 390 -3.29 84.07 33.23
C VAL I 390 -3.94 84.84 32.08
N THR I 391 -3.11 85.30 31.16
CA THR I 391 -3.55 85.76 29.84
C THR I 391 -3.31 84.60 28.88
N PHE I 392 -4.38 84.06 28.32
CA PHE I 392 -4.31 82.75 27.66
C PHE I 392 -4.99 82.76 26.29
N ALA I 393 -4.85 83.84 25.55
CA ALA I 393 -5.37 83.92 24.19
C ALA I 393 -4.64 85.05 23.46
N ILE I 394 -5.16 85.41 22.29
CA ILE I 394 -4.58 86.49 21.50
C ILE I 394 -4.58 87.78 22.31
N ALA I 395 -3.46 88.52 22.23
CA ALA I 395 -3.35 89.76 22.98
C ALA I 395 -4.50 90.72 22.66
N THR I 396 -4.95 90.73 21.41
CA THR I 396 -6.12 91.52 21.06
C THR I 396 -7.41 90.90 21.58
N THR I 397 -7.42 89.58 21.74
CA THR I 397 -8.63 88.80 21.97
C THR I 397 -8.49 87.96 23.24
N ASP I 398 -8.13 88.62 24.35
CA ASP I 398 -7.99 87.92 25.61
C ASP I 398 -8.39 88.83 26.77
N SER I 399 -8.37 88.25 27.97
CA SER I 399 -8.55 88.93 29.23
C SER I 399 -7.70 88.20 30.27
N ASN I 400 -7.97 88.44 31.54
CA ASN I 400 -7.21 87.80 32.62
C ASN I 400 -8.13 86.93 33.46
N ASN I 401 -7.56 85.86 34.01
CA ASN I 401 -8.29 84.89 34.82
C ASN I 401 -7.54 84.67 36.12
N THR I 402 -8.16 85.03 37.24
CA THR I 402 -7.58 84.79 38.55
C THR I 402 -8.08 83.44 39.08
N TRP I 403 -7.76 83.15 40.33
CA TRP I 403 -8.29 81.94 40.98
C TRP I 403 -8.32 82.12 42.49
N VAL I 404 -9.07 81.23 43.14
CA VAL I 404 -8.95 81.09 44.58
C VAL I 404 -7.55 80.63 44.92
N ASP I 405 -6.94 81.27 45.91
CA ASP I 405 -5.54 81.05 46.21
C ASP I 405 -5.27 79.60 46.62
N ASN I 406 -6.14 79.04 47.46
CA ASN I 406 -5.84 77.75 48.08
C ASN I 406 -6.19 76.55 47.21
N LYS I 407 -6.92 76.74 46.11
CA LYS I 407 -7.23 75.60 45.24
C LYS I 407 -7.17 75.92 43.76
N GLY I 408 -6.79 77.14 43.36
CA GLY I 408 -6.66 77.45 41.95
C GLY I 408 -7.94 77.34 41.16
N GLU I 409 -9.06 77.77 41.74
CA GLU I 409 -10.34 77.76 41.07
C GLU I 409 -10.87 79.19 40.98
N LEU I 410 -11.52 79.53 39.87
CA LEU I 410 -12.03 80.87 39.63
C LEU I 410 -13.54 80.93 39.75
N THR I 411 -14.03 81.90 40.52
CA THR I 411 -15.43 82.07 40.85
C THR I 411 -16.15 83.04 39.92
N ASP I 412 -15.56 84.22 39.70
CA ASP I 412 -16.22 85.23 38.89
C ASP I 412 -16.36 84.81 37.44
N ILE I 413 -15.65 83.77 37.01
CA ILE I 413 -15.75 83.25 35.66
C ILE I 413 -16.27 81.82 35.73
N GLN I 414 -17.31 81.55 34.95
CA GLN I 414 -17.87 80.21 34.84
C GLN I 414 -17.81 79.78 33.39
N THR I 415 -18.17 78.51 33.15
CA THR I 415 -18.14 77.95 31.80
C THR I 415 -19.48 77.32 31.47
N PHE I 416 -20.04 77.70 30.33
CA PHE I 416 -21.22 77.04 29.80
C PHE I 416 -20.84 75.63 29.35
N ASP I 417 -21.84 74.86 28.91
CA ASP I 417 -21.59 73.52 28.40
C ASP I 417 -20.56 73.54 27.28
N THR I 418 -20.54 74.61 26.48
CA THR I 418 -19.60 74.69 25.37
C THR I 418 -18.94 76.06 25.23
N SER I 419 -18.98 76.89 26.27
CA SER I 419 -18.35 78.21 26.20
C SER I 419 -18.00 78.68 27.59
N TYR I 420 -17.12 79.67 27.65
CA TYR I 420 -16.65 80.25 28.91
C TYR I 420 -17.42 81.53 29.23
N LYS I 421 -18.75 81.44 29.32
CA LYS I 421 -19.58 82.61 29.56
C LYS I 421 -19.67 82.90 31.06
N ILE I 422 -19.74 84.19 31.39
CA ILE I 422 -19.59 84.63 32.78
C ILE I 422 -20.73 84.15 33.65
N ASN I 423 -21.97 84.23 33.14
CA ASN I 423 -23.13 83.96 33.97
C ASN I 423 -23.07 82.58 34.60
N ALA I 424 -23.10 82.54 35.93
CA ALA I 424 -22.97 81.27 36.64
C ALA I 424 -24.24 80.43 36.58
N ASP I 425 -25.39 81.03 36.29
CA ASP I 425 -26.66 80.34 36.29
C ASP I 425 -27.40 80.62 35.01
N THR I 426 -28.12 79.61 34.52
CA THR I 426 -28.91 79.75 33.29
C THR I 426 -30.40 79.64 33.50
N GLY I 427 -30.85 78.98 34.58
CA GLY I 427 -32.26 78.78 34.77
C GLY I 427 -32.88 77.92 33.69
N GLU I 428 -32.31 76.73 33.48
CA GLU I 428 -32.80 75.82 32.46
C GLU I 428 -34.27 75.51 32.71
N VAL I 429 -35.06 75.58 31.63
CA VAL I 429 -36.51 75.39 31.71
C VAL I 429 -36.80 73.93 31.41
N THR I 430 -37.31 73.21 32.41
CA THR I 430 -37.69 71.81 32.27
C THR I 430 -39.16 71.68 32.65
N VAL I 431 -39.93 71.00 31.80
CA VAL I 431 -41.35 70.76 32.04
C VAL I 431 -41.55 69.28 32.30
N VAL I 432 -42.23 68.95 33.38
CA VAL I 432 -42.49 67.56 33.73
C VAL I 432 -43.60 67.02 32.83
N GLY I 433 -43.33 65.89 32.19
CA GLY I 433 -44.30 65.31 31.29
C GLY I 433 -45.42 64.61 32.04
N ASP I 434 -46.59 65.23 32.07
CA ASP I 434 -47.74 64.63 32.71
C ASP I 434 -48.14 63.36 31.96
N ASN I 435 -48.69 62.39 32.69
CA ASN I 435 -49.09 61.09 32.17
C ASN I 435 -47.89 60.26 31.69
N SER I 436 -46.68 60.79 31.83
CA SER I 436 -45.47 60.07 31.41
C SER I 436 -44.35 60.11 32.44
N ALA I 437 -44.37 61.05 33.40
CA ALA I 437 -43.33 61.18 34.41
C ALA I 437 -41.96 61.37 33.78
N THR I 438 -41.91 62.13 32.69
CA THR I 438 -40.66 62.47 32.01
C THR I 438 -40.45 63.97 32.10
N ALA I 439 -39.36 64.39 32.75
CA ALA I 439 -39.06 65.81 32.92
C ALA I 439 -38.48 66.34 31.60
N GLY I 440 -39.36 66.47 30.62
CA GLY I 440 -38.98 66.93 29.30
C GLY I 440 -38.36 68.31 29.29
N GLN I 441 -37.24 68.45 28.57
CA GLN I 441 -36.57 69.74 28.46
C GLN I 441 -37.46 70.72 27.69
N TYR I 442 -37.41 72.00 28.08
CA TYR I 442 -38.32 72.99 27.53
C TYR I 442 -37.67 74.27 27.04
N ALA I 443 -36.50 74.64 27.53
CA ALA I 443 -35.92 75.95 27.23
C ALA I 443 -35.61 76.16 25.75
N SER I 444 -34.66 75.40 25.21
CA SER I 444 -34.23 75.61 23.83
C SER I 444 -34.21 74.33 23.01
N ALA I 445 -33.78 73.21 23.58
CA ALA I 445 -33.78 71.95 22.85
C ALA I 445 -35.20 71.43 22.62
N ASP I 446 -36.17 71.88 23.43
CA ASP I 446 -37.60 71.68 23.19
C ASP I 446 -37.94 70.18 23.12
N GLY I 447 -37.74 69.52 24.25
CA GLY I 447 -38.10 68.11 24.35
C GLY I 447 -36.90 67.18 24.29
N ALA I 448 -35.86 67.50 25.05
CA ALA I 448 -34.62 66.73 25.02
C ALA I 448 -34.62 65.54 25.98
N LYS I 449 -35.71 65.31 26.72
CA LYS I 449 -35.83 64.15 27.61
C LYS I 449 -34.70 64.14 28.64
N VAL I 450 -34.76 65.13 29.54
CA VAL I 450 -33.73 65.29 30.56
C VAL I 450 -33.58 64.02 31.38
N LEU I 451 -32.34 63.55 31.52
CA LEU I 451 -31.99 62.49 32.45
C LEU I 451 -31.07 63.02 33.53
N VAL I 452 -30.97 62.28 34.63
CA VAL I 452 -30.11 62.68 35.74
C VAL I 452 -28.70 62.13 35.47
N GLY I 453 -27.72 63.03 35.45
CA GLY I 453 -26.37 62.65 35.14
C GLY I 453 -25.72 61.87 36.27
N SER I 454 -24.58 61.25 35.95
CA SER I 454 -23.86 60.45 36.93
C SER I 454 -23.29 61.30 38.07
N ASP I 455 -23.15 62.60 37.86
CA ASP I 455 -22.69 63.50 38.92
C ASP I 455 -23.82 64.15 39.71
N GLY I 456 -25.07 63.78 39.43
CA GLY I 456 -26.20 64.31 40.16
C GLY I 456 -26.89 65.50 39.52
N LYS I 457 -26.38 66.02 38.41
CA LYS I 457 -26.99 67.14 37.72
C LYS I 457 -27.82 66.65 36.54
N LEU I 458 -28.80 67.48 36.16
CA LEU I 458 -29.67 67.17 35.03
C LEU I 458 -28.90 67.29 33.72
N THR I 459 -29.18 66.39 32.78
CA THR I 459 -28.54 66.42 31.48
C THR I 459 -29.44 65.76 30.46
N THR I 460 -29.30 66.18 29.20
CA THR I 460 -30.07 65.58 28.12
C THR I 460 -29.42 64.31 27.57
N GLU I 461 -28.17 64.03 27.94
CA GLU I 461 -27.51 62.84 27.45
C GLU I 461 -28.04 61.61 28.17
N THR I 462 -28.49 60.62 27.39
CA THR I 462 -29.09 59.43 27.98
C THR I 462 -28.05 58.55 28.66
N THR I 463 -26.89 58.38 28.05
CA THR I 463 -25.87 57.48 28.57
C THR I 463 -24.81 58.27 29.32
N SER I 464 -23.79 57.56 29.80
CA SER I 464 -22.66 58.18 30.49
C SER I 464 -21.40 57.40 30.13
N ALA I 465 -20.27 57.85 30.68
CA ALA I 465 -19.00 57.23 30.35
C ALA I 465 -18.87 55.85 31.00
N GLY I 466 -18.84 55.80 32.33
CA GLY I 466 -18.55 54.57 33.04
C GLY I 466 -17.06 54.26 32.99
N ASP I 467 -16.64 53.37 33.89
CA ASP I 467 -15.22 53.02 33.99
C ASP I 467 -14.94 51.58 33.60
N LYS I 468 -15.51 50.59 34.31
CA LYS I 468 -15.00 49.21 34.26
C LYS I 468 -15.94 48.30 35.04
N THR I 469 -16.11 47.07 34.56
CA THR I 469 -16.88 46.08 35.30
C THR I 469 -16.02 45.55 36.44
N THR I 470 -16.42 45.84 37.67
CA THR I 470 -15.59 45.53 38.82
C THR I 470 -15.33 44.04 38.96
N ASP I 471 -16.37 43.22 38.75
CA ASP I 471 -16.27 41.77 38.82
C ASP I 471 -16.73 41.21 37.49
N PRO I 472 -15.84 41.16 36.49
CA PRO I 472 -16.25 40.73 35.15
C PRO I 472 -16.69 39.28 35.11
N LEU I 473 -15.83 38.39 35.62
CA LEU I 473 -16.14 36.96 35.56
C LEU I 473 -17.30 36.60 36.48
N LYS I 474 -17.52 37.35 37.56
CA LYS I 474 -18.71 37.11 38.38
C LYS I 474 -19.98 37.41 37.57
N THR I 475 -20.00 38.53 36.85
CA THR I 475 -21.15 38.85 36.03
C THR I 475 -21.32 37.83 34.91
N LEU I 476 -20.21 37.39 34.32
CA LEU I 476 -20.29 36.38 33.28
C LEU I 476 -20.85 35.06 33.82
N ASP I 477 -20.43 34.67 35.03
CA ASP I 477 -20.96 33.46 35.64
C ASP I 477 -22.43 33.60 35.97
N ALA I 478 -22.85 34.79 36.41
CA ALA I 478 -24.27 35.00 36.67
C ALA I 478 -25.08 34.89 35.37
N ALA I 479 -24.57 35.46 34.29
CA ALA I 479 -25.23 35.33 33.00
C ALA I 479 -25.27 33.87 32.56
N PHE I 480 -24.18 33.15 32.77
CA PHE I 480 -24.15 31.73 32.47
C PHE I 480 -25.23 30.98 33.24
N THR I 481 -25.37 31.29 34.54
CA THR I 481 -26.37 30.61 35.35
C THR I 481 -27.78 30.90 34.86
N LYS I 482 -28.07 32.16 34.52
CA LYS I 482 -29.40 32.48 34.03
C LYS I 482 -29.69 31.79 32.70
N LEU I 483 -28.73 31.82 31.79
CA LEU I 483 -28.91 31.19 30.49
C LEU I 483 -29.08 29.69 30.63
N ASP I 484 -28.28 29.06 31.50
CA ASP I 484 -28.41 27.62 31.71
C ASP I 484 -29.71 27.27 32.41
N LYS I 485 -30.21 28.15 33.28
CA LYS I 485 -31.52 27.93 33.89
C LYS I 485 -32.60 27.87 32.82
N LEU I 486 -32.60 28.86 31.92
CA LEU I 486 -33.62 28.84 30.87
C LEU I 486 -33.43 27.68 29.92
N THR I 487 -32.18 27.35 29.58
CA THR I 487 -31.92 26.22 28.69
C THR I 487 -32.40 24.91 29.30
N GLY I 488 -32.14 24.71 30.60
CA GLY I 488 -32.62 23.51 31.27
C GLY I 488 -34.13 23.47 31.36
N GLU I 489 -34.76 24.62 31.60
CA GLU I 489 -36.22 24.64 31.64
C GLU I 489 -36.81 24.25 30.28
N LEU I 490 -36.26 24.78 29.19
CA LEU I 490 -36.73 24.40 27.87
C LEU I 490 -36.42 22.95 27.54
N GLY I 491 -35.29 22.42 28.01
CA GLY I 491 -35.00 21.02 27.78
C GLY I 491 -35.98 20.12 28.52
N ALA I 492 -36.30 20.46 29.76
CA ALA I 492 -37.28 19.69 30.52
C ALA I 492 -38.65 19.74 29.84
N VAL I 493 -39.07 20.92 29.41
CA VAL I 493 -40.37 21.01 28.76
C VAL I 493 -40.36 20.29 27.42
N GLN I 494 -39.21 20.25 26.74
CA GLN I 494 -39.12 19.50 25.49
C GLN I 494 -39.28 18.01 25.73
N ASN I 495 -38.61 17.47 26.75
CA ASN I 495 -38.77 16.06 27.07
C ASN I 495 -40.21 15.76 27.46
N ARG I 496 -40.81 16.62 28.28
CA ARG I 496 -42.18 16.35 28.73
C ARG I 496 -43.16 16.47 27.57
N LEU I 497 -42.87 17.36 26.61
CA LEU I 497 -43.70 17.43 25.40
C LEU I 497 -43.58 16.17 24.56
N GLU I 498 -42.37 15.61 24.46
CA GLU I 498 -42.23 14.33 23.76
C GLU I 498 -43.04 13.24 24.45
N SER I 499 -43.00 13.22 25.78
CA SER I 499 -43.82 12.27 26.52
C SER I 499 -45.31 12.49 26.28
N THR I 500 -45.73 13.75 26.20
CA THR I 500 -47.13 14.04 25.87
C THR I 500 -47.47 13.53 24.48
N ILE I 501 -46.55 13.67 23.52
CA ILE I 501 -46.78 13.15 22.17
C ILE I 501 -47.04 11.65 22.23
N ALA I 502 -46.17 10.92 22.92
CA ALA I 502 -46.33 9.47 22.98
C ALA I 502 -47.61 9.08 23.70
N ASN I 503 -47.93 9.75 24.82
CA ASN I 503 -49.14 9.44 25.56
C ASN I 503 -50.39 9.73 24.74
N LEU I 504 -50.40 10.88 24.05
CA LEU I 504 -51.53 11.22 23.20
C LEU I 504 -51.70 10.22 22.08
N ASN I 505 -50.59 9.76 21.48
CA ASN I 505 -50.70 8.73 20.45
C ASN I 505 -51.30 7.45 21.00
N ASN I 506 -50.84 7.02 22.18
CA ASN I 506 -51.40 5.80 22.78
C ASN I 506 -52.89 5.94 23.04
N VAL I 507 -53.30 7.07 23.62
CA VAL I 507 -54.71 7.27 23.92
C VAL I 507 -55.53 7.37 22.64
N VAL I 508 -54.96 7.96 21.59
CA VAL I 508 -55.67 8.05 20.32
C VAL I 508 -55.92 6.66 19.75
N ASN I 509 -54.89 5.81 19.77
CA ASN I 509 -55.06 4.45 19.26
C ASN I 509 -56.10 3.69 20.05
N ASN I 510 -56.03 3.77 21.39
CA ASN I 510 -56.97 3.05 22.23
C ASN I 510 -58.40 3.57 22.03
N LEU I 511 -58.56 4.88 21.87
CA LEU I 511 -59.90 5.43 21.67
C LEU I 511 -60.43 5.08 20.29
N SER I 512 -59.55 5.01 19.28
CA SER I 512 -59.99 4.55 17.96
C SER I 512 -60.47 3.11 18.02
N SER I 513 -59.75 2.25 18.75
CA SER I 513 -60.21 0.88 18.93
C SER I 513 -61.54 0.84 19.67
N ALA I 514 -61.70 1.70 20.68
CA ALA I 514 -62.95 1.75 21.42
C ALA I 514 -64.11 2.17 20.53
N ARG I 515 -63.89 3.16 19.66
CA ARG I 515 -64.92 3.57 18.72
C ARG I 515 -65.24 2.44 17.75
N SER I 516 -64.21 1.71 17.31
CA SER I 516 -64.43 0.58 16.41
C SER I 516 -65.29 -0.49 17.05
N ARG I 517 -65.05 -0.76 18.34
CA ARG I 517 -65.75 -1.83 19.03
C ARG I 517 -67.27 -1.64 19.01
N ILE I 518 -67.74 -0.41 18.88
CA ILE I 518 -69.17 -0.13 18.94
C ILE I 518 -69.71 0.50 17.66
N GLN I 519 -68.85 0.86 16.70
CA GLN I 519 -69.30 1.57 15.51
C GLN I 519 -69.19 0.72 14.25
N ASP I 520 -68.03 0.13 13.99
CA ASP I 520 -67.81 -0.54 12.72
C ASP I 520 -68.58 -1.86 12.65
N ALA I 521 -68.71 -2.36 11.44
CA ALA I 521 -69.48 -3.57 11.17
C ALA I 521 -68.55 -4.78 11.05
N ASP I 522 -68.89 -5.84 11.76
CA ASP I 522 -68.20 -7.12 11.63
C ASP I 522 -68.63 -7.75 10.31
N TYR I 523 -67.86 -7.52 9.24
CA TYR I 523 -68.31 -7.89 7.90
C TYR I 523 -68.60 -9.37 7.75
N ALA I 524 -67.98 -10.23 8.55
CA ALA I 524 -68.36 -11.64 8.49
C ALA I 524 -69.84 -11.81 8.80
N THR I 525 -70.29 -11.24 9.91
CA THR I 525 -71.70 -11.34 10.29
C THR I 525 -72.59 -10.59 9.30
N GLU I 526 -72.16 -9.40 8.87
CA GLU I 526 -73.01 -8.61 7.97
C GLU I 526 -73.19 -9.31 6.63
N VAL I 527 -72.12 -9.89 6.09
CA VAL I 527 -72.23 -10.62 4.82
C VAL I 527 -73.08 -11.87 5.00
N SER I 528 -72.93 -12.56 6.14
CA SER I 528 -73.79 -13.70 6.40
C SER I 528 -75.26 -13.27 6.42
N ASN I 529 -75.55 -12.15 7.09
CA ASN I 529 -76.93 -11.67 7.14
C ASN I 529 -77.43 -11.24 5.76
N MET I 530 -76.56 -10.63 4.95
CA MET I 530 -76.97 -10.22 3.62
C MET I 530 -77.31 -11.42 2.75
N SER I 531 -76.46 -12.45 2.78
CA SER I 531 -76.76 -13.66 2.01
C SER I 531 -78.02 -14.34 2.51
N LYS I 532 -78.18 -14.41 3.83
CA LYS I 532 -79.39 -14.98 4.40
C LYS I 532 -80.63 -14.22 3.97
N ALA I 533 -80.56 -12.88 4.00
CA ALA I 533 -81.71 -12.08 3.61
C ALA I 533 -82.02 -12.24 2.13
N GLN I 534 -80.99 -12.40 1.29
CA GLN I 534 -81.25 -12.70 -0.11
C GLN I 534 -81.96 -14.03 -0.28
N ILE I 535 -81.54 -15.05 0.48
CA ILE I 535 -82.21 -16.34 0.39
C ILE I 535 -83.66 -16.21 0.84
N LEU I 536 -83.90 -15.49 1.94
CA LEU I 536 -85.26 -15.26 2.39
C LEU I 536 -86.07 -14.52 1.33
N GLN I 537 -85.45 -13.57 0.63
CA GLN I 537 -86.18 -12.82 -0.40
C GLN I 537 -86.60 -13.73 -1.54
N GLN I 538 -85.68 -14.55 -2.04
CA GLN I 538 -86.03 -15.45 -3.14
C GLN I 538 -87.06 -16.49 -2.70
N ALA I 539 -86.89 -17.04 -1.50
CA ALA I 539 -87.87 -18.00 -0.99
C ALA I 539 -89.23 -17.33 -0.80
N GLY I 540 -89.25 -16.10 -0.30
CA GLY I 540 -90.51 -15.40 -0.09
C GLY I 540 -91.22 -15.08 -1.39
N THR I 541 -90.47 -14.62 -2.39
CA THR I 541 -91.12 -14.34 -3.66
C THR I 541 -91.61 -15.61 -4.34
N SER I 542 -90.87 -16.72 -4.20
CA SER I 542 -91.35 -17.98 -4.76
C SER I 542 -92.62 -18.46 -4.05
N VAL I 543 -92.61 -18.44 -2.72
CA VAL I 543 -93.78 -18.91 -1.98
C VAL I 543 -94.96 -17.99 -2.22
N LEU I 544 -94.72 -16.68 -2.39
CA LEU I 544 -95.80 -15.78 -2.75
C LEU I 544 -96.35 -16.07 -4.14
N ALA I 545 -95.47 -16.37 -5.09
CA ALA I 545 -95.92 -16.72 -6.44
C ALA I 545 -96.85 -17.92 -6.39
N GLN I 546 -96.41 -19.00 -5.72
CA GLN I 546 -97.30 -20.15 -5.56
C GLN I 546 -98.49 -19.87 -4.65
N ALA I 547 -98.43 -18.84 -3.80
CA ALA I 547 -99.60 -18.49 -3.00
C ALA I 547 -100.65 -17.77 -3.84
N ASN I 548 -100.24 -17.11 -4.91
CA ASN I 548 -101.20 -16.41 -5.76
C ASN I 548 -102.08 -17.39 -6.54
N GLN I 549 -101.61 -18.60 -6.80
CA GLN I 549 -102.44 -19.58 -7.50
C GLN I 549 -103.22 -20.48 -6.55
N VAL I 550 -103.22 -20.18 -5.25
CA VAL I 550 -104.12 -20.90 -4.34
C VAL I 550 -105.57 -20.76 -4.76
N PRO I 551 -106.08 -19.57 -5.13
CA PRO I 551 -107.46 -19.51 -5.64
C PRO I 551 -107.63 -20.05 -7.05
N GLN I 552 -106.54 -20.33 -7.78
CA GLN I 552 -106.69 -20.88 -9.12
C GLN I 552 -107.41 -22.21 -9.09
N THR I 553 -107.17 -23.03 -8.07
CA THR I 553 -107.88 -24.29 -7.94
C THR I 553 -109.38 -24.07 -7.85
N VAL I 554 -109.80 -22.97 -7.23
CA VAL I 554 -111.22 -22.61 -7.22
C VAL I 554 -111.73 -22.42 -8.64
N LEU I 555 -110.91 -21.79 -9.49
CA LEU I 555 -111.34 -21.53 -10.86
C LEU I 555 -111.08 -22.77 -11.71
N SER I 556 -111.54 -23.93 -11.23
CA SER I 556 -111.63 -25.14 -12.04
C SER I 556 -113.06 -25.65 -12.10
N LEU I 557 -113.67 -25.88 -10.95
CA LEU I 557 -115.09 -26.18 -10.88
C LEU I 557 -115.89 -24.89 -11.05
N LEU I 558 -116.96 -24.98 -11.84
CA LEU I 558 -117.74 -23.80 -12.17
C LEU I 558 -119.22 -24.15 -12.39
N ALA J 2 -89.48 2.40 -30.40
CA ALA J 2 -90.37 1.81 -29.41
C ALA J 2 -90.17 0.31 -29.31
N ALA J 3 -90.96 -0.44 -30.08
CA ALA J 3 -90.86 -1.90 -30.13
C ALA J 3 -90.37 -2.38 -31.49
N VAL J 4 -89.42 -1.66 -32.08
CA VAL J 4 -88.93 -2.00 -33.41
C VAL J 4 -87.84 -3.06 -33.29
N ILE J 5 -87.74 -3.91 -34.31
CA ILE J 5 -86.74 -4.95 -34.37
C ILE J 5 -85.76 -4.73 -35.52
N ASN J 6 -86.24 -4.22 -36.64
CA ASN J 6 -85.41 -4.13 -37.85
C ASN J 6 -84.16 -3.30 -37.60
N THR J 7 -84.33 -2.12 -37.03
CA THR J 7 -83.21 -1.22 -36.75
C THR J 7 -83.19 -0.89 -35.27
N ASN J 8 -82.04 -1.09 -34.64
CA ASN J 8 -81.84 -0.74 -33.24
C ASN J 8 -80.88 0.44 -33.18
N TYR J 9 -81.42 1.62 -32.89
CA TYR J 9 -80.60 2.83 -32.85
C TYR J 9 -79.57 2.77 -31.74
N LEU J 10 -79.92 2.18 -30.60
CA LEU J 10 -79.00 2.10 -29.48
C LEU J 10 -77.76 1.30 -29.83
N SER J 11 -77.93 0.21 -30.58
CA SER J 11 -76.76 -0.57 -31.01
C SER J 11 -75.83 0.28 -31.85
N LEU J 12 -76.38 1.08 -32.76
CA LEU J 12 -75.54 1.93 -33.60
C LEU J 12 -74.80 2.97 -32.76
N VAL J 13 -75.49 3.57 -31.79
CA VAL J 13 -74.84 4.54 -30.93
C VAL J 13 -73.69 3.90 -30.17
N ALA J 14 -73.93 2.69 -29.63
CA ALA J 14 -72.88 2.00 -28.89
C ALA J 14 -71.70 1.67 -29.79
N GLN J 15 -71.97 1.23 -31.02
CA GLN J 15 -70.88 0.93 -31.94
C GLN J 15 -70.05 2.17 -32.25
N ASN J 16 -70.71 3.30 -32.49
CA ASN J 16 -69.96 4.52 -32.80
C ASN J 16 -69.10 4.97 -31.63
N ASN J 17 -69.66 4.94 -30.41
CA ASN J 17 -68.87 5.35 -29.26
C ASN J 17 -67.72 4.39 -29.00
N LEU J 18 -67.94 3.09 -29.20
CA LEU J 18 -66.87 2.12 -29.10
C LEU J 18 -65.79 2.40 -30.13
N ASN J 19 -66.18 2.81 -31.34
CA ASN J 19 -65.20 3.14 -32.37
C ASN J 19 -64.36 4.35 -31.95
N LYS J 20 -65.00 5.36 -31.37
CA LYS J 20 -64.25 6.51 -30.87
C LYS J 20 -63.25 6.09 -29.80
N SER J 21 -63.70 5.27 -28.86
CA SER J 21 -62.81 4.80 -27.80
C SER J 21 -61.65 3.99 -28.37
N GLN J 22 -61.94 3.15 -29.36
CA GLN J 22 -60.88 2.32 -29.95
C GLN J 22 -59.88 3.17 -30.72
N SER J 23 -60.35 4.22 -31.39
CA SER J 23 -59.42 5.13 -32.07
C SER J 23 -58.51 5.81 -31.06
N SER J 24 -59.07 6.28 -29.94
CA SER J 24 -58.23 6.88 -28.91
C SER J 24 -57.23 5.88 -28.36
N LEU J 25 -57.68 4.64 -28.13
CA LEU J 25 -56.78 3.59 -27.65
C LEU J 25 -55.67 3.33 -28.65
N GLY J 26 -56.00 3.33 -29.94
CA GLY J 26 -54.98 3.09 -30.95
C GLY J 26 -53.92 4.17 -30.97
N THR J 27 -54.36 5.43 -30.90
CA THR J 27 -53.39 6.53 -30.85
C THR J 27 -52.51 6.42 -29.60
N ALA J 28 -53.11 6.09 -28.45
CA ALA J 28 -52.33 5.95 -27.23
C ALA J 28 -51.32 4.82 -27.35
N ILE J 29 -51.73 3.68 -27.92
CA ILE J 29 -50.84 2.53 -28.06
C ILE J 29 -49.71 2.85 -29.02
N GLU J 30 -50.01 3.55 -30.12
CA GLU J 30 -48.96 3.94 -31.05
C GLU J 30 -47.97 4.88 -30.38
N ARG J 31 -48.47 5.84 -29.59
CA ARG J 31 -47.57 6.75 -28.89
C ARG J 31 -46.69 6.00 -27.90
N LEU J 32 -47.25 5.00 -27.22
CA LEU J 32 -46.45 4.19 -26.30
C LEU J 32 -45.38 3.40 -27.05
N SER J 33 -45.77 2.69 -28.10
CA SER J 33 -44.82 1.82 -28.80
C SER J 33 -43.71 2.64 -29.45
N SER J 34 -44.08 3.66 -30.23
CA SER J 34 -43.07 4.47 -30.90
C SER J 34 -42.29 5.32 -29.91
N GLY J 35 -42.95 5.82 -28.87
CA GLY J 35 -42.34 6.76 -27.96
C GLY J 35 -42.38 8.19 -28.42
N LEU J 36 -42.98 8.47 -29.56
CA LEU J 36 -43.05 9.81 -30.13
C LEU J 36 -44.50 10.26 -30.14
N ARG J 37 -44.79 11.38 -29.47
CA ARG J 37 -46.14 11.91 -29.48
C ARG J 37 -46.55 12.32 -30.89
N ILE J 38 -45.66 13.01 -31.59
CA ILE J 38 -45.92 13.44 -32.97
C ILE J 38 -45.37 12.37 -33.90
N ASN J 39 -46.19 11.37 -34.16
CA ASN J 39 -45.91 10.34 -35.15
C ASN J 39 -47.10 10.29 -36.09
N SER J 40 -46.84 9.95 -37.35
CA SER J 40 -47.89 9.94 -38.37
C SER J 40 -48.52 11.33 -38.48
N ALA J 41 -47.75 12.22 -39.12
CA ALA J 41 -47.88 13.68 -39.03
C ALA J 41 -49.30 14.21 -38.95
N LYS J 42 -50.29 13.41 -39.39
CA LYS J 42 -51.69 13.74 -39.14
C LYS J 42 -51.91 14.25 -37.72
N ASP J 43 -51.10 13.81 -36.76
CA ASP J 43 -51.13 14.32 -35.41
C ASP J 43 -50.13 15.46 -35.31
N ASP J 44 -50.62 16.68 -35.13
CA ASP J 44 -49.78 17.88 -34.97
C ASP J 44 -48.88 18.06 -36.20
N ALA J 45 -49.51 18.41 -37.32
CA ALA J 45 -48.81 18.50 -38.59
C ALA J 45 -47.63 19.46 -38.53
N ALA J 46 -47.81 20.61 -37.87
CA ALA J 46 -46.68 21.54 -37.73
C ALA J 46 -45.61 20.98 -36.83
N GLY J 47 -46.00 20.23 -35.80
CA GLY J 47 -45.03 19.70 -34.87
C GLY J 47 -44.03 18.78 -35.52
N MET J 48 -44.48 17.98 -36.49
CA MET J 48 -43.54 17.09 -37.17
C MET J 48 -42.55 17.90 -38.01
N ALA J 49 -43.00 18.98 -38.64
CA ALA J 49 -42.07 19.84 -39.36
C ALA J 49 -41.04 20.46 -38.41
N ILE J 50 -41.50 20.94 -37.26
CA ILE J 50 -40.58 21.52 -36.30
C ILE J 50 -39.57 20.49 -35.82
N ALA J 51 -40.06 19.29 -35.49
CA ALA J 51 -39.18 18.22 -35.04
C ALA J 51 -38.21 17.81 -36.13
N ASN J 52 -38.67 17.81 -37.39
CA ASN J 52 -37.79 17.50 -38.51
C ASN J 52 -36.66 18.52 -38.62
N ARG J 53 -37.00 19.80 -38.48
CA ARG J 53 -35.97 20.83 -38.57
C ARG J 53 -34.96 20.70 -37.44
N PHE J 54 -35.43 20.43 -36.22
CA PHE J 54 -34.48 20.20 -35.12
C PHE J 54 -33.65 18.93 -35.33
N THR J 55 -34.25 17.86 -35.87
CA THR J 55 -33.46 16.66 -36.11
C THR J 55 -32.34 16.93 -37.11
N ALA J 56 -32.69 17.58 -38.22
CA ALA J 56 -31.66 17.93 -39.20
C ALA J 56 -30.59 18.81 -38.57
N ASN J 57 -31.01 19.81 -37.80
CA ASN J 57 -30.06 20.72 -37.18
C ASN J 57 -29.14 19.99 -36.20
N VAL J 58 -29.70 19.10 -35.37
CA VAL J 58 -28.90 18.46 -34.32
C VAL J 58 -27.93 17.47 -34.92
N ARG J 59 -28.37 16.68 -35.91
CA ARG J 59 -27.43 15.76 -36.56
C ARG J 59 -26.35 16.53 -37.29
N GLY J 60 -26.71 17.62 -37.97
CA GLY J 60 -25.70 18.45 -38.60
C GLY J 60 -24.71 19.02 -37.60
N LEU J 61 -25.19 19.47 -36.44
CA LEU J 61 -24.30 20.07 -35.45
C LEU J 61 -23.39 19.01 -34.82
N THR J 62 -23.90 17.81 -34.56
CA THR J 62 -23.01 16.75 -34.06
C THR J 62 -21.95 16.38 -35.09
N GLN J 63 -22.34 16.27 -36.35
CA GLN J 63 -21.35 16.00 -37.40
C GLN J 63 -20.34 17.14 -37.49
N ALA J 64 -20.81 18.37 -37.27
CA ALA J 64 -19.91 19.52 -37.25
C ALA J 64 -18.94 19.44 -36.08
N ALA J 65 -19.42 18.98 -34.92
CA ALA J 65 -18.52 18.78 -33.79
C ALA J 65 -17.46 17.75 -34.12
N ARG J 66 -17.83 16.68 -34.83
CA ARG J 66 -16.84 15.71 -35.28
C ARG J 66 -15.83 16.36 -36.23
N ASN J 67 -16.31 17.19 -37.15
CA ASN J 67 -15.41 17.90 -38.05
C ASN J 67 -14.45 18.80 -37.28
N ALA J 68 -14.97 19.50 -36.26
CA ALA J 68 -14.12 20.37 -35.45
C ALA J 68 -13.09 19.57 -34.68
N ASN J 69 -13.45 18.38 -34.19
CA ASN J 69 -12.48 17.52 -33.55
C ASN J 69 -11.37 17.12 -34.53
N ASP J 70 -11.76 16.80 -35.76
CA ASP J 70 -10.76 16.50 -36.79
C ASP J 70 -9.85 17.69 -37.02
N GLY J 71 -10.41 18.90 -37.07
CA GLY J 71 -9.58 20.09 -37.21
C GLY J 71 -8.63 20.28 -36.04
N ILE J 72 -9.11 20.01 -34.83
CA ILE J 72 -8.24 20.09 -33.64
C ILE J 72 -7.07 19.14 -33.79
N SER J 73 -7.36 17.91 -34.23
CA SER J 73 -6.28 16.94 -34.38
C SER J 73 -5.30 17.36 -35.47
N LEU J 74 -5.80 17.90 -36.58
CA LEU J 74 -4.92 18.38 -37.64
C LEU J 74 -4.01 19.49 -37.12
N ALA J 75 -4.59 20.44 -36.37
CA ALA J 75 -3.79 21.50 -35.78
C ALA J 75 -2.76 20.94 -34.81
N GLN J 76 -3.13 19.88 -34.08
CA GLN J 76 -2.18 19.26 -33.17
C GLN J 76 -0.99 18.65 -33.91
N THR J 77 -1.25 17.95 -35.02
CA THR J 77 -0.16 17.39 -35.80
C THR J 77 0.75 18.49 -36.35
N THR J 78 0.14 19.55 -36.90
CA THR J 78 0.94 20.64 -37.42
C THR J 78 1.77 21.29 -36.31
N GLU J 79 1.17 21.46 -35.14
CA GLU J 79 1.86 22.06 -34.00
C GLU J 79 3.04 21.20 -33.55
N GLY J 80 2.84 19.88 -33.51
CA GLY J 80 3.94 19.00 -33.14
C GLY J 80 5.10 19.05 -34.13
N ALA J 81 4.77 19.02 -35.42
CA ALA J 81 5.82 19.13 -36.43
C ALA J 81 6.55 20.47 -36.31
N ALA J 82 5.81 21.55 -36.09
CA ALA J 82 6.44 22.85 -35.90
C ALA J 82 7.31 22.88 -34.66
N SER J 83 6.90 22.21 -33.59
CA SER J 83 7.71 22.15 -32.39
C SER J 83 9.02 21.43 -32.66
N GLU J 84 8.97 20.36 -33.45
CA GLU J 84 10.21 19.67 -33.80
C GLU J 84 11.11 20.56 -34.65
N VAL J 85 10.53 21.31 -35.59
CA VAL J 85 11.33 22.26 -36.37
C VAL J 85 11.96 23.30 -35.45
N ASN J 86 11.22 23.72 -34.43
CA ASN J 86 11.76 24.68 -33.46
C ASN J 86 12.93 24.08 -32.71
N THR J 87 12.79 22.83 -32.26
CA THR J 87 13.89 22.18 -31.55
C THR J 87 15.12 22.06 -32.44
N HIS J 88 14.91 21.85 -33.74
CA HIS J 88 16.04 21.92 -34.67
C HIS J 88 16.66 23.31 -34.69
N LEU J 89 15.82 24.33 -34.93
CA LEU J 89 16.33 25.68 -35.10
C LEU J 89 17.13 26.14 -33.90
N GLN J 90 16.78 25.68 -32.71
CA GLN J 90 17.60 25.98 -31.54
C GLN J 90 19.00 25.42 -31.70
N ARG J 91 19.11 24.19 -32.19
CA ARG J 91 20.43 23.57 -32.36
C ARG J 91 21.24 24.27 -33.45
N ILE J 92 20.60 24.60 -34.57
CA ILE J 92 21.30 25.38 -35.60
C ILE J 92 21.78 26.71 -35.04
N ARG J 93 20.94 27.39 -34.24
CA ARG J 93 21.37 28.68 -33.69
C ARG J 93 22.55 28.51 -32.76
N GLU J 94 22.49 27.51 -31.87
CA GLU J 94 23.60 27.30 -30.94
C GLU J 94 24.89 26.97 -31.68
N LEU J 95 24.80 26.11 -32.71
CA LEU J 95 25.99 25.77 -33.47
C LEU J 95 26.51 26.95 -34.28
N THR J 96 25.62 27.81 -34.78
CA THR J 96 26.07 29.01 -35.48
C THR J 96 26.80 29.94 -34.53
N VAL J 97 26.30 30.07 -33.30
CA VAL J 97 27.00 30.88 -32.30
C VAL J 97 28.37 30.27 -32.01
N GLN J 98 28.44 28.95 -31.91
CA GLN J 98 29.73 28.29 -31.67
C GLN J 98 30.69 28.54 -32.82
N ALA J 99 30.23 28.35 -34.05
CA ALA J 99 31.10 28.44 -35.21
C ALA J 99 31.47 29.86 -35.55
N SER J 100 30.70 30.85 -35.08
CA SER J 100 31.08 32.24 -35.29
C SER J 100 32.37 32.59 -34.58
N ASN J 101 32.78 31.79 -33.59
CA ASN J 101 34.08 31.99 -32.96
C ASN J 101 35.19 31.71 -33.96
N GLY J 102 36.19 32.59 -33.98
CA GLY J 102 37.25 32.47 -34.95
C GLY J 102 38.36 31.50 -34.59
N SER J 103 38.36 30.97 -33.37
CA SER J 103 39.45 30.09 -32.96
C SER J 103 39.42 28.76 -33.70
N TYR J 104 38.23 28.29 -34.08
CA TYR J 104 38.12 27.01 -34.75
C TYR J 104 38.69 27.09 -36.16
N SER J 105 39.46 26.07 -36.54
CA SER J 105 40.06 26.03 -37.86
C SER J 105 39.02 25.60 -38.89
N GLN J 106 39.43 25.61 -40.16
CA GLN J 106 38.47 25.46 -41.25
C GLN J 106 37.81 24.08 -41.23
N GLU J 107 38.54 23.04 -40.86
CA GLU J 107 37.99 21.69 -40.87
C GLU J 107 36.84 21.56 -39.87
N GLN J 108 36.99 22.16 -38.69
CA GLN J 108 35.91 22.09 -37.72
C GLN J 108 34.70 22.90 -38.16
N LEU J 109 34.92 24.02 -38.83
CA LEU J 109 33.82 24.73 -39.47
C LEU J 109 33.13 23.84 -40.50
N ASP J 110 33.91 23.03 -41.22
CA ASP J 110 33.33 22.11 -42.19
C ASP J 110 32.46 21.07 -41.51
N SER J 111 32.93 20.52 -40.39
CA SER J 111 32.12 19.56 -39.65
C SER J 111 30.83 20.20 -39.12
N VAL J 112 30.95 21.43 -38.58
CA VAL J 112 29.78 22.14 -38.09
C VAL J 112 28.78 22.36 -39.22
N GLN J 113 29.27 22.79 -40.38
CA GLN J 113 28.37 23.06 -41.49
C GLN J 113 27.78 21.77 -42.05
N GLY J 114 28.50 20.66 -41.96
CA GLY J 114 27.91 19.38 -42.31
C GLY J 114 26.75 19.02 -41.39
N GLU J 115 26.93 19.22 -40.09
CA GLU J 115 25.84 18.97 -39.16
C GLU J 115 24.66 19.91 -39.45
N ILE J 116 24.94 21.18 -39.72
CA ILE J 116 23.88 22.14 -40.00
C ILE J 116 23.14 21.77 -41.27
N ASN J 117 23.87 21.35 -42.31
CA ASN J 117 23.24 20.92 -43.55
C ASN J 117 22.34 19.72 -43.29
N GLN J 118 22.79 18.80 -42.46
CA GLN J 118 21.95 17.65 -42.15
C GLN J 118 20.70 18.08 -41.40
N ARG J 119 20.82 19.01 -40.46
CA ARG J 119 19.64 19.49 -39.74
C ARG J 119 18.65 20.18 -40.68
N LEU J 120 19.17 21.00 -41.62
CA LEU J 120 18.29 21.64 -42.59
C LEU J 120 17.62 20.60 -43.49
N ALA J 121 18.35 19.55 -43.87
CA ALA J 121 17.74 18.47 -44.63
C ALA J 121 16.64 17.80 -43.83
N ASP J 122 16.83 17.69 -42.51
CA ASP J 122 15.77 17.11 -41.68
C ASP J 122 14.56 18.02 -41.61
N ILE J 123 14.79 19.34 -41.57
CA ILE J 123 13.67 20.28 -41.61
C ILE J 123 12.89 20.12 -42.90
N ASP J 124 13.61 19.99 -44.02
CA ASP J 124 12.96 19.76 -45.31
C ASP J 124 12.20 18.43 -45.30
N ARG J 125 12.78 17.40 -44.69
CA ARG J 125 12.10 16.12 -44.58
C ARG J 125 10.81 16.26 -43.78
N ILE J 126 10.87 16.99 -42.66
CA ILE J 126 9.68 17.20 -41.84
C ILE J 126 8.61 17.90 -42.65
N SER J 127 9.00 18.89 -43.46
CA SER J 127 8.03 19.60 -44.28
C SER J 127 7.41 18.67 -45.33
N GLU J 128 8.24 17.90 -46.03
CA GLU J 128 7.75 17.13 -47.16
C GLU J 128 7.11 15.80 -46.77
N GLN J 129 7.28 15.35 -45.53
CA GLN J 129 6.77 14.05 -45.12
C GLN J 129 5.76 14.09 -43.98
N THR J 130 5.54 15.24 -43.35
CA THR J 130 4.46 15.35 -42.38
C THR J 130 3.13 15.20 -43.09
N ASP J 131 2.30 14.27 -42.63
CA ASP J 131 1.09 13.92 -43.34
C ASP J 131 -0.08 13.85 -42.36
N PHE J 132 -1.28 14.06 -42.91
CA PHE J 132 -2.51 13.88 -42.14
C PHE J 132 -3.62 13.60 -43.14
N ASN J 133 -4.11 12.36 -43.15
CA ASN J 133 -5.19 11.95 -44.05
C ASN J 133 -4.85 12.25 -45.50
N GLY J 134 -3.60 11.99 -45.87
CA GLY J 134 -3.17 12.23 -47.24
C GLY J 134 -2.95 13.69 -47.59
N VAL J 135 -2.98 14.58 -46.60
CA VAL J 135 -2.75 16.00 -46.82
C VAL J 135 -1.47 16.38 -46.10
N LYS J 136 -0.46 16.78 -46.87
CA LYS J 136 0.82 17.20 -46.32
C LYS J 136 0.64 18.59 -45.75
N VAL J 137 0.20 18.65 -44.49
CA VAL J 137 -0.25 19.91 -43.91
C VAL J 137 0.89 20.91 -43.80
N LEU J 138 2.05 20.48 -43.34
CA LEU J 138 3.18 21.38 -43.16
C LEU J 138 4.15 21.28 -44.34
N SER J 139 3.63 21.51 -45.54
CA SER J 139 4.45 21.27 -46.73
C SER J 139 4.46 22.45 -47.68
N ASP J 140 5.04 22.25 -48.87
CA ASP J 140 5.06 23.28 -49.88
C ASP J 140 3.72 23.44 -50.59
N SER J 141 2.86 22.43 -50.53
CA SER J 141 1.56 22.45 -51.19
C SER J 141 0.52 22.17 -50.12
N ALA J 142 0.09 23.22 -49.41
CA ALA J 142 -0.91 23.07 -48.36
C ALA J 142 -1.74 24.36 -48.34
N LYS J 143 -2.85 24.34 -49.05
CA LYS J 143 -3.75 25.47 -49.01
C LYS J 143 -4.56 25.45 -47.71
N PRO J 144 -4.97 26.60 -47.21
CA PRO J 144 -5.77 26.64 -45.98
C PRO J 144 -7.06 25.84 -46.14
N LEU J 145 -7.47 25.18 -45.06
CA LEU J 145 -8.61 24.29 -45.08
C LEU J 145 -9.90 25.08 -44.84
N THR J 146 -11.02 24.36 -44.75
CA THR J 146 -12.32 24.98 -44.56
C THR J 146 -12.93 24.65 -43.20
N LEU J 147 -13.13 23.36 -42.90
CA LEU J 147 -13.62 22.90 -41.60
C LEU J 147 -14.97 23.54 -41.25
N GLN J 148 -15.98 23.19 -42.05
CA GLN J 148 -17.33 23.67 -41.79
C GLN J 148 -17.78 23.22 -40.41
N VAL J 149 -18.32 24.18 -39.63
CA VAL J 149 -18.83 23.92 -38.29
C VAL J 149 -20.25 24.46 -38.24
N GLY J 150 -21.23 23.56 -38.30
CA GLY J 150 -22.63 23.93 -38.26
C GLY J 150 -23.35 23.52 -39.52
N ALA J 151 -24.67 23.41 -39.45
CA ALA J 151 -25.46 23.22 -40.66
C ALA J 151 -25.60 24.57 -41.36
N ASN J 152 -26.40 24.63 -42.42
CA ASN J 152 -26.64 25.87 -43.18
C ASN J 152 -25.31 26.44 -43.69
N ASP J 153 -24.72 25.68 -44.61
CA ASP J 153 -23.36 25.94 -45.08
C ASP J 153 -23.19 27.39 -45.51
N GLY J 154 -21.95 27.87 -45.42
CA GLY J 154 -21.62 29.25 -45.64
C GLY J 154 -20.60 29.70 -44.60
N GLU J 155 -20.31 28.80 -43.66
CA GLU J 155 -19.37 29.06 -42.59
C GLU J 155 -18.21 28.08 -42.66
N THR J 156 -17.01 28.58 -42.39
CA THR J 156 -15.81 27.75 -42.39
C THR J 156 -14.92 28.20 -41.24
N ILE J 157 -13.84 27.44 -41.03
CA ILE J 157 -12.75 27.85 -40.13
C ILE J 157 -11.47 27.70 -40.94
N THR J 158 -11.06 28.78 -41.61
CA THR J 158 -9.89 28.71 -42.49
C THR J 158 -8.63 28.66 -41.64
N LEU J 159 -7.72 27.74 -41.99
CA LEU J 159 -6.61 27.41 -41.10
C LEU J 159 -5.34 28.22 -41.36
N ASN J 160 -5.00 28.49 -42.62
CA ASN J 160 -3.79 29.23 -42.98
C ASN J 160 -2.53 28.53 -42.44
N LEU J 161 -2.31 27.32 -42.93
CA LEU J 161 -1.12 26.56 -42.58
C LEU J 161 -0.40 26.16 -43.86
N SER J 162 0.89 26.50 -43.94
CA SER J 162 1.74 26.13 -45.07
C SER J 162 3.15 26.65 -44.83
N GLU J 163 4.10 26.09 -45.58
CA GLU J 163 5.41 26.69 -45.83
C GLU J 163 6.19 26.92 -44.54
N ILE J 164 6.55 25.80 -43.89
CA ILE J 164 7.58 25.80 -42.85
C ILE J 164 8.65 24.81 -43.30
N SER J 165 9.76 25.33 -43.81
CA SER J 165 10.85 24.53 -44.37
C SER J 165 11.97 25.44 -44.82
N VAL J 166 13.05 24.86 -45.34
CA VAL J 166 13.94 25.67 -46.14
C VAL J 166 13.23 26.04 -47.42
N LYS J 167 13.77 27.06 -48.11
CA LYS J 167 13.18 27.65 -49.32
C LYS J 167 11.96 28.49 -48.93
N THR J 168 11.59 28.46 -47.65
CA THR J 168 10.54 29.36 -47.15
C THR J 168 10.84 29.97 -45.78
N LEU J 169 11.70 29.38 -44.95
CA LEU J 169 12.12 30.07 -43.74
C LEU J 169 13.16 31.13 -44.01
N GLY J 170 13.75 31.15 -45.20
CA GLY J 170 14.68 32.18 -45.59
C GLY J 170 16.14 31.80 -45.44
N LEU J 171 16.44 30.77 -44.65
CA LEU J 171 17.83 30.37 -44.46
C LEU J 171 18.41 29.94 -45.81
N ASP J 172 17.95 28.79 -46.29
CA ASP J 172 17.93 28.40 -47.69
C ASP J 172 19.33 28.22 -48.27
N GLY J 173 20.35 28.71 -47.58
CA GLY J 173 21.73 28.58 -48.00
C GLY J 173 22.65 28.53 -46.80
N PHE J 174 22.15 28.07 -45.65
CA PHE J 174 22.75 28.47 -44.39
C PHE J 174 24.16 27.93 -44.25
N ASN J 175 25.12 28.76 -44.62
CA ASN J 175 26.51 28.39 -44.76
C ASN J 175 27.33 29.14 -43.74
N VAL J 176 28.08 28.42 -42.92
CA VAL J 176 28.96 29.03 -41.92
C VAL J 176 30.42 28.93 -42.31
N ASN J 177 30.76 28.10 -43.28
CA ASN J 177 32.09 27.98 -43.84
C ASN J 177 32.05 28.43 -45.30
N GLY J 178 33.14 28.19 -46.03
CA GLY J 178 33.26 28.78 -47.35
C GLY J 178 32.47 28.13 -48.47
N LYS J 179 31.96 26.91 -48.29
CA LYS J 179 31.47 26.18 -49.46
C LYS J 179 30.09 26.65 -49.90
N GLY J 180 29.08 26.51 -49.05
CA GLY J 180 27.72 26.94 -49.36
C GLY J 180 27.14 26.39 -50.66
N VAL J 181 25.99 26.95 -51.01
CA VAL J 181 25.32 26.65 -52.28
C VAL J 181 24.30 27.74 -52.54
N THR J 182 24.20 28.17 -53.80
CA THR J 182 23.23 29.17 -54.23
C THR J 182 22.70 28.79 -55.60
N GLN J 183 21.39 28.59 -55.70
CA GLN J 183 20.77 28.25 -56.97
C GLN J 183 20.63 29.49 -57.85
N ASN J 184 20.92 29.32 -59.13
CA ASN J 184 20.80 30.41 -60.10
C ASN J 184 19.34 30.56 -60.51
N ARG J 185 19.09 31.36 -61.54
CA ARG J 185 17.75 31.57 -62.07
C ARG J 185 17.70 31.14 -63.54
N SER J 186 16.55 30.62 -63.94
CA SER J 186 16.38 30.19 -65.33
C SER J 186 16.49 31.37 -66.27
N ALA J 187 17.27 31.19 -67.34
CA ALA J 187 17.46 32.26 -68.31
C ALA J 187 16.20 32.47 -69.13
N THR J 188 15.97 33.71 -69.54
CA THR J 188 14.81 34.09 -70.34
C THR J 188 15.28 34.64 -71.69
N VAL J 189 14.32 34.92 -72.56
CA VAL J 189 14.65 35.46 -73.87
C VAL J 189 15.29 36.84 -73.74
N THR J 190 14.87 37.63 -72.76
CA THR J 190 15.53 38.91 -72.52
C THR J 190 16.98 38.71 -72.12
N ASP J 191 17.26 37.69 -71.30
CA ASP J 191 18.63 37.44 -70.87
C ASP J 191 19.53 37.09 -72.05
N VAL J 192 19.06 36.23 -72.95
CA VAL J 192 19.88 35.88 -74.10
C VAL J 192 19.99 37.05 -75.07
N ILE J 193 18.92 37.84 -75.23
CA ILE J 193 19.01 39.04 -76.07
C ILE J 193 20.05 40.00 -75.52
N ALA J 194 20.20 40.06 -74.19
CA ALA J 194 21.24 40.88 -73.60
C ALA J 194 22.64 40.50 -74.09
N GLN J 195 22.83 39.24 -74.49
CA GLN J 195 24.12 38.83 -75.05
C GLN J 195 24.37 39.38 -76.45
N GLY J 196 23.34 39.90 -77.11
CA GLY J 196 23.51 40.52 -78.41
C GLY J 196 23.59 39.59 -79.59
N GLY J 197 23.29 38.30 -79.40
CA GLY J 197 23.33 37.34 -80.48
C GLY J 197 22.08 37.40 -81.34
N THR J 198 22.04 36.50 -82.33
CA THR J 198 20.95 36.44 -83.28
C THR J 198 19.96 35.34 -82.89
N LEU J 199 18.70 35.57 -83.24
CA LEU J 199 17.62 34.65 -82.91
C LEU J 199 16.95 34.18 -84.20
N GLN J 200 16.49 32.93 -84.19
CA GLN J 200 15.94 32.32 -85.40
C GLN J 200 14.64 31.58 -85.11
N GLY J 201 14.19 30.78 -86.07
CA GLY J 201 12.91 30.10 -85.93
C GLY J 201 12.88 29.17 -84.72
N ASP J 202 11.66 28.91 -84.26
CA ASP J 202 11.39 28.14 -83.04
C ASP J 202 11.99 28.81 -81.81
N GLY J 203 12.37 30.08 -81.92
CA GLY J 203 13.05 30.76 -80.84
C GLY J 203 14.51 30.39 -80.68
N THR J 204 15.06 29.61 -81.61
CA THR J 204 16.48 29.25 -81.54
C THR J 204 17.34 30.51 -81.59
N TYR J 205 18.30 30.60 -80.68
CA TYR J 205 19.08 31.81 -80.50
C TYR J 205 20.55 31.46 -80.55
N LYS J 206 21.37 32.42 -80.98
CA LYS J 206 22.79 32.21 -81.21
C LYS J 206 23.58 33.08 -80.23
N ALA J 207 23.87 32.53 -79.06
CA ALA J 207 24.67 33.22 -78.05
C ALA J 207 26.14 32.80 -78.21
N THR J 208 27.02 33.79 -78.37
CA THR J 208 28.44 33.54 -78.59
C THR J 208 29.18 33.87 -77.29
N THR J 209 29.39 32.85 -76.47
CA THR J 209 30.10 33.03 -75.22
C THR J 209 31.61 33.11 -75.45
N THR J 210 32.24 34.14 -74.89
CA THR J 210 33.68 34.31 -75.01
C THR J 210 34.40 33.55 -73.90
N PHE J 211 35.62 33.12 -74.20
CA PHE J 211 36.43 32.28 -73.32
C PHE J 211 37.80 32.89 -73.04
N ASN J 212 37.90 34.22 -73.05
CA ASN J 212 39.20 34.86 -72.81
C ASN J 212 39.76 34.44 -71.47
N ALA J 213 40.82 33.63 -71.50
CA ALA J 213 41.34 32.97 -70.31
C ALA J 213 42.79 32.60 -70.58
N ALA J 214 43.33 31.68 -69.77
CA ALA J 214 44.71 31.21 -69.87
C ALA J 214 45.70 32.31 -69.47
N SER J 215 45.39 32.99 -68.37
CA SER J 215 46.29 33.99 -67.81
C SER J 215 47.37 33.30 -67.00
N ALA J 216 48.18 34.10 -66.29
CA ALA J 216 49.35 33.55 -65.60
C ALA J 216 48.97 32.63 -64.46
N GLU J 217 47.92 32.96 -63.70
CA GLU J 217 47.62 32.21 -62.49
C GLU J 217 47.21 30.77 -62.76
N THR J 218 46.68 30.48 -63.95
CA THR J 218 46.22 29.13 -64.25
C THR J 218 47.27 28.30 -65.00
N VAL J 219 48.13 28.94 -65.79
CA VAL J 219 49.14 28.20 -66.53
C VAL J 219 50.21 27.66 -65.59
N LEU J 220 50.59 28.45 -64.58
CA LEU J 220 51.65 28.04 -63.67
C LEU J 220 51.23 26.83 -62.83
N SER J 221 49.94 26.55 -62.73
CA SER J 221 49.49 25.36 -62.03
C SER J 221 49.97 24.09 -62.75
N LYS J 222 50.10 24.15 -64.08
CA LYS J 222 50.61 23.05 -64.88
C LYS J 222 51.92 23.53 -65.50
N LEU J 223 53.02 23.37 -64.77
CA LEU J 223 54.31 23.84 -65.25
C LEU J 223 55.42 22.94 -64.72
N GLU J 224 56.22 22.41 -65.65
CA GLU J 224 57.47 21.73 -65.31
C GLU J 224 58.64 22.15 -66.19
N ASP J 225 58.40 22.66 -67.39
CA ASP J 225 59.46 23.08 -68.30
C ASP J 225 59.86 24.52 -68.00
N GLY J 226 60.62 25.12 -68.90
CA GLY J 226 61.17 26.44 -68.65
C GLY J 226 60.16 27.56 -68.83
N ASN J 227 60.48 28.69 -68.22
CA ASN J 227 59.69 29.92 -68.29
C ASN J 227 60.63 31.07 -68.60
N THR J 228 60.10 32.10 -69.26
CA THR J 228 60.92 33.24 -69.62
C THR J 228 60.08 34.51 -69.65
N VAL J 229 60.75 35.64 -69.39
CA VAL J 229 60.16 36.97 -69.48
C VAL J 229 61.12 37.87 -70.24
N ALA J 230 60.57 38.90 -70.87
CA ALA J 230 61.38 39.84 -71.64
C ALA J 230 60.57 41.11 -71.88
N VAL J 231 61.24 42.25 -71.78
CA VAL J 231 60.61 43.56 -71.95
C VAL J 231 61.21 44.23 -73.17
N GLY J 232 60.35 44.65 -74.10
CA GLY J 232 60.74 45.37 -75.30
C GLY J 232 61.95 44.81 -76.02
N GLY J 233 62.97 45.65 -76.19
CA GLY J 233 64.24 45.23 -76.73
C GLY J 233 65.31 44.95 -75.70
N GLY J 234 64.96 44.88 -74.43
CA GLY J 234 65.91 44.66 -73.37
C GLY J 234 66.29 43.20 -73.23
N ALA J 235 67.04 42.91 -72.17
CA ALA J 235 67.51 41.56 -71.92
C ALA J 235 66.34 40.64 -71.57
N THR J 236 66.53 39.35 -71.87
CA THR J 236 65.52 38.33 -71.63
C THR J 236 65.99 37.41 -70.51
N TYR J 237 65.11 37.17 -69.55
CA TYR J 237 65.42 36.33 -68.40
C TYR J 237 64.55 35.08 -68.41
N THR J 238 65.17 33.94 -68.17
CA THR J 238 64.50 32.65 -68.23
C THR J 238 64.42 32.02 -66.84
N TYR J 239 63.47 31.11 -66.69
CA TYR J 239 63.20 30.44 -65.42
C TYR J 239 62.92 28.97 -65.69
N ASP J 240 62.86 28.18 -64.62
CA ASP J 240 62.54 26.76 -64.75
C ASP J 240 62.06 26.24 -63.40
N ALA J 241 60.79 25.82 -63.33
CA ALA J 241 60.20 25.35 -62.08
C ALA J 241 60.80 24.00 -61.72
N ALA J 242 61.64 23.99 -60.69
CA ALA J 242 62.25 22.76 -60.18
C ALA J 242 62.04 22.68 -58.68
N LYS J 243 61.38 21.60 -58.23
CA LYS J 243 61.14 21.35 -56.81
C LYS J 243 60.44 22.52 -56.13
N GLY J 244 59.44 23.08 -56.81
CA GLY J 244 58.69 24.19 -56.28
C GLY J 244 59.37 25.54 -56.38
N ASN J 245 60.53 25.62 -57.03
CA ASN J 245 61.26 26.86 -57.19
C ASN J 245 61.72 27.01 -58.64
N PHE J 246 61.91 28.25 -59.05
CA PHE J 246 62.37 28.55 -60.41
C PHE J 246 63.85 28.89 -60.37
N THR J 247 64.62 28.20 -61.22
CA THR J 247 66.07 28.41 -61.30
C THR J 247 66.35 29.68 -62.11
N TYR J 248 65.97 30.80 -61.53
CA TYR J 248 66.19 32.10 -62.16
C TYR J 248 67.68 32.39 -62.24
N THR J 249 68.12 32.89 -63.39
CA THR J 249 69.53 33.21 -63.63
C THR J 249 69.66 34.73 -63.77
N LYS J 250 70.30 35.35 -62.77
CA LYS J 250 70.53 36.79 -62.80
C LYS J 250 71.71 37.06 -63.73
N THR J 251 71.39 37.28 -65.00
CA THR J 251 72.41 37.56 -66.00
C THR J 251 72.59 39.06 -66.13
N VAL J 252 73.79 39.54 -65.79
CA VAL J 252 74.06 40.97 -65.90
C VAL J 252 74.02 41.38 -67.37
N ASP J 253 73.40 42.53 -67.63
CA ASP J 253 73.25 43.06 -68.98
C ASP J 253 74.59 43.15 -69.69
N THR J 254 74.59 43.16 -71.02
CA THR J 254 75.84 43.21 -71.76
C THR J 254 76.04 44.55 -72.45
N THR J 255 75.18 44.89 -73.42
CA THR J 255 75.12 46.22 -74.05
C THR J 255 76.46 46.92 -74.19
N VAL J 256 77.49 46.22 -74.64
CA VAL J 256 78.86 46.76 -74.65
C VAL J 256 79.60 46.31 -75.90
N GLY J 257 80.38 47.22 -76.47
CA GLY J 257 81.39 46.88 -77.45
C GLY J 257 82.75 46.82 -76.78
N ALA J 258 83.52 47.89 -76.90
CA ALA J 258 84.82 47.99 -76.24
C ALA J 258 84.75 48.64 -74.86
N ASP J 259 83.59 49.13 -74.45
CA ASP J 259 83.46 49.82 -73.17
C ASP J 259 83.11 48.81 -72.07
N VAL J 260 84.12 47.98 -71.75
CA VAL J 260 83.94 46.89 -70.80
C VAL J 260 83.55 47.41 -69.42
N THR J 261 83.81 48.68 -69.12
CA THR J 261 83.59 49.20 -67.78
C THR J 261 82.12 49.12 -67.35
N ALA J 262 81.19 49.02 -68.29
CA ALA J 262 79.78 49.00 -67.92
C ALA J 262 79.45 47.77 -67.09
N LEU J 263 79.91 46.60 -67.52
CA LEU J 263 79.65 45.38 -66.76
C LEU J 263 80.34 45.41 -65.40
N ALA J 264 81.57 45.93 -65.34
CA ALA J 264 82.25 46.03 -64.07
C ALA J 264 81.53 46.96 -63.11
N ASN J 265 81.05 48.11 -63.61
CA ASN J 265 80.33 49.05 -62.77
C ASN J 265 78.90 48.62 -62.50
N LYS J 266 78.42 47.60 -63.20
CA LYS J 266 77.13 47.00 -62.87
C LYS J 266 77.25 45.89 -61.84
N ILE J 267 78.34 45.12 -61.87
CA ILE J 267 78.51 44.04 -60.92
C ILE J 267 79.18 44.49 -59.63
N LYS J 268 79.97 45.57 -59.66
CA LYS J 268 80.63 46.06 -58.45
C LYS J 268 79.65 46.47 -57.36
N PRO J 269 78.58 47.23 -57.64
CA PRO J 269 77.67 47.62 -56.54
C PRO J 269 76.99 46.44 -55.87
N SER J 270 76.92 45.28 -56.52
CA SER J 270 76.37 44.10 -55.88
C SER J 270 77.20 43.69 -54.67
N SER J 271 78.48 44.05 -54.66
CA SER J 271 79.35 43.81 -53.52
C SER J 271 80.24 45.02 -53.29
N GLY J 272 79.68 46.22 -53.46
CA GLY J 272 80.45 47.45 -53.40
C GLY J 272 80.75 47.94 -52.00
N THR J 273 81.47 47.14 -51.22
CA THR J 273 81.89 47.52 -49.88
C THR J 273 83.11 46.67 -49.52
N ILE J 274 83.89 47.17 -48.57
CA ILE J 274 85.07 46.44 -48.12
C ILE J 274 84.63 45.14 -47.46
N SER J 275 85.07 44.02 -48.01
CA SER J 275 84.75 42.69 -47.49
C SER J 275 86.03 41.86 -47.48
N GLY J 276 85.88 40.58 -47.16
CA GLY J 276 87.02 39.69 -47.09
C GLY J 276 86.62 38.28 -47.49
N SER J 277 87.63 37.40 -47.54
CA SER J 277 87.45 36.00 -47.91
C SER J 277 86.83 35.85 -49.29
N TYR J 278 87.10 36.78 -50.19
CA TYR J 278 86.60 36.65 -51.55
C TYR J 278 87.23 35.46 -52.23
N GLU J 279 86.45 34.82 -53.10
CA GLU J 279 86.90 33.65 -53.86
C GLU J 279 87.06 34.08 -55.31
N ILE J 280 88.30 34.11 -55.79
CA ILE J 280 88.61 34.50 -57.16
C ILE J 280 89.03 33.24 -57.90
N SER J 281 88.13 32.70 -58.71
CA SER J 281 88.40 31.49 -59.49
C SER J 281 88.47 31.89 -60.96
N THR J 282 89.64 32.31 -61.40
CA THR J 282 89.90 32.65 -62.79
C THR J 282 90.72 31.54 -63.43
N GLY J 283 91.09 31.75 -64.68
CA GLY J 283 91.85 30.73 -65.40
C GLY J 283 91.03 29.46 -65.51
N LYS J 284 91.53 28.39 -64.92
CA LYS J 284 90.77 27.14 -64.87
C LYS J 284 90.51 26.65 -63.45
N SER J 285 91.51 26.69 -62.58
CA SER J 285 91.39 26.17 -61.22
C SER J 285 92.10 27.07 -60.23
N ALA J 286 91.90 28.39 -60.35
CA ALA J 286 92.54 29.33 -59.45
C ALA J 286 92.08 29.08 -58.02
N SER J 287 90.79 29.31 -57.75
CA SER J 287 90.20 29.05 -56.44
C SER J 287 90.97 29.74 -55.33
N PHE J 288 91.30 31.01 -55.55
CA PHE J 288 92.06 31.77 -54.57
C PHE J 288 91.15 32.22 -53.42
N ASP J 289 91.80 32.72 -52.36
CA ASP J 289 91.11 33.23 -51.17
C ASP J 289 91.66 34.63 -50.92
N VAL J 290 90.88 35.64 -51.28
CA VAL J 290 91.38 37.00 -51.45
C VAL J 290 90.59 37.96 -50.56
N ASP J 291 91.28 38.92 -49.97
CA ASP J 291 90.66 40.04 -49.29
C ASP J 291 90.59 41.25 -50.21
N ALA J 292 89.62 42.13 -49.95
CA ALA J 292 89.43 43.31 -50.78
C ALA J 292 88.96 44.47 -49.91
N ALA J 293 89.83 45.47 -49.77
CA ALA J 293 89.50 46.73 -49.11
C ALA J 293 89.48 47.86 -50.14
N GLY J 294 88.97 47.55 -51.33
CA GLY J 294 89.15 48.37 -52.50
C GLY J 294 90.34 47.97 -53.35
N LYS J 295 91.28 47.24 -52.78
CA LYS J 295 92.43 46.70 -53.49
C LYS J 295 92.48 45.20 -53.26
N ILE J 296 92.76 44.45 -54.33
CA ILE J 296 92.77 42.99 -54.24
C ILE J 296 94.05 42.55 -53.54
N THR J 297 93.89 41.83 -52.43
CA THR J 297 95.02 41.32 -51.67
C THR J 297 94.69 39.94 -51.12
N ILE J 298 95.64 39.03 -51.23
CA ILE J 298 95.53 37.72 -50.62
C ILE J 298 96.17 37.80 -49.24
N GLY J 299 95.75 36.92 -48.33
CA GLY J 299 96.16 37.00 -46.94
C GLY J 299 97.66 37.07 -46.73
N GLY J 300 98.14 38.23 -46.30
CA GLY J 300 99.56 38.44 -46.07
C GLY J 300 100.38 38.83 -47.28
N ASN J 301 99.76 39.09 -48.43
CA ASN J 301 100.50 39.39 -49.64
C ASN J 301 99.76 40.47 -50.42
N ALA J 302 100.25 40.77 -51.62
CA ALA J 302 99.73 41.86 -52.44
C ALA J 302 98.81 41.40 -53.56
N ALA J 303 99.06 40.21 -54.13
CA ALA J 303 98.20 39.59 -55.14
C ALA J 303 98.06 40.50 -56.37
N PHE J 304 99.18 40.67 -57.06
CA PHE J 304 99.18 41.39 -58.32
C PHE J 304 98.43 40.59 -59.39
N LEU J 305 98.17 41.25 -60.52
CA LEU J 305 97.52 40.62 -61.67
C LEU J 305 98.35 40.88 -62.91
N ASN J 306 98.52 39.85 -63.73
CA ASN J 306 99.34 39.99 -64.94
C ASN J 306 98.83 39.01 -65.98
N ALA J 307 99.66 38.73 -66.98
CA ALA J 307 99.35 37.79 -68.07
C ALA J 307 98.13 38.23 -68.87
N ASP J 308 98.25 39.41 -69.48
CA ASP J 308 97.20 39.91 -70.35
C ASP J 308 96.92 38.92 -71.48
N GLY J 309 95.64 38.72 -71.76
CA GLY J 309 95.19 37.69 -72.68
C GLY J 309 94.82 36.40 -71.97
N GLU J 310 95.52 36.10 -70.88
CA GLU J 310 95.21 34.97 -70.02
C GLU J 310 94.71 35.40 -68.65
N LEU J 311 95.29 36.45 -68.09
CA LEU J 311 94.72 37.18 -66.95
C LEU J 311 94.54 36.31 -65.72
N THR J 312 95.67 35.87 -65.16
CA THR J 312 95.69 35.18 -63.88
C THR J 312 96.24 36.11 -62.80
N THR J 313 95.84 35.86 -61.56
CA THR J 313 96.28 36.68 -60.44
C THR J 313 97.68 36.24 -60.02
N ASN J 314 98.68 37.03 -60.42
CA ASN J 314 100.09 36.70 -60.17
C ASN J 314 100.50 37.36 -58.85
N ASP J 315 100.53 36.55 -57.79
CA ASP J 315 101.02 37.06 -56.51
C ASP J 315 102.48 37.49 -56.57
N ALA J 316 103.23 37.00 -57.54
CA ALA J 316 104.60 37.42 -57.76
C ALA J 316 104.65 38.39 -58.94
N SER J 317 105.53 39.38 -58.86
CA SER J 317 105.61 40.41 -59.89
C SER J 317 106.01 39.82 -61.23
N GLY J 318 105.41 40.34 -62.30
CA GLY J 318 105.78 39.95 -63.65
C GLY J 318 106.07 41.15 -64.52
N ALA J 319 106.43 42.27 -63.89
CA ALA J 319 106.83 43.54 -64.49
C ALA J 319 105.68 44.27 -65.19
N LEU J 320 104.49 43.69 -65.26
CA LEU J 320 103.33 44.33 -65.89
C LEU J 320 102.10 44.15 -65.01
N THR J 321 102.24 44.42 -63.72
CA THR J 321 101.20 44.11 -62.74
C THR J 321 100.41 45.35 -62.37
N GLN J 322 99.13 45.12 -62.03
CA GLN J 322 98.22 46.20 -61.64
C GLN J 322 97.73 46.05 -60.21
N ALA J 323 97.21 44.88 -59.84
CA ALA J 323 96.79 44.56 -58.47
C ALA J 323 95.70 45.51 -57.97
N THR J 324 94.54 45.44 -58.61
CA THR J 324 93.38 46.24 -58.18
C THR J 324 92.08 45.54 -58.55
N LEU J 325 91.02 45.93 -57.85
CA LEU J 325 89.75 45.20 -57.88
C LEU J 325 89.04 45.35 -59.22
N ASP J 326 88.91 46.57 -59.73
CA ASP J 326 88.15 46.78 -60.96
C ASP J 326 88.85 46.13 -62.15
N ASP J 327 90.19 46.12 -62.15
CA ASP J 327 90.91 45.39 -63.17
C ASP J 327 90.58 43.91 -63.10
N VAL J 328 90.38 43.37 -61.90
CA VAL J 328 90.00 41.97 -61.76
C VAL J 328 88.62 41.73 -62.36
N LEU J 329 87.65 42.59 -62.01
CA LEU J 329 86.29 42.40 -62.53
C LEU J 329 86.24 42.52 -64.04
N THR J 330 86.96 43.49 -64.61
CA THR J 330 87.10 43.52 -66.06
C THR J 330 87.83 42.28 -66.56
N SER J 331 88.71 41.72 -65.72
CA SER J 331 89.53 40.59 -66.12
C SER J 331 88.80 39.26 -66.00
N VAL J 332 88.05 39.07 -64.91
CA VAL J 332 87.52 37.75 -64.59
C VAL J 332 86.36 37.41 -65.52
N GLY J 333 86.65 36.63 -66.55
CA GLY J 333 85.65 36.18 -67.49
C GLY J 333 84.88 37.26 -68.18
N THR J 334 85.19 38.51 -67.87
CA THR J 334 84.52 39.63 -68.50
C THR J 334 85.23 40.07 -69.77
N GLU J 335 86.54 39.86 -69.85
CA GLU J 335 87.30 40.15 -71.07
C GLU J 335 87.96 38.93 -71.66
N ALA J 336 88.78 38.21 -70.91
CA ALA J 336 89.61 37.17 -71.51
C ALA J 336 89.63 35.91 -70.66
N ASN J 337 88.49 35.52 -70.09
CA ASN J 337 88.36 34.23 -69.43
C ASN J 337 86.99 33.66 -69.71
N SER J 338 86.90 32.34 -69.58
CA SER J 338 85.66 31.61 -69.86
C SER J 338 85.36 30.65 -68.71
N SER J 339 84.08 30.55 -68.36
CA SER J 339 83.60 29.64 -67.33
C SER J 339 84.33 29.85 -66.01
N VAL J 340 84.58 31.11 -65.67
CA VAL J 340 85.22 31.48 -64.41
C VAL J 340 84.23 32.31 -63.59
N THR J 341 84.57 32.53 -62.32
CA THR J 341 83.63 33.18 -61.42
C THR J 341 84.38 33.81 -60.27
N ILE J 342 83.68 34.68 -59.54
CA ILE J 342 84.09 35.18 -58.25
C ILE J 342 83.10 34.68 -57.20
N GLY J 343 83.59 33.93 -56.23
CA GLY J 343 82.79 33.46 -55.13
C GLY J 343 82.93 34.34 -53.92
N GLY J 344 82.83 33.72 -52.74
CA GLY J 344 82.96 34.44 -51.49
C GLY J 344 81.75 35.30 -51.18
N THR J 345 81.46 35.47 -49.89
CA THR J 345 80.32 36.27 -49.42
C THR J 345 79.03 35.76 -50.07
N LYS J 346 78.96 34.44 -50.27
CA LYS J 346 77.76 33.75 -50.75
C LYS J 346 77.27 34.33 -52.08
N TYR J 347 78.08 34.12 -53.12
CA TYR J 347 77.64 34.31 -54.50
C TYR J 347 78.66 33.62 -55.41
N SER J 348 78.32 33.55 -56.68
CA SER J 348 79.25 33.05 -57.69
C SER J 348 78.95 33.78 -59.00
N HIS J 349 79.68 34.86 -59.26
CA HIS J 349 79.46 35.68 -60.43
C HIS J 349 80.17 35.03 -61.62
N SER J 350 79.58 33.94 -62.10
CA SER J 350 80.15 33.20 -63.22
C SER J 350 80.08 34.02 -64.51
N ALA J 351 80.98 33.70 -65.43
CA ALA J 351 81.05 34.36 -66.72
C ALA J 351 80.56 33.41 -67.80
N ALA J 352 79.41 33.72 -68.38
CA ALA J 352 78.89 32.89 -69.47
C ALA J 352 79.71 33.05 -70.74
N ASP J 353 80.26 34.24 -70.98
CA ASP J 353 81.00 34.51 -72.21
C ASP J 353 82.13 35.48 -71.89
N GLU J 354 83.09 35.56 -72.81
CA GLU J 354 84.21 36.48 -72.72
C GLU J 354 84.11 37.54 -73.82
N LEU J 355 84.65 38.73 -73.51
CA LEU J 355 84.57 39.88 -74.40
C LEU J 355 85.83 39.95 -75.24
N SER J 356 85.73 39.56 -76.50
CA SER J 356 86.79 39.80 -77.46
C SER J 356 86.73 41.23 -78.01
N TYR J 357 85.94 42.09 -77.39
CA TYR J 357 85.66 43.48 -77.77
C TYR J 357 84.88 43.58 -79.07
N THR J 358 84.60 42.45 -79.72
CA THR J 358 83.60 42.37 -80.78
C THR J 358 82.42 41.51 -80.37
N ALA J 359 82.67 40.25 -80.02
CA ALA J 359 81.66 39.46 -79.33
C ALA J 359 81.58 39.90 -77.87
N VAL J 360 80.37 39.93 -77.34
CA VAL J 360 80.11 40.57 -76.05
C VAL J 360 80.04 39.51 -74.96
N ALA J 361 80.52 39.88 -73.77
CA ALA J 361 80.56 39.00 -72.62
C ALA J 361 79.41 39.30 -71.67
N THR J 362 79.33 38.51 -70.61
CA THR J 362 78.36 38.74 -69.54
C THR J 362 78.79 37.96 -68.30
N THR J 363 78.73 38.62 -67.15
CA THR J 363 78.90 37.96 -65.87
C THR J 363 77.52 37.58 -65.34
N ALA J 364 77.40 36.37 -64.82
CA ALA J 364 76.11 35.88 -64.36
C ALA J 364 76.27 35.13 -63.06
N ASP J 365 75.36 35.37 -62.12
CA ASP J 365 75.27 34.61 -60.90
C ASP J 365 73.89 33.97 -60.83
N VAL J 366 73.84 32.67 -60.64
CA VAL J 366 72.57 31.97 -60.53
C VAL J 366 72.12 32.08 -59.09
N LEU J 367 71.44 33.19 -58.77
CA LEU J 367 71.02 33.43 -57.39
C LEU J 367 70.00 32.41 -56.92
N SER J 368 69.31 31.73 -57.85
CA SER J 368 68.17 30.87 -57.57
C SER J 368 67.06 31.61 -56.82
N ALA J 369 67.15 32.93 -56.74
CA ALA J 369 66.10 33.74 -56.15
C ALA J 369 64.89 33.74 -57.08
N MET J 370 63.84 34.46 -56.68
CA MET J 370 62.63 34.59 -57.46
C MET J 370 61.96 33.23 -57.68
N GLY J 371 62.41 32.22 -56.92
CA GLY J 371 62.05 30.85 -57.21
C GLY J 371 60.58 30.54 -56.95
N SER J 372 60.01 31.10 -55.90
CA SER J 372 58.64 30.74 -55.51
C SER J 372 57.67 31.05 -56.63
N SER J 373 56.85 30.07 -57.00
CA SER J 373 55.92 30.25 -58.09
C SER J 373 54.89 31.32 -57.77
N THR J 374 54.60 31.53 -56.48
CA THR J 374 53.69 32.62 -56.10
C THR J 374 54.26 33.97 -56.47
N ALA J 375 55.56 34.19 -56.23
CA ALA J 375 56.19 35.44 -56.64
C ALA J 375 56.29 35.54 -58.15
N VAL J 376 56.53 34.41 -58.82
CA VAL J 376 56.59 34.42 -60.28
C VAL J 376 55.26 34.86 -60.87
N SER J 377 54.16 34.32 -60.34
CA SER J 377 52.84 34.72 -60.81
C SER J 377 52.62 36.21 -60.58
N THR J 378 52.95 36.71 -59.40
CA THR J 378 52.70 38.11 -59.07
C THR J 378 53.49 39.03 -59.98
N VAL J 379 54.77 38.74 -60.20
CA VAL J 379 55.59 39.61 -61.03
C VAL J 379 55.15 39.54 -62.48
N THR J 380 54.87 38.35 -63.00
CA THR J 380 54.36 38.27 -64.36
C THR J 380 52.93 38.76 -64.46
N LEU J 381 52.22 38.90 -63.35
CA LEU J 381 50.88 39.50 -63.33
C LEU J 381 51.02 40.99 -63.07
N GLY J 382 51.51 41.70 -64.08
CA GLY J 382 51.73 43.13 -63.97
C GLY J 382 53.18 43.52 -64.15
N SER J 383 53.48 44.14 -65.29
CA SER J 383 54.83 44.59 -65.61
C SER J 383 54.70 45.82 -66.52
N GLY J 384 55.77 46.15 -67.21
CA GLY J 384 55.76 47.28 -68.13
C GLY J 384 55.42 46.83 -69.52
N ILE J 385 56.42 46.72 -70.39
CA ILE J 385 56.24 46.12 -71.71
C ILE J 385 56.75 44.67 -71.72
N THR J 386 56.81 44.04 -70.56
CA THR J 386 57.38 42.69 -70.41
C THR J 386 56.34 41.66 -70.84
N SER J 387 56.49 41.13 -72.04
CA SER J 387 55.64 40.07 -72.55
C SER J 387 56.33 38.73 -72.29
N ALA J 388 55.77 37.94 -71.38
CA ALA J 388 56.40 36.71 -70.95
C ALA J 388 56.15 35.58 -71.93
N ALA J 389 56.64 34.39 -71.61
CA ALA J 389 56.43 33.20 -72.41
C ALA J 389 56.73 31.98 -71.55
N VAL J 390 55.88 30.95 -71.68
CA VAL J 390 56.04 29.72 -70.91
C VAL J 390 55.84 28.51 -71.80
N THR J 391 56.78 27.58 -71.75
CA THR J 391 56.61 26.22 -72.25
C THR J 391 56.34 25.34 -71.03
N PHE J 392 55.19 24.67 -71.00
CA PHE J 392 54.70 24.09 -69.75
C PHE J 392 54.17 22.67 -69.93
N ALA J 393 54.80 21.90 -70.82
CA ALA J 393 54.37 20.52 -71.02
C ALA J 393 55.54 19.74 -71.62
N ILE J 394 55.25 18.52 -72.08
CA ILE J 394 56.26 17.67 -72.68
C ILE J 394 56.89 18.36 -73.88
N ALA J 395 58.22 18.24 -74.00
CA ALA J 395 58.92 18.89 -75.10
C ALA J 395 58.37 18.45 -76.45
N THR J 396 57.92 17.20 -76.56
CA THR J 396 57.25 16.76 -77.78
C THR J 396 55.84 17.33 -77.86
N THR J 397 55.20 17.58 -76.72
CA THR J 397 53.76 17.81 -76.64
C THR J 397 53.48 19.15 -75.95
N ASP J 398 54.12 20.22 -76.43
CA ASP J 398 53.91 21.55 -75.87
C ASP J 398 54.02 22.61 -76.95
N SER J 399 53.72 23.84 -76.54
CA SER J 399 53.90 25.05 -77.34
C SER J 399 54.26 26.18 -76.38
N ASN J 400 54.13 27.41 -76.84
CA ASN J 400 54.49 28.57 -76.04
C ASN J 400 53.25 29.42 -75.76
N ASN J 401 53.25 30.09 -74.61
CA ASN J 401 52.15 30.94 -74.17
C ASN J 401 52.70 32.29 -73.74
N THR J 402 52.34 33.35 -74.46
CA THR J 402 52.72 34.71 -74.09
C THR J 402 51.61 35.33 -73.24
N TRP J 403 51.73 36.64 -72.96
CA TRP J 403 50.68 37.36 -72.25
C TRP J 403 50.74 38.84 -72.57
N VAL J 404 49.66 39.52 -72.22
CA VAL J 404 49.68 40.97 -72.17
C VAL J 404 50.65 41.41 -71.10
N ASP J 405 51.48 42.41 -71.44
CA ASP J 405 52.58 42.79 -70.57
C ASP J 405 52.09 43.30 -69.21
N ASN J 406 51.06 44.13 -69.21
CA ASN J 406 50.67 44.86 -68.01
C ASN J 406 49.79 44.07 -67.06
N LYS J 407 49.26 42.92 -67.47
CA LYS J 407 48.45 42.12 -66.57
C LYS J 407 48.68 40.62 -66.68
N GLY J 408 49.62 40.16 -67.50
CA GLY J 408 49.88 38.74 -67.60
C GLY J 408 48.69 37.93 -68.07
N GLU J 409 47.94 38.45 -69.03
CA GLU J 409 46.76 37.77 -69.57
C GLU J 409 46.99 37.48 -71.05
N LEU J 410 46.52 36.32 -71.49
CA LEU J 410 46.72 35.84 -72.85
C LEU J 410 45.45 35.97 -73.67
N THR J 411 45.56 36.62 -74.84
CA THR J 411 44.43 36.91 -75.71
C THR J 411 44.29 35.91 -76.85
N ASP J 412 45.37 35.66 -77.59
CA ASP J 412 45.29 34.79 -78.75
C ASP J 412 44.97 33.34 -78.40
N ILE J 413 45.08 32.98 -77.13
CA ILE J 413 44.77 31.63 -76.66
C ILE J 413 43.69 31.73 -75.59
N GLN J 414 42.64 30.93 -75.74
CA GLN J 414 41.53 30.88 -74.81
C GLN J 414 41.37 29.47 -74.27
N THR J 415 40.45 29.31 -73.33
CA THR J 415 40.20 28.00 -72.72
C THR J 415 38.72 27.68 -72.78
N PHE J 416 38.39 26.50 -73.28
CA PHE J 416 37.03 25.98 -73.23
C PHE J 416 36.68 25.66 -71.78
N ASP J 417 35.42 25.27 -71.56
CA ASP J 417 34.99 24.85 -70.23
C ASP J 417 35.90 23.77 -69.66
N THR J 418 36.40 22.87 -70.52
CA THR J 418 37.27 21.79 -70.05
C THR J 418 38.49 21.59 -70.92
N SER J 419 38.88 22.58 -71.72
CA SER J 419 40.07 22.43 -72.56
C SER J 419 40.62 23.81 -72.90
N TYR J 420 41.87 23.82 -73.35
CA TYR J 420 42.59 25.04 -73.70
C TYR J 420 42.53 25.30 -75.20
N LYS J 421 41.32 25.34 -75.75
CA LYS J 421 41.16 25.48 -77.20
C LYS J 421 41.19 26.95 -77.61
N ILE J 422 41.81 27.20 -78.77
CA ILE J 422 42.15 28.57 -79.17
C ILE J 422 40.88 29.39 -79.46
N ASN J 423 39.89 28.78 -80.11
CA ASN J 423 38.71 29.51 -80.54
C ASN J 423 38.05 30.22 -79.36
N ALA J 424 38.03 31.56 -79.41
CA ALA J 424 37.47 32.34 -78.32
C ALA J 424 35.95 32.31 -78.28
N ASP J 425 35.30 31.97 -79.38
CA ASP J 425 33.84 32.00 -79.47
C ASP J 425 33.32 30.67 -79.97
N THR J 426 32.22 30.22 -79.38
CA THR J 426 31.61 28.95 -79.74
C THR J 426 30.24 29.09 -80.40
N GLY J 427 29.53 30.19 -80.17
CA GLY J 427 28.21 30.34 -80.73
C GLY J 427 27.24 29.31 -80.18
N GLU J 428 27.19 29.21 -78.85
CA GLU J 428 26.31 28.24 -78.20
C GLU J 428 24.88 28.44 -78.65
N VAL J 429 24.21 27.34 -79.00
CA VAL J 429 22.86 27.37 -79.53
C VAL J 429 21.89 27.09 -78.40
N THR J 430 21.06 28.09 -78.07
CA THR J 430 20.04 27.97 -77.04
C THR J 430 18.69 28.28 -77.66
N VAL J 431 17.69 27.46 -77.34
CA VAL J 431 16.33 27.66 -77.82
C VAL J 431 15.45 28.06 -76.65
N VAL J 432 14.67 29.12 -76.82
CA VAL J 432 13.77 29.58 -75.78
C VAL J 432 12.54 28.68 -75.77
N GLY J 433 12.21 28.14 -74.60
CA GLY J 433 11.09 27.25 -74.49
C GLY J 433 9.78 27.99 -74.49
N ASP J 434 9.05 27.92 -75.60
CA ASP J 434 7.75 28.56 -75.69
C ASP J 434 6.78 27.88 -74.72
N ASN J 435 5.83 28.65 -74.22
CA ASN J 435 4.85 28.20 -73.22
C ASN J 435 5.51 27.84 -71.89
N SER J 436 6.82 28.00 -71.78
CA SER J 436 7.55 27.72 -70.54
C SER J 436 8.54 28.79 -70.15
N ALA J 437 8.96 29.66 -71.06
CA ALA J 437 9.93 30.72 -70.77
C ALA J 437 11.23 30.15 -70.20
N THR J 438 11.65 29.01 -70.73
CA THR J 438 12.90 28.36 -70.34
C THR J 438 13.82 28.32 -71.54
N ALA J 439 14.98 28.96 -71.42
CA ALA J 439 15.96 29.01 -72.52
C ALA J 439 16.69 27.67 -72.57
N GLY J 440 15.99 26.66 -73.07
CA GLY J 440 16.54 25.32 -73.18
C GLY J 440 17.77 25.25 -74.06
N GLN J 441 18.79 24.56 -73.59
CA GLN J 441 20.02 24.41 -74.36
C GLN J 441 19.75 23.55 -75.59
N TYR J 442 20.43 23.86 -76.69
CA TYR J 442 20.14 23.23 -77.97
C TYR J 442 21.34 22.69 -78.72
N ALA J 443 22.55 23.21 -78.49
CA ALA J 443 23.71 22.85 -79.30
C ALA J 443 24.09 21.37 -79.18
N SER J 444 24.53 20.95 -78.00
CA SER J 444 25.01 19.58 -77.83
C SER J 444 24.38 18.86 -76.65
N ALA J 445 24.18 19.53 -75.51
CA ALA J 445 23.55 18.89 -74.38
C ALA J 445 22.06 18.62 -74.63
N ASP J 446 21.45 19.37 -75.55
CA ASP J 446 20.10 19.09 -76.06
C ASP J 446 19.08 19.10 -74.92
N GLY J 447 18.91 20.27 -74.33
CA GLY J 447 17.92 20.44 -73.29
C GLY J 447 18.51 20.49 -71.89
N ALA J 448 19.57 21.28 -71.72
CA ALA J 448 20.27 21.36 -70.45
C ALA J 448 19.70 22.42 -69.51
N LYS J 449 18.63 23.12 -69.91
CA LYS J 449 17.95 24.10 -69.05
C LYS J 449 18.93 25.18 -68.59
N VAL J 450 19.35 25.98 -69.56
CA VAL J 450 20.34 27.04 -69.29
C VAL J 450 19.82 27.98 -68.21
N LEU J 451 20.66 28.22 -67.20
CA LEU J 451 20.44 29.24 -66.19
C LEU J 451 21.49 30.33 -66.31
N VAL J 452 21.21 31.48 -65.71
CA VAL J 452 22.15 32.59 -65.72
C VAL J 452 23.08 32.46 -64.52
N GLY J 453 24.38 32.38 -64.78
CA GLY J 453 25.35 32.17 -63.73
C GLY J 453 25.54 33.40 -62.86
N SER J 454 26.23 33.19 -61.73
CA SER J 454 26.49 34.27 -60.79
C SER J 454 27.39 35.35 -61.38
N ASP J 455 28.13 35.04 -62.44
CA ASP J 455 28.99 36.00 -63.10
C ASP J 455 28.30 36.74 -64.24
N GLY J 456 27.02 36.47 -64.47
CA GLY J 456 26.29 37.07 -65.56
C GLY J 456 26.30 36.29 -66.86
N LYS J 457 27.00 35.16 -66.90
CA LYS J 457 27.09 34.34 -68.10
C LYS J 457 26.10 33.18 -68.03
N LEU J 458 25.71 32.70 -69.21
CA LEU J 458 24.81 31.55 -69.30
C LEU J 458 25.55 30.27 -68.94
N THR J 459 24.87 29.38 -68.22
CA THR J 459 25.47 28.11 -67.83
C THR J 459 24.36 27.10 -67.59
N THR J 460 24.68 25.83 -67.80
CA THR J 460 23.74 24.76 -67.58
C THR J 460 23.67 24.31 -66.12
N GLU J 461 24.61 24.76 -65.28
CA GLU J 461 24.58 24.41 -63.88
C GLU J 461 23.49 25.21 -63.17
N THR J 462 22.63 24.51 -62.44
CA THR J 462 21.52 25.18 -61.76
C THR J 462 21.99 25.95 -60.54
N THR J 463 22.90 25.39 -59.77
CA THR J 463 23.35 26.01 -58.52
C THR J 463 24.68 26.74 -58.74
N SER J 464 25.21 27.28 -57.66
CA SER J 464 26.50 27.97 -57.68
C SER J 464 27.19 27.72 -56.35
N ALA J 465 28.39 28.27 -56.21
CA ALA J 465 29.18 28.04 -55.01
C ALA J 465 28.64 28.84 -53.84
N GLY J 466 28.67 30.17 -53.93
CA GLY J 466 28.33 31.01 -52.80
C GLY J 466 29.45 31.04 -51.79
N ASP J 467 29.37 32.02 -50.87
CA ASP J 467 30.43 32.20 -49.88
C ASP J 467 29.94 31.91 -48.47
N LYS J 468 28.95 32.65 -47.95
CA LYS J 468 28.70 32.72 -46.50
C LYS J 468 27.42 33.51 -46.24
N THR J 469 26.67 33.09 -45.23
CA THR J 469 25.49 33.85 -44.81
C THR J 469 25.98 35.07 -44.01
N THR J 470 25.79 36.26 -44.59
CA THR J 470 26.40 37.46 -44.02
C THR J 470 25.87 37.77 -42.63
N ASP J 471 24.55 37.63 -42.43
CA ASP J 471 23.93 37.89 -41.13
C ASP J 471 23.27 36.59 -40.68
N PRO J 472 24.03 35.70 -40.04
CA PRO J 472 23.51 34.37 -39.72
C PRO J 472 22.40 34.39 -38.68
N LEU J 473 22.67 34.99 -37.51
CA LEU J 473 21.70 34.96 -36.43
C LEU J 473 20.49 35.83 -36.72
N LYS J 474 20.65 36.90 -37.49
CA LYS J 474 19.47 37.67 -37.90
C LYS J 474 18.56 36.85 -38.81
N THR J 475 19.14 36.09 -39.75
CA THR J 475 18.32 35.21 -40.57
C THR J 475 17.67 34.13 -39.73
N LEU J 476 18.40 33.59 -38.75
CA LEU J 476 17.83 32.60 -37.84
C LEU J 476 16.68 33.20 -37.04
N ASP J 477 16.83 34.45 -36.61
CA ASP J 477 15.75 35.09 -35.86
C ASP J 477 14.54 35.35 -36.74
N ALA J 478 14.75 35.68 -38.01
CA ALA J 478 13.63 35.82 -38.93
C ALA J 478 12.90 34.50 -39.11
N ALA J 479 13.65 33.41 -39.25
CA ALA J 479 13.05 32.08 -39.32
C ALA J 479 12.27 31.77 -38.06
N PHE J 480 12.84 32.11 -36.90
CA PHE J 480 12.16 31.91 -35.63
C PHE J 480 10.86 32.69 -35.58
N THR J 481 10.88 33.94 -36.04
CA THR J 481 9.67 34.75 -36.02
C THR J 481 8.58 34.16 -36.90
N LYS J 482 8.96 33.71 -38.11
CA LYS J 482 7.96 33.11 -38.99
C LYS J 482 7.38 31.83 -38.40
N LEU J 483 8.25 30.97 -37.87
CA LEU J 483 7.79 29.71 -37.30
C LEU J 483 6.90 29.96 -36.09
N ASP J 484 7.28 30.90 -35.22
CA ASP J 484 6.46 31.22 -34.06
C ASP J 484 5.15 31.87 -34.46
N LYS J 485 5.15 32.66 -35.54
CA LYS J 485 3.90 33.22 -36.05
C LYS J 485 2.94 32.11 -36.43
N LEU J 486 3.41 31.14 -37.22
CA LEU J 486 2.51 30.06 -37.60
C LEU J 486 2.11 29.21 -36.41
N THR J 487 3.03 28.94 -35.48
CA THR J 487 2.70 28.14 -34.31
C THR J 487 1.65 28.83 -33.45
N GLY J 488 1.80 30.14 -33.25
CA GLY J 488 0.81 30.88 -32.47
C GLY J 488 -0.53 30.93 -33.16
N GLU J 489 -0.54 31.10 -34.48
CA GLU J 489 -1.81 31.11 -35.20
C GLU J 489 -2.50 29.75 -35.08
N LEU J 490 -1.73 28.66 -35.19
CA LEU J 490 -2.30 27.33 -35.02
C LEU J 490 -2.80 27.10 -33.60
N GLY J 491 -2.09 27.63 -32.60
CA GLY J 491 -2.57 27.51 -31.24
C GLY J 491 -3.86 28.28 -31.01
N ALA J 492 -3.96 29.48 -31.58
CA ALA J 492 -5.19 30.26 -31.47
C ALA J 492 -6.35 29.53 -32.12
N VAL J 493 -6.13 28.97 -33.31
CA VAL J 493 -7.23 28.26 -33.96
C VAL J 493 -7.56 26.98 -33.21
N GLN J 494 -6.58 26.35 -32.55
CA GLN J 494 -6.87 25.18 -31.75
C GLN J 494 -7.76 25.54 -30.57
N ASN J 495 -7.45 26.63 -29.86
CA ASN J 495 -8.29 27.06 -28.76
C ASN J 495 -9.69 27.42 -29.25
N ARG J 496 -9.78 28.13 -30.37
CA ARG J 496 -11.09 28.54 -30.86
C ARG J 496 -11.89 27.33 -31.33
N LEU J 497 -11.22 26.31 -31.85
CA LEU J 497 -11.90 25.07 -32.20
C LEU J 497 -12.43 24.36 -30.95
N GLU J 498 -11.66 24.37 -29.86
CA GLU J 498 -12.17 23.78 -28.62
C GLU J 498 -13.41 24.53 -28.14
N SER J 499 -13.38 25.86 -28.26
CA SER J 499 -14.57 26.64 -27.90
C SER J 499 -15.75 26.31 -28.81
N THR J 500 -15.49 26.09 -30.09
CA THR J 500 -16.56 25.65 -30.99
C THR J 500 -17.11 24.31 -30.54
N ILE J 501 -16.24 23.39 -30.10
CA ILE J 501 -16.70 22.10 -29.61
C ILE J 501 -17.65 22.30 -28.43
N ALA J 502 -17.27 23.14 -27.47
CA ALA J 502 -18.11 23.36 -26.31
C ALA J 502 -19.45 23.97 -26.71
N ASN J 503 -19.43 25.00 -27.55
CA ASN J 503 -20.66 25.66 -27.96
C ASN J 503 -21.55 24.72 -28.75
N LEU J 504 -20.96 23.94 -29.65
CA LEU J 504 -21.72 22.97 -30.43
C LEU J 504 -22.38 21.94 -29.53
N ASN J 505 -21.65 21.45 -28.53
CA ASN J 505 -22.26 20.49 -27.60
C ASN J 505 -23.42 21.12 -26.84
N ASN J 506 -23.25 22.35 -26.36
CA ASN J 506 -24.34 23.01 -25.64
C ASN J 506 -25.56 23.17 -26.52
N VAL J 507 -25.37 23.63 -27.76
CA VAL J 507 -26.50 23.83 -28.65
C VAL J 507 -27.14 22.49 -29.01
N VAL J 508 -26.34 21.44 -29.16
CA VAL J 508 -26.88 20.12 -29.45
C VAL J 508 -27.78 19.64 -28.32
N ASN J 509 -27.32 19.79 -27.08
CA ASN J 509 -28.14 19.36 -25.95
C ASN J 509 -29.42 20.17 -25.87
N ASN J 510 -29.32 21.49 -26.03
CA ASN J 510 -30.51 22.33 -25.93
C ASN J 510 -31.50 22.04 -27.06
N LEU J 511 -31.00 21.78 -28.26
CA LEU J 511 -31.89 21.46 -29.37
C LEU J 511 -32.51 20.08 -29.20
N SER J 512 -31.77 19.13 -28.62
CA SER J 512 -32.37 17.84 -28.33
C SER J 512 -33.50 17.98 -27.32
N SER J 513 -33.29 18.80 -26.29
CA SER J 513 -34.36 19.06 -25.34
C SER J 513 -35.55 19.74 -26.03
N ALA J 514 -35.27 20.67 -26.93
CA ALA J 514 -36.35 21.35 -27.66
C ALA J 514 -37.15 20.37 -28.51
N ARG J 515 -36.46 19.45 -29.19
CA ARG J 515 -37.15 18.42 -29.95
C ARG J 515 -37.97 17.54 -29.03
N SER J 516 -37.43 17.19 -27.86
CA SER J 516 -38.16 16.37 -26.91
C SER J 516 -39.45 17.06 -26.46
N ARG J 517 -39.39 18.37 -26.25
CA ARG J 517 -40.55 19.10 -25.73
C ARG J 517 -41.76 18.99 -26.64
N ILE J 518 -41.57 18.70 -27.92
CA ILE J 518 -42.67 18.64 -28.88
C ILE J 518 -42.84 17.27 -29.49
N GLN J 519 -41.86 16.38 -29.38
CA GLN J 519 -41.89 15.11 -30.09
C GLN J 519 -42.13 13.93 -29.17
N ASP J 520 -41.31 13.77 -28.13
CA ASP J 520 -41.48 12.62 -27.26
C ASP J 520 -42.75 12.78 -26.43
N ALA J 521 -43.25 11.66 -25.93
CA ALA J 521 -44.50 11.61 -25.19
C ALA J 521 -44.24 11.49 -23.70
N ASP J 522 -45.02 12.24 -22.92
CA ASP J 522 -44.98 12.15 -21.46
C ASP J 522 -45.70 10.88 -21.04
N TYR J 523 -44.94 9.78 -20.87
CA TYR J 523 -45.57 8.45 -20.83
C TYR J 523 -46.66 8.34 -19.78
N ALA J 524 -46.60 9.12 -18.71
CA ALA J 524 -47.68 9.08 -17.71
C ALA J 524 -49.03 9.38 -18.35
N THR J 525 -49.09 10.42 -19.20
CA THR J 525 -50.37 10.87 -19.71
C THR J 525 -51.04 9.82 -20.60
N GLU J 526 -50.33 9.31 -21.59
CA GLU J 526 -50.92 8.33 -22.49
C GLU J 526 -51.01 6.94 -21.86
N VAL J 527 -50.22 6.66 -20.83
CA VAL J 527 -50.49 5.44 -20.08
C VAL J 527 -51.84 5.55 -19.38
N SER J 528 -52.12 6.69 -18.76
CA SER J 528 -53.44 6.93 -18.20
C SER J 528 -54.50 6.89 -19.28
N ASN J 529 -54.18 7.44 -20.46
CA ASN J 529 -55.12 7.40 -21.58
C ASN J 529 -55.39 5.97 -22.05
N MET J 530 -54.36 5.13 -22.07
CA MET J 530 -54.55 3.73 -22.48
C MET J 530 -55.41 2.99 -21.47
N SER J 531 -55.15 3.20 -20.18
CA SER J 531 -55.98 2.57 -19.16
C SER J 531 -57.43 3.05 -19.29
N LYS J 532 -57.61 4.35 -19.46
CA LYS J 532 -58.94 4.91 -19.63
C LYS J 532 -59.62 4.33 -20.87
N ALA J 533 -58.89 4.23 -21.97
CA ALA J 533 -59.47 3.73 -23.21
C ALA J 533 -59.85 2.26 -23.09
N GLN J 534 -59.05 1.48 -22.35
CA GLN J 534 -59.42 0.10 -22.09
C GLN J 534 -60.69 0.03 -21.25
N ILE J 535 -60.81 0.91 -20.25
CA ILE J 535 -62.04 0.95 -19.46
C ILE J 535 -63.24 1.28 -20.35
N LEU J 536 -63.07 2.28 -21.20
CA LEU J 536 -64.14 2.64 -22.13
C LEU J 536 -64.47 1.48 -23.07
N GLN J 537 -63.46 0.73 -23.51
CA GLN J 537 -63.71 -0.37 -24.42
C GLN J 537 -64.52 -1.47 -23.75
N GLN J 538 -64.12 -1.87 -22.54
CA GLN J 538 -64.85 -2.91 -21.84
C GLN J 538 -66.25 -2.46 -21.48
N ALA J 539 -66.39 -1.21 -21.01
CA ALA J 539 -67.71 -0.69 -20.71
C ALA J 539 -68.57 -0.61 -21.95
N GLY J 540 -67.98 -0.19 -23.07
CA GLY J 540 -68.74 -0.07 -24.31
C GLY J 540 -69.19 -1.41 -24.84
N THR J 541 -68.32 -2.42 -24.80
CA THR J 541 -68.75 -3.73 -25.27
C THR J 541 -69.79 -4.33 -24.34
N SER J 542 -69.69 -4.08 -23.04
CA SER J 542 -70.71 -4.57 -22.12
C SER J 542 -72.05 -3.88 -22.39
N VAL J 543 -72.05 -2.55 -22.49
CA VAL J 543 -73.29 -1.83 -22.70
C VAL J 543 -73.88 -2.16 -24.06
N LEU J 544 -73.03 -2.42 -25.05
CA LEU J 544 -73.53 -2.84 -26.36
C LEU J 544 -74.15 -4.23 -26.28
N ALA J 545 -73.53 -5.14 -25.53
CA ALA J 545 -74.09 -6.46 -25.35
C ALA J 545 -75.49 -6.38 -24.75
N GLN J 546 -75.63 -5.62 -23.66
CA GLN J 546 -76.97 -5.39 -23.11
C GLN J 546 -77.87 -4.56 -24.01
N ALA J 547 -77.31 -3.81 -24.95
CA ALA J 547 -78.15 -3.10 -25.91
C ALA J 547 -78.70 -4.04 -26.96
N ASN J 548 -78.01 -5.16 -27.21
CA ASN J 548 -78.50 -6.13 -28.19
C ASN J 548 -79.74 -6.86 -27.70
N GLN J 549 -79.92 -7.00 -26.39
CA GLN J 549 -81.13 -7.64 -25.87
C GLN J 549 -82.25 -6.65 -25.59
N VAL J 550 -82.10 -5.39 -25.97
CA VAL J 550 -83.23 -4.46 -25.90
C VAL J 550 -84.42 -4.97 -26.69
N PRO J 551 -84.28 -5.46 -27.93
CA PRO J 551 -85.44 -6.03 -28.61
C PRO J 551 -85.86 -7.39 -28.09
N GLN J 552 -85.08 -8.03 -27.23
CA GLN J 552 -85.48 -9.34 -26.71
C GLN J 552 -86.79 -9.25 -25.94
N THR J 553 -87.00 -8.16 -25.20
CA THR J 553 -88.25 -7.97 -24.49
C THR J 553 -89.44 -8.00 -25.43
N VAL J 554 -89.25 -7.55 -26.67
CA VAL J 554 -90.32 -7.65 -27.66
C VAL J 554 -90.65 -9.10 -27.93
N LEU J 555 -89.64 -9.96 -28.02
CA LEU J 555 -89.89 -11.37 -28.30
C LEU J 555 -90.26 -12.08 -27.00
N SER J 556 -91.19 -11.50 -26.26
CA SER J 556 -91.88 -12.18 -25.18
C SER J 556 -93.37 -12.25 -25.41
N LEU J 557 -94.01 -11.11 -25.66
CA LEU J 557 -95.39 -11.08 -26.11
C LEU J 557 -95.44 -11.42 -27.59
N LEU J 558 -96.42 -12.25 -27.96
CA LEU J 558 -96.52 -12.73 -29.34
C LEU J 558 -97.98 -12.99 -29.70
N ALA K 2 -58.87 -31.51 -36.56
CA ALA K 2 -59.97 -30.55 -36.62
C ALA K 2 -60.55 -30.31 -35.23
N ALA K 3 -61.60 -31.06 -34.90
CA ALA K 3 -62.24 -30.98 -33.58
C ALA K 3 -62.06 -32.27 -32.80
N VAL K 4 -60.88 -32.88 -32.88
CA VAL K 4 -60.63 -34.15 -32.21
C VAL K 4 -60.12 -33.90 -30.80
N ILE K 5 -60.44 -34.82 -29.89
CA ILE K 5 -60.01 -34.74 -28.51
C ILE K 5 -59.08 -35.90 -28.15
N ASN K 6 -59.31 -37.07 -28.73
CA ASN K 6 -58.58 -38.27 -28.32
C ASN K 6 -57.08 -38.08 -28.46
N THR K 7 -56.63 -37.57 -29.60
CA THR K 7 -55.22 -37.29 -29.84
C THR K 7 -55.06 -35.84 -30.23
N ASN K 8 -54.15 -35.14 -29.56
CA ASN K 8 -53.83 -33.75 -29.87
C ASN K 8 -52.41 -33.72 -30.43
N TYR K 9 -52.31 -33.60 -31.75
CA TYR K 9 -51.00 -33.62 -32.40
C TYR K 9 -50.13 -32.45 -31.97
N LEU K 10 -50.74 -31.29 -31.74
CA LEU K 10 -49.97 -30.11 -31.34
C LEU K 10 -49.28 -30.32 -30.00
N SER K 11 -49.96 -30.97 -29.06
CA SER K 11 -49.32 -31.28 -27.78
C SER K 11 -48.10 -32.14 -27.97
N LEU K 12 -48.18 -33.16 -28.83
CA LEU K 12 -47.05 -34.03 -29.08
C LEU K 12 -45.89 -33.25 -29.70
N VAL K 13 -46.19 -32.37 -30.65
CA VAL K 13 -45.15 -31.56 -31.26
C VAL K 13 -44.47 -30.69 -30.22
N ALA K 14 -45.26 -30.05 -29.35
CA ALA K 14 -44.70 -29.22 -28.30
C ALA K 14 -43.82 -30.03 -27.37
N GLN K 15 -44.26 -31.23 -26.99
CA GLN K 15 -43.46 -32.07 -26.11
C GLN K 15 -42.14 -32.45 -26.76
N ASN K 16 -42.15 -32.80 -28.04
CA ASN K 16 -40.90 -33.17 -28.71
C ASN K 16 -39.94 -32.00 -28.79
N ASN K 17 -40.45 -30.82 -29.14
CA ASN K 17 -39.56 -29.66 -29.21
C ASN K 17 -39.02 -29.29 -27.83
N LEU K 18 -39.86 -29.42 -26.80
CA LEU K 18 -39.38 -29.19 -25.44
C LEU K 18 -38.31 -30.20 -25.06
N ASN K 19 -38.45 -31.45 -25.51
CA ASN K 19 -37.42 -32.45 -25.24
C ASN K 19 -36.11 -32.10 -25.92
N LYS K 20 -36.18 -31.62 -27.16
CA LYS K 20 -34.95 -31.18 -27.83
C LYS K 20 -34.29 -30.03 -27.08
N SER K 21 -35.09 -29.05 -26.65
CA SER K 21 -34.55 -27.92 -25.90
C SER K 21 -33.93 -28.37 -24.60
N GLN K 22 -34.59 -29.31 -23.91
CA GLN K 22 -34.07 -29.79 -22.63
C GLN K 22 -32.79 -30.58 -22.81
N SER K 23 -32.68 -31.35 -23.90
CA SER K 23 -31.44 -32.05 -24.17
C SER K 23 -30.29 -31.06 -24.40
N SER K 24 -30.55 -30.02 -25.19
CA SER K 24 -29.53 -28.99 -25.39
C SER K 24 -29.16 -28.32 -24.07
N LEU K 25 -30.16 -28.03 -23.24
CA LEU K 25 -29.90 -27.43 -21.94
C LEU K 25 -29.06 -28.35 -21.06
N GLY K 26 -29.34 -29.65 -21.11
CA GLY K 26 -28.57 -30.59 -20.31
C GLY K 26 -27.12 -30.64 -20.74
N THR K 27 -26.88 -30.69 -22.05
CA THR K 27 -25.49 -30.68 -22.53
C THR K 27 -24.80 -29.39 -22.12
N ALA K 28 -25.49 -28.25 -22.25
CA ALA K 28 -24.88 -26.98 -21.86
C ALA K 28 -24.55 -26.95 -20.37
N ILE K 29 -25.46 -27.44 -19.53
CA ILE K 29 -25.25 -27.43 -18.09
C ILE K 29 -24.12 -28.37 -17.70
N GLU K 30 -24.04 -29.53 -18.36
CA GLU K 30 -22.93 -30.44 -18.09
C GLU K 30 -21.61 -29.80 -18.48
N ARG K 31 -21.58 -29.12 -19.63
CA ARG K 31 -20.35 -28.46 -20.05
C ARG K 31 -19.95 -27.36 -19.07
N LEU K 32 -20.93 -26.61 -18.56
CA LEU K 32 -20.63 -25.56 -17.59
C LEU K 32 -20.09 -26.15 -16.30
N SER K 33 -20.78 -27.14 -15.74
CA SER K 33 -20.38 -27.71 -14.45
C SER K 33 -19.03 -28.39 -14.55
N SER K 34 -18.86 -29.29 -15.51
CA SER K 34 -17.59 -29.99 -15.65
C SER K 34 -16.48 -29.07 -16.11
N GLY K 35 -16.80 -28.11 -16.98
CA GLY K 35 -15.80 -27.25 -17.57
C GLY K 35 -15.11 -27.83 -18.77
N LEU K 36 -15.48 -29.03 -19.21
CA LEU K 36 -14.88 -29.68 -20.37
C LEU K 36 -15.93 -29.79 -21.46
N ARG K 37 -15.64 -29.21 -22.63
CA ARG K 37 -16.56 -29.32 -23.75
C ARG K 37 -16.71 -30.77 -24.18
N ILE K 38 -15.60 -31.49 -24.26
CA ILE K 38 -15.60 -32.90 -24.65
C ILE K 38 -15.65 -33.74 -23.37
N ASN K 39 -16.87 -33.95 -22.89
CA ASN K 39 -17.14 -34.86 -21.78
C ASN K 39 -18.18 -35.85 -22.25
N SER K 40 -18.11 -37.08 -21.73
CA SER K 40 -19.04 -38.13 -22.16
C SER K 40 -18.90 -38.36 -23.66
N ALA K 41 -17.80 -39.04 -24.03
CA ALA K 41 -17.19 -39.05 -25.35
C ALA K 41 -18.17 -39.07 -26.52
N LYS K 42 -19.42 -39.48 -26.28
CA LYS K 42 -20.48 -39.30 -27.27
C LYS K 42 -20.43 -37.92 -27.92
N ASP K 43 -19.93 -36.91 -27.21
CA ASP K 43 -19.68 -35.60 -27.79
C ASP K 43 -18.22 -35.57 -28.26
N ASP K 44 -18.03 -35.55 -29.58
CA ASP K 44 -16.71 -35.45 -30.20
C ASP K 44 -15.81 -36.61 -29.74
N ALA K 45 -16.15 -37.80 -30.22
CA ALA K 45 -15.44 -39.02 -29.81
C ALA K 45 -13.95 -38.92 -30.12
N ALA K 46 -13.60 -38.40 -31.30
CA ALA K 46 -12.19 -38.23 -31.63
C ALA K 46 -11.54 -37.20 -30.74
N GLY K 47 -12.30 -36.17 -30.35
CA GLY K 47 -11.74 -35.15 -29.49
C GLY K 47 -11.28 -35.69 -28.15
N MET K 48 -12.07 -36.60 -27.56
CA MET K 48 -11.67 -37.17 -26.28
C MET K 48 -10.44 -38.06 -26.43
N ALA K 49 -10.32 -38.77 -27.57
CA ALA K 49 -9.11 -39.55 -27.80
C ALA K 49 -7.88 -38.65 -27.91
N ILE K 50 -8.01 -37.54 -28.64
CA ILE K 50 -6.90 -36.60 -28.74
C ILE K 50 -6.56 -36.03 -27.38
N ALA K 51 -7.58 -35.66 -26.60
CA ALA K 51 -7.33 -35.09 -25.28
C ALA K 51 -6.71 -36.12 -24.35
N ASN K 52 -7.13 -37.38 -24.45
CA ASN K 52 -6.53 -38.45 -23.65
C ASN K 52 -5.05 -38.59 -23.97
N ARG K 53 -4.70 -38.62 -25.25
CA ARG K 53 -3.30 -38.73 -25.63
C ARG K 53 -2.52 -37.51 -25.14
N PHE K 54 -3.11 -36.32 -25.26
CA PHE K 54 -2.46 -35.11 -24.81
C PHE K 54 -2.23 -35.12 -23.31
N THR K 55 -3.23 -35.57 -22.54
CA THR K 55 -3.08 -35.65 -21.09
C THR K 55 -1.98 -36.64 -20.71
N ALA K 56 -1.98 -37.81 -21.36
CA ALA K 56 -0.93 -38.78 -21.08
C ALA K 56 0.45 -38.18 -21.35
N ASN K 57 0.59 -37.51 -22.49
CA ASN K 57 1.87 -36.88 -22.82
C ASN K 57 2.23 -35.80 -21.81
N VAL K 58 1.25 -35.01 -21.37
CA VAL K 58 1.53 -33.89 -20.48
C VAL K 58 2.01 -34.39 -19.12
N ARG K 59 1.28 -35.35 -18.53
CA ARG K 59 1.71 -35.88 -17.24
C ARG K 59 3.05 -36.61 -17.36
N GLY K 60 3.24 -37.36 -18.46
CA GLY K 60 4.53 -37.99 -18.67
C GLY K 60 5.66 -36.99 -18.74
N LEU K 61 5.47 -35.88 -19.46
CA LEU K 61 6.53 -34.90 -19.60
C LEU K 61 6.79 -34.16 -18.29
N THR K 62 5.75 -33.87 -17.52
CA THR K 62 5.98 -33.23 -16.21
C THR K 62 6.74 -34.16 -15.28
N GLN K 63 6.37 -35.45 -15.25
CA GLN K 63 7.12 -36.40 -14.43
C GLN K 63 8.54 -36.54 -14.94
N ALA K 64 8.73 -36.43 -16.25
CA ALA K 64 10.06 -36.43 -16.83
C ALA K 64 10.87 -35.23 -16.38
N ALA K 65 10.23 -34.06 -16.30
CA ALA K 65 10.91 -32.88 -15.80
C ALA K 65 11.33 -33.07 -14.36
N ARG K 66 10.48 -33.71 -13.56
CA ARG K 66 10.87 -34.04 -12.19
C ARG K 66 12.06 -34.98 -12.15
N ASN K 67 12.05 -35.99 -13.02
CA ASN K 67 13.18 -36.92 -13.10
C ASN K 67 14.46 -36.18 -13.49
N ALA K 68 14.37 -35.28 -14.45
CA ALA K 68 15.53 -34.51 -14.87
C ALA K 68 16.03 -33.60 -13.76
N ASN K 69 15.12 -33.05 -12.95
CA ASN K 69 15.54 -32.28 -11.79
C ASN K 69 16.31 -33.15 -10.80
N ASP K 70 15.82 -34.37 -10.59
CA ASP K 70 16.56 -35.31 -9.73
C ASP K 70 17.94 -35.60 -10.30
N GLY K 71 18.03 -35.76 -11.62
CA GLY K 71 19.33 -35.95 -12.24
C GLY K 71 20.25 -34.76 -12.05
N ILE K 72 19.70 -33.55 -12.16
CA ILE K 72 20.49 -32.35 -11.91
C ILE K 72 21.05 -32.37 -10.49
N SER K 73 20.20 -32.72 -9.52
CA SER K 73 20.65 -32.75 -8.14
C SER K 73 21.72 -33.82 -7.92
N LEU K 74 21.55 -34.99 -8.53
CA LEU K 74 22.56 -36.04 -8.44
C LEU K 74 23.89 -35.58 -9.01
N ALA K 75 23.84 -34.91 -10.17
CA ALA K 75 25.06 -34.36 -10.76
C ALA K 75 25.68 -33.32 -9.85
N GLN K 76 24.85 -32.54 -9.16
CA GLN K 76 25.36 -31.54 -8.23
C GLN K 76 26.11 -32.19 -7.07
N THR K 77 25.54 -33.25 -6.50
CA THR K 77 26.23 -33.94 -5.41
C THR K 77 27.55 -34.51 -5.88
N THR K 78 27.55 -35.18 -7.04
CA THR K 78 28.79 -35.74 -7.57
C THR K 78 29.82 -34.64 -7.83
N GLU K 79 29.37 -33.51 -8.37
CA GLU K 79 30.26 -32.41 -8.67
C GLU K 79 30.86 -31.83 -7.38
N GLY K 80 30.06 -31.71 -6.33
CA GLY K 80 30.60 -31.22 -5.07
C GLY K 80 31.64 -32.15 -4.48
N ALA K 81 31.35 -33.46 -4.51
CA ALA K 81 32.32 -34.42 -4.01
C ALA K 81 33.61 -34.36 -4.83
N ALA K 82 33.49 -34.27 -6.16
CA ALA K 82 34.67 -34.16 -7.00
C ALA K 82 35.45 -32.89 -6.73
N SER K 83 34.75 -31.78 -6.47
CA SER K 83 35.44 -30.53 -6.14
C SER K 83 36.22 -30.67 -4.84
N GLU K 84 35.65 -31.37 -3.87
CA GLU K 84 36.38 -31.58 -2.63
C GLU K 84 37.61 -32.45 -2.85
N VAL K 85 37.48 -33.49 -3.68
CA VAL K 85 38.65 -34.30 -4.03
C VAL K 85 39.69 -33.45 -4.73
N ASN K 86 39.25 -32.51 -5.56
CA ASN K 86 40.19 -31.59 -6.22
C ASN K 86 40.93 -30.74 -5.21
N THR K 87 40.20 -30.20 -4.23
CA THR K 87 40.83 -29.38 -3.20
C THR K 87 41.84 -30.19 -2.41
N HIS K 88 41.56 -31.47 -2.20
CA HIS K 88 42.57 -32.36 -1.61
C HIS K 88 43.79 -32.47 -2.51
N LEU K 89 43.57 -32.83 -3.77
CA LEU K 89 44.69 -33.08 -4.67
C LEU K 89 45.60 -31.87 -4.79
N GLN K 90 45.05 -30.66 -4.68
CA GLN K 90 45.91 -29.49 -4.62
C GLN K 90 46.85 -29.55 -3.42
N ARG K 91 46.34 -29.96 -2.26
CA ARG K 91 47.19 -30.02 -1.06
C ARG K 91 48.23 -31.12 -1.17
N ILE K 92 47.84 -32.28 -1.71
CA ILE K 92 48.84 -33.33 -1.95
C ILE K 92 49.92 -32.85 -2.90
N ARG K 93 49.54 -32.15 -3.96
CA ARG K 93 50.54 -31.66 -4.90
C ARG K 93 51.48 -30.66 -4.24
N GLU K 94 50.93 -29.73 -3.45
CA GLU K 94 51.77 -28.74 -2.78
C GLU K 94 52.73 -29.42 -1.80
N LEU K 95 52.23 -30.40 -1.04
CA LEU K 95 53.09 -31.10 -0.09
C LEU K 95 54.13 -31.95 -0.79
N THR K 96 53.80 -32.53 -1.94
CA THR K 96 54.78 -33.29 -2.70
C THR K 96 55.87 -32.37 -3.22
N VAL K 97 55.51 -31.18 -3.68
CA VAL K 97 56.52 -30.21 -4.09
C VAL K 97 57.40 -29.83 -2.91
N GLN K 98 56.78 -29.65 -1.74
CA GLN K 98 57.55 -29.29 -0.55
C GLN K 98 58.55 -30.40 -0.18
N ALA K 99 58.06 -31.64 -0.12
CA ALA K 99 58.89 -32.75 0.30
C ALA K 99 59.92 -33.15 -0.75
N SER K 100 59.71 -32.77 -2.02
CA SER K 100 60.69 -33.05 -3.05
C SER K 100 62.00 -32.30 -2.80
N ASN K 101 61.97 -31.26 -1.97
CA ASN K 101 63.20 -30.59 -1.58
C ASN K 101 64.05 -31.52 -0.74
N GLY K 102 65.34 -31.57 -1.04
CA GLY K 102 66.23 -32.49 -0.35
C GLY K 102 66.73 -32.03 1.00
N SER K 103 66.46 -30.79 1.38
CA SER K 103 66.96 -30.28 2.65
C SER K 103 66.28 -30.96 3.83
N TYR K 104 65.01 -31.33 3.69
CA TYR K 104 64.28 -31.93 4.80
C TYR K 104 64.83 -33.30 5.12
N SER K 105 64.99 -33.58 6.41
CA SER K 105 65.50 -34.86 6.84
C SER K 105 64.39 -35.93 6.77
N GLN K 106 64.74 -37.15 7.18
CA GLN K 106 63.83 -38.27 6.98
C GLN K 106 62.56 -38.12 7.82
N GLU K 107 62.68 -37.63 9.05
CA GLU K 107 61.54 -37.56 9.95
C GLU K 107 60.48 -36.58 9.43
N GLN K 108 60.91 -35.44 8.89
CA GLN K 108 59.95 -34.47 8.38
C GLN K 108 59.26 -34.99 7.12
N LEU K 109 59.99 -35.71 6.26
CA LEU K 109 59.33 -36.37 5.14
C LEU K 109 58.35 -37.43 5.64
N ASP K 110 58.66 -38.06 6.77
CA ASP K 110 57.73 -39.02 7.36
C ASP K 110 56.45 -38.33 7.81
N SER K 111 56.57 -37.16 8.43
CA SER K 111 55.38 -36.40 8.82
C SER K 111 54.58 -35.98 7.59
N VAL K 112 55.29 -35.53 6.54
CA VAL K 112 54.62 -35.14 5.30
C VAL K 112 53.85 -36.32 4.71
N GLN K 113 54.49 -37.49 4.67
CA GLN K 113 53.84 -38.66 4.11
C GLN K 113 52.70 -39.14 5.00
N GLY K 114 52.79 -38.93 6.31
CA GLY K 114 51.65 -39.20 7.16
C GLY K 114 50.46 -38.33 6.81
N GLU K 115 50.71 -37.03 6.61
CA GLU K 115 49.63 -36.14 6.19
C GLU K 115 49.07 -36.57 4.84
N ILE K 116 49.96 -36.96 3.91
CA ILE K 116 49.51 -37.35 2.58
C ILE K 116 48.67 -38.63 2.65
N ASN K 117 49.10 -39.61 3.44
CA ASN K 117 48.32 -40.82 3.64
C ASN K 117 46.97 -40.49 4.23
N GLN K 118 46.94 -39.52 5.15
CA GLN K 118 45.68 -39.10 5.74
C GLN K 118 44.75 -38.50 4.69
N ARG K 119 45.30 -37.65 3.80
CA ARG K 119 44.50 -37.06 2.74
C ARG K 119 43.98 -38.11 1.77
N LEU K 120 44.82 -39.10 1.43
CA LEU K 120 44.38 -40.18 0.55
C LEU K 120 43.28 -41.00 1.22
N ALA K 121 43.41 -41.25 2.51
CA ALA K 121 42.35 -41.94 3.23
C ALA K 121 41.06 -41.12 3.19
N ASP K 122 41.17 -39.79 3.26
CA ASP K 122 39.98 -38.97 3.14
C ASP K 122 39.37 -39.08 1.75
N ILE K 123 40.19 -39.14 0.72
CA ILE K 123 39.67 -39.31 -0.64
C ILE K 123 38.92 -40.63 -0.76
N ASP K 124 39.49 -41.69 -0.18
CA ASP K 124 38.82 -42.98 -0.21
C ASP K 124 37.51 -42.93 0.56
N ARG K 125 37.49 -42.22 1.70
CA ARG K 125 36.25 -42.03 2.45
C ARG K 125 35.23 -41.30 1.58
N ILE K 126 35.65 -40.25 0.90
CA ILE K 126 34.74 -39.51 0.03
C ILE K 126 34.14 -40.44 -1.00
N SER K 127 34.96 -41.31 -1.57
CA SER K 127 34.47 -42.25 -2.57
C SER K 127 33.45 -43.22 -1.97
N GLU K 128 33.75 -43.76 -0.79
CA GLU K 128 32.96 -44.88 -0.27
C GLU K 128 31.73 -44.47 0.53
N GLN K 129 31.65 -43.23 1.00
CA GLN K 129 30.48 -42.78 1.75
C GLN K 129 29.73 -41.60 1.15
N THR K 130 30.16 -41.06 0.01
CA THR K 130 29.31 -40.14 -0.72
C THR K 130 28.08 -40.88 -1.21
N ASP K 131 26.90 -40.36 -0.88
CA ASP K 131 25.66 -41.08 -1.10
C ASP K 131 24.62 -40.18 -1.73
N PHE K 132 23.68 -40.79 -2.43
CA PHE K 132 22.52 -40.08 -2.97
C PHE K 132 21.42 -41.10 -3.18
N ASN K 133 20.37 -41.04 -2.34
CA ASN K 133 19.23 -41.95 -2.45
C ASN K 133 19.68 -43.41 -2.40
N GLY K 134 20.63 -43.71 -1.53
CA GLY K 134 21.12 -45.06 -1.41
C GLY K 134 22.02 -45.52 -2.52
N VAL K 135 22.43 -44.63 -3.41
CA VAL K 135 23.33 -44.95 -4.50
C VAL K 135 24.64 -44.21 -4.27
N LYS K 136 25.70 -44.96 -4.04
CA LYS K 136 27.02 -44.37 -3.82
C LYS K 136 27.54 -43.91 -5.18
N VAL K 137 27.16 -42.69 -5.55
CA VAL K 137 27.38 -42.23 -6.93
C VAL K 137 28.87 -42.15 -7.25
N LEU K 138 29.68 -41.62 -6.35
CA LEU K 138 31.10 -41.47 -6.59
C LEU K 138 31.89 -42.60 -5.92
N SER K 139 31.54 -43.84 -6.26
CA SER K 139 32.15 -44.97 -5.56
C SER K 139 32.73 -46.00 -6.52
N ASP K 140 33.16 -47.14 -5.97
CA ASP K 140 33.71 -48.22 -6.78
C ASP K 140 32.62 -48.99 -7.50
N SER K 141 31.37 -48.91 -7.04
CA SER K 141 30.25 -49.62 -7.65
C SER K 141 29.18 -48.59 -7.97
N ALA K 142 29.32 -47.96 -9.15
CA ALA K 142 28.35 -46.96 -9.58
C ALA K 142 28.28 -47.01 -11.11
N LYS K 143 27.33 -47.77 -11.61
CA LYS K 143 27.13 -47.85 -13.05
C LYS K 143 26.43 -46.59 -13.55
N PRO K 144 26.60 -46.24 -14.82
CA PRO K 144 25.91 -45.06 -15.36
C PRO K 144 24.40 -45.22 -15.25
N LEU K 145 23.73 -44.09 -15.01
CA LEU K 145 22.29 -44.09 -14.79
C LEU K 145 21.56 -43.93 -16.12
N THR K 146 20.23 -43.85 -16.04
CA THR K 146 19.39 -43.73 -17.24
C THR K 146 18.72 -42.37 -17.33
N LEU K 147 17.94 -41.97 -16.32
CA LEU K 147 17.32 -40.66 -16.25
C LEU K 147 16.43 -40.41 -17.48
N GLN K 148 15.37 -41.23 -17.59
CA GLN K 148 14.44 -41.08 -18.69
C GLN K 148 13.79 -39.69 -18.67
N VAL K 149 13.78 -39.05 -19.83
CA VAL K 149 13.16 -37.74 -20.00
C VAL K 149 12.19 -37.84 -21.17
N GLY K 150 10.90 -37.85 -20.88
CA GLY K 150 9.87 -37.93 -21.88
C GLY K 150 9.07 -39.21 -21.75
N ALA K 151 7.87 -39.23 -22.31
CA ALA K 151 7.11 -40.47 -22.41
C ALA K 151 7.67 -41.27 -23.59
N ASN K 152 7.00 -42.36 -23.95
CA ASN K 152 7.42 -43.20 -25.08
C ASN K 152 8.86 -43.70 -24.87
N ASP K 153 9.01 -44.53 -23.84
CA ASP K 153 10.30 -44.97 -23.37
C ASP K 153 11.19 -45.46 -24.50
N GLY K 154 12.50 -45.38 -24.28
CA GLY K 154 13.48 -45.69 -25.30
C GLY K 154 14.55 -44.63 -25.31
N GLU K 155 14.34 -43.58 -24.53
CA GLU K 155 15.27 -42.49 -24.39
C GLU K 155 15.80 -42.44 -22.97
N THR K 156 17.09 -42.13 -22.83
CA THR K 156 17.71 -41.97 -21.52
C THR K 156 18.64 -40.77 -21.60
N ILE K 157 19.21 -40.42 -20.44
CA ILE K 157 20.35 -39.50 -20.35
C ILE K 157 21.39 -40.24 -19.52
N THR K 158 22.27 -40.97 -20.18
CA THR K 158 23.25 -41.79 -19.47
C THR K 158 24.33 -40.91 -18.86
N LEU K 159 24.64 -41.15 -17.59
CA LEU K 159 25.50 -40.24 -16.84
C LEU K 159 26.99 -40.57 -16.94
N ASN K 160 27.35 -41.85 -16.83
CA ASN K 160 28.75 -42.28 -16.83
C ASN K 160 29.56 -41.60 -15.72
N LEU K 161 29.18 -41.91 -14.49
CA LEU K 161 29.87 -41.41 -13.31
C LEU K 161 30.33 -42.60 -12.47
N SER K 162 31.62 -42.63 -12.15
CA SER K 162 32.20 -43.67 -11.30
C SER K 162 33.68 -43.39 -11.09
N GLU K 163 34.24 -44.05 -10.07
CA GLU K 163 35.68 -44.26 -9.92
C GLU K 163 36.46 -42.94 -9.84
N ILE K 164 36.22 -42.21 -8.75
CA ILE K 164 37.12 -41.16 -8.30
C ILE K 164 37.55 -41.52 -6.89
N SER K 165 38.77 -42.04 -6.76
CA SER K 165 39.33 -42.48 -5.48
C SER K 165 40.76 -42.95 -5.69
N VAL K 166 41.43 -43.36 -4.62
CA VAL K 166 42.62 -44.16 -4.82
C VAL K 166 42.18 -45.52 -5.38
N LYS K 167 43.15 -46.23 -5.96
CA LYS K 167 42.94 -47.49 -6.67
C LYS K 167 42.26 -47.22 -8.02
N THR K 168 41.90 -45.97 -8.27
CA THR K 168 41.42 -45.58 -9.59
C THR K 168 41.95 -44.23 -10.08
N LEU K 169 42.44 -43.35 -9.21
CA LEU K 169 43.12 -42.16 -9.71
C LEU K 169 44.56 -42.45 -10.11
N GLY K 170 45.12 -43.58 -9.69
CA GLY K 170 46.43 -44.00 -10.11
C GLY K 170 47.52 -43.78 -9.09
N LEU K 171 47.29 -42.95 -8.06
CA LEU K 171 48.32 -42.77 -7.04
C LEU K 171 48.57 -44.09 -6.34
N ASP K 172 47.59 -44.53 -5.55
CA ASP K 172 47.42 -45.90 -5.09
C ASP K 172 48.55 -46.38 -4.18
N GLY K 173 49.66 -45.64 -4.17
CA GLY K 173 50.82 -45.97 -3.38
C GLY K 173 51.59 -44.74 -2.98
N PHE K 174 50.92 -43.59 -2.89
CA PHE K 174 51.62 -42.33 -3.03
C PHE K 174 52.60 -42.13 -1.89
N ASN K 175 53.86 -42.49 -2.15
CA ASN K 175 54.92 -42.54 -1.16
C ASN K 175 55.97 -41.50 -1.52
N VAL K 176 56.25 -40.60 -0.57
CA VAL K 176 57.29 -39.60 -0.74
C VAL K 176 58.51 -39.90 0.12
N ASN K 177 58.40 -40.79 1.08
CA ASN K 177 59.50 -41.25 1.91
C ASN K 177 59.72 -42.74 1.65
N GLY K 178 60.54 -43.37 2.48
CA GLY K 178 60.97 -44.72 2.18
C GLY K 178 59.95 -45.82 2.40
N LYS K 179 58.88 -45.59 3.17
CA LYS K 179 58.08 -46.74 3.61
C LYS K 179 57.14 -47.25 2.53
N GLY K 180 56.17 -46.42 2.09
CA GLY K 180 55.22 -46.83 1.07
C GLY K 180 54.44 -48.11 1.39
N VAL K 181 53.73 -48.58 0.36
CA VAL K 181 53.00 -49.84 0.42
C VAL K 181 52.66 -50.25 -1.00
N THR K 182 52.79 -51.56 -1.28
CA THR K 182 52.46 -52.12 -2.58
C THR K 182 51.79 -53.47 -2.37
N GLN K 183 50.56 -53.61 -2.86
CA GLN K 183 49.85 -54.88 -2.75
C GLN K 183 50.35 -55.86 -3.81
N ASN K 184 50.52 -57.11 -3.40
CA ASN K 184 50.96 -58.16 -4.31
C ASN K 184 49.76 -58.64 -5.13
N ARG K 185 49.95 -59.73 -5.88
CA ARG K 185 48.89 -60.33 -6.67
C ARG K 185 48.65 -61.76 -6.21
N SER K 186 47.39 -62.19 -6.29
CA SER K 186 47.03 -63.54 -5.87
C SER K 186 47.71 -64.56 -6.78
N ALA K 187 48.31 -65.58 -6.15
CA ALA K 187 48.98 -66.62 -6.91
C ALA K 187 47.96 -67.53 -7.60
N THR K 188 48.35 -68.05 -8.75
CA THR K 188 47.52 -68.95 -9.55
C THR K 188 48.20 -70.31 -9.64
N VAL K 189 47.51 -71.26 -10.28
CA VAL K 189 48.08 -72.60 -10.43
C VAL K 189 49.32 -72.55 -11.33
N THR K 190 49.33 -71.68 -12.34
CA THR K 190 50.53 -71.51 -13.13
C THR K 190 51.67 -70.95 -12.29
N ASP K 191 51.37 -70.02 -11.39
CA ASP K 191 52.41 -69.45 -10.54
C ASP K 191 53.05 -70.50 -9.66
N VAL K 192 52.25 -71.39 -9.07
CA VAL K 192 52.84 -72.44 -8.23
C VAL K 192 53.55 -73.48 -9.09
N ILE K 193 53.01 -73.79 -10.27
CA ILE K 193 53.71 -74.71 -11.19
C ILE K 193 55.07 -74.17 -11.55
N ALA K 194 55.23 -72.85 -11.58
CA ALA K 194 56.53 -72.25 -11.89
C ALA K 194 57.64 -72.75 -10.97
N GLN K 195 57.33 -73.11 -9.72
CA GLN K 195 58.35 -73.68 -8.86
C GLN K 195 58.71 -75.12 -9.23
N GLY K 196 57.90 -75.77 -10.07
CA GLY K 196 58.20 -77.12 -10.49
C GLY K 196 57.85 -78.20 -9.49
N GLY K 197 57.04 -77.90 -8.48
CA GLY K 197 56.62 -78.88 -7.52
C GLY K 197 55.54 -79.80 -8.06
N THR K 198 55.09 -80.70 -7.20
CA THR K 198 54.11 -81.71 -7.57
C THR K 198 52.71 -81.28 -7.15
N LEU K 199 51.71 -81.72 -7.91
CA LEU K 199 50.32 -81.38 -7.67
C LEU K 199 49.53 -82.65 -7.44
N GLN K 200 48.51 -82.56 -6.58
CA GLN K 200 47.77 -83.73 -6.15
C GLN K 200 46.26 -83.49 -6.21
N GLY K 201 45.49 -84.41 -5.62
CA GLY K 201 44.04 -84.30 -5.67
C GLY K 201 43.52 -83.04 -5.02
N ASP K 202 42.33 -82.64 -5.45
CA ASP K 202 41.67 -81.39 -5.02
C ASP K 202 42.49 -80.16 -5.39
N GLY K 203 43.45 -80.31 -6.31
CA GLY K 203 44.32 -79.22 -6.65
C GLY K 203 45.43 -78.96 -5.65
N THR K 204 45.57 -79.81 -4.64
CA THR K 204 46.66 -79.65 -3.67
C THR K 204 48.00 -79.73 -4.39
N TYR K 205 48.86 -78.77 -4.10
CA TYR K 205 50.13 -78.64 -4.79
C TYR K 205 51.25 -78.58 -3.77
N LYS K 206 52.41 -79.10 -4.14
CA LYS K 206 53.53 -79.26 -3.22
C LYS K 206 54.66 -78.32 -3.66
N ALA K 207 54.65 -77.11 -3.11
CA ALA K 207 55.70 -76.13 -3.37
C ALA K 207 56.75 -76.21 -2.27
N THR K 208 57.99 -76.44 -2.65
CA THR K 208 59.09 -76.60 -1.70
C THR K 208 59.92 -75.31 -1.71
N THR K 209 59.58 -74.40 -0.79
CA THR K 209 60.29 -73.14 -0.68
C THR K 209 61.67 -73.35 -0.07
N THR K 210 62.69 -72.76 -0.68
CA THR K 210 64.04 -72.81 -0.15
C THR K 210 64.24 -71.68 0.85
N PHE K 211 65.22 -71.88 1.74
CA PHE K 211 65.42 -70.97 2.86
C PHE K 211 66.90 -70.61 3.05
N ASN K 212 67.69 -70.70 1.97
CA ASN K 212 69.11 -70.42 2.06
C ASN K 212 69.37 -69.00 2.56
N ALA K 213 69.93 -68.89 3.75
CA ALA K 213 70.08 -67.60 4.43
C ALA K 213 71.20 -67.74 5.46
N ALA K 214 71.23 -66.82 6.42
CA ALA K 214 72.22 -66.79 7.49
C ALA K 214 73.61 -66.45 6.95
N SER K 215 73.68 -65.40 6.14
CA SER K 215 74.95 -64.87 5.65
C SER K 215 75.56 -64.00 6.74
N ALA K 216 76.62 -63.26 6.38
CA ALA K 216 77.38 -62.51 7.38
C ALA K 216 76.59 -61.34 7.94
N GLU K 217 75.84 -60.63 7.09
CA GLU K 217 75.19 -59.40 7.52
C GLU K 217 74.12 -59.64 8.59
N THR K 218 73.55 -60.84 8.65
CA THR K 218 72.52 -61.11 9.65
C THR K 218 73.07 -61.79 10.91
N VAL K 219 74.13 -62.58 10.78
CA VAL K 219 74.69 -63.23 11.96
C VAL K 219 75.38 -62.21 12.87
N LEU K 220 76.07 -61.23 12.28
CA LEU K 220 76.75 -60.22 13.08
C LEU K 220 75.77 -59.33 13.82
N SER K 221 74.51 -59.28 13.40
CA SER K 221 73.51 -58.50 14.11
C SER K 221 73.27 -59.05 15.51
N LYS K 222 73.42 -60.36 15.69
CA LYS K 222 73.30 -61.01 16.99
C LYS K 222 74.66 -61.62 17.31
N LEU K 223 75.53 -60.83 17.93
CA LEU K 223 76.89 -61.29 18.20
C LEU K 223 77.43 -60.60 19.44
N GLU K 224 77.88 -61.41 20.40
CA GLU K 224 78.63 -60.92 21.55
C GLU K 224 79.86 -61.75 21.87
N ASP K 225 79.91 -63.02 21.45
CA ASP K 225 81.05 -63.88 21.69
C ASP K 225 82.09 -63.68 20.59
N GLY K 226 83.07 -64.57 20.51
CA GLY K 226 84.19 -64.38 19.62
C GLY K 226 83.87 -64.71 18.17
N ASN K 227 84.71 -64.18 17.29
CA ASN K 227 84.65 -64.40 15.85
C ASN K 227 86.04 -64.79 15.36
N THR K 228 86.09 -65.57 14.29
CA THR K 228 87.38 -66.00 13.75
C THR K 228 87.30 -66.09 12.24
N VAL K 229 88.44 -65.91 11.59
CA VAL K 229 88.60 -66.08 10.15
C VAL K 229 89.84 -66.92 9.89
N ALA K 230 89.82 -67.67 8.80
CA ALA K 230 90.95 -68.52 8.44
C ALA K 230 90.85 -68.87 6.97
N VAL K 231 91.99 -68.84 6.29
CA VAL K 231 92.07 -69.12 4.85
C VAL K 231 92.93 -70.37 4.65
N GLY K 232 92.35 -71.37 3.98
CA GLY K 232 93.05 -72.61 3.65
C GLY K 232 93.87 -73.20 4.78
N GLY K 233 95.16 -73.39 4.53
CA GLY K 233 96.09 -73.84 5.54
C GLY K 233 96.91 -72.72 6.17
N GLY K 234 96.53 -71.46 5.96
CA GLY K 234 97.26 -70.33 6.50
C GLY K 234 96.88 -70.04 7.95
N ALA K 235 97.36 -68.90 8.42
CA ALA K 235 97.12 -68.50 9.80
C ALA K 235 95.63 -68.20 10.02
N THR K 236 95.18 -68.41 11.25
CA THR K 236 93.80 -68.19 11.65
C THR K 236 93.73 -67.00 12.60
N TYR K 237 92.88 -66.05 12.30
CA TYR K 237 92.77 -64.81 13.05
C TYR K 237 91.39 -64.73 13.70
N THR K 238 91.38 -64.37 15.00
CA THR K 238 90.17 -64.34 15.79
C THR K 238 89.80 -62.92 16.17
N TYR K 239 88.52 -62.74 16.51
CA TYR K 239 87.97 -61.44 16.86
C TYR K 239 87.01 -61.62 18.03
N ASP K 240 86.54 -60.49 18.57
CA ASP K 240 85.55 -60.51 19.65
C ASP K 240 84.87 -59.16 19.73
N ALA K 241 83.57 -59.12 19.45
CA ALA K 241 82.81 -57.87 19.44
C ALA K 241 82.62 -57.39 20.87
N ALA K 242 83.38 -56.37 21.27
CA ALA K 242 83.29 -55.79 22.61
C ALA K 242 83.06 -54.29 22.48
N LYS K 243 81.97 -53.80 23.07
CA LYS K 243 81.62 -52.37 23.06
C LYS K 243 81.56 -51.81 21.65
N GLY K 244 80.97 -52.58 20.73
CA GLY K 244 80.86 -52.16 19.36
C GLY K 244 82.12 -52.30 18.54
N ASN K 245 83.19 -52.84 19.12
CA ASN K 245 84.45 -53.02 18.43
C ASN K 245 84.93 -54.46 18.62
N PHE K 246 85.70 -54.93 17.63
CA PHE K 246 86.24 -56.29 17.67
C PHE K 246 87.68 -56.23 18.14
N THR K 247 87.98 -57.02 19.18
CA THR K 247 89.33 -57.06 19.76
C THR K 247 90.22 -57.95 18.89
N TYR K 248 90.46 -57.46 17.68
CA TYR K 248 91.31 -58.18 16.73
C TYR K 248 92.74 -58.23 17.22
N THR K 249 93.37 -59.39 17.05
CA THR K 249 94.75 -59.61 17.46
C THR K 249 95.59 -59.84 16.21
N LYS K 250 96.49 -58.90 15.93
CA LYS K 250 97.40 -59.03 14.79
C LYS K 250 98.55 -59.93 15.21
N THR K 251 98.37 -61.22 14.99
CA THR K 251 99.39 -62.21 15.31
C THR K 251 100.27 -62.44 14.09
N VAL K 252 101.54 -62.05 14.19
CA VAL K 252 102.46 -62.25 13.08
C VAL K 252 102.63 -63.74 12.82
N ASP K 253 102.63 -64.10 11.54
CA ASP K 253 102.75 -65.50 11.12
C ASP K 253 103.97 -66.15 11.74
N THR K 254 103.97 -67.48 11.84
CA THR K 254 105.05 -68.16 12.55
C THR K 254 105.97 -68.91 11.59
N THR K 255 105.46 -69.94 10.90
CA THR K 255 106.12 -70.61 9.78
C THR K 255 107.63 -70.69 9.88
N VAL K 256 108.16 -71.06 11.06
CA VAL K 256 109.60 -71.03 11.29
C VAL K 256 110.02 -72.24 12.12
N GLY K 257 111.14 -72.83 11.74
CA GLY K 257 111.86 -73.77 12.58
C GLY K 257 113.04 -73.07 13.22
N ALA K 258 114.22 -73.26 12.65
CA ALA K 258 115.41 -72.56 13.11
C ALA K 258 115.64 -71.23 12.38
N ASP K 259 114.81 -70.91 11.39
CA ASP K 259 115.00 -69.68 10.61
C ASP K 259 114.21 -68.54 11.25
N VAL K 260 114.68 -68.15 12.44
CA VAL K 260 114.02 -67.11 13.22
C VAL K 260 113.99 -65.78 12.48
N THR K 261 114.88 -65.59 11.50
CA THR K 261 114.97 -64.31 10.80
C THR K 261 113.68 -63.93 10.09
N ALA K 262 112.81 -64.90 9.79
CA ALA K 262 111.56 -64.58 9.10
C ALA K 262 110.67 -63.69 9.95
N LEU K 263 110.56 -64.01 11.24
CA LEU K 263 109.75 -63.19 12.14
C LEU K 263 110.30 -61.78 12.26
N ALA K 264 111.63 -61.66 12.40
CA ALA K 264 112.23 -60.34 12.50
C ALA K 264 112.04 -59.54 11.22
N ASN K 265 112.21 -60.19 10.05
CA ASN K 265 112.04 -59.50 8.78
C ASN K 265 110.58 -59.23 8.46
N LYS K 266 109.65 -59.87 9.16
CA LYS K 266 108.24 -59.54 9.01
C LYS K 266 107.79 -58.43 9.94
N ILE K 267 108.36 -58.36 11.15
CA ILE K 267 107.94 -57.36 12.12
C ILE K 267 108.73 -56.05 11.98
N LYS K 268 109.96 -56.11 11.46
CA LYS K 268 110.74 -54.89 11.27
C LYS K 268 110.10 -53.89 10.32
N PRO K 269 109.56 -54.28 9.17
CA PRO K 269 108.94 -53.28 8.28
C PRO K 269 107.76 -52.57 8.90
N SER K 270 107.13 -53.15 9.93
CA SER K 270 106.07 -52.44 10.63
C SER K 270 106.56 -51.15 11.26
N SER K 271 107.85 -51.09 11.59
CA SER K 271 108.48 -49.88 12.11
C SER K 271 109.85 -49.69 11.48
N GLY K 272 109.97 -50.00 10.19
CA GLY K 272 111.24 -49.99 9.50
C GLY K 272 111.74 -48.61 9.10
N THR K 273 112.00 -47.76 10.08
CA THR K 273 112.55 -46.43 9.83
C THR K 273 113.19 -45.95 11.13
N ILE K 274 114.12 -45.00 11.00
CA ILE K 274 114.79 -44.46 12.18
C ILE K 274 113.77 -43.71 13.04
N SER K 275 113.61 -44.17 14.28
CA SER K 275 112.69 -43.57 15.22
C SER K 275 113.38 -43.48 16.57
N GLY K 276 112.64 -43.07 17.60
CA GLY K 276 113.18 -42.91 18.93
C GLY K 276 112.10 -43.16 19.98
N SER K 277 112.52 -43.05 21.23
CA SER K 277 111.64 -43.26 22.38
C SER K 277 111.00 -44.65 22.37
N TYR K 278 111.71 -45.64 21.84
CA TYR K 278 111.19 -47.00 21.82
C TYR K 278 111.12 -47.55 23.24
N GLU K 279 110.22 -48.50 23.44
CA GLU K 279 110.06 -49.19 24.71
C GLU K 279 110.44 -50.65 24.50
N ILE K 280 111.56 -51.07 25.07
CA ILE K 280 112.06 -52.43 24.96
C ILE K 280 111.81 -53.10 26.31
N SER K 281 110.76 -53.89 26.40
CA SER K 281 110.38 -54.57 27.64
C SER K 281 110.65 -56.06 27.45
N THR K 282 111.87 -56.48 27.75
CA THR K 282 112.26 -57.88 27.74
C THR K 282 112.38 -58.38 29.16
N GLY K 283 112.82 -59.62 29.31
CA GLY K 283 112.96 -60.20 30.63
C GLY K 283 111.62 -60.26 31.33
N LYS K 284 111.50 -59.55 32.45
CA LYS K 284 110.23 -59.46 33.15
C LYS K 284 109.74 -58.03 33.33
N SER K 285 110.62 -57.11 33.71
CA SER K 285 110.23 -55.72 33.96
C SER K 285 111.30 -54.77 33.43
N ALA K 286 111.75 -55.01 32.21
CA ALA K 286 112.82 -54.21 31.63
C ALA K 286 112.42 -52.74 31.52
N SER K 287 111.43 -52.45 30.68
CA SER K 287 110.86 -51.11 30.52
C SER K 287 111.95 -50.08 30.21
N PHE K 288 112.76 -50.38 29.19
CA PHE K 288 113.76 -49.42 28.73
C PHE K 288 113.13 -48.32 27.88
N ASP K 289 113.91 -47.28 27.65
CA ASP K 289 113.55 -46.15 26.79
C ASP K 289 114.69 -45.97 25.80
N VAL K 290 114.55 -46.53 24.60
CA VAL K 290 115.66 -46.76 23.70
C VAL K 290 115.43 -45.98 22.41
N ASP K 291 116.49 -45.39 21.88
CA ASP K 291 116.50 -44.82 20.54
C ASP K 291 117.06 -45.85 19.55
N ALA K 292 116.56 -45.81 18.32
CA ALA K 292 116.97 -46.77 17.31
C ALA K 292 117.11 -46.07 15.96
N ALA K 293 118.35 -45.94 15.50
CA ALA K 293 118.65 -45.43 14.16
C ALA K 293 119.22 -46.54 13.29
N GLY K 294 118.63 -47.73 13.42
CA GLY K 294 119.23 -48.95 12.93
C GLY K 294 120.06 -49.67 13.96
N LYS K 295 120.46 -48.98 15.03
CA LYS K 295 121.23 -49.55 16.13
C LYS K 295 120.53 -49.21 17.43
N ILE K 296 120.46 -50.18 18.34
CA ILE K 296 119.75 -50.00 19.60
C ILE K 296 120.63 -49.17 20.52
N THR K 297 120.13 -48.01 20.95
CA THR K 297 120.85 -47.11 21.83
C THR K 297 119.89 -46.46 22.82
N ILE K 298 120.27 -46.46 24.09
CA ILE K 298 119.54 -45.73 25.11
C ILE K 298 120.18 -44.34 25.21
N GLY K 299 119.40 -43.37 25.69
CA GLY K 299 119.83 -41.99 25.66
C GLY K 299 121.18 -41.72 26.29
N GLY K 300 122.16 -41.40 25.46
CA GLY K 300 123.51 -41.13 25.92
C GLY K 300 124.39 -42.33 26.12
N ASN K 301 123.94 -43.53 25.74
CA ASN K 301 124.73 -44.74 25.96
C ASN K 301 124.58 -45.64 24.74
N ALA K 302 125.18 -46.83 24.82
CA ALA K 302 125.21 -47.76 23.70
C ALA K 302 124.18 -48.88 23.81
N ALA K 303 123.85 -49.31 25.03
CA ALA K 303 122.78 -50.29 25.28
C ALA K 303 123.05 -51.60 24.54
N PHE K 304 124.13 -52.27 24.96
CA PHE K 304 124.46 -53.58 24.41
C PHE K 304 123.44 -54.62 24.86
N LEU K 305 123.54 -55.81 24.26
CA LEU K 305 122.69 -56.94 24.58
C LEU K 305 123.56 -58.16 24.87
N ASN K 306 123.20 -58.91 25.91
CA ASN K 306 124.00 -60.07 26.29
C ASN K 306 123.09 -61.07 27.01
N ALA K 307 123.71 -62.01 27.73
CA ALA K 307 123.01 -63.04 28.50
C ALA K 307 122.16 -63.93 27.59
N ASP K 308 122.85 -64.63 26.69
CA ASP K 308 122.19 -65.58 25.80
C ASP K 308 121.43 -66.61 26.61
N GLY K 309 120.23 -66.94 26.15
CA GLY K 309 119.30 -67.79 26.87
C GLY K 309 118.34 -67.00 27.74
N GLU K 310 118.81 -65.87 28.29
CA GLU K 310 117.98 -64.94 29.04
C GLU K 310 117.76 -63.63 28.32
N LEU K 311 118.80 -63.11 27.66
CA LEU K 311 118.66 -62.05 26.66
C LEU K 311 118.06 -60.77 27.25
N THR K 312 118.80 -60.15 28.15
CA THR K 312 118.46 -58.84 28.66
C THR K 312 119.37 -57.78 28.04
N THR K 313 118.88 -56.55 27.99
CA THR K 313 119.63 -55.44 27.40
C THR K 313 120.69 -54.98 28.39
N ASN K 314 121.93 -55.42 28.17
CA ASN K 314 123.04 -55.13 29.08
C ASN K 314 123.73 -53.85 28.60
N ASP K 315 123.33 -52.72 29.19
CA ASP K 315 123.98 -51.46 28.86
C ASP K 315 125.46 -51.46 29.21
N ALA K 316 125.88 -52.31 30.14
CA ALA K 316 127.28 -52.49 30.47
C ALA K 316 127.80 -53.73 29.73
N SER K 317 128.98 -53.62 29.15
CA SER K 317 129.53 -54.71 28.36
C SER K 317 129.75 -55.96 29.20
N GLY K 318 129.43 -57.12 28.63
CA GLY K 318 129.65 -58.39 29.29
C GLY K 318 130.50 -59.34 28.47
N ALA K 319 131.34 -58.77 27.60
CA ALA K 319 132.31 -59.45 26.75
C ALA K 319 131.67 -60.28 25.63
N LEU K 320 130.34 -60.35 25.56
CA LEU K 320 129.65 -61.12 24.52
C LEU K 320 128.46 -60.32 24.00
N THR K 321 128.69 -59.04 23.72
CA THR K 321 127.61 -58.10 23.41
C THR K 321 127.54 -57.84 21.90
N GLN K 322 126.33 -57.53 21.44
CA GLN K 322 126.07 -57.27 20.03
C GLN K 322 125.57 -55.86 19.77
N ALA K 323 124.54 -55.42 20.49
CA ALA K 323 124.03 -54.05 20.41
C ALA K 323 123.57 -53.68 18.99
N THR K 324 122.53 -54.37 18.53
CA THR K 324 121.92 -54.05 17.25
C THR K 324 120.44 -54.39 17.27
N LEU K 325 119.69 -53.77 16.36
CA LEU K 325 118.22 -53.84 16.41
C LEU K 325 117.72 -55.24 16.06
N ASP K 326 118.20 -55.82 14.96
CA ASP K 326 117.67 -57.10 14.52
C ASP K 326 117.95 -58.19 15.53
N ASP K 327 119.09 -58.13 16.21
CA ASP K 327 119.36 -59.07 17.29
C ASP K 327 118.34 -58.89 18.42
N VAL K 328 117.91 -57.66 18.67
CA VAL K 328 116.87 -57.43 19.67
C VAL K 328 115.56 -58.06 19.22
N LEU K 329 115.18 -57.83 17.96
CA LEU K 329 113.91 -58.36 17.48
C LEU K 329 113.88 -59.89 17.53
N THR K 330 114.98 -60.53 17.14
CA THR K 330 115.07 -61.98 17.34
C THR K 330 115.12 -62.32 18.82
N SER K 331 115.65 -61.42 19.64
CA SER K 331 115.84 -61.69 21.07
C SER K 331 114.54 -61.53 21.85
N VAL K 332 113.75 -60.50 21.54
CA VAL K 332 112.63 -60.14 22.41
C VAL K 332 111.49 -61.12 22.21
N GLY K 333 111.40 -62.10 23.10
CA GLY K 333 110.32 -63.06 23.11
C GLY K 333 110.18 -63.88 21.84
N THR K 334 111.01 -63.59 20.85
CA THR K 334 110.96 -64.33 19.60
C THR K 334 111.81 -65.58 19.67
N GLU K 335 112.84 -65.59 20.52
CA GLU K 335 113.65 -66.79 20.73
C GLU K 335 113.63 -67.27 22.16
N ALA K 336 113.98 -66.43 23.13
CA ALA K 336 114.22 -66.92 24.49
C ALA K 336 113.61 -66.01 25.54
N ASN K 337 112.43 -65.46 25.28
CA ASN K 337 111.70 -64.70 26.29
C ASN K 337 110.21 -64.99 26.15
N SER K 338 109.49 -64.75 27.24
CA SER K 338 108.06 -65.02 27.30
C SER K 338 107.32 -63.79 27.81
N SER K 339 106.17 -63.50 27.18
CA SER K 339 105.28 -62.42 27.59
C SER K 339 106.01 -61.08 27.65
N VAL K 340 106.88 -60.84 26.67
CA VAL K 340 107.62 -59.59 26.56
C VAL K 340 107.21 -58.89 25.28
N THR K 341 107.59 -57.62 25.16
CA THR K 341 107.09 -56.80 24.07
C THR K 341 108.06 -55.67 23.77
N ILE K 342 107.86 -55.07 22.59
CA ILE K 342 108.49 -53.80 22.23
C ILE K 342 107.38 -52.76 22.12
N GLY K 343 107.48 -51.72 22.92
CA GLY K 343 106.54 -50.63 22.90
C GLY K 343 107.06 -49.44 22.12
N GLY K 344 106.63 -48.26 22.53
CA GLY K 344 107.04 -47.03 21.88
C GLY K 344 106.41 -46.83 20.52
N THR K 345 106.23 -45.57 20.13
CA THR K 345 105.62 -45.21 18.84
C THR K 345 104.26 -45.90 18.67
N LYS K 346 103.54 -46.02 19.78
CA LYS K 346 102.16 -46.51 19.80
C LYS K 346 102.03 -47.90 19.18
N TYR K 347 102.70 -48.87 19.82
CA TYR K 347 102.42 -50.28 19.58
C TYR K 347 102.97 -51.07 20.77
N SER K 348 102.62 -52.34 20.82
CA SER K 348 103.17 -53.26 21.82
C SER K 348 103.26 -54.62 21.17
N HIS K 349 104.43 -54.95 20.63
CA HIS K 349 104.64 -56.20 19.89
C HIS K 349 104.92 -57.31 20.91
N SER K 350 103.86 -57.74 21.58
CA SER K 350 103.99 -58.78 22.60
C SER K 350 104.36 -60.11 21.97
N ALA K 351 105.02 -60.95 22.75
CA ALA K 351 105.42 -62.28 22.31
C ALA K 351 104.51 -63.31 22.97
N ALA K 352 103.65 -63.95 22.18
CA ALA K 352 102.79 -64.99 22.73
C ALA K 352 103.57 -66.24 23.09
N ASP K 353 104.63 -66.55 22.35
CA ASP K 353 105.42 -67.75 22.60
C ASP K 353 106.88 -67.47 22.27
N GLU K 354 107.75 -68.35 22.77
CA GLU K 354 109.18 -68.27 22.51
C GLU K 354 109.62 -69.45 21.64
N LEU K 355 110.66 -69.22 20.86
CA LEU K 355 111.16 -70.20 19.89
C LEU K 355 112.32 -70.96 20.52
N SER K 356 112.06 -72.19 20.96
CA SER K 356 113.12 -73.10 21.33
C SER K 356 113.75 -73.77 20.11
N TYR K 357 113.44 -73.26 18.92
CA TYR K 357 113.86 -73.77 17.61
C TYR K 357 113.20 -75.10 17.27
N THR K 358 112.41 -75.66 18.19
CA THR K 358 111.48 -76.75 17.88
C THR K 358 110.04 -76.30 18.01
N ALA K 359 109.64 -75.80 19.19
CA ALA K 359 108.38 -75.10 19.33
C ALA K 359 108.50 -73.70 18.77
N VAL K 360 107.47 -73.25 18.06
CA VAL K 360 107.54 -72.06 17.24
C VAL K 360 106.99 -70.87 18.03
N ALA K 361 107.60 -69.70 17.84
CA ALA K 361 107.23 -68.48 18.52
C ALA K 361 106.40 -67.59 17.62
N THR K 362 105.99 -66.46 18.17
CA THR K 362 105.26 -65.44 17.40
C THR K 362 105.26 -64.14 18.18
N THR K 363 105.50 -63.03 17.47
CA THR K 363 105.29 -61.70 18.01
C THR K 363 103.88 -61.26 17.67
N ALA K 364 103.20 -60.64 18.63
CA ALA K 364 101.82 -60.24 18.41
C ALA K 364 101.59 -58.86 19.02
N ASP K 365 100.89 -58.02 18.27
CA ASP K 365 100.43 -56.73 18.77
C ASP K 365 98.92 -56.67 18.60
N VAL K 366 98.21 -56.37 19.68
CA VAL K 366 96.77 -56.28 19.63
C VAL K 366 96.41 -54.88 19.16
N LEU K 367 96.38 -54.68 17.84
CA LEU K 367 96.12 -53.36 17.28
C LEU K 367 94.71 -52.87 17.58
N SER K 368 93.82 -53.77 17.97
CA SER K 368 92.38 -53.50 18.09
C SER K 368 91.78 -52.98 16.79
N ALA K 369 92.50 -53.11 15.68
CA ALA K 369 91.99 -52.68 14.40
C ALA K 369 90.83 -53.55 13.98
N MET K 370 90.22 -53.22 12.85
CA MET K 370 89.07 -53.93 12.32
C MET K 370 87.92 -53.93 13.32
N GLY K 371 87.92 -52.95 14.23
CA GLY K 371 86.97 -52.96 15.33
C GLY K 371 85.54 -52.81 14.89
N SER K 372 85.28 -51.90 13.94
CA SER K 372 83.92 -51.65 13.50
C SER K 372 83.32 -52.91 12.90
N SER K 373 82.12 -53.27 13.35
CA SER K 373 81.45 -54.46 12.84
C SER K 373 81.13 -54.31 11.35
N THR K 374 80.97 -53.08 10.88
CA THR K 374 80.74 -52.84 9.46
C THR K 374 81.94 -53.29 8.63
N ALA K 375 83.15 -52.97 9.07
CA ALA K 375 84.34 -53.41 8.36
C ALA K 375 84.50 -54.92 8.43
N VAL K 376 84.20 -55.52 9.59
CA VAL K 376 84.28 -56.96 9.73
C VAL K 376 83.34 -57.64 8.75
N SER K 377 82.10 -57.13 8.65
CA SER K 377 81.14 -57.71 7.73
C SER K 377 81.64 -57.63 6.30
N THR K 378 82.16 -56.47 5.90
CA THR K 378 82.63 -56.30 4.53
C THR K 378 83.79 -57.24 4.22
N VAL K 379 84.74 -57.36 5.16
CA VAL K 379 85.88 -58.24 4.94
C VAL K 379 85.43 -59.69 4.84
N THR K 380 84.56 -60.13 5.75
CA THR K 380 84.06 -61.49 5.68
C THR K 380 83.03 -61.68 4.57
N LEU K 381 82.47 -60.58 4.04
CA LEU K 381 81.58 -60.66 2.88
C LEU K 381 82.42 -60.50 1.60
N GLY K 382 83.20 -61.54 1.33
CA GLY K 382 84.09 -61.52 0.18
C GLY K 382 85.55 -61.66 0.56
N SER K 383 86.12 -62.82 0.26
CA SER K 383 87.51 -63.11 0.54
C SER K 383 87.99 -64.10 -0.52
N GLY K 384 89.11 -64.77 -0.23
CA GLY K 384 89.63 -65.76 -1.15
C GLY K 384 89.13 -67.14 -0.79
N ILE K 385 89.97 -67.95 -0.17
CA ILE K 385 89.55 -69.24 0.37
C ILE K 385 89.28 -69.14 1.87
N THR K 386 89.01 -67.94 2.36
CA THR K 386 88.86 -67.68 3.80
C THR K 386 87.48 -68.12 4.27
N SER K 387 87.40 -69.29 4.90
CA SER K 387 86.15 -69.77 5.48
C SER K 387 86.13 -69.41 6.96
N ALA K 388 85.38 -68.39 7.31
CA ALA K 388 85.35 -67.87 8.67
C ALA K 388 84.35 -68.66 9.53
N ALA K 389 84.23 -68.26 10.78
CA ALA K 389 83.36 -68.95 11.73
C ALA K 389 83.05 -68.02 12.90
N VAL K 390 81.83 -68.09 13.40
CA VAL K 390 81.38 -67.25 14.51
C VAL K 390 80.61 -68.06 15.53
N THR K 391 80.97 -67.93 16.80
CA THR K 391 80.14 -68.32 17.93
C THR K 391 79.46 -67.05 18.42
N PHE K 392 78.13 -67.02 18.40
CA PHE K 392 77.41 -65.76 18.50
C PHE K 392 76.24 -65.85 19.48
N ALA K 393 76.39 -66.62 20.54
CA ALA K 393 75.34 -66.72 21.55
C ALA K 393 75.98 -67.19 22.86
N ILE K 394 75.13 -67.56 23.82
CA ILE K 394 75.60 -68.03 25.12
C ILE K 394 76.49 -69.25 24.93
N ALA K 395 77.58 -69.30 25.69
CA ALA K 395 78.52 -70.42 25.59
C ALA K 395 77.82 -71.75 25.78
N THR K 396 76.85 -71.81 26.69
CA THR K 396 76.06 -73.02 26.87
C THR K 396 75.09 -73.22 25.71
N THR K 397 74.67 -72.14 25.06
CA THR K 397 73.53 -72.13 24.15
C THR K 397 73.93 -71.58 22.79
N ASP K 398 74.99 -72.13 22.21
CA ASP K 398 75.45 -71.68 20.90
C ASP K 398 76.06 -72.84 20.12
N SER K 399 76.41 -72.55 18.88
CA SER K 399 77.16 -73.43 17.99
C SER K 399 78.03 -72.53 17.11
N ASN K 400 78.54 -73.07 16.01
CA ASN K 400 79.40 -72.32 15.12
C ASN K 400 78.77 -72.19 13.75
N ASN K 401 79.07 -71.07 13.08
CA ASN K 401 78.52 -70.77 11.76
C ASN K 401 79.66 -70.35 10.83
N THR K 402 79.93 -71.17 9.81
CA THR K 402 80.89 -70.81 8.78
C THR K 402 80.15 -70.14 7.63
N TRP K 403 80.86 -69.91 6.53
CA TRP K 403 80.25 -69.42 5.29
C TRP K 403 81.11 -69.76 4.08
N VAL K 404 80.52 -69.52 2.90
CA VAL K 404 81.27 -69.57 1.66
C VAL K 404 82.35 -68.52 1.71
N ASP K 405 83.56 -68.90 1.30
CA ASP K 405 84.72 -68.03 1.43
C ASP K 405 84.56 -66.75 0.63
N ASN K 406 84.07 -66.86 -0.61
CA ASN K 406 84.10 -65.74 -1.54
C ASN K 406 82.96 -64.77 -1.36
N LYS K 407 81.92 -65.11 -0.60
CA LYS K 407 80.82 -64.18 -0.39
C LYS K 407 80.26 -64.18 1.02
N GLY K 408 80.83 -64.94 1.96
CA GLY K 408 80.35 -64.92 3.33
C GLY K 408 78.92 -65.38 3.50
N GLU K 409 78.50 -66.41 2.78
CA GLU K 409 77.16 -66.97 2.89
C GLU K 409 77.24 -68.42 3.34
N LEU K 410 76.33 -68.80 4.24
CA LEU K 410 76.29 -70.14 4.83
C LEU K 410 75.18 -70.98 4.22
N THR K 411 75.56 -72.15 3.72
CA THR K 411 74.65 -73.05 3.03
C THR K 411 74.11 -74.16 3.92
N ASP K 412 74.95 -74.72 4.80
CA ASP K 412 74.50 -75.82 5.65
C ASP K 412 73.52 -75.35 6.71
N ILE K 413 73.42 -74.05 6.94
CA ILE K 413 72.49 -73.47 7.90
C ILE K 413 71.54 -72.55 7.16
N GLN K 414 70.25 -72.73 7.39
CA GLN K 414 69.23 -71.91 6.77
C GLN K 414 68.41 -71.23 7.86
N THR K 415 67.59 -70.27 7.46
CA THR K 415 66.73 -69.55 8.40
C THR K 415 65.28 -69.64 7.95
N PHE K 416 64.41 -70.04 8.86
CA PHE K 416 62.98 -70.05 8.61
C PHE K 416 62.46 -68.61 8.58
N ASP K 417 61.17 -68.46 8.34
CA ASP K 417 60.55 -67.13 8.41
C ASP K 417 60.83 -66.46 9.75
N THR K 418 60.89 -67.24 10.83
CA THR K 418 61.10 -66.67 12.15
C THR K 418 62.08 -67.47 13.00
N SER K 419 62.91 -68.33 12.40
CA SER K 419 63.85 -69.11 13.18
C SER K 419 65.02 -69.53 12.29
N TYR K 420 66.10 -69.93 12.95
CA TYR K 420 67.32 -70.37 12.27
C TYR K 420 67.37 -71.89 12.17
N LYS K 421 66.34 -72.48 11.56
CA LYS K 421 66.25 -73.93 11.48
C LYS K 421 67.02 -74.47 10.29
N ILE K 422 67.66 -75.63 10.49
CA ILE K 422 68.62 -76.15 9.52
C ILE K 422 67.96 -76.47 8.19
N ASN K 423 66.79 -77.09 8.22
CA ASN K 423 66.15 -77.61 7.01
C ASN K 423 66.01 -76.51 5.96
N ALA K 424 66.62 -76.73 4.80
CA ALA K 424 66.59 -75.73 3.74
C ALA K 424 65.24 -75.67 3.03
N ASP K 425 64.41 -76.70 3.16
CA ASP K 425 63.15 -76.79 2.45
C ASP K 425 62.04 -77.11 3.42
N THR K 426 60.88 -76.47 3.21
CA THR K 426 59.71 -76.71 4.05
C THR K 426 58.60 -77.48 3.36
N GLY K 427 58.55 -77.45 2.03
CA GLY K 427 57.50 -78.13 1.31
C GLY K 427 56.13 -77.58 1.61
N GLU K 428 55.98 -76.26 1.52
CA GLU K 428 54.70 -75.62 1.81
C GLU K 428 53.61 -76.18 0.93
N VAL K 429 52.48 -76.53 1.55
CA VAL K 429 51.36 -77.16 0.85
C VAL K 429 50.35 -76.08 0.50
N THR K 430 50.17 -75.84 -0.79
CA THR K 430 49.22 -74.85 -1.29
C THR K 430 48.20 -75.56 -2.16
N VAL K 431 46.92 -75.30 -1.91
CA VAL K 431 45.84 -75.87 -2.70
C VAL K 431 45.21 -74.76 -3.53
N VAL K 432 45.05 -75.02 -4.82
CA VAL K 432 44.46 -74.04 -5.72
C VAL K 432 42.95 -74.02 -5.51
N GLY K 433 42.40 -72.84 -5.28
CA GLY K 433 40.97 -72.74 -5.05
C GLY K 433 40.20 -72.81 -6.35
N ASP K 434 39.55 -73.94 -6.58
CA ASP K 434 38.75 -74.10 -7.77
C ASP K 434 37.56 -73.16 -7.73
N ASN K 435 37.08 -72.76 -8.91
CA ASN K 435 36.01 -71.77 -9.07
C ASN K 435 36.41 -70.40 -8.56
N SER K 436 37.64 -70.24 -8.07
CA SER K 436 38.14 -68.96 -7.60
C SER K 436 39.54 -68.62 -8.10
N ALA K 437 40.34 -69.61 -8.51
CA ALA K 437 41.71 -69.39 -8.95
C ALA K 437 42.55 -68.69 -7.88
N THR K 438 42.32 -69.07 -6.62
CA THR K 438 43.07 -68.54 -5.49
C THR K 438 43.85 -69.69 -4.85
N ALA K 439 45.17 -69.61 -4.91
CA ALA K 439 46.02 -70.70 -4.42
C ALA K 439 46.22 -70.53 -2.92
N GLY K 440 45.13 -70.73 -2.17
CA GLY K 440 45.19 -70.70 -0.73
C GLY K 440 46.06 -71.79 -0.16
N GLN K 441 46.98 -71.45 0.74
CA GLN K 441 47.86 -72.45 1.33
C GLN K 441 47.07 -73.40 2.23
N TYR K 442 47.64 -74.58 2.45
CA TYR K 442 46.94 -75.68 3.09
C TYR K 442 47.67 -76.29 4.28
N ALA K 443 48.98 -76.07 4.42
CA ALA K 443 49.78 -76.79 5.42
C ALA K 443 49.34 -76.53 6.86
N SER K 444 49.50 -75.30 7.34
CA SER K 444 49.24 -75.07 8.76
C SER K 444 48.33 -73.88 9.03
N ALA K 445 48.47 -72.78 8.30
CA ALA K 445 47.61 -71.62 8.54
C ALA K 445 46.21 -71.84 7.99
N ASP K 446 46.03 -72.82 7.10
CA ASP K 446 44.73 -73.31 6.67
C ASP K 446 43.87 -72.19 6.04
N GLY K 447 44.36 -71.67 4.93
CA GLY K 447 43.59 -70.72 4.16
C GLY K 447 44.06 -69.28 4.25
N ALA K 448 45.35 -69.05 4.06
CA ALA K 448 45.93 -67.73 4.21
C ALA K 448 45.95 -66.91 2.93
N LYS K 449 45.42 -67.43 1.82
CA LYS K 449 45.30 -66.69 0.55
C LYS K 449 46.67 -66.20 0.08
N VAL K 450 47.49 -67.19 -0.33
CA VAL K 450 48.85 -66.90 -0.79
C VAL K 450 48.84 -65.90 -1.93
N LEU K 451 49.69 -64.89 -1.84
CA LEU K 451 50.01 -63.99 -2.93
C LEU K 451 51.48 -64.14 -3.31
N VAL K 452 51.80 -63.72 -4.53
CA VAL K 452 53.17 -63.81 -5.03
C VAL K 452 53.94 -62.58 -4.57
N GLY K 453 55.02 -62.80 -3.83
CA GLY K 453 55.77 -61.70 -3.27
C GLY K 453 56.56 -60.92 -4.31
N SER K 454 57.03 -59.75 -3.90
CA SER K 454 57.79 -58.89 -4.80
C SER K 454 59.12 -59.51 -5.22
N ASP K 455 59.63 -60.47 -4.45
CA ASP K 455 60.84 -61.18 -4.83
C ASP K 455 60.51 -62.31 -5.80
N GLY K 456 59.23 -62.67 -5.92
CA GLY K 456 58.85 -63.79 -6.75
C GLY K 456 58.59 -65.07 -5.99
N LYS K 457 58.67 -65.05 -4.66
CA LYS K 457 58.35 -66.20 -3.84
C LYS K 457 56.93 -66.08 -3.30
N LEU K 458 56.34 -67.23 -3.01
CA LEU K 458 54.99 -67.25 -2.46
C LEU K 458 54.99 -66.76 -1.02
N THR K 459 53.96 -65.99 -0.67
CA THR K 459 53.84 -65.47 0.68
C THR K 459 52.37 -65.21 0.99
N THR K 460 52.02 -65.32 2.27
CA THR K 460 50.66 -65.05 2.70
C THR K 460 50.38 -63.56 2.89
N GLU K 461 51.42 -62.73 2.89
CA GLU K 461 51.21 -61.30 3.04
C GLU K 461 50.68 -60.71 1.74
N THR K 462 49.58 -59.96 1.84
CA THR K 462 48.97 -59.39 0.64
C THR K 462 49.77 -58.20 0.11
N THR K 463 50.28 -57.36 1.00
CA THR K 463 50.99 -56.15 0.59
C THR K 463 52.50 -56.37 0.66
N SER K 464 53.24 -55.30 0.38
CA SER K 464 54.69 -55.31 0.45
C SER K 464 55.17 -53.92 0.85
N ALA K 465 56.49 -53.77 0.93
CA ALA K 465 57.06 -52.51 1.40
C ALA K 465 56.95 -51.43 0.33
N GLY K 466 57.63 -51.62 -0.80
CA GLY K 466 57.75 -50.58 -1.80
C GLY K 466 58.75 -49.52 -1.39
N ASP K 467 59.16 -48.71 -2.35
CA ASP K 467 60.16 -47.68 -2.10
C ASP K 467 59.62 -46.27 -2.21
N LYS K 468 59.13 -45.85 -3.39
CA LYS K 468 58.94 -44.42 -3.69
C LYS K 468 58.24 -44.28 -5.03
N THR K 469 57.37 -43.27 -5.15
CA THR K 469 56.73 -42.96 -6.42
C THR K 469 57.76 -42.25 -7.30
N THR K 470 58.18 -42.92 -8.38
CA THR K 470 59.28 -42.41 -9.19
C THR K 470 58.96 -41.05 -9.80
N ASP K 471 57.74 -40.89 -10.31
CA ASP K 471 57.30 -39.63 -10.91
C ASP K 471 56.07 -39.16 -10.14
N PRO K 472 56.27 -38.47 -9.01
CA PRO K 472 55.14 -38.07 -8.17
C PRO K 472 54.19 -37.10 -8.85
N LEU K 473 54.74 -35.99 -9.34
CA LEU K 473 53.89 -34.97 -9.94
C LEU K 473 53.31 -35.42 -11.27
N LYS K 474 53.96 -36.35 -11.97
CA LYS K 474 53.35 -36.92 -13.17
C LYS K 474 52.09 -37.69 -12.81
N THR K 475 52.15 -38.54 -11.79
CA THR K 475 50.97 -39.27 -11.36
C THR K 475 49.90 -38.31 -10.83
N LEU K 476 50.32 -37.27 -10.12
CA LEU K 476 49.36 -36.28 -9.64
C LEU K 476 48.66 -35.56 -10.79
N ASP K 477 49.41 -35.23 -11.84
CA ASP K 477 48.82 -34.58 -13.00
C ASP K 477 47.89 -35.52 -13.75
N ALA K 478 48.24 -36.80 -13.82
CA ALA K 478 47.33 -37.78 -14.43
C ALA K 478 46.03 -37.89 -13.64
N ALA K 479 46.13 -37.91 -12.30
CA ALA K 479 44.94 -37.93 -11.47
C ALA K 479 44.12 -36.67 -11.67
N PHE K 480 44.79 -35.52 -11.77
CA PHE K 480 44.10 -34.27 -12.04
C PHE K 480 43.34 -34.34 -13.37
N THR K 481 43.99 -34.89 -14.40
CA THR K 481 43.34 -34.98 -15.70
C THR K 481 42.11 -35.87 -15.65
N LYS K 482 42.21 -37.04 -14.99
CA LYS K 482 41.06 -37.93 -14.90
C LYS K 482 39.92 -37.27 -14.12
N LEU K 483 40.24 -36.67 -12.97
CA LEU K 483 39.21 -36.05 -12.15
C LEU K 483 38.56 -34.88 -12.89
N ASP K 484 39.35 -34.08 -13.60
CA ASP K 484 38.80 -32.96 -14.35
C ASP K 484 37.98 -33.44 -15.53
N LYS K 485 38.37 -34.56 -16.16
CA LYS K 485 37.54 -35.16 -17.20
C LYS K 485 36.17 -35.49 -16.67
N LEU K 486 36.11 -36.19 -15.53
CA LEU K 486 34.81 -36.54 -14.97
C LEU K 486 34.03 -35.30 -14.52
N THR K 487 34.70 -34.33 -13.90
CA THR K 487 34.01 -33.13 -13.45
C THR K 487 33.42 -32.35 -14.62
N GLY K 488 34.18 -32.23 -15.71
CA GLY K 488 33.67 -31.56 -16.89
C GLY K 488 32.53 -32.31 -17.54
N GLU K 489 32.60 -33.63 -17.58
CA GLU K 489 31.50 -34.40 -18.15
C GLU K 489 30.22 -34.23 -17.32
N LEU K 490 30.35 -34.25 -15.99
CA LEU K 490 29.17 -33.99 -15.15
C LEU K 490 28.67 -32.57 -15.31
N GLY K 491 29.56 -31.59 -15.47
CA GLY K 491 29.10 -30.24 -15.73
C GLY K 491 28.32 -30.12 -17.03
N ALA K 492 28.83 -30.76 -18.08
CA ALA K 492 28.14 -30.75 -19.36
C ALA K 492 26.78 -31.40 -19.25
N VAL K 493 26.69 -32.55 -18.57
CA VAL K 493 25.40 -33.21 -18.44
C VAL K 493 24.46 -32.38 -17.57
N GLN K 494 25.00 -31.66 -16.58
CA GLN K 494 24.17 -30.78 -15.78
C GLN K 494 23.56 -29.66 -16.63
N ASN K 495 24.38 -29.05 -17.48
CA ASN K 495 23.85 -28.02 -18.38
C ASN K 495 22.80 -28.59 -19.32
N ARG K 496 23.08 -29.76 -19.90
CA ARG K 496 22.12 -30.32 -20.85
C ARG K 496 20.84 -30.75 -20.15
N LEU K 497 20.94 -31.16 -18.88
CA LEU K 497 19.74 -31.44 -18.11
C LEU K 497 18.93 -30.17 -17.85
N GLU K 498 19.59 -29.05 -17.57
CA GLU K 498 18.85 -27.80 -17.42
C GLU K 498 18.14 -27.43 -18.72
N SER K 499 18.82 -27.65 -19.86
CA SER K 499 18.18 -27.42 -21.15
C SER K 499 16.98 -28.35 -21.33
N THR K 500 17.09 -29.60 -20.88
CA THR K 500 15.94 -30.50 -20.94
C THR K 500 14.80 -29.97 -20.09
N ILE K 501 15.11 -29.42 -18.91
CA ILE K 501 14.06 -28.81 -18.09
C ILE K 501 13.33 -27.73 -18.88
N ALA K 502 14.10 -26.83 -19.51
CA ALA K 502 13.47 -25.72 -20.23
C ALA K 502 12.62 -26.24 -21.39
N ASN K 503 13.16 -27.17 -22.18
CA ASN K 503 12.42 -27.68 -23.32
C ASN K 503 11.17 -28.44 -22.89
N LEU K 504 11.30 -29.26 -21.84
CA LEU K 504 10.14 -30.01 -21.35
C LEU K 504 9.07 -29.06 -20.84
N ASN K 505 9.46 -28.00 -20.13
CA ASN K 505 8.47 -27.03 -19.67
C ASN K 505 7.76 -26.37 -20.84
N ASN K 506 8.52 -25.96 -21.87
CA ASN K 506 7.89 -25.34 -23.03
C ASN K 506 6.91 -26.28 -23.70
N VAL K 507 7.31 -27.53 -23.90
CA VAL K 507 6.42 -28.49 -24.56
C VAL K 507 5.21 -28.79 -23.70
N VAL K 508 5.39 -28.84 -22.38
CA VAL K 508 4.26 -29.08 -21.48
C VAL K 508 3.24 -27.96 -21.60
N ASN K 509 3.71 -26.71 -21.59
CA ASN K 509 2.78 -25.58 -21.70
C ASN K 509 2.07 -25.59 -23.04
N ASN K 510 2.80 -25.83 -24.12
CA ASN K 510 2.17 -25.83 -25.43
C ASN K 510 1.17 -26.98 -25.56
N LEU K 511 1.49 -28.15 -25.01
CA LEU K 511 0.56 -29.28 -25.07
C LEU K 511 -0.66 -29.05 -24.20
N SER K 512 -0.49 -28.38 -23.07
CA SER K 512 -1.65 -28.03 -22.25
C SER K 512 -2.56 -27.08 -23.00
N SER K 513 -1.99 -26.09 -23.70
CA SER K 513 -2.80 -25.21 -24.52
C SER K 513 -3.49 -25.98 -25.64
N ALA K 514 -2.79 -26.94 -26.24
CA ALA K 514 -3.39 -27.76 -27.29
C ALA K 514 -4.57 -28.57 -26.75
N ARG K 515 -4.42 -29.15 -25.56
CA ARG K 515 -5.52 -29.87 -24.94
C ARG K 515 -6.68 -28.94 -24.66
N SER K 516 -6.39 -27.73 -24.19
CA SER K 516 -7.45 -26.76 -23.92
C SER K 516 -8.21 -26.42 -25.20
N ARG K 517 -7.50 -26.29 -26.31
CA ARG K 517 -8.14 -25.88 -27.56
C ARG K 517 -9.24 -26.84 -28.01
N ILE K 518 -9.22 -28.08 -27.54
CA ILE K 518 -10.22 -29.07 -27.95
C ILE K 518 -11.06 -29.59 -26.79
N GLN K 519 -10.66 -29.31 -25.54
CA GLN K 519 -11.33 -29.92 -24.39
C GLN K 519 -12.11 -28.90 -23.58
N ASP K 520 -11.47 -27.81 -23.16
CA ASP K 520 -12.12 -26.86 -22.28
C ASP K 520 -13.20 -26.09 -23.01
N ALA K 521 -14.15 -25.55 -22.24
CA ALA K 521 -15.31 -24.88 -22.77
C ALA K 521 -15.11 -23.38 -22.79
N ASP K 522 -15.38 -22.76 -23.93
CA ASP K 522 -15.43 -21.31 -24.06
C ASP K 522 -16.69 -20.82 -23.37
N TYR K 523 -16.60 -20.53 -22.06
CA TYR K 523 -17.81 -20.38 -21.25
C TYR K 523 -18.75 -19.32 -21.77
N ALA K 524 -18.26 -18.35 -22.54
CA ALA K 524 -19.19 -17.42 -23.15
C ALA K 524 -20.23 -18.16 -23.98
N THR K 525 -19.78 -19.13 -24.79
CA THR K 525 -20.69 -19.83 -25.68
C THR K 525 -21.66 -20.71 -24.91
N GLU K 526 -21.16 -21.51 -23.96
CA GLU K 526 -22.06 -22.39 -23.22
C GLU K 526 -23.01 -21.60 -22.33
N VAL K 527 -22.58 -20.47 -21.77
CA VAL K 527 -23.50 -19.66 -20.97
C VAL K 527 -24.59 -19.08 -21.87
N SER K 528 -24.22 -18.59 -23.06
CA SER K 528 -25.24 -18.12 -24.00
C SER K 528 -26.20 -19.24 -24.37
N ASN K 529 -25.67 -20.44 -24.61
CA ASN K 529 -26.52 -21.58 -24.95
C ASN K 529 -27.43 -21.96 -23.79
N MET K 530 -26.93 -21.89 -22.56
CA MET K 530 -27.75 -22.22 -21.41
C MET K 530 -28.89 -21.23 -21.23
N SER K 531 -28.59 -19.94 -21.37
CA SER K 531 -29.64 -18.93 -21.29
C SER K 531 -30.66 -19.11 -22.42
N LYS K 532 -30.17 -19.37 -23.63
CA LYS K 532 -31.07 -19.62 -24.75
C LYS K 532 -31.94 -20.83 -24.51
N ALA K 533 -31.36 -21.91 -23.98
CA ALA K 533 -32.13 -23.12 -23.74
C ALA K 533 -33.17 -22.90 -22.65
N GLN K 534 -32.84 -22.07 -21.65
CA GLN K 534 -33.85 -21.71 -20.65
C GLN K 534 -35.00 -20.94 -21.30
N ILE K 535 -34.68 -20.01 -22.20
CA ILE K 535 -35.73 -19.27 -22.89
C ILE K 535 -36.60 -20.23 -23.69
N LEU K 536 -35.98 -21.16 -24.41
CA LEU K 536 -36.75 -22.14 -25.17
C LEU K 536 -37.58 -23.02 -24.26
N GLN K 537 -37.07 -23.36 -23.08
CA GLN K 537 -37.84 -24.20 -22.16
C GLN K 537 -39.08 -23.48 -21.66
N GLN K 538 -38.93 -22.22 -21.24
CA GLN K 538 -40.09 -21.49 -20.75
C GLN K 538 -41.09 -21.23 -21.88
N ALA K 539 -40.59 -20.86 -23.07
CA ALA K 539 -41.49 -20.68 -24.20
C ALA K 539 -42.20 -21.97 -24.58
N GLY K 540 -41.48 -23.10 -24.54
CA GLY K 540 -42.08 -24.36 -24.89
C GLY K 540 -43.13 -24.80 -23.90
N THR K 541 -42.86 -24.65 -22.60
CA THR K 541 -43.86 -25.03 -21.62
C THR K 541 -45.07 -24.11 -21.69
N SER K 542 -44.88 -22.83 -21.96
CA SER K 542 -46.03 -21.92 -22.12
C SER K 542 -46.85 -22.29 -23.34
N VAL K 543 -46.19 -22.51 -24.48
CA VAL K 543 -46.92 -22.83 -25.70
C VAL K 543 -47.59 -24.19 -25.59
N LEU K 544 -46.97 -25.13 -24.87
CA LEU K 544 -47.63 -26.41 -24.63
C LEU K 544 -48.84 -26.25 -23.72
N ALA K 545 -48.74 -25.40 -22.70
CA ALA K 545 -49.88 -25.13 -21.85
C ALA K 545 -51.06 -24.61 -22.66
N GLN K 546 -50.82 -23.57 -23.48
CA GLN K 546 -51.87 -23.10 -24.36
C GLN K 546 -52.25 -24.10 -25.45
N ALA K 547 -51.39 -25.07 -25.75
CA ALA K 547 -51.78 -26.12 -26.68
C ALA K 547 -52.74 -27.11 -26.05
N ASN K 548 -52.68 -27.26 -24.73
CA ASN K 548 -53.57 -28.19 -24.05
C ASN K 548 -55.01 -27.71 -24.06
N GLN K 549 -55.26 -26.41 -24.16
CA GLN K 549 -56.63 -25.90 -24.24
C GLN K 549 -57.12 -25.75 -25.66
N VAL K 550 -56.37 -26.22 -26.65
CA VAL K 550 -56.90 -26.26 -28.02
C VAL K 550 -58.17 -27.09 -28.10
N PRO K 551 -58.27 -28.27 -27.49
CA PRO K 551 -59.55 -28.99 -27.49
C PRO K 551 -60.60 -28.40 -26.57
N GLN K 552 -60.23 -27.45 -25.69
CA GLN K 552 -61.23 -26.85 -24.82
C GLN K 552 -62.32 -26.14 -25.60
N THR K 553 -61.96 -25.50 -26.72
CA THR K 553 -62.96 -24.82 -27.54
C THR K 553 -64.02 -25.79 -28.03
N VAL K 554 -63.66 -27.06 -28.23
CA VAL K 554 -64.64 -28.07 -28.59
C VAL K 554 -65.66 -28.23 -27.47
N LEU K 555 -65.21 -28.24 -26.21
CA LEU K 555 -66.11 -28.44 -25.10
C LEU K 555 -66.77 -27.10 -24.77
N SER K 556 -67.30 -26.44 -25.79
CA SER K 556 -68.23 -25.33 -25.60
C SER K 556 -69.57 -25.63 -26.25
N LEU K 557 -69.58 -25.98 -27.53
CA LEU K 557 -70.76 -26.51 -28.18
C LEU K 557 -70.97 -27.95 -27.77
N LEU K 558 -72.22 -28.32 -27.51
CA LEU K 558 -72.54 -29.66 -27.04
C LEU K 558 -73.92 -30.09 -27.53
N ALA L 2 -48.94 -33.66 8.33
CA ALA L 2 -49.43 -33.84 6.98
C ALA L 2 -49.80 -32.51 6.33
N ALA L 3 -51.07 -32.13 6.44
CA ALA L 3 -51.58 -30.87 5.92
C ALA L 3 -52.02 -29.94 7.03
N VAL L 4 -51.30 -29.92 8.14
CA VAL L 4 -51.70 -29.13 9.30
C VAL L 4 -51.04 -27.76 9.24
N ILE L 5 -51.75 -26.75 9.73
CA ILE L 5 -51.24 -25.40 9.85
C ILE L 5 -51.11 -24.96 11.30
N ASN L 6 -51.98 -25.46 12.18
CA ASN L 6 -52.01 -25.00 13.57
C ASN L 6 -50.64 -25.11 14.22
N THR L 7 -49.99 -26.27 14.10
CA THR L 7 -48.64 -26.46 14.59
C THR L 7 -47.77 -26.95 13.44
N ASN L 8 -46.66 -26.24 13.20
CA ASN L 8 -45.70 -26.64 12.18
C ASN L 8 -44.44 -27.14 12.89
N TYR L 9 -44.28 -28.46 12.92
CA TYR L 9 -43.16 -29.06 13.64
C TYR L 9 -41.82 -28.65 13.01
N LEU L 10 -41.78 -28.53 11.68
CA LEU L 10 -40.54 -28.20 10.99
C LEU L 10 -40.04 -26.81 11.40
N SER L 11 -40.96 -25.86 11.57
CA SER L 11 -40.56 -24.53 12.02
C SER L 11 -39.90 -24.61 13.39
N LEU L 12 -40.47 -25.41 14.29
CA LEU L 12 -39.89 -25.55 15.63
C LEU L 12 -38.51 -26.18 15.55
N VAL L 13 -38.33 -27.20 14.71
CA VAL L 13 -37.03 -27.81 14.55
C VAL L 13 -36.01 -26.79 14.04
N ALA L 14 -36.40 -26.00 13.05
CA ALA L 14 -35.50 -24.99 12.51
C ALA L 14 -35.14 -23.96 13.57
N GLN L 15 -36.11 -23.53 14.37
CA GLN L 15 -35.83 -22.56 15.43
C GLN L 15 -34.86 -23.12 16.44
N ASN L 16 -35.03 -24.38 16.85
CA ASN L 16 -34.13 -24.96 17.83
C ASN L 16 -32.71 -25.08 17.29
N ASN L 17 -32.57 -25.54 16.05
CA ASN L 17 -31.23 -25.67 15.49
C ASN L 17 -30.58 -24.30 15.31
N LEU L 18 -31.37 -23.30 14.91
CA LEU L 18 -30.85 -21.94 14.82
C LEU L 18 -30.41 -21.43 16.19
N ASN L 19 -31.15 -21.79 17.24
CA ASN L 19 -30.75 -21.39 18.59
C ASN L 19 -29.43 -22.03 18.98
N LYS L 20 -29.25 -23.32 18.65
CA LYS L 20 -27.97 -23.97 18.95
C LYS L 20 -26.83 -23.27 18.21
N SER L 21 -27.04 -22.97 16.92
CA SER L 21 -26.01 -22.28 16.16
C SER L 21 -25.71 -20.89 16.73
N GLN L 22 -26.75 -20.17 17.16
CA GLN L 22 -26.55 -18.84 17.71
C GLN L 22 -25.82 -18.90 19.04
N SER L 23 -26.09 -19.92 19.86
CA SER L 23 -25.35 -20.07 21.10
C SER L 23 -23.88 -20.33 20.82
N SER L 24 -23.59 -21.19 19.84
CA SER L 24 -22.19 -21.42 19.48
C SER L 24 -21.54 -20.14 18.96
N LEU L 25 -22.27 -19.38 18.15
CA LEU L 25 -21.75 -18.11 17.65
C LEU L 25 -21.49 -17.14 18.78
N GLY L 26 -22.36 -17.10 19.78
CA GLY L 26 -22.17 -16.21 20.90
C GLY L 26 -20.93 -16.56 21.71
N THR L 27 -20.74 -17.85 21.98
CA THR L 27 -19.53 -18.25 22.69
C THR L 27 -18.28 -17.93 21.88
N ALA L 28 -18.32 -18.17 20.56
CA ALA L 28 -17.16 -17.84 19.72
C ALA L 28 -16.87 -16.35 19.73
N ILE L 29 -17.92 -15.52 19.65
CA ILE L 29 -17.74 -14.08 19.62
C ILE L 29 -17.21 -13.57 20.95
N GLU L 30 -17.71 -14.12 22.06
CA GLU L 30 -17.18 -13.74 23.37
C GLU L 30 -15.72 -14.12 23.49
N ARG L 31 -15.34 -15.31 23.02
CA ARG L 31 -13.94 -15.72 23.09
C ARG L 31 -13.06 -14.81 22.23
N LEU L 32 -13.56 -14.41 21.06
CA LEU L 32 -12.80 -13.49 20.22
C LEU L 32 -12.62 -12.13 20.90
N SER L 33 -13.71 -11.54 21.38
CA SER L 33 -13.66 -10.20 21.94
C SER L 33 -12.82 -10.16 23.20
N SER L 34 -13.11 -11.04 24.16
CA SER L 34 -12.35 -11.04 25.41
C SER L 34 -10.94 -11.56 25.20
N GLY L 35 -10.76 -12.51 24.30
CA GLY L 35 -9.47 -13.12 24.10
C GLY L 35 -9.15 -14.26 25.05
N LEU L 36 -10.07 -14.63 25.92
CA LEU L 36 -9.85 -15.70 26.90
C LEU L 36 -10.81 -16.83 26.57
N ARG L 37 -10.26 -18.02 26.30
CA ARG L 37 -11.12 -19.17 26.05
C ARG L 37 -11.95 -19.51 27.28
N ILE L 38 -11.32 -19.48 28.45
CA ILE L 38 -12.02 -19.76 29.71
C ILE L 38 -12.47 -18.41 30.29
N ASN L 39 -13.63 -17.97 29.82
CA ASN L 39 -14.31 -16.81 30.37
C ASN L 39 -15.71 -17.23 30.77
N SER L 40 -16.24 -16.63 31.83
CA SER L 40 -17.55 -17.01 32.34
C SER L 40 -17.56 -18.49 32.73
N ALA L 41 -16.93 -18.77 33.88
CA ALA L 41 -16.40 -20.08 34.27
C ALA L 41 -17.27 -21.27 33.91
N LYS L 42 -18.56 -21.05 33.63
CA LYS L 42 -19.39 -22.10 33.04
C LYS L 42 -18.66 -22.84 31.92
N ASP L 43 -17.73 -22.19 31.24
CA ASP L 43 -16.87 -22.84 30.26
C ASP L 43 -15.62 -23.35 30.97
N ASP L 44 -15.53 -24.67 31.15
CA ASP L 44 -14.35 -25.32 31.72
C ASP L 44 -14.04 -24.74 33.10
N ALA L 45 -14.90 -25.12 34.06
CA ALA L 45 -14.84 -24.53 35.39
C ALA L 45 -13.47 -24.72 36.05
N ALA L 46 -12.89 -25.92 35.90
CA ALA L 46 -11.57 -26.17 36.50
C ALA L 46 -10.50 -25.31 35.87
N GLY L 47 -10.65 -25.03 34.57
CA GLY L 47 -9.66 -24.21 33.89
C GLY L 47 -9.56 -22.82 34.49
N MET L 48 -10.70 -22.22 34.85
CA MET L 48 -10.64 -20.88 35.43
C MET L 48 -10.02 -20.92 36.83
N ALA L 49 -10.26 -21.99 37.59
CA ALA L 49 -9.59 -22.12 38.88
C ALA L 49 -8.08 -22.22 38.71
N ILE L 50 -7.64 -23.03 37.76
CA ILE L 50 -6.20 -23.15 37.51
C ILE L 50 -5.63 -21.81 37.06
N ALA L 51 -6.33 -21.12 36.17
CA ALA L 51 -5.85 -19.84 35.69
C ALA L 51 -5.83 -18.80 36.79
N ASN L 52 -6.82 -18.83 37.69
CA ASN L 52 -6.84 -17.92 38.83
C ASN L 52 -5.63 -18.16 39.72
N ARG L 53 -5.34 -19.42 40.03
CA ARG L 53 -4.17 -19.72 40.85
C ARG L 53 -2.89 -19.29 40.15
N PHE L 54 -2.81 -19.52 38.84
CA PHE L 54 -1.62 -19.13 38.10
C PHE L 54 -1.45 -17.62 38.06
N THR L 55 -2.55 -16.88 37.90
CA THR L 55 -2.47 -15.42 37.91
C THR L 55 -2.01 -14.93 39.27
N ALA L 56 -2.58 -15.46 40.35
CA ALA L 56 -2.12 -15.07 41.67
C ALA L 56 -0.64 -15.32 41.82
N ASN L 57 -0.18 -16.50 41.39
CA ASN L 57 1.23 -16.84 41.50
C ASN L 57 2.10 -15.89 40.68
N VAL L 58 1.69 -15.58 39.45
CA VAL L 58 2.57 -14.79 38.58
C VAL L 58 2.65 -13.34 39.06
N ARG L 59 1.53 -12.74 39.45
CA ARG L 59 1.61 -11.39 39.99
C ARG L 59 2.40 -11.36 41.30
N GLY L 60 2.20 -12.36 42.16
CA GLY L 60 3.01 -12.44 43.37
C GLY L 60 4.49 -12.54 43.07
N LEU L 61 4.85 -13.34 42.07
CA LEU L 61 6.26 -13.52 41.75
C LEU L 61 6.86 -12.27 41.13
N THR L 62 6.12 -11.57 40.27
CA THR L 62 6.65 -10.31 39.74
C THR L 62 6.83 -9.28 40.84
N GLN L 63 5.87 -9.18 41.76
CA GLN L 63 6.02 -8.26 42.88
C GLN L 63 7.19 -8.67 43.76
N ALA L 64 7.41 -9.98 43.90
CA ALA L 64 8.56 -10.47 44.64
C ALA L 64 9.87 -10.11 43.94
N ALA L 65 9.89 -10.17 42.62
CA ALA L 65 11.07 -9.73 41.87
C ALA L 65 11.34 -8.26 42.11
N ARG L 66 10.29 -7.45 42.16
CA ARG L 66 10.46 -6.03 42.49
C ARG L 66 11.03 -5.87 43.91
N ASN L 67 10.51 -6.64 44.87
CA ASN L 67 11.03 -6.58 46.23
C ASN L 67 12.50 -6.98 46.27
N ALA L 68 12.86 -8.02 45.53
CA ALA L 68 14.25 -8.47 45.50
C ALA L 68 15.15 -7.42 44.84
N ASN L 69 14.64 -6.72 43.83
CA ASN L 69 15.40 -5.60 43.26
C ASN L 69 15.63 -4.52 44.31
N ASP L 70 14.60 -4.22 45.11
CA ASP L 70 14.78 -3.27 46.20
C ASP L 70 15.85 -3.75 47.19
N GLY L 71 15.85 -5.05 47.48
CA GLY L 71 16.90 -5.59 48.34
C GLY L 71 18.28 -5.46 47.74
N ILE L 72 18.40 -5.67 46.43
CA ILE L 72 19.67 -5.50 45.75
C ILE L 72 20.14 -4.05 45.90
N SER L 73 19.23 -3.11 45.71
CA SER L 73 19.60 -1.70 45.82
C SER L 73 20.01 -1.36 47.25
N LEU L 74 19.30 -1.89 48.24
CA LEU L 74 19.67 -1.65 49.64
C LEU L 74 21.06 -2.19 49.92
N ALA L 75 21.34 -3.40 49.44
CA ALA L 75 22.68 -3.97 49.60
C ALA L 75 23.72 -3.11 48.91
N GLN L 76 23.37 -2.53 47.76
CA GLN L 76 24.32 -1.66 47.07
C GLN L 76 24.63 -0.41 47.87
N THR L 77 23.62 0.21 48.46
CA THR L 77 23.86 1.40 49.29
C THR L 77 24.74 1.05 50.49
N THR L 78 24.41 -0.06 51.17
CA THR L 78 25.22 -0.47 52.31
C THR L 78 26.65 -0.76 51.89
N GLU L 79 26.82 -1.41 50.73
CA GLU L 79 28.14 -1.72 50.22
C GLU L 79 28.94 -0.47 49.92
N GLY L 80 28.29 0.54 49.33
CA GLY L 80 28.99 1.78 49.05
C GLY L 80 29.44 2.50 50.33
N ALA L 81 28.53 2.57 51.31
CA ALA L 81 28.91 3.18 52.58
C ALA L 81 30.06 2.44 53.23
N ALA L 82 30.00 1.10 53.24
CA ALA L 82 31.08 0.31 53.82
C ALA L 82 32.38 0.50 53.05
N SER L 83 32.32 0.64 51.73
CA SER L 83 33.52 0.89 50.95
C SER L 83 34.14 2.22 51.33
N GLU L 84 33.31 3.24 51.58
CA GLU L 84 33.87 4.51 52.00
C GLU L 84 34.49 4.42 53.39
N VAL L 85 33.84 3.67 54.30
CA VAL L 85 34.46 3.42 55.60
C VAL L 85 35.79 2.73 55.44
N ASN L 86 35.89 1.81 54.48
CA ASN L 86 37.15 1.14 54.20
C ASN L 86 38.21 2.13 53.73
N THR L 87 37.83 3.02 52.82
CA THR L 87 38.77 4.02 52.34
C THR L 87 39.26 4.91 53.47
N HIS L 88 38.39 5.20 54.43
CA HIS L 88 38.83 5.89 55.64
C HIS L 88 39.84 5.05 56.40
N LEU L 89 39.48 3.80 56.70
CA LEU L 89 40.32 2.96 57.54
C LEU L 89 41.71 2.80 56.97
N GLN L 90 41.83 2.79 55.64
CA GLN L 90 43.18 2.77 55.05
C GLN L 90 43.96 4.02 55.46
N ARG L 91 43.31 5.18 55.43
CA ARG L 91 44.01 6.42 55.79
C ARG L 91 44.39 6.45 57.26
N ILE L 92 43.48 6.01 58.14
CA ILE L 92 43.83 5.91 59.56
C ILE L 92 45.00 4.96 59.76
N ARG L 93 45.02 3.83 59.06
CA ARG L 93 46.13 2.90 59.22
C ARG L 93 47.44 3.53 58.74
N GLU L 94 47.41 4.21 57.61
CA GLU L 94 48.64 4.83 57.09
C GLU L 94 49.15 5.90 58.05
N LEU L 95 48.26 6.73 58.57
CA LEU L 95 48.69 7.76 59.51
C LEU L 95 49.15 7.16 60.83
N THR L 96 48.56 6.05 61.26
CA THR L 96 49.04 5.38 62.45
C THR L 96 50.44 4.84 62.26
N VAL L 97 50.72 4.27 61.09
CA VAL L 97 52.07 3.84 60.77
C VAL L 97 53.02 5.02 60.76
N GLN L 98 52.58 6.15 60.22
CA GLN L 98 53.42 7.34 60.19
C GLN L 98 53.75 7.83 61.59
N ALA L 99 52.74 7.99 62.43
CA ALA L 99 52.93 8.56 63.75
C ALA L 99 53.56 7.58 64.72
N SER L 100 53.52 6.27 64.41
CA SER L 100 54.21 5.30 65.25
C SER L 100 55.72 5.51 65.22
N ASN L 101 56.24 6.18 64.20
CA ASN L 101 57.64 6.59 64.21
C ASN L 101 57.88 7.55 65.36
N GLY L 102 58.97 7.31 66.11
CA GLY L 102 59.26 8.14 67.27
C GLY L 102 59.95 9.45 66.97
N SER L 103 60.34 9.69 65.72
CA SER L 103 61.06 10.92 65.39
C SER L 103 60.17 12.14 65.52
N TYR L 104 58.88 12.00 65.23
CA TYR L 104 57.99 13.14 65.27
C TYR L 104 57.80 13.64 66.70
N SER L 105 57.80 14.96 66.87
CA SER L 105 57.60 15.55 68.18
C SER L 105 56.12 15.49 68.55
N GLN L 106 55.81 15.98 69.76
CA GLN L 106 54.47 15.81 70.29
C GLN L 106 53.44 16.61 69.49
N GLU L 107 53.83 17.78 68.98
CA GLU L 107 52.88 18.62 68.27
C GLU L 107 52.44 17.98 66.95
N GLN L 108 53.38 17.38 66.22
CA GLN L 108 53.00 16.72 64.98
C GLN L 108 52.10 15.52 65.24
N LEU L 109 52.37 14.75 66.29
CA LEU L 109 51.46 13.68 66.66
C LEU L 109 50.09 14.23 67.06
N ASP L 110 50.06 15.41 67.67
CA ASP L 110 48.79 16.03 68.00
C ASP L 110 48.00 16.38 66.74
N SER L 111 48.67 16.93 65.73
CA SER L 111 47.98 17.23 64.48
C SER L 111 47.50 15.96 63.80
N VAL L 112 48.34 14.92 63.79
CA VAL L 112 47.95 13.65 63.18
C VAL L 112 46.74 13.06 63.90
N GLN L 113 46.75 13.11 65.23
CA GLN L 113 45.62 12.59 66.00
C GLN L 113 44.38 13.44 65.81
N GLY L 114 44.54 14.74 65.57
CA GLY L 114 43.38 15.55 65.20
C GLY L 114 42.78 15.09 63.89
N GLU L 115 43.63 14.80 62.90
CA GLU L 115 43.12 14.27 61.64
C GLU L 115 42.43 12.94 61.85
N ILE L 116 43.03 12.07 62.68
CA ILE L 116 42.44 10.76 62.93
C ILE L 116 41.10 10.90 63.62
N ASN L 117 41.00 11.80 64.60
CA ASN L 117 39.74 12.06 65.27
C ASN L 117 38.69 12.54 64.28
N GLN L 118 39.09 13.41 63.35
CA GLN L 118 38.15 13.87 62.35
C GLN L 118 37.67 12.72 61.48
N ARG L 119 38.59 11.83 61.09
CA ARG L 119 38.21 10.68 60.28
C ARG L 119 37.25 9.76 61.02
N LEU L 120 37.50 9.52 62.31
CA LEU L 120 36.60 8.69 63.11
C LEU L 120 35.24 9.34 63.25
N ALA L 121 35.21 10.67 63.43
CA ALA L 121 33.94 11.38 63.48
C ALA L 121 33.21 11.22 62.15
N ASP L 122 33.95 11.23 61.04
CA ASP L 122 33.32 11.01 59.74
C ASP L 122 32.77 9.60 59.61
N ILE L 123 33.48 8.62 60.17
CA ILE L 123 32.97 7.25 60.16
C ILE L 123 31.66 7.16 60.95
N ASP L 124 31.63 7.81 62.11
CA ASP L 124 30.41 7.84 62.90
C ASP L 124 29.28 8.55 62.15
N ARG L 125 29.61 9.64 61.44
CA ARG L 125 28.61 10.34 60.63
C ARG L 125 28.10 9.44 59.52
N ILE L 126 28.99 8.69 58.88
CA ILE L 126 28.57 7.76 57.83
C ILE L 126 27.60 6.74 58.41
N SER L 127 27.90 6.22 59.59
CA SER L 127 27.03 5.23 60.20
C SER L 127 25.66 5.83 60.55
N GLU L 128 25.65 7.00 61.16
CA GLU L 128 24.40 7.57 61.67
C GLU L 128 23.58 8.28 60.61
N GLN L 129 24.14 8.58 59.44
CA GLN L 129 23.42 9.31 58.41
C GLN L 129 23.23 8.56 57.11
N THR L 130 23.76 7.35 56.98
CA THR L 130 23.45 6.53 55.82
C THR L 130 21.99 6.11 55.90
N ASP L 131 21.23 6.39 54.85
CA ASP L 131 19.79 6.21 54.87
C ASP L 131 19.33 5.51 53.60
N PHE L 132 18.21 4.79 53.72
CA PHE L 132 17.56 4.17 52.58
C PHE L 132 16.10 3.97 52.93
N ASN L 133 15.22 4.75 52.30
CA ASN L 133 13.78 4.67 52.55
C ASN L 133 13.47 4.84 54.04
N GLY L 134 14.16 5.78 54.69
CA GLY L 134 13.93 6.02 56.09
C GLY L 134 14.48 4.98 57.02
N VAL L 135 15.29 4.05 56.52
CA VAL L 135 15.90 3.01 57.34
C VAL L 135 17.41 3.25 57.34
N LYS L 136 17.96 3.57 58.50
CA LYS L 136 19.40 3.79 58.65
C LYS L 136 20.07 2.42 58.62
N VAL L 137 20.38 1.96 57.40
CA VAL L 137 20.82 0.58 57.22
C VAL L 137 22.15 0.33 57.92
N LEU L 138 23.10 1.23 57.77
CA LEU L 138 24.43 1.05 58.36
C LEU L 138 24.54 1.81 59.68
N SER L 139 23.63 1.54 60.61
CA SER L 139 23.60 2.34 61.83
C SER L 139 23.60 1.50 63.09
N ASP L 140 23.40 2.15 64.24
CA ASP L 140 23.34 1.44 65.51
C ASP L 140 22.00 0.73 65.70
N SER L 141 20.96 1.13 64.98
CA SER L 141 19.64 0.53 65.08
C SER L 141 19.25 0.05 63.69
N ALA L 142 19.69 -1.17 63.34
CA ALA L 142 19.38 -1.73 62.03
C ALA L 142 19.26 -3.25 62.19
N LYS L 143 18.04 -3.70 62.40
CA LYS L 143 17.80 -5.13 62.48
C LYS L 143 17.80 -5.74 61.08
N PRO L 144 18.14 -7.02 60.95
CA PRO L 144 18.13 -7.66 59.63
C PRO L 144 16.74 -7.63 59.01
N LEU L 145 16.71 -7.50 57.68
CA LEU L 145 15.46 -7.35 56.95
C LEU L 145 14.91 -8.73 56.59
N THR L 146 13.78 -8.73 55.87
CA THR L 146 13.12 -9.96 55.47
C THR L 146 13.16 -10.18 53.96
N LEU L 147 12.64 -9.24 53.18
CA LEU L 147 12.70 -9.28 51.71
C LEU L 147 12.08 -10.57 51.16
N GLN L 148 10.78 -10.69 51.36
CA GLN L 148 10.07 -11.87 50.86
C GLN L 148 10.21 -11.98 49.35
N VAL L 149 10.56 -13.19 48.89
CA VAL L 149 10.71 -13.49 47.48
C VAL L 149 9.82 -14.69 47.16
N GLY L 150 8.66 -14.42 46.55
CA GLY L 150 7.71 -15.44 46.19
C GLY L 150 6.39 -15.24 46.89
N ALA L 151 5.33 -15.85 46.36
CA ALA L 151 4.06 -15.89 47.07
C ALA L 151 4.15 -16.98 48.13
N ASN L 152 3.03 -17.30 48.79
CA ASN L 152 2.98 -18.33 49.81
C ASN L 152 3.98 -18.03 50.93
N ASP L 153 3.69 -16.95 51.65
CA ASP L 153 4.61 -16.39 52.63
C ASP L 153 5.15 -17.44 53.59
N GLY L 154 6.32 -17.16 54.13
CA GLY L 154 7.03 -18.11 54.97
C GLY L 154 8.49 -18.11 54.59
N GLU L 155 8.82 -17.40 53.51
CA GLU L 155 10.17 -17.29 53.00
C GLU L 155 10.64 -15.85 53.10
N THR L 156 11.89 -15.67 53.50
CA THR L 156 12.50 -14.36 53.59
C THR L 156 13.93 -14.47 53.09
N ILE L 157 14.60 -13.33 53.00
CA ILE L 157 16.05 -13.27 52.76
C ILE L 157 16.62 -12.33 53.82
N THR L 158 17.08 -12.91 54.92
CA THR L 158 17.60 -12.10 56.02
C THR L 158 18.94 -11.47 55.61
N LEU L 159 19.05 -10.16 55.83
CA LEU L 159 20.22 -9.42 55.36
C LEU L 159 21.37 -9.39 56.36
N ASN L 160 21.06 -9.27 57.65
CA ASN L 160 22.07 -9.24 58.72
C ASN L 160 23.10 -8.13 58.49
N LEU L 161 22.60 -6.90 58.51
CA LEU L 161 23.43 -5.72 58.33
C LEU L 161 23.23 -4.79 59.52
N SER L 162 24.33 -4.38 60.15
CA SER L 162 24.32 -3.44 61.25
C SER L 162 25.74 -3.19 61.73
N GLU L 163 25.90 -2.08 62.46
CA GLU L 163 27.05 -1.85 63.34
C GLU L 163 28.37 -1.82 62.56
N ILE L 164 28.51 -0.81 61.72
CA ILE L 164 29.81 -0.41 61.19
C ILE L 164 30.02 1.05 61.58
N SER L 165 30.83 1.27 62.62
CA SER L 165 31.11 2.60 63.16
C SER L 165 32.13 2.50 64.28
N VAL L 166 32.50 3.63 64.86
CA VAL L 166 33.15 3.55 66.15
C VAL L 166 32.12 3.04 67.16
N LYS L 167 32.63 2.60 68.32
CA LYS L 167 31.82 2.01 69.39
C LYS L 167 31.38 0.60 68.98
N THR L 168 31.65 0.22 67.73
CA THR L 168 31.40 -1.15 67.29
C THR L 168 32.50 -1.76 66.44
N LEU L 169 33.35 -0.97 65.77
CA LEU L 169 34.52 -1.54 65.13
C LEU L 169 35.63 -1.84 66.12
N GLY L 170 35.51 -1.39 67.36
CA GLY L 170 36.48 -1.67 68.39
C GLY L 170 37.47 -0.55 68.66
N LEU L 171 37.60 0.40 67.73
CA LEU L 171 38.56 1.48 67.93
C LEU L 171 38.17 2.30 69.15
N ASP L 172 37.09 3.06 69.02
CA ASP L 172 36.33 3.64 70.12
C ASP L 172 37.12 4.65 70.93
N GLY L 173 38.45 4.63 70.79
CA GLY L 173 39.32 5.49 71.55
C GLY L 173 40.60 5.80 70.82
N PHE L 174 40.58 5.77 69.49
CA PHE L 174 41.83 5.56 68.76
C PHE L 174 42.78 6.73 68.96
N ASN L 175 43.66 6.56 69.94
CA ASN L 175 44.56 7.60 70.41
C ASN L 175 45.98 7.23 70.05
N VAL L 176 46.68 8.11 69.34
CA VAL L 176 48.07 7.91 68.97
C VAL L 176 49.00 8.81 69.78
N ASN L 177 48.47 9.85 70.41
CA ASN L 177 49.20 10.76 71.27
C ASN L 177 48.66 10.62 72.70
N GLY L 178 49.07 11.52 73.58
CA GLY L 178 48.81 11.32 74.99
C GLY L 178 47.38 11.59 75.46
N LYS L 179 46.56 12.31 74.69
CA LYS L 179 45.31 12.80 75.28
C LYS L 179 44.23 11.71 75.35
N GLY L 180 43.80 11.17 74.22
CA GLY L 180 42.76 10.16 74.20
C GLY L 180 41.47 10.52 74.91
N VAL L 181 40.60 9.51 75.02
CA VAL L 181 39.35 9.63 75.76
C VAL L 181 38.84 8.22 76.05
N THR L 182 38.31 8.04 77.25
CA THR L 182 37.72 6.76 77.67
C THR L 182 36.49 7.05 78.52
N GLN L 183 35.33 6.55 78.09
CA GLN L 183 34.11 6.74 78.86
C GLN L 183 34.05 5.76 80.03
N ASN L 184 33.57 6.25 81.17
CA ASN L 184 33.43 5.43 82.36
C ASN L 184 32.14 4.62 82.28
N ARG L 185 31.74 3.99 83.37
CA ARG L 185 30.50 3.23 83.45
C ARG L 185 29.61 3.82 84.53
N SER L 186 28.30 3.74 84.31
CA SER L 186 27.35 4.22 85.29
C SER L 186 27.47 3.41 86.58
N ALA L 187 27.52 4.12 87.71
CA ALA L 187 27.63 3.44 88.99
C ALA L 187 26.31 2.75 89.35
N THR L 188 26.43 1.64 90.06
CA THR L 188 25.29 0.85 90.50
C THR L 188 25.19 0.90 92.02
N VAL L 189 24.11 0.32 92.54
CA VAL L 189 23.95 0.27 93.99
C VAL L 189 25.04 -0.59 94.63
N THR L 190 25.49 -1.64 93.95
CA THR L 190 26.61 -2.41 94.46
C THR L 190 27.88 -1.56 94.52
N ASP L 191 28.11 -0.72 93.51
CA ASP L 191 29.29 0.13 93.50
C ASP L 191 29.30 1.09 94.68
N VAL L 192 28.15 1.72 94.95
CA VAL L 192 28.11 2.66 96.08
C VAL L 192 28.19 1.92 97.40
N ILE L 193 27.56 0.75 97.53
CA ILE L 193 27.68 -0.03 98.75
C ILE L 193 29.12 -0.43 98.99
N ALA L 194 29.90 -0.60 97.92
CA ALA L 194 31.33 -0.86 98.08
C ALA L 194 32.04 0.26 98.83
N GLN L 195 31.50 1.49 98.78
CA GLN L 195 32.07 2.60 99.54
C GLN L 195 31.78 2.49 101.03
N GLY L 196 30.89 1.60 101.44
CA GLY L 196 30.63 1.39 102.86
C GLY L 196 29.71 2.41 103.50
N GLY L 197 29.05 3.26 102.74
CA GLY L 197 28.15 4.26 103.29
C GLY L 197 26.81 3.67 103.67
N THR L 198 25.94 4.55 104.16
CA THR L 198 24.61 4.16 104.62
C THR L 198 23.56 4.48 103.57
N LEU L 199 22.51 3.66 103.52
CA LEU L 199 21.45 3.79 102.55
C LEU L 199 20.15 4.16 103.25
N GLN L 200 19.35 4.99 102.59
CA GLN L 200 18.12 5.51 103.18
C GLN L 200 16.94 5.37 102.23
N GLY L 201 15.83 6.03 102.55
CA GLY L 201 14.63 5.89 101.76
C GLY L 201 14.81 6.36 100.33
N ASP L 202 13.94 5.86 99.45
CA ASP L 202 13.98 6.12 98.01
C ASP L 202 15.29 5.65 97.39
N GLY L 203 16.02 4.77 98.07
CA GLY L 203 17.31 4.34 97.60
C GLY L 203 18.42 5.35 97.78
N THR L 204 18.14 6.46 98.46
CA THR L 204 19.16 7.47 98.71
C THR L 204 20.30 6.88 99.53
N TYR L 205 21.53 7.16 99.10
CA TYR L 205 22.71 6.57 99.69
C TYR L 205 23.64 7.68 100.16
N LYS L 206 24.41 7.40 101.21
CA LYS L 206 25.29 8.37 101.83
C LYS L 206 26.74 7.95 101.60
N ALA L 207 27.31 8.40 100.49
CA ALA L 207 28.70 8.08 100.15
C ALA L 207 29.61 9.19 100.66
N THR L 208 30.56 8.84 101.52
CA THR L 208 31.48 9.80 102.13
C THR L 208 32.83 9.68 101.42
N THR L 209 33.02 10.50 100.39
CA THR L 209 34.28 10.49 99.65
C THR L 209 35.35 11.23 100.43
N THR L 210 36.54 10.64 100.49
CA THR L 210 37.68 11.26 101.14
C THR L 210 38.40 12.17 100.15
N PHE L 211 39.17 13.13 100.70
CA PHE L 211 39.78 14.17 99.90
C PHE L 211 41.24 14.40 100.29
N ASN L 212 41.90 13.37 100.81
CA ASN L 212 43.28 13.50 101.27
C ASN L 212 44.19 13.94 100.12
N ALA L 213 44.72 15.15 100.22
CA ALA L 213 45.45 15.78 99.12
C ALA L 213 46.36 16.86 99.70
N ALA L 214 46.82 17.76 98.85
CA ALA L 214 47.70 18.88 99.23
C ALA L 214 49.08 18.38 99.65
N SER L 215 49.66 17.50 98.84
CA SER L 215 51.02 17.04 99.05
C SER L 215 52.00 18.06 98.45
N ALA L 216 53.27 17.68 98.35
CA ALA L 216 54.31 18.62 97.95
C ALA L 216 54.17 19.05 96.50
N GLU L 217 53.83 18.12 95.61
CA GLU L 217 53.85 18.41 94.18
C GLU L 217 52.82 19.45 93.77
N THR L 218 51.73 19.59 94.53
CA THR L 218 50.69 20.54 94.16
C THR L 218 50.85 21.89 94.85
N VAL L 219 51.40 21.91 96.06
CA VAL L 219 51.57 23.18 96.77
C VAL L 219 52.65 24.02 96.13
N LEU L 220 53.76 23.39 95.71
CA LEU L 220 54.87 24.14 95.14
C LEU L 220 54.49 24.79 93.81
N SER L 221 53.42 24.33 93.17
CA SER L 221 52.96 24.97 91.95
C SER L 221 52.48 26.40 92.21
N LYS L 222 51.95 26.65 93.40
CA LYS L 222 51.51 27.98 93.81
C LYS L 222 52.37 28.39 95.00
N LEU L 223 53.51 29.01 94.71
CA LEU L 223 54.44 29.36 95.78
C LEU L 223 55.24 30.60 95.38
N GLU L 224 55.21 31.61 96.23
CA GLU L 224 56.06 32.79 96.09
C GLU L 224 56.75 33.20 97.38
N ASP L 225 56.20 32.84 98.54
CA ASP L 225 56.79 33.21 99.82
C ASP L 225 57.78 32.14 100.26
N GLY L 226 58.16 32.16 101.54
CA GLY L 226 59.22 31.29 102.01
C GLY L 226 58.78 29.85 102.20
N ASN L 227 59.79 28.97 102.23
CA ASN L 227 59.63 27.54 102.47
C ASN L 227 60.66 27.12 103.51
N THR L 228 60.33 26.07 104.26
CA THR L 228 61.26 25.58 105.27
C THR L 228 61.09 24.08 105.47
N VAL L 229 62.16 23.43 105.91
CA VAL L 229 62.16 22.03 106.31
C VAL L 229 62.88 21.91 107.64
N ALA L 230 62.49 20.91 108.43
CA ALA L 230 63.09 20.72 109.74
C ALA L 230 62.85 19.29 110.18
N VAL L 231 63.89 18.67 110.75
CA VAL L 231 63.85 17.28 111.17
C VAL L 231 64.01 17.21 112.68
N GLY L 232 63.07 16.57 113.36
CA GLY L 232 63.10 16.36 114.79
C GLY L 232 63.46 17.59 115.59
N GLY L 233 64.47 17.48 116.43
CA GLY L 233 65.03 18.59 117.17
C GLY L 233 66.28 19.19 116.55
N GLY L 234 66.60 18.84 115.32
CA GLY L 234 67.80 19.33 114.67
C GLY L 234 67.61 20.72 114.08
N ALA L 235 68.63 21.15 113.33
CA ALA L 235 68.61 22.47 112.73
C ALA L 235 67.54 22.57 111.65
N THR L 236 67.05 23.78 111.46
CA THR L 236 65.98 24.07 110.50
C THR L 236 66.53 24.93 109.36
N TYR L 237 66.26 24.51 108.13
CA TYR L 237 66.68 25.25 106.95
C TYR L 237 65.46 25.81 106.23
N THR L 238 65.54 27.08 105.84
CA THR L 238 64.46 27.77 105.17
C THR L 238 64.83 28.04 103.72
N TYR L 239 63.80 28.24 102.90
CA TYR L 239 63.95 28.47 101.47
C TYR L 239 63.02 29.60 101.05
N ASP L 240 63.19 30.05 99.81
CA ASP L 240 62.32 31.09 99.26
C ASP L 240 62.41 31.04 97.75
N ALA L 241 61.29 30.74 97.09
CA ALA L 241 61.24 30.61 95.63
C ALA L 241 61.33 32.00 95.00
N ALA L 242 62.50 32.33 94.45
CA ALA L 242 62.71 33.60 93.77
C ALA L 242 63.25 33.33 92.38
N LYS L 243 62.53 33.82 91.35
CA LYS L 243 62.94 33.69 89.96
C LYS L 243 63.16 32.22 89.57
N GLY L 244 62.27 31.35 90.04
CA GLY L 244 62.37 29.94 89.74
C GLY L 244 63.40 29.18 90.56
N ASN L 245 64.03 29.83 91.53
CA ASN L 245 65.05 29.20 92.36
C ASN L 245 64.76 29.51 93.83
N PHE L 246 65.16 28.59 94.70
CA PHE L 246 65.00 28.74 96.13
C PHE L 246 66.29 29.23 96.74
N THR L 247 66.23 30.35 97.46
CA THR L 247 67.41 30.96 98.07
C THR L 247 67.73 30.25 99.38
N TYR L 248 68.16 28.99 99.24
CA TYR L 248 68.54 28.20 100.40
C TYR L 248 69.77 28.77 101.08
N THR L 249 69.74 28.84 102.39
CA THR L 249 70.84 29.35 103.20
C THR L 249 71.47 28.20 103.95
N LYS L 250 72.67 27.80 103.57
CA LYS L 250 73.38 26.71 104.22
C LYS L 250 73.95 27.25 105.52
N THR L 251 73.16 27.17 106.58
CA THR L 251 73.57 27.62 107.90
C THR L 251 74.22 26.45 108.63
N VAL L 252 75.52 26.57 108.91
CA VAL L 252 76.22 25.51 109.61
C VAL L 252 75.63 25.36 111.01
N ASP L 253 75.44 24.11 111.44
CA ASP L 253 74.88 23.80 112.74
C ASP L 253 75.65 24.50 113.85
N THR L 254 75.02 24.71 115.01
CA THR L 254 75.68 25.45 116.07
C THR L 254 76.07 24.54 117.24
N THR L 255 75.09 23.94 117.92
CA THR L 255 75.29 22.91 118.94
C THR L 255 76.57 23.08 119.76
N VAL L 256 76.86 24.28 120.23
CA VAL L 256 78.13 24.58 120.90
C VAL L 256 77.90 25.50 122.08
N GLY L 257 78.58 25.22 123.19
CA GLY L 257 78.73 26.15 124.28
C GLY L 257 80.08 26.81 124.18
N ALA L 258 81.06 26.33 124.96
CA ALA L 258 82.42 26.82 124.89
C ALA L 258 83.30 26.03 123.92
N ASP L 259 82.78 24.95 123.33
CA ASP L 259 83.56 24.11 122.42
C ASP L 259 83.42 24.64 120.99
N VAL L 260 84.01 25.82 120.78
CA VAL L 260 83.91 26.50 119.49
C VAL L 260 84.52 25.67 118.37
N THR L 261 85.42 24.74 118.70
CA THR L 261 86.12 23.97 117.67
C THR L 261 85.19 23.15 116.79
N ALA L 262 83.96 22.87 117.25
CA ALA L 262 83.04 22.10 116.43
C ALA L 262 82.69 22.85 115.15
N LEU L 263 82.42 24.15 115.27
CA LEU L 263 82.12 24.96 114.09
C LEU L 263 83.30 25.00 113.13
N ALA L 264 84.51 25.19 113.67
CA ALA L 264 85.69 25.23 112.82
C ALA L 264 85.91 23.90 112.10
N ASN L 265 85.75 22.79 112.83
CA ASN L 265 85.94 21.48 112.24
C ASN L 265 84.80 21.05 111.34
N LYS L 266 83.66 21.76 111.40
CA LYS L 266 82.58 21.52 110.45
C LYS L 266 82.73 22.37 109.19
N ILE L 267 83.27 23.58 109.32
CA ILE L 267 83.44 24.45 108.16
C ILE L 267 84.74 24.19 107.42
N LYS L 268 85.78 23.69 108.09
CA LYS L 268 87.06 23.42 107.43
C LYS L 268 86.96 22.41 106.30
N PRO L 269 86.27 21.26 106.45
CA PRO L 269 86.23 20.31 105.33
C PRO L 269 85.56 20.86 104.08
N SER L 270 84.77 21.92 104.20
CA SER L 270 84.20 22.55 103.01
C SER L 270 85.30 23.07 102.08
N SER L 271 86.45 23.44 102.64
CA SER L 271 87.60 23.87 101.87
C SER L 271 88.87 23.27 102.45
N GLY L 272 88.81 22.01 102.88
CA GLY L 272 89.91 21.38 103.57
C GLY L 272 91.04 20.90 102.70
N THR L 273 91.66 21.82 101.96
CA THR L 273 92.82 21.51 101.15
C THR L 273 93.62 22.79 100.96
N ILE L 274 94.89 22.65 100.55
CA ILE L 274 95.74 23.80 100.29
C ILE L 274 95.21 24.55 99.07
N SER L 275 94.83 25.81 99.28
CA SER L 275 94.31 26.65 98.22
C SER L 275 94.94 28.04 98.36
N GLY L 276 94.52 28.96 97.50
CA GLY L 276 95.08 30.30 97.51
C GLY L 276 94.04 31.31 97.09
N SER L 277 94.45 32.58 97.09
CA SER L 277 93.59 33.71 96.75
C SER L 277 92.35 33.76 97.63
N TYR L 278 92.48 33.34 98.89
CA TYR L 278 91.36 33.41 99.81
C TYR L 278 91.02 34.87 100.11
N GLU L 279 89.76 35.10 100.45
CA GLU L 279 89.28 36.41 100.84
C GLU L 279 88.87 36.34 102.30
N ILE L 280 89.65 37.01 103.16
CA ILE L 280 89.39 37.04 104.60
C ILE L 280 88.81 38.41 104.91
N SER L 281 87.51 38.48 105.14
CA SER L 281 86.82 39.72 105.45
C SER L 281 86.38 39.66 106.92
N THR L 282 87.26 40.07 107.82
CA THR L 282 86.96 40.17 109.23
C THR L 282 86.78 41.65 109.60
N GLY L 283 86.59 41.90 110.89
CA GLY L 283 86.41 43.27 111.34
C GLY L 283 85.19 43.89 110.69
N LYS L 284 85.40 44.98 109.96
CA LYS L 284 84.32 45.61 109.21
C LYS L 284 84.59 45.66 107.72
N SER L 285 85.81 46.03 107.31
CA SER L 285 86.16 46.16 105.90
C SER L 285 87.56 45.64 105.65
N ALA L 286 87.87 44.46 106.21
CA ALA L 286 89.21 43.90 106.07
C ALA L 286 89.55 43.61 104.61
N SER L 287 88.84 42.67 104.01
CA SER L 287 88.98 42.35 102.59
C SER L 287 90.42 42.00 102.22
N PHE L 288 91.03 41.12 103.01
CA PHE L 288 92.36 40.65 102.69
C PHE L 288 92.33 39.66 101.53
N ASP L 289 93.51 39.40 100.97
CA ASP L 289 93.70 38.44 99.89
C ASP L 289 94.82 37.50 100.33
N VAL L 290 94.46 36.32 100.80
CA VAL L 290 95.33 35.49 101.62
C VAL L 290 95.51 34.13 100.96
N ASP L 291 96.72 33.59 101.05
CA ASP L 291 97.03 32.22 100.67
C ASP L 291 97.00 31.34 101.90
N ALA L 292 96.70 30.05 101.70
CA ALA L 292 96.59 29.11 102.80
C ALA L 292 97.12 27.76 102.38
N ALA L 293 98.27 27.38 102.94
CA ALA L 293 98.85 26.05 102.76
C ALA L 293 98.77 25.27 104.07
N GLY L 294 97.66 25.44 104.78
CA GLY L 294 97.53 25.03 106.16
C GLY L 294 97.84 26.12 107.15
N LYS L 295 98.57 27.16 106.73
CA LYS L 295 98.86 28.33 107.54
C LYS L 295 98.40 29.57 106.77
N ILE L 296 97.78 30.50 107.48
CA ILE L 296 97.28 31.72 106.84
C ILE L 296 98.45 32.64 106.53
N THR L 297 98.64 32.94 105.26
CA THR L 297 99.71 33.83 104.81
C THR L 297 99.21 34.70 103.67
N ILE L 298 99.51 35.99 103.75
CA ILE L 298 99.21 36.92 102.68
C ILE L 298 100.41 36.92 101.74
N GLY L 299 100.18 37.38 100.50
CA GLY L 299 101.20 37.29 99.47
C GLY L 299 102.50 37.97 99.82
N GLY L 300 103.54 37.17 100.08
CA GLY L 300 104.85 37.69 100.42
C GLY L 300 105.07 38.00 101.88
N ASN L 301 104.11 37.71 102.75
CA ASN L 301 104.24 38.02 104.17
C ASN L 301 103.65 36.88 104.98
N ALA L 302 103.66 37.03 106.30
CA ALA L 302 103.22 35.99 107.21
C ALA L 302 101.76 36.13 107.66
N ALA L 303 101.25 37.36 107.75
CA ALA L 303 99.84 37.62 108.03
C ALA L 303 99.41 37.01 109.37
N PHE L 304 100.00 37.53 110.44
CA PHE L 304 99.63 37.10 111.78
C PHE L 304 98.22 37.61 112.14
N LEU L 305 97.72 37.13 113.27
CA LEU L 305 96.43 37.53 113.80
C LEU L 305 96.61 37.93 115.26
N ASN L 306 95.95 39.01 115.66
CA ASN L 306 96.07 39.49 117.04
C ASN L 306 94.79 40.21 117.42
N ALA L 307 94.86 41.04 118.47
CA ALA L 307 93.72 41.82 118.97
C ALA L 307 92.56 40.92 119.40
N ASP L 308 92.83 40.10 120.42
CA ASP L 308 91.80 39.24 120.99
C ASP L 308 90.63 40.07 121.46
N GLY L 309 89.42 39.61 121.16
CA GLY L 309 88.19 40.35 121.39
C GLY L 309 87.76 41.13 120.16
N GLU L 310 88.72 41.65 119.40
CA GLU L 310 88.47 42.32 118.13
C GLU L 310 88.90 41.49 116.93
N LEU L 311 90.05 40.81 117.03
CA LEU L 311 90.42 39.73 116.13
C LEU L 311 90.52 40.18 114.67
N THR L 312 91.49 41.06 114.42
CA THR L 312 91.83 41.46 113.06
C THR L 312 93.16 40.82 112.65
N THR L 313 93.32 40.62 111.35
CA THR L 313 94.52 39.98 110.82
C THR L 313 95.68 40.98 110.85
N ASN L 314 96.52 40.88 111.88
CA ASN L 314 97.61 41.83 112.09
C ASN L 314 98.86 41.28 111.42
N ASP L 315 99.12 41.76 110.19
CA ASP L 315 100.32 41.34 109.49
C ASP L 315 101.59 41.79 110.21
N ALA L 316 101.50 42.80 111.06
CA ALA L 316 102.62 43.22 111.89
C ALA L 316 102.45 42.63 113.29
N SER L 317 103.53 42.07 113.83
CA SER L 317 103.46 41.40 115.12
C SER L 317 103.06 42.36 116.23
N GLY L 318 102.19 41.89 117.12
CA GLY L 318 101.79 42.65 118.28
C GLY L 318 102.07 41.90 119.57
N ALA L 319 103.07 41.02 119.53
CA ALA L 319 103.57 40.21 120.64
C ALA L 319 102.60 39.13 121.10
N LEU L 320 101.40 39.04 120.53
CA LEU L 320 100.42 38.03 120.91
C LEU L 320 99.78 37.44 119.65
N THR L 321 100.62 37.08 118.68
CA THR L 321 100.14 36.65 117.37
C THR L 321 100.22 35.14 117.21
N GLN L 322 99.34 34.61 116.37
CA GLN L 322 99.25 33.17 116.12
C GLN L 322 99.54 32.80 114.67
N ALA L 323 98.86 33.44 113.72
CA ALA L 323 99.08 33.22 112.29
C ALA L 323 98.84 31.77 111.88
N THR L 324 97.59 31.33 112.03
CA THR L 324 97.20 29.99 111.61
C THR L 324 95.73 29.97 111.20
N LEU L 325 95.39 28.99 110.35
CA LEU L 325 94.09 28.99 109.69
C LEU L 325 92.95 28.69 110.65
N ASP L 326 93.10 27.66 111.48
CA ASP L 326 92.00 27.26 112.36
C ASP L 326 91.68 28.36 113.37
N ASP L 327 92.69 29.06 113.85
CA ASP L 327 92.45 30.22 114.71
C ASP L 327 91.65 31.28 113.97
N VAL L 328 91.89 31.43 112.67
CA VAL L 328 91.11 32.37 111.87
C VAL L 328 89.66 31.94 111.79
N LEU L 329 89.43 30.66 111.49
CA LEU L 329 88.05 30.17 111.37
C LEU L 329 87.30 30.30 112.69
N THR L 330 87.94 29.97 113.81
CA THR L 330 87.33 30.26 115.10
C THR L 330 87.19 31.76 115.31
N SER L 331 88.06 32.55 114.68
CA SER L 331 88.09 33.99 114.90
C SER L 331 87.08 34.71 114.03
N VAL L 332 86.92 34.29 112.78
CA VAL L 332 86.12 35.06 111.83
C VAL L 332 84.64 34.89 112.14
N GLY L 333 84.09 35.86 112.85
CA GLY L 333 82.67 35.88 113.16
C GLY L 333 82.16 34.68 113.92
N THR L 334 83.05 33.72 114.20
CA THR L 334 82.65 32.53 114.94
C THR L 334 82.74 32.76 116.44
N GLU L 335 83.65 33.62 116.88
CA GLU L 335 83.78 33.94 118.30
C GLU L 335 83.54 35.42 118.59
N ALA L 336 84.26 36.33 117.94
CA ALA L 336 84.24 37.73 118.37
C ALA L 336 84.14 38.68 117.18
N ASN L 337 83.37 38.31 116.17
CA ASN L 337 83.07 39.22 115.07
C ASN L 337 81.63 39.02 114.63
N SER L 338 81.08 40.05 114.00
CA SER L 338 79.69 40.04 113.54
C SER L 338 79.63 40.46 112.08
N SER L 339 78.78 39.77 111.33
CA SER L 339 78.52 40.09 109.92
C SER L 339 79.80 40.12 109.10
N VAL L 340 80.68 39.14 109.33
CA VAL L 340 81.92 39.00 108.59
C VAL L 340 81.89 37.68 107.85
N THR L 341 82.86 37.48 106.96
CA THR L 341 82.84 36.32 106.08
C THR L 341 84.25 35.99 105.60
N ILE L 342 84.40 34.78 105.07
CA ILE L 342 85.55 34.38 104.29
C ILE L 342 85.09 34.11 102.87
N GLY L 343 85.68 34.82 101.92
CA GLY L 343 85.42 34.64 100.52
C GLY L 343 86.46 33.77 99.85
N GLY L 344 86.70 34.03 98.57
CA GLY L 344 87.69 33.29 97.82
C GLY L 344 87.24 31.89 97.46
N THR L 345 87.72 31.39 96.33
CA THR L 345 87.40 30.05 95.84
C THR L 345 85.87 29.87 95.76
N LYS L 346 85.19 30.96 95.40
CA LYS L 346 83.75 30.96 95.13
C LYS L 346 82.95 30.43 96.32
N TYR L 347 82.99 31.20 97.40
CA TYR L 347 82.06 31.04 98.52
C TYR L 347 82.15 32.30 99.38
N SER L 348 81.21 32.41 100.33
CA SER L 348 81.25 33.49 101.31
C SER L 348 80.65 32.94 102.60
N HIS L 349 81.52 32.45 103.49
CA HIS L 349 81.07 31.86 104.75
C HIS L 349 80.78 32.99 105.74
N SER L 350 79.65 33.65 105.52
CA SER L 350 79.25 34.76 106.38
C SER L 350 78.94 34.27 107.78
N ALA L 351 79.09 35.18 108.75
CA ALA L 351 78.82 34.89 110.15
C ALA L 351 77.49 35.52 110.53
N ALA L 352 76.50 34.68 110.82
CA ALA L 352 75.21 35.20 111.27
C ALA L 352 75.28 35.76 112.68
N ASP L 353 76.05 35.12 113.56
CA ASP L 353 76.13 35.54 114.95
C ASP L 353 77.54 35.25 115.48
N GLU L 354 77.85 35.84 116.62
CA GLU L 354 79.14 35.64 117.28
C GLU L 354 78.94 34.88 118.59
N LEU L 355 79.97 34.11 118.96
CA LEU L 355 79.92 33.24 120.14
C LEU L 355 80.57 33.97 121.31
N SER L 356 79.74 34.48 122.22
CA SER L 356 80.22 34.95 123.50
C SER L 356 80.44 33.82 124.49
N TYR L 357 80.42 32.58 124.01
CA TYR L 357 80.52 31.34 124.76
C TYR L 357 79.31 31.09 125.65
N THR L 358 78.34 32.01 125.68
CA THR L 358 77.01 31.78 126.22
C THR L 358 75.96 31.82 125.13
N ALA L 359 75.88 32.92 124.39
CA ALA L 359 75.09 32.95 123.17
C ALA L 359 75.88 32.29 122.04
N VAL L 360 75.19 31.49 121.23
CA VAL L 360 75.84 30.58 120.30
C VAL L 360 75.90 31.24 118.93
N ALA L 361 77.00 30.99 118.21
CA ALA L 361 77.24 31.55 116.89
C ALA L 361 76.98 30.53 115.80
N THR L 362 77.13 30.97 114.55
CA THR L 362 77.05 30.10 113.40
C THR L 362 77.63 30.82 112.20
N THR L 363 78.42 30.10 111.40
CA THR L 363 78.87 30.58 110.10
C THR L 363 77.91 30.08 109.04
N ALA L 364 77.61 30.92 108.07
CA ALA L 364 76.64 30.56 107.04
C ALA L 364 77.10 31.09 105.69
N ASP L 365 76.93 30.28 104.67
CA ASP L 365 77.15 30.68 103.29
C ASP L 365 75.85 30.49 102.53
N VAL L 366 75.40 31.54 101.84
CA VAL L 366 74.18 31.44 101.05
C VAL L 366 74.58 30.86 99.70
N LEU L 367 74.64 29.53 99.62
CA LEU L 367 75.09 28.87 98.40
C LEU L 367 74.15 29.12 97.24
N SER L 368 72.89 29.49 97.52
CA SER L 368 71.80 29.53 96.56
C SER L 368 71.60 28.19 95.84
N ALA L 369 72.22 27.13 96.33
CA ALA L 369 72.01 25.81 95.79
C ALA L 369 70.62 25.33 96.15
N MET L 370 70.29 24.11 95.71
CA MET L 370 69.01 23.47 96.00
C MET L 370 67.85 24.29 95.41
N GLY L 371 68.19 25.22 94.52
CA GLY L 371 67.24 26.22 94.09
C GLY L 371 66.08 25.67 93.26
N SER L 372 66.37 24.70 92.39
CA SER L 372 65.35 24.22 91.46
C SER L 372 64.17 23.63 92.22
N SER L 373 62.97 24.09 91.88
CA SER L 373 61.77 23.63 92.58
C SER L 373 61.53 22.14 92.36
N THR L 374 62.03 21.60 91.24
CA THR L 374 61.92 20.16 91.00
C THR L 374 62.71 19.38 92.04
N ALA L 375 63.91 19.82 92.36
CA ALA L 375 64.69 19.17 93.41
C ALA L 375 64.07 19.42 94.78
N VAL L 376 63.50 20.61 94.99
CA VAL L 376 62.84 20.91 96.26
C VAL L 376 61.69 19.95 96.49
N SER L 377 60.87 19.72 95.47
CA SER L 377 59.77 18.78 95.60
C SER L 377 60.28 17.39 95.94
N THR L 378 61.31 16.92 95.22
CA THR L 378 61.80 15.56 95.43
C THR L 378 62.35 15.38 96.84
N VAL L 379 63.14 16.34 97.32
CA VAL L 379 63.71 16.21 98.66
C VAL L 379 62.62 16.30 99.72
N THR L 380 61.67 17.24 99.57
CA THR L 380 60.58 17.28 100.53
C THR L 380 59.59 16.15 100.32
N LEU L 381 59.65 15.47 99.17
CA LEU L 381 58.85 14.27 98.93
C LEU L 381 59.69 13.04 99.29
N GLY L 382 59.86 12.87 100.59
CA GLY L 382 60.66 11.77 101.10
C GLY L 382 61.87 12.21 101.90
N SER L 383 61.80 12.02 103.21
CA SER L 383 62.87 12.40 104.12
C SER L 383 62.82 11.44 105.31
N GLY L 384 63.45 11.83 106.41
CA GLY L 384 63.43 11.02 107.61
C GLY L 384 62.31 11.45 108.52
N ILE L 385 62.62 12.20 109.57
CA ILE L 385 61.61 12.81 110.41
C ILE L 385 61.43 14.29 110.07
N THR L 386 61.78 14.68 108.83
CA THR L 386 61.76 16.07 108.41
C THR L 386 60.34 16.46 108.04
N SER L 387 59.69 17.24 108.90
CA SER L 387 58.36 17.76 108.63
C SER L 387 58.50 19.19 108.11
N ALA L 388 58.23 19.38 106.82
CA ALA L 388 58.41 20.66 106.17
C ALA L 388 57.27 21.62 106.51
N ALA L 389 57.36 22.83 105.99
CA ALA L 389 56.32 23.84 106.17
C ALA L 389 56.50 24.89 105.09
N VAL L 390 55.38 25.31 104.48
CA VAL L 390 55.41 26.30 103.41
C VAL L 390 54.35 27.36 103.65
N THR L 391 54.75 28.62 103.58
CA THR L 391 53.85 29.75 103.45
C THR L 391 53.84 30.13 101.97
N PHE L 392 52.69 30.01 101.32
CA PHE L 392 52.64 29.98 99.86
C PHE L 392 51.54 30.89 99.30
N ALA L 393 51.33 32.04 99.92
CA ALA L 393 50.36 33.00 99.43
C ALA L 393 50.70 34.37 100.00
N ILE L 394 49.79 35.33 99.83
CA ILE L 394 49.97 36.67 100.35
C ILE L 394 50.16 36.60 101.86
N ALA L 395 51.11 37.40 102.38
CA ALA L 395 51.38 37.39 103.81
C ALA L 395 50.12 37.68 104.62
N THR L 396 49.25 38.56 104.10
CA THR L 396 47.98 38.81 104.75
C THR L 396 47.02 37.63 104.57
N THR L 397 47.17 36.88 103.49
CA THR L 397 46.16 35.92 103.03
C THR L 397 46.80 34.54 102.88
N ASP L 398 47.47 34.06 103.93
CA ASP L 398 48.11 32.75 103.88
C ASP L 398 48.08 32.10 105.25
N SER L 399 48.53 30.85 105.27
CA SER L 399 48.74 30.06 106.47
C SER L 399 49.94 29.15 106.20
N ASN L 400 50.12 28.11 107.02
CA ASN L 400 51.23 27.20 106.87
C ASN L 400 50.73 25.79 106.59
N ASN L 401 51.53 25.03 105.84
CA ASN L 401 51.20 23.65 105.46
C ASN L 401 52.39 22.76 105.78
N THR L 402 52.19 21.80 106.69
CA THR L 402 53.19 20.80 107.00
C THR L 402 52.99 19.57 106.12
N TRP L 403 53.75 18.51 106.40
CA TRP L 403 53.57 17.26 105.68
C TRP L 403 54.03 16.07 106.51
N VAL L 404 53.63 14.89 106.06
CA VAL L 404 54.23 13.67 106.58
C VAL L 404 55.71 13.65 106.20
N ASP L 405 56.55 13.31 107.18
CA ASP L 405 57.99 13.45 107.00
C ASP L 405 58.50 12.54 105.89
N ASN L 406 58.03 11.30 105.84
CA ASN L 406 58.62 10.30 104.96
C ASN L 406 58.11 10.36 103.53
N LYS L 407 57.03 11.10 103.26
CA LYS L 407 56.54 11.20 101.89
C LYS L 407 56.06 12.60 101.51
N GLY L 408 56.19 13.59 102.38
CA GLY L 408 55.78 14.94 102.02
C GLY L 408 54.32 15.08 101.69
N GLU L 409 53.44 14.45 102.46
CA GLU L 409 52.01 14.52 102.24
C GLU L 409 51.34 15.12 103.47
N LEU L 410 50.33 15.96 103.24
CA LEU L 410 49.62 16.66 104.31
C LEU L 410 48.25 16.05 104.55
N THR L 411 48.02 15.67 105.81
CA THR L 411 46.81 14.97 106.22
C THR L 411 45.75 15.92 106.79
N ASP L 412 46.14 16.80 107.71
CA ASP L 412 45.18 17.68 108.35
C ASP L 412 44.56 18.68 107.39
N ILE L 413 45.14 18.84 106.21
CA ILE L 413 44.63 19.74 105.18
C ILE L 413 44.27 18.90 103.96
N GLN L 414 43.07 19.10 103.43
CA GLN L 414 42.59 18.40 102.26
C GLN L 414 42.20 19.40 101.19
N THR L 415 41.93 18.90 99.98
CA THR L 415 41.53 19.74 98.87
C THR L 415 40.24 19.22 98.27
N PHE L 416 39.25 20.10 98.14
CA PHE L 416 38.02 19.80 97.43
C PHE L 416 38.31 19.66 95.93
N ASP L 417 37.28 19.34 95.16
CA ASP L 417 37.43 19.28 93.71
C ASP L 417 37.98 20.58 93.16
N THR L 418 37.62 21.72 93.77
CA THR L 418 38.07 23.01 93.28
C THR L 418 38.50 23.96 94.40
N SER L 419 38.81 23.45 95.59
CA SER L 419 39.23 24.31 96.68
C SER L 419 40.04 23.51 97.68
N TYR L 420 40.79 24.23 98.51
CA TYR L 420 41.64 23.62 99.54
C TYR L 420 40.92 23.62 100.89
N LYS L 421 39.74 23.01 100.94
CA LYS L 421 38.93 23.02 102.15
C LYS L 421 39.37 21.91 103.10
N ILE L 422 39.34 22.22 104.39
CA ILE L 422 39.95 21.36 105.40
C ILE L 422 39.23 20.02 105.50
N ASN L 423 37.90 20.04 105.46
CA ASN L 423 37.11 18.84 105.70
C ASN L 423 37.52 17.70 104.77
N ALA L 424 37.99 16.61 105.37
CA ALA L 424 38.46 15.48 104.58
C ALA L 424 37.32 14.68 103.94
N ASP L 425 36.09 14.87 104.40
CA ASP L 425 34.95 14.10 103.94
C ASP L 425 33.83 15.04 103.56
N THR L 426 33.09 14.68 102.51
CA THR L 426 31.98 15.50 102.04
C THR L 426 30.62 14.84 102.23
N GLY L 427 30.55 13.51 102.31
CA GLY L 427 29.28 12.84 102.44
C GLY L 427 28.36 13.09 101.26
N GLU L 428 28.90 12.91 100.05
CA GLU L 428 28.12 13.12 98.84
C GLU L 428 26.89 12.23 98.84
N VAL L 429 25.74 12.82 98.53
CA VAL L 429 24.46 12.13 98.57
C VAL L 429 24.11 11.66 97.16
N THR L 430 24.05 10.34 96.98
CA THR L 430 23.71 9.74 95.71
C THR L 430 22.47 8.87 95.89
N VAL L 431 21.50 9.03 95.00
CA VAL L 431 20.26 8.24 95.03
C VAL L 431 20.29 7.28 93.85
N VAL L 432 20.01 6.01 94.12
CA VAL L 432 19.97 5.01 93.06
C VAL L 432 18.66 5.14 92.31
N GLY L 433 18.75 5.26 90.99
CA GLY L 433 17.55 5.41 90.18
C GLY L 433 16.86 4.09 89.96
N ASP L 434 15.74 3.90 90.64
CA ASP L 434 14.98 2.66 90.49
C ASP L 434 14.43 2.58 89.08
N ASN L 435 14.22 1.34 88.61
CA ASN L 435 13.77 1.04 87.25
C ASN L 435 14.81 1.45 86.20
N SER L 436 15.96 1.98 86.62
CA SER L 436 17.02 2.38 85.72
C SER L 436 18.40 1.91 86.15
N ALA L 437 18.60 1.59 87.43
CA ALA L 437 19.91 1.19 87.95
C ALA L 437 20.97 2.27 87.68
N THR L 438 20.58 3.53 87.85
CA THR L 438 21.48 4.66 87.69
C THR L 438 21.66 5.34 89.03
N ALA L 439 22.90 5.45 89.48
CA ALA L 439 23.20 6.09 90.77
C ALA L 439 23.18 7.60 90.57
N GLY L 440 21.96 8.13 90.41
CA GLY L 440 21.77 9.55 90.19
C GLY L 440 22.27 10.41 91.33
N GLN L 441 23.03 11.45 91.01
CA GLN L 441 23.55 12.35 92.03
C GLN L 441 22.39 13.13 92.65
N TYR L 442 22.50 13.40 93.95
CA TYR L 442 21.39 14.00 94.69
C TYR L 442 21.74 15.21 95.53
N ALA L 443 23.00 15.37 95.97
CA ALA L 443 23.35 16.42 96.92
C ALA L 443 23.12 17.83 96.38
N SER L 444 23.88 18.23 95.37
CA SER L 444 23.80 19.60 94.88
C SER L 444 23.60 19.71 93.37
N ALA L 445 24.25 18.85 92.58
CA ALA L 445 24.05 18.89 91.14
C ALA L 445 22.68 18.34 90.75
N ASP L 446 22.06 17.55 91.62
CA ASP L 446 20.66 17.16 91.51
C ASP L 446 20.38 16.42 90.20
N GLY L 447 21.00 15.25 90.08
CA GLY L 447 20.78 14.40 88.93
C GLY L 447 21.92 14.43 87.92
N ALA L 448 23.15 14.31 88.41
CA ALA L 448 24.33 14.44 87.56
C ALA L 448 24.80 13.12 86.97
N LYS L 449 24.09 12.01 87.20
CA LYS L 449 24.41 10.71 86.60
C LYS L 449 25.84 10.29 86.96
N VAL L 450 26.01 9.97 88.24
CA VAL L 450 27.33 9.57 88.74
C VAL L 450 27.82 8.34 88.01
N LEU L 451 29.06 8.41 87.51
CA LEU L 451 29.76 7.26 86.96
C LEU L 451 30.97 6.91 87.83
N VAL L 452 31.45 5.70 87.67
CA VAL L 452 32.62 5.23 88.42
C VAL L 452 33.88 5.62 87.66
N GLY L 453 34.72 6.43 88.29
CA GLY L 453 35.90 6.94 87.62
C GLY L 453 36.99 5.89 87.45
N SER L 454 37.99 6.26 86.64
CA SER L 454 39.09 5.36 86.35
C SER L 454 39.93 5.04 87.59
N ASP L 455 39.86 5.89 88.62
CA ASP L 455 40.58 5.63 89.86
C ASP L 455 39.77 4.71 90.77
N GLY L 456 38.50 4.49 90.45
CA GLY L 456 37.62 3.72 91.30
C GLY L 456 36.74 4.56 92.21
N LYS L 457 36.79 5.88 92.10
CA LYS L 457 35.94 6.77 92.88
C LYS L 457 34.73 7.20 92.05
N LEU L 458 33.67 7.58 92.76
CA LEU L 458 32.48 8.09 92.11
C LEU L 458 32.74 9.48 91.53
N THR L 459 32.20 9.72 90.34
CA THR L 459 32.39 11.01 89.68
C THR L 459 31.24 11.25 88.73
N THR L 460 30.94 12.53 88.51
CA THR L 460 29.89 12.92 87.58
C THR L 460 30.36 12.98 86.14
N GLU L 461 31.67 12.94 85.91
CA GLU L 461 32.19 12.99 84.56
C GLU L 461 32.02 11.63 83.88
N THR L 462 31.42 11.63 82.69
CA THR L 462 31.19 10.38 81.97
C THR L 462 32.48 9.83 81.38
N THR L 463 33.30 10.68 80.79
CA THR L 463 34.50 10.25 80.10
C THR L 463 35.71 10.34 81.03
N SER L 464 36.88 9.98 80.50
CA SER L 464 38.12 10.06 81.24
C SER L 464 39.25 10.39 80.26
N ALA L 465 40.46 10.53 80.80
CA ALA L 465 41.58 10.93 79.96
C ALA L 465 42.05 9.79 79.06
N GLY L 466 42.52 8.69 79.65
CA GLY L 466 43.14 7.64 78.90
C GLY L 466 44.52 8.04 78.40
N ASP L 467 45.30 7.05 77.99
CA ASP L 467 46.68 7.29 77.57
C ASP L 467 46.89 7.03 76.08
N LYS L 468 46.67 5.81 75.59
CA LYS L 468 47.23 5.39 74.29
C LYS L 468 46.68 4.01 73.93
N THR L 469 46.43 3.80 72.64
CA THR L 469 46.02 2.48 72.16
C THR L 469 47.27 1.59 72.11
N THR L 470 47.31 0.56 72.95
CA THR L 470 48.52 -0.24 73.10
C THR L 470 48.91 -0.92 71.80
N ASP L 471 47.93 -1.48 71.09
CA ASP L 471 48.16 -2.18 69.83
C ASP L 471 47.31 -1.51 68.75
N PRO L 472 47.80 -0.42 68.16
CA PRO L 472 46.98 0.35 67.23
C PRO L 472 46.61 -0.42 65.98
N LEU L 473 47.63 -0.94 65.27
CA LEU L 473 47.35 -1.68 64.05
C LEU L 473 46.67 -3.01 64.31
N LYS L 474 46.82 -3.59 65.51
CA LYS L 474 46.03 -4.78 65.83
C LYS L 474 44.54 -4.45 65.86
N THR L 475 44.17 -3.36 66.53
CA THR L 475 42.78 -2.94 66.55
C THR L 475 42.31 -2.55 65.16
N LEU L 476 43.18 -1.90 64.38
CA LEU L 476 42.84 -1.53 63.01
C LEU L 476 42.59 -2.77 62.15
N ASP L 477 43.41 -3.80 62.32
CA ASP L 477 43.22 -5.04 61.57
C ASP L 477 41.95 -5.75 62.01
N ALA L 478 41.64 -5.72 63.30
CA ALA L 478 40.38 -6.30 63.76
C ALA L 478 39.18 -5.57 63.16
N ALA L 479 39.24 -4.24 63.12
CA ALA L 479 38.18 -3.47 62.48
C ALA L 479 38.09 -3.79 61.00
N PHE L 480 39.24 -3.94 60.35
CA PHE L 480 39.26 -4.33 58.93
C PHE L 480 38.59 -5.68 58.73
N THR L 481 38.88 -6.64 59.61
CA THR L 481 38.27 -7.96 59.49
C THR L 481 36.76 -7.89 59.65
N LYS L 482 36.29 -7.15 60.66
CA LYS L 482 34.84 -7.03 60.86
C LYS L 482 34.17 -6.36 59.66
N LEU L 483 34.75 -5.27 59.17
CA LEU L 483 34.17 -4.55 58.05
C LEU L 483 34.17 -5.40 56.79
N ASP L 484 35.25 -6.14 56.55
CA ASP L 484 35.32 -7.02 55.39
C ASP L 484 34.34 -8.18 55.53
N LYS L 485 34.12 -8.67 56.75
CA LYS L 485 33.12 -9.69 56.97
C LYS L 485 31.74 -9.21 56.55
N LEU L 486 31.36 -8.02 57.02
CA LEU L 486 30.05 -7.50 56.63
C LEU L 486 29.97 -7.18 55.14
N THR L 487 31.03 -6.62 54.56
CA THR L 487 31.03 -6.31 53.13
C THR L 487 30.89 -7.58 52.30
N GLY L 488 31.62 -8.63 52.67
CA GLY L 488 31.49 -9.88 51.94
C GLY L 488 30.13 -10.52 52.10
N GLU L 489 29.55 -10.42 53.30
CA GLU L 489 28.22 -10.99 53.50
C GLU L 489 27.19 -10.26 52.64
N LEU L 490 27.28 -8.93 52.58
CA LEU L 490 26.38 -8.17 51.70
C LEU L 490 26.64 -8.46 50.24
N GLY L 491 27.90 -8.67 49.84
CA GLY L 491 28.16 -9.04 48.46
C GLY L 491 27.57 -10.39 48.10
N ALA L 492 27.69 -11.36 49.01
CA ALA L 492 27.11 -12.68 48.78
C ALA L 492 25.59 -12.58 48.65
N VAL L 493 24.95 -11.81 49.55
CA VAL L 493 23.50 -11.70 49.46
C VAL L 493 23.10 -10.93 48.21
N GLN L 494 23.93 -9.99 47.74
CA GLN L 494 23.64 -9.30 46.50
C GLN L 494 23.66 -10.25 45.31
N ASN L 495 24.69 -11.11 45.24
CA ASN L 495 24.74 -12.08 44.15
C ASN L 495 23.57 -13.05 44.22
N ARG L 496 23.24 -13.51 45.42
CA ARG L 496 22.15 -14.47 45.53
C ARG L 496 20.81 -13.83 45.21
N LEU L 497 20.66 -12.53 45.53
CA LEU L 497 19.46 -11.81 45.11
C LEU L 497 19.39 -11.68 43.59
N GLU L 498 20.52 -11.44 42.94
CA GLU L 498 20.51 -11.39 41.47
C GLU L 498 20.08 -12.74 40.90
N SER L 499 20.57 -13.83 41.50
CA SER L 499 20.13 -15.16 41.07
C SER L 499 18.63 -15.34 41.30
N THR L 500 18.11 -14.78 42.40
CA THR L 500 16.66 -14.83 42.61
C THR L 500 15.92 -14.06 41.54
N ILE L 501 16.46 -12.92 41.09
CA ILE L 501 15.83 -12.21 39.97
C ILE L 501 15.76 -13.11 38.75
N ALA L 502 16.87 -13.77 38.43
CA ALA L 502 16.87 -14.64 37.25
C ALA L 502 15.85 -15.77 37.39
N ASN L 503 15.85 -16.44 38.55
CA ASN L 503 14.93 -17.56 38.75
C ASN L 503 13.48 -17.09 38.73
N LEU L 504 13.19 -15.97 39.38
CA LEU L 504 11.83 -15.45 39.41
C LEU L 504 11.35 -15.08 38.02
N ASN L 505 12.23 -14.45 37.22
CA ASN L 505 11.84 -14.13 35.86
C ASN L 505 11.55 -15.38 35.04
N ASN L 506 12.41 -16.39 35.16
CA ASN L 506 12.18 -17.63 34.42
C ASN L 506 10.85 -18.26 34.81
N VAL L 507 10.58 -18.34 36.12
CA VAL L 507 9.34 -18.97 36.57
C VAL L 507 8.14 -18.14 36.16
N VAL L 508 8.27 -16.81 36.18
CA VAL L 508 7.17 -15.94 35.74
C VAL L 508 6.83 -16.21 34.28
N ASN L 509 7.85 -16.26 33.42
CA ASN L 509 7.60 -16.51 32.01
C ASN L 509 6.97 -17.87 31.79
N ASN L 510 7.50 -18.90 32.45
CA ASN L 510 6.96 -20.24 32.26
C ASN L 510 5.52 -20.33 32.79
N LEU L 511 5.23 -19.68 33.91
CA LEU L 511 3.88 -19.71 34.46
C LEU L 511 2.91 -18.92 33.58
N SER L 512 3.38 -17.83 32.97
CA SER L 512 2.53 -17.10 32.03
C SER L 512 2.21 -17.97 30.82
N SER L 513 3.20 -18.71 30.32
CA SER L 513 2.93 -19.64 29.23
C SER L 513 1.95 -20.73 29.67
N ALA L 514 2.09 -21.22 30.90
CA ALA L 514 1.18 -22.24 31.40
C ALA L 514 -0.25 -21.70 31.49
N ARG L 515 -0.40 -20.47 31.96
CA ARG L 515 -1.71 -19.84 32.01
C ARG L 515 -2.28 -19.68 30.60
N SER L 516 -1.44 -19.28 29.65
CA SER L 516 -1.88 -19.12 28.28
C SER L 516 -2.38 -20.43 27.69
N ARG L 517 -1.70 -21.54 28.02
CA ARG L 517 -2.07 -22.83 27.46
C ARG L 517 -3.49 -23.23 27.79
N ILE L 518 -4.08 -22.67 28.85
CA ILE L 518 -5.43 -23.05 29.27
C ILE L 518 -6.41 -21.88 29.22
N GLN L 519 -5.95 -20.65 29.06
CA GLN L 519 -6.81 -19.48 29.20
C GLN L 519 -7.04 -18.78 27.86
N ASP L 520 -5.99 -18.46 27.13
CA ASP L 520 -6.14 -17.65 25.94
C ASP L 520 -6.77 -18.45 24.81
N ALA L 521 -7.25 -17.73 23.80
CA ALA L 521 -8.03 -18.31 22.71
C ALA L 521 -7.17 -18.50 21.48
N ASP L 522 -7.28 -19.69 20.87
CA ASP L 522 -6.60 -19.96 19.61
C ASP L 522 -7.38 -19.30 18.49
N TYR L 523 -7.01 -18.05 18.16
CA TYR L 523 -7.82 -17.23 17.26
C TYR L 523 -8.06 -17.88 15.91
N ALA L 524 -7.16 -18.74 15.45
CA ALA L 524 -7.44 -19.48 14.23
C ALA L 524 -8.70 -20.32 14.40
N THR L 525 -8.76 -21.13 15.46
CA THR L 525 -9.92 -21.97 15.70
C THR L 525 -11.15 -21.14 16.02
N GLU L 526 -11.00 -20.09 16.82
CA GLU L 526 -12.15 -19.27 17.18
C GLU L 526 -12.75 -18.58 15.97
N VAL L 527 -11.90 -18.04 15.09
CA VAL L 527 -12.41 -17.39 13.88
C VAL L 527 -13.04 -18.42 12.95
N SER L 528 -12.45 -19.61 12.85
CA SER L 528 -13.08 -20.65 12.05
C SER L 528 -14.46 -21.00 12.58
N ASN L 529 -14.59 -21.14 13.90
CA ASN L 529 -15.89 -21.43 14.50
C ASN L 529 -16.87 -20.27 14.29
N MET L 530 -16.38 -19.04 14.36
CA MET L 530 -17.26 -17.89 14.16
C MET L 530 -17.80 -17.86 12.73
N SER L 531 -16.93 -18.07 11.75
CA SER L 531 -17.37 -18.11 10.36
C SER L 531 -18.33 -19.26 10.13
N LYS L 532 -18.01 -20.43 10.70
CA LYS L 532 -18.91 -21.58 10.57
C LYS L 532 -20.27 -21.29 11.18
N ALA L 533 -20.29 -20.64 12.35
CA ALA L 533 -21.55 -20.34 13.01
C ALA L 533 -22.35 -19.33 12.22
N GLN L 534 -21.67 -18.37 11.57
CA GLN L 534 -22.38 -17.45 10.69
C GLN L 534 -23.01 -18.18 9.51
N ILE L 535 -22.27 -19.13 8.93
CA ILE L 535 -22.83 -19.90 7.82
C ILE L 535 -24.04 -20.68 8.29
N LEU L 536 -23.94 -21.31 9.47
CA LEU L 536 -25.09 -22.02 10.02
C LEU L 536 -26.26 -21.08 10.28
N GLN L 537 -25.99 -19.86 10.73
CA GLN L 537 -27.06 -18.91 10.99
C GLN L 537 -27.80 -18.56 9.70
N GLN L 538 -27.05 -18.23 8.64
CA GLN L 538 -27.71 -17.87 7.39
C GLN L 538 -28.45 -19.06 6.78
N ALA L 539 -27.83 -20.24 6.82
CA ALA L 539 -28.51 -21.44 6.32
C ALA L 539 -29.76 -21.74 7.13
N GLY L 540 -29.68 -21.58 8.46
CA GLY L 540 -30.83 -21.86 9.30
C GLY L 540 -31.97 -20.90 9.07
N THR L 541 -31.67 -19.61 8.95
CA THR L 541 -32.75 -18.67 8.69
C THR L 541 -33.35 -18.87 7.30
N SER L 542 -32.53 -19.25 6.31
CA SER L 542 -33.09 -19.54 4.99
C SER L 542 -33.98 -20.77 5.01
N VAL L 543 -33.50 -21.85 5.64
CA VAL L 543 -34.29 -23.07 5.67
C VAL L 543 -35.55 -22.87 6.50
N LEU L 544 -35.48 -22.05 7.55
CA LEU L 544 -36.68 -21.74 8.31
C LEU L 544 -37.66 -20.91 7.49
N ALA L 545 -37.15 -19.98 6.68
CA ALA L 545 -38.03 -19.24 5.78
C ALA L 545 -38.77 -20.17 4.85
N GLN L 546 -38.04 -21.05 4.16
CA GLN L 546 -38.70 -22.06 3.33
C GLN L 546 -39.56 -23.04 4.13
N ALA L 547 -39.30 -23.21 5.43
CA ALA L 547 -40.17 -24.05 6.24
C ALA L 547 -41.48 -23.36 6.55
N ASN L 548 -41.49 -22.03 6.59
CA ASN L 548 -42.72 -21.30 6.90
C ASN L 548 -43.74 -21.42 5.77
N GLN L 549 -43.31 -21.62 4.52
CA GLN L 549 -44.25 -21.79 3.43
C GLN L 549 -44.61 -23.25 3.18
N VAL L 550 -44.19 -24.17 4.04
CA VAL L 550 -44.67 -25.55 3.94
C VAL L 550 -46.19 -25.61 4.05
N PRO L 551 -46.86 -24.93 4.98
CA PRO L 551 -48.33 -24.94 4.97
C PRO L 551 -48.95 -24.11 3.85
N GLN L 552 -48.17 -23.29 3.15
CA GLN L 552 -48.74 -22.50 2.05
C GLN L 552 -49.33 -23.40 0.97
N THR L 553 -48.67 -24.51 0.67
CA THR L 553 -49.19 -25.44 -0.33
C THR L 553 -50.59 -25.92 0.03
N VAL L 554 -50.88 -26.05 1.33
CA VAL L 554 -52.24 -26.38 1.76
C VAL L 554 -53.21 -25.30 1.34
N LEU L 555 -52.80 -24.03 1.46
CA LEU L 555 -53.69 -22.94 1.13
C LEU L 555 -53.66 -22.69 -0.37
N SER L 556 -53.84 -23.76 -1.15
CA SER L 556 -54.17 -23.67 -2.56
C SER L 556 -55.49 -24.36 -2.87
N LEU L 557 -55.61 -25.62 -2.49
CA LEU L 557 -56.88 -26.31 -2.55
C LEU L 557 -57.79 -25.81 -1.42
N LEU L 558 -59.05 -25.58 -1.76
CA LEU L 558 -59.98 -25.01 -0.79
C LEU L 558 -61.41 -25.48 -1.06
N ALA M 2 -41.46 11.57 11.15
CA ALA M 2 -42.08 10.24 11.13
C ALA M 2 -41.74 9.51 9.84
N ALA M 3 -42.66 9.53 8.88
CA ALA M 3 -42.46 8.92 7.58
C ALA M 3 -42.37 9.95 6.47
N VAL M 4 -41.75 11.09 6.74
CA VAL M 4 -41.70 12.17 5.77
C VAL M 4 -40.46 12.02 4.89
N ILE M 5 -40.59 12.40 3.63
CA ILE M 5 -39.47 12.40 2.69
C ILE M 5 -39.15 13.82 2.22
N ASN M 6 -40.15 14.70 2.15
CA ASN M 6 -39.95 16.04 1.60
C ASN M 6 -38.80 16.75 2.30
N THR M 7 -38.81 16.77 3.63
CA THR M 7 -37.71 17.32 4.40
C THR M 7 -37.20 16.25 5.35
N ASN M 8 -35.90 16.01 5.33
CA ASN M 8 -35.26 15.05 6.24
C ASN M 8 -34.41 15.86 7.22
N TYR M 9 -34.91 15.99 8.45
CA TYR M 9 -34.23 16.80 9.45
C TYR M 9 -32.87 16.22 9.81
N LEU M 10 -32.77 14.89 9.86
CA LEU M 10 -31.50 14.25 10.23
C LEU M 10 -30.40 14.57 9.24
N SER M 11 -30.75 14.62 7.95
CA SER M 11 -29.76 15.00 6.95
C SER M 11 -29.22 16.40 7.21
N LEU M 12 -30.11 17.33 7.55
CA LEU M 12 -29.68 18.70 7.83
C LEU M 12 -28.78 18.75 9.06
N VAL M 13 -29.12 17.99 10.10
CA VAL M 13 -28.28 17.95 11.30
C VAL M 13 -26.90 17.42 10.95
N ALA M 14 -26.85 16.35 10.15
CA ALA M 14 -25.57 15.78 9.76
C ALA M 14 -24.76 16.77 8.94
N GLN M 15 -25.40 17.48 8.02
CA GLN M 15 -24.70 18.47 7.22
C GLN M 15 -24.11 19.57 8.10
N ASN M 16 -24.87 20.06 9.07
CA ASN M 16 -24.37 21.12 9.93
C ASN M 16 -23.20 20.66 10.77
N ASN M 17 -23.30 19.46 11.36
CA ASN M 17 -22.18 18.97 12.17
C ASN M 17 -20.95 18.71 11.32
N LEU M 18 -21.14 18.21 10.09
CA LEU M 18 -20.03 18.03 9.17
C LEU M 18 -19.40 19.39 8.82
N ASN M 19 -20.22 20.43 8.69
CA ASN M 19 -19.69 21.75 8.43
C ASN M 19 -18.85 22.26 9.59
N LYS M 20 -19.31 22.04 10.83
CA LYS M 20 -18.51 22.42 11.98
C LYS M 20 -17.18 21.68 12.00
N SER M 21 -17.21 20.38 11.74
CA SER M 21 -15.98 19.60 11.72
C SER M 21 -15.04 20.07 10.62
N GLN M 22 -15.59 20.39 9.44
CA GLN M 22 -14.76 20.85 8.34
C GLN M 22 -14.15 22.22 8.63
N SER M 23 -14.89 23.09 9.31
CA SER M 23 -14.32 24.38 9.71
C SER M 23 -13.16 24.17 10.67
N SER M 24 -13.32 23.27 11.65
CA SER M 24 -12.22 22.98 12.56
C SER M 24 -11.03 22.41 11.80
N LEU M 25 -11.29 21.52 10.85
CA LEU M 25 -10.21 20.94 10.05
C LEU M 25 -9.50 22.02 9.25
N GLY M 26 -10.26 22.96 8.69
CA GLY M 26 -9.65 24.03 7.92
C GLY M 26 -8.75 24.91 8.76
N THR M 27 -9.21 25.27 9.95
CA THR M 27 -8.36 26.07 10.84
C THR M 27 -7.11 25.30 11.23
N ALA M 28 -7.25 24.00 11.53
CA ALA M 28 -6.09 23.21 11.89
C ALA M 28 -5.09 23.13 10.74
N ILE M 29 -5.58 22.91 9.52
CA ILE M 29 -4.71 22.78 8.37
C ILE M 29 -4.02 24.11 8.07
N GLU M 30 -4.74 25.22 8.20
CA GLU M 30 -4.13 26.53 8.01
C GLU M 30 -3.04 26.77 9.04
N ARG M 31 -3.30 26.40 10.30
CA ARG M 31 -2.28 26.58 11.33
C ARG M 31 -1.05 25.72 11.04
N LEU M 32 -1.26 24.48 10.58
CA LEU M 32 -0.13 23.62 10.24
C LEU M 32 0.69 24.19 9.10
N SER M 33 0.01 24.56 8.00
CA SER M 33 0.73 25.03 6.82
C SER M 33 1.46 26.34 7.10
N SER M 34 0.76 27.32 7.66
CA SER M 34 1.39 28.60 7.96
C SER M 34 2.39 28.48 9.09
N GLY M 35 2.12 27.63 10.07
CA GLY M 35 2.95 27.50 11.24
C GLY M 35 2.70 28.53 12.31
N LEU M 36 1.75 29.43 12.11
CA LEU M 36 1.42 30.48 13.07
C LEU M 36 0.01 30.23 13.59
N ARG M 37 -0.12 30.10 14.92
CA ARG M 37 -1.45 29.89 15.49
C ARG M 37 -2.34 31.10 15.24
N ILE M 38 -1.81 32.30 15.43
CA ILE M 38 -2.57 33.53 15.23
C ILE M 38 -2.30 34.00 13.79
N ASN M 39 -3.09 33.45 12.88
CA ASN M 39 -3.10 33.87 11.49
C ASN M 39 -4.53 34.23 11.13
N SER M 40 -4.69 35.23 10.24
CA SER M 40 -6.03 35.71 9.88
C SER M 40 -6.77 36.20 11.11
N ALA M 41 -6.35 37.39 11.57
CA ALA M 41 -6.54 37.90 12.93
C ALA M 41 -7.87 37.56 13.59
N LYS M 42 -8.89 37.22 12.80
CA LYS M 42 -10.13 36.69 13.35
C LYS M 42 -9.89 35.66 14.45
N ASP M 43 -8.75 34.97 14.42
CA ASP M 43 -8.34 34.10 15.50
C ASP M 43 -7.50 34.92 16.48
N ASP M 44 -8.08 35.22 17.65
CA ASP M 44 -7.39 35.90 18.75
C ASP M 44 -6.84 37.25 18.25
N ALA M 45 -7.78 38.19 18.09
CA ALA M 45 -7.45 39.47 17.47
C ALA M 45 -6.36 40.21 18.23
N ALA M 46 -6.42 40.22 19.56
CA ALA M 46 -5.42 40.92 20.35
C ALA M 46 -4.05 40.28 20.19
N GLY M 47 -4.01 38.95 20.02
CA GLY M 47 -2.74 38.28 19.87
C GLY M 47 -1.97 38.75 18.65
N MET M 48 -2.67 38.99 17.54
CA MET M 48 -1.97 39.45 16.35
C MET M 48 -1.43 40.85 16.54
N ALA M 49 -2.16 41.71 17.26
CA ALA M 49 -1.63 43.04 17.56
C ALA M 49 -0.38 42.95 18.43
N ILE M 50 -0.40 42.09 19.45
CA ILE M 50 0.77 41.90 20.29
C ILE M 50 1.94 41.37 19.46
N ALA M 51 1.68 40.40 18.60
CA ALA M 51 2.73 39.84 17.77
C ALA M 51 3.26 40.86 16.77
N ASN M 52 2.38 41.71 16.25
CA ASN M 52 2.82 42.77 15.35
C ASN M 52 3.77 43.72 16.04
N ARG M 53 3.39 44.17 17.25
CA ARG M 53 4.28 45.04 18.01
C ARG M 53 5.59 44.35 18.32
N PHE M 54 5.53 43.07 18.68
CA PHE M 54 6.74 42.32 19.01
C PHE M 54 7.65 42.18 17.78
N THR M 55 7.07 41.89 16.62
CA THR M 55 7.87 41.80 15.40
C THR M 55 8.52 43.13 15.07
N ALA M 56 7.76 44.22 15.17
CA ALA M 56 8.35 45.54 14.92
C ALA M 56 9.51 45.78 15.86
N ASN M 57 9.34 45.48 17.14
CA ASN M 57 10.40 45.67 18.10
C ASN M 57 11.61 44.79 17.78
N VAL M 58 11.37 43.54 17.39
CA VAL M 58 12.47 42.61 17.15
C VAL M 58 13.29 43.04 15.96
N ARG M 59 12.64 43.35 14.83
CA ARG M 59 13.37 43.79 13.66
C ARG M 59 14.09 45.11 13.93
N GLY M 60 13.42 46.04 14.63
CA GLY M 60 14.09 47.27 14.99
C GLY M 60 15.33 47.06 15.83
N LEU M 61 15.24 46.15 16.81
CA LEU M 61 16.38 45.91 17.69
C LEU M 61 17.52 45.21 16.95
N THR M 62 17.21 44.28 16.05
CA THR M 62 18.27 43.67 15.25
C THR M 62 18.96 44.69 14.37
N GLN M 63 18.17 45.56 13.73
CA GLN M 63 18.76 46.62 12.91
C GLN M 63 19.58 47.57 13.79
N ALA M 64 19.13 47.80 15.02
CA ALA M 64 19.89 48.60 15.97
C ALA M 64 21.21 47.94 16.33
N ALA M 65 21.20 46.62 16.48
CA ALA M 65 22.45 45.90 16.73
C ALA M 65 23.41 46.06 15.56
N ARG M 66 22.87 46.01 14.33
CA ARG M 66 23.72 46.27 13.17
C ARG M 66 24.28 47.68 13.20
N ASN M 67 23.45 48.66 13.57
CA ASN M 67 23.92 50.04 13.67
C ASN M 67 25.01 50.17 14.73
N ALA M 68 24.83 49.50 15.87
CA ALA M 68 25.84 49.54 16.92
C ALA M 68 27.14 48.88 16.47
N ASN M 69 27.04 47.81 15.68
CA ASN M 69 28.25 47.20 15.13
C ASN M 69 28.98 48.18 14.20
N ASP M 70 28.22 48.90 13.38
CA ASP M 70 28.83 49.93 12.53
C ASP M 70 29.50 51.00 13.38
N GLY M 71 28.86 51.40 14.47
CA GLY M 71 29.48 52.37 15.37
C GLY M 71 30.76 51.85 15.99
N ILE M 72 30.77 50.57 16.38
CA ILE M 72 31.98 49.96 16.91
C ILE M 72 33.09 50.02 15.89
N SER M 73 32.77 49.70 14.63
CA SER M 73 33.79 49.73 13.59
C SER M 73 34.31 51.14 13.36
N LEU M 74 33.41 52.13 13.36
CA LEU M 74 33.84 53.52 13.22
C LEU M 74 34.78 53.93 14.34
N ALA M 75 34.43 53.56 15.57
CA ALA M 75 35.30 53.83 16.71
C ALA M 75 36.65 53.14 16.54
N GLN M 76 36.65 51.93 15.99
CA GLN M 76 37.90 51.21 15.77
C GLN M 76 38.79 51.93 14.77
N THR M 77 38.20 52.40 13.66
CA THR M 77 39.00 53.15 12.69
C THR M 77 39.58 54.41 13.31
N THR M 78 38.75 55.16 14.04
CA THR M 78 39.23 56.38 14.69
C THR M 78 40.34 56.05 15.70
N GLU M 79 40.18 54.97 16.44
CA GLU M 79 41.18 54.56 17.43
C GLU M 79 42.50 54.19 16.75
N GLY M 80 42.43 53.49 15.62
CA GLY M 80 43.65 53.14 14.91
C GLY M 80 44.38 54.37 14.39
N ALA M 81 43.63 55.30 13.78
CA ALA M 81 44.26 56.53 13.31
C ALA M 81 44.88 57.31 14.46
N ALA M 82 44.16 57.40 15.59
CA ALA M 82 44.71 58.09 16.76
C ALA M 82 45.95 57.40 17.29
N SER M 83 45.99 56.06 17.25
CA SER M 83 47.17 55.34 17.69
C SER M 83 48.36 55.65 16.80
N GLU M 84 48.11 55.78 15.50
CA GLU M 84 49.21 56.16 14.60
C GLU M 84 49.68 57.59 14.88
N VAL M 85 48.75 58.50 15.16
CA VAL M 85 49.16 59.84 15.57
C VAL M 85 49.98 59.77 16.85
N ASN M 86 49.62 58.86 17.76
CA ASN M 86 50.37 58.70 19.00
C ASN M 86 51.79 58.23 18.73
N THR M 87 51.95 57.21 17.88
CA THR M 87 53.29 56.73 17.61
C THR M 87 54.12 57.76 16.87
N HIS M 88 53.48 58.64 16.11
CA HIS M 88 54.18 59.80 15.60
C HIS M 88 54.66 60.69 16.74
N LEU M 89 53.73 61.08 17.61
CA LEU M 89 54.06 62.04 18.67
C LEU M 89 55.20 61.53 19.55
N GLN M 90 55.31 60.21 19.72
CA GLN M 90 56.46 59.67 20.43
C GLN M 90 57.76 60.02 19.71
N ARG M 91 57.78 59.90 18.39
CA ARG M 91 58.99 60.20 17.64
C ARG M 91 59.31 61.69 17.67
N ILE M 92 58.29 62.54 17.53
CA ILE M 92 58.54 63.98 17.67
C ILE M 92 59.10 64.31 19.05
N ARG M 93 58.55 63.69 20.11
CA ARG M 93 59.06 63.97 21.44
C ARG M 93 60.50 63.51 21.59
N GLU M 94 60.83 62.32 21.09
CA GLU M 94 62.20 61.83 21.19
C GLU M 94 63.16 62.74 20.45
N LEU M 95 62.78 63.16 19.24
CA LEU M 95 63.66 64.04 18.46
C LEU M 95 63.78 65.42 19.10
N THR M 96 62.71 65.91 19.73
CA THR M 96 62.81 67.19 20.43
C THR M 96 63.76 67.09 21.62
N VAL M 97 63.71 65.96 22.35
CA VAL M 97 64.67 65.74 23.42
C VAL M 97 66.08 65.69 22.86
N GLN M 98 66.26 65.05 21.71
CA GLN M 98 67.58 64.95 21.10
C GLN M 98 68.10 66.34 20.72
N ALA M 99 67.28 67.13 20.03
CA ALA M 99 67.72 68.41 19.53
C ALA M 99 67.79 69.47 20.62
N SER M 100 67.13 69.26 21.76
CA SER M 100 67.29 70.18 22.88
C SER M 100 68.72 70.22 23.39
N ASN M 101 69.50 69.18 23.12
CA ASN M 101 70.92 69.22 23.43
C ASN M 101 71.61 70.30 22.61
N GLY M 102 72.47 71.08 23.27
CA GLY M 102 73.12 72.18 22.59
C GLY M 102 74.36 71.81 21.80
N SER M 103 74.82 70.55 21.91
CA SER M 103 76.04 70.16 21.22
C SER M 103 75.87 70.15 19.71
N TYR M 104 74.67 69.82 19.23
CA TYR M 104 74.44 69.74 17.79
C TYR M 104 74.52 71.12 17.15
N SER M 105 75.17 71.19 15.99
CA SER M 105 75.28 72.45 15.27
C SER M 105 73.95 72.76 14.58
N GLN M 106 73.90 73.91 13.92
CA GLN M 106 72.64 74.39 13.38
C GLN M 106 72.13 73.48 12.26
N GLU M 107 73.05 72.92 11.46
CA GLU M 107 72.64 72.10 10.33
C GLU M 107 71.95 70.80 10.78
N GLN M 108 72.47 70.17 11.81
CA GLN M 108 71.83 68.97 12.32
C GLN M 108 70.45 69.27 12.88
N LEU M 109 70.31 70.39 13.58
CA LEU M 109 68.97 70.81 14.02
C LEU M 109 68.06 71.08 12.84
N ASP M 110 68.62 71.60 11.75
CA ASP M 110 67.81 71.81 10.54
C ASP M 110 67.31 70.49 9.97
N SER M 111 68.17 69.49 9.91
CA SER M 111 67.73 68.17 9.43
C SER M 111 66.68 67.58 10.35
N VAL M 112 66.89 67.69 11.67
CA VAL M 112 65.92 67.17 12.63
C VAL M 112 64.58 67.89 12.47
N GLN M 113 64.62 69.21 12.28
CA GLN M 113 63.39 69.97 12.10
C GLN M 113 62.72 69.62 10.78
N GLY M 114 63.49 69.27 9.76
CA GLY M 114 62.88 68.78 8.53
C GLY M 114 62.14 67.48 8.76
N GLU M 115 62.75 66.57 9.51
CA GLU M 115 62.05 65.33 9.85
C GLU M 115 60.78 65.62 10.66
N ILE M 116 60.88 66.55 11.61
CA ILE M 116 59.73 66.89 12.45
C ILE M 116 58.61 67.49 11.60
N ASN M 117 58.97 68.39 10.68
CA ASN M 117 57.98 68.98 9.79
C ASN M 117 57.31 67.91 8.94
N GLN M 118 58.09 66.94 8.48
CA GLN M 118 57.50 65.84 7.73
C GLN M 118 56.52 65.04 8.59
N ARG M 119 56.88 64.79 9.85
CA ARG M 119 55.98 64.05 10.74
C ARG M 119 54.70 64.83 10.99
N LEU M 120 54.81 66.14 11.21
CA LEU M 120 53.61 66.96 11.41
C LEU M 120 52.75 67.00 10.16
N ALA M 121 53.37 67.07 8.98
CA ALA M 121 52.62 66.98 7.75
C ALA M 121 51.90 65.65 7.65
N ASP M 122 52.55 64.58 8.13
CA ASP M 122 51.88 63.28 8.14
C ASP M 122 50.70 63.27 9.09
N ILE M 123 50.83 63.93 10.24
CA ILE M 123 49.71 64.02 11.17
C ILE M 123 48.53 64.73 10.53
N ASP M 124 48.81 65.86 9.85
CA ASP M 124 47.74 66.55 9.13
C ASP M 124 47.17 65.68 8.02
N ARG M 125 48.02 64.91 7.35
CA ARG M 125 47.57 63.96 6.34
C ARG M 125 46.59 62.95 6.94
N ILE M 126 46.96 62.38 8.07
CA ILE M 126 46.11 61.38 8.74
C ILE M 126 44.78 61.99 9.11
N SER M 127 44.81 63.21 9.65
CA SER M 127 43.58 63.85 10.09
C SER M 127 42.67 64.17 8.92
N GLU M 128 43.21 64.77 7.86
CA GLU M 128 42.38 65.19 6.74
C GLU M 128 41.98 64.04 5.83
N GLN M 129 42.60 62.87 5.95
CA GLN M 129 42.41 61.84 4.95
C GLN M 129 41.81 60.54 5.50
N THR M 130 41.73 60.38 6.81
CA THR M 130 41.11 59.19 7.37
C THR M 130 39.61 59.22 7.07
N ASP M 131 39.08 58.13 6.54
CA ASP M 131 37.72 58.12 6.03
C ASP M 131 36.97 56.89 6.53
N PHE M 132 35.65 57.02 6.59
CA PHE M 132 34.77 55.89 6.92
C PHE M 132 33.40 56.22 6.34
N ASN M 133 33.03 55.52 5.26
CA ASN M 133 31.74 55.74 4.61
C ASN M 133 31.57 57.19 4.19
N GLY M 134 32.63 57.79 3.67
CA GLY M 134 32.56 59.17 3.24
C GLY M 134 32.54 60.18 4.36
N VAL M 135 32.80 59.77 5.58
CA VAL M 135 32.83 60.67 6.74
C VAL M 135 34.26 60.70 7.26
N LYS M 136 34.89 61.87 7.18
CA LYS M 136 36.26 62.04 7.67
C LYS M 136 36.18 62.16 9.18
N VAL M 137 36.22 61.00 9.86
CA VAL M 137 35.93 60.95 11.28
C VAL M 137 36.95 61.72 12.09
N LEU M 138 38.24 61.56 11.79
CA LEU M 138 39.28 62.20 12.57
C LEU M 138 39.76 63.48 11.86
N SER M 139 38.83 64.38 11.56
CA SER M 139 39.19 65.51 10.72
C SER M 139 38.75 66.85 11.29
N ASP M 140 38.92 67.91 10.50
CA ASP M 140 38.52 69.24 10.94
C ASP M 140 37.01 69.43 10.89
N SER M 141 36.30 68.62 10.11
CA SER M 141 34.85 68.72 9.98
C SER M 141 34.28 67.34 10.31
N ALA M 142 34.06 67.11 11.61
CA ALA M 142 33.50 65.83 12.05
C ALA M 142 32.66 66.10 13.30
N LYS M 143 31.37 66.31 13.09
CA LYS M 143 30.48 66.49 14.22
C LYS M 143 30.17 65.15 14.86
N PRO M 144 29.85 65.14 16.15
CA PRO M 144 29.52 63.88 16.82
C PRO M 144 28.32 63.21 16.18
N LEU M 145 28.33 61.88 16.17
CA LEU M 145 27.31 61.10 15.48
C LEU M 145 26.15 60.81 16.42
N THR M 146 25.19 60.00 15.94
CA THR M 146 24.01 59.66 16.72
C THR M 146 24.00 58.19 17.11
N LEU M 147 24.06 57.28 16.15
CA LEU M 147 24.14 55.84 16.39
C LEU M 147 22.94 55.35 17.22
N GLN M 148 21.76 55.50 16.63
CA GLN M 148 20.54 55.07 17.30
C GLN M 148 20.58 53.57 17.57
N VAL M 149 20.19 53.18 18.79
CA VAL M 149 20.07 51.78 19.18
C VAL M 149 18.68 51.56 19.75
N GLY M 150 17.80 50.97 18.95
CA GLY M 150 16.49 50.60 19.41
C GLY M 150 15.38 51.27 18.62
N ALA M 151 14.18 50.74 18.71
CA ALA M 151 13.02 51.41 18.15
C ALA M 151 12.62 52.54 19.09
N ASN M 152 11.50 53.20 18.81
CA ASN M 152 11.02 54.31 19.62
C ASN M 152 12.08 55.41 19.74
N ASP M 153 12.36 56.02 18.58
CA ASP M 153 13.47 56.94 18.43
C ASP M 153 13.48 58.01 19.52
N GLY M 154 14.67 58.54 19.79
CA GLY M 154 14.87 59.48 20.87
C GLY M 154 16.13 59.13 21.63
N GLU M 155 16.74 58.01 21.27
CA GLU M 155 17.95 57.51 21.91
C GLU M 155 19.10 57.53 20.90
N THR M 156 20.27 57.94 21.37
CA THR M 156 21.46 58.00 20.54
C THR M 156 22.67 57.59 21.37
N ILE M 157 23.81 57.51 20.70
CA ILE M 157 25.12 57.47 21.36
C ILE M 157 25.97 58.53 20.66
N THR M 158 26.05 59.70 21.27
CA THR M 158 26.92 60.75 20.75
C THR M 158 28.37 60.30 20.87
N LEU M 159 29.12 60.37 19.76
CA LEU M 159 30.47 59.86 19.72
C LEU M 159 31.52 60.89 20.16
N ASN M 160 31.33 62.15 19.80
CA ASN M 160 32.23 63.24 20.20
C ASN M 160 33.66 62.94 19.74
N LEU M 161 33.82 62.84 18.43
CA LEU M 161 35.12 62.61 17.83
C LEU M 161 35.39 63.71 16.80
N SER M 162 36.52 64.38 16.94
CA SER M 162 36.93 65.44 16.02
C SER M 162 38.29 65.98 16.45
N GLU M 163 38.97 66.63 15.50
CA GLU M 163 40.09 67.53 15.78
C GLU M 163 41.23 66.81 16.50
N ILE M 164 41.86 65.89 15.77
CA ILE M 164 43.17 65.38 16.13
C ILE M 164 44.10 65.67 14.96
N SER M 165 44.86 66.77 15.06
CA SER M 165 45.70 67.25 13.99
C SER M 165 46.52 68.43 14.47
N VAL M 166 47.37 68.98 13.61
CA VAL M 166 47.82 70.33 13.86
C VAL M 166 46.63 71.27 13.68
N LYS M 167 46.77 72.49 14.21
CA LYS M 167 45.74 73.52 14.28
C LYS M 167 44.73 73.14 15.37
N THR M 168 44.89 71.96 15.96
CA THR M 168 44.10 71.59 17.13
C THR M 168 44.88 70.89 18.23
N LEU M 169 46.01 70.24 17.93
CA LEU M 169 46.84 69.71 19.01
C LEU M 169 47.66 70.80 19.69
N GLY M 170 47.79 71.97 19.06
CA GLY M 170 48.46 73.10 19.66
C GLY M 170 49.89 73.30 19.20
N LEU M 171 50.52 72.28 18.62
CA LEU M 171 51.93 72.42 18.27
C LEU M 171 52.10 73.49 17.21
N ASP M 172 51.72 73.17 15.97
CA ASP M 172 51.35 74.13 14.93
C ASP M 172 52.46 75.08 14.52
N GLY M 173 53.55 75.11 15.27
CA GLY M 173 54.68 75.93 14.95
C GLY M 173 55.94 75.22 15.39
N PHE M 174 55.88 73.89 15.44
CA PHE M 174 56.83 73.16 16.27
C PHE M 174 58.22 73.30 15.69
N ASN M 175 58.94 74.29 16.20
CA ASN M 175 60.21 74.74 15.65
C ASN M 175 61.30 74.51 16.68
N VAL M 176 62.31 73.71 16.32
CA VAL M 176 63.43 73.45 17.20
C VAL M 176 64.69 74.17 16.74
N ASN M 177 64.69 74.72 15.53
CA ASN M 177 65.74 75.57 15.01
C ASN M 177 65.16 76.97 14.78
N GLY M 178 65.92 77.83 14.12
CA GLY M 178 65.52 79.22 14.03
C GLY M 178 64.41 79.55 13.05
N LYS M 179 64.04 78.64 12.14
CA LYS M 179 63.24 79.05 11.00
C LYS M 179 61.75 79.22 11.36
N GLY M 180 61.09 78.15 11.79
CA GLY M 180 59.68 78.18 12.18
C GLY M 180 58.73 78.76 11.14
N VAL M 181 57.48 78.92 11.60
CA VAL M 181 56.44 79.57 10.81
C VAL M 181 55.30 79.95 11.76
N THR M 182 54.74 81.14 11.55
CA THR M 182 53.62 81.64 12.35
C THR M 182 52.68 82.40 11.45
N GLN M 183 51.44 81.94 11.34
CA GLN M 183 50.46 82.63 10.51
C GLN M 183 49.95 83.87 11.21
N ASN M 184 49.76 84.93 10.44
CA ASN M 184 49.24 86.19 10.97
C ASN M 184 47.72 86.10 11.08
N ARG M 185 47.07 87.23 11.35
CA ARG M 185 45.62 87.31 11.43
C ARG M 185 45.10 88.30 10.41
N SER M 186 43.93 88.02 9.86
CA SER M 186 43.33 88.89 8.87
C SER M 186 43.01 90.25 9.49
N ALA M 187 43.39 91.32 8.80
CA ALA M 187 43.15 92.66 9.30
C ALA M 187 41.66 93.00 9.22
N THR M 188 41.22 93.84 10.15
CA THR M 188 39.83 94.27 10.24
C THR M 188 39.77 95.79 10.03
N VAL M 189 38.55 96.31 9.97
CA VAL M 189 38.37 97.74 9.80
C VAL M 189 38.92 98.51 11.00
N THR M 190 38.79 97.95 12.20
CA THR M 190 39.41 98.59 13.37
C THR M 190 40.92 98.64 13.23
N ASP M 191 41.52 97.58 12.69
CA ASP M 191 42.97 97.56 12.52
C ASP M 191 43.43 98.67 11.58
N VAL M 192 42.74 98.84 10.46
CA VAL M 192 43.15 99.88 9.52
C VAL M 192 42.85 101.27 10.10
N ILE M 193 41.74 101.42 10.82
CA ILE M 193 41.46 102.71 11.47
C ILE M 193 42.55 103.05 12.46
N ALA M 194 43.14 102.04 13.10
CA ALA M 194 44.27 102.28 14.00
C ALA M 194 45.43 102.97 13.29
N GLN M 195 45.56 102.81 11.97
CA GLN M 195 46.59 103.51 11.22
C GLN M 195 46.31 104.99 11.06
N GLY M 196 45.10 105.45 11.37
CA GLY M 196 44.78 106.86 11.31
C GLY M 196 44.49 107.41 9.93
N GLY M 197 44.38 106.55 8.93
CA GLY M 197 44.08 107.00 7.59
C GLY M 197 42.60 107.28 7.41
N THR M 198 42.25 107.65 6.17
CA THR M 198 40.88 108.01 5.83
C THR M 198 40.16 106.84 5.17
N LEU M 199 38.85 106.82 5.31
CA LEU M 199 38.01 105.76 4.76
C LEU M 199 37.01 106.37 3.79
N GLN M 200 36.70 105.62 2.73
CA GLN M 200 35.88 106.12 1.64
C GLN M 200 34.77 105.14 1.27
N GLY M 201 34.11 105.37 0.15
CA GLY M 201 32.99 104.54 -0.25
C GLY M 201 33.39 103.10 -0.48
N ASP M 202 32.39 102.22 -0.39
CA ASP M 202 32.57 100.77 -0.46
C ASP M 202 33.46 100.25 0.67
N GLY M 203 33.67 101.05 1.71
CA GLY M 203 34.59 100.69 2.76
C GLY M 203 36.05 100.85 2.40
N THR M 204 36.35 101.42 1.23
CA THR M 204 37.72 101.63 0.83
C THR M 204 38.41 102.56 1.82
N TYR M 205 39.62 102.20 2.23
CA TYR M 205 40.33 102.90 3.28
C TYR M 205 41.71 103.29 2.77
N LYS M 206 42.24 104.39 3.28
CA LYS M 206 43.49 104.97 2.79
C LYS M 206 44.54 104.85 3.89
N ALA M 207 45.29 103.75 3.86
CA ALA M 207 46.36 103.52 4.82
C ALA M 207 47.68 103.99 4.24
N THR M 208 48.33 104.93 4.92
CA THR M 208 49.59 105.51 4.45
C THR M 208 50.73 104.88 5.24
N THR M 209 51.27 103.80 4.70
CA THR M 209 52.37 103.10 5.35
C THR M 209 53.67 103.90 5.21
N THR M 210 54.41 104.00 6.31
CA THR M 210 55.70 104.65 6.30
C THR M 210 56.79 103.65 5.88
N PHE M 211 57.94 104.19 5.49
CA PHE M 211 59.01 103.36 4.96
C PHE M 211 60.39 103.81 5.45
N ASN M 212 60.44 104.47 6.62
CA ASN M 212 61.71 104.95 7.15
C ASN M 212 62.69 103.81 7.30
N ALA M 213 63.75 103.82 6.49
CA ALA M 213 64.67 102.71 6.39
C ALA M 213 65.99 103.23 5.82
N ALA M 214 66.83 102.32 5.34
CA ALA M 214 68.14 102.64 4.78
C ALA M 214 69.09 103.15 5.86
N SER M 215 69.12 102.45 6.99
CA SER M 215 70.07 102.75 8.06
C SER M 215 71.44 102.18 7.68
N ALA M 216 72.39 102.29 8.60
CA ALA M 216 73.78 101.93 8.27
C ALA M 216 73.94 100.42 8.06
N GLU M 217 73.21 99.61 8.83
CA GLU M 217 73.43 98.17 8.78
C GLU M 217 73.03 97.55 7.44
N THR M 218 72.13 98.18 6.69
CA THR M 218 71.70 97.62 5.41
C THR M 218 72.47 98.19 4.23
N VAL M 219 72.95 99.43 4.31
CA VAL M 219 73.69 100.02 3.20
C VAL M 219 75.06 99.37 3.07
N LEU M 220 75.71 99.07 4.19
CA LEU M 220 77.05 98.48 4.14
C LEU M 220 77.03 97.10 3.50
N SER M 221 75.87 96.45 3.45
CA SER M 221 75.76 95.18 2.75
C SER M 221 76.02 95.34 1.26
N LYS M 222 75.68 96.51 0.70
CA LYS M 222 75.94 96.84 -0.70
C LYS M 222 76.92 98.00 -0.71
N LEU M 223 78.22 97.68 -0.67
CA LEU M 223 79.24 98.72 -0.60
C LEU M 223 80.52 98.24 -1.27
N GLU M 224 80.99 99.03 -2.24
CA GLU M 224 82.32 98.85 -2.81
C GLU M 224 83.10 100.14 -2.97
N ASP M 225 82.44 101.29 -3.05
CA ASP M 225 83.09 102.57 -3.21
C ASP M 225 83.45 103.15 -1.84
N GLY M 226 83.82 104.43 -1.80
CA GLY M 226 84.32 105.01 -0.57
C GLY M 226 83.24 105.32 0.44
N ASN M 227 83.68 105.48 1.69
CA ASN M 227 82.82 105.81 2.82
C ASN M 227 83.50 106.92 3.61
N THR M 228 82.69 107.75 4.27
CA THR M 228 83.24 108.85 5.06
C THR M 228 82.34 109.15 6.24
N VAL M 229 82.96 109.67 7.30
CA VAL M 229 82.27 110.16 8.49
C VAL M 229 82.86 111.52 8.86
N ALA M 230 82.05 112.35 9.51
CA ALA M 230 82.49 113.68 9.91
C ALA M 230 81.56 114.21 10.99
N VAL M 231 82.15 114.88 11.97
CA VAL M 231 81.41 115.42 13.11
C VAL M 231 81.51 116.95 13.06
N GLY M 232 80.35 117.62 13.06
CA GLY M 232 80.26 119.06 13.11
C GLY M 232 81.21 119.80 12.18
N GLY M 233 82.00 120.69 12.76
CA GLY M 233 83.04 121.40 12.05
C GLY M 233 84.42 120.81 12.17
N GLY M 234 84.55 119.59 12.70
CA GLY M 234 85.84 118.95 12.87
C GLY M 234 86.34 118.30 11.60
N ALA M 235 87.42 117.54 11.75
CA ALA M 235 88.03 116.87 10.61
C ALA M 235 87.10 115.81 10.04
N THR M 236 87.24 115.54 8.76
CA THR M 236 86.43 114.54 8.07
C THR M 236 87.31 113.35 7.69
N TYR M 237 86.85 112.15 8.03
CA TYR M 237 87.62 110.92 7.85
C TYR M 237 86.92 110.01 6.85
N THR M 238 87.68 109.51 5.89
CA THR M 238 87.13 108.72 4.79
C THR M 238 87.61 107.28 4.89
N TYR M 239 86.84 106.39 4.26
CA TYR M 239 87.10 104.97 4.26
C TYR M 239 86.83 104.41 2.87
N ASP M 240 87.20 103.15 2.67
CA ASP M 240 86.95 102.49 1.39
C ASP M 240 87.03 100.99 1.58
N ALA M 241 85.89 100.30 1.40
CA ALA M 241 85.81 98.86 1.62
C ALA M 241 86.53 98.12 0.52
N ALA M 242 87.72 97.60 0.83
CA ALA M 242 88.52 96.82 -0.11
C ALA M 242 88.86 95.48 0.51
N LYS M 243 88.47 94.39 -0.18
CA LYS M 243 88.77 93.03 0.26
C LYS M 243 88.27 92.76 1.67
N GLY M 244 87.05 93.22 1.98
CA GLY M 244 86.47 93.03 3.28
C GLY M 244 86.98 93.95 4.36
N ASN M 245 87.84 94.90 4.01
CA ASN M 245 88.39 95.85 4.98
C ASN M 245 88.31 97.25 4.40
N PHE M 246 88.24 98.24 5.28
CA PHE M 246 88.16 99.64 4.90
C PHE M 246 89.54 100.28 5.01
N THR M 247 89.97 100.95 3.96
CA THR M 247 91.29 101.60 3.91
C THR M 247 91.22 102.91 4.70
N TYR M 248 91.08 102.75 6.01
CA TYR M 248 90.98 103.90 6.90
C TYR M 248 92.32 104.64 6.95
N THR M 249 92.25 105.95 6.79
CA THR M 249 93.44 106.80 6.80
C THR M 249 93.41 107.67 8.04
N LYS M 250 94.29 107.39 9.00
CA LYS M 250 94.39 108.19 10.21
C LYS M 250 95.16 109.45 9.88
N THR M 251 94.42 110.48 9.46
CA THR M 251 95.00 111.79 9.16
C THR M 251 95.01 112.63 10.42
N VAL M 252 96.21 112.97 10.91
CA VAL M 252 96.31 113.79 12.10
C VAL M 252 95.72 115.16 11.83
N ASP M 253 94.94 115.67 12.78
CA ASP M 253 94.28 116.96 12.66
C ASP M 253 95.29 118.06 12.34
N THR M 254 94.84 119.16 11.75
CA THR M 254 95.77 120.20 11.32
C THR M 254 95.68 121.45 12.18
N THR M 255 94.52 122.13 12.17
CA THR M 255 94.20 123.23 13.09
C THR M 255 95.38 124.10 13.49
N VAL M 256 96.22 124.50 12.53
CA VAL M 256 97.45 125.22 12.84
C VAL M 256 97.68 126.33 11.82
N GLY M 257 98.13 127.48 12.32
CA GLY M 257 98.69 128.52 11.48
C GLY M 257 100.20 128.45 11.55
N ALA M 258 100.81 129.30 12.37
CA ALA M 258 102.24 129.26 12.59
C ALA M 258 102.64 128.40 13.78
N ASP M 259 101.68 127.87 14.54
CA ASP M 259 101.98 127.07 15.74
C ASP M 259 102.11 125.60 15.35
N VAL M 260 103.20 125.31 14.62
CA VAL M 260 103.45 123.97 14.11
C VAL M 260 103.56 122.95 15.23
N THR M 261 103.86 123.38 16.46
CA THR M 261 104.08 122.46 17.55
C THR M 261 102.87 121.60 17.88
N ALA M 262 101.67 122.01 17.46
CA ALA M 262 100.49 121.20 17.74
C ALA M 262 100.56 119.86 17.03
N LEU M 263 100.98 119.86 15.77
CA LEU M 263 101.13 118.60 15.04
C LEU M 263 102.18 117.71 15.69
N ALA M 264 103.31 118.28 16.08
CA ALA M 264 104.36 117.48 16.71
C ALA M 264 103.89 116.90 18.03
N ASN M 265 103.20 117.71 18.85
CA ASN M 265 102.70 117.24 20.13
C ASN M 265 101.50 116.31 20.00
N LYS M 266 100.87 116.27 18.82
CA LYS M 266 99.82 115.28 18.59
C LYS M 266 100.37 113.97 18.05
N ILE M 267 101.45 114.01 17.27
CA ILE M 267 102.01 112.80 16.70
C ILE M 267 103.04 112.14 17.62
N LYS M 268 103.70 112.91 18.48
CA LYS M 268 104.69 112.35 19.39
C LYS M 268 104.12 111.30 20.33
N PRO M 269 102.97 111.51 20.99
CA PRO M 269 102.46 110.46 21.90
C PRO M 269 102.14 109.14 21.21
N SER M 270 101.96 109.15 19.88
CA SER M 270 101.75 107.90 19.16
C SER M 270 102.96 106.98 19.29
N SER M 271 104.14 107.55 19.48
CA SER M 271 105.36 106.79 19.73
C SER M 271 106.18 107.46 20.84
N GLY M 272 105.49 107.97 21.86
CA GLY M 272 106.14 108.75 22.90
C GLY M 272 106.88 107.96 23.95
N THR M 273 107.90 107.21 23.53
CA THR M 273 108.75 106.46 24.44
C THR M 273 110.07 106.21 23.74
N ILE M 274 111.09 105.88 24.53
CA ILE M 274 112.41 105.58 23.97
C ILE M 274 112.31 104.28 23.16
N SER M 275 112.61 104.38 21.86
CA SER M 275 112.58 103.23 20.96
C SER M 275 113.81 103.29 20.08
N GLY M 276 113.89 102.36 19.12
CA GLY M 276 115.03 102.29 18.23
C GLY M 276 114.62 101.77 16.87
N SER M 277 115.60 101.71 15.97
CA SER M 277 115.40 101.24 14.59
C SER M 277 114.35 102.07 13.87
N TYR M 278 114.23 103.35 14.22
CA TYR M 278 113.31 104.23 13.51
C TYR M 278 113.75 104.42 12.07
N GLU M 279 112.77 104.61 11.20
CA GLU M 279 113.01 104.85 9.78
C GLU M 279 112.62 106.30 9.48
N ILE M 280 113.61 107.13 9.21
CA ILE M 280 113.41 108.54 8.90
C ILE M 280 113.63 108.71 7.41
N SER M 281 112.53 108.86 6.66
CA SER M 281 112.58 109.06 5.22
C SER M 281 112.12 110.48 4.92
N THR M 282 113.05 111.43 4.99
CA THR M 282 112.80 112.81 4.64
C THR M 282 113.41 113.11 3.27
N GLY M 283 113.34 114.37 2.87
CA GLY M 283 113.88 114.76 1.58
C GLY M 283 113.12 114.04 0.48
N LYS M 284 113.82 113.19 -0.26
CA LYS M 284 113.18 112.34 -1.25
C LYS M 284 113.42 110.86 -1.04
N SER M 285 114.66 110.47 -0.72
CA SER M 285 115.02 109.06 -0.56
C SER M 285 116.00 108.89 0.59
N ALA M 286 115.71 109.54 1.72
CA ALA M 286 116.59 109.44 2.88
C ALA M 286 116.69 108.00 3.35
N SER M 287 115.56 107.43 3.80
CA SER M 287 115.49 106.04 4.24
C SER M 287 116.55 105.73 5.30
N PHE M 288 116.68 106.63 6.26
CA PHE M 288 117.66 106.47 7.33
C PHE M 288 117.19 105.44 8.35
N ASP M 289 118.13 104.98 9.18
CA ASP M 289 117.87 103.99 10.22
C ASP M 289 118.39 104.58 11.53
N VAL M 290 117.50 105.14 12.34
CA VAL M 290 117.86 106.04 13.42
C VAL M 290 117.32 105.51 14.73
N ASP M 291 118.08 105.70 15.81
CA ASP M 291 117.64 105.44 17.16
C ASP M 291 117.15 106.74 17.80
N ALA M 292 116.28 106.60 18.80
CA ALA M 292 115.72 107.77 19.48
C ALA M 292 115.52 107.45 20.95
N ALA M 293 116.35 108.05 21.80
CA ALA M 293 116.20 107.98 23.26
C ALA M 293 115.76 109.34 23.79
N GLY M 294 114.88 110.01 23.05
CA GLY M 294 114.59 111.41 23.24
C GLY M 294 115.40 112.33 22.36
N LYS M 295 116.55 111.85 21.86
CA LYS M 295 117.38 112.59 20.91
C LYS M 295 117.58 111.72 19.68
N ILE M 296 117.49 112.33 18.50
CA ILE M 296 117.65 111.59 17.25
C ILE M 296 119.13 111.26 17.06
N THR M 297 119.45 109.97 17.02
CA THR M 297 120.81 109.51 16.82
C THR M 297 120.80 108.28 15.92
N ILE M 298 121.70 108.27 14.94
CA ILE M 298 121.90 107.12 14.09
C ILE M 298 122.95 106.24 14.74
N GLY M 299 122.95 104.95 14.38
CA GLY M 299 123.82 103.98 15.02
C GLY M 299 125.28 104.35 15.02
N GLY M 300 125.80 104.68 16.21
CA GLY M 300 127.20 105.06 16.36
C GLY M 300 127.52 106.50 16.07
N ASN M 301 126.53 107.35 15.80
CA ASN M 301 126.78 108.75 15.48
C ASN M 301 125.71 109.60 16.13
N ALA M 302 125.73 110.89 15.83
CA ALA M 302 124.82 111.85 16.44
C ALA M 302 123.65 112.24 15.55
N ALA M 303 123.82 112.21 14.23
CA ALA M 303 122.75 112.45 13.26
C ALA M 303 122.10 113.82 13.46
N PHE M 304 122.91 114.86 13.22
CA PHE M 304 122.42 116.22 13.30
C PHE M 304 121.43 116.51 12.17
N LEU M 305 120.73 117.63 12.29
CA LEU M 305 119.76 118.09 11.31
C LEU M 305 120.11 119.50 10.88
N ASN M 306 120.04 119.77 9.57
CA ASN M 306 120.38 121.09 9.06
C ASN M 306 119.64 121.31 7.75
N ALA M 307 120.09 122.30 6.98
CA ALA M 307 119.51 122.68 5.69
C ALA M 307 118.06 123.12 5.85
N ASP M 308 117.86 124.19 6.61
CA ASP M 308 116.54 124.77 6.78
C ASP M 308 115.94 125.14 5.43
N GLY M 309 114.65 124.86 5.27
CA GLY M 309 113.97 125.01 3.99
C GLY M 309 113.98 123.72 3.20
N GLU M 310 115.05 122.93 3.33
CA GLU M 310 115.15 121.61 2.73
C GLU M 310 115.13 120.50 3.77
N LEU M 311 115.76 120.72 4.92
CA LEU M 311 115.55 119.93 6.13
C LEU M 311 115.90 118.45 5.93
N THR M 312 117.18 118.19 5.69
CA THR M 312 117.70 116.84 5.65
C THR M 312 118.54 116.57 6.89
N THR M 313 118.57 115.30 7.30
CA THR M 313 119.28 114.92 8.51
C THR M 313 120.77 114.85 8.20
N ASN M 314 121.49 115.92 8.53
CA ASN M 314 122.91 116.06 8.20
C ASN M 314 123.73 115.45 9.33
N ASP M 315 124.13 114.19 9.13
CA ASP M 315 124.95 113.52 10.14
C ASP M 315 126.29 114.20 10.35
N ALA M 316 126.73 115.03 9.39
CA ALA M 316 127.91 115.86 9.55
C ALA M 316 127.48 117.28 9.87
N SER M 317 128.22 117.94 10.76
CA SER M 317 127.85 119.27 11.21
C SER M 317 127.90 120.28 10.07
N GLY M 318 126.92 121.18 10.05
CA GLY M 318 126.89 122.26 9.08
C GLY M 318 126.74 123.62 9.72
N ALA M 319 127.20 123.74 10.96
CA ALA M 319 127.25 124.96 11.77
C ALA M 319 125.88 125.46 12.22
N LEU M 320 124.79 124.82 11.81
CA LEU M 320 123.44 125.23 12.21
C LEU M 320 122.60 124.01 12.56
N THR M 321 123.18 123.09 13.33
CA THR M 321 122.58 121.78 13.58
C THR M 321 121.93 121.72 14.95
N GLN M 322 120.87 120.91 15.05
CA GLN M 322 120.10 120.76 16.27
C GLN M 322 120.13 119.34 16.81
N ALA M 323 119.82 118.34 15.97
CA ALA M 323 119.87 116.93 16.33
C ALA M 323 118.96 116.60 17.51
N THR M 324 117.65 116.76 17.29
CA THR M 324 116.66 116.41 18.30
C THR M 324 115.36 115.96 17.65
N LEU M 325 114.57 115.20 18.40
CA LEU M 325 113.42 114.50 17.82
C LEU M 325 112.29 115.45 17.46
N ASP M 326 111.93 116.37 18.36
CA ASP M 326 110.80 117.26 18.09
C ASP M 326 111.08 118.16 16.89
N ASP M 327 112.33 118.60 16.74
CA ASP M 327 112.69 119.35 15.54
C ASP M 327 112.52 118.51 14.29
N VAL M 328 112.78 117.20 14.40
CA VAL M 328 112.58 116.31 13.26
C VAL M 328 111.09 116.22 12.91
N LEU M 329 110.25 116.00 13.91
CA LEU M 329 108.81 115.88 13.66
C LEU M 329 108.23 117.16 13.07
N THR M 330 108.64 118.32 13.60
CA THR M 330 108.26 119.57 12.95
C THR M 330 108.87 119.65 11.56
N SER M 331 110.02 119.01 11.35
CA SER M 331 110.75 119.11 10.10
C SER M 331 110.22 118.16 9.05
N VAL M 332 109.93 116.90 9.42
CA VAL M 332 109.65 115.86 8.44
C VAL M 332 108.26 116.05 7.84
N GLY M 333 108.22 116.66 6.66
CA GLY M 333 106.99 116.85 5.92
C GLY M 333 105.94 117.67 6.64
N THR M 334 106.24 118.09 7.86
CA THR M 334 105.31 118.91 8.62
C THR M 334 105.50 120.39 8.33
N GLU M 335 106.72 120.80 7.98
CA GLU M 335 106.98 122.20 7.63
C GLU M 335 107.49 122.36 6.21
N ALA M 336 108.59 121.69 5.84
CA ALA M 336 109.23 121.98 4.56
C ALA M 336 109.62 120.71 3.82
N ASN M 337 108.77 119.69 3.87
CA ASN M 337 108.96 118.50 3.05
C ASN M 337 107.60 118.00 2.57
N SER M 338 107.64 117.25 1.46
CA SER M 338 106.43 116.73 0.86
C SER M 338 106.60 115.24 0.57
N SER M 339 105.54 114.47 0.80
CA SER M 339 105.50 113.04 0.51
C SER M 339 106.64 112.29 1.21
N VAL M 340 106.89 112.65 2.47
CA VAL M 340 107.90 112.00 3.28
C VAL M 340 107.22 111.39 4.51
N THR M 341 107.96 110.57 5.24
CA THR M 341 107.37 109.81 6.33
C THR M 341 108.43 109.42 7.34
N ILE M 342 107.96 108.98 8.50
CA ILE M 342 108.78 108.31 9.51
C ILE M 342 108.28 106.89 9.65
N GLY M 343 109.14 105.92 9.37
CA GLY M 343 108.83 104.53 9.51
C GLY M 343 109.30 103.95 10.83
N GLY M 344 109.65 102.67 10.81
CA GLY M 344 110.12 101.99 12.00
C GLY M 344 109.03 101.74 13.02
N THR M 345 109.19 100.69 13.81
CA THR M 345 108.23 100.33 14.87
C THR M 345 106.83 100.17 14.28
N LYS M 346 106.77 99.69 13.03
CA LYS M 346 105.52 99.36 12.35
C LYS M 346 104.55 100.55 12.32
N TYR M 347 104.97 101.59 11.61
CA TYR M 347 104.09 102.68 11.20
C TYR M 347 104.80 103.47 10.12
N SER M 348 104.05 104.34 9.46
CA SER M 348 104.61 105.24 8.46
C SER M 348 103.81 106.53 8.50
N HIS M 349 104.30 107.51 9.27
CA HIS M 349 103.60 108.79 9.42
C HIS M 349 103.92 109.66 8.22
N SER M 350 103.28 109.34 7.10
CA SER M 350 103.49 110.09 5.87
C SER M 350 102.94 111.51 6.01
N ALA M 351 103.50 112.42 5.21
CA ALA M 351 103.09 113.81 5.20
C ALA M 351 102.31 114.09 3.92
N ALA M 352 101.00 114.32 4.07
CA ALA M 352 100.18 114.66 2.91
C ALA M 352 100.49 116.07 2.40
N ASP M 353 100.80 116.99 3.30
CA ASP M 353 101.05 118.38 2.93
C ASP M 353 102.12 118.96 3.83
N GLU M 354 102.70 120.08 3.38
CA GLU M 354 103.70 120.80 4.15
C GLU M 354 103.17 122.15 4.59
N LEU M 355 103.67 122.63 5.72
CA LEU M 355 103.22 123.87 6.34
C LEU M 355 104.13 125.00 5.89
N SER M 356 103.63 125.84 4.99
CA SER M 356 104.30 127.10 4.68
C SER M 356 103.94 128.19 5.67
N TYR M 357 103.34 127.82 6.80
CA TYR M 357 102.82 128.68 7.86
C TYR M 357 101.62 129.49 7.41
N THR M 358 101.21 129.38 6.14
CA THR M 358 99.93 129.85 5.65
C THR M 358 99.05 128.69 5.21
N ALA M 359 99.52 127.89 4.26
CA ALA M 359 98.87 126.63 3.95
C ALA M 359 99.23 125.60 5.02
N VAL M 360 98.25 124.84 5.45
CA VAL M 360 98.37 124.00 6.64
C VAL M 360 98.76 122.59 6.24
N ALA M 361 99.62 121.96 7.04
CA ALA M 361 100.13 120.63 6.77
C ALA M 361 99.38 119.59 7.59
N THR M 362 99.75 118.32 7.37
CA THR M 362 99.23 117.21 8.17
C THR M 362 100.12 116.00 7.96
N THR M 363 100.47 115.35 9.07
CA THR M 363 101.11 114.04 9.02
C THR M 363 100.02 112.98 9.05
N ALA M 364 100.19 111.93 8.25
CA ALA M 364 99.18 110.90 8.17
C ALA M 364 99.84 109.53 8.05
N ASP M 365 99.27 108.57 8.75
CA ASP M 365 99.66 107.17 8.62
C ASP M 365 98.42 106.37 8.24
N VAL M 366 98.53 105.57 7.18
CA VAL M 366 97.42 104.72 6.77
C VAL M 366 97.49 103.45 7.61
N LEU M 367 96.90 103.50 8.81
CA LEU M 367 96.96 102.37 9.72
C LEU M 367 96.24 101.16 9.18
N SER M 368 95.33 101.34 8.22
CA SER M 368 94.42 100.30 7.73
C SER M 368 93.59 99.69 8.84
N ALA M 369 93.59 100.30 10.03
CA ALA M 369 92.74 99.85 11.12
C ALA M 369 91.29 100.16 10.78
N MET M 370 90.40 99.83 11.72
CA MET M 370 88.98 100.14 11.58
C MET M 370 88.38 99.43 10.36
N GLY M 371 89.13 98.47 9.81
CA GLY M 371 88.82 97.93 8.50
C GLY M 371 87.54 97.10 8.47
N SER M 372 87.30 96.31 9.51
CA SER M 372 86.19 95.37 9.48
C SER M 372 84.87 96.12 9.34
N SER M 373 84.05 95.67 8.38
CA SER M 373 82.78 96.34 8.15
C SER M 373 81.85 96.23 9.35
N THR M 374 82.02 95.18 10.16
CA THR M 374 81.25 95.07 11.39
C THR M 374 81.56 96.20 12.35
N ALA M 375 82.84 96.54 12.50
CA ALA M 375 83.20 97.68 13.34
C ALA M 375 82.75 98.99 12.72
N VAL M 376 82.83 99.09 11.38
CA VAL M 376 82.36 100.30 10.70
C VAL M 376 80.89 100.53 10.99
N SER M 377 80.08 99.48 10.87
CA SER M 377 78.66 99.60 11.16
C SER M 377 78.43 100.04 12.59
N THR M 378 79.12 99.42 13.55
CA THR M 378 78.90 99.74 14.96
C THR M 378 79.26 101.18 15.26
N VAL M 379 80.41 101.65 14.77
CA VAL M 379 80.81 103.02 15.06
C VAL M 379 79.90 104.02 14.37
N THR M 380 79.53 103.76 13.12
CA THR M 380 78.59 104.67 12.47
C THR M 380 77.17 104.48 13.00
N LEU M 381 76.92 103.40 13.72
CA LEU M 381 75.64 103.20 14.41
C LEU M 381 75.78 103.70 15.85
N GLY M 382 75.82 105.02 15.97
CA GLY M 382 75.98 105.65 17.27
C GLY M 382 77.24 106.47 17.40
N SER M 383 77.08 107.79 17.40
CA SER M 383 78.19 108.73 17.51
C SER M 383 77.66 109.98 18.19
N GLY M 384 78.39 111.08 18.06
CA GLY M 384 77.96 112.34 18.63
C GLY M 384 77.20 113.15 17.60
N ILE M 385 77.84 114.17 17.03
CA ILE M 385 77.28 114.92 15.92
C ILE M 385 77.85 114.42 14.59
N THR M 386 78.36 113.20 14.55
CA THR M 386 79.04 112.65 13.38
C THR M 386 78.00 112.17 12.37
N SER M 387 77.78 112.96 11.32
CA SER M 387 76.88 112.61 10.24
C SER M 387 77.70 111.96 9.13
N ALA M 388 77.54 110.66 8.94
CA ALA M 388 78.33 109.91 7.98
C ALA M 388 77.83 110.15 6.56
N ALA M 389 78.49 109.51 5.59
CA ALA M 389 78.09 109.57 4.20
C ALA M 389 78.75 108.43 3.45
N VAL M 390 77.99 107.75 2.60
CA VAL M 390 78.50 106.61 1.85
C VAL M 390 78.08 106.71 0.40
N THR M 391 79.06 106.57 -0.49
CA THR M 391 78.82 106.31 -1.91
C THR M 391 79.04 104.81 -2.13
N PHE M 392 77.99 104.11 -2.56
CA PHE M 392 77.97 102.65 -2.42
C PHE M 392 77.48 101.97 -3.70
N ALA M 393 77.81 102.54 -4.85
CA ALA M 393 77.44 101.92 -6.13
C ALA M 393 78.41 102.43 -7.20
N ILE M 394 78.06 102.14 -8.47
CA ILE M 394 78.88 102.58 -9.58
C ILE M 394 79.01 104.09 -9.57
N ALA M 395 80.23 104.59 -9.84
CA ALA M 395 80.46 106.03 -9.82
C ALA M 395 79.51 106.76 -10.75
N THR M 396 79.20 106.15 -11.91
CA THR M 396 78.19 106.73 -12.80
C THR M 396 76.79 106.60 -12.20
N THR M 397 76.55 105.57 -11.41
CA THR M 397 75.20 105.14 -11.04
C THR M 397 75.07 105.09 -9.50
N ASP M 398 75.43 106.19 -8.84
CA ASP M 398 75.33 106.25 -7.39
C ASP M 398 74.98 107.66 -6.94
N SER M 399 74.76 107.80 -5.64
CA SER M 399 74.55 109.06 -4.95
C SER M 399 75.15 108.92 -3.56
N ASN M 400 74.79 109.82 -2.65
CA ASN M 400 75.32 109.81 -1.30
C ASN M 400 74.19 109.63 -0.29
N ASN M 401 74.52 108.97 0.83
CA ASN M 401 73.57 108.68 1.89
C ASN M 401 74.17 109.11 3.23
N THR M 402 73.55 110.09 3.87
CA THR M 402 73.96 110.51 5.20
C THR M 402 73.13 109.74 6.24
N TRP M 403 73.26 110.12 7.51
CA TRP M 403 72.45 109.50 8.55
C TRP M 403 72.28 110.44 9.73
N VAL M 404 71.36 110.05 10.61
CA VAL M 404 71.28 110.66 11.94
C VAL M 404 72.57 110.37 12.68
N ASP M 405 73.15 111.41 13.27
CA ASP M 405 74.47 111.30 13.89
C ASP M 405 74.47 110.27 15.02
N ASN M 406 73.44 110.30 15.87
CA ASN M 406 73.47 109.53 17.10
C ASN M 406 73.07 108.07 16.93
N LYS M 407 72.49 107.69 15.79
CA LYS M 407 72.13 106.30 15.59
C LYS M 407 72.36 105.79 14.17
N GLY M 408 72.94 106.58 13.28
CA GLY M 408 73.23 106.11 11.93
C GLY M 408 72.01 105.72 11.13
N GLU M 409 70.94 106.51 11.20
CA GLU M 409 69.72 106.26 10.45
C GLU M 409 69.46 107.43 9.51
N LEU M 410 68.97 107.12 8.32
CA LEU M 410 68.72 108.10 7.28
C LEU M 410 67.23 108.34 7.08
N THR M 411 66.83 109.62 7.15
CA THR M 411 65.44 110.04 7.08
C THR M 411 65.00 110.41 5.68
N ASP M 412 65.80 111.24 4.98
CA ASP M 412 65.39 111.71 3.67
C ASP M 412 65.36 110.59 2.62
N ILE M 413 65.94 109.44 2.94
CA ILE M 413 65.95 108.28 2.04
C ILE M 413 65.22 107.15 2.71
N GLN M 414 64.27 106.55 2.00
CA GLN M 414 63.49 105.43 2.48
C GLN M 414 63.64 104.27 1.51
N THR M 415 63.14 103.10 1.92
CA THR M 415 63.21 101.91 1.08
C THR M 415 61.83 101.28 0.98
N PHE M 416 61.39 101.03 -0.26
CA PHE M 416 60.18 100.29 -0.52
C PHE M 416 60.44 98.81 -0.23
N ASP M 417 59.40 97.98 -0.33
CA ASP M 417 59.53 96.56 -0.06
C ASP M 417 60.68 95.94 -0.84
N THR M 418 60.90 96.37 -2.09
CA THR M 418 61.97 95.83 -2.91
C THR M 418 62.77 96.91 -3.61
N SER M 419 62.76 98.14 -3.12
CA SER M 419 63.52 99.21 -3.76
C SER M 419 63.82 100.30 -2.76
N TYR M 420 64.82 101.12 -3.09
CA TYR M 420 65.26 102.23 -2.25
C TYR M 420 64.65 103.55 -2.73
N LYS M 421 63.32 103.62 -2.78
CA LYS M 421 62.65 104.80 -3.32
C LYS M 421 62.48 105.86 -2.23
N ILE M 422 62.59 107.12 -2.66
CA ILE M 422 62.69 108.24 -1.72
C ILE M 422 61.41 108.40 -0.92
N ASN M 423 60.25 108.30 -1.58
CA ASN M 423 58.98 108.61 -0.94
C ASN M 423 58.79 107.82 0.34
N ALA M 424 58.62 108.52 1.46
CA ALA M 424 58.48 107.85 2.75
C ALA M 424 57.11 107.21 2.93
N ASP M 425 56.12 107.64 2.16
CA ASP M 425 54.76 107.16 2.30
C ASP M 425 54.22 106.71 0.95
N THR M 426 53.43 105.64 0.95
CA THR M 426 52.84 105.11 -0.27
C THR M 426 51.33 105.28 -0.34
N GLY M 427 50.64 105.38 0.79
CA GLY M 427 49.20 105.49 0.78
C GLY M 427 48.53 104.26 0.21
N GLU M 428 48.90 103.08 0.73
CA GLU M 428 48.31 101.83 0.28
C GLU M 428 46.80 101.87 0.45
N VAL M 429 46.08 101.44 -0.58
CA VAL M 429 44.63 101.50 -0.60
C VAL M 429 44.08 100.11 -0.29
N THR M 430 43.41 99.99 0.85
CA THR M 430 42.81 98.74 1.30
C THR M 430 41.32 98.93 1.46
N VAL M 431 40.53 97.97 0.99
CA VAL M 431 39.09 98.01 1.09
C VAL M 431 38.64 96.89 2.03
N VAL M 432 37.77 97.22 2.97
CA VAL M 432 37.26 96.23 3.91
C VAL M 432 36.21 95.38 3.21
N GLY M 433 36.35 94.06 3.30
CA GLY M 433 35.42 93.18 2.65
C GLY M 433 34.11 93.08 3.41
N ASP M 434 33.07 93.73 2.87
CA ASP M 434 31.77 93.69 3.51
C ASP M 434 31.23 92.27 3.50
N ASN M 435 30.45 91.94 4.54
CA ASN M 435 29.88 90.60 4.72
C ASN M 435 30.96 89.57 4.97
N SER M 436 32.22 90.01 5.00
CA SER M 436 33.35 89.12 5.26
C SER M 436 34.34 89.66 6.28
N ALA M 437 34.35 90.97 6.54
CA ALA M 437 35.27 91.58 7.50
C ALA M 437 36.73 91.28 7.17
N THR M 438 37.04 91.28 5.87
CA THR M 438 38.40 91.06 5.39
C THR M 438 38.89 92.34 4.73
N ALA M 439 39.95 92.92 5.27
CA ALA M 439 40.51 94.16 4.73
C ALA M 439 41.27 93.83 3.46
N GLY M 440 40.51 93.52 2.41
CA GLY M 440 41.08 93.16 1.13
C GLY M 440 41.92 94.25 0.50
N GLN M 441 43.11 93.91 0.03
CA GLN M 441 43.98 94.87 -0.62
C GLN M 441 43.35 95.34 -1.93
N TYR M 442 43.54 96.61 -2.26
CA TYR M 442 42.85 97.20 -3.39
C TYR M 442 43.73 97.97 -4.37
N ALA M 443 44.89 98.49 -3.95
CA ALA M 443 45.68 99.39 -4.78
C ALA M 443 46.19 98.73 -6.06
N SER M 444 47.08 97.75 -5.94
CA SER M 444 47.70 97.15 -7.12
C SER M 444 47.62 95.64 -7.14
N ALA M 445 47.79 94.96 -6.00
CA ALA M 445 47.66 93.51 -5.98
C ALA M 445 46.21 93.07 -6.14
N ASP M 446 45.26 93.96 -5.86
CA ASP M 446 43.85 93.79 -6.21
C ASP M 446 43.27 92.52 -5.58
N GLY M 447 43.23 92.52 -4.25
CA GLY M 447 42.64 91.41 -3.52
C GLY M 447 43.66 90.50 -2.90
N ALA M 448 44.65 91.08 -2.22
CA ALA M 448 45.76 90.32 -1.65
C ALA M 448 45.48 89.80 -0.24
N LYS M 449 44.31 90.08 0.33
CA LYS M 449 43.92 89.58 1.65
C LYS M 449 44.93 90.02 2.71
N VAL M 450 44.94 91.32 2.96
CA VAL M 450 45.87 91.91 3.91
C VAL M 450 45.72 91.27 5.28
N LEU M 451 46.84 90.85 5.86
CA LEU M 451 46.91 90.41 7.24
C LEU M 451 47.81 91.34 8.03
N VAL M 452 47.63 91.33 9.35
CA VAL M 452 48.43 92.18 10.24
C VAL M 452 49.74 91.47 10.53
N GLY M 453 50.85 92.12 10.20
CA GLY M 453 52.15 91.51 10.38
C GLY M 453 52.56 91.41 11.84
N SER M 454 53.59 90.58 12.06
CA SER M 454 54.10 90.39 13.42
C SER M 454 54.73 91.65 13.98
N ASP M 455 55.08 92.61 13.13
CA ASP M 455 55.57 93.90 13.58
C ASP M 455 54.41 94.83 13.94
N GLY M 456 53.20 94.50 13.50
CA GLY M 456 52.07 95.38 13.68
C GLY M 456 51.72 96.22 12.47
N LYS M 457 52.41 96.03 11.35
CA LYS M 457 52.08 96.70 10.10
C LYS M 457 51.26 95.76 9.21
N LEU M 458 50.50 96.36 8.30
CA LEU M 458 49.70 95.59 7.37
C LEU M 458 50.59 94.96 6.31
N THR M 459 50.25 93.72 5.94
CA THR M 459 51.02 93.01 4.92
C THR M 459 50.12 91.99 4.24
N THR M 460 50.48 91.65 3.00
CA THR M 460 49.74 90.64 2.25
C THR M 460 50.20 89.23 2.55
N GLU M 461 51.33 89.06 3.25
CA GLU M 461 51.80 87.73 3.59
C GLU M 461 51.00 87.18 4.77
N THR M 462 50.49 85.96 4.60
CA THR M 462 49.66 85.35 5.64
C THR M 462 50.50 84.85 6.80
N THR M 463 51.67 84.28 6.53
CA THR M 463 52.50 83.68 7.56
C THR M 463 53.61 84.64 7.96
N SER M 464 54.44 84.20 8.90
CA SER M 464 55.59 84.97 9.35
C SER M 464 56.73 84.01 9.66
N ALA M 465 57.86 84.57 10.07
CA ALA M 465 59.04 83.74 10.32
C ALA M 465 58.90 82.97 11.63
N GLY M 466 58.80 83.69 12.74
CA GLY M 466 58.83 83.06 14.05
C GLY M 466 60.23 82.65 14.44
N ASP M 467 60.40 82.33 15.72
CA ASP M 467 61.71 81.97 16.24
C ASP M 467 61.80 80.52 16.67
N LYS M 468 60.99 80.08 17.65
CA LYS M 468 61.27 78.84 18.40
C LYS M 468 60.10 78.54 19.33
N THR M 469 59.79 77.27 19.50
CA THR M 469 58.78 76.85 20.47
C THR M 469 59.40 76.92 21.87
N THR M 470 58.95 77.90 22.66
CA THR M 470 59.62 78.21 23.92
C THR M 470 59.56 77.02 24.89
N ASP M 471 58.42 76.36 24.99
CA ASP M 471 58.25 75.21 25.88
C ASP M 471 57.86 74.01 25.02
N PRO M 472 58.84 73.34 24.42
CA PRO M 472 58.54 72.28 23.45
C PRO M 472 57.88 71.05 24.07
N LEU M 473 58.52 70.48 25.09
CA LEU M 473 58.00 69.23 25.64
C LEU M 473 56.71 69.44 26.42
N LYS M 474 56.50 70.62 27.01
CA LYS M 474 55.22 70.90 27.63
C LYS M 474 54.09 70.95 26.60
N THR M 475 54.35 71.57 25.45
CA THR M 475 53.36 71.56 24.37
C THR M 475 53.11 70.14 23.87
N LEU M 476 54.19 69.35 23.75
CA LEU M 476 54.03 67.96 23.36
C LEU M 476 53.21 67.17 24.36
N ASP M 477 53.41 67.43 25.65
CA ASP M 477 52.65 66.75 26.68
C ASP M 477 51.18 67.17 26.64
N ALA M 478 50.92 68.44 26.36
CA ALA M 478 49.53 68.89 26.20
C ALA M 478 48.86 68.19 25.03
N ALA M 479 49.58 68.06 23.91
CA ALA M 479 49.05 67.33 22.77
C ALA M 479 48.80 65.87 23.15
N PHE M 480 49.72 65.27 23.90
CA PHE M 480 49.55 63.90 24.36
C PHE M 480 48.30 63.77 25.21
N THR M 481 48.07 64.72 26.12
CA THR M 481 46.90 64.65 26.98
C THR M 481 45.61 64.76 26.19
N LYS M 482 45.56 65.68 25.22
CA LYS M 482 44.36 65.81 24.39
C LYS M 482 44.11 64.54 23.58
N LEU M 483 45.16 64.01 22.95
CA LEU M 483 45.02 62.81 22.15
C LEU M 483 44.58 61.63 22.99
N ASP M 484 45.17 61.48 24.18
CA ASP M 484 44.79 60.38 25.06
C ASP M 484 43.39 60.55 25.60
N LYS M 485 42.95 61.80 25.82
CA LYS M 485 41.57 62.04 26.21
C LYS M 485 40.61 61.53 25.15
N LEU M 486 40.84 61.91 23.89
CA LEU M 486 39.96 61.44 22.83
C LEU M 486 40.05 59.94 22.63
N THR M 487 41.26 59.38 22.70
CA THR M 487 41.40 57.93 22.54
C THR M 487 40.67 57.18 23.63
N GLY M 488 40.79 57.64 24.88
CA GLY M 488 40.08 56.99 25.97
C GLY M 488 38.58 57.14 25.85
N GLU M 489 38.11 58.29 25.37
CA GLU M 489 36.67 58.47 25.18
C GLU M 489 36.15 57.50 24.13
N LEU M 490 36.89 57.35 23.02
CA LEU M 490 36.50 56.37 22.01
C LEU M 490 36.58 54.94 22.53
N GLY M 491 37.56 54.63 23.37
CA GLY M 491 37.61 53.31 23.97
C GLY M 491 36.43 53.02 24.86
N ALA M 492 36.04 54.01 25.68
CA ALA M 492 34.88 53.85 26.54
C ALA M 492 33.62 53.65 25.71
N VAL M 493 33.47 54.44 24.65
CA VAL M 493 32.27 54.29 23.83
C VAL M 493 32.29 52.97 23.09
N GLN M 494 33.47 52.47 22.72
CA GLN M 494 33.55 51.15 22.10
C GLN M 494 33.09 50.06 23.06
N ASN M 495 33.55 50.12 24.30
CA ASN M 495 33.11 49.14 25.29
C ASN M 495 31.61 49.22 25.51
N ARG M 496 31.08 50.44 25.64
CA ARG M 496 29.66 50.57 25.93
C ARG M 496 28.82 50.13 24.73
N LEU M 497 29.32 50.33 23.52
CA LEU M 497 28.64 49.82 22.33
C LEU M 497 28.66 48.29 22.31
N GLU M 498 29.76 47.67 22.72
CA GLU M 498 29.76 46.21 22.83
C GLU M 498 28.73 45.73 23.84
N SER M 499 28.64 46.43 24.98
CA SER M 499 27.61 46.08 25.96
C SER M 499 26.22 46.26 25.39
N THR M 500 25.99 47.30 24.58
CA THR M 500 24.71 47.45 23.92
C THR M 500 24.45 46.29 22.96
N ILE M 501 25.49 45.81 22.28
CA ILE M 501 25.32 44.65 21.40
C ILE M 501 24.83 43.45 22.21
N ALA M 502 25.46 43.19 23.36
CA ALA M 502 25.05 42.06 24.17
C ALA M 502 23.62 42.23 24.68
N ASN M 503 23.29 43.42 25.18
CA ASN M 503 21.95 43.66 25.71
C ASN M 503 20.90 43.54 24.61
N LEU M 504 21.18 44.11 23.44
CA LEU M 504 20.24 44.04 22.33
C LEU M 504 20.04 42.60 21.89
N ASN M 505 21.10 41.80 21.84
CA ASN M 505 20.94 40.40 21.47
C ASN M 505 20.08 39.66 22.48
N ASN M 506 20.32 39.89 23.78
CA ASN M 506 19.52 39.23 24.80
C ASN M 506 18.05 39.61 24.67
N VAL M 507 17.77 40.90 24.50
CA VAL M 507 16.38 41.34 24.40
C VAL M 507 15.75 40.81 23.12
N VAL M 508 16.51 40.72 22.04
CA VAL M 508 15.96 40.17 20.80
C VAL M 508 15.57 38.72 20.99
N ASN M 509 16.43 37.93 21.61
CA ASN M 509 16.11 36.52 21.83
C ASN M 509 14.87 36.37 22.71
N ASN M 510 14.83 37.13 23.81
CA ASN M 510 13.70 37.02 24.73
C ASN M 510 12.41 37.48 24.06
N LEU M 511 12.47 38.54 23.26
CA LEU M 511 11.27 39.02 22.57
C LEU M 511 10.82 38.06 21.49
N SER M 512 11.76 37.40 20.81
CA SER M 512 11.38 36.37 19.84
C SER M 512 10.68 35.21 20.54
N SER M 513 11.19 34.80 21.70
CA SER M 513 10.50 33.77 22.47
C SER M 513 9.12 34.23 22.89
N ALA M 514 9.00 35.49 23.31
CA ALA M 514 7.69 36.03 23.71
C ALA M 514 6.71 36.02 22.54
N ARG M 515 7.18 36.41 21.37
CA ARG M 515 6.33 36.35 20.18
C ARG M 515 5.91 34.91 19.88
N SER M 516 6.85 33.97 20.01
CA SER M 516 6.54 32.57 19.76
C SER M 516 5.46 32.07 20.72
N ARG M 517 5.53 32.51 21.98
CA ARG M 517 4.58 32.03 22.98
C ARG M 517 3.13 32.33 22.61
N ILE M 518 2.88 33.30 21.75
CA ILE M 518 1.52 33.68 21.38
C ILE M 518 1.23 33.50 19.90
N GLN M 519 2.25 33.30 19.06
CA GLN M 519 2.05 33.29 17.62
C GLN M 519 2.26 31.90 17.01
N ASP M 520 3.34 31.23 17.35
CA ASP M 520 3.64 29.95 16.73
C ASP M 520 2.70 28.86 17.25
N ALA M 521 2.58 27.81 16.46
CA ALA M 521 1.65 26.71 16.75
C ALA M 521 2.39 25.56 17.40
N ASP M 522 1.79 25.04 18.48
CA ASP M 522 2.26 23.82 19.14
C ASP M 522 1.84 22.62 18.30
N TYR M 523 2.70 22.23 17.34
CA TYR M 523 2.27 21.31 16.29
C TYR M 523 1.71 20.00 16.83
N ALA M 524 2.11 19.58 18.03
CA ALA M 524 1.47 18.41 18.61
C ALA M 524 -0.03 18.60 18.71
N THR M 525 -0.46 19.75 19.22
CA THR M 525 -1.89 20.01 19.38
C THR M 525 -2.59 20.13 18.03
N GLU M 526 -2.02 20.90 17.10
CA GLU M 526 -2.70 21.08 15.81
C GLU M 526 -2.73 19.79 15.00
N VAL M 527 -1.70 18.97 15.08
CA VAL M 527 -1.74 17.68 14.40
C VAL M 527 -2.79 16.79 15.02
N SER M 528 -2.89 16.79 16.36
CA SER M 528 -3.95 16.02 17.00
C SER M 528 -5.32 16.50 16.56
N ASN M 529 -5.50 17.82 16.49
CA ASN M 529 -6.78 18.38 16.04
C ASN M 529 -7.06 18.03 14.59
N MET M 530 -6.04 18.02 13.74
CA MET M 530 -6.24 17.66 12.34
C MET M 530 -6.67 16.21 12.21
N SER M 531 -6.00 15.31 12.93
CA SER M 531 -6.40 13.90 12.90
C SER M 531 -7.81 13.72 13.43
N LYS M 532 -8.13 14.40 14.54
CA LYS M 532 -9.46 14.32 15.10
C LYS M 532 -10.51 14.84 14.12
N ALA M 533 -10.23 15.96 13.46
CA ALA M 533 -11.18 16.54 12.52
C ALA M 533 -11.37 15.63 11.31
N GLN M 534 -10.30 14.97 10.87
CA GLN M 534 -10.44 13.99 9.79
C GLN M 534 -11.35 12.84 10.22
N ILE M 535 -11.17 12.34 11.45
CA ILE M 535 -12.03 11.28 11.93
C ILE M 535 -13.48 11.75 11.99
N LEU M 536 -13.71 12.96 12.50
CA LEU M 536 -15.06 13.52 12.50
C LEU M 536 -15.61 13.65 11.09
N GLN M 537 -14.77 14.01 10.13
CA GLN M 537 -15.25 14.16 8.75
C GLN M 537 -15.69 12.82 8.18
N GLN M 538 -14.87 11.78 8.34
CA GLN M 538 -15.25 10.48 7.80
C GLN M 538 -16.46 9.92 8.52
N ALA M 539 -16.51 10.06 9.85
CA ALA M 539 -17.68 9.61 10.59
C ALA M 539 -18.93 10.38 10.19
N GLY M 540 -18.80 11.69 9.99
CA GLY M 540 -19.94 12.50 9.61
C GLY M 540 -20.47 12.15 8.23
N THR M 541 -19.56 11.99 7.26
CA THR M 541 -20.03 11.62 5.94
C THR M 541 -20.65 10.23 5.93
N SER M 542 -20.12 9.30 6.73
CA SER M 542 -20.72 7.97 6.81
C SER M 542 -22.10 8.05 7.45
N VAL M 543 -22.23 8.74 8.58
CA VAL M 543 -23.51 8.80 9.26
C VAL M 543 -24.52 9.54 8.42
N LEU M 544 -24.09 10.56 7.67
CA LEU M 544 -25.00 11.25 6.77
C LEU M 544 -25.44 10.34 5.63
N ALA M 545 -24.50 9.55 5.08
CA ALA M 545 -24.85 8.61 4.02
C ALA M 545 -25.93 7.65 4.49
N GLN M 546 -25.73 7.04 5.66
CA GLN M 546 -26.78 6.20 6.24
C GLN M 546 -28.02 7.00 6.66
N ALA M 547 -27.91 8.30 6.88
CA ALA M 547 -29.10 9.10 7.17
C ALA M 547 -29.92 9.33 5.92
N ASN M 548 -29.29 9.25 4.74
CA ASN M 548 -30.02 9.49 3.50
C ASN M 548 -31.01 8.37 3.18
N GLN M 549 -30.76 7.15 3.63
CA GLN M 549 -31.71 6.07 3.37
C GLN M 549 -32.72 5.88 4.50
N VAL M 550 -32.77 6.78 5.47
CA VAL M 550 -33.86 6.76 6.44
C VAL M 550 -35.21 6.82 5.77
N PRO M 551 -35.45 7.68 4.77
CA PRO M 551 -36.75 7.64 4.07
C PRO M 551 -36.91 6.45 3.14
N GLN M 552 -35.84 5.73 2.79
CA GLN M 552 -36.00 4.57 1.92
C GLN M 552 -36.86 3.49 2.57
N THR M 553 -36.79 3.36 3.90
CA THR M 553 -37.66 2.42 4.59
C THR M 553 -39.12 2.70 4.30
N VAL M 554 -39.48 3.98 4.10
CA VAL M 554 -40.83 4.32 3.68
C VAL M 554 -41.13 3.74 2.31
N LEU M 555 -40.14 3.79 1.41
CA LEU M 555 -40.37 3.31 0.06
C LEU M 555 -40.22 1.79 0.03
N SER M 556 -40.90 1.12 0.95
CA SER M 556 -41.13 -0.31 0.87
C SER M 556 -42.62 -0.62 0.84
N LEU M 557 -43.36 -0.11 1.82
CA LEU M 557 -44.81 -0.15 1.78
C LEU M 557 -45.32 0.89 0.80
N LEU M 558 -46.32 0.51 0.01
CA LEU M 558 -46.85 1.38 -1.03
C LEU M 558 -48.33 1.12 -1.27
N ALA N 2 -12.82 11.37 -24.76
CA ALA N 2 -13.97 11.46 -23.86
C ALA N 2 -14.04 10.22 -22.97
N ALA N 3 -14.86 9.26 -23.37
CA ALA N 3 -14.99 7.99 -22.66
C ALA N 3 -14.44 6.83 -23.48
N VAL N 4 -13.34 7.05 -24.19
CA VAL N 4 -12.77 6.03 -25.06
C VAL N 4 -11.88 5.11 -24.24
N ILE N 5 -11.83 3.83 -24.63
CA ILE N 5 -11.03 2.83 -23.96
C ILE N 5 -9.90 2.32 -24.85
N ASN N 6 -10.17 2.19 -26.15
CA ASN N 6 -9.21 1.54 -27.05
C ASN N 6 -7.88 2.27 -27.05
N THR N 7 -7.91 3.59 -27.20
CA THR N 7 -6.70 4.40 -27.22
C THR N 7 -6.77 5.46 -26.13
N ASN N 8 -5.74 5.53 -25.30
CA ASN N 8 -5.63 6.54 -24.26
C ASN N 8 -4.50 7.48 -24.65
N TYR N 9 -4.86 8.66 -25.16
CA TYR N 9 -3.87 9.61 -25.62
C TYR N 9 -2.98 10.10 -24.48
N LEU N 10 -3.55 10.25 -23.27
CA LEU N 10 -2.79 10.73 -22.13
C LEU N 10 -1.66 9.77 -21.78
N SER N 11 -1.92 8.47 -21.87
CA SER N 11 -0.86 7.50 -21.61
C SER N 11 0.28 7.67 -22.60
N LEU N 12 -0.04 7.89 -23.88
CA LEU N 12 1.00 8.08 -24.87
C LEU N 12 1.81 9.33 -24.59
N VAL N 13 1.15 10.41 -24.20
CA VAL N 13 1.86 11.65 -23.86
C VAL N 13 2.80 11.40 -22.68
N ALA N 14 2.31 10.70 -21.65
CA ALA N 14 3.13 10.42 -20.49
C ALA N 14 4.34 9.57 -20.86
N GLN N 15 4.14 8.57 -21.71
CA GLN N 15 5.25 7.72 -22.13
C GLN N 15 6.29 8.52 -22.90
N ASN N 16 5.86 9.41 -23.79
CA ASN N 16 6.82 10.19 -24.56
C ASN N 16 7.62 11.13 -23.66
N ASN N 17 6.95 11.79 -22.72
CA ASN N 17 7.67 12.70 -21.83
C ASN N 17 8.61 11.92 -20.92
N LEU N 18 8.20 10.74 -20.46
CA LEU N 18 9.09 9.88 -19.69
C LEU N 18 10.30 9.47 -20.52
N ASN N 19 10.11 9.21 -21.81
CA ASN N 19 11.23 8.88 -22.68
C ASN N 19 12.19 10.05 -22.81
N LYS N 20 11.68 11.26 -22.95
CA LYS N 20 12.54 12.44 -23.00
C LYS N 20 13.36 12.57 -21.72
N SER N 21 12.69 12.42 -20.57
CA SER N 21 13.39 12.53 -19.30
C SER N 21 14.43 11.44 -19.14
N GLN N 22 14.12 10.22 -19.59
CA GLN N 22 15.08 9.12 -19.49
C GLN N 22 16.28 9.34 -20.40
N SER N 23 16.05 9.91 -21.59
CA SER N 23 17.18 10.23 -22.46
C SER N 23 18.09 11.26 -21.79
N SER N 24 17.50 12.30 -21.19
CA SER N 24 18.31 13.27 -20.48
C SER N 24 19.08 12.63 -19.32
N LEU N 25 18.41 11.73 -18.58
CA LEU N 25 19.07 11.03 -17.49
C LEU N 25 20.23 10.18 -18.00
N GLY N 26 20.04 9.53 -19.15
CA GLY N 26 21.11 8.71 -19.70
C GLY N 26 22.31 9.53 -20.10
N THR N 27 22.08 10.67 -20.75
CA THR N 27 23.20 11.54 -21.10
C THR N 27 23.91 12.05 -19.85
N ALA N 28 23.15 12.43 -18.82
CA ALA N 28 23.77 12.91 -17.58
C ALA N 28 24.60 11.81 -16.92
N ILE N 29 24.07 10.58 -16.89
CA ILE N 29 24.77 9.48 -16.26
C ILE N 29 26.03 9.13 -17.03
N GLU N 30 25.96 9.15 -18.36
CA GLU N 30 27.14 8.89 -19.17
C GLU N 30 28.21 9.95 -18.93
N ARG N 31 27.80 11.22 -18.85
CA ARG N 31 28.76 12.29 -18.59
C ARG N 31 29.39 12.14 -17.21
N LEU N 32 28.60 11.74 -16.21
CA LEU N 32 29.16 11.51 -14.88
C LEU N 32 30.16 10.36 -14.89
N SER N 33 29.76 9.21 -15.44
CA SER N 33 30.62 8.03 -15.41
C SER N 33 31.91 8.26 -16.18
N SER N 34 31.80 8.73 -17.42
CA SER N 34 32.99 8.94 -18.23
C SER N 34 33.86 10.07 -17.69
N GLY N 35 33.24 11.11 -17.14
CA GLY N 35 33.96 12.29 -16.74
C GLY N 35 34.25 13.26 -17.87
N LEU N 36 33.75 12.99 -19.07
CA LEU N 36 33.97 13.84 -20.23
C LEU N 36 32.62 14.27 -20.76
N ARG N 37 32.40 15.58 -20.86
CA ARG N 37 31.14 16.09 -21.40
C ARG N 37 30.96 15.68 -22.86
N ILE N 38 32.01 15.86 -23.66
CA ILE N 38 31.95 15.56 -25.09
C ILE N 38 32.40 14.10 -25.27
N ASN N 39 31.45 13.19 -25.08
CA ASN N 39 31.63 11.79 -25.36
C ASN N 39 30.54 11.36 -26.33
N SER N 40 30.84 10.40 -27.19
CA SER N 40 29.89 9.97 -28.22
C SER N 40 29.52 11.15 -29.13
N ALA N 41 30.48 11.49 -30.00
CA ALA N 41 30.59 12.77 -30.69
C ALA N 41 29.27 13.37 -31.17
N LYS N 42 28.21 12.57 -31.27
CA LYS N 42 26.87 13.12 -31.45
C LYS N 42 26.61 14.30 -30.52
N ASP N 43 27.27 14.35 -29.36
CA ASP N 43 27.20 15.51 -28.48
C ASP N 43 28.36 16.44 -28.82
N ASP N 44 28.03 17.59 -29.44
CA ASP N 44 29.00 18.63 -29.77
C ASP N 44 30.11 18.06 -30.67
N ALA N 45 29.72 17.77 -31.91
CA ALA N 45 30.62 17.10 -32.84
C ALA N 45 31.91 17.87 -33.03
N ALA N 46 31.84 19.19 -33.19
CA ALA N 46 33.04 20.00 -33.35
C ALA N 46 33.90 19.97 -32.09
N GLY N 47 33.25 19.88 -30.93
CA GLY N 47 33.99 19.84 -29.68
C GLY N 47 34.93 18.66 -29.61
N MET N 48 34.47 17.48 -30.06
CA MET N 48 35.34 16.32 -30.02
C MET N 48 36.46 16.42 -31.05
N ALA N 49 36.22 17.06 -32.19
CA ALA N 49 37.32 17.31 -33.12
C ALA N 49 38.37 18.21 -32.49
N ILE N 50 37.93 19.28 -31.82
CA ILE N 50 38.87 20.17 -31.15
C ILE N 50 39.64 19.41 -30.07
N ALA N 51 38.92 18.61 -29.28
CA ALA N 51 39.58 17.86 -28.22
C ALA N 51 40.55 16.83 -28.77
N ASN N 52 40.20 16.20 -29.90
CA ASN N 52 41.10 15.25 -30.54
C ASN N 52 42.38 15.94 -30.97
N ARG N 53 42.26 17.09 -31.62
CA ARG N 53 43.46 17.82 -32.02
C ARG N 53 44.28 18.24 -30.81
N PHE N 54 43.61 18.68 -29.74
CA PHE N 54 44.31 19.10 -28.54
C PHE N 54 45.03 17.93 -27.87
N THR N 55 44.39 16.76 -27.83
CA THR N 55 45.02 15.58 -27.26
C THR N 55 46.24 15.18 -28.09
N ALA N 56 46.11 15.17 -29.40
CA ALA N 56 47.27 14.86 -30.23
C ALA N 56 48.40 15.84 -29.94
N ASN N 57 48.09 17.12 -29.86
CA ASN N 57 49.11 18.13 -29.61
C ASN N 57 49.75 17.94 -28.24
N VAL N 58 48.95 17.66 -27.20
CA VAL N 58 49.50 17.61 -25.85
C VAL N 58 50.38 16.36 -25.67
N ARG N 59 49.94 15.21 -26.17
CA ARG N 59 50.80 14.03 -26.09
C ARG N 59 52.07 14.22 -26.91
N GLY N 60 51.94 14.81 -28.10
CA GLY N 60 53.12 15.10 -28.89
C GLY N 60 54.09 16.01 -28.18
N LEU N 61 53.57 17.03 -27.49
CA LEU N 61 54.45 17.98 -26.81
C LEU N 61 55.10 17.35 -25.58
N THR N 62 54.39 16.50 -24.85
CA THR N 62 55.03 15.80 -23.73
C THR N 62 56.13 14.87 -24.23
N GLN N 63 55.87 14.14 -25.32
CA GLN N 63 56.90 13.29 -25.89
C GLN N 63 58.07 14.13 -26.39
N ALA N 64 57.78 15.32 -26.90
CA ALA N 64 58.83 16.25 -27.31
C ALA N 64 59.66 16.70 -26.12
N ALA N 65 59.01 16.95 -24.98
CA ALA N 65 59.76 17.30 -23.78
C ALA N 65 60.66 16.15 -23.35
N ARG N 66 60.18 14.92 -23.48
CA ARG N 66 61.04 13.77 -23.20
C ARG N 66 62.24 13.73 -24.15
N ASN N 67 62.00 13.98 -25.43
CA ASN N 67 63.08 14.03 -26.40
C ASN N 67 64.09 15.11 -26.06
N ALA N 68 63.60 16.28 -25.66
CA ALA N 68 64.48 17.37 -25.27
C ALA N 68 65.29 17.01 -24.03
N ASN N 69 64.69 16.30 -23.08
CA ASN N 69 65.43 15.84 -21.91
C ASN N 69 66.55 14.90 -22.32
N ASP N 70 66.26 13.99 -23.26
CA ASP N 70 67.32 13.13 -23.79
C ASP N 70 68.42 13.95 -24.45
N GLY N 71 68.04 15.00 -25.17
CA GLY N 71 69.03 15.87 -25.76
C GLY N 71 69.90 16.57 -24.73
N ILE N 72 69.29 17.04 -23.65
CA ILE N 72 70.07 17.66 -22.57
C ILE N 72 71.05 16.67 -21.98
N SER N 73 70.60 15.43 -21.77
CA SER N 73 71.50 14.44 -21.20
C SER N 73 72.65 14.11 -22.16
N LEU N 74 72.35 14.02 -23.45
CA LEU N 74 73.41 13.78 -24.44
C LEU N 74 74.43 14.93 -24.42
N ALA N 75 73.94 16.16 -24.38
CA ALA N 75 74.84 17.30 -24.28
C ALA N 75 75.65 17.24 -23.00
N GLN N 76 75.05 16.75 -21.91
CA GLN N 76 75.79 16.63 -20.65
C GLN N 76 76.92 15.63 -20.77
N THR N 77 76.67 14.48 -21.40
CA THR N 77 77.74 13.50 -21.59
C THR N 77 78.86 14.07 -22.45
N THR N 78 78.49 14.75 -23.54
CA THR N 78 79.51 15.38 -24.39
C THR N 78 80.29 16.43 -23.62
N GLU N 79 79.60 17.21 -22.78
CA GLU N 79 80.26 18.22 -21.97
C GLU N 79 81.24 17.60 -20.98
N GLY N 80 80.86 16.49 -20.35
CA GLY N 80 81.77 15.84 -19.43
C GLY N 80 83.01 15.31 -20.13
N ALA N 81 82.81 14.65 -21.27
CA ALA N 81 83.96 14.15 -22.02
C ALA N 81 84.88 15.29 -22.46
N ALA N 82 84.30 16.38 -22.97
CA ALA N 82 85.11 17.52 -23.40
C ALA N 82 85.83 18.16 -22.21
N SER N 83 85.18 18.22 -21.05
CA SER N 83 85.83 18.76 -19.87
C SER N 83 87.04 17.93 -19.48
N GLU N 84 86.92 16.60 -19.59
CA GLU N 84 88.08 15.77 -19.26
C GLU N 84 89.18 15.94 -20.30
N VAL N 85 88.82 16.10 -21.57
CA VAL N 85 89.82 16.42 -22.58
C VAL N 85 90.53 17.73 -22.23
N ASN N 86 89.78 18.71 -21.74
CA ASN N 86 90.39 19.97 -21.32
C ASN N 86 91.36 19.76 -20.16
N THR N 87 90.95 18.97 -19.17
CA THR N 87 91.83 18.69 -18.04
C THR N 87 93.10 18.00 -18.49
N HIS N 88 93.01 17.17 -19.52
CA HIS N 88 94.22 16.63 -20.14
C HIS N 88 95.06 17.73 -20.76
N LEU N 89 94.44 18.54 -21.63
CA LEU N 89 95.19 19.53 -22.39
C LEU N 89 95.94 20.49 -21.47
N GLN N 90 95.37 20.79 -20.30
CA GLN N 90 96.12 21.59 -19.34
C GLN N 90 97.42 20.90 -18.93
N ARG N 91 97.37 19.59 -18.69
CA ARG N 91 98.56 18.86 -18.28
C ARG N 91 99.58 18.78 -19.41
N ILE N 92 99.12 18.53 -20.64
CA ILE N 92 100.05 18.54 -21.77
C ILE N 92 100.69 19.92 -21.92
N ARG N 93 99.91 20.99 -21.77
CA ARG N 93 100.49 22.32 -21.87
C ARG N 93 101.53 22.56 -20.78
N GLU N 94 101.22 22.18 -19.55
CA GLU N 94 102.16 22.40 -18.45
C GLU N 94 103.45 21.61 -18.68
N LEU N 95 103.34 20.37 -19.13
CA LEU N 95 104.53 19.56 -19.38
C LEU N 95 105.31 20.08 -20.58
N THR N 96 104.62 20.63 -21.59
CA THR N 96 105.34 21.23 -22.71
C THR N 96 106.12 22.45 -22.27
N VAL N 97 105.52 23.27 -21.40
CA VAL N 97 106.24 24.42 -20.86
C VAL N 97 107.44 23.95 -20.06
N GLN N 98 107.27 22.88 -19.26
CA GLN N 98 108.38 22.35 -18.48
C GLN N 98 109.51 21.86 -19.37
N ALA N 99 109.17 21.05 -20.39
CA ALA N 99 110.19 20.44 -21.23
C ALA N 99 110.81 21.43 -22.20
N SER N 100 110.15 22.55 -22.47
CA SER N 100 110.76 23.58 -23.32
C SER N 100 112.02 24.17 -22.68
N ASN N 101 112.18 24.00 -21.38
CA ASN N 101 113.40 24.45 -20.72
C ASN N 101 114.59 23.65 -21.25
N GLY N 102 115.69 24.34 -21.55
CA GLY N 102 116.84 23.70 -22.14
C GLY N 102 117.75 22.97 -21.18
N SER N 103 117.51 23.09 -19.87
CA SER N 103 118.37 22.43 -18.90
C SER N 103 118.17 20.92 -18.90
N TYR N 104 116.95 20.45 -19.16
CA TYR N 104 116.68 19.03 -19.12
C TYR N 104 117.42 18.31 -20.24
N SER N 105 118.05 17.18 -19.90
CA SER N 105 118.76 16.40 -20.89
C SER N 105 117.78 15.57 -21.71
N GLN N 106 118.32 14.80 -22.66
CA GLN N 106 117.47 14.13 -23.64
C GLN N 106 116.58 13.07 -22.99
N GLU N 107 117.10 12.37 -21.98
CA GLU N 107 116.35 11.28 -21.37
C GLU N 107 115.13 11.78 -20.62
N GLN N 108 115.26 12.89 -19.89
CA GLN N 108 114.11 13.44 -19.19
C GLN N 108 113.05 13.91 -20.17
N LEU N 109 113.47 14.52 -21.28
CA LEU N 109 112.51 14.88 -22.32
C LEU N 109 111.85 13.64 -22.91
N ASP N 110 112.60 12.54 -23.00
CA ASP N 110 112.00 11.30 -23.48
C ASP N 110 110.91 10.80 -22.54
N SER N 111 111.17 10.85 -21.23
CA SER N 111 110.14 10.44 -20.28
C SER N 111 108.93 11.36 -20.34
N VAL N 112 109.17 12.67 -20.43
CA VAL N 112 108.07 13.63 -20.51
C VAL N 112 107.25 13.39 -21.77
N GLN N 113 107.92 13.13 -22.89
CA GLN N 113 107.22 12.88 -24.14
C GLN N 113 106.48 11.57 -24.10
N GLY N 114 106.99 10.57 -23.37
CA GLY N 114 106.23 9.36 -23.16
C GLY N 114 104.93 9.63 -22.41
N GLU N 115 105.01 10.45 -21.37
CA GLU N 115 103.80 10.85 -20.66
C GLU N 115 102.83 11.58 -21.60
N ILE N 116 103.36 12.50 -22.40
CA ILE N 116 102.52 13.26 -23.32
C ILE N 116 101.86 12.33 -24.34
N ASN N 117 102.62 11.39 -24.88
CA ASN N 117 102.08 10.44 -25.84
C ASN N 117 100.96 9.63 -25.21
N GLN N 118 101.14 9.20 -23.96
CA GLN N 118 100.10 8.41 -23.34
C GLN N 118 98.87 9.26 -23.05
N ARG N 119 99.06 10.55 -22.71
CA ARG N 119 97.93 11.46 -22.56
C ARG N 119 97.16 11.63 -23.87
N LEU N 120 97.89 11.77 -24.99
CA LEU N 120 97.23 11.86 -26.28
C LEU N 120 96.49 10.58 -26.61
N ALA N 121 97.07 9.44 -26.26
CA ALA N 121 96.37 8.16 -26.42
C ALA N 121 95.10 8.15 -25.59
N ASP N 122 95.12 8.75 -24.40
CA ASP N 122 93.91 8.85 -23.61
C ASP N 122 92.87 9.74 -24.27
N ILE N 123 93.32 10.83 -24.88
CA ILE N 123 92.38 11.70 -25.60
C ILE N 123 91.72 10.94 -26.74
N ASP N 124 92.52 10.19 -27.50
CA ASP N 124 91.98 9.38 -28.58
C ASP N 124 91.02 8.32 -28.05
N ARG N 125 91.36 7.70 -26.92
CA ARG N 125 90.47 6.72 -26.30
C ARG N 125 89.16 7.38 -25.91
N ILE N 126 89.22 8.56 -25.31
CA ILE N 126 88.02 9.28 -24.91
C ILE N 126 87.14 9.53 -26.13
N SER N 127 87.76 9.95 -27.23
CA SER N 127 87.00 10.20 -28.45
C SER N 127 86.35 8.92 -28.96
N GLU N 128 87.10 7.82 -29.01
CA GLU N 128 86.59 6.61 -29.65
C GLU N 128 85.70 5.77 -28.75
N GLN N 129 85.66 6.02 -27.45
CA GLN N 129 84.87 5.21 -26.53
C GLN N 129 83.80 5.96 -25.77
N THR N 130 83.73 7.28 -25.88
CA THR N 130 82.60 8.01 -25.31
C THR N 130 81.35 7.63 -26.07
N ASP N 131 80.33 7.18 -25.34
CA ASP N 131 79.15 6.58 -25.94
C ASP N 131 77.89 7.12 -25.30
N PHE N 132 76.80 7.09 -26.07
CA PHE N 132 75.48 7.43 -25.55
C PHE N 132 74.46 6.75 -26.46
N ASN N 133 73.73 5.78 -25.92
CA ASN N 133 72.70 5.05 -26.67
C ASN N 133 73.27 4.43 -27.93
N GLY N 134 74.49 3.91 -27.84
CA GLY N 134 75.14 3.34 -29.00
C GLY N 134 75.62 4.35 -30.02
N VAL N 135 75.63 5.63 -29.69
CA VAL N 135 76.11 6.68 -30.57
C VAL N 135 77.37 7.26 -29.95
N LYS N 136 78.50 7.10 -30.64
CA LYS N 136 79.78 7.63 -30.17
C LYS N 136 79.76 9.12 -30.45
N VAL N 137 79.21 9.89 -29.50
CA VAL N 137 78.90 11.29 -29.74
C VAL N 137 80.17 12.11 -29.97
N LEU N 138 81.20 11.90 -29.16
CA LEU N 138 82.43 12.67 -29.29
C LEU N 138 83.48 11.88 -30.07
N SER N 139 83.13 11.46 -31.28
CA SER N 139 84.01 10.56 -32.02
C SER N 139 84.31 11.05 -33.42
N ASP N 140 84.97 10.22 -34.22
CA ASP N 140 85.27 10.56 -35.60
C ASP N 140 84.06 10.41 -36.51
N SER N 141 83.04 9.68 -36.07
CA SER N 141 81.82 9.48 -36.85
C SER N 141 80.64 9.90 -35.99
N ALA N 142 80.33 11.19 -36.02
CA ALA N 142 79.21 11.72 -35.24
C ALA N 142 78.60 12.88 -36.02
N LYS N 143 77.58 12.58 -36.81
CA LYS N 143 76.88 13.63 -37.51
C LYS N 143 75.95 14.38 -36.55
N PRO N 144 75.68 15.65 -36.82
CA PRO N 144 74.77 16.41 -35.96
C PRO N 144 73.40 15.76 -35.91
N LEU N 145 72.77 15.82 -34.73
CA LEU N 145 71.51 15.14 -34.50
C LEU N 145 70.34 16.04 -34.89
N THR N 146 69.12 15.55 -34.66
CA THR N 146 67.92 16.29 -35.02
C THR N 146 67.19 16.81 -33.79
N LEU N 147 66.82 15.94 -32.85
CA LEU N 147 66.22 16.33 -31.57
C LEU N 147 64.93 17.13 -31.79
N GLN N 148 63.96 16.46 -32.41
CA GLN N 148 62.68 17.11 -32.67
C GLN N 148 61.99 17.50 -31.38
N VAL N 149 61.50 18.74 -31.33
CA VAL N 149 60.77 19.26 -30.18
C VAL N 149 59.45 19.84 -30.71
N GLY N 150 58.38 19.06 -30.59
CA GLY N 150 57.05 19.50 -30.98
C GLY N 150 56.42 18.57 -31.98
N ALA N 151 55.10 18.66 -32.12
CA ALA N 151 54.40 17.95 -33.19
C ALA N 151 54.58 18.74 -34.48
N ASN N 152 53.90 18.30 -35.55
CA ASN N 152 53.95 18.99 -36.84
C ASN N 152 55.40 19.09 -37.34
N ASP N 153 55.96 17.91 -37.63
CA ASP N 153 57.38 17.76 -37.91
C ASP N 153 57.87 18.78 -38.94
N GLY N 154 59.15 19.10 -38.86
CA GLY N 154 59.74 20.14 -39.67
C GLY N 154 60.68 20.97 -38.82
N GLU N 155 60.67 20.69 -37.52
CA GLU N 155 61.51 21.38 -36.56
C GLU N 155 62.51 20.40 -35.96
N THR N 156 63.75 20.86 -35.80
CA THR N 156 64.80 20.07 -35.19
C THR N 156 65.63 20.98 -34.30
N ILE N 157 66.52 20.37 -33.53
CA ILE N 157 67.56 21.09 -32.79
C ILE N 157 68.88 20.43 -33.18
N THR N 158 69.53 20.98 -34.20
CA THR N 158 70.74 20.36 -34.72
C THR N 158 71.90 20.63 -33.77
N LEU N 159 72.63 19.58 -33.40
CA LEU N 159 73.58 19.67 -32.31
C LEU N 159 74.98 20.08 -32.75
N ASN N 160 75.45 19.60 -33.90
CA ASN N 160 76.79 19.89 -34.42
C ASN N 160 77.88 19.49 -33.42
N LEU N 161 77.91 18.19 -33.13
CA LEU N 161 78.90 17.65 -32.21
C LEU N 161 79.70 16.58 -32.94
N SER N 162 81.03 16.74 -32.94
CA SER N 162 81.94 15.79 -33.56
C SER N 162 83.37 16.27 -33.37
N GLU N 163 84.31 15.34 -33.52
CA GLU N 163 85.72 15.63 -33.77
C GLU N 163 86.36 16.45 -32.64
N ILE N 164 86.45 15.82 -31.47
CA ILE N 164 87.37 16.25 -30.42
C ILE N 164 88.28 15.08 -30.13
N SER N 165 89.51 15.14 -30.63
CA SER N 165 90.46 14.04 -30.58
C SER N 165 91.79 14.46 -31.21
N VAL N 166 92.78 13.58 -31.16
CA VAL N 166 93.88 13.72 -32.09
C VAL N 166 93.34 13.46 -33.49
N LYS N 167 94.09 13.92 -34.50
CA LYS N 167 93.73 13.84 -35.91
C LYS N 167 92.62 14.86 -36.22
N THR N 168 92.13 15.55 -35.19
CA THR N 168 91.25 16.69 -35.40
C THR N 168 91.57 17.90 -34.54
N LEU N 169 92.27 17.76 -33.42
CA LEU N 169 92.69 18.95 -32.67
C LEU N 169 93.94 19.59 -33.26
N GLY N 170 94.63 18.92 -34.20
CA GLY N 170 95.74 19.49 -34.89
C GLY N 170 97.10 19.13 -34.35
N LEU N 171 97.17 18.58 -33.14
CA LEU N 171 98.46 18.24 -32.56
C LEU N 171 99.14 17.19 -33.43
N ASP N 172 98.57 15.99 -33.46
CA ASP N 172 98.78 14.97 -34.49
C ASP N 172 100.19 14.41 -34.49
N GLY N 173 101.11 15.11 -33.85
CA GLY N 173 102.50 14.71 -33.84
C GLY N 173 103.23 15.18 -32.59
N PHE N 174 102.51 15.36 -31.49
CA PHE N 174 102.99 16.28 -30.47
C PHE N 174 104.27 15.75 -29.83
N ASN N 175 105.39 16.24 -30.34
CA ASN N 175 106.71 15.71 -30.05
C ASN N 175 107.56 16.82 -29.42
N VAL N 176 108.06 16.57 -28.22
CA VAL N 176 108.93 17.52 -27.53
C VAL N 176 110.38 17.05 -27.51
N ASN N 177 110.63 15.78 -27.81
CA ASN N 177 111.96 15.25 -28.01
C ASN N 177 112.14 14.93 -29.49
N GLY N 178 113.23 14.26 -29.83
CA GLY N 178 113.58 14.14 -31.23
C GLY N 178 112.79 13.12 -32.05
N LYS N 179 112.08 12.18 -31.43
CA LYS N 179 111.62 11.03 -32.20
C LYS N 179 110.36 11.36 -33.01
N GLY N 180 109.26 11.74 -32.35
CA GLY N 180 108.02 12.04 -33.04
C GLY N 180 107.48 10.93 -33.95
N VAL N 181 106.48 11.31 -34.73
CA VAL N 181 105.89 10.43 -35.75
C VAL N 181 105.12 11.28 -36.73
N THR N 182 105.22 10.94 -38.01
CA THR N 182 104.50 11.64 -39.08
C THR N 182 104.07 10.61 -40.12
N GLN N 183 102.76 10.51 -40.34
CA GLN N 183 102.25 9.59 -41.35
C GLN N 183 102.40 10.17 -42.75
N ASN N 184 102.78 9.33 -43.69
CA ASN N 184 102.93 9.74 -45.09
C ASN N 184 101.55 9.76 -45.76
N ARG N 185 101.53 9.91 -47.08
CA ARG N 185 100.31 9.90 -47.85
C ARG N 185 100.35 8.78 -48.88
N SER N 186 99.19 8.19 -49.14
CA SER N 186 99.10 7.11 -50.12
C SER N 186 99.48 7.61 -51.50
N ALA N 187 100.34 6.85 -52.19
CA ALA N 187 100.79 7.25 -53.51
C ALA N 187 99.68 7.06 -54.54
N THR N 188 99.68 7.93 -55.54
CA THR N 188 98.69 7.91 -56.62
C THR N 188 99.39 7.64 -57.95
N VAL N 189 98.58 7.48 -59.00
CA VAL N 189 99.15 7.22 -60.32
C VAL N 189 99.98 8.41 -60.80
N THR N 190 99.58 9.64 -60.45
CA THR N 190 100.40 10.79 -60.77
C THR N 190 101.75 10.73 -60.07
N ASP N 191 101.77 10.28 -58.82
CA ASP N 191 103.02 10.20 -58.08
C ASP N 191 103.98 9.22 -58.73
N VAL N 192 103.48 8.05 -59.13
CA VAL N 192 104.36 7.07 -59.77
C VAL N 192 104.78 7.53 -61.16
N ILE N 193 103.87 8.17 -61.90
CA ILE N 193 104.24 8.71 -63.21
C ILE N 193 105.34 9.75 -63.06
N ALA N 194 105.35 10.48 -61.94
CA ALA N 194 106.45 11.41 -61.67
C ALA N 194 107.81 10.71 -61.63
N GLN N 195 107.83 9.40 -61.32
CA GLN N 195 109.08 8.65 -61.35
C GLN N 195 109.57 8.36 -62.76
N GLY N 196 108.72 8.54 -63.77
CA GLY N 196 109.13 8.34 -65.15
C GLY N 196 109.15 6.90 -65.64
N GLY N 197 108.59 5.98 -64.89
CA GLY N 197 108.57 4.58 -65.30
C GLY N 197 107.48 4.29 -66.31
N THR N 198 107.41 3.02 -66.69
CA THR N 198 106.45 2.56 -67.69
C THR N 198 105.24 1.92 -67.01
N LEU N 199 104.09 2.00 -67.67
CA LEU N 199 102.83 1.50 -67.16
C LEU N 199 102.30 0.41 -68.06
N GLN N 200 101.61 -0.57 -67.46
CA GLN N 200 101.13 -1.72 -68.20
C GLN N 200 99.68 -2.06 -67.84
N GLY N 201 99.22 -3.23 -68.26
CA GLY N 201 97.83 -3.59 -68.04
C GLY N 201 97.47 -3.68 -66.58
N ASP N 202 96.17 -3.54 -66.31
CA ASP N 202 95.61 -3.52 -64.96
C ASP N 202 96.16 -2.34 -64.14
N GLY N 203 96.74 -1.36 -64.81
CA GLY N 203 97.36 -0.26 -64.12
C GLY N 203 98.71 -0.57 -63.52
N THR N 204 99.26 -1.75 -63.79
CA THR N 204 100.58 -2.10 -63.27
C THR N 204 101.62 -1.13 -63.80
N TYR N 205 102.47 -0.65 -62.90
CA TYR N 205 103.45 0.38 -63.22
C TYR N 205 104.84 -0.16 -62.88
N LYS N 206 105.84 0.34 -63.59
CA LYS N 206 107.22 -0.11 -63.44
C LYS N 206 108.06 1.07 -62.92
N ALA N 207 108.16 1.17 -61.60
CA ALA N 207 108.95 2.23 -60.97
C ALA N 207 110.33 1.68 -60.62
N THR N 208 111.37 2.33 -61.15
CA THR N 208 112.75 1.89 -60.97
C THR N 208 113.42 2.79 -59.93
N THR N 209 113.33 2.40 -58.67
CA THR N 209 113.94 3.16 -57.60
C THR N 209 115.46 2.99 -57.61
N THR N 210 116.18 4.09 -57.48
CA THR N 210 117.62 4.07 -57.41
C THR N 210 118.08 3.80 -55.98
N PHE N 211 119.35 3.39 -55.85
CA PHE N 211 119.86 2.97 -54.56
C PHE N 211 121.29 3.46 -54.32
N ASN N 212 121.66 4.58 -54.94
CA ASN N 212 123.01 5.10 -54.78
C ASN N 212 123.32 5.38 -53.32
N ALA N 213 124.26 4.63 -52.77
CA ALA N 213 124.54 4.67 -51.33
C ALA N 213 125.96 4.13 -51.12
N ALA N 214 126.26 3.75 -49.87
CA ALA N 214 127.57 3.23 -49.48
C ALA N 214 128.65 4.30 -49.55
N SER N 215 128.33 5.49 -49.04
CA SER N 215 129.30 6.57 -48.94
C SER N 215 130.18 6.33 -47.72
N ALA N 216 131.03 7.31 -47.40
CA ALA N 216 132.02 7.14 -46.36
C ALA N 216 131.39 6.98 -44.98
N GLU N 217 130.33 7.75 -44.69
CA GLU N 217 129.79 7.79 -43.34
C GLU N 217 129.18 6.46 -42.91
N THR N 218 128.73 5.63 -43.85
CA THR N 218 128.10 4.37 -43.49
C THR N 218 129.06 3.20 -43.50
N VAL N 219 130.09 3.24 -44.36
CA VAL N 219 131.03 2.12 -44.43
C VAL N 219 131.90 2.07 -43.18
N LEU N 220 132.32 3.24 -42.67
CA LEU N 220 133.19 3.27 -41.50
C LEU N 220 132.49 2.74 -40.26
N SER N 221 131.15 2.67 -40.27
CA SER N 221 130.44 2.06 -39.16
C SER N 221 130.76 0.58 -39.04
N LYS N 222 131.01 -0.10 -40.16
CA LYS N 222 131.42 -1.50 -40.18
C LYS N 222 132.84 -1.55 -40.71
N LEU N 223 133.82 -1.39 -39.81
CA LEU N 223 135.21 -1.35 -40.22
C LEU N 223 136.10 -1.90 -39.11
N GLU N 224 136.89 -2.91 -39.46
CA GLU N 224 137.96 -3.40 -38.59
C GLU N 224 139.28 -3.61 -39.31
N ASP N 225 139.27 -3.82 -40.62
CA ASP N 225 140.48 -4.02 -41.39
C ASP N 225 141.06 -2.67 -41.83
N GLY N 226 142.00 -2.71 -42.77
CA GLY N 226 142.71 -1.50 -43.14
C GLY N 226 141.91 -0.57 -44.04
N ASN N 227 142.39 0.67 -44.11
CA ASN N 227 141.83 1.71 -44.95
C ASN N 227 142.97 2.42 -45.67
N THR N 228 142.67 2.98 -46.83
CA THR N 228 143.69 3.67 -47.61
C THR N 228 143.07 4.79 -48.43
N VAL N 229 143.87 5.82 -48.68
CA VAL N 229 143.50 6.94 -49.54
C VAL N 229 144.67 7.22 -50.46
N ALA N 230 144.37 7.78 -51.63
CA ALA N 230 145.39 8.08 -52.62
C ALA N 230 144.86 9.12 -53.60
N VAL N 231 145.69 10.09 -53.95
CA VAL N 231 145.32 11.16 -54.87
C VAL N 231 146.14 11.02 -56.15
N GLY N 232 145.45 10.93 -57.28
CA GLY N 232 146.08 10.86 -58.59
C GLY N 232 147.25 9.91 -58.69
N GLY N 233 148.40 10.45 -59.12
CA GLY N 233 149.65 9.73 -59.14
C GLY N 233 150.55 9.98 -57.95
N GLY N 234 150.04 10.62 -56.89
CA GLY N 234 150.85 10.91 -55.73
C GLY N 234 150.96 9.73 -54.79
N ALA N 235 151.51 10.01 -53.61
CA ALA N 235 151.73 8.97 -52.61
C ALA N 235 150.39 8.47 -52.06
N THR N 236 150.40 7.21 -51.63
CA THR N 236 149.22 6.56 -51.08
C THR N 236 149.41 6.34 -49.59
N TYR N 237 148.43 6.75 -48.80
CA TYR N 237 148.49 6.63 -47.35
C TYR N 237 147.41 5.67 -46.87
N THR N 238 147.80 4.77 -45.98
CA THR N 238 146.93 3.71 -45.50
C THR N 238 146.60 3.93 -44.02
N TYR N 239 145.49 3.35 -43.60
CA TYR N 239 145.00 3.46 -42.23
C TYR N 239 144.51 2.09 -41.78
N ASP N 240 144.23 1.98 -40.47
CA ASP N 240 143.73 0.73 -39.93
C ASP N 240 143.03 1.01 -38.61
N ALA N 241 141.72 0.77 -38.55
CA ALA N 241 140.92 1.07 -37.37
C ALA N 241 141.28 0.08 -36.26
N ALA N 242 141.99 0.57 -35.24
CA ALA N 242 142.38 -0.24 -34.09
C ALA N 242 142.01 0.49 -32.82
N LYS N 243 141.14 -0.13 -32.02
CA LYS N 243 140.72 0.41 -30.71
C LYS N 243 140.16 1.82 -30.84
N GLY N 244 139.32 2.04 -31.85
CA GLY N 244 138.72 3.33 -32.08
C GLY N 244 139.63 4.35 -32.73
N ASN N 245 140.84 3.96 -33.14
CA ASN N 245 141.78 4.86 -33.77
C ASN N 245 142.37 4.18 -35.00
N PHE N 246 142.84 4.99 -35.94
CA PHE N 246 143.44 4.49 -37.16
C PHE N 246 144.97 4.64 -37.08
N THR N 247 145.67 3.54 -37.32
CA THR N 247 147.14 3.52 -37.25
C THR N 247 147.71 4.17 -38.52
N TYR N 248 147.45 5.46 -38.65
CA TYR N 248 147.94 6.21 -39.79
C TYR N 248 149.46 6.30 -39.76
N THR N 249 150.08 6.07 -40.91
CA THR N 249 151.52 6.10 -41.03
C THR N 249 151.92 7.29 -41.89
N LYS N 250 152.58 8.27 -41.27
CA LYS N 250 153.06 9.44 -42.01
C LYS N 250 154.35 9.05 -42.71
N THR N 251 154.21 8.52 -43.92
CA THR N 251 155.35 8.14 -44.74
C THR N 251 155.76 9.33 -45.58
N VAL N 252 156.96 9.86 -45.34
CA VAL N 252 157.44 10.99 -46.11
C VAL N 252 157.61 10.58 -47.56
N ASP N 253 157.17 11.45 -48.48
CA ASP N 253 157.23 11.20 -49.91
C ASP N 253 158.65 10.85 -50.33
N THR N 254 158.80 10.15 -51.46
CA THR N 254 160.12 9.70 -51.86
C THR N 254 160.65 10.47 -53.06
N THR N 255 159.98 10.37 -54.22
CA THR N 255 160.24 11.18 -55.40
C THR N 255 161.70 11.56 -55.60
N VAL N 256 162.62 10.62 -55.46
CA VAL N 256 164.05 10.91 -55.50
C VAL N 256 164.79 9.82 -56.24
N GLY N 257 165.74 10.24 -57.08
CA GLY N 257 166.75 9.35 -57.63
C GLY N 257 168.05 9.52 -56.87
N ALA N 258 168.97 10.31 -57.42
CA ALA N 258 170.21 10.62 -56.74
C ALA N 258 170.14 11.88 -55.89
N ASP N 259 169.02 12.62 -55.94
CA ASP N 259 168.89 13.88 -55.20
C ASP N 259 168.29 13.60 -53.82
N VAL N 260 169.11 12.96 -52.98
CA VAL N 260 168.67 12.56 -51.65
C VAL N 260 168.25 13.75 -50.80
N THR N 261 168.72 14.95 -51.13
CA THR N 261 168.48 16.12 -50.30
C THR N 261 166.99 16.45 -50.16
N ALA N 262 166.15 15.96 -51.08
CA ALA N 262 164.72 16.25 -50.98
C ALA N 262 164.13 15.67 -49.71
N LEU N 263 164.49 14.43 -49.39
CA LEU N 263 163.99 13.80 -48.16
C LEU N 263 164.48 14.55 -46.93
N ALA N 264 165.75 14.94 -46.90
CA ALA N 264 166.27 15.68 -45.76
C ALA N 264 165.58 17.03 -45.61
N ASN N 265 165.37 17.74 -46.72
CA ASN N 265 164.70 19.04 -46.66
C ASN N 265 163.21 18.92 -46.44
N LYS N 266 162.63 17.73 -46.59
CA LYS N 266 161.24 17.51 -46.23
C LYS N 266 161.08 17.12 -44.78
N ILE N 267 162.04 16.38 -44.22
CA ILE N 267 161.93 15.93 -42.83
C ILE N 267 162.50 16.95 -41.85
N LYS N 268 163.45 17.79 -42.27
CA LYS N 268 164.02 18.79 -41.37
C LYS N 268 163.00 19.79 -40.85
N PRO N 269 162.10 20.35 -41.67
CA PRO N 269 161.14 21.33 -41.11
C PRO N 269 160.21 20.73 -40.08
N SER N 270 160.05 19.41 -40.04
CA SER N 270 159.24 18.80 -38.99
C SER N 270 159.82 19.08 -37.60
N SER N 271 161.13 19.27 -37.52
CA SER N 271 161.80 19.63 -36.27
C SER N 271 162.85 20.69 -36.54
N GLY N 272 162.55 21.64 -37.42
CA GLY N 272 163.53 22.63 -37.85
C GLY N 272 163.77 23.76 -36.88
N THR N 273 164.26 23.43 -35.69
CA THR N 273 164.63 24.44 -34.70
C THR N 273 165.64 23.81 -33.75
N ILE N 274 166.37 24.66 -33.03
CA ILE N 274 167.35 24.18 -32.08
C ILE N 274 166.64 23.48 -30.92
N SER N 275 166.93 22.20 -30.72
CA SER N 275 166.36 21.42 -29.65
C SER N 275 167.47 20.56 -29.04
N GLY N 276 167.09 19.69 -28.11
CA GLY N 276 168.05 18.85 -27.42
C GLY N 276 167.45 17.51 -27.08
N SER N 277 168.30 16.66 -26.47
CA SER N 277 167.91 15.31 -26.07
C SER N 277 167.39 14.48 -27.25
N TYR N 278 167.93 14.72 -28.44
CA TYR N 278 167.56 13.92 -29.59
C TYR N 278 168.06 12.49 -29.42
N GLU N 279 167.32 11.56 -30.02
CA GLU N 279 167.64 10.14 -29.98
C GLU N 279 168.01 9.70 -31.38
N ILE N 280 169.26 9.29 -31.57
CA ILE N 280 169.76 8.87 -32.87
C ILE N 280 170.00 7.36 -32.78
N SER N 281 169.11 6.59 -33.39
CA SER N 281 169.23 5.13 -33.42
C SER N 281 169.56 4.71 -34.84
N THR N 282 170.85 4.73 -35.18
CA THR N 282 171.34 4.28 -36.46
C THR N 282 172.00 2.91 -36.30
N GLY N 283 172.55 2.41 -37.39
CA GLY N 283 173.19 1.10 -37.34
C GLY N 283 172.19 0.05 -36.93
N LYS N 284 172.44 -0.60 -35.80
CA LYS N 284 171.50 -1.56 -35.25
C LYS N 284 171.02 -1.21 -33.85
N SER N 285 171.92 -0.79 -32.97
CA SER N 285 171.57 -0.48 -31.59
C SER N 285 172.33 0.76 -31.11
N ALA N 286 172.37 1.80 -31.95
CA ALA N 286 173.10 3.01 -31.61
C ALA N 286 172.56 3.66 -30.35
N SER N 287 171.31 4.14 -30.42
CA SER N 287 170.60 4.70 -29.27
C SER N 287 171.41 5.81 -28.59
N PHE N 288 171.83 6.80 -29.38
CA PHE N 288 172.53 7.95 -28.82
C PHE N 288 171.55 8.92 -28.16
N ASP N 289 172.14 9.85 -27.40
CA ASP N 289 171.40 10.94 -26.75
C ASP N 289 172.11 12.23 -27.14
N VAL N 290 171.62 12.90 -28.17
CA VAL N 290 172.37 13.92 -28.89
C VAL N 290 171.65 15.26 -28.80
N ASP N 291 172.41 16.34 -28.65
CA ASP N 291 171.91 17.69 -28.75
C ASP N 291 172.14 18.22 -30.16
N ALA N 292 171.31 19.17 -30.57
CA ALA N 292 171.41 19.74 -31.92
C ALA N 292 171.07 21.22 -31.87
N ALA N 293 172.07 22.06 -32.07
CA ALA N 293 171.90 23.51 -32.21
C ALA N 293 172.18 23.93 -33.64
N GLY N 294 171.74 23.10 -34.59
CA GLY N 294 172.17 23.18 -35.96
C GLY N 294 173.33 22.27 -36.31
N LYS N 295 174.09 21.84 -35.30
CA LYS N 295 175.18 20.88 -35.46
C LYS N 295 174.95 19.73 -34.50
N ILE N 296 175.17 18.51 -34.97
CA ILE N 296 174.93 17.33 -34.14
C ILE N 296 176.07 17.18 -33.14
N THR N 297 175.74 17.25 -31.85
CA THR N 297 176.71 17.11 -30.78
C THR N 297 176.10 16.32 -29.64
N ILE N 298 176.87 15.39 -29.09
CA ILE N 298 176.46 14.64 -27.92
C ILE N 298 176.95 15.40 -26.70
N GLY N 299 176.34 15.11 -25.54
CA GLY N 299 176.59 15.88 -24.34
C GLY N 299 178.04 15.92 -23.92
N GLY N 300 178.66 17.10 -24.09
CA GLY N 300 180.06 17.29 -23.73
C GLY N 300 181.06 16.90 -24.79
N ASN N 301 180.62 16.53 -25.99
CA ASN N 301 181.54 16.10 -27.05
C ASN N 301 181.04 16.64 -28.38
N ALA N 302 181.71 16.24 -29.46
CA ALA N 302 181.42 16.75 -30.80
C ALA N 302 180.55 15.83 -31.63
N ALA N 303 180.64 14.51 -31.43
CA ALA N 303 179.79 13.53 -32.09
C ALA N 303 179.91 13.61 -33.61
N PHE N 304 181.11 13.27 -34.09
CA PHE N 304 181.36 13.21 -35.53
C PHE N 304 180.62 12.01 -36.14
N LEU N 305 180.59 11.99 -37.48
CA LEU N 305 179.99 10.90 -38.24
C LEU N 305 180.99 10.43 -39.28
N ASN N 306 181.11 9.12 -39.44
CA ASN N 306 182.05 8.56 -40.41
C ASN N 306 181.51 7.22 -40.89
N ALA N 307 182.40 6.41 -41.48
CA ALA N 307 182.07 5.08 -42.00
C ALA N 307 180.98 5.16 -43.06
N ASP N 308 181.31 5.83 -44.16
CA ASP N 308 180.40 5.89 -45.30
C ASP N 308 180.08 4.49 -45.80
N GLY N 309 178.81 4.28 -46.14
CA GLY N 309 178.29 2.97 -46.48
C GLY N 309 177.70 2.26 -45.29
N GLU N 310 178.25 2.50 -44.10
CA GLU N 310 177.73 1.98 -42.84
C GLU N 310 177.16 3.07 -41.95
N LEU N 311 177.83 4.23 -41.89
CA LEU N 311 177.24 5.47 -41.39
C LEU N 311 176.81 5.36 -39.93
N THR N 312 177.80 5.19 -39.06
CA THR N 312 177.59 5.27 -37.62
C THR N 312 178.13 6.58 -37.09
N THR N 313 177.58 7.04 -35.96
CA THR N 313 178.01 8.29 -35.35
C THR N 313 179.30 8.05 -34.57
N ASN N 314 180.43 8.35 -35.22
CA ASN N 314 181.76 8.11 -34.63
C ASN N 314 182.14 9.33 -33.80
N ASP N 315 181.90 9.24 -32.49
CA ASP N 315 182.28 10.34 -31.61
C ASP N 315 183.78 10.58 -31.57
N ALA N 316 184.58 9.59 -32.00
CA ALA N 316 186.02 9.76 -32.13
C ALA N 316 186.35 9.94 -33.60
N SER N 317 187.30 10.83 -33.89
CA SER N 317 187.64 11.16 -35.27
C SER N 317 188.16 9.95 -36.02
N GLY N 318 187.73 9.81 -37.27
CA GLY N 318 188.21 8.75 -38.13
C GLY N 318 188.78 9.26 -39.44
N ALA N 319 189.24 10.50 -39.43
CA ALA N 319 189.91 11.21 -40.54
C ALA N 319 188.97 11.53 -41.69
N LEU N 320 187.71 11.13 -41.64
CA LEU N 320 186.74 11.42 -42.71
C LEU N 320 185.41 11.84 -42.09
N THR N 321 185.45 12.70 -41.08
CA THR N 321 184.28 13.05 -40.30
C THR N 321 183.66 14.36 -40.77
N GLN N 322 182.35 14.46 -40.59
CA GLN N 322 181.59 15.66 -40.96
C GLN N 322 180.94 16.33 -39.77
N ALA N 323 180.20 15.58 -38.96
CA ALA N 323 179.58 16.08 -37.73
C ALA N 323 178.61 17.24 -38.01
N THR N 324 177.54 16.93 -38.73
CA THR N 324 176.50 17.91 -39.01
C THR N 324 175.15 17.23 -39.17
N LEU N 325 174.08 17.99 -38.93
CA LEU N 325 172.74 17.41 -38.84
C LEU N 325 172.22 16.94 -40.19
N ASP N 326 172.38 17.74 -41.23
CA ASP N 326 171.83 17.37 -42.54
C ASP N 326 172.48 16.10 -43.07
N ASP N 327 173.79 15.95 -42.86
CA ASP N 327 174.45 14.71 -43.23
C ASP N 327 173.90 13.54 -42.43
N VAL N 328 173.48 13.78 -41.19
CA VAL N 328 172.87 12.71 -40.39
C VAL N 328 171.53 12.31 -40.99
N LEU N 329 170.68 13.29 -41.30
CA LEU N 329 169.36 12.98 -41.86
C LEU N 329 169.48 12.26 -43.20
N THR N 330 170.40 12.69 -44.06
CA THR N 330 170.67 11.91 -45.26
C THR N 330 171.25 10.55 -44.91
N SER N 331 171.95 10.47 -43.78
CA SER N 331 172.66 9.25 -43.40
C SER N 331 171.73 8.24 -42.74
N VAL N 332 170.84 8.70 -41.87
CA VAL N 332 170.06 7.78 -41.04
C VAL N 332 168.97 7.11 -41.86
N GLY N 333 169.24 5.89 -42.31
CA GLY N 333 168.28 5.09 -43.05
C GLY N 333 167.75 5.72 -44.32
N THR N 334 168.20 6.94 -44.62
CA THR N 334 167.80 7.59 -45.85
C THR N 334 168.72 7.21 -47.00
N GLU N 335 169.98 6.88 -46.71
CA GLU N 335 170.91 6.44 -47.74
C GLU N 335 171.43 5.03 -47.51
N ALA N 336 172.03 4.76 -46.35
CA ALA N 336 172.76 3.51 -46.17
C ALA N 336 172.48 2.88 -44.81
N ASN N 337 171.23 2.92 -44.34
CA ASN N 337 170.83 2.21 -43.15
C ASN N 337 169.42 1.67 -43.34
N SER N 338 169.09 0.64 -42.56
CA SER N 338 167.80 -0.02 -42.66
C SER N 338 167.17 -0.14 -41.28
N SER N 339 165.87 0.11 -41.21
CA SER N 339 165.08 -0.04 -39.98
C SER N 339 165.66 0.78 -38.83
N VAL N 340 166.11 1.99 -39.14
CA VAL N 340 166.67 2.89 -38.15
C VAL N 340 165.78 4.13 -38.05
N THR N 341 166.03 4.94 -37.03
CA THR N 341 165.14 6.06 -36.75
C THR N 341 165.88 7.13 -35.96
N ILE N 342 165.24 8.30 -35.89
CA ILE N 342 165.64 9.37 -34.99
C ILE N 342 164.50 9.59 -34.01
N GLY N 343 164.78 9.44 -32.72
CA GLY N 343 163.81 9.67 -31.67
C GLY N 343 163.93 11.04 -31.07
N GLY N 344 163.58 11.13 -29.79
CA GLY N 344 163.66 12.40 -29.07
C GLY N 344 162.59 13.39 -29.49
N THR N 345 162.22 14.28 -28.56
CA THR N 345 161.22 15.32 -28.82
C THR N 345 159.91 14.70 -29.32
N LYS N 346 159.61 13.49 -28.83
CA LYS N 346 158.37 12.78 -29.10
C LYS N 346 158.13 12.62 -30.61
N TYR N 347 159.02 11.87 -31.25
CA TYR N 347 158.80 11.35 -32.59
C TYR N 347 159.80 10.22 -32.82
N SER N 348 159.55 9.45 -33.86
CA SER N 348 160.46 8.37 -34.25
C SER N 348 160.40 8.26 -35.77
N HIS N 349 161.34 8.93 -36.46
CA HIS N 349 161.36 8.97 -37.92
C HIS N 349 162.04 7.70 -38.43
N SER N 350 161.30 6.60 -38.38
CA SER N 350 161.82 5.33 -38.85
C SER N 350 162.07 5.36 -40.34
N ALA N 351 163.04 4.56 -40.78
CA ALA N 351 163.40 4.46 -42.19
C ALA N 351 162.91 3.12 -42.73
N ALA N 352 161.83 3.16 -43.52
CA ALA N 352 161.31 1.92 -44.11
C ALA N 352 162.27 1.35 -45.15
N ASP N 353 162.98 2.19 -45.88
CA ASP N 353 163.88 1.73 -46.93
C ASP N 353 165.08 2.66 -47.01
N GLU N 354 166.14 2.17 -47.64
CA GLU N 354 167.36 2.92 -47.86
C GLU N 354 167.56 3.22 -49.33
N LEU N 355 168.25 4.33 -49.60
CA LEU N 355 168.46 4.82 -50.96
C LEU N 355 169.83 4.34 -51.44
N SER N 356 169.83 3.34 -52.31
CA SER N 356 171.03 2.97 -53.04
C SER N 356 171.24 3.86 -54.26
N TYR N 357 170.52 4.98 -54.33
CA TYR N 357 170.49 5.95 -55.42
C TYR N 357 169.84 5.39 -56.67
N THR N 358 169.45 4.12 -56.68
CA THR N 358 168.57 3.55 -57.67
C THR N 358 167.24 3.12 -57.07
N ALA N 359 167.28 2.24 -56.06
CA ALA N 359 166.11 1.97 -55.25
C ALA N 359 165.91 3.13 -54.27
N VAL N 360 164.66 3.55 -54.12
CA VAL N 360 164.34 4.81 -53.47
C VAL N 360 163.98 4.55 -52.01
N ALA N 361 164.38 5.47 -51.13
CA ALA N 361 164.17 5.37 -49.70
C ALA N 361 163.00 6.23 -49.26
N THR N 362 162.68 6.14 -47.97
CA THR N 362 161.71 7.01 -47.34
C THR N 362 161.86 6.92 -45.83
N THR N 363 161.85 8.08 -45.17
CA THR N 363 161.74 8.14 -43.72
C THR N 363 160.27 8.18 -43.36
N ALA N 364 159.90 7.51 -42.29
CA ALA N 364 158.51 7.46 -41.88
C ALA N 364 158.42 7.49 -40.36
N ASP N 365 157.46 8.25 -39.87
CA ASP N 365 157.12 8.25 -38.45
C ASP N 365 155.66 7.86 -38.31
N VAL N 366 155.39 6.87 -37.46
CA VAL N 366 154.03 6.45 -37.24
C VAL N 366 153.45 7.37 -36.17
N LEU N 367 152.93 8.52 -36.58
CA LEU N 367 152.40 9.49 -35.64
C LEU N 367 151.19 8.98 -34.89
N SER N 368 150.51 7.97 -35.44
CA SER N 368 149.21 7.50 -34.96
C SER N 368 148.17 8.61 -34.89
N ALA N 369 148.47 9.77 -35.47
CA ALA N 369 147.51 10.85 -35.57
C ALA N 369 146.40 10.45 -36.54
N MET N 370 145.44 11.36 -36.74
CA MET N 370 144.35 11.16 -37.68
C MET N 370 143.51 9.94 -37.28
N GLY N 371 143.68 9.48 -36.05
CA GLY N 371 143.10 8.21 -35.64
C GLY N 371 141.59 8.24 -35.52
N SER N 372 141.04 9.35 -35.04
CA SER N 372 139.60 9.40 -34.79
C SER N 372 138.82 9.15 -36.06
N SER N 373 137.90 8.17 -36.00
CA SER N 373 137.15 7.80 -37.19
C SER N 373 136.26 8.94 -37.67
N THR N 374 135.86 9.82 -36.76
CA THR N 374 135.10 11.00 -37.16
C THR N 374 135.90 11.90 -38.09
N ALA N 375 137.17 12.13 -37.76
CA ALA N 375 138.03 12.91 -38.65
C ALA N 375 138.32 12.15 -39.93
N VAL N 376 138.46 10.82 -39.84
CA VAL N 376 138.70 10.01 -41.04
C VAL N 376 137.53 10.18 -42.00
N SER N 377 136.30 10.09 -41.50
CA SER N 377 135.14 10.28 -42.35
C SER N 377 135.16 11.66 -43.00
N THR N 378 135.42 12.70 -42.21
CA THR N 378 135.37 14.06 -42.75
C THR N 378 136.41 14.27 -43.84
N VAL N 379 137.64 13.82 -43.61
CA VAL N 379 138.69 14.02 -44.60
C VAL N 379 138.41 13.20 -45.85
N THR N 380 137.96 11.94 -45.69
CA THR N 380 137.60 11.18 -46.88
C THR N 380 136.27 11.64 -47.47
N LEU N 381 135.49 12.42 -46.72
CA LEU N 381 134.28 13.05 -47.24
C LEU N 381 134.62 14.46 -47.75
N GLY N 382 135.33 14.49 -48.87
CA GLY N 382 135.76 15.73 -49.45
C GLY N 382 137.27 15.87 -49.55
N SER N 383 137.79 15.78 -50.76
CA SER N 383 139.21 15.87 -51.04
C SER N 383 139.39 16.46 -52.44
N GLY N 384 140.57 16.28 -53.01
CA GLY N 384 140.83 16.75 -54.35
C GLY N 384 140.55 15.66 -55.36
N ILE N 385 141.61 15.01 -55.86
CA ILE N 385 141.47 13.82 -56.69
C ILE N 385 141.74 12.56 -55.86
N THR N 386 141.56 12.64 -54.55
CA THR N 386 141.88 11.53 -53.65
C THR N 386 140.73 10.54 -53.65
N SER N 387 140.91 9.42 -54.35
CA SER N 387 139.93 8.34 -54.36
C SER N 387 140.35 7.31 -53.31
N ALA N 388 139.56 7.20 -52.24
CA ALA N 388 139.89 6.34 -51.12
C ALA N 388 139.56 4.89 -51.47
N ALA N 389 139.85 3.99 -50.53
CA ALA N 389 139.55 2.57 -50.67
C ALA N 389 139.56 1.94 -49.28
N VAL N 390 138.59 1.09 -49.00
CA VAL N 390 138.46 0.45 -47.70
C VAL N 390 138.16 -1.04 -47.86
N THR N 391 138.94 -1.86 -47.17
CA THR N 391 138.60 -3.26 -46.93
C THR N 391 138.05 -3.34 -45.51
N PHE N 392 136.78 -3.72 -45.37
CA PHE N 392 136.07 -3.48 -44.12
C PHE N 392 135.31 -4.73 -43.66
N ALA N 393 135.89 -5.90 -43.86
CA ALA N 393 135.28 -7.14 -43.39
C ALA N 393 136.37 -8.20 -43.27
N ILE N 394 135.94 -9.45 -43.08
CA ILE N 394 136.86 -10.57 -42.98
C ILE N 394 137.70 -10.67 -44.25
N ALA N 395 139.01 -10.91 -44.07
CA ALA N 395 139.91 -10.98 -45.22
C ALA N 395 139.45 -12.02 -46.23
N THR N 396 138.88 -13.13 -45.75
CA THR N 396 138.28 -14.10 -46.66
C THR N 396 136.98 -13.58 -47.26
N THR N 397 136.28 -12.71 -46.55
CA THR N 397 134.89 -12.36 -46.85
C THR N 397 134.74 -10.84 -47.01
N ASP N 398 135.58 -10.25 -47.87
CA ASP N 398 135.52 -8.81 -48.10
C ASP N 398 135.92 -8.50 -49.54
N SER N 399 135.80 -7.22 -49.88
CA SER N 399 136.27 -6.65 -51.14
C SER N 399 136.71 -5.22 -50.85
N ASN N 400 136.85 -4.41 -51.89
CA ASN N 400 137.29 -3.03 -51.74
C ASN N 400 136.21 -2.07 -52.21
N ASN N 401 136.14 -0.90 -51.58
CA ASN N 401 135.16 0.12 -51.89
C ASN N 401 135.87 1.45 -52.09
N THR N 402 135.80 2.02 -53.28
CA THR N 402 136.35 3.33 -53.56
C THR N 402 135.28 4.40 -53.35
N TRP N 403 135.58 5.63 -53.72
CA TRP N 403 134.59 6.71 -53.65
C TRP N 403 134.93 7.79 -54.65
N VAL N 404 133.92 8.64 -54.89
CA VAL N 404 134.17 9.90 -55.58
C VAL N 404 135.11 10.74 -54.74
N ASP N 405 136.12 11.31 -55.39
CA ASP N 405 137.19 11.99 -54.66
C ASP N 405 136.67 13.18 -53.86
N ASN N 406 135.79 13.98 -54.47
CA ASN N 406 135.42 15.27 -53.89
C ASN N 406 134.31 15.18 -52.84
N LYS N 407 133.64 14.03 -52.72
CA LYS N 407 132.61 13.90 -51.70
C LYS N 407 132.59 12.55 -50.99
N GLY N 408 133.52 11.66 -51.29
CA GLY N 408 133.56 10.38 -50.61
C GLY N 408 132.32 9.54 -50.79
N GLU N 409 131.74 9.54 -51.99
CA GLU N 409 130.55 8.76 -52.30
C GLU N 409 130.89 7.74 -53.37
N LEU N 410 130.30 6.55 -53.25
CA LEU N 410 130.58 5.42 -54.14
C LEU N 410 129.42 5.16 -55.09
N THR N 411 129.74 5.08 -56.38
CA THR N 411 128.76 4.93 -57.45
C THR N 411 128.58 3.48 -57.87
N ASP N 412 129.66 2.77 -58.17
CA ASP N 412 129.56 1.41 -58.68
C ASP N 412 128.98 0.44 -57.67
N ILE N 413 128.93 0.82 -56.40
CA ILE N 413 128.39 -0.01 -55.33
C ILE N 413 127.20 0.71 -54.72
N GLN N 414 126.08 0.00 -54.60
CA GLN N 414 124.86 0.53 -54.01
C GLN N 414 124.42 -0.35 -52.85
N THR N 415 123.39 0.09 -52.14
CA THR N 415 122.86 -0.65 -51.00
C THR N 415 121.35 -0.80 -51.16
N PHE N 416 120.87 -2.03 -50.95
CA PHE N 416 119.44 -2.29 -50.91
C PHE N 416 118.88 -1.78 -49.59
N ASP N 417 117.56 -1.97 -49.39
CA ASP N 417 116.94 -1.63 -48.11
C ASP N 417 117.67 -2.28 -46.95
N THR N 418 118.14 -3.52 -47.13
CA THR N 418 118.80 -4.24 -46.05
C THR N 418 120.06 -4.97 -46.49
N SER N 419 120.66 -4.60 -47.61
CA SER N 419 121.86 -5.27 -48.08
C SER N 419 122.64 -4.33 -48.98
N TYR N 420 123.91 -4.66 -49.19
CA TYR N 420 124.82 -3.86 -50.01
C TYR N 420 124.92 -4.45 -51.43
N LYS N 421 123.78 -4.58 -52.10
CA LYS N 421 123.76 -5.22 -53.40
C LYS N 421 124.14 -4.24 -54.50
N ILE N 422 124.84 -4.76 -55.52
CA ILE N 422 125.50 -3.90 -56.51
C ILE N 422 124.47 -3.17 -57.37
N ASN N 423 123.41 -3.86 -57.77
CA ASN N 423 122.46 -3.29 -58.72
C ASN N 423 121.90 -1.96 -58.21
N ALA N 424 122.07 -0.91 -59.01
CA ALA N 424 121.61 0.41 -58.60
C ALA N 424 120.11 0.58 -58.72
N ASP N 425 119.44 -0.27 -59.51
CA ASP N 425 118.01 -0.15 -59.76
C ASP N 425 117.34 -1.49 -59.50
N THR N 426 116.15 -1.44 -58.90
CA THR N 426 115.38 -2.65 -58.62
C THR N 426 114.15 -2.80 -59.50
N GLY N 427 113.60 -1.72 -60.02
CA GLY N 427 112.40 -1.81 -60.83
C GLY N 427 111.21 -2.30 -60.05
N GLU N 428 110.95 -1.67 -58.90
CA GLU N 428 109.82 -2.06 -58.07
C GLU N 428 108.52 -1.96 -58.87
N VAL N 429 107.70 -3.01 -58.78
CA VAL N 429 106.47 -3.11 -59.53
C VAL N 429 105.31 -2.73 -58.62
N THR N 430 104.64 -1.62 -58.95
CA THR N 430 103.51 -1.12 -58.19
C THR N 430 102.30 -1.06 -59.09
N VAL N 431 101.17 -1.56 -58.62
CA VAL N 431 99.91 -1.53 -59.36
C VAL N 431 99.00 -0.49 -58.73
N VAL N 432 98.43 0.38 -59.56
CA VAL N 432 97.51 1.39 -59.06
C VAL N 432 96.15 0.75 -58.82
N GLY N 433 95.61 0.94 -57.62
CA GLY N 433 94.34 0.34 -57.29
C GLY N 433 93.18 1.08 -57.91
N ASP N 434 92.58 0.48 -58.93
CA ASP N 434 91.41 1.08 -59.55
C ASP N 434 90.26 1.09 -58.56
N ASN N 435 89.40 2.10 -58.68
CA ASN N 435 88.27 2.33 -57.78
C ASN N 435 88.73 2.69 -56.37
N SER N 436 90.04 2.77 -56.13
CA SER N 436 90.58 3.12 -54.83
C SER N 436 91.69 4.16 -54.88
N ALA N 437 92.33 4.38 -56.02
CA ALA N 437 93.43 5.33 -56.16
C ALA N 437 94.55 5.04 -55.17
N THR N 438 94.82 3.75 -54.94
CA THR N 438 95.89 3.30 -54.07
C THR N 438 96.91 2.55 -54.89
N ALA N 439 98.13 3.08 -54.98
CA ALA N 439 99.19 2.45 -55.76
C ALA N 439 99.74 1.28 -54.97
N GLY N 440 98.95 0.21 -54.90
CA GLY N 440 99.32 -0.98 -54.16
C GLY N 440 100.58 -1.64 -54.68
N GLN N 441 101.47 -2.01 -53.77
CA GLN N 441 102.70 -2.69 -54.15
C GLN N 441 102.38 -4.06 -54.74
N TYR N 442 103.16 -4.48 -55.73
CA TYR N 442 102.85 -5.68 -56.48
C TYR N 442 104.00 -6.67 -56.64
N ALA N 443 105.26 -6.23 -56.56
CA ALA N 443 106.39 -7.10 -56.88
C ALA N 443 106.52 -8.31 -55.95
N SER N 444 106.80 -8.06 -54.67
CA SER N 444 107.06 -9.17 -53.75
C SER N 444 106.22 -9.10 -52.47
N ALA N 445 106.03 -7.91 -51.91
CA ALA N 445 105.18 -7.79 -50.73
C ALA N 445 103.71 -7.99 -51.06
N ASP N 446 103.34 -7.79 -52.33
CA ASP N 446 102.03 -8.18 -52.86
C ASP N 446 100.90 -7.48 -52.09
N GLY N 447 100.87 -6.16 -52.21
CA GLY N 447 99.82 -5.37 -51.59
C GLY N 447 100.27 -4.65 -50.34
N ALA N 448 101.42 -3.97 -50.43
CA ALA N 448 102.01 -3.29 -49.28
C ALA N 448 101.54 -1.86 -49.13
N LYS N 449 100.64 -1.38 -49.99
CA LYS N 449 100.06 -0.03 -49.87
C LYS N 449 101.15 1.04 -49.88
N VAL N 450 101.80 1.17 -51.04
CA VAL N 450 102.90 2.11 -51.19
C VAL N 450 102.44 3.52 -50.83
N LEU N 451 103.19 4.18 -49.96
CA LEU N 451 103.02 5.59 -49.65
C LEU N 451 104.25 6.37 -50.10
N VAL N 452 104.08 7.68 -50.28
CA VAL N 452 105.17 8.55 -50.68
C VAL N 452 105.94 8.99 -49.44
N GLY N 453 107.22 8.67 -49.38
CA GLY N 453 108.02 8.98 -48.22
C GLY N 453 108.33 10.45 -48.09
N SER N 454 108.83 10.82 -46.90
CA SER N 454 109.17 12.21 -46.63
C SER N 454 110.31 12.72 -47.51
N ASP N 455 111.10 11.82 -48.08
CA ASP N 455 112.17 12.19 -49.00
C ASP N 455 111.73 12.24 -50.45
N GLY N 456 110.46 12.02 -50.72
CA GLY N 456 109.95 12.02 -52.08
C GLY N 456 109.95 10.67 -52.77
N LYS N 457 110.48 9.63 -52.11
CA LYS N 457 110.54 8.29 -52.69
C LYS N 457 109.37 7.45 -52.22
N LEU N 458 109.04 6.44 -53.03
CA LEU N 458 107.98 5.51 -52.68
C LEU N 458 108.43 4.57 -51.57
N THR N 459 107.52 4.27 -50.65
CA THR N 459 107.83 3.38 -49.54
C THR N 459 106.55 2.72 -49.05
N THR N 460 106.69 1.52 -48.50
CA THR N 460 105.55 0.82 -47.93
C THR N 460 105.26 1.22 -46.49
N GLU N 461 106.17 1.95 -45.86
CA GLU N 461 105.94 2.40 -44.49
C GLU N 461 104.96 3.57 -44.49
N THR N 462 103.91 3.46 -43.67
CA THR N 462 102.90 4.51 -43.62
C THR N 462 103.39 5.74 -42.88
N THR N 463 104.10 5.56 -41.77
CA THR N 463 104.53 6.67 -40.94
C THR N 463 105.97 7.04 -41.27
N SER N 464 106.48 8.03 -40.55
CA SER N 464 107.86 8.48 -40.70
C SER N 464 108.35 8.99 -39.35
N ALA N 465 109.60 9.43 -39.32
CA ALA N 465 110.20 9.85 -38.06
C ALA N 465 109.66 11.21 -37.62
N GLY N 466 109.93 12.25 -38.39
CA GLY N 466 109.64 13.61 -37.96
C GLY N 466 110.65 14.08 -36.94
N ASP N 467 110.64 15.39 -36.67
CA ASP N 467 111.60 15.97 -35.75
C ASP N 467 110.94 16.53 -34.50
N LYS N 468 110.05 17.52 -34.62
CA LYS N 468 109.67 18.37 -33.47
C LYS N 468 108.54 19.30 -33.88
N THR N 469 107.62 19.56 -32.96
CA THR N 469 106.56 20.53 -33.19
C THR N 469 107.16 21.92 -33.06
N THR N 470 107.20 22.66 -34.18
CA THR N 470 107.91 23.94 -34.20
C THR N 470 107.30 24.94 -33.21
N ASP N 471 105.97 24.98 -33.12
CA ASP N 471 105.26 25.88 -32.22
C ASP N 471 104.35 25.02 -31.35
N PRO N 472 104.89 24.40 -30.31
CA PRO N 472 104.08 23.49 -29.48
C PRO N 472 102.98 24.22 -28.74
N LEU N 473 103.33 25.30 -28.06
CA LEU N 473 102.35 26.04 -27.29
C LEU N 473 101.28 26.67 -28.19
N LYS N 474 101.66 27.12 -29.38
CA LYS N 474 100.68 27.73 -30.27
C LYS N 474 99.69 26.69 -30.79
N THR N 475 100.19 25.52 -31.17
CA THR N 475 99.28 24.43 -31.58
C THR N 475 98.39 24.00 -30.43
N LEU N 476 98.95 23.96 -29.21
CA LEU N 476 98.14 23.66 -28.05
C LEU N 476 97.04 24.69 -27.85
N ASP N 477 97.38 25.97 -28.03
CA ASP N 477 96.39 27.03 -27.88
C ASP N 477 95.30 26.92 -28.94
N ALA N 478 95.68 26.53 -30.16
CA ALA N 478 94.67 26.26 -31.18
C ALA N 478 93.76 25.11 -30.76
N ALA N 479 94.34 24.07 -30.14
CA ALA N 479 93.53 22.98 -29.64
C ALA N 479 92.55 23.44 -28.57
N PHE N 480 93.02 24.30 -27.65
CA PHE N 480 92.11 24.88 -26.66
C PHE N 480 91.00 25.67 -27.34
N THR N 481 91.34 26.46 -28.35
CA THR N 481 90.32 27.27 -29.00
C THR N 481 89.24 26.40 -29.64
N LYS N 482 89.64 25.35 -30.35
CA LYS N 482 88.65 24.46 -30.96
C LYS N 482 87.81 23.75 -29.91
N LEU N 483 88.47 23.20 -28.89
CA LEU N 483 87.75 22.46 -27.86
C LEU N 483 86.78 23.37 -27.12
N ASP N 484 87.21 24.59 -26.79
CA ASP N 484 86.33 25.53 -26.10
C ASP N 484 85.21 26.01 -27.00
N LYS N 485 85.46 26.10 -28.31
CA LYS N 485 84.37 26.42 -29.23
C LYS N 485 83.27 25.36 -29.14
N LEU N 486 83.66 24.09 -29.23
CA LEU N 486 82.65 23.05 -29.14
C LEU N 486 82.01 22.98 -27.76
N THR N 487 82.79 23.17 -26.69
CA THR N 487 82.24 23.15 -25.34
C THR N 487 81.22 24.26 -25.14
N GLY N 488 81.53 25.47 -25.62
CA GLY N 488 80.59 26.57 -25.51
C GLY N 488 79.34 26.35 -26.34
N GLU N 489 79.49 25.76 -27.53
CA GLU N 489 78.30 25.49 -28.34
C GLU N 489 77.40 24.47 -27.65
N LEU N 490 77.99 23.42 -27.08
CA LEU N 490 77.18 22.46 -26.33
C LEU N 490 76.55 23.07 -25.09
N GLY N 491 77.26 23.96 -24.39
CA GLY N 491 76.64 24.64 -23.27
C GLY N 491 75.47 25.50 -23.68
N ALA N 492 75.62 26.22 -24.79
CA ALA N 492 74.53 27.04 -25.32
C ALA N 492 73.32 26.18 -25.68
N VAL N 493 73.56 25.06 -26.37
CA VAL N 493 72.43 24.22 -26.76
C VAL N 493 71.82 23.55 -25.54
N GLN N 494 72.61 23.26 -24.50
CA GLN N 494 72.05 22.74 -23.27
C GLN N 494 71.11 23.74 -22.61
N ASN N 495 71.54 25.00 -22.52
CA ASN N 495 70.68 26.03 -21.94
C ASN N 495 69.41 26.21 -22.77
N ARG N 496 69.56 26.23 -24.10
CA ARG N 496 68.40 26.44 -24.95
C ARG N 496 67.44 25.26 -24.87
N LEU N 497 67.98 24.05 -24.72
CA LEU N 497 67.12 22.88 -24.50
C LEU N 497 66.37 22.98 -23.17
N GLU N 498 67.03 23.49 -22.13
CA GLU N 498 66.32 23.71 -20.87
C GLU N 498 65.18 24.70 -21.06
N SER N 499 65.42 25.76 -21.83
CA SER N 499 64.36 26.72 -22.13
C SER N 499 63.23 26.07 -22.91
N THR N 500 63.57 25.18 -23.85
CA THR N 500 62.55 24.44 -24.57
C THR N 500 61.73 23.58 -23.63
N ILE N 501 62.37 22.97 -22.65
CA ILE N 501 61.65 22.18 -21.65
C ILE N 501 60.64 23.06 -20.92
N ALA N 502 61.09 24.23 -20.47
CA ALA N 502 60.17 25.11 -19.74
C ALA N 502 59.00 25.55 -20.62
N ASN N 503 59.28 25.95 -21.86
CA ASN N 503 58.22 26.39 -22.75
C ASN N 503 57.26 25.27 -23.06
N LEU N 504 57.79 24.07 -23.33
CA LEU N 504 56.94 22.92 -23.62
C LEU N 504 56.05 22.59 -22.44
N ASN N 505 56.59 22.64 -21.22
CA ASN N 505 55.75 22.37 -20.05
C ASN N 505 54.65 23.40 -19.91
N ASN N 506 54.98 24.69 -20.11
CA ASN N 506 53.95 25.72 -20.02
C ASN N 506 52.84 25.49 -21.05
N VAL N 507 53.24 25.20 -22.29
CA VAL N 507 52.24 25.00 -23.34
C VAL N 507 51.43 23.75 -23.07
N VAL N 508 52.06 22.70 -22.52
CA VAL N 508 51.32 21.48 -22.20
C VAL N 508 50.27 21.76 -21.15
N ASN N 509 50.63 22.47 -20.08
CA ASN N 509 49.63 22.78 -19.06
C ASN N 509 48.49 23.63 -19.63
N ASN N 510 48.84 24.65 -20.41
CA ASN N 510 47.80 25.51 -20.97
C ASN N 510 46.89 24.74 -21.93
N LEU N 511 47.46 23.85 -22.75
CA LEU N 511 46.65 23.09 -23.68
C LEU N 511 45.80 22.06 -22.96
N SER N 512 46.31 21.48 -21.87
CA SER N 512 45.49 20.57 -21.08
C SER N 512 44.30 21.30 -20.47
N SER N 513 44.54 22.52 -19.96
CA SER N 513 43.42 23.31 -19.47
C SER N 513 42.44 23.65 -20.59
N ALA N 514 42.96 23.97 -21.78
CA ALA N 514 42.09 24.27 -22.91
C ALA N 514 41.22 23.07 -23.28
N ARG N 515 41.82 21.88 -23.30
CA ARG N 515 41.05 20.67 -23.57
C ARG N 515 40.00 20.45 -22.49
N SER N 516 40.37 20.65 -21.23
CA SER N 516 39.42 20.45 -20.14
C SER N 516 38.25 21.41 -20.24
N ARG N 517 38.50 22.63 -20.74
CA ARG N 517 37.43 23.62 -20.86
C ARG N 517 36.29 23.15 -21.74
N ILE N 518 36.55 22.23 -22.68
CA ILE N 518 35.53 21.77 -23.61
C ILE N 518 35.23 20.29 -23.52
N GLN N 519 36.03 19.51 -22.78
CA GLN N 519 35.89 18.07 -22.74
C GLN N 519 35.34 17.57 -21.41
N ASP N 520 35.99 17.91 -20.31
CA ASP N 520 35.54 17.43 -19.02
C ASP N 520 34.22 18.09 -18.63
N ALA N 521 33.48 17.40 -17.76
CA ALA N 521 32.14 17.81 -17.36
C ALA N 521 32.20 18.50 -16.01
N ASP N 522 31.47 19.62 -15.90
CA ASP N 522 31.34 20.33 -14.64
C ASP N 522 30.45 19.49 -13.73
N TYR N 523 31.07 18.73 -12.83
CA TYR N 523 30.34 17.72 -12.05
C TYR N 523 29.17 18.32 -11.29
N ALA N 524 29.25 19.59 -10.88
CA ALA N 524 28.12 20.19 -10.18
C ALA N 524 26.88 20.23 -11.08
N THR N 525 27.03 20.72 -12.31
CA THR N 525 25.91 20.78 -13.22
C THR N 525 25.42 19.39 -13.59
N GLU N 526 26.34 18.45 -13.78
CA GLU N 526 25.95 17.09 -14.14
C GLU N 526 25.16 16.42 -13.03
N VAL N 527 25.59 16.59 -11.78
CA VAL N 527 24.85 16.03 -10.65
C VAL N 527 23.47 16.69 -10.54
N SER N 528 23.42 18.01 -10.74
CA SER N 528 22.12 18.68 -10.72
C SER N 528 21.20 18.12 -11.78
N ASN N 529 21.71 17.91 -13.00
CA ASN N 529 20.90 17.36 -14.08
C ASN N 529 20.46 15.94 -13.78
N MET N 530 21.35 15.14 -13.18
CA MET N 530 21.00 13.76 -12.84
C MET N 530 19.88 13.73 -11.81
N SER N 531 19.99 14.55 -10.76
CA SER N 531 18.94 14.60 -9.76
C SER N 531 17.62 15.07 -10.36
N LYS N 532 17.69 16.11 -11.19
CA LYS N 532 16.48 16.61 -11.86
C LYS N 532 15.85 15.53 -12.73
N ALA N 533 16.67 14.80 -13.49
CA ALA N 533 16.14 13.76 -14.35
C ALA N 533 15.51 12.64 -13.55
N GLN N 534 16.09 12.31 -12.40
CA GLN N 534 15.47 11.31 -11.53
C GLN N 534 14.12 11.78 -11.02
N ILE N 535 14.03 13.05 -10.63
CA ILE N 535 12.75 13.58 -10.17
C ILE N 535 11.72 13.52 -11.29
N LEU N 536 12.12 13.92 -12.51
CA LEU N 536 11.22 13.81 -13.65
C LEU N 536 10.80 12.37 -13.89
N GLN N 537 11.72 11.42 -13.72
CA GLN N 537 11.38 10.02 -13.95
C GLN N 537 10.33 9.54 -12.97
N GLN N 538 10.53 9.81 -11.69
CA GLN N 538 9.57 9.34 -10.69
C GLN N 538 8.22 10.04 -10.86
N ALA N 539 8.25 11.35 -11.12
CA ALA N 539 6.99 12.07 -11.37
C ALA N 539 6.29 11.54 -12.60
N GLY N 540 7.05 11.24 -13.66
CA GLY N 540 6.45 10.75 -14.89
C GLY N 540 5.84 9.38 -14.72
N THR N 541 6.54 8.49 -14.02
CA THR N 541 5.96 7.16 -13.82
C THR N 541 4.74 7.22 -12.91
N SER N 542 4.74 8.11 -11.92
CA SER N 542 3.55 8.26 -11.08
C SER N 542 2.37 8.81 -11.88
N VAL N 543 2.61 9.87 -12.66
CA VAL N 543 1.52 10.47 -13.42
C VAL N 543 1.03 9.50 -14.49
N LEU N 544 1.92 8.69 -15.06
CA LEU N 544 1.49 7.67 -16.01
C LEU N 544 0.66 6.60 -15.32
N ALA N 545 1.05 6.19 -14.11
CA ALA N 545 0.26 5.22 -13.38
C ALA N 545 -1.15 5.72 -13.16
N GLN N 546 -1.29 6.95 -12.65
CA GLN N 546 -2.62 7.53 -12.54
C GLN N 546 -3.29 7.82 -13.87
N ALA N 547 -2.53 7.94 -14.96
CA ALA N 547 -3.14 8.10 -16.27
C ALA N 547 -3.74 6.80 -16.77
N ASN N 548 -3.21 5.67 -16.33
CA ASN N 548 -3.76 4.38 -16.75
C ASN N 548 -5.14 4.11 -16.18
N GLN N 549 -5.48 4.71 -15.03
CA GLN N 549 -6.81 4.54 -14.48
C GLN N 549 -7.79 5.62 -14.93
N VAL N 550 -7.40 6.47 -15.88
CA VAL N 550 -8.37 7.40 -16.47
C VAL N 550 -9.54 6.66 -17.10
N PRO N 551 -9.35 5.57 -17.88
CA PRO N 551 -10.51 4.83 -18.36
C PRO N 551 -11.21 3.99 -17.31
N GLN N 552 -10.64 3.86 -16.11
CA GLN N 552 -11.31 3.09 -15.06
C GLN N 552 -12.64 3.70 -14.70
N THR N 553 -12.72 5.03 -14.65
CA THR N 553 -13.99 5.70 -14.35
C THR N 553 -15.06 5.31 -15.35
N VAL N 554 -14.68 5.04 -16.60
CA VAL N 554 -15.63 4.52 -17.57
C VAL N 554 -16.16 3.17 -17.12
N LEU N 555 -15.29 2.32 -16.58
CA LEU N 555 -15.72 0.99 -16.16
C LEU N 555 -16.34 1.08 -14.77
N SER N 556 -17.28 2.02 -14.60
CA SER N 556 -18.16 2.05 -13.45
C SER N 556 -19.61 1.98 -13.87
N LEU N 557 -20.03 2.87 -14.76
CA LEU N 557 -21.35 2.79 -15.37
C LEU N 557 -21.34 1.73 -16.46
N LEU N 558 -22.38 0.91 -16.50
CA LEU N 558 -22.44 -0.20 -17.44
C LEU N 558 -23.88 -0.49 -17.85
N ALA O 2 12.36 -22.88 -7.60
CA ALA O 2 11.20 -22.25 -8.21
C ALA O 2 10.54 -21.28 -7.23
N ALA O 3 9.36 -21.65 -6.74
CA ALA O 3 8.63 -20.86 -5.75
C ALA O 3 8.55 -21.56 -4.41
N VAL O 4 9.63 -22.22 -4.00
CA VAL O 4 9.63 -22.97 -2.75
C VAL O 4 9.93 -22.03 -1.60
N ILE O 5 9.36 -22.33 -0.43
CA ILE O 5 9.57 -21.54 0.77
C ILE O 5 10.28 -22.34 1.86
N ASN O 6 9.99 -23.63 1.96
CA ASN O 6 10.49 -24.44 3.07
C ASN O 6 12.01 -24.45 3.12
N THR O 7 12.65 -24.68 1.98
CA THR O 7 14.10 -24.71 1.89
C THR O 7 14.55 -23.70 0.84
N ASN O 8 15.49 -22.83 1.20
CA ASN O 8 16.08 -21.87 0.29
C ASN O 8 17.52 -22.28 0.04
N TYR O 9 17.78 -22.85 -1.14
CA TYR O 9 19.12 -23.33 -1.46
C TYR O 9 20.13 -22.19 -1.52
N LEU O 10 19.71 -21.03 -2.02
CA LEU O 10 20.62 -19.89 -2.16
C LEU O 10 21.12 -19.43 -0.80
N SER O 11 20.25 -19.44 0.22
CA SER O 11 20.68 -19.08 1.56
C SER O 11 21.78 -20.02 2.04
N LEU O 12 21.62 -21.32 1.81
CA LEU O 12 22.63 -22.27 2.23
C LEU O 12 23.94 -22.05 1.51
N VAL O 13 23.89 -21.77 0.20
CA VAL O 13 25.11 -21.50 -0.55
C VAL O 13 25.81 -20.28 0.02
N ALA O 14 25.05 -19.22 0.29
CA ALA O 14 25.65 -18.00 0.83
C ALA O 14 26.26 -18.25 2.19
N GLN O 15 25.58 -19.03 3.04
CA GLN O 15 26.13 -19.34 4.36
C GLN O 15 27.45 -20.11 4.25
N ASN O 16 27.51 -21.08 3.34
CA ASN O 16 28.73 -21.85 3.20
C ASN O 16 29.89 -20.99 2.69
N ASN O 17 29.62 -20.15 1.70
CA ASN O 17 30.69 -19.29 1.19
C ASN O 17 31.14 -18.29 2.24
N LEU O 18 30.19 -17.76 3.02
CA LEU O 18 30.54 -16.88 4.13
C LEU O 18 31.39 -17.61 5.16
N ASN O 19 31.08 -18.88 5.41
CA ASN O 19 31.89 -19.67 6.35
C ASN O 19 33.31 -19.86 5.83
N LYS O 20 33.46 -20.11 4.53
CA LYS O 20 34.81 -20.21 3.95
C LYS O 20 35.57 -18.90 4.12
N SER O 21 34.91 -17.78 3.82
CA SER O 21 35.56 -16.48 3.97
C SER O 21 35.92 -16.21 5.42
N GLN O 22 35.04 -16.57 6.36
CA GLN O 22 35.32 -16.33 7.77
C GLN O 22 36.48 -17.20 8.25
N SER O 23 36.57 -18.43 7.77
CA SER O 23 37.71 -19.27 8.12
C SER O 23 39.01 -18.66 7.61
N SER O 24 39.00 -18.16 6.38
CA SER O 24 40.20 -17.50 5.86
C SER O 24 40.54 -16.27 6.69
N LEU O 25 39.52 -15.49 7.08
CA LEU O 25 39.76 -14.33 7.92
C LEU O 25 40.35 -14.72 9.26
N GLY O 26 39.86 -15.82 9.84
CA GLY O 26 40.38 -16.26 11.12
C GLY O 26 41.84 -16.66 11.03
N THR O 27 42.20 -17.40 9.98
CA THR O 27 43.60 -17.77 9.80
C THR O 27 44.47 -16.53 9.60
N ALA O 28 43.99 -15.57 8.80
CA ALA O 28 44.77 -14.35 8.57
C ALA O 28 44.96 -13.57 9.87
N ILE O 29 43.90 -13.46 10.68
CA ILE O 29 43.99 -12.70 11.91
C ILE O 29 44.90 -13.40 12.91
N GLU O 30 44.83 -14.72 12.98
CA GLU O 30 45.73 -15.47 13.86
C GLU O 30 47.18 -15.26 13.44
N ARG O 31 47.45 -15.31 12.13
CA ARG O 31 48.81 -15.09 11.66
C ARG O 31 49.30 -13.68 11.97
N LEU O 32 48.42 -12.68 11.84
CA LEU O 32 48.79 -11.31 12.17
C LEU O 32 49.10 -11.17 13.65
N SER O 33 48.18 -11.62 14.52
CA SER O 33 48.36 -11.41 15.94
C SER O 33 49.57 -12.19 16.47
N SER O 34 49.67 -13.46 16.10
CA SER O 34 50.80 -14.27 16.58
C SER O 34 52.12 -13.80 15.98
N GLY O 35 52.11 -13.38 14.71
CA GLY O 35 53.32 -13.05 14.02
C GLY O 35 54.05 -14.22 13.43
N LEU O 36 53.50 -15.42 13.51
CA LEU O 36 54.10 -16.63 12.97
C LEU O 36 53.15 -17.22 11.94
N ARG O 37 53.63 -17.42 10.71
CA ARG O 37 52.81 -18.04 9.69
C ARG O 37 52.46 -19.48 10.06
N ILE O 38 53.45 -20.22 10.53
CA ILE O 38 53.26 -21.63 10.91
C ILE O 38 52.95 -21.66 12.41
N ASN O 39 51.67 -21.48 12.71
CA ASN O 39 51.14 -21.65 14.06
C ASN O 39 50.00 -22.64 13.99
N SER O 40 49.81 -23.40 15.07
CA SER O 40 48.78 -24.44 15.10
C SER O 40 49.03 -25.46 13.98
N ALA O 41 50.04 -26.31 14.23
CA ALA O 41 50.77 -27.10 13.23
C ALA O 41 49.91 -27.66 12.11
N LYS O 42 48.59 -27.75 12.30
CA LYS O 42 47.68 -28.05 11.20
C LYS O 42 48.02 -27.27 9.94
N ASP O 43 48.63 -26.09 10.08
CA ASP O 43 49.10 -25.31 8.95
C ASP O 43 50.55 -25.69 8.66
N ASP O 44 50.77 -26.41 7.57
CA ASP O 44 52.12 -26.78 7.11
C ASP O 44 52.85 -27.56 8.21
N ALA O 45 52.40 -28.81 8.39
CA ALA O 45 52.87 -29.62 9.51
C ALA O 45 54.38 -29.78 9.51
N ALA O 46 54.99 -29.99 8.34
CA ALA O 46 56.44 -30.15 8.28
C ALA O 46 57.16 -28.86 8.67
N GLY O 47 56.56 -27.72 8.36
CA GLY O 47 57.18 -26.46 8.70
C GLY O 47 57.35 -26.28 10.19
N MET O 48 56.37 -26.71 10.98
CA MET O 48 56.49 -26.57 12.43
C MET O 48 57.58 -27.49 12.97
N ALA O 49 57.72 -28.69 12.41
CA ALA O 49 58.82 -29.56 12.82
C ALA O 49 60.18 -28.93 12.49
N ILE O 50 60.30 -28.35 11.30
CA ILE O 50 61.54 -27.69 10.93
C ILE O 50 61.82 -26.51 11.86
N ALA O 51 60.80 -25.72 12.15
CA ALA O 51 60.98 -24.57 13.04
C ALA O 51 61.32 -25.01 14.45
N ASN O 52 60.72 -26.10 14.93
CA ASN O 52 61.05 -26.63 16.23
C ASN O 52 62.51 -27.03 16.30
N ARG O 53 62.98 -27.76 15.27
CA ARG O 53 64.38 -28.17 15.24
C ARG O 53 65.30 -26.96 15.18
N PHE O 54 64.93 -25.96 14.38
CA PHE O 54 65.75 -24.76 14.26
C PHE O 54 65.79 -23.97 15.56
N THR O 55 64.66 -23.87 16.26
CA THR O 55 64.65 -23.18 17.54
C THR O 55 65.52 -23.90 18.55
N ALA O 56 65.40 -25.23 18.61
CA ALA O 56 66.27 -25.99 19.51
C ALA O 56 67.73 -25.74 19.20
N ASN O 57 68.07 -25.78 17.91
CA ASN O 57 69.46 -25.59 17.51
C ASN O 57 69.95 -24.19 17.85
N VAL O 58 69.13 -23.16 17.61
CA VAL O 58 69.59 -21.79 17.79
C VAL O 58 69.74 -21.47 19.28
N ARG O 59 68.78 -21.91 20.11
CA ARG O 59 68.93 -21.70 21.55
C ARG O 59 70.12 -22.47 22.09
N GLY O 60 70.33 -23.70 21.63
CA GLY O 60 71.51 -24.44 22.04
C GLY O 60 72.79 -23.74 21.65
N LEU O 61 72.83 -23.18 20.44
CA LEU O 61 74.05 -22.51 19.98
C LEU O 61 74.31 -21.23 20.75
N THR O 62 73.27 -20.45 21.05
CA THR O 62 73.48 -19.25 21.87
C THR O 62 73.96 -19.61 23.26
N GLN O 63 73.37 -20.65 23.86
CA GLN O 63 73.83 -21.08 25.18
C GLN O 63 75.26 -21.59 25.11
N ALA O 64 75.62 -22.24 24.01
CA ALA O 64 76.99 -22.69 23.82
C ALA O 64 77.95 -21.52 23.65
N ALA O 65 77.50 -20.46 23.00
CA ALA O 65 78.31 -19.24 22.91
C ALA O 65 78.55 -18.66 24.30
N ARG O 66 77.52 -18.67 25.14
CA ARG O 66 77.71 -18.22 26.52
C ARG O 66 78.70 -19.13 27.25
N ASN O 67 78.61 -20.44 27.03
CA ASN O 67 79.57 -21.36 27.62
C ASN O 67 80.99 -21.08 27.16
N ALA O 68 81.16 -20.80 25.87
CA ALA O 68 82.47 -20.47 25.34
C ALA O 68 82.98 -19.17 25.93
N ASN O 69 82.09 -18.20 26.16
CA ASN O 69 82.50 -16.97 26.82
C ASN O 69 83.00 -17.25 28.24
N ASP O 70 82.31 -18.15 28.95
CA ASP O 70 82.80 -18.56 30.26
C ASP O 70 84.17 -19.23 30.15
N GLY O 71 84.37 -20.03 29.11
CA GLY O 71 85.68 -20.63 28.89
C GLY O 71 86.77 -19.59 28.66
N ILE O 72 86.46 -18.56 27.88
CA ILE O 72 87.42 -17.47 27.67
C ILE O 72 87.73 -16.79 28.99
N SER O 73 86.71 -16.56 29.82
CA SER O 73 86.94 -15.94 31.12
C SER O 73 87.85 -16.79 31.99
N LEU O 74 87.60 -18.10 32.02
CA LEU O 74 88.45 -19.00 32.82
C LEU O 74 89.88 -18.99 32.31
N ALA O 75 90.05 -19.03 30.99
CA ALA O 75 91.39 -18.99 30.41
C ALA O 75 92.08 -17.67 30.74
N GLN O 76 91.33 -16.57 30.74
CA GLN O 76 91.91 -15.28 31.07
C GLN O 76 92.40 -15.24 32.51
N THR O 77 91.60 -15.75 33.45
CA THR O 77 92.05 -15.79 34.84
C THR O 77 93.30 -16.66 34.99
N THR O 78 93.31 -17.84 34.35
CA THR O 78 94.47 -18.71 34.43
C THR O 78 95.70 -18.03 33.82
N GLU O 79 95.52 -17.33 32.71
CA GLU O 79 96.63 -16.64 32.06
C GLU O 79 97.17 -15.52 32.95
N GLY O 80 96.28 -14.79 33.62
CA GLY O 80 96.76 -13.74 34.53
C GLY O 80 97.55 -14.30 35.69
N ALA O 81 97.05 -15.39 36.28
CA ALA O 81 97.80 -16.04 37.37
C ALA O 81 99.16 -16.52 36.88
N ALA O 82 99.20 -17.15 35.71
CA ALA O 82 100.47 -17.62 35.18
C ALA O 82 101.42 -16.47 34.87
N SER O 83 100.89 -15.33 34.40
CA SER O 83 101.73 -14.17 34.15
C SER O 83 102.34 -13.65 35.45
N GLU O 84 101.56 -13.66 36.52
CA GLU O 84 102.13 -13.23 37.81
C GLU O 84 103.20 -14.21 38.28
N VAL O 85 102.98 -15.51 38.08
CA VAL O 85 104.01 -16.49 38.39
C VAL O 85 105.27 -16.22 37.57
N ASN O 86 105.10 -15.83 36.31
CA ASN O 86 106.24 -15.51 35.47
C ASN O 86 107.00 -14.31 36.00
N THR O 87 106.27 -13.28 36.43
CA THR O 87 106.94 -12.11 37.01
C THR O 87 107.71 -12.49 38.26
N HIS O 88 107.19 -13.44 39.04
CA HIS O 88 107.94 -13.95 40.18
C HIS O 88 109.22 -14.65 39.72
N LEU O 89 109.09 -15.53 38.72
CA LEU O 89 110.23 -16.31 38.26
C LEU O 89 111.34 -15.44 37.71
N GLN O 90 111.00 -14.32 37.07
CA GLN O 90 112.04 -13.41 36.61
C GLN O 90 112.87 -12.89 37.78
N ARG O 91 112.19 -12.52 38.87
CA ARG O 91 112.91 -12.06 40.05
C ARG O 91 113.75 -13.17 40.65
N ILE O 92 113.23 -14.40 40.65
CA ILE O 92 114.02 -15.53 41.13
C ILE O 92 115.29 -15.68 40.32
N ARG O 93 115.18 -15.59 38.99
CA ARG O 93 116.37 -15.74 38.16
C ARG O 93 117.36 -14.62 38.39
N GLU O 94 116.87 -13.38 38.49
CA GLU O 94 117.77 -12.26 38.74
C GLU O 94 118.50 -12.41 40.07
N LEU O 95 117.77 -12.81 41.12
CA LEU O 95 118.41 -12.98 42.42
C LEU O 95 119.37 -14.16 42.42
N THR O 96 119.06 -15.22 41.67
CA THR O 96 119.99 -16.34 41.57
C THR O 96 121.28 -15.91 40.88
N VAL O 97 121.16 -15.10 39.82
CA VAL O 97 122.35 -14.56 39.17
C VAL O 97 123.14 -13.71 40.15
N GLN O 98 122.45 -12.89 40.95
CA GLN O 98 123.13 -12.04 41.91
C GLN O 98 123.87 -12.87 42.95
N ALA O 99 123.19 -13.84 43.54
CA ALA O 99 123.76 -14.62 44.63
C ALA O 99 124.80 -15.63 44.15
N SER O 100 124.79 -15.96 42.86
CA SER O 100 125.83 -16.83 42.32
C SER O 100 127.20 -16.19 42.38
N ASN O 101 127.27 -14.87 42.55
CA ASN O 101 128.54 -14.19 42.73
C ASN O 101 129.18 -14.64 44.05
N GLY O 102 130.48 -14.91 44.02
CA GLY O 102 131.16 -15.41 45.19
C GLY O 102 131.60 -14.36 46.19
N SER O 103 131.43 -13.07 45.86
CA SER O 103 131.88 -12.02 46.77
C SER O 103 130.97 -11.91 47.99
N TYR O 104 129.69 -12.22 47.84
CA TYR O 104 128.76 -12.04 48.94
C TYR O 104 129.03 -13.06 50.05
N SER O 105 128.97 -12.59 51.30
CA SER O 105 129.18 -13.45 52.43
C SER O 105 127.95 -14.32 52.67
N GLN O 106 128.02 -15.16 53.71
CA GLN O 106 126.95 -16.12 53.95
C GLN O 106 125.66 -15.43 54.36
N GLU O 107 125.76 -14.34 55.14
CA GLU O 107 124.56 -13.68 55.64
C GLU O 107 123.75 -13.03 54.53
N GLN O 108 124.43 -12.40 53.57
CA GLN O 108 123.71 -11.81 52.44
C GLN O 108 123.01 -12.87 51.60
N LEU O 109 123.67 -14.01 51.37
CA LEU O 109 123.01 -15.11 50.68
C LEU O 109 121.83 -15.63 51.49
N ASP O 110 121.94 -15.59 52.82
CA ASP O 110 120.81 -16.00 53.66
C ASP O 110 119.62 -15.08 53.48
N SER O 111 119.88 -13.76 53.44
CA SER O 111 118.78 -12.82 53.21
C SER O 111 118.17 -13.01 51.82
N VAL O 112 119.02 -13.21 50.81
CA VAL O 112 118.53 -13.44 49.46
C VAL O 112 117.68 -14.70 49.41
N GLN O 113 118.13 -15.77 50.06
CA GLN O 113 117.37 -17.00 50.08
C GLN O 113 116.08 -16.85 50.85
N GLY O 114 116.06 -16.00 51.88
CA GLY O 114 114.80 -15.70 52.55
C GLY O 114 113.81 -15.03 51.62
N GLU O 115 114.29 -14.05 50.84
CA GLU O 115 113.40 -13.41 49.88
C GLU O 115 112.92 -14.42 48.84
N ILE O 116 113.81 -15.29 48.38
CA ILE O 116 113.43 -16.32 47.41
C ILE O 116 112.38 -17.26 48.01
N ASN O 117 112.55 -17.61 49.29
CA ASN O 117 111.57 -18.47 49.95
C ASN O 117 110.22 -17.78 50.01
N GLN O 118 110.21 -16.48 50.31
CA GLN O 118 108.93 -15.75 50.31
C GLN O 118 108.30 -15.77 48.92
N ARG O 119 109.10 -15.56 47.88
CA ARG O 119 108.57 -15.58 46.52
C ARG O 119 108.00 -16.96 46.15
N LEU O 120 108.70 -18.03 46.54
CA LEU O 120 108.20 -19.38 46.25
C LEU O 120 106.93 -19.66 47.03
N ALA O 121 106.86 -19.20 48.28
CA ALA O 121 105.63 -19.33 49.05
C ALA O 121 104.50 -18.58 48.38
N ASP O 122 104.80 -17.41 47.80
CA ASP O 122 103.76 -16.67 47.09
C ASP O 122 103.32 -17.40 45.82
N ILE O 123 104.27 -18.07 45.15
CA ILE O 123 103.90 -18.87 43.98
C ILE O 123 102.96 -20.00 44.41
N ASP O 124 103.29 -20.68 45.50
CA ASP O 124 102.42 -21.74 46.01
C ASP O 124 101.06 -21.17 46.42
N ARG O 125 101.06 -19.97 47.01
CA ARG O 125 99.80 -19.33 47.37
C ARG O 125 98.96 -19.02 46.13
N ILE O 126 99.61 -18.53 45.07
CA ILE O 126 98.90 -18.27 43.82
C ILE O 126 98.29 -19.57 43.30
N SER O 127 99.05 -20.66 43.38
CA SER O 127 98.55 -21.95 42.90
C SER O 127 97.34 -22.41 43.70
N GLU O 128 97.42 -22.32 45.04
CA GLU O 128 96.40 -22.90 45.89
C GLU O 128 95.21 -21.99 46.14
N GLN O 129 95.32 -20.69 45.83
CA GLN O 129 94.24 -19.75 46.10
C GLN O 129 93.59 -19.18 44.84
N THR O 130 94.16 -19.40 43.66
CA THR O 130 93.52 -18.94 42.44
C THR O 130 92.25 -19.74 42.21
N ASP O 131 91.14 -19.04 41.98
CA ASP O 131 89.83 -19.66 41.93
C ASP O 131 89.02 -19.12 40.77
N PHE O 132 88.05 -19.92 40.32
CA PHE O 132 87.10 -19.47 39.31
C PHE O 132 85.85 -20.34 39.47
N ASN O 133 84.77 -19.75 40.00
CA ASN O 133 83.51 -20.46 40.24
C ASN O 133 83.74 -21.71 41.08
N GLY O 134 84.54 -21.59 42.12
CA GLY O 134 84.80 -22.71 43.00
C GLY O 134 85.74 -23.76 42.43
N VAL O 135 86.40 -23.48 41.31
CA VAL O 135 87.35 -24.39 40.69
C VAL O 135 88.72 -23.75 40.75
N LYS O 136 89.64 -24.39 41.47
CA LYS O 136 91.02 -23.90 41.58
C LYS O 136 91.73 -24.30 40.30
N VAL O 137 91.66 -23.42 39.30
CA VAL O 137 92.10 -23.78 37.96
C VAL O 137 93.61 -24.01 37.93
N LEU O 138 94.38 -23.15 38.57
CA LEU O 138 95.84 -23.28 38.56
C LEU O 138 96.34 -23.95 39.84
N SER O 139 95.84 -25.15 40.11
CA SER O 139 96.16 -25.80 41.37
C SER O 139 96.70 -27.21 41.17
N ASP O 140 96.88 -27.94 42.28
CA ASP O 140 97.32 -29.32 42.20
C ASP O 140 96.19 -30.26 41.80
N SER O 141 94.94 -29.83 41.94
CA SER O 141 93.77 -30.64 41.61
C SER O 141 92.95 -29.85 40.59
N ALA O 142 93.31 -29.98 39.31
CA ALA O 142 92.62 -29.27 38.24
C ALA O 142 92.65 -30.16 36.99
N LYS O 143 91.60 -30.93 36.81
CA LYS O 143 91.49 -31.75 35.62
C LYS O 143 91.03 -30.89 34.44
N PRO O 144 91.41 -31.26 33.22
CA PRO O 144 90.96 -30.50 32.05
C PRO O 144 89.45 -30.46 31.94
N LEU O 145 88.93 -29.34 31.47
CA LEU O 145 87.49 -29.12 31.40
C LEU O 145 86.94 -29.58 30.06
N THR O 146 85.64 -29.34 29.83
CA THR O 146 84.99 -29.76 28.60
C THR O 146 84.54 -28.58 27.74
N LEU O 147 83.71 -27.69 28.28
CA LEU O 147 83.24 -26.49 27.58
C LEU O 147 82.55 -26.85 26.27
N GLN O 148 81.41 -27.55 26.41
CA GLN O 148 80.65 -27.94 25.24
C GLN O 148 80.23 -26.72 24.42
N VAL O 149 80.48 -26.78 23.12
CA VAL O 149 80.11 -25.72 22.19
C VAL O 149 79.27 -26.35 21.08
N GLY O 150 77.97 -26.12 21.13
CA GLY O 150 77.04 -26.65 20.16
C GLY O 150 76.03 -27.58 20.77
N ALA O 151 74.92 -27.81 20.07
CA ALA O 151 73.98 -28.84 20.48
C ALA O 151 74.52 -30.19 20.01
N ASN O 152 73.73 -31.25 20.14
CA ASN O 152 74.13 -32.59 19.70
C ASN O 152 75.44 -33.00 20.39
N ASP O 153 75.33 -33.18 21.71
CA ASP O 153 76.49 -33.39 22.57
C ASP O 153 77.41 -34.48 22.02
N GLY O 154 78.68 -34.37 22.40
CA GLY O 154 79.70 -35.25 21.88
C GLY O 154 80.94 -34.45 21.54
N GLU O 155 80.81 -33.13 21.65
CA GLU O 155 81.89 -32.19 21.37
C GLU O 155 82.27 -31.46 22.65
N THR O 156 83.57 -31.26 22.82
CA THR O 156 84.08 -30.49 23.95
C THR O 156 85.23 -29.63 23.45
N ILE O 157 85.72 -28.76 24.33
CA ILE O 157 86.97 -28.03 24.12
C ILE O 157 87.80 -28.28 25.37
N THR O 158 88.64 -29.31 25.34
CA THR O 158 89.41 -29.69 26.51
C THR O 158 90.51 -28.66 26.76
N LEU O 159 90.65 -28.25 28.02
CA LEU O 159 91.51 -27.12 28.36
C LEU O 159 92.94 -27.52 28.70
N ASN O 160 93.14 -28.63 29.42
CA ASN O 160 94.48 -29.09 29.82
C ASN O 160 95.24 -28.00 30.59
N LEU O 161 94.67 -27.64 31.74
CA LEU O 161 95.28 -26.66 32.63
C LEU O 161 95.44 -27.29 34.01
N SER O 162 96.65 -27.21 34.55
CA SER O 162 96.96 -27.74 35.89
C SER O 162 98.42 -27.47 36.20
N GLU O 163 98.74 -27.57 37.50
CA GLU O 163 100.09 -27.81 38.02
C GLU O 163 101.10 -26.74 37.55
N ILE O 164 100.86 -25.53 38.02
CA ILE O 164 101.92 -24.51 38.09
C ILE O 164 102.08 -24.14 39.56
N SER O 165 103.21 -24.55 40.16
CA SER O 165 103.50 -24.34 41.56
C SER O 165 104.87 -24.93 41.85
N VAL O 166 105.36 -24.76 43.08
CA VAL O 166 106.45 -25.63 43.50
C VAL O 166 105.88 -27.04 43.63
N LYS O 167 106.79 -28.02 43.67
CA LYS O 167 106.46 -29.44 43.71
C LYS O 167 105.98 -29.89 42.33
N THR O 168 105.82 -28.94 41.40
CA THR O 168 105.52 -29.29 40.01
C THR O 168 106.30 -28.50 38.98
N LEU O 169 106.84 -27.31 39.30
CA LEU O 169 107.74 -26.65 38.37
C LEU O 169 109.15 -27.23 38.43
N GLY O 170 109.44 -28.07 39.42
CA GLY O 170 110.71 -28.73 39.53
C GLY O 170 111.68 -28.07 40.50
N LEU O 171 111.46 -26.80 40.83
CA LEU O 171 112.37 -26.11 41.74
C LEU O 171 112.30 -26.76 43.12
N ASP O 172 111.20 -26.51 43.82
CA ASP O 172 110.69 -27.30 44.93
C ASP O 172 111.63 -27.33 46.14
N GLY O 173 112.86 -26.91 45.93
CA GLY O 173 113.89 -26.93 46.96
C GLY O 173 114.86 -25.79 46.78
N PHE O 174 114.42 -24.68 46.20
CA PHE O 174 115.35 -23.76 45.57
C PHE O 174 116.24 -23.10 46.63
N ASN O 175 117.41 -23.69 46.82
CA ASN O 175 118.35 -23.30 47.85
C ASN O 175 119.59 -22.71 47.20
N VAL O 176 119.90 -21.45 47.52
CA VAL O 176 121.10 -20.79 47.04
C VAL O 176 122.16 -20.69 48.11
N ASN O 177 121.81 -20.92 49.37
CA ASN O 177 122.73 -20.95 50.49
C ASN O 177 122.72 -22.36 51.09
N GLY O 178 123.32 -22.51 52.26
CA GLY O 178 123.56 -23.84 52.77
C GLY O 178 122.36 -24.58 53.35
N LYS O 179 121.27 -23.91 53.72
CA LYS O 179 120.29 -24.59 54.57
C LYS O 179 119.40 -25.53 53.76
N GLY O 180 118.64 -25.00 52.79
CA GLY O 180 117.74 -25.81 51.98
C GLY O 180 116.72 -26.65 52.76
N VAL O 181 116.05 -27.51 52.00
CA VAL O 181 115.12 -28.48 52.56
C VAL O 181 114.87 -29.56 51.51
N THR O 182 114.82 -30.81 51.96
CA THR O 182 114.54 -31.95 51.09
C THR O 182 113.66 -32.93 51.84
N GLN O 183 112.48 -33.20 51.30
CA GLN O 183 111.58 -34.17 51.92
C GLN O 183 112.02 -35.59 51.61
N ASN O 184 111.94 -36.45 52.62
CA ASN O 184 112.29 -37.86 52.46
C ASN O 184 111.11 -38.59 51.80
N ARG O 185 111.18 -39.92 51.78
CA ARG O 185 110.11 -40.74 51.23
C ARG O 185 109.59 -41.68 52.30
N SER O 186 108.28 -41.95 52.24
CA SER O 186 107.66 -42.84 53.21
C SER O 186 108.26 -44.24 53.11
N ALA O 187 108.63 -44.80 54.24
CA ALA O 187 109.22 -46.13 54.26
C ALA O 187 108.17 -47.19 53.98
N THR O 188 108.59 -48.26 53.32
CA THR O 188 107.73 -49.37 52.96
C THR O 188 108.19 -50.64 53.67
N VAL O 189 107.40 -51.71 53.51
CA VAL O 189 107.77 -52.98 54.12
C VAL O 189 109.07 -53.51 53.52
N THR O 190 109.32 -53.25 52.23
CA THR O 190 110.59 -53.64 51.64
C THR O 190 111.75 -52.90 52.29
N ASP O 191 111.56 -51.61 52.57
CA ASP O 191 112.63 -50.83 53.18
C ASP O 191 112.99 -51.36 54.56
N VAL O 192 111.98 -51.68 55.38
CA VAL O 192 112.27 -52.21 56.70
C VAL O 192 112.85 -53.62 56.62
N ILE O 193 112.35 -54.44 55.68
CA ILE O 193 112.93 -55.77 55.49
C ILE O 193 114.41 -55.67 55.12
N ALA O 194 114.78 -54.62 54.38
CA ALA O 194 116.19 -54.39 54.09
C ALA O 194 117.01 -54.22 55.36
N GLN O 195 116.40 -53.79 56.47
CA GLN O 195 117.11 -53.71 57.74
C GLN O 195 117.35 -55.07 58.37
N GLY O 196 116.69 -56.13 57.89
CA GLY O 196 116.92 -57.47 58.39
C GLY O 196 116.22 -57.83 59.69
N GLY O 197 115.24 -57.04 60.12
CA GLY O 197 114.55 -57.30 61.36
C GLY O 197 113.50 -58.40 61.21
N THR O 198 112.80 -58.65 62.31
CA THR O 198 111.79 -59.69 62.39
C THR O 198 110.39 -59.08 62.31
N LEU O 199 109.48 -59.82 61.67
CA LEU O 199 108.13 -59.34 61.41
C LEU O 199 107.14 -60.17 62.21
N GLN O 200 106.06 -59.52 62.67
CA GLN O 200 105.07 -60.15 63.52
C GLN O 200 103.65 -59.81 63.07
N GLY O 201 102.67 -60.13 63.90
CA GLY O 201 101.28 -59.91 63.54
C GLY O 201 100.97 -58.46 63.30
N ASP O 202 99.91 -58.24 62.50
CA ASP O 202 99.45 -56.92 62.09
C ASP O 202 100.50 -56.17 61.29
N GLY O 203 101.51 -56.89 60.78
CA GLY O 203 102.59 -56.25 60.06
C GLY O 203 103.63 -55.57 60.92
N THR O 204 103.57 -55.76 62.23
CA THR O 204 104.55 -55.18 63.13
C THR O 204 105.94 -55.71 62.83
N TYR O 205 106.92 -54.81 62.83
CA TYR O 205 108.29 -55.15 62.49
C TYR O 205 109.22 -54.70 63.62
N LYS O 206 110.35 -55.39 63.75
CA LYS O 206 111.36 -55.08 64.77
C LYS O 206 112.62 -54.57 64.07
N ALA O 207 112.71 -53.26 63.91
CA ALA O 207 113.89 -52.63 63.33
C ALA O 207 114.85 -52.26 64.45
N THR O 208 116.05 -52.82 64.41
CA THR O 208 117.05 -52.61 65.46
C THR O 208 118.08 -51.61 64.96
N THR O 209 117.80 -50.33 65.19
CA THR O 209 118.71 -49.27 64.77
C THR O 209 119.96 -49.25 65.65
N THR O 210 121.11 -49.11 65.01
CA THR O 210 122.37 -48.99 65.73
C THR O 210 122.70 -47.52 65.98
N PHE O 211 123.48 -47.29 67.04
CA PHE O 211 123.81 -45.94 67.51
C PHE O 211 125.31 -45.74 67.68
N ASN O 212 126.13 -46.49 66.94
CA ASN O 212 127.58 -46.37 67.08
C ASN O 212 128.02 -44.93 66.83
N ALA O 213 128.43 -44.25 67.90
CA ALA O 213 128.66 -42.81 67.87
C ALA O 213 129.58 -42.46 69.03
N ALA O 214 129.62 -41.18 69.39
CA ALA O 214 130.46 -40.67 70.48
C ALA O 214 131.94 -40.75 70.10
N SER O 215 132.26 -40.31 68.90
CA SER O 215 133.65 -40.23 68.44
C SER O 215 134.29 -38.96 68.99
N ALA O 216 135.52 -38.68 68.54
CA ALA O 216 136.28 -37.58 69.10
C ALA O 216 135.65 -36.22 68.81
N GLU O 217 135.14 -36.03 67.60
CA GLU O 217 134.66 -34.71 67.21
C GLU O 217 133.45 -34.24 68.01
N THR O 218 132.69 -35.16 68.60
CA THR O 218 131.54 -34.75 69.39
C THR O 218 131.81 -34.70 70.89
N VAL O 219 132.73 -35.52 71.40
CA VAL O 219 133.02 -35.51 72.82
C VAL O 219 133.77 -34.24 73.20
N LEU O 220 134.68 -33.79 72.35
CA LEU O 220 135.44 -32.57 72.64
C LEU O 220 134.55 -31.33 72.65
N SER O 221 133.35 -31.42 72.05
CA SER O 221 132.44 -30.28 72.07
C SER O 221 131.98 -29.95 73.48
N LYS O 222 131.87 -30.95 74.35
CA LYS O 222 131.50 -30.77 75.75
C LYS O 222 132.69 -31.23 76.58
N LEU O 223 133.63 -30.33 76.85
CA LEU O 223 134.83 -30.71 77.55
C LEU O 223 135.37 -29.53 78.36
N GLU O 224 135.60 -29.76 79.65
CA GLU O 224 136.30 -28.81 80.51
C GLU O 224 137.35 -29.46 81.39
N ASP O 225 137.25 -30.75 81.67
CA ASP O 225 138.20 -31.45 82.52
C ASP O 225 139.36 -31.96 81.67
N GLY O 226 140.17 -32.86 82.24
CA GLY O 226 141.39 -33.28 81.58
C GLY O 226 141.16 -34.28 80.46
N ASN O 227 142.16 -34.38 79.60
CA ASN O 227 142.19 -35.30 78.47
C ASN O 227 143.54 -36.00 78.46
N THR O 228 143.58 -37.21 77.92
CA THR O 228 144.82 -37.97 77.89
C THR O 228 144.87 -38.86 76.66
N VAL O 229 146.09 -39.16 76.21
CA VAL O 229 146.35 -40.10 75.13
C VAL O 229 147.46 -41.04 75.57
N ALA O 230 147.43 -42.26 75.04
CA ALA O 230 148.44 -43.25 75.37
C ALA O 230 148.46 -44.32 74.30
N VAL O 231 149.66 -44.73 73.90
CA VAL O 231 149.86 -45.73 72.85
C VAL O 231 150.53 -46.95 73.46
N GLY O 232 149.90 -48.11 73.28
CA GLY O 232 150.43 -49.38 73.75
C GLY O 232 150.99 -49.36 75.16
N GLY O 233 152.24 -49.75 75.30
CA GLY O 233 152.95 -49.68 76.56
C GLY O 233 153.86 -48.48 76.71
N GLY O 234 153.75 -47.48 75.83
CA GLY O 234 154.60 -46.32 75.88
C GLY O 234 154.11 -45.28 76.88
N ALA O 235 154.75 -44.12 76.83
CA ALA O 235 154.42 -43.04 77.74
C ALA O 235 153.02 -42.51 77.46
N THR O 236 152.39 -41.98 78.51
CA THR O 236 151.04 -41.45 78.44
C THR O 236 151.08 -39.93 78.61
N TYR O 237 150.43 -39.23 77.69
CA TYR O 237 150.42 -37.77 77.67
C TYR O 237 149.02 -37.25 77.96
N THR O 238 148.91 -36.29 78.87
CA THR O 238 147.64 -35.76 79.32
C THR O 238 147.47 -34.32 78.87
N TYR O 239 146.20 -33.90 78.78
CA TYR O 239 145.84 -32.58 78.31
C TYR O 239 144.74 -32.02 79.21
N ASP O 240 144.42 -30.74 79.01
CA ASP O 240 143.36 -30.10 79.78
C ASP O 240 142.90 -28.85 79.04
N ALA O 241 141.65 -28.85 78.60
CA ALA O 241 141.09 -27.73 77.85
C ALA O 241 140.85 -26.55 78.77
N ALA O 242 141.71 -25.54 78.68
CA ALA O 242 141.59 -24.32 79.48
C ALA O 242 141.64 -23.11 78.55
N LYS O 243 140.59 -22.29 78.60
CA LYS O 243 140.50 -21.06 77.81
C LYS O 243 140.71 -21.33 76.32
N GLY O 244 140.10 -22.40 75.82
CA GLY O 244 140.21 -22.76 74.42
C GLY O 244 141.49 -23.44 74.03
N ASN O 245 142.36 -23.74 74.98
CA ASN O 245 143.64 -24.38 74.71
C ASN O 245 143.85 -25.54 75.68
N PHE O 246 144.62 -26.52 75.24
CA PHE O 246 144.93 -27.69 76.05
C PHE O 246 146.33 -27.54 76.65
N THR O 247 146.43 -27.69 77.96
CA THR O 247 147.71 -27.54 78.67
C THR O 247 148.51 -28.83 78.52
N TYR O 248 148.95 -29.08 77.29
CA TYR O 248 149.76 -30.24 76.99
C TYR O 248 151.11 -30.14 77.68
N THR O 249 151.53 -31.23 78.32
CA THR O 249 152.80 -31.29 79.04
C THR O 249 153.73 -32.22 78.27
N LYS O 250 154.78 -31.64 77.67
CA LYS O 250 155.76 -32.42 76.93
C LYS O 250 156.71 -33.05 77.94
N THR O 251 156.34 -34.24 78.42
CA THR O 251 157.14 -34.98 79.38
C THR O 251 158.10 -35.88 78.62
N VAL O 252 159.40 -35.60 78.76
CA VAL O 252 160.39 -36.43 78.08
C VAL O 252 160.34 -37.84 78.66
N ASP O 253 160.37 -38.83 77.77
CA ASP O 253 160.31 -40.24 78.15
C ASP O 253 161.39 -40.56 79.17
N THR O 254 161.19 -41.61 79.97
CA THR O 254 162.12 -41.91 81.04
C THR O 254 162.94 -43.17 80.74
N THR O 255 162.29 -44.32 80.64
CA THR O 255 162.89 -45.58 80.18
C THR O 255 164.36 -45.77 80.57
N VAL O 256 164.71 -45.50 81.83
CA VAL O 256 166.10 -45.50 82.25
C VAL O 256 166.22 -46.11 83.64
N GLY O 257 167.27 -46.93 83.81
CA GLY O 257 167.71 -47.35 85.13
C GLY O 257 168.90 -46.51 85.54
N ALA O 258 170.10 -47.05 85.36
CA ALA O 258 171.33 -46.32 85.62
C ALA O 258 171.87 -45.60 84.39
N ASP O 259 171.26 -45.79 83.23
CA ASP O 259 171.74 -45.18 81.98
C ASP O 259 171.10 -43.80 81.81
N VAL O 260 171.48 -42.88 82.70
CA VAL O 260 170.91 -41.55 82.72
C VAL O 260 171.14 -40.81 81.40
N THR O 261 172.15 -41.21 80.63
CA THR O 261 172.50 -40.48 79.42
C THR O 261 171.37 -40.42 78.40
N ALA O 262 170.39 -41.33 78.49
CA ALA O 262 169.29 -41.30 77.54
C ALA O 262 168.48 -40.02 77.67
N LEU O 263 168.19 -39.60 78.91
CA LEU O 263 167.45 -38.36 79.12
C LEU O 263 168.22 -37.16 78.58
N ALA O 264 169.53 -37.11 78.85
CA ALA O 264 170.33 -35.99 78.36
C ALA O 264 170.39 -35.97 76.85
N ASN O 265 170.56 -37.14 76.22
CA ASN O 265 170.64 -37.22 74.77
C ASN O 265 169.28 -37.06 74.10
N LYS O 266 168.19 -37.15 74.86
CA LYS O 266 166.87 -36.84 74.32
C LYS O 266 166.53 -35.37 74.48
N ILE O 267 166.99 -34.72 75.54
CA ILE O 267 166.68 -33.32 75.77
C ILE O 267 167.66 -32.38 75.08
N LYS O 268 168.90 -32.80 74.85
CA LYS O 268 169.88 -31.96 74.18
C LYS O 268 169.47 -31.54 72.78
N PRO O 269 168.96 -32.42 71.91
CA PRO O 269 168.57 -31.98 70.56
C PRO O 269 167.46 -30.95 70.56
N SER O 270 166.69 -30.84 71.64
CA SER O 270 165.68 -29.79 71.73
C SER O 270 166.33 -28.41 71.66
N SER O 271 167.58 -28.29 72.10
CA SER O 271 168.34 -27.05 71.99
C SER O 271 169.77 -27.36 71.56
N GLY O 272 169.92 -28.31 70.63
CA GLY O 272 171.23 -28.79 70.24
C GLY O 272 171.98 -27.89 69.28
N THR O 273 172.28 -26.67 69.72
CA THR O 273 173.09 -25.74 68.94
C THR O 273 173.73 -24.76 69.91
N ILE O 274 174.76 -24.06 69.44
CA ILE O 274 175.43 -23.06 70.26
C ILE O 274 174.49 -21.88 70.46
N SER O 275 174.15 -21.60 71.71
CA SER O 275 173.22 -20.53 72.06
C SER O 275 173.80 -19.76 73.23
N GLY O 276 173.00 -18.83 73.78
CA GLY O 276 173.42 -18.02 74.89
C GLY O 276 172.24 -17.58 75.72
N SER O 277 172.54 -16.88 76.82
CA SER O 277 171.55 -16.37 77.74
C SER O 277 170.68 -17.48 78.32
N TYR O 278 171.24 -18.67 78.47
CA TYR O 278 170.51 -19.76 79.10
C TYR O 278 170.23 -19.44 80.56
N GLU O 279 169.12 -19.96 81.06
CA GLU O 279 168.72 -19.81 82.46
C GLU O 279 168.84 -21.17 83.12
N ILE O 280 169.77 -21.29 84.07
CA ILE O 280 170.03 -22.55 84.74
C ILE O 280 169.55 -22.39 86.18
N SER O 281 168.40 -22.96 86.49
CA SER O 281 167.80 -22.88 87.81
C SER O 281 167.86 -24.26 88.45
N THR O 282 168.97 -24.54 89.13
CA THR O 282 169.16 -25.76 89.88
C THR O 282 169.04 -25.46 91.37
N GLY O 283 169.26 -26.47 92.20
CA GLY O 283 169.17 -26.27 93.64
C GLY O 283 167.77 -25.83 94.02
N LYS O 284 167.68 -24.66 94.64
CA LYS O 284 166.38 -24.07 94.97
C LYS O 284 166.12 -22.74 94.30
N SER O 285 167.10 -21.84 94.31
CA SER O 285 166.94 -20.50 93.76
C SER O 285 168.22 -20.08 93.03
N ALA O 286 168.76 -20.97 92.22
CA ALA O 286 170.01 -20.69 91.51
C ALA O 286 169.85 -19.49 90.57
N SER O 287 169.03 -19.65 89.53
CA SER O 287 168.71 -18.58 88.58
C SER O 287 169.97 -17.99 87.97
N PHE O 288 170.80 -18.84 87.38
CA PHE O 288 171.98 -18.38 86.66
C PHE O 288 171.60 -17.85 85.28
N ASP O 289 172.55 -17.13 84.68
CA ASP O 289 172.42 -16.60 83.33
C ASP O 289 173.68 -17.03 82.57
N VAL O 290 173.58 -18.12 81.82
CA VAL O 290 174.73 -18.88 81.37
C VAL O 290 174.75 -18.92 79.84
N ASP O 291 175.95 -18.82 79.28
CA ASP O 291 176.19 -19.04 77.86
C ASP O 291 176.64 -20.49 77.63
N ALA O 292 176.39 -20.99 76.43
CA ALA O 292 176.74 -22.37 76.09
C ALA O 292 177.18 -22.45 74.64
N ALA O 293 178.47 -22.66 74.44
CA ALA O 293 179.04 -22.93 73.12
C ALA O 293 179.48 -24.39 73.03
N GLY O 294 178.69 -25.26 73.64
CA GLY O 294 179.10 -26.62 73.92
C GLY O 294 179.68 -26.82 75.30
N LYS O 295 180.15 -25.74 75.94
CA LYS O 295 180.64 -25.74 77.31
C LYS O 295 179.87 -24.71 78.11
N ILE O 296 179.51 -25.07 79.34
CA ILE O 296 178.74 -24.16 80.18
C ILE O 296 179.66 -23.07 80.71
N THR O 297 179.34 -21.82 80.39
CA THR O 297 180.11 -20.66 80.85
C THR O 297 179.15 -19.53 81.18
N ILE O 298 179.41 -18.86 82.30
CA ILE O 298 178.67 -17.68 82.68
C ILE O 298 179.44 -16.46 82.18
N GLY O 299 178.76 -15.32 82.11
CA GLY O 299 179.34 -14.15 81.50
C GLY O 299 180.64 -13.70 82.14
N GLY O 300 181.75 -13.90 81.42
CA GLY O 300 183.06 -13.52 81.89
C GLY O 300 183.76 -14.52 82.79
N ASN O 301 183.21 -15.71 82.97
CA ASN O 301 183.82 -16.70 83.86
C ASN O 301 183.66 -18.09 83.24
N ALA O 302 184.07 -19.11 83.99
CA ALA O 302 184.07 -20.49 83.51
C ALA O 302 182.87 -21.30 83.97
N ALA O 303 182.33 -21.00 85.15
CA ALA O 303 181.10 -21.62 85.66
C ALA O 303 181.24 -23.14 85.75
N PHE O 304 182.13 -23.56 86.65
CA PHE O 304 182.27 -24.98 86.95
C PHE O 304 181.04 -25.50 87.70
N LEU O 305 180.97 -26.81 87.85
CA LEU O 305 179.91 -27.49 88.59
C LEU O 305 180.53 -28.47 89.57
N ASN O 306 179.99 -28.51 90.78
CA ASN O 306 180.53 -29.39 91.80
C ASN O 306 179.39 -29.79 92.75
N ALA O 307 179.76 -30.27 93.93
CA ALA O 307 178.82 -30.69 94.97
C ALA O 307 177.93 -31.84 94.49
N ASP O 308 178.58 -32.95 94.17
CA ASP O 308 177.85 -34.16 93.77
C ASP O 308 176.90 -34.58 94.88
N GLY O 309 175.70 -34.98 94.48
CA GLY O 309 174.60 -35.26 95.42
C GLY O 309 173.71 -34.06 95.62
N GLU O 310 174.29 -32.87 95.61
CA GLU O 310 173.54 -31.62 95.66
C GLU O 310 173.57 -30.86 94.35
N LEU O 311 174.69 -30.87 93.65
CA LEU O 311 174.79 -30.49 92.24
C LEU O 311 174.38 -29.03 92.01
N THR O 312 175.17 -28.13 92.55
CA THR O 312 175.03 -26.70 92.28
C THR O 312 176.16 -26.24 91.37
N THR O 313 175.91 -25.15 90.64
CA THR O 313 176.90 -24.60 89.72
C THR O 313 177.92 -23.79 90.53
N ASN O 314 179.10 -24.36 90.75
CA ASN O 314 180.16 -23.72 91.52
C ASN O 314 181.09 -23.00 90.56
N ASP O 315 180.87 -21.70 90.39
CA ASP O 315 181.77 -20.92 89.54
C ASP O 315 183.18 -20.83 90.13
N ALA O 316 183.35 -21.15 91.42
CA ALA O 316 184.66 -21.24 92.03
C ALA O 316 185.05 -22.70 92.16
N SER O 317 186.33 -23.01 91.93
CA SER O 317 186.78 -24.38 91.94
C SER O 317 186.60 -25.02 93.32
N GLY O 318 186.15 -26.27 93.33
CA GLY O 318 186.03 -27.02 94.56
C GLY O 318 186.77 -28.33 94.50
N ALA O 319 187.80 -28.39 93.65
CA ALA O 319 188.71 -29.52 93.44
C ALA O 319 188.05 -30.73 92.77
N LEU O 320 186.74 -30.70 92.54
CA LEU O 320 186.04 -31.80 91.89
C LEU O 320 185.06 -31.26 90.84
N THR O 321 185.53 -30.34 90.01
CA THR O 321 184.67 -29.63 89.07
C THR O 321 184.77 -30.24 87.68
N GLN O 322 183.69 -30.11 86.91
CA GLN O 322 183.60 -30.64 85.55
C GLN O 322 183.40 -29.55 84.52
N ALA O 323 182.39 -28.69 84.70
CA ALA O 323 182.13 -27.54 83.84
C ALA O 323 181.88 -27.95 82.39
N THR O 324 180.79 -28.69 82.17
CA THR O 324 180.38 -29.06 80.83
C THR O 324 178.86 -29.22 80.77
N LEU O 325 178.32 -29.09 79.55
CA LEU O 325 176.87 -28.93 79.38
C LEU O 325 176.12 -30.23 79.67
N ASP O 326 176.60 -31.35 79.13
CA ASP O 326 175.89 -32.62 79.30
C ASP O 326 175.88 -33.04 80.77
N ASP O 327 176.97 -32.77 81.49
CA ASP O 327 176.97 -33.00 82.93
C ASP O 327 175.90 -32.15 83.61
N VAL O 328 175.68 -30.94 83.12
CA VAL O 328 174.62 -30.10 83.68
C VAL O 328 173.25 -30.72 83.43
N LEU O 329 172.99 -31.15 82.19
CA LEU O 329 171.69 -31.74 81.88
C LEU O 329 171.44 -32.99 82.70
N THR O 330 172.44 -33.86 82.84
CA THR O 330 172.30 -34.98 83.77
C THR O 330 172.15 -34.49 85.20
N SER O 331 172.71 -33.32 85.51
CA SER O 331 172.72 -32.81 86.87
C SER O 331 171.42 -32.11 87.22
N VAL O 332 170.85 -31.35 86.29
CA VAL O 332 169.70 -30.51 86.60
C VAL O 332 168.44 -31.36 86.68
N GLY O 333 168.07 -31.74 87.90
CA GLY O 333 166.86 -32.48 88.16
C GLY O 333 166.75 -33.82 87.45
N THR O 334 167.76 -34.16 86.67
CA THR O 334 167.77 -35.44 85.98
C THR O 334 168.36 -36.54 86.85
N GLU O 335 169.28 -36.19 87.75
CA GLU O 335 169.84 -37.15 88.69
C GLU O 335 169.58 -36.80 90.14
N ALA O 336 169.97 -35.61 90.59
CA ALA O 336 169.96 -35.33 92.02
C ALA O 336 169.43 -33.94 92.33
N ASN O 337 168.38 -33.52 91.62
CA ASN O 337 167.68 -32.29 91.94
C ASN O 337 166.18 -32.49 91.73
N SER O 338 165.39 -31.69 92.42
CA SER O 338 163.94 -31.78 92.37
C SER O 338 163.34 -30.41 92.12
N SER O 339 162.30 -30.38 91.28
CA SER O 339 161.57 -29.15 90.97
C SER O 339 162.49 -28.05 90.46
N VAL O 340 163.44 -28.42 89.60
CA VAL O 340 164.37 -27.48 89.00
C VAL O 340 164.16 -27.50 87.49
N THR O 341 164.78 -26.53 86.82
CA THR O 341 164.55 -26.38 85.39
C THR O 341 165.73 -25.70 84.73
N ILE O 342 165.77 -25.79 83.41
CA ILE O 342 166.69 -25.03 82.58
C ILE O 342 165.85 -24.10 81.72
N GLY O 343 166.07 -22.80 81.87
CA GLY O 343 165.34 -21.79 81.14
C GLY O 343 166.11 -21.25 79.96
N GLY O 344 165.86 -19.99 79.63
CA GLY O 344 166.50 -19.35 78.50
C GLY O 344 165.99 -19.87 77.17
N THR O 345 166.08 -19.03 76.13
CA THR O 345 165.68 -19.40 74.76
C THR O 345 164.23 -19.90 74.73
N LYS O 346 163.40 -19.32 75.60
CA LYS O 346 161.97 -19.59 75.66
C LYS O 346 161.70 -21.10 75.80
N TYR O 347 162.06 -21.60 76.97
CA TYR O 347 161.60 -22.91 77.43
C TYR O 347 161.94 -23.02 78.91
N SER O 348 161.36 -24.04 79.55
CA SER O 348 161.67 -24.34 80.94
C SER O 348 161.58 -25.85 81.11
N HIS O 349 162.72 -26.54 81.00
CA HIS O 349 162.76 -27.99 81.10
C HIS O 349 162.73 -28.38 82.58
N SER O 350 161.54 -28.28 83.17
CA SER O 350 161.38 -28.57 84.57
C SER O 350 161.58 -30.05 84.85
N ALA O 351 161.99 -30.36 86.07
CA ALA O 351 162.24 -31.73 86.50
C ALA O 351 161.10 -32.17 87.41
N ALA O 352 160.29 -33.11 86.92
CA ALA O 352 159.23 -33.66 87.75
C ALA O 352 159.77 -34.58 88.82
N ASP O 353 160.83 -35.33 88.52
CA ASP O 353 161.40 -36.28 89.46
C ASP O 353 162.91 -36.35 89.27
N GLU O 354 163.58 -36.91 90.27
CA GLU O 354 165.03 -37.11 90.23
C GLU O 354 165.37 -38.59 90.18
N LEU O 355 166.50 -38.90 89.55
CA LEU O 355 166.93 -40.28 89.33
C LEU O 355 167.88 -40.67 90.45
N SER O 356 167.36 -41.46 91.40
CA SER O 356 168.22 -42.12 92.37
C SER O 356 168.84 -43.39 91.81
N TYR O 357 168.75 -43.59 90.50
CA TYR O 357 169.20 -44.76 89.75
C TYR O 357 168.38 -46.01 90.06
N THR O 358 167.43 -45.92 90.98
CA THR O 358 166.38 -46.92 91.15
C THR O 358 165.02 -46.36 90.77
N ALA O 359 164.60 -45.27 91.41
CA ALA O 359 163.45 -44.50 90.94
C ALA O 359 163.88 -43.65 89.77
N VAL O 360 163.01 -43.55 88.76
CA VAL O 360 163.37 -42.96 87.48
C VAL O 360 162.93 -41.51 87.44
N ALA O 361 163.74 -40.67 86.81
CA ALA O 361 163.48 -39.24 86.71
C ALA O 361 162.84 -38.91 85.36
N THR O 362 162.50 -37.63 85.18
CA THR O 362 162.02 -37.12 83.92
C THR O 362 162.14 -35.60 83.91
N THR O 363 162.67 -35.07 82.82
CA THR O 363 162.66 -33.64 82.57
C THR O 363 161.44 -33.31 81.72
N ALA O 364 160.71 -32.27 82.10
CA ALA O 364 159.48 -31.93 81.41
C ALA O 364 159.39 -30.43 81.21
N ASP O 365 158.96 -30.03 80.03
CA ASP O 365 158.68 -28.63 79.74
C ASP O 365 157.21 -28.52 79.35
N VAL O 366 156.48 -27.64 80.01
CA VAL O 366 155.07 -27.44 79.69
C VAL O 366 155.02 -26.45 78.53
N LEU O 367 155.13 -26.96 77.31
CA LEU O 367 155.15 -26.10 76.14
C LEU O 367 153.83 -25.37 75.94
N SER O 368 152.75 -25.86 76.54
CA SER O 368 151.38 -25.41 76.29
C SER O 368 151.01 -25.49 74.82
N ALA O 369 151.83 -26.17 74.02
CA ALA O 369 151.52 -26.37 72.61
C ALA O 369 150.36 -27.35 72.47
N MET O 370 150.03 -27.68 71.22
CA MET O 370 148.98 -28.65 70.92
C MET O 370 147.63 -28.19 71.46
N GLY O 371 147.56 -26.91 71.83
CA GLY O 371 146.44 -26.43 72.63
C GLY O 371 145.12 -26.40 71.88
N SER O 372 145.15 -26.02 70.60
CA SER O 372 143.90 -25.85 69.85
C SER O 372 143.12 -27.15 69.82
N SER O 373 141.83 -27.07 70.19
CA SER O 373 141.01 -28.27 70.23
C SER O 373 140.82 -28.87 68.84
N THR O 374 140.93 -28.04 67.80
CA THR O 374 140.86 -28.56 66.43
C THR O 374 142.03 -29.51 66.15
N ALA O 375 143.24 -29.13 66.57
CA ALA O 375 144.39 -30.02 66.40
C ALA O 375 144.26 -31.24 67.29
N VAL O 376 143.73 -31.07 68.50
CA VAL O 376 143.53 -32.22 69.39
C VAL O 376 142.60 -33.22 68.76
N SER O 377 141.49 -32.76 68.19
CA SER O 377 140.57 -33.66 67.51
C SER O 377 141.26 -34.39 66.37
N THR O 378 142.01 -33.66 65.54
CA THR O 378 142.63 -34.27 64.36
C THR O 378 143.64 -35.34 64.78
N VAL O 379 144.47 -35.05 65.78
CA VAL O 379 145.47 -36.02 66.19
C VAL O 379 144.82 -37.23 66.86
N THR O 380 143.83 -37.00 67.72
CA THR O 380 143.14 -38.15 68.31
C THR O 380 142.21 -38.82 67.30
N LEU O 381 141.91 -38.16 66.18
CA LEU O 381 141.15 -38.77 65.09
C LEU O 381 142.14 -39.35 64.08
N GLY O 382 142.78 -40.44 64.50
CA GLY O 382 143.78 -41.09 63.67
C GLY O 382 145.15 -41.13 64.30
N SER O 383 145.56 -42.32 64.76
CA SER O 383 146.84 -42.52 65.40
C SER O 383 147.28 -43.95 65.11
N GLY O 384 148.22 -44.46 65.90
CA GLY O 384 148.66 -45.83 65.75
C GLY O 384 147.88 -46.76 66.65
N ILE O 385 148.49 -47.16 67.75
CA ILE O 385 147.80 -47.92 68.79
C ILE O 385 147.40 -47.01 69.96
N THR O 386 147.27 -45.72 69.71
CA THR O 386 147.01 -44.73 70.75
C THR O 386 145.53 -44.73 71.10
N SER O 387 145.19 -45.36 72.23
CA SER O 387 143.81 -45.35 72.74
C SER O 387 143.70 -44.25 73.79
N ALA O 388 143.06 -43.14 73.41
CA ALA O 388 142.98 -41.98 74.29
C ALA O 388 141.84 -42.15 75.29
N ALA O 389 141.62 -41.11 76.10
CA ALA O 389 140.59 -41.12 77.11
C ALA O 389 140.29 -39.69 77.54
N VAL O 390 139.02 -39.39 77.77
CA VAL O 390 138.59 -38.06 78.19
C VAL O 390 137.61 -38.15 79.35
N THR O 391 137.88 -37.37 80.40
CA THR O 391 136.92 -37.08 81.46
C THR O 391 136.35 -35.70 81.16
N PHE O 392 135.04 -35.63 80.93
CA PHE O 392 134.48 -34.44 80.28
C PHE O 392 133.18 -33.97 80.96
N ALA O 393 133.15 -33.99 82.28
CA ALA O 393 132.02 -33.46 83.03
C ALA O 393 132.47 -33.19 84.47
N ILE O 394 131.51 -32.84 85.33
CA ILE O 394 131.82 -32.62 86.73
C ILE O 394 132.37 -33.90 87.34
N ALA O 395 133.41 -33.76 88.17
CA ALA O 395 134.06 -34.92 88.77
C ALA O 395 133.06 -35.79 89.53
N THR O 396 132.01 -35.18 90.08
CA THR O 396 130.99 -35.96 90.77
C THR O 396 130.13 -36.76 89.79
N THR O 397 129.94 -36.26 88.58
CA THR O 397 128.97 -36.82 87.63
C THR O 397 129.63 -37.02 86.26
N ASP O 398 130.77 -37.70 86.25
CA ASP O 398 131.49 -37.95 84.99
C ASP O 398 131.95 -39.39 84.93
N SER O 399 132.46 -39.77 83.75
CA SER O 399 133.07 -41.06 83.49
C SER O 399 134.20 -40.83 82.50
N ASN O 400 134.68 -41.90 81.87
CA ASN O 400 135.77 -41.82 80.91
C ASN O 400 135.32 -42.36 79.56
N ASN O 401 135.88 -41.79 78.49
CA ASN O 401 135.55 -42.16 77.12
C ASN O 401 136.83 -42.43 76.34
N THR O 402 137.04 -43.68 75.96
CA THR O 402 138.15 -44.06 75.09
C THR O 402 137.67 -44.06 73.65
N TRP O 403 138.53 -44.56 72.74
CA TRP O 403 138.16 -44.74 71.34
C TRP O 403 139.02 -45.79 70.68
N VAL O 404 138.62 -46.14 69.45
CA VAL O 404 139.48 -46.90 68.57
C VAL O 404 140.72 -46.08 68.27
N ASP O 405 141.88 -46.73 68.32
CA ASP O 405 143.16 -46.02 68.20
C ASP O 405 143.29 -45.35 66.85
N ASN O 406 142.92 -46.05 65.77
CA ASN O 406 143.23 -45.58 64.43
C ASN O 406 142.25 -44.56 63.88
N LYS O 407 141.10 -44.36 64.52
CA LYS O 407 140.15 -43.36 64.02
C LYS O 407 139.47 -42.56 65.11
N GLY O 408 139.80 -42.74 66.38
CA GLY O 408 139.20 -41.94 67.43
C GLY O 408 137.71 -42.11 67.57
N GLU O 409 137.21 -43.32 67.41
CA GLU O 409 135.79 -43.62 67.54
C GLU O 409 135.57 -44.62 68.67
N LEU O 410 134.51 -44.41 69.45
CA LEU O 410 134.20 -45.22 70.62
C LEU O 410 133.07 -46.21 70.34
N THR O 411 133.34 -47.48 70.63
CA THR O 411 132.41 -48.57 70.37
C THR O 411 131.56 -48.90 71.58
N ASP O 412 132.19 -49.05 72.76
CA ASP O 412 131.45 -49.50 73.94
C ASP O 412 130.45 -48.48 74.44
N ILE O 413 130.53 -47.23 74.00
CA ILE O 413 129.59 -46.20 74.37
C ILE O 413 128.94 -45.65 73.11
N GLN O 414 127.62 -45.63 73.08
CA GLN O 414 126.85 -45.13 71.95
C GLN O 414 126.02 -43.94 72.38
N THR O 415 125.37 -43.31 71.42
CA THR O 415 124.55 -42.13 71.68
C THR O 415 123.15 -42.35 71.14
N PHE O 416 122.15 -42.15 72.00
CA PHE O 416 120.77 -42.12 71.56
C PHE O 416 120.54 -40.87 70.71
N ASP O 417 119.33 -40.73 70.18
CA ASP O 417 118.98 -39.53 69.44
C ASP O 417 119.22 -38.27 70.26
N THR O 418 119.03 -38.36 71.58
CA THR O 418 119.22 -37.19 72.44
C THR O 418 119.94 -37.50 73.74
N SER O 419 120.68 -38.61 73.83
CA SER O 419 121.37 -38.93 75.08
C SER O 419 122.54 -39.86 74.79
N TYR O 420 123.46 -39.91 75.75
CA TYR O 420 124.67 -40.74 75.65
C TYR O 420 124.46 -42.08 76.37
N LYS O 421 123.43 -42.81 75.96
CA LYS O 421 123.10 -44.08 76.61
C LYS O 421 123.90 -45.22 76.00
N ILE O 422 124.26 -46.18 76.85
CA ILE O 422 125.24 -47.21 76.48
C ILE O 422 124.70 -48.11 75.38
N ASN O 423 123.42 -48.49 75.49
CA ASN O 423 122.85 -49.50 74.59
C ASN O 423 123.01 -49.10 73.13
N ALA O 424 123.67 -49.95 72.35
CA ALA O 424 123.89 -49.65 70.94
C ALA O 424 122.65 -49.90 70.08
N ASP O 425 121.69 -50.67 70.58
CA ASP O 425 120.52 -51.06 69.80
C ASP O 425 119.25 -50.79 70.60
N THR O 426 118.21 -50.31 69.91
CA THR O 426 116.93 -50.03 70.54
C THR O 426 115.82 -50.98 70.12
N GLY O 427 115.91 -51.59 68.95
CA GLY O 427 114.83 -52.44 68.49
C GLY O 427 113.54 -51.66 68.28
N GLU O 428 113.63 -50.55 67.57
CA GLU O 428 112.47 -49.70 67.32
C GLU O 428 111.36 -50.52 66.66
N VAL O 429 110.14 -50.37 67.17
CA VAL O 429 108.99 -51.13 66.71
C VAL O 429 108.26 -50.31 65.68
N THR O 430 108.21 -50.80 64.44
CA THR O 430 107.52 -50.14 63.34
C THR O 430 106.48 -51.09 62.78
N VAL O 431 105.25 -50.61 62.62
CA VAL O 431 104.16 -51.39 62.06
C VAL O 431 103.83 -50.84 60.68
N VAL O 432 103.75 -51.72 59.70
CA VAL O 432 103.43 -51.31 58.33
C VAL O 432 101.93 -51.06 58.25
N GLY O 433 101.55 -49.91 57.71
CA GLY O 433 100.14 -49.58 57.59
C GLY O 433 99.51 -50.31 56.43
N ASP O 434 98.69 -51.31 56.74
CA ASP O 434 97.98 -52.04 55.72
C ASP O 434 96.99 -51.12 55.02
N ASN O 435 96.76 -51.39 53.74
CA ASN O 435 95.89 -50.59 52.87
C ASN O 435 96.45 -49.18 52.64
N SER O 436 97.62 -48.88 53.19
CA SER O 436 98.26 -47.58 53.01
C SER O 436 99.74 -47.65 52.67
N ALA O 437 100.40 -48.79 52.91
CA ALA O 437 101.83 -48.95 52.64
C ALA O 437 102.67 -47.89 53.35
N THR O 438 102.26 -47.56 54.57
CA THR O 438 102.97 -46.59 55.40
C THR O 438 103.50 -47.31 56.63
N ALA O 439 104.82 -47.31 56.79
CA ALA O 439 105.45 -47.99 57.93
C ALA O 439 105.31 -47.11 59.17
N GLY O 440 104.08 -47.07 59.69
CA GLY O 440 103.78 -46.27 60.86
C GLY O 440 104.58 -46.67 62.08
N GLN O 441 105.15 -45.68 62.77
CA GLN O 441 105.92 -45.95 63.97
C GLN O 441 105.00 -46.48 65.07
N TYR O 442 105.52 -47.39 65.89
CA TYR O 442 104.69 -48.10 66.85
C TYR O 442 105.23 -48.11 68.28
N ALA O 443 106.54 -47.97 68.50
CA ALA O 443 107.12 -48.14 69.83
C ALA O 443 106.62 -47.11 70.84
N SER O 444 106.96 -45.84 70.64
CA SER O 444 106.62 -44.82 71.62
C SER O 444 105.91 -43.61 71.02
N ALA O 445 106.32 -43.16 69.83
CA ALA O 445 105.63 -42.03 69.22
C ALA O 445 104.25 -42.42 68.71
N ASP O 446 104.01 -43.71 68.48
CA ASP O 446 102.68 -44.26 68.23
C ASP O 446 102.04 -43.60 67.00
N GLY O 447 102.66 -43.85 65.85
CA GLY O 447 102.12 -43.36 64.60
C GLY O 447 102.86 -42.16 64.05
N ALA O 448 104.18 -42.21 64.04
CA ALA O 448 105.00 -41.08 63.63
C ALA O 448 105.30 -41.05 62.14
N LYS O 449 104.77 -41.99 61.35
CA LYS O 449 104.93 -42.01 59.89
C LYS O 449 106.42 -42.04 59.52
N VAL O 450 107.05 -43.18 59.83
CA VAL O 450 108.48 -43.33 59.57
C VAL O 450 108.78 -43.14 58.10
N LEU O 451 109.74 -42.27 57.81
CA LEU O 451 110.30 -42.10 56.48
C LEU O 451 111.75 -42.57 56.45
N VAL O 452 112.26 -42.81 55.25
CA VAL O 452 113.65 -43.24 55.07
C VAL O 452 114.53 -42.00 54.98
N GLY O 453 115.48 -41.88 55.89
CA GLY O 453 116.34 -40.71 55.94
C GLY O 453 117.33 -40.66 54.80
N SER O 454 117.94 -39.48 54.64
CA SER O 454 118.91 -39.28 53.58
C SER O 454 120.16 -40.13 53.78
N ASP O 455 120.42 -40.60 55.00
CA ASP O 455 121.55 -41.46 55.27
C ASP O 455 121.22 -42.95 55.15
N GLY O 456 119.99 -43.29 54.74
CA GLY O 456 119.58 -44.66 54.60
C GLY O 456 118.92 -45.27 55.83
N LYS O 457 118.85 -44.53 56.93
CA LYS O 457 118.23 -45.02 58.15
C LYS O 457 116.80 -44.52 58.26
N LEU O 458 116.00 -45.28 59.00
CA LEU O 458 114.62 -44.90 59.24
C LEU O 458 114.55 -43.71 60.20
N THR O 459 113.62 -42.80 59.93
CA THR O 459 113.44 -41.65 60.80
C THR O 459 112.00 -41.16 60.67
N THR O 460 111.51 -40.55 61.76
CA THR O 460 110.17 -39.98 61.76
C THR O 460 110.13 -38.59 61.14
N GLU O 461 111.28 -37.97 60.92
CA GLU O 461 111.30 -36.65 60.31
C GLU O 461 111.02 -36.76 58.81
N THR O 462 110.05 -35.97 58.34
CA THR O 462 109.66 -36.04 56.93
C THR O 462 110.70 -35.40 56.02
N THR O 463 111.22 -34.23 56.41
CA THR O 463 112.14 -33.48 55.57
C THR O 463 113.58 -33.74 56.00
N SER O 464 114.50 -33.08 55.30
CA SER O 464 115.93 -33.19 55.60
C SER O 464 116.58 -31.85 55.30
N ALA O 465 117.88 -31.76 55.56
CA ALA O 465 118.59 -30.49 55.39
C ALA O 465 118.80 -30.17 53.92
N GLY O 466 119.57 -30.99 53.21
CA GLY O 466 119.98 -30.67 51.86
C GLY O 466 121.08 -29.63 51.85
N ASP O 467 121.72 -29.48 50.68
CA ASP O 467 122.83 -28.56 50.55
C ASP O 467 122.51 -27.39 49.63
N LYS O 468 122.21 -27.63 48.34
CA LYS O 468 122.28 -26.57 47.32
C LYS O 468 121.75 -27.12 46.00
N THR O 469 121.07 -26.26 45.25
CA THR O 469 120.63 -26.62 43.91
C THR O 469 121.83 -26.58 42.98
N THR O 470 122.25 -27.74 42.49
CA THR O 470 123.49 -27.83 41.74
C THR O 470 123.46 -26.98 40.48
N ASP O 471 122.32 -26.99 39.77
CA ASP O 471 122.15 -26.22 38.53
C ASP O 471 120.94 -25.32 38.73
N PRO O 472 121.11 -24.18 39.40
CA PRO O 472 119.97 -23.32 39.72
C PRO O 472 119.33 -22.71 38.48
N LEU O 473 120.15 -22.09 37.62
CA LEU O 473 119.61 -21.43 36.45
C LEU O 473 119.03 -22.42 35.45
N LYS O 474 119.61 -23.62 35.36
CA LYS O 474 119.05 -24.63 34.46
C LYS O 474 117.67 -25.08 34.94
N THR O 475 117.52 -25.29 36.24
CA THR O 475 116.20 -25.64 36.78
C THR O 475 115.22 -24.50 36.58
N LEU O 476 115.69 -23.26 36.75
CA LEU O 476 114.82 -22.11 36.50
C LEU O 476 114.39 -22.06 35.04
N ASP O 477 115.30 -22.37 34.12
CA ASP O 477 114.95 -22.39 32.71
C ASP O 477 113.95 -23.49 32.40
N ALA O 478 114.10 -24.65 33.04
CA ALA O 478 113.13 -25.73 32.86
C ALA O 478 111.75 -25.31 33.37
N ALA O 479 111.71 -24.66 34.52
CA ALA O 479 110.44 -24.15 35.04
C ALA O 479 109.84 -23.10 34.10
N PHE O 480 110.70 -22.24 33.54
CA PHE O 480 110.25 -21.27 32.56
C PHE O 480 109.64 -21.95 31.35
N THR O 481 110.27 -23.01 30.87
CA THR O 481 109.75 -23.73 29.70
C THR O 481 108.40 -24.34 30.01
N LYS O 482 108.24 -24.96 31.17
CA LYS O 482 106.95 -25.55 31.53
C LYS O 482 105.86 -24.48 31.63
N LEU O 483 106.17 -23.38 32.33
CA LEU O 483 105.20 -22.32 32.50
C LEU O 483 104.81 -21.69 31.16
N ASP O 484 105.80 -21.45 30.29
CA ASP O 484 105.52 -20.87 28.98
C ASP O 484 104.76 -21.85 28.10
N LYS O 485 105.02 -23.16 28.25
CA LYS O 485 104.22 -24.15 27.53
C LYS O 485 102.75 -24.02 27.90
N LEU O 486 102.46 -24.01 29.20
CA LEU O 486 101.06 -23.88 29.61
C LEU O 486 100.47 -22.54 29.21
N THR O 487 101.24 -21.46 29.34
CA THR O 487 100.75 -20.13 28.95
C THR O 487 100.41 -20.09 27.46
N GLY O 488 101.28 -20.62 26.62
CA GLY O 488 101.01 -20.65 25.19
C GLY O 488 99.81 -21.53 24.85
N GLU O 489 99.67 -22.66 25.54
CA GLU O 489 98.52 -23.51 25.27
C GLU O 489 97.21 -22.80 25.62
N LEU O 490 97.18 -22.11 26.77
CA LEU O 490 96.01 -21.33 27.13
C LEU O 490 95.77 -20.17 26.19
N GLY O 491 96.82 -19.51 25.70
CA GLY O 491 96.62 -18.45 24.72
C GLY O 491 96.03 -18.98 23.43
N ALA O 492 96.52 -20.14 22.96
CA ALA O 492 95.97 -20.73 21.75
C ALA O 492 94.51 -21.11 21.94
N VAL O 493 94.18 -21.70 23.09
CA VAL O 493 92.78 -22.08 23.30
C VAL O 493 91.91 -20.85 23.47
N GLN O 494 92.45 -19.76 24.03
CA GLN O 494 91.69 -18.52 24.13
C GLN O 494 91.36 -17.97 22.75
N ASN O 495 92.35 -17.93 21.87
CA ASN O 495 92.09 -17.44 20.51
C ASN O 495 91.09 -18.35 19.78
N ARG O 496 91.25 -19.66 19.94
CA ARG O 496 90.33 -20.57 19.26
C ARG O 496 88.93 -20.46 19.82
N LEU O 497 88.80 -20.18 21.12
CA LEU O 497 87.48 -19.93 21.69
C LEU O 497 86.86 -18.66 21.14
N GLU O 498 87.67 -17.61 20.94
CA GLU O 498 87.14 -16.41 20.29
C GLU O 498 86.64 -16.73 18.88
N SER O 499 87.39 -17.56 18.15
CA SER O 499 86.93 -17.99 16.82
C SER O 499 85.63 -18.78 16.92
N THR O 500 85.51 -19.64 17.93
CA THR O 500 84.25 -20.35 18.13
C THR O 500 83.12 -19.40 18.39
N ILE O 501 83.37 -18.33 19.16
CA ILE O 501 82.35 -17.33 19.41
C ILE O 501 81.88 -16.70 18.10
N ALA O 502 82.83 -16.31 17.26
CA ALA O 502 82.47 -15.69 15.99
C ALA O 502 81.67 -16.65 15.11
N ASN O 503 82.13 -17.90 15.00
CA ASN O 503 81.43 -18.87 14.16
C ASN O 503 80.04 -19.17 14.70
N LEU O 504 79.91 -19.31 16.01
CA LEU O 504 78.62 -19.57 16.61
C LEU O 504 77.67 -18.41 16.38
N ASN O 505 78.16 -17.18 16.49
CA ASN O 505 77.30 -16.03 16.22
C ASN O 505 76.84 -16.02 14.77
N ASN O 506 77.75 -16.29 13.83
CA ASN O 506 77.36 -16.31 12.42
C ASN O 506 76.30 -17.38 12.18
N VAL O 507 76.50 -18.58 12.72
CA VAL O 507 75.54 -19.66 12.50
C VAL O 507 74.21 -19.34 13.17
N VAL O 508 74.25 -18.68 14.33
CA VAL O 508 73.01 -18.31 15.01
C VAL O 508 72.21 -17.34 14.17
N ASN O 509 72.88 -16.31 13.63
CA ASN O 509 72.16 -15.36 12.79
C ASN O 509 71.59 -16.03 11.55
N ASN O 510 72.39 -16.86 10.89
CA ASN O 510 71.91 -17.52 9.67
C ASN O 510 70.77 -18.47 9.96
N LEU O 511 70.83 -19.20 11.08
CA LEU O 511 69.75 -20.11 11.43
C LEU O 511 68.49 -19.36 11.84
N SER O 512 68.65 -18.21 12.50
CA SER O 512 67.49 -17.39 12.81
C SER O 512 66.81 -16.90 11.53
N SER O 513 67.62 -16.48 10.55
CA SER O 513 67.04 -16.10 9.26
C SER O 513 66.34 -17.29 8.60
N ALA O 514 66.95 -18.47 8.69
CA ALA O 514 66.34 -19.66 8.10
C ALA O 514 65.01 -19.99 8.76
N ARG O 515 64.95 -19.88 10.09
CA ARG O 515 63.70 -20.10 10.79
C ARG O 515 62.66 -19.06 10.38
N SER O 516 63.06 -17.79 10.28
CA SER O 516 62.13 -16.74 9.90
C SER O 516 61.58 -16.98 8.50
N ARG O 517 62.40 -17.54 7.61
CA ARG O 517 61.95 -17.78 6.24
C ARG O 517 60.75 -18.70 6.17
N ILE O 518 60.53 -19.54 7.18
CA ILE O 518 59.42 -20.50 7.17
C ILE O 518 58.45 -20.31 8.31
N GLN O 519 58.75 -19.44 9.28
CA GLN O 519 57.92 -19.30 10.47
C GLN O 519 57.16 -17.98 10.50
N ASP O 520 57.87 -16.85 10.44
CA ASP O 520 57.21 -15.57 10.54
C ASP O 520 56.36 -15.29 9.31
N ALA O 521 55.39 -14.40 9.47
CA ALA O 521 54.43 -14.08 8.43
C ALA O 521 54.83 -12.78 7.74
N ASP O 522 54.76 -12.79 6.41
CA ASP O 522 54.99 -11.58 5.62
C ASP O 522 53.81 -10.65 5.83
N TYR O 523 53.99 -9.65 6.69
CA TYR O 523 52.86 -8.82 7.14
C TYR O 523 52.11 -8.19 5.98
N ALA O 524 52.79 -7.85 4.88
CA ALA O 524 52.09 -7.26 3.76
C ALA O 524 51.05 -8.22 3.18
N THR O 525 51.44 -9.47 2.95
CA THR O 525 50.52 -10.45 2.40
C THR O 525 49.39 -10.74 3.40
N GLU O 526 49.72 -10.83 4.68
CA GLU O 526 48.70 -11.12 5.68
C GLU O 526 47.69 -9.99 5.79
N VAL O 527 48.15 -8.74 5.75
CA VAL O 527 47.22 -7.61 5.76
C VAL O 527 46.35 -7.61 4.52
N SER O 528 46.94 -7.91 3.35
CA SER O 528 46.15 -7.99 2.13
C SER O 528 45.08 -9.07 2.25
N ASN O 529 45.44 -10.24 2.78
CA ASN O 529 44.47 -11.30 2.96
C ASN O 529 43.38 -10.93 3.95
N MET O 530 43.75 -10.23 5.04
CA MET O 530 42.74 -9.80 6.00
C MET O 530 41.76 -8.82 5.36
N SER O 531 42.27 -7.86 4.59
CA SER O 531 41.39 -6.91 3.93
C SER O 531 40.49 -7.60 2.94
N LYS O 532 41.04 -8.54 2.15
CA LYS O 532 40.23 -9.28 1.20
C LYS O 532 39.16 -10.08 1.92
N ALA O 533 39.51 -10.71 3.03
CA ALA O 533 38.55 -11.51 3.78
C ALA O 533 37.43 -10.62 4.34
N GLN O 534 37.78 -9.42 4.81
CA GLN O 534 36.74 -8.51 5.29
C GLN O 534 35.81 -8.08 4.16
N ILE O 535 36.36 -7.80 2.98
CA ILE O 535 35.52 -7.44 1.85
C ILE O 535 34.58 -8.59 1.50
N LEU O 536 35.12 -9.81 1.46
CA LEU O 536 34.27 -10.98 1.19
C LEU O 536 33.22 -11.16 2.28
N GLN O 537 33.55 -10.86 3.53
CA GLN O 537 32.57 -10.99 4.61
C GLN O 537 31.43 -10.02 4.43
N GLN O 538 31.73 -8.75 4.16
CA GLN O 538 30.67 -7.77 3.97
C GLN O 538 29.83 -8.10 2.73
N ALA O 539 30.48 -8.50 1.63
CA ALA O 539 29.74 -8.89 0.45
C ALA O 539 28.88 -10.11 0.71
N GLY O 540 29.40 -11.08 1.46
CA GLY O 540 28.65 -12.29 1.73
C GLY O 540 27.43 -12.03 2.61
N THR O 541 27.60 -11.20 3.64
CA THR O 541 26.44 -10.91 4.49
C THR O 541 25.41 -10.08 3.73
N SER O 542 25.83 -9.17 2.85
CA SER O 542 24.87 -8.42 2.06
C SER O 542 24.12 -9.34 1.09
N VAL O 543 24.85 -10.20 0.39
CA VAL O 543 24.21 -11.08 -0.58
C VAL O 543 23.32 -12.09 0.12
N LEU O 544 23.69 -12.52 1.32
CA LEU O 544 22.81 -13.39 2.10
C LEU O 544 21.55 -12.64 2.53
N ALA O 545 21.68 -11.38 2.95
CA ALA O 545 20.52 -10.60 3.31
C ALA O 545 19.53 -10.52 2.15
N GLN O 546 20.02 -10.13 0.97
CA GLN O 546 19.15 -10.14 -0.21
C GLN O 546 18.73 -11.55 -0.66
N ALA O 547 19.45 -12.59 -0.25
CA ALA O 547 19.02 -13.94 -0.57
C ALA O 547 17.85 -14.36 0.31
N ASN O 548 17.74 -13.78 1.51
CA ASN O 548 16.64 -14.12 2.39
C ASN O 548 15.30 -13.61 1.88
N GLN O 549 15.29 -12.53 1.09
CA GLN O 549 14.05 -12.03 0.52
C GLN O 549 13.73 -12.62 -0.84
N VAL O 550 14.50 -13.61 -1.31
CA VAL O 550 14.12 -14.33 -2.52
C VAL O 550 12.73 -14.95 -2.40
N PRO O 551 12.36 -15.62 -1.30
CA PRO O 551 10.98 -16.12 -1.18
C PRO O 551 9.96 -15.02 -0.89
N GLN O 552 10.39 -13.79 -0.58
CA GLN O 552 9.43 -12.73 -0.32
C GLN O 552 8.54 -12.46 -1.52
N THR O 553 9.13 -12.50 -2.73
CA THR O 553 8.34 -12.30 -3.94
C THR O 553 7.22 -13.31 -4.05
N VAL O 554 7.42 -14.52 -3.52
CA VAL O 554 6.34 -15.50 -3.45
C VAL O 554 5.21 -14.97 -2.57
N LEU O 555 5.55 -14.32 -1.46
CA LEU O 555 4.52 -13.82 -0.56
C LEU O 555 4.01 -12.47 -1.07
N SER O 556 3.66 -12.42 -2.35
CA SER O 556 2.89 -11.33 -2.92
C SER O 556 1.59 -11.83 -3.53
N LEU O 557 1.66 -12.81 -4.42
CA LEU O 557 0.49 -13.48 -4.92
C LEU O 557 -0.02 -14.48 -3.89
N LEU O 558 -1.33 -14.50 -3.70
CA LEU O 558 -1.93 -15.34 -2.67
C LEU O 558 -3.31 -15.83 -3.09
N ALA P 2 -163.84 -71.92 -36.09
CA ALA P 2 -165.28 -71.67 -36.03
C ALA P 2 -165.56 -70.23 -35.62
N ALA P 3 -166.83 -69.86 -35.59
CA ALA P 3 -167.25 -68.49 -35.29
C ALA P 3 -167.76 -68.37 -33.87
N VAL P 4 -167.14 -69.10 -32.95
CA VAL P 4 -167.55 -69.08 -31.55
C VAL P 4 -167.02 -67.81 -30.88
N ILE P 5 -167.82 -67.29 -29.96
CA ILE P 5 -167.47 -66.05 -29.25
C ILE P 5 -167.22 -66.27 -27.76
N ASN P 6 -167.58 -67.44 -27.22
CA ASN P 6 -167.39 -67.68 -25.79
C ASN P 6 -165.91 -67.69 -25.43
N THR P 7 -165.08 -68.32 -26.25
CA THR P 7 -163.66 -68.46 -25.98
C THR P 7 -162.86 -68.05 -27.21
N ASN P 8 -161.69 -67.47 -26.98
CA ASN P 8 -160.80 -67.01 -28.06
C ASN P 8 -159.44 -67.67 -27.85
N TYR P 9 -159.16 -68.71 -28.63
CA TYR P 9 -157.88 -69.39 -28.52
C TYR P 9 -156.72 -68.52 -28.99
N LEU P 10 -156.94 -67.71 -30.03
CA LEU P 10 -155.89 -66.84 -30.54
C LEU P 10 -155.44 -65.83 -29.51
N SER P 11 -156.39 -65.27 -28.75
CA SER P 11 -156.03 -64.34 -27.69
C SER P 11 -155.19 -65.02 -26.63
N LEU P 12 -155.54 -66.26 -26.27
CA LEU P 12 -154.76 -66.99 -25.27
C LEU P 12 -153.33 -67.24 -25.76
N VAL P 13 -153.19 -67.64 -27.02
CA VAL P 13 -151.86 -67.89 -27.58
C VAL P 13 -151.05 -66.60 -27.58
N ALA P 14 -151.67 -65.50 -27.99
CA ALA P 14 -150.97 -64.22 -27.99
C ALA P 14 -150.56 -63.81 -26.59
N GLN P 15 -151.41 -64.06 -25.60
CA GLN P 15 -151.05 -63.75 -24.22
C GLN P 15 -149.85 -64.57 -23.76
N ASN P 16 -149.83 -65.86 -24.11
CA ASN P 16 -148.70 -66.69 -23.71
C ASN P 16 -147.40 -66.21 -24.33
N ASN P 17 -147.41 -65.93 -25.64
CA ASN P 17 -146.20 -65.45 -26.29
C ASN P 17 -145.77 -64.09 -25.73
N LEU P 18 -146.74 -63.24 -25.40
CA LEU P 18 -146.42 -61.96 -24.78
C LEU P 18 -145.75 -62.15 -23.43
N ASN P 19 -146.24 -63.12 -22.64
CA ASN P 19 -145.61 -63.39 -21.36
C ASN P 19 -144.19 -63.91 -21.52
N LYS P 20 -143.95 -64.78 -22.50
CA LYS P 20 -142.58 -65.25 -22.74
C LYS P 20 -141.66 -64.09 -23.12
N SER P 21 -142.12 -63.23 -24.03
CA SER P 21 -141.31 -62.08 -24.42
C SER P 21 -141.05 -61.17 -23.24
N GLN P 22 -142.05 -60.97 -22.38
CA GLN P 22 -141.88 -60.11 -21.22
C GLN P 22 -140.90 -60.70 -20.22
N SER P 23 -140.91 -62.03 -20.05
CA SER P 23 -139.93 -62.66 -19.18
C SER P 23 -138.51 -62.47 -19.72
N SER P 24 -138.34 -62.62 -21.04
CA SER P 24 -137.03 -62.36 -21.63
C SER P 24 -136.60 -60.91 -21.42
N LEU P 25 -137.55 -59.98 -21.60
CA LEU P 25 -137.25 -58.57 -21.37
C LEU P 25 -136.84 -58.33 -19.92
N GLY P 26 -137.54 -58.98 -18.99
CA GLY P 26 -137.21 -58.79 -17.58
C GLY P 26 -135.83 -59.28 -17.24
N THR P 27 -135.48 -60.49 -17.69
CA THR P 27 -134.14 -60.99 -17.37
C THR P 27 -133.06 -60.15 -18.03
N ALA P 28 -133.28 -59.70 -19.27
CA ALA P 28 -132.30 -58.83 -19.90
C ALA P 28 -132.15 -57.50 -19.16
N ILE P 29 -133.28 -56.95 -18.68
CA ILE P 29 -133.24 -55.69 -17.97
C ILE P 29 -132.48 -55.85 -16.65
N GLU P 30 -132.73 -56.92 -15.92
CA GLU P 30 -131.98 -57.15 -14.69
C GLU P 30 -130.49 -57.31 -14.97
N ARG P 31 -130.14 -58.05 -16.03
CA ARG P 31 -128.72 -58.24 -16.31
C ARG P 31 -128.04 -56.94 -16.73
N LEU P 32 -128.77 -56.04 -17.41
CA LEU P 32 -128.20 -54.73 -17.70
C LEU P 32 -128.07 -53.88 -16.44
N SER P 33 -129.12 -53.84 -15.61
CA SER P 33 -129.12 -52.96 -14.46
C SER P 33 -128.06 -53.37 -13.45
N SER P 34 -128.04 -54.64 -13.07
CA SER P 34 -127.05 -55.10 -12.10
C SER P 34 -125.65 -55.15 -12.71
N GLY P 35 -125.57 -55.40 -14.01
CA GLY P 35 -124.29 -55.64 -14.65
C GLY P 35 -123.73 -57.02 -14.46
N LEU P 36 -124.45 -57.89 -13.74
CA LEU P 36 -124.02 -59.24 -13.44
C LEU P 36 -124.92 -60.21 -14.19
N ARG P 37 -124.32 -61.04 -15.05
CA ARG P 37 -125.11 -62.01 -15.78
C ARG P 37 -125.77 -63.02 -14.85
N ILE P 38 -125.02 -63.49 -13.86
CA ILE P 38 -125.50 -64.53 -12.94
C ILE P 38 -125.90 -63.86 -11.63
N ASN P 39 -127.17 -63.46 -11.57
CA ASN P 39 -127.83 -63.05 -10.34
C ASN P 39 -129.19 -63.74 -10.30
N SER P 40 -129.74 -63.90 -9.10
CA SER P 40 -130.97 -64.67 -8.92
C SER P 40 -130.75 -66.11 -9.41
N ALA P 41 -129.99 -66.86 -8.61
CA ALA P 41 -129.25 -68.06 -9.00
C ALA P 41 -129.99 -69.02 -9.93
N LYS P 42 -131.31 -68.92 -10.01
CA LYS P 42 -132.11 -69.75 -10.91
C LYS P 42 -131.52 -69.85 -12.31
N ASP P 43 -130.74 -68.87 -12.73
CA ASP P 43 -129.98 -68.97 -13.97
C ASP P 43 -128.53 -69.32 -13.66
N ASP P 44 -128.06 -70.42 -14.24
CA ASP P 44 -126.67 -70.87 -14.09
C ASP P 44 -126.31 -71.07 -12.61
N ALA P 45 -126.97 -72.05 -11.99
CA ALA P 45 -126.81 -72.28 -10.57
C ALA P 45 -125.35 -72.57 -10.21
N ALA P 46 -124.68 -73.41 -10.99
CA ALA P 46 -123.27 -73.68 -10.73
C ALA P 46 -122.41 -72.45 -10.99
N GLY P 47 -122.84 -71.59 -11.91
CA GLY P 47 -122.07 -70.39 -12.21
C GLY P 47 -121.92 -69.49 -11.01
N MET P 48 -123.00 -69.28 -10.24
CA MET P 48 -122.90 -68.45 -9.05
C MET P 48 -122.09 -69.11 -7.95
N ALA P 49 -122.14 -70.44 -7.84
CA ALA P 49 -121.27 -71.11 -6.88
C ALA P 49 -119.80 -70.85 -7.21
N ILE P 50 -119.44 -70.99 -8.48
CA ILE P 50 -118.06 -70.76 -8.89
C ILE P 50 -117.68 -69.29 -8.70
N ALA P 51 -118.60 -68.39 -9.03
CA ALA P 51 -118.32 -66.96 -8.89
C ALA P 51 -118.18 -66.56 -7.42
N ASN P 52 -119.00 -67.13 -6.54
CA ASN P 52 -118.85 -66.86 -5.12
C ASN P 52 -117.51 -67.37 -4.61
N ARG P 53 -117.10 -68.56 -5.07
CA ARG P 53 -115.77 -69.05 -4.71
C ARG P 53 -114.69 -68.08 -5.19
N PHE P 54 -114.87 -67.54 -6.39
CA PHE P 54 -113.89 -66.59 -6.92
C PHE P 54 -113.86 -65.30 -6.11
N THR P 55 -115.03 -64.78 -5.73
CA THR P 55 -115.06 -63.57 -4.92
C THR P 55 -114.38 -63.78 -3.58
N ALA P 56 -114.67 -64.92 -2.93
CA ALA P 56 -113.99 -65.22 -1.68
C ALA P 56 -112.49 -65.28 -1.88
N ASN P 57 -112.04 -65.95 -2.95
CA ASN P 57 -110.61 -66.09 -3.19
C ASN P 57 -109.94 -64.75 -3.46
N VAL P 58 -110.55 -63.91 -4.30
CA VAL P 58 -109.92 -62.64 -4.65
C VAL P 58 -109.89 -61.72 -3.43
N ARG P 59 -110.97 -61.67 -2.66
CA ARG P 59 -110.98 -60.79 -1.49
C ARG P 59 -109.98 -61.25 -0.45
N GLY P 60 -109.92 -62.57 -0.19
CA GLY P 60 -108.94 -63.08 0.74
C GLY P 60 -107.52 -62.84 0.27
N LEU P 61 -107.29 -62.95 -1.04
CA LEU P 61 -105.94 -62.75 -1.56
C LEU P 61 -105.53 -61.28 -1.49
N THR P 62 -106.46 -60.36 -1.74
CA THR P 62 -106.16 -58.95 -1.56
C THR P 62 -105.84 -58.64 -0.10
N GLN P 63 -106.63 -59.18 0.82
CA GLN P 63 -106.33 -58.98 2.24
C GLN P 63 -104.98 -59.58 2.60
N ALA P 64 -104.63 -60.71 1.97
CA ALA P 64 -103.31 -61.29 2.17
C ALA P 64 -102.21 -60.39 1.63
N ALA P 65 -102.46 -59.69 0.52
CA ALA P 65 -101.50 -58.71 0.03
C ALA P 65 -101.31 -57.59 1.05
N ARG P 66 -102.40 -57.15 1.68
CA ARG P 66 -102.26 -56.17 2.75
C ARG P 66 -101.43 -56.72 3.90
N ASN P 67 -101.65 -57.99 4.26
CA ASN P 67 -100.85 -58.61 5.32
C ASN P 67 -99.37 -58.66 4.94
N ALA P 68 -99.07 -58.97 3.69
CA ALA P 68 -97.69 -58.99 3.23
C ALA P 68 -97.08 -57.59 3.29
N ASN P 69 -97.87 -56.57 2.95
CA ASN P 69 -97.39 -55.19 3.09
C ASN P 69 -97.07 -54.87 4.54
N ASP P 70 -97.93 -55.32 5.46
CA ASP P 70 -97.64 -55.14 6.88
C ASP P 70 -96.35 -55.83 7.27
N GLY P 71 -96.13 -57.04 6.76
CA GLY P 71 -94.89 -57.74 7.06
C GLY P 71 -93.66 -57.00 6.54
N ILE P 72 -93.75 -56.45 5.34
CA ILE P 72 -92.64 -55.66 4.81
C ILE P 72 -92.39 -54.44 5.66
N SER P 73 -93.46 -53.77 6.10
CA SER P 73 -93.27 -52.58 6.93
C SER P 73 -92.58 -52.95 8.25
N LEU P 74 -93.01 -54.05 8.87
CA LEU P 74 -92.39 -54.48 10.11
C LEU P 74 -90.92 -54.83 9.89
N ALA P 75 -90.62 -55.53 8.81
CA ALA P 75 -89.24 -55.87 8.49
C ALA P 75 -88.43 -54.60 8.23
N GLN P 76 -89.04 -53.60 7.61
CA GLN P 76 -88.36 -52.34 7.38
C GLN P 76 -87.99 -51.66 8.69
N THR P 77 -88.93 -51.62 9.64
CA THR P 77 -88.62 -51.02 10.94
C THR P 77 -87.51 -51.77 11.64
N THR P 78 -87.58 -53.10 11.66
CA THR P 78 -86.57 -53.90 12.33
C THR P 78 -85.21 -53.72 11.68
N GLU P 79 -85.17 -53.74 10.34
CA GLU P 79 -83.91 -53.58 9.63
C GLU P 79 -83.34 -52.18 9.83
N GLY P 80 -84.20 -51.17 9.90
CA GLY P 80 -83.73 -49.82 10.17
C GLY P 80 -83.12 -49.68 11.54
N ALA P 81 -83.76 -50.28 12.56
CA ALA P 81 -83.17 -50.25 13.90
C ALA P 81 -81.82 -50.99 13.92
N ALA P 82 -81.77 -52.16 13.29
CA ALA P 82 -80.52 -52.92 13.26
C ALA P 82 -79.44 -52.17 12.49
N SER P 83 -79.81 -51.40 11.47
CA SER P 83 -78.83 -50.68 10.67
C SER P 83 -78.08 -49.64 11.50
N GLU P 84 -78.71 -49.10 12.53
CA GLU P 84 -78.02 -48.12 13.37
C GLU P 84 -77.39 -48.76 14.60
N VAL P 85 -77.94 -49.89 15.06
CA VAL P 85 -77.19 -50.69 16.01
C VAL P 85 -75.86 -51.10 15.38
N ASN P 86 -75.85 -51.28 14.07
CA ASN P 86 -74.61 -51.53 13.35
C ASN P 86 -73.62 -50.39 13.53
N THR P 87 -74.09 -49.15 13.40
CA THR P 87 -73.20 -48.00 13.60
C THR P 87 -72.69 -47.94 15.03
N HIS P 88 -73.57 -48.26 15.98
CA HIS P 88 -73.12 -48.33 17.38
C HIS P 88 -71.97 -49.32 17.54
N LEU P 89 -72.13 -50.52 16.97
CA LEU P 89 -71.06 -51.52 17.07
C LEU P 89 -69.80 -51.05 16.35
N GLN P 90 -69.95 -50.36 15.21
CA GLN P 90 -68.79 -49.84 14.49
C GLN P 90 -68.02 -48.85 15.36
N ARG P 91 -68.73 -47.92 16.00
CA ARG P 91 -68.06 -46.94 16.83
C ARG P 91 -67.40 -47.62 18.03
N ILE P 92 -68.08 -48.60 18.62
CA ILE P 92 -67.51 -49.33 19.74
C ILE P 92 -66.23 -50.02 19.32
N ARG P 93 -66.23 -50.65 18.14
CA ARG P 93 -65.03 -51.32 17.66
C ARG P 93 -63.89 -50.34 17.41
N GLU P 94 -64.20 -49.20 16.80
CA GLU P 94 -63.16 -48.21 16.54
C GLU P 94 -62.55 -47.71 17.84
N LEU P 95 -63.38 -47.42 18.83
CA LEU P 95 -62.85 -46.93 20.10
C LEU P 95 -62.16 -48.03 20.88
N THR P 96 -62.57 -49.29 20.69
CA THR P 96 -61.85 -50.40 21.30
C THR P 96 -60.45 -50.51 20.73
N VAL P 97 -60.31 -50.34 19.41
CA VAL P 97 -58.98 -50.33 18.81
C VAL P 97 -58.18 -49.16 19.34
N GLN P 98 -58.82 -48.00 19.50
CA GLN P 98 -58.09 -46.83 19.98
C GLN P 98 -57.59 -47.04 21.42
N ALA P 99 -58.46 -47.52 22.30
CA ALA P 99 -58.12 -47.63 23.71
C ALA P 99 -57.27 -48.84 24.03
N SER P 100 -57.18 -49.80 23.12
CA SER P 100 -56.27 -50.92 23.31
C SER P 100 -54.81 -50.51 23.25
N ASN P 101 -54.53 -49.29 22.78
CA ASN P 101 -53.18 -48.76 22.83
C ASN P 101 -52.75 -48.57 24.28
N GLY P 102 -51.46 -48.78 24.52
CA GLY P 102 -50.92 -48.59 25.84
C GLY P 102 -50.58 -47.16 26.20
N SER P 103 -50.51 -46.27 25.20
CA SER P 103 -50.15 -44.89 25.46
C SER P 103 -51.22 -44.13 26.24
N TYR P 104 -52.45 -44.65 26.27
CA TYR P 104 -53.53 -43.99 27.00
C TYR P 104 -53.48 -44.36 28.47
N SER P 105 -53.44 -43.36 29.34
CA SER P 105 -53.43 -43.60 30.77
C SER P 105 -54.83 -43.99 31.24
N GLN P 106 -54.96 -44.23 32.54
CA GLN P 106 -56.18 -44.83 33.07
C GLN P 106 -57.38 -43.90 32.92
N GLU P 107 -57.18 -42.58 33.07
CA GLU P 107 -58.30 -41.65 32.99
C GLU P 107 -58.94 -41.67 31.60
N GLN P 108 -58.12 -41.68 30.55
CA GLN P 108 -58.67 -41.68 29.21
C GLN P 108 -59.31 -43.01 28.86
N LEU P 109 -58.76 -44.11 29.36
CA LEU P 109 -59.42 -45.39 29.22
C LEU P 109 -60.78 -45.37 29.93
N ASP P 110 -60.85 -44.68 31.07
CA ASP P 110 -62.13 -44.54 31.75
C ASP P 110 -63.12 -43.72 30.92
N SER P 111 -62.63 -42.68 30.25
CA SER P 111 -63.50 -41.91 29.38
C SER P 111 -64.02 -42.76 28.21
N VAL P 112 -63.13 -43.55 27.61
CA VAL P 112 -63.54 -44.45 26.53
C VAL P 112 -64.57 -45.44 27.05
N GLN P 113 -64.34 -45.99 28.24
CA GLN P 113 -65.28 -46.92 28.84
C GLN P 113 -66.62 -46.26 29.12
N GLY P 114 -66.62 -45.00 29.56
CA GLY P 114 -67.87 -44.30 29.75
C GLY P 114 -68.63 -44.13 28.46
N GLU P 115 -67.93 -43.75 27.39
CA GLU P 115 -68.62 -43.58 26.11
C GLU P 115 -69.15 -44.91 25.60
N ILE P 116 -68.38 -45.98 25.77
CA ILE P 116 -68.81 -47.31 25.35
C ILE P 116 -69.99 -47.78 26.20
N ASN P 117 -70.01 -47.43 27.48
CA ASN P 117 -71.15 -47.73 28.32
C ASN P 117 -72.39 -47.00 27.81
N GLN P 118 -72.22 -45.75 27.38
CA GLN P 118 -73.32 -45.04 26.73
C GLN P 118 -73.79 -45.78 25.50
N ARG P 119 -72.86 -46.26 24.67
CA ARG P 119 -73.23 -46.97 23.46
C ARG P 119 -74.01 -48.24 23.76
N LEU P 120 -73.54 -49.02 24.74
CA LEU P 120 -74.23 -50.24 25.12
C LEU P 120 -75.61 -49.95 25.70
N ALA P 121 -75.70 -48.92 26.55
CA ALA P 121 -77.00 -48.53 27.08
C ALA P 121 -77.94 -48.11 25.96
N ASP P 122 -77.41 -47.44 24.94
CA ASP P 122 -78.26 -47.05 23.81
C ASP P 122 -78.69 -48.26 23.00
N ILE P 123 -77.80 -49.25 22.85
CA ILE P 123 -78.19 -50.49 22.16
C ILE P 123 -79.33 -51.16 22.91
N ASP P 124 -79.22 -51.23 24.24
CA ASP P 124 -80.27 -51.82 25.05
C ASP P 124 -81.56 -51.01 24.94
N ARG P 125 -81.44 -49.68 24.92
CA ARG P 125 -82.60 -48.83 24.74
C ARG P 125 -83.27 -49.08 23.38
N ILE P 126 -82.46 -49.27 22.34
CA ILE P 126 -82.99 -49.59 21.03
C ILE P 126 -83.77 -50.89 21.09
N SER P 127 -83.20 -51.89 21.75
CA SER P 127 -83.89 -53.18 21.86
C SER P 127 -85.21 -53.06 22.60
N GLU P 128 -85.23 -52.31 23.71
CA GLU P 128 -86.44 -52.25 24.52
C GLU P 128 -87.50 -51.35 23.90
N GLN P 129 -87.11 -50.22 23.33
CA GLN P 129 -88.06 -49.20 22.89
C GLN P 129 -88.49 -49.34 21.44
N THR P 130 -87.80 -50.12 20.62
CA THR P 130 -88.19 -50.29 19.23
C THR P 130 -89.55 -50.98 19.17
N ASP P 131 -90.57 -50.23 18.76
CA ASP P 131 -91.95 -50.72 18.79
C ASP P 131 -92.54 -50.67 17.39
N PHE P 132 -93.48 -51.58 17.16
CA PHE P 132 -94.23 -51.60 15.90
C PHE P 132 -95.60 -52.19 16.21
N ASN P 133 -96.61 -51.34 16.29
CA ASN P 133 -97.98 -51.74 16.60
C ASN P 133 -98.02 -52.53 17.91
N GLY P 134 -97.48 -51.89 18.95
CA GLY P 134 -97.48 -52.50 20.27
C GLY P 134 -96.70 -53.79 20.35
N VAL P 135 -95.79 -54.04 19.41
CA VAL P 135 -94.97 -55.25 19.40
C VAL P 135 -93.52 -54.82 19.37
N LYS P 136 -92.79 -55.14 20.44
CA LYS P 136 -91.36 -54.83 20.52
C LYS P 136 -90.62 -55.81 19.63
N VAL P 137 -90.58 -55.49 18.33
CA VAL P 137 -90.14 -56.45 17.33
C VAL P 137 -88.68 -56.82 17.55
N LEU P 138 -87.82 -55.84 17.79
CA LEU P 138 -86.40 -56.11 18.01
C LEU P 138 -86.08 -56.04 19.50
N SER P 139 -86.66 -56.97 20.26
CA SER P 139 -86.52 -56.91 21.71
C SER P 139 -86.14 -58.26 22.31
N ASP P 140 -86.19 -58.34 23.64
CA ASP P 140 -85.85 -59.58 24.32
C ASP P 140 -86.95 -60.63 24.17
N SER P 141 -88.20 -60.20 24.15
CA SER P 141 -89.34 -61.11 24.01
C SER P 141 -90.02 -60.81 22.67
N ALA P 142 -89.56 -61.50 21.62
CA ALA P 142 -90.07 -61.31 20.26
C ALA P 142 -90.12 -62.68 19.58
N LYS P 143 -91.28 -63.31 19.63
CA LYS P 143 -91.46 -64.58 18.96
C LYS P 143 -91.61 -64.36 17.46
N PRO P 144 -91.28 -65.38 16.64
CA PRO P 144 -91.50 -65.26 15.20
C PRO P 144 -92.98 -65.05 14.88
N LEU P 145 -93.24 -64.24 13.87
CA LEU P 145 -94.59 -63.86 13.49
C LEU P 145 -95.17 -64.90 12.54
N THR P 146 -96.39 -64.65 12.04
CA THR P 146 -97.09 -65.59 11.17
C THR P 146 -97.21 -65.06 9.75
N LEU P 147 -97.80 -63.86 9.57
CA LEU P 147 -97.91 -63.23 8.26
C LEU P 147 -98.64 -64.13 7.27
N GLN P 148 -99.91 -64.39 7.57
CA GLN P 148 -100.70 -65.26 6.72
C GLN P 148 -100.89 -64.64 5.34
N VAL P 149 -100.35 -65.28 4.32
CA VAL P 149 -100.47 -64.85 2.94
C VAL P 149 -101.23 -65.93 2.18
N GLY P 150 -102.31 -65.54 1.53
CA GLY P 150 -103.17 -66.46 0.83
C GLY P 150 -104.37 -66.90 1.65
N ALA P 151 -105.42 -67.29 0.95
CA ALA P 151 -106.61 -67.85 1.59
C ALA P 151 -106.33 -69.31 1.94
N ASN P 152 -107.37 -70.07 2.26
CA ASN P 152 -107.24 -71.49 2.61
C ASN P 152 -106.31 -71.66 3.81
N ASP P 153 -106.83 -71.18 4.95
CA ASP P 153 -106.12 -71.12 6.22
C ASP P 153 -105.23 -72.34 6.43
N GLY P 154 -103.96 -72.09 6.75
CA GLY P 154 -103.01 -73.16 6.95
C GLY P 154 -101.60 -72.86 6.49
N GLU P 155 -101.40 -71.72 5.84
CA GLU P 155 -100.08 -71.32 5.38
C GLU P 155 -99.75 -69.93 5.91
N THR P 156 -98.48 -69.71 6.23
CA THR P 156 -98.02 -68.49 6.87
C THR P 156 -96.61 -68.18 6.37
N ILE P 157 -95.93 -67.28 7.06
CA ILE P 157 -94.54 -66.92 6.76
C ILE P 157 -93.83 -66.73 8.09
N THR P 158 -92.92 -67.64 8.41
CA THR P 158 -92.16 -67.54 9.65
C THR P 158 -91.19 -66.38 9.54
N LEU P 159 -91.47 -65.29 10.26
CA LEU P 159 -90.66 -64.08 10.14
C LEU P 159 -89.31 -64.24 10.86
N ASN P 160 -89.32 -64.82 12.05
CA ASN P 160 -88.10 -65.24 12.76
C ASN P 160 -87.16 -64.06 13.01
N LEU P 161 -87.62 -63.16 13.87
CA LEU P 161 -86.82 -62.03 14.34
C LEU P 161 -86.82 -61.99 15.86
N SER P 162 -85.66 -61.75 16.46
CA SER P 162 -85.58 -61.67 17.92
C SER P 162 -84.19 -61.24 18.38
N GLU P 163 -84.19 -60.50 19.49
CA GLU P 163 -83.10 -60.46 20.47
C GLU P 163 -81.77 -59.98 19.86
N ILE P 164 -81.75 -58.69 19.51
CA ILE P 164 -80.49 -57.96 19.35
C ILE P 164 -80.41 -56.94 20.47
N SER P 165 -79.42 -57.10 21.33
CA SER P 165 -79.20 -56.23 22.48
C SER P 165 -77.91 -56.68 23.15
N VAL P 166 -77.53 -56.00 24.22
CA VAL P 166 -76.55 -56.58 25.12
C VAL P 166 -77.17 -57.80 25.80
N LYS P 167 -76.31 -58.65 26.36
CA LYS P 167 -76.69 -59.90 27.02
C LYS P 167 -77.13 -60.94 26.00
N THR P 168 -77.25 -60.53 24.74
CA THR P 168 -77.49 -61.47 23.65
C THR P 168 -76.58 -61.27 22.45
N LEU P 169 -76.04 -60.06 22.23
CA LEU P 169 -74.90 -59.92 21.35
C LEU P 169 -73.63 -60.44 21.97
N GLY P 170 -73.69 -60.82 23.25
CA GLY P 170 -72.60 -61.46 23.94
C GLY P 170 -71.72 -60.54 24.76
N LEU P 171 -71.76 -59.23 24.49
CA LEU P 171 -70.89 -58.33 25.23
C LEU P 171 -71.26 -58.29 26.71
N ASP P 172 -72.36 -57.61 27.02
CA ASP P 172 -73.02 -57.63 28.33
C ASP P 172 -72.14 -57.10 29.46
N GLY P 173 -70.84 -56.99 29.20
CA GLY P 173 -69.91 -56.48 30.19
C GLY P 173 -68.75 -55.78 29.52
N PHE P 174 -68.94 -55.39 28.26
CA PHE P 174 -67.83 -54.97 27.41
C PHE P 174 -67.01 -53.88 28.07
N ASN P 175 -65.79 -54.21 28.46
CA ASN P 175 -64.94 -53.32 29.22
C ASN P 175 -63.59 -53.22 28.55
N VAL P 176 -63.02 -52.01 28.54
CA VAL P 176 -61.75 -51.78 27.86
C VAL P 176 -60.72 -51.30 28.87
N ASN P 177 -61.17 -50.65 29.94
CA ASN P 177 -60.22 -50.14 30.93
C ASN P 177 -59.76 -51.26 31.86
N GLY P 178 -60.69 -51.86 32.61
CA GLY P 178 -60.34 -52.75 33.70
C GLY P 178 -59.23 -52.14 34.50
N LYS P 179 -58.17 -52.89 34.77
CA LYS P 179 -56.89 -52.27 35.05
C LYS P 179 -55.75 -53.03 34.40
N GLY P 180 -56.04 -53.94 33.49
CA GLY P 180 -55.02 -54.66 32.75
C GLY P 180 -54.92 -56.12 33.18
N VAL P 181 -53.73 -56.68 33.11
CA VAL P 181 -53.47 -58.03 33.55
C VAL P 181 -52.88 -57.93 34.95
N THR P 182 -53.72 -58.18 35.95
CA THR P 182 -53.33 -57.99 37.34
C THR P 182 -52.25 -58.99 37.74
N GLN P 183 -51.19 -58.47 38.36
CA GLN P 183 -50.12 -59.29 38.88
C GLN P 183 -50.28 -59.42 40.39
N ASN P 184 -50.03 -60.63 40.90
CA ASN P 184 -50.22 -60.88 42.31
C ASN P 184 -49.07 -60.31 43.12
N ARG P 185 -49.30 -60.17 44.43
CA ARG P 185 -48.28 -59.72 45.36
C ARG P 185 -47.64 -60.93 46.03
N SER P 186 -46.37 -60.77 46.42
CA SER P 186 -45.63 -61.87 47.02
C SER P 186 -46.27 -62.34 48.32
N ALA P 187 -46.81 -63.55 48.31
CA ALA P 187 -47.34 -64.14 49.54
C ALA P 187 -46.22 -64.35 50.53
N THR P 188 -46.43 -63.90 51.77
CA THR P 188 -45.38 -63.90 52.78
C THR P 188 -45.87 -64.60 54.04
N VAL P 189 -44.99 -64.63 55.04
CA VAL P 189 -45.29 -65.29 56.30
C VAL P 189 -46.50 -64.68 56.98
N THR P 190 -46.70 -63.37 56.85
CA THR P 190 -47.87 -62.74 57.43
C THR P 190 -49.15 -63.28 56.83
N ASP P 191 -49.22 -63.34 55.49
CA ASP P 191 -50.43 -63.85 54.85
C ASP P 191 -50.62 -65.34 55.13
N VAL P 192 -49.53 -66.10 55.15
CA VAL P 192 -49.63 -67.54 55.38
C VAL P 192 -50.16 -67.81 56.78
N ILE P 193 -49.57 -67.16 57.79
CA ILE P 193 -50.03 -67.34 59.16
C ILE P 193 -51.44 -66.79 59.33
N ALA P 194 -51.84 -65.82 58.49
CA ALA P 194 -53.21 -65.34 58.52
C ALA P 194 -54.19 -66.42 58.06
N GLN P 195 -53.79 -67.20 57.05
CA GLN P 195 -54.67 -68.22 56.47
C GLN P 195 -54.54 -69.56 57.18
N GLY P 196 -54.69 -69.54 58.51
CA GLY P 196 -54.62 -70.76 59.29
C GLY P 196 -53.31 -71.51 59.19
N GLY P 197 -52.23 -70.82 58.83
CA GLY P 197 -50.94 -71.49 58.71
C GLY P 197 -50.44 -71.97 60.05
N THR P 198 -49.71 -73.08 60.04
CA THR P 198 -49.18 -73.71 61.24
C THR P 198 -47.66 -73.75 61.17
N LEU P 199 -47.02 -73.41 62.29
CA LEU P 199 -45.57 -73.52 62.38
C LEU P 199 -45.13 -74.96 62.20
N GLN P 200 -44.09 -75.16 61.39
CA GLN P 200 -43.49 -76.47 61.20
C GLN P 200 -41.98 -76.49 61.40
N GLY P 201 -41.29 -75.39 61.14
CA GLY P 201 -39.84 -75.38 61.29
C GLY P 201 -39.20 -74.05 60.96
N ASP P 202 -38.09 -74.08 60.22
CA ASP P 202 -37.34 -72.87 59.87
C ASP P 202 -38.10 -72.12 58.79
N GLY P 203 -39.10 -71.35 59.21
CA GLY P 203 -39.92 -70.62 58.28
C GLY P 203 -40.74 -71.49 57.35
N THR P 204 -40.92 -72.76 57.69
CA THR P 204 -41.66 -73.70 56.87
C THR P 204 -43.06 -73.86 57.44
N TYR P 205 -44.07 -73.57 56.63
CA TYR P 205 -45.46 -73.61 57.05
C TYR P 205 -46.24 -74.54 56.13
N LYS P 206 -47.12 -75.34 56.72
CA LYS P 206 -47.96 -76.28 55.97
C LYS P 206 -49.39 -75.75 55.99
N ALA P 207 -49.81 -75.13 54.88
CA ALA P 207 -51.17 -74.67 54.75
C ALA P 207 -52.08 -75.84 54.36
N THR P 208 -53.12 -76.06 55.15
CA THR P 208 -54.01 -77.19 54.97
C THR P 208 -55.44 -76.71 54.82
N THR P 209 -56.22 -77.47 54.05
CA THR P 209 -57.63 -77.14 53.85
C THR P 209 -58.43 -78.44 53.69
N THR P 210 -59.39 -78.64 54.58
CA THR P 210 -60.25 -79.82 54.52
C THR P 210 -61.32 -79.62 53.46
N PHE P 211 -61.59 -80.69 52.72
CA PHE P 211 -62.45 -80.64 51.55
C PHE P 211 -63.62 -81.62 51.64
N ASN P 212 -64.00 -82.00 52.87
CA ASN P 212 -65.09 -82.95 53.05
C ASN P 212 -66.37 -82.42 52.41
N ALA P 213 -66.82 -83.08 51.36
CA ALA P 213 -67.88 -82.56 50.51
C ALA P 213 -68.51 -83.73 49.78
N ALA P 214 -69.22 -83.44 48.68
CA ALA P 214 -69.91 -84.43 47.85
C ALA P 214 -71.07 -85.07 48.61
N SER P 215 -71.97 -84.22 49.11
CA SER P 215 -73.17 -84.69 49.76
C SER P 215 -74.14 -85.27 48.74
N ALA P 216 -75.32 -85.67 49.23
CA ALA P 216 -76.30 -86.31 48.35
C ALA P 216 -76.78 -85.37 47.25
N GLU P 217 -77.06 -84.11 47.60
CA GLU P 217 -77.54 -83.15 46.61
C GLU P 217 -76.48 -82.88 45.54
N THR P 218 -75.23 -82.70 45.97
CA THR P 218 -74.15 -82.42 45.02
C THR P 218 -73.89 -83.59 44.09
N VAL P 219 -74.31 -84.79 44.44
CA VAL P 219 -74.17 -85.94 43.56
C VAL P 219 -75.39 -86.09 42.66
N LEU P 220 -76.59 -85.96 43.23
CA LEU P 220 -77.82 -86.04 42.44
C LEU P 220 -77.91 -84.91 41.42
N SER P 221 -77.14 -83.84 41.61
CA SER P 221 -77.18 -82.74 40.65
C SER P 221 -76.71 -83.18 39.26
N LYS P 222 -75.79 -84.14 39.20
CA LYS P 222 -75.23 -84.62 37.94
C LYS P 222 -75.59 -86.07 37.67
N LEU P 223 -76.84 -86.44 37.96
CA LEU P 223 -77.29 -87.82 37.82
C LEU P 223 -78.08 -88.00 36.54
N GLU P 224 -77.71 -89.02 35.76
CA GLU P 224 -78.52 -89.45 34.61
C GLU P 224 -78.64 -90.96 34.54
N ASP P 225 -77.91 -91.71 35.37
CA ASP P 225 -77.91 -93.17 35.36
C ASP P 225 -78.55 -93.69 36.64
N GLY P 226 -78.50 -95.01 36.82
CA GLY P 226 -79.13 -95.64 37.96
C GLY P 226 -78.26 -95.67 39.20
N ASN P 227 -78.90 -95.54 40.36
CA ASN P 227 -78.25 -95.62 41.65
C ASN P 227 -78.81 -96.81 42.43
N THR P 228 -78.39 -96.94 43.68
CA THR P 228 -78.84 -98.05 44.51
C THR P 228 -78.96 -97.60 45.96
N VAL P 229 -79.86 -98.24 46.68
CA VAL P 229 -80.05 -98.00 48.11
C VAL P 229 -80.16 -99.35 48.81
N ALA P 230 -79.38 -99.53 49.88
CA ALA P 230 -79.43 -100.76 50.67
C ALA P 230 -79.27 -100.39 52.14
N VAL P 231 -80.10 -100.98 52.98
CA VAL P 231 -80.10 -100.69 54.42
C VAL P 231 -79.24 -101.76 55.07
N GLY P 232 -77.94 -101.49 55.17
CA GLY P 232 -77.04 -102.43 55.81
C GLY P 232 -77.00 -103.76 55.08
N GLY P 233 -77.18 -104.84 55.85
CA GLY P 233 -77.18 -106.18 55.29
C GLY P 233 -78.55 -106.67 54.91
N GLY P 234 -79.50 -105.74 54.80
CA GLY P 234 -80.87 -106.07 54.43
C GLY P 234 -81.10 -106.04 52.95
N ALA P 235 -82.35 -105.74 52.56
CA ALA P 235 -82.71 -105.68 51.16
C ALA P 235 -82.06 -104.49 50.48
N THR P 236 -81.97 -104.57 49.15
CA THR P 236 -81.35 -103.54 48.34
C THR P 236 -82.29 -103.10 47.23
N TYR P 237 -82.34 -101.80 46.98
CA TYR P 237 -83.20 -101.25 45.94
C TYR P 237 -82.38 -100.34 45.03
N THR P 238 -82.71 -100.35 43.74
CA THR P 238 -82.02 -99.54 42.74
C THR P 238 -83.02 -98.65 42.02
N TYR P 239 -82.63 -97.41 41.78
CA TYR P 239 -83.48 -96.43 41.11
C TYR P 239 -82.73 -95.87 39.91
N ASP P 240 -83.49 -95.52 38.86
CA ASP P 240 -82.92 -94.98 37.63
C ASP P 240 -83.65 -93.70 37.26
N ALA P 241 -82.89 -92.63 37.01
CA ALA P 241 -83.46 -91.33 36.67
C ALA P 241 -83.47 -91.20 35.15
N ALA P 242 -84.59 -91.59 34.54
CA ALA P 242 -84.71 -91.51 33.09
C ALA P 242 -84.82 -90.07 32.62
N LYS P 243 -85.71 -89.29 33.23
CA LYS P 243 -85.94 -87.90 32.85
C LYS P 243 -85.86 -86.96 34.05
N GLY P 244 -85.17 -87.37 35.12
CA GLY P 244 -85.26 -86.70 36.39
C GLY P 244 -86.31 -87.27 37.32
N ASN P 245 -87.20 -88.13 36.82
CA ASN P 245 -88.15 -88.87 37.63
C ASN P 245 -87.66 -90.31 37.74
N PHE P 246 -87.35 -90.74 38.95
CA PHE P 246 -86.72 -92.04 39.16
C PHE P 246 -87.69 -93.18 38.90
N THR P 247 -87.14 -94.32 38.51
CA THR P 247 -87.91 -95.54 38.27
C THR P 247 -87.29 -96.69 39.05
N TYR P 248 -88.14 -97.59 39.54
CA TYR P 248 -87.70 -98.74 40.33
C TYR P 248 -88.89 -99.66 40.49
N THR P 249 -88.63 -100.80 41.13
CA THR P 249 -89.65 -101.80 41.40
C THR P 249 -89.64 -102.17 42.87
N LYS P 250 -90.84 -102.32 43.44
CA LYS P 250 -91.00 -102.78 44.81
C LYS P 250 -92.07 -103.86 44.85
N THR P 251 -91.83 -104.88 45.66
CA THR P 251 -92.77 -105.99 45.77
C THR P 251 -93.97 -105.58 46.60
N VAL P 252 -95.15 -105.98 46.15
CA VAL P 252 -96.40 -105.81 46.90
C VAL P 252 -96.85 -107.19 47.34
N ASP P 253 -96.86 -107.42 48.65
CA ASP P 253 -97.16 -108.74 49.18
C ASP P 253 -97.76 -108.57 50.58
N THR P 254 -97.86 -109.69 51.30
CA THR P 254 -98.46 -109.74 52.63
C THR P 254 -97.61 -110.66 53.49
N THR P 255 -98.16 -111.06 54.63
CA THR P 255 -97.46 -111.93 55.57
C THR P 255 -98.11 -113.31 55.73
N VAL P 256 -99.35 -113.48 55.31
CA VAL P 256 -100.09 -114.73 55.53
C VAL P 256 -100.21 -115.46 54.20
N GLY P 257 -99.60 -116.65 54.13
CA GLY P 257 -99.74 -117.47 52.94
C GLY P 257 -101.14 -117.98 52.73
N ALA P 258 -101.88 -118.26 53.80
CA ALA P 258 -103.21 -118.83 53.68
C ALA P 258 -104.26 -117.81 53.27
N ASP P 259 -103.96 -116.52 53.39
CA ASP P 259 -104.94 -115.48 53.08
C ASP P 259 -104.21 -114.25 52.60
N VAL P 260 -104.45 -113.85 51.35
CA VAL P 260 -103.80 -112.70 50.76
C VAL P 260 -104.84 -111.73 50.21
N THR P 261 -106.00 -111.68 50.86
CA THR P 261 -106.99 -110.67 50.50
C THR P 261 -106.42 -109.27 50.66
N ALA P 262 -105.53 -109.09 51.63
CA ALA P 262 -104.84 -107.81 51.77
C ALA P 262 -103.97 -107.50 50.57
N LEU P 263 -103.38 -108.54 49.96
CA LEU P 263 -102.59 -108.34 48.75
C LEU P 263 -103.46 -107.80 47.61
N ALA P 264 -104.65 -108.38 47.43
CA ALA P 264 -105.56 -107.87 46.41
C ALA P 264 -106.02 -106.45 46.73
N ASN P 265 -106.31 -106.17 48.00
CA ASN P 265 -106.71 -104.83 48.39
C ASN P 265 -105.56 -103.84 48.40
N LYS P 266 -104.32 -104.32 48.26
CA LYS P 266 -103.18 -103.44 48.02
C LYS P 266 -102.99 -103.16 46.53
N ILE P 267 -103.19 -104.18 45.69
CA ILE P 267 -103.08 -103.96 44.25
C ILE P 267 -104.20 -103.09 43.74
N LYS P 268 -105.41 -103.26 44.28
CA LYS P 268 -106.58 -102.55 43.74
C LYS P 268 -106.43 -101.04 43.72
N PRO P 269 -105.98 -100.37 44.79
CA PRO P 269 -105.80 -98.91 44.70
C PRO P 269 -104.79 -98.49 43.65
N SER P 270 -103.78 -99.30 43.39
CA SER P 270 -102.82 -98.98 42.34
C SER P 270 -103.50 -98.91 40.99
N SER P 271 -104.39 -99.87 40.69
CA SER P 271 -105.15 -99.81 39.45
C SER P 271 -106.11 -98.63 39.45
N GLY P 272 -106.73 -98.34 40.58
CA GLY P 272 -107.71 -97.28 40.66
C GLY P 272 -109.10 -97.80 40.93
N THR P 273 -110.12 -97.05 40.49
CA THR P 273 -111.51 -97.45 40.67
C THR P 273 -112.19 -97.80 39.36
N ILE P 274 -112.20 -96.88 38.40
CA ILE P 274 -112.82 -97.09 37.09
C ILE P 274 -111.84 -96.63 36.03
N SER P 275 -111.55 -97.51 35.07
CA SER P 275 -110.68 -97.16 33.95
C SER P 275 -111.16 -97.92 32.71
N GLY P 276 -110.40 -97.82 31.64
CA GLY P 276 -110.80 -98.43 30.37
C GLY P 276 -110.00 -99.66 30.00
N SER P 277 -109.11 -99.53 29.02
CA SER P 277 -108.38 -100.66 28.50
C SER P 277 -107.36 -101.17 29.51
N TYR P 278 -107.37 -102.48 29.73
CA TYR P 278 -106.38 -103.17 30.57
C TYR P 278 -105.70 -104.25 29.74
N GLU P 279 -104.76 -104.96 30.37
CA GLU P 279 -104.07 -106.08 29.75
C GLU P 279 -103.85 -107.14 30.82
N ILE P 280 -104.64 -108.21 30.76
CA ILE P 280 -104.55 -109.30 31.72
C ILE P 280 -103.86 -110.48 31.06
N SER P 281 -102.78 -110.95 31.68
CA SER P 281 -101.95 -112.03 31.14
C SER P 281 -102.02 -113.25 32.04
N THR P 282 -103.22 -113.60 32.49
CA THR P 282 -103.40 -114.76 33.34
C THR P 282 -103.07 -116.05 32.56
N GLY P 283 -102.74 -117.09 33.30
CA GLY P 283 -102.34 -118.33 32.68
C GLY P 283 -100.98 -118.23 32.03
N LYS P 284 -100.92 -118.33 30.71
CA LYS P 284 -99.65 -118.23 30.00
C LYS P 284 -99.60 -117.05 29.04
N SER P 285 -100.55 -116.94 28.12
CA SER P 285 -100.53 -115.90 27.09
C SER P 285 -101.93 -115.35 26.87
N ALA P 286 -102.65 -115.05 27.96
CA ALA P 286 -104.00 -114.49 27.82
C ALA P 286 -103.95 -113.15 27.08
N SER P 287 -103.31 -112.16 27.68
CA SER P 287 -103.06 -110.87 27.04
C SER P 287 -104.36 -110.23 26.54
N PHE P 288 -105.39 -110.26 27.37
CA PHE P 288 -106.67 -109.70 26.99
C PHE P 288 -106.60 -108.16 26.97
N ASP P 289 -107.70 -107.57 26.49
CA ASP P 289 -107.89 -106.12 26.48
C ASP P 289 -109.31 -105.87 26.99
N VAL P 290 -109.43 -105.68 28.30
CA VAL P 290 -110.72 -105.66 28.95
C VAL P 290 -111.10 -104.23 29.31
N ASP P 291 -112.36 -104.03 29.69
CA ASP P 291 -112.89 -102.74 30.13
C ASP P 291 -113.54 -102.96 31.49
N ALA P 292 -112.76 -102.79 32.55
CA ALA P 292 -113.21 -103.11 33.90
C ALA P 292 -113.73 -101.86 34.58
N ALA P 293 -115.05 -101.71 34.61
CA ALA P 293 -115.73 -100.66 35.36
C ALA P 293 -116.60 -101.37 36.39
N GLY P 294 -116.01 -101.69 37.54
CA GLY P 294 -116.65 -102.58 38.49
C GLY P 294 -116.41 -104.02 38.10
N LYS P 295 -117.42 -104.66 37.53
CA LYS P 295 -117.23 -105.98 36.94
C LYS P 295 -116.39 -105.87 35.69
N ILE P 296 -115.47 -106.81 35.51
CA ILE P 296 -114.55 -106.78 34.38
C ILE P 296 -115.26 -107.32 33.14
N THR P 297 -115.21 -106.55 32.05
CA THR P 297 -115.81 -106.94 30.79
C THR P 297 -114.83 -106.69 29.66
N ILE P 298 -115.11 -107.29 28.51
CA ILE P 298 -114.30 -107.13 27.33
C ILE P 298 -115.05 -106.21 26.37
N GLY P 299 -114.34 -105.63 25.41
CA GLY P 299 -114.98 -104.75 24.45
C GLY P 299 -116.11 -105.44 23.71
N GLY P 300 -117.34 -105.06 24.04
CA GLY P 300 -118.52 -105.62 23.42
C GLY P 300 -119.03 -106.91 24.03
N ASN P 301 -118.48 -107.37 25.15
CA ASN P 301 -118.90 -108.64 25.73
C ASN P 301 -118.54 -108.67 27.20
N ALA P 302 -119.14 -109.62 27.92
CA ALA P 302 -118.85 -109.86 29.33
C ALA P 302 -118.01 -111.12 29.47
N ALA P 303 -116.98 -111.05 30.30
CA ALA P 303 -116.00 -112.11 30.44
C ALA P 303 -116.16 -112.80 31.79
N PHE P 304 -116.26 -114.12 31.78
CA PHE P 304 -116.28 -114.93 32.99
C PHE P 304 -114.89 -115.46 33.27
N LEU P 305 -114.75 -116.32 34.26
CA LEU P 305 -113.45 -116.81 34.70
C LEU P 305 -113.50 -118.30 34.99
N ASN P 306 -112.67 -119.07 34.30
CA ASN P 306 -112.51 -120.50 34.56
C ASN P 306 -111.38 -120.68 35.56
N ALA P 307 -111.58 -121.57 36.53
CA ALA P 307 -110.70 -121.63 37.69
C ALA P 307 -110.36 -123.06 38.06
N ASP P 308 -109.39 -123.18 38.97
CA ASP P 308 -109.03 -124.38 39.72
C ASP P 308 -108.27 -125.41 38.90
N GLY P 309 -108.16 -125.21 37.60
CA GLY P 309 -107.16 -125.94 36.82
C GLY P 309 -106.03 -125.01 36.46
N GLU P 310 -106.42 -123.86 35.90
CA GLU P 310 -105.52 -122.74 35.64
C GLU P 310 -106.42 -121.54 35.41
N LEU P 311 -106.33 -120.54 36.27
CA LEU P 311 -107.32 -119.47 36.30
C LEU P 311 -107.16 -118.60 35.06
N THR P 312 -107.99 -118.84 34.06
CA THR P 312 -108.01 -118.07 32.82
C THR P 312 -109.35 -117.37 32.67
N THR P 313 -109.32 -116.24 31.95
CA THR P 313 -110.52 -115.47 31.66
C THR P 313 -111.03 -115.84 30.28
N ASN P 314 -112.32 -116.15 30.19
CA ASN P 314 -112.93 -116.50 28.91
C ASN P 314 -114.38 -116.03 28.89
N ASP P 315 -114.81 -115.56 27.72
CA ASP P 315 -116.18 -115.08 27.57
C ASP P 315 -117.20 -116.20 27.66
N ALA P 316 -116.83 -117.42 27.27
CA ALA P 316 -117.76 -118.55 27.27
C ALA P 316 -117.90 -119.06 28.69
N SER P 317 -119.08 -118.85 29.28
CA SER P 317 -119.32 -119.23 30.66
C SER P 317 -119.26 -120.75 30.83
N GLY P 318 -118.76 -121.18 31.98
CA GLY P 318 -118.73 -122.58 32.34
C GLY P 318 -119.71 -122.87 33.47
N ALA P 319 -119.64 -124.11 33.96
CA ALA P 319 -120.54 -124.53 35.03
C ALA P 319 -120.23 -123.82 36.34
N LEU P 320 -118.96 -123.48 36.58
CA LEU P 320 -118.51 -122.92 37.85
C LEU P 320 -117.74 -121.63 37.63
N THR P 321 -118.23 -120.77 36.75
CA THR P 321 -117.52 -119.56 36.36
C THR P 321 -118.18 -118.32 36.96
N GLN P 322 -117.35 -117.32 37.26
CA GLN P 322 -117.78 -116.05 37.83
C GLN P 322 -117.13 -114.91 37.08
N ALA P 323 -117.68 -113.71 37.23
CA ALA P 323 -117.24 -112.53 36.49
C ALA P 323 -117.17 -111.34 37.44
N THR P 324 -115.95 -110.94 37.80
CA THR P 324 -115.73 -109.71 38.56
C THR P 324 -114.25 -109.40 38.55
N LEU P 325 -113.93 -108.13 38.83
CA LEU P 325 -112.53 -107.70 38.87
C LEU P 325 -111.78 -108.35 40.03
N ASP P 326 -112.46 -108.56 41.16
CA ASP P 326 -111.81 -109.15 42.32
C ASP P 326 -111.31 -110.55 42.01
N ASP P 327 -112.10 -111.34 41.28
CA ASP P 327 -111.67 -112.69 40.93
C ASP P 327 -110.45 -112.67 40.01
N VAL P 328 -110.42 -111.74 39.05
CA VAL P 328 -109.26 -111.64 38.16
C VAL P 328 -108.03 -111.24 38.96
N LEU P 329 -108.18 -110.29 39.87
CA LEU P 329 -107.06 -109.87 40.70
C LEU P 329 -106.56 -111.01 41.57
N THR P 330 -107.48 -111.80 42.13
CA THR P 330 -107.08 -112.97 42.90
C THR P 330 -106.34 -113.98 42.03
N SER P 331 -106.84 -114.20 40.82
CA SER P 331 -106.17 -115.12 39.90
C SER P 331 -104.74 -114.67 39.64
N VAL P 332 -104.54 -113.39 39.35
CA VAL P 332 -103.20 -112.87 39.11
C VAL P 332 -102.34 -112.99 40.36
N GLY P 333 -102.94 -112.75 41.53
CA GLY P 333 -102.18 -112.74 42.76
C GLY P 333 -102.03 -114.09 43.44
N THR P 334 -103.07 -114.93 43.37
CA THR P 334 -103.08 -116.19 44.11
C THR P 334 -102.79 -117.40 43.22
N GLU P 335 -103.51 -117.54 42.11
CA GLU P 335 -103.41 -118.72 41.26
C GLU P 335 -102.66 -118.45 39.96
N ALA P 336 -101.75 -117.47 39.97
CA ALA P 336 -100.97 -117.18 38.77
C ALA P 336 -100.11 -118.37 38.37
N ASN P 337 -99.33 -118.90 39.31
CA ASN P 337 -98.45 -120.05 39.12
C ASN P 337 -97.47 -119.85 37.96
N SER P 338 -97.28 -118.62 37.52
CA SER P 338 -96.41 -118.30 36.40
C SER P 338 -96.23 -116.79 36.34
N SER P 339 -95.54 -116.33 35.31
CA SER P 339 -95.33 -114.90 35.09
C SER P 339 -96.63 -114.30 34.56
N VAL P 340 -97.51 -113.97 35.51
CA VAL P 340 -98.82 -113.41 35.21
C VAL P 340 -98.81 -111.95 35.64
N THR P 341 -99.27 -111.07 34.76
CA THR P 341 -99.22 -109.64 35.01
C THR P 341 -100.55 -109.00 34.62
N ILE P 342 -100.78 -107.81 35.18
CA ILE P 342 -101.89 -106.95 34.78
C ILE P 342 -101.29 -105.73 34.10
N GLY P 343 -101.52 -105.59 32.81
CA GLY P 343 -100.97 -104.51 32.03
C GLY P 343 -101.79 -103.24 32.01
N GLY P 344 -102.85 -103.16 32.82
CA GLY P 344 -103.71 -102.00 32.79
C GLY P 344 -103.08 -100.78 33.42
N THR P 345 -103.57 -99.62 32.98
CA THR P 345 -103.13 -98.31 33.47
C THR P 345 -101.62 -98.15 33.36
N LYS P 346 -101.05 -98.63 32.24
CA LYS P 346 -99.63 -98.46 31.93
C LYS P 346 -98.72 -99.05 33.01
N TYR P 347 -99.21 -100.07 33.71
CA TYR P 347 -98.44 -100.77 34.73
C TYR P 347 -98.26 -102.22 34.30
N SER P 348 -97.49 -102.96 35.10
CA SER P 348 -97.34 -104.40 34.89
C SER P 348 -97.13 -105.04 36.27
N HIS P 349 -98.24 -105.47 36.87
CA HIS P 349 -98.20 -106.11 38.18
C HIS P 349 -97.92 -107.61 37.99
N SER P 350 -96.68 -107.88 37.56
CA SER P 350 -96.27 -109.26 37.34
C SER P 350 -96.24 -110.02 38.65
N ALA P 351 -96.76 -111.25 38.62
CA ALA P 351 -96.75 -112.13 39.77
C ALA P 351 -95.38 -112.81 39.83
N ALA P 352 -94.44 -112.17 40.51
CA ALA P 352 -93.10 -112.74 40.65
C ALA P 352 -93.16 -114.08 41.40
N ASP P 353 -93.94 -114.15 42.47
CA ASP P 353 -94.17 -115.39 43.19
C ASP P 353 -95.66 -115.56 43.38
N GLU P 354 -96.18 -116.73 43.00
CA GLU P 354 -97.58 -117.01 43.17
C GLU P 354 -97.87 -117.45 44.60
N LEU P 355 -99.14 -117.63 44.91
CA LEU P 355 -99.56 -118.11 46.23
C LEU P 355 -99.78 -119.61 46.16
N SER P 356 -98.89 -120.36 46.81
CA SER P 356 -99.08 -121.79 47.02
C SER P 356 -99.95 -122.06 48.25
N TYR P 357 -100.54 -121.01 48.82
CA TYR P 357 -101.34 -121.03 50.05
C TYR P 357 -100.51 -121.41 51.26
N THR P 358 -99.20 -121.61 51.11
CA THR P 358 -98.27 -121.75 52.22
C THR P 358 -97.25 -120.63 52.24
N ALA P 359 -96.60 -120.36 51.11
CA ALA P 359 -95.68 -119.25 50.96
C ALA P 359 -96.42 -118.06 50.37
N VAL P 360 -96.14 -116.87 50.91
CA VAL P 360 -96.88 -115.68 50.50
C VAL P 360 -96.54 -115.31 49.07
N ALA P 361 -97.55 -114.89 48.31
CA ALA P 361 -97.39 -114.53 46.92
C ALA P 361 -96.71 -113.18 46.77
N THR P 362 -96.12 -112.95 45.60
CA THR P 362 -95.48 -111.70 45.26
C THR P 362 -96.03 -111.18 43.95
N THR P 363 -96.42 -109.92 43.92
CA THR P 363 -96.97 -109.25 42.74
C THR P 363 -96.17 -107.99 42.45
N ALA P 364 -94.84 -108.13 42.43
CA ALA P 364 -93.95 -106.99 42.26
C ALA P 364 -94.24 -106.25 40.95
N ASP P 365 -94.23 -104.93 41.03
CA ASP P 365 -94.46 -104.08 39.88
C ASP P 365 -93.45 -102.94 39.90
N VAL P 366 -93.14 -102.43 38.71
CA VAL P 366 -92.31 -101.23 38.57
C VAL P 366 -93.25 -100.04 38.77
N LEU P 367 -93.28 -99.50 40.00
CA LEU P 367 -94.20 -98.41 40.31
C LEU P 367 -93.61 -97.05 39.97
N SER P 368 -92.35 -96.80 40.33
CA SER P 368 -91.71 -95.50 40.18
C SER P 368 -92.44 -94.40 40.92
N ALA P 369 -93.26 -94.77 41.92
CA ALA P 369 -93.99 -93.79 42.69
C ALA P 369 -93.06 -92.92 43.54
N MET P 370 -91.83 -93.37 43.75
CA MET P 370 -90.82 -92.64 44.50
C MET P 370 -89.93 -91.81 43.56
N GLY P 371 -90.47 -91.47 42.39
CA GLY P 371 -89.64 -91.00 41.30
C GLY P 371 -89.04 -89.62 41.48
N SER P 372 -89.71 -88.77 42.26
CA SER P 372 -89.27 -87.38 42.40
C SER P 372 -87.83 -87.32 42.90
N SER P 373 -87.02 -86.53 42.20
CA SER P 373 -85.60 -86.42 42.57
C SER P 373 -85.44 -85.84 43.97
N THR P 374 -86.25 -84.83 44.31
CA THR P 374 -86.23 -84.30 45.66
C THR P 374 -86.66 -85.35 46.67
N ALA P 375 -87.66 -86.18 46.31
CA ALA P 375 -88.06 -87.27 47.18
C ALA P 375 -86.92 -88.25 47.40
N VAL P 376 -86.19 -88.59 46.33
CA VAL P 376 -85.06 -89.51 46.48
C VAL P 376 -83.98 -88.88 47.35
N SER P 377 -83.75 -87.58 47.19
CA SER P 377 -82.79 -86.90 48.07
C SER P 377 -83.22 -86.98 49.53
N THR P 378 -84.52 -86.80 49.79
CA THR P 378 -85.00 -86.88 51.17
C THR P 378 -84.84 -88.28 51.73
N VAL P 379 -85.17 -89.31 50.95
CA VAL P 379 -85.11 -90.67 51.47
C VAL P 379 -83.65 -91.08 51.69
N THR P 380 -82.74 -90.64 50.82
CA THR P 380 -81.34 -90.95 51.01
C THR P 380 -80.67 -90.07 52.06
N LEU P 381 -81.31 -88.97 52.45
CA LEU P 381 -80.78 -88.12 53.51
C LEU P 381 -81.23 -88.59 54.89
N GLY P 382 -82.50 -88.98 55.03
CA GLY P 382 -83.03 -89.41 56.31
C GLY P 382 -83.13 -90.92 56.45
N SER P 383 -82.35 -91.65 55.66
CA SER P 383 -82.38 -93.10 55.72
C SER P 383 -81.79 -93.61 57.04
N GLY P 384 -82.00 -94.89 57.30
CA GLY P 384 -81.46 -95.51 58.49
C GLY P 384 -80.00 -95.88 58.33
N ILE P 385 -79.62 -97.08 58.79
CA ILE P 385 -78.26 -97.56 58.62
C ILE P 385 -78.12 -98.14 57.22
N THR P 386 -77.72 -97.30 56.27
CA THR P 386 -77.72 -97.65 54.86
C THR P 386 -76.32 -97.46 54.27
N SER P 387 -76.16 -97.95 53.04
CA SER P 387 -74.93 -97.80 52.27
C SER P 387 -75.28 -97.48 50.82
N ALA P 388 -76.21 -96.56 50.61
CA ALA P 388 -76.68 -96.25 49.27
C ALA P 388 -75.55 -95.67 48.42
N ALA P 389 -75.56 -96.05 47.14
CA ALA P 389 -74.52 -95.64 46.21
C ALA P 389 -75.15 -95.15 44.91
N VAL P 390 -74.40 -94.31 44.20
CA VAL P 390 -74.88 -93.69 42.95
C VAL P 390 -73.90 -94.02 41.84
N THR P 391 -74.42 -94.59 40.76
CA THR P 391 -73.70 -94.71 39.49
C THR P 391 -74.25 -93.62 38.57
N PHE P 392 -73.38 -92.71 38.15
CA PHE P 392 -73.87 -91.48 37.51
C PHE P 392 -73.09 -91.11 36.26
N ALA P 393 -72.34 -92.03 35.67
CA ALA P 393 -71.55 -91.71 34.49
C ALA P 393 -71.51 -92.92 33.57
N ILE P 394 -71.17 -92.66 32.31
CA ILE P 394 -71.11 -93.73 31.32
C ILE P 394 -69.90 -94.61 31.60
N ALA P 395 -69.95 -95.84 31.08
CA ALA P 395 -69.02 -96.89 31.48
C ALA P 395 -67.56 -96.48 31.30
N THR P 396 -67.26 -95.65 30.31
CA THR P 396 -65.88 -95.21 30.11
C THR P 396 -65.44 -94.25 31.20
N THR P 397 -66.38 -93.54 31.82
CA THR P 397 -66.08 -92.62 32.91
C THR P 397 -66.90 -92.95 34.16
N ASP P 398 -67.41 -94.17 34.24
CA ASP P 398 -68.34 -94.53 35.30
C ASP P 398 -67.66 -94.50 36.66
N SER P 399 -68.47 -94.29 37.69
CA SER P 399 -67.98 -94.24 39.06
C SER P 399 -69.12 -94.57 40.01
N ASN P 400 -68.75 -94.89 41.24
CA ASN P 400 -69.72 -95.17 42.29
C ASN P 400 -69.36 -94.31 43.50
N ASN P 401 -70.37 -93.69 44.10
CA ASN P 401 -70.19 -92.85 45.26
C ASN P 401 -70.89 -93.51 46.46
N THR P 402 -70.12 -93.81 47.49
CA THR P 402 -70.65 -94.43 48.69
C THR P 402 -70.52 -93.46 49.85
N TRP P 403 -71.62 -93.23 50.55
CA TRP P 403 -71.69 -92.25 51.63
C TRP P 403 -72.25 -92.87 52.90
N VAL P 404 -72.34 -92.04 53.93
CA VAL P 404 -72.71 -92.51 55.26
C VAL P 404 -74.20 -92.87 55.28
N ASP P 405 -74.60 -93.54 56.37
CA ASP P 405 -75.94 -94.10 56.45
C ASP P 405 -77.02 -93.03 56.35
N ASN P 406 -76.82 -91.88 57.00
CA ASN P 406 -77.94 -90.94 57.11
C ASN P 406 -77.50 -89.49 56.95
N LYS P 407 -76.46 -89.21 56.17
CA LYS P 407 -76.07 -87.81 55.98
C LYS P 407 -75.79 -87.50 54.52
N GLY P 408 -75.45 -88.51 53.72
CA GLY P 408 -75.17 -88.32 52.32
C GLY P 408 -73.75 -87.92 51.99
N GLU P 409 -72.91 -87.68 52.98
CA GLU P 409 -71.55 -87.21 52.72
C GLU P 409 -70.63 -88.38 52.39
N LEU P 410 -69.93 -88.27 51.27
CA LEU P 410 -68.95 -89.27 50.87
C LEU P 410 -67.72 -89.16 51.77
N THR P 411 -67.48 -90.19 52.58
CA THR P 411 -66.33 -90.16 53.47
C THR P 411 -65.02 -90.22 52.68
N ASP P 412 -64.92 -91.13 51.72
CA ASP P 412 -63.68 -91.36 50.99
C ASP P 412 -63.59 -90.56 49.70
N ILE P 413 -64.62 -89.79 49.35
CA ILE P 413 -64.60 -88.95 48.15
C ILE P 413 -64.89 -87.52 48.58
N GLN P 414 -64.02 -86.60 48.18
CA GLN P 414 -64.16 -85.18 48.49
C GLN P 414 -64.19 -84.38 47.20
N THR P 415 -64.30 -83.06 47.33
CA THR P 415 -64.27 -82.16 46.20
C THR P 415 -63.24 -81.07 46.43
N PHE P 416 -62.45 -80.78 45.41
CA PHE P 416 -61.60 -79.60 45.40
C PHE P 416 -62.43 -78.37 45.03
N ASP P 417 -61.75 -77.26 44.76
CA ASP P 417 -62.44 -76.06 44.30
C ASP P 417 -63.06 -76.23 42.93
N THR P 418 -62.72 -77.28 42.20
CA THR P 418 -63.20 -77.48 40.83
C THR P 418 -64.02 -78.75 40.66
N SER P 419 -63.53 -79.89 41.12
CA SER P 419 -64.16 -81.17 40.80
C SER P 419 -63.97 -82.14 41.96
N TYR P 420 -64.53 -83.34 41.78
CA TYR P 420 -64.45 -84.41 42.77
C TYR P 420 -63.04 -85.01 42.78
N LYS P 421 -62.51 -85.22 43.99
CA LYS P 421 -61.21 -85.86 44.15
C LYS P 421 -61.23 -86.76 45.37
N ILE P 422 -60.27 -87.68 45.42
CA ILE P 422 -60.20 -88.67 46.48
C ILE P 422 -59.37 -88.10 47.63
N ASN P 423 -58.89 -86.87 47.47
CA ASN P 423 -58.01 -86.24 48.45
C ASN P 423 -58.84 -85.32 49.34
N ALA P 424 -58.86 -85.61 50.64
CA ALA P 424 -59.63 -84.78 51.56
C ALA P 424 -58.94 -83.46 51.84
N ASP P 425 -57.61 -83.42 51.78
CA ASP P 425 -56.87 -82.20 52.10
C ASP P 425 -55.62 -82.16 51.24
N THR P 426 -55.46 -81.07 50.49
CA THR P 426 -54.24 -80.89 49.71
C THR P 426 -53.02 -80.76 50.61
N GLY P 427 -53.09 -79.83 51.57
CA GLY P 427 -52.05 -79.70 52.57
C GLY P 427 -50.66 -79.41 52.03
N GLU P 428 -50.55 -78.51 51.06
CA GLU P 428 -49.25 -78.15 50.54
C GLU P 428 -48.45 -77.38 51.60
N VAL P 429 -47.13 -77.42 51.46
CA VAL P 429 -46.22 -76.88 52.45
C VAL P 429 -45.45 -75.73 51.82
N THR P 430 -45.44 -74.58 52.51
CA THR P 430 -44.76 -73.39 52.04
C THR P 430 -43.62 -73.04 52.99
N VAL P 431 -42.45 -72.75 52.42
CA VAL P 431 -41.28 -72.34 53.18
C VAL P 431 -41.06 -70.85 52.96
N VAL P 432 -40.78 -70.13 54.05
CA VAL P 432 -40.62 -68.69 54.02
C VAL P 432 -39.14 -68.36 54.16
N GLY P 433 -38.61 -67.58 53.21
CA GLY P 433 -37.22 -67.18 53.29
C GLY P 433 -36.96 -66.33 54.51
N ASP P 434 -35.75 -66.46 55.06
CA ASP P 434 -35.39 -65.73 56.26
C ASP P 434 -34.86 -64.34 55.92
N ASN P 435 -33.86 -64.26 55.06
CA ASN P 435 -33.27 -62.99 54.67
C ASN P 435 -34.10 -62.23 53.65
N SER P 436 -35.11 -62.86 53.07
CA SER P 436 -35.98 -62.23 52.08
C SER P 436 -37.43 -62.54 52.42
N ALA P 437 -38.30 -61.56 52.19
CA ALA P 437 -39.71 -61.73 52.54
C ALA P 437 -40.41 -62.79 51.71
N THR P 438 -39.86 -63.16 50.56
CA THR P 438 -40.52 -64.12 49.69
C THR P 438 -40.60 -65.50 50.35
N ALA P 439 -41.66 -66.23 50.01
CA ALA P 439 -41.90 -67.56 50.54
C ALA P 439 -41.82 -68.57 49.40
N GLY P 440 -40.99 -69.61 49.58
CA GLY P 440 -40.88 -70.67 48.60
C GLY P 440 -41.96 -71.72 48.78
N GLN P 441 -41.87 -72.75 47.95
CA GLN P 441 -42.79 -73.88 48.00
C GLN P 441 -42.03 -75.14 48.38
N TYR P 442 -42.44 -75.78 49.47
CA TYR P 442 -41.85 -77.05 49.88
C TYR P 442 -42.74 -78.19 49.39
N ALA P 443 -42.78 -78.34 48.08
CA ALA P 443 -43.65 -79.31 47.43
C ALA P 443 -43.07 -79.63 46.06
N SER P 444 -43.88 -80.24 45.18
CA SER P 444 -43.43 -80.57 43.84
C SER P 444 -43.04 -79.34 43.04
N ALA P 445 -43.61 -78.17 43.38
CA ALA P 445 -43.17 -76.93 42.76
C ALA P 445 -41.71 -76.64 43.11
N ASP P 446 -41.36 -76.79 44.40
CA ASP P 446 -39.97 -76.82 44.87
C ASP P 446 -39.21 -75.55 44.45
N GLY P 447 -39.66 -74.43 44.99
CA GLY P 447 -38.96 -73.16 44.83
C GLY P 447 -39.71 -72.10 44.05
N ALA P 448 -40.81 -72.44 43.39
CA ALA P 448 -41.60 -71.41 42.71
C ALA P 448 -42.22 -70.47 43.74
N LYS P 449 -41.92 -69.18 43.60
CA LYS P 449 -42.38 -68.19 44.56
C LYS P 449 -43.90 -68.15 44.61
N VAL P 450 -44.44 -68.16 45.82
CA VAL P 450 -45.89 -68.17 46.05
C VAL P 450 -46.37 -66.72 46.11
N LEU P 451 -47.59 -66.49 45.63
CA LEU P 451 -48.16 -65.16 45.58
C LEU P 451 -49.63 -65.21 46.00
N VAL P 452 -50.14 -64.09 46.48
CA VAL P 452 -51.54 -63.95 46.84
C VAL P 452 -52.27 -63.34 45.66
N GLY P 453 -53.21 -64.09 45.09
CA GLY P 453 -53.93 -63.64 43.92
C GLY P 453 -55.04 -62.66 44.26
N SER P 454 -55.70 -62.18 43.22
CA SER P 454 -56.81 -61.25 43.38
C SER P 454 -57.95 -61.96 44.10
N ASP P 455 -58.16 -61.62 45.37
CA ASP P 455 -59.15 -62.24 46.24
C ASP P 455 -58.96 -63.75 46.36
N GLY P 456 -57.78 -64.25 45.98
CA GLY P 456 -57.45 -65.64 46.15
C GLY P 456 -56.64 -65.87 47.40
N LYS P 457 -56.71 -67.10 47.92
CA LYS P 457 -55.99 -67.44 49.14
C LYS P 457 -54.49 -67.28 48.94
N LEU P 458 -53.90 -68.08 48.04
CA LEU P 458 -52.51 -67.95 47.67
C LEU P 458 -52.26 -68.82 46.44
N THR P 459 -51.53 -68.28 45.46
CA THR P 459 -51.29 -68.97 44.22
C THR P 459 -49.78 -68.99 43.95
N THR P 460 -49.39 -69.70 42.90
CA THR P 460 -47.98 -69.84 42.54
C THR P 460 -47.58 -68.96 41.36
N GLU P 461 -48.46 -68.80 40.38
CA GLU P 461 -48.15 -67.97 39.22
C GLU P 461 -48.41 -66.49 39.53
N THR P 462 -47.51 -65.64 39.04
CA THR P 462 -47.35 -64.28 39.52
C THR P 462 -48.47 -63.33 39.10
N THR P 463 -49.28 -63.70 38.13
CA THR P 463 -50.35 -62.82 37.66
C THR P 463 -51.70 -63.47 37.92
N SER P 464 -52.75 -62.89 37.34
CA SER P 464 -54.07 -63.51 37.33
C SER P 464 -54.95 -62.77 36.33
N ALA P 465 -56.14 -63.32 36.10
CA ALA P 465 -57.05 -62.75 35.12
C ALA P 465 -57.44 -61.32 35.51
N GLY P 466 -57.48 -60.44 34.52
CA GLY P 466 -57.85 -59.07 34.74
C GLY P 466 -59.35 -58.89 34.74
N ASP P 467 -59.78 -57.63 34.59
CA ASP P 467 -61.18 -57.29 34.60
C ASP P 467 -61.70 -56.70 33.29
N LYS P 468 -60.82 -56.35 32.34
CA LYS P 468 -61.24 -56.14 30.94
C LYS P 468 -61.65 -57.46 30.30
N THR P 469 -62.41 -57.35 29.22
CA THR P 469 -62.70 -58.51 28.39
C THR P 469 -61.41 -59.03 27.78
N THR P 470 -61.27 -60.36 27.74
CA THR P 470 -60.01 -60.96 27.32
C THR P 470 -59.68 -60.60 25.87
N ASP P 471 -60.62 -60.81 24.96
CA ASP P 471 -60.43 -60.48 23.54
C ASP P 471 -61.62 -59.65 23.09
N PRO P 472 -61.59 -58.34 23.32
CA PRO P 472 -62.75 -57.51 22.97
C PRO P 472 -63.12 -57.56 21.50
N LEU P 473 -62.12 -57.60 20.62
CA LEU P 473 -62.42 -57.56 19.19
C LEU P 473 -63.04 -58.87 18.72
N LYS P 474 -62.66 -60.00 19.31
CA LYS P 474 -63.34 -61.26 18.99
C LYS P 474 -64.80 -61.22 19.39
N THR P 475 -65.10 -60.71 20.58
CA THR P 475 -66.49 -60.60 21.00
C THR P 475 -67.26 -59.65 20.08
N LEU P 476 -66.63 -58.54 19.71
CA LEU P 476 -67.31 -57.60 18.81
C LEU P 476 -67.54 -58.20 17.44
N ASP P 477 -66.59 -58.98 16.93
CA ASP P 477 -66.80 -59.66 15.65
C ASP P 477 -67.90 -60.70 15.75
N ALA P 478 -68.00 -61.39 16.89
CA ALA P 478 -69.12 -62.30 17.09
C ALA P 478 -70.45 -61.56 17.07
N ALA P 479 -70.49 -60.39 17.71
CA ALA P 479 -71.70 -59.56 17.67
C ALA P 479 -72.01 -59.13 16.25
N PHE P 480 -70.98 -58.75 15.48
CA PHE P 480 -71.19 -58.43 14.08
C PHE P 480 -71.79 -59.61 13.32
N THR P 481 -71.25 -60.81 13.53
CA THR P 481 -71.75 -61.97 12.82
C THR P 481 -73.21 -62.23 13.14
N LYS P 482 -73.57 -62.15 14.43
CA LYS P 482 -74.96 -62.38 14.82
C LYS P 482 -75.88 -61.32 14.22
N LEU P 483 -75.51 -60.04 14.35
CA LEU P 483 -76.37 -58.97 13.86
C LEU P 483 -76.51 -59.03 12.35
N ASP P 484 -75.41 -59.29 11.64
CA ASP P 484 -75.47 -59.40 10.18
C ASP P 484 -76.28 -60.61 9.75
N LYS P 485 -76.21 -61.71 10.49
CA LYS P 485 -77.06 -62.86 10.18
C LYS P 485 -78.53 -62.48 10.29
N LEU P 486 -78.90 -61.78 11.36
CA LEU P 486 -80.30 -61.39 11.50
C LEU P 486 -80.72 -60.39 10.43
N THR P 487 -79.87 -59.41 10.12
CA THR P 487 -80.21 -58.45 9.08
C THR P 487 -80.34 -59.13 7.72
N GLY P 488 -79.47 -60.09 7.42
CA GLY P 488 -79.60 -60.83 6.18
C GLY P 488 -80.88 -61.64 6.12
N GLU P 489 -81.28 -62.24 7.24
CA GLU P 489 -82.54 -62.96 7.28
C GLU P 489 -83.72 -62.03 7.02
N LEU P 490 -83.71 -60.86 7.64
CA LEU P 490 -84.79 -59.90 7.40
C LEU P 490 -84.79 -59.38 5.97
N GLY P 491 -83.61 -59.15 5.39
CA GLY P 491 -83.57 -58.77 3.99
C GLY P 491 -84.12 -59.84 3.08
N ALA P 492 -83.78 -61.10 3.36
CA ALA P 492 -84.30 -62.20 2.57
C ALA P 492 -85.82 -62.28 2.67
N VAL P 493 -86.36 -62.16 3.89
CA VAL P 493 -87.80 -62.24 4.03
C VAL P 493 -88.47 -61.01 3.40
N GLN P 494 -87.81 -59.85 3.42
CA GLN P 494 -88.36 -58.69 2.75
C GLN P 494 -88.45 -58.90 1.24
N ASN P 495 -87.39 -59.45 0.65
CA ASN P 495 -87.43 -59.78 -0.78
C ASN P 495 -88.53 -60.79 -1.08
N ARG P 496 -88.66 -61.82 -0.23
CA ARG P 496 -89.70 -62.81 -0.47
C ARG P 496 -91.08 -62.19 -0.39
N LEU P 497 -91.30 -61.28 0.56
CA LEU P 497 -92.61 -60.64 0.66
C LEU P 497 -92.91 -59.73 -0.53
N GLU P 498 -91.89 -59.04 -1.06
CA GLU P 498 -92.13 -58.29 -2.30
C GLU P 498 -92.54 -59.23 -3.43
N SER P 499 -91.85 -60.37 -3.54
CA SER P 499 -92.22 -61.34 -4.57
C SER P 499 -93.61 -61.89 -4.33
N THR P 500 -93.99 -62.10 -3.07
CA THR P 500 -95.33 -62.60 -2.76
C THR P 500 -96.38 -61.59 -3.17
N ILE P 501 -96.13 -60.30 -2.93
CA ILE P 501 -97.11 -59.29 -3.34
C ILE P 501 -97.25 -59.28 -4.85
N ALA P 502 -96.13 -59.38 -5.57
CA ALA P 502 -96.24 -59.45 -7.03
C ALA P 502 -97.05 -60.66 -7.47
N ASN P 503 -96.79 -61.81 -6.87
CA ASN P 503 -97.50 -63.04 -7.23
C ASN P 503 -98.99 -62.92 -6.91
N LEU P 504 -99.31 -62.45 -5.70
CA LEU P 504 -100.70 -62.32 -5.30
C LEU P 504 -101.43 -61.31 -6.17
N ASN P 505 -100.78 -60.21 -6.55
CA ASN P 505 -101.42 -59.26 -7.45
C ASN P 505 -101.72 -59.90 -8.80
N ASN P 506 -100.76 -60.65 -9.35
CA ASN P 506 -101.01 -61.32 -10.62
C ASN P 506 -102.18 -62.30 -10.51
N VAL P 507 -102.18 -63.10 -9.44
CA VAL P 507 -103.23 -64.10 -9.28
C VAL P 507 -104.58 -63.44 -9.03
N VAL P 508 -104.59 -62.30 -8.33
CA VAL P 508 -105.83 -61.58 -8.09
C VAL P 508 -106.40 -61.06 -9.40
N ASN P 509 -105.56 -60.48 -10.25
CA ASN P 509 -106.04 -59.99 -11.54
C ASN P 509 -106.57 -61.14 -12.39
N ASN P 510 -105.84 -62.25 -12.42
CA ASN P 510 -106.27 -63.38 -13.24
C ASN P 510 -107.58 -63.97 -12.71
N LEU P 511 -107.73 -64.05 -11.39
CA LEU P 511 -108.97 -64.58 -10.82
C LEU P 511 -110.13 -63.63 -11.04
N SER P 512 -109.86 -62.32 -10.98
CA SER P 512 -110.90 -61.34 -11.30
C SER P 512 -111.36 -61.48 -12.74
N SER P 513 -110.42 -61.70 -13.66
CA SER P 513 -110.80 -61.98 -15.04
C SER P 513 -111.60 -63.27 -15.14
N ALA P 514 -111.22 -64.30 -14.37
CA ALA P 514 -112.00 -65.54 -14.37
C ALA P 514 -113.44 -65.29 -13.93
N ARG P 515 -113.60 -64.49 -12.88
CA ARG P 515 -114.94 -64.13 -12.42
C ARG P 515 -115.70 -63.33 -13.46
N SER P 516 -115.02 -62.43 -14.16
CA SER P 516 -115.67 -61.66 -15.22
C SER P 516 -116.17 -62.58 -16.31
N ARG P 517 -115.38 -63.59 -16.67
CA ARG P 517 -115.75 -64.50 -17.75
C ARG P 517 -117.01 -65.29 -17.45
N ILE P 518 -117.41 -65.41 -16.19
CA ILE P 518 -118.57 -66.21 -15.83
C ILE P 518 -119.67 -65.40 -15.14
N GLN P 519 -119.36 -64.27 -14.52
CA GLN P 519 -120.33 -63.53 -13.73
C GLN P 519 -120.78 -62.24 -14.40
N ASP P 520 -119.84 -61.44 -14.90
CA ASP P 520 -120.18 -60.16 -15.48
C ASP P 520 -121.01 -60.35 -16.76
N ALA P 521 -121.85 -59.36 -17.04
CA ALA P 521 -122.76 -59.42 -18.17
C ALA P 521 -122.13 -58.81 -19.41
N ASP P 522 -122.36 -59.45 -20.55
CA ASP P 522 -121.88 -58.94 -21.83
C ASP P 522 -122.92 -57.97 -22.37
N TYR P 523 -122.65 -56.67 -22.22
CA TYR P 523 -123.63 -55.67 -22.60
C TYR P 523 -123.94 -55.68 -24.09
N ALA P 524 -122.98 -56.08 -24.92
CA ALA P 524 -123.21 -56.09 -26.37
C ALA P 524 -124.37 -57.02 -26.73
N THR P 525 -124.42 -58.20 -26.14
CA THR P 525 -125.51 -59.12 -26.41
C THR P 525 -126.74 -58.87 -25.54
N GLU P 526 -126.56 -58.38 -24.32
CA GLU P 526 -127.70 -58.12 -23.46
C GLU P 526 -128.56 -56.99 -24.01
N VAL P 527 -127.92 -55.94 -24.55
CA VAL P 527 -128.68 -54.82 -25.11
C VAL P 527 -129.44 -55.27 -26.35
N SER P 528 -128.82 -56.09 -27.19
CA SER P 528 -129.54 -56.62 -28.35
C SER P 528 -130.71 -57.50 -27.93
N ASN P 529 -130.51 -58.31 -26.90
CA ASN P 529 -131.62 -59.12 -26.38
C ASN P 529 -132.75 -58.23 -25.88
N MET P 530 -132.41 -57.15 -25.18
CA MET P 530 -133.44 -56.22 -24.71
C MET P 530 -134.18 -55.57 -25.87
N SER P 531 -133.45 -55.19 -26.92
CA SER P 531 -134.09 -54.57 -28.08
C SER P 531 -135.05 -55.54 -28.77
N LYS P 532 -134.61 -56.79 -28.96
CA LYS P 532 -135.49 -57.78 -29.56
C LYS P 532 -136.68 -58.06 -28.65
N ALA P 533 -136.48 -58.05 -27.33
CA ALA P 533 -137.59 -58.25 -26.41
C ALA P 533 -138.61 -57.12 -26.52
N GLN P 534 -138.14 -55.87 -26.62
CA GLN P 534 -139.06 -54.76 -26.78
C GLN P 534 -139.82 -54.85 -28.09
N ILE P 535 -139.13 -55.24 -29.16
CA ILE P 535 -139.79 -55.43 -30.44
C ILE P 535 -140.86 -56.50 -30.33
N LEU P 536 -140.54 -57.62 -29.70
CA LEU P 536 -141.50 -58.68 -29.50
C LEU P 536 -142.66 -58.23 -28.63
N GLN P 537 -142.40 -57.35 -27.67
CA GLN P 537 -143.45 -56.84 -26.80
C GLN P 537 -144.46 -56.01 -27.57
N GLN P 538 -143.97 -55.03 -28.35
CA GLN P 538 -144.88 -54.21 -29.13
C GLN P 538 -145.63 -55.05 -30.17
N ALA P 539 -144.92 -55.97 -30.83
CA ALA P 539 -145.59 -56.84 -31.78
C ALA P 539 -146.65 -57.70 -31.11
N GLY P 540 -146.35 -58.21 -29.92
CA GLY P 540 -147.31 -59.03 -29.20
C GLY P 540 -148.54 -58.25 -28.79
N THR P 541 -148.35 -57.03 -28.31
CA THR P 541 -149.50 -56.20 -27.97
C THR P 541 -150.37 -55.93 -29.20
N SER P 542 -149.74 -55.60 -30.33
CA SER P 542 -150.52 -55.31 -31.54
C SER P 542 -151.28 -56.56 -32.00
N VAL P 543 -150.60 -57.70 -32.08
CA VAL P 543 -151.24 -58.91 -32.58
C VAL P 543 -152.30 -59.39 -31.60
N LEU P 544 -152.10 -59.19 -30.31
CA LEU P 544 -153.14 -59.52 -29.34
C LEU P 544 -154.36 -58.64 -29.55
N ALA P 545 -154.15 -57.36 -29.84
CA ALA P 545 -155.29 -56.51 -30.15
C ALA P 545 -156.05 -57.05 -31.36
N GLN P 546 -155.35 -57.25 -32.48
CA GLN P 546 -156.03 -57.73 -33.69
C GLN P 546 -156.72 -59.07 -33.46
N ALA P 547 -156.15 -59.92 -32.59
CA ALA P 547 -156.85 -61.13 -32.19
C ALA P 547 -158.10 -60.81 -31.39
N ASN P 548 -158.08 -59.72 -30.62
CA ASN P 548 -159.27 -59.33 -29.87
C ASN P 548 -160.37 -58.79 -30.78
N GLN P 549 -160.03 -58.19 -31.92
CA GLN P 549 -161.10 -57.86 -32.87
C GLN P 549 -161.49 -59.02 -33.77
N VAL P 550 -160.89 -60.20 -33.60
CA VAL P 550 -161.29 -61.36 -34.41
C VAL P 550 -162.75 -61.72 -34.20
N PRO P 551 -163.28 -61.84 -32.97
CA PRO P 551 -164.67 -62.26 -32.81
C PRO P 551 -165.70 -61.20 -33.20
N GLN P 552 -165.31 -59.94 -33.34
CA GLN P 552 -166.28 -58.91 -33.72
C GLN P 552 -166.83 -59.13 -35.11
N THR P 553 -166.07 -59.77 -35.99
CA THR P 553 -166.60 -60.12 -37.30
C THR P 553 -167.82 -61.02 -37.19
N VAL P 554 -167.88 -61.84 -36.14
CA VAL P 554 -169.10 -62.58 -35.84
C VAL P 554 -170.23 -61.63 -35.53
N LEU P 555 -169.93 -60.53 -34.83
CA LEU P 555 -170.96 -59.56 -34.48
C LEU P 555 -171.21 -58.64 -35.67
N SER P 556 -171.40 -59.22 -36.84
CA SER P 556 -171.87 -58.49 -38.02
C SER P 556 -173.20 -59.02 -38.51
N LEU P 557 -173.30 -60.32 -38.73
CA LEU P 557 -174.58 -60.94 -39.01
C LEU P 557 -175.38 -61.11 -37.72
N LEU P 558 -176.68 -60.89 -37.81
CA LEU P 558 -177.56 -61.05 -36.65
C LEU P 558 -178.96 -61.45 -37.08
N ALA Q 2 -160.22 -35.07 -8.07
CA ALA Q 2 -161.36 -35.03 -8.98
C ALA Q 2 -160.90 -34.78 -10.41
N ALA Q 3 -161.85 -34.71 -11.33
CA ALA Q 3 -161.55 -34.55 -12.75
C ALA Q 3 -161.92 -33.15 -13.24
N VAL Q 4 -161.67 -32.15 -12.41
CA VAL Q 4 -161.97 -30.77 -12.76
C VAL Q 4 -160.93 -30.25 -13.75
N ILE Q 5 -161.38 -29.39 -14.65
CA ILE Q 5 -160.50 -28.76 -15.63
C ILE Q 5 -160.37 -27.26 -15.43
N ASN Q 6 -161.25 -26.64 -14.63
CA ASN Q 6 -161.18 -25.21 -14.42
C ASN Q 6 -159.90 -24.81 -13.70
N THR Q 7 -159.50 -25.59 -12.69
CA THR Q 7 -158.33 -25.28 -11.88
C THR Q 7 -157.45 -26.51 -11.75
N ASN Q 8 -156.14 -26.28 -11.70
CA ASN Q 8 -155.15 -27.35 -11.58
C ASN Q 8 -154.28 -27.05 -10.36
N TYR Q 9 -154.58 -27.69 -9.23
CA TYR Q 9 -153.80 -27.46 -8.02
C TYR Q 9 -152.37 -27.95 -8.16
N LEU Q 10 -152.17 -29.06 -8.86
CA LEU Q 10 -150.82 -29.60 -9.03
C LEU Q 10 -149.93 -28.63 -9.78
N SER Q 11 -150.48 -27.98 -10.82
CA SER Q 11 -149.71 -26.99 -11.55
C SER Q 11 -149.30 -25.83 -10.65
N LEU Q 12 -150.21 -25.38 -9.79
CA LEU Q 12 -149.90 -24.29 -8.88
C LEU Q 12 -148.80 -24.68 -7.90
N VAL Q 13 -148.87 -25.90 -7.36
CA VAL Q 13 -147.83 -26.35 -6.43
C VAL Q 13 -146.49 -26.42 -7.15
N ALA Q 14 -146.48 -26.96 -8.37
CA ALA Q 14 -145.25 -27.02 -9.15
C ALA Q 14 -144.70 -25.63 -9.41
N GLN Q 15 -145.57 -24.66 -9.72
CA GLN Q 15 -145.12 -23.29 -9.93
C GLN Q 15 -144.48 -22.72 -8.67
N ASN Q 16 -145.08 -22.97 -7.50
CA ASN Q 16 -144.51 -22.46 -6.27
C ASN Q 16 -143.13 -23.06 -6.00
N ASN Q 17 -143.00 -24.38 -6.15
CA ASN Q 17 -141.71 -25.00 -5.92
C ASN Q 17 -140.67 -24.51 -6.93
N LEU Q 18 -141.10 -24.30 -8.18
CA LEU Q 18 -140.19 -23.75 -9.18
C LEU Q 18 -139.71 -22.36 -8.79
N ASN Q 19 -140.62 -21.53 -8.25
CA ASN Q 19 -140.23 -20.20 -7.83
C ASN Q 19 -139.24 -20.25 -6.66
N LYS Q 20 -139.45 -21.15 -5.71
CA LYS Q 20 -138.50 -21.29 -4.61
C LYS Q 20 -137.13 -21.72 -5.13
N SER Q 21 -137.10 -22.71 -6.02
CA SER Q 21 -135.83 -23.15 -6.59
C SER Q 21 -135.14 -22.02 -7.35
N GLN Q 22 -135.91 -21.23 -8.08
CA GLN Q 22 -135.33 -20.13 -8.85
C GLN Q 22 -134.78 -19.04 -7.94
N SER Q 23 -135.46 -18.78 -6.82
CA SER Q 23 -134.93 -17.81 -5.86
C SER Q 23 -133.61 -18.29 -5.27
N SER Q 24 -133.53 -19.59 -4.94
CA SER Q 24 -132.26 -20.13 -4.45
C SER Q 24 -131.18 -20.02 -5.52
N LEU Q 25 -131.53 -20.30 -6.78
CA LEU Q 25 -130.58 -20.16 -7.87
C LEU Q 25 -130.11 -18.71 -8.00
N GLY Q 26 -131.04 -17.77 -7.86
CA GLY Q 26 -130.68 -16.36 -7.98
C GLY Q 26 -129.72 -15.91 -6.91
N THR Q 27 -130.00 -16.26 -5.65
CA THR Q 27 -129.09 -15.86 -4.60
C THR Q 27 -127.73 -16.53 -4.74
N ALA Q 28 -127.71 -17.81 -5.15
CA ALA Q 28 -126.44 -18.48 -5.38
C ALA Q 28 -125.65 -17.81 -6.50
N ILE Q 29 -126.34 -17.41 -7.57
CA ILE Q 29 -125.66 -16.79 -8.71
C ILE Q 29 -125.11 -15.43 -8.32
N GLU Q 30 -125.88 -14.64 -7.57
CA GLU Q 30 -125.36 -13.36 -7.11
C GLU Q 30 -124.13 -13.55 -6.23
N ARG Q 31 -124.18 -14.51 -5.29
CA ARG Q 31 -123.03 -14.72 -4.42
C ARG Q 31 -121.83 -15.24 -5.19
N LEU Q 32 -122.06 -15.99 -6.26
CA LEU Q 32 -120.95 -16.45 -7.09
C LEU Q 32 -120.34 -15.31 -7.88
N SER Q 33 -121.18 -14.49 -8.52
CA SER Q 33 -120.66 -13.42 -9.37
C SER Q 33 -119.95 -12.35 -8.56
N SER Q 34 -120.60 -11.87 -7.49
CA SER Q 34 -119.98 -10.81 -6.70
C SER Q 34 -118.81 -11.33 -5.89
N GLY Q 35 -118.84 -12.61 -5.50
CA GLY Q 35 -117.84 -13.16 -4.61
C GLY Q 35 -118.07 -12.83 -3.15
N LEU Q 36 -119.12 -12.10 -2.84
CA LEU Q 36 -119.43 -11.69 -1.47
C LEU Q 36 -120.69 -12.42 -1.02
N ARG Q 37 -120.58 -13.18 0.06
CA ARG Q 37 -121.75 -13.86 0.60
C ARG Q 37 -122.81 -12.85 1.04
N ILE Q 38 -122.38 -11.79 1.72
CA ILE Q 38 -123.31 -10.80 2.26
C ILE Q 38 -123.31 -9.59 1.32
N ASN Q 39 -124.21 -9.63 0.35
CA ASN Q 39 -124.57 -8.48 -0.46
C ASN Q 39 -126.09 -8.43 -0.53
N SER Q 40 -126.64 -7.24 -0.73
CA SER Q 40 -128.08 -7.04 -0.66
C SER Q 40 -128.60 -7.42 0.74
N ALA Q 41 -128.27 -6.55 1.69
CA ALA Q 41 -128.21 -6.82 3.13
C ALA Q 41 -129.32 -7.69 3.69
N LYS Q 42 -130.44 -7.82 2.96
CA LYS Q 42 -131.55 -8.67 3.36
C LYS Q 42 -131.09 -10.05 3.85
N ASP Q 43 -129.92 -10.51 3.42
CA ASP Q 43 -129.31 -11.72 3.97
C ASP Q 43 -128.22 -11.32 4.96
N ASP Q 44 -128.35 -11.79 6.20
CA ASP Q 44 -127.36 -11.53 7.25
C ASP Q 44 -127.16 -10.02 7.45
N ALA Q 45 -128.22 -9.36 7.92
CA ALA Q 45 -128.21 -7.92 8.06
C ALA Q 45 -127.11 -7.47 9.02
N ALA Q 46 -126.96 -8.15 10.16
CA ALA Q 46 -125.87 -7.82 11.08
C ALA Q 46 -124.51 -8.11 10.46
N GLY Q 47 -124.44 -9.12 9.59
CA GLY Q 47 -123.19 -9.44 8.94
C GLY Q 47 -122.67 -8.28 8.11
N MET Q 48 -123.54 -7.60 7.39
CA MET Q 48 -123.09 -6.46 6.59
C MET Q 48 -122.64 -5.30 7.46
N ALA Q 49 -123.31 -5.06 8.59
CA ALA Q 49 -122.84 -4.01 9.49
C ALA Q 49 -121.45 -4.33 10.02
N ILE Q 50 -121.23 -5.58 10.43
CA ILE Q 50 -119.93 -5.96 10.96
C ILE Q 50 -118.86 -5.88 9.88
N ALA Q 51 -119.20 -6.32 8.66
CA ALA Q 51 -118.25 -6.26 7.55
C ALA Q 51 -117.93 -4.82 7.17
N ASN Q 52 -118.93 -3.94 7.18
CA ASN Q 52 -118.67 -2.53 6.90
C ASN Q 52 -117.74 -1.95 7.95
N ARG Q 53 -117.96 -2.28 9.22
CA ARG Q 53 -117.03 -1.82 10.26
C ARG Q 53 -115.62 -2.35 10.01
N PHE Q 54 -115.51 -3.62 9.61
CA PHE Q 54 -114.19 -4.20 9.33
C PHE Q 54 -113.51 -3.50 8.17
N THR Q 55 -114.24 -3.24 7.08
CA THR Q 55 -113.64 -2.58 5.93
C THR Q 55 -113.20 -1.17 6.29
N ALA Q 56 -114.02 -0.44 7.03
CA ALA Q 56 -113.63 0.90 7.47
C ALA Q 56 -112.36 0.83 8.31
N ASN Q 57 -112.29 -0.12 9.24
CA ASN Q 57 -111.11 -0.24 10.09
C ASN Q 57 -109.88 -0.60 9.28
N VAL Q 58 -110.00 -1.54 8.33
CA VAL Q 58 -108.86 -1.96 7.54
C VAL Q 58 -108.35 -0.80 6.69
N ARG Q 59 -109.25 -0.09 6.02
CA ARG Q 59 -108.83 1.00 5.16
C ARG Q 59 -108.19 2.13 5.96
N GLY Q 60 -108.80 2.48 7.10
CA GLY Q 60 -108.20 3.50 7.96
C GLY Q 60 -106.85 3.08 8.47
N LEU Q 61 -106.69 1.81 8.83
CA LEU Q 61 -105.40 1.34 9.33
C LEU Q 61 -104.34 1.32 8.25
N THR Q 62 -104.71 0.98 7.02
CA THR Q 62 -103.75 1.05 5.92
C THR Q 62 -103.32 2.49 5.68
N GLN Q 63 -104.28 3.43 5.68
CA GLN Q 63 -103.92 4.84 5.53
C GLN Q 63 -103.04 5.30 6.69
N ALA Q 64 -103.28 4.77 7.88
CA ALA Q 64 -102.42 5.06 9.02
C ALA Q 64 -101.01 4.51 8.82
N ALA Q 65 -100.89 3.34 8.19
CA ALA Q 65 -99.57 2.82 7.86
C ALA Q 65 -98.85 3.74 6.89
N ARG Q 66 -99.58 4.30 5.92
CA ARG Q 66 -98.99 5.29 5.03
C ARG Q 66 -98.53 6.52 5.81
N ASN Q 67 -99.35 6.97 6.77
CA ASN Q 67 -98.96 8.11 7.60
C ASN Q 67 -97.70 7.81 8.40
N ALA Q 68 -97.59 6.61 8.94
CA ALA Q 68 -96.39 6.22 9.68
C ALA Q 68 -95.17 6.17 8.76
N ASN Q 69 -95.37 5.73 7.52
CA ASN Q 69 -94.28 5.79 6.55
C ASN Q 69 -93.85 7.22 6.30
N ASP Q 70 -94.81 8.14 6.21
CA ASP Q 70 -94.47 9.56 6.07
C ASP Q 70 -93.69 10.05 7.28
N GLY Q 71 -94.08 9.63 8.47
CA GLY Q 71 -93.34 10.02 9.67
C GLY Q 71 -91.91 9.52 9.65
N ILE Q 72 -91.71 8.26 9.23
CA ILE Q 72 -90.35 7.74 9.12
C ILE Q 72 -89.55 8.52 8.09
N SER Q 73 -90.16 8.86 6.96
CA SER Q 73 -89.42 9.61 5.95
C SER Q 73 -89.01 10.98 6.48
N LEU Q 74 -89.92 11.66 7.18
CA LEU Q 74 -89.58 12.96 7.75
C LEU Q 74 -88.46 12.82 8.78
N ALA Q 75 -88.55 11.80 9.63
CA ALA Q 75 -87.49 11.54 10.60
C ALA Q 75 -86.17 11.24 9.91
N GLN Q 76 -86.22 10.54 8.78
CA GLN Q 76 -85.00 10.26 8.02
C GLN Q 76 -84.36 11.54 7.52
N THR Q 77 -85.17 12.45 6.96
CA THR Q 77 -84.61 13.71 6.48
C THR Q 77 -84.01 14.51 7.62
N THR Q 78 -84.73 14.61 8.75
CA THR Q 78 -84.22 15.38 9.88
C THR Q 78 -82.94 14.77 10.43
N GLU Q 79 -82.92 13.44 10.56
CA GLU Q 79 -81.74 12.76 11.08
C GLU Q 79 -80.56 12.90 10.13
N GLY Q 80 -80.82 12.87 8.83
CA GLY Q 80 -79.75 13.07 7.86
C GLY Q 80 -79.16 14.46 7.93
N ALA Q 81 -80.00 15.48 8.06
CA ALA Q 81 -79.48 16.83 8.24
C ALA Q 81 -78.67 16.96 9.52
N ALA Q 82 -79.19 16.40 10.62
CA ALA Q 82 -78.48 16.47 11.88
C ALA Q 82 -77.16 15.72 11.83
N SER Q 83 -77.09 14.62 11.07
CA SER Q 83 -75.87 13.84 11.00
C SER Q 83 -74.72 14.63 10.40
N GLU Q 84 -75.01 15.58 9.52
CA GLU Q 84 -73.95 16.37 8.93
C GLU Q 84 -73.72 17.67 9.69
N VAL Q 85 -74.75 18.20 10.36
CA VAL Q 85 -74.49 19.24 11.35
C VAL Q 85 -73.53 18.71 12.39
N ASN Q 86 -73.59 17.41 12.68
CA ASN Q 86 -72.65 16.78 13.59
C ASN Q 86 -71.22 16.90 13.05
N THR Q 87 -71.03 16.66 11.76
CA THR Q 87 -69.69 16.81 11.16
C THR Q 87 -69.22 18.25 11.23
N HIS Q 88 -70.13 19.19 11.01
CA HIS Q 88 -69.77 20.60 11.17
C HIS Q 88 -69.27 20.88 12.58
N LEU Q 89 -69.98 20.39 13.58
CA LEU Q 89 -69.55 20.61 14.96
C LEU Q 89 -68.22 19.92 15.24
N GLN Q 90 -68.01 18.73 14.68
CA GLN Q 90 -66.73 18.04 14.85
C GLN Q 90 -65.59 18.88 14.29
N ARG Q 91 -65.76 19.42 13.09
CA ARG Q 91 -64.71 20.24 12.50
C ARG Q 91 -64.48 21.50 13.32
N ILE Q 92 -65.56 22.11 13.80
CA ILE Q 92 -65.42 23.30 14.65
C ILE Q 92 -64.63 22.97 15.91
N ARG Q 93 -64.92 21.82 16.53
CA ARG Q 93 -64.19 21.43 17.72
C ARG Q 93 -62.72 21.18 17.43
N GLU Q 94 -62.42 20.49 16.33
CA GLU Q 94 -61.03 20.23 15.99
C GLU Q 94 -60.27 21.53 15.77
N LEU Q 95 -60.88 22.47 15.05
CA LEU Q 95 -60.18 23.72 14.79
C LEU Q 95 -60.13 24.61 16.03
N THR Q 96 -61.10 24.47 16.94
CA THR Q 96 -61.02 25.16 18.22
C THR Q 96 -59.84 24.66 19.02
N VAL Q 97 -59.62 23.35 19.03
CA VAL Q 97 -58.45 22.79 19.71
C VAL Q 97 -57.18 23.30 19.04
N GLN Q 98 -57.18 23.37 17.71
CA GLN Q 98 -55.97 23.82 17.02
C GLN Q 98 -55.66 25.27 17.33
N ALA Q 99 -56.66 26.15 17.24
CA ALA Q 99 -56.43 27.57 17.35
C ALA Q 99 -56.28 28.03 18.80
N SER Q 100 -56.68 27.21 19.76
CA SER Q 100 -56.47 27.56 21.16
C SER Q 100 -54.99 27.49 21.55
N ASN Q 101 -54.14 26.95 20.69
CA ASN Q 101 -52.71 26.99 20.91
C ASN Q 101 -52.22 28.43 20.84
N GLY Q 102 -51.16 28.73 21.58
CA GLY Q 102 -50.60 30.05 21.58
C GLY Q 102 -49.62 30.32 20.45
N SER Q 103 -49.15 29.28 19.78
CA SER Q 103 -48.15 29.47 18.73
C SER Q 103 -48.72 30.17 17.50
N TYR Q 104 -50.05 30.18 17.34
CA TYR Q 104 -50.65 30.81 16.18
C TYR Q 104 -50.80 32.31 16.40
N SER Q 105 -50.27 33.10 15.48
CA SER Q 105 -50.39 34.54 15.58
C SER Q 105 -51.80 34.97 15.20
N GLN Q 106 -52.05 36.28 15.27
CA GLN Q 106 -53.42 36.78 15.14
C GLN Q 106 -54.00 36.53 13.76
N GLU Q 107 -53.18 36.58 12.70
CA GLU Q 107 -53.69 36.41 11.35
C GLU Q 107 -54.25 35.00 11.15
N GLN Q 108 -53.52 33.98 11.63
CA GLN Q 108 -53.99 32.62 11.45
C GLN Q 108 -55.19 32.33 12.34
N LEU Q 109 -55.24 32.93 13.53
CA LEU Q 109 -56.46 32.85 14.33
C LEU Q 109 -57.63 33.48 13.59
N ASP Q 110 -57.37 34.57 12.86
CA ASP Q 110 -58.42 35.17 12.05
C ASP Q 110 -58.88 34.24 10.93
N SER Q 111 -57.93 33.52 10.32
CA SER Q 111 -58.32 32.55 9.30
C SER Q 111 -59.17 31.43 9.88
N VAL Q 112 -58.78 30.93 11.06
CA VAL Q 112 -59.58 29.90 11.73
C VAL Q 112 -60.96 30.44 12.04
N GLN Q 113 -61.04 31.68 12.54
CA GLN Q 113 -62.33 32.28 12.84
C GLN Q 113 -63.17 32.45 11.59
N GLY Q 114 -62.55 32.80 10.46
CA GLY Q 114 -63.29 32.90 9.22
C GLY Q 114 -63.87 31.56 8.80
N GLU Q 115 -63.07 30.49 8.91
CA GLU Q 115 -63.57 29.17 8.54
C GLU Q 115 -64.70 28.75 9.48
N ILE Q 116 -64.55 29.04 10.77
CA ILE Q 116 -65.58 28.70 11.74
C ILE Q 116 -66.84 29.50 11.49
N ASN Q 117 -66.68 30.76 11.07
CA ASN Q 117 -67.83 31.57 10.67
C ASN Q 117 -68.54 30.95 9.49
N GLN Q 118 -67.78 30.42 8.53
CA GLN Q 118 -68.38 29.68 7.43
C GLN Q 118 -69.15 28.48 7.94
N ARG Q 119 -68.58 27.74 8.89
CA ARG Q 119 -69.26 26.56 9.42
C ARG Q 119 -70.56 26.93 10.11
N LEU Q 120 -70.54 27.99 10.91
CA LEU Q 120 -71.76 28.43 11.60
C LEU Q 120 -72.80 28.94 10.61
N ALA Q 121 -72.36 29.67 9.59
CA ALA Q 121 -73.29 30.12 8.56
C ALA Q 121 -73.91 28.93 7.85
N ASP Q 122 -73.13 27.88 7.60
CA ASP Q 122 -73.67 26.69 6.98
C ASP Q 122 -74.65 25.97 7.89
N ILE Q 123 -74.38 25.94 9.19
CA ILE Q 123 -75.32 25.35 10.14
C ILE Q 123 -76.64 26.09 10.11
N ASP Q 124 -76.57 27.42 10.12
CA ASP Q 124 -77.78 28.23 10.03
C ASP Q 124 -78.50 28.01 8.71
N ARG Q 125 -77.75 27.88 7.62
CA ARG Q 125 -78.35 27.58 6.33
C ARG Q 125 -79.05 26.23 6.35
N ILE Q 126 -78.43 25.24 7.00
CA ILE Q 126 -79.06 23.93 7.13
C ILE Q 126 -80.38 24.06 7.87
N SER Q 127 -80.37 24.82 8.95
CA SER Q 127 -81.60 25.01 9.72
C SER Q 127 -82.69 25.67 8.88
N GLU Q 128 -82.33 26.72 8.13
CA GLU Q 128 -83.35 27.48 7.41
C GLU Q 128 -83.84 26.75 6.15
N GLN Q 129 -82.97 26.02 5.47
CA GLN Q 129 -83.29 25.46 4.16
C GLN Q 129 -83.73 24.01 4.20
N THR Q 130 -83.50 23.29 5.30
CA THR Q 130 -83.90 21.88 5.38
C THR Q 130 -85.41 21.80 5.31
N ASP Q 131 -85.94 21.30 4.19
CA ASP Q 131 -87.36 21.30 3.92
C ASP Q 131 -87.85 19.88 3.71
N PHE Q 132 -89.13 19.67 4.03
CA PHE Q 132 -89.78 18.38 3.81
C PHE Q 132 -91.26 18.65 3.61
N ASN Q 133 -91.71 18.62 2.37
CA ASN Q 133 -93.10 18.89 2.02
C ASN Q 133 -93.53 20.27 2.56
N GLY Q 134 -92.77 21.28 2.16
CA GLY Q 134 -93.07 22.64 2.57
C GLY Q 134 -93.02 22.88 4.06
N VAL Q 135 -92.33 22.02 4.80
CA VAL Q 135 -92.18 22.18 6.24
C VAL Q 135 -90.70 22.20 6.56
N LYS Q 136 -90.22 23.31 7.12
CA LYS Q 136 -88.83 23.42 7.55
C LYS Q 136 -88.69 22.65 8.85
N VAL Q 137 -88.49 21.33 8.71
CA VAL Q 137 -88.58 20.44 9.85
C VAL Q 137 -87.50 20.75 10.88
N LEU Q 138 -86.27 20.96 10.43
CA LEU Q 138 -85.15 21.23 11.34
C LEU Q 138 -84.86 22.74 11.34
N SER Q 139 -85.83 23.52 11.79
CA SER Q 139 -85.70 24.97 11.69
C SER Q 139 -86.05 25.68 12.98
N ASP Q 140 -86.13 27.02 12.91
CA ASP Q 140 -86.45 27.80 14.10
C ASP Q 140 -87.92 27.69 14.47
N SER Q 141 -88.80 27.58 13.48
CA SER Q 141 -90.23 27.48 13.69
C SER Q 141 -90.67 26.09 13.23
N ALA Q 142 -90.61 25.12 14.14
CA ALA Q 142 -90.95 23.73 13.83
C ALA Q 142 -91.66 23.13 15.04
N LYS Q 143 -92.99 23.16 15.02
CA LYS Q 143 -93.76 22.57 16.10
C LYS Q 143 -93.76 21.06 15.98
N PRO Q 144 -93.99 20.34 17.08
CA PRO Q 144 -94.10 18.88 17.00
C PRO Q 144 -95.27 18.46 16.13
N LEU Q 145 -95.09 17.36 15.40
CA LEU Q 145 -96.09 16.87 14.46
C LEU Q 145 -97.11 16.00 15.20
N THR Q 146 -98.06 15.44 14.44
CA THR Q 146 -99.11 14.60 15.00
C THR Q 146 -98.98 13.14 14.56
N LEU Q 147 -98.93 12.90 13.24
CA LEU Q 147 -98.73 11.57 12.69
C LEU Q 147 -99.79 10.59 13.20
N GLN Q 148 -101.03 10.85 12.82
CA GLN Q 148 -102.15 10.03 13.26
C GLN Q 148 -101.99 8.60 12.77
N VAL Q 149 -101.82 7.67 13.71
CA VAL Q 149 -101.70 6.26 13.40
C VAL Q 149 -102.87 5.54 14.06
N GLY Q 150 -103.60 4.77 13.27
CA GLY Q 150 -104.79 4.09 13.72
C GLY Q 150 -106.06 4.88 13.43
N ALA Q 151 -107.16 4.15 13.33
CA ALA Q 151 -108.47 4.75 13.14
C ALA Q 151 -108.96 5.26 14.51
N ASN Q 152 -110.25 5.60 14.59
CA ASN Q 152 -110.85 6.07 15.83
C ASN Q 152 -110.14 7.34 16.33
N ASP Q 153 -110.34 8.40 15.54
CA ASP Q 153 -109.72 9.70 15.74
C ASP Q 153 -109.57 10.05 17.21
N GLY Q 154 -108.35 10.44 17.60
CA GLY Q 154 -108.08 10.78 18.98
C GLY Q 154 -106.71 10.40 19.47
N GLU Q 155 -105.93 9.70 18.64
CA GLU Q 155 -104.57 9.30 18.99
C GLU Q 155 -103.60 9.78 17.93
N THR Q 156 -102.38 10.08 18.35
CA THR Q 156 -101.36 10.65 17.48
C THR Q 156 -99.99 10.15 17.94
N ILE Q 157 -98.94 10.77 17.43
CA ILE Q 157 -97.57 10.51 17.83
C ILE Q 157 -96.83 11.85 17.86
N THR Q 158 -96.49 12.31 19.06
CA THR Q 158 -95.77 13.58 19.19
C THR Q 158 -94.35 13.40 18.65
N LEU Q 159 -94.06 14.03 17.53
CA LEU Q 159 -92.76 13.82 16.88
C LEU Q 159 -91.65 14.60 17.59
N ASN Q 160 -91.94 15.82 18.03
CA ASN Q 160 -91.07 16.57 18.95
C ASN Q 160 -89.68 16.82 18.33
N LEU Q 161 -89.69 17.63 17.27
CA LEU Q 161 -88.45 18.09 16.63
C LEU Q 161 -88.48 19.60 16.49
N SER Q 162 -87.35 20.25 16.77
CA SER Q 162 -87.26 21.70 16.63
C SER Q 162 -85.85 22.20 16.86
N GLU Q 163 -85.50 23.27 16.14
CA GLU Q 163 -84.50 24.26 16.55
C GLU Q 163 -83.11 23.66 16.78
N ILE Q 164 -82.51 23.21 15.70
CA ILE Q 164 -81.06 22.96 15.66
C ILE Q 164 -80.44 23.98 14.73
N SER Q 165 -79.62 24.86 15.29
CA SER Q 165 -78.97 25.95 14.57
C SER Q 165 -78.07 26.68 15.57
N VAL Q 166 -77.41 27.74 15.09
CA VAL Q 166 -76.88 28.70 16.04
C VAL Q 166 -78.05 29.42 16.72
N LYS Q 167 -77.73 30.08 17.83
CA LYS Q 167 -78.69 30.85 18.62
C LYS Q 167 -79.57 29.86 19.39
N THR Q 168 -79.44 28.57 19.09
CA THR Q 168 -80.09 27.52 19.87
C THR Q 168 -79.17 26.36 20.24
N LEU Q 169 -78.08 26.13 19.50
CA LEU Q 169 -77.01 25.30 20.01
C LEU Q 169 -76.17 26.03 21.04
N GLY Q 170 -76.42 27.33 21.22
CA GLY Q 170 -75.79 28.11 22.26
C GLY Q 170 -74.61 28.92 21.81
N LEU Q 171 -74.00 28.58 20.67
CA LEU Q 171 -72.80 29.30 20.25
C LEU Q 171 -73.12 30.77 19.95
N ASP Q 172 -73.79 31.01 18.82
CA ASP Q 172 -74.36 32.29 18.44
C ASP Q 172 -73.28 33.37 18.25
N GLY Q 173 -72.09 33.12 18.77
CA GLY Q 173 -71.02 34.10 18.68
C GLY Q 173 -69.65 33.45 18.66
N PHE Q 174 -69.61 32.16 18.35
CA PHE Q 174 -68.43 31.35 18.59
C PHE Q 174 -67.18 32.00 18.03
N ASN Q 175 -66.32 32.49 18.90
CA ASN Q 175 -65.17 33.28 18.51
C ASN Q 175 -63.92 32.71 19.16
N VAL Q 176 -62.85 32.60 18.37
CA VAL Q 176 -61.63 31.99 18.85
C VAL Q 176 -60.51 33.01 18.86
N ASN Q 177 -60.57 33.98 17.95
CA ASN Q 177 -59.50 34.98 17.89
C ASN Q 177 -59.66 36.00 19.02
N GLY Q 178 -60.74 36.78 18.99
CA GLY Q 178 -60.91 37.88 19.93
C GLY Q 178 -59.62 38.69 20.01
N LYS Q 179 -59.10 38.88 21.22
CA LYS Q 179 -57.69 39.25 21.36
C LYS Q 179 -57.09 38.54 22.57
N GLY Q 180 -57.86 37.69 23.24
CA GLY Q 180 -57.38 36.98 24.42
C GLY Q 180 -57.96 37.58 25.69
N VAL Q 181 -57.13 37.66 26.73
CA VAL Q 181 -57.52 38.24 28.01
C VAL Q 181 -56.95 39.65 28.03
N THR Q 182 -57.79 40.61 27.67
CA THR Q 182 -57.33 41.98 27.50
C THR Q 182 -56.94 42.58 28.85
N GLN Q 183 -55.79 43.26 28.88
CA GLN Q 183 -55.30 43.92 30.07
C GLN Q 183 -55.52 45.43 29.95
N ASN Q 184 -55.88 46.04 31.06
CA ASN Q 184 -56.16 47.46 31.07
C ASN Q 184 -54.87 48.27 31.04
N ARG Q 185 -55.00 49.55 30.71
CA ARG Q 185 -53.88 50.48 30.75
C ARG Q 185 -53.91 51.28 32.05
N SER Q 186 -52.73 51.65 32.52
CA SER Q 186 -52.60 52.36 33.80
C SER Q 186 -53.38 53.67 33.76
N ALA Q 187 -54.44 53.77 34.56
CA ALA Q 187 -55.19 55.00 34.65
C ALA Q 187 -54.34 56.08 35.32
N THR Q 188 -54.30 57.26 34.71
CA THR Q 188 -53.41 58.32 35.15
C THR Q 188 -54.22 59.60 35.38
N VAL Q 189 -53.50 60.65 35.78
CA VAL Q 189 -54.13 61.92 36.11
C VAL Q 189 -54.87 62.51 34.92
N THR Q 190 -54.38 62.24 33.70
CA THR Q 190 -55.08 62.72 32.52
C THR Q 190 -56.47 62.12 32.42
N ASP Q 191 -56.57 60.80 32.58
CA ASP Q 191 -57.88 60.16 32.51
C ASP Q 191 -58.75 60.53 33.71
N VAL Q 192 -58.13 60.72 34.87
CA VAL Q 192 -58.88 61.08 36.06
C VAL Q 192 -59.51 62.45 35.89
N ILE Q 193 -58.71 63.44 35.48
CA ILE Q 193 -59.25 64.79 35.28
C ILE Q 193 -60.20 64.81 34.10
N ALA Q 194 -60.05 63.89 33.14
CA ALA Q 194 -61.00 63.80 32.04
C ALA Q 194 -62.37 63.38 32.53
N GLN Q 195 -62.43 62.45 33.48
CA GLN Q 195 -63.68 61.90 33.97
C GLN Q 195 -64.25 62.71 35.13
N GLY Q 196 -64.39 64.02 34.94
CA GLY Q 196 -64.95 64.86 35.97
C GLY Q 196 -64.20 64.88 37.27
N GLY Q 197 -62.91 64.53 37.24
CA GLY Q 197 -62.14 64.50 38.47
C GLY Q 197 -61.93 65.90 39.02
N THR Q 198 -61.90 66.00 40.34
CA THR Q 198 -61.70 67.27 41.05
C THR Q 198 -60.39 67.19 41.83
N LEU Q 199 -59.57 68.23 41.71
CA LEU Q 199 -58.32 68.28 42.46
C LEU Q 199 -58.58 68.36 43.95
N GLN Q 200 -57.81 67.60 44.72
CA GLN Q 200 -57.95 67.60 46.17
C GLN Q 200 -56.66 67.92 46.91
N GLY Q 201 -55.50 67.61 46.35
CA GLY Q 201 -54.24 67.87 47.03
C GLY Q 201 -53.02 67.49 46.24
N ASP Q 202 -52.06 66.84 46.91
CA ASP Q 202 -50.79 66.45 46.28
C ASP Q 202 -51.04 65.27 45.36
N GLY Q 203 -51.52 65.58 44.15
CA GLY Q 203 -51.88 64.54 43.22
C GLY Q 203 -53.04 63.69 43.65
N THR Q 204 -53.86 64.19 44.57
CA THR Q 204 -55.00 63.45 45.10
C THR Q 204 -56.26 63.94 44.41
N TYR Q 205 -57.03 63.01 43.84
CA TYR Q 205 -58.24 63.33 43.10
C TYR Q 205 -59.38 62.46 43.60
N LYS Q 206 -60.55 63.06 43.75
CA LYS Q 206 -61.74 62.36 44.23
C LYS Q 206 -62.73 62.25 43.08
N ALA Q 207 -62.80 61.06 42.48
CA ALA Q 207 -63.78 60.81 41.44
C ALA Q 207 -65.13 60.49 42.07
N THR Q 208 -66.15 61.24 41.67
CA THR Q 208 -67.48 61.12 42.25
C THR Q 208 -68.50 60.87 41.13
N THR Q 209 -69.55 60.13 41.47
CA THR Q 209 -70.60 59.83 40.51
C THR Q 209 -71.93 59.71 41.24
N THR Q 210 -72.89 60.55 40.84
CA THR Q 210 -74.21 60.54 41.45
C THR Q 210 -75.06 59.42 40.87
N PHE Q 211 -75.81 58.76 41.74
CA PHE Q 211 -76.56 57.56 41.39
C PHE Q 211 -78.05 57.69 41.69
N ASN Q 212 -78.57 58.92 41.70
CA ASN Q 212 -79.98 59.13 41.98
C ASN Q 212 -80.84 58.38 40.97
N ALA Q 213 -81.53 57.34 41.42
CA ALA Q 213 -82.17 56.38 40.54
C ALA Q 213 -83.29 55.70 41.31
N ALA Q 214 -83.72 54.54 40.81
CA ALA Q 214 -84.79 53.74 41.41
C ALA Q 214 -86.13 54.48 41.34
N SER Q 215 -86.50 54.86 40.12
CA SER Q 215 -87.77 55.54 39.89
C SER Q 215 -88.92 54.54 40.03
N ALA Q 216 -90.14 55.03 39.78
CA ALA Q 216 -91.32 54.18 39.92
C ALA Q 216 -91.29 53.01 38.95
N GLU Q 217 -90.91 53.27 37.70
CA GLU Q 217 -90.88 52.20 36.70
C GLU Q 217 -89.84 51.14 37.06
N THR Q 218 -88.65 51.58 37.47
CA THR Q 218 -87.59 50.66 37.82
C THR Q 218 -87.93 49.82 39.05
N VAL Q 219 -88.87 50.28 39.87
CA VAL Q 219 -89.31 49.51 41.02
C VAL Q 219 -90.45 48.56 40.64
N LEU Q 220 -91.43 49.06 39.90
CA LEU Q 220 -92.53 48.21 39.45
C LEU Q 220 -92.06 47.12 38.50
N SER Q 221 -90.87 47.27 37.92
CA SER Q 221 -90.35 46.23 37.03
C SER Q 221 -90.13 44.91 37.77
N LYS Q 222 -89.81 44.97 39.06
CA LYS Q 222 -89.51 43.77 39.86
C LYS Q 222 -90.55 43.55 40.95
N LEU Q 223 -91.82 43.76 40.63
CA LEU Q 223 -92.90 43.70 41.62
C LEU Q 223 -93.67 42.39 41.50
N GLU Q 224 -93.86 41.73 42.64
CA GLU Q 224 -94.78 40.60 42.72
C GLU Q 224 -95.65 40.65 43.97
N ASP Q 225 -95.38 41.55 44.91
CA ASP Q 225 -96.11 41.65 46.17
C ASP Q 225 -96.93 42.93 46.18
N GLY Q 226 -97.54 43.22 47.32
CA GLY Q 226 -98.41 44.37 47.46
C GLY Q 226 -97.66 45.64 47.82
N ASN Q 227 -98.16 46.76 47.30
CA ASN Q 227 -97.61 48.08 47.59
C ASN Q 227 -98.68 48.92 48.28
N THR Q 228 -98.36 50.20 48.50
CA THR Q 228 -99.29 51.09 49.17
C THR Q 228 -99.18 52.49 48.57
N VAL Q 229 -100.29 53.24 48.66
CA VAL Q 229 -100.34 54.62 48.21
C VAL Q 229 -101.10 55.43 49.26
N ALA Q 230 -100.50 56.54 49.68
CA ALA Q 230 -101.13 57.43 50.65
C ALA Q 230 -100.83 58.87 50.28
N VAL Q 231 -101.85 59.72 50.32
CA VAL Q 231 -101.71 61.13 49.96
C VAL Q 231 -101.49 61.89 51.26
N GLY Q 232 -100.22 62.03 51.65
CA GLY Q 232 -99.89 62.77 52.85
C GLY Q 232 -100.52 62.14 54.08
N GLY Q 233 -101.21 62.98 54.87
CA GLY Q 233 -101.86 62.52 56.07
C GLY Q 233 -103.32 62.14 55.87
N GLY Q 234 -103.70 61.91 54.61
CA GLY Q 234 -105.05 61.53 54.26
C GLY Q 234 -105.24 60.03 54.25
N ALA Q 235 -106.16 59.59 53.40
CA ALA Q 235 -106.44 58.16 53.28
C ALA Q 235 -105.27 57.43 52.64
N THR Q 236 -105.26 56.10 52.79
CA THR Q 236 -104.21 55.25 52.27
C THR Q 236 -104.83 54.08 51.51
N TYR Q 237 -104.22 53.72 50.39
CA TYR Q 237 -104.67 52.61 49.57
C TYR Q 237 -103.52 51.67 49.28
N THR Q 238 -103.81 50.37 49.26
CA THR Q 238 -102.82 49.34 49.01
C THR Q 238 -103.24 48.49 47.83
N TYR Q 239 -102.31 48.25 46.91
CA TYR Q 239 -102.56 47.45 45.72
C TYR Q 239 -101.64 46.23 45.73
N ASP Q 240 -102.11 45.14 45.13
CA ASP Q 240 -101.37 43.89 45.07
C ASP Q 240 -101.36 43.37 43.65
N ALA Q 241 -100.17 43.09 43.12
CA ALA Q 241 -100.01 42.61 41.74
C ALA Q 241 -100.00 41.08 41.76
N ALA Q 242 -101.18 40.49 41.56
CA ALA Q 242 -101.28 39.03 41.56
C ALA Q 242 -100.62 38.43 40.32
N LYS Q 243 -100.95 38.97 39.13
CA LYS Q 243 -100.42 38.47 37.87
C LYS Q 243 -99.87 39.59 37.00
N GLY Q 244 -99.50 40.71 37.60
CA GLY Q 244 -99.25 41.94 36.87
C GLY Q 244 -100.45 42.85 36.75
N ASN Q 245 -101.64 42.36 37.11
CA ASN Q 245 -102.84 43.17 37.21
C ASN Q 245 -103.13 43.39 38.69
N PHE Q 246 -103.08 44.64 39.13
CA PHE Q 246 -103.17 44.95 40.55
C PHE Q 246 -104.58 44.76 41.08
N THR Q 247 -104.66 44.42 42.36
CA THR Q 247 -105.93 44.24 43.05
C THR Q 247 -105.96 45.12 44.29
N TYR Q 248 -107.14 45.66 44.57
CA TYR Q 248 -107.33 46.55 45.72
C TYR Q 248 -108.82 46.75 45.92
N THR Q 249 -109.17 47.43 47.00
CA THR Q 249 -110.56 47.74 47.32
C THR Q 249 -110.72 49.23 47.53
N LYS Q 250 -111.84 49.77 47.05
CA LYS Q 250 -112.19 51.17 47.27
C LYS Q 250 -113.65 51.24 47.67
N THR Q 251 -113.96 52.14 48.60
CA THR Q 251 -115.32 52.30 49.09
C THR Q 251 -116.16 53.04 48.07
N VAL Q 252 -117.41 52.60 47.91
CA VAL Q 252 -118.40 53.29 47.09
C VAL Q 252 -119.47 53.81 48.04
N ASP Q 253 -119.63 55.13 48.09
CA ASP Q 253 -120.54 55.76 49.04
C ASP Q 253 -120.97 57.10 48.49
N THR Q 254 -121.63 57.89 49.34
CA THR Q 254 -122.16 59.21 48.98
C THR Q 254 -121.89 60.16 50.14
N THR Q 255 -122.57 61.31 50.12
CA THR Q 255 -122.40 62.31 51.15
C THR Q 255 -123.63 62.55 52.02
N VAL Q 256 -124.80 62.11 51.58
CA VAL Q 256 -126.05 62.36 52.28
C VAL Q 256 -126.52 61.07 52.94
N GLY Q 257 -126.56 61.06 54.27
CA GLY Q 257 -127.07 59.91 54.98
C GLY Q 257 -128.55 59.69 54.76
N ALA Q 258 -129.32 60.78 54.60
CA ALA Q 258 -130.77 60.67 54.46
C ALA Q 258 -131.19 60.11 53.11
N ASP Q 259 -130.32 60.15 52.10
CA ASP Q 259 -130.68 59.68 50.77
C ASP Q 259 -129.43 59.19 50.07
N VAL Q 260 -129.42 57.90 49.70
CA VAL Q 260 -128.26 57.29 49.06
C VAL Q 260 -128.67 56.66 47.74
N THR Q 261 -129.68 57.23 47.08
CA THR Q 261 -130.04 56.76 45.75
C THR Q 261 -128.86 56.84 44.80
N ALA Q 262 -127.98 57.84 45.00
CA ALA Q 262 -126.75 57.91 44.22
C ALA Q 262 -125.84 56.71 44.50
N LEU Q 263 -125.85 56.22 45.73
CA LEU Q 263 -125.06 55.03 46.05
C LEU Q 263 -125.53 53.82 45.26
N ALA Q 264 -126.86 53.62 45.19
CA ALA Q 264 -127.40 52.53 44.41
C ALA Q 264 -127.11 52.72 42.92
N ASN Q 265 -127.23 53.95 42.43
CA ASN Q 265 -126.92 54.23 41.03
C ASN Q 265 -125.43 54.20 40.74
N LYS Q 266 -124.59 54.14 41.76
CA LYS Q 266 -123.17 53.88 41.59
C LYS Q 266 -122.87 52.39 41.57
N ILE Q 267 -123.55 51.62 42.42
CA ILE Q 267 -123.35 50.17 42.42
C ILE Q 267 -123.90 49.54 41.15
N LYS Q 268 -125.02 50.05 40.64
CA LYS Q 268 -125.69 49.42 39.51
C LYS Q 268 -124.80 49.30 38.27
N PRO Q 269 -124.09 50.34 37.81
CA PRO Q 269 -123.21 50.15 36.64
C PRO Q 269 -122.12 49.12 36.86
N SER Q 270 -121.64 48.97 38.10
CA SER Q 270 -120.65 47.93 38.38
C SER Q 270 -121.22 46.54 38.11
N SER Q 271 -122.46 46.30 38.53
CA SER Q 271 -123.11 45.03 38.22
C SER Q 271 -123.35 44.87 36.73
N GLY Q 272 -123.74 45.96 36.06
CA GLY Q 272 -124.04 45.91 34.64
C GLY Q 272 -125.50 46.13 34.36
N THR Q 273 -126.01 45.58 33.25
CA THR Q 273 -127.40 45.70 32.89
C THR Q 273 -128.15 44.38 32.99
N ILE Q 274 -127.70 43.35 32.27
CA ILE Q 274 -128.33 42.04 32.29
C ILE Q 274 -127.25 40.98 32.43
N SER Q 275 -127.38 40.13 33.43
CA SER Q 275 -126.46 39.00 33.60
C SER Q 275 -127.26 37.83 34.18
N GLY Q 276 -126.55 36.77 34.58
CA GLY Q 276 -127.21 35.57 35.04
C GLY Q 276 -127.12 35.34 36.54
N SER Q 277 -126.29 34.39 36.95
CA SER Q 277 -126.24 33.99 38.36
C SER Q 277 -125.62 35.09 39.22
N TYR Q 278 -126.28 35.38 40.33
CA TYR Q 278 -125.79 36.33 41.34
C TYR Q 278 -125.73 35.64 42.70
N GLU Q 279 -125.25 36.37 43.70
CA GLU Q 279 -125.21 35.89 45.07
C GLU Q 279 -125.53 37.05 45.99
N ILE Q 280 -126.75 37.05 46.54
CA ILE Q 280 -127.20 38.09 47.44
C ILE Q 280 -127.14 37.55 48.87
N SER Q 281 -126.43 38.26 49.73
CA SER Q 281 -126.24 37.85 51.11
C SER Q 281 -126.90 38.83 52.08
N THR Q 282 -128.11 39.27 51.74
CA THR Q 282 -128.84 40.16 52.61
C THR Q 282 -129.20 39.47 53.92
N GLY Q 283 -129.42 40.28 54.95
CA GLY Q 283 -129.68 39.74 56.27
C GLY Q 283 -128.43 39.16 56.88
N LYS Q 284 -128.42 37.85 57.13
CA LYS Q 284 -127.25 37.19 57.70
C LYS Q 284 -126.65 36.14 56.78
N SER Q 285 -127.44 35.18 56.32
CA SER Q 285 -126.94 34.07 55.52
C SER Q 285 -127.90 33.74 54.39
N ALA Q 286 -128.37 34.77 53.68
CA ALA Q 286 -129.26 34.53 52.54
C ALA Q 286 -128.56 33.70 51.46
N SER Q 287 -127.51 34.26 50.86
CA SER Q 287 -126.67 33.54 49.91
C SER Q 287 -127.49 32.95 48.77
N PHE Q 288 -128.41 33.74 48.23
CA PHE Q 288 -129.26 33.27 47.15
C PHE Q 288 -128.45 33.15 45.84
N ASP Q 289 -129.09 32.54 44.84
CA ASP Q 289 -128.54 32.43 43.50
C ASP Q 289 -129.65 32.86 42.54
N VAL Q 290 -129.70 34.14 42.22
CA VAL Q 290 -130.81 34.71 41.50
C VAL Q 290 -130.41 34.98 40.05
N ASP Q 291 -131.41 35.26 39.21
CA ASP Q 291 -131.23 35.61 37.80
C ASP Q 291 -131.99 36.91 37.56
N ALA Q 292 -131.33 38.04 37.74
CA ALA Q 292 -131.99 39.35 37.63
C ALA Q 292 -131.75 39.92 36.24
N ALA Q 293 -132.76 39.80 35.39
CA ALA Q 293 -132.78 40.46 34.09
C ALA Q 293 -133.89 41.51 34.17
N GLY Q 294 -133.52 42.69 34.67
CA GLY Q 294 -134.51 43.68 35.06
C GLY Q 294 -134.99 43.42 36.47
N LYS Q 295 -136.18 42.84 36.61
CA LYS Q 295 -136.65 42.38 37.91
C LYS Q 295 -135.85 41.17 38.37
N ILE Q 296 -135.58 41.10 39.66
CA ILE Q 296 -134.76 40.01 40.21
C ILE Q 296 -135.64 38.77 40.39
N THR Q 297 -135.18 37.65 39.85
CA THR Q 297 -135.86 36.37 39.98
C THR Q 297 -134.84 35.28 40.30
N ILE Q 298 -135.34 34.19 40.88
CA ILE Q 298 -134.51 33.03 41.18
C ILE Q 298 -134.77 31.97 40.13
N GLY Q 299 -133.95 30.92 40.14
CA GLY Q 299 -134.09 29.84 39.19
C GLY Q 299 -135.45 29.18 39.27
N GLY Q 300 -136.29 29.44 38.27
CA GLY Q 300 -137.62 28.86 38.20
C GLY Q 300 -138.70 29.59 38.98
N ASN Q 301 -138.40 30.75 39.57
CA ASN Q 301 -139.39 31.43 40.39
C ASN Q 301 -139.05 32.91 40.46
N ALA Q 302 -140.04 33.70 40.89
CA ALA Q 302 -139.89 35.13 41.09
C ALA Q 302 -139.79 35.42 42.60
N ALA Q 303 -138.84 36.26 42.97
CA ALA Q 303 -138.52 36.52 44.37
C ALA Q 303 -138.99 37.91 44.77
N PHE Q 304 -139.73 37.98 45.87
CA PHE Q 304 -140.14 39.25 46.45
C PHE Q 304 -139.19 39.61 47.59
N LEU Q 305 -139.51 40.68 48.31
CA LEU Q 305 -138.62 41.19 49.37
C LEU Q 305 -139.44 41.56 50.59
N ASN Q 306 -139.07 40.99 51.74
CA ASN Q 306 -139.66 41.34 53.02
C ASN Q 306 -138.76 42.40 53.67
N ALA Q 307 -139.39 43.43 54.26
CA ALA Q 307 -138.66 44.62 54.64
C ALA Q 307 -139.07 45.13 56.02
N ASP Q 308 -138.30 46.11 56.49
CA ASP Q 308 -138.57 46.97 57.65
C ASP Q 308 -138.38 46.26 58.99
N GLY Q 309 -138.16 44.95 58.98
CA GLY Q 309 -137.61 44.30 60.15
C GLY Q 309 -136.16 43.93 59.89
N GLU Q 310 -135.96 43.28 58.75
CA GLU Q 310 -134.64 42.96 58.22
C GLU Q 310 -134.85 42.62 56.76
N LEU Q 311 -134.29 43.40 55.86
CA LEU Q 311 -134.64 43.30 54.44
C LEU Q 311 -134.05 42.02 53.87
N THR Q 312 -134.89 41.00 53.73
CA THR Q 312 -134.51 39.71 53.17
C THR Q 312 -135.33 39.43 51.91
N THR Q 313 -134.76 38.60 51.04
CA THR Q 313 -135.41 38.18 49.81
C THR Q 313 -136.05 36.81 50.03
N ASN Q 314 -137.34 36.70 49.71
CA ASN Q 314 -138.05 35.43 49.85
C ASN Q 314 -139.10 35.33 48.76
N ASP Q 315 -139.18 34.15 48.14
CA ASP Q 315 -140.14 33.94 47.05
C ASP Q 315 -141.58 33.95 47.56
N ALA Q 316 -141.81 33.62 48.82
CA ALA Q 316 -143.16 33.62 49.39
C ALA Q 316 -143.58 35.06 49.61
N SER Q 317 -144.54 35.53 48.82
CA SER Q 317 -144.97 36.92 48.87
C SER Q 317 -145.64 37.22 50.21
N GLY Q 318 -145.42 38.44 50.71
CA GLY Q 318 -146.04 38.93 51.91
C GLY Q 318 -147.06 40.02 51.60
N ALA Q 319 -147.62 40.58 52.67
CA ALA Q 319 -148.63 41.62 52.51
C ALA Q 319 -148.03 42.91 51.97
N LEU Q 320 -146.76 43.18 52.24
CA LEU Q 320 -146.11 44.45 51.89
C LEU Q 320 -144.79 44.19 51.16
N THR Q 321 -144.80 43.27 50.20
CA THR Q 321 -143.57 42.86 49.53
C THR Q 321 -143.53 43.40 48.10
N GLN Q 322 -142.31 43.63 47.62
CA GLN Q 322 -142.06 44.10 46.27
C GLN Q 322 -140.93 43.29 45.66
N ALA Q 323 -140.85 43.28 44.34
CA ALA Q 323 -139.87 42.49 43.61
C ALA Q 323 -139.22 43.35 42.52
N THR Q 324 -137.96 43.70 42.72
CA THR Q 324 -137.16 44.37 41.69
C THR Q 324 -135.71 44.37 42.13
N LEU Q 325 -134.81 44.62 41.18
CA LEU Q 325 -133.39 44.70 41.48
C LEU Q 325 -133.06 45.91 42.34
N ASP Q 326 -133.76 47.03 42.12
CA ASP Q 326 -133.48 48.25 42.86
C ASP Q 326 -133.74 48.06 44.35
N ASP Q 327 -134.82 47.36 44.70
CA ASP Q 327 -135.10 47.11 46.12
C ASP Q 327 -134.02 46.26 46.77
N VAL Q 328 -133.55 45.23 46.06
CA VAL Q 328 -132.48 44.40 46.60
C VAL Q 328 -131.20 45.21 46.78
N LEU Q 329 -130.88 46.06 45.80
CA LEU Q 329 -129.70 46.91 45.92
C LEU Q 329 -129.82 47.86 47.09
N THR Q 330 -131.01 48.43 47.30
CA THR Q 330 -131.23 49.30 48.44
C THR Q 330 -131.07 48.53 49.75
N SER Q 331 -131.62 47.30 49.80
CA SER Q 331 -131.47 46.48 51.00
C SER Q 331 -130.01 46.24 51.32
N VAL Q 332 -129.21 45.92 50.30
CA VAL Q 332 -127.79 45.70 50.52
C VAL Q 332 -127.11 46.99 50.96
N GLY Q 333 -127.48 48.11 50.36
CA GLY Q 333 -126.81 49.37 50.63
C GLY Q 333 -127.36 50.16 51.81
N THR Q 334 -128.68 50.11 52.03
CA THR Q 334 -129.32 50.93 53.04
C THR Q 334 -129.67 50.15 54.30
N GLU Q 335 -130.38 49.04 54.17
CA GLU Q 335 -130.88 48.29 55.32
C GLU Q 335 -130.09 47.00 55.56
N ALA Q 336 -128.81 46.99 55.20
CA ALA Q 336 -127.99 45.81 55.42
C ALA Q 336 -127.89 45.48 56.92
N ASN Q 337 -127.51 46.48 57.72
CA ASN Q 337 -127.37 46.34 59.17
C ASN Q 337 -126.40 45.23 59.57
N SER Q 338 -125.59 44.76 58.63
CA SER Q 338 -124.66 43.66 58.87
C SER Q 338 -123.75 43.55 57.66
N SER Q 339 -122.89 42.52 57.67
CA SER Q 339 -121.99 42.25 56.56
C SER Q 339 -122.81 41.63 55.43
N VAL Q 340 -123.42 42.50 54.63
CA VAL Q 340 -124.26 42.12 53.51
C VAL Q 340 -123.52 42.42 52.23
N THR Q 341 -123.46 41.44 51.32
CA THR Q 341 -122.70 41.59 50.08
C THR Q 341 -123.53 41.08 48.91
N ILE Q 342 -123.15 41.53 47.72
CA ILE Q 342 -123.70 41.03 46.47
C ILE Q 342 -122.59 40.29 45.75
N GLY Q 343 -122.69 38.98 45.68
CA GLY Q 343 -121.68 38.15 45.07
C GLY Q 343 -121.78 37.98 43.57
N GLY Q 344 -122.71 38.69 42.92
CA GLY Q 344 -122.90 38.53 41.50
C GLY Q 344 -121.76 39.11 40.68
N THR Q 345 -121.61 38.55 39.48
CA THR Q 345 -120.61 39.00 38.49
C THR Q 345 -119.20 39.00 39.09
N LYS Q 346 -118.88 37.95 39.86
CA LYS Q 346 -117.53 37.74 40.39
C LYS Q 346 -117.06 38.92 41.25
N TYR Q 347 -117.99 39.63 41.87
CA TYR Q 347 -117.67 40.73 42.76
C TYR Q 347 -118.23 40.43 44.14
N SER Q 348 -117.92 41.31 45.09
CA SER Q 348 -118.49 41.20 46.44
C SER Q 348 -118.63 42.63 46.99
N HIS Q 349 -119.80 43.22 46.78
CA HIS Q 349 -120.08 44.57 47.25
C HIS Q 349 -120.57 44.49 48.70
N SER Q 350 -119.64 44.14 49.58
CA SER Q 350 -119.95 44.02 50.99
C SER Q 350 -120.33 45.38 51.58
N ALA Q 351 -121.39 45.38 52.38
CA ALA Q 351 -121.84 46.59 53.05
C ALA Q 351 -120.98 46.77 54.30
N ALA Q 352 -119.85 47.46 54.13
CA ALA Q 352 -118.96 47.70 55.26
C ALA Q 352 -119.66 48.53 56.33
N ASP Q 353 -120.40 49.57 55.91
CA ASP Q 353 -121.19 50.37 56.82
C ASP Q 353 -122.59 50.51 56.25
N GLU Q 354 -123.60 50.20 57.07
CA GLU Q 354 -124.98 50.30 56.65
C GLU Q 354 -125.49 51.73 56.82
N LEU Q 355 -126.65 52.01 56.24
CA LEU Q 355 -127.25 53.34 56.29
C LEU Q 355 -128.23 53.40 57.44
N SER Q 356 -127.85 54.11 58.50
CA SER Q 356 -128.76 54.43 59.60
C SER Q 356 -129.61 55.65 59.29
N TYR Q 357 -129.57 56.14 58.05
CA TYR Q 357 -130.23 57.34 57.55
C TYR Q 357 -129.67 58.61 58.18
N THR Q 358 -128.64 58.50 59.02
CA THR Q 358 -127.89 59.64 59.52
C THR Q 358 -126.45 59.62 59.05
N ALA Q 359 -125.76 58.51 59.22
CA ALA Q 359 -124.41 58.32 58.71
C ALA Q 359 -124.47 57.60 57.37
N VAL Q 360 -123.67 58.08 56.41
CA VAL Q 360 -123.71 57.56 55.05
C VAL Q 360 -123.21 56.11 55.04
N ALA Q 361 -123.87 55.28 54.25
CA ALA Q 361 -123.54 53.86 54.17
C ALA Q 361 -122.29 53.65 53.32
N THR Q 362 -121.68 52.48 53.49
CA THR Q 362 -120.50 52.09 52.74
C THR Q 362 -120.74 50.73 52.11
N THR Q 363 -120.45 50.62 50.82
CA THR Q 363 -120.59 49.37 50.06
C THR Q 363 -119.27 49.04 49.39
N ALA Q 364 -118.20 49.09 50.16
CA ALA Q 364 -116.86 48.87 49.62
C ALA Q 364 -116.75 47.49 48.96
N ASP Q 365 -116.08 47.47 47.82
CA ASP Q 365 -115.85 46.24 47.06
C ASP Q 365 -114.42 46.22 46.59
N VAL Q 366 -113.89 45.00 46.40
CA VAL Q 366 -112.58 44.83 45.78
C VAL Q 366 -112.80 44.92 44.27
N LEU Q 367 -112.59 46.11 43.71
CA LEU Q 367 -112.87 46.31 42.29
C LEU Q 367 -111.70 45.88 41.40
N SER Q 368 -110.47 46.23 41.80
CA SER Q 368 -109.27 45.98 41.01
C SER Q 368 -109.34 46.62 39.63
N ALA Q 369 -110.24 47.60 39.45
CA ALA Q 369 -110.38 48.27 38.17
C ALA Q 369 -109.16 49.09 37.81
N MET Q 370 -108.31 49.40 38.79
CA MET Q 370 -107.07 50.13 38.58
C MET Q 370 -105.89 49.17 38.39
N GLY Q 371 -106.18 47.96 37.90
CA GLY Q 371 -105.24 46.86 38.01
C GLY Q 371 -104.02 46.98 37.12
N SER Q 372 -104.16 47.60 35.95
CA SER Q 372 -103.08 47.62 34.96
C SER Q 372 -101.81 48.22 35.57
N SER Q 373 -100.69 47.52 35.38
CA SER Q 373 -99.43 47.97 35.96
C SER Q 373 -99.01 49.33 35.40
N THR Q 374 -99.21 49.53 34.09
CA THR Q 374 -98.94 50.85 33.51
C THR Q 374 -99.85 51.91 34.11
N ALA Q 375 -101.12 51.55 34.37
CA ALA Q 375 -102.02 52.48 35.02
C ALA Q 375 -101.52 52.86 36.41
N VAL Q 376 -101.05 51.87 37.18
CA VAL Q 376 -100.54 52.17 38.50
C VAL Q 376 -99.29 53.02 38.42
N SER Q 377 -98.44 52.77 37.43
CA SER Q 377 -97.27 53.64 37.24
C SER Q 377 -97.70 55.07 36.95
N THR Q 378 -98.73 55.25 36.12
CA THR Q 378 -99.19 56.60 35.82
C THR Q 378 -99.75 57.28 37.06
N VAL Q 379 -100.55 56.56 37.85
CA VAL Q 379 -101.17 57.20 39.01
C VAL Q 379 -100.12 57.53 40.07
N THR Q 380 -99.11 56.69 40.22
CA THR Q 380 -98.04 56.98 41.17
C THR Q 380 -97.05 57.99 40.63
N LEU Q 381 -97.05 58.26 39.33
CA LEU Q 381 -96.20 59.28 38.76
C LEU Q 381 -96.84 60.67 38.84
N GLY Q 382 -98.14 60.76 38.55
CA GLY Q 382 -98.83 62.02 38.57
C GLY Q 382 -99.62 62.27 39.83
N SER Q 383 -99.29 61.55 40.90
CA SER Q 383 -99.98 61.72 42.17
C SER Q 383 -99.66 63.09 42.77
N GLY Q 384 -100.48 63.48 43.75
CA GLY Q 384 -100.27 64.75 44.41
C GLY Q 384 -99.20 64.68 45.47
N ILE Q 385 -99.46 65.24 46.65
CA ILE Q 385 -98.52 65.17 47.76
C ILE Q 385 -98.69 63.81 48.44
N THR Q 386 -97.94 62.82 48.00
CA THR Q 386 -98.12 61.44 48.42
C THR Q 386 -96.82 60.89 49.00
N SER Q 387 -96.93 59.71 49.62
CA SER Q 387 -95.81 58.98 50.16
C SER Q 387 -95.94 57.51 49.84
N ALA Q 388 -96.30 57.20 48.60
CA ALA Q 388 -96.55 55.82 48.20
C ALA Q 388 -95.29 54.98 48.34
N ALA Q 389 -95.47 53.73 48.77
CA ALA Q 389 -94.37 52.82 49.00
C ALA Q 389 -94.68 51.45 48.40
N VAL Q 390 -93.62 50.72 48.07
CA VAL Q 390 -93.72 49.42 47.43
C VAL Q 390 -93.03 48.39 48.30
N THR Q 391 -93.77 47.33 48.65
CA THR Q 391 -93.19 46.11 49.19
C THR Q 391 -93.11 45.11 48.05
N PHE Q 392 -91.90 44.70 47.69
CA PHE Q 392 -91.70 43.95 46.46
C PHE Q 392 -90.82 42.72 46.65
N ALA Q 393 -90.67 42.24 47.87
CA ALA Q 393 -89.82 41.09 48.11
C ALA Q 393 -90.39 40.27 49.26
N ILE Q 394 -89.97 39.00 49.31
CA ILE Q 394 -90.48 38.10 50.33
C ILE Q 394 -89.83 38.45 51.68
N ALA Q 395 -90.51 38.07 52.76
CA ALA Q 395 -90.20 38.61 54.08
C ALA Q 395 -88.74 38.43 54.47
N THR Q 396 -88.09 37.34 54.03
CA THR Q 396 -86.68 37.16 54.35
C THR Q 396 -85.79 38.14 53.60
N THR Q 397 -86.28 38.69 52.48
CA THR Q 397 -85.56 39.69 51.72
C THR Q 397 -86.41 40.94 51.51
N ASP Q 398 -87.46 41.11 52.30
CA ASP Q 398 -88.44 42.16 52.08
C ASP Q 398 -87.82 43.54 52.27
N SER Q 399 -88.42 44.52 51.60
CA SER Q 399 -87.98 45.90 51.70
C SER Q 399 -89.13 46.81 51.32
N ASN Q 400 -88.99 48.08 51.67
CA ASN Q 400 -89.96 49.11 51.32
C ASN Q 400 -89.24 50.26 50.66
N ASN Q 401 -89.81 50.76 49.57
CA ASN Q 401 -89.24 51.87 48.82
C ASN Q 401 -90.18 53.07 48.94
N THR Q 402 -89.68 54.17 49.47
CA THR Q 402 -90.45 55.40 49.61
C THR Q 402 -89.85 56.46 48.72
N TRP Q 403 -90.69 57.08 47.89
CA TRP Q 403 -90.23 58.00 46.85
C TRP Q 403 -90.99 59.32 46.93
N VAL Q 404 -90.66 60.20 45.97
CA VAL Q 404 -91.19 61.55 45.94
C VAL Q 404 -92.71 61.52 45.75
N ASP Q 405 -93.36 62.62 46.15
CA ASP Q 405 -94.81 62.71 46.03
C ASP Q 405 -95.26 62.56 44.59
N ASN Q 406 -94.51 63.11 43.63
CA ASN Q 406 -94.96 63.10 42.25
C ASN Q 406 -93.82 62.83 41.26
N LYS Q 407 -92.83 62.04 41.66
CA LYS Q 407 -91.73 61.76 40.74
C LYS Q 407 -91.45 60.27 40.61
N GLY Q 408 -91.72 59.50 41.65
CA GLY Q 408 -91.35 58.10 41.67
C GLY Q 408 -89.92 57.84 42.08
N GLU Q 409 -89.12 58.87 42.27
CA GLU Q 409 -87.69 58.70 42.56
C GLU Q 409 -87.48 58.50 44.05
N LEU Q 410 -86.80 57.40 44.40
CA LEU Q 410 -86.43 57.14 45.78
C LEU Q 410 -85.35 58.14 46.21
N THR Q 411 -85.71 59.08 47.08
CA THR Q 411 -84.74 60.07 47.53
C THR Q 411 -83.62 59.44 48.32
N ASP Q 412 -83.95 58.51 49.21
CA ASP Q 412 -82.96 57.91 50.11
C ASP Q 412 -82.42 56.58 49.60
N ILE Q 413 -82.88 56.10 48.45
CA ILE Q 413 -82.44 54.84 47.89
C ILE Q 413 -81.98 55.08 46.46
N GLN Q 414 -80.78 54.61 46.14
CA GLN Q 414 -80.20 54.77 44.81
C GLN Q 414 -79.85 53.41 44.23
N THR Q 415 -79.26 53.43 43.04
CA THR Q 415 -78.78 52.21 42.39
C THR Q 415 -77.35 52.42 41.93
N PHE Q 416 -76.51 51.41 42.16
CA PHE Q 416 -75.18 51.39 41.56
C PHE Q 416 -75.29 50.92 40.11
N ASP Q 417 -74.15 50.63 39.50
CA ASP Q 417 -74.16 50.09 38.14
C ASP Q 417 -74.80 48.71 38.07
N THR Q 418 -75.00 48.04 39.21
CA THR Q 418 -75.52 46.68 39.23
C THR Q 418 -76.87 46.57 39.92
N SER Q 419 -77.02 47.13 41.12
CA SER Q 419 -78.20 46.86 41.93
C SER Q 419 -78.52 48.07 42.80
N TYR Q 420 -79.60 47.95 43.57
CA TYR Q 420 -80.06 49.01 44.44
C TYR Q 420 -79.15 49.13 45.66
N LYS Q 421 -78.81 50.36 46.03
CA LYS Q 421 -78.00 50.62 47.22
C LYS Q 421 -78.47 51.90 47.89
N ILE Q 422 -78.08 52.04 49.16
CA ILE Q 422 -78.51 53.17 49.97
C ILE Q 422 -77.51 54.30 49.80
N ASN Q 423 -76.48 54.08 49.00
CA ASN Q 423 -75.41 55.04 48.81
C ASN Q 423 -75.65 55.82 47.53
N ALA Q 424 -75.80 57.14 47.64
CA ALA Q 424 -76.06 57.98 46.48
C ALA Q 424 -74.81 58.18 45.63
N ASP Q 425 -73.63 58.23 46.26
CA ASP Q 425 -72.41 58.51 45.53
C ASP Q 425 -71.28 57.69 46.15
N THR Q 426 -70.61 56.88 45.33
CA THR Q 426 -69.47 56.13 45.80
C THR Q 426 -68.34 57.06 46.21
N GLY Q 427 -67.94 57.95 45.31
CA GLY Q 427 -66.98 59.00 45.64
C GLY Q 427 -65.63 58.50 46.12
N GLU Q 428 -65.07 57.49 45.45
CA GLU Q 428 -63.75 57.01 45.82
C GLU Q 428 -62.70 58.05 45.46
N VAL Q 429 -61.56 57.99 46.16
CA VAL Q 429 -60.50 58.99 46.04
C VAL Q 429 -59.26 58.30 45.48
N THR Q 430 -58.70 58.88 44.43
CA THR Q 430 -57.52 58.33 43.76
C THR Q 430 -56.36 59.31 43.91
N VAL Q 431 -55.19 58.78 44.27
CA VAL Q 431 -53.97 59.58 44.42
C VAL Q 431 -53.05 59.25 43.26
N VAL Q 432 -52.46 60.29 42.67
CA VAL Q 432 -51.62 60.17 41.49
C VAL Q 432 -50.16 60.31 41.90
N GLY Q 433 -49.34 59.34 41.52
CA GLY Q 433 -47.93 59.42 41.82
C GLY Q 433 -47.28 60.60 41.12
N ASP Q 434 -46.31 61.21 41.81
CA ASP Q 434 -45.64 62.38 41.26
C ASP Q 434 -44.47 61.98 40.37
N ASN Q 435 -43.57 61.15 40.89
CA ASN Q 435 -42.40 60.70 40.12
C ASN Q 435 -42.75 59.59 39.13
N SER Q 436 -43.94 59.01 39.22
CA SER Q 436 -44.38 57.96 38.33
C SER Q 436 -45.81 58.24 37.91
N ALA Q 437 -46.12 57.96 36.64
CA ALA Q 437 -47.44 58.28 36.10
C ALA Q 437 -48.55 57.46 36.73
N THR Q 438 -48.23 56.34 37.37
CA THR Q 438 -49.26 55.49 37.95
C THR Q 438 -49.98 56.22 39.08
N ALA Q 439 -51.28 55.93 39.22
CA ALA Q 439 -52.12 56.54 40.22
C ALA Q 439 -52.56 55.48 41.23
N GLY Q 440 -52.36 55.77 42.51
CA GLY Q 440 -52.79 54.89 43.57
C GLY Q 440 -54.23 55.12 43.96
N GLN Q 441 -54.67 54.36 44.97
CA GLN Q 441 -56.02 54.46 45.50
C GLN Q 441 -55.97 55.00 46.93
N TYR Q 442 -56.65 56.11 47.17
CA TYR Q 442 -56.77 56.65 48.52
C TYR Q 442 -58.12 56.22 49.10
N ALA Q 443 -58.22 54.92 49.34
CA ALA Q 443 -59.45 54.30 49.81
C ALA Q 443 -59.10 52.99 50.50
N SER Q 444 -60.11 52.14 50.72
CA SER Q 444 -59.87 50.85 51.36
C SER Q 444 -58.92 49.97 50.56
N ALA Q 445 -58.85 50.17 49.23
CA ALA Q 445 -57.85 49.47 48.45
C ALA Q 445 -56.44 49.87 48.88
N ASP Q 446 -56.22 51.17 49.07
CA ASP Q 446 -55.02 51.71 49.73
C ASP Q 446 -53.74 51.22 49.05
N GLY Q 447 -53.57 51.63 47.80
CA GLY Q 447 -52.35 51.38 47.05
C GLY Q 447 -52.50 50.51 45.82
N ALA Q 448 -53.65 49.88 45.61
CA ALA Q 448 -53.84 49.11 44.39
C ALA Q 448 -53.85 50.04 43.18
N LYS Q 449 -52.96 49.77 42.24
CA LYS Q 449 -52.84 50.63 41.06
C LYS Q 449 -54.13 50.62 40.26
N VAL Q 450 -54.60 51.80 39.87
CA VAL Q 450 -55.86 51.95 39.15
C VAL Q 450 -55.58 51.84 37.65
N LEU Q 451 -56.53 51.25 36.93
CA LEU Q 451 -56.40 51.07 35.50
C LEU Q 451 -57.72 51.40 34.82
N VAL Q 452 -57.64 51.77 33.55
CA VAL Q 452 -58.82 52.07 32.74
C VAL Q 452 -59.18 50.81 31.96
N GLY Q 453 -60.35 50.26 32.21
CA GLY Q 453 -60.78 49.04 31.57
C GLY Q 453 -61.22 49.28 30.14
N SER Q 454 -61.53 48.18 29.46
CA SER Q 454 -62.02 48.23 28.08
C SER Q 454 -63.36 48.95 28.05
N ASP Q 455 -63.36 50.17 27.54
CA ASP Q 455 -64.54 51.04 27.51
C ASP Q 455 -65.10 51.30 28.91
N GLY Q 456 -64.33 51.03 29.95
CA GLY Q 456 -64.72 51.31 31.30
C GLY Q 456 -64.15 52.62 31.80
N LYS Q 457 -64.81 53.20 32.80
CA LYS Q 457 -64.34 54.46 33.36
C LYS Q 457 -62.96 54.31 33.98
N LEU Q 458 -62.86 53.49 35.03
CA LEU Q 458 -61.58 53.16 35.66
C LEU Q 458 -61.83 52.03 36.64
N THR Q 459 -60.93 51.04 36.62
CA THR Q 459 -61.07 49.85 37.45
C THR Q 459 -59.81 49.65 38.27
N THR Q 460 -59.83 48.63 39.12
CA THR Q 460 -58.71 48.36 40.02
C THR Q 460 -57.85 47.18 39.55
N GLU Q 461 -58.45 46.15 38.97
CA GLU Q 461 -57.70 44.99 38.56
C GLU Q 461 -57.16 45.18 37.15
N THR Q 462 -55.97 44.63 36.89
CA THR Q 462 -55.18 44.99 35.72
C THR Q 462 -55.76 44.48 34.40
N THR Q 463 -56.65 43.49 34.43
CA THR Q 463 -57.18 42.95 33.18
C THR Q 463 -58.69 43.12 33.10
N SER Q 464 -59.29 42.56 32.05
CA SER Q 464 -60.73 42.57 31.88
C SER Q 464 -61.10 41.48 30.88
N ALA Q 465 -62.40 41.22 30.79
CA ALA Q 465 -62.89 40.15 29.93
C ALA Q 465 -62.58 40.45 28.46
N GLY Q 466 -62.15 39.43 27.74
CA GLY Q 466 -61.86 39.54 26.33
C GLY Q 466 -63.10 39.39 25.48
N ASP Q 467 -62.87 39.12 24.19
CA ASP Q 467 -63.95 38.98 23.24
C ASP Q 467 -64.09 37.58 22.65
N LYS Q 468 -63.09 36.70 22.81
CA LYS Q 468 -63.29 35.25 22.57
C LYS Q 468 -64.27 34.67 23.59
N THR Q 469 -64.94 33.59 23.19
CA THR Q 469 -65.82 32.88 24.11
C THR Q 469 -64.98 32.28 25.24
N THR Q 470 -65.50 32.40 26.47
CA THR Q 470 -64.69 32.11 27.64
C THR Q 470 -64.20 30.67 27.65
N ASP Q 471 -65.11 29.71 27.45
CA ASP Q 471 -64.75 28.29 27.39
C ASP Q 471 -65.38 27.71 26.12
N PRO Q 472 -64.71 27.86 24.98
CA PRO Q 472 -65.31 27.39 23.72
C PRO Q 472 -65.63 25.91 23.71
N LEU Q 473 -64.77 25.09 24.31
CA LEU Q 473 -64.99 23.64 24.26
C LEU Q 473 -66.19 23.23 25.12
N LYS Q 474 -66.42 23.92 26.24
CA LYS Q 474 -67.62 23.64 27.02
C LYS Q 474 -68.89 23.97 26.24
N THR Q 475 -68.90 25.11 25.55
CA THR Q 475 -70.06 25.46 24.73
C THR Q 475 -70.27 24.45 23.62
N LEU Q 476 -69.16 24.02 22.99
CA LEU Q 476 -69.27 23.02 21.93
C LEU Q 476 -69.79 21.69 22.47
N ASP Q 477 -69.35 21.29 23.67
CA ASP Q 477 -69.86 20.07 24.27
C ASP Q 477 -71.33 20.19 24.62
N ALA Q 478 -71.77 21.38 25.05
CA ALA Q 478 -73.20 21.59 25.28
C ALA Q 478 -73.98 21.45 23.98
N ALA Q 479 -73.44 22.00 22.90
CA ALA Q 479 -74.09 21.86 21.59
C ALA Q 479 -74.15 20.39 21.18
N PHE Q 480 -73.07 19.64 21.41
CA PHE Q 480 -73.10 18.21 21.13
C PHE Q 480 -74.17 17.51 21.94
N THR Q 481 -74.28 17.84 23.23
CA THR Q 481 -75.28 17.18 24.07
C THR Q 481 -76.68 17.45 23.56
N LYS Q 482 -76.96 18.71 23.21
CA LYS Q 482 -78.29 19.05 22.68
C LYS Q 482 -78.57 18.31 21.37
N LEU Q 483 -77.62 18.33 20.45
CA LEU Q 483 -77.83 17.71 19.15
C LEU Q 483 -77.99 16.20 19.28
N ASP Q 484 -77.18 15.58 20.12
CA ASP Q 484 -77.32 14.14 20.33
C ASP Q 484 -78.62 13.79 21.02
N LYS Q 485 -79.08 14.63 21.94
CA LYS Q 485 -80.40 14.39 22.55
C LYS Q 485 -81.49 14.41 21.48
N LEU Q 486 -81.47 15.41 20.61
CA LEU Q 486 -82.50 15.48 19.59
C LEU Q 486 -82.40 14.32 18.59
N THR Q 487 -81.18 13.98 18.16
CA THR Q 487 -81.06 12.90 17.18
C THR Q 487 -81.41 11.55 17.79
N GLY Q 488 -81.14 11.38 19.09
CA GLY Q 488 -81.59 10.17 19.76
C GLY Q 488 -83.09 10.10 19.87
N GLU Q 489 -83.74 11.24 20.12
CA GLU Q 489 -85.20 11.26 20.11
C GLU Q 489 -85.76 10.87 18.75
N LEU Q 490 -85.15 11.40 17.68
CA LEU Q 490 -85.60 11.05 16.33
C LEU Q 490 -85.34 9.58 16.03
N GLY Q 491 -84.21 9.03 16.47
CA GLY Q 491 -83.97 7.61 16.29
C GLY Q 491 -84.99 6.75 17.02
N ALA Q 492 -85.32 7.15 18.26
CA ALA Q 492 -86.32 6.42 19.02
C ALA Q 492 -87.67 6.46 18.32
N VAL Q 493 -88.08 7.63 17.84
CA VAL Q 493 -89.38 7.72 17.18
C VAL Q 493 -89.35 6.96 15.85
N GLN Q 494 -88.20 6.92 15.18
CA GLN Q 494 -88.10 6.14 13.95
C GLN Q 494 -88.29 4.66 14.24
N ASN Q 495 -87.63 4.15 15.28
CA ASN Q 495 -87.82 2.75 15.67
C ASN Q 495 -89.27 2.47 16.04
N ARG Q 496 -89.89 3.37 16.81
CA ARG Q 496 -91.28 3.15 17.20
C ARG Q 496 -92.19 3.13 16.00
N LEU Q 497 -91.97 4.02 15.02
CA LEU Q 497 -92.81 4.01 13.82
C LEU Q 497 -92.60 2.74 12.98
N GLU Q 498 -91.37 2.23 12.90
CA GLU Q 498 -91.19 0.95 12.22
C GLU Q 498 -91.98 -0.15 12.92
N SER Q 499 -91.91 -0.18 14.25
CA SER Q 499 -92.67 -1.17 15.01
C SER Q 499 -94.17 -1.00 14.81
N THR Q 500 -94.64 0.25 14.75
CA THR Q 500 -96.05 0.50 14.53
C THR Q 500 -96.48 0.03 13.15
N ILE Q 501 -95.64 0.22 12.13
CA ILE Q 501 -96.01 -0.28 10.81
C ILE Q 501 -96.11 -1.80 10.83
N ALA Q 502 -95.18 -2.48 11.51
CA ALA Q 502 -95.30 -3.92 11.62
C ALA Q 502 -96.60 -4.32 12.32
N ASN Q 503 -96.92 -3.62 13.42
CA ASN Q 503 -98.15 -3.93 14.16
C ASN Q 503 -99.39 -3.69 13.32
N LEU Q 504 -99.45 -2.53 12.65
CA LEU Q 504 -100.60 -2.21 11.82
C LEU Q 504 -100.75 -3.18 10.66
N ASN Q 505 -99.63 -3.60 10.07
CA ASN Q 505 -99.72 -4.61 9.01
C ASN Q 505 -100.30 -5.91 9.54
N ASN Q 506 -99.84 -6.35 10.72
CA ASN Q 506 -100.40 -7.58 11.30
C ASN Q 506 -101.89 -7.43 11.56
N VAL Q 507 -102.29 -6.31 12.15
CA VAL Q 507 -103.70 -6.11 12.48
C VAL Q 507 -104.54 -5.99 11.21
N VAL Q 508 -103.98 -5.38 10.16
CA VAL Q 508 -104.71 -5.25 8.90
C VAL Q 508 -104.94 -6.62 8.29
N ASN Q 509 -103.91 -7.47 8.28
CA ASN Q 509 -104.10 -8.81 7.74
C ASN Q 509 -105.11 -9.60 8.55
N ASN Q 510 -105.03 -9.51 9.87
CA ASN Q 510 -105.98 -10.25 10.71
C ASN Q 510 -107.41 -9.74 10.51
N LEU Q 511 -107.58 -8.43 10.35
CA LEU Q 511 -108.92 -7.89 10.14
C LEU Q 511 -109.45 -8.23 8.75
N SER Q 512 -108.55 -8.29 7.76
CA SER Q 512 -108.96 -8.75 6.44
C SER Q 512 -109.43 -10.19 6.49
N SER Q 513 -108.72 -11.04 7.23
CA SER Q 513 -109.21 -12.39 7.46
C SER Q 513 -110.56 -12.37 8.19
N ALA Q 514 -110.73 -11.45 9.13
CA ALA Q 514 -111.99 -11.34 9.85
C ALA Q 514 -113.15 -11.05 8.90
N ARG Q 515 -112.97 -10.08 8.01
CA ARG Q 515 -114.04 -9.77 7.07
C ARG Q 515 -114.24 -10.88 6.06
N SER Q 516 -113.16 -11.58 5.70
CA SER Q 516 -113.29 -12.73 4.81
C SER Q 516 -114.16 -13.82 5.44
N ARG Q 517 -113.97 -14.06 6.73
CA ARG Q 517 -114.73 -15.11 7.41
C ARG Q 517 -116.22 -14.83 7.44
N ILE Q 518 -116.64 -13.58 7.30
CA ILE Q 518 -118.05 -13.22 7.41
C ILE Q 518 -118.62 -12.63 6.14
N GLN Q 519 -117.80 -12.09 5.22
CA GLN Q 519 -118.30 -11.42 4.04
C GLN Q 519 -118.04 -12.21 2.76
N ASP Q 520 -116.83 -12.72 2.58
CA ASP Q 520 -116.49 -13.41 1.35
C ASP Q 520 -117.29 -14.71 1.22
N ALA Q 521 -117.56 -15.09 -0.02
CA ALA Q 521 -118.38 -16.26 -0.32
C ALA Q 521 -117.52 -17.50 -0.47
N ASP Q 522 -118.01 -18.61 0.06
CA ASP Q 522 -117.33 -19.90 -0.06
C ASP Q 522 -117.75 -20.54 -1.38
N TYR Q 523 -116.88 -20.48 -2.38
CA TYR Q 523 -117.21 -20.99 -3.70
C TYR Q 523 -117.50 -22.49 -3.69
N ALA Q 524 -116.87 -23.23 -2.79
CA ALA Q 524 -117.07 -24.68 -2.77
C ALA Q 524 -118.54 -25.03 -2.51
N THR Q 525 -119.19 -24.34 -1.58
CA THR Q 525 -120.59 -24.60 -1.33
C THR Q 525 -121.52 -23.80 -2.24
N GLU Q 526 -121.09 -22.62 -2.69
CA GLU Q 526 -121.93 -21.84 -3.58
C GLU Q 526 -122.12 -22.54 -4.93
N VAL Q 527 -121.06 -23.15 -5.47
CA VAL Q 527 -121.18 -23.85 -6.73
C VAL Q 527 -122.09 -25.06 -6.60
N SER Q 528 -121.97 -25.79 -5.49
CA SER Q 528 -122.86 -26.93 -5.27
C SER Q 528 -124.31 -26.47 -5.13
N ASN Q 529 -124.53 -25.35 -4.44
CA ASN Q 529 -125.88 -24.81 -4.33
C ASN Q 529 -126.43 -24.44 -5.69
N MET Q 530 -125.60 -23.83 -6.55
CA MET Q 530 -126.04 -23.49 -7.89
C MET Q 530 -126.38 -24.75 -8.69
N SER Q 531 -125.56 -25.79 -8.56
CA SER Q 531 -125.82 -27.03 -9.29
C SER Q 531 -127.13 -27.67 -8.85
N LYS Q 532 -127.36 -27.73 -7.54
CA LYS Q 532 -128.61 -28.28 -7.04
C LYS Q 532 -129.79 -27.43 -7.46
N ALA Q 533 -129.61 -26.10 -7.51
CA ALA Q 533 -130.68 -25.22 -7.95
C ALA Q 533 -131.01 -25.46 -9.42
N GLN Q 534 -130.00 -25.63 -10.26
CA GLN Q 534 -130.26 -25.92 -11.67
C GLN Q 534 -130.97 -27.26 -11.83
N ILE Q 535 -130.55 -28.26 -11.07
CA ILE Q 535 -131.20 -29.56 -11.11
C ILE Q 535 -132.67 -29.42 -10.72
N LEU Q 536 -132.93 -28.69 -9.64
CA LEU Q 536 -134.30 -28.46 -9.21
C LEU Q 536 -135.09 -27.68 -10.24
N GLN Q 537 -134.43 -26.78 -10.97
CA GLN Q 537 -135.12 -26.00 -11.99
C GLN Q 537 -135.58 -26.88 -13.14
N GLN Q 538 -134.67 -27.71 -13.66
CA GLN Q 538 -135.05 -28.61 -14.75
C GLN Q 538 -136.12 -29.59 -14.29
N ALA Q 539 -135.97 -30.15 -13.08
CA ALA Q 539 -136.98 -31.06 -12.56
C ALA Q 539 -138.32 -30.37 -12.41
N GLY Q 540 -138.31 -29.12 -11.92
CA GLY Q 540 -139.56 -28.39 -11.74
C GLY Q 540 -140.24 -28.11 -13.06
N THR Q 541 -139.46 -27.71 -14.08
CA THR Q 541 -140.07 -27.48 -15.38
C THR Q 541 -140.68 -28.76 -15.94
N SER Q 542 -139.98 -29.88 -15.83
CA SER Q 542 -140.51 -31.14 -16.34
C SER Q 542 -141.79 -31.55 -15.61
N VAL Q 543 -141.76 -31.51 -14.27
CA VAL Q 543 -142.91 -31.94 -13.51
C VAL Q 543 -144.07 -30.98 -13.70
N LEU Q 544 -143.80 -29.69 -13.88
CA LEU Q 544 -144.85 -28.74 -14.20
C LEU Q 544 -145.49 -29.07 -15.54
N ALA Q 545 -144.68 -29.45 -16.53
CA ALA Q 545 -145.25 -29.88 -17.80
C ALA Q 545 -146.18 -31.07 -17.60
N GLN Q 546 -145.68 -32.14 -16.97
CA GLN Q 546 -146.51 -33.33 -16.78
C GLN Q 546 -147.77 -33.02 -15.99
N ALA Q 547 -147.68 -32.09 -15.03
CA ALA Q 547 -148.89 -31.63 -14.36
C ALA Q 547 -149.83 -30.92 -15.32
N ASN Q 548 -149.27 -30.22 -16.31
CA ASN Q 548 -150.13 -29.59 -17.31
C ASN Q 548 -150.82 -30.60 -18.20
N GLN Q 549 -150.22 -31.76 -18.45
CA GLN Q 549 -150.97 -32.80 -19.16
C GLN Q 549 -151.85 -33.64 -18.24
N VAL Q 550 -151.87 -33.37 -16.93
CA VAL Q 550 -152.77 -34.10 -16.04
C VAL Q 550 -154.24 -33.92 -16.43
N PRO Q 551 -154.74 -32.70 -16.69
CA PRO Q 551 -156.15 -32.58 -17.08
C PRO Q 551 -156.45 -33.06 -18.49
N GLN Q 552 -155.44 -33.33 -19.31
CA GLN Q 552 -155.72 -33.84 -20.66
C GLN Q 552 -156.39 -35.20 -20.62
N THR Q 553 -156.08 -36.03 -19.62
CA THR Q 553 -156.74 -37.32 -19.51
C THR Q 553 -158.24 -37.16 -19.35
N VAL Q 554 -158.69 -36.05 -18.75
CA VAL Q 554 -160.11 -35.74 -18.73
C VAL Q 554 -160.64 -35.56 -20.15
N LEU Q 555 -159.82 -34.98 -21.02
CA LEU Q 555 -160.23 -34.76 -22.40
C LEU Q 555 -160.04 -36.03 -23.21
N SER Q 556 -160.53 -37.15 -22.69
CA SER Q 556 -160.61 -38.39 -23.45
C SER Q 556 -162.04 -38.89 -23.57
N LEU Q 557 -162.74 -39.03 -22.45
CA LEU Q 557 -164.16 -39.33 -22.49
C LEU Q 557 -164.92 -38.07 -22.87
N LEU Q 558 -165.97 -38.25 -23.68
CA LEU Q 558 -166.74 -37.11 -24.16
C LEU Q 558 -168.19 -37.51 -24.44
N ALA R 2 -139.02 -9.81 -40.52
CA ALA R 2 -139.68 -10.75 -41.42
C ALA R 2 -139.19 -12.18 -41.17
N ALA R 3 -140.05 -13.15 -41.41
CA ALA R 3 -139.75 -14.55 -41.14
C ALA R 3 -139.42 -15.32 -42.43
N VAL R 4 -138.74 -14.66 -43.35
CA VAL R 4 -138.41 -15.27 -44.63
C VAL R 4 -137.06 -15.97 -44.55
N ILE R 5 -136.87 -16.96 -45.42
CA ILE R 5 -135.65 -17.76 -45.44
C ILE R 5 -134.85 -17.59 -46.71
N ASN R 6 -135.41 -16.96 -47.76
CA ASN R 6 -134.72 -16.89 -49.04
C ASN R 6 -133.41 -16.10 -48.94
N THR R 7 -133.42 -14.99 -48.21
CA THR R 7 -132.22 -14.22 -47.98
C THR R 7 -132.13 -13.85 -46.50
N ASN R 8 -130.91 -13.86 -45.98
CA ASN R 8 -130.64 -13.58 -44.57
C ASN R 8 -129.77 -12.33 -44.50
N TYR R 9 -130.39 -11.18 -44.23
CA TYR R 9 -129.63 -9.94 -44.16
C TYR R 9 -128.65 -9.97 -43.00
N LEU R 10 -129.03 -10.58 -41.87
CA LEU R 10 -128.13 -10.67 -40.73
C LEU R 10 -126.87 -11.45 -41.09
N SER R 11 -127.03 -12.55 -41.84
CA SER R 11 -125.87 -13.31 -42.26
C SER R 11 -124.96 -12.48 -43.15
N LEU R 12 -125.53 -11.69 -44.05
CA LEU R 12 -124.73 -10.85 -44.93
C LEU R 12 -123.95 -9.80 -44.13
N VAL R 13 -124.61 -9.17 -43.16
CA VAL R 13 -123.93 -8.17 -42.34
C VAL R 13 -122.79 -8.82 -41.55
N ALA R 14 -123.05 -9.99 -40.98
CA ALA R 14 -122.01 -10.72 -40.27
C ALA R 14 -120.85 -11.06 -41.18
N GLN R 15 -121.14 -11.45 -42.42
CA GLN R 15 -120.07 -11.73 -43.38
C GLN R 15 -119.24 -10.49 -43.65
N ASN R 16 -119.89 -9.33 -43.81
CA ASN R 16 -119.14 -8.10 -44.05
C ASN R 16 -118.23 -7.78 -42.88
N ASN R 17 -118.75 -7.83 -41.65
CA ASN R 17 -117.92 -7.52 -40.50
C ASN R 17 -116.79 -8.52 -40.34
N LEU R 18 -117.05 -9.79 -40.64
CA LEU R 18 -115.99 -10.80 -40.60
C LEU R 18 -114.90 -10.47 -41.62
N ASN R 19 -115.29 -10.04 -42.82
CA ASN R 19 -114.29 -9.67 -43.82
C ASN R 19 -113.46 -8.48 -43.38
N LYS R 20 -114.10 -7.48 -42.78
CA LYS R 20 -113.33 -6.33 -42.29
C LYS R 20 -112.34 -6.75 -41.20
N SER R 21 -112.80 -7.57 -40.26
CA SER R 21 -111.90 -8.04 -39.20
C SER R 21 -110.75 -8.86 -39.79
N GLN R 22 -111.04 -9.67 -40.80
CA GLN R 22 -109.99 -10.49 -41.42
C GLN R 22 -108.99 -9.62 -42.16
N SER R 23 -109.45 -8.55 -42.81
CA SER R 23 -108.51 -7.64 -43.47
C SER R 23 -107.60 -6.98 -42.45
N SER R 24 -108.16 -6.56 -41.32
CA SER R 24 -107.32 -5.99 -40.26
C SER R 24 -106.32 -7.02 -39.74
N LEU R 25 -106.77 -8.26 -39.57
CA LEU R 25 -105.85 -9.33 -39.15
C LEU R 25 -104.75 -9.53 -40.16
N GLY R 26 -105.10 -9.49 -41.46
CA GLY R 26 -104.10 -9.70 -42.48
C GLY R 26 -103.04 -8.61 -42.50
N THR R 27 -103.47 -7.36 -42.43
CA THR R 27 -102.47 -6.29 -42.42
C THR R 27 -101.62 -6.33 -41.15
N ALA R 28 -102.22 -6.65 -40.00
CA ALA R 28 -101.43 -6.79 -38.78
C ALA R 28 -100.41 -7.93 -38.89
N ILE R 29 -100.83 -9.05 -39.47
CA ILE R 29 -99.94 -10.19 -39.60
C ILE R 29 -98.79 -9.88 -40.55
N GLU R 30 -99.08 -9.20 -41.67
CA GLU R 30 -98.01 -8.80 -42.57
C GLU R 30 -97.03 -7.87 -41.89
N ARG R 31 -97.54 -6.88 -41.16
CA ARG R 31 -96.64 -5.94 -40.49
C ARG R 31 -95.84 -6.60 -39.39
N LEU R 32 -96.38 -7.64 -38.75
CA LEU R 32 -95.62 -8.37 -37.74
C LEU R 32 -94.55 -9.24 -38.38
N SER R 33 -94.89 -9.96 -39.44
CA SER R 33 -93.95 -10.87 -40.07
C SER R 33 -92.80 -10.11 -40.72
N SER R 34 -93.12 -9.09 -41.53
CA SER R 34 -92.06 -8.34 -42.20
C SER R 34 -91.31 -7.46 -41.21
N GLY R 35 -91.97 -6.99 -40.16
CA GLY R 35 -91.39 -6.02 -39.26
C GLY R 35 -91.42 -4.60 -39.78
N LEU R 36 -91.96 -4.38 -40.97
CA LEU R 36 -92.02 -3.07 -41.59
C LEU R 36 -93.47 -2.62 -41.62
N ARG R 37 -93.74 -1.46 -41.00
CA ARG R 37 -95.10 -0.94 -41.04
C ARG R 37 -95.53 -0.61 -42.46
N ILE R 38 -94.65 0.00 -43.23
CA ILE R 38 -94.97 0.43 -44.59
C ILE R 38 -94.34 -0.57 -45.57
N ASN R 39 -95.11 -1.60 -45.90
CA ASN R 39 -94.85 -2.46 -47.03
C ASN R 39 -96.14 -2.61 -47.81
N SER R 40 -96.03 -2.86 -49.11
CA SER R 40 -97.19 -2.82 -50.00
C SER R 40 -97.83 -1.43 -49.96
N ALA R 41 -97.11 -0.48 -50.58
CA ALA R 41 -97.21 0.96 -50.36
C ALA R 41 -98.61 1.51 -50.16
N LYS R 42 -99.64 0.77 -50.59
CA LYS R 42 -101.03 1.17 -50.38
C LYS R 42 -101.29 1.71 -48.97
N ASP R 43 -100.51 1.28 -47.98
CA ASP R 43 -100.52 1.90 -46.67
C ASP R 43 -99.40 2.94 -46.61
N ASP R 44 -99.78 4.20 -46.39
CA ASP R 44 -98.82 5.30 -46.27
C ASP R 44 -97.95 5.42 -47.53
N ALA R 45 -98.61 5.75 -48.64
CA ALA R 45 -97.92 5.79 -49.92
C ALA R 45 -96.76 6.77 -49.91
N ALA R 46 -96.97 7.96 -49.33
CA ALA R 46 -95.86 8.91 -49.21
C ALA R 46 -94.80 8.41 -48.23
N GLY R 47 -95.21 7.65 -47.22
CA GLY R 47 -94.26 7.11 -46.27
C GLY R 47 -93.25 6.20 -46.92
N MET R 48 -93.69 5.35 -47.86
CA MET R 48 -92.74 4.47 -48.52
C MET R 48 -91.78 5.25 -49.42
N ALA R 49 -92.25 6.31 -50.07
CA ALA R 49 -91.33 7.14 -50.84
C ALA R 49 -90.28 7.78 -49.94
N ILE R 50 -90.69 8.30 -48.79
CA ILE R 50 -89.75 8.91 -47.88
C ILE R 50 -88.76 7.88 -47.34
N ALA R 51 -89.25 6.69 -46.99
CA ALA R 51 -88.38 5.64 -46.50
C ALA R 51 -87.43 5.14 -47.58
N ASN R 52 -87.89 5.10 -48.83
CA ASN R 52 -87.03 4.76 -49.95
C ASN R 52 -85.88 5.77 -50.08
N ARG R 53 -86.21 7.06 -50.00
CA ARG R 53 -85.16 8.07 -50.05
C ARG R 53 -84.20 7.91 -48.87
N PHE R 54 -84.73 7.57 -47.69
CA PHE R 54 -83.89 7.37 -46.52
C PHE R 54 -82.94 6.18 -46.72
N THR R 55 -83.45 5.07 -47.26
CA THR R 55 -82.59 3.92 -47.51
C THR R 55 -81.50 4.29 -48.51
N ALA R 56 -81.86 4.98 -49.59
CA ALA R 56 -80.86 5.38 -50.55
C ALA R 56 -79.79 6.24 -49.90
N ASN R 57 -80.21 7.23 -49.09
CA ASN R 57 -79.25 8.13 -48.47
C ASN R 57 -78.35 7.40 -47.47
N VAL R 58 -78.93 6.56 -46.61
CA VAL R 58 -78.13 5.88 -45.60
C VAL R 58 -77.15 4.91 -46.24
N ARG R 59 -77.61 4.16 -47.24
CA ARG R 59 -76.74 3.19 -47.90
C ARG R 59 -75.61 3.89 -48.64
N GLY R 60 -75.94 4.97 -49.36
CA GLY R 60 -74.91 5.73 -50.03
C GLY R 60 -73.89 6.33 -49.06
N LEU R 61 -74.37 6.80 -47.92
CA LEU R 61 -73.44 7.42 -46.96
C LEU R 61 -72.56 6.37 -46.30
N THR R 62 -73.09 5.16 -46.05
CA THR R 62 -72.23 4.08 -45.56
C THR R 62 -71.15 3.74 -46.57
N GLN R 63 -71.53 3.63 -47.84
CA GLN R 63 -70.53 3.36 -48.87
C GLN R 63 -69.52 4.51 -48.97
N ALA R 64 -69.97 5.74 -48.74
CA ALA R 64 -69.06 6.87 -48.70
C ALA R 64 -68.11 6.78 -47.52
N ALA R 65 -68.58 6.25 -46.38
CA ALA R 65 -67.68 6.01 -45.26
C ALA R 65 -66.61 5.00 -45.64
N ARG R 66 -66.99 3.96 -46.37
CA ARG R 66 -65.97 3.02 -46.88
C ARG R 66 -64.99 3.73 -47.79
N ASN R 67 -65.48 4.62 -48.66
CA ASN R 67 -64.59 5.38 -49.54
C ASN R 67 -63.62 6.24 -48.73
N ALA R 68 -64.13 6.89 -47.68
CA ALA R 68 -63.27 7.70 -46.83
C ALA R 68 -62.22 6.85 -46.12
N ASN R 69 -62.60 5.64 -45.72
CA ASN R 69 -61.61 4.72 -45.16
C ASN R 69 -60.53 4.39 -46.17
N ASP R 70 -60.92 4.17 -47.42
CA ASP R 70 -59.92 3.96 -48.48
C ASP R 70 -59.01 5.16 -48.63
N GLY R 71 -59.57 6.37 -48.54
CA GLY R 71 -58.75 7.57 -48.63
C GLY R 71 -57.74 7.67 -47.50
N ILE R 72 -58.18 7.36 -46.27
CA ILE R 72 -57.24 7.37 -45.15
C ILE R 72 -56.15 6.32 -45.35
N SER R 73 -56.51 5.14 -45.84
CA SER R 73 -55.49 4.12 -46.06
C SER R 73 -54.46 4.57 -47.09
N LEU R 74 -54.93 5.18 -48.18
CA LEU R 74 -54.00 5.67 -49.19
C LEU R 74 -53.09 6.76 -48.61
N ALA R 75 -53.68 7.68 -47.85
CA ALA R 75 -52.89 8.73 -47.21
C ALA R 75 -51.88 8.14 -46.25
N GLN R 76 -52.26 7.08 -45.54
CA GLN R 76 -51.34 6.40 -44.64
C GLN R 76 -50.15 5.83 -45.39
N THR R 77 -50.40 5.16 -46.51
CA THR R 77 -49.29 4.60 -47.29
C THR R 77 -48.37 5.71 -47.80
N THR R 78 -48.96 6.78 -48.32
CA THR R 78 -48.14 7.88 -48.84
C THR R 78 -47.33 8.53 -47.74
N GLU R 79 -47.95 8.76 -46.58
CA GLU R 79 -47.26 9.38 -45.45
C GLU R 79 -46.17 8.48 -44.92
N GLY R 80 -46.41 7.16 -44.92
CA GLY R 80 -45.37 6.23 -44.49
C GLY R 80 -44.17 6.23 -45.42
N ALA R 81 -44.42 6.27 -46.72
CA ALA R 81 -43.30 6.37 -47.66
C ALA R 81 -42.53 7.68 -47.47
N ALA R 82 -43.26 8.79 -47.32
CA ALA R 82 -42.60 10.08 -47.13
C ALA R 82 -41.82 10.12 -45.82
N SER R 83 -42.31 9.43 -44.79
CA SER R 83 -41.63 9.45 -43.49
C SER R 83 -40.24 8.85 -43.57
N GLU R 84 -40.00 7.91 -44.48
CA GLU R 84 -38.69 7.31 -44.60
C GLU R 84 -37.86 7.98 -45.68
N VAL R 85 -38.50 8.57 -46.70
CA VAL R 85 -37.77 9.50 -47.56
C VAL R 85 -37.19 10.63 -46.72
N ASN R 86 -37.90 10.99 -45.64
CA ASN R 86 -37.37 11.97 -44.69
C ASN R 86 -36.06 11.49 -44.08
N THR R 87 -36.01 10.23 -43.67
CA THR R 87 -34.77 9.69 -43.10
C THR R 87 -33.66 9.67 -44.14
N HIS R 88 -33.99 9.36 -45.38
CA HIS R 88 -33.00 9.43 -46.44
C HIS R 88 -32.42 10.84 -46.56
N LEU R 89 -33.29 11.85 -46.56
CA LEU R 89 -32.80 13.22 -46.65
C LEU R 89 -31.98 13.60 -45.43
N GLN R 90 -32.37 13.12 -44.25
CA GLN R 90 -31.58 13.41 -43.05
C GLN R 90 -30.18 12.83 -43.17
N ARG R 91 -30.08 11.58 -43.62
CA ARG R 91 -28.77 10.97 -43.77
C ARG R 91 -27.95 11.69 -44.82
N ILE R 92 -28.58 12.08 -45.93
CA ILE R 92 -27.87 12.82 -46.97
C ILE R 92 -27.33 14.13 -46.41
N ARG R 93 -28.14 14.84 -45.62
CA ARG R 93 -27.70 16.09 -45.04
C ARG R 93 -26.54 15.88 -44.08
N GLU R 94 -26.63 14.86 -43.23
CA GLU R 94 -25.56 14.60 -42.27
C GLU R 94 -24.25 14.28 -42.98
N LEU R 95 -24.31 13.45 -44.03
CA LEU R 95 -23.09 13.11 -44.73
C LEU R 95 -22.59 14.27 -45.60
N THR R 96 -23.50 15.14 -46.04
CA THR R 96 -23.08 16.35 -46.73
C THR R 96 -22.28 17.25 -45.81
N VAL R 97 -22.74 17.38 -44.56
CA VAL R 97 -21.98 18.16 -43.58
C VAL R 97 -20.64 17.50 -43.30
N GLN R 98 -20.63 16.16 -43.21
CA GLN R 98 -19.38 15.47 -42.94
C GLN R 98 -18.37 15.67 -44.06
N ALA R 99 -18.82 15.51 -45.30
CA ALA R 99 -17.92 15.56 -46.45
C ALA R 99 -17.60 16.98 -46.89
N SER R 100 -18.36 17.97 -46.41
CA SER R 100 -18.02 19.35 -46.71
C SER R 100 -16.75 19.81 -46.01
N ASN R 101 -16.25 19.03 -45.07
CA ASN R 101 -14.97 19.31 -44.44
C ASN R 101 -13.85 19.19 -45.47
N GLY R 102 -12.79 19.96 -45.26
CA GLY R 102 -11.64 19.88 -46.14
C GLY R 102 -10.63 18.81 -45.80
N SER R 103 -10.71 18.23 -44.60
CA SER R 103 -9.76 17.21 -44.20
C SER R 103 -9.91 15.91 -44.98
N TYR R 104 -11.06 15.71 -45.62
CA TYR R 104 -11.30 14.47 -46.36
C TYR R 104 -10.69 14.57 -47.76
N SER R 105 -9.85 13.62 -48.11
CA SER R 105 -9.24 13.61 -49.43
C SER R 105 -10.26 13.15 -50.47
N GLN R 106 -9.84 13.08 -51.73
CA GLN R 106 -10.78 12.87 -52.83
C GLN R 106 -11.42 11.49 -52.77
N GLU R 107 -10.68 10.47 -52.32
CA GLU R 107 -11.22 9.12 -52.28
C GLU R 107 -12.40 9.01 -51.31
N GLN R 108 -12.27 9.62 -50.14
CA GLN R 108 -13.37 9.54 -49.16
C GLN R 108 -14.55 10.39 -49.58
N LEU R 109 -14.30 11.52 -50.24
CA LEU R 109 -15.40 12.26 -50.85
C LEU R 109 -16.10 11.42 -51.90
N ASP R 110 -15.33 10.62 -52.65
CA ASP R 110 -15.95 9.71 -53.61
C ASP R 110 -16.79 8.64 -52.92
N SER R 111 -16.32 8.14 -51.79
CA SER R 111 -17.12 7.16 -51.04
C SER R 111 -18.41 7.79 -50.53
N VAL R 112 -18.34 9.01 -50.02
CA VAL R 112 -19.55 9.72 -49.58
C VAL R 112 -20.49 9.93 -50.76
N GLN R 113 -19.93 10.30 -51.91
CA GLN R 113 -20.74 10.48 -53.11
C GLN R 113 -21.38 9.18 -53.55
N GLY R 114 -20.68 8.06 -53.42
CA GLY R 114 -21.29 6.78 -53.74
C GLY R 114 -22.45 6.45 -52.82
N GLU R 115 -22.27 6.67 -51.52
CA GLU R 115 -23.37 6.40 -50.58
C GLU R 115 -24.55 7.32 -50.87
N ILE R 116 -24.28 8.59 -51.16
CA ILE R 116 -25.36 9.54 -51.45
C ILE R 116 -26.05 9.19 -52.76
N ASN R 117 -25.29 8.69 -53.74
CA ASN R 117 -25.89 8.20 -54.97
C ASN R 117 -26.81 7.03 -54.67
N GLN R 118 -26.40 6.15 -53.76
CA GLN R 118 -27.29 5.09 -53.32
C GLN R 118 -28.57 5.65 -52.70
N ARG R 119 -28.43 6.69 -51.86
CA ARG R 119 -29.60 7.27 -51.23
C ARG R 119 -30.54 7.88 -52.26
N LEU R 120 -30.00 8.60 -53.23
CA LEU R 120 -30.83 9.20 -54.28
C LEU R 120 -31.51 8.12 -55.12
N ALA R 121 -30.76 7.07 -55.47
CA ALA R 121 -31.35 5.97 -56.22
C ALA R 121 -32.47 5.32 -55.43
N ASP R 122 -32.30 5.21 -54.11
CA ASP R 122 -33.35 4.63 -53.27
C ASP R 122 -34.56 5.55 -53.21
N ILE R 123 -34.35 6.86 -53.16
CA ILE R 123 -35.48 7.79 -53.19
C ILE R 123 -36.25 7.64 -54.49
N ASP R 124 -35.54 7.55 -55.60
CA ASP R 124 -36.19 7.36 -56.89
C ASP R 124 -36.92 6.01 -56.94
N ARG R 125 -36.32 4.97 -56.36
CA ARG R 125 -36.98 3.67 -56.30
C ARG R 125 -38.25 3.75 -55.46
N ILE R 126 -38.20 4.50 -54.36
CA ILE R 126 -39.38 4.68 -53.53
C ILE R 126 -40.48 5.36 -54.33
N SER R 127 -40.12 6.40 -55.08
CA SER R 127 -41.10 7.10 -55.89
C SER R 127 -41.71 6.18 -56.94
N GLU R 128 -40.89 5.37 -57.59
CA GLU R 128 -41.37 4.55 -58.69
C GLU R 128 -42.18 3.34 -58.21
N GLN R 129 -41.77 2.72 -57.10
CA GLN R 129 -42.32 1.44 -56.68
C GLN R 129 -43.42 1.56 -55.63
N THR R 130 -43.54 2.69 -54.95
CA THR R 130 -44.58 2.83 -53.93
C THR R 130 -45.94 2.74 -54.59
N ASP R 131 -46.67 1.67 -54.28
CA ASP R 131 -47.92 1.36 -54.96
C ASP R 131 -49.04 1.22 -53.94
N PHE R 132 -50.25 1.51 -54.39
CA PHE R 132 -51.44 1.34 -53.57
C PHE R 132 -52.60 1.08 -54.53
N ASN R 133 -53.04 -0.17 -54.62
CA ASN R 133 -54.13 -0.56 -55.50
C ASN R 133 -53.82 -0.14 -56.94
N GLY R 134 -52.67 -0.61 -57.43
CA GLY R 134 -52.28 -0.33 -58.80
C GLY R 134 -52.09 1.12 -59.12
N VAL R 135 -51.89 1.97 -58.12
CA VAL R 135 -51.70 3.40 -58.32
C VAL R 135 -50.39 3.80 -57.66
N LYS R 136 -49.45 4.30 -58.44
CA LYS R 136 -48.17 4.78 -57.91
C LYS R 136 -48.42 6.13 -57.27
N VAL R 137 -48.91 6.09 -56.03
CA VAL R 137 -49.41 7.30 -55.38
C VAL R 137 -48.31 8.33 -55.20
N LEU R 138 -47.13 7.92 -54.76
CA LEU R 138 -46.01 8.83 -54.57
C LEU R 138 -45.02 8.72 -55.73
N SER R 139 -45.49 9.06 -56.93
CA SER R 139 -44.66 8.88 -58.11
C SER R 139 -44.63 10.12 -58.99
N ASP R 140 -44.05 9.97 -60.18
CA ASP R 140 -43.95 11.09 -61.11
C ASP R 140 -45.29 11.44 -61.73
N SER R 141 -46.12 10.43 -62.00
CA SER R 141 -47.43 10.63 -62.61
C SER R 141 -48.48 10.21 -61.59
N ALA R 142 -48.90 11.17 -60.77
CA ALA R 142 -49.88 10.93 -59.70
C ALA R 142 -50.81 12.13 -59.64
N LYS R 143 -51.93 12.05 -60.34
CA LYS R 143 -52.91 13.13 -60.31
C LYS R 143 -53.67 13.10 -58.98
N PRO R 144 -54.20 14.25 -58.56
CA PRO R 144 -55.04 14.26 -57.35
C PRO R 144 -56.26 13.39 -57.52
N LEU R 145 -56.66 12.73 -56.44
CA LEU R 145 -57.77 11.78 -56.46
C LEU R 145 -59.09 12.54 -56.30
N THR R 146 -60.19 11.79 -56.23
CA THR R 146 -61.51 12.40 -56.06
C THR R 146 -62.11 12.06 -54.70
N LEU R 147 -62.23 10.78 -54.37
CA LEU R 147 -62.64 10.34 -53.03
C LEU R 147 -64.00 10.92 -52.64
N GLN R 148 -65.03 10.50 -53.38
CA GLN R 148 -66.38 10.99 -53.09
C GLN R 148 -66.81 10.57 -51.70
N VAL R 149 -67.19 11.54 -50.89
CA VAL R 149 -67.81 11.30 -49.59
C VAL R 149 -69.19 11.94 -49.62
N GLY R 150 -70.21 11.15 -49.33
CA GLY R 150 -71.58 11.56 -49.47
C GLY R 150 -72.17 11.18 -50.82
N ALA R 151 -73.49 11.06 -50.84
CA ALA R 151 -74.21 10.77 -52.08
C ALA R 151 -74.35 12.06 -52.87
N ASN R 152 -75.19 12.04 -53.92
CA ASN R 152 -75.51 13.23 -54.69
C ASN R 152 -74.24 13.83 -55.32
N ASP R 153 -73.71 13.09 -56.30
CA ASP R 153 -72.48 13.45 -57.00
C ASP R 153 -72.37 14.93 -57.25
N GLY R 154 -71.19 15.49 -57.02
CA GLY R 154 -70.95 16.90 -57.13
C GLY R 154 -69.98 17.37 -56.07
N GLU R 155 -69.69 16.49 -55.11
CA GLU R 155 -68.71 16.75 -54.07
C GLU R 155 -67.70 15.62 -54.04
N THR R 156 -66.44 15.98 -53.79
CA THR R 156 -65.33 15.05 -53.74
C THR R 156 -64.35 15.55 -52.69
N ILE R 157 -63.14 15.01 -52.72
CA ILE R 157 -62.06 15.45 -51.84
C ILE R 157 -60.79 15.45 -52.68
N THR R 158 -60.30 16.64 -53.02
CA THR R 158 -59.07 16.74 -53.80
C THR R 158 -57.91 16.29 -52.92
N LEU R 159 -57.36 15.12 -53.20
CA LEU R 159 -56.33 14.55 -52.34
C LEU R 159 -54.99 15.25 -52.51
N ASN R 160 -54.63 15.58 -53.75
CA ASN R 160 -53.51 16.47 -54.07
C ASN R 160 -52.18 15.91 -53.54
N LEU R 161 -51.78 14.79 -54.12
CA LEU R 161 -50.50 14.17 -53.82
C LEU R 161 -49.75 13.89 -55.12
N SER R 162 -48.46 14.21 -55.15
CA SER R 162 -47.67 13.95 -56.35
C SER R 162 -46.19 14.25 -56.10
N GLU R 163 -45.35 13.46 -56.77
CA GLU R 163 -43.99 13.86 -57.18
C GLU R 163 -43.09 14.23 -56.00
N ILE R 164 -42.77 13.21 -55.21
CA ILE R 164 -41.60 13.27 -54.34
C ILE R 164 -40.57 12.27 -54.86
N SER R 165 -39.43 12.79 -55.30
CA SER R 165 -38.34 12.00 -55.86
C SER R 165 -37.20 12.95 -56.16
N VAL R 166 -36.10 12.42 -56.69
CA VAL R 166 -35.14 13.29 -57.35
C VAL R 166 -35.78 13.86 -58.61
N LYS R 167 -35.17 14.93 -59.13
CA LYS R 167 -35.63 15.62 -60.33
C LYS R 167 -36.89 16.41 -60.00
N THR R 168 -37.42 16.24 -58.79
CA THR R 168 -38.51 17.08 -58.31
C THR R 168 -38.30 17.60 -56.90
N LEU R 169 -37.49 16.95 -56.06
CA LEU R 169 -37.01 17.59 -54.85
C LEU R 169 -35.92 18.61 -55.14
N GLY R 170 -35.46 18.68 -56.39
CA GLY R 170 -34.52 19.67 -56.83
C GLY R 170 -33.08 19.22 -56.88
N LEU R 171 -32.74 18.13 -56.19
CA LEU R 171 -31.35 17.69 -56.19
C LEU R 171 -30.94 17.25 -57.60
N ASP R 172 -31.43 16.09 -58.02
CA ASP R 172 -31.39 15.59 -59.39
C ASP R 172 -29.95 15.36 -59.86
N GLY R 173 -28.99 15.94 -59.15
CA GLY R 173 -27.59 15.79 -59.50
C GLY R 173 -26.68 15.89 -58.30
N PHE R 174 -27.26 15.73 -57.10
CA PHE R 174 -26.61 16.09 -55.85
C PHE R 174 -25.20 15.55 -55.75
N ASN R 175 -24.21 16.43 -55.72
CA ASN R 175 -22.82 16.00 -55.75
C ASN R 175 -22.03 16.72 -54.68
N VAL R 176 -21.14 15.99 -54.02
CA VAL R 176 -20.35 16.55 -52.94
C VAL R 176 -18.87 16.52 -53.30
N ASN R 177 -18.46 15.55 -54.13
CA ASN R 177 -17.06 15.45 -54.48
C ASN R 177 -16.68 16.50 -55.52
N GLY R 178 -17.24 16.40 -56.73
CA GLY R 178 -16.84 17.26 -57.83
C GLY R 178 -15.33 17.32 -57.90
N LYS R 179 -14.77 18.52 -57.94
CA LYS R 179 -13.36 18.69 -57.60
C LYS R 179 -13.17 19.97 -56.80
N GLY R 180 -14.25 20.69 -56.50
CA GLY R 180 -14.17 21.93 -55.77
C GLY R 180 -14.37 23.13 -56.70
N VAL R 181 -13.64 24.20 -56.44
CA VAL R 181 -13.69 25.41 -57.24
C VAL R 181 -12.49 25.35 -58.19
N THR R 182 -12.74 24.88 -59.41
CA THR R 182 -11.66 24.66 -60.36
C THR R 182 -11.04 25.98 -60.79
N GLN R 183 -9.71 26.00 -60.84
CA GLN R 183 -8.97 27.17 -61.27
C GLN R 183 -8.42 26.95 -62.68
N ASN R 184 -8.48 28.00 -63.48
CA ASN R 184 -8.03 27.90 -64.86
C ASN R 184 -6.51 27.91 -64.92
N ARG R 185 -5.97 27.47 -66.05
CA ARG R 185 -4.54 27.48 -66.30
C ARG R 185 -4.17 28.70 -67.13
N SER R 186 -2.95 29.20 -66.92
CA SER R 186 -2.50 30.40 -67.60
C SER R 186 -2.53 30.23 -69.11
N ALA R 187 -3.42 30.97 -69.78
CA ALA R 187 -3.47 30.94 -71.23
C ALA R 187 -2.18 31.53 -71.80
N THR R 188 -1.57 30.80 -72.72
CA THR R 188 -0.27 31.17 -73.26
C THR R 188 -0.33 31.27 -74.77
N VAL R 189 0.79 31.65 -75.37
CA VAL R 189 0.85 31.88 -76.81
C VAL R 189 0.51 30.62 -77.59
N THR R 190 0.82 29.45 -77.04
CA THR R 190 0.45 28.21 -77.72
C THR R 190 -1.07 28.09 -77.84
N ASP R 191 -1.79 28.31 -76.74
CA ASP R 191 -3.25 28.27 -76.79
C ASP R 191 -3.82 29.40 -77.64
N VAL R 192 -3.15 30.56 -77.61
CA VAL R 192 -3.62 31.70 -78.39
C VAL R 192 -3.53 31.39 -79.88
N ILE R 193 -2.39 30.88 -80.33
CA ILE R 193 -2.22 30.55 -81.74
C ILE R 193 -3.07 29.35 -82.10
N ALA R 194 -3.41 28.50 -81.12
CA ALA R 194 -4.28 27.36 -81.40
C ALA R 194 -5.67 27.80 -81.83
N GLN R 195 -6.22 28.83 -81.18
CA GLN R 195 -7.57 29.29 -81.48
C GLN R 195 -7.60 30.31 -82.61
N GLY R 196 -6.93 29.96 -83.71
CA GLY R 196 -6.92 30.82 -84.88
C GLY R 196 -6.33 32.19 -84.64
N GLY R 197 -5.47 32.34 -83.64
CA GLY R 197 -4.90 33.65 -83.35
C GLY R 197 -3.98 34.13 -84.47
N THR R 198 -3.93 35.44 -84.63
CA THR R 198 -3.11 36.07 -85.66
C THR R 198 -2.01 36.89 -84.99
N LEU R 199 -0.78 36.76 -85.48
CA LEU R 199 0.33 37.54 -84.97
C LEU R 199 0.12 39.02 -85.29
N GLN R 200 0.43 39.86 -84.32
CA GLN R 200 0.33 41.31 -84.48
C GLN R 200 1.62 42.05 -84.21
N GLY R 201 2.51 41.51 -83.38
CA GLY R 201 3.75 42.20 -83.06
C GLY R 201 4.59 41.50 -82.02
N ASP R 202 5.08 42.27 -81.03
CA ASP R 202 5.97 41.75 -80.00
C ASP R 202 5.14 40.92 -79.02
N GLY R 203 4.88 39.68 -79.41
CA GLY R 203 4.05 38.82 -78.60
C GLY R 203 2.62 39.27 -78.48
N THR R 204 2.16 40.11 -79.42
CA THR R 204 0.82 40.65 -79.39
C THR R 204 -0.04 39.87 -80.39
N TYR R 205 -1.19 39.39 -79.92
CA TYR R 205 -2.09 38.60 -80.73
C TYR R 205 -3.51 39.12 -80.57
N LYS R 206 -4.25 39.17 -81.66
CA LYS R 206 -5.62 39.66 -81.66
C LYS R 206 -6.55 38.48 -81.87
N ALA R 207 -7.20 38.03 -80.81
CA ALA R 207 -8.18 36.97 -80.90
C ALA R 207 -9.50 37.53 -81.42
N THR R 208 -9.97 36.98 -82.53
CA THR R 208 -11.17 37.47 -83.19
C THR R 208 -12.16 36.34 -83.38
N THR R 209 -13.45 36.68 -83.32
CA THR R 209 -14.50 35.69 -83.52
C THR R 209 -15.73 36.37 -84.10
N THR R 210 -16.12 35.96 -85.30
CA THR R 210 -17.27 36.52 -85.99
C THR R 210 -18.55 35.95 -85.39
N PHE R 211 -19.54 36.81 -85.23
CA PHE R 211 -20.76 36.47 -84.50
C PHE R 211 -22.00 36.67 -85.36
N ASN R 212 -21.86 36.58 -86.67
CA ASN R 212 -23.00 36.76 -87.58
C ASN R 212 -24.10 35.75 -87.25
N ALA R 213 -25.21 36.24 -86.72
CA ALA R 213 -26.23 35.39 -86.15
C ALA R 213 -27.55 36.15 -86.13
N ALA R 214 -28.50 35.71 -85.30
CA ALA R 214 -29.82 36.31 -85.18
C ALA R 214 -30.62 36.12 -86.45
N SER R 215 -30.75 34.87 -86.88
CA SER R 215 -31.52 34.54 -88.07
C SER R 215 -33.01 34.71 -87.80
N ALA R 216 -33.82 34.36 -88.80
CA ALA R 216 -35.27 34.51 -88.67
C ALA R 216 -35.82 33.63 -87.55
N GLU R 217 -35.36 32.38 -87.48
CA GLU R 217 -35.86 31.47 -86.45
C GLU R 217 -35.49 31.97 -85.05
N THR R 218 -34.26 32.41 -84.87
CA THR R 218 -33.81 32.89 -83.57
C THR R 218 -34.53 34.16 -83.14
N VAL R 219 -35.13 34.88 -84.06
CA VAL R 219 -35.91 36.07 -83.72
C VAL R 219 -37.37 35.72 -83.46
N LEU R 220 -37.96 34.88 -84.33
CA LEU R 220 -39.33 34.44 -84.12
C LEU R 220 -39.47 33.59 -82.86
N SER R 221 -38.38 33.05 -82.35
CA SER R 221 -38.46 32.27 -81.12
C SER R 221 -38.92 33.12 -79.93
N LYS R 222 -38.53 34.39 -79.89
CA LYS R 222 -38.85 35.28 -78.78
C LYS R 222 -39.85 36.36 -79.21
N LEU R 223 -40.84 35.97 -80.01
CA LEU R 223 -41.80 36.91 -80.58
C LEU R 223 -43.11 36.85 -79.80
N GLU R 224 -43.61 38.03 -79.42
CA GLU R 224 -44.95 38.14 -78.88
C GLU R 224 -45.70 39.34 -79.43
N ASP R 225 -45.03 40.21 -80.20
CA ASP R 225 -45.63 41.44 -80.72
C ASP R 225 -45.70 41.36 -82.25
N GLY R 226 -46.11 42.48 -82.86
CA GLY R 226 -46.31 42.52 -84.29
C GLY R 226 -45.04 42.82 -85.06
N ASN R 227 -44.92 42.18 -86.22
CA ASN R 227 -43.80 42.37 -87.13
C ASN R 227 -44.31 42.94 -88.45
N THR R 228 -43.42 43.05 -89.43
CA THR R 228 -43.79 43.61 -90.71
C THR R 228 -43.01 42.93 -91.83
N VAL R 229 -43.62 42.87 -93.01
CA VAL R 229 -42.99 42.33 -94.20
C VAL R 229 -43.24 43.30 -95.35
N ALA R 230 -42.18 43.69 -96.05
CA ALA R 230 -42.30 44.58 -97.19
C ALA R 230 -41.33 44.11 -98.27
N VAL R 231 -41.82 44.00 -99.50
CA VAL R 231 -41.03 43.54 -100.64
C VAL R 231 -40.44 44.79 -101.30
N GLY R 232 -39.29 45.22 -100.81
CA GLY R 232 -38.63 46.38 -101.39
C GLY R 232 -39.48 47.62 -101.31
N GLY R 233 -39.65 48.29 -102.44
CA GLY R 233 -40.45 49.50 -102.51
C GLY R 233 -41.90 49.25 -102.85
N GLY R 234 -42.34 48.01 -102.72
CA GLY R 234 -43.71 47.62 -103.01
C GLY R 234 -44.60 47.71 -101.79
N ALA R 235 -45.64 46.87 -101.78
CA ALA R 235 -46.59 46.86 -100.68
C ALA R 235 -45.92 46.30 -99.42
N THR R 236 -46.57 46.56 -98.28
CA THR R 236 -46.07 46.14 -96.98
C THR R 236 -47.17 45.43 -96.21
N TYR R 237 -46.81 44.37 -95.49
CA TYR R 237 -47.76 43.61 -94.69
C TYR R 237 -47.21 43.45 -93.28
N THR R 238 -48.11 43.52 -92.29
CA THR R 238 -47.76 43.39 -90.88
C THR R 238 -48.54 42.25 -90.26
N TYR R 239 -47.87 41.45 -89.43
CA TYR R 239 -48.46 40.31 -88.76
C TYR R 239 -48.26 40.45 -87.26
N ASP R 240 -49.22 39.93 -86.49
CA ASP R 240 -49.16 39.98 -85.03
C ASP R 240 -49.40 38.60 -84.47
N ALA R 241 -48.51 38.15 -83.60
CA ALA R 241 -48.58 36.81 -83.01
C ALA R 241 -49.33 36.90 -81.68
N ALA R 242 -50.64 36.67 -81.74
CA ALA R 242 -51.46 36.75 -80.53
C ALA R 242 -51.16 35.61 -79.58
N LYS R 243 -51.16 34.38 -80.09
CA LYS R 243 -50.93 33.18 -79.28
C LYS R 243 -49.89 32.26 -79.90
N GLY R 244 -49.00 32.82 -80.74
CA GLY R 244 -48.19 32.01 -81.63
C GLY R 244 -48.81 31.79 -82.98
N ASN R 245 -50.08 32.13 -83.15
CA ASN R 245 -50.76 32.12 -84.45
C ASN R 245 -50.93 33.57 -84.89
N PHE R 246 -50.31 33.92 -86.02
CA PHE R 246 -50.24 35.30 -86.44
C PHE R 246 -51.57 35.79 -86.99
N THR R 247 -51.81 37.09 -86.88
CA THR R 247 -52.99 37.75 -87.40
C THR R 247 -52.58 38.90 -88.30
N TYR R 248 -53.32 39.07 -89.39
CA TYR R 248 -53.03 40.10 -90.38
C TYR R 248 -54.23 40.22 -91.30
N THR R 249 -54.16 41.20 -92.20
CA THR R 249 -55.21 41.45 -93.18
C THR R 249 -54.61 41.50 -94.58
N LYS R 250 -55.35 40.97 -95.54
CA LYS R 250 -54.99 41.08 -96.94
C LYS R 250 -56.23 41.43 -97.75
N THR R 251 -56.05 42.30 -98.74
CA THR R 251 -57.16 42.73 -99.57
C THR R 251 -57.54 41.63 -100.56
N VAL R 252 -58.84 41.42 -100.73
CA VAL R 252 -59.38 40.51 -101.73
C VAL R 252 -60.06 41.37 -102.79
N ASP R 253 -59.55 41.31 -104.01
CA ASP R 253 -60.04 42.17 -105.07
C ASP R 253 -59.75 41.50 -106.42
N THR R 254 -59.94 42.26 -107.49
CA THR R 254 -59.78 41.76 -108.86
C THR R 254 -59.08 42.85 -109.67
N THR R 255 -59.11 42.70 -111.00
CA THR R 255 -58.46 43.64 -111.90
C THR R 255 -59.40 44.41 -112.79
N VAL R 256 -60.67 44.00 -112.90
CA VAL R 256 -61.62 44.60 -113.82
C VAL R 256 -62.64 45.40 -113.02
N GLY R 257 -62.68 46.71 -113.23
CA GLY R 257 -63.68 47.54 -112.59
C GLY R 257 -65.09 47.25 -113.08
N ALA R 258 -65.24 46.92 -114.35
CA ALA R 258 -66.56 46.72 -114.93
C ALA R 258 -67.19 45.40 -114.53
N ASP R 259 -66.41 44.45 -114.02
CA ASP R 259 -66.95 43.14 -113.66
C ASP R 259 -66.09 42.55 -112.55
N VAL R 260 -66.71 42.31 -111.39
CA VAL R 260 -66.00 41.78 -110.24
C VAL R 260 -66.66 40.49 -109.78
N THR R 261 -67.22 39.72 -110.72
CA THR R 261 -67.76 38.42 -110.37
C THR R 261 -66.70 37.52 -109.75
N ALA R 262 -65.46 37.66 -110.21
CA ALA R 262 -64.35 36.91 -109.60
C ALA R 262 -64.15 37.32 -108.15
N LEU R 263 -64.41 38.58 -107.82
CA LEU R 263 -64.31 39.01 -106.43
C LEU R 263 -65.33 38.30 -105.55
N ALA R 264 -66.56 38.18 -106.03
CA ALA R 264 -67.58 37.44 -105.29
C ALA R 264 -67.21 35.96 -105.18
N ASN R 265 -66.69 35.38 -106.26
CA ASN R 265 -66.30 33.99 -106.23
C ASN R 265 -65.00 33.76 -105.46
N LYS R 266 -64.30 34.83 -105.08
CA LYS R 266 -63.19 34.74 -104.14
C LYS R 266 -63.67 34.84 -102.70
N ILE R 267 -64.65 35.69 -102.44
CA ILE R 267 -65.18 35.82 -101.08
C ILE R 267 -65.96 34.57 -100.69
N LYS R 268 -66.72 34.01 -101.62
CA LYS R 268 -67.61 32.90 -101.30
C LYS R 268 -66.90 31.71 -100.67
N PRO R 269 -65.78 31.21 -101.20
CA PRO R 269 -65.10 30.08 -100.54
C PRO R 269 -64.64 30.40 -99.13
N SER R 270 -64.29 31.66 -98.84
CA SER R 270 -63.92 32.04 -97.49
C SER R 270 -65.07 31.81 -96.51
N SER R 271 -66.28 32.18 -96.92
CA SER R 271 -67.45 31.94 -96.08
C SER R 271 -67.72 30.44 -95.95
N GLY R 272 -67.55 29.69 -97.03
CA GLY R 272 -67.86 28.28 -97.03
C GLY R 272 -69.03 27.95 -97.91
N THR R 273 -69.75 26.87 -97.58
CA THR R 273 -70.92 26.46 -98.36
C THR R 273 -72.22 26.65 -97.58
N ILE R 274 -72.34 26.04 -96.41
CA ILE R 274 -73.54 26.15 -95.58
C ILE R 274 -73.11 26.44 -94.15
N SER R 275 -73.68 27.50 -93.57
CA SER R 275 -73.40 27.84 -92.18
C SER R 275 -74.68 28.42 -91.57
N GLY R 276 -74.56 28.94 -90.35
CA GLY R 276 -75.71 29.44 -89.63
C GLY R 276 -75.78 30.95 -89.51
N SER R 277 -75.46 31.46 -88.32
CA SER R 277 -75.59 32.89 -88.06
C SER R 277 -74.54 33.68 -88.82
N TYR R 278 -74.98 34.77 -89.46
CA TYR R 278 -74.12 35.73 -90.14
C TYR R 278 -74.38 37.12 -89.59
N GLU R 279 -73.62 38.10 -90.10
CA GLU R 279 -73.81 39.50 -89.77
C GLU R 279 -73.56 40.32 -91.02
N ILE R 280 -74.62 40.78 -91.66
CA ILE R 280 -74.53 41.57 -92.88
C ILE R 280 -74.74 43.04 -92.51
N SER R 281 -73.79 43.87 -92.90
CA SER R 281 -73.81 45.30 -92.57
C SER R 281 -73.93 46.14 -93.83
N THR R 282 -74.79 45.72 -94.75
CA THR R 282 -75.01 46.47 -95.97
C THR R 282 -75.65 47.82 -95.66
N GLY R 283 -75.47 48.76 -96.58
CA GLY R 283 -75.96 50.11 -96.35
C GLY R 283 -75.15 50.82 -95.30
N LYS R 284 -75.79 51.15 -94.17
CA LYS R 284 -75.10 51.82 -93.07
C LYS R 284 -75.06 50.99 -91.81
N SER R 285 -76.21 50.54 -91.30
CA SER R 285 -76.28 49.85 -90.02
C SER R 285 -77.25 48.68 -90.11
N ALA R 286 -77.17 47.89 -91.18
CA ALA R 286 -78.05 46.74 -91.32
C ALA R 286 -77.86 45.77 -90.15
N SER R 287 -76.66 45.20 -90.02
CA SER R 287 -76.29 44.40 -88.86
C SER R 287 -77.29 43.27 -88.62
N PHE R 288 -77.71 42.62 -89.71
CA PHE R 288 -78.67 41.53 -89.59
C PHE R 288 -78.03 40.30 -88.97
N ASP R 289 -78.85 39.27 -88.75
CA ASP R 289 -78.41 37.96 -88.27
C ASP R 289 -79.16 36.93 -89.10
N VAL R 290 -78.57 36.50 -90.20
CA VAL R 290 -79.25 35.70 -91.19
C VAL R 290 -78.79 34.25 -91.10
N ASP R 291 -79.49 33.37 -91.82
CA ASP R 291 -79.17 31.95 -91.91
C ASP R 291 -79.10 31.60 -93.39
N ALA R 292 -77.90 31.69 -93.96
CA ALA R 292 -77.71 31.48 -95.40
C ALA R 292 -77.34 30.03 -95.65
N ALA R 293 -78.33 29.25 -96.08
CA ALA R 293 -78.13 27.87 -96.55
C ALA R 293 -78.59 27.87 -98.00
N GLY R 294 -77.68 28.23 -98.90
CA GLY R 294 -78.07 28.50 -100.28
C GLY R 294 -78.62 29.90 -100.39
N LYS R 295 -79.94 30.03 -100.51
CA LYS R 295 -80.58 31.33 -100.43
C LYS R 295 -80.49 31.87 -99.02
N ILE R 296 -80.22 33.17 -98.90
CA ILE R 296 -80.04 33.81 -97.59
C ILE R 296 -81.41 34.07 -96.98
N THR R 297 -81.59 33.63 -95.74
CA THR R 297 -82.83 33.83 -95.01
C THR R 297 -82.53 34.33 -93.61
N ILE R 298 -83.54 34.94 -92.99
CA ILE R 298 -83.42 35.45 -91.63
C ILE R 298 -84.10 34.45 -90.70
N GLY R 299 -83.78 34.52 -89.41
CA GLY R 299 -84.39 33.62 -88.45
C GLY R 299 -85.90 33.72 -88.45
N GLY R 300 -86.55 32.69 -88.98
CA GLY R 300 -88.00 32.65 -89.06
C GLY R 300 -88.61 33.33 -90.27
N ASN R 301 -87.81 33.78 -91.24
CA ASN R 301 -88.37 34.49 -92.39
C ASN R 301 -87.39 34.43 -93.54
N ALA R 302 -87.87 34.83 -94.72
CA ALA R 302 -87.06 34.93 -95.93
C ALA R 302 -86.77 36.40 -96.21
N ALA R 303 -85.53 36.69 -96.60
CA ALA R 303 -85.05 38.05 -96.79
C ALA R 303 -84.84 38.34 -98.26
N PHE R 304 -85.46 39.42 -98.75
CA PHE R 304 -85.23 39.91 -100.10
C PHE R 304 -84.21 41.05 -100.07
N LEU R 305 -83.98 41.68 -101.21
CA LEU R 305 -82.94 42.70 -101.32
C LEU R 305 -83.46 43.86 -102.16
N ASN R 306 -83.45 45.05 -101.57
CA ASN R 306 -83.76 46.29 -102.28
C ASN R 306 -82.47 46.88 -102.82
N ALA R 307 -82.49 47.35 -104.07
CA ALA R 307 -81.27 47.68 -104.77
C ALA R 307 -81.40 49.00 -105.53
N ASP R 308 -80.25 49.43 -106.04
CA ASP R 308 -80.08 50.51 -107.03
C ASP R 308 -80.26 51.91 -106.44
N GLY R 309 -80.74 52.01 -105.20
CA GLY R 309 -80.59 53.26 -104.47
C GLY R 309 -79.52 53.12 -103.42
N GLU R 310 -79.65 52.05 -102.64
CA GLU R 310 -78.65 51.61 -101.68
C GLU R 310 -78.98 50.17 -101.35
N LEU R 311 -78.09 49.24 -101.68
CA LEU R 311 -78.45 47.83 -101.65
C LEU R 311 -78.58 47.37 -100.19
N THR R 312 -79.82 47.31 -99.71
CA THR R 312 -80.14 46.86 -98.37
C THR R 312 -80.97 45.59 -98.42
N THR R 313 -80.85 44.78 -97.36
CA THR R 313 -81.61 43.55 -97.22
C THR R 313 -82.83 43.82 -96.35
N ASN R 314 -84.00 43.45 -96.86
CA ASN R 314 -85.25 43.63 -96.12
C ASN R 314 -86.19 42.48 -96.42
N ASP R 315 -86.87 41.99 -95.39
CA ASP R 315 -87.82 40.89 -95.57
C ASP R 315 -89.05 41.31 -96.34
N ALA R 316 -89.43 42.59 -96.28
CA ALA R 316 -90.60 43.08 -96.99
C ALA R 316 -90.25 43.20 -98.47
N SER R 317 -90.85 42.34 -99.29
CA SER R 317 -90.53 42.30 -100.71
C SER R 317 -90.96 43.59 -101.41
N GLY R 318 -90.16 44.00 -102.39
CA GLY R 318 -90.48 45.13 -103.24
C GLY R 318 -90.82 44.69 -104.65
N ALA R 319 -91.05 45.69 -105.50
CA ALA R 319 -91.42 45.40 -106.88
C ALA R 319 -90.27 44.78 -107.67
N LEU R 320 -89.03 45.10 -107.31
CA LEU R 320 -87.86 44.68 -108.06
C LEU R 320 -86.83 44.04 -107.15
N THR R 321 -87.27 43.18 -106.23
CA THR R 321 -86.40 42.61 -105.21
C THR R 321 -86.13 41.14 -105.49
N GLN R 322 -84.95 40.69 -105.05
CA GLN R 322 -84.53 39.30 -105.21
C GLN R 322 -83.94 38.80 -103.90
N ALA R 323 -83.83 37.47 -103.79
CA ALA R 323 -83.39 36.82 -102.56
C ALA R 323 -82.40 35.72 -102.89
N THR R 324 -81.12 35.96 -102.63
CA THR R 324 -80.10 34.92 -102.71
C THR R 324 -78.82 35.43 -102.07
N LEU R 325 -77.93 34.49 -101.75
CA LEU R 325 -76.65 34.85 -101.13
C LEU R 325 -75.78 35.64 -102.11
N ASP R 326 -75.81 35.28 -103.39
CA ASP R 326 -74.96 35.95 -104.37
C ASP R 326 -75.29 37.43 -104.47
N ASP R 327 -76.58 37.78 -104.42
CA ASP R 327 -76.97 39.19 -104.46
C ASP R 327 -76.44 39.94 -103.26
N VAL R 328 -76.51 39.34 -102.06
CA VAL R 328 -75.98 39.99 -100.87
C VAL R 328 -74.47 40.18 -100.98
N LEU R 329 -73.78 39.15 -101.47
CA LEU R 329 -72.33 39.26 -101.64
C LEU R 329 -71.97 40.35 -102.64
N THR R 330 -72.73 40.45 -103.73
CA THR R 330 -72.50 41.52 -104.69
C THR R 330 -72.75 42.88 -104.06
N SER R 331 -73.82 43.00 -103.28
CA SER R 331 -74.12 44.25 -102.60
C SER R 331 -72.96 44.68 -101.71
N VAL R 332 -72.44 43.74 -100.93
CA VAL R 332 -71.30 44.05 -100.06
C VAL R 332 -70.08 44.42 -100.89
N GLY R 333 -69.83 43.68 -101.97
CA GLY R 333 -68.62 43.87 -102.74
C GLY R 333 -68.69 44.94 -103.82
N THR R 334 -69.86 45.18 -104.39
CA THR R 334 -70.01 46.07 -105.52
C THR R 334 -70.68 47.39 -105.17
N GLU R 335 -71.87 47.35 -104.58
CA GLU R 335 -72.66 48.54 -104.31
C GLU R 335 -72.63 48.93 -102.84
N ALA R 336 -71.54 48.61 -102.14
CA ALA R 336 -71.44 48.98 -100.73
C ALA R 336 -71.43 50.49 -100.55
N ASN R 337 -70.55 51.17 -101.28
CA ASN R 337 -70.39 52.62 -101.23
C ASN R 337 -70.13 53.14 -99.82
N SER R 338 -69.70 52.26 -98.91
CA SER R 338 -69.49 52.61 -97.51
C SER R 338 -68.78 51.44 -96.84
N SER R 339 -68.59 51.57 -95.53
CA SER R 339 -67.96 50.52 -94.72
C SER R 339 -68.99 49.41 -94.50
N VAL R 340 -69.10 48.55 -95.51
CA VAL R 340 -70.03 47.43 -95.50
C VAL R 340 -69.22 46.14 -95.31
N THR R 341 -69.65 45.30 -94.38
CA THR R 341 -68.93 44.08 -94.05
C THR R 341 -69.89 42.92 -93.90
N ILE R 342 -69.34 41.72 -94.05
CA ILE R 342 -70.06 40.48 -93.73
C ILE R 342 -69.41 39.91 -92.49
N GLY R 343 -70.14 39.94 -91.37
CA GLY R 343 -69.63 39.50 -90.09
C GLY R 343 -69.78 38.03 -89.80
N GLY R 344 -70.23 37.23 -90.76
CA GLY R 344 -70.47 35.84 -90.50
C GLY R 344 -69.21 35.00 -90.42
N THR R 345 -69.35 33.85 -89.76
CA THR R 345 -68.27 32.87 -89.59
C THR R 345 -67.03 33.52 -88.99
N LYS R 346 -67.24 34.38 -87.98
CA LYS R 346 -66.16 34.99 -87.22
C LYS R 346 -65.19 35.77 -88.11
N TYR R 347 -65.69 36.35 -89.18
CA TYR R 347 -64.90 37.16 -90.09
C TYR R 347 -65.53 38.53 -90.24
N SER R 348 -64.83 39.42 -90.95
CA SER R 348 -65.37 40.74 -91.24
C SER R 348 -64.80 41.18 -92.60
N HIS R 349 -65.54 40.90 -93.66
CA HIS R 349 -65.14 41.26 -95.02
C HIS R 349 -65.59 42.68 -95.32
N SER R 350 -64.95 43.63 -94.64
CA SER R 350 -65.28 45.03 -94.82
C SER R 350 -64.95 45.48 -96.23
N ALA R 351 -65.87 46.23 -96.83
CA ALA R 351 -65.67 46.80 -98.16
C ALA R 351 -64.84 48.07 -98.00
N ALA R 352 -63.52 47.90 -98.02
CA ALA R 352 -62.63 49.05 -97.92
C ALA R 352 -62.82 50.00 -99.09
N ASP R 353 -62.94 49.46 -100.30
CA ASP R 353 -63.23 50.24 -101.49
C ASP R 353 -64.38 49.59 -102.23
N GLU R 354 -65.41 50.38 -102.54
CA GLU R 354 -66.55 49.86 -103.28
C GLU R 354 -66.26 49.87 -104.77
N LEU R 355 -67.18 49.30 -105.54
CA LEU R 355 -67.06 49.26 -107.00
C LEU R 355 -67.88 50.39 -107.59
N SER R 356 -67.19 51.40 -108.12
CA SER R 356 -67.82 52.43 -108.92
C SER R 356 -67.98 52.00 -110.38
N TYR R 357 -67.70 50.72 -110.66
CA TYR R 357 -67.71 50.11 -111.99
C TYR R 357 -66.61 50.65 -112.88
N THR R 358 -65.74 51.53 -112.37
CA THR R 358 -64.53 51.96 -113.04
C THR R 358 -63.28 51.54 -112.28
N ALA R 359 -63.22 51.83 -110.99
CA ALA R 359 -62.13 51.40 -110.12
C ALA R 359 -62.54 50.12 -109.41
N VAL R 360 -61.61 49.16 -109.33
CA VAL R 360 -61.91 47.85 -108.78
C VAL R 360 -62.19 47.96 -107.29
N ALA R 361 -63.19 47.22 -106.82
CA ALA R 361 -63.59 47.24 -105.43
C ALA R 361 -62.63 46.46 -104.55
N THR R 362 -62.65 46.76 -103.26
CA THR R 362 -61.82 46.09 -102.27
C THR R 362 -62.70 45.58 -101.14
N THR R 363 -62.51 44.33 -100.76
CA THR R 363 -63.25 43.69 -99.68
C THR R 363 -62.27 43.12 -98.66
N ALA R 364 -61.31 43.93 -98.26
CA ALA R 364 -60.25 43.49 -97.37
C ALA R 364 -60.82 42.93 -96.07
N ASP R 365 -60.24 41.82 -95.62
CA ASP R 365 -60.63 41.16 -94.39
C ASP R 365 -59.38 40.76 -93.62
N VAL R 366 -59.52 40.68 -92.29
CA VAL R 366 -58.45 40.15 -91.45
C VAL R 366 -58.59 38.62 -91.50
N LEU R 367 -57.84 37.99 -92.42
CA LEU R 367 -57.97 36.56 -92.60
C LEU R 367 -57.18 35.76 -91.58
N SER R 368 -55.94 36.18 -91.30
CA SER R 368 -55.02 35.46 -90.41
C SER R 368 -54.76 34.03 -90.88
N ALA R 369 -55.05 33.75 -92.15
CA ALA R 369 -54.84 32.40 -92.68
C ALA R 369 -53.36 32.04 -92.72
N MET R 370 -52.47 33.03 -92.70
CA MET R 370 -51.03 32.83 -92.70
C MET R 370 -50.50 32.76 -91.25
N GLY R 371 -51.36 32.38 -90.31
CA GLY R 371 -51.09 32.60 -88.91
C GLY R 371 -49.98 31.77 -88.33
N SER R 372 -49.78 30.56 -88.83
CA SER R 372 -48.82 29.63 -88.23
C SER R 372 -47.43 30.26 -88.17
N SER R 373 -46.80 30.18 -87.00
CA SER R 373 -45.47 30.76 -86.83
C SER R 373 -44.46 30.08 -87.74
N THR R 374 -44.55 28.76 -87.88
CA THR R 374 -43.69 28.05 -88.81
C THR R 374 -43.94 28.52 -90.25
N ALA R 375 -45.20 28.76 -90.59
CA ALA R 375 -45.51 29.30 -91.92
C ALA R 375 -44.89 30.67 -92.11
N VAL R 376 -44.95 31.53 -91.09
CA VAL R 376 -44.33 32.84 -91.19
C VAL R 376 -42.83 32.70 -91.36
N SER R 377 -42.21 31.74 -90.67
CA SER R 377 -40.79 31.49 -90.89
C SER R 377 -40.52 31.06 -92.32
N THR R 378 -41.40 30.23 -92.90
CA THR R 378 -41.23 29.81 -94.29
C THR R 378 -41.28 31.01 -95.22
N VAL R 379 -42.29 31.87 -95.06
CA VAL R 379 -42.46 32.97 -96.00
C VAL R 379 -41.34 33.99 -95.85
N THR R 380 -40.88 34.23 -94.61
CA THR R 380 -39.80 35.17 -94.40
C THR R 380 -38.43 34.60 -94.74
N LEU R 381 -38.31 33.28 -94.88
CA LEU R 381 -37.06 32.67 -95.28
C LEU R 381 -36.89 32.62 -96.79
N GLY R 382 -37.97 32.31 -97.51
CA GLY R 382 -37.91 32.19 -98.96
C GLY R 382 -38.50 33.36 -99.70
N SER R 383 -38.57 34.53 -99.05
CA SER R 383 -39.13 35.70 -99.68
C SER R 383 -38.20 36.23 -100.78
N GLY R 384 -38.73 37.15 -101.57
CA GLY R 384 -37.96 37.76 -102.64
C GLY R 384 -37.07 38.88 -102.13
N ILE R 385 -37.04 40.01 -102.85
CA ILE R 385 -36.27 41.16 -102.42
C ILE R 385 -37.10 41.94 -101.41
N THR R 386 -36.93 41.62 -100.14
CA THR R 386 -37.76 42.15 -99.06
C THR R 386 -36.89 42.83 -98.01
N SER R 387 -37.55 43.54 -97.09
CA SER R 387 -36.91 44.19 -95.96
C SER R 387 -37.74 43.97 -94.70
N ALA R 388 -38.21 42.75 -94.49
CA ALA R 388 -39.10 42.46 -93.38
C ALA R 388 -38.41 42.68 -92.04
N ALA R 389 -39.18 43.17 -91.07
CA ALA R 389 -38.66 43.50 -89.75
C ALA R 389 -39.59 42.96 -88.68
N VAL R 390 -39.04 42.75 -87.49
CA VAL R 390 -39.77 42.20 -86.35
C VAL R 390 -39.67 43.18 -85.18
N THR R 391 -40.82 43.55 -84.63
CA THR R 391 -40.93 44.22 -83.34
C THR R 391 -41.37 43.17 -82.32
N PHE R 392 -40.55 42.95 -81.30
CA PHE R 392 -40.77 41.80 -80.43
C PHE R 392 -40.62 42.12 -78.94
N ALA R 393 -40.73 43.39 -78.55
CA ALA R 393 -40.56 43.74 -77.15
C ALA R 393 -41.45 44.94 -76.84
N ILE R 394 -41.70 45.13 -75.54
CA ILE R 394 -42.57 46.21 -75.12
C ILE R 394 -41.84 47.55 -75.27
N ALA R 395 -42.61 48.63 -75.34
CA ALA R 395 -42.09 49.93 -75.77
C ALA R 395 -40.89 50.38 -74.94
N THR R 396 -40.86 50.05 -73.65
CA THR R 396 -39.71 50.44 -72.83
C THR R 396 -38.46 49.64 -73.17
N THR R 397 -38.63 48.47 -73.78
CA THR R 397 -37.52 47.64 -74.20
C THR R 397 -37.62 47.26 -75.67
N ASP R 398 -38.44 47.99 -76.43
CA ASP R 398 -38.75 47.61 -77.79
C ASP R 398 -37.54 47.70 -78.71
N SER R 399 -37.59 46.93 -79.80
CA SER R 399 -36.51 46.92 -80.78
C SER R 399 -37.07 46.47 -82.10
N ASN R 400 -36.30 46.70 -83.16
CA ASN R 400 -36.63 46.26 -84.50
C ASN R 400 -35.44 45.52 -85.08
N ASN R 401 -35.71 44.36 -85.67
CA ASN R 401 -34.67 43.55 -86.30
C ASN R 401 -34.91 43.54 -87.80
N THR R 402 -33.92 43.97 -88.56
CA THR R 402 -34.01 44.03 -90.01
C THR R 402 -32.95 43.11 -90.61
N TRP R 403 -33.37 42.23 -91.51
CA TRP R 403 -32.52 41.17 -92.03
C TRP R 403 -32.55 41.15 -93.56
N VAL R 404 -31.81 40.19 -94.11
CA VAL R 404 -31.61 40.11 -95.56
C VAL R 404 -32.94 39.81 -96.24
N ASP R 405 -32.99 40.09 -97.55
CA ASP R 405 -34.20 39.88 -98.31
C ASP R 405 -34.66 38.42 -98.26
N ASN R 406 -33.72 37.48 -98.32
CA ASN R 406 -34.11 36.08 -98.43
C ASN R 406 -33.24 35.15 -97.57
N LYS R 407 -32.73 35.64 -96.45
CA LYS R 407 -31.95 34.77 -95.58
C LYS R 407 -32.46 34.75 -94.15
N GLY R 408 -33.01 35.88 -93.69
CA GLY R 408 -33.40 36.01 -92.30
C GLY R 408 -32.29 36.46 -91.37
N GLU R 409 -31.06 36.56 -91.86
CA GLU R 409 -29.93 36.93 -91.02
C GLU R 409 -29.85 38.44 -90.87
N LEU R 410 -29.77 38.90 -89.63
CA LEU R 410 -29.60 40.33 -89.34
C LEU R 410 -28.18 40.74 -89.70
N THR R 411 -28.04 41.57 -90.74
CA THR R 411 -26.71 42.01 -91.16
C THR R 411 -26.07 42.90 -90.11
N ASP R 412 -26.83 43.85 -89.56
CA ASP R 412 -26.29 44.84 -88.63
C ASP R 412 -26.48 44.46 -87.17
N ILE R 413 -27.12 43.33 -86.88
CA ILE R 413 -27.32 42.87 -85.52
C ILE R 413 -26.80 41.44 -85.41
N GLN R 414 -25.96 41.19 -84.41
CA GLN R 414 -25.36 39.88 -84.18
C GLN R 414 -25.74 39.39 -82.79
N THR R 415 -25.18 38.24 -82.41
CA THR R 415 -25.38 37.68 -81.08
C THR R 415 -24.03 37.29 -80.49
N PHE R 416 -23.83 37.62 -79.22
CA PHE R 416 -22.70 37.10 -78.48
C PHE R 416 -23.03 35.69 -77.99
N ASP R 417 -22.19 35.15 -77.11
CA ASP R 417 -22.49 33.85 -76.53
C ASP R 417 -23.71 33.86 -75.63
N THR R 418 -24.22 35.03 -75.26
CA THR R 418 -25.33 35.14 -74.32
C THR R 418 -26.56 35.80 -74.94
N SER R 419 -26.41 36.95 -75.59
CA SER R 419 -27.56 37.76 -75.98
C SER R 419 -27.27 38.48 -77.29
N TYR R 420 -28.25 39.25 -77.74
CA TYR R 420 -28.15 39.99 -78.99
C TYR R 420 -27.29 41.23 -78.79
N LYS R 421 -26.34 41.45 -79.69
CA LYS R 421 -25.51 42.63 -79.65
C LYS R 421 -25.25 43.14 -81.06
N ILE R 422 -24.93 44.43 -81.16
CA ILE R 422 -24.73 45.08 -82.45
C ILE R 422 -23.28 45.00 -82.86
N ASN R 423 -22.50 44.19 -82.16
CA ASN R 423 -21.08 44.00 -82.46
C ASN R 423 -20.89 42.66 -83.15
N ALA R 424 -20.37 42.71 -84.38
CA ALA R 424 -20.17 41.47 -85.14
C ALA R 424 -18.99 40.67 -84.62
N ASP R 425 -17.96 41.34 -84.12
CA ASP R 425 -16.76 40.66 -83.65
C ASP R 425 -16.19 41.43 -82.46
N THR R 426 -16.02 40.73 -81.34
CA THR R 426 -15.39 41.35 -80.18
C THR R 426 -13.95 41.72 -80.48
N GLY R 427 -13.17 40.76 -80.97
CA GLY R 427 -11.81 41.03 -81.42
C GLY R 427 -10.88 41.57 -80.36
N GLU R 428 -10.90 40.99 -79.16
CA GLU R 428 -9.98 41.41 -78.12
C GLU R 428 -8.55 41.03 -78.48
N VAL R 429 -7.60 41.78 -77.95
CA VAL R 429 -6.19 41.63 -78.26
C VAL R 429 -5.46 41.16 -77.01
N THR R 430 -4.68 40.09 -77.14
CA THR R 430 -3.92 39.52 -76.04
C THR R 430 -2.43 39.68 -76.32
N VAL R 431 -1.69 40.18 -75.33
CA VAL R 431 -0.25 40.35 -75.43
C VAL R 431 0.42 39.27 -74.59
N VAL R 432 1.46 38.66 -75.14
CA VAL R 432 2.16 37.56 -74.51
C VAL R 432 3.51 38.06 -74.00
N GLY R 433 3.77 37.86 -72.71
CA GLY R 433 5.06 38.23 -72.16
C GLY R 433 6.18 37.44 -72.79
N ASP R 434 7.35 38.07 -72.89
CA ASP R 434 8.50 37.43 -73.52
C ASP R 434 9.30 36.60 -72.50
N ASN R 435 9.71 37.22 -71.40
CA ASN R 435 10.46 36.52 -70.37
C ASN R 435 9.61 35.61 -69.51
N SER R 436 8.29 35.69 -69.62
CA SER R 436 7.39 34.84 -68.87
C SER R 436 6.32 34.30 -69.81
N ALA R 437 5.92 33.05 -69.61
CA ALA R 437 4.94 32.42 -70.48
C ALA R 437 3.56 33.05 -70.34
N THR R 438 3.33 33.82 -69.27
CA THR R 438 2.02 34.43 -69.06
C THR R 438 1.71 35.43 -70.17
N ALA R 439 0.42 35.55 -70.49
CA ALA R 439 -0.05 36.45 -71.53
C ALA R 439 -0.94 37.52 -70.91
N GLY R 440 -0.61 38.78 -71.15
CA GLY R 440 -1.42 39.89 -70.68
C GLY R 440 -2.58 40.19 -71.61
N GLN R 441 -3.30 41.25 -71.27
CA GLN R 441 -4.43 41.73 -72.06
C GLN R 441 -4.09 43.08 -72.66
N TYR R 442 -4.14 43.19 -73.99
CA TYR R 442 -4.02 44.48 -74.65
C TYR R 442 -5.42 44.99 -74.98
N ALA R 443 -6.14 45.35 -73.92
CA ALA R 443 -7.52 45.78 -74.02
C ALA R 443 -7.87 46.58 -72.77
N SER R 444 -9.17 46.78 -72.53
CA SER R 444 -9.60 47.52 -71.35
C SER R 444 -9.20 46.81 -70.06
N ALA R 445 -9.02 45.49 -70.10
CA ALA R 445 -8.49 44.78 -68.94
C ALA R 445 -7.07 45.25 -68.63
N ASP R 446 -6.24 45.35 -69.66
CA ASP R 446 -4.94 46.03 -69.61
C ASP R 446 -4.06 45.48 -68.48
N GLY R 447 -3.67 44.23 -68.65
CA GLY R 447 -2.73 43.58 -67.75
C GLY R 447 -3.29 42.45 -66.93
N ALA R 448 -4.61 42.25 -66.92
CA ALA R 448 -5.18 41.10 -66.23
C ALA R 448 -4.75 39.82 -66.94
N LYS R 449 -4.07 38.95 -66.22
CA LYS R 449 -3.55 37.72 -66.82
C LYS R 449 -4.69 36.88 -67.36
N VAL R 450 -4.54 36.42 -68.60
CA VAL R 450 -5.56 35.64 -69.28
C VAL R 450 -5.37 34.17 -68.95
N LEU R 451 -6.48 33.44 -68.84
CA LEU R 451 -6.44 32.03 -68.50
C LEU R 451 -7.42 31.27 -69.39
N VAL R 452 -7.13 29.99 -69.59
CA VAL R 452 -8.01 29.09 -70.34
C VAL R 452 -8.90 28.37 -69.34
N GLY R 453 -10.21 28.62 -69.44
CA GLY R 453 -11.15 28.04 -68.52
C GLY R 453 -11.44 26.58 -68.82
N SER R 454 -12.26 25.98 -67.97
CA SER R 454 -12.66 24.59 -68.13
C SER R 454 -13.49 24.46 -69.40
N ASP R 455 -12.89 23.85 -70.43
CA ASP R 455 -13.49 23.70 -71.75
C ASP R 455 -13.86 25.05 -72.39
N GLY R 456 -13.31 26.14 -71.86
CA GLY R 456 -13.50 27.44 -72.43
C GLY R 456 -12.33 27.85 -73.31
N LYS R 457 -12.61 28.78 -74.23
CA LYS R 457 -11.56 29.24 -75.13
C LYS R 457 -10.45 29.95 -74.35
N LEU R 458 -10.79 31.05 -73.69
CA LEU R 458 -9.86 31.78 -72.82
C LEU R 458 -10.65 32.81 -72.04
N THR R 459 -10.36 32.92 -70.75
CA THR R 459 -11.07 33.82 -69.86
C THR R 459 -10.07 34.68 -69.10
N THR R 460 -10.58 35.60 -68.29
CA THR R 460 -9.75 36.53 -67.56
C THR R 460 -9.58 36.17 -66.09
N GLU R 461 -10.63 35.66 -65.44
CA GLU R 461 -10.55 35.37 -64.01
C GLU R 461 -9.97 33.98 -63.80
N THR R 462 -9.18 33.84 -62.72
CA THR R 462 -8.31 32.69 -62.56
C THR R 462 -9.06 31.39 -62.26
N THR R 463 -10.34 31.45 -61.92
CA THR R 463 -11.07 30.22 -61.60
C THR R 463 -12.30 30.07 -62.49
N SER R 464 -13.11 29.06 -62.20
CA SER R 464 -14.37 28.85 -62.91
C SER R 464 -15.24 27.94 -62.06
N ALA R 465 -16.52 27.87 -62.43
CA ALA R 465 -17.45 27.05 -61.69
C ALA R 465 -17.05 25.59 -61.73
N GLY R 466 -17.18 24.92 -60.59
CA GLY R 466 -16.85 23.51 -60.49
C GLY R 466 -17.98 22.65 -60.99
N ASP R 467 -17.94 21.36 -60.61
CA ASP R 467 -18.99 20.42 -60.96
C ASP R 467 -19.73 19.92 -59.74
N LYS R 468 -19.11 19.96 -58.55
CA LYS R 468 -19.80 19.90 -57.25
C LYS R 468 -20.83 21.02 -57.17
N THR R 469 -21.93 20.75 -56.48
CA THR R 469 -23.05 21.67 -56.43
C THR R 469 -22.72 22.93 -55.64
N THR R 470 -23.33 24.05 -56.02
CA THR R 470 -22.94 25.33 -55.44
C THR R 470 -23.21 25.38 -53.94
N ASP R 471 -24.45 25.14 -53.52
CA ASP R 471 -24.81 25.17 -52.10
C ASP R 471 -25.67 23.97 -51.75
N PRO R 472 -25.05 22.83 -51.44
CA PRO R 472 -25.85 21.61 -51.23
C PRO R 472 -26.87 21.73 -50.12
N LEU R 473 -26.55 22.45 -49.06
CA LEU R 473 -27.45 22.51 -47.93
C LEU R 473 -28.68 23.36 -48.21
N LYS R 474 -28.55 24.43 -48.99
CA LYS R 474 -29.73 25.20 -49.37
C LYS R 474 -30.69 24.36 -50.21
N THR R 475 -30.15 23.58 -51.16
CA THR R 475 -30.99 22.69 -51.95
C THR R 475 -31.63 21.64 -51.08
N LEU R 476 -30.88 21.09 -50.11
CA LEU R 476 -31.43 20.08 -49.24
C LEU R 476 -32.54 20.64 -48.37
N ASP R 477 -32.37 21.86 -47.85
CA ASP R 477 -33.45 22.48 -47.08
C ASP R 477 -34.65 22.80 -47.94
N ALA R 478 -34.44 23.14 -49.21
CA ALA R 478 -35.56 23.29 -50.13
C ALA R 478 -36.31 21.98 -50.30
N ALA R 479 -35.57 20.88 -50.42
CA ALA R 479 -36.20 19.57 -50.49
C ALA R 479 -36.97 19.25 -49.22
N PHE R 480 -36.40 19.58 -48.07
CA PHE R 480 -37.13 19.42 -46.81
C PHE R 480 -38.42 20.21 -46.80
N THR R 481 -38.37 21.47 -47.24
CA THR R 481 -39.58 22.29 -47.24
C THR R 481 -40.65 21.69 -48.13
N LYS R 482 -40.25 21.23 -49.32
CA LYS R 482 -41.23 20.61 -50.23
C LYS R 482 -41.83 19.34 -49.61
N LEU R 483 -40.98 18.47 -49.08
CA LEU R 483 -41.47 17.20 -48.54
C LEU R 483 -42.35 17.42 -47.32
N ASP R 484 -41.95 18.33 -46.43
CA ASP R 484 -42.78 18.62 -45.27
C ASP R 484 -44.09 19.29 -45.66
N LYS R 485 -44.08 20.15 -46.69
CA LYS R 485 -45.34 20.72 -47.17
C LYS R 485 -46.28 19.61 -47.65
N LEU R 486 -45.76 18.67 -48.44
CA LEU R 486 -46.63 17.62 -48.94
C LEU R 486 -47.11 16.71 -47.82
N THR R 487 -46.24 16.32 -46.88
CA THR R 487 -46.66 15.42 -45.82
C THR R 487 -47.62 16.13 -44.86
N GLY R 488 -47.45 17.44 -44.68
CA GLY R 488 -48.42 18.20 -43.90
C GLY R 488 -49.78 18.27 -44.59
N GLU R 489 -49.79 18.42 -45.91
CA GLU R 489 -51.05 18.37 -46.64
C GLU R 489 -51.73 17.02 -46.48
N LEU R 490 -50.96 15.93 -46.57
CA LEU R 490 -51.52 14.60 -46.37
C LEU R 490 -52.02 14.41 -44.93
N GLY R 491 -51.30 14.93 -43.95
CA GLY R 491 -51.78 14.86 -42.58
C GLY R 491 -53.07 15.63 -42.39
N ALA R 492 -53.17 16.81 -43.00
CA ALA R 492 -54.39 17.60 -42.93
C ALA R 492 -55.56 16.85 -43.56
N VAL R 493 -55.34 16.26 -44.73
CA VAL R 493 -56.43 15.54 -45.38
C VAL R 493 -56.79 14.28 -44.59
N GLN R 494 -55.81 13.67 -43.92
CA GLN R 494 -56.11 12.50 -43.09
C GLN R 494 -56.98 12.89 -41.90
N ASN R 495 -56.65 14.01 -41.24
CA ASN R 495 -57.48 14.50 -40.15
C ASN R 495 -58.89 14.83 -40.64
N ARG R 496 -58.98 15.50 -41.79
CA ARG R 496 -60.29 15.81 -42.34
C ARG R 496 -61.07 14.53 -42.64
N LEU R 497 -60.40 13.51 -43.16
CA LEU R 497 -61.09 12.28 -43.52
C LEU R 497 -61.60 11.55 -42.29
N GLU R 498 -60.81 11.55 -41.21
CA GLU R 498 -61.32 10.98 -39.96
C GLU R 498 -62.54 11.74 -39.47
N SER R 499 -62.51 13.08 -39.54
CA SER R 499 -63.68 13.86 -39.16
C SER R 499 -64.86 13.56 -40.06
N THR R 500 -64.61 13.35 -41.35
CA THR R 500 -65.70 13.02 -42.27
C THR R 500 -66.32 11.69 -41.91
N ILE R 501 -65.51 10.70 -41.54
CA ILE R 501 -66.08 9.42 -41.16
C ILE R 501 -66.92 9.56 -39.90
N ALA R 502 -66.45 10.35 -38.93
CA ALA R 502 -67.25 10.57 -37.73
C ALA R 502 -68.59 11.22 -38.08
N ASN R 503 -68.55 12.25 -38.93
CA ASN R 503 -69.78 12.94 -39.31
C ASN R 503 -70.72 12.02 -40.08
N LEU R 504 -70.19 11.26 -41.03
CA LEU R 504 -71.01 10.34 -41.80
C LEU R 504 -71.61 9.26 -40.91
N ASN R 505 -70.86 8.76 -39.94
CA ASN R 505 -71.42 7.78 -39.02
C ASN R 505 -72.58 8.38 -38.22
N ASN R 506 -72.40 9.60 -37.72
CA ASN R 506 -73.49 10.24 -36.97
C ASN R 506 -74.72 10.41 -37.86
N VAL R 507 -74.52 10.90 -39.09
CA VAL R 507 -75.64 11.15 -39.97
C VAL R 507 -76.30 9.84 -40.38
N VAL R 508 -75.52 8.78 -40.55
CA VAL R 508 -76.07 7.47 -40.90
C VAL R 508 -76.96 6.95 -39.78
N ASN R 509 -76.49 7.06 -38.53
CA ASN R 509 -77.32 6.61 -37.41
C ASN R 509 -78.59 7.44 -37.31
N ASN R 510 -78.48 8.76 -37.48
CA ASN R 510 -79.67 9.60 -37.38
C ASN R 510 -80.65 9.32 -38.50
N LEU R 511 -80.16 9.07 -39.71
CA LEU R 511 -81.05 8.75 -40.82
C LEU R 511 -81.68 7.37 -40.64
N SER R 512 -80.93 6.43 -40.08
CA SER R 512 -81.51 5.12 -39.77
C SER R 512 -82.63 5.26 -38.75
N SER R 513 -82.44 6.10 -37.73
CA SER R 513 -83.52 6.39 -36.80
C SER R 513 -84.70 7.06 -37.49
N ALA R 514 -84.42 7.96 -38.44
CA ALA R 514 -85.50 8.59 -39.19
C ALA R 514 -86.31 7.56 -39.95
N ARG R 515 -85.63 6.61 -40.59
CA ARG R 515 -86.32 5.54 -41.30
C ARG R 515 -87.10 4.66 -40.35
N SER R 516 -86.55 4.39 -39.16
CA SER R 516 -87.27 3.60 -38.17
C SER R 516 -88.56 4.29 -37.76
N ARG R 517 -88.51 5.61 -37.56
CA ARG R 517 -89.69 6.35 -37.12
C ARG R 517 -90.85 6.29 -38.11
N ILE R 518 -90.57 6.01 -39.38
CA ILE R 518 -91.62 6.03 -40.40
C ILE R 518 -91.84 4.67 -41.06
N GLN R 519 -90.86 3.77 -41.04
CA GLN R 519 -90.97 2.51 -41.76
C GLN R 519 -91.14 1.31 -40.84
N ASP R 520 -90.33 1.21 -39.79
CA ASP R 520 -90.38 0.05 -38.91
C ASP R 520 -91.71 -0.04 -38.18
N ALA R 521 -92.13 -1.26 -37.88
CA ALA R 521 -93.41 -1.51 -37.26
C ALA R 521 -93.28 -1.51 -35.74
N ASP R 522 -94.26 -0.92 -35.07
CA ASP R 522 -94.30 -0.90 -33.60
C ASP R 522 -94.98 -2.16 -33.13
N TYR R 523 -94.18 -3.14 -32.70
CA TYR R 523 -94.73 -4.44 -32.31
C TYR R 523 -95.69 -4.34 -31.14
N ALA R 524 -95.51 -3.35 -30.25
CA ALA R 524 -96.40 -3.22 -29.10
C ALA R 524 -97.84 -3.00 -29.54
N THR R 525 -98.05 -2.15 -30.55
CA THR R 525 -99.40 -1.94 -31.05
C THR R 525 -99.82 -2.96 -32.10
N GLU R 526 -98.87 -3.49 -32.86
CA GLU R 526 -99.21 -4.48 -33.88
C GLU R 526 -99.73 -5.76 -33.24
N VAL R 527 -99.11 -6.20 -32.14
CA VAL R 527 -99.56 -7.42 -31.48
C VAL R 527 -100.94 -7.23 -30.88
N SER R 528 -101.19 -6.06 -30.29
CA SER R 528 -102.53 -5.79 -29.75
C SER R 528 -103.57 -5.75 -30.87
N ASN R 529 -103.22 -5.15 -32.01
CA ASN R 529 -104.14 -5.14 -33.14
C ASN R 529 -104.42 -6.56 -33.62
N MET R 530 -103.39 -7.41 -33.68
CA MET R 530 -103.60 -8.79 -34.09
C MET R 530 -104.50 -9.53 -33.10
N SER R 531 -104.29 -9.30 -31.81
CA SER R 531 -105.11 -9.98 -30.80
C SER R 531 -106.57 -9.54 -30.91
N LYS R 532 -106.81 -8.24 -31.05
CA LYS R 532 -108.17 -7.76 -31.22
C LYS R 532 -108.78 -8.29 -32.51
N ALA R 533 -107.98 -8.43 -33.56
CA ALA R 533 -108.48 -8.98 -34.80
C ALA R 533 -108.89 -10.44 -34.64
N GLN R 534 -108.08 -11.21 -33.91
CA GLN R 534 -108.44 -12.61 -33.66
C GLN R 534 -109.72 -12.71 -32.84
N ILE R 535 -109.85 -11.85 -31.83
CA ILE R 535 -111.07 -11.83 -31.03
C ILE R 535 -112.27 -11.52 -31.90
N LEU R 536 -112.14 -10.50 -32.76
CA LEU R 536 -113.22 -10.15 -33.66
C LEU R 536 -113.52 -11.27 -34.64
N GLN R 537 -112.50 -12.04 -35.04
CA GLN R 537 -112.71 -13.14 -35.96
C GLN R 537 -113.53 -14.25 -35.32
N GLN R 538 -113.14 -14.67 -34.12
CA GLN R 538 -113.91 -15.71 -33.44
C GLN R 538 -115.32 -15.24 -33.14
N ALA R 539 -115.47 -14.00 -32.67
CA ALA R 539 -116.80 -13.46 -32.42
C ALA R 539 -117.63 -13.41 -33.69
N GLY R 540 -117.01 -13.01 -34.80
CA GLY R 540 -117.74 -12.94 -36.06
C GLY R 540 -118.19 -14.31 -36.54
N THR R 541 -117.31 -15.31 -36.42
CA THR R 541 -117.72 -16.67 -36.80
C THR R 541 -118.90 -17.14 -35.95
N SER R 542 -118.84 -16.90 -34.63
CA SER R 542 -119.93 -17.35 -33.77
C SER R 542 -121.23 -16.63 -34.10
N VAL R 543 -121.18 -15.31 -34.25
CA VAL R 543 -122.41 -14.55 -34.52
C VAL R 543 -122.94 -14.88 -35.90
N LEU R 544 -122.07 -15.15 -36.87
CA LEU R 544 -122.53 -15.60 -38.17
C LEU R 544 -123.23 -16.93 -38.08
N ALA R 545 -122.70 -17.85 -37.25
CA ALA R 545 -123.40 -19.11 -37.04
C ALA R 545 -124.80 -18.86 -36.49
N GLN R 546 -124.90 -18.13 -35.38
CA GLN R 546 -126.22 -17.89 -34.79
C GLN R 546 -127.15 -17.17 -35.74
N ALA R 547 -126.62 -16.29 -36.60
CA ALA R 547 -127.43 -15.71 -37.66
C ALA R 547 -127.90 -16.78 -38.64
N ASN R 548 -127.10 -17.83 -38.84
CA ASN R 548 -127.55 -18.91 -39.71
C ASN R 548 -128.62 -19.78 -39.06
N GLN R 549 -128.64 -19.89 -37.73
CA GLN R 549 -129.79 -20.56 -37.11
C GLN R 549 -130.97 -19.63 -36.90
N VAL R 550 -130.86 -18.35 -37.26
CA VAL R 550 -132.02 -17.46 -37.16
C VAL R 550 -133.20 -17.92 -37.99
N PRO R 551 -133.05 -18.29 -39.27
CA PRO R 551 -134.22 -18.70 -40.05
C PRO R 551 -134.79 -20.06 -39.69
N GLN R 552 -134.06 -20.88 -38.92
CA GLN R 552 -134.59 -22.20 -38.57
C GLN R 552 -135.77 -22.11 -37.62
N THR R 553 -135.86 -21.04 -36.83
CA THR R 553 -137.05 -20.84 -36.00
C THR R 553 -138.30 -20.73 -36.86
N VAL R 554 -138.16 -20.23 -38.09
CA VAL R 554 -139.27 -20.29 -39.04
C VAL R 554 -139.62 -21.73 -39.34
N LEU R 555 -138.62 -22.61 -39.40
CA LEU R 555 -138.87 -24.01 -39.71
C LEU R 555 -139.32 -24.75 -38.46
N SER R 556 -140.30 -24.19 -37.76
CA SER R 556 -140.97 -24.87 -36.67
C SER R 556 -142.45 -25.03 -36.93
N LEU R 557 -143.15 -23.93 -37.22
CA LEU R 557 -144.53 -24.01 -37.66
C LEU R 557 -144.58 -24.49 -39.09
N LEU R 558 -145.55 -25.35 -39.39
CA LEU R 558 -145.68 -25.93 -40.72
C LEU R 558 -147.13 -26.27 -41.04
N ALA S 2 -108.01 -43.05 -49.43
CA ALA S 2 -109.12 -43.83 -48.87
C ALA S 2 -109.37 -43.46 -47.42
N ALA S 3 -110.59 -43.63 -46.96
CA ALA S 3 -111.02 -43.25 -45.62
C ALA S 3 -111.13 -44.46 -44.71
N VAL S 4 -110.23 -45.42 -44.88
CA VAL S 4 -110.24 -46.63 -44.08
C VAL S 4 -109.43 -46.42 -42.80
N ILE S 5 -109.78 -47.17 -41.76
CA ILE S 5 -109.12 -47.06 -40.46
C ILE S 5 -108.35 -48.31 -40.08
N ASN S 6 -108.51 -49.41 -40.80
CA ASN S 6 -107.87 -50.67 -40.42
C ASN S 6 -106.35 -50.55 -40.45
N THR S 7 -105.80 -49.93 -41.48
CA THR S 7 -104.37 -49.72 -41.59
C THR S 7 -104.10 -48.28 -42.00
N ASN S 8 -103.04 -47.70 -41.44
CA ASN S 8 -102.66 -46.32 -41.70
C ASN S 8 -101.27 -46.33 -42.35
N TYR S 9 -101.23 -46.20 -43.67
CA TYR S 9 -99.95 -46.19 -44.37
C TYR S 9 -99.10 -44.99 -43.96
N LEU S 10 -99.73 -43.84 -43.72
CA LEU S 10 -98.99 -42.66 -43.30
C LEU S 10 -98.29 -42.89 -41.97
N SER S 11 -98.96 -43.56 -41.03
CA SER S 11 -98.33 -43.88 -39.76
C SER S 11 -97.12 -44.77 -39.96
N LEU S 12 -97.23 -45.77 -40.85
CA LEU S 12 -96.10 -46.65 -41.11
C LEU S 12 -94.93 -45.88 -41.70
N VAL S 13 -95.19 -44.99 -42.65
CA VAL S 13 -94.12 -44.20 -43.26
C VAL S 13 -93.46 -43.33 -42.21
N ALA S 14 -94.27 -42.69 -41.35
CA ALA S 14 -93.71 -41.87 -40.28
C ALA S 14 -92.85 -42.71 -39.34
N GLN S 15 -93.28 -43.93 -39.04
CA GLN S 15 -92.49 -44.81 -38.19
C GLN S 15 -91.15 -45.13 -38.85
N ASN S 16 -91.15 -45.40 -40.16
CA ASN S 16 -89.90 -45.69 -40.84
C ASN S 16 -88.94 -44.51 -40.77
N ASN S 17 -89.44 -43.31 -41.09
CA ASN S 17 -88.56 -42.14 -41.05
C ASN S 17 -88.07 -41.87 -39.63
N LEU S 18 -88.92 -42.09 -38.63
CA LEU S 18 -88.49 -41.95 -37.25
C LEU S 18 -87.38 -42.93 -36.92
N ASN S 19 -87.49 -44.17 -37.39
CA ASN S 19 -86.45 -45.16 -37.13
C ASN S 19 -85.13 -44.77 -37.79
N LYS S 20 -85.19 -44.26 -39.03
CA LYS S 20 -83.96 -43.83 -39.69
C LYS S 20 -83.31 -42.67 -38.93
N SER S 21 -84.11 -41.68 -38.52
CA SER S 21 -83.57 -40.56 -37.77
C SER S 21 -82.97 -41.03 -36.46
N GLN S 22 -83.62 -41.99 -35.79
CA GLN S 22 -83.10 -42.48 -34.53
C GLN S 22 -81.79 -43.25 -34.72
N SER S 23 -81.68 -44.00 -35.82
CA SER S 23 -80.42 -44.68 -36.10
C SER S 23 -79.28 -43.68 -36.31
N SER S 24 -79.56 -42.61 -37.04
CA SER S 24 -78.55 -41.56 -37.22
C SER S 24 -78.19 -40.92 -35.88
N LEU S 25 -79.20 -40.69 -35.04
CA LEU S 25 -78.94 -40.14 -33.71
C LEU S 25 -78.07 -41.09 -32.89
N GLY S 26 -78.34 -42.39 -32.99
CA GLY S 26 -77.57 -43.36 -32.23
C GLY S 26 -76.12 -43.40 -32.64
N THR S 27 -75.87 -43.43 -33.96
CA THR S 27 -74.48 -43.45 -34.39
C THR S 27 -73.76 -42.14 -34.04
N ALA S 28 -74.44 -41.00 -34.17
CA ALA S 28 -73.82 -39.74 -33.77
C ALA S 28 -73.50 -39.71 -32.28
N ILE S 29 -74.43 -40.21 -31.45
CA ILE S 29 -74.22 -40.21 -30.01
C ILE S 29 -73.07 -41.13 -29.64
N GLU S 30 -72.99 -42.31 -30.29
CA GLU S 30 -71.87 -43.19 -30.04
C GLU S 30 -70.54 -42.53 -30.40
N ARG S 31 -70.49 -41.86 -31.57
CA ARG S 31 -69.25 -41.24 -31.97
C ARG S 31 -68.87 -40.08 -31.07
N LEU S 32 -69.85 -39.38 -30.50
CA LEU S 32 -69.54 -38.33 -29.54
C LEU S 32 -69.04 -38.92 -28.23
N SER S 33 -69.72 -39.95 -27.72
CA SER S 33 -69.38 -40.50 -26.41
C SER S 33 -68.02 -41.17 -26.44
N SER S 34 -67.78 -42.03 -27.43
CA SER S 34 -66.49 -42.70 -27.52
C SER S 34 -65.39 -41.73 -27.96
N GLY S 35 -65.75 -40.75 -28.77
CA GLY S 35 -64.77 -39.88 -29.39
C GLY S 35 -64.08 -40.47 -30.59
N LEU S 36 -64.43 -41.70 -30.97
CA LEU S 36 -63.82 -42.40 -32.08
C LEU S 36 -64.86 -42.52 -33.20
N ARG S 37 -64.53 -42.00 -34.37
CA ARG S 37 -65.46 -42.12 -35.50
C ARG S 37 -65.68 -43.57 -35.87
N ILE S 38 -64.62 -44.36 -35.91
CA ILE S 38 -64.67 -45.76 -36.34
C ILE S 38 -64.61 -46.64 -35.09
N ASN S 39 -65.79 -46.94 -34.56
CA ASN S 39 -65.98 -48.01 -33.58
C ASN S 39 -67.17 -48.83 -34.03
N SER S 40 -67.18 -50.12 -33.65
CA SER S 40 -68.16 -51.05 -34.18
C SER S 40 -68.05 -51.13 -35.72
N ALA S 41 -66.96 -51.78 -36.14
CA ALA S 41 -66.34 -51.64 -37.46
C ALA S 41 -67.31 -51.54 -38.64
N LYS S 42 -68.56 -51.95 -38.46
CA LYS S 42 -69.58 -51.83 -39.50
C LYS S 42 -69.55 -50.47 -40.21
N ASP S 43 -69.10 -49.42 -39.51
CA ASP S 43 -68.81 -48.16 -40.16
C ASP S 43 -67.34 -48.11 -40.53
N ASP S 44 -67.04 -48.05 -41.83
CA ASP S 44 -65.67 -47.99 -42.33
C ASP S 44 -64.88 -49.21 -41.87
N ALA S 45 -65.29 -50.39 -42.36
CA ALA S 45 -64.68 -51.64 -41.92
C ALA S 45 -63.17 -51.65 -42.18
N ALA S 46 -62.74 -51.19 -43.35
CA ALA S 46 -61.31 -51.10 -43.62
C ALA S 46 -60.66 -50.02 -42.77
N GLY S 47 -61.41 -48.98 -42.41
CA GLY S 47 -60.85 -47.92 -41.58
C GLY S 47 -60.37 -48.42 -40.25
N MET S 48 -61.12 -49.34 -39.63
CA MET S 48 -60.68 -49.87 -38.35
C MET S 48 -59.46 -50.77 -38.51
N ALA S 49 -59.34 -51.49 -39.64
CA ALA S 49 -58.11 -52.23 -39.88
C ALA S 49 -56.92 -51.29 -39.99
N ILE S 50 -57.09 -50.17 -40.70
CA ILE S 50 -56.01 -49.19 -40.81
C ILE S 50 -55.65 -48.65 -39.44
N ALA S 51 -56.66 -48.27 -38.66
CA ALA S 51 -56.42 -47.71 -37.34
C ALA S 51 -55.79 -48.73 -36.40
N ASN S 52 -56.19 -49.99 -36.51
CA ASN S 52 -55.58 -51.05 -35.72
C ASN S 52 -54.10 -51.17 -36.04
N ARG S 53 -53.76 -51.17 -37.33
CA ARG S 53 -52.34 -51.24 -37.70
C ARG S 53 -51.58 -50.04 -37.18
N PHE S 54 -52.19 -48.85 -37.23
CA PHE S 54 -51.52 -47.67 -36.70
C PHE S 54 -51.34 -47.75 -35.19
N THR S 55 -52.34 -48.23 -34.46
CA THR S 55 -52.17 -48.37 -33.01
C THR S 55 -51.04 -49.33 -32.69
N ALA S 56 -51.00 -50.46 -33.40
CA ALA S 56 -49.91 -51.41 -33.17
C ALA S 56 -48.56 -50.77 -33.44
N ASN S 57 -48.45 -50.05 -34.57
CA ASN S 57 -47.17 -49.44 -34.93
C ASN S 57 -46.75 -48.36 -33.93
N VAL S 58 -47.68 -47.49 -33.55
CA VAL S 58 -47.36 -46.41 -32.62
C VAL S 58 -46.95 -46.96 -31.28
N ARG S 59 -47.71 -47.93 -30.76
CA ARG S 59 -47.41 -48.48 -29.44
C ARG S 59 -46.09 -49.23 -29.45
N GLY S 60 -45.84 -50.04 -30.48
CA GLY S 60 -44.57 -50.73 -30.57
C GLY S 60 -43.41 -49.76 -30.71
N LEU S 61 -43.61 -48.67 -31.46
CA LEU S 61 -42.53 -47.71 -31.67
C LEU S 61 -42.24 -46.93 -30.39
N THR S 62 -43.27 -46.58 -29.61
CA THR S 62 -43.02 -45.97 -28.31
C THR S 62 -42.26 -46.91 -27.40
N GLN S 63 -42.64 -48.18 -27.38
CA GLN S 63 -41.90 -49.15 -26.56
C GLN S 63 -40.46 -49.28 -27.05
N ALA S 64 -40.25 -49.19 -28.36
CA ALA S 64 -38.90 -49.20 -28.90
C ALA S 64 -38.12 -47.96 -28.48
N ALA S 65 -38.79 -46.82 -28.37
CA ALA S 65 -38.14 -45.64 -27.83
C ALA S 65 -37.69 -45.87 -26.40
N ARG S 66 -38.52 -46.54 -25.60
CA ARG S 66 -38.08 -46.92 -24.24
C ARG S 66 -36.86 -47.83 -24.30
N ASN S 67 -36.87 -48.79 -25.23
CA ASN S 67 -35.72 -49.68 -25.36
C ASN S 67 -34.44 -48.91 -25.72
N ALA S 68 -34.57 -47.93 -26.62
CA ALA S 68 -33.42 -47.11 -26.98
C ALA S 68 -32.94 -46.28 -25.80
N ASN S 69 -33.87 -45.80 -24.97
CA ASN S 69 -33.48 -45.12 -23.73
C ASN S 69 -32.69 -46.05 -22.82
N ASP S 70 -33.12 -47.30 -22.72
CA ASP S 70 -32.37 -48.29 -21.95
C ASP S 70 -30.97 -48.48 -22.52
N GLY S 71 -30.86 -48.52 -23.86
CA GLY S 71 -29.55 -48.65 -24.47
C GLY S 71 -28.64 -47.48 -24.17
N ILE S 72 -29.18 -46.26 -24.22
CA ILE S 72 -28.38 -45.10 -23.87
C ILE S 72 -27.94 -45.18 -22.41
N SER S 73 -28.83 -45.59 -21.51
CA SER S 73 -28.45 -45.67 -20.11
C SER S 73 -27.32 -46.69 -19.91
N LEU S 74 -27.42 -47.84 -20.57
CA LEU S 74 -26.38 -48.85 -20.45
C LEU S 74 -25.06 -48.34 -21.01
N ALA S 75 -25.12 -47.65 -22.15
CA ALA S 75 -23.92 -47.06 -22.73
C ALA S 75 -23.33 -46.01 -21.81
N GLN S 76 -24.18 -45.24 -21.13
CA GLN S 76 -23.72 -44.26 -20.18
C GLN S 76 -22.96 -44.90 -19.03
N THR S 77 -23.50 -45.99 -18.48
CA THR S 77 -22.81 -46.69 -17.40
C THR S 77 -21.46 -47.22 -17.87
N THR S 78 -21.44 -47.88 -19.04
CA THR S 78 -20.20 -48.43 -19.54
C THR S 78 -19.17 -47.34 -19.81
N GLU S 79 -19.60 -46.25 -20.43
CA GLU S 79 -18.69 -45.15 -20.73
C GLU S 79 -18.19 -44.49 -19.46
N GLY S 80 -19.03 -44.39 -18.44
CA GLY S 80 -18.59 -43.83 -17.17
C GLY S 80 -17.55 -44.70 -16.49
N ALA S 81 -17.74 -46.02 -16.52
CA ALA S 81 -16.72 -46.91 -15.96
C ALA S 81 -15.41 -46.79 -16.74
N ALA S 82 -15.50 -46.75 -18.08
CA ALA S 82 -14.30 -46.63 -18.89
C ALA S 82 -13.60 -45.30 -18.67
N SER S 83 -14.36 -44.24 -18.41
CA SER S 83 -13.76 -42.92 -18.22
C SER S 83 -12.86 -42.87 -17.00
N GLU S 84 -13.14 -43.70 -15.99
CA GLU S 84 -12.30 -43.70 -14.80
C GLU S 84 -11.22 -44.78 -14.88
N VAL S 85 -11.48 -45.87 -15.61
CA VAL S 85 -10.38 -46.75 -15.97
C VAL S 85 -9.33 -45.97 -16.75
N ASN S 86 -9.77 -44.96 -17.49
CA ASN S 86 -8.84 -44.07 -18.17
C ASN S 86 -7.93 -43.35 -17.17
N THR S 87 -8.51 -42.84 -16.09
CA THR S 87 -7.70 -42.17 -15.07
C THR S 87 -6.74 -43.15 -14.41
N HIS S 88 -7.19 -44.39 -14.19
CA HIS S 88 -6.30 -45.41 -13.66
C HIS S 88 -5.10 -45.61 -14.58
N LEU S 89 -5.35 -45.74 -15.88
CA LEU S 89 -4.25 -45.94 -16.81
C LEU S 89 -3.34 -44.71 -16.87
N GLN S 90 -3.92 -43.52 -16.77
CA GLN S 90 -3.10 -42.31 -16.76
C GLN S 90 -2.16 -42.29 -15.56
N ARG S 91 -2.68 -42.62 -14.38
CA ARG S 91 -1.83 -42.64 -13.19
C ARG S 91 -0.77 -43.72 -13.30
N ILE S 92 -1.13 -44.88 -13.85
CA ILE S 92 -0.16 -45.95 -14.04
C ILE S 92 0.95 -45.50 -14.98
N ARG S 93 0.59 -44.80 -16.05
CA ARG S 93 1.59 -44.30 -16.99
C ARG S 93 2.51 -43.28 -16.33
N GLU S 94 1.94 -42.35 -15.55
CA GLU S 94 2.75 -41.35 -14.89
C GLU S 94 3.74 -41.99 -13.94
N LEU S 95 3.28 -42.97 -13.15
CA LEU S 95 4.18 -43.61 -12.20
C LEU S 95 5.16 -44.54 -12.90
N THR S 96 4.80 -45.10 -14.05
CA THR S 96 5.75 -45.86 -14.85
C THR S 96 6.88 -44.95 -15.33
N VAL S 97 6.54 -43.74 -15.76
CA VAL S 97 7.57 -42.78 -16.14
C VAL S 97 8.44 -42.44 -14.94
N GLN S 98 7.82 -42.24 -13.77
CA GLN S 98 8.58 -41.87 -12.59
C GLN S 98 9.55 -42.97 -12.18
N ALA S 99 9.08 -44.21 -12.16
CA ALA S 99 9.88 -45.32 -11.67
C ALA S 99 10.89 -45.82 -12.70
N SER S 100 10.71 -45.46 -13.97
CA SER S 100 11.69 -45.84 -14.98
C SER S 100 13.00 -45.08 -14.82
N ASN S 101 13.04 -44.06 -13.98
CA ASN S 101 14.29 -43.38 -13.65
C ASN S 101 15.21 -44.34 -12.90
N GLY S 102 16.51 -44.18 -13.13
CA GLY S 102 17.48 -44.99 -12.43
C GLY S 102 17.83 -44.52 -11.04
N SER S 103 17.47 -43.28 -10.69
CA SER S 103 17.82 -42.75 -9.38
C SER S 103 17.06 -43.42 -8.25
N TYR S 104 15.96 -44.10 -8.55
CA TYR S 104 15.15 -44.74 -7.52
C TYR S 104 15.74 -46.10 -7.17
N SER S 105 15.98 -46.31 -5.88
CA SER S 105 16.50 -47.59 -5.43
C SER S 105 15.38 -48.64 -5.42
N GLN S 106 15.73 -49.86 -5.02
CA GLN S 106 14.82 -50.99 -5.18
C GLN S 106 13.57 -50.84 -4.31
N GLU S 107 13.70 -50.29 -3.10
CA GLU S 107 12.56 -50.19 -2.21
C GLU S 107 11.48 -49.27 -2.77
N GLN S 108 11.89 -48.13 -3.33
CA GLN S 108 10.89 -47.20 -3.88
C GLN S 108 10.29 -47.73 -5.17
N LEU S 109 11.08 -48.45 -5.97
CA LEU S 109 10.50 -49.15 -7.11
C LEU S 109 9.48 -50.18 -6.64
N ASP S 110 9.74 -50.83 -5.51
CA ASP S 110 8.77 -51.76 -4.95
C ASP S 110 7.51 -51.05 -4.50
N SER S 111 7.65 -49.86 -3.93
CA SER S 111 6.47 -49.08 -3.55
C SER S 111 5.65 -48.69 -4.77
N VAL S 112 6.32 -48.26 -5.84
CA VAL S 112 5.62 -47.94 -7.08
C VAL S 112 4.91 -49.17 -7.62
N GLN S 113 5.58 -50.32 -7.57
CA GLN S 113 4.98 -51.57 -8.01
C GLN S 113 3.77 -51.94 -7.18
N GLY S 114 3.84 -51.73 -5.86
CA GLY S 114 2.69 -51.99 -5.02
C GLY S 114 1.51 -51.11 -5.37
N GLU S 115 1.77 -49.81 -5.60
CA GLU S 115 0.67 -48.91 -5.95
C GLU S 115 0.08 -49.30 -7.31
N ILE S 116 0.94 -49.67 -8.26
CA ILE S 116 0.48 -50.08 -9.58
C ILE S 116 -0.32 -51.37 -9.49
N ASN S 117 0.10 -52.27 -8.60
CA ASN S 117 -0.66 -53.49 -8.35
C ASN S 117 -2.04 -53.16 -7.80
N GLN S 118 -2.11 -52.17 -6.91
CA GLN S 118 -3.41 -51.70 -6.44
C GLN S 118 -4.24 -51.18 -7.61
N ARG S 119 -3.63 -50.40 -8.50
CA ARG S 119 -4.37 -49.86 -9.63
C ARG S 119 -4.91 -50.96 -10.54
N LEU S 120 -4.06 -51.96 -10.82
CA LEU S 120 -4.50 -53.07 -11.67
C LEU S 120 -5.59 -53.88 -11.00
N ALA S 121 -5.47 -54.13 -9.70
CA ALA S 121 -6.52 -54.82 -8.98
C ALA S 121 -7.82 -54.04 -9.02
N ASP S 122 -7.74 -52.72 -8.93
CA ASP S 122 -8.93 -51.90 -9.01
C ASP S 122 -9.54 -51.94 -10.41
N ILE S 123 -8.70 -51.98 -11.45
CA ILE S 123 -9.22 -52.09 -12.81
C ILE S 123 -9.96 -53.41 -12.97
N ASP S 124 -9.38 -54.49 -12.45
CA ASP S 124 -10.05 -55.80 -12.51
C ASP S 124 -11.35 -55.77 -11.71
N ARG S 125 -11.34 -55.10 -10.57
CA ARG S 125 -12.56 -54.95 -9.77
C ARG S 125 -13.62 -54.18 -10.54
N ILE S 126 -13.21 -53.14 -11.28
CA ILE S 126 -14.13 -52.39 -12.11
C ILE S 126 -14.74 -53.31 -13.15
N SER S 127 -13.92 -54.13 -13.78
CA SER S 127 -14.42 -55.06 -14.79
C SER S 127 -15.43 -56.03 -14.19
N GLU S 128 -15.13 -56.60 -13.02
CA GLU S 128 -15.98 -57.64 -12.47
C GLU S 128 -17.26 -57.08 -11.85
N GLN S 129 -17.17 -55.92 -11.20
CA GLN S 129 -18.28 -55.41 -10.40
C GLN S 129 -19.17 -54.42 -11.12
N THR S 130 -18.75 -53.87 -12.26
CA THR S 130 -19.59 -52.93 -12.99
C THR S 130 -20.83 -53.65 -13.48
N ASP S 131 -21.97 -53.34 -12.86
CA ASP S 131 -23.21 -54.06 -13.12
C ASP S 131 -24.25 -53.10 -13.67
N PHE S 132 -25.13 -53.64 -14.51
CA PHE S 132 -26.25 -52.89 -15.04
C PHE S 132 -27.39 -53.87 -15.30
N ASN S 133 -28.40 -53.84 -14.45
CA ASN S 133 -29.56 -54.74 -14.57
C ASN S 133 -29.09 -56.20 -14.61
N GLY S 134 -28.33 -56.57 -13.58
CA GLY S 134 -27.85 -57.94 -13.46
C GLY S 134 -26.95 -58.39 -14.60
N VAL S 135 -26.37 -57.46 -15.35
CA VAL S 135 -25.50 -57.78 -16.47
C VAL S 135 -24.18 -57.06 -16.24
N LYS S 136 -23.09 -57.82 -16.13
CA LYS S 136 -21.76 -57.24 -15.98
C LYS S 136 -21.33 -56.73 -17.35
N VAL S 137 -21.78 -55.52 -17.67
CA VAL S 137 -21.66 -55.01 -19.03
C VAL S 137 -20.20 -54.84 -19.41
N LEU S 138 -19.38 -54.29 -18.53
CA LEU S 138 -17.96 -54.08 -18.82
C LEU S 138 -17.13 -55.17 -18.13
N SER S 139 -17.34 -56.41 -18.55
CA SER S 139 -16.70 -57.52 -17.87
C SER S 139 -16.06 -58.52 -18.83
N ASP S 140 -15.64 -59.66 -18.30
CA ASP S 140 -15.01 -60.68 -19.13
C ASP S 140 -16.02 -61.40 -20.00
N SER S 141 -17.23 -61.64 -19.49
CA SER S 141 -18.28 -62.33 -20.22
C SER S 141 -19.38 -61.31 -20.51
N ALA S 142 -19.25 -60.62 -21.63
CA ALA S 142 -20.19 -59.56 -22.03
C ALA S 142 -20.39 -59.65 -23.54
N LYS S 143 -21.42 -60.38 -23.95
CA LYS S 143 -21.75 -60.47 -25.36
C LYS S 143 -22.41 -59.18 -25.84
N PRO S 144 -22.30 -58.86 -27.14
CA PRO S 144 -23.01 -57.70 -27.67
C PRO S 144 -24.52 -57.85 -27.50
N LEU S 145 -25.18 -56.73 -27.25
CA LEU S 145 -26.61 -56.73 -26.96
C LEU S 145 -27.40 -56.67 -28.26
N THR S 146 -28.73 -56.62 -28.17
CA THR S 146 -29.60 -56.54 -29.34
C THR S 146 -30.28 -55.19 -29.46
N LEU S 147 -31.06 -54.79 -28.46
CA LEU S 147 -31.67 -53.46 -28.41
C LEU S 147 -32.54 -53.20 -29.65
N GLN S 148 -33.64 -53.96 -29.74
CA GLN S 148 -34.56 -53.78 -30.84
C GLN S 148 -35.16 -52.38 -30.82
N VAL S 149 -34.99 -51.64 -31.91
CA VAL S 149 -35.63 -50.34 -32.11
C VAL S 149 -36.53 -50.46 -33.31
N GLY S 150 -37.81 -50.15 -33.13
CA GLY S 150 -38.83 -50.39 -34.13
C GLY S 150 -39.49 -51.74 -33.96
N ALA S 151 -40.71 -51.83 -34.48
CA ALA S 151 -41.45 -53.09 -34.47
C ALA S 151 -40.94 -53.95 -35.63
N ASN S 152 -41.67 -55.02 -35.95
CA ASN S 152 -41.34 -55.88 -37.09
C ASN S 152 -39.94 -56.49 -36.92
N ASP S 153 -39.85 -57.40 -35.95
CA ASP S 153 -38.60 -58.06 -35.57
C ASP S 153 -37.73 -58.38 -36.78
N GLY S 154 -36.45 -58.10 -36.66
CA GLY S 154 -35.52 -58.30 -37.76
C GLY S 154 -34.46 -57.22 -37.78
N GLU S 155 -34.66 -56.19 -36.97
CA GLU S 155 -33.69 -55.12 -36.80
C GLU S 155 -33.36 -54.95 -35.32
N THR S 156 -32.11 -54.65 -35.04
CA THR S 156 -31.60 -54.49 -33.69
C THR S 156 -30.49 -53.45 -33.74
N ILE S 157 -29.72 -53.36 -32.67
CA ILE S 157 -28.54 -52.51 -32.62
C ILE S 157 -27.46 -53.29 -31.88
N THR S 158 -26.49 -53.82 -32.62
CA THR S 158 -25.40 -54.56 -32.01
C THR S 158 -24.52 -53.61 -31.23
N LEU S 159 -24.49 -53.78 -29.90
CA LEU S 159 -23.84 -52.79 -29.06
C LEU S 159 -22.32 -52.97 -29.04
N ASN S 160 -21.84 -54.21 -29.06
CA ASN S 160 -20.42 -54.54 -29.18
C ASN S 160 -19.59 -53.91 -28.05
N LEU S 161 -19.86 -54.40 -26.84
CA LEU S 161 -19.09 -54.02 -25.66
C LEU S 161 -18.57 -55.26 -24.97
N SER S 162 -17.30 -55.25 -24.57
CA SER S 162 -16.72 -56.38 -23.85
C SER S 162 -15.32 -56.08 -23.37
N GLU S 163 -14.98 -56.64 -22.21
CA GLU S 163 -13.61 -57.03 -21.84
C GLU S 163 -12.64 -55.84 -21.82
N ILE S 164 -12.84 -54.95 -20.84
CA ILE S 164 -11.80 -54.03 -20.42
C ILE S 164 -11.37 -54.42 -19.01
N SER S 165 -10.12 -54.83 -18.88
CA SER S 165 -9.54 -55.27 -17.62
C SER S 165 -8.08 -55.60 -17.87
N VAL S 166 -7.37 -56.00 -16.81
CA VAL S 166 -6.13 -56.72 -17.03
C VAL S 166 -6.45 -58.05 -17.70
N LYS S 167 -5.41 -58.66 -18.28
CA LYS S 167 -5.52 -59.92 -19.02
C LYS S 167 -6.22 -59.69 -20.37
N THR S 168 -6.72 -58.48 -20.59
CA THR S 168 -7.27 -58.10 -21.90
C THR S 168 -6.81 -56.74 -22.38
N LEU S 169 -6.45 -55.82 -21.49
CA LEU S 169 -5.72 -54.63 -21.91
C LEU S 169 -4.28 -54.94 -22.23
N GLY S 170 -3.83 -56.16 -21.95
CA GLY S 170 -2.52 -56.63 -22.34
C GLY S 170 -1.48 -56.61 -21.24
N LEU S 171 -1.71 -55.82 -20.19
CA LEU S 171 -0.71 -55.73 -19.13
C LEU S 171 -0.55 -57.07 -18.42
N ASP S 172 -1.55 -57.45 -17.62
CA ASP S 172 -1.73 -58.78 -17.04
C ASP S 172 -0.58 -59.14 -16.09
N GLY S 173 0.51 -58.39 -16.16
CA GLY S 173 1.65 -58.64 -15.30
C GLY S 173 2.46 -57.40 -15.03
N PHE S 174 1.85 -56.23 -15.26
CA PHE S 174 2.60 -54.98 -15.41
C PHE S 174 3.56 -54.76 -14.26
N ASN S 175 4.85 -54.87 -14.54
CA ASN S 175 5.87 -54.82 -13.51
C ASN S 175 6.91 -53.78 -13.88
N VAL S 176 7.33 -53.00 -12.89
CA VAL S 176 8.27 -51.92 -13.14
C VAL S 176 9.57 -52.18 -12.39
N ASN S 177 9.48 -52.85 -11.24
CA ASN S 177 10.68 -53.09 -10.46
C ASN S 177 11.51 -54.21 -11.07
N GLY S 178 10.97 -55.44 -11.10
CA GLY S 178 11.74 -56.59 -11.55
C GLY S 178 13.08 -56.61 -10.85
N LYS S 179 14.16 -56.72 -11.62
CA LYS S 179 15.46 -56.33 -11.11
C LYS S 179 16.27 -55.62 -12.20
N GLY S 180 15.67 -55.41 -13.36
CA GLY S 180 16.35 -54.76 -14.48
C GLY S 180 16.74 -55.77 -15.55
N VAL S 181 17.91 -55.59 -16.14
CA VAL S 181 18.44 -56.49 -17.15
C VAL S 181 19.46 -57.37 -16.44
N THR S 182 19.01 -58.55 -16.01
CA THR S 182 19.84 -59.42 -15.20
C THR S 182 21.03 -59.96 -15.99
N GLN S 183 22.19 -59.90 -15.38
CA GLN S 183 23.43 -60.39 -15.99
C GLN S 183 23.82 -61.73 -15.39
N ASN S 184 24.30 -62.63 -16.23
CA ASN S 184 24.64 -63.96 -15.79
C ASN S 184 25.97 -63.95 -15.04
N ARG S 185 26.24 -65.03 -14.32
CA ARG S 185 27.49 -65.22 -13.61
C ARG S 185 28.42 -66.10 -14.43
N SER S 186 29.72 -65.88 -14.28
CA SER S 186 30.72 -66.64 -15.03
C SER S 186 30.59 -68.13 -14.76
N ALA S 187 30.19 -68.89 -15.77
CA ALA S 187 30.12 -70.35 -15.63
C ALA S 187 31.52 -70.91 -15.48
N THR S 188 31.71 -71.78 -14.48
CA THR S 188 33.03 -72.29 -14.15
C THR S 188 32.99 -73.82 -14.15
N VAL S 189 34.16 -74.41 -13.92
CA VAL S 189 34.30 -75.86 -13.97
C VAL S 189 33.43 -76.54 -12.93
N THR S 190 33.14 -75.86 -11.82
CA THR S 190 32.23 -76.44 -10.83
C THR S 190 30.85 -76.67 -11.43
N ASP S 191 30.30 -75.65 -12.10
CA ASP S 191 28.99 -75.80 -12.73
C ASP S 191 29.06 -76.78 -13.89
N VAL S 192 30.17 -76.79 -14.62
CA VAL S 192 30.31 -77.68 -15.78
C VAL S 192 30.28 -79.13 -15.33
N ILE S 193 31.10 -79.48 -14.34
CA ILE S 193 31.13 -80.84 -13.82
C ILE S 193 29.82 -81.17 -13.12
N ALA S 194 29.13 -80.15 -12.58
CA ALA S 194 27.83 -80.40 -11.98
C ALA S 194 26.80 -80.83 -13.01
N GLN S 195 26.87 -80.25 -14.21
CA GLN S 195 25.90 -80.52 -15.26
C GLN S 195 26.33 -81.65 -16.17
N GLY S 196 26.67 -82.79 -15.58
CA GLY S 196 27.05 -83.97 -16.35
C GLY S 196 28.28 -83.78 -17.21
N GLY S 197 29.12 -82.80 -16.90
CA GLY S 197 30.31 -82.57 -17.69
C GLY S 197 31.30 -83.72 -17.57
N THR S 198 32.01 -83.98 -18.66
CA THR S 198 33.02 -85.03 -18.71
C THR S 198 34.38 -84.41 -18.98
N LEU S 199 35.38 -84.81 -18.19
CA LEU S 199 36.73 -84.32 -18.40
C LEU S 199 37.29 -84.81 -19.72
N GLN S 200 37.97 -83.91 -20.43
CA GLN S 200 38.57 -84.24 -21.71
C GLN S 200 40.07 -83.97 -21.77
N GLY S 201 40.58 -83.02 -20.99
CA GLY S 201 42.00 -82.70 -21.04
C GLY S 201 42.40 -81.59 -20.09
N ASP S 202 43.21 -80.65 -20.58
CA ASP S 202 43.72 -79.56 -19.76
C ASP S 202 42.60 -78.57 -19.49
N GLY S 203 41.78 -78.91 -18.50
CA GLY S 203 40.62 -78.09 -18.20
C GLY S 203 39.58 -78.05 -19.29
N THR S 204 39.61 -79.01 -20.21
CA THR S 204 38.68 -79.07 -21.32
C THR S 204 37.56 -80.04 -20.98
N TYR S 205 36.33 -79.56 -21.03
CA TYR S 205 35.16 -80.36 -20.70
C TYR S 205 34.15 -80.29 -21.84
N LYS S 206 33.54 -81.41 -22.15
CA LYS S 206 32.57 -81.51 -23.24
C LYS S 206 31.18 -81.71 -22.62
N ALA S 207 30.38 -80.65 -22.62
CA ALA S 207 29.00 -80.74 -22.17
C ALA S 207 28.12 -81.27 -23.30
N THR S 208 27.40 -82.35 -23.02
CA THR S 208 26.59 -83.02 -24.01
C THR S 208 25.16 -83.14 -23.52
N THR S 209 24.23 -83.23 -24.46
CA THR S 209 22.82 -83.42 -24.13
C THR S 209 22.11 -84.13 -25.28
N THR S 210 21.59 -85.32 -24.99
CA THR S 210 20.88 -86.09 -25.98
C THR S 210 19.48 -85.53 -26.16
N PHE S 211 19.03 -85.50 -27.43
CA PHE S 211 17.80 -84.81 -27.80
C PHE S 211 16.82 -85.74 -28.51
N ASN S 212 16.89 -87.05 -28.23
CA ASN S 212 16.00 -88.01 -28.88
C ASN S 212 14.56 -87.66 -28.59
N ALA S 213 13.83 -87.24 -29.61
CA ALA S 213 12.52 -86.64 -29.43
C ALA S 213 11.75 -86.78 -30.74
N ALA S 214 10.70 -85.96 -30.90
CA ALA S 214 9.85 -85.96 -32.09
C ALA S 214 9.06 -87.26 -32.19
N SER S 215 8.34 -87.58 -31.12
CA SER S 215 7.49 -88.76 -31.10
C SER S 215 6.26 -88.55 -31.99
N ALA S 216 5.38 -89.54 -31.99
CA ALA S 216 4.20 -89.48 -32.85
C ALA S 216 3.29 -88.31 -32.47
N GLU S 217 3.06 -88.10 -31.17
CA GLU S 217 2.19 -87.02 -30.73
C GLU S 217 2.77 -85.66 -31.11
N THR S 218 4.08 -85.48 -30.89
CA THR S 218 4.71 -84.20 -31.19
C THR S 218 4.70 -83.88 -32.68
N VAL S 219 4.52 -84.89 -33.53
CA VAL S 219 4.42 -84.65 -34.96
C VAL S 219 2.97 -84.43 -35.38
N LEU S 220 2.05 -85.27 -34.88
CA LEU S 220 0.64 -85.11 -35.19
C LEU S 220 0.09 -83.80 -34.64
N SER S 221 0.78 -83.17 -33.69
CA SER S 221 0.32 -81.90 -33.15
C SER S 221 0.28 -80.81 -34.22
N LYS S 222 1.24 -80.80 -35.13
CA LYS S 222 1.36 -79.78 -36.16
C LYS S 222 1.01 -80.33 -37.54
N LEU S 223 -0.01 -81.18 -37.61
CA LEU S 223 -0.36 -81.86 -38.85
C LEU S 223 -1.54 -81.16 -39.52
N GLU S 224 -1.38 -80.86 -40.81
CA GLU S 224 -2.47 -80.35 -41.64
C GLU S 224 -2.52 -81.03 -43.00
N ASP S 225 -1.50 -81.81 -43.36
CA ASP S 225 -1.42 -82.48 -44.65
C ASP S 225 -1.55 -83.99 -44.45
N GLY S 226 -1.34 -84.74 -45.54
CA GLY S 226 -1.50 -86.18 -45.50
C GLY S 226 -0.26 -86.92 -45.06
N ASN S 227 -0.46 -88.01 -44.32
CA ASN S 227 0.61 -88.88 -43.88
C ASN S 227 0.44 -90.26 -44.53
N THR S 228 1.29 -91.20 -44.13
CA THR S 228 1.24 -92.55 -44.69
C THR S 228 1.59 -93.56 -43.62
N VAL S 229 1.07 -94.77 -43.79
CA VAL S 229 1.34 -95.89 -42.89
C VAL S 229 1.61 -97.12 -43.74
N ALA S 230 2.73 -97.79 -43.48
CA ALA S 230 3.10 -99.00 -44.22
C ALA S 230 3.69 -100.00 -43.25
N VAL S 231 3.25 -101.25 -43.34
CA VAL S 231 3.72 -102.31 -42.46
C VAL S 231 4.83 -103.05 -43.19
N GLY S 232 6.05 -102.58 -43.02
CA GLY S 232 7.18 -103.22 -43.68
C GLY S 232 7.05 -103.19 -45.19
N GLY S 233 7.25 -104.36 -45.81
CA GLY S 233 7.13 -104.47 -47.24
C GLY S 233 5.73 -104.87 -47.69
N GLY S 234 4.76 -104.73 -46.79
CA GLY S 234 3.38 -105.06 -47.07
C GLY S 234 2.60 -103.89 -47.66
N ALA S 235 1.29 -103.91 -47.44
CA ALA S 235 0.43 -102.86 -47.97
C ALA S 235 0.71 -101.54 -47.27
N THR S 236 0.36 -100.45 -47.96
CA THR S 236 0.60 -99.10 -47.47
C THR S 236 -0.69 -98.30 -47.51
N TYR S 237 -0.94 -97.52 -46.47
CA TYR S 237 -2.13 -96.70 -46.37
C TYR S 237 -1.75 -95.26 -46.07
N THR S 238 -2.49 -94.32 -46.65
CA THR S 238 -2.25 -92.90 -46.46
C THR S 238 -3.50 -92.22 -45.91
N TYR S 239 -3.32 -91.37 -44.92
CA TYR S 239 -4.41 -90.64 -44.29
C TYR S 239 -4.18 -89.15 -44.45
N ASP S 240 -5.27 -88.39 -44.54
CA ASP S 240 -5.21 -86.94 -44.69
C ASP S 240 -6.13 -86.29 -43.67
N ALA S 241 -5.59 -85.32 -42.91
CA ALA S 241 -6.34 -84.65 -41.85
C ALA S 241 -6.90 -83.35 -42.41
N ALA S 242 -8.15 -83.40 -42.87
CA ALA S 242 -8.79 -82.21 -43.43
C ALA S 242 -9.12 -81.20 -42.35
N LYS S 243 -9.75 -81.64 -41.26
CA LYS S 243 -10.14 -80.76 -40.16
C LYS S 243 -9.69 -81.30 -38.81
N GLY S 244 -8.64 -82.12 -38.79
CA GLY S 244 -8.30 -82.90 -37.62
C GLY S 244 -8.92 -84.28 -37.60
N ASN S 245 -9.87 -84.55 -38.49
CA ASN S 245 -10.42 -85.89 -38.68
C ASN S 245 -9.84 -86.44 -39.99
N PHE S 246 -9.14 -87.56 -39.89
CA PHE S 246 -8.39 -88.08 -41.02
C PHE S 246 -9.31 -88.74 -42.05
N THR S 247 -8.86 -88.74 -43.30
CA THR S 247 -9.58 -89.36 -44.39
C THR S 247 -8.65 -90.33 -45.12
N TYR S 248 -9.22 -91.46 -45.54
CA TYR S 248 -8.46 -92.50 -46.24
C TYR S 248 -9.45 -93.46 -46.86
N THR S 249 -8.92 -94.40 -47.63
CA THR S 249 -9.73 -95.42 -48.28
C THR S 249 -9.15 -96.80 -47.99
N LYS S 250 -10.05 -97.76 -47.76
CA LYS S 250 -9.65 -99.15 -47.56
C LYS S 250 -10.55 -100.05 -48.40
N THR S 251 -9.97 -101.10 -48.94
CA THR S 251 -10.73 -102.03 -49.77
C THR S 251 -11.56 -102.96 -48.90
N VAL S 252 -12.82 -103.14 -49.27
CA VAL S 252 -13.71 -104.09 -48.63
C VAL S 252 -13.91 -105.24 -49.61
N ASP S 253 -13.45 -106.42 -49.24
CA ASP S 253 -13.49 -107.58 -50.13
C ASP S 253 -13.59 -108.85 -49.31
N THR S 254 -13.39 -109.99 -49.96
CA THR S 254 -13.49 -111.30 -49.33
C THR S 254 -12.34 -112.16 -49.85
N THR S 255 -12.44 -113.46 -49.62
CA THR S 255 -11.41 -114.40 -50.04
C THR S 255 -11.85 -115.38 -51.11
N VAL S 256 -13.16 -115.51 -51.36
CA VAL S 256 -13.69 -116.50 -52.29
C VAL S 256 -14.17 -115.78 -53.54
N GLY S 257 -13.55 -116.11 -54.68
CA GLY S 257 -14.01 -115.55 -55.94
C GLY S 257 -15.38 -116.05 -56.35
N ALA S 258 -15.70 -117.31 -56.04
CA ALA S 258 -16.96 -117.90 -56.47
C ALA S 258 -18.15 -117.42 -55.66
N ASP S 259 -17.93 -116.83 -54.49
CA ASP S 259 -19.03 -116.41 -53.63
C ASP S 259 -18.58 -115.23 -52.79
N VAL S 260 -19.27 -114.09 -52.95
CA VAL S 260 -18.92 -112.88 -52.23
C VAL S 260 -20.15 -112.36 -51.49
N THR S 261 -21.02 -113.27 -51.05
CA THR S 261 -22.14 -112.86 -50.21
C THR S 261 -21.65 -112.16 -48.95
N ALA S 262 -20.49 -112.58 -48.44
CA ALA S 262 -19.89 -111.88 -47.30
C ALA S 262 -19.50 -110.46 -47.68
N LEU S 263 -19.08 -110.23 -48.92
CA LEU S 263 -18.77 -108.88 -49.36
C LEU S 263 -20.01 -107.99 -49.32
N ALA S 264 -21.14 -108.50 -49.81
CA ALA S 264 -22.38 -107.74 -49.74
C ALA S 264 -22.80 -107.50 -48.30
N ASN S 265 -22.67 -108.51 -47.45
CA ASN S 265 -23.02 -108.35 -46.04
C ASN S 265 -22.01 -107.49 -45.28
N LYS S 266 -20.86 -107.20 -45.88
CA LYS S 266 -19.93 -106.21 -45.34
C LYS S 266 -20.30 -104.80 -45.79
N ILE S 267 -20.72 -104.65 -47.04
CA ILE S 267 -21.13 -103.32 -47.52
C ILE S 267 -22.42 -102.89 -46.85
N LYS S 268 -23.34 -103.82 -46.62
CA LYS S 268 -24.66 -103.45 -46.10
C LYS S 268 -24.63 -102.67 -44.80
N PRO S 269 -23.88 -103.06 -43.76
CA PRO S 269 -23.85 -102.24 -42.54
C PRO S 269 -23.30 -100.85 -42.78
N SER S 270 -22.38 -100.68 -43.73
CA SER S 270 -21.88 -99.35 -44.04
C SER S 270 -23.00 -98.44 -44.53
N SER S 271 -23.86 -98.96 -45.40
CA SER S 271 -25.01 -98.18 -45.86
C SER S 271 -25.99 -97.94 -44.72
N GLY S 272 -26.20 -98.95 -43.88
CA GLY S 272 -27.15 -98.84 -42.79
C GLY S 272 -28.34 -99.77 -42.97
N THR S 273 -29.48 -99.40 -42.40
CA THR S 273 -30.70 -100.20 -42.51
C THR S 273 -31.77 -99.50 -43.34
N ILE S 274 -32.17 -98.29 -42.96
CA ILE S 274 -33.18 -97.52 -43.67
C ILE S 274 -32.65 -96.11 -43.86
N SER S 275 -32.64 -95.64 -45.10
CA SER S 275 -32.20 -94.28 -45.40
C SER S 275 -33.02 -93.77 -46.59
N GLY S 276 -32.64 -92.60 -47.09
CA GLY S 276 -33.41 -91.96 -48.14
C GLY S 276 -32.73 -91.94 -49.50
N SER S 277 -32.30 -90.77 -49.94
CA SER S 277 -31.75 -90.62 -51.28
C SER S 277 -30.38 -91.28 -51.39
N TYR S 278 -30.23 -92.13 -52.41
CA TYR S 278 -28.97 -92.78 -52.74
C TYR S 278 -28.54 -92.36 -54.15
N GLU S 279 -27.39 -92.87 -54.57
CA GLU S 279 -26.89 -92.67 -55.93
C GLU S 279 -26.26 -93.96 -56.40
N ILE S 280 -26.98 -94.71 -57.23
CA ILE S 280 -26.50 -95.98 -57.76
C ILE S 280 -25.98 -95.75 -59.17
N SER S 281 -24.73 -96.12 -59.41
CA SER S 281 -24.07 -95.91 -60.70
C SER S 281 -23.72 -97.22 -61.37
N THR S 282 -24.66 -98.17 -61.36
CA THR S 282 -24.44 -99.46 -61.99
C THR S 282 -24.32 -99.28 -63.50
N GLY S 283 -23.69 -100.27 -64.14
CA GLY S 283 -23.45 -100.19 -65.56
C GLY S 283 -22.41 -99.14 -65.89
N LYS S 284 -22.81 -98.08 -66.59
CA LYS S 284 -21.88 -97.02 -66.95
C LYS S 284 -22.25 -95.68 -66.34
N SER S 285 -23.47 -95.20 -66.55
CA SER S 285 -23.89 -93.88 -66.10
C SER S 285 -25.31 -93.91 -65.55
N ALA S 286 -25.60 -94.91 -64.71
CA ALA S 286 -26.94 -95.02 -64.12
C ALA S 286 -27.26 -93.76 -63.30
N SER S 287 -26.49 -93.53 -62.24
CA SER S 287 -26.61 -92.30 -61.44
C SER S 287 -28.03 -92.07 -60.96
N PHE S 288 -28.71 -93.15 -60.55
CA PHE S 288 -30.08 -93.05 -60.09
C PHE S 288 -30.15 -92.31 -58.75
N ASP S 289 -31.36 -91.98 -58.35
CA ASP S 289 -31.64 -91.37 -57.05
C ASP S 289 -32.77 -92.18 -56.43
N VAL S 290 -32.43 -93.24 -55.72
CA VAL S 290 -33.39 -94.21 -55.25
C VAL S 290 -33.71 -93.95 -53.78
N ASP S 291 -34.80 -94.56 -53.31
CA ASP S 291 -35.24 -94.47 -51.92
C ASP S 291 -35.45 -95.91 -51.43
N ALA S 292 -34.40 -96.49 -50.86
CA ALA S 292 -34.42 -97.91 -50.49
C ALA S 292 -34.69 -98.03 -48.99
N ALA S 293 -35.93 -98.39 -48.66
CA ALA S 293 -36.32 -98.77 -47.31
C ALA S 293 -36.72 -100.25 -47.38
N GLY S 294 -35.72 -101.12 -47.25
CA GLY S 294 -35.92 -102.53 -47.56
C GLY S 294 -35.72 -102.78 -49.03
N LYS S 295 -36.81 -102.97 -49.77
CA LYS S 295 -36.73 -103.05 -51.21
C LYS S 295 -36.38 -101.69 -51.79
N ILE S 296 -35.51 -101.68 -52.80
CA ILE S 296 -35.05 -100.44 -53.40
C ILE S 296 -36.12 -99.90 -54.33
N THR S 297 -36.48 -98.63 -54.15
CA THR S 297 -37.48 -97.97 -54.97
C THR S 297 -36.96 -96.60 -55.39
N ILE S 298 -37.58 -96.05 -56.44
CA ILE S 298 -37.24 -94.73 -56.94
C ILE S 298 -38.35 -93.78 -56.50
N GLY S 299 -38.05 -92.48 -56.51
CA GLY S 299 -39.03 -91.50 -56.10
C GLY S 299 -40.31 -91.59 -56.90
N GLY S 300 -41.37 -92.09 -56.27
CA GLY S 300 -42.65 -92.23 -56.92
C GLY S 300 -42.86 -93.51 -57.71
N ASN S 301 -41.93 -94.47 -57.64
CA ASN S 301 -42.06 -95.69 -58.43
C ASN S 301 -41.24 -96.80 -57.80
N ALA S 302 -41.42 -98.00 -58.33
CA ALA S 302 -40.65 -99.18 -57.92
C ALA S 302 -39.68 -99.56 -59.03
N ALA S 303 -38.45 -99.87 -58.64
CA ALA S 303 -37.37 -100.12 -59.58
C ALA S 303 -37.00 -101.60 -59.58
N PHE S 304 -37.02 -102.21 -60.76
CA PHE S 304 -36.58 -103.59 -60.93
C PHE S 304 -35.13 -103.60 -61.43
N LEU S 305 -34.61 -104.79 -61.75
CA LEU S 305 -33.22 -104.93 -62.14
C LEU S 305 -33.10 -105.87 -63.32
N ASN S 306 -32.49 -105.38 -64.41
CA ASN S 306 -32.17 -106.20 -65.57
C ASN S 306 -30.75 -106.72 -65.40
N ALA S 307 -30.53 -107.99 -65.77
CA ALA S 307 -29.30 -108.68 -65.42
C ALA S 307 -28.76 -109.51 -66.57
N ASP S 308 -27.54 -110.02 -66.35
CA ASP S 308 -26.87 -111.06 -67.12
C ASP S 308 -26.33 -110.59 -68.47
N GLY S 309 -26.68 -109.38 -68.89
CA GLY S 309 -25.93 -108.72 -69.94
C GLY S 309 -25.07 -107.62 -69.36
N GLU S 310 -25.72 -106.78 -68.57
CA GLU S 310 -25.08 -105.73 -67.79
C GLU S 310 -26.10 -105.32 -66.74
N LEU S 311 -25.79 -105.53 -65.47
CA LEU S 311 -26.79 -105.40 -64.43
C LEU S 311 -27.14 -103.94 -64.21
N THR S 312 -28.25 -103.50 -64.80
CA THR S 312 -28.74 -102.14 -64.66
C THR S 312 -30.09 -102.14 -63.96
N THR S 313 -30.40 -101.03 -63.31
CA THR S 313 -31.66 -100.83 -62.62
C THR S 313 -32.61 -100.04 -63.51
N ASN S 314 -33.83 -100.54 -63.68
CA ASN S 314 -34.83 -99.85 -64.49
C ASN S 314 -36.21 -100.14 -63.93
N ASP S 315 -37.06 -99.11 -63.94
CA ASP S 315 -38.43 -99.26 -63.45
C ASP S 315 -39.28 -100.17 -64.34
N ALA S 316 -38.95 -100.28 -65.62
CA ALA S 316 -39.72 -101.09 -66.55
C ALA S 316 -39.37 -102.54 -66.32
N SER S 317 -40.34 -103.32 -65.84
CA SER S 317 -40.10 -104.73 -65.55
C SER S 317 -39.80 -105.51 -66.83
N GLY S 318 -38.91 -106.49 -66.70
CA GLY S 318 -38.59 -107.40 -67.78
C GLY S 318 -39.09 -108.80 -67.50
N ALA S 319 -38.76 -109.72 -68.41
CA ALA S 319 -39.20 -111.10 -68.26
C ALA S 319 -38.51 -111.78 -67.09
N LEU S 320 -37.29 -111.36 -66.75
CA LEU S 320 -36.47 -112.01 -65.74
C LEU S 320 -35.90 -111.00 -64.77
N THR S 321 -36.71 -110.03 -64.35
CA THR S 321 -36.24 -108.93 -63.52
C THR S 321 -36.72 -109.07 -62.09
N GLN S 322 -35.91 -108.58 -61.16
CA GLN S 322 -36.19 -108.62 -59.73
C GLN S 322 -35.94 -107.25 -59.13
N ALA S 323 -36.49 -107.02 -57.94
CA ALA S 323 -36.42 -105.72 -57.28
C ALA S 323 -36.12 -105.91 -55.80
N THR S 324 -34.88 -105.62 -55.40
CA THR S 324 -34.50 -105.59 -53.99
C THR S 324 -33.14 -104.93 -53.86
N LEU S 325 -32.83 -104.50 -52.64
CA LEU S 325 -31.55 -103.87 -52.37
C LEU S 325 -30.39 -104.85 -52.52
N ASP S 326 -30.61 -106.11 -52.12
CA ASP S 326 -29.54 -107.10 -52.18
C ASP S 326 -29.08 -107.33 -53.61
N ASP S 327 -30.02 -107.38 -54.55
CA ASP S 327 -29.64 -107.57 -55.95
C ASP S 327 -28.83 -106.38 -56.47
N VAL S 328 -29.21 -105.16 -56.08
CA VAL S 328 -28.45 -103.99 -56.49
C VAL S 328 -27.04 -104.04 -55.91
N LEU S 329 -26.93 -104.43 -54.64
CA LEU S 329 -25.61 -104.54 -54.01
C LEU S 329 -24.76 -105.61 -54.70
N THR S 330 -25.38 -106.72 -55.08
CA THR S 330 -24.65 -107.74 -55.82
C THR S 330 -24.19 -107.22 -57.18
N SER S 331 -25.06 -106.47 -57.87
CA SER S 331 -24.69 -105.90 -59.15
C SER S 331 -23.49 -104.98 -59.01
N VAL S 332 -23.50 -104.13 -57.98
CA VAL S 332 -22.37 -103.23 -57.76
C VAL S 332 -21.12 -104.02 -57.40
N GLY S 333 -21.27 -105.09 -56.61
CA GLY S 333 -20.12 -105.82 -56.12
C GLY S 333 -19.66 -106.96 -57.01
N THR S 334 -20.59 -107.61 -57.70
CA THR S 334 -20.27 -108.80 -58.48
C THR S 334 -20.23 -108.52 -59.98
N GLU S 335 -21.31 -107.97 -60.53
CA GLU S 335 -21.45 -107.76 -61.97
C GLU S 335 -21.21 -106.31 -62.37
N ALA S 336 -20.40 -105.58 -61.61
CA ALA S 336 -20.10 -104.19 -61.95
C ALA S 336 -19.42 -104.10 -63.31
N ASN S 337 -18.34 -104.87 -63.49
CA ASN S 337 -17.58 -104.93 -64.74
C ASN S 337 -17.07 -103.56 -65.17
N SER S 338 -17.07 -102.59 -64.27
CA SER S 338 -16.69 -101.23 -64.59
C SER S 338 -16.64 -100.45 -63.27
N SER S 339 -16.36 -99.15 -63.38
CA SER S 339 -16.30 -98.26 -62.22
C SER S 339 -17.73 -97.99 -61.77
N VAL S 340 -18.25 -98.92 -60.97
CA VAL S 340 -19.60 -98.87 -60.44
C VAL S 340 -19.53 -98.55 -58.96
N THR S 341 -20.33 -97.58 -58.52
CA THR S 341 -20.28 -97.11 -57.14
C THR S 341 -21.69 -96.92 -56.61
N ILE S 342 -21.79 -96.85 -55.28
CA ILE S 342 -23.02 -96.54 -54.59
C ILE S 342 -22.81 -95.22 -53.87
N GLY S 343 -23.54 -94.19 -54.30
CA GLY S 343 -23.39 -92.86 -53.74
C GLY S 343 -24.26 -92.57 -52.53
N GLY S 344 -24.95 -93.58 -52.00
CA GLY S 344 -25.85 -93.35 -50.89
C GLY S 344 -25.13 -93.04 -49.59
N THR S 345 -25.80 -92.24 -48.76
CA THR S 345 -25.32 -91.86 -47.43
C THR S 345 -23.92 -91.25 -47.48
N LYS S 346 -23.70 -90.38 -48.47
CA LYS S 346 -22.45 -89.60 -48.58
C LYS S 346 -21.22 -90.50 -48.67
N TYR S 347 -21.35 -91.65 -49.31
CA TYR S 347 -20.25 -92.57 -49.54
C TYR S 347 -20.12 -92.85 -51.03
N SER S 348 -19.06 -93.58 -51.39
CA SER S 348 -18.88 -93.99 -52.78
C SER S 348 -18.15 -95.34 -52.76
N HIS S 349 -18.94 -96.42 -52.78
CA HIS S 349 -18.39 -97.77 -52.77
C HIS S 349 -18.07 -98.20 -54.20
N SER S 350 -17.06 -97.54 -54.77
CA SER S 350 -16.66 -97.83 -56.13
C SER S 350 -16.12 -99.25 -56.24
N ALA S 351 -16.52 -99.95 -57.29
CA ALA S 351 -16.06 -101.31 -57.54
C ALA S 351 -14.72 -101.23 -58.25
N ALA S 352 -13.64 -101.17 -57.46
CA ALA S 352 -12.30 -101.12 -58.05
C ALA S 352 -12.02 -102.39 -58.86
N ASP S 353 -12.39 -103.55 -58.33
CA ASP S 353 -12.29 -104.81 -59.05
C ASP S 353 -13.64 -105.51 -59.01
N GLU S 354 -14.14 -105.90 -60.17
CA GLU S 354 -15.40 -106.63 -60.25
C GLU S 354 -15.15 -108.12 -60.01
N LEU S 355 -16.25 -108.86 -59.82
CA LEU S 355 -16.17 -110.30 -59.56
C LEU S 355 -16.34 -111.05 -60.88
N SER S 356 -15.24 -111.62 -61.36
CA SER S 356 -15.28 -112.52 -62.51
C SER S 356 -15.61 -113.95 -62.09
N TYR S 357 -15.99 -114.15 -60.83
CA TYR S 357 -16.27 -115.44 -60.19
C TYR S 357 -15.01 -116.30 -60.07
N THR S 358 -13.85 -115.79 -60.47
CA THR S 358 -12.57 -116.42 -60.21
C THR S 358 -11.69 -115.58 -59.31
N ALA S 359 -11.52 -114.31 -59.64
CA ALA S 359 -10.79 -113.37 -58.80
C ALA S 359 -11.77 -112.60 -57.93
N VAL S 360 -11.42 -112.42 -56.66
CA VAL S 360 -12.33 -111.78 -55.70
C VAL S 360 -12.50 -110.32 -56.06
N ALA S 361 -13.73 -109.82 -55.93
CA ALA S 361 -14.06 -108.45 -56.27
C ALA S 361 -13.62 -107.49 -55.18
N THR S 362 -13.50 -106.22 -55.56
CA THR S 362 -13.11 -105.15 -54.65
C THR S 362 -14.14 -104.03 -54.75
N THR S 363 -14.60 -103.55 -53.60
CA THR S 363 -15.55 -102.46 -53.49
C THR S 363 -15.00 -101.36 -52.60
N ALA S 364 -13.75 -100.99 -52.87
CA ALA S 364 -13.04 -100.01 -52.04
C ALA S 364 -13.82 -98.70 -51.96
N ASP S 365 -13.89 -98.15 -50.75
CA ASP S 365 -14.57 -96.89 -50.50
C ASP S 365 -13.69 -96.04 -49.59
N VAL S 366 -13.85 -94.72 -49.71
CA VAL S 366 -13.21 -93.78 -48.80
C VAL S 366 -14.06 -93.74 -47.53
N LEU S 367 -13.75 -94.60 -46.57
CA LEU S 367 -14.56 -94.68 -45.36
C LEU S 367 -14.24 -93.58 -44.37
N SER S 368 -12.95 -93.29 -44.15
CA SER S 368 -12.48 -92.32 -43.17
C SER S 368 -12.96 -92.65 -41.77
N ALA S 369 -13.35 -93.90 -41.53
CA ALA S 369 -13.82 -94.31 -40.21
C ALA S 369 -12.73 -94.27 -39.17
N MET S 370 -11.46 -94.24 -39.60
CA MET S 370 -10.31 -94.15 -38.72
C MET S 370 -9.88 -92.70 -38.52
N GLY S 371 -10.83 -91.77 -38.66
CA GLY S 371 -10.50 -90.37 -38.86
C GLY S 371 -9.91 -89.66 -37.64
N SER S 372 -10.32 -90.06 -36.44
CA SER S 372 -9.92 -89.35 -35.24
C SER S 372 -8.40 -89.26 -35.13
N SER S 373 -7.91 -88.05 -34.85
CA SER S 373 -6.47 -87.86 -34.73
C SER S 373 -5.91 -88.68 -33.58
N THR S 374 -6.63 -88.74 -32.47
CA THR S 374 -6.23 -89.61 -31.37
C THR S 374 -6.22 -91.07 -31.81
N ALA S 375 -7.20 -91.46 -32.62
CA ALA S 375 -7.22 -92.83 -33.13
C ALA S 375 -6.01 -93.11 -34.01
N VAL S 376 -5.64 -92.17 -34.87
CA VAL S 376 -4.46 -92.38 -35.70
C VAL S 376 -3.21 -92.44 -34.84
N SER S 377 -3.15 -91.64 -33.77
CA SER S 377 -2.04 -91.77 -32.84
C SER S 377 -1.99 -93.14 -32.21
N THR S 378 -3.15 -93.69 -31.85
CA THR S 378 -3.20 -95.04 -31.28
C THR S 378 -2.66 -96.06 -32.28
N VAL S 379 -3.13 -95.99 -33.53
CA VAL S 379 -2.74 -97.02 -34.49
C VAL S 379 -1.27 -96.91 -34.84
N THR S 380 -0.73 -95.69 -34.91
CA THR S 380 0.69 -95.56 -35.22
C THR S 380 1.57 -95.78 -34.00
N LEU S 381 1.00 -95.79 -32.79
CA LEU S 381 1.78 -96.08 -31.60
C LEU S 381 1.88 -97.58 -31.33
N GLY S 382 0.78 -98.31 -31.53
CA GLY S 382 0.78 -99.74 -31.29
C GLY S 382 0.88 -100.56 -32.56
N SER S 383 1.39 -99.97 -33.63
CA SER S 383 1.54 -100.69 -34.88
C SER S 383 2.60 -101.77 -34.78
N GLY S 384 2.60 -102.68 -35.75
CA GLY S 384 3.57 -103.75 -35.78
C GLY S 384 4.90 -103.31 -36.33
N ILE S 385 5.49 -104.11 -37.22
CA ILE S 385 6.74 -103.72 -37.87
C ILE S 385 6.40 -102.80 -39.03
N THR S 386 6.37 -101.50 -38.77
CA THR S 386 5.90 -100.51 -39.72
C THR S 386 6.96 -99.45 -39.95
N SER S 387 6.72 -98.62 -40.97
CA SER S 387 7.59 -97.50 -41.31
C SER S 387 6.75 -96.29 -41.67
N ALA S 388 5.71 -96.02 -40.87
CA ALA S 388 4.78 -94.94 -41.19
C ALA S 388 5.48 -93.59 -41.16
N ALA S 389 5.06 -92.70 -42.06
CA ALA S 389 5.68 -91.40 -42.22
C ALA S 389 4.61 -90.33 -42.32
N VAL S 390 5.00 -89.09 -41.99
CA VAL S 390 4.10 -87.95 -41.97
C VAL S 390 4.64 -86.86 -42.88
N THR S 391 3.81 -86.41 -43.81
CA THR S 391 4.04 -85.16 -44.55
C THR S 391 3.14 -84.11 -43.94
N PHE S 392 3.74 -83.05 -43.42
CA PHE S 392 2.98 -82.11 -42.60
C PHE S 392 3.27 -80.65 -42.92
N ALA S 393 3.83 -80.35 -44.09
CA ALA S 393 4.13 -78.98 -44.44
C ALA S 393 3.95 -78.78 -45.93
N ILE S 394 3.79 -77.52 -46.32
CA ILE S 394 3.59 -77.21 -47.74
C ILE S 394 4.90 -77.42 -48.49
N ALA S 395 4.77 -77.62 -49.82
CA ALA S 395 5.88 -78.12 -50.62
C ALA S 395 7.13 -77.26 -50.50
N THR S 396 6.98 -75.95 -50.31
CA THR S 396 8.15 -75.10 -50.15
C THR S 396 8.84 -75.33 -48.81
N THR S 397 8.12 -75.86 -47.82
CA THR S 397 8.69 -76.19 -46.52
C THR S 397 8.42 -77.64 -46.15
N ASP S 398 8.09 -78.48 -47.12
CA ASP S 398 7.63 -79.84 -46.84
C ASP S 398 8.74 -80.70 -46.26
N SER S 399 8.33 -81.72 -45.51
CA SER S 399 9.26 -82.66 -44.92
C SER S 399 8.53 -83.97 -44.66
N ASN S 400 9.32 -85.03 -44.48
CA ASN S 400 8.79 -86.34 -44.13
C ASN S 400 9.50 -86.84 -42.88
N ASN S 401 8.73 -87.39 -41.94
CA ASN S 401 9.25 -87.91 -40.69
C ASN S 401 9.04 -89.42 -40.66
N THR S 402 10.12 -90.18 -40.54
CA THR S 402 10.06 -91.63 -40.46
C THR S 402 10.51 -92.07 -39.07
N TRP S 403 9.70 -92.90 -38.41
CA TRP S 403 9.91 -93.26 -37.02
C TRP S 403 9.88 -94.77 -36.84
N VAL S 404 10.01 -95.18 -35.57
CA VAL S 404 10.12 -96.58 -35.21
C VAL S 404 8.85 -97.34 -35.56
N ASP S 405 8.97 -98.66 -35.69
CA ASP S 405 7.82 -99.49 -36.05
C ASP S 405 6.70 -99.35 -35.03
N ASN S 406 7.02 -99.25 -33.74
CA ASN S 406 5.99 -99.25 -32.72
C ASN S 406 6.28 -98.28 -31.59
N LYS S 407 6.95 -97.16 -31.90
CA LYS S 407 7.26 -96.19 -30.84
C LYS S 407 6.79 -94.80 -31.21
N GLY S 408 6.83 -94.46 -32.49
CA GLY S 408 6.57 -93.11 -32.92
C GLY S 408 7.76 -92.18 -32.86
N GLU S 409 8.89 -92.64 -32.33
CA GLU S 409 10.06 -91.79 -32.17
C GLU S 409 10.89 -91.75 -33.45
N LEU S 410 11.19 -90.54 -33.90
CA LEU S 410 12.05 -90.35 -35.06
C LEU S 410 13.49 -90.68 -34.67
N THR S 411 14.00 -91.79 -35.19
CA THR S 411 15.37 -92.19 -34.85
C THR S 411 16.38 -91.20 -35.41
N ASP S 412 16.21 -90.77 -36.65
CA ASP S 412 17.17 -89.90 -37.33
C ASP S 412 16.82 -88.42 -37.21
N ILE S 413 15.69 -88.07 -36.60
CA ILE S 413 15.26 -86.69 -36.46
C ILE S 413 14.99 -86.41 -34.98
N GLN S 414 15.59 -85.34 -34.47
CA GLN S 414 15.45 -84.97 -33.06
C GLN S 414 14.90 -83.55 -32.96
N THR S 415 14.77 -83.06 -31.73
CA THR S 415 14.33 -81.71 -31.46
C THR S 415 15.32 -81.04 -30.50
N PHE S 416 15.67 -79.79 -30.79
CA PHE S 416 16.40 -78.97 -29.84
C PHE S 416 15.42 -78.39 -28.84
N ASP S 417 15.88 -77.43 -28.03
CA ASP S 417 15.00 -76.77 -27.08
C ASP S 417 13.93 -75.94 -27.76
N THR S 418 14.07 -75.65 -29.06
CA THR S 418 13.14 -74.79 -29.78
C THR S 418 12.42 -75.50 -30.92
N SER S 419 13.15 -76.21 -31.78
CA SER S 419 12.57 -76.71 -33.01
C SER S 419 13.18 -78.08 -33.34
N TYR S 420 12.74 -78.64 -34.47
CA TYR S 420 13.19 -79.97 -34.89
C TYR S 420 14.52 -79.85 -35.62
N LYS S 421 15.46 -80.70 -35.26
CA LYS S 421 16.77 -80.72 -35.91
C LYS S 421 17.24 -82.15 -36.08
N ILE S 422 18.14 -82.34 -37.04
CA ILE S 422 18.63 -83.66 -37.40
C ILE S 422 19.85 -84.01 -36.55
N ASN S 423 20.12 -83.20 -35.53
CA ASN S 423 21.25 -83.41 -34.63
C ASN S 423 20.75 -83.98 -33.32
N ALA S 424 21.22 -85.18 -32.97
CA ALA S 424 20.76 -85.83 -31.74
C ALA S 424 21.39 -85.18 -30.51
N ASP S 425 22.59 -84.65 -30.62
CA ASP S 425 23.30 -84.08 -29.49
C ASP S 425 24.17 -82.93 -29.96
N THR S 426 23.99 -81.76 -29.37
CA THR S 426 24.85 -80.62 -29.70
C THR S 426 26.29 -80.89 -29.28
N GLY S 427 26.49 -81.27 -28.02
CA GLY S 427 27.81 -81.67 -27.55
C GLY S 427 28.89 -80.62 -27.67
N GLU S 428 28.60 -79.39 -27.27
CA GLU S 428 29.61 -78.35 -27.30
C GLU S 428 30.70 -78.62 -26.26
N VAL S 429 31.90 -78.09 -26.51
CA VAL S 429 33.06 -78.35 -25.68
C VAL S 429 33.49 -77.03 -25.04
N THR S 430 33.66 -77.05 -23.72
CA THR S 430 34.05 -75.87 -22.96
C THR S 430 35.43 -76.10 -22.35
N VAL S 431 36.29 -75.09 -22.45
CA VAL S 431 37.63 -75.13 -21.88
C VAL S 431 37.66 -74.20 -20.67
N VAL S 432 38.28 -74.67 -19.59
CA VAL S 432 38.31 -73.95 -18.32
C VAL S 432 39.72 -73.40 -18.13
N GLY S 433 39.80 -72.08 -17.93
CA GLY S 433 41.09 -71.47 -17.66
C GLY S 433 41.70 -71.98 -16.38
N ASP S 434 43.03 -72.07 -16.37
CA ASP S 434 43.72 -72.59 -15.20
C ASP S 434 44.02 -71.48 -14.19
N ASN S 435 44.62 -70.39 -14.66
CA ASN S 435 44.96 -69.26 -13.77
C ASN S 435 43.76 -68.39 -13.45
N SER S 436 42.63 -68.58 -14.13
CA SER S 436 41.42 -67.81 -13.88
C SER S 436 40.23 -68.75 -13.85
N ALA S 437 39.24 -68.42 -13.02
CA ALA S 437 38.07 -69.27 -12.89
C ALA S 437 37.21 -69.28 -14.14
N THR S 438 37.40 -68.32 -15.04
CA THR S 438 36.58 -68.24 -16.24
C THR S 438 36.80 -69.46 -17.13
N ALA S 439 35.73 -69.86 -17.82
CA ALA S 439 35.76 -70.98 -18.75
C ALA S 439 35.51 -70.47 -20.16
N GLY S 440 36.39 -70.83 -21.08
CA GLY S 440 36.25 -70.45 -22.47
C GLY S 440 35.33 -71.40 -23.23
N GLN S 441 35.25 -71.17 -24.54
CA GLN S 441 34.50 -72.03 -25.44
C GLN S 441 35.44 -72.68 -26.44
N TYR S 442 35.49 -74.00 -26.44
CA TYR S 442 36.26 -74.75 -27.44
C TYR S 442 35.32 -75.19 -28.56
N ALA S 443 34.87 -74.19 -29.31
CA ALA S 443 33.89 -74.43 -30.37
C ALA S 443 33.99 -73.26 -31.36
N SER S 444 32.99 -73.12 -32.23
CA SER S 444 32.97 -72.03 -33.20
C SER S 444 32.96 -70.67 -32.51
N ALA S 445 32.46 -70.59 -31.27
CA ALA S 445 32.57 -69.35 -30.51
C ALA S 445 34.04 -69.01 -30.25
N ASP S 446 34.81 -70.00 -29.82
CA ASP S 446 36.27 -69.94 -29.76
C ASP S 446 36.75 -68.75 -28.91
N GLY S 447 36.45 -68.83 -27.63
CA GLY S 447 36.97 -67.89 -26.66
C GLY S 447 35.93 -67.02 -25.99
N ALA S 448 34.69 -67.02 -26.46
CA ALA S 448 33.65 -66.27 -25.79
C ALA S 448 33.38 -66.86 -24.41
N LYS S 449 33.53 -66.03 -23.37
CA LYS S 449 33.37 -66.50 -22.01
C LYS S 449 31.96 -67.02 -21.78
N VAL S 450 31.86 -68.20 -21.18
CA VAL S 450 30.57 -68.85 -20.94
C VAL S 450 30.01 -68.36 -19.62
N LEU S 451 28.68 -68.29 -19.52
CA LEU S 451 28.01 -67.84 -18.32
C LEU S 451 26.79 -68.70 -18.06
N VAL S 452 26.40 -68.78 -16.79
CA VAL S 452 25.21 -69.51 -16.38
C VAL S 452 24.05 -68.52 -16.29
N GLY S 453 23.03 -68.72 -17.11
CA GLY S 453 21.91 -67.81 -17.16
C GLY S 453 20.94 -68.01 -16.01
N SER S 454 19.93 -67.14 -15.97
CA SER S 454 18.90 -67.22 -14.95
C SER S 454 18.11 -68.51 -15.11
N ASP S 455 18.34 -69.46 -14.21
CA ASP S 455 17.73 -70.79 -14.26
C ASP S 455 18.05 -71.54 -15.55
N GLY S 456 19.04 -71.07 -16.31
CA GLY S 456 19.50 -71.75 -17.50
C GLY S 456 20.73 -72.59 -17.20
N LYS S 457 20.96 -73.59 -18.05
CA LYS S 457 22.11 -74.46 -17.86
C LYS S 457 23.42 -73.67 -17.97
N LEU S 458 23.70 -73.12 -19.15
CA LEU S 458 24.85 -72.26 -19.36
C LEU S 458 24.73 -71.62 -20.73
N THR S 459 25.02 -70.32 -20.81
CA THR S 459 24.89 -69.56 -22.04
C THR S 459 26.21 -68.86 -22.34
N THR S 460 26.25 -68.17 -23.48
CA THR S 460 27.47 -67.50 -23.93
C THR S 460 27.42 -66.00 -23.70
N GLU S 461 26.26 -65.37 -23.89
CA GLU S 461 26.14 -63.93 -23.71
C GLU S 461 25.85 -63.57 -22.27
N THR S 462 26.44 -62.45 -21.82
CA THR S 462 26.63 -62.17 -20.40
C THR S 462 25.37 -61.76 -19.67
N THR S 463 24.29 -61.43 -20.38
CA THR S 463 23.08 -60.98 -19.71
C THR S 463 21.94 -61.96 -19.98
N SER S 464 20.73 -61.60 -19.56
CA SER S 464 19.54 -62.38 -19.87
C SER S 464 18.32 -61.52 -19.57
N ALA S 465 17.16 -62.00 -20.03
CA ALA S 465 15.93 -61.24 -19.88
C ALA S 465 15.59 -61.05 -18.40
N GLY S 466 15.16 -59.84 -18.07
CA GLY S 466 14.76 -59.52 -16.71
C GLY S 466 13.34 -59.94 -16.43
N ASP S 467 12.78 -59.36 -15.37
CA ASP S 467 11.43 -59.66 -14.94
C ASP S 467 10.47 -58.50 -15.01
N LYS S 468 10.95 -57.25 -15.17
CA LYS S 468 10.08 -56.14 -15.61
C LYS S 468 9.64 -56.33 -17.05
N THR S 469 8.49 -55.76 -17.39
CA THR S 469 8.01 -55.78 -18.75
C THR S 469 8.97 -55.00 -19.65
N THR S 470 9.26 -55.56 -20.82
CA THR S 470 10.36 -55.05 -21.64
C THR S 470 10.14 -53.59 -22.03
N ASP S 471 8.95 -53.26 -22.53
CA ASP S 471 8.61 -51.89 -22.91
C ASP S 471 7.28 -51.55 -22.25
N PRO S 472 7.31 -51.11 -21.00
CA PRO S 472 6.04 -50.84 -20.30
C PRO S 472 5.19 -49.77 -20.98
N LEU S 473 5.82 -48.74 -21.52
CA LEU S 473 5.04 -47.65 -22.10
C LEU S 473 4.38 -48.06 -23.42
N LYS S 474 5.02 -48.95 -24.18
CA LYS S 474 4.37 -49.47 -25.38
C LYS S 474 3.12 -50.28 -25.02
N THR S 475 3.22 -51.14 -23.99
CA THR S 475 2.05 -51.89 -23.56
C THR S 475 0.96 -50.96 -23.06
N LEU S 476 1.34 -49.92 -22.33
CA LEU S 476 0.36 -48.97 -21.84
C LEU S 476 -0.30 -48.21 -22.98
N ASP S 477 0.46 -47.83 -24.00
CA ASP S 477 -0.13 -47.17 -25.16
C ASP S 477 -1.06 -48.11 -25.92
N ALA S 478 -0.71 -49.40 -25.98
CA ALA S 478 -1.63 -50.36 -26.58
C ALA S 478 -2.94 -50.45 -25.78
N ALA S 479 -2.83 -50.45 -24.45
CA ALA S 479 -4.03 -50.44 -23.62
C ALA S 479 -4.85 -49.18 -23.85
N PHE S 480 -4.18 -48.04 -23.96
CA PHE S 480 -4.89 -46.80 -24.28
C PHE S 480 -5.62 -46.91 -25.61
N THR S 481 -4.95 -47.44 -26.63
CA THR S 481 -5.59 -47.54 -27.94
C THR S 481 -6.82 -48.43 -27.87
N LYS S 482 -6.72 -49.56 -27.18
CA LYS S 482 -7.87 -50.46 -27.07
C LYS S 482 -9.02 -49.79 -26.31
N LEU S 483 -8.72 -49.17 -25.17
CA LEU S 483 -9.76 -48.57 -24.35
C LEU S 483 -10.42 -47.40 -25.09
N ASP S 484 -9.62 -46.56 -25.76
CA ASP S 484 -10.19 -45.45 -26.52
C ASP S 484 -11.01 -45.94 -27.69
N LYS S 485 -10.59 -47.02 -28.36
CA LYS S 485 -11.42 -47.59 -29.41
C LYS S 485 -12.78 -48.02 -28.86
N LEU S 486 -12.78 -48.72 -27.73
CA LEU S 486 -14.05 -49.17 -27.19
C LEU S 486 -14.93 -48.00 -26.74
N THR S 487 -14.35 -47.02 -26.05
CA THR S 487 -15.18 -45.91 -25.57
C THR S 487 -15.66 -45.05 -26.72
N GLY S 488 -14.87 -44.94 -27.79
CA GLY S 488 -15.35 -44.25 -28.98
C GLY S 488 -16.50 -44.98 -29.64
N GLU S 489 -16.43 -46.32 -29.68
CA GLU S 489 -17.56 -47.08 -30.19
C GLU S 489 -18.81 -46.85 -29.36
N LEU S 490 -18.67 -46.85 -28.03
CA LEU S 490 -19.82 -46.58 -27.17
C LEU S 490 -20.35 -45.16 -27.36
N GLY S 491 -19.46 -44.18 -27.53
CA GLY S 491 -19.94 -42.84 -27.81
C GLY S 491 -20.69 -42.75 -29.12
N ALA S 492 -20.19 -43.43 -30.15
CA ALA S 492 -20.87 -43.45 -31.44
C ALA S 492 -22.25 -44.09 -31.31
N VAL S 493 -22.35 -45.20 -30.59
CA VAL S 493 -23.64 -45.85 -30.45
C VAL S 493 -24.57 -45.01 -29.58
N GLN S 494 -24.02 -44.27 -28.62
CA GLN S 494 -24.86 -43.36 -27.83
C GLN S 494 -25.46 -42.26 -28.70
N ASN S 495 -24.62 -41.68 -29.58
CA ASN S 495 -25.14 -40.69 -30.52
C ASN S 495 -26.21 -41.30 -31.42
N ARG S 496 -25.95 -42.51 -31.94
CA ARG S 496 -26.93 -43.13 -32.82
C ARG S 496 -28.24 -43.39 -32.11
N LEU S 497 -28.19 -43.84 -30.85
CA LEU S 497 -29.43 -44.07 -30.10
C LEU S 497 -30.17 -42.77 -29.81
N GLU S 498 -29.45 -41.69 -29.54
CA GLU S 498 -30.15 -40.41 -29.40
C GLU S 498 -30.86 -40.04 -30.70
N SER S 499 -30.19 -40.23 -31.82
CA SER S 499 -30.83 -39.98 -33.12
C SER S 499 -32.02 -40.90 -33.34
N THR S 500 -31.90 -42.16 -32.92
CA THR S 500 -33.02 -43.09 -33.09
C THR S 500 -34.21 -42.64 -32.28
N ILE S 501 -34.00 -42.17 -31.05
CA ILE S 501 -35.13 -41.70 -30.25
C ILE S 501 -35.78 -40.49 -30.90
N ALA S 502 -34.97 -39.57 -31.43
CA ALA S 502 -35.57 -38.44 -32.14
C ALA S 502 -36.40 -38.90 -33.32
N ASN S 503 -35.86 -39.82 -34.12
CA ASN S 503 -36.57 -40.31 -35.30
C ASN S 503 -37.85 -41.04 -34.91
N LEU S 504 -37.77 -41.92 -33.92
CA LEU S 504 -38.94 -42.67 -33.48
C LEU S 504 -39.99 -41.74 -32.91
N ASN S 505 -39.59 -40.70 -32.17
CA ASN S 505 -40.58 -39.74 -31.69
C ASN S 505 -41.28 -39.03 -32.84
N ASN S 506 -40.52 -38.59 -33.85
CA ASN S 506 -41.13 -37.94 -34.99
C ASN S 506 -42.11 -38.87 -35.69
N VAL S 507 -41.69 -40.13 -35.91
CA VAL S 507 -42.55 -41.08 -36.63
C VAL S 507 -43.78 -41.42 -35.79
N VAL S 508 -43.63 -41.49 -34.46
CA VAL S 508 -44.77 -41.78 -33.60
C VAL S 508 -45.79 -40.64 -33.68
N ASN S 509 -45.32 -39.40 -33.63
CA ASN S 509 -46.25 -38.28 -33.74
C ASN S 509 -46.95 -38.27 -35.08
N ASN S 510 -46.20 -38.51 -36.16
CA ASN S 510 -46.82 -38.50 -37.49
C ASN S 510 -47.83 -39.64 -37.63
N LEU S 511 -47.51 -40.82 -37.09
CA LEU S 511 -48.42 -41.95 -37.19
C LEU S 511 -49.66 -41.72 -36.33
N SER S 512 -49.50 -41.09 -35.17
CA SER S 512 -50.65 -40.74 -34.34
C SER S 512 -51.55 -39.75 -35.07
N SER S 513 -50.96 -38.78 -35.77
CA SER S 513 -51.76 -37.89 -36.59
C SER S 513 -52.48 -38.65 -37.70
N ALA S 514 -51.81 -39.63 -38.30
CA ALA S 514 -52.46 -40.46 -39.32
C ALA S 514 -53.66 -41.19 -38.74
N ARG S 515 -53.51 -41.73 -37.54
CA ARG S 515 -54.62 -42.42 -36.89
C ARG S 515 -55.75 -41.46 -36.55
N SER S 516 -55.40 -40.23 -36.15
CA SER S 516 -56.43 -39.23 -35.90
C SER S 516 -57.22 -38.92 -37.17
N ARG S 517 -56.52 -38.81 -38.30
CA ARG S 517 -57.17 -38.47 -39.56
C ARG S 517 -58.19 -39.52 -40.00
N ILE S 518 -58.11 -40.74 -39.47
CA ILE S 518 -58.98 -41.81 -39.90
C ILE S 518 -59.86 -42.36 -38.79
N GLN S 519 -59.45 -42.27 -37.53
CA GLN S 519 -60.16 -42.91 -36.43
C GLN S 519 -60.90 -41.93 -35.54
N ASP S 520 -60.25 -40.84 -35.15
CA ASP S 520 -60.88 -39.89 -34.24
C ASP S 520 -62.06 -39.21 -34.90
N ALA S 521 -63.05 -38.85 -34.08
CA ALA S 521 -64.28 -38.27 -34.56
C ALA S 521 -64.17 -36.75 -34.64
N ASP S 522 -64.70 -36.18 -35.71
CA ASP S 522 -64.73 -34.72 -35.88
C ASP S 522 -65.96 -34.19 -35.15
N TYR S 523 -65.75 -33.66 -33.94
CA TYR S 523 -66.86 -33.21 -33.12
C TYR S 523 -67.65 -32.08 -33.77
N ALA S 524 -67.01 -31.26 -34.61
CA ALA S 524 -67.72 -30.14 -35.23
C ALA S 524 -68.88 -30.64 -36.09
N THR S 525 -68.65 -31.69 -36.88
CA THR S 525 -69.73 -32.23 -37.71
C THR S 525 -70.57 -33.25 -36.96
N GLU S 526 -70.00 -33.97 -36.00
CA GLU S 526 -70.79 -34.94 -35.24
C GLU S 526 -71.87 -34.25 -34.42
N VAL S 527 -71.53 -33.11 -33.79
CA VAL S 527 -72.53 -32.40 -32.99
C VAL S 527 -73.65 -31.86 -33.88
N SER S 528 -73.31 -31.34 -35.06
CA SER S 528 -74.35 -30.87 -35.97
C SER S 528 -75.22 -32.02 -36.44
N ASN S 529 -74.63 -33.18 -36.73
CA ASN S 529 -75.42 -34.34 -37.09
C ASN S 529 -76.36 -34.74 -35.97
N MET S 530 -75.87 -34.71 -34.72
CA MET S 530 -76.72 -34.99 -33.57
C MET S 530 -77.87 -34.00 -33.47
N SER S 531 -77.60 -32.72 -33.69
CA SER S 531 -78.64 -31.71 -33.59
C SER S 531 -79.71 -31.93 -34.65
N LYS S 532 -79.28 -32.19 -35.89
CA LYS S 532 -80.25 -32.48 -36.95
C LYS S 532 -81.02 -33.74 -36.65
N ALA S 533 -80.37 -34.75 -36.04
CA ALA S 533 -81.08 -35.97 -35.69
C ALA S 533 -82.14 -35.71 -34.63
N GLN S 534 -81.82 -34.91 -33.62
CA GLN S 534 -82.82 -34.57 -32.60
C GLN S 534 -83.99 -33.80 -33.20
N ILE S 535 -83.69 -32.87 -34.10
CA ILE S 535 -84.75 -32.11 -34.77
C ILE S 535 -85.64 -33.05 -35.57
N LEU S 536 -85.02 -33.96 -36.32
CA LEU S 536 -85.78 -34.94 -37.09
C LEU S 536 -86.60 -35.83 -36.17
N GLN S 537 -86.09 -36.13 -34.98
CA GLN S 537 -86.81 -36.99 -34.05
C GLN S 537 -88.07 -36.30 -33.54
N GLN S 538 -87.94 -35.04 -33.11
CA GLN S 538 -89.11 -34.31 -32.64
C GLN S 538 -90.13 -34.12 -33.77
N ALA S 539 -89.65 -33.77 -34.97
CA ALA S 539 -90.54 -33.61 -36.10
C ALA S 539 -91.25 -34.92 -36.43
N GLY S 540 -90.52 -36.04 -36.40
CA GLY S 540 -91.13 -37.32 -36.69
C GLY S 540 -92.18 -37.71 -35.67
N THR S 541 -91.90 -37.50 -34.38
CA THR S 541 -92.90 -37.80 -33.36
C THR S 541 -94.15 -36.95 -33.56
N SER S 542 -93.98 -35.66 -33.83
CA SER S 542 -95.16 -34.81 -34.04
C SER S 542 -95.96 -35.26 -35.25
N VAL S 543 -95.29 -35.42 -36.39
CA VAL S 543 -96.01 -35.77 -37.63
C VAL S 543 -96.63 -37.14 -37.50
N LEU S 544 -96.01 -38.05 -36.74
CA LEU S 544 -96.65 -39.34 -36.48
C LEU S 544 -97.89 -39.16 -35.63
N ALA S 545 -97.89 -38.20 -34.71
CA ALA S 545 -99.11 -37.91 -33.98
C ALA S 545 -100.23 -37.49 -34.91
N GLN S 546 -99.99 -36.47 -35.76
CA GLN S 546 -101.06 -36.07 -36.67
C GLN S 546 -101.44 -37.19 -37.63
N ALA S 547 -100.49 -38.04 -38.01
CA ALA S 547 -100.81 -39.18 -38.85
C ALA S 547 -101.74 -40.13 -38.13
N ASN S 548 -101.57 -40.30 -36.82
CA ASN S 548 -102.50 -41.09 -36.03
C ASN S 548 -103.86 -40.42 -35.89
N GLN S 549 -103.90 -39.08 -35.95
CA GLN S 549 -105.18 -38.40 -35.96
C GLN S 549 -105.83 -38.36 -37.34
N VAL S 550 -105.14 -38.82 -38.38
CA VAL S 550 -105.72 -38.81 -39.72
C VAL S 550 -106.98 -39.67 -39.82
N PRO S 551 -107.00 -40.92 -39.34
CA PRO S 551 -108.23 -41.70 -39.44
C PRO S 551 -109.33 -41.26 -38.50
N GLN S 552 -109.05 -40.34 -37.57
CA GLN S 552 -110.09 -39.86 -36.67
C GLN S 552 -111.16 -39.06 -37.41
N THR S 553 -110.78 -38.36 -38.48
CA THR S 553 -111.77 -37.63 -39.26
C THR S 553 -112.80 -38.57 -39.85
N VAL S 554 -112.43 -39.83 -40.08
CA VAL S 554 -113.40 -40.85 -40.47
C VAL S 554 -114.45 -41.01 -39.38
N LEU S 555 -114.02 -40.93 -38.12
CA LEU S 555 -114.94 -41.11 -37.01
C LEU S 555 -115.70 -39.83 -36.74
N SER S 556 -116.26 -39.22 -37.78
CA SER S 556 -117.18 -38.11 -37.64
C SER S 556 -118.55 -38.43 -38.20
N LEU S 557 -118.62 -38.86 -39.46
CA LEU S 557 -119.87 -39.33 -40.03
C LEU S 557 -120.15 -40.73 -39.52
N LEU S 558 -121.42 -41.01 -39.24
CA LEU S 558 -121.81 -42.30 -38.69
C LEU S 558 -123.24 -42.64 -39.07
N ALA T 2 -97.37 -47.90 -4.68
CA ALA T 2 -98.72 -47.36 -4.56
C ALA T 2 -98.78 -45.94 -5.11
N ALA T 3 -99.96 -45.54 -5.57
CA ALA T 3 -100.18 -44.27 -6.23
C ALA T 3 -100.85 -43.26 -5.30
N VAL T 4 -100.52 -43.31 -4.01
CA VAL T 4 -101.12 -42.40 -3.04
C VAL T 4 -100.30 -41.12 -2.94
N ILE T 5 -100.97 -40.04 -2.57
CA ILE T 5 -100.33 -38.73 -2.47
C ILE T 5 -100.26 -38.22 -1.03
N ASN T 6 -100.94 -38.86 -0.09
CA ASN T 6 -100.99 -38.34 1.27
C ASN T 6 -99.61 -38.31 1.92
N THR T 7 -98.83 -39.37 1.72
CA THR T 7 -97.47 -39.44 2.25
C THR T 7 -96.53 -39.94 1.17
N ASN T 8 -95.32 -39.39 1.15
CA ASN T 8 -94.30 -39.72 0.15
C ASN T 8 -93.10 -40.29 0.89
N TYR T 9 -93.02 -41.63 0.93
CA TYR T 9 -91.91 -42.28 1.62
C TYR T 9 -90.57 -41.94 0.97
N LEU T 10 -90.55 -41.80 -0.37
CA LEU T 10 -89.32 -41.45 -1.06
C LEU T 10 -88.83 -40.08 -0.63
N SER T 11 -89.75 -39.12 -0.47
CA SER T 11 -89.36 -37.80 0.00
C SER T 11 -88.75 -37.87 1.39
N LEU T 12 -89.33 -38.68 2.28
CA LEU T 12 -88.79 -38.82 3.63
C LEU T 12 -87.39 -39.42 3.59
N VAL T 13 -87.18 -40.46 2.78
CA VAL T 13 -85.86 -41.07 2.68
C VAL T 13 -84.84 -40.05 2.16
N ALA T 14 -85.23 -39.29 1.12
CA ALA T 14 -84.35 -38.27 0.59
C ALA T 14 -84.02 -37.23 1.64
N GLN T 15 -85.00 -36.84 2.46
CA GLN T 15 -84.74 -35.89 3.53
C GLN T 15 -83.75 -36.43 4.53
N ASN T 16 -83.88 -37.72 4.89
CA ASN T 16 -82.93 -38.32 5.83
C ASN T 16 -81.52 -38.30 5.26
N ASN T 17 -81.36 -38.74 4.01
CA ASN T 17 -80.02 -38.76 3.43
C ASN T 17 -79.45 -37.35 3.29
N LEU T 18 -80.30 -36.37 2.97
CA LEU T 18 -79.85 -35.00 2.91
C LEU T 18 -79.37 -34.52 4.28
N ASN T 19 -80.08 -34.89 5.35
CA ASN T 19 -79.66 -34.50 6.69
C ASN T 19 -78.32 -35.14 7.05
N LYS T 20 -78.13 -36.41 6.71
CA LYS T 20 -76.84 -37.06 6.98
C LYS T 20 -75.71 -36.36 6.24
N SER T 21 -75.92 -36.06 4.95
CA SER T 21 -74.90 -35.37 4.17
C SER T 21 -74.61 -34.00 4.76
N GLN T 22 -75.65 -33.31 5.22
CA GLN T 22 -75.46 -31.97 5.79
C GLN T 22 -74.71 -32.03 7.10
N SER T 23 -74.96 -33.06 7.92
CA SER T 23 -74.19 -33.22 9.15
C SER T 23 -72.73 -33.48 8.85
N SER T 24 -72.44 -34.30 7.84
CA SER T 24 -71.05 -34.52 7.43
C SER T 24 -70.43 -33.21 6.95
N LEU T 25 -71.17 -32.43 6.17
CA LEU T 25 -70.68 -31.14 5.72
C LEU T 25 -70.40 -30.23 6.89
N GLY T 26 -71.27 -30.23 7.89
CA GLY T 26 -71.09 -29.36 9.04
C GLY T 26 -69.85 -29.71 9.82
N THR T 27 -69.64 -30.99 10.11
CA THR T 27 -68.43 -31.36 10.85
C THR T 27 -67.18 -31.09 10.03
N ALA T 28 -67.22 -31.33 8.72
CA ALA T 28 -66.07 -31.02 7.88
C ALA T 28 -65.78 -29.53 7.89
N ILE T 29 -66.81 -28.69 7.81
CA ILE T 29 -66.63 -27.25 7.79
C ILE T 29 -66.06 -26.75 9.12
N GLU T 30 -66.57 -27.30 10.24
CA GLU T 30 -66.01 -26.92 11.53
C GLU T 30 -64.55 -27.30 11.63
N ARG T 31 -64.19 -28.50 11.19
CA ARG T 31 -62.79 -28.92 11.25
C ARG T 31 -61.91 -28.09 10.33
N LEU T 32 -62.45 -27.63 9.20
CA LEU T 32 -61.69 -26.74 8.33
C LEU T 32 -61.47 -25.39 8.99
N SER T 33 -62.54 -24.78 9.51
CA SER T 33 -62.46 -23.43 10.04
C SER T 33 -61.58 -23.38 11.29
N SER T 34 -61.85 -24.26 12.26
CA SER T 34 -61.06 -24.24 13.48
C SER T 34 -59.66 -24.76 13.24
N GLY T 35 -59.49 -25.69 12.30
CA GLY T 35 -58.23 -26.36 12.11
C GLY T 35 -57.96 -27.47 13.10
N LEU T 36 -58.86 -27.71 14.03
CA LEU T 36 -58.72 -28.74 15.04
C LEU T 36 -59.66 -29.89 14.70
N ARG T 37 -59.09 -31.08 14.49
CA ARG T 37 -59.93 -32.24 14.23
C ARG T 37 -60.83 -32.53 15.43
N ILE T 38 -60.28 -32.44 16.63
CA ILE T 38 -61.01 -32.73 17.86
C ILE T 38 -61.41 -31.41 18.51
N ASN T 39 -62.57 -30.90 18.10
CA ASN T 39 -63.26 -29.83 18.81
C ASN T 39 -64.70 -30.25 18.98
N SER T 40 -65.34 -29.76 20.04
CA SER T 40 -66.67 -30.25 20.43
C SER T 40 -66.59 -31.75 20.71
N ALA T 41 -65.95 -32.06 21.85
CA ALA T 41 -65.33 -33.35 22.16
C ALA T 41 -66.10 -34.58 21.72
N LYS T 42 -67.41 -34.44 21.47
CA LYS T 42 -68.24 -35.54 21.00
C LYS T 42 -67.58 -36.35 19.89
N ASP T 43 -66.67 -35.75 19.14
CA ASP T 43 -65.81 -36.49 18.22
C ASP T 43 -64.48 -36.78 18.92
N ASP T 44 -64.19 -38.07 19.13
CA ASP T 44 -62.96 -38.51 19.81
C ASP T 44 -62.86 -37.89 21.21
N ALA T 45 -63.79 -38.28 22.07
CA ALA T 45 -63.87 -37.70 23.41
C ALA T 45 -62.57 -37.91 24.18
N ALA T 46 -62.00 -39.11 24.12
CA ALA T 46 -60.71 -39.35 24.77
C ALA T 46 -59.59 -38.57 24.08
N GLY T 47 -59.73 -38.33 22.78
CA GLY T 47 -58.72 -37.56 22.08
C GLY T 47 -58.57 -36.16 22.64
N MET T 48 -59.69 -35.53 23.01
CA MET T 48 -59.61 -34.20 23.59
C MET T 48 -58.96 -34.24 24.98
N ALA T 49 -59.18 -35.31 25.74
CA ALA T 49 -58.46 -35.44 27.00
C ALA T 49 -56.96 -35.56 26.78
N ILE T 50 -56.56 -36.36 25.77
CA ILE T 50 -55.15 -36.49 25.45
C ILE T 50 -54.57 -35.14 25.05
N ALA T 51 -55.27 -34.42 24.19
CA ALA T 51 -54.79 -33.12 23.71
C ALA T 51 -54.77 -32.09 24.83
N ASN T 52 -55.74 -32.15 25.74
CA ASN T 52 -55.73 -31.27 26.90
C ASN T 52 -54.50 -31.50 27.75
N ARG T 53 -54.18 -32.77 28.01
CA ARG T 53 -52.99 -33.07 28.80
C ARG T 53 -51.74 -32.62 28.05
N PHE T 54 -51.71 -32.78 26.74
CA PHE T 54 -50.55 -32.36 25.95
C PHE T 54 -50.38 -30.85 25.98
N THR T 55 -51.47 -30.10 25.85
CA THR T 55 -51.38 -28.65 25.93
C THR T 55 -50.89 -28.21 27.30
N ALA T 56 -51.42 -28.83 28.36
CA ALA T 56 -50.95 -28.49 29.70
C ALA T 56 -49.46 -28.75 29.82
N ASN T 57 -49.00 -29.91 29.35
CA ASN T 57 -47.59 -30.27 29.47
C ASN T 57 -46.71 -29.32 28.67
N VAL T 58 -47.07 -29.06 27.41
CA VAL T 58 -46.22 -28.22 26.56
C VAL T 58 -46.17 -26.79 27.09
N ARG T 59 -47.31 -26.25 27.51
CA ARG T 59 -47.35 -24.88 28.00
C ARG T 59 -46.57 -24.75 29.30
N GLY T 60 -46.76 -25.70 30.22
CA GLY T 60 -46.00 -25.67 31.46
C GLY T 60 -44.51 -25.83 31.21
N LEU T 61 -44.13 -26.65 30.24
CA LEU T 61 -42.71 -26.88 30.00
C LEU T 61 -42.06 -25.67 29.33
N THR T 62 -42.79 -24.99 28.45
CA THR T 62 -42.27 -23.74 27.92
C THR T 62 -42.08 -22.70 29.01
N GLN T 63 -43.07 -22.59 29.91
CA GLN T 63 -42.90 -21.68 31.04
C GLN T 63 -41.73 -22.09 31.92
N ALA T 64 -41.50 -23.40 32.05
CA ALA T 64 -40.32 -23.89 32.77
C ALA T 64 -39.03 -23.50 32.07
N ALA T 65 -39.05 -23.50 30.74
CA ALA T 65 -37.88 -23.02 29.99
C ALA T 65 -37.62 -21.55 30.29
N ARG T 66 -38.69 -20.75 30.40
CA ARG T 66 -38.51 -19.35 30.81
C ARG T 66 -37.92 -19.27 32.21
N ASN T 67 -38.39 -20.10 33.14
CA ASN T 67 -37.86 -20.07 34.49
C ASN T 67 -36.37 -20.46 34.50
N ALA T 68 -36.01 -21.46 33.71
CA ALA T 68 -34.61 -21.86 33.61
C ALA T 68 -33.77 -20.74 33.01
N ASN T 69 -34.32 -20.00 32.06
CA ASN T 69 -33.61 -18.84 31.52
C ASN T 69 -33.39 -17.79 32.59
N ASP T 70 -34.40 -17.57 33.44
CA ASP T 70 -34.23 -16.64 34.56
C ASP T 70 -33.12 -17.11 35.49
N GLY T 71 -33.07 -18.41 35.76
CA GLY T 71 -31.99 -18.94 36.57
C GLY T 71 -30.63 -18.74 35.93
N ILE T 72 -30.55 -18.93 34.61
CA ILE T 72 -29.30 -18.69 33.89
C ILE T 72 -28.87 -17.24 34.06
N SER T 73 -29.80 -16.31 33.91
CA SER T 73 -29.46 -14.90 34.04
C SER T 73 -29.00 -14.56 35.45
N LEU T 74 -29.67 -15.11 36.46
CA LEU T 74 -29.25 -14.87 37.83
C LEU T 74 -27.85 -15.41 38.07
N ALA T 75 -27.57 -16.62 37.57
CA ALA T 75 -26.24 -17.18 37.69
C ALA T 75 -25.21 -16.32 36.98
N GLN T 76 -25.58 -15.76 35.83
CA GLN T 76 -24.67 -14.87 35.10
C GLN T 76 -24.34 -13.64 35.94
N THR T 77 -25.34 -13.03 36.56
CA THR T 77 -25.07 -11.85 37.39
C THR T 77 -24.17 -12.20 38.56
N THR T 78 -24.47 -13.31 39.24
CA THR T 78 -23.66 -13.69 40.40
C THR T 78 -22.23 -13.99 39.99
N GLU T 79 -22.06 -14.73 38.89
CA GLU T 79 -20.73 -15.06 38.41
C GLU T 79 -19.97 -13.81 37.98
N GLY T 80 -20.68 -12.84 37.37
CA GLY T 80 -20.02 -11.62 36.96
C GLY T 80 -19.53 -10.80 38.15
N ALA T 81 -20.36 -10.71 39.20
CA ALA T 81 -19.91 -10.01 40.41
C ALA T 81 -18.73 -10.72 41.04
N ALA T 82 -18.79 -12.05 41.13
CA ALA T 82 -17.70 -12.80 41.72
C ALA T 82 -16.42 -12.68 40.90
N SER T 83 -16.56 -12.54 39.57
CA SER T 83 -15.38 -12.44 38.71
C SER T 83 -14.56 -11.19 39.02
N GLU T 84 -15.21 -10.12 39.47
CA GLU T 84 -14.46 -8.91 39.80
C GLU T 84 -14.08 -8.88 41.27
N VAL T 85 -14.86 -9.53 42.14
CA VAL T 85 -14.34 -9.78 43.50
C VAL T 85 -13.04 -10.55 43.41
N ASN T 86 -12.92 -11.41 42.39
CA ASN T 86 -11.68 -12.13 42.16
C ASN T 86 -10.53 -11.17 41.89
N THR T 87 -10.77 -10.15 41.05
CA THR T 87 -9.73 -9.16 40.78
C THR T 87 -9.37 -8.38 42.04
N HIS T 88 -10.37 -8.07 42.86
CA HIS T 88 -10.08 -7.44 44.15
C HIS T 88 -9.14 -8.29 44.99
N LEU T 89 -9.43 -9.59 45.08
CA LEU T 89 -8.56 -10.48 45.85
C LEU T 89 -7.17 -10.57 45.25
N GLN T 90 -7.08 -10.59 43.92
CA GLN T 90 -5.78 -10.64 43.27
C GLN T 90 -4.96 -9.41 43.61
N ARG T 91 -5.57 -8.23 43.55
CA ARG T 91 -4.85 -7.01 43.89
C ARG T 91 -4.43 -7.00 45.35
N ILE T 92 -5.32 -7.48 46.23
CA ILE T 92 -4.98 -7.55 47.66
C ILE T 92 -3.79 -8.47 47.87
N ARG T 93 -3.78 -9.62 47.19
CA ARG T 93 -2.66 -10.55 47.33
C ARG T 93 -1.37 -9.93 46.82
N GLU T 94 -1.42 -9.27 45.66
CA GLU T 94 -0.21 -8.65 45.12
C GLU T 94 0.34 -7.59 46.07
N LEU T 95 -0.54 -6.76 46.61
CA LEU T 95 -0.07 -5.72 47.52
C LEU T 95 0.35 -6.28 48.87
N THR T 96 -0.23 -7.41 49.28
CA THR T 96 0.25 -8.09 50.49
C THR T 96 1.67 -8.60 50.28
N VAL T 97 1.95 -9.15 49.09
CA VAL T 97 3.32 -9.56 48.78
C VAL T 97 4.24 -8.35 48.79
N GLN T 98 3.78 -7.22 48.23
CA GLN T 98 4.63 -6.04 48.19
C GLN T 98 4.93 -5.50 49.58
N ALA T 99 3.92 -5.40 50.43
CA ALA T 99 4.09 -4.78 51.74
C ALA T 99 4.69 -5.73 52.76
N SER T 100 4.72 -7.04 52.47
CA SER T 100 5.40 -7.96 53.36
C SER T 100 6.90 -7.78 53.36
N ASN T 101 7.43 -7.00 52.42
CA ASN T 101 8.84 -6.64 52.43
C ASN T 101 9.15 -5.79 53.64
N GLY T 102 10.39 -5.91 54.13
CA GLY T 102 10.83 -5.09 55.24
C GLY T 102 11.36 -3.72 54.88
N SER T 103 11.66 -3.50 53.60
CA SER T 103 12.21 -2.21 53.19
C SER T 103 11.21 -1.08 53.30
N TYR T 104 9.92 -1.39 53.39
CA TYR T 104 8.90 -0.36 53.46
C TYR T 104 8.74 0.12 54.90
N SER T 105 8.83 1.43 55.10
CA SER T 105 8.65 1.99 56.42
C SER T 105 7.17 2.03 56.78
N GLN T 106 6.87 2.50 57.98
CA GLN T 106 5.51 2.36 58.52
C GLN T 106 4.50 3.19 57.73
N GLU T 107 4.90 4.35 57.22
CA GLU T 107 3.94 5.20 56.49
C GLU T 107 3.46 4.53 55.22
N GLN T 108 4.36 3.91 54.47
CA GLN T 108 3.95 3.25 53.23
C GLN T 108 3.16 1.98 53.51
N LEU T 109 3.49 1.26 54.58
CA LEU T 109 2.64 0.16 55.00
C LEU T 109 1.24 0.66 55.36
N ASP T 110 1.16 1.85 55.96
CA ASP T 110 -0.14 2.44 56.25
C ASP T 110 -0.89 2.78 54.97
N SER T 111 -0.19 3.27 53.96
CA SER T 111 -0.83 3.54 52.67
C SER T 111 -1.35 2.25 52.04
N VAL T 112 -0.55 1.19 52.09
CA VAL T 112 -0.98 -0.12 51.58
C VAL T 112 -2.22 -0.58 52.33
N GLN T 113 -2.19 -0.44 53.66
CA GLN T 113 -3.34 -0.82 54.47
C GLN T 113 -4.57 -0.01 54.13
N GLY T 114 -4.40 1.28 53.86
CA GLY T 114 -5.54 2.09 53.45
C GLY T 114 -6.13 1.62 52.13
N GLU T 115 -5.26 1.31 51.16
CA GLU T 115 -5.76 0.83 49.88
C GLU T 115 -6.47 -0.51 50.05
N ILE T 116 -5.90 -1.39 50.87
CA ILE T 116 -6.51 -2.70 51.12
C ILE T 116 -7.84 -2.54 51.85
N ASN T 117 -7.92 -1.56 52.75
CA ASN T 117 -9.19 -1.25 53.41
C ASN T 117 -10.22 -0.81 52.39
N GLN T 118 -9.80 0.00 51.42
CA GLN T 118 -10.70 0.35 50.32
C GLN T 118 -11.16 -0.89 49.57
N ARG T 119 -10.23 -1.81 49.29
CA ARG T 119 -10.60 -3.02 48.56
C ARG T 119 -11.61 -3.85 49.34
N LEU T 120 -11.37 -4.03 50.64
CA LEU T 120 -12.30 -4.81 51.48
C LEU T 120 -13.66 -4.13 51.57
N ALA T 121 -13.66 -2.81 51.73
CA ALA T 121 -14.93 -2.08 51.74
C ALA T 121 -15.66 -2.25 50.42
N ASP T 122 -14.92 -2.28 49.31
CA ASP T 122 -15.56 -2.48 48.02
C ASP T 122 -16.11 -3.89 47.89
N ILE T 123 -15.41 -4.89 48.41
CA ILE T 123 -15.92 -6.26 48.39
C ILE T 123 -17.22 -6.34 49.18
N ASP T 124 -17.24 -5.71 50.36
CA ASP T 124 -18.46 -5.69 51.16
C ASP T 124 -19.58 -4.95 50.43
N ARG T 125 -19.25 -3.86 49.75
CA ARG T 125 -20.24 -3.13 48.96
C ARG T 125 -20.78 -4.01 47.84
N ILE T 126 -19.91 -4.80 47.21
CA ILE T 126 -20.37 -5.72 46.18
C ILE T 126 -21.34 -6.73 46.76
N SER T 127 -21.03 -7.26 47.93
CA SER T 127 -21.91 -8.21 48.57
C SER T 127 -23.27 -7.60 48.89
N GLU T 128 -23.27 -6.38 49.43
CA GLU T 128 -24.52 -5.78 49.87
C GLU T 128 -25.37 -5.27 48.70
N GLN T 129 -24.73 -4.70 47.69
CA GLN T 129 -25.45 -3.99 46.63
C GLN T 129 -25.75 -4.84 45.40
N THR T 130 -25.12 -5.99 45.24
CA THR T 130 -25.40 -6.85 44.09
C THR T 130 -26.84 -7.30 44.15
N ASP T 131 -27.64 -6.89 43.18
CA ASP T 131 -29.08 -7.14 43.20
C ASP T 131 -29.50 -7.81 41.90
N PHE T 132 -30.56 -8.60 41.99
CA PHE T 132 -31.16 -9.24 40.82
C PHE T 132 -32.62 -9.48 41.15
N ASN T 133 -33.51 -8.66 40.58
CA ASN T 133 -34.94 -8.74 40.83
C ASN T 133 -35.22 -8.66 42.34
N GLY T 134 -34.72 -7.59 42.94
CA GLY T 134 -34.95 -7.35 44.36
C GLY T 134 -34.40 -8.42 45.26
N VAL T 135 -33.45 -9.23 44.79
CA VAL T 135 -32.85 -10.30 45.58
C VAL T 135 -31.35 -10.07 45.61
N LYS T 136 -30.80 -9.82 46.79
CA LYS T 136 -29.37 -9.65 46.96
C LYS T 136 -28.71 -11.02 46.85
N VAL T 137 -28.51 -11.46 45.60
CA VAL T 137 -28.14 -12.84 45.34
C VAL T 137 -26.79 -13.17 45.97
N LEU T 138 -25.80 -12.29 45.81
CA LEU T 138 -24.47 -12.52 46.36
C LEU T 138 -24.30 -11.70 47.64
N SER T 139 -25.07 -12.04 48.65
CA SER T 139 -25.08 -11.24 49.88
C SER T 139 -25.01 -12.10 51.13
N ASP T 140 -25.20 -11.45 52.29
CA ASP T 140 -25.15 -12.16 53.55
C ASP T 140 -26.39 -13.02 53.77
N SER T 141 -27.55 -12.56 53.33
CA SER T 141 -28.81 -13.27 53.48
C SER T 141 -29.28 -13.68 52.09
N ALA T 142 -28.83 -14.86 51.65
CA ALA T 142 -29.17 -15.36 50.31
C ALA T 142 -29.34 -16.88 50.42
N LYS T 143 -30.59 -17.30 50.56
CA LYS T 143 -30.90 -18.72 50.62
C LYS T 143 -30.83 -19.33 49.22
N PRO T 144 -30.60 -20.64 49.11
CA PRO T 144 -30.65 -21.29 47.80
C PRO T 144 -32.03 -21.15 47.18
N LEU T 145 -32.06 -21.00 45.86
CA LEU T 145 -33.29 -20.77 45.13
C LEU T 145 -33.95 -22.11 44.79
N THR T 146 -35.04 -22.06 44.02
CA THR T 146 -35.77 -23.26 43.65
C THR T 146 -35.68 -23.55 42.15
N LEU T 147 -36.10 -22.60 41.30
CA LEU T 147 -35.95 -22.73 39.86
C LEU T 147 -36.65 -23.98 39.33
N GLN T 148 -37.97 -24.01 39.47
CA GLN T 148 -38.74 -25.15 39.01
C GLN T 148 -38.61 -25.29 37.49
N VAL T 149 -38.04 -26.41 37.05
CA VAL T 149 -37.98 -26.76 35.64
C VAL T 149 -38.83 -28.02 35.44
N GLY T 150 -39.77 -27.95 34.52
CA GLY T 150 -40.75 -29.00 34.34
C GLY T 150 -42.01 -28.75 35.14
N ALA T 151 -43.10 -29.35 34.68
CA ALA T 151 -44.37 -29.30 35.39
C ALA T 151 -44.34 -30.34 36.51
N ASN T 152 -45.50 -30.63 37.10
CA ASN T 152 -45.63 -31.69 38.10
C ASN T 152 -44.72 -31.41 39.30
N ASP T 153 -45.09 -30.36 40.05
CA ASP T 153 -44.32 -29.87 41.19
C ASP T 153 -43.73 -31.00 42.00
N GLY T 154 -42.46 -30.84 42.37
CA GLY T 154 -41.75 -31.86 43.11
C GLY T 154 -40.29 -31.93 42.70
N GLU T 155 -39.96 -31.25 41.60
CA GLU T 155 -38.59 -31.17 41.12
C GLU T 155 -38.21 -29.69 40.97
N THR T 156 -36.96 -29.39 41.32
CA THR T 156 -36.45 -28.02 41.29
C THR T 156 -34.97 -28.09 40.95
N ILE T 157 -34.29 -26.96 41.13
CA ILE T 157 -32.83 -26.88 40.95
C ILE T 157 -32.30 -26.00 42.07
N THR T 158 -31.67 -26.60 43.07
CA THR T 158 -31.13 -25.86 44.19
C THR T 158 -29.92 -25.06 43.72
N LEU T 159 -30.06 -23.72 43.70
CA LEU T 159 -29.00 -22.89 43.15
C LEU T 159 -27.80 -22.81 44.08
N ASN T 160 -28.04 -22.71 45.40
CA ASN T 160 -27.01 -22.84 46.42
C ASN T 160 -25.91 -21.78 46.24
N LEU T 161 -26.32 -20.53 46.46
CA LEU T 161 -25.41 -19.40 46.40
C LEU T 161 -25.59 -18.54 47.65
N SER T 162 -24.48 -18.10 48.24
CA SER T 162 -24.56 -17.26 49.43
C SER T 162 -23.17 -16.76 49.83
N GLU T 163 -23.16 -15.55 50.40
CA GLU T 163 -22.16 -15.11 51.38
C GLU T 163 -20.74 -15.14 50.82
N ILE T 164 -20.48 -14.25 49.87
CA ILE T 164 -19.12 -13.89 49.50
C ILE T 164 -18.91 -12.43 49.87
N SER T 165 -18.02 -12.20 50.83
CA SER T 165 -17.74 -10.87 51.36
C SER T 165 -16.64 -11.02 52.40
N VAL T 166 -16.22 -9.90 52.97
CA VAL T 166 -15.49 -9.97 54.22
C VAL T 166 -16.41 -10.53 55.30
N LYS T 167 -15.81 -11.00 56.40
CA LYS T 167 -16.52 -11.63 57.51
C LYS T 167 -17.01 -13.02 57.12
N THR T 168 -16.86 -13.38 55.85
CA THR T 168 -17.14 -14.74 55.40
C THR T 168 -16.08 -15.30 54.47
N LEU T 169 -15.31 -14.47 53.77
CA LEU T 169 -14.11 -14.96 53.11
C LEU T 169 -12.99 -15.21 54.10
N GLY T 170 -13.18 -14.82 55.36
CA GLY T 170 -12.25 -15.12 56.42
C GLY T 170 -11.32 -13.98 56.78
N LEU T 171 -11.16 -12.99 55.90
CA LEU T 171 -10.25 -11.90 56.20
C LEU T 171 -10.75 -11.10 57.39
N ASP T 172 -11.82 -10.33 57.18
CA ASP T 172 -12.62 -9.69 58.22
C ASP T 172 -11.81 -8.66 59.02
N GLY T 173 -10.49 -8.74 58.92
CA GLY T 173 -9.62 -7.83 59.63
C GLY T 173 -8.30 -7.61 58.92
N PHE T 174 -8.27 -7.94 57.62
CA PHE T 174 -7.01 -8.10 56.90
C PHE T 174 -6.10 -6.90 57.09
N ASN T 175 -4.99 -7.12 57.80
CA ASN T 175 -4.09 -6.04 58.16
C ASN T 175 -2.68 -6.43 57.79
N VAL T 176 -1.93 -5.49 57.23
CA VAL T 176 -0.58 -5.76 56.76
C VAL T 176 0.41 -4.88 57.51
N ASN T 177 -0.03 -3.70 57.95
CA ASN T 177 0.89 -2.83 58.68
C ASN T 177 1.10 -3.33 60.10
N GLY T 178 0.03 -3.36 60.89
CA GLY T 178 0.13 -3.68 62.31
C GLY T 178 1.29 -2.94 62.94
N LYS T 179 2.18 -3.66 63.64
CA LYS T 179 3.50 -3.13 63.91
C LYS T 179 4.53 -4.25 63.81
N GLY T 180 4.12 -5.46 63.46
CA GLY T 180 5.02 -6.59 63.34
C GLY T 180 4.89 -7.53 64.53
N VAL T 181 6.01 -8.07 64.98
CA VAL T 181 6.05 -8.96 66.13
C VAL T 181 6.49 -8.11 67.31
N THR T 182 5.51 -7.64 68.08
CA THR T 182 5.78 -6.72 69.18
C THR T 182 6.58 -7.41 70.28
N GLN T 183 7.61 -6.73 70.77
CA GLN T 183 8.45 -7.24 71.84
C GLN T 183 8.13 -6.53 73.14
N ASN T 184 8.11 -7.29 74.23
CA ASN T 184 7.75 -6.74 75.51
C ASN T 184 8.91 -5.94 76.10
N ARG T 185 8.59 -5.11 77.09
CA ARG T 185 9.58 -4.35 77.82
C ARG T 185 9.95 -5.05 79.12
N SER T 186 11.20 -4.89 79.53
CA SER T 186 11.69 -5.55 80.73
C SER T 186 10.87 -5.17 81.96
N ALA T 187 10.13 -6.12 82.51
CA ALA T 187 9.37 -5.88 83.72
C ALA T 187 10.34 -5.62 84.88
N THR T 188 10.09 -4.56 85.64
CA THR T 188 10.98 -4.12 86.70
C THR T 188 10.21 -4.03 88.01
N VAL T 189 10.95 -3.71 89.08
CA VAL T 189 10.36 -3.67 90.41
C VAL T 189 9.27 -2.61 90.50
N THR T 190 9.34 -1.56 89.68
CA THR T 190 8.25 -0.58 89.65
C THR T 190 6.95 -1.22 89.21
N ASP T 191 6.99 -1.97 88.09
CA ASP T 191 5.78 -2.63 87.63
C ASP T 191 5.35 -3.74 88.59
N VAL T 192 6.32 -4.41 89.21
CA VAL T 192 6.00 -5.47 90.16
C VAL T 192 5.25 -4.91 91.36
N ILE T 193 5.78 -3.86 91.96
CA ILE T 193 5.12 -3.25 93.11
C ILE T 193 3.80 -2.60 92.70
N ALA T 194 3.70 -2.18 91.43
CA ALA T 194 2.43 -1.62 90.96
C ALA T 194 1.33 -2.67 90.95
N GLN T 195 1.68 -3.92 90.63
CA GLN T 195 0.70 -4.99 90.50
C GLN T 195 0.49 -5.74 91.81
N GLY T 196 0.23 -5.00 92.88
CA GLY T 196 0.01 -5.61 94.18
C GLY T 196 1.17 -6.41 94.70
N GLY T 197 2.38 -6.15 94.21
CA GLY T 197 3.54 -6.90 94.66
C GLY T 197 3.84 -6.63 96.13
N THR T 198 4.35 -7.66 96.81
CA THR T 198 4.71 -7.57 98.21
C THR T 198 6.20 -7.84 98.36
N LEU T 199 6.88 -6.99 99.12
CA LEU T 199 8.30 -7.18 99.38
C LEU T 199 8.53 -8.46 100.16
N GLN T 200 9.52 -9.24 99.74
CA GLN T 200 9.87 -10.48 100.41
C GLN T 200 11.32 -10.54 100.86
N GLY T 201 12.23 -9.83 100.21
CA GLY T 201 13.63 -9.86 100.61
C GLY T 201 14.53 -8.97 99.78
N ASP T 202 15.70 -9.48 99.41
CA ASP T 202 16.70 -8.72 98.66
C ASP T 202 16.23 -8.60 97.21
N GLY T 203 15.36 -7.64 96.97
CA GLY T 203 14.78 -7.48 95.65
C GLY T 203 13.91 -8.64 95.23
N THR T 204 13.49 -9.47 96.16
CA THR T 204 12.66 -10.64 95.88
C THR T 204 11.21 -10.29 96.17
N TYR T 205 10.35 -10.44 95.15
CA TYR T 205 8.94 -10.12 95.27
C TYR T 205 8.12 -11.31 94.81
N LYS T 206 7.03 -11.58 95.53
CA LYS T 206 6.14 -12.70 95.24
C LYS T 206 4.83 -12.15 94.69
N ALA T 207 4.64 -12.27 93.38
CA ALA T 207 3.39 -11.86 92.76
C ALA T 207 2.34 -12.94 92.93
N THR T 208 1.21 -12.57 93.53
CA THR T 208 0.15 -13.52 93.84
C THR T 208 -1.16 -13.05 93.23
N THR T 209 -2.01 -14.00 92.87
CA THR T 209 -3.33 -13.70 92.34
C THR T 209 -4.31 -14.80 92.70
N THR T 210 -5.35 -14.44 93.44
CA THR T 210 -6.37 -15.39 93.84
C THR T 210 -7.32 -15.65 92.67
N PHE T 211 -7.67 -16.92 92.50
CA PHE T 211 -8.42 -17.37 91.32
C PHE T 211 -9.72 -18.07 91.71
N ASN T 212 -10.29 -17.72 92.86
CA ASN T 212 -11.52 -18.35 93.31
C ASN T 212 -12.62 -18.14 92.28
N ALA T 213 -13.06 -19.22 91.64
CA ALA T 213 -13.90 -19.15 90.48
C ALA T 213 -14.66 -20.46 90.35
N ALA T 214 -15.17 -20.74 89.15
CA ALA T 214 -15.92 -21.96 88.84
C ALA T 214 -17.25 -21.98 89.59
N SER T 215 -18.04 -20.92 89.40
CA SER T 215 -19.36 -20.85 89.99
C SER T 215 -20.31 -21.81 89.28
N ALA T 216 -21.58 -21.78 89.70
CA ALA T 216 -22.56 -22.71 89.15
C ALA T 216 -22.77 -22.46 87.65
N GLU T 217 -22.87 -21.20 87.24
CA GLU T 217 -23.10 -20.91 85.83
C GLU T 217 -21.93 -21.36 84.96
N THR T 218 -20.70 -21.08 85.42
CA THR T 218 -19.51 -21.45 84.66
C THR T 218 -19.36 -22.96 84.53
N VAL T 219 -20.00 -23.74 85.40
CA VAL T 219 -19.97 -25.18 85.28
C VAL T 219 -21.12 -25.70 84.42
N LEU T 220 -22.33 -25.18 84.63
CA LEU T 220 -23.47 -25.57 83.81
C LEU T 220 -23.30 -25.16 82.37
N SER T 221 -22.38 -24.23 82.08
CA SER T 221 -22.16 -23.82 80.70
C SER T 221 -21.66 -24.97 79.82
N LYS T 222 -20.80 -25.84 80.36
CA LYS T 222 -20.20 -26.92 79.61
C LYS T 222 -20.74 -28.27 80.03
N LEU T 223 -22.06 -28.33 80.29
CA LEU T 223 -22.70 -29.52 80.80
C LEU T 223 -23.35 -30.32 79.68
N GLU T 224 -23.07 -31.62 79.63
CA GLU T 224 -23.77 -32.52 78.73
C GLU T 224 -24.15 -33.83 79.42
N ASP T 225 -23.71 -34.06 80.65
CA ASP T 225 -23.97 -35.29 81.39
C ASP T 225 -24.83 -34.97 82.61
N GLY T 226 -25.02 -35.98 83.46
CA GLY T 226 -25.87 -35.83 84.62
C GLY T 226 -25.15 -35.32 85.85
N ASN T 227 -25.86 -34.55 86.65
CA ASN T 227 -25.36 -33.99 87.90
C ASN T 227 -26.18 -34.52 89.07
N THR T 228 -25.91 -34.00 90.26
CA THR T 228 -26.62 -34.46 91.45
C THR T 228 -26.79 -33.29 92.41
N VAL T 229 -27.89 -33.35 93.18
CA VAL T 229 -28.18 -32.36 94.21
C VAL T 229 -28.58 -33.11 95.48
N ALA T 230 -27.93 -32.77 96.59
CA ALA T 230 -28.21 -33.40 97.88
C ALA T 230 -28.18 -32.33 98.96
N VAL T 231 -29.18 -32.34 99.83
CA VAL T 231 -29.30 -31.35 100.90
C VAL T 231 -28.69 -31.98 102.16
N GLY T 232 -27.39 -31.79 102.34
CA GLY T 232 -26.71 -32.32 103.51
C GLY T 232 -26.84 -33.82 103.60
N GLY T 233 -27.25 -34.30 104.77
CA GLY T 233 -27.41 -35.72 105.01
C GLY T 233 -28.81 -36.22 104.70
N GLY T 234 -29.58 -35.42 103.96
CA GLY T 234 -30.93 -35.77 103.58
C GLY T 234 -31.00 -36.51 102.27
N ALA T 235 -32.13 -36.35 101.58
CA ALA T 235 -32.33 -37.01 100.30
C ALA T 235 -31.41 -36.42 99.23
N THR T 236 -31.25 -37.17 98.15
CA THR T 236 -30.38 -36.77 97.04
C THR T 236 -31.14 -36.92 95.73
N TYR T 237 -30.93 -35.97 94.83
CA TYR T 237 -31.57 -35.98 93.52
C TYR T 237 -30.54 -35.77 92.43
N THR T 238 -30.71 -36.47 91.31
CA THR T 238 -29.81 -36.39 90.18
C THR T 238 -30.57 -35.96 88.94
N TYR T 239 -29.99 -35.02 88.19
CA TYR T 239 -30.59 -34.50 86.97
C TYR T 239 -29.65 -34.76 85.79
N ASP T 240 -30.23 -34.96 84.62
CA ASP T 240 -29.47 -35.22 83.40
C ASP T 240 -29.93 -34.28 82.30
N ALA T 241 -28.98 -33.59 81.68
CA ALA T 241 -29.27 -32.62 80.62
C ALA T 241 -29.13 -33.31 79.27
N ALA T 242 -30.24 -33.80 78.74
CA ALA T 242 -30.21 -34.47 77.44
C ALA T 242 -29.96 -33.48 76.31
N LYS T 243 -30.72 -32.37 76.29
CA LYS T 243 -30.62 -31.38 75.23
C LYS T 243 -30.47 -29.97 75.78
N GLY T 244 -29.98 -29.84 77.02
CA GLY T 244 -30.07 -28.60 77.74
C GLY T 244 -31.29 -28.46 78.62
N ASN T 245 -32.27 -29.36 78.46
CA ASN T 245 -33.41 -29.46 79.35
C ASN T 245 -33.22 -30.69 80.22
N PHE T 246 -33.16 -30.49 81.53
CA PHE T 246 -32.78 -31.55 82.45
C PHE T 246 -33.90 -32.57 82.61
N THR T 247 -33.50 -33.79 82.97
CA THR T 247 -34.44 -34.88 83.24
C THR T 247 -34.10 -35.49 84.59
N TYR T 248 -35.14 -35.87 85.32
CA TYR T 248 -34.99 -36.44 86.66
C TYR T 248 -36.33 -37.02 87.08
N THR T 249 -36.33 -37.69 88.23
CA THR T 249 -37.54 -38.29 88.78
C THR T 249 -37.72 -37.81 90.22
N LYS T 250 -38.98 -37.60 90.60
CA LYS T 250 -39.33 -37.26 91.97
C LYS T 250 -40.56 -38.07 92.38
N THR T 251 -40.58 -38.49 93.64
CA THR T 251 -41.69 -39.28 94.15
C THR T 251 -42.89 -38.40 94.43
N VAL T 252 -44.08 -38.92 94.09
CA VAL T 252 -45.34 -38.28 94.42
C VAL T 252 -46.05 -39.18 95.43
N ASP T 253 -46.26 -38.67 96.63
CA ASP T 253 -46.82 -39.47 97.71
C ASP T 253 -47.50 -38.54 98.71
N THR T 254 -47.86 -39.10 99.86
CA THR T 254 -48.58 -38.38 100.92
C THR T 254 -47.99 -38.81 102.26
N THR T 255 -48.72 -38.50 103.33
CA THR T 255 -48.27 -38.83 104.68
C THR T 255 -49.14 -39.84 105.41
N VAL T 256 -50.35 -40.11 104.91
CA VAL T 256 -51.30 -40.97 105.59
C VAL T 256 -51.39 -42.30 104.85
N GLY T 257 -51.00 -43.38 105.52
CA GLY T 257 -51.14 -44.70 104.93
C GLY T 257 -52.58 -45.12 104.73
N ALA T 258 -53.47 -44.73 105.65
CA ALA T 258 -54.86 -45.16 105.58
C ALA T 258 -55.67 -44.42 104.52
N ASP T 259 -55.18 -43.28 104.03
CA ASP T 259 -55.92 -42.49 103.06
C ASP T 259 -54.95 -41.76 102.16
N VAL T 260 -54.98 -42.07 100.87
CA VAL T 260 -54.09 -41.45 99.89
C VAL T 260 -54.91 -40.82 98.78
N THR T 261 -56.11 -40.36 99.10
CA THR T 261 -56.88 -39.61 98.12
C THR T 261 -56.11 -38.39 97.63
N ALA T 262 -55.29 -37.79 98.51
CA ALA T 262 -54.43 -36.70 98.09
C ALA T 262 -53.41 -37.16 97.06
N LEU T 263 -52.93 -38.41 97.18
CA LEU T 263 -52.00 -38.94 96.19
C LEU T 263 -52.65 -39.01 94.81
N ALA T 264 -53.90 -39.48 94.74
CA ALA T 264 -54.61 -39.51 93.48
C ALA T 264 -54.86 -38.11 92.96
N ASN T 265 -55.22 -37.18 93.84
CA ASN T 265 -55.45 -35.80 93.43
C ASN T 265 -54.16 -35.07 93.11
N LYS T 266 -53.00 -35.64 93.43
CA LYS T 266 -51.72 -35.15 92.97
C LYS T 266 -51.35 -35.71 91.61
N ILE T 267 -51.64 -36.98 91.38
CA ILE T 267 -51.34 -37.58 90.08
C ILE T 267 -52.25 -37.01 89.00
N LYS T 268 -53.52 -36.76 89.33
CA LYS T 268 -54.49 -36.33 88.33
C LYS T 268 -54.08 -35.07 87.58
N PRO T 269 -53.65 -33.98 88.23
CA PRO T 269 -53.26 -32.79 87.46
C PRO T 269 -52.09 -33.05 86.50
N SER T 270 -51.20 -33.97 86.85
CA SER T 270 -50.12 -34.32 85.94
C SER T 270 -50.66 -34.88 84.63
N SER T 271 -51.66 -35.77 84.72
CA SER T 271 -52.28 -36.30 83.51
C SER T 271 -53.03 -35.22 82.75
N GLY T 272 -53.71 -34.33 83.47
CA GLY T 272 -54.50 -33.29 82.85
C GLY T 272 -55.99 -33.50 83.07
N THR T 273 -56.81 -33.01 82.14
CA THR T 273 -58.26 -33.15 82.24
C THR T 273 -58.82 -34.09 81.18
N ILE T 274 -58.56 -33.82 79.90
CA ILE T 274 -59.05 -34.63 78.80
C ILE T 274 -57.89 -34.90 77.86
N SER T 275 -57.63 -36.18 77.58
CA SER T 275 -56.57 -36.56 76.65
C SER T 275 -57.03 -37.81 75.91
N GLY T 276 -56.12 -38.39 75.12
CA GLY T 276 -56.48 -39.52 74.29
C GLY T 276 -55.87 -40.85 74.73
N SER T 277 -54.91 -41.35 73.96
CA SER T 277 -54.34 -42.66 74.21
C SER T 277 -53.50 -42.67 75.48
N TYR T 278 -53.80 -43.60 76.39
CA TYR T 278 -53.03 -43.83 77.60
C TYR T 278 -52.45 -45.25 77.56
N GLU T 279 -51.72 -45.59 78.62
CA GLU T 279 -51.16 -46.94 78.78
C GLU T 279 -51.24 -47.30 80.27
N ILE T 280 -52.21 -48.12 80.63
CA ILE T 280 -52.40 -48.57 82.01
C ILE T 280 -51.82 -49.95 82.14
N SER T 281 -50.92 -50.13 83.11
CA SER T 281 -50.24 -51.39 83.35
C SER T 281 -50.58 -51.95 84.72
N THR T 282 -51.85 -51.88 85.09
CA THR T 282 -52.30 -52.40 86.37
C THR T 282 -52.12 -53.91 86.42
N GLY T 283 -52.00 -54.44 87.64
CA GLY T 283 -51.74 -55.85 87.80
C GLY T 283 -50.31 -56.20 87.43
N LYS T 284 -50.14 -57.01 86.37
CA LYS T 284 -48.81 -57.40 85.93
C LYS T 284 -48.49 -56.91 84.53
N SER T 285 -49.31 -57.24 83.54
CA SER T 285 -49.01 -56.93 82.15
C SER T 285 -50.26 -56.45 81.42
N ALA T 286 -51.02 -55.56 82.05
CA ALA T 286 -52.23 -55.04 81.41
C ALA T 286 -51.88 -54.30 80.12
N SER T 287 -51.16 -53.18 80.23
CA SER T 287 -50.62 -52.46 79.07
C SER T 287 -51.72 -52.11 78.06
N PHE T 288 -52.85 -51.63 78.58
CA PHE T 288 -53.95 -51.26 77.71
C PHE T 288 -53.66 -49.97 76.97
N ASP T 289 -54.59 -49.60 76.08
CA ASP T 289 -54.58 -48.34 75.34
C ASP T 289 -55.98 -47.75 75.45
N VAL T 290 -56.19 -46.91 76.45
CA VAL T 290 -57.51 -46.42 76.78
C VAL T 290 -57.67 -44.99 76.28
N ASP T 291 -58.92 -44.51 76.25
CA ASP T 291 -59.27 -43.16 75.85
C ASP T 291 -60.16 -42.57 76.94
N ALA T 292 -59.53 -41.94 77.93
CA ALA T 292 -60.25 -41.46 79.12
C ALA T 292 -60.56 -39.98 78.95
N ALA T 293 -61.82 -39.67 78.68
CA ALA T 293 -62.34 -38.31 78.70
C ALA T 293 -63.41 -38.29 79.79
N GLY T 294 -62.98 -38.04 81.03
CA GLY T 294 -63.85 -38.23 82.17
C GLY T 294 -63.81 -39.67 82.62
N LYS T 295 -64.84 -40.45 82.28
CA LYS T 295 -64.80 -41.87 82.50
C LYS T 295 -63.82 -42.52 81.54
N ILE T 296 -63.08 -43.52 82.02
CA ILE T 296 -62.06 -44.18 81.21
C ILE T 296 -62.73 -45.18 80.28
N THR T 297 -62.41 -45.09 79.00
CA THR T 297 -62.95 -46.00 77.98
C THR T 297 -61.82 -46.48 77.10
N ILE T 298 -62.08 -47.58 76.39
CA ILE T 298 -61.13 -48.15 75.46
C ILE T 298 -61.63 -47.83 74.04
N GLY T 299 -60.75 -47.93 73.06
CA GLY T 299 -61.15 -47.67 71.69
C GLY T 299 -62.30 -48.57 71.25
N GLY T 300 -63.48 -47.99 71.13
CA GLY T 300 -64.66 -48.71 70.72
C GLY T 300 -65.43 -49.39 71.83
N ASN T 301 -65.06 -49.20 73.09
CA ASN T 301 -65.76 -49.88 74.18
C ASN T 301 -65.53 -49.13 75.49
N ALA T 302 -66.33 -49.48 76.49
CA ALA T 302 -66.21 -48.96 77.83
C ALA T 302 -65.64 -50.04 78.75
N ALA T 303 -64.69 -49.66 79.59
CA ALA T 303 -63.95 -50.60 80.42
C ALA T 303 -64.31 -50.42 81.89
N PHE T 304 -64.64 -51.52 82.56
CA PHE T 304 -64.91 -51.54 83.98
C PHE T 304 -63.63 -51.97 84.73
N LEU T 305 -63.76 -52.20 86.04
CA LEU T 305 -62.61 -52.51 86.87
C LEU T 305 -62.96 -53.64 87.83
N ASN T 306 -62.14 -54.69 87.84
CA ASN T 306 -62.26 -55.78 88.79
C ASN T 306 -61.28 -55.53 89.93
N ALA T 307 -61.74 -55.74 91.17
CA ALA T 307 -61.01 -55.26 92.33
C ALA T 307 -60.95 -56.31 93.43
N ASP T 308 -60.14 -55.99 94.44
CA ASP T 308 -60.05 -56.64 95.74
C ASP T 308 -59.35 -57.99 95.71
N GLY T 309 -59.06 -58.52 94.52
CA GLY T 309 -58.09 -59.60 94.41
C GLY T 309 -56.81 -59.06 93.82
N GLU T 310 -56.97 -58.36 92.70
CA GLU T 310 -55.90 -57.62 92.04
C GLU T 310 -56.60 -56.65 91.10
N LEU T 311 -56.44 -55.36 91.33
CA LEU T 311 -57.25 -54.37 90.63
C LEU T 311 -56.85 -54.32 89.16
N THR T 312 -57.61 -55.01 88.32
CA THR T 312 -57.40 -55.05 86.88
C THR T 312 -58.60 -54.47 86.17
N THR T 313 -58.34 -53.88 85.00
CA THR T 313 -59.36 -53.27 84.17
C THR T 313 -59.79 -54.27 83.08
N ASN T 314 -61.09 -54.38 82.87
CA ASN T 314 -61.61 -55.25 81.81
C ASN T 314 -62.91 -54.68 81.27
N ASP T 315 -63.14 -54.87 79.97
CA ASP T 315 -64.39 -54.44 79.36
C ASP T 315 -65.57 -55.29 79.81
N ALA T 316 -65.34 -56.54 80.20
CA ALA T 316 -66.42 -57.44 80.59
C ALA T 316 -66.82 -57.10 82.03
N SER T 317 -68.06 -56.64 82.20
CA SER T 317 -68.53 -56.21 83.50
C SER T 317 -68.65 -57.40 84.46
N GLY T 318 -68.37 -57.14 85.73
CA GLY T 318 -68.55 -58.11 86.79
C GLY T 318 -69.68 -57.70 87.72
N ALA T 319 -69.85 -58.51 88.78
CA ALA T 319 -70.93 -58.25 89.72
C ALA T 319 -70.67 -57.00 90.55
N LEU T 320 -69.41 -56.69 90.83
CA LEU T 320 -69.03 -55.60 91.73
C LEU T 320 -68.03 -54.66 91.06
N THR T 321 -68.29 -54.29 89.81
CA THR T 321 -67.34 -53.55 89.01
C THR T 321 -67.80 -52.11 88.79
N GLN T 322 -66.83 -51.21 88.62
CA GLN T 322 -67.08 -49.81 88.37
C GLN T 322 -66.17 -49.32 87.25
N ALA T 323 -66.53 -48.20 86.64
CA ALA T 323 -65.80 -47.66 85.49
C ALA T 323 -65.64 -46.15 85.66
N THR T 324 -64.42 -45.71 85.98
CA THR T 324 -64.09 -44.30 86.01
C THR T 324 -62.57 -44.15 86.09
N LEU T 325 -62.10 -42.95 85.78
CA LEU T 325 -60.66 -42.68 85.83
C LEU T 325 -60.15 -42.70 87.27
N ASP T 326 -60.96 -42.23 88.22
CA ASP T 326 -60.52 -42.19 89.61
C ASP T 326 -60.23 -43.58 90.13
N ASP T 327 -61.07 -44.56 89.78
CA ASP T 327 -60.84 -45.92 90.25
C ASP T 327 -59.55 -46.49 89.66
N VAL T 328 -59.27 -46.22 88.38
CA VAL T 328 -58.04 -46.68 87.77
C VAL T 328 -56.83 -46.03 88.45
N LEU T 329 -56.93 -44.73 88.73
CA LEU T 329 -55.83 -44.05 89.40
C LEU T 329 -55.61 -44.61 90.80
N THR T 330 -56.70 -44.91 91.52
CA THR T 330 -56.56 -45.54 92.83
C THR T 330 -55.91 -46.90 92.72
N SER T 331 -56.32 -47.69 91.72
CA SER T 331 -55.70 -49.00 91.51
C SER T 331 -54.20 -48.87 91.28
N VAL T 332 -53.80 -47.92 90.44
CA VAL T 332 -52.37 -47.72 90.18
C VAL T 332 -51.65 -47.26 91.44
N GLY T 333 -52.30 -46.41 92.24
CA GLY T 333 -51.64 -45.85 93.40
C GLY T 333 -51.80 -46.65 94.67
N THR T 334 -52.98 -47.22 94.90
CA THR T 334 -53.29 -47.88 96.17
C THR T 334 -53.12 -49.39 96.11
N GLU T 335 -53.75 -50.05 95.15
CA GLU T 335 -53.75 -51.50 95.07
C GLU T 335 -52.84 -52.02 93.96
N ALA T 336 -51.80 -51.27 93.62
CA ALA T 336 -50.87 -51.72 92.58
C ALA T 336 -50.20 -53.02 92.98
N ASN T 337 -49.61 -53.05 94.17
CA ASN T 337 -48.93 -54.23 94.72
C ASN T 337 -47.83 -54.76 93.81
N SER T 338 -47.37 -53.95 92.87
CA SER T 338 -46.35 -54.35 91.90
C SER T 338 -45.91 -53.12 91.13
N SER T 339 -45.07 -53.33 90.12
CA SER T 339 -44.62 -52.25 89.25
C SER T 339 -45.75 -51.91 88.30
N VAL T 340 -46.64 -51.04 88.76
CA VAL T 340 -47.81 -50.59 88.02
C VAL T 340 -47.60 -49.14 87.64
N THR T 341 -47.83 -48.83 86.36
CA THR T 341 -47.58 -47.49 85.85
C THR T 341 -48.73 -47.05 84.95
N ILE T 342 -48.85 -45.74 84.78
CA ILE T 342 -49.76 -45.13 83.82
C ILE T 342 -48.90 -44.51 82.73
N GLY T 343 -48.97 -45.05 81.53
CA GLY T 343 -48.18 -44.59 80.41
C GLY T 343 -48.79 -43.45 79.63
N GLY T 344 -49.90 -42.87 80.10
CA GLY T 344 -50.56 -41.84 79.35
C GLY T 344 -49.81 -40.52 79.34
N THR T 345 -50.03 -39.76 78.27
CA THR T 345 -49.45 -38.43 78.10
C THR T 345 -47.92 -38.45 78.22
N LYS T 346 -47.30 -39.47 77.61
CA LYS T 346 -45.85 -39.57 77.50
C LYS T 346 -45.17 -39.59 78.87
N TYR T 347 -45.86 -40.12 79.88
CA TYR T 347 -45.32 -40.26 81.22
C TYR T 347 -45.35 -41.72 81.64
N SER T 348 -44.79 -41.99 82.81
CA SER T 348 -44.86 -43.34 83.40
C SER T 348 -44.89 -43.17 84.92
N HIS T 349 -46.10 -43.10 85.47
CA HIS T 349 -46.29 -42.97 86.91
C HIS T 349 -46.21 -44.35 87.56
N SER T 350 -45.00 -44.91 87.54
CA SER T 350 -44.77 -46.21 88.12
C SER T 350 -45.00 -46.19 89.62
N ALA T 351 -45.69 -47.20 90.12
CA ALA T 351 -45.95 -47.33 91.55
C ALA T 351 -44.74 -48.00 92.20
N ALA T 352 -43.78 -47.17 92.62
CA ALA T 352 -42.58 -47.69 93.27
C ALA T 352 -42.94 -48.42 94.55
N ASP T 353 -43.84 -47.86 95.35
CA ASP T 353 -44.35 -48.51 96.54
C ASP T 353 -45.87 -48.41 96.54
N GLU T 354 -46.53 -49.55 96.72
CA GLU T 354 -47.98 -49.56 96.76
C GLU T 354 -48.48 -49.16 98.16
N LEU T 355 -49.80 -49.05 98.29
CA LEU T 355 -50.43 -48.74 99.56
C LEU T 355 -50.88 -50.05 100.22
N SER T 356 -50.23 -50.39 101.32
CA SER T 356 -50.68 -51.48 102.18
C SER T 356 -51.70 -51.00 103.21
N TYR T 357 -52.14 -49.74 103.09
CA TYR T 357 -53.02 -49.03 104.02
C TYR T 357 -52.37 -48.78 105.37
N THR T 358 -51.10 -49.16 105.53
CA THR T 358 -50.30 -48.79 106.69
C THR T 358 -49.12 -47.89 106.31
N ALA T 359 -48.34 -48.30 105.31
CA ALA T 359 -47.26 -47.49 104.77
C ALA T 359 -47.75 -46.75 103.54
N VAL T 360 -47.35 -45.47 103.44
CA VAL T 360 -47.84 -44.62 102.37
C VAL T 360 -47.32 -45.12 101.03
N ALA T 361 -48.18 -45.06 100.01
CA ALA T 361 -47.83 -45.51 98.67
C ALA T 361 -46.93 -44.50 97.97
N THR T 362 -46.19 -45.00 96.99
CA THR T 362 -45.29 -44.16 96.19
C THR T 362 -45.61 -44.39 94.71
N THR T 363 -45.77 -43.29 93.98
CA THR T 363 -46.05 -43.30 92.55
C THR T 363 -45.03 -42.45 91.81
N ALA T 364 -43.75 -42.69 92.10
CA ALA T 364 -42.68 -41.89 91.53
C ALA T 364 -42.72 -41.94 90.01
N ASP T 365 -42.48 -40.78 89.40
CA ASP T 365 -42.47 -40.64 87.95
C ASP T 365 -41.30 -39.76 87.55
N VAL T 366 -40.80 -39.98 86.34
CA VAL T 366 -39.79 -39.12 85.74
C VAL T 366 -40.52 -37.92 85.14
N LEU T 367 -40.61 -36.83 85.91
CA LEU T 367 -41.37 -35.66 85.47
C LEU T 367 -40.55 -34.74 84.58
N SER T 368 -39.30 -34.48 84.96
CA SER T 368 -38.42 -33.54 84.27
C SER T 368 -39.01 -32.13 84.23
N ALA T 369 -39.98 -31.85 85.09
CA ALA T 369 -40.61 -30.53 85.13
C ALA T 369 -39.64 -29.45 85.56
N MET T 370 -38.55 -29.83 86.22
CA MET T 370 -37.51 -28.90 86.66
C MET T 370 -36.38 -28.80 85.63
N GLY T 371 -36.71 -29.10 84.36
CA GLY T 371 -35.70 -29.39 83.37
C GLY T 371 -34.90 -28.19 82.89
N SER T 372 -35.49 -26.99 82.93
CA SER T 372 -34.84 -25.81 82.39
C SER T 372 -33.48 -25.61 83.04
N SER T 373 -32.46 -25.39 82.21
CA SER T 373 -31.11 -25.22 82.73
C SER T 373 -31.02 -24.00 83.62
N THR T 374 -31.69 -22.91 83.23
CA THR T 374 -31.76 -21.73 84.10
C THR T 374 -32.46 -22.07 85.41
N ALA T 375 -33.52 -22.89 85.35
CA ALA T 375 -34.20 -23.30 86.56
C ALA T 375 -33.26 -24.10 87.47
N VAL T 376 -32.49 -25.01 86.90
CA VAL T 376 -31.54 -25.78 87.70
C VAL T 376 -30.50 -24.86 88.30
N SER T 377 -30.06 -23.84 87.55
CA SER T 377 -29.15 -22.85 88.11
C SER T 377 -29.80 -22.13 89.30
N THR T 378 -31.08 -21.79 89.19
CA THR T 378 -31.77 -21.15 90.29
C THR T 378 -31.79 -22.03 91.53
N VAL T 379 -32.17 -23.30 91.36
CA VAL T 379 -32.32 -24.18 92.51
C VAL T 379 -30.96 -24.48 93.14
N THR T 380 -29.91 -24.60 92.32
CA THR T 380 -28.59 -24.85 92.86
C THR T 380 -27.91 -23.60 93.39
N LEU T 381 -28.44 -22.43 93.07
CA LEU T 381 -27.90 -21.18 93.61
C LEU T 381 -28.52 -20.82 94.95
N GLY T 382 -29.84 -20.97 95.08
CA GLY T 382 -30.54 -20.61 96.30
C GLY T 382 -30.87 -21.78 97.18
N SER T 383 -30.14 -22.89 97.02
CA SER T 383 -30.40 -24.08 97.82
C SER T 383 -29.99 -23.83 99.28
N GLY T 384 -30.43 -24.74 100.14
CA GLY T 384 -30.09 -24.66 101.54
C GLY T 384 -28.70 -25.18 101.85
N ILE T 385 -28.58 -25.99 102.90
CA ILE T 385 -27.31 -26.61 103.24
C ILE T 385 -27.14 -27.85 102.36
N THR T 386 -26.51 -27.69 101.22
CA THR T 386 -26.42 -28.74 100.20
C THR T 386 -24.97 -29.00 99.84
N SER T 387 -24.77 -30.10 99.10
CA SER T 387 -23.47 -30.49 98.58
C SER T 387 -23.60 -30.96 97.14
N ALA T 388 -24.37 -30.24 96.34
CA ALA T 388 -24.66 -30.67 94.98
C ALA T 388 -23.39 -30.70 94.14
N ALA T 389 -23.33 -31.69 93.24
CA ALA T 389 -22.15 -31.92 92.42
C ALA T 389 -22.56 -32.16 90.98
N VAL T 390 -21.63 -31.87 90.07
CA VAL T 390 -21.86 -31.99 88.63
C VAL T 390 -20.86 -32.96 88.03
N THR T 391 -21.36 -33.98 87.34
CA THR T 391 -20.56 -34.83 86.48
C THR T 391 -20.80 -34.36 85.05
N PHE T 392 -19.75 -33.86 84.40
CA PHE T 392 -19.95 -33.14 83.14
C PHE T 392 -18.93 -33.51 82.06
N ALA T 393 -18.36 -34.70 82.11
CA ALA T 393 -17.43 -35.11 81.08
C ALA T 393 -17.50 -36.62 80.89
N ILE T 394 -16.99 -37.07 79.75
CA ILE T 394 -17.00 -38.50 79.46
C ILE T 394 -16.01 -39.22 80.35
N ALA T 395 -16.23 -40.53 80.53
CA ALA T 395 -15.55 -41.29 81.58
C ALA T 395 -14.04 -41.20 81.49
N THR T 396 -13.48 -41.11 80.27
CA THR T 396 -12.03 -40.99 80.16
C THR T 396 -11.53 -39.63 80.59
N THR T 397 -12.41 -38.63 80.61
CA THR T 397 -12.06 -37.29 81.07
C THR T 397 -13.02 -36.80 82.14
N ASP T 398 -13.74 -37.71 82.79
CA ASP T 398 -14.81 -37.34 83.70
C ASP T 398 -14.25 -36.70 84.97
N SER T 399 -15.09 -35.90 85.61
CA SER T 399 -14.75 -35.26 86.87
C SER T 399 -16.02 -34.87 87.59
N ASN T 400 -15.87 -34.54 88.87
CA ASN T 400 -16.98 -34.08 89.70
C ASN T 400 -16.61 -32.74 90.32
N ASN T 401 -17.56 -31.81 90.31
CA ASN T 401 -17.36 -30.48 90.87
C ASN T 401 -18.26 -30.32 92.08
N THR T 402 -17.68 -30.07 93.24
CA THR T 402 -18.41 -29.89 94.48
C THR T 402 -18.25 -28.46 94.97
N TRP T 403 -19.36 -27.79 95.25
CA TRP T 403 -19.37 -26.37 95.58
C TRP T 403 -20.13 -26.11 96.87
N VAL T 404 -20.25 -24.82 97.19
CA VAL T 404 -20.82 -24.38 98.46
C VAL T 404 -22.31 -24.74 98.52
N ASP T 405 -22.85 -24.74 99.74
CA ASP T 405 -24.25 -25.10 99.94
C ASP T 405 -25.18 -24.17 99.16
N ASN T 406 -24.87 -22.87 99.10
CA ASN T 406 -25.78 -21.92 98.49
C ASN T 406 -25.04 -20.86 97.67
N LYS T 407 -23.92 -21.21 97.07
CA LYS T 407 -23.17 -20.23 96.29
C LYS T 407 -22.90 -20.70 94.86
N GLY T 408 -22.69 -22.00 94.69
CA GLY T 408 -22.24 -22.52 93.41
C GLY T 408 -20.75 -22.45 93.20
N GLU T 409 -20.01 -21.84 94.10
CA GLU T 409 -18.57 -21.66 93.93
C GLU T 409 -17.82 -22.90 94.40
N LEU T 410 -17.00 -23.46 93.51
CA LEU T 410 -16.16 -24.60 93.86
C LEU T 410 -15.07 -24.14 94.82
N THR T 411 -15.16 -24.55 96.08
CA THR T 411 -14.18 -24.12 97.06
C THR T 411 -12.78 -24.64 96.74
N ASP T 412 -12.69 -25.92 96.36
CA ASP T 412 -11.40 -26.56 96.13
C ASP T 412 -10.98 -26.56 94.66
N ILE T 413 -11.82 -26.06 93.76
CA ILE T 413 -11.51 -26.01 92.34
C ILE T 413 -11.61 -24.57 91.86
N GLN T 414 -10.56 -24.10 91.21
CA GLN T 414 -10.50 -22.73 90.71
C GLN T 414 -10.26 -22.75 89.21
N THR T 415 -10.13 -21.56 88.61
CA THR T 415 -9.83 -21.42 87.20
C THR T 415 -8.68 -20.45 87.03
N PHE T 416 -7.74 -20.80 86.15
CA PHE T 416 -6.76 -19.84 85.68
C PHE T 416 -7.37 -18.98 84.58
N ASP T 417 -6.53 -18.23 83.88
CA ASP T 417 -6.99 -17.43 82.75
C ASP T 417 -7.50 -18.28 81.60
N THR T 418 -7.22 -19.59 81.60
CA THR T 418 -7.57 -20.46 80.50
C THR T 418 -8.58 -21.53 80.88
N SER T 419 -8.32 -22.30 81.94
CA SER T 419 -9.11 -23.49 82.21
C SER T 419 -9.21 -23.73 83.71
N TYR T 420 -9.94 -24.78 84.08
CA TYR T 420 -10.14 -25.16 85.47
C TYR T 420 -8.87 -25.79 86.03
N LYS T 421 -8.49 -25.39 87.24
CA LYS T 421 -7.36 -25.99 87.94
C LYS T 421 -7.63 -26.00 89.43
N ILE T 422 -6.95 -26.91 90.13
CA ILE T 422 -7.15 -27.10 91.56
C ILE T 422 -6.25 -26.15 92.34
N ASN T 423 -5.59 -25.23 91.65
CA ASN T 423 -4.69 -24.27 92.27
C ASN T 423 -5.39 -22.93 92.39
N ALA T 424 -5.56 -22.45 93.63
CA ALA T 424 -6.27 -21.20 93.83
C ALA T 424 -5.41 -19.99 93.49
N ASP T 425 -4.09 -20.10 93.64
CA ASP T 425 -3.20 -18.97 93.42
C ASP T 425 -1.89 -19.48 92.84
N THR T 426 -1.41 -18.84 91.77
CA THR T 426 -0.11 -19.19 91.23
C THR T 426 1.00 -18.81 92.21
N GLY T 427 1.06 -17.54 92.59
CA GLY T 427 2.03 -17.11 93.59
C GLY T 427 3.47 -17.27 93.17
N GLU T 428 3.79 -16.99 91.92
CA GLU T 428 5.18 -17.04 91.47
C GLU T 428 5.98 -15.91 92.09
N VAL T 429 7.28 -16.14 92.25
CA VAL T 429 8.16 -15.22 92.97
C VAL T 429 9.15 -14.64 91.98
N THR T 430 9.27 -13.32 91.97
CA THR T 430 10.17 -12.60 91.08
C THR T 430 11.27 -11.93 91.89
N VAL T 431 12.52 -12.10 91.44
CA VAL T 431 13.68 -11.47 92.07
C VAL T 431 14.16 -10.35 91.17
N VAL T 432 14.47 -9.20 91.77
CA VAL T 432 14.84 -8.00 91.04
C VAL T 432 16.33 -7.76 91.21
N GLY T 433 17.05 -7.61 90.09
CA GLY T 433 18.45 -7.30 90.18
C GLY T 433 18.70 -5.95 90.82
N ASP T 434 19.80 -5.86 91.57
CA ASP T 434 20.13 -4.62 92.25
C ASP T 434 20.94 -3.68 91.35
N ASN T 435 22.02 -4.20 90.76
CA ASN T 435 22.85 -3.40 89.86
C ASN T 435 22.25 -3.25 88.47
N SER T 436 21.19 -3.99 88.16
CA SER T 436 20.52 -3.92 86.87
C SER T 436 19.02 -3.90 87.10
N ALA T 437 18.31 -3.08 86.31
CA ALA T 437 16.88 -2.92 86.50
C ALA T 437 16.10 -4.18 86.17
N THR T 438 16.69 -5.12 85.44
CA THR T 438 15.98 -6.33 85.06
C THR T 438 15.64 -7.17 86.29
N ALA T 439 14.51 -7.86 86.22
CA ALA T 439 14.02 -8.70 87.31
C ALA T 439 14.04 -10.16 86.85
N GLY T 440 14.68 -11.01 87.65
CA GLY T 440 14.69 -12.44 87.37
C GLY T 440 13.47 -13.14 87.92
N GLN T 441 13.45 -14.45 87.74
CA GLN T 441 12.38 -15.30 88.25
C GLN T 441 12.91 -16.20 89.34
N TYR T 442 12.31 -16.12 90.53
CA TYR T 442 12.66 -17.02 91.62
C TYR T 442 11.64 -18.16 91.66
N ALA T 443 11.69 -18.97 90.61
CA ALA T 443 10.74 -20.06 90.43
C ALA T 443 11.37 -21.11 89.51
N SER T 444 10.55 -22.01 88.98
CA SER T 444 11.06 -23.06 88.11
C SER T 444 11.76 -22.50 86.87
N ALA T 445 11.36 -21.30 86.43
CA ALA T 445 12.08 -20.66 85.33
C ALA T 445 13.51 -20.34 85.74
N ASP T 446 13.68 -19.79 86.95
CA ASP T 446 14.98 -19.65 87.61
C ASP T 446 15.99 -18.90 86.75
N GLY T 447 15.69 -17.63 86.52
CA GLY T 447 16.60 -16.73 85.83
C GLY T 447 16.10 -16.19 84.51
N ALA T 448 15.00 -16.71 83.99
CA ALA T 448 14.43 -16.15 82.77
C ALA T 448 13.90 -14.75 83.04
N LYS T 449 14.43 -13.77 82.31
CA LYS T 449 14.05 -12.37 82.55
C LYS T 449 12.57 -12.18 82.30
N VAL T 450 11.91 -11.48 83.22
CA VAL T 450 10.47 -11.24 83.16
C VAL T 450 10.22 -9.97 82.37
N LEU T 451 9.12 -9.96 81.61
CA LEU T 451 8.75 -8.82 80.79
C LEU T 451 7.26 -8.57 80.90
N VAL T 452 6.86 -7.33 80.68
CA VAL T 452 5.47 -6.93 80.68
C VAL T 452 4.95 -7.00 79.25
N GLY T 453 3.98 -7.86 79.00
CA GLY T 453 3.44 -8.04 77.67
C GLY T 453 2.52 -6.91 77.27
N SER T 454 2.07 -6.97 76.01
CA SER T 454 1.16 -5.97 75.48
C SER T 454 -0.17 -6.06 76.20
N ASP T 455 -0.45 -5.08 77.06
CA ASP T 455 -1.63 -5.04 77.92
C ASP T 455 -1.73 -6.26 78.83
N GLY T 456 -0.64 -7.01 78.98
CA GLY T 456 -0.57 -8.12 79.89
C GLY T 456 0.09 -7.72 81.20
N LYS T 457 -0.21 -8.48 82.25
CA LYS T 457 0.36 -8.18 83.56
C LYS T 457 1.89 -8.30 83.53
N LEU T 458 2.39 -9.51 83.29
CA LEU T 458 3.82 -9.74 83.14
C LEU T 458 4.03 -11.16 82.62
N THR T 459 4.93 -11.30 81.66
CA THR T 459 5.20 -12.59 81.04
C THR T 459 6.70 -12.89 81.13
N THR T 460 7.07 -14.05 80.63
CA THR T 460 8.47 -14.49 80.67
C THR T 460 9.18 -14.36 79.33
N GLU T 461 8.50 -14.63 78.23
CA GLU T 461 9.12 -14.55 76.91
C GLU T 461 9.03 -13.13 76.37
N THR T 462 10.09 -12.72 75.66
CA THR T 462 10.37 -11.31 75.40
C THR T 462 9.46 -10.67 74.37
N THR T 463 8.70 -11.45 73.60
CA THR T 463 7.86 -10.87 72.57
C THR T 463 6.39 -11.16 72.86
N SER T 464 5.52 -10.82 71.92
CA SER T 464 4.11 -11.16 72.03
C SER T 464 3.48 -10.99 70.65
N ALA T 465 2.25 -11.49 70.53
CA ALA T 465 1.55 -11.43 69.25
C ALA T 465 1.29 -9.99 68.84
N GLY T 466 1.54 -9.70 67.56
CA GLY T 466 1.29 -8.39 67.01
C GLY T 466 -0.14 -8.22 66.57
N ASP T 467 -0.36 -7.20 65.75
CA ASP T 467 -1.70 -6.88 65.26
C ASP T 467 -1.87 -7.09 63.76
N LYS T 468 -0.78 -7.24 63.00
CA LYS T 468 -0.86 -7.83 61.63
C LYS T 468 -1.36 -9.27 61.71
N THR T 469 -2.09 -9.67 60.68
CA THR T 469 -2.56 -11.05 60.60
C THR T 469 -1.37 -11.99 60.44
N THR T 470 -1.43 -13.12 61.14
CA THR T 470 -0.27 -13.98 61.29
C THR T 470 0.25 -14.46 59.93
N ASP T 471 -0.64 -15.00 59.10
CA ASP T 471 -0.27 -15.49 57.77
C ASP T 471 -1.25 -14.92 56.76
N PRO T 472 -1.02 -13.70 56.28
CA PRO T 472 -1.99 -13.09 55.36
C PRO T 472 -2.20 -13.89 54.09
N LEU T 473 -1.14 -14.48 53.54
CA LEU T 473 -1.27 -15.19 52.28
C LEU T 473 -2.04 -16.50 52.43
N LYS T 474 -1.91 -17.16 53.58
CA LYS T 474 -2.74 -18.34 53.81
C LYS T 474 -4.22 -17.98 53.88
N THR T 475 -4.55 -16.90 54.57
CA THR T 475 -5.95 -16.47 54.63
C THR T 475 -6.46 -16.07 53.25
N LEU T 476 -5.62 -15.40 52.47
CA LEU T 476 -6.02 -15.01 51.13
C LEU T 476 -6.21 -16.23 50.23
N ASP T 477 -5.35 -17.24 50.38
CA ASP T 477 -5.53 -18.48 49.62
C ASP T 477 -6.81 -19.19 50.03
N ALA T 478 -7.15 -19.16 51.32
CA ALA T 478 -8.42 -19.71 51.76
C ALA T 478 -9.58 -18.96 51.11
N ALA T 479 -9.48 -17.64 51.03
CA ALA T 479 -10.50 -16.84 50.36
C ALA T 479 -10.62 -17.22 48.89
N PHE T 480 -9.47 -17.40 48.22
CA PHE T 480 -9.49 -17.84 46.83
C PHE T 480 -10.18 -19.19 46.70
N THR T 481 -9.87 -20.14 47.59
CA THR T 481 -10.49 -21.45 47.50
C THR T 481 -12.00 -21.36 47.67
N LYS T 482 -12.46 -20.58 48.65
CA LYS T 482 -13.91 -20.45 48.86
C LYS T 482 -14.59 -19.79 47.67
N LEU T 483 -14.05 -18.66 47.21
CA LEU T 483 -14.66 -17.94 46.11
C LEU T 483 -14.65 -18.79 44.83
N ASP T 484 -13.53 -19.47 44.56
CA ASP T 484 -13.45 -20.31 43.38
C ASP T 484 -14.40 -21.49 43.46
N LYS T 485 -14.59 -22.04 44.66
CA LYS T 485 -15.58 -23.11 44.82
C LYS T 485 -16.97 -22.61 44.48
N LEU T 486 -17.33 -21.42 44.95
CA LEU T 486 -18.65 -20.90 44.62
C LEU T 486 -18.79 -20.58 43.13
N THR T 487 -17.75 -19.99 42.53
CA THR T 487 -17.81 -19.71 41.10
C THR T 487 -17.91 -20.99 40.28
N GLY T 488 -17.19 -22.04 40.68
CA GLY T 488 -17.32 -23.30 39.99
C GLY T 488 -18.71 -23.90 40.13
N GLU T 489 -19.31 -23.78 41.31
CA GLU T 489 -20.67 -24.27 41.49
C GLU T 489 -21.64 -23.52 40.59
N LEU T 490 -21.50 -22.20 40.51
CA LEU T 490 -22.38 -21.42 39.64
C LEU T 490 -22.14 -21.73 38.17
N GLY T 491 -20.89 -21.97 37.78
CA GLY T 491 -20.64 -22.38 36.41
C GLY T 491 -21.26 -23.73 36.09
N ALA T 492 -21.17 -24.68 37.03
CA ALA T 492 -21.79 -25.98 36.83
C ALA T 492 -23.30 -25.84 36.70
N VAL T 493 -23.92 -25.03 37.55
CA VAL T 493 -25.37 -24.88 37.45
C VAL T 493 -25.74 -24.14 36.18
N GLN T 494 -24.89 -23.22 35.71
CA GLN T 494 -25.18 -22.56 34.45
C GLN T 494 -25.15 -23.54 33.29
N ASN T 495 -24.15 -24.42 33.25
CA ASN T 495 -24.09 -25.45 32.21
C ASN T 495 -25.30 -26.38 32.30
N ARG T 496 -25.68 -26.78 33.51
CA ARG T 496 -26.84 -27.64 33.68
C ARG T 496 -28.11 -26.96 33.19
N LEU T 497 -28.28 -25.66 33.47
CA LEU T 497 -29.46 -24.97 33.00
C LEU T 497 -29.48 -24.82 31.48
N GLU T 498 -28.31 -24.61 30.85
CA GLU T 498 -28.30 -24.62 29.39
C GLU T 498 -28.72 -25.98 28.84
N SER T 499 -28.23 -27.06 29.46
CA SER T 499 -28.68 -28.39 29.05
C SER T 499 -30.16 -28.57 29.26
N THR T 500 -30.71 -28.02 30.34
CA THR T 500 -32.15 -28.09 30.56
C THR T 500 -32.90 -27.33 29.47
N ILE T 501 -32.37 -26.18 29.05
CA ILE T 501 -33.00 -25.45 27.96
C ILE T 501 -33.07 -26.32 26.72
N ALA T 502 -31.97 -26.97 26.37
CA ALA T 502 -31.97 -27.84 25.19
C ALA T 502 -32.97 -28.99 25.35
N ASN T 503 -32.97 -29.66 26.51
CA ASN T 503 -33.85 -30.79 26.71
C ASN T 503 -35.32 -30.37 26.70
N LEU T 504 -35.64 -29.29 27.39
CA LEU T 504 -37.00 -28.80 27.43
C LEU T 504 -37.48 -28.38 26.05
N ASN T 505 -36.62 -27.73 25.25
CA ASN T 505 -37.02 -27.38 23.90
C ASN T 505 -37.31 -28.62 23.07
N ASN T 506 -36.45 -29.64 23.17
CA ASN T 506 -36.69 -30.87 22.43
C ASN T 506 -38.01 -31.51 22.83
N VAL T 507 -38.26 -31.62 24.14
CA VAL T 507 -39.48 -32.26 24.61
C VAL T 507 -40.71 -31.44 24.23
N VAL T 508 -40.60 -30.12 24.25
CA VAL T 508 -41.71 -29.27 23.85
C VAL T 508 -42.05 -29.48 22.39
N ASN T 509 -41.03 -29.53 21.52
CA ASN T 509 -41.30 -29.77 20.10
C ASN T 509 -41.92 -31.14 19.88
N ASN T 510 -41.39 -32.16 20.56
CA ASN T 510 -41.92 -33.51 20.36
C ASN T 510 -43.36 -33.62 20.88
N LEU T 511 -43.66 -32.95 22.00
CA LEU T 511 -45.02 -32.98 22.52
C LEU T 511 -45.97 -32.19 21.63
N SER T 512 -45.49 -31.10 21.04
CA SER T 512 -46.30 -30.38 20.07
C SER T 512 -46.62 -31.26 18.87
N SER T 513 -45.63 -32.03 18.40
CA SER T 513 -45.91 -32.99 17.33
C SER T 513 -46.91 -34.05 17.78
N ALA T 514 -46.80 -34.52 19.03
CA ALA T 514 -47.76 -35.49 19.54
C ALA T 514 -49.17 -34.93 19.52
N ARG T 515 -49.32 -33.68 19.95
CA ARG T 515 -50.62 -33.02 19.92
C ARG T 515 -51.12 -32.85 18.50
N SER T 516 -50.23 -32.53 17.56
CA SER T 516 -50.63 -32.38 16.17
C SER T 516 -51.16 -33.71 15.62
N ARG T 517 -50.51 -34.81 15.96
CA ARG T 517 -50.91 -36.11 15.46
C ARG T 517 -52.31 -36.51 15.89
N ILE T 518 -52.85 -35.88 16.93
CA ILE T 518 -54.15 -36.28 17.46
C ILE T 518 -55.19 -35.16 17.41
N GLN T 519 -54.78 -33.89 17.41
CA GLN T 519 -55.71 -32.78 17.52
C GLN T 519 -55.87 -32.01 16.22
N ASP T 520 -54.77 -31.68 15.56
CA ASP T 520 -54.85 -30.87 14.35
C ASP T 520 -55.56 -31.62 13.24
N ALA T 521 -56.24 -30.87 12.38
CA ALA T 521 -57.05 -31.44 11.32
C ALA T 521 -56.21 -31.62 10.05
N ASP T 522 -56.39 -32.76 9.39
CA ASP T 522 -55.69 -33.03 8.14
C ASP T 522 -56.51 -32.41 7.02
N TYR T 523 -56.11 -31.22 6.57
CA TYR T 523 -56.84 -30.52 5.53
C TYR T 523 -56.92 -31.32 4.23
N ALA T 524 -55.94 -32.18 3.96
CA ALA T 524 -55.96 -32.95 2.73
C ALA T 524 -57.21 -33.83 2.64
N THR T 525 -57.57 -34.49 3.74
CA THR T 525 -58.78 -35.30 3.75
C THR T 525 -60.02 -34.50 4.13
N GLU T 526 -59.88 -33.45 4.94
CA GLU T 526 -61.04 -32.66 5.33
C GLU T 526 -61.63 -31.93 4.13
N VAL T 527 -60.77 -31.40 3.24
CA VAL T 527 -61.28 -30.71 2.07
C VAL T 527 -62.00 -31.67 1.13
N SER T 528 -61.44 -32.87 0.95
CA SER T 528 -62.12 -33.87 0.13
C SER T 528 -63.45 -34.27 0.75
N ASN T 529 -63.50 -34.40 2.08
CA ASN T 529 -64.75 -34.69 2.75
C ASN T 529 -65.78 -33.59 2.51
N MET T 530 -65.34 -32.33 2.59
CA MET T 530 -66.24 -31.23 2.29
C MET T 530 -66.74 -31.28 0.85
N SER T 531 -65.85 -31.60 -0.08
CA SER T 531 -66.26 -31.65 -1.49
C SER T 531 -67.29 -32.76 -1.72
N LYS T 532 -67.04 -33.94 -1.15
CA LYS T 532 -68.02 -35.02 -1.27
C LYS T 532 -69.32 -34.65 -0.58
N ALA T 533 -69.25 -33.94 0.54
CA ALA T 533 -70.47 -33.52 1.23
C ALA T 533 -71.27 -32.55 0.38
N GLN T 534 -70.60 -31.60 -0.27
CA GLN T 534 -71.30 -30.66 -1.14
C GLN T 534 -71.93 -31.37 -2.33
N ILE T 535 -71.21 -32.33 -2.90
CA ILE T 535 -71.77 -33.11 -4.00
C ILE T 535 -72.99 -33.88 -3.54
N LEU T 536 -72.90 -34.51 -2.36
CA LEU T 536 -74.04 -35.23 -1.81
C LEU T 536 -75.19 -34.28 -1.52
N GLN T 537 -74.90 -33.04 -1.14
CA GLN T 537 -75.96 -32.07 -0.85
C GLN T 537 -76.70 -31.68 -2.12
N GLN T 538 -75.97 -31.35 -3.19
CA GLN T 538 -76.62 -31.01 -4.45
C GLN T 538 -77.41 -32.19 -4.99
N ALA T 539 -76.82 -33.39 -4.94
CA ALA T 539 -77.53 -34.57 -5.41
C ALA T 539 -78.78 -34.83 -4.57
N GLY T 540 -78.68 -34.64 -3.26
CA GLY T 540 -79.83 -34.88 -2.40
C GLY T 540 -80.96 -33.90 -2.66
N THR T 541 -80.61 -32.62 -2.86
CA THR T 541 -81.65 -31.65 -3.20
C THR T 541 -82.33 -32.02 -4.52
N SER T 542 -81.54 -32.39 -5.53
CA SER T 542 -82.13 -32.74 -6.82
C SER T 542 -83.03 -33.96 -6.70
N VAL T 543 -82.55 -35.01 -6.04
CA VAL T 543 -83.33 -36.24 -5.95
C VAL T 543 -84.56 -36.04 -5.07
N LEU T 544 -84.47 -35.17 -4.05
CA LEU T 544 -85.65 -34.85 -3.26
C LEU T 544 -86.67 -34.11 -4.11
N ALA T 545 -86.22 -33.22 -4.99
CA ALA T 545 -87.15 -32.57 -5.90
C ALA T 545 -87.85 -33.61 -6.77
N GLN T 546 -87.08 -34.45 -7.46
CA GLN T 546 -87.70 -35.46 -8.33
C GLN T 546 -88.62 -36.39 -7.56
N ALA T 547 -88.31 -36.66 -6.29
CA ALA T 547 -89.25 -37.39 -5.45
C ALA T 547 -90.51 -36.58 -5.23
N ASN T 548 -90.41 -35.26 -5.17
CA ASN T 548 -91.61 -34.44 -5.05
C ASN T 548 -92.44 -34.40 -6.33
N GLN T 549 -91.83 -34.59 -7.50
CA GLN T 549 -92.65 -34.76 -8.69
C GLN T 549 -93.12 -36.20 -8.90
N VAL T 550 -92.78 -37.10 -7.99
CA VAL T 550 -93.32 -38.47 -8.08
C VAL T 550 -94.84 -38.50 -7.98
N PRO T 551 -95.48 -37.82 -7.02
CA PRO T 551 -96.94 -37.98 -6.88
C PRO T 551 -97.79 -37.26 -7.91
N GLN T 552 -97.31 -36.21 -8.57
CA GLN T 552 -98.17 -35.52 -9.53
C GLN T 552 -98.46 -36.37 -10.77
N THR T 553 -97.67 -37.41 -11.01
CA THR T 553 -98.06 -38.38 -12.03
C THR T 553 -99.41 -39.00 -11.70
N VAL T 554 -99.74 -39.13 -10.41
CA VAL T 554 -101.09 -39.50 -10.01
C VAL T 554 -102.08 -38.43 -10.45
N LEU T 555 -101.69 -37.16 -10.36
CA LEU T 555 -102.59 -36.09 -10.71
C LEU T 555 -102.59 -35.90 -12.23
N SER T 556 -102.76 -37.01 -12.95
CA SER T 556 -102.99 -36.99 -14.38
C SER T 556 -104.32 -37.61 -14.75
N LEU T 557 -104.57 -38.84 -14.30
CA LEU T 557 -105.88 -39.43 -14.43
C LEU T 557 -106.84 -38.80 -13.41
N LEU T 558 -108.07 -38.58 -13.84
CA LEU T 558 -109.05 -37.92 -12.98
C LEU T 558 -110.47 -38.36 -13.33
N ALA U 2 -90.67 -2.56 0.87
CA ALA U 2 -91.57 -2.51 -0.27
C ALA U 2 -90.93 -3.17 -1.48
N ALA U 3 -91.77 -3.65 -2.40
CA ALA U 3 -91.33 -4.40 -3.57
C ALA U 3 -91.37 -3.55 -4.83
N VAL U 4 -91.03 -2.27 -4.70
CA VAL U 4 -91.09 -1.35 -5.82
C VAL U 4 -89.77 -1.36 -6.58
N ILE U 5 -89.83 -1.04 -7.87
CA ILE U 5 -88.65 -1.01 -8.73
C ILE U 5 -88.35 0.38 -9.27
N ASN U 6 -89.27 1.33 -9.12
CA ASN U 6 -89.06 2.66 -9.71
C ASN U 6 -87.85 3.36 -9.11
N THR U 7 -87.67 3.25 -7.80
CA THR U 7 -86.51 3.80 -7.12
C THR U 7 -85.95 2.77 -6.15
N ASN U 8 -84.63 2.75 -6.01
CA ASN U 8 -83.94 1.82 -5.14
C ASN U 8 -83.17 2.64 -4.11
N TYR U 9 -83.77 2.79 -2.92
CA TYR U 9 -83.12 3.57 -1.86
C TYR U 9 -81.80 2.95 -1.44
N LEU U 10 -81.72 1.62 -1.44
CA LEU U 10 -80.48 0.95 -1.08
C LEU U 10 -79.38 1.30 -2.07
N SER U 11 -79.71 1.36 -3.37
CA SER U 11 -78.71 1.75 -4.35
C SER U 11 -78.23 3.17 -4.13
N LEU U 12 -79.14 4.08 -3.77
CA LEU U 12 -78.75 5.46 -3.51
C LEU U 12 -77.82 5.54 -2.30
N VAL U 13 -78.15 4.81 -1.24
CA VAL U 13 -77.29 4.83 -0.05
C VAL U 13 -75.91 4.27 -0.39
N ALA U 14 -75.87 3.17 -1.15
CA ALA U 14 -74.60 2.60 -1.56
C ALA U 14 -73.80 3.59 -2.39
N GLN U 15 -74.46 4.32 -3.28
CA GLN U 15 -73.77 5.33 -4.08
C GLN U 15 -73.19 6.42 -3.20
N ASN U 16 -73.93 6.87 -2.18
CA ASN U 16 -73.41 7.89 -1.28
C ASN U 16 -72.16 7.39 -0.56
N ASN U 17 -72.23 6.18 0.00
CA ASN U 17 -71.07 5.66 0.72
C ASN U 17 -69.89 5.46 -0.21
N LEU U 18 -70.15 5.04 -1.44
CA LEU U 18 -69.08 4.90 -2.43
C LEU U 18 -68.43 6.25 -2.70
N ASN U 19 -69.24 7.31 -2.83
CA ASN U 19 -68.68 8.64 -3.06
C ASN U 19 -67.84 9.11 -1.89
N LYS U 20 -68.29 8.86 -0.65
CA LYS U 20 -67.49 9.24 0.50
C LYS U 20 -66.15 8.50 0.53
N SER U 21 -66.19 7.19 0.27
CA SER U 21 -64.96 6.41 0.24
C SER U 21 -64.03 6.90 -0.87
N GLN U 22 -64.60 7.25 -2.03
CA GLN U 22 -63.78 7.73 -3.13
C GLN U 22 -63.16 9.08 -2.83
N SER U 23 -63.89 9.96 -2.13
CA SER U 23 -63.30 11.23 -1.72
C SER U 23 -62.14 11.02 -0.76
N SER U 24 -62.30 10.09 0.18
CA SER U 24 -61.20 9.77 1.08
C SER U 24 -60.01 9.21 0.31
N LEU U 25 -60.27 8.33 -0.66
CA LEU U 25 -59.20 7.80 -1.49
C LEU U 25 -58.50 8.90 -2.27
N GLY U 26 -59.28 9.86 -2.79
CA GLY U 26 -58.69 10.94 -3.55
C GLY U 26 -57.78 11.81 -2.73
N THR U 27 -58.24 12.21 -1.54
CA THR U 27 -57.38 13.05 -0.70
C THR U 27 -56.14 12.28 -0.23
N ALA U 28 -56.29 10.99 0.08
CA ALA U 28 -55.13 10.20 0.45
C ALA U 28 -54.14 10.10 -0.71
N ILE U 29 -54.64 9.91 -1.93
CA ILE U 29 -53.77 9.77 -3.09
C ILE U 29 -53.04 11.09 -3.37
N GLU U 30 -53.75 12.21 -3.26
CA GLU U 30 -53.08 13.50 -3.43
C GLU U 30 -51.98 13.70 -2.38
N ARG U 31 -52.27 13.38 -1.12
CA ARG U 31 -51.26 13.55 -0.10
C ARG U 31 -50.08 12.60 -0.29
N LEU U 32 -50.32 11.42 -0.88
CA LEU U 32 -49.22 10.52 -1.19
C LEU U 32 -48.37 11.08 -2.33
N SER U 33 -49.01 11.51 -3.41
CA SER U 33 -48.28 11.93 -4.60
C SER U 33 -47.50 13.22 -4.34
N SER U 34 -48.15 14.22 -3.78
CA SER U 34 -47.47 15.48 -3.50
C SER U 34 -46.50 15.33 -2.34
N GLY U 35 -46.79 14.43 -1.42
CA GLY U 35 -46.00 14.30 -0.21
C GLY U 35 -46.30 15.33 0.84
N LEU U 36 -47.23 16.25 0.59
CA LEU U 36 -47.56 17.33 1.50
C LEU U 36 -48.96 17.09 2.04
N ARG U 37 -49.08 17.03 3.37
CA ARG U 37 -50.39 16.85 3.97
C ARG U 37 -51.31 18.02 3.65
N ILE U 38 -50.79 19.24 3.73
CA ILE U 38 -51.58 20.44 3.52
C ILE U 38 -51.27 20.98 2.12
N ASN U 39 -52.04 20.50 1.15
CA ASN U 39 -52.11 21.09 -0.18
C ASN U 39 -53.58 21.26 -0.53
N SER U 40 -53.89 22.26 -1.35
CA SER U 40 -55.28 22.64 -1.60
C SER U 40 -55.96 23.02 -0.28
N ALA U 41 -55.56 24.20 0.21
CA ALA U 41 -55.65 24.63 1.60
C ALA U 41 -56.94 24.25 2.33
N LYS U 42 -58.00 23.93 1.58
CA LYS U 42 -59.27 23.49 2.17
C LYS U 42 -59.08 22.48 3.30
N ASP U 43 -57.98 21.72 3.27
CA ASP U 43 -57.59 20.90 4.41
C ASP U 43 -56.59 21.68 5.26
N ASP U 44 -56.96 21.98 6.50
CA ASP U 44 -56.12 22.72 7.43
C ASP U 44 -55.72 24.08 6.85
N ALA U 45 -56.73 24.93 6.67
CA ALA U 45 -56.51 26.23 6.03
C ALA U 45 -55.49 27.05 6.79
N ALA U 46 -55.58 27.09 8.12
CA ALA U 46 -54.58 27.80 8.91
C ALA U 46 -53.22 27.13 8.81
N GLY U 47 -53.19 25.81 8.65
CA GLY U 47 -51.94 25.11 8.52
C GLY U 47 -51.13 25.58 7.33
N MET U 48 -51.81 25.84 6.20
CA MET U 48 -51.09 26.32 5.03
C MET U 48 -50.55 27.73 5.25
N ALA U 49 -51.27 28.56 5.99
CA ALA U 49 -50.72 29.88 6.33
C ALA U 49 -49.47 29.74 7.21
N ILE U 50 -49.51 28.83 8.18
CA ILE U 50 -48.34 28.60 9.02
C ILE U 50 -47.16 28.11 8.18
N ALA U 51 -47.42 27.15 7.30
CA ALA U 51 -46.36 26.60 6.47
C ALA U 51 -45.84 27.63 5.47
N ASN U 52 -46.72 28.47 4.95
CA ASN U 52 -46.29 29.55 4.07
C ASN U 52 -45.34 30.50 4.79
N ARG U 53 -45.70 30.89 6.01
CA ARG U 53 -44.81 31.76 6.78
C ARG U 53 -43.48 31.06 7.06
N PHE U 54 -43.53 29.76 7.35
CA PHE U 54 -42.30 29.01 7.62
C PHE U 54 -41.42 28.92 6.38
N THR U 55 -42.02 28.68 5.21
CA THR U 55 -41.23 28.66 3.97
C THR U 55 -40.58 30.01 3.71
N ALA U 56 -41.34 31.09 3.89
CA ALA U 56 -40.76 32.40 3.70
C ALA U 56 -39.59 32.62 4.65
N ASN U 57 -39.77 32.27 5.93
CA ASN U 57 -38.71 32.47 6.92
C ASN U 57 -37.48 31.64 6.61
N VAL U 58 -37.67 30.36 6.28
CA VAL U 58 -36.53 29.48 6.06
C VAL U 58 -35.77 29.89 4.80
N ARG U 59 -36.50 30.23 3.74
CA ARG U 59 -35.84 30.61 2.49
C ARG U 59 -35.09 31.93 2.65
N GLY U 60 -35.72 32.91 3.30
CA GLY U 60 -35.03 34.16 3.57
C GLY U 60 -33.81 33.96 4.46
N LEU U 61 -33.91 33.06 5.42
CA LEU U 61 -32.78 32.83 6.33
C LEU U 61 -31.64 32.11 5.62
N THR U 62 -31.94 31.17 4.73
CA THR U 62 -30.87 30.58 3.92
C THR U 62 -30.19 31.63 3.05
N GLN U 63 -30.98 32.51 2.42
CA GLN U 63 -30.39 33.59 1.64
C GLN U 63 -29.56 34.52 2.52
N ALA U 64 -29.99 34.72 3.76
CA ALA U 64 -29.22 35.52 4.70
C ALA U 64 -27.91 34.84 5.05
N ALA U 65 -27.91 33.51 5.14
CA ALA U 65 -26.66 32.79 5.35
C ALA U 65 -25.71 33.01 4.18
N ARG U 66 -26.25 33.01 2.95
CA ARG U 66 -25.41 33.34 1.80
C ARG U 66 -24.86 34.76 1.91
N ASN U 67 -25.69 35.71 2.35
CA ASN U 67 -25.22 37.08 2.51
C ASN U 67 -24.12 37.17 3.55
N ALA U 68 -24.26 36.44 4.65
CA ALA U 68 -23.22 36.42 5.68
C ALA U 68 -21.93 35.80 5.14
N ASN U 69 -22.05 34.78 4.29
CA ASN U 69 -20.87 34.24 3.64
C ASN U 69 -20.19 35.28 2.76
N ASP U 70 -20.98 36.07 2.04
CA ASP U 70 -20.41 37.17 1.25
C ASP U 70 -19.69 38.17 2.16
N GLY U 71 -20.28 38.45 3.32
CA GLY U 71 -19.63 39.36 4.26
C GLY U 71 -18.30 38.81 4.76
N ILE U 72 -18.24 37.52 5.06
CA ILE U 72 -16.97 36.92 5.47
C ILE U 72 -15.96 37.01 4.34
N SER U 73 -16.39 36.76 3.11
CA SER U 73 -15.43 36.85 2.00
C SER U 73 -14.88 38.26 1.86
N LEU U 74 -15.74 39.27 1.99
CA LEU U 74 -15.28 40.66 1.91
C LEU U 74 -14.29 40.96 3.04
N ALA U 75 -14.63 40.53 4.26
CA ALA U 75 -13.73 40.74 5.39
C ALA U 75 -12.41 40.02 5.17
N GLN U 76 -12.45 38.83 4.56
CA GLN U 76 -11.23 38.08 4.28
C GLN U 76 -10.33 38.83 3.31
N THR U 77 -10.92 39.36 2.23
CA THR U 77 -10.10 40.12 1.27
C THR U 77 -9.49 41.36 1.94
N THR U 78 -10.31 42.08 2.72
CA THR U 78 -9.79 43.27 3.38
C THR U 78 -8.68 42.94 4.36
N GLU U 79 -8.88 41.88 5.14
CA GLU U 79 -7.88 41.47 6.13
C GLU U 79 -6.62 40.98 5.44
N GLY U 80 -6.75 40.29 4.31
CA GLY U 80 -5.59 39.85 3.57
C GLY U 80 -4.77 41.01 3.03
N ALA U 81 -5.45 42.02 2.47
CA ALA U 81 -4.73 43.20 2.01
C ALA U 81 -4.03 43.91 3.17
N ALA U 82 -4.75 44.07 4.29
CA ALA U 82 -4.16 44.74 5.45
C ALA U 82 -2.98 43.96 6.01
N SER U 83 -3.02 42.63 5.94
CA SER U 83 -1.95 41.82 6.49
C SER U 83 -0.63 42.08 5.78
N GLU U 84 -0.65 42.45 4.51
CA GLU U 84 0.58 42.71 3.80
C GLU U 84 0.93 44.20 3.82
N VAL U 85 -0.07 45.08 3.93
CA VAL U 85 0.24 46.47 4.27
C VAL U 85 0.99 46.50 5.59
N ASN U 86 0.68 45.57 6.48
CA ASN U 86 1.43 45.44 7.73
C ASN U 86 2.90 45.14 7.47
N THR U 87 3.19 44.23 6.54
CA THR U 87 4.58 43.93 6.20
C THR U 87 5.26 45.14 5.60
N HIS U 88 4.55 45.90 4.77
CA HIS U 88 5.10 47.14 4.24
C HIS U 88 5.50 48.08 5.36
N LEU U 89 4.61 48.26 6.34
CA LEU U 89 4.93 49.14 7.46
C LEU U 89 6.11 48.61 8.27
N GLN U 90 6.18 47.29 8.44
CA GLN U 90 7.31 46.70 9.17
C GLN U 90 8.62 47.00 8.46
N ARG U 91 8.66 46.82 7.14
CA ARG U 91 9.89 47.09 6.40
C ARG U 91 10.24 48.57 6.46
N ILE U 92 9.24 49.44 6.35
CA ILE U 92 9.49 50.87 6.44
C ILE U 92 10.08 51.22 7.80
N ARG U 93 9.53 50.63 8.86
CA ARG U 93 10.05 50.90 10.21
C ARG U 93 11.47 50.41 10.36
N GLU U 94 11.76 49.20 9.87
CA GLU U 94 13.12 48.67 9.97
C GLU U 94 14.11 49.56 9.23
N LEU U 95 13.75 50.00 8.03
CA LEU U 95 14.67 50.84 7.28
C LEU U 95 14.75 52.25 7.86
N THR U 96 13.69 52.71 8.53
CA THR U 96 13.77 53.97 9.26
C THR U 96 14.76 53.88 10.41
N VAL U 97 14.74 52.75 11.13
CA VAL U 97 15.74 52.54 12.17
C VAL U 97 17.14 52.50 11.56
N GLN U 98 17.30 51.83 10.43
CA GLN U 98 18.62 51.72 9.83
C GLN U 98 19.15 53.08 9.36
N ALA U 99 18.31 53.86 8.68
CA ALA U 99 18.75 55.12 8.11
C ALA U 99 18.81 56.24 9.14
N SER U 100 18.22 56.05 10.31
CA SER U 100 18.35 57.04 11.38
C SER U 100 19.75 57.08 11.95
N ASN U 101 20.59 56.11 11.63
CA ASN U 101 22.00 56.15 12.03
C ASN U 101 22.71 57.31 11.33
N GLY U 102 23.71 57.85 12.01
CA GLY U 102 24.48 58.93 11.42
C GLY U 102 25.60 58.49 10.51
N SER U 103 25.98 57.21 10.56
CA SER U 103 27.09 56.74 9.74
C SER U 103 26.75 56.71 8.25
N TYR U 104 25.47 56.75 7.90
CA TYR U 104 25.06 56.71 6.51
C TYR U 104 25.14 58.11 5.91
N SER U 105 25.85 58.24 4.79
CA SER U 105 25.96 59.52 4.12
C SER U 105 24.68 59.80 3.32
N GLN U 106 24.67 60.95 2.65
CA GLN U 106 23.43 61.43 2.04
C GLN U 106 22.96 60.53 0.91
N GLU U 107 23.88 59.94 0.14
CA GLU U 107 23.48 59.09 -0.98
C GLU U 107 22.73 57.86 -0.51
N GLN U 108 23.22 57.21 0.55
CA GLN U 108 22.55 56.01 1.05
C GLN U 108 21.23 56.36 1.72
N LEU U 109 21.15 57.51 2.40
CA LEU U 109 19.87 57.96 2.90
C LEU U 109 18.90 58.20 1.74
N ASP U 110 19.40 58.70 0.61
CA ASP U 110 18.56 58.87 -0.56
C ASP U 110 18.08 57.54 -1.11
N SER U 111 18.95 56.52 -1.08
CA SER U 111 18.52 55.19 -1.51
C SER U 111 17.43 54.63 -0.59
N VAL U 112 17.60 54.81 0.72
CA VAL U 112 16.59 54.37 1.68
C VAL U 112 15.28 55.12 1.42
N GLN U 113 15.38 56.43 1.17
CA GLN U 113 14.19 57.21 0.88
C GLN U 113 13.51 56.76 -0.41
N GLY U 114 14.28 56.40 -1.42
CA GLY U 114 13.69 55.88 -2.63
C GLY U 114 12.96 54.57 -2.40
N GLU U 115 13.57 53.67 -1.63
CA GLU U 115 12.89 52.40 -1.35
C GLU U 115 11.63 52.63 -0.53
N ILE U 116 11.69 53.54 0.43
CA ILE U 116 10.52 53.87 1.24
C ILE U 116 9.44 54.52 0.39
N ASN U 117 9.84 55.33 -0.58
CA ASN U 117 8.89 55.91 -1.51
C ASN U 117 8.21 54.82 -2.32
N GLN U 118 8.98 53.80 -2.72
CA GLN U 118 8.37 52.64 -3.37
C GLN U 118 7.36 51.96 -2.45
N ARG U 119 7.71 51.79 -1.18
CA ARG U 119 6.79 51.15 -0.25
C ARG U 119 5.51 51.95 -0.08
N LEU U 120 5.63 53.27 0.06
CA LEU U 120 4.45 54.11 0.21
C LEU U 120 3.59 54.10 -1.04
N ALA U 121 4.23 54.15 -2.22
CA ALA U 121 3.48 54.06 -3.47
C ALA U 121 2.76 52.72 -3.56
N ASP U 122 3.40 51.65 -3.08
CA ASP U 122 2.75 50.34 -3.09
C ASP U 122 1.58 50.29 -2.13
N ILE U 123 1.70 50.93 -0.96
CA ILE U 123 0.59 50.99 -0.02
C ILE U 123 -0.58 51.71 -0.65
N ASP U 124 -0.31 52.83 -1.31
CA ASP U 124 -1.38 53.58 -1.98
C ASP U 124 -1.98 52.76 -3.11
N ARG U 125 -1.15 52.01 -3.84
CA ARG U 125 -1.65 51.12 -4.89
C ARG U 125 -2.54 50.04 -4.30
N ILE U 126 -2.17 49.51 -3.14
CA ILE U 126 -2.99 48.50 -2.47
C ILE U 126 -4.34 49.10 -2.13
N SER U 127 -4.33 50.32 -1.59
CA SER U 127 -5.60 50.97 -1.25
C SER U 127 -6.46 51.18 -2.47
N GLU U 128 -5.87 51.64 -3.57
CA GLU U 128 -6.65 52.02 -4.74
C GLU U 128 -7.15 50.80 -5.51
N GLN U 129 -6.32 49.77 -5.65
CA GLN U 129 -6.61 48.65 -6.53
C GLN U 129 -7.28 47.47 -5.86
N THR U 130 -7.26 47.39 -4.52
CA THR U 130 -7.90 46.27 -3.83
C THR U 130 -9.39 46.32 -4.08
N ASP U 131 -9.88 45.37 -4.87
CA ASP U 131 -11.26 45.38 -5.33
C ASP U 131 -11.97 44.12 -4.85
N PHE U 132 -13.28 44.25 -4.65
CA PHE U 132 -14.13 43.11 -4.30
C PHE U 132 -15.51 43.39 -4.85
N ASN U 133 -15.87 42.72 -5.95
CA ASN U 133 -17.16 42.90 -6.60
C ASN U 133 -17.37 44.38 -6.95
N GLY U 134 -16.40 44.93 -7.67
CA GLY U 134 -16.48 46.32 -8.08
C GLY U 134 -16.53 47.31 -6.95
N VAL U 135 -16.08 46.93 -5.76
CA VAL U 135 -16.09 47.80 -4.59
C VAL U 135 -14.68 47.85 -4.04
N LYS U 136 -14.08 49.03 -4.04
CA LYS U 136 -12.73 49.22 -3.50
C LYS U 136 -12.85 49.24 -1.98
N VAL U 137 -12.86 48.04 -1.40
CA VAL U 137 -13.21 47.89 0.01
C VAL U 137 -12.20 48.58 0.91
N LEU U 138 -10.92 48.40 0.64
CA LEU U 138 -9.86 49.03 1.44
C LEU U 138 -9.32 50.26 0.72
N SER U 139 -10.20 51.24 0.51
CA SER U 139 -9.79 52.40 -0.28
C SER U 139 -10.17 53.71 0.38
N ASP U 140 -10.01 54.81 -0.38
CA ASP U 140 -10.33 56.13 0.15
C ASP U 140 -11.83 56.34 0.25
N SER U 141 -12.60 55.80 -0.68
CA SER U 141 -14.06 55.94 -0.71
C SER U 141 -14.66 54.56 -0.47
N ALA U 142 -14.87 54.23 0.81
CA ALA U 142 -15.42 52.93 1.21
C ALA U 142 -16.32 53.15 2.41
N LYS U 143 -17.61 53.30 2.16
CA LYS U 143 -18.57 53.44 3.24
C LYS U 143 -18.82 52.09 3.90
N PRO U 144 -19.26 52.09 5.16
CA PRO U 144 -19.61 50.82 5.81
C PRO U 144 -20.74 50.11 5.07
N LEU U 145 -20.67 48.78 5.05
CA LEU U 145 -21.62 47.96 4.33
C LEU U 145 -22.84 47.68 5.21
N THR U 146 -23.77 46.87 4.71
CA THR U 146 -24.98 46.52 5.45
C THR U 146 -25.02 45.04 5.82
N LEU U 147 -24.93 44.14 4.84
CA LEU U 147 -24.86 42.70 5.09
C LEU U 147 -26.08 42.23 5.90
N GLN U 148 -27.25 42.34 5.30
CA GLN U 148 -28.48 41.95 5.99
C GLN U 148 -28.45 40.46 6.28
N VAL U 149 -28.57 40.12 7.56
CA VAL U 149 -28.69 38.73 8.01
C VAL U 149 -30.04 38.60 8.71
N GLY U 150 -30.84 37.65 8.27
CA GLY U 150 -32.20 37.51 8.72
C GLY U 150 -33.18 38.27 7.84
N ALA U 151 -34.42 37.78 7.84
CA ALA U 151 -35.50 38.44 7.11
C ALA U 151 -35.98 39.65 7.93
N ASN U 152 -37.13 40.21 7.55
CA ASN U 152 -37.75 41.29 8.31
C ASN U 152 -36.81 42.51 8.40
N ASP U 153 -36.63 43.14 7.23
CA ASP U 153 -35.70 44.26 7.07
C ASP U 153 -35.73 45.20 8.27
N GLY U 154 -34.54 45.61 8.70
CA GLY U 154 -34.42 46.46 9.87
C GLY U 154 -33.18 46.12 10.67
N GLU U 155 -32.55 45.00 10.32
CA GLU U 155 -31.31 44.57 10.93
C GLU U 155 -30.26 44.32 9.86
N THR U 156 -29.03 44.70 10.17
CA THR U 156 -27.90 44.58 9.25
C THR U 156 -26.66 44.32 10.08
N ILE U 157 -25.49 44.48 9.45
CA ILE U 157 -24.21 44.35 10.14
C ILE U 157 -23.31 45.42 9.57
N THR U 158 -23.04 46.47 10.36
CA THR U 158 -22.20 47.56 9.90
C THR U 158 -20.76 47.08 9.84
N LEU U 159 -20.22 46.94 8.62
CA LEU U 159 -18.88 46.41 8.47
C LEU U 159 -17.82 47.42 8.91
N ASN U 160 -18.01 48.70 8.58
CA ASN U 160 -17.20 49.80 9.09
C ASN U 160 -15.71 49.59 8.74
N LEU U 161 -15.45 49.63 7.43
CA LEU U 161 -14.10 49.53 6.90
C LEU U 161 -13.85 50.71 5.96
N SER U 162 -12.67 51.32 6.07
CA SER U 162 -12.36 52.45 5.21
C SER U 162 -10.91 52.90 5.41
N GLU U 163 -10.32 53.39 4.31
CA GLU U 163 -9.23 54.36 4.32
C GLU U 163 -8.00 53.84 5.08
N ILE U 164 -7.37 52.83 4.50
CA ILE U 164 -6.00 52.45 4.85
C ILE U 164 -5.13 52.75 3.65
N SER U 165 -4.23 53.72 3.81
CA SER U 165 -3.34 54.18 2.74
C SER U 165 -2.44 55.25 3.34
N VAL U 166 -1.56 55.80 2.50
CA VAL U 166 -0.96 57.08 2.86
C VAL U 166 -2.03 58.16 2.83
N LYS U 167 -1.72 59.29 3.47
CA LYS U 167 -2.63 60.43 3.63
C LYS U 167 -3.73 60.11 4.63
N THR U 168 -3.80 58.85 5.06
CA THR U 168 -4.71 58.46 6.13
C THR U 168 -4.05 57.60 7.21
N LEU U 169 -2.96 56.90 6.89
CA LEU U 169 -2.11 56.39 7.96
C LEU U 169 -1.29 57.50 8.59
N GLY U 170 -1.35 58.70 8.04
CA GLY U 170 -0.73 59.87 8.61
C GLY U 170 0.63 60.22 8.04
N LEU U 171 1.30 59.28 7.40
CA LEU U 171 2.64 59.57 6.89
C LEU U 171 2.58 60.63 5.80
N ASP U 172 2.13 60.24 4.61
CA ASP U 172 1.80 61.12 3.49
C ASP U 172 2.98 61.95 3.00
N GLY U 173 4.06 61.98 3.77
CA GLY U 173 5.25 62.72 3.40
C GLY U 173 6.49 62.08 3.97
N PHE U 174 6.38 60.81 4.35
CA PHE U 174 7.40 60.15 5.16
C PHE U 174 8.78 60.29 4.53
N ASN U 175 9.64 61.04 5.20
CA ASN U 175 10.95 61.38 4.68
C ASN U 175 12.00 61.09 5.74
N VAL U 176 13.09 60.45 5.31
CA VAL U 176 14.13 60.04 6.24
C VAL U 176 15.43 60.77 5.94
N ASN U 177 15.66 61.11 4.67
CA ASN U 177 16.91 61.79 4.34
C ASN U 177 16.82 63.27 4.69
N GLY U 178 15.89 64.00 4.07
CA GLY U 178 15.81 65.44 4.27
C GLY U 178 17.17 66.06 4.09
N LYS U 179 17.61 66.86 5.07
CA LYS U 179 19.03 67.14 5.20
C LYS U 179 19.43 67.17 6.67
N GLY U 180 18.50 66.88 7.57
CA GLY U 180 18.77 66.90 9.01
C GLY U 180 18.15 68.12 9.67
N VAL U 181 18.83 68.64 10.68
CA VAL U 181 18.40 69.85 11.39
C VAL U 181 19.19 71.00 10.80
N THR U 182 18.58 71.67 9.82
CA THR U 182 19.27 72.70 9.07
C THR U 182 19.58 73.91 9.95
N GLN U 183 20.81 74.41 9.85
CA GLN U 183 21.26 75.56 10.62
C GLN U 183 21.31 76.79 9.73
N ASN U 184 20.92 77.92 10.29
CA ASN U 184 20.89 79.15 9.52
C ASN U 184 22.29 79.73 9.37
N ARG U 185 22.42 80.63 8.40
CA ARG U 185 23.67 81.35 8.17
C ARG U 185 23.61 82.71 8.85
N SER U 186 24.79 83.20 9.25
CA SER U 186 24.86 84.47 9.98
C SER U 186 24.28 85.60 9.15
N ALA U 187 23.18 86.19 9.61
CA ALA U 187 22.62 87.36 8.95
C ALA U 187 23.59 88.52 9.09
N THR U 188 23.91 89.17 7.98
CA THR U 188 24.94 90.20 7.95
C THR U 188 24.36 91.48 7.38
N VAL U 189 25.25 92.47 7.24
CA VAL U 189 24.85 93.79 6.74
C VAL U 189 24.28 93.69 5.33
N THR U 190 24.83 92.81 4.50
CA THR U 190 24.31 92.66 3.14
C THR U 190 22.86 92.19 3.14
N ASP U 191 22.55 91.18 3.96
CA ASP U 191 21.19 90.67 4.01
C ASP U 191 20.24 91.68 4.64
N VAL U 192 20.71 92.40 5.67
CA VAL U 192 19.84 93.37 6.33
C VAL U 192 19.51 94.52 5.38
N ILE U 193 20.52 95.05 4.69
CA ILE U 193 20.29 96.13 3.74
C ILE U 193 19.47 95.63 2.56
N ALA U 194 19.55 94.32 2.26
CA ALA U 194 18.71 93.77 1.21
C ALA U 194 17.23 93.79 1.60
N GLN U 195 16.95 93.56 2.88
CA GLN U 195 15.58 93.48 3.37
C GLN U 195 15.06 94.84 3.84
N GLY U 196 15.18 95.85 2.98
CA GLY U 196 14.69 97.17 3.31
C GLY U 196 15.31 97.81 4.52
N GLY U 197 16.51 97.37 4.90
CA GLY U 197 17.17 97.94 6.07
C GLY U 197 17.57 99.39 5.83
N THR U 198 17.53 100.17 6.90
CA THR U 198 17.83 101.60 6.85
C THR U 198 19.02 101.91 7.74
N LEU U 199 19.93 102.74 7.25
CA LEU U 199 21.06 103.18 8.06
C LEU U 199 20.58 103.98 9.26
N GLN U 200 21.16 103.69 10.42
CA GLN U 200 20.88 104.42 11.64
C GLN U 200 22.12 104.95 12.35
N GLY U 201 23.26 104.29 12.21
CA GLY U 201 24.47 104.73 12.89
C GLY U 201 25.66 103.84 12.63
N ASP U 202 26.42 103.53 13.68
CA ASP U 202 27.64 102.73 13.58
C ASP U 202 27.26 101.28 13.36
N GLY U 203 26.97 100.94 12.12
CA GLY U 203 26.54 99.60 11.80
C GLY U 203 25.22 99.20 12.43
N THR U 204 24.43 100.17 12.85
CA THR U 204 23.14 99.93 13.48
C THR U 204 22.04 100.12 12.45
N TYR U 205 21.24 99.07 12.24
CA TYR U 205 20.17 99.08 11.26
C TYR U 205 18.86 98.73 11.94
N LYS U 206 17.81 99.44 11.57
CA LYS U 206 16.47 99.20 12.10
C LYS U 206 15.61 98.61 10.99
N ALA U 207 15.45 97.29 11.01
CA ALA U 207 14.57 96.63 10.06
C ALA U 207 13.12 96.79 10.51
N THR U 208 12.29 97.32 9.62
CA THR U 208 10.90 97.63 9.94
C THR U 208 9.98 96.95 8.95
N THR U 209 8.78 96.62 9.42
CA THR U 209 7.78 95.97 8.59
C THR U 209 6.39 96.34 9.07
N THR U 210 5.60 96.93 8.17
CA THR U 210 4.24 97.34 8.49
C THR U 210 3.31 96.13 8.44
N PHE U 211 2.39 96.07 9.40
CA PHE U 211 1.53 94.90 9.60
C PHE U 211 0.06 95.27 9.48
N ASN U 212 -0.26 96.34 8.76
CA ASN U 212 -1.64 96.77 8.62
C ASN U 212 -2.47 95.67 7.97
N ALA U 213 -3.40 95.10 8.74
CA ALA U 213 -4.12 93.91 8.34
C ALA U 213 -5.41 93.84 9.15
N ALA U 214 -5.99 92.64 9.24
CA ALA U 214 -7.23 92.39 9.99
C ALA U 214 -8.41 93.11 9.36
N SER U 215 -8.62 92.85 8.06
CA SER U 215 -9.75 93.39 7.34
C SER U 215 -11.05 92.71 7.77
N ALA U 216 -12.14 93.06 7.10
CA ALA U 216 -13.44 92.52 7.45
C ALA U 216 -13.50 91.02 7.27
N GLU U 217 -12.97 90.51 6.16
CA GLU U 217 -13.02 89.07 5.90
C GLU U 217 -12.20 88.31 6.93
N THR U 218 -11.01 88.80 7.26
CA THR U 218 -10.15 88.12 8.22
C THR U 218 -10.74 88.11 9.63
N VAL U 219 -11.71 88.97 9.91
CA VAL U 219 -12.39 88.95 11.19
C VAL U 219 -13.64 88.08 11.14
N LEU U 220 -14.44 88.21 10.08
CA LEU U 220 -15.62 87.38 9.92
C LEU U 220 -15.27 85.91 9.77
N SER U 221 -14.03 85.59 9.40
CA SER U 221 -13.64 84.19 9.28
C SER U 221 -13.69 83.45 10.60
N LYS U 222 -13.39 84.14 11.71
CA LYS U 222 -13.37 83.54 13.04
C LYS U 222 -14.52 84.03 13.90
N LEU U 223 -15.70 84.17 13.30
CA LEU U 223 -16.85 84.76 13.96
C LEU U 223 -17.82 83.66 14.40
N GLU U 224 -18.25 83.72 15.67
CA GLU U 224 -19.32 82.88 16.17
C GLU U 224 -20.30 83.66 17.04
N ASP U 225 -19.99 84.90 17.40
CA ASP U 225 -20.81 85.70 18.29
C ASP U 225 -21.40 86.89 17.53
N GLY U 226 -22.04 87.79 18.26
CA GLY U 226 -22.73 88.91 17.66
C GLY U 226 -21.84 90.12 17.39
N ASN U 227 -22.10 90.80 16.28
CA ASN U 227 -21.39 92.01 15.90
C ASN U 227 -22.37 93.17 15.84
N THR U 228 -21.88 94.32 15.37
CA THR U 228 -22.73 95.51 15.29
C THR U 228 -22.29 96.37 14.11
N VAL U 229 -23.26 97.12 13.59
CA VAL U 229 -23.02 98.08 12.51
C VAL U 229 -23.75 99.37 12.85
N ALA U 230 -23.04 100.49 12.77
CA ALA U 230 -23.62 101.79 13.06
C ALA U 230 -23.05 102.81 12.09
N VAL U 231 -23.93 103.63 11.50
CA VAL U 231 -23.53 104.61 10.50
C VAL U 231 -23.32 105.92 11.24
N GLY U 232 -22.10 106.15 11.71
CA GLY U 232 -21.78 107.38 12.41
C GLY U 232 -22.63 107.57 13.65
N GLY U 233 -23.23 108.74 13.77
CA GLY U 233 -24.08 109.05 14.91
C GLY U 233 -25.54 108.73 14.68
N GLY U 234 -25.82 107.91 13.66
CA GLY U 234 -27.17 107.50 13.34
C GLY U 234 -27.60 106.25 14.05
N ALA U 235 -28.51 105.51 13.43
CA ALA U 235 -29.01 104.28 14.02
C ALA U 235 -27.92 103.20 14.04
N THR U 236 -28.14 102.19 14.88
CA THR U 236 -27.20 101.11 15.06
C THR U 236 -27.92 99.77 14.93
N TYR U 237 -27.28 98.80 14.28
CA TYR U 237 -27.82 97.48 14.09
C TYR U 237 -26.80 96.45 14.54
N THR U 238 -27.29 95.36 15.16
CA THR U 238 -26.44 94.28 15.63
C THR U 238 -26.90 92.96 14.99
N TYR U 239 -25.94 92.18 14.54
CA TYR U 239 -26.19 90.89 13.92
C TYR U 239 -25.50 89.79 14.73
N ASP U 240 -26.07 88.59 14.69
CA ASP U 240 -25.53 87.45 15.42
C ASP U 240 -25.44 86.26 14.49
N ALA U 241 -24.26 85.62 14.44
CA ALA U 241 -24.02 84.49 13.57
C ALA U 241 -24.30 83.21 14.35
N ALA U 242 -25.50 82.65 14.15
CA ALA U 242 -25.87 81.43 14.84
C ALA U 242 -25.19 80.20 14.23
N LYS U 243 -25.35 80.03 12.92
CA LYS U 243 -24.76 78.90 12.20
C LYS U 243 -23.96 79.36 11.00
N GLY U 244 -23.45 80.59 11.01
CA GLY U 244 -22.90 81.22 9.83
C GLY U 244 -23.89 82.06 9.06
N ASN U 245 -25.18 81.92 9.36
CA ASN U 245 -26.22 82.78 8.80
C ASN U 245 -26.67 83.75 9.90
N PHE U 246 -26.49 85.04 9.66
CA PHE U 246 -26.69 86.04 10.70
C PHE U 246 -28.15 86.26 11.00
N THR U 247 -28.43 86.71 12.22
CA THR U 247 -29.77 87.05 12.66
C THR U 247 -29.77 88.46 13.23
N TYR U 248 -30.86 89.19 12.99
CA TYR U 248 -31.02 90.55 13.47
C TYR U 248 -32.47 90.96 13.27
N THR U 249 -32.81 92.14 13.76
CA THR U 249 -34.15 92.69 13.63
C THR U 249 -34.09 94.07 13.02
N LYS U 250 -35.05 94.36 12.14
CA LYS U 250 -35.19 95.68 11.55
C LYS U 250 -36.65 96.09 11.61
N THR U 251 -36.89 97.37 11.85
CA THR U 251 -38.25 97.88 11.93
C THR U 251 -38.85 98.02 10.54
N VAL U 252 -40.12 97.64 10.41
CA VAL U 252 -40.90 97.87 9.20
C VAL U 252 -41.97 98.89 9.56
N ASP U 253 -41.90 100.06 8.92
CA ASP U 253 -42.80 101.16 9.26
C ASP U 253 -42.95 102.06 8.05
N THR U 254 -43.56 103.23 8.26
CA THR U 254 -43.84 104.18 7.20
C THR U 254 -43.53 105.58 7.74
N THR U 255 -44.01 106.60 7.02
CA THR U 255 -43.77 107.98 7.40
C THR U 255 -45.03 108.74 7.79
N VAL U 256 -46.21 108.22 7.50
CA VAL U 256 -47.47 108.93 7.74
C VAL U 256 -48.20 108.25 8.89
N GLY U 257 -48.40 108.99 9.97
CA GLY U 257 -49.19 108.48 11.08
C GLY U 257 -50.65 108.28 10.73
N ALA U 258 -51.20 109.14 9.87
CA ALA U 258 -52.61 109.10 9.54
C ALA U 258 -52.97 107.95 8.61
N ASP U 259 -51.99 107.37 7.92
CA ASP U 259 -52.26 106.30 6.96
C ASP U 259 -51.05 105.39 6.88
N VAL U 260 -51.23 104.12 7.21
CA VAL U 260 -50.13 103.16 7.20
C VAL U 260 -50.50 101.96 6.34
N THR U 261 -51.31 102.18 5.30
CA THR U 261 -51.61 101.11 4.36
C THR U 261 -50.33 100.56 3.73
N ALA U 262 -49.33 101.43 3.55
CA ALA U 262 -48.04 100.96 3.05
C ALA U 262 -47.37 100.03 4.06
N LEU U 263 -47.58 100.25 5.35
CA LEU U 263 -47.04 99.34 6.36
C LEU U 263 -47.63 97.94 6.20
N ALA U 264 -48.96 97.87 6.01
CA ALA U 264 -49.59 96.58 5.79
C ALA U 264 -49.11 95.93 4.50
N ASN U 265 -48.97 96.73 3.44
CA ASN U 265 -48.48 96.20 2.17
C ASN U 265 -46.99 95.88 2.20
N LYS U 266 -46.28 96.31 3.24
CA LYS U 266 -44.91 95.88 3.48
C LYS U 266 -44.87 94.57 4.26
N ILE U 267 -45.74 94.43 5.25
CA ILE U 267 -45.78 93.18 6.02
C ILE U 267 -46.29 92.03 5.17
N LYS U 268 -47.27 92.30 4.31
CA LYS U 268 -47.91 91.21 3.55
C LYS U 268 -46.94 90.38 2.73
N PRO U 269 -46.02 90.95 1.94
CA PRO U 269 -45.07 90.10 1.21
C PRO U 269 -44.20 89.25 2.11
N SER U 270 -43.86 89.74 3.31
CA SER U 270 -43.08 88.93 4.23
C SER U 270 -43.83 87.67 4.65
N SER U 271 -45.13 87.80 4.91
CA SER U 271 -45.94 86.63 5.23
C SER U 271 -46.06 85.71 4.02
N GLY U 272 -46.22 86.28 2.83
CA GLY U 272 -46.39 85.50 1.62
C GLY U 272 -47.77 85.68 1.02
N THR U 273 -48.24 84.68 0.26
CA THR U 273 -49.55 84.74 -0.37
C THR U 273 -50.52 83.73 0.23
N ILE U 274 -50.16 82.45 0.22
CA ILE U 274 -51.00 81.39 0.78
C ILE U 274 -50.12 80.50 1.65
N SER U 275 -50.51 80.33 2.91
CA SER U 275 -49.80 79.45 3.82
C SER U 275 -50.81 78.80 4.76
N GLY U 276 -50.31 78.08 5.76
CA GLY U 276 -51.18 77.32 6.64
C GLY U 276 -51.30 77.88 8.04
N SER U 277 -50.73 77.20 9.02
CA SER U 277 -50.90 77.57 10.42
C SER U 277 -50.16 78.86 10.73
N TYR U 278 -50.86 79.82 11.32
CA TYR U 278 -50.30 81.08 11.79
C TYR U 278 -50.50 81.19 13.30
N GLU U 279 -50.02 82.31 13.86
CA GLU U 279 -50.21 82.63 15.27
C GLU U 279 -50.44 84.12 15.39
N ILE U 280 -51.68 84.52 15.64
CA ILE U 280 -52.05 85.93 15.79
C ILE U 280 -52.20 86.22 17.27
N SER U 281 -51.49 87.25 17.75
CA SER U 281 -51.48 87.63 19.15
C SER U 281 -52.07 89.02 19.35
N THR U 282 -53.17 89.31 18.67
CA THR U 282 -53.82 90.59 18.79
C THR U 282 -54.38 90.79 20.20
N GLY U 283 -54.61 92.04 20.56
CA GLY U 283 -55.10 92.35 21.89
C GLY U 283 -54.05 92.10 22.95
N LYS U 284 -54.30 91.12 23.82
CA LYS U 284 -53.35 90.78 24.87
C LYS U 284 -52.80 89.37 24.74
N SER U 285 -53.68 88.36 24.69
CA SER U 285 -53.27 86.97 24.69
C SER U 285 -54.12 86.16 23.72
N ALA U 286 -54.33 86.69 22.52
CA ALA U 286 -55.14 85.97 21.52
C ALA U 286 -54.52 84.62 21.19
N SER U 287 -53.32 84.63 20.60
CA SER U 287 -52.54 83.42 20.35
C SER U 287 -53.35 82.37 19.58
N PHE U 288 -54.04 82.82 18.55
CA PHE U 288 -54.84 81.91 17.73
C PHE U 288 -53.93 81.06 16.84
N ASP U 289 -54.56 80.10 16.15
CA ASP U 289 -53.90 79.25 15.16
C ASP U 289 -54.82 79.22 13.94
N VAL U 290 -54.59 80.14 13.01
CA VAL U 290 -55.51 80.36 11.91
C VAL U 290 -54.94 79.72 10.64
N ASP U 291 -55.80 79.61 9.62
CA ASP U 291 -55.44 79.06 8.32
C ASP U 291 -55.90 80.05 7.27
N ALA U 292 -55.04 81.03 6.95
CA ALA U 292 -55.43 82.15 6.10
C ALA U 292 -54.96 81.88 4.66
N ALA U 293 -55.91 81.50 3.82
CA ALA U 293 -55.71 81.41 2.37
C ALA U 293 -56.63 82.46 1.75
N GLY U 294 -56.13 83.69 1.66
CA GLY U 294 -56.98 84.81 1.32
C GLY U 294 -57.64 85.35 2.57
N LYS U 295 -58.92 85.06 2.75
CA LYS U 295 -59.61 85.40 3.99
C LYS U 295 -59.07 84.53 5.13
N ILE U 296 -58.89 85.14 6.30
CA ILE U 296 -58.33 84.44 7.44
C ILE U 296 -59.41 83.58 8.08
N THR U 297 -59.10 82.30 8.27
CA THR U 297 -60.02 81.34 8.88
C THR U 297 -59.29 80.52 9.92
N ILE U 298 -60.06 79.92 10.83
CA ILE U 298 -59.52 79.08 11.88
C ILE U 298 -59.80 77.63 11.50
N GLY U 299 -59.07 76.70 12.12
CA GLY U 299 -59.27 75.29 11.83
C GLY U 299 -60.70 74.85 12.06
N GLY U 300 -61.43 74.61 10.98
CA GLY U 300 -62.81 74.18 11.05
C GLY U 300 -63.83 75.29 11.16
N ASN U 301 -63.43 76.56 11.05
CA ASN U 301 -64.37 77.66 11.23
C ASN U 301 -63.85 78.90 10.53
N ALA U 302 -64.73 79.89 10.39
CA ALA U 302 -64.40 81.20 9.85
C ALA U 302 -64.36 82.22 10.97
N ALA U 303 -63.34 83.07 10.95
CA ALA U 303 -63.07 84.01 12.04
C ALA U 303 -63.38 85.43 11.59
N PHE U 304 -64.20 86.13 12.37
CA PHE U 304 -64.49 87.53 12.16
C PHE U 304 -63.61 88.38 13.07
N LEU U 305 -63.81 89.69 13.07
CA LEU U 305 -62.96 90.60 13.83
C LEU U 305 -63.81 91.65 14.53
N ASN U 306 -63.65 91.74 15.85
CA ASN U 306 -64.28 92.79 16.65
C ASN U 306 -63.30 93.94 16.79
N ALA U 307 -63.81 95.17 16.67
CA ALA U 307 -62.95 96.34 16.52
C ALA U 307 -63.43 97.50 17.36
N ASP U 308 -62.57 98.53 17.40
CA ASP U 308 -62.83 99.88 17.90
C ASP U 308 -62.89 99.96 19.43
N GLY U 309 -62.89 98.83 20.12
CA GLY U 309 -62.58 98.84 21.54
C GLY U 309 -61.19 98.28 21.75
N GLU U 310 -60.98 97.11 21.16
CA GLU U 310 -59.68 96.45 21.09
C GLU U 310 -59.79 95.41 20.00
N LEU U 311 -59.00 95.56 18.94
CA LEU U 311 -59.21 94.76 17.73
C LEU U 311 -58.79 93.33 17.99
N THR U 312 -59.77 92.45 18.22
CA THR U 312 -59.54 91.04 18.47
C THR U 312 -60.24 90.21 17.40
N THR U 313 -59.71 89.00 17.19
CA THR U 313 -60.27 88.04 16.25
C THR U 313 -61.16 87.06 17.00
N ASN U 314 -62.40 86.89 16.54
CA ASN U 314 -63.32 85.98 17.20
C ASN U 314 -64.25 85.34 16.17
N ASP U 315 -64.51 84.04 16.34
CA ASP U 315 -65.38 83.32 15.43
C ASP U 315 -66.83 83.77 15.55
N ALA U 316 -67.25 84.25 16.72
CA ALA U 316 -68.63 84.66 16.94
C ALA U 316 -68.84 86.03 16.31
N SER U 317 -69.70 86.08 15.29
CA SER U 317 -69.93 87.31 14.57
C SER U 317 -70.59 88.36 15.45
N GLY U 318 -70.23 89.62 15.24
CA GLY U 318 -70.83 90.74 15.91
C GLY U 318 -71.63 91.59 14.94
N ALA U 319 -72.15 92.71 15.47
CA ALA U 319 -72.96 93.61 14.66
C ALA U 319 -72.12 94.33 13.61
N LEU U 320 -70.86 94.61 13.91
CA LEU U 320 -69.99 95.40 13.05
C LEU U 320 -68.67 94.68 12.80
N THR U 321 -68.73 93.40 12.47
CA THR U 321 -67.53 92.58 12.32
C THR U 321 -67.27 92.28 10.85
N GLN U 322 -65.98 92.12 10.53
CA GLN U 322 -65.53 91.76 9.18
C GLN U 322 -64.49 90.66 9.29
N ALA U 323 -64.30 89.94 8.19
CA ALA U 323 -63.41 88.78 8.16
C ALA U 323 -62.53 88.85 6.92
N THR U 324 -61.25 89.17 7.13
CA THR U 324 -60.25 89.11 6.07
C THR U 324 -58.87 89.24 6.68
N LEU U 325 -57.85 88.84 5.90
CA LEU U 325 -56.47 88.95 6.36
C LEU U 325 -56.05 90.40 6.52
N ASP U 326 -56.51 91.29 5.62
CA ASP U 326 -56.11 92.68 5.68
C ASP U 326 -56.54 93.34 6.97
N ASP U 327 -57.75 93.02 7.45
CA ASP U 327 -58.21 93.60 8.71
C ASP U 327 -57.36 93.13 9.89
N VAL U 328 -56.98 91.85 9.90
CA VAL U 328 -56.11 91.34 10.96
C VAL U 328 -54.76 92.04 10.91
N LEU U 329 -54.20 92.20 9.70
CA LEU U 329 -52.92 92.88 9.55
C LEU U 329 -53.00 94.32 10.03
N THR U 330 -54.11 95.00 9.70
CA THR U 330 -54.30 96.37 10.19
C THR U 330 -54.39 96.39 11.71
N SER U 331 -55.12 95.45 12.29
CA SER U 331 -55.24 95.38 13.74
C SER U 331 -53.86 95.23 14.39
N VAL U 332 -53.04 94.34 13.85
CA VAL U 332 -51.70 94.14 14.38
C VAL U 332 -50.86 95.40 14.19
N GLY U 333 -51.00 96.05 13.03
CA GLY U 333 -50.16 97.18 12.71
C GLY U 333 -50.66 98.54 13.15
N THR U 334 -51.99 98.70 13.27
CA THR U 334 -52.58 99.98 13.58
C THR U 334 -53.17 100.05 14.98
N GLU U 335 -54.06 99.11 15.32
CA GLU U 335 -54.78 99.14 16.58
C GLU U 335 -54.24 98.11 17.58
N ALA U 336 -52.96 97.76 17.46
CA ALA U 336 -52.36 96.81 18.40
C ALA U 336 -52.40 97.34 19.82
N ASN U 337 -51.90 98.56 20.02
CA ASN U 337 -51.87 99.25 21.31
C ASN U 337 -51.17 98.43 22.39
N SER U 338 -50.37 97.44 21.99
CA SER U 338 -49.70 96.56 22.93
C SER U 338 -48.70 95.71 22.14
N SER U 339 -48.06 94.77 22.83
CA SER U 339 -47.12 93.84 22.21
C SER U 339 -47.92 92.80 21.44
N VAL U 340 -48.31 93.19 20.22
CA VAL U 340 -49.10 92.35 19.34
C VAL U 340 -48.21 91.87 18.20
N THR U 341 -48.20 90.57 17.95
CA THR U 341 -47.33 89.97 16.96
C THR U 341 -48.11 88.98 16.11
N ILE U 342 -47.53 88.64 14.96
CA ILE U 342 -48.05 87.60 14.08
C ILE U 342 -46.99 86.50 14.04
N GLY U 343 -47.32 85.33 14.58
CA GLY U 343 -46.41 84.22 14.64
C GLY U 343 -46.40 83.33 13.42
N GLY U 344 -47.09 83.71 12.35
CA GLY U 344 -47.16 82.86 11.18
C GLY U 344 -45.87 82.81 10.40
N THR U 345 -45.68 81.69 9.71
CA THR U 345 -44.53 81.44 8.83
C THR U 345 -43.21 81.65 9.58
N LYS U 346 -43.15 81.16 10.82
CA LYS U 346 -41.92 81.15 11.62
C LYS U 346 -41.35 82.56 11.82
N TYR U 347 -42.22 83.56 11.89
CA TYR U 347 -41.82 84.94 12.14
C TYR U 347 -42.57 85.45 13.36
N SER U 348 -42.22 86.67 13.78
CA SER U 348 -42.93 87.33 14.87
C SER U 348 -42.89 88.84 14.59
N HIS U 349 -43.92 89.33 13.91
CA HIS U 349 -44.02 90.75 13.57
C HIS U 349 -44.64 91.50 14.75
N SER U 350 -43.85 91.60 15.82
CA SER U 350 -44.31 92.30 17.02
C SER U 350 -44.51 93.77 16.73
N ALA U 351 -45.63 94.31 17.20
CA ALA U 351 -45.93 95.73 17.07
C ALA U 351 -45.21 96.47 18.19
N ALA U 352 -43.96 96.85 17.92
CA ALA U 352 -43.18 97.59 18.92
C ALA U 352 -43.85 98.91 19.26
N ASP U 353 -44.33 99.64 18.26
CA ASP U 353 -45.08 100.86 18.46
C ASP U 353 -46.38 100.77 17.67
N GLU U 354 -47.49 101.06 18.33
CA GLU U 354 -48.78 101.04 17.66
C GLU U 354 -49.02 102.35 16.93
N LEU U 355 -50.12 102.41 16.19
CA LEU U 355 -50.52 103.61 15.47
C LEU U 355 -51.59 104.34 16.28
N SER U 356 -51.21 105.46 16.87
CA SER U 356 -52.16 106.39 17.46
C SER U 356 -52.76 107.33 16.44
N TYR U 357 -52.51 107.09 15.15
CA TYR U 357 -52.92 107.89 14.01
C TYR U 357 -52.22 109.25 13.98
N THR U 358 -51.31 109.50 14.92
CA THR U 358 -50.43 110.67 14.88
C THR U 358 -48.97 110.27 14.73
N ALA U 359 -48.49 109.37 15.57
CA ALA U 359 -47.14 108.83 15.47
C ALA U 359 -47.19 107.52 14.70
N VAL U 360 -46.22 107.34 13.79
CA VAL U 360 -46.22 106.18 12.90
C VAL U 360 -45.95 104.91 13.71
N ALA U 361 -46.67 103.84 13.36
CA ALA U 361 -46.55 102.58 14.07
C ALA U 361 -45.28 101.84 13.66
N THR U 362 -44.88 100.89 14.49
CA THR U 362 -43.70 100.07 14.26
C THR U 362 -44.09 98.60 14.37
N THR U 363 -43.69 97.81 13.38
CA THR U 363 -43.94 96.37 13.35
C THR U 363 -42.62 95.62 13.18
N ALA U 364 -41.63 95.99 13.99
CA ALA U 364 -40.30 95.40 13.88
C ALA U 364 -40.37 93.89 14.05
N ASP U 365 -39.62 93.18 13.21
CA ASP U 365 -39.53 91.72 13.25
C ASP U 365 -38.07 91.32 13.10
N VAL U 366 -37.75 90.16 13.66
CA VAL U 366 -36.43 89.54 13.45
C VAL U 366 -36.50 88.83 12.11
N LEU U 367 -36.05 89.50 11.06
CA LEU U 367 -36.14 88.93 9.72
C LEU U 367 -34.97 88.00 9.40
N SER U 368 -33.75 88.41 9.74
CA SER U 368 -32.52 87.71 9.40
C SER U 368 -32.37 87.54 7.90
N ALA U 369 -33.07 88.35 7.11
CA ALA U 369 -32.97 88.27 5.65
C ALA U 369 -31.59 88.67 5.16
N MET U 370 -30.83 89.41 5.97
CA MET U 370 -29.47 89.81 5.65
C MET U 370 -28.45 88.82 6.23
N GLY U 371 -28.88 87.57 6.43
CA GLY U 371 -28.15 86.65 7.27
C GLY U 371 -26.85 86.14 6.69
N SER U 372 -26.76 86.05 5.36
CA SER U 372 -25.60 85.44 4.72
C SER U 372 -24.32 86.15 5.16
N SER U 373 -23.32 85.36 5.56
CA SER U 373 -22.07 85.94 6.02
C SER U 373 -21.38 86.72 4.91
N THR U 374 -21.42 86.19 3.69
CA THR U 374 -20.90 86.95 2.55
C THR U 374 -21.67 88.25 2.35
N ALA U 375 -22.99 88.20 2.54
CA ALA U 375 -23.79 89.42 2.45
C ALA U 375 -23.38 90.43 3.51
N VAL U 376 -23.15 89.96 4.74
CA VAL U 376 -22.71 90.86 5.79
C VAL U 376 -21.36 91.46 5.45
N SER U 377 -20.48 90.66 4.84
CA SER U 377 -19.20 91.20 4.38
C SER U 377 -19.43 92.29 3.32
N THR U 378 -20.38 92.07 2.41
CA THR U 378 -20.66 93.08 1.40
C THR U 378 -21.12 94.37 2.04
N VAL U 379 -22.07 94.29 2.97
CA VAL U 379 -22.65 95.50 3.55
C VAL U 379 -21.61 96.22 4.41
N THR U 380 -20.77 95.48 5.13
CA THR U 380 -19.75 96.10 5.95
C THR U 380 -18.55 96.58 5.15
N LEU U 381 -18.41 96.14 3.89
CA LEU U 381 -17.32 96.61 3.05
C LEU U 381 -17.70 97.87 2.29
N GLY U 382 -18.91 97.94 1.76
CA GLY U 382 -19.36 99.09 1.01
C GLY U 382 -20.23 100.04 1.80
N SER U 383 -20.13 99.98 3.13
CA SER U 383 -20.93 100.86 3.97
C SER U 383 -20.45 102.30 3.83
N GLY U 384 -21.28 103.22 4.33
CA GLY U 384 -20.96 104.64 4.27
C GLY U 384 -20.02 105.06 5.38
N ILE U 385 -20.30 106.18 6.03
CA ILE U 385 -19.51 106.63 7.17
C ILE U 385 -19.99 105.88 8.40
N THR U 386 -19.38 104.72 8.66
CA THR U 386 -19.85 103.80 9.68
C THR U 386 -18.74 103.48 10.67
N SER U 387 -19.12 102.75 11.72
CA SER U 387 -18.18 102.30 12.75
C SER U 387 -18.48 100.86 13.12
N ALA U 388 -18.65 99.99 12.13
CA ALA U 388 -19.03 98.62 12.38
C ALA U 388 -18.00 97.90 13.25
N ALA U 389 -18.49 97.11 14.19
CA ALA U 389 -17.65 96.44 15.17
C ALA U 389 -18.10 95.00 15.33
N VAL U 390 -17.15 94.14 15.71
CA VAL U 390 -17.39 92.71 15.85
C VAL U 390 -16.98 92.26 17.25
N THR U 391 -17.89 91.60 17.94
CA THR U 391 -17.59 90.82 19.15
C THR U 391 -17.60 89.35 18.75
N PHE U 392 -16.45 88.69 18.89
CA PHE U 392 -16.29 87.38 18.28
C PHE U 392 -15.66 86.35 19.20
N ALA U 393 -15.65 86.57 20.52
CA ALA U 393 -15.01 85.62 21.42
C ALA U 393 -15.79 85.58 22.73
N ILE U 394 -15.57 84.49 23.47
CA ILE U 394 -16.27 84.33 24.73
C ILE U 394 -15.72 85.30 25.76
N ALA U 395 -16.52 85.59 26.77
CA ALA U 395 -16.26 86.71 27.67
C ALA U 395 -14.89 86.64 28.33
N THR U 396 -14.40 85.43 28.64
CA THR U 396 -13.08 85.31 29.23
C THR U 396 -11.97 85.68 28.25
N THR U 397 -12.25 85.57 26.95
CA THR U 397 -11.29 85.95 25.92
C THR U 397 -11.88 86.93 24.92
N ASP U 398 -12.92 87.66 25.34
CA ASP U 398 -13.68 88.48 24.40
C ASP U 398 -12.87 89.67 23.92
N SER U 399 -13.26 90.21 22.77
CA SER U 399 -12.63 91.38 22.19
C SER U 399 -13.62 92.06 21.27
N ASN U 400 -13.32 93.32 20.95
CA ASN U 400 -14.12 94.10 20.01
C ASN U 400 -13.18 94.69 18.97
N ASN U 401 -13.58 94.61 17.70
CA ASN U 401 -12.79 95.12 16.59
C ASN U 401 -13.55 96.24 15.90
N THR U 402 -12.99 97.45 15.92
CA THR U 402 -13.58 98.61 15.27
C THR U 402 -12.69 99.06 14.12
N TRP U 403 -13.25 99.18 12.94
CA TRP U 403 -12.47 99.39 11.72
C TRP U 403 -12.94 100.64 10.99
N VAL U 404 -12.43 100.79 9.76
CA VAL U 404 -12.72 101.95 8.93
C VAL U 404 -14.20 101.96 8.53
N ASP U 405 -14.69 103.15 8.15
CA ASP U 405 -16.08 103.28 7.77
C ASP U 405 -16.40 102.43 6.54
N ASN U 406 -15.51 102.41 5.55
CA ASN U 406 -15.82 101.72 4.30
C ASN U 406 -14.65 100.89 3.80
N LYS U 407 -13.85 100.33 4.71
CA LYS U 407 -12.76 99.46 4.30
C LYS U 407 -12.80 98.12 5.04
N GLY U 408 -13.24 98.14 6.30
CA GLY U 408 -13.16 96.98 7.15
C GLY U 408 -11.79 96.77 7.77
N GLU U 409 -10.81 97.61 7.46
CA GLU U 409 -9.47 97.46 7.99
C GLU U 409 -9.39 98.03 9.39
N LEU U 410 -8.96 97.21 10.34
CA LEU U 410 -8.78 97.67 11.71
C LEU U 410 -7.58 98.61 11.77
N THR U 411 -7.84 99.90 11.94
CA THR U 411 -6.75 100.88 11.98
C THR U 411 -5.84 100.64 13.17
N ASP U 412 -6.43 100.40 14.34
CA ASP U 412 -5.66 100.24 15.58
C ASP U 412 -5.34 98.79 15.92
N ILE U 413 -5.84 97.83 15.14
CA ILE U 413 -5.56 96.42 15.35
C ILE U 413 -4.91 95.85 14.10
N GLN U 414 -3.74 95.25 14.26
CA GLN U 414 -3.00 94.66 13.16
C GLN U 414 -2.82 93.17 13.40
N THR U 415 -2.15 92.49 12.48
CA THR U 415 -1.84 91.08 12.62
C THR U 415 -0.35 90.87 12.44
N PHE U 416 0.24 90.05 13.29
CA PHE U 416 1.60 89.58 13.08
C PHE U 416 1.58 88.41 12.11
N ASP U 417 2.71 87.72 11.97
CA ASP U 417 2.76 86.54 11.12
C ASP U 417 1.94 85.39 11.69
N THR U 418 1.51 85.46 12.94
CA THR U 418 0.78 84.38 13.57
C THR U 418 -0.61 84.77 14.03
N SER U 419 -0.76 85.89 14.74
CA SER U 419 -2.02 86.20 15.40
C SER U 419 -2.24 87.71 15.41
N TYR U 420 -3.34 88.12 16.04
CA TYR U 420 -3.72 89.52 16.12
C TYR U 420 -2.91 90.21 17.20
N LYS U 421 -2.35 91.38 16.88
CA LYS U 421 -1.66 92.21 17.86
C LYS U 421 -1.96 93.67 17.58
N ILE U 422 -1.79 94.50 18.61
CA ILE U 422 -2.10 95.91 18.53
C ILE U 422 -0.88 96.70 18.07
N ASN U 423 0.16 96.00 17.64
CA ASN U 423 1.40 96.63 17.19
C ASN U 423 1.42 96.65 15.67
N ALA U 424 1.50 97.85 15.09
CA ALA U 424 1.50 97.97 13.64
C ALA U 424 2.84 97.59 13.03
N ASP U 425 3.94 97.78 13.76
CA ASP U 425 5.27 97.50 13.23
C ASP U 425 6.16 97.08 14.37
N THR U 426 6.78 95.90 14.25
CA THR U 426 7.75 95.47 15.26
C THR U 426 8.97 96.38 15.26
N GLY U 427 9.57 96.59 14.09
CA GLY U 427 10.68 97.52 13.97
C GLY U 427 11.88 97.22 14.83
N GLU U 428 12.31 95.96 14.87
CA GLU U 428 13.48 95.60 15.65
C GLU U 428 14.74 96.20 15.02
N VAL U 429 15.73 96.45 15.85
CA VAL U 429 16.96 97.13 15.45
C VAL U 429 18.12 96.14 15.55
N THR U 430 18.88 96.02 14.47
CA THR U 430 20.01 95.11 14.41
C THR U 430 21.30 95.92 14.27
N VAL U 431 22.30 95.56 15.07
CA VAL U 431 23.62 96.21 15.03
C VAL U 431 24.60 95.26 14.38
N VAL U 432 25.41 95.79 13.48
CA VAL U 432 26.37 95.01 12.70
C VAL U 432 27.77 95.27 13.22
N GLY U 433 28.48 94.20 13.55
CA GLY U 433 29.86 94.34 13.99
C GLY U 433 30.74 94.90 12.89
N ASP U 434 31.74 95.67 13.30
CA ASP U 434 32.64 96.30 12.33
C ASP U 434 33.80 95.37 11.97
N ASN U 435 34.49 94.84 12.98
CA ASN U 435 35.60 93.94 12.75
C ASN U 435 35.15 92.52 12.43
N SER U 436 33.89 92.20 12.62
CA SER U 436 33.36 90.87 12.35
C SER U 436 32.05 91.01 11.59
N ALA U 437 31.84 90.10 10.63
CA ALA U 437 30.65 90.17 9.78
C ALA U 437 29.36 89.90 10.55
N THR U 438 29.45 89.28 11.73
CA THR U 438 28.24 88.95 12.48
C THR U 438 27.51 90.22 12.91
N ALA U 439 26.19 90.13 12.95
CA ALA U 439 25.33 91.26 13.33
C ALA U 439 24.63 90.94 14.64
N GLY U 440 24.76 91.83 15.61
CA GLY U 440 24.08 91.69 16.88
C GLY U 440 22.66 92.21 16.83
N GLN U 441 22.00 92.17 17.99
CA GLN U 441 20.64 92.68 18.14
C GLN U 441 20.66 93.90 19.06
N TYR U 442 20.16 95.02 18.55
CA TYR U 442 19.96 96.20 19.39
C TYR U 442 18.51 96.25 19.84
N ALA U 443 18.16 95.29 20.70
CA ALA U 443 16.80 95.11 21.16
C ALA U 443 16.85 94.34 22.48
N SER U 444 15.70 93.80 22.90
CA SER U 444 15.65 93.02 24.14
C SER U 444 16.53 91.78 24.07
N ALA U 445 16.81 91.27 22.86
CA ALA U 445 17.76 90.19 22.73
C ALA U 445 19.15 90.64 23.16
N ASP U 446 19.58 91.81 22.66
CA ASP U 446 20.76 92.52 23.15
C ASP U 446 22.02 91.64 23.10
N GLY U 447 22.41 91.29 21.88
CA GLY U 447 23.64 90.57 21.64
C GLY U 447 23.48 89.19 21.07
N ALA U 448 22.27 88.65 21.04
CA ALA U 448 22.05 87.36 20.41
C ALA U 448 22.24 87.49 18.91
N LYS U 449 23.18 86.72 18.36
CA LYS U 449 23.52 86.83 16.94
C LYS U 449 22.31 86.51 16.07
N VAL U 450 22.08 87.35 15.06
CA VAL U 450 20.95 87.21 14.15
C VAL U 450 21.37 86.33 12.98
N LEU U 451 20.43 85.53 12.48
CA LEU U 451 20.69 84.61 11.38
C LEU U 451 19.53 84.65 10.41
N VAL U 452 19.83 84.33 9.15
CA VAL U 452 18.82 84.24 8.10
C VAL U 452 18.39 82.78 7.99
N GLY U 453 17.13 82.52 8.28
CA GLY U 453 16.62 81.16 8.28
C GLY U 453 16.36 80.63 6.88
N SER U 454 15.95 79.37 6.84
CA SER U 454 15.63 78.71 5.57
C SER U 454 14.41 79.39 4.97
N ASP U 455 14.62 80.17 3.92
CA ASP U 455 13.59 80.97 3.26
C ASP U 455 12.92 81.96 4.23
N GLY U 456 13.52 82.19 5.39
CA GLY U 456 13.04 83.17 6.32
C GLY U 456 13.77 84.49 6.16
N LYS U 457 13.13 85.57 6.59
CA LYS U 457 13.73 86.89 6.47
C LYS U 457 15.02 86.98 7.29
N LEU U 458 14.91 86.89 8.61
CA LEU U 458 16.05 86.82 9.51
C LEU U 458 15.54 86.48 10.90
N THR U 459 16.23 85.56 11.56
CA THR U 459 15.81 85.08 12.88
C THR U 459 16.97 85.19 13.85
N THR U 460 16.70 84.86 15.11
CA THR U 460 17.70 84.92 16.16
C THR U 460 18.32 83.56 16.49
N GLU U 461 17.53 82.49 16.43
CA GLU U 461 18.04 81.17 16.76
C GLU U 461 18.74 80.53 15.55
N THR U 462 19.84 79.85 15.84
CA THR U 462 20.85 79.49 14.84
C THR U 462 20.44 78.36 13.91
N THR U 463 19.40 77.61 14.25
CA THR U 463 18.98 76.49 13.42
C THR U 463 17.60 76.75 12.85
N SER U 464 16.99 75.73 12.25
CA SER U 464 15.60 75.79 11.83
C SER U 464 15.11 74.38 11.53
N ALA U 465 13.80 74.26 11.37
CA ALA U 465 13.19 72.96 11.12
C ALA U 465 13.71 72.36 9.82
N GLY U 466 14.02 71.07 9.85
CA GLY U 466 14.50 70.38 8.68
C GLY U 466 13.37 69.92 7.79
N ASP U 467 13.69 68.99 6.89
CA ASP U 467 12.73 68.48 5.94
C ASP U 467 12.42 67.00 6.11
N LYS U 468 13.16 66.26 6.97
CA LYS U 468 12.69 64.96 7.47
C LYS U 468 11.46 65.13 8.35
N THR U 469 10.70 64.05 8.51
CA THR U 469 9.67 64.02 9.53
C THR U 469 10.33 64.11 10.90
N THR U 470 9.71 64.87 11.80
CA THR U 470 10.34 65.18 13.09
C THR U 470 10.58 63.91 13.89
N ASP U 471 9.56 63.07 14.04
CA ASP U 471 9.68 61.80 14.76
C ASP U 471 9.08 60.71 13.88
N PRO U 472 9.89 60.14 12.97
CA PRO U 472 9.34 59.14 12.05
C PRO U 472 8.76 57.92 12.75
N LEU U 473 9.40 57.47 13.83
CA LEU U 473 8.95 56.25 14.49
C LEU U 473 7.64 56.45 15.22
N LYS U 474 7.41 57.63 15.80
CA LYS U 474 6.12 57.91 16.41
C LYS U 474 5.00 57.88 15.37
N THR U 475 5.23 58.48 14.20
CA THR U 475 4.22 58.44 13.15
C THR U 475 3.98 57.01 12.68
N LEU U 476 5.06 56.23 12.54
CA LEU U 476 4.90 54.85 12.11
C LEU U 476 4.14 54.02 13.15
N ASP U 477 4.41 54.25 14.43
CA ASP U 477 3.65 53.55 15.47
C ASP U 477 2.19 53.99 15.49
N ALA U 478 1.92 55.26 15.19
CA ALA U 478 0.53 55.69 15.06
C ALA U 478 -0.14 54.96 13.90
N ALA U 479 0.57 54.80 12.79
CA ALA U 479 0.03 54.04 11.66
C ALA U 479 -0.22 52.59 12.05
N PHE U 480 0.70 51.99 12.81
CA PHE U 480 0.48 50.64 13.32
C PHE U 480 -0.78 50.58 14.17
N THR U 481 -0.96 51.54 15.07
CA THR U 481 -2.14 51.51 15.93
C THR U 481 -3.41 51.61 15.12
N LYS U 482 -3.45 52.51 14.13
CA LYS U 482 -4.64 52.64 13.31
C LYS U 482 -4.93 51.37 12.51
N LEU U 483 -3.90 50.83 11.85
CA LEU U 483 -4.10 49.65 11.03
C LEU U 483 -4.49 48.44 11.88
N ASP U 484 -3.87 48.29 13.05
CA ASP U 484 -4.22 47.19 13.93
C ASP U 484 -5.62 47.33 14.47
N LYS U 485 -6.06 48.57 14.77
CA LYS U 485 -7.44 48.77 15.18
C LYS U 485 -8.41 48.33 14.09
N LEU U 486 -8.14 48.73 12.85
CA LEU U 486 -9.05 48.35 11.78
C LEU U 486 -9.02 46.84 11.52
N THR U 487 -7.85 46.22 11.53
CA THR U 487 -7.80 44.78 11.26
C THR U 487 -8.41 43.99 12.42
N GLY U 488 -8.29 44.49 13.65
CA GLY U 488 -8.99 43.86 14.76
C GLY U 488 -10.49 43.97 14.63
N GLU U 489 -10.99 45.12 14.18
CA GLU U 489 -12.41 45.27 13.94
C GLU U 489 -12.89 44.28 12.87
N LEU U 490 -12.13 44.14 11.78
CA LEU U 490 -12.50 43.20 10.75
C LEU U 490 -12.45 41.75 11.24
N GLY U 491 -11.46 41.42 12.07
CA GLY U 491 -11.44 40.09 12.66
C GLY U 491 -12.63 39.83 13.54
N ALA U 492 -13.01 40.82 14.35
CA ALA U 492 -14.18 40.68 15.21
C ALA U 492 -15.44 40.47 14.39
N VAL U 493 -15.62 41.26 13.31
CA VAL U 493 -16.82 41.10 12.52
C VAL U 493 -16.79 39.77 11.76
N GLN U 494 -15.59 39.30 11.37
CA GLN U 494 -15.51 37.98 10.75
C GLN U 494 -15.96 36.89 11.70
N ASN U 495 -15.50 36.96 12.96
CA ASN U 495 -15.97 36.00 13.96
C ASN U 495 -17.47 36.08 14.14
N ARG U 496 -18.02 37.30 14.21
CA ARG U 496 -19.45 37.43 14.41
C ARG U 496 -20.22 36.84 13.23
N LEU U 497 -19.73 37.05 12.00
CA LEU U 497 -20.42 36.48 10.85
C LEU U 497 -20.36 34.95 10.84
N GLU U 498 -19.23 34.37 11.26
CA GLU U 498 -19.20 32.91 11.39
C GLU U 498 -20.23 32.43 12.40
N SER U 499 -20.31 33.12 13.54
CA SER U 499 -21.30 32.75 14.55
C SER U 499 -22.72 32.93 14.04
N THR U 500 -22.96 33.99 13.26
CA THR U 500 -24.29 34.19 12.70
C THR U 500 -24.64 33.11 11.71
N ILE U 501 -23.68 32.66 10.91
CA ILE U 501 -23.98 31.55 10.01
C ILE U 501 -24.34 30.29 10.80
N ALA U 502 -23.61 30.01 11.87
CA ALA U 502 -23.97 28.86 12.70
C ALA U 502 -25.37 29.01 13.26
N ASN U 503 -25.70 30.20 13.78
CA ASN U 503 -27.02 30.43 14.36
C ASN U 503 -28.12 30.30 13.32
N LEU U 504 -27.92 30.93 12.16
CA LEU U 504 -28.91 30.86 11.09
C LEU U 504 -29.09 29.44 10.58
N ASN U 505 -28.01 28.67 10.50
CA ASN U 505 -28.15 27.27 10.11
C ASN U 505 -28.99 26.50 11.12
N ASN U 506 -28.73 26.70 12.41
CA ASN U 506 -29.54 26.02 13.43
C ASN U 506 -31.00 26.42 13.32
N VAL U 507 -31.27 27.72 13.16
CA VAL U 507 -32.64 28.19 13.09
C VAL U 507 -33.32 27.68 11.82
N VAL U 508 -32.57 27.58 10.72
CA VAL U 508 -33.12 27.05 9.48
C VAL U 508 -33.53 25.59 9.65
N ASN U 509 -32.67 24.80 10.28
CA ASN U 509 -33.01 23.40 10.50
C ASN U 509 -34.24 23.27 11.39
N ASN U 510 -34.28 24.05 12.47
CA ASN U 510 -35.42 23.97 13.39
C ASN U 510 -36.70 24.42 12.71
N LEU U 511 -36.64 25.48 11.89
CA LEU U 511 -37.82 25.95 11.18
C LEU U 511 -38.27 24.93 10.14
N SER U 512 -37.33 24.29 9.46
CA SER U 512 -37.68 23.23 8.51
C SER U 512 -38.37 22.08 9.22
N SER U 513 -37.89 21.71 10.40
CA SER U 513 -38.57 20.70 11.19
C SER U 513 -39.97 21.16 11.60
N ALA U 514 -40.12 22.44 11.96
CA ALA U 514 -41.44 22.96 12.29
C ALA U 514 -42.39 22.84 11.11
N ARG U 515 -41.91 23.18 9.92
CA ARG U 515 -42.71 23.05 8.72
C ARG U 515 -43.06 21.60 8.43
N SER U 516 -42.11 20.68 8.66
CA SER U 516 -42.39 19.26 8.45
C SER U 516 -43.48 18.78 9.39
N ARG U 517 -43.45 19.23 10.64
CA ARG U 517 -44.43 18.79 11.63
C ARG U 517 -45.85 19.18 11.26
N ILE U 518 -46.03 20.15 10.37
CA ILE U 518 -47.35 20.63 10.02
C ILE U 518 -47.71 20.45 8.56
N GLN U 519 -46.74 20.40 7.65
CA GLN U 519 -47.01 20.39 6.22
C GLN U 519 -46.75 19.04 5.58
N ASP U 520 -45.63 18.41 5.88
CA ASP U 520 -45.28 17.15 5.24
C ASP U 520 -46.26 16.06 5.65
N ALA U 521 -46.47 15.11 4.73
CA ALA U 521 -47.44 14.05 4.93
C ALA U 521 -46.80 12.86 5.61
N ASP U 522 -47.54 12.25 6.54
CA ASP U 522 -47.08 11.06 7.24
C ASP U 522 -47.48 9.85 6.42
N TYR U 523 -46.54 9.33 5.63
CA TYR U 523 -46.84 8.19 4.76
C TYR U 523 -47.29 6.97 5.54
N ALA U 524 -46.85 6.82 6.79
CA ALA U 524 -47.24 5.65 7.56
C ALA U 524 -48.75 5.56 7.72
N THR U 525 -49.40 6.69 8.02
CA THR U 525 -50.86 6.71 8.11
C THR U 525 -51.54 6.97 6.78
N GLU U 526 -50.89 7.71 5.87
CA GLU U 526 -51.52 7.98 4.58
C GLU U 526 -51.67 6.70 3.77
N VAL U 527 -50.67 5.82 3.80
CA VAL U 527 -50.77 4.58 3.03
C VAL U 527 -51.84 3.67 3.60
N SER U 528 -51.96 3.61 4.93
CA SER U 528 -53.03 2.83 5.54
C SER U 528 -54.39 3.41 5.18
N ASN U 529 -54.51 4.74 5.16
CA ASN U 529 -55.76 5.36 4.75
C ASN U 529 -56.09 5.01 3.31
N MET U 530 -55.08 5.01 2.43
CA MET U 530 -55.30 4.59 1.05
C MET U 530 -55.77 3.15 0.97
N SER U 531 -55.15 2.26 1.76
CA SER U 531 -55.53 0.85 1.71
C SER U 531 -56.96 0.66 2.18
N LYS U 532 -57.33 1.31 3.28
CA LYS U 532 -58.71 1.24 3.75
C LYS U 532 -59.67 1.85 2.75
N ALA U 533 -59.27 2.92 2.07
CA ALA U 533 -60.12 3.53 1.06
C ALA U 533 -60.34 2.58 -0.12
N GLN U 534 -59.29 1.90 -0.57
CA GLN U 534 -59.43 0.95 -1.66
C GLN U 534 -60.32 -0.22 -1.25
N ILE U 535 -60.17 -0.69 -0.01
CA ILE U 535 -61.02 -1.76 0.49
C ILE U 535 -62.48 -1.30 0.51
N LEU U 536 -62.71 -0.09 1.00
CA LEU U 536 -64.07 0.46 1.00
C LEU U 536 -64.59 0.63 -0.41
N GLN U 537 -63.72 0.94 -1.36
CA GLN U 537 -64.16 1.11 -2.74
C GLN U 537 -64.63 -0.21 -3.35
N GLN U 538 -63.82 -1.26 -3.19
CA GLN U 538 -64.22 -2.56 -3.71
C GLN U 538 -65.49 -3.06 -3.02
N ALA U 539 -65.55 -2.90 -1.69
CA ALA U 539 -66.74 -3.31 -0.96
C ALA U 539 -67.97 -2.52 -1.41
N GLY U 540 -67.79 -1.22 -1.64
CA GLY U 540 -68.91 -0.39 -2.07
C GLY U 540 -69.40 -0.77 -3.45
N THR U 541 -68.48 -1.05 -4.36
CA THR U 541 -68.89 -1.50 -5.68
C THR U 541 -69.66 -2.81 -5.60
N SER U 542 -69.17 -3.75 -4.79
CA SER U 542 -69.87 -5.04 -4.66
C SER U 542 -71.25 -4.87 -4.05
N VAL U 543 -71.35 -4.10 -2.96
CA VAL U 543 -72.64 -3.95 -2.30
C VAL U 543 -73.60 -3.14 -3.16
N LEU U 544 -73.10 -2.17 -3.92
CA LEU U 544 -73.95 -1.44 -4.87
C LEU U 544 -74.45 -2.38 -5.95
N ALA U 545 -73.59 -3.29 -6.41
CA ALA U 545 -74.06 -4.32 -7.33
C ALA U 545 -75.23 -5.07 -6.70
N GLN U 546 -75.00 -5.74 -5.57
CA GLN U 546 -76.06 -6.56 -4.97
C GLN U 546 -77.32 -5.74 -4.69
N ALA U 547 -77.17 -4.45 -4.39
CA ALA U 547 -78.33 -3.58 -4.28
C ALA U 547 -79.05 -3.46 -5.61
N ASN U 548 -78.30 -3.40 -6.72
CA ASN U 548 -78.95 -3.42 -8.03
C ASN U 548 -79.59 -4.77 -8.33
N GLN U 549 -79.08 -5.86 -7.78
CA GLN U 549 -79.77 -7.15 -7.84
C GLN U 549 -80.76 -7.35 -6.69
N VAL U 550 -81.15 -6.30 -5.97
CA VAL U 550 -82.29 -6.41 -5.06
C VAL U 550 -83.61 -6.53 -5.80
N PRO U 551 -83.95 -5.68 -6.78
CA PRO U 551 -85.34 -5.62 -7.25
C PRO U 551 -85.79 -6.73 -8.19
N GLN U 552 -84.90 -7.54 -8.79
CA GLN U 552 -85.40 -8.53 -9.75
C GLN U 552 -86.19 -9.62 -9.08
N THR U 553 -86.00 -9.80 -7.76
CA THR U 553 -86.87 -10.71 -7.02
C THR U 553 -88.32 -10.31 -7.16
N VAL U 554 -88.59 -9.02 -7.35
CA VAL U 554 -89.90 -8.57 -7.80
C VAL U 554 -90.21 -9.14 -9.17
N LEU U 555 -89.22 -9.15 -10.06
CA LEU U 555 -89.44 -9.66 -11.41
C LEU U 555 -89.33 -11.18 -11.42
N SER U 556 -90.00 -11.82 -10.47
CA SER U 556 -90.16 -13.27 -10.47
C SER U 556 -91.61 -13.67 -10.56
N LEU U 557 -92.45 -13.17 -9.67
CA LEU U 557 -93.88 -13.34 -9.79
C LEU U 557 -94.40 -12.38 -10.85
N LEU U 558 -95.36 -12.85 -11.65
CA LEU U 558 -95.89 -12.06 -12.74
C LEU U 558 -97.35 -12.43 -13.03
N ALA V 2 -62.53 -0.13 -35.66
CA ALA V 2 -63.22 -1.35 -36.06
C ALA V 2 -62.99 -2.46 -35.04
N ALA V 3 -63.97 -3.34 -34.89
CA ALA V 3 -63.93 -4.42 -33.91
C ALA V 3 -63.61 -5.76 -34.56
N VAL V 4 -62.75 -5.75 -35.57
CA VAL V 4 -62.39 -6.96 -36.27
C VAL V 4 -61.18 -7.61 -35.61
N ILE V 5 -61.08 -8.93 -35.76
CA ILE V 5 -59.99 -9.69 -35.16
C ILE V 5 -59.04 -10.30 -36.18
N ASN V 6 -59.38 -10.25 -37.48
CA ASN V 6 -58.55 -10.91 -38.48
C ASN V 6 -57.16 -10.30 -38.55
N THR V 7 -57.06 -8.98 -38.50
CA THR V 7 -55.78 -8.30 -38.49
C THR V 7 -55.79 -7.22 -37.42
N ASN V 8 -54.65 -7.05 -36.76
CA ASN V 8 -54.49 -6.08 -35.68
C ASN V 8 -53.42 -5.09 -36.10
N TYR V 9 -53.86 -3.95 -36.64
CA TYR V 9 -52.90 -2.94 -37.09
C TYR V 9 -52.08 -2.40 -35.95
N LEU V 10 -52.67 -2.29 -34.75
CA LEU V 10 -51.92 -1.82 -33.58
C LEU V 10 -50.78 -2.77 -33.26
N SER V 11 -51.05 -4.08 -33.34
CA SER V 11 -49.99 -5.06 -33.10
C SER V 11 -48.87 -4.91 -34.11
N LEU V 12 -49.21 -4.68 -35.38
CA LEU V 12 -48.19 -4.50 -36.40
C LEU V 12 -47.33 -3.26 -36.14
N VAL V 13 -47.99 -2.16 -35.75
CA VAL V 13 -47.23 -0.94 -35.44
C VAL V 13 -46.31 -1.18 -34.25
N ALA V 14 -46.82 -1.84 -33.22
CA ALA V 14 -45.99 -2.16 -32.07
C ALA V 14 -44.80 -3.03 -32.46
N GLN V 15 -45.02 -3.99 -33.36
CA GLN V 15 -43.93 -4.83 -33.83
C GLN V 15 -42.87 -4.00 -34.54
N ASN V 16 -43.31 -3.05 -35.38
CA ASN V 16 -42.35 -2.20 -36.08
C ASN V 16 -41.52 -1.39 -35.10
N ASN V 17 -42.17 -0.75 -34.14
CA ASN V 17 -41.41 0.06 -33.18
C ASN V 17 -40.48 -0.81 -32.34
N LEU V 18 -40.92 -2.02 -32.00
CA LEU V 18 -40.05 -2.95 -31.28
C LEU V 18 -38.82 -3.29 -32.11
N ASN V 19 -39.00 -3.51 -33.41
CA ASN V 19 -37.87 -3.83 -34.27
C ASN V 19 -36.91 -2.66 -34.38
N LYS V 20 -37.42 -1.44 -34.49
CA LYS V 20 -36.53 -0.28 -34.53
C LYS V 20 -35.74 -0.13 -33.24
N SER V 21 -36.42 -0.29 -32.09
CA SER V 21 -35.72 -0.20 -30.82
C SER V 21 -34.68 -1.31 -30.69
N GLN V 22 -34.99 -2.51 -31.19
CA GLN V 22 -34.05 -3.61 -31.10
C GLN V 22 -32.84 -3.37 -32.00
N SER V 23 -33.04 -2.78 -33.17
CA SER V 23 -31.91 -2.45 -34.02
C SER V 23 -31.00 -1.42 -33.35
N SER V 24 -31.60 -0.41 -32.71
CA SER V 24 -30.80 0.56 -31.97
C SER V 24 -30.05 -0.13 -30.83
N LEU V 25 -30.71 -1.04 -30.12
CA LEU V 25 -30.04 -1.79 -29.08
C LEU V 25 -28.88 -2.61 -29.63
N GLY V 26 -29.08 -3.22 -30.80
CA GLY V 26 -28.03 -4.04 -31.39
C GLY V 26 -26.81 -3.22 -31.76
N THR V 27 -27.02 -2.06 -32.39
CA THR V 27 -25.86 -1.24 -32.73
C THR V 27 -25.18 -0.70 -31.48
N ALA V 28 -25.95 -0.36 -30.44
CA ALA V 28 -25.33 0.09 -29.19
C ALA V 28 -24.49 -1.02 -28.56
N ILE V 29 -25.02 -2.24 -28.54
CA ILE V 29 -24.29 -3.38 -27.97
C ILE V 29 -23.02 -3.65 -28.77
N GLU V 30 -23.10 -3.60 -30.10
CA GLU V 30 -21.92 -3.82 -30.91
C GLU V 30 -20.85 -2.77 -30.62
N ARG V 31 -21.26 -1.49 -30.56
CA ARG V 31 -20.28 -0.44 -30.32
C ARG V 31 -19.70 -0.52 -28.92
N LEU V 32 -20.48 -0.98 -27.94
CA LEU V 32 -19.96 -1.11 -26.59
C LEU V 32 -19.00 -2.29 -26.48
N SER V 33 -19.36 -3.43 -27.07
CA SER V 33 -18.52 -4.62 -26.97
C SER V 33 -17.21 -4.42 -27.72
N SER V 34 -17.29 -3.97 -28.97
CA SER V 34 -16.07 -3.78 -29.75
C SER V 34 -15.25 -2.61 -29.24
N GLY V 35 -15.91 -1.59 -28.69
CA GLY V 35 -15.24 -0.36 -28.33
C GLY V 35 -14.96 0.56 -29.49
N LEU V 36 -15.36 0.17 -30.70
CA LEU V 36 -15.13 0.95 -31.91
C LEU V 36 -16.47 1.44 -32.43
N ARG V 37 -16.62 2.76 -32.53
CA ARG V 37 -17.87 3.30 -33.05
C ARG V 37 -18.11 2.88 -34.49
N ILE V 38 -17.07 2.94 -35.31
CA ILE V 38 -17.18 2.63 -36.73
C ILE V 38 -16.64 1.23 -36.97
N ASN V 39 -17.54 0.25 -36.87
CA ASN V 39 -17.32 -1.11 -37.34
C ASN V 39 -18.53 -1.52 -38.16
N SER V 40 -18.33 -2.41 -39.12
CA SER V 40 -19.38 -2.76 -40.08
C SER V 40 -19.80 -1.51 -40.88
N ALA V 41 -18.91 -1.11 -41.78
CA ALA V 41 -18.80 0.23 -42.35
C ALA V 41 -20.11 0.93 -42.66
N LYS V 42 -21.20 0.18 -42.81
CA LYS V 42 -22.53 0.75 -43.04
C LYS V 42 -22.83 1.95 -42.14
N ASP V 43 -22.20 2.02 -40.98
CA ASP V 43 -22.23 3.24 -40.17
C ASP V 43 -20.97 4.05 -40.47
N ASP V 44 -21.15 5.24 -41.05
CA ASP V 44 -20.05 6.14 -41.38
C ASP V 44 -19.04 5.46 -42.31
N ALA V 45 -19.50 5.19 -43.54
CA ALA V 45 -18.67 4.45 -44.49
C ALA V 45 -17.35 5.17 -44.76
N ALA V 46 -17.40 6.49 -44.93
CA ALA V 46 -16.16 7.25 -45.10
C ALA V 46 -15.35 7.27 -43.82
N GLY V 47 -16.01 7.15 -42.66
CA GLY V 47 -15.30 7.13 -41.41
C GLY V 47 -14.29 6.00 -41.32
N MET V 48 -14.69 4.79 -41.76
CA MET V 48 -13.75 3.68 -41.71
C MET V 48 -12.65 3.83 -42.75
N ALA V 49 -12.92 4.51 -43.87
CA ALA V 49 -11.84 4.82 -44.80
C ALA V 49 -10.80 5.72 -44.13
N ILE V 50 -11.27 6.76 -43.43
CA ILE V 50 -10.36 7.65 -42.71
C ILE V 50 -9.58 6.87 -41.65
N ALA V 51 -10.29 6.03 -40.89
CA ALA V 51 -9.65 5.27 -39.82
C ALA V 51 -8.67 4.25 -40.37
N ASN V 52 -8.98 3.63 -41.51
CA ASN V 52 -8.07 2.73 -42.17
C ASN V 52 -6.78 3.45 -42.57
N ARG V 53 -6.92 4.63 -43.18
CA ARG V 53 -5.73 5.38 -43.53
C ARG V 53 -4.93 5.76 -42.29
N PHE V 54 -5.64 6.11 -41.21
CA PHE V 54 -4.94 6.47 -39.97
C PHE V 54 -4.20 5.28 -39.37
N THR V 55 -4.83 4.11 -39.34
CA THR V 55 -4.14 2.93 -38.81
C THR V 55 -2.91 2.61 -39.65
N ALA V 56 -3.04 2.69 -40.97
CA ALA V 56 -1.88 2.44 -41.83
C ALA V 56 -0.76 3.42 -41.52
N ASN V 57 -1.10 4.71 -41.40
CA ASN V 57 -0.08 5.72 -41.15
C ASN V 57 0.58 5.54 -39.78
N VAL V 58 -0.23 5.31 -38.73
CA VAL V 58 0.33 5.16 -37.39
C VAL V 58 1.22 3.93 -37.31
N ARG V 59 0.75 2.81 -37.86
CA ARG V 59 1.53 1.58 -37.80
C ARG V 59 2.83 1.72 -38.60
N GLY V 60 2.76 2.31 -39.79
CA GLY V 60 3.96 2.52 -40.57
C GLY V 60 4.94 3.46 -39.89
N LEU V 61 4.43 4.50 -39.23
CA LEU V 61 5.34 5.45 -38.59
C LEU V 61 5.97 4.86 -37.34
N THR V 62 5.23 4.03 -36.59
CA THR V 62 5.86 3.31 -35.48
C THR V 62 6.97 2.38 -35.98
N GLN V 63 6.70 1.65 -37.07
CA GLN V 63 7.74 0.80 -37.63
C GLN V 63 8.92 1.62 -38.11
N ALA V 64 8.66 2.81 -38.64
CA ALA V 64 9.73 3.71 -39.03
C ALA V 64 10.53 4.19 -37.83
N ALA V 65 9.87 4.38 -36.69
CA ALA V 65 10.59 4.71 -35.46
C ALA V 65 11.52 3.58 -35.07
N ARG V 66 11.05 2.34 -35.22
CA ARG V 66 11.95 1.20 -34.98
C ARG V 66 13.13 1.21 -35.94
N ASN V 67 12.88 1.52 -37.21
CA ASN V 67 13.96 1.61 -38.18
C ASN V 67 14.97 2.69 -37.80
N ALA V 68 14.46 3.83 -37.32
CA ALA V 68 15.35 4.91 -36.88
C ALA V 68 16.17 4.48 -35.67
N ASN V 69 15.58 3.70 -34.77
CA ASN V 69 16.33 3.16 -33.65
C ASN V 69 17.44 2.24 -34.14
N ASP V 70 17.14 1.42 -35.15
CA ASP V 70 18.18 0.58 -35.74
C ASP V 70 19.30 1.42 -36.34
N GLY V 71 18.95 2.53 -37.00
CA GLY V 71 19.96 3.41 -37.54
C GLY V 71 20.85 4.01 -36.46
N ILE V 72 20.24 4.44 -35.35
CA ILE V 72 21.04 4.96 -34.24
C ILE V 72 21.97 3.89 -33.69
N SER V 73 21.47 2.66 -33.55
CA SER V 73 22.33 1.61 -33.03
C SER V 73 23.51 1.34 -33.96
N LEU V 74 23.27 1.32 -35.27
CA LEU V 74 24.36 1.12 -36.21
C LEU V 74 25.37 2.27 -36.13
N ALA V 75 24.87 3.49 -36.06
CA ALA V 75 25.75 4.64 -35.92
C ALA V 75 26.55 4.57 -34.62
N GLN V 76 25.93 4.07 -33.56
CA GLN V 76 26.62 3.91 -32.28
C GLN V 76 27.77 2.92 -32.41
N THR V 77 27.52 1.77 -33.06
CA THR V 77 28.60 0.80 -33.23
C THR V 77 29.74 1.38 -34.07
N THR V 78 29.40 2.06 -35.17
CA THR V 78 30.44 2.63 -36.03
C THR V 78 31.23 3.69 -35.28
N GLU V 79 30.54 4.56 -34.54
CA GLU V 79 31.22 5.61 -33.80
C GLU V 79 32.07 5.04 -32.69
N GLY V 80 31.62 3.96 -32.05
CA GLY V 80 32.42 3.32 -31.02
C GLY V 80 33.69 2.72 -31.57
N ALA V 81 33.61 2.05 -32.73
CA ALA V 81 34.82 1.53 -33.35
C ALA V 81 35.77 2.66 -33.75
N ALA V 82 35.22 3.73 -34.34
CA ALA V 82 36.06 4.86 -34.73
C ALA V 82 36.71 5.54 -33.54
N SER V 83 36.01 5.58 -32.40
CA SER V 83 36.55 6.26 -31.22
C SER V 83 37.81 5.59 -30.72
N GLU V 84 37.97 4.29 -30.95
CA GLU V 84 39.18 3.61 -30.50
C GLU V 84 40.22 3.53 -31.61
N VAL V 85 39.79 3.51 -32.87
CA VAL V 85 40.75 3.78 -33.94
C VAL V 85 41.41 5.13 -33.72
N ASN V 86 40.67 6.07 -33.12
CA ASN V 86 41.24 7.35 -32.74
C ASN V 86 42.38 7.18 -31.74
N THR V 87 42.19 6.33 -30.73
CA THR V 87 43.25 6.09 -29.76
C THR V 87 44.45 5.43 -30.42
N HIS V 88 44.20 4.53 -31.35
CA HIS V 88 45.30 3.95 -32.12
C HIS V 88 46.10 5.02 -32.84
N LEU V 89 45.41 5.95 -33.50
CA LEU V 89 46.11 7.02 -34.20
C LEU V 89 46.87 7.93 -33.24
N GLN V 90 46.28 8.19 -32.07
CA GLN V 90 46.97 9.02 -31.08
C GLN V 90 48.27 8.35 -30.63
N ARG V 91 48.22 7.05 -30.35
CA ARG V 91 49.43 6.36 -29.94
C ARG V 91 50.47 6.34 -31.04
N ILE V 92 50.01 6.13 -32.29
CA ILE V 92 50.93 6.14 -33.43
C ILE V 92 51.59 7.51 -33.55
N ARG V 93 50.83 8.58 -33.39
CA ARG V 93 51.39 9.93 -33.49
C ARG V 93 52.40 10.17 -32.38
N GLU V 94 52.08 9.76 -31.15
CA GLU V 94 53.01 9.96 -30.05
C GLU V 94 54.31 9.21 -30.29
N LEU V 95 54.22 7.96 -30.73
CA LEU V 95 55.44 7.20 -30.97
C LEU V 95 56.18 7.69 -32.20
N THR V 96 55.47 8.26 -33.17
CA THR V 96 56.13 8.90 -34.30
C THR V 96 56.96 10.09 -33.85
N VAL V 97 56.40 10.89 -32.94
CA VAL V 97 57.17 12.01 -32.37
C VAL V 97 58.37 11.47 -31.60
N GLN V 98 58.19 10.38 -30.86
CA GLN V 98 59.29 9.84 -30.06
C GLN V 98 60.42 9.34 -30.95
N ALA V 99 60.09 8.52 -31.96
CA ALA V 99 61.11 7.88 -32.77
C ALA V 99 61.69 8.82 -33.82
N SER V 100 61.07 9.97 -34.05
CA SER V 100 61.66 10.97 -34.93
C SER V 100 62.90 11.61 -34.32
N ASN V 101 63.15 11.40 -33.04
CA ASN V 101 64.39 11.87 -32.43
C ASN V 101 65.57 11.10 -33.02
N GLY V 102 66.73 11.77 -33.05
CA GLY V 102 67.93 11.14 -33.56
C GLY V 102 68.70 10.32 -32.55
N SER V 103 68.40 10.46 -31.26
CA SER V 103 69.13 9.73 -30.24
C SER V 103 68.85 8.24 -30.28
N TYR V 104 67.75 7.82 -30.89
CA TYR V 104 67.40 6.41 -30.93
C TYR V 104 68.16 5.72 -32.05
N SER V 105 68.86 4.63 -31.70
CA SER V 105 69.58 3.87 -32.69
C SER V 105 68.61 3.01 -33.50
N GLN V 106 69.16 2.23 -34.44
CA GLN V 106 68.32 1.54 -35.41
C GLN V 106 67.45 0.46 -34.75
N GLU V 107 67.96 -0.22 -33.73
CA GLU V 107 67.20 -1.30 -33.11
C GLU V 107 65.94 -0.78 -32.43
N GLN V 108 66.04 0.35 -31.73
CA GLN V 108 64.87 0.90 -31.06
C GLN V 108 63.88 1.50 -32.06
N LEU V 109 64.38 2.08 -33.15
CA LEU V 109 63.48 2.47 -34.23
C LEU V 109 62.76 1.25 -34.81
N ASP V 110 63.45 0.12 -34.88
CA ASP V 110 62.81 -1.11 -35.34
C ASP V 110 61.74 -1.56 -34.37
N SER V 111 61.98 -1.42 -33.06
CA SER V 111 60.96 -1.77 -32.08
C SER V 111 59.75 -0.86 -32.21
N VAL V 112 59.98 0.45 -32.39
CA VAL V 112 58.88 1.38 -32.59
C VAL V 112 58.10 1.00 -33.85
N GLN V 113 58.82 0.67 -34.92
CA GLN V 113 58.16 0.26 -36.15
C GLN V 113 57.37 -1.01 -35.98
N GLY V 114 57.88 -1.96 -35.20
CA GLY V 114 57.10 -3.16 -34.92
C GLY V 114 55.82 -2.85 -34.18
N GLU V 115 55.89 -1.98 -33.17
CA GLU V 115 54.69 -1.63 -32.43
C GLU V 115 53.69 -0.90 -33.33
N ILE V 116 54.20 0.00 -34.18
CA ILE V 116 53.34 0.72 -35.11
C ILE V 116 52.72 -0.23 -36.13
N ASN V 117 53.47 -1.24 -36.55
CA ASN V 117 52.93 -2.25 -37.43
C ASN V 117 51.80 -3.01 -36.74
N GLN V 118 51.97 -3.29 -35.45
CA GLN V 118 50.88 -3.89 -34.69
C GLN V 118 49.66 -2.97 -34.67
N ARG V 119 49.88 -1.67 -34.47
CA ARG V 119 48.76 -0.74 -34.43
C ARG V 119 48.03 -0.70 -35.77
N LEU V 120 48.77 -0.66 -36.88
CA LEU V 120 48.15 -0.63 -38.19
C LEU V 120 47.41 -1.93 -38.49
N ALA V 121 48.01 -3.07 -38.09
CA ALA V 121 47.33 -4.34 -38.26
C ALA V 121 46.04 -4.37 -37.46
N ASP V 122 46.06 -3.79 -36.26
CA ASP V 122 44.85 -3.73 -35.45
C ASP V 122 43.81 -2.82 -36.08
N ILE V 123 44.23 -1.72 -36.68
CA ILE V 123 43.29 -0.84 -37.37
C ILE V 123 42.62 -1.58 -38.52
N ASP V 124 43.43 -2.30 -39.30
CA ASP V 124 42.87 -3.09 -40.40
C ASP V 124 41.94 -4.17 -39.88
N ARG V 125 42.29 -4.80 -38.76
CA ARG V 125 41.42 -5.80 -38.14
C ARG V 125 40.11 -5.18 -37.70
N ILE V 126 40.17 -3.96 -37.15
CA ILE V 126 38.96 -3.26 -36.76
C ILE V 126 38.08 -3.03 -37.98
N SER V 127 38.70 -2.60 -39.09
CA SER V 127 37.93 -2.36 -40.30
C SER V 127 37.28 -3.64 -40.82
N GLU V 128 38.00 -4.75 -40.81
CA GLU V 128 37.46 -5.98 -41.39
C GLU V 128 36.43 -6.64 -40.48
N GLN V 129 36.65 -6.61 -39.17
CA GLN V 129 35.85 -7.39 -38.24
C GLN V 129 34.69 -6.62 -37.61
N THR V 130 34.68 -5.29 -37.70
CA THR V 130 33.60 -4.51 -37.11
C THR V 130 32.30 -4.85 -37.84
N ASP V 131 31.40 -5.56 -37.16
CA ASP V 131 30.20 -6.10 -37.77
C ASP V 131 28.97 -5.56 -37.06
N PHE V 132 27.88 -5.46 -37.81
CA PHE V 132 26.58 -5.08 -37.26
C PHE V 132 25.52 -5.71 -38.14
N ASN V 133 24.85 -6.74 -37.64
CA ASN V 133 23.82 -7.45 -38.38
C ASN V 133 24.36 -7.93 -39.73
N GLY V 134 25.48 -8.66 -39.65
CA GLY V 134 26.10 -9.21 -40.84
C GLY V 134 26.54 -8.18 -41.84
N VAL V 135 26.75 -6.94 -41.41
CA VAL V 135 27.18 -5.85 -42.29
C VAL V 135 28.46 -5.27 -41.71
N LYS V 136 29.55 -5.34 -42.47
CA LYS V 136 30.83 -4.76 -42.05
C LYS V 136 30.74 -3.26 -42.27
N VAL V 137 30.13 -2.58 -41.29
CA VAL V 137 29.77 -1.17 -41.47
C VAL V 137 31.02 -0.30 -41.64
N LEU V 138 32.04 -0.54 -40.83
CA LEU V 138 33.27 0.25 -40.91
C LEU V 138 34.34 -0.53 -41.67
N SER V 139 34.06 -0.82 -42.94
CA SER V 139 34.95 -1.68 -43.70
C SER V 139 35.27 -1.12 -45.08
N ASP V 140 35.94 -1.92 -45.90
CA ASP V 140 36.29 -1.50 -47.26
C ASP V 140 35.07 -1.50 -48.17
N SER V 141 34.17 -2.45 -48.00
CA SER V 141 32.96 -2.57 -48.81
C SER V 141 31.76 -2.26 -47.92
N ALA V 142 31.41 -0.98 -47.83
CA ALA V 142 30.30 -0.52 -46.98
C ALA V 142 29.62 0.65 -47.70
N LYS V 143 28.56 0.35 -48.44
CA LYS V 143 27.82 1.38 -49.13
C LYS V 143 26.94 2.14 -48.15
N PRO V 144 26.55 3.38 -48.48
CA PRO V 144 25.60 4.10 -47.63
C PRO V 144 24.27 3.36 -47.54
N LEU V 145 23.65 3.44 -46.37
CA LEU V 145 22.43 2.71 -46.10
C LEU V 145 21.23 3.53 -46.56
N THR V 146 20.02 3.05 -46.25
CA THR V 146 18.80 3.74 -46.63
C THR V 146 18.06 4.30 -45.42
N LEU V 147 17.71 3.46 -44.45
CA LEU V 147 17.10 3.91 -43.19
C LEU V 147 15.82 4.69 -43.45
N GLN V 148 14.83 4.00 -44.01
CA GLN V 148 13.56 4.65 -44.30
C GLN V 148 12.88 5.10 -43.01
N VAL V 149 12.59 6.39 -42.91
CA VAL V 149 11.81 6.94 -41.82
C VAL V 149 10.55 7.55 -42.43
N GLY V 150 9.39 7.13 -41.91
CA GLY V 150 8.12 7.49 -42.50
C GLY V 150 7.63 6.47 -43.50
N ALA V 151 6.32 6.46 -43.70
CA ALA V 151 5.71 5.62 -44.72
C ALA V 151 5.82 6.32 -46.07
N ASN V 152 5.07 5.85 -47.06
CA ASN V 152 5.02 6.48 -48.39
C ASN V 152 6.41 6.53 -49.02
N ASP V 153 6.89 5.34 -49.38
CA ASP V 153 8.24 5.14 -49.92
C ASP V 153 8.63 6.24 -50.89
N GLY V 154 9.87 6.71 -50.74
CA GLY V 154 10.37 7.80 -51.55
C GLY V 154 11.31 8.68 -50.75
N GLU V 155 11.36 8.44 -49.45
CA GLU V 155 12.26 9.14 -48.55
C GLU V 155 13.08 8.14 -47.77
N THR V 156 14.34 8.50 -47.50
CA THR V 156 15.27 7.65 -46.78
C THR V 156 16.20 8.55 -45.99
N ILE V 157 17.29 7.97 -45.49
CA ILE V 157 18.33 8.72 -44.78
C ILE V 157 19.66 8.14 -45.24
N THR V 158 20.36 8.86 -46.11
CA THR V 158 21.65 8.40 -46.59
C THR V 158 22.65 8.41 -45.44
N LEU V 159 23.02 7.24 -44.95
CA LEU V 159 23.85 7.17 -43.76
C LEU V 159 25.30 7.52 -44.05
N ASN V 160 25.81 7.12 -45.21
CA ASN V 160 27.08 7.61 -45.76
C ASN V 160 28.25 7.31 -44.82
N LEU V 161 28.52 6.02 -44.65
CA LEU V 161 29.66 5.54 -43.87
C LEU V 161 30.45 4.56 -44.72
N SER V 162 31.78 4.69 -44.71
CA SER V 162 32.61 3.77 -45.48
C SER V 162 34.09 4.01 -45.18
N GLU V 163 34.84 2.90 -45.23
CA GLU V 163 36.27 2.89 -45.53
C GLU V 163 37.09 3.74 -44.55
N ILE V 164 37.14 3.26 -43.31
CA ILE V 164 38.15 3.70 -42.34
C ILE V 164 39.04 2.51 -42.04
N SER V 165 40.31 2.60 -42.45
CA SER V 165 41.27 1.52 -42.34
C SER V 165 42.62 2.04 -42.80
N VAL V 166 43.62 1.17 -42.75
CA VAL V 166 44.82 1.42 -43.53
C VAL V 166 44.47 1.30 -45.01
N LYS V 167 45.33 1.88 -45.85
CA LYS V 167 45.14 1.94 -47.31
C LYS V 167 44.04 2.92 -47.68
N THR V 168 43.32 3.46 -46.69
CA THR V 168 42.37 4.53 -46.93
C THR V 168 42.52 5.70 -45.97
N LEU V 169 43.12 5.49 -44.79
CA LEU V 169 43.58 6.63 -44.00
C LEU V 169 44.84 7.24 -44.60
N GLY V 170 45.39 6.63 -45.64
CA GLY V 170 46.49 7.17 -46.39
C GLY V 170 47.85 6.65 -45.98
N LEU V 171 47.99 6.07 -44.79
CA LEU V 171 49.30 5.62 -44.36
C LEU V 171 49.82 4.50 -45.25
N ASP V 172 49.25 3.31 -45.09
CA ASP V 172 49.43 2.15 -45.98
C ASP V 172 50.88 1.68 -46.05
N GLY V 173 51.81 2.48 -45.56
CA GLY V 173 53.21 2.11 -45.56
C GLY V 173 53.94 2.74 -44.41
N PHE V 174 53.20 3.17 -43.39
CA PHE V 174 53.74 4.05 -42.37
C PHE V 174 55.00 3.46 -41.75
N ASN V 175 56.14 4.09 -42.02
CA ASN V 175 57.43 3.57 -41.60
C ASN V 175 58.22 4.69 -40.95
N VAL V 176 58.88 4.36 -39.85
CA VAL V 176 59.60 5.37 -39.07
C VAL V 176 61.08 5.03 -39.05
N ASN V 177 61.41 3.75 -39.15
CA ASN V 177 62.82 3.38 -39.14
C ASN V 177 63.49 3.74 -40.47
N GLY V 178 63.06 3.11 -41.56
CA GLY V 178 63.71 3.29 -42.84
C GLY V 178 65.20 3.11 -42.71
N LYS V 179 65.99 4.04 -43.28
CA LYS V 179 67.38 4.17 -42.89
C LYS V 179 67.77 5.64 -42.83
N GLY V 180 66.84 6.55 -43.09
CA GLY V 180 67.12 7.98 -43.08
C GLY V 180 67.06 8.54 -44.49
N VAL V 181 67.90 9.55 -44.75
CA VAL V 181 68.04 10.12 -46.09
C VAL V 181 69.28 9.48 -46.69
N THR V 182 69.06 8.42 -47.45
CA THR V 182 70.17 7.61 -47.94
C THR V 182 71.05 8.41 -48.89
N GLN V 183 72.35 8.32 -48.67
CA GLN V 183 73.33 9.01 -49.50
C GLN V 183 73.97 8.04 -50.45
N ASN V 184 74.19 8.48 -51.69
CA ASN V 184 74.76 7.62 -52.70
C ASN V 184 76.26 7.46 -52.49
N ARG V 185 76.81 6.43 -53.11
CA ARG V 185 78.24 6.18 -53.08
C ARG V 185 78.89 6.76 -54.33
N SER V 186 80.14 7.18 -54.20
CA SER V 186 80.85 7.80 -55.31
C SER V 186 80.94 6.86 -56.50
N ALA V 187 80.25 7.22 -57.58
CA ALA V 187 80.35 6.42 -58.81
C ALA V 187 81.77 6.52 -59.36
N THR V 188 82.34 5.37 -59.70
CA THR V 188 83.74 5.30 -60.12
C THR V 188 83.84 4.60 -61.46
N VAL V 189 85.08 4.49 -61.96
CA VAL V 189 85.33 3.93 -63.27
C VAL V 189 84.87 2.48 -63.35
N THR V 190 84.92 1.75 -62.22
CA THR V 190 84.43 0.38 -62.22
C THR V 190 82.94 0.32 -62.56
N ASP V 191 82.13 1.14 -61.87
CA ASP V 191 80.71 1.15 -62.13
C ASP V 191 80.41 1.70 -63.52
N VAL V 192 81.20 2.68 -63.97
CA VAL V 192 80.98 3.26 -65.30
C VAL V 192 81.23 2.22 -66.38
N ILE V 193 82.35 1.51 -66.31
CA ILE V 193 82.67 0.51 -67.31
C ILE V 193 81.74 -0.69 -67.19
N ALA V 194 81.21 -0.94 -65.99
CA ALA V 194 80.25 -2.04 -65.85
C ALA V 194 78.96 -1.74 -66.59
N GLN V 195 78.55 -0.48 -66.64
CA GLN V 195 77.31 -0.10 -67.31
C GLN V 195 77.56 0.22 -68.79
N GLY V 196 78.17 -0.72 -69.49
CA GLY V 196 78.39 -0.57 -70.92
C GLY V 196 79.19 0.65 -71.32
N GLY V 197 80.00 1.19 -70.40
CA GLY V 197 80.74 2.40 -70.71
C GLY V 197 81.80 2.15 -71.77
N THR V 198 82.07 3.17 -72.57
CA THR V 198 83.06 3.11 -73.63
C THR V 198 84.20 4.07 -73.31
N LEU V 199 85.43 3.59 -73.45
CA LEU V 199 86.59 4.43 -73.19
C LEU V 199 86.67 5.53 -74.24
N GLN V 200 86.94 6.76 -73.79
CA GLN V 200 87.02 7.91 -74.67
C GLN V 200 88.36 8.64 -74.62
N GLY V 201 89.10 8.52 -73.53
CA GLY V 201 90.39 9.19 -73.42
C GLY V 201 91.05 9.05 -72.08
N ASP V 202 91.56 10.17 -71.53
CA ASP V 202 92.27 10.17 -70.26
C ASP V 202 91.25 10.00 -69.13
N GLY V 203 90.87 8.75 -68.89
CA GLY V 203 89.86 8.46 -67.90
C GLY V 203 88.49 9.00 -68.25
N THR V 204 88.25 9.31 -69.52
CA THR V 204 86.99 9.88 -69.98
C THR V 204 86.13 8.77 -70.54
N TYR V 205 84.89 8.70 -70.08
CA TYR V 205 83.96 7.67 -70.50
C TYR V 205 82.62 8.31 -70.88
N LYS V 206 82.03 7.83 -71.95
CA LYS V 206 80.75 8.34 -72.45
C LYS V 206 79.70 7.27 -72.23
N ALA V 207 78.87 7.46 -71.20
CA ALA V 207 77.75 6.56 -70.97
C ALA V 207 76.63 6.89 -71.93
N THR V 208 76.23 5.90 -72.73
CA THR V 208 75.23 6.08 -73.77
C THR V 208 74.07 5.13 -73.51
N THR V 209 72.87 5.57 -73.90
CA THR V 209 71.66 4.83 -73.61
C THR V 209 70.58 5.18 -74.64
N THR V 210 70.19 4.17 -75.42
CA THR V 210 69.23 4.35 -76.50
C THR V 210 67.80 4.29 -75.96
N PHE V 211 66.96 5.19 -76.45
CA PHE V 211 65.62 5.43 -75.92
C PHE V 211 64.55 5.28 -77.00
N ASN V 212 64.79 4.47 -78.02
CA ASN V 212 63.80 4.26 -79.07
C ASN V 212 62.53 3.69 -78.48
N ALA V 213 61.46 4.47 -78.49
CA ALA V 213 60.26 4.16 -77.72
C ALA V 213 59.10 4.91 -78.34
N ALA V 214 58.02 5.07 -77.56
CA ALA V 214 56.80 5.77 -77.98
C ALA V 214 56.09 5.00 -79.10
N SER V 215 55.80 3.73 -78.83
CA SER V 215 55.08 2.89 -79.78
C SER V 215 53.62 3.31 -79.87
N ALA V 216 52.85 2.56 -80.65
CA ALA V 216 51.45 2.89 -80.87
C ALA V 216 50.65 2.82 -79.57
N GLU V 217 50.88 1.78 -78.76
CA GLU V 217 50.14 1.63 -77.51
C GLU V 217 50.45 2.77 -76.54
N THR V 218 51.73 3.13 -76.42
CA THR V 218 52.12 4.19 -75.51
C THR V 218 51.59 5.55 -75.93
N VAL V 219 51.19 5.70 -77.18
CA VAL V 219 50.59 6.94 -77.64
C VAL V 219 49.07 6.91 -77.48
N LEU V 220 48.44 5.79 -77.87
CA LEU V 220 47.01 5.65 -77.71
C LEU V 220 46.59 5.61 -76.24
N SER V 221 47.52 5.36 -75.33
CA SER V 221 47.19 5.37 -73.91
C SER V 221 46.74 6.74 -73.44
N LYS V 222 47.32 7.80 -73.98
CA LYS V 222 47.03 9.18 -73.58
C LYS V 222 46.26 9.93 -74.64
N LEU V 223 45.31 9.25 -75.30
CA LEU V 223 44.58 9.81 -76.42
C LEU V 223 43.19 10.28 -75.99
N GLU V 224 42.86 11.52 -76.33
CA GLU V 224 41.50 12.02 -76.20
C GLU V 224 41.05 12.81 -77.42
N ASP V 225 41.95 13.11 -78.35
CA ASP V 225 41.65 13.90 -79.54
C ASP V 225 41.68 13.01 -80.77
N GLY V 226 41.55 13.62 -81.93
CA GLY V 226 41.49 12.88 -83.18
C GLY V 226 42.86 12.61 -83.78
N ASN V 227 43.00 11.44 -84.40
CA ASN V 227 44.21 11.04 -85.08
C ASN V 227 43.92 10.85 -86.57
N THR V 228 44.91 10.36 -87.30
CA THR V 228 44.77 10.18 -88.74
C THR V 228 45.57 8.97 -89.20
N VAL V 229 45.12 8.36 -90.29
CA VAL V 229 45.78 7.21 -90.90
C VAL V 229 45.79 7.42 -92.41
N ALA V 230 46.95 7.25 -93.02
CA ALA V 230 47.09 7.37 -94.47
C ALA V 230 48.09 6.32 -94.95
N VAL V 231 47.72 5.60 -96.01
CA VAL V 231 48.57 4.55 -96.56
C VAL V 231 49.40 5.20 -97.66
N GLY V 232 50.55 5.74 -97.27
CA GLY V 232 51.44 6.35 -98.24
C GLY V 232 50.79 7.52 -98.97
N GLY V 233 50.86 7.49 -100.28
CA GLY V 233 50.28 8.55 -101.10
C GLY V 233 48.85 8.29 -101.51
N GLY V 234 48.19 7.36 -100.84
CA GLY V 234 46.81 7.01 -101.11
C GLY V 234 45.83 7.84 -100.30
N ALA V 235 44.66 7.25 -100.05
CA ALA V 235 43.64 7.94 -99.29
C ALA V 235 44.06 8.08 -97.83
N THR V 236 43.40 9.01 -97.13
CA THR V 236 43.71 9.30 -95.74
C THR V 236 42.42 9.23 -94.91
N TYR V 237 42.51 8.64 -93.73
CA TYR V 237 41.37 8.49 -92.85
C TYR V 237 41.73 9.04 -91.47
N THR V 238 40.77 9.73 -90.86
CA THR V 238 40.94 10.33 -89.54
C THR V 238 39.93 9.76 -88.57
N TYR V 239 40.39 9.38 -87.39
CA TYR V 239 39.54 8.83 -86.34
C TYR V 239 39.63 9.74 -85.12
N ASP V 240 38.54 9.77 -84.33
CA ASP V 240 38.46 10.61 -83.15
C ASP V 240 37.98 9.78 -81.98
N ALA V 241 38.71 9.82 -80.86
CA ALA V 241 38.38 9.07 -79.67
C ALA V 241 37.49 9.94 -78.78
N ALA V 242 36.17 9.72 -78.88
CA ALA V 242 35.23 10.50 -78.07
C ALA V 242 35.20 10.00 -76.64
N LYS V 243 34.95 8.70 -76.44
CA LYS V 243 34.88 8.11 -75.11
C LYS V 243 35.78 6.89 -74.99
N GLY V 244 36.83 6.81 -75.81
CA GLY V 244 37.59 5.59 -75.98
C GLY V 244 37.10 4.73 -77.14
N ASN V 245 35.94 5.05 -77.71
CA ASN V 245 35.46 4.41 -78.92
C ASN V 245 35.61 5.40 -80.08
N PHE V 246 36.41 5.04 -81.06
CA PHE V 246 36.76 5.97 -82.13
C PHE V 246 35.59 6.19 -83.08
N THR V 247 35.54 7.39 -83.66
CA THR V 247 34.53 7.75 -84.63
C THR V 247 35.21 8.26 -85.89
N TYR V 248 34.62 7.92 -87.04
CA TYR V 248 35.18 8.27 -88.33
C TYR V 248 34.14 7.97 -89.40
N THR V 249 34.45 8.33 -90.64
CA THR V 249 33.58 8.09 -91.77
C THR V 249 34.31 7.33 -92.85
N LYS V 250 33.60 6.41 -93.51
CA LYS V 250 34.11 5.72 -94.68
C LYS V 250 33.04 5.69 -95.75
N THR V 251 33.46 5.83 -97.00
CA THR V 251 32.52 5.85 -98.11
C THR V 251 32.09 4.43 -98.45
N VAL V 252 30.79 4.28 -98.73
CA VAL V 252 30.23 3.03 -99.22
C VAL V 252 29.80 3.25 -100.66
N ASP V 253 30.42 2.52 -101.58
CA ASP V 253 30.18 2.72 -103.00
C ASP V 253 30.50 1.43 -103.74
N THR V 254 30.53 1.51 -105.07
CA THR V 254 30.78 0.37 -105.94
C THR V 254 31.71 0.82 -107.05
N THR V 255 31.80 -0.01 -108.10
CA THR V 255 32.67 0.28 -109.24
C THR V 255 31.93 0.52 -110.54
N VAL V 256 30.65 0.19 -110.62
CA VAL V 256 29.88 0.28 -111.86
C VAL V 256 28.92 1.45 -111.74
N GLY V 257 29.10 2.47 -112.58
CA GLY V 257 28.17 3.58 -112.61
C GLY V 257 26.80 3.20 -113.12
N ALA V 258 26.73 2.24 -114.06
CA ALA V 258 25.48 1.86 -114.67
C ALA V 258 24.60 1.00 -113.76
N ASP V 259 25.18 0.42 -112.71
CA ASP V 259 24.42 -0.46 -111.83
C ASP V 259 25.04 -0.41 -110.44
N VAL V 260 24.26 0.04 -109.45
CA VAL V 260 24.73 0.15 -108.08
C VAL V 260 23.82 -0.63 -107.15
N THR V 261 23.21 -1.70 -107.66
CA THR V 261 22.45 -2.60 -106.80
C THR V 261 23.31 -3.12 -105.65
N ALA V 262 24.60 -3.32 -105.90
CA ALA V 262 25.52 -3.70 -104.83
C ALA V 262 25.62 -2.61 -103.77
N LEU V 263 25.56 -1.34 -104.19
CA LEU V 263 25.59 -0.25 -103.22
C LEU V 263 24.38 -0.30 -102.29
N ALA V 264 23.20 -0.53 -102.85
CA ALA V 264 22.00 -0.65 -102.02
C ALA V 264 22.09 -1.87 -101.12
N ASN V 265 22.59 -2.99 -101.63
CA ASN V 265 22.73 -4.19 -100.82
C ASN V 265 23.88 -4.09 -99.83
N LYS V 266 24.72 -3.07 -99.94
CA LYS V 266 25.70 -2.74 -98.91
C LYS V 266 25.11 -1.85 -97.83
N ILE V 267 24.28 -0.89 -98.22
CA ILE V 267 23.64 -0.02 -97.23
C ILE V 267 22.62 -0.81 -96.41
N LYS V 268 21.90 -1.73 -97.04
CA LYS V 268 20.81 -2.42 -96.36
C LYS V 268 21.23 -3.14 -95.09
N PRO V 269 22.31 -3.94 -95.06
CA PRO V 269 22.70 -4.58 -93.79
C PRO V 269 23.05 -3.59 -92.71
N SER V 270 23.60 -2.42 -93.08
CA SER V 270 23.89 -1.40 -92.08
C SER V 270 22.62 -0.93 -91.38
N SER V 271 21.54 -0.74 -92.15
CA SER V 271 20.26 -0.41 -91.55
C SER V 271 19.72 -1.56 -90.70
N GLY V 272 19.90 -2.79 -91.18
CA GLY V 272 19.38 -3.95 -90.48
C GLY V 272 18.25 -4.61 -91.25
N THR V 273 17.35 -5.30 -90.53
CA THR V 273 16.22 -5.97 -91.15
C THR V 273 14.89 -5.31 -90.79
N ILE V 274 14.57 -5.21 -89.50
CA ILE V 274 13.34 -4.60 -89.04
C ILE V 274 13.65 -3.65 -87.90
N SER V 275 13.22 -2.40 -88.02
CA SER V 275 13.39 -1.40 -86.97
C SER V 275 12.19 -0.47 -87.02
N GLY V 276 12.25 0.61 -86.25
CA GLY V 276 11.12 1.52 -86.14
C GLY V 276 11.31 2.86 -86.82
N SER V 277 11.48 3.91 -86.02
CA SER V 277 11.52 5.26 -86.56
C SER V 277 12.79 5.51 -87.34
N TYR V 278 12.65 6.06 -88.55
CA TYR V 278 13.77 6.46 -89.39
C TYR V 278 13.61 7.94 -89.77
N GLU V 279 14.59 8.44 -90.51
CA GLU V 279 14.58 9.81 -91.00
C GLU V 279 15.11 9.80 -92.43
N ILE V 280 14.21 9.92 -93.40
CA ILE V 280 14.57 9.93 -94.81
C ILE V 280 14.61 11.37 -95.28
N SER V 281 15.71 11.77 -95.90
CA SER V 281 15.92 13.12 -96.36
C SER V 281 16.07 13.17 -97.88
N THR V 282 15.22 12.43 -98.58
CA THR V 282 15.26 12.43 -100.03
C THR V 282 14.85 13.80 -100.57
N GLY V 283 15.32 14.11 -101.77
CA GLY V 283 15.08 15.42 -102.34
C GLY V 283 15.91 16.49 -101.66
N LYS V 284 15.25 17.43 -100.99
CA LYS V 284 15.95 18.51 -100.31
C LYS V 284 15.73 18.52 -98.81
N SER V 285 14.48 18.53 -98.36
CA SER V 285 14.16 18.67 -96.94
C SER V 285 13.05 17.71 -96.54
N ALA V 286 13.20 16.44 -96.92
CA ALA V 286 12.17 15.45 -96.62
C ALA V 286 11.98 15.29 -95.12
N SER V 287 13.00 14.77 -94.45
CA SER V 287 12.99 14.59 -92.99
C SER V 287 11.74 13.85 -92.53
N PHE V 288 11.37 12.78 -93.26
CA PHE V 288 10.25 11.97 -92.84
C PHE V 288 10.53 11.27 -91.51
N ASP V 289 9.51 10.57 -91.01
CA ASP V 289 9.63 9.69 -89.85
C ASP V 289 8.82 8.43 -90.20
N VAL V 290 9.49 7.45 -90.80
CA VAL V 290 8.81 6.30 -91.36
C VAL V 290 9.00 5.09 -90.44
N ASP V 291 8.20 4.05 -90.69
CA ASP V 291 8.28 2.79 -89.96
C ASP V 291 8.34 1.67 -90.98
N ALA V 292 9.56 1.32 -91.42
CA ALA V 292 9.74 0.33 -92.48
C ALA V 292 10.01 -1.03 -91.85
N ALA V 293 8.99 -1.89 -91.87
CA ALA V 293 9.12 -3.30 -91.54
C ALA V 293 8.85 -4.05 -92.85
N GLY V 294 9.89 -4.23 -93.65
CA GLY V 294 9.72 -4.68 -95.01
C GLY V 294 9.41 -3.51 -95.92
N LYS V 295 8.15 -3.36 -96.31
CA LYS V 295 7.72 -2.18 -97.04
C LYS V 295 7.76 -0.95 -96.13
N ILE V 296 8.20 0.17 -96.69
CA ILE V 296 8.33 1.39 -95.91
C ILE V 296 6.96 2.03 -95.74
N THR V 297 6.61 2.34 -94.48
CA THR V 297 5.34 2.97 -94.16
C THR V 297 5.58 4.11 -93.18
N ILE V 298 4.61 5.02 -93.11
CA ILE V 298 4.66 6.15 -92.21
C ILE V 298 3.74 5.84 -91.03
N GLY V 299 3.92 6.56 -89.93
CA GLY V 299 3.08 6.35 -88.77
C GLY V 299 1.62 6.54 -89.10
N GLY V 300 0.87 5.44 -89.15
CA GLY V 300 -0.53 5.46 -89.49
C GLY V 300 -0.87 5.46 -90.96
N ASN V 301 0.12 5.29 -91.84
CA ASN V 301 -0.15 5.35 -93.27
C ASN V 301 0.92 4.59 -94.04
N ALA V 302 0.64 4.32 -95.31
CA ALA V 302 1.58 3.69 -96.23
C ALA V 302 2.09 4.71 -97.21
N ALA V 303 3.41 4.71 -97.44
CA ALA V 303 4.08 5.72 -98.24
C ALA V 303 4.56 5.12 -99.56
N PHE V 304 4.17 5.75 -100.66
CA PHE V 304 4.66 5.40 -101.98
C PHE V 304 5.81 6.33 -102.36
N LEU V 305 6.25 6.26 -103.63
CA LEU V 305 7.41 7.03 -104.06
C LEU V 305 7.18 7.59 -105.46
N ASN V 306 7.35 8.91 -105.60
CA ASN V 306 7.31 9.57 -106.89
C ASN V 306 8.73 9.72 -107.42
N ALA V 307 8.92 9.53 -108.73
CA ALA V 307 10.24 9.36 -109.29
C ALA V 307 10.39 10.13 -110.61
N ASP V 308 11.64 10.12 -111.09
CA ASP V 308 12.06 10.51 -112.43
C ASP V 308 12.05 12.01 -112.68
N GLY V 309 11.50 12.79 -111.75
CA GLY V 309 11.78 14.22 -111.72
C GLY V 309 12.71 14.53 -110.58
N GLU V 310 12.32 14.02 -109.41
CA GLU V 310 13.12 14.06 -108.19
C GLU V 310 12.52 13.01 -107.28
N LEU V 311 13.30 11.99 -106.93
CA LEU V 311 12.74 10.83 -106.24
C LEU V 311 12.39 11.23 -104.81
N THR V 312 11.11 11.49 -104.58
CA THR V 312 10.57 11.86 -103.28
C THR V 312 9.61 10.79 -102.79
N THR V 313 9.48 10.71 -101.48
CA THR V 313 8.56 9.77 -100.84
C THR V 313 7.19 10.43 -100.71
N ASN V 314 6.16 9.77 -101.21
CA ASN V 314 4.81 10.33 -101.21
C ASN V 314 3.85 9.30 -100.68
N ASP V 315 3.23 9.59 -99.54
CA ASP V 315 2.10 8.78 -99.10
C ASP V 315 0.90 8.97 -100.01
N ALA V 316 0.88 10.05 -100.79
CA ALA V 316 -0.12 10.24 -101.84
C ALA V 316 0.30 9.43 -103.05
N SER V 317 -0.40 8.33 -103.30
CA SER V 317 -0.08 7.48 -104.43
C SER V 317 -0.30 8.21 -105.75
N GLY V 318 0.59 7.96 -106.71
CA GLY V 318 0.49 8.53 -108.03
C GLY V 318 0.24 7.45 -109.08
N ALA V 319 0.21 7.89 -110.33
CA ALA V 319 -0.05 6.97 -111.42
C ALA V 319 1.09 5.98 -111.62
N LEU V 320 2.32 6.39 -111.32
CA LEU V 320 3.51 5.58 -111.56
C LEU V 320 4.34 5.44 -110.30
N THR V 321 3.69 5.24 -109.16
CA THR V 321 4.35 5.21 -107.87
C THR V 321 4.44 3.79 -107.33
N GLN V 322 5.50 3.53 -106.56
CA GLN V 322 5.73 2.25 -105.93
C GLN V 322 6.14 2.48 -104.48
N ALA V 323 5.95 1.45 -103.65
CA ALA V 323 6.17 1.55 -102.21
C ALA V 323 6.98 0.35 -101.73
N THR V 324 8.25 0.58 -101.39
CA THR V 324 9.08 -0.44 -100.75
C THR V 324 10.34 0.23 -100.23
N LEU V 325 11.06 -0.50 -99.36
CA LEU V 325 12.32 0.00 -98.82
C LEU V 325 13.38 0.12 -99.90
N ASP V 326 13.41 -0.84 -100.83
CA ASP V 326 14.43 -0.84 -101.87
C ASP V 326 14.34 0.43 -102.72
N ASP V 327 13.12 0.86 -103.06
CA ASP V 327 12.97 2.08 -103.86
C ASP V 327 13.49 3.30 -103.12
N VAL V 328 13.21 3.39 -101.82
CA VAL V 328 13.68 4.53 -101.03
C VAL V 328 15.21 4.51 -100.94
N LEU V 329 15.79 3.32 -100.73
CA LEU V 329 17.24 3.22 -100.68
C LEU V 329 17.87 3.59 -102.01
N THR V 330 17.26 3.18 -103.11
CA THR V 330 17.76 3.57 -104.43
C THR V 330 17.66 5.08 -104.63
N SER V 331 16.55 5.67 -104.20
CA SER V 331 16.38 7.12 -104.31
C SER V 331 17.48 7.85 -103.55
N VAL V 332 17.80 7.39 -102.34
CA VAL V 332 18.86 8.00 -101.56
C VAL V 332 20.20 7.78 -102.23
N GLY V 333 20.42 6.60 -102.81
CA GLY V 333 21.72 6.27 -103.37
C GLY V 333 21.92 6.60 -104.82
N THR V 334 20.89 6.47 -105.64
CA THR V 334 21.01 6.63 -107.08
C THR V 334 20.53 7.98 -107.59
N GLU V 335 19.32 8.37 -107.22
CA GLU V 335 18.70 9.60 -107.73
C GLU V 335 18.65 10.71 -106.70
N ALA V 336 19.57 10.70 -105.74
CA ALA V 336 19.60 11.75 -104.73
C ALA V 336 19.86 13.11 -105.35
N ASN V 337 20.93 13.22 -106.16
CA ASN V 337 21.32 14.44 -106.85
C ASN V 337 21.52 15.61 -105.89
N SER V 338 21.69 15.34 -104.61
CA SER V 338 21.84 16.37 -103.59
C SER V 338 22.26 15.70 -102.29
N SER V 339 22.36 16.50 -101.23
CA SER V 339 22.73 16.00 -99.91
C SER V 339 21.52 15.28 -99.33
N VAL V 340 21.39 14.02 -99.70
CA VAL V 340 20.28 13.16 -99.26
C VAL V 340 20.83 12.12 -98.30
N THR V 341 20.19 11.97 -97.15
CA THR V 341 20.66 11.07 -96.12
C THR V 341 19.51 10.25 -95.56
N ILE V 342 19.86 9.15 -94.90
CA ILE V 342 18.91 8.34 -94.15
C ILE V 342 19.29 8.46 -92.67
N GLY V 343 18.42 9.08 -91.89
CA GLY V 343 18.66 9.28 -90.48
C GLY V 343 18.25 8.14 -89.57
N GLY V 344 17.84 7.01 -90.14
CA GLY V 344 17.37 5.91 -89.33
C GLY V 344 18.48 5.20 -88.58
N THR V 345 18.09 4.58 -87.47
CA THR V 345 19.00 3.79 -86.63
C THR V 345 20.23 4.60 -86.22
N LYS V 346 20.01 5.87 -85.85
CA LYS V 346 21.05 6.74 -85.31
C LYS V 346 22.23 6.88 -86.26
N TYR V 347 21.98 6.78 -87.56
CA TYR V 347 23.00 6.95 -88.58
C TYR V 347 22.61 8.09 -89.51
N SER V 348 23.50 8.40 -90.44
CA SER V 348 23.22 9.39 -91.48
C SER V 348 23.99 8.99 -92.73
N HIS V 349 23.33 8.21 -93.60
CA HIS V 349 23.94 7.76 -94.85
C HIS V 349 23.76 8.84 -95.92
N SER V 350 24.50 9.92 -95.72
CA SER V 350 24.42 11.04 -96.66
C SER V 350 24.95 10.64 -98.03
N ALA V 351 24.23 11.05 -99.07
CA ALA V 351 24.65 10.80 -100.44
C ALA V 351 25.65 11.87 -100.83
N ALA V 352 26.93 11.62 -100.51
CA ALA V 352 27.97 12.58 -100.85
C ALA V 352 28.07 12.77 -102.36
N ASP V 353 28.00 11.67 -103.12
CA ASP V 353 27.96 11.73 -104.57
C ASP V 353 26.80 10.88 -105.06
N GLU V 354 25.95 11.46 -105.90
CA GLU V 354 24.83 10.73 -106.45
C GLU V 354 25.28 9.89 -107.64
N LEU V 355 24.37 9.07 -108.15
CA LEU V 355 24.61 8.26 -109.34
C LEU V 355 24.06 9.00 -110.55
N SER V 356 24.94 9.54 -111.36
CA SER V 356 24.58 10.05 -112.67
C SER V 356 24.51 8.95 -113.72
N TYR V 357 24.58 7.69 -113.28
CA TYR V 357 24.58 6.48 -114.10
C TYR V 357 25.84 6.39 -114.96
N THR V 358 26.77 7.33 -114.82
CA THR V 358 28.10 7.24 -115.41
C THR V 358 29.18 7.18 -114.33
N ALA V 359 29.15 8.10 -113.39
CA ALA V 359 30.06 8.09 -112.24
C ALA V 359 29.38 7.41 -111.07
N VAL V 360 30.14 6.57 -110.36
CA VAL V 360 29.58 5.76 -109.28
C VAL V 360 29.16 6.67 -108.13
N ALA V 361 28.02 6.34 -107.52
CA ALA V 361 27.47 7.12 -106.42
C ALA V 361 28.23 6.85 -105.13
N THR V 362 28.12 7.79 -104.20
CA THR V 362 28.73 7.67 -102.88
C THR V 362 27.67 7.94 -101.82
N THR V 363 27.60 7.06 -100.83
CA THR V 363 26.67 7.18 -99.71
C THR V 363 27.43 7.13 -98.40
N ALA V 364 28.50 7.92 -98.31
CA ALA V 364 29.37 7.90 -97.16
C ALA V 364 28.60 8.19 -95.88
N ASP V 365 28.90 7.42 -94.84
CA ASP V 365 28.28 7.58 -93.53
C ASP V 365 29.38 7.55 -92.47
N VAL V 366 29.11 8.22 -91.35
CA VAL V 366 29.97 8.11 -90.18
C VAL V 366 29.57 6.82 -89.46
N LEU V 367 30.27 5.72 -89.77
CA LEU V 367 29.91 4.44 -89.20
C LEU V 367 30.48 4.24 -87.80
N SER V 368 31.74 4.63 -87.58
CA SER V 368 32.45 4.41 -86.32
C SER V 368 32.51 2.93 -85.95
N ALA V 369 32.32 2.04 -86.94
CA ALA V 369 32.37 0.62 -86.68
C ALA V 369 33.76 0.15 -86.29
N MET V 370 34.78 0.97 -86.55
CA MET V 370 36.16 0.67 -86.20
C MET V 370 36.52 1.30 -84.84
N GLY V 371 35.51 1.49 -83.98
CA GLY V 371 35.64 2.37 -82.84
C GLY V 371 36.58 1.89 -81.75
N SER V 372 36.63 0.59 -81.51
CA SER V 372 37.37 0.06 -80.37
C SER V 372 38.82 0.51 -80.43
N SER V 373 39.32 1.02 -79.29
CA SER V 373 40.70 1.50 -79.24
C SER V 373 41.69 0.38 -79.51
N THR V 374 41.41 -0.82 -78.98
CA THR V 374 42.24 -1.98 -79.30
C THR V 374 42.20 -2.29 -80.78
N ALA V 375 41.02 -2.16 -81.41
CA ALA V 375 40.92 -2.36 -82.85
C ALA V 375 41.77 -1.36 -83.61
N VAL V 376 41.74 -0.10 -83.19
CA VAL V 376 42.56 0.91 -83.87
C VAL V 376 44.03 0.61 -83.68
N SER V 377 44.41 0.12 -82.50
CA SER V 377 45.78 -0.31 -82.30
C SER V 377 46.14 -1.44 -83.25
N THR V 378 45.22 -2.39 -83.46
CA THR V 378 45.48 -3.47 -84.40
C THR V 378 45.71 -2.93 -85.81
N VAL V 379 44.83 -2.05 -86.26
CA VAL V 379 44.91 -1.59 -87.65
C VAL V 379 46.16 -0.74 -87.86
N THR V 380 46.53 0.07 -86.86
CA THR V 380 47.73 0.88 -86.98
C THR V 380 49.00 0.08 -86.73
N LEU V 381 48.90 -1.11 -86.16
CA LEU V 381 50.06 -1.96 -85.96
C LEU V 381 50.35 -2.83 -87.18
N GLY V 382 49.30 -3.39 -87.78
CA GLY V 382 49.47 -4.27 -88.93
C GLY V 382 49.21 -3.58 -90.26
N SER V 383 49.28 -2.26 -90.27
CA SER V 383 49.03 -1.51 -91.49
C SER V 383 50.16 -1.73 -92.50
N GLY V 384 49.89 -1.36 -93.74
CA GLY V 384 50.87 -1.51 -94.80
C GLY V 384 51.89 -0.39 -94.80
N ILE V 385 52.19 0.17 -95.97
CA ILE V 385 53.10 1.31 -96.07
C ILE V 385 52.30 2.57 -95.76
N THR V 386 52.27 2.96 -94.50
CA THR V 386 51.44 4.05 -94.02
C THR V 386 52.27 5.11 -93.32
N SER V 387 51.62 6.23 -93.01
CA SER V 387 52.22 7.33 -92.28
C SER V 387 51.24 7.89 -91.27
N ALA V 388 50.56 7.01 -90.54
CA ALA V 388 49.51 7.42 -89.63
C ALA V 388 50.08 8.27 -88.50
N ALA V 389 49.30 9.28 -88.08
CA ALA V 389 49.72 10.23 -87.07
C ALA V 389 48.62 10.44 -86.05
N VAL V 390 49.01 10.86 -84.85
CA VAL V 390 48.10 11.07 -83.73
C VAL V 390 48.22 12.49 -83.24
N THR V 391 47.10 13.20 -83.19
CA THR V 391 46.97 14.46 -82.45
C THR V 391 46.26 14.15 -81.14
N PHE V 392 46.93 14.42 -80.02
CA PHE V 392 46.44 13.93 -78.74
C PHE V 392 46.54 14.97 -77.63
N ALA V 393 46.54 16.26 -77.95
CA ALA V 393 46.64 17.28 -76.92
C ALA V 393 45.92 18.54 -77.39
N ILE V 394 45.60 19.39 -76.42
CA ILE V 394 44.88 20.62 -76.73
C ILE V 394 45.82 21.60 -77.43
N ALA V 395 45.23 22.58 -78.11
CA ALA V 395 45.97 23.43 -79.04
C ALA V 395 47.17 24.12 -78.38
N THR V 396 47.07 24.47 -77.10
CA THR V 396 48.19 25.10 -76.43
C THR V 396 49.33 24.12 -76.18
N THR V 397 49.01 22.82 -76.12
CA THR V 397 50.02 21.79 -75.90
C THR V 397 49.98 20.72 -76.98
N ASP V 398 49.36 21.02 -78.12
CA ASP V 398 49.10 20.01 -79.13
C ASP V 398 50.40 19.51 -79.76
N SER V 399 50.36 18.30 -80.28
CA SER V 399 51.50 17.70 -80.94
C SER V 399 51.01 16.64 -81.92
N ASN V 400 51.89 16.25 -82.82
CA ASN V 400 51.63 15.18 -83.78
C ASN V 400 52.75 14.17 -83.70
N ASN V 401 52.38 12.88 -83.67
CA ASN V 401 53.33 11.80 -83.60
C ASN V 401 53.26 10.99 -84.89
N THR V 402 54.39 10.88 -85.58
CA THR V 402 54.48 10.13 -86.83
C THR V 402 55.41 8.94 -86.60
N TRP V 403 54.94 7.75 -86.97
CA TRP V 403 55.65 6.51 -86.69
C TRP V 403 55.79 5.66 -87.95
N VAL V 404 56.37 4.48 -87.75
CA VAL V 404 56.70 3.59 -88.85
C VAL V 404 55.42 3.12 -89.55
N ASP V 405 55.57 2.69 -90.81
CA ASP V 405 54.43 2.24 -91.58
C ASP V 405 53.71 1.08 -90.90
N ASN V 406 54.46 0.18 -90.25
CA ASN V 406 53.85 -1.02 -89.70
C ASN V 406 54.42 -1.39 -88.34
N LYS V 407 54.86 -0.41 -87.54
CA LYS V 407 55.44 -0.74 -86.25
C LYS V 407 54.79 0.02 -85.11
N GLY V 408 54.34 1.25 -85.37
CA GLY V 408 53.87 2.12 -84.32
C GLY V 408 54.95 2.91 -83.61
N GLU V 409 56.22 2.62 -83.90
CA GLU V 409 57.32 3.26 -83.19
C GLU V 409 57.64 4.62 -83.83
N LEU V 410 57.63 5.67 -83.00
CA LEU V 410 58.02 6.99 -83.46
C LEU V 410 59.51 7.01 -83.72
N THR V 411 59.89 7.08 -85.01
CA THR V 411 61.31 7.08 -85.36
C THR V 411 62.03 8.31 -84.81
N ASP V 412 61.42 9.48 -84.97
CA ASP V 412 62.05 10.74 -84.58
C ASP V 412 61.69 11.19 -83.18
N ILE V 413 60.77 10.51 -82.52
CA ILE V 413 60.32 10.89 -81.18
C ILE V 413 60.56 9.72 -80.24
N GLN V 414 61.27 9.99 -79.15
CA GLN V 414 61.63 8.97 -78.17
C GLN V 414 61.02 9.34 -76.82
N THR V 415 61.33 8.54 -75.80
CA THR V 415 60.88 8.78 -74.44
C THR V 415 62.07 8.67 -73.50
N PHE V 416 62.20 9.60 -72.57
CA PHE V 416 63.16 9.44 -71.48
C PHE V 416 62.57 8.52 -70.42
N ASP V 417 63.23 8.45 -69.26
CA ASP V 417 62.70 7.69 -68.15
C ASP V 417 61.40 8.28 -67.60
N THR V 418 61.05 9.51 -67.97
CA THR V 418 59.86 10.16 -67.45
C THR V 418 58.85 10.51 -68.53
N SER V 419 59.27 11.14 -69.63
CA SER V 419 58.32 11.72 -70.57
C SER V 419 58.86 11.58 -71.98
N TYR V 420 58.07 12.07 -72.94
CA TYR V 420 58.41 11.98 -74.36
C TYR V 420 59.43 13.06 -74.71
N LYS V 421 60.46 12.70 -75.46
CA LYS V 421 61.47 13.65 -75.89
C LYS V 421 61.95 13.34 -77.30
N ILE V 422 62.56 14.33 -77.93
CA ILE V 422 62.99 14.22 -79.32
C ILE V 422 64.43 13.72 -79.33
N ASN V 423 64.98 13.42 -78.16
CA ASN V 423 66.36 12.98 -78.02
C ASN V 423 66.40 11.46 -77.89
N ALA V 424 67.05 10.80 -78.84
CA ALA V 424 67.12 9.34 -78.82
C ALA V 424 68.10 8.84 -77.77
N ASP V 425 69.18 9.57 -77.53
CA ASP V 425 70.20 9.13 -76.57
C ASP V 425 70.76 10.35 -75.87
N THR V 426 70.69 10.35 -74.54
CA THR V 426 71.30 11.43 -73.76
C THR V 426 72.81 11.44 -73.96
N GLY V 427 73.45 10.30 -73.74
CA GLY V 427 74.88 10.17 -74.02
C GLY V 427 75.77 11.11 -73.24
N GLU V 428 75.51 11.28 -71.94
CA GLU V 428 76.37 12.12 -71.13
C GLU V 428 77.74 11.49 -70.97
N VAL V 429 78.74 12.33 -70.77
CA VAL V 429 80.13 11.92 -70.72
C VAL V 429 80.67 12.12 -69.31
N THR V 430 81.26 11.08 -68.75
CA THR V 430 81.83 11.12 -67.41
C THR V 430 83.33 10.96 -67.47
N VAL V 431 84.05 11.84 -66.77
CA VAL V 431 85.50 11.79 -66.70
C VAL V 431 85.91 11.30 -65.32
N VAL V 432 86.87 10.38 -65.28
CA VAL V 432 87.31 9.74 -64.04
C VAL V 432 88.66 10.31 -63.65
N GLY V 433 88.74 10.80 -62.41
CA GLY V 433 90.01 11.31 -61.92
C GLY V 433 91.06 10.21 -61.83
N ASP V 434 92.31 10.61 -62.04
CA ASP V 434 93.41 9.63 -62.03
C ASP V 434 93.93 9.42 -60.61
N ASN V 435 94.32 10.50 -59.93
CA ASN V 435 94.84 10.40 -58.57
C ASN V 435 93.75 10.16 -57.53
N SER V 436 92.49 10.31 -57.91
CA SER V 436 91.38 10.10 -57.00
C SER V 436 90.33 9.23 -57.69
N ALA V 437 89.72 8.33 -56.93
CA ALA V 437 88.72 7.43 -57.48
C ALA V 437 87.47 8.16 -57.96
N THR V 438 87.26 9.41 -57.52
CA THR V 438 86.07 10.14 -57.90
C THR V 438 86.03 10.39 -59.41
N ALA V 439 84.83 10.37 -59.96
CA ALA V 439 84.61 10.60 -61.39
C ALA V 439 83.84 11.90 -61.57
N GLY V 440 84.40 12.80 -62.38
CA GLY V 440 83.73 14.05 -62.69
C GLY V 440 82.73 13.90 -63.81
N GLN V 441 82.11 15.03 -64.17
CA GLN V 441 81.15 15.08 -65.27
C GLN V 441 81.73 15.92 -66.39
N TYR V 442 81.86 15.33 -67.58
CA TYR V 442 82.27 16.08 -68.77
C TYR V 442 81.03 16.47 -69.56
N ALA V 443 80.26 17.37 -68.97
CA ALA V 443 78.99 17.79 -69.53
C ALA V 443 78.64 19.17 -68.95
N SER V 444 77.38 19.58 -69.09
CA SER V 444 76.94 20.86 -68.55
C SER V 444 77.13 20.93 -67.04
N ALA V 445 77.10 19.80 -66.35
CA ALA V 445 77.43 19.79 -64.92
C ALA V 445 78.86 20.25 -64.69
N ASP V 446 79.80 19.70 -65.47
CA ASP V 446 81.19 20.18 -65.55
C ASP V 446 81.84 20.22 -64.18
N GLY V 447 82.02 19.04 -63.61
CA GLY V 447 82.74 18.88 -62.36
C GLY V 447 81.92 18.39 -61.19
N ALA V 448 80.59 18.37 -61.29
CA ALA V 448 79.79 17.80 -60.22
C ALA V 448 80.05 16.31 -60.11
N LYS V 449 80.51 15.88 -58.93
CA LYS V 449 80.87 14.48 -58.74
C LYS V 449 79.67 13.57 -58.96
N VAL V 450 79.88 12.51 -59.72
CA VAL V 450 78.82 11.56 -60.06
C VAL V 450 78.74 10.51 -58.96
N LEU V 451 77.52 10.03 -58.69
CA LEU V 451 77.30 9.03 -57.67
C LEU V 451 76.30 8.00 -58.17
N VAL V 452 76.38 6.80 -57.61
CA VAL V 452 75.46 5.72 -57.93
C VAL V 452 74.35 5.71 -56.88
N GLY V 453 73.12 5.95 -57.32
CA GLY V 453 72.00 6.03 -56.41
C GLY V 453 71.52 4.67 -55.96
N SER V 454 70.53 4.69 -55.06
CA SER V 454 69.93 3.47 -54.54
C SER V 454 69.23 2.73 -55.67
N ASP V 455 69.83 1.62 -56.10
CA ASP V 455 69.34 0.83 -57.24
C ASP V 455 69.26 1.65 -58.51
N GLY V 456 69.93 2.80 -58.55
CA GLY V 456 69.95 3.65 -59.72
C GLY V 456 71.19 3.42 -60.56
N LYS V 457 71.10 3.80 -61.83
CA LYS V 457 72.24 3.66 -62.73
C LYS V 457 73.42 4.52 -62.25
N LEU V 458 73.25 5.84 -62.28
CA LEU V 458 74.22 6.79 -61.77
C LEU V 458 73.59 8.17 -61.77
N THR V 459 73.77 8.91 -60.69
CA THR V 459 73.15 10.22 -60.52
C THR V 459 74.22 11.24 -60.15
N THR V 460 73.80 12.49 -60.04
CA THR V 460 74.71 13.59 -59.74
C THR V 460 74.62 14.09 -58.31
N GLU V 461 73.42 14.15 -57.74
CA GLU V 461 73.26 14.63 -56.38
C GLU V 461 73.61 13.53 -55.40
N THR V 462 74.25 13.89 -54.30
CA THR V 462 74.92 12.93 -53.43
C THR V 462 73.95 12.01 -52.69
N THR V 463 72.67 12.34 -52.62
CA THR V 463 71.74 11.53 -51.84
C THR V 463 70.58 11.04 -52.68
N SER V 464 69.59 10.43 -52.03
CA SER V 464 68.39 9.97 -52.68
C SER V 464 67.32 9.71 -51.61
N ALA V 465 66.08 9.54 -52.07
CA ALA V 465 64.95 9.39 -51.17
C ALA V 465 65.13 8.15 -50.28
N GLY V 466 64.77 8.30 -49.01
CA GLY V 466 64.85 7.22 -48.06
C GLY V 466 63.66 6.28 -48.17
N ASP V 467 63.48 5.46 -47.14
CA ASP V 467 62.42 4.47 -47.14
C ASP V 467 61.39 4.65 -46.05
N LYS V 468 61.60 5.55 -45.06
CA LYS V 468 60.46 6.02 -44.23
C LYS V 468 59.55 6.93 -45.04
N THR V 469 58.35 7.15 -44.51
CA THR V 469 57.47 8.17 -45.07
C THR V 469 58.12 9.54 -44.92
N THR V 470 57.98 10.37 -45.96
CA THR V 470 58.70 11.64 -45.99
C THR V 470 58.28 12.54 -44.84
N ASP V 471 56.98 12.72 -44.65
CA ASP V 471 56.45 13.56 -43.58
C ASP V 471 55.39 12.76 -42.83
N PRO V 472 55.80 11.93 -41.87
CA PRO V 472 54.82 11.08 -41.19
C PRO V 472 53.73 11.85 -40.47
N LEU V 473 54.07 12.99 -39.87
CA LEU V 473 53.07 13.72 -39.09
C LEU V 473 52.02 14.37 -39.99
N LYS V 474 52.41 14.82 -41.18
CA LYS V 474 51.42 15.33 -42.12
C LYS V 474 50.43 14.24 -42.53
N THR V 475 50.93 13.05 -42.85
CA THR V 475 50.03 11.96 -43.22
C THR V 475 49.13 11.58 -42.05
N LEU V 476 49.68 11.55 -40.84
CA LEU V 476 48.87 11.23 -39.67
C LEU V 476 47.80 12.28 -39.43
N ASP V 477 48.14 13.56 -39.60
CA ASP V 477 47.15 14.61 -39.45
C ASP V 477 46.07 14.52 -40.53
N ALA V 478 46.45 14.13 -41.74
CA ALA V 478 45.45 13.89 -42.78
C ALA V 478 44.52 12.75 -42.37
N ALA V 479 45.07 11.69 -41.80
CA ALA V 479 44.24 10.60 -41.29
C ALA V 479 43.31 11.09 -40.19
N PHE V 480 43.80 11.93 -39.29
CA PHE V 480 42.95 12.53 -38.27
C PHE V 480 41.81 13.32 -38.90
N THR V 481 42.12 14.12 -39.92
CA THR V 481 41.08 14.92 -40.54
C THR V 481 40.01 14.04 -41.16
N LYS V 482 40.43 12.99 -41.87
CA LYS V 482 39.45 12.09 -42.50
C LYS V 482 38.60 11.37 -41.46
N LEU V 483 39.25 10.80 -40.44
CA LEU V 483 38.51 10.06 -39.42
C LEU V 483 37.57 10.96 -38.65
N ASP V 484 38.04 12.16 -38.29
CA ASP V 484 37.17 13.09 -37.57
C ASP V 484 36.02 13.57 -38.43
N LYS V 485 36.25 13.74 -39.74
CA LYS V 485 35.13 14.09 -40.63
C LYS V 485 34.07 13.00 -40.62
N LEU V 486 34.50 11.73 -40.70
CA LEU V 486 33.50 10.67 -40.69
C LEU V 486 32.81 10.55 -39.33
N THR V 487 33.56 10.71 -38.23
CA THR V 487 32.92 10.64 -36.91
C THR V 487 31.93 11.78 -36.73
N GLY V 488 32.27 12.98 -37.21
CA GLY V 488 31.34 14.08 -37.14
C GLY V 488 30.09 13.84 -37.97
N GLU V 489 30.26 13.23 -39.15
CA GLU V 489 29.09 12.89 -39.95
C GLU V 489 28.19 11.90 -39.22
N LEU V 490 28.78 10.88 -38.60
CA LEU V 490 27.98 9.91 -37.86
C LEU V 490 27.31 10.54 -36.64
N GLY V 491 28.00 11.46 -35.96
CA GLY V 491 27.38 12.16 -34.86
C GLY V 491 26.21 13.01 -35.31
N ALA V 492 26.37 13.68 -36.45
CA ALA V 492 25.27 14.47 -37.00
C ALA V 492 24.07 13.60 -37.34
N VAL V 493 24.32 12.45 -37.99
CA VAL V 493 23.21 11.59 -38.34
C VAL V 493 22.58 10.98 -37.09
N GLN V 494 23.37 10.74 -36.04
CA GLN V 494 22.81 10.23 -34.79
C GLN V 494 21.89 11.26 -34.14
N ASN V 495 22.33 12.52 -34.08
CA ASN V 495 21.47 13.57 -33.55
C ASN V 495 20.19 13.70 -34.38
N ARG V 496 20.35 13.69 -35.71
CA ARG V 496 19.17 13.77 -36.56
C ARG V 496 18.23 12.60 -36.34
N LEU V 497 18.76 11.40 -36.14
CA LEU V 497 17.91 10.24 -35.98
C LEU V 497 17.16 10.29 -34.65
N GLU V 498 17.81 10.79 -33.60
CA GLU V 498 17.09 11.02 -32.35
C GLU V 498 15.96 12.02 -32.55
N SER V 499 16.24 13.10 -33.29
CA SER V 499 15.19 14.08 -33.57
C SER V 499 14.06 13.46 -34.40
N THR V 500 14.41 12.58 -35.34
CA THR V 500 13.38 11.91 -36.13
C THR V 500 12.50 11.04 -35.26
N ILE V 501 13.10 10.32 -34.31
CA ILE V 501 12.28 9.50 -33.42
C ILE V 501 11.35 10.38 -32.59
N ALA V 502 11.85 11.51 -32.09
CA ALA V 502 10.97 12.40 -31.34
C ALA V 502 9.81 12.90 -32.21
N ASN V 503 10.12 13.30 -33.45
CA ASN V 503 9.08 13.79 -34.35
C ASN V 503 8.06 12.71 -34.66
N LEU V 504 8.54 11.50 -34.99
CA LEU V 504 7.65 10.41 -35.31
C LEU V 504 6.79 10.02 -34.11
N ASN V 505 7.36 10.05 -32.90
CA ASN V 505 6.54 9.76 -31.72
C ASN V 505 5.43 10.79 -31.56
N ASN V 506 5.75 12.08 -31.73
CA ASN V 506 4.73 13.10 -31.63
C ASN V 506 3.64 12.90 -32.68
N VAL V 507 4.05 12.65 -33.92
CA VAL V 507 3.07 12.49 -35.00
C VAL V 507 2.24 11.23 -34.79
N VAL V 508 2.84 10.17 -34.26
CA VAL V 508 2.10 8.95 -33.99
C VAL V 508 1.04 9.19 -32.92
N ASN V 509 1.41 9.88 -31.85
CA ASN V 509 0.41 10.17 -30.82
C ASN V 509 -0.71 11.03 -31.36
N ASN V 510 -0.37 12.06 -32.13
CA ASN V 510 -1.40 12.93 -32.67
C ASN V 510 -2.32 12.20 -33.65
N LEU V 511 -1.75 11.32 -34.48
CA LEU V 511 -2.57 10.57 -35.42
C LEU V 511 -3.43 9.53 -34.69
N SER V 512 -2.91 8.95 -33.60
CA SER V 512 -3.71 8.05 -32.79
C SER V 512 -4.89 8.79 -32.18
N SER V 513 -4.66 10.02 -31.71
CA SER V 513 -5.77 10.85 -31.24
C SER V 513 -6.76 11.14 -32.36
N ALA V 514 -6.25 11.38 -33.57
CA ALA V 514 -7.15 11.61 -34.71
C ALA V 514 -8.03 10.40 -34.96
N ARG V 515 -7.43 9.21 -34.91
CA ARG V 515 -8.20 7.99 -35.08
C ARG V 515 -9.22 7.79 -33.96
N SER V 516 -8.84 8.15 -32.73
CA SER V 516 -9.77 8.05 -31.62
C SER V 516 -10.97 8.97 -31.82
N ARG V 517 -10.73 10.17 -32.32
CA ARG V 517 -11.80 11.15 -32.50
C ARG V 517 -12.85 10.68 -33.50
N ILE V 518 -12.52 9.72 -34.35
CA ILE V 518 -13.43 9.28 -35.40
C ILE V 518 -13.84 7.82 -35.27
N GLN V 519 -13.02 6.97 -34.66
CA GLN V 519 -13.25 5.53 -34.67
C GLN V 519 -13.66 4.97 -33.31
N ASP V 520 -13.00 5.41 -32.24
CA ASP V 520 -13.32 4.89 -30.92
C ASP V 520 -14.72 5.34 -30.49
N ALA V 521 -15.36 4.50 -29.69
CA ALA V 521 -16.72 4.76 -29.26
C ALA V 521 -16.75 5.55 -27.96
N ASP V 522 -17.68 6.49 -27.87
CA ASP V 522 -17.87 7.29 -26.66
C ASP V 522 -18.79 6.53 -25.73
N TYR V 523 -18.21 5.87 -24.73
CA TYR V 523 -18.98 5.02 -23.84
C TYR V 523 -20.04 5.80 -23.06
N ALA V 524 -19.79 7.08 -22.78
CA ALA V 524 -20.75 7.87 -22.02
C ALA V 524 -22.09 7.96 -22.75
N THR V 525 -22.06 8.19 -24.07
CA THR V 525 -23.29 8.25 -24.84
C THR V 525 -23.76 6.87 -25.30
N GLU V 526 -22.84 5.93 -25.52
CA GLU V 526 -23.25 4.60 -25.94
C GLU V 526 -24.04 3.89 -24.84
N VAL V 527 -23.60 4.04 -23.59
CA VAL V 527 -24.31 3.40 -22.48
C VAL V 527 -25.71 3.99 -22.32
N SER V 528 -25.82 5.31 -22.45
CA SER V 528 -27.14 5.94 -22.36
C SER V 528 -28.04 5.49 -23.50
N ASN V 529 -27.49 5.39 -24.71
CA ASN V 529 -28.28 4.89 -25.83
C ASN V 529 -28.74 3.46 -25.59
N MET V 530 -27.86 2.62 -25.03
CA MET V 530 -28.23 1.25 -24.71
C MET V 530 -29.33 1.21 -23.65
N SER V 531 -29.23 2.08 -22.64
CA SER V 531 -30.26 2.11 -21.60
C SER V 531 -31.61 2.52 -22.17
N LYS V 532 -31.61 3.56 -23.01
CA LYS V 532 -32.86 3.97 -23.64
C LYS V 532 -33.39 2.88 -24.55
N ALA V 533 -32.51 2.14 -25.22
CA ALA V 533 -32.96 1.04 -26.07
C ALA V 533 -33.60 -0.07 -25.24
N GLN V 534 -33.01 -0.41 -24.09
CA GLN V 534 -33.61 -1.42 -23.23
C GLN V 534 -34.96 -0.97 -22.71
N ILE V 535 -35.07 0.30 -22.33
CA ILE V 535 -36.34 0.82 -21.85
C ILE V 535 -37.39 0.76 -22.96
N LEU V 536 -37.00 1.17 -24.17
CA LEU V 536 -37.91 1.09 -25.31
C LEU V 536 -38.30 -0.35 -25.59
N GLN V 537 -37.38 -1.29 -25.37
CA GLN V 537 -37.68 -2.71 -25.61
C GLN V 537 -38.73 -3.22 -24.64
N GLN V 538 -38.54 -2.95 -23.34
CA GLN V 538 -39.52 -3.40 -22.35
C GLN V 538 -40.87 -2.74 -22.59
N ALA V 539 -40.86 -1.42 -22.87
CA ALA V 539 -42.12 -0.72 -23.15
C ALA V 539 -42.79 -1.28 -24.40
N GLY V 540 -42.00 -1.58 -25.43
CA GLY V 540 -42.57 -2.12 -26.65
C GLY V 540 -43.19 -3.49 -26.45
N THR V 541 -42.52 -4.35 -25.69
CA THR V 541 -43.10 -5.65 -25.39
C THR V 541 -44.41 -5.51 -24.63
N SER V 542 -44.43 -4.63 -23.63
CA SER V 542 -45.65 -4.45 -22.85
C SER V 542 -46.79 -3.92 -23.72
N VAL V 543 -46.53 -2.87 -24.51
CA VAL V 543 -47.57 -2.27 -25.32
C VAL V 543 -48.01 -3.24 -26.41
N LEU V 544 -47.10 -4.05 -26.94
CA LEU V 544 -47.48 -5.07 -27.90
C LEU V 544 -48.40 -6.09 -27.25
N ALA V 545 -48.13 -6.48 -26.01
CA ALA V 545 -49.03 -7.39 -25.32
C ALA V 545 -50.42 -6.76 -25.21
N GLN V 546 -50.51 -5.55 -24.65
CA GLN V 546 -51.82 -4.91 -24.48
C GLN V 546 -52.54 -4.74 -25.80
N ALA V 547 -51.81 -4.47 -26.89
CA ALA V 547 -52.42 -4.46 -28.21
C ALA V 547 -52.93 -5.84 -28.57
N ASN V 548 -52.26 -6.91 -28.11
CA ASN V 548 -52.74 -8.25 -28.39
C ASN V 548 -54.02 -8.58 -27.62
N GLN V 549 -54.22 -8.00 -26.43
CA GLN V 549 -55.53 -8.18 -25.78
C GLN V 549 -56.58 -7.20 -26.28
N VAL V 550 -56.25 -6.32 -27.22
CA VAL V 550 -57.25 -5.40 -27.77
C VAL V 550 -58.42 -6.14 -28.42
N PRO V 551 -58.21 -7.13 -29.30
CA PRO V 551 -59.36 -7.78 -29.93
C PRO V 551 -60.16 -8.71 -29.02
N GLN V 552 -59.66 -9.05 -27.83
CA GLN V 552 -60.43 -9.89 -26.93
C GLN V 552 -61.67 -9.19 -26.41
N THR V 553 -61.64 -7.85 -26.32
CA THR V 553 -62.86 -7.13 -25.97
C THR V 553 -63.97 -7.41 -26.96
N VAL V 554 -63.61 -7.67 -28.22
CA VAL V 554 -64.59 -8.15 -29.20
C VAL V 554 -65.16 -9.49 -28.77
N LEU V 555 -64.31 -10.36 -28.21
CA LEU V 555 -64.76 -11.67 -27.79
C LEU V 555 -65.43 -11.57 -26.43
N SER V 556 -66.36 -10.62 -26.29
CA SER V 556 -67.23 -10.53 -25.12
C SER V 556 -68.69 -10.64 -25.52
N LEU V 557 -69.15 -9.83 -26.45
CA LEU V 557 -70.48 -9.99 -27.02
C LEU V 557 -70.48 -11.17 -27.97
N LEU V 558 -71.55 -11.95 -27.93
CA LEU V 558 -71.66 -13.14 -28.76
C LEU V 558 -73.11 -13.46 -29.09
N ALA W 2 -36.68 -35.34 -20.83
CA ALA W 2 -37.90 -35.66 -20.10
C ALA W 2 -38.25 -34.57 -19.12
N ALA W 3 -39.55 -34.41 -18.85
CA ALA W 3 -40.06 -33.35 -17.99
C ALA W 3 -40.43 -33.88 -16.61
N VAL W 4 -39.64 -34.83 -16.11
CA VAL W 4 -39.92 -35.44 -14.82
C VAL W 4 -39.22 -34.66 -13.70
N ILE W 5 -39.78 -34.72 -12.51
CA ILE W 5 -39.27 -33.99 -11.36
C ILE W 5 -38.71 -34.89 -10.28
N ASN W 6 -38.99 -36.20 -10.34
CA ASN W 6 -38.60 -37.09 -9.24
C ASN W 6 -37.09 -37.16 -9.07
N THR W 7 -36.35 -37.23 -10.18
CA THR W 7 -34.89 -37.21 -10.13
C THR W 7 -34.36 -36.22 -11.14
N ASN W 8 -33.27 -35.55 -10.79
CA ASN W 8 -32.65 -34.54 -11.64
C ASN W 8 -31.23 -35.01 -11.95
N TYR W 9 -31.06 -35.61 -13.13
CA TYR W 9 -29.74 -36.10 -13.52
C TYR W 9 -28.74 -34.96 -13.66
N LEU W 10 -29.19 -33.81 -14.16
CA LEU W 10 -28.31 -32.65 -14.30
C LEU W 10 -27.78 -32.20 -12.95
N SER W 11 -28.66 -32.19 -11.93
CA SER W 11 -28.21 -31.83 -10.59
C SER W 11 -27.15 -32.80 -10.08
N LEU W 12 -27.34 -34.10 -10.33
CA LEU W 12 -26.37 -35.07 -9.88
C LEU W 12 -25.02 -34.88 -10.57
N VAL W 13 -25.04 -34.62 -11.88
CA VAL W 13 -23.79 -34.39 -12.61
C VAL W 13 -23.09 -33.15 -12.07
N ALA W 14 -23.87 -32.08 -11.84
CA ALA W 14 -23.29 -30.87 -11.28
C ALA W 14 -22.68 -31.12 -9.91
N GLN W 15 -23.35 -31.94 -9.08
CA GLN W 15 -22.80 -32.30 -7.78
C GLN W 15 -21.47 -33.04 -7.92
N ASN W 16 -21.39 -33.96 -8.87
CA ASN W 16 -20.14 -34.69 -9.08
C ASN W 16 -19.02 -33.74 -9.47
N ASN W 17 -19.27 -32.85 -10.43
CA ASN W 17 -18.23 -31.93 -10.85
C ASN W 17 -17.83 -30.99 -9.73
N LEU W 18 -18.81 -30.56 -8.92
CA LEU W 18 -18.50 -29.74 -7.76
C LEU W 18 -17.61 -30.47 -6.78
N ASN W 19 -17.88 -31.76 -6.55
CA ASN W 19 -17.05 -32.53 -5.62
C ASN W 19 -15.62 -32.69 -6.16
N LYS W 20 -15.48 -32.94 -7.46
CA LYS W 20 -14.13 -33.03 -8.03
C LYS W 20 -13.38 -31.72 -7.88
N SER W 21 -14.04 -30.60 -8.19
CA SER W 21 -13.39 -29.29 -8.03
C SER W 21 -13.02 -29.04 -6.58
N GLN W 22 -13.89 -29.45 -5.65
CA GLN W 22 -13.60 -29.23 -4.24
C GLN W 22 -12.43 -30.08 -3.77
N SER W 23 -12.31 -31.30 -4.27
CA SER W 23 -11.16 -32.12 -3.94
C SER W 23 -9.87 -31.49 -4.45
N SER W 24 -9.90 -30.96 -5.68
CA SER W 24 -8.74 -30.25 -6.19
C SER W 24 -8.40 -29.03 -5.34
N LEU W 25 -9.43 -28.30 -4.93
CA LEU W 25 -9.21 -27.14 -4.05
C LEU W 25 -8.60 -27.58 -2.74
N GLY W 26 -9.08 -28.69 -2.19
CA GLY W 26 -8.55 -29.16 -0.92
C GLY W 26 -7.09 -29.53 -1.00
N THR W 27 -6.71 -30.29 -2.03
CA THR W 27 -5.30 -30.66 -2.14
C THR W 27 -4.42 -29.45 -2.39
N ALA W 28 -4.88 -28.49 -3.21
CA ALA W 28 -4.10 -27.28 -3.42
C ALA W 28 -3.95 -26.48 -2.13
N ILE W 29 -5.02 -26.41 -1.34
CA ILE W 29 -4.98 -25.65 -0.09
C ILE W 29 -4.02 -26.30 0.89
N GLU W 30 -4.06 -27.63 1.00
CA GLU W 30 -3.10 -28.31 1.87
C GLU W 30 -1.67 -28.07 1.41
N ARG W 31 -1.42 -28.14 0.10
CA ARG W 31 -0.06 -27.95 -0.37
C ARG W 31 0.42 -26.52 -0.17
N LEU W 32 -0.48 -25.54 -0.20
CA LEU W 32 -0.08 -24.18 0.13
C LEU W 32 0.18 -24.02 1.63
N SER W 33 -0.72 -24.56 2.46
CA SER W 33 -0.60 -24.37 3.91
C SER W 33 0.64 -25.04 4.46
N SER W 34 0.85 -26.31 4.13
CA SER W 34 2.01 -27.01 4.64
C SER W 34 3.28 -26.57 3.93
N GLY W 35 3.17 -26.16 2.67
CA GLY W 35 4.34 -25.86 1.86
C GLY W 35 5.01 -27.09 1.29
N LEU W 36 4.49 -28.27 1.57
CA LEU W 36 5.07 -29.53 1.11
C LEU W 36 4.15 -30.12 0.06
N ARG W 37 4.66 -30.32 -1.15
CA ARG W 37 3.85 -30.93 -2.19
C ARG W 37 3.45 -32.35 -1.82
N ILE W 38 4.38 -33.11 -1.26
CA ILE W 38 4.14 -34.51 -0.91
C ILE W 38 3.92 -34.58 0.60
N ASN W 39 2.65 -34.46 1.01
CA ASN W 39 2.20 -34.81 2.34
C ASN W 39 0.94 -35.63 2.18
N SER W 40 0.68 -36.50 3.17
CA SER W 40 -0.40 -37.49 3.04
C SER W 40 -0.14 -38.38 1.82
N ALA W 41 0.86 -39.25 2.00
CA ALA W 41 1.63 -39.90 0.93
C ALA W 41 0.82 -40.36 -0.28
N LYS W 42 -0.49 -40.50 -0.14
CA LYS W 42 -1.37 -40.87 -1.25
C LYS W 42 -1.04 -40.13 -2.55
N ASP W 43 -0.48 -38.92 -2.44
CA ASP W 43 0.07 -38.24 -3.60
C ASP W 43 1.57 -38.53 -3.66
N ASP W 44 2.00 -39.17 -4.75
CA ASP W 44 3.42 -39.50 -4.97
C ASP W 44 3.97 -40.35 -3.81
N ALA W 45 3.43 -41.56 -3.69
CA ALA W 45 3.80 -42.43 -2.57
C ALA W 45 5.29 -42.69 -2.53
N ALA W 46 5.90 -42.96 -3.68
CA ALA W 46 7.36 -43.15 -3.73
C ALA W 46 8.09 -41.84 -3.46
N GLY W 47 7.48 -40.72 -3.81
CA GLY W 47 8.12 -39.44 -3.55
C GLY W 47 8.34 -39.21 -2.08
N MET W 48 7.37 -39.60 -1.23
CA MET W 48 7.56 -39.44 0.20
C MET W 48 8.66 -40.36 0.71
N ALA W 49 8.80 -41.55 0.14
CA ALA W 49 9.92 -42.41 0.54
C ALA W 49 11.26 -41.76 0.18
N ILE W 50 11.35 -41.18 -1.02
CA ILE W 50 12.58 -40.51 -1.43
C ILE W 50 12.88 -39.34 -0.49
N ALA W 51 11.85 -38.53 -0.20
CA ALA W 51 12.04 -37.37 0.66
C ALA W 51 12.38 -37.79 2.09
N ASN W 52 11.79 -38.88 2.57
CA ASN W 52 12.11 -39.40 3.89
C ASN W 52 13.57 -39.81 3.97
N ARG W 53 14.05 -40.53 2.94
CA ARG W 53 15.45 -40.91 2.91
C ARG W 53 16.35 -39.68 2.87
N PHE W 54 15.93 -38.66 2.11
CA PHE W 54 16.72 -37.43 2.03
C PHE W 54 16.77 -36.72 3.37
N THR W 55 15.65 -36.65 4.08
CA THR W 55 15.66 -36.01 5.39
C THR W 55 16.56 -36.77 6.35
N ALA W 56 16.46 -38.10 6.37
CA ALA W 56 17.34 -38.87 7.24
C ALA W 56 18.80 -38.61 6.91
N ASN W 57 19.15 -38.62 5.62
CA ASN W 57 20.54 -38.43 5.23
C ASN W 57 21.03 -37.03 5.58
N VAL W 58 20.24 -35.99 5.28
CA VAL W 58 20.70 -34.63 5.52
C VAL W 58 20.83 -34.36 7.02
N ARG W 59 19.88 -34.86 7.82
CA ARG W 59 19.93 -34.62 9.25
C ARG W 59 21.10 -35.35 9.88
N GLY W 60 21.30 -36.62 9.50
CA GLY W 60 22.46 -37.35 9.98
C GLY W 60 23.76 -36.70 9.56
N LEU W 61 23.80 -36.12 8.36
CA LEU W 61 25.03 -35.54 7.87
C LEU W 61 25.33 -34.22 8.59
N THR W 62 24.31 -33.43 8.89
CA THR W 62 24.52 -32.24 9.71
C THR W 62 25.02 -32.61 11.09
N GLN W 63 24.43 -33.65 11.70
CA GLN W 63 24.92 -34.09 13.00
C GLN W 63 26.35 -34.60 12.90
N ALA W 64 26.71 -35.23 11.77
CA ALA W 64 28.09 -35.64 11.55
C ALA W 64 29.01 -34.44 11.43
N ALA W 65 28.54 -33.35 10.83
CA ALA W 65 29.33 -32.13 10.80
C ALA W 65 29.57 -31.61 12.21
N ARG W 66 28.56 -31.69 13.08
CA ARG W 66 28.78 -31.33 14.48
C ARG W 66 29.83 -32.23 15.12
N ASN W 67 29.77 -33.54 14.83
CA ASN W 67 30.76 -34.45 15.38
C ASN W 67 32.17 -34.11 14.89
N ALA W 68 32.29 -33.74 13.62
CA ALA W 68 33.59 -33.32 13.07
C ALA W 68 34.09 -32.05 13.75
N ASN W 69 33.17 -31.13 14.06
CA ASN W 69 33.54 -29.93 14.81
C ASN W 69 34.07 -30.31 16.19
N ASP W 70 33.42 -31.28 16.84
CA ASP W 70 33.93 -31.78 18.12
C ASP W 70 35.33 -32.37 17.98
N GLY W 71 35.56 -33.12 16.91
CA GLY W 71 36.87 -33.67 16.67
C GLY W 71 37.93 -32.59 16.49
N ILE W 72 37.61 -31.54 15.74
CA ILE W 72 38.55 -30.43 15.57
C ILE W 72 38.82 -29.76 16.91
N SER W 73 37.79 -29.57 17.73
CA SER W 73 38.01 -28.93 19.02
C SER W 73 38.94 -29.77 19.90
N LEU W 74 38.72 -31.09 19.92
CA LEU W 74 39.58 -31.95 20.72
C LEU W 74 41.01 -31.92 20.19
N ALA W 75 41.17 -31.95 18.87
CA ALA W 75 42.51 -31.86 18.28
C ALA W 75 43.16 -30.53 18.62
N GLN W 76 42.37 -29.45 18.64
CA GLN W 76 42.90 -28.14 19.02
C GLN W 76 43.42 -28.15 20.44
N THR W 77 42.66 -28.72 21.38
CA THR W 77 43.11 -28.77 22.76
C THR W 77 44.40 -29.60 22.88
N THR W 78 44.42 -30.76 22.25
CA THR W 78 45.60 -31.61 22.33
C THR W 78 46.82 -30.94 21.72
N GLU W 79 46.64 -30.31 20.56
CA GLU W 79 47.73 -29.62 19.89
C GLU W 79 48.22 -28.44 20.71
N GLY W 80 47.30 -27.72 21.36
CA GLY W 80 47.70 -26.61 22.20
C GLY W 80 48.52 -27.05 23.40
N ALA W 81 48.10 -28.14 24.05
CA ALA W 81 48.89 -28.67 25.16
C ALA W 81 50.26 -29.12 24.68
N ALA W 82 50.33 -29.82 23.56
CA ALA W 82 51.61 -30.27 23.04
C ALA W 82 52.50 -29.11 22.64
N SER W 83 51.90 -28.00 22.18
CA SER W 83 52.69 -26.84 21.76
C SER W 83 53.46 -26.24 22.92
N GLU W 84 52.97 -26.37 24.14
CA GLU W 84 53.69 -25.82 25.28
C GLU W 84 54.56 -26.87 25.94
N VAL W 85 54.19 -28.15 25.85
CA VAL W 85 55.15 -29.19 26.19
C VAL W 85 56.39 -29.04 25.32
N ASN W 86 56.21 -28.54 24.10
CA ASN W 86 57.33 -28.25 23.23
C ASN W 86 58.24 -27.19 23.86
N THR W 87 57.66 -26.13 24.42
CA THR W 87 58.46 -25.10 25.07
C THR W 87 59.18 -25.66 26.29
N HIS W 88 58.51 -26.54 27.03
CA HIS W 88 59.18 -27.21 28.13
C HIS W 88 60.42 -27.98 27.67
N LEU W 89 60.27 -28.74 26.58
CA LEU W 89 61.42 -29.47 26.06
C LEU W 89 62.50 -28.54 25.56
N GLN W 90 62.12 -27.41 24.95
CA GLN W 90 63.12 -26.44 24.50
C GLN W 90 63.92 -25.90 25.68
N ARG W 91 63.24 -25.53 26.75
CA ARG W 91 63.95 -25.01 27.91
C ARG W 91 64.85 -26.07 28.53
N ILE W 92 64.35 -27.31 28.59
CA ILE W 92 65.16 -28.41 29.12
C ILE W 92 66.42 -28.59 28.27
N ARG W 93 66.27 -28.54 26.95
CA ARG W 93 67.43 -28.69 26.07
C ARG W 93 68.42 -27.55 26.25
N GLU W 94 67.93 -26.32 26.35
CA GLU W 94 68.82 -25.18 26.54
C GLU W 94 69.60 -25.31 27.84
N LEU W 95 68.92 -25.70 28.93
CA LEU W 95 69.61 -25.81 30.20
C LEU W 95 70.51 -27.05 30.25
N THR W 96 70.17 -28.10 29.49
CA THR W 96 71.09 -29.22 29.35
C THR W 96 72.37 -28.79 28.67
N VAL W 97 72.26 -27.97 27.63
CA VAL W 97 73.45 -27.43 26.99
C VAL W 97 74.24 -26.57 27.96
N GLN W 98 73.54 -25.77 28.77
CA GLN W 98 74.25 -24.90 29.70
C GLN W 98 74.98 -25.68 30.77
N ALA W 99 74.30 -26.64 31.39
CA ALA W 99 74.87 -27.37 32.52
C ALA W 99 75.88 -28.43 32.09
N SER W 100 75.89 -28.80 30.80
CA SER W 100 76.90 -29.72 30.32
C SER W 100 78.30 -29.12 30.30
N ASN W 101 78.40 -27.80 30.48
CA ASN W 101 79.69 -27.17 30.65
C ASN W 101 80.33 -27.63 31.94
N GLY W 102 81.66 -27.71 31.93
CA GLY W 102 82.38 -28.10 33.12
C GLY W 102 82.66 -26.97 34.10
N SER W 103 82.46 -25.72 33.69
CA SER W 103 82.75 -24.59 34.56
C SER W 103 81.77 -24.50 35.73
N TYR W 104 80.62 -25.14 35.63
CA TYR W 104 79.62 -25.08 36.71
C TYR W 104 79.96 -26.10 37.78
N SER W 105 80.03 -25.63 39.03
CA SER W 105 80.29 -26.54 40.13
C SER W 105 79.04 -27.33 40.46
N GLN W 106 79.15 -28.19 41.48
CA GLN W 106 78.06 -29.13 41.77
C GLN W 106 76.79 -28.41 42.22
N GLU W 107 76.93 -27.26 42.89
CA GLU W 107 75.74 -26.56 43.38
C GLU W 107 74.91 -25.98 42.23
N GLN W 108 75.57 -25.36 41.25
CA GLN W 108 74.84 -24.85 40.10
C GLN W 108 74.21 -25.98 39.29
N LEU W 109 74.91 -27.11 39.16
CA LEU W 109 74.31 -28.26 38.51
C LEU W 109 73.10 -28.75 39.28
N ASP W 110 73.15 -28.69 40.61
CA ASP W 110 71.99 -29.08 41.41
C ASP W 110 70.83 -28.13 41.18
N SER W 111 71.10 -26.84 41.07
CA SER W 111 70.03 -25.88 40.78
C SER W 111 69.40 -26.14 39.42
N VAL W 112 70.25 -26.38 38.42
CA VAL W 112 69.74 -26.70 37.08
C VAL W 112 68.91 -27.96 37.11
N GLN W 113 69.38 -28.98 37.85
CA GLN W 113 68.64 -30.22 37.98
C GLN W 113 67.31 -30.01 38.69
N GLY W 114 67.28 -29.16 39.71
CA GLY W 114 66.01 -28.86 40.34
C GLY W 114 65.03 -28.20 39.40
N GLU W 115 65.51 -27.25 38.60
CA GLU W 115 64.62 -26.60 37.63
C GLU W 115 64.14 -27.60 36.59
N ILE W 116 65.02 -28.48 36.13
CA ILE W 116 64.65 -29.50 35.16
C ILE W 116 63.64 -30.47 35.75
N ASN W 117 63.80 -30.79 37.05
CA ASN W 117 62.83 -31.63 37.73
C ASN W 117 61.47 -30.94 37.76
N GLN W 118 61.47 -29.63 37.98
CA GLN W 118 60.22 -28.87 37.90
C GLN W 118 59.62 -28.98 36.50
N ARG W 119 60.45 -28.88 35.46
CA ARG W 119 59.94 -28.96 34.10
C ARG W 119 59.34 -30.33 33.81
N LEU W 120 60.01 -31.40 34.24
CA LEU W 120 59.50 -32.74 34.03
C LEU W 120 58.20 -32.96 34.80
N ALA W 121 58.15 -32.48 36.03
CA ALA W 121 56.93 -32.59 36.82
C ALA W 121 55.79 -31.84 36.16
N ASP W 122 56.08 -30.68 35.56
CA ASP W 122 55.05 -29.93 34.87
C ASP W 122 54.59 -30.65 33.61
N ILE W 123 55.50 -31.30 32.90
CA ILE W 123 55.11 -32.09 31.74
C ILE W 123 54.18 -33.22 32.15
N ASP W 124 54.52 -33.90 33.24
CA ASP W 124 53.64 -34.95 33.75
C ASP W 124 52.28 -34.37 34.13
N ARG W 125 52.28 -33.22 34.83
CA ARG W 125 51.02 -32.60 35.23
C ARG W 125 50.18 -32.24 34.01
N ILE W 126 50.83 -31.80 32.93
CA ILE W 126 50.13 -31.59 31.67
C ILE W 126 49.51 -32.90 31.21
N SER W 127 50.23 -34.00 31.36
CA SER W 127 49.72 -35.29 30.90
C SER W 127 48.45 -35.70 31.64
N GLU W 128 48.45 -35.64 32.98
CA GLU W 128 47.23 -36.04 33.68
C GLU W 128 46.13 -34.99 33.61
N GLN W 129 46.45 -33.72 33.72
CA GLN W 129 45.43 -32.70 33.94
C GLN W 129 44.82 -32.13 32.66
N THR W 130 45.40 -32.39 31.49
CA THR W 130 44.80 -31.96 30.24
C THR W 130 43.53 -32.76 30.01
N ASP W 131 42.38 -32.09 30.10
CA ASP W 131 41.09 -32.75 30.01
C ASP W 131 40.27 -32.13 28.88
N PHE W 132 39.38 -32.94 28.32
CA PHE W 132 38.45 -32.47 27.30
C PHE W 132 37.21 -33.34 27.39
N ASN W 133 36.13 -32.80 27.95
CA ASN W 133 34.87 -33.52 28.12
C ASN W 133 35.11 -34.82 28.89
N GLY W 134 35.70 -34.67 30.07
CA GLY W 134 35.95 -35.81 30.93
C GLY W 134 36.85 -36.87 30.33
N VAL W 135 37.64 -36.51 29.31
CA VAL W 135 38.55 -37.44 28.66
C VAL W 135 39.95 -36.83 28.72
N LYS W 136 40.86 -37.52 29.38
CA LYS W 136 42.25 -37.07 29.47
C LYS W 136 42.92 -37.39 28.14
N VAL W 137 42.69 -36.51 27.16
CA VAL W 137 43.06 -36.81 25.79
C VAL W 137 44.57 -36.97 25.65
N LEU W 138 45.34 -36.09 26.27
CA LEU W 138 46.80 -36.18 26.19
C LEU W 138 47.35 -36.75 27.49
N SER W 139 47.01 -38.02 27.74
CA SER W 139 47.40 -38.65 29.00
C SER W 139 47.97 -40.04 28.80
N ASP W 140 48.17 -40.76 29.91
CA ASP W 140 48.72 -42.11 29.84
C ASP W 140 47.72 -43.11 29.27
N SER W 141 46.44 -42.95 29.60
CA SER W 141 45.39 -43.85 29.13
C SER W 141 44.47 -43.06 28.20
N ALA W 142 44.79 -43.08 26.91
CA ALA W 142 44.03 -42.35 25.90
C ALA W 142 43.98 -43.20 24.64
N LYS W 143 42.90 -43.96 24.49
CA LYS W 143 42.71 -44.77 23.29
C LYS W 143 42.31 -43.89 22.12
N PRO W 144 42.59 -44.34 20.89
CA PRO W 144 42.15 -43.57 19.72
C PRO W 144 40.63 -43.46 19.67
N LEU W 145 40.16 -42.31 19.20
CA LEU W 145 38.73 -42.01 19.18
C LEU W 145 38.11 -42.55 17.90
N THR W 146 36.82 -42.30 17.71
CA THR W 146 36.09 -42.74 16.52
C THR W 146 35.65 -41.58 15.65
N LEU W 147 34.89 -40.63 16.20
CA LEU W 147 34.48 -39.42 15.50
C LEU W 147 33.77 -39.75 14.19
N GLN W 148 32.59 -40.37 14.33
CA GLN W 148 31.85 -40.79 13.16
C GLN W 148 31.45 -39.60 12.32
N VAL W 149 31.86 -39.59 11.06
CA VAL W 149 31.45 -38.60 10.08
C VAL W 149 30.67 -39.31 9.00
N GLY W 150 29.46 -38.85 8.74
CA GLY W 150 28.56 -39.52 7.83
C GLY W 150 27.65 -40.51 8.54
N ALA W 151 26.51 -40.76 7.92
CA ALA W 151 25.57 -41.76 8.43
C ALA W 151 26.06 -43.15 8.03
N ASN W 152 25.19 -44.15 8.16
CA ASN W 152 25.50 -45.52 7.74
C ASN W 152 26.72 -46.06 8.48
N ASP W 153 26.52 -46.26 9.79
CA ASP W 153 27.56 -46.71 10.71
C ASP W 153 28.50 -47.73 10.06
N GLY W 154 29.80 -47.47 10.17
CA GLY W 154 30.79 -48.30 9.54
C GLY W 154 32.00 -47.52 9.09
N GLU W 155 31.89 -46.19 9.11
CA GLU W 155 33.01 -45.31 8.81
C GLU W 155 33.20 -44.33 9.96
N THR W 156 34.45 -44.07 10.29
CA THR W 156 34.83 -43.23 11.42
C THR W 156 36.10 -42.48 11.05
N ILE W 157 36.77 -41.94 12.07
CA ILE W 157 38.04 -41.26 11.89
C ILE W 157 38.92 -41.64 13.07
N THR W 158 39.88 -42.52 12.85
CA THR W 158 40.77 -42.95 13.93
C THR W 158 41.65 -41.78 14.33
N LEU W 159 41.40 -41.22 15.52
CA LEU W 159 42.08 -39.99 15.92
C LEU W 159 43.53 -40.26 16.32
N ASN W 160 43.78 -41.38 17.02
CA ASN W 160 45.12 -41.90 17.25
C ASN W 160 46.00 -40.88 18.00
N LEU W 161 45.61 -40.61 19.25
CA LEU W 161 46.37 -39.77 20.14
C LEU W 161 46.60 -40.49 21.46
N SER W 162 47.81 -40.39 22.00
CA SER W 162 48.11 -41.02 23.29
C SER W 162 49.49 -40.64 23.78
N GLU W 163 49.63 -40.54 25.10
CA GLU W 163 50.86 -40.80 25.84
C GLU W 163 52.02 -39.89 25.40
N ILE W 164 51.87 -38.60 25.70
CA ILE W 164 53.00 -37.68 25.74
C ILE W 164 53.17 -37.23 27.18
N SER W 165 54.31 -37.57 27.77
CA SER W 165 54.59 -37.31 29.17
C SER W 165 56.02 -37.78 29.44
N VAL W 166 56.47 -37.57 30.68
CA VAL W 166 57.62 -38.30 31.16
C VAL W 166 57.26 -39.78 31.24
N LYS W 167 58.28 -40.64 31.18
CA LYS W 167 58.15 -42.10 31.17
C LYS W 167 57.63 -42.60 29.82
N THR W 168 57.26 -41.69 28.93
CA THR W 168 56.94 -42.07 27.55
C THR W 168 57.63 -41.21 26.52
N LEU W 169 58.04 -39.99 26.86
CA LEU W 169 59.02 -39.29 26.02
C LEU W 169 60.40 -39.90 26.17
N GLY W 170 60.58 -40.82 27.12
CA GLY W 170 61.79 -41.59 27.26
C GLY W 170 62.74 -41.09 28.33
N LEU W 171 62.58 -39.84 28.79
CA LEU W 171 63.52 -39.32 29.75
C LEU W 171 63.45 -40.09 31.07
N ASP W 172 62.39 -39.84 31.84
CA ASP W 172 62.00 -40.63 33.00
C ASP W 172 63.04 -40.64 34.12
N GLY W 173 64.24 -40.18 33.82
CA GLY W 173 65.30 -40.12 34.80
C GLY W 173 66.24 -38.97 34.52
N PHE W 174 65.77 -38.01 33.72
CA PHE W 174 66.65 -37.02 33.12
C PHE W 174 67.45 -36.28 34.18
N ASN W 175 68.75 -36.55 34.24
CA ASN W 175 69.59 -36.03 35.29
C ASN W 175 70.85 -35.45 34.67
N VAL W 176 71.24 -34.27 35.14
CA VAL W 176 72.37 -33.57 34.55
C VAL W 176 73.49 -33.48 35.58
N ASN W 177 73.15 -33.44 36.86
CA ASN W 177 74.17 -33.36 37.89
C ASN W 177 74.90 -34.68 38.04
N GLY W 178 74.19 -35.73 38.49
CA GLY W 178 74.82 -37.00 38.79
C GLY W 178 76.07 -36.79 39.60
N LYS W 179 77.19 -37.40 39.17
CA LYS W 179 78.49 -36.90 39.59
C LYS W 179 79.47 -36.99 38.42
N GLY W 180 79.02 -37.39 37.25
CA GLY W 180 79.88 -37.50 36.08
C GLY W 180 80.23 -38.94 35.77
N VAL W 181 81.47 -39.18 35.38
CA VAL W 181 81.98 -40.52 35.10
C VAL W 181 82.74 -40.95 36.35
N THR W 182 82.05 -41.68 37.23
CA THR W 182 82.63 -42.04 38.51
C THR W 182 83.79 -43.01 38.33
N GLN W 183 84.89 -42.74 39.02
CA GLN W 183 86.07 -43.58 38.98
C GLN W 183 86.16 -44.42 40.24
N ASN W 184 86.60 -45.66 40.09
CA ASN W 184 86.66 -46.58 41.20
C ASN W 184 87.87 -46.27 42.08
N ARG W 185 87.86 -46.83 43.30
CA ARG W 185 88.97 -46.73 44.22
C ARG W 185 89.82 -47.98 44.16
N SER W 186 91.11 -47.82 44.46
CA SER W 186 92.05 -48.94 44.38
C SER W 186 91.64 -50.06 45.31
N ALA W 187 91.26 -51.21 44.74
CA ALA W 187 90.95 -52.39 45.54
C ALA W 187 92.23 -52.88 46.20
N THR W 188 92.18 -53.11 47.51
CA THR W 188 93.37 -53.43 48.28
C THR W 188 93.14 -54.72 49.07
N VAL W 189 94.16 -55.10 49.82
CA VAL W 189 94.13 -56.35 50.58
C VAL W 189 92.99 -56.35 51.60
N THR W 190 92.68 -55.18 52.17
CA THR W 190 91.56 -55.12 53.11
C THR W 190 90.25 -55.50 52.44
N ASP W 191 89.98 -54.94 51.26
CA ASP W 191 88.74 -55.27 50.57
C ASP W 191 88.75 -56.71 50.09
N VAL W 192 89.90 -57.21 49.64
CA VAL W 192 89.97 -58.58 49.13
C VAL W 192 89.70 -59.57 50.26
N ILE W 193 90.36 -59.38 51.40
CA ILE W 193 90.15 -60.28 52.53
C ILE W 193 88.74 -60.11 53.10
N ALA W 194 88.14 -58.92 52.93
CA ALA W 194 86.77 -58.73 53.37
C ALA W 194 85.81 -59.57 52.54
N GLN W 195 86.07 -59.72 51.25
CA GLN W 195 85.16 -60.39 50.33
C GLN W 195 85.46 -61.89 50.24
N GLY W 196 85.53 -62.55 51.39
CA GLY W 196 85.79 -63.98 51.42
C GLY W 196 87.10 -64.41 50.82
N GLY W 197 88.05 -63.49 50.68
CA GLY W 197 89.33 -63.84 50.10
C GLY W 197 90.12 -64.79 50.98
N THR W 198 90.89 -65.66 50.35
CA THR W 198 91.73 -66.63 51.04
C THR W 198 93.19 -66.36 50.70
N LEU W 199 94.04 -66.34 51.72
CA LEU W 199 95.47 -66.14 51.52
C LEU W 199 96.05 -67.32 50.75
N GLN W 200 96.93 -67.02 49.79
CA GLN W 200 97.60 -68.05 49.02
C GLN W 200 99.12 -67.96 49.05
N GLY W 201 99.68 -66.78 49.32
CA GLY W 201 101.13 -66.64 49.35
C GLY W 201 101.60 -65.24 49.66
N ASP W 202 102.60 -64.76 48.91
CA ASP W 202 103.21 -63.45 49.15
C ASP W 202 102.24 -62.37 48.65
N GLY W 203 101.26 -62.05 49.49
CA GLY W 203 100.26 -61.08 49.12
C GLY W 203 99.39 -61.51 47.97
N THR W 204 99.36 -62.79 47.65
CA THR W 204 98.56 -63.33 46.56
C THR W 204 97.31 -63.97 47.14
N TYR W 205 96.15 -63.45 46.75
CA TYR W 205 94.86 -63.93 47.26
C TYR W 205 94.00 -64.38 46.09
N LYS W 206 93.28 -65.48 46.29
CA LYS W 206 92.41 -66.05 45.26
C LYS W 206 90.97 -65.82 45.68
N ALA W 207 90.31 -64.87 45.02
CA ALA W 207 88.90 -64.62 45.26
C ALA W 207 88.07 -65.61 44.44
N THR W 208 87.20 -66.35 45.12
CA THR W 208 86.39 -67.38 44.48
C THR W 208 84.92 -67.14 44.78
N THR W 209 84.07 -67.52 43.84
CA THR W 209 82.64 -67.34 43.98
C THR W 209 81.89 -68.44 43.23
N THR W 210 81.10 -69.22 43.95
CA THR W 210 80.35 -70.32 43.38
C THR W 210 79.10 -69.80 42.68
N PHE W 211 78.80 -70.38 41.52
CA PHE W 211 77.74 -69.92 40.64
C PHE W 211 76.70 -71.01 40.36
N ASN W 212 76.51 -71.94 41.29
CA ASN W 212 75.57 -73.03 41.07
C ASN W 212 74.17 -72.46 40.88
N ALA W 213 73.64 -72.58 39.67
CA ALA W 213 72.43 -71.88 39.27
C ALA W 213 71.80 -72.61 38.10
N ALA W 214 70.93 -71.92 37.36
CA ALA W 214 70.22 -72.46 36.21
C ALA W 214 69.25 -73.56 36.64
N SER W 215 68.37 -73.23 37.58
CA SER W 215 67.36 -74.16 38.04
C SER W 215 66.28 -74.35 36.97
N ALA W 216 65.26 -75.13 37.31
CA ALA W 216 64.20 -75.44 36.36
C ALA W 216 63.46 -74.17 35.94
N GLU W 217 63.14 -73.30 36.90
CA GLU W 217 62.41 -72.08 36.57
C GLU W 217 63.23 -71.17 35.66
N THR W 218 64.51 -71.00 35.97
CA THR W 218 65.37 -70.14 35.16
C THR W 218 65.59 -70.68 33.76
N VAL W 219 65.33 -71.97 33.54
CA VAL W 219 65.42 -72.54 32.20
C VAL W 219 64.10 -72.45 31.48
N LEU W 220 63.00 -72.76 32.15
CA LEU W 220 61.68 -72.64 31.55
C LEU W 220 61.32 -71.19 31.25
N SER W 221 62.02 -70.23 31.86
CA SER W 221 61.75 -68.82 31.58
C SER W 221 62.01 -68.47 30.12
N LYS W 222 63.04 -69.07 29.51
CA LYS W 222 63.45 -68.76 28.15
C LYS W 222 63.14 -69.91 27.19
N LEU W 223 61.98 -70.54 27.36
CA LEU W 223 61.61 -71.73 26.62
C LEU W 223 60.63 -71.39 25.50
N GLU W 224 60.94 -71.86 24.29
CA GLU W 224 60.01 -71.80 23.18
C GLU W 224 59.98 -73.10 22.39
N ASP W 225 60.89 -74.03 22.65
CA ASP W 225 61.01 -75.29 21.93
C ASP W 225 60.62 -76.44 22.85
N GLY W 226 60.82 -77.67 22.37
CA GLY W 226 60.42 -78.85 23.09
C GLY W 226 61.49 -79.39 24.03
N ASN W 227 61.04 -79.94 25.15
CA ASN W 227 61.91 -80.54 26.15
C ASN W 227 61.59 -82.03 26.29
N THR W 228 62.20 -82.68 27.28
CA THR W 228 62.01 -84.10 27.48
C THR W 228 62.10 -84.42 28.96
N VAL W 229 61.39 -85.47 29.36
CA VAL W 229 61.40 -85.97 30.74
C VAL W 229 61.53 -87.48 30.69
N ALA W 230 62.49 -88.02 31.45
CA ALA W 230 62.68 -89.46 31.54
C ALA W 230 63.03 -89.82 32.97
N VAL W 231 62.38 -90.86 33.49
CA VAL W 231 62.58 -91.30 34.87
C VAL W 231 63.61 -92.42 34.83
N GLY W 232 64.89 -92.05 34.93
CA GLY W 232 65.95 -93.04 34.93
C GLY W 232 65.97 -93.83 33.64
N GLY W 233 66.00 -95.16 33.78
CA GLY W 233 66.02 -96.04 32.63
C GLY W 233 64.64 -96.47 32.17
N GLY W 234 63.62 -95.76 32.63
CA GLY W 234 62.24 -96.06 32.28
C GLY W 234 61.79 -95.35 31.03
N ALA W 235 60.48 -95.13 30.94
CA ALA W 235 59.90 -94.46 29.78
C ALA W 235 60.31 -92.99 29.75
N THR W 236 60.18 -92.39 28.57
CA THR W 236 60.58 -91.00 28.35
C THR W 236 59.43 -90.24 27.72
N TYR W 237 59.22 -89.01 28.17
CA TYR W 237 58.15 -88.16 27.67
C TYR W 237 58.73 -86.82 27.24
N THR W 238 58.21 -86.27 26.14
CA THR W 238 58.67 -85.01 25.59
C THR W 238 57.50 -84.04 25.48
N TYR W 239 57.75 -82.79 25.86
CA TYR W 239 56.73 -81.74 25.84
C TYR W 239 57.23 -80.58 25.00
N ASP W 240 56.31 -79.87 24.36
CA ASP W 240 56.64 -78.75 23.49
C ASP W 240 55.77 -77.56 23.85
N ALA W 241 56.40 -76.41 24.06
CA ALA W 241 55.69 -75.19 24.47
C ALA W 241 55.34 -74.40 23.22
N ALA W 242 54.09 -74.54 22.77
CA ALA W 242 53.64 -73.81 21.58
C ALA W 242 53.42 -72.34 21.89
N LYS W 243 52.58 -72.05 22.88
CA LYS W 243 52.26 -70.68 23.27
C LYS W 243 52.48 -70.46 24.77
N GLY W 244 53.37 -71.23 25.38
CA GLY W 244 53.46 -71.30 26.82
C GLY W 244 52.65 -72.42 27.43
N ASN W 245 51.77 -73.05 26.65
CA ASN W 245 51.03 -74.23 27.08
C ASN W 245 51.63 -75.45 26.37
N PHE W 246 52.15 -76.39 27.15
CA PHE W 246 52.91 -77.49 26.59
C PHE W 246 52.00 -78.51 25.90
N THR W 247 52.56 -79.19 24.90
CA THR W 247 51.86 -80.24 24.17
C THR W 247 52.68 -81.51 24.21
N TYR W 248 52.00 -82.65 24.30
CA TYR W 248 52.65 -83.95 24.38
C TYR W 248 51.57 -85.01 24.21
N THR W 249 52.01 -86.27 24.16
CA THR W 249 51.12 -87.40 24.01
C THR W 249 51.42 -88.43 25.09
N LYS W 250 50.36 -89.03 25.63
CA LYS W 250 50.48 -90.11 26.60
C LYS W 250 49.53 -91.22 26.23
N THR W 251 49.97 -92.46 26.42
CA THR W 251 49.16 -93.61 26.08
C THR W 251 48.05 -93.82 27.10
N VAL W 252 46.87 -94.17 26.62
CA VAL W 252 45.75 -94.56 27.46
C VAL W 252 45.49 -96.04 27.19
N ASP W 253 45.69 -96.87 28.20
CA ASP W 253 45.58 -98.31 28.02
C ASP W 253 45.21 -98.94 29.36
N THR W 254 45.31 -100.27 29.42
CA THR W 254 44.94 -101.04 30.60
C THR W 254 45.98 -102.13 30.82
N THR W 255 45.64 -103.11 31.64
CA THR W 255 46.55 -104.20 31.97
C THR W 255 46.09 -105.57 31.50
N VAL W 256 44.81 -105.75 31.16
CA VAL W 256 44.25 -107.04 30.79
C VAL W 256 43.96 -107.03 29.30
N GLY W 257 44.65 -107.92 28.57
CA GLY W 257 44.38 -108.06 27.15
C GLY W 257 42.99 -108.61 26.85
N ALA W 258 42.49 -109.50 27.71
CA ALA W 258 41.21 -110.15 27.47
C ALA W 258 40.03 -109.22 27.70
N ASP W 259 40.21 -108.13 28.44
CA ASP W 259 39.11 -107.22 28.74
C ASP W 259 39.66 -105.82 28.90
N VAL W 260 39.20 -104.90 28.05
CA VAL W 260 39.68 -103.52 28.07
C VAL W 260 38.50 -102.57 28.22
N THR W 261 37.44 -103.02 28.90
CA THR W 261 36.33 -102.11 29.19
C THR W 261 36.80 -100.87 29.94
N ALA W 262 37.84 -101.03 30.78
CA ALA W 262 38.41 -99.88 31.45
C ALA W 262 39.04 -98.92 30.46
N LEU W 263 39.60 -99.43 29.37
CA LEU W 263 40.16 -98.56 28.34
C LEU W 263 39.08 -97.68 27.71
N ALA W 264 37.93 -98.29 27.40
CA ALA W 264 36.82 -97.51 26.86
C ALA W 264 36.31 -96.51 27.89
N ASN W 265 36.21 -96.93 29.15
CA ASN W 265 35.75 -96.02 30.19
C ASN W 265 36.79 -94.97 30.58
N LYS W 266 38.02 -95.11 30.10
CA LYS W 266 39.02 -94.06 30.21
C LYS W 266 38.94 -93.08 29.04
N ILE W 267 38.69 -93.59 27.84
CA ILE W 267 38.54 -92.70 26.69
C ILE W 267 37.26 -91.88 26.80
N LYS W 268 36.19 -92.48 27.33
CA LYS W 268 34.90 -91.80 27.36
C LYS W 268 34.92 -90.45 28.07
N PRO W 269 35.49 -90.31 29.28
CA PRO W 269 35.53 -88.97 29.91
C PRO W 269 36.31 -87.96 29.10
N SER W 270 37.34 -88.40 28.36
CA SER W 270 38.09 -87.47 27.52
C SER W 270 37.20 -86.83 26.48
N SER W 271 36.35 -87.63 25.82
CA SER W 271 35.41 -87.09 24.85
C SER W 271 34.38 -86.20 25.53
N GLY W 272 33.91 -86.60 26.70
CA GLY W 272 32.87 -85.85 27.40
C GLY W 272 31.58 -86.63 27.50
N THR W 273 30.46 -85.91 27.58
CA THR W 273 29.14 -86.54 27.66
C THR W 273 28.32 -86.32 26.40
N ILE W 274 28.10 -85.06 26.02
CA ILE W 274 27.32 -84.71 24.83
C ILE W 274 28.09 -83.64 24.06
N SER W 275 28.30 -83.88 22.77
CA SER W 275 28.99 -82.92 21.92
C SER W 275 28.36 -82.96 20.54
N GLY W 276 29.00 -82.29 19.58
CA GLY W 276 28.43 -82.15 18.26
C GLY W 276 29.12 -82.99 17.20
N SER W 277 29.99 -82.35 16.41
CA SER W 277 30.69 -83.06 15.35
C SER W 277 31.83 -83.90 15.91
N TYR W 278 31.95 -85.13 15.42
CA TYR W 278 33.09 -86.00 15.68
C TYR W 278 33.71 -86.43 14.36
N GLU W 279 34.81 -87.16 14.45
CA GLU W 279 35.49 -87.71 13.28
C GLU W 279 35.97 -89.11 13.64
N ILE W 280 35.24 -90.12 13.19
CA ILE W 280 35.57 -91.52 13.45
C ILE W 280 36.31 -92.08 12.25
N SER W 281 37.47 -92.69 12.50
CA SER W 281 38.31 -93.24 11.45
C SER W 281 38.48 -94.74 11.62
N THR W 282 37.39 -95.44 11.92
CA THR W 282 37.45 -96.89 12.06
C THR W 282 37.74 -97.53 10.70
N GLY W 283 38.33 -98.72 10.75
CA GLY W 283 38.75 -99.38 9.54
C GLY W 283 39.99 -98.74 8.95
N LYS W 284 39.88 -98.16 7.75
CA LYS W 284 41.00 -97.52 7.09
C LYS W 284 40.79 -96.03 6.86
N SER W 285 39.69 -95.65 6.22
CA SER W 285 39.47 -94.26 5.81
C SER W 285 38.03 -93.84 6.09
N ALA W 286 37.55 -94.13 7.30
CA ALA W 286 36.16 -93.81 7.64
C ALA W 286 35.92 -92.30 7.58
N SER W 287 36.56 -91.55 8.46
CA SER W 287 36.47 -90.09 8.48
C SER W 287 35.02 -89.61 8.50
N PHE W 288 34.19 -90.27 9.31
CA PHE W 288 32.81 -89.86 9.45
C PHE W 288 32.72 -88.47 10.07
N ASP W 289 31.50 -87.92 10.05
CA ASP W 289 31.16 -86.69 10.77
C ASP W 289 29.83 -86.97 11.47
N VAL W 290 29.91 -87.45 12.70
CA VAL W 290 28.74 -87.97 13.40
C VAL W 290 28.31 -86.97 14.48
N ASP W 291 27.13 -87.22 15.05
CA ASP W 291 26.57 -86.40 16.12
C ASP W 291 26.21 -87.35 17.26
N ALA W 292 27.16 -87.59 18.16
CA ALA W 292 26.99 -88.57 19.23
C ALA W 292 26.45 -87.86 20.47
N ALA W 293 25.14 -87.95 20.67
CA ALA W 293 24.47 -87.50 21.89
C ALA W 293 23.82 -88.73 22.49
N GLY W 294 24.59 -89.47 23.29
CA GLY W 294 24.17 -90.79 23.73
C GLY W 294 24.47 -91.82 22.66
N LYS W 295 23.44 -92.26 21.95
CA LYS W 295 23.65 -93.08 20.77
C LYS W 295 24.28 -92.26 19.67
N ILE W 296 25.24 -92.86 18.95
CA ILE W 296 25.95 -92.15 17.90
C ILE W 296 25.07 -92.09 16.65
N THR W 297 24.90 -90.88 16.12
CA THR W 297 24.10 -90.66 14.92
C THR W 297 24.87 -89.78 13.95
N ILE W 298 24.44 -89.79 12.69
CA ILE W 298 25.05 -89.00 11.64
C ILE W 298 24.11 -87.84 11.33
N GLY W 299 24.63 -86.82 10.67
CA GLY W 299 23.79 -85.70 10.28
C GLY W 299 22.63 -86.14 9.43
N GLY W 300 21.43 -86.13 10.01
CA GLY W 300 20.23 -86.55 9.32
C GLY W 300 19.93 -88.04 9.34
N ASN W 301 20.70 -88.85 10.08
CA ASN W 301 20.48 -90.28 10.07
C ASN W 301 21.09 -90.91 11.32
N ALA W 302 20.73 -92.16 11.57
CA ALA W 302 21.27 -92.94 12.68
C ALA W 302 22.20 -94.03 12.13
N ALA W 303 23.34 -94.21 12.79
CA ALA W 303 24.40 -95.08 12.31
C ALA W 303 24.52 -96.32 13.18
N PHE W 304 24.48 -97.48 12.54
CA PHE W 304 24.70 -98.77 13.20
C PHE W 304 26.18 -99.15 13.05
N LEU W 305 26.52 -100.39 13.37
CA LEU W 305 27.91 -100.84 13.31
C LEU W 305 27.97 -102.28 12.83
N ASN W 306 28.75 -102.53 11.78
CA ASN W 306 29.02 -103.87 11.29
C ASN W 306 30.36 -104.33 11.86
N ALA W 307 30.41 -105.60 12.28
CA ALA W 307 31.51 -106.06 13.12
C ALA W 307 32.01 -107.43 12.68
N ASP W 308 33.11 -107.83 13.32
CA ASP W 308 33.68 -109.19 13.32
C ASP W 308 34.40 -109.55 12.03
N GLY W 309 34.29 -108.72 11.00
CA GLY W 309 35.23 -108.80 9.89
C GLY W 309 36.18 -107.64 9.94
N GLU W 310 35.60 -106.45 10.08
CA GLU W 310 36.31 -105.20 10.31
C GLU W 310 35.28 -104.23 10.84
N LEU W 311 35.47 -103.75 12.06
CA LEU W 311 34.40 -103.00 12.73
C LEU W 311 34.28 -101.62 12.09
N THR W 312 33.30 -101.48 11.20
CA THR W 312 33.00 -100.24 10.51
C THR W 312 31.64 -99.72 10.95
N THR W 313 31.45 -98.42 10.80
CA THR W 313 30.19 -97.77 11.15
C THR W 313 29.32 -97.69 9.90
N ASN W 314 28.09 -98.18 10.01
CA ASN W 314 27.16 -98.23 8.90
C ASN W 314 25.81 -97.69 9.33
N ASP W 315 25.37 -96.60 8.69
CA ASP W 315 23.97 -96.23 8.80
C ASP W 315 23.06 -97.23 8.11
N ALA W 316 23.63 -98.06 7.24
CA ALA W 316 22.91 -99.18 6.64
C ALA W 316 22.91 -100.34 7.64
N SER W 317 21.78 -100.54 8.32
CA SER W 317 21.70 -101.60 9.30
C SER W 317 21.84 -102.97 8.64
N GLY W 318 22.51 -103.88 9.34
CA GLY W 318 22.65 -105.26 8.91
C GLY W 318 21.92 -106.21 9.84
N ALA W 319 22.08 -107.50 9.54
CA ALA W 319 21.41 -108.53 10.33
C ALA W 319 21.96 -108.61 11.75
N LEU W 320 23.23 -108.24 11.94
CA LEU W 320 23.91 -108.39 13.22
C LEU W 320 24.57 -107.08 13.64
N THR W 321 23.88 -105.97 13.41
CA THR W 321 24.44 -104.64 13.66
C THR W 321 23.82 -103.99 14.89
N GLN W 322 24.61 -103.14 15.55
CA GLN W 322 24.17 -102.40 16.72
C GLN W 322 24.59 -100.94 16.57
N ALA W 323 23.91 -100.06 17.31
CA ALA W 323 24.12 -98.62 17.18
C ALA W 323 24.24 -97.99 18.56
N THR W 324 25.47 -97.62 18.94
CA THR W 324 25.70 -96.88 20.17
C THR W 324 27.13 -96.35 20.17
N LEU W 325 27.39 -95.39 21.05
CA LEU W 325 28.73 -94.83 21.18
C LEU W 325 29.71 -95.85 21.75
N ASP W 326 29.25 -96.69 22.68
CA ASP W 326 30.14 -97.66 23.31
C ASP W 326 30.70 -98.64 22.29
N ASP W 327 29.87 -99.09 21.35
CA ASP W 327 30.35 -100.01 20.32
C ASP W 327 31.38 -99.35 19.43
N VAL W 328 31.16 -98.07 19.07
CA VAL W 328 32.14 -97.36 18.25
C VAL W 328 33.46 -97.22 18.99
N LEU W 329 33.38 -96.89 20.29
CA LEU W 329 34.60 -96.75 21.09
C LEU W 329 35.33 -98.08 21.20
N THR W 330 34.59 -99.18 21.37
CA THR W 330 35.21 -100.49 21.40
C THR W 330 35.87 -100.82 20.07
N SER W 331 35.20 -100.50 18.96
CA SER W 331 35.80 -100.71 17.65
C SER W 331 37.11 -99.96 17.51
N VAL W 332 37.14 -98.70 17.94
CA VAL W 332 38.36 -97.91 17.86
C VAL W 332 39.44 -98.50 18.76
N GLY W 333 39.06 -98.94 19.96
CA GLY W 333 40.04 -99.40 20.93
C GLY W 333 40.41 -100.87 20.83
N THR W 334 39.44 -101.72 20.51
CA THR W 334 39.64 -103.16 20.52
C THR W 334 39.86 -103.74 19.13
N GLU W 335 38.96 -103.45 18.18
CA GLU W 335 39.00 -104.05 16.86
C GLU W 335 39.51 -103.08 15.80
N ALA W 336 40.34 -102.12 16.19
CA ALA W 336 40.91 -101.20 15.21
C ALA W 336 41.76 -101.93 14.19
N ASN W 337 42.71 -102.73 14.67
CA ASN W 337 43.63 -103.51 13.83
C ASN W 337 44.38 -102.64 12.83
N SER W 338 44.43 -101.33 13.07
CA SER W 338 45.05 -100.38 12.16
C SER W 338 45.11 -99.03 12.86
N SER W 339 45.56 -98.01 12.11
CA SER W 339 45.62 -96.65 12.62
C SER W 339 44.21 -96.07 12.61
N VAL W 340 43.47 -96.35 13.68
CA VAL W 340 42.10 -95.91 13.84
C VAL W 340 42.06 -94.86 14.94
N THR W 341 41.40 -93.73 14.67
CA THR W 341 41.37 -92.62 15.60
C THR W 341 39.96 -92.05 15.67
N ILE W 342 39.71 -91.32 16.76
CA ILE W 342 38.48 -90.55 16.93
C ILE W 342 38.89 -89.08 16.91
N GLY W 343 38.45 -88.36 15.88
CA GLY W 343 38.80 -86.97 15.70
C GLY W 343 37.89 -85.98 16.38
N GLY W 344 36.94 -86.43 17.19
CA GLY W 344 36.00 -85.54 17.81
C GLY W 344 36.60 -84.70 18.93
N THR W 345 35.95 -83.56 19.18
CA THR W 345 36.33 -82.63 20.24
C THR W 345 37.80 -82.21 20.13
N LYS W 346 38.24 -81.97 18.89
CA LYS W 346 39.59 -81.47 18.62
C LYS W 346 40.68 -82.38 19.19
N TYR W 347 40.40 -83.68 19.25
CA TYR W 347 41.37 -84.68 19.70
C TYR W 347 41.59 -85.69 18.61
N SER W 348 42.53 -86.61 18.85
CA SER W 348 42.76 -87.72 17.93
C SER W 348 43.25 -88.91 18.76
N HIS W 349 42.30 -89.75 19.17
CA HIS W 349 42.62 -90.94 19.97
C HIS W 349 43.00 -92.09 19.03
N SER W 350 44.18 -91.94 18.42
CA SER W 350 44.67 -92.96 17.51
C SER W 350 44.96 -94.25 18.26
N ALA W 351 44.51 -95.36 17.68
CA ALA W 351 44.75 -96.69 18.25
C ALA W 351 46.15 -97.11 17.82
N ALA W 352 47.15 -96.73 18.61
CA ALA W 352 48.53 -97.08 18.30
C ALA W 352 48.72 -98.60 18.29
N ASP W 353 48.13 -99.29 19.27
CA ASP W 353 48.13 -100.74 19.32
C ASP W 353 46.70 -101.21 19.53
N GLU W 354 46.26 -102.14 18.68
CA GLU W 354 44.92 -102.68 18.80
C GLU W 354 44.91 -103.83 19.81
N LEU W 355 43.70 -104.31 20.09
CA LEU W 355 43.52 -105.42 21.03
C LEU W 355 43.39 -106.72 20.24
N SER W 356 44.40 -107.57 20.33
CA SER W 356 44.32 -108.94 19.84
C SER W 356 43.72 -109.87 20.88
N TYR W 357 43.21 -109.32 21.98
CA TYR W 357 42.65 -110.03 23.13
C TYR W 357 43.73 -110.81 23.90
N THR W 358 44.99 -110.70 23.49
CA THR W 358 46.12 -111.20 24.25
C THR W 358 47.04 -110.07 24.71
N ALA W 359 47.44 -109.20 23.78
CA ALA W 359 48.22 -108.01 24.11
C ALA W 359 47.29 -106.82 24.29
N VAL W 360 47.55 -106.04 25.34
CA VAL W 360 46.66 -104.93 25.69
C VAL W 360 46.73 -103.86 24.62
N ALA W 361 45.58 -103.30 24.27
CA ALA W 361 45.49 -102.29 23.23
C ALA W 361 45.97 -100.93 23.74
N THR W 362 46.37 -100.08 22.78
CA THR W 362 46.83 -98.73 23.08
C THR W 362 46.04 -97.74 22.24
N THR W 363 45.54 -96.70 22.87
CA THR W 363 44.78 -95.63 22.22
C THR W 363 45.41 -94.28 22.55
N ALA W 364 46.73 -94.20 22.36
CA ALA W 364 47.46 -92.98 22.71
C ALA W 364 46.92 -91.78 21.96
N ASP W 365 46.83 -90.65 22.68
CA ASP W 365 46.35 -89.40 22.13
C ASP W 365 47.26 -88.28 22.58
N VAL W 366 47.32 -87.22 21.76
CA VAL W 366 48.02 -86.00 22.14
C VAL W 366 47.05 -85.20 23.00
N LEU W 367 47.17 -85.34 24.32
CA LEU W 367 46.23 -84.69 25.22
C LEU W 367 46.61 -83.25 25.53
N SER W 368 47.89 -82.99 25.80
CA SER W 368 48.39 -81.68 26.23
C SER W 368 47.72 -81.20 27.51
N ALA W 369 47.10 -82.12 28.25
CA ALA W 369 46.43 -81.75 29.49
C ALA W 369 47.41 -81.28 30.56
N MET W 370 48.69 -81.63 30.42
CA MET W 370 49.76 -81.22 31.31
C MET W 370 50.40 -79.91 30.82
N GLY W 371 49.65 -79.14 30.04
CA GLY W 371 50.24 -78.09 29.22
C GLY W 371 50.80 -76.91 29.98
N SER W 372 50.18 -76.54 31.10
CA SER W 372 50.59 -75.33 31.81
C SER W 372 52.06 -75.37 32.15
N SER W 373 52.77 -74.29 31.83
CA SER W 373 54.21 -74.23 32.10
C SER W 373 54.48 -74.34 33.59
N THR W 374 53.64 -73.73 34.41
CA THR W 374 53.75 -73.89 35.86
C THR W 374 53.56 -75.35 36.25
N ALA W 375 52.63 -76.04 35.61
CA ALA W 375 52.44 -77.46 35.88
C ALA W 375 53.68 -78.26 35.52
N VAL W 376 54.29 -77.96 34.37
CA VAL W 376 55.50 -78.67 33.99
C VAL W 376 56.63 -78.38 34.97
N SER W 377 56.70 -77.14 35.46
CA SER W 377 57.68 -76.84 36.50
C SER W 377 57.42 -77.66 37.75
N THR W 378 56.15 -77.82 38.13
CA THR W 378 55.82 -78.64 39.30
C THR W 378 56.28 -80.08 39.10
N VAL W 379 55.97 -80.67 37.95
CA VAL W 379 56.28 -82.08 37.74
C VAL W 379 57.78 -82.28 37.64
N THR W 380 58.50 -81.34 37.02
CA THR W 380 59.95 -81.48 36.92
C THR W 380 60.67 -81.10 38.20
N LEU W 381 60.01 -80.44 39.14
CA LEU W 381 60.61 -80.14 40.43
C LEU W 381 60.43 -81.28 41.42
N GLY W 382 59.25 -81.91 41.44
CA GLY W 382 58.97 -82.98 42.37
C GLY W 382 59.08 -84.36 41.76
N SER W 383 59.77 -84.47 40.63
CA SER W 383 59.91 -85.76 39.97
C SER W 383 60.80 -86.69 40.81
N GLY W 384 60.75 -87.97 40.47
CA GLY W 384 61.56 -88.96 41.16
C GLY W 384 62.99 -88.98 40.67
N ILE W 385 63.54 -90.17 40.43
CA ILE W 385 64.89 -90.30 39.88
C ILE W 385 64.81 -90.10 38.38
N THR W 386 64.99 -88.87 37.92
CA THR W 386 64.79 -88.51 36.53
C THR W 386 66.03 -87.83 35.97
N SER W 387 66.02 -87.66 34.65
CA SER W 387 67.10 -86.97 33.93
C SER W 387 66.51 -86.05 32.87
N ALA W 388 65.47 -85.32 33.24
CA ALA W 388 64.75 -84.48 32.27
C ALA W 388 65.66 -83.40 31.71
N ALA W 389 65.48 -83.10 30.42
CA ALA W 389 66.32 -82.14 29.71
C ALA W 389 65.44 -81.19 28.91
N VAL W 390 65.98 -80.01 28.65
CA VAL W 390 65.27 -78.95 27.91
C VAL W 390 66.08 -78.56 26.69
N THR W 391 65.46 -78.62 25.52
CA THR W 391 65.97 -78.00 24.30
C THR W 391 65.19 -76.72 24.10
N PHE W 392 65.89 -75.58 24.11
CA PHE W 392 65.20 -74.30 24.20
C PHE W 392 65.75 -73.26 23.23
N ALA W 393 66.47 -73.66 22.19
CA ALA W 393 67.04 -72.71 21.26
C ALA W 393 67.03 -73.31 19.86
N ILE W 394 67.13 -72.43 18.86
CA ILE W 394 67.10 -72.88 17.48
C ILE W 394 68.42 -73.58 17.14
N ALA W 395 68.37 -74.41 16.10
CA ALA W 395 69.44 -75.36 15.83
C ALA W 395 70.81 -74.70 15.72
N THR W 396 70.88 -73.48 15.21
CA THR W 396 72.18 -72.80 15.12
C THR W 396 72.69 -72.37 16.50
N THR W 397 71.79 -72.22 17.47
CA THR W 397 72.18 -71.87 18.83
C THR W 397 71.62 -72.88 19.83
N ASP W 398 71.24 -74.06 19.37
CA ASP W 398 70.54 -75.01 20.21
C ASP W 398 71.43 -75.54 21.33
N SER W 399 70.77 -75.97 22.42
CA SER W 399 71.48 -76.50 23.57
C SER W 399 70.54 -77.42 24.33
N ASN W 400 71.13 -78.25 25.19
CA ASN W 400 70.37 -79.13 26.07
C ASN W 400 70.84 -78.90 27.50
N ASN W 401 69.89 -78.83 28.42
CA ASN W 401 70.18 -78.64 29.83
C ASN W 401 69.73 -79.87 30.60
N THR W 402 70.67 -80.52 31.28
CA THR W 402 70.37 -81.70 32.08
C THR W 402 70.60 -81.36 33.55
N TRP W 403 69.61 -81.64 34.39
CA TRP W 403 69.62 -81.23 35.78
C TRP W 403 69.32 -82.41 36.71
N VAL W 404 69.27 -82.10 38.01
CA VAL W 404 69.12 -83.10 39.05
C VAL W 404 67.76 -83.80 38.91
N ASP W 405 67.67 -85.00 39.47
CA ASP W 405 66.45 -85.79 39.38
C ASP W 405 65.25 -85.03 39.96
N ASN W 406 65.45 -84.28 41.04
CA ASN W 406 64.33 -83.65 41.71
C ASN W 406 64.66 -82.25 42.21
N LYS W 407 65.57 -81.54 41.54
CA LYS W 407 65.93 -80.20 42.00
C LYS W 407 65.75 -79.16 40.91
N GLY W 408 65.93 -79.55 39.66
CA GLY W 408 65.95 -78.61 38.56
C GLY W 408 67.27 -77.94 38.33
N GLU W 409 68.24 -78.14 39.23
CA GLU W 409 69.51 -77.44 39.12
C GLU W 409 70.45 -78.15 38.16
N LEU W 410 70.97 -77.42 37.19
CA LEU W 410 71.95 -77.96 36.25
C LEU W 410 73.27 -78.19 36.99
N THR W 411 73.65 -79.45 37.17
CA THR W 411 74.89 -79.75 37.88
C THR W 411 76.11 -79.25 37.11
N ASP W 412 76.15 -79.49 35.80
CA ASP W 412 77.30 -79.16 34.99
C ASP W 412 77.20 -77.81 34.31
N ILE W 413 76.06 -77.11 34.43
CA ILE W 413 75.86 -75.82 33.79
C ILE W 413 75.50 -74.81 34.88
N GLN W 414 76.22 -73.69 34.91
CA GLN W 414 76.01 -72.64 35.87
C GLN W 414 75.67 -71.34 35.13
N THR W 415 75.50 -70.27 35.90
CA THR W 415 75.25 -68.94 35.34
C THR W 415 76.22 -67.95 35.98
N PHE W 416 76.80 -67.08 35.15
CA PHE W 416 77.56 -65.95 35.66
C PHE W 416 76.59 -64.84 36.05
N ASP W 417 77.12 -63.66 36.33
CA ASP W 417 76.27 -62.51 36.62
C ASP W 417 75.46 -62.07 35.42
N THR W 418 75.77 -62.55 34.22
CA THR W 418 75.09 -62.12 33.01
C THR W 418 74.36 -63.26 32.29
N SER W 419 75.02 -64.39 32.07
CA SER W 419 74.46 -65.42 31.19
C SER W 419 74.92 -66.80 31.66
N TYR W 420 74.41 -67.82 30.97
CA TYR W 420 74.73 -69.21 31.29
C TYR W 420 76.15 -69.54 30.85
N LYS W 421 76.89 -70.24 31.72
CA LYS W 421 78.23 -70.71 31.41
C LYS W 421 78.46 -72.07 32.05
N ILE W 422 79.43 -72.79 31.52
CA ILE W 422 79.74 -74.14 32.00
C ILE W 422 80.81 -74.07 33.08
N ASN W 423 81.12 -72.86 33.56
CA ASN W 423 82.12 -72.67 34.59
C ASN W 423 81.41 -72.42 35.92
N ALA W 424 81.66 -73.30 36.89
CA ALA W 424 81.00 -73.17 38.19
C ALA W 424 81.57 -72.03 39.01
N ASP W 425 82.87 -71.77 38.90
CA ASP W 425 83.52 -70.75 39.72
C ASP W 425 84.61 -70.10 38.90
N THR W 426 84.55 -68.78 38.77
CA THR W 426 85.59 -68.05 38.05
C THR W 426 86.92 -68.15 38.78
N GLY W 427 86.93 -67.82 40.07
CA GLY W 427 88.11 -68.02 40.91
C GLY W 427 89.35 -67.31 40.45
N GLU W 428 89.25 -66.04 40.08
CA GLU W 428 90.42 -65.28 39.69
C GLU W 428 91.32 -65.03 40.90
N VAL W 429 92.60 -64.84 40.64
CA VAL W 429 93.62 -64.72 41.67
C VAL W 429 94.19 -63.31 41.64
N THR W 430 94.22 -62.66 42.80
CA THR W 430 94.69 -61.29 42.92
C THR W 430 95.95 -61.26 43.78
N VAL W 431 96.97 -60.55 43.31
CA VAL W 431 98.21 -60.37 44.04
C VAL W 431 98.27 -58.93 44.55
N VAL W 432 98.67 -58.77 45.80
CA VAL W 432 98.71 -57.47 46.47
C VAL W 432 100.16 -57.03 46.59
N GLY W 433 100.45 -55.81 46.11
CA GLY W 433 101.79 -55.28 46.25
C GLY W 433 102.17 -55.09 47.71
N ASP W 434 103.46 -55.22 47.98
CA ASP W 434 103.95 -55.08 49.35
C ASP W 434 104.30 -53.63 49.67
N ASN W 435 105.18 -53.03 48.88
CA ASN W 435 105.56 -51.63 49.08
C ASN W 435 104.48 -50.66 48.66
N SER W 436 103.43 -51.12 47.98
CA SER W 436 102.34 -50.28 47.55
C SER W 436 101.02 -50.97 47.87
N ALA W 437 100.04 -50.20 48.33
CA ALA W 437 98.75 -50.77 48.71
C ALA W 437 97.98 -51.32 47.50
N THR W 438 98.38 -50.97 46.28
CA THR W 438 97.69 -51.45 45.10
C THR W 438 97.81 -52.96 44.97
N ALA W 439 96.78 -53.58 44.42
CA ALA W 439 96.73 -55.02 44.22
C ALA W 439 96.71 -55.32 42.72
N GLY W 440 97.63 -56.18 42.28
CA GLY W 440 97.68 -56.60 40.90
C GLY W 440 96.75 -57.78 40.63
N GLN W 441 96.81 -58.26 39.39
CA GLN W 441 96.02 -59.40 38.96
C GLN W 441 96.95 -60.56 38.60
N TYR W 442 96.76 -61.69 39.27
CA TYR W 442 97.50 -62.90 38.93
C TYR W 442 96.61 -63.78 38.04
N ALA W 443 96.40 -63.28 36.82
CA ALA W 443 95.51 -63.94 35.87
C ALA W 443 95.90 -63.47 34.47
N SER W 444 95.02 -63.69 33.50
CA SER W 444 95.29 -63.26 32.13
C SER W 444 95.44 -61.74 32.03
N ALA W 445 94.82 -61.00 32.95
CA ALA W 445 95.05 -59.56 32.99
C ALA W 445 96.51 -59.25 33.29
N ASP W 446 97.08 -59.95 34.28
CA ASP W 446 98.52 -59.98 34.53
C ASP W 446 99.11 -58.58 34.71
N GLY W 447 98.66 -57.93 35.78
CA GLY W 447 99.21 -56.65 36.19
C GLY W 447 98.25 -55.48 36.11
N ALA W 448 97.10 -55.65 35.46
CA ALA W 448 96.11 -54.58 35.45
C ALA W 448 95.59 -54.34 36.87
N LYS W 449 95.78 -53.12 37.36
CA LYS W 449 95.42 -52.82 38.74
C LYS W 449 93.93 -53.01 38.97
N VAL W 450 93.59 -53.69 40.05
CA VAL W 450 92.20 -53.99 40.39
C VAL W 450 91.62 -52.83 41.17
N LEU W 451 90.32 -52.58 41.00
CA LEU W 451 89.63 -51.50 41.67
C LEU W 451 88.26 -51.98 42.13
N VAL W 452 87.74 -51.31 43.16
CA VAL W 452 86.40 -51.59 43.67
C VAL W 452 85.44 -50.61 43.03
N GLY W 453 84.50 -51.13 42.24
CA GLY W 453 83.56 -50.30 41.53
C GLY W 453 82.45 -49.78 42.43
N SER W 454 81.59 -48.95 41.84
CA SER W 454 80.46 -48.38 42.56
C SER W 454 79.50 -49.50 42.93
N ASP W 455 79.47 -49.86 44.23
CA ASP W 455 78.67 -50.96 44.75
C ASP W 455 78.99 -52.29 44.08
N GLY W 456 80.13 -52.37 43.38
CA GLY W 456 80.59 -53.61 42.80
C GLY W 456 81.61 -54.29 43.70
N LYS W 457 81.74 -55.60 43.53
CA LYS W 457 82.69 -56.35 44.35
C LYS W 457 84.12 -55.89 44.10
N LEU W 458 84.60 -56.06 42.87
CA LEU W 458 85.91 -55.56 42.46
C LEU W 458 86.02 -55.70 40.95
N THR W 459 86.54 -54.66 40.31
CA THR W 459 86.64 -54.62 38.86
C THR W 459 88.07 -54.28 38.46
N THR W 460 88.34 -54.33 37.16
CA THR W 460 89.68 -54.10 36.64
C THR W 460 89.88 -52.72 36.06
N GLU W 461 88.88 -52.16 35.38
CA GLU W 461 89.01 -50.84 34.79
C GLU W 461 88.65 -49.76 35.81
N THR W 462 89.36 -48.63 35.72
CA THR W 462 89.42 -47.65 36.80
C THR W 462 88.16 -46.84 36.98
N THR W 463 87.23 -46.85 36.02
CA THR W 463 86.03 -46.04 36.15
C THR W 463 84.79 -46.92 36.19
N SER W 464 83.61 -46.30 36.15
CA SER W 464 82.35 -47.02 36.10
C SER W 464 81.26 -46.03 35.70
N ALA W 465 80.10 -46.59 35.37
CA ALA W 465 79.00 -45.76 34.89
C ALA W 465 78.54 -44.80 35.99
N GLY W 466 78.27 -43.56 35.58
CA GLY W 466 77.78 -42.55 36.49
C GLY W 466 76.28 -42.62 36.66
N ASP W 467 75.72 -41.54 37.20
CA ASP W 467 74.29 -41.47 37.45
C ASP W 467 73.58 -40.40 36.63
N LYS W 468 74.29 -39.49 35.95
CA LYS W 468 73.71 -38.69 34.86
C LYS W 468 73.35 -39.60 33.68
N THR W 469 72.35 -39.15 32.90
CA THR W 469 72.03 -39.85 31.68
C THR W 469 73.17 -39.73 30.69
N THR W 470 73.47 -40.82 30.00
CA THR W 470 74.71 -40.91 29.22
C THR W 470 74.77 -39.84 28.14
N ASP W 471 73.73 -39.74 27.32
CA ASP W 471 73.67 -38.75 26.25
C ASP W 471 72.35 -38.00 26.37
N PRO W 472 72.29 -36.96 27.20
CA PRO W 472 71.01 -36.27 27.41
C PRO W 472 70.44 -35.67 26.15
N LEU W 473 71.28 -35.14 25.27
CA LEU W 473 70.77 -34.47 24.07
C LEU W 473 70.19 -35.47 23.08
N LYS W 474 70.75 -36.68 22.99
CA LYS W 474 70.13 -37.70 22.15
C LYS W 474 68.75 -38.08 22.65
N THR W 475 68.60 -38.26 23.96
CA THR W 475 67.27 -38.57 24.50
C THR W 475 66.32 -37.42 24.27
N LEU W 476 66.79 -36.18 24.43
CA LEU W 476 65.92 -35.02 24.20
C LEU W 476 65.50 -34.92 22.74
N ASP W 477 66.42 -35.21 21.81
CA ASP W 477 66.05 -35.21 20.40
C ASP W 477 65.08 -36.33 20.08
N ALA W 478 65.21 -37.48 20.73
CA ALA W 478 64.22 -38.55 20.57
C ALA W 478 62.86 -38.09 21.06
N ALA W 479 62.82 -37.39 22.19
CA ALA W 479 61.56 -36.84 22.70
C ALA W 479 60.98 -35.82 21.71
N PHE W 480 61.83 -34.97 21.14
CA PHE W 480 61.36 -34.04 20.11
C PHE W 480 60.77 -34.78 18.93
N THR W 481 61.43 -35.83 18.47
CA THR W 481 60.92 -36.57 17.32
C THR W 481 59.55 -37.17 17.62
N LYS W 482 59.40 -37.79 18.80
CA LYS W 482 58.12 -38.38 19.16
C LYS W 482 57.02 -37.32 19.26
N LEU W 483 57.31 -36.23 19.97
CA LEU W 483 56.30 -35.20 20.16
C LEU W 483 55.92 -34.54 18.85
N ASP W 484 56.91 -34.26 17.99
CA ASP W 484 56.62 -33.65 16.70
C ASP W 484 55.86 -34.61 15.80
N LYS W 485 56.14 -35.91 15.89
CA LYS W 485 55.35 -36.87 15.13
C LYS W 485 53.89 -36.83 15.55
N LEU W 486 53.64 -36.79 16.86
CA LEU W 486 52.24 -36.73 17.31
C LEU W 486 51.58 -35.40 16.92
N THR W 487 52.30 -34.29 17.05
CA THR W 487 51.73 -33.01 16.65
C THR W 487 51.42 -32.96 15.17
N GLY W 488 52.31 -33.53 14.34
CA GLY W 488 52.03 -33.61 12.92
C GLY W 488 50.83 -34.47 12.61
N GLU W 489 50.68 -35.58 13.31
CA GLU W 489 49.50 -36.43 13.10
C GLU W 489 48.23 -35.68 13.46
N LEU W 490 48.23 -34.96 14.58
CA LEU W 490 47.06 -34.19 14.98
C LEU W 490 46.78 -33.05 14.01
N GLY W 491 47.83 -32.40 13.49
CA GLY W 491 47.61 -31.38 12.48
C GLY W 491 47.00 -31.95 11.21
N ALA W 492 47.48 -33.12 10.79
CA ALA W 492 46.91 -33.78 9.61
C ALA W 492 45.45 -34.10 9.83
N VAL W 493 45.10 -34.65 11.00
CA VAL W 493 43.72 -35.00 11.24
C VAL W 493 42.87 -33.74 11.36
N GLN W 494 43.43 -32.64 11.88
CA GLN W 494 42.67 -31.40 11.94
C GLN W 494 42.37 -30.86 10.56
N ASN W 495 43.37 -30.89 9.66
CA ASN W 495 43.12 -30.48 8.28
C ASN W 495 42.08 -31.38 7.63
N ARG W 496 42.17 -32.68 7.85
CA ARG W 496 41.20 -33.59 7.25
C ARG W 496 39.79 -33.33 7.78
N LEU W 497 39.65 -33.06 9.08
CA LEU W 497 38.33 -32.74 9.61
C LEU W 497 37.78 -31.44 9.04
N GLU W 498 38.64 -30.44 8.83
CA GLU W 498 38.15 -29.22 8.17
C GLU W 498 37.64 -29.54 6.76
N SER W 499 38.40 -30.36 6.02
CA SER W 499 37.96 -30.76 4.69
C SER W 499 36.67 -31.57 4.75
N THR W 500 36.52 -32.42 5.76
CA THR W 500 35.29 -33.19 5.90
C THR W 500 34.11 -32.27 6.17
N ILE W 501 34.29 -31.24 6.99
CA ILE W 501 33.18 -30.33 7.22
C ILE W 501 32.80 -29.60 5.94
N ALA W 502 33.80 -29.19 5.15
CA ALA W 502 33.48 -28.56 3.87
C ALA W 502 32.70 -29.51 2.97
N ASN W 503 33.16 -30.76 2.87
CA ASN W 503 32.50 -31.75 2.02
C ASN W 503 31.08 -32.04 2.51
N LEU W 504 30.93 -32.23 3.82
CA LEU W 504 29.61 -32.49 4.38
C LEU W 504 28.67 -31.32 4.17
N ASN W 505 29.17 -30.08 4.30
CA ASN W 505 28.31 -28.93 4.04
C ASN W 505 27.85 -28.91 2.60
N ASN W 506 28.77 -29.16 1.65
CA ASN W 506 28.38 -29.20 0.25
C ASN W 506 27.33 -30.27 0.00
N VAL W 507 27.55 -31.47 0.55
CA VAL W 507 26.63 -32.58 0.31
C VAL W 507 25.29 -32.31 0.99
N VAL W 508 25.30 -31.66 2.15
CA VAL W 508 24.05 -31.32 2.83
C VAL W 508 23.25 -30.34 2.01
N ASN W 509 23.90 -29.31 1.47
CA ASN W 509 23.17 -28.36 0.63
C ASN W 509 22.61 -29.03 -0.61
N ASN W 510 23.41 -29.89 -1.25
CA ASN W 510 22.94 -30.57 -2.46
C ASN W 510 21.78 -31.50 -2.15
N LEU W 511 21.83 -32.21 -1.03
CA LEU W 511 20.75 -33.11 -0.66
C LEU W 511 19.50 -32.33 -0.27
N SER W 512 19.67 -31.17 0.36
CA SER W 512 18.53 -30.31 0.65
C SER W 512 17.87 -29.83 -0.63
N SER W 513 18.67 -29.47 -1.62
CA SER W 513 18.12 -29.13 -2.93
C SER W 513 17.39 -30.32 -3.56
N ALA W 514 17.96 -31.52 -3.41
CA ALA W 514 17.29 -32.72 -3.93
C ALA W 514 15.93 -32.90 -3.29
N ARG W 515 15.86 -32.73 -1.97
CA ARG W 515 14.59 -32.84 -1.27
C ARG W 515 13.61 -31.75 -1.69
N SER W 516 14.12 -30.54 -1.94
CA SER W 516 13.26 -29.46 -2.41
C SER W 516 12.66 -29.80 -3.77
N ARG W 517 13.47 -30.36 -4.66
CA ARG W 517 13.00 -30.68 -6.00
C ARG W 517 11.86 -31.69 -6.02
N ILE W 518 11.69 -32.47 -4.95
CA ILE W 518 10.70 -33.53 -4.94
C ILE W 518 9.62 -33.32 -3.88
N GLN W 519 9.90 -32.60 -2.79
CA GLN W 519 8.99 -32.51 -1.67
C GLN W 519 8.35 -31.12 -1.53
N ASP W 520 9.13 -30.07 -1.66
CA ASP W 520 8.61 -28.72 -1.47
C ASP W 520 7.60 -28.38 -2.58
N ALA W 521 6.63 -27.55 -2.23
CA ALA W 521 5.55 -27.20 -3.15
C ALA W 521 5.92 -25.99 -3.97
N ASP W 522 5.57 -26.02 -5.26
CA ASP W 522 5.78 -24.89 -6.15
C ASP W 522 4.59 -23.96 -6.03
N TYR W 523 4.77 -22.88 -5.27
CA TYR W 523 3.66 -21.96 -5.02
C TYR W 523 3.15 -21.31 -6.29
N ALA W 524 4.00 -21.13 -7.30
CA ALA W 524 3.55 -20.49 -8.54
C ALA W 524 2.44 -21.30 -9.20
N THR W 525 2.58 -22.62 -9.24
CA THR W 525 1.53 -23.45 -9.82
C THR W 525 0.45 -23.82 -8.82
N GLU W 526 0.79 -23.95 -7.54
CA GLU W 526 -0.22 -24.30 -6.55
C GLU W 526 -1.25 -23.19 -6.39
N VAL W 527 -0.80 -21.93 -6.40
CA VAL W 527 -1.73 -20.81 -6.27
C VAL W 527 -2.64 -20.74 -7.48
N SER W 528 -2.10 -20.95 -8.67
CA SER W 528 -2.94 -20.96 -9.87
C SER W 528 -3.95 -22.10 -9.83
N ASN W 529 -3.53 -23.28 -9.35
CA ASN W 529 -4.47 -24.38 -9.19
C ASN W 529 -5.57 -24.02 -8.20
N MET W 530 -5.21 -23.37 -7.10
CA MET W 530 -6.20 -22.93 -6.14
C MET W 530 -7.18 -21.94 -6.75
N SER W 531 -6.68 -21.00 -7.55
CA SER W 531 -7.54 -20.00 -8.16
C SER W 531 -8.51 -20.65 -9.14
N LYS W 532 -8.00 -21.57 -9.98
CA LYS W 532 -8.88 -22.28 -10.89
C LYS W 532 -9.89 -23.13 -10.13
N ALA W 533 -9.48 -23.71 -8.99
CA ALA W 533 -10.40 -24.48 -8.19
C ALA W 533 -11.52 -23.62 -7.62
N GLN W 534 -11.19 -22.43 -7.12
CA GLN W 534 -12.22 -21.54 -6.60
C GLN W 534 -13.15 -21.09 -7.72
N ILE W 535 -12.61 -20.80 -8.90
CA ILE W 535 -13.45 -20.43 -10.03
C ILE W 535 -14.39 -21.57 -10.38
N LEU W 536 -13.86 -22.80 -10.44
CA LEU W 536 -14.69 -23.96 -10.71
C LEU W 536 -15.74 -24.15 -9.63
N GLN W 537 -15.41 -23.81 -8.39
CA GLN W 537 -16.38 -23.97 -7.29
C GLN W 537 -17.54 -22.99 -7.43
N GLN W 538 -17.24 -21.72 -7.68
CA GLN W 538 -18.30 -20.75 -7.87
C GLN W 538 -19.16 -21.10 -9.08
N ALA W 539 -18.51 -21.48 -10.19
CA ALA W 539 -19.26 -21.88 -11.37
C ALA W 539 -20.11 -23.11 -11.10
N GLY W 540 -19.58 -24.07 -10.35
CA GLY W 540 -20.33 -25.27 -10.06
C GLY W 540 -21.54 -25.00 -9.20
N THR W 541 -21.38 -24.15 -8.19
CA THR W 541 -22.53 -23.78 -7.35
C THR W 541 -23.60 -23.08 -8.19
N SER W 542 -23.19 -22.15 -9.06
CA SER W 542 -24.16 -21.45 -9.88
C SER W 542 -24.88 -22.40 -10.82
N VAL W 543 -24.13 -23.26 -11.51
CA VAL W 543 -24.75 -24.17 -12.47
C VAL W 543 -25.60 -25.21 -11.77
N LEU W 544 -25.22 -25.62 -10.56
CA LEU W 544 -26.07 -26.52 -9.79
C LEU W 544 -27.37 -25.84 -9.41
N ALA W 545 -27.31 -24.56 -9.05
CA ALA W 545 -28.54 -23.81 -8.82
C ALA W 545 -29.43 -23.84 -10.05
N GLN W 546 -28.89 -23.37 -11.19
CA GLN W 546 -29.71 -23.32 -12.40
C GLN W 546 -30.23 -24.69 -12.80
N ALA W 547 -29.48 -25.75 -12.51
CA ALA W 547 -30.01 -27.10 -12.70
C ALA W 547 -31.16 -27.37 -11.75
N ASN W 548 -31.14 -26.79 -10.55
CA ASN W 548 -32.28 -26.94 -9.66
C ASN W 548 -33.48 -26.13 -10.12
N GLN W 549 -33.29 -25.04 -10.87
CA GLN W 549 -34.45 -24.41 -11.49
C GLN W 549 -34.85 -25.04 -12.82
N VAL W 550 -34.20 -26.11 -13.23
CA VAL W 550 -34.66 -26.85 -14.42
C VAL W 550 -36.06 -27.43 -14.22
N PRO W 551 -36.38 -28.13 -13.13
CA PRO W 551 -37.67 -28.80 -13.05
C PRO W 551 -38.88 -27.93 -12.75
N GLN W 552 -38.71 -26.71 -12.23
CA GLN W 552 -39.89 -25.88 -12.00
C GLN W 552 -40.54 -25.44 -13.31
N THR W 553 -39.78 -25.44 -14.42
CA THR W 553 -40.42 -25.20 -15.72
C THR W 553 -41.50 -26.22 -16.00
N VAL W 554 -41.37 -27.43 -15.46
CA VAL W 554 -42.47 -28.38 -15.47
C VAL W 554 -43.62 -27.86 -14.63
N LEU W 555 -43.31 -27.20 -13.52
CA LEU W 555 -44.36 -26.70 -12.63
C LEU W 555 -44.93 -25.40 -13.17
N SER W 556 -45.27 -25.38 -14.45
CA SER W 556 -46.02 -24.27 -15.03
C SER W 556 -47.36 -24.73 -15.58
N LEU W 557 -47.35 -25.73 -16.46
CA LEU W 557 -48.59 -26.34 -16.91
C LEU W 557 -49.13 -27.25 -15.82
N LEU W 558 -50.45 -27.22 -15.64
CA LEU W 558 -51.10 -28.00 -14.58
C LEU W 558 -52.51 -28.40 -14.97
N ALA X 2 -31.60 -16.73 21.13
CA ALA X 2 -32.80 -16.01 20.74
C ALA X 2 -32.52 -15.13 19.53
N ALA X 3 -33.54 -14.93 18.71
CA ALA X 3 -33.42 -14.15 17.48
C ALA X 3 -34.00 -12.75 17.65
N VAL X 4 -33.82 -12.17 18.82
CA VAL X 4 -34.38 -10.84 19.10
C VAL X 4 -33.39 -9.76 18.69
N ILE X 5 -33.93 -8.58 18.38
CA ILE X 5 -33.12 -7.45 17.92
C ILE X 5 -33.11 -6.28 18.90
N ASN X 6 -34.00 -6.26 19.89
CA ASN X 6 -34.11 -5.10 20.76
C ASN X 6 -32.85 -4.87 21.56
N THR X 7 -32.24 -5.94 22.07
CA THR X 7 -30.96 -5.84 22.77
C THR X 7 -30.02 -6.91 22.25
N ASN X 8 -28.74 -6.57 22.17
CA ASN X 8 -27.71 -7.46 21.63
C ASN X 8 -26.68 -7.69 22.74
N TYR X 9 -26.81 -8.81 23.46
CA TYR X 9 -25.89 -9.10 24.54
C TYR X 9 -24.47 -9.28 24.03
N LEU X 10 -24.31 -9.88 22.85
CA LEU X 10 -22.98 -10.06 22.29
C LEU X 10 -22.30 -8.72 22.03
N SER X 11 -23.06 -7.76 21.52
CA SER X 11 -22.51 -6.43 21.30
C SER X 11 -22.06 -5.80 22.61
N LEU X 12 -22.85 -5.97 23.67
CA LEU X 12 -22.48 -5.40 24.96
C LEU X 12 -21.21 -6.04 25.51
N VAL X 13 -21.09 -7.36 25.38
CA VAL X 13 -19.89 -8.04 25.85
C VAL X 13 -18.67 -7.56 25.07
N ALA X 14 -18.83 -7.44 23.74
CA ALA X 14 -17.74 -6.93 22.93
C ALA X 14 -17.35 -5.51 23.33
N GLN X 15 -18.33 -4.67 23.65
CA GLN X 15 -18.05 -3.32 24.11
C GLN X 15 -17.26 -3.35 25.41
N ASN X 16 -17.63 -4.22 26.33
CA ASN X 16 -16.90 -4.32 27.59
C ASN X 16 -15.44 -4.71 27.36
N ASN X 17 -15.23 -5.76 26.55
CA ASN X 17 -13.86 -6.19 26.31
C ASN X 17 -13.05 -5.14 25.57
N LEU X 18 -13.70 -4.41 24.65
CA LEU X 18 -13.03 -3.31 23.98
C LEU X 18 -12.62 -2.23 24.97
N ASN X 19 -13.49 -1.92 25.93
CA ASN X 19 -13.15 -0.91 26.94
C ASN X 19 -11.99 -1.37 27.81
N LYS X 20 -11.98 -2.65 28.20
CA LYS X 20 -10.85 -3.15 28.99
C LYS X 20 -9.54 -3.06 28.21
N SER X 21 -9.56 -3.48 26.94
CA SER X 21 -8.36 -3.39 26.12
C SER X 21 -7.92 -1.95 25.95
N GLN X 22 -8.88 -1.03 25.80
CA GLN X 22 -8.53 0.37 25.62
C GLN X 22 -7.94 0.97 26.89
N SER X 23 -8.44 0.56 28.06
CA SER X 23 -7.84 1.02 29.31
C SER X 23 -6.41 0.51 29.46
N SER X 24 -6.19 -0.75 29.08
CA SER X 24 -4.82 -1.28 29.08
C SER X 24 -3.93 -0.49 28.12
N LEU X 25 -4.45 -0.16 26.94
CA LEU X 25 -3.70 0.64 25.99
C LEU X 25 -3.40 2.02 26.56
N GLY X 26 -4.36 2.61 27.26
CA GLY X 26 -4.16 3.93 27.82
C GLY X 26 -3.07 3.95 28.87
N THR X 27 -3.10 2.98 29.80
CA THR X 27 -2.05 2.95 30.80
C THR X 27 -0.69 2.64 30.19
N ALA X 28 -0.66 1.75 29.19
CA ALA X 28 0.60 1.46 28.52
C ALA X 28 1.15 2.68 27.80
N ILE X 29 0.28 3.44 27.15
CA ILE X 29 0.71 4.64 26.42
C ILE X 29 1.19 5.69 27.39
N GLU X 30 0.49 5.88 28.51
CA GLU X 30 0.95 6.83 29.51
C GLU X 30 2.33 6.47 30.05
N ARG X 31 2.53 5.19 30.38
CA ARG X 31 3.83 4.77 30.90
C ARG X 31 4.91 4.84 29.83
N LEU X 32 4.56 4.64 28.56
CA LEU X 32 5.53 4.74 27.49
C LEU X 32 5.95 6.19 27.27
N SER X 33 4.98 7.10 27.26
CA SER X 33 5.28 8.51 27.01
C SER X 33 6.04 9.13 28.16
N SER X 34 5.55 8.94 29.39
CA SER X 34 6.17 9.61 30.53
C SER X 34 7.53 9.03 30.87
N GLY X 35 7.75 7.75 30.59
CA GLY X 35 8.95 7.08 31.01
C GLY X 35 8.97 6.68 32.46
N LEU X 36 7.88 6.91 33.18
CA LEU X 36 7.76 6.55 34.59
C LEU X 36 6.63 5.56 34.75
N ARG X 37 6.93 4.38 35.29
CA ARG X 37 5.89 3.39 35.51
C ARG X 37 4.84 3.88 36.48
N ILE X 38 5.26 4.53 37.56
CA ILE X 38 4.36 4.99 38.62
C ILE X 38 4.12 6.48 38.44
N ASN X 39 3.08 6.80 37.67
CA ASN X 39 2.50 8.14 37.63
C ASN X 39 1.00 7.97 37.76
N SER X 40 0.33 9.00 38.30
CA SER X 40 -1.08 8.90 38.64
C SER X 40 -1.29 7.75 39.65
N ALA X 41 -0.84 8.04 40.88
CA ALA X 41 -0.49 7.06 41.91
C ALA X 41 -1.42 5.85 42.02
N LYS X 42 -2.65 5.95 41.49
CA LYS X 42 -3.60 4.84 41.49
C LYS X 42 -2.96 3.52 41.09
N ASP X 43 -1.88 3.56 40.31
CA ASP X 43 -1.06 2.37 40.09
C ASP X 43 0.12 2.39 41.06
N ASP X 44 0.17 1.39 41.93
CA ASP X 44 1.24 1.26 42.94
C ASP X 44 1.30 2.51 43.82
N ALA X 45 0.23 2.70 44.60
CA ALA X 45 0.13 3.90 45.43
C ALA X 45 1.30 4.02 46.40
N ALA X 46 1.68 2.91 47.03
CA ALA X 46 2.85 2.94 47.91
C ALA X 46 4.13 3.15 47.13
N GLY X 47 4.18 2.67 45.89
CA GLY X 47 5.37 2.88 45.08
C GLY X 47 5.66 4.35 44.86
N MET X 48 4.63 5.17 44.66
CA MET X 48 4.85 6.60 44.48
C MET X 48 5.34 7.24 45.78
N ALA X 49 4.88 6.76 46.93
CA ALA X 49 5.44 7.26 48.19
C ALA X 49 6.91 6.92 48.30
N ILE X 50 7.28 5.69 47.94
CA ILE X 50 8.69 5.30 47.98
C ILE X 50 9.51 6.17 47.04
N ALA X 51 9.02 6.39 45.82
CA ALA X 51 9.73 7.19 44.84
C ALA X 51 9.81 8.65 45.27
N ASN X 52 8.76 9.17 45.91
CA ASN X 52 8.79 10.52 46.44
C ASN X 52 9.89 10.66 47.49
N ARG X 53 9.96 9.70 48.41
CA ARG X 53 11.02 9.74 49.42
C ARG X 53 12.39 9.65 48.77
N PHE X 54 12.52 8.81 47.74
CA PHE X 54 13.80 8.67 47.05
C PHE X 54 14.20 9.95 46.34
N THR X 55 13.26 10.60 45.65
CA THR X 55 13.59 11.87 45.00
C THR X 55 14.02 12.90 46.02
N ALA X 56 13.29 12.99 47.14
CA ALA X 56 13.68 13.94 48.17
C ALA X 56 15.08 13.66 48.68
N ASN X 57 15.38 12.39 48.96
CA ASN X 57 16.69 12.05 49.49
C ASN X 57 17.80 12.32 48.47
N VAL X 58 17.60 11.90 47.23
CA VAL X 58 18.64 12.09 46.21
C VAL X 58 18.91 13.57 45.97
N ARG X 59 17.84 14.35 45.83
CA ARG X 59 18.01 15.77 45.56
C ARG X 59 18.66 16.49 46.74
N GLY X 60 18.23 16.16 47.97
CA GLY X 60 18.88 16.73 49.13
C GLY X 60 20.35 16.36 49.23
N LEU X 61 20.69 15.11 48.89
CA LEU X 61 22.08 14.70 49.00
C LEU X 61 22.94 15.34 47.92
N THR X 62 22.39 15.54 46.72
CA THR X 62 23.13 16.29 45.71
C THR X 62 23.39 17.72 46.16
N GLN X 63 22.36 18.38 46.71
CA GLN X 63 22.57 19.73 47.22
C GLN X 63 23.59 19.73 48.36
N ALA X 64 23.60 18.67 49.16
CA ALA X 64 24.60 18.53 50.21
C ALA X 64 26.00 18.36 49.63
N ALA X 65 26.13 17.67 48.50
CA ALA X 65 27.41 17.59 47.83
C ALA X 65 27.87 18.96 47.38
N ARG X 66 26.94 19.78 46.88
CA ARG X 66 27.30 21.16 46.57
C ARG X 66 27.76 21.91 47.81
N ASN X 67 27.08 21.71 48.94
CA ASN X 67 27.49 22.34 50.18
C ASN X 67 28.90 21.91 50.59
N ALA X 68 29.19 20.63 50.43
CA ALA X 68 30.53 20.12 50.75
C ALA X 68 31.58 20.74 49.83
N ASN X 69 31.23 20.94 48.55
CA ASN X 69 32.13 21.62 47.64
C ASN X 69 32.40 23.05 48.12
N ASP X 70 31.36 23.73 48.58
CA ASP X 70 31.54 25.07 49.14
C ASP X 70 32.47 25.04 50.35
N GLY X 71 32.30 24.03 51.21
CA GLY X 71 33.17 23.91 52.37
C GLY X 71 34.62 23.70 51.99
N ILE X 72 34.87 22.84 51.01
CA ILE X 72 36.25 22.63 50.55
C ILE X 72 36.81 23.91 49.96
N SER X 73 36.00 24.66 49.21
CA SER X 73 36.51 25.91 48.65
C SER X 73 36.89 26.89 49.75
N LEU X 74 36.05 27.00 50.79
CA LEU X 74 36.38 27.88 51.90
C LEU X 74 37.64 27.44 52.61
N ALA X 75 37.78 26.12 52.83
CA ALA X 75 38.99 25.60 53.46
C ALA X 75 40.21 25.86 52.60
N GLN X 76 40.05 25.77 51.28
CA GLN X 76 41.16 26.04 50.37
C GLN X 76 41.61 27.50 50.49
N THR X 77 40.66 28.42 50.51
CA THR X 77 41.03 29.83 50.66
C THR X 77 41.74 30.06 52.00
N THR X 78 41.20 29.48 53.07
CA THR X 78 41.81 29.68 54.39
C THR X 78 43.22 29.12 54.43
N GLU X 79 43.40 27.90 53.91
CA GLU X 79 44.72 27.28 53.92
C GLU X 79 45.68 28.03 53.02
N GLY X 80 45.19 28.58 51.90
CA GLY X 80 46.05 29.37 51.04
C GLY X 80 46.54 30.64 51.70
N ALA X 81 45.64 31.33 52.42
CA ALA X 81 46.08 32.51 53.16
C ALA X 81 47.07 32.14 54.25
N ALA X 82 46.79 31.06 54.99
CA ALA X 82 47.68 30.66 56.07
C ALA X 82 49.03 30.22 55.55
N SER X 83 49.08 29.63 54.35
CA SER X 83 50.35 29.16 53.81
C SER X 83 51.32 30.30 53.54
N GLU X 84 50.81 31.49 53.24
CA GLU X 84 51.69 32.62 53.02
C GLU X 84 51.91 33.43 54.30
N VAL X 85 50.96 33.40 55.23
CA VAL X 85 51.27 33.88 56.57
C VAL X 85 52.43 33.08 57.14
N ASN X 86 52.52 31.81 56.78
CA ASN X 86 53.65 30.99 57.18
C ASN X 86 54.96 31.54 56.62
N THR X 87 54.95 31.96 55.35
CA THR X 87 56.15 32.56 54.78
C THR X 87 56.52 33.84 55.51
N HIS X 88 55.52 34.64 55.86
CA HIS X 88 55.79 35.83 56.66
C HIS X 88 56.47 35.47 57.97
N LEU X 89 55.97 34.46 58.67
CA LEU X 89 56.58 34.06 59.93
C LEU X 89 57.99 33.52 59.73
N GLN X 90 58.21 32.76 58.66
CA GLN X 90 59.55 32.25 58.38
C GLN X 90 60.53 33.40 58.15
N ARG X 91 60.11 34.40 57.37
CA ARG X 91 60.99 35.54 57.11
C ARG X 91 61.27 36.31 58.39
N ILE X 92 60.24 36.47 59.22
CA ILE X 92 60.41 37.14 60.50
C ILE X 92 61.40 36.39 61.37
N ARG X 93 61.30 35.06 61.40
CA ARG X 93 62.23 34.27 62.19
C ARG X 93 63.65 34.39 61.67
N GLU X 94 63.83 34.36 60.35
CA GLU X 94 65.17 34.51 59.79
C GLU X 94 65.77 35.85 60.17
N LEU X 95 64.97 36.92 60.08
CA LEU X 95 65.50 38.23 60.43
C LEU X 95 65.70 38.39 61.93
N THR X 96 64.90 37.68 62.74
CA THR X 96 65.13 37.68 64.18
C THR X 96 66.47 37.03 64.50
N VAL X 97 66.79 35.94 63.81
CA VAL X 97 68.10 35.30 63.99
C VAL X 97 69.20 36.25 63.55
N GLN X 98 69.00 36.94 62.43
CA GLN X 98 70.05 37.83 61.93
C GLN X 98 70.28 39.01 62.87
N ALA X 99 69.19 39.60 63.37
CA ALA X 99 69.31 40.79 64.20
C ALA X 99 69.69 40.47 65.64
N SER X 100 69.58 39.21 66.04
CA SER X 100 70.06 38.83 67.37
C SER X 100 71.57 38.90 67.48
N ASN X 101 72.28 39.01 66.36
CA ASN X 101 73.72 39.21 66.40
C ASN X 101 74.05 40.55 67.01
N GLY X 102 75.15 40.60 67.76
CA GLY X 102 75.58 41.83 68.38
C GLY X 102 76.37 42.76 67.51
N SER X 103 76.81 42.29 66.33
CA SER X 103 77.59 43.14 65.44
C SER X 103 76.77 44.26 64.81
N TYR X 104 75.45 44.12 64.79
CA TYR X 104 74.60 45.11 64.14
C TYR X 104 74.39 46.30 65.07
N SER X 105 74.68 47.50 64.58
CA SER X 105 74.47 48.70 65.35
C SER X 105 72.98 49.04 65.38
N GLN X 106 72.63 50.12 66.09
CA GLN X 106 71.23 50.42 66.34
C GLN X 106 70.47 50.75 65.06
N GLU X 107 71.14 51.36 64.08
CA GLU X 107 70.44 51.74 62.84
C GLU X 107 70.02 50.50 62.05
N GLN X 108 70.89 49.50 61.94
CA GLN X 108 70.51 48.28 61.23
C GLN X 108 69.40 47.54 61.98
N LEU X 109 69.46 47.52 63.30
CA LEU X 109 68.38 46.92 64.08
C LEU X 109 67.08 47.67 63.84
N ASP X 110 67.14 48.99 63.71
CA ASP X 110 65.94 49.77 63.42
C ASP X 110 65.38 49.44 62.04
N SER X 111 66.26 49.25 61.05
CA SER X 111 65.79 48.85 59.72
C SER X 111 65.14 47.48 59.75
N VAL X 112 65.75 46.53 60.46
CA VAL X 112 65.16 45.21 60.60
C VAL X 112 63.81 45.29 61.30
N GLN X 113 63.72 46.13 62.33
CA GLN X 113 62.46 46.33 63.04
C GLN X 113 61.41 46.95 62.14
N GLY X 114 61.80 47.89 61.28
CA GLY X 114 60.85 48.44 60.33
C GLY X 114 60.32 47.39 59.36
N GLU X 115 61.22 46.55 58.86
CA GLU X 115 60.77 45.50 57.94
C GLU X 115 59.85 44.51 58.66
N ILE X 116 60.18 44.18 59.91
CA ILE X 116 59.36 43.26 60.70
C ILE X 116 58.00 43.89 60.99
N ASN X 117 57.98 45.21 61.24
CA ASN X 117 56.72 45.91 61.42
C ASN X 117 55.88 45.83 60.15
N GLN X 118 56.53 45.94 58.99
CA GLN X 118 55.82 45.73 57.74
C GLN X 118 55.23 44.32 57.67
N ARG X 119 56.02 43.32 58.06
CA ARG X 119 55.53 41.94 58.01
C ARG X 119 54.33 41.74 58.93
N LEU X 120 54.40 42.28 60.15
CA LEU X 120 53.29 42.15 61.08
C LEU X 120 52.06 42.88 60.59
N ALA X 121 52.25 44.08 60.04
CA ALA X 121 51.11 44.81 59.48
C ALA X 121 50.49 44.04 58.32
N ASP X 122 51.33 43.37 57.51
CA ASP X 122 50.79 42.58 56.42
C ASP X 122 50.03 41.36 56.93
N ILE X 123 50.52 40.73 58.01
CA ILE X 123 49.80 39.60 58.59
C ILE X 123 48.43 40.05 59.09
N ASP X 124 48.40 41.22 59.76
CA ASP X 124 47.14 41.76 60.22
C ASP X 124 46.21 42.09 59.04
N ARG X 125 46.79 42.63 57.97
CA ARG X 125 46.01 42.91 56.77
C ARG X 125 45.44 41.63 56.17
N ILE X 126 46.23 40.55 56.18
CA ILE X 126 45.74 39.27 55.69
C ILE X 126 44.56 38.81 56.52
N SER X 127 44.67 38.96 57.85
CA SER X 127 43.57 38.57 58.72
C SER X 127 42.32 39.38 58.44
N GLU X 128 42.46 40.69 58.28
CA GLU X 128 41.28 41.54 58.14
C GLU X 128 40.64 41.43 56.75
N GLN X 129 41.46 41.34 55.71
CA GLN X 129 40.97 41.46 54.33
C GLN X 129 40.65 40.13 53.67
N THR X 130 41.11 39.01 54.22
CA THR X 130 40.84 37.71 53.60
C THR X 130 39.33 37.45 53.65
N ASP X 131 38.69 37.49 52.50
CA ASP X 131 37.25 37.40 52.41
C ASP X 131 36.86 36.18 51.58
N PHE X 132 35.69 35.63 51.91
CA PHE X 132 35.13 34.51 51.16
C PHE X 132 33.63 34.60 51.28
N ASN X 133 32.97 35.11 50.24
CA ASN X 133 31.52 35.30 50.23
C ASN X 133 31.08 36.14 51.43
N GLY X 134 31.68 37.34 51.52
CA GLY X 134 31.33 38.26 52.57
C GLY X 134 31.61 37.76 53.97
N VAL X 135 32.46 36.75 54.12
CA VAL X 135 32.80 36.19 55.42
C VAL X 135 34.31 36.25 55.58
N LYS X 136 34.77 37.01 56.57
CA LYS X 136 36.20 37.13 56.86
C LYS X 136 36.63 35.85 57.57
N VAL X 137 36.90 34.82 56.77
CA VAL X 137 37.09 33.48 57.31
C VAL X 137 38.30 33.43 58.23
N LEU X 138 39.42 34.00 57.81
CA LEU X 138 40.63 34.00 58.63
C LEU X 138 40.80 35.36 59.31
N SER X 139 39.85 35.68 60.19
CA SER X 139 39.85 37.00 60.82
C SER X 139 39.65 36.92 62.32
N ASP X 140 39.45 38.08 62.94
CA ASP X 140 39.26 38.14 64.39
C ASP X 140 37.89 37.62 64.79
N SER X 141 36.87 37.89 63.99
CA SER X 141 35.50 37.46 64.27
C SER X 141 35.11 36.42 63.22
N ALA X 142 35.40 35.16 63.51
CA ALA X 142 35.12 34.05 62.59
C ALA X 142 34.65 32.86 63.41
N LYS X 143 33.34 32.73 63.57
CA LYS X 143 32.78 31.60 64.27
C LYS X 143 32.86 30.35 63.40
N PRO X 144 32.90 29.16 64.02
CA PRO X 144 32.88 27.93 63.22
C PRO X 144 31.61 27.82 62.39
N LEU X 145 31.76 27.27 61.19
CA LEU X 145 30.66 27.17 60.24
C LEU X 145 29.83 25.93 60.54
N THR X 146 28.85 25.64 59.70
CA THR X 146 27.99 24.47 59.87
C THR X 146 28.22 23.43 58.79
N LEU X 147 28.06 23.79 57.52
CA LEU X 147 28.34 22.91 56.39
C LEU X 147 27.49 21.63 56.47
N GLN X 148 26.18 21.80 56.35
CA GLN X 148 25.28 20.66 56.39
C GLN X 148 25.56 19.74 55.21
N VAL X 149 25.95 18.51 55.51
CA VAL X 149 26.09 17.46 54.51
C VAL X 149 25.09 16.37 54.82
N GLY X 150 24.22 16.07 53.87
CA GLY X 150 23.12 15.17 54.07
C GLY X 150 21.84 15.90 54.42
N ALA X 151 20.71 15.27 54.12
CA ALA X 151 19.41 15.79 54.50
C ALA X 151 19.16 15.47 55.97
N ASN X 152 17.91 15.63 56.43
CA ASN X 152 17.52 15.27 57.79
C ASN X 152 18.34 16.07 58.81
N ASP X 153 18.06 17.38 58.83
CA ASP X 153 18.77 18.34 59.68
C ASP X 153 19.09 17.78 61.06
N GLY X 154 20.31 18.04 61.52
CA GLY X 154 20.77 17.52 62.78
C GLY X 154 22.23 17.13 62.72
N GLU X 155 22.77 17.12 61.50
CA GLU X 155 24.18 16.82 61.27
C GLU X 155 24.81 17.96 60.48
N THR X 156 26.05 18.28 60.84
CA THR X 156 26.80 19.35 60.20
C THR X 156 28.27 18.94 60.22
N ILE X 157 29.15 19.91 59.94
CA ILE X 157 30.58 19.72 60.03
C ILE X 157 31.16 20.99 60.63
N THR X 158 31.55 20.93 61.90
CA THR X 158 32.11 22.11 62.57
C THR X 158 33.43 22.47 61.91
N LEU X 159 33.46 23.59 61.18
CA LEU X 159 34.64 23.95 60.42
C LEU X 159 35.78 24.41 61.33
N ASN X 160 35.44 25.18 62.37
CA ASN X 160 36.36 25.50 63.46
C ASN X 160 37.62 26.20 62.95
N LEU X 161 37.41 27.39 62.41
CA LEU X 161 38.49 28.26 61.94
C LEU X 161 38.33 29.64 62.55
N SER X 162 39.43 30.23 63.02
CA SER X 162 39.36 31.56 63.60
C SER X 162 40.76 32.08 63.94
N GLU X 163 40.91 33.40 63.80
CA GLU X 163 41.86 34.21 64.55
C GLU X 163 43.32 33.76 64.36
N ILE X 164 43.81 33.96 63.13
CA ILE X 164 45.24 34.02 62.89
C ILE X 164 45.59 35.45 62.50
N SER X 165 46.41 36.09 63.31
CA SER X 165 46.83 37.48 63.13
C SER X 165 47.83 37.79 64.24
N VAL X 166 48.31 39.03 64.26
CA VAL X 166 48.94 39.52 65.47
C VAL X 166 47.86 39.66 66.54
N LYS X 167 48.30 39.76 67.79
CA LYS X 167 47.43 39.91 68.96
C LYS X 167 46.75 38.58 69.25
N THR X 168 46.91 37.61 68.36
CA THR X 168 46.46 36.25 68.61
C THR X 168 47.49 35.18 68.29
N LEU X 169 48.46 35.45 67.42
CA LEU X 169 49.65 34.61 67.35
C LEU X 169 50.57 34.87 68.53
N GLY X 170 50.26 35.87 69.35
CA GLY X 170 50.97 36.15 70.57
C GLY X 170 52.02 37.23 70.45
N LEU X 171 52.47 37.55 69.24
CA LEU X 171 53.52 38.55 69.11
C LEU X 171 53.03 39.93 69.57
N ASP X 172 52.19 40.56 68.75
CA ASP X 172 51.44 41.77 69.09
C ASP X 172 52.32 42.96 69.41
N GLY X 173 53.60 42.73 69.64
CA GLY X 173 54.53 43.79 69.96
C GLY X 173 55.92 43.45 69.50
N PHE X 174 56.04 42.49 68.59
CA PHE X 174 57.31 41.86 68.29
C PHE X 174 58.38 42.90 67.96
N ASN X 175 59.34 43.03 68.86
CA ASN X 175 60.36 44.06 68.75
C ASN X 175 61.73 43.44 68.94
N VAL X 176 62.67 43.83 68.09
CA VAL X 176 64.00 43.24 68.12
C VAL X 176 65.03 44.29 68.51
N ASN X 177 64.77 45.55 68.16
CA ASN X 177 65.74 46.59 68.49
C ASN X 177 65.72 46.89 69.99
N GLY X 178 64.60 47.41 70.49
CA GLY X 178 64.52 47.85 71.87
C GLY X 178 65.74 48.69 72.20
N LYS X 179 66.41 48.38 73.31
CA LYS X 179 67.78 48.84 73.48
C LYS X 179 68.62 47.75 74.15
N GLY X 180 68.05 46.58 74.39
CA GLY X 180 68.75 45.48 75.04
C GLY X 180 68.33 45.34 76.49
N VAL X 181 69.28 45.04 77.36
CA VAL X 181 69.05 44.89 78.79
C VAL X 181 69.48 46.21 79.41
N THR X 182 68.51 47.09 79.65
CA THR X 182 68.81 48.42 80.14
C THR X 182 69.33 48.36 81.58
N GLN X 183 70.44 49.05 81.82
CA GLN X 183 71.05 49.10 83.14
C GLN X 183 70.72 50.43 83.82
N ASN X 184 70.48 50.37 85.12
CA ASN X 184 70.11 51.55 85.87
C ASN X 184 71.33 52.43 86.12
N ARG X 185 71.07 53.68 86.48
CA ARG X 185 72.12 54.63 86.81
C ARG X 185 72.30 54.73 88.32
N SER X 186 73.53 55.03 88.74
CA SER X 186 73.84 55.14 90.16
C SER X 186 73.04 56.26 90.79
N ALA X 187 72.11 55.91 91.69
CA ALA X 187 71.33 56.92 92.38
C ALA X 187 72.23 57.76 93.28
N THR X 188 72.10 59.08 93.18
CA THR X 188 72.94 60.01 93.92
C THR X 188 72.10 60.69 94.99
N VAL X 189 72.74 61.56 95.77
CA VAL X 189 72.04 62.26 96.84
C VAL X 189 70.93 63.13 96.27
N THR X 190 71.10 63.65 95.06
CA THR X 190 70.05 64.45 94.43
C THR X 190 68.78 63.64 94.23
N ASP X 191 68.91 62.42 93.71
CA ASP X 191 67.74 61.59 93.47
C ASP X 191 67.06 61.19 94.78
N VAL X 192 67.86 60.87 95.81
CA VAL X 192 67.29 60.45 97.08
C VAL X 192 66.55 61.60 97.75
N ILE X 193 67.17 62.79 97.76
CA ILE X 193 66.52 63.94 98.40
C ILE X 193 65.32 64.39 97.57
N ALA X 194 65.34 64.18 96.25
CA ALA X 194 64.22 64.60 95.42
C ALA X 194 62.97 63.78 95.69
N GLN X 195 63.12 62.51 96.04
CA GLN X 195 61.98 61.62 96.24
C GLN X 195 61.51 61.62 97.69
N GLY X 196 61.25 62.82 98.22
CA GLY X 196 60.79 62.93 99.59
C GLY X 196 61.75 62.43 100.64
N GLY X 197 63.04 62.30 100.30
CA GLY X 197 64.00 61.80 101.24
C GLY X 197 64.23 62.78 102.39
N THR X 198 64.46 62.24 103.57
CA THR X 198 64.67 63.03 104.77
C THR X 198 66.07 62.75 105.30
N LEU X 199 66.79 63.82 105.65
CA LEU X 199 68.13 63.67 106.20
C LEU X 199 68.07 63.01 107.56
N GLN X 200 68.99 62.07 107.80
CA GLN X 200 69.08 61.39 109.08
C GLN X 200 70.45 61.50 109.74
N GLY X 201 71.52 61.69 108.98
CA GLY X 201 72.84 61.78 109.55
C GLY X 201 73.94 62.03 108.54
N ASP X 202 75.05 61.30 108.68
CA ASP X 202 76.22 61.48 107.81
C ASP X 202 75.93 60.87 106.45
N GLY X 203 75.22 61.64 105.63
CA GLY X 203 74.82 61.15 104.32
C GLY X 203 73.84 60.01 104.37
N THR X 204 73.17 59.81 105.51
CA THR X 204 72.22 58.73 105.68
C THR X 204 70.80 59.30 105.54
N TYR X 205 70.05 58.79 104.57
CA TYR X 205 68.70 59.26 104.29
C TYR X 205 67.75 58.08 104.36
N LYS X 206 66.56 58.33 104.91
CA LYS X 206 65.54 57.30 105.07
C LYS X 206 64.40 57.60 104.11
N ALA X 207 64.33 56.83 103.03
CA ALA X 207 63.24 56.95 102.07
C ALA X 207 62.02 56.19 102.59
N THR X 208 60.90 56.88 102.70
CA THR X 208 59.69 56.31 103.26
C THR X 208 58.53 56.46 102.28
N THR X 209 57.62 55.50 102.31
CA THR X 209 56.43 55.55 101.46
C THR X 209 55.26 54.89 102.19
N THR X 210 54.23 55.68 102.45
CA THR X 210 53.04 55.17 103.11
C THR X 210 52.17 54.41 102.12
N PHE X 211 51.58 53.31 102.59
CA PHE X 211 50.91 52.36 101.73
C PHE X 211 49.46 52.12 102.17
N ASN X 212 48.85 53.11 102.83
CA ASN X 212 47.48 52.96 103.30
C ASN X 212 46.54 52.67 102.14
N ALA X 213 46.01 51.46 102.09
CA ALA X 213 45.30 50.98 100.92
C ALA X 213 44.38 49.84 101.36
N ALA X 214 43.96 49.01 100.39
CA ALA X 214 43.07 47.88 100.64
C ALA X 214 41.68 48.34 101.07
N SER X 215 41.09 49.20 100.25
CA SER X 215 39.73 49.68 100.49
C SER X 215 38.72 48.56 100.22
N ALA X 216 37.45 48.91 100.34
CA ALA X 216 36.38 47.91 100.16
C ALA X 216 36.37 47.36 98.75
N GLU X 217 36.53 48.23 97.74
CA GLU X 217 36.50 47.76 96.36
C GLU X 217 37.66 46.83 96.06
N THR X 218 38.87 47.18 96.53
CA THR X 218 40.04 46.35 96.29
C THR X 218 39.94 45.00 96.97
N VAL X 219 39.10 44.86 97.98
CA VAL X 219 38.89 43.58 98.63
C VAL X 219 37.79 42.79 97.94
N LEU X 220 36.67 43.44 97.63
CA LEU X 220 35.57 42.79 96.92
C LEU X 220 35.98 42.35 95.53
N SER X 221 37.05 42.91 94.98
CA SER X 221 37.50 42.50 93.65
C SER X 221 37.91 41.05 93.62
N LYS X 222 38.52 40.55 94.70
CA LYS X 222 39.02 39.17 94.77
C LYS X 222 38.19 38.33 95.74
N LEU X 223 36.87 38.52 95.72
CA LEU X 223 35.99 37.85 96.66
C LEU X 223 35.29 36.68 95.99
N GLU X 224 35.32 35.51 96.65
CA GLU X 224 34.53 34.36 96.24
C GLU X 224 33.87 33.68 97.43
N ASP X 225 34.21 34.05 98.66
CA ASP X 225 33.69 33.42 99.87
C ASP X 225 32.80 34.40 100.62
N GLY X 226 32.37 34.00 101.82
CA GLY X 226 31.45 34.79 102.61
C GLY X 226 32.13 35.84 103.46
N ASN X 227 31.44 36.96 103.63
CA ASN X 227 31.90 38.07 104.46
C ASN X 227 30.92 38.29 105.60
N THR X 228 31.13 39.36 106.37
CA THR X 228 30.25 39.67 107.49
C THR X 228 30.13 41.18 107.64
N VAL X 229 28.99 41.61 108.16
CA VAL X 229 28.73 43.01 108.47
C VAL X 229 28.10 43.09 109.85
N ALA X 230 28.70 43.89 110.73
CA ALA X 230 28.19 44.07 112.08
C ALA X 230 28.30 45.54 112.46
N VAL X 231 27.23 46.09 113.01
CA VAL X 231 27.18 47.50 113.37
C VAL X 231 27.52 47.60 114.85
N GLY X 232 28.82 47.73 115.14
CA GLY X 232 29.26 47.88 116.51
C GLY X 232 28.87 46.67 117.35
N GLY X 233 28.25 46.94 118.50
CA GLY X 233 27.82 45.89 119.39
C GLY X 233 26.40 45.44 119.13
N GLY X 234 25.87 45.78 117.97
CA GLY X 234 24.53 45.41 117.58
C GLY X 234 24.47 44.10 116.82
N ALA X 235 23.47 43.97 115.97
CA ALA X 235 23.28 42.75 115.20
C ALA X 235 24.40 42.59 114.17
N THR X 236 24.54 41.36 113.66
CA THR X 236 25.55 41.02 112.68
C THR X 236 24.91 40.28 111.51
N TYR X 237 25.40 40.55 110.30
CA TYR X 237 24.91 39.90 109.10
C TYR X 237 26.08 39.41 108.26
N THR X 238 25.90 38.25 107.64
CA THR X 238 26.92 37.64 106.80
C THR X 238 26.37 37.39 105.40
N TYR X 239 27.17 37.73 104.40
CA TYR X 239 26.79 37.57 103.00
C TYR X 239 27.79 36.66 102.32
N ASP X 240 27.34 35.92 101.30
CA ASP X 240 28.17 34.98 100.57
C ASP X 240 28.00 35.18 99.09
N ALA X 241 29.10 35.34 98.37
CA ALA X 241 29.09 35.60 96.93
C ALA X 241 29.18 34.26 96.20
N ALA X 242 28.02 33.76 95.76
CA ALA X 242 27.99 32.49 95.04
C ALA X 242 28.52 32.64 93.62
N LYS X 243 27.97 33.60 92.87
CA LYS X 243 28.37 33.83 91.48
C LYS X 243 28.70 35.30 91.24
N GLY X 244 29.08 36.04 92.29
CA GLY X 244 29.13 37.48 92.24
C GLY X 244 27.87 38.16 92.72
N ASN X 245 26.79 37.42 92.89
CA ASN X 245 25.56 37.90 93.52
C ASN X 245 25.50 37.31 94.92
N PHE X 246 25.47 38.18 95.93
CA PHE X 246 25.59 37.73 97.31
C PHE X 246 24.30 37.09 97.81
N THR X 247 24.45 36.15 98.74
CA THR X 247 23.33 35.47 99.37
C THR X 247 23.43 35.64 100.88
N TYR X 248 22.29 35.83 101.53
CA TYR X 248 22.22 36.01 102.97
C TYR X 248 20.77 35.88 103.39
N THR X 249 20.54 35.97 104.70
CA THR X 249 19.20 35.88 105.27
C THR X 249 18.95 37.07 106.18
N LYS X 250 17.70 37.51 106.21
CA LYS X 250 17.26 38.55 107.11
C LYS X 250 15.89 38.19 107.66
N THR X 251 15.67 38.48 108.94
CA THR X 251 14.40 38.20 109.58
C THR X 251 13.35 39.22 109.13
N VAL X 252 12.14 38.73 108.88
CA VAL X 252 10.99 39.58 108.61
C VAL X 252 10.03 39.42 109.78
N ASP X 253 9.77 40.51 110.49
CA ASP X 253 8.96 40.45 111.71
C ASP X 253 8.35 41.82 111.95
N THR X 254 7.77 41.99 113.14
CA THR X 254 7.07 43.21 113.53
C THR X 254 7.44 43.53 114.97
N THR X 255 6.66 44.42 115.59
CA THR X 255 6.90 44.83 116.96
C THR X 255 5.80 44.45 117.93
N VAL X 256 4.63 44.06 117.44
CA VAL X 256 3.46 43.79 118.28
C VAL X 256 3.25 42.28 118.33
N GLY X 257 3.37 41.70 119.53
CA GLY X 257 3.08 40.29 119.70
C GLY X 257 1.61 39.96 119.50
N ALA X 258 0.72 40.86 119.92
CA ALA X 258 -0.71 40.59 119.86
C ALA X 258 -1.28 40.66 118.44
N ASP X 259 -0.58 41.32 117.52
CA ASP X 259 -1.06 41.45 116.15
C ASP X 259 0.12 41.52 115.21
N VAL X 260 0.17 40.59 114.25
CA VAL X 260 1.25 40.55 113.28
C VAL X 260 0.68 40.58 111.87
N THR X 261 -0.46 41.26 111.70
CA THR X 261 -0.99 41.45 110.36
C THR X 261 0.01 42.17 109.47
N ALA X 262 0.81 43.07 110.04
CA ALA X 262 1.88 43.70 109.29
C ALA X 262 2.92 42.67 108.85
N LEU X 263 3.16 41.65 109.67
CA LEU X 263 4.10 40.60 109.27
C LEU X 263 3.59 39.86 108.04
N ALA X 264 2.30 39.53 108.02
CA ALA X 264 1.73 38.88 106.85
C ALA X 264 1.76 39.80 105.63
N ASN X 265 1.47 41.08 105.83
CA ASN X 265 1.51 42.04 104.74
C ASN X 265 2.93 42.38 104.31
N LYS X 266 3.93 41.95 105.09
CA LYS X 266 5.33 42.02 104.67
C LYS X 266 5.74 40.80 103.88
N ILE X 267 5.27 39.62 104.29
CA ILE X 267 5.60 38.40 103.55
C ILE X 267 4.90 38.38 102.19
N LYS X 268 3.68 38.90 102.13
CA LYS X 268 2.89 38.81 100.91
C LYS X 268 3.57 39.43 99.69
N PRO X 269 4.11 40.65 99.75
CA PRO X 269 4.81 41.17 98.56
C PRO X 269 6.00 40.35 98.13
N SER X 270 6.69 39.70 99.08
CA SER X 270 7.79 38.81 98.71
C SER X 270 7.30 37.66 97.85
N SER X 271 6.15 37.08 98.22
CA SER X 271 5.57 36.03 97.39
C SER X 271 5.12 36.57 96.04
N GLY X 272 4.55 37.77 96.02
CA GLY X 272 4.04 38.34 94.79
C GLY X 272 2.52 38.44 94.81
N THR X 273 1.90 38.40 93.63
CA THR X 273 0.46 38.47 93.51
C THR X 273 -0.14 37.16 93.02
N ILE X 274 0.27 36.68 91.85
CA ILE X 274 -0.25 35.45 91.26
C ILE X 274 0.94 34.63 90.77
N SER X 275 1.00 33.37 91.20
CA SER X 275 2.04 32.44 90.73
C SER X 275 1.42 31.05 90.65
N GLY X 276 2.27 30.06 90.42
CA GLY X 276 1.82 28.70 90.24
C GLY X 276 2.14 27.77 91.40
N SER X 277 3.14 26.91 91.21
CA SER X 277 3.47 25.91 92.21
C SER X 277 4.10 26.55 93.44
N TYR X 278 3.62 26.16 94.61
CA TYR X 278 4.16 26.58 95.89
C TYR X 278 4.54 25.34 96.71
N GLU X 279 5.10 25.58 97.90
CA GLU X 279 5.45 24.51 98.82
C GLU X 279 5.16 25.01 100.24
N ILE X 280 4.04 24.56 100.80
CA ILE X 280 3.63 24.94 102.15
C ILE X 280 4.01 23.82 103.11
N SER X 281 4.71 24.17 104.18
CA SER X 281 5.19 23.21 105.16
C SER X 281 4.59 23.50 106.54
N THR X 282 3.30 23.79 106.58
CA THR X 282 2.64 24.05 107.85
C THR X 282 2.59 22.79 108.70
N GLY X 283 2.47 22.97 110.00
CA GLY X 283 2.50 21.86 110.92
C GLY X 283 3.90 21.27 111.03
N LYS X 284 4.09 20.05 110.59
CA LYS X 284 5.39 19.40 110.65
C LYS X 284 5.94 19.02 109.27
N SER X 285 5.17 18.30 108.47
CA SER X 285 5.66 17.76 107.20
C SER X 285 4.62 17.93 106.10
N ALA X 286 4.06 19.14 106.00
CA ALA X 286 3.02 19.39 105.00
C ALA X 286 3.55 19.18 103.59
N SER X 287 4.49 20.01 103.17
CA SER X 287 5.14 19.89 101.87
C SER X 287 4.12 19.83 100.73
N PHE X 288 3.08 20.66 100.83
CA PHE X 288 2.08 20.72 99.77
C PHE X 288 2.70 21.20 98.46
N ASP X 289 1.90 21.13 97.40
CA ASP X 289 2.21 21.74 96.11
C ASP X 289 0.92 22.37 95.62
N VAL X 290 0.72 23.64 95.96
CA VAL X 290 -0.55 24.31 95.76
C VAL X 290 -0.43 25.30 94.61
N ASP X 291 -1.57 25.82 94.18
CA ASP X 291 -1.66 26.83 93.11
C ASP X 291 -2.48 27.99 93.66
N ALA X 292 -1.80 28.95 94.27
CA ALA X 292 -2.47 30.06 94.96
C ALA X 292 -2.56 31.25 94.01
N ALA X 293 -3.73 31.41 93.40
CA ALA X 293 -4.07 32.58 92.59
C ALA X 293 -5.25 33.26 93.28
N GLY X 294 -4.95 34.12 94.24
CA GLY X 294 -5.97 34.63 95.13
C GLY X 294 -6.21 33.66 96.26
N LYS X 295 -7.33 32.94 96.19
CA LYS X 295 -7.55 31.83 97.11
C LYS X 295 -6.60 30.69 96.80
N ILE X 296 -6.05 30.07 97.84
CA ILE X 296 -5.08 29.00 97.66
C ILE X 296 -5.82 27.71 97.28
N THR X 297 -5.37 27.09 96.20
CA THR X 297 -5.96 25.84 95.72
C THR X 297 -4.85 24.85 95.41
N ILE X 298 -5.23 23.58 95.31
CA ILE X 298 -4.30 22.50 95.02
C ILE X 298 -4.52 22.08 93.56
N GLY X 299 -3.56 21.36 93.00
CA GLY X 299 -3.72 20.87 91.65
C GLY X 299 -4.96 20.01 91.52
N GLY X 300 -5.99 20.55 90.88
CA GLY X 300 -7.24 19.85 90.70
C GLY X 300 -8.22 19.94 91.85
N ASN X 301 -7.94 20.74 92.88
CA ASN X 301 -8.83 20.81 94.04
C ASN X 301 -8.62 22.12 94.78
N ALA X 302 -9.56 22.43 95.66
CA ALA X 302 -9.49 23.61 96.52
C ALA X 302 -9.21 23.19 97.96
N ALA X 303 -8.32 23.92 98.63
CA ALA X 303 -7.84 23.55 99.95
C ALA X 303 -8.34 24.52 101.00
N PHE X 304 -8.95 24.00 102.06
CA PHE X 304 -9.38 24.76 103.22
C PHE X 304 -8.28 24.69 104.29
N LEU X 305 -8.59 25.18 105.49
CA LEU X 305 -7.60 25.22 106.56
C LEU X 305 -8.23 24.78 107.87
N ASN X 306 -7.65 23.77 108.51
CA ASN X 306 -8.06 23.32 109.83
C ASN X 306 -7.15 23.94 110.87
N ALA X 307 -7.72 24.46 111.95
CA ALA X 307 -7.01 25.38 112.83
C ALA X 307 -7.26 25.08 114.30
N ASP X 308 -6.52 25.83 115.13
CA ASP X 308 -6.70 25.96 116.58
C ASP X 308 -6.23 24.76 117.39
N GLY X 309 -5.89 23.66 116.72
CA GLY X 309 -5.09 22.63 117.37
C GLY X 309 -3.68 22.67 116.83
N GLU X 310 -3.61 22.68 115.50
CA GLU X 310 -2.37 22.85 114.75
C GLU X 310 -2.79 23.26 113.35
N LEU X 311 -2.43 24.46 112.93
CA LEU X 311 -2.98 25.02 111.70
C LEU X 311 -2.42 24.28 110.50
N THR X 312 -3.23 23.38 109.95
CA THR X 312 -2.87 22.59 108.79
C THR X 312 -3.82 22.91 107.63
N THR X 313 -3.35 22.64 106.42
CA THR X 313 -4.12 22.87 105.20
C THR X 313 -4.83 21.59 104.81
N ASN X 314 -6.13 21.69 104.55
CA ASN X 314 -6.97 20.55 104.23
C ASN X 314 -7.86 20.87 103.07
N ASP X 315 -7.76 20.08 101.99
CA ASP X 315 -8.82 20.08 100.99
C ASP X 315 -10.07 19.40 101.52
N ALA X 316 -9.95 18.63 102.60
CA ALA X 316 -11.10 18.07 103.30
C ALA X 316 -11.69 19.15 104.18
N SER X 317 -12.78 19.76 103.72
CA SER X 317 -13.40 20.84 104.46
C SER X 317 -13.95 20.35 105.79
N GLY X 318 -13.86 21.20 106.81
CA GLY X 318 -14.38 20.90 108.12
C GLY X 318 -15.49 21.86 108.52
N ALA X 319 -15.96 21.69 109.76
CA ALA X 319 -17.03 22.53 110.26
C ALA X 319 -16.59 23.97 110.47
N LEU X 320 -15.31 24.19 110.78
CA LEU X 320 -14.78 25.51 111.09
C LEU X 320 -13.57 25.82 110.23
N THR X 321 -13.65 25.50 108.94
CA THR X 321 -12.52 25.65 108.04
C THR X 321 -12.73 26.80 107.06
N GLN X 322 -11.64 27.43 106.66
CA GLN X 322 -11.66 28.52 105.70
C GLN X 322 -10.55 28.30 104.68
N ALA X 323 -10.71 28.91 103.50
CA ALA X 323 -9.82 28.69 102.37
C ALA X 323 -9.40 30.03 101.77
N THR X 324 -8.16 30.43 102.02
CA THR X 324 -7.59 31.61 101.39
C THR X 324 -6.09 31.62 101.63
N LEU X 325 -5.38 32.44 100.85
CA LEU X 325 -3.94 32.59 101.02
C LEU X 325 -3.60 33.26 102.34
N ASP X 326 -4.42 34.23 102.75
CA ASP X 326 -4.13 34.97 103.98
C ASP X 326 -4.12 34.04 105.19
N ASP X 327 -5.06 33.10 105.25
CA ASP X 327 -5.08 32.16 106.37
C ASP X 327 -3.85 31.27 106.38
N VAL X 328 -3.40 30.83 105.21
CA VAL X 328 -2.19 30.02 105.14
C VAL X 328 -0.98 30.82 105.59
N LEU X 329 -0.89 32.07 105.16
CA LEU X 329 0.21 32.93 105.59
C LEU X 329 0.18 33.16 107.09
N THR X 330 -1.00 33.36 107.66
CA THR X 330 -1.12 33.52 109.10
C THR X 330 -0.69 32.25 109.83
N SER X 331 -1.10 31.08 109.32
CA SER X 331 -0.70 29.81 109.91
C SER X 331 0.82 29.68 109.93
N VAL X 332 1.47 30.01 108.81
CA VAL X 332 2.92 29.93 108.74
C VAL X 332 3.55 30.94 109.71
N GLY X 333 2.99 32.13 109.80
CA GLY X 333 3.61 33.18 110.58
C GLY X 333 3.18 33.25 112.04
N THR X 334 1.93 32.91 112.34
CA THR X 334 1.38 33.06 113.68
C THR X 334 1.29 31.74 114.44
N GLU X 335 0.69 30.73 113.83
CA GLU X 335 0.42 29.46 114.49
C GLU X 335 1.33 28.34 114.02
N ALA X 336 2.54 28.68 113.53
CA ALA X 336 3.47 27.66 113.08
C ALA X 336 3.86 26.74 114.21
N ASN X 337 4.32 27.31 115.34
CA ASN X 337 4.76 26.58 116.51
C ASN X 337 5.85 25.56 116.22
N SER X 338 6.51 25.68 115.07
CA SER X 338 7.53 24.75 114.63
C SER X 338 8.23 25.34 113.42
N SER X 339 9.15 24.56 112.84
CA SER X 339 9.88 24.96 111.65
C SER X 339 8.94 24.85 110.45
N VAL X 340 8.15 25.89 110.24
CA VAL X 340 7.16 25.97 109.17
C VAL X 340 7.64 26.99 108.15
N THR X 341 7.60 26.61 106.88
CA THR X 341 8.11 27.47 105.81
C THR X 341 7.15 27.46 104.64
N ILE X 342 7.27 28.48 103.80
CA ILE X 342 6.59 28.55 102.51
C ILE X 342 7.66 28.43 101.43
N GLY X 343 7.67 27.31 100.73
CA GLY X 343 8.68 27.03 99.73
C GLY X 343 8.37 27.54 98.34
N GLY X 344 7.31 28.32 98.19
CA GLY X 344 6.93 28.79 96.87
C GLY X 344 7.84 29.88 96.34
N THR X 345 7.85 29.99 95.01
CA THR X 345 8.62 31.01 94.29
C THR X 345 10.10 30.96 94.67
N LYS X 346 10.63 29.75 94.80
CA LYS X 346 12.06 29.51 95.03
C LYS X 346 12.55 30.20 96.30
N TYR X 347 11.69 30.30 97.31
CA TYR X 347 12.04 30.88 98.60
C TYR X 347 11.75 29.88 99.70
N SER X 348 12.11 30.25 100.93
CA SER X 348 11.78 29.44 102.10
C SER X 348 11.60 30.39 103.28
N HIS X 349 10.37 30.82 103.51
CA HIS X 349 10.04 31.73 104.61
C HIS X 349 9.82 30.90 105.88
N SER X 350 10.91 30.34 106.37
CA SER X 350 10.84 29.50 107.56
C SER X 350 10.45 30.33 108.77
N ALA X 351 9.53 29.78 109.57
CA ALA X 351 9.11 30.43 110.81
C ALA X 351 10.13 30.11 111.88
N ALA X 352 11.15 30.97 111.98
CA ALA X 352 12.17 30.78 113.00
C ALA X 352 11.58 30.88 114.41
N ASP X 353 10.69 31.85 114.62
CA ASP X 353 9.97 31.99 115.87
C ASP X 353 8.49 32.18 115.57
N GLU X 354 7.65 31.38 116.21
CA GLU X 354 6.22 31.50 116.03
C GLU X 354 5.66 32.61 116.92
N LEU X 355 4.37 32.90 116.73
CA LEU X 355 3.68 33.92 117.51
C LEU X 355 2.93 33.24 118.65
N SER X 356 3.43 33.41 119.87
CA SER X 356 2.71 33.02 121.06
C SER X 356 1.71 34.09 121.49
N TYR X 357 1.51 35.11 120.65
CA TYR X 357 0.67 36.28 120.89
C TYR X 357 1.21 37.17 122.00
N THR X 358 2.37 36.84 122.55
CA THR X 358 3.10 37.72 123.46
C THR X 358 4.46 38.12 122.89
N ALA X 359 5.23 37.15 122.40
CA ALA X 359 6.49 37.41 121.74
C ALA X 359 6.29 37.45 120.23
N VAL X 360 6.88 38.44 119.59
CA VAL X 360 6.67 38.66 118.16
C VAL X 360 7.28 37.52 117.36
N ALA X 361 6.55 37.05 116.36
CA ALA X 361 6.97 35.92 115.55
C ALA X 361 8.06 36.33 114.57
N THR X 362 8.81 35.33 114.11
CA THR X 362 9.89 35.53 113.14
C THR X 362 9.67 34.61 111.96
N THR X 363 9.76 35.16 110.75
CA THR X 363 9.59 34.42 109.50
C THR X 363 10.81 34.65 108.60
N ALA X 364 11.99 34.47 109.19
CA ALA X 364 13.23 34.73 108.47
C ALA X 364 13.34 33.89 107.21
N ASP X 365 13.84 34.51 106.14
CA ASP X 365 14.02 33.85 104.86
C ASP X 365 15.36 34.27 104.28
N VAL X 366 15.95 33.40 103.47
CA VAL X 366 17.15 33.73 102.71
C VAL X 366 16.68 34.47 101.46
N LEU X 367 16.72 35.80 101.51
CA LEU X 367 16.22 36.60 100.39
C LEU X 367 17.27 36.84 99.32
N SER X 368 18.50 37.17 99.72
CA SER X 368 19.57 37.56 98.81
C SER X 368 19.19 38.79 97.98
N ALA X 369 18.20 39.55 98.44
CA ALA X 369 17.78 40.75 97.71
C ALA X 369 18.86 41.81 97.69
N MET X 370 19.84 41.71 98.61
CA MET X 370 20.97 42.63 98.67
C MET X 370 22.17 42.06 97.91
N GLY X 371 21.90 41.19 96.93
CA GLY X 371 22.93 40.33 96.38
C GLY X 371 23.99 41.03 95.56
N SER X 372 23.62 42.12 94.88
CA SER X 372 24.54 42.77 93.95
C SER X 372 25.83 43.16 94.67
N SER X 373 26.96 42.79 94.07
CA SER X 373 28.26 43.10 94.68
C SER X 373 28.47 44.60 94.78
N THR X 374 28.03 45.34 93.77
CA THR X 374 28.07 46.80 93.85
C THR X 374 27.19 47.30 94.99
N ALA X 375 26.02 46.68 95.18
CA ALA X 375 25.16 47.05 96.30
C ALA X 375 25.85 46.77 97.63
N VAL X 376 26.53 45.64 97.75
CA VAL X 376 27.24 45.34 98.97
C VAL X 376 28.35 46.36 99.20
N SER X 377 29.04 46.78 98.14
CA SER X 377 30.02 47.83 98.27
C SER X 377 29.38 49.12 98.77
N THR X 378 28.19 49.45 98.27
CA THR X 378 27.50 50.66 98.73
C THR X 378 27.20 50.56 100.21
N VAL X 379 26.62 49.45 100.65
CA VAL X 379 26.20 49.34 102.05
C VAL X 379 27.41 49.32 102.98
N THR X 380 28.50 48.69 102.55
CA THR X 380 29.69 48.66 103.38
C THR X 380 30.51 49.95 103.31
N LEU X 381 30.25 50.81 102.33
CA LEU X 381 30.93 52.09 102.24
C LEU X 381 30.24 53.18 103.04
N GLY X 382 28.91 53.22 103.01
CA GLY X 382 28.15 54.22 103.72
C GLY X 382 27.54 53.73 105.01
N SER X 383 28.08 52.65 105.56
CA SER X 383 27.56 52.10 106.80
C SER X 383 27.86 53.05 107.97
N GLY X 384 27.20 52.79 109.10
CA GLY X 384 27.41 53.59 110.29
C GLY X 384 28.64 53.18 111.06
N ILE X 385 28.51 53.06 112.38
CA ILE X 385 29.62 52.59 113.21
C ILE X 385 29.65 51.07 113.15
N THR X 386 30.41 50.52 112.21
CA THR X 386 30.41 49.10 111.91
C THR X 386 31.83 48.54 111.99
N SER X 387 31.91 47.22 111.95
CA SER X 387 33.18 46.49 111.94
C SER X 387 33.13 45.34 110.94
N ALA X 388 32.57 45.60 109.77
CA ALA X 388 32.37 44.55 108.77
C ALA X 388 33.70 43.97 108.31
N ALA X 389 33.71 42.66 108.06
CA ALA X 389 34.90 41.94 107.69
C ALA X 389 34.62 41.01 106.52
N VAL X 390 35.67 40.65 105.79
CA VAL X 390 35.57 39.81 104.60
C VAL X 390 36.48 38.61 104.76
N THR X 391 35.92 37.42 104.57
CA THR X 391 36.68 36.19 104.38
C THR X 391 36.65 35.87 102.89
N PHE X 392 37.83 35.80 102.27
CA PHE X 392 37.87 35.74 100.82
C PHE X 392 38.86 34.72 100.28
N ALA X 393 39.27 33.74 101.08
CA ALA X 393 40.23 32.75 100.62
C ALA X 393 39.93 31.42 101.27
N ILE X 394 40.45 30.36 100.66
CA ILE X 394 40.21 29.01 101.18
C ILE X 394 41.01 28.81 102.47
N ALA X 395 40.55 27.84 103.27
CA ALA X 395 41.03 27.71 104.65
C ALA X 395 42.55 27.59 104.74
N THR X 396 43.20 26.98 103.76
CA THR X 396 44.65 26.88 103.79
C THR X 396 45.32 28.23 103.54
N THR X 397 44.61 29.15 102.88
CA THR X 397 45.13 30.49 102.63
C THR X 397 44.18 31.57 103.13
N ASP X 398 43.27 31.21 104.04
CA ASP X 398 42.19 32.10 104.42
C ASP X 398 42.71 33.30 105.19
N SER X 399 41.93 34.38 105.16
CA SER X 399 42.26 35.60 105.88
C SER X 399 40.98 36.37 106.14
N ASN X 400 41.07 37.31 107.07
CA ASN X 400 39.97 38.21 107.39
C ASN X 400 40.48 39.64 107.33
N ASN X 401 39.69 40.52 106.70
CA ASN X 401 40.04 41.92 106.56
C ASN X 401 39.03 42.75 107.35
N THR X 402 39.52 43.52 108.31
CA THR X 402 38.68 44.40 109.11
C THR X 402 39.04 45.84 108.80
N TRP X 403 38.03 46.65 108.50
CA TRP X 403 38.22 48.01 108.03
C TRP X 403 37.39 49.00 108.84
N VAL X 404 37.46 50.27 108.41
CA VAL X 404 36.84 51.36 109.14
C VAL X 404 35.32 51.22 109.12
N ASP X 405 34.66 51.89 110.07
CA ASP X 405 33.22 51.81 110.17
C ASP X 405 32.52 52.29 108.90
N ASN X 406 33.07 53.33 108.27
CA ASN X 406 32.39 53.92 107.12
C ASN X 406 33.36 54.31 106.01
N LYS X 407 34.46 53.59 105.85
CA LYS X 407 35.43 53.97 104.83
C LYS X 407 35.79 52.79 103.93
N GLY X 408 35.77 51.59 104.47
CA GLY X 408 36.25 50.43 103.75
C GLY X 408 37.75 50.22 103.81
N GLU X 409 38.49 51.13 104.42
CA GLU X 409 39.95 51.06 104.43
C GLU X 409 40.43 50.19 105.57
N LEU X 410 41.26 49.20 105.24
CA LEU X 410 41.89 48.35 106.26
C LEU X 410 42.93 49.16 107.01
N THR X 411 42.64 49.48 108.28
CA THR X 411 43.58 50.26 109.08
C THR X 411 44.86 49.49 109.33
N ASP X 412 44.75 48.20 109.67
CA ASP X 412 45.90 47.39 110.03
C ASP X 412 46.48 46.61 108.87
N ILE X 413 45.87 46.66 107.69
CA ILE X 413 46.34 45.94 106.51
C ILE X 413 46.52 46.93 105.38
N GLN X 414 47.68 46.89 104.74
CA GLN X 414 48.02 47.78 103.63
C GLN X 414 48.38 46.94 102.40
N THR X 415 48.78 47.63 101.34
CA THR X 415 49.21 46.97 100.11
C THR X 415 50.56 47.54 99.69
N PHE X 416 51.48 46.66 99.32
CA PHE X 416 52.71 47.08 98.65
C PHE X 416 52.41 47.34 97.17
N ASP X 417 53.47 47.51 96.38
CA ASP X 417 53.29 47.67 94.94
C ASP X 417 52.76 46.41 94.27
N THR X 418 52.79 45.27 94.96
CA THR X 418 52.39 44.00 94.36
C THR X 418 51.20 43.36 95.04
N SER X 419 51.21 43.24 96.37
CA SER X 419 50.22 42.42 97.06
C SER X 419 49.88 43.05 98.40
N TYR X 420 49.02 42.37 99.15
CA TYR X 420 48.58 42.83 100.45
C TYR X 420 49.65 42.54 101.50
N LYS X 421 49.95 43.51 102.35
CA LYS X 421 50.89 43.31 103.44
C LYS X 421 50.43 44.09 104.67
N ILE X 422 50.90 43.65 105.83
CA ILE X 422 50.51 44.25 107.10
C ILE X 422 51.48 45.37 107.47
N ASN X 423 52.34 45.75 106.53
CA ASN X 423 53.33 46.81 106.75
C ASN X 423 52.83 48.08 106.08
N ALA X 424 52.63 49.13 106.88
CA ALA X 424 52.11 50.39 106.33
C ALA X 424 53.18 51.14 105.55
N ASP X 425 54.43 51.07 105.98
CA ASP X 425 55.50 51.84 105.33
C ASP X 425 56.78 51.01 105.39
N THR X 426 57.38 50.77 104.22
CA THR X 426 58.64 50.05 104.16
C THR X 426 59.74 50.84 104.85
N GLY X 427 59.92 52.09 104.46
CA GLY X 427 60.86 52.98 105.13
C GLY X 427 62.30 52.51 105.15
N GLU X 428 62.80 52.04 104.01
CA GLU X 428 64.20 51.63 103.95
C GLU X 428 65.11 52.85 104.03
N VAL X 429 66.32 52.63 104.52
CA VAL X 429 67.26 53.72 104.81
C VAL X 429 68.46 53.59 103.87
N THR X 430 68.80 54.69 103.21
CA THR X 430 69.89 54.74 102.25
C THR X 430 70.98 55.66 102.75
N VAL X 431 72.23 55.19 102.70
CA VAL X 431 73.39 55.97 103.11
C VAL X 431 74.15 56.39 101.86
N VAL X 432 74.57 57.64 101.83
CA VAL X 432 75.23 58.24 100.68
C VAL X 432 76.72 58.40 100.99
N GLY X 433 77.56 57.87 100.10
CA GLY X 433 78.99 58.05 100.27
C GLY X 433 79.40 59.50 100.14
N ASP X 434 80.44 59.87 100.89
CA ASP X 434 80.90 61.26 100.88
C ASP X 434 81.90 61.49 99.76
N ASN X 435 82.97 60.71 99.71
CA ASN X 435 83.99 60.86 98.67
C ASN X 435 83.56 60.27 97.34
N SER X 436 82.46 59.53 97.30
CA SER X 436 81.96 58.93 96.07
C SER X 436 80.46 59.17 95.98
N ALA X 437 79.99 59.44 94.76
CA ALA X 437 78.58 59.77 94.56
C ALA X 437 77.66 58.59 94.81
N THR X 438 78.19 57.37 94.84
CA THR X 438 77.35 56.20 95.04
C THR X 438 76.74 56.22 96.43
N ALA X 439 75.52 55.69 96.52
CA ALA X 439 74.78 55.63 97.77
C ALA X 439 74.58 54.18 98.18
N GLY X 440 74.97 53.84 99.40
CA GLY X 440 74.79 52.51 99.93
C GLY X 440 73.41 52.31 100.54
N GLN X 441 73.19 51.11 101.04
CA GLN X 441 71.94 50.74 101.70
C GLN X 441 72.19 50.53 103.18
N TYR X 442 71.47 51.29 104.02
CA TYR X 442 71.52 51.08 105.46
C TYR X 442 70.32 50.23 105.87
N ALA X 443 70.38 48.97 105.46
CA ALA X 443 69.28 48.03 105.69
C ALA X 443 69.85 46.61 105.61
N SER X 444 68.97 45.62 105.47
CA SER X 444 69.42 44.24 105.36
C SER X 444 70.30 44.02 104.13
N ALA X 445 70.14 44.84 103.10
CA ALA X 445 71.05 44.78 101.96
C ALA X 445 72.47 45.14 102.39
N ASP X 446 72.60 46.21 103.18
CA ASP X 446 73.84 46.56 103.89
C ASP X 446 75.03 46.67 102.94
N GLY X 447 74.95 47.65 102.06
CA GLY X 447 76.05 48.00 101.19
C GLY X 447 75.81 47.78 99.72
N ALA X 448 74.74 47.10 99.34
CA ALA X 448 74.41 46.95 97.92
C ALA X 448 74.07 48.32 97.34
N LYS X 449 74.82 48.72 96.32
CA LYS X 449 74.64 50.04 95.73
C LYS X 449 73.25 50.21 95.16
N VAL X 450 72.61 51.33 95.48
CA VAL X 450 71.26 51.62 95.05
C VAL X 450 71.30 52.31 93.70
N LEU X 451 70.30 52.04 92.86
CA LEU X 451 70.24 52.60 91.52
C LEU X 451 68.82 53.03 91.21
N VAL X 452 68.69 53.98 90.29
CA VAL X 452 67.39 54.45 89.82
C VAL X 452 67.05 53.70 88.55
N GLY X 453 65.97 52.92 88.59
CA GLY X 453 65.56 52.12 87.45
C GLY X 453 64.87 52.93 86.38
N SER X 454 64.55 52.25 85.29
CA SER X 454 63.83 52.87 84.17
C SER X 454 62.44 53.26 84.64
N ASP X 455 62.22 54.56 84.83
CA ASP X 455 60.96 55.11 85.35
C ASP X 455 60.61 54.56 86.73
N GLY X 456 61.56 53.91 87.38
CA GLY X 456 61.36 53.43 88.74
C GLY X 456 61.94 54.40 89.75
N LYS X 457 61.39 54.36 90.97
CA LYS X 457 61.84 55.28 92.00
C LYS X 457 63.31 55.05 92.34
N LEU X 458 63.64 53.87 92.85
CA LEU X 458 65.01 53.49 93.11
C LEU X 458 65.05 51.99 93.43
N THR X 459 66.01 51.29 92.84
CA THR X 459 66.14 49.85 93.02
C THR X 459 67.55 49.52 93.48
N THR X 460 67.77 48.24 93.77
CA THR X 460 69.04 47.76 94.27
C THR X 460 69.90 47.10 93.20
N GLU X 461 69.29 46.36 92.29
CA GLU X 461 70.05 45.67 91.24
C GLU X 461 70.22 46.55 90.02
N THR X 462 71.40 46.44 89.40
CA THR X 462 71.93 47.45 88.49
C THR X 462 71.26 47.49 87.13
N THR X 463 70.49 46.47 86.76
CA THR X 463 69.86 46.46 85.45
C THR X 463 68.35 46.48 85.58
N SER X 464 67.65 46.33 84.46
CA SER X 464 66.20 46.24 84.46
C SER X 464 65.75 45.71 83.10
N ALA X 465 64.49 45.30 83.03
CA ALA X 465 63.95 44.72 81.82
C ALA X 465 63.95 45.74 80.69
N GLY X 466 64.35 45.29 79.50
CA GLY X 466 64.38 46.14 78.33
C GLY X 466 63.03 46.20 77.64
N ASP X 467 63.05 46.67 76.39
CA ASP X 467 61.84 46.82 75.61
C ASP X 467 61.77 45.89 74.41
N LYS X 468 62.88 45.26 74.00
CA LYS X 468 62.82 44.06 73.13
C LYS X 468 62.10 42.92 73.84
N THR X 469 61.46 42.06 73.04
CA THR X 469 60.78 40.90 73.59
C THR X 469 61.79 39.94 74.19
N THR X 470 61.48 39.41 75.37
CA THR X 470 62.47 38.69 76.16
C THR X 470 63.07 37.53 75.37
N ASP X 471 62.21 36.68 74.79
CA ASP X 471 62.67 35.54 74.01
C ASP X 471 61.91 35.53 72.69
N PRO X 472 62.40 36.26 71.70
CA PRO X 472 61.64 36.38 70.43
C PRO X 472 61.44 35.05 69.72
N LEU X 473 62.47 34.22 69.68
CA LEU X 473 62.40 32.97 68.93
C LEU X 473 61.38 32.01 69.54
N LYS X 474 61.27 31.99 70.87
CA LYS X 474 60.31 31.10 71.51
C LYS X 474 58.88 31.52 71.21
N THR X 475 58.62 32.83 71.25
CA THR X 475 57.29 33.33 70.89
C THR X 475 56.99 33.04 69.43
N LEU X 476 57.98 33.19 68.56
CA LEU X 476 57.78 32.86 67.15
C LEU X 476 57.47 31.39 66.95
N ASP X 477 58.16 30.51 67.70
CA ASP X 477 57.87 29.09 67.62
C ASP X 477 56.48 28.78 68.15
N ALA X 478 56.03 29.50 69.17
CA ALA X 478 54.65 29.35 69.64
C ALA X 478 53.66 29.75 68.55
N ALA X 479 53.95 30.84 67.84
CA ALA X 479 53.10 31.25 66.72
C ALA X 479 53.11 30.19 65.63
N PHE X 480 54.26 29.59 65.35
CA PHE X 480 54.33 28.48 64.41
C PHE X 480 53.43 27.34 64.85
N THR X 481 53.49 26.98 66.14
CA THR X 481 52.68 25.87 66.61
C THR X 481 51.19 26.17 66.44
N LYS X 482 50.77 27.38 66.78
CA LYS X 482 49.35 27.73 66.64
C LYS X 482 48.92 27.71 65.17
N LEU X 483 49.70 28.34 64.29
CA LEU X 483 49.32 28.40 62.89
C LEU X 483 49.33 27.01 62.26
N ASP X 484 50.34 26.21 62.56
CA ASP X 484 50.39 24.86 62.01
C ASP X 484 49.27 23.99 62.56
N LYS X 485 48.86 24.19 63.81
CA LYS X 485 47.71 23.47 64.32
C LYS X 485 46.46 23.81 63.53
N LEU X 486 46.24 25.11 63.25
CA LEU X 486 45.03 25.45 62.51
C LEU X 486 45.11 24.92 61.08
N THR X 487 46.28 25.01 60.44
CA THR X 487 46.41 24.51 59.07
C THR X 487 46.20 23.00 59.03
N GLY X 488 46.71 22.28 60.02
CA GLY X 488 46.45 20.85 60.09
C GLY X 488 44.97 20.54 60.27
N GLU X 489 44.28 21.32 61.11
CA GLU X 489 42.85 21.11 61.27
C GLU X 489 42.11 21.34 59.96
N LEU X 490 42.47 22.39 59.23
CA LEU X 490 41.82 22.66 57.94
C LEU X 490 42.14 21.59 56.92
N GLY X 491 43.38 21.08 56.92
CA GLY X 491 43.70 19.97 56.03
C GLY X 491 42.91 18.73 56.36
N ALA X 492 42.74 18.44 57.65
CA ALA X 492 41.94 17.30 58.07
C ALA X 492 40.49 17.45 57.61
N VAL X 493 39.91 18.63 57.80
CA VAL X 493 38.53 18.82 57.40
C VAL X 493 38.41 18.79 55.87
N GLN X 494 39.44 19.24 55.16
CA GLN X 494 39.39 19.16 53.70
C GLN X 494 39.40 17.71 53.22
N ASN X 495 40.28 16.89 53.81
CA ASN X 495 40.29 15.47 53.46
C ASN X 495 38.95 14.81 53.78
N ARG X 496 38.41 15.10 54.97
CA ARG X 496 37.11 14.55 55.33
C ARG X 496 36.04 14.99 54.34
N LEU X 497 36.06 16.25 53.93
CA LEU X 497 35.02 16.74 53.03
C LEU X 497 35.13 16.10 51.65
N GLU X 498 36.35 15.86 51.17
CA GLU X 498 36.49 15.11 49.93
C GLU X 498 35.92 13.70 50.07
N SER X 499 36.20 13.05 51.19
CA SER X 499 35.64 11.73 51.43
C SER X 499 34.12 11.79 51.51
N THR X 500 33.57 12.84 52.10
CA THR X 500 32.11 12.98 52.18
C THR X 500 31.51 13.16 50.80
N ILE X 501 32.16 13.94 49.93
CA ILE X 501 31.65 14.06 48.57
C ILE X 501 31.66 12.71 47.86
N ALA X 502 32.73 11.93 48.04
CA ALA X 502 32.75 10.60 47.44
C ALA X 502 31.61 9.74 47.98
N ASN X 503 31.39 9.77 49.29
CA ASN X 503 30.33 8.98 49.90
C ASN X 503 28.95 9.42 49.40
N LEU X 504 28.72 10.73 49.37
CA LEU X 504 27.44 11.25 48.89
C LEU X 504 27.21 10.91 47.43
N ASN X 505 28.26 10.97 46.61
CA ASN X 505 28.09 10.59 45.21
C ASN X 505 27.71 9.13 45.08
N ASN X 506 28.39 8.26 45.83
CA ASN X 506 28.04 6.83 45.78
C ASN X 506 26.60 6.61 46.23
N VAL X 507 26.19 7.26 47.32
CA VAL X 507 24.84 7.06 47.84
C VAL X 507 23.82 7.63 46.87
N VAL X 508 24.14 8.74 46.20
CA VAL X 508 23.22 9.32 45.23
C VAL X 508 23.03 8.38 44.05
N ASN X 509 24.12 7.81 43.52
CA ASN X 509 23.97 6.88 42.42
C ASN X 509 23.16 5.65 42.84
N ASN X 510 23.45 5.10 44.02
CA ASN X 510 22.73 3.92 44.47
C ASN X 510 21.25 4.23 44.69
N LEU X 511 20.93 5.39 45.26
CA LEU X 511 19.53 5.74 45.49
C LEU X 511 18.82 6.04 44.18
N SER X 512 19.53 6.62 43.21
CA SER X 512 18.94 6.82 41.90
C SER X 512 18.61 5.48 41.24
N SER X 513 19.50 4.49 41.40
CA SER X 513 19.18 3.15 40.94
C SER X 513 17.98 2.58 41.68
N ALA X 514 17.88 2.84 42.98
CA ALA X 514 16.73 2.38 43.75
C ALA X 514 15.44 2.96 43.20
N ARG X 515 15.46 4.26 42.89
CA ARG X 515 14.29 4.92 42.33
C ARG X 515 13.96 4.38 40.94
N SER X 516 14.99 4.09 40.14
CA SER X 516 14.74 3.51 38.81
C SER X 516 14.09 2.14 38.94
N ARG X 517 14.51 1.34 39.93
CA ARG X 517 13.95 0.00 40.10
C ARG X 517 12.47 0.01 40.43
N ILE X 518 11.92 1.14 40.87
CA ILE X 518 10.51 1.21 41.26
C ILE X 518 9.70 2.20 40.43
N GLN X 519 10.32 3.24 39.87
CA GLN X 519 9.59 4.33 39.25
C GLN X 519 9.72 4.33 37.73
N ASP X 520 10.94 4.18 37.22
CA ASP X 520 11.13 4.18 35.78
C ASP X 520 10.43 2.98 35.14
N ALA X 521 9.94 3.19 33.93
CA ALA X 521 9.20 2.17 33.21
C ALA X 521 10.14 1.31 32.39
N ASP X 522 9.89 0.00 32.40
CA ASP X 522 10.67 -0.94 31.60
C ASP X 522 10.14 -0.89 30.18
N TYR X 523 10.88 -0.25 29.29
CA TYR X 523 10.38 -0.02 27.93
C TYR X 523 10.10 -1.32 27.19
N ALA X 524 10.89 -2.37 27.45
CA ALA X 524 10.73 -3.62 26.73
C ALA X 524 9.35 -4.23 26.95
N THR X 525 8.88 -4.24 28.20
CA THR X 525 7.56 -4.77 28.48
C THR X 525 6.44 -3.80 28.13
N GLU X 526 6.69 -2.49 28.23
CA GLU X 526 5.67 -1.52 27.89
C GLU X 526 5.35 -1.55 26.40
N VAL X 527 6.38 -1.69 25.55
CA VAL X 527 6.13 -1.76 24.12
C VAL X 527 5.31 -2.99 23.77
N SER X 528 5.65 -4.13 24.37
CA SER X 528 4.89 -5.36 24.12
C SER X 528 3.45 -5.22 24.61
N ASN X 529 3.25 -4.60 25.77
CA ASN X 529 1.91 -4.39 26.27
C ASN X 529 1.10 -3.49 25.33
N MET X 530 1.73 -2.43 24.82
CA MET X 530 1.05 -1.56 23.87
C MET X 530 0.69 -2.32 22.59
N SER X 531 1.60 -3.16 22.11
CA SER X 531 1.34 -3.92 20.90
C SER X 531 0.17 -4.87 21.09
N LYS X 532 0.15 -5.60 22.21
CA LYS X 532 -0.96 -6.49 22.48
C LYS X 532 -2.26 -5.71 22.67
N ALA X 533 -2.19 -4.53 23.27
CA ALA X 533 -3.39 -3.71 23.42
C ALA X 533 -3.93 -3.28 22.07
N GLN X 534 -3.05 -2.87 21.15
CA GLN X 534 -3.51 -2.48 19.82
C GLN X 534 -4.12 -3.67 19.08
N ILE X 535 -3.50 -4.85 19.22
CA ILE X 535 -4.06 -6.04 18.60
C ILE X 535 -5.44 -6.35 19.15
N LEU X 536 -5.58 -6.26 20.48
CA LEU X 536 -6.87 -6.49 21.11
C LEU X 536 -7.89 -5.44 20.67
N GLN X 537 -7.45 -4.21 20.46
CA GLN X 537 -8.35 -3.15 20.01
C GLN X 537 -8.90 -3.45 18.62
N GLN X 538 -8.01 -3.78 17.68
CA GLN X 538 -8.47 -4.09 16.32
C GLN X 538 -9.38 -5.31 16.32
N ALA X 539 -9.00 -6.36 17.06
CA ALA X 539 -9.84 -7.55 17.14
C ALA X 539 -11.18 -7.23 17.75
N GLY X 540 -11.20 -6.39 18.80
CA GLY X 540 -12.46 -6.03 19.43
C GLY X 540 -13.36 -5.25 18.51
N THR X 541 -12.80 -4.30 17.76
CA THR X 541 -13.62 -3.57 16.80
C THR X 541 -14.22 -4.50 15.75
N SER X 542 -13.40 -5.42 15.23
CA SER X 542 -13.92 -6.34 14.20
C SER X 542 -15.01 -7.23 14.77
N VAL X 543 -14.78 -7.83 15.94
CA VAL X 543 -15.76 -8.75 16.51
C VAL X 543 -17.02 -7.99 16.93
N LEU X 544 -16.87 -6.73 17.37
CA LEU X 544 -18.05 -5.93 17.67
C LEU X 544 -18.86 -5.67 16.43
N ALA X 545 -18.18 -5.40 15.30
CA ALA X 545 -18.92 -5.26 14.04
C ALA X 545 -19.71 -6.52 13.72
N GLN X 546 -19.02 -7.67 13.69
CA GLN X 546 -19.72 -8.91 13.35
C GLN X 546 -20.85 -9.21 14.33
N ALA X 547 -20.69 -8.84 15.60
CA ALA X 547 -21.80 -8.94 16.54
C ALA X 547 -22.94 -8.01 16.14
N ASN X 548 -22.62 -6.86 15.55
CA ASN X 548 -23.68 -5.96 15.09
C ASN X 548 -24.41 -6.52 13.87
N GLN X 549 -23.75 -7.31 13.03
CA GLN X 549 -24.50 -8.01 11.98
C GLN X 549 -25.12 -9.32 12.45
N VAL X 550 -24.98 -9.68 13.73
CA VAL X 550 -25.66 -10.88 14.23
C VAL X 550 -27.19 -10.75 14.10
N PRO X 551 -27.82 -9.64 14.52
CA PRO X 551 -29.28 -9.53 14.32
C PRO X 551 -29.69 -9.31 12.87
N GLN X 552 -28.75 -9.05 11.96
CA GLN X 552 -29.11 -8.87 10.56
C GLN X 552 -29.71 -10.14 9.97
N THR X 553 -29.19 -11.31 10.35
CA THR X 553 -29.73 -12.56 9.84
C THR X 553 -31.19 -12.73 10.21
N VAL X 554 -31.61 -12.14 11.34
CA VAL X 554 -33.03 -12.14 11.70
C VAL X 554 -33.82 -11.37 10.66
N LEU X 555 -33.23 -10.31 10.10
CA LEU X 555 -33.93 -9.52 9.09
C LEU X 555 -33.81 -10.20 7.73
N SER X 556 -34.11 -11.49 7.67
CA SER X 556 -34.23 -12.19 6.41
C SER X 556 -35.62 -12.77 6.21
N LEU X 557 -36.11 -13.56 7.16
CA LEU X 557 -37.47 -14.03 7.13
C LEU X 557 -38.41 -12.90 7.52
N LEU X 558 -39.55 -12.83 6.84
CA LEU X 558 -40.50 -11.75 7.09
C LEU X 558 -41.92 -12.19 6.79
N ALA Y 2 -18.13 23.86 3.80
CA ALA Y 2 -18.82 23.39 2.61
C ALA Y 2 -18.15 22.15 2.05
N ALA Y 3 -18.94 21.27 1.44
CA ALA Y 3 -18.47 19.99 0.95
C ALA Y 3 -18.31 20.00 -0.57
N VAL Y 4 -17.89 21.13 -1.12
CA VAL Y 4 -17.73 21.26 -2.56
C VAL Y 4 -16.32 20.82 -2.96
N ILE Y 5 -16.19 20.37 -4.21
CA ILE Y 5 -14.93 19.87 -4.74
C ILE Y 5 -14.35 20.76 -5.83
N ASN Y 6 -15.11 21.72 -6.36
CA ASN Y 6 -14.64 22.51 -7.49
C ASN Y 6 -13.40 23.33 -7.12
N THR Y 7 -13.39 23.92 -5.93
CA THR Y 7 -12.23 24.66 -5.45
C THR Y 7 -11.93 24.27 -4.01
N ASN Y 8 -10.64 24.20 -3.69
CA ASN Y 8 -10.17 23.81 -2.37
C ASN Y 8 -9.40 24.98 -1.79
N TYR Y 9 -10.07 25.78 -0.95
CA TYR Y 9 -9.42 26.94 -0.36
C TYR Y 9 -8.26 26.54 0.54
N LEU Y 10 -8.41 25.42 1.25
CA LEU Y 10 -7.32 24.95 2.11
C LEU Y 10 -6.08 24.61 1.30
N SER Y 11 -6.28 24.00 0.13
CA SER Y 11 -5.15 23.71 -0.73
C SER Y 11 -4.46 24.99 -1.18
N LEU Y 12 -5.23 26.02 -1.51
CA LEU Y 12 -4.65 27.30 -1.91
C LEU Y 12 -3.84 27.93 -0.78
N VAL Y 13 -4.38 27.89 0.43
CA VAL Y 13 -3.65 28.46 1.57
C VAL Y 13 -2.36 27.69 1.81
N ALA Y 14 -2.43 26.37 1.73
CA ALA Y 14 -1.22 25.56 1.89
C ALA Y 14 -0.20 25.88 0.81
N GLN Y 15 -0.66 26.09 -0.43
CA GLN Y 15 0.25 26.47 -1.51
C GLN Y 15 0.93 27.80 -1.21
N ASN Y 16 0.18 28.77 -0.70
CA ASN Y 16 0.77 30.06 -0.37
C ASN Y 16 1.84 29.91 0.70
N ASN Y 17 1.53 29.20 1.79
CA ASN Y 17 2.52 29.04 2.84
C ASN Y 17 3.74 28.27 2.36
N LEU Y 18 3.53 27.28 1.49
CA LEU Y 18 4.65 26.57 0.90
C LEU Y 18 5.53 27.51 0.09
N ASN Y 19 4.92 28.40 -0.69
CA ASN Y 19 5.71 29.35 -1.47
C ASN Y 19 6.50 30.30 -0.58
N LYS Y 20 5.90 30.78 0.50
CA LYS Y 20 6.62 31.66 1.41
C LYS Y 20 7.81 30.93 2.04
N SER Y 21 7.58 29.70 2.51
CA SER Y 21 8.67 28.94 3.10
C SER Y 21 9.77 28.67 2.09
N GLN Y 22 9.40 28.40 0.83
CA GLN Y 22 10.39 28.14 -0.19
C GLN Y 22 11.19 29.38 -0.53
N SER Y 23 10.55 30.56 -0.52
CA SER Y 23 11.29 31.79 -0.74
C SER Y 23 12.29 32.03 0.38
N SER Y 24 11.88 31.76 1.63
CA SER Y 24 12.83 31.87 2.74
C SER Y 24 13.98 30.90 2.58
N LEU Y 25 13.68 29.66 2.17
CA LEU Y 25 14.73 28.68 1.93
C LEU Y 25 15.68 29.15 0.83
N GLY Y 26 15.12 29.74 -0.23
CA GLY Y 26 15.96 30.19 -1.32
C GLY Y 26 16.91 31.29 -0.91
N THR Y 27 16.40 32.29 -0.18
CA THR Y 27 17.30 33.37 0.25
C THR Y 27 18.33 32.85 1.26
N ALA Y 28 17.96 31.94 2.15
CA ALA Y 28 18.93 31.38 3.08
C ALA Y 28 20.01 30.59 2.34
N ILE Y 29 19.61 29.80 1.34
CA ILE Y 29 20.57 29.02 0.58
C ILE Y 29 21.51 29.92 -0.20
N GLU Y 30 20.97 31.00 -0.79
CA GLU Y 30 21.81 31.95 -1.49
C GLU Y 30 22.83 32.57 -0.56
N ARG Y 31 22.38 32.98 0.63
CA ARG Y 31 23.31 33.62 1.56
C ARG Y 31 24.36 32.64 2.09
N LEU Y 32 24.01 31.35 2.19
CA LEU Y 32 25.01 30.36 2.57
C LEU Y 32 26.03 30.15 1.44
N SER Y 33 25.54 29.98 0.21
CA SER Y 33 26.43 29.65 -0.90
C SER Y 33 27.37 30.80 -1.21
N SER Y 34 26.83 32.01 -1.34
CA SER Y 34 27.67 33.16 -1.66
C SER Y 34 28.57 33.55 -0.49
N GLY Y 35 28.11 33.32 0.73
CA GLY Y 35 28.83 33.78 1.90
C GLY Y 35 28.63 35.24 2.22
N LEU Y 36 27.83 35.95 1.43
CA LEU Y 36 27.56 37.37 1.63
C LEU Y 36 26.08 37.53 1.95
N ARG Y 37 25.79 38.17 3.09
CA ARG Y 37 24.39 38.40 3.45
C ARG Y 37 23.70 39.29 2.42
N ILE Y 38 24.38 40.33 1.97
CA ILE Y 38 23.80 41.31 1.04
C ILE Y 38 24.33 41.01 -0.36
N ASN Y 39 23.60 40.17 -1.08
CA ASN Y 39 23.76 40.00 -2.51
C ASN Y 39 22.36 40.08 -3.13
N SER Y 40 22.30 40.49 -4.39
CA SER Y 40 21.02 40.78 -5.05
C SER Y 40 20.28 41.87 -4.26
N ALA Y 41 20.81 43.09 -4.41
CA ALA Y 41 20.63 44.21 -3.48
C ALA Y 41 19.23 44.37 -2.90
N LYS Y 42 18.22 43.79 -3.54
CA LYS Y 42 16.85 43.83 -3.04
C LYS Y 42 16.75 43.57 -1.53
N ASP Y 43 17.73 42.85 -0.97
CA ASP Y 43 17.85 42.74 0.47
C ASP Y 43 18.87 43.76 0.97
N ASP Y 44 18.41 44.71 1.79
CA ASP Y 44 19.27 45.76 2.34
C ASP Y 44 19.95 46.56 1.23
N ALA Y 45 19.12 47.27 0.45
CA ALA Y 45 19.62 48.00 -0.70
C ALA Y 45 20.68 49.02 -0.30
N ALA Y 46 20.45 49.76 0.79
CA ALA Y 46 21.47 50.68 1.28
C ALA Y 46 22.69 49.94 1.78
N GLY Y 47 22.50 48.73 2.31
CA GLY Y 47 23.64 47.96 2.78
C GLY Y 47 24.63 47.66 1.68
N MET Y 48 24.13 47.36 0.48
CA MET Y 48 25.04 47.09 -0.63
C MET Y 48 25.78 48.35 -1.06
N ALA Y 49 25.13 49.52 -0.97
CA ALA Y 49 25.84 50.76 -1.24
C ALA Y 49 26.96 50.98 -0.23
N ILE Y 50 26.68 50.72 1.05
CA ILE Y 50 27.71 50.86 2.08
C ILE Y 50 28.86 49.90 1.81
N ALA Y 51 28.54 48.64 1.49
CA ALA Y 51 29.57 47.64 1.25
C ALA Y 51 30.36 47.95 -0.02
N ASN Y 52 29.69 48.47 -1.04
CA ASN Y 52 30.38 48.89 -2.26
C ASN Y 52 31.39 49.98 -1.95
N ARG Y 53 30.98 50.99 -1.19
CA ARG Y 53 31.92 52.04 -0.81
C ARG Y 53 33.07 51.47 0.00
N PHE Y 54 32.77 50.52 0.89
CA PHE Y 54 33.82 49.91 1.70
C PHE Y 54 34.81 49.12 0.84
N THR Y 55 34.31 48.35 -0.12
CA THR Y 55 35.21 47.62 -1.01
C THR Y 55 36.09 48.58 -1.79
N ALA Y 56 35.49 49.64 -2.34
CA ALA Y 56 36.29 50.61 -3.08
C ALA Y 56 37.37 51.21 -2.20
N ASN Y 57 37.01 51.60 -0.97
CA ASN Y 57 37.98 52.24 -0.09
C ASN Y 57 39.09 51.27 0.31
N VAL Y 58 38.73 50.04 0.70
CA VAL Y 58 39.74 49.10 1.17
C VAL Y 58 40.67 48.71 0.04
N ARG Y 59 40.13 48.45 -1.14
CA ARG Y 59 40.96 48.06 -2.27
C ARG Y 59 41.89 49.20 -2.69
N GLY Y 60 41.36 50.43 -2.73
CA GLY Y 60 42.20 51.56 -3.03
C GLY Y 60 43.29 51.77 -2.00
N LEU Y 61 42.99 51.54 -0.73
CA LEU Y 61 44.00 51.76 0.29
C LEU Y 61 45.07 50.67 0.27
N THR Y 62 44.69 49.43 -0.05
CA THR Y 62 45.70 48.40 -0.25
C THR Y 62 46.61 48.75 -1.41
N GLN Y 63 46.04 49.21 -2.53
CA GLN Y 63 46.87 49.64 -3.64
C GLN Y 63 47.76 50.81 -3.25
N ALA Y 64 47.25 51.71 -2.42
CA ALA Y 64 48.06 52.82 -1.92
C ALA Y 64 49.19 52.32 -1.03
N ALA Y 65 48.96 51.26 -0.27
CA ALA Y 65 50.04 50.64 0.49
C ALA Y 65 51.13 50.11 -0.44
N ARG Y 66 50.72 49.51 -1.57
CA ARG Y 66 51.71 49.11 -2.56
C ARG Y 66 52.48 50.32 -3.10
N ASN Y 67 51.78 51.42 -3.36
CA ASN Y 67 52.45 52.63 -3.82
C ASN Y 67 53.45 53.14 -2.79
N ALA Y 68 53.07 53.10 -1.52
CA ALA Y 68 53.98 53.51 -0.45
C ALA Y 68 55.20 52.60 -0.39
N ASN Y 69 55.01 51.30 -0.61
CA ASN Y 69 56.14 50.39 -0.67
C ASN Y 69 57.08 50.76 -1.82
N ASP Y 70 56.50 51.12 -2.97
CA ASP Y 70 57.32 51.59 -4.10
C ASP Y 70 58.10 52.83 -3.71
N GLY Y 71 57.47 53.76 -3.00
CA GLY Y 71 58.16 54.95 -2.57
C GLY Y 71 59.32 54.65 -1.64
N ILE Y 72 59.12 53.72 -0.69
CA ILE Y 72 60.21 53.34 0.19
C ILE Y 72 61.34 52.69 -0.60
N SER Y 73 61.01 51.85 -1.57
CA SER Y 73 62.05 51.22 -2.37
C SER Y 73 62.88 52.26 -3.12
N LEU Y 74 62.20 53.25 -3.71
CA LEU Y 74 62.92 54.30 -4.43
C LEU Y 74 63.80 55.10 -3.47
N ALA Y 75 63.27 55.44 -2.29
CA ALA Y 75 64.05 56.16 -1.30
C ALA Y 75 65.24 55.32 -0.85
N GLN Y 76 65.07 54.01 -0.72
CA GLN Y 76 66.17 53.14 -0.35
C GLN Y 76 67.27 53.17 -1.39
N THR Y 77 66.91 53.09 -2.67
CA THR Y 77 67.92 53.14 -3.72
C THR Y 77 68.65 54.49 -3.70
N THR Y 78 67.89 55.58 -3.54
CA THR Y 78 68.52 56.90 -3.54
C THR Y 78 69.47 57.05 -2.35
N GLU Y 79 69.02 56.64 -1.16
CA GLU Y 79 69.87 56.75 0.02
C GLU Y 79 71.08 55.83 -0.09
N GLY Y 80 70.92 54.67 -0.72
CA GLY Y 80 72.05 53.79 -0.90
C GLY Y 80 73.10 54.38 -1.82
N ALA Y 81 72.67 55.00 -2.92
CA ALA Y 81 73.62 55.68 -3.78
C ALA Y 81 74.31 56.84 -3.06
N ALA Y 82 73.52 57.64 -2.33
CA ALA Y 82 74.09 58.78 -1.62
C ALA Y 82 75.06 58.35 -0.54
N SER Y 83 74.82 57.20 0.10
CA SER Y 83 75.68 56.74 1.17
C SER Y 83 77.10 56.46 0.67
N GLU Y 84 77.24 56.05 -0.58
CA GLU Y 84 78.57 55.79 -1.11
C GLU Y 84 79.15 57.02 -1.80
N VAL Y 85 78.30 57.89 -2.34
CA VAL Y 85 78.80 59.22 -2.71
C VAL Y 85 79.41 59.90 -1.50
N ASN Y 86 78.87 59.62 -0.31
CA ASN Y 86 79.46 60.15 0.92
C ASN Y 86 80.87 59.60 1.13
N THR Y 87 81.08 58.31 0.87
CA THR Y 87 82.42 57.76 0.98
C THR Y 87 83.36 58.39 -0.01
N HIS Y 88 82.88 58.65 -1.23
CA HIS Y 88 83.68 59.38 -2.21
C HIS Y 88 84.11 60.73 -1.68
N LEU Y 89 83.16 61.49 -1.11
CA LEU Y 89 83.50 62.80 -0.59
C LEU Y 89 84.47 62.71 0.59
N GLN Y 90 84.29 61.70 1.45
CA GLN Y 90 85.22 61.54 2.57
C GLN Y 90 86.63 61.26 2.07
N ARG Y 91 86.77 60.40 1.07
CA ARG Y 91 88.09 60.11 0.52
C ARG Y 91 88.69 61.35 -0.13
N ILE Y 92 87.86 62.11 -0.85
CA ILE Y 92 88.36 63.35 -1.46
C ILE Y 92 88.84 64.32 -0.40
N ARG Y 93 88.10 64.44 0.70
CA ARG Y 93 88.51 65.32 1.78
C ARG Y 93 89.82 64.86 2.40
N GLU Y 94 89.95 63.55 2.66
CA GLU Y 94 91.18 63.04 3.25
C GLU Y 94 92.38 63.32 2.35
N LEU Y 95 92.22 63.07 1.04
CA LEU Y 95 93.34 63.31 0.14
C LEU Y 95 93.60 64.80 -0.06
N THR Y 96 92.57 65.64 0.05
CA THR Y 96 92.79 67.08 0.03
C THR Y 96 93.62 67.53 1.22
N VAL Y 97 93.33 66.97 2.40
CA VAL Y 97 94.15 67.27 3.58
C VAL Y 97 95.58 66.80 3.35
N GLN Y 98 95.74 65.61 2.77
CA GLN Y 98 97.08 65.09 2.54
C GLN Y 98 97.86 65.97 1.57
N ALA Y 99 97.22 66.38 0.47
CA ALA Y 99 97.90 67.13 -0.57
C ALA Y 99 98.06 68.60 -0.23
N SER Y 100 97.36 69.07 0.80
CA SER Y 100 97.56 70.45 1.26
C SER Y 100 98.94 70.66 1.88
N ASN Y 101 99.64 69.58 2.20
CA ASN Y 101 101.01 69.70 2.71
C ASN Y 101 101.92 70.27 1.63
N GLY Y 102 102.93 71.02 2.08
CA GLY Y 102 103.92 71.55 1.16
C GLY Y 102 105.06 70.61 0.84
N SER Y 103 105.19 69.51 1.58
CA SER Y 103 106.27 68.57 1.33
C SER Y 103 106.10 67.80 0.03
N TYR Y 104 104.88 67.74 -0.50
CA TYR Y 104 104.64 67.00 -1.73
C TYR Y 104 105.02 67.83 -2.94
N SER Y 105 105.88 67.28 -3.79
CA SER Y 105 106.27 67.97 -5.01
C SER Y 105 105.13 67.91 -6.03
N GLN Y 106 105.38 68.49 -7.20
CA GLN Y 106 104.30 68.66 -8.18
C GLN Y 106 103.79 67.33 -8.70
N GLU Y 107 104.67 66.33 -8.85
CA GLU Y 107 104.24 65.04 -9.40
C GLU Y 107 103.26 64.33 -8.47
N GLN Y 108 103.55 64.33 -7.17
CA GLN Y 108 102.63 63.70 -6.23
C GLN Y 108 101.30 64.43 -6.18
N LEU Y 109 101.33 65.77 -6.24
CA LEU Y 109 100.09 66.52 -6.31
C LEU Y 109 99.31 66.18 -7.57
N ASP Y 110 100.03 65.96 -8.68
CA ASP Y 110 99.36 65.57 -9.92
C ASP Y 110 98.72 64.20 -9.78
N SER Y 111 99.39 63.26 -9.10
CA SER Y 111 98.79 61.95 -8.88
C SER Y 111 97.55 62.05 -8.00
N VAL Y 112 97.62 62.85 -6.93
CA VAL Y 112 96.45 63.05 -6.08
C VAL Y 112 95.31 63.67 -6.87
N GLN Y 113 95.63 64.65 -7.72
CA GLN Y 113 94.62 65.28 -8.56
C GLN Y 113 94.01 64.31 -9.54
N GLY Y 114 94.82 63.42 -10.12
CA GLY Y 114 94.27 62.40 -11.00
C GLY Y 114 93.31 61.48 -10.27
N GLU Y 115 93.67 61.07 -9.06
CA GLU Y 115 92.78 60.19 -8.31
C GLU Y 115 91.49 60.93 -7.94
N ILE Y 116 91.61 62.20 -7.58
CA ILE Y 116 90.43 63.01 -7.26
C ILE Y 116 89.56 63.20 -8.49
N ASN Y 117 90.19 63.35 -9.66
CA ASN Y 117 89.43 63.43 -10.90
C ASN Y 117 88.68 62.13 -11.15
N GLN Y 118 89.31 61.00 -10.85
CA GLN Y 118 88.60 59.73 -10.92
C GLN Y 118 87.40 59.72 -9.98
N ARG Y 119 87.59 60.21 -8.76
CA ARG Y 119 86.48 60.22 -7.79
C ARG Y 119 85.34 61.09 -8.27
N LEU Y 120 85.65 62.28 -8.80
CA LEU Y 120 84.60 63.18 -9.29
C LEU Y 120 83.89 62.58 -10.50
N ALA Y 121 84.65 61.95 -11.41
CA ALA Y 121 84.04 61.28 -12.55
C ALA Y 121 83.11 60.16 -12.07
N ASP Y 122 83.51 59.47 -11.00
CA ASP Y 122 82.66 58.41 -10.46
C ASP Y 122 81.39 58.98 -9.83
N ILE Y 123 81.50 60.13 -9.16
CA ILE Y 123 80.32 60.77 -8.60
C ILE Y 123 79.35 61.14 -9.72
N ASP Y 124 79.89 61.71 -10.80
CA ASP Y 124 79.06 62.06 -11.94
C ASP Y 124 78.43 60.82 -12.56
N ARG Y 125 79.20 59.73 -12.65
CA ARG Y 125 78.67 58.47 -13.16
C ARG Y 125 77.56 57.96 -12.27
N ILE Y 126 77.71 58.09 -10.96
CA ILE Y 126 76.66 57.67 -10.03
C ILE Y 126 75.41 58.48 -10.29
N SER Y 127 75.55 59.79 -10.47
CA SER Y 127 74.39 60.63 -10.74
C SER Y 127 73.69 60.22 -12.03
N GLU Y 128 74.46 59.97 -13.10
CA GLU Y 128 73.84 59.70 -14.39
C GLU Y 128 73.26 58.30 -14.48
N GLN Y 129 73.92 57.31 -13.89
CA GLN Y 129 73.56 55.90 -14.08
C GLN Y 129 72.64 55.35 -13.02
N THR Y 130 72.49 56.01 -11.87
CA THR Y 130 71.59 55.51 -10.83
C THR Y 130 70.17 55.52 -11.36
N ASP Y 131 69.61 54.34 -11.58
CA ASP Y 131 68.31 54.20 -12.21
C ASP Y 131 67.37 53.44 -11.29
N PHE Y 132 66.08 53.75 -11.42
CA PHE Y 132 65.04 53.05 -10.67
C PHE Y 132 63.77 53.11 -11.50
N ASN Y 133 63.43 52.01 -12.16
CA ASN Y 133 62.25 51.92 -13.01
C ASN Y 133 62.28 53.02 -14.08
N GLY Y 134 63.38 53.03 -14.82
CA GLY Y 134 63.54 54.00 -15.89
C GLY Y 134 63.54 55.44 -15.44
N VAL Y 135 63.81 55.70 -14.17
CA VAL Y 135 63.85 57.05 -13.63
C VAL Y 135 65.21 57.25 -12.98
N LYS Y 136 65.99 58.20 -13.50
CA LYS Y 136 67.30 58.53 -12.93
C LYS Y 136 67.05 59.37 -11.68
N VAL Y 137 66.77 58.67 -10.58
CA VAL Y 137 66.27 59.33 -9.39
C VAL Y 137 67.30 60.31 -8.82
N LEU Y 138 68.56 59.90 -8.75
CA LEU Y 138 69.61 60.75 -8.23
C LEU Y 138 70.41 61.37 -9.37
N SER Y 139 69.72 62.17 -10.20
CA SER Y 139 70.37 62.70 -11.39
C SER Y 139 70.14 64.19 -11.56
N ASP Y 140 70.54 64.71 -12.72
CA ASP Y 140 70.39 66.14 -12.99
C ASP Y 140 68.95 66.51 -13.26
N SER Y 141 68.19 65.62 -13.90
CA SER Y 141 66.78 65.86 -14.22
C SER Y 141 65.96 64.89 -13.38
N ALA Y 142 65.59 65.32 -12.17
CA ALA Y 142 64.85 64.48 -11.24
C ALA Y 142 63.85 65.37 -10.52
N LYS Y 143 62.62 65.42 -11.04
CA LYS Y 143 61.57 66.19 -10.41
C LYS Y 143 61.04 65.45 -9.19
N PRO Y 144 60.47 66.16 -8.22
CA PRO Y 144 59.84 65.49 -7.08
C PRO Y 144 58.70 64.59 -7.52
N LEU Y 145 58.56 63.45 -6.86
CA LEU Y 145 57.57 62.45 -7.22
C LEU Y 145 56.24 62.75 -6.53
N THR Y 146 55.24 61.91 -6.75
CA THR Y 146 53.92 62.09 -6.17
C THR Y 146 53.60 61.05 -5.12
N LEU Y 147 53.61 59.77 -5.48
CA LEU Y 147 53.41 58.67 -4.53
C LEU Y 147 52.08 58.80 -3.80
N GLN Y 148 50.99 58.68 -4.55
CA GLN Y 148 49.66 58.81 -3.96
C GLN Y 148 49.45 57.74 -2.90
N VAL Y 149 49.19 58.17 -1.67
CA VAL Y 149 48.81 57.29 -0.58
C VAL Y 149 47.38 57.65 -0.17
N GLY Y 150 46.51 56.66 -0.17
CA GLY Y 150 45.09 56.88 0.04
C GLY Y 150 44.34 57.05 -1.26
N ALA Y 151 43.06 56.71 -1.21
CA ALA Y 151 42.17 56.92 -2.34
C ALA Y 151 41.75 58.39 -2.37
N ASN Y 152 40.73 58.72 -3.15
CA ASN Y 152 40.20 60.09 -3.22
C ASN Y 152 41.27 61.08 -3.67
N ASP Y 153 41.65 60.94 -4.95
CA ASP Y 153 42.70 61.75 -5.57
C ASP Y 153 42.68 63.19 -5.10
N GLY Y 154 43.87 63.73 -4.84
CA GLY Y 154 44.01 65.07 -4.34
C GLY Y 154 45.16 65.17 -3.38
N GLU Y 155 45.73 64.02 -3.04
CA GLU Y 155 46.80 63.94 -2.06
C GLU Y 155 47.95 63.10 -2.61
N THR Y 156 49.17 63.44 -2.18
CA THR Y 156 50.38 62.76 -2.63
C THR Y 156 51.40 62.83 -1.49
N ILE Y 157 52.64 62.49 -1.81
CA ILE Y 157 53.78 62.64 -0.91
C ILE Y 157 54.93 63.17 -1.75
N THR Y 158 55.23 64.44 -1.62
CA THR Y 158 56.30 65.06 -2.41
C THR Y 158 57.65 64.51 -1.94
N LEU Y 159 58.30 63.72 -2.79
CA LEU Y 159 59.54 63.08 -2.40
C LEU Y 159 60.70 64.07 -2.36
N ASN Y 160 60.77 64.97 -3.33
CA ASN Y 160 61.71 66.09 -3.34
C ASN Y 160 63.16 65.61 -3.28
N LEU Y 161 63.56 64.94 -4.36
CA LEU Y 161 64.92 64.47 -4.54
C LEU Y 161 65.44 64.95 -5.89
N SER Y 162 66.71 65.41 -5.91
CA SER Y 162 67.28 65.88 -7.16
C SER Y 162 68.75 66.22 -6.98
N GLU Y 163 69.51 66.01 -8.06
CA GLU Y 163 70.74 66.75 -8.38
C GLU Y 163 71.81 66.62 -7.28
N ILE Y 164 72.33 65.40 -7.15
CA ILE Y 164 73.57 65.17 -6.41
C ILE Y 164 74.61 64.69 -7.40
N SER Y 165 75.63 65.52 -7.62
CA SER Y 165 76.70 65.27 -8.58
C SER Y 165 77.69 66.41 -8.47
N VAL Y 166 78.73 66.37 -9.30
CA VAL Y 166 79.49 67.59 -9.52
C VAL Y 166 78.61 68.60 -10.25
N LYS Y 167 79.04 69.86 -10.20
CA LYS Y 167 78.38 70.99 -10.85
C LYS Y 167 77.13 71.32 -10.03
N THR Y 168 76.80 70.48 -9.06
CA THR Y 168 75.73 70.79 -8.12
C THR Y 168 76.10 70.54 -6.66
N LEU Y 169 77.08 69.68 -6.39
CA LEU Y 169 77.72 69.70 -5.08
C LEU Y 169 78.65 70.89 -4.93
N GLY Y 170 78.88 71.63 -6.00
CA GLY Y 170 79.64 72.85 -5.97
C GLY Y 170 81.07 72.73 -6.42
N LEU Y 171 81.64 71.52 -6.41
CA LEU Y 171 83.05 71.39 -6.77
C LEU Y 171 83.28 71.75 -8.22
N ASP Y 172 82.88 70.86 -9.13
CA ASP Y 172 82.80 71.10 -10.57
C ASP Y 172 84.16 71.40 -11.20
N GLY Y 173 85.15 71.73 -10.39
CA GLY Y 173 86.47 72.04 -10.87
C GLY Y 173 87.52 71.68 -9.86
N PHE Y 174 87.16 70.82 -8.90
CA PHE Y 174 87.96 70.61 -7.70
C PHE Y 174 89.39 70.27 -8.05
N ASN Y 175 90.30 71.19 -7.76
CA ASN Y 175 91.69 71.05 -8.16
C ASN Y 175 92.58 71.35 -6.97
N VAL Y 176 93.59 70.50 -6.78
CA VAL Y 176 94.45 70.62 -5.62
C VAL Y 176 95.87 70.96 -6.06
N ASN Y 177 96.26 70.50 -7.26
CA ASN Y 177 97.61 70.78 -7.72
C ASN Y 177 97.75 72.24 -8.14
N GLY Y 178 97.02 72.65 -9.18
CA GLY Y 178 97.18 73.98 -9.75
C GLY Y 178 98.64 74.32 -9.91
N LYS Y 179 99.06 75.48 -9.40
CA LYS Y 179 100.48 75.70 -9.14
C LYS Y 179 100.66 76.48 -7.84
N GLY Y 180 99.56 76.78 -7.14
CA GLY Y 180 99.63 77.52 -5.89
C GLY Y 180 99.20 78.97 -6.09
N VAL Y 181 99.87 79.88 -5.40
CA VAL Y 181 99.59 81.31 -5.50
C VAL Y 181 100.63 81.88 -6.46
N THR Y 182 100.23 82.01 -7.72
CA THR Y 182 101.14 82.43 -8.77
C THR Y 182 101.59 83.87 -8.56
N GLN Y 183 102.89 84.10 -8.70
CA GLN Y 183 103.47 85.43 -8.56
C GLN Y 183 103.84 85.96 -9.94
N ASN Y 184 103.63 87.27 -10.13
CA ASN Y 184 103.88 87.88 -11.41
C ASN Y 184 105.37 88.10 -11.63
N ARG Y 185 105.73 88.42 -12.87
CA ARG Y 185 107.10 88.75 -13.23
C ARG Y 185 107.28 90.26 -13.34
N SER Y 186 108.47 90.73 -12.98
CA SER Y 186 108.76 92.16 -13.02
C SER Y 186 108.66 92.70 -14.44
N ALA Y 187 107.64 93.53 -14.69
CA ALA Y 187 107.47 94.11 -16.02
C ALA Y 187 108.66 95.00 -16.36
N THR Y 188 109.17 94.84 -17.58
CA THR Y 188 110.34 95.57 -18.05
C THR Y 188 109.93 96.55 -19.13
N VAL Y 189 110.91 97.28 -19.67
CA VAL Y 189 110.63 98.23 -20.73
C VAL Y 189 110.10 97.53 -21.96
N THR Y 190 110.52 96.28 -22.19
CA THR Y 190 110.04 95.54 -23.35
C THR Y 190 108.53 95.31 -23.28
N ASP Y 191 108.03 94.89 -22.11
CA ASP Y 191 106.59 94.66 -21.97
C ASP Y 191 105.83 95.97 -22.07
N VAL Y 192 106.37 97.04 -21.48
CA VAL Y 192 105.68 98.33 -21.51
C VAL Y 192 105.57 98.84 -22.94
N ILE Y 193 106.66 98.77 -23.70
CA ILE Y 193 106.63 99.24 -25.08
C ILE Y 193 105.81 98.30 -25.94
N ALA Y 194 105.66 97.04 -25.52
CA ALA Y 194 104.86 96.09 -26.31
C ALA Y 194 103.39 96.48 -26.33
N GLN Y 195 102.85 96.94 -25.21
CA GLN Y 195 101.43 97.25 -25.12
C GLN Y 195 101.11 98.67 -25.58
N GLY Y 196 101.60 99.02 -26.76
CA GLY Y 196 101.35 100.35 -27.30
C GLY Y 196 101.88 101.48 -26.46
N GLY Y 197 102.90 101.22 -25.64
CA GLY Y 197 103.44 102.26 -24.79
C GLY Y 197 104.13 103.35 -25.60
N THR Y 198 104.03 104.58 -25.11
CA THR Y 198 104.62 105.74 -25.75
C THR Y 198 105.73 106.30 -24.86
N LEU Y 199 106.87 106.61 -25.47
CA LEU Y 199 107.97 107.19 -24.72
C LEU Y 199 107.60 108.58 -24.24
N GLN Y 200 107.99 108.90 -23.00
CA GLN Y 200 107.73 110.21 -22.42
C GLN Y 200 108.97 110.92 -21.93
N GLY Y 201 110.04 110.20 -21.61
CA GLY Y 201 111.26 110.84 -21.12
C GLY Y 201 112.33 109.87 -20.67
N ASP Y 202 112.91 110.14 -19.51
CA ASP Y 202 114.01 109.32 -18.98
C ASP Y 202 113.44 108.01 -18.46
N GLY Y 203 113.23 107.08 -19.40
CA GLY Y 203 112.62 105.81 -19.04
C GLY Y 203 111.19 105.93 -18.60
N THR Y 204 110.52 107.03 -18.93
CA THR Y 204 109.15 107.28 -18.52
C THR Y 204 108.22 106.93 -19.67
N TYR Y 205 107.24 106.08 -19.39
CA TYR Y 205 106.30 105.60 -20.40
C TYR Y 205 104.88 105.75 -19.88
N LYS Y 206 103.98 106.20 -20.74
CA LYS Y 206 102.59 106.42 -20.38
C LYS Y 206 101.73 105.36 -21.07
N ALA Y 207 101.25 104.40 -20.30
CA ALA Y 207 100.34 103.39 -20.82
C ALA Y 207 98.92 103.94 -20.82
N THR Y 208 98.29 103.92 -22.00
CA THR Y 208 96.97 104.48 -22.17
C THR Y 208 96.04 103.43 -22.77
N THR Y 209 94.75 103.54 -22.45
CA THR Y 209 93.75 102.63 -22.98
C THR Y 209 92.40 103.34 -23.03
N THR Y 210 91.88 103.51 -24.24
CA THR Y 210 90.57 104.12 -24.43
C THR Y 210 89.48 103.12 -24.06
N PHE Y 211 88.40 103.64 -23.47
CA PHE Y 211 87.34 102.80 -22.94
C PHE Y 211 85.97 103.25 -23.43
N ASN Y 212 85.90 103.83 -24.64
CA ASN Y 212 84.62 104.27 -25.18
C ASN Y 212 83.68 103.07 -25.30
N ALA Y 213 82.63 103.07 -24.50
CA ALA Y 213 81.79 101.90 -24.32
C ALA Y 213 80.43 102.36 -23.81
N ALA Y 214 79.68 101.43 -23.22
CA ALA Y 214 78.34 101.70 -22.68
C ALA Y 214 77.37 102.02 -23.81
N SER Y 215 77.28 101.11 -24.77
CA SER Y 215 76.34 101.26 -25.88
C SER Y 215 74.91 101.04 -25.38
N ALA Y 216 73.97 101.09 -26.33
CA ALA Y 216 72.56 100.94 -25.97
C ALA Y 216 72.28 99.56 -25.38
N GLU Y 217 72.85 98.51 -25.97
CA GLU Y 217 72.60 97.16 -25.48
C GLU Y 217 73.15 96.98 -24.08
N THR Y 218 74.37 97.45 -23.84
CA THR Y 218 75.00 97.30 -22.52
C THR Y 218 74.26 98.06 -21.44
N VAL Y 219 73.45 99.06 -21.81
CA VAL Y 219 72.65 99.79 -20.83
C VAL Y 219 71.29 99.14 -20.64
N LEU Y 220 70.63 98.77 -21.74
CA LEU Y 220 69.34 98.09 -21.65
C LEU Y 220 69.47 96.73 -20.97
N SER Y 221 70.67 96.17 -20.90
CA SER Y 221 70.85 94.88 -20.22
C SER Y 221 70.52 94.98 -18.74
N LYS Y 222 70.79 96.12 -18.11
CA LYS Y 222 70.56 96.31 -16.68
C LYS Y 222 69.42 97.29 -16.43
N LEU Y 223 68.36 97.21 -17.23
CA LEU Y 223 67.26 98.15 -17.16
C LEU Y 223 66.08 97.55 -16.41
N GLU Y 224 65.57 98.31 -15.43
CA GLU Y 224 64.33 97.96 -14.75
C GLU Y 224 63.41 99.17 -14.58
N ASP Y 225 63.89 100.37 -14.86
CA ASP Y 225 63.13 101.60 -14.67
C ASP Y 225 62.84 102.24 -16.03
N GLY Y 226 62.29 103.45 -15.99
CA GLY Y 226 61.87 104.11 -17.21
C GLY Y 226 62.97 104.89 -17.89
N ASN Y 227 62.97 104.86 -19.21
CA ASN Y 227 63.89 105.61 -20.04
C ASN Y 227 63.11 106.64 -20.85
N THR Y 228 63.81 107.38 -21.71
CA THR Y 228 63.18 108.42 -22.51
C THR Y 228 63.83 108.48 -23.88
N VAL Y 229 63.04 108.94 -24.86
CA VAL Y 229 63.52 109.16 -26.21
C VAL Y 229 63.00 110.52 -26.68
N ALA Y 230 63.91 111.36 -27.17
CA ALA Y 230 63.56 112.67 -27.69
C ALA Y 230 64.37 112.94 -28.94
N VAL Y 231 63.71 113.37 -30.00
CA VAL Y 231 64.36 113.62 -31.29
C VAL Y 231 64.70 115.10 -31.34
N GLY Y 232 65.89 115.44 -30.85
CA GLY Y 232 66.33 116.83 -30.88
C GLY Y 232 65.41 117.72 -30.05
N GLY Y 233 65.00 118.83 -30.66
CA GLY Y 233 64.12 119.77 -30.00
C GLY Y 233 62.65 119.50 -30.27
N GLY Y 234 62.34 118.30 -30.75
CA GLY Y 234 60.99 117.90 -31.05
C GLY Y 234 60.29 117.25 -29.88
N ALA Y 235 59.35 116.36 -30.20
CA ALA Y 235 58.60 115.67 -29.17
C ALA Y 235 59.48 114.69 -28.40
N THR Y 236 59.01 114.30 -27.22
CA THR Y 236 59.74 113.40 -26.34
C THR Y 236 58.83 112.27 -25.89
N TYR Y 237 59.37 111.07 -25.81
CA TYR Y 237 58.62 109.90 -25.38
C TYR Y 237 59.41 109.15 -24.31
N THR Y 238 58.70 108.59 -23.33
CA THR Y 238 59.31 107.84 -22.24
C THR Y 238 58.71 106.45 -22.19
N TYR Y 239 59.56 105.46 -21.95
CA TYR Y 239 59.15 104.06 -21.89
C TYR Y 239 59.58 103.47 -20.55
N ASP Y 240 58.79 102.52 -20.05
CA ASP Y 240 59.07 101.86 -18.77
C ASP Y 240 59.02 100.35 -18.96
N ALA Y 241 60.05 99.66 -18.49
CA ALA Y 241 60.17 98.21 -18.65
C ALA Y 241 59.70 97.55 -17.35
N ALA Y 242 58.42 97.19 -17.31
CA ALA Y 242 57.88 96.55 -16.11
C ALA Y 242 58.39 95.13 -15.96
N LYS Y 243 58.34 94.33 -17.02
CA LYS Y 243 58.77 92.94 -17.00
C LYS Y 243 59.74 92.62 -18.13
N GLY Y 244 60.42 93.64 -18.66
CA GLY Y 244 61.16 93.50 -19.89
C GLY Y 244 60.36 93.88 -21.12
N ASN Y 245 59.06 94.08 -20.99
CA ASN Y 245 58.22 94.61 -22.05
C ASN Y 245 57.88 96.05 -21.72
N PHE Y 246 58.28 96.97 -22.58
CA PHE Y 246 58.19 98.39 -22.28
C PHE Y 246 56.76 98.90 -22.40
N THR Y 247 56.46 99.93 -21.62
CA THR Y 247 55.15 100.56 -21.62
C THR Y 247 55.30 102.05 -21.84
N TYR Y 248 54.36 102.62 -22.59
CA TYR Y 248 54.38 104.04 -22.93
C TYR Y 248 53.04 104.39 -23.57
N THR Y 249 52.89 105.67 -23.90
CA THR Y 249 51.68 106.16 -24.55
C THR Y 249 52.06 106.94 -25.80
N LYS Y 250 51.25 106.80 -26.85
CA LYS Y 250 51.38 107.60 -28.04
C LYS Y 250 50.01 108.11 -28.43
N THR Y 251 49.95 109.38 -28.81
CA THR Y 251 48.68 109.99 -29.20
C THR Y 251 48.25 109.47 -30.57
N VAL Y 252 46.97 109.14 -30.69
CA VAL Y 252 46.36 108.77 -31.96
C VAL Y 252 45.44 109.90 -32.37
N ASP Y 253 45.75 110.55 -33.48
CA ASP Y 253 45.00 111.72 -33.91
C ASP Y 253 45.11 111.84 -35.43
N THR Y 254 44.69 112.99 -35.95
CA THR Y 254 44.67 113.25 -37.38
C THR Y 254 45.16 114.67 -37.62
N THR Y 255 44.92 115.19 -38.82
CA THR Y 255 45.35 116.54 -39.19
C THR Y 255 44.20 117.49 -39.49
N VAL Y 256 42.99 116.99 -39.72
CA VAL Y 256 41.86 117.81 -40.13
C VAL Y 256 40.91 117.93 -38.94
N GLY Y 257 40.73 119.17 -38.45
CA GLY Y 257 39.78 119.40 -37.38
C GLY Y 257 38.34 119.17 -37.79
N ALA Y 258 38.01 119.50 -39.04
CA ALA Y 258 36.63 119.39 -39.51
C ALA Y 258 36.19 117.95 -39.75
N ASP Y 259 37.13 117.02 -39.91
CA ASP Y 259 36.78 115.63 -40.19
C ASP Y 259 37.84 114.73 -39.59
N VAL Y 260 37.43 113.86 -38.67
CA VAL Y 260 38.34 112.95 -37.99
C VAL Y 260 37.88 111.51 -38.18
N THR Y 261 37.25 111.23 -39.32
CA THR Y 261 36.89 109.84 -39.63
C THR Y 261 38.13 108.95 -39.62
N ALA Y 262 39.27 109.48 -40.04
CA ALA Y 262 40.51 108.72 -39.96
C ALA Y 262 40.89 108.40 -38.53
N LEU Y 263 40.56 109.29 -37.58
CA LEU Y 263 40.84 109.01 -36.17
C LEU Y 263 40.04 107.81 -35.69
N ALA Y 264 38.76 107.75 -36.05
CA ALA Y 264 37.93 106.60 -35.69
C ALA Y 264 38.44 105.33 -36.38
N ASN Y 265 38.83 105.44 -37.65
CA ASN Y 265 39.36 104.28 -38.37
C ASN Y 265 40.75 103.89 -37.91
N LYS Y 266 41.41 104.73 -37.12
CA LYS Y 266 42.67 104.38 -36.47
C LYS Y 266 42.41 103.69 -35.13
N ILE Y 267 41.43 104.17 -34.37
CA ILE Y 267 41.10 103.53 -33.10
C ILE Y 267 40.49 102.14 -33.33
N LYS Y 268 39.69 102.00 -34.38
CA LYS Y 268 38.96 100.74 -34.58
C LYS Y 268 39.87 99.52 -34.68
N PRO Y 269 40.95 99.51 -35.49
CA PRO Y 269 41.80 98.32 -35.51
C PRO Y 269 42.44 98.00 -34.17
N SER Y 270 42.71 99.01 -33.35
CA SER Y 270 43.24 98.75 -32.01
C SER Y 270 42.23 97.95 -31.18
N SER Y 271 40.95 98.33 -31.26
CA SER Y 271 39.92 97.58 -30.55
C SER Y 271 39.79 96.16 -31.11
N GLY Y 272 39.87 96.01 -32.43
CA GLY Y 272 39.69 94.71 -33.04
C GLY Y 272 38.43 94.65 -33.89
N THR Y 273 37.88 93.44 -34.07
CA THR Y 273 36.67 93.26 -34.85
C THR Y 273 35.48 92.85 -33.99
N ILE Y 274 35.61 91.75 -33.24
CA ILE Y 274 34.55 91.27 -32.37
C ILE Y 274 35.16 90.91 -31.03
N SER Y 275 34.62 91.48 -29.95
CA SER Y 275 35.09 91.18 -28.61
C SER Y 275 33.90 91.20 -27.66
N GLY Y 276 34.17 91.09 -26.37
CA GLY Y 276 33.11 90.98 -25.38
C GLY Y 276 32.94 92.21 -24.51
N SER Y 277 33.35 92.12 -23.26
CA SER Y 277 33.12 93.19 -22.31
C SER Y 277 34.02 94.39 -22.59
N TYR Y 278 33.42 95.57 -22.67
CA TYR Y 278 34.10 96.84 -22.84
C TYR Y 278 33.81 97.75 -21.65
N GLU Y 279 34.41 98.93 -21.67
CA GLU Y 279 34.16 99.95 -20.66
C GLU Y 279 34.16 101.31 -21.35
N ILE Y 280 32.97 101.84 -21.61
CA ILE Y 280 32.82 103.14 -22.27
C ILE Y 280 32.56 104.19 -21.20
N SER Y 281 33.36 105.25 -21.23
CA SER Y 281 33.28 106.32 -20.24
C SER Y 281 32.89 107.64 -20.89
N THR Y 282 31.91 107.59 -21.79
CA THR Y 282 31.44 108.79 -22.44
C THR Y 282 30.76 109.72 -21.44
N GLY Y 283 30.73 111.00 -21.78
CA GLY Y 283 30.20 111.99 -20.86
C GLY Y 283 31.15 112.22 -19.69
N LYS Y 284 30.73 111.88 -18.48
CA LYS Y 284 31.55 112.05 -17.29
C LYS Y 284 31.86 110.74 -16.59
N SER Y 285 30.84 109.96 -16.24
CA SER Y 285 31.01 108.75 -15.43
C SER Y 285 30.19 107.60 -16.00
N ALA Y 286 30.29 107.38 -17.32
CA ALA Y 286 29.51 106.33 -17.95
C ALA Y 286 29.88 104.96 -17.39
N SER Y 287 31.11 104.52 -17.65
CA SER Y 287 31.62 103.25 -17.16
C SER Y 287 30.68 102.09 -17.52
N PHE Y 288 30.17 102.11 -18.75
CA PHE Y 288 29.32 101.01 -19.21
C PHE Y 288 30.12 99.71 -19.26
N ASP Y 289 29.37 98.62 -19.43
CA ASP Y 289 29.95 97.29 -19.67
C ASP Y 289 29.16 96.69 -20.85
N VAL Y 290 29.63 96.94 -22.06
CA VAL Y 290 28.87 96.64 -23.25
C VAL Y 290 29.46 95.41 -23.94
N ASP Y 291 28.73 94.89 -24.93
CA ASP Y 291 29.15 93.75 -25.73
C ASP Y 291 29.03 94.16 -27.19
N ALA Y 292 30.12 94.65 -27.77
CA ALA Y 292 30.09 95.22 -29.12
C ALA Y 292 30.53 94.14 -30.12
N ALA Y 293 29.56 93.52 -30.76
CA ALA Y 293 29.79 92.61 -31.88
C ALA Y 293 29.08 93.23 -33.09
N GLY Y 294 29.79 94.12 -33.78
CA GLY Y 294 29.17 94.94 -34.79
C GLY Y 294 28.49 96.13 -34.16
N LYS Y 295 27.16 96.09 -34.07
CA LYS Y 295 26.44 97.09 -33.30
C LYS Y 295 26.71 96.88 -31.81
N ILE Y 296 26.88 98.00 -31.09
CA ILE Y 296 27.21 97.93 -29.67
C ILE Y 296 25.94 97.61 -28.88
N THR Y 297 26.02 96.59 -28.03
CA THR Y 297 24.90 96.19 -27.19
C THR Y 297 25.38 96.01 -25.75
N ILE Y 298 24.43 95.98 -24.83
CA ILE Y 298 24.71 95.81 -23.41
C ILE Y 298 24.29 94.38 -23.04
N GLY Y 299 24.78 93.92 -21.89
CA GLY Y 299 24.39 92.60 -21.44
C GLY Y 299 22.89 92.48 -21.28
N GLY Y 300 22.27 91.74 -22.19
CA GLY Y 300 20.83 91.56 -22.17
C GLY Y 300 20.01 92.63 -22.84
N ASN Y 301 20.63 93.61 -23.50
CA ASN Y 301 19.87 94.69 -24.11
C ASN Y 301 20.71 95.35 -25.21
N ALA Y 302 20.04 96.13 -26.03
CA ALA Y 302 20.68 96.91 -27.10
C ALA Y 302 20.72 98.37 -26.71
N ALA Y 303 21.85 99.03 -26.99
CA ALA Y 303 22.10 100.38 -26.54
C ALA Y 303 22.12 101.35 -27.72
N PHE Y 304 21.35 102.42 -27.62
CA PHE Y 304 21.34 103.51 -28.59
C PHE Y 304 22.27 104.62 -28.11
N LEU Y 305 22.24 105.78 -28.76
CA LEU Y 305 23.11 106.88 -28.41
C LEU Y 305 22.35 108.20 -28.48
N ASN Y 306 22.36 108.96 -27.39
CA ASN Y 306 21.80 110.30 -27.35
C ASN Y 306 22.93 111.31 -27.55
N ALA Y 307 22.67 112.33 -28.35
CA ALA Y 307 23.74 113.18 -28.87
C ALA Y 307 23.37 114.66 -28.84
N ASP Y 308 24.38 115.46 -29.18
CA ASP Y 308 24.30 116.89 -29.51
C ASP Y 308 24.09 117.80 -28.31
N GLY Y 309 23.83 117.24 -27.14
CA GLY Y 309 23.98 117.99 -25.91
C GLY Y 309 25.23 117.52 -25.19
N GLU Y 310 25.31 116.19 -25.06
CA GLU Y 310 26.47 115.49 -24.53
C GLU Y 310 26.31 114.04 -24.96
N LEU Y 311 27.22 113.55 -25.78
CA LEU Y 311 27.01 112.26 -26.43
C LEU Y 311 27.15 111.15 -25.40
N THR Y 312 26.01 110.64 -24.95
CA THR Y 312 25.93 109.56 -23.97
C THR Y 312 25.26 108.34 -24.58
N THR Y 313 25.58 107.18 -24.04
CA THR Y 313 25.02 105.91 -24.51
C THR Y 313 23.76 105.59 -23.71
N ASN Y 314 22.68 105.26 -24.42
CA ASN Y 314 21.40 104.99 -23.80
C ASN Y 314 20.78 103.77 -24.47
N ASP Y 315 20.48 102.74 -23.69
CA ASP Y 315 19.57 101.73 -24.18
C ASP Y 315 18.13 102.24 -24.24
N ALA Y 316 17.86 103.36 -23.58
CA ALA Y 316 16.57 104.05 -23.68
C ALA Y 316 16.57 104.85 -24.97
N SER Y 317 15.93 104.31 -26.00
CA SER Y 317 15.93 104.96 -27.30
C SER Y 317 15.17 106.29 -27.24
N GLY Y 318 15.66 107.26 -28.01
CA GLY Y 318 15.04 108.56 -28.10
C GLY Y 318 14.54 108.83 -29.51
N ALA Y 319 14.04 110.05 -29.70
CA ALA Y 319 13.50 110.43 -31.00
C ALA Y 319 14.60 110.56 -32.05
N LEU Y 320 15.81 110.94 -31.65
CA LEU Y 320 16.92 111.18 -32.57
C LEU Y 320 18.14 110.36 -32.18
N THR Y 321 17.93 109.12 -31.78
CA THR Y 321 18.99 108.26 -31.28
C THR Y 321 19.37 107.18 -32.30
N GLN Y 322 20.63 106.79 -32.27
CA GLN Y 322 21.17 105.77 -33.16
C GLN Y 322 22.01 104.80 -32.35
N ALA Y 323 22.20 103.60 -32.89
CA ALA Y 323 22.87 102.51 -32.19
C ALA Y 323 23.90 101.86 -33.11
N THR Y 324 25.18 102.10 -32.84
CA THR Y 324 26.26 101.40 -33.52
C THR Y 324 27.57 101.70 -32.80
N LEU Y 325 28.57 100.87 -33.09
CA LEU Y 325 29.90 101.07 -32.51
C LEU Y 325 30.55 102.34 -33.04
N ASP Y 326 30.33 102.65 -34.33
CA ASP Y 326 30.97 103.82 -34.92
C ASP Y 326 30.52 105.10 -34.23
N ASP Y 327 29.23 105.20 -33.89
CA ASP Y 327 28.75 106.39 -33.21
C ASP Y 327 29.38 106.52 -31.82
N VAL Y 328 29.54 105.39 -31.12
CA VAL Y 328 30.20 105.44 -29.81
C VAL Y 328 31.64 105.89 -29.95
N LEU Y 329 32.34 105.37 -30.96
CA LEU Y 329 33.72 105.77 -31.19
C LEU Y 329 33.81 107.25 -31.54
N THR Y 330 32.87 107.75 -32.34
CA THR Y 330 32.84 109.18 -32.64
C THR Y 330 32.60 110.00 -31.38
N SER Y 331 31.67 109.56 -30.53
CA SER Y 331 31.40 110.25 -29.28
C SER Y 331 32.65 110.34 -28.43
N VAL Y 332 33.38 109.23 -28.31
CA VAL Y 332 34.61 109.23 -27.52
C VAL Y 332 35.65 110.14 -28.16
N GLY Y 333 35.76 110.12 -29.49
CA GLY Y 333 36.82 110.84 -30.16
C GLY Y 333 36.49 112.27 -30.54
N THR Y 334 35.22 112.54 -30.88
CA THR Y 334 34.83 113.85 -31.39
C THR Y 334 34.10 114.70 -30.36
N GLU Y 335 33.06 114.15 -29.74
CA GLU Y 335 32.21 114.91 -28.83
C GLU Y 335 32.45 114.54 -27.36
N ALA Y 336 33.67 114.10 -27.03
CA ALA Y 336 33.97 113.76 -25.65
C ALA Y 336 33.86 114.97 -24.75
N ASN Y 337 34.54 116.06 -25.11
CA ASN Y 337 34.55 117.32 -24.36
C ASN Y 337 34.99 117.13 -22.92
N SER Y 338 35.62 116.00 -22.61
CA SER Y 338 36.03 115.67 -21.25
C SER Y 338 36.94 114.44 -21.32
N SER Y 339 37.34 113.97 -20.13
CA SER Y 339 38.18 112.77 -20.03
C SER Y 339 37.32 111.55 -20.30
N VAL Y 340 37.12 111.27 -21.59
CA VAL Y 340 36.31 110.15 -22.05
C VAL Y 340 37.25 109.09 -22.60
N THR Y 341 37.05 107.84 -22.16
CA THR Y 341 37.93 106.74 -22.55
C THR Y 341 37.09 105.53 -22.90
N ILE Y 342 37.71 104.61 -23.64
CA ILE Y 342 37.15 103.29 -23.93
C ILE Y 342 38.02 102.28 -23.21
N GLY Y 343 37.47 101.63 -22.20
CA GLY Y 343 38.18 100.67 -21.39
C GLY Y 343 38.17 99.25 -21.90
N GLY Y 344 37.65 99.02 -23.11
CA GLY Y 344 37.55 97.68 -23.61
C GLY Y 344 38.88 97.10 -24.05
N THR Y 345 38.95 95.77 -24.06
CA THR Y 345 40.12 95.02 -24.49
C THR Y 345 41.38 95.45 -23.73
N LYS Y 346 41.23 95.70 -22.44
CA LYS Y 346 42.34 96.01 -21.54
C LYS Y 346 43.12 97.24 -21.99
N TYR Y 347 42.43 98.18 -22.63
CA TYR Y 347 43.03 99.44 -23.06
C TYR Y 347 42.27 100.59 -22.43
N SER Y 348 42.76 101.81 -22.66
CA SER Y 348 42.07 103.01 -22.22
C SER Y 348 42.39 104.13 -23.22
N HIS Y 349 41.53 104.28 -24.22
CA HIS Y 349 41.69 105.30 -25.25
C HIS Y 349 41.08 106.61 -24.75
N SER Y 350 41.75 107.20 -23.76
CA SER Y 350 41.27 108.44 -23.18
C SER Y 350 41.35 109.57 -24.20
N ALA Y 351 40.30 110.37 -24.25
CA ALA Y 351 40.24 111.53 -25.14
C ALA Y 351 40.99 112.66 -24.46
N ALA Y 352 42.31 112.74 -24.72
CA ALA Y 352 43.11 113.81 -24.16
C ALA Y 352 42.64 115.16 -24.65
N ASP Y 353 42.33 115.28 -25.94
CA ASP Y 353 41.76 116.48 -26.51
C ASP Y 353 40.55 116.10 -27.36
N GLU Y 354 39.43 116.77 -27.13
CA GLU Y 354 38.24 116.51 -27.91
C GLU Y 354 38.28 117.30 -29.22
N LEU Y 355 37.31 117.03 -30.08
CA LEU Y 355 37.20 117.71 -31.36
C LEU Y 355 36.19 118.85 -31.24
N SER Y 356 36.70 120.08 -31.26
CA SER Y 356 35.85 121.26 -31.39
C SER Y 356 35.54 121.56 -32.84
N TYR Y 357 35.86 120.64 -33.75
CA TYR Y 357 35.71 120.74 -35.20
C TYR Y 357 36.60 121.81 -35.81
N THR Y 358 37.45 122.45 -35.00
CA THR Y 358 38.52 123.33 -35.49
C THR Y 358 39.89 122.81 -35.13
N ALA Y 359 40.11 122.46 -33.86
CA ALA Y 359 41.35 121.85 -33.41
C ALA Y 359 41.20 120.33 -33.40
N VAL Y 360 42.20 119.64 -33.91
CA VAL Y 360 42.12 118.19 -34.08
C VAL Y 360 42.08 117.51 -32.72
N ALA Y 361 41.21 116.50 -32.61
CA ALA Y 361 41.03 115.77 -31.35
C ALA Y 361 42.20 114.83 -31.11
N THR Y 362 42.36 114.46 -29.83
CA THR Y 362 43.39 113.52 -29.41
C THR Y 362 42.75 112.42 -28.60
N THR Y 363 43.09 111.17 -28.92
CA THR Y 363 42.60 109.99 -28.23
C THR Y 363 43.76 109.14 -27.75
N ALA Y 364 44.72 109.79 -27.10
CA ALA Y 364 45.94 109.13 -26.66
C ALA Y 364 45.63 107.94 -25.77
N ASP Y 365 46.37 106.85 -25.99
CA ASP Y 365 46.23 105.63 -25.21
C ASP Y 365 47.61 105.09 -24.87
N VAL Y 366 47.69 104.37 -23.76
CA VAL Y 366 48.90 103.64 -23.40
C VAL Y 366 48.85 102.32 -24.18
N LEU Y 367 49.56 102.26 -25.30
CA LEU Y 367 49.52 101.08 -26.15
C LEU Y 367 50.53 100.02 -25.74
N SER Y 368 51.77 100.44 -25.45
CA SER Y 368 52.88 99.53 -25.16
C SER Y 368 53.16 98.56 -26.29
N ALA Y 369 52.67 98.87 -27.49
CA ALA Y 369 52.91 98.01 -28.65
C ALA Y 369 54.38 97.98 -29.02
N MET Y 370 55.15 98.97 -28.59
CA MET Y 370 56.59 99.05 -28.82
C MET Y 370 57.36 98.39 -27.66
N GLY Y 371 56.70 97.48 -26.95
CA GLY Y 371 57.18 97.04 -25.66
C GLY Y 371 58.45 96.21 -25.68
N SER Y 372 58.67 95.45 -26.76
CA SER Y 372 59.80 94.53 -26.81
C SER Y 372 61.11 95.28 -26.58
N SER Y 373 61.92 94.77 -25.65
CA SER Y 373 63.19 95.42 -25.33
C SER Y 373 64.11 95.43 -26.55
N THR Y 374 64.11 94.34 -27.31
CA THR Y 374 64.86 94.32 -28.57
C THR Y 374 64.34 95.37 -29.54
N ALA Y 375 63.02 95.54 -29.59
CA ALA Y 375 62.45 96.58 -30.44
C ALA Y 375 62.90 97.97 -30.00
N VAL Y 376 62.93 98.21 -28.69
CA VAL Y 376 63.39 99.49 -28.19
C VAL Y 376 64.86 99.70 -28.55
N SER Y 377 65.65 98.63 -28.47
CA SER Y 377 67.04 98.73 -28.91
C SER Y 377 67.11 99.10 -30.40
N THR Y 378 66.25 98.51 -31.22
CA THR Y 378 66.24 98.83 -32.64
C THR Y 378 65.92 100.31 -32.86
N VAL Y 379 64.88 100.81 -32.19
CA VAL Y 379 64.46 102.19 -32.43
C VAL Y 379 65.51 103.17 -31.92
N THR Y 380 66.16 102.84 -30.79
CA THR Y 380 67.17 103.74 -30.25
C THR Y 380 68.51 103.60 -30.95
N LEU Y 381 68.71 102.54 -31.74
CA LEU Y 381 69.94 102.39 -32.51
C LEU Y 381 69.85 103.08 -33.86
N GLY Y 382 68.70 102.98 -34.54
CA GLY Y 382 68.53 103.59 -35.83
C GLY Y 382 67.76 104.89 -35.80
N SER Y 383 67.72 105.54 -34.64
CA SER Y 383 67.00 106.79 -34.50
C SER Y 383 67.69 107.90 -35.29
N GLY Y 384 66.97 109.02 -35.45
CA GLY Y 384 67.53 110.16 -36.14
C GLY Y 384 68.40 111.01 -35.24
N ILE Y 385 68.23 112.33 -35.30
CA ILE Y 385 68.96 113.23 -34.42
C ILE Y 385 68.25 113.28 -33.08
N THR Y 386 68.66 112.41 -32.16
CA THR Y 386 67.98 112.22 -30.89
C THR Y 386 68.94 112.42 -29.74
N SER Y 387 68.37 112.49 -28.53
CA SER Y 387 69.12 112.59 -27.29
C SER Y 387 68.50 111.69 -26.23
N ALA Y 388 68.16 110.46 -26.63
CA ALA Y 388 67.45 109.55 -25.73
C ALA Y 388 68.32 109.18 -24.54
N ALA Y 389 67.67 109.02 -23.39
CA ALA Y 389 68.35 108.77 -22.13
C ALA Y 389 67.66 107.65 -21.37
N VAL Y 390 68.42 107.00 -20.49
CA VAL Y 390 67.94 105.87 -19.71
C VAL Y 390 68.12 106.18 -18.23
N THR Y 391 67.03 106.08 -17.47
CA THR Y 391 67.06 106.04 -16.02
C THR Y 391 66.87 104.59 -15.61
N PHE Y 392 67.87 104.01 -14.94
CA PHE Y 392 67.89 102.57 -14.76
C PHE Y 392 68.29 102.14 -13.35
N ALA Y 393 68.10 102.99 -12.35
CA ALA Y 393 68.46 102.63 -10.99
C ALA Y 393 67.54 103.34 -10.01
N ILE Y 394 67.51 102.81 -8.79
CA ILE Y 394 66.64 103.40 -7.77
C ILE Y 394 67.24 104.73 -7.30
N ALA Y 395 66.37 105.57 -6.74
CA ALA Y 395 66.71 106.97 -6.51
C ALA Y 395 67.99 107.15 -5.69
N THR Y 396 68.25 106.25 -4.75
CA THR Y 396 69.49 106.36 -3.97
C THR Y 396 70.72 106.07 -4.82
N THR Y 397 70.57 105.30 -5.89
CA THR Y 397 71.67 105.00 -6.79
C THR Y 397 71.34 105.36 -8.23
N ASP Y 398 70.36 106.25 -8.43
CA ASP Y 398 69.85 106.52 -9.76
C ASP Y 398 70.87 107.26 -10.60
N SER Y 399 70.72 107.14 -11.92
CA SER Y 399 71.58 107.82 -12.87
C SER Y 399 70.87 107.92 -14.20
N ASN Y 400 71.39 108.79 -15.06
CA ASN Y 400 70.88 108.96 -16.42
C ASN Y 400 72.03 108.82 -17.40
N ASN Y 401 71.78 108.09 -18.48
CA ASN Y 401 72.78 107.86 -19.52
C ASN Y 401 72.33 108.53 -20.81
N THR Y 402 73.14 109.44 -21.33
CA THR Y 402 72.84 110.14 -22.57
C THR Y 402 73.87 109.75 -23.62
N TRP Y 403 73.39 109.36 -24.80
CA TRP Y 403 74.23 108.80 -25.84
C TRP Y 403 73.99 109.50 -27.18
N VAL Y 404 74.69 108.99 -28.20
CA VAL Y 404 74.68 109.60 -29.52
C VAL Y 404 73.29 109.52 -30.14
N ASP Y 405 73.05 110.39 -31.13
CA ASP Y 405 71.75 110.44 -31.79
C ASP Y 405 71.39 109.11 -32.43
N ASN Y 406 72.37 108.42 -33.03
CA ASN Y 406 72.07 107.20 -33.76
C ASN Y 406 73.11 106.11 -33.55
N LYS Y 407 73.74 106.08 -32.37
CA LYS Y 407 74.76 105.06 -32.12
C LYS Y 407 74.48 104.27 -30.85
N GLY Y 408 73.91 104.92 -29.85
CA GLY Y 408 73.74 104.30 -28.55
C GLY Y 408 74.93 104.42 -27.64
N GLU Y 409 76.05 104.97 -28.11
CA GLU Y 409 77.27 105.04 -27.33
C GLU Y 409 77.25 106.26 -26.42
N LEU Y 410 77.46 106.04 -25.13
CA LEU Y 410 77.57 107.15 -24.18
C LEU Y 410 78.88 107.88 -24.42
N THR Y 411 78.79 109.11 -24.93
CA THR Y 411 80.00 109.87 -25.22
C THR Y 411 80.75 110.23 -23.94
N ASP Y 412 80.02 110.69 -22.92
CA ASP Y 412 80.64 111.16 -21.68
C ASP Y 412 80.74 110.08 -20.61
N ILE Y 413 80.20 108.89 -20.85
CA ILE Y 413 80.22 107.80 -19.89
C ILE Y 413 80.89 106.60 -20.54
N GLN Y 414 81.89 106.03 -19.88
CA GLN Y 414 82.64 104.90 -20.39
C GLN Y 414 82.55 103.74 -19.39
N THR Y 415 83.19 102.62 -19.74
CA THR Y 415 83.26 101.46 -18.87
C THR Y 415 84.70 101.03 -18.72
N PHE Y 416 85.11 100.75 -17.49
CA PHE Y 416 86.41 100.12 -17.25
C PHE Y 416 86.28 98.63 -17.51
N ASP Y 417 87.29 97.86 -17.11
CA ASP Y 417 87.20 96.41 -17.20
C ASP Y 417 86.13 95.84 -16.28
N THR Y 418 85.63 96.63 -15.32
CA THR Y 418 84.68 96.15 -14.33
C THR Y 418 83.32 96.83 -14.42
N SER Y 419 83.26 98.16 -14.40
CA SER Y 419 82.00 98.86 -14.25
C SER Y 419 82.03 100.16 -15.05
N TYR Y 420 80.92 100.89 -14.97
CA TYR Y 420 80.77 102.16 -15.66
C TYR Y 420 81.53 103.26 -14.95
N LYS Y 421 82.28 104.06 -15.70
CA LYS Y 421 82.99 105.20 -15.13
C LYS Y 421 82.98 106.34 -16.14
N ILE Y 422 83.13 107.56 -15.61
CA ILE Y 422 83.09 108.76 -16.43
C ILE Y 422 84.48 109.07 -16.99
N ASN Y 423 85.42 108.16 -16.77
CA ASN Y 423 86.79 108.33 -17.24
C ASN Y 423 87.00 107.51 -18.50
N ALA Y 424 87.33 108.19 -19.60
CA ALA Y 424 87.50 107.49 -20.87
C ALA Y 424 88.81 106.71 -20.94
N ASP Y 425 89.85 107.20 -20.26
CA ASP Y 425 91.17 106.57 -20.34
C ASP Y 425 91.86 106.70 -19.00
N THR Y 426 92.41 105.59 -18.51
CA THR Y 426 93.20 105.63 -17.28
C THR Y 426 94.48 106.45 -17.49
N GLY Y 427 95.29 106.05 -18.46
CA GLY Y 427 96.50 106.79 -18.78
C GLY Y 427 97.52 106.86 -17.66
N GLU Y 428 97.70 105.76 -16.93
CA GLU Y 428 98.72 105.71 -15.90
C GLU Y 428 100.11 105.72 -16.53
N VAL Y 429 101.07 106.29 -15.80
CA VAL Y 429 102.41 106.51 -16.30
C VAL Y 429 103.38 105.62 -15.53
N THR Y 430 104.19 104.86 -16.26
CA THR Y 430 105.17 103.94 -15.67
C THR Y 430 106.57 104.44 -16.00
N VAL Y 431 107.43 104.48 -14.99
CA VAL Y 431 108.82 104.90 -15.15
C VAL Y 431 109.70 103.66 -15.05
N VAL Y 432 110.66 103.56 -15.97
CA VAL Y 432 111.53 102.39 -16.08
C VAL Y 432 112.91 102.76 -15.54
N GLY Y 433 113.38 102.00 -14.55
CA GLY Y 433 114.70 102.24 -14.01
C GLY Y 433 115.78 102.01 -15.05
N ASP Y 434 116.86 102.79 -14.93
CA ASP Y 434 117.95 102.70 -15.90
C ASP Y 434 118.93 101.60 -15.53
N ASN Y 435 119.45 101.63 -14.30
CA ASN Y 435 120.41 100.63 -13.85
C ASN Y 435 119.75 99.32 -13.44
N SER Y 436 118.42 99.30 -13.33
CA SER Y 436 117.69 98.10 -12.96
C SER Y 436 116.51 97.94 -13.90
N ALA Y 437 116.25 96.70 -14.31
CA ALA Y 437 115.19 96.44 -15.28
C ALA Y 437 113.80 96.70 -14.71
N THR Y 438 113.66 96.79 -13.39
CA THR Y 438 112.35 97.03 -12.80
C THR Y 438 111.82 98.40 -13.18
N ALA Y 439 110.49 98.48 -13.32
CA ALA Y 439 109.81 99.71 -13.71
C ALA Y 439 108.94 100.19 -12.56
N GLY Y 440 109.13 101.45 -12.19
CA GLY Y 440 108.31 102.06 -11.15
C GLY Y 440 107.02 102.63 -11.69
N GLN Y 441 106.24 103.21 -10.79
CA GLN Y 441 104.97 103.84 -11.13
C GLN Y 441 105.08 105.34 -10.95
N TYR Y 442 104.83 106.10 -12.02
CA TYR Y 442 104.76 107.55 -11.93
C TYR Y 442 103.29 107.96 -11.82
N ALA Y 443 102.71 107.65 -10.68
CA ALA Y 443 101.30 107.87 -10.42
C ALA Y 443 101.08 107.92 -8.91
N SER Y 444 99.82 107.80 -8.48
CA SER Y 444 99.51 107.79 -7.05
C SER Y 444 100.18 106.64 -6.32
N ALA Y 445 100.48 105.55 -7.02
CA ALA Y 445 101.27 104.48 -6.42
C ALA Y 445 102.66 104.98 -6.06
N ASP Y 446 103.30 105.71 -6.99
CA ASP Y 446 104.52 106.46 -6.74
C ASP Y 446 105.64 105.57 -6.18
N GLY Y 447 106.06 104.62 -7.03
CA GLY Y 447 107.19 103.76 -6.71
C GLY Y 447 106.85 102.30 -6.54
N ALA Y 448 105.58 101.93 -6.46
CA ALA Y 448 105.23 100.52 -6.38
C ALA Y 448 105.63 99.81 -7.66
N LYS Y 449 106.49 98.79 -7.53
CA LYS Y 449 106.99 98.09 -8.70
C LYS Y 449 105.85 97.44 -9.48
N VAL Y 450 105.85 97.64 -10.78
CA VAL Y 450 104.80 97.13 -11.65
C VAL Y 450 105.19 95.73 -12.11
N LEU Y 451 104.19 94.87 -12.29
CA LEU Y 451 104.42 93.50 -12.70
C LEU Y 451 103.38 93.10 -13.74
N VAL Y 452 103.73 92.11 -14.55
CA VAL Y 452 102.84 91.56 -15.56
C VAL Y 452 102.17 90.32 -14.97
N GLY Y 453 100.85 90.38 -14.80
CA GLY Y 453 100.11 89.29 -14.22
C GLY Y 453 99.90 88.14 -15.17
N SER Y 454 99.27 87.08 -14.65
CA SER Y 454 98.97 85.90 -15.45
C SER Y 454 97.95 86.28 -16.53
N ASP Y 455 98.42 86.33 -17.78
CA ASP Y 455 97.62 86.72 -18.94
C ASP Y 455 97.04 88.14 -18.78
N GLY Y 456 97.57 88.92 -17.85
CA GLY Y 456 97.18 90.30 -17.68
C GLY Y 456 98.16 91.23 -18.35
N LYS Y 457 97.67 92.44 -18.69
CA LYS Y 457 98.54 93.43 -19.32
C LYS Y 457 99.70 93.80 -18.40
N LEU Y 458 99.40 94.41 -17.25
CA LEU Y 458 100.40 94.74 -16.25
C LEU Y 458 99.67 95.19 -14.98
N THR Y 459 100.13 94.70 -13.83
CA THR Y 459 99.49 94.98 -12.56
C THR Y 459 100.54 95.50 -11.57
N THR Y 460 100.08 95.83 -10.38
CA THR Y 460 100.95 96.43 -9.36
C THR Y 460 101.37 95.44 -8.28
N GLU Y 461 100.49 94.54 -7.86
CA GLU Y 461 100.83 93.62 -6.78
C GLU Y 461 101.53 92.40 -7.35
N THR Y 462 102.50 91.88 -6.59
CA THR Y 462 103.47 90.92 -7.13
C THR Y 462 102.86 89.56 -7.43
N THR Y 463 101.68 89.24 -6.90
CA THR Y 463 101.11 87.91 -7.13
C THR Y 463 99.77 88.02 -7.85
N SER Y 464 99.11 86.87 -8.01
CA SER Y 464 97.78 86.82 -8.61
C SER Y 464 97.16 85.48 -8.28
N ALA Y 465 95.87 85.37 -8.56
CA ALA Y 465 95.13 84.15 -8.24
C ALA Y 465 95.67 82.97 -9.03
N GLY Y 466 95.83 81.84 -8.35
CA GLY Y 466 96.28 80.61 -8.97
C GLY Y 466 95.13 79.83 -9.57
N ASP Y 467 95.38 78.55 -9.82
CA ASP Y 467 94.39 77.68 -10.41
C ASP Y 467 93.89 76.58 -9.48
N LYS Y 468 94.56 76.33 -8.34
CA LYS Y 468 93.94 75.58 -7.23
C LYS Y 468 92.73 76.31 -6.68
N THR Y 469 91.73 75.53 -6.27
CA THR Y 469 90.56 76.12 -5.63
C THR Y 469 90.96 76.79 -4.33
N THR Y 470 90.43 78.00 -4.10
CA THR Y 470 90.96 78.85 -3.04
C THR Y 470 90.88 78.18 -1.67
N ASP Y 471 89.72 77.63 -1.33
CA ASP Y 471 89.53 76.94 -0.06
C ASP Y 471 88.84 75.61 -0.33
N PRO Y 472 89.61 74.58 -0.71
CA PRO Y 472 88.98 73.30 -1.07
C PRO Y 472 88.19 72.67 0.07
N LEU Y 473 88.68 72.79 1.30
CA LEU Y 473 88.01 72.15 2.42
C LEU Y 473 86.65 72.78 2.70
N LYS Y 474 86.53 74.10 2.56
CA LYS Y 474 85.25 74.75 2.80
C LYS Y 474 84.23 74.34 1.73
N THR Y 475 84.65 74.26 0.47
CA THR Y 475 83.73 73.80 -0.57
C THR Y 475 83.33 72.35 -0.35
N LEU Y 476 84.27 71.51 0.09
CA LEU Y 476 83.94 70.13 0.39
C LEU Y 476 82.96 70.04 1.55
N ASP Y 477 83.13 70.88 2.57
CA ASP Y 477 82.18 70.89 3.68
C ASP Y 477 80.81 71.37 3.24
N ALA Y 478 80.76 72.32 2.31
CA ALA Y 478 79.48 72.74 1.74
C ALA Y 478 78.82 71.58 1.00
N ALA Y 479 79.61 70.80 0.25
CA ALA Y 479 79.09 69.62 -0.41
C ALA Y 479 78.56 68.61 0.60
N PHE Y 480 79.29 68.43 1.72
CA PHE Y 480 78.80 67.56 2.78
C PHE Y 480 77.46 68.06 3.32
N THR Y 481 77.34 69.36 3.55
CA THR Y 481 76.09 69.89 4.08
C THR Y 481 74.94 69.63 3.12
N LYS Y 482 75.15 69.87 1.83
CA LYS Y 482 74.09 69.61 0.86
C LYS Y 482 73.71 68.14 0.81
N LEU Y 483 74.71 67.26 0.72
CA LEU Y 483 74.42 65.83 0.62
C LEU Y 483 73.75 65.31 1.88
N ASP Y 484 74.21 65.73 3.05
CA ASP Y 484 73.59 65.31 4.29
C ASP Y 484 72.18 65.84 4.43
N LYS Y 485 71.93 67.06 3.95
CA LYS Y 485 70.56 67.57 3.96
C LYS Y 485 69.64 66.70 3.11
N LEU Y 486 70.10 66.31 1.92
CA LEU Y 486 69.27 65.47 1.08
C LEU Y 486 69.09 64.06 1.68
N THR Y 487 70.15 63.49 2.25
CA THR Y 487 70.02 62.17 2.87
C THR Y 487 69.08 62.23 4.06
N GLY Y 488 69.15 63.30 4.86
CA GLY Y 488 68.21 63.46 5.96
C GLY Y 488 66.78 63.59 5.48
N GLU Y 489 66.56 64.33 4.40
CA GLU Y 489 65.21 64.44 3.84
C GLU Y 489 64.69 63.08 3.39
N LEU Y 490 65.53 62.29 2.72
CA LEU Y 490 65.10 60.97 2.29
C LEU Y 490 64.86 60.04 3.47
N GLY Y 491 65.68 60.13 4.52
CA GLY Y 491 65.41 59.35 5.70
C GLY Y 491 64.09 59.73 6.36
N ALA Y 492 63.80 61.03 6.41
CA ALA Y 492 62.54 61.49 6.96
C ALA Y 492 61.37 60.95 6.16
N VAL Y 493 61.45 61.04 4.83
CA VAL Y 493 60.34 60.56 4.01
C VAL Y 493 60.23 59.05 4.10
N GLN Y 494 61.34 58.33 4.27
CA GLN Y 494 61.28 56.89 4.45
C GLN Y 494 60.57 56.53 5.75
N ASN Y 495 60.90 57.22 6.84
CA ASN Y 495 60.21 56.97 8.10
C ASN Y 495 58.72 57.29 7.97
N ARG Y 496 58.39 58.41 7.33
CA ARG Y 496 56.99 58.76 7.16
C ARG Y 496 56.27 57.72 6.32
N LEU Y 497 56.92 57.20 5.28
CA LEU Y 497 56.26 56.20 4.44
C LEU Y 497 56.04 54.89 5.19
N GLU Y 498 56.99 54.50 6.05
CA GLU Y 498 56.75 53.32 6.89
C GLU Y 498 55.55 53.56 7.81
N SER Y 499 55.47 54.76 8.39
CA SER Y 499 54.33 55.09 9.24
C SER Y 499 53.03 55.07 8.44
N THR Y 500 53.07 55.54 7.20
CA THR Y 500 51.88 55.52 6.35
C THR Y 500 51.45 54.09 6.07
N ILE Y 501 52.40 53.19 5.81
CA ILE Y 501 52.00 51.81 5.57
C ILE Y 501 51.37 51.21 6.81
N ALA Y 502 51.93 51.49 7.99
CA ALA Y 502 51.31 50.97 9.21
C ALA Y 502 49.89 51.51 9.37
N ASN Y 503 49.70 52.81 9.15
CA ASN Y 503 48.39 53.41 9.29
C ASN Y 503 47.40 52.84 8.28
N LEU Y 504 47.82 52.75 7.02
CA LEU Y 504 46.95 52.20 5.99
C LEU Y 504 46.60 50.75 6.26
N ASN Y 505 47.54 49.96 6.78
CA ASN Y 505 47.21 48.59 7.13
C ASN Y 505 46.17 48.55 8.24
N ASN Y 506 46.32 49.39 9.27
CA ASN Y 506 45.33 49.42 10.33
C ASN Y 506 43.96 49.80 9.79
N VAL Y 507 43.91 50.83 8.95
CA VAL Y 507 42.64 51.29 8.40
C VAL Y 507 42.03 50.24 7.48
N VAL Y 508 42.87 49.52 6.74
CA VAL Y 508 42.37 48.46 5.86
C VAL Y 508 41.74 47.34 6.68
N ASN Y 509 42.40 46.91 7.76
CA ASN Y 509 41.81 45.88 8.59
C ASN Y 509 40.49 46.36 9.21
N ASN Y 510 40.46 47.60 9.70
CA ASN Y 510 39.25 48.10 10.32
C ASN Y 510 38.12 48.24 9.30
N LEU Y 511 38.43 48.66 8.07
CA LEU Y 511 37.40 48.79 7.05
C LEU Y 511 36.91 47.42 6.58
N SER Y 512 37.82 46.44 6.52
CA SER Y 512 37.40 45.08 6.20
C SER Y 512 36.46 44.55 7.27
N SER Y 513 36.75 44.83 8.54
CA SER Y 513 35.81 44.47 9.60
C SER Y 513 34.48 45.19 9.44
N ALA Y 514 34.52 46.47 9.06
CA ALA Y 514 33.28 47.21 8.83
C ALA Y 514 32.45 46.56 7.74
N ARG Y 515 33.10 46.15 6.66
CA ARG Y 515 32.39 45.47 5.57
C ARG Y 515 31.85 44.13 6.01
N SER Y 516 32.60 43.39 6.82
CA SER Y 516 32.11 42.12 7.34
C SER Y 516 30.87 42.31 8.20
N ARG Y 517 30.85 43.37 9.00
CA ARG Y 517 29.71 43.64 9.88
C ARG Y 517 28.43 43.89 9.11
N ILE Y 518 28.52 44.24 7.83
CA ILE Y 518 27.33 44.58 7.05
C ILE Y 518 27.12 43.68 5.85
N GLN Y 519 28.15 43.03 5.32
CA GLN Y 519 28.05 42.27 4.09
C GLN Y 519 28.16 40.77 4.30
N ASP Y 520 29.15 40.32 5.05
CA ASP Y 520 29.34 38.90 5.26
C ASP Y 520 28.18 38.29 6.02
N ALA Y 521 27.86 37.05 5.69
CA ALA Y 521 26.71 36.36 6.28
C ALA Y 521 27.11 35.65 7.55
N ASP Y 522 26.23 35.74 8.55
CA ASP Y 522 26.43 35.02 9.81
C ASP Y 522 25.94 33.60 9.64
N TYR Y 523 26.88 32.66 9.51
CA TYR Y 523 26.50 31.28 9.25
C TYR Y 523 25.66 30.68 10.37
N ALA Y 524 25.87 31.11 11.62
CA ALA Y 524 25.15 30.53 12.74
C ALA Y 524 23.65 30.73 12.61
N THR Y 525 23.22 31.92 12.20
CA THR Y 525 21.81 32.18 12.02
C THR Y 525 21.29 31.75 10.66
N GLU Y 526 22.13 31.79 9.62
CA GLU Y 526 21.69 31.37 8.30
C GLU Y 526 21.41 29.88 8.26
N VAL Y 527 22.24 29.07 8.92
CA VAL Y 527 22.01 27.62 8.96
C VAL Y 527 20.71 27.32 9.68
N SER Y 528 20.44 28.00 10.80
CA SER Y 528 19.19 27.79 11.51
C SER Y 528 17.99 28.21 10.66
N ASN Y 529 18.10 29.32 9.95
CA ASN Y 529 17.03 29.74 9.05
C ASN Y 529 16.78 28.70 7.97
N MET Y 530 17.86 28.15 7.41
CA MET Y 530 17.73 27.09 6.41
C MET Y 530 17.05 25.86 6.99
N SER Y 531 17.42 25.47 8.21
CA SER Y 531 16.82 24.29 8.81
C SER Y 531 15.34 24.48 9.05
N LYS Y 532 14.96 25.64 9.60
CA LYS Y 532 13.55 25.93 9.78
C LYS Y 532 12.81 25.99 8.45
N ALA Y 533 13.47 26.49 7.41
CA ALA Y 533 12.84 26.53 6.09
C ALA Y 533 12.58 25.13 5.55
N GLN Y 534 13.55 24.22 5.70
CA GLN Y 534 13.34 22.85 5.25
C GLN Y 534 12.23 22.18 6.04
N ILE Y 535 12.19 22.42 7.35
CA ILE Y 535 11.12 21.85 8.17
C ILE Y 535 9.76 22.37 7.70
N LEU Y 536 9.67 23.68 7.46
CA LEU Y 536 8.43 24.26 6.96
C LEU Y 536 8.08 23.69 5.59
N GLN Y 537 9.08 23.38 4.77
CA GLN Y 537 8.83 22.83 3.45
C GLN Y 537 8.21 21.44 3.55
N GLN Y 538 8.82 20.56 4.35
CA GLN Y 538 8.26 19.21 4.49
C GLN Y 538 6.87 19.26 5.12
N ALA Y 539 6.69 20.09 6.14
CA ALA Y 539 5.38 20.22 6.77
C ALA Y 539 4.36 20.75 5.78
N GLY Y 540 4.73 21.73 4.98
CA GLY Y 540 3.81 22.28 4.00
C GLY Y 540 3.41 21.27 2.96
N THR Y 541 4.38 20.50 2.45
CA THR Y 541 4.04 19.46 1.48
C THR Y 541 3.08 18.45 2.07
N SER Y 542 3.35 18.01 3.31
CA SER Y 542 2.46 17.03 3.94
C SER Y 542 1.05 17.60 4.12
N VAL Y 543 0.95 18.79 4.74
CA VAL Y 543 -0.36 19.36 5.02
C VAL Y 543 -1.10 19.68 3.73
N LEU Y 544 -0.37 20.05 2.67
CA LEU Y 544 -1.00 20.22 1.37
C LEU Y 544 -1.55 18.90 0.87
N ALA Y 545 -0.84 17.80 1.11
CA ALA Y 545 -1.40 16.50 0.77
C ALA Y 545 -2.74 16.28 1.46
N GLN Y 546 -2.75 16.30 2.81
CA GLN Y 546 -4.02 16.04 3.49
C GLN Y 546 -5.10 17.03 3.09
N ALA Y 547 -4.73 18.26 2.75
CA ALA Y 547 -5.70 19.19 2.20
C ALA Y 547 -6.24 18.69 0.87
N ASN Y 548 -5.40 18.04 0.08
CA ASN Y 548 -5.87 17.46 -1.18
C ASN Y 548 -6.79 16.27 -0.96
N GLN Y 549 -6.61 15.50 0.12
CA GLN Y 549 -7.60 14.47 0.42
C GLN Y 549 -8.79 14.99 1.21
N VAL Y 550 -8.86 16.28 1.52
CA VAL Y 550 -10.05 16.83 2.17
C VAL Y 550 -11.31 16.61 1.33
N PRO Y 551 -11.34 16.92 0.03
CA PRO Y 551 -12.56 16.69 -0.75
C PRO Y 551 -12.85 15.23 -1.03
N GLN Y 552 -11.94 14.31 -0.74
CA GLN Y 552 -12.22 12.89 -0.98
C GLN Y 552 -13.33 12.38 -0.08
N THR Y 553 -13.43 12.91 1.15
CA THR Y 553 -14.53 12.51 2.03
C THR Y 553 -15.88 12.83 1.40
N VAL Y 554 -15.94 13.87 0.58
CA VAL Y 554 -17.15 14.13 -0.21
C VAL Y 554 -17.42 12.98 -1.15
N LEU Y 555 -16.37 12.38 -1.70
CA LEU Y 555 -16.55 11.26 -2.63
C LEU Y 555 -16.77 9.97 -1.85
N SER Y 556 -17.68 10.00 -0.88
CA SER Y 556 -18.16 8.81 -0.22
C SER Y 556 -19.65 8.61 -0.39
N LEU Y 557 -20.44 9.62 -0.05
CA LEU Y 557 -21.87 9.58 -0.33
C LEU Y 557 -22.10 9.80 -1.81
N LEU Y 558 -23.04 9.02 -2.36
CA LEU Y 558 -23.32 9.09 -3.79
C LEU Y 558 -24.78 8.71 -4.08
N ALA Z 2 13.71 4.17 -23.38
CA ALA Z 2 12.78 3.05 -23.21
C ALA Z 2 12.73 2.61 -21.76
N ALA Z 3 11.63 1.97 -21.38
CA ALA Z 3 11.38 1.56 -20.00
C ALA Z 3 11.61 0.06 -19.82
N VAL Z 4 12.62 -0.47 -20.51
CA VAL Z 4 12.91 -1.90 -20.45
C VAL Z 4 13.81 -2.21 -19.26
N ILE Z 5 13.64 -3.41 -18.70
CA ILE Z 5 14.45 -3.85 -17.57
C ILE Z 5 15.38 -5.00 -17.93
N ASN Z 6 15.21 -5.64 -19.09
CA ASN Z 6 16.02 -6.80 -19.42
C ASN Z 6 17.49 -6.44 -19.54
N THR Z 7 17.80 -5.31 -20.17
CA THR Z 7 19.18 -4.86 -20.30
C THR Z 7 19.25 -3.38 -19.94
N ASN Z 8 20.35 -2.99 -19.31
CA ASN Z 8 20.56 -1.61 -18.86
C ASN Z 8 21.80 -1.08 -19.56
N TYR Z 9 21.61 -0.34 -20.64
CA TYR Z 9 22.75 0.21 -21.38
C TYR Z 9 23.54 1.19 -20.54
N LEU Z 10 22.86 1.98 -19.71
CA LEU Z 10 23.56 2.93 -18.85
C LEU Z 10 24.48 2.19 -17.87
N SER Z 11 24.02 1.07 -17.33
CA SER Z 11 24.87 0.28 -16.44
C SER Z 11 26.10 -0.22 -17.18
N LEU Z 12 25.94 -0.67 -18.42
CA LEU Z 12 27.08 -1.16 -19.19
C LEU Z 12 28.08 -0.04 -19.45
N VAL Z 13 27.59 1.15 -19.80
CA VAL Z 13 28.49 2.28 -20.05
C VAL Z 13 29.24 2.64 -18.77
N ALA Z 14 28.53 2.66 -17.64
CA ALA Z 14 29.18 2.94 -16.36
C ALA Z 14 30.23 1.89 -16.04
N GLN Z 15 29.95 0.62 -16.35
CA GLN Z 15 30.93 -0.43 -16.12
C GLN Z 15 32.18 -0.22 -16.97
N ASN Z 16 31.99 0.17 -18.23
CA ASN Z 16 33.15 0.43 -19.09
C ASN Z 16 34.00 1.57 -18.54
N ASN Z 17 33.37 2.67 -18.17
CA ASN Z 17 34.14 3.79 -17.63
C ASN Z 17 34.83 3.42 -16.32
N LEU Z 18 34.16 2.62 -15.50
CA LEU Z 18 34.78 2.14 -14.27
C LEU Z 18 36.00 1.29 -14.57
N ASN Z 19 35.92 0.44 -15.60
CA ASN Z 19 37.07 -0.38 -15.96
C ASN Z 19 38.23 0.46 -16.45
N LYS Z 20 37.94 1.49 -17.26
CA LYS Z 20 39.02 2.38 -17.72
C LYS Z 20 39.67 3.09 -16.55
N SER Z 21 38.86 3.60 -15.62
CA SER Z 21 39.41 4.26 -14.44
C SER Z 21 40.25 3.30 -13.61
N GLN Z 22 39.79 2.06 -13.46
CA GLN Z 22 40.54 1.07 -12.70
C GLN Z 22 41.87 0.74 -13.36
N SER Z 23 41.88 0.65 -14.69
CA SER Z 23 43.14 0.40 -15.39
C SER Z 23 44.12 1.55 -15.18
N SER Z 24 43.63 2.79 -15.26
CA SER Z 24 44.50 3.93 -15.00
C SER Z 24 45.02 3.90 -13.56
N LEU Z 25 44.16 3.56 -12.61
CA LEU Z 25 44.59 3.46 -11.22
C LEU Z 25 45.64 2.37 -11.07
N GLY Z 26 45.47 1.24 -11.75
CA GLY Z 26 46.43 0.16 -11.64
C GLY Z 26 47.79 0.54 -12.17
N THR Z 27 47.83 1.16 -13.35
CA THR Z 27 49.13 1.56 -13.88
C THR Z 27 49.78 2.64 -13.04
N ALA Z 28 48.99 3.59 -12.52
CA ALA Z 28 49.56 4.62 -11.65
C ALA Z 28 50.12 4.00 -10.37
N ILE Z 29 49.39 3.05 -9.78
CA ILE Z 29 49.84 2.41 -8.56
C ILE Z 29 51.11 1.61 -8.81
N GLU Z 30 51.18 0.90 -9.94
CA GLU Z 30 52.40 0.17 -10.27
C GLU Z 30 53.58 1.11 -10.42
N ARG Z 31 53.39 2.24 -11.11
CA ARG Z 31 54.50 3.16 -11.31
C ARG Z 31 54.91 3.85 -10.02
N LEU Z 32 53.98 4.03 -9.08
CA LEU Z 32 54.36 4.53 -7.77
C LEU Z 32 55.15 3.49 -6.98
N SER Z 33 54.64 2.25 -6.93
CA SER Z 33 55.25 1.25 -6.07
C SER Z 33 56.63 0.84 -6.57
N SER Z 34 56.75 0.56 -7.86
CA SER Z 34 58.05 0.14 -8.39
C SER Z 34 59.03 1.31 -8.45
N GLY Z 35 58.52 2.52 -8.62
CA GLY Z 35 59.37 3.68 -8.78
C GLY Z 35 59.93 3.87 -10.18
N LEU Z 36 59.58 2.99 -11.11
CA LEU Z 36 60.03 3.07 -12.49
C LEU Z 36 58.83 3.34 -13.38
N ARG Z 37 58.90 4.40 -14.18
CA ARG Z 37 57.81 4.70 -15.10
C ARG Z 37 57.65 3.59 -16.13
N ILE Z 38 58.75 3.09 -16.67
CA ILE Z 38 58.71 2.08 -17.72
C ILE Z 38 59.04 0.73 -17.09
N ASN Z 39 57.99 0.05 -16.65
CA ASN Z 39 58.03 -1.36 -16.30
C ASN Z 39 56.87 -2.04 -16.99
N SER Z 40 57.00 -3.33 -17.28
CA SER Z 40 56.03 -4.05 -18.10
C SER Z 40 55.94 -3.38 -19.47
N ALA Z 41 57.00 -3.59 -20.26
CA ALA Z 41 57.40 -2.77 -21.40
C ALA Z 41 56.26 -2.28 -22.29
N LYS Z 42 55.09 -2.91 -22.22
CA LYS Z 42 53.92 -2.49 -22.98
C LYS Z 42 53.71 -0.98 -22.95
N ASP Z 43 54.19 -0.30 -21.91
CA ASP Z 43 54.24 1.16 -21.91
C ASP Z 43 55.63 1.60 -22.32
N ASP Z 44 55.72 2.34 -23.43
CA ASP Z 44 56.99 2.85 -23.95
C ASP Z 44 57.97 1.71 -24.22
N ALA Z 45 57.61 0.86 -25.19
CA ALA Z 45 58.39 -0.33 -25.49
C ALA Z 45 59.83 0.03 -25.85
N ALA Z 46 60.01 1.04 -26.70
CA ALA Z 46 61.36 1.49 -27.04
C ALA Z 46 62.05 2.11 -25.83
N GLY Z 47 61.28 2.72 -24.93
CA GLY Z 47 61.87 3.31 -23.74
C GLY Z 47 62.57 2.27 -22.88
N MET Z 48 61.98 1.09 -22.75
CA MET Z 48 62.63 0.05 -21.95
C MET Z 48 63.89 -0.46 -22.64
N ALA Z 49 63.91 -0.51 -23.97
CA ALA Z 49 65.14 -0.87 -24.66
C ALA Z 49 66.24 0.17 -24.40
N ILE Z 50 65.88 1.45 -24.45
CA ILE Z 50 66.85 2.51 -24.16
C ILE Z 50 67.37 2.38 -22.73
N ALA Z 51 66.46 2.17 -21.77
CA ALA Z 51 66.84 2.04 -20.38
C ALA Z 51 67.69 0.80 -20.14
N ASN Z 52 67.38 -0.29 -20.83
CA ASN Z 52 68.19 -1.50 -20.75
C ASN Z 52 69.61 -1.23 -21.22
N ARG Z 53 69.75 -0.56 -22.36
CA ARG Z 53 71.07 -0.23 -22.85
C ARG Z 53 71.80 0.68 -21.88
N PHE Z 54 71.08 1.63 -21.26
CA PHE Z 54 71.70 2.51 -20.29
C PHE Z 54 72.17 1.76 -19.05
N THR Z 55 71.34 0.84 -18.55
CA THR Z 55 71.77 0.04 -17.40
C THR Z 55 73.02 -0.76 -17.73
N ALA Z 56 73.04 -1.38 -18.91
CA ALA Z 56 74.21 -2.14 -19.31
C ALA Z 56 75.44 -1.25 -19.36
N ASN Z 57 75.31 -0.07 -19.96
CA ASN Z 57 76.45 0.82 -20.10
C ASN Z 57 76.93 1.33 -18.74
N VAL Z 58 76.01 1.76 -17.89
CA VAL Z 58 76.38 2.29 -16.58
C VAL Z 58 77.05 1.23 -15.74
N ARG Z 59 76.48 0.03 -15.71
CA ARG Z 59 77.02 -1.04 -14.89
C ARG Z 59 78.39 -1.49 -15.39
N GLY Z 60 78.53 -1.64 -16.70
CA GLY Z 60 79.83 -1.98 -17.26
C GLY Z 60 80.86 -0.90 -16.99
N LEU Z 61 80.46 0.37 -17.06
CA LEU Z 61 81.40 1.46 -16.83
C LEU Z 61 81.82 1.54 -15.38
N THR Z 62 80.90 1.29 -14.45
CA THR Z 62 81.29 1.23 -13.04
C THR Z 62 82.27 0.09 -12.79
N GLN Z 63 82.00 -1.09 -13.38
CA GLN Z 63 82.92 -2.20 -13.23
C GLN Z 63 84.27 -1.88 -13.86
N ALA Z 64 84.27 -1.13 -14.96
CA ALA Z 64 85.51 -0.67 -15.57
C ALA Z 64 86.25 0.30 -14.66
N ALA Z 65 85.52 1.12 -13.92
CA ALA Z 65 86.15 1.98 -12.92
C ALA Z 65 86.84 1.14 -11.84
N ARG Z 66 86.18 0.06 -11.42
CA ARG Z 66 86.85 -0.85 -10.48
C ARG Z 66 88.12 -1.45 -11.09
N ASN Z 67 88.05 -1.85 -12.36
CA ASN Z 67 89.23 -2.40 -13.02
C ASN Z 67 90.36 -1.38 -13.09
N ALA Z 68 90.03 -0.13 -13.42
CA ALA Z 68 91.04 0.91 -13.47
C ALA Z 68 91.62 1.18 -12.10
N ASN Z 69 90.81 1.08 -11.04
CA ASN Z 69 91.34 1.19 -9.69
C ASN Z 69 92.32 0.07 -9.39
N ASP Z 70 92.01 -1.15 -9.83
CA ASP Z 70 92.95 -2.25 -9.68
C ASP Z 70 94.26 -1.96 -10.39
N GLY Z 71 94.18 -1.42 -11.60
CA GLY Z 71 95.39 -1.03 -12.31
C GLY Z 71 96.18 0.04 -11.57
N ILE Z 72 95.49 1.01 -10.98
CA ILE Z 72 96.16 2.04 -10.20
C ILE Z 72 96.91 1.41 -9.03
N SER Z 73 96.27 0.48 -8.33
CA SER Z 73 96.92 -0.17 -7.20
C SER Z 73 98.14 -0.97 -7.65
N LEU Z 74 98.01 -1.69 -8.77
CA LEU Z 74 99.14 -2.47 -9.27
C LEU Z 74 100.30 -1.56 -9.63
N ALA Z 75 100.01 -0.45 -10.31
CA ALA Z 75 101.06 0.51 -10.65
C ALA Z 75 101.68 1.11 -9.40
N GLN Z 76 100.87 1.36 -8.37
CA GLN Z 76 101.39 1.88 -7.12
C GLN Z 76 102.39 0.91 -6.50
N THR Z 77 102.05 -0.37 -6.45
CA THR Z 77 102.97 -1.35 -5.89
C THR Z 77 104.26 -1.44 -6.72
N THR Z 78 104.12 -1.43 -8.04
CA THR Z 78 105.29 -1.53 -8.90
C THR Z 78 106.21 -0.33 -8.72
N GLU Z 79 105.63 0.87 -8.69
CA GLU Z 79 106.42 2.07 -8.50
C GLU Z 79 107.05 2.11 -7.12
N GLY Z 80 106.34 1.59 -6.12
CA GLY Z 80 106.91 1.52 -4.78
C GLY Z 80 108.11 0.61 -4.69
N ALA Z 81 108.03 -0.56 -5.33
CA ALA Z 81 109.19 -1.44 -5.36
C ALA Z 81 110.35 -0.80 -6.13
N ALA Z 82 110.05 -0.18 -7.26
CA ALA Z 82 111.10 0.47 -8.04
C ALA Z 82 111.74 1.62 -7.28
N SER Z 83 110.96 2.31 -6.46
CA SER Z 83 111.48 3.46 -5.73
C SER Z 83 112.58 3.05 -4.75
N GLU Z 84 112.51 1.84 -4.20
CA GLU Z 84 113.54 1.41 -3.26
C GLU Z 84 114.64 0.65 -3.98
N VAL Z 85 114.34 0.01 -5.12
CA VAL Z 85 115.43 -0.44 -5.98
C VAL Z 85 116.30 0.74 -6.39
N ASN Z 86 115.68 1.92 -6.53
CA ASN Z 86 116.44 3.12 -6.82
C ASN Z 86 117.40 3.45 -5.69
N THR Z 87 116.95 3.31 -4.44
CA THR Z 87 117.84 3.54 -3.31
C THR Z 87 118.98 2.55 -3.30
N HIS Z 88 118.68 1.28 -3.63
CA HIS Z 88 119.75 0.29 -3.75
C HIS Z 88 120.78 0.72 -4.78
N LEU Z 89 120.33 1.18 -5.94
CA LEU Z 89 121.26 1.61 -6.98
C LEU Z 89 122.07 2.83 -6.53
N GLN Z 90 121.43 3.78 -5.85
CA GLN Z 90 122.15 4.95 -5.36
C GLN Z 90 123.24 4.54 -4.37
N ARG Z 91 122.92 3.62 -3.46
CA ARG Z 91 123.91 3.15 -2.51
C ARG Z 91 125.04 2.43 -3.22
N ILE Z 92 124.72 1.62 -4.22
CA ILE Z 92 125.76 0.91 -4.97
C ILE Z 92 126.66 1.91 -5.68
N ARG Z 93 126.08 2.96 -6.25
CA ARG Z 93 126.90 3.98 -6.92
C ARG Z 93 127.81 4.70 -5.92
N GLU Z 94 127.28 5.04 -4.75
CA GLU Z 94 128.10 5.71 -3.74
C GLU Z 94 129.25 4.80 -3.31
N LEU Z 95 128.97 3.52 -3.11
CA LEU Z 95 130.03 2.59 -2.72
C LEU Z 95 131.03 2.37 -3.84
N THR Z 96 130.57 2.40 -5.10
CA THR Z 96 131.50 2.29 -6.22
C THR Z 96 132.44 3.48 -6.27
N VAL Z 97 131.90 4.69 -6.03
CA VAL Z 97 132.76 5.86 -5.97
C VAL Z 97 133.74 5.75 -4.83
N GLN Z 98 133.29 5.25 -3.67
CA GLN Z 98 134.18 5.11 -2.53
C GLN Z 98 135.29 4.10 -2.79
N ALA Z 99 134.94 2.97 -3.40
CA ALA Z 99 135.92 1.91 -3.63
C ALA Z 99 136.76 2.14 -4.87
N SER Z 100 136.38 3.09 -5.73
CA SER Z 100 137.21 3.43 -6.87
C SER Z 100 138.51 4.11 -6.46
N ASN Z 101 138.63 4.54 -5.22
CA ASN Z 101 139.86 5.15 -4.73
C ASN Z 101 140.97 4.11 -4.67
N GLY Z 102 142.20 4.58 -4.84
CA GLY Z 102 143.35 3.70 -4.74
C GLY Z 102 143.87 3.49 -3.33
N SER Z 103 143.43 4.31 -2.37
CA SER Z 103 143.91 4.17 -1.00
C SER Z 103 143.39 2.92 -0.31
N TYR Z 104 142.32 2.32 -0.83
CA TYR Z 104 141.74 1.14 -0.19
C TYR Z 104 142.50 -0.10 -0.63
N SER Z 105 142.96 -0.88 0.34
CA SER Z 105 143.65 -2.12 0.04
C SER Z 105 142.63 -3.19 -0.37
N GLN Z 106 143.13 -4.39 -0.63
CA GLN Z 106 142.28 -5.43 -1.20
C GLN Z 106 141.19 -5.88 -0.24
N GLU Z 107 141.48 -5.89 1.07
CA GLU Z 107 140.48 -6.36 2.04
C GLU Z 107 139.27 -5.43 2.09
N GLN Z 108 139.51 -4.12 2.11
CA GLN Z 108 138.39 -3.18 2.12
C GLN Z 108 137.59 -3.24 0.82
N LEU Z 109 138.27 -3.41 -0.31
CA LEU Z 109 137.55 -3.61 -1.56
C LEU Z 109 136.72 -4.87 -1.52
N ASP Z 110 137.24 -5.92 -0.88
CA ASP Z 110 136.46 -7.16 -0.74
C ASP Z 110 135.23 -6.94 0.13
N SER Z 111 135.36 -6.16 1.20
CA SER Z 111 134.21 -5.85 2.04
C SER Z 111 133.16 -5.04 1.27
N VAL Z 112 133.62 -4.05 0.50
CA VAL Z 112 132.69 -3.27 -0.33
C VAL Z 112 132.01 -4.17 -1.34
N GLN Z 113 132.78 -5.09 -1.94
CA GLN Z 113 132.20 -6.03 -2.90
C GLN Z 113 131.17 -6.93 -2.23
N GLY Z 114 131.42 -7.36 -0.99
CA GLY Z 114 130.43 -8.14 -0.28
C GLY Z 114 129.15 -7.37 -0.04
N GLU Z 115 129.28 -6.10 0.36
CA GLU Z 115 128.09 -5.28 0.55
C GLU Z 115 127.34 -5.09 -0.77
N ILE Z 116 128.06 -4.87 -1.86
CA ILE Z 116 127.43 -4.71 -3.16
C ILE Z 116 126.76 -5.99 -3.60
N ASN Z 117 127.37 -7.14 -3.29
CA ASN Z 117 126.73 -8.42 -3.58
C ASN Z 117 125.43 -8.57 -2.81
N GLN Z 118 125.42 -8.16 -1.54
CA GLN Z 118 124.18 -8.18 -0.78
C GLN Z 118 123.13 -7.28 -1.41
N ARG Z 119 123.55 -6.09 -1.88
CA ARG Z 119 122.61 -5.18 -2.52
C ARG Z 119 122.03 -5.77 -3.79
N LEU Z 120 122.88 -6.39 -4.62
CA LEU Z 120 122.40 -7.00 -5.85
C LEU Z 120 121.49 -8.17 -5.56
N ALA Z 121 121.81 -8.96 -4.54
CA ALA Z 121 120.94 -10.06 -4.15
C ALA Z 121 119.58 -9.55 -3.69
N ASP Z 122 119.58 -8.43 -2.95
CA ASP Z 122 118.31 -7.85 -2.52
C ASP Z 122 117.52 -7.32 -3.71
N ILE Z 123 118.20 -6.73 -4.70
CA ILE Z 123 117.51 -6.27 -5.90
C ILE Z 123 116.86 -7.44 -6.62
N ASP Z 124 117.61 -8.53 -6.78
CA ASP Z 124 117.06 -9.71 -7.43
C ASP Z 124 115.86 -10.23 -6.64
N ARG Z 125 116.00 -10.29 -5.31
CA ARG Z 125 114.91 -10.76 -4.46
C ARG Z 125 113.68 -9.90 -4.62
N ILE Z 126 113.87 -8.58 -4.75
CA ILE Z 126 112.76 -7.70 -5.06
C ILE Z 126 112.14 -8.11 -6.39
N SER Z 127 112.98 -8.52 -7.34
CA SER Z 127 112.46 -8.90 -8.65
C SER Z 127 111.54 -10.12 -8.56
N GLU Z 128 111.99 -11.21 -7.93
CA GLU Z 128 111.07 -12.37 -7.96
C GLU Z 128 109.97 -12.25 -6.91
N GLN Z 129 110.28 -11.76 -5.71
CA GLN Z 129 109.35 -11.84 -4.59
C GLN Z 129 108.26 -10.78 -4.63
N THR Z 130 108.41 -9.72 -5.42
CA THR Z 130 107.37 -8.70 -5.52
C THR Z 130 106.14 -9.30 -6.19
N ASP Z 131 105.04 -9.41 -5.44
CA ASP Z 131 103.84 -10.06 -5.93
C ASP Z 131 102.66 -9.12 -5.80
N PHE Z 132 101.68 -9.32 -6.68
CA PHE Z 132 100.42 -8.58 -6.61
C PHE Z 132 99.35 -9.47 -7.23
N ASN Z 133 98.48 -10.03 -6.38
CA ASN Z 133 97.40 -10.91 -6.82
C ASN Z 133 97.96 -12.06 -7.66
N GLY Z 134 98.94 -12.74 -7.06
CA GLY Z 134 99.55 -13.88 -7.73
C GLY Z 134 100.26 -13.55 -9.01
N VAL Z 135 100.62 -12.29 -9.23
CA VAL Z 135 101.33 -11.86 -10.43
C VAL Z 135 102.60 -11.15 -9.99
N LYS Z 136 103.74 -11.70 -10.41
CA LYS Z 136 105.04 -11.11 -10.09
C LYS Z 136 105.24 -9.93 -11.03
N VAL Z 137 104.67 -8.78 -10.64
CA VAL Z 137 104.57 -7.65 -11.55
C VAL Z 137 105.95 -7.13 -11.95
N LEU Z 138 106.85 -6.97 -10.99
CA LEU Z 138 108.19 -6.46 -11.28
C LEU Z 138 109.19 -7.62 -11.31
N SER Z 139 109.00 -8.52 -12.27
CA SER Z 139 109.81 -9.73 -12.31
C SER Z 139 110.35 -10.02 -13.70
N ASP Z 140 110.95 -11.21 -13.86
CA ASP Z 140 111.53 -11.59 -15.14
C ASP Z 140 110.46 -11.94 -16.16
N SER Z 141 109.37 -12.56 -15.74
CA SER Z 141 108.28 -12.97 -16.63
C SER Z 141 107.06 -12.16 -16.25
N ALA Z 142 106.91 -10.98 -16.87
CA ALA Z 142 105.80 -10.07 -16.59
C ALA Z 142 105.41 -9.42 -17.90
N LYS Z 143 104.40 -9.98 -18.56
CA LYS Z 143 103.90 -9.41 -19.80
C LYS Z 143 103.06 -8.17 -19.50
N PRO Z 144 102.93 -7.26 -20.47
CA PRO Z 144 102.03 -6.12 -20.28
C PRO Z 144 100.60 -6.56 -20.06
N LEU Z 145 99.88 -5.83 -19.21
CA LEU Z 145 98.52 -6.19 -18.82
C LEU Z 145 97.53 -5.64 -19.84
N THR Z 146 96.24 -5.82 -19.57
CA THR Z 146 95.18 -5.35 -20.47
C THR Z 146 94.36 -4.23 -19.86
N LEU Z 147 93.75 -4.45 -18.70
CA LEU Z 147 93.04 -3.41 -17.95
C LEU Z 147 91.95 -2.75 -18.80
N GLN Z 148 90.93 -3.53 -19.13
CA GLN Z 148 89.82 -2.99 -19.91
C GLN Z 148 89.12 -1.88 -19.15
N VAL Z 149 89.06 -0.70 -19.76
CA VAL Z 149 88.32 0.43 -19.23
C VAL Z 149 87.22 0.78 -20.24
N GLY Z 150 85.99 0.80 -19.78
CA GLY Z 150 84.83 0.94 -20.64
C GLY Z 150 84.30 -0.42 -21.09
N ALA Z 151 83.02 -0.42 -21.45
CA ALA Z 151 82.38 -1.62 -21.97
C ALA Z 151 82.77 -1.76 -23.44
N ASN Z 152 82.08 -2.66 -24.16
CA ASN Z 152 82.28 -2.83 -25.60
C ASN Z 152 83.72 -3.22 -25.92
N ASP Z 153 84.06 -4.46 -25.54
CA ASP Z 153 85.39 -5.02 -25.71
C ASP Z 153 86.05 -4.58 -27.00
N GLY Z 154 87.32 -4.20 -26.91
CA GLY Z 154 88.06 -3.69 -28.05
C GLY Z 154 89.03 -2.61 -27.65
N GLU Z 155 88.90 -2.12 -26.42
CA GLU Z 155 89.80 -1.12 -25.86
C GLU Z 155 90.33 -1.61 -24.52
N THR Z 156 91.62 -1.35 -24.28
CA THR Z 156 92.31 -1.79 -23.09
C THR Z 156 93.34 -0.74 -22.73
N ILE Z 157 94.27 -1.10 -21.84
CA ILE Z 157 95.37 -0.23 -21.45
C ILE Z 157 96.61 -1.09 -21.31
N THR Z 158 97.54 -0.96 -22.24
CA THR Z 158 98.80 -1.72 -22.15
C THR Z 158 99.67 -1.10 -21.06
N LEU Z 159 99.89 -1.86 -19.99
CA LEU Z 159 100.64 -1.32 -18.86
C LEU Z 159 102.13 -1.26 -19.15
N ASN Z 160 102.67 -2.29 -19.83
CA ASN Z 160 104.06 -2.32 -20.28
C ASN Z 160 105.04 -2.20 -19.11
N LEU Z 161 105.02 -3.24 -18.27
CA LEU Z 161 105.94 -3.35 -17.14
C LEU Z 161 106.65 -4.70 -17.20
N SER Z 162 107.97 -4.69 -17.00
CA SER Z 162 108.72 -5.94 -17.01
C SER Z 162 110.16 -5.71 -16.62
N GLU Z 163 110.74 -6.71 -15.94
CA GLU Z 163 112.17 -7.02 -15.96
C GLU Z 163 113.02 -5.85 -15.45
N ILE Z 164 112.88 -5.56 -14.16
CA ILE Z 164 113.85 -4.76 -13.43
C ILE Z 164 114.49 -5.66 -12.38
N SER Z 165 115.78 -5.89 -12.53
CA SER Z 165 116.54 -6.83 -11.70
C SER Z 165 118.00 -6.77 -12.14
N VAL Z 166 118.84 -7.55 -11.47
CA VAL Z 166 120.11 -7.88 -12.05
C VAL Z 166 119.88 -8.77 -13.27
N LYS Z 167 120.88 -8.82 -14.17
CA LYS Z 167 120.82 -9.55 -15.44
C LYS Z 167 119.94 -8.82 -16.44
N THR Z 168 119.24 -7.77 -16.01
CA THR Z 168 118.49 -6.94 -16.93
C THR Z 168 118.72 -5.45 -16.72
N LEU Z 169 119.15 -5.01 -15.54
CA LEU Z 169 119.70 -3.66 -15.42
C LEU Z 169 121.08 -3.57 -16.03
N GLY Z 170 121.65 -4.69 -16.45
CA GLY Z 170 122.89 -4.72 -17.17
C GLY Z 170 124.11 -5.06 -16.35
N LEU Z 171 124.03 -4.94 -15.02
CA LEU Z 171 125.20 -5.19 -14.20
C LEU Z 171 125.65 -6.63 -14.31
N ASP Z 172 124.91 -7.53 -13.67
CA ASP Z 172 125.02 -8.98 -13.82
C ASP Z 172 126.37 -9.54 -13.40
N GLY Z 173 127.35 -8.67 -13.21
CA GLY Z 173 128.68 -9.09 -12.83
C GLY Z 173 129.37 -8.03 -12.01
N PHE Z 174 128.59 -7.11 -11.44
CA PHE Z 174 129.13 -5.86 -10.92
C PHE Z 174 130.20 -6.13 -9.88
N ASN Z 175 131.45 -5.87 -10.24
CA ASN Z 175 132.60 -6.20 -9.41
C ASN Z 175 133.49 -4.99 -9.32
N VAL Z 176 133.94 -4.67 -8.10
CA VAL Z 176 134.72 -3.47 -7.88
C VAL Z 176 136.11 -3.85 -7.41
N ASN Z 177 136.24 -5.01 -6.74
CA ASN Z 177 137.56 -5.43 -6.29
C ASN Z 177 138.39 -5.92 -7.47
N GLY Z 178 137.96 -6.99 -8.13
CA GLY Z 178 138.75 -7.63 -9.17
C GLY Z 178 140.18 -7.78 -8.72
N LYS Z 179 141.13 -7.37 -9.56
CA LYS Z 179 142.47 -7.09 -9.07
C LYS Z 179 143.03 -5.84 -9.75
N GLY Z 180 142.23 -5.18 -10.58
CA GLY Z 180 142.69 -4.00 -11.30
C GLY Z 180 142.94 -4.31 -12.77
N VAL Z 181 144.00 -3.74 -13.32
CA VAL Z 181 144.42 -3.99 -14.69
C VAL Z 181 145.61 -4.94 -14.60
N THR Z 182 145.33 -6.22 -14.80
CA THR Z 182 146.36 -7.25 -14.61
C THR Z 182 147.45 -7.12 -15.66
N GLN Z 183 148.70 -7.24 -15.22
CA GLN Z 183 149.85 -7.16 -16.11
C GLN Z 183 150.42 -8.55 -16.33
N ASN Z 184 150.82 -8.83 -17.56
CA ASN Z 184 151.36 -10.13 -17.90
C ASN Z 184 152.79 -10.28 -17.39
N ARG Z 185 153.25 -11.52 -17.33
CA ARG Z 185 154.60 -11.83 -16.90
C ARG Z 185 155.50 -12.06 -18.10
N SER Z 186 156.77 -11.69 -17.96
CA SER Z 186 157.74 -11.85 -19.04
C SER Z 186 157.90 -13.31 -19.41
N ALA Z 187 157.47 -13.68 -20.62
CA ALA Z 187 157.60 -15.06 -21.06
C ALA Z 187 159.08 -15.43 -21.16
N THR Z 188 159.41 -16.60 -20.64
CA THR Z 188 160.79 -17.08 -20.59
C THR Z 188 160.95 -18.26 -21.54
N VAL Z 189 162.17 -18.81 -21.58
CA VAL Z 189 162.45 -19.95 -22.45
C VAL Z 189 161.60 -21.15 -22.05
N THR Z 190 161.33 -21.32 -20.75
CA THR Z 190 160.52 -22.45 -20.31
C THR Z 190 159.11 -22.38 -20.89
N ASP Z 191 158.49 -21.19 -20.86
CA ASP Z 191 157.15 -21.05 -21.39
C ASP Z 191 157.11 -21.28 -22.89
N VAL Z 192 158.09 -20.77 -23.62
CA VAL Z 192 158.11 -20.91 -25.07
C VAL Z 192 158.31 -22.38 -25.45
N ILE Z 193 159.27 -23.05 -24.80
CA ILE Z 193 159.52 -24.45 -25.12
C ILE Z 193 158.36 -25.33 -24.67
N ALA Z 194 157.62 -24.91 -23.64
CA ALA Z 194 156.48 -25.70 -23.19
C ALA Z 194 155.36 -25.70 -24.23
N GLN Z 195 155.15 -24.57 -24.90
CA GLN Z 195 154.04 -24.42 -25.85
C GLN Z 195 154.42 -24.92 -27.24
N GLY Z 196 154.92 -26.16 -27.30
CA GLY Z 196 155.29 -26.76 -28.57
C GLY Z 196 156.37 -26.00 -29.32
N GLY Z 197 157.17 -25.20 -28.63
CA GLY Z 197 158.20 -24.44 -29.30
C GLY Z 197 159.29 -25.35 -29.86
N THR Z 198 159.82 -24.97 -31.02
CA THR Z 198 160.87 -25.70 -31.70
C THR Z 198 162.12 -24.83 -31.76
N LEU Z 199 163.26 -25.41 -31.40
CA LEU Z 199 164.51 -24.67 -31.44
C LEU Z 199 164.89 -24.36 -32.88
N GLN Z 200 165.37 -23.13 -33.10
CA GLN Z 200 165.81 -22.71 -34.42
C GLN Z 200 167.24 -22.21 -34.46
N GLY Z 201 167.76 -21.68 -33.35
CA GLY Z 201 169.12 -21.15 -33.34
C GLY Z 201 169.56 -20.60 -32.01
N ASP Z 202 170.20 -19.43 -32.03
CA ASP Z 202 170.75 -18.80 -30.82
C ASP Z 202 169.60 -18.22 -30.00
N GLY Z 203 168.96 -19.09 -29.23
CA GLY Z 203 167.81 -18.67 -28.46
C GLY Z 203 166.63 -18.24 -29.31
N THR Z 204 166.61 -18.63 -30.58
CA THR Z 204 165.55 -18.26 -31.50
C THR Z 204 164.58 -19.44 -31.63
N TYR Z 205 163.32 -19.20 -31.28
CA TYR Z 205 162.30 -20.24 -31.26
C TYR Z 205 161.13 -19.80 -32.11
N LYS Z 206 160.59 -20.73 -32.89
CA LYS Z 206 159.47 -20.46 -33.79
C LYS Z 206 158.24 -21.19 -33.26
N ALA Z 207 157.35 -20.45 -32.62
CA ALA Z 207 156.09 -21.01 -32.16
C ALA Z 207 155.10 -21.07 -33.31
N THR Z 208 154.56 -22.26 -33.56
CA THR Z 208 153.65 -22.48 -34.67
C THR Z 208 152.35 -23.07 -34.17
N THR Z 209 151.26 -22.73 -34.86
CA THR Z 209 149.95 -23.27 -34.52
C THR Z 209 149.12 -23.42 -35.80
N THR Z 210 148.73 -24.65 -36.09
CA THR Z 210 147.91 -24.94 -37.26
C THR Z 210 146.45 -24.62 -36.97
N PHE Z 211 145.79 -24.02 -37.95
CA PHE Z 211 144.45 -23.46 -37.76
C PHE Z 211 143.46 -24.04 -38.76
N ASN Z 212 143.69 -25.28 -39.22
CA ASN Z 212 142.81 -25.91 -40.18
C ASN Z 212 141.40 -26.02 -39.63
N ALA Z 213 140.47 -25.27 -40.21
CA ALA Z 213 139.15 -25.09 -39.63
C ALA Z 213 138.20 -24.67 -40.75
N ALA Z 214 137.07 -24.07 -40.37
CA ALA Z 214 136.04 -23.62 -41.31
C ALA Z 214 135.36 -24.81 -41.99
N SER Z 215 134.84 -25.72 -41.16
CA SER Z 215 134.09 -26.87 -41.66
C SER Z 215 132.72 -26.42 -42.17
N ALA Z 216 131.92 -27.41 -42.57
CA ALA Z 216 130.61 -27.11 -43.16
C ALA Z 216 129.70 -26.41 -42.16
N GLU Z 217 129.66 -26.89 -40.91
CA GLU Z 217 128.79 -26.29 -39.91
C GLU Z 217 129.19 -24.85 -39.62
N THR Z 218 130.49 -24.61 -39.48
CA THR Z 218 130.97 -23.26 -39.18
C THR Z 218 130.69 -22.27 -40.30
N VAL Z 219 130.48 -22.75 -41.52
CA VAL Z 219 130.12 -21.87 -42.62
C VAL Z 219 128.62 -21.70 -42.73
N LEU Z 220 127.86 -22.80 -42.61
CA LEU Z 220 126.41 -22.71 -42.66
C LEU Z 220 125.85 -21.93 -41.48
N SER Z 221 126.63 -21.75 -40.41
CA SER Z 221 126.17 -20.96 -39.28
C SER Z 221 125.90 -19.51 -39.66
N LYS Z 222 126.69 -18.94 -40.56
CA LYS Z 222 126.59 -17.54 -40.96
C LYS Z 222 126.05 -17.41 -42.37
N LEU Z 223 125.09 -18.24 -42.75
CA LEU Z 223 124.57 -18.30 -44.11
C LEU Z 223 123.25 -17.54 -44.21
N GLU Z 224 123.17 -16.66 -45.21
CA GLU Z 224 121.91 -16.03 -45.58
C GLU Z 224 121.70 -15.99 -47.09
N ASP Z 225 122.70 -16.35 -47.88
CA ASP Z 225 122.64 -16.26 -49.34
C ASP Z 225 122.68 -17.67 -49.94
N GLY Z 226 122.75 -17.74 -51.25
CA GLY Z 226 122.72 -19.01 -51.95
C GLY Z 226 124.08 -19.67 -52.06
N ASN Z 227 124.08 -20.99 -51.94
CA ASN Z 227 125.29 -21.80 -52.08
C ASN Z 227 125.13 -22.74 -53.28
N THR Z 228 126.10 -23.63 -53.46
CA THR Z 228 126.07 -24.53 -54.59
C THR Z 228 126.68 -25.88 -54.19
N VAL Z 229 126.23 -26.93 -54.88
CA VAL Z 229 126.77 -28.27 -54.71
C VAL Z 229 126.98 -28.87 -56.09
N ALA Z 230 128.18 -29.40 -56.33
CA ALA Z 230 128.50 -30.04 -57.60
C ALA Z 230 129.33 -31.28 -57.33
N VAL Z 231 128.98 -32.39 -57.97
CA VAL Z 231 129.68 -33.65 -57.76
C VAL Z 231 130.71 -33.77 -58.88
N GLY Z 232 131.91 -33.26 -58.62
CA GLY Z 232 132.98 -33.34 -59.60
C GLY Z 232 132.62 -32.64 -60.89
N GLY Z 233 132.80 -33.34 -62.00
CA GLY Z 233 132.50 -32.79 -63.31
C GLY Z 233 131.09 -33.10 -63.78
N GLY Z 234 130.23 -33.51 -62.86
CA GLY Z 234 128.85 -33.84 -63.16
C GLY Z 234 127.93 -32.65 -63.04
N ALA Z 235 126.67 -32.93 -62.73
CA ALA Z 235 125.68 -31.88 -62.58
C ALA Z 235 125.95 -31.04 -61.34
N THR Z 236 125.37 -29.85 -61.32
CA THR Z 236 125.56 -28.89 -60.24
C THR Z 236 124.20 -28.39 -59.75
N TYR Z 237 124.07 -28.26 -58.43
CA TYR Z 237 122.83 -27.79 -57.83
C TYR Z 237 123.15 -26.64 -56.88
N THR Z 238 122.27 -25.64 -56.86
CA THR Z 238 122.43 -24.46 -56.02
C THR Z 238 121.23 -24.33 -55.09
N TYR Z 239 121.50 -24.05 -53.82
CA TYR Z 239 120.46 -23.89 -52.81
C TYR Z 239 120.54 -22.50 -52.22
N ASP Z 240 119.38 -21.98 -51.79
CA ASP Z 240 119.28 -20.64 -51.25
C ASP Z 240 118.50 -20.68 -49.94
N ALA Z 241 119.09 -20.12 -48.88
CA ALA Z 241 118.48 -20.13 -47.55
C ALA Z 241 117.68 -18.85 -47.36
N ALA Z 242 116.37 -18.93 -47.63
CA ALA Z 242 115.51 -17.76 -47.49
C ALA Z 242 115.30 -17.40 -46.03
N LYS Z 243 114.93 -18.38 -45.20
CA LYS Z 243 114.68 -18.17 -43.78
C LYS Z 243 115.40 -19.18 -42.91
N GLY Z 244 116.49 -19.76 -43.42
CA GLY Z 244 117.07 -20.95 -42.82
C GLY Z 244 116.56 -22.24 -43.42
N ASN Z 245 115.52 -22.18 -44.24
CA ASN Z 245 115.03 -23.32 -45.01
C ASN Z 245 115.42 -23.10 -46.47
N PHE Z 246 116.22 -24.02 -47.01
CA PHE Z 246 116.80 -23.83 -48.32
C PHE Z 246 115.79 -24.04 -49.43
N THR Z 247 115.99 -23.32 -50.54
CA THR Z 247 115.15 -23.43 -51.72
C THR Z 247 116.02 -23.73 -52.93
N TYR Z 248 115.52 -24.61 -53.80
CA TYR Z 248 116.25 -25.04 -54.98
C TYR Z 248 115.27 -25.76 -55.90
N THR Z 249 115.77 -26.15 -57.07
CA THR Z 249 114.97 -26.86 -58.04
C THR Z 249 115.69 -28.13 -58.47
N LYS Z 250 114.91 -29.20 -58.69
CA LYS Z 250 115.43 -30.44 -59.22
C LYS Z 250 114.48 -30.96 -60.28
N THR Z 251 115.03 -31.54 -61.35
CA THR Z 251 114.23 -32.05 -62.42
C THR Z 251 113.60 -33.39 -62.04
N VAL Z 252 112.34 -33.57 -62.42
CA VAL Z 252 111.64 -34.84 -62.28
C VAL Z 252 111.40 -35.38 -63.68
N ASP Z 253 111.98 -36.54 -63.97
CA ASP Z 253 111.91 -37.11 -65.31
C ASP Z 253 112.10 -38.62 -65.22
N THR Z 254 112.30 -39.25 -66.38
CA THR Z 254 112.43 -40.69 -66.48
C THR Z 254 113.54 -40.98 -67.48
N THR Z 255 113.60 -42.24 -67.94
CA THR Z 255 114.63 -42.67 -68.88
C THR Z 255 114.09 -43.07 -70.25
N VAL Z 256 112.79 -43.33 -70.38
CA VAL Z 256 112.20 -43.83 -71.61
C VAL Z 256 111.42 -42.71 -72.27
N GLY Z 257 111.86 -42.31 -73.46
CA GLY Z 257 111.13 -41.32 -74.23
C GLY Z 257 109.78 -41.82 -74.70
N ALA Z 258 109.67 -43.11 -75.00
CA ALA Z 258 108.44 -43.67 -75.54
C ALA Z 258 107.34 -43.81 -74.50
N ASP Z 259 107.68 -43.81 -73.22
CA ASP Z 259 106.68 -43.99 -72.16
C ASP Z 259 107.15 -43.29 -70.90
N VAL Z 260 106.37 -42.32 -70.44
CA VAL Z 260 106.74 -41.55 -69.26
C VAL Z 260 105.62 -41.61 -68.23
N THR Z 261 104.89 -42.72 -68.21
CA THR Z 261 103.89 -42.92 -67.16
C THR Z 261 104.53 -42.84 -65.78
N ALA Z 262 105.79 -43.27 -65.66
CA ALA Z 262 106.51 -43.12 -64.40
C ALA Z 262 106.69 -41.64 -64.04
N LEU Z 263 106.87 -40.79 -65.05
CA LEU Z 263 106.98 -39.35 -64.79
C LEU Z 263 105.68 -38.82 -64.18
N ALA Z 264 104.54 -39.22 -64.73
CA ALA Z 264 103.26 -38.80 -64.17
C ALA Z 264 103.08 -39.35 -62.76
N ASN Z 265 103.47 -40.61 -62.53
CA ASN Z 265 103.37 -41.21 -61.20
C ASN Z 265 104.42 -40.67 -60.24
N LYS Z 266 105.39 -39.91 -60.74
CA LYS Z 266 106.30 -39.16 -59.88
C LYS Z 266 105.74 -37.79 -59.52
N ILE Z 267 105.09 -37.13 -60.48
CA ILE Z 267 104.49 -35.84 -60.19
C ILE Z 267 103.30 -35.97 -59.26
N LYS Z 268 102.51 -37.04 -59.45
CA LYS Z 268 101.26 -37.18 -58.69
C LYS Z 268 101.46 -37.16 -57.18
N PRO Z 269 102.40 -37.90 -56.59
CA PRO Z 269 102.58 -37.80 -55.13
C PRO Z 269 102.96 -36.40 -54.66
N SER Z 270 103.69 -35.65 -55.48
CA SER Z 270 104.00 -34.27 -55.12
C SER Z 270 102.74 -33.43 -54.99
N SER Z 271 101.81 -33.59 -55.92
CA SER Z 271 100.53 -32.88 -55.83
C SER Z 271 99.72 -33.36 -54.64
N GLY Z 272 99.72 -34.67 -54.37
CA GLY Z 272 98.94 -35.23 -53.30
C GLY Z 272 97.80 -36.08 -53.81
N THR Z 273 96.71 -36.18 -53.03
CA THR Z 273 95.56 -36.98 -53.41
C THR Z 273 94.34 -36.11 -53.70
N ILE Z 274 93.90 -35.30 -52.74
CA ILE Z 274 92.75 -34.43 -52.90
C ILE Z 274 93.12 -33.04 -52.40
N SER Z 275 92.90 -32.04 -53.24
CA SER Z 275 93.15 -30.65 -52.87
C SER Z 275 92.09 -29.78 -53.54
N GLY Z 276 92.25 -28.46 -53.39
CA GLY Z 276 91.28 -27.52 -53.92
C GLY Z 276 91.75 -26.78 -55.15
N SER Z 277 92.09 -25.51 -54.98
CA SER Z 277 92.43 -24.66 -56.11
C SER Z 277 93.79 -25.05 -56.69
N TYR Z 278 93.85 -25.20 -58.00
CA TYR Z 278 95.08 -25.42 -58.76
C TYR Z 278 95.24 -24.31 -59.80
N GLU Z 279 96.35 -24.37 -60.53
CA GLU Z 279 96.63 -23.44 -61.62
C GLU Z 279 97.29 -24.22 -62.74
N ILE Z 280 96.51 -24.60 -63.76
CA ILE Z 280 97.01 -25.34 -64.90
C ILE Z 280 97.32 -24.37 -66.02
N SER Z 281 98.54 -24.44 -66.55
CA SER Z 281 99.00 -23.55 -67.60
C SER Z 281 99.31 -24.32 -68.88
N THR Z 282 98.43 -25.25 -69.24
CA THR Z 282 98.64 -26.02 -70.46
C THR Z 282 98.52 -25.13 -71.69
N GLY Z 283 99.16 -25.56 -72.77
CA GLY Z 283 99.21 -24.74 -73.97
C GLY Z 283 100.13 -23.56 -73.79
N LYS Z 284 99.58 -22.35 -73.79
CA LYS Z 284 100.37 -21.14 -73.63
C LYS Z 284 99.98 -20.33 -72.41
N SER Z 285 98.70 -20.00 -72.25
CA SER Z 285 98.24 -19.09 -71.21
C SER Z 285 96.95 -19.62 -70.58
N ALA Z 286 96.93 -20.90 -70.25
CA ALA Z 286 95.72 -21.49 -69.66
C ALA Z 286 95.38 -20.82 -68.33
N SER Z 287 96.24 -21.00 -67.34
CA SER Z 287 96.06 -20.37 -66.03
C SER Z 287 94.67 -20.64 -65.45
N PHE Z 288 94.22 -21.88 -65.56
CA PHE Z 288 92.94 -22.25 -64.99
C PHE Z 288 92.97 -22.14 -63.47
N ASP Z 289 91.79 -22.34 -62.86
CA ASP Z 289 91.64 -22.47 -61.42
C ASP Z 289 90.68 -23.64 -61.21
N VAL Z 290 91.21 -24.84 -61.09
CA VAL Z 290 90.42 -26.05 -61.08
C VAL Z 290 90.33 -26.60 -59.66
N ASP Z 291 89.44 -27.58 -59.47
CA ASP Z 291 89.24 -28.25 -58.19
C ASP Z 291 89.30 -29.75 -58.46
N ALA Z 292 90.51 -30.31 -58.34
CA ALA Z 292 90.73 -31.72 -58.71
C ALA Z 292 90.60 -32.59 -57.48
N ALA Z 293 89.43 -33.22 -57.34
CA ALA Z 293 89.19 -34.25 -56.33
C ALA Z 293 88.90 -35.53 -57.09
N GLY Z 294 89.96 -36.25 -57.45
CA GLY Z 294 89.84 -37.36 -58.37
C GLY Z 294 89.85 -36.85 -59.80
N LYS Z 295 88.67 -36.83 -60.43
CA LYS Z 295 88.54 -36.18 -61.72
C LYS Z 295 88.68 -34.67 -61.55
N ILE Z 296 89.37 -34.05 -62.51
CA ILE Z 296 89.63 -32.61 -62.44
C ILE Z 296 88.38 -31.86 -62.86
N THR Z 297 87.95 -30.92 -62.02
CA THR Z 297 86.77 -30.11 -62.28
C THR Z 297 87.09 -28.65 -62.01
N ILE Z 298 86.24 -27.77 -62.55
CA ILE Z 298 86.40 -26.33 -62.40
C ILE Z 298 85.33 -25.87 -61.41
N GLY Z 299 85.51 -24.67 -60.86
CA GLY Z 299 84.52 -24.12 -59.96
C GLY Z 299 83.16 -24.04 -60.61
N GLY Z 300 82.26 -24.92 -60.21
CA GLY Z 300 80.92 -24.97 -60.76
C GLY Z 300 80.76 -25.76 -62.04
N ASN Z 301 81.79 -26.45 -62.52
CA ASN Z 301 81.69 -27.18 -63.78
C ASN Z 301 82.74 -28.28 -63.82
N ALA Z 302 82.56 -29.20 -64.77
CA ALA Z 302 83.50 -30.28 -65.03
C ALA Z 302 84.23 -30.01 -66.33
N ALA Z 303 85.55 -30.26 -66.34
CA ALA Z 303 86.41 -29.89 -67.45
C ALA Z 303 86.93 -31.14 -68.16
N PHE Z 304 86.73 -31.19 -69.46
CA PHE Z 304 87.29 -32.24 -70.32
C PHE Z 304 88.61 -31.75 -70.90
N LEU Z 305 89.16 -32.48 -71.88
CA LEU Z 305 90.45 -32.14 -72.44
C LEU Z 305 90.45 -32.37 -73.94
N ASN Z 306 90.84 -31.35 -74.70
CA ASN Z 306 91.03 -31.46 -76.14
C ASN Z 306 92.51 -31.71 -76.41
N ALA Z 307 92.79 -32.60 -77.36
CA ALA Z 307 94.14 -33.15 -77.52
C ALA Z 307 94.55 -33.22 -78.99
N ASP Z 308 95.81 -33.59 -79.17
CA ASP Z 308 96.43 -34.02 -80.43
C ASP Z 308 96.71 -32.89 -81.41
N GLY Z 309 96.22 -31.69 -81.12
CA GLY Z 309 96.74 -30.50 -81.79
C GLY Z 309 97.58 -29.71 -80.81
N GLU Z 310 96.99 -29.49 -79.64
CA GLU Z 310 97.64 -28.87 -78.49
C GLU Z 310 96.78 -29.22 -77.29
N LEU Z 311 97.32 -29.95 -76.34
CA LEU Z 311 96.50 -30.51 -75.28
C LEU Z 311 96.04 -29.40 -74.34
N THR Z 312 94.81 -28.93 -74.55
CA THR Z 312 94.21 -27.87 -73.74
C THR Z 312 93.05 -28.44 -72.94
N THR Z 313 92.71 -27.75 -71.86
CA THR Z 313 91.61 -28.15 -70.99
C THR Z 313 90.35 -27.39 -71.40
N ASN Z 314 89.28 -28.14 -71.65
CA ASN Z 314 88.01 -27.56 -72.10
C ASN Z 314 86.88 -28.20 -71.32
N ASP Z 315 86.11 -27.39 -70.59
CA ASP Z 315 84.84 -27.87 -70.08
C ASP Z 315 83.82 -28.03 -71.18
N ALA Z 316 84.07 -27.43 -72.35
CA ALA Z 316 83.26 -27.65 -73.54
C ALA Z 316 83.66 -28.99 -74.14
N SER Z 317 82.87 -30.02 -73.85
CA SER Z 317 83.21 -31.36 -74.30
C SER Z 317 83.19 -31.45 -75.81
N GLY Z 318 84.13 -32.23 -76.36
CA GLY Z 318 84.24 -32.46 -77.78
C GLY Z 318 83.98 -33.91 -78.13
N ALA Z 319 84.15 -34.21 -79.43
CA ALA Z 319 83.90 -35.57 -79.90
C ALA Z 319 84.93 -36.55 -79.36
N LEU Z 320 86.14 -36.09 -79.08
CA LEU Z 320 87.24 -36.96 -78.67
C LEU Z 320 87.89 -36.44 -77.39
N THR Z 321 87.07 -36.00 -76.44
CA THR Z 321 87.57 -35.37 -75.22
C THR Z 321 87.39 -36.30 -74.02
N GLN Z 322 88.29 -36.17 -73.05
CA GLN Z 322 88.26 -36.95 -71.82
C GLN Z 322 88.51 -36.01 -70.64
N ALA Z 323 88.07 -36.44 -69.46
CA ALA Z 323 88.15 -35.62 -68.26
C ALA Z 323 88.70 -36.44 -67.11
N THR Z 324 89.94 -36.17 -66.72
CA THR Z 324 90.54 -36.75 -65.53
C THR Z 324 91.83 -36.02 -65.21
N LEU Z 325 92.31 -36.20 -63.98
CA LEU Z 325 93.56 -35.58 -63.57
C LEU Z 325 94.75 -36.17 -64.32
N ASP Z 326 94.71 -37.48 -64.59
CA ASP Z 326 95.83 -38.12 -65.26
C ASP Z 326 96.05 -37.54 -66.66
N ASP Z 327 94.97 -37.26 -67.38
CA ASP Z 327 95.12 -36.68 -68.71
C ASP Z 327 95.73 -35.28 -68.64
N VAL Z 328 95.31 -34.47 -67.67
CA VAL Z 328 95.90 -33.15 -67.51
C VAL Z 328 97.38 -33.25 -67.17
N LEU Z 329 97.74 -34.17 -66.28
CA LEU Z 329 99.13 -34.36 -65.92
C LEU Z 329 99.96 -34.81 -67.13
N THR Z 330 99.39 -35.70 -67.95
CA THR Z 330 100.07 -36.11 -69.17
C THR Z 330 100.25 -34.94 -70.12
N SER Z 331 99.22 -34.11 -70.27
CA SER Z 331 99.30 -32.94 -71.13
C SER Z 331 100.43 -32.02 -70.69
N VAL Z 332 100.52 -31.77 -69.38
CA VAL Z 332 101.58 -30.91 -68.86
C VAL Z 332 102.94 -31.56 -69.07
N GLY Z 333 103.04 -32.87 -68.83
CA GLY Z 333 104.32 -33.54 -68.87
C GLY Z 333 104.75 -34.07 -70.23
N THR Z 334 103.79 -34.42 -71.09
CA THR Z 334 104.11 -35.06 -72.36
C THR Z 334 103.88 -34.14 -73.55
N GLU Z 335 102.70 -33.56 -73.68
CA GLU Z 335 102.33 -32.77 -74.84
C GLU Z 335 102.37 -31.27 -74.55
N ALA Z 336 103.19 -30.84 -73.60
CA ALA Z 336 103.31 -29.42 -73.30
C ALA Z 336 103.84 -28.65 -74.51
N ASN Z 337 104.98 -29.10 -75.04
CA ASN Z 337 105.65 -28.47 -76.19
C ASN Z 337 105.95 -26.99 -75.94
N SER Z 338 105.94 -26.56 -74.68
CA SER Z 338 106.14 -25.16 -74.32
C SER Z 338 106.31 -25.10 -72.81
N SER Z 339 106.42 -23.87 -72.30
CA SER Z 339 106.56 -23.63 -70.86
C SER Z 339 105.18 -23.82 -70.22
N VAL Z 340 104.87 -25.08 -69.90
CA VAL Z 340 103.61 -25.46 -69.30
C VAL Z 340 103.87 -25.91 -67.87
N THR Z 341 103.09 -25.38 -66.93
CA THR Z 341 103.30 -25.66 -65.52
C THR Z 341 101.96 -25.94 -64.84
N ILE Z 342 102.03 -26.61 -63.69
CA ILE Z 342 100.89 -26.81 -62.81
C ILE Z 342 101.16 -25.98 -61.56
N GLY Z 343 100.36 -24.94 -61.36
CA GLY Z 343 100.52 -24.04 -60.24
C GLY Z 343 99.82 -24.47 -58.96
N GLY Z 344 99.26 -25.67 -58.93
CA GLY Z 344 98.51 -26.10 -57.77
C GLY Z 344 99.38 -26.42 -56.57
N THR Z 345 98.78 -26.30 -55.39
CA THR Z 345 99.42 -26.61 -54.12
C THR Z 345 100.73 -25.84 -53.93
N LYS Z 346 100.72 -24.57 -54.33
CA LYS Z 346 101.83 -23.65 -54.12
C LYS Z 346 103.12 -24.15 -54.77
N TYR Z 347 103.00 -24.90 -55.87
CA TYR Z 347 104.13 -25.40 -56.62
C TYR Z 347 104.05 -24.89 -58.06
N SER Z 348 105.07 -25.21 -58.83
CA SER Z 348 105.07 -24.89 -60.27
C SER Z 348 105.89 -25.97 -60.98
N HIS Z 349 105.21 -27.00 -61.45
CA HIS Z 349 105.86 -28.10 -62.16
C HIS Z 349 105.98 -27.74 -63.64
N SER Z 350 106.85 -26.78 -63.91
CA SER Z 350 107.05 -26.31 -65.27
C SER Z 350 107.66 -27.41 -66.13
N ALA Z 351 107.14 -27.56 -67.34
CA ALA Z 351 107.67 -28.53 -68.30
C ALA Z 351 108.87 -27.90 -68.99
N ALA Z 352 110.05 -28.09 -68.39
CA ALA Z 352 111.28 -27.56 -68.99
C ALA Z 352 111.54 -28.21 -70.34
N ASP Z 353 111.33 -29.52 -70.45
CA ASP Z 353 111.42 -30.23 -71.72
C ASP Z 353 110.20 -31.11 -71.87
N GLU Z 354 109.52 -30.99 -73.01
CA GLU Z 354 108.36 -31.81 -73.29
C GLU Z 354 108.78 -33.18 -73.79
N LEU Z 355 107.79 -34.05 -73.98
CA LEU Z 355 108.03 -35.39 -74.52
C LEU Z 355 107.72 -35.38 -76.00
N SER Z 356 108.76 -35.44 -76.82
CA SER Z 356 108.61 -35.67 -78.26
C SER Z 356 108.47 -37.14 -78.58
N TYR Z 357 108.33 -37.98 -77.56
CA TYR Z 357 108.26 -39.45 -77.63
C TYR Z 357 109.56 -40.07 -78.09
N THR Z 358 110.60 -39.26 -78.31
CA THR Z 358 111.96 -39.74 -78.53
C THR Z 358 112.89 -39.29 -77.43
N ALA Z 359 112.90 -38.00 -77.10
CA ALA Z 359 113.67 -37.46 -75.99
C ALA Z 359 112.78 -37.38 -74.76
N VAL Z 360 113.34 -37.78 -73.60
CA VAL Z 360 112.56 -37.85 -72.38
C VAL Z 360 112.16 -36.45 -71.93
N ALA Z 361 110.94 -36.32 -71.42
CA ALA Z 361 110.41 -35.05 -70.99
C ALA Z 361 110.98 -34.65 -69.63
N THR Z 362 110.92 -33.35 -69.34
CA THR Z 362 111.37 -32.81 -68.07
C THR Z 362 110.27 -31.96 -67.47
N THR Z 363 110.00 -32.17 -66.18
CA THR Z 363 108.99 -31.44 -65.43
C THR Z 363 109.60 -30.82 -64.19
N ALA Z 364 110.73 -30.14 -64.38
CA ALA Z 364 111.46 -29.56 -63.25
C ALA Z 364 110.59 -28.61 -62.45
N ASP Z 365 110.71 -28.69 -61.13
CA ASP Z 365 109.97 -27.84 -60.21
C ASP Z 365 110.90 -27.39 -59.10
N VAL Z 366 110.62 -26.21 -58.55
CA VAL Z 366 111.31 -25.74 -57.35
C VAL Z 366 110.65 -26.43 -56.16
N LEU Z 367 111.22 -27.56 -55.73
CA LEU Z 367 110.61 -28.32 -54.65
C LEU Z 367 110.98 -27.77 -53.28
N SER Z 368 112.26 -27.44 -53.07
CA SER Z 368 112.78 -27.02 -51.78
C SER Z 368 112.56 -28.06 -50.69
N ALA Z 369 112.29 -29.31 -51.08
CA ALA Z 369 112.06 -30.37 -50.12
C ALA Z 369 113.31 -30.68 -49.31
N MET Z 370 114.48 -30.29 -49.81
CA MET Z 370 115.76 -30.48 -49.13
C MET Z 370 116.10 -29.26 -48.27
N GLY Z 371 115.08 -28.52 -47.84
CA GLY Z 371 115.28 -27.17 -47.34
C GLY Z 371 115.99 -27.06 -46.01
N SER Z 372 115.81 -28.06 -45.14
CA SER Z 372 116.34 -27.96 -43.78
C SER Z 372 117.85 -27.73 -43.80
N SER Z 373 118.29 -26.73 -43.02
CA SER Z 373 119.71 -26.41 -42.97
C SER Z 373 120.52 -27.59 -42.44
N THR Z 374 119.98 -28.28 -41.44
CA THR Z 374 120.62 -29.50 -40.95
C THR Z 374 120.68 -30.55 -42.06
N ALA Z 375 119.62 -30.66 -42.85
CA ALA Z 375 119.62 -31.61 -43.97
C ALA Z 375 120.70 -31.24 -44.99
N VAL Z 376 120.83 -29.95 -45.30
CA VAL Z 376 121.87 -29.53 -46.24
C VAL Z 376 123.25 -29.82 -45.66
N SER Z 377 123.42 -29.63 -44.35
CA SER Z 377 124.68 -30.02 -43.73
C SER Z 377 124.94 -31.51 -43.89
N THR Z 378 123.90 -32.33 -43.74
CA THR Z 378 124.06 -33.77 -43.91
C THR Z 378 124.51 -34.09 -45.32
N VAL Z 379 123.84 -33.52 -46.32
CA VAL Z 379 124.15 -33.88 -47.71
C VAL Z 379 125.55 -33.38 -48.10
N THR Z 380 125.95 -32.20 -47.60
CA THR Z 380 127.27 -31.70 -47.93
C THR Z 380 128.37 -32.35 -47.10
N LEU Z 381 128.01 -33.03 -46.01
CA LEU Z 381 129.00 -33.75 -45.21
C LEU Z 381 129.26 -35.14 -45.74
N GLY Z 382 128.21 -35.86 -46.15
CA GLY Z 382 128.36 -37.21 -46.65
C GLY Z 382 128.32 -37.31 -48.16
N SER Z 383 128.61 -36.21 -48.85
CA SER Z 383 128.58 -36.20 -50.29
C SER Z 383 129.73 -37.04 -50.87
N GLY Z 384 129.63 -37.33 -52.16
CA GLY Z 384 130.67 -38.09 -52.83
C GLY Z 384 131.86 -37.23 -53.19
N ILE Z 385 132.38 -37.39 -54.41
CA ILE Z 385 133.49 -36.56 -54.87
C ILE Z 385 132.91 -35.25 -55.38
N THR Z 386 132.84 -34.25 -54.50
CA THR Z 386 132.15 -33.01 -54.79
C THR Z 386 133.06 -31.81 -54.56
N SER Z 387 132.59 -30.65 -55.02
CA SER Z 387 133.28 -29.38 -54.85
C SER Z 387 132.30 -28.30 -54.46
N ALA Z 388 131.41 -28.61 -53.52
CA ALA Z 388 130.36 -27.69 -53.14
C ALA Z 388 130.93 -26.42 -52.52
N ALA Z 389 130.29 -25.29 -52.79
CA ALA Z 389 130.75 -23.98 -52.36
C ALA Z 389 129.58 -23.17 -51.80
N VAL Z 390 129.92 -22.21 -50.95
CA VAL Z 390 128.93 -21.35 -50.28
C VAL Z 390 129.25 -19.90 -50.59
N THR Z 391 128.25 -19.18 -51.11
CA THR Z 391 128.25 -17.73 -51.16
C THR Z 391 127.35 -17.25 -50.03
N PHE Z 392 127.93 -16.50 -49.09
CA PHE Z 392 127.21 -16.20 -47.85
C PHE Z 392 127.31 -14.75 -47.42
N ALA Z 393 127.66 -13.83 -48.33
CA ALA Z 393 127.79 -12.44 -47.95
C ALA Z 393 127.36 -11.56 -49.13
N ILE Z 394 127.06 -10.30 -48.81
CA ILE Z 394 126.61 -9.38 -49.85
C ILE Z 394 127.78 -9.01 -50.76
N ALA Z 395 127.45 -8.59 -51.97
CA ALA Z 395 128.44 -8.48 -53.05
C ALA Z 395 129.62 -7.61 -52.66
N THR Z 396 129.41 -6.56 -51.85
CA THR Z 396 130.53 -5.73 -51.44
C THR Z 396 131.45 -6.45 -50.47
N THR Z 397 130.93 -7.46 -49.77
CA THR Z 397 131.74 -8.25 -48.85
C THR Z 397 131.63 -9.74 -49.17
N ASP Z 398 131.27 -10.08 -50.40
CA ASP Z 398 130.96 -11.46 -50.76
C ASP Z 398 132.21 -12.32 -50.77
N SER Z 399 132.00 -13.62 -50.65
CA SER Z 399 133.09 -14.59 -50.68
C SER Z 399 132.53 -15.95 -51.09
N ASN Z 400 133.44 -16.84 -51.46
CA ASN Z 400 133.10 -18.21 -51.78
C ASN Z 400 134.01 -19.14 -50.99
N ASN Z 401 133.43 -20.18 -50.40
CA ASN Z 401 134.17 -21.15 -49.62
C ASN Z 401 134.08 -22.50 -50.31
N THR Z 402 135.24 -23.05 -50.68
CA THR Z 402 135.32 -24.33 -51.37
C THR Z 402 136.04 -25.32 -50.47
N TRP Z 403 135.42 -26.47 -50.24
CA TRP Z 403 135.90 -27.45 -49.26
C TRP Z 403 136.03 -28.84 -49.89
N VAL Z 404 136.43 -29.79 -49.05
CA VAL Z 404 136.76 -31.13 -49.52
C VAL Z 404 135.48 -31.84 -49.96
N ASP Z 405 135.66 -32.94 -50.69
CA ASP Z 405 134.52 -33.65 -51.28
C ASP Z 405 133.56 -34.14 -50.20
N ASN Z 406 134.07 -34.65 -49.08
CA ASN Z 406 133.18 -35.30 -48.11
C ASN Z 406 133.57 -35.02 -46.66
N LYS Z 407 134.18 -33.88 -46.37
CA LYS Z 407 134.41 -33.52 -44.97
C LYS Z 407 133.89 -32.12 -44.64
N GLY Z 408 133.82 -31.25 -45.64
CA GLY Z 408 133.39 -29.90 -45.39
C GLY Z 408 134.48 -28.93 -44.99
N GLU Z 409 135.71 -29.41 -44.81
CA GLU Z 409 136.78 -28.56 -44.34
C GLU Z 409 137.37 -27.75 -45.50
N LEU Z 410 137.45 -26.43 -45.31
CA LEU Z 410 138.08 -25.56 -46.29
C LEU Z 410 139.60 -25.76 -46.23
N THR Z 411 140.15 -26.37 -47.27
CA THR Z 411 141.60 -26.60 -47.29
C THR Z 411 142.39 -25.30 -47.36
N ASP Z 412 141.96 -24.36 -48.20
CA ASP Z 412 142.69 -23.13 -48.42
C ASP Z 412 142.21 -21.98 -47.55
N ILE Z 413 141.15 -22.17 -46.77
CA ILE Z 413 140.63 -21.14 -45.88
C ILE Z 413 140.60 -21.69 -44.46
N GLN Z 414 141.20 -20.95 -43.54
CA GLN Z 414 141.29 -21.35 -42.15
C GLN Z 414 140.64 -20.28 -41.27
N THR Z 415 140.71 -20.50 -39.96
CA THR Z 415 140.16 -19.56 -38.99
C THR Z 415 141.22 -19.25 -37.95
N PHE Z 416 141.42 -17.97 -37.65
CA PHE Z 416 142.22 -17.58 -36.51
C PHE Z 416 141.37 -17.72 -35.25
N ASP Z 417 141.87 -17.19 -34.13
CA ASP Z 417 141.06 -17.17 -32.91
C ASP Z 417 139.85 -16.26 -33.03
N THR Z 418 139.79 -15.40 -34.06
CA THR Z 418 138.71 -14.45 -34.21
C THR Z 418 137.87 -14.68 -35.45
N SER Z 419 138.47 -14.78 -36.63
CA SER Z 419 137.72 -14.73 -37.87
C SER Z 419 138.38 -15.64 -38.91
N TYR Z 420 137.75 -15.70 -40.08
CA TYR Z 420 138.23 -16.54 -41.18
C TYR Z 420 139.44 -15.87 -41.84
N LYS Z 421 140.49 -16.65 -42.07
CA LYS Z 421 141.66 -16.15 -42.77
C LYS Z 421 142.25 -17.25 -43.65
N ILE Z 422 143.00 -16.82 -44.67
CA ILE Z 422 143.57 -17.75 -45.65
C ILE Z 422 144.92 -18.25 -45.16
N ASN Z 423 145.29 -17.92 -43.93
CA ASN Z 423 146.56 -18.32 -43.36
C ASN Z 423 146.34 -19.53 -42.45
N ALA Z 424 146.97 -20.65 -42.78
CA ALA Z 424 146.79 -21.87 -42.00
C ALA Z 424 147.55 -21.82 -40.68
N ASP Z 425 148.70 -21.15 -40.65
CA ASP Z 425 149.53 -21.10 -39.46
C ASP Z 425 150.20 -19.75 -39.37
N THR Z 426 150.15 -19.14 -38.18
CA THR Z 426 150.87 -17.88 -37.96
C THR Z 426 152.37 -18.11 -37.98
N GLY Z 427 152.86 -18.98 -37.11
CA GLY Z 427 154.28 -19.32 -37.09
C GLY Z 427 155.20 -18.16 -36.77
N GLU Z 428 154.82 -17.33 -35.80
CA GLU Z 428 155.70 -16.25 -35.37
C GLU Z 428 156.92 -16.81 -34.66
N VAL Z 429 158.01 -16.05 -34.72
CA VAL Z 429 159.31 -16.50 -34.22
C VAL Z 429 159.70 -15.64 -33.04
N THR Z 430 160.09 -16.29 -31.94
CA THR Z 430 160.48 -15.61 -30.72
C THR Z 430 161.95 -15.88 -30.44
N VAL Z 431 162.70 -14.81 -30.16
CA VAL Z 431 164.11 -14.90 -29.84
C VAL Z 431 164.28 -14.67 -28.35
N VAL Z 432 165.09 -15.51 -27.71
CA VAL Z 432 165.26 -15.50 -26.26
C VAL Z 432 166.61 -14.87 -25.93
N GLY Z 433 166.59 -13.84 -25.08
CA GLY Z 433 167.83 -13.24 -24.65
C GLY Z 433 168.69 -14.21 -23.86
N ASP Z 434 170.01 -14.08 -24.01
CA ASP Z 434 170.93 -14.98 -23.34
C ASP Z 434 171.25 -14.51 -21.93
N ASN Z 435 171.74 -13.28 -21.80
CA ASN Z 435 172.08 -12.72 -20.50
C ASN Z 435 170.85 -12.23 -19.73
N SER Z 436 169.69 -12.17 -20.38
CA SER Z 436 168.45 -11.74 -19.74
C SER Z 436 167.35 -12.74 -20.08
N ALA Z 437 166.52 -13.06 -19.09
CA ALA Z 437 165.49 -14.06 -19.28
C ALA Z 437 164.40 -13.62 -20.26
N THR Z 438 164.32 -12.31 -20.54
CA THR Z 438 163.29 -11.82 -21.44
C THR Z 438 163.50 -12.35 -22.85
N ALA Z 439 162.40 -12.56 -23.56
CA ALA Z 439 162.41 -13.08 -24.92
C ALA Z 439 161.91 -12.02 -25.88
N GLY Z 440 162.68 -11.76 -26.93
CA GLY Z 440 162.27 -10.81 -27.95
C GLY Z 440 161.37 -11.46 -29.00
N GLN Z 441 161.04 -10.66 -30.01
CA GLN Z 441 160.21 -11.12 -31.12
C GLN Z 441 161.03 -11.04 -32.41
N TYR Z 442 161.16 -12.17 -33.09
CA TYR Z 442 161.81 -12.20 -34.41
C TYR Z 442 160.71 -12.18 -35.48
N ALA Z 443 160.07 -11.03 -35.61
CA ALA Z 443 158.96 -10.84 -36.53
C ALA Z 443 158.82 -9.35 -36.81
N SER Z 444 157.67 -8.95 -37.36
CA SER Z 444 157.43 -7.53 -37.64
C SER Z 444 157.43 -6.70 -36.36
N ALA Z 445 157.12 -7.32 -35.21
CA ALA Z 445 157.26 -6.61 -33.94
C ALA Z 445 158.71 -6.23 -33.70
N ASP Z 446 159.63 -7.18 -33.91
CA ASP Z 446 161.07 -6.94 -33.98
C ASP Z 446 161.58 -6.24 -32.71
N GLY Z 447 161.48 -6.96 -31.61
CA GLY Z 447 162.04 -6.52 -30.34
C GLY Z 447 161.03 -6.23 -29.26
N ALA Z 448 159.73 -6.17 -29.56
CA ALA Z 448 158.73 -5.99 -28.53
C ALA Z 448 158.74 -7.19 -27.59
N LYS Z 449 159.00 -6.93 -26.30
CA LYS Z 449 159.11 -8.02 -25.34
C LYS Z 449 157.81 -8.80 -25.26
N VAL Z 450 157.92 -10.13 -25.32
CA VAL Z 450 156.76 -11.01 -25.32
C VAL Z 450 156.39 -11.33 -23.88
N LEU Z 451 155.10 -11.49 -23.62
CA LEU Z 451 154.61 -11.80 -22.29
C LEU Z 451 153.52 -12.85 -22.38
N VAL Z 452 153.34 -13.59 -21.30
CA VAL Z 452 152.29 -14.60 -21.19
C VAL Z 452 151.11 -13.96 -20.48
N GLY Z 453 149.98 -13.86 -21.17
CA GLY Z 453 148.81 -13.22 -20.62
C GLY Z 453 148.07 -14.09 -19.64
N SER Z 454 147.02 -13.51 -19.05
CA SER Z 454 146.17 -14.23 -18.11
C SER Z 454 145.47 -15.37 -18.82
N ASP Z 455 145.90 -16.60 -18.55
CA ASP Z 455 145.38 -17.81 -19.20
C ASP Z 455 145.58 -17.77 -20.71
N GLY Z 456 146.43 -16.88 -21.21
CA GLY Z 456 146.74 -16.82 -22.61
C GLY Z 456 148.05 -17.52 -22.91
N LYS Z 457 148.20 -17.94 -24.18
CA LYS Z 457 149.42 -18.63 -24.58
C LYS Z 457 150.64 -17.71 -24.44
N LEU Z 458 150.66 -16.62 -25.21
CA LEU Z 458 151.69 -15.60 -25.11
C LEU Z 458 151.27 -14.40 -25.94
N THR Z 459 151.43 -13.20 -25.39
CA THR Z 459 151.02 -11.98 -26.04
C THR Z 459 152.19 -11.00 -26.07
N THR Z 460 151.95 -9.83 -26.67
CA THR Z 460 152.99 -8.83 -26.82
C THR Z 460 152.85 -7.65 -25.87
N GLU Z 461 151.62 -7.21 -25.58
CA GLU Z 461 151.43 -6.05 -24.73
C GLU Z 461 151.48 -6.48 -23.26
N THR Z 462 152.09 -5.63 -22.43
CA THR Z 462 152.48 -6.03 -21.08
C THR Z 462 151.30 -6.28 -20.15
N THR Z 463 150.10 -5.87 -20.50
CA THR Z 463 148.96 -6.05 -19.60
C THR Z 463 147.83 -6.82 -20.28
N SER Z 464 146.69 -6.92 -19.59
CA SER Z 464 145.52 -7.59 -20.12
C SER Z 464 144.32 -7.18 -19.27
N ALA Z 465 143.13 -7.52 -19.79
CA ALA Z 465 141.90 -7.11 -19.13
C ALA Z 465 141.81 -7.70 -17.73
N GLY Z 466 141.34 -6.90 -16.79
CA GLY Z 466 141.15 -7.32 -15.41
C GLY Z 466 139.84 -8.04 -15.23
N ASP Z 467 139.40 -8.09 -13.97
CA ASP Z 467 138.18 -8.79 -13.61
C ASP Z 467 137.11 -7.91 -12.99
N LYS Z 468 137.40 -6.64 -12.65
CA LYS Z 468 136.33 -5.66 -12.39
C LYS Z 468 135.63 -5.29 -13.69
N THR Z 469 134.43 -4.73 -13.56
CA THR Z 469 133.78 -4.11 -14.70
C THR Z 469 134.60 -2.91 -15.16
N THR Z 470 134.68 -2.73 -16.47
CA THR Z 470 135.59 -1.72 -17.02
C THR Z 470 135.21 -0.32 -16.55
N ASP Z 471 133.95 0.05 -16.69
CA ASP Z 471 133.46 1.36 -16.27
C ASP Z 471 132.21 1.16 -15.42
N PRO Z 472 132.39 0.89 -14.11
CA PRO Z 472 131.21 0.60 -13.28
C PRO Z 472 130.22 1.73 -13.22
N LEU Z 473 130.69 2.98 -13.19
CA LEU Z 473 129.78 4.12 -13.10
C LEU Z 473 128.93 4.25 -14.36
N LYS Z 474 129.50 3.96 -15.53
CA LYS Z 474 128.73 4.05 -16.76
C LYS Z 474 127.63 2.99 -16.81
N THR Z 475 127.96 1.76 -16.40
CA THR Z 475 126.93 0.72 -16.34
C THR Z 475 125.86 1.07 -15.32
N LEU Z 476 126.25 1.64 -14.19
CA LEU Z 476 125.27 2.04 -13.19
C LEU Z 476 124.38 3.16 -13.73
N ASP Z 477 124.95 4.10 -14.46
CA ASP Z 477 124.15 5.16 -15.05
C ASP Z 477 123.18 4.60 -16.09
N ALA Z 478 123.61 3.59 -16.86
CA ALA Z 478 122.69 2.92 -17.77
C ALA Z 478 121.55 2.26 -17.02
N ALA Z 479 121.86 1.63 -15.89
CA ALA Z 479 120.81 1.03 -15.06
C ALA Z 479 119.85 2.09 -14.53
N PHE Z 480 120.39 3.24 -14.11
CA PHE Z 480 119.54 4.35 -13.68
C PHE Z 480 118.62 4.80 -14.81
N THR Z 481 119.16 4.93 -16.02
CA THR Z 481 118.33 5.36 -17.14
C THR Z 481 117.21 4.37 -17.40
N LYS Z 482 117.52 3.08 -17.40
CA LYS Z 482 116.49 2.07 -17.64
C LYS Z 482 115.42 2.09 -16.55
N LEU Z 483 115.84 2.10 -15.28
CA LEU Z 483 114.87 2.08 -14.19
C LEU Z 483 114.03 3.36 -14.18
N ASP Z 484 114.66 4.50 -14.44
CA ASP Z 484 113.92 5.76 -14.48
C ASP Z 484 112.94 5.79 -15.62
N LYS Z 485 113.31 5.24 -16.79
CA LYS Z 485 112.35 5.14 -17.88
C LYS Z 485 111.15 4.29 -17.48
N LEU Z 486 111.39 3.15 -16.84
CA LEU Z 486 110.25 2.33 -16.46
C LEU Z 486 109.37 3.01 -15.41
N THR Z 487 109.99 3.61 -14.40
CA THR Z 487 109.20 4.23 -13.33
C THR Z 487 108.46 5.46 -13.84
N GLY Z 488 109.04 6.18 -14.80
CA GLY Z 488 108.31 7.28 -15.42
C GLY Z 488 107.14 6.79 -16.24
N GLU Z 489 107.30 5.67 -16.93
CA GLU Z 489 106.17 5.08 -17.65
C GLU Z 489 105.06 4.69 -16.67
N LEU Z 490 105.42 4.10 -15.53
CA LEU Z 490 104.41 3.74 -14.55
C LEU Z 490 103.75 4.97 -13.93
N GLY Z 491 104.51 6.04 -13.72
CA GLY Z 491 103.88 7.27 -13.27
C GLY Z 491 102.89 7.82 -14.27
N ALA Z 492 103.26 7.79 -15.56
CA ALA Z 492 102.37 8.24 -16.61
C ALA Z 492 101.10 7.40 -16.64
N VAL Z 493 101.24 6.07 -16.51
CA VAL Z 493 100.05 5.23 -16.55
C VAL Z 493 99.21 5.43 -15.31
N GLN Z 494 99.82 5.72 -14.16
CA GLN Z 494 99.04 6.03 -12.97
C GLN Z 494 98.23 7.31 -13.17
N ASN Z 495 98.85 8.33 -13.74
CA ASN Z 495 98.12 9.56 -14.03
C ASN Z 495 96.97 9.31 -14.99
N ARG Z 496 97.24 8.55 -16.05
CA ARG Z 496 96.19 8.30 -17.04
C ARG Z 496 95.04 7.49 -16.45
N LEU Z 497 95.34 6.53 -15.57
CA LEU Z 497 94.26 5.79 -14.92
C LEU Z 497 93.47 6.66 -13.96
N GLU Z 498 94.13 7.60 -13.27
CA GLU Z 498 93.36 8.55 -12.46
C GLU Z 498 92.42 9.37 -13.34
N SER Z 499 92.92 9.80 -14.51
CA SER Z 499 92.06 10.51 -15.44
C SER Z 499 90.91 9.64 -15.94
N THR Z 500 91.17 8.35 -16.16
CA THR Z 500 90.10 7.45 -16.57
C THR Z 500 89.06 7.32 -15.46
N ILE Z 501 89.50 7.26 -14.21
CA ILE Z 501 88.54 7.24 -13.10
C ILE Z 501 87.65 8.46 -13.16
N ALA Z 502 88.24 9.65 -13.32
CA ALA Z 502 87.43 10.87 -13.37
C ALA Z 502 86.46 10.84 -14.55
N ASN Z 503 86.95 10.47 -15.73
CA ASN Z 503 86.11 10.49 -16.93
C ASN Z 503 84.98 9.48 -16.81
N LEU Z 504 85.30 8.26 -16.40
CA LEU Z 504 84.28 7.22 -16.26
C LEU Z 504 83.25 7.61 -15.21
N ASN Z 505 83.68 8.23 -14.11
CA ASN Z 505 82.72 8.68 -13.11
C ASN Z 505 81.77 9.73 -13.69
N ASN Z 506 82.32 10.70 -14.42
CA ASN Z 506 81.46 11.73 -15.02
C ASN Z 506 80.47 11.11 -15.99
N VAL Z 507 80.95 10.20 -16.84
CA VAL Z 507 80.06 9.58 -17.83
C VAL Z 507 79.01 8.71 -17.14
N VAL Z 508 79.39 8.05 -16.05
CA VAL Z 508 78.43 7.22 -15.32
C VAL Z 508 77.33 8.09 -14.73
N ASN Z 509 77.70 9.21 -14.12
CA ASN Z 509 76.67 10.09 -13.57
C ASN Z 509 75.75 10.63 -14.66
N ASN Z 510 76.33 11.05 -15.79
CA ASN Z 510 75.51 11.58 -16.88
C ASN Z 510 74.59 10.51 -17.45
N LEU Z 511 75.08 9.28 -17.60
CA LEU Z 511 74.26 8.21 -18.13
C LEU Z 511 73.17 7.81 -17.15
N SER Z 512 73.47 7.84 -15.85
CA SER Z 512 72.44 7.58 -14.84
C SER Z 512 71.35 8.64 -14.91
N SER Z 513 71.74 9.90 -15.10
CA SER Z 513 70.74 10.94 -15.32
C SER Z 513 69.93 10.68 -16.58
N ALA Z 514 70.57 10.22 -17.64
CA ALA Z 514 69.84 9.88 -18.87
C ALA Z 514 68.81 8.79 -18.60
N ARG Z 515 69.19 7.78 -17.85
CA ARG Z 515 68.27 6.70 -17.51
C ARG Z 515 67.13 7.18 -16.63
N SER Z 516 67.42 8.08 -15.69
CA SER Z 516 66.36 8.66 -14.86
C SER Z 516 65.37 9.44 -15.71
N ARG Z 517 65.87 10.18 -16.70
CA ARG Z 517 65.01 10.97 -17.56
C ARG Z 517 64.01 10.14 -18.35
N ILE Z 518 64.25 8.83 -18.50
CA ILE Z 518 63.39 8.00 -19.31
C ILE Z 518 62.74 6.86 -18.53
N GLN Z 519 63.34 6.39 -17.44
CA GLN Z 519 62.86 5.22 -16.73
C GLN Z 519 62.22 5.55 -15.39
N ASP Z 520 62.87 6.38 -14.58
CA ASP Z 520 62.33 6.71 -13.27
C ASP Z 520 61.03 7.48 -13.40
N ALA Z 521 60.12 7.23 -12.47
CA ALA Z 521 58.79 7.82 -12.50
C ALA Z 521 58.78 9.14 -11.74
N ASP Z 522 58.05 10.11 -12.28
CA ASP Z 522 57.91 11.42 -11.66
C ASP Z 522 56.76 11.35 -10.66
N TYR Z 523 57.10 11.30 -9.38
CA TYR Z 523 56.09 11.14 -8.34
C TYR Z 523 55.07 12.27 -8.33
N ALA Z 524 55.48 13.49 -8.70
CA ALA Z 524 54.57 14.63 -8.63
C ALA Z 524 53.36 14.44 -9.52
N THR Z 525 53.56 13.94 -10.74
CA THR Z 525 52.44 13.68 -11.63
C THR Z 525 51.78 12.34 -11.38
N GLU Z 526 52.53 11.35 -10.90
CA GLU Z 526 51.95 10.04 -10.66
C GLU Z 526 50.97 10.07 -9.49
N VAL Z 527 51.29 10.82 -8.45
CA VAL Z 527 50.37 10.94 -7.32
C VAL Z 527 49.07 11.61 -7.74
N SER Z 528 49.18 12.67 -8.56
CA SER Z 528 47.98 13.33 -9.05
C SER Z 528 47.16 12.39 -9.93
N ASN Z 529 47.84 11.59 -10.77
CA ASN Z 529 47.12 10.61 -11.58
C ASN Z 529 46.39 9.61 -10.70
N MET Z 530 47.04 9.14 -9.64
CA MET Z 530 46.39 8.21 -8.73
C MET Z 530 45.18 8.85 -8.05
N SER Z 531 45.33 10.10 -7.63
CA SER Z 531 44.21 10.79 -6.97
C SER Z 531 43.03 10.95 -7.91
N LYS Z 532 43.28 11.37 -9.14
CA LYS Z 532 42.19 11.47 -10.11
C LYS Z 532 41.59 10.12 -10.40
N ALA Z 533 42.41 9.06 -10.45
CA ALA Z 533 41.88 7.73 -10.66
C ALA Z 533 40.97 7.31 -9.53
N GLN Z 534 41.36 7.57 -8.29
CA GLN Z 534 40.51 7.21 -7.15
C GLN Z 534 39.21 7.99 -7.16
N ILE Z 535 39.27 9.28 -7.47
CA ILE Z 535 38.06 10.09 -7.55
C ILE Z 535 37.15 9.55 -8.64
N LEU Z 536 37.72 9.23 -9.80
CA LEU Z 536 36.94 8.64 -10.88
C LEU Z 536 36.36 7.30 -10.48
N GLN Z 537 37.07 6.52 -9.67
CA GLN Z 537 36.57 5.24 -9.22
C GLN Z 537 35.35 5.40 -8.31
N GLN Z 538 35.45 6.29 -7.34
CA GLN Z 538 34.31 6.54 -6.45
C GLN Z 538 33.12 7.08 -7.24
N ALA Z 539 33.37 8.01 -8.15
CA ALA Z 539 32.30 8.55 -8.98
C ALA Z 539 31.68 7.45 -9.84
N GLY Z 540 32.52 6.57 -10.40
CA GLY Z 540 32.00 5.50 -11.23
C GLY Z 540 31.14 4.53 -10.46
N THR Z 541 31.58 4.16 -9.26
CA THR Z 541 30.75 3.29 -8.42
C THR Z 541 29.41 3.94 -8.10
N SER Z 542 29.43 5.22 -7.73
CA SER Z 542 28.18 5.89 -7.40
C SER Z 542 27.25 5.98 -8.60
N VAL Z 543 27.78 6.39 -9.75
CA VAL Z 543 26.94 6.55 -10.93
C VAL Z 543 26.45 5.20 -11.43
N LEU Z 544 27.25 4.14 -11.28
CA LEU Z 544 26.79 2.81 -11.62
C LEU Z 544 25.65 2.39 -10.71
N ALA Z 545 25.74 2.71 -9.42
CA ALA Z 545 24.62 2.44 -8.52
C ALA Z 545 23.36 3.15 -9.01
N GLN Z 546 23.43 4.47 -9.18
CA GLN Z 546 22.24 5.21 -9.61
C GLN Z 546 21.71 4.72 -10.95
N ALA Z 547 22.59 4.24 -11.83
CA ALA Z 547 22.13 3.59 -13.04
C ALA Z 547 21.40 2.30 -12.72
N ASN Z 548 21.79 1.61 -11.66
CA ASN Z 548 21.04 0.42 -11.26
C ASN Z 548 19.70 0.76 -10.63
N GLN Z 549 19.55 1.95 -10.04
CA GLN Z 549 18.21 2.36 -9.64
C GLN Z 549 17.41 3.02 -10.75
N VAL Z 550 17.95 3.06 -11.97
CA VAL Z 550 17.15 3.52 -13.12
C VAL Z 550 15.95 2.61 -13.38
N PRO Z 551 16.09 1.28 -13.47
CA PRO Z 551 14.95 0.46 -13.90
C PRO Z 551 13.87 0.22 -12.85
N GLN Z 552 14.12 0.42 -11.55
CA GLN Z 552 13.04 0.22 -10.59
C GLN Z 552 11.95 1.26 -10.74
N THR Z 553 12.25 2.41 -11.34
CA THR Z 553 11.19 3.36 -11.66
C THR Z 553 10.14 2.74 -12.56
N VAL Z 554 10.54 1.78 -13.41
CA VAL Z 554 9.57 0.96 -14.12
C VAL Z 554 8.75 0.14 -13.14
N LEU Z 555 9.39 -0.35 -12.07
CA LEU Z 555 8.69 -1.17 -11.11
C LEU Z 555 7.90 -0.30 -10.14
N SER Z 556 7.12 0.64 -10.68
CA SER Z 556 6.16 1.39 -9.91
C SER Z 556 4.75 1.19 -10.43
N LEU Z 557 4.52 1.42 -11.72
CA LEU Z 557 3.25 1.09 -12.34
C LEU Z 557 3.18 -0.41 -12.58
N LEU Z 558 2.01 -0.98 -12.33
CA LEU Z 558 1.83 -2.42 -12.46
C LEU Z 558 0.38 -2.76 -12.82
N ALA AA 2 -157.19 -56.09 -60.42
CA ALA AA 2 -158.63 -55.90 -60.47
C ALA AA 2 -159.23 -55.87 -59.06
N ALA AA 3 -160.27 -56.66 -58.85
CA ALA AA 3 -160.91 -56.79 -57.55
C ALA AA 3 -160.43 -58.01 -56.78
N VAL AA 4 -159.18 -58.41 -56.99
CA VAL AA 4 -158.67 -59.63 -56.38
C VAL AA 4 -158.14 -59.33 -54.98
N ILE AA 5 -158.43 -60.25 -54.06
CA ILE AA 5 -157.92 -60.15 -52.70
C ILE AA 5 -157.20 -61.43 -52.26
N ASN AA 6 -157.37 -62.55 -52.95
CA ASN AA 6 -156.67 -63.77 -52.59
C ASN AA 6 -155.17 -63.62 -52.77
N THR AA 7 -154.75 -62.93 -53.83
CA THR AA 7 -153.34 -62.69 -54.11
C THR AA 7 -153.11 -61.18 -54.23
N ASN AA 8 -152.08 -60.69 -53.54
CA ASN AA 8 -151.72 -59.28 -53.56
C ASN AA 8 -150.33 -59.17 -54.18
N TYR AA 9 -150.29 -58.98 -55.49
CA TYR AA 9 -149.02 -58.94 -56.21
C TYR AA 9 -148.14 -57.79 -55.73
N LEU AA 10 -148.75 -56.63 -55.46
CA LEU AA 10 -147.98 -55.47 -55.05
C LEU AA 10 -147.25 -55.72 -53.74
N SER AA 11 -147.90 -56.39 -52.80
CA SER AA 11 -147.23 -56.72 -51.54
C SER AA 11 -146.03 -57.61 -51.78
N LEU AA 12 -146.15 -58.59 -52.69
CA LEU AA 12 -145.03 -59.46 -52.98
C LEU AA 12 -143.87 -58.68 -53.59
N VAL AA 13 -144.17 -57.77 -54.52
CA VAL AA 13 -143.11 -56.98 -55.13
C VAL AA 13 -142.42 -56.11 -54.09
N ALA AA 14 -143.21 -55.48 -53.21
CA ALA AA 14 -142.63 -54.65 -52.16
C ALA AA 14 -141.77 -55.47 -51.22
N GLN AA 15 -142.22 -56.68 -50.87
CA GLN AA 15 -141.44 -57.54 -49.99
C GLN AA 15 -140.12 -57.93 -50.65
N ASN AA 16 -140.15 -58.26 -51.94
CA ASN AA 16 -138.91 -58.63 -52.63
C ASN AA 16 -137.93 -57.46 -52.66
N ASN AA 17 -138.43 -56.27 -52.99
CA ASN AA 17 -137.54 -55.11 -53.02
C ASN AA 17 -137.00 -54.78 -51.63
N LEU AA 18 -137.83 -54.94 -50.60
CA LEU AA 18 -137.38 -54.72 -49.23
C LEU AA 18 -136.30 -55.72 -48.85
N ASN AA 19 -136.45 -56.97 -49.31
CA ASN AA 19 -135.42 -57.97 -49.04
C ASN AA 19 -134.10 -57.61 -49.71
N LYS AA 20 -134.17 -57.12 -50.95
CA LYS AA 20 -132.94 -56.67 -51.61
C LYS AA 20 -132.30 -55.51 -50.84
N SER AA 21 -133.12 -54.56 -50.40
CA SER AA 21 -132.60 -53.43 -49.63
C SER AA 21 -131.96 -53.90 -48.33
N GLN AA 22 -132.58 -54.87 -47.67
CA GLN AA 22 -132.03 -55.37 -46.41
C GLN AA 22 -130.73 -56.13 -46.64
N SER AA 23 -130.63 -56.85 -47.76
CA SER AA 23 -129.37 -57.52 -48.08
C SER AA 23 -128.26 -56.50 -48.29
N SER AA 24 -128.56 -55.41 -49.02
CA SER AA 24 -127.57 -54.36 -49.19
C SER AA 24 -127.18 -53.74 -47.84
N LEU AA 25 -128.17 -53.50 -46.99
CA LEU AA 25 -127.90 -52.95 -45.67
C LEU AA 25 -127.04 -53.89 -44.85
N GLY AA 26 -127.31 -55.19 -44.92
CA GLY AA 26 -126.52 -56.15 -44.17
C GLY AA 26 -125.08 -56.19 -44.61
N THR AA 27 -124.86 -56.19 -45.93
CA THR AA 27 -123.48 -56.15 -46.42
C THR AA 27 -122.78 -54.87 -45.99
N ALA AA 28 -123.47 -53.73 -46.09
CA ALA AA 28 -122.88 -52.47 -45.67
C ALA AA 28 -122.55 -52.47 -44.18
N ILE AA 29 -123.46 -53.00 -43.36
CA ILE AA 29 -123.26 -53.01 -41.91
C ILE AA 29 -122.09 -53.92 -41.54
N GLU AA 30 -122.01 -55.09 -42.17
CA GLU AA 30 -120.91 -55.99 -41.89
C GLU AA 30 -119.58 -55.36 -42.28
N ARG AA 31 -119.53 -54.73 -43.46
CA ARG AA 31 -118.30 -54.06 -43.87
C ARG AA 31 -117.97 -52.88 -42.96
N LEU AA 32 -118.99 -52.20 -42.45
CA LEU AA 32 -118.75 -51.09 -41.54
C LEU AA 32 -118.14 -51.57 -40.23
N SER AA 33 -118.75 -52.60 -39.62
CA SER AA 33 -118.29 -53.09 -38.33
C SER AA 33 -116.91 -53.72 -38.44
N SER AA 34 -116.72 -54.62 -39.40
CA SER AA 34 -115.41 -55.27 -39.54
C SER AA 34 -114.38 -54.31 -40.12
N GLY AA 35 -114.81 -53.39 -40.99
CA GLY AA 35 -113.91 -52.51 -41.69
C GLY AA 35 -113.30 -53.09 -42.95
N LEU AA 36 -113.51 -54.36 -43.22
CA LEU AA 36 -112.89 -55.05 -44.34
C LEU AA 36 -113.90 -55.17 -45.47
N ARG AA 37 -113.56 -54.62 -46.63
CA ARG AA 37 -114.43 -54.78 -47.79
C ARG AA 37 -114.50 -56.24 -48.22
N ILE AA 38 -113.37 -56.94 -48.18
CA ILE AA 38 -113.30 -58.34 -48.58
C ILE AA 38 -113.50 -59.18 -47.32
N ASN AA 39 -114.76 -59.48 -47.02
CA ASN AA 39 -115.12 -60.40 -45.96
C ASN AA 39 -116.17 -61.35 -46.49
N SER AA 40 -116.25 -62.54 -45.91
CA SER AA 40 -117.25 -63.53 -46.31
C SER AA 40 -117.09 -63.88 -47.80
N ALA AA 41 -116.05 -64.67 -48.06
CA ALA AA 41 -115.41 -64.85 -49.37
C ALA AA 41 -116.38 -64.93 -50.54
N LYS AA 42 -117.64 -65.29 -50.28
CA LYS AA 42 -118.69 -65.10 -51.27
C LYS AA 42 -118.65 -63.71 -51.91
N ASP AA 43 -118.07 -62.73 -51.23
CA ASP AA 43 -117.81 -61.42 -51.79
C ASP AA 43 -116.35 -61.32 -52.19
N ASP AA 44 -116.10 -61.09 -53.49
CA ASP AA 44 -114.75 -60.88 -54.03
C ASP AA 44 -113.85 -62.07 -53.73
N ALA AA 45 -114.21 -63.20 -54.35
CA ALA AA 45 -113.54 -64.46 -54.07
C ALA AA 45 -112.03 -64.38 -54.30
N ALA AA 46 -111.61 -63.89 -55.47
CA ALA AA 46 -110.19 -63.72 -55.72
C ALA AA 46 -109.58 -62.66 -54.82
N GLY AA 47 -110.39 -61.71 -54.37
CA GLY AA 47 -109.89 -60.67 -53.50
C GLY AA 47 -109.35 -61.20 -52.19
N MET AA 48 -110.06 -62.14 -51.56
CA MET AA 48 -109.56 -62.71 -50.31
C MET AA 48 -108.35 -63.61 -50.54
N ALA AA 49 -108.29 -64.27 -51.69
CA ALA AA 49 -107.07 -65.01 -52.02
C ALA AA 49 -105.87 -64.08 -52.06
N ILE AA 50 -106.01 -62.95 -52.76
CA ILE AA 50 -104.93 -61.98 -52.85
C ILE AA 50 -104.61 -61.41 -51.48
N ALA AA 51 -105.65 -61.09 -50.70
CA ALA AA 51 -105.45 -60.52 -49.38
C ALA AA 51 -104.74 -61.50 -48.44
N ASN AA 52 -105.12 -62.78 -48.50
CA ASN AA 52 -104.46 -63.78 -47.67
C ASN AA 52 -103.00 -63.94 -48.08
N ARG AA 53 -102.73 -63.93 -49.39
CA ARG AA 53 -101.33 -63.95 -49.83
C ARG AA 53 -100.56 -62.78 -49.24
N PHE AA 54 -101.15 -61.58 -49.30
CA PHE AA 54 -100.47 -60.41 -48.76
C PHE AA 54 -100.28 -60.48 -47.26
N THR AA 55 -101.28 -60.97 -46.53
CA THR AA 55 -101.15 -61.06 -45.08
C THR AA 55 -100.05 -62.04 -44.70
N ALA AA 56 -100.03 -63.21 -45.32
CA ALA AA 56 -98.98 -64.18 -45.03
C ALA AA 56 -97.62 -63.60 -45.37
N ASN AA 57 -97.49 -62.94 -46.53
CA ASN AA 57 -96.22 -62.37 -46.92
C ASN AA 57 -95.77 -61.28 -45.95
N VAL AA 58 -96.67 -60.38 -45.57
CA VAL AA 58 -96.29 -59.25 -44.73
C VAL AA 58 -95.92 -59.71 -43.33
N ARG AA 59 -96.66 -60.68 -42.79
CA ARG AA 59 -96.32 -61.16 -41.45
C ARG AA 59 -95.05 -62.00 -41.46
N GLY AA 60 -94.83 -62.79 -42.52
CA GLY AA 60 -93.55 -63.46 -42.67
C GLY AA 60 -92.40 -62.48 -42.79
N LEU AA 61 -92.62 -61.36 -43.47
CA LEU AA 61 -91.56 -60.37 -43.60
C LEU AA 61 -91.29 -59.65 -42.28
N THR AA 62 -92.32 -59.40 -41.47
CA THR AA 62 -92.09 -58.85 -40.15
C THR AA 62 -91.27 -59.81 -39.29
N GLN AA 63 -91.62 -61.10 -39.32
CA GLN AA 63 -90.84 -62.08 -38.57
C GLN AA 63 -89.42 -62.16 -39.11
N ALA AA 64 -89.26 -62.02 -40.42
CA ALA AA 64 -87.93 -62.02 -41.02
C ALA AA 64 -87.12 -60.80 -40.59
N ALA AA 65 -87.78 -59.66 -40.46
CA ALA AA 65 -87.11 -58.47 -39.93
C ALA AA 65 -86.65 -58.72 -38.50
N ARG AA 66 -87.48 -59.40 -37.70
CA ARG AA 66 -87.05 -59.77 -36.36
C ARG AA 66 -85.82 -60.69 -36.40
N ASN AA 67 -85.82 -61.66 -37.31
CA ASN AA 67 -84.67 -62.55 -37.45
C ASN AA 67 -83.41 -61.79 -37.83
N ALA AA 68 -83.52 -60.89 -38.80
CA ALA AA 68 -82.38 -60.10 -39.23
C ALA AA 68 -81.87 -59.23 -38.10
N ASN AA 69 -82.78 -58.66 -37.31
CA ASN AA 69 -82.39 -57.82 -36.18
C ASN AA 69 -81.66 -58.65 -35.12
N ASP AA 70 -82.10 -59.88 -34.89
CA ASP AA 70 -81.37 -60.78 -33.99
C ASP AA 70 -79.98 -61.09 -34.52
N GLY AA 71 -79.87 -61.31 -35.84
CA GLY AA 71 -78.56 -61.52 -36.43
C GLY AA 71 -77.65 -60.33 -36.25
N ILE AA 72 -78.22 -59.13 -36.30
CA ILE AA 72 -77.44 -57.91 -36.06
C ILE AA 72 -76.84 -57.94 -34.66
N SER AA 73 -77.66 -58.30 -33.66
CA SER AA 73 -77.17 -58.35 -32.29
C SER AA 73 -76.11 -59.43 -32.11
N LEU AA 74 -76.30 -60.57 -32.78
CA LEU AA 74 -75.28 -61.61 -32.74
C LEU AA 74 -73.95 -61.11 -33.27
N ALA AA 75 -73.98 -60.45 -34.44
CA ALA AA 75 -72.75 -59.91 -34.99
C ALA AA 75 -72.15 -58.84 -34.09
N GLN AA 76 -73.00 -58.05 -33.44
CA GLN AA 76 -72.51 -57.03 -32.51
C GLN AA 76 -71.75 -57.67 -31.35
N THR AA 77 -72.33 -58.71 -30.75
CA THR AA 77 -71.68 -59.37 -29.62
C THR AA 77 -70.35 -59.98 -30.04
N THR AA 78 -70.33 -60.68 -31.19
CA THR AA 78 -69.09 -61.29 -31.64
C THR AA 78 -68.05 -60.22 -31.97
N GLU AA 79 -68.49 -59.10 -32.55
CA GLU AA 79 -67.56 -58.01 -32.84
C GLU AA 79 -66.96 -57.42 -31.57
N GLY AA 80 -67.77 -57.27 -30.52
CA GLY AA 80 -67.25 -56.78 -29.27
C GLY AA 80 -66.21 -57.72 -28.65
N ALA AA 81 -66.51 -59.02 -28.67
CA ALA AA 81 -65.53 -59.98 -28.17
C ALA AA 81 -64.24 -59.92 -29.00
N ALA AA 82 -64.38 -59.81 -30.33
CA ALA AA 82 -63.19 -59.71 -31.18
C ALA AA 82 -62.41 -58.44 -30.89
N SER AA 83 -63.10 -57.34 -30.58
CA SER AA 83 -62.40 -56.11 -30.22
C SER AA 83 -61.60 -56.28 -28.94
N GLU AA 84 -62.17 -56.98 -27.96
CA GLU AA 84 -61.40 -57.24 -26.75
C GLU AA 84 -60.18 -58.10 -27.04
N VAL AA 85 -60.33 -59.13 -27.88
CA VAL AA 85 -59.17 -59.91 -28.29
C VAL AA 85 -58.15 -59.02 -29.00
N ASN AA 86 -58.63 -58.04 -29.76
CA ASN AA 86 -57.75 -57.11 -30.45
C ASN AA 86 -56.92 -56.32 -29.46
N THR AA 87 -57.55 -55.82 -28.40
CA THR AA 87 -56.80 -55.10 -27.37
C THR AA 87 -55.77 -56.01 -26.72
N HIS AA 88 -56.14 -57.27 -26.48
CA HIS AA 88 -55.19 -58.22 -25.92
C HIS AA 88 -53.98 -58.40 -26.83
N LEU AA 89 -54.20 -58.54 -28.13
CA LEU AA 89 -53.08 -58.66 -29.06
C LEU AA 89 -52.24 -57.39 -29.08
N GLN AA 90 -52.87 -56.23 -28.98
CA GLN AA 90 -52.10 -54.99 -28.94
C GLN AA 90 -51.17 -54.96 -27.73
N ARG AA 91 -51.68 -55.32 -26.56
CA ARG AA 91 -50.83 -55.34 -25.37
C ARG AA 91 -49.73 -56.39 -25.50
N ILE AA 92 -50.06 -57.55 -26.07
CA ILE AA 92 -49.06 -58.59 -26.26
C ILE AA 92 -47.94 -58.09 -27.17
N ARG AA 93 -48.31 -57.37 -28.24
CA ARG AA 93 -47.29 -56.83 -29.14
C ARG AA 93 -46.43 -55.79 -28.45
N GLU AA 94 -47.06 -54.90 -27.67
CA GLU AA 94 -46.28 -53.90 -26.92
C GLU AA 94 -45.24 -54.57 -26.03
N LEU AA 95 -45.68 -55.51 -25.20
CA LEU AA 95 -44.75 -56.09 -24.24
C LEU AA 95 -43.82 -57.10 -24.90
N THR AA 96 -44.18 -57.61 -26.09
CA THR AA 96 -43.24 -58.44 -26.85
C THR AA 96 -42.10 -57.60 -27.40
N VAL AA 97 -42.42 -56.42 -27.92
CA VAL AA 97 -41.38 -55.49 -28.34
C VAL AA 97 -40.52 -55.11 -27.13
N GLN AA 98 -41.16 -54.94 -25.97
CA GLN AA 98 -40.39 -54.65 -24.76
C GLN AA 98 -39.44 -55.80 -24.41
N ALA AA 99 -39.94 -57.04 -24.44
CA ALA AA 99 -39.17 -58.17 -23.95
C ALA AA 99 -38.10 -58.60 -24.94
N SER AA 100 -38.28 -58.31 -26.22
CA SER AA 100 -37.29 -58.71 -27.21
C SER AA 100 -35.97 -57.98 -27.06
N ASN AA 101 -35.93 -56.92 -26.26
CA ASN AA 101 -34.68 -56.26 -25.94
C ASN AA 101 -33.78 -57.19 -25.14
N GLY AA 102 -32.49 -57.10 -25.38
CA GLY AA 102 -31.53 -57.93 -24.65
C GLY AA 102 -31.10 -57.38 -23.32
N SER AA 103 -31.46 -56.14 -22.99
CA SER AA 103 -31.04 -55.55 -21.74
C SER AA 103 -31.71 -56.21 -20.54
N TYR AA 104 -32.84 -56.89 -20.76
CA TYR AA 104 -33.59 -57.48 -19.66
C TYR AA 104 -32.96 -58.80 -19.25
N SER AA 105 -32.78 -58.97 -17.94
CA SER AA 105 -32.33 -60.25 -17.42
C SER AA 105 -33.46 -61.27 -17.51
N GLN AA 106 -33.11 -62.53 -17.21
CA GLN AA 106 -34.02 -63.64 -17.46
C GLN AA 106 -35.30 -63.51 -16.64
N GLU AA 107 -35.19 -62.99 -15.41
CA GLU AA 107 -36.35 -62.92 -14.52
C GLU AA 107 -37.40 -61.95 -15.02
N GLN AA 108 -36.96 -60.80 -15.57
CA GLN AA 108 -37.94 -59.89 -16.15
C GLN AA 108 -38.62 -60.50 -17.36
N LEU AA 109 -37.90 -61.28 -18.16
CA LEU AA 109 -38.54 -62.02 -19.23
C LEU AA 109 -39.53 -63.04 -18.68
N ASP AA 110 -39.23 -63.62 -17.52
CA ASP AA 110 -40.18 -64.53 -16.89
C ASP AA 110 -41.46 -63.81 -16.50
N SER AA 111 -41.34 -62.61 -15.94
CA SER AA 111 -42.54 -61.84 -15.61
C SER AA 111 -43.32 -61.47 -16.85
N VAL AA 112 -42.61 -61.07 -17.91
CA VAL AA 112 -43.27 -60.75 -19.18
C VAL AA 112 -44.02 -61.96 -19.70
N GLN AA 113 -43.40 -63.14 -19.66
CA GLN AA 113 -44.05 -64.35 -20.12
C GLN AA 113 -45.24 -64.72 -19.25
N GLY AA 114 -45.16 -64.44 -17.95
CA GLY AA 114 -46.33 -64.64 -17.10
C GLY AA 114 -47.49 -63.78 -17.55
N GLU AA 115 -47.21 -62.52 -17.88
CA GLU AA 115 -48.27 -61.66 -18.40
C GLU AA 115 -48.78 -62.14 -19.77
N ILE AA 116 -47.89 -62.63 -20.62
CA ILE AA 116 -48.31 -63.18 -21.91
C ILE AA 116 -49.24 -64.35 -21.69
N ASN AA 117 -48.89 -65.24 -20.75
CA ASN AA 117 -49.73 -66.40 -20.47
C ASN AA 117 -51.08 -65.97 -19.94
N GLN AA 118 -51.11 -64.94 -19.09
CA GLN AA 118 -52.40 -64.44 -18.60
C GLN AA 118 -53.24 -63.91 -19.75
N ARG AA 119 -52.64 -63.14 -20.66
CA ARG AA 119 -53.39 -62.59 -21.78
C ARG AA 119 -53.89 -63.70 -22.71
N LEU AA 120 -53.05 -64.70 -22.97
CA LEU AA 120 -53.45 -65.81 -23.83
C LEU AA 120 -54.59 -66.61 -23.19
N ALA AA 121 -54.50 -66.83 -21.87
CA ALA AA 121 -55.57 -67.52 -21.17
C ALA AA 121 -56.87 -66.73 -21.25
N ASP AA 122 -56.78 -65.40 -21.18
CA ASP AA 122 -57.99 -64.59 -21.32
C ASP AA 122 -58.54 -64.67 -22.72
N ILE AA 123 -57.68 -64.70 -23.74
CA ILE AA 123 -58.14 -64.87 -25.11
C ILE AA 123 -58.90 -66.18 -25.24
N ASP AA 124 -58.34 -67.25 -24.69
CA ASP AA 124 -59.01 -68.54 -24.75
C ASP AA 124 -60.32 -68.52 -23.96
N ARG AA 125 -60.36 -67.80 -22.84
CA ARG AA 125 -61.59 -67.67 -22.08
C ARG AA 125 -62.66 -66.96 -22.89
N ILE AA 126 -62.28 -65.87 -23.56
CA ILE AA 126 -63.22 -65.17 -24.43
C ILE AA 126 -63.70 -66.11 -25.53
N SER AA 127 -62.81 -66.94 -26.04
CA SER AA 127 -63.18 -67.90 -27.08
C SER AA 127 -64.23 -68.87 -26.56
N GLU AA 128 -64.03 -69.43 -25.38
CA GLU AA 128 -64.87 -70.51 -24.90
C GLU AA 128 -66.09 -70.02 -24.12
N GLN AA 129 -66.19 -68.72 -23.83
CA GLN AA 129 -67.26 -68.23 -22.97
C GLN AA 129 -68.12 -67.14 -23.60
N THR AA 130 -67.76 -66.62 -24.76
CA THR AA 130 -68.62 -65.65 -25.42
C THR AA 130 -69.89 -66.36 -25.87
N ASP AA 131 -70.98 -66.13 -25.15
CA ASP AA 131 -72.23 -66.85 -25.38
C ASP AA 131 -73.30 -65.92 -25.90
N PHE AA 132 -74.14 -66.44 -26.78
CA PHE AA 132 -75.30 -65.71 -27.29
C PHE AA 132 -76.38 -66.75 -27.54
N ASN AA 133 -77.47 -66.68 -26.77
CA ASN AA 133 -78.56 -67.65 -26.87
C ASN AA 133 -78.03 -69.08 -26.75
N GLY AA 134 -77.12 -69.29 -25.81
CA GLY AA 134 -76.54 -70.60 -25.62
C GLY AA 134 -75.73 -71.10 -26.79
N VAL AA 135 -75.04 -70.22 -27.50
CA VAL AA 135 -74.20 -70.58 -28.63
C VAL AA 135 -72.81 -70.04 -28.38
N LYS AA 136 -71.81 -70.92 -28.39
CA LYS AA 136 -70.43 -70.50 -28.24
C LYS AA 136 -69.96 -69.85 -29.53
N VAL AA 137 -70.39 -68.61 -29.75
CA VAL AA 137 -70.27 -68.01 -31.08
C VAL AA 137 -68.80 -67.85 -31.48
N LEU AA 138 -67.98 -67.33 -30.60
CA LEU AA 138 -66.57 -67.10 -30.92
C LEU AA 138 -65.70 -68.25 -30.41
N SER AA 139 -66.07 -69.49 -30.74
CA SER AA 139 -65.36 -70.66 -30.26
C SER AA 139 -64.89 -71.49 -31.44
N ASP AA 140 -64.19 -72.58 -31.14
CA ASP AA 140 -63.70 -73.48 -32.17
C ASP AA 140 -64.78 -74.40 -32.73
N SER AA 141 -65.96 -74.45 -32.10
CA SER AA 141 -67.09 -75.22 -32.60
C SER AA 141 -68.27 -74.25 -32.73
N ALA AA 142 -68.33 -73.55 -33.88
CA ALA AA 142 -69.42 -72.63 -34.14
C ALA AA 142 -69.62 -72.58 -35.65
N LYS AA 143 -70.55 -73.40 -36.14
CA LYS AA 143 -70.85 -73.39 -37.56
C LYS AA 143 -71.56 -72.09 -37.94
N PRO AA 144 -71.40 -71.63 -39.18
CA PRO AA 144 -72.10 -70.42 -39.61
C PRO AA 144 -73.61 -70.59 -39.54
N LEU AA 145 -74.29 -69.51 -39.18
CA LEU AA 145 -75.74 -69.54 -39.05
C LEU AA 145 -76.41 -69.22 -40.39
N THR AA 146 -77.74 -69.18 -40.38
CA THR AA 146 -78.52 -68.94 -41.59
C THR AA 146 -79.16 -67.56 -41.63
N LEU AA 147 -79.88 -67.18 -40.58
CA LEU AA 147 -80.61 -65.91 -40.53
C LEU AA 147 -81.59 -65.81 -41.70
N GLN AA 148 -82.60 -66.69 -41.68
CA GLN AA 148 -83.60 -66.72 -42.74
C GLN AA 148 -84.31 -65.37 -42.83
N VAL AA 149 -84.10 -64.67 -43.93
CA VAL AA 149 -84.67 -63.35 -44.16
C VAL AA 149 -85.61 -63.44 -45.37
N GLY AA 150 -86.85 -63.07 -45.16
CA GLY AA 150 -87.87 -63.11 -46.19
C GLY AA 150 -88.67 -64.40 -46.16
N ALA AA 151 -89.94 -64.29 -46.55
CA ALA AA 151 -90.77 -65.47 -46.70
C ALA AA 151 -90.31 -66.28 -47.92
N ASN AA 152 -91.03 -67.35 -48.21
CA ASN AA 152 -90.71 -68.23 -49.33
C ASN AA 152 -89.28 -68.77 -49.18
N ASP AA 153 -89.12 -69.59 -48.14
CA ASP AA 153 -87.81 -70.04 -47.69
C ASP AA 153 -86.94 -70.53 -48.84
N GLY AA 154 -85.63 -70.38 -48.66
CA GLY AA 154 -84.67 -70.73 -49.69
C GLY AA 154 -83.52 -69.74 -49.73
N GLU AA 155 -83.65 -68.63 -49.01
CA GLU AA 155 -82.64 -67.59 -48.96
C GLU AA 155 -82.24 -67.34 -47.51
N THR AA 156 -80.94 -67.23 -47.26
CA THR AA 156 -80.40 -67.02 -45.93
C THR AA 156 -79.25 -66.03 -46.02
N ILE AA 157 -78.63 -65.76 -44.87
CA ILE AA 157 -77.47 -64.88 -44.78
C ILE AA 157 -76.43 -65.60 -43.92
N THR AA 158 -75.50 -66.29 -44.56
CA THR AA 158 -74.47 -67.01 -43.82
C THR AA 158 -73.54 -66.03 -43.10
N LEU AA 159 -73.29 -66.29 -41.82
CA LEU AA 159 -72.43 -65.42 -41.01
C LEU AA 159 -70.95 -65.77 -41.15
N ASN AA 160 -70.62 -67.06 -41.11
CA ASN AA 160 -69.23 -67.53 -41.24
C ASN AA 160 -68.35 -66.93 -40.14
N LEU AA 161 -68.65 -67.32 -38.91
CA LEU AA 161 -67.87 -66.90 -37.75
C LEU AA 161 -67.47 -68.15 -36.97
N SER AA 162 -66.18 -68.28 -36.67
CA SER AA 162 -65.68 -69.41 -35.89
C SER AA 162 -64.19 -69.28 -35.67
N GLU AA 163 -63.70 -69.99 -34.65
CA GLU AA 163 -62.28 -70.23 -34.38
C GLU AA 163 -61.48 -68.93 -34.25
N ILE AA 164 -61.78 -68.19 -33.19
CA ILE AA 164 -60.87 -67.17 -32.66
C ILE AA 164 -60.47 -67.62 -31.26
N SER AA 165 -59.20 -67.93 -31.08
CA SER AA 165 -58.65 -68.44 -29.82
C SER AA 165 -57.15 -68.61 -30.01
N VAL AA 166 -56.47 -68.96 -28.92
CA VAL AA 166 -55.13 -69.49 -29.07
C VAL AA 166 -55.22 -70.80 -29.85
N LYS AA 167 -54.11 -71.17 -30.49
CA LYS AA 167 -54.00 -72.37 -31.30
C LYS AA 167 -54.73 -72.21 -32.64
N THR AA 168 -55.43 -71.09 -32.82
CA THR AA 168 -56.01 -70.78 -34.12
C THR AA 168 -55.70 -69.37 -34.61
N LEU AA 169 -55.36 -68.43 -33.73
CA LEU AA 169 -54.67 -67.23 -34.15
C LEU AA 169 -53.23 -67.51 -34.53
N GLY AA 170 -52.74 -68.72 -34.27
CA GLY AA 170 -51.44 -69.15 -34.73
C GLY AA 170 -50.36 -69.13 -33.67
N LEU AA 171 -50.57 -68.42 -32.56
CA LEU AA 171 -49.54 -68.33 -31.54
C LEU AA 171 -49.28 -69.71 -30.94
N ASP AA 172 -50.22 -70.20 -30.14
CA ASP AA 172 -50.30 -71.59 -29.68
C ASP AA 172 -49.11 -72.01 -28.82
N GLY AA 173 -48.04 -71.23 -28.85
CA GLY AA 173 -46.86 -71.52 -28.07
C GLY AA 173 -46.12 -70.26 -27.69
N PHE AA 174 -46.77 -69.11 -27.85
CA PHE AA 174 -46.09 -67.83 -27.82
C PHE AA 174 -45.23 -67.69 -26.57
N ASN AA 175 -43.96 -67.38 -26.78
CA ASN AA 175 -42.98 -67.52 -25.71
C ASN AA 175 -41.81 -66.58 -25.96
N VAL AA 176 -41.31 -66.00 -24.87
CA VAL AA 176 -40.13 -65.15 -24.93
C VAL AA 176 -38.96 -65.72 -24.12
N ASN AA 177 -39.21 -66.64 -23.19
CA ASN AA 177 -38.20 -67.21 -22.30
C ASN AA 177 -38.24 -68.74 -22.42
N GLY AA 178 -37.59 -69.41 -21.46
CA GLY AA 178 -37.56 -70.86 -21.48
C GLY AA 178 -38.94 -71.49 -21.41
N LYS AA 179 -39.82 -70.97 -20.55
CA LYS AA 179 -41.12 -71.58 -20.34
C LYS AA 179 -42.07 -71.29 -21.52
N GLY AA 180 -42.00 -72.15 -22.53
CA GLY AA 180 -42.81 -71.96 -23.72
C GLY AA 180 -43.44 -73.22 -24.28
N VAL AA 181 -43.83 -74.15 -23.40
CA VAL AA 181 -44.27 -75.48 -23.80
C VAL AA 181 -45.28 -75.43 -24.94
N THR AA 182 -44.98 -76.13 -26.03
CA THR AA 182 -45.80 -76.16 -27.23
C THR AA 182 -46.55 -77.49 -27.30
N GLN AA 183 -47.21 -77.72 -28.43
CA GLN AA 183 -48.02 -78.91 -28.63
C GLN AA 183 -47.43 -79.78 -29.74
N ASN AA 184 -47.40 -81.09 -29.49
CA ASN AA 184 -46.91 -82.04 -30.48
C ASN AA 184 -48.08 -82.55 -31.33
N ARG AA 185 -47.79 -83.50 -32.21
CA ARG AA 185 -48.77 -84.07 -33.12
C ARG AA 185 -48.85 -85.58 -32.95
N SER AA 186 -50.04 -86.12 -33.17
CA SER AA 186 -50.22 -87.57 -33.08
C SER AA 186 -49.38 -88.27 -34.15
N ALA AA 187 -48.68 -89.32 -33.73
CA ALA AA 187 -47.83 -90.06 -34.65
C ALA AA 187 -48.68 -90.84 -35.64
N THR AA 188 -48.30 -90.76 -36.91
CA THR AA 188 -48.99 -91.47 -37.98
C THR AA 188 -48.24 -92.74 -38.33
N VAL AA 189 -48.95 -93.66 -39.00
CA VAL AA 189 -48.36 -94.94 -39.37
C VAL AA 189 -47.15 -94.75 -40.27
N THR AA 190 -47.19 -93.75 -41.16
CA THR AA 190 -46.04 -93.46 -41.99
C THR AA 190 -44.84 -93.07 -41.13
N ASP AA 191 -45.05 -92.26 -40.10
CA ASP AA 191 -43.96 -91.91 -39.20
C ASP AA 191 -43.40 -93.13 -38.50
N VAL AA 192 -44.27 -94.03 -38.04
CA VAL AA 192 -43.80 -95.24 -37.35
C VAL AA 192 -42.95 -96.07 -38.30
N ILE AA 193 -43.35 -96.16 -39.57
CA ILE AA 193 -42.53 -96.84 -40.56
C ILE AA 193 -41.21 -96.11 -40.77
N ALA AA 194 -41.22 -94.78 -40.69
CA ALA AA 194 -40.04 -94.01 -41.06
C ALA AA 194 -38.83 -94.35 -40.21
N GLN AA 195 -39.00 -94.42 -38.89
CA GLN AA 195 -37.87 -94.76 -38.01
C GLN AA 195 -37.80 -96.28 -37.82
N GLY AA 196 -37.53 -96.98 -38.92
CA GLY AA 196 -37.28 -98.41 -38.88
C GLY AA 196 -38.44 -99.22 -38.38
N GLY AA 197 -39.65 -98.90 -38.83
CA GLY AA 197 -40.82 -99.66 -38.43
C GLY AA 197 -40.75 -101.10 -38.92
N THR AA 198 -41.03 -102.03 -38.02
CA THR AA 198 -41.05 -103.46 -38.34
C THR AA 198 -42.44 -104.01 -38.02
N LEU AA 199 -43.10 -104.54 -39.04
CA LEU AA 199 -44.45 -105.05 -38.87
C LEU AA 199 -44.44 -106.35 -38.08
N GLN AA 200 -45.45 -106.51 -37.21
CA GLN AA 200 -45.59 -107.71 -36.40
C GLN AA 200 -46.99 -108.30 -36.40
N GLY AA 201 -47.99 -107.60 -36.92
CA GLY AA 201 -49.35 -108.08 -36.90
C GLY AA 201 -50.34 -107.09 -37.48
N ASP AA 202 -51.45 -106.86 -36.78
CA ASP AA 202 -52.46 -105.91 -37.22
C ASP AA 202 -51.98 -104.50 -36.90
N GLY AA 203 -51.13 -103.97 -37.77
CA GLY AA 203 -50.59 -102.65 -37.59
C GLY AA 203 -49.72 -102.50 -36.37
N THR AA 204 -49.11 -103.58 -35.90
CA THR AA 204 -48.27 -103.56 -34.71
C THR AA 204 -46.82 -103.41 -35.15
N TYR AA 205 -46.21 -102.28 -34.77
CA TYR AA 205 -44.86 -101.94 -35.19
C TYR AA 205 -43.94 -101.81 -33.98
N LYS AA 206 -42.71 -102.28 -34.14
CA LYS AA 206 -41.70 -102.22 -33.08
C LYS AA 206 -40.52 -101.40 -33.60
N ALA AA 207 -40.39 -100.16 -33.11
CA ALA AA 207 -39.24 -99.34 -33.44
C ALA AA 207 -38.01 -99.82 -32.68
N THR AA 208 -36.86 -99.76 -33.34
CA THR AA 208 -35.61 -100.24 -32.76
C THR AA 208 -34.62 -99.09 -32.62
N THR AA 209 -33.76 -99.20 -31.62
CA THR AA 209 -32.69 -98.23 -31.41
C THR AA 209 -31.56 -98.94 -30.69
N THR AA 210 -30.53 -99.36 -31.44
CA THR AA 210 -29.40 -100.02 -30.82
C THR AA 210 -28.60 -99.05 -29.96
N PHE AA 211 -28.04 -99.57 -28.87
CA PHE AA 211 -27.31 -98.74 -27.91
C PHE AA 211 -25.89 -99.21 -27.68
N ASN AA 212 -25.36 -100.11 -28.51
CA ASN AA 212 -24.04 -100.67 -28.25
C ASN AA 212 -22.99 -99.56 -28.30
N ALA AA 213 -22.49 -99.18 -27.13
CA ALA AA 213 -21.66 -97.99 -27.00
C ALA AA 213 -20.86 -98.14 -25.71
N ALA AA 214 -20.33 -97.02 -25.20
CA ALA AA 214 -19.45 -96.98 -24.05
C ALA AA 214 -18.11 -97.64 -24.38
N SER AA 215 -17.46 -97.14 -25.43
CA SER AA 215 -16.14 -97.60 -25.80
C SER AA 215 -15.12 -97.17 -24.74
N ALA AA 216 -13.85 -97.50 -24.98
CA ALA AA 216 -12.81 -97.22 -24.01
C ALA AA 216 -12.67 -95.73 -23.75
N GLU AA 217 -12.78 -94.92 -24.80
CA GLU AA 217 -12.63 -93.47 -24.64
C GLU AA 217 -13.70 -92.91 -23.72
N THR AA 218 -14.96 -93.30 -23.93
CA THR AA 218 -16.05 -92.72 -23.16
C THR AA 218 -16.03 -93.18 -21.71
N VAL AA 219 -15.53 -94.39 -21.45
CA VAL AA 219 -15.47 -94.83 -20.06
C VAL AA 219 -14.24 -94.27 -19.36
N LEU AA 220 -13.14 -94.04 -20.10
CA LEU AA 220 -12.00 -93.35 -19.53
C LEU AA 220 -12.27 -91.88 -19.28
N SER AA 221 -13.23 -91.30 -20.01
CA SER AA 221 -13.56 -89.89 -19.82
C SER AA 221 -14.11 -89.61 -18.43
N LYS AA 222 -14.68 -90.60 -17.75
CA LYS AA 222 -15.26 -90.37 -16.42
C LYS AA 222 -14.62 -91.30 -15.40
N LEU AA 223 -13.29 -91.40 -15.42
CA LEU AA 223 -12.55 -92.32 -14.56
C LEU AA 223 -11.86 -91.55 -13.44
N GLU AA 224 -11.99 -92.06 -12.22
CA GLU AA 224 -11.29 -91.50 -11.07
C GLU AA 224 -10.73 -92.57 -10.15
N ASP AA 225 -10.84 -93.84 -10.52
CA ASP AA 225 -10.34 -94.92 -9.66
C ASP AA 225 -9.45 -95.88 -10.45
N GLY AA 226 -9.10 -97.00 -9.85
CA GLY AA 226 -8.19 -97.94 -10.48
C GLY AA 226 -8.88 -98.88 -11.46
N ASN AA 227 -8.15 -99.21 -12.52
CA ASN AA 227 -8.59 -100.18 -13.51
C ASN AA 227 -7.60 -101.34 -13.55
N THR AA 228 -7.78 -102.24 -14.51
CA THR AA 228 -6.90 -103.39 -14.63
C THR AA 228 -6.86 -103.86 -16.08
N VAL AA 229 -5.74 -104.48 -16.45
CA VAL AA 229 -5.54 -105.03 -17.79
C VAL AA 229 -5.00 -106.45 -17.64
N ALA AA 230 -5.70 -107.41 -18.26
CA ALA AA 230 -5.29 -108.80 -18.20
C ALA AA 230 -5.36 -109.40 -19.59
N VAL AA 231 -4.26 -110.00 -20.04
CA VAL AA 231 -4.18 -110.60 -21.38
C VAL AA 231 -4.62 -112.05 -21.21
N GLY AA 232 -5.93 -112.27 -21.30
CA GLY AA 232 -6.46 -113.61 -21.12
C GLY AA 232 -6.14 -114.16 -19.75
N GLY AA 233 -5.63 -115.38 -19.72
CA GLY AA 233 -5.25 -116.06 -18.50
C GLY AA 233 -3.82 -115.84 -18.06
N GLY AA 234 -3.11 -114.90 -18.68
CA GLY AA 234 -1.73 -114.60 -18.35
C GLY AA 234 -1.61 -113.58 -17.24
N ALA AA 235 -0.51 -112.83 -17.26
CA ALA AA 235 -0.26 -111.83 -16.25
C ALA AA 235 -1.28 -110.69 -16.34
N THR AA 236 -1.48 -110.00 -15.23
CA THR AA 236 -2.45 -108.93 -15.12
C THR AA 236 -1.79 -107.68 -14.57
N TYR AA 237 -2.19 -106.52 -15.11
CA TYR AA 237 -1.67 -105.23 -14.69
C TYR AA 237 -2.81 -104.32 -14.28
N THR AA 238 -2.62 -103.59 -13.19
CA THR AA 238 -3.61 -102.64 -12.69
C THR AA 238 -3.01 -101.24 -12.65
N TYR AA 239 -3.85 -100.26 -12.93
CA TYR AA 239 -3.43 -98.86 -12.99
C TYR AA 239 -4.38 -98.01 -12.16
N ASP AA 240 -3.85 -96.94 -11.58
CA ASP AA 240 -4.63 -96.05 -10.73
C ASP AA 240 -4.47 -94.62 -11.22
N ALA AA 241 -5.59 -93.93 -11.39
CA ALA AA 241 -5.61 -92.55 -11.89
C ALA AA 241 -5.61 -91.61 -10.70
N ALA AA 242 -4.43 -91.06 -10.37
CA ALA AA 242 -4.33 -90.09 -9.28
C ALA AA 242 -5.11 -88.82 -9.60
N LYS AA 243 -4.68 -88.10 -10.64
CA LYS AA 243 -5.35 -86.88 -11.09
C LYS AA 243 -5.87 -87.04 -12.52
N GLY AA 244 -6.11 -88.28 -12.95
CA GLY AA 244 -6.27 -88.59 -14.34
C GLY AA 244 -5.01 -89.10 -15.00
N ASN AA 245 -3.85 -88.93 -14.36
CA ASN AA 245 -2.60 -89.53 -14.79
C ASN AA 245 -2.40 -90.84 -14.02
N PHE AA 246 -2.12 -91.91 -14.76
CA PHE AA 246 -2.14 -93.25 -14.17
C PHE AA 246 -0.82 -93.57 -13.48
N THR AA 247 -0.91 -94.21 -12.32
CA THR AA 247 0.25 -94.68 -11.58
C THR AA 247 0.14 -96.19 -11.42
N TYR AA 248 1.22 -96.90 -11.71
CA TYR AA 248 1.23 -98.35 -11.61
C TYR AA 248 2.68 -98.83 -11.52
N THR AA 249 2.84 -100.15 -11.48
CA THR AA 249 4.14 -100.76 -11.25
C THR AA 249 4.55 -101.59 -12.46
N LYS AA 250 5.85 -101.58 -12.74
CA LYS AA 250 6.45 -102.44 -13.76
C LYS AA 250 7.62 -103.18 -13.15
N THR AA 251 7.65 -104.49 -13.32
CA THR AA 251 8.78 -105.27 -12.85
C THR AA 251 9.96 -105.14 -13.81
N VAL AA 252 11.15 -105.08 -13.24
CA VAL AA 252 12.39 -105.02 -14.01
C VAL AA 252 13.24 -106.21 -13.59
N ASP AA 253 13.55 -107.09 -14.53
CA ASP AA 253 14.29 -108.30 -14.24
C ASP AA 253 14.85 -108.86 -15.55
N THR AA 254 15.39 -110.07 -15.49
CA THR AA 254 16.00 -110.73 -16.63
C THR AA 254 15.60 -112.21 -16.60
N THR AA 255 16.32 -113.02 -17.37
CA THR AA 255 16.02 -114.45 -17.47
C THR AA 255 17.12 -115.35 -16.95
N VAL AA 256 18.31 -114.82 -16.63
CA VAL AA 256 19.46 -115.63 -16.23
C VAL AA 256 19.65 -115.47 -14.74
N GLY AA 257 19.54 -116.59 -14.00
CA GLY AA 257 19.78 -116.55 -12.57
C GLY AA 257 21.23 -116.27 -12.22
N ALA AA 258 22.15 -116.75 -13.05
CA ALA AA 258 23.57 -116.59 -12.76
C ALA AA 258 24.14 -115.26 -13.24
N ASP AA 259 23.41 -114.51 -14.05
CA ASP AA 259 23.91 -113.24 -14.59
C ASP AA 259 22.74 -112.29 -14.75
N VAL AA 260 22.71 -111.24 -13.93
CA VAL AA 260 21.69 -110.20 -14.04
C VAL AA 260 22.37 -108.87 -14.29
N THR AA 261 23.51 -108.89 -14.98
CA THR AA 261 24.15 -107.64 -15.38
C THR AA 261 23.21 -106.81 -16.24
N ALA AA 262 22.38 -107.47 -17.06
CA ALA AA 262 21.37 -106.77 -17.82
C ALA AA 262 20.32 -106.13 -16.91
N LEU AA 263 20.03 -106.75 -15.76
CA LEU AA 263 19.11 -106.14 -14.81
C LEU AA 263 19.66 -104.82 -14.27
N ALA AA 264 20.94 -104.81 -13.91
CA ALA AA 264 21.57 -103.57 -13.46
C ALA AA 264 21.63 -102.54 -14.58
N ASN AA 265 21.93 -102.98 -15.80
CA ASN AA 265 21.97 -102.09 -16.95
C ASN AA 265 20.58 -101.65 -17.40
N LYS AA 266 19.54 -102.25 -16.85
CA LYS AA 266 18.16 -101.78 -17.00
C LYS AA 266 17.79 -100.75 -15.95
N ILE AA 267 18.16 -101.01 -14.69
CA ILE AA 267 17.84 -100.07 -13.62
C ILE AA 267 18.63 -98.78 -13.77
N LYS AA 268 19.90 -98.88 -14.14
CA LYS AA 268 20.76 -97.70 -14.18
C LYS AA 268 20.25 -96.59 -15.10
N PRO AA 269 19.85 -96.85 -16.35
CA PRO AA 269 19.31 -95.75 -17.17
C PRO AA 269 18.06 -95.12 -16.59
N SER AA 270 17.23 -95.90 -15.91
CA SER AA 270 16.04 -95.33 -15.27
C SER AA 270 16.43 -94.30 -14.20
N SER AA 271 17.49 -94.58 -13.45
CA SER AA 271 17.96 -93.63 -12.45
C SER AA 271 18.51 -92.37 -13.09
N GLY AA 272 19.08 -92.48 -14.28
CA GLY AA 272 19.67 -91.36 -14.98
C GLY AA 272 21.17 -91.50 -15.13
N THR AA 273 21.83 -90.36 -15.32
CA THR AA 273 23.27 -90.33 -15.50
C THR AA 273 23.97 -89.62 -14.34
N ILE AA 274 23.62 -88.37 -14.07
CA ILE AA 274 24.20 -87.61 -12.96
C ILE AA 274 23.07 -86.88 -12.24
N SER AA 275 22.99 -87.06 -10.93
CA SER AA 275 21.97 -86.39 -10.12
C SER AA 275 22.50 -86.26 -8.70
N GLY AA 276 21.68 -85.66 -7.84
CA GLY AA 276 22.11 -85.33 -6.50
C GLY AA 276 21.62 -86.28 -5.42
N SER AA 277 20.61 -85.85 -4.66
CA SER AA 277 20.17 -86.61 -3.49
C SER AA 277 19.49 -87.90 -3.91
N TYR AA 278 20.05 -89.02 -3.50
CA TYR AA 278 19.45 -90.34 -3.63
C TYR AA 278 19.15 -90.91 -2.25
N GLU AA 279 18.55 -92.09 -2.22
CA GLU AA 279 18.32 -92.83 -1.00
C GLU AA 279 18.65 -94.29 -1.24
N ILE AA 280 19.40 -94.90 -0.32
CA ILE AA 280 19.73 -96.31 -0.36
C ILE AA 280 19.16 -96.97 0.88
N SER AA 281 18.44 -98.08 0.69
CA SER AA 281 17.82 -98.81 1.79
C SER AA 281 18.38 -100.21 1.89
N THR AA 282 19.67 -100.36 1.63
CA THR AA 282 20.31 -101.68 1.72
C THR AA 282 20.27 -102.17 3.16
N GLY AA 283 20.26 -103.49 3.32
CA GLY AA 283 20.00 -104.06 4.62
C GLY AA 283 18.51 -104.01 4.92
N LYS AA 284 18.12 -103.32 5.99
CA LYS AA 284 16.70 -103.17 6.28
C LYS AA 284 16.31 -101.72 6.54
N SER AA 285 17.20 -100.94 7.17
CA SER AA 285 16.86 -99.59 7.59
C SER AA 285 18.01 -98.63 7.30
N ALA AA 286 18.57 -98.73 6.09
CA ALA AA 286 19.69 -97.85 5.73
C ALA AA 286 19.26 -96.39 5.69
N SER AA 287 18.37 -96.05 4.77
CA SER AA 287 17.81 -94.69 4.65
C SER AA 287 18.92 -93.65 4.43
N PHE AA 288 19.73 -93.89 3.41
CA PHE AA 288 20.79 -92.95 3.05
C PHE AA 288 20.21 -91.68 2.44
N ASP AA 289 21.05 -90.63 2.43
CA ASP AA 289 20.84 -89.43 1.63
C ASP AA 289 22.16 -89.17 0.91
N VAL AA 290 22.34 -89.82 -0.23
CA VAL AA 290 23.64 -89.87 -0.89
C VAL AA 290 23.61 -88.97 -2.13
N ASP AA 291 24.81 -88.66 -2.63
CA ASP AA 291 24.98 -87.87 -3.85
C ASP AA 291 25.93 -88.64 -4.75
N ALA AA 292 25.39 -89.30 -5.76
CA ALA AA 292 26.16 -90.16 -6.66
C ALA AA 292 26.35 -89.44 -7.99
N ALA AA 293 27.44 -88.69 -8.09
CA ALA AA 293 27.85 -88.08 -9.35
C ALA AA 293 28.78 -89.06 -10.07
N GLY AA 294 28.20 -90.18 -10.49
CA GLY AA 294 28.98 -91.30 -10.97
C GLY AA 294 29.32 -92.24 -9.83
N LYS AA 295 30.53 -92.10 -9.29
CA LYS AA 295 30.90 -92.86 -8.10
C LYS AA 295 30.04 -92.44 -6.92
N ILE AA 296 29.67 -93.41 -6.08
CA ILE AA 296 28.72 -93.17 -5.00
C ILE AA 296 29.42 -92.51 -3.82
N THR AA 297 28.86 -91.40 -3.34
CA THR AA 297 29.41 -90.66 -2.21
C THR AA 297 28.29 -90.24 -1.27
N ILE AA 298 28.68 -89.75 -0.10
CA ILE AA 298 27.76 -89.19 0.87
C ILE AA 298 28.06 -87.70 0.99
N GLY AA 299 27.10 -86.95 1.51
CA GLY AA 299 27.31 -85.53 1.71
C GLY AA 299 28.46 -85.27 2.67
N GLY AA 300 29.59 -84.82 2.13
CA GLY AA 300 30.75 -84.48 2.92
C GLY AA 300 31.85 -85.55 2.94
N ASN AA 301 31.56 -86.77 2.51
CA ASN AA 301 32.55 -87.85 2.59
C ASN AA 301 32.33 -88.81 1.42
N ALA AA 302 33.13 -89.87 1.39
CA ALA AA 302 33.04 -90.89 0.36
C ALA AA 302 32.04 -91.96 0.79
N ALA AA 303 31.92 -93.03 0.01
CA ALA AA 303 31.03 -94.13 0.37
C ALA AA 303 31.55 -95.41 -0.29
N PHE AA 304 32.23 -96.24 0.49
CA PHE AA 304 32.67 -97.55 0.03
C PHE AA 304 31.54 -98.56 0.26
N LEU AA 305 31.84 -99.84 0.08
CA LEU AA 305 30.80 -100.85 0.24
C LEU AA 305 31.43 -102.14 0.78
N ASN AA 306 30.85 -102.66 1.85
CA ASN AA 306 31.23 -103.96 2.39
C ASN AA 306 30.21 -105.01 1.96
N ALA AA 307 30.68 -106.19 1.59
CA ALA AA 307 29.88 -107.13 0.84
C ALA AA 307 30.03 -108.55 1.35
N ASP AA 308 29.16 -109.42 0.80
CA ASP AA 308 29.20 -110.87 0.88
C ASP AA 308 28.80 -111.44 2.23
N GLY AA 309 28.64 -110.59 3.24
CA GLY AA 309 27.93 -110.99 4.44
C GLY AA 309 26.56 -110.35 4.43
N GLU AA 310 26.57 -109.05 4.19
CA GLU AA 310 25.38 -108.23 3.97
C GLU AA 310 25.83 -106.94 3.31
N LEU AA 311 25.41 -106.71 2.08
CA LEU AA 311 26.00 -105.66 1.25
C LEU AA 311 25.47 -104.31 1.70
N THR AA 312 26.27 -103.61 2.50
CA THR AA 312 25.91 -102.30 3.05
C THR AA 312 26.91 -101.25 2.60
N THR AA 313 26.49 -99.99 2.68
CA THR AA 313 27.29 -98.86 2.20
C THR AA 313 27.83 -98.08 3.40
N ASN AA 314 29.13 -97.78 3.35
CA ASN AA 314 29.77 -96.95 4.36
C ASN AA 314 31.07 -96.37 3.79
N ASP AA 315 31.50 -95.26 4.36
CA ASP AA 315 32.82 -94.73 4.01
C ASP AA 315 33.93 -95.35 4.85
N ALA AA 316 33.60 -96.14 5.87
CA ALA AA 316 34.58 -96.83 6.69
C ALA AA 316 35.03 -98.08 5.93
N SER AA 317 36.01 -97.89 5.06
CA SER AA 317 36.46 -98.98 4.21
C SER AA 317 37.19 -100.04 5.03
N GLY AA 318 36.93 -101.30 4.68
CA GLY AA 318 37.63 -102.42 5.25
C GLY AA 318 38.70 -102.96 4.32
N ALA AA 319 39.04 -104.24 4.50
CA ALA AA 319 40.03 -104.88 3.65
C ALA AA 319 39.47 -105.27 2.30
N LEU AA 320 38.16 -105.51 2.21
CA LEU AA 320 37.51 -106.04 1.01
C LEU AA 320 36.36 -105.15 0.58
N THR AA 321 36.61 -103.85 0.48
CA THR AA 321 35.58 -102.87 0.17
C THR AA 321 35.87 -102.16 -1.14
N GLN AA 322 34.80 -101.79 -1.85
CA GLN AA 322 34.87 -101.07 -3.11
C GLN AA 322 33.84 -99.95 -3.08
N ALA AA 323 34.01 -98.98 -3.97
CA ALA AA 323 33.15 -97.79 -3.99
C ALA AA 323 32.80 -97.45 -5.42
N THR AA 324 31.54 -97.69 -5.80
CA THR AA 324 31.02 -97.27 -7.10
C THR AA 324 29.51 -97.46 -7.10
N LEU AA 325 28.84 -96.80 -8.05
CA LEU AA 325 27.39 -96.92 -8.17
C LEU AA 325 26.99 -98.33 -8.62
N ASP AA 326 27.80 -98.96 -9.46
CA ASP AA 326 27.45 -100.28 -9.97
C ASP AA 326 27.37 -101.31 -8.85
N ASP AA 327 28.31 -101.26 -7.91
CA ASP AA 327 28.26 -102.19 -6.79
C ASP AA 327 27.03 -101.95 -5.91
N VAL AA 328 26.69 -100.69 -5.68
CA VAL AA 328 25.51 -100.37 -4.88
C VAL AA 328 24.25 -100.87 -5.57
N LEU AA 329 24.15 -100.65 -6.88
CA LEU AA 329 22.99 -101.12 -7.63
C LEU AA 329 22.91 -102.64 -7.64
N THR AA 330 24.05 -103.30 -7.74
CA THR AA 330 24.07 -104.76 -7.63
C THR AA 330 23.59 -105.20 -6.26
N SER AA 331 24.04 -104.51 -5.20
CA SER AA 331 23.57 -104.80 -3.85
C SER AA 331 22.05 -104.68 -3.76
N VAL AA 332 21.50 -103.60 -4.31
CA VAL AA 332 20.06 -103.39 -4.23
C VAL AA 332 19.32 -104.45 -5.03
N GLY AA 333 19.82 -104.79 -6.22
CA GLY AA 333 19.10 -105.65 -7.12
C GLY AA 333 19.44 -107.13 -7.06
N THR AA 334 20.67 -107.47 -6.67
CA THR AA 334 21.14 -108.85 -6.71
C THR AA 334 21.29 -109.45 -5.33
N GLU AA 335 22.07 -108.84 -4.46
CA GLU AA 335 22.39 -109.40 -3.15
C GLU AA 335 21.64 -108.68 -2.03
N ALA AA 336 20.48 -108.11 -2.34
CA ALA AA 336 19.68 -107.44 -1.31
C ALA AA 336 19.22 -108.44 -0.26
N ASN AA 337 18.73 -109.60 -0.69
CA ASN AA 337 18.23 -110.66 0.19
C ASN AA 337 17.15 -110.15 1.15
N SER AA 338 16.52 -109.03 0.82
CA SER AA 338 15.50 -108.43 1.68
C SER AA 338 14.83 -107.31 0.88
N SER AA 339 13.90 -106.63 1.53
CA SER AA 339 13.19 -105.50 0.93
C SER AA 339 14.12 -104.31 0.88
N VAL AA 340 14.85 -104.18 -0.22
CA VAL AA 340 15.82 -103.11 -0.42
C VAL AA 340 15.38 -102.30 -1.64
N THR AA 341 15.35 -100.98 -1.49
CA THR AA 341 14.90 -100.09 -2.55
C THR AA 341 15.80 -98.87 -2.59
N ILE AA 342 15.70 -98.14 -3.71
CA ILE AA 342 16.40 -96.88 -3.89
C ILE AA 342 15.36 -95.78 -4.05
N GLY AA 343 15.42 -94.79 -3.17
CA GLY AA 343 14.47 -93.69 -3.17
C GLY AA 343 14.88 -92.49 -3.99
N GLY AA 344 15.96 -92.60 -4.76
CA GLY AA 344 16.42 -91.46 -5.54
C GLY AA 344 15.51 -91.13 -6.69
N THR AA 345 15.45 -89.84 -7.02
CA THR AA 345 14.64 -89.32 -8.13
C THR AA 345 13.17 -89.70 -7.99
N LYS AA 346 12.68 -89.72 -6.74
CA LYS AA 346 11.28 -89.97 -6.44
C LYS AA 346 10.79 -91.30 -7.02
N TYR AA 347 11.67 -92.30 -7.03
CA TYR AA 347 11.35 -93.65 -7.42
C TYR AA 347 11.58 -94.59 -6.25
N SER AA 348 11.19 -95.85 -6.43
CA SER AA 348 11.44 -96.87 -5.41
C SER AA 348 11.65 -98.20 -6.13
N HIS AA 349 12.91 -98.53 -6.40
CA HIS AA 349 13.26 -99.77 -7.08
C HIS AA 349 13.42 -100.88 -6.04
N SER AA 350 12.28 -101.28 -5.48
CA SER AA 350 12.28 -102.28 -4.43
C SER AA 350 12.70 -103.64 -4.97
N ALA AA 351 13.52 -104.35 -4.20
CA ALA AA 351 13.95 -105.70 -4.55
C ALA AA 351 12.87 -106.68 -4.11
N ALA AA 352 11.89 -106.87 -4.98
CA ALA AA 352 10.82 -107.82 -4.69
C ALA AA 352 11.37 -109.24 -4.54
N ASP AA 353 12.31 -109.62 -5.41
CA ASP AA 353 13.00 -110.89 -5.31
C ASP AA 353 14.49 -110.66 -5.49
N GLU AA 354 15.29 -111.26 -4.63
CA GLU AA 354 16.74 -111.15 -4.72
C GLU AA 354 17.29 -112.26 -5.63
N LEU AA 355 18.59 -112.18 -5.89
CA LEU AA 355 19.27 -113.16 -6.73
C LEU AA 355 20.08 -114.09 -5.84
N SER AA 356 19.67 -115.36 -5.78
CA SER AA 356 20.43 -116.40 -5.12
C SER AA 356 21.42 -117.08 -6.08
N TYR AA 357 21.72 -116.43 -7.20
CA TYR AA 357 22.57 -116.91 -8.30
C TYR AA 357 21.94 -118.08 -9.05
N THR AA 358 20.76 -118.53 -8.65
CA THR AA 358 19.98 -119.51 -9.39
C THR AA 358 18.63 -118.96 -9.82
N ALA AA 359 17.89 -118.36 -8.90
CA ALA AA 359 16.61 -117.74 -9.21
C ALA AA 359 16.80 -116.28 -9.55
N VAL AA 360 16.15 -115.85 -10.64
CA VAL AA 360 16.33 -114.49 -11.15
C VAL AA 360 15.78 -113.48 -10.14
N ALA AA 361 16.46 -112.35 -10.01
CA ALA AA 361 16.06 -111.32 -9.06
C ALA AA 361 15.04 -110.38 -9.70
N THR AA 362 14.29 -109.69 -8.83
CA THR AA 362 13.25 -108.76 -9.25
C THR AA 362 13.48 -107.41 -8.59
N THR AA 363 13.42 -106.35 -9.38
CA THR AA 363 13.61 -104.97 -8.92
C THR AA 363 12.44 -104.11 -9.34
N ALA AA 364 11.23 -104.59 -9.07
CA ALA AA 364 10.02 -103.90 -9.52
C ALA AA 364 9.94 -102.50 -8.91
N ASP AA 365 9.42 -101.56 -9.69
CA ASP AA 365 9.28 -100.17 -9.28
C ASP AA 365 7.93 -99.66 -9.73
N VAL AA 366 7.48 -98.58 -9.09
CA VAL AA 366 6.27 -97.89 -9.53
C VAL AA 366 6.68 -97.01 -10.70
N LEU AA 367 6.63 -97.57 -11.91
CA LEU AA 367 7.12 -96.83 -13.07
C LEU AA 367 6.17 -95.72 -13.47
N SER AA 368 4.87 -96.00 -13.53
CA SER AA 368 3.88 -95.05 -14.03
C SER AA 368 4.25 -94.53 -15.42
N ALA AA 369 5.01 -95.34 -16.17
CA ALA AA 369 5.48 -94.91 -17.48
C ALA AA 369 4.34 -94.70 -18.47
N MET AA 370 3.19 -95.33 -18.23
CA MET AA 370 1.99 -95.11 -19.03
C MET AA 370 1.04 -94.15 -18.33
N GLY AA 371 1.60 -93.17 -17.65
CA GLY AA 371 0.79 -92.26 -16.85
C GLY AA 371 -0.22 -91.49 -17.67
N SER AA 372 0.12 -91.18 -18.93
CA SER AA 372 -0.81 -90.47 -19.78
C SER AA 372 -2.08 -91.28 -19.97
N SER AA 373 -3.22 -90.62 -19.77
CA SER AA 373 -4.50 -91.29 -19.99
C SER AA 373 -4.64 -91.73 -21.44
N THR AA 374 -4.08 -90.96 -22.37
CA THR AA 374 -4.09 -91.37 -23.77
C THR AA 374 -3.20 -92.60 -23.98
N ALA AA 375 -2.12 -92.73 -23.22
CA ALA AA 375 -1.30 -93.94 -23.32
C ALA AA 375 -2.08 -95.17 -22.89
N VAL AA 376 -2.84 -95.06 -21.80
CA VAL AA 376 -3.66 -96.19 -21.37
C VAL AA 376 -4.76 -96.46 -22.39
N SER AA 377 -5.31 -95.40 -23.00
CA SER AA 377 -6.29 -95.59 -24.06
C SER AA 377 -5.67 -96.34 -25.24
N THR AA 378 -4.42 -96.01 -25.59
CA THR AA 378 -3.74 -96.70 -26.67
C THR AA 378 -3.54 -98.17 -26.34
N VAL AA 379 -3.08 -98.46 -25.13
CA VAL AA 379 -2.76 -99.85 -24.80
C VAL AA 379 -4.04 -100.67 -24.68
N THR AA 380 -5.14 -100.08 -24.19
CA THR AA 380 -6.39 -100.83 -24.12
C THR AA 380 -7.10 -100.89 -25.48
N LEU AA 381 -6.74 -100.02 -26.41
CA LEU AA 381 -7.28 -100.08 -27.76
C LEU AA 381 -6.44 -100.94 -28.69
N GLY AA 382 -5.14 -101.03 -28.44
CA GLY AA 382 -4.26 -101.85 -29.26
C GLY AA 382 -3.83 -103.14 -28.59
N SER AA 383 -4.55 -103.54 -27.55
CA SER AA 383 -4.21 -104.74 -26.81
C SER AA 383 -4.51 -105.98 -27.65
N GLY AA 384 -3.89 -107.10 -27.25
CA GLY AA 384 -4.12 -108.37 -27.93
C GLY AA 384 -5.42 -109.01 -27.51
N ILE AA 385 -5.41 -110.32 -27.29
CA ILE AA 385 -6.60 -111.01 -26.80
C ILE AA 385 -6.63 -110.88 -25.29
N THR AA 386 -7.21 -109.77 -24.81
CA THR AA 386 -7.17 -109.41 -23.40
C THR AA 386 -8.59 -109.26 -22.87
N SER AA 387 -8.67 -109.07 -21.56
CA SER AA 387 -9.93 -108.85 -20.85
C SER AA 387 -9.77 -107.70 -19.86
N ALA AA 388 -9.19 -106.60 -20.33
CA ALA AA 388 -8.94 -105.45 -19.47
C ALA AA 388 -10.25 -104.89 -18.94
N ALA AA 389 -10.23 -104.44 -17.68
CA ALA AA 389 -11.43 -103.99 -16.99
C ALA AA 389 -11.17 -102.67 -16.29
N VAL AA 390 -12.22 -101.88 -16.12
CA VAL AA 390 -12.15 -100.56 -15.50
C VAL AA 390 -13.13 -100.51 -14.34
N THR AA 391 -12.64 -100.11 -13.18
CA THR AA 391 -13.48 -99.74 -12.04
C THR AA 391 -13.44 -98.22 -11.95
N PHE AA 392 -14.56 -97.57 -12.28
CA PHE AA 392 -14.58 -96.13 -12.50
C PHE AA 392 -15.59 -95.41 -11.61
N ALA AA 393 -15.90 -95.97 -10.45
CA ALA AA 393 -16.83 -95.34 -9.53
C ALA AA 393 -16.54 -95.79 -8.12
N ILE AA 394 -17.13 -95.09 -7.16
CA ILE AA 394 -16.85 -95.31 -5.76
C ILE AA 394 -17.82 -96.34 -5.19
N ALA AA 395 -17.48 -96.88 -4.01
CA ALA AA 395 -18.17 -97.98 -3.37
C ALA AA 395 -19.69 -97.93 -3.46
N THR AA 396 -20.28 -96.75 -3.24
CA THR AA 396 -21.73 -96.63 -3.35
C THR AA 396 -22.20 -96.68 -4.79
N THR AA 397 -21.31 -96.46 -5.75
CA THR AA 397 -21.63 -96.58 -7.17
C THR AA 397 -20.67 -97.52 -7.89
N ASP AA 398 -19.93 -98.34 -7.14
CA ASP AA 398 -18.85 -99.13 -7.71
C ASP AA 398 -19.38 -100.13 -8.72
N SER AA 399 -18.58 -100.38 -9.75
CA SER AA 399 -18.93 -101.31 -10.81
C SER AA 399 -17.65 -101.69 -11.54
N ASN AA 400 -17.80 -102.48 -12.61
CA ASN AA 400 -16.67 -102.86 -13.44
C ASN AA 400 -17.15 -102.93 -14.89
N ASN AA 401 -16.27 -102.52 -15.80
CA ASN AA 401 -16.57 -102.54 -17.23
C ASN AA 401 -15.66 -103.54 -17.92
N THR AA 402 -16.27 -104.45 -18.69
CA THR AA 402 -15.54 -105.45 -19.45
C THR AA 402 -15.88 -105.29 -20.93
N TRP AA 403 -14.85 -105.26 -21.78
CA TRP AA 403 -15.02 -104.91 -23.18
C TRP AA 403 -14.21 -105.84 -24.07
N VAL AA 404 -14.28 -105.56 -25.37
CA VAL AA 404 -13.65 -106.41 -26.36
C VAL AA 404 -12.13 -106.36 -26.20
N ASP AA 405 -11.48 -107.46 -26.60
CA ASP AA 405 -10.04 -107.60 -26.39
C ASP AA 405 -9.25 -106.46 -27.01
N ASN AA 406 -9.73 -105.88 -28.11
CA ASN AA 406 -8.95 -104.84 -28.77
C ASN AA 406 -9.79 -103.68 -29.30
N LYS AA 407 -11.04 -103.55 -28.85
CA LYS AA 407 -11.91 -102.47 -29.36
C LYS AA 407 -12.33 -101.47 -28.30
N GLY AA 408 -12.42 -101.87 -27.04
CA GLY AA 408 -12.95 -101.01 -26.01
C GLY AA 408 -14.46 -101.03 -25.90
N GLU AA 409 -15.16 -101.65 -26.84
CA GLU AA 409 -16.61 -101.68 -26.84
C GLU AA 409 -17.10 -102.63 -25.75
N LEU AA 410 -17.88 -102.11 -24.80
CA LEU AA 410 -18.43 -102.92 -23.72
C LEU AA 410 -19.53 -103.81 -24.28
N THR AA 411 -19.25 -105.12 -24.34
CA THR AA 411 -20.19 -106.04 -24.98
C THR AA 411 -21.53 -106.08 -24.24
N ASP AA 412 -21.49 -106.14 -22.91
CA ASP AA 412 -22.70 -106.27 -22.11
C ASP AA 412 -23.18 -104.95 -21.53
N ILE AA 413 -22.52 -103.84 -21.85
CA ILE AA 413 -22.90 -102.53 -21.33
C ILE AA 413 -23.13 -101.59 -22.50
N GLN AA 414 -24.31 -100.98 -22.54
CA GLN AA 414 -24.72 -100.09 -23.60
C GLN AA 414 -25.02 -98.72 -23.03
N THR AA 415 -25.17 -97.73 -23.91
CA THR AA 415 -25.52 -96.38 -23.52
C THR AA 415 -26.82 -95.96 -24.20
N PHE AA 416 -27.76 -95.47 -23.40
CA PHE AA 416 -28.99 -94.92 -23.96
C PHE AA 416 -28.71 -93.51 -24.45
N ASP AA 417 -29.76 -92.76 -24.78
CA ASP AA 417 -29.56 -91.35 -25.08
C ASP AA 417 -29.20 -90.54 -23.85
N THR AA 418 -29.32 -91.13 -22.65
CA THR AA 418 -29.05 -90.41 -21.41
C THR AA 418 -27.85 -90.97 -20.66
N SER AA 419 -27.83 -92.26 -20.37
CA SER AA 419 -26.80 -92.82 -19.49
C SER AA 419 -26.52 -94.26 -19.92
N TYR AA 420 -25.86 -95.01 -19.04
CA TYR AA 420 -25.45 -96.38 -19.33
C TYR AA 420 -26.55 -97.33 -18.88
N LYS AA 421 -26.65 -98.48 -19.55
CA LYS AA 421 -27.47 -99.58 -19.06
C LYS AA 421 -27.16 -100.79 -19.91
N ILE AA 422 -27.53 -101.97 -19.41
CA ILE AA 422 -27.12 -103.23 -20.01
C ILE AA 422 -28.15 -103.70 -21.05
N ASN AA 423 -29.04 -102.81 -21.46
CA ASN AA 423 -30.04 -103.15 -22.47
C ASN AA 423 -29.50 -102.79 -23.85
N ALA AA 424 -29.48 -103.77 -24.75
CA ALA AA 424 -29.00 -103.51 -26.11
C ALA AA 424 -29.93 -102.55 -26.85
N ASP AA 425 -31.23 -102.76 -26.75
CA ASP AA 425 -32.20 -101.89 -27.40
C ASP AA 425 -33.49 -101.89 -26.60
N THR AA 426 -34.11 -100.72 -26.48
CA THR AA 426 -35.40 -100.63 -25.83
C THR AA 426 -36.45 -101.45 -26.57
N GLY AA 427 -36.54 -101.26 -27.89
CA GLY AA 427 -37.43 -102.07 -28.71
C GLY AA 427 -38.89 -101.96 -28.33
N GLU AA 428 -39.35 -100.76 -27.99
CA GLU AA 428 -40.75 -100.58 -27.67
C GLU AA 428 -41.61 -100.82 -28.91
N VAL AA 429 -42.83 -101.29 -28.68
CA VAL AA 429 -43.72 -101.73 -29.76
C VAL AA 429 -44.93 -100.81 -29.76
N THR AA 430 -45.19 -100.17 -30.89
CA THR AA 430 -46.31 -99.26 -31.06
C THR AA 430 -47.28 -99.85 -32.06
N VAL AA 431 -48.54 -100.00 -31.65
CA VAL AA 431 -49.59 -100.57 -32.50
C VAL AA 431 -50.40 -99.44 -33.11
N VAL AA 432 -50.66 -99.53 -34.40
CA VAL AA 432 -51.37 -98.50 -35.15
C VAL AA 432 -52.83 -98.92 -35.31
N GLY AA 433 -53.74 -98.06 -34.87
CA GLY AA 433 -55.16 -98.28 -35.10
C GLY AA 433 -55.49 -98.36 -36.57
N ASP AA 434 -56.27 -99.36 -36.96
CA ASP AA 434 -56.64 -99.50 -38.37
C ASP AA 434 -57.69 -98.47 -38.79
N ASN AA 435 -58.69 -98.23 -37.94
CA ASN AA 435 -59.80 -97.36 -38.30
C ASN AA 435 -59.47 -95.88 -38.20
N SER AA 436 -58.34 -95.52 -37.60
CA SER AA 436 -57.98 -94.12 -37.43
C SER AA 436 -56.47 -93.99 -37.37
N ALA AA 437 -55.99 -92.76 -37.58
CA ALA AA 437 -54.55 -92.49 -37.55
C ALA AA 437 -53.96 -92.71 -36.17
N THR AA 438 -54.80 -92.82 -35.14
CA THR AA 438 -54.32 -93.02 -33.78
C THR AA 438 -53.46 -94.27 -33.68
N ALA AA 439 -52.29 -94.13 -33.07
CA ALA AA 439 -51.37 -95.25 -32.83
C ALA AA 439 -51.31 -95.50 -31.33
N GLY AA 440 -51.61 -96.73 -30.93
CA GLY AA 440 -51.57 -97.10 -29.53
C GLY AA 440 -50.16 -97.42 -29.08
N GLN AA 441 -50.05 -97.78 -27.80
CA GLN AA 441 -48.79 -98.19 -27.19
C GLN AA 441 -48.90 -99.66 -26.81
N TYR AA 442 -48.16 -100.51 -27.52
CA TYR AA 442 -48.19 -101.95 -27.26
C TYR AA 442 -46.98 -102.31 -26.38
N ALA AA 443 -47.10 -101.96 -25.10
CA ALA AA 443 -46.02 -102.15 -24.14
C ALA AA 443 -46.62 -102.14 -22.74
N SER AA 444 -45.78 -102.00 -21.72
CA SER AA 444 -46.27 -101.92 -20.35
C SER AA 444 -47.16 -100.70 -20.14
N ALA AA 445 -46.95 -99.63 -20.91
CA ALA AA 445 -47.87 -98.50 -20.86
C ALA AA 445 -49.26 -98.91 -21.33
N ASP AA 446 -49.32 -99.77 -22.35
CA ASP AA 446 -50.55 -100.45 -22.76
C ASP AA 446 -51.65 -99.46 -23.14
N GLY AA 447 -51.38 -98.72 -24.21
CA GLY AA 447 -52.38 -97.85 -24.81
C GLY AA 447 -52.20 -96.38 -24.59
N ALA AA 448 -51.13 -95.96 -23.90
CA ALA AA 448 -50.85 -94.53 -23.78
C ALA AA 448 -50.58 -93.94 -25.15
N LYS AA 449 -51.19 -92.79 -25.42
CA LYS AA 449 -51.08 -92.16 -26.73
C LYS AA 449 -49.63 -91.81 -27.05
N VAL AA 450 -49.21 -92.11 -28.27
CA VAL AA 450 -47.87 -91.80 -28.75
C VAL AA 450 -47.94 -90.61 -29.69
N LEU AA 451 -47.06 -89.63 -29.46
CA LEU AA 451 -47.03 -88.42 -30.26
C LEU AA 451 -45.58 -88.10 -30.60
N VAL AA 452 -45.37 -87.52 -31.78
CA VAL AA 452 -44.03 -87.17 -32.24
C VAL AA 452 -43.73 -85.74 -31.80
N GLY AA 453 -42.69 -85.59 -30.99
CA GLY AA 453 -42.31 -84.29 -30.48
C GLY AA 453 -41.42 -83.53 -31.45
N SER AA 454 -41.07 -82.32 -31.05
CA SER AA 454 -40.19 -81.47 -31.86
C SER AA 454 -38.81 -82.10 -31.91
N ASP AA 455 -38.38 -82.48 -33.11
CA ASP AA 455 -37.10 -83.16 -33.32
C ASP AA 455 -37.00 -84.42 -32.46
N GLY AA 456 -38.12 -85.10 -32.30
CA GLY AA 456 -38.18 -86.34 -31.53
C GLY AA 456 -38.62 -87.50 -32.39
N LYS AA 457 -38.04 -88.67 -32.13
CA LYS AA 457 -38.45 -89.88 -32.83
C LYS AA 457 -39.92 -90.18 -32.56
N LEU AA 458 -40.24 -90.48 -31.31
CA LEU AA 458 -41.61 -90.71 -30.87
C LEU AA 458 -41.62 -90.77 -29.34
N THR AA 459 -42.68 -90.25 -28.75
CA THR AA 459 -42.80 -90.20 -27.30
C THR AA 459 -44.27 -90.25 -26.91
N THR AA 460 -44.53 -90.25 -25.61
CA THR AA 460 -45.87 -90.35 -25.07
C THR AA 460 -46.49 -89.00 -24.73
N GLU AA 461 -45.73 -88.10 -24.13
CA GLU AA 461 -46.27 -86.81 -23.71
C GLU AA 461 -46.53 -85.93 -24.92
N THR AA 462 -47.61 -85.15 -24.85
CA THR AA 462 -48.09 -84.37 -25.98
C THR AA 462 -47.43 -83.00 -26.09
N THR AA 463 -46.55 -82.63 -25.17
CA THR AA 463 -45.98 -81.29 -25.15
C THR AA 463 -44.46 -81.35 -25.10
N SER AA 464 -43.84 -80.25 -25.52
CA SER AA 464 -42.39 -80.13 -25.54
C SER AA 464 -42.02 -78.67 -25.36
N ALA AA 465 -40.74 -78.42 -25.09
CA ALA AA 465 -40.27 -77.06 -24.87
C ALA AA 465 -40.42 -76.21 -26.14
N GLY AA 466 -40.66 -74.92 -25.93
CA GLY AA 466 -40.89 -74.01 -27.05
C GLY AA 466 -39.62 -73.42 -27.64
N ASP AA 467 -38.66 -73.07 -26.77
CA ASP AA 467 -37.33 -72.63 -27.19
C ASP AA 467 -37.40 -71.37 -28.04
N LYS AA 468 -37.85 -70.27 -27.43
CA LYS AA 468 -37.67 -68.92 -27.97
C LYS AA 468 -38.29 -68.79 -29.37
N THR AA 469 -39.63 -68.82 -29.39
CA THR AA 469 -40.39 -68.71 -30.63
C THR AA 469 -39.73 -67.73 -31.59
N THR AA 470 -39.50 -68.19 -32.82
CA THR AA 470 -38.53 -67.58 -33.73
C THR AA 470 -38.81 -66.12 -34.02
N ASP AA 471 -39.92 -65.82 -34.69
CA ASP AA 471 -40.28 -64.46 -35.07
C ASP AA 471 -41.60 -64.13 -34.38
N PRO AA 472 -41.56 -63.54 -33.19
CA PRO AA 472 -42.79 -63.28 -32.45
C PRO AA 472 -43.72 -62.31 -33.17
N LEU AA 473 -43.17 -61.19 -33.64
CA LEU AA 473 -44.00 -60.16 -34.23
C LEU AA 473 -44.65 -60.63 -35.53
N LYS AA 474 -43.99 -61.50 -36.30
CA LYS AA 474 -44.64 -62.06 -37.47
C LYS AA 474 -45.84 -62.94 -37.10
N THR AA 475 -45.70 -63.76 -36.06
CA THR AA 475 -46.86 -64.53 -35.60
C THR AA 475 -47.97 -63.62 -35.12
N LEU AA 476 -47.61 -62.56 -34.39
CA LEU AA 476 -48.61 -61.61 -33.92
C LEU AA 476 -49.29 -60.90 -35.08
N ASP AA 477 -48.54 -60.57 -36.12
CA ASP AA 477 -49.12 -59.92 -37.29
C ASP AA 477 -50.03 -60.86 -38.06
N ALA AA 478 -49.67 -62.14 -38.12
CA ALA AA 478 -50.57 -63.12 -38.73
C ALA AA 478 -51.87 -63.22 -37.93
N ALA AA 479 -51.77 -63.23 -36.61
CA ALA AA 479 -52.96 -63.22 -35.76
C ALA AA 479 -53.78 -61.97 -36.00
N PHE AA 480 -53.09 -60.82 -36.13
CA PHE AA 480 -53.78 -59.57 -36.41
C PHE AA 480 -54.53 -59.64 -37.72
N THR AA 481 -53.90 -60.19 -38.76
CA THR AA 481 -54.55 -60.29 -40.06
C THR AA 481 -55.78 -61.18 -40.00
N LYS AA 482 -55.66 -62.34 -39.34
CA LYS AA 482 -56.82 -63.22 -39.24
C LYS AA 482 -57.96 -62.56 -38.46
N LEU AA 483 -57.64 -61.97 -37.31
CA LEU AA 483 -58.66 -61.34 -36.49
C LEU AA 483 -59.30 -60.17 -37.21
N ASP AA 484 -58.52 -59.35 -37.89
CA ASP AA 484 -59.06 -58.21 -38.61
C ASP AA 484 -59.90 -58.65 -39.80
N LYS AA 485 -59.50 -59.74 -40.45
CA LYS AA 485 -60.32 -60.28 -41.53
C LYS AA 485 -61.69 -60.70 -41.02
N LEU AA 486 -61.72 -61.45 -39.91
CA LEU AA 486 -63.00 -61.87 -39.36
C LEU AA 486 -63.83 -60.68 -38.87
N THR AA 487 -63.17 -59.70 -38.24
CA THR AA 487 -63.88 -58.51 -37.77
C THR AA 487 -64.47 -57.72 -38.92
N GLY AA 488 -63.71 -57.55 -40.01
CA GLY AA 488 -64.24 -56.87 -41.17
C GLY AA 488 -65.39 -57.62 -41.81
N GLU AA 489 -65.30 -58.94 -41.85
CA GLU AA 489 -66.43 -59.73 -42.34
C GLU AA 489 -67.68 -59.49 -41.49
N LEU AA 490 -67.50 -59.46 -40.17
CA LEU AA 490 -68.64 -59.22 -39.29
C LEU AA 490 -69.20 -57.82 -39.48
N GLY AA 491 -68.34 -56.82 -39.66
CA GLY AA 491 -68.84 -55.47 -39.92
C GLY AA 491 -69.60 -55.38 -41.22
N ALA AA 492 -69.11 -56.05 -42.26
CA ALA AA 492 -69.84 -56.09 -43.52
C ALA AA 492 -71.19 -56.77 -43.35
N VAL AA 493 -71.23 -57.83 -42.54
CA VAL AA 493 -72.50 -58.50 -42.29
C VAL AA 493 -73.45 -57.60 -41.53
N GLN AA 494 -72.94 -56.81 -40.58
CA GLN AA 494 -73.80 -55.86 -39.87
C GLN AA 494 -74.38 -54.83 -40.82
N ASN AA 495 -73.55 -54.30 -41.73
CA ASN AA 495 -74.05 -53.34 -42.72
C ASN AA 495 -75.13 -53.98 -43.59
N ARG AA 496 -74.86 -55.19 -44.10
CA ARG AA 496 -75.82 -55.88 -44.93
C ARG AA 496 -77.12 -56.11 -44.19
N LEU AA 497 -77.03 -56.50 -42.92
CA LEU AA 497 -78.22 -56.83 -42.15
C LEU AA 497 -79.05 -55.59 -41.85
N GLU AA 498 -78.39 -54.47 -41.56
CA GLU AA 498 -79.16 -53.23 -41.37
C GLU AA 498 -79.82 -52.78 -42.67
N SER AA 499 -79.13 -52.96 -43.80
CA SER AA 499 -79.75 -52.63 -45.08
C SER AA 499 -80.93 -53.54 -45.37
N THR AA 500 -80.82 -54.82 -45.01
CA THR AA 500 -81.96 -55.72 -45.16
C THR AA 500 -83.10 -55.30 -44.25
N ILE AA 501 -82.80 -54.83 -43.04
CA ILE AA 501 -83.84 -54.31 -42.16
C ILE AA 501 -84.60 -53.19 -42.84
N ALA AA 502 -83.86 -52.23 -43.42
CA ALA AA 502 -84.51 -51.12 -44.10
C ALA AA 502 -85.35 -51.60 -45.28
N ASN AA 503 -84.79 -52.51 -46.10
CA ASN AA 503 -85.51 -52.99 -47.27
C ASN AA 503 -86.77 -53.75 -46.87
N LEU AA 504 -86.66 -54.65 -45.90
CA LEU AA 504 -87.82 -55.40 -45.46
C LEU AA 504 -88.88 -54.49 -44.85
N ASN AA 505 -88.47 -53.46 -44.10
CA ASN AA 505 -89.45 -52.53 -43.58
C ASN AA 505 -90.18 -51.82 -44.73
N ASN AA 506 -89.43 -51.40 -45.75
CA ASN AA 506 -90.07 -50.78 -46.92
C ASN AA 506 -91.08 -51.73 -47.55
N VAL AA 507 -90.69 -52.98 -47.74
CA VAL AA 507 -91.59 -53.93 -48.39
C VAL AA 507 -92.81 -54.21 -47.52
N VAL AA 508 -92.62 -54.25 -46.20
CA VAL AA 508 -93.75 -54.45 -45.29
C VAL AA 508 -94.75 -53.31 -45.42
N ASN AA 509 -94.28 -52.07 -45.41
CA ASN AA 509 -95.20 -50.95 -45.55
C ASN AA 509 -95.89 -50.98 -46.91
N ASN AA 510 -95.14 -51.28 -47.97
CA ASN AA 510 -95.73 -51.29 -49.30
C ASN AA 510 -96.76 -52.39 -49.45
N LEU AA 511 -96.49 -53.57 -48.89
CA LEU AA 511 -97.44 -54.68 -48.98
C LEU AA 511 -98.66 -54.42 -48.10
N SER AA 512 -98.47 -53.77 -46.95
CA SER AA 512 -99.61 -53.39 -46.14
C SER AA 512 -100.51 -52.41 -46.91
N SER AA 513 -99.91 -51.44 -47.60
CA SER AA 513 -100.69 -50.55 -48.43
C SER AA 513 -101.39 -51.29 -49.55
N ALA AA 514 -100.69 -52.24 -50.19
CA ALA AA 514 -101.30 -53.01 -51.27
C ALA AA 514 -102.49 -53.80 -50.77
N ARG AA 515 -102.39 -54.37 -49.57
CA ARG AA 515 -103.52 -55.04 -48.95
C ARG AA 515 -104.66 -54.06 -48.68
N SER AA 516 -104.32 -52.84 -48.27
CA SER AA 516 -105.36 -51.83 -48.04
C SER AA 516 -106.11 -51.51 -49.32
N ARG AA 517 -105.40 -51.34 -50.44
CA ARG AA 517 -106.09 -51.02 -51.69
C ARG AA 517 -107.07 -52.11 -52.12
N ILE AA 518 -106.95 -53.32 -51.59
CA ILE AA 518 -107.80 -54.43 -52.01
C ILE AA 518 -108.72 -54.90 -50.88
N GLN AA 519 -108.18 -55.11 -49.68
CA GLN AA 519 -108.94 -55.87 -48.69
C GLN AA 519 -109.93 -54.99 -47.92
N ASP AA 520 -109.43 -54.03 -47.15
CA ASP AA 520 -110.27 -53.29 -46.22
C ASP AA 520 -111.11 -52.24 -46.96
N ALA AA 521 -112.14 -51.76 -46.27
CA ALA AA 521 -113.23 -51.02 -46.90
C ALA AA 521 -113.09 -49.51 -46.70
N ASP AA 522 -113.60 -48.77 -47.69
CA ASP AA 522 -113.58 -47.31 -47.64
C ASP AA 522 -114.83 -46.84 -46.90
N TYR AA 523 -114.62 -46.23 -45.73
CA TYR AA 523 -115.75 -45.81 -44.90
C TYR AA 523 -116.59 -44.75 -45.56
N ALA AA 524 -115.99 -43.91 -46.41
CA ALA AA 524 -116.77 -42.88 -47.08
C ALA AA 524 -117.86 -43.50 -47.95
N THR AA 525 -117.54 -44.58 -48.66
CA THR AA 525 -118.55 -45.27 -49.45
C THR AA 525 -119.48 -46.08 -48.56
N GLU AA 526 -118.94 -46.69 -47.51
CA GLU AA 526 -119.71 -47.62 -46.69
C GLU AA 526 -120.81 -46.90 -45.91
N VAL AA 527 -120.48 -45.76 -45.30
CA VAL AA 527 -121.48 -45.01 -44.54
C VAL AA 527 -122.59 -44.52 -45.46
N SER AA 528 -122.22 -44.01 -46.63
CA SER AA 528 -123.23 -43.56 -47.59
C SER AA 528 -124.11 -44.72 -48.03
N ASN AA 529 -123.52 -45.89 -48.28
CA ASN AA 529 -124.29 -47.05 -48.67
C ASN AA 529 -125.26 -47.46 -47.56
N MET AA 530 -124.80 -47.42 -46.31
CA MET AA 530 -125.68 -47.74 -45.19
C MET AA 530 -126.84 -46.77 -45.11
N SER AA 531 -126.57 -45.47 -45.29
CA SER AA 531 -127.64 -44.49 -45.24
C SER AA 531 -128.65 -44.71 -46.36
N LYS AA 532 -128.17 -44.97 -47.58
CA LYS AA 532 -129.08 -45.22 -48.69
C LYS AA 532 -129.91 -46.47 -48.43
N ALA AA 533 -129.29 -47.52 -47.89
CA ALA AA 533 -130.03 -48.74 -47.59
C ALA AA 533 -131.09 -48.50 -46.53
N GLN AA 534 -130.77 -47.70 -45.51
CA GLN AA 534 -131.77 -47.39 -44.48
C GLN AA 534 -132.94 -46.63 -45.08
N ILE AA 535 -132.67 -45.63 -45.91
CA ILE AA 535 -133.75 -44.87 -46.55
C ILE AA 535 -134.60 -45.80 -47.39
N LEU AA 536 -133.95 -46.67 -48.18
CA LEU AA 536 -134.69 -47.58 -49.03
C LEU AA 536 -135.55 -48.53 -48.21
N GLN AA 537 -135.03 -49.03 -47.10
CA GLN AA 537 -135.79 -49.98 -46.29
C GLN AA 537 -137.01 -49.31 -45.66
N GLN AA 538 -136.84 -48.09 -45.13
CA GLN AA 538 -137.98 -47.41 -44.54
C GLN AA 538 -139.04 -47.07 -45.59
N ALA AA 539 -138.60 -46.61 -46.76
CA ALA AA 539 -139.54 -46.36 -47.84
C ALA AA 539 -140.26 -47.64 -48.24
N GLY AA 540 -139.53 -48.75 -48.29
CA GLY AA 540 -140.15 -50.02 -48.63
C GLY AA 540 -141.18 -50.45 -47.61
N THR AA 541 -140.88 -50.26 -46.33
CA THR AA 541 -141.85 -50.60 -45.30
C THR AA 541 -143.12 -49.76 -45.44
N SER AA 542 -142.97 -48.46 -45.67
CA SER AA 542 -144.15 -47.62 -45.80
C SER AA 542 -144.97 -47.98 -47.03
N VAL AA 543 -144.31 -48.19 -48.17
CA VAL AA 543 -145.04 -48.51 -49.39
C VAL AA 543 -145.66 -49.90 -49.29
N LEU AA 544 -145.03 -50.82 -48.56
CA LEU AA 544 -145.65 -52.11 -48.30
C LEU AA 544 -146.90 -51.97 -47.44
N ALA AA 545 -146.86 -51.06 -46.46
CA ALA AA 545 -148.07 -50.81 -45.69
C ALA AA 545 -149.19 -50.30 -46.59
N GLN AA 546 -148.88 -49.35 -47.47
CA GLN AA 546 -149.91 -48.90 -48.41
C GLN AA 546 -150.33 -50.00 -49.38
N ALA AA 547 -149.42 -50.88 -49.77
CA ALA AA 547 -149.79 -51.98 -50.66
C ALA AA 547 -150.78 -52.92 -50.00
N ASN AA 548 -150.54 -53.27 -48.73
CA ASN AA 548 -151.51 -54.05 -47.99
C ASN AA 548 -152.79 -53.28 -47.72
N GLN AA 549 -152.73 -51.95 -47.73
CA GLN AA 549 -153.93 -51.13 -47.63
C GLN AA 549 -154.73 -51.08 -48.94
N VAL AA 550 -154.08 -51.36 -50.07
CA VAL AA 550 -154.76 -51.28 -51.37
C VAL AA 550 -156.00 -52.16 -51.43
N PRO AA 551 -155.95 -53.47 -51.10
CA PRO AA 551 -157.15 -54.30 -51.25
C PRO AA 551 -158.26 -53.95 -50.27
N GLN AA 552 -158.01 -53.07 -49.30
CA GLN AA 552 -159.07 -52.65 -48.40
C GLN AA 552 -160.20 -51.96 -49.16
N THR AA 553 -159.87 -51.29 -50.27
CA THR AA 553 -160.91 -50.63 -51.06
C THR AA 553 -161.92 -51.63 -51.61
N VAL AA 554 -161.49 -52.88 -51.83
CA VAL AA 554 -162.44 -53.92 -52.23
C VAL AA 554 -163.50 -54.12 -51.16
N LEU AA 555 -163.09 -54.05 -49.89
CA LEU AA 555 -164.03 -54.16 -48.78
C LEU AA 555 -164.66 -52.80 -48.47
N SER AA 556 -165.19 -52.19 -49.52
CA SER AA 556 -165.97 -50.96 -49.39
C SER AA 556 -167.36 -51.11 -49.96
N LEU AA 557 -167.47 -51.66 -51.17
CA LEU AA 557 -168.77 -51.96 -51.74
C LEU AA 557 -169.27 -53.28 -51.18
N LEU AA 558 -170.50 -53.28 -50.67
CA LEU AA 558 -171.04 -54.46 -50.01
C LEU AA 558 -172.57 -54.47 -50.09
N ALA BA 2 -146.27 -59.89 -16.44
CA ALA BA 2 -147.40 -60.02 -17.34
C ALA BA 2 -148.02 -58.65 -17.65
N ALA BA 3 -149.35 -58.57 -17.60
CA ALA BA 3 -150.07 -57.35 -17.89
C ALA BA 3 -150.31 -56.52 -16.63
N VAL BA 4 -149.45 -56.63 -15.64
CA VAL BA 4 -149.62 -55.91 -14.39
C VAL BA 4 -149.02 -54.52 -14.51
N ILE BA 5 -149.73 -53.53 -13.96
CA ILE BA 5 -149.24 -52.17 -13.91
C ILE BA 5 -149.23 -51.60 -12.50
N ASN BA 6 -149.94 -52.21 -11.55
CA ASN BA 6 -149.92 -51.71 -10.18
C ASN BA 6 -148.54 -51.87 -9.55
N THR BA 7 -147.84 -52.95 -9.86
CA THR BA 7 -146.50 -53.19 -9.34
C THR BA 7 -145.55 -53.41 -10.52
N ASN BA 8 -144.42 -52.72 -10.49
CA ASN BA 8 -143.40 -52.83 -11.53
C ASN BA 8 -142.14 -53.39 -10.88
N TYR BA 9 -141.99 -54.72 -10.93
CA TYR BA 9 -140.87 -55.37 -10.28
C TYR BA 9 -139.54 -54.94 -10.88
N LEU BA 10 -139.50 -54.78 -12.22
CA LEU BA 10 -138.25 -54.42 -12.88
C LEU BA 10 -137.74 -53.06 -12.42
N SER BA 11 -138.64 -52.11 -12.24
CA SER BA 11 -138.23 -50.80 -11.73
C SER BA 11 -137.63 -50.91 -10.35
N LEU BA 12 -138.21 -51.73 -9.48
CA LEU BA 12 -137.67 -51.91 -8.15
C LEU BA 12 -136.27 -52.53 -8.20
N VAL BA 13 -136.09 -53.54 -9.04
CA VAL BA 13 -134.78 -54.18 -9.17
C VAL BA 13 -133.75 -53.17 -9.68
N ALA BA 14 -134.13 -52.38 -10.68
CA ALA BA 14 -133.22 -51.38 -11.22
C ALA BA 14 -132.87 -50.33 -10.17
N GLN BA 15 -133.85 -49.90 -9.38
CA GLN BA 15 -133.58 -48.93 -8.32
C GLN BA 15 -132.63 -49.49 -7.29
N ASN BA 16 -132.83 -50.75 -6.89
CA ASN BA 16 -131.93 -51.35 -5.91
C ASN BA 16 -130.50 -51.44 -6.44
N ASN BA 17 -130.35 -51.89 -7.69
CA ASN BA 17 -129.01 -51.98 -8.26
C ASN BA 17 -128.38 -50.60 -8.40
N LEU BA 18 -129.17 -49.59 -8.77
CA LEU BA 18 -128.66 -48.23 -8.85
C LEU BA 18 -128.22 -47.75 -7.48
N ASN BA 19 -128.94 -48.11 -6.43
CA ASN BA 19 -128.54 -47.73 -5.08
C ASN BA 19 -127.23 -48.39 -4.69
N LYS BA 20 -127.04 -49.67 -5.03
CA LYS BA 20 -125.77 -50.31 -4.76
C LYS BA 20 -124.63 -49.62 -5.50
N SER BA 21 -124.85 -49.29 -6.78
CA SER BA 21 -123.83 -48.61 -7.57
C SER BA 21 -123.51 -47.23 -6.98
N GLN BA 22 -124.54 -46.51 -6.54
CA GLN BA 22 -124.34 -45.18 -5.98
C GLN BA 22 -123.62 -45.25 -4.65
N SER BA 23 -123.85 -46.31 -3.86
CA SER BA 23 -123.09 -46.51 -2.64
C SER BA 23 -121.61 -46.75 -2.96
N SER BA 24 -121.34 -47.57 -3.98
CA SER BA 24 -119.95 -47.76 -4.39
C SER BA 24 -119.32 -46.46 -4.85
N LEU BA 25 -120.08 -45.67 -5.61
CA LEU BA 25 -119.58 -44.37 -6.07
C LEU BA 25 -119.31 -43.44 -4.90
N GLY BA 26 -120.19 -43.44 -3.90
CA GLY BA 26 -119.98 -42.60 -2.74
C GLY BA 26 -118.72 -42.97 -1.97
N THR BA 27 -118.50 -44.28 -1.76
CA THR BA 27 -117.28 -44.70 -1.10
C THR BA 27 -116.05 -44.31 -1.91
N ALA BA 28 -116.11 -44.51 -3.23
CA ALA BA 28 -114.97 -44.16 -4.07
C ALA BA 28 -114.70 -42.65 -4.04
N ILE BA 29 -115.76 -41.84 -4.09
CA ILE BA 29 -115.59 -40.40 -4.08
C ILE BA 29 -115.01 -39.92 -2.75
N GLU BA 30 -115.51 -40.47 -1.65
CA GLU BA 30 -114.99 -40.09 -0.34
C GLU BA 30 -113.52 -40.46 -0.23
N ARG BA 31 -113.15 -41.67 -0.65
CA ARG BA 31 -111.75 -42.07 -0.59
C ARG BA 31 -110.89 -41.22 -1.52
N LEU BA 32 -111.42 -40.81 -2.67
CA LEU BA 32 -110.68 -39.96 -3.59
C LEU BA 32 -110.42 -38.59 -2.97
N SER BA 33 -111.46 -37.97 -2.42
CA SER BA 33 -111.32 -36.62 -1.88
C SER BA 33 -110.41 -36.62 -0.64
N SER BA 34 -110.69 -37.50 0.32
CA SER BA 34 -109.88 -37.52 1.53
C SER BA 34 -108.50 -38.12 1.26
N GLY BA 35 -108.40 -39.05 0.33
CA GLY BA 35 -107.16 -39.75 0.06
C GLY BA 35 -106.91 -40.95 0.94
N LEU BA 36 -107.74 -41.18 1.95
CA LEU BA 36 -107.51 -42.21 2.94
C LEU BA 36 -108.43 -43.39 2.65
N ARG BA 37 -107.85 -44.57 2.46
CA ARG BA 37 -108.67 -45.76 2.26
C ARG BA 37 -109.47 -46.08 3.51
N ILE BA 38 -108.86 -45.92 4.68
CA ILE BA 38 -109.53 -46.20 5.95
C ILE BA 38 -110.10 -44.88 6.45
N ASN BA 39 -111.36 -44.63 6.14
CA ASN BA 39 -112.11 -43.54 6.71
C ASN BA 39 -113.51 -44.05 7.03
N SER BA 40 -114.17 -43.38 7.99
CA SER BA 40 -115.53 -43.75 8.36
C SER BA 40 -115.58 -45.20 8.85
N ALA BA 41 -115.09 -45.37 10.09
CA ALA BA 41 -114.65 -46.63 10.67
C ALA BA 41 -115.50 -47.84 10.34
N LYS BA 42 -116.76 -47.62 9.96
CA LYS BA 42 -117.54 -48.69 9.33
C LYS BA 42 -116.79 -49.36 8.20
N ASP BA 43 -115.76 -48.72 7.65
CA ASP BA 43 -114.86 -49.32 6.69
C ASP BA 43 -113.55 -49.67 7.39
N ASP BA 44 -113.22 -50.97 7.43
CA ASP BA 44 -111.95 -51.47 7.97
C ASP BA 44 -111.77 -51.04 9.43
N ALA BA 45 -112.65 -51.59 10.28
CA ALA BA 45 -112.69 -51.18 11.68
C ALA BA 45 -111.34 -51.35 12.37
N ALA BA 46 -110.74 -52.54 12.26
CA ALA BA 46 -109.43 -52.76 12.85
C ALA BA 46 -108.37 -51.94 12.14
N GLY BA 47 -108.59 -51.62 10.87
CA GLY BA 47 -107.63 -50.83 10.13
C GLY BA 47 -107.40 -49.46 10.73
N MET BA 48 -108.48 -48.77 11.11
CA MET BA 48 -108.32 -47.46 11.72
C MET BA 48 -107.72 -47.56 13.12
N ALA BA 49 -108.02 -48.63 13.85
CA ALA BA 49 -107.34 -48.82 15.12
C ALA BA 49 -105.83 -48.92 14.94
N ILE BA 50 -105.40 -49.72 13.97
CA ILE BA 50 -103.97 -49.86 13.70
C ILE BA 50 -103.39 -48.53 13.21
N ALA BA 51 -104.12 -47.85 12.32
CA ALA BA 51 -103.64 -46.57 11.79
C ALA BA 51 -103.52 -45.53 12.89
N ASN BA 52 -104.49 -45.48 13.81
CA ASN BA 52 -104.42 -44.53 14.92
C ASN BA 52 -103.25 -44.85 15.83
N ARG BA 53 -103.00 -46.13 16.10
CA ARG BA 53 -101.81 -46.50 16.84
C ARG BA 53 -100.55 -45.98 16.15
N PHE BA 54 -100.47 -46.17 14.83
CA PHE BA 54 -99.31 -45.69 14.10
C PHE BA 54 -99.18 -44.18 14.12
N THR BA 55 -100.31 -43.47 13.99
CA THR BA 55 -100.25 -42.01 14.00
C THR BA 55 -99.77 -41.49 15.36
N ALA BA 56 -100.33 -42.02 16.44
CA ALA BA 56 -99.86 -41.63 17.76
C ALA BA 56 -98.38 -41.93 17.92
N ASN BA 57 -97.94 -43.11 17.48
CA ASN BA 57 -96.55 -43.48 17.60
C ASN BA 57 -95.64 -42.55 16.81
N VAL BA 58 -95.98 -42.28 15.56
CA VAL BA 58 -95.11 -41.49 14.70
C VAL BA 58 -95.04 -40.04 15.19
N ARG BA 59 -96.17 -39.49 15.63
CA ARG BA 59 -96.15 -38.10 16.10
C ARG BA 59 -95.45 -37.98 17.45
N GLY BA 60 -95.64 -38.95 18.34
CA GLY BA 60 -94.87 -38.97 19.57
C GLY BA 60 -93.38 -39.10 19.31
N LEU BA 61 -93.00 -39.89 18.30
CA LEU BA 61 -91.59 -40.05 17.99
C LEU BA 61 -91.00 -38.80 17.38
N THR BA 62 -91.78 -38.07 16.57
CA THR BA 62 -91.30 -36.78 16.09
C THR BA 62 -91.07 -35.81 17.25
N GLN BA 63 -92.02 -35.75 18.19
CA GLN BA 63 -91.82 -34.89 19.35
C GLN BA 63 -90.63 -35.35 20.18
N ALA BA 64 -90.42 -36.67 20.26
CA ALA BA 64 -89.27 -37.20 20.97
C ALA BA 64 -87.96 -36.83 20.28
N ALA BA 65 -87.96 -36.84 18.95
CA ALA BA 65 -86.79 -36.38 18.21
C ALA BA 65 -86.51 -34.91 18.51
N ARG BA 66 -87.57 -34.11 18.60
CA ARG BA 66 -87.39 -32.72 19.00
C ARG BA 66 -86.76 -32.62 20.39
N ASN BA 67 -87.25 -33.44 21.34
CA ASN BA 67 -86.69 -33.43 22.69
C ASN BA 67 -85.22 -33.82 22.69
N ALA BA 68 -84.88 -34.86 21.95
CA ALA BA 68 -83.49 -35.30 21.87
C ALA BA 68 -82.61 -34.22 21.25
N ASN BA 69 -83.11 -33.55 20.22
CA ASN BA 69 -82.35 -32.49 19.59
C ASN BA 69 -82.15 -31.31 20.53
N ASP BA 70 -83.15 -31.01 21.37
CA ASP BA 70 -82.96 -29.99 22.40
C ASP BA 70 -81.90 -30.41 23.41
N GLY BA 71 -81.91 -31.69 23.81
CA GLY BA 71 -80.87 -32.18 24.69
C GLY BA 71 -79.49 -32.06 24.08
N ILE BA 72 -79.40 -32.24 22.76
CA ILE BA 72 -78.12 -32.05 22.08
C ILE BA 72 -77.61 -30.63 22.28
N SER BA 73 -78.49 -29.64 22.11
CA SER BA 73 -78.08 -28.26 22.29
C SER BA 73 -77.72 -27.97 23.74
N LEU BA 74 -78.45 -28.58 24.67
CA LEU BA 74 -78.11 -28.42 26.09
C LEU BA 74 -76.69 -28.92 26.36
N ALA BA 75 -76.37 -30.12 25.88
CA ALA BA 75 -75.03 -30.65 26.05
C ALA BA 75 -74.00 -29.79 25.33
N GLN BA 76 -74.35 -29.23 24.18
CA GLN BA 76 -73.43 -28.37 23.45
C GLN BA 76 -73.08 -27.12 24.26
N THR BA 77 -74.09 -26.49 24.85
CA THR BA 77 -73.85 -25.28 25.63
C THR BA 77 -72.99 -25.60 26.85
N THR BA 78 -73.31 -26.69 27.55
CA THR BA 78 -72.52 -27.04 28.72
C THR BA 78 -71.10 -27.39 28.33
N GLU BA 79 -70.92 -28.07 27.19
CA GLU BA 79 -69.58 -28.41 26.72
C GLU BA 79 -68.78 -27.17 26.38
N GLY BA 80 -69.42 -26.16 25.77
CA GLY BA 80 -68.71 -24.92 25.48
C GLY BA 80 -68.27 -24.20 26.74
N ALA BA 81 -69.16 -24.11 27.73
CA ALA BA 81 -68.77 -23.51 29.00
C ALA BA 81 -67.62 -24.28 29.64
N ALA BA 82 -67.69 -25.60 29.60
CA ALA BA 82 -66.61 -26.42 30.16
C ALA BA 82 -65.30 -26.20 29.41
N SER BA 83 -65.36 -26.00 28.09
CA SER BA 83 -64.16 -25.71 27.33
C SER BA 83 -63.54 -24.39 27.77
N GLU BA 84 -64.37 -23.38 28.02
CA GLU BA 84 -63.83 -22.13 28.54
C GLU BA 84 -63.18 -22.32 29.91
N VAL BA 85 -63.81 -23.10 30.78
CA VAL BA 85 -63.20 -23.41 32.07
C VAL BA 85 -61.87 -24.14 31.84
N ASN BA 86 -61.80 -24.99 30.83
CA ASN BA 86 -60.58 -25.70 30.51
C ASN BA 86 -59.47 -24.71 30.15
N THR BA 87 -59.77 -23.72 29.32
CA THR BA 87 -58.78 -22.71 28.98
C THR BA 87 -58.33 -21.95 30.23
N HIS BA 88 -59.27 -21.64 31.12
CA HIS BA 88 -58.90 -20.98 32.36
C HIS BA 88 -57.94 -21.81 33.19
N LEU BA 89 -58.21 -23.11 33.32
CA LEU BA 89 -57.29 -23.97 34.06
C LEU BA 89 -55.93 -24.05 33.38
N GLN BA 90 -55.90 -24.06 32.05
CA GLN BA 90 -54.62 -24.08 31.35
C GLN BA 90 -53.80 -22.84 31.67
N ARG BA 91 -54.43 -21.66 31.62
CA ARG BA 91 -53.71 -20.44 31.95
C ARG BA 91 -53.26 -20.44 33.41
N ILE BA 92 -54.12 -20.93 34.31
CA ILE BA 92 -53.76 -20.99 35.72
C ILE BA 92 -52.53 -21.89 35.90
N ARG BA 93 -52.50 -23.02 35.20
CA ARG BA 93 -51.35 -23.91 35.32
C ARG BA 93 -50.08 -23.27 34.77
N GLU BA 94 -50.18 -22.59 33.62
CA GLU BA 94 -49.01 -21.88 33.08
C GLU BA 94 -48.45 -20.90 34.09
N LEU BA 95 -49.31 -20.01 34.58
CA LEU BA 95 -48.80 -18.97 35.47
C LEU BA 95 -48.47 -19.50 36.85
N THR BA 96 -49.04 -20.64 37.26
CA THR BA 96 -48.62 -21.27 38.50
C THR BA 96 -47.22 -21.83 38.38
N VAL BA 97 -46.91 -22.47 37.25
CA VAL BA 97 -45.56 -22.91 36.98
C VAL BA 97 -44.61 -21.72 36.95
N GLN BA 98 -45.08 -20.59 36.41
CA GLN BA 98 -44.26 -19.38 36.42
C GLN BA 98 -44.00 -18.90 37.85
N ALA BA 99 -45.04 -18.79 38.65
CA ALA BA 99 -44.91 -18.17 39.97
C ALA BA 99 -44.22 -19.08 40.97
N SER BA 100 -44.23 -20.40 40.72
CA SER BA 100 -43.57 -21.32 41.63
C SER BA 100 -42.05 -21.16 41.63
N ASN BA 101 -41.51 -20.44 40.67
CA ASN BA 101 -40.09 -20.12 40.68
C ASN BA 101 -39.76 -19.23 41.88
N GLY BA 102 -38.60 -19.46 42.48
CA GLY BA 102 -38.18 -18.66 43.61
C GLY BA 102 -37.53 -17.34 43.26
N SER BA 103 -37.20 -17.13 41.98
CA SER BA 103 -36.54 -15.88 41.58
C SER BA 103 -37.48 -14.70 41.69
N TYR BA 104 -38.79 -14.94 41.66
CA TYR BA 104 -39.76 -13.85 41.69
C TYR BA 104 -39.88 -13.29 43.10
N SER BA 105 -39.80 -11.97 43.21
CA SER BA 105 -40.03 -11.31 44.49
C SER BA 105 -41.51 -11.37 44.86
N GLN BA 106 -41.81 -10.93 46.07
CA GLN BA 106 -43.15 -11.11 46.61
C GLN BA 106 -44.20 -10.36 45.80
N GLU BA 107 -43.84 -9.19 45.27
CA GLU BA 107 -44.82 -8.36 44.57
C GLU BA 107 -45.27 -9.00 43.26
N GLN BA 108 -44.35 -9.60 42.52
CA GLN BA 108 -44.75 -10.30 41.31
C GLN BA 108 -45.64 -11.49 41.63
N LEU BA 109 -45.37 -12.18 42.74
CA LEU BA 109 -46.28 -13.23 43.18
C LEU BA 109 -47.65 -12.66 43.54
N ASP BA 110 -47.68 -11.45 44.08
CA ASP BA 110 -48.96 -10.81 44.36
C ASP BA 110 -49.74 -10.52 43.08
N SER BA 111 -49.04 -10.05 42.05
CA SER BA 111 -49.72 -9.82 40.76
C SER BA 111 -50.22 -11.14 40.17
N VAL BA 112 -49.40 -12.19 40.27
CA VAL BA 112 -49.83 -13.51 39.79
C VAL BA 112 -51.07 -13.96 40.53
N GLN BA 113 -51.09 -13.79 41.86
CA GLN BA 113 -52.25 -14.17 42.64
C GLN BA 113 -53.47 -13.35 42.29
N GLY BA 114 -53.29 -12.07 41.96
CA GLY BA 114 -54.41 -11.27 41.49
C GLY BA 114 -54.99 -11.84 40.21
N GLU BA 115 -54.12 -12.24 39.29
CA GLU BA 115 -54.62 -12.87 38.07
C GLU BA 115 -55.29 -14.21 38.34
N ILE BA 116 -54.76 -14.99 39.28
CA ILE BA 116 -55.40 -16.25 39.66
C ILE BA 116 -56.79 -15.99 40.20
N ASN BA 117 -56.92 -14.98 41.06
CA ASN BA 117 -58.21 -14.64 41.63
C ASN BA 117 -59.19 -14.21 40.54
N GLN BA 118 -58.70 -13.44 39.56
CA GLN BA 118 -59.57 -13.05 38.45
C GLN BA 118 -60.05 -14.27 37.67
N ARG BA 119 -59.14 -15.19 37.37
CA ARG BA 119 -59.53 -16.39 36.63
C ARG BA 119 -60.51 -17.24 37.43
N LEU BA 120 -60.27 -17.39 38.74
CA LEU BA 120 -61.16 -18.19 39.57
C LEU BA 120 -62.54 -17.53 39.68
N ALA BA 121 -62.57 -16.21 39.78
CA ALA BA 121 -63.85 -15.50 39.80
C ALA BA 121 -64.58 -15.70 38.48
N ASP BA 122 -63.86 -15.72 37.37
CA ASP BA 122 -64.51 -15.99 36.09
C ASP BA 122 -65.04 -17.41 36.03
N ILE BA 123 -64.30 -18.37 36.59
CA ILE BA 123 -64.78 -19.75 36.62
C ILE BA 123 -66.08 -19.82 37.40
N ASP BA 124 -66.12 -19.17 38.56
CA ASP BA 124 -67.34 -19.16 39.36
C ASP BA 124 -68.47 -18.45 38.63
N ARG BA 125 -68.16 -17.38 37.90
CA ARG BA 125 -69.18 -16.68 37.10
C ARG BA 125 -69.75 -17.60 36.04
N ILE BA 126 -68.88 -18.34 35.35
CA ILE BA 126 -69.33 -19.31 34.36
C ILE BA 126 -70.22 -20.35 35.02
N SER BA 127 -69.85 -20.77 36.23
CA SER BA 127 -70.65 -21.74 36.96
C SER BA 127 -72.04 -21.21 37.24
N GLU BA 128 -72.14 -19.98 37.73
CA GLU BA 128 -73.41 -19.45 38.20
C GLU BA 128 -74.23 -18.77 37.12
N GLN BA 129 -73.68 -18.56 35.92
CA GLN BA 129 -74.37 -17.78 34.91
C GLN BA 129 -74.60 -18.50 33.59
N THR BA 130 -73.98 -19.66 33.36
CA THR BA 130 -74.27 -20.43 32.16
C THR BA 130 -75.70 -20.92 32.22
N ASP BA 131 -76.57 -20.32 31.42
CA ASP BA 131 -78.00 -20.58 31.48
C ASP BA 131 -78.47 -21.23 30.18
N PHE BA 132 -79.51 -22.06 30.31
CA PHE BA 132 -80.15 -22.68 29.15
C PHE BA 132 -81.60 -22.91 29.54
N ASN BA 133 -82.52 -22.19 28.91
CA ASN BA 133 -83.94 -22.27 29.24
C ASN BA 133 -84.16 -22.00 30.72
N GLY BA 134 -83.47 -20.99 31.24
CA GLY BA 134 -83.59 -20.65 32.65
C GLY BA 134 -83.13 -21.73 33.60
N VAL BA 135 -82.09 -22.47 33.22
CA VAL BA 135 -81.54 -23.54 34.05
C VAL BA 135 -80.05 -23.28 34.22
N LYS BA 136 -79.60 -23.19 35.47
CA LYS BA 136 -78.19 -23.02 35.76
C LYS BA 136 -77.46 -24.34 35.52
N VAL BA 137 -77.23 -24.67 34.25
CA VAL BA 137 -76.85 -26.03 33.89
C VAL BA 137 -75.50 -26.40 34.49
N LEU BA 138 -74.51 -25.51 34.36
CA LEU BA 138 -73.17 -25.80 34.87
C LEU BA 138 -72.97 -25.17 36.25
N SER BA 139 -73.89 -25.42 37.17
CA SER BA 139 -73.83 -24.82 38.50
C SER BA 139 -73.82 -25.92 39.56
N ASP BA 140 -73.77 -25.50 40.82
CA ASP BA 140 -73.78 -26.43 41.93
C ASP BA 140 -75.17 -26.96 42.24
N SER BA 141 -76.22 -26.40 41.65
CA SER BA 141 -77.59 -26.87 41.82
C SER BA 141 -78.15 -27.16 40.43
N ALA BA 142 -77.86 -28.36 39.94
CA ALA BA 142 -78.36 -28.78 38.62
C ALA BA 142 -78.54 -30.30 38.67
N LYS BA 143 -79.76 -30.73 38.95
CA LYS BA 143 -80.04 -32.16 38.93
C LYS BA 143 -80.00 -32.66 37.48
N PRO BA 144 -79.63 -33.92 37.29
CA PRO BA 144 -79.57 -34.47 35.93
C PRO BA 144 -80.94 -34.42 35.25
N LEU BA 145 -80.93 -34.21 33.94
CA LEU BA 145 -82.15 -34.08 33.17
C LEU BA 145 -82.67 -35.46 32.76
N THR BA 146 -83.79 -35.47 32.03
CA THR BA 146 -84.44 -36.70 31.63
C THR BA 146 -84.38 -36.94 30.12
N LEU BA 147 -84.86 -36.00 29.32
CA LEU BA 147 -84.89 -36.14 27.86
C LEU BA 147 -85.66 -37.38 27.43
N GLN BA 148 -86.96 -37.36 27.70
CA GLN BA 148 -87.83 -38.46 27.32
C GLN BA 148 -87.79 -38.65 25.81
N VAL BA 149 -87.21 -39.76 25.37
CA VAL BA 149 -87.08 -40.09 23.95
C VAL BA 149 -87.91 -41.34 23.69
N GLY BA 150 -88.83 -41.24 22.74
CA GLY BA 150 -89.72 -42.31 22.38
C GLY BA 150 -91.06 -42.20 23.10
N ALA BA 151 -92.11 -42.67 22.43
CA ALA BA 151 -93.41 -42.77 23.07
C ALA BA 151 -93.39 -43.88 24.11
N ASN BA 152 -94.55 -44.13 24.73
CA ASN BA 152 -94.69 -45.18 25.74
C ASN BA 152 -93.70 -44.94 26.89
N ASP BA 153 -93.97 -43.85 27.60
CA ASP BA 153 -93.04 -43.32 28.61
C ASP BA 153 -92.52 -44.41 29.53
N GLY BA 154 -91.30 -44.21 30.02
CA GLY BA 154 -90.63 -45.18 30.85
C GLY BA 154 -89.14 -45.21 30.58
N GLU BA 155 -88.73 -44.56 29.50
CA GLU BA 155 -87.32 -44.51 29.09
C GLU BA 155 -86.90 -43.06 28.95
N THR BA 156 -85.70 -42.74 29.43
CA THR BA 156 -85.14 -41.41 29.39
C THR BA 156 -83.65 -41.51 29.09
N ILE BA 157 -82.98 -40.35 29.09
CA ILE BA 157 -81.53 -40.28 28.88
C ILE BA 157 -81.00 -39.34 29.94
N THR BA 158 -80.48 -39.90 31.04
CA THR BA 158 -79.96 -39.08 32.12
C THR BA 158 -78.68 -38.38 31.67
N LEU BA 159 -78.57 -37.08 31.96
CA LEU BA 159 -77.42 -36.28 31.58
C LEU BA 159 -76.29 -36.34 32.60
N ASN BA 160 -76.62 -36.19 33.89
CA ASN BA 160 -75.63 -36.22 34.97
C ASN BA 160 -74.56 -35.14 34.78
N LEU BA 161 -75.01 -33.89 34.87
CA LEU BA 161 -74.10 -32.74 34.76
C LEU BA 161 -74.40 -31.81 35.92
N SER BA 162 -73.35 -31.43 36.67
CA SER BA 162 -73.49 -30.49 37.77
C SER BA 162 -72.13 -30.24 38.41
N GLU BA 163 -72.06 -29.14 39.17
CA GLU BA 163 -70.94 -28.81 40.05
C GLU BA 163 -69.61 -28.73 39.31
N ILE BA 164 -69.51 -27.75 38.43
CA ILE BA 164 -68.22 -27.26 37.94
C ILE BA 164 -68.10 -25.81 38.38
N SER BA 165 -67.16 -25.54 39.27
CA SER BA 165 -66.96 -24.22 39.87
C SER BA 165 -65.74 -24.30 40.78
N VAL BA 166 -65.38 -23.16 41.35
CA VAL BA 166 -64.47 -23.18 42.49
C VAL BA 166 -65.17 -23.90 43.64
N LYS BA 167 -64.36 -24.50 44.53
CA LYS BA 167 -64.83 -25.22 45.72
C LYS BA 167 -65.40 -26.58 45.34
N THR BA 168 -65.47 -26.88 44.04
CA THR BA 168 -65.83 -28.22 43.59
C THR BA 168 -64.85 -28.81 42.59
N LEU BA 169 -64.09 -28.00 41.86
CA LEU BA 169 -62.89 -28.50 41.20
C LEU BA 169 -61.77 -28.78 42.19
N GLY BA 170 -61.94 -28.40 43.45
CA GLY BA 170 -61.01 -28.73 44.49
C GLY BA 170 -60.06 -27.62 44.88
N LEU BA 171 -59.92 -26.59 44.05
CA LEU BA 171 -58.98 -25.52 44.36
C LEU BA 171 -59.41 -24.79 45.62
N ASP BA 172 -60.47 -24.01 45.53
CA ASP BA 172 -61.22 -23.46 46.66
C ASP BA 172 -60.39 -22.52 47.53
N GLY BA 173 -59.08 -22.54 47.36
CA GLY BA 173 -58.19 -21.69 48.12
C GLY BA 173 -56.92 -21.36 47.37
N PHE BA 174 -56.92 -21.61 46.07
CA PHE BA 174 -55.68 -21.63 45.30
C PHE BA 174 -54.88 -20.35 45.52
N ASN BA 175 -53.62 -20.52 45.89
CA ASN BA 175 -52.83 -19.43 46.42
C ASN BA 175 -51.36 -19.66 46.13
N VAL BA 176 -50.65 -18.59 45.81
CA VAL BA 176 -49.20 -18.66 45.61
C VAL BA 176 -48.44 -17.77 46.58
N ASN BA 177 -49.10 -16.79 47.21
CA ASN BA 177 -48.50 -15.84 48.14
C ASN BA 177 -49.25 -15.90 49.47
N GLY BA 178 -49.02 -14.90 50.31
CA GLY BA 178 -49.67 -14.86 51.60
C GLY BA 178 -51.19 -14.83 51.50
N LYS BA 179 -51.72 -14.00 50.60
CA LYS BA 179 -53.16 -13.81 50.51
C LYS BA 179 -53.86 -15.00 49.87
N GLY BA 180 -54.25 -15.97 50.69
CA GLY BA 180 -54.86 -17.19 50.19
C GLY BA 180 -56.05 -17.67 51.00
N VAL BA 181 -56.85 -16.74 51.53
CA VAL BA 181 -57.89 -17.03 52.50
C VAL BA 181 -58.75 -18.21 52.05
N THR BA 182 -58.83 -19.23 52.89
CA THR BA 182 -59.58 -20.44 52.63
C THR BA 182 -60.89 -20.42 53.42
N GLN BA 183 -61.60 -21.54 53.42
CA GLN BA 183 -62.89 -21.66 54.08
C GLN BA 183 -62.80 -22.67 55.22
N ASN BA 184 -63.40 -22.32 56.36
CA ASN BA 184 -63.45 -23.22 57.50
C ASN BA 184 -64.68 -24.10 57.43
N ARG BA 185 -64.91 -24.88 58.48
CA ARG BA 185 -66.01 -25.84 58.53
C ARG BA 185 -66.86 -25.61 59.78
N SER BA 186 -68.13 -25.96 59.68
CA SER BA 186 -69.04 -25.84 60.81
C SER BA 186 -68.58 -26.74 61.95
N ALA BA 187 -68.56 -26.19 63.16
CA ALA BA 187 -68.20 -26.98 64.32
C ALA BA 187 -69.33 -27.92 64.70
N THR BA 188 -68.99 -29.18 64.92
CA THR BA 188 -69.95 -30.19 65.35
C THR BA 188 -69.88 -30.38 66.86
N VAL BA 189 -70.92 -31.02 67.40
CA VAL BA 189 -70.98 -31.26 68.84
C VAL BA 189 -69.80 -32.11 69.30
N THR BA 190 -69.37 -33.06 68.45
CA THR BA 190 -68.21 -33.87 68.80
C THR BA 190 -66.97 -33.02 68.98
N ASP BA 191 -66.76 -32.04 68.10
CA ASP BA 191 -65.63 -31.13 68.25
C ASP BA 191 -65.74 -30.33 69.53
N VAL BA 192 -66.95 -29.87 69.87
CA VAL BA 192 -67.15 -29.09 71.08
C VAL BA 192 -66.79 -29.91 72.31
N ILE BA 193 -67.22 -31.18 72.34
CA ILE BA 193 -66.88 -32.05 73.46
C ILE BA 193 -65.39 -32.35 73.49
N ALA BA 194 -64.76 -32.45 72.31
CA ALA BA 194 -63.36 -32.86 72.26
C ALA BA 194 -62.46 -31.88 73.00
N GLN BA 195 -62.71 -30.59 72.86
CA GLN BA 195 -61.89 -29.56 73.51
C GLN BA 195 -62.40 -29.28 74.93
N GLY BA 196 -62.47 -30.34 75.73
CA GLY BA 196 -62.92 -30.21 77.10
C GLY BA 196 -64.35 -29.72 77.23
N GLY BA 197 -65.25 -30.21 76.39
CA GLY BA 197 -66.62 -29.76 76.46
C GLY BA 197 -67.28 -30.13 77.77
N THR BA 198 -67.96 -29.15 78.36
CA THR BA 198 -68.68 -29.32 79.62
C THR BA 198 -70.14 -29.00 79.40
N LEU BA 199 -70.99 -30.01 79.46
CA LEU BA 199 -72.41 -29.83 79.17
C LEU BA 199 -73.09 -29.03 80.27
N GLN BA 200 -74.03 -28.17 79.88
CA GLN BA 200 -74.76 -27.32 80.82
C GLN BA 200 -76.26 -27.34 80.65
N GLY BA 201 -76.79 -27.95 79.60
CA GLY BA 201 -78.22 -27.94 79.36
C GLY BA 201 -78.63 -28.63 78.07
N ASP BA 202 -79.50 -27.99 77.30
CA ASP BA 202 -79.94 -28.54 76.01
C ASP BA 202 -78.84 -28.30 74.99
N GLY BA 203 -77.86 -29.21 75.00
CA GLY BA 203 -76.72 -29.10 74.10
C GLY BA 203 -75.87 -27.87 74.33
N THR BA 204 -75.83 -27.37 75.56
CA THR BA 204 -75.09 -26.16 75.90
C THR BA 204 -73.76 -26.56 76.54
N TYR BA 205 -72.67 -26.25 75.86
CA TYR BA 205 -71.33 -26.61 76.33
C TYR BA 205 -70.48 -25.36 76.48
N LYS BA 206 -69.62 -25.36 77.50
CA LYS BA 206 -68.70 -24.24 77.77
C LYS BA 206 -67.27 -24.77 77.68
N ALA BA 207 -66.59 -24.43 76.60
CA ALA BA 207 -65.19 -24.77 76.46
C ALA BA 207 -64.34 -23.91 77.40
N THR BA 208 -63.31 -24.52 77.97
CA THR BA 208 -62.45 -23.86 78.96
C THR BA 208 -61.05 -23.72 78.41
N THR BA 209 -60.36 -22.66 78.86
CA THR BA 209 -58.96 -22.46 78.51
C THR BA 209 -58.33 -21.62 79.61
N THR BA 210 -57.59 -22.26 80.51
CA THR BA 210 -56.92 -21.54 81.58
C THR BA 210 -55.81 -20.66 81.00
N PHE BA 211 -55.56 -19.54 81.68
CA PHE BA 211 -54.55 -18.59 81.24
C PHE BA 211 -53.55 -18.22 82.33
N ASN BA 212 -53.51 -18.96 83.44
CA ASN BA 212 -52.65 -18.59 84.54
C ASN BA 212 -51.19 -18.65 84.11
N ALA BA 213 -50.58 -17.48 83.93
CA ALA BA 213 -49.28 -17.36 83.29
C ALA BA 213 -48.67 -16.03 83.72
N ALA BA 214 -47.67 -15.58 82.97
CA ALA BA 214 -46.88 -14.39 83.29
C ALA BA 214 -46.05 -14.64 84.55
N SER BA 215 -45.25 -15.71 84.52
CA SER BA 215 -44.33 -16.00 85.60
C SER BA 215 -43.22 -14.94 85.64
N ALA BA 216 -42.30 -15.12 86.59
CA ALA BA 216 -41.25 -14.13 86.80
C ALA BA 216 -40.39 -13.95 85.56
N GLU BA 217 -40.07 -15.06 84.87
CA GLU BA 217 -39.22 -14.97 83.70
C GLU BA 217 -39.87 -14.14 82.60
N THR BA 218 -41.16 -14.38 82.33
CA THR BA 218 -41.83 -13.70 81.23
C THR BA 218 -42.07 -12.22 81.54
N VAL BA 219 -42.21 -11.87 82.82
CA VAL BA 219 -42.41 -10.46 83.14
C VAL BA 219 -41.07 -9.74 83.24
N LEU BA 220 -40.00 -10.47 83.55
CA LEU BA 220 -38.67 -9.88 83.46
C LEU BA 220 -38.22 -9.73 82.02
N SER BA 221 -38.78 -10.53 81.11
CA SER BA 221 -38.39 -10.45 79.70
C SER BA 221 -38.74 -9.11 79.07
N LYS BA 222 -39.73 -8.39 79.59
CA LYS BA 222 -40.11 -7.11 79.02
C LYS BA 222 -39.95 -6.00 80.04
N LEU BA 223 -38.83 -5.98 80.74
CA LEU BA 223 -38.58 -5.06 81.84
C LEU BA 223 -37.63 -3.95 81.39
N GLU BA 224 -38.02 -2.70 81.65
CA GLU BA 224 -37.14 -1.56 81.41
C GLU BA 224 -37.21 -0.54 82.54
N ASP BA 225 -37.89 -0.86 83.65
CA ASP BA 225 -38.03 0.09 84.75
C ASP BA 225 -37.68 -0.60 86.07
N GLY BA 226 -37.97 0.07 87.18
CA GLY BA 226 -37.60 -0.47 88.48
C GLY BA 226 -38.64 -1.42 89.05
N ASN BA 227 -38.14 -2.43 89.77
CA ASN BA 227 -38.99 -3.38 90.47
C ASN BA 227 -38.69 -3.30 91.97
N THR BA 228 -39.28 -4.21 92.74
CA THR BA 228 -39.10 -4.19 94.18
C THR BA 228 -39.29 -5.57 94.75
N VAL BA 229 -38.65 -5.83 95.89
CA VAL BA 229 -38.76 -7.09 96.61
C VAL BA 229 -39.00 -6.78 98.08
N ALA BA 230 -40.07 -7.35 98.63
CA ALA BA 230 -40.41 -7.17 100.03
C ALA BA 230 -40.76 -8.52 100.64
N VAL BA 231 -40.10 -8.87 101.74
CA VAL BA 231 -40.33 -10.15 102.41
C VAL BA 231 -41.44 -9.92 103.43
N GLY BA 232 -42.68 -10.02 102.97
CA GLY BA 232 -43.81 -9.80 103.85
C GLY BA 232 -43.80 -8.39 104.42
N GLY BA 233 -43.92 -8.30 105.74
CA GLY BA 233 -43.91 -7.04 106.44
C GLY BA 233 -42.54 -6.55 106.87
N GLY BA 234 -41.47 -7.18 106.40
CA GLY BA 234 -40.12 -6.79 106.74
C GLY BA 234 -39.57 -5.72 105.82
N ALA BA 235 -38.24 -5.69 105.71
CA ALA BA 235 -37.58 -4.69 104.90
C ALA BA 235 -37.89 -4.91 103.42
N THR BA 236 -37.76 -3.85 102.63
CA THR BA 236 -38.07 -3.87 101.21
C THR BA 236 -36.87 -3.36 100.41
N TYR BA 237 -36.62 -3.99 99.27
CA TYR BA 237 -35.52 -3.63 98.40
C TYR BA 237 -36.03 -3.37 96.99
N THR BA 238 -35.50 -2.33 96.34
CA THR BA 238 -35.88 -1.98 94.99
C THR BA 238 -34.67 -2.06 94.07
N TYR BA 239 -34.92 -2.46 92.83
CA TYR BA 239 -33.88 -2.65 91.83
C TYR BA 239 -34.28 -1.99 90.53
N ASP BA 240 -33.30 -1.48 89.80
CA ASP BA 240 -33.54 -0.77 88.55
C ASP BA 240 -32.69 -1.39 87.45
N ALA BA 241 -33.31 -1.69 86.31
CA ALA BA 241 -32.63 -2.29 85.17
C ALA BA 241 -32.20 -1.18 84.22
N ALA BA 242 -30.93 -0.77 84.32
CA ALA BA 242 -30.42 0.28 83.45
C ALA BA 242 -30.43 -0.15 81.99
N LYS BA 243 -29.65 -1.17 81.65
CA LYS BA 243 -29.63 -1.76 80.31
C LYS BA 243 -30.17 -3.18 80.33
N GLY BA 244 -30.99 -3.51 81.33
CA GLY BA 244 -31.30 -4.88 81.65
C GLY BA 244 -30.45 -5.45 82.77
N ASN BA 245 -29.37 -4.78 83.13
CA ASN BA 245 -28.55 -5.13 84.29
C ASN BA 245 -29.00 -4.29 85.48
N PHE BA 246 -29.25 -4.94 86.60
CA PHE BA 246 -29.94 -4.28 87.71
C PHE BA 246 -28.96 -3.48 88.56
N THR BA 247 -29.40 -2.29 88.99
CA THR BA 247 -28.65 -1.44 89.91
C THR BA 247 -29.51 -1.18 91.13
N TYR BA 248 -28.90 -1.22 92.31
CA TYR BA 248 -29.63 -1.07 93.55
C TYR BA 248 -28.62 -0.81 94.66
N THR BA 249 -29.11 -0.71 95.89
CA THR BA 249 -28.27 -0.44 97.05
C THR BA 249 -28.42 -1.54 98.09
N LYS BA 250 -27.29 -1.89 98.71
CA LYS BA 250 -27.26 -2.71 99.91
C LYS BA 250 -26.50 -1.98 100.99
N THR BA 251 -27.05 -1.99 102.20
CA THR BA 251 -26.38 -1.39 103.34
C THR BA 251 -25.25 -2.30 103.81
N VAL BA 252 -24.19 -1.68 104.32
CA VAL BA 252 -23.08 -2.39 104.95
C VAL BA 252 -22.95 -1.86 106.36
N ASP BA 253 -23.10 -2.74 107.34
CA ASP BA 253 -23.08 -2.33 108.74
C ASP BA 253 -22.83 -3.56 109.61
N THR BA 254 -22.98 -3.39 110.92
CA THR BA 254 -22.75 -4.45 111.90
C THR BA 254 -23.83 -4.35 112.97
N THR BA 255 -23.59 -5.00 114.10
CA THR BA 255 -24.56 -5.04 115.19
C THR BA 255 -24.05 -4.43 116.49
N VAL BA 256 -22.76 -4.11 116.58
CA VAL BA 256 -22.16 -3.61 117.82
C VAL BA 256 -21.94 -2.11 117.66
N GLY BA 257 -22.59 -1.32 118.53
CA GLY BA 257 -22.39 0.11 118.49
C GLY BA 257 -20.99 0.53 118.92
N ALA BA 258 -20.40 -0.22 119.85
CA ALA BA 258 -19.09 0.14 120.38
C ALA BA 258 -17.94 -0.39 119.55
N ASP BA 259 -18.20 -1.30 118.60
CA ASP BA 259 -17.13 -1.88 117.79
C ASP BA 259 -17.68 -2.15 116.39
N VAL BA 260 -17.21 -1.39 115.41
CA VAL BA 260 -17.59 -1.62 114.02
C VAL BA 260 -16.33 -1.92 113.21
N THR BA 261 -15.33 -2.53 113.87
CA THR BA 261 -14.17 -2.99 113.13
C THR BA 261 -14.57 -3.97 112.04
N ALA BA 262 -15.60 -4.78 112.30
CA ALA BA 262 -16.14 -5.65 111.26
C ALA BA 262 -16.74 -4.85 110.11
N LEU BA 263 -17.31 -3.69 110.41
CA LEU BA 263 -17.83 -2.84 109.34
C LEU BA 263 -16.71 -2.38 108.40
N ALA BA 264 -15.59 -1.95 108.97
CA ALA BA 264 -14.44 -1.56 108.15
C ALA BA 264 -13.88 -2.76 107.41
N ASN BA 265 -13.82 -3.92 108.06
CA ASN BA 265 -13.36 -5.14 107.42
C ASN BA 265 -14.35 -5.69 106.40
N LYS BA 266 -15.56 -5.14 106.36
CA LYS BA 266 -16.52 -5.39 105.29
C LYS BA 266 -16.34 -4.44 104.12
N ILE BA 267 -16.15 -3.15 104.41
CA ILE BA 267 -15.98 -2.18 103.33
C ILE BA 267 -14.65 -2.39 102.61
N LYS BA 268 -13.60 -2.72 103.34
CA LYS BA 268 -12.26 -2.80 102.74
C LYS BA 268 -12.16 -3.82 101.61
N PRO BA 269 -12.64 -5.07 101.76
CA PRO BA 269 -12.56 -6.00 100.62
C PRO BA 269 -13.33 -5.53 99.40
N SER BA 270 -14.43 -4.80 99.60
CA SER BA 270 -15.18 -4.28 98.47
C SER BA 270 -14.34 -3.31 97.65
N SER BA 271 -13.54 -2.48 98.32
CA SER BA 271 -12.64 -1.58 97.61
C SER BA 271 -11.55 -2.33 96.86
N GLY BA 272 -11.15 -3.49 97.36
CA GLY BA 272 -10.09 -4.27 96.77
C GLY BA 272 -8.86 -4.35 97.64
N THR BA 273 -7.72 -4.53 96.99
CA THR BA 273 -6.44 -4.62 97.68
C THR BA 273 -5.53 -3.45 97.36
N ILE BA 274 -5.21 -3.25 96.08
CA ILE BA 274 -4.34 -2.15 95.63
C ILE BA 274 -4.95 -1.54 94.39
N SER BA 275 -5.11 -0.21 94.39
CA SER BA 275 -5.62 0.50 93.23
C SER BA 275 -5.11 1.94 93.29
N GLY BA 276 -5.47 2.71 92.27
CA GLY BA 276 -4.95 4.06 92.11
C GLY BA 276 -5.89 5.17 92.52
N SER BA 277 -6.55 5.78 91.53
CA SER BA 277 -7.33 7.00 91.78
C SER BA 277 -8.56 6.68 92.62
N TYR BA 278 -8.59 7.21 93.84
CA TYR BA 278 -9.74 7.14 94.74
C TYR BA 278 -10.29 8.53 94.96
N GLU BA 279 -11.39 8.60 95.70
CA GLU BA 279 -11.96 9.87 96.13
C GLU BA 279 -12.42 9.74 97.58
N ILE BA 280 -12.10 10.74 98.39
CA ILE BA 280 -12.52 10.80 99.78
C ILE BA 280 -13.32 12.07 99.98
N SER BA 281 -14.49 11.94 100.60
CA SER BA 281 -15.39 13.06 100.85
C SER BA 281 -15.58 13.28 102.35
N THR BA 282 -14.52 13.10 103.13
CA THR BA 282 -14.61 13.33 104.56
C THR BA 282 -14.89 14.80 104.84
N GLY BA 283 -15.55 15.06 105.96
CA GLY BA 283 -16.06 16.40 106.20
C GLY BA 283 -17.33 16.62 105.40
N LYS BA 284 -17.34 17.61 104.51
CA LYS BA 284 -18.49 17.81 103.66
C LYS BA 284 -18.12 17.93 102.18
N SER BA 285 -16.98 18.55 101.89
CA SER BA 285 -16.60 18.84 100.51
C SER BA 285 -15.12 18.55 100.28
N ALA BA 286 -14.66 17.39 100.76
CA ALA BA 286 -13.26 17.02 100.58
C ALA BA 286 -12.91 16.86 99.11
N SER BA 287 -13.53 15.89 98.44
CA SER BA 287 -13.35 15.67 97.00
C SER BA 287 -11.88 15.40 96.66
N PHE BA 288 -11.29 14.45 97.36
CA PHE BA 288 -9.92 14.04 97.09
C PHE BA 288 -9.80 13.31 95.75
N ASP BA 289 -8.57 13.28 95.23
CA ASP BA 289 -8.17 12.37 94.17
C ASP BA 289 -6.88 11.71 94.64
N VAL BA 290 -7.01 10.64 95.43
CA VAL BA 290 -5.88 10.07 96.15
C VAL BA 290 -5.46 8.77 95.49
N ASP BA 291 -4.29 8.29 95.89
CA ASP BA 291 -3.72 7.02 95.42
C ASP BA 291 -3.39 6.18 96.66
N ALA BA 292 -4.20 5.18 96.95
CA ALA BA 292 -4.02 4.33 98.13
C ALA BA 292 -3.41 3.01 97.68
N ALA BA 293 -2.09 2.94 97.68
CA ALA BA 293 -1.36 1.69 97.43
C ALA BA 293 -1.03 1.06 98.79
N GLY BA 294 -2.09 0.67 99.49
CA GLY BA 294 -1.96 0.30 100.89
C GLY BA 294 -2.13 1.51 101.77
N LYS BA 295 -1.02 2.10 102.20
CA LYS BA 295 -1.08 3.35 102.93
C LYS BA 295 -1.61 4.46 102.03
N ILE BA 296 -2.44 5.34 102.59
CA ILE BA 296 -3.13 6.34 101.80
C ILE BA 296 -2.17 7.49 101.47
N THR BA 297 -2.09 7.83 100.19
CA THR BA 297 -1.23 8.91 99.70
C THR BA 297 -1.98 9.76 98.70
N ILE BA 298 -1.42 10.93 98.40
CA ILE BA 298 -1.94 11.84 97.40
C ILE BA 298 -0.95 11.88 96.24
N GLY BA 299 -1.43 12.29 95.07
CA GLY BA 299 -0.56 12.48 93.95
C GLY BA 299 0.48 13.55 94.22
N GLY BA 300 1.73 13.14 94.45
CA GLY BA 300 2.81 14.07 94.71
C GLY BA 300 3.25 14.17 96.16
N ASN BA 301 2.52 13.60 97.11
CA ASN BA 301 2.89 13.71 98.51
C ASN BA 301 2.19 12.62 99.31
N ALA BA 302 2.39 12.65 100.62
CA ALA BA 302 1.77 11.70 101.54
C ALA BA 302 0.39 12.22 101.94
N ALA BA 303 -0.26 11.55 102.91
CA ALA BA 303 -1.56 11.99 103.39
C ALA BA 303 -1.75 11.43 104.80
N PHE BA 304 -1.57 12.29 105.80
CA PHE BA 304 -1.84 11.95 107.19
C PHE BA 304 -3.32 12.22 107.48
N LEU BA 305 -3.70 12.19 108.76
CA LEU BA 305 -5.09 12.37 109.13
C LEU BA 305 -5.18 13.02 110.49
N ASN BA 306 -5.96 14.09 110.59
CA ASN BA 306 -6.27 14.74 111.86
C ASN BA 306 -7.67 14.33 112.30
N ALA BA 307 -7.81 13.95 113.56
CA ALA BA 307 -9.00 13.23 114.02
C ALA BA 307 -9.56 13.83 115.30
N ASP BA 308 -10.74 13.32 115.66
CA ASP BA 308 -11.40 13.50 116.96
C ASP BA 308 -12.01 14.89 117.15
N GLY BA 309 -11.71 15.82 116.25
CA GLY BA 309 -12.51 17.04 116.16
C GLY BA 309 -13.39 16.95 114.93
N GLU BA 310 -12.75 16.60 113.82
CA GLU BA 310 -13.39 16.26 112.56
C GLU BA 310 -12.36 15.52 111.72
N LEU BA 311 -12.64 14.26 111.41
CA LEU BA 311 -11.61 13.39 110.85
C LEU BA 311 -11.36 13.76 109.39
N THR BA 312 -10.32 14.57 109.16
CA THR BA 312 -9.98 15.06 107.84
C THR BA 312 -8.61 14.54 107.43
N THR BA 313 -8.37 14.49 106.12
CA THR BA 313 -7.15 13.95 105.55
C THR BA 313 -6.29 15.09 105.03
N ASN BA 314 -5.01 15.10 105.41
CA ASN BA 314 -4.05 16.08 104.93
C ASN BA 314 -2.64 15.52 105.06
N ASP BA 315 -1.73 16.04 104.26
CA ASP BA 315 -0.31 15.71 104.44
C ASP BA 315 0.36 16.61 105.47
N ALA BA 316 -0.33 17.63 105.96
CA ALA BA 316 0.19 18.53 106.99
C ALA BA 316 -0.05 17.90 108.34
N SER BA 317 0.93 17.13 108.80
CA SER BA 317 0.78 16.39 110.05
C SER BA 317 0.81 17.34 111.24
N GLY BA 318 0.00 17.01 112.25
CA GLY BA 318 0.00 17.71 113.52
C GLY BA 318 0.70 16.91 114.60
N ALA BA 319 0.33 17.18 115.85
CA ALA BA 319 0.91 16.46 116.97
C ALA BA 319 0.32 15.06 117.13
N LEU BA 320 -0.94 14.87 116.75
CA LEU BA 320 -1.66 13.63 116.97
C LEU BA 320 -2.27 13.11 115.67
N THR BA 321 -1.45 13.07 114.61
CA THR BA 321 -1.92 12.69 113.29
C THR BA 321 -1.29 11.37 112.85
N GLN BA 322 -2.07 10.57 112.11
CA GLN BA 322 -1.65 9.26 111.64
C GLN BA 322 -2.02 9.13 110.17
N ALA BA 323 -1.39 8.17 109.49
CA ALA BA 323 -1.59 8.00 108.05
C ALA BA 323 -1.71 6.52 107.74
N THR BA 324 -2.90 6.09 107.31
CA THR BA 324 -3.12 4.75 106.77
C THR BA 324 -4.51 4.69 106.17
N LEU BA 325 -4.74 3.64 105.37
CA LEU BA 325 -6.07 3.45 104.77
C LEU BA 325 -7.10 3.10 105.83
N ASP BA 326 -6.71 2.34 106.86
CA ASP BA 326 -7.66 1.92 107.87
C ASP BA 326 -8.24 3.11 108.61
N ASP BA 327 -7.42 4.09 108.95
CA ASP BA 327 -7.91 5.28 109.63
C ASP BA 327 -8.88 6.06 108.75
N VAL BA 328 -8.57 6.18 107.46
CA VAL BA 328 -9.46 6.89 106.54
C VAL BA 328 -10.78 6.16 106.41
N LEU BA 329 -10.74 4.83 106.30
CA LEU BA 329 -11.97 4.05 106.20
C LEU BA 329 -12.79 4.16 107.48
N THR BA 330 -12.13 4.18 108.64
CA THR BA 330 -12.84 4.41 109.89
C THR BA 330 -13.47 5.80 109.90
N SER BA 331 -12.74 6.80 109.41
CA SER BA 331 -13.30 8.15 109.30
C SER BA 331 -14.57 8.15 108.48
N VAL BA 332 -14.53 7.52 107.30
CA VAL BA 332 -15.69 7.52 106.43
C VAL BA 332 -16.84 6.75 107.06
N GLY BA 333 -16.55 5.60 107.66
CA GLY BA 333 -17.60 4.71 108.12
C GLY BA 333 -18.02 4.86 109.57
N THR BA 334 -17.14 5.38 110.43
CA THR BA 334 -17.41 5.41 111.86
C THR BA 334 -17.60 6.83 112.38
N GLU BA 335 -16.63 7.71 112.17
CA GLU BA 335 -16.66 9.06 112.72
C GLU BA 335 -16.92 10.12 111.64
N ALA BA 336 -17.64 9.73 110.59
CA ALA BA 336 -17.99 10.69 109.55
C ALA BA 336 -18.86 11.80 110.10
N ASN BA 337 -19.87 11.44 110.90
CA ASN BA 337 -20.81 12.37 111.50
C ASN BA 337 -21.51 13.24 110.47
N SER BA 338 -21.53 12.80 109.21
CA SER BA 338 -22.14 13.55 108.12
C SER BA 338 -22.19 12.64 106.90
N SER BA 339 -22.65 13.21 105.79
CA SER BA 339 -22.70 12.48 104.51
C SER BA 339 -21.31 12.41 103.94
N VAL BA 340 -20.59 11.34 104.27
CA VAL BA 340 -19.22 11.11 103.82
C VAL BA 340 -19.20 9.83 103.01
N THR BA 341 -18.59 9.88 101.83
CA THR BA 341 -18.55 8.73 100.93
C THR BA 341 -17.17 8.62 100.32
N ILE BA 342 -16.90 7.45 99.72
CA ILE BA 342 -15.67 7.20 98.99
C ILE BA 342 -16.04 6.94 97.54
N GLY BA 343 -15.48 7.74 96.63
CA GLY BA 343 -15.74 7.61 95.22
C GLY BA 343 -14.79 6.71 94.47
N GLY BA 344 -13.90 6.02 95.16
CA GLY BA 344 -12.94 5.18 94.48
C GLY BA 344 -13.58 3.96 93.85
N THR BA 345 -13.00 3.55 92.71
CA THR BA 345 -13.44 2.37 91.97
C THR BA 345 -14.91 2.47 91.57
N LYS BA 346 -15.35 3.69 91.25
CA LYS BA 346 -16.71 3.94 90.77
C LYS BA 346 -17.77 3.43 91.75
N TYR BA 347 -17.51 3.61 93.04
CA TYR BA 347 -18.46 3.27 94.09
C TYR BA 347 -18.74 4.53 94.92
N SER BA 348 -19.71 4.41 95.81
CA SER BA 348 -20.05 5.52 96.70
C SER BA 348 -20.52 4.93 98.04
N HIS BA 349 -19.57 4.78 98.97
CA HIS BA 349 -19.88 4.21 100.28
C HIS BA 349 -20.25 5.34 101.23
N SER BA 350 -21.45 5.88 101.00
CA SER BA 350 -21.92 7.01 101.80
C SER BA 350 -22.19 6.58 103.23
N ALA BA 351 -21.84 7.44 104.17
CA ALA BA 351 -22.11 7.20 105.59
C ALA BA 351 -23.54 7.63 105.89
N ALA BA 352 -24.46 6.70 105.61
CA ALA BA 352 -25.87 6.97 105.89
C ALA BA 352 -26.11 7.22 107.36
N ASP BA 353 -25.47 6.44 108.23
CA ASP BA 353 -25.49 6.66 109.66
C ASP BA 353 -24.07 6.57 110.20
N GLU BA 354 -23.70 7.53 111.04
CA GLU BA 354 -22.39 7.51 111.67
C GLU BA 354 -22.44 6.70 112.97
N LEU BA 355 -21.28 6.49 113.56
CA LEU BA 355 -21.16 5.75 114.81
C LEU BA 355 -20.93 6.73 115.95
N SER BA 356 -21.94 6.90 116.80
CA SER BA 356 -21.79 7.64 118.05
C SER BA 356 -21.27 6.76 119.18
N TYR BA 357 -20.66 5.63 118.84
CA TYR BA 357 -20.11 4.61 119.73
C TYR BA 357 -21.21 3.86 120.49
N THR BA 358 -22.47 4.23 120.30
CA THR BA 358 -23.61 3.49 120.84
C THR BA 358 -24.52 2.98 119.73
N ALA BA 359 -24.90 3.83 118.79
CA ALA BA 359 -25.72 3.43 117.66
C ALA BA 359 -24.83 2.99 116.50
N VAL BA 360 -25.18 1.86 115.90
CA VAL BA 360 -24.35 1.28 114.85
C VAL BA 360 -24.34 2.18 113.62
N ALA BA 361 -23.20 2.28 112.97
CA ALA BA 361 -23.04 3.12 111.79
C ALA BA 361 -23.46 2.38 110.53
N THR BA 362 -23.74 3.15 109.48
CA THR BA 362 -24.20 2.63 108.21
C THR BA 362 -23.35 3.20 107.09
N THR BA 363 -22.88 2.33 106.19
CA THR BA 363 -22.06 2.71 105.04
C THR BA 363 -22.66 2.16 103.76
N ALA BA 364 -23.96 2.39 103.57
CA ALA BA 364 -24.66 1.86 102.42
C ALA BA 364 -24.06 2.36 101.12
N ASP BA 365 -24.02 1.48 100.12
CA ASP BA 365 -23.47 1.80 98.80
C ASP BA 365 -24.38 1.24 97.72
N VAL BA 366 -24.21 1.76 96.52
CA VAL BA 366 -24.86 1.18 95.34
C VAL BA 366 -24.01 -0.01 94.91
N LEU BA 367 -24.38 -1.21 95.38
CA LEU BA 367 -23.58 -2.39 95.09
C LEU BA 367 -23.89 -2.97 93.71
N SER BA 368 -25.17 -3.15 93.40
CA SER BA 368 -25.62 -3.78 92.16
C SER BA 368 -25.01 -5.17 91.98
N ALA BA 369 -24.68 -5.82 93.11
CA ALA BA 369 -24.08 -7.15 93.07
C ALA BA 369 -25.04 -8.20 92.51
N MET BA 370 -26.33 -7.92 92.50
CA MET BA 370 -27.31 -8.75 91.82
C MET BA 370 -27.66 -8.18 90.45
N GLY BA 371 -26.67 -7.58 89.79
CA GLY BA 371 -26.92 -6.87 88.54
C GLY BA 371 -27.46 -7.77 87.44
N SER BA 372 -27.00 -9.02 87.40
CA SER BA 372 -27.44 -9.92 86.36
C SER BA 372 -28.95 -10.14 86.43
N SER BA 373 -29.62 -10.00 85.28
CA SER BA 373 -31.06 -10.22 85.25
C SER BA 373 -31.40 -11.64 85.64
N THR BA 374 -30.55 -12.60 85.27
CA THR BA 374 -30.74 -13.97 85.72
C THR BA 374 -30.55 -14.08 87.23
N ALA BA 375 -29.64 -13.30 87.82
CA ALA BA 375 -29.49 -13.31 89.26
C ALA BA 375 -30.76 -12.82 89.96
N VAL BA 376 -31.37 -11.76 89.43
CA VAL BA 376 -32.62 -11.27 89.99
C VAL BA 376 -33.73 -12.30 89.80
N SER BA 377 -33.73 -13.00 88.66
CA SER BA 377 -34.69 -14.07 88.47
C SER BA 377 -34.50 -15.18 89.50
N THR BA 378 -33.24 -15.51 89.81
CA THR BA 378 -32.97 -16.51 90.83
C THR BA 378 -33.49 -16.08 92.18
N VAL BA 379 -33.21 -14.83 92.57
CA VAL BA 379 -33.58 -14.39 93.91
C VAL BA 379 -35.09 -14.24 94.03
N THR BA 380 -35.77 -13.85 92.95
CA THR BA 380 -37.22 -13.76 93.02
C THR BA 380 -37.90 -15.11 92.83
N LEU BA 381 -37.18 -16.11 92.34
CA LEU BA 381 -37.72 -17.46 92.23
C LEU BA 381 -37.46 -18.29 93.48
N GLY BA 382 -36.37 -18.03 94.18
CA GLY BA 382 -36.04 -18.77 95.39
C GLY BA 382 -36.26 -17.96 96.65
N SER BA 383 -37.05 -16.90 96.54
CA SER BA 383 -37.31 -16.04 97.69
C SER BA 383 -38.16 -16.77 98.73
N GLY BA 384 -38.16 -16.23 99.95
CA GLY BA 384 -38.96 -16.80 101.01
C GLY BA 384 -40.42 -16.42 100.89
N ILE BA 385 -41.06 -16.09 102.02
CA ILE BA 385 -42.44 -15.65 101.99
C ILE BA 385 -42.45 -14.15 101.72
N THR BA 386 -42.41 -13.78 100.45
CA THR BA 386 -42.23 -12.40 100.03
C THR BA 386 -43.41 -11.95 99.18
N SER BA 387 -43.40 -10.65 98.87
CA SER BA 387 -44.41 -10.02 98.02
C SER BA 387 -43.72 -9.12 96.99
N ALA BA 388 -42.68 -9.65 96.35
CA ALA BA 388 -41.91 -8.87 95.41
C ALA BA 388 -42.77 -8.45 94.22
N ALA BA 389 -42.52 -7.24 93.72
CA ALA BA 389 -43.34 -6.64 92.68
C ALA BA 389 -42.46 -6.02 91.60
N VAL BA 390 -43.00 -5.95 90.39
CA VAL BA 390 -42.28 -5.43 89.22
C VAL BA 390 -43.12 -4.34 88.56
N THR BA 391 -42.51 -3.18 88.36
CA THR BA 391 -43.04 -2.13 87.49
C THR BA 391 -42.22 -2.15 86.22
N PHE BA 392 -42.85 -2.53 85.11
CA PHE BA 392 -42.12 -2.82 83.88
C PHE BA 392 -42.58 -1.97 82.70
N ALA BA 393 -43.22 -0.84 82.97
CA ALA BA 393 -43.74 -0.03 81.86
C ALA BA 393 -43.73 1.44 82.27
N ILE BA 394 -43.94 2.29 81.28
CA ILE BA 394 -43.81 3.73 81.46
C ILE BA 394 -45.15 4.32 81.87
N ALA BA 395 -45.10 5.56 82.37
CA ALA BA 395 -46.24 6.26 82.97
C ALA BA 395 -47.55 6.07 82.22
N THR BA 396 -47.52 6.16 80.89
CA THR BA 396 -48.74 5.97 80.12
C THR BA 396 -49.16 4.51 80.05
N THR BA 397 -48.26 3.57 80.35
CA THR BA 397 -48.58 2.16 80.41
C THR BA 397 -48.19 1.54 81.74
N ASP BA 398 -47.93 2.37 82.76
CA ASP BA 398 -47.39 1.90 84.02
C ASP BA 398 -48.34 0.92 84.70
N SER BA 399 -47.76 -0.06 85.38
CA SER BA 399 -48.51 -1.07 86.09
C SER BA 399 -47.58 -1.72 87.11
N ASN BA 400 -48.11 -2.70 87.84
CA ASN BA 400 -47.32 -3.43 88.81
C ASN BA 400 -47.79 -4.87 88.81
N ASN BA 401 -46.86 -5.80 89.00
CA ASN BA 401 -47.15 -7.22 89.03
C ASN BA 401 -46.86 -7.77 90.42
N THR BA 402 -47.84 -8.47 90.99
CA THR BA 402 -47.69 -9.13 92.28
C THR BA 402 -47.91 -10.62 92.10
N TRP BA 403 -46.97 -11.41 92.61
CA TRP BA 403 -46.95 -12.85 92.34
C TRP BA 403 -46.69 -13.63 93.63
N VAL BA 404 -46.61 -14.95 93.47
CA VAL BA 404 -46.47 -15.85 94.61
C VAL BA 404 -45.11 -15.64 95.27
N ASP BA 405 -45.05 -15.92 96.57
CA ASP BA 405 -43.86 -15.64 97.36
C ASP BA 405 -42.61 -16.30 96.76
N ASN BA 406 -42.75 -17.48 96.15
CA ASN BA 406 -41.58 -18.18 95.64
C ASN BA 406 -41.79 -18.89 94.31
N LYS BA 407 -42.82 -18.52 93.54
CA LYS BA 407 -43.02 -19.09 92.21
C LYS BA 407 -42.85 -18.10 91.08
N GLY BA 408 -43.18 -16.82 91.29
CA GLY BA 408 -43.21 -15.87 90.19
C GLY BA 408 -44.51 -15.83 89.43
N GLU BA 409 -45.40 -16.80 89.63
CA GLU BA 409 -46.67 -16.85 88.93
C GLU BA 409 -47.58 -15.75 89.46
N LEU BA 410 -48.06 -14.88 88.56
CA LEU BA 410 -48.93 -13.78 88.93
C LEU BA 410 -50.33 -14.32 89.21
N THR BA 411 -50.74 -14.25 90.48
CA THR BA 411 -52.03 -14.83 90.87
C THR BA 411 -53.19 -14.13 90.18
N ASP BA 412 -53.15 -12.80 90.11
CA ASP BA 412 -54.26 -12.02 89.57
C ASP BA 412 -54.05 -11.62 88.12
N ILE BA 413 -52.90 -11.93 87.52
CA ILE BA 413 -52.59 -11.52 86.17
C ILE BA 413 -52.34 -12.77 85.33
N GLN BA 414 -53.07 -12.88 84.23
CA GLN BA 414 -52.98 -14.03 83.33
C GLN BA 414 -52.58 -13.55 81.95
N THR BA 415 -52.17 -14.49 81.10
CA THR BA 415 -51.82 -14.20 79.72
C THR BA 415 -52.73 -15.01 78.79
N PHE BA 416 -53.34 -14.32 77.84
CA PHE BA 416 -54.13 -14.99 76.80
C PHE BA 416 -53.16 -15.55 75.76
N ASP BA 417 -53.71 -16.00 74.63
CA ASP BA 417 -52.85 -16.39 73.52
C ASP BA 417 -52.16 -15.20 72.89
N THR BA 418 -52.55 -13.97 73.24
CA THR BA 418 -51.97 -12.77 72.65
C THR BA 418 -51.22 -11.93 73.68
N SER BA 419 -51.85 -11.55 74.78
CA SER BA 419 -51.26 -10.60 75.71
C SER BA 419 -51.75 -10.92 77.12
N TYR BA 420 -51.54 -9.98 78.03
CA TYR BA 420 -51.90 -10.16 79.43
C TYR BA 420 -53.32 -9.65 79.68
N LYS BA 421 -53.96 -10.18 80.71
CA LYS BA 421 -55.22 -9.63 81.22
C LYS BA 421 -55.53 -10.38 82.51
N ILE BA 422 -56.43 -9.80 83.32
CA ILE BA 422 -56.69 -10.32 84.66
C ILE BA 422 -57.79 -11.37 84.65
N ASN BA 423 -58.14 -11.87 83.47
CA ASN BA 423 -59.15 -12.91 83.34
C ASN BA 423 -58.48 -14.28 83.43
N ALA BA 424 -58.93 -15.12 84.35
CA ALA BA 424 -58.38 -16.45 84.48
C ALA BA 424 -58.70 -17.31 83.27
N ASP BA 425 -59.96 -17.28 82.81
CA ASP BA 425 -60.37 -18.06 81.66
C ASP BA 425 -61.49 -17.33 80.94
N THR BA 426 -61.46 -17.35 79.61
CA THR BA 426 -62.54 -16.77 78.83
C THR BA 426 -63.86 -17.49 79.11
N GLY BA 427 -63.84 -18.82 79.03
CA GLY BA 427 -65.01 -19.60 79.36
C GLY BA 427 -66.22 -19.32 78.48
N GLU BA 428 -66.01 -19.13 77.18
CA GLU BA 428 -67.13 -18.91 76.28
C GLU BA 428 -67.99 -20.16 76.20
N VAL BA 429 -69.28 -19.95 75.98
CA VAL BA 429 -70.27 -21.03 76.00
C VAL BA 429 -70.86 -21.15 74.61
N THR BA 430 -70.78 -22.33 74.02
CA THR BA 430 -71.33 -22.60 72.70
C THR BA 430 -72.46 -23.59 72.83
N VAL BA 431 -73.64 -23.22 72.33
CA VAL BA 431 -74.83 -24.07 72.39
C VAL BA 431 -75.00 -24.78 71.06
N VAL BA 432 -75.27 -26.07 71.13
CA VAL BA 432 -75.40 -26.92 69.95
C VAL BA 432 -76.88 -27.07 69.60
N GLY BA 433 -77.24 -26.70 68.38
CA GLY BA 433 -78.59 -26.94 67.90
C GLY BA 433 -78.92 -28.42 67.89
N ASP BA 434 -80.09 -28.79 68.41
CA ASP BA 434 -80.46 -30.19 68.45
C ASP BA 434 -80.88 -30.72 67.09
N ASN BA 435 -81.65 -29.92 66.33
CA ASN BA 435 -82.21 -30.38 65.08
C ASN BA 435 -81.21 -30.35 63.92
N SER BA 436 -80.06 -29.72 64.10
CA SER BA 436 -79.07 -29.64 63.03
C SER BA 436 -77.68 -29.56 63.64
N ALA BA 437 -76.68 -29.90 62.83
CA ALA BA 437 -75.30 -29.91 63.31
C ALA BA 437 -74.81 -28.51 63.67
N THR BA 438 -75.52 -27.47 63.27
CA THR BA 438 -75.13 -26.10 63.57
C THR BA 438 -75.03 -25.89 65.07
N ALA BA 439 -73.93 -25.29 65.51
CA ALA BA 439 -73.72 -24.93 66.91
C ALA BA 439 -73.76 -23.41 67.04
N GLY BA 440 -74.62 -22.92 67.92
CA GLY BA 440 -74.75 -21.49 68.14
C GLY BA 440 -73.69 -20.95 69.07
N GLN BA 441 -73.81 -19.66 69.35
CA GLN BA 441 -72.92 -18.95 70.27
C GLN BA 441 -73.73 -18.46 71.45
N TYR BA 442 -73.52 -19.07 72.61
CA TYR BA 442 -74.26 -18.69 73.82
C TYR BA 442 -73.41 -17.73 74.65
N ALA BA 443 -73.33 -16.50 74.17
CA ALA BA 443 -72.51 -15.47 74.78
C ALA BA 443 -73.04 -14.10 74.34
N SER BA 444 -72.24 -13.05 74.54
CA SER BA 444 -72.63 -11.72 74.09
C SER BA 444 -72.80 -11.65 72.58
N ALA BA 445 -72.11 -12.52 71.84
CA ALA BA 445 -72.33 -12.59 70.39
C ALA BA 445 -73.74 -13.06 70.09
N ASP BA 446 -74.28 -13.96 70.93
CA ASP BA 446 -75.69 -14.33 70.93
C ASP BA 446 -76.12 -14.91 69.58
N GLY BA 447 -75.54 -16.06 69.25
CA GLY BA 447 -75.99 -16.84 68.13
C GLY BA 447 -75.13 -16.77 66.88
N ALA BA 448 -74.00 -16.06 66.93
CA ALA BA 448 -73.09 -16.06 65.79
C ALA BA 448 -72.59 -17.47 65.51
N LYS BA 449 -72.63 -17.86 64.25
CA LYS BA 449 -72.20 -19.20 63.86
C LYS BA 449 -70.74 -19.43 64.21
N VAL BA 450 -70.45 -20.58 64.82
CA VAL BA 450 -69.11 -20.94 65.24
C VAL BA 450 -68.53 -21.94 64.25
N LEU BA 451 -67.28 -21.73 63.85
CA LEU BA 451 -66.61 -22.59 62.89
C LEU BA 451 -65.21 -22.92 63.39
N VAL BA 452 -64.76 -24.12 63.09
CA VAL BA 452 -63.43 -24.57 63.48
C VAL BA 452 -62.46 -24.26 62.35
N GLY BA 453 -61.46 -23.43 62.63
CA GLY BA 453 -60.50 -23.02 61.63
C GLY BA 453 -59.34 -23.99 61.51
N SER BA 454 -58.43 -23.65 60.60
CA SER BA 454 -57.22 -24.44 60.39
C SER BA 454 -56.33 -24.34 61.62
N ASP BA 455 -56.12 -25.47 62.29
CA ASP BA 455 -55.35 -25.52 63.54
C ASP BA 455 -55.94 -24.57 64.57
N GLY BA 456 -57.25 -24.43 64.55
CA GLY BA 456 -57.95 -23.58 65.50
C GLY BA 456 -58.90 -24.39 66.35
N LYS BA 457 -58.98 -24.04 67.63
CA LYS BA 457 -59.93 -24.68 68.53
C LYS BA 457 -61.36 -24.43 68.05
N LEU BA 458 -61.78 -23.17 68.04
CA LEU BA 458 -63.09 -22.76 67.55
C LEU BA 458 -63.11 -21.25 67.45
N THR BA 459 -63.81 -20.73 66.44
CA THR BA 459 -63.88 -19.30 66.22
C THR BA 459 -65.19 -18.98 65.50
N THR BA 460 -65.40 -17.69 65.25
CA THR BA 460 -66.61 -17.21 64.60
C THR BA 460 -66.45 -17.00 63.10
N GLU BA 461 -65.30 -16.51 62.66
CA GLU BA 461 -65.09 -16.26 61.25
C GLU BA 461 -65.02 -17.56 60.47
N THR BA 462 -65.57 -17.54 59.27
CA THR BA 462 -65.63 -18.71 58.40
C THR BA 462 -64.39 -18.90 57.55
N THR BA 463 -63.43 -17.98 57.62
CA THR BA 463 -62.27 -18.00 56.74
C THR BA 463 -60.99 -17.89 57.56
N SER BA 464 -59.90 -18.35 56.95
CA SER BA 464 -58.58 -18.29 57.56
C SER BA 464 -57.53 -18.24 56.47
N ALA BA 465 -56.30 -17.92 56.86
CA ALA BA 465 -55.21 -17.79 55.90
C ALA BA 465 -54.92 -19.14 55.23
N GLY BA 466 -54.55 -19.08 53.95
CA GLY BA 466 -54.30 -20.27 53.17
C GLY BA 466 -52.89 -20.81 53.31
N ASP BA 467 -51.91 -19.90 53.41
CA ASP BA 467 -50.52 -20.24 53.70
C ASP BA 467 -49.94 -21.20 52.66
N LYS BA 468 -49.82 -20.69 51.42
CA LYS BA 468 -48.98 -21.29 50.39
C LYS BA 468 -49.43 -22.73 50.08
N THR BA 469 -50.59 -22.82 49.45
CA THR BA 469 -51.18 -24.12 49.08
C THR BA 469 -50.11 -25.11 48.64
N THR BA 470 -50.13 -26.29 49.25
CA THR BA 470 -48.99 -27.21 49.27
C THR BA 470 -48.52 -27.63 47.88
N ASP BA 471 -49.34 -28.38 47.15
CA ASP BA 471 -48.98 -28.89 45.83
C ASP BA 471 -49.95 -28.32 44.82
N PRO BA 472 -49.64 -27.17 44.23
CA PRO BA 472 -50.59 -26.51 43.33
C PRO BA 472 -50.91 -27.33 42.09
N LEU BA 473 -49.88 -27.90 41.47
CA LEU BA 473 -50.09 -28.61 40.22
C LEU BA 473 -50.88 -29.90 40.42
N LYS BA 474 -50.74 -30.56 41.58
CA LYS BA 474 -51.58 -31.71 41.86
C LYS BA 474 -53.05 -31.33 41.99
N THR BA 475 -53.34 -30.23 42.68
CA THR BA 475 -54.72 -29.75 42.74
C THR BA 475 -55.23 -29.41 41.35
N LEU BA 476 -54.41 -28.74 40.55
CA LEU BA 476 -54.81 -28.38 39.19
C LEU BA 476 -55.05 -29.63 38.35
N ASP BA 477 -54.22 -30.66 38.51
CA ASP BA 477 -54.40 -31.88 37.75
C ASP BA 477 -55.65 -32.62 38.18
N ALA BA 478 -55.97 -32.60 39.48
CA ALA BA 478 -57.23 -33.18 39.93
C ALA BA 478 -58.42 -32.45 39.33
N ALA BA 479 -58.35 -31.11 39.29
CA ALA BA 479 -59.40 -30.33 38.64
C ALA BA 479 -59.48 -30.67 37.16
N PHE BA 480 -58.34 -30.84 36.51
CA PHE BA 480 -58.31 -31.23 35.10
C PHE BA 480 -58.98 -32.57 34.90
N THR BA 481 -58.69 -33.54 35.76
CA THR BA 481 -59.29 -34.86 35.62
C THR BA 481 -60.79 -34.79 35.79
N LYS BA 482 -61.27 -34.07 36.80
CA LYS BA 482 -62.72 -33.96 37.00
C LYS BA 482 -63.39 -33.27 35.83
N LEU BA 483 -62.82 -32.15 35.37
CA LEU BA 483 -63.42 -31.42 34.26
C LEU BA 483 -63.41 -32.23 32.99
N ASP BA 484 -62.31 -32.93 32.71
CA ASP BA 484 -62.23 -33.75 31.51
C ASP BA 484 -63.17 -34.95 31.59
N LYS BA 485 -63.36 -35.51 32.78
CA LYS BA 485 -64.34 -36.58 32.95
C LYS BA 485 -65.73 -36.10 32.60
N LEU BA 486 -66.12 -34.94 33.14
CA LEU BA 486 -67.46 -34.42 32.84
C LEU BA 486 -67.58 -34.07 31.35
N THR BA 487 -66.53 -33.48 30.77
CA THR BA 487 -66.56 -33.13 29.35
C THR BA 487 -66.69 -34.37 28.48
N GLY BA 488 -65.95 -35.43 28.80
CA GLY BA 488 -66.06 -36.66 28.05
C GLY BA 488 -67.43 -37.30 28.19
N GLU BA 489 -68.01 -37.23 29.40
CA GLU BA 489 -69.38 -37.72 29.56
C GLU BA 489 -70.34 -36.94 28.67
N LEU BA 490 -70.19 -35.62 28.61
CA LEU BA 490 -71.05 -34.82 27.75
C LEU BA 490 -70.85 -35.16 26.28
N GLY BA 491 -69.61 -35.37 25.86
CA GLY BA 491 -69.38 -35.77 24.47
C GLY BA 491 -70.01 -37.11 24.15
N ALA BA 492 -69.90 -38.07 25.07
CA ALA BA 492 -70.56 -39.35 24.88
C ALA BA 492 -72.07 -39.18 24.78
N VAL BA 493 -72.63 -38.29 25.59
CA VAL BA 493 -74.06 -38.04 25.53
C VAL BA 493 -74.45 -37.42 24.20
N GLN BA 494 -73.62 -36.51 23.68
CA GLN BA 494 -73.91 -35.92 22.38
C GLN BA 494 -73.89 -36.98 21.28
N ASN BA 495 -72.91 -37.89 21.33
CA ASN BA 495 -72.86 -38.97 20.36
C ASN BA 495 -74.10 -39.85 20.45
N ARG BA 496 -74.46 -40.25 21.67
CA ARG BA 496 -75.65 -41.06 21.87
C ARG BA 496 -76.88 -40.34 21.34
N LEU BA 497 -76.97 -39.04 21.59
CA LEU BA 497 -78.17 -38.29 21.23
C LEU BA 497 -78.30 -38.14 19.72
N GLU BA 498 -77.19 -37.88 19.02
CA GLU BA 498 -77.31 -37.82 17.56
C GLU BA 498 -77.60 -39.21 16.98
N SER BA 499 -77.08 -40.27 17.59
CA SER BA 499 -77.44 -41.61 17.14
C SER BA 499 -78.92 -41.88 17.36
N THR BA 500 -79.46 -41.43 18.50
CA THR BA 500 -80.90 -41.55 18.73
C THR BA 500 -81.67 -40.74 17.71
N ILE BA 501 -81.18 -39.56 17.35
CA ILE BA 501 -81.85 -38.77 16.31
C ILE BA 501 -81.94 -39.56 15.02
N ALA BA 502 -80.84 -40.17 14.61
CA ALA BA 502 -80.86 -40.98 13.38
C ALA BA 502 -81.82 -42.15 13.50
N ASN BA 503 -81.77 -42.87 14.62
CA ASN BA 503 -82.63 -44.04 14.79
C ASN BA 503 -84.11 -43.65 14.82
N LEU BA 504 -84.43 -42.60 15.55
CA LEU BA 504 -85.81 -42.14 15.62
C LEU BA 504 -86.30 -41.66 14.26
N ASN BA 505 -85.45 -40.98 13.50
CA ASN BA 505 -85.86 -40.59 12.16
C ASN BA 505 -86.14 -41.80 11.30
N ASN BA 506 -85.29 -42.83 11.39
CA ASN BA 506 -85.54 -44.06 10.64
C ASN BA 506 -86.88 -44.67 11.03
N VAL BA 507 -87.15 -44.76 12.34
CA VAL BA 507 -88.40 -45.36 12.78
C VAL BA 507 -89.59 -44.52 12.35
N VAL BA 508 -89.45 -43.19 12.35
CA VAL BA 508 -90.54 -42.31 11.92
C VAL BA 508 -90.86 -42.56 10.45
N ASN BA 509 -89.83 -42.61 9.60
CA ASN BA 509 -90.11 -42.86 8.18
C ASN BA 509 -90.71 -44.24 7.98
N ASN BA 510 -90.20 -45.25 8.67
CA ASN BA 510 -90.70 -46.60 8.51
C ASN BA 510 -92.15 -46.71 8.98
N LEU BA 511 -92.49 -46.05 10.09
CA LEU BA 511 -93.86 -46.12 10.59
C LEU BA 511 -94.81 -45.30 9.73
N SER BA 512 -94.33 -44.20 9.16
CA SER BA 512 -95.15 -43.48 8.19
C SER BA 512 -95.45 -44.35 6.98
N SER BA 513 -94.44 -45.07 6.49
CA SER BA 513 -94.67 -46.00 5.40
C SER BA 513 -95.65 -47.11 5.81
N ALA BA 514 -95.50 -47.63 7.03
CA ALA BA 514 -96.40 -48.67 7.51
C ALA BA 514 -97.84 -48.17 7.55
N ARG BA 515 -98.03 -46.93 8.00
CA ARG BA 515 -99.35 -46.32 7.97
C ARG BA 515 -99.87 -46.19 6.55
N SER BA 516 -98.98 -45.86 5.61
CA SER BA 516 -99.39 -45.76 4.21
C SER BA 516 -99.87 -47.10 3.67
N ARG BA 517 -99.16 -48.19 3.99
CA ARG BA 517 -99.59 -49.49 3.49
C ARG BA 517 -100.97 -49.90 3.99
N ILE BA 518 -101.48 -49.26 5.06
CA ILE BA 518 -102.76 -49.62 5.64
C ILE BA 518 -103.79 -48.51 5.47
N GLN BA 519 -103.44 -47.27 5.81
CA GLN BA 519 -104.47 -46.26 6.00
C GLN BA 519 -104.91 -45.63 4.68
N ASP BA 520 -103.99 -44.92 4.02
CA ASP BA 520 -104.36 -44.08 2.88
C ASP BA 520 -104.60 -44.93 1.64
N ALA BA 521 -105.25 -44.31 0.64
CA ALA BA 521 -105.85 -45.02 -0.48
C ALA BA 521 -104.99 -44.94 -1.74
N ASP BA 522 -105.06 -46.01 -2.54
CA ASP BA 522 -104.32 -46.08 -3.80
C ASP BA 522 -105.18 -45.45 -4.89
N TYR BA 523 -104.73 -44.30 -5.39
CA TYR BA 523 -105.52 -43.56 -6.38
C TYR BA 523 -105.70 -44.34 -7.67
N ALA BA 524 -104.75 -45.20 -8.03
CA ALA BA 524 -104.90 -45.99 -9.24
C ALA BA 524 -106.14 -46.87 -9.17
N THR BA 525 -106.40 -47.47 -8.02
CA THR BA 525 -107.61 -48.26 -7.84
C THR BA 525 -108.83 -47.36 -7.68
N GLU BA 526 -108.68 -46.25 -6.98
CA GLU BA 526 -109.83 -45.42 -6.63
C GLU BA 526 -110.43 -44.76 -7.87
N VAL BA 527 -109.58 -44.23 -8.76
CA VAL BA 527 -110.09 -43.56 -9.95
C VAL BA 527 -110.81 -44.56 -10.85
N SER BA 528 -110.24 -45.74 -11.01
CA SER BA 528 -110.90 -46.78 -11.80
C SER BA 528 -112.22 -47.18 -11.19
N ASN BA 529 -112.26 -47.31 -9.85
CA ASN BA 529 -113.51 -47.66 -9.18
C ASN BA 529 -114.56 -46.59 -9.39
N MET BA 530 -114.17 -45.32 -9.29
CA MET BA 530 -115.11 -44.23 -9.51
C MET BA 530 -115.63 -44.23 -10.94
N SER BA 531 -114.76 -44.49 -11.91
CA SER BA 531 -115.20 -44.53 -13.30
C SER BA 531 -116.18 -45.68 -13.52
N LYS BA 532 -115.88 -46.86 -12.98
CA LYS BA 532 -116.80 -47.99 -13.12
C LYS BA 532 -118.14 -47.68 -12.45
N ALA BA 533 -118.11 -47.04 -11.29
CA ALA BA 533 -119.34 -46.67 -10.60
C ALA BA 533 -120.17 -45.69 -11.44
N GLN BA 534 -119.50 -44.72 -12.06
CA GLN BA 534 -120.23 -43.78 -12.92
C GLN BA 534 -120.87 -44.49 -14.10
N ILE BA 535 -120.13 -45.38 -14.75
CA ILE BA 535 -120.69 -46.12 -15.88
C ILE BA 535 -121.89 -46.94 -15.43
N LEU BA 536 -121.75 -47.62 -14.29
CA LEU BA 536 -122.85 -48.44 -13.77
C LEU BA 536 -124.06 -47.58 -13.45
N GLN BA 537 -123.85 -46.40 -12.86
CA GLN BA 537 -124.97 -45.54 -12.49
C GLN BA 537 -125.70 -45.03 -13.72
N GLN BA 538 -124.96 -44.60 -14.75
CA GLN BA 538 -125.63 -44.11 -15.95
C GLN BA 538 -126.39 -45.24 -16.66
N ALA BA 539 -125.77 -46.42 -16.74
CA ALA BA 539 -126.46 -47.56 -17.33
C ALA BA 539 -127.72 -47.90 -16.54
N GLY BA 540 -127.63 -47.84 -15.20
CA GLY BA 540 -128.79 -48.10 -14.38
C GLY BA 540 -129.90 -47.09 -14.59
N THR BA 541 -129.54 -45.81 -14.73
CA THR BA 541 -130.56 -44.80 -14.99
C THR BA 541 -131.26 -45.06 -16.31
N SER BA 542 -130.50 -45.36 -17.37
CA SER BA 542 -131.12 -45.61 -18.67
C SER BA 542 -132.00 -46.86 -18.63
N VAL BA 543 -131.51 -47.94 -18.03
CA VAL BA 543 -132.30 -49.18 -18.01
C VAL BA 543 -133.51 -49.00 -17.11
N LEU BA 544 -133.43 -48.17 -16.08
CA LEU BA 544 -134.60 -47.86 -15.28
C LEU BA 544 -135.62 -47.07 -16.08
N ALA BA 545 -135.16 -46.15 -16.92
CA ALA BA 545 -136.08 -45.44 -17.80
C ALA BA 545 -136.81 -46.42 -18.72
N GLN BA 546 -136.07 -47.37 -19.31
CA GLN BA 546 -136.74 -48.38 -20.13
C GLN BA 546 -137.64 -49.30 -19.31
N ALA BA 547 -137.28 -49.57 -18.05
CA ALA BA 547 -138.13 -50.40 -17.20
C ALA BA 547 -139.46 -49.72 -16.92
N ASN BA 548 -139.42 -48.42 -16.62
CA ASN BA 548 -140.66 -47.67 -16.47
C ASN BA 548 -141.40 -47.51 -17.78
N GLN BA 549 -140.69 -47.61 -18.91
CA GLN BA 549 -141.34 -47.61 -20.21
C GLN BA 549 -142.00 -48.95 -20.54
N VAL BA 550 -141.56 -50.03 -19.88
CA VAL BA 550 -142.11 -51.36 -20.19
C VAL BA 550 -143.62 -51.43 -20.01
N PRO BA 551 -144.21 -50.99 -18.88
CA PRO BA 551 -145.67 -51.14 -18.74
C PRO BA 551 -146.47 -50.27 -19.69
N GLN BA 552 -145.83 -49.36 -20.43
CA GLN BA 552 -146.56 -48.55 -21.40
C GLN BA 552 -147.20 -49.42 -22.47
N THR BA 553 -146.58 -50.55 -22.80
CA THR BA 553 -147.17 -51.45 -23.80
C THR BA 553 -148.53 -51.96 -23.36
N VAL BA 554 -148.76 -52.06 -22.05
CA VAL BA 554 -150.10 -52.44 -21.57
C VAL BA 554 -151.11 -51.40 -22.01
N LEU BA 555 -150.74 -50.12 -21.97
CA LEU BA 555 -151.60 -49.05 -22.44
C LEU BA 555 -151.50 -48.88 -23.95
N SER BA 556 -151.66 -50.01 -24.66
CA SER BA 556 -151.73 -50.01 -26.11
C SER BA 556 -153.03 -50.63 -26.61
N LEU BA 557 -153.40 -51.79 -26.09
CA LEU BA 557 -154.68 -52.39 -26.43
C LEU BA 557 -155.77 -51.78 -25.56
N LEU BA 558 -156.83 -51.30 -26.20
CA LEU BA 558 -157.88 -50.59 -25.50
C LEU BA 558 -159.21 -50.68 -26.25
N ALA CA 2 -139.15 -14.96 -11.20
CA ALA CA 2 -140.08 -15.97 -11.67
C ALA CA 2 -139.71 -16.45 -13.07
N ALA CA 3 -140.72 -16.75 -13.89
CA ALA CA 3 -140.51 -17.33 -15.21
C ALA CA 3 -140.50 -16.27 -16.31
N VAL CA 4 -140.01 -15.08 -16.00
CA VAL CA 4 -139.94 -14.01 -16.98
C VAL CA 4 -138.64 -14.12 -17.77
N ILE CA 5 -138.67 -13.70 -19.03
CA ILE CA 5 -137.50 -13.74 -19.90
C ILE CA 5 -137.18 -12.41 -20.53
N ASN CA 6 -138.13 -11.48 -20.63
CA ASN CA 6 -137.87 -10.21 -21.30
C ASN CA 6 -136.85 -9.38 -20.55
N THR CA 7 -136.72 -9.62 -19.24
CA THR CA 7 -135.63 -9.05 -18.45
C THR CA 7 -135.00 -10.16 -17.62
N ASN CA 8 -133.67 -10.19 -17.59
CA ASN CA 8 -132.93 -11.17 -16.80
C ASN CA 8 -132.13 -10.41 -15.75
N TYR CA 9 -132.70 -10.33 -14.53
CA TYR CA 9 -132.06 -9.59 -13.46
C TYR CA 9 -130.70 -10.19 -13.09
N LEU CA 10 -130.60 -11.52 -13.09
CA LEU CA 10 -129.34 -12.17 -12.76
C LEU CA 10 -128.24 -11.77 -13.72
N SER CA 11 -128.57 -11.69 -15.02
CA SER CA 11 -127.58 -11.26 -15.99
C SER CA 11 -127.11 -9.83 -15.70
N LEU CA 12 -128.04 -8.95 -15.32
CA LEU CA 12 -127.65 -7.57 -15.00
C LEU CA 12 -126.74 -7.52 -13.79
N VAL CA 13 -127.05 -8.31 -12.76
CA VAL CA 13 -126.19 -8.34 -11.57
C VAL CA 13 -124.81 -8.85 -11.94
N ALA CA 14 -124.75 -9.92 -12.74
CA ALA CA 14 -123.47 -10.47 -13.15
C ALA CA 14 -122.67 -9.45 -13.96
N GLN CA 15 -123.35 -8.72 -14.86
CA GLN CA 15 -122.68 -7.71 -15.66
C GLN CA 15 -122.12 -6.60 -14.79
N ASN CA 16 -122.90 -6.13 -13.80
CA ASN CA 16 -122.41 -5.08 -12.93
C ASN CA 16 -121.20 -5.53 -12.13
N ASN CA 17 -121.26 -6.74 -11.56
CA ASN CA 17 -120.12 -7.23 -10.79
C ASN CA 17 -118.91 -7.45 -11.68
N LEU CA 18 -119.12 -7.92 -12.90
CA LEU CA 18 -118.02 -8.08 -13.84
C LEU CA 18 -117.39 -6.73 -14.18
N ASN CA 19 -118.22 -5.70 -14.31
CA ASN CA 19 -117.69 -4.36 -14.56
C ASN CA 19 -116.85 -3.86 -13.39
N LYS CA 20 -117.30 -4.12 -12.16
CA LYS CA 20 -116.49 -3.75 -11.01
C LYS CA 20 -115.16 -4.50 -11.01
N SER CA 21 -115.20 -5.81 -11.31
CA SER CA 21 -113.98 -6.60 -11.37
C SER CA 21 -113.04 -6.07 -12.44
N GLN CA 22 -113.59 -5.68 -13.60
CA GLN CA 22 -112.74 -5.17 -14.67
C GLN CA 22 -112.15 -3.82 -14.32
N SER CA 23 -112.90 -2.98 -13.59
CA SER CA 23 -112.32 -1.72 -13.13
C SER CA 23 -111.16 -1.97 -12.18
N SER CA 24 -111.32 -2.92 -11.25
CA SER CA 24 -110.21 -3.25 -10.36
C SER CA 24 -109.03 -3.79 -11.14
N LEU CA 25 -109.28 -4.65 -12.13
CA LEU CA 25 -108.20 -5.18 -12.96
C LEU CA 25 -107.50 -4.08 -13.73
N GLY CA 26 -108.27 -3.11 -14.25
CA GLY CA 26 -107.67 -2.01 -14.98
C GLY CA 26 -106.77 -1.17 -14.10
N THR CA 27 -107.24 -0.84 -12.89
CA THR CA 27 -106.38 -0.10 -11.97
C THR CA 27 -105.12 -0.88 -11.65
N ALA CA 28 -105.26 -2.19 -11.40
CA ALA CA 28 -104.08 -3.01 -11.10
C ALA CA 28 -103.12 -3.05 -12.28
N ILE CA 29 -103.64 -3.19 -13.49
CA ILE CA 29 -102.81 -3.26 -14.69
C ILE CA 29 -102.06 -1.95 -14.90
N GLU CA 30 -102.77 -0.83 -14.74
CA GLU CA 30 -102.12 0.46 -14.93
C GLU CA 30 -101.02 0.67 -13.89
N ARG CA 31 -101.31 0.33 -12.62
CA ARG CA 31 -100.29 0.47 -11.59
C ARG CA 31 -99.11 -0.46 -11.83
N LEU CA 32 -99.37 -1.66 -12.36
CA LEU CA 32 -98.31 -2.60 -12.65
C LEU CA 32 -97.40 -2.08 -13.77
N SER CA 33 -98.00 -1.66 -14.88
CA SER CA 33 -97.21 -1.21 -16.03
C SER CA 33 -96.45 0.07 -15.70
N SER CA 34 -97.12 1.07 -15.15
CA SER CA 34 -96.44 2.32 -14.83
C SER CA 34 -95.52 2.16 -13.63
N GLY CA 35 -95.90 1.33 -12.66
CA GLY CA 35 -95.15 1.18 -11.44
C GLY CA 35 -95.51 2.17 -10.36
N LEU CA 36 -96.33 3.18 -10.66
CA LEU CA 36 -96.65 4.24 -9.72
C LEU CA 36 -98.05 4.01 -9.16
N ARG CA 37 -98.14 3.91 -7.83
CA ARG CA 37 -99.44 3.77 -7.20
C ARG CA 37 -100.29 5.02 -7.43
N ILE CA 38 -99.67 6.20 -7.32
CA ILE CA 38 -100.39 7.46 -7.49
C ILE CA 38 -100.16 7.90 -8.94
N ASN CA 39 -101.06 7.48 -9.81
CA ASN CA 39 -101.16 8.01 -11.16
C ASN CA 39 -102.64 8.19 -11.45
N SER CA 40 -102.96 9.12 -12.37
CA SER CA 40 -104.35 9.45 -12.67
C SER CA 40 -105.06 9.95 -11.40
N ALA CA 41 -104.72 11.20 -11.05
CA ALA CA 41 -104.93 11.81 -9.73
C ALA CA 41 -106.26 11.48 -9.07
N LYS CA 42 -107.24 11.04 -9.86
CA LYS CA 42 -108.44 10.43 -9.28
C LYS CA 42 -108.08 9.39 -8.21
N ASP CA 43 -106.89 8.83 -8.26
CA ASP CA 43 -106.38 7.95 -7.21
C ASP CA 43 -105.42 8.74 -6.33
N ASP CA 44 -105.79 8.94 -5.07
CA ASP CA 44 -104.96 9.62 -4.08
C ASP CA 44 -104.62 11.04 -4.54
N ALA CA 45 -105.68 11.86 -4.62
CA ALA CA 45 -105.54 13.21 -5.17
C ALA CA 45 -104.49 14.02 -4.42
N ALA CA 46 -104.57 14.06 -3.09
CA ALA CA 46 -103.54 14.75 -2.33
C ALA CA 46 -102.20 14.05 -2.45
N GLY CA 47 -102.22 12.74 -2.71
CA GLY CA 47 -100.97 12.01 -2.86
C GLY CA 47 -100.15 12.50 -4.03
N MET CA 48 -100.80 12.80 -5.16
CA MET CA 48 -100.05 13.31 -6.30
C MET CA 48 -99.55 14.72 -6.06
N ALA CA 49 -100.29 15.54 -5.32
CA ALA CA 49 -99.76 16.84 -4.95
C ALA CA 49 -98.50 16.70 -4.11
N ILE CA 50 -98.53 15.79 -3.13
CA ILE CA 50 -97.36 15.56 -2.29
C ILE CA 50 -96.20 15.03 -3.11
N ALA CA 51 -96.48 14.08 -4.00
CA ALA CA 51 -95.43 13.51 -4.84
C ALA CA 51 -94.85 14.54 -5.79
N ASN CA 52 -95.70 15.42 -6.32
CA ASN CA 52 -95.22 16.50 -7.17
C ASN CA 52 -94.29 17.43 -6.41
N ARG CA 53 -94.69 17.80 -5.19
CA ARG CA 53 -93.82 18.63 -4.36
C ARG CA 53 -92.49 17.93 -4.12
N PHE CA 54 -92.52 16.63 -3.83
CA PHE CA 54 -91.28 15.92 -3.57
C PHE CA 54 -90.41 15.81 -4.82
N THR CA 55 -91.01 15.57 -5.99
CA THR CA 55 -90.23 15.50 -7.22
C THR CA 55 -89.56 16.83 -7.51
N ALA CA 56 -90.31 17.94 -7.43
CA ALA CA 56 -89.71 19.24 -7.66
C ALA CA 56 -88.59 19.49 -6.67
N ASN CA 57 -88.82 19.21 -5.39
CA ASN CA 57 -87.80 19.45 -4.38
C ASN CA 57 -86.56 18.60 -4.65
N VAL CA 58 -86.72 17.30 -4.88
CA VAL CA 58 -85.58 16.41 -5.00
C VAL CA 58 -84.76 16.74 -6.24
N ARG CA 59 -85.42 17.03 -7.37
CA ARG CA 59 -84.62 17.23 -8.57
C ARG CA 59 -84.06 18.64 -8.66
N GLY CA 60 -84.77 19.64 -8.12
CA GLY CA 60 -84.14 20.93 -7.93
C GLY CA 60 -82.96 20.83 -6.99
N LEU CA 61 -83.05 19.95 -5.99
CA LEU CA 61 -81.96 19.79 -5.03
C LEU CA 61 -80.75 19.11 -5.69
N THR CA 62 -81.00 18.17 -6.60
CA THR CA 62 -79.90 17.61 -7.39
C THR CA 62 -79.26 18.68 -8.26
N GLN CA 63 -80.07 19.53 -8.88
CA GLN CA 63 -79.50 20.65 -9.63
C GLN CA 63 -78.67 21.55 -8.72
N ALA CA 64 -79.13 21.74 -7.49
CA ALA CA 64 -78.38 22.50 -6.51
C ALA CA 64 -77.05 21.84 -6.18
N ALA CA 65 -77.05 20.51 -6.08
CA ALA CA 65 -75.80 19.79 -5.89
C ALA CA 65 -74.86 20.04 -7.05
N ARG CA 66 -75.39 20.05 -8.27
CA ARG CA 66 -74.56 20.36 -9.43
C ARG CA 66 -73.98 21.77 -9.34
N ASN CA 67 -74.81 22.74 -8.95
CA ASN CA 67 -74.33 24.11 -8.82
C ASN CA 67 -73.25 24.24 -7.77
N ALA CA 68 -73.45 23.59 -6.62
CA ALA CA 68 -72.44 23.61 -5.56
C ALA CA 68 -71.15 22.95 -6.03
N ASN CA 69 -71.25 21.85 -6.77
CA ASN CA 69 -70.06 21.18 -7.27
C ASN CA 69 -69.31 22.05 -8.27
N ASP CA 70 -70.03 22.80 -9.11
CA ASP CA 70 -69.36 23.76 -9.98
C ASP CA 70 -68.68 24.85 -9.19
N GLY CA 71 -69.31 25.34 -8.12
CA GLY CA 71 -68.66 26.31 -7.27
C GLY CA 71 -67.38 25.77 -6.64
N ILE CA 72 -67.38 24.48 -6.32
CA ILE CA 72 -66.18 23.85 -5.79
C ILE CA 72 -65.03 23.96 -6.79
N SER CA 73 -65.31 23.66 -8.06
CA SER CA 73 -64.27 23.76 -9.08
C SER CA 73 -63.82 25.19 -9.30
N LEU CA 74 -64.76 26.14 -9.21
CA LEU CA 74 -64.39 27.55 -9.30
C LEU CA 74 -63.40 27.93 -8.20
N ALA CA 75 -63.71 27.57 -6.97
CA ALA CA 75 -62.80 27.87 -5.86
C ALA CA 75 -61.49 27.13 -6.03
N GLN CA 76 -61.52 25.92 -6.58
CA GLN CA 76 -60.28 25.17 -6.81
C GLN CA 76 -59.37 25.90 -7.79
N THR CA 77 -59.93 26.38 -8.90
CA THR CA 77 -59.14 27.09 -9.89
C THR CA 77 -58.55 28.37 -9.30
N THR CA 78 -59.37 29.14 -8.58
CA THR CA 78 -58.87 30.36 -7.98
C THR CA 78 -57.79 30.07 -6.95
N GLU CA 79 -57.96 29.00 -6.17
CA GLU CA 79 -56.96 28.63 -5.17
C GLU CA 79 -55.65 28.23 -5.83
N GLY CA 80 -55.72 27.51 -6.96
CA GLY CA 80 -54.49 27.15 -7.65
C GLY CA 80 -53.74 28.36 -8.20
N ALA CA 81 -54.48 29.29 -8.80
CA ALA CA 81 -53.85 30.52 -9.27
C ALA CA 81 -53.22 31.28 -8.10
N ALA CA 82 -53.94 31.36 -6.98
CA ALA CA 82 -53.40 32.03 -5.81
C ALA CA 82 -52.15 31.32 -5.29
N SER CA 83 -52.10 30.00 -5.37
CA SER CA 83 -50.91 29.27 -4.95
C SER CA 83 -49.72 29.62 -5.84
N GLU CA 84 -49.95 29.74 -7.14
CA GLU CA 84 -48.86 30.17 -8.01
C GLU CA 84 -48.39 31.58 -7.67
N VAL CA 85 -49.33 32.48 -7.39
CA VAL CA 85 -48.94 33.82 -6.93
C VAL CA 85 -48.14 33.72 -5.64
N ASN CA 86 -48.50 32.78 -4.77
CA ASN CA 86 -47.78 32.60 -3.51
C ASN CA 86 -46.34 32.19 -3.77
N THR CA 87 -46.12 31.28 -4.71
CA THR CA 87 -44.75 30.90 -5.07
C THR CA 87 -43.98 32.10 -5.61
N HIS CA 88 -44.65 32.92 -6.43
CA HIS CA 88 -44.00 34.12 -6.94
C HIS CA 88 -43.57 35.05 -5.81
N LEU CA 89 -44.45 35.27 -4.82
CA LEU CA 89 -44.08 36.10 -3.68
C LEU CA 89 -42.94 35.49 -2.89
N GLN CA 90 -42.91 34.16 -2.75
CA GLN CA 90 -41.80 33.53 -2.03
C GLN CA 90 -40.48 33.80 -2.75
N ARG CA 91 -40.45 33.65 -4.07
CA ARG CA 91 -39.22 33.93 -4.80
C ARG CA 91 -38.84 35.40 -4.71
N ILE CA 92 -39.83 36.29 -4.79
CA ILE CA 92 -39.54 37.71 -4.68
C ILE CA 92 -38.93 38.02 -3.31
N ARG CA 93 -39.46 37.41 -2.25
CA ARG CA 93 -38.90 37.64 -0.93
C ARG CA 93 -37.48 37.11 -0.83
N GLU CA 94 -37.23 35.91 -1.36
CA GLU CA 94 -35.87 35.35 -1.34
C GLU CA 94 -34.89 36.31 -2.01
N LEU CA 95 -35.19 36.71 -3.24
CA LEU CA 95 -34.23 37.53 -3.97
C LEU CA 95 -34.22 38.97 -3.48
N THR CA 96 -35.27 39.42 -2.80
CA THR CA 96 -35.23 40.72 -2.16
C THR CA 96 -34.28 40.71 -0.97
N VAL CA 97 -34.34 39.64 -0.17
CA VAL CA 97 -33.36 39.48 0.90
C VAL CA 97 -31.95 39.42 0.32
N GLN CA 98 -31.81 38.75 -0.83
CA GLN CA 98 -30.52 38.71 -1.49
C GLN CA 98 -30.05 40.10 -1.91
N ALA CA 99 -30.93 40.88 -2.55
CA ALA CA 99 -30.53 42.15 -3.13
C ALA CA 99 -30.34 43.23 -2.08
N SER CA 100 -31.01 43.11 -0.94
CA SER CA 100 -30.87 44.13 0.10
C SER CA 100 -29.49 44.15 0.72
N ASN CA 101 -28.67 43.15 0.45
CA ASN CA 101 -27.27 43.19 0.86
C ASN CA 101 -26.56 44.32 0.14
N GLY CA 102 -25.64 44.98 0.85
CA GLY CA 102 -24.90 46.08 0.27
C GLY CA 102 -23.69 45.68 -0.54
N SER CA 103 -23.28 44.42 -0.49
CA SER CA 103 -22.09 44.00 -1.22
C SER CA 103 -22.33 44.01 -2.73
N TYR CA 104 -23.58 43.90 -3.16
CA TYR CA 104 -23.88 43.81 -4.58
C TYR CA 104 -23.72 45.17 -5.25
N SER CA 105 -23.02 45.19 -6.38
CA SER CA 105 -22.90 46.41 -7.16
C SER CA 105 -24.23 46.72 -7.85
N GLN CA 106 -24.28 47.89 -8.48
CA GLN CA 106 -25.55 48.38 -9.03
C GLN CA 106 -26.08 47.47 -10.13
N GLU CA 107 -25.18 46.85 -10.90
CA GLU CA 107 -25.61 46.06 -12.05
C GLU CA 107 -26.31 44.77 -11.62
N GLN CA 108 -25.78 44.10 -10.59
CA GLN CA 108 -26.47 42.91 -10.10
C GLN CA 108 -27.82 43.28 -9.51
N LEU CA 109 -27.93 44.45 -8.87
CA LEU CA 109 -29.23 44.92 -8.43
C LEU CA 109 -30.15 45.17 -9.62
N ASP CA 110 -29.60 45.64 -10.74
CA ASP CA 110 -30.41 45.81 -11.95
C ASP CA 110 -30.94 44.48 -12.45
N SER CA 111 -30.10 43.45 -12.44
CA SER CA 111 -30.57 42.11 -12.84
C SER CA 111 -31.64 41.60 -11.89
N VAL CA 112 -31.44 41.81 -10.59
CA VAL CA 112 -32.45 41.39 -9.61
C VAL CA 112 -33.76 42.11 -9.88
N GLN CA 113 -33.70 43.41 -10.14
CA GLN CA 113 -34.92 44.17 -10.41
C GLN CA 113 -35.58 43.72 -11.70
N GLY CA 114 -34.78 43.33 -12.71
CA GLY CA 114 -35.37 42.76 -13.90
C GLY CA 114 -36.14 41.48 -13.62
N GLU CA 115 -35.58 40.63 -12.76
CA GLU CA 115 -36.31 39.43 -12.38
C GLU CA 115 -37.56 39.76 -11.56
N ILE CA 116 -37.48 40.77 -10.70
CA ILE CA 116 -38.65 41.21 -9.94
C ILE CA 116 -39.74 41.68 -10.90
N ASN CA 117 -39.35 42.45 -11.92
CA ASN CA 117 -40.32 42.94 -12.88
C ASN CA 117 -40.95 41.78 -13.65
N GLN CA 118 -40.15 40.77 -14.00
CA GLN CA 118 -40.71 39.60 -14.66
C GLN CA 118 -41.72 38.89 -13.78
N ARG CA 119 -41.38 38.69 -12.50
CA ARG CA 119 -42.31 38.01 -11.60
C ARG CA 119 -43.58 38.83 -11.39
N LEU CA 120 -43.45 40.14 -11.26
CA LEU CA 120 -44.63 41.00 -11.07
C LEU CA 120 -45.49 41.00 -12.32
N ALA CA 121 -44.88 41.01 -13.50
CA ALA CA 121 -45.63 40.92 -14.73
C ALA CA 121 -46.37 39.59 -14.82
N ASP CA 122 -45.74 38.51 -14.36
CA ASP CA 122 -46.45 37.24 -14.34
C ASP CA 122 -47.61 37.24 -13.36
N ILE CA 123 -47.43 37.90 -12.21
CA ILE CA 123 -48.53 38.01 -11.25
C ILE CA 123 -49.70 38.74 -11.89
N ASP CA 124 -49.42 39.84 -12.58
CA ASP CA 124 -50.48 40.58 -13.27
C ASP CA 124 -51.10 39.74 -14.39
N ARG CA 125 -50.30 38.94 -15.07
CA ARG CA 125 -50.83 38.06 -16.12
C ARG CA 125 -51.78 37.03 -15.53
N ILE CA 126 -51.39 36.43 -14.40
CA ILE CA 126 -52.27 35.49 -13.71
C ILE CA 126 -53.55 36.18 -13.30
N SER CA 127 -53.43 37.43 -12.84
CA SER CA 127 -54.61 38.18 -12.44
C SER CA 127 -55.57 38.38 -13.61
N GLU CA 128 -55.04 38.78 -14.76
CA GLU CA 128 -55.89 39.16 -15.89
C GLU CA 128 -56.27 37.99 -16.78
N GLN CA 129 -55.69 36.80 -16.58
CA GLN CA 129 -55.92 35.70 -17.49
C GLN CA 129 -56.44 34.42 -16.85
N THR CA 130 -56.45 34.32 -15.53
CA THR CA 130 -57.05 33.16 -14.88
C THR CA 130 -58.55 33.19 -15.12
N ASP CA 131 -59.03 32.30 -15.98
CA ASP CA 131 -60.41 32.30 -16.42
C ASP CA 131 -61.14 31.06 -15.97
N PHE CA 132 -62.45 31.19 -15.78
CA PHE CA 132 -63.32 30.05 -15.48
C PHE CA 132 -64.69 30.40 -16.06
N ASN CA 133 -65.11 29.65 -17.08
CA ASN CA 133 -66.36 29.93 -17.78
C ASN CA 133 -66.39 31.37 -18.27
N GLY CA 134 -65.26 31.83 -18.80
CA GLY CA 134 -65.18 33.20 -19.29
C GLY CA 134 -65.37 34.25 -18.22
N VAL CA 135 -64.91 33.98 -17.00
CA VAL CA 135 -65.00 34.92 -15.90
C VAL CA 135 -63.60 35.18 -15.38
N LYS CA 136 -63.18 36.45 -15.39
CA LYS CA 136 -61.87 36.80 -14.87
C LYS CA 136 -61.89 36.72 -13.36
N VAL CA 137 -61.85 35.49 -12.83
CA VAL CA 137 -62.14 35.28 -11.41
C VAL CA 137 -61.10 35.97 -10.53
N LEU CA 138 -59.83 35.83 -10.85
CA LEU CA 138 -58.78 36.42 -10.03
C LEU CA 138 -58.33 37.76 -10.60
N SER CA 139 -59.27 38.64 -10.89
CA SER CA 139 -58.95 39.94 -11.49
C SER CA 139 -59.42 41.05 -10.58
N ASP CA 140 -59.21 42.29 -11.04
CA ASP CA 140 -59.68 43.45 -10.31
C ASP CA 140 -61.16 43.75 -10.54
N SER CA 141 -61.79 43.05 -11.47
CA SER CA 141 -63.23 43.16 -11.72
C SER CA 141 -63.83 41.76 -11.63
N ALA CA 142 -64.15 41.34 -10.40
CA ALA CA 142 -64.76 40.03 -10.18
C ALA CA 142 -65.65 40.15 -8.93
N LYS CA 143 -66.92 40.41 -9.17
CA LYS CA 143 -67.87 40.49 -8.07
C LYS CA 143 -68.07 39.11 -7.44
N PRO CA 144 -68.40 39.05 -6.15
CA PRO CA 144 -68.63 37.76 -5.52
C PRO CA 144 -69.77 37.00 -6.19
N LEU CA 145 -69.62 35.68 -6.28
CA LEU CA 145 -70.59 34.84 -6.94
C LEU CA 145 -71.75 34.51 -6.00
N THR CA 146 -72.78 33.86 -6.54
CA THR CA 146 -73.99 33.56 -5.78
C THR CA 146 -74.06 32.09 -5.36
N LEU CA 147 -73.98 31.16 -6.32
CA LEU CA 147 -74.04 29.73 -6.05
C LEU CA 147 -75.34 29.36 -5.33
N GLN CA 148 -76.45 29.54 -6.04
CA GLN CA 148 -77.75 29.18 -5.50
C GLN CA 148 -77.79 27.70 -5.17
N VAL CA 149 -77.84 27.37 -3.88
CA VAL CA 149 -77.87 26.00 -3.41
C VAL CA 149 -79.20 25.76 -2.71
N GLY CA 150 -79.94 24.78 -3.19
CA GLY CA 150 -81.23 24.42 -2.64
C GLY CA 150 -82.37 25.05 -3.43
N ALA CA 151 -83.51 24.37 -3.45
CA ALA CA 151 -84.70 24.92 -4.06
C ALA CA 151 -85.26 26.04 -3.18
N ASN CA 152 -86.34 26.66 -3.64
CA ASN CA 152 -86.99 27.75 -2.91
C ASN CA 152 -86.00 28.89 -2.66
N ASP CA 153 -85.59 29.50 -3.78
CA ASP CA 153 -84.48 30.45 -3.78
C ASP CA 153 -84.66 31.53 -2.73
N GLY CA 154 -83.53 32.09 -2.30
CA GLY CA 154 -83.47 33.02 -1.21
C GLY CA 154 -82.21 32.79 -0.40
N GLU CA 155 -81.54 31.66 -0.68
CA GLU CA 155 -80.32 31.28 -0.01
C GLU CA 155 -79.23 31.06 -1.05
N THR CA 156 -78.04 31.58 -0.78
CA THR CA 156 -76.91 31.50 -1.70
C THR CA 156 -75.65 31.22 -0.89
N ILE CA 157 -74.51 31.21 -1.58
CA ILE CA 157 -73.19 31.08 -0.95
C ILE CA 157 -72.30 32.12 -1.61
N THR CA 158 -72.14 33.27 -0.95
CA THR CA 158 -71.28 34.31 -1.49
C THR CA 158 -69.82 33.87 -1.46
N LEU CA 159 -69.12 34.07 -2.57
CA LEU CA 159 -67.72 33.65 -2.68
C LEU CA 159 -66.75 34.71 -2.17
N ASN CA 160 -66.93 35.97 -2.57
CA ASN CA 160 -66.08 37.08 -2.15
C ASN CA 160 -64.62 36.84 -2.54
N LEU CA 161 -64.40 36.81 -3.86
CA LEU CA 161 -63.06 36.67 -4.41
C LEU CA 161 -62.84 37.78 -5.43
N SER CA 162 -61.74 38.51 -5.28
CA SER CA 162 -61.40 39.58 -6.21
C SER CA 162 -60.07 40.21 -5.83
N GLU CA 163 -59.46 40.88 -6.80
CA GLU CA 163 -58.31 41.77 -6.63
C GLU CA 163 -57.12 41.07 -5.95
N ILE CA 164 -56.56 40.10 -6.68
CA ILE CA 164 -55.17 39.69 -6.46
C ILE CA 164 -54.40 40.02 -7.72
N SER CA 165 -53.44 40.94 -7.59
CA SER CA 165 -52.63 41.44 -8.69
C SER CA 165 -51.61 42.41 -8.09
N VAL CA 166 -50.71 42.91 -8.95
CA VAL CA 166 -49.95 44.07 -8.55
C VAL CA 166 -50.90 45.25 -8.40
N LYS CA 167 -50.49 46.23 -7.60
CA LYS CA 167 -51.27 47.44 -7.33
C LYS CA 167 -52.44 47.15 -6.39
N THR CA 168 -52.67 45.87 -6.06
CA THR CA 168 -53.65 45.52 -5.04
C THR CA 168 -53.10 44.61 -3.95
N LEU CA 169 -52.02 43.88 -4.19
CA LEU CA 169 -51.23 43.34 -3.09
C LEU CA 169 -50.43 44.43 -2.40
N GLY CA 170 -50.41 45.64 -2.95
CA GLY CA 170 -49.77 46.76 -2.33
C GLY CA 170 -48.41 47.11 -2.91
N LEU CA 171 -47.78 46.18 -3.64
CA LEU CA 171 -46.44 46.42 -4.14
C LEU CA 171 -46.42 47.61 -5.10
N ASP CA 172 -46.97 47.40 -6.31
CA ASP CA 172 -47.34 48.44 -7.26
C ASP CA 172 -46.12 49.21 -7.74
N GLY CA 173 -45.01 49.11 -7.02
CA GLY CA 173 -43.81 49.85 -7.35
C GLY CA 173 -42.54 49.15 -6.91
N PHE CA 174 -42.65 47.86 -6.57
CA PHE CA 174 -41.57 47.17 -5.88
C PHE CA 174 -40.25 47.35 -6.61
N ASN CA 175 -39.24 47.81 -5.88
CA ASN CA 175 -38.02 48.29 -6.50
C ASN CA 175 -36.84 48.12 -5.54
N VAL CA 176 -35.70 47.73 -6.10
CA VAL CA 176 -34.47 47.63 -5.34
C VAL CA 176 -33.38 48.57 -5.86
N ASN CA 177 -33.49 49.07 -7.08
CA ASN CA 177 -32.50 49.92 -7.72
C ASN CA 177 -33.17 51.22 -8.17
N GLY CA 178 -32.47 51.96 -9.02
CA GLY CA 178 -33.03 53.22 -9.51
C GLY CA 178 -34.33 53.05 -10.25
N LYS CA 179 -34.41 52.04 -11.12
CA LYS CA 179 -35.60 51.87 -11.96
C LYS CA 179 -36.78 51.31 -11.17
N GLY CA 180 -37.57 52.20 -10.60
CA GLY CA 180 -38.70 51.80 -9.79
C GLY CA 180 -39.96 52.60 -10.01
N VAL CA 181 -40.20 53.02 -11.27
CA VAL CA 181 -41.25 53.97 -11.60
C VAL CA 181 -42.58 53.59 -10.95
N THR CA 182 -43.15 54.51 -10.20
CA THR CA 182 -44.40 54.30 -9.49
C THR CA 182 -45.53 55.02 -10.22
N GLN CA 183 -46.72 55.04 -9.60
CA GLN CA 183 -47.90 55.66 -10.19
C GLN CA 183 -48.34 56.85 -9.36
N ASN CA 184 -48.67 57.95 -10.04
CA ASN CA 184 -49.15 59.14 -9.37
C ASN CA 184 -50.68 59.09 -9.23
N ARG CA 185 -51.25 60.17 -8.70
CA ARG CA 185 -52.68 60.25 -8.46
C ARG CA 185 -53.26 61.44 -9.22
N SER CA 186 -54.56 61.32 -9.56
CA SER CA 186 -55.24 62.39 -10.25
C SER CA 186 -55.22 63.68 -9.43
N ALA CA 187 -54.88 64.78 -10.08
CA ALA CA 187 -54.87 66.06 -9.41
C ALA CA 187 -56.27 66.44 -8.96
N THR CA 188 -56.38 66.91 -7.74
CA THR CA 188 -57.66 67.27 -7.14
C THR CA 188 -57.84 68.77 -7.12
N VAL CA 189 -59.11 69.19 -7.20
CA VAL CA 189 -59.42 70.62 -7.15
C VAL CA 189 -58.96 71.21 -5.82
N THR CA 190 -59.02 70.43 -4.73
CA THR CA 190 -58.44 70.88 -3.48
C THR CA 190 -56.94 71.12 -3.62
N ASP CA 191 -56.25 70.21 -4.31
CA ASP CA 191 -54.84 70.44 -4.60
C ASP CA 191 -54.66 71.65 -5.50
N VAL CA 192 -55.53 71.81 -6.50
CA VAL CA 192 -55.40 72.94 -7.42
C VAL CA 192 -55.44 74.26 -6.65
N ILE CA 193 -56.41 74.38 -5.73
CA ILE CA 193 -56.46 75.60 -4.93
C ILE CA 193 -55.33 75.64 -3.91
N ALA CA 194 -54.81 74.48 -3.51
CA ALA CA 194 -53.81 74.44 -2.44
C ALA CA 194 -52.53 75.17 -2.82
N GLN CA 195 -52.02 74.94 -4.03
CA GLN CA 195 -50.83 75.66 -4.47
C GLN CA 195 -51.22 76.93 -5.22
N GLY CA 196 -51.85 77.85 -4.49
CA GLY CA 196 -52.15 79.16 -5.01
C GLY CA 196 -53.12 79.18 -6.17
N GLY CA 197 -54.16 78.33 -6.11
CA GLY CA 197 -55.15 78.33 -7.17
C GLY CA 197 -55.89 79.65 -7.24
N THR CA 198 -56.08 80.14 -8.46
CA THR CA 198 -56.79 81.38 -8.73
C THR CA 198 -57.94 81.09 -9.68
N LEU CA 199 -59.16 81.16 -9.16
CA LEU CA 199 -60.34 80.83 -9.97
C LEU CA 199 -60.53 81.85 -11.08
N GLN CA 200 -60.95 81.37 -12.25
CA GLN CA 200 -61.22 82.21 -13.41
C GLN CA 200 -62.58 81.99 -14.04
N GLY CA 201 -63.30 80.93 -13.68
CA GLY CA 201 -64.56 80.62 -14.30
C GLY CA 201 -65.15 79.31 -13.83
N ASP CA 202 -65.61 78.49 -14.78
CA ASP CA 202 -66.21 77.20 -14.46
C ASP CA 202 -65.09 76.22 -14.10
N GLY CA 203 -64.67 76.28 -12.84
CA GLY CA 203 -63.61 75.41 -12.36
C GLY CA 203 -62.28 75.61 -13.05
N THR CA 204 -61.99 76.82 -13.50
CA THR CA 204 -60.74 77.13 -14.20
C THR CA 204 -59.83 77.89 -13.23
N TYR CA 205 -58.68 77.31 -12.92
CA TYR CA 205 -57.76 77.89 -11.96
C TYR CA 205 -56.38 78.06 -12.60
N LYS CA 206 -55.70 79.14 -12.22
CA LYS CA 206 -54.42 79.51 -12.83
C LYS CA 206 -53.36 79.40 -11.74
N ALA CA 207 -52.61 78.30 -11.74
CA ALA CA 207 -51.51 78.15 -10.80
C ALA CA 207 -50.35 79.05 -11.18
N THR CA 208 -49.72 79.64 -10.18
CA THR CA 208 -48.65 80.62 -10.39
C THR CA 208 -47.35 80.10 -9.80
N THR CA 209 -46.24 80.51 -10.42
CA THR CA 209 -44.91 80.20 -9.89
C THR CA 209 -43.95 81.27 -10.38
N THR CA 210 -43.67 82.25 -9.53
CA THR CA 210 -42.76 83.31 -9.91
C THR CA 210 -41.33 82.77 -10.02
N PHE CA 211 -40.58 83.35 -10.96
CA PHE CA 211 -39.22 82.92 -11.23
C PHE CA 211 -38.21 84.05 -11.14
N ASN CA 212 -38.59 85.21 -10.59
CA ASN CA 212 -37.70 86.36 -10.60
C ASN CA 212 -36.46 86.04 -9.77
N ALA CA 213 -35.36 85.79 -10.44
CA ALA CA 213 -34.18 85.20 -9.81
C ALA CA 213 -32.96 85.54 -10.66
N ALA CA 214 -31.89 84.76 -10.49
CA ALA CA 214 -30.60 84.99 -11.15
C ALA CA 214 -29.95 86.28 -10.64
N SER CA 215 -29.78 86.35 -9.33
CA SER CA 215 -29.09 87.47 -8.70
C SER CA 215 -27.61 87.47 -9.11
N ALA CA 216 -26.89 88.48 -8.63
CA ALA CA 216 -25.50 88.65 -9.03
C ALA CA 216 -24.65 87.46 -8.63
N GLU CA 217 -24.92 86.89 -7.45
CA GLU CA 217 -24.13 85.74 -6.99
C GLU CA 217 -24.31 84.54 -7.92
N THR CA 218 -25.56 84.25 -8.28
CA THR CA 218 -25.84 83.06 -9.09
C THR CA 218 -25.31 83.19 -10.51
N VAL CA 219 -25.20 84.42 -11.01
CA VAL CA 219 -24.66 84.58 -12.35
C VAL CA 219 -23.14 84.66 -12.33
N LEU CA 220 -22.55 85.20 -11.26
CA LEU CA 220 -21.10 85.13 -11.10
C LEU CA 220 -20.64 83.70 -10.84
N SER CA 221 -21.53 82.83 -10.36
CA SER CA 221 -21.17 81.44 -10.12
C SER CA 221 -20.81 80.70 -11.40
N LYS CA 222 -21.31 81.13 -12.55
CA LYS CA 222 -21.04 80.45 -13.80
C LYS CA 222 -20.36 81.40 -14.80
N LEU CA 223 -19.36 82.14 -14.32
CA LEU CA 223 -18.71 83.17 -15.12
C LEU CA 223 -17.34 82.68 -15.57
N GLU CA 224 -17.06 82.83 -16.86
CA GLU CA 224 -15.74 82.51 -17.40
C GLU CA 224 -15.27 83.54 -18.42
N ASP CA 225 -15.98 84.67 -18.56
CA ASP CA 225 -15.60 85.69 -19.53
C ASP CA 225 -15.67 87.07 -18.91
N GLY CA 226 -15.57 88.12 -19.72
CA GLY CA 226 -15.55 89.47 -19.21
C GLY CA 226 -16.93 90.04 -18.94
N ASN CA 227 -17.00 90.89 -17.93
CA ASN CA 227 -18.21 91.62 -17.58
C ASN CA 227 -17.92 93.12 -17.70
N THR CA 228 -18.89 93.94 -17.27
CA THR CA 228 -18.72 95.38 -17.33
C THR CA 228 -19.57 96.04 -16.26
N VAL CA 229 -19.14 97.22 -15.83
CA VAL CA 229 -19.84 98.02 -14.83
C VAL CA 229 -19.92 99.45 -15.33
N ALA CA 230 -21.13 99.99 -15.39
CA ALA CA 230 -21.35 101.37 -15.82
C ALA CA 230 -22.32 102.03 -14.86
N VAL CA 231 -21.91 103.17 -14.29
CA VAL CA 231 -22.73 103.90 -13.33
C VAL CA 231 -23.58 104.88 -14.13
N GLY CA 232 -24.72 104.40 -14.62
CA GLY CA 232 -25.58 105.22 -15.44
C GLY CA 232 -24.87 105.63 -16.72
N GLY CA 233 -24.93 106.93 -17.02
CA GLY CA 233 -24.30 107.48 -18.20
C GLY CA 233 -22.87 107.92 -18.00
N GLY CA 234 -22.26 107.62 -16.87
CA GLY CA 234 -20.90 108.02 -16.57
C GLY CA 234 -19.88 107.05 -17.12
N ALA CA 235 -18.71 107.03 -16.48
CA ALA CA 235 -17.62 106.17 -16.92
C ALA CA 235 -17.99 104.70 -16.74
N THR CA 236 -17.37 103.84 -17.54
CA THR CA 236 -17.65 102.42 -17.56
C THR CA 236 -16.39 101.63 -17.29
N TYR CA 237 -16.52 100.55 -16.52
CA TYR CA 237 -15.40 99.67 -16.19
C TYR CA 237 -15.73 98.24 -16.59
N THR CA 238 -14.75 97.55 -17.14
CA THR CA 238 -14.89 96.15 -17.54
C THR CA 238 -13.85 95.30 -16.82
N TYR CA 239 -14.23 94.08 -16.48
CA TYR CA 239 -13.37 93.16 -15.75
C TYR CA 239 -13.37 91.81 -16.46
N ASP CA 240 -12.26 91.09 -16.34
CA ASP CA 240 -12.10 89.79 -16.97
C ASP CA 240 -11.63 88.78 -15.93
N ALA CA 241 -12.35 87.67 -15.82
CA ALA CA 241 -12.02 86.62 -14.85
C ALA CA 241 -11.16 85.56 -15.55
N ALA CA 242 -9.85 85.65 -15.35
CA ALA CA 242 -8.93 84.68 -15.95
C ALA CA 242 -9.19 83.28 -15.41
N LYS CA 243 -8.95 83.08 -14.12
CA LYS CA 243 -9.21 81.82 -13.45
C LYS CA 243 -10.38 81.95 -12.46
N GLY CA 244 -11.27 82.91 -12.71
CA GLY CA 244 -12.23 83.34 -11.73
C GLY CA 244 -11.78 84.54 -10.91
N ASN CA 245 -10.50 84.89 -10.99
CA ASN CA 245 -9.99 86.11 -10.38
C ASN CA 245 -9.97 87.21 -11.45
N PHE CA 246 -10.58 88.35 -11.13
CA PHE CA 246 -10.84 89.37 -12.13
C PHE CA 246 -9.60 90.22 -12.39
N THR CA 247 -9.34 90.47 -13.67
CA THR CA 247 -8.25 91.34 -14.10
C THR CA 247 -8.84 92.50 -14.88
N TYR CA 248 -8.39 93.71 -14.54
CA TYR CA 248 -8.91 94.92 -15.19
C TYR CA 248 -7.92 96.05 -14.97
N THR CA 249 -8.26 97.21 -15.49
CA THR CA 249 -7.37 98.37 -15.48
C THR CA 249 -7.96 99.50 -14.64
N LYS CA 250 -7.09 100.20 -13.94
CA LYS CA 250 -7.46 101.40 -13.18
C LYS CA 250 -6.55 102.53 -13.58
N THR CA 251 -7.12 103.68 -13.90
CA THR CA 251 -6.34 104.86 -14.21
C THR CA 251 -5.79 105.49 -12.93
N VAL CA 252 -4.57 105.99 -13.01
CA VAL CA 252 -3.93 106.69 -11.91
C VAL CA 252 -3.52 108.07 -12.41
N ASP CA 253 -4.11 109.10 -11.82
CA ASP CA 253 -3.87 110.47 -12.28
C ASP CA 253 -4.29 111.43 -11.17
N THR CA 254 -4.34 112.72 -11.51
CA THR CA 254 -4.69 113.77 -10.56
C THR CA 254 -5.58 114.78 -11.28
N THR CA 255 -5.72 115.97 -10.69
CA THR CA 255 -6.57 117.01 -11.26
C THR CA 255 -5.83 118.28 -11.61
N VAL CA 256 -4.56 118.41 -11.26
CA VAL CA 256 -3.79 119.63 -11.48
C VAL CA 256 -2.83 119.39 -12.64
N GLY CA 257 -3.02 120.15 -13.72
CA GLY CA 257 -2.13 120.01 -14.86
C GLY CA 257 -0.71 120.45 -14.58
N ALA CA 258 -0.55 121.51 -13.78
CA ALA CA 258 0.77 122.05 -13.50
C ALA CA 258 1.51 121.33 -12.39
N ASP CA 259 0.83 120.48 -11.62
CA ASP CA 259 1.46 119.78 -10.51
C ASP CA 259 0.86 118.39 -10.40
N VAL CA 260 1.65 117.37 -10.72
CA VAL CA 260 1.21 115.98 -10.59
C VAL CA 260 2.14 115.25 -9.65
N THR CA 261 2.70 115.98 -8.67
CA THR CA 261 3.48 115.33 -7.63
C THR CA 261 2.65 114.28 -6.91
N ALA CA 262 1.35 114.54 -6.73
CA ALA CA 262 0.45 113.55 -6.17
C ALA CA 262 0.35 112.33 -7.06
N LEU CA 263 0.44 112.50 -8.38
CA LEU CA 263 0.40 111.35 -9.27
C LEU CA 263 1.62 110.44 -9.05
N ALA CA 264 2.80 111.03 -8.93
CA ALA CA 264 3.99 110.24 -8.64
C ALA CA 264 3.91 109.61 -7.26
N ASN CA 265 3.38 110.34 -6.28
CA ASN CA 265 3.20 109.80 -4.93
C ASN CA 265 2.07 108.79 -4.85
N LYS CA 266 1.28 108.65 -5.92
CA LYS CA 266 0.33 107.56 -6.07
C LYS CA 266 0.96 106.34 -6.72
N ILE CA 267 1.77 106.55 -7.75
CA ILE CA 267 2.40 105.41 -8.43
C ILE CA 267 3.44 104.76 -7.53
N LYS CA 268 4.22 105.57 -6.80
CA LYS CA 268 5.34 105.03 -6.03
C LYS CA 268 4.93 104.00 -5.00
N PRO CA 269 3.91 104.21 -4.16
CA PRO CA 269 3.53 103.15 -3.20
C PRO CA 269 3.08 101.87 -3.88
N SER CA 270 2.46 101.96 -5.06
CA SER CA 270 2.06 100.76 -5.77
C SER CA 270 3.27 99.92 -6.15
N SER CA 271 4.36 100.58 -6.55
CA SER CA 271 5.59 99.85 -6.87
C SER CA 271 6.20 99.21 -5.62
N GLY CA 272 6.00 99.82 -4.46
CA GLY CA 272 6.54 99.32 -3.22
C GLY CA 272 7.56 100.26 -2.62
N THR CA 273 8.46 99.68 -1.82
CA THR CA 273 9.52 100.45 -1.16
C THR CA 273 10.90 100.07 -1.68
N ILE CA 274 11.27 98.80 -1.59
CA ILE CA 274 12.56 98.32 -2.08
C ILE CA 274 12.32 97.02 -2.84
N SER CA 275 12.84 96.94 -4.06
CA SER CA 275 12.70 95.73 -4.86
C SER CA 275 13.87 95.66 -5.84
N GLY CA 276 13.91 94.57 -6.60
CA GLY CA 276 15.04 94.30 -7.48
C GLY CA 276 14.78 94.60 -8.95
N SER CA 277 14.48 93.56 -9.72
CA SER CA 277 14.40 93.70 -11.17
C SER CA 277 13.18 94.52 -11.58
N TYR CA 278 13.44 95.71 -12.11
CA TYR CA 278 12.42 96.57 -12.69
C TYR CA 278 12.65 96.67 -14.19
N GLU CA 279 11.67 97.26 -14.88
CA GLU CA 279 11.78 97.55 -16.30
C GLU CA 279 11.32 98.97 -16.55
N ILE CA 280 12.09 99.72 -17.33
CA ILE CA 280 11.77 101.09 -17.70
C ILE CA 280 11.71 101.16 -19.22
N SER CA 281 10.62 101.73 -19.75
CA SER CA 281 10.41 101.83 -21.18
C SER CA 281 10.33 103.29 -21.63
N THR CA 282 11.15 104.13 -21.01
CA THR CA 282 11.15 105.55 -21.39
C THR CA 282 11.62 105.72 -22.83
N GLY CA 283 11.13 106.77 -23.47
CA GLY CA 283 11.34 106.90 -24.89
C GLY CA 283 10.36 106.03 -25.66
N LYS CA 284 10.87 105.09 -26.45
CA LYS CA 284 9.97 104.18 -27.16
C LYS CA 284 10.35 102.72 -26.96
N SER CA 285 11.66 102.42 -26.90
CA SER CA 285 12.12 101.04 -26.83
C SER CA 285 13.26 100.90 -25.82
N ALA CA 286 13.09 101.48 -24.64
CA ALA CA 286 14.12 101.41 -23.61
C ALA CA 286 14.35 99.97 -23.16
N SER CA 287 13.35 99.36 -22.55
CA SER CA 287 13.40 97.96 -22.11
C SER CA 287 14.56 97.71 -21.15
N PHE CA 288 14.59 98.49 -20.07
CA PHE CA 288 15.60 98.31 -19.03
C PHE CA 288 15.38 97.02 -18.25
N ASP CA 289 16.45 96.58 -17.58
CA ASP CA 289 16.39 95.57 -16.51
C ASP CA 289 17.19 96.15 -15.35
N VAL CA 290 16.54 96.98 -14.54
CA VAL CA 290 17.22 97.80 -13.55
C VAL CA 290 16.97 97.23 -12.15
N ASP CA 291 17.75 97.73 -11.20
CA ASP CA 291 17.60 97.40 -9.78
C ASP CA 291 17.45 98.70 -9.01
N ALA CA 292 16.23 98.99 -8.57
CA ALA CA 292 15.93 100.23 -7.85
C ALA CA 292 15.84 99.92 -6.36
N ALA CA 293 16.97 99.99 -5.68
CA ALA CA 293 17.02 99.88 -4.23
C ALA CA 293 16.99 101.28 -3.63
N GLY CA 294 15.87 101.96 -3.85
CA GLY CA 294 15.78 103.37 -3.55
C GLY CA 294 16.21 104.18 -4.76
N LYS CA 295 17.46 104.64 -4.76
CA LYS CA 295 18.00 105.29 -5.95
C LYS CA 295 18.11 104.29 -7.10
N ILE CA 296 17.78 104.76 -8.30
CA ILE CA 296 17.69 103.86 -9.46
C ILE CA 296 19.09 103.51 -9.95
N THR CA 297 19.35 102.21 -10.12
CA THR CA 297 20.63 101.72 -10.58
C THR CA 297 20.41 100.62 -11.63
N ILE CA 298 21.49 100.30 -12.33
CA ILE CA 298 21.51 99.22 -13.31
C ILE CA 298 22.39 98.11 -12.75
N GLY CA 299 22.17 96.89 -13.24
CA GLY CA 299 23.03 95.79 -12.85
C GLY CA 299 24.46 96.03 -13.26
N GLY CA 300 25.32 96.33 -12.29
CA GLY CA 300 26.72 96.57 -12.53
C GLY CA 300 27.16 98.02 -12.54
N ASN CA 301 26.24 98.97 -12.49
CA ASN CA 301 26.61 100.38 -12.54
C ASN CA 301 25.47 101.23 -12.01
N ALA CA 302 25.63 102.55 -12.10
CA ALA CA 302 24.65 103.51 -11.65
C ALA CA 302 23.65 103.79 -12.77
N ALA CA 303 22.76 104.77 -12.57
CA ALA CA 303 21.81 105.15 -13.61
C ALA CA 303 21.40 106.60 -13.37
N PHE CA 304 22.00 107.51 -14.13
CA PHE CA 304 21.60 108.92 -14.13
C PHE CA 304 20.45 109.11 -15.10
N LEU CA 305 20.08 110.37 -15.38
CA LEU CA 305 18.96 110.65 -16.25
C LEU CA 305 19.19 111.95 -17.00
N ASN CA 306 19.04 111.91 -18.32
CA ASN CA 306 19.08 113.11 -19.15
C ASN CA 306 17.67 113.50 -19.52
N ALA CA 307 17.35 114.78 -19.38
CA ALA CA 307 15.97 115.23 -19.39
C ALA CA 307 15.77 116.44 -20.30
N ASP CA 308 14.49 116.79 -20.47
CA ASP CA 308 14.00 118.02 -21.08
C ASP CA 308 14.15 118.06 -22.60
N GLY CA 309 14.87 117.10 -23.18
CA GLY CA 309 14.78 116.86 -24.61
C GLY CA 309 13.98 115.60 -24.85
N GLU CA 310 14.37 114.56 -24.13
CA GLU CA 310 13.65 113.30 -24.04
C GLU CA 310 14.19 112.57 -22.81
N LEU CA 311 13.33 112.34 -21.82
CA LEU CA 311 13.79 111.90 -20.51
C LEU CA 311 14.19 110.43 -20.59
N THR CA 312 15.49 110.18 -20.74
CA THR CA 312 16.04 108.84 -20.84
C THR CA 312 16.99 108.58 -19.69
N THR CA 313 17.19 107.30 -19.38
CA THR CA 313 18.01 106.88 -18.25
C THR CA 313 19.30 106.25 -18.74
N ASN CA 314 20.42 106.67 -18.16
CA ASN CA 314 21.72 106.12 -18.47
C ASN CA 314 22.68 106.37 -17.32
N ASP CA 315 23.75 105.58 -17.26
CA ASP CA 315 24.82 105.91 -16.32
C ASP CA 315 25.84 106.87 -16.90
N ALA CA 316 25.73 107.19 -18.19
CA ALA CA 316 26.59 108.17 -18.85
C ALA CA 316 26.07 109.56 -18.55
N SER CA 317 26.51 110.12 -17.43
CA SER CA 317 26.01 111.41 -16.98
C SER CA 317 26.51 112.52 -17.89
N GLY CA 318 25.64 113.52 -18.11
CA GLY CA 318 25.98 114.71 -18.84
C GLY CA 318 26.24 115.88 -17.92
N ALA CA 319 25.98 117.08 -18.44
CA ALA CA 319 26.15 118.29 -17.63
C ALA CA 319 24.93 118.60 -16.78
N LEU CA 320 23.75 118.12 -17.18
CA LEU CA 320 22.49 118.44 -16.52
C LEU CA 320 21.72 117.16 -16.19
N THR CA 321 22.40 116.21 -15.56
CA THR CA 321 21.81 114.89 -15.29
C THR CA 321 21.68 114.65 -13.79
N GLN CA 322 20.63 113.92 -13.42
CA GLN CA 322 20.35 113.56 -12.04
C GLN CA 322 19.99 112.09 -11.97
N ALA CA 323 20.08 111.52 -10.78
CA ALA CA 323 19.88 110.08 -10.59
C ALA CA 323 19.05 109.83 -9.34
N THR CA 324 17.80 109.41 -9.51
CA THR CA 324 16.95 108.96 -8.41
C THR CA 324 15.70 108.31 -8.99
N LEU CA 325 15.00 107.57 -8.13
CA LEU CA 325 13.76 106.93 -8.55
C LEU CA 325 12.68 107.95 -8.84
N ASP CA 326 12.65 109.05 -8.10
CA ASP CA 326 11.61 110.05 -8.29
C ASP CA 326 11.69 110.67 -9.69
N ASP CA 327 12.90 110.95 -10.17
CA ASP CA 327 13.05 111.50 -11.50
C ASP CA 327 12.58 110.52 -12.57
N VAL CA 328 12.91 109.23 -12.41
CA VAL CA 328 12.49 108.23 -13.38
C VAL CA 328 10.96 108.08 -13.38
N LEU CA 329 10.37 108.07 -12.18
CA LEU CA 329 8.92 107.97 -12.08
C LEU CA 329 8.24 109.18 -12.69
N THR CA 330 8.81 110.36 -12.48
CA THR CA 330 8.29 111.57 -13.14
C THR CA 330 8.41 111.45 -14.65
N SER CA 331 9.55 110.93 -15.13
CA SER CA 331 9.72 110.71 -16.56
C SER CA 331 8.63 109.82 -17.12
N VAL CA 332 8.36 108.70 -16.45
CA VAL CA 332 7.34 107.77 -16.94
C VAL CA 332 5.96 108.41 -16.87
N GLY CA 333 5.66 109.11 -15.78
CA GLY CA 333 4.32 109.60 -15.55
C GLY CA 333 4.02 111.00 -16.02
N THR CA 334 5.04 111.85 -16.14
CA THR CA 334 4.84 113.26 -16.44
C THR CA 334 5.38 113.64 -17.81
N GLU CA 335 6.66 113.41 -18.06
CA GLU CA 335 7.31 113.84 -19.30
C GLU CA 335 7.58 112.67 -20.24
N ALA CA 336 6.74 111.64 -20.18
CA ALA CA 336 6.90 110.51 -21.09
C ALA CA 336 6.68 110.94 -22.53
N ASN CA 337 5.64 111.74 -22.77
CA ASN CA 337 5.27 112.24 -24.10
C ASN CA 337 5.09 111.12 -25.11
N SER CA 338 4.86 109.90 -24.65
CA SER CA 338 4.71 108.74 -25.51
C SER CA 338 4.24 107.58 -24.66
N SER CA 339 4.11 106.41 -25.28
CA SER CA 339 3.72 105.19 -24.58
C SER CA 339 4.92 104.69 -23.78
N VAL CA 340 4.98 105.11 -22.52
CA VAL CA 340 6.06 104.75 -21.62
C VAL CA 340 5.45 104.03 -20.42
N THR CA 341 6.00 102.87 -20.08
CA THR CA 341 5.48 102.05 -19.00
C THR CA 341 6.63 101.52 -18.16
N ILE CA 342 6.30 101.05 -16.96
CA ILE CA 342 7.25 100.42 -16.05
C ILE CA 342 6.81 98.97 -15.85
N GLY CA 343 7.70 98.04 -16.17
CA GLY CA 343 7.41 96.63 -16.04
C GLY CA 343 7.79 96.00 -14.72
N GLY CA 344 8.22 96.80 -13.74
CA GLY CA 344 8.65 96.25 -12.48
C GLY CA 344 7.50 95.66 -11.69
N THR CA 345 7.80 94.57 -10.96
CA THR CA 345 6.84 93.89 -10.10
C THR CA 345 5.61 93.44 -10.88
N LYS CA 346 5.82 93.00 -12.12
CA LYS CA 346 4.75 92.44 -12.96
C LYS CA 346 3.59 93.42 -13.13
N TYR CA 347 3.91 94.69 -13.28
CA TYR CA 347 2.93 95.74 -13.54
C TYR CA 347 3.28 96.44 -14.84
N SER CA 348 2.37 97.31 -15.30
CA SER CA 348 2.62 98.06 -16.53
C SER CA 348 1.94 99.43 -16.38
N HIS CA 349 2.70 100.41 -15.91
CA HIS CA 349 2.18 101.76 -15.70
C HIS CA 349 2.39 102.59 -16.97
N SER CA 350 1.60 102.24 -17.98
CA SER CA 350 1.71 102.92 -19.27
C SER CA 350 1.26 104.37 -19.16
N ALA CA 351 1.97 105.26 -19.84
CA ALA CA 351 1.62 106.67 -19.89
C ALA CA 351 0.59 106.87 -21.00
N ALA CA 352 -0.67 106.61 -20.66
CA ALA CA 352 -1.75 106.82 -21.62
C ALA CA 352 -1.84 108.27 -22.05
N ASP CA 353 -1.69 109.19 -21.10
CA ASP CA 353 -1.64 110.61 -21.38
C ASP CA 353 -0.45 111.21 -20.64
N GLU CA 354 0.35 112.00 -21.35
CA GLU CA 354 1.49 112.68 -20.75
C GLU CA 354 1.05 114.03 -20.18
N LEU CA 355 1.99 114.68 -19.49
CA LEU CA 355 1.73 115.99 -18.89
C LEU CA 355 2.43 117.06 -19.72
N SER CA 356 1.64 117.87 -20.42
CA SER CA 356 2.15 119.06 -21.10
C SER CA 356 2.16 120.27 -20.17
N TYR CA 357 2.12 120.04 -18.86
CA TYR CA 357 2.06 121.05 -17.80
C TYR CA 357 0.73 121.79 -17.77
N THR CA 358 -0.18 121.50 -18.70
CA THR CA 358 -1.53 122.04 -18.68
C THR CA 358 -2.58 120.94 -18.57
N ALA CA 359 -2.48 119.91 -19.40
CA ALA CA 359 -3.39 118.78 -19.34
C ALA CA 359 -2.82 117.69 -18.43
N VAL CA 360 -3.67 117.17 -17.54
CA VAL CA 360 -3.23 116.21 -16.55
C VAL CA 360 -2.78 114.92 -17.23
N ALA CA 361 -1.74 114.31 -16.68
CA ALA CA 361 -1.19 113.09 -17.25
C ALA CA 361 -1.90 111.86 -16.68
N THR CA 362 -1.83 110.76 -17.42
CA THR CA 362 -2.48 109.52 -17.05
C THR CA 362 -1.46 108.39 -17.04
N THR CA 363 -1.47 107.59 -15.97
CA THR CA 363 -0.56 106.47 -15.79
C THR CA 363 -1.34 105.19 -15.50
N ALA CA 364 -2.35 104.93 -16.33
CA ALA CA 364 -3.22 103.78 -16.11
C ALA CA 364 -2.44 102.48 -16.12
N ASP CA 365 -2.86 101.55 -15.27
CA ASP CA 365 -2.20 100.26 -15.14
C ASP CA 365 -3.27 99.19 -14.97
N VAL CA 366 -2.87 97.93 -15.23
CA VAL CA 366 -3.73 96.80 -14.95
C VAL CA 366 -3.62 96.52 -13.46
N LEU CA 367 -4.55 97.08 -12.68
CA LEU CA 367 -4.46 96.97 -11.23
C LEU CA 367 -4.96 95.62 -10.74
N SER CA 368 -6.12 95.19 -11.24
CA SER CA 368 -6.78 93.96 -10.76
C SER CA 368 -6.99 94.00 -9.25
N ALA CA 369 -7.15 95.20 -8.69
CA ALA CA 369 -7.34 95.35 -7.26
C ALA CA 369 -8.64 94.71 -6.79
N MET CA 370 -9.61 94.54 -7.69
CA MET CA 370 -10.83 93.79 -7.40
C MET CA 370 -10.73 92.36 -7.93
N GLY CA 371 -9.53 91.77 -7.84
CA GLY CA 371 -9.32 90.45 -8.39
C GLY CA 371 -10.21 89.40 -7.76
N SER CA 372 -10.47 89.53 -6.46
CA SER CA 372 -11.36 88.59 -5.79
C SER CA 372 -12.75 88.62 -6.41
N SER CA 373 -13.28 87.44 -6.70
CA SER CA 373 -14.64 87.35 -7.20
C SER CA 373 -15.63 87.88 -6.17
N THR CA 374 -15.35 87.66 -4.89
CA THR CA 374 -16.18 88.24 -3.84
C THR CA 374 -16.08 89.76 -3.84
N ALA CA 375 -14.91 90.31 -4.17
CA ALA CA 375 -14.77 91.76 -4.25
C ALA CA 375 -15.66 92.33 -5.35
N VAL CA 376 -15.67 91.68 -6.52
CA VAL CA 376 -16.53 92.13 -7.61
C VAL CA 376 -17.99 91.96 -7.24
N SER CA 377 -18.32 90.88 -6.52
CA SER CA 377 -19.70 90.71 -6.06
C SER CA 377 -20.10 91.84 -5.11
N THR CA 378 -19.19 92.25 -4.22
CA THR CA 378 -19.46 93.37 -3.34
C THR CA 378 -19.67 94.66 -4.13
N VAL CA 379 -18.79 94.93 -5.09
CA VAL CA 379 -18.86 96.20 -5.81
C VAL CA 379 -20.10 96.24 -6.69
N THR CA 380 -20.54 95.11 -7.23
CA THR CA 380 -21.76 95.09 -8.02
C THR CA 380 -23.02 95.00 -7.17
N LEU CA 381 -22.88 94.63 -5.90
CA LEU CA 381 -24.02 94.58 -4.99
C LEU CA 381 -24.21 95.88 -4.23
N GLY CA 382 -23.12 96.55 -3.87
CA GLY CA 382 -23.21 97.81 -3.16
C GLY CA 382 -23.02 99.00 -4.08
N SER CA 383 -23.20 98.77 -5.38
CA SER CA 383 -23.03 99.83 -6.35
C SER CA 383 -24.14 100.87 -6.22
N GLY CA 384 -23.89 102.05 -6.80
CA GLY CA 384 -24.87 103.11 -6.79
C GLY CA 384 -25.93 102.91 -7.85
N ILE CA 385 -26.32 103.98 -8.55
CA ILE CA 385 -27.28 103.87 -9.63
C ILE CA 385 -26.53 103.48 -10.89
N THR CA 386 -26.33 102.19 -11.09
CA THR CA 386 -25.50 101.66 -12.16
C THR CA 386 -26.30 100.72 -13.05
N SER CA 387 -25.66 100.29 -14.12
CA SER CA 387 -26.21 99.33 -15.07
C SER CA 387 -25.17 98.27 -15.40
N ALA CA 388 -24.53 97.73 -14.39
CA ALA CA 388 -23.46 96.76 -14.59
C ALA CA 388 -24.01 95.52 -15.28
N ALA CA 389 -23.18 94.95 -16.16
CA ALA CA 389 -23.60 93.83 -17.00
C ALA CA 389 -22.53 92.74 -17.00
N VAL CA 390 -22.96 91.50 -17.22
CA VAL CA 390 -22.08 90.35 -17.23
C VAL CA 390 -22.28 89.58 -18.53
N THR CA 391 -21.18 89.26 -19.20
CA THR CA 391 -21.15 88.29 -20.29
C THR CA 391 -20.45 87.05 -19.75
N PHE CA 392 -21.20 85.95 -19.61
CA PHE CA 392 -20.71 84.77 -18.91
C PHE CA 392 -20.71 83.53 -19.79
N ALA CA 393 -20.68 83.70 -21.11
CA ALA CA 393 -20.74 82.55 -22.00
C ALA CA 393 -19.99 82.87 -23.28
N ILE CA 394 -19.73 81.83 -24.06
CA ILE CA 394 -18.89 81.93 -25.24
C ILE CA 394 -19.77 82.25 -26.45
N ALA CA 395 -19.12 82.68 -27.53
CA ALA CA 395 -19.77 83.18 -28.75
C ALA CA 395 -20.97 82.37 -29.20
N THR CA 396 -20.87 81.04 -29.17
CA THR CA 396 -22.02 80.22 -29.55
C THR CA 396 -23.12 80.24 -28.51
N THR CA 397 -22.82 80.67 -27.29
CA THR CA 397 -23.82 80.83 -26.24
C THR CA 397 -23.79 82.22 -25.64
N ASP CA 398 -23.15 83.17 -26.32
CA ASP CA 398 -22.91 84.50 -25.76
C ASP CA 398 -24.23 85.20 -25.43
N SER CA 399 -24.21 85.96 -24.35
CA SER CA 399 -25.37 86.69 -23.88
C SER CA 399 -24.90 87.79 -22.94
N ASN CA 400 -25.85 88.52 -22.38
CA ASN CA 400 -25.54 89.57 -21.43
C ASN CA 400 -26.65 89.64 -20.39
N ASN CA 401 -26.27 89.96 -19.16
CA ASN CA 401 -27.20 90.07 -18.05
C ASN CA 401 -27.23 91.51 -17.57
N THR CA 402 -28.44 92.08 -17.48
CA THR CA 402 -28.64 93.42 -16.96
C THR CA 402 -29.55 93.35 -15.75
N TRP CA 403 -29.14 93.96 -14.65
CA TRP CA 403 -29.82 93.82 -13.38
C TRP CA 403 -29.97 95.16 -12.69
N VAL CA 404 -30.56 95.12 -11.49
CA VAL CA 404 -30.88 96.32 -10.74
C VAL CA 404 -29.59 97.04 -10.34
N ASP CA 405 -29.68 98.36 -10.22
CA ASP CA 405 -28.50 99.18 -9.96
C ASP CA 405 -27.75 98.76 -8.71
N ASN CA 406 -28.46 98.23 -7.70
CA ASN CA 406 -27.79 97.89 -6.46
C ASN CA 406 -28.30 96.59 -5.83
N LYS CA 407 -28.96 95.73 -6.59
CA LYS CA 407 -29.47 94.48 -6.04
C LYS CA 407 -28.87 93.23 -6.66
N GLY CA 408 -28.45 93.28 -7.92
CA GLY CA 408 -27.98 92.10 -8.61
C GLY CA 408 -29.08 91.27 -9.24
N GLU CA 409 -30.34 91.53 -8.93
CA GLU CA 409 -31.43 90.75 -9.46
C GLU CA 409 -31.71 91.13 -10.90
N LEU CA 410 -31.70 90.15 -11.81
CA LEU CA 410 -31.96 90.39 -13.21
C LEU CA 410 -33.44 90.68 -13.42
N THR CA 411 -33.75 91.91 -13.85
CA THR CA 411 -35.15 92.30 -14.00
C THR CA 411 -35.84 91.50 -15.10
N ASP CA 412 -35.17 91.31 -16.24
CA ASP CA 412 -35.79 90.67 -17.39
C ASP CA 412 -35.37 89.21 -17.56
N ILE CA 413 -34.52 88.69 -16.68
CA ILE CA 413 -34.04 87.32 -16.78
C ILE CA 413 -34.42 86.58 -15.50
N GLN CA 414 -35.08 85.44 -15.66
CA GLN CA 414 -35.57 84.65 -14.55
C GLN CA 414 -34.96 83.25 -14.61
N THR CA 415 -35.12 82.51 -13.52
CA THR CA 415 -34.67 81.12 -13.43
C THR CA 415 -35.86 80.23 -13.15
N PHE CA 416 -36.04 79.21 -13.99
CA PHE CA 416 -37.05 78.20 -13.73
C PHE CA 416 -36.53 77.24 -12.68
N ASP CA 417 -37.23 76.12 -12.47
CA ASP CA 417 -36.70 75.09 -11.60
C ASP CA 417 -35.47 74.41 -12.19
N THR CA 418 -35.19 74.62 -13.47
CA THR CA 418 -34.06 73.98 -14.14
C THR CA 418 -33.00 74.99 -14.60
N SER CA 419 -33.37 75.98 -15.39
CA SER CA 419 -32.39 76.84 -16.04
C SER CA 419 -32.95 78.25 -16.13
N TYR CA 420 -32.29 79.10 -16.92
CA TYR CA 420 -32.66 80.50 -17.06
C TYR CA 420 -33.69 80.65 -18.18
N LYS CA 421 -34.54 81.68 -18.06
CA LYS CA 421 -35.44 82.05 -19.14
C LYS CA 421 -36.01 83.43 -18.80
N ILE CA 422 -36.55 84.09 -19.81
CA ILE CA 422 -37.01 85.48 -19.66
C ILE CA 422 -38.48 85.52 -19.31
N ASN CA 423 -39.04 84.39 -18.87
CA ASN CA 423 -40.44 84.33 -18.47
C ASN CA 423 -40.53 84.52 -16.95
N ALA CA 424 -41.34 85.50 -16.53
CA ALA CA 424 -41.52 85.73 -15.10
C ALA CA 424 -42.22 84.56 -14.43
N ASP CA 425 -43.27 84.03 -15.06
CA ASP CA 425 -43.99 82.89 -14.51
C ASP CA 425 -44.57 82.09 -15.66
N THR CA 426 -44.47 80.76 -15.56
CA THR CA 426 -45.12 79.89 -16.53
C THR CA 426 -46.63 80.11 -16.52
N GLY CA 427 -47.22 80.10 -15.33
CA GLY CA 427 -48.63 80.45 -15.18
C GLY CA 427 -49.58 79.56 -15.95
N GLU CA 428 -49.34 78.26 -15.96
CA GLU CA 428 -50.25 77.35 -16.65
C GLU CA 428 -51.61 77.34 -15.97
N VAL CA 429 -52.64 77.10 -16.75
CA VAL CA 429 -54.02 77.16 -16.28
C VAL CA 429 -54.61 75.76 -16.37
N THR CA 430 -55.09 75.26 -15.25
CA THR CA 430 -55.73 73.94 -15.19
C THR CA 430 -57.20 74.12 -14.87
N VAL CA 431 -58.06 73.54 -15.70
CA VAL CA 431 -59.50 73.62 -15.53
C VAL CA 431 -59.99 72.32 -14.89
N VAL CA 432 -60.85 72.46 -13.88
CA VAL CA 432 -61.38 71.33 -13.14
C VAL CA 432 -62.74 70.95 -13.70
N GLY CA 433 -62.88 69.70 -14.12
CA GLY CA 433 -64.16 69.19 -14.55
C GLY CA 433 -65.18 69.26 -13.42
N ASP CA 434 -66.37 69.76 -13.72
CA ASP CA 434 -67.40 69.86 -12.69
C ASP CA 434 -68.01 68.51 -12.36
N ASN CA 435 -68.27 67.69 -13.38
CA ASN CA 435 -68.95 66.42 -13.19
C ASN CA 435 -68.03 65.31 -12.68
N SER CA 436 -66.72 65.53 -12.65
CA SER CA 436 -65.79 64.49 -12.24
C SER CA 436 -64.61 65.15 -11.53
N ALA CA 437 -63.95 64.36 -10.67
CA ALA CA 437 -62.77 64.86 -9.99
C ALA CA 437 -61.63 65.17 -10.96
N THR CA 438 -61.72 64.67 -12.19
CA THR CA 438 -60.69 64.91 -13.19
C THR CA 438 -60.52 66.39 -13.44
N ALA CA 439 -59.28 66.86 -13.43
CA ALA CA 439 -58.93 68.23 -13.76
C ALA CA 439 -58.27 68.24 -15.13
N GLY CA 440 -58.82 69.04 -16.05
CA GLY CA 440 -58.28 69.13 -17.38
C GLY CA 440 -57.07 70.06 -17.43
N GLN CA 441 -56.54 70.22 -18.64
CA GLN CA 441 -55.41 71.10 -18.89
C GLN CA 441 -55.87 72.22 -19.82
N TYR CA 442 -55.97 73.43 -19.29
CA TYR CA 442 -56.41 74.58 -20.08
C TYR CA 442 -55.18 75.36 -20.55
N ALA CA 443 -54.52 74.78 -21.54
CA ALA CA 443 -53.27 75.33 -22.08
C ALA CA 443 -53.06 74.77 -23.48
N SER CA 444 -51.84 74.91 -24.00
CA SER CA 444 -51.53 74.35 -25.31
C SER CA 444 -51.64 72.83 -25.32
N ALA CA 445 -51.44 72.18 -24.16
CA ALA CA 445 -51.67 70.74 -24.07
C ALA CA 445 -53.15 70.42 -24.30
N ASP CA 446 -54.04 71.31 -23.87
CA ASP CA 446 -55.46 71.30 -24.23
C ASP CA 446 -56.12 69.98 -23.80
N GLY CA 447 -56.18 69.79 -22.48
CA GLY CA 447 -56.95 68.72 -21.91
C GLY CA 447 -56.19 67.49 -21.48
N ALA CA 448 -54.87 67.48 -21.63
CA ALA CA 448 -54.08 66.37 -21.13
C ALA CA 448 -54.26 66.25 -19.63
N LYS CA 449 -54.52 65.03 -19.17
CA LYS CA 449 -54.82 64.81 -17.75
C LYS CA 449 -53.64 65.21 -16.88
N VAL CA 450 -53.93 65.94 -15.80
CA VAL CA 450 -52.93 66.45 -14.88
C VAL CA 450 -52.95 65.59 -13.62
N LEU CA 451 -51.76 65.21 -13.15
CA LEU CA 451 -51.64 64.36 -11.98
C LEU CA 451 -50.58 64.93 -11.05
N VAL CA 452 -50.79 64.76 -9.75
CA VAL CA 452 -49.85 65.24 -8.74
C VAL CA 452 -48.88 64.12 -8.43
N GLY CA 453 -47.59 64.37 -8.69
CA GLY CA 453 -46.57 63.37 -8.48
C GLY CA 453 -46.04 63.35 -7.06
N SER CA 454 -45.05 62.48 -6.84
CA SER CA 454 -44.39 62.39 -5.54
C SER CA 454 -43.57 63.64 -5.30
N ASP CA 455 -43.96 64.41 -4.29
CA ASP CA 455 -43.32 65.69 -3.97
C ASP CA 455 -43.35 66.62 -5.19
N GLY CA 456 -44.43 66.54 -5.95
CA GLY CA 456 -44.62 67.39 -7.12
C GLY CA 456 -45.83 68.27 -6.94
N LYS CA 457 -45.70 69.53 -7.38
CA LYS CA 457 -46.85 70.43 -7.36
C LYS CA 457 -47.98 69.89 -8.22
N LEU CA 458 -47.74 69.77 -9.53
CA LEU CA 458 -48.69 69.19 -10.47
C LEU CA 458 -47.98 69.00 -11.80
N THR CA 459 -48.29 67.90 -12.47
CA THR CA 459 -47.65 67.57 -13.74
C THR CA 459 -48.61 66.74 -14.58
N THR CA 460 -48.19 66.44 -15.80
CA THR CA 460 -49.03 65.73 -16.75
C THR CA 460 -48.79 64.22 -16.77
N GLU CA 461 -47.53 63.79 -16.70
CA GLU CA 461 -47.23 62.36 -16.73
C GLU CA 461 -47.70 61.68 -15.45
N THR CA 462 -48.18 60.46 -15.59
CA THR CA 462 -48.80 59.72 -14.49
C THR CA 462 -47.80 58.97 -13.63
N THR CA 463 -46.51 59.00 -13.94
CA THR CA 463 -45.54 58.18 -13.25
C THR CA 463 -44.37 59.04 -12.77
N SER CA 464 -43.64 58.49 -11.81
CA SER CA 464 -42.46 59.13 -11.24
C SER CA 464 -41.51 58.06 -10.72
N ALA CA 465 -40.28 58.47 -10.43
CA ALA CA 465 -39.28 57.54 -9.94
C ALA CA 465 -39.68 56.97 -8.58
N GLY CA 466 -39.27 55.72 -8.33
CA GLY CA 466 -39.64 55.02 -7.11
C GLY CA 466 -38.71 55.28 -5.94
N ASP CA 467 -37.41 55.36 -6.21
CA ASP CA 467 -36.41 55.73 -5.22
C ASP CA 467 -36.38 54.76 -4.03
N LYS CA 468 -36.01 53.52 -4.32
CA LYS CA 468 -35.59 52.55 -3.31
C LYS CA 468 -36.70 52.32 -2.26
N THR CA 469 -37.76 51.65 -2.72
CA THR CA 469 -38.92 51.38 -1.88
C THR CA 469 -38.50 51.04 -0.45
N THR CA 470 -39.09 51.76 0.50
CA THR CA 470 -38.56 51.91 1.85
C THR CA 470 -38.33 50.59 2.58
N ASP CA 471 -39.41 49.86 2.88
CA ASP CA 471 -39.34 48.60 3.63
C ASP CA 471 -39.89 47.51 2.72
N PRO CA 472 -39.03 46.86 1.95
CA PRO CA 472 -39.52 45.88 0.97
C PRO CA 472 -40.20 44.69 1.62
N LEU CA 473 -39.57 44.14 2.66
CA LEU CA 473 -40.11 42.93 3.28
C LEU CA 473 -41.42 43.20 4.00
N LYS CA 474 -41.62 44.41 4.53
CA LYS CA 474 -42.91 44.73 5.11
C LYS CA 474 -44.02 44.78 4.06
N THR CA 475 -43.74 45.38 2.90
CA THR CA 475 -44.72 45.33 1.82
C THR CA 475 -44.99 43.90 1.39
N LEU CA 476 -43.92 43.09 1.29
CA LEU CA 476 -44.07 41.69 0.92
C LEU CA 476 -44.91 40.94 1.94
N ASP CA 477 -44.70 41.21 3.23
CA ASP CA 477 -45.48 40.54 4.27
C ASP CA 477 -46.93 40.98 4.27
N ALA CA 478 -47.18 42.25 3.97
CA ALA CA 478 -48.57 42.70 3.82
C ALA CA 478 -49.24 41.99 2.65
N ALA CA 479 -48.54 41.85 1.54
CA ALA CA 479 -49.06 41.08 0.41
C ALA CA 479 -49.30 39.64 0.80
N PHE CA 480 -48.38 39.05 1.57
CA PHE CA 480 -48.54 37.69 2.04
C PHE CA 480 -49.78 37.55 2.90
N THR CA 481 -50.01 38.50 3.80
CA THR CA 481 -51.18 38.43 4.67
C THR CA 481 -52.47 38.53 3.86
N LYS CA 482 -52.52 39.46 2.90
CA LYS CA 482 -53.73 39.59 2.08
C LYS CA 482 -53.97 38.32 1.28
N LEU CA 483 -52.94 37.81 0.61
CA LEU CA 483 -53.09 36.62 -0.21
C LEU CA 483 -53.49 35.41 0.64
N ASP CA 484 -52.85 35.24 1.80
CA ASP CA 484 -53.16 34.11 2.65
C ASP CA 484 -54.57 34.22 3.22
N LYS CA 485 -55.01 35.44 3.53
CA LYS CA 485 -56.39 35.63 3.96
C LYS CA 485 -57.37 35.19 2.87
N LEU CA 486 -57.13 35.60 1.64
CA LEU CA 486 -58.06 35.23 0.57
C LEU CA 486 -58.01 33.73 0.29
N THR CA 487 -56.82 33.13 0.32
CA THR CA 487 -56.72 31.68 0.12
C THR CA 487 -57.41 30.91 1.25
N GLY CA 488 -57.27 31.37 2.48
CA GLY CA 488 -57.96 30.73 3.58
C GLY CA 488 -59.46 30.86 3.46
N GLU CA 489 -59.95 32.01 3.01
CA GLU CA 489 -61.38 32.15 2.75
C GLU CA 489 -61.83 31.17 1.68
N LEU CA 490 -61.04 31.02 0.62
CA LEU CA 490 -61.40 30.08 -0.44
C LEU CA 490 -61.40 28.64 0.07
N GLY CA 491 -60.43 28.28 0.90
CA GLY CA 491 -60.42 26.95 1.47
C GLY CA 491 -61.61 26.68 2.36
N ALA CA 492 -62.00 27.69 3.17
CA ALA CA 492 -63.20 27.56 3.97
C ALA CA 492 -64.43 27.38 3.10
N VAL CA 493 -64.48 28.12 1.99
CA VAL CA 493 -65.61 27.98 1.07
C VAL CA 493 -65.63 26.58 0.45
N GLN CA 494 -64.45 26.05 0.11
CA GLN CA 494 -64.41 24.70 -0.44
C GLN CA 494 -64.91 23.67 0.56
N ASN CA 495 -64.50 23.82 1.83
CA ASN CA 495 -64.98 22.90 2.87
C ASN CA 495 -66.49 23.02 3.02
N ARG CA 496 -67.00 24.25 3.07
CA ARG CA 496 -68.44 24.46 3.20
C ARG CA 496 -69.18 23.84 2.03
N LEU CA 497 -68.64 24.00 0.81
CA LEU CA 497 -69.33 23.51 -0.37
C LEU CA 497 -69.32 21.99 -0.42
N GLU CA 498 -68.22 21.36 0.00
CA GLU CA 498 -68.22 19.89 0.07
C GLU CA 498 -69.20 19.39 1.12
N SER CA 499 -69.29 20.07 2.26
CA SER CA 499 -70.26 19.68 3.27
C SER CA 499 -71.69 19.86 2.76
N THR CA 500 -71.93 20.92 2.00
CA THR CA 500 -73.22 21.08 1.35
C THR CA 500 -73.49 19.96 0.37
N ILE CA 501 -72.47 19.54 -0.37
CA ILE CA 501 -72.66 18.42 -1.29
C ILE CA 501 -73.12 17.18 -0.53
N ALA CA 502 -72.46 16.88 0.59
CA ALA CA 502 -72.86 15.72 1.38
C ALA CA 502 -74.28 15.86 1.92
N ASN CA 503 -74.61 17.03 2.48
CA ASN CA 503 -75.94 17.22 3.06
C ASN CA 503 -77.02 17.17 2.00
N LEU CA 504 -76.78 17.83 0.86
CA LEU CA 504 -77.72 17.81 -0.24
C LEU CA 504 -77.93 16.40 -0.77
N ASN CA 505 -76.87 15.61 -0.88
CA ASN CA 505 -77.04 14.23 -1.30
C ASN CA 505 -77.89 13.45 -0.30
N ASN CA 506 -77.65 13.66 0.99
CA ASN CA 506 -78.48 13.01 2.01
C ASN CA 506 -79.95 13.38 1.85
N VAL CA 507 -80.22 14.67 1.67
CA VAL CA 507 -81.62 15.11 1.54
C VAL CA 507 -82.23 14.57 0.25
N VAL CA 508 -81.45 14.48 -0.83
CA VAL CA 508 -81.95 13.91 -2.07
C VAL CA 508 -82.37 12.46 -1.88
N ASN CA 509 -81.51 11.66 -1.25
CA ASN CA 509 -81.88 10.27 -1.02
C ASN CA 509 -83.10 10.16 -0.12
N ASN CA 510 -83.14 10.96 0.96
CA ASN CA 510 -84.26 10.88 1.88
C ASN CA 510 -85.56 11.30 1.22
N LEU CA 511 -85.54 12.34 0.39
CA LEU CA 511 -86.75 12.78 -0.29
C LEU CA 511 -87.16 11.80 -1.38
N SER CA 512 -86.19 11.16 -2.04
CA SER CA 512 -86.54 10.09 -2.98
C SER CA 512 -87.24 8.96 -2.27
N SER CA 513 -86.74 8.57 -1.09
CA SER CA 513 -87.42 7.54 -0.31
C SER CA 513 -88.81 8.00 0.11
N ALA CA 514 -88.95 9.26 0.52
CA ALA CA 514 -90.25 9.78 0.92
C ALA CA 514 -91.24 9.73 -0.23
N ARG CA 515 -90.78 10.06 -1.44
CA ARG CA 515 -91.62 9.91 -2.62
C ARG CA 515 -91.97 8.45 -2.85
N SER CA 516 -91.02 7.54 -2.60
CA SER CA 516 -91.29 6.12 -2.79
C SER CA 516 -92.40 5.62 -1.87
N ARG CA 517 -92.36 6.01 -0.59
CA ARG CA 517 -93.39 5.57 0.34
C ARG CA 517 -94.79 6.02 -0.05
N ILE CA 518 -94.91 7.04 -0.90
CA ILE CA 518 -96.21 7.60 -1.24
C ILE CA 518 -96.57 7.33 -2.70
N GLN CA 519 -95.66 7.61 -3.64
CA GLN CA 519 -96.05 7.67 -5.04
C GLN CA 519 -96.11 6.29 -5.69
N ASP CA 520 -94.98 5.60 -5.75
CA ASP CA 520 -94.92 4.38 -6.52
C ASP CA 520 -95.64 3.23 -5.81
N ALA CA 521 -95.84 2.14 -6.55
CA ALA CA 521 -96.69 1.04 -6.12
C ALA CA 521 -95.86 -0.14 -5.62
N ASP CA 522 -96.44 -0.88 -4.67
CA ASP CA 522 -95.83 -2.09 -4.14
C ASP CA 522 -96.25 -3.26 -5.02
N TYR CA 523 -95.29 -3.86 -5.73
CA TYR CA 523 -95.61 -4.91 -6.68
C TYR CA 523 -96.17 -6.15 -5.99
N ALA CA 524 -95.76 -6.41 -4.75
CA ALA CA 524 -96.30 -7.57 -4.03
C ALA CA 524 -97.81 -7.47 -3.90
N THR CA 525 -98.33 -6.28 -3.62
CA THR CA 525 -99.77 -6.09 -3.57
C THR CA 525 -100.38 -6.07 -4.96
N GLU CA 526 -99.67 -5.46 -5.93
CA GLU CA 526 -100.25 -5.23 -7.25
C GLU CA 526 -100.44 -6.55 -8.01
N VAL CA 527 -99.45 -7.43 -7.96
CA VAL CA 527 -99.56 -8.70 -8.66
C VAL CA 527 -100.69 -9.54 -8.08
N SER CA 528 -100.80 -9.57 -6.74
CA SER CA 528 -101.89 -10.28 -6.10
C SER CA 528 -103.24 -9.68 -6.49
N ASN CA 529 -103.31 -8.35 -6.57
CA ASN CA 529 -104.55 -7.70 -6.99
C ASN CA 529 -104.91 -8.09 -8.41
N MET CA 530 -103.92 -8.14 -9.31
CA MET CA 530 -104.18 -8.57 -10.67
C MET CA 530 -104.71 -10.00 -10.71
N SER CA 531 -104.08 -10.89 -9.94
CA SER CA 531 -104.53 -12.28 -9.94
C SER CA 531 -105.95 -12.41 -9.42
N LYS CA 532 -106.27 -11.72 -8.32
CA LYS CA 532 -107.62 -11.78 -7.78
C LYS CA 532 -108.63 -11.21 -8.77
N ALA CA 533 -108.28 -10.10 -9.42
CA ALA CA 533 -109.18 -9.51 -10.41
C ALA CA 533 -109.41 -10.46 -11.59
N GLN CA 534 -108.36 -11.13 -12.04
CA GLN CA 534 -108.50 -12.07 -13.15
C GLN CA 534 -109.41 -13.23 -12.76
N ILE CA 535 -109.21 -13.80 -11.56
CA ILE CA 535 -110.07 -14.89 -11.11
C ILE CA 535 -111.51 -14.42 -11.02
N LEU CA 536 -111.72 -13.23 -10.45
CA LEU CA 536 -113.07 -12.70 -10.32
C LEU CA 536 -113.72 -12.51 -11.68
N GLN CA 537 -112.96 -11.99 -12.64
CA GLN CA 537 -113.54 -11.72 -13.96
C GLN CA 537 -113.90 -13.01 -14.68
N GLN CA 538 -113.04 -14.02 -14.62
CA GLN CA 538 -113.36 -15.29 -15.28
C GLN CA 538 -114.55 -15.96 -14.62
N ALA CA 539 -114.60 -15.95 -13.28
CA ALA CA 539 -115.76 -16.50 -12.58
C ALA CA 539 -117.01 -15.73 -12.96
N GLY CA 540 -116.92 -14.41 -13.08
CA GLY CA 540 -118.07 -13.62 -13.48
C GLY CA 540 -118.55 -13.96 -14.86
N THR CA 541 -117.62 -14.16 -15.80
CA THR CA 541 -118.01 -14.55 -17.15
C THR CA 541 -118.75 -15.88 -17.15
N SER CA 542 -118.21 -16.87 -16.43
CA SER CA 542 -118.86 -18.17 -16.40
C SER CA 542 -120.24 -18.10 -15.76
N VAL CA 543 -120.34 -17.43 -14.61
CA VAL CA 543 -121.62 -17.36 -13.92
C VAL CA 543 -122.61 -16.52 -14.74
N LEU CA 544 -122.13 -15.55 -15.50
CA LEU CA 544 -123.01 -14.80 -16.39
C LEU CA 544 -123.53 -15.67 -17.52
N ALA CA 545 -122.68 -16.57 -18.03
CA ALA CA 545 -123.16 -17.53 -19.02
C ALA CA 545 -124.26 -18.40 -18.45
N GLN CA 546 -124.07 -18.90 -17.22
CA GLN CA 546 -125.14 -19.65 -16.59
C GLN CA 546 -126.37 -18.80 -16.30
N ALA CA 547 -126.18 -17.51 -16.02
CA ALA CA 547 -127.32 -16.63 -15.81
C ALA CA 547 -128.14 -16.49 -17.09
N ASN CA 548 -127.48 -16.32 -18.23
CA ASN CA 548 -128.19 -16.29 -19.50
C ASN CA 548 -128.80 -17.64 -19.85
N GLN CA 549 -128.24 -18.73 -19.35
CA GLN CA 549 -128.86 -20.04 -19.53
C GLN CA 549 -130.02 -20.28 -18.58
N VAL CA 550 -130.14 -19.51 -17.51
CA VAL CA 550 -131.25 -19.69 -16.58
C VAL CA 550 -132.61 -19.60 -17.26
N PRO CA 551 -132.91 -18.57 -18.07
CA PRO CA 551 -134.24 -18.52 -18.70
C PRO CA 551 -134.45 -19.58 -19.77
N GLN CA 552 -133.42 -20.33 -20.16
CA GLN CA 552 -133.61 -21.40 -21.12
C GLN CA 552 -134.58 -22.45 -20.59
N THR CA 553 -134.61 -22.66 -19.27
CA THR CA 553 -135.54 -23.62 -18.70
C THR CA 553 -136.98 -23.21 -18.94
N VAL CA 554 -137.24 -21.90 -19.10
CA VAL CA 554 -138.58 -21.45 -19.47
C VAL CA 554 -138.95 -22.02 -20.83
N LEU CA 555 -138.00 -22.07 -21.75
CA LEU CA 555 -138.22 -22.63 -23.07
C LEU CA 555 -138.08 -24.15 -23.04
N SER CA 556 -138.78 -24.78 -22.10
CA SER CA 556 -138.87 -26.24 -22.02
C SER CA 556 -140.31 -26.71 -22.09
N LEU CA 557 -141.18 -26.13 -21.30
CA LEU CA 557 -142.60 -26.46 -21.36
C LEU CA 557 -143.25 -25.69 -22.50
N LEU CA 558 -143.95 -26.41 -23.37
CA LEU CA 558 -144.54 -25.81 -24.56
C LEU CA 558 -145.74 -26.61 -25.04
N ALA DA 2 -110.82 -13.40 -47.39
CA ALA DA 2 -112.12 -13.83 -46.87
C ALA DA 2 -112.01 -15.21 -46.24
N ALA DA 3 -113.05 -16.03 -46.40
CA ALA DA 3 -113.13 -17.32 -45.73
C ALA DA 3 -112.62 -18.46 -46.60
N VAL DA 4 -111.63 -18.19 -47.43
CA VAL DA 4 -111.04 -19.21 -48.28
C VAL DA 4 -109.97 -19.96 -47.51
N ILE DA 5 -109.83 -21.25 -47.78
CA ILE DA 5 -108.86 -22.09 -47.11
C ILE DA 5 -107.92 -22.80 -48.07
N ASN DA 6 -108.28 -22.94 -49.35
CA ASN DA 6 -107.43 -23.67 -50.29
C ASN DA 6 -106.09 -22.97 -50.49
N THR DA 7 -106.06 -21.66 -50.31
CA THR DA 7 -104.81 -20.91 -50.31
C THR DA 7 -104.81 -19.98 -49.11
N ASN DA 8 -103.65 -19.86 -48.46
CA ASN DA 8 -103.47 -18.97 -47.31
C ASN DA 8 -102.42 -17.94 -47.69
N TYR DA 9 -102.88 -16.78 -48.18
CA TYR DA 9 -101.96 -15.74 -48.61
C TYR DA 9 -101.09 -15.25 -47.45
N LEU DA 10 -101.67 -15.15 -46.25
CA LEU DA 10 -100.90 -14.68 -45.10
C LEU DA 10 -99.74 -15.61 -44.80
N SER DA 11 -99.97 -16.92 -44.92
CA SER DA 11 -98.88 -17.87 -44.72
C SER DA 11 -97.78 -17.67 -45.75
N LEU DA 12 -98.15 -17.40 -47.00
CA LEU DA 12 -97.14 -17.18 -48.03
C LEU DA 12 -96.32 -15.92 -47.73
N VAL DA 13 -96.98 -14.85 -47.31
CA VAL DA 13 -96.27 -13.62 -46.97
C VAL DA 13 -95.32 -13.88 -45.81
N ALA DA 14 -95.79 -14.58 -44.78
CA ALA DA 14 -94.94 -14.89 -43.64
C ALA DA 14 -93.75 -15.73 -44.05
N GLN DA 15 -93.97 -16.72 -44.92
CA GLN DA 15 -92.87 -17.57 -45.38
C GLN DA 15 -91.85 -16.77 -46.16
N ASN DA 16 -92.30 -15.86 -47.03
CA ASN DA 16 -91.36 -15.06 -47.80
C ASN DA 16 -90.54 -14.16 -46.90
N ASN DA 17 -91.19 -13.49 -45.94
CA ASN DA 17 -90.44 -12.63 -45.03
C ASN DA 17 -89.48 -13.43 -44.15
N LEU DA 18 -89.90 -14.63 -43.73
CA LEU DA 18 -89.02 -15.49 -42.96
C LEU DA 18 -87.81 -15.90 -43.79
N ASN DA 19 -88.02 -16.16 -45.09
CA ASN DA 19 -86.90 -16.50 -45.96
C ASN DA 19 -85.92 -15.34 -46.10
N LYS DA 20 -86.45 -14.12 -46.22
CA LYS DA 20 -85.56 -12.95 -46.25
C LYS DA 20 -84.77 -12.83 -44.96
N SER DA 21 -85.44 -13.02 -43.82
CA SER DA 21 -84.75 -12.96 -42.54
C SER DA 21 -83.68 -14.04 -42.45
N GLN DA 22 -83.98 -15.24 -42.94
CA GLN DA 22 -83.03 -16.33 -42.90
C GLN DA 22 -81.83 -16.05 -43.80
N SER DA 23 -82.05 -15.44 -44.96
CA SER DA 23 -80.93 -15.06 -45.81
C SER DA 23 -80.03 -14.05 -45.11
N SER DA 24 -80.63 -13.06 -44.45
CA SER DA 24 -79.84 -12.09 -43.70
C SER DA 24 -79.06 -12.78 -42.58
N LEU DA 25 -79.71 -13.71 -41.88
CA LEU DA 25 -79.03 -14.45 -40.82
C LEU DA 25 -77.88 -15.28 -41.37
N GLY DA 26 -78.07 -15.90 -42.53
CA GLY DA 26 -77.01 -16.68 -43.12
C GLY DA 26 -75.82 -15.84 -43.51
N THR DA 27 -76.06 -14.68 -44.12
CA THR DA 27 -74.95 -13.79 -44.43
C THR DA 27 -74.23 -13.34 -43.17
N ALA DA 28 -74.99 -12.99 -42.12
CA ALA DA 28 -74.38 -12.56 -40.87
C ALA DA 28 -73.56 -13.69 -40.25
N ILE DA 29 -74.08 -14.91 -40.28
CA ILE DA 29 -73.38 -16.05 -39.68
C ILE DA 29 -72.10 -16.34 -40.43
N GLU DA 30 -72.16 -16.31 -41.77
CA GLU DA 30 -70.96 -16.56 -42.55
C GLU DA 30 -69.90 -15.50 -42.29
N ARG DA 31 -70.31 -14.23 -42.25
CA ARG DA 31 -69.36 -13.16 -41.97
C ARG DA 31 -68.80 -13.28 -40.55
N LEU DA 32 -69.62 -13.72 -39.60
CA LEU DA 32 -69.17 -13.88 -38.22
C LEU DA 32 -68.13 -14.98 -38.11
N SER DA 33 -68.42 -16.14 -38.70
CA SER DA 33 -67.51 -17.28 -38.59
C SER DA 33 -66.21 -17.01 -39.34
N SER DA 34 -66.31 -16.55 -40.58
CA SER DA 34 -65.09 -16.29 -41.35
C SER DA 34 -64.37 -15.03 -40.87
N GLY DA 35 -65.11 -14.04 -40.40
CA GLY DA 35 -64.56 -12.76 -40.03
C GLY DA 35 -64.41 -11.79 -41.16
N LEU DA 36 -64.66 -12.20 -42.40
CA LEU DA 36 -64.43 -11.39 -43.58
C LEU DA 36 -65.75 -10.85 -44.08
N ARG DA 37 -65.87 -9.53 -44.16
CA ARG DA 37 -67.07 -8.94 -44.74
C ARG DA 37 -67.19 -9.29 -46.21
N ILE DA 38 -66.07 -9.28 -46.93
CA ILE DA 38 -66.07 -9.58 -48.36
C ILE DA 38 -65.73 -11.06 -48.49
N ASN DA 39 -66.76 -11.89 -48.45
CA ASN DA 39 -66.67 -13.30 -48.76
C ASN DA 39 -67.79 -13.65 -49.71
N SER DA 40 -67.55 -14.66 -50.56
CA SER DA 40 -68.56 -15.06 -51.55
C SER DA 40 -68.89 -13.88 -52.47
N ALA DA 41 -67.95 -13.62 -53.39
CA ALA DA 41 -67.81 -12.37 -54.14
C ALA DA 41 -69.13 -11.76 -54.61
N LYS DA 42 -70.19 -12.56 -54.68
CA LYS DA 42 -71.54 -12.00 -54.81
C LYS DA 42 -71.78 -10.87 -53.82
N ASP DA 43 -71.03 -10.84 -52.72
CA ASP DA 43 -71.01 -9.72 -51.80
C ASP DA 43 -69.80 -8.86 -52.11
N ASP DA 44 -70.04 -7.62 -52.57
CA ASP DA 44 -68.99 -6.64 -52.83
C ASP DA 44 -67.98 -7.18 -53.86
N ALA DA 45 -68.49 -7.36 -55.08
CA ALA DA 45 -67.70 -7.98 -56.15
C ALA DA 45 -66.38 -7.25 -56.37
N ALA DA 46 -66.42 -5.93 -56.54
CA ALA DA 46 -65.18 -5.17 -56.68
C ALA DA 46 -64.38 -5.17 -55.39
N GLY DA 47 -65.05 -5.33 -54.25
CA GLY DA 47 -64.35 -5.38 -52.99
C GLY DA 47 -63.38 -6.55 -52.92
N MET DA 48 -63.78 -7.72 -53.42
CA MET DA 48 -62.86 -8.85 -53.38
C MET DA 48 -61.72 -8.68 -54.38
N ALA DA 49 -61.96 -8.01 -55.50
CA ALA DA 49 -60.86 -7.68 -56.39
C ALA DA 49 -59.84 -6.77 -55.69
N ILE DA 50 -60.33 -5.76 -54.97
CA ILE DA 50 -59.46 -4.88 -54.21
C ILE DA 50 -58.70 -5.66 -53.14
N ALA DA 51 -59.41 -6.53 -52.41
CA ALA DA 51 -58.78 -7.30 -51.36
C ALA DA 51 -57.74 -8.27 -51.92
N ASN DA 52 -58.03 -8.88 -53.06
CA ASN DA 52 -57.08 -9.77 -53.71
C ASN DA 52 -55.82 -9.03 -54.12
N ARG DA 53 -55.99 -7.85 -54.72
CA ARG DA 53 -54.83 -7.04 -55.09
C ARG DA 53 -54.01 -6.70 -53.85
N PHE DA 54 -54.68 -6.30 -52.77
CA PHE DA 54 -53.95 -5.93 -51.55
C PHE DA 54 -53.23 -7.13 -50.93
N THR DA 55 -53.87 -8.30 -50.91
CA THR DA 55 -53.21 -9.48 -50.37
C THR DA 55 -51.96 -9.82 -51.17
N ALA DA 56 -52.10 -9.87 -52.50
CA ALA DA 56 -50.93 -10.15 -53.33
C ALA DA 56 -49.83 -9.14 -53.08
N ASN DA 57 -50.17 -7.85 -53.05
CA ASN DA 57 -49.16 -6.82 -52.86
C ASN DA 57 -48.50 -6.95 -51.49
N VAL DA 58 -49.28 -7.10 -50.42
CA VAL DA 58 -48.73 -7.08 -49.08
C VAL DA 58 -47.83 -8.30 -48.86
N ARG DA 59 -48.24 -9.47 -49.34
CA ARG DA 59 -47.42 -10.63 -49.05
C ARG DA 59 -46.25 -10.76 -50.02
N GLY DA 60 -46.38 -10.26 -51.25
CA GLY DA 60 -45.20 -10.08 -52.07
C GLY DA 60 -44.20 -9.13 -51.45
N LEU DA 61 -44.69 -8.08 -50.78
CA LEU DA 61 -43.79 -7.15 -50.10
C LEU DA 61 -43.14 -7.78 -48.89
N THR DA 62 -43.86 -8.65 -48.17
CA THR DA 62 -43.21 -9.40 -47.09
C THR DA 62 -42.10 -10.29 -47.64
N GLN DA 63 -42.37 -10.97 -48.75
CA GLN DA 63 -41.32 -11.79 -49.36
C GLN DA 63 -40.15 -10.92 -49.81
N ALA DA 64 -40.45 -9.72 -50.31
CA ALA DA 64 -39.41 -8.79 -50.72
C ALA DA 64 -38.58 -8.32 -49.54
N ALA DA 65 -39.23 -8.11 -48.39
CA ALA DA 65 -38.49 -7.79 -47.18
C ALA DA 65 -37.55 -8.93 -46.81
N ARG DA 66 -38.03 -10.17 -46.95
CA ARG DA 66 -37.15 -11.32 -46.72
C ARG DA 66 -35.95 -11.31 -47.66
N ASN DA 67 -36.20 -11.02 -48.94
CA ASN DA 67 -35.12 -10.98 -49.93
C ASN DA 67 -34.11 -9.88 -49.59
N ALA DA 68 -34.60 -8.70 -49.25
CA ALA DA 68 -33.71 -7.60 -48.89
C ALA DA 68 -32.90 -7.94 -47.64
N ASN DA 69 -33.53 -8.60 -46.68
CA ASN DA 69 -32.84 -8.99 -45.47
C ASN DA 69 -31.74 -10.01 -45.76
N ASP DA 70 -32.01 -10.94 -46.69
CA ASP DA 70 -30.96 -11.86 -47.13
C ASP DA 70 -29.82 -11.13 -47.81
N GLY DA 71 -30.13 -10.12 -48.62
CA GLY DA 71 -29.09 -9.31 -49.22
C GLY DA 71 -28.25 -8.60 -48.18
N ILE DA 72 -28.88 -8.18 -47.09
CA ILE DA 72 -28.15 -7.57 -45.99
C ILE DA 72 -27.11 -8.54 -45.45
N SER DA 73 -27.50 -9.80 -45.26
CA SER DA 73 -26.56 -10.80 -44.75
C SER DA 73 -25.44 -11.08 -45.74
N LEU DA 74 -25.77 -11.13 -47.03
CA LEU DA 74 -24.74 -11.30 -48.04
C LEU DA 74 -23.70 -10.18 -47.98
N ALA DA 75 -24.18 -8.93 -47.91
CA ALA DA 75 -23.27 -7.81 -47.80
C ALA DA 75 -22.47 -7.86 -46.50
N GLN DA 76 -23.10 -8.33 -45.42
CA GLN DA 76 -22.38 -8.46 -44.15
C GLN DA 76 -21.23 -9.44 -44.26
N THR DA 77 -21.49 -10.60 -44.86
CA THR DA 77 -20.44 -11.62 -45.01
C THR DA 77 -19.30 -11.08 -45.86
N THR DA 78 -19.63 -10.46 -46.99
CA THR DA 78 -18.58 -9.92 -47.85
C THR DA 78 -17.79 -8.82 -47.15
N GLU DA 79 -18.49 -7.98 -46.38
CA GLU DA 79 -17.82 -6.92 -45.65
C GLU DA 79 -16.86 -7.47 -44.60
N GLY DA 80 -17.27 -8.54 -43.90
CA GLY DA 80 -16.37 -9.16 -42.94
C GLY DA 80 -15.13 -9.74 -43.60
N ALA DA 81 -15.32 -10.43 -44.72
CA ALA DA 81 -14.16 -10.95 -45.44
C ALA DA 81 -13.25 -9.82 -45.89
N ALA DA 82 -13.84 -8.73 -46.40
CA ALA DA 82 -13.04 -7.58 -46.82
C ALA DA 82 -12.30 -6.96 -45.65
N SER DA 83 -12.90 -6.94 -44.47
CA SER DA 83 -12.22 -6.42 -43.28
C SER DA 83 -11.01 -7.27 -42.92
N GLU DA 84 -11.15 -8.59 -43.05
CA GLU DA 84 -9.99 -9.44 -42.80
C GLU DA 84 -8.89 -9.20 -43.83
N VAL DA 85 -9.26 -9.03 -45.10
CA VAL DA 85 -8.27 -8.66 -46.11
C VAL DA 85 -7.62 -7.34 -45.74
N ASN DA 86 -8.40 -6.42 -45.18
CA ASN DA 86 -7.87 -5.12 -44.76
C ASN DA 86 -6.81 -5.27 -43.69
N THR DA 87 -7.07 -6.13 -42.71
CA THR DA 87 -6.06 -6.40 -41.69
C THR DA 87 -4.81 -7.00 -42.29
N HIS DA 88 -4.97 -7.90 -43.28
CA HIS DA 88 -3.82 -8.46 -43.96
C HIS DA 88 -3.00 -7.38 -44.65
N LEU DA 89 -3.66 -6.46 -45.35
CA LEU DA 89 -2.93 -5.37 -46.00
C LEU DA 89 -2.23 -4.49 -44.97
N GLN DA 90 -2.86 -4.25 -43.82
CA GLN DA 90 -2.20 -3.45 -42.79
C GLN DA 90 -0.91 -4.12 -42.33
N ARG DA 91 -0.96 -5.43 -42.06
CA ARG DA 91 0.25 -6.12 -41.64
C ARG DA 91 1.31 -6.11 -42.74
N ILE DA 92 0.88 -6.29 -43.99
CA ILE DA 92 1.82 -6.27 -45.11
C ILE DA 92 2.50 -4.91 -45.19
N ARG DA 93 1.74 -3.83 -44.99
CA ARG DA 93 2.33 -2.50 -45.04
C ARG DA 93 3.31 -2.29 -43.88
N GLU DA 94 2.94 -2.75 -42.68
CA GLU DA 94 3.86 -2.63 -41.54
C GLU DA 94 5.18 -3.31 -41.85
N LEU DA 95 5.14 -4.58 -42.25
CA LEU DA 95 6.38 -5.30 -42.44
C LEU DA 95 7.08 -4.91 -43.74
N THR DA 96 6.37 -4.30 -44.69
CA THR DA 96 7.03 -3.72 -45.85
C THR DA 96 7.84 -2.50 -45.48
N VAL DA 97 7.27 -1.63 -44.64
CA VAL DA 97 8.04 -0.51 -44.10
C VAL DA 97 9.23 -1.04 -43.32
N GLN DA 98 9.05 -2.13 -42.58
CA GLN DA 98 10.17 -2.72 -41.86
C GLN DA 98 11.26 -3.22 -42.81
N ALA DA 99 10.88 -3.98 -43.83
CA ALA DA 99 11.86 -4.62 -44.70
C ALA DA 99 12.51 -3.64 -45.64
N SER DA 100 11.87 -2.50 -45.93
CA SER DA 100 12.46 -1.53 -46.83
C SER DA 100 13.70 -0.87 -46.24
N ASN DA 101 13.94 -1.05 -44.94
CA ASN DA 101 15.18 -0.57 -44.35
C ASN DA 101 16.36 -1.34 -44.93
N GLY DA 102 17.50 -0.64 -45.06
CA GLY DA 102 18.69 -1.27 -45.59
C GLY DA 102 19.55 -2.00 -44.58
N SER DA 103 19.26 -1.84 -43.28
CA SER DA 103 20.07 -2.50 -42.26
C SER DA 103 19.86 -4.01 -42.26
N TYR DA 104 18.73 -4.47 -42.80
CA TYR DA 104 18.42 -5.90 -42.75
C TYR DA 104 19.24 -6.65 -43.80
N SER DA 105 19.88 -7.73 -43.37
CA SER DA 105 20.59 -8.59 -44.30
C SER DA 105 19.59 -9.40 -45.12
N GLN DA 106 20.13 -10.17 -46.06
CA GLN DA 106 19.29 -10.80 -47.08
C GLN DA 106 18.34 -11.84 -46.47
N GLU DA 107 18.82 -12.58 -45.48
CA GLU DA 107 18.02 -13.68 -44.92
C GLU DA 107 16.82 -13.17 -44.14
N GLN DA 108 16.98 -12.06 -43.42
CA GLN DA 108 15.82 -11.48 -42.76
C GLN DA 108 14.79 -10.99 -43.76
N LEU DA 109 15.25 -10.42 -44.89
CA LEU DA 109 14.33 -10.09 -45.97
C LEU DA 109 13.66 -11.34 -46.53
N ASP DA 110 14.38 -12.47 -46.54
CA ASP DA 110 13.77 -13.72 -46.99
C ASP DA 110 12.65 -14.14 -46.06
N SER DA 111 12.87 -14.03 -44.75
CA SER DA 111 11.81 -14.36 -43.80
C SER DA 111 10.62 -13.40 -43.94
N VAL DA 112 10.91 -12.12 -44.14
CA VAL DA 112 9.84 -11.15 -44.36
C VAL DA 112 9.03 -11.52 -45.59
N GLN DA 113 9.72 -11.89 -46.68
CA GLN DA 113 9.02 -12.28 -47.90
C GLN DA 113 8.23 -13.57 -47.70
N GLY DA 114 8.74 -14.48 -46.89
CA GLY DA 114 7.95 -15.66 -46.55
C GLY DA 114 6.65 -15.30 -45.88
N GLU DA 115 6.71 -14.35 -44.93
CA GLU DA 115 5.47 -13.90 -44.30
C GLU DA 115 4.57 -13.16 -45.29
N ILE DA 116 5.15 -12.39 -46.20
CA ILE DA 116 4.36 -11.71 -47.24
C ILE DA 116 3.63 -12.75 -48.09
N ASN DA 117 4.33 -13.81 -48.48
CA ASN DA 117 3.73 -14.86 -49.28
C ASN DA 117 2.60 -15.54 -48.52
N GLN DA 118 2.80 -15.78 -47.23
CA GLN DA 118 1.75 -16.37 -46.43
C GLN DA 118 0.50 -15.48 -46.39
N ARG DA 119 0.71 -14.17 -46.17
CA ARG DA 119 -0.43 -13.26 -46.13
C ARG DA 119 -1.13 -13.17 -47.48
N LEU DA 120 -0.36 -13.11 -48.56
CA LEU DA 120 -0.96 -13.04 -49.89
C LEU DA 120 -1.73 -14.31 -50.21
N ALA DA 121 -1.18 -15.47 -49.84
CA ALA DA 121 -1.89 -16.71 -50.05
C ALA DA 121 -3.18 -16.74 -49.23
N ASP DA 122 -3.15 -16.18 -48.03
CA ASP DA 122 -4.38 -16.13 -47.24
C ASP DA 122 -5.40 -15.20 -47.88
N ILE DA 123 -4.95 -14.08 -48.45
CA ILE DA 123 -5.86 -13.18 -49.16
C ILE DA 123 -6.52 -13.92 -50.32
N ASP DA 124 -5.72 -14.67 -51.07
CA ASP DA 124 -6.28 -15.45 -52.18
C ASP DA 124 -7.23 -16.53 -51.68
N ARG DA 125 -6.91 -17.14 -50.53
CA ARG DA 125 -7.80 -18.14 -49.93
C ARG DA 125 -9.14 -17.52 -49.56
N ILE DA 126 -9.10 -16.34 -48.94
CA ILE DA 126 -10.33 -15.62 -48.62
C ILE DA 126 -11.11 -15.33 -49.89
N SER DA 127 -10.40 -14.97 -50.95
CA SER DA 127 -11.05 -14.72 -52.23
C SER DA 127 -11.78 -15.95 -52.74
N GLU DA 128 -11.11 -17.09 -52.73
CA GLU DA 128 -11.66 -18.29 -53.37
C GLU DA 128 -12.55 -19.11 -52.46
N GLN DA 129 -12.64 -18.78 -51.17
CA GLN DA 129 -13.36 -19.63 -50.23
C GLN DA 129 -14.47 -18.92 -49.46
N THR DA 130 -14.55 -17.60 -49.51
CA THR DA 130 -15.65 -16.89 -48.86
C THR DA 130 -16.94 -17.23 -49.59
N ASP DA 131 -17.78 -18.04 -48.96
CA ASP DA 131 -18.97 -18.58 -49.60
C ASP DA 131 -20.22 -18.08 -48.91
N PHE DA 132 -21.30 -17.97 -49.69
CA PHE DA 132 -22.61 -17.62 -49.15
C PHE DA 132 -23.64 -18.28 -50.08
N ASN DA 133 -24.36 -19.26 -49.55
CA ASN DA 133 -25.35 -20.00 -50.35
C ASN DA 133 -24.70 -20.58 -51.61
N GLY DA 134 -23.51 -21.14 -51.45
CA GLY DA 134 -22.80 -21.70 -52.57
C GLY DA 134 -22.41 -20.69 -53.62
N VAL DA 135 -22.10 -19.47 -53.22
CA VAL DA 135 -21.66 -18.41 -54.13
C VAL DA 135 -20.27 -17.96 -53.69
N LYS DA 136 -19.31 -18.06 -54.61
CA LYS DA 136 -17.98 -17.53 -54.33
C LYS DA 136 -18.05 -16.01 -54.39
N VAL DA 137 -18.66 -15.41 -53.38
CA VAL DA 137 -19.08 -14.01 -53.48
C VAL DA 137 -17.88 -13.09 -53.63
N LEU DA 138 -16.84 -13.30 -52.82
CA LEU DA 138 -15.66 -12.45 -52.91
C LEU DA 138 -14.57 -13.10 -53.77
N SER DA 139 -14.92 -13.52 -54.98
CA SER DA 139 -13.98 -14.19 -55.86
C SER DA 139 -13.86 -13.42 -57.16
N ASP DA 140 -13.07 -13.98 -58.08
CA ASP DA 140 -12.90 -13.37 -59.40
C ASP DA 140 -14.05 -13.69 -60.34
N SER DA 141 -14.96 -14.59 -59.96
CA SER DA 141 -16.14 -14.92 -60.74
C SER DA 141 -17.35 -14.74 -59.85
N ALA DA 142 -17.84 -13.51 -59.75
CA ALA DA 142 -19.03 -13.22 -58.95
C ALA DA 142 -19.73 -12.01 -59.59
N LYS DA 143 -20.72 -12.30 -60.43
CA LYS DA 143 -21.47 -11.24 -61.07
C LYS DA 143 -22.33 -10.51 -60.05
N PRO DA 144 -22.65 -9.24 -60.28
CA PRO DA 144 -23.51 -8.51 -59.35
C PRO DA 144 -24.87 -9.16 -59.23
N LEU DA 145 -25.45 -9.07 -58.04
CA LEU DA 145 -26.72 -9.73 -57.75
C LEU DA 145 -27.89 -8.81 -58.09
N THR DA 146 -29.10 -9.32 -57.92
CA THR DA 146 -30.31 -8.58 -58.24
C THR DA 146 -31.06 -8.10 -57.01
N LEU DA 147 -31.44 -9.01 -56.12
CA LEU DA 147 -32.18 -8.68 -54.89
C LEU DA 147 -33.49 -7.96 -55.23
N GLN DA 148 -34.39 -8.69 -55.87
CA GLN DA 148 -35.69 -8.16 -56.22
C GLN DA 148 -36.44 -7.69 -54.98
N VAL DA 149 -36.65 -6.38 -54.89
CA VAL DA 149 -37.33 -5.77 -53.76
C VAL DA 149 -38.63 -5.16 -54.28
N GLY DA 150 -39.74 -5.58 -53.69
CA GLY DA 150 -41.05 -5.10 -54.09
C GLY DA 150 -41.70 -6.00 -55.10
N ALA DA 151 -43.04 -6.03 -55.09
CA ALA DA 151 -43.78 -6.76 -56.10
C ALA DA 151 -43.71 -5.98 -57.42
N ASN DA 152 -44.35 -6.54 -58.45
CA ASN DA 152 -44.35 -5.92 -59.78
C ASN DA 152 -42.92 -5.73 -60.29
N ASP DA 153 -42.28 -6.88 -60.55
CA ASP DA 153 -40.86 -6.94 -60.86
C ASP DA 153 -40.47 -5.91 -61.92
N GLY DA 154 -39.20 -5.53 -61.88
CA GLY DA 154 -38.67 -4.52 -62.77
C GLY DA 154 -37.69 -3.63 -62.03
N GLU DA 155 -37.68 -3.77 -60.71
CA GLU DA 155 -36.80 -3.02 -59.84
C GLU DA 155 -35.97 -3.98 -59.00
N THR DA 156 -34.66 -3.74 -58.95
CA THR DA 156 -33.73 -4.59 -58.24
C THR DA 156 -32.73 -3.72 -57.50
N ILE DA 157 -31.77 -4.34 -56.82
CA ILE DA 157 -30.72 -3.64 -56.12
C ILE DA 157 -29.41 -4.34 -56.49
N THR DA 158 -28.70 -3.80 -57.46
CA THR DA 158 -27.42 -4.39 -57.87
C THR DA 158 -26.39 -4.20 -56.77
N LEU DA 159 -25.70 -5.29 -56.41
CA LEU DA 159 -24.66 -5.23 -55.40
C LEU DA 159 -23.33 -4.74 -55.96
N ASN DA 160 -22.94 -5.23 -57.13
CA ASN DA 160 -21.70 -4.83 -57.81
C ASN DA 160 -20.49 -5.07 -56.91
N LEU DA 161 -20.27 -6.35 -56.62
CA LEU DA 161 -19.18 -6.78 -55.76
C LEU DA 161 -18.48 -7.97 -56.40
N SER DA 162 -17.16 -7.89 -56.53
CA SER DA 162 -16.36 -8.95 -57.13
C SER DA 162 -14.89 -8.58 -57.12
N GLU DA 163 -14.05 -9.60 -57.29
CA GLU DA 163 -12.61 -9.47 -57.54
C GLU DA 163 -11.88 -8.67 -56.45
N ILE DA 164 -11.84 -9.26 -55.26
CA ILE DA 164 -10.84 -8.92 -54.25
C ILE DA 164 -9.97 -10.15 -54.06
N SER DA 165 -8.71 -10.06 -54.46
CA SER DA 165 -7.75 -11.15 -54.42
C SER DA 165 -6.41 -10.60 -54.84
N VAL DA 166 -5.37 -11.43 -54.73
CA VAL DA 166 -4.13 -11.11 -55.41
C VAL DA 166 -4.40 -11.10 -56.91
N LYS DA 167 -3.57 -10.36 -57.65
CA LYS DA 167 -3.68 -10.21 -59.10
C LYS DA 167 -4.84 -9.31 -59.49
N THR DA 168 -5.65 -8.88 -58.53
CA THR DA 168 -6.68 -7.88 -58.78
C THR DA 168 -6.64 -6.70 -57.83
N LEU DA 169 -6.07 -6.85 -56.63
CA LEU DA 169 -5.64 -5.67 -55.88
C LEU DA 169 -4.44 -5.01 -56.52
N GLY DA 170 -3.83 -5.66 -57.52
CA GLY DA 170 -2.72 -5.11 -58.24
C GLY DA 170 -1.36 -5.61 -57.79
N LEU DA 171 -1.29 -6.20 -56.61
CA LEU DA 171 0.00 -6.61 -56.07
C LEU DA 171 0.63 -7.67 -56.96
N ASP DA 172 0.07 -8.88 -56.92
CA ASP DA 172 0.28 -9.93 -57.92
C ASP DA 172 1.73 -10.40 -58.00
N GLY DA 173 2.64 -9.64 -57.42
CA GLY DA 173 4.05 -9.97 -57.49
C GLY DA 173 4.83 -9.46 -56.30
N PHE DA 174 4.13 -9.05 -55.25
CA PHE DA 174 4.75 -8.26 -54.18
C PHE DA 174 5.98 -8.95 -53.65
N ASN DA 175 7.08 -8.21 -53.60
CA ASN DA 175 8.38 -8.81 -53.35
C ASN DA 175 9.32 -7.79 -52.73
N VAL DA 176 10.14 -8.25 -51.80
CA VAL DA 176 11.17 -7.41 -51.19
C VAL DA 176 12.58 -7.96 -51.43
N ASN DA 177 12.72 -9.23 -51.81
CA ASN DA 177 14.00 -9.89 -52.00
C ASN DA 177 14.03 -10.50 -53.41
N GLY DA 178 15.01 -11.38 -53.64
CA GLY DA 178 15.13 -12.01 -54.94
C GLY DA 178 13.89 -12.79 -55.35
N LYS DA 179 13.32 -13.56 -54.42
CA LYS DA 179 12.20 -14.44 -54.76
C LYS DA 179 10.91 -13.65 -54.93
N GLY DA 180 10.65 -13.19 -56.15
CA GLY DA 180 9.48 -12.39 -56.43
C GLY DA 180 8.78 -12.74 -57.73
N VAL DA 181 8.78 -14.02 -58.11
CA VAL DA 181 8.32 -14.47 -59.42
C VAL DA 181 6.96 -13.86 -59.77
N THR DA 182 6.92 -13.18 -60.91
CA THR DA 182 5.71 -12.53 -61.40
C THR DA 182 5.10 -13.35 -62.52
N GLN DA 183 4.09 -12.80 -63.19
CA GLN DA 183 3.37 -13.48 -64.25
C GLN DA 183 3.60 -12.77 -65.57
N ASN DA 184 3.80 -13.56 -66.63
CA ASN DA 184 3.97 -13.01 -67.97
C ASN DA 184 2.63 -12.92 -68.68
N ARG DA 185 2.67 -12.51 -69.95
CA ARG DA 185 1.47 -12.35 -70.76
C ARG DA 185 1.57 -13.21 -72.02
N SER DA 186 0.41 -13.64 -72.50
CA SER DA 186 0.37 -14.48 -73.69
C SER DA 186 0.98 -13.75 -74.88
N ALA DA 187 1.85 -14.44 -75.61
CA ALA DA 187 2.48 -13.85 -76.78
C ALA DA 187 1.42 -13.52 -77.83
N THR DA 188 1.54 -12.33 -78.39
CA THR DA 188 0.57 -11.83 -79.36
C THR DA 188 1.14 -11.93 -80.77
N VAL DA 189 0.23 -12.11 -81.75
CA VAL DA 189 0.66 -12.19 -83.14
C VAL DA 189 1.35 -10.90 -83.55
N THR DA 190 0.92 -9.75 -83.01
CA THR DA 190 1.64 -8.50 -83.27
C THR DA 190 3.06 -8.58 -82.73
N ASP DA 191 3.23 -9.12 -81.52
CA ASP DA 191 4.58 -9.33 -81.00
C ASP DA 191 5.34 -10.33 -81.85
N VAL DA 192 4.69 -11.41 -82.28
CA VAL DA 192 5.36 -12.42 -83.09
C VAL DA 192 5.94 -11.77 -84.35
N ILE DA 193 5.16 -10.88 -84.98
CA ILE DA 193 5.68 -10.15 -86.13
C ILE DA 193 6.74 -9.14 -85.70
N ALA DA 194 6.65 -8.61 -84.47
CA ALA DA 194 7.51 -7.51 -84.07
C ALA DA 194 8.98 -7.88 -84.10
N GLN DA 195 9.34 -9.04 -83.53
CA GLN DA 195 10.73 -9.49 -83.56
C GLN DA 195 11.00 -10.32 -84.81
N GLY DA 196 10.87 -9.66 -85.96
CA GLY DA 196 11.23 -10.27 -87.23
C GLY DA 196 10.41 -11.48 -87.60
N GLY DA 197 9.10 -11.45 -87.32
CA GLY DA 197 8.25 -12.56 -87.69
C GLY DA 197 8.15 -12.72 -89.19
N THR DA 198 8.32 -13.97 -89.64
CA THR DA 198 8.27 -14.30 -91.07
C THR DA 198 7.12 -15.28 -91.28
N LEU DA 199 6.12 -14.86 -92.04
CA LEU DA 199 4.93 -15.68 -92.25
C LEU DA 199 5.27 -16.90 -93.11
N GLN DA 200 4.68 -18.05 -92.76
CA GLN DA 200 4.91 -19.29 -93.47
C GLN DA 200 3.64 -20.03 -93.87
N GLY DA 201 2.48 -19.65 -93.36
CA GLY DA 201 1.25 -20.36 -93.66
C GLY DA 201 0.04 -19.81 -92.93
N ASP DA 202 -0.76 -20.69 -92.32
CA ASP DA 202 -1.94 -20.27 -91.57
C ASP DA 202 -1.48 -19.75 -90.21
N GLY DA 203 -1.06 -18.48 -90.20
CA GLY DA 203 -0.56 -17.88 -88.98
C GLY DA 203 0.72 -18.50 -88.46
N THR DA 204 1.55 -19.06 -89.34
CA THR DA 204 2.78 -19.72 -88.95
C THR DA 204 3.95 -18.76 -89.17
N TYR DA 205 4.59 -18.35 -88.08
CA TYR DA 205 5.70 -17.40 -88.13
C TYR DA 205 6.93 -18.02 -87.49
N LYS DA 206 8.09 -17.76 -88.09
CA LYS DA 206 9.37 -18.27 -87.60
C LYS DA 206 10.23 -17.08 -87.22
N ALA DA 207 10.41 -16.87 -85.92
CA ALA DA 207 11.32 -15.85 -85.43
C ALA DA 207 12.77 -16.27 -85.65
N THR DA 208 13.63 -15.29 -85.90
CA THR DA 208 15.04 -15.54 -86.18
C THR DA 208 15.91 -14.84 -85.15
N THR DA 209 17.08 -15.43 -84.90
CA THR DA 209 18.09 -14.81 -84.04
C THR DA 209 19.45 -15.35 -84.49
N THR DA 210 20.17 -14.56 -85.28
CA THR DA 210 21.48 -14.99 -85.73
C THR DA 210 22.46 -15.02 -84.56
N PHE DA 211 23.40 -15.96 -84.64
CA PHE DA 211 24.37 -16.16 -83.56
C PHE DA 211 25.82 -16.08 -84.05
N ASN DA 212 26.06 -15.61 -85.26
CA ASN DA 212 27.42 -15.62 -85.80
C ASN DA 212 28.30 -14.72 -84.94
N ALA DA 213 29.16 -15.34 -84.14
CA ALA DA 213 29.88 -14.65 -83.09
C ALA DA 213 31.11 -15.48 -82.74
N ALA DA 214 31.68 -15.22 -81.56
CA ALA DA 214 32.93 -15.84 -81.11
C ALA DA 214 34.11 -15.37 -81.96
N SER DA 215 34.27 -14.06 -82.04
CA SER DA 215 35.40 -13.46 -82.73
C SER DA 215 36.70 -13.79 -81.98
N ALA DA 216 37.82 -13.33 -82.53
CA ALA DA 216 39.13 -13.66 -81.96
C ALA DA 216 39.24 -13.14 -80.53
N GLU DA 217 38.70 -11.96 -80.25
CA GLU DA 217 38.81 -11.40 -78.91
C GLU DA 217 38.08 -12.27 -77.89
N THR DA 218 36.86 -12.71 -78.22
CA THR DA 218 36.07 -13.46 -77.25
C THR DA 218 36.62 -14.86 -77.02
N VAL DA 219 37.30 -15.43 -78.02
CA VAL DA 219 37.89 -16.75 -77.81
C VAL DA 219 39.24 -16.63 -77.12
N LEU DA 220 39.97 -15.53 -77.35
CA LEU DA 220 41.19 -15.29 -76.59
C LEU DA 220 40.90 -14.93 -75.14
N SER DA 221 39.68 -14.45 -74.85
CA SER DA 221 39.33 -14.12 -73.48
C SER DA 221 39.33 -15.34 -72.57
N LYS DA 222 39.09 -16.53 -73.11
CA LYS DA 222 39.03 -17.74 -72.28
C LYS DA 222 40.07 -18.75 -72.74
N LEU DA 223 41.30 -18.29 -72.98
CA LEU DA 223 42.37 -19.13 -73.49
C LEU DA 223 43.35 -19.47 -72.36
N GLU DA 224 43.66 -20.76 -72.23
CA GLU DA 224 44.65 -21.20 -71.26
C GLU DA 224 45.55 -22.31 -71.83
N ASP DA 225 45.47 -22.58 -73.13
CA ASP DA 225 46.29 -23.63 -73.73
C ASP DA 225 46.94 -23.12 -75.01
N GLY DA 226 47.56 -24.01 -75.77
CA GLY DA 226 48.26 -23.63 -76.98
C GLY DA 226 47.33 -23.47 -78.17
N ASN DA 227 47.66 -22.49 -79.02
CA ASN DA 227 46.96 -22.25 -80.27
C ASN DA 227 47.94 -22.42 -81.43
N THR DA 228 47.49 -22.08 -82.63
CA THR DA 228 48.34 -22.21 -83.80
C THR DA 228 47.92 -21.21 -84.86
N VAL DA 229 48.88 -20.83 -85.70
CA VAL DA 229 48.65 -19.92 -86.82
C VAL DA 229 49.31 -20.51 -88.05
N ALA DA 230 48.54 -20.68 -89.13
CA ALA DA 230 49.05 -21.21 -90.37
C ALA DA 230 48.54 -20.37 -91.52
N VAL DA 231 49.45 -19.91 -92.37
CA VAL DA 231 49.08 -19.06 -93.52
C VAL DA 231 48.81 -20.00 -94.68
N GLY DA 232 47.57 -20.49 -94.76
CA GLY DA 232 47.21 -21.42 -95.81
C GLY DA 232 48.04 -22.69 -95.74
N GLY DA 233 48.62 -23.07 -96.87
CA GLY DA 233 49.45 -24.24 -96.98
C GLY DA 233 50.92 -24.01 -96.71
N GLY DA 234 51.29 -22.85 -96.17
CA GLY DA 234 52.68 -22.52 -95.89
C GLY DA 234 53.12 -22.96 -94.51
N ALA DA 235 54.08 -22.23 -93.95
CA ALA DA 235 54.60 -22.55 -92.63
C ALA DA 235 53.55 -22.30 -91.56
N THR DA 236 53.71 -22.97 -90.43
CA THR DA 236 52.75 -22.91 -89.33
C THR DA 236 53.47 -22.55 -88.04
N TYR DA 237 52.82 -21.73 -87.21
CA TYR DA 237 53.37 -21.31 -85.93
C TYR DA 237 52.38 -21.62 -84.82
N THR DA 238 52.89 -22.10 -83.69
CA THR DA 238 52.07 -22.41 -82.52
C THR DA 238 52.56 -21.59 -81.34
N TYR DA 239 51.60 -21.10 -80.55
CA TYR DA 239 51.88 -20.25 -79.40
C TYR DA 239 51.22 -20.86 -78.17
N ASP DA 240 51.82 -20.63 -77.01
CA ASP DA 240 51.32 -21.15 -75.74
C ASP DA 240 51.17 -20.01 -74.75
N ALA DA 241 50.01 -19.92 -74.11
CA ALA DA 241 49.73 -18.90 -73.10
C ALA DA 241 50.08 -19.48 -71.73
N ALA DA 242 51.27 -19.15 -71.23
CA ALA DA 242 51.68 -19.63 -69.91
C ALA DA 242 50.79 -19.05 -68.82
N LYS DA 243 50.83 -17.73 -68.65
CA LYS DA 243 49.97 -17.01 -67.70
C LYS DA 243 48.97 -16.12 -68.43
N GLY DA 244 48.68 -16.44 -69.69
CA GLY DA 244 48.03 -15.53 -70.60
C GLY DA 244 48.98 -14.75 -71.48
N ASN DA 245 50.28 -14.81 -71.20
CA ASN DA 245 51.31 -14.24 -72.07
C ASN DA 245 51.86 -15.37 -72.94
N PHE DA 246 51.94 -15.11 -74.24
CA PHE DA 246 52.21 -16.16 -75.21
C PHE DA 246 53.70 -16.44 -75.33
N THR DA 247 54.07 -17.72 -75.32
CA THR DA 247 55.44 -18.15 -75.51
C THR DA 247 55.50 -19.07 -76.73
N TYR DA 248 56.49 -18.84 -77.59
CA TYR DA 248 56.65 -19.63 -78.81
C TYR DA 248 58.06 -19.45 -79.33
N THR DA 249 58.33 -20.04 -80.48
CA THR DA 249 59.67 -20.06 -81.06
C THR DA 249 59.70 -19.31 -82.38
N LYS DA 250 60.82 -18.64 -82.61
CA LYS DA 250 61.09 -17.96 -83.88
C LYS DA 250 62.44 -18.42 -84.39
N THR DA 251 62.48 -18.84 -85.66
CA THR DA 251 63.75 -19.20 -86.28
C THR DA 251 64.54 -17.96 -86.65
N VAL DA 252 65.85 -18.04 -86.51
CA VAL DA 252 66.76 -16.99 -86.91
C VAL DA 252 67.78 -17.58 -87.87
N ASP DA 253 67.79 -17.10 -89.11
CA ASP DA 253 68.66 -17.64 -90.14
C ASP DA 253 68.77 -16.62 -91.27
N THR DA 254 69.37 -17.05 -92.37
CA THR DA 254 69.58 -16.20 -93.54
C THR DA 254 69.31 -17.04 -94.79
N THR DA 255 69.76 -16.53 -95.94
CA THR DA 255 69.55 -17.21 -97.21
C THR DA 255 70.84 -17.63 -97.90
N VAL DA 256 72.00 -17.22 -97.41
CA VAL DA 256 73.27 -17.48 -98.05
C VAL DA 256 73.98 -18.58 -97.27
N GLY DA 257 74.20 -19.72 -97.93
CA GLY DA 257 74.91 -20.82 -97.29
C GLY DA 257 76.36 -20.50 -97.01
N ALA DA 258 77.00 -19.75 -97.90
CA ALA DA 258 78.43 -19.44 -97.76
C ALA DA 258 78.69 -18.25 -96.85
N ASP DA 259 77.67 -17.49 -96.49
CA ASP DA 259 77.87 -16.30 -95.65
C ASP DA 259 76.64 -16.14 -94.75
N VAL DA 260 76.83 -16.38 -93.46
CA VAL DA 260 75.77 -16.18 -92.48
C VAL DA 260 76.23 -15.15 -91.46
N THR DA 261 77.05 -14.20 -91.91
CA THR DA 261 77.44 -13.09 -91.05
C THR DA 261 76.20 -12.32 -90.60
N ALA DA 262 75.19 -12.23 -91.46
CA ALA DA 262 73.93 -11.61 -91.07
C ALA DA 262 73.23 -12.42 -90.00
N LEU DA 263 73.40 -13.74 -89.99
CA LEU DA 263 72.82 -14.55 -88.91
C LEU DA 263 73.43 -14.18 -87.57
N ALA DA 264 74.76 -14.04 -87.51
CA ALA DA 264 75.40 -13.61 -86.27
C ALA DA 264 74.99 -12.19 -85.91
N ASN DA 265 74.88 -11.30 -86.91
CA ASN DA 265 74.45 -9.93 -86.68
C ASN DA 265 72.97 -9.83 -86.34
N LYS DA 266 72.22 -10.92 -86.48
CA LYS DA 266 70.86 -11.03 -85.98
C LYS DA 266 70.81 -11.56 -84.56
N ILE DA 267 71.61 -12.58 -84.25
CA ILE DA 267 71.60 -13.13 -82.89
C ILE DA 267 72.19 -12.14 -81.90
N LYS DA 268 73.27 -11.46 -82.29
CA LYS DA 268 73.98 -10.58 -81.35
C LYS DA 268 73.11 -9.48 -80.77
N PRO DA 269 72.34 -8.71 -81.54
CA PRO DA 269 71.47 -7.69 -80.92
C PRO DA 269 70.44 -8.27 -79.97
N SER DA 270 69.95 -9.48 -80.24
CA SER DA 270 68.99 -10.10 -79.34
C SER DA 270 69.62 -10.37 -77.98
N SER DA 271 70.88 -10.82 -77.97
CA SER DA 271 71.58 -11.04 -76.71
C SER DA 271 71.83 -9.74 -75.97
N GLY DA 272 71.96 -8.63 -76.69
CA GLY DA 272 72.22 -7.34 -76.10
C GLY DA 272 73.59 -6.80 -76.46
N THR DA 273 74.08 -5.90 -75.61
CA THR DA 273 75.39 -5.28 -75.81
C THR DA 273 76.38 -5.68 -74.72
N ILE DA 274 76.05 -5.42 -73.46
CA ILE DA 274 76.92 -5.77 -72.33
C ILE DA 274 76.05 -6.41 -71.25
N SER DA 275 76.45 -7.59 -70.79
CA SER DA 275 75.75 -8.28 -69.72
C SER DA 275 76.73 -9.19 -69.00
N GLY DA 276 76.23 -9.90 -67.99
CA GLY DA 276 77.08 -10.69 -67.12
C GLY DA 276 77.06 -12.17 -67.42
N SER DA 277 76.34 -12.94 -66.60
CA SER DA 277 76.38 -14.39 -66.70
C SER DA 277 75.69 -14.88 -67.96
N TYR DA 278 76.42 -15.61 -68.79
CA TYR DA 278 75.89 -16.30 -69.95
C TYR DA 278 76.12 -17.79 -69.79
N GLU DA 279 75.64 -18.57 -70.76
CA GLU DA 279 75.92 -19.99 -70.84
C GLU DA 279 76.25 -20.35 -72.29
N ILE DA 280 77.31 -21.12 -72.47
CA ILE DA 280 77.72 -21.61 -73.78
C ILE DA 280 77.68 -23.13 -73.74
N SER DA 281 77.03 -23.73 -74.74
CA SER DA 281 76.89 -25.18 -74.83
C SER DA 281 77.53 -25.71 -76.11
N THR DA 282 78.66 -25.12 -76.50
CA THR DA 282 79.36 -25.60 -77.67
C THR DA 282 79.86 -27.03 -77.44
N GLY DA 283 79.98 -27.79 -78.52
CA GLY DA 283 80.22 -29.21 -78.39
C GLY DA 283 78.92 -29.92 -78.07
N LYS DA 284 78.88 -30.62 -76.93
CA LYS DA 284 77.63 -31.26 -76.53
C LYS DA 284 77.25 -30.95 -75.09
N SER DA 285 78.24 -30.83 -74.20
CA SER DA 285 77.97 -30.68 -72.77
C SER DA 285 78.89 -29.62 -72.16
N ALA DA 286 79.01 -28.47 -72.83
CA ALA DA 286 79.88 -27.41 -72.34
C ALA DA 286 79.39 -26.88 -70.99
N SER DA 287 78.19 -26.30 -70.98
CA SER DA 287 77.57 -25.77 -69.76
C SER DA 287 78.44 -24.70 -69.11
N PHE DA 288 78.82 -23.70 -69.91
CA PHE DA 288 79.59 -22.58 -69.42
C PHE DA 288 78.77 -21.68 -68.50
N ASP DA 289 79.50 -20.92 -67.67
CA ASP DA 289 78.97 -19.77 -66.94
C ASP DA 289 79.95 -18.63 -67.17
N VAL DA 290 79.78 -17.92 -68.28
CA VAL DA 290 80.76 -16.95 -68.75
C VAL DA 290 80.26 -15.54 -68.51
N ASP DA 291 81.19 -14.59 -68.60
CA ASP DA 291 80.91 -13.16 -68.47
C ASP DA 291 81.52 -12.46 -69.68
N ALA DA 292 80.68 -12.04 -70.62
CA ALA DA 292 81.14 -11.42 -71.86
C ALA DA 292 80.81 -9.92 -71.80
N ALA DA 293 81.77 -9.13 -71.35
CA ALA DA 293 81.68 -7.68 -71.43
C ALA DA 293 82.31 -7.21 -72.75
N GLY DA 294 81.67 -7.60 -73.84
CA GLY DA 294 82.28 -7.45 -75.14
C GLY DA 294 83.06 -8.70 -75.50
N LYS DA 295 84.37 -8.67 -75.29
CA LYS DA 295 85.19 -9.86 -75.46
C LYS DA 295 84.77 -10.92 -74.45
N ILE DA 296 84.80 -12.19 -74.88
CA ILE DA 296 84.28 -13.28 -74.06
C ILE DA 296 85.32 -13.69 -73.03
N THR DA 297 84.91 -13.76 -71.76
CA THR DA 297 85.77 -14.15 -70.66
C THR DA 297 85.06 -15.15 -69.76
N ILE DA 298 85.79 -15.68 -68.80
CA ILE DA 298 85.25 -16.57 -67.78
C ILE DA 298 85.47 -15.91 -66.42
N GLY DA 299 84.68 -16.33 -65.44
CA GLY DA 299 84.88 -15.86 -64.09
C GLY DA 299 86.26 -16.25 -63.57
N GLY DA 300 87.16 -15.28 -63.48
CA GLY DA 300 88.50 -15.51 -62.98
C GLY DA 300 89.59 -15.58 -64.03
N ASN DA 301 89.24 -15.64 -65.32
CA ASN DA 301 90.26 -15.75 -66.36
C ASN DA 301 89.66 -15.34 -67.70
N ALA DA 302 90.46 -15.49 -68.75
CA ALA DA 302 90.04 -15.16 -70.11
C ALA DA 302 89.34 -16.38 -70.73
N ALA DA 303 89.05 -16.30 -72.03
CA ALA DA 303 88.43 -17.43 -72.73
C ALA DA 303 88.76 -17.31 -74.22
N PHE DA 304 89.74 -18.09 -74.68
CA PHE DA 304 90.07 -18.16 -76.09
C PHE DA 304 89.18 -19.21 -76.75
N LEU DA 305 89.49 -19.55 -78.01
CA LEU DA 305 88.66 -20.50 -78.75
C LEU DA 305 89.53 -21.29 -79.71
N ASN DA 306 89.42 -22.62 -79.65
CA ASN DA 306 90.09 -23.51 -80.59
C ASN DA 306 89.06 -24.06 -81.57
N ALA DA 307 89.40 -24.05 -82.85
CA ALA DA 307 88.40 -24.16 -83.91
C ALA DA 307 88.81 -25.18 -84.97
N ASP DA 308 87.86 -25.42 -85.88
CA ASP DA 308 88.02 -26.15 -87.13
C ASP DA 308 88.14 -27.66 -86.95
N GLY DA 309 88.30 -28.13 -85.72
CA GLY DA 309 88.07 -29.52 -85.43
C GLY DA 309 86.75 -29.68 -84.71
N GLU DA 310 86.59 -28.86 -83.67
CA GLU DA 310 85.34 -28.67 -82.95
C GLU DA 310 85.47 -27.38 -82.16
N LEU DA 311 84.63 -26.40 -82.47
CA LEU DA 311 84.82 -25.04 -81.96
C LEU DA 311 84.42 -24.99 -80.49
N THR DA 312 85.41 -25.05 -79.61
CA THR DA 312 85.19 -25.03 -78.17
C THR DA 312 85.87 -23.81 -77.57
N THR DA 313 85.42 -23.44 -76.37
CA THR DA 313 85.92 -22.25 -75.68
C THR DA 313 86.75 -22.67 -74.47
N ASN DA 314 87.92 -22.05 -74.33
CA ASN DA 314 88.81 -22.29 -73.20
C ASN DA 314 89.77 -21.12 -73.06
N ASP DA 315 90.35 -20.96 -71.87
CA ASP DA 315 91.44 -20.03 -71.72
C ASP DA 315 92.79 -20.66 -72.01
N ALA DA 316 92.83 -21.97 -72.23
CA ALA DA 316 94.07 -22.67 -72.59
C ALA DA 316 94.30 -22.48 -74.08
N SER DA 317 94.96 -21.37 -74.42
CA SER DA 317 95.16 -21.03 -75.83
C SER DA 317 96.16 -21.97 -76.48
N GLY DA 318 95.89 -22.32 -77.73
CA GLY DA 318 96.79 -23.10 -78.55
C GLY DA 318 97.54 -22.24 -79.55
N ALA DA 319 97.95 -22.87 -80.65
CA ALA DA 319 98.67 -22.14 -81.69
C ALA DA 319 97.74 -21.37 -82.62
N LEU DA 320 96.48 -21.80 -82.72
CA LEU DA 320 95.53 -21.23 -83.67
C LEU DA 320 94.24 -20.83 -82.96
N THR DA 321 94.36 -20.09 -81.86
CA THR DA 321 93.21 -19.75 -81.03
C THR DA 321 92.99 -18.24 -80.99
N GLN DA 322 91.72 -17.86 -80.88
CA GLN DA 322 91.30 -16.46 -80.82
C GLN DA 322 90.26 -16.32 -79.71
N ALA DA 323 90.05 -15.09 -79.27
CA ALA DA 323 89.14 -14.81 -78.16
C ALA DA 323 88.30 -13.58 -78.48
N THR DA 324 87.01 -13.78 -78.73
CA THR DA 324 86.05 -12.70 -78.89
C THR DA 324 84.64 -13.30 -78.91
N LEU DA 325 83.66 -12.42 -78.69
CA LEU DA 325 82.26 -12.86 -78.72
C LEU DA 325 81.84 -13.29 -80.12
N ASP DA 326 82.36 -12.62 -81.15
CA ASP DA 326 81.96 -12.95 -82.52
C ASP DA 326 82.34 -14.38 -82.88
N ASP DA 327 83.54 -14.82 -82.47
CA ASP DA 327 83.95 -16.18 -82.76
C ASP DA 327 83.04 -17.20 -82.07
N VAL DA 328 82.68 -16.93 -80.81
CA VAL DA 328 81.81 -17.85 -80.07
C VAL DA 328 80.43 -17.89 -80.71
N LEU DA 329 79.92 -16.73 -81.11
CA LEU DA 329 78.60 -16.68 -81.75
C LEU DA 329 78.63 -17.42 -83.08
N THR DA 330 79.72 -17.28 -83.84
CA THR DA 330 79.88 -18.05 -85.07
C THR DA 330 79.92 -19.54 -84.77
N SER DA 331 80.64 -19.92 -83.72
CA SER DA 331 80.68 -21.32 -83.31
C SER DA 331 79.29 -21.87 -83.05
N VAL DA 332 78.48 -21.13 -82.28
CA VAL DA 332 77.14 -21.59 -81.96
C VAL DA 332 76.28 -21.62 -83.21
N GLY DA 333 76.37 -20.60 -84.05
CA GLY DA 333 75.46 -20.46 -85.17
C GLY DA 333 75.91 -21.06 -86.48
N THR DA 334 77.22 -21.22 -86.68
CA THR DA 334 77.76 -21.68 -87.96
C THR DA 334 78.40 -23.06 -87.87
N GLU DA 335 79.36 -23.23 -86.96
CA GLU DA 335 80.14 -24.46 -86.88
C GLU DA 335 79.76 -25.29 -85.65
N ALA DA 336 78.52 -25.16 -85.18
CA ALA DA 336 78.07 -25.97 -84.05
C ALA DA 336 78.09 -27.45 -84.41
N ASN DA 337 77.58 -27.80 -85.58
CA ASN DA 337 77.52 -29.17 -86.09
C ASN DA 337 76.81 -30.12 -85.13
N SER DA 338 76.01 -29.57 -84.22
CA SER DA 338 75.28 -30.35 -83.23
C SER DA 338 74.31 -29.42 -82.52
N SER DA 339 73.62 -29.96 -81.52
CA SER DA 339 72.69 -29.18 -80.70
C SER DA 339 73.50 -28.30 -79.77
N VAL DA 340 73.72 -27.05 -80.20
CA VAL DA 340 74.48 -26.07 -79.42
C VAL DA 340 73.58 -24.86 -79.19
N THR DA 341 73.50 -24.41 -77.95
CA THR DA 341 72.66 -23.30 -77.58
C THR DA 341 73.41 -22.36 -76.65
N ILE DA 342 72.90 -21.14 -76.53
CA ILE DA 342 73.42 -20.15 -75.59
C ILE DA 342 72.32 -19.85 -74.57
N GLY DA 343 72.60 -20.12 -73.31
CA GLY DA 343 71.65 -19.93 -72.24
C GLY DA 343 71.67 -18.57 -71.57
N GLY DA 344 72.44 -17.63 -72.11
CA GLY DA 344 72.54 -16.33 -71.48
C GLY DA 344 71.26 -15.53 -71.59
N THR DA 345 71.00 -14.74 -70.54
CA THR DA 345 69.85 -13.83 -70.49
C THR DA 345 68.53 -14.57 -70.67
N LYS DA 346 68.44 -15.76 -70.08
CA LYS DA 346 67.20 -16.55 -70.07
C LYS DA 346 66.68 -16.81 -71.49
N TYR DA 347 67.61 -17.07 -72.40
CA TYR DA 347 67.29 -17.44 -73.77
C TYR DA 347 67.96 -18.77 -74.09
N SER DA 348 67.62 -19.34 -75.25
CA SER DA 348 68.25 -20.58 -75.68
C SER DA 348 68.33 -20.55 -77.22
N HIS DA 349 69.46 -20.09 -77.73
CA HIS DA 349 69.67 -20.00 -79.17
C HIS DA 349 70.26 -21.31 -79.68
N SER DA 350 69.40 -22.32 -79.68
CA SER DA 350 69.81 -23.65 -80.12
C SER DA 350 70.12 -23.66 -81.61
N ALA DA 351 71.17 -24.39 -81.98
CA ALA DA 351 71.55 -24.53 -83.39
C ALA DA 351 70.77 -25.70 -83.98
N ALA DA 352 69.55 -25.38 -84.44
CA ALA DA 352 68.70 -26.40 -85.05
C ALA DA 352 69.37 -26.98 -86.30
N ASP DA 353 69.97 -26.13 -87.11
CA ASP DA 353 70.74 -26.56 -88.27
C ASP DA 353 72.07 -25.83 -88.28
N GLU DA 354 73.15 -26.56 -88.51
CA GLU DA 354 74.47 -25.96 -88.61
C GLU DA 354 74.75 -25.52 -90.03
N LEU DA 355 75.88 -24.85 -90.23
CA LEU DA 355 76.30 -24.38 -91.54
C LEU DA 355 77.41 -25.28 -92.05
N SER DA 356 77.12 -26.07 -93.08
CA SER DA 356 78.14 -26.83 -93.80
C SER DA 356 78.76 -26.01 -94.92
N TYR DA 357 78.62 -24.68 -94.86
CA TYR DA 357 79.09 -23.71 -95.85
C TYR DA 357 78.30 -23.79 -97.15
N THR DA 358 77.36 -24.72 -97.27
CA THR DA 358 76.45 -24.79 -98.41
C THR DA 358 75.00 -24.64 -97.98
N ALA DA 359 74.56 -25.41 -97.00
CA ALA DA 359 73.20 -25.31 -96.47
C ALA DA 359 73.17 -24.29 -95.35
N VAL DA 360 72.17 -23.40 -95.39
CA VAL DA 360 72.07 -22.31 -94.44
C VAL DA 360 71.81 -22.87 -93.04
N ALA DA 361 72.43 -22.25 -92.05
CA ALA DA 361 72.30 -22.69 -90.66
C ALA DA 361 71.07 -22.07 -90.00
N THR DA 362 70.64 -22.69 -88.91
CA THR DA 362 69.46 -22.26 -88.17
C THR DA 362 69.80 -22.12 -86.70
N THR DA 363 69.39 -21.00 -86.10
CA THR DA 363 69.63 -20.70 -84.69
C THR DA 363 68.31 -20.35 -84.01
N ALA DA 364 67.29 -21.19 -84.22
CA ALA DA 364 65.97 -20.91 -83.69
C ALA DA 364 66.00 -20.81 -82.16
N ASP DA 365 65.18 -19.90 -81.63
CA ASP DA 365 65.11 -19.65 -80.20
C ASP DA 365 63.65 -19.48 -79.80
N VAL DA 366 63.38 -19.67 -78.51
CA VAL DA 366 62.07 -19.38 -77.96
C VAL DA 366 61.99 -17.88 -77.73
N LEU DA 367 61.54 -17.16 -78.75
CA LEU DA 367 61.55 -15.69 -78.68
C LEU DA 367 60.45 -15.17 -77.78
N SER DA 368 59.22 -15.68 -77.96
CA SER DA 368 58.05 -15.16 -77.26
C SER DA 368 57.89 -13.65 -77.47
N ALA DA 369 58.38 -13.16 -78.62
CA ALA DA 369 58.32 -11.73 -78.91
C ALA DA 369 56.91 -11.23 -79.04
N MET DA 370 55.95 -12.11 -79.32
CA MET DA 370 54.53 -11.76 -79.37
C MET DA 370 53.83 -12.17 -78.08
N GLY DA 371 54.53 -12.03 -76.96
CA GLY DA 371 54.00 -12.50 -75.69
C GLY DA 371 52.70 -11.84 -75.30
N SER DA 372 52.54 -10.56 -75.62
CA SER DA 372 51.32 -9.84 -75.29
C SER DA 372 50.13 -10.50 -75.96
N SER DA 373 49.06 -10.72 -75.18
CA SER DA 373 47.84 -11.29 -75.75
C SER DA 373 47.27 -10.37 -76.82
N THR DA 374 47.39 -9.06 -76.64
CA THR DA 374 46.97 -8.13 -77.68
C THR DA 374 47.83 -8.25 -78.92
N ALA DA 375 49.11 -8.58 -78.78
CA ALA DA 375 49.95 -8.80 -79.94
C ALA DA 375 49.45 -9.98 -80.77
N VAL DA 376 49.09 -11.08 -80.10
CA VAL DA 376 48.56 -12.23 -80.83
C VAL DA 376 47.21 -11.89 -81.43
N SER DA 377 46.40 -11.09 -80.72
CA SER DA 377 45.13 -10.65 -81.28
C SER DA 377 45.36 -9.83 -82.55
N THR DA 378 46.38 -8.98 -82.55
CA THR DA 378 46.70 -8.19 -83.73
C THR DA 378 47.11 -9.09 -84.88
N VAL DA 379 48.01 -10.05 -84.61
CA VAL DA 379 48.52 -10.86 -85.71
C VAL DA 379 47.43 -11.79 -86.26
N THR DA 380 46.52 -12.25 -85.41
CA THR DA 380 45.43 -13.08 -85.90
C THR DA 380 44.29 -12.26 -86.49
N LEU DA 381 44.26 -10.95 -86.21
CA LEU DA 381 43.25 -10.08 -86.80
C LEU DA 381 43.75 -9.41 -88.08
N GLY DA 382 45.06 -9.19 -88.19
CA GLY DA 382 45.62 -8.58 -89.39
C GLY DA 382 46.33 -9.59 -90.27
N SER DA 383 46.07 -10.87 -90.05
CA SER DA 383 46.74 -11.91 -90.82
C SER DA 383 46.26 -11.91 -92.27
N GLY DA 384 47.06 -12.54 -93.12
CA GLY DA 384 46.73 -12.66 -94.53
C GLY DA 384 45.72 -13.76 -94.78
N ILE DA 385 45.92 -14.55 -95.83
CA ILE DA 385 45.04 -15.67 -96.11
C ILE DA 385 45.51 -16.85 -95.27
N THR DA 386 45.02 -16.93 -94.05
CA THR DA 386 45.49 -17.89 -93.05
C THR DA 386 44.33 -18.73 -92.53
N SER DA 387 44.69 -19.76 -91.77
CA SER DA 387 43.74 -20.66 -91.12
C SER DA 387 44.15 -20.89 -89.68
N ALA DA 388 44.44 -19.79 -88.98
CA ALA DA 388 44.89 -19.88 -87.60
C ALA DA 388 43.81 -20.52 -86.73
N ALA DA 389 44.24 -21.34 -85.77
CA ALA DA 389 43.34 -22.10 -84.94
C ALA DA 389 43.75 -22.02 -83.48
N VAL DA 390 42.76 -22.14 -82.59
CA VAL DA 390 42.98 -22.03 -81.15
C VAL DA 390 42.43 -23.27 -80.46
N THR DA 391 43.27 -23.89 -79.63
CA THR DA 391 42.83 -24.90 -78.67
C THR DA 391 42.82 -24.23 -77.30
N PHE DA 392 41.64 -24.02 -76.73
CA PHE DA 392 41.48 -23.18 -75.56
C PHE DA 392 40.90 -23.92 -74.37
N ALA DA 393 40.97 -25.24 -74.37
CA ALA DA 393 40.40 -26.01 -73.27
C ALA DA 393 41.24 -27.25 -73.03
N ILE DA 394 40.95 -27.93 -71.94
CA ILE DA 394 41.73 -29.08 -71.52
C ILE DA 394 41.17 -30.33 -72.19
N ALA DA 395 41.97 -31.40 -72.18
CA ALA DA 395 41.68 -32.62 -72.94
C ALA DA 395 40.28 -33.16 -72.69
N THR DA 396 39.81 -33.11 -71.44
CA THR DA 396 38.45 -33.55 -71.16
C THR DA 396 37.41 -32.64 -71.81
N THR DA 397 37.75 -31.38 -72.07
CA THR DA 397 36.87 -30.47 -72.79
C THR DA 397 37.52 -29.92 -74.05
N ASP DA 398 38.48 -30.65 -74.62
CA ASP DA 398 39.30 -30.13 -75.70
C ASP DA 398 38.47 -29.85 -76.94
N SER DA 399 38.92 -28.87 -77.72
CA SER DA 399 38.25 -28.48 -78.95
C SER DA 399 39.24 -27.65 -79.78
N ASN DA 400 38.75 -27.12 -80.89
CA ASN DA 400 39.55 -26.26 -81.74
C ASN DA 400 38.61 -25.27 -82.42
N ASN DA 401 39.08 -24.04 -82.59
CA ASN DA 401 38.32 -22.99 -83.24
C ASN DA 401 39.02 -22.59 -84.53
N THR DA 402 38.28 -22.55 -85.62
CA THR DA 402 38.78 -22.11 -86.92
C THR DA 402 37.93 -20.94 -87.41
N TRP DA 403 38.58 -19.91 -87.93
CA TRP DA 403 37.91 -18.66 -88.24
C TRP DA 403 38.44 -18.09 -89.55
N VAL DA 404 37.89 -16.92 -89.91
CA VAL DA 404 38.20 -16.30 -91.18
C VAL DA 404 39.67 -15.87 -91.21
N ASP DA 405 40.23 -15.84 -92.41
CA ASP DA 405 41.67 -15.59 -92.58
C ASP DA 405 42.11 -14.29 -91.92
N ASN DA 406 41.23 -13.28 -91.86
CA ASN DA 406 41.66 -11.99 -91.31
C ASN DA 406 40.61 -11.32 -90.45
N LYS DA 407 39.60 -12.04 -89.98
CA LYS DA 407 38.53 -11.42 -89.20
C LYS DA 407 38.39 -11.97 -87.79
N GLY DA 408 38.72 -13.23 -87.56
CA GLY DA 408 38.50 -13.85 -86.27
C GLY DA 408 37.12 -14.44 -86.08
N GLU DA 409 36.21 -14.24 -87.02
CA GLU DA 409 34.85 -14.76 -86.90
C GLU DA 409 34.85 -16.26 -87.19
N LEU DA 410 34.43 -17.05 -86.20
CA LEU DA 410 34.36 -18.50 -86.35
C LEU DA 410 33.23 -18.85 -87.30
N THR DA 411 33.57 -19.33 -88.49
CA THR DA 411 32.54 -19.57 -89.50
C THR DA 411 31.56 -20.65 -89.07
N ASP DA 412 32.04 -21.74 -88.47
CA ASP DA 412 31.20 -22.86 -88.10
C ASP DA 412 30.86 -22.89 -86.63
N ILE DA 413 31.34 -21.93 -85.84
CA ILE DA 413 31.09 -21.89 -84.40
C ILE DA 413 30.41 -20.56 -84.06
N GLN DA 414 29.28 -20.64 -83.39
CA GLN DA 414 28.48 -19.48 -83.03
C GLN DA 414 28.32 -19.43 -81.51
N THR DA 415 27.80 -18.31 -81.02
CA THR DA 415 27.50 -18.15 -79.60
C THR DA 415 26.02 -17.80 -79.44
N PHE DA 416 25.35 -18.54 -78.56
CA PHE DA 416 23.96 -18.23 -78.22
C PHE DA 416 23.96 -17.07 -77.23
N ASP DA 417 22.80 -16.78 -76.65
CA ASP DA 417 22.74 -15.81 -75.57
C ASP DA 417 23.43 -16.30 -74.30
N THR DA 418 23.78 -17.59 -74.23
CA THR DA 418 24.41 -18.16 -73.05
C THR DA 418 25.83 -18.64 -73.33
N SER DA 419 26.03 -19.50 -74.32
CA SER DA 419 27.33 -20.13 -74.53
C SER DA 419 27.51 -20.38 -76.03
N TYR DA 420 28.50 -21.20 -76.37
CA TYR DA 420 28.85 -21.46 -77.76
C TYR DA 420 28.02 -22.64 -78.28
N LYS DA 421 27.81 -22.65 -79.60
CA LYS DA 421 27.20 -23.79 -80.27
C LYS DA 421 27.35 -23.58 -81.77
N ILE DA 422 27.23 -24.66 -82.52
CA ILE DA 422 27.52 -24.63 -83.96
C ILE DA 422 26.25 -24.35 -84.76
N ASN DA 423 25.20 -23.87 -84.10
CA ASN DA 423 23.96 -23.51 -84.77
C ASN DA 423 23.98 -22.03 -85.11
N ALA DA 424 23.79 -21.70 -86.39
CA ALA DA 424 23.76 -20.31 -86.80
C ALA DA 424 22.57 -19.57 -86.21
N ASP DA 425 21.38 -20.18 -86.25
CA ASP DA 425 20.20 -19.58 -85.67
C ASP DA 425 19.27 -20.69 -85.19
N THR DA 426 18.64 -20.46 -84.04
CA THR DA 426 17.65 -21.41 -83.54
C THR DA 426 16.49 -21.54 -84.53
N GLY DA 427 15.95 -20.42 -84.96
CA GLY DA 427 14.89 -20.43 -85.96
C GLY DA 427 13.65 -21.18 -85.54
N GLU DA 428 13.27 -21.08 -84.27
CA GLU DA 428 12.05 -21.74 -83.81
C GLU DA 428 10.84 -21.09 -84.46
N VAL DA 429 9.80 -21.90 -84.63
CA VAL DA 429 8.59 -21.47 -85.35
C VAL DA 429 7.43 -21.49 -84.37
N THR DA 430 6.75 -20.36 -84.24
CA THR DA 430 5.56 -20.25 -83.40
C THR DA 430 4.36 -20.00 -84.30
N VAL DA 431 3.35 -20.86 -84.17
CA VAL DA 431 2.13 -20.76 -84.96
C VAL DA 431 1.09 -19.99 -84.15
N VAL DA 432 0.37 -19.09 -84.82
CA VAL DA 432 -0.63 -18.25 -84.18
C VAL DA 432 -2.00 -18.82 -84.46
N GLY DA 433 -2.76 -19.09 -83.40
CA GLY DA 433 -4.14 -19.52 -83.55
C GLY DA 433 -4.97 -18.47 -84.25
N ASP DA 434 -5.76 -18.90 -85.24
CA ASP DA 434 -6.61 -17.95 -85.95
C ASP DA 434 -7.81 -17.53 -85.11
N ASN DA 435 -8.43 -18.48 -84.42
CA ASN DA 435 -9.65 -18.20 -83.66
C ASN DA 435 -9.39 -17.60 -82.29
N SER DA 436 -8.13 -17.54 -81.85
CA SER DA 436 -7.81 -17.02 -80.54
C SER DA 436 -6.47 -16.31 -80.59
N ALA DA 437 -6.26 -15.38 -79.66
CA ALA DA 437 -4.97 -14.70 -79.56
C ALA DA 437 -3.85 -15.65 -79.17
N THR DA 438 -4.20 -16.84 -78.70
CA THR DA 438 -3.20 -17.83 -78.31
C THR DA 438 -2.29 -18.16 -79.48
N ALA DA 439 -0.99 -18.15 -79.23
CA ALA DA 439 0.01 -18.55 -80.21
C ALA DA 439 0.60 -19.87 -79.77
N GLY DA 440 0.53 -20.89 -80.63
CA GLY DA 440 1.07 -22.18 -80.33
C GLY DA 440 2.57 -22.24 -80.54
N GLN DA 441 3.12 -23.42 -80.29
CA GLN DA 441 4.54 -23.68 -80.52
C GLN DA 441 4.66 -24.72 -81.64
N TYR DA 442 5.13 -24.26 -82.80
CA TYR DA 442 5.28 -25.15 -83.95
C TYR DA 442 6.72 -25.65 -84.02
N ALA DA 443 7.04 -26.54 -83.09
CA ALA DA 443 8.38 -27.08 -82.94
C ALA DA 443 8.29 -28.42 -82.21
N SER DA 444 9.42 -28.91 -81.71
CA SER DA 444 9.43 -30.16 -80.96
C SER DA 444 8.61 -30.06 -79.69
N ALA DA 445 8.46 -28.86 -79.13
CA ALA DA 445 7.56 -28.67 -77.99
C ALA DA 445 6.12 -28.94 -78.39
N ASP DA 446 5.76 -28.63 -79.64
CA ASP DA 446 4.51 -29.05 -80.26
C ASP DA 446 3.29 -28.55 -79.49
N GLY DA 447 3.15 -27.23 -79.47
CA GLY DA 447 1.93 -26.61 -78.99
C GLY DA 447 2.00 -26.03 -77.59
N ALA DA 448 3.16 -26.07 -76.94
CA ALA DA 448 3.29 -25.43 -75.65
C ALA DA 448 3.03 -23.93 -75.76
N LYS DA 449 2.24 -23.40 -74.85
CA LYS DA 449 1.88 -22.00 -74.89
C LYS DA 449 3.12 -21.11 -74.79
N VAL DA 450 3.20 -20.12 -75.67
CA VAL DA 450 4.32 -19.18 -75.69
C VAL DA 450 3.86 -17.86 -75.07
N LEU DA 451 4.70 -17.31 -74.20
CA LEU DA 451 4.40 -16.08 -73.51
C LEU DA 451 5.61 -15.17 -73.54
N VAL DA 452 5.35 -13.86 -73.58
CA VAL DA 452 6.41 -12.87 -73.63
C VAL DA 452 6.72 -12.44 -72.20
N GLY DA 453 7.95 -12.68 -71.76
CA GLY DA 453 8.37 -12.33 -70.42
C GLY DA 453 8.82 -10.89 -70.30
N SER DA 454 9.22 -10.53 -69.08
CA SER DA 454 9.72 -9.18 -68.80
C SER DA 454 11.05 -9.00 -69.51
N ASP DA 455 11.09 -8.05 -70.45
CA ASP DA 455 12.28 -7.80 -71.27
C ASP DA 455 12.73 -9.07 -71.98
N GLY DA 456 11.78 -9.90 -72.35
CA GLY DA 456 12.06 -11.14 -73.08
C GLY DA 456 11.41 -11.10 -74.44
N LYS DA 457 12.11 -11.63 -75.44
CA LYS DA 457 11.56 -11.73 -76.78
C LYS DA 457 10.30 -12.58 -76.77
N LEU DA 458 10.44 -13.86 -76.43
CA LEU DA 458 9.32 -14.79 -76.30
C LEU DA 458 9.85 -16.07 -75.70
N THR DA 459 9.05 -16.68 -74.82
CA THR DA 459 9.46 -17.89 -74.13
C THR DA 459 8.23 -18.73 -73.84
N THR DA 460 8.46 -19.90 -73.24
CA THR DA 460 7.38 -20.83 -72.94
C THR DA 460 6.84 -20.70 -71.52
N GLU DA 461 7.71 -20.41 -70.55
CA GLU DA 461 7.28 -20.30 -69.16
C GLU DA 461 6.45 -19.04 -68.97
N THR DA 462 5.42 -19.16 -68.12
CA THR DA 462 4.49 -18.06 -67.86
C THR DA 462 4.97 -17.11 -66.77
N THR DA 463 6.12 -17.39 -66.15
CA THR DA 463 6.57 -16.61 -65.00
C THR DA 463 8.02 -16.17 -65.21
N SER DA 464 8.40 -15.13 -64.46
CA SER DA 464 9.76 -14.59 -64.52
C SER DA 464 10.07 -13.92 -63.19
N ALA DA 465 11.34 -13.58 -63.01
CA ALA DA 465 11.79 -12.97 -61.76
C ALA DA 465 11.15 -11.59 -61.58
N GLY DA 466 10.91 -11.24 -60.32
CA GLY DA 466 10.25 -9.99 -60.00
C GLY DA 466 11.18 -8.81 -59.85
N ASP DA 467 12.35 -9.03 -59.27
CA ASP DA 467 13.41 -8.03 -59.18
C ASP DA 467 12.96 -6.78 -58.42
N LYS DA 468 12.67 -6.97 -57.13
CA LYS DA 468 12.56 -5.86 -56.17
C LYS DA 468 11.48 -4.87 -56.60
N THR DA 469 10.23 -5.32 -56.52
CA THR DA 469 9.08 -4.51 -56.92
C THR DA 469 9.28 -3.04 -56.55
N THR DA 470 9.10 -2.17 -57.55
CA THR DA 470 9.65 -0.82 -57.53
C THR DA 470 9.18 0.02 -56.36
N ASP DA 471 7.90 0.35 -56.31
CA ASP DA 471 7.33 1.18 -55.25
C ASP DA 471 6.32 0.34 -54.49
N PRO DA 472 6.75 -0.30 -53.40
CA PRO DA 472 5.84 -1.20 -52.67
C PRO DA 472 4.66 -0.48 -52.06
N LEU DA 473 4.92 0.64 -51.38
CA LEU DA 473 3.86 1.31 -50.64
C LEU DA 473 2.84 1.95 -51.58
N LYS DA 474 3.24 2.38 -52.77
CA LYS DA 474 2.27 2.86 -53.73
C LYS DA 474 1.34 1.74 -54.20
N THR DA 475 1.88 0.55 -54.48
CA THR DA 475 1.02 -0.57 -54.82
C THR DA 475 0.08 -0.92 -53.67
N LEU DA 476 0.61 -0.89 -52.44
CA LEU DA 476 -0.22 -1.17 -51.28
C LEU DA 476 -1.32 -0.13 -51.12
N ASP DA 477 -1.00 1.14 -51.37
CA ASP DA 477 -2.01 2.18 -51.25
C ASP DA 477 -3.06 2.07 -52.34
N ALA DA 478 -2.67 1.66 -53.55
CA ALA DA 478 -3.66 1.41 -54.59
C ALA DA 478 -4.57 0.26 -54.19
N ALA DA 479 -4.00 -0.80 -53.63
CA ALA DA 479 -4.82 -1.90 -53.12
C ALA DA 479 -5.76 -1.42 -52.02
N PHE DA 480 -5.26 -0.56 -51.13
CA PHE DA 480 -6.08 0.00 -50.08
C PHE DA 480 -7.24 0.79 -50.65
N THR DA 481 -6.98 1.61 -51.67
CA THR DA 481 -8.03 2.41 -52.28
C THR DA 481 -9.09 1.52 -52.91
N LYS DA 482 -8.67 0.49 -53.64
CA LYS DA 482 -9.65 -0.40 -54.26
C LYS DA 482 -10.49 -1.12 -53.21
N LEU DA 483 -9.83 -1.69 -52.19
CA LEU DA 483 -10.54 -2.42 -51.16
C LEU DA 483 -11.49 -1.51 -50.40
N ASP DA 484 -11.04 -0.30 -50.05
CA ASP DA 484 -11.88 0.61 -49.31
C ASP DA 484 -13.04 1.11 -50.15
N LYS DA 485 -12.83 1.29 -51.45
CA LYS DA 485 -13.92 1.67 -52.34
C LYS DA 485 -15.00 0.59 -52.34
N LEU DA 486 -14.58 -0.68 -52.49
CA LEU DA 486 -15.58 -1.75 -52.51
C LEU DA 486 -16.26 -1.90 -51.15
N THR DA 487 -15.50 -1.74 -50.07
CA THR DA 487 -16.08 -1.84 -48.73
C THR DA 487 -17.09 -0.73 -48.49
N GLY DA 488 -16.77 0.50 -48.91
CA GLY DA 488 -17.71 1.59 -48.78
C GLY DA 488 -18.95 1.40 -49.62
N GLU DA 489 -18.79 0.83 -50.82
CA GLU DA 489 -19.95 0.50 -51.62
C GLU DA 489 -20.84 -0.51 -50.90
N LEU DA 490 -20.23 -1.52 -50.29
CA LEU DA 490 -21.01 -2.51 -49.55
C LEU DA 490 -21.72 -1.88 -48.35
N GLY DA 491 -21.04 -0.97 -47.65
CA GLY DA 491 -21.68 -0.30 -46.53
C GLY DA 491 -22.86 0.55 -46.97
N ALA DA 492 -22.70 1.27 -48.08
CA ALA DA 492 -23.82 2.03 -48.64
C ALA DA 492 -24.97 1.10 -49.02
N VAL DA 493 -24.65 -0.07 -49.56
CA VAL DA 493 -25.69 -1.04 -49.90
C VAL DA 493 -26.41 -1.52 -48.64
N GLN DA 494 -25.65 -1.76 -47.57
CA GLN DA 494 -26.27 -2.19 -46.32
C GLN DA 494 -27.22 -1.12 -45.78
N ASN DA 495 -26.80 0.15 -45.83
CA ASN DA 495 -27.67 1.23 -45.38
C ASN DA 495 -28.93 1.30 -46.24
N ARG DA 496 -28.77 1.25 -47.57
CA ARG DA 496 -29.92 1.27 -48.45
C ARG DA 496 -30.85 0.11 -48.16
N LEU DA 497 -30.29 -1.08 -47.91
CA LEU DA 497 -31.10 -2.26 -47.74
C LEU DA 497 -31.87 -2.22 -46.43
N GLU DA 498 -31.25 -1.74 -45.35
CA GLU DA 498 -32.00 -1.61 -44.11
C GLU DA 498 -33.07 -0.53 -44.23
N SER DA 499 -32.80 0.55 -44.96
CA SER DA 499 -33.85 1.54 -45.20
C SER DA 499 -34.99 0.94 -46.02
N THR DA 500 -34.68 0.10 -47.00
CA THR DA 500 -35.72 -0.59 -47.74
C THR DA 500 -36.51 -1.52 -46.82
N ILE DA 501 -35.83 -2.18 -45.89
CA ILE DA 501 -36.54 -3.02 -44.92
C ILE DA 501 -37.56 -2.19 -44.16
N ALA DA 502 -37.14 -1.03 -43.66
CA ALA DA 502 -38.07 -0.17 -42.92
C ALA DA 502 -39.22 0.29 -43.80
N ASN DA 503 -38.93 0.72 -45.02
CA ASN DA 503 -39.98 1.22 -45.91
C ASN DA 503 -40.96 0.11 -46.27
N LEU DA 504 -40.46 -1.07 -46.62
CA LEU DA 504 -41.33 -2.18 -46.96
C LEU DA 504 -42.17 -2.60 -45.77
N ASN DA 505 -41.60 -2.60 -44.57
CA ASN DA 505 -42.41 -2.92 -43.40
C ASN DA 505 -43.53 -1.91 -43.20
N ASN DA 506 -43.22 -0.62 -43.38
CA ASN DA 506 -44.27 0.39 -43.28
C ASN DA 506 -45.37 0.15 -44.30
N VAL DA 507 -44.99 -0.14 -45.55
CA VAL DA 507 -46.00 -0.35 -46.59
C VAL DA 507 -46.79 -1.62 -46.31
N VAL DA 508 -46.15 -2.65 -45.76
CA VAL DA 508 -46.87 -3.87 -45.40
C VAL DA 508 -47.94 -3.59 -44.36
N ASN DA 509 -47.58 -2.85 -43.30
CA ASN DA 509 -48.58 -2.53 -42.28
C ASN DA 509 -49.70 -1.68 -42.87
N ASN DA 510 -49.34 -0.68 -43.69
CA ASN DA 510 -50.35 0.20 -44.25
C ASN DA 510 -51.29 -0.55 -45.20
N LEU DA 511 -50.75 -1.45 -46.00
CA LEU DA 511 -51.59 -2.22 -46.93
C LEU DA 511 -52.44 -3.24 -46.18
N SER DA 512 -51.92 -3.81 -45.09
CA SER DA 512 -52.74 -4.68 -44.26
C SER DA 512 -53.92 -3.91 -43.68
N SER DA 513 -53.65 -2.70 -43.20
CA SER DA 513 -54.74 -1.86 -42.71
C SER DA 513 -55.73 -1.53 -43.82
N ALA DA 514 -55.23 -1.21 -45.02
CA ALA DA 514 -56.11 -0.89 -46.14
C ALA DA 514 -57.00 -2.07 -46.49
N ARG DA 515 -56.43 -3.28 -46.46
CA ARG DA 515 -57.23 -4.48 -46.66
C ARG DA 515 -58.28 -4.63 -45.57
N SER DA 516 -57.91 -4.28 -44.32
CA SER DA 516 -58.88 -4.38 -43.23
C SER DA 516 -60.05 -3.43 -43.45
N ARG DA 517 -59.79 -2.20 -43.87
CA ARG DA 517 -60.89 -1.25 -44.09
C ARG DA 517 -61.87 -1.72 -45.15
N ILE DA 518 -61.49 -2.66 -46.01
CA ILE DA 518 -62.36 -3.12 -47.08
C ILE DA 518 -62.80 -4.57 -46.86
N GLN DA 519 -61.87 -5.47 -46.57
CA GLN DA 519 -62.19 -6.89 -46.69
C GLN DA 519 -62.90 -7.45 -45.46
N ASP DA 520 -62.22 -7.46 -44.32
CA ASP DA 520 -62.74 -8.17 -43.15
C ASP DA 520 -63.85 -7.38 -42.48
N ALA DA 521 -64.60 -8.07 -41.61
CA ALA DA 521 -65.89 -7.59 -41.13
C ALA DA 521 -65.80 -7.00 -39.73
N ASP DA 522 -66.67 -6.03 -39.46
CA ASP DA 522 -66.75 -5.38 -38.16
C ASP DA 522 -67.69 -6.18 -37.27
N TYR DA 523 -67.14 -6.79 -36.22
CA TYR DA 523 -67.93 -7.67 -35.37
C TYR DA 523 -69.03 -6.91 -34.64
N ALA DA 524 -68.82 -5.63 -34.34
CA ALA DA 524 -69.85 -4.86 -33.66
C ALA DA 524 -71.13 -4.81 -34.48
N THR DA 525 -71.00 -4.62 -35.79
CA THR DA 525 -72.18 -4.64 -36.65
C THR DA 525 -72.69 -6.06 -36.86
N GLU DA 526 -71.77 -7.02 -36.98
CA GLU DA 526 -72.16 -8.37 -37.36
C GLU DA 526 -72.95 -9.06 -36.25
N VAL DA 527 -72.53 -8.90 -35.00
CA VAL DA 527 -73.24 -9.53 -33.89
C VAL DA 527 -74.64 -8.93 -33.75
N SER DA 528 -74.74 -7.61 -33.89
CA SER DA 528 -76.05 -6.96 -33.84
C SER DA 528 -76.93 -7.44 -34.98
N ASN DA 529 -76.36 -7.62 -36.17
CA ASN DA 529 -77.13 -8.13 -37.30
C ASN DA 529 -77.62 -9.55 -37.02
N MET DA 530 -76.77 -10.38 -36.43
CA MET DA 530 -77.20 -11.72 -36.06
C MET DA 530 -78.35 -11.69 -35.07
N SER DA 531 -78.26 -10.82 -34.06
CA SER DA 531 -79.32 -10.74 -33.07
C SER DA 531 -80.63 -10.28 -33.70
N LYS DA 532 -80.57 -9.25 -34.56
CA LYS DA 532 -81.78 -8.79 -35.22
C LYS DA 532 -82.38 -9.87 -36.12
N ALA DA 533 -81.52 -10.60 -36.84
CA ALA DA 533 -82.01 -11.67 -37.69
C ALA DA 533 -82.67 -12.77 -36.87
N GLN DA 534 -82.09 -13.12 -35.73
CA GLN DA 534 -82.68 -14.15 -34.88
C GLN DA 534 -84.05 -13.71 -34.36
N ILE DA 535 -84.15 -12.45 -33.89
CA ILE DA 535 -85.43 -11.95 -33.40
C ILE DA 535 -86.46 -11.98 -34.53
N LEU DA 536 -86.06 -11.52 -35.72
CA LEU DA 536 -86.97 -11.51 -36.85
C LEU DA 536 -87.43 -12.91 -37.21
N GLN DA 537 -86.51 -13.88 -37.19
CA GLN DA 537 -86.86 -15.24 -37.56
C GLN DA 537 -87.83 -15.86 -36.57
N GLN DA 538 -87.58 -15.67 -35.28
CA GLN DA 538 -88.50 -16.23 -34.28
C GLN DA 538 -89.87 -15.58 -34.35
N ALA DA 539 -89.90 -14.25 -34.52
CA ALA DA 539 -91.18 -13.57 -34.69
C ALA DA 539 -91.90 -14.07 -35.93
N GLY DA 540 -91.16 -14.28 -37.02
CA GLY DA 540 -91.76 -14.79 -38.23
C GLY DA 540 -92.34 -16.19 -38.05
N THR DA 541 -91.63 -17.05 -37.33
CA THR DA 541 -92.16 -18.39 -37.07
C THR DA 541 -93.45 -18.32 -36.27
N SER DA 542 -93.48 -17.50 -35.21
CA SER DA 542 -94.68 -17.41 -34.41
C SER DA 542 -95.85 -16.84 -35.20
N VAL DA 543 -95.61 -15.75 -35.95
CA VAL DA 543 -96.70 -15.15 -36.71
C VAL DA 543 -97.14 -16.07 -37.84
N LEU DA 544 -96.23 -16.88 -38.39
CA LEU DA 544 -96.63 -17.88 -39.37
C LEU DA 544 -97.53 -18.94 -38.75
N ALA DA 545 -97.22 -19.35 -37.52
CA ALA DA 545 -98.11 -20.28 -36.83
C ALA DA 545 -99.50 -19.68 -36.66
N GLN DA 546 -99.56 -18.41 -36.23
CA GLN DA 546 -100.88 -17.78 -36.14
C GLN DA 546 -101.54 -17.61 -37.50
N ALA DA 547 -100.78 -17.38 -38.56
CA ALA DA 547 -101.36 -17.28 -39.89
C ALA DA 547 -101.98 -18.59 -40.33
N ASN DA 548 -101.30 -19.71 -40.07
CA ASN DA 548 -101.88 -21.01 -40.35
C ASN DA 548 -103.06 -21.31 -39.44
N GLN DA 549 -103.12 -20.70 -38.26
CA GLN DA 549 -104.30 -20.83 -37.41
C GLN DA 549 -105.45 -19.93 -37.84
N VAL DA 550 -105.20 -18.92 -38.66
CA VAL DA 550 -106.27 -18.04 -39.13
C VAL DA 550 -107.40 -18.81 -39.81
N PRO DA 551 -107.14 -19.70 -40.78
CA PRO DA 551 -108.26 -20.41 -41.42
C PRO DA 551 -108.95 -21.41 -40.51
N GLN DA 552 -108.40 -21.69 -39.33
CA GLN DA 552 -109.08 -22.59 -38.40
C GLN DA 552 -110.44 -22.04 -37.98
N THR DA 553 -110.55 -20.71 -37.89
CA THR DA 553 -111.84 -20.11 -37.55
C THR DA 553 -112.89 -20.42 -38.60
N VAL DA 554 -112.48 -20.62 -39.86
CA VAL DA 554 -113.42 -21.05 -40.89
C VAL DA 554 -114.04 -22.39 -40.51
N LEU DA 555 -113.24 -23.28 -39.94
CA LEU DA 555 -113.72 -24.58 -39.49
C LEU DA 555 -114.36 -24.47 -38.10
N SER DA 556 -115.27 -23.50 -37.95
CA SER DA 556 -116.06 -23.36 -36.74
C SER DA 556 -117.55 -23.45 -37.02
N LEU DA 557 -118.03 -22.71 -38.02
CA LEU DA 557 -119.43 -22.77 -38.40
C LEU DA 557 -119.65 -23.98 -39.30
N LEU DA 558 -120.62 -24.82 -38.94
CA LEU DA 558 -120.85 -26.07 -39.65
C LEU DA 558 -122.30 -26.52 -39.50
N ALA EA 2 -85.36 -48.26 -31.79
CA ALA EA 2 -86.73 -47.82 -32.08
C ALA EA 2 -87.29 -46.99 -30.93
N ALA EA 3 -88.58 -47.15 -30.66
CA ALA EA 3 -89.27 -46.34 -29.66
C ALA EA 3 -89.33 -47.04 -28.31
N VAL EA 4 -88.31 -47.83 -28.00
CA VAL EA 4 -88.27 -48.60 -26.76
C VAL EA 4 -87.70 -47.74 -25.65
N ILE EA 5 -88.20 -47.94 -24.43
CA ILE EA 5 -87.69 -47.22 -23.27
C ILE EA 5 -87.20 -48.13 -22.15
N ASN EA 6 -87.62 -49.39 -22.11
CA ASN EA 6 -87.26 -50.25 -20.98
C ASN EA 6 -85.76 -50.47 -20.91
N THR EA 7 -85.07 -50.41 -22.05
CA THR EA 7 -83.62 -50.38 -22.09
C THR EA 7 -83.19 -49.25 -23.01
N ASN EA 8 -82.16 -48.52 -22.61
CA ASN EA 8 -81.60 -47.44 -23.41
C ASN EA 8 -80.16 -47.82 -23.76
N TYR EA 9 -80.00 -48.41 -24.94
CA TYR EA 9 -78.69 -48.89 -25.37
C TYR EA 9 -77.69 -47.74 -25.47
N LEU EA 10 -78.13 -46.59 -25.97
CA LEU EA 10 -77.24 -45.45 -26.10
C LEU EA 10 -76.69 -45.03 -24.74
N SER EA 11 -77.54 -45.04 -23.71
CA SER EA 11 -77.07 -44.72 -22.37
C SER EA 11 -76.00 -45.72 -21.92
N LEU EA 12 -76.19 -47.00 -22.21
CA LEU EA 12 -75.21 -48.00 -21.81
C LEU EA 12 -73.88 -47.77 -22.53
N VAL EA 13 -73.92 -47.47 -23.83
CA VAL EA 13 -72.69 -47.21 -24.56
C VAL EA 13 -71.98 -45.99 -24.00
N ALA EA 14 -72.74 -44.93 -23.73
CA ALA EA 14 -72.14 -43.72 -23.17
C ALA EA 14 -71.54 -43.99 -21.80
N GLN EA 15 -72.22 -44.77 -20.97
CA GLN EA 15 -71.68 -45.10 -19.65
C GLN EA 15 -70.39 -45.90 -19.77
N ASN EA 16 -70.35 -46.87 -20.67
CA ASN EA 16 -69.14 -47.66 -20.84
C ASN EA 16 -67.97 -46.79 -21.31
N ASN EA 17 -68.21 -45.92 -22.28
CA ASN EA 17 -67.15 -45.04 -22.75
C ASN EA 17 -66.72 -44.07 -21.66
N LEU EA 18 -67.66 -43.58 -20.86
CA LEU EA 18 -67.32 -42.71 -19.74
C LEU EA 18 -66.47 -43.45 -18.71
N ASN EA 19 -66.77 -44.73 -18.48
CA ASN EA 19 -65.97 -45.51 -17.56
C ASN EA 19 -64.54 -45.69 -18.09
N LYS EA 20 -64.40 -45.93 -19.39
CA LYS EA 20 -63.05 -46.01 -19.96
C LYS EA 20 -62.32 -44.69 -19.80
N SER EA 21 -63.01 -43.57 -20.06
CA SER EA 21 -62.39 -42.26 -19.91
C SER EA 21 -61.96 -42.02 -18.48
N GLN EA 22 -62.79 -42.43 -17.52
CA GLN EA 22 -62.46 -42.21 -16.12
C GLN EA 22 -61.30 -43.09 -15.68
N SER EA 23 -61.21 -44.31 -16.22
CA SER EA 23 -60.06 -45.15 -15.93
C SER EA 23 -58.78 -44.51 -16.44
N SER EA 24 -58.83 -43.97 -17.66
CA SER EA 24 -57.67 -43.25 -18.18
C SER EA 24 -57.31 -42.06 -17.30
N LEU EA 25 -58.34 -41.30 -16.87
CA LEU EA 25 -58.11 -40.16 -16.00
C LEU EA 25 -57.50 -40.59 -14.68
N GLY EA 26 -57.97 -41.70 -14.12
CA GLY EA 26 -57.42 -42.17 -12.86
C GLY EA 26 -55.96 -42.57 -12.98
N THR EA 27 -55.61 -43.29 -14.05
CA THR EA 27 -54.20 -43.62 -14.25
C THR EA 27 -53.37 -42.36 -14.42
N ALA EA 28 -53.88 -41.39 -15.19
CA ALA EA 28 -53.14 -40.15 -15.39
C ALA EA 28 -52.96 -39.39 -14.08
N ILE EA 29 -54.01 -39.34 -13.26
CA ILE EA 29 -53.95 -38.61 -11.99
C ILE EA 29 -52.99 -39.27 -11.03
N GLU EA 30 -53.02 -40.61 -10.97
CA GLU EA 30 -52.09 -41.32 -10.09
C GLU EA 30 -50.65 -41.08 -10.53
N ARG EA 31 -50.38 -41.16 -11.84
CA ARG EA 31 -49.04 -40.90 -12.33
C ARG EA 31 -48.63 -39.45 -12.08
N LEU EA 32 -49.58 -38.52 -12.17
CA LEU EA 32 -49.28 -37.12 -11.92
C LEU EA 32 -48.89 -36.88 -10.47
N SER EA 33 -49.70 -37.39 -9.54
CA SER EA 33 -49.44 -37.16 -8.12
C SER EA 33 -48.18 -37.86 -7.67
N SER EA 34 -48.04 -39.15 -7.98
CA SER EA 34 -46.85 -39.87 -7.55
C SER EA 34 -45.62 -39.48 -8.34
N GLY EA 35 -45.80 -39.10 -9.61
CA GLY EA 35 -44.70 -38.79 -10.49
C GLY EA 35 -44.07 -39.99 -11.16
N LEU EA 36 -44.49 -41.20 -10.79
CA LEU EA 36 -43.88 -42.43 -11.27
C LEU EA 36 -44.77 -43.02 -12.35
N ARG EA 37 -44.22 -43.22 -13.55
CA ARG EA 37 -44.97 -43.90 -14.58
C ARG EA 37 -45.23 -45.35 -14.20
N ILE EA 38 -44.25 -46.00 -13.59
CA ILE EA 38 -44.39 -47.39 -13.16
C ILE EA 38 -44.85 -47.35 -11.71
N ASN EA 39 -46.17 -47.31 -11.52
CA ASN EA 39 -46.79 -47.46 -10.22
C ASN EA 39 -47.93 -48.45 -10.36
N SER EA 40 -48.20 -49.20 -9.30
CA SER EA 40 -49.25 -50.22 -9.33
C SER EA 40 -48.96 -51.24 -10.44
N ALA EA 41 -47.97 -52.10 -10.14
CA ALA EA 41 -47.24 -52.93 -11.09
C ALA EA 41 -48.08 -53.52 -12.22
N LYS EA 42 -49.40 -53.57 -12.05
CA LYS EA 42 -50.29 -53.84 -13.18
C LYS EA 42 -49.93 -53.00 -14.40
N ASP EA 43 -49.29 -51.85 -14.20
CA ASP EA 43 -48.75 -51.06 -15.28
C ASP EA 43 -47.25 -51.33 -15.39
N ASP EA 44 -46.83 -51.91 -16.52
CA ASP EA 44 -45.43 -52.21 -16.80
C ASP EA 44 -44.83 -53.13 -15.72
N ALA EA 45 -45.36 -54.35 -15.69
CA ALA EA 45 -44.97 -55.31 -14.66
C ALA EA 45 -43.47 -55.55 -14.65
N ALA EA 46 -42.88 -55.87 -15.81
CA ALA EA 46 -41.44 -56.03 -15.87
C ALA EA 46 -40.73 -54.70 -15.62
N GLY EA 47 -41.40 -53.59 -15.92
CA GLY EA 47 -40.83 -52.29 -15.63
C GLY EA 47 -40.57 -52.09 -14.16
N MET EA 48 -41.51 -52.53 -13.30
CA MET EA 48 -41.30 -52.38 -11.86
C MET EA 48 -40.18 -53.30 -11.38
N ALA EA 49 -40.05 -54.48 -11.98
CA ALA EA 49 -38.92 -55.33 -11.62
C ALA EA 49 -37.60 -54.65 -11.96
N ILE EA 50 -37.52 -54.04 -13.15
CA ILE EA 50 -36.32 -53.31 -13.53
C ILE EA 50 -36.06 -52.15 -12.58
N ALA EA 51 -37.12 -51.40 -12.25
CA ALA EA 51 -36.97 -50.26 -11.35
C ALA EA 51 -36.53 -50.71 -9.96
N ASN EA 52 -37.09 -51.81 -9.46
CA ASN EA 52 -36.67 -52.34 -8.17
C ASN EA 52 -35.21 -52.73 -8.18
N ARG EA 53 -34.77 -53.43 -9.24
CA ARG EA 53 -33.37 -53.79 -9.35
C ARG EA 53 -32.49 -52.56 -9.34
N PHE EA 54 -32.88 -51.54 -10.10
CA PHE EA 54 -32.05 -50.33 -10.16
C PHE EA 54 -32.03 -49.58 -8.84
N THR EA 55 -33.16 -49.51 -8.14
CA THR EA 55 -33.17 -48.86 -6.82
C THR EA 55 -32.25 -49.58 -5.85
N ALA EA 56 -32.39 -50.92 -5.78
CA ALA EA 56 -31.51 -51.67 -4.90
C ALA EA 56 -30.06 -51.45 -5.25
N ASN EA 57 -29.72 -51.52 -6.54
CA ASN EA 57 -28.33 -51.35 -6.95
C ASN EA 57 -27.82 -49.95 -6.61
N VAL EA 58 -28.60 -48.91 -6.93
CA VAL EA 58 -28.12 -47.55 -6.76
C VAL EA 58 -27.94 -47.22 -5.28
N ARG EA 59 -28.88 -47.66 -4.43
CA ARG EA 59 -28.76 -47.31 -3.03
C ARG EA 59 -27.74 -48.17 -2.30
N GLY EA 60 -27.59 -49.43 -2.72
CA GLY EA 60 -26.46 -50.21 -2.23
C GLY EA 60 -25.13 -49.59 -2.63
N LEU EA 61 -25.06 -49.01 -3.83
CA LEU EA 61 -23.83 -48.36 -4.26
C LEU EA 61 -23.58 -47.07 -3.49
N THR EA 62 -24.62 -46.33 -3.13
CA THR EA 62 -24.43 -45.17 -2.25
C THR EA 62 -23.92 -45.61 -0.89
N GLN EA 63 -24.49 -46.68 -0.33
CA GLN EA 63 -23.98 -47.19 0.94
C GLN EA 63 -22.53 -47.64 0.79
N ALA EA 64 -22.19 -48.23 -0.36
CA ALA EA 64 -20.83 -48.66 -0.63
C ALA EA 64 -19.89 -47.47 -0.71
N ALA EA 65 -20.34 -46.37 -1.30
CA ALA EA 65 -19.54 -45.16 -1.31
C ALA EA 65 -19.30 -44.67 0.11
N ARG EA 66 -20.32 -44.76 0.96
CA ARG EA 66 -20.13 -44.40 2.37
C ARG EA 66 -19.09 -45.29 3.05
N ASN EA 67 -19.17 -46.60 2.79
CA ASN EA 67 -18.21 -47.54 3.36
C ASN EA 67 -16.79 -47.23 2.89
N ALA EA 68 -16.62 -47.01 1.60
CA ALA EA 68 -15.30 -46.68 1.08
C ALA EA 68 -14.79 -45.39 1.69
N ASN EA 69 -15.67 -44.40 1.82
CA ASN EA 69 -15.26 -43.10 2.37
C ASN EA 69 -14.82 -43.25 3.82
N ASP EA 70 -15.47 -44.12 4.59
CA ASP EA 70 -14.94 -44.47 5.90
C ASP EA 70 -13.57 -45.14 5.77
N GLY EA 71 -13.38 -45.91 4.70
CA GLY EA 71 -12.07 -46.51 4.47
C GLY EA 71 -10.98 -45.48 4.30
N ILE EA 72 -11.26 -44.42 3.53
CA ILE EA 72 -10.27 -43.34 3.40
C ILE EA 72 -9.94 -42.74 4.76
N SER EA 73 -10.95 -42.54 5.61
CA SER EA 73 -10.70 -41.95 6.91
C SER EA 73 -9.83 -42.85 7.78
N LEU EA 74 -10.10 -44.16 7.76
CA LEU EA 74 -9.27 -45.09 8.51
C LEU EA 74 -7.82 -45.06 8.02
N ALA EA 75 -7.64 -45.11 6.70
CA ALA EA 75 -6.29 -45.05 6.16
C ALA EA 75 -5.60 -43.73 6.49
N GLN EA 76 -6.35 -42.63 6.50
CA GLN EA 76 -5.78 -41.33 6.84
C GLN EA 76 -5.30 -41.31 8.28
N THR EA 77 -6.11 -41.83 9.21
CA THR EA 77 -5.70 -41.85 10.61
C THR EA 77 -4.45 -42.68 10.79
N THR EA 78 -4.41 -43.87 10.19
CA THR EA 78 -3.23 -44.70 10.33
C THR EA 78 -2.01 -44.06 9.67
N GLU EA 79 -2.21 -43.38 8.55
CA GLU EA 79 -1.09 -42.72 7.87
C GLU EA 79 -0.53 -41.59 8.72
N GLY EA 80 -1.40 -40.83 9.39
CA GLY EA 80 -0.92 -39.80 10.29
C GLY EA 80 -0.14 -40.35 11.45
N ALA EA 81 -0.63 -41.43 12.07
CA ALA EA 81 0.12 -42.07 13.14
C ALA EA 81 1.47 -42.56 12.63
N ALA EA 82 1.50 -43.16 11.45
CA ALA EA 82 2.76 -43.63 10.88
C ALA EA 82 3.71 -42.47 10.59
N SER EA 83 3.18 -41.32 10.18
CA SER EA 83 4.02 -40.15 9.96
C SER EA 83 4.66 -39.69 11.27
N GLU EA 84 3.89 -39.73 12.36
CA GLU EA 84 4.49 -39.39 13.65
C GLU EA 84 5.58 -40.38 14.05
N VAL EA 85 5.34 -41.67 13.83
CA VAL EA 85 6.39 -42.66 14.07
C VAL EA 85 7.61 -42.35 13.21
N ASN EA 86 7.37 -41.90 11.97
CA ASN EA 86 8.47 -41.56 11.08
C ASN EA 86 9.31 -40.42 11.64
N THR EA 87 8.66 -39.40 12.17
CA THR EA 87 9.40 -38.30 12.80
C THR EA 87 10.20 -38.80 13.99
N HIS EA 88 9.60 -39.70 14.78
CA HIS EA 88 10.33 -40.28 15.90
C HIS EA 88 11.58 -41.01 15.43
N LEU EA 89 11.47 -41.81 14.38
CA LEU EA 89 12.64 -42.49 13.84
C LEU EA 89 13.69 -41.51 13.32
N GLN EA 90 13.25 -40.42 12.70
CA GLN EA 90 14.20 -39.42 12.23
C GLN EA 90 14.99 -38.84 13.38
N ARG EA 91 14.31 -38.48 14.47
CA ARG EA 91 15.02 -37.94 15.63
C ARG EA 91 15.95 -38.98 16.24
N ILE EA 92 15.49 -40.23 16.31
CA ILE EA 92 16.33 -41.29 16.84
C ILE EA 92 17.59 -41.46 16.01
N ARG EA 93 17.46 -41.40 14.68
CA ARG EA 93 18.63 -41.51 13.82
C ARG EA 93 19.58 -40.34 14.01
N GLU EA 94 19.04 -39.12 14.10
CA GLU EA 94 19.88 -37.96 14.35
C GLU EA 94 20.71 -38.14 15.62
N LEU EA 95 20.04 -38.42 16.73
CA LEU EA 95 20.76 -38.47 17.98
C LEU EA 95 21.57 -39.75 18.12
N THR EA 96 21.26 -40.78 17.33
CA THR EA 96 22.10 -41.97 17.30
C THR EA 96 23.41 -41.66 16.59
N VAL EA 97 23.35 -40.95 15.47
CA VAL EA 97 24.56 -40.48 14.82
C VAL EA 97 25.37 -39.60 15.76
N GLN EA 98 24.66 -38.77 16.56
CA GLN EA 98 25.34 -37.96 17.56
C GLN EA 98 26.05 -38.84 18.60
N ALA EA 99 25.34 -39.82 19.14
CA ALA EA 99 25.85 -40.58 20.28
C ALA EA 99 26.94 -41.57 19.87
N SER EA 100 26.94 -42.00 18.61
CA SER EA 100 27.95 -42.95 18.17
C SER EA 100 29.35 -42.32 18.12
N ASN EA 101 29.44 -41.01 18.26
CA ASN EA 101 30.74 -40.36 18.41
C ASN EA 101 31.40 -40.84 19.69
N GLY EA 102 32.73 -41.01 19.64
CA GLY EA 102 33.46 -41.45 20.81
C GLY EA 102 33.85 -40.36 21.78
N SER EA 103 33.69 -39.09 21.40
CA SER EA 103 34.08 -38.00 22.29
C SER EA 103 33.18 -37.90 23.50
N TYR EA 104 31.95 -38.40 23.41
CA TYR EA 104 30.99 -38.26 24.49
C TYR EA 104 31.33 -39.22 25.63
N SER EA 105 31.36 -38.68 26.85
CA SER EA 105 31.54 -39.53 28.02
C SER EA 105 30.28 -40.34 28.28
N GLN EA 106 30.37 -41.22 29.28
CA GLN EA 106 29.30 -42.19 29.51
C GLN EA 106 27.99 -41.53 29.91
N GLU EA 107 28.08 -40.42 30.68
CA GLU EA 107 26.88 -39.78 31.18
C GLU EA 107 26.05 -39.15 30.06
N GLN EA 108 26.71 -38.52 29.09
CA GLN EA 108 25.98 -37.97 27.96
C GLN EA 108 25.32 -39.08 27.15
N LEU EA 109 25.98 -40.22 27.02
CA LEU EA 109 25.34 -41.36 26.39
C LEU EA 109 24.15 -41.84 27.20
N ASP EA 110 24.22 -41.75 28.53
CA ASP EA 110 23.08 -42.10 29.36
C ASP EA 110 21.90 -41.19 29.09
N SER EA 111 22.16 -39.88 28.97
CA SER EA 111 21.07 -38.95 28.65
C SER EA 111 20.50 -39.23 27.27
N VAL EA 112 21.37 -39.51 26.29
CA VAL EA 112 20.92 -39.85 24.95
C VAL EA 112 20.03 -41.08 24.99
N GLN EA 113 20.44 -42.11 25.73
CA GLN EA 113 19.65 -43.32 25.82
C GLN EA 113 18.34 -43.09 26.55
N GLY EA 114 18.32 -42.18 27.52
CA GLY EA 114 17.06 -41.81 28.13
C GLY EA 114 16.10 -41.21 27.12
N GLU EA 115 16.62 -40.34 26.26
CA GLU EA 115 15.76 -39.78 25.21
C GLU EA 115 15.33 -40.84 24.20
N ILE EA 116 16.22 -41.78 23.87
CA ILE EA 116 15.86 -42.88 22.99
C ILE EA 116 14.72 -43.69 23.60
N ASN EA 117 14.83 -43.98 24.90
CA ASN EA 117 13.80 -44.74 25.57
C ASN EA 117 12.47 -43.99 25.57
N GLN EA 118 12.53 -42.68 25.77
CA GLN EA 118 11.30 -41.89 25.69
C GLN EA 118 10.67 -41.98 24.30
N ARG EA 119 11.48 -41.84 23.25
CA ARG EA 119 10.94 -41.92 21.90
C ARG EA 119 10.37 -43.30 21.60
N LEU EA 120 11.07 -44.35 22.02
CA LEU EA 120 10.58 -45.71 21.79
C LEU EA 120 9.29 -45.98 22.55
N ALA EA 121 9.22 -45.48 23.78
CA ALA EA 121 7.99 -45.61 24.55
C ALA EA 121 6.84 -44.88 23.87
N ASP EA 122 7.13 -43.72 23.29
CA ASP EA 122 6.08 -43.01 22.57
C ASP EA 122 5.65 -43.78 21.32
N ILE EA 123 6.60 -44.42 20.63
CA ILE EA 123 6.25 -45.24 19.48
C ILE EA 123 5.31 -46.35 19.91
N ASP EA 124 5.64 -47.03 21.02
CA ASP EA 124 4.78 -48.08 21.51
C ASP EA 124 3.42 -47.55 21.96
N ARG EA 125 3.40 -46.34 22.53
CA ARG EA 125 2.14 -45.70 22.91
C ARG EA 125 1.27 -45.45 21.69
N ILE EA 126 1.87 -44.93 20.62
CA ILE EA 126 1.14 -44.71 19.37
C ILE EA 126 0.61 -46.03 18.85
N SER EA 127 1.42 -47.08 18.96
CA SER EA 127 0.99 -48.41 18.51
C SER EA 127 -0.24 -48.88 19.27
N GLU EA 128 -0.22 -48.74 20.59
CA GLU EA 128 -1.27 -49.32 21.42
C GLU EA 128 -2.47 -48.38 21.62
N GLN EA 129 -2.38 -47.13 21.19
CA GLN EA 129 -3.43 -46.16 21.48
C GLN EA 129 -4.04 -45.50 20.26
N THR EA 130 -3.48 -45.70 19.06
CA THR EA 130 -4.10 -45.16 17.86
C THR EA 130 -5.43 -45.88 17.63
N ASP EA 131 -6.54 -45.20 17.91
CA ASP EA 131 -7.85 -45.81 17.89
C ASP EA 131 -8.70 -45.19 16.78
N PHE EA 132 -9.57 -46.02 16.21
CA PHE EA 132 -10.52 -45.58 15.20
C PHE EA 132 -11.72 -46.50 15.29
N ASN EA 133 -12.85 -45.96 15.75
CA ASN EA 133 -14.07 -46.76 15.93
C ASN EA 133 -13.79 -47.97 16.83
N GLY EA 134 -13.06 -47.73 17.92
CA GLY EA 134 -12.73 -48.81 18.83
C GLY EA 134 -11.86 -49.89 18.23
N VAL EA 135 -10.95 -49.52 17.33
CA VAL EA 135 -10.04 -50.45 16.70
C VAL EA 135 -8.61 -49.98 16.98
N LYS EA 136 -7.82 -50.85 17.58
CA LYS EA 136 -6.39 -50.56 17.75
C LYS EA 136 -5.72 -50.73 16.40
N VAL EA 137 -5.98 -49.77 15.49
CA VAL EA 137 -5.68 -49.99 14.08
C VAL EA 137 -4.19 -50.16 13.84
N LEU EA 138 -3.37 -49.30 14.44
CA LEU EA 138 -1.92 -49.39 14.27
C LEU EA 138 -1.28 -50.14 15.43
N SER EA 139 -1.78 -51.32 15.75
CA SER EA 139 -1.27 -52.11 16.86
C SER EA 139 -0.76 -53.45 16.36
N ASP EA 140 -0.35 -54.29 17.31
CA ASP EA 140 0.11 -55.64 16.98
C ASP EA 140 -1.05 -56.61 16.77
N SER EA 141 -2.27 -56.22 17.12
CA SER EA 141 -3.45 -57.05 16.89
C SER EA 141 -4.43 -56.23 16.06
N ALA EA 142 -4.25 -56.27 14.74
CA ALA EA 142 -5.13 -55.56 13.82
C ALA EA 142 -5.18 -56.36 12.52
N LYS EA 143 -6.19 -57.21 12.40
CA LYS EA 143 -6.37 -57.96 11.17
C LYS EA 143 -6.77 -57.02 10.04
N PRO EA 144 -6.42 -57.35 8.79
CA PRO EA 144 -6.78 -56.48 7.66
C PRO EA 144 -8.30 -56.31 7.55
N LEU EA 145 -8.70 -55.12 7.15
CA LEU EA 145 -10.12 -54.79 7.04
C LEU EA 145 -10.69 -55.30 5.72
N THR EA 146 -12.00 -55.15 5.56
CA THR EA 146 -12.69 -55.63 4.36
C THR EA 146 -13.12 -54.49 3.44
N LEU EA 147 -13.85 -53.50 3.97
CA LEU EA 147 -14.31 -52.34 3.19
C LEU EA 147 -15.12 -52.79 1.97
N GLN EA 148 -16.25 -53.43 2.26
CA GLN EA 148 -17.13 -53.93 1.21
C GLN EA 148 -17.59 -52.78 0.32
N VAL EA 149 -17.17 -52.81 -0.94
CA VAL EA 149 -17.51 -51.78 -1.91
C VAL EA 149 -18.32 -52.42 -3.02
N GLY EA 150 -19.48 -51.85 -3.32
CA GLY EA 150 -20.35 -52.35 -4.35
C GLY EA 150 -21.37 -53.33 -3.80
N ALA EA 151 -22.55 -53.33 -4.43
CA ALA EA 151 -23.57 -54.31 -4.08
C ALA EA 151 -23.16 -55.69 -4.60
N ASN EA 152 -24.00 -56.69 -4.36
CA ASN EA 152 -23.75 -58.07 -4.78
C ASN EA 152 -22.41 -58.56 -4.20
N ASP EA 153 -22.40 -58.67 -2.88
CA ASP EA 153 -21.17 -58.90 -2.12
C ASP EA 153 -20.39 -60.08 -2.66
N GLY EA 154 -19.09 -60.05 -2.42
CA GLY EA 154 -18.15 -61.00 -2.96
C GLY EA 154 -16.86 -60.30 -3.31
N GLU EA 155 -16.90 -58.97 -3.28
CA GLU EA 155 -15.75 -58.13 -3.57
C GLU EA 155 -15.49 -57.21 -2.39
N THR EA 156 -14.23 -57.08 -2.01
CA THR EA 156 -13.81 -56.24 -0.89
C THR EA 156 -12.53 -55.53 -1.28
N ILE EA 157 -11.98 -54.78 -0.33
CA ILE EA 157 -10.69 -54.10 -0.49
C ILE EA 157 -9.91 -54.36 0.78
N THR EA 158 -9.01 -55.35 0.75
CA THR EA 158 -8.23 -55.67 1.93
C THR EA 158 -7.29 -54.51 2.26
N LEU EA 159 -7.24 -54.13 3.54
CA LEU EA 159 -6.42 -53.02 3.98
C LEU EA 159 -4.98 -53.44 4.26
N ASN EA 160 -4.80 -54.54 5.00
CA ASN EA 160 -3.48 -55.13 5.25
C ASN EA 160 -2.55 -54.14 5.95
N LEU EA 161 -2.93 -53.79 7.17
CA LEU EA 161 -2.13 -52.87 7.99
C LEU EA 161 -2.09 -53.40 9.42
N SER EA 162 -0.89 -53.51 9.97
CA SER EA 162 -0.73 -53.97 11.36
C SER EA 162 0.76 -53.94 11.74
N GLU EA 163 0.99 -53.99 13.04
CA GLU EA 163 2.30 -54.18 13.66
C GLU EA 163 3.32 -53.12 13.21
N ILE EA 164 3.05 -51.89 13.63
CA ILE EA 164 4.08 -50.86 13.74
C ILE EA 164 4.23 -50.52 15.22
N SER EA 165 5.38 -50.88 15.78
CA SER EA 165 5.66 -50.69 17.20
C SER EA 165 7.12 -51.07 17.42
N VAL EA 166 7.60 -50.85 18.64
CA VAL EA 166 8.84 -51.49 19.04
C VAL EA 166 8.63 -52.99 19.05
N LYS EA 167 9.74 -53.73 18.90
CA LYS EA 167 9.75 -55.19 18.84
C LYS EA 167 9.21 -55.70 17.51
N THR EA 168 8.73 -54.80 16.64
CA THR EA 168 8.35 -55.19 15.29
C THR EA 168 8.94 -54.30 14.21
N LEU EA 169 9.35 -53.07 14.52
CA LEU EA 169 10.28 -52.36 13.65
C LEU EA 169 11.68 -52.93 13.71
N GLY EA 170 11.94 -53.86 14.62
CA GLY EA 170 13.20 -54.54 14.70
C GLY EA 170 14.15 -54.02 15.77
N LEU EA 171 13.92 -52.82 16.27
CA LEU EA 171 14.82 -52.26 17.28
C LEU EA 171 14.77 -53.11 18.54
N ASP EA 172 13.68 -53.01 19.28
CA ASP EA 172 13.32 -53.92 20.38
C ASP EA 172 14.31 -53.90 21.53
N GLY EA 173 15.48 -53.32 21.30
CA GLY EA 173 16.50 -53.23 22.33
C GLY EA 173 17.39 -52.04 22.13
N PHE EA 174 16.97 -51.10 21.28
CA PHE EA 174 17.86 -50.07 20.77
C PHE EA 174 18.60 -49.37 21.89
N ASN EA 175 19.93 -49.38 21.80
CA ASN EA 175 20.76 -49.02 22.94
C ASN EA 175 22.08 -48.45 22.45
N VAL EA 176 22.57 -47.45 23.17
CA VAL EA 176 23.87 -46.86 22.90
C VAL EA 176 24.84 -47.01 24.07
N ASN EA 177 24.35 -47.28 25.26
CA ASN EA 177 25.16 -47.37 26.48
C ASN EA 177 24.89 -48.73 27.14
N GLY EA 178 25.32 -48.85 28.40
CA GLY EA 178 25.13 -50.11 29.11
C GLY EA 178 23.68 -50.52 29.25
N LYS EA 179 22.81 -49.57 29.59
CA LYS EA 179 21.41 -49.91 29.85
C LYS EA 179 20.64 -50.20 28.57
N GLY EA 180 20.71 -51.45 28.11
CA GLY EA 180 20.05 -51.85 26.89
C GLY EA 180 19.27 -53.15 26.97
N VAL EA 181 18.63 -53.39 28.11
CA VAL EA 181 18.01 -54.68 28.41
C VAL EA 181 17.15 -55.16 27.25
N THR EA 182 17.44 -56.36 26.76
CA THR EA 182 16.74 -56.97 25.65
C THR EA 182 15.77 -58.03 26.16
N GLN EA 183 15.18 -58.79 25.23
CA GLN EA 183 14.21 -59.82 25.56
C GLN EA 183 14.76 -61.19 25.17
N ASN EA 184 14.57 -62.17 26.05
CA ASN EA 184 15.00 -63.53 25.79
C ASN EA 184 13.87 -64.30 25.09
N ARG EA 185 14.09 -65.59 24.90
CA ARG EA 185 13.13 -66.45 24.23
C ARG EA 185 12.77 -67.63 25.11
N SER EA 186 11.56 -68.14 24.94
CA SER EA 186 11.10 -69.28 25.72
C SER EA 186 12.02 -70.48 25.49
N ALA EA 187 12.43 -71.11 26.58
CA ALA EA 187 13.29 -72.28 26.48
C ALA EA 187 12.56 -73.41 25.79
N THR EA 188 13.24 -74.05 24.85
CA THR EA 188 12.65 -75.12 24.06
C THR EA 188 13.08 -76.48 24.59
N VAL EA 189 12.19 -77.47 24.42
CA VAL EA 189 12.53 -78.82 24.82
C VAL EA 189 13.76 -79.31 24.05
N THR EA 190 13.91 -78.87 22.79
CA THR EA 190 15.13 -79.18 22.07
C THR EA 190 16.35 -78.60 22.78
N ASP EA 191 16.26 -77.35 23.22
CA ASP EA 191 17.35 -76.77 24.01
C ASP EA 191 17.55 -77.53 25.31
N VAL EA 192 16.46 -77.88 25.99
CA VAL EA 192 16.58 -78.58 27.26
C VAL EA 192 17.37 -79.87 27.07
N ILE EA 193 17.08 -80.60 25.99
CA ILE EA 193 17.90 -81.77 25.66
C ILE EA 193 19.31 -81.36 25.28
N ALA EA 194 19.48 -80.20 24.64
CA ALA EA 194 20.78 -79.85 24.07
C ALA EA 194 21.86 -79.72 25.13
N GLN EA 195 21.56 -79.05 26.24
CA GLN EA 195 22.54 -78.95 27.32
C GLN EA 195 22.40 -80.14 28.28
N GLY EA 196 22.67 -81.32 27.73
CA GLY EA 196 22.72 -82.54 28.53
C GLY EA 196 21.41 -82.89 29.20
N GLY EA 197 20.29 -82.69 28.52
CA GLY EA 197 19.01 -83.03 29.12
C GLY EA 197 18.89 -84.52 29.39
N THR EA 198 18.40 -84.85 30.58
CA THR EA 198 18.16 -86.23 30.99
C THR EA 198 16.69 -86.39 31.31
N LEU EA 199 16.00 -87.22 30.53
CA LEU EA 199 14.57 -87.39 30.71
C LEU EA 199 14.29 -88.13 32.01
N GLN EA 200 13.22 -87.73 32.69
CA GLN EA 200 12.80 -88.37 33.94
C GLN EA 200 11.35 -88.80 33.96
N GLY EA 201 10.53 -88.36 33.00
CA GLY EA 201 9.12 -88.70 32.99
C GLY EA 201 8.37 -88.01 31.88
N ASP EA 202 7.22 -87.42 32.21
CA ASP EA 202 6.39 -86.70 31.24
C ASP EA 202 7.04 -85.35 30.95
N GLY EA 203 8.00 -85.37 30.03
CA GLY EA 203 8.71 -84.15 29.66
C GLY EA 203 9.51 -83.55 30.79
N THR EA 204 9.94 -84.36 31.75
CA THR EA 204 10.69 -83.91 32.91
C THR EA 204 12.17 -84.14 32.64
N TYR EA 205 12.93 -83.06 32.50
CA TYR EA 205 14.36 -83.14 32.23
C TYR EA 205 15.13 -82.40 33.32
N LYS EA 206 16.28 -82.96 33.71
CA LYS EA 206 17.15 -82.39 34.72
C LYS EA 206 18.48 -82.04 34.08
N ALA EA 207 18.71 -80.75 33.86
CA ALA EA 207 20.00 -80.30 33.36
C ALA EA 207 21.05 -80.38 34.45
N THR EA 208 22.27 -80.77 34.06
CA THR EA 208 23.36 -80.96 35.01
C THR EA 208 24.47 -79.95 34.74
N THR EA 209 25.17 -79.57 35.81
CA THR EA 209 26.32 -78.69 35.69
C THR EA 209 27.25 -79.01 36.86
N THR EA 210 28.25 -79.84 36.63
CA THR EA 210 29.18 -80.19 37.69
C THR EA 210 30.03 -79.00 38.07
N PHE EA 211 30.43 -78.95 39.34
CA PHE EA 211 31.19 -77.83 39.88
C PHE EA 211 32.48 -78.25 40.56
N ASN EA 212 32.92 -79.49 40.38
CA ASN EA 212 34.06 -79.99 41.12
C ASN EA 212 35.30 -79.20 40.73
N ALA EA 213 35.74 -78.31 41.62
CA ALA EA 213 36.72 -77.30 41.28
C ALA EA 213 37.39 -76.83 42.56
N ALA EA 214 38.03 -75.66 42.51
CA ALA EA 214 38.80 -75.09 43.61
C ALA EA 214 40.07 -75.91 43.86
N SER EA 215 40.86 -76.07 42.81
CA SER EA 215 42.16 -76.73 42.91
C SER EA 215 43.11 -75.89 43.76
N ALA EA 216 44.32 -76.42 43.97
CA ALA EA 216 45.27 -75.76 44.84
C ALA EA 216 45.64 -74.37 44.33
N GLU EA 217 45.79 -74.23 43.02
CA GLU EA 217 46.15 -72.92 42.46
C GLU EA 217 45.06 -71.89 42.73
N THR EA 218 43.80 -72.26 42.52
CA THR EA 218 42.71 -71.30 42.65
C THR EA 218 42.47 -70.92 44.10
N VAL EA 219 42.81 -71.80 45.05
CA VAL EA 219 42.63 -71.45 46.46
C VAL EA 219 43.86 -70.71 46.99
N LEU EA 220 45.04 -70.98 46.44
CA LEU EA 220 46.21 -70.18 46.79
C LEU EA 220 46.14 -68.79 46.18
N SER EA 221 45.33 -68.60 45.13
CA SER EA 221 45.20 -67.29 44.53
C SER EA 221 44.58 -66.27 45.48
N LYS EA 222 43.78 -66.69 46.45
CA LYS EA 222 43.14 -65.76 47.37
C LYS EA 222 43.57 -66.04 48.81
N LEU EA 223 44.86 -66.22 49.03
CA LEU EA 223 45.39 -66.61 50.33
C LEU EA 223 46.03 -65.41 51.01
N GLU EA 224 45.69 -65.22 52.28
CA GLU EA 224 46.33 -64.20 53.09
C GLU EA 224 46.61 -64.68 54.51
N ASP EA 225 46.41 -65.96 54.81
CA ASP EA 225 46.62 -66.47 56.15
C ASP EA 225 47.43 -67.76 56.12
N GLY EA 226 47.54 -68.42 57.27
CA GLY EA 226 48.35 -69.62 57.37
C GLY EA 226 47.61 -70.87 56.91
N ASN EA 227 48.37 -71.77 56.29
CA ASN EA 227 47.87 -73.08 55.86
C ASN EA 227 48.65 -74.16 56.59
N THR EA 228 48.43 -75.41 56.20
CA THR EA 228 49.11 -76.52 56.84
C THR EA 228 49.21 -77.70 55.88
N VAL EA 229 50.26 -78.50 56.08
CA VAL EA 229 50.50 -79.70 55.29
C VAL EA 229 50.78 -80.85 56.24
N ALA EA 230 50.03 -81.93 56.10
CA ALA EA 230 50.22 -83.12 56.93
C ALA EA 230 50.19 -84.35 56.04
N VAL EA 231 51.24 -85.18 56.15
CA VAL EA 231 51.36 -86.38 55.33
C VAL EA 231 50.68 -87.50 56.11
N GLY EA 232 49.36 -87.62 55.94
CA GLY EA 232 48.62 -88.65 56.65
C GLY EA 232 48.72 -88.47 58.15
N GLY EA 233 49.07 -89.55 58.85
CA GLY EA 233 49.23 -89.55 60.29
C GLY EA 233 50.60 -89.18 60.79
N GLY EA 234 51.49 -88.71 59.93
CA GLY EA 234 52.84 -88.34 60.31
C GLY EA 234 52.94 -86.91 60.79
N ALA EA 235 54.13 -86.35 60.64
CA ALA EA 235 54.38 -84.99 61.09
C ALA EA 235 53.61 -83.99 60.23
N THR EA 236 53.40 -82.80 60.78
CA THR EA 236 52.60 -81.76 60.14
C THR EA 236 53.41 -80.48 60.07
N TYR EA 237 53.26 -79.76 58.95
CA TYR EA 237 53.94 -78.49 58.74
C TYR EA 237 52.94 -77.40 58.41
N THR EA 238 53.16 -76.21 58.95
CA THR EA 238 52.30 -75.06 58.72
C THR EA 238 53.11 -73.93 58.11
N TYR EA 239 52.49 -73.23 57.16
CA TYR EA 239 53.14 -72.15 56.43
C TYR EA 239 52.27 -70.90 56.49
N ASP EA 240 52.92 -69.74 56.51
CA ASP EA 240 52.22 -68.47 56.63
C ASP EA 240 52.67 -67.53 55.52
N ALA EA 241 51.71 -66.96 54.80
CA ALA EA 241 51.99 -66.07 53.67
C ALA EA 241 52.01 -64.63 54.18
N ALA EA 242 53.21 -64.12 54.43
CA ALA EA 242 53.35 -62.74 54.92
C ALA EA 242 52.85 -61.75 53.88
N LYS EA 243 53.51 -61.69 52.72
CA LYS EA 243 53.09 -60.86 51.60
C LYS EA 243 52.64 -61.71 50.42
N GLY EA 244 52.22 -62.94 50.69
CA GLY EA 244 52.14 -63.97 49.68
C GLY EA 244 53.38 -64.84 49.61
N ASN EA 245 54.45 -64.46 50.29
CA ASN EA 245 55.65 -65.28 50.43
C ASN EA 245 55.59 -66.02 51.76
N PHE EA 246 55.79 -67.33 51.72
CA PHE EA 246 55.51 -68.18 52.86
C PHE EA 246 56.67 -68.19 53.86
N THR EA 247 56.33 -68.11 55.14
CA THR EA 247 57.28 -68.22 56.22
C THR EA 247 56.89 -69.38 57.12
N TYR EA 248 57.87 -70.19 57.51
CA TYR EA 248 57.59 -71.38 58.30
C TYR EA 248 58.90 -71.84 58.93
N THR EA 249 58.83 -72.96 59.66
CA THR EA 249 59.98 -73.50 60.35
C THR EA 249 60.30 -74.90 59.86
N LYS EA 250 61.59 -75.20 59.75
CA LYS EA 250 62.07 -76.55 59.54
C LYS EA 250 63.11 -76.86 60.60
N THR EA 251 63.02 -78.06 61.18
CA THR EA 251 64.00 -78.51 62.15
C THR EA 251 65.30 -78.90 61.45
N VAL EA 252 66.42 -78.67 62.12
CA VAL EA 252 67.73 -79.11 61.66
C VAL EA 252 68.32 -79.97 62.76
N ASP EA 253 68.57 -81.24 62.45
CA ASP EA 253 69.06 -82.19 63.45
C ASP EA 253 69.66 -83.39 62.72
N THR EA 254 69.97 -84.44 63.48
CA THR EA 254 70.57 -85.66 62.96
C THR EA 254 69.92 -86.84 63.66
N THR EA 255 70.56 -88.01 63.55
CA THR EA 255 70.04 -89.23 64.15
C THR EA 255 70.97 -89.82 65.21
N VAL EA 256 72.19 -89.34 65.34
CA VAL EA 256 73.17 -89.91 66.25
C VAL EA 256 73.26 -89.01 67.48
N GLY EA 257 72.87 -89.56 68.64
CA GLY EA 257 72.93 -88.80 69.88
C GLY EA 257 74.36 -88.50 70.30
N ALA EA 258 75.28 -89.42 70.04
CA ALA EA 258 76.66 -89.25 70.46
C ALA EA 258 77.50 -88.43 69.49
N ASP EA 259 77.00 -88.20 68.28
CA ASP EA 259 77.77 -87.46 67.27
C ASP EA 259 76.80 -86.62 66.45
N VAL EA 260 76.83 -85.31 66.66
CA VAL EA 260 76.01 -84.39 65.88
C VAL EA 260 76.92 -83.43 65.13
N THR EA 261 78.11 -83.91 64.76
CA THR EA 261 78.98 -83.13 63.89
C THR EA 261 78.28 -82.81 62.58
N ALA EA 262 77.45 -83.75 62.09
CA ALA EA 262 76.65 -83.48 60.91
C ALA EA 262 75.64 -82.36 61.15
N LEU EA 263 75.12 -82.26 62.38
CA LEU EA 263 74.21 -81.16 62.69
C LEU EA 263 74.91 -79.81 62.56
N ALA EA 264 76.13 -79.70 63.09
CA ALA EA 264 76.89 -78.46 62.94
C ALA EA 264 77.24 -78.21 61.47
N ASN EA 265 77.60 -79.27 60.74
CA ASN EA 265 77.91 -79.15 59.32
C ASN EA 265 76.67 -78.89 58.47
N LYS EA 266 75.48 -79.00 59.06
CA LYS EA 266 74.23 -78.55 58.45
C LYS EA 266 73.92 -77.10 58.76
N ILE EA 267 74.12 -76.69 60.02
CA ILE EA 267 73.83 -75.30 60.38
C ILE EA 267 74.82 -74.35 59.73
N LYS EA 268 76.10 -74.73 59.68
CA LYS EA 268 77.14 -73.82 59.20
C LYS EA 268 76.92 -73.35 57.77
N PRO EA 269 76.64 -74.20 56.79
CA PRO EA 269 76.41 -73.68 55.42
C PRO EA 269 75.23 -72.72 55.33
N SER EA 270 74.20 -72.93 56.15
CA SER EA 270 73.06 -72.00 56.14
C SER EA 270 73.50 -70.61 56.56
N SER EA 271 74.40 -70.51 57.53
CA SER EA 271 74.91 -69.22 57.96
C SER EA 271 75.74 -68.56 56.85
N GLY EA 272 76.40 -69.35 56.03
CA GLY EA 272 77.24 -68.85 54.96
C GLY EA 272 78.70 -69.19 55.16
N THR EA 273 79.55 -68.37 54.55
CA THR EA 273 81.00 -68.54 54.64
C THR EA 273 81.67 -67.41 55.40
N ILE EA 274 81.49 -66.17 54.95
CA ILE EA 274 82.06 -65.00 55.60
C ILE EA 274 81.00 -63.91 55.65
N SER EA 275 80.76 -63.35 56.83
CA SER EA 275 79.80 -62.29 57.02
C SER EA 275 80.20 -61.46 58.22
N GLY EA 276 79.42 -60.43 58.52
CA GLY EA 276 79.77 -59.48 59.55
C GLY EA 276 79.02 -59.67 60.85
N SER EA 277 78.01 -58.83 61.09
CA SER EA 277 77.33 -58.80 62.38
C SER EA 277 76.49 -60.06 62.58
N TYR EA 278 76.82 -60.84 63.60
CA TYR EA 278 76.03 -61.96 64.07
C TYR EA 278 75.51 -61.67 65.46
N GLU EA 279 74.69 -62.58 65.98
CA GLU EA 279 74.24 -62.51 67.37
C GLU EA 279 74.33 -63.91 67.97
N ILE EA 280 74.89 -64.00 69.17
CA ILE EA 280 74.99 -65.25 69.91
C ILE EA 280 74.24 -65.09 71.21
N SER EA 281 73.34 -66.03 71.50
CA SER EA 281 72.52 -66.02 72.70
C SER EA 281 72.84 -67.20 73.59
N THR EA 282 74.13 -67.55 73.69
CA THR EA 282 74.54 -68.66 74.54
C THR EA 282 74.23 -68.34 76.00
N GLY EA 283 74.02 -69.39 76.78
CA GLY EA 283 73.55 -69.20 78.13
C GLY EA 283 72.08 -68.83 78.14
N LYS EA 284 71.75 -67.63 78.60
CA LYS EA 284 70.36 -67.19 78.57
C LYS EA 284 70.20 -65.82 77.93
N SER EA 285 71.12 -64.89 78.19
CA SER EA 285 70.99 -63.51 77.76
C SER EA 285 72.32 -62.96 77.24
N ALA EA 286 73.03 -63.76 76.43
CA ALA EA 286 74.28 -63.28 75.86
C ALA EA 286 74.03 -62.11 74.93
N SER EA 287 73.33 -62.34 73.83
CA SER EA 287 72.90 -61.29 72.90
C SER EA 287 74.09 -60.45 72.42
N PHE EA 288 75.12 -61.14 71.93
CA PHE EA 288 76.31 -60.45 71.45
C PHE EA 288 76.07 -59.86 70.07
N ASP EA 289 77.00 -59.00 69.64
CA ASP EA 289 77.05 -58.46 68.28
C ASP EA 289 78.45 -58.76 67.76
N VAL EA 290 78.64 -59.95 67.22
CA VAL EA 290 79.96 -60.47 66.90
C VAL EA 290 80.20 -60.35 65.40
N ASP EA 291 81.48 -60.48 65.02
CA ASP EA 291 81.92 -60.46 63.62
C ASP EA 291 82.80 -61.69 63.42
N ALA EA 292 82.26 -62.70 62.74
CA ALA EA 292 82.97 -63.97 62.54
C ALA EA 292 83.42 -64.04 61.09
N ALA EA 293 84.66 -63.60 60.83
CA ALA EA 293 85.31 -63.80 59.54
C ALA EA 293 86.10 -65.10 59.59
N GLY EA 294 85.36 -66.20 59.72
CA GLY EA 294 85.97 -67.48 60.03
C GLY EA 294 86.02 -67.69 61.53
N LYS EA 295 87.17 -67.41 62.13
CA LYS EA 295 87.28 -67.46 63.59
C LYS EA 295 86.39 -66.39 64.21
N ILE EA 296 85.77 -66.73 65.34
CA ILE EA 296 84.77 -65.86 65.96
C ILE EA 296 85.47 -64.74 66.72
N THR EA 297 85.05 -63.50 66.46
CA THR EA 297 85.60 -62.33 67.13
C THR EA 297 84.47 -61.39 67.53
N ILE EA 298 84.83 -60.36 68.30
CA ILE EA 298 83.91 -59.31 68.70
C ILE EA 298 84.41 -58.00 68.10
N GLY EA 299 83.52 -57.02 68.00
CA GLY EA 299 83.91 -55.72 67.50
C GLY EA 299 84.99 -55.08 68.35
N GLY EA 300 86.21 -55.06 67.84
CA GLY EA 300 87.33 -54.45 68.52
C GLY EA 300 88.26 -55.41 69.24
N ASN EA 301 87.85 -56.66 69.47
CA ASN EA 301 88.65 -57.59 70.25
C ASN EA 301 88.39 -59.01 69.74
N ALA EA 302 89.05 -59.97 70.39
CA ALA EA 302 88.85 -61.38 70.08
C ALA EA 302 87.71 -61.93 70.93
N ALA EA 303 87.44 -63.24 70.80
CA ALA EA 303 86.36 -63.86 71.55
C ALA EA 303 86.69 -65.34 71.75
N PHE EA 304 87.11 -65.69 72.96
CA PHE EA 304 87.38 -67.08 73.31
C PHE EA 304 86.10 -67.72 73.86
N LEU EA 305 86.22 -68.94 74.37
CA LEU EA 305 85.05 -69.69 74.81
C LEU EA 305 85.40 -70.57 76.00
N ASN EA 306 84.61 -70.46 77.06
CA ASN EA 306 84.73 -71.33 78.23
C ASN EA 306 83.57 -72.33 78.22
N ALA EA 307 83.88 -73.58 78.55
CA ALA EA 307 82.96 -74.67 78.27
C ALA EA 307 82.77 -75.58 79.49
N ASP EA 308 81.78 -76.47 79.36
CA ASP EA 308 81.52 -77.62 80.22
C ASP EA 308 80.92 -77.26 81.57
N GLY EA 309 80.87 -75.98 81.91
CA GLY EA 309 80.03 -75.54 83.02
C GLY EA 309 78.77 -74.90 82.48
N GLU EA 310 78.99 -73.96 81.55
CA GLU EA 310 77.97 -73.39 80.70
C GLU EA 310 78.70 -72.73 79.53
N LEU EA 311 78.50 -73.24 78.32
CA LEU EA 311 79.34 -72.86 77.19
C LEU EA 311 79.01 -71.44 76.78
N THR EA 312 79.81 -70.49 77.25
CA THR EA 312 79.63 -69.07 76.99
C THR EA 312 80.82 -68.53 76.20
N THR EA 313 80.63 -67.36 75.61
CA THR EA 313 81.67 -66.69 74.83
C THR EA 313 82.13 -65.45 75.58
N ASN EA 314 83.45 -65.33 75.76
CA ASN EA 314 84.02 -64.18 76.43
C ASN EA 314 85.42 -63.94 75.89
N ASP EA 315 85.82 -62.66 75.87
CA ASP EA 315 87.15 -62.29 75.43
C ASP EA 315 88.23 -62.51 76.48
N ALA EA 316 87.85 -62.65 77.74
CA ALA EA 316 88.80 -62.90 78.83
C ALA EA 316 89.05 -64.40 78.91
N SER EA 317 90.09 -64.85 78.21
CA SER EA 317 90.39 -66.28 78.13
C SER EA 317 90.85 -66.82 79.47
N GLY EA 318 90.46 -68.06 79.76
CA GLY EA 318 90.91 -68.76 80.93
C GLY EA 318 91.99 -69.77 80.63
N ALA EA 319 92.08 -70.80 81.47
CA ALA EA 319 93.08 -71.84 81.28
C ALA EA 319 92.64 -72.90 80.27
N LEU EA 320 91.33 -73.07 80.09
CA LEU EA 320 90.76 -74.13 79.26
C LEU EA 320 89.82 -73.57 78.22
N THR EA 321 90.28 -72.55 77.49
CA THR EA 321 89.44 -71.83 76.54
C THR EA 321 89.96 -71.96 75.11
N GLN EA 322 89.03 -71.93 74.16
CA GLN EA 322 89.33 -71.98 72.74
C GLN EA 322 88.51 -70.94 72.02
N ALA EA 323 88.88 -70.64 70.78
CA ALA EA 323 88.20 -69.61 70.00
C ALA EA 323 88.10 -70.04 68.55
N THR EA 324 86.88 -70.33 68.10
CA THR EA 324 86.59 -70.58 66.69
C THR EA 324 85.07 -70.63 66.50
N LEU EA 325 84.66 -70.52 65.24
CA LEU EA 325 83.23 -70.58 64.93
C LEU EA 325 82.65 -71.95 65.21
N ASP EA 326 83.43 -73.00 64.97
CA ASP EA 326 82.91 -74.37 65.15
C ASP EA 326 82.55 -74.61 66.61
N ASP EA 327 83.38 -74.15 67.55
CA ASP EA 327 83.07 -74.34 68.96
C ASP EA 327 81.81 -73.58 69.36
N VAL EA 328 81.64 -72.36 68.85
CA VAL EA 328 80.44 -71.58 69.17
C VAL EA 328 79.21 -72.26 68.60
N LEU EA 329 79.29 -72.76 67.36
CA LEU EA 329 78.15 -73.44 66.76
C LEU EA 329 77.83 -74.73 67.51
N THR EA 330 78.85 -75.44 67.98
CA THR EA 330 78.62 -76.61 68.82
C THR EA 330 77.93 -76.21 70.11
N SER EA 331 78.38 -75.11 70.73
CA SER EA 331 77.73 -74.61 71.94
C SER EA 331 76.26 -74.33 71.71
N VAL EA 332 75.94 -73.66 70.60
CA VAL EA 332 74.54 -73.33 70.32
C VAL EA 332 73.73 -74.59 70.04
N GLY EA 333 74.30 -75.52 69.28
CA GLY EA 333 73.55 -76.66 68.80
C GLY EA 333 73.66 -77.92 69.65
N THR EA 334 74.74 -78.08 70.41
CA THR EA 334 74.99 -79.31 71.14
C THR EA 334 74.88 -79.12 72.65
N GLU EA 335 75.65 -78.19 73.22
CA GLU EA 335 75.71 -78.01 74.66
C GLU EA 335 75.00 -76.73 75.10
N ALA EA 336 73.97 -76.31 74.36
CA ALA EA 336 73.21 -75.14 74.77
C ALA EA 336 72.50 -75.39 76.09
N ASN EA 337 71.88 -76.57 76.25
CA ASN EA 337 71.15 -76.96 77.44
C ASN EA 337 70.05 -75.96 77.81
N SER EA 338 69.64 -75.14 76.86
CA SER EA 338 68.61 -74.12 77.08
C SER EA 338 68.24 -73.53 75.73
N SER EA 339 67.37 -72.54 75.75
CA SER EA 339 66.94 -71.84 74.54
C SER EA 339 68.08 -70.92 74.10
N VAL EA 340 68.91 -71.41 73.20
CA VAL EA 340 70.05 -70.67 72.66
C VAL EA 340 69.87 -70.58 71.15
N THR EA 341 70.01 -69.37 70.61
CA THR EA 341 69.82 -69.13 69.19
C THR EA 341 70.93 -68.25 68.66
N ILE EA 342 71.06 -68.21 67.34
CA ILE EA 342 72.00 -67.33 66.66
C ILE EA 342 71.19 -66.40 65.77
N GLY EA 343 71.30 -65.10 66.02
CA GLY EA 343 70.57 -64.09 65.30
C GLY EA 343 71.24 -63.57 64.05
N GLY EA 344 72.37 -64.15 63.66
CA GLY EA 344 73.08 -63.66 62.49
C GLY EA 344 72.35 -63.98 61.21
N THR EA 345 72.55 -63.11 60.22
CA THR EA 345 71.96 -63.25 58.88
C THR EA 345 70.44 -63.31 58.94
N LYS EA 346 69.85 -62.57 59.87
CA LYS EA 346 68.39 -62.48 60.01
C LYS EA 346 67.74 -63.85 60.15
N TYR EA 347 68.39 -64.73 60.88
CA TYR EA 347 67.89 -66.06 61.18
C TYR EA 347 67.85 -66.26 62.69
N SER EA 348 67.26 -67.36 63.12
CA SER EA 348 67.21 -67.67 64.56
C SER EA 348 67.29 -69.19 64.70
N HIS EA 349 68.50 -69.70 64.89
CA HIS EA 349 68.74 -71.12 65.04
C HIS EA 349 68.61 -71.50 66.52
N SER EA 350 67.38 -71.45 67.01
CA SER EA 350 67.10 -71.76 68.41
C SER EA 350 67.36 -73.22 68.70
N ALA EA 351 67.95 -73.49 69.87
CA ALA EA 351 68.20 -74.86 70.31
C ALA EA 351 66.93 -75.39 70.97
N ALA EA 352 66.04 -75.93 70.13
CA ALA EA 352 64.80 -76.51 70.64
C ALA EA 352 65.09 -77.68 71.57
N ASP EA 353 66.05 -78.52 71.21
CA ASP EA 353 66.50 -79.61 72.05
C ASP EA 353 68.03 -79.61 72.08
N GLU EA 354 68.61 -79.74 73.27
CA GLU EA 354 70.05 -79.82 73.41
C GLU EA 354 70.50 -81.27 73.27
N LEU EA 355 71.82 -81.46 73.27
CA LEU EA 355 72.42 -82.79 73.17
C LEU EA 355 72.95 -83.19 74.54
N SER EA 356 72.31 -84.18 75.15
CA SER EA 356 72.84 -84.83 76.34
C SER EA 356 73.78 -85.97 76.00
N TYR EA 357 74.29 -86.01 74.76
CA TYR EA 357 75.18 -87.02 74.21
C TYR EA 357 74.46 -88.36 74.02
N THR EA 358 73.20 -88.47 74.41
CA THR EA 358 72.36 -89.63 74.13
C THR EA 358 71.17 -89.27 73.25
N ALA EA 359 70.42 -88.24 73.62
CA ALA EA 359 69.30 -87.78 72.82
C ALA EA 359 69.76 -86.72 71.84
N VAL EA 360 69.32 -86.85 70.59
CA VAL EA 360 69.79 -85.97 69.53
C VAL EA 360 69.30 -84.55 69.78
N ALA EA 361 70.13 -83.58 69.43
CA ALA EA 361 69.81 -82.18 69.64
C ALA EA 361 69.04 -81.61 68.45
N THR EA 362 68.34 -80.50 68.69
CA THR EA 362 67.50 -79.86 67.69
C THR EA 362 67.86 -78.39 67.60
N THR EA 363 68.05 -77.90 66.37
CA THR EA 363 68.39 -76.51 66.09
C THR EA 363 67.42 -75.92 65.08
N ALA EA 364 66.12 -76.11 65.34
CA ALA EA 364 65.10 -75.66 64.41
C ALA EA 364 65.18 -74.15 64.19
N ASP EA 365 64.92 -73.73 62.96
CA ASP EA 365 64.98 -72.33 62.58
C ASP EA 365 63.81 -72.01 61.66
N VAL EA 366 63.50 -70.72 61.55
CA VAL EA 366 62.55 -70.23 60.56
C VAL EA 366 63.26 -70.14 59.23
N LEU EA 367 63.17 -71.18 58.41
CA LEU EA 367 63.91 -71.21 57.16
C LEU EA 367 63.17 -70.47 56.05
N SER EA 368 61.88 -70.78 55.87
CA SER EA 368 61.07 -70.22 54.79
C SER EA 368 61.69 -70.49 53.43
N ALA EA 369 62.36 -71.65 53.30
CA ALA EA 369 63.00 -72.00 52.04
C ALA EA 369 61.99 -72.21 50.92
N MET EA 370 60.74 -72.51 51.26
CA MET EA 370 59.64 -72.57 50.30
C MET EA 370 58.81 -71.30 50.34
N GLY EA 371 59.48 -70.16 50.54
CA GLY EA 371 58.76 -68.90 50.61
C GLY EA 371 57.97 -68.59 49.36
N SER EA 372 58.47 -69.04 48.20
CA SER EA 372 57.76 -68.82 46.96
C SER EA 372 56.40 -69.50 47.01
N SER EA 373 55.36 -68.75 46.62
CA SER EA 373 54.03 -69.33 46.55
C SER EA 373 53.98 -70.46 45.52
N THR EA 374 54.76 -70.33 44.44
CA THR EA 374 54.86 -71.42 43.49
C THR EA 374 55.54 -72.64 44.09
N ALA EA 375 56.51 -72.43 44.99
CA ALA EA 375 57.13 -73.56 45.67
C ALA EA 375 56.11 -74.32 46.52
N VAL EA 376 55.27 -73.60 47.25
CA VAL EA 376 54.25 -74.26 48.05
C VAL EA 376 53.23 -74.94 47.16
N SER EA 377 52.90 -74.33 46.01
CA SER EA 377 52.01 -74.98 45.07
C SER EA 377 52.62 -76.29 44.56
N THR EA 378 53.93 -76.28 44.29
CA THR EA 378 54.61 -77.49 43.84
C THR EA 378 54.55 -78.57 44.91
N VAL EA 379 54.86 -78.21 46.16
CA VAL EA 379 54.92 -79.22 47.21
C VAL EA 379 53.54 -79.76 47.54
N THR EA 380 52.50 -78.92 47.46
CA THR EA 380 51.15 -79.42 47.71
C THR EA 380 50.56 -80.12 46.50
N LEU EA 381 51.12 -79.93 45.31
CA LEU EA 381 50.68 -80.62 44.12
C LEU EA 381 51.43 -81.93 43.88
N GLY EA 382 52.69 -82.00 44.28
CA GLY EA 382 53.48 -83.20 44.12
C GLY EA 382 53.63 -83.97 45.41
N SER EA 383 52.78 -83.67 46.39
CA SER EA 383 52.87 -84.33 47.69
C SER EA 383 52.45 -85.80 47.57
N GLY EA 384 52.84 -86.58 48.58
CA GLY EA 384 52.49 -87.97 48.63
C GLY EA 384 51.07 -88.18 49.12
N ILE EA 385 50.85 -89.16 49.99
CA ILE EA 385 49.54 -89.39 50.56
C ILE EA 385 49.37 -88.46 51.75
N THR EA 386 48.92 -87.24 51.49
CA THR EA 386 48.85 -86.19 52.49
C THR EA 386 47.42 -85.68 52.62
N SER EA 387 47.22 -84.82 53.61
CA SER EA 387 45.95 -84.17 53.88
C SER EA 387 46.17 -82.69 54.15
N ALA EA 388 46.96 -82.04 53.28
CA ALA EA 388 47.30 -80.64 53.47
C ALA EA 388 46.05 -79.78 53.41
N ALA EA 389 46.01 -78.74 54.25
CA ALA EA 389 44.83 -77.89 54.40
C ALA EA 389 45.23 -76.43 54.35
N VAL EA 390 44.32 -75.59 53.87
CA VAL EA 390 44.55 -74.16 53.73
C VAL EA 390 43.46 -73.41 54.47
N THR EA 391 43.88 -72.47 55.34
CA THR EA 391 42.99 -71.47 55.92
C THR EA 391 43.32 -70.16 55.23
N PHE EA 392 42.37 -69.63 54.45
CA PHE EA 392 42.65 -68.51 53.55
C PHE EA 392 41.77 -67.31 53.83
N ALA EA 393 41.19 -67.22 55.02
CA ALA EA 393 40.30 -66.12 55.34
C ALA EA 393 40.44 -65.74 56.80
N ILE EA 394 39.81 -64.65 57.17
CA ILE EA 394 39.94 -64.10 58.50
C ILE EA 394 38.86 -64.67 59.39
N ALA EA 395 39.04 -64.53 60.71
CA ALA EA 395 38.20 -65.17 61.72
C ALA EA 395 36.72 -64.96 61.48
N THR EA 396 36.32 -63.76 61.07
CA THR EA 396 34.92 -63.51 60.77
C THR EA 396 34.45 -64.27 59.53
N THR EA 397 35.37 -64.62 58.63
CA THR EA 397 35.05 -65.43 57.46
C THR EA 397 35.89 -66.69 57.40
N ASP EA 398 36.40 -67.17 58.54
CA ASP EA 398 37.38 -68.24 58.56
C ASP EA 398 36.79 -69.54 58.03
N SER EA 399 37.66 -70.36 57.45
CA SER EA 399 37.28 -71.66 56.92
C SER EA 399 38.55 -72.48 56.73
N ASN EA 400 38.39 -73.67 56.17
CA ASN EA 400 39.52 -74.54 55.86
C ASN EA 400 39.19 -75.33 54.61
N ASN EA 401 40.21 -75.60 53.81
CA ASN EA 401 40.07 -76.36 52.57
C ASN EA 401 40.86 -77.66 52.70
N THR EA 402 40.21 -78.78 52.41
CA THR EA 402 40.87 -80.09 52.39
C THR EA 402 40.69 -80.72 51.02
N TRP EA 403 41.77 -81.28 50.48
CA TRP EA 403 41.79 -81.71 49.09
C TRP EA 403 42.55 -83.03 48.96
N VAL EA 404 42.66 -83.48 47.71
CA VAL EA 404 43.27 -84.78 47.41
C VAL EA 404 44.74 -84.76 47.81
N ASP EA 405 45.26 -85.95 48.12
CA ASP EA 405 46.63 -86.08 48.62
C ASP EA 405 47.65 -85.51 47.64
N ASN EA 406 47.38 -85.56 46.34
CA ASN EA 406 48.37 -85.12 45.37
C ASN EA 406 47.77 -84.36 44.19
N LYS EA 407 46.54 -83.87 44.31
CA LYS EA 407 45.90 -83.19 43.19
C LYS EA 407 45.56 -81.73 43.46
N GLY EA 408 45.28 -81.36 44.70
CA GLY EA 408 44.83 -80.02 45.00
C GLY EA 408 43.34 -79.81 44.86
N GLU EA 409 42.62 -80.75 44.27
CA GLU EA 409 41.18 -80.59 44.05
C GLU EA 409 40.43 -80.83 45.35
N LEU EA 410 39.63 -79.84 45.76
CA LEU EA 410 38.86 -79.95 46.99
C LEU EA 410 37.71 -80.94 46.78
N THR EA 411 37.77 -82.07 47.50
CA THR EA 411 36.77 -83.11 47.31
C THR EA 411 35.38 -82.65 47.74
N ASP EA 412 35.29 -81.96 48.87
CA ASP EA 412 34.00 -81.56 49.43
C ASP EA 412 33.64 -80.12 49.13
N ILE EA 413 34.50 -79.38 48.43
CA ILE EA 413 34.27 -77.97 48.13
C ILE EA 413 34.31 -77.78 46.62
N GLN EA 414 33.26 -77.17 46.09
CA GLN EA 414 33.11 -76.92 44.67
C GLN EA 414 33.01 -75.42 44.42
N THR EA 415 33.13 -75.02 43.16
CA THR EA 415 32.96 -73.63 42.75
C THR EA 415 31.84 -73.55 41.73
N PHE EA 416 30.89 -72.65 41.97
CA PHE EA 416 29.83 -72.40 41.00
C PHE EA 416 30.38 -71.49 39.91
N ASP EA 417 29.50 -70.98 39.05
CA ASP EA 417 29.92 -69.97 38.09
C ASP EA 417 30.27 -68.64 38.75
N THR EA 418 29.95 -68.47 40.03
CA THR EA 418 30.23 -67.23 40.74
C THR EA 418 31.23 -67.42 41.87
N SER EA 419 30.98 -68.35 42.79
CA SER EA 419 31.81 -68.47 43.98
C SER EA 419 31.85 -69.94 44.40
N TYR EA 420 32.30 -70.20 45.62
CA TYR EA 420 32.48 -71.55 46.13
C TYR EA 420 31.21 -72.02 46.81
N LYS EA 421 31.00 -73.33 46.83
CA LYS EA 421 29.92 -73.95 47.61
C LYS EA 421 30.17 -75.44 47.64
N ILE EA 422 29.53 -76.12 48.59
CA ILE EA 422 29.79 -77.54 48.82
C ILE EA 422 28.85 -78.40 47.99
N ASN EA 423 28.18 -77.80 47.02
CA ASN EA 423 27.26 -78.53 46.13
C ASN EA 423 28.02 -78.96 44.88
N ALA EA 424 28.01 -80.27 44.61
CA ALA EA 424 28.68 -80.77 43.42
C ALA EA 424 27.99 -80.29 42.15
N ASP EA 425 26.66 -80.36 42.11
CA ASP EA 425 25.90 -79.90 40.96
C ASP EA 425 24.55 -79.41 41.42
N THR EA 426 24.10 -78.29 40.85
CA THR EA 426 22.77 -77.78 41.15
C THR EA 426 21.70 -78.77 40.73
N GLY EA 427 21.79 -79.27 39.51
CA GLY EA 427 20.86 -80.28 39.03
C GLY EA 427 19.41 -79.84 39.04
N GLU EA 428 19.14 -78.61 38.64
CA GLU EA 428 17.76 -78.14 38.58
C GLU EA 428 17.00 -78.91 37.50
N VAL EA 429 15.70 -79.09 37.75
CA VAL EA 429 14.86 -79.91 36.89
C VAL EA 429 13.81 -79.01 36.25
N THR EA 430 13.76 -79.03 34.93
CA THR EA 430 12.77 -78.27 34.17
C THR EA 430 11.85 -79.23 33.45
N VAL EA 431 10.55 -79.10 33.69
CA VAL EA 431 9.54 -79.95 33.08
C VAL EA 431 8.98 -79.23 31.85
N VAL EA 432 8.86 -79.96 30.75
CA VAL EA 432 8.39 -79.40 29.48
C VAL EA 432 6.92 -79.72 29.33
N GLY EA 433 6.11 -78.69 29.16
CA GLY EA 433 4.70 -78.88 28.86
C GLY EA 433 4.50 -79.64 27.57
N ASP EA 434 3.65 -80.66 27.59
CA ASP EA 434 3.39 -81.43 26.38
C ASP EA 434 2.51 -80.67 25.41
N ASN EA 435 1.48 -79.98 25.91
CA ASN EA 435 0.52 -79.30 25.06
C ASN EA 435 1.02 -77.97 24.53
N SER EA 436 2.14 -77.46 25.04
CA SER EA 436 2.64 -76.16 24.61
C SER EA 436 4.16 -76.19 24.65
N ALA EA 437 4.78 -75.33 23.85
CA ALA EA 437 6.24 -75.25 23.84
C ALA EA 437 6.80 -74.75 25.16
N THR EA 438 5.94 -74.21 26.03
CA THR EA 438 6.38 -73.71 27.33
C THR EA 438 7.00 -74.83 28.15
N ALA EA 439 8.16 -74.55 28.73
CA ALA EA 439 8.82 -75.46 29.67
C ALA EA 439 8.69 -74.89 31.07
N GLY EA 440 8.16 -75.67 31.99
CA GLY EA 440 7.99 -75.25 33.36
C GLY EA 440 9.26 -75.40 34.17
N GLN EA 441 9.17 -75.03 35.44
CA GLN EA 441 10.26 -75.16 36.39
C GLN EA 441 9.86 -76.18 37.44
N TYR EA 442 10.50 -77.35 37.42
CA TYR EA 442 10.20 -78.41 38.38
C TYR EA 442 11.21 -78.37 39.52
N ALA EA 443 11.02 -77.38 40.39
CA ALA EA 443 11.93 -77.12 41.50
C ALA EA 443 11.18 -76.31 42.56
N SER EA 444 11.93 -75.72 43.50
CA SER EA 444 11.30 -74.88 44.52
C SER EA 444 10.62 -73.66 43.91
N ALA EA 445 11.08 -73.21 42.75
CA ALA EA 445 10.38 -72.13 42.04
C ALA EA 445 8.99 -72.59 41.60
N ASP EA 446 8.86 -73.88 41.27
CA ASP EA 446 7.56 -74.54 41.08
C ASP EA 446 6.75 -73.86 39.97
N GLY EA 447 7.28 -73.94 38.75
CA GLY EA 447 6.55 -73.55 37.58
C GLY EA 447 6.90 -72.21 36.99
N ALA EA 448 7.91 -71.52 37.54
CA ALA EA 448 8.35 -70.27 36.94
C ALA EA 448 8.85 -70.51 35.52
N LYS EA 449 8.40 -69.67 34.59
CA LYS EA 449 8.75 -69.84 33.20
C LYS EA 449 10.26 -69.71 33.00
N VAL EA 450 10.82 -70.64 32.22
CA VAL EA 450 12.25 -70.68 31.95
C VAL EA 450 12.51 -70.17 30.54
N LEU EA 451 13.51 -69.31 30.40
CA LEU EA 451 13.86 -68.73 29.12
C LEU EA 451 15.36 -68.82 28.92
N VAL EA 452 15.77 -68.96 27.66
CA VAL EA 452 17.18 -69.03 27.31
C VAL EA 452 17.66 -67.63 26.97
N GLY EA 453 18.64 -67.13 27.73
CA GLY EA 453 19.16 -65.80 27.53
C GLY EA 453 20.27 -65.76 26.49
N SER EA 454 20.79 -64.55 26.28
CA SER EA 454 21.89 -64.35 25.35
C SER EA 454 23.14 -65.02 25.89
N ASP EA 455 23.63 -66.03 25.18
CA ASP EA 455 24.78 -66.82 25.59
C ASP EA 455 24.55 -67.42 26.99
N GLY EA 456 23.32 -67.81 27.25
CA GLY EA 456 22.95 -68.41 28.53
C GLY EA 456 22.41 -69.80 28.32
N LYS EA 457 22.76 -70.71 29.25
CA LYS EA 457 22.23 -72.06 29.19
C LYS EA 457 20.71 -72.05 29.32
N LEU EA 458 20.22 -71.62 30.49
CA LEU EA 458 18.79 -71.49 30.75
C LEU EA 458 18.62 -70.74 32.06
N THR EA 459 17.61 -69.88 32.11
CA THR EA 459 17.36 -69.06 33.30
C THR EA 459 15.87 -68.75 33.38
N THR EA 460 15.48 -68.07 34.46
CA THR EA 460 14.10 -67.75 34.72
C THR EA 460 13.69 -66.38 34.19
N GLU EA 461 14.53 -65.38 34.34
CA GLU EA 461 14.18 -64.03 33.92
C GLU EA 461 14.15 -63.92 32.41
N THR EA 462 13.23 -63.10 31.90
CA THR EA 462 12.98 -62.98 30.47
C THR EA 462 13.89 -61.98 29.78
N THR EA 463 14.75 -61.28 30.51
CA THR EA 463 15.51 -60.18 29.95
C THR EA 463 17.00 -60.34 30.27
N SER EA 464 17.82 -59.67 29.47
CA SER EA 464 19.26 -59.69 29.63
C SER EA 464 19.84 -58.39 29.10
N ALA EA 465 21.10 -58.12 29.45
CA ALA EA 465 21.76 -56.90 29.01
C ALA EA 465 21.92 -56.87 27.49
N GLY EA 466 21.85 -55.66 26.93
CA GLY EA 466 21.91 -55.48 25.50
C GLY EA 466 23.31 -55.37 24.94
N ASP EA 467 24.19 -54.68 25.66
CA ASP EA 467 25.62 -54.61 25.33
C ASP EA 467 25.85 -54.00 23.95
N LYS EA 468 25.52 -52.72 23.82
CA LYS EA 468 25.97 -51.88 22.71
C LYS EA 468 25.51 -52.46 21.36
N THR EA 469 24.19 -52.38 21.13
CA THR EA 469 23.58 -52.88 19.90
C THR EA 469 24.48 -52.62 18.69
N THR EA 470 24.75 -53.69 17.94
CA THR EA 470 25.88 -53.76 17.02
C THR EA 470 25.89 -52.65 15.98
N ASP EA 471 24.92 -52.65 15.06
CA ASP EA 471 24.86 -51.67 13.98
C ASP EA 471 23.55 -50.90 14.13
N PRO EA 472 23.58 -49.77 14.84
CA PRO EA 472 22.35 -49.03 15.11
C PRO EA 472 21.69 -48.51 13.84
N LEU EA 473 22.46 -47.89 12.97
CA LEU EA 473 21.88 -47.23 11.80
C LEU EA 473 21.30 -48.24 10.82
N LYS EA 474 21.88 -49.44 10.71
CA LYS EA 474 21.29 -50.47 9.87
C LYS EA 474 19.94 -50.93 10.42
N THR EA 475 19.84 -51.11 11.73
CA THR EA 475 18.55 -51.45 12.33
C THR EA 475 17.54 -50.34 12.08
N LEU EA 476 17.97 -49.09 12.23
CA LEU EA 476 17.08 -47.96 11.98
C LEU EA 476 16.64 -47.92 10.53
N ASP EA 477 17.54 -48.24 9.60
CA ASP EA 477 17.19 -48.25 8.19
C ASP EA 477 16.22 -49.38 7.86
N ALA EA 478 16.38 -50.54 8.52
CA ALA EA 478 15.41 -51.60 8.35
C ALA EA 478 14.04 -51.17 8.85
N ALA EA 479 14.00 -50.50 10.00
CA ALA EA 479 12.75 -49.96 10.51
C ALA EA 479 12.16 -48.95 9.53
N PHE EA 480 13.00 -48.09 8.97
CA PHE EA 480 12.56 -47.11 7.99
C PHE EA 480 11.95 -47.81 6.77
N THR EA 481 12.60 -48.86 6.28
CA THR EA 481 12.08 -49.58 5.13
C THR EA 481 10.72 -50.19 5.43
N LYS EA 482 10.57 -50.83 6.59
CA LYS EA 482 9.29 -51.43 6.93
C LYS EA 482 8.20 -50.37 7.05
N LEU EA 483 8.49 -49.29 7.78
CA LEU EA 483 7.49 -48.25 7.99
C LEU EA 483 7.11 -47.57 6.68
N ASP EA 484 8.10 -47.29 5.83
CA ASP EA 484 7.81 -46.65 4.54
C ASP EA 484 7.05 -47.59 3.62
N LYS EA 485 7.35 -48.89 3.68
CA LYS EA 485 6.58 -49.85 2.90
C LYS EA 485 5.10 -49.82 3.31
N LEU EA 486 4.84 -49.87 4.61
CA LEU EA 486 3.45 -49.87 5.04
C LEU EA 486 2.77 -48.53 4.72
N THR EA 487 3.49 -47.43 4.89
CA THR EA 487 2.93 -46.11 4.59
C THR EA 487 2.62 -45.98 3.11
N GLY EA 488 3.51 -46.45 2.24
CA GLY EA 488 3.23 -46.42 0.81
C GLY EA 488 2.05 -47.30 0.44
N GLU EA 489 1.93 -48.46 1.09
CA GLU EA 489 0.74 -49.28 0.87
C GLU EA 489 -0.52 -48.53 1.26
N LEU EA 490 -0.49 -47.82 2.39
CA LEU EA 490 -1.67 -47.06 2.81
C LEU EA 490 -1.98 -45.93 1.83
N GLY EA 491 -0.96 -45.25 1.33
CA GLY EA 491 -1.19 -44.22 0.34
C GLY EA 491 -1.79 -44.78 -0.95
N ALA EA 492 -1.28 -45.93 -1.39
CA ALA EA 492 -1.86 -46.58 -2.56
C ALA EA 492 -3.32 -46.94 -2.32
N VAL EA 493 -3.63 -47.42 -1.12
CA VAL EA 493 -5.01 -47.74 -0.80
C VAL EA 493 -5.87 -46.49 -0.78
N GLN EA 494 -5.33 -45.37 -0.28
CA GLN EA 494 -6.11 -44.12 -0.30
C GLN EA 494 -6.42 -43.70 -1.73
N ASN EA 495 -5.43 -43.81 -2.63
CA ASN EA 495 -5.67 -43.51 -4.03
C ASN EA 495 -6.73 -44.44 -4.62
N ARG EA 496 -6.63 -45.73 -4.34
CA ARG EA 496 -7.60 -46.69 -4.85
C ARG EA 496 -8.99 -46.35 -4.36
N LEU EA 497 -9.13 -46.03 -3.08
CA LEU EA 497 -10.45 -45.75 -2.52
C LEU EA 497 -11.04 -44.44 -3.04
N GLU EA 498 -10.22 -43.40 -3.24
CA GLU EA 498 -10.79 -42.20 -3.83
C GLU EA 498 -11.21 -42.44 -5.28
N SER EA 499 -10.45 -43.26 -6.01
CA SER EA 499 -10.88 -43.63 -7.36
C SER EA 499 -12.17 -44.44 -7.33
N THR EA 500 -12.30 -45.33 -6.34
CA THR EA 500 -13.55 -46.08 -6.21
C THR EA 500 -14.71 -45.16 -5.88
N ILE EA 501 -14.47 -44.13 -5.06
CA ILE EA 501 -15.51 -43.16 -4.77
C ILE EA 501 -15.97 -42.47 -6.06
N ALA EA 502 -15.02 -42.04 -6.89
CA ALA EA 502 -15.40 -41.39 -8.14
C ALA EA 502 -16.17 -42.35 -9.04
N ASN EA 503 -15.70 -43.58 -9.18
CA ASN EA 503 -16.37 -44.56 -10.04
C ASN EA 503 -17.76 -44.88 -9.51
N LEU EA 504 -17.88 -45.09 -8.20
CA LEU EA 504 -19.16 -45.40 -7.60
C LEU EA 504 -20.15 -44.26 -7.79
N ASN EA 505 -19.69 -43.01 -7.62
CA ASN EA 505 -20.58 -41.89 -7.85
C ASN EA 505 -21.04 -41.84 -9.30
N ASN EA 506 -20.13 -42.09 -10.24
CA ASN EA 506 -20.51 -42.12 -11.65
C ASN EA 506 -21.59 -43.18 -11.88
N VAL EA 507 -21.39 -44.38 -11.34
CA VAL EA 507 -22.35 -45.45 -11.56
C VAL EA 507 -23.68 -45.12 -10.86
N VAL EA 508 -23.63 -44.46 -9.71
CA VAL EA 508 -24.87 -44.05 -9.03
C VAL EA 508 -25.66 -43.10 -9.90
N ASN EA 509 -25.00 -42.09 -10.45
CA ASN EA 509 -25.73 -41.14 -11.30
C ASN EA 509 -26.28 -41.84 -12.54
N ASN EA 510 -25.48 -42.70 -13.16
CA ASN EA 510 -25.92 -43.39 -14.37
C ASN EA 510 -27.11 -44.30 -14.08
N LEU EA 511 -27.07 -45.02 -12.95
CA LEU EA 511 -28.18 -45.91 -12.61
C LEU EA 511 -29.42 -45.12 -12.21
N SER EA 512 -29.25 -43.97 -11.56
CA SER EA 512 -30.39 -43.11 -11.28
C SER EA 512 -31.04 -42.65 -12.59
N SER EA 513 -30.22 -42.24 -13.55
CA SER EA 513 -30.76 -41.87 -14.85
C SER EA 513 -31.46 -43.04 -15.53
N ALA EA 514 -30.86 -44.23 -15.46
CA ALA EA 514 -31.47 -45.41 -16.06
C ALA EA 514 -32.82 -45.71 -15.43
N ARG EA 515 -32.93 -45.56 -14.11
CA ARG EA 515 -34.20 -45.70 -13.44
C ARG EA 515 -35.20 -44.65 -13.92
N SER EA 516 -34.72 -43.43 -14.15
CA SER EA 516 -35.60 -42.37 -14.66
C SER EA 516 -36.15 -42.73 -16.04
N ARG EA 517 -35.32 -43.24 -16.93
CA ARG EA 517 -35.80 -43.59 -18.27
C ARG EA 517 -36.89 -44.65 -18.24
N ILE EA 518 -37.01 -45.42 -17.16
CA ILE EA 518 -37.98 -46.50 -17.09
C ILE EA 518 -39.08 -46.20 -16.07
N GLN EA 519 -38.72 -45.78 -14.86
CA GLN EA 519 -39.69 -45.81 -13.76
C GLN EA 519 -40.60 -44.58 -13.75
N ASP EA 520 -40.01 -43.40 -13.51
CA ASP EA 520 -40.82 -42.22 -13.26
C ASP EA 520 -41.39 -41.65 -14.56
N ALA EA 521 -42.38 -40.77 -14.42
CA ALA EA 521 -43.26 -40.38 -15.51
C ALA EA 521 -42.89 -39.03 -16.11
N ASP EA 522 -43.17 -38.89 -17.40
CA ASP EA 522 -42.93 -37.63 -18.12
C ASP EA 522 -44.15 -36.74 -17.96
N TYR EA 523 -43.98 -35.64 -17.24
CA TYR EA 523 -45.12 -34.77 -16.95
C TYR EA 523 -45.71 -34.14 -18.20
N ALA EA 524 -44.90 -33.92 -19.23
CA ALA EA 524 -45.41 -33.34 -20.47
C ALA EA 524 -46.49 -34.22 -21.07
N THR EA 525 -46.28 -35.54 -21.05
CA THR EA 525 -47.31 -36.46 -21.53
C THR EA 525 -48.45 -36.57 -20.53
N GLU EA 526 -48.14 -36.57 -19.23
CA GLU EA 526 -49.14 -36.86 -18.21
C GLU EA 526 -50.18 -35.74 -18.12
N VAL EA 527 -49.73 -34.48 -18.15
CA VAL EA 527 -50.66 -33.36 -18.07
C VAL EA 527 -51.58 -33.34 -19.28
N SER EA 528 -51.02 -33.58 -20.46
CA SER EA 528 -51.83 -33.65 -21.67
C SER EA 528 -52.85 -34.79 -21.59
N ASN EA 529 -52.41 -35.94 -21.06
CA ASN EA 529 -53.33 -37.07 -20.91
C ASN EA 529 -54.46 -36.72 -19.95
N MET EA 530 -54.14 -36.05 -18.84
CA MET EA 530 -55.16 -35.65 -17.90
C MET EA 530 -56.15 -34.69 -18.53
N SER EA 531 -55.65 -33.72 -19.31
CA SER EA 531 -56.55 -32.78 -19.96
C SER EA 531 -57.47 -33.48 -20.96
N LYS EA 532 -56.92 -34.38 -21.77
CA LYS EA 532 -57.74 -35.11 -22.72
C LYS EA 532 -58.78 -35.96 -22.00
N ALA EA 533 -58.39 -36.60 -20.91
CA ALA EA 533 -59.34 -37.41 -20.14
C ALA EA 533 -60.45 -36.54 -19.57
N GLN EA 534 -60.12 -35.35 -19.07
CA GLN EA 534 -61.14 -34.46 -18.54
C GLN EA 534 -62.12 -34.04 -19.62
N ILE EA 535 -61.60 -33.66 -20.80
CA ILE EA 535 -62.48 -33.27 -21.89
C ILE EA 535 -63.37 -34.43 -22.29
N LEU EA 536 -62.80 -35.62 -22.39
CA LEU EA 536 -63.59 -36.80 -22.76
C LEU EA 536 -64.67 -37.08 -21.74
N GLN EA 537 -64.35 -36.95 -20.45
CA GLN EA 537 -65.33 -37.25 -19.41
C GLN EA 537 -66.48 -36.25 -19.44
N GLN EA 538 -66.17 -34.96 -19.59
CA GLN EA 538 -67.24 -33.97 -19.63
C GLN EA 538 -68.12 -34.14 -20.87
N ALA EA 539 -67.50 -34.42 -22.02
CA ALA EA 539 -68.28 -34.71 -23.21
C ALA EA 539 -69.15 -35.93 -23.02
N GLY EA 540 -68.61 -36.96 -22.37
CA GLY EA 540 -69.38 -38.16 -22.11
C GLY EA 540 -70.56 -37.90 -21.21
N THR EA 541 -70.37 -37.08 -20.17
CA THR EA 541 -71.47 -36.74 -19.29
C THR EA 541 -72.58 -36.01 -20.04
N SER EA 542 -72.21 -35.03 -20.86
CA SER EA 542 -73.22 -34.28 -21.60
C SER EA 542 -73.95 -35.18 -22.59
N VAL EA 543 -73.21 -35.99 -23.34
CA VAL EA 543 -73.85 -36.85 -24.33
C VAL EA 543 -74.69 -37.92 -23.65
N LEU EA 544 -74.30 -38.35 -22.45
CA LEU EA 544 -75.16 -39.26 -21.69
C LEU EA 544 -76.45 -38.59 -21.26
N ALA EA 545 -76.38 -37.32 -20.86
CA ALA EA 545 -77.60 -36.61 -20.53
C ALA EA 545 -78.53 -36.54 -21.74
N GLN EA 546 -77.99 -36.21 -22.90
CA GLN EA 546 -78.84 -36.20 -24.09
C GLN EA 546 -79.30 -37.61 -24.48
N ALA EA 547 -78.50 -38.64 -24.20
CA ALA EA 547 -78.93 -40.01 -24.49
C ALA EA 547 -80.12 -40.39 -23.63
N ASN EA 548 -80.09 -40.04 -22.35
CA ASN EA 548 -81.25 -40.26 -21.49
C ASN EA 548 -82.42 -39.38 -21.89
N GLN EA 549 -82.16 -38.25 -22.55
CA GLN EA 549 -83.25 -37.45 -23.11
C GLN EA 549 -83.82 -38.01 -24.41
N VAL EA 550 -83.09 -38.88 -25.09
CA VAL EA 550 -83.60 -39.48 -26.34
C VAL EA 550 -84.96 -40.15 -26.16
N PRO EA 551 -85.17 -41.02 -25.16
CA PRO EA 551 -86.49 -41.65 -25.03
C PRO EA 551 -87.59 -40.69 -24.60
N GLN EA 552 -87.25 -39.48 -24.17
CA GLN EA 552 -88.28 -38.50 -23.84
C GLN EA 552 -89.15 -38.19 -25.04
N THR EA 553 -88.57 -38.21 -26.24
CA THR EA 553 -89.36 -37.95 -27.45
C THR EA 553 -90.46 -38.98 -27.61
N VAL EA 554 -90.24 -40.21 -27.13
CA VAL EA 554 -91.31 -41.21 -27.17
C VAL EA 554 -92.49 -40.74 -26.33
N LEU EA 555 -92.22 -40.07 -25.23
CA LEU EA 555 -93.28 -39.53 -24.37
C LEU EA 555 -93.80 -38.20 -24.92
N SER EA 556 -94.13 -38.21 -26.21
CA SER EA 556 -94.76 -37.06 -26.84
C SER EA 556 -96.12 -37.42 -27.45
N LEU EA 557 -96.18 -38.51 -28.20
CA LEU EA 557 -97.45 -38.97 -28.75
C LEU EA 557 -98.20 -39.76 -27.69
N LEU EA 558 -99.46 -39.39 -27.47
CA LEU EA 558 -100.26 -40.02 -26.42
C LEU EA 558 -101.74 -39.93 -26.76
N ALA FA 2 -80.22 -28.92 9.49
CA ALA FA 2 -81.19 -29.31 8.48
C ALA FA 2 -81.30 -28.23 7.40
N ALA FA 3 -82.51 -28.02 6.87
CA ALA FA 3 -82.72 -27.10 5.75
C ALA FA 3 -83.16 -25.73 6.23
N VAL FA 4 -82.70 -25.30 7.39
CA VAL FA 4 -83.05 -23.99 7.93
C VAL FA 4 -82.11 -22.95 7.34
N ILE FA 5 -82.64 -21.75 7.11
CA ILE FA 5 -81.83 -20.66 6.58
C ILE FA 5 -81.83 -19.43 7.48
N ASN FA 6 -82.80 -19.26 8.37
CA ASN FA 6 -82.86 -18.04 9.17
C ASN FA 6 -81.69 -17.96 10.14
N THR FA 7 -81.10 -19.10 10.50
CA THR FA 7 -79.85 -19.12 11.25
C THR FA 7 -78.91 -20.08 10.56
N ASN FA 8 -77.64 -19.69 10.47
CA ASN FA 8 -76.61 -20.53 9.84
C ASN FA 8 -75.54 -20.79 10.90
N TYR FA 9 -75.69 -21.90 11.62
CA TYR FA 9 -74.77 -22.22 12.71
C TYR FA 9 -73.34 -22.37 12.20
N LEU FA 10 -73.17 -22.95 11.02
CA LEU FA 10 -71.83 -23.11 10.46
C LEU FA 10 -71.15 -21.77 10.26
N SER FA 11 -71.90 -20.78 9.78
CA SER FA 11 -71.33 -19.45 9.62
C SER FA 11 -70.89 -18.88 10.96
N LEU FA 12 -71.69 -19.08 12.01
CA LEU FA 12 -71.32 -18.58 13.32
C LEU FA 12 -70.05 -19.24 13.84
N VAL FA 13 -69.93 -20.56 13.65
CA VAL FA 13 -68.71 -21.26 14.08
C VAL FA 13 -67.51 -20.73 13.33
N ALA FA 14 -67.65 -20.57 12.00
CA ALA FA 14 -66.54 -20.06 11.21
C ALA FA 14 -66.15 -18.65 11.63
N GLN FA 15 -67.15 -17.80 11.91
CA GLN FA 15 -66.87 -16.44 12.35
C GLN FA 15 -66.12 -16.43 13.67
N ASN FA 16 -66.55 -17.27 14.63
CA ASN FA 16 -65.88 -17.32 15.91
C ASN FA 16 -64.43 -17.78 15.76
N ASN FA 17 -64.21 -18.83 14.97
CA ASN FA 17 -62.85 -19.31 14.78
C ASN FA 17 -62.00 -18.29 14.05
N LEU FA 18 -62.58 -17.57 13.09
CA LEU FA 18 -61.86 -16.52 12.39
C LEU FA 18 -61.49 -15.39 13.35
N ASN FA 19 -62.38 -15.07 14.29
CA ASN FA 19 -62.07 -14.06 15.28
C ASN FA 19 -60.92 -14.48 16.17
N LYS FA 20 -60.90 -15.76 16.58
CA LYS FA 20 -59.76 -16.26 17.35
C LYS FA 20 -58.47 -16.16 16.55
N SER FA 21 -58.53 -16.54 15.27
CA SER FA 21 -57.35 -16.46 14.42
C SER FA 21 -56.87 -15.02 14.30
N GLN FA 22 -57.80 -14.08 14.14
CA GLN FA 22 -57.43 -12.68 14.00
C GLN FA 22 -56.85 -12.13 15.29
N SER FA 23 -57.35 -12.57 16.44
CA SER FA 23 -56.75 -12.17 17.71
C SER FA 23 -55.32 -12.67 17.82
N SER FA 24 -55.07 -13.92 17.43
CA SER FA 24 -53.71 -14.43 17.43
C SER FA 24 -52.83 -13.64 16.47
N LEU FA 25 -53.35 -13.32 15.29
CA LEU FA 25 -52.60 -12.53 14.32
C LEU FA 25 -52.29 -11.15 14.87
N GLY FA 26 -53.24 -10.53 15.56
CA GLY FA 26 -52.99 -9.22 16.14
C GLY FA 26 -51.91 -9.25 17.20
N THR FA 27 -51.95 -10.26 18.08
CA THR FA 27 -50.89 -10.39 19.07
C THR FA 27 -49.53 -10.59 18.41
N ALA FA 28 -49.48 -11.44 17.37
CA ALA FA 28 -48.22 -11.66 16.67
C ALA FA 28 -47.72 -10.39 15.99
N ILE FA 29 -48.63 -9.63 15.37
CA ILE FA 29 -48.26 -8.41 14.68
C ILE FA 29 -47.73 -7.38 15.67
N GLU FA 30 -48.40 -7.23 16.81
CA GLU FA 30 -47.94 -6.28 17.81
C GLU FA 30 -46.57 -6.68 18.36
N ARG FA 31 -46.38 -7.98 18.64
CA ARG FA 31 -45.08 -8.41 19.14
C ARG FA 31 -43.98 -8.24 18.11
N LEU FA 32 -44.29 -8.44 16.83
CA LEU FA 32 -43.29 -8.23 15.79
C LEU FA 32 -42.93 -6.75 15.65
N SER FA 33 -43.94 -5.89 15.58
CA SER FA 33 -43.68 -4.47 15.37
C SER FA 33 -42.95 -3.85 16.55
N SER FA 34 -43.44 -4.09 17.77
CA SER FA 34 -42.78 -3.53 18.94
C SER FA 34 -41.48 -4.27 19.26
N GLY FA 35 -41.43 -5.57 18.98
CA GLY FA 35 -40.30 -6.40 19.34
C GLY FA 35 -40.34 -6.97 20.73
N LEU FA 36 -41.31 -6.58 21.55
CA LEU FA 36 -41.38 -6.96 22.95
C LEU FA 36 -42.45 -8.04 23.12
N ARG FA 37 -42.04 -9.19 23.63
CA ARG FA 37 -43.02 -10.23 23.95
C ARG FA 37 -43.96 -9.76 25.06
N ILE FA 38 -43.43 -9.06 26.05
CA ILE FA 38 -44.23 -8.56 27.16
C ILE FA 38 -44.61 -7.13 26.81
N ASN FA 39 -45.73 -6.99 26.09
CA ASN FA 39 -46.36 -5.71 25.83
C ASN FA 39 -47.84 -5.86 26.12
N SER FA 40 -48.47 -4.75 26.52
CA SER FA 40 -49.89 -4.78 26.88
C SER FA 40 -50.12 -5.77 28.03
N ALA FA 41 -49.70 -5.33 29.22
CA ALA FA 41 -49.44 -6.16 30.41
C ALA FA 41 -50.47 -7.26 30.63
N LYS FA 42 -51.66 -7.14 30.06
CA LYS FA 42 -52.56 -8.28 29.95
C LYS FA 42 -51.86 -9.53 29.44
N ASP FA 43 -50.74 -9.37 28.73
CA ASP FA 43 -49.87 -10.49 28.38
C ASP FA 43 -48.71 -10.51 29.37
N ASP FA 44 -48.62 -11.60 30.15
CA ASP FA 44 -47.54 -11.81 31.12
C ASP FA 44 -47.50 -10.67 32.14
N ALA FA 45 -48.56 -10.60 32.94
CA ALA FA 45 -48.70 -9.50 33.90
C ALA FA 45 -47.51 -9.41 34.84
N ALA FA 46 -47.12 -10.51 35.47
CA ALA FA 46 -45.91 -10.50 36.29
C ALA FA 46 -44.67 -10.30 35.44
N GLY FA 47 -44.74 -10.68 34.17
CA GLY FA 47 -43.61 -10.46 33.29
C GLY FA 47 -43.27 -9.00 33.12
N MET FA 48 -44.28 -8.13 33.00
CA MET FA 48 -43.97 -6.71 32.88
C MET FA 48 -43.51 -6.12 34.20
N ALA FA 49 -43.97 -6.66 35.33
CA ALA FA 49 -43.41 -6.22 36.60
C ALA FA 49 -41.92 -6.54 36.68
N ILE FA 50 -41.56 -7.76 36.29
CA ILE FA 50 -40.15 -8.16 36.25
C ILE FA 50 -39.37 -7.27 35.29
N ALA FA 51 -39.94 -7.03 34.11
CA ALA FA 51 -39.26 -6.21 33.12
C ALA FA 51 -39.08 -4.78 33.61
N ASN FA 52 -40.09 -4.22 34.26
CA ASN FA 52 -39.97 -2.88 34.81
C ASN FA 52 -38.88 -2.80 35.86
N ARG FA 53 -38.84 -3.78 36.76
CA ARG FA 53 -37.80 -3.78 37.78
C ARG FA 53 -36.42 -3.87 37.14
N PHE FA 54 -36.27 -4.73 36.13
CA PHE FA 54 -34.98 -4.88 35.48
C PHE FA 54 -34.58 -3.63 34.71
N THR FA 55 -35.54 -2.99 34.02
CA THR FA 55 -35.22 -1.74 33.33
C THR FA 55 -34.75 -0.68 34.30
N ALA FA 56 -35.51 -0.47 35.38
CA ALA FA 56 -35.10 0.50 36.38
C ALA FA 56 -33.71 0.19 36.90
N ASN FA 57 -33.46 -1.06 37.26
CA ASN FA 57 -32.16 -1.41 37.83
C ASN FA 57 -31.04 -1.19 36.82
N VAL FA 58 -31.20 -1.68 35.59
CA VAL FA 58 -30.09 -1.64 34.62
C VAL FA 58 -29.78 -0.20 34.23
N ARG FA 59 -30.80 0.61 33.96
CA ARG FA 59 -30.49 1.97 33.53
C ARG FA 59 -30.10 2.87 34.71
N GLY FA 60 -30.63 2.63 35.92
CA GLY FA 60 -30.11 3.32 37.08
C GLY FA 60 -28.66 2.97 37.34
N LEU FA 61 -28.27 1.72 37.04
CA LEU FA 61 -26.87 1.34 37.17
C LEU FA 61 -26.01 2.00 36.12
N THR FA 62 -26.54 2.20 34.91
CA THR FA 62 -25.79 2.99 33.93
C THR FA 62 -25.55 4.41 34.42
N GLN FA 63 -26.60 5.03 34.99
CA GLN FA 63 -26.43 6.37 35.57
C GLN FA 63 -25.44 6.36 36.72
N ALA FA 64 -25.47 5.30 37.54
CA ALA FA 64 -24.51 5.16 38.63
C ALA FA 64 -23.09 5.01 38.11
N ALA FA 65 -22.92 4.30 37.00
CA ALA FA 65 -21.62 4.21 36.36
C ALA FA 65 -21.15 5.59 35.90
N ARG FA 66 -22.07 6.40 35.38
CA ARG FA 66 -21.72 7.77 35.02
C ARG FA 66 -21.26 8.56 36.26
N ASN FA 67 -21.98 8.41 37.37
CA ASN FA 67 -21.60 9.10 38.61
C ASN FA 67 -20.22 8.67 39.07
N ALA FA 68 -19.96 7.36 39.08
CA ALA FA 68 -18.66 6.87 39.49
C ALA FA 68 -17.56 7.39 38.56
N ASN FA 69 -17.83 7.41 37.26
CA ASN FA 69 -16.84 7.86 36.30
C ASN FA 69 -16.52 9.34 36.50
N ASP FA 70 -17.52 10.13 36.90
CA ASP FA 70 -17.23 11.50 37.34
C ASP FA 70 -16.37 11.49 38.60
N GLY FA 71 -16.57 10.50 39.47
CA GLY FA 71 -15.73 10.38 40.64
C GLY FA 71 -14.26 10.16 40.30
N ILE FA 72 -13.99 9.32 39.30
CA ILE FA 72 -12.61 9.13 38.86
C ILE FA 72 -12.03 10.46 38.39
N SER FA 73 -12.79 11.24 37.63
CA SER FA 73 -12.28 12.51 37.13
C SER FA 73 -11.98 13.47 38.28
N LEU FA 74 -12.86 13.52 39.28
CA LEU FA 74 -12.62 14.36 40.45
C LEU FA 74 -11.33 13.96 41.15
N ALA FA 75 -11.16 12.66 41.40
CA ALA FA 75 -9.95 12.20 42.05
C ALA FA 75 -8.72 12.48 41.21
N GLN FA 76 -8.85 12.38 39.88
CA GLN FA 76 -7.72 12.67 39.00
C GLN FA 76 -7.29 14.11 39.10
N THR FA 77 -8.25 15.04 39.08
CA THR FA 77 -7.91 16.46 39.18
C THR FA 77 -7.23 16.75 40.51
N THR FA 78 -7.80 16.23 41.60
CA THR FA 78 -7.21 16.48 42.91
C THR FA 78 -5.81 15.87 43.01
N GLU FA 79 -5.62 14.68 42.42
CA GLU FA 79 -4.32 14.03 42.44
C GLU FA 79 -3.29 14.83 41.65
N GLY FA 80 -3.69 15.40 40.52
CA GLY FA 80 -2.77 16.24 39.76
C GLY FA 80 -2.34 17.48 40.53
N ALA FA 81 -3.31 18.14 41.16
CA ALA FA 81 -2.96 19.29 42.00
C ALA FA 81 -2.02 18.89 43.13
N ALA FA 82 -2.30 17.74 43.77
CA ALA FA 82 -1.42 17.25 44.82
C ALA FA 82 -0.03 16.94 44.30
N SER FA 83 0.08 16.43 43.08
CA SER FA 83 1.39 16.17 42.49
C SER FA 83 2.17 17.47 42.29
N GLU FA 84 1.48 18.53 41.85
CA GLU FA 84 2.16 19.81 41.74
C GLU FA 84 2.63 20.32 43.10
N VAL FA 85 1.79 20.16 44.13
CA VAL FA 85 2.23 20.51 45.49
C VAL FA 85 3.45 19.68 45.87
N ASN FA 86 3.48 18.43 45.46
CA ASN FA 86 4.61 17.55 45.76
C ASN FA 86 5.89 18.10 45.13
N THR FA 87 5.82 18.54 43.88
CA THR FA 87 6.99 19.13 43.23
C THR FA 87 7.43 20.39 43.97
N HIS FA 88 6.47 21.21 44.41
CA HIS FA 88 6.83 22.40 45.18
C HIS FA 88 7.56 22.03 46.46
N LEU FA 89 7.08 21.03 47.18
CA LEU FA 89 7.77 20.60 48.40
C LEU FA 89 9.16 20.06 48.10
N GLN FA 90 9.31 19.35 46.99
CA GLN FA 90 10.65 18.85 46.62
C GLN FA 90 11.62 20.00 46.40
N ARG FA 91 11.19 21.02 45.65
CA ARG FA 91 12.07 22.16 45.44
C ARG FA 91 12.36 22.90 46.74
N ILE FA 92 11.34 23.04 47.60
CA ILE FA 92 11.55 23.70 48.88
C ILE FA 92 12.57 22.94 49.71
N ARG FA 93 12.50 21.61 49.71
CA ARG FA 93 13.46 20.82 50.46
C ARG FA 93 14.87 20.97 49.90
N GLU FA 94 15.00 20.94 48.57
CA GLU FA 94 16.31 21.13 47.96
C GLU FA 94 16.93 22.45 48.40
N LEU FA 95 16.20 23.55 48.22
CA LEU FA 95 16.79 24.85 48.50
C LEU FA 95 16.86 25.12 50.00
N THR FA 96 16.07 24.40 50.81
CA THR FA 96 16.23 24.50 52.26
C THR FA 96 17.51 23.83 52.71
N VAL FA 97 17.83 22.66 52.15
CA VAL FA 97 19.12 22.04 52.41
C VAL FA 97 20.24 22.97 51.95
N GLN FA 98 20.03 23.65 50.83
CA GLN FA 98 21.02 24.62 50.37
C GLN FA 98 21.19 25.76 51.37
N ALA FA 99 20.07 26.32 51.86
CA ALA FA 99 20.13 27.52 52.68
C ALA FA 99 20.62 27.23 54.09
N SER FA 100 20.40 26.01 54.59
CA SER FA 100 20.81 25.68 55.94
C SER FA 100 22.32 25.66 56.10
N ASN FA 101 23.07 25.69 55.00
CA ASN FA 101 24.51 25.84 55.09
C ASN FA 101 24.85 27.20 55.66
N GLY FA 102 25.91 27.24 56.47
CA GLY FA 102 26.33 28.50 57.08
C GLY FA 102 27.22 29.37 56.23
N SER FA 103 27.71 28.86 55.09
CA SER FA 103 28.61 29.64 54.26
C SER FA 103 27.88 30.78 53.56
N TYR FA 104 26.56 30.69 53.41
CA TYR FA 104 25.81 31.71 52.71
C TYR FA 104 25.62 32.93 53.59
N SER FA 105 25.92 34.10 53.05
CA SER FA 105 25.67 35.34 53.79
C SER FA 105 24.17 35.60 53.87
N GLN FA 106 23.83 36.68 54.58
CA GLN FA 106 22.43 36.93 54.92
C GLN FA 106 21.58 37.20 53.68
N GLU FA 107 22.12 37.93 52.71
CA GLU FA 107 21.32 38.34 51.56
C GLU FA 107 20.97 37.16 50.66
N GLN FA 108 21.88 36.20 50.51
CA GLN FA 108 21.53 35.01 49.76
C GLN FA 108 20.43 34.22 50.46
N LEU FA 109 20.46 34.17 51.79
CA LEU FA 109 19.35 33.59 52.52
C LEU FA 109 18.07 34.37 52.30
N ASP FA 110 18.17 35.69 52.14
CA ASP FA 110 16.99 36.49 51.83
C ASP FA 110 16.40 36.10 50.48
N SER FA 111 17.27 35.91 49.48
CA SER FA 111 16.78 35.48 48.17
C SER FA 111 16.16 34.09 48.24
N VAL FA 112 16.78 33.19 49.00
CA VAL FA 112 16.22 31.86 49.19
C VAL FA 112 14.84 31.95 49.83
N GLN FA 113 14.71 32.78 50.86
CA GLN FA 113 13.41 32.95 51.52
C GLN FA 113 12.39 33.58 50.59
N GLY FA 114 12.82 34.47 49.71
CA GLY FA 114 11.91 35.00 48.70
C GLY FA 114 11.37 33.90 47.81
N GLU FA 115 12.25 32.99 47.38
CA GLU FA 115 11.77 31.87 46.57
C GLU FA 115 10.88 30.93 47.38
N ILE FA 116 11.18 30.72 48.66
CA ILE FA 116 10.32 29.90 49.52
C ILE FA 116 8.94 30.53 49.61
N ASN FA 117 8.89 31.84 49.80
CA ASN FA 117 7.62 32.54 49.88
C ASN FA 117 6.84 32.42 48.58
N GLN FA 118 7.53 32.52 47.45
CA GLN FA 118 6.86 32.34 46.17
C GLN FA 118 6.26 30.94 46.05
N ARG FA 119 7.04 29.91 46.42
CA ARG FA 119 6.52 28.55 46.35
C ARG FA 119 5.34 28.34 47.30
N LEU FA 120 5.43 28.88 48.51
CA LEU FA 120 4.34 28.73 49.46
C LEU FA 120 3.08 29.45 48.99
N ALA FA 121 3.26 30.64 48.40
CA ALA FA 121 2.12 31.35 47.85
C ALA FA 121 1.48 30.56 46.72
N ASP FA 122 2.31 29.91 45.90
CA ASP FA 122 1.74 29.08 44.84
C ASP FA 122 1.00 27.88 45.41
N ILE FA 123 1.53 27.28 46.48
CA ILE FA 123 0.82 26.19 47.13
C ILE FA 123 -0.55 26.64 47.61
N ASP FA 124 -0.59 27.81 48.25
CA ASP FA 124 -1.87 28.35 48.70
C ASP FA 124 -2.78 28.67 47.52
N ARG FA 125 -2.22 29.15 46.41
CA ARG FA 125 -3.02 29.41 45.21
C ARG FA 125 -3.64 28.12 44.68
N ILE FA 126 -2.84 27.06 44.62
CA ILE FA 126 -3.35 25.76 44.20
C ILE FA 126 -4.46 25.31 45.14
N SER FA 127 -4.27 25.56 46.44
CA SER FA 127 -5.29 25.19 47.42
C SER FA 127 -6.60 25.91 47.14
N GLU FA 128 -6.54 27.22 46.90
CA GLU FA 128 -7.75 28.02 46.80
C GLU FA 128 -8.32 28.10 45.39
N GLN FA 129 -7.63 27.56 44.39
CA GLN FA 129 -8.06 27.72 43.01
C GLN FA 129 -8.26 26.43 42.25
N THR FA 130 -7.85 25.28 42.79
CA THR FA 130 -8.12 24.01 42.13
C THR FA 130 -9.62 23.76 42.16
N ASP FA 131 -10.27 23.89 41.02
CA ASP FA 131 -11.72 23.84 40.93
C ASP FA 131 -12.15 22.63 40.10
N PHE FA 132 -13.33 22.10 40.45
CA PHE FA 132 -13.96 21.03 39.69
C PHE FA 132 -15.45 21.19 39.86
N ASN FA 133 -16.15 21.53 38.78
CA ASN FA 133 -17.59 21.78 38.84
C ASN FA 133 -17.91 22.85 39.88
N GLY FA 134 -17.07 23.87 39.94
CA GLY FA 134 -17.25 24.93 40.91
C GLY FA 134 -17.14 24.47 42.35
N VAL FA 135 -16.25 23.52 42.62
CA VAL FA 135 -15.99 23.02 43.97
C VAL FA 135 -14.51 23.17 44.26
N LYS FA 136 -14.18 23.90 45.33
CA LYS FA 136 -12.80 24.08 45.73
C LYS FA 136 -12.30 22.79 46.37
N VAL FA 137 -12.00 21.80 45.53
CA VAL FA 137 -11.81 20.43 46.03
C VAL FA 137 -10.59 20.35 46.95
N LEU FA 138 -9.49 20.97 46.55
CA LEU FA 138 -8.26 20.92 47.35
C LEU FA 138 -8.12 22.17 48.20
N SER FA 139 -9.14 22.54 48.96
CA SER FA 139 -9.12 23.78 49.72
C SER FA 139 -9.39 23.49 51.18
N ASP FA 140 -9.44 24.56 51.98
CA ASP FA 140 -9.72 24.44 53.40
C ASP FA 140 -11.19 24.21 53.68
N SER FA 141 -12.07 24.42 52.72
CA SER FA 141 -13.50 24.15 52.86
C SER FA 141 -13.90 23.18 51.76
N ALA FA 142 -13.74 21.88 52.05
CA ALA FA 142 -14.09 20.84 51.07
C ALA FA 142 -14.50 19.60 51.86
N LYS FA 143 -15.80 19.45 52.07
CA LYS FA 143 -16.31 18.28 52.75
C LYS FA 143 -16.19 17.06 51.84
N PRO FA 144 -16.08 15.86 52.41
CA PRO FA 144 -15.97 14.66 51.57
C PRO FA 144 -17.21 14.47 50.71
N LEU FA 145 -17.02 13.92 49.52
CA LEU FA 145 -18.09 13.72 48.57
C LEU FA 145 -18.81 12.41 48.85
N THR FA 146 -19.86 12.15 48.08
CA THR FA 146 -20.68 10.95 48.24
C THR FA 146 -20.50 9.94 47.12
N LEU FA 147 -20.63 10.35 45.87
CA LEU FA 147 -20.48 9.48 44.71
C LEU FA 147 -21.42 8.28 44.79
N GLN FA 148 -22.72 8.57 44.76
CA GLN FA 148 -23.74 7.54 44.86
C GLN FA 148 -23.58 6.54 43.72
N VAL FA 149 -23.23 5.30 44.07
CA VAL FA 149 -23.01 4.23 43.10
C VAL FA 149 -24.03 3.13 43.37
N GLY FA 150 -24.76 2.75 42.34
CA GLY FA 150 -25.77 1.72 42.45
C GLY FA 150 -27.14 2.31 42.76
N ALA FA 151 -28.18 1.65 42.23
CA ALA FA 151 -29.54 2.04 42.56
C ALA FA 151 -29.85 1.63 44.00
N ASN FA 152 -31.08 1.92 44.44
CA ASN FA 152 -31.51 1.62 45.80
C ASN FA 152 -30.58 2.30 46.82
N ASP FA 153 -30.64 3.63 46.80
CA ASP FA 153 -29.68 4.46 47.51
C ASP FA 153 -29.56 4.04 48.98
N GLY FA 154 -28.40 4.34 49.56
CA GLY FA 154 -28.05 3.90 50.88
C GLY FA 154 -26.59 3.53 50.92
N GLU FA 155 -25.98 3.44 49.75
CA GLU FA 155 -24.56 3.13 49.60
C GLU FA 155 -23.89 4.23 48.80
N THR FA 156 -22.73 4.67 49.28
CA THR FA 156 -21.97 5.74 48.65
C THR FA 156 -20.50 5.38 48.70
N ILE FA 157 -19.66 6.30 48.22
CA ILE FA 157 -18.21 6.17 48.28
C ILE FA 157 -17.67 7.50 48.78
N THR FA 158 -17.39 7.58 50.08
CA THR FA 158 -16.88 8.82 50.65
C THR FA 158 -15.49 9.10 50.08
N LEU FA 159 -15.27 10.35 49.68
CA LEU FA 159 -13.99 10.72 49.07
C LEU FA 159 -12.94 11.06 50.12
N ASN FA 160 -13.31 11.85 51.13
CA ASN FA 160 -12.39 12.25 52.20
C ASN FA 160 -11.16 12.97 51.63
N LEU FA 161 -11.44 14.11 51.02
CA LEU FA 161 -10.39 14.97 50.45
C LEU FA 161 -10.58 16.38 51.01
N SER FA 162 -9.51 16.94 51.57
CA SER FA 162 -9.54 18.29 52.14
C SER FA 162 -8.16 18.64 52.69
N GLU FA 163 -7.98 19.94 52.93
CA GLU FA 163 -6.90 20.49 53.75
C GLU FA 163 -5.52 20.11 53.23
N ILE FA 164 -5.22 20.63 52.03
CA ILE FA 164 -3.85 20.79 51.55
C ILE FA 164 -3.65 22.26 51.20
N SER FA 165 -2.74 22.90 51.93
CA SER FA 165 -2.41 24.32 51.79
C SER FA 165 -1.31 24.61 52.80
N VAL FA 166 -0.78 25.84 52.74
CA VAL FA 166 -0.01 26.32 53.87
C VAL FA 166 -0.92 26.40 55.08
N LYS FA 167 -0.32 26.35 56.28
CA LYS FA 167 -1.03 26.38 57.55
C LYS FA 167 -1.77 25.08 57.82
N THR FA 168 -1.74 24.14 56.88
CA THR FA 168 -2.27 22.80 57.12
C THR FA 168 -1.32 21.68 56.73
N LEU FA 169 -0.35 21.93 55.85
CA LEU FA 169 0.81 21.04 55.77
C LEU FA 169 1.74 21.20 56.95
N GLY FA 170 1.50 22.20 57.80
CA GLY FA 170 2.26 22.38 59.02
C GLY FA 170 3.32 23.44 58.95
N LEU FA 171 3.73 23.86 57.75
CA LEU FA 171 4.79 24.86 57.65
C LEU FA 171 4.34 26.18 58.26
N ASP FA 172 3.44 26.88 57.58
CA ASP FA 172 2.67 28.01 58.10
C ASP FA 172 3.56 29.20 58.49
N GLY FA 173 4.86 28.97 58.60
CA GLY FA 173 5.79 30.01 58.97
C GLY FA 173 7.16 29.79 58.40
N PHE FA 174 7.28 28.87 57.44
CA PHE FA 174 8.58 28.35 57.02
C PHE FA 174 9.53 29.47 56.69
N ASN FA 175 10.71 29.43 57.29
CA ASN FA 175 11.59 30.58 57.29
C ASN FA 175 13.03 30.13 57.52
N VAL FA 176 13.95 30.78 56.81
CA VAL FA 176 15.37 30.54 57.00
C VAL FA 176 16.13 31.79 57.43
N ASN FA 177 15.53 32.98 57.32
CA ASN FA 177 16.16 34.25 57.67
C ASN FA 177 15.26 34.99 58.66
N GLY FA 178 15.55 36.27 58.86
CA GLY FA 178 14.76 37.06 59.79
C GLY FA 178 13.29 37.14 59.40
N LYS FA 179 13.01 37.40 58.13
CA LYS FA 179 11.63 37.63 57.69
C LYS FA 179 10.85 36.32 57.61
N GLY FA 180 10.27 35.92 58.74
CA GLY FA 180 9.52 34.68 58.81
C GLY FA 180 8.22 34.77 59.59
N VAL FA 181 7.53 35.91 59.50
CA VAL FA 181 6.39 36.24 60.34
C VAL FA 181 5.41 35.07 60.44
N THR FA 182 5.09 34.68 61.66
CA THR FA 182 4.19 33.58 61.94
C THR FA 182 2.82 34.12 62.36
N GLN FA 183 1.94 33.23 62.79
CA GLN FA 183 0.58 33.59 63.17
C GLN FA 183 0.38 33.37 64.66
N ASN FA 184 -0.28 34.33 65.31
CA ASN FA 184 -0.60 34.21 66.72
C ASN FA 184 -1.97 33.56 66.89
N ARG FA 185 -2.39 33.42 68.15
CA ARG FA 185 -3.65 32.79 68.49
C ARG FA 185 -4.52 33.76 69.27
N SER FA 186 -5.84 33.61 69.12
CA SER FA 186 -6.76 34.48 69.83
C SER FA 186 -6.56 34.36 71.32
N ALA FA 187 -6.50 35.50 72.00
CA ALA FA 187 -6.32 35.51 73.44
C ALA FA 187 -7.52 34.87 74.13
N THR FA 188 -7.25 34.04 75.12
CA THR FA 188 -8.29 33.30 75.82
C THR FA 188 -8.58 33.94 77.17
N VAL FA 189 -9.82 33.79 77.61
CA VAL FA 189 -10.19 34.30 78.93
C VAL FA 189 -9.34 33.65 80.02
N THR FA 190 -8.99 32.37 79.83
CA THR FA 190 -8.09 31.71 80.77
C THR FA 190 -6.73 32.42 80.81
N ASP FA 191 -6.20 32.79 79.64
CA ASP FA 191 -4.96 33.54 79.61
C ASP FA 191 -5.13 34.91 80.26
N VAL FA 192 -6.26 35.57 80.03
CA VAL FA 192 -6.50 36.87 80.62
C VAL FA 192 -6.47 36.79 82.15
N ILE FA 193 -7.11 35.77 82.70
CA ILE FA 193 -7.07 35.56 84.15
C ILE FA 193 -5.66 35.18 84.59
N ALA FA 194 -4.92 34.43 83.76
CA ALA FA 194 -3.62 33.94 84.17
C ALA FA 194 -2.64 35.08 84.42
N GLN FA 195 -2.67 36.12 83.58
CA GLN FA 195 -1.77 37.26 83.74
C GLN FA 195 -2.39 38.30 84.67
N GLY FA 196 -2.68 37.87 85.89
CA GLY FA 196 -3.24 38.77 86.89
C GLY FA 196 -4.58 39.35 86.51
N GLY FA 197 -5.46 38.54 85.93
CA GLY FA 197 -6.76 39.03 85.53
C GLY FA 197 -7.58 39.48 86.72
N THR FA 198 -8.17 40.67 86.59
CA THR FA 198 -9.05 41.24 87.62
C THR FA 198 -10.40 41.53 86.98
N LEU FA 199 -11.42 40.80 87.42
CA LEU FA 199 -12.74 40.95 86.83
C LEU FA 199 -13.35 42.30 87.20
N GLN FA 200 -14.10 42.88 86.28
CA GLN FA 200 -14.77 44.15 86.50
C GLN FA 200 -16.24 44.14 86.14
N GLY FA 201 -16.74 43.10 85.47
CA GLY FA 201 -18.13 43.06 85.06
C GLY FA 201 -18.46 41.83 84.22
N ASP FA 202 -19.15 42.04 83.11
CA ASP FA 202 -19.51 40.94 82.21
C ASP FA 202 -18.29 40.59 81.37
N GLY FA 203 -17.45 39.72 81.93
CA GLY FA 203 -16.23 39.31 81.24
C GLY FA 203 -15.23 40.44 81.03
N THR FA 204 -15.28 41.47 81.86
CA THR FA 204 -14.41 42.62 81.73
C THR FA 204 -13.24 42.47 82.69
N TYR FA 205 -12.05 42.24 82.14
CA TYR FA 205 -10.84 42.06 82.93
C TYR FA 205 -9.82 43.13 82.55
N LYS FA 206 -9.07 43.60 83.54
CA LYS FA 206 -8.05 44.61 83.33
C LYS FA 206 -6.71 44.00 83.77
N ALA FA 207 -5.85 43.72 82.79
CA ALA FA 207 -4.51 43.25 83.10
C ALA FA 207 -3.66 44.39 83.64
N THR FA 208 -2.77 44.07 84.57
CA THR FA 208 -1.90 45.04 85.21
C THR FA 208 -0.44 44.74 84.88
N THR FA 209 0.36 45.80 84.82
CA THR FA 209 1.80 45.65 84.65
C THR FA 209 2.47 46.88 85.26
N THR FA 210 2.92 46.76 86.50
CA THR FA 210 3.57 47.89 87.15
C THR FA 210 4.89 48.23 86.47
N PHE FA 211 5.22 49.51 86.46
CA PHE FA 211 6.44 50.00 85.81
C PHE FA 211 7.33 50.78 86.75
N ASN FA 212 7.09 50.73 88.06
CA ASN FA 212 7.84 51.55 89.01
C ASN FA 212 9.31 51.16 88.96
N ALA FA 213 10.12 52.01 88.34
CA ALA FA 213 11.48 51.66 87.96
C ALA FA 213 12.28 52.95 87.78
N ALA FA 214 13.41 52.85 87.09
CA ALA FA 214 14.37 53.95 86.90
C ALA FA 214 15.05 54.31 88.21
N SER FA 215 15.68 53.32 88.83
CA SER FA 215 16.49 53.54 90.02
C SER FA 215 17.72 54.38 89.68
N ALA FA 216 18.53 54.65 90.69
CA ALA FA 216 19.68 55.52 90.50
C ALA FA 216 20.68 54.93 89.52
N GLU FA 217 20.89 53.61 89.58
CA GLU FA 217 21.84 52.97 88.67
C GLU FA 217 21.41 53.12 87.21
N THR FA 218 20.12 52.90 86.94
CA THR FA 218 19.65 52.93 85.55
C THR FA 218 19.68 54.34 84.97
N VAL FA 219 19.54 55.37 85.81
CA VAL FA 219 19.60 56.72 85.29
C VAL FA 219 21.05 57.21 85.21
N LEU FA 220 21.91 56.74 86.10
CA LEU FA 220 23.33 57.03 85.96
C LEU FA 220 23.95 56.32 84.77
N SER FA 221 23.33 55.24 84.30
CA SER FA 221 23.84 54.53 83.13
C SER FA 221 23.78 55.36 81.87
N LYS FA 222 22.88 56.34 81.79
CA LYS FA 222 22.74 57.17 80.61
C LYS FA 222 22.97 58.64 80.94
N LEU FA 223 24.02 58.93 81.70
CA LEU FA 223 24.28 60.27 82.20
C LEU FA 223 25.42 60.90 81.42
N GLU FA 224 25.21 62.14 80.95
CA GLU FA 224 26.27 62.90 80.30
C GLU FA 224 26.26 64.36 80.73
N ASP FA 225 25.44 64.74 81.71
CA ASP FA 225 25.38 66.13 82.14
C ASP FA 225 25.47 66.23 83.66
N GLY FA 226 25.23 67.42 84.20
CA GLY FA 226 25.36 67.63 85.63
C GLY FA 226 24.12 67.24 86.40
N ASN FA 227 24.33 66.73 87.61
CA ASN FA 227 23.26 66.37 88.54
C ASN FA 227 23.39 67.23 89.79
N THR FA 228 22.58 66.93 90.79
CA THR FA 228 22.60 67.69 92.03
C THR FA 228 22.14 66.82 93.19
N VAL FA 229 22.64 67.13 94.38
CA VAL FA 229 22.27 66.44 95.60
C VAL FA 229 21.95 67.49 96.66
N ALA FA 230 20.75 67.41 97.23
CA ALA FA 230 20.32 68.33 98.27
C ALA FA 230 19.71 67.53 99.41
N VAL FA 231 20.21 67.75 100.62
CA VAL FA 231 19.73 67.04 101.81
C VAL FA 231 18.59 67.88 102.37
N GLY FA 232 17.38 67.65 101.86
CA GLY FA 232 16.23 68.42 102.30
C GLY FA 232 16.41 69.89 101.96
N GLY FA 233 16.15 70.74 102.95
CA GLY FA 233 16.25 72.17 102.79
C GLY FA 233 17.60 72.76 103.15
N GLY FA 234 18.61 71.93 103.35
CA GLY FA 234 19.94 72.39 103.72
C GLY FA 234 20.80 72.71 102.51
N ALA FA 235 22.11 72.56 102.68
CA ALA FA 235 23.04 72.84 101.61
C ALA FA 235 22.86 71.84 100.47
N THR FA 236 23.28 72.26 99.28
CA THR FA 236 23.10 71.48 98.06
C THR FA 236 24.44 71.34 97.34
N TYR FA 237 24.66 70.18 96.72
CA TYR FA 237 25.87 69.91 95.97
C TYR FA 237 25.51 69.47 94.55
N THR FA 238 26.27 69.96 93.58
CA THR FA 238 26.09 69.59 92.18
C THR FA 238 27.37 68.95 91.66
N TYR FA 239 27.20 67.98 90.76
CA TYR FA 239 28.31 67.22 90.21
C TYR FA 239 28.16 67.15 88.69
N ASP FA 240 29.29 67.13 88.00
CA ASP FA 240 29.32 67.11 86.54
C ASP FA 240 30.15 65.93 86.07
N ALA FA 241 29.58 65.12 85.18
CA ALA FA 241 30.25 63.94 84.64
C ALA FA 241 30.96 64.33 83.35
N ALA FA 242 32.27 64.59 83.46
CA ALA FA 242 33.06 64.94 82.28
C ALA FA 242 33.10 63.81 81.27
N LYS FA 243 33.70 62.68 81.66
CA LYS FA 243 33.74 61.48 80.84
C LYS FA 243 32.97 60.34 81.48
N GLY FA 244 32.01 60.67 82.34
CA GLY FA 244 31.44 59.72 83.27
C GLY FA 244 32.08 59.76 84.64
N ASN FA 245 33.21 60.44 84.78
CA ASN FA 245 33.83 60.70 86.07
C ASN FA 245 33.40 62.09 86.54
N PHE FA 246 32.95 62.19 87.79
CA PHE FA 246 32.28 63.39 88.27
C PHE FA 246 33.28 64.41 88.77
N THR FA 247 33.06 65.67 88.39
CA THR FA 247 33.86 66.79 88.87
C THR FA 247 32.94 67.78 89.59
N TYR FA 248 33.38 68.27 90.74
CA TYR FA 248 32.55 69.13 91.57
C TYR FA 248 33.46 69.89 92.52
N THR FA 249 32.85 70.69 93.39
CA THR FA 249 33.59 71.52 94.33
C THR FA 249 33.26 71.15 95.76
N LYS FA 250 34.29 71.16 96.61
CA LYS FA 250 34.14 70.97 98.05
C LYS FA 250 34.81 72.12 98.76
N THR FA 251 34.09 72.70 99.73
CA THR FA 251 34.67 73.75 100.56
C THR FA 251 35.57 73.14 101.63
N VAL FA 252 36.65 73.85 101.94
CA VAL FA 252 37.56 73.48 103.01
C VAL FA 252 37.65 74.66 103.95
N ASP FA 253 37.25 74.47 105.21
CA ASP FA 253 37.22 75.55 106.18
C ASP FA 253 37.16 74.95 107.58
N THR FA 254 36.92 75.80 108.57
CA THR FA 254 36.85 75.40 109.96
C THR FA 254 35.70 76.17 110.62
N THR FA 255 35.68 76.19 111.95
CA THR FA 255 34.62 76.85 112.70
C THR FA 255 35.11 78.00 113.55
N VAL FA 256 36.41 78.19 113.70
CA VAL FA 256 36.97 79.20 114.59
C VAL FA 256 37.47 80.37 113.75
N GLY FA 257 36.86 81.54 113.95
CA GLY FA 257 37.31 82.72 113.23
C GLY FA 257 38.69 83.18 113.62
N ALA FA 258 39.05 83.00 114.89
CA ALA FA 258 40.34 83.45 115.38
C ALA FA 258 41.47 82.45 115.16
N ASP FA 259 41.15 81.22 114.77
CA ASP FA 259 42.17 80.19 114.58
C ASP FA 259 41.74 79.28 113.46
N VAL FA 260 42.42 79.36 112.33
CA VAL FA 260 42.16 78.49 111.19
C VAL FA 260 43.42 77.70 110.88
N THR FA 261 44.23 77.42 111.90
CA THR FA 261 45.38 76.55 111.71
C THR FA 261 44.94 75.18 111.22
N ALA FA 262 43.78 74.72 111.66
CA ALA FA 262 43.22 73.47 111.15
C ALA FA 262 42.87 73.58 109.67
N LEU FA 263 42.48 74.77 109.21
CA LEU FA 263 42.23 74.95 107.79
C LEU FA 263 43.51 74.76 106.98
N ALA FA 264 44.61 75.33 107.45
CA ALA FA 264 45.89 75.11 106.77
C ALA FA 264 46.32 73.65 106.84
N ASN FA 265 46.10 73.01 108.00
CA ASN FA 265 46.43 71.59 108.16
C ASN FA 265 45.48 70.69 107.40
N LYS FA 266 44.39 71.23 106.87
CA LYS FA 266 43.52 70.54 105.93
C LYS FA 266 43.96 70.72 104.48
N ILE FA 267 44.33 71.94 104.10
CA ILE FA 267 44.77 72.18 102.73
C ILE FA 267 46.11 71.51 102.45
N LYS FA 268 47.02 71.54 103.44
CA LYS FA 268 48.37 71.04 103.21
C LYS FA 268 48.42 69.57 102.79
N PRO FA 269 47.75 68.63 103.48
CA PRO FA 269 47.78 67.24 103.01
C PRO FA 269 47.22 67.06 101.61
N SER FA 270 46.23 67.87 101.23
CA SER FA 270 45.70 67.78 99.87
C SER FA 270 46.76 68.11 98.84
N SER FA 271 47.60 69.11 99.12
CA SER FA 271 48.69 69.45 98.21
C SER FA 271 49.72 68.34 98.14
N GLY FA 272 49.92 67.60 99.23
CA GLY FA 272 50.89 66.54 99.29
C GLY FA 272 51.99 66.82 100.29
N THR FA 273 53.15 66.19 100.06
CA THR FA 273 54.31 66.35 100.93
C THR FA 273 55.45 67.05 100.22
N ILE FA 274 55.93 66.51 99.09
CA ILE FA 274 56.99 67.11 98.30
C ILE FA 274 56.60 67.02 96.83
N SER FA 275 56.64 68.15 96.12
CA SER FA 275 56.33 68.18 94.71
C SER FA 275 57.09 69.33 94.08
N GLY FA 276 56.91 69.50 92.76
CA GLY FA 276 57.69 70.46 92.01
C GLY FA 276 56.96 71.74 91.70
N SER FA 277 56.52 71.90 90.45
CA SER FA 277 55.94 73.15 89.99
C SER FA 277 54.59 73.40 90.63
N TYR FA 278 54.47 74.51 91.34
CA TYR FA 278 53.22 75.01 91.88
C TYR FA 278 52.88 76.34 91.24
N GLU FA 279 51.74 76.91 91.63
CA GLU FA 279 51.36 78.26 91.22
C GLU FA 279 50.79 79.00 92.42
N ILE FA 280 51.24 80.23 92.63
CA ILE FA 280 50.74 81.09 93.69
C ILE FA 280 50.14 82.32 93.06
N SER FA 281 48.90 82.65 93.44
CA SER FA 281 48.18 83.79 92.92
C SER FA 281 47.87 84.79 94.02
N THR FA 282 48.80 84.96 94.95
CA THR FA 282 48.60 85.90 96.05
C THR FA 282 48.51 87.32 95.49
N GLY FA 283 47.79 88.18 96.22
CA GLY FA 283 47.51 89.50 95.70
C GLY FA 283 46.40 89.43 94.66
N LYS FA 284 46.71 89.81 93.42
CA LYS FA 284 45.70 89.72 92.37
C LYS FA 284 46.21 88.99 91.13
N SER FA 285 47.47 89.20 90.77
CA SER FA 285 48.01 88.67 89.52
C SER FA 285 49.42 88.14 89.72
N ALA FA 286 49.65 87.40 90.81
CA ALA FA 286 50.96 86.82 91.06
C ALA FA 286 51.33 85.82 89.97
N SER FA 287 50.57 84.73 89.88
CA SER FA 287 50.75 83.71 88.83
C SER FA 287 52.18 83.17 88.83
N PHE FA 288 52.63 82.73 90.01
CA PHE FA 288 53.98 82.24 90.17
C PHE FA 288 54.15 80.84 89.59
N ASP FA 289 55.40 80.44 89.39
CA ASP FA 289 55.76 79.07 89.04
C ASP FA 289 56.85 78.64 90.02
N VAL FA 290 56.43 78.16 91.18
CA VAL FA 290 57.34 77.94 92.30
C VAL FA 290 57.62 76.45 92.45
N ASP FA 291 58.68 76.14 93.19
CA ASP FA 291 59.06 74.77 93.50
C ASP FA 291 59.24 74.67 95.02
N ALA FA 292 58.29 74.04 95.70
CA ALA FA 292 58.29 73.96 97.16
C ALA FA 292 58.66 72.54 97.58
N ALA FA 293 59.96 72.33 97.84
CA ALA FA 293 60.42 71.08 98.44
C ALA FA 293 60.47 71.28 99.96
N GLY FA 294 59.28 71.45 100.53
CA GLY FA 294 59.17 71.88 101.91
C GLY FA 294 59.11 73.39 101.98
N LYS FA 295 60.24 74.02 102.27
CA LYS FA 295 60.32 75.48 102.22
C LYS FA 295 60.07 75.98 100.80
N ILE FA 296 59.37 77.11 100.70
CA ILE FA 296 58.93 77.60 99.40
C ILE FA 296 60.09 78.31 98.70
N THR FA 297 60.34 77.94 97.45
CA THR FA 297 61.41 78.52 96.66
C THR FA 297 60.89 78.84 95.25
N ILE FA 298 61.75 79.47 94.47
CA ILE FA 298 61.47 79.79 93.07
C ILE FA 298 62.55 79.16 92.22
N GLY FA 299 62.24 78.97 90.94
CA GLY FA 299 63.24 78.48 90.01
C GLY FA 299 64.40 79.45 89.89
N GLY FA 300 65.54 79.09 90.48
CA GLY FA 300 66.74 79.89 90.41
C GLY FA 300 67.07 80.68 91.67
N ASN FA 301 66.17 80.76 92.63
CA ASN FA 301 66.42 81.55 93.84
C ASN FA 301 65.46 81.11 94.94
N ALA FA 302 65.54 81.81 96.07
CA ALA FA 302 64.64 81.57 97.20
C ALA FA 302 63.36 82.39 97.02
N ALA FA 303 62.48 82.35 98.01
CA ALA FA 303 61.21 83.09 97.92
C ALA FA 303 60.77 83.44 99.34
N PHE FA 304 61.00 84.68 99.73
CA PHE FA 304 60.54 85.18 101.02
C PHE FA 304 59.12 85.74 100.87
N LEU FA 305 58.59 86.35 101.93
CA LEU FA 305 57.20 86.78 101.93
C LEU FA 305 57.06 88.08 102.70
N ASN FA 306 56.41 89.06 102.07
CA ASN FA 306 56.05 90.31 102.71
C ASN FA 306 54.59 90.26 103.12
N ALA FA 307 54.30 90.65 104.35
CA ALA FA 307 52.99 90.37 104.95
C ALA FA 307 52.39 91.62 105.59
N ASP FA 308 51.11 91.50 105.91
CA ASP FA 308 50.33 92.41 106.74
C ASP FA 308 49.96 93.72 106.04
N GLY FA 309 50.52 93.98 104.88
CA GLY FA 309 49.98 95.00 104.01
C GLY FA 309 49.21 94.34 102.88
N GLU FA 310 49.87 93.36 102.26
CA GLU FA 310 49.30 92.42 101.32
C GLU FA 310 50.27 91.25 101.22
N LEU FA 311 49.83 90.07 101.66
CA LEU FA 311 50.75 88.95 101.85
C LEU FA 311 51.17 88.43 100.48
N THR FA 312 52.29 88.94 99.98
CA THR FA 312 52.82 88.59 98.68
C THR FA 312 54.17 87.90 98.83
N THR FA 313 54.53 87.12 97.83
CA THR FA 313 55.77 86.36 97.81
C THR FA 313 56.78 87.04 96.90
N ASN FA 314 57.99 87.27 97.41
CA ASN FA 314 59.05 87.85 96.61
C ASN FA 314 60.40 87.40 97.16
N ASP FA 315 61.40 87.35 96.28
CA ASP FA 315 62.74 86.96 96.68
C ASP FA 315 63.55 88.10 97.28
N ALA FA 316 63.10 89.34 97.14
CA ALA FA 316 63.78 90.50 97.72
C ALA FA 316 63.28 90.66 99.15
N SER FA 317 63.98 90.02 100.08
CA SER FA 317 63.56 90.02 101.47
C SER FA 317 63.72 91.39 102.09
N GLY FA 318 62.76 91.76 102.94
CA GLY FA 318 62.79 92.99 103.68
C GLY FA 318 63.21 92.78 105.13
N ALA FA 319 62.78 93.71 105.99
CA ALA FA 319 63.12 93.62 107.41
C ALA FA 319 62.27 92.60 108.15
N LEU FA 320 61.03 92.37 107.70
CA LEU FA 320 60.06 91.54 108.42
C LEU FA 320 59.52 90.45 107.52
N THR FA 321 60.40 89.71 106.86
CA THR FA 321 60.02 88.69 105.89
C THR FA 321 60.39 87.30 106.37
N GLN FA 322 59.55 86.33 106.04
CA GLN FA 322 59.78 84.93 106.35
C GLN FA 322 59.52 84.10 105.10
N ALA FA 323 60.07 82.89 105.06
CA ALA FA 323 59.97 82.04 103.89
C ALA FA 323 59.70 80.61 104.33
N THR FA 324 58.49 80.11 104.05
CA THR FA 324 58.14 78.71 104.27
C THR FA 324 56.80 78.44 103.61
N LEU FA 325 56.47 77.15 103.46
CA LEU FA 325 55.20 76.76 102.86
C LEU FA 325 54.03 77.16 103.74
N ASP FA 326 54.17 77.04 105.05
CA ASP FA 326 53.06 77.33 105.96
C ASP FA 326 52.62 78.78 105.86
N ASP FA 327 53.59 79.71 105.78
CA ASP FA 327 53.25 81.11 105.64
C ASP FA 327 52.51 81.39 104.34
N VAL FA 328 52.96 80.78 103.24
CA VAL FA 328 52.29 80.98 101.96
C VAL FA 328 50.88 80.41 101.98
N LEU FA 329 50.72 79.23 102.58
CA LEU FA 329 49.40 78.62 102.69
C LEU FA 329 48.48 79.48 103.55
N THR FA 330 49.01 80.04 104.63
CA THR FA 330 48.23 80.98 105.44
C THR FA 330 47.83 82.20 104.64
N SER FA 331 48.77 82.74 103.84
CA SER FA 331 48.47 83.86 102.97
C SER FA 331 47.31 83.54 102.03
N VAL FA 332 47.36 82.38 101.39
CA VAL FA 332 46.30 82.01 100.45
C VAL FA 332 44.98 81.80 101.19
N GLY FA 333 45.02 81.14 102.33
CA GLY FA 333 43.80 80.72 103.01
C GLY FA 333 43.27 81.66 104.06
N THR FA 334 44.13 82.47 104.68
CA THR FA 334 43.74 83.30 105.80
C THR FA 334 43.73 84.78 105.47
N GLU FA 335 44.86 85.32 105.00
CA GLU FA 335 44.98 86.76 104.76
C GLU FA 335 44.99 87.08 103.28
N ALA FA 336 44.31 86.26 102.46
CA ALA FA 336 44.22 86.54 101.04
C ALA FA 336 43.48 87.84 100.79
N ASN FA 337 42.36 88.05 101.48
CA ASN FA 337 41.51 89.24 101.36
C ASN FA 337 41.06 89.47 99.92
N SER FA 338 41.12 88.45 99.08
CA SER FA 338 40.72 88.54 97.68
C SER FA 338 40.70 87.13 97.11
N SER FA 339 40.44 87.05 95.81
CA SER FA 339 40.43 85.76 95.10
C SER FA 339 41.88 85.32 94.90
N VAL FA 340 42.35 84.48 95.81
CA VAL FA 340 43.70 83.94 95.78
C VAL FA 340 43.62 82.43 95.75
N THR FA 341 44.36 81.81 94.82
CA THR FA 341 44.30 80.37 94.64
C THR FA 341 45.70 79.82 94.45
N ILE FA 342 45.83 78.52 94.60
CA ILE FA 342 47.07 77.79 94.34
C ILE FA 342 46.81 76.82 93.20
N GLY FA 343 47.56 76.95 92.11
CA GLY FA 343 47.41 76.11 90.94
C GLY FA 343 48.26 74.86 90.93
N GLY FA 344 48.96 74.57 92.02
CA GLY FA 344 49.83 73.42 92.04
C GLY FA 344 49.07 72.11 92.04
N THR FA 345 49.68 71.10 91.40
CA THR FA 345 49.14 69.74 91.32
C THR FA 345 47.74 69.72 90.69
N LYS FA 346 47.54 70.59 89.70
CA LYS FA 346 46.29 70.63 88.92
C LYS FA 346 45.07 70.82 89.82
N TYR FA 347 45.22 71.65 90.85
CA TYR FA 347 44.14 72.04 91.73
C TYR FA 347 44.02 73.55 91.75
N SER FA 348 42.95 74.05 92.37
CA SER FA 348 42.76 75.49 92.49
C SER FA 348 42.07 75.76 93.83
N HIS FA 349 42.88 76.03 94.84
CA HIS FA 349 42.36 76.31 96.19
C HIS FA 349 42.07 77.80 96.31
N SER FA 350 41.01 78.20 95.62
CA SER FA 350 40.62 79.61 95.62
C SER FA 350 40.11 80.03 97.00
N ALA FA 351 40.47 81.25 97.40
CA ALA FA 351 40.03 81.80 98.67
C ALA FA 351 38.67 82.47 98.46
N ALA FA 352 37.62 81.64 98.55
CA ALA FA 352 36.26 82.17 98.40
C ALA FA 352 35.95 83.19 99.49
N ASP FA 353 36.35 82.90 100.73
CA ASP FA 353 36.21 83.82 101.84
C ASP FA 353 37.53 83.89 102.60
N GLU FA 354 37.98 85.10 102.89
CA GLU FA 354 39.20 85.30 103.66
C GLU FA 354 38.88 85.29 105.16
N LEU FA 355 39.93 85.37 105.97
CA LEU FA 355 39.80 85.42 107.41
C LEU FA 355 40.03 86.85 107.88
N SER FA 356 38.98 87.50 108.37
CA SER FA 356 39.09 88.79 109.03
C SER FA 356 39.39 88.63 110.51
N TYR FA 357 39.84 87.45 110.93
CA TYR FA 357 40.14 87.05 112.31
C TYR FA 357 38.88 86.93 113.15
N THR FA 358 37.70 87.24 112.59
CA THR FA 358 36.42 86.99 113.22
C THR FA 358 35.56 86.06 112.40
N ALA FA 359 35.43 86.30 111.10
CA ALA FA 359 34.69 85.43 110.21
C ALA FA 359 35.60 84.37 109.62
N VAL FA 360 35.14 83.11 109.65
CA VAL FA 360 35.96 82.00 109.22
C VAL FA 360 36.23 82.10 107.73
N ALA FA 361 37.44 81.70 107.32
CA ALA FA 361 37.85 81.76 105.93
C ALA FA 361 37.43 80.50 105.17
N THR FA 362 37.39 80.62 103.84
CA THR FA 362 36.98 79.53 102.97
C THR FA 362 38.02 79.35 101.86
N THR FA 363 38.42 78.11 101.63
CA THR FA 363 39.40 77.75 100.61
C THR FA 363 38.84 76.66 99.71
N ALA FA 364 37.62 76.86 99.22
CA ALA FA 364 36.94 75.85 98.41
C ALA FA 364 37.74 75.52 97.16
N ASP FA 365 37.72 74.25 96.78
CA ASP FA 365 38.47 73.77 95.63
C ASP FA 365 37.61 72.78 94.85
N VAL FA 366 37.97 72.57 93.58
CA VAL FA 366 37.37 71.53 92.78
C VAL FA 366 38.00 70.21 93.19
N LEU FA 367 37.36 69.50 94.10
CA LEU FA 367 37.96 68.29 94.65
C LEU FA 367 37.78 67.10 93.73
N SER FA 368 36.56 66.88 93.24
CA SER FA 368 36.22 65.69 92.45
C SER FA 368 36.56 64.41 93.20
N ALA FA 369 36.51 64.47 94.54
CA ALA FA 369 36.87 63.32 95.34
C ALA FA 369 35.89 62.17 95.17
N MET FA 370 34.66 62.46 94.73
CA MET FA 370 33.68 61.44 94.38
C MET FA 370 33.60 61.27 92.87
N GLY FA 371 34.74 61.35 92.20
CA GLY FA 371 34.76 61.31 90.75
C GLY FA 371 34.18 60.02 90.20
N SER FA 372 34.43 58.91 90.87
CA SER FA 372 33.93 57.63 90.38
C SER FA 372 32.41 57.65 90.31
N SER FA 373 31.88 57.17 89.18
CA SER FA 373 30.43 57.08 89.03
C SER FA 373 29.83 56.17 90.07
N THR FA 374 30.53 55.08 90.43
CA THR FA 374 30.06 54.23 91.50
C THR FA 374 30.09 54.95 92.85
N ALA FA 375 31.06 55.86 93.05
CA ALA FA 375 31.07 56.64 94.27
C ALA FA 375 29.82 57.52 94.39
N VAL FA 376 29.44 58.15 93.28
CA VAL FA 376 28.22 58.96 93.30
C VAL FA 376 27.00 58.08 93.49
N SER FA 377 27.00 56.88 92.89
CA SER FA 377 25.91 55.96 93.12
C SER FA 377 25.82 55.56 94.60
N THR FA 378 26.96 55.37 95.25
CA THR FA 378 26.98 55.04 96.67
C THR FA 378 26.41 56.18 97.49
N VAL FA 379 26.86 57.42 97.21
CA VAL FA 379 26.42 58.53 98.05
C VAL FA 379 24.94 58.83 97.82
N THR FA 380 24.44 58.65 96.60
CA THR FA 380 23.02 58.89 96.35
C THR FA 380 22.15 57.71 96.76
N LEU FA 381 22.75 56.53 96.98
CA LEU FA 381 22.02 55.37 97.46
C LEU FA 381 22.04 55.25 98.97
N GLY FA 382 23.10 55.74 99.61
CA GLY FA 382 23.19 55.71 101.06
C GLY FA 382 22.94 57.06 101.70
N SER FA 383 22.34 57.97 100.93
CA SER FA 383 22.09 59.32 101.44
C SER FA 383 21.00 59.31 102.51
N GLY FA 384 20.96 60.39 103.28
CA GLY FA 384 19.95 60.53 104.32
C GLY FA 384 18.62 60.98 103.75
N ILE FA 385 17.95 61.92 104.44
CA ILE FA 385 16.70 62.47 103.94
C ILE FA 385 17.04 63.57 102.93
N THR FA 386 17.21 63.18 101.67
CA THR FA 386 17.66 64.08 100.62
C THR FA 386 16.67 64.11 99.47
N SER FA 387 16.92 65.01 98.53
CA SER FA 387 16.14 65.15 97.31
C SER FA 387 17.06 65.30 96.11
N ALA FA 388 18.06 64.43 96.05
CA ALA FA 388 19.05 64.50 94.97
C ALA FA 388 18.39 64.31 93.61
N ALA FA 389 18.86 65.06 92.63
CA ALA FA 389 18.27 65.06 91.30
C ALA FA 389 19.35 64.95 90.23
N VAL FA 390 18.98 64.36 89.10
CA VAL FA 390 19.88 64.16 87.98
C VAL FA 390 19.29 64.80 86.73
N THR FA 391 20.07 65.64 86.07
CA THR FA 391 19.79 66.12 84.72
C THR FA 391 20.74 65.38 83.80
N PHE FA 392 20.19 64.48 82.97
CA PHE FA 392 20.99 63.54 82.21
C PHE FA 392 20.83 63.69 80.71
N ALA FA 393 20.35 64.84 80.25
CA ALA FA 393 20.11 65.02 78.83
C ALA FA 393 20.40 66.47 78.44
N ILE FA 394 20.41 66.71 77.14
CA ILE FA 394 20.78 68.00 76.61
C ILE FA 394 19.52 68.87 76.51
N ALA FA 395 19.74 70.18 76.37
CA ALA FA 395 18.67 71.18 76.44
C ALA FA 395 17.48 70.86 75.55
N THR FA 396 17.75 70.36 74.34
CA THR FA 396 16.65 69.96 73.46
C THR FA 396 15.88 68.77 74.01
N THR FA 397 16.52 67.92 74.82
CA THR FA 397 15.85 66.81 75.47
C THR FA 397 15.95 66.89 76.99
N ASP FA 398 16.13 68.09 77.54
CA ASP FA 398 16.46 68.25 78.94
C ASP FA 398 15.32 67.77 79.84
N SER FA 399 15.70 67.31 81.03
CA SER FA 399 14.74 66.85 82.02
C SER FA 399 15.44 66.81 83.38
N ASN FA 400 14.72 66.33 84.39
CA ASN FA 400 15.29 66.16 85.72
C ASN FA 400 14.59 64.97 86.37
N ASN FA 401 15.36 64.20 87.14
CA ASN FA 401 14.85 63.03 87.83
C ASN FA 401 14.93 63.24 89.34
N THR FA 402 13.80 63.07 90.02
CA THR FA 402 13.74 63.17 91.47
C THR FA 402 13.28 61.85 92.05
N TRP FA 403 13.98 61.38 93.09
CA TRP FA 403 13.78 60.03 93.60
C TRP FA 403 13.78 60.03 95.12
N VAL FA 404 13.67 58.82 95.68
CA VAL FA 404 13.55 58.65 97.12
C VAL FA 404 14.85 59.08 97.80
N ASP FA 405 14.71 59.54 99.05
CA ASP FA 405 15.83 60.09 99.78
C ASP FA 405 17.00 59.12 99.89
N ASN FA 406 16.72 57.81 99.92
CA ASN FA 406 17.81 56.85 100.12
C ASN FA 406 17.66 55.60 99.27
N LYS FA 407 16.81 55.60 98.24
CA LYS FA 407 16.62 54.41 97.43
C LYS FA 407 17.05 54.56 95.99
N GLY FA 408 17.06 55.78 95.45
CA GLY FA 408 17.33 55.98 94.04
C GLY FA 408 16.13 55.77 93.14
N GLU FA 409 15.03 55.23 93.67
CA GLU FA 409 13.87 54.91 92.85
C GLU FA 409 13.08 56.17 92.56
N LEU FA 410 12.87 56.46 91.27
CA LEU FA 410 12.10 57.62 90.86
C LEU FA 410 10.62 57.38 91.18
N THR FA 411 10.09 58.16 92.12
CA THR FA 411 8.70 57.96 92.53
C THR FA 411 7.73 58.28 91.41
N ASP FA 412 7.95 59.40 90.70
CA ASP FA 412 7.03 59.87 89.68
C ASP FA 412 7.44 59.48 88.27
N ILE FA 413 8.56 58.79 88.10
CA ILE FA 413 9.06 58.40 86.79
C ILE FA 413 9.19 56.89 86.75
N GLN FA 414 8.58 56.26 85.75
CA GLN FA 414 8.57 54.83 85.58
C GLN FA 414 9.22 54.47 84.25
N THR FA 415 9.53 53.19 84.08
CA THR FA 415 10.06 52.68 82.82
C THR FA 415 9.14 51.58 82.30
N PHE FA 416 8.75 51.70 81.04
CA PHE FA 416 7.97 50.66 80.40
C PHE FA 416 8.90 49.53 79.98
N ASP FA 417 8.40 48.59 79.18
CA ASP FA 417 9.26 47.59 78.59
C ASP FA 417 10.20 48.18 77.54
N THR FA 418 9.98 49.43 77.12
CA THR FA 418 10.80 50.07 76.11
C THR FA 418 11.58 51.25 76.64
N SER FA 419 10.92 52.22 77.26
CA SER FA 419 11.57 53.47 77.65
C SER FA 419 10.90 53.99 78.92
N TYR FA 420 11.17 55.26 79.24
CA TYR FA 420 10.65 55.89 80.44
C TYR FA 420 9.31 56.53 80.16
N LYS FA 421 8.48 56.63 81.20
CA LYS FA 421 7.24 57.39 81.13
C LYS FA 421 6.72 57.55 82.55
N ILE FA 422 5.84 58.54 82.73
CA ILE FA 422 5.37 58.90 84.07
C ILE FA 422 4.12 58.12 84.45
N ASN FA 423 3.81 57.07 83.68
CA ASN FA 423 2.67 56.21 83.97
C ASN FA 423 3.11 55.03 84.82
N ALA FA 424 2.47 54.85 85.97
CA ALA FA 424 2.83 53.73 86.84
C ALA FA 424 2.47 52.39 86.20
N ASP FA 425 1.28 52.28 85.62
CA ASP FA 425 0.86 51.06 84.95
C ASP FA 425 -0.09 51.42 83.82
N THR FA 426 0.08 50.74 82.68
CA THR FA 426 -0.84 50.94 81.57
C THR FA 426 -2.27 50.53 81.97
N GLY FA 427 -2.41 49.36 82.57
CA GLY FA 427 -3.70 48.92 83.06
C GLY FA 427 -4.77 48.83 82.00
N GLU FA 428 -4.43 48.34 80.81
CA GLU FA 428 -5.41 48.20 79.75
C GLU FA 428 -6.45 47.15 80.14
N VAL FA 429 -7.66 47.35 79.64
CA VAL FA 429 -8.80 46.52 80.00
C VAL FA 429 -9.27 45.78 78.77
N THR FA 430 -9.28 44.45 78.84
CA THR FA 430 -9.75 43.61 77.76
C THR FA 430 -11.02 42.91 78.20
N VAL FA 431 -12.09 43.07 77.43
CA VAL FA 431 -13.38 42.48 77.73
C VAL FA 431 -13.52 41.19 76.94
N VAL FA 432 -13.99 40.14 77.60
CA VAL FA 432 -14.11 38.81 77.00
C VAL FA 432 -15.55 38.61 76.55
N GLY FA 433 -15.72 38.29 75.26
CA GLY FA 433 -17.02 37.94 74.74
C GLY FA 433 -17.58 36.71 75.42
N ASP FA 434 -18.83 36.79 75.87
CA ASP FA 434 -19.44 35.64 76.53
C ASP FA 434 -19.83 34.56 75.54
N ASN FA 435 -20.33 34.94 74.37
CA ASN FA 435 -20.84 33.98 73.39
C ASN FA 435 -19.75 33.37 72.53
N SER FA 436 -18.52 33.87 72.60
CA SER FA 436 -17.44 33.35 71.78
C SER FA 436 -16.14 33.50 72.53
N ALA FA 437 -15.15 32.67 72.16
CA ALA FA 437 -13.83 32.77 72.78
C ALA FA 437 -13.16 34.11 72.48
N THR FA 438 -13.66 34.85 71.50
CA THR FA 438 -13.11 36.15 71.17
C THR FA 438 -13.14 37.08 72.37
N ALA FA 439 -12.01 37.72 72.63
CA ALA FA 439 -11.89 38.72 73.69
C ALA FA 439 -11.72 40.08 73.04
N GLY FA 440 -12.62 41.01 73.37
CA GLY FA 440 -12.55 42.34 72.82
C GLY FA 440 -11.53 43.21 73.54
N GLN FA 441 -11.43 44.45 73.08
CA GLN FA 441 -10.54 45.43 73.68
C GLN FA 441 -11.39 46.55 74.28
N TYR FA 442 -11.42 46.61 75.61
CA TYR FA 442 -12.21 47.63 76.31
C TYR FA 442 -11.30 48.81 76.66
N ALA FA 443 -10.95 49.56 75.62
CA ALA FA 443 -10.01 50.68 75.74
C ALA FA 443 -10.24 51.62 74.56
N SER FA 444 -9.29 52.53 74.33
CA SER FA 444 -9.39 53.45 73.21
C SER FA 444 -9.38 52.71 71.87
N ALA FA 445 -8.75 51.54 71.82
CA ALA FA 445 -8.82 50.72 70.62
C ALA FA 445 -10.25 50.26 70.36
N ASP FA 446 -11.01 50.00 71.42
CA ASP FA 446 -12.45 49.82 71.37
C ASP FA 446 -12.85 48.64 70.45
N GLY FA 447 -12.43 47.46 70.88
CA GLY FA 447 -12.90 46.23 70.27
C GLY FA 447 -11.94 45.55 69.32
N ALA FA 448 -10.73 46.09 69.15
CA ALA FA 448 -9.74 45.42 68.34
C ALA FA 448 -9.40 44.07 68.95
N LYS FA 449 -9.35 43.04 68.10
CA LYS FA 449 -9.11 41.68 68.57
C LYS FA 449 -7.75 41.58 69.25
N VAL FA 450 -7.72 40.93 70.42
CA VAL FA 450 -6.50 40.73 71.18
C VAL FA 450 -6.02 39.30 70.96
N LEU FA 451 -4.72 39.15 70.70
CA LEU FA 451 -4.13 37.85 70.45
C LEU FA 451 -2.83 37.73 71.23
N VAL FA 452 -2.55 36.52 71.70
CA VAL FA 452 -1.35 36.24 72.48
C VAL FA 452 -0.25 35.81 71.53
N GLY FA 453 0.84 36.58 71.48
CA GLY FA 453 1.94 36.29 70.59
C GLY FA 453 2.92 35.30 71.19
N SER FA 454 3.96 35.01 70.41
CA SER FA 454 5.02 34.10 70.84
C SER FA 454 5.79 34.75 71.99
N ASP FA 455 5.72 34.13 73.18
CA ASP FA 455 6.33 34.67 74.39
C ASP FA 455 5.85 36.08 74.67
N GLY FA 456 4.59 36.33 74.37
CA GLY FA 456 3.96 37.63 74.62
C GLY FA 456 2.82 37.49 75.59
N LYS FA 457 2.69 38.46 76.50
CA LYS FA 457 1.57 38.47 77.42
C LYS FA 457 0.24 38.53 76.66
N LEU FA 458 0.01 39.64 75.95
CA LEU FA 458 -1.16 39.81 75.12
C LEU FA 458 -0.96 41.06 74.27
N THR FA 459 -1.41 41.02 73.03
CA THR FA 459 -1.25 42.14 72.11
C THR FA 459 -2.41 42.13 71.12
N THR FA 460 -2.44 43.14 70.26
CA THR FA 460 -3.52 43.31 69.29
C THR FA 460 -3.19 42.73 67.92
N GLU FA 461 -2.00 42.98 67.40
CA GLU FA 461 -1.69 42.56 66.05
C GLU FA 461 -1.43 41.05 66.02
N THR FA 462 -1.84 40.42 64.92
CA THR FA 462 -2.02 38.97 64.86
C THR FA 462 -0.77 38.19 64.47
N THR FA 463 0.36 38.84 64.23
CA THR FA 463 1.54 38.12 63.78
C THR FA 463 2.75 38.46 64.65
N SER FA 464 3.80 37.66 64.49
CA SER FA 464 5.05 37.86 65.21
C SER FA 464 6.19 37.29 64.37
N ALA FA 465 7.40 37.67 64.73
CA ALA FA 465 8.57 37.20 63.99
C ALA FA 465 8.73 35.70 64.12
N GLY FA 466 9.23 35.08 63.04
CA GLY FA 466 9.36 33.63 63.00
C GLY FA 466 10.63 33.11 63.65
N ASP FA 467 11.73 33.83 63.44
CA ASP FA 467 12.99 33.57 64.13
C ASP FA 467 13.51 32.14 63.89
N LYS FA 468 13.89 31.90 62.63
CA LYS FA 468 14.71 30.74 62.27
C LYS FA 468 14.02 29.43 62.67
N THR FA 469 12.92 29.12 61.98
CA THR FA 469 12.15 27.91 62.23
C THR FA 469 13.07 26.74 62.55
N THR FA 470 12.80 26.08 63.69
CA THR FA 470 13.76 25.23 64.37
C THR FA 470 14.30 24.10 63.50
N ASP FA 471 13.44 23.16 63.12
CA ASP FA 471 13.84 22.00 62.32
C ASP FA 471 13.09 22.06 61.00
N PRO FA 472 13.69 22.66 59.97
CA PRO FA 472 12.97 22.83 58.70
C PRO FA 472 12.63 21.50 58.03
N LEU FA 473 13.62 20.60 57.95
CA LEU FA 473 13.42 19.38 57.21
C LEU FA 473 12.42 18.46 57.92
N LYS FA 474 12.35 18.50 59.25
CA LYS FA 474 11.31 17.72 59.94
C LYS FA 474 9.91 18.24 59.62
N THR FA 475 9.73 19.56 59.60
CA THR FA 475 8.43 20.11 59.18
C THR FA 475 8.12 19.71 57.74
N LEU FA 476 9.13 19.78 56.87
CA LEU FA 476 8.93 19.38 55.48
C LEU FA 476 8.56 17.91 55.38
N ASP FA 477 9.19 17.06 56.19
CA ASP FA 477 8.88 15.64 56.16
C ASP FA 477 7.48 15.36 56.69
N ALA FA 478 7.05 16.10 57.71
CA ALA FA 478 5.67 15.97 58.17
C ALA FA 478 4.70 16.36 57.08
N ALA FA 479 4.99 17.46 56.37
CA ALA FA 479 4.15 17.85 55.25
C ALA FA 479 4.16 16.78 54.16
N PHE FA 480 5.32 16.19 53.90
CA PHE FA 480 5.42 15.12 52.92
C PHE FA 480 4.57 13.93 53.32
N THR FA 481 4.61 13.56 54.60
CA THR FA 481 3.80 12.43 55.06
C THR FA 481 2.32 12.71 54.90
N LYS FA 482 1.88 13.92 55.27
CA LYS FA 482 0.46 14.24 55.11
C LYS FA 482 0.04 14.23 53.65
N LEU FA 483 0.83 14.87 52.79
CA LEU FA 483 0.49 14.95 51.37
C LEU FA 483 0.50 13.57 50.73
N ASP FA 484 1.48 12.74 51.06
CA ASP FA 484 1.56 11.40 50.49
C ASP FA 484 0.44 10.52 51.00
N LYS FA 485 0.05 10.69 52.27
CA LYS FA 485 -1.10 9.94 52.79
C LYS FA 485 -2.36 10.28 52.02
N LEU FA 486 -2.62 11.57 51.81
CA LEU FA 486 -3.83 11.96 51.10
C LEU FA 486 -3.76 11.51 49.63
N THR FA 487 -2.59 11.62 49.02
CA THR FA 487 -2.43 11.19 47.63
C THR FA 487 -2.66 9.69 47.49
N GLY FA 488 -2.12 8.89 48.42
CA GLY FA 488 -2.37 7.46 48.41
C GLY FA 488 -3.81 7.12 48.62
N GLU FA 489 -4.49 7.86 49.50
CA GLU FA 489 -5.93 7.67 49.66
C GLU FA 489 -6.67 7.92 48.36
N LEU FA 490 -6.30 9.00 47.65
CA LEU FA 490 -6.95 9.29 46.37
C LEU FA 490 -6.66 8.22 45.33
N GLY FA 491 -5.43 7.72 45.30
CA GLY FA 491 -5.12 6.64 44.37
C GLY FA 491 -5.91 5.38 44.66
N ALA FA 492 -6.04 5.04 45.95
CA ALA FA 492 -6.87 3.91 46.32
C ALA FA 492 -8.32 4.13 45.91
N VAL FA 493 -8.81 5.37 46.06
CA VAL FA 493 -10.18 5.67 45.62
C VAL FA 493 -10.31 5.50 44.12
N GLN FA 494 -9.30 5.94 43.36
CA GLN FA 494 -9.36 5.75 41.90
C GLN FA 494 -9.41 4.28 41.53
N ASN FA 495 -8.59 3.46 42.21
CA ASN FA 495 -8.63 2.02 41.95
C ASN FA 495 -10.00 1.44 42.26
N ARG FA 496 -10.53 1.77 43.44
CA ARG FA 496 -11.86 1.31 43.82
C ARG FA 496 -12.90 1.74 42.80
N LEU FA 497 -12.79 2.98 42.32
CA LEU FA 497 -13.81 3.52 41.43
C LEU FA 497 -13.76 2.86 40.06
N GLU FA 498 -12.57 2.60 39.52
CA GLU FA 498 -12.54 1.88 38.26
C GLU FA 498 -12.99 0.43 38.42
N SER FA 499 -12.72 -0.17 39.58
CA SER FA 499 -13.24 -1.50 39.83
C SER FA 499 -14.77 -1.49 39.90
N THR FA 500 -15.34 -0.45 40.51
CA THR FA 500 -16.78 -0.30 40.52
C THR FA 500 -17.32 -0.09 39.11
N ILE FA 501 -16.60 0.66 38.29
CA ILE FA 501 -17.02 0.83 36.90
C ILE FA 501 -17.12 -0.51 36.20
N ALA FA 502 -16.08 -1.35 36.36
CA ALA FA 502 -16.11 -2.67 35.74
C ALA FA 502 -17.26 -3.51 36.28
N ASN FA 503 -17.45 -3.52 37.60
CA ASN FA 503 -18.50 -4.34 38.19
C ASN FA 503 -19.88 -3.88 37.73
N LEU FA 504 -20.12 -2.56 37.76
CA LEU FA 504 -21.41 -2.04 37.32
C LEU FA 504 -21.65 -2.33 35.85
N ASN FA 505 -20.62 -2.22 35.01
CA ASN FA 505 -20.81 -2.56 33.60
C ASN FA 505 -21.18 -4.03 33.43
N ASN FA 506 -20.51 -4.91 34.17
CA ASN FA 506 -20.87 -6.33 34.13
C ASN FA 506 -22.32 -6.54 34.53
N VAL FA 507 -22.76 -5.90 35.61
CA VAL FA 507 -24.13 -6.08 36.07
C VAL FA 507 -25.11 -5.49 35.07
N VAL FA 508 -24.74 -4.38 34.41
CA VAL FA 508 -25.60 -3.79 33.39
C VAL FA 508 -25.82 -4.77 32.25
N ASN FA 509 -24.73 -5.35 31.73
CA ASN FA 509 -24.89 -6.32 30.64
C ASN FA 509 -25.71 -7.52 31.08
N ASN FA 510 -25.44 -8.03 32.29
CA ASN FA 510 -26.14 -9.21 32.77
C ASN FA 510 -27.63 -8.93 32.96
N LEU FA 511 -27.96 -7.75 33.48
CA LEU FA 511 -29.37 -7.41 33.69
C LEU FA 511 -30.07 -7.11 32.37
N SER FA 512 -29.36 -6.54 31.40
CA SER FA 512 -29.93 -6.39 30.07
C SER FA 512 -30.26 -7.74 29.47
N SER FA 513 -29.34 -8.70 29.62
CA SER FA 513 -29.63 -10.06 29.15
C SER FA 513 -30.81 -10.67 29.90
N ALA FA 514 -30.88 -10.46 31.22
CA ALA FA 514 -31.98 -11.00 32.00
C ALA FA 514 -33.31 -10.42 31.54
N ARG FA 515 -33.32 -9.13 31.23
CA ARG FA 515 -34.52 -8.52 30.67
C ARG FA 515 -34.86 -9.13 29.31
N SER FA 516 -33.84 -9.43 28.50
CA SER FA 516 -34.09 -10.05 27.21
C SER FA 516 -34.74 -11.42 27.35
N ARG FA 517 -34.25 -12.24 28.30
CA ARG FA 517 -34.84 -13.56 28.46
C ARG FA 517 -36.32 -13.51 28.86
N ILE FA 518 -36.80 -12.38 29.35
CA ILE FA 518 -38.18 -12.26 29.80
C ILE FA 518 -39.00 -11.33 28.91
N GLN FA 519 -38.48 -10.14 28.61
CA GLN FA 519 -39.35 -9.10 28.07
C GLN FA 519 -39.54 -9.21 26.56
N ASP FA 520 -38.46 -9.05 25.79
CA ASP FA 520 -38.56 -8.91 24.35
C ASP FA 520 -38.82 -10.26 23.69
N ALA FA 521 -39.25 -10.22 22.43
CA ALA FA 521 -39.83 -11.36 21.74
C ALA FA 521 -38.84 -12.00 20.77
N ASP FA 522 -38.97 -13.32 20.61
CA ASP FA 522 -38.13 -14.08 19.69
C ASP FA 522 -38.81 -14.07 18.33
N TYR FA 523 -38.21 -13.35 17.36
CA TYR FA 523 -38.81 -13.27 16.04
C TYR FA 523 -38.89 -14.63 15.36
N ALA FA 524 -38.05 -15.58 15.76
CA ALA FA 524 -38.14 -16.92 15.18
C ALA FA 524 -39.51 -17.52 15.43
N THR FA 525 -40.03 -17.38 16.64
CA THR FA 525 -41.39 -17.84 16.93
C THR FA 525 -42.43 -16.89 16.36
N GLU FA 526 -42.16 -15.58 16.39
CA GLU FA 526 -43.18 -14.60 16.07
C GLU FA 526 -43.54 -14.64 14.59
N VAL FA 527 -42.53 -14.75 13.72
CA VAL FA 527 -42.81 -14.78 12.28
C VAL FA 527 -43.59 -16.04 11.92
N SER FA 528 -43.22 -17.17 12.50
CA SER FA 528 -43.96 -18.40 12.26
C SER FA 528 -45.40 -18.28 12.76
N ASN FA 529 -45.58 -17.65 13.92
CA ASN FA 529 -46.93 -17.43 14.43
C ASN FA 529 -47.74 -16.56 13.49
N MET FA 530 -47.12 -15.50 12.95
CA MET FA 530 -47.81 -14.65 11.99
C MET FA 530 -48.21 -15.43 10.75
N SER FA 531 -47.31 -16.27 10.24
CA SER FA 531 -47.62 -17.05 9.05
C SER FA 531 -48.77 -18.02 9.31
N LYS FA 532 -48.73 -18.71 10.45
CA LYS FA 532 -49.82 -19.64 10.78
C LYS FA 532 -51.13 -18.90 10.93
N ALA FA 533 -51.11 -17.73 11.58
CA ALA FA 533 -52.34 -16.95 11.74
C ALA FA 533 -52.88 -16.50 10.40
N GLN FA 534 -52.00 -16.08 9.49
CA GLN FA 534 -52.45 -15.66 8.16
C GLN FA 534 -53.10 -16.82 7.41
N ILE FA 535 -52.46 -17.99 7.44
CA ILE FA 535 -53.03 -19.15 6.76
C ILE FA 535 -54.38 -19.51 7.37
N LEU FA 536 -54.45 -19.50 8.70
CA LEU FA 536 -55.71 -19.82 9.37
C LEU FA 536 -56.79 -18.82 8.99
N GLN FA 537 -56.46 -17.54 8.92
CA GLN FA 537 -57.45 -16.52 8.61
C GLN FA 537 -57.97 -16.68 7.18
N GLN FA 538 -57.07 -16.92 6.22
CA GLN FA 538 -57.51 -17.08 4.84
C GLN FA 538 -58.36 -18.34 4.69
N ALA FA 539 -57.95 -19.44 5.33
CA ALA FA 539 -58.76 -20.65 5.31
C ALA FA 539 -60.13 -20.40 5.94
N GLY FA 540 -60.16 -19.64 7.03
CA GLY FA 540 -61.43 -19.32 7.66
C GLY FA 540 -62.32 -18.50 6.77
N THR FA 541 -61.75 -17.53 6.06
CA THR FA 541 -62.55 -16.72 5.13
C THR FA 541 -63.15 -17.59 4.03
N SER FA 542 -62.33 -18.47 3.44
CA SER FA 542 -62.85 -19.33 2.37
C SER FA 542 -63.92 -20.28 2.88
N VAL FA 543 -63.69 -20.90 4.03
CA VAL FA 543 -64.66 -21.86 4.55
C VAL FA 543 -65.93 -21.13 5.00
N LEU FA 544 -65.82 -19.88 5.46
CA LEU FA 544 -67.01 -19.10 5.75
C LEU FA 544 -67.78 -18.78 4.48
N ALA FA 545 -67.09 -18.50 3.38
CA ALA FA 545 -67.78 -18.31 2.11
C ALA FA 545 -68.56 -19.56 1.73
N GLN FA 546 -67.93 -20.73 1.85
CA GLN FA 546 -68.67 -21.96 1.58
C GLN FA 546 -69.79 -22.21 2.58
N ALA FA 547 -69.60 -21.81 3.84
CA ALA FA 547 -70.66 -21.99 4.83
C ALA FA 547 -71.88 -21.16 4.49
N ASN FA 548 -71.67 -19.90 4.09
CA ASN FA 548 -72.79 -19.09 3.62
C ASN FA 548 -73.33 -19.59 2.30
N GLN FA 549 -72.54 -20.34 1.53
CA GLN FA 549 -73.04 -20.98 0.32
C GLN FA 549 -73.87 -22.22 0.61
N VAL FA 550 -73.70 -22.82 1.79
CA VAL FA 550 -74.44 -24.05 2.12
C VAL FA 550 -75.96 -23.87 2.02
N PRO FA 551 -76.58 -22.85 2.63
CA PRO FA 551 -78.05 -22.76 2.55
C PRO FA 551 -78.56 -22.44 1.16
N GLN FA 552 -77.69 -22.09 0.20
CA GLN FA 552 -78.13 -21.87 -1.16
C GLN FA 552 -78.75 -23.14 -1.75
N THR FA 553 -78.25 -24.31 -1.34
CA THR FA 553 -78.82 -25.56 -1.84
C THR FA 553 -80.28 -25.70 -1.45
N VAL FA 554 -80.67 -25.13 -0.31
CA VAL FA 554 -82.09 -25.12 0.05
C VAL FA 554 -82.89 -24.37 -1.00
N LEU FA 555 -82.30 -23.30 -1.55
CA LEU FA 555 -82.95 -22.53 -2.61
C LEU FA 555 -82.73 -23.19 -3.97
N SER FA 556 -83.02 -24.50 -4.03
CA SER FA 556 -83.00 -25.23 -5.29
C SER FA 556 -84.35 -25.87 -5.59
N LEU FA 557 -84.93 -26.56 -4.62
CA LEU FA 557 -86.26 -27.13 -4.80
C LEU FA 557 -87.31 -26.06 -4.56
N LEU FA 558 -88.22 -25.90 -5.50
CA LEU FA 558 -89.22 -24.85 -5.44
C LEU FA 558 -90.46 -25.23 -6.24
N ALA GA 2 -66.42 10.99 -8.42
CA ALA GA 2 -67.44 9.95 -8.45
C ALA GA 2 -67.00 8.80 -9.37
N ALA GA 3 -67.97 8.20 -10.05
CA ALA GA 3 -67.72 7.01 -10.86
C ALA GA 3 -67.43 7.35 -12.32
N VAL GA 4 -66.82 8.51 -12.56
CA VAL GA 4 -66.49 8.93 -13.91
C VAL GA 4 -65.16 8.32 -14.33
N ILE GA 5 -65.02 8.03 -15.61
CA ILE GA 5 -63.80 7.42 -16.14
C ILE GA 5 -63.19 8.21 -17.30
N ASN GA 6 -63.95 9.03 -18.01
CA ASN GA 6 -63.41 9.73 -19.16
C ASN GA 6 -62.33 10.74 -18.75
N THR GA 7 -62.38 11.21 -17.52
CA THR GA 7 -61.31 12.01 -16.94
C THR GA 7 -60.96 11.45 -15.58
N ASN GA 8 -59.67 11.36 -15.29
CA ASN GA 8 -59.16 10.87 -14.01
C ASN GA 8 -58.37 11.99 -13.37
N TYR GA 9 -59.05 12.75 -12.49
CA TYR GA 9 -58.41 13.90 -11.86
C TYR GA 9 -57.22 13.48 -11.00
N LEU GA 10 -57.34 12.36 -10.30
CA LEU GA 10 -56.25 11.89 -9.45
C LEU GA 10 -55.00 11.61 -10.27
N SER GA 11 -55.17 11.02 -11.45
CA SER GA 11 -54.02 10.78 -12.33
C SER GA 11 -53.36 12.09 -12.72
N LEU GA 12 -54.17 13.13 -13.03
CA LEU GA 12 -53.60 14.41 -13.41
C LEU GA 12 -52.82 15.03 -12.26
N VAL GA 13 -53.36 14.96 -11.03
CA VAL GA 13 -52.65 15.50 -9.88
C VAL GA 13 -51.34 14.76 -9.67
N ALA GA 14 -51.38 13.43 -9.76
CA ALA GA 14 -50.16 12.65 -9.59
C ALA GA 14 -49.13 12.98 -10.66
N GLN GA 15 -49.58 13.14 -11.90
CA GLN GA 15 -48.65 13.51 -12.98
C GLN GA 15 -48.02 14.86 -12.73
N ASN GA 16 -48.81 15.84 -12.29
CA ASN GA 16 -48.24 17.16 -12.03
C ASN GA 16 -47.21 17.11 -10.91
N ASN GA 17 -47.53 16.40 -9.82
CA ASN GA 17 -46.58 16.31 -8.72
C ASN GA 17 -45.33 15.53 -9.14
N LEU GA 18 -45.50 14.51 -9.97
CA LEU GA 18 -44.34 13.78 -10.48
C LEU GA 18 -43.48 14.68 -11.36
N ASN GA 19 -44.10 15.56 -12.14
CA ASN GA 19 -43.34 16.50 -12.95
C ASN GA 19 -42.55 17.46 -12.07
N LYS GA 20 -43.16 17.94 -10.99
CA LYS GA 20 -42.42 18.80 -10.06
C LYS GA 20 -41.24 18.05 -9.44
N SER GA 21 -41.47 16.80 -9.04
CA SER GA 21 -40.40 15.99 -8.47
C SER GA 21 -39.28 15.78 -9.47
N GLN GA 22 -39.63 15.54 -10.74
CA GLN GA 22 -38.61 15.31 -11.75
C GLN GA 22 -37.84 16.59 -12.04
N SER GA 23 -38.50 17.75 -12.00
CA SER GA 23 -37.77 19.00 -12.16
C SER GA 23 -36.78 19.21 -11.04
N SER GA 24 -37.19 18.91 -9.80
CA SER GA 24 -36.26 18.99 -8.68
C SER GA 24 -35.09 18.04 -8.87
N LEU GA 25 -35.38 16.81 -9.31
CA LEU GA 25 -34.32 15.83 -9.54
C LEU GA 25 -33.38 16.30 -10.63
N GLY GA 26 -33.92 16.89 -11.70
CA GLY GA 26 -33.07 17.38 -12.77
C GLY GA 26 -32.14 18.49 -12.33
N THR GA 27 -32.67 19.44 -11.56
CA THR GA 27 -31.82 20.50 -11.03
C THR GA 27 -30.74 19.92 -10.13
N ALA GA 28 -31.12 18.97 -9.26
CA ALA GA 28 -30.15 18.36 -8.36
C ALA GA 28 -29.08 17.61 -9.15
N ILE GA 29 -29.48 16.87 -10.18
CA ILE GA 29 -28.54 16.07 -10.97
C ILE GA 29 -27.58 16.99 -11.73
N GLU GA 30 -28.11 18.06 -12.31
CA GLU GA 30 -27.24 18.99 -13.01
C GLU GA 30 -26.23 19.65 -12.08
N ARG GA 31 -26.70 20.08 -10.90
CA ARG GA 31 -25.79 20.66 -9.92
C ARG GA 31 -24.77 19.64 -9.43
N LEU GA 32 -25.16 18.37 -9.33
CA LEU GA 32 -24.25 17.32 -8.91
C LEU GA 32 -23.16 17.10 -9.94
N SER GA 33 -23.55 16.94 -11.21
CA SER GA 33 -22.58 16.65 -12.25
C SER GA 33 -21.63 17.84 -12.48
N SER GA 34 -22.19 19.04 -12.65
CA SER GA 34 -21.34 20.19 -12.90
C SER GA 34 -20.61 20.63 -11.63
N GLY GA 35 -21.22 20.42 -10.47
CA GLY GA 35 -20.67 20.88 -9.22
C GLY GA 35 -20.98 22.32 -8.87
N LEU GA 36 -21.57 23.07 -9.80
CA LEU GA 36 -21.81 24.49 -9.62
C LEU GA 36 -23.27 24.71 -9.25
N ARG GA 37 -23.51 25.34 -8.11
CA ARG GA 37 -24.88 25.68 -7.74
C ARG GA 37 -25.46 26.68 -8.71
N ILE GA 38 -24.66 27.66 -9.13
CA ILE GA 38 -25.12 28.68 -10.07
C ILE GA 38 -24.74 28.20 -11.47
N ASN GA 39 -25.63 27.42 -12.06
CA ASN GA 39 -25.54 27.04 -13.46
C ASN GA 39 -26.91 27.28 -14.09
N SER GA 40 -26.91 27.57 -15.39
CA SER GA 40 -28.16 27.87 -16.10
C SER GA 40 -28.87 29.06 -15.43
N ALA GA 41 -28.29 30.25 -15.72
CA ALA GA 41 -28.50 31.49 -14.97
C ALA GA 41 -29.94 31.73 -14.52
N LYS GA 42 -30.91 31.06 -15.13
CA LYS GA 42 -32.25 31.01 -14.57
C LYS GA 42 -32.23 30.66 -13.08
N ASP GA 43 -31.17 30.02 -12.60
CA ASP GA 43 -30.95 29.81 -11.18
C ASP GA 43 -29.97 30.87 -10.67
N ASP GA 44 -30.46 31.73 -9.78
CA ASP GA 44 -29.64 32.78 -9.15
C ASP GA 44 -29.02 33.70 -10.21
N ALA GA 45 -29.90 34.43 -10.88
CA ALA GA 45 -29.49 35.28 -11.99
C ALA GA 45 -28.39 36.26 -11.59
N ALA GA 46 -28.59 36.99 -10.49
CA ALA GA 46 -27.54 37.88 -10.01
C ALA GA 46 -26.33 37.09 -9.52
N GLY GA 47 -26.56 35.85 -9.06
CA GLY GA 47 -25.45 35.03 -8.62
C GLY GA 47 -24.45 34.75 -9.73
N MET GA 48 -24.94 34.49 -10.94
CA MET GA 48 -24.03 34.23 -12.04
C MET GA 48 -23.28 35.49 -12.44
N ALA GA 49 -23.92 36.66 -12.34
CA ALA GA 49 -23.20 37.89 -12.59
C ALA GA 49 -22.08 38.08 -11.57
N ILE GA 50 -22.38 37.82 -10.30
CA ILE GA 50 -21.36 37.92 -9.25
C ILE GA 50 -20.22 36.93 -9.52
N ALA GA 51 -20.57 35.69 -9.86
CA ALA GA 51 -19.55 34.67 -10.12
C ALA GA 51 -18.71 35.04 -11.33
N ASN GA 52 -19.34 35.60 -12.38
CA ASN GA 52 -18.61 36.02 -13.55
C ASN GA 52 -17.62 37.13 -13.21
N ARG GA 53 -18.07 38.12 -12.44
CA ARG GA 53 -17.17 39.18 -12.01
C ARG GA 53 -16.00 38.62 -11.21
N PHE GA 54 -16.28 37.67 -10.31
CA PHE GA 54 -15.21 37.10 -9.51
C PHE GA 54 -14.24 36.29 -10.35
N THR GA 55 -14.74 35.51 -11.31
CA THR GA 55 -13.84 34.76 -12.19
C THR GA 55 -12.94 35.69 -12.98
N ALA GA 56 -13.53 36.72 -13.59
CA ALA GA 56 -12.71 37.67 -14.33
C ALA GA 56 -11.67 38.30 -13.44
N ASN GA 57 -12.06 38.75 -12.25
CA ASN GA 57 -11.12 39.40 -11.35
C ASN GA 57 -10.01 38.45 -10.91
N VAL GA 58 -10.37 37.24 -10.47
CA VAL GA 58 -9.38 36.33 -9.92
C VAL GA 58 -8.38 35.90 -10.98
N ARG GA 59 -8.86 35.60 -12.20
CA ARG GA 59 -7.92 35.11 -13.18
C ARG GA 59 -7.15 36.23 -13.87
N GLY GA 60 -7.75 37.43 -13.96
CA GLY GA 60 -6.95 38.59 -14.32
C GLY GA 60 -5.85 38.86 -13.30
N LEU GA 61 -6.14 38.63 -12.01
CA LEU GA 61 -5.11 38.82 -11.00
C LEU GA 61 -4.05 37.73 -11.06
N THR GA 62 -4.41 36.51 -11.44
CA THR GA 62 -3.38 35.49 -11.69
C THR GA 62 -2.48 35.90 -12.84
N GLN GA 63 -3.08 36.41 -13.93
CA GLN GA 63 -2.27 36.91 -15.03
C GLN GA 63 -1.38 38.07 -14.59
N ALA GA 64 -1.92 38.93 -13.73
CA ALA GA 64 -1.15 40.05 -13.20
C ALA GA 64 0.01 39.56 -12.34
N ALA GA 65 -0.19 38.51 -11.57
CA ALA GA 65 0.90 37.91 -10.81
C ALA GA 65 1.97 37.39 -11.76
N ARG GA 66 1.56 36.78 -12.87
CA ARG GA 66 2.53 36.33 -13.87
C ARG GA 66 3.32 37.51 -14.44
N ASN GA 67 2.63 38.59 -14.77
CA ASN GA 67 3.29 39.78 -15.30
C ASN GA 67 4.28 40.36 -14.30
N ALA GA 68 3.85 40.48 -13.05
CA ALA GA 68 4.74 40.99 -12.00
C ALA GA 68 5.95 40.09 -11.84
N ASN GA 69 5.74 38.78 -11.88
CA ASN GA 69 6.84 37.83 -11.72
C ASN GA 69 7.84 37.96 -12.87
N ASP GA 70 7.36 38.21 -14.08
CA ASP GA 70 8.27 38.58 -15.16
C ASP GA 70 9.01 39.87 -14.84
N GLY GA 71 8.33 40.80 -14.15
CA GLY GA 71 9.00 42.02 -13.74
C GLY GA 71 10.17 41.77 -12.80
N ILE GA 72 9.99 40.85 -11.84
CA ILE GA 72 11.11 40.49 -10.96
C ILE GA 72 12.28 39.95 -11.78
N SER GA 73 12.00 39.09 -12.76
CA SER GA 73 13.07 38.52 -13.57
C SER GA 73 13.80 39.60 -14.36
N LEU GA 74 13.04 40.55 -14.92
CA LEU GA 74 13.67 41.65 -15.65
C LEU GA 74 14.59 42.45 -14.74
N ALA GA 75 14.09 42.83 -13.56
CA ALA GA 75 14.92 43.57 -12.62
C ALA GA 75 16.12 42.76 -12.18
N GLN GA 76 15.97 41.45 -12.05
CA GLN GA 76 17.09 40.59 -11.65
C GLN GA 76 18.18 40.60 -12.71
N THR GA 77 17.80 40.46 -13.98
CA THR GA 77 18.78 40.47 -15.05
C THR GA 77 19.52 41.81 -15.10
N THR GA 78 18.77 42.90 -15.02
CA THR GA 78 19.41 44.22 -15.05
C THR GA 78 20.32 44.42 -13.84
N GLU GA 79 19.89 43.94 -12.67
CA GLU GA 79 20.70 44.06 -11.47
C GLU GA 79 22.01 43.26 -11.59
N GLY GA 80 21.94 42.08 -12.19
CA GLY GA 80 23.16 41.31 -12.39
C GLY GA 80 24.13 41.99 -13.33
N ALA GA 81 23.61 42.53 -14.44
CA ALA GA 81 24.48 43.29 -15.34
C ALA GA 81 25.09 44.49 -14.63
N ALA GA 82 24.29 45.20 -13.83
CA ALA GA 82 24.80 46.34 -13.09
C ALA GA 82 25.86 45.92 -12.09
N SER GA 83 25.71 44.75 -11.46
CA SER GA 83 26.72 44.26 -10.54
C SER GA 83 28.03 43.98 -11.26
N GLU GA 84 27.96 43.42 -12.47
CA GLU GA 84 29.19 43.22 -13.23
C GLU GA 84 29.85 44.55 -13.58
N VAL GA 85 29.05 45.55 -13.97
CA VAL GA 85 29.60 46.89 -14.19
C VAL GA 85 30.24 47.42 -12.91
N ASN GA 86 29.63 47.11 -11.77
CA ASN GA 86 30.18 47.55 -10.49
C ASN GA 86 31.56 46.95 -10.25
N THR GA 87 31.72 45.66 -10.54
CA THR GA 87 33.04 45.04 -10.41
C THR GA 87 34.04 45.68 -11.36
N HIS GA 88 33.61 46.01 -12.57
CA HIS GA 88 34.49 46.70 -13.50
C HIS GA 88 34.94 48.04 -12.95
N LEU GA 89 34.03 48.82 -12.39
CA LEU GA 89 34.41 50.10 -11.80
C LEU GA 89 35.35 49.91 -10.61
N GLN GA 90 35.14 48.86 -9.81
CA GLN GA 90 36.05 48.61 -8.70
C GLN GA 90 37.46 48.35 -9.20
N ARG GA 91 37.60 47.51 -10.23
CA ARG GA 91 38.93 47.24 -10.77
C ARG GA 91 39.54 48.50 -11.37
N ILE GA 92 38.72 49.30 -12.06
CA ILE GA 92 39.22 50.55 -12.64
C ILE GA 92 39.73 51.46 -11.55
N ARG GA 93 39.02 51.55 -10.43
CA ARG GA 93 39.47 52.39 -9.33
C ARG GA 93 40.76 51.88 -8.73
N GLU GA 94 40.86 50.56 -8.52
CA GLU GA 94 42.11 49.99 -8.00
C GLU GA 94 43.29 50.36 -8.87
N LEU GA 95 43.19 50.07 -10.17
CA LEU GA 95 44.34 50.28 -11.03
C LEU GA 95 44.54 51.76 -11.34
N THR GA 96 43.51 52.59 -11.17
CA THR GA 96 43.69 54.04 -11.29
C THR GA 96 44.49 54.57 -10.12
N VAL GA 97 44.19 54.10 -8.91
CA VAL GA 97 45.01 54.45 -7.76
C VAL GA 97 46.43 53.96 -7.97
N GLN GA 98 46.58 52.79 -8.59
CA GLN GA 98 47.93 52.30 -8.92
C GLN GA 98 48.65 53.23 -9.89
N ALA GA 99 47.99 53.58 -11.00
CA ALA GA 99 48.67 54.30 -12.06
C ALA GA 99 48.89 55.76 -11.72
N SER GA 100 48.09 56.32 -10.81
CA SER GA 100 48.26 57.72 -10.45
C SER GA 100 49.57 57.97 -9.72
N ASN GA 101 50.26 56.93 -9.28
CA ASN GA 101 51.59 57.08 -8.71
C ASN GA 101 52.57 57.57 -9.77
N GLY GA 102 53.51 58.42 -9.35
CA GLY GA 102 54.49 58.94 -10.28
C GLY GA 102 55.70 58.06 -10.50
N SER GA 103 55.84 56.99 -9.70
CA SER GA 103 57.01 56.12 -9.87
C SER GA 103 56.95 55.35 -11.17
N TYR GA 104 55.76 55.17 -11.74
CA TYR GA 104 55.63 54.39 -12.96
C TYR GA 104 56.09 55.18 -14.16
N SER GA 105 56.91 54.56 -15.00
CA SER GA 105 57.28 55.17 -16.26
C SER GA 105 56.08 55.19 -17.22
N GLN GA 106 56.29 55.83 -18.37
CA GLN GA 106 55.17 56.06 -19.29
C GLN GA 106 54.60 54.75 -19.83
N GLU GA 107 55.46 53.75 -20.05
CA GLU GA 107 55.02 52.50 -20.66
C GLU GA 107 54.08 51.72 -19.75
N GLN GA 108 54.38 51.69 -18.44
CA GLN GA 108 53.46 51.03 -17.52
C GLN GA 108 52.12 51.74 -17.47
N LEU GA 109 52.12 53.07 -17.54
CA LEU GA 109 50.87 53.79 -17.66
C LEU GA 109 50.14 53.44 -18.94
N ASP GA 110 50.88 53.20 -20.03
CA ASP GA 110 50.25 52.78 -21.27
C ASP GA 110 49.57 51.42 -21.12
N SER GA 111 50.23 50.48 -20.45
CA SER GA 111 49.62 49.18 -20.21
C SER GA 111 48.38 49.31 -19.32
N VAL GA 112 48.47 50.14 -18.29
CA VAL GA 112 47.32 50.39 -17.43
C VAL GA 112 46.16 50.96 -18.25
N GLN GA 113 46.46 51.92 -19.13
CA GLN GA 113 45.41 52.50 -19.97
C GLN GA 113 44.84 51.48 -20.93
N GLY GA 114 45.66 50.56 -21.43
CA GLY GA 114 45.12 49.48 -22.25
C GLY GA 114 44.11 48.65 -21.48
N GLU GA 115 44.43 48.33 -20.22
CA GLU GA 115 43.47 47.59 -19.40
C GLU GA 115 42.22 48.42 -19.10
N ILE GA 116 42.38 49.73 -18.89
CA ILE GA 116 41.22 50.60 -18.68
C ILE GA 116 40.32 50.58 -19.91
N ASN GA 117 40.93 50.66 -21.08
CA ASN GA 117 40.16 50.64 -22.31
C ASN GA 117 39.43 49.32 -22.49
N GLN GA 118 40.09 48.21 -22.13
CA GLN GA 118 39.42 46.92 -22.20
C GLN GA 118 38.21 46.87 -21.27
N ARG GA 119 38.38 47.34 -20.03
CA ARG GA 119 37.27 47.35 -19.09
C ARG GA 119 36.14 48.26 -19.56
N LEU GA 120 36.47 49.43 -20.08
CA LEU GA 120 35.44 50.35 -20.57
C LEU GA 120 34.70 49.77 -21.76
N ALA GA 121 35.43 49.12 -22.66
CA ALA GA 121 34.78 48.45 -23.79
C ALA GA 121 33.85 47.35 -23.30
N ASP GA 122 34.25 46.63 -22.26
CA ASP GA 122 33.35 45.61 -21.72
C ASP GA 122 32.12 46.24 -21.09
N ILE GA 123 32.28 47.37 -20.42
CA ILE GA 123 31.12 48.07 -19.85
C ILE GA 123 30.16 48.46 -20.97
N ASP GA 124 30.70 48.98 -22.07
CA ASP GA 124 29.85 49.33 -23.20
C ASP GA 124 29.20 48.10 -23.82
N ARG GA 125 29.92 46.98 -23.86
CA ARG GA 125 29.35 45.74 -24.36
C ARG GA 125 28.19 45.28 -23.48
N ILE GA 126 28.36 45.35 -22.16
CA ILE GA 126 27.27 45.01 -21.25
C ILE GA 126 26.09 45.94 -21.48
N SER GA 127 26.37 47.22 -21.75
CA SER GA 127 25.31 48.17 -22.03
C SER GA 127 24.52 47.78 -23.28
N GLU GA 128 25.22 47.41 -24.34
CA GLU GA 128 24.57 47.21 -25.63
C GLU GA 128 24.12 45.77 -25.86
N GLN GA 129 24.44 44.83 -24.97
CA GLN GA 129 24.14 43.43 -25.20
C GLN GA 129 23.32 42.76 -24.11
N THR GA 130 23.13 43.40 -22.96
CA THR GA 130 22.26 42.83 -21.94
C THR GA 130 20.83 42.81 -22.47
N ASP GA 131 20.35 41.61 -22.81
CA ASP GA 131 19.05 41.46 -23.45
C ASP GA 131 18.09 40.70 -22.54
N PHE GA 132 16.81 41.04 -22.66
CA PHE GA 132 15.74 40.33 -21.98
C PHE GA 132 14.51 40.43 -22.85
N ASN GA 133 14.07 39.31 -23.42
CA ASN GA 133 12.94 39.30 -24.34
C ASN GA 133 13.16 40.27 -25.50
N GLY GA 134 14.39 40.29 -26.01
CA GLY GA 134 14.73 41.20 -27.09
C GLY GA 134 14.64 42.66 -26.72
N VAL GA 135 14.98 43.01 -25.50
CA VAL GA 135 14.97 44.40 -25.03
C VAL GA 135 16.36 44.73 -24.51
N LYS GA 136 16.98 45.77 -25.07
CA LYS GA 136 18.27 46.23 -24.59
C LYS GA 136 18.07 46.96 -23.27
N VAL GA 137 17.89 46.20 -22.19
CA VAL GA 137 17.39 46.77 -20.94
C VAL GA 137 18.39 47.77 -20.36
N LEU GA 138 19.66 47.40 -20.30
CA LEU GA 138 20.68 48.27 -19.72
C LEU GA 138 21.40 49.06 -20.80
N SER GA 139 20.65 49.72 -21.68
CA SER GA 139 21.25 50.44 -22.80
C SER GA 139 20.81 51.90 -22.75
N ASP GA 140 21.29 52.67 -23.73
CA ASP GA 140 20.94 54.09 -23.82
C ASP GA 140 19.57 54.30 -24.43
N SER GA 141 18.94 53.27 -25.00
CA SER GA 141 17.60 53.35 -25.54
C SER GA 141 16.76 52.27 -24.84
N ALA GA 142 16.24 52.61 -23.67
CA ALA GA 142 15.38 51.69 -22.92
C ALA GA 142 14.42 52.55 -22.09
N LYS GA 143 13.24 52.77 -22.64
CA LYS GA 143 12.23 53.52 -21.93
C LYS GA 143 11.74 52.72 -20.72
N PRO GA 144 11.33 53.40 -19.65
CA PRO GA 144 10.83 52.68 -18.47
C PRO GA 144 9.62 51.82 -18.81
N LEU GA 145 9.54 50.68 -18.15
CA LEU GA 145 8.52 49.69 -18.46
C LEU GA 145 7.25 49.97 -17.68
N THR GA 146 6.19 49.21 -17.97
CA THR GA 146 4.89 49.40 -17.35
C THR GA 146 4.56 48.36 -16.29
N LEU GA 147 4.62 47.07 -16.64
CA LEU GA 147 4.31 45.99 -15.71
C LEU GA 147 2.91 46.15 -15.12
N GLN GA 148 1.91 46.06 -15.99
CA GLN GA 148 0.53 46.17 -15.55
C GLN GA 148 0.21 45.09 -14.53
N VAL GA 149 -0.06 45.52 -13.29
CA VAL GA 149 -0.39 44.61 -12.20
C VAL GA 149 -1.82 44.91 -11.76
N GLY GA 150 -2.66 43.89 -11.74
CA GLY GA 150 -4.04 44.01 -11.33
C GLY GA 150 -4.96 44.19 -12.51
N ALA GA 151 -6.18 43.67 -12.38
CA ALA GA 151 -7.21 43.91 -13.37
C ALA GA 151 -7.68 45.37 -13.28
N ASN GA 152 -8.62 45.73 -14.14
CA ASN GA 152 -9.16 47.10 -14.21
C ASN GA 152 -8.01 48.10 -14.42
N ASP GA 153 -7.40 47.97 -15.61
CA ASP GA 153 -6.15 48.66 -15.91
C ASP GA 153 -6.25 50.15 -15.64
N GLY GA 154 -5.09 50.76 -15.40
CA GLY GA 154 -4.99 52.13 -15.00
C GLY GA 154 -3.87 52.30 -13.99
N GLU GA 155 -3.36 51.15 -13.51
CA GLU GA 155 -2.27 51.11 -12.55
C GLU GA 155 -1.14 50.27 -13.11
N THR GA 156 0.09 50.76 -12.98
CA THR GA 156 1.27 50.10 -13.49
C THR GA 156 2.39 50.24 -12.48
N ILE GA 157 3.56 49.71 -12.81
CA ILE GA 157 4.75 49.80 -11.97
C ILE GA 157 5.90 50.20 -12.88
N THR GA 158 6.22 51.48 -12.92
CA THR GA 158 7.31 51.96 -13.75
C THR GA 158 8.65 51.49 -13.18
N LEU GA 159 9.51 50.98 -14.06
CA LEU GA 159 10.83 50.52 -13.63
C LEU GA 159 11.86 51.63 -13.60
N ASN GA 160 11.87 52.50 -14.61
CA ASN GA 160 12.81 53.61 -14.71
C ASN GA 160 14.26 53.11 -14.70
N LEU GA 161 14.58 52.36 -15.76
CA LEU GA 161 15.91 51.82 -15.96
C LEU GA 161 16.39 52.18 -17.36
N SER GA 162 17.57 52.78 -17.47
CA SER GA 162 18.15 53.15 -18.75
C SER GA 162 19.53 53.77 -18.54
N GLU GA 163 20.32 53.78 -19.61
CA GLU GA 163 21.56 54.53 -19.74
C GLU GA 163 22.57 54.21 -18.63
N ILE GA 164 23.05 52.97 -18.66
CA ILE GA 164 24.29 52.60 -17.97
C ILE GA 164 25.27 52.17 -19.04
N SER GA 165 26.35 52.94 -19.19
CA SER GA 165 27.37 52.72 -20.20
C SER GA 165 28.46 53.75 -19.98
N VAL GA 166 29.54 53.63 -20.76
CA VAL GA 166 30.44 54.76 -20.90
C VAL GA 166 29.68 55.90 -21.57
N LYS GA 167 30.16 57.12 -21.36
CA LYS GA 167 29.56 58.35 -21.89
C LYS GA 167 28.26 58.70 -21.16
N THR GA 168 27.81 57.84 -20.24
CA THR GA 168 26.70 58.17 -19.37
C THR GA 168 26.97 57.92 -17.90
N LEU GA 169 27.91 57.04 -17.54
CA LEU GA 169 28.48 57.07 -16.21
C LEU GA 169 29.41 58.26 -16.01
N GLY GA 170 29.71 59.00 -17.07
CA GLY GA 170 30.45 60.23 -16.97
C GLY GA 170 31.92 60.12 -17.34
N LEU GA 171 32.46 58.90 -17.39
CA LEU GA 171 33.87 58.76 -17.71
C LEU GA 171 34.15 59.25 -19.12
N ASP GA 172 33.72 58.48 -20.12
CA ASP GA 172 33.60 58.90 -21.52
C ASP GA 172 34.95 59.27 -22.14
N GLY GA 173 35.97 59.44 -21.32
CA GLY GA 173 37.29 59.80 -21.81
C GLY GA 173 38.38 59.29 -20.89
N PHE GA 174 38.03 58.38 -19.99
CA PHE GA 174 38.91 58.07 -18.87
C PHE GA 174 40.30 57.70 -19.35
N ASN GA 175 41.29 58.35 -18.77
CA ASN GA 175 42.63 58.32 -19.31
C ASN GA 175 43.66 58.59 -18.22
N VAL GA 176 44.77 57.89 -18.29
CA VAL GA 176 45.88 58.09 -17.37
C VAL GA 176 47.15 58.54 -18.08
N ASN GA 177 47.26 58.36 -19.39
CA ASN GA 177 48.42 58.70 -20.18
C ASN GA 177 47.99 59.63 -21.33
N GLY GA 178 48.88 59.80 -22.31
CA GLY GA 178 48.56 60.68 -23.43
C GLY GA 178 47.35 60.21 -24.22
N LYS GA 179 47.26 58.91 -24.49
CA LYS GA 179 46.20 58.40 -25.37
C LYS GA 179 44.85 58.37 -24.65
N GLY GA 180 44.14 59.49 -24.66
CA GLY GA 180 42.86 59.59 -24.00
C GLY GA 180 41.77 60.24 -24.82
N VAL GA 181 41.75 59.98 -26.13
CA VAL GA 181 40.91 60.70 -27.07
C VAL GA 181 39.47 60.82 -26.57
N THR GA 182 38.99 62.05 -26.48
CA THR GA 182 37.65 62.36 -25.98
C THR GA 182 36.73 62.67 -27.15
N GLN GA 183 35.52 63.15 -26.84
CA GLN GA 183 34.52 63.46 -27.84
C GLN GA 183 34.25 64.96 -27.86
N ASN GA 184 34.14 65.52 -29.06
CA ASN GA 184 33.81 66.93 -29.22
C ASN GA 184 32.29 67.09 -29.31
N ARG GA 185 31.85 68.31 -29.55
CA ARG GA 185 30.44 68.64 -29.63
C ARG GA 185 30.13 69.30 -30.96
N SER GA 186 28.90 69.11 -31.43
CA SER GA 186 28.46 69.70 -32.69
C SER GA 186 28.60 71.21 -32.65
N ALA GA 187 29.15 71.78 -33.71
CA ALA GA 187 29.31 73.23 -33.78
C ALA GA 187 27.94 73.90 -33.83
N THR GA 188 27.80 74.98 -33.07
CA THR GA 188 26.54 75.68 -32.97
C THR GA 188 26.59 76.98 -33.76
N VAL GA 189 25.42 77.38 -34.28
CA VAL GA 189 25.34 78.64 -35.03
C VAL GA 189 25.75 79.80 -34.15
N THR GA 190 25.45 79.74 -32.86
CA THR GA 190 25.95 80.76 -31.93
C THR GA 190 27.47 80.77 -31.92
N ASP GA 191 28.09 79.58 -31.86
CA ASP GA 191 29.54 79.52 -31.95
C ASP GA 191 30.04 80.02 -33.30
N VAL GA 192 29.33 79.67 -34.38
CA VAL GA 192 29.72 80.14 -35.71
C VAL GA 192 29.78 81.66 -35.73
N ILE GA 193 28.79 82.32 -35.12
CA ILE GA 193 28.83 83.77 -35.02
C ILE GA 193 29.92 84.22 -34.06
N ALA GA 194 30.25 83.40 -33.05
CA ALA GA 194 31.15 83.83 -31.98
C ALA GA 194 32.53 84.20 -32.52
N GLN GA 195 33.12 83.36 -33.36
CA GLN GA 195 34.43 83.66 -33.93
C GLN GA 195 34.28 84.42 -35.25
N GLY GA 196 33.71 85.62 -35.14
CA GLY GA 196 33.62 86.51 -36.28
C GLY GA 196 32.78 85.98 -37.43
N GLY GA 197 31.65 85.34 -37.12
CA GLY GA 197 30.79 84.83 -38.17
C GLY GA 197 30.25 85.95 -39.04
N THR GA 198 30.35 85.76 -40.35
CA THR GA 198 29.87 86.72 -41.34
C THR GA 198 28.87 86.01 -42.25
N LEU GA 199 27.59 86.36 -42.10
CA LEU GA 199 26.53 85.67 -42.83
C LEU GA 199 26.61 86.00 -44.32
N GLN GA 200 26.28 85.00 -45.15
CA GLN GA 200 26.26 85.16 -46.60
C GLN GA 200 24.94 84.81 -47.23
N GLY GA 201 24.02 84.17 -46.52
CA GLY GA 201 22.76 83.73 -47.10
C GLY GA 201 21.91 82.96 -46.12
N ASP GA 202 21.38 81.81 -46.55
CA ASP GA 202 20.55 80.97 -45.69
C ASP GA 202 21.45 80.21 -44.73
N GLY GA 203 21.77 80.87 -43.62
CA GLY GA 203 22.62 80.27 -42.62
C GLY GA 203 24.04 79.99 -43.08
N THR GA 204 24.52 80.72 -44.08
CA THR GA 204 25.85 80.53 -44.63
C THR GA 204 26.77 81.59 -44.05
N TYR GA 205 27.76 81.17 -43.27
CA TYR GA 205 28.65 82.08 -42.57
C TYR GA 205 30.09 81.88 -43.01
N LYS GA 206 30.86 82.96 -43.05
CA LYS GA 206 32.21 82.96 -43.57
C LYS GA 206 33.16 83.28 -42.42
N ALA GA 207 33.70 82.24 -41.79
CA ALA GA 207 34.65 82.44 -40.71
C ALA GA 207 36.00 82.90 -41.26
N THR GA 208 36.64 83.81 -40.56
CA THR GA 208 37.88 84.43 -41.02
C THR GA 208 38.99 84.19 -40.01
N THR GA 209 40.23 84.17 -40.51
CA THR GA 209 41.41 84.10 -39.63
C THR GA 209 42.59 84.68 -40.41
N THR GA 210 42.92 85.94 -40.13
CA THR GA 210 44.03 86.58 -40.81
C THR GA 210 45.36 85.96 -40.40
N PHE GA 211 46.23 85.76 -41.38
CA PHE GA 211 47.52 85.13 -41.15
C PHE GA 211 48.70 86.02 -41.49
N ASN GA 212 48.47 87.32 -41.73
CA ASN GA 212 49.56 88.21 -42.12
C ASN GA 212 50.61 88.24 -41.02
N ALA GA 213 51.76 87.64 -41.29
CA ALA GA 213 52.76 87.37 -40.27
C ALA GA 213 54.10 87.17 -40.97
N ALA GA 214 55.03 86.52 -40.27
CA ALA GA 214 56.40 86.27 -40.74
C ALA GA 214 57.17 87.58 -40.84
N SER GA 215 57.25 88.31 -39.73
CA SER GA 215 58.06 89.51 -39.67
C SER GA 215 59.54 89.15 -39.76
N ALA GA 216 60.39 90.17 -39.71
CA ALA GA 216 61.83 89.97 -39.88
C ALA GA 216 62.40 89.06 -38.79
N GLU GA 217 61.93 89.23 -37.55
CA GLU GA 217 62.45 88.42 -36.46
C GLU GA 217 62.16 86.94 -36.67
N THR GA 218 60.93 86.61 -37.07
CA THR GA 218 60.55 85.21 -37.21
C THR GA 218 61.27 84.54 -38.37
N VAL GA 219 61.62 85.29 -39.41
CA VAL GA 219 62.32 84.68 -40.53
C VAL GA 219 63.82 84.63 -40.26
N LEU GA 220 64.35 85.59 -39.49
CA LEU GA 220 65.74 85.50 -39.05
C LEU GA 220 65.94 84.39 -38.03
N SER GA 221 64.88 83.97 -37.35
CA SER GA 221 64.98 82.89 -36.37
C SER GA 221 65.36 81.56 -37.00
N LYS GA 222 65.05 81.36 -38.29
CA LYS GA 222 65.35 80.10 -38.96
C LYS GA 222 66.28 80.33 -40.16
N LEU GA 223 67.33 81.12 -39.96
CA LEU GA 223 68.22 81.52 -41.03
C LEU GA 223 69.53 80.76 -40.94
N GLU GA 224 69.96 80.18 -42.07
CA GLU GA 224 71.26 79.52 -42.14
C GLU GA 224 71.99 79.83 -43.45
N ASP GA 225 71.47 80.74 -44.26
CA ASP GA 225 72.11 81.06 -45.54
C ASP GA 225 72.19 82.56 -45.73
N GLY GA 226 72.54 83.00 -46.94
CA GLY GA 226 72.74 84.40 -47.21
C GLY GA 226 71.46 85.15 -47.54
N ASN GA 227 71.39 86.39 -47.06
CA ASN GA 227 70.30 87.30 -47.36
C ASN GA 227 70.85 88.51 -48.10
N THR GA 228 69.99 89.49 -48.35
CA THR GA 228 70.41 90.67 -49.08
C THR GA 228 69.56 91.87 -48.68
N VAL GA 229 70.14 93.06 -48.84
CA VAL GA 229 69.47 94.32 -48.55
C VAL GA 229 69.70 95.26 -49.71
N ALA GA 230 68.61 95.79 -50.27
CA ALA GA 230 68.69 96.74 -51.37
C ALA GA 230 67.76 97.91 -51.07
N VAL GA 231 68.29 99.13 -51.13
CA VAL GA 231 67.52 100.33 -50.83
C VAL GA 231 66.92 100.80 -52.16
N GLY GA 232 65.77 100.25 -52.50
CA GLY GA 232 65.12 100.61 -53.75
C GLY GA 232 65.98 100.23 -54.94
N GLY GA 233 66.18 101.19 -55.84
CA GLY GA 233 66.97 100.99 -57.03
C GLY GA 233 68.45 101.31 -56.89
N GLY GA 234 68.92 101.57 -55.67
CA GLY GA 234 70.31 101.90 -55.42
C GLY GA 234 71.18 100.67 -55.27
N ALA GA 235 72.29 100.85 -54.56
CA ALA GA 235 73.22 99.75 -54.34
C ALA GA 235 72.59 98.68 -53.45
N THR GA 236 73.15 97.48 -53.52
CA THR GA 236 72.62 96.31 -52.82
C THR GA 236 73.72 95.66 -51.99
N TYR GA 237 73.36 95.21 -50.79
CA TYR GA 237 74.29 94.55 -49.89
C TYR GA 237 73.77 93.16 -49.54
N THR GA 238 74.68 92.19 -49.52
CA THR GA 238 74.35 90.80 -49.18
C THR GA 238 75.15 90.37 -47.96
N TYR GA 239 74.51 89.57 -47.11
CA TYR GA 239 75.11 89.13 -45.85
C TYR GA 239 74.97 87.62 -45.75
N ASP GA 240 75.94 86.99 -45.09
CA ASP GA 240 75.97 85.55 -44.93
C ASP GA 240 76.12 85.20 -43.45
N ALA GA 241 75.24 84.35 -42.94
CA ALA GA 241 75.26 83.94 -41.54
C ALA GA 241 76.04 82.63 -41.42
N ALA GA 242 77.32 82.72 -41.06
CA ALA GA 242 78.14 81.53 -40.89
C ALA GA 242 77.62 80.66 -39.75
N LYS GA 243 77.67 81.19 -38.53
CA LYS GA 243 77.15 80.51 -37.34
C LYS GA 243 75.93 81.23 -36.78
N GLY GA 244 75.23 81.99 -37.63
CA GLY GA 244 74.28 82.96 -37.17
C GLY GA 244 74.84 84.36 -37.01
N ASN GA 245 76.16 84.50 -37.08
CA ASN GA 245 76.83 85.80 -37.13
C ASN GA 245 77.09 86.15 -38.59
N PHE GA 246 76.73 87.35 -38.98
CA PHE GA 246 76.71 87.71 -40.40
C PHE GA 246 78.09 88.16 -40.88
N THR GA 247 78.48 87.67 -42.04
CA THR GA 247 79.74 88.05 -42.69
C THR GA 247 79.41 88.67 -44.04
N TYR GA 248 80.03 89.80 -44.35
CA TYR GA 248 79.72 90.54 -45.56
C TYR GA 248 80.90 91.47 -45.86
N THR GA 249 80.75 92.27 -46.90
CA THR GA 249 81.80 93.19 -47.32
C THR GA 249 81.32 94.63 -47.25
N LYS GA 250 82.24 95.52 -46.89
CA LYS GA 250 82.00 96.96 -46.91
C LYS GA 250 83.14 97.63 -47.64
N THR GA 251 82.80 98.52 -48.57
CA THR GA 251 83.81 99.29 -49.28
C THR GA 251 84.30 100.44 -48.43
N VAL GA 252 85.59 100.74 -48.55
CA VAL GA 252 86.20 101.88 -47.86
C VAL GA 252 86.86 102.74 -48.93
N ASP GA 253 86.42 103.98 -49.05
CA ASP GA 253 86.90 104.87 -50.09
C ASP GA 253 86.56 106.31 -49.71
N THR GA 254 86.76 107.22 -50.66
CA THR GA 254 86.50 108.64 -50.46
C THR GA 254 85.86 109.18 -51.74
N THR GA 255 85.86 110.51 -51.89
CA THR GA 255 85.25 111.16 -53.03
C THR GA 255 86.23 111.97 -53.88
N VAL GA 256 87.48 112.14 -53.43
CA VAL GA 256 88.45 112.98 -54.11
C VAL GA 256 89.44 112.07 -54.82
N GLY GA 257 89.51 112.18 -56.14
CA GLY GA 257 90.47 111.39 -56.90
C GLY GA 257 91.91 111.78 -56.62
N ALA GA 258 92.17 113.06 -56.40
CA ALA GA 258 93.53 113.54 -56.21
C ALA GA 258 94.00 113.45 -54.76
N ASP GA 259 93.11 113.15 -53.82
CA ASP GA 259 93.49 113.10 -52.41
C ASP GA 259 92.65 112.02 -51.73
N VAL GA 260 93.29 110.92 -51.33
CA VAL GA 260 92.63 109.86 -50.59
C VAL GA 260 93.33 109.68 -49.24
N THR GA 261 93.89 110.77 -48.72
CA THR GA 261 94.45 110.71 -47.37
C THR GA 261 93.40 110.29 -46.36
N ALA GA 262 92.15 110.71 -46.57
CA ALA GA 262 91.06 110.23 -45.73
C ALA GA 262 90.84 108.74 -45.88
N LEU GA 263 91.08 108.19 -47.07
CA LEU GA 263 90.97 106.74 -47.24
C LEU GA 263 92.00 106.01 -46.37
N ALA GA 264 93.24 106.50 -46.35
CA ALA GA 264 94.26 105.90 -45.50
C ALA GA 264 93.90 106.08 -44.02
N ASN GA 265 93.39 107.27 -43.67
CA ASN GA 265 92.97 107.53 -42.30
C ASN GA 265 91.69 106.79 -41.92
N LYS GA 266 91.04 106.16 -42.89
CA LYS GA 266 89.94 105.23 -42.65
C LYS GA 266 90.43 103.80 -42.45
N ILE GA 267 91.37 103.36 -43.30
CA ILE GA 267 91.88 102.00 -43.17
C ILE GA 267 92.71 101.84 -41.91
N LYS GA 268 93.51 102.86 -41.57
CA LYS GA 268 94.44 102.74 -40.45
C LYS GA 268 93.75 102.44 -39.12
N PRO GA 269 92.69 103.15 -38.71
CA PRO GA 269 92.02 102.78 -37.46
C PRO GA 269 91.44 101.37 -37.47
N SER GA 270 91.00 100.90 -38.63
CA SER GA 270 90.50 99.52 -38.72
C SER GA 270 91.61 98.53 -38.38
N SER GA 271 92.84 98.81 -38.82
CA SER GA 271 93.96 97.95 -38.47
C SER GA 271 94.27 98.00 -36.98
N GLY GA 272 94.06 99.15 -36.36
CA GLY GA 272 94.36 99.34 -34.95
C GLY GA 272 95.46 100.36 -34.74
N THR GA 273 96.16 100.20 -33.60
CA THR GA 273 97.25 101.08 -33.25
C THR GA 273 98.60 100.36 -33.23
N ILE GA 274 98.73 99.30 -32.44
CA ILE GA 274 99.96 98.51 -32.38
C ILE GA 274 99.58 97.04 -32.36
N SER GA 275 100.20 96.25 -33.24
CA SER GA 275 99.95 94.81 -33.29
C SER GA 275 101.18 94.13 -33.87
N GLY GA 276 101.09 92.82 -34.04
CA GLY GA 276 102.25 92.02 -34.43
C GLY GA 276 102.23 91.57 -35.88
N SER GA 277 101.90 90.31 -36.11
CA SER GA 277 102.03 89.72 -37.43
C SER GA 277 100.99 90.28 -38.38
N TYR GA 278 101.44 90.96 -39.43
CA TYR GA 278 100.62 91.40 -40.54
C TYR GA 278 101.05 90.68 -41.80
N GLU GA 279 100.29 90.90 -42.87
CA GLU GA 279 100.64 90.38 -44.18
C GLU GA 279 100.47 91.48 -45.22
N ILE GA 280 101.46 91.63 -46.09
CA ILE GA 280 101.43 92.61 -47.17
C ILE GA 280 101.51 91.86 -48.49
N SER GA 281 100.58 92.16 -49.39
CA SER GA 281 100.52 91.53 -50.71
C SER GA 281 100.71 92.57 -51.81
N THR GA 282 101.59 93.54 -51.57
CA THR GA 282 101.86 94.55 -52.58
C THR GA 282 102.49 93.90 -53.81
N GLY GA 283 102.28 94.53 -54.97
CA GLY GA 283 102.67 93.92 -56.22
C GLY GA 283 101.69 92.83 -56.60
N LYS GA 284 102.16 91.58 -56.65
CA LYS GA 284 101.25 90.48 -56.94
C LYS GA 284 101.38 89.34 -55.93
N SER GA 285 102.59 89.05 -55.48
CA SER GA 285 102.82 87.87 -54.63
C SER GA 285 103.81 88.20 -53.52
N ALA GA 286 103.62 89.36 -52.88
CA ALA GA 286 104.49 89.72 -51.76
C ALA GA 286 104.34 88.73 -50.61
N SER GA 287 103.16 88.68 -50.00
CA SER GA 287 102.81 87.68 -48.99
C SER GA 287 103.81 87.70 -47.83
N PHE GA 288 104.02 88.88 -47.27
CA PHE GA 288 104.97 89.04 -46.18
C PHE GA 288 104.36 88.60 -44.85
N ASP GA 289 105.22 88.47 -43.85
CA ASP GA 289 104.83 88.26 -42.44
C ASP GA 289 105.56 89.33 -41.64
N VAL GA 290 104.96 90.52 -41.55
CA VAL GA 290 105.63 91.69 -41.04
C VAL GA 290 105.14 91.98 -39.62
N ASP GA 291 105.91 92.82 -38.92
CA ASP GA 291 105.58 93.27 -37.57
C ASP GA 291 105.70 94.79 -37.56
N ALA GA 292 104.56 95.48 -37.55
CA ALA GA 292 104.53 96.94 -37.61
C ALA GA 292 104.14 97.49 -36.23
N ALA GA 293 105.15 97.79 -35.42
CA ALA GA 293 104.95 98.51 -34.16
C ALA GA 293 105.06 100.00 -34.43
N GLY GA 294 104.10 100.51 -35.20
CA GLY GA 294 104.21 101.85 -35.74
C GLY GA 294 104.87 101.80 -37.09
N LYS GA 295 106.17 102.08 -37.14
CA LYS GA 295 106.93 101.95 -38.37
C LYS GA 295 106.97 100.48 -38.81
N ILE GA 296 106.89 100.26 -40.12
CA ILE GA 296 106.77 98.90 -40.65
C ILE GA 296 108.13 98.23 -40.66
N THR GA 297 108.19 97.02 -40.10
CA THR GA 297 109.42 96.24 -40.04
C THR GA 297 109.14 94.80 -40.44
N ILE GA 298 110.21 94.03 -40.56
CA ILE GA 298 110.13 92.59 -40.82
C ILE GA 298 110.75 91.86 -39.64
N GLY GA 299 110.38 90.59 -39.48
CA GLY GA 299 110.99 89.79 -38.45
C GLY GA 299 112.48 89.64 -38.64
N GLY GA 300 113.27 90.33 -37.83
CA GLY GA 300 114.72 90.26 -37.89
C GLY GA 300 115.40 91.44 -38.55
N ASN GA 301 114.67 92.34 -39.19
CA ASN GA 301 115.29 93.46 -39.88
C ASN GA 301 114.24 94.55 -40.09
N ALA GA 302 114.65 95.62 -40.77
CA ALA GA 302 113.76 96.72 -41.11
C ALA GA 302 113.07 96.43 -42.44
N ALA GA 303 112.27 97.37 -42.92
CA ALA GA 303 111.53 97.18 -44.18
C ALA GA 303 111.32 98.55 -44.82
N PHE GA 304 112.12 98.88 -45.82
CA PHE GA 304 111.97 100.11 -46.57
C PHE GA 304 111.01 99.86 -47.74
N LEU GA 305 110.82 100.88 -48.58
CA LEU GA 305 109.84 100.79 -49.66
C LEU GA 305 110.35 101.53 -50.88
N ASN GA 306 110.34 100.86 -52.03
CA ASN GA 306 110.65 101.48 -53.31
C ASN GA 306 109.36 101.69 -54.09
N ALA GA 307 109.23 102.86 -54.72
CA ALA GA 307 107.94 103.33 -55.21
C ALA GA 307 108.02 103.80 -56.66
N ASP GA 308 106.83 104.06 -57.21
CA ASP GA 308 106.59 104.76 -58.47
C ASP GA 308 106.91 103.93 -59.70
N GLY GA 309 107.55 102.78 -59.52
CA GLY GA 309 107.58 101.78 -60.58
C GLY GA 309 106.61 100.67 -60.25
N GLU GA 310 106.72 100.19 -59.01
CA GLU GA 310 105.74 99.32 -58.38
C GLU GA 310 106.00 99.39 -56.88
N LEU GA 311 105.05 99.91 -56.12
CA LEU GA 311 105.28 100.23 -54.71
C LEU GA 311 105.39 98.93 -53.93
N THR GA 312 106.62 98.47 -53.73
CA THR GA 312 106.90 97.20 -53.05
C THR GA 312 107.71 97.46 -51.79
N THR GA 313 107.66 96.51 -50.87
CA THR GA 313 108.39 96.60 -49.61
C THR GA 313 109.61 95.69 -49.66
N ASN GA 314 110.78 96.24 -49.38
CA ASN GA 314 112.01 95.47 -49.34
C ASN GA 314 112.95 96.08 -48.31
N ASP GA 315 113.75 95.22 -47.69
CA ASP GA 315 114.71 95.67 -46.69
C ASP GA 315 115.99 96.23 -47.30
N ALA GA 316 116.24 95.99 -48.59
CA ALA GA 316 117.41 96.53 -49.27
C ALA GA 316 117.06 97.91 -49.79
N SER GA 317 117.36 98.94 -49.01
CA SER GA 317 116.98 100.30 -49.36
C SER GA 317 117.76 100.79 -50.56
N GLY GA 318 117.10 101.61 -51.38
CA GLY GA 318 117.71 102.25 -52.52
C GLY GA 318 118.02 103.71 -52.27
N ALA GA 319 118.07 104.47 -53.36
CA ALA GA 319 118.33 105.91 -53.25
C ALA GA 319 117.09 106.71 -52.90
N LEU GA 320 115.90 106.21 -53.25
CA LEU GA 320 114.64 106.94 -53.09
C LEU GA 320 113.63 106.10 -52.30
N THR GA 321 114.08 105.55 -51.18
CA THR GA 321 113.24 104.64 -50.38
C THR GA 321 112.91 105.25 -49.03
N GLN GA 322 111.70 104.96 -48.55
CA GLN GA 322 111.22 105.39 -47.25
C GLN GA 322 110.59 104.20 -46.54
N ALA GA 323 110.44 104.32 -45.23
CA ALA GA 323 109.93 103.21 -44.42
C ALA GA 323 108.99 103.75 -43.35
N THR GA 324 107.70 103.46 -43.50
CA THR GA 324 106.70 103.74 -42.47
C THR GA 324 105.40 103.04 -42.86
N LEU GA 325 104.50 102.92 -41.88
CA LEU GA 325 103.23 102.26 -42.13
C LEU GA 325 102.36 103.07 -43.07
N ASP GA 326 102.44 104.41 -43.00
CA ASP GA 326 101.61 105.24 -43.86
C ASP GA 326 101.93 105.03 -45.33
N ASP GA 327 103.22 104.91 -45.67
CA ASP GA 327 103.61 104.67 -47.05
C ASP GA 327 103.10 103.32 -47.53
N VAL GA 328 103.19 102.29 -46.68
CA VAL GA 328 102.72 100.96 -47.07
C VAL GA 328 101.21 100.97 -47.28
N LEU GA 329 100.49 101.66 -46.38
CA LEU GA 329 99.04 101.75 -46.53
C LEU GA 329 98.66 102.51 -47.78
N THR GA 330 99.41 103.57 -48.11
CA THR GA 330 99.18 104.27 -49.37
C THR GA 330 99.44 103.35 -50.56
N SER GA 331 100.52 102.56 -50.48
CA SER GA 331 100.80 101.59 -51.53
C SER GA 331 99.65 100.62 -51.73
N VAL GA 332 99.11 100.09 -50.64
CA VAL GA 332 98.01 99.13 -50.73
C VAL GA 332 96.77 99.80 -51.29
N GLY GA 333 96.46 101.01 -50.81
CA GLY GA 333 95.19 101.63 -51.12
C GLY GA 333 95.19 102.59 -52.29
N THR GA 334 96.33 103.18 -52.63
CA THR GA 334 96.39 104.24 -53.63
C THR GA 334 97.12 103.80 -54.89
N GLU GA 335 98.36 103.34 -54.77
CA GLU GA 335 99.19 102.99 -55.93
C GLU GA 335 99.37 101.49 -56.05
N ALA GA 336 98.39 100.71 -55.59
CA ALA GA 336 98.45 99.26 -55.75
C ALA GA 336 98.44 98.88 -57.23
N ASN GA 337 97.56 99.51 -58.00
CA ASN GA 337 97.39 99.26 -59.43
C ASN GA 337 97.11 97.80 -59.75
N SER GA 338 96.67 97.04 -58.75
CA SER GA 338 96.38 95.62 -58.89
C SER GA 338 95.68 95.15 -57.63
N SER GA 339 95.40 93.85 -57.57
CA SER GA 339 94.76 93.25 -56.40
C SER GA 339 95.79 93.14 -55.29
N VAL GA 340 95.78 94.13 -54.40
CA VAL GA 340 96.70 94.19 -53.26
C VAL GA 340 95.87 94.24 -51.99
N THR GA 341 96.20 93.39 -51.03
CA THR GA 341 95.46 93.31 -49.78
C THR GA 341 96.42 93.18 -48.61
N ILE GA 342 95.90 93.42 -47.41
CA ILE GA 342 96.65 93.24 -46.17
C ILE GA 342 95.94 92.18 -45.34
N GLY GA 343 96.66 91.12 -45.00
CA GLY GA 343 96.12 90.02 -44.24
C GLY GA 343 96.25 90.14 -42.74
N GLY GA 344 96.70 91.28 -42.23
CA GLY GA 344 96.88 91.42 -40.80
C GLY GA 344 95.57 91.48 -40.04
N THR GA 345 95.61 90.96 -38.81
CA THR GA 345 94.45 90.95 -37.90
C THR GA 345 93.26 90.23 -38.53
N LYS GA 346 93.55 89.20 -39.33
CA LYS GA 346 92.51 88.36 -39.95
C LYS GA 346 91.53 89.18 -40.78
N TYR GA 347 92.04 90.21 -41.44
CA TYR GA 347 91.28 91.02 -42.37
C TYR GA 347 91.91 90.93 -43.76
N SER GA 348 91.22 91.49 -44.75
CA SER GA 348 91.75 91.50 -46.11
C SER GA 348 91.25 92.78 -46.80
N HIS GA 349 92.08 93.82 -46.73
CA HIS GA 349 91.74 95.11 -47.36
C HIS GA 349 92.22 95.10 -48.81
N SER GA 350 91.51 94.35 -49.63
CA SER GA 350 91.87 94.22 -51.04
C SER GA 350 91.66 95.55 -51.76
N ALA GA 351 92.58 95.87 -52.66
CA ALA GA 351 92.48 97.08 -53.48
C ALA GA 351 91.61 96.76 -54.69
N ALA GA 352 90.29 96.86 -54.48
CA ALA GA 352 89.35 96.62 -55.57
C ALA GA 352 89.57 97.61 -56.71
N ASP GA 353 89.80 98.87 -56.38
CA ASP GA 353 90.12 99.90 -57.36
C ASP GA 353 91.31 100.70 -56.85
N GLU GA 354 92.28 100.93 -57.72
CA GLU GA 354 93.44 101.74 -57.39
C GLU GA 354 93.16 103.22 -57.66
N LEU GA 355 94.09 104.06 -57.25
CA LEU GA 355 93.99 105.50 -57.46
C LEU GA 355 94.94 105.90 -58.59
N SER GA 356 94.37 106.24 -59.75
CA SER GA 356 95.13 106.82 -60.85
C SER GA 356 95.24 108.34 -60.72
N TYR GA 357 95.03 108.87 -59.51
CA TYR GA 357 95.05 110.28 -59.16
C TYR GA 357 93.87 111.05 -59.76
N THR GA 358 93.03 110.39 -60.55
CA THR GA 358 91.78 110.97 -61.05
C THR GA 358 90.57 110.19 -60.58
N ALA GA 359 90.57 108.87 -60.71
CA ALA GA 359 89.48 108.03 -60.24
C ALA GA 359 89.76 107.57 -58.82
N VAL GA 360 88.74 107.68 -57.96
CA VAL GA 360 88.89 107.36 -56.55
C VAL GA 360 89.18 105.87 -56.38
N ALA GA 361 90.04 105.56 -55.42
CA ALA GA 361 90.44 104.18 -55.16
C ALA GA 361 89.47 103.50 -54.21
N THR GA 362 89.50 102.16 -54.22
CA THR GA 362 88.61 101.35 -53.40
C THR GA 362 89.44 100.32 -52.64
N THR GA 363 89.19 100.21 -51.33
CA THR GA 363 89.89 99.28 -50.45
C THR GA 363 88.88 98.42 -49.70
N ALA GA 364 87.94 97.85 -50.43
CA ALA GA 364 86.87 97.08 -49.81
C ALA GA 364 87.41 95.90 -49.02
N ASP GA 365 86.76 95.60 -47.90
CA ASP GA 365 87.17 94.51 -47.03
C ASP GA 365 85.94 93.76 -46.55
N VAL GA 366 86.16 92.52 -46.10
CA VAL GA 366 85.13 91.75 -45.44
C VAL GA 366 85.03 92.26 -44.00
N LEU GA 367 84.11 93.20 -43.77
CA LEU GA 367 84.04 93.85 -42.47
C LEU GA 367 83.30 92.99 -41.45
N SER GA 368 82.11 92.50 -41.82
CA SER GA 368 81.23 91.78 -40.90
C SER GA 368 80.93 92.62 -39.66
N ALA GA 369 80.95 93.94 -39.82
CA ALA GA 369 80.73 94.83 -38.69
C ALA GA 369 79.32 94.72 -38.12
N MET GA 370 78.37 94.28 -38.93
CA MET GA 370 77.01 93.98 -38.47
C MET GA 370 76.82 92.50 -38.27
N GLY GA 371 77.86 91.82 -37.79
CA GLY GA 371 77.80 90.37 -37.66
C GLY GA 371 76.68 89.89 -36.74
N SER GA 372 76.40 90.66 -35.69
CA SER GA 372 75.34 90.28 -34.77
C SER GA 372 74.01 90.17 -35.49
N SER GA 373 73.31 89.06 -35.25
CA SER GA 373 72.00 88.86 -35.86
C SER GA 373 71.02 89.96 -35.43
N THR GA 374 71.15 90.45 -34.20
CA THR GA 374 70.32 91.55 -33.77
C THR GA 374 70.67 92.84 -34.52
N ALA GA 375 71.94 93.03 -34.87
CA ALA GA 375 72.31 94.19 -35.68
C ALA GA 375 71.64 94.15 -37.05
N VAL GA 376 71.62 92.97 -37.68
CA VAL GA 376 70.95 92.83 -38.96
C VAL GA 376 69.45 93.02 -38.80
N SER GA 377 68.88 92.54 -37.69
CA SER GA 377 67.47 92.78 -37.42
C SER GA 377 67.19 94.27 -37.28
N THR GA 378 68.08 95.01 -36.62
CA THR GA 378 67.92 96.45 -36.49
C THR GA 378 67.95 97.12 -37.86
N VAL GA 379 68.95 96.77 -38.68
CA VAL GA 379 69.10 97.47 -39.95
C VAL GA 379 67.96 97.12 -40.90
N THR GA 380 67.43 95.90 -40.83
CA THR GA 380 66.30 95.54 -41.68
C THR GA 380 64.98 96.02 -41.10
N LEU GA 381 64.95 96.39 -39.83
CA LEU GA 381 63.75 96.96 -39.22
C LEU GA 381 63.72 98.48 -39.28
N GLY GA 382 64.89 99.12 -39.24
CA GLY GA 382 64.98 100.56 -39.32
C GLY GA 382 65.42 101.07 -40.67
N SER GA 383 65.34 100.23 -41.69
CA SER GA 383 65.79 100.60 -43.02
C SER GA 383 64.84 101.63 -43.62
N GLY GA 384 65.33 102.31 -44.66
CA GLY GA 384 64.54 103.31 -45.36
C GLY GA 384 63.57 102.66 -46.33
N ILE GA 385 63.44 103.23 -47.53
CA ILE GA 385 62.59 102.64 -48.55
C ILE GA 385 63.39 101.58 -49.28
N THR GA 386 63.40 100.36 -48.74
CA THR GA 386 64.24 99.28 -49.22
C THR GA 386 63.39 98.08 -49.61
N SER GA 387 64.05 97.09 -50.20
CA SER GA 387 63.43 95.83 -50.60
C SER GA 387 64.32 94.66 -50.18
N ALA GA 388 64.78 94.70 -48.93
CA ALA GA 388 65.69 93.68 -48.43
C ALA GA 388 65.04 92.30 -48.48
N ALA GA 389 65.85 91.29 -48.79
CA ALA GA 389 65.35 89.93 -49.03
C ALA GA 389 66.22 88.92 -48.29
N VAL GA 390 65.62 87.79 -47.95
CA VAL GA 390 66.28 86.73 -47.21
C VAL GA 390 66.13 85.42 -47.96
N THR GA 391 67.24 84.73 -48.20
CA THR GA 391 67.26 83.35 -48.63
C THR GA 391 67.69 82.53 -47.42
N PHE GA 392 66.77 81.74 -46.86
CA PHE GA 392 66.97 81.11 -45.57
C PHE GA 392 66.88 79.59 -45.62
N ALA GA 393 67.02 79.00 -46.81
CA ALA GA 393 66.89 77.57 -46.93
C ALA GA 393 67.78 77.06 -48.06
N ILE GA 394 67.93 75.75 -48.12
CA ILE GA 394 68.87 75.12 -49.04
C ILE GA 394 68.16 74.82 -50.35
N ALA GA 395 68.95 74.54 -51.38
CA ALA GA 395 68.49 74.39 -52.76
C ALA GA 395 67.22 73.57 -52.91
N THR GA 396 67.10 72.47 -52.18
CA THR GA 396 65.89 71.67 -52.25
C THR GA 396 64.71 72.34 -51.55
N THR GA 397 64.98 73.30 -50.67
CA THR GA 397 63.93 74.07 -50.01
C THR GA 397 64.12 75.57 -50.23
N ASP GA 398 64.94 75.97 -51.18
CA ASP GA 398 65.33 77.37 -51.34
C ASP GA 398 64.12 78.23 -51.65
N SER GA 399 64.17 79.47 -51.17
CA SER GA 399 63.11 80.43 -51.38
C SER GA 399 63.66 81.83 -51.09
N ASN GA 400 62.79 82.83 -51.20
CA ASN GA 400 63.18 84.20 -50.90
C ASN GA 400 61.99 84.88 -50.24
N ASN GA 401 62.29 85.77 -49.29
CA ASN GA 401 61.28 86.53 -48.58
C ASN GA 401 61.44 88.01 -48.89
N THR GA 402 60.36 88.65 -49.30
CA THR GA 402 60.35 90.08 -49.57
C THR GA 402 59.30 90.73 -48.67
N TRP GA 403 59.70 91.80 -47.98
CA TRP GA 403 58.87 92.39 -46.94
C TRP GA 403 58.87 93.91 -47.06
N VAL GA 404 58.17 94.56 -46.13
CA VAL GA 404 57.98 95.99 -46.17
C VAL GA 404 59.33 96.70 -45.97
N ASP GA 405 59.43 97.89 -46.57
CA ASP GA 405 60.69 98.62 -46.57
C ASP GA 405 61.23 98.87 -45.16
N ASN GA 406 60.34 99.03 -44.18
CA ASN GA 406 60.82 99.34 -42.83
C ASN GA 406 60.06 98.61 -41.73
N LYS GA 407 59.32 97.57 -42.05
CA LYS GA 407 58.54 96.85 -41.03
C LYS GA 407 58.98 95.41 -40.83
N GLY GA 408 59.55 94.76 -41.86
CA GLY GA 408 59.87 93.36 -41.76
C GLY GA 408 58.74 92.42 -42.11
N GLU GA 409 57.52 92.93 -42.25
CA GLU GA 409 56.36 92.09 -42.49
C GLU GA 409 56.32 91.65 -43.96
N LEU GA 410 56.30 90.34 -44.18
CA LEU GA 410 56.21 89.79 -45.53
C LEU GA 410 54.82 90.05 -46.08
N THR GA 411 54.73 90.91 -47.10
CA THR GA 411 53.42 91.27 -47.65
C THR GA 411 52.75 90.08 -48.31
N ASP GA 412 53.50 89.29 -49.08
CA ASP GA 412 52.94 88.20 -49.85
C ASP GA 412 53.12 86.83 -49.19
N ILE GA 413 53.74 86.78 -48.01
CA ILE GA 413 53.98 85.53 -47.30
C ILE GA 413 53.35 85.62 -45.92
N GLN GA 414 52.53 84.65 -45.58
CA GLN GA 414 51.80 84.61 -44.31
C GLN GA 414 52.17 83.34 -43.57
N THR GA 415 51.79 83.29 -42.30
CA THR GA 415 52.01 82.11 -41.46
C THR GA 415 50.67 81.61 -40.94
N PHE GA 416 50.42 80.33 -41.12
CA PHE GA 416 49.23 79.71 -40.55
C PHE GA 416 49.50 79.42 -39.06
N ASP GA 417 48.62 78.67 -38.43
CA ASP GA 417 48.90 78.23 -37.07
C ASP GA 417 50.04 77.23 -37.01
N THR GA 418 50.47 76.69 -38.15
CA THR GA 418 51.52 75.68 -38.20
C THR GA 418 52.77 76.17 -38.91
N SER GA 419 52.66 76.65 -40.14
CA SER GA 419 53.84 76.96 -40.93
C SER GA 419 53.53 78.14 -41.84
N TYR GA 420 54.38 78.35 -42.85
CA TYR GA 420 54.28 79.47 -43.77
C TYR GA 420 53.40 79.09 -44.95
N LYS GA 421 52.78 80.08 -45.58
CA LYS GA 421 52.14 79.90 -46.88
C LYS GA 421 51.70 81.27 -47.36
N ILE GA 422 51.40 81.36 -48.66
CA ILE GA 422 51.15 82.65 -49.30
C ILE GA 422 49.67 83.01 -49.26
N ASN GA 423 48.90 82.32 -48.42
CA ASN GA 423 47.47 82.60 -48.27
C ASN GA 423 47.25 83.54 -47.11
N ALA GA 424 46.55 84.65 -47.36
CA ALA GA 424 46.27 85.61 -46.30
C ALA GA 424 45.32 85.04 -45.26
N ASP GA 425 44.24 84.39 -45.71
CA ASP GA 425 43.27 83.80 -44.81
C ASP GA 425 42.69 82.55 -45.45
N THR GA 426 42.50 81.51 -44.63
CA THR GA 426 41.82 80.31 -45.12
C THR GA 426 40.41 80.64 -45.56
N GLY GA 427 39.65 81.31 -44.70
CA GLY GA 427 38.31 81.76 -45.05
C GLY GA 427 37.35 80.64 -45.41
N GLU GA 428 37.40 79.54 -44.66
CA GLU GA 428 36.44 78.47 -44.88
C GLU GA 428 35.03 78.92 -44.50
N VAL GA 429 34.05 78.39 -45.22
CA VAL GA 429 32.66 78.82 -45.09
C VAL GA 429 31.86 77.64 -44.56
N THR GA 430 31.19 77.85 -43.43
CA THR GA 430 30.35 76.84 -42.80
C THR GA 430 28.90 77.28 -42.88
N VAL GA 431 28.05 76.42 -43.43
CA VAL GA 431 26.63 76.69 -43.59
C VAL GA 431 25.87 76.01 -42.45
N VAL GA 432 24.95 76.74 -41.83
CA VAL GA 432 24.19 76.25 -40.69
C VAL GA 432 22.85 75.75 -41.17
N GLY GA 433 22.54 74.49 -40.90
CA GLY GA 433 21.24 73.93 -41.21
C GLY GA 433 20.13 74.67 -40.49
N ASP GA 434 19.08 75.05 -41.20
CA ASP GA 434 17.97 75.74 -40.57
C ASP GA 434 17.11 74.80 -39.74
N ASN GA 435 16.85 73.59 -40.23
CA ASN GA 435 15.95 72.66 -39.57
C ASN GA 435 16.62 71.90 -38.43
N SER GA 436 17.93 72.01 -38.26
CA SER GA 436 18.62 71.28 -37.21
C SER GA 436 19.81 72.09 -36.75
N ALA GA 437 20.28 71.80 -35.53
CA ALA GA 437 21.45 72.48 -35.01
C ALA GA 437 22.71 72.14 -35.80
N THR GA 438 22.65 71.09 -36.63
CA THR GA 438 23.81 70.69 -37.43
C THR GA 438 24.24 71.82 -38.35
N ALA GA 439 25.54 72.08 -38.37
CA ALA GA 439 26.15 73.06 -39.26
C ALA GA 439 26.95 72.31 -40.32
N GLY GA 440 26.65 72.56 -41.59
CA GLY GA 440 27.34 71.91 -42.67
C GLY GA 440 28.66 72.58 -42.99
N GLN GA 441 29.35 72.02 -43.97
CA GLN GA 441 30.62 72.55 -44.47
C GLN GA 441 30.43 73.00 -45.91
N TYR GA 442 30.43 74.32 -46.13
CA TYR GA 442 30.24 74.86 -47.46
C TYR GA 442 31.61 75.18 -48.07
N ALA GA 443 32.30 74.10 -48.45
CA ALA GA 443 33.67 74.19 -48.96
C ALA GA 443 33.94 72.92 -49.77
N SER GA 444 35.23 72.67 -50.07
CA SER GA 444 35.59 71.48 -50.82
C SER GA 444 35.23 70.20 -50.05
N ALA GA 445 35.18 70.26 -48.72
CA ALA GA 445 34.70 69.13 -47.94
C ALA GA 445 33.23 68.86 -48.24
N ASP GA 446 32.46 69.92 -48.52
CA ASP GA 446 31.11 69.83 -49.08
C ASP GA 446 30.18 69.03 -48.17
N GLY GA 447 29.94 69.59 -46.99
CA GLY GA 447 28.95 69.05 -46.08
C GLY GA 447 29.49 68.20 -44.95
N ALA GA 448 30.81 68.09 -44.81
CA ALA GA 448 31.36 67.37 -43.67
C ALA GA 448 30.94 68.03 -42.36
N LYS GA 449 30.47 67.23 -41.42
CA LYS GA 449 30.00 67.76 -40.15
C LYS GA 449 31.13 68.47 -39.41
N VAL GA 450 30.82 69.66 -38.90
CA VAL GA 450 31.80 70.49 -38.20
C VAL GA 450 31.53 70.43 -36.70
N LEU GA 451 32.59 70.27 -35.92
CA LEU GA 451 32.49 70.18 -34.47
C LEU GA 451 33.54 71.05 -33.83
N VAL GA 452 33.20 71.60 -32.68
CA VAL GA 452 34.12 72.46 -31.93
C VAL GA 452 34.87 71.60 -30.94
N GLY GA 453 36.20 71.54 -31.09
CA GLY GA 453 37.03 70.71 -30.24
C GLY GA 453 37.42 71.41 -28.94
N SER GA 454 38.20 70.69 -28.14
CA SER GA 454 38.71 71.23 -26.88
C SER GA 454 39.69 72.35 -27.18
N ASP GA 455 39.33 73.57 -26.78
CA ASP GA 455 40.12 74.77 -27.07
C ASP GA 455 40.36 74.91 -28.57
N GLY GA 456 39.36 74.56 -29.35
CA GLY GA 456 39.43 74.68 -30.80
C GLY GA 456 38.36 75.63 -31.29
N LYS GA 457 38.71 76.46 -32.28
CA LYS GA 457 37.72 77.33 -32.90
C LYS GA 457 36.60 76.51 -33.53
N LEU GA 458 36.94 75.71 -34.53
CA LEU GA 458 36.00 74.81 -35.19
C LEU GA 458 36.79 73.89 -36.11
N THR GA 459 36.35 72.63 -36.18
CA THR GA 459 37.05 71.63 -36.98
C THR GA 459 36.06 70.56 -37.41
N THR GA 460 36.54 69.59 -38.18
CA THR GA 460 35.71 68.53 -38.71
C THR GA 460 35.70 67.28 -37.85
N GLU GA 461 36.84 66.91 -37.27
CA GLU GA 461 36.93 65.68 -36.49
C GLU GA 461 36.11 65.80 -35.20
N THR GA 462 35.47 64.69 -34.84
CA THR GA 462 34.63 64.63 -33.66
C THR GA 462 35.40 64.32 -32.38
N THR GA 463 36.70 64.04 -32.48
CA THR GA 463 37.50 63.61 -31.34
C THR GA 463 38.74 64.46 -31.22
N SER GA 464 39.29 64.50 -30.00
CA SER GA 464 40.50 65.25 -29.72
C SER GA 464 41.20 64.60 -28.54
N ALA GA 465 42.46 64.98 -28.33
CA ALA GA 465 43.25 64.41 -27.26
C ALA GA 465 42.64 64.70 -25.89
N GLY GA 466 42.68 63.70 -25.01
CA GLY GA 466 42.08 63.82 -23.70
C GLY GA 466 42.95 64.55 -22.69
N ASP GA 467 44.26 64.32 -22.78
CA ASP GA 467 45.25 65.07 -22.01
C ASP GA 467 45.01 64.92 -20.50
N LYS GA 468 45.22 63.70 -20.00
CA LYS GA 468 45.40 63.45 -18.57
C LYS GA 468 44.18 63.92 -17.77
N THR GA 469 43.06 63.21 -17.95
CA THR GA 469 41.82 63.51 -17.25
C THR GA 469 42.07 63.95 -15.82
N THR GA 470 41.51 65.11 -15.46
CA THR GA 470 41.94 65.88 -14.30
C THR GA 470 41.85 65.12 -12.99
N ASP GA 471 40.63 64.78 -12.55
CA ASP GA 471 40.40 64.12 -11.28
C ASP GA 471 39.76 62.76 -11.56
N PRO GA 472 40.56 61.70 -11.65
CA PRO GA 472 40.01 60.39 -12.00
C PRO GA 472 39.06 59.84 -10.95
N LEU GA 473 39.47 59.89 -9.68
CA LEU GA 473 38.67 59.24 -8.65
C LEU GA 473 37.36 59.98 -8.39
N LYS GA 474 37.33 61.29 -8.60
CA LYS GA 474 36.05 61.99 -8.53
C LYS GA 474 35.09 61.55 -9.64
N THR GA 475 35.60 61.38 -10.86
CA THR GA 475 34.75 60.86 -11.93
C THR GA 475 34.28 59.45 -11.59
N LEU GA 476 35.18 58.62 -11.07
CA LEU GA 476 34.80 57.25 -10.70
C LEU GA 476 33.76 57.26 -9.59
N ASP GA 477 33.89 58.16 -8.63
CA ASP GA 477 32.92 58.24 -7.54
C ASP GA 477 31.56 58.73 -8.05
N ALA GA 478 31.56 59.65 -9.01
CA ALA GA 478 30.29 60.06 -9.63
C ALA GA 478 29.64 58.88 -10.34
N ALA GA 479 30.43 58.10 -11.08
CA ALA GA 479 29.91 56.91 -11.72
C ALA GA 479 29.39 55.92 -10.69
N PHE GA 480 30.11 55.76 -9.57
CA PHE GA 480 29.67 54.87 -8.51
C PHE GA 480 28.34 55.33 -7.94
N THR GA 481 28.19 56.63 -7.71
CA THR GA 481 26.93 57.14 -7.17
C THR GA 481 25.79 56.87 -8.13
N LYS GA 482 25.98 57.15 -9.42
CA LYS GA 482 24.92 56.91 -10.39
C LYS GA 482 24.55 55.44 -10.47
N LEU GA 483 25.56 54.56 -10.58
CA LEU GA 483 25.30 53.13 -10.70
C LEU GA 483 24.63 52.59 -9.45
N ASP GA 484 25.10 53.01 -8.27
CA ASP GA 484 24.51 52.53 -7.03
C ASP GA 484 23.09 53.05 -6.85
N LYS GA 485 22.83 54.28 -7.32
CA LYS GA 485 21.46 54.79 -7.28
C LYS GA 485 20.54 53.94 -8.12
N LEU GA 486 20.95 53.62 -9.35
CA LEU GA 486 20.11 52.80 -10.20
C LEU GA 486 19.95 51.39 -9.63
N THR GA 487 21.02 50.82 -9.09
CA THR GA 487 20.95 49.48 -8.51
C THR GA 487 20.02 49.46 -7.30
N GLY GA 488 20.10 50.48 -6.44
CA GLY GA 488 19.19 50.55 -5.31
C GLY GA 488 17.75 50.73 -5.73
N GLU GA 489 17.52 51.52 -6.78
CA GLU GA 489 16.16 51.62 -7.31
C GLU GA 489 15.66 50.26 -7.79
N LEU GA 490 16.51 49.51 -8.48
CA LEU GA 490 16.10 48.19 -8.96
C LEU GA 490 15.82 47.25 -7.79
N GLY GA 491 16.64 47.29 -6.75
CA GLY GA 491 16.39 46.46 -5.58
C GLY GA 491 15.08 46.81 -4.90
N ALA GA 492 14.81 48.11 -4.78
CA ALA GA 492 13.53 48.54 -4.23
C ALA GA 492 12.37 48.05 -5.07
N VAL GA 493 12.53 48.08 -6.40
CA VAL GA 493 11.48 47.59 -7.28
C VAL GA 493 11.28 46.09 -7.11
N GLN GA 494 12.37 45.35 -6.92
CA GLN GA 494 12.25 43.92 -6.69
C GLN GA 494 11.48 43.64 -5.39
N ASN GA 495 11.79 44.40 -4.33
CA ASN GA 495 11.05 44.23 -3.08
C ASN GA 495 9.58 44.54 -3.27
N ARG GA 496 9.28 45.67 -3.94
CA ARG GA 496 7.89 46.03 -4.21
C ARG GA 496 7.19 44.93 -4.99
N LEU GA 497 7.88 44.37 -5.99
CA LEU GA 497 7.25 43.40 -6.88
C LEU GA 497 6.99 42.09 -6.16
N GLU GA 498 7.92 41.64 -5.30
CA GLU GA 498 7.62 40.42 -4.54
C GLU GA 498 6.50 40.66 -3.53
N SER GA 499 6.42 41.86 -2.95
CA SER GA 499 5.30 42.17 -2.08
C SER GA 499 3.99 42.18 -2.86
N THR GA 500 4.01 42.70 -4.09
CA THR GA 500 2.82 42.64 -4.93
C THR GA 500 2.46 41.19 -5.25
N ILE GA 501 3.46 40.34 -5.48
CA ILE GA 501 3.17 38.93 -5.73
C ILE GA 501 2.44 38.33 -4.54
N ALA GA 502 2.93 38.59 -3.33
CA ALA GA 502 2.26 38.06 -2.14
C ALA GA 502 0.84 38.61 -2.01
N ASN GA 503 0.67 39.92 -2.21
CA ASN GA 503 -0.65 40.53 -2.06
C ASN GA 503 -1.63 39.98 -3.11
N LEU GA 504 -1.19 39.90 -4.36
CA LEU GA 504 -2.05 39.36 -5.41
C LEU GA 504 -2.40 37.91 -5.16
N ASN GA 505 -1.45 37.11 -4.66
CA ASN GA 505 -1.78 35.73 -4.34
C ASN GA 505 -2.84 35.67 -3.24
N ASN GA 506 -2.70 36.51 -2.22
CA ASN GA 506 -3.71 36.57 -1.16
C ASN GA 506 -5.08 36.90 -1.74
N VAL GA 507 -5.13 37.92 -2.60
CA VAL GA 507 -6.43 38.33 -3.16
C VAL GA 507 -6.98 37.25 -4.07
N VAL GA 508 -6.11 36.54 -4.80
CA VAL GA 508 -6.56 35.44 -5.64
C VAL GA 508 -7.23 34.35 -4.81
N ASN GA 509 -6.58 33.95 -3.72
CA ASN GA 509 -7.19 32.92 -2.87
C ASN GA 509 -8.50 33.42 -2.27
N ASN GA 510 -8.52 34.67 -1.81
CA ASN GA 510 -9.72 35.20 -1.19
C ASN GA 510 -10.87 35.29 -2.18
N LEU GA 511 -10.59 35.71 -3.42
CA LEU GA 511 -11.64 35.82 -4.42
C LEU GA 511 -12.09 34.45 -4.91
N SER GA 512 -11.18 33.47 -4.97
CA SER GA 512 -11.60 32.11 -5.27
C SER GA 512 -12.55 31.59 -4.20
N SER GA 513 -12.22 31.85 -2.93
CA SER GA 513 -13.12 31.47 -1.86
C SER GA 513 -14.45 32.20 -1.97
N ALA GA 514 -14.43 33.49 -2.29
CA ALA GA 514 -15.66 34.25 -2.43
C ALA GA 514 -16.53 33.68 -3.54
N ARG GA 515 -15.91 33.29 -4.65
CA ARG GA 515 -16.64 32.61 -5.71
C ARG GA 515 -17.23 31.30 -5.22
N SER GA 516 -16.49 30.57 -4.38
CA SER GA 516 -17.02 29.33 -3.83
C SER GA 516 -18.25 29.57 -2.97
N ARG GA 517 -18.23 30.59 -2.12
CA ARG GA 517 -19.39 30.86 -1.28
C ARG GA 517 -20.65 31.17 -2.08
N ILE GA 518 -20.52 31.54 -3.35
CA ILE GA 518 -21.66 31.92 -4.17
C ILE GA 518 -21.92 30.92 -5.30
N GLN GA 519 -20.89 30.55 -6.05
CA GLN GA 519 -21.13 29.87 -7.32
C GLN GA 519 -21.33 28.38 -7.15
N ASP GA 520 -20.30 27.67 -6.72
CA ASP GA 520 -20.34 26.21 -6.75
C ASP GA 520 -21.22 25.65 -5.63
N ALA GA 521 -21.57 24.37 -5.77
CA ALA GA 521 -22.64 23.76 -5.00
C ALA GA 521 -22.11 22.91 -3.85
N ASP GA 522 -22.88 22.84 -2.78
CA ASP GA 522 -22.54 22.05 -1.61
C ASP GA 522 -23.06 20.63 -1.80
N TYR GA 523 -22.14 19.67 -1.94
CA TYR GA 523 -22.54 18.31 -2.24
C TYR GA 523 -23.36 17.69 -1.11
N ALA GA 524 -23.16 18.13 0.12
CA ALA GA 524 -23.94 17.59 1.24
C ALA GA 524 -25.42 17.86 1.03
N THR GA 525 -25.78 19.07 0.59
CA THR GA 525 -27.18 19.37 0.30
C THR GA 525 -27.61 18.70 -0.99
N GLU GA 526 -26.73 18.67 -2.00
CA GLU GA 526 -27.13 18.22 -3.33
C GLU GA 526 -27.45 16.73 -3.34
N VAL GA 527 -26.62 15.92 -2.70
CA VAL GA 527 -26.86 14.47 -2.68
C VAL GA 527 -28.15 14.16 -1.94
N SER GA 528 -28.39 14.84 -0.82
CA SER GA 528 -29.64 14.65 -0.09
C SER GA 528 -30.84 15.06 -0.94
N ASN GA 529 -30.71 16.17 -1.67
CA ASN GA 529 -31.80 16.61 -2.53
C ASN GA 529 -32.08 15.59 -3.62
N MET GA 530 -31.02 15.02 -4.21
CA MET GA 530 -31.21 14.00 -5.23
C MET GA 530 -31.89 12.77 -4.66
N SER GA 531 -31.49 12.35 -3.46
CA SER GA 531 -32.13 11.18 -2.84
C SER GA 531 -33.60 11.44 -2.57
N LYS GA 532 -33.93 12.62 -2.02
CA LYS GA 532 -35.32 12.93 -1.76
C LYS GA 532 -36.13 12.98 -3.05
N ALA GA 533 -35.55 13.55 -4.11
CA ALA GA 533 -36.25 13.60 -5.38
C ALA GA 533 -36.49 12.20 -5.94
N GLN GA 534 -35.50 11.32 -5.80
CA GLN GA 534 -35.68 9.94 -6.27
C GLN GA 534 -36.81 9.24 -5.51
N ILE GA 535 -36.82 9.39 -4.18
CA ILE GA 535 -37.88 8.77 -3.38
C ILE GA 535 -39.23 9.33 -3.80
N LEU GA 536 -39.31 10.65 -3.96
CA LEU GA 536 -40.57 11.28 -4.35
C LEU GA 536 -41.03 10.78 -5.72
N GLN GA 537 -40.10 10.63 -6.67
CA GLN GA 537 -40.47 10.19 -7.99
C GLN GA 537 -40.99 8.75 -7.98
N GLN GA 538 -40.32 7.87 -7.24
CA GLN GA 538 -40.78 6.48 -7.18
C GLN GA 538 -42.15 6.39 -6.50
N ALA GA 539 -42.34 7.13 -5.40
CA ALA GA 539 -43.64 7.16 -4.75
C ALA GA 539 -44.70 7.70 -5.68
N GLY GA 540 -44.37 8.74 -6.45
CA GLY GA 540 -45.32 9.29 -7.40
C GLY GA 540 -45.70 8.30 -8.48
N THR GA 541 -44.72 7.55 -8.99
CA THR GA 541 -45.02 6.54 -9.99
C THR GA 541 -45.97 5.48 -9.43
N SER GA 542 -45.68 5.00 -8.22
CA SER GA 542 -46.55 3.97 -7.63
C SER GA 542 -47.96 4.50 -7.40
N VAL GA 543 -48.06 5.71 -6.82
CA VAL GA 543 -49.39 6.25 -6.52
C VAL GA 543 -50.13 6.59 -7.81
N LEU GA 544 -49.42 6.95 -8.88
CA LEU GA 544 -50.06 7.13 -10.17
C LEU GA 544 -50.58 5.82 -10.71
N ALA GA 545 -49.84 4.72 -10.53
CA ALA GA 545 -50.34 3.42 -10.93
C ALA GA 545 -51.63 3.09 -10.21
N GLN GA 546 -51.66 3.33 -8.90
CA GLN GA 546 -52.92 3.12 -8.17
C GLN GA 546 -54.01 4.10 -8.58
N ALA GA 547 -53.66 5.33 -8.95
CA ALA GA 547 -54.67 6.28 -9.40
C ALA GA 547 -55.32 5.81 -10.70
N ASN GA 548 -54.51 5.30 -11.63
CA ASN GA 548 -55.06 4.71 -12.85
C ASN GA 548 -55.80 3.41 -12.57
N GLN GA 549 -55.48 2.73 -11.46
CA GLN GA 549 -56.23 1.57 -11.04
C GLN GA 549 -57.56 1.93 -10.39
N VAL GA 550 -57.70 3.16 -9.90
CA VAL GA 550 -58.93 3.57 -9.21
C VAL GA 550 -60.17 3.38 -10.08
N PRO GA 551 -60.23 3.88 -11.33
CA PRO GA 551 -61.47 3.73 -12.10
C PRO GA 551 -61.77 2.29 -12.51
N GLN GA 552 -60.84 1.37 -12.30
CA GLN GA 552 -61.12 -0.04 -12.58
C GLN GA 552 -62.28 -0.55 -11.74
N THR GA 553 -62.44 -0.02 -10.52
CA THR GA 553 -63.55 -0.43 -9.68
C THR GA 553 -64.89 -0.09 -10.32
N VAL GA 554 -64.92 0.97 -11.13
CA VAL GA 554 -66.13 1.27 -11.90
C VAL GA 554 -66.44 0.12 -12.84
N LEU GA 555 -65.42 -0.49 -13.41
CA LEU GA 555 -65.60 -1.65 -14.29
C LEU GA 555 -65.73 -2.94 -13.48
N SER GA 556 -66.62 -2.91 -12.50
CA SER GA 556 -66.96 -4.10 -11.72
C SER GA 556 -68.43 -4.42 -11.79
N LEU GA 557 -69.30 -3.44 -11.57
CA LEU GA 557 -70.73 -3.65 -11.69
C LEU GA 557 -71.13 -3.56 -13.16
N LEU GA 558 -71.82 -4.58 -13.65
CA LEU GA 558 -72.19 -4.66 -15.06
C LEU GA 558 -73.45 -5.48 -15.25
N ALA HA 2 -34.72 -9.20 -34.72
CA ALA HA 2 -36.12 -9.19 -34.32
C ALA HA 2 -36.31 -10.02 -33.05
N ALA HA 3 -37.46 -10.70 -32.96
CA ALA HA 3 -37.82 -11.43 -31.76
C ALA HA 3 -37.42 -12.89 -31.82
N VAL HA 4 -36.33 -13.20 -32.51
CA VAL HA 4 -35.82 -14.56 -32.60
C VAL HA 4 -34.99 -14.88 -31.37
N ILE HA 5 -35.03 -16.12 -30.93
CA ILE HA 5 -34.31 -16.54 -29.73
C ILE HA 5 -33.38 -17.73 -29.97
N ASN HA 6 -33.61 -18.54 -31.00
CA ASN HA 6 -32.76 -19.71 -31.21
C ASN HA 6 -31.33 -19.32 -31.57
N THR HA 7 -31.15 -18.12 -32.11
CA THR HA 7 -29.82 -17.57 -32.37
C THR HA 7 -29.78 -16.14 -31.83
N ASN HA 8 -28.69 -15.82 -31.13
CA ASN HA 8 -28.49 -14.48 -30.58
C ASN HA 8 -27.22 -13.91 -31.23
N TYR HA 9 -27.42 -13.13 -32.30
CA TYR HA 9 -26.30 -12.57 -33.04
C TYR HA 9 -25.48 -11.62 -32.18
N LEU HA 10 -26.14 -10.84 -31.33
CA LEU HA 10 -25.42 -9.89 -30.48
C LEU HA 10 -24.47 -10.60 -29.55
N SER HA 11 -24.90 -11.74 -28.99
CA SER HA 11 -24.00 -12.54 -28.15
C SER HA 11 -22.78 -13.00 -28.94
N LEU HA 12 -22.98 -13.41 -30.19
CA LEU HA 12 -21.85 -13.86 -31.01
C LEU HA 12 -20.87 -12.71 -31.26
N VAL HA 13 -21.39 -11.52 -31.58
CA VAL HA 13 -20.51 -10.38 -31.79
C VAL HA 13 -19.73 -10.06 -30.54
N ALA HA 14 -20.41 -10.04 -29.40
CA ALA HA 14 -19.74 -9.74 -28.13
C ALA HA 14 -18.68 -10.79 -27.81
N GLN HA 15 -18.98 -12.06 -28.07
CA GLN HA 15 -18.01 -13.12 -27.82
C GLN HA 15 -16.79 -12.97 -28.71
N ASN HA 16 -16.98 -12.64 -29.99
CA ASN HA 16 -15.84 -12.45 -30.87
C ASN HA 16 -14.98 -11.28 -30.41
N ASN HA 17 -15.61 -10.16 -30.07
CA ASN HA 17 -14.84 -9.02 -29.59
C ASN HA 17 -14.12 -9.33 -28.29
N LEU HA 18 -14.76 -10.08 -27.39
CA LEU HA 18 -14.11 -10.49 -26.16
C LEU HA 18 -12.92 -11.38 -26.44
N ASN HA 19 -13.03 -12.27 -27.43
CA ASN HA 19 -11.90 -13.11 -27.81
C ASN HA 19 -10.74 -12.27 -28.33
N LYS HA 20 -11.03 -11.25 -29.14
CA LYS HA 20 -9.97 -10.36 -29.60
C LYS HA 20 -9.32 -9.63 -28.43
N SER HA 21 -10.14 -9.15 -27.49
CA SER HA 21 -9.60 -8.47 -26.31
C SER HA 21 -8.72 -9.40 -25.50
N GLN HA 22 -9.14 -10.65 -25.34
CA GLN HA 22 -8.36 -11.62 -24.57
C GLN HA 22 -7.06 -11.96 -25.27
N SER HA 23 -7.07 -12.03 -26.60
CA SER HA 23 -5.82 -12.25 -27.33
C SER HA 23 -4.85 -11.09 -27.10
N SER HA 24 -5.37 -9.86 -27.16
CA SER HA 24 -4.51 -8.72 -26.88
C SER HA 24 -3.97 -8.76 -25.46
N LEU HA 25 -4.83 -9.12 -24.49
CA LEU HA 25 -4.39 -9.23 -23.11
C LEU HA 25 -3.32 -10.31 -22.95
N GLY HA 26 -3.50 -11.43 -23.64
CA GLY HA 26 -2.52 -12.50 -23.55
C GLY HA 26 -1.16 -12.09 -24.11
N THR HA 27 -1.16 -11.42 -25.26
CA THR HA 27 0.09 -10.93 -25.80
C THR HA 27 0.75 -9.94 -24.85
N ALA HA 28 -0.04 -9.02 -24.29
CA ALA HA 28 0.50 -8.05 -23.35
C ALA HA 28 1.07 -8.73 -22.11
N ILE HA 29 0.36 -9.72 -21.58
CA ILE HA 29 0.79 -10.41 -20.37
C ILE HA 29 2.07 -11.19 -20.63
N GLU HA 30 2.15 -11.87 -21.77
CA GLU HA 30 3.34 -12.62 -22.09
C GLU HA 30 4.53 -11.68 -22.24
N ARG HA 31 4.34 -10.56 -22.94
CA ARG HA 31 5.43 -9.59 -23.08
C ARG HA 31 5.82 -8.99 -21.74
N LEU HA 32 4.85 -8.79 -20.86
CA LEU HA 32 5.15 -8.25 -19.54
C LEU HA 32 5.98 -9.21 -18.72
N SER HA 33 5.56 -10.48 -18.65
CA SER HA 33 6.25 -11.47 -17.85
C SER HA 33 7.65 -11.74 -18.38
N SER HA 34 7.76 -12.01 -19.68
CA SER HA 34 9.08 -12.30 -20.23
C SER HA 34 9.92 -11.04 -20.36
N GLY HA 35 9.30 -9.90 -20.61
CA GLY HA 35 10.01 -8.66 -20.84
C GLY HA 35 10.45 -8.44 -22.27
N LEU HA 36 10.30 -9.42 -23.14
CA LEU HA 36 10.79 -9.35 -24.50
C LEU HA 36 9.62 -9.07 -25.43
N ARG HA 37 9.73 -7.99 -26.20
CA ARG HA 37 8.70 -7.70 -27.20
C ARG HA 37 8.66 -8.78 -28.27
N ILE HA 38 9.83 -9.25 -28.71
CA ILE HA 38 9.91 -10.26 -29.75
C ILE HA 38 10.03 -11.61 -29.05
N ASN HA 39 8.88 -12.21 -28.75
CA ASN HA 39 8.80 -13.58 -28.30
C ASN HA 39 7.71 -14.27 -29.10
N SER HA 40 7.84 -15.59 -29.27
CA SER HA 40 6.87 -16.35 -30.05
C SER HA 40 6.81 -15.83 -31.49
N ALA HA 41 7.86 -16.20 -32.25
CA ALA HA 41 8.28 -15.57 -33.50
C ALA HA 41 7.14 -15.14 -34.42
N LYS HA 42 5.95 -15.71 -34.26
CA LYS HA 42 4.76 -15.15 -34.88
C LYS HA 42 4.67 -13.64 -34.67
N ASP HA 43 5.29 -13.12 -33.62
CA ASP HA 43 5.41 -11.69 -33.41
C ASP HA 43 6.78 -11.23 -33.91
N ASP HA 44 6.79 -10.42 -34.98
CA ASP HA 44 8.01 -9.85 -35.53
C ASP HA 44 8.99 -10.94 -35.94
N ALA HA 45 8.59 -11.70 -36.96
CA ALA HA 45 9.34 -12.88 -37.39
C ALA HA 45 10.79 -12.53 -37.72
N ALA HA 46 11.00 -11.52 -38.56
CA ALA HA 46 12.37 -11.09 -38.84
C ALA HA 46 13.01 -10.45 -37.62
N GLY HA 47 12.20 -9.92 -36.71
CA GLY HA 47 12.75 -9.34 -35.50
C GLY HA 47 13.53 -10.35 -34.67
N MET HA 48 13.02 -11.57 -34.54
CA MET HA 48 13.76 -12.57 -33.78
C MET HA 48 14.98 -13.06 -34.53
N ALA HA 49 14.93 -13.08 -35.85
CA ALA HA 49 16.15 -13.37 -36.61
C ALA HA 49 17.23 -12.32 -36.31
N ILE HA 50 16.84 -11.05 -36.32
CA ILE HA 50 17.78 -9.99 -36.00
C ILE HA 50 18.29 -10.12 -34.57
N ALA HA 51 17.38 -10.39 -33.63
CA ALA HA 51 17.78 -10.53 -32.24
C ALA HA 51 18.69 -11.72 -32.03
N ASN HA 52 18.42 -12.83 -32.71
CA ASN HA 52 19.28 -14.01 -32.63
C ASN HA 52 20.67 -13.69 -33.15
N ARG HA 53 20.75 -13.01 -34.30
CA ARG HA 53 22.05 -12.61 -34.81
C ARG HA 53 22.79 -11.74 -33.80
N PHE HA 54 22.09 -10.79 -33.19
CA PHE HA 54 22.73 -9.91 -32.23
C PHE HA 54 23.18 -10.65 -30.99
N THR HA 55 22.36 -11.58 -30.48
CA THR HA 55 22.76 -12.34 -29.30
C THR HA 55 24.00 -13.18 -29.59
N ALA HA 56 23.99 -13.91 -30.69
CA ALA HA 56 25.17 -14.69 -31.06
C ALA HA 56 26.40 -13.80 -31.18
N ASN HA 57 26.27 -12.68 -31.89
CA ASN HA 57 27.40 -11.79 -32.09
C ASN HA 57 27.91 -11.24 -30.76
N VAL HA 58 27.01 -10.73 -29.92
CA VAL HA 58 27.44 -10.05 -28.70
C VAL HA 58 28.08 -11.04 -27.74
N ARG HA 59 27.51 -12.24 -27.60
CA ARG HA 59 28.07 -13.13 -26.59
C ARG HA 59 29.30 -13.87 -27.10
N GLY HA 60 29.38 -14.14 -28.41
CA GLY HA 60 30.65 -14.57 -28.97
C GLY HA 60 31.71 -13.50 -28.82
N LEU HA 61 31.32 -12.23 -28.92
CA LEU HA 61 32.27 -11.13 -28.76
C LEU HA 61 32.74 -11.03 -27.32
N THR HA 62 31.87 -11.28 -26.34
CA THR HA 62 32.30 -11.35 -24.95
C THR HA 62 33.27 -12.51 -24.75
N GLN HA 63 32.98 -13.67 -25.34
CA GLN HA 63 33.93 -14.77 -25.26
C GLN HA 63 35.26 -14.38 -25.88
N ALA HA 64 35.23 -13.62 -26.97
CA ALA HA 64 36.43 -13.13 -27.60
C ALA HA 64 37.20 -12.19 -26.68
N ALA HA 65 36.47 -11.36 -25.94
CA ALA HA 65 37.13 -10.51 -24.95
C ALA HA 65 37.82 -11.34 -23.89
N ARG HA 66 37.18 -12.43 -23.46
CA ARG HA 66 37.82 -13.34 -22.52
C ARG HA 66 39.10 -13.94 -23.11
N ASN HA 67 39.04 -14.36 -24.38
CA ASN HA 67 40.21 -14.92 -25.04
C ASN HA 67 41.33 -13.89 -25.13
N ALA HA 68 41.00 -12.65 -25.50
CA ALA HA 68 41.99 -11.60 -25.58
C ALA HA 68 42.61 -11.32 -24.22
N ASN HA 69 41.80 -11.33 -23.17
CA ASN HA 69 42.31 -11.12 -21.82
C ASN HA 69 43.25 -12.24 -21.41
N ASP HA 70 42.94 -13.48 -21.78
CA ASP HA 70 43.87 -14.58 -21.53
C ASP HA 70 45.17 -14.40 -22.29
N GLY HA 71 45.09 -13.94 -23.54
CA GLY HA 71 46.31 -13.64 -24.28
C GLY HA 71 47.14 -12.57 -23.61
N ILE HA 72 46.47 -11.58 -22.99
CA ILE HA 72 47.19 -10.55 -22.26
C ILE HA 72 48.01 -11.16 -21.14
N SER HA 73 47.42 -12.08 -20.38
CA SER HA 73 48.13 -12.72 -19.29
C SER HA 73 49.27 -13.59 -19.81
N LEU HA 74 49.06 -14.26 -20.94
CA LEU HA 74 50.14 -15.03 -21.55
C LEU HA 74 51.33 -14.14 -21.87
N ALA HA 75 51.07 -13.01 -22.52
CA ALA HA 75 52.15 -12.08 -22.84
C ALA HA 75 52.79 -11.52 -21.58
N GLN HA 76 52.00 -11.28 -20.54
CA GLN HA 76 52.54 -10.78 -19.28
C GLN HA 76 53.52 -11.77 -18.66
N THR HA 77 53.14 -13.04 -18.62
CA THR HA 77 54.02 -14.06 -18.05
C THR HA 77 55.31 -14.18 -18.84
N THR HA 78 55.19 -14.22 -20.18
CA THR HA 78 56.39 -14.33 -21.00
C THR HA 78 57.28 -13.09 -20.83
N GLU HA 79 56.67 -11.92 -20.72
CA GLU HA 79 57.43 -10.69 -20.53
C GLU HA 79 58.17 -10.70 -19.19
N GLY HA 80 57.53 -11.20 -18.14
CA GLY HA 80 58.21 -11.28 -16.85
C GLY HA 80 59.39 -12.23 -16.88
N ALA HA 81 59.21 -13.40 -17.50
CA ALA HA 81 60.34 -14.32 -17.64
C ALA HA 81 61.47 -13.69 -18.45
N ALA HA 82 61.12 -12.99 -19.53
CA ALA HA 82 62.13 -12.32 -20.33
C ALA HA 82 62.84 -11.22 -19.55
N SER HA 83 62.11 -10.53 -18.66
CA SER HA 83 62.75 -9.52 -17.82
C SER HA 83 63.76 -10.15 -16.88
N GLU HA 84 63.43 -11.31 -16.33
CA GLU HA 84 64.42 -11.99 -15.48
C GLU HA 84 65.64 -12.42 -16.29
N VAL HA 85 65.42 -12.92 -17.52
CA VAL HA 85 66.55 -13.21 -18.39
C VAL HA 85 67.37 -11.94 -18.65
N ASN HA 86 66.69 -10.81 -18.76
CA ASN HA 86 67.38 -9.55 -18.99
C ASN HA 86 68.29 -9.20 -17.82
N THR HA 87 67.80 -9.39 -16.59
CA THR HA 87 68.65 -9.15 -15.43
C THR HA 87 69.84 -10.10 -15.42
N HIS HA 88 69.63 -11.35 -15.82
CA HIS HA 88 70.74 -12.29 -15.90
C HIS HA 88 71.79 -11.82 -16.90
N LEU HA 89 71.36 -11.37 -18.07
CA LEU HA 89 72.31 -10.85 -19.04
C LEU HA 89 73.05 -9.61 -18.52
N GLN HA 90 72.35 -8.75 -17.79
CA GLN HA 90 73.02 -7.59 -17.20
C GLN HA 90 74.12 -8.02 -16.24
N ARG HA 91 73.83 -8.98 -15.37
CA ARG HA 91 74.86 -9.45 -14.44
C ARG HA 91 76.00 -10.12 -15.18
N ILE HA 92 75.69 -10.91 -16.21
CA ILE HA 92 76.74 -11.56 -16.98
C ILE HA 92 77.64 -10.53 -17.63
N ARG HA 93 77.05 -9.46 -18.17
CA ARG HA 93 77.86 -8.41 -18.79
C ARG HA 93 78.73 -7.70 -17.75
N GLU HA 94 78.18 -7.40 -16.57
CA GLU HA 94 78.97 -6.75 -15.53
C GLU HA 94 80.18 -7.60 -15.17
N LEU HA 95 79.94 -8.87 -14.84
CA LEU HA 95 81.05 -9.69 -14.37
C LEU HA 95 81.96 -10.12 -15.53
N THR HA 96 81.47 -10.07 -16.77
CA THR HA 96 82.35 -10.29 -17.90
C THR HA 96 83.31 -9.13 -18.09
N VAL HA 97 82.81 -7.90 -17.95
CA VAL HA 97 83.69 -6.74 -17.95
C VAL HA 97 84.69 -6.85 -16.81
N GLN HA 98 84.25 -7.35 -15.66
CA GLN HA 98 85.17 -7.57 -14.54
C GLN HA 98 86.25 -8.59 -14.90
N ALA HA 99 85.85 -9.73 -15.48
CA ALA HA 99 86.78 -10.83 -15.70
C ALA HA 99 87.72 -10.55 -16.86
N SER HA 100 87.32 -9.72 -17.81
CA SER HA 100 88.16 -9.46 -18.97
C SER HA 100 89.42 -8.68 -18.60
N ASN HA 101 89.50 -8.14 -17.38
CA ASN HA 101 90.73 -7.53 -16.92
C ASN HA 101 91.81 -8.59 -16.79
N GLY HA 102 93.05 -8.20 -17.10
CA GLY HA 102 94.16 -9.12 -17.00
C GLY HA 102 94.78 -9.24 -15.63
N SER HA 103 94.38 -8.37 -14.69
CA SER HA 103 94.97 -8.41 -13.35
C SER HA 103 94.53 -9.66 -12.60
N TYR HA 104 93.39 -10.23 -12.94
CA TYR HA 104 92.87 -11.38 -12.22
C TYR HA 104 93.66 -12.63 -12.58
N SER HA 105 94.08 -13.37 -11.56
CA SER HA 105 94.72 -14.65 -11.79
C SER HA 105 93.69 -15.67 -12.26
N GLN HA 106 94.19 -16.85 -12.66
CA GLN HA 106 93.33 -17.83 -13.32
C GLN HA 106 92.21 -18.31 -12.40
N GLU HA 107 92.47 -18.37 -11.09
CA GLU HA 107 91.48 -18.92 -10.16
C GLU HA 107 90.28 -17.99 -10.01
N GLN HA 108 90.51 -16.69 -9.93
CA GLN HA 108 89.38 -15.76 -9.88
C GLN HA 108 88.55 -15.85 -11.16
N LEU HA 109 89.21 -16.02 -12.30
CA LEU HA 109 88.48 -16.24 -13.54
C LEU HA 109 87.69 -17.54 -13.49
N ASP HA 110 88.23 -18.57 -12.82
CA ASP HA 110 87.47 -19.81 -12.65
C ASP HA 110 86.21 -19.58 -11.84
N SER HA 111 86.31 -18.82 -10.75
CA SER HA 111 85.13 -18.52 -9.95
C SER HA 111 84.12 -17.71 -10.75
N VAL HA 112 84.60 -16.72 -11.50
CA VAL HA 112 83.71 -15.92 -12.33
C VAL HA 112 83.00 -16.80 -13.36
N GLN HA 113 83.75 -17.72 -13.98
CA GLN HA 113 83.13 -18.63 -14.94
C GLN HA 113 82.13 -19.57 -14.29
N GLY HA 114 82.39 -19.98 -13.05
CA GLY HA 114 81.40 -20.76 -12.33
C GLY HA 114 80.11 -19.99 -12.15
N GLU HA 115 80.22 -18.70 -11.82
CA GLU HA 115 79.02 -17.88 -11.73
C GLU HA 115 78.34 -17.69 -13.08
N ILE HA 116 79.14 -17.55 -14.16
CA ILE HA 116 78.57 -17.47 -15.50
C ILE HA 116 77.77 -18.73 -15.81
N ASN HA 117 78.34 -19.88 -15.48
CA ASN HA 117 77.65 -21.14 -15.75
C ASN HA 117 76.38 -21.25 -14.95
N GLN HA 118 76.40 -20.78 -13.70
CA GLN HA 118 75.18 -20.78 -12.90
C GLN HA 118 74.10 -19.91 -13.54
N ARG HA 119 74.49 -18.70 -13.98
CA ARG HA 119 73.51 -17.82 -14.62
C ARG HA 119 72.97 -18.43 -15.92
N LEU HA 120 73.86 -19.03 -16.72
CA LEU HA 120 73.41 -19.64 -17.97
C LEU HA 120 72.48 -20.82 -17.72
N ALA HA 121 72.79 -21.63 -16.71
CA ALA HA 121 71.90 -22.72 -16.35
C ALA HA 121 70.56 -22.20 -15.89
N ASP HA 122 70.54 -21.08 -15.15
CA ASP HA 122 69.26 -20.50 -14.75
C ASP HA 122 68.49 -19.99 -15.96
N ILE HA 123 69.18 -19.39 -16.93
CA ILE HA 123 68.51 -18.93 -18.14
C ILE HA 123 67.87 -20.09 -18.87
N ASP HA 124 68.60 -21.21 -18.98
CA ASP HA 124 68.04 -22.39 -19.62
C ASP HA 124 66.87 -22.95 -18.81
N ARG HA 125 66.96 -22.90 -17.49
CA ARG HA 125 65.85 -23.34 -16.63
C ARG HA 125 64.61 -22.50 -16.88
N ILE HA 126 64.78 -21.17 -16.95
CA ILE HA 126 63.67 -20.28 -17.25
C ILE HA 126 63.08 -20.62 -18.61
N SER HA 127 63.95 -20.96 -19.56
CA SER HA 127 63.49 -21.33 -20.90
C SER HA 127 62.62 -22.59 -20.85
N GLU HA 128 63.06 -23.60 -20.12
CA GLU HA 128 62.39 -24.88 -20.13
C GLU HA 128 61.27 -25.01 -19.10
N GLN HA 129 61.11 -24.03 -18.21
CA GLN HA 129 60.16 -24.16 -17.11
C GLN HA 129 59.14 -23.04 -17.02
N THR HA 130 59.29 -21.96 -17.77
CA THR HA 130 58.26 -20.92 -17.78
C THR HA 130 57.00 -21.48 -18.43
N ASP HA 131 56.01 -21.79 -17.60
CA ASP HA 131 54.81 -22.50 -18.05
C ASP HA 131 53.59 -21.60 -17.95
N PHE HA 132 52.64 -21.86 -18.85
CA PHE HA 132 51.35 -21.17 -18.82
C PHE HA 132 50.33 -22.12 -19.45
N ASN HA 133 49.39 -22.59 -18.64
CA ASN HA 133 48.38 -23.54 -19.10
C ASN HA 133 49.03 -24.76 -19.75
N GLY HA 134 50.10 -25.25 -19.12
CA GLY HA 134 50.83 -26.40 -19.62
C GLY HA 134 51.48 -26.17 -20.97
N VAL HA 135 51.97 -24.96 -21.22
CA VAL HA 135 52.64 -24.62 -22.47
C VAL HA 135 54.00 -24.04 -22.13
N LYS HA 136 55.06 -24.63 -22.68
CA LYS HA 136 56.41 -24.13 -22.46
C LYS HA 136 56.60 -22.87 -23.29
N VAL HA 137 56.04 -21.75 -22.82
CA VAL HA 137 55.87 -20.57 -23.68
C VAL HA 137 57.23 -20.02 -24.10
N LEU HA 138 58.15 -19.86 -23.16
CA LEU HA 138 59.45 -19.28 -23.47
C LEU HA 138 60.49 -20.38 -23.70
N SER HA 139 60.18 -21.34 -24.56
CA SER HA 139 61.06 -22.48 -24.79
C SER HA 139 61.45 -22.54 -26.27
N ASP HA 140 62.20 -23.58 -26.61
CA ASP HA 140 62.61 -23.80 -28.00
C ASP HA 140 61.53 -24.47 -28.82
N SER HA 141 60.46 -24.94 -28.21
CA SER HA 141 59.32 -25.54 -28.92
C SER HA 141 58.07 -24.79 -28.47
N ALA HA 142 57.80 -23.65 -29.12
CA ALA HA 142 56.62 -22.85 -28.80
C ALA HA 142 56.18 -22.15 -30.09
N LYS HA 143 55.22 -22.76 -30.79
CA LYS HA 143 54.69 -22.16 -31.99
C LYS HA 143 53.87 -20.91 -31.63
N PRO HA 144 53.80 -19.94 -32.53
CA PRO HA 144 53.00 -18.74 -32.25
C PRO HA 144 51.54 -19.08 -32.00
N LEU HA 145 50.93 -18.33 -31.09
CA LEU HA 145 49.55 -18.59 -30.68
C LEU HA 145 48.59 -17.92 -31.66
N THR HA 146 47.29 -18.17 -31.46
CA THR HA 146 46.25 -17.64 -32.32
C THR HA 146 45.45 -16.52 -31.68
N LEU HA 147 44.90 -16.74 -30.49
CA LEU HA 147 44.11 -15.74 -29.78
C LEU HA 147 42.95 -15.24 -30.63
N GLN HA 148 42.03 -16.15 -30.93
CA GLN HA 148 40.88 -15.82 -31.76
C GLN HA 148 40.06 -14.71 -31.12
N VAL HA 149 40.03 -13.55 -31.76
CA VAL HA 149 39.31 -12.38 -31.27
C VAL HA 149 38.20 -12.06 -32.26
N GLY HA 150 36.98 -11.99 -31.77
CA GLY HA 150 35.82 -11.69 -32.57
C GLY HA 150 35.12 -12.93 -33.07
N ALA HA 151 33.81 -12.83 -33.23
CA ALA HA 151 33.04 -13.91 -33.86
C ALA HA 151 33.36 -13.96 -35.34
N ASN HA 152 32.71 -14.91 -36.04
CA ASN HA 152 32.92 -15.10 -37.48
C ASN HA 152 34.40 -15.36 -37.77
N ASP HA 153 34.86 -16.50 -37.28
CA ASP HA 153 36.28 -16.83 -37.26
C ASP HA 153 36.92 -16.64 -38.62
N GLY HA 154 38.22 -16.39 -38.61
CA GLY HA 154 38.97 -16.07 -39.81
C GLY HA 154 40.01 -15.03 -39.48
N GLU HA 155 39.89 -14.44 -38.30
CA GLU HA 155 40.82 -13.42 -37.81
C GLU HA 155 41.38 -13.87 -36.48
N THR HA 156 42.70 -13.69 -36.30
CA THR HA 156 43.40 -14.08 -35.09
C THR HA 156 44.43 -13.00 -34.76
N ILE HA 157 45.23 -13.27 -33.73
CA ILE HA 157 46.33 -12.40 -33.34
C ILE HA 157 47.53 -13.29 -33.12
N THR HA 158 48.40 -13.40 -34.12
CA THR HA 158 49.60 -14.21 -33.96
C THR HA 158 50.50 -13.61 -32.89
N LEU HA 159 50.89 -14.42 -31.91
CA LEU HA 159 51.65 -13.92 -30.78
C LEU HA 159 53.15 -13.94 -31.04
N ASN HA 160 53.64 -15.00 -31.71
CA ASN HA 160 55.01 -15.07 -32.22
C ASN HA 160 56.04 -14.96 -31.10
N LEU HA 161 56.08 -16.01 -30.28
CA LEU HA 161 57.06 -16.10 -29.20
C LEU HA 161 57.70 -17.48 -29.25
N SER HA 162 59.03 -17.53 -29.18
CA SER HA 162 59.74 -18.80 -29.12
C SER HA 162 61.23 -18.55 -28.97
N GLU HA 163 61.93 -19.57 -28.47
CA GLU HA 163 63.39 -19.67 -28.47
C GLU HA 163 64.06 -18.47 -27.78
N ILE HA 164 63.87 -18.39 -26.47
CA ILE HA 164 64.78 -17.63 -25.60
C ILE HA 164 65.43 -18.62 -24.65
N SER HA 165 66.74 -18.79 -24.79
CA SER HA 165 67.53 -19.72 -23.99
C SER HA 165 68.99 -19.56 -24.38
N VAL HA 166 69.86 -20.26 -23.65
CA VAL HA 166 71.21 -20.46 -24.15
C VAL HA 166 71.12 -21.25 -25.46
N LYS HA 167 72.12 -21.08 -26.32
CA LYS HA 167 72.20 -21.71 -27.64
C LYS HA 167 71.24 -21.06 -28.63
N THR HA 168 70.42 -20.11 -28.16
CA THR HA 168 69.61 -19.31 -29.07
C THR HA 168 69.70 -17.81 -28.81
N LEU HA 169 70.11 -17.38 -27.61
CA LEU HA 169 70.64 -16.03 -27.46
C LEU HA 169 72.01 -15.89 -28.08
N GLY HA 170 72.62 -16.99 -28.53
CA GLY HA 170 73.86 -16.96 -29.26
C GLY HA 170 75.09 -17.30 -28.46
N LEU HA 171 75.02 -17.24 -27.13
CA LEU HA 171 76.20 -17.51 -26.33
C LEU HA 171 76.66 -18.95 -26.52
N ASP HA 172 75.89 -19.89 -25.97
CA ASP HA 172 76.02 -21.32 -26.24
C ASP HA 172 77.35 -21.91 -25.80
N GLY HA 173 78.32 -21.05 -25.52
CA GLY HA 173 79.63 -21.49 -25.10
C GLY HA 173 80.31 -20.48 -24.22
N PHE HA 174 79.54 -19.48 -23.75
CA PHE HA 174 80.11 -18.29 -23.15
C PHE HA 174 81.14 -18.64 -22.09
N ASN HA 175 82.34 -18.08 -22.24
CA ASN HA 175 83.48 -18.56 -21.47
C ASN HA 175 84.51 -17.45 -21.33
N VAL HA 176 85.18 -17.42 -20.18
CA VAL HA 176 86.27 -16.49 -19.94
C VAL HA 176 87.59 -17.20 -19.67
N ASN HA 177 87.58 -18.47 -19.28
CA ASN HA 177 88.76 -19.23 -18.92
C ASN HA 177 88.81 -20.51 -19.77
N GLY HA 178 89.66 -21.45 -19.35
CA GLY HA 178 89.81 -22.68 -20.09
C GLY HA 178 88.52 -23.48 -20.21
N LYS HA 179 87.77 -23.59 -19.11
CA LYS HA 179 86.59 -24.44 -19.10
C LYS HA 179 85.43 -23.78 -19.87
N GLY HA 180 85.42 -23.96 -21.18
CA GLY HA 180 84.41 -23.36 -22.03
C GLY HA 180 83.80 -24.30 -23.06
N VAL HA 181 83.60 -25.56 -22.69
CA VAL HA 181 83.21 -26.61 -23.63
C VAL HA 181 82.05 -26.16 -24.50
N THR HA 182 82.24 -26.23 -25.82
CA THR HA 182 81.25 -25.81 -26.80
C THR HA 182 80.57 -27.02 -27.41
N GLN HA 183 79.78 -26.80 -28.45
CA GLN HA 183 79.04 -27.85 -29.12
C GLN HA 183 79.51 -27.99 -30.55
N ASN HA 184 79.69 -29.23 -30.99
CA ASN HA 184 80.09 -29.51 -32.37
C ASN HA 184 78.84 -29.71 -33.24
N ARG HA 185 79.07 -30.08 -34.49
CA ARG HA 185 78.01 -30.29 -35.45
C ARG HA 185 78.10 -31.68 -36.05
N SER HA 186 76.94 -32.22 -36.43
CA SER HA 186 76.89 -33.55 -37.02
C SER HA 186 77.74 -33.59 -38.29
N ALA HA 187 78.55 -34.63 -38.42
CA ALA HA 187 79.39 -34.77 -39.60
C ALA HA 187 78.52 -34.95 -40.84
N THR HA 188 78.89 -34.25 -41.91
CA THR HA 188 78.15 -34.28 -43.15
C THR HA 188 78.84 -35.17 -44.16
N VAL HA 189 78.05 -35.76 -45.05
CA VAL HA 189 78.61 -36.60 -46.10
C VAL HA 189 79.55 -35.80 -46.98
N THR HA 190 79.25 -34.51 -47.21
CA THR HA 190 80.17 -33.66 -47.94
C THR HA 190 81.50 -33.54 -47.22
N ASP HA 191 81.46 -33.36 -45.89
CA ASP HA 191 82.70 -33.34 -45.11
C ASP HA 191 83.42 -34.68 -45.18
N VAL HA 192 82.66 -35.78 -45.13
CA VAL HA 192 83.28 -37.10 -45.20
C VAL HA 192 84.05 -37.27 -46.49
N ILE HA 193 83.43 -36.87 -47.61
CA ILE HA 193 84.12 -36.94 -48.90
C ILE HA 193 85.29 -35.96 -48.95
N ALA HA 194 85.15 -34.80 -48.31
CA ALA HA 194 86.19 -33.78 -48.39
C ALA HA 194 87.51 -34.27 -47.82
N GLN HA 195 87.47 -34.98 -46.70
CA GLN HA 195 88.69 -35.49 -46.06
C GLN HA 195 89.06 -36.85 -46.64
N GLY HA 196 89.26 -36.88 -47.95
CA GLY HA 196 89.68 -38.09 -48.63
C GLY HA 196 88.67 -39.23 -48.54
N GLY HA 197 87.39 -38.91 -48.61
CA GLY HA 197 86.38 -39.95 -48.52
C GLY HA 197 86.43 -40.89 -49.71
N THR HA 198 86.45 -42.19 -49.41
CA THR HA 198 86.47 -43.23 -50.44
C THR HA 198 85.23 -44.10 -50.27
N LEU HA 199 84.35 -44.06 -51.26
CA LEU HA 199 83.08 -44.77 -51.17
C LEU HA 199 83.32 -46.28 -51.24
N GLN HA 200 82.51 -47.02 -50.47
CA GLN HA 200 82.59 -48.48 -50.44
C GLN HA 200 81.27 -49.19 -50.64
N GLY HA 201 80.14 -48.48 -50.58
CA GLY HA 201 78.84 -49.11 -50.72
C GLY HA 201 77.70 -48.13 -50.55
N ASP HA 202 76.70 -48.50 -49.74
CA ASP HA 202 75.56 -47.63 -49.48
C ASP HA 202 75.98 -46.56 -48.49
N GLY HA 203 76.56 -45.49 -49.03
CA GLY HA 203 77.04 -44.39 -48.20
C GLY HA 203 78.18 -44.76 -47.28
N THR HA 204 78.96 -45.78 -47.63
CA THR HA 204 80.05 -46.26 -46.80
C THR HA 204 81.35 -45.62 -47.29
N TYR HA 205 81.94 -44.77 -46.46
CA TYR HA 205 83.18 -44.08 -46.82
C TYR HA 205 84.25 -44.41 -45.79
N LYS HA 206 85.49 -44.54 -46.25
CA LYS HA 206 86.62 -44.93 -45.43
C LYS HA 206 87.59 -43.77 -45.43
N ALA HA 207 87.62 -43.02 -44.34
CA ALA HA 207 88.59 -41.94 -44.20
C ALA HA 207 89.98 -42.50 -43.99
N THR HA 208 90.96 -41.89 -44.65
CA THR HA 208 92.33 -42.37 -44.61
C THR HA 208 93.23 -41.33 -43.95
N THR HA 209 94.25 -41.82 -43.24
CA THR HA 209 95.24 -40.94 -42.62
C THR HA 209 96.54 -41.72 -42.48
N THR HA 210 97.47 -41.51 -43.39
CA THR HA 210 98.75 -42.20 -43.31
C THR HA 210 99.56 -41.67 -42.14
N PHE HA 211 100.34 -42.56 -41.54
CA PHE HA 211 101.15 -42.22 -40.37
C PHE HA 211 102.63 -42.55 -40.57
N ASN HA 212 103.06 -42.85 -41.80
CA ASN HA 212 104.43 -43.32 -42.01
C ASN HA 212 105.40 -42.21 -41.63
N ALA HA 213 106.05 -42.37 -40.48
CA ALA HA 213 106.78 -41.29 -39.84
C ALA HA 213 107.81 -41.90 -38.90
N ALA HA 214 108.29 -41.08 -37.94
CA ALA HA 214 109.34 -41.45 -37.01
C ALA HA 214 110.67 -41.61 -37.73
N SER HA 215 111.08 -40.56 -38.44
CA SER HA 215 112.37 -40.55 -39.10
C SER HA 215 113.50 -40.52 -38.07
N ALA HA 216 114.74 -40.50 -38.58
CA ALA HA 216 115.91 -40.57 -37.70
C ALA HA 216 115.95 -39.38 -36.75
N GLU HA 217 115.60 -38.19 -37.23
CA GLU HA 217 115.65 -37.01 -36.37
C GLU HA 217 114.67 -37.13 -35.20
N THR HA 218 113.44 -37.57 -35.48
CA THR HA 218 112.43 -37.62 -34.44
C THR HA 218 112.70 -38.71 -33.42
N VAL HA 219 113.40 -39.78 -33.81
CA VAL HA 219 113.72 -40.83 -32.85
C VAL HA 219 114.99 -40.49 -32.09
N LEU HA 220 115.92 -39.77 -32.71
CA LEU HA 220 117.09 -39.28 -31.99
C LEU HA 220 116.73 -38.16 -31.02
N SER HA 221 115.60 -37.48 -31.25
CA SER HA 221 115.17 -36.41 -30.35
C SER HA 221 114.84 -36.91 -28.96
N LYS HA 222 114.46 -38.19 -28.82
CA LYS HA 222 114.10 -38.73 -27.52
C LYS HA 222 115.01 -39.90 -27.15
N LEU HA 223 116.31 -39.74 -27.35
CA LEU HA 223 117.28 -40.80 -27.16
C LEU HA 223 118.04 -40.59 -25.85
N GLU HA 224 118.13 -41.63 -25.04
CA GLU HA 224 118.93 -41.60 -23.82
C GLU HA 224 119.71 -42.89 -23.61
N ASP HA 225 119.71 -43.80 -24.58
CA ASP HA 225 120.42 -45.07 -24.44
C ASP HA 225 121.26 -45.34 -25.68
N GLY HA 226 121.80 -46.55 -25.80
CA GLY HA 226 122.67 -46.89 -26.91
C GLY HA 226 121.93 -47.34 -28.14
N ASN HA 227 122.49 -47.00 -29.30
CA ASN HA 227 121.98 -47.44 -30.59
C ASN HA 227 123.05 -48.27 -31.30
N THR HA 228 122.79 -48.62 -32.56
CA THR HA 228 123.73 -49.43 -33.32
C THR HA 228 123.59 -49.14 -34.80
N VAL HA 229 124.68 -49.39 -35.53
CA VAL HA 229 124.71 -49.22 -36.99
C VAL HA 229 125.38 -50.44 -37.59
N ALA HA 230 124.70 -51.08 -38.53
CA ALA HA 230 125.24 -52.24 -39.23
C ALA HA 230 124.98 -52.08 -40.72
N VAL HA 231 126.04 -52.19 -41.52
CA VAL HA 231 125.94 -52.03 -42.97
C VAL HA 231 125.66 -53.41 -43.55
N GLY HA 232 124.37 -53.76 -43.58
CA GLY HA 232 123.98 -55.08 -44.06
C GLY HA 232 124.59 -56.18 -43.21
N GLY HA 233 125.21 -57.16 -43.87
CA GLY HA 233 125.85 -58.27 -43.22
C GLY HA 233 127.31 -58.07 -42.86
N GLY HA 234 127.79 -56.83 -42.89
CA GLY HA 234 129.17 -56.52 -42.57
C GLY HA 234 129.38 -56.24 -41.10
N ALA HA 235 130.40 -55.45 -40.80
CA ALA HA 235 130.70 -55.10 -39.42
C ALA HA 235 129.62 -54.19 -38.86
N THR HA 236 129.50 -54.20 -37.53
CA THR HA 236 128.46 -53.47 -36.83
C THR HA 236 129.09 -52.54 -35.79
N TYR HA 237 128.56 -51.34 -35.67
CA TYR HA 237 129.04 -50.34 -34.72
C TYR HA 237 127.90 -49.92 -33.80
N THR HA 238 128.22 -49.78 -32.52
CA THR HA 238 127.26 -49.35 -31.51
C THR HA 238 127.74 -48.04 -30.89
N TYR HA 239 126.78 -47.17 -30.55
CA TYR HA 239 127.08 -45.87 -29.99
C TYR HA 239 126.21 -45.66 -28.75
N ASP HA 240 126.73 -44.90 -27.79
CA ASP HA 240 126.05 -44.64 -26.54
C ASP HA 240 126.02 -43.15 -26.27
N ALA HA 241 124.83 -42.63 -25.96
CA ALA HA 241 124.66 -41.20 -25.68
C ALA HA 241 124.72 -40.97 -24.18
N ALA HA 242 125.88 -40.52 -23.71
CA ALA HA 242 126.03 -40.21 -22.29
C ALA HA 242 125.12 -39.06 -21.87
N LYS HA 243 125.36 -37.87 -22.44
CA LYS HA 243 124.54 -36.69 -22.19
C LYS HA 243 123.80 -36.25 -23.44
N GLY HA 244 123.61 -37.17 -24.39
CA GLY HA 244 123.24 -36.82 -25.74
C GLY HA 244 124.40 -36.73 -26.69
N ASN HA 245 125.63 -36.73 -26.18
CA ASN HA 245 126.84 -36.82 -26.99
C ASN HA 245 127.28 -38.27 -27.03
N PHE HA 246 127.54 -38.78 -28.23
CA PHE HA 246 127.71 -40.22 -28.42
C PHE HA 246 129.13 -40.66 -28.12
N THR HA 247 129.26 -41.80 -27.44
CA THR HA 247 130.53 -42.41 -27.13
C THR HA 247 130.54 -43.82 -27.69
N TYR HA 248 131.69 -44.22 -28.26
CA TYR HA 248 131.79 -45.50 -28.93
C TYR HA 248 133.27 -45.79 -29.17
N THR HA 249 133.54 -46.86 -29.91
CA THR HA 249 134.91 -47.25 -30.22
C THR HA 249 135.12 -47.37 -31.72
N LYS HA 250 136.32 -47.00 -32.16
CA LYS HA 250 136.80 -47.29 -33.50
C LYS HA 250 138.16 -47.96 -33.39
N THR HA 251 138.36 -49.02 -34.16
CA THR HA 251 139.65 -49.68 -34.21
C THR HA 251 140.64 -48.86 -35.03
N VAL HA 252 141.90 -48.89 -34.63
CA VAL HA 252 142.99 -48.28 -35.38
C VAL HA 252 143.98 -49.38 -35.70
N ASP HA 253 144.20 -49.61 -37.00
CA ASP HA 253 145.07 -50.70 -37.44
C ASP HA 253 145.46 -50.45 -38.88
N THR HA 254 146.09 -51.46 -39.49
CA THR HA 254 146.55 -51.39 -40.88
C THR HA 254 146.27 -52.74 -41.53
N THR HA 255 146.91 -52.99 -42.67
CA THR HA 255 146.72 -54.23 -43.41
C THR HA 255 147.99 -55.06 -43.56
N VAL HA 256 149.15 -54.53 -43.18
CA VAL HA 256 150.43 -55.22 -43.38
C VAL HA 256 150.87 -55.80 -42.05
N GLY HA 257 150.96 -57.13 -41.99
CA GLY HA 257 151.40 -57.78 -40.76
C GLY HA 257 152.86 -57.50 -40.45
N ALA HA 258 153.70 -57.37 -41.48
CA ALA HA 258 155.12 -57.16 -41.27
C ALA HA 258 155.50 -55.71 -41.04
N ASP HA 259 154.58 -54.77 -41.29
CA ASP HA 259 154.88 -53.35 -41.13
C ASP HA 259 153.61 -52.64 -40.66
N VAL HA 260 153.63 -52.14 -39.43
CA VAL HA 260 152.52 -51.35 -38.90
C VAL HA 260 153.05 -49.98 -38.50
N THR HA 261 154.07 -49.50 -39.22
CA THR HA 261 154.53 -48.13 -39.01
C THR HA 261 153.40 -47.14 -39.25
N ALA HA 262 152.52 -47.45 -40.21
CA ALA HA 262 151.33 -46.62 -40.42
C ALA HA 262 150.40 -46.66 -39.23
N LEU HA 263 150.34 -47.80 -38.52
CA LEU HA 263 149.54 -47.86 -37.31
C LEU HA 263 150.05 -46.89 -36.25
N ALA HA 264 151.37 -46.85 -36.05
CA ALA HA 264 151.94 -45.89 -35.12
C ALA HA 264 151.74 -44.46 -35.59
N ASN HA 265 151.88 -44.23 -36.91
CA ASN HA 265 151.65 -42.90 -37.48
C ASN HA 265 150.17 -42.53 -37.52
N LYS HA 266 149.28 -43.46 -37.21
CA LYS HA 266 147.88 -43.18 -36.95
C LYS HA 266 147.59 -42.87 -35.50
N ILE HA 267 148.18 -43.64 -34.58
CA ILE HA 267 147.96 -43.39 -33.16
C ILE HA 267 148.60 -42.07 -32.73
N LYS HA 268 149.81 -41.79 -33.21
CA LYS HA 268 150.55 -40.62 -32.74
C LYS HA 268 149.82 -39.30 -32.97
N PRO HA 269 149.26 -39.01 -34.16
CA PRO HA 269 148.50 -37.76 -34.30
C PRO HA 269 147.30 -37.66 -33.38
N SER HA 270 146.67 -38.80 -33.07
CA SER HA 270 145.56 -38.78 -32.12
C SER HA 270 146.02 -38.31 -30.74
N SER HA 271 147.20 -38.75 -30.33
CA SER HA 271 147.74 -38.30 -29.05
C SER HA 271 148.08 -36.81 -29.07
N GLY HA 272 148.45 -36.28 -30.23
CA GLY HA 272 148.81 -34.89 -30.39
C GLY HA 272 150.27 -34.71 -30.73
N THR HA 273 150.80 -33.55 -30.35
CA THR HA 273 152.20 -33.21 -30.60
C THR HA 273 153.00 -33.10 -29.31
N ILE HA 274 152.57 -32.23 -28.39
CA ILE HA 274 153.24 -32.04 -27.11
C ILE HA 274 152.19 -31.95 -26.02
N SER HA 275 152.33 -32.76 -24.97
CA SER HA 275 151.42 -32.72 -23.84
C SER HA 275 152.16 -33.24 -22.61
N GLY HA 276 151.47 -33.21 -21.47
CA GLY HA 276 152.11 -33.49 -20.20
C GLY HA 276 151.88 -34.89 -19.66
N SER HA 277 150.98 -35.00 -18.68
CA SER HA 277 150.81 -36.26 -17.95
C SER HA 277 150.16 -37.31 -18.83
N TYR HA 278 150.89 -38.38 -19.12
CA TYR HA 278 150.38 -39.54 -19.84
C TYR HA 278 150.33 -40.73 -18.89
N GLU HA 279 149.84 -41.85 -19.42
CA GLU HA 279 149.88 -43.13 -18.72
C GLU HA 279 150.33 -44.20 -19.69
N ILE HA 280 151.26 -45.04 -19.26
CA ILE HA 280 151.72 -46.20 -20.03
C ILE HA 280 151.42 -47.44 -19.21
N SER HA 281 150.77 -48.42 -19.84
CA SER HA 281 150.41 -49.67 -19.20
C SER HA 281 151.11 -50.84 -19.89
N THR HA 282 152.35 -50.64 -20.30
CA THR HA 282 153.11 -51.71 -20.94
C THR HA 282 153.33 -52.85 -19.96
N GLY HA 283 153.48 -54.06 -20.50
CA GLY HA 283 153.52 -55.23 -19.66
C GLY HA 283 152.13 -55.58 -19.18
N LYS HA 284 151.89 -55.52 -17.86
CA LYS HA 284 150.55 -55.77 -17.35
C LYS HA 284 150.08 -54.68 -16.40
N SER HA 285 150.97 -54.15 -15.57
CA SER HA 285 150.58 -53.22 -14.52
C SER HA 285 151.59 -52.08 -14.40
N ALA HA 286 152.01 -51.53 -15.54
CA ALA HA 286 152.93 -50.40 -15.51
C ALA HA 286 152.28 -49.19 -14.84
N SER HA 287 151.20 -48.68 -15.44
CA SER HA 287 150.41 -47.60 -14.86
C SER HA 287 151.27 -46.38 -14.55
N PHE HA 288 152.06 -45.97 -15.54
CA PHE HA 288 152.98 -44.87 -15.38
C PHE HA 288 152.25 -43.53 -15.38
N ASP HA 289 152.94 -42.50 -14.90
CA ASP HA 289 152.50 -41.10 -15.01
C ASP HA 289 153.66 -40.33 -15.61
N VAL HA 290 153.75 -40.33 -16.94
CA VAL HA 290 154.93 -39.86 -17.64
C VAL HA 290 154.65 -38.50 -18.28
N ASP HA 291 155.73 -37.82 -18.65
CA ASP HA 291 155.66 -36.53 -19.34
C ASP HA 291 156.52 -36.64 -20.60
N ALA HA 292 155.88 -36.75 -21.76
CA ALA HA 292 156.58 -36.89 -23.03
C ALA HA 292 156.45 -35.59 -23.81
N ALA HA 293 157.47 -34.73 -23.66
CA ALA HA 293 157.59 -33.54 -24.49
C ALA HA 293 158.41 -33.88 -25.73
N GLY HA 294 157.83 -34.75 -26.56
CA GLY HA 294 158.57 -35.38 -27.63
C GLY HA 294 159.16 -36.70 -27.16
N LYS HA 295 160.43 -36.68 -26.78
CA LYS HA 295 161.05 -37.85 -26.18
C LYS HA 295 160.38 -38.18 -24.85
N ILE HA 296 160.20 -39.48 -24.59
CA ILE HA 296 159.46 -39.92 -23.41
C ILE HA 296 160.32 -39.80 -22.17
N THR HA 297 159.77 -39.16 -21.13
CA THR HA 297 160.45 -38.98 -19.86
C THR HA 297 159.49 -39.28 -18.72
N ILE HA 298 160.03 -39.28 -17.51
CA ILE HA 298 159.25 -39.45 -16.28
C ILE HA 298 159.43 -38.18 -15.45
N GLY HA 299 158.47 -37.95 -14.54
CA GLY HA 299 158.60 -36.83 -13.64
C GLY HA 299 159.82 -36.97 -12.75
N GLY HA 300 160.85 -36.17 -13.04
CA GLY HA 300 162.07 -36.16 -12.25
C GLY HA 300 163.25 -36.88 -12.88
N ASN HA 301 163.05 -37.60 -13.98
CA ASN HA 301 164.16 -38.33 -14.60
C ASN HA 301 163.79 -38.67 -16.04
N ALA HA 302 164.66 -39.44 -16.70
CA ALA HA 302 164.42 -39.91 -18.05
C ALA HA 302 163.68 -41.24 -17.99
N ALA HA 303 163.44 -41.84 -19.17
CA ALA HA 303 162.72 -43.12 -19.23
C ALA HA 303 163.17 -43.85 -20.48
N PHE HA 304 164.08 -44.82 -20.31
CA PHE HA 304 164.53 -45.66 -21.40
C PHE HA 304 163.58 -46.84 -21.56
N LEU HA 305 163.93 -47.79 -22.42
CA LEU HA 305 163.05 -48.91 -22.71
C LEU HA 305 163.86 -50.16 -23.03
N ASN HA 306 163.54 -51.25 -22.34
CA ASN HA 306 164.12 -52.56 -22.62
C ASN HA 306 163.11 -53.38 -23.42
N ALA HA 307 163.60 -54.12 -24.41
CA ALA HA 307 162.72 -54.69 -25.43
C ALA HA 307 163.04 -56.16 -25.67
N ASP HA 308 162.13 -56.79 -26.42
CA ASP HA 308 162.28 -58.10 -27.05
C ASP HA 308 162.16 -59.26 -26.07
N GLY HA 309 162.13 -58.98 -24.76
CA GLY HA 309 161.69 -59.97 -23.80
C GLY HA 309 160.29 -59.63 -23.34
N GLU HA 310 160.13 -58.37 -22.97
CA GLU HA 310 158.86 -57.74 -22.69
C GLU HA 310 159.10 -56.23 -22.70
N LEU HA 311 158.51 -55.53 -23.66
CA LEU HA 311 158.87 -54.14 -23.92
C LEU HA 311 158.30 -53.27 -22.80
N THR HA 312 159.16 -52.94 -21.84
CA THR HA 312 158.77 -52.17 -20.67
C THR HA 312 159.57 -50.87 -20.61
N THR HA 313 159.04 -49.89 -19.88
CA THR HA 313 159.67 -48.58 -19.73
C THR HA 313 160.30 -48.49 -18.35
N ASN HA 314 161.57 -48.09 -18.32
CA ASN HA 314 162.28 -47.91 -17.06
C ASN HA 314 163.41 -46.91 -17.25
N ASP HA 315 163.77 -46.24 -16.16
CA ASP HA 315 164.85 -45.26 -16.19
C ASP HA 315 166.23 -45.90 -16.03
N ALA HA 316 166.30 -47.13 -15.53
CA ALA HA 316 167.58 -47.81 -15.36
C ALA HA 316 167.93 -48.47 -16.69
N SER HA 317 168.67 -47.72 -17.52
CA SER HA 317 169.00 -48.20 -18.85
C SER HA 317 169.95 -49.39 -18.80
N GLY HA 318 169.74 -50.34 -19.70
CA GLY HA 318 170.60 -51.48 -19.85
C GLY HA 318 171.57 -51.31 -21.01
N ALA HA 319 172.06 -52.44 -21.53
CA ALA HA 319 172.99 -52.40 -22.65
C ALA HA 319 172.29 -52.20 -23.98
N LEU HA 320 171.01 -52.55 -24.08
CA LEU HA 320 170.26 -52.54 -25.33
C LEU HA 320 168.97 -51.74 -25.18
N THR HA 321 169.06 -50.54 -24.62
CA THR HA 321 167.88 -49.74 -24.31
C THR HA 321 167.88 -48.45 -25.10
N GLN HA 322 166.68 -47.97 -25.42
CA GLN HA 322 166.47 -46.72 -26.13
C GLN HA 322 165.35 -45.95 -25.45
N ALA HA 323 165.26 -44.65 -25.77
CA ALA HA 323 164.25 -43.79 -25.16
C ALA HA 323 163.71 -42.83 -26.21
N THR HA 324 162.44 -43.03 -26.59
CA THR HA 324 161.73 -42.09 -27.44
C THR HA 324 160.25 -42.47 -27.44
N LEU HA 325 159.42 -41.54 -27.90
CA LEU HA 325 157.98 -41.78 -27.97
C LEU HA 325 157.65 -42.88 -28.98
N ASP HA 326 158.37 -42.92 -30.10
CA ASP HA 326 158.05 -43.88 -31.15
C ASP HA 326 158.25 -45.32 -30.65
N ASP HA 327 159.33 -45.57 -29.91
CA ASP HA 327 159.55 -46.90 -29.38
C ASP HA 327 158.45 -47.31 -28.40
N VAL HA 328 158.02 -46.39 -27.54
CA VAL HA 328 156.96 -46.70 -26.58
C VAL HA 328 155.66 -46.98 -27.30
N LEU HA 329 155.34 -46.16 -28.32
CA LEU HA 329 154.11 -46.38 -29.08
C LEU HA 329 154.15 -47.70 -29.83
N THR HA 330 155.32 -48.07 -30.36
CA THR HA 330 155.47 -49.38 -30.97
C THR HA 330 155.27 -50.48 -29.95
N SER HA 331 155.83 -50.31 -28.75
CA SER HA 331 155.61 -51.28 -27.68
C SER HA 331 154.13 -51.47 -27.38
N VAL HA 332 153.39 -50.37 -27.26
CA VAL HA 332 151.97 -50.45 -26.96
C VAL HA 332 151.21 -51.09 -28.11
N GLY HA 333 151.53 -50.71 -29.34
CA GLY HA 333 150.73 -51.13 -30.48
C GLY HA 333 151.21 -52.37 -31.21
N THR HA 334 152.51 -52.66 -31.16
CA THR HA 334 153.08 -53.75 -31.95
C THR HA 334 153.49 -54.94 -31.09
N GLU HA 335 154.35 -54.72 -30.09
CA GLU HA 335 154.90 -55.80 -29.29
C GLU HA 335 154.31 -55.83 -27.88
N ALA HA 336 153.08 -55.36 -27.74
CA ALA HA 336 152.42 -55.42 -26.43
C ALA HA 336 152.22 -56.87 -25.99
N ASN HA 337 151.75 -57.71 -26.90
CA ASN HA 337 151.48 -59.13 -26.63
C ASN HA 337 150.55 -59.34 -25.46
N SER HA 338 149.76 -58.32 -25.11
CA SER HA 338 148.83 -58.37 -23.99
C SER HA 338 147.96 -57.12 -24.06
N SER HA 339 147.11 -56.95 -23.05
CA SER HA 339 146.24 -55.78 -22.94
C SER HA 339 147.09 -54.62 -22.44
N VAL HA 340 147.56 -53.82 -23.38
CA VAL HA 340 148.38 -52.64 -23.10
C VAL HA 340 147.67 -51.42 -23.67
N THR HA 341 147.55 -50.38 -22.86
CA THR HA 341 146.84 -49.16 -23.26
C THR HA 341 147.63 -47.95 -22.81
N ILE HA 342 147.29 -46.80 -23.39
CA ILE HA 342 147.88 -45.52 -23.02
C ILE HA 342 146.76 -44.62 -22.52
N GLY HA 343 146.92 -44.08 -21.32
CA GLY HA 343 145.94 -43.21 -20.70
C GLY HA 343 146.14 -41.74 -20.95
N GLY HA 344 147.06 -41.36 -21.83
CA GLY HA 344 147.32 -39.95 -22.07
C GLY HA 344 146.14 -39.25 -22.73
N THR HA 345 145.91 -38.01 -22.31
CA THR HA 345 144.86 -37.15 -22.86
C THR HA 345 143.49 -37.80 -22.77
N LYS HA 346 143.23 -38.48 -21.64
CA LYS HA 346 141.93 -39.08 -21.35
C LYS HA 346 141.47 -40.03 -22.46
N TYR HA 347 142.41 -40.80 -23.00
CA TYR HA 347 142.12 -41.83 -23.98
C TYR HA 347 142.62 -43.16 -23.47
N SER HA 348 142.28 -44.23 -24.20
CA SER HA 348 142.74 -45.57 -23.83
C SER HA 348 142.94 -46.36 -25.12
N HIS HA 349 144.17 -46.35 -25.61
CA HIS HA 349 144.53 -47.07 -26.84
C HIS HA 349 144.95 -48.49 -26.48
N SER HA 350 143.95 -49.28 -26.08
CA SER HA 350 144.21 -50.66 -25.68
C SER HA 350 144.66 -51.49 -26.88
N ALA HA 351 145.64 -52.36 -26.63
CA ALA HA 351 146.14 -53.26 -27.66
C ALA HA 351 145.23 -54.48 -27.73
N ALA HA 352 144.12 -54.33 -28.47
CA ALA HA 352 143.18 -55.43 -28.62
C ALA HA 352 143.85 -56.64 -29.28
N ASP HA 353 144.66 -56.41 -30.31
CA ASP HA 353 145.44 -57.44 -30.94
C ASP HA 353 146.86 -56.94 -31.12
N GLU HA 354 147.84 -57.76 -30.76
CA GLU HA 354 149.24 -57.43 -30.93
C GLU HA 354 149.73 -57.84 -32.30
N LEU HA 355 150.96 -57.46 -32.62
CA LEU HA 355 151.58 -57.79 -33.89
C LEU HA 355 152.59 -58.92 -33.67
N SER HA 356 152.28 -60.10 -34.18
CA SER HA 356 153.23 -61.20 -34.22
C SER HA 356 154.08 -61.16 -35.48
N TYR HA 357 154.16 -60.00 -36.13
CA TYR HA 357 154.88 -59.73 -37.38
C TYR HA 357 154.23 -60.43 -38.57
N THR HA 358 153.18 -61.20 -38.36
CA THR HA 358 152.37 -61.78 -39.43
C THR HA 358 150.92 -61.31 -39.37
N ALA HA 359 150.29 -61.42 -38.20
CA ALA HA 359 148.92 -60.95 -38.02
C ALA HA 359 148.93 -59.48 -37.60
N VAL HA 360 148.10 -58.69 -38.27
CA VAL HA 360 148.09 -57.25 -38.05
C VAL HA 360 147.62 -56.94 -36.64
N ALA HA 361 148.22 -55.92 -36.03
CA ALA HA 361 147.90 -55.54 -34.67
C ALA HA 361 146.70 -54.59 -34.63
N THR HA 362 146.07 -54.51 -33.46
CA THR HA 362 144.89 -53.68 -33.26
C THR HA 362 145.09 -52.81 -32.02
N THR HA 363 144.81 -51.52 -32.16
CA THR HA 363 144.94 -50.55 -31.08
C THR HA 363 143.63 -49.77 -30.91
N ALA HA 364 142.52 -50.51 -30.83
CA ALA HA 364 141.21 -49.88 -30.75
C ALA HA 364 141.10 -48.98 -29.52
N ASP HA 365 140.40 -47.87 -29.69
CA ASP HA 365 140.24 -46.88 -28.63
C ASP HA 365 138.80 -46.38 -28.63
N VAL HA 366 138.39 -45.82 -27.49
CA VAL HA 366 137.12 -45.12 -27.39
C VAL HA 366 137.30 -43.73 -27.98
N LEU HA 367 136.96 -43.58 -29.26
CA LEU HA 367 137.21 -42.32 -29.95
C LEU HA 367 136.11 -41.31 -29.68
N SER HA 368 134.85 -41.71 -29.86
CA SER HA 368 133.69 -40.81 -29.76
C SER HA 368 133.82 -39.62 -30.70
N ALA HA 369 134.54 -39.82 -31.82
CA ALA HA 369 134.71 -38.75 -32.79
C ALA HA 369 133.40 -38.35 -33.45
N MET HA 370 132.39 -39.22 -33.42
CA MET HA 370 131.06 -38.90 -33.90
C MET HA 370 130.15 -38.52 -32.74
N GLY HA 371 130.72 -37.86 -31.73
CA GLY HA 371 129.98 -37.60 -30.50
C GLY HA 371 128.77 -36.71 -30.72
N SER HA 372 128.86 -35.77 -31.65
CA SER HA 372 127.75 -34.87 -31.89
C SER HA 372 126.52 -35.65 -32.34
N SER HA 373 125.38 -35.33 -31.73
CA SER HA 373 124.13 -35.98 -32.11
C SER HA 373 123.81 -35.71 -33.57
N THR HA 374 124.09 -34.51 -34.05
CA THR HA 374 123.91 -34.22 -35.46
C THR HA 374 124.89 -35.00 -36.32
N ALA HA 375 126.08 -35.29 -35.80
CA ALA HA 375 127.02 -36.13 -36.54
C ALA HA 375 126.45 -37.53 -36.72
N VAL HA 376 125.88 -38.11 -35.67
CA VAL HA 376 125.26 -39.42 -35.79
C VAL HA 376 124.06 -39.36 -36.72
N SER HA 377 123.30 -38.27 -36.68
CA SER HA 377 122.19 -38.11 -37.62
C SER HA 377 122.70 -38.07 -39.06
N THR HA 378 123.83 -37.40 -39.29
CA THR HA 378 124.41 -37.35 -40.63
C THR HA 378 124.82 -38.75 -41.09
N VAL HA 379 125.52 -39.49 -40.22
CA VAL HA 379 126.06 -40.77 -40.63
C VAL HA 379 124.93 -41.79 -40.84
N THR HA 380 123.86 -41.70 -40.06
CA THR HA 380 122.74 -42.63 -40.25
C THR HA 380 121.80 -42.17 -41.36
N LEU HA 381 121.87 -40.90 -41.76
CA LEU HA 381 121.07 -40.39 -42.87
C LEU HA 381 121.76 -40.55 -44.20
N GLY HA 382 123.08 -40.49 -44.22
CA GLY HA 382 123.83 -40.68 -45.45
C GLY HA 382 124.49 -42.04 -45.54
N SER HA 383 124.01 -42.99 -44.74
CA SER HA 383 124.59 -44.32 -44.72
C SER HA 383 124.27 -45.05 -46.02
N GLY HA 384 125.03 -46.12 -46.26
CA GLY HA 384 124.83 -46.94 -47.45
C GLY HA 384 123.67 -47.89 -47.28
N ILE HA 385 123.83 -49.13 -47.74
CA ILE HA 385 122.80 -50.14 -47.57
C ILE HA 385 122.97 -50.77 -46.20
N THR HA 386 122.38 -50.14 -45.19
CA THR HA 386 122.60 -50.50 -43.80
C THR HA 386 121.28 -50.85 -43.13
N SER HA 387 121.39 -51.31 -41.89
CA SER HA 387 120.26 -51.64 -41.04
C SER HA 387 120.45 -51.06 -39.65
N ALA HA 388 120.84 -49.78 -39.60
CA ALA HA 388 121.11 -49.13 -38.33
C ALA HA 388 119.87 -49.10 -37.46
N ALA HA 389 120.06 -49.31 -36.16
CA ALA HA 389 118.96 -49.45 -35.23
C ALA HA 389 119.21 -48.61 -33.98
N VAL HA 390 118.12 -48.20 -33.33
CA VAL HA 390 118.19 -47.35 -32.14
C VAL HA 390 117.39 -48.02 -31.02
N THR HA 391 118.02 -48.16 -29.86
CA THR HA 391 117.36 -48.53 -28.61
C THR HA 391 117.32 -47.27 -27.76
N PHE HA 392 116.13 -46.69 -27.59
CA PHE HA 392 116.01 -45.34 -27.04
C PHE HA 392 115.20 -45.30 -25.75
N ALA HA 393 115.06 -46.44 -25.06
CA ALA HA 393 114.23 -46.46 -23.88
C ALA HA 393 114.78 -47.49 -22.90
N ILE HA 394 114.25 -47.45 -21.68
CA ILE HA 394 114.74 -48.28 -20.59
C ILE HA 394 113.98 -49.59 -20.58
N ALA HA 395 114.52 -50.58 -19.85
CA ALA HA 395 114.03 -51.95 -19.84
C ALA HA 395 112.52 -52.07 -19.74
N THR HA 396 111.90 -51.27 -18.87
CA THR HA 396 110.44 -51.31 -18.76
C THR HA 396 109.75 -50.72 -19.98
N THR HA 397 110.46 -49.91 -20.78
CA THR HA 397 109.92 -49.38 -22.02
C THR HA 397 110.82 -49.70 -23.20
N ASP HA 398 111.73 -50.66 -23.04
CA ASP HA 398 112.76 -50.92 -24.04
C ASP HA 398 112.14 -51.35 -25.37
N SER HA 399 112.79 -50.96 -26.46
CA SER HA 399 112.35 -51.29 -27.80
C SER HA 399 113.52 -51.08 -28.75
N ASN HA 400 113.26 -51.27 -30.04
CA ASN HA 400 114.27 -51.05 -31.06
C ASN HA 400 113.57 -50.48 -32.29
N ASN HA 401 114.26 -49.59 -32.98
CA ASN HA 401 113.74 -48.98 -34.21
C ASN HA 401 114.61 -49.40 -35.38
N THR HA 402 113.98 -49.94 -36.42
CA THR HA 402 114.67 -50.34 -37.63
C THR HA 402 114.08 -49.56 -38.81
N TRP HA 403 114.95 -48.95 -39.60
CA TRP HA 403 114.51 -48.01 -40.63
C TRP HA 403 115.25 -48.25 -41.94
N VAL HA 404 114.94 -47.41 -42.92
CA VAL HA 404 115.48 -47.56 -44.26
C VAL HA 404 116.99 -47.35 -44.24
N ASP HA 405 117.68 -48.02 -45.17
CA ASP HA 405 119.13 -48.02 -45.17
C ASP HA 405 119.72 -46.61 -45.20
N ASN HA 406 119.04 -45.65 -45.84
CA ASN HA 406 119.62 -44.33 -45.97
C ASN HA 406 118.62 -43.19 -45.78
N LYS HA 407 117.46 -43.46 -45.17
CA LYS HA 407 116.45 -42.42 -45.00
C LYS HA 407 116.12 -42.10 -43.55
N GLY HA 408 116.26 -43.06 -42.65
CA GLY HA 408 115.84 -42.86 -41.27
C GLY HA 408 114.37 -43.13 -41.01
N GLU HA 409 113.57 -43.27 -42.06
CA GLU HA 409 112.14 -43.50 -41.91
C GLU HA 409 111.89 -44.94 -41.47
N LEU HA 410 111.20 -45.10 -40.33
CA LEU HA 410 110.90 -46.42 -39.81
C LEU HA 410 109.82 -47.08 -40.66
N THR HA 411 110.17 -48.17 -41.35
CA THR HA 411 109.23 -48.83 -42.24
C THR HA 411 108.04 -49.40 -41.47
N ASP HA 412 108.29 -50.07 -40.36
CA ASP HA 412 107.24 -50.76 -39.61
C ASP HA 412 106.73 -49.96 -38.43
N ILE HA 413 107.29 -48.78 -38.16
CA ILE HA 413 106.89 -47.97 -37.02
C ILE HA 413 106.38 -46.64 -37.53
N GLN HA 414 105.18 -46.27 -37.11
CA GLN HA 414 104.52 -45.05 -37.53
C GLN HA 414 104.24 -44.17 -36.32
N THR HA 415 103.88 -42.91 -36.58
CA THR HA 415 103.49 -41.99 -35.53
C THR HA 415 102.07 -41.51 -35.79
N PHE HA 416 101.22 -41.61 -34.79
CA PHE HA 416 99.87 -41.06 -34.88
C PHE HA 416 99.95 -39.56 -34.64
N ASP HA 417 98.79 -38.92 -34.46
CA ASP HA 417 98.78 -37.53 -34.05
C ASP HA 417 99.30 -37.34 -32.63
N THR HA 418 99.43 -38.42 -31.86
CA THR HA 418 99.87 -38.34 -30.47
C THR HA 418 101.22 -39.01 -30.25
N SER HA 419 101.36 -40.28 -30.61
CA SER HA 419 102.55 -41.04 -30.23
C SER HA 419 102.86 -42.05 -31.32
N TYR HA 420 103.70 -43.03 -31.01
CA TYR HA 420 104.17 -44.02 -31.96
C TYR HA 420 103.22 -45.21 -31.97
N LYS HA 421 103.14 -45.90 -33.11
CA LYS HA 421 102.41 -47.16 -33.19
C LYS HA 421 102.76 -47.80 -34.53
N ILE HA 422 102.53 -49.11 -34.62
CA ILE HA 422 102.95 -49.88 -35.78
C ILE HA 422 101.85 -49.94 -36.83
N ASN HA 423 100.83 -49.09 -36.69
CA ASN HA 423 99.73 -49.06 -37.64
C ASN HA 423 100.01 -47.99 -38.69
N ALA HA 424 99.98 -48.38 -39.96
CA ALA HA 424 100.20 -47.43 -41.05
C ALA HA 424 99.08 -46.40 -41.12
N ASP HA 425 97.83 -46.84 -40.99
CA ASP HA 425 96.69 -45.94 -41.02
C ASP HA 425 95.59 -46.50 -40.15
N THR HA 426 94.96 -45.63 -39.35
CA THR HA 426 93.79 -46.04 -38.57
C THR HA 426 92.68 -46.48 -39.50
N GLY HA 427 92.34 -45.65 -40.48
CA GLY HA 427 91.40 -46.04 -41.53
C GLY HA 427 90.01 -46.39 -41.03
N GLU HA 428 89.47 -45.62 -40.09
CA GLU HA 428 88.12 -45.88 -39.63
C GLU HA 428 87.13 -45.61 -40.77
N VAL HA 429 86.04 -46.37 -40.77
CA VAL HA 429 85.07 -46.34 -41.86
C VAL HA 429 83.78 -45.74 -41.31
N THR HA 430 83.30 -44.68 -41.96
CA THR HA 430 82.07 -44.01 -41.57
C THR HA 430 81.02 -44.22 -42.63
N VAL HA 431 79.87 -44.75 -42.24
CA VAL HA 431 78.75 -44.99 -43.14
C VAL HA 431 77.75 -43.85 -42.98
N VAL HA 432 77.27 -43.33 -44.10
CA VAL HA 432 76.36 -42.19 -44.10
C VAL HA 432 74.93 -42.70 -44.29
N GLY HA 433 74.06 -42.34 -43.35
CA GLY HA 433 72.65 -42.65 -43.49
C GLY HA 433 72.06 -41.99 -44.72
N ASP HA 434 71.34 -42.77 -45.52
CA ASP HA 434 70.75 -42.22 -46.74
C ASP HA 434 69.54 -41.35 -46.43
N ASN HA 435 68.71 -41.75 -45.47
CA ASN HA 435 67.46 -41.06 -45.19
C ASN HA 435 67.63 -39.83 -44.32
N SER HA 436 68.83 -39.57 -43.82
CA SER HA 436 69.05 -38.46 -42.90
C SER HA 436 70.48 -37.94 -43.04
N ALA HA 437 70.71 -36.73 -42.53
CA ALA HA 437 72.06 -36.18 -42.49
C ALA HA 437 72.98 -37.01 -41.60
N THR HA 438 72.40 -37.84 -40.73
CA THR HA 438 73.17 -38.72 -39.87
C THR HA 438 74.19 -39.54 -40.65
N ALA HA 439 75.43 -39.52 -40.16
CA ALA HA 439 76.48 -40.43 -40.61
C ALA HA 439 76.77 -41.39 -39.47
N GLY HA 440 76.68 -42.69 -39.76
CA GLY HA 440 76.96 -43.70 -38.76
C GLY HA 440 78.44 -43.92 -38.60
N GLN HA 441 78.78 -44.80 -37.66
CA GLN HA 441 80.15 -45.20 -37.42
C GLN HA 441 80.27 -46.68 -37.76
N TYR HA 442 80.95 -46.98 -38.87
CA TYR HA 442 81.06 -48.37 -39.35
C TYR HA 442 82.40 -48.94 -38.91
N ALA HA 443 82.48 -49.26 -37.63
CA ALA HA 443 83.68 -49.80 -37.00
C ALA HA 443 83.26 -50.51 -35.71
N SER HA 444 84.24 -50.78 -34.84
CA SER HA 444 83.95 -51.41 -33.56
C SER HA 444 83.02 -50.56 -32.70
N ALA HA 445 83.04 -49.23 -32.88
CA ALA HA 445 82.09 -48.38 -32.18
C ALA HA 445 80.66 -48.68 -32.66
N ASP HA 446 80.51 -49.01 -33.93
CA ASP HA 446 79.28 -49.61 -34.48
C ASP HA 446 78.07 -48.69 -34.26
N GLY HA 447 78.12 -47.54 -34.94
CA GLY HA 447 76.99 -46.65 -34.99
C GLY HA 447 77.06 -45.44 -34.07
N ALA HA 448 78.16 -45.25 -33.35
CA ALA HA 448 78.31 -44.06 -32.54
C ALA HA 448 78.23 -42.81 -33.40
N LYS HA 449 77.48 -41.82 -32.92
CA LYS HA 449 77.32 -40.57 -33.66
C LYS HA 449 78.66 -39.91 -33.92
N VAL HA 450 78.89 -39.52 -35.17
CA VAL HA 450 80.13 -38.88 -35.58
C VAL HA 450 79.86 -37.39 -35.78
N LEU HA 451 80.74 -36.56 -35.25
CA LEU HA 451 80.61 -35.11 -35.36
C LEU HA 451 81.95 -34.51 -35.74
N VAL HA 452 81.90 -33.37 -36.41
CA VAL HA 452 83.11 -32.64 -36.78
C VAL HA 452 83.36 -31.56 -35.72
N GLY HA 453 84.49 -31.68 -35.03
CA GLY HA 453 84.82 -30.72 -33.99
C GLY HA 453 85.48 -29.48 -34.54
N SER HA 454 85.79 -28.56 -33.62
CA SER HA 454 86.46 -27.31 -33.99
C SER HA 454 87.87 -27.63 -34.47
N ASP HA 455 88.14 -27.31 -35.74
CA ASP HA 455 89.43 -27.62 -36.37
C ASP HA 455 89.74 -29.11 -36.27
N GLY HA 456 88.72 -29.93 -36.35
CA GLY HA 456 88.87 -31.38 -36.29
C GLY HA 456 88.38 -32.02 -37.57
N LYS HA 457 89.09 -33.07 -38.00
CA LYS HA 457 88.66 -33.83 -39.17
C LYS HA 457 87.28 -34.44 -38.93
N LEU HA 458 87.19 -35.34 -37.96
CA LEU HA 458 85.93 -35.96 -37.57
C LEU HA 458 86.16 -36.73 -36.28
N THR HA 459 85.17 -36.75 -35.41
CA THR HA 459 85.29 -37.41 -34.12
C THR HA 459 83.91 -37.89 -33.67
N THR HA 460 83.88 -38.50 -32.49
CA THR HA 460 82.65 -39.06 -31.92
C THR HA 460 81.98 -38.15 -30.90
N GLU HA 461 82.77 -37.49 -30.05
CA GLU HA 461 82.20 -36.66 -29.00
C GLU HA 461 81.64 -35.36 -29.58
N THR HA 462 80.53 -34.91 -28.99
CA THR HA 462 79.80 -33.75 -29.49
C THR HA 462 80.34 -32.43 -28.98
N THR HA 463 81.36 -32.43 -28.11
CA THR HA 463 81.82 -31.22 -27.47
C THR HA 463 83.32 -31.04 -27.68
N SER HA 464 83.77 -29.80 -27.53
CA SER HA 464 85.17 -29.45 -27.66
C SER HA 464 85.46 -28.24 -26.80
N ALA HA 465 86.76 -27.97 -26.59
CA ALA HA 465 87.16 -26.84 -25.78
C ALA HA 465 86.76 -25.51 -26.43
N GLY HA 466 86.43 -24.54 -25.58
CA GLY HA 466 85.95 -23.25 -26.05
C GLY HA 466 87.06 -22.26 -26.40
N ASP HA 467 88.12 -22.25 -25.60
CA ASP HA 467 89.31 -21.45 -25.86
C ASP HA 467 88.98 -19.95 -25.92
N LYS HA 468 88.54 -19.42 -24.78
CA LYS HA 468 88.48 -17.98 -24.55
C LYS HA 468 87.62 -17.27 -25.60
N THR HA 469 86.31 -17.53 -25.53
CA THR HA 469 85.35 -17.00 -26.50
C THR HA 469 85.73 -15.59 -26.92
N THR HA 470 85.84 -15.40 -28.24
CA THR HA 470 86.62 -14.30 -28.83
C THR HA 470 86.17 -12.92 -28.39
N ASP HA 471 84.95 -12.52 -28.75
CA ASP HA 471 84.42 -11.20 -28.43
C ASP HA 471 83.23 -11.38 -27.49
N PRO HA 472 83.43 -11.28 -26.19
CA PRO HA 472 82.36 -11.54 -25.23
C PRO HA 472 81.26 -10.51 -25.30
N LEU HA 473 81.61 -9.23 -25.18
CA LEU HA 473 80.59 -8.19 -25.05
C LEU HA 473 79.77 -8.04 -26.33
N LYS HA 474 80.37 -8.27 -27.49
CA LYS HA 474 79.57 -8.20 -28.72
C LYS HA 474 78.56 -9.34 -28.79
N THR HA 475 78.95 -10.55 -28.37
CA THR HA 475 77.98 -11.64 -28.29
C THR HA 475 76.87 -11.32 -27.30
N LEU HA 476 77.24 -10.76 -26.14
CA LEU HA 476 76.25 -10.37 -25.15
C LEU HA 476 75.32 -9.30 -25.69
N ASP HA 477 75.85 -8.37 -26.47
CA ASP HA 477 75.02 -7.32 -27.06
C ASP HA 477 74.08 -7.90 -28.11
N ALA HA 478 74.54 -8.91 -28.87
CA ALA HA 478 73.64 -9.59 -29.79
C ALA HA 478 72.51 -10.28 -29.05
N ALA HA 479 72.84 -10.94 -27.93
CA ALA HA 479 71.80 -11.53 -27.09
C ALA HA 479 70.85 -10.46 -26.57
N PHE HA 480 71.39 -9.31 -26.17
CA PHE HA 480 70.56 -8.20 -25.71
C PHE HA 480 69.63 -7.73 -26.80
N THR HA 481 70.12 -7.60 -28.03
CA THR HA 481 69.28 -7.14 -29.13
C THR HA 481 68.16 -8.12 -29.41
N LYS HA 482 68.46 -9.41 -29.44
CA LYS HA 482 67.42 -10.40 -29.68
C LYS HA 482 66.37 -10.38 -28.57
N LEU HA 483 66.82 -10.38 -27.32
CA LEU HA 483 65.89 -10.39 -26.19
C LEU HA 483 65.05 -9.12 -26.18
N ASP HA 484 65.66 -7.97 -26.42
CA ASP HA 484 64.92 -6.71 -26.42
C ASP HA 484 63.93 -6.66 -27.56
N LYS HA 485 64.29 -7.21 -28.72
CA LYS HA 485 63.35 -7.29 -29.84
C LYS HA 485 62.13 -8.12 -29.44
N LEU HA 486 62.35 -9.27 -28.82
CA LEU HA 486 61.22 -10.12 -28.46
C LEU HA 486 60.37 -9.47 -27.37
N THR HA 487 61.01 -8.82 -26.39
CA THR HA 487 60.25 -8.13 -25.35
C THR HA 487 59.44 -6.97 -25.93
N GLY HA 488 60.03 -6.22 -26.86
CA GLY HA 488 59.29 -5.15 -27.49
C GLY HA 488 58.11 -5.66 -28.30
N GLU HA 489 58.29 -6.79 -28.99
CA GLU HA 489 57.16 -7.40 -29.67
C GLU HA 489 56.06 -7.77 -28.69
N LEU HA 490 56.43 -8.36 -27.56
CA LEU HA 490 55.43 -8.74 -26.56
C LEU HA 490 54.72 -7.52 -25.99
N GLY HA 491 55.45 -6.44 -25.74
CA GLY HA 491 54.81 -5.23 -25.25
C GLY HA 491 53.86 -4.63 -26.27
N ALA HA 492 54.25 -4.64 -27.54
CA ALA HA 492 53.35 -4.18 -28.59
C ALA HA 492 52.10 -5.04 -28.65
N VAL HA 493 52.25 -6.35 -28.48
CA VAL HA 493 51.09 -7.24 -28.49
C VAL HA 493 50.20 -6.97 -27.29
N GLN HA 494 50.79 -6.67 -26.13
CA GLN HA 494 49.98 -6.32 -24.96
C GLN HA 494 49.18 -5.05 -25.21
N ASN HA 495 49.82 -4.04 -25.83
CA ASN HA 495 49.09 -2.82 -26.16
C ASN HA 495 47.95 -3.11 -27.12
N ARG HA 496 48.23 -3.89 -28.17
CA ARG HA 496 47.19 -4.26 -29.12
C ARG HA 496 46.05 -4.99 -28.43
N LEU HA 497 46.38 -5.91 -27.52
CA LEU HA 497 45.37 -6.73 -26.89
C LEU HA 497 44.49 -5.92 -25.94
N GLU HA 498 45.08 -4.99 -25.19
CA GLU HA 498 44.24 -4.15 -24.34
C GLU HA 498 43.38 -3.20 -25.18
N SER HA 499 43.91 -2.73 -26.31
CA SER HA 499 43.08 -1.93 -27.21
C SER HA 499 41.93 -2.75 -27.78
N THR HA 500 42.19 -4.02 -28.11
CA THR HA 500 41.12 -4.90 -28.54
C THR HA 500 40.11 -5.11 -27.42
N ILE HA 501 40.59 -5.22 -26.18
CA ILE HA 501 39.64 -5.36 -25.06
C ILE HA 501 38.70 -4.17 -25.03
N ALA HA 502 39.24 -2.97 -25.15
CA ALA HA 502 38.40 -1.77 -25.14
C ALA HA 502 37.43 -1.76 -26.32
N ASN HA 503 37.92 -2.05 -27.52
CA ASN HA 503 37.06 -2.01 -28.71
C ASN HA 503 35.98 -3.08 -28.63
N LEU HA 504 36.34 -4.29 -28.24
CA LEU HA 504 35.38 -5.37 -28.09
C LEU HA 504 34.32 -5.04 -27.06
N ASN HA 505 34.72 -4.44 -25.93
CA ASN HA 505 33.73 -4.04 -24.93
C ASN HA 505 32.78 -2.99 -25.51
N ASN HA 506 33.32 -2.02 -26.26
CA ASN HA 506 32.45 -1.03 -26.90
C ASN HA 506 31.45 -1.70 -27.83
N VAL HA 507 31.91 -2.64 -28.64
CA VAL HA 507 31.01 -3.32 -29.58
C VAL HA 507 29.99 -4.15 -28.82
N VAL HA 508 30.38 -4.76 -27.70
CA VAL HA 508 29.45 -5.53 -26.89
C VAL HA 508 28.33 -4.64 -26.37
N ASN HA 509 28.69 -3.49 -25.79
CA ASN HA 509 27.65 -2.60 -25.28
C ASN HA 509 26.75 -2.10 -26.40
N ASN HA 510 27.35 -1.72 -27.54
CA ASN HA 510 26.56 -1.19 -28.64
C ASN HA 510 25.61 -2.23 -29.21
N LEU HA 511 26.08 -3.48 -29.35
CA LEU HA 511 25.22 -4.53 -29.87
C LEU HA 511 24.15 -4.93 -28.86
N SER HA 512 24.48 -4.88 -27.57
CA SER HA 512 23.45 -5.11 -26.56
C SER HA 512 22.36 -4.06 -26.66
N SER HA 513 22.74 -2.79 -26.83
CA SER HA 513 21.76 -1.74 -27.02
C SER HA 513 20.96 -1.96 -28.30
N ALA HA 514 21.63 -2.37 -29.38
CA ALA HA 514 20.93 -2.62 -30.64
C ALA HA 514 19.90 -3.73 -30.48
N ARG HA 515 20.25 -4.76 -29.73
CA ARG HA 515 19.28 -5.81 -29.41
C ARG HA 515 18.14 -5.25 -28.57
N SER HA 516 18.44 -4.33 -27.65
CA SER HA 516 17.39 -3.74 -26.83
C SER HA 516 16.37 -2.97 -27.66
N ARG HA 517 16.85 -2.18 -28.63
CA ARG HA 517 15.92 -1.41 -29.46
C ARG HA 517 14.98 -2.29 -30.27
N ILE HA 518 15.30 -3.57 -30.46
CA ILE HA 518 14.50 -4.45 -31.29
C ILE HA 518 13.81 -5.54 -30.46
N GLN HA 519 14.55 -6.23 -29.60
CA GLN HA 519 14.03 -7.48 -29.03
C GLN HA 519 13.08 -7.22 -27.87
N ASP HA 520 13.58 -6.61 -26.79
CA ASP HA 520 12.81 -6.52 -25.57
C ASP HA 520 11.70 -5.48 -25.68
N ALA HA 521 10.83 -5.48 -24.67
CA ALA HA 521 9.60 -4.69 -24.69
C ALA HA 521 9.71 -3.45 -23.83
N ASP HA 522 8.96 -2.42 -24.22
CA ASP HA 522 8.87 -1.17 -23.45
C ASP HA 522 7.72 -1.31 -22.46
N TYR HA 523 8.05 -1.34 -21.16
CA TYR HA 523 7.03 -1.54 -20.14
C TYR HA 523 6.01 -0.42 -20.10
N ALA HA 524 6.41 0.80 -20.48
CA ALA HA 524 5.46 1.90 -20.49
C ALA HA 524 4.31 1.62 -21.43
N THR HA 525 4.60 1.05 -22.61
CA THR HA 525 3.54 0.66 -23.52
C THR HA 525 2.84 -0.60 -23.05
N GLU HA 526 3.59 -1.55 -22.49
CA GLU HA 526 3.03 -2.86 -22.18
C GLU HA 526 2.01 -2.78 -21.04
N VAL HA 527 2.33 -2.03 -19.98
CA VAL HA 527 1.42 -1.91 -18.86
C VAL HA 527 0.13 -1.22 -19.29
N SER HA 528 0.26 -0.16 -20.08
CA SER HA 528 -0.93 0.53 -20.58
C SER HA 528 -1.77 -0.40 -21.46
N ASN HA 529 -1.11 -1.21 -22.30
CA ASN HA 529 -1.84 -2.15 -23.15
C ASN HA 529 -2.58 -3.17 -22.30
N MET HA 530 -1.92 -3.67 -21.24
CA MET HA 530 -2.57 -4.62 -20.35
C MET HA 530 -3.79 -4.00 -19.68
N SER HA 531 -3.67 -2.76 -19.22
CA SER HA 531 -4.79 -2.09 -18.57
C SER HA 531 -5.95 -1.91 -19.55
N LYS HA 532 -5.64 -1.46 -20.77
CA LYS HA 532 -6.70 -1.29 -21.76
C LYS HA 532 -7.37 -2.62 -22.09
N ALA HA 533 -6.58 -3.68 -22.20
CA ALA HA 533 -7.16 -4.99 -22.48
C ALA HA 533 -8.06 -5.45 -21.33
N GLN HA 534 -7.65 -5.21 -20.09
CA GLN HA 534 -8.48 -5.57 -18.96
C GLN HA 534 -9.81 -4.81 -18.97
N ILE HA 535 -9.75 -3.50 -19.22
CA ILE HA 535 -10.98 -2.72 -19.29
C ILE HA 535 -11.87 -3.23 -20.41
N LEU HA 536 -11.29 -3.51 -21.58
CA LEU HA 536 -12.07 -4.01 -22.69
C LEU HA 536 -12.72 -5.35 -22.37
N GLN HA 537 -11.98 -6.23 -21.70
CA GLN HA 537 -12.53 -7.55 -21.38
C GLN HA 537 -13.67 -7.45 -20.39
N GLN HA 538 -13.52 -6.62 -19.35
CA GLN HA 538 -14.62 -6.49 -18.38
C GLN HA 538 -15.85 -5.85 -19.02
N ALA HA 539 -15.64 -4.83 -19.85
CA ALA HA 539 -16.77 -4.25 -20.57
C ALA HA 539 -17.43 -5.27 -21.48
N GLY HA 540 -16.63 -6.10 -22.15
CA GLY HA 540 -17.18 -7.13 -23.00
C GLY HA 540 -18.00 -8.15 -22.23
N THR HA 541 -17.51 -8.56 -21.06
CA THR HA 541 -18.26 -9.49 -20.24
C THR HA 541 -19.61 -8.90 -19.83
N SER HA 542 -19.62 -7.66 -19.37
CA SER HA 542 -20.88 -7.05 -18.94
C SER HA 542 -21.84 -6.90 -20.11
N VAL HA 543 -21.33 -6.41 -21.25
CA VAL HA 543 -22.21 -6.20 -22.40
C VAL HA 543 -22.70 -7.53 -22.96
N LEU HA 544 -21.89 -8.59 -22.85
CA LEU HA 544 -22.37 -9.92 -23.22
C LEU HA 544 -23.47 -10.39 -22.29
N ALA HA 545 -23.36 -10.12 -20.99
CA ALA HA 545 -24.43 -10.47 -20.08
C ALA HA 545 -25.72 -9.77 -20.48
N GLN HA 546 -25.65 -8.47 -20.78
CA GLN HA 546 -26.85 -7.79 -21.25
C GLN HA 546 -27.33 -8.29 -22.61
N ALA HA 547 -26.41 -8.71 -23.48
CA ALA HA 547 -26.81 -9.25 -24.78
C ALA HA 547 -27.61 -10.54 -24.60
N ASN HA 548 -27.15 -11.42 -23.70
CA ASN HA 548 -27.92 -12.61 -23.38
C ASN HA 548 -29.20 -12.28 -22.65
N GLN HA 549 -29.27 -11.13 -21.98
CA GLN HA 549 -30.52 -10.68 -21.39
C GLN HA 549 -31.49 -10.09 -22.41
N VAL HA 550 -30.99 -9.68 -23.59
CA VAL HA 550 -31.87 -9.10 -24.61
C VAL HA 550 -33.03 -10.03 -24.99
N PRO HA 551 -32.82 -11.30 -25.30
CA PRO HA 551 -33.96 -12.15 -25.69
C PRO HA 551 -34.90 -12.46 -24.54
N GLN HA 552 -34.56 -12.12 -23.30
CA GLN HA 552 -35.48 -12.33 -22.19
C GLN HA 552 -36.75 -11.52 -22.38
N THR HA 553 -36.66 -10.35 -23.01
CA THR HA 553 -37.84 -9.55 -23.28
C THR HA 553 -38.84 -10.29 -24.16
N VAL HA 554 -38.34 -11.19 -25.01
CA VAL HA 554 -39.25 -12.02 -25.82
C VAL HA 554 -40.13 -12.86 -24.90
N LEU HA 555 -39.57 -13.38 -23.83
CA LEU HA 555 -40.33 -14.17 -22.87
C LEU HA 555 -41.01 -13.27 -21.85
N SER HA 556 -41.74 -12.29 -22.37
CA SER HA 556 -42.60 -11.43 -21.57
C SER HA 556 -44.05 -11.49 -22.00
N LEU HA 557 -44.31 -11.37 -23.30
CA LEU HA 557 -45.65 -11.54 -23.83
C LEU HA 557 -45.94 -13.03 -23.98
N LEU HA 558 -47.07 -13.47 -23.43
CA LEU HA 558 -47.42 -14.88 -23.42
C LEU HA 558 -48.93 -15.06 -23.32
N ALA IA 2 -16.95 -32.52 0.75
CA ALA IA 2 -18.18 -32.23 0.01
C ALA IA 2 -18.75 -30.88 0.45
N ALA IA 3 -20.07 -30.77 0.50
CA ALA IA 3 -20.75 -29.52 0.80
C ALA IA 3 -21.08 -29.39 2.28
N VAL IA 4 -20.27 -29.98 3.14
CA VAL IA 4 -20.50 -29.93 4.58
C VAL IA 4 -19.87 -28.66 5.14
N ILE IA 5 -20.49 -28.11 6.19
CA ILE IA 5 -20.01 -26.89 6.82
C ILE IA 5 -19.80 -27.02 8.31
N ASN IA 6 -20.44 -27.99 8.98
CA ASN IA 6 -20.32 -28.08 10.44
C ASN IA 6 -18.90 -28.43 10.85
N THR IA 7 -18.14 -29.05 9.96
CA THR IA 7 -16.71 -29.25 10.14
C THR IA 7 -15.99 -28.80 8.89
N ASN IA 8 -14.91 -28.05 9.06
CA ASN IA 8 -14.09 -27.58 7.94
C ASN IA 8 -12.70 -28.21 8.09
N TYR IA 9 -12.52 -29.35 7.43
CA TYR IA 9 -11.26 -30.08 7.54
C TYR IA 9 -10.09 -29.26 7.02
N LEU IA 10 -10.30 -28.49 5.96
CA LEU IA 10 -9.24 -27.65 5.42
C LEU IA 10 -8.76 -26.65 6.44
N SER IA 11 -9.69 -26.05 7.20
CA SER IA 11 -9.31 -25.13 8.25
C SER IA 11 -8.46 -25.83 9.31
N LEU IA 12 -8.83 -27.07 9.67
CA LEU IA 12 -8.04 -27.80 10.66
C LEU IA 12 -6.63 -28.07 10.17
N VAL IA 13 -6.50 -28.48 8.90
CA VAL IA 13 -5.17 -28.74 8.35
C VAL IA 13 -4.34 -27.46 8.34
N ALA IA 14 -4.95 -26.35 7.91
CA ALA IA 14 -4.24 -25.08 7.88
C ALA IA 14 -3.82 -24.66 9.28
N GLN IA 15 -4.70 -24.84 10.27
CA GLN IA 15 -4.35 -24.49 11.64
C GLN IA 15 -3.21 -25.33 12.17
N ASN IA 16 -3.22 -26.63 11.88
CA ASN IA 16 -2.12 -27.49 12.34
C ASN IA 16 -0.80 -27.08 11.72
N ASN IA 17 -0.80 -26.83 10.40
CA ASN IA 17 0.43 -26.42 9.75
C ASN IA 17 0.90 -25.06 10.25
N LEU IA 18 -0.03 -24.15 10.52
CA LEU IA 18 0.33 -22.85 11.08
C LEU IA 18 0.94 -23.01 12.46
N ASN IA 19 0.41 -23.95 13.26
CA ASN IA 19 0.99 -24.20 14.57
C ASN IA 19 2.41 -24.73 14.46
N LYS IA 20 2.65 -25.64 13.51
CA LYS IA 20 4.01 -26.12 13.30
C LYS IA 20 4.94 -24.97 12.88
N SER IA 21 4.47 -24.11 11.97
CA SER IA 21 5.27 -22.97 11.55
C SER IA 21 5.57 -22.05 12.72
N GLN IA 22 4.58 -21.82 13.59
CA GLN IA 22 4.79 -20.93 14.72
C GLN IA 22 5.75 -21.55 15.74
N SER IA 23 5.71 -22.87 15.90
CA SER IA 23 6.68 -23.53 16.77
C SER IA 23 8.09 -23.35 16.22
N SER IA 24 8.27 -23.52 14.91
CA SER IA 24 9.59 -23.30 14.32
C SER IA 24 10.03 -21.86 14.50
N LEU IA 25 9.11 -20.90 14.30
CA LEU IA 25 9.43 -19.49 14.49
C LEU IA 25 9.81 -19.20 15.93
N GLY IA 26 9.10 -19.82 16.88
CA GLY IA 26 9.42 -19.60 18.28
C GLY IA 26 10.80 -20.12 18.65
N THR IA 27 11.14 -21.31 18.15
CA THR IA 27 12.49 -21.83 18.40
C THR IA 27 13.54 -20.91 17.78
N ALA IA 28 13.31 -20.45 16.55
CA ALA IA 28 14.25 -19.55 15.92
C ALA IA 28 14.39 -18.24 16.69
N ILE IA 29 13.27 -17.69 17.15
CA ILE IA 29 13.29 -16.42 17.88
C ILE IA 29 14.03 -16.58 19.19
N GLU IA 30 13.76 -17.66 19.92
CA GLU IA 30 14.43 -17.85 21.19
C GLU IA 30 15.94 -18.03 20.99
N ARG IA 31 16.33 -18.80 19.98
CA ARG IA 31 17.76 -18.97 19.71
C ARG IA 31 18.41 -17.66 19.29
N LEU IA 32 17.70 -16.84 18.50
CA LEU IA 32 18.25 -15.57 18.06
C LEU IA 32 18.44 -14.62 19.24
N SER IA 33 17.42 -14.47 20.07
CA SER IA 33 17.51 -13.55 21.20
C SER IA 33 18.56 -14.00 22.20
N SER IA 34 18.54 -15.28 22.58
CA SER IA 34 19.51 -15.77 23.54
C SER IA 34 20.90 -15.87 22.95
N GLY IA 35 21.00 -16.19 21.66
CA GLY IA 35 22.28 -16.42 21.03
C GLY IA 35 22.85 -17.81 21.22
N LEU IA 36 22.12 -18.70 21.90
CA LEU IA 36 22.59 -20.04 22.19
C LEU IA 36 21.71 -21.05 21.45
N ARG IA 37 22.35 -21.91 20.65
CA ARG IA 37 21.60 -22.97 19.99
C ARG IA 37 21.06 -23.97 20.99
N ILE IA 38 21.87 -24.34 21.99
CA ILE IA 38 21.47 -25.32 22.99
C ILE IA 38 20.89 -24.55 24.17
N ASN IA 39 19.59 -24.28 24.09
CA ASN IA 39 18.83 -23.72 25.19
C ASN IA 39 17.54 -24.51 25.32
N SER IA 40 17.00 -24.55 26.54
CA SER IA 40 15.78 -25.31 26.81
C SER IA 40 15.99 -26.79 26.46
N ALA IA 41 16.73 -27.46 27.35
CA ALA IA 41 17.41 -28.74 27.12
C ALA IA 41 16.61 -29.75 26.31
N LYS IA 42 15.29 -29.60 26.25
CA LYS IA 42 14.51 -30.32 25.26
C LYS IA 42 15.12 -30.23 23.86
N ASP IA 43 15.91 -29.20 23.60
CA ASP IA 43 16.69 -29.10 22.37
C ASP IA 43 18.12 -29.55 22.67
N ASP IA 44 18.53 -30.67 22.07
CA ASP IA 44 19.89 -31.20 22.19
C ASP IA 44 20.24 -31.47 23.65
N ALA IA 45 19.53 -32.46 24.22
CA ALA IA 45 19.65 -32.75 25.65
C ALA IA 45 21.10 -33.06 26.04
N ALA IA 46 21.75 -33.96 25.31
CA ALA IA 46 23.16 -34.24 25.59
C ALA IA 46 24.03 -33.04 25.28
N GLY IA 47 23.59 -32.18 24.36
CA GLY IA 47 24.35 -30.99 24.04
C GLY IA 47 24.51 -30.06 25.23
N MET IA 48 23.45 -29.89 26.02
CA MET IA 48 23.56 -29.03 27.19
C MET IA 48 24.41 -29.67 28.28
N ALA IA 49 24.39 -30.99 28.40
CA ALA IA 49 25.33 -31.64 29.31
C ALA IA 49 26.77 -31.36 28.89
N ILE IA 50 27.05 -31.48 27.59
CA ILE IA 50 28.39 -31.18 27.08
C ILE IA 50 28.76 -29.73 27.34
N ALA IA 51 27.83 -28.81 27.06
CA ALA IA 51 28.10 -27.39 27.26
C ALA IA 51 28.30 -27.07 28.73
N ASN IA 52 27.51 -27.68 29.61
CA ASN IA 52 27.68 -27.48 31.04
C ASN IA 52 29.05 -27.94 31.50
N ARG IA 53 29.47 -29.13 31.05
CA ARG IA 53 30.81 -29.61 31.38
C ARG IA 53 31.87 -28.64 30.90
N PHE IA 54 31.73 -28.15 29.67
CA PHE IA 54 32.72 -27.23 29.13
C PHE IA 54 32.75 -25.91 29.89
N THR IA 55 31.58 -25.37 30.26
CA THR IA 55 31.56 -24.12 31.02
C THR IA 55 32.24 -24.30 32.36
N ALA IA 56 31.88 -25.36 33.09
CA ALA IA 56 32.53 -25.61 34.37
C ALA IA 56 34.04 -25.74 34.20
N ASN IA 57 34.48 -26.50 33.20
CA ASN IA 57 35.90 -26.71 33.01
C ASN IA 57 36.61 -25.41 32.64
N VAL IA 58 36.06 -24.66 31.68
CA VAL IA 58 36.76 -23.48 31.20
C VAL IA 58 36.84 -22.42 32.29
N ARG IA 59 35.77 -22.23 33.06
CA ARG IA 59 35.84 -21.15 34.04
C ARG IA 59 36.55 -21.59 35.31
N GLY IA 60 36.53 -22.89 35.65
CA GLY IA 60 37.43 -23.39 36.66
C GLY IA 60 38.88 -23.19 36.25
N LEU IA 61 39.18 -23.36 34.95
CA LEU IA 61 40.54 -23.14 34.49
C LEU IA 61 40.92 -21.67 34.51
N THR IA 62 39.96 -20.78 34.24
CA THR IA 62 40.26 -19.35 34.42
C THR IA 62 40.57 -19.04 35.88
N GLN IA 63 39.79 -19.60 36.81
CA GLN IA 63 40.10 -19.42 38.21
C GLN IA 63 41.46 -20.01 38.56
N ALA IA 64 41.80 -21.13 37.93
CA ALA IA 64 43.10 -21.76 38.13
C ALA IA 64 44.22 -20.86 37.63
N ALA IA 65 44.02 -20.19 36.50
CA ALA IA 65 44.99 -19.22 36.02
C ALA IA 65 45.16 -18.09 37.03
N ARG IA 66 44.05 -17.65 37.62
CA ARG IA 66 44.15 -16.61 38.65
C ARG IA 66 44.96 -17.10 39.85
N ASN IA 67 44.71 -18.35 40.28
CA ASN IA 67 45.45 -18.91 41.41
C ASN IA 67 46.93 -19.03 41.09
N ALA IA 68 47.26 -19.52 39.89
CA ALA IA 68 48.65 -19.64 39.50
C ALA IA 68 49.33 -18.29 39.42
N ASN IA 69 48.61 -17.28 38.92
CA ASN IA 69 49.17 -15.93 38.87
C ASN IA 69 49.43 -15.37 40.26
N ASP IA 70 48.55 -15.66 41.21
CA ASP IA 70 48.81 -15.27 42.60
C ASP IA 70 50.04 -15.98 43.14
N GLY IA 71 50.20 -17.27 42.82
CA GLY IA 71 51.41 -17.97 43.22
C GLY IA 71 52.66 -17.35 42.62
N ILE IA 72 52.56 -16.86 41.39
CA ILE IA 72 53.69 -16.18 40.76
C ILE IA 72 54.10 -14.96 41.58
N SER IA 73 53.12 -14.16 42.01
CA SER IA 73 53.43 -12.98 42.81
C SER IA 73 54.01 -13.36 44.16
N LEU IA 74 53.49 -14.44 44.76
CA LEU IA 74 54.06 -14.91 46.02
C LEU IA 74 55.53 -15.27 45.86
N ALA IA 75 55.85 -16.03 44.81
CA ALA IA 75 57.25 -16.37 44.57
C ALA IA 75 58.09 -15.13 44.26
N GLN IA 76 57.50 -14.15 43.57
CA GLN IA 76 58.22 -12.92 43.28
C GLN IA 76 58.59 -12.19 44.56
N THR IA 77 57.64 -12.07 45.48
CA THR IA 77 57.90 -11.38 46.74
C THR IA 77 58.97 -12.09 47.55
N THR IA 78 58.85 -13.43 47.64
CA THR IA 78 59.84 -14.17 48.41
C THR IA 78 61.23 -14.08 47.77
N GLU IA 79 61.29 -14.11 46.43
CA GLU IA 79 62.57 -13.99 45.74
C GLU IA 79 63.19 -12.61 45.97
N GLY IA 80 62.37 -11.56 45.98
CA GLY IA 80 62.91 -10.23 46.25
C GLY IA 80 63.46 -10.11 47.65
N ALA IA 81 62.73 -10.63 48.65
CA ALA IA 81 63.26 -10.62 50.00
C ALA IA 81 64.56 -11.43 50.09
N ALA IA 82 64.60 -12.58 49.43
CA ALA IA 82 65.82 -13.38 49.41
C ALA IA 82 66.97 -12.65 48.74
N SER IA 83 66.69 -11.86 47.70
CA SER IA 83 67.73 -11.07 47.06
C SER IA 83 68.30 -10.03 48.02
N GLU IA 84 67.43 -9.40 48.80
CA GLU IA 84 67.93 -8.46 49.81
C GLU IA 84 68.79 -9.18 50.85
N VAL IA 85 68.36 -10.36 51.28
CA VAL IA 85 69.20 -11.15 52.19
C VAL IA 85 70.54 -11.46 51.53
N ASN IA 86 70.53 -11.73 50.22
CA ASN IA 86 71.75 -12.03 49.50
C ASN IA 86 72.70 -10.83 49.54
N THR IA 87 72.17 -9.63 49.33
CA THR IA 87 73.01 -8.44 49.44
C THR IA 87 73.59 -8.31 50.85
N HIS IA 88 72.78 -8.60 51.86
CA HIS IA 88 73.28 -8.57 53.23
C HIS IA 88 74.44 -9.55 53.42
N LEU IA 89 74.30 -10.78 52.90
CA LEU IA 89 75.37 -11.76 53.03
C LEU IA 89 76.62 -11.32 52.27
N GLN IA 90 76.45 -10.70 51.10
CA GLN IA 90 77.62 -10.20 50.37
C GLN IA 90 78.37 -9.16 51.19
N ARG IA 91 77.63 -8.22 51.78
CA ARG IA 91 78.30 -7.21 52.60
C ARG IA 91 78.97 -7.84 53.82
N ILE IA 92 78.30 -8.81 54.44
CA ILE IA 92 78.88 -9.48 55.60
C ILE IA 92 80.17 -10.19 55.22
N ARG IA 93 80.18 -10.87 54.07
CA ARG IA 93 81.40 -11.54 53.62
C ARG IA 93 82.51 -10.55 53.34
N GLU IA 94 82.18 -9.43 52.68
CA GLU IA 94 83.20 -8.44 52.36
C GLU IA 94 83.85 -7.89 53.63
N LEU IA 95 83.02 -7.43 54.57
CA LEU IA 95 83.59 -6.86 55.78
C LEU IA 95 84.18 -7.93 56.69
N THR IA 96 83.77 -9.19 56.53
CA THR IA 96 84.42 -10.28 57.26
C THR IA 96 85.83 -10.52 56.74
N VAL IA 97 86.00 -10.48 55.41
CA VAL IA 97 87.33 -10.55 54.83
C VAL IA 97 88.16 -9.36 55.33
N GLN IA 98 87.53 -8.19 55.44
CA GLN IA 98 88.24 -7.03 55.98
C GLN IA 98 88.67 -7.27 57.43
N ALA IA 99 87.77 -7.81 58.25
CA ALA IA 99 88.04 -7.95 59.67
C ALA IA 99 89.01 -9.10 59.95
N SER IA 100 89.10 -10.07 59.05
CA SER IA 100 90.02 -11.19 59.24
C SER IA 100 91.48 -10.74 59.22
N ASN IA 101 91.76 -9.53 58.73
CA ASN IA 101 93.12 -9.00 58.76
C ASN IA 101 93.56 -8.79 60.20
N GLY IA 102 94.84 -9.02 60.45
CA GLY IA 102 95.37 -8.87 61.80
C GLY IA 102 95.83 -7.48 62.16
N SER IA 103 95.86 -6.56 61.20
CA SER IA 103 96.34 -5.21 61.49
C SER IA 103 95.33 -4.42 62.32
N TYR IA 104 94.05 -4.79 62.26
CA TYR IA 104 93.02 -4.03 62.95
C TYR IA 104 93.09 -4.27 64.46
N SER IA 105 93.06 -3.19 65.23
CA SER IA 105 92.99 -3.29 66.67
C SER IA 105 91.60 -3.74 67.11
N GLN IA 106 91.46 -3.98 68.40
CA GLN IA 106 90.23 -4.58 68.92
C GLN IA 106 89.02 -3.68 68.69
N GLU IA 107 89.20 -2.36 68.75
CA GLU IA 107 88.07 -1.45 68.66
C GLU IA 107 87.48 -1.42 67.26
N GLN IA 108 88.33 -1.44 66.23
CA GLN IA 108 87.81 -1.51 64.87
C GLN IA 108 87.07 -2.81 64.64
N LEU IA 109 87.57 -3.92 65.20
CA LEU IA 109 86.83 -5.17 65.15
C LEU IA 109 85.49 -5.06 65.87
N ASP IA 110 85.44 -4.29 66.97
CA ASP IA 110 84.18 -4.08 67.66
C ASP IA 110 83.18 -3.33 66.78
N SER IA 111 83.64 -2.31 66.07
CA SER IA 111 82.75 -1.58 65.17
C SER IA 111 82.29 -2.48 64.03
N VAL IA 112 83.20 -3.29 63.49
CA VAL IA 112 82.83 -4.23 62.43
C VAL IA 112 81.77 -5.20 62.94
N GLN IA 113 81.96 -5.72 64.15
CA GLN IA 113 80.98 -6.64 64.72
C GLN IA 113 79.65 -5.96 64.99
N GLY IA 114 79.68 -4.67 65.34
CA GLY IA 114 78.43 -3.94 65.47
C GLY IA 114 77.68 -3.87 64.15
N GLU IA 115 78.41 -3.62 63.06
CA GLU IA 115 77.77 -3.64 61.75
C GLU IA 115 77.27 -5.03 61.38
N ILE IA 116 78.03 -6.07 61.75
CA ILE IA 116 77.57 -7.44 61.52
C ILE IA 116 76.27 -7.70 62.24
N ASN IA 117 76.19 -7.26 63.50
CA ASN IA 117 74.98 -7.47 64.28
C ASN IA 117 73.81 -6.71 63.68
N GLN IA 118 74.06 -5.51 63.17
CA GLN IA 118 72.99 -4.77 62.50
C GLN IA 118 72.50 -5.52 61.28
N ARG IA 119 73.41 -6.03 60.46
CA ARG IA 119 73.00 -6.77 59.26
C ARG IA 119 72.25 -8.04 59.64
N LEU IA 120 72.70 -8.76 60.66
CA LEU IA 120 72.02 -9.98 61.08
C LEU IA 120 70.63 -9.67 61.62
N ALA IA 121 70.51 -8.59 62.40
CA ALA IA 121 69.20 -8.19 62.88
C ALA IA 121 68.28 -7.83 61.72
N ASP IA 122 68.81 -7.20 60.69
CA ASP IA 122 67.98 -6.91 59.52
C ASP IA 122 67.57 -8.18 58.81
N ILE IA 123 68.46 -9.16 58.72
CA ILE IA 123 68.11 -10.44 58.12
C ILE IA 123 66.96 -11.08 58.88
N ASP IA 124 67.05 -11.07 60.21
CA ASP IA 124 65.98 -11.63 61.02
C ASP IA 124 64.69 -10.83 60.87
N ARG IA 125 64.80 -9.51 60.72
CA ARG IA 125 63.62 -8.67 60.50
C ARG IA 125 62.95 -9.04 59.18
N ILE IA 126 63.75 -9.21 58.13
CA ILE IA 126 63.21 -9.64 56.84
C ILE IA 126 62.54 -11.00 56.99
N SER IA 127 63.13 -11.88 57.79
CA SER IA 127 62.54 -13.19 58.02
C SER IA 127 61.17 -13.08 58.66
N GLU IA 128 61.06 -12.27 59.71
CA GLU IA 128 59.84 -12.23 60.50
C GLU IA 128 58.81 -11.23 59.98
N GLN IA 129 59.14 -10.41 58.99
CA GLN IA 129 58.25 -9.35 58.56
C GLN IA 129 57.90 -9.36 57.08
N THR IA 130 58.55 -10.18 56.27
CA THR IA 130 58.17 -10.30 54.86
C THR IA 130 56.80 -10.98 54.80
N ASP IA 131 55.77 -10.19 54.54
CA ASP IA 131 54.39 -10.67 54.60
C ASP IA 131 53.77 -10.67 53.21
N PHE IA 132 52.87 -11.63 53.00
CA PHE IA 132 52.08 -11.71 51.77
C PHE IA 132 50.74 -12.31 52.14
N ASN IA 133 49.68 -11.52 52.03
CA ASN IA 133 48.33 -11.95 52.40
C ASN IA 133 48.31 -12.47 53.84
N GLY IA 134 49.01 -11.77 54.72
CA GLY IA 134 49.09 -12.19 56.11
C GLY IA 134 49.75 -13.52 56.33
N VAL IA 135 50.75 -13.85 55.50
CA VAL IA 135 51.51 -15.09 55.64
C VAL IA 135 52.97 -14.74 55.78
N LYS IA 136 53.59 -15.17 56.88
CA LYS IA 136 55.01 -14.95 57.08
C LYS IA 136 55.80 -15.86 56.16
N VAL IA 137 55.85 -15.52 54.87
CA VAL IA 137 56.31 -16.46 53.86
C VAL IA 137 57.79 -16.83 54.08
N LEU IA 138 58.63 -15.83 54.29
CA LEU IA 138 60.06 -16.08 54.47
C LEU IA 138 60.42 -16.16 55.95
N SER IA 139 59.70 -16.97 56.72
CA SER IA 139 59.92 -17.08 58.15
C SER IA 139 60.22 -18.52 58.52
N ASP IA 140 60.37 -18.76 59.82
CA ASP IA 140 60.62 -20.11 60.31
C ASP IA 140 59.34 -20.93 60.44
N SER IA 141 58.18 -20.31 60.31
CA SER IA 141 56.89 -21.01 60.33
C SER IA 141 56.17 -20.68 59.04
N ALA IA 142 56.47 -21.44 57.98
CA ALA IA 142 55.82 -21.24 56.68
C ALA IA 142 55.79 -22.59 55.97
N LYS IA 143 54.68 -23.31 56.13
CA LYS IA 143 54.53 -24.57 55.45
C LYS IA 143 54.39 -24.34 53.95
N PRO IA 144 54.82 -25.30 53.13
CA PRO IA 144 54.69 -25.14 51.68
C PRO IA 144 53.24 -25.00 51.26
N LEU IA 145 53.02 -24.19 50.23
CA LEU IA 145 51.67 -23.87 49.78
C LEU IA 145 51.19 -24.93 48.79
N THR IA 146 49.96 -24.74 48.28
CA THR IA 146 49.34 -25.69 47.37
C THR IA 146 49.23 -25.16 45.95
N LEU IA 147 48.62 -23.99 45.76
CA LEU IA 147 48.41 -23.40 44.45
C LEU IA 147 47.64 -24.37 43.53
N GLN IA 148 46.40 -24.63 43.90
CA GLN IA 148 45.55 -25.51 43.12
C GLN IA 148 45.39 -24.96 41.72
N VAL IA 149 45.95 -25.68 40.74
CA VAL IA 149 45.90 -25.29 39.34
C VAL IA 149 45.12 -26.36 38.58
N GLY IA 150 44.07 -25.94 37.88
CA GLY IA 150 43.23 -26.84 37.12
C GLY IA 150 41.99 -27.26 37.90
N ALA IA 151 40.91 -27.51 37.18
CA ALA IA 151 39.72 -28.08 37.79
C ALA IA 151 39.99 -29.56 38.10
N ASN IA 152 38.97 -30.22 38.67
CA ASN IA 152 39.07 -31.63 39.04
C ASN IA 152 40.25 -31.84 40.00
N ASP IA 153 40.08 -31.28 41.20
CA ASP IA 153 41.16 -31.17 42.18
C ASP IA 153 41.87 -32.50 42.40
N GLY IA 154 43.10 -32.41 42.87
CA GLY IA 154 43.94 -33.56 43.07
C GLY IA 154 45.36 -33.23 42.67
N GLU IA 155 45.53 -32.10 42.01
CA GLU IA 155 46.82 -31.63 41.53
C GLU IA 155 47.09 -30.24 42.10
N THR IA 156 48.31 -30.03 42.57
CA THR IA 156 48.72 -28.77 43.17
C THR IA 156 50.14 -28.46 42.70
N ILE IA 157 50.69 -27.35 43.21
CA ILE IA 157 52.06 -26.96 42.94
C ILE IA 157 52.67 -26.54 44.27
N THR IA 158 53.39 -27.45 44.91
CA THR IA 158 54.03 -27.13 46.18
C THR IA 158 55.15 -26.13 45.99
N LEU IA 159 55.17 -25.08 46.81
CA LEU IA 159 56.22 -24.07 46.74
C LEU IA 159 57.49 -24.49 47.47
N ASN IA 160 57.34 -25.08 48.66
CA ASN IA 160 58.48 -25.54 49.47
C ASN IA 160 59.42 -24.37 49.78
N LEU IA 161 58.88 -23.41 50.53
CA LEU IA 161 59.63 -22.22 50.94
C LEU IA 161 59.46 -22.04 52.45
N SER IA 162 60.58 -21.88 53.16
CA SER IA 162 60.56 -21.67 54.59
C SER IA 162 61.98 -21.50 55.11
N GLU IA 163 62.08 -20.89 56.30
CA GLU IA 163 63.29 -20.83 57.12
C GLU IA 163 64.48 -20.22 56.37
N ILE IA 164 64.35 -18.92 56.08
CA ILE IA 164 65.51 -18.08 55.81
C ILE IA 164 65.56 -17.03 56.91
N SER IA 165 66.62 -17.09 57.72
CA SER IA 165 66.82 -16.21 58.87
C SER IA 165 68.18 -16.55 59.46
N VAL IA 166 68.61 -15.75 60.43
CA VAL IA 166 69.69 -16.19 61.29
C VAL IA 166 69.22 -17.44 62.03
N LYS IA 167 70.19 -18.26 62.46
CA LYS IA 167 69.94 -19.53 63.15
C LYS IA 167 69.42 -20.60 62.21
N THR IA 168 69.17 -20.24 60.95
CA THR IA 168 68.84 -21.23 59.92
C THR IA 168 69.63 -21.06 58.64
N LEU IA 169 70.21 -19.89 58.37
CA LEU IA 169 71.35 -19.83 57.47
C LEU IA 169 72.59 -20.43 58.09
N GLY IA 170 72.55 -20.76 59.38
CA GLY IA 170 73.63 -21.43 60.06
C GLY IA 170 74.51 -20.52 60.88
N LEU IA 171 74.44 -19.21 60.64
CA LEU IA 171 75.35 -18.29 61.32
C LEU IA 171 75.11 -18.32 62.82
N ASP IA 172 73.98 -17.75 63.25
CA ASP IA 172 73.40 -17.91 64.59
C ASP IA 172 74.32 -17.36 65.67
N GLY IA 173 75.59 -17.15 65.34
CA GLY IA 173 76.56 -16.69 66.31
C GLY IA 173 77.67 -15.88 65.69
N PHE IA 174 77.50 -15.47 64.43
CA PHE IA 174 78.61 -14.92 63.65
C PHE IA 174 79.31 -13.81 64.39
N ASN IA 175 80.63 -13.95 64.52
CA ASN IA 175 81.38 -13.10 65.44
C ASN IA 175 82.82 -13.00 64.98
N VAL IA 176 83.40 -11.82 65.16
CA VAL IA 176 84.81 -11.59 64.85
C VAL IA 176 85.62 -11.22 66.09
N ASN IA 177 84.98 -10.76 67.16
CA ASN IA 177 85.63 -10.29 68.38
C ASN IA 177 85.07 -11.06 69.57
N GLY IA 178 85.34 -10.54 70.77
CA GLY IA 178 84.86 -11.21 71.97
C GLY IA 178 83.35 -11.31 72.04
N LYS IA 179 82.64 -10.22 71.73
CA LYS IA 179 81.19 -10.19 71.89
C LYS IA 179 80.49 -11.00 70.81
N GLY IA 180 80.39 -12.31 71.02
CA GLY IA 180 79.75 -13.18 70.06
C GLY IA 180 78.77 -14.17 70.65
N VAL IA 181 78.03 -13.75 71.67
CA VAL IA 181 77.20 -14.65 72.48
C VAL IA 181 76.36 -15.57 71.61
N THR IA 182 76.51 -16.87 71.82
CA THR IA 182 75.82 -17.89 71.06
C THR IA 182 74.66 -18.45 71.88
N GLN IA 183 74.03 -19.52 71.39
CA GLN IA 183 72.90 -20.14 72.03
C GLN IA 183 73.25 -21.54 72.51
N ASN IA 184 72.82 -21.87 73.71
CA ASN IA 184 73.03 -23.20 74.26
C ASN IA 184 71.87 -24.12 73.86
N ARG IA 185 71.90 -25.35 74.36
CA ARG IA 185 70.89 -26.34 74.05
C ARG IA 185 70.25 -26.84 75.34
N SER IA 186 68.99 -27.27 75.22
CA SER IA 186 68.26 -27.78 76.38
C SER IA 186 69.00 -28.98 76.98
N ALA IA 187 69.15 -28.97 78.30
CA ALA IA 187 69.80 -30.08 78.99
C ALA IA 187 68.96 -31.33 78.86
N THR IA 188 69.62 -32.46 78.60
CA THR IA 188 68.95 -33.73 78.39
C THR IA 188 69.10 -34.63 79.60
N VAL IA 189 68.13 -35.53 79.77
CA VAL IA 189 68.19 -36.48 80.87
C VAL IA 189 69.41 -37.39 80.71
N THR IA 190 69.77 -37.74 79.47
CA THR IA 190 70.99 -38.51 79.25
C THR IA 190 72.20 -37.74 79.75
N ASP IA 191 72.28 -36.45 79.46
CA ASP IA 191 73.36 -35.63 80.00
C ASP IA 191 73.29 -35.57 81.52
N VAL IA 192 72.09 -35.43 82.08
CA VAL IA 192 71.94 -35.37 83.53
C VAL IA 192 72.55 -36.61 84.17
N ILE IA 193 72.28 -37.77 83.58
CA ILE IA 193 72.92 -38.99 84.06
C ILE IA 193 74.41 -38.98 83.78
N ALA IA 194 74.84 -38.32 82.69
CA ALA IA 194 76.22 -38.42 82.24
C ALA IA 194 77.20 -37.87 83.27
N GLN IA 195 76.90 -36.70 83.85
CA GLN IA 195 77.77 -36.15 84.89
C GLN IA 195 77.36 -36.67 86.27
N GLY IA 196 77.46 -37.98 86.43
CA GLY IA 196 77.23 -38.61 87.72
C GLY IA 196 75.83 -38.43 88.25
N GLY IA 197 74.83 -38.50 87.37
CA GLY IA 197 73.45 -38.32 87.81
C GLY IA 197 73.03 -39.43 88.76
N THR IA 198 72.41 -39.04 89.87
CA THR IA 198 71.89 -39.97 90.87
C THR IA 198 70.39 -39.75 91.00
N LEU IA 199 69.61 -40.74 90.58
CA LEU IA 199 68.16 -40.61 90.58
C LEU IA 199 67.63 -40.60 92.01
N GLN IA 200 66.59 -39.79 92.23
CA GLN IA 200 65.95 -39.68 93.53
C GLN IA 200 64.44 -39.91 93.50
N GLY IA 201 63.82 -39.97 92.33
CA GLY IA 201 62.38 -40.16 92.24
C GLY IA 201 61.89 -40.13 90.81
N ASP IA 202 60.81 -39.39 90.56
CA ASP IA 202 60.23 -39.27 89.22
C ASP IA 202 61.09 -38.33 88.41
N GLY IA 203 62.14 -38.89 87.80
CA GLY IA 203 63.05 -38.10 86.99
C GLY IA 203 63.82 -37.06 87.75
N THR IA 204 64.02 -37.26 89.05
CA THR IA 204 64.71 -36.30 89.91
C THR IA 204 66.14 -36.80 90.12
N TYR IA 205 67.10 -36.06 89.58
CA TYR IA 205 68.52 -36.42 89.66
C TYR IA 205 69.29 -35.32 90.35
N LYS IA 206 70.32 -35.71 91.12
CA LYS IA 206 71.15 -34.77 91.87
C LYS IA 206 72.58 -34.91 91.37
N ALA IA 207 73.03 -33.94 90.57
CA ALA IA 207 74.41 -33.90 90.14
C ALA IA 207 75.31 -33.46 91.28
N THR IA 208 76.49 -34.07 91.36
CA THR IA 208 77.43 -33.82 92.45
C THR IA 208 78.69 -33.18 91.91
N THR IA 209 79.36 -32.41 92.77
CA THR IA 209 80.66 -31.82 92.44
C THR IA 209 81.41 -31.60 93.74
N THR IA 210 82.31 -32.52 94.07
CA THR IA 210 83.09 -32.38 95.30
C THR IA 210 84.07 -31.22 95.17
N PHE IA 211 84.23 -30.47 96.26
CA PHE IA 211 85.10 -29.29 96.26
C PHE IA 211 86.23 -29.39 97.27
N ASN IA 212 86.48 -30.58 97.84
CA ASN IA 212 87.49 -30.70 98.89
C ASN IA 212 88.87 -30.36 98.33
N ALA IA 213 89.37 -29.18 98.70
CA ALA IA 213 90.54 -28.61 98.05
C ALA IA 213 91.15 -27.58 99.01
N ALA IA 214 91.97 -26.67 98.46
CA ALA IA 214 92.72 -25.68 99.23
C ALA IA 214 93.80 -26.36 100.08
N SER IA 215 94.65 -27.14 99.41
CA SER IA 215 95.80 -27.74 100.08
C SER IA 215 96.76 -26.64 100.53
N ALA IA 216 97.84 -27.06 101.22
CA ALA IA 216 98.77 -26.10 101.79
C ALA IA 216 99.42 -25.25 100.70
N GLU IA 217 99.73 -25.84 99.55
CA GLU IA 217 100.36 -25.07 98.48
C GLU IA 217 99.45 -23.95 97.99
N THR IA 218 98.17 -24.25 97.79
CA THR IA 218 97.27 -23.26 97.22
C THR IA 218 96.96 -22.14 98.21
N VAL IA 219 96.99 -22.42 99.51
CA VAL IA 219 96.74 -21.37 100.48
C VAL IA 219 98.01 -20.57 100.74
N LEU IA 220 99.19 -21.20 100.63
CA LEU IA 220 100.42 -20.45 100.72
C LEU IA 220 100.66 -19.60 99.48
N SER IA 221 100.03 -19.94 98.36
CA SER IA 221 100.18 -19.15 97.14
C SER IA 221 99.65 -17.73 97.30
N LYS IA 222 98.75 -17.49 98.24
CA LYS IA 222 98.16 -16.17 98.42
C LYS IA 222 98.32 -15.69 99.86
N LEU IA 223 99.53 -15.82 100.41
CA LEU IA 223 99.80 -15.50 101.80
C LEU IA 223 100.57 -14.19 101.90
N GLU IA 224 100.13 -13.31 102.80
CA GLU IA 224 100.85 -12.08 103.07
C GLU IA 224 100.88 -11.74 104.56
N ASP IA 225 100.49 -12.67 105.43
CA ASP IA 225 100.48 -12.40 106.86
C ASP IA 225 101.05 -13.56 107.64
N GLY IA 226 100.90 -13.54 108.97
CA GLY IA 226 101.49 -14.56 109.81
C GLY IA 226 100.65 -15.82 109.91
N ASN IA 227 101.32 -16.96 109.96
CA ASN IA 227 100.70 -18.25 110.17
C ASN IA 227 101.25 -18.88 111.44
N THR IA 228 100.87 -20.12 111.70
CA THR IA 228 101.28 -20.78 112.93
C THR IA 228 101.29 -22.29 112.75
N VAL IA 229 102.13 -22.96 113.54
CA VAL IA 229 102.22 -24.41 113.55
C VAL IA 229 102.18 -24.89 115.00
N ALA IA 230 101.27 -25.80 115.31
CA ALA IA 230 101.15 -26.36 116.65
C ALA IA 230 101.02 -27.86 116.54
N VAL IA 231 101.89 -28.59 117.25
CA VAL IA 231 101.91 -30.05 117.21
C VAL IA 231 100.98 -30.51 118.32
N GLY IA 232 99.69 -30.61 118.00
CA GLY IA 232 98.71 -31.01 119.00
C GLY IA 232 98.66 -30.01 120.13
N GLY IA 233 98.71 -30.51 121.36
CA GLY IA 233 98.69 -29.70 122.55
C GLY IA 233 100.04 -29.26 123.06
N GLY IA 234 101.10 -29.49 122.31
CA GLY IA 234 102.45 -29.12 122.70
C GLY IA 234 102.78 -27.68 122.35
N ALA IA 235 104.08 -27.43 122.18
CA ALA IA 235 104.53 -26.08 121.87
C ALA IA 235 104.05 -25.66 120.48
N THR IA 236 103.94 -24.34 120.29
CA THR IA 236 103.42 -23.76 119.06
C THR IA 236 104.42 -22.76 118.50
N TYR IA 237 104.56 -22.76 117.18
CA TYR IA 237 105.46 -21.85 116.47
C TYR IA 237 104.66 -21.00 115.49
N THR IA 238 105.00 -19.72 115.42
CA THR IA 238 104.37 -18.78 114.51
C THR IA 238 105.40 -18.19 113.57
N TYR IA 239 105.00 -17.97 112.32
CA TYR IA 239 105.88 -17.49 111.27
C TYR IA 239 105.23 -16.31 110.57
N ASP IA 240 106.06 -15.40 110.07
CA ASP IA 240 105.58 -14.22 109.37
C ASP IA 240 106.27 -14.11 108.01
N ALA IA 241 105.49 -13.94 106.95
CA ALA IA 241 106.01 -13.82 105.59
C ALA IA 241 106.20 -12.34 105.29
N ALA IA 242 107.44 -11.85 105.42
CA ALA IA 242 107.73 -10.46 105.12
C ALA IA 242 107.50 -10.15 103.65
N LYS IA 243 108.28 -10.77 102.78
CA LYS IA 243 108.14 -10.63 101.33
C LYS IA 243 107.75 -11.95 100.68
N GLY IA 244 107.13 -12.84 101.46
CA GLY IA 244 107.01 -14.23 101.08
C GLY IA 244 108.10 -15.11 101.66
N ASN IA 245 109.15 -14.53 102.23
CA ASN IA 245 110.16 -15.25 102.99
C ASN IA 245 109.80 -15.16 104.46
N PHE IA 246 109.77 -16.31 105.13
CA PHE IA 246 109.18 -16.40 106.47
C PHE IA 246 110.19 -16.04 107.54
N THR IA 247 109.75 -15.25 108.52
CA THR IA 247 110.56 -14.87 109.67
C THR IA 247 109.89 -15.36 110.93
N TYR IA 248 110.69 -15.90 111.85
CA TYR IA 248 110.16 -16.49 113.08
C TYR IA 248 111.30 -16.55 114.09
N THR IA 249 111.01 -17.13 115.25
CA THR IA 249 111.98 -17.25 116.32
C THR IA 249 112.21 -18.71 116.68
N LYS IA 250 113.46 -19.04 116.99
CA LYS IA 250 113.85 -20.35 117.50
C LYS IA 250 114.63 -20.16 118.78
N THR IA 251 114.25 -20.90 119.82
CA THR IA 251 114.99 -20.89 121.07
C THR IA 251 116.25 -21.74 120.95
N VAL IA 252 117.31 -21.29 121.61
CA VAL IA 252 118.57 -22.03 121.68
C VAL IA 252 118.89 -22.24 123.15
N ASP IA 253 118.95 -23.50 123.57
CA ASP IA 253 119.18 -23.82 124.97
C ASP IA 253 119.63 -25.27 125.07
N THR IA 254 119.69 -25.78 126.29
CA THR IA 254 120.14 -27.14 126.58
C THR IA 254 119.24 -27.71 127.66
N THR IA 255 119.70 -28.81 128.28
CA THR IA 255 118.93 -29.48 129.33
C THR IA 255 119.60 -29.47 130.69
N VAL IA 256 120.87 -29.07 130.77
CA VAL IA 256 121.64 -29.13 132.01
C VAL IA 256 121.71 -27.72 132.60
N GLY IA 257 121.16 -27.55 133.80
CA GLY IA 257 121.23 -26.27 134.47
C GLY IA 257 122.64 -25.88 134.87
N ALA IA 258 123.44 -26.86 135.28
CA ALA IA 258 124.78 -26.59 135.77
C ALA IA 258 125.83 -26.50 134.67
N ASP IA 259 125.49 -26.88 133.44
CA ASP IA 259 126.46 -26.86 132.34
C ASP IA 259 125.73 -26.52 131.05
N VAL IA 260 125.99 -25.33 130.51
CA VAL IA 260 125.42 -24.90 129.25
C VAL IA 260 126.53 -24.59 128.27
N THR IA 261 127.66 -25.29 128.41
CA THR IA 261 128.73 -25.17 127.42
C THR IA 261 128.21 -25.52 126.03
N ALA IA 262 127.29 -26.48 125.95
CA ALA IA 262 126.66 -26.80 124.68
C ALA IA 262 125.83 -25.64 124.15
N LEU IA 263 125.24 -24.84 125.04
CA LEU IA 263 124.50 -23.66 124.59
C LEU IA 263 125.44 -22.67 123.90
N ALA IA 264 126.60 -22.41 124.48
CA ALA IA 264 127.57 -21.53 123.85
C ALA IA 264 128.09 -22.13 122.55
N ASN IA 265 128.34 -23.45 122.54
CA ASN IA 265 128.78 -24.12 121.33
C ASN IA 265 127.68 -24.24 120.28
N LYS IA 266 126.45 -23.92 120.64
CA LYS IA 266 125.35 -23.76 119.69
C LYS IA 266 125.26 -22.35 119.14
N ILE IA 267 125.39 -21.35 120.00
CA ILE IA 267 125.29 -19.95 119.54
C ILE IA 267 126.50 -19.59 118.68
N LYS IA 268 127.70 -20.03 119.07
CA LYS IA 268 128.91 -19.60 118.39
C LYS IA 268 128.93 -19.95 116.90
N PRO IA 269 128.61 -21.17 116.47
CA PRO IA 269 128.58 -21.43 115.01
C PRO IA 269 127.58 -20.57 114.26
N SER IA 270 126.46 -20.22 114.90
CA SER IA 270 125.49 -19.34 114.25
C SER IA 270 126.10 -17.97 113.98
N SER IA 271 126.91 -17.46 114.90
CA SER IA 271 127.58 -16.19 114.68
C SER IA 271 128.61 -16.28 113.55
N GLY IA 272 129.21 -17.46 113.37
CA GLY IA 272 130.22 -17.66 112.35
C GLY IA 272 131.57 -17.99 112.95
N THR IA 273 132.61 -17.69 112.18
CA THR IA 273 133.99 -17.94 112.60
C THR IA 273 134.77 -16.64 112.80
N ILE IA 274 134.85 -15.80 111.78
CA ILE IA 274 135.53 -14.51 111.86
C ILE IA 274 134.67 -13.47 111.17
N SER IA 275 134.39 -12.36 111.85
CA SER IA 275 133.61 -11.28 111.27
C SER IA 275 134.02 -9.97 111.94
N GLY IA 276 133.41 -8.88 111.49
CA GLY IA 276 133.81 -7.56 111.92
C GLY IA 276 132.87 -6.94 112.94
N SER IA 277 132.00 -6.04 112.47
CA SER IA 277 131.18 -5.24 113.38
C SER IA 277 130.14 -6.10 114.08
N TYR IA 278 130.29 -6.26 115.39
CA TYR IA 278 129.31 -6.91 116.25
C TYR IA 278 128.69 -5.88 117.17
N GLU IA 279 127.69 -6.32 117.93
CA GLU IA 279 127.09 -5.51 118.98
C GLU IA 279 126.94 -6.35 120.24
N ILE IA 280 127.34 -5.79 121.38
CA ILE IA 280 127.18 -6.42 122.68
C ILE IA 280 126.32 -5.52 123.55
N SER IA 281 125.26 -6.10 124.11
CA SER IA 281 124.32 -5.38 124.96
C SER IA 281 124.31 -5.95 126.37
N THR IA 282 125.49 -6.35 126.85
CA THR IA 282 125.59 -6.88 128.20
C THR IA 282 125.23 -5.82 129.21
N GLY IA 283 124.74 -6.26 130.37
CA GLY IA 283 124.20 -5.33 131.34
C GLY IA 283 122.82 -4.86 130.92
N LYS IA 284 122.65 -3.56 130.67
CA LYS IA 284 121.36 -3.07 130.24
C LYS IA 284 121.47 -2.21 128.97
N SER IA 285 122.50 -1.38 128.87
CA SER IA 285 122.61 -0.43 127.76
C SER IA 285 124.04 -0.36 127.25
N ALA IA 286 124.70 -1.52 127.09
CA ALA IA 286 126.06 -1.53 126.57
C ALA IA 286 126.09 -1.01 125.14
N SER IA 287 125.45 -1.72 124.22
CA SER IA 287 125.31 -1.31 122.82
C SER IA 287 126.67 -1.02 122.19
N PHE IA 288 127.59 -1.97 122.34
CA PHE IA 288 128.93 -1.81 121.80
C PHE IA 288 128.95 -2.00 120.28
N ASP IA 289 130.04 -1.57 119.67
CA ASP IA 289 130.33 -1.81 118.25
C ASP IA 289 131.73 -2.42 118.20
N VAL IA 290 131.79 -3.74 118.34
CA VAL IA 290 133.05 -4.43 118.55
C VAL IA 290 133.46 -5.17 117.28
N ASP IA 291 134.72 -5.60 117.26
CA ASP IA 291 135.28 -6.41 116.17
C ASP IA 291 135.88 -7.66 116.79
N ALA IA 292 135.21 -8.79 116.60
CA ALA IA 292 135.63 -10.07 117.21
C ALA IA 292 136.29 -10.92 116.12
N ALA IA 293 137.59 -10.71 115.92
CA ALA IA 293 138.39 -11.56 115.04
C ALA IA 293 139.00 -12.68 115.88
N GLY IA 294 138.13 -13.54 116.40
CA GLY IA 294 138.53 -14.50 117.40
C GLY IA 294 138.38 -13.91 118.78
N LYS IA 295 139.48 -13.43 119.35
CA LYS IA 295 139.42 -12.72 120.62
C LYS IA 295 138.64 -11.42 120.46
N ILE IA 296 137.85 -11.07 121.47
CA ILE IA 296 136.95 -9.93 121.38
C ILE IA 296 137.73 -8.64 121.55
N THR IA 297 137.56 -7.70 120.61
CA THR IA 297 138.25 -6.42 120.63
C THR IA 297 137.27 -5.31 120.31
N ILE IA 298 137.71 -4.07 120.55
CA ILE IA 298 136.97 -2.88 120.19
C ILE IA 298 137.74 -2.15 119.10
N GLY IA 299 137.04 -1.28 118.37
CA GLY IA 299 137.70 -0.49 117.36
C GLY IA 299 138.76 0.41 117.94
N GLY IA 300 140.03 0.06 117.73
CA GLY IA 300 141.15 0.84 118.19
C GLY IA 300 141.82 0.33 119.46
N ASN IA 301 141.19 -0.57 120.20
CA ASN IA 301 141.75 -1.04 121.47
C ASN IA 301 141.29 -2.47 121.73
N ALA IA 302 141.67 -2.99 122.89
CA ALA IA 302 141.29 -4.32 123.32
C ALA IA 302 139.95 -4.24 124.07
N ALA IA 303 139.48 -5.37 124.59
CA ALA IA 303 138.22 -5.41 125.32
C ALA IA 303 138.28 -6.57 126.31
N PHE IA 304 138.55 -6.25 127.57
CA PHE IA 304 138.55 -7.25 128.64
C PHE IA 304 137.14 -7.38 129.21
N LEU IA 305 137.00 -8.12 130.31
CA LEU IA 305 135.68 -8.40 130.86
C LEU IA 305 135.78 -8.56 132.36
N ASN IA 306 134.94 -7.81 133.09
CA ASN IA 306 134.79 -7.96 134.53
C ASN IA 306 133.51 -8.74 134.83
N ALA IA 307 133.59 -9.67 135.78
CA ALA IA 307 132.55 -10.68 135.92
C ALA IA 307 132.09 -10.80 137.37
N ASP IA 308 131.00 -11.55 137.53
CA ASP IA 308 130.46 -12.05 138.80
C ASP IA 308 129.78 -10.98 139.64
N GLY IA 309 129.91 -9.71 139.26
CA GLY IA 309 129.04 -8.68 139.79
C GLY IA 309 128.00 -8.32 138.75
N GLU IA 310 128.50 -8.07 137.54
CA GLU IA 310 127.71 -7.93 136.32
C GLU IA 310 128.67 -8.05 135.15
N LEU IA 311 128.50 -9.08 134.34
CA LEU IA 311 129.50 -9.42 133.32
C LEU IA 311 129.43 -8.39 132.21
N THR IA 312 130.32 -7.40 132.27
CA THR IA 312 130.35 -6.30 131.32
C THR IA 312 131.69 -6.29 130.59
N THR IA 313 131.71 -5.66 129.42
CA THR IA 313 132.90 -5.57 128.59
C THR IA 313 133.51 -4.18 128.70
N ASN IA 314 134.80 -4.13 129.02
CA ASN IA 314 135.52 -2.87 129.13
C ASN IA 314 136.99 -3.10 128.83
N ASP IA 315 137.64 -2.07 128.28
CA ASP IA 315 139.06 -2.15 127.96
C ASP IA 315 139.96 -1.84 129.14
N ALA IA 316 139.42 -1.26 130.21
CA ALA IA 316 140.20 -0.96 131.42
C ALA IA 316 140.16 -2.19 132.31
N SER IA 317 141.15 -3.06 132.15
CA SER IA 317 141.16 -4.34 132.85
C SER IA 317 141.37 -4.15 134.34
N GLY IA 318 140.77 -5.04 135.13
CA GLY IA 318 140.93 -5.06 136.56
C GLY IA 318 141.87 -6.17 137.02
N ALA IA 319 141.71 -6.58 138.27
CA ALA IA 319 142.55 -7.64 138.82
C ALA IA 319 142.06 -9.03 138.43
N LEU IA 320 140.77 -9.18 138.13
CA LEU IA 320 140.15 -10.49 137.86
C LEU IA 320 139.42 -10.46 136.53
N THR IA 321 140.09 -9.98 135.49
CA THR IA 321 139.46 -9.78 134.19
C THR IA 321 140.12 -10.67 133.13
N GLN IA 322 139.31 -11.11 132.17
CA GLN IA 322 139.76 -11.90 131.04
C GLN IA 322 139.13 -11.35 129.77
N ALA IA 323 139.69 -11.74 128.62
CA ALA IA 323 139.23 -11.22 127.33
C ALA IA 323 139.24 -12.35 126.30
N THR IA 324 138.05 -12.74 125.84
CA THR IA 324 137.90 -13.65 124.71
C THR IA 324 136.44 -13.69 124.31
N LEU IA 325 136.19 -14.25 123.12
CA LEU IA 325 134.81 -14.38 122.62
C LEU IA 325 133.99 -15.32 123.49
N ASP IA 326 134.61 -16.40 123.97
CA ASP IA 326 133.87 -17.39 124.75
C ASP IA 326 133.32 -16.81 126.04
N ASP IA 327 134.12 -15.98 126.72
CA ASP IA 327 133.65 -15.35 127.94
C ASP IA 327 132.49 -14.40 127.68
N VAL IA 328 132.56 -13.64 126.59
CA VAL IA 328 131.47 -12.73 126.26
C VAL IA 328 130.21 -13.51 125.91
N LEU IA 329 130.36 -14.60 125.16
CA LEU IA 329 129.22 -15.43 124.81
C LEU IA 329 128.59 -16.04 126.05
N THR IA 330 129.43 -16.48 127.00
CA THR IA 330 128.91 -16.98 128.27
C THR IA 330 128.17 -15.88 129.02
N SER IA 331 128.72 -14.67 129.02
CA SER IA 331 128.05 -13.54 129.64
C SER IA 331 126.66 -13.33 129.05
N VAL IA 332 126.57 -13.31 127.73
CA VAL IA 332 125.29 -13.08 127.06
C VAL IA 332 124.32 -14.22 127.35
N GLY IA 333 124.81 -15.46 127.31
CA GLY IA 333 123.94 -16.61 127.41
C GLY IA 333 123.72 -17.17 128.80
N THR IA 334 124.71 -17.04 129.68
CA THR IA 334 124.67 -17.70 130.99
C THR IA 334 124.43 -16.70 132.12
N GLU IA 335 125.28 -15.69 132.25
CA GLU IA 335 125.22 -14.76 133.37
C GLU IA 335 124.67 -13.40 132.96
N ALA IA 336 123.83 -13.37 131.93
CA ALA IA 336 123.21 -12.11 131.51
C ALA IA 336 122.33 -11.56 132.61
N ASN IA 337 121.50 -12.41 133.21
CA ASN IA 337 120.58 -12.04 134.29
C ASN IA 337 119.64 -10.90 133.91
N SER IA 338 119.49 -10.65 132.61
CA SER IA 338 118.66 -9.56 132.11
C SER IA 338 118.52 -9.72 130.61
N SER IA 339 117.87 -8.75 129.98
CA SER IA 339 117.67 -8.73 128.53
C SER IA 339 118.99 -8.34 127.87
N VAL IA 340 119.79 -9.34 127.52
CA VAL IA 340 121.08 -9.15 126.89
C VAL IA 340 121.07 -9.87 125.55
N THR IA 341 121.51 -9.17 124.50
CA THR IA 341 121.52 -9.73 123.16
C THR IA 341 122.81 -9.33 122.45
N ILE IA 342 123.09 -10.04 121.36
CA ILE IA 342 124.20 -9.73 120.47
C ILE IA 342 123.64 -9.36 119.11
N GLY IA 343 123.93 -8.15 118.67
CA GLY IA 343 123.44 -7.64 117.40
C GLY IA 343 124.34 -7.87 116.21
N GLY IA 344 125.42 -8.64 116.37
CA GLY IA 344 126.34 -8.83 115.28
C GLY IA 344 125.76 -9.67 114.16
N THR IA 345 126.16 -9.32 112.94
CA THR IA 345 125.76 -10.04 111.72
C THR IA 345 124.24 -10.10 111.57
N LYS IA 346 123.57 -9.02 111.98
CA LYS IA 346 122.12 -8.85 111.77
C LYS IA 346 121.32 -9.97 112.43
N TYR IA 347 121.74 -10.39 113.61
CA TYR IA 347 120.96 -11.25 114.48
C TYR IA 347 120.77 -10.60 115.84
N SER IA 348 119.94 -11.22 116.66
CA SER IA 348 119.69 -10.73 118.02
C SER IA 348 119.49 -11.94 118.92
N HIS IA 349 120.57 -12.39 119.55
CA HIS IA 349 120.52 -13.53 120.45
C HIS IA 349 120.17 -13.05 121.87
N SER IA 350 118.92 -12.65 122.01
CA SER IA 350 118.45 -12.13 123.29
C SER IA 350 118.43 -13.22 124.35
N ALA IA 351 118.85 -12.86 125.57
CA ALA IA 351 118.83 -13.79 126.69
C ALA IA 351 117.43 -13.78 127.31
N ALA IA 352 116.57 -14.61 126.73
CA ALA IA 352 115.21 -14.74 127.26
C ALA IA 352 115.21 -15.24 128.69
N ASP IA 353 116.05 -16.24 128.98
CA ASP IA 353 116.23 -16.75 130.32
C ASP IA 353 117.72 -16.90 130.60
N GLU IA 354 118.17 -16.41 131.76
CA GLU IA 354 119.55 -16.55 132.15
C GLU IA 354 119.78 -17.89 132.83
N LEU IA 355 121.02 -18.15 133.20
CA LEU IA 355 121.39 -19.37 133.92
C LEU IA 355 121.70 -19.02 135.36
N SER IA 356 120.81 -19.42 136.27
CA SER IA 356 121.07 -19.37 137.70
C SER IA 356 121.85 -20.59 138.19
N TYR IA 357 122.48 -21.32 137.27
CA TYR IA 357 123.24 -22.55 137.49
C TYR IA 357 122.35 -23.71 137.90
N THR IA 358 121.04 -23.49 138.04
CA THR IA 358 120.07 -24.57 138.26
C THR IA 358 119.03 -24.61 137.15
N ALA IA 359 118.47 -23.48 136.77
CA ALA IA 359 117.53 -23.40 135.67
C ALA IA 359 118.26 -23.10 134.37
N VAL IA 360 117.93 -23.86 133.33
CA VAL IA 360 118.63 -23.75 132.05
C VAL IA 360 118.37 -22.39 131.44
N ALA IA 361 119.40 -21.83 130.80
CA ALA IA 361 119.31 -20.50 130.20
C ALA IA 361 118.74 -20.60 128.77
N THR IA 362 118.22 -19.48 128.30
CA THR IA 362 117.60 -19.39 126.99
C THR IA 362 118.19 -18.21 126.22
N THR IA 363 118.58 -18.44 124.97
CA THR IA 363 119.14 -17.43 124.09
C THR IA 363 118.37 -17.38 122.77
N ALA IA 364 117.05 -17.30 122.88
CA ALA IA 364 116.20 -17.35 121.70
C ALA IA 364 116.54 -16.20 120.74
N ASP IA 365 116.47 -16.49 119.44
CA ASP IA 365 116.82 -15.55 118.41
C ASP IA 365 115.82 -15.65 117.26
N VAL IA 366 115.75 -14.59 116.47
CA VAL IA 366 114.98 -14.62 115.22
C VAL IA 366 115.81 -15.34 114.18
N LEU IA 367 115.58 -16.65 114.05
CA LEU IA 367 116.42 -17.46 113.17
C LEU IA 367 116.01 -17.31 111.71
N SER IA 368 114.72 -17.47 111.42
CA SER IA 368 114.20 -17.44 110.06
C SER IA 368 114.91 -18.45 109.16
N ALA IA 369 115.41 -19.53 109.77
CA ALA IA 369 116.12 -20.56 109.02
C ALA IA 369 115.21 -21.28 108.05
N MET IA 370 113.90 -21.24 108.28
CA MET IA 370 112.90 -21.76 107.35
C MET IA 370 112.27 -20.66 106.53
N GLY IA 371 113.08 -19.65 106.18
CA GLY IA 371 112.55 -18.51 105.44
C GLY IA 371 111.96 -18.88 104.10
N SER IA 372 112.50 -19.91 103.47
CA SER IA 372 111.98 -20.37 102.19
C SER IA 372 110.52 -20.78 102.33
N SER IA 373 109.67 -20.26 101.43
CA SER IA 373 108.27 -20.63 101.45
C SER IA 373 108.09 -22.12 101.17
N THR IA 374 108.94 -22.68 100.31
CA THR IA 374 108.87 -24.12 100.07
C THR IA 374 109.30 -24.90 101.30
N ALA IA 375 110.22 -24.36 102.10
CA ALA IA 375 110.59 -25.03 103.35
C ALA IA 375 109.40 -25.12 104.30
N VAL IA 376 108.64 -24.03 104.43
CA VAL IA 376 107.47 -24.05 105.30
C VAL IA 376 106.40 -24.97 104.71
N SER IA 377 106.25 -24.97 103.38
CA SER IA 377 105.30 -25.88 102.76
C SER IA 377 105.67 -27.34 103.04
N THR IA 378 106.96 -27.65 102.99
CA THR IA 378 107.40 -29.02 103.26
C THR IA 378 107.18 -29.39 104.72
N VAL IA 379 107.49 -28.47 105.64
CA VAL IA 379 107.34 -28.82 107.05
C VAL IA 379 105.87 -28.94 107.43
N THR IA 380 104.99 -28.14 106.82
CA THR IA 380 103.57 -28.31 107.09
C THR IA 380 102.97 -29.46 106.31
N LEU IA 381 103.67 -29.96 105.29
CA LEU IA 381 103.25 -31.17 104.60
C LEU IA 381 103.83 -32.43 105.24
N GLY IA 382 104.99 -32.33 105.85
CA GLY IA 382 105.61 -33.47 106.52
C GLY IA 382 105.53 -33.41 108.02
N SER IA 383 104.63 -32.57 108.55
CA SER IA 383 104.49 -32.43 109.98
C SER IA 383 103.90 -33.69 110.61
N GLY IA 384 104.05 -33.80 111.92
CA GLY IA 384 103.50 -34.92 112.65
C GLY IA 384 102.01 -34.76 112.88
N ILE IA 385 101.54 -35.10 114.08
CA ILE IA 385 100.13 -34.91 114.42
C ILE IA 385 99.97 -33.48 114.92
N THR IA 386 99.77 -32.55 113.98
CA THR IA 386 99.76 -31.13 114.28
C THR IA 386 98.43 -30.51 113.86
N SER IA 387 98.28 -29.23 114.20
CA SER IA 387 97.11 -28.43 113.85
C SER IA 387 97.56 -27.07 113.32
N ALA IA 388 98.53 -27.09 112.42
CA ALA IA 388 99.08 -25.84 111.89
C ALA IA 388 98.00 -25.03 111.19
N ALA IA 389 98.07 -23.71 111.33
CA ALA IA 389 97.04 -22.82 110.83
C ALA IA 389 97.69 -21.63 110.14
N VAL IA 390 96.94 -21.05 109.18
CA VAL IA 390 97.42 -19.93 108.38
C VAL IA 390 96.40 -18.80 108.47
N THR IA 391 96.87 -17.61 108.84
CA THR IA 391 96.11 -16.37 108.70
C THR IA 391 96.67 -15.64 107.49
N PHE IA 392 95.89 -15.60 106.42
CA PHE IA 392 96.40 -15.17 105.11
C PHE IA 392 95.63 -13.99 104.54
N ALA IA 393 95.05 -13.15 105.39
CA ALA IA 393 94.31 -12.00 104.90
C ALA IA 393 94.32 -10.91 105.96
N ILE IA 394 93.90 -9.72 105.55
CA ILE IA 394 93.93 -8.55 106.41
C ILE IA 394 92.63 -8.46 107.18
N ALA IA 395 92.62 -7.61 108.22
CA ALA IA 395 91.53 -7.51 109.19
C ALA IA 395 90.15 -7.47 108.57
N THR IA 396 89.98 -6.70 107.49
CA THR IA 396 88.68 -6.65 106.83
C THR IA 396 88.36 -7.96 106.10
N THR IA 397 89.36 -8.79 105.84
CA THR IA 397 89.15 -10.10 105.23
C THR IA 397 89.78 -11.21 106.07
N ASP IA 398 90.12 -10.93 107.32
CA ASP IA 398 90.89 -11.86 108.13
C ASP IA 398 90.15 -13.17 108.32
N SER IA 399 90.92 -14.25 108.35
CA SER IA 399 90.38 -15.59 108.54
C SER IA 399 91.51 -16.51 108.97
N ASN IA 400 91.22 -17.79 109.08
CA ASN IA 400 92.22 -18.77 109.45
C ASN IA 400 91.87 -20.08 108.76
N ASN IA 401 92.90 -20.81 108.33
CA ASN IA 401 92.74 -22.09 107.66
C ASN IA 401 93.29 -23.19 108.55
N THR IA 402 92.47 -24.23 108.78
CA THR IA 402 92.88 -25.40 109.54
C THR IA 402 92.79 -26.62 108.66
N TRP IA 403 93.80 -27.48 108.72
CA TRP IA 403 93.93 -28.61 107.81
C TRP IA 403 94.44 -29.84 108.53
N VAL IA 404 94.60 -30.92 107.76
CA VAL IA 404 95.01 -32.21 108.31
C VAL IA 404 96.43 -32.11 108.87
N ASP IA 405 96.71 -32.95 109.85
CA ASP IA 405 97.99 -32.89 110.56
C ASP IA 405 99.18 -32.99 109.61
N ASN IA 406 99.04 -33.74 108.51
CA ASN IA 406 100.16 -33.93 107.60
C ASN IA 406 99.79 -33.94 106.12
N LYS IA 407 98.62 -33.41 105.75
CA LYS IA 407 98.25 -33.33 104.34
C LYS IA 407 98.13 -31.92 103.81
N GLY IA 408 97.76 -30.94 104.62
CA GLY IA 408 97.52 -29.61 104.13
C GLY IA 408 96.11 -29.37 103.63
N GLU IA 409 95.28 -30.39 103.56
CA GLU IA 409 93.92 -30.25 103.06
C GLU IA 409 93.01 -29.71 104.15
N LEU IA 410 92.41 -28.54 103.90
CA LEU IA 410 91.51 -27.93 104.87
C LEU IA 410 90.22 -28.72 104.95
N THR IA 411 89.98 -29.37 106.09
CA THR IA 411 88.83 -30.25 106.22
C THR IA 411 87.52 -29.49 106.08
N ASP IA 412 87.43 -28.31 106.67
CA ASP IA 412 86.19 -27.54 106.70
C ASP IA 412 86.12 -26.46 105.64
N ILE IA 413 87.16 -26.31 104.82
CA ILE IA 413 87.21 -25.27 103.80
C ILE IA 413 87.44 -25.93 102.45
N GLN IA 414 86.59 -25.58 101.48
CA GLN IA 414 86.67 -26.13 100.14
C GLN IA 414 86.86 -25.01 99.14
N THR IA 415 87.16 -25.38 97.90
CA THR IA 415 87.28 -24.42 96.80
C THR IA 415 86.29 -24.79 95.72
N PHE IA 416 85.50 -23.81 95.29
CA PHE IA 416 84.61 -24.01 94.16
C PHE IA 416 85.42 -23.88 92.87
N ASP IA 417 84.74 -23.83 91.73
CA ASP IA 417 85.43 -23.53 90.48
C ASP IA 417 85.92 -22.09 90.42
N THR IA 418 85.48 -21.23 91.34
CA THR IA 418 85.86 -19.83 91.34
C THR IA 418 86.67 -19.45 92.57
N SER IA 419 86.16 -19.69 93.77
CA SER IA 419 86.80 -19.19 94.99
C SER IA 419 86.62 -20.23 96.10
N TYR IA 420 86.90 -19.82 97.33
CA TYR IA 420 86.82 -20.71 98.49
C TYR IA 420 85.42 -20.64 99.10
N LYS IA 421 85.01 -21.73 99.73
CA LYS IA 421 83.77 -21.73 100.50
C LYS IA 421 83.77 -23.00 101.35
N ILE IA 422 82.94 -23.01 102.38
CA ILE IA 422 82.93 -24.08 103.37
C ILE IA 422 81.95 -25.18 102.98
N ASN IA 423 81.47 -25.15 101.74
CA ASN IA 423 80.54 -26.16 101.25
C ASN IA 423 81.32 -27.27 100.55
N ALA IA 424 81.11 -28.51 101.00
CA ALA IA 424 81.80 -29.64 100.37
C ALA IA 424 81.32 -29.85 98.94
N ASP IA 425 80.02 -29.80 98.71
CA ASP IA 425 79.46 -29.95 97.38
C ASP IA 425 78.17 -29.16 97.28
N THR IA 426 78.01 -28.44 96.16
CA THR IA 426 76.76 -27.74 95.90
C THR IA 426 75.61 -28.73 95.78
N GLY IA 427 75.78 -29.77 94.96
CA GLY IA 427 74.79 -30.82 94.86
C GLY IA 427 73.42 -30.36 94.40
N GLU IA 428 73.38 -29.49 93.38
CA GLU IA 428 72.09 -29.04 92.87
C GLU IA 428 71.33 -30.21 92.26
N VAL IA 429 70.01 -30.15 92.39
CA VAL IA 429 69.13 -31.25 92.01
C VAL IA 429 68.31 -30.80 90.80
N THR IA 430 68.42 -31.55 89.71
CA THR IA 430 67.69 -31.26 88.48
C THR IA 430 66.63 -32.33 88.27
N VAL IA 431 65.38 -31.93 88.15
CA VAL IA 431 64.27 -32.84 87.92
C VAL IA 431 63.96 -32.85 86.43
N VAL IA 432 63.81 -34.04 85.86
CA VAL IA 432 63.58 -34.22 84.44
C VAL IA 432 62.10 -34.42 84.19
N GLY IA 433 61.51 -33.57 83.36
CA GLY IA 433 60.14 -33.75 82.95
C GLY IA 433 59.93 -35.06 82.24
N ASP IA 434 58.92 -35.83 82.66
CA ASP IA 434 58.66 -37.11 82.03
C ASP IA 434 58.01 -36.94 80.66
N ASN IA 435 57.08 -35.99 80.52
CA ASN IA 435 56.35 -35.81 79.28
C ASN IA 435 57.12 -35.03 78.22
N SER IA 436 58.23 -34.40 78.58
CA SER IA 436 58.98 -33.59 77.63
C SER IA 436 60.45 -33.68 77.95
N ALA IA 437 61.28 -33.39 76.94
CA ALA IA 437 62.72 -33.41 77.14
C ALA IA 437 63.18 -32.36 78.13
N THR IA 438 62.33 -31.37 78.43
CA THR IA 438 62.69 -30.31 79.37
C THR IA 438 63.02 -30.89 80.73
N ALA IA 439 64.14 -30.45 81.30
CA ALA IA 439 64.55 -30.80 82.64
C ALA IA 439 64.38 -29.57 83.54
N GLY IA 440 63.60 -29.72 84.61
CA GLY IA 440 63.37 -28.63 85.52
C GLY IA 440 64.51 -28.46 86.50
N GLN IA 441 64.37 -27.46 87.36
CA GLN IA 441 65.34 -27.16 88.41
C GLN IA 441 64.69 -27.43 89.75
N TYR IA 442 65.13 -28.49 90.43
CA TYR IA 442 64.57 -28.88 91.72
C TYR IA 442 65.47 -28.31 92.83
N ALA IA 443 65.39 -26.99 92.98
CA ALA IA 443 66.24 -26.27 93.93
C ALA IA 443 65.55 -24.93 94.25
N SER IA 444 66.30 -24.01 94.86
CA SER IA 444 65.73 -22.70 95.19
C SER IA 444 65.31 -21.93 93.95
N ALA IA 445 65.94 -22.20 92.80
CA ALA IA 445 65.48 -21.61 91.55
C ALA IA 445 64.07 -22.10 91.21
N ASP IA 446 63.78 -23.36 91.52
CA ASP IA 446 62.43 -23.91 91.49
C ASP IA 446 61.81 -23.81 90.09
N GLY IA 447 62.42 -24.55 89.16
CA GLY IA 447 61.86 -24.73 87.84
C GLY IA 447 62.50 -23.93 86.73
N ALA IA 448 63.58 -23.20 87.01
CA ALA IA 448 64.30 -22.53 85.95
C ALA IA 448 64.85 -23.54 84.95
N LYS IA 449 64.63 -23.28 83.67
CA LYS IA 449 65.09 -24.19 82.63
C LYS IA 449 66.60 -24.32 82.65
N VAL IA 450 67.09 -25.56 82.57
CA VAL IA 450 68.51 -25.85 82.61
C VAL IA 450 68.99 -26.17 81.20
N LEU IA 451 70.14 -25.60 80.83
CA LEU IA 451 70.71 -25.80 79.51
C LEU IA 451 72.19 -26.08 79.64
N VAL IA 452 72.70 -26.91 78.74
CA VAL IA 452 74.11 -27.27 78.74
C VAL IA 452 74.85 -26.32 77.81
N GLY IA 453 75.79 -25.57 78.37
CA GLY IA 453 76.53 -24.59 77.59
C GLY IA 453 77.73 -25.20 76.89
N SER IA 454 78.48 -24.32 76.22
CA SER IA 454 79.69 -24.73 75.52
C SER IA 454 80.74 -25.14 76.53
N ASP IA 455 81.14 -26.41 76.51
CA ASP IA 455 82.10 -26.97 77.46
C ASP IA 455 81.65 -26.74 78.90
N GLY IA 456 80.35 -26.82 79.12
CA GLY IA 456 79.77 -26.64 80.44
C GLY IA 456 79.03 -27.90 80.88
N LYS IA 457 79.16 -28.23 82.16
CA LYS IA 457 78.42 -29.36 82.71
C LYS IA 457 76.93 -29.15 82.54
N LEU IA 458 76.38 -28.12 83.20
CA LEU IA 458 74.98 -27.74 83.09
C LEU IA 458 74.80 -26.41 83.78
N THR IA 459 73.95 -25.56 83.21
CA THR IA 459 73.71 -24.23 83.75
C THR IA 459 72.30 -23.79 83.39
N THR IA 460 71.94 -22.59 83.84
CA THR IA 460 70.60 -22.06 83.64
C THR IA 460 70.49 -21.14 82.44
N GLU IA 461 71.50 -20.30 82.19
CA GLU IA 461 71.42 -19.34 81.09
C GLU IA 461 71.47 -20.06 79.74
N THR IA 462 70.70 -19.54 78.79
CA THR IA 462 70.60 -20.12 77.46
C THR IA 462 71.69 -19.65 76.52
N THR IA 463 72.56 -18.74 76.95
CA THR IA 463 73.56 -18.16 76.07
C THR IA 463 74.94 -18.25 76.71
N SER IA 464 75.97 -18.19 75.87
CA SER IA 464 77.35 -18.24 76.32
C SER IA 464 78.22 -17.53 75.28
N ALA IA 465 79.47 -17.29 75.66
CA ALA IA 465 80.39 -16.57 74.79
C ALA IA 465 80.64 -17.34 73.50
N GLY IA 466 80.78 -16.60 72.40
CA GLY IA 466 80.99 -17.20 71.10
C GLY IA 466 82.43 -17.53 70.80
N ASP IA 467 83.33 -16.67 71.25
CA ASP IA 467 84.78 -16.90 71.18
C ASP IA 467 85.24 -17.10 69.73
N LYS IA 468 85.04 -16.05 68.93
CA LYS IA 468 85.72 -15.91 67.63
C LYS IA 468 85.45 -17.11 66.71
N THR IA 469 84.20 -17.19 66.24
CA THR IA 469 83.75 -18.26 65.36
C THR IA 469 84.83 -18.71 64.40
N THR IA 470 85.06 -20.02 64.36
CA THR IA 470 86.26 -20.61 63.76
C THR IA 470 86.51 -20.19 62.32
N ASP IA 471 85.63 -20.59 61.41
CA ASP IA 471 85.80 -20.32 59.97
C ASP IA 471 84.63 -19.47 59.51
N PRO IA 472 84.74 -18.15 59.57
CA PRO IA 472 83.63 -17.27 59.20
C PRO IA 472 83.27 -17.40 57.73
N LEU IA 473 84.30 -17.41 56.88
CA LEU IA 473 84.06 -17.45 55.44
C LEU IA 473 83.36 -18.73 55.03
N LYS IA 474 83.72 -19.87 55.64
CA LYS IA 474 83.11 -21.13 55.26
C LYS IA 474 81.66 -21.20 55.71
N THR IA 475 81.36 -20.71 56.90
CA THR IA 475 79.96 -20.64 57.34
C THR IA 475 79.15 -19.71 56.44
N LEU IA 476 79.75 -18.58 56.05
CA LEU IA 476 79.08 -17.68 55.13
C LEU IA 476 78.84 -18.35 53.78
N ASP IA 477 79.79 -19.15 53.31
CA ASP IA 477 79.60 -19.88 52.07
C ASP IA 477 78.48 -20.90 52.18
N ALA IA 478 78.37 -21.57 53.33
CA ALA IA 478 77.27 -22.50 53.55
C ALA IA 478 75.93 -21.77 53.53
N ALA IA 479 75.87 -20.61 54.18
CA ALA IA 479 74.65 -19.80 54.14
C ALA IA 479 74.34 -19.37 52.71
N PHE IA 480 75.38 -19.02 51.95
CA PHE IA 480 75.19 -18.67 50.55
C PHE IA 480 74.61 -19.84 49.77
N THR IA 481 75.12 -21.04 50.01
CA THR IA 481 74.61 -22.20 49.28
C THR IA 481 73.15 -22.45 49.61
N LYS IA 482 72.79 -22.38 50.89
CA LYS IA 482 71.39 -22.60 51.27
C LYS IA 482 70.47 -21.55 50.65
N LEU IA 483 70.86 -20.27 50.77
CA LEU IA 483 70.03 -19.20 50.24
C LEU IA 483 69.90 -19.31 48.72
N ASP IA 484 71.00 -19.60 48.04
CA ASP IA 484 70.95 -19.72 46.59
C ASP IA 484 70.12 -20.93 46.16
N LYS IA 485 70.18 -22.01 46.92
CA LYS IA 485 69.35 -23.17 46.61
C LYS IA 485 67.88 -22.81 46.71
N LEU IA 486 67.47 -22.15 47.79
CA LEU IA 486 66.07 -21.79 47.93
C LEU IA 486 65.66 -20.78 46.86
N THR IA 487 66.53 -19.81 46.54
CA THR IA 487 66.22 -18.83 45.51
C THR IA 487 66.07 -19.48 44.15
N GLY IA 488 66.96 -20.42 43.82
CA GLY IA 488 66.83 -21.14 42.57
C GLY IA 488 65.58 -21.97 42.49
N GLU IA 489 65.18 -22.59 43.61
CA GLU IA 489 63.91 -23.31 43.63
C GLU IA 489 62.76 -22.36 43.35
N LEU IA 490 62.80 -21.16 43.95
CA LEU IA 490 61.74 -20.18 43.70
C LEU IA 490 61.72 -19.75 42.24
N GLY IA 491 62.89 -19.53 41.65
CA GLY IA 491 62.94 -19.16 40.24
C GLY IA 491 62.39 -20.26 39.34
N ALA IA 492 62.72 -21.52 39.64
CA ALA IA 492 62.16 -22.62 38.90
C ALA IA 492 60.63 -22.67 39.04
N VAL IA 493 60.14 -22.38 40.24
CA VAL IA 493 58.69 -22.33 40.45
C VAL IA 493 58.07 -21.21 39.63
N GLN IA 494 58.74 -20.06 39.55
CA GLN IA 494 58.22 -18.97 38.74
C GLN IA 494 58.14 -19.36 37.27
N ASN IA 495 59.18 -20.01 36.76
CA ASN IA 495 59.17 -20.45 35.37
C ASN IA 495 58.05 -21.46 35.13
N ARG IA 496 57.93 -22.45 36.02
CA ARG IA 496 56.86 -23.43 35.91
C ARG IA 496 55.50 -22.77 35.93
N LEU IA 497 55.32 -21.79 36.82
CA LEU IA 497 54.01 -21.18 36.98
C LEU IA 497 53.63 -20.33 35.78
N GLU IA 498 54.59 -19.61 35.20
CA GLU IA 498 54.25 -18.87 33.99
C GLU IA 498 53.97 -19.82 32.83
N SER IA 499 54.67 -20.96 32.76
CA SER IA 499 54.33 -21.95 31.75
C SER IA 499 52.94 -22.53 31.97
N THR IA 500 52.56 -22.74 33.24
CA THR IA 500 51.21 -23.18 33.53
C THR IA 500 50.19 -22.13 33.12
N ILE IA 501 50.51 -20.85 33.32
CA ILE IA 501 49.63 -19.78 32.87
C ILE IA 501 49.42 -19.86 31.36
N ALA IA 502 50.50 -20.03 30.61
CA ALA IA 502 50.37 -20.13 29.16
C ALA IA 502 49.53 -21.33 28.76
N ASN IA 503 49.81 -22.49 29.34
CA ASN IA 503 49.05 -23.70 29.01
C ASN IA 503 47.58 -23.55 29.38
N LEU IA 504 47.31 -23.01 30.56
CA LEU IA 504 45.93 -22.83 31.00
C LEU IA 504 45.19 -21.88 30.09
N ASN IA 505 45.83 -20.78 29.69
CA ASN IA 505 45.18 -19.87 28.75
C ASN IA 505 44.89 -20.55 27.42
N ASN IA 506 45.83 -21.36 26.93
CA ASN IA 506 45.58 -22.10 25.70
C ASN IA 506 44.37 -23.01 25.85
N VAL IA 507 44.30 -23.75 26.96
CA VAL IA 507 43.18 -24.67 27.15
C VAL IA 507 41.87 -23.91 27.33
N VAL IA 508 41.92 -22.74 27.97
CA VAL IA 508 40.72 -21.92 28.12
C VAL IA 508 40.20 -21.48 26.76
N ASN IA 509 41.08 -20.98 25.89
CA ASN IA 509 40.64 -20.59 24.56
C ASN IA 509 40.07 -21.78 23.80
N ASN IA 510 40.77 -22.92 23.87
CA ASN IA 510 40.34 -24.08 23.11
C ASN IA 510 39.00 -24.61 23.61
N LEU IA 511 38.79 -24.62 24.93
CA LEU IA 511 37.53 -25.12 25.47
C LEU IA 511 36.40 -24.13 25.24
N SER IA 512 36.70 -22.82 25.25
CA SER IA 512 35.68 -21.85 24.87
C SER IA 512 35.25 -22.06 23.43
N SER IA 513 36.21 -22.30 22.54
CA SER IA 513 35.87 -22.60 21.16
C SER IA 513 35.05 -23.89 21.07
N ALA IA 514 35.44 -24.91 21.83
CA ALA IA 514 34.71 -26.18 21.80
C ALA IA 514 33.27 -25.99 22.25
N ARG IA 515 33.06 -25.19 23.27
CA ARG IA 515 31.71 -24.83 23.69
C ARG IA 515 30.98 -24.08 22.58
N SER IA 516 31.69 -23.20 21.88
CA SER IA 516 31.05 -22.43 20.81
C SER IA 516 30.56 -23.32 19.68
N ARG IA 517 31.38 -24.30 19.27
CA ARG IA 517 30.95 -25.20 18.21
C ARG IA 517 29.69 -25.98 18.56
N ILE IA 518 29.36 -26.11 19.84
CA ILE IA 518 28.24 -26.93 20.28
C ILE IA 518 27.11 -26.08 20.85
N GLN IA 519 27.41 -25.13 21.72
CA GLN IA 519 26.36 -24.49 22.50
C GLN IA 519 25.65 -23.39 21.73
N ASP IA 520 26.38 -22.34 21.34
CA ASP IA 520 25.71 -21.18 20.78
C ASP IA 520 25.27 -21.46 19.34
N ALA IA 521 24.46 -20.54 18.82
CA ALA IA 521 23.84 -20.69 17.51
C ALA IA 521 24.56 -19.86 16.47
N ASP IA 522 24.51 -20.35 15.23
CA ASP IA 522 25.07 -19.63 14.09
C ASP IA 522 24.00 -18.69 13.55
N TYR IA 523 24.26 -17.38 13.61
CA TYR IA 523 23.25 -16.40 13.25
C TYR IA 523 22.82 -16.54 11.79
N ALA IA 524 23.73 -16.97 10.91
CA ALA IA 524 23.41 -17.08 9.50
C ALA IA 524 22.27 -18.08 9.26
N THR IA 525 22.33 -19.23 9.93
CA THR IA 525 21.25 -20.20 9.79
C THR IA 525 19.99 -19.74 10.51
N GLU IA 526 20.15 -19.11 11.67
CA GLU IA 526 19.01 -18.74 12.49
C GLU IA 526 18.15 -17.68 11.79
N VAL IA 527 18.80 -16.68 11.19
CA VAL IA 527 18.05 -15.62 10.53
C VAL IA 527 17.29 -16.17 9.32
N SER IA 528 17.94 -17.04 8.54
CA SER IA 528 17.26 -17.66 7.41
C SER IA 528 16.08 -18.50 7.86
N ASN IA 529 16.25 -19.24 8.97
CA ASN IA 529 15.13 -20.02 9.51
C ASN IA 529 13.99 -19.11 9.94
N MET IA 530 14.33 -17.99 10.58
CA MET IA 530 13.31 -17.01 10.96
C MET IA 530 12.55 -16.50 9.74
N SER IA 531 13.26 -16.16 8.67
CA SER IA 531 12.59 -15.64 7.49
C SER IA 531 11.68 -16.68 6.87
N LYS IA 532 12.15 -17.92 6.77
CA LYS IA 532 11.31 -18.98 6.24
C LYS IA 532 10.08 -19.20 7.10
N ALA IA 533 10.25 -19.17 8.43
CA ALA IA 533 9.12 -19.34 9.33
C ALA IA 533 8.11 -18.22 9.17
N GLN IA 534 8.58 -16.97 9.04
CA GLN IA 534 7.66 -15.85 8.86
C GLN IA 534 6.87 -15.98 7.56
N ILE IA 535 7.55 -16.33 6.47
CA ILE IA 535 6.85 -16.51 5.20
C ILE IA 535 5.83 -17.62 5.32
N LEU IA 536 6.21 -18.72 5.95
CA LEU IA 536 5.28 -19.84 6.11
C LEU IA 536 4.07 -19.43 6.94
N GLN IA 537 4.30 -18.66 8.01
CA GLN IA 537 3.18 -18.27 8.86
C GLN IA 537 2.21 -17.35 8.14
N GLN IA 538 2.73 -16.37 7.41
CA GLN IA 538 1.84 -15.47 6.68
C GLN IA 538 1.07 -16.20 5.58
N ALA IA 539 1.76 -17.09 4.86
CA ALA IA 539 1.07 -17.89 3.85
C ALA IA 539 0.00 -18.77 4.49
N GLY IA 540 0.30 -19.34 5.66
CA GLY IA 540 -0.67 -20.14 6.36
C GLY IA 540 -1.89 -19.35 6.79
N THR IA 541 -1.68 -18.13 7.27
CA THR IA 541 -2.81 -17.28 7.65
C THR IA 541 -3.69 -16.99 6.44
N SER IA 542 -3.07 -16.63 5.32
CA SER IA 542 -3.87 -16.30 4.13
C SER IA 542 -4.64 -17.53 3.63
N VAL IA 543 -3.96 -18.67 3.53
CA VAL IA 543 -4.63 -19.87 3.03
C VAL IA 543 -5.70 -20.34 4.01
N LEU IA 544 -5.51 -20.09 5.31
CA LEU IA 544 -6.55 -20.39 6.29
C LEU IA 544 -7.77 -19.50 6.07
N ALA IA 545 -7.55 -18.22 5.77
CA ALA IA 545 -8.67 -17.35 5.48
C ALA IA 545 -9.44 -17.86 4.26
N GLN IA 546 -8.72 -18.25 3.21
CA GLN IA 546 -9.43 -18.81 2.06
C GLN IA 546 -10.09 -20.16 2.37
N ALA IA 547 -9.50 -20.95 3.27
CA ALA IA 547 -10.13 -22.20 3.66
C ALA IA 547 -11.45 -21.95 4.37
N ASN IA 548 -11.48 -20.95 5.26
CA ASN IA 548 -12.74 -20.58 5.89
C ASN IA 548 -13.71 -19.94 4.91
N GLN IA 549 -13.21 -19.37 3.81
CA GLN IA 549 -14.09 -18.89 2.76
C GLN IA 549 -14.60 -20.00 1.85
N VAL IA 550 -13.95 -21.18 1.85
CA VAL IA 550 -14.42 -22.29 1.02
C VAL IA 550 -15.88 -22.65 1.29
N PRO IA 551 -16.33 -22.84 2.53
CA PRO IA 551 -17.74 -23.21 2.74
C PRO IA 551 -18.71 -22.08 2.44
N GLN IA 552 -18.24 -20.86 2.20
CA GLN IA 552 -19.13 -19.78 1.83
C GLN IA 552 -19.87 -20.09 0.53
N THR IA 553 -19.23 -20.83 -0.37
CA THR IA 553 -19.89 -21.21 -1.62
C THR IA 553 -21.12 -22.05 -1.37
N VAL IA 554 -21.15 -22.79 -0.26
CA VAL IA 554 -22.35 -23.54 0.10
C VAL IA 554 -23.52 -22.58 0.31
N LEU IA 555 -23.27 -21.45 0.93
CA LEU IA 555 -24.30 -20.44 1.16
C LEU IA 555 -24.48 -19.57 -0.09
N SER IA 556 -24.63 -20.23 -1.23
CA SER IA 556 -24.96 -19.57 -2.48
C SER IA 556 -26.24 -20.09 -3.09
N LEU IA 557 -26.40 -21.41 -3.15
CA LEU IA 557 -27.64 -22.00 -3.60
C LEU IA 557 -28.63 -22.05 -2.44
N LEU IA 558 -29.82 -21.51 -2.65
CA LEU IA 558 -30.82 -21.41 -1.59
C LEU IA 558 -32.22 -21.35 -2.17
N ALA JA 2 -13.00 5.41 26.32
CA ALA JA 2 -13.81 4.54 25.50
C ALA JA 2 -13.69 4.91 24.02
N ALA JA 3 -14.81 4.89 23.30
CA ALA JA 3 -14.81 5.09 21.85
C ALA JA 3 -15.08 6.54 21.47
N VAL JA 4 -14.65 7.48 22.30
CA VAL JA 4 -14.87 8.89 22.04
C VAL JA 4 -13.71 9.44 21.22
N ILE JA 5 -14.01 10.37 20.31
CA ILE JA 5 -12.98 10.96 19.46
C ILE JA 5 -12.89 12.47 19.60
N ASN JA 6 -13.90 13.15 20.13
CA ASN JA 6 -13.87 14.61 20.19
C ASN JA 6 -12.77 15.11 21.11
N THR JA 7 -12.37 14.31 22.08
CA THR JA 7 -11.19 14.57 22.90
C THR JA 7 -10.36 13.31 22.97
N ASN JA 8 -9.04 13.46 22.88
CA ASN JA 8 -8.11 12.34 22.95
C ASN JA 8 -7.21 12.58 24.16
N TYR JA 9 -7.62 12.03 25.31
CA TYR JA 9 -6.86 12.25 26.54
C TYR JA 9 -5.45 11.72 26.44
N LEU JA 10 -5.27 10.60 25.74
CA LEU JA 10 -3.93 10.04 25.55
C LEU JA 10 -3.03 11.01 24.81
N SER JA 11 -3.56 11.66 23.77
CA SER JA 11 -2.78 12.68 23.08
C SER JA 11 -2.42 13.82 24.01
N LEU JA 12 -3.34 14.21 24.90
CA LEU JA 12 -3.06 15.31 25.80
C LEU JA 12 -1.94 14.97 26.77
N VAL JA 13 -1.98 13.78 27.38
CA VAL JA 13 -0.92 13.41 28.31
C VAL JA 13 0.40 13.24 27.58
N ALA JA 14 0.35 12.69 26.36
CA ALA JA 14 1.58 12.58 25.58
C ALA JA 14 2.17 13.95 25.28
N GLN JA 15 1.33 14.92 24.92
CA GLN JA 15 1.81 16.27 24.66
C GLN JA 15 2.40 16.89 25.90
N ASN JA 16 1.76 16.71 27.06
CA ASN JA 16 2.28 17.30 28.29
C ASN JA 16 3.63 16.70 28.65
N ASN JA 17 3.76 15.38 28.56
CA ASN JA 17 5.04 14.75 28.86
C ASN JA 17 6.10 15.17 27.86
N LEU JA 18 5.73 15.31 26.59
CA LEU JA 18 6.69 15.79 25.59
C LEU JA 18 7.14 17.20 25.90
N ASN JA 19 6.23 18.05 26.38
CA ASN JA 19 6.60 19.41 26.75
C ASN JA 19 7.57 19.41 27.92
N LYS JA 20 7.33 18.55 28.92
CA LYS JA 20 8.28 18.45 30.02
C LYS JA 20 9.64 17.98 29.53
N SER JA 21 9.66 17.00 28.64
CA SER JA 21 10.92 16.51 28.09
C SER JA 21 11.65 17.61 27.33
N GLN JA 22 10.90 18.41 26.56
CA GLN JA 22 11.53 19.48 25.79
C GLN JA 22 12.06 20.57 26.69
N SER JA 23 11.36 20.86 27.80
CA SER JA 23 11.87 21.83 28.76
C SER JA 23 13.18 21.34 29.35
N SER JA 24 13.25 20.06 29.72
CA SER JA 24 14.50 19.51 30.22
C SER JA 24 15.60 19.59 29.17
N LEU JA 25 15.27 19.28 27.91
CA LEU JA 25 16.25 19.38 26.83
C LEU JA 25 16.73 20.80 26.65
N GLY JA 26 15.82 21.77 26.75
CA GLY JA 26 16.20 23.16 26.60
C GLY JA 26 17.15 23.62 27.70
N THR JA 27 16.85 23.24 28.95
CA THR JA 27 17.76 23.58 30.03
C THR JA 27 19.12 22.94 29.83
N ALA JA 28 19.14 21.66 29.42
CA ALA JA 28 20.42 20.99 29.19
C ALA JA 28 21.19 21.65 28.06
N ILE JA 29 20.51 22.01 26.97
CA ILE JA 29 21.17 22.62 25.82
C ILE JA 29 21.73 23.98 26.19
N GLU JA 30 20.96 24.78 26.94
CA GLU JA 30 21.44 26.08 27.35
C GLU JA 30 22.66 25.96 28.25
N ARG JA 31 22.62 25.01 29.20
CA ARG JA 31 23.78 24.82 30.08
C ARG JA 31 24.99 24.32 29.30
N LEU JA 32 24.77 23.48 28.29
CA LEU JA 32 25.87 22.99 27.48
C LEU JA 32 26.51 24.11 26.68
N SER JA 33 25.69 24.90 25.98
CA SER JA 33 26.22 25.96 25.12
C SER JA 33 26.92 27.03 25.96
N SER JA 34 26.25 27.51 27.00
CA SER JA 34 26.85 28.57 27.81
C SER JA 34 28.01 28.05 28.65
N GLY JA 35 27.95 26.79 29.07
CA GLY JA 35 28.95 26.25 29.96
C GLY JA 35 28.74 26.57 31.42
N LEU JA 36 27.67 27.28 31.77
CA LEU JA 36 27.38 27.68 33.13
C LEU JA 36 26.16 26.94 33.62
N ARG JA 37 26.29 26.23 34.74
CA ARG JA 37 25.13 25.61 35.36
C ARG JA 37 24.14 26.66 35.85
N ILE JA 38 24.66 27.73 36.44
CA ILE JA 38 23.81 28.79 37.00
C ILE JA 38 23.68 29.87 35.93
N ASN JA 39 22.68 29.70 35.08
CA ASN JA 39 22.28 30.72 34.12
C ASN JA 39 20.77 30.87 34.19
N SER JA 40 20.28 32.06 33.85
CA SER JA 40 18.85 32.34 33.90
C SER JA 40 18.31 32.12 35.32
N ALA JA 41 18.63 33.09 36.19
CA ALA JA 41 18.60 32.99 37.65
C ALA JA 41 17.40 32.23 38.21
N LYS JA 42 16.32 32.10 37.43
CA LYS JA 42 15.30 31.12 37.74
C LYS JA 42 15.90 29.75 38.09
N ASP JA 43 17.10 29.47 37.62
CA ASP JA 43 17.85 28.29 38.04
C ASP JA 43 18.85 28.70 39.10
N ASP JA 44 18.66 28.19 40.33
CA ASP JA 44 19.58 28.41 41.45
C ASP JA 44 19.73 29.91 41.73
N ALA JA 45 18.62 30.51 42.19
CA ALA JA 45 18.57 31.95 42.38
C ALA JA 45 19.67 32.44 43.30
N ALA JA 46 19.83 31.83 44.47
CA ALA JA 46 20.93 32.21 45.35
C ALA JA 46 22.28 31.83 44.77
N GLY JA 47 22.30 30.82 43.89
CA GLY JA 47 23.55 30.43 43.26
C GLY JA 47 24.15 31.56 42.44
N MET JA 48 23.32 32.28 41.68
CA MET JA 48 23.85 33.38 40.89
C MET JA 48 24.25 34.56 41.78
N ALA JA 49 23.58 34.76 42.91
CA ALA JA 49 24.06 35.76 43.85
C ALA JA 49 25.45 35.41 44.36
N ILE JA 50 25.66 34.14 44.71
CA ILE JA 50 26.97 33.69 45.16
C ILE JA 50 28.01 33.85 44.05
N ALA JA 51 27.64 33.46 42.83
CA ALA JA 51 28.56 33.56 41.70
C ALA JA 51 28.89 35.02 41.40
N ASN JA 52 27.92 35.91 41.49
CA ASN JA 52 28.16 37.33 41.28
C ASN JA 52 29.13 37.87 42.32
N ARG JA 53 28.92 37.51 43.60
CA ARG JA 53 29.84 37.95 44.64
C ARG JA 53 31.24 37.44 44.35
N PHE JA 54 31.37 36.18 43.95
CA PHE JA 54 32.68 35.61 43.69
C PHE JA 54 33.35 36.25 42.48
N THR JA 55 32.59 36.52 41.41
CA THR JA 55 33.18 37.18 40.25
C THR JA 55 33.71 38.56 40.62
N ALA JA 56 32.88 39.36 41.30
CA ALA JA 56 33.34 40.66 41.74
C ALA JA 56 34.59 40.55 42.59
N ASN JA 57 34.58 39.66 43.57
CA ASN JA 57 35.72 39.52 44.47
C ASN JA 57 36.98 39.12 43.71
N VAL JA 58 36.90 38.05 42.91
CA VAL JA 58 38.10 37.51 42.28
C VAL JA 58 38.67 38.50 41.27
N ARG JA 59 37.82 39.15 40.47
CA ARG JA 59 38.41 39.99 39.43
C ARG JA 59 38.80 41.36 39.98
N GLY JA 60 38.12 41.84 41.02
CA GLY JA 60 38.64 42.98 41.75
C GLY JA 60 39.97 42.68 42.41
N LEU JA 61 40.16 41.44 42.87
CA LEU JA 61 41.46 41.06 43.41
C LEU JA 61 42.52 40.99 42.32
N THR JA 62 42.16 40.56 41.11
CA THR JA 62 43.12 40.62 40.01
C THR JA 62 43.53 42.07 39.73
N GLN JA 63 42.56 42.99 39.71
CA GLN JA 63 42.89 44.39 39.52
C GLN JA 63 43.76 44.92 40.66
N ALA JA 64 43.48 44.47 41.88
CA ALA JA 64 44.29 44.86 43.02
C ALA JA 64 45.71 44.31 42.90
N ALA JA 65 45.85 43.10 42.35
CA ALA JA 65 47.17 42.56 42.08
C ALA JA 65 47.91 43.44 41.08
N ARG JA 66 47.21 43.91 40.05
CA ARG JA 66 47.81 44.86 39.12
C ARG JA 66 48.28 46.12 39.83
N ASN JA 67 47.44 46.65 40.74
CA ASN JA 67 47.81 47.85 41.49
C ASN JA 67 49.03 47.61 42.35
N ALA JA 68 49.07 46.47 43.05
CA ALA JA 68 50.22 46.15 43.89
C ALA JA 68 51.48 45.99 43.05
N ASN JA 69 51.35 45.39 41.87
CA ASN JA 69 52.50 45.25 40.99
C ASN JA 69 53.01 46.60 40.52
N ASP JA 70 52.10 47.55 40.24
CA ASP JA 70 52.53 48.91 39.93
C ASP JA 70 53.24 49.56 41.11
N GLY JA 71 52.74 49.34 42.32
CA GLY JA 71 53.45 49.85 43.49
C GLY JA 71 54.84 49.26 43.62
N ILE JA 72 54.99 47.99 43.26
CA ILE JA 72 56.32 47.36 43.29
C ILE JA 72 57.26 48.10 42.35
N SER JA 73 56.79 48.42 41.14
CA SER JA 73 57.63 49.12 40.19
C SER JA 73 57.99 50.52 40.67
N LEU JA 74 57.03 51.21 41.29
CA LEU JA 74 57.32 52.53 41.86
C LEU JA 74 58.41 52.43 42.92
N ALA JA 75 58.29 51.45 43.82
CA ALA JA 75 59.33 51.28 44.83
C ALA JA 75 60.67 50.92 44.20
N GLN JA 76 60.66 50.13 43.13
CA GLN JA 76 61.89 49.79 42.43
C GLN JA 76 62.56 51.03 41.87
N THR JA 77 61.79 51.89 41.22
CA THR JA 77 62.36 53.10 40.63
C THR JA 77 62.94 54.00 41.71
N THR JA 78 62.21 54.19 42.81
CA THR JA 78 62.71 55.05 43.87
C THR JA 78 63.95 54.45 44.52
N GLU JA 79 63.98 53.12 44.68
CA GLU JA 79 65.16 52.48 45.25
C GLU JA 79 66.38 52.65 44.35
N GLY JA 80 66.18 52.57 43.03
CA GLY JA 80 67.29 52.79 42.12
C GLY JA 80 67.82 54.21 42.20
N ALA JA 81 66.92 55.20 42.23
CA ALA JA 81 67.37 56.58 42.39
C ALA JA 81 68.11 56.77 43.70
N ALA JA 82 67.59 56.17 44.78
CA ALA JA 82 68.26 56.26 46.07
C ALA JA 82 69.63 55.60 46.05
N SER JA 83 69.78 54.50 45.30
CA SER JA 83 71.08 53.87 45.15
C SER JA 83 72.07 54.80 44.46
N GLU JA 84 71.61 55.52 43.43
CA GLU JA 84 72.50 56.49 42.80
C GLU JA 84 72.89 57.60 43.78
N VAL JA 85 71.92 58.08 44.57
CA VAL JA 85 72.25 59.05 45.61
C VAL JA 85 73.28 58.47 46.58
N ASN JA 86 73.15 57.19 46.89
CA ASN JA 86 74.11 56.54 47.80
C ASN JA 86 75.51 56.55 47.22
N THR JA 87 75.63 56.25 45.93
CA THR JA 87 76.95 56.31 45.28
C THR JA 87 77.50 57.73 45.34
N HIS JA 88 76.66 58.72 45.12
CA HIS JA 88 77.10 60.11 45.24
C HIS JA 88 77.63 60.42 46.63
N LEU JA 89 76.90 59.98 47.67
CA LEU JA 89 77.36 60.23 49.03
C LEU JA 89 78.68 59.52 49.33
N GLN JA 90 78.84 58.28 48.82
CA GLN JA 90 80.11 57.58 49.04
C GLN JA 90 81.26 58.35 48.40
N ARG JA 91 81.06 58.82 47.16
CA ARG JA 91 82.10 59.58 46.50
C ARG JA 91 82.43 60.85 47.27
N ILE JA 92 81.38 61.56 47.72
CA ILE JA 92 81.59 62.79 48.47
C ILE JA 92 82.34 62.50 49.76
N ARG JA 93 82.01 61.41 50.44
CA ARG JA 93 82.69 61.08 51.69
C ARG JA 93 84.17 60.79 51.46
N GLU JA 94 84.49 59.98 50.46
CA GLU JA 94 85.90 59.63 50.26
C GLU JA 94 86.70 60.86 49.86
N LEU JA 95 86.15 61.69 48.97
CA LEU JA 95 86.90 62.89 48.59
C LEU JA 95 86.91 63.92 49.71
N THR JA 96 85.93 63.88 50.62
CA THR JA 96 85.99 64.73 51.80
C THR JA 96 87.10 64.30 52.73
N VAL JA 97 87.28 62.99 52.90
CA VAL JA 97 88.42 62.49 53.65
C VAL JA 97 89.72 62.95 53.00
N GLN JA 98 89.75 62.93 51.66
CA GLN JA 98 90.93 63.43 50.95
C GLN JA 98 91.17 64.92 51.23
N ALA JA 99 90.11 65.73 51.15
CA ALA JA 99 90.28 67.17 51.28
C ALA JA 99 90.53 67.60 52.72
N SER JA 100 90.13 66.77 53.69
CA SER JA 100 90.40 67.08 55.09
C SER JA 100 91.87 67.10 55.42
N ASN JA 101 92.72 66.54 54.55
CA ASN JA 101 94.16 66.57 54.77
C ASN JA 101 94.67 68.00 54.68
N GLY JA 102 95.65 68.33 55.52
CA GLY JA 102 96.21 69.66 55.54
C GLY JA 102 97.28 69.94 54.51
N SER JA 103 97.75 68.89 53.81
CA SER JA 103 98.81 69.10 52.83
C SER JA 103 98.31 69.82 51.59
N TYR JA 104 97.01 69.77 51.32
CA TYR JA 104 96.48 70.35 50.10
C TYR JA 104 96.41 71.87 50.21
N SER JA 105 96.93 72.56 49.20
CA SER JA 105 96.81 74.00 49.14
C SER JA 105 95.37 74.40 48.80
N GLN JA 106 95.13 75.71 48.82
CA GLN JA 106 93.75 76.20 48.72
C GLN JA 106 93.12 75.86 47.38
N GLU JA 107 93.92 75.88 46.31
CA GLU JA 107 93.37 75.68 44.96
C GLU JA 107 92.91 74.25 44.75
N GLN JA 108 93.66 73.27 45.26
CA GLN JA 108 93.19 71.89 45.18
C GLN JA 108 91.90 71.71 45.96
N LEU JA 109 91.78 72.36 47.12
CA LEU JA 109 90.51 72.36 47.84
C LEU JA 109 89.42 73.00 47.01
N ASP JA 110 89.73 74.03 46.22
CA ASP JA 110 88.74 74.65 45.36
C ASP JA 110 88.24 73.66 44.30
N SER JA 111 89.16 72.92 43.70
CA SER JA 111 88.74 71.92 42.71
C SER JA 111 87.90 70.82 43.35
N VAL JA 112 88.31 70.38 44.54
CA VAL JA 112 87.54 69.36 45.25
C VAL JA 112 86.14 69.87 45.55
N GLN JA 113 86.03 71.12 46.01
CA GLN JA 113 84.73 71.71 46.29
C GLN JA 113 83.91 71.87 45.01
N GLY JA 114 84.56 72.15 43.89
CA GLY JA 114 83.84 72.17 42.63
C GLY JA 114 83.22 70.81 42.31
N GLU JA 115 83.97 69.74 42.54
CA GLU JA 115 83.40 68.41 42.35
C GLU JA 115 82.29 68.12 43.36
N ILE JA 116 82.45 68.60 44.60
CA ILE JA 116 81.39 68.45 45.60
C ILE JA 116 80.12 69.13 45.13
N ASN JA 117 80.26 70.35 44.60
CA ASN JA 117 79.09 71.08 44.12
C ASN JA 117 78.45 70.37 42.95
N GLN JA 118 79.26 69.79 42.06
CA GLN JA 118 78.69 69.02 40.95
C GLN JA 118 77.89 67.83 41.47
N ARG JA 119 78.44 67.10 42.43
CA ARG JA 119 77.72 65.94 42.98
C ARG JA 119 76.45 66.36 43.70
N LEU JA 120 76.51 67.45 44.48
CA LEU JA 120 75.32 67.93 45.16
C LEU JA 120 74.24 68.38 44.18
N ALA JA 121 74.66 69.07 43.11
CA ALA JA 121 73.70 69.48 42.09
C ALA JA 121 73.07 68.27 41.42
N ASP JA 122 73.86 67.21 41.21
CA ASP JA 122 73.28 66.00 40.63
C ASP JA 122 72.30 65.33 41.59
N ILE JA 123 72.61 65.36 42.89
CA ILE JA 123 71.67 64.82 43.87
C ILE JA 123 70.36 65.58 43.81
N ASP JA 124 70.44 66.91 43.74
CA ASP JA 124 69.23 67.71 43.62
C ASP JA 124 68.49 67.44 42.31
N ARG JA 125 69.24 67.20 41.23
CA ARG JA 125 68.64 66.87 39.94
C ARG JA 125 67.87 65.55 40.04
N ILE JA 126 68.48 64.54 40.67
CA ILE JA 126 67.79 63.27 40.88
C ILE JA 126 66.54 63.48 41.70
N SER JA 127 66.62 64.36 42.70
CA SER JA 127 65.46 64.65 43.52
C SER JA 127 64.33 65.24 42.70
N GLU JA 128 64.64 66.21 41.85
CA GLU JA 128 63.60 66.95 41.15
C GLU JA 128 63.18 66.32 39.83
N GLN JA 129 63.88 65.27 39.36
CA GLN JA 129 63.61 64.71 38.05
C GLN JA 129 63.27 63.23 38.04
N THR JA 130 63.45 62.52 39.15
CA THR JA 130 63.04 61.12 39.21
C THR JA 130 61.53 61.05 39.09
N ASP JA 131 61.03 60.66 37.93
CA ASP JA 131 59.61 60.71 37.63
C ASP JA 131 59.06 59.30 37.42
N PHE JA 132 57.80 59.11 37.82
CA PHE JA 132 57.09 57.87 37.61
C PHE JA 132 55.62 58.21 37.46
N ASN JA 133 55.07 58.02 36.25
CA ASN JA 133 53.69 58.35 35.97
C ASN JA 133 53.39 59.81 36.31
N GLY JA 134 54.30 60.70 35.91
CA GLY JA 134 54.11 62.12 36.19
C GLY JA 134 54.12 62.46 37.66
N VAL JA 135 54.90 61.74 38.46
CA VAL JA 135 55.01 61.99 39.89
C VAL JA 135 56.48 62.27 40.21
N LYS JA 136 56.74 63.42 40.81
CA LYS JA 136 58.09 63.72 41.29
C LYS JA 136 58.32 62.87 42.53
N VAL JA 137 58.54 61.57 42.33
CA VAL JA 137 58.43 60.61 43.42
C VAL JA 137 59.50 60.87 44.49
N LEU JA 138 60.73 61.08 44.07
CA LEU JA 138 61.81 61.32 45.03
C LEU JA 138 62.09 62.80 45.20
N SER JA 139 61.06 63.59 45.47
CA SER JA 139 61.20 65.04 45.57
C SER JA 139 60.75 65.50 46.95
N ASP JA 140 60.83 66.82 47.15
CA ASP JA 140 60.39 67.41 48.41
C ASP JA 140 58.88 67.54 48.49
N SER JA 141 58.16 67.34 47.39
CA SER JA 141 56.70 67.35 47.37
C SER JA 141 56.23 66.02 46.81
N ALA JA 142 56.14 65.00 47.68
CA ALA JA 142 55.68 63.69 47.27
C ALA JA 142 55.00 63.05 48.49
N LYS JA 143 53.68 63.20 48.57
CA LYS JA 143 52.93 62.61 49.65
C LYS JA 143 52.90 61.08 49.50
N PRO JA 144 52.84 60.35 50.62
CA PRO JA 144 52.76 58.89 50.54
C PRO JA 144 51.52 58.44 49.77
N LEU JA 145 51.67 57.35 49.03
CA LEU JA 145 50.60 56.86 48.19
C LEU JA 145 49.71 55.89 48.98
N THR JA 146 48.69 55.37 48.31
CA THR JA 146 47.74 54.44 48.92
C THR JA 146 47.96 53.00 48.50
N LEU JA 147 48.02 52.73 47.20
CA LEU JA 147 48.17 51.38 46.67
C LEU JA 147 47.06 50.46 47.19
N GLN JA 148 45.83 50.79 46.79
CA GLN JA 148 44.67 50.04 47.24
C GLN JA 148 44.80 48.57 46.83
N VAL JA 149 44.92 47.69 47.81
CA VAL JA 149 45.08 46.26 47.58
C VAL JA 149 43.86 45.55 48.16
N GLY JA 150 43.19 44.79 47.33
CA GLY JA 150 42.02 44.03 47.73
C GLY JA 150 40.73 44.80 47.46
N ALA JA 151 39.67 44.05 47.16
CA ALA JA 151 38.36 44.65 47.03
C ALA JA 151 37.85 45.07 48.41
N ASN JA 152 36.65 45.64 48.43
CA ASN JA 152 36.03 46.12 49.67
C ASN JA 152 36.93 47.14 50.36
N ASP JA 153 37.07 48.28 49.68
CA ASP JA 153 38.07 49.28 50.03
C ASP JA 153 37.98 49.68 51.49
N GLY JA 154 39.09 50.20 52.00
CA GLY JA 154 39.23 50.51 53.41
C GLY JA 154 40.62 50.13 53.87
N GLU JA 155 41.33 49.39 53.02
CA GLU JA 155 42.69 48.94 53.29
C GLU JA 155 43.60 49.40 52.17
N THR JA 156 44.75 49.96 52.55
CA THR JA 156 45.74 50.45 51.60
C THR JA 156 47.12 50.05 52.10
N ILE JA 157 48.14 50.50 51.37
CA ILE JA 157 49.53 50.27 51.76
C ILE JA 157 50.24 51.61 51.63
N THR JA 158 50.38 52.33 52.74
CA THR JA 158 51.05 53.61 52.71
C THR JA 158 52.52 53.43 52.34
N LEU JA 159 52.99 54.24 51.40
CA LEU JA 159 54.36 54.11 50.90
C LEU JA 159 55.35 54.88 51.77
N ASN JA 160 55.02 56.12 52.12
CA ASN JA 160 55.82 56.95 53.03
C ASN JA 160 57.24 57.14 52.50
N LEU JA 161 57.32 57.83 51.36
CA LEU JA 161 58.60 58.15 50.75
C LEU JA 161 58.55 59.61 50.31
N SER JA 162 59.58 60.38 50.67
CA SER JA 162 59.67 61.78 50.26
C SER JA 162 60.96 62.39 50.78
N GLU JA 163 61.34 63.51 50.17
CA GLU JA 163 62.41 64.39 50.63
C GLU JA 163 63.74 63.67 50.76
N ILE JA 164 64.27 63.26 49.61
CA ILE JA 164 65.71 62.99 49.46
C ILE JA 164 66.26 64.02 48.49
N SER JA 165 67.10 64.91 48.98
CA SER JA 165 67.68 66.01 48.21
C SER JA 165 68.67 66.73 49.12
N VAL JA 166 69.42 67.66 48.54
CA VAL JA 166 70.14 68.60 49.37
C VAL JA 166 69.12 69.42 50.15
N LYS JA 167 69.56 69.95 51.29
CA LYS JA 167 68.73 70.74 52.21
C LYS JA 167 67.74 69.84 52.97
N THR JA 168 67.70 68.55 52.64
CA THR JA 168 66.94 67.60 53.44
C THR JA 168 67.73 66.35 53.83
N LEU JA 169 68.83 66.03 53.13
CA LEU JA 169 69.84 65.18 53.73
C LEU JA 169 70.61 65.90 54.83
N GLY JA 170 70.41 67.21 54.96
CA GLY JA 170 71.03 67.99 55.99
C GLY JA 170 72.27 68.74 55.55
N LEU JA 171 72.86 68.37 54.41
CA LEU JA 171 74.11 68.99 54.00
C LEU JA 171 73.90 70.47 53.73
N ASP JA 172 73.21 70.79 52.64
CA ASP JA 172 72.62 72.10 52.37
C ASP JA 172 73.66 73.21 52.26
N GLY JA 173 74.87 72.95 52.71
CA GLY JA 173 75.91 73.96 52.68
C GLY JA 173 77.30 73.37 52.57
N PHE JA 174 77.38 72.08 52.22
CA PHE JA 174 78.62 71.32 52.38
C PHE JA 174 79.79 72.04 51.75
N ASN JA 175 80.86 72.19 52.52
CA ASN JA 175 81.96 73.05 52.13
C ASN JA 175 83.27 72.52 52.69
N VAL JA 176 84.33 72.70 51.91
CA VAL JA 176 85.69 72.45 52.38
C VAL JA 176 86.56 73.69 52.32
N ASN JA 177 86.20 74.69 51.51
CA ASN JA 177 86.98 75.89 51.27
C ASN JA 177 86.13 77.12 51.57
N GLY JA 178 86.59 78.29 51.10
CA GLY JA 178 85.83 79.51 51.34
C GLY JA 178 84.44 79.48 50.74
N LYS JA 179 84.32 79.00 49.49
CA LYS JA 179 83.05 79.06 48.78
C LYS JA 179 82.05 78.03 49.30
N GLY JA 180 81.27 78.41 50.31
CA GLY JA 180 80.32 77.51 50.91
C GLY JA 180 78.97 78.14 51.23
N VAL JA 181 78.52 79.07 50.40
CA VAL JA 181 77.36 79.91 50.71
C VAL JA 181 76.18 79.08 51.19
N THR JA 182 75.68 79.41 52.38
CA THR JA 182 74.60 78.70 53.03
C THR JA 182 73.30 79.49 52.87
N GLN JA 183 72.26 79.06 53.57
CA GLN JA 183 70.95 79.70 53.50
C GLN JA 183 70.60 80.31 54.84
N ASN JA 184 70.06 81.53 54.81
CA ASN JA 184 69.60 82.19 56.02
C ASN JA 184 68.15 81.80 56.29
N ARG JA 185 67.58 82.38 57.35
CA ARG JA 185 66.22 82.08 57.78
C ARG JA 185 65.38 83.34 57.77
N SER JA 186 64.07 83.15 57.62
CA SER JA 186 63.14 84.28 57.62
C SER JA 186 63.25 85.06 58.91
N ALA JA 187 63.37 86.38 58.79
CA ALA JA 187 63.39 87.24 59.97
C ALA JA 187 62.03 87.20 60.66
N THR JA 188 62.06 87.03 61.97
CA THR JA 188 60.86 86.87 62.76
C THR JA 188 60.55 88.14 63.54
N VAL JA 189 59.26 88.36 63.78
CA VAL JA 189 58.85 89.52 64.57
C VAL JA 189 59.46 89.45 65.97
N THR JA 190 59.61 88.25 66.52
CA THR JA 190 60.32 88.11 67.79
C THR JA 190 61.75 88.59 67.67
N ASP JA 191 62.44 88.21 66.58
CA ASP JA 191 63.78 88.72 66.36
C ASP JA 191 63.77 90.23 66.15
N VAL JA 192 62.79 90.74 65.39
CA VAL JA 192 62.71 92.18 65.15
C VAL JA 192 62.65 92.92 66.47
N ILE JA 193 61.82 92.43 67.40
CA ILE JA 193 61.78 93.02 68.73
C ILE JA 193 63.08 92.79 69.49
N ALA JA 194 63.77 91.68 69.21
CA ALA JA 194 64.92 91.29 70.03
C ALA JA 194 66.04 92.32 69.97
N GLN JA 195 66.37 92.81 68.78
CA GLN JA 195 67.40 93.85 68.66
C GLN JA 195 66.77 95.25 68.72
N GLY JA 196 66.16 95.53 69.87
CA GLY JA 196 65.63 96.85 70.13
C GLY JA 196 64.52 97.27 69.20
N GLY JA 197 63.61 96.36 68.86
CA GLY JA 197 62.49 96.72 68.01
C GLY JA 197 61.57 97.72 68.68
N THR JA 198 61.23 98.77 67.95
CA THR JA 198 60.35 99.83 68.44
C THR JA 198 59.13 99.90 67.52
N LEU JA 199 57.97 99.54 68.06
CA LEU JA 199 56.76 99.46 67.26
C LEU JA 199 56.32 100.87 66.83
N GLN JA 200 55.77 100.96 65.61
CA GLN JA 200 55.27 102.21 65.08
C GLN JA 200 53.84 102.13 64.55
N GLY JA 201 53.27 100.95 64.41
CA GLY JA 201 51.94 100.81 63.85
C GLY JA 201 51.52 99.36 63.70
N ASP JA 202 50.98 98.99 62.54
CA ASP JA 202 50.54 97.62 62.29
C ASP JA 202 51.79 96.77 62.03
N GLY JA 203 52.40 96.32 63.13
CA GLY JA 203 53.60 95.50 63.04
C GLY JA 203 54.78 96.21 62.40
N THR JA 204 54.88 97.53 62.58
CA THR JA 204 55.95 98.32 61.98
C THR JA 204 56.97 98.63 63.07
N TYR JA 205 58.18 98.10 62.92
CA TYR JA 205 59.24 98.28 63.90
C TYR JA 205 60.43 98.95 63.24
N LYS JA 206 61.09 99.83 63.99
CA LYS JA 206 62.23 100.61 63.51
C LYS JA 206 63.45 100.14 64.30
N ALA JA 207 64.27 99.31 63.67
CA ALA JA 207 65.50 98.86 64.30
C ALA JA 207 66.50 100.01 64.35
N THR JA 208 67.21 100.13 65.47
CA THR JA 208 68.13 101.23 65.71
C THR JA 208 69.55 100.70 65.85
N THR JA 209 70.51 101.50 65.40
CA THR JA 209 71.92 101.18 65.57
C THR JA 209 72.70 102.49 65.56
N THR JA 210 73.05 102.98 66.75
CA THR JA 210 73.81 104.22 66.83
C THR JA 210 75.22 104.02 66.30
N PHE JA 211 75.81 105.11 65.80
CA PHE JA 211 77.13 105.06 65.19
C PHE JA 211 78.07 106.14 65.73
N ASN JA 212 77.72 106.81 66.83
CA ASN JA 212 78.55 107.91 67.31
C ASN JA 212 79.92 107.39 67.71
N ALA JA 213 80.91 107.68 66.88
CA ALA JA 213 82.22 107.05 66.98
C ALA JA 213 83.23 107.96 66.29
N ALA JA 214 84.39 107.40 65.94
CA ALA JA 214 85.51 108.15 65.36
C ALA JA 214 86.09 109.11 66.39
N SER JA 215 86.46 108.58 67.55
CA SER JA 215 87.11 109.35 68.59
C SER JA 215 88.51 109.77 68.13
N ALA JA 216 89.20 110.50 69.00
CA ALA JA 216 90.52 111.03 68.64
C ALA JA 216 91.49 109.90 68.30
N GLU JA 217 91.42 108.80 69.04
CA GLU JA 217 92.34 107.69 68.79
C GLU JA 217 92.14 107.10 67.40
N THR JA 218 90.88 106.85 67.02
CA THR JA 218 90.63 106.19 65.75
C THR JA 218 90.89 107.11 64.57
N VAL JA 219 90.79 108.43 64.76
CA VAL JA 219 91.09 109.33 63.65
C VAL JA 219 92.58 109.61 63.57
N LEU JA 220 93.29 109.56 64.71
CA LEU JA 220 94.74 109.63 64.66
C LEU JA 220 95.36 108.36 64.13
N SER JA 221 94.63 107.24 64.19
CA SER JA 221 95.15 105.98 63.68
C SER JA 221 95.42 106.01 62.18
N LYS JA 222 94.72 106.86 61.44
CA LYS JA 222 94.89 106.92 59.98
C LYS JA 222 95.29 108.32 59.54
N LEU JA 223 96.24 108.93 60.24
CA LEU JA 223 96.64 110.32 59.99
C LEU JA 223 97.95 110.34 59.22
N GLU JA 224 97.99 111.15 58.15
CA GLU JA 224 99.22 111.35 57.40
C GLU JA 224 99.43 112.80 57.00
N ASP JA 225 98.61 113.72 57.48
CA ASP JA 225 98.75 115.13 57.11
C ASP JA 225 98.68 116.02 58.34
N GLY JA 226 98.60 117.33 58.13
CA GLY JA 226 98.59 118.27 59.22
C GLY JA 226 97.22 118.41 59.87
N ASN JA 227 97.24 118.52 61.19
CA ASN JA 227 96.04 118.79 61.98
C ASN JA 227 96.17 120.18 62.61
N THR JA 228 95.20 120.53 63.45
CA THR JA 228 95.23 121.84 64.10
C THR JA 228 94.51 121.76 65.44
N VAL JA 229 94.93 122.60 66.37
CA VAL JA 229 94.34 122.69 67.69
C VAL JA 229 94.11 124.15 68.01
N ALA JA 230 92.86 124.50 68.34
CA ALA JA 230 92.50 125.87 68.68
C ALA JA 230 91.64 125.84 69.93
N VAL JA 231 92.04 126.62 70.94
CA VAL JA 231 91.33 126.66 72.23
C VAL JA 231 90.28 127.75 72.10
N GLY JA 232 89.11 127.38 71.58
CA GLY JA 232 88.04 128.34 71.38
C GLY JA 232 88.47 129.45 70.43
N GLY JA 233 88.26 130.69 70.84
CA GLY JA 233 88.60 131.86 70.07
C GLY JA 233 90.00 132.39 70.29
N GLY JA 234 90.84 131.66 71.01
CA GLY JA 234 92.20 132.09 71.29
C GLY JA 234 93.18 131.70 70.21
N ALA JA 235 94.44 131.55 70.60
CA ALA JA 235 95.48 131.18 69.65
C ALA JA 235 95.27 129.76 69.14
N THR JA 236 95.88 129.46 67.99
CA THR JA 236 95.71 128.19 67.31
C THR JA 236 97.08 127.58 67.02
N TYR JA 237 97.16 126.25 67.13
CA TYR JA 237 98.39 125.52 66.85
C TYR JA 237 98.11 124.43 65.81
N THR JA 238 99.06 124.26 64.89
CA THR JA 238 98.97 123.24 63.86
C THR JA 238 100.18 122.33 63.94
N TYR JA 239 99.95 121.03 63.70
CA TYR JA 239 100.99 120.03 63.80
C TYR JA 239 100.99 119.18 62.53
N ASP JA 240 102.16 118.66 62.17
CA ASP JA 240 102.32 117.87 60.96
C ASP JA 240 102.99 116.54 61.31
N ALA JA 241 102.41 115.44 60.84
CA ALA JA 241 102.93 114.10 61.11
C ALA JA 241 103.81 113.67 59.94
N ALA JA 242 105.12 113.85 60.08
CA ALA JA 242 106.06 113.45 59.05
C ALA JA 242 106.01 111.94 58.82
N LYS JA 243 106.40 111.17 59.83
CA LYS JA 243 106.33 109.72 59.80
C LYS JA 243 105.33 109.19 60.83
N GLY JA 244 104.36 110.01 61.20
CA GLY JA 244 103.54 109.75 62.37
C GLY JA 244 104.01 110.49 63.61
N ASN JA 245 105.19 111.08 63.58
CA ASN JA 245 105.69 111.93 64.64
C ASN JA 245 105.44 113.39 64.27
N PHE JA 246 104.89 114.15 65.21
CA PHE JA 246 104.35 115.47 64.91
C PHE JA 246 105.44 116.54 64.96
N THR JA 247 105.47 117.38 63.94
CA THR JA 247 106.41 118.49 63.85
C THR JA 247 105.62 119.79 63.74
N TYR JA 248 106.05 120.80 64.49
CA TYR JA 248 105.30 122.05 64.59
C TYR JA 248 106.22 123.12 65.18
N THR JA 249 105.67 124.30 65.41
CA THR JA 249 106.43 125.42 65.95
C THR JA 249 105.89 125.85 67.31
N LYS JA 250 106.80 126.24 68.19
CA LYS JA 250 106.46 126.87 69.47
C LYS JA 250 107.22 128.18 69.58
N THR JA 251 106.52 129.23 69.97
CA THR JA 251 107.17 130.50 70.24
C THR JA 251 107.83 130.48 71.60
N VAL JA 252 108.97 131.16 71.71
CA VAL JA 252 109.68 131.32 72.97
C VAL JA 252 109.87 132.81 73.19
N ASP JA 253 109.33 133.33 74.29
CA ASP JA 253 109.37 134.77 74.55
C ASP JA 253 109.08 135.00 76.03
N THR JA 254 108.87 136.27 76.39
CA THR JA 254 108.60 136.68 77.75
C THR JA 254 107.53 137.76 77.71
N THR JA 255 107.39 138.49 78.82
CA THR JA 255 106.39 139.54 78.93
C THR JA 255 106.98 140.94 79.15
N VAL JA 256 108.27 141.04 79.43
CA VAL JA 256 108.90 142.32 79.76
C VAL JA 256 109.66 142.80 78.53
N GLY JA 257 109.23 143.95 77.98
CA GLY JA 257 109.93 144.51 76.84
C GLY JA 257 111.32 144.99 77.17
N ALA JA 258 111.52 145.50 78.39
CA ALA JA 258 112.81 146.05 78.79
C ALA JA 258 113.79 144.98 79.27
N ASP JA 259 113.32 143.76 79.52
CA ASP JA 259 114.20 142.70 80.04
C ASP JA 259 113.71 141.37 79.48
N VAL JA 260 114.54 140.77 78.62
CA VAL JA 260 114.24 139.44 78.08
C VAL JA 260 115.38 138.50 78.46
N THR JA 261 116.01 138.75 79.61
CA THR JA 261 117.00 137.81 80.12
C THR JA 261 116.38 136.43 80.32
N ALA JA 262 115.12 136.39 80.74
CA ALA JA 262 114.41 135.12 80.85
C ALA JA 262 114.24 134.46 79.50
N LEU JA 263 114.09 135.26 78.43
CA LEU JA 263 114.02 134.67 77.09
C LEU JA 263 115.32 133.97 76.72
N ALA JA 264 116.46 134.61 77.01
CA ALA JA 264 117.75 133.96 76.75
C ALA JA 264 117.93 132.73 77.63
N ASN JA 265 117.51 132.81 78.89
CA ASN JA 265 117.59 131.68 79.80
C ASN JA 265 116.56 130.60 79.48
N LYS JA 266 115.63 130.87 78.58
CA LYS JA 266 114.75 129.87 78.00
C LYS JA 266 115.36 129.21 76.77
N ILE JA 267 115.98 130.00 75.90
CA ILE JA 267 116.59 129.44 74.70
C ILE JA 267 117.81 128.60 75.05
N LYS JA 268 118.63 129.07 75.99
CA LYS JA 268 119.89 128.40 76.29
C LYS JA 268 119.74 126.95 76.73
N PRO JA 269 118.84 126.59 77.66
CA PRO JA 269 118.69 125.16 78.00
C PRO JA 269 118.24 124.32 76.83
N SER JA 270 117.46 124.87 75.90
CA SER JA 270 117.05 124.11 74.73
C SER JA 270 118.26 123.76 73.87
N SER JA 271 119.21 124.68 73.74
CA SER JA 271 120.43 124.39 72.99
C SER JA 271 121.27 123.32 73.66
N GLY JA 272 121.22 123.24 74.98
CA GLY JA 272 122.00 122.28 75.74
C GLY JA 272 123.04 122.95 76.62
N THR JA 273 124.09 122.20 76.93
CA THR JA 273 125.17 122.68 77.77
C THR JA 273 126.48 122.79 77.00
N ILE JA 274 126.96 121.70 76.41
CA ILE JA 274 128.19 121.70 75.62
C ILE JA 274 127.94 120.89 74.36
N SER JA 275 128.26 121.48 73.21
CA SER JA 275 128.10 120.79 71.93
C SER JA 275 129.12 121.37 70.96
N GLY JA 276 129.11 120.85 69.73
CA GLY JA 276 130.10 121.21 68.74
C GLY JA 276 129.60 122.16 67.67
N SER JA 277 129.31 121.62 66.49
CA SER JA 277 129.00 122.44 65.33
C SER JA 277 127.65 123.12 65.49
N TYR JA 278 127.66 124.45 65.53
CA TYR JA 278 126.46 125.28 65.52
C TYR JA 278 126.44 126.10 64.24
N GLU JA 279 125.37 126.87 64.06
CA GLU JA 279 125.27 127.82 62.97
C GLU JA 279 124.69 129.13 63.50
N ILE JA 280 125.31 130.24 63.13
CA ILE JA 280 124.85 131.58 63.50
C ILE JA 280 124.52 132.33 62.23
N SER JA 281 123.32 132.91 62.18
CA SER JA 281 122.85 133.66 61.03
C SER JA 281 122.57 135.11 61.42
N THR JA 282 123.41 135.67 62.30
CA THR JA 282 123.23 137.06 62.71
C THR JA 282 123.41 137.99 61.51
N GLY JA 283 122.75 139.14 61.57
CA GLY JA 283 122.72 140.01 60.42
C GLY JA 283 121.76 139.50 59.38
N LYS JA 284 122.26 139.11 58.21
CA LYS JA 284 121.38 138.55 57.19
C LYS JA 284 121.91 137.22 56.64
N SER JA 285 123.23 137.11 56.44
CA SER JA 285 123.81 135.95 55.78
C SER JA 285 125.10 135.52 56.48
N ALA JA 286 125.08 135.49 57.81
CA ALA JA 286 126.27 135.07 58.55
C ALA JA 286 126.61 133.61 58.24
N SER JA 287 125.72 132.69 58.58
CA SER JA 287 125.86 131.28 58.23
C SER JA 287 127.18 130.70 58.72
N PHE JA 288 127.43 130.86 60.02
CA PHE JA 288 128.67 130.40 60.61
C PHE JA 288 128.65 128.90 60.85
N ASP JA 289 129.83 128.33 61.10
CA ASP JA 289 129.98 126.94 61.56
C ASP JA 289 130.88 127.00 62.79
N VAL JA 290 130.27 127.25 63.95
CA VAL JA 290 131.02 127.56 65.15
C VAL JA 290 131.02 126.35 66.08
N ASP JA 291 131.93 126.39 67.06
CA ASP JA 291 132.03 125.38 68.10
C ASP JA 291 132.05 126.11 69.44
N ALA JA 292 130.93 126.05 70.16
CA ALA JA 292 130.78 126.77 71.42
C ALA JA 292 130.83 125.77 72.57
N ALA JA 293 132.02 125.60 73.14
CA ALA JA 293 132.19 124.84 74.37
C ALA JA 293 132.10 125.80 75.56
N GLY JA 294 130.90 126.34 75.74
CA GLY JA 294 130.72 127.45 76.66
C GLY JA 294 130.89 128.77 75.94
N LYS JA 295 132.08 129.36 76.05
CA LYS JA 295 132.39 130.56 75.30
C LYS JA 295 132.39 130.26 73.81
N ILE JA 296 131.91 131.21 73.01
CA ILE JA 296 131.72 130.98 71.58
C ILE JA 296 133.05 131.10 70.85
N THR JA 297 133.36 130.09 70.03
CA THR JA 297 134.59 130.07 69.25
C THR JA 297 134.28 129.63 67.83
N ILE JA 298 135.28 129.76 66.95
CA ILE JA 298 135.20 129.30 65.57
C ILE JA 298 136.25 128.20 65.39
N GLY JA 299 136.04 127.38 64.36
CA GLY JA 299 137.02 126.36 64.05
C GLY JA 299 138.36 126.98 63.67
N GLY JA 300 139.33 126.87 64.58
CA GLY JA 300 140.66 127.38 64.35
C GLY JA 300 140.99 128.70 65.02
N ASN JA 301 140.01 129.39 65.61
CA ASN JA 301 140.27 130.68 66.23
C ASN JA 301 139.15 131.01 67.20
N ALA JA 302 139.23 132.20 67.79
CA ALA JA 302 138.20 132.71 68.69
C ALA JA 302 137.12 133.41 67.88
N ALA JA 303 136.13 133.99 68.57
CA ALA JA 303 135.04 134.68 67.88
C ALA JA 303 134.50 135.76 68.81
N PHE JA 304 134.92 137.00 68.57
CA PHE JA 304 134.42 138.16 69.31
C PHE JA 304 133.14 138.65 68.65
N LEU JA 305 132.63 139.81 69.09
CA LEU JA 305 131.33 140.28 68.64
C LEU JA 305 131.31 141.79 68.55
N ASN JA 306 130.78 142.31 67.44
CA ASN JA 306 130.56 143.75 67.26
C ASN JA 306 129.08 144.03 67.49
N ALA JA 307 128.78 145.09 68.24
CA ALA JA 307 127.43 145.30 68.72
C ALA JA 307 126.97 146.74 68.50
N ASP JA 308 125.65 146.92 68.63
CA ASP JA 308 124.94 148.19 68.71
C ASP JA 308 124.85 148.94 67.39
N GLY JA 309 125.57 148.48 66.36
CA GLY JA 309 125.28 148.92 65.01
C GLY JA 309 124.54 147.84 64.26
N GLU JA 310 125.10 146.63 64.37
CA GLU JA 310 124.46 145.39 63.96
C GLU JA 310 125.25 144.27 64.64
N LEU JA 311 124.59 143.52 65.52
CA LEU JA 311 125.31 142.60 66.40
C LEU JA 311 125.80 141.42 65.57
N THR JA 312 127.03 141.52 65.08
CA THR JA 312 127.65 140.51 64.24
C THR JA 312 128.85 139.90 64.95
N THR JA 313 129.19 138.68 64.56
CA THR JA 313 130.29 137.92 65.16
C THR JA 313 131.47 137.87 64.20
N ASN JA 314 132.65 138.22 64.70
CA ASN JA 314 133.88 138.07 63.92
C ASN JA 314 135.06 137.89 64.87
N ASP JA 315 136.13 137.27 64.35
CA ASP JA 315 137.32 137.04 65.15
C ASP JA 315 138.24 138.26 65.22
N ALA JA 316 138.03 139.26 64.36
CA ALA JA 316 138.82 140.48 64.38
C ALA JA 316 138.20 141.43 65.39
N SER JA 317 138.68 141.35 66.63
CA SER JA 317 138.12 142.15 67.71
C SER JA 317 138.41 143.63 67.51
N GLY JA 318 137.44 144.46 67.87
CA GLY JA 318 137.58 145.90 67.87
C GLY JA 318 137.82 146.45 69.25
N ALA JA 319 137.44 147.72 69.43
CA ALA JA 319 137.65 148.38 70.71
C ALA JA 319 136.56 148.07 71.73
N LEU JA 320 135.36 147.72 71.27
CA LEU JA 320 134.19 147.54 72.12
C LEU JA 320 133.58 146.16 71.91
N THR JA 321 134.40 145.12 71.95
CA THR JA 321 133.98 143.78 71.58
C THR JA 321 134.04 142.83 72.76
N GLN JA 322 133.15 141.85 72.77
CA GLN JA 322 133.10 140.80 73.78
C GLN JA 322 132.88 139.47 73.08
N ALA JA 323 133.17 138.38 73.79
CA ALA JA 323 133.07 137.04 73.22
C ALA JA 323 132.52 136.08 74.27
N THR JA 324 131.27 135.66 74.09
CA THR JA 324 130.66 134.62 74.91
C THR JA 324 129.36 134.18 74.26
N LEU JA 325 128.87 133.02 74.71
CA LEU JA 325 127.63 132.48 74.16
C LEU JA 325 126.43 133.35 74.52
N ASP JA 326 126.44 133.92 75.72
CA ASP JA 326 125.30 134.73 76.16
C ASP JA 326 125.11 135.95 75.27
N ASP JA 327 126.21 136.62 74.91
CA ASP JA 327 126.11 137.78 74.03
C ASP JA 327 125.56 137.39 72.67
N VAL JA 328 126.01 136.27 72.11
CA VAL JA 328 125.54 135.82 70.81
C VAL JA 328 124.05 135.47 70.87
N LEU JA 329 123.64 134.80 71.95
CA LEU JA 329 122.24 134.44 72.11
C LEU JA 329 121.38 135.69 72.27
N THR JA 330 121.90 136.70 72.99
CA THR JA 330 121.20 137.98 73.07
C THR JA 330 121.08 138.63 71.69
N SER JA 331 122.17 138.56 70.91
CA SER JA 331 122.13 139.09 69.55
C SER JA 331 121.03 138.42 68.74
N VAL JA 332 120.94 137.10 68.79
CA VAL JA 332 119.94 136.39 68.02
C VAL JA 332 118.54 136.71 68.54
N GLY JA 333 118.36 136.75 69.85
CA GLY JA 333 117.04 136.86 70.42
C GLY JA 333 116.57 138.26 70.78
N THR JA 334 117.48 139.21 70.98
CA THR JA 334 117.12 140.53 71.44
C THR JA 334 117.38 141.61 70.38
N GLU JA 335 118.61 141.72 69.90
CA GLU JA 335 119.00 142.78 68.98
C GLU JA 335 119.21 142.27 67.56
N ALA JA 336 118.50 141.20 67.19
CA ALA JA 336 118.62 140.68 65.83
C ALA JA 336 118.12 141.70 64.81
N ASN JA 337 116.98 142.33 65.09
CA ASN JA 337 116.36 143.33 64.23
C ASN JA 337 116.12 142.81 62.82
N SER JA 338 116.08 141.50 62.65
CA SER JA 338 115.90 140.87 61.35
C SER JA 338 115.67 139.39 61.57
N SER JA 339 115.55 138.65 60.47
CA SER JA 339 115.36 137.20 60.52
C SER JA 339 116.71 136.55 60.84
N VAL JA 340 116.95 136.32 62.13
CA VAL JA 340 118.18 135.72 62.61
C VAL JA 340 117.82 134.42 63.32
N THR JA 341 118.53 133.35 62.96
CA THR JA 341 118.27 132.03 63.52
C THR JA 341 119.58 131.34 63.85
N ILE JA 342 119.49 130.32 64.70
CA ILE JA 342 120.63 129.48 65.06
C ILE JA 342 120.33 128.07 64.56
N GLY JA 343 121.19 127.56 63.68
CA GLY JA 343 121.02 126.24 63.11
C GLY JA 343 121.66 125.11 63.88
N GLY JA 344 122.20 125.38 65.07
CA GLY JA 344 122.87 124.34 65.83
C GLY JA 344 121.90 123.31 66.36
N THR JA 345 122.41 122.07 66.48
CA THR JA 345 121.67 120.95 67.04
C THR JA 345 120.37 120.69 66.28
N LYS JA 346 120.40 120.91 64.96
CA LYS JA 346 119.26 120.63 64.08
C LYS JA 346 118.01 121.37 64.53
N TYR JA 347 118.19 122.59 65.01
CA TYR JA 347 117.10 123.47 65.39
C TYR JA 347 117.22 124.79 64.63
N SER JA 348 116.19 125.62 64.73
CA SER JA 348 116.21 126.92 64.05
C SER JA 348 115.46 127.92 64.93
N HIS JA 349 116.22 128.62 65.77
CA HIS JA 349 115.65 129.63 66.67
C HIS JA 349 115.57 130.97 65.94
N SER JA 350 114.66 131.03 64.98
CA SER JA 350 114.48 132.23 64.18
C SER JA 350 113.93 133.36 65.05
N ALA JA 351 114.44 134.58 64.81
CA ALA JA 351 113.98 135.77 65.53
C ALA JA 351 112.77 136.32 64.78
N ALA JA 352 111.60 135.76 65.10
CA ALA JA 352 110.36 136.23 64.50
C ALA JA 352 110.10 137.69 64.83
N ASP JA 353 110.32 138.08 66.09
CA ASP JA 353 110.23 139.47 66.52
C ASP JA 353 111.46 139.82 67.32
N GLU JA 354 112.06 140.96 67.01
CA GLU JA 354 113.20 141.45 67.77
C GLU JA 354 112.74 142.26 68.98
N LEU JA 355 113.69 142.65 69.80
CA LEU JA 355 113.42 143.49 70.96
C LEU JA 355 113.85 144.92 70.67
N SER JA 356 112.88 145.82 70.58
CA SER JA 356 113.15 147.25 70.54
C SER JA 356 113.26 147.85 71.93
N TYR JA 357 113.45 147.00 72.95
CA TYR JA 357 113.53 147.33 74.37
C TYR JA 357 112.19 147.79 74.94
N THR JA 358 111.15 147.87 74.11
CA THR JA 358 109.79 148.11 74.56
C THR JA 358 108.85 146.98 74.18
N ALA JA 359 108.91 146.51 72.94
CA ALA JA 359 108.12 145.39 72.48
C ALA JA 359 108.89 144.10 72.67
N VAL JA 360 108.23 143.10 73.28
CA VAL JA 360 108.90 141.85 73.63
C VAL JA 360 109.33 141.12 72.36
N ALA JA 361 110.49 140.49 72.41
CA ALA JA 361 111.05 139.78 71.27
C ALA JA 361 110.52 138.35 71.22
N THR JA 362 110.65 137.74 70.03
CA THR JA 362 110.18 136.38 69.78
C THR JA 362 111.28 135.58 69.12
N THR JA 363 111.50 134.37 69.61
CA THR JA 363 112.52 133.45 69.09
C THR JA 363 111.88 132.10 68.77
N ALA JA 364 110.77 132.14 68.03
CA ALA JA 364 110.01 130.93 67.74
C ALA JA 364 110.88 129.90 67.02
N ASP JA 365 110.70 128.64 67.37
CA ASP JA 365 111.47 127.55 66.80
C ASP JA 365 110.54 126.38 66.48
N VAL JA 366 111.02 125.52 65.58
CA VAL JA 366 110.33 124.25 65.32
C VAL JA 366 110.70 123.31 66.45
N LEU JA 367 109.88 123.29 67.51
CA LEU JA 367 110.22 122.50 68.69
C LEU JA 367 110.03 121.01 68.45
N SER JA 368 108.88 120.62 67.88
CA SER JA 368 108.51 119.22 67.66
C SER JA 368 108.58 118.40 68.95
N ALA JA 369 108.61 119.09 70.10
CA ALA JA 369 108.75 118.43 71.38
C ALA JA 369 107.49 117.65 71.76
N MET JA 370 106.36 117.95 71.14
CA MET JA 370 105.08 117.31 71.46
C MET JA 370 104.82 116.23 70.42
N GLY JA 371 105.93 115.64 69.94
CA GLY JA 371 105.90 114.88 68.70
C GLY JA 371 105.14 113.56 68.79
N SER JA 372 105.23 112.89 69.94
CA SER JA 372 104.65 111.56 70.10
C SER JA 372 103.18 111.58 69.74
N SER JA 373 102.75 110.58 68.94
CA SER JA 373 101.36 110.52 68.53
C SER JA 373 100.44 110.27 69.72
N THR JA 374 100.87 109.43 70.66
CA THR JA 374 100.11 109.27 71.89
C THR JA 374 100.12 110.55 72.72
N ALA JA 375 101.21 111.32 72.67
CA ALA JA 375 101.21 112.62 73.33
C ALA JA 375 100.16 113.55 72.73
N VAL JA 376 100.06 113.58 71.40
CA VAL JA 376 99.06 114.43 70.77
C VAL JA 376 97.67 113.93 71.09
N SER JA 377 97.51 112.61 71.16
CA SER JA 377 96.22 112.05 71.57
C SER JA 377 95.85 112.49 72.98
N THR JA 378 96.82 112.51 73.89
CA THR JA 378 96.55 112.94 75.26
C THR JA 378 96.21 114.42 75.32
N VAL JA 379 96.95 115.25 74.57
CA VAL JA 379 96.72 116.69 74.65
C VAL JA 379 95.40 117.06 74.00
N THR JA 380 94.99 116.33 72.95
CA THR JA 380 93.67 116.57 72.38
C THR JA 380 92.57 115.90 73.18
N LEU JA 381 92.92 114.96 74.06
CA LEU JA 381 91.97 114.34 74.97
C LEU JA 381 91.85 115.12 76.28
N GLY JA 382 92.94 115.76 76.71
CA GLY JA 382 92.92 116.51 77.94
C GLY JA 382 92.85 118.02 77.72
N SER JA 383 92.47 118.42 76.51
CA SER JA 383 92.40 119.83 76.17
C SER JA 383 91.23 120.49 76.90
N GLY JA 384 91.29 121.82 76.96
CA GLY JA 384 90.24 122.60 77.59
C GLY JA 384 89.03 122.76 76.70
N ILE JA 385 88.45 123.96 76.67
CA ILE JA 385 87.33 124.23 75.78
C ILE JA 385 87.90 124.61 74.43
N THR JA 386 88.17 123.60 73.60
CA THR JA 386 88.87 123.78 72.34
C THR JA 386 88.03 123.26 71.18
N SER JA 387 88.52 123.50 69.97
CA SER JA 387 87.91 123.03 68.74
C SER JA 387 88.97 122.44 67.83
N ALA JA 388 89.82 121.59 68.39
CA ALA JA 388 90.91 120.99 67.63
C ALA JA 388 90.37 120.17 66.47
N ALA JA 389 91.06 120.25 65.33
CA ALA JA 389 90.60 119.64 64.10
C ALA JA 389 91.74 118.91 63.41
N VAL JA 390 91.39 117.85 62.68
CA VAL JA 390 92.37 116.99 62.02
C VAL JA 390 92.04 116.91 60.54
N THR JA 391 93.03 117.20 59.70
CA THR JA 391 92.98 116.91 58.27
C THR JA 391 93.85 115.68 58.05
N PHE JA 392 93.21 114.57 57.70
CA PHE JA 392 93.89 113.27 57.68
C PHE JA 392 93.80 112.59 56.32
N ALA JA 393 93.72 113.36 55.24
CA ALA JA 393 93.62 112.76 53.91
C ALA JA 393 94.14 113.74 52.87
N ILE JA 394 94.33 113.22 51.66
CA ILE JA 394 94.93 113.98 50.58
C ILE JA 394 93.85 114.70 49.80
N ALA JA 395 94.27 115.69 48.99
CA ALA JA 395 93.40 116.59 48.26
C ALA JA 395 92.19 115.91 47.61
N THR JA 396 92.40 114.75 46.98
CA THR JA 396 91.28 114.04 46.39
C THR JA 396 90.38 113.38 47.42
N THR JA 397 90.86 113.22 48.65
CA THR JA 397 90.05 112.70 49.74
C THR JA 397 90.04 113.65 50.94
N ASP JA 398 90.45 114.90 50.74
CA ASP JA 398 90.66 115.82 51.86
C ASP JA 398 89.37 116.06 52.61
N SER JA 399 89.50 116.25 53.92
CA SER JA 399 88.38 116.50 54.80
C SER JA 399 88.91 117.09 56.09
N ASN JA 400 88.01 117.29 57.06
CA ASN JA 400 88.40 117.77 58.37
C ASN JA 400 87.46 117.16 59.40
N ASN JA 401 88.01 116.81 60.56
CA ASN JA 401 87.26 116.22 61.65
C ASN JA 401 87.22 117.21 62.82
N THR JA 402 86.02 117.50 63.31
CA THR JA 402 85.83 118.37 64.46
C THR JA 402 85.09 117.62 65.55
N TRP JA 403 85.58 117.74 66.78
CA TRP JA 403 85.10 116.90 67.88
C TRP JA 403 84.94 117.73 69.15
N VAL JA 404 84.55 117.03 70.23
CA VAL JA 404 84.26 117.67 71.48
C VAL JA 404 85.54 118.29 72.06
N ASP JA 405 85.36 119.36 72.84
CA ASP JA 405 86.49 120.12 73.34
C ASP JA 405 87.47 119.27 74.12
N ASN JA 406 87.00 118.21 74.78
CA ASN JA 406 87.91 117.40 75.60
C ASN JA 406 87.63 115.91 75.52
N LYS JA 407 86.88 115.44 74.53
CA LYS JA 407 86.54 114.03 74.44
C LYS JA 407 87.10 113.33 73.21
N GLY JA 408 87.27 114.03 72.10
CA GLY JA 408 87.68 113.40 70.86
C GLY JA 408 86.55 112.86 70.03
N GLU JA 409 85.34 112.77 70.59
CA GLU JA 409 84.20 112.22 69.85
C GLU JA 409 83.73 113.22 68.81
N LEU JA 410 83.73 112.81 67.55
CA LEU JA 410 83.29 113.68 66.45
C LEU JA 410 81.78 113.83 66.52
N THR JA 411 81.31 115.03 66.84
CA THR JA 411 79.88 115.25 67.05
C THR JA 411 79.09 115.00 65.78
N ASP JA 412 79.59 115.46 64.64
CA ASP JA 412 78.87 115.36 63.38
C ASP JA 412 79.38 114.25 62.47
N ILE JA 413 80.36 113.48 62.91
CA ILE JA 413 80.93 112.40 62.11
C ILE JA 413 80.80 111.09 62.88
N GLN JA 414 80.23 110.09 62.24
CA GLN JA 414 80.01 108.78 62.84
C GLN JA 414 80.72 107.72 62.01
N THR JA 415 80.82 106.52 62.56
CA THR JA 415 81.37 105.36 61.87
C THR JA 415 80.34 104.26 61.83
N PHE JA 416 80.12 103.71 60.65
CA PHE JA 416 79.25 102.56 60.50
C PHE JA 416 80.02 101.30 60.90
N ASP JA 417 79.45 100.13 60.63
CA ASP JA 417 80.20 98.89 60.82
C ASP JA 417 81.34 98.74 59.83
N THR JA 418 81.38 99.57 58.78
CA THR JA 418 82.41 99.48 57.76
C THR JA 418 83.31 100.71 57.73
N SER JA 419 82.75 101.91 57.61
CA SER JA 419 83.54 103.11 57.42
C SER JA 419 82.83 104.29 58.08
N TYR JA 420 83.25 105.50 57.75
CA TYR JA 420 82.72 106.71 58.35
C TYR JA 420 81.53 107.23 57.54
N LYS JA 421 80.62 107.92 58.23
CA LYS JA 421 79.54 108.64 57.57
C LYS JA 421 78.91 109.56 58.61
N ILE JA 422 78.21 110.59 58.13
CA ILE JA 422 77.70 111.63 59.01
C ILE JA 422 76.30 111.29 59.51
N ASN JA 423 75.89 110.04 59.34
CA ASN JA 423 74.58 109.58 59.81
C ASN JA 423 74.72 109.00 61.21
N ALA JA 424 73.93 109.52 62.16
CA ALA JA 424 73.95 109.00 63.52
C ALA JA 424 73.46 107.56 63.58
N ASP JA 425 72.38 107.26 62.87
CA ASP JA 425 71.85 105.91 62.83
C ASP JA 425 71.18 105.68 61.48
N THR JA 426 71.43 104.50 60.90
CA THR JA 426 70.71 104.12 59.68
C THR JA 426 69.21 104.02 59.96
N GLY JA 427 68.85 103.26 60.99
CA GLY JA 427 67.47 103.22 61.45
C GLY JA 427 66.47 102.73 60.43
N GLU JA 428 66.79 101.67 59.70
CA GLU JA 428 65.84 101.12 58.75
C GLU JA 428 64.62 100.57 59.48
N VAL JA 429 63.48 100.63 58.81
CA VAL JA 429 62.20 100.27 59.41
C VAL JA 429 61.71 98.99 58.74
N THR JA 430 61.41 97.98 59.55
CA THR JA 430 60.93 96.70 59.06
C THR JA 430 59.50 96.51 59.51
N VAL JA 431 58.62 96.25 58.55
CA VAL JA 431 57.21 95.99 58.83
C VAL JA 431 56.98 94.49 58.82
N VAL JA 432 56.27 94.00 59.83
CA VAL JA 432 56.00 92.58 59.98
C VAL JA 432 54.59 92.30 59.48
N GLY JA 433 54.47 91.40 58.51
CA GLY JA 433 53.17 90.96 58.03
C GLY JA 433 52.34 90.36 59.14
N ASP JA 434 51.08 90.78 59.25
CA ASP JA 434 50.20 90.22 60.27
C ASP JA 434 49.74 88.82 59.89
N ASN JA 435 49.45 88.60 58.61
CA ASN JA 435 48.90 87.33 58.15
C ASN JA 435 49.97 86.24 57.98
N SER JA 436 51.24 86.60 58.02
CA SER JA 436 52.30 85.63 57.77
C SER JA 436 53.54 86.01 58.57
N ALA JA 437 54.42 85.03 58.78
CA ALA JA 437 55.67 85.29 59.46
C ALA JA 437 56.57 86.22 58.66
N THR JA 438 56.26 86.44 57.38
CA THR JA 438 57.06 87.31 56.54
C THR JA 438 57.12 88.72 57.12
N ALA JA 439 58.33 89.26 57.19
CA ALA JA 439 58.56 90.64 57.61
C ALA JA 439 58.99 91.44 56.39
N GLY JA 440 58.22 92.48 56.06
CA GLY JA 440 58.54 93.32 54.92
C GLY JA 440 59.62 94.33 55.24
N GLN JA 441 60.00 95.09 54.22
CA GLN JA 441 60.98 96.15 54.35
C GLN JA 441 60.27 97.48 54.15
N TYR JA 442 60.12 98.25 55.22
CA TYR JA 442 59.44 99.53 55.16
C TYR JA 442 60.49 100.65 55.01
N ALA JA 443 61.06 100.70 53.81
CA ALA JA 443 62.14 101.63 53.50
C ALA JA 443 62.18 101.82 51.99
N SER JA 444 63.29 102.40 51.49
CA SER JA 444 63.43 102.60 50.04
C SER JA 444 63.44 101.28 49.29
N ALA JA 445 63.86 100.19 49.94
CA ALA JA 445 63.75 98.88 49.31
C ALA JA 445 62.29 98.50 49.08
N ASP JA 446 61.41 98.90 50.00
CA ASP JA 446 59.96 98.85 49.82
C ASP JA 446 59.48 97.42 49.53
N GLY JA 447 59.66 96.57 50.53
CA GLY JA 447 59.11 95.23 50.50
C GLY JA 447 60.10 94.11 50.24
N ALA JA 448 61.38 94.41 50.12
CA ALA JA 448 62.38 93.35 49.99
C ALA JA 448 62.35 92.47 51.23
N LYS JA 449 62.35 91.16 51.02
CA LYS JA 449 62.29 90.22 52.14
C LYS JA 449 63.53 90.35 53.00
N VAL JA 450 63.32 90.40 54.31
CA VAL JA 450 64.42 90.53 55.28
C VAL JA 450 64.65 89.17 55.93
N LEU JA 451 65.91 88.78 56.05
CA LEU JA 451 66.28 87.50 56.63
C LEU JA 451 67.44 87.71 57.60
N VAL JA 452 67.45 86.90 58.66
CA VAL JA 452 68.50 86.98 59.67
C VAL JA 452 69.61 86.02 59.28
N GLY JA 453 70.80 86.57 59.05
CA GLY JA 453 71.93 85.78 58.61
C GLY JA 453 72.70 85.17 59.77
N SER JA 454 73.76 84.44 59.41
CA SER JA 454 74.64 83.82 60.40
C SER JA 454 75.37 84.91 61.17
N ASP JA 455 75.08 85.01 62.47
CA ASP JA 455 75.64 86.06 63.33
C ASP JA 455 75.35 87.45 62.77
N GLY JA 456 74.18 87.59 62.16
CA GLY JA 456 73.75 88.87 61.59
C GLY JA 456 72.50 89.35 62.29
N LYS JA 457 72.44 90.66 62.54
CA LYS JA 457 71.25 91.26 63.12
C LYS JA 457 70.04 91.04 62.21
N LEU JA 458 70.09 91.59 61.01
CA LEU JA 458 69.05 91.42 60.00
C LEU JA 458 69.55 91.99 58.69
N THR JA 459 69.20 91.33 57.59
CA THR JA 459 69.65 91.76 56.26
C THR JA 459 68.64 91.28 55.23
N THR JA 460 68.91 91.64 53.98
CA THR JA 460 68.02 91.32 52.87
C THR JA 460 68.39 90.03 52.15
N GLU JA 461 69.68 89.77 51.95
CA GLU JA 461 70.10 88.60 51.20
C GLU JA 461 69.82 87.33 52.00
N THR JA 462 69.40 86.29 51.27
CA THR JA 462 69.04 85.01 51.87
C THR JA 462 70.23 84.08 52.09
N THR JA 463 71.42 84.48 51.67
CA THR JA 463 72.59 83.60 51.72
C THR JA 463 73.75 84.31 52.41
N SER JA 464 74.67 83.50 52.93
CA SER JA 464 75.87 83.99 53.61
C SER JA 464 76.95 82.95 53.49
N ALA JA 465 78.18 83.35 53.83
CA ALA JA 465 79.33 82.45 53.71
C ALA JA 465 79.19 81.25 54.64
N GLY JA 466 79.75 80.13 54.21
CA GLY JA 466 79.64 78.88 54.95
C GLY JA 466 80.72 78.68 55.99
N ASP JA 467 81.95 79.07 55.66
CA ASP JA 467 83.08 79.08 56.59
C ASP JA 467 83.36 77.69 57.16
N LYS JA 468 83.77 76.78 56.26
CA LYS JA 468 84.40 75.52 56.64
C LYS JA 468 83.48 74.69 57.53
N THR JA 469 82.41 74.18 56.92
CA THR JA 469 81.43 73.35 57.63
C THR JA 469 82.10 72.45 58.66
N THR JA 470 81.63 72.52 59.90
CA THR JA 470 82.37 72.08 61.08
C THR JA 470 82.82 70.63 61.01
N ASP JA 471 81.87 69.69 60.99
CA ASP JA 471 82.18 68.26 60.97
C ASP JA 471 81.58 67.67 59.70
N PRO JA 472 82.33 67.66 58.61
CA PRO JA 472 81.78 67.18 57.33
C PRO JA 472 81.43 65.71 57.38
N LEU JA 473 82.32 64.91 57.98
CA LEU JA 473 82.10 63.47 58.05
C LEU JA 473 80.85 63.14 58.86
N LYS JA 474 80.63 63.86 59.97
CA LYS JA 474 79.45 63.60 60.80
C LYS JA 474 78.16 63.94 60.06
N THR JA 475 78.14 65.08 59.35
CA THR JA 475 76.98 65.43 58.55
C THR JA 475 76.74 64.40 57.45
N LEU JA 476 77.81 63.94 56.80
CA LEU JA 476 77.68 62.91 55.79
C LEU JA 476 77.14 61.61 56.38
N ASP JA 477 77.57 61.27 57.59
CA ASP JA 477 77.05 60.07 58.25
C ASP JA 477 75.57 60.22 58.56
N ALA JA 478 75.14 61.42 58.98
CA ALA JA 478 73.72 61.65 59.23
C ALA JA 478 72.92 61.51 57.94
N ALA JA 479 73.43 62.07 56.85
CA ALA JA 479 72.78 61.91 55.56
C ALA JA 479 72.71 60.43 55.16
N PHE JA 480 73.79 59.69 55.42
CA PHE JA 480 73.80 58.26 55.16
C PHE JA 480 72.73 57.55 55.96
N THR JA 481 72.59 57.90 57.23
CA THR JA 481 71.57 57.25 58.06
C THR JA 481 70.18 57.52 57.53
N LYS JA 482 69.89 58.76 57.16
CA LYS JA 482 68.57 59.08 56.63
C LYS JA 482 68.30 58.33 55.34
N LEU JA 483 69.25 58.36 54.40
CA LEU JA 483 69.06 57.72 53.12
C LEU JA 483 68.91 56.21 53.28
N ASP JA 484 69.73 55.60 54.14
CA ASP JA 484 69.64 54.16 54.34
C ASP JA 484 68.34 53.78 55.03
N LYS JA 485 67.86 54.61 55.95
CA LYS JA 485 66.57 54.37 56.57
C LYS JA 485 65.47 54.33 55.53
N LEU JA 486 65.43 55.34 54.66
CA LEU JA 486 64.37 55.38 53.65
C LEU JA 486 64.52 54.22 52.66
N THR JA 487 65.75 53.89 52.29
CA THR JA 487 65.99 52.78 51.37
C THR JA 487 65.55 51.46 51.98
N GLY JA 488 65.85 51.24 53.25
CA GLY JA 488 65.39 50.04 53.93
C GLY JA 488 63.89 49.97 54.04
N GLU JA 489 63.24 51.11 54.27
CA GLU JA 489 61.78 51.13 54.26
C GLU JA 489 61.25 50.73 52.90
N LEU JA 490 61.86 51.24 51.83
CA LEU JA 490 61.39 50.88 50.48
C LEU JA 490 61.61 49.40 50.20
N GLY JA 491 62.75 48.85 50.62
CA GLY JA 491 62.97 47.43 50.44
C GLY JA 491 61.96 46.58 51.19
N ALA JA 492 61.63 46.98 52.42
CA ALA JA 492 60.61 46.29 53.18
C ALA JA 492 59.27 46.37 52.47
N VAL JA 493 58.95 47.52 51.89
CA VAL JA 493 57.69 47.66 51.16
C VAL JA 493 57.69 46.78 49.92
N GLN JA 494 58.83 46.66 49.25
CA GLN JA 494 58.91 45.77 48.10
C GLN JA 494 58.66 44.32 48.51
N ASN JA 495 59.26 43.89 49.61
CA ASN JA 495 59.03 42.52 50.09
C ASN JA 495 57.56 42.31 50.45
N ARG JA 496 56.98 43.27 51.17
CA ARG JA 496 55.57 43.19 51.52
C ARG JA 496 54.70 43.11 50.28
N LEU JA 497 55.01 43.91 49.27
CA LEU JA 497 54.17 43.97 48.09
C LEU JA 497 54.27 42.69 47.26
N GLU JA 498 55.46 42.11 47.17
CA GLU JA 498 55.54 40.82 46.47
C GLU JA 498 54.82 39.72 47.25
N SER JA 499 54.87 39.77 48.58
CA SER JA 499 54.10 38.83 49.37
C SER JA 499 52.61 39.01 49.16
N THR JA 500 52.15 40.27 49.07
CA THR JA 500 50.75 40.53 48.76
C THR JA 500 50.40 40.00 47.37
N ILE JA 501 51.30 40.14 46.41
CA ILE JA 501 51.05 39.60 45.09
C ILE JA 501 50.82 38.09 45.17
N ALA JA 502 51.69 37.39 45.90
CA ALA JA 502 51.53 35.95 46.05
C ALA JA 502 50.21 35.61 46.75
N ASN JA 503 49.87 36.33 47.81
CA ASN JA 503 48.64 36.05 48.55
C ASN JA 503 47.42 36.29 47.69
N LEU JA 504 47.38 37.43 46.99
CA LEU JA 504 46.25 37.72 46.12
C LEU JA 504 46.13 36.72 44.99
N ASN JA 505 47.25 36.27 44.44
CA ASN JA 505 47.17 35.23 43.41
C ASN JA 505 46.59 33.94 43.98
N ASN JA 506 47.02 33.56 45.19
CA ASN JA 506 46.45 32.38 45.81
C ASN JA 506 44.94 32.52 46.01
N VAL JA 507 44.51 33.67 46.53
CA VAL JA 507 43.09 33.87 46.78
C VAL JA 507 42.32 33.93 45.46
N VAL JA 508 42.94 34.47 44.41
CA VAL JA 508 42.26 34.55 43.11
C VAL JA 508 42.03 33.14 42.56
N ASN JA 509 43.06 32.28 42.62
CA ASN JA 509 42.86 30.91 42.17
C ASN JA 509 41.81 30.21 43.01
N ASN JA 510 41.86 30.40 44.33
CA ASN JA 510 40.91 29.70 45.20
C ASN JA 510 39.48 30.17 44.95
N LEU JA 511 39.29 31.48 44.74
CA LEU JA 511 37.94 32.00 44.51
C LEU JA 511 37.45 31.64 43.11
N SER JA 512 38.35 31.57 42.13
CA SER JA 512 37.94 31.09 40.81
C SER JA 512 37.47 29.65 40.90
N SER JA 513 38.20 28.82 41.65
CA SER JA 513 37.76 27.45 41.87
C SER JA 513 36.43 27.40 42.61
N ALA JA 514 36.26 28.25 43.62
CA ALA JA 514 35.01 28.28 44.38
C ALA JA 514 33.83 28.65 43.48
N ARG JA 515 34.04 29.60 42.59
CA ARG JA 515 33.02 29.94 41.60
C ARG JA 515 32.76 28.75 40.68
N SER JA 516 33.81 28.02 40.31
CA SER JA 516 33.62 26.87 39.43
C SER JA 516 32.76 25.80 40.09
N ARG JA 517 33.00 25.51 41.37
CA ARG JA 517 32.18 24.50 42.05
C ARG JA 517 30.70 24.85 42.07
N ILE JA 518 30.34 26.12 41.92
CA ILE JA 518 28.96 26.56 42.02
C ILE JA 518 28.39 26.99 40.68
N GLN JA 519 29.13 27.80 39.92
CA GLN JA 519 28.51 28.47 38.78
C GLN JA 519 28.45 27.58 37.55
N ASP JA 520 29.61 27.15 37.03
CA ASP JA 520 29.61 26.47 35.75
C ASP JA 520 29.10 25.03 35.89
N ALA JA 521 28.82 24.42 34.75
CA ALA JA 521 28.22 23.09 34.68
C ALA JA 521 29.28 22.04 34.39
N ASP JA 522 29.03 20.83 34.88
CA ASP JA 522 29.89 19.68 34.61
C ASP JA 522 29.39 19.03 33.33
N TYR JA 523 30.26 19.01 32.31
CA TYR JA 523 29.84 18.53 30.99
C TYR JA 523 29.41 17.07 31.02
N ALA JA 524 29.99 16.27 31.93
CA ALA JA 524 29.65 14.86 31.97
C ALA JA 524 28.17 14.64 32.29
N THR JA 525 27.63 15.41 33.23
CA THR JA 525 26.22 15.29 33.55
C THR JA 525 25.36 15.95 32.48
N GLU JA 526 25.82 17.07 31.92
CA GLU JA 526 25.02 17.81 30.95
C GLU JA 526 24.81 17.02 29.68
N VAL JA 527 25.86 16.37 29.17
CA VAL JA 527 25.74 15.59 27.95
C VAL JA 527 24.79 14.41 28.15
N SER JA 528 24.92 13.73 29.29
CA SER JA 528 24.02 12.63 29.60
C SER JA 528 22.58 13.12 29.71
N ASN JA 529 22.37 14.27 30.33
CA ASN JA 529 21.02 14.82 30.43
C ASN JA 529 20.46 15.14 29.05
N MET JA 530 21.28 15.70 28.17
CA MET JA 530 20.84 15.98 26.81
C MET JA 530 20.45 14.70 26.09
N SER JA 531 21.26 13.65 26.23
CA SER JA 531 20.96 12.39 25.56
C SER JA 531 19.65 11.79 26.08
N LYS JA 532 19.46 11.81 27.40
CA LYS JA 532 18.22 11.29 27.96
C LYS JA 532 17.02 12.09 27.49
N ALA JA 533 17.16 13.41 27.43
CA ALA JA 533 16.06 14.25 26.96
C ALA JA 533 15.74 13.95 25.50
N GLN JA 534 16.77 13.74 24.67
CA GLN JA 534 16.53 13.43 23.27
C GLN JA 534 15.80 12.10 23.12
N ILE JA 535 16.25 11.08 23.85
CA ILE JA 535 15.56 9.78 23.78
C ILE JA 535 14.12 9.91 24.24
N LEU JA 536 13.91 10.64 25.33
CA LEU JA 536 12.55 10.86 25.81
C LEU JA 536 11.70 11.57 24.77
N GLN JA 537 12.29 12.52 24.04
CA GLN JA 537 11.51 13.28 23.07
C GLN JA 537 11.13 12.43 21.86
N GLN JA 538 12.07 11.61 21.36
CA GLN JA 538 11.70 10.69 20.28
C GLN JA 538 10.63 9.71 20.74
N ALA JA 539 10.77 9.17 21.95
CA ALA JA 539 9.74 8.26 22.45
C ALA JA 539 8.40 8.96 22.55
N GLY JA 540 8.40 10.21 23.03
CA GLY JA 540 7.16 10.95 23.14
C GLY JA 540 6.51 11.21 21.80
N THR JA 541 7.31 11.57 20.79
CA THR JA 541 6.75 11.79 19.47
C THR JA 541 6.13 10.52 18.91
N SER JA 542 6.83 9.39 19.03
CA SER JA 542 6.29 8.15 18.50
C SER JA 542 5.01 7.74 19.23
N VAL JA 543 5.02 7.80 20.56
CA VAL JA 543 3.86 7.38 21.32
C VAL JA 543 2.70 8.35 21.10
N LEU JA 544 2.98 9.63 20.85
CA LEU JA 544 1.91 10.56 20.50
C LEU JA 544 1.31 10.22 19.14
N ALA JA 545 2.15 9.81 18.19
CA ALA JA 545 1.61 9.35 16.91
C ALA JA 545 0.67 8.16 17.12
N GLN JA 546 1.10 7.19 17.92
CA GLN JA 546 0.21 6.06 18.19
C GLN JA 546 -1.04 6.50 18.98
N ALA JA 547 -0.92 7.49 19.85
CA ALA JA 547 -2.07 7.99 20.58
C ALA JA 547 -3.10 8.59 19.65
N ASN JA 548 -2.65 9.39 18.68
CA ASN JA 548 -3.56 9.91 17.66
C ASN JA 548 -4.09 8.80 16.76
N GLN JA 549 -3.38 7.68 16.64
CA GLN JA 549 -3.91 6.56 15.89
C GLN JA 549 -4.89 5.71 16.69
N VAL JA 550 -4.93 5.85 18.02
CA VAL JA 550 -5.90 5.08 18.81
C VAL JA 550 -7.34 5.31 18.36
N PRO JA 551 -7.82 6.55 18.18
CA PRO JA 551 -9.21 6.72 17.75
C PRO JA 551 -9.48 6.26 16.32
N GLN JA 552 -8.44 6.00 15.54
CA GLN JA 552 -8.65 5.48 14.19
C GLN JA 552 -9.38 4.15 14.21
N THR JA 553 -9.14 3.33 15.24
CA THR JA 553 -9.83 2.06 15.35
C THR JA 553 -11.33 2.24 15.45
N VAL JA 554 -11.78 3.35 16.04
CA VAL JA 554 -13.20 3.64 16.09
C VAL JA 554 -13.77 3.78 14.68
N LEU JA 555 -12.98 4.36 13.78
CA LEU JA 555 -13.39 4.51 12.39
C LEU JA 555 -13.14 3.23 11.61
N SER JA 556 -13.62 2.12 12.17
CA SER JA 556 -13.61 0.83 11.48
C SER JA 556 -15.01 0.26 11.35
N LEU JA 557 -15.78 0.25 12.44
CA LEU JA 557 -17.15 -0.21 12.39
C LEU JA 557 -18.04 0.92 11.87
N LEU JA 558 -18.83 0.62 10.85
CA LEU JA 558 -19.66 1.63 10.20
C LEU JA 558 -20.87 0.98 9.52
N ALA KA 2 8.92 28.27 -6.76
CA ALA KA 2 7.78 27.47 -6.36
C ALA KA 2 8.08 25.98 -6.49
N ALA KA 3 7.10 25.21 -6.96
CA ALA KA 3 7.24 23.75 -7.00
C ALA KA 3 7.72 23.26 -8.36
N VAL KA 4 8.55 24.04 -9.04
CA VAL KA 4 9.08 23.69 -10.34
C VAL KA 4 10.33 22.84 -10.15
N ILE KA 5 10.52 21.87 -11.05
CA ILE KA 5 11.70 21.01 -10.99
C ILE KA 5 12.53 21.04 -12.26
N ASN KA 6 11.97 21.46 -13.41
CA ASN KA 6 12.71 21.37 -14.66
C ASN KA 6 13.91 22.32 -14.67
N THR KA 7 13.85 23.38 -13.87
CA THR KA 7 15.01 24.22 -13.62
C THR KA 7 15.11 24.45 -12.11
N ASN KA 8 16.32 24.37 -11.58
CA ASN KA 8 16.57 24.59 -10.16
C ASN KA 8 17.47 25.81 -10.04
N TYR KA 9 16.84 26.97 -9.83
CA TYR KA 9 17.59 28.23 -9.78
C TYR KA 9 18.57 28.24 -8.62
N LEU KA 10 18.18 27.67 -7.48
CA LEU KA 10 19.09 27.63 -6.34
C LEU KA 10 20.35 26.86 -6.66
N SER KA 11 20.22 25.75 -7.37
CA SER KA 11 21.40 25.00 -7.78
C SER KA 11 22.30 25.83 -8.68
N LEU KA 12 21.71 26.60 -9.60
CA LEU KA 12 22.52 27.43 -10.48
C LEU KA 12 23.27 28.51 -9.70
N VAL KA 13 22.59 29.15 -8.74
CA VAL KA 13 23.26 30.16 -7.93
C VAL KA 13 24.40 29.54 -7.13
N ALA KA 14 24.15 28.38 -6.53
CA ALA KA 14 25.19 27.71 -5.75
C ALA KA 14 26.36 27.33 -6.64
N GLN KA 15 26.09 26.83 -7.85
CA GLN KA 15 27.17 26.47 -8.76
C GLN KA 15 27.98 27.69 -9.16
N ASN KA 16 27.32 28.82 -9.43
CA ASN KA 16 28.06 30.03 -9.80
C ASN KA 16 28.95 30.50 -8.65
N ASN KA 17 28.40 30.52 -7.43
CA ASN KA 17 29.22 30.94 -6.30
C ASN KA 17 30.37 29.96 -6.05
N LEU KA 18 30.12 28.67 -6.24
CA LEU KA 18 31.18 27.68 -6.09
C LEU KA 18 32.27 27.90 -7.14
N ASN KA 19 31.87 28.28 -8.35
CA ASN KA 19 32.86 28.57 -9.39
C ASN KA 19 33.70 29.78 -9.02
N LYS KA 20 33.07 30.81 -8.46
CA LYS KA 20 33.85 31.96 -7.99
C LYS KA 20 34.84 31.55 -6.90
N SER KA 21 34.38 30.74 -5.95
CA SER KA 21 35.26 30.27 -4.88
C SER KA 21 36.41 29.44 -5.44
N GLN KA 22 36.12 28.60 -6.44
CA GLN KA 22 37.15 27.76 -7.02
C GLN KA 22 38.17 28.58 -7.78
N SER KA 23 37.73 29.65 -8.47
CA SER KA 23 38.67 30.53 -9.13
C SER KA 23 39.58 31.22 -8.10
N SER KA 24 39.00 31.68 -6.99
CA SER KA 24 39.81 32.28 -5.95
C SER KA 24 40.83 31.28 -5.39
N LEU KA 25 40.38 30.04 -5.17
CA LEU KA 25 41.28 29.01 -4.67
C LEU KA 25 42.40 28.72 -5.67
N GLY KA 26 42.07 28.69 -6.96
CA GLY KA 26 43.08 28.46 -7.97
C GLY KA 26 44.13 29.55 -7.97
N THR KA 27 43.69 30.82 -7.90
CA THR KA 27 44.66 31.91 -7.85
C THR KA 27 45.53 31.82 -6.60
N ALA KA 28 44.92 31.53 -5.45
CA ALA KA 28 45.68 31.42 -4.22
C ALA KA 28 46.70 30.28 -4.28
N ILE KA 29 46.28 29.14 -4.83
CA ILE KA 29 47.17 27.97 -4.91
C ILE KA 29 48.32 28.27 -5.87
N GLU KA 30 48.02 28.92 -6.99
CA GLU KA 30 49.08 29.27 -7.94
C GLU KA 30 50.09 30.21 -7.29
N ARG KA 31 49.61 31.23 -6.58
CA ARG KA 31 50.52 32.15 -5.93
C ARG KA 31 51.32 31.46 -4.83
N LEU KA 32 50.71 30.52 -4.10
CA LEU KA 32 51.43 29.80 -3.07
C LEU KA 32 52.53 28.93 -3.66
N SER KA 33 52.21 28.18 -4.71
CA SER KA 33 53.18 27.27 -5.30
C SER KA 33 54.31 28.02 -5.97
N SER KA 34 53.98 29.00 -6.81
CA SER KA 34 55.02 29.76 -7.50
C SER KA 34 55.77 30.68 -6.55
N GLY KA 35 55.10 31.21 -5.53
CA GLY KA 35 55.70 32.17 -4.64
C GLY KA 35 55.69 33.59 -5.14
N LEU KA 36 55.08 33.84 -6.30
CA LEU KA 36 55.04 35.17 -6.91
C LEU KA 36 53.61 35.66 -6.93
N ARG KA 37 53.38 36.84 -6.35
CA ARG KA 37 52.06 37.46 -6.46
C ARG KA 37 51.75 37.84 -7.90
N ILE KA 38 52.75 38.38 -8.61
CA ILE KA 38 52.56 38.82 -9.99
C ILE KA 38 52.98 37.65 -10.88
N ASN KA 39 52.03 36.77 -11.17
CA ASN KA 39 52.17 35.73 -12.17
C ASN KA 39 50.92 35.75 -13.03
N SER KA 40 51.07 35.33 -14.29
CA SER KA 40 49.93 35.30 -15.21
C SER KA 40 49.34 36.71 -15.37
N ALA KA 41 50.02 37.51 -16.19
CA ALA KA 41 49.88 38.97 -16.25
C ALA KA 41 48.46 39.50 -16.10
N LYS KA 42 47.45 38.65 -16.34
CA LYS KA 42 46.09 39.04 -16.00
C LYS KA 42 45.98 39.62 -14.59
N ASP KA 43 46.88 39.22 -13.69
CA ASP KA 43 46.97 39.80 -12.36
C ASP KA 43 48.06 40.86 -12.37
N ASP KA 44 47.67 42.12 -12.15
CA ASP KA 44 48.61 43.24 -12.05
C ASP KA 44 49.44 43.37 -13.32
N ALA KA 45 48.74 43.72 -14.41
CA ALA KA 45 49.37 43.75 -15.73
C ALA KA 45 50.60 44.66 -15.73
N ALA KA 46 50.46 45.90 -15.25
CA ALA KA 46 51.62 46.77 -15.14
C ALA KA 46 52.61 46.26 -14.10
N GLY KA 47 52.13 45.44 -13.16
CA GLY KA 47 53.02 44.89 -12.16
C GLY KA 47 54.12 44.04 -12.76
N MET KA 48 53.78 43.20 -13.73
CA MET KA 48 54.81 42.37 -14.35
C MET KA 48 55.72 43.18 -15.26
N ALA KA 49 55.21 44.27 -15.84
CA ALA KA 49 56.11 45.18 -16.56
C ALA KA 49 57.14 45.75 -15.61
N ILE KA 50 56.70 46.20 -14.43
CA ILE KA 50 57.63 46.72 -13.43
C ILE KA 50 58.60 45.63 -12.99
N ALA KA 51 58.09 44.42 -12.74
CA ALA KA 51 58.94 43.33 -12.29
C ALA KA 51 59.97 42.95 -13.36
N ASN KA 52 59.55 42.93 -14.62
CA ASN KA 52 60.46 42.63 -15.71
C ASN KA 52 61.57 43.67 -15.80
N ARG KA 53 61.20 44.95 -15.71
CA ARG KA 53 62.21 46.01 -15.72
C ARG KA 53 63.18 45.82 -14.56
N PHE KA 54 62.66 45.53 -13.37
CA PHE KA 54 63.53 45.37 -12.21
C PHE KA 54 64.44 44.16 -12.32
N THR KA 55 63.93 43.03 -12.83
CA THR KA 55 64.77 41.86 -13.01
C THR KA 55 65.89 42.15 -13.99
N ALA KA 56 65.55 42.71 -15.14
CA ALA KA 56 66.58 43.06 -16.12
C ALA KA 56 67.62 43.98 -15.49
N ASN KA 57 67.17 45.02 -14.79
CA ASN KA 57 68.11 45.98 -14.21
C ASN KA 57 69.00 45.34 -13.17
N VAL KA 58 68.41 44.59 -12.23
CA VAL KA 58 69.20 44.03 -11.14
C VAL KA 58 70.21 43.01 -11.65
N ARG KA 59 69.80 42.16 -12.60
CA ARG KA 59 70.74 41.13 -13.00
C ARG KA 59 71.75 41.64 -14.02
N GLY KA 60 71.39 42.65 -14.82
CA GLY KA 60 72.40 43.37 -15.56
C GLY KA 60 73.41 44.04 -14.65
N LEU KA 61 72.94 44.55 -13.50
CA LEU KA 61 73.86 45.16 -12.56
C LEU KA 61 74.76 44.13 -11.87
N THR KA 62 74.23 42.92 -11.63
CA THR KA 62 75.11 41.85 -11.14
C THR KA 62 76.18 41.51 -12.16
N GLN KA 63 75.79 41.42 -13.43
CA GLN KA 63 76.78 41.19 -14.48
C GLN KA 63 77.79 42.33 -14.54
N ALA KA 64 77.32 43.55 -14.32
CA ALA KA 64 78.20 44.72 -14.28
C ALA KA 64 79.18 44.64 -13.11
N ALA KA 65 78.71 44.16 -11.96
CA ALA KA 65 79.60 43.94 -10.84
C ALA KA 65 80.68 42.92 -11.19
N ARG KA 66 80.29 41.87 -11.91
CA ARG KA 66 81.28 40.90 -12.38
C ARG KA 66 82.30 41.56 -13.31
N ASN KA 67 81.82 42.41 -14.23
CA ASN KA 67 82.72 43.10 -15.15
C ASN KA 67 83.69 44.01 -14.41
N ALA KA 68 83.17 44.77 -13.44
CA ALA KA 68 84.02 45.66 -12.65
C ALA KA 68 85.04 44.86 -11.85
N ASN KA 69 84.62 43.71 -11.29
CA ASN KA 69 85.56 42.87 -10.57
C ASN KA 69 86.67 42.35 -11.48
N ASP KA 70 86.33 41.98 -12.72
CA ASP KA 70 87.36 41.58 -13.67
C ASP KA 70 88.29 42.74 -13.99
N GLY KA 71 87.76 43.95 -14.12
CA GLY KA 71 88.61 45.11 -14.29
C GLY KA 71 89.55 45.32 -13.11
N ILE KA 72 89.06 45.04 -11.91
CA ILE KA 72 89.90 45.14 -10.71
C ILE KA 72 91.10 44.20 -10.82
N SER KA 73 90.85 42.96 -11.23
CA SER KA 73 91.94 42.01 -11.36
C SER KA 73 92.90 42.43 -12.46
N LEU KA 74 92.38 42.98 -13.55
CA LEU KA 74 93.26 43.48 -14.61
C LEU KA 74 94.18 44.58 -14.09
N ALA KA 75 93.63 45.54 -13.35
CA ALA KA 75 94.44 46.59 -12.79
C ALA KA 75 95.44 46.04 -11.78
N GLN KA 76 95.04 45.02 -11.01
CA GLN KA 76 95.95 44.41 -10.05
C GLN KA 76 97.15 43.79 -10.76
N THR KA 77 96.89 43.04 -11.83
CA THR KA 77 97.98 42.40 -12.56
C THR KA 77 98.92 43.43 -13.16
N THR KA 78 98.36 44.48 -13.79
CA THR KA 78 99.21 45.50 -14.38
C THR KA 78 100.00 46.24 -13.31
N GLU KA 79 99.39 46.49 -12.14
CA GLU KA 79 100.10 47.15 -11.07
C GLU KA 79 101.25 46.30 -10.53
N GLY KA 80 101.03 44.99 -10.44
CA GLY KA 80 102.13 44.11 -10.02
C GLY KA 80 103.29 44.12 -11.01
N ALA KA 81 102.97 44.04 -12.30
CA ALA KA 81 104.04 44.11 -13.30
C ALA KA 81 104.77 45.45 -13.22
N ALA KA 82 104.02 46.55 -13.05
CA ALA KA 82 104.64 47.86 -12.92
C ALA KA 82 105.52 47.94 -11.68
N SER KA 83 105.11 47.30 -10.59
CA SER KA 83 105.93 47.28 -9.39
C SER KA 83 107.24 46.56 -9.63
N GLU KA 84 107.20 45.45 -10.38
CA GLU KA 84 108.43 44.77 -10.73
C GLU KA 84 109.33 45.65 -11.59
N VAL KA 85 108.75 46.36 -12.55
CA VAL KA 85 109.53 47.32 -13.33
C VAL KA 85 110.12 48.39 -12.42
N ASN KA 86 109.38 48.81 -11.40
CA ASN KA 86 109.87 49.81 -10.47
C ASN KA 86 111.09 49.30 -9.72
N THR KA 87 111.05 48.04 -9.27
CA THR KA 87 112.22 47.47 -8.62
C THR KA 87 113.41 47.43 -9.57
N HIS KA 88 113.16 47.09 -10.83
CA HIS KA 88 114.25 47.09 -11.81
C HIS KA 88 114.85 48.48 -11.96
N LEU KA 89 114.01 49.51 -12.04
CA LEU KA 89 114.53 50.88 -12.16
C LEU KA 89 115.30 51.29 -10.92
N GLN KA 90 114.84 50.89 -9.73
CA GLN KA 90 115.59 51.22 -8.52
C GLN KA 90 116.97 50.59 -8.55
N ARG KA 91 117.04 49.31 -8.93
CA ARG KA 91 118.33 48.65 -9.03
C ARG KA 91 119.23 49.35 -10.04
N ILE KA 92 118.67 49.69 -11.20
CA ILE KA 92 119.44 50.35 -12.24
C ILE KA 92 119.96 51.69 -11.75
N ARG KA 93 119.11 52.45 -11.04
CA ARG KA 93 119.54 53.75 -10.54
C ARG KA 93 120.67 53.63 -9.54
N GLU KA 94 120.56 52.71 -8.57
CA GLU KA 94 121.59 52.63 -7.55
C GLU KA 94 122.91 52.18 -8.16
N LEU KA 95 122.86 51.18 -9.05
CA LEU KA 95 124.12 50.74 -9.66
C LEU KA 95 124.63 51.77 -10.67
N THR KA 96 123.76 52.62 -11.21
CA THR KA 96 124.22 53.72 -12.05
C THR KA 96 124.96 54.76 -11.22
N VAL KA 97 124.46 55.04 -10.02
CA VAL KA 97 125.19 55.90 -9.09
C VAL KA 97 126.54 55.28 -8.79
N GLN KA 98 126.58 53.95 -8.63
CA GLN KA 98 127.85 53.27 -8.41
C GLN KA 98 128.79 53.45 -9.60
N ALA KA 99 128.27 53.28 -10.82
CA ALA KA 99 129.12 53.30 -12.01
C ALA KA 99 129.56 54.72 -12.36
N SER KA 100 128.81 55.73 -11.92
CA SER KA 100 129.18 57.11 -12.18
C SER KA 100 130.47 57.51 -11.46
N ASN KA 101 130.93 56.71 -10.51
CA ASN KA 101 132.18 56.99 -9.82
C ASN KA 101 133.34 56.84 -10.80
N GLY KA 102 134.35 57.69 -10.64
CA GLY KA 102 135.50 57.65 -11.52
C GLY KA 102 136.57 56.64 -11.15
N SER KA 103 136.45 56.00 -9.99
CA SER KA 103 137.46 55.06 -9.55
C SER KA 103 137.41 53.75 -10.34
N TYR KA 104 136.27 53.45 -10.97
CA TYR KA 104 136.11 52.17 -11.63
C TYR KA 104 136.82 52.16 -12.98
N SER KA 105 137.64 51.13 -13.19
CA SER KA 105 138.27 50.95 -14.49
C SER KA 105 137.24 50.43 -15.50
N GLN KA 106 137.68 50.29 -16.75
CA GLN KA 106 136.75 50.09 -17.85
C GLN KA 106 135.98 48.78 -17.74
N GLU KA 107 136.66 47.70 -17.34
CA GLU KA 107 136.03 46.38 -17.35
C GLU KA 107 134.96 46.26 -16.26
N GLN KA 108 135.17 46.93 -15.11
CA GLN KA 108 134.09 46.96 -14.12
C GLN KA 108 132.86 47.67 -14.68
N LEU KA 109 133.06 48.76 -15.42
CA LEU KA 109 131.94 49.40 -16.08
C LEU KA 109 131.31 48.48 -17.12
N ASP KA 110 132.11 47.64 -17.78
CA ASP KA 110 131.55 46.67 -18.73
C ASP KA 110 130.64 45.67 -18.03
N SER KA 111 131.07 45.17 -16.87
CA SER KA 111 130.22 44.26 -16.11
C SER KA 111 128.94 44.96 -15.64
N VAL KA 112 129.07 46.20 -15.18
CA VAL KA 112 127.90 46.95 -14.74
C VAL KA 112 126.94 47.14 -15.91
N GLN KA 113 127.47 47.47 -17.09
CA GLN KA 113 126.63 47.63 -18.26
C GLN KA 113 125.99 46.31 -18.68
N GLY KA 114 126.69 45.19 -18.49
CA GLY KA 114 126.07 43.91 -18.75
C GLY KA 114 124.87 43.67 -17.86
N GLU KA 115 125.00 44.02 -16.58
CA GLU KA 115 123.85 43.90 -15.68
C GLU KA 115 122.74 44.87 -16.06
N ILE KA 116 123.08 46.08 -16.51
CA ILE KA 116 122.07 47.03 -16.98
C ILE KA 116 121.32 46.45 -18.17
N ASN KA 117 122.05 45.85 -19.10
CA ASN KA 117 121.42 45.25 -20.27
C ASN KA 117 120.50 44.10 -19.86
N GLN KA 118 120.93 43.29 -18.89
CA GLN KA 118 120.06 42.23 -18.39
C GLN KA 118 118.78 42.79 -17.80
N ARG KA 119 118.89 43.84 -16.99
CA ARG KA 119 117.70 44.44 -16.38
C ARG KA 119 116.78 45.04 -17.45
N LEU KA 120 117.36 45.73 -18.43
CA LEU KA 120 116.55 46.32 -19.49
C LEU KA 120 115.84 45.25 -20.31
N ALA KA 121 116.55 44.16 -20.60
CA ALA KA 121 115.93 43.05 -21.32
C ALA KA 121 114.81 42.44 -20.51
N ASP KA 122 114.98 42.34 -19.20
CA ASP KA 122 113.90 41.82 -18.36
C ASP KA 122 112.71 42.76 -18.35
N ILE KA 123 112.96 44.07 -18.34
CA ILE KA 123 111.87 45.04 -18.41
C ILE KA 123 111.10 44.87 -19.71
N ASP KA 124 111.83 44.72 -20.83
CA ASP KA 124 111.16 44.51 -22.11
C ASP KA 124 110.40 43.19 -22.13
N ARG KA 125 110.94 42.16 -21.47
CA ARG KA 125 110.24 40.89 -21.36
C ARG KA 125 108.93 41.05 -20.60
N ILE KA 126 108.98 41.81 -19.49
CA ILE KA 126 107.76 42.10 -18.75
C ILE KA 126 106.76 42.82 -19.64
N SER KA 127 107.25 43.75 -20.46
CA SER KA 127 106.38 44.49 -21.35
C SER KA 127 105.69 43.57 -22.35
N GLU KA 128 106.45 42.66 -22.96
CA GLU KA 128 105.93 41.86 -24.06
C GLU KA 128 105.29 40.55 -23.62
N GLN KA 129 105.41 40.17 -22.34
CA GLN KA 129 104.94 38.87 -21.88
C GLN KA 129 103.86 38.92 -20.82
N THR KA 130 103.63 40.08 -20.20
CA THR KA 130 102.58 40.18 -19.18
C THR KA 130 101.22 40.08 -19.85
N ASP KA 131 100.52 38.98 -19.62
CA ASP KA 131 99.26 38.70 -20.30
C ASP KA 131 98.12 38.65 -19.29
N PHE KA 132 96.93 38.98 -19.79
CA PHE KA 132 95.69 38.81 -19.04
C PHE KA 132 94.59 38.51 -20.03
N ASN KA 133 94.06 37.29 -19.99
CA ASN KA 133 93.04 36.84 -20.93
C ASN KA 133 93.51 37.07 -22.37
N GLY KA 134 94.78 36.76 -22.63
CA GLY KA 134 95.33 36.94 -23.96
C GLY KA 134 95.42 38.39 -24.40
N VAL KA 135 95.70 39.31 -23.47
CA VAL KA 135 95.86 40.72 -23.79
C VAL KA 135 97.21 41.17 -23.26
N LYS KA 136 98.05 41.68 -24.15
CA LYS KA 136 99.35 42.21 -23.74
C LYS KA 136 99.14 43.56 -23.04
N VAL KA 137 98.68 43.52 -21.80
CA VAL KA 137 98.18 44.73 -21.15
C VAL KA 137 99.29 45.75 -20.97
N LEU KA 138 100.45 45.32 -20.50
CA LEU KA 138 101.55 46.24 -20.26
C LEU KA 138 102.53 46.25 -21.43
N SER KA 139 102.03 46.44 -22.64
CA SER KA 139 102.85 46.41 -23.84
C SER KA 139 102.68 47.70 -24.62
N ASP KA 140 103.36 47.77 -25.77
CA ASP KA 140 103.26 48.94 -26.63
C ASP KA 140 102.00 48.92 -27.49
N SER KA 141 101.26 47.82 -27.51
CA SER KA 141 99.99 47.72 -28.24
C SER KA 141 98.92 47.29 -27.24
N ALA KA 142 98.35 48.25 -26.53
CA ALA KA 142 97.28 47.96 -25.58
C ALA KA 142 96.37 49.20 -25.51
N LYS KA 143 95.31 49.19 -26.31
CA LYS KA 143 94.35 50.27 -26.24
C LYS KA 143 93.60 50.23 -24.92
N PRO KA 144 93.20 51.39 -24.40
CA PRO KA 144 92.44 51.41 -23.14
C PRO KA 144 91.12 50.65 -23.28
N LEU KA 145 90.72 49.99 -22.20
CA LEU KA 145 89.54 49.15 -22.23
C LEU KA 145 88.30 49.96 -21.85
N THR KA 146 87.15 49.29 -21.81
CA THR KA 146 85.88 49.93 -21.52
C THR KA 146 85.36 49.61 -20.13
N LEU KA 147 85.26 48.33 -19.76
CA LEU KA 147 84.68 47.91 -18.49
C LEU KA 147 83.27 48.45 -18.32
N GLN KA 148 82.38 48.02 -19.21
CA GLN KA 148 80.99 48.46 -19.17
C GLN KA 148 80.37 48.12 -17.82
N VAL KA 149 80.06 49.15 -17.04
CA VAL KA 149 79.51 49.00 -15.70
C VAL KA 149 78.11 49.59 -15.70
N GLY KA 150 77.14 48.78 -15.34
CA GLY KA 150 75.74 49.19 -15.28
C GLY KA 150 75.00 48.82 -16.55
N ALA KA 151 73.71 48.53 -16.39
CA ALA KA 151 72.85 48.32 -17.55
C ALA KA 151 72.63 49.64 -18.27
N ASN KA 152 71.87 49.58 -19.37
CA ASN KA 152 71.59 50.76 -20.18
C ASN KA 152 72.90 51.39 -20.67
N ASP KA 153 73.57 50.65 -21.55
CA ASP KA 153 74.93 50.95 -21.98
C ASP KA 153 75.07 52.40 -22.43
N GLY KA 154 76.30 52.89 -22.37
CA GLY KA 154 76.60 54.27 -22.71
C GLY KA 154 77.62 54.81 -21.73
N GLU KA 155 77.85 54.07 -20.66
CA GLU KA 155 78.81 54.43 -19.63
C GLU KA 155 79.85 53.33 -19.50
N THR KA 156 81.12 53.73 -19.44
CA THR KA 156 82.24 52.82 -19.34
C THR KA 156 83.26 53.39 -18.37
N ILE KA 157 84.37 52.68 -18.18
CA ILE KA 157 85.46 53.13 -17.34
C ILE KA 157 86.75 52.89 -18.12
N THR KA 158 87.26 53.92 -18.77
CA THR KA 158 88.49 53.77 -19.53
C THR KA 158 89.67 53.56 -18.59
N LEU KA 159 90.50 52.56 -18.90
CA LEU KA 159 91.67 52.24 -18.08
C LEU KA 159 92.87 53.11 -18.40
N ASN KA 160 93.14 53.33 -19.69
CA ASN KA 160 94.26 54.17 -20.14
C ASN KA 160 95.59 53.63 -19.59
N LEU KA 161 95.92 52.43 -20.05
CA LEU KA 161 97.17 51.77 -19.68
C LEU KA 161 97.85 51.23 -20.92
N SER KA 162 99.10 51.62 -21.14
CA SER KA 162 99.87 51.17 -22.29
C SER KA 162 101.27 51.80 -22.27
N GLU KA 163 102.18 51.20 -23.05
CA GLU KA 163 103.56 51.62 -23.24
C GLU KA 163 104.31 51.82 -21.91
N ILE KA 164 104.54 50.69 -21.25
CA ILE KA 164 105.65 50.58 -20.30
C ILE KA 164 106.62 49.56 -20.86
N SER KA 165 107.81 50.02 -21.25
CA SER KA 165 108.86 49.20 -21.85
C SER KA 165 110.08 50.09 -22.04
N VAL KA 166 111.19 49.47 -22.43
CA VAL KA 166 112.29 50.26 -22.94
C VAL KA 166 111.84 50.93 -24.23
N LYS KA 167 112.46 52.08 -24.55
CA LYS KA 167 112.13 52.91 -25.71
C LYS KA 167 110.84 53.69 -25.48
N THR KA 168 110.16 53.46 -24.36
CA THR KA 168 109.05 54.31 -23.95
C THR KA 168 109.17 54.83 -22.53
N LEU KA 169 109.93 54.17 -21.65
CA LEU KA 169 110.43 54.83 -20.46
C LEU KA 169 111.50 55.87 -20.78
N GLY KA 170 111.97 55.91 -22.02
CA GLY KA 170 112.87 56.93 -22.48
C GLY KA 170 114.32 56.52 -22.53
N LEU KA 171 114.69 55.44 -21.86
CA LEU KA 171 116.09 55.04 -21.82
C LEU KA 171 116.59 54.68 -23.21
N ASP KA 172 116.12 53.55 -23.74
CA ASP KA 172 116.22 53.18 -25.15
C ASP KA 172 117.67 53.00 -25.58
N GLY KA 173 118.61 53.53 -24.81
CA GLY KA 173 120.01 53.40 -25.11
C GLY KA 173 120.85 53.43 -23.85
N PHE KA 174 120.19 53.31 -22.69
CA PHE KA 174 120.82 53.66 -21.42
C PHE KA 174 122.15 52.94 -21.26
N ASN KA 175 123.19 53.72 -21.03
CA ASN KA 175 124.55 53.19 -21.18
C ASN KA 175 125.51 53.96 -20.29
N VAL KA 176 126.50 53.24 -19.78
CA VAL KA 176 127.54 53.83 -18.94
C VAL KA 176 128.92 53.74 -19.58
N ASN KA 177 129.14 52.83 -20.52
CA ASN KA 177 130.44 52.62 -21.16
C ASN KA 177 130.27 52.73 -22.68
N GLY KA 178 131.29 52.28 -23.42
CA GLY KA 178 131.24 52.37 -24.87
C GLY KA 178 130.06 51.64 -25.49
N LYS KA 179 129.80 50.42 -25.03
CA LYS KA 179 128.77 49.60 -25.67
C LYS KA 179 127.37 50.09 -25.30
N GLY KA 180 126.88 51.07 -26.05
CA GLY KA 180 125.58 51.65 -25.78
C GLY KA 180 124.74 51.88 -27.01
N VAL KA 181 124.84 50.98 -28.00
CA VAL KA 181 124.25 51.18 -29.32
C VAL KA 181 122.81 51.65 -29.24
N THR KA 182 122.52 52.79 -29.86
CA THR KA 182 121.22 53.41 -29.83
C THR KA 182 120.50 53.14 -31.16
N GLN KA 183 119.36 53.79 -31.36
CA GLN KA 183 118.53 53.60 -32.54
C GLN KA 183 118.52 54.86 -33.38
N ASN KA 184 118.64 54.70 -34.70
CA ASN KA 184 118.57 55.82 -35.62
C ASN KA 184 117.11 56.02 -36.05
N ARG KA 185 116.89 57.04 -36.87
CA ARG KA 185 115.55 57.40 -37.33
C ARG KA 185 115.49 57.28 -38.85
N SER KA 186 114.28 57.01 -39.35
CA SER KA 186 114.08 56.87 -40.78
C SER KA 186 114.48 58.16 -41.50
N ALA KA 187 115.24 58.01 -42.58
CA ALA KA 187 115.63 59.16 -43.37
C ALA KA 187 114.40 59.80 -44.01
N THR KA 188 114.34 61.13 -43.93
CA THR KA 188 113.20 61.88 -44.43
C THR KA 188 113.53 62.52 -45.77
N VAL KA 189 112.49 62.69 -46.59
CA VAL KA 189 112.67 63.36 -47.88
C VAL KA 189 113.21 64.77 -47.67
N THR KA 190 112.78 65.45 -46.61
CA THR KA 190 113.35 66.75 -46.29
C THR KA 190 114.83 66.63 -45.99
N ASP KA 191 115.23 65.61 -45.24
CA ASP KA 191 116.65 65.40 -44.99
C ASP KA 191 117.40 65.10 -46.29
N VAL KA 192 116.83 64.27 -47.15
CA VAL KA 192 117.51 63.94 -48.40
C VAL KA 192 117.75 65.20 -49.22
N ILE KA 193 116.76 66.10 -49.23
CA ILE KA 193 116.96 67.40 -49.88
C ILE KA 193 118.00 68.21 -49.13
N ALA KA 194 118.07 68.08 -47.80
CA ALA KA 194 118.89 68.98 -46.99
C ALA KA 194 120.37 68.84 -47.33
N GLN KA 195 120.86 67.62 -47.50
CA GLN KA 195 122.26 67.42 -47.89
C GLN KA 195 122.39 67.35 -49.42
N GLY KA 196 122.01 68.45 -50.06
CA GLY KA 196 122.22 68.61 -51.49
C GLY KA 196 121.48 67.61 -52.35
N GLY KA 197 120.23 67.29 -51.98
CA GLY KA 197 119.46 66.36 -52.78
C GLY KA 197 119.15 66.92 -54.16
N THR KA 198 119.36 66.08 -55.17
CA THR KA 198 119.10 66.44 -56.57
C THR KA 198 118.05 65.48 -57.12
N LEU KA 199 116.91 66.02 -57.52
CA LEU KA 199 115.82 65.18 -58.01
C LEU KA 199 116.15 64.60 -59.37
N GLN KA 200 115.68 63.37 -59.61
CA GLN KA 200 115.89 62.69 -60.88
C GLN KA 200 114.62 62.10 -61.47
N GLY KA 201 113.52 62.05 -60.73
CA GLY KA 201 112.29 61.46 -61.21
C GLY KA 201 111.20 61.45 -60.15
N ASP KA 202 110.54 60.30 -59.97
CA ASP KA 202 109.49 60.17 -58.97
C ASP KA 202 110.15 60.02 -57.60
N GLY KA 203 110.50 61.16 -57.02
CA GLY KA 203 111.16 61.19 -55.73
C GLY KA 203 112.52 60.52 -55.72
N THR KA 204 113.20 60.49 -56.86
CA THR KA 204 114.51 59.87 -56.98
C THR KA 204 115.57 60.94 -56.71
N TYR KA 205 116.28 60.80 -55.59
CA TYR KA 205 117.25 61.79 -55.16
C TYR KA 205 118.64 61.18 -55.10
N LYS KA 206 119.64 61.92 -55.56
CA LYS KA 206 121.03 61.48 -55.57
C LYS KA 206 121.85 62.46 -54.74
N ALA KA 207 122.25 62.02 -53.54
CA ALA KA 207 123.14 62.82 -52.70
C ALA KA 207 124.57 62.76 -53.24
N THR KA 208 125.26 63.89 -53.14
CA THR KA 208 126.62 64.01 -53.64
C THR KA 208 127.59 64.29 -52.49
N THR KA 209 128.83 63.85 -52.67
CA THR KA 209 129.90 64.17 -51.73
C THR KA 209 131.21 64.11 -52.51
N THR KA 210 131.73 65.26 -52.90
CA THR KA 210 132.99 65.29 -53.63
C THR KA 210 134.14 64.84 -52.72
N PHE KA 211 135.12 64.18 -53.32
CA PHE KA 211 136.26 63.63 -52.57
C PHE KA 211 137.61 64.10 -53.10
N ASN KA 212 137.64 65.14 -53.94
CA ASN KA 212 138.90 65.60 -54.50
C ASN KA 212 139.82 66.06 -53.38
N ALA KA 213 140.85 65.29 -53.10
CA ALA KA 213 141.67 65.48 -51.92
C ALA KA 213 143.02 64.80 -52.16
N ALA KA 214 143.77 64.55 -51.08
CA ALA KA 214 145.11 63.98 -51.12
C ALA KA 214 146.09 64.97 -51.76
N SER KA 215 146.14 66.17 -51.21
CA SER KA 215 147.10 67.18 -51.65
C SER KA 215 148.52 66.74 -51.30
N ALA KA 216 149.48 67.60 -51.65
CA ALA KA 216 150.88 67.27 -51.43
C ALA KA 216 151.19 67.06 -49.96
N GLU KA 217 150.62 67.89 -49.09
CA GLU KA 217 150.87 67.75 -47.66
C GLU KA 217 150.39 66.41 -47.13
N THR KA 218 149.18 66.01 -47.51
CA THR KA 218 148.62 64.78 -46.97
C THR KA 218 149.33 63.54 -47.50
N VAL KA 219 149.85 63.60 -48.73
CA VAL KA 219 150.56 62.44 -49.25
C VAL KA 219 151.99 62.40 -48.73
N LEU KA 220 152.58 63.56 -48.44
CA LEU KA 220 153.87 63.57 -47.78
C LEU KA 220 153.77 63.17 -46.32
N SER KA 221 152.59 63.30 -45.71
CA SER KA 221 152.41 62.90 -44.33
C SER KA 221 152.61 61.40 -44.13
N LYS KA 222 152.41 60.58 -45.17
CA LYS KA 222 152.56 59.14 -45.05
C LYS KA 222 153.61 58.63 -46.01
N LEU KA 223 154.76 59.31 -46.06
CA LEU KA 223 155.82 58.99 -47.02
C LEU KA 223 156.97 58.31 -46.30
N GLU KA 224 157.45 57.19 -46.87
CA GLU KA 224 158.64 56.53 -46.37
C GLU KA 224 159.53 56.03 -47.51
N ASP KA 225 159.21 56.36 -48.76
CA ASP KA 225 160.00 55.88 -49.89
C ASP KA 225 160.39 57.03 -50.81
N GLY KA 226 160.92 56.70 -51.98
CA GLY KA 226 161.39 57.72 -52.90
C GLY KA 226 160.30 58.28 -53.79
N ASN KA 227 160.39 59.58 -54.06
CA ASN KA 227 159.49 60.28 -54.97
C ASN KA 227 160.31 60.85 -56.13
N THR KA 228 159.64 61.62 -56.99
CA THR KA 228 160.31 62.19 -58.14
C THR KA 228 159.64 63.51 -58.52
N VAL KA 229 160.41 64.38 -59.15
CA VAL KA 229 159.93 65.66 -59.66
C VAL KA 229 160.43 65.83 -61.08
N ALA KA 230 159.50 66.05 -62.01
CA ALA KA 230 159.85 66.27 -63.41
C ALA KA 230 159.10 67.50 -63.91
N VAL KA 231 159.84 68.45 -64.48
CA VAL KA 231 159.26 69.69 -64.99
C VAL KA 231 158.88 69.44 -66.44
N GLY KA 232 157.68 68.90 -66.64
CA GLY KA 232 157.24 68.56 -67.98
C GLY KA 232 158.14 67.51 -68.61
N GLY KA 233 158.57 67.77 -69.84
CA GLY KA 233 159.45 66.89 -70.58
C GLY KA 233 160.93 67.16 -70.41
N GLY KA 234 161.31 67.99 -69.45
CA GLY KA 234 162.70 68.34 -69.22
C GLY KA 234 163.40 67.38 -68.27
N ALA KA 235 164.36 67.92 -67.53
CA ALA KA 235 165.10 67.10 -66.58
C ALA KA 235 164.21 66.67 -65.42
N THR KA 236 164.60 65.59 -64.77
CA THR KA 236 163.83 64.99 -63.69
C THR KA 236 164.73 64.76 -62.47
N TYR KA 237 164.16 64.98 -61.29
CA TYR KA 237 164.88 64.80 -60.04
C TYR KA 237 164.11 63.85 -59.13
N THR KA 238 164.83 62.95 -58.46
CA THR KA 238 164.24 61.99 -57.54
C THR KA 238 164.82 62.19 -56.15
N TYR KA 239 163.97 62.04 -55.14
CA TYR KA 239 164.33 62.29 -53.76
C TYR KA 239 163.92 61.10 -52.90
N ASP KA 240 164.70 60.85 -51.85
CA ASP KA 240 164.45 59.72 -50.96
C ASP KA 240 164.44 60.21 -49.51
N ALA KA 241 163.37 59.88 -48.78
CA ALA KA 241 163.21 60.29 -47.39
C ALA KA 241 163.76 59.17 -46.51
N ALA KA 242 164.99 59.35 -46.02
CA ALA KA 242 165.61 58.35 -45.16
C ALA KA 242 164.83 58.19 -43.85
N LYS KA 243 164.79 59.24 -43.04
CA LYS KA 243 164.02 59.28 -41.81
C LYS KA 243 162.87 60.27 -41.90
N GLY KA 244 162.41 60.54 -43.12
CA GLY KA 244 161.59 61.70 -43.39
C GLY KA 244 162.37 62.90 -43.88
N ASN KA 245 163.69 62.86 -43.79
CA ASN KA 245 164.56 63.88 -44.37
C ASN KA 245 165.03 63.39 -45.73
N PHE KA 246 164.89 64.24 -46.74
CA PHE KA 246 165.08 63.82 -48.12
C PHE KA 246 166.55 63.83 -48.51
N THR KA 247 166.98 62.78 -49.22
CA THR KA 247 168.33 62.68 -49.75
C THR KA 247 168.24 62.52 -51.26
N TYR KA 248 169.08 63.25 -51.98
CA TYR KA 248 169.03 63.27 -53.44
C TYR KA 248 170.36 63.80 -53.95
N THR KA 249 170.46 63.91 -55.27
CA THR KA 249 171.69 64.35 -55.92
C THR KA 249 171.46 65.65 -56.69
N LYS KA 250 172.46 66.52 -56.65
CA LYS KA 250 172.47 67.74 -57.44
C LYS KA 250 173.79 67.80 -58.20
N THR KA 251 173.69 68.05 -59.51
CA THR KA 251 174.89 68.21 -60.33
C THR KA 251 175.47 69.60 -60.13
N VAL KA 252 176.80 69.67 -60.12
CA VAL KA 252 177.52 70.93 -60.03
C VAL KA 252 178.42 71.02 -61.25
N ASP KA 253 178.20 72.04 -62.08
CA ASP KA 253 178.95 72.19 -63.32
C ASP KA 253 178.79 73.62 -63.80
N THR KA 254 179.24 73.87 -65.03
CA THR KA 254 179.19 75.20 -65.64
C THR KA 254 178.80 75.03 -67.11
N THR KA 255 179.03 76.08 -67.90
CA THR KA 255 178.66 76.07 -69.30
C THR KA 255 179.85 76.20 -70.25
N VAL KA 256 181.03 76.56 -69.76
CA VAL KA 256 182.19 76.83 -70.61
C VAL KA 256 183.12 75.62 -70.54
N GLY KA 257 183.30 74.97 -71.69
CA GLY KA 257 184.20 73.82 -71.74
C GLY KA 257 185.65 74.20 -71.51
N ALA KA 258 186.06 75.38 -71.97
CA ALA KA 258 187.45 75.80 -71.84
C ALA KA 258 187.77 76.43 -70.50
N ASP KA 259 186.76 76.78 -69.69
CA ASP KA 259 186.99 77.42 -68.40
C ASP KA 259 185.94 76.94 -67.44
N VAL KA 260 186.35 76.15 -66.43
CA VAL KA 260 185.45 75.69 -65.39
C VAL KA 260 185.96 76.17 -64.04
N THR KA 261 186.65 77.31 -64.03
CA THR KA 261 187.06 77.90 -62.76
C THR KA 261 185.85 78.20 -61.90
N ALA KA 262 184.72 78.55 -62.53
CA ALA KA 262 183.48 78.73 -61.77
C ALA KA 262 183.01 77.42 -61.15
N LEU KA 263 183.27 76.28 -61.81
CA LEU KA 263 182.93 75.00 -61.22
C LEU KA 263 183.72 74.75 -59.94
N ALA KA 264 185.03 75.06 -59.97
CA ALA KA 264 185.84 74.92 -58.76
C ALA KA 264 185.38 75.90 -57.68
N ASN KA 265 185.05 77.13 -58.08
CA ASN KA 265 184.55 78.13 -57.14
C ASN KA 265 183.14 77.82 -56.66
N LYS KA 266 182.46 76.85 -57.27
CA LYS KA 266 181.22 76.30 -56.77
C LYS KA 266 181.43 75.16 -55.78
N ILE KA 267 182.36 74.25 -56.09
CA ILE KA 267 182.62 73.12 -55.20
C ILE KA 267 183.29 73.59 -53.91
N LYS KA 268 184.22 74.54 -54.02
CA LYS KA 268 185.01 74.95 -52.85
C LYS KA 268 184.16 75.46 -51.70
N PRO KA 269 183.20 76.38 -51.89
CA PRO KA 269 182.39 76.81 -50.74
C PRO KA 269 181.60 75.69 -50.10
N SER KA 270 181.17 74.70 -50.88
CA SER KA 270 180.42 73.58 -50.31
C SER KA 270 181.29 72.80 -49.33
N SER KA 271 182.57 72.62 -49.65
CA SER KA 271 183.47 71.92 -48.74
C SER KA 271 183.70 72.70 -47.46
N GLY KA 272 183.62 74.03 -47.52
CA GLY KA 272 183.83 74.88 -46.39
C GLY KA 272 185.05 75.77 -46.55
N THR KA 273 185.60 76.19 -45.42
CA THR KA 273 186.78 77.06 -45.40
C THR KA 273 187.99 76.36 -44.79
N ILE KA 274 187.88 75.88 -43.55
CA ILE KA 274 188.96 75.17 -42.88
C ILE KA 274 188.36 73.96 -42.18
N SER KA 275 188.91 72.78 -42.42
CA SER KA 275 188.45 71.56 -41.79
C SER KA 275 189.61 70.58 -41.74
N GLY KA 276 189.35 69.40 -41.17
CA GLY KA 276 190.40 68.43 -40.92
C GLY KA 276 190.45 67.28 -41.89
N SER KA 277 189.98 66.11 -41.47
CA SER KA 277 190.13 64.89 -42.26
C SER KA 277 189.25 64.95 -43.50
N TYR KA 278 189.89 64.88 -44.67
CA TYR KA 278 189.23 64.74 -45.96
C TYR KA 278 189.61 63.40 -46.56
N GLU KA 279 189.04 63.12 -47.74
CA GLU KA 279 189.42 61.96 -48.54
C GLU KA 279 189.56 62.38 -49.99
N ILE KA 280 190.65 61.95 -50.62
CA ILE KA 280 190.90 62.21 -52.03
C ILE KA 280 190.99 60.89 -52.75
N SER KA 281 190.23 60.74 -53.83
CA SER KA 281 190.20 59.52 -54.63
C SER KA 281 190.68 59.79 -56.05
N THR KA 282 191.68 60.65 -56.19
CA THR KA 282 192.24 60.95 -57.50
C THR KA 282 192.85 59.70 -58.11
N GLY KA 283 192.87 59.65 -59.43
CA GLY KA 283 193.28 58.45 -60.11
C GLY KA 283 192.17 57.41 -60.06
N LYS KA 284 192.41 56.28 -59.38
CA LYS KA 284 191.37 55.29 -59.24
C LYS KA 284 191.17 54.86 -57.78
N SER KA 285 192.26 54.72 -57.03
CA SER KA 285 192.19 54.16 -55.68
C SER KA 285 193.11 54.93 -54.74
N ALA KA 286 193.09 56.26 -54.82
CA ALA KA 286 193.89 57.08 -53.92
C ALA KA 286 193.47 56.86 -52.47
N SER KA 287 192.23 57.20 -52.16
CA SER KA 287 191.65 56.95 -50.83
C SER KA 287 192.49 57.59 -49.73
N PHE KA 288 192.85 58.86 -49.95
CA PHE KA 288 193.69 59.58 -49.00
C PHE KA 288 192.91 59.91 -47.73
N ASP KA 289 193.66 60.25 -46.68
CA ASP KA 289 193.11 60.80 -45.44
C ASP KA 289 193.91 62.07 -45.14
N VAL KA 290 193.50 63.17 -45.75
CA VAL KA 290 194.30 64.38 -45.77
C VAL KA 290 193.71 65.40 -44.79
N ASP KA 291 194.51 66.44 -44.50
CA ASP KA 291 194.11 67.54 -43.64
C ASP KA 291 194.45 68.84 -44.37
N ALA KA 292 193.44 69.51 -44.91
CA ALA KA 292 193.63 70.72 -45.70
C ALA KA 292 193.19 71.92 -44.88
N ALA KA 293 194.13 72.52 -44.18
CA ALA KA 293 193.92 73.81 -43.51
C ALA KA 293 194.32 74.93 -44.48
N GLY KA 294 193.56 75.03 -45.55
CA GLY KA 294 193.96 75.88 -46.67
C GLY KA 294 194.76 75.08 -47.67
N LYS KA 295 196.08 75.19 -47.60
CA LYS KA 295 196.96 74.36 -48.43
C LYS KA 295 196.80 72.89 -48.05
N ILE KA 296 196.84 72.02 -49.04
CA ILE KA 296 196.55 70.61 -48.83
C ILE KA 296 197.76 69.92 -48.23
N THR KA 297 197.55 69.18 -47.13
CA THR KA 297 198.61 68.44 -46.45
C THR KA 297 198.11 67.05 -46.09
N ILE KA 298 199.04 66.21 -45.66
CA ILE KA 298 198.75 64.87 -45.18
C ILE KA 298 199.13 64.81 -43.71
N GLY KA 299 198.56 63.84 -43.00
CA GLY KA 299 198.92 63.64 -41.62
C GLY KA 299 200.38 63.27 -41.45
N GLY KA 300 201.18 64.21 -40.97
CA GLY KA 300 202.59 63.98 -40.74
C GLY KA 300 203.53 64.58 -41.78
N ASN KA 301 203.02 65.08 -42.90
CA ASN KA 301 203.88 65.61 -43.95
C ASN KA 301 203.06 66.52 -44.85
N ALA KA 302 203.70 67.03 -45.90
CA ALA KA 302 203.05 67.86 -46.89
C ALA KA 302 202.44 66.97 -47.97
N ALA KA 303 201.88 67.58 -49.02
CA ALA KA 303 201.26 66.81 -50.10
C ALA KA 303 201.32 67.66 -51.37
N PHE KA 304 202.27 67.34 -52.24
CA PHE KA 304 202.39 67.99 -53.53
C PHE KA 304 201.50 67.27 -54.55
N LEU KA 305 201.58 67.67 -55.81
CA LEU KA 305 200.72 67.11 -56.85
C LEU KA 305 201.46 67.06 -58.17
N ASN KA 306 201.43 65.89 -58.80
CA ASN KA 306 201.98 65.69 -60.13
C ASN KA 306 200.84 65.58 -61.14
N ALA KA 307 200.99 66.22 -62.30
CA ALA KA 307 199.86 66.47 -63.19
C ALA KA 307 200.18 66.08 -64.62
N ASP KA 308 199.13 66.11 -65.44
CA ASP KA 308 199.15 66.04 -66.90
C ASP KA 308 199.45 64.65 -67.45
N GLY KA 309 199.83 63.72 -66.59
CA GLY KA 309 199.79 62.31 -66.96
C GLY KA 309 198.60 61.66 -66.30
N GLU KA 310 198.49 61.92 -64.99
CA GLU KA 310 197.32 61.62 -64.19
C GLU KA 310 197.47 62.41 -62.90
N LEU KA 311 196.55 63.35 -62.66
CA LEU KA 311 196.72 64.32 -61.57
C LEU KA 311 196.54 63.60 -60.24
N THR KA 312 197.65 63.16 -59.65
CA THR KA 312 197.67 62.42 -58.41
C THR KA 312 198.33 63.24 -57.32
N THR KA 313 198.08 62.85 -56.07
CA THR KA 313 198.62 63.54 -54.91
C THR KA 313 199.70 62.67 -54.27
N ASN KA 314 200.86 63.27 -54.02
CA ASN KA 314 201.96 62.56 -53.37
C ASN KA 314 202.85 63.59 -52.69
N ASP KA 315 203.46 63.18 -51.57
CA ASP KA 315 204.37 64.05 -50.84
C ASP KA 315 205.77 64.07 -51.42
N ALA KA 316 206.12 63.12 -52.29
CA ALA KA 316 207.43 63.09 -52.94
C ALA KA 316 207.35 63.99 -54.17
N SER KA 317 207.75 65.24 -54.00
CA SER KA 317 207.63 66.21 -55.07
C SER KA 317 208.60 65.90 -56.21
N GLY KA 318 208.15 66.17 -57.43
CA GLY KA 318 208.97 66.07 -58.61
C GLY KA 318 209.46 67.42 -59.08
N ALA KA 319 209.81 67.47 -60.38
CA ALA KA 319 210.30 68.72 -60.96
C ALA KA 319 209.16 69.68 -61.32
N LEU KA 320 207.96 69.18 -61.55
CA LEU KA 320 206.84 69.97 -62.04
C LEU KA 320 205.62 69.78 -61.13
N THR KA 321 205.81 69.92 -59.83
CA THR KA 321 204.77 69.64 -58.85
C THR KA 321 204.39 70.91 -58.09
N GLN KA 322 203.11 70.98 -57.70
CA GLN KA 322 202.57 72.08 -56.93
C GLN KA 322 201.72 71.50 -55.81
N ALA KA 323 201.45 72.32 -54.79
CA ALA KA 323 200.69 71.87 -53.63
C ALA KA 323 199.73 72.97 -53.18
N THR KA 324 198.44 72.76 -53.40
CA THR KA 324 197.40 73.63 -52.86
C THR KA 324 196.05 72.94 -53.03
N LEU KA 325 195.06 73.44 -52.30
CA LEU KA 325 193.71 72.88 -52.39
C LEU KA 325 193.11 73.10 -53.78
N ASP KA 326 193.39 74.26 -54.39
CA ASP KA 326 192.79 74.57 -55.68
C ASP KA 326 193.24 73.58 -56.75
N ASP KA 327 194.52 73.19 -56.74
CA ASP KA 327 194.99 72.21 -57.70
C ASP KA 327 194.32 70.87 -57.50
N VAL KA 328 194.13 70.45 -56.25
CA VAL KA 328 193.47 69.17 -55.98
C VAL KA 328 192.01 69.22 -56.43
N LEU KA 329 191.33 70.33 -56.16
CA LEU KA 329 189.95 70.47 -56.59
C LEU KA 329 189.83 70.48 -58.11
N THR KA 330 190.77 71.14 -58.79
CA THR KA 330 190.80 71.08 -60.24
C THR KA 330 191.03 69.66 -60.73
N SER KA 331 191.93 68.92 -60.07
CA SER KA 331 192.16 67.53 -60.41
C SER KA 331 190.88 66.72 -60.31
N VAL KA 332 190.15 66.89 -59.20
CA VAL KA 332 188.93 66.11 -58.98
C VAL KA 332 187.87 66.50 -60.00
N GLY KA 333 187.71 67.79 -60.25
CA GLY KA 333 186.61 68.27 -61.06
C GLY KA 333 186.89 68.47 -62.54
N THR KA 334 188.13 68.71 -62.91
CA THR KA 334 188.47 69.06 -64.28
C THR KA 334 189.26 67.97 -64.99
N GLU KA 335 190.40 67.55 -64.43
CA GLU KA 335 191.27 66.58 -65.09
C GLU KA 335 191.22 65.22 -64.40
N ALA KA 336 190.07 64.87 -63.81
CA ALA KA 336 189.93 63.57 -63.20
C ALA KA 336 190.03 62.46 -64.24
N ASN KA 337 189.36 62.65 -65.37
CA ASN KA 337 189.32 61.68 -66.47
C ASN KA 337 188.86 60.30 -66.03
N SER KA 338 188.19 60.22 -64.88
CA SER KA 338 187.70 58.96 -64.33
C SER KA 338 186.80 59.29 -63.16
N SER KA 339 186.32 58.25 -62.48
CA SER KA 339 185.46 58.40 -61.31
C SER KA 339 186.33 58.83 -60.13
N VAL KA 340 186.38 60.13 -59.90
CA VAL KA 340 187.16 60.72 -58.81
C VAL KA 340 186.22 61.52 -57.93
N THR KA 341 186.31 61.30 -56.61
CA THR KA 341 185.44 61.95 -55.66
C THR KA 341 186.23 62.38 -54.44
N ILE KA 342 185.63 63.26 -53.64
CA ILE KA 342 186.18 63.72 -52.38
C ILE KA 342 185.23 63.31 -51.28
N GLY KA 343 185.72 62.52 -50.33
CA GLY KA 343 184.92 62.04 -49.23
C GLY KA 343 184.93 62.90 -47.99
N GLY KA 344 185.55 64.07 -48.05
CA GLY KA 344 185.63 64.93 -46.88
C GLY KA 344 184.29 65.53 -46.52
N THR KA 345 184.10 65.73 -45.21
CA THR KA 345 182.87 66.32 -44.66
C THR KA 345 181.62 65.53 -45.05
N LYS KA 346 181.77 64.20 -45.10
CA LYS KA 346 180.64 63.29 -45.36
C LYS KA 346 179.92 63.64 -46.66
N TYR KA 347 180.68 64.02 -47.68
CA TYR KA 347 180.16 64.28 -49.00
C TYR KA 347 180.89 63.40 -50.01
N SER KA 348 180.43 63.42 -51.25
CA SER KA 348 181.09 62.66 -52.32
C SER KA 348 180.91 63.43 -53.62
N HIS KA 349 181.90 64.27 -53.94
CA HIS KA 349 181.86 65.07 -55.17
C HIS KA 349 182.47 64.27 -56.32
N SER KA 350 181.73 63.26 -56.73
CA SER KA 350 182.19 62.37 -57.79
C SER KA 350 182.27 63.11 -59.12
N ALA KA 351 183.31 62.81 -59.90
CA ALA KA 351 183.49 63.40 -61.23
C ALA KA 351 182.68 62.57 -62.22
N ALA KA 352 181.40 62.92 -62.34
CA ALA KA 352 180.53 62.23 -63.29
C ALA KA 352 181.02 62.42 -64.72
N ASP KA 353 181.46 63.63 -65.07
CA ASP KA 353 182.06 63.92 -66.35
C ASP KA 353 183.31 64.75 -66.13
N GLU KA 354 184.39 64.40 -66.83
CA GLU KA 354 185.63 65.17 -66.75
C GLU KA 354 185.62 66.27 -67.80
N LEU KA 355 186.63 67.13 -67.74
CA LEU KA 355 186.79 68.22 -68.69
C LEU KA 355 187.89 67.89 -69.68
N SER KA 356 187.50 67.63 -70.93
CA SER KA 356 188.44 67.50 -72.02
C SER KA 356 188.79 68.84 -72.65
N TYR KA 357 188.55 69.93 -71.92
CA TYR KA 357 188.77 71.33 -72.32
C TYR KA 357 187.79 71.77 -73.39
N THR KA 358 186.92 70.88 -73.89
CA THR KA 358 185.85 71.23 -74.80
C THR KA 358 184.48 70.90 -74.22
N ALA KA 359 184.30 69.69 -73.69
CA ALA KA 359 183.06 69.28 -73.06
C ALA KA 359 183.11 69.61 -71.58
N VAL KA 360 182.04 70.24 -71.07
CA VAL KA 360 182.02 70.72 -69.70
C VAL KA 360 182.02 69.54 -68.74
N ALA KA 361 182.75 69.69 -67.64
CA ALA KA 361 182.88 68.63 -66.65
C ALA KA 361 181.72 68.66 -65.65
N THR KA 362 181.50 67.53 -65.00
CA THR KA 362 180.41 67.37 -64.04
C THR KA 362 180.96 66.83 -62.73
N THR KA 363 180.56 67.46 -61.62
CA THR KA 363 181.00 67.08 -60.28
C THR KA 363 179.80 66.85 -59.38
N ALA KA 364 178.84 66.06 -59.87
CA ALA KA 364 177.60 65.83 -59.14
C ALA KA 364 177.87 65.23 -57.77
N ASP KA 365 177.07 65.64 -56.79
CA ASP KA 365 177.19 65.17 -55.42
C ASP KA 365 175.81 64.94 -54.85
N VAL KA 366 175.76 64.12 -53.79
CA VAL KA 366 174.54 63.93 -53.03
C VAL KA 366 174.38 65.13 -52.11
N LEU KA 367 173.63 66.13 -52.57
CA LEU KA 367 173.53 67.38 -51.82
C LEU KA 367 172.55 67.25 -50.65
N SER KA 368 171.37 66.70 -50.92
CA SER KA 368 170.29 66.62 -49.92
C SER KA 368 169.97 68.01 -49.35
N ALA KA 369 170.18 69.05 -50.16
CA ALA KA 369 169.95 70.41 -49.69
C ALA KA 369 168.47 70.67 -49.41
N MET KA 370 167.57 69.90 -50.03
CA MET KA 370 166.15 69.95 -49.72
C MET KA 370 165.75 68.83 -48.77
N GLY KA 371 166.65 68.49 -47.84
CA GLY KA 371 166.38 67.39 -46.92
C GLY KA 371 165.14 67.63 -46.08
N SER KA 372 164.89 68.88 -45.69
CA SER KA 372 163.72 69.19 -44.90
C SER KA 372 162.45 68.82 -45.66
N SER KA 373 161.54 68.13 -44.97
CA SER KA 373 160.30 67.69 -45.61
C SER KA 373 159.46 68.88 -46.05
N THR KA 374 159.44 69.96 -45.27
CA THR KA 374 158.69 71.14 -45.67
C THR KA 374 159.34 71.82 -46.87
N ALA KA 375 160.66 71.71 -47.02
CA ALA KA 375 161.31 72.24 -48.22
C ALA KA 375 160.82 71.52 -49.47
N VAL KA 376 160.72 70.19 -49.39
CA VAL KA 376 160.19 69.43 -50.53
C VAL KA 376 158.73 69.77 -50.77
N SER KA 377 157.95 69.93 -49.69
CA SER KA 377 156.55 70.31 -49.85
C SER KA 377 156.42 71.66 -50.55
N THR KA 378 157.29 72.61 -50.19
CA THR KA 378 157.23 73.93 -50.82
C THR KA 378 157.66 73.86 -52.28
N VAL KA 379 158.73 73.11 -52.57
CA VAL KA 379 159.21 73.09 -53.94
C VAL KA 379 158.22 72.36 -54.85
N THR KA 380 157.54 71.33 -54.33
CA THR KA 380 156.50 70.68 -55.13
C THR KA 380 155.20 71.45 -55.14
N LEU KA 381 155.03 72.40 -54.20
CA LEU KA 381 153.86 73.28 -54.20
C LEU KA 381 154.10 74.54 -55.01
N GLY KA 382 155.33 75.02 -55.07
CA GLY KA 382 155.65 76.19 -55.86
C GLY KA 382 156.31 75.85 -57.17
N SER KA 383 156.20 74.58 -57.58
CA SER KA 383 156.81 74.13 -58.81
C SER KA 383 156.11 74.75 -60.02
N GLY KA 384 156.82 74.76 -61.15
CA GLY KA 384 156.29 75.31 -62.37
C GLY KA 384 155.32 74.36 -63.04
N ILE KA 385 155.43 74.23 -64.37
CA ILE KA 385 154.59 73.28 -65.09
C ILE KA 385 155.27 71.92 -65.03
N THR KA 386 155.01 71.18 -63.95
CA THR KA 386 155.71 69.95 -63.64
C THR KA 386 154.71 68.80 -63.51
N SER KA 387 155.27 67.59 -63.39
CA SER KA 387 154.50 66.36 -63.21
C SER KA 387 155.13 65.52 -62.12
N ALA KA 388 155.44 66.15 -60.98
CA ALA KA 388 156.09 65.46 -59.89
C ALA KA 388 155.21 64.34 -59.35
N ALA KA 389 155.85 63.24 -58.95
CA ALA KA 389 155.14 62.04 -58.49
C ALA KA 389 155.78 61.50 -57.23
N VAL KA 390 154.98 60.80 -56.44
CA VAL KA 390 155.41 60.25 -55.15
C VAL KA 390 155.11 58.76 -55.11
N THR KA 391 156.11 57.95 -54.78
CA THR KA 391 155.94 56.55 -54.44
C THR KA 391 156.16 56.42 -52.93
N PHE KA 392 155.14 55.94 -52.22
CA PHE KA 392 155.14 56.01 -50.76
C PHE KA 392 154.78 54.69 -50.09
N ALA KA 393 155.08 53.56 -50.71
CA ALA KA 393 154.77 52.27 -50.11
C ALA KA 393 155.73 51.21 -50.62
N ILE KA 394 155.71 50.06 -49.94
CA ILE KA 394 156.56 48.94 -50.31
C ILE KA 394 155.90 48.17 -51.45
N ALA KA 395 156.68 47.31 -52.10
CA ALA KA 395 156.28 46.61 -53.33
C ALA KA 395 154.93 45.92 -53.19
N THR KA 396 154.66 45.34 -52.02
CA THR KA 396 153.38 44.68 -51.79
C THR KA 396 152.21 45.66 -51.86
N THR KA 397 152.40 46.89 -51.41
CA THR KA 397 151.36 47.91 -51.46
C THR KA 397 151.77 49.13 -52.27
N ASP KA 398 152.74 48.99 -53.17
CA ASP KA 398 153.30 50.13 -53.89
C ASP KA 398 152.23 50.81 -54.75
N SER KA 399 152.37 52.12 -54.88
CA SER KA 399 151.48 52.93 -55.70
C SER KA 399 152.23 54.22 -56.07
N ASN KA 400 151.57 55.06 -56.85
CA ASN KA 400 152.19 56.31 -57.29
C ASN KA 400 151.10 57.38 -57.38
N ASN KA 401 151.46 58.60 -57.02
CA ASN KA 401 150.55 59.73 -57.02
C ASN KA 401 151.04 60.79 -57.98
N THR KA 402 150.16 61.24 -58.87
CA THR KA 402 150.46 62.33 -59.81
C THR KA 402 149.41 63.42 -59.64
N TRP KA 403 149.88 64.68 -59.63
CA TRP KA 403 149.04 65.80 -59.24
C TRP KA 403 149.32 67.01 -60.13
N VAL KA 404 148.63 68.11 -59.81
CA VAL KA 404 148.70 69.32 -60.60
C VAL KA 404 150.12 69.91 -60.55
N ASP KA 405 150.47 70.62 -61.63
CA ASP KA 405 151.82 71.13 -61.77
C ASP KA 405 152.25 72.00 -60.60
N ASN KA 406 151.31 72.71 -59.97
CA ASN KA 406 151.70 73.63 -58.90
C ASN KA 406 150.73 73.63 -57.72
N LYS KA 407 149.87 72.63 -57.58
CA LYS KA 407 148.90 72.62 -56.51
C LYS KA 407 149.05 71.48 -55.52
N GLY KA 408 149.56 70.32 -55.95
CA GLY KA 408 149.60 69.16 -55.09
C GLY KA 408 148.34 68.33 -55.08
N GLU KA 409 147.25 68.85 -55.64
CA GLU KA 409 145.98 68.13 -55.63
C GLU KA 409 146.04 67.00 -56.66
N LEU KA 410 145.84 65.77 -56.20
CA LEU KA 410 145.86 64.60 -57.08
C LEU KA 410 144.61 64.61 -57.95
N THR KA 411 144.81 64.80 -59.26
CA THR KA 411 143.67 64.92 -60.17
C THR KA 411 142.86 63.64 -60.21
N ASP KA 412 143.52 62.48 -60.24
CA ASP KA 412 142.85 61.20 -60.42
C ASP KA 412 142.73 60.40 -59.13
N ILE KA 413 143.32 60.85 -58.03
CA ILE KA 413 143.30 60.11 -56.78
C ILE KA 413 142.58 60.96 -55.73
N GLN KA 414 141.55 60.39 -55.13
CA GLN KA 414 140.70 61.09 -54.17
C GLN KA 414 140.74 60.37 -52.83
N THR KA 415 140.22 61.04 -51.80
CA THR KA 415 140.11 60.45 -50.46
C THR KA 415 138.65 60.49 -50.03
N PHE KA 416 138.15 59.35 -49.55
CA PHE KA 416 136.86 59.32 -48.90
C PHE KA 416 137.01 59.83 -47.47
N ASP KA 417 135.97 59.63 -46.66
CA ASP KA 417 136.11 59.89 -45.24
C ASP KA 417 137.06 58.92 -44.55
N THR KA 418 137.46 57.84 -45.23
CA THR KA 418 138.32 56.83 -44.63
C THR KA 418 139.70 56.76 -45.27
N SER KA 419 139.79 56.53 -46.58
CA SER KA 419 141.09 56.24 -47.19
C SER KA 419 141.07 56.73 -48.64
N TYR KA 420 142.06 56.32 -49.41
CA TYR KA 420 142.27 56.79 -50.78
C TYR KA 420 141.57 55.87 -51.77
N LYS KA 421 141.05 56.46 -52.85
CA LYS KA 421 140.50 55.72 -53.98
C LYS KA 421 140.31 56.71 -55.12
N ILE KA 422 140.13 56.17 -56.32
CA ILE KA 422 140.12 56.99 -57.54
C ILE KA 422 138.71 57.46 -57.88
N ASN KA 423 137.79 57.33 -56.94
CA ASN KA 423 136.40 57.74 -57.14
C ASN KA 423 136.24 59.19 -56.72
N ALA KA 424 135.73 60.03 -57.63
CA ALA KA 424 135.53 61.43 -57.31
C ALA KA 424 134.39 61.62 -56.31
N ASP KA 425 133.28 60.94 -56.53
CA ASP KA 425 132.13 61.04 -55.63
C ASP KA 425 131.37 59.72 -55.66
N THR KA 426 130.89 59.31 -54.48
CA THR KA 426 130.05 58.12 -54.41
C THR KA 426 128.78 58.30 -55.24
N GLY KA 427 128.09 59.42 -55.03
CA GLY KA 427 126.89 59.71 -55.80
C GLY KA 427 125.80 58.66 -55.69
N GLU KA 428 125.62 58.10 -54.51
CA GLU KA 428 124.56 57.13 -54.31
C GLU KA 428 123.21 57.79 -54.46
N VAL KA 429 122.23 57.03 -54.92
CA VAL KA 429 120.90 57.54 -55.25
C VAL KA 429 119.90 56.91 -54.30
N THR KA 430 119.18 57.74 -53.56
CA THR KA 430 118.16 57.28 -52.63
C THR KA 430 116.80 57.76 -53.11
N VAL KA 431 115.90 56.82 -53.37
CA VAL KA 431 114.56 57.12 -53.86
C VAL KA 431 113.60 57.17 -52.67
N VAL KA 432 112.75 58.18 -52.66
CA VAL KA 432 111.80 58.39 -51.58
C VAL KA 432 110.45 57.83 -51.99
N GLY KA 433 109.90 56.93 -51.19
CA GLY KA 433 108.57 56.41 -51.40
C GLY KA 433 107.54 57.52 -51.37
N ASP KA 434 106.65 57.55 -52.37
CA ASP KA 434 105.63 58.59 -52.40
C ASP KA 434 104.53 58.33 -51.37
N ASN KA 435 104.13 57.08 -51.21
CA ASN KA 435 103.01 56.74 -50.33
C ASN KA 435 103.40 56.64 -48.86
N SER KA 436 104.70 56.69 -48.54
CA SER KA 436 105.13 56.56 -47.16
C SER KA 436 106.40 57.39 -46.97
N ALA KA 437 106.67 57.75 -45.71
CA ALA KA 437 107.89 58.50 -45.41
C ALA KA 437 109.14 57.68 -45.67
N THR KA 438 109.00 56.36 -45.83
CA THR KA 438 110.14 55.50 -46.09
C THR KA 438 110.84 55.91 -47.38
N ALA KA 439 112.16 56.01 -47.32
CA ALA KA 439 112.99 56.28 -48.48
C ALA KA 439 113.79 55.03 -48.81
N GLY KA 440 113.65 54.55 -50.04
CA GLY KA 440 114.36 53.36 -50.48
C GLY KA 440 115.79 53.67 -50.86
N GLN KA 441 116.50 52.62 -51.28
CA GLN KA 441 117.87 52.73 -51.75
C GLN KA 441 117.90 52.40 -53.23
N TYR KA 442 118.13 53.40 -54.06
CA TYR KA 442 118.16 53.22 -55.52
C TYR KA 442 119.60 53.04 -55.97
N ALA KA 443 120.14 51.86 -55.64
CA ALA KA 443 121.54 51.54 -55.91
C ALA KA 443 121.68 50.03 -55.93
N SER KA 444 122.93 49.55 -55.85
CA SER KA 444 123.18 48.10 -55.82
C SER KA 444 122.55 47.46 -54.58
N ALA KA 445 122.41 48.21 -53.49
CA ALA KA 445 121.69 47.70 -52.33
C ALA KA 445 120.23 47.44 -52.66
N ASP KA 446 119.67 48.25 -53.57
CA ASP KA 446 118.37 47.99 -54.21
C ASP KA 446 117.24 47.88 -53.17
N GLY KA 447 117.00 49.00 -52.50
CA GLY KA 447 115.83 49.12 -51.64
C GLY KA 447 116.07 48.97 -50.16
N ALA KA 448 117.33 48.85 -49.73
CA ALA KA 448 117.61 48.80 -48.30
C ALA KA 448 117.16 50.09 -47.63
N LYS KA 449 116.47 49.96 -46.51
CA LYS KA 449 115.98 51.12 -45.79
C LYS KA 449 117.14 52.01 -45.36
N VAL KA 450 117.00 53.31 -45.62
CA VAL KA 450 118.03 54.30 -45.31
C VAL KA 450 117.61 55.08 -44.09
N LEU KA 451 118.55 55.29 -43.17
CA LEU KA 451 118.26 55.96 -41.91
C LEU KA 451 119.37 56.97 -41.62
N VAL KA 452 118.99 58.07 -40.99
CA VAL KA 452 119.95 59.11 -40.63
C VAL KA 452 120.46 58.82 -39.23
N GLY KA 453 121.77 58.59 -39.12
CA GLY KA 453 122.38 58.27 -37.85
C GLY KA 453 122.72 59.51 -37.04
N SER KA 454 123.26 59.27 -35.85
CA SER KA 454 123.69 60.36 -34.97
C SER KA 454 124.87 61.08 -35.60
N ASP KA 455 124.68 62.35 -35.94
CA ASP KA 455 125.68 63.16 -36.63
C ASP KA 455 126.13 62.48 -37.93
N GLY KA 456 125.18 61.84 -38.59
CA GLY KA 456 125.45 61.17 -39.86
C GLY KA 456 124.59 61.76 -40.96
N LYS KA 457 125.16 61.85 -42.16
CA LYS KA 457 124.40 62.32 -43.31
C LYS KA 457 123.22 61.40 -43.59
N LEU KA 458 123.52 60.15 -43.95
CA LEU KA 458 122.52 59.12 -44.20
C LEU KA 458 123.23 57.79 -44.37
N THR KA 459 122.63 56.72 -43.85
CA THR KA 459 123.23 55.40 -43.91
C THR KA 459 122.12 54.35 -43.91
N THR KA 460 122.53 53.09 -44.02
CA THR KA 460 121.59 51.97 -44.09
C THR KA 460 121.32 51.34 -42.74
N GLU KA 461 122.32 51.24 -41.87
CA GLU KA 461 122.14 50.60 -40.58
C GLU KA 461 121.25 51.47 -39.69
N THR KA 462 120.39 50.81 -38.93
CA THR KA 462 119.43 51.47 -38.05
C THR KA 462 119.98 51.83 -36.68
N THR KA 463 121.22 51.44 -36.38
CA THR KA 463 121.79 51.64 -35.06
C THR KA 463 123.16 52.29 -35.16
N SER KA 464 123.57 52.93 -34.07
CA SER KA 464 124.86 53.58 -33.98
C SER KA 464 125.30 53.60 -32.53
N ALA KA 465 126.56 53.95 -32.31
CA ALA KA 465 127.12 53.95 -30.96
C ALA KA 465 126.41 54.97 -30.07
N GLY KA 466 126.27 54.62 -28.80
CA GLY KA 466 125.56 55.47 -27.85
C GLY KA 466 126.43 56.53 -27.21
N ASP KA 467 127.68 56.17 -26.91
CA ASP KA 467 128.69 57.11 -26.42
C ASP KA 467 128.26 57.81 -25.13
N LYS KA 468 128.14 57.00 -24.06
CA LYS KA 468 128.09 57.50 -22.69
C LYS KA 468 126.93 58.48 -22.48
N THR KA 469 125.71 57.92 -22.50
CA THR KA 469 124.49 58.71 -22.33
C THR KA 469 124.67 59.83 -21.32
N THR KA 470 124.29 61.04 -21.73
CA THR KA 470 124.70 62.28 -21.07
C THR KA 470 124.39 62.32 -19.58
N ASP KA 471 123.09 62.35 -19.23
CA ASP KA 471 122.65 62.43 -17.84
C ASP KA 471 121.87 61.18 -17.52
N PRO KA 472 122.52 60.14 -17.00
CA PRO KA 472 121.82 58.88 -16.74
C PRO KA 472 120.75 59.02 -15.67
N LEU KA 473 121.12 59.68 -14.57
CA LEU KA 473 120.20 59.80 -13.44
C LEU KA 473 118.96 60.61 -13.82
N LYS KA 474 119.12 61.64 -14.65
CA LYS KA 474 117.97 62.43 -15.06
C LYS KA 474 117.01 61.62 -15.92
N THR KA 475 117.53 60.84 -16.87
CA THR KA 475 116.68 59.97 -17.67
C THR KA 475 115.99 58.95 -16.79
N LEU KA 476 116.71 58.39 -15.82
CA LEU KA 476 116.10 57.44 -14.90
C LEU KA 476 114.99 58.09 -14.08
N ASP KA 477 115.19 59.34 -13.67
CA ASP KA 477 114.16 60.06 -12.94
C ASP KA 477 112.93 60.31 -13.82
N ALA KA 478 113.14 60.62 -15.10
CA ALA KA 478 112.02 60.79 -16.01
C ALA KA 478 111.25 59.49 -16.17
N ALA KA 479 111.97 58.37 -16.30
CA ALA KA 479 111.32 57.07 -16.36
C ALA KA 479 110.55 56.78 -15.08
N PHE KA 480 111.13 57.15 -13.93
CA PHE KA 480 110.44 57.00 -12.66
C PHE KA 480 109.15 57.80 -12.64
N THR KA 481 109.20 59.04 -13.13
CA THR KA 481 108.00 59.87 -13.13
C THR KA 481 106.91 59.26 -14.00
N LYS KA 482 107.27 58.80 -15.19
CA LYS KA 482 106.27 58.19 -16.07
C LYS KA 482 105.67 56.93 -15.45
N LEU KA 483 106.52 56.06 -14.93
CA LEU KA 483 106.04 54.81 -14.34
C LEU KA 483 105.17 55.08 -13.12
N ASP KA 484 105.57 56.02 -12.27
CA ASP KA 484 104.79 56.34 -11.08
C ASP KA 484 103.47 56.99 -11.46
N LYS KA 485 103.45 57.81 -12.51
CA LYS KA 485 102.19 58.37 -12.98
C LYS KA 485 101.23 57.28 -13.40
N LEU KA 486 101.71 56.33 -14.21
CA LEU KA 486 100.82 55.26 -14.65
C LEU KA 486 100.38 54.39 -13.49
N THR KA 487 101.29 54.11 -12.55
CA THR KA 487 100.95 53.29 -11.38
C THR KA 487 99.90 53.98 -10.52
N GLY KA 488 100.05 55.28 -10.28
CA GLY KA 488 99.06 56.02 -9.53
C GLY KA 488 97.72 56.06 -10.22
N GLU KA 489 97.71 56.19 -11.55
CA GLU KA 489 96.46 56.11 -12.28
C GLU KA 489 95.80 54.75 -12.08
N LEU KA 490 96.59 53.67 -12.13
CA LEU KA 490 96.02 52.35 -11.94
C LEU KA 490 95.47 52.18 -10.52
N GLY KA 491 96.17 52.72 -9.52
CA GLY KA 491 95.64 52.68 -8.17
C GLY KA 491 94.35 53.44 -8.02
N ALA KA 492 94.25 54.61 -8.66
CA ALA KA 492 93.01 55.36 -8.66
C ALA KA 492 91.90 54.55 -9.32
N VAL KA 493 92.22 53.84 -10.40
CA VAL KA 493 91.23 53.00 -11.06
C VAL KA 493 90.78 51.86 -10.15
N GLN KA 494 91.72 51.26 -9.41
CA GLN KA 494 91.34 50.20 -8.48
C GLN KA 494 90.39 50.74 -7.41
N ASN KA 495 90.69 51.92 -6.89
CA ASN KA 495 89.79 52.53 -5.89
C ASN KA 495 88.42 52.80 -6.48
N ARG KA 496 88.37 53.37 -7.69
CA ARG KA 496 87.10 53.67 -8.32
C ARG KA 496 86.30 52.40 -8.56
N LEU KA 497 86.95 51.34 -9.03
CA LEU KA 497 86.25 50.10 -9.31
C LEU KA 497 85.75 49.41 -8.05
N GLU KA 498 86.51 49.43 -6.95
CA GLU KA 498 85.95 48.84 -5.75
C GLU KA 498 84.79 49.67 -5.20
N SER KA 499 84.85 50.99 -5.35
CA SER KA 499 83.71 51.82 -4.96
C SER KA 499 82.50 51.52 -5.83
N THR KA 500 82.71 51.30 -7.13
CA THR KA 500 81.62 50.91 -8.01
C THR KA 500 81.06 49.56 -7.61
N ILE KA 501 81.92 48.63 -7.19
CA ILE KA 501 81.43 47.34 -6.71
C ILE KA 501 80.50 47.54 -5.53
N ALA KA 502 80.91 48.38 -4.57
CA ALA KA 502 80.05 48.63 -3.42
C ALA KA 502 78.73 49.28 -3.83
N ASN KA 503 78.80 50.26 -4.73
CA ASN KA 503 77.59 50.96 -5.16
C ASN KA 503 76.64 50.03 -5.90
N LEU KA 504 77.18 49.24 -6.83
CA LEU KA 504 76.35 48.30 -7.57
C LEU KA 504 75.76 47.23 -6.66
N ASN KA 505 76.50 46.77 -5.67
CA ASN KA 505 75.93 45.82 -4.72
C ASN KA 505 74.78 46.45 -3.94
N ASN KA 506 74.95 47.70 -3.50
CA ASN KA 506 73.88 48.39 -2.81
C ASN KA 506 72.64 48.51 -3.68
N VAL KA 507 72.83 48.92 -4.94
CA VAL KA 507 71.69 49.08 -5.83
C VAL KA 507 71.05 47.73 -6.15
N VAL KA 508 71.87 46.68 -6.24
CA VAL KA 508 71.32 45.35 -6.50
C VAL KA 508 70.43 44.90 -5.35
N ASN KA 509 70.90 45.07 -4.11
CA ASN KA 509 70.06 44.71 -2.98
C ASN KA 509 68.79 45.54 -2.95
N ASN KA 510 68.91 46.85 -3.19
CA ASN KA 510 67.75 47.72 -3.13
C ASN KA 510 66.74 47.38 -4.22
N LEU KA 511 67.21 47.08 -5.43
CA LEU KA 511 66.30 46.73 -6.52
C LEU KA 511 65.70 45.35 -6.33
N SER KA 512 66.45 44.41 -5.75
CA SER KA 512 65.86 43.13 -5.41
C SER KA 512 64.74 43.30 -4.39
N SER KA 513 64.96 44.15 -3.39
CA SER KA 513 63.90 44.46 -2.44
C SER KA 513 62.72 45.13 -3.12
N ALA KA 514 62.98 46.07 -4.03
CA ALA KA 514 61.91 46.76 -4.74
C ALA KA 514 61.07 45.78 -5.55
N ARG KA 515 61.73 44.82 -6.20
CA ARG KA 515 61.02 43.77 -6.89
C ARG KA 515 60.20 42.93 -5.92
N SER KA 516 60.75 42.65 -4.73
CA SER KA 516 60.04 41.85 -3.75
C SER KA 516 58.75 42.53 -3.28
N ARG KA 517 58.80 43.84 -3.05
CA ARG KA 517 57.59 44.56 -2.64
C ARG KA 517 56.47 44.47 -3.66
N ILE KA 518 56.78 44.19 -4.92
CA ILE KA 518 55.79 44.21 -5.98
C ILE KA 518 55.52 42.81 -6.52
N GLN KA 519 56.58 42.04 -6.79
CA GLN KA 519 56.39 40.81 -7.58
C GLN KA 519 55.90 39.65 -6.73
N ASP KA 520 56.69 39.23 -5.74
CA ASP KA 520 56.35 38.01 -5.02
C ASP KA 520 55.21 38.26 -4.03
N ALA KA 521 54.66 37.16 -3.53
CA ALA KA 521 53.49 37.18 -2.66
C ALA KA 521 53.89 37.01 -1.20
N ASP KA 522 53.09 37.59 -0.32
CA ASP KA 522 53.27 37.43 1.11
C ASP KA 522 52.52 36.19 1.56
N TYR KA 523 53.26 35.19 2.04
CA TYR KA 523 52.65 33.90 2.36
C TYR KA 523 51.57 34.02 3.43
N ALA KA 524 51.69 35.00 4.33
CA ALA KA 524 50.71 35.13 5.40
C ALA KA 524 49.32 35.39 4.84
N THR KA 525 49.22 36.26 3.83
CA THR KA 525 47.91 36.52 3.23
C THR KA 525 47.49 35.38 2.32
N GLU KA 526 48.43 34.76 1.62
CA GLU KA 526 48.09 33.73 0.66
C GLU KA 526 47.54 32.49 1.34
N VAL KA 527 48.15 32.07 2.45
CA VAL KA 527 47.66 30.90 3.17
C VAL KA 527 46.27 31.15 3.71
N SER KA 528 46.03 32.34 4.26
CA SER KA 528 44.70 32.68 4.75
C SER KA 528 43.68 32.69 3.62
N ASN KA 529 44.07 33.22 2.45
CA ASN KA 529 43.17 33.22 1.31
C ASN KA 529 42.83 31.79 0.87
N MET KA 530 43.83 30.91 0.86
CA MET KA 530 43.59 29.51 0.52
C MET KA 530 42.63 28.87 1.51
N SER KA 531 42.82 29.13 2.80
CA SER KA 531 41.94 28.54 3.81
C SER KA 531 40.51 29.04 3.64
N LYS KA 532 40.34 30.34 3.43
CA LYS KA 532 39.00 30.88 3.22
C LYS KA 532 38.36 30.29 1.98
N ALA KA 533 39.13 30.14 0.91
CA ALA KA 533 38.60 29.55 -0.31
C ALA KA 533 38.17 28.11 -0.09
N GLN KA 534 38.96 27.35 0.67
CA GLN KA 534 38.60 25.96 0.95
C GLN KA 534 37.31 25.88 1.76
N ILE KA 535 37.19 26.71 2.79
CA ILE KA 535 35.96 26.72 3.58
C ILE KA 535 34.77 27.10 2.72
N LEU KA 536 34.93 28.13 1.88
CA LEU KA 536 33.86 28.56 1.00
C LEU KA 536 33.46 27.45 0.05
N GLN KA 537 34.43 26.73 -0.51
CA GLN KA 537 34.11 25.69 -1.48
C GLN KA 537 33.39 24.52 -0.82
N GLN KA 538 33.83 24.12 0.37
CA GLN KA 538 33.14 23.03 1.05
C GLN KA 538 31.72 23.42 1.42
N ALA KA 539 31.54 24.64 1.93
CA ALA KA 539 30.20 25.13 2.23
C ALA KA 539 29.35 25.16 0.97
N GLY KA 540 29.93 25.60 -0.15
CA GLY KA 540 29.20 25.63 -1.40
C GLY KA 540 28.78 24.25 -1.86
N THR KA 541 29.66 23.26 -1.70
CA THR KA 541 29.30 21.90 -2.08
C THR KA 541 28.15 21.38 -1.23
N SER KA 542 28.21 21.61 0.08
CA SER KA 542 27.13 21.13 0.94
C SER KA 542 25.81 21.83 0.61
N VAL KA 543 25.83 23.15 0.45
CA VAL KA 543 24.60 23.87 0.18
C VAL KA 543 24.07 23.53 -1.21
N LEU KA 544 24.96 23.21 -2.16
CA LEU KA 544 24.51 22.72 -3.45
C LEU KA 544 23.82 21.37 -3.34
N ALA KA 545 24.36 20.48 -2.49
CA ALA KA 545 23.70 19.20 -2.28
C ALA KA 545 22.30 19.41 -1.73
N GLN KA 546 22.16 20.28 -0.73
CA GLN KA 546 20.82 20.54 -0.21
C GLN KA 546 19.94 21.29 -1.21
N ALA KA 547 20.52 22.12 -2.07
CA ALA KA 547 19.74 22.79 -3.10
C ALA KA 547 19.16 21.79 -4.08
N ASN KA 548 19.96 20.82 -4.50
CA ASN KA 548 19.43 19.72 -5.32
C ASN KA 548 18.46 18.85 -4.55
N GLN KA 549 18.58 18.82 -3.22
CA GLN KA 549 17.60 18.13 -2.39
C GLN KA 549 16.29 18.88 -2.27
N VAL KA 550 16.29 20.19 -2.49
CA VAL KA 550 15.07 20.99 -2.34
C VAL KA 550 13.91 20.47 -3.20
N PRO KA 551 14.06 20.23 -4.50
CA PRO KA 551 12.91 19.78 -5.30
C PRO KA 551 12.44 18.38 -4.96
N GLN KA 552 13.19 17.64 -4.13
CA GLN KA 552 12.72 16.33 -3.69
C GLN KA 552 11.42 16.43 -2.91
N THR KA 553 11.25 17.51 -2.13
CA THR KA 553 10.02 17.69 -1.37
C THR KA 553 8.80 17.76 -2.28
N VAL KA 554 8.99 18.23 -3.52
CA VAL KA 554 7.90 18.19 -4.49
C VAL KA 554 7.49 16.75 -4.75
N LEU KA 555 8.45 15.84 -4.79
CA LEU KA 555 8.15 14.42 -5.01
C LEU KA 555 7.73 13.76 -3.70
N SER KA 556 6.78 14.39 -3.03
CA SER KA 556 6.17 13.82 -1.83
C SER KA 556 4.66 13.65 -1.98
N LEU KA 557 3.97 14.68 -2.45
CA LEU KA 557 2.54 14.56 -2.74
C LEU KA 557 2.35 13.94 -4.11
N LEU KA 558 1.54 12.89 -4.17
CA LEU KA 558 1.33 12.13 -5.40
C LEU KA 558 -0.01 11.45 -5.39
N ALA LA 2 -160.71 -26.25 -59.50
CA ALA LA 2 -162.04 -26.62 -59.03
C ALA LA 2 -161.96 -27.77 -58.05
N ALA LA 3 -162.53 -28.91 -58.42
CA ALA LA 3 -162.50 -30.12 -57.61
C ALA LA 3 -161.83 -31.26 -58.38
N VAL LA 4 -160.81 -30.93 -59.16
CA VAL LA 4 -160.13 -31.92 -59.99
C VAL LA 4 -159.27 -32.82 -59.13
N ILE LA 5 -159.19 -34.09 -59.53
CA ILE LA 5 -158.33 -35.06 -58.87
C ILE LA 5 -157.36 -35.73 -59.82
N ASN LA 6 -157.63 -35.72 -61.14
CA ASN LA 6 -156.70 -36.32 -62.09
C ASN LA 6 -155.37 -35.58 -62.10
N THR LA 7 -155.41 -34.25 -62.06
CA THR LA 7 -154.21 -33.42 -62.09
C THR LA 7 -154.18 -32.51 -60.87
N ASN LA 8 -152.99 -32.34 -60.30
CA ASN LA 8 -152.79 -31.47 -59.14
C ASN LA 8 -151.68 -30.48 -59.50
N TYR LA 9 -152.08 -29.27 -59.89
CA TYR LA 9 -151.11 -28.26 -60.30
C TYR LA 9 -150.20 -27.86 -59.14
N LEU LA 10 -150.76 -27.79 -57.93
CA LEU LA 10 -149.97 -27.38 -56.77
C LEU LA 10 -148.82 -28.34 -56.52
N SER LA 11 -149.08 -29.65 -56.66
CA SER LA 11 -148.01 -30.63 -56.49
C SER LA 11 -146.90 -30.42 -57.50
N LEU LA 12 -147.25 -30.12 -58.76
CA LEU LA 12 -146.24 -29.89 -59.78
C LEU LA 12 -145.41 -28.65 -59.47
N VAL LA 13 -146.08 -27.57 -59.03
CA VAL LA 13 -145.35 -26.36 -58.68
C VAL LA 13 -144.39 -26.63 -57.52
N ALA LA 14 -144.88 -27.35 -56.52
CA ALA LA 14 -144.03 -27.70 -55.38
C ALA LA 14 -142.84 -28.54 -55.83
N GLN LA 15 -143.07 -29.50 -56.73
CA GLN LA 15 -141.97 -30.33 -57.22
C GLN LA 15 -140.93 -29.49 -57.96
N ASN LA 16 -141.37 -28.55 -58.79
CA ASN LA 16 -140.42 -27.72 -59.52
C ASN LA 16 -139.60 -26.86 -58.58
N ASN LA 17 -140.26 -26.24 -57.58
CA ASN LA 17 -139.50 -25.42 -56.63
C ASN LA 17 -138.56 -26.29 -55.80
N LEU LA 18 -138.99 -27.49 -55.44
CA LEU LA 18 -138.13 -28.42 -54.73
C LEU LA 18 -136.91 -28.77 -55.57
N ASN LA 19 -137.10 -29.01 -56.86
CA ASN LA 19 -135.97 -29.33 -57.74
C ASN LA 19 -134.99 -28.17 -57.83
N LYS LA 20 -135.51 -26.94 -57.96
CA LYS LA 20 -134.62 -25.78 -58.01
C LYS LA 20 -133.83 -25.64 -56.71
N SER LA 21 -134.51 -25.78 -55.57
CA SER LA 21 -133.82 -25.69 -54.29
C SER LA 21 -132.79 -26.80 -54.13
N GLN LA 22 -133.12 -28.01 -54.60
CA GLN LA 22 -132.18 -29.12 -54.52
C GLN LA 22 -130.96 -28.87 -55.38
N SER LA 23 -131.14 -28.29 -56.57
CA SER LA 23 -130.00 -27.96 -57.41
C SER LA 23 -129.11 -26.94 -56.73
N SER LA 24 -129.72 -25.92 -56.11
CA SER LA 24 -128.93 -24.94 -55.37
C SER LA 24 -128.17 -25.59 -54.23
N LEU LA 25 -128.83 -26.49 -53.50
CA LEU LA 25 -128.17 -27.20 -52.41
C LEU LA 25 -127.01 -28.04 -52.92
N GLY LA 26 -127.21 -28.71 -54.05
CA GLY LA 26 -126.13 -29.52 -54.61
C GLY LA 26 -124.93 -28.68 -55.00
N THR LA 27 -125.18 -27.52 -55.63
CA THR LA 27 -124.08 -26.63 -55.95
C THR LA 27 -123.35 -26.18 -54.69
N ALA LA 28 -124.10 -25.82 -53.64
CA ALA LA 28 -123.47 -25.40 -52.40
C ALA LA 28 -122.63 -26.52 -51.78
N ILE LA 29 -123.16 -27.74 -51.77
CA ILE LA 29 -122.43 -28.87 -51.20
C ILE LA 29 -121.17 -29.13 -51.99
N GLU LA 30 -121.25 -29.10 -53.33
CA GLU LA 30 -120.08 -29.36 -54.15
C GLU LA 30 -119.02 -28.29 -53.95
N ARG LA 31 -119.43 -27.02 -53.86
CA ARG LA 31 -118.47 -25.95 -53.60
C ARG LA 31 -117.82 -26.09 -52.24
N LEU LA 32 -118.60 -26.45 -51.22
CA LEU LA 32 -118.03 -26.68 -49.90
C LEU LA 32 -117.02 -27.82 -49.90
N SER LA 33 -117.39 -28.93 -50.54
CA SER LA 33 -116.53 -30.11 -50.51
C SER LA 33 -115.23 -29.85 -51.26
N SER LA 34 -115.32 -29.32 -52.47
CA SER LA 34 -114.10 -29.04 -53.24
C SER LA 34 -113.33 -27.87 -52.63
N GLY LA 35 -114.05 -26.85 -52.15
CA GLY LA 35 -113.41 -25.62 -51.74
C GLY LA 35 -113.13 -24.66 -52.87
N LEU LA 36 -113.45 -25.02 -54.11
CA LEU LA 36 -113.22 -24.19 -55.28
C LEU LA 36 -114.56 -23.68 -55.79
N ARG LA 37 -114.70 -22.35 -55.86
CA ARG LA 37 -115.92 -21.80 -56.43
C ARG LA 37 -116.02 -22.13 -57.91
N ILE LA 38 -114.91 -22.07 -58.64
CA ILE LA 38 -114.88 -22.40 -60.06
C ILE LA 38 -114.42 -23.84 -60.18
N ASN LA 39 -115.38 -24.75 -60.12
CA ASN LA 39 -115.20 -26.14 -60.51
C ASN LA 39 -116.40 -26.55 -61.34
N SER LA 40 -116.25 -27.62 -62.13
CA SER LA 40 -117.28 -28.02 -63.08
C SER LA 40 -117.59 -26.85 -64.03
N ALA LA 41 -116.61 -26.59 -64.90
CA ALA LA 41 -116.40 -25.32 -65.58
C ALA LA 41 -117.67 -24.67 -66.14
N LYS LA 42 -118.71 -25.47 -66.36
CA LYS LA 42 -119.99 -24.97 -66.88
C LYS LA 42 -120.46 -23.67 -66.20
N ASP LA 43 -120.03 -23.41 -64.97
CA ASP LA 43 -120.25 -22.12 -64.33
C ASP LA 43 -118.97 -21.30 -64.40
N ASP LA 44 -119.10 -20.05 -64.84
CA ASP LA 44 -117.97 -19.12 -64.96
C ASP LA 44 -116.85 -19.70 -65.82
N ALA LA 45 -117.19 -19.91 -67.11
CA ALA LA 45 -116.22 -20.45 -68.05
C ALA LA 45 -115.01 -19.54 -68.20
N ALA LA 46 -115.25 -18.23 -68.30
CA ALA LA 46 -114.14 -17.28 -68.35
C ALA LA 46 -113.32 -17.35 -67.08
N GLY LA 47 -113.98 -17.45 -65.93
CA GLY LA 47 -113.26 -17.63 -64.68
C GLY LA 47 -112.46 -18.91 -64.67
N MET LA 48 -113.01 -19.98 -65.26
CA MET LA 48 -112.27 -21.24 -65.34
C MET LA 48 -111.00 -21.07 -66.17
N ALA LA 49 -111.12 -20.40 -67.32
CA ALA LA 49 -109.93 -20.18 -68.16
C ALA LA 49 -108.90 -19.33 -67.42
N ILE LA 50 -109.36 -18.29 -66.71
CA ILE LA 50 -108.44 -17.43 -66.00
C ILE LA 50 -107.72 -18.20 -64.89
N ALA LA 51 -108.47 -19.02 -64.15
CA ALA LA 51 -107.87 -19.83 -63.10
C ALA LA 51 -106.87 -20.84 -63.67
N ASN LA 52 -107.20 -21.44 -64.82
CA ASN LA 52 -106.28 -22.37 -65.45
C ASN LA 52 -104.99 -21.67 -65.85
N ARG LA 53 -105.11 -20.47 -66.45
CA ARG LA 53 -103.93 -19.70 -66.81
C ARG LA 53 -103.09 -19.36 -65.58
N PHE LA 54 -103.75 -18.96 -64.50
CA PHE LA 54 -103.03 -18.63 -63.28
C PHE LA 54 -102.32 -19.84 -62.69
N THR LA 55 -102.97 -21.00 -62.71
CA THR LA 55 -102.34 -22.21 -62.20
C THR LA 55 -101.11 -22.55 -63.02
N ALA LA 56 -101.23 -22.50 -64.35
CA ALA LA 56 -100.09 -22.81 -65.20
C ALA LA 56 -98.95 -21.84 -64.94
N ASN LA 57 -99.26 -20.55 -64.82
CA ASN LA 57 -98.23 -19.56 -64.56
C ASN LA 57 -97.56 -19.79 -63.22
N VAL LA 58 -98.35 -20.16 -62.20
CA VAL LA 58 -97.81 -20.35 -60.86
C VAL LA 58 -96.86 -21.55 -60.83
N ARG LA 59 -97.26 -22.67 -61.43
CA ARG LA 59 -96.37 -23.82 -61.48
C ARG LA 59 -95.11 -23.50 -62.28
N GLY LA 60 -95.26 -22.79 -63.41
CA GLY LA 60 -94.10 -22.42 -64.19
C GLY LA 60 -93.14 -21.55 -63.40
N LEU LA 61 -93.66 -20.60 -62.63
CA LEU LA 61 -92.79 -19.71 -61.88
C LEU LA 61 -92.15 -20.40 -60.68
N THR LA 62 -92.86 -21.34 -60.05
CA THR LA 62 -92.23 -22.12 -58.99
C THR LA 62 -91.08 -22.96 -59.53
N GLN LA 63 -91.29 -23.62 -60.67
CA GLN LA 63 -90.20 -24.36 -61.30
C GLN LA 63 -89.09 -23.42 -61.72
N ALA LA 64 -89.44 -22.19 -62.10
CA ALA LA 64 -88.43 -21.19 -62.42
C ALA LA 64 -87.58 -20.84 -61.21
N ALA LA 65 -88.21 -20.67 -60.06
CA ALA LA 65 -87.47 -20.42 -58.83
C ALA LA 65 -86.54 -21.58 -58.52
N ARG LA 66 -87.01 -22.80 -58.72
CA ARG LA 66 -86.15 -23.96 -58.55
C ARG LA 66 -84.95 -23.91 -59.49
N ASN LA 67 -85.19 -23.57 -60.76
CA ASN LA 67 -84.10 -23.49 -61.74
C ASN LA 67 -83.09 -22.43 -61.36
N ALA LA 68 -83.57 -21.26 -60.91
CA ALA LA 68 -82.65 -20.20 -60.52
C ALA LA 68 -81.87 -20.57 -59.27
N ASN LA 69 -82.49 -21.30 -58.34
CA ASN LA 69 -81.75 -21.79 -57.19
C ASN LA 69 -80.65 -22.76 -57.63
N ASP LA 70 -80.95 -23.61 -58.60
CA ASP LA 70 -79.92 -24.50 -59.15
C ASP LA 70 -78.79 -23.70 -59.77
N GLY LA 71 -79.13 -22.63 -60.49
CA GLY LA 71 -78.09 -21.77 -61.04
C GLY LA 71 -77.25 -21.11 -59.97
N ILE LA 72 -77.89 -20.70 -58.86
CA ILE LA 72 -77.14 -20.11 -57.76
C ILE LA 72 -76.16 -21.12 -57.17
N SER LA 73 -76.62 -22.37 -57.00
CA SER LA 73 -75.72 -23.40 -56.47
C SER LA 73 -74.57 -23.67 -57.43
N LEU LA 74 -74.85 -23.69 -58.73
CA LEU LA 74 -73.78 -23.86 -59.72
C LEU LA 74 -72.76 -22.73 -59.62
N ALA LA 75 -73.25 -21.50 -59.51
CA ALA LA 75 -72.36 -20.36 -59.32
C ALA LA 75 -71.55 -20.50 -58.04
N GLN LA 76 -72.17 -21.04 -57.00
CA GLN LA 76 -71.46 -21.25 -55.73
C GLN LA 76 -70.29 -22.20 -55.92
N THR LA 77 -70.53 -23.36 -56.54
CA THR LA 77 -69.45 -24.32 -56.75
C THR LA 77 -68.35 -23.72 -57.61
N THR LA 78 -68.75 -23.05 -58.70
CA THR LA 78 -67.76 -22.50 -59.62
C THR LA 78 -66.93 -21.44 -58.94
N GLU LA 79 -67.57 -20.58 -58.14
CA GLU LA 79 -66.87 -19.53 -57.42
C GLU LA 79 -65.93 -20.10 -56.37
N GLY LA 80 -66.33 -21.18 -55.69
CA GLY LA 80 -65.43 -21.81 -54.74
C GLY LA 80 -64.18 -22.35 -55.41
N ALA LA 81 -64.35 -23.03 -56.54
CA ALA LA 81 -63.19 -23.50 -57.30
C ALA LA 81 -62.33 -22.33 -57.76
N ALA LA 82 -62.96 -21.25 -58.22
CA ALA LA 82 -62.22 -20.08 -58.65
C ALA LA 82 -61.42 -19.47 -57.50
N SER LA 83 -62.01 -19.43 -56.31
CA SER LA 83 -61.30 -18.88 -55.15
C SER LA 83 -60.10 -19.74 -54.79
N GLU LA 84 -60.24 -21.06 -54.88
CA GLU LA 84 -59.09 -21.90 -54.60
C GLU LA 84 -57.99 -21.69 -55.63
N VAL LA 85 -58.36 -21.55 -56.91
CA VAL LA 85 -57.38 -21.21 -57.92
C VAL LA 85 -56.75 -19.86 -57.63
N ASN LA 86 -57.53 -18.92 -57.08
CA ASN LA 86 -57.01 -17.62 -56.70
C ASN LA 86 -55.93 -17.76 -55.64
N THR LA 87 -56.18 -18.61 -54.65
CA THR LA 87 -55.15 -18.87 -53.63
C THR LA 87 -53.91 -19.50 -54.26
N HIS LA 88 -54.11 -20.39 -55.23
CA HIS LA 88 -52.96 -20.97 -55.93
C HIS LA 88 -52.16 -19.91 -56.66
N LEU LA 89 -52.83 -18.98 -57.33
CA LEU LA 89 -52.11 -17.89 -58.00
C LEU LA 89 -51.36 -17.02 -57.00
N GLN LA 90 -51.97 -16.77 -55.83
CA GLN LA 90 -51.29 -16.02 -54.78
C GLN LA 90 -50.01 -16.73 -54.35
N ARG LA 91 -50.09 -18.04 -54.12
CA ARG LA 91 -48.91 -18.78 -53.70
C ARG LA 91 -47.85 -18.79 -54.79
N ILE LA 92 -48.27 -18.93 -56.06
CA ILE LA 92 -47.32 -18.92 -57.16
C ILE LA 92 -46.62 -17.57 -57.24
N ARG LA 93 -47.36 -16.48 -57.07
CA ARG LA 93 -46.75 -15.15 -57.09
C ARG LA 93 -45.78 -14.97 -55.93
N GLU LA 94 -46.12 -15.52 -54.77
CA GLU LA 94 -45.20 -15.50 -53.64
C GLU LA 94 -43.89 -16.20 -53.96
N LEU LA 95 -43.98 -17.40 -54.53
CA LEU LA 95 -42.76 -18.12 -54.92
C LEU LA 95 -42.00 -17.36 -56.00
N THR LA 96 -42.71 -16.74 -56.94
CA THR LA 96 -42.06 -16.01 -58.02
C THR LA 96 -41.28 -14.82 -57.48
N VAL LA 97 -41.86 -14.11 -56.53
CA VAL LA 97 -41.15 -13.01 -55.88
C VAL LA 97 -39.94 -13.54 -55.12
N GLN LA 98 -40.10 -14.65 -54.40
CA GLN LA 98 -38.99 -15.20 -53.63
C GLN LA 98 -37.84 -15.61 -54.53
N ALA LA 99 -38.13 -16.31 -55.61
CA ALA LA 99 -37.11 -16.86 -56.49
C ALA LA 99 -36.56 -15.84 -57.48
N SER LA 100 -37.21 -14.68 -57.64
CA SER LA 100 -36.66 -13.64 -58.48
C SER LA 100 -35.35 -13.10 -57.94
N ASN LA 101 -35.06 -13.35 -56.66
CA ASN LA 101 -33.79 -12.95 -56.08
C ASN LA 101 -32.64 -13.70 -56.73
N GLY LA 102 -31.47 -13.07 -56.77
CA GLY LA 102 -30.30 -13.70 -57.32
C GLY LA 102 -29.47 -14.49 -56.34
N SER LA 103 -29.71 -14.33 -55.05
CA SER LA 103 -28.89 -15.02 -54.05
C SER LA 103 -29.10 -16.53 -54.08
N TYR LA 104 -30.29 -16.98 -54.49
CA TYR LA 104 -30.57 -18.40 -54.53
C TYR LA 104 -29.76 -19.07 -55.65
N SER LA 105 -29.14 -20.20 -55.33
CA SER LA 105 -28.43 -20.96 -56.34
C SER LA 105 -29.43 -21.75 -57.18
N GLN LA 106 -28.91 -22.54 -58.13
CA GLN LA 106 -29.78 -23.18 -59.11
C GLN LA 106 -30.65 -24.26 -58.47
N GLU LA 107 -30.14 -24.95 -57.44
CA GLU LA 107 -30.90 -26.05 -56.86
C GLU LA 107 -32.14 -25.56 -56.13
N GLN LA 108 -32.01 -24.47 -55.36
CA GLN LA 108 -33.19 -23.93 -54.69
C GLN LA 108 -34.18 -23.39 -55.70
N LEU LA 109 -33.70 -22.81 -56.80
CA LEU LA 109 -34.60 -22.39 -57.86
C LEU LA 109 -35.32 -23.58 -58.47
N ASP LA 110 -34.63 -24.70 -58.59
CA ASP LA 110 -35.27 -25.92 -59.09
C ASP LA 110 -36.35 -26.40 -58.13
N SER LA 111 -36.09 -26.32 -56.83
CA SER LA 111 -37.11 -26.70 -55.85
C SER LA 111 -38.32 -25.76 -55.93
N VAL LA 112 -38.06 -24.46 -56.09
CA VAL LA 112 -39.16 -23.50 -56.26
C VAL LA 112 -39.96 -23.84 -57.51
N GLN LA 113 -39.26 -24.19 -58.60
CA GLN LA 113 -39.95 -24.54 -59.83
C GLN LA 113 -40.77 -25.81 -59.66
N GLY LA 114 -40.27 -26.77 -58.88
CA GLY LA 114 -41.05 -27.95 -58.58
C GLY LA 114 -42.32 -27.62 -57.82
N GLU LA 115 -42.22 -26.74 -56.83
CA GLU LA 115 -43.41 -26.31 -56.11
C GLU LA 115 -44.39 -25.60 -57.04
N ILE LA 116 -43.88 -24.74 -57.92
CA ILE LA 116 -44.73 -24.03 -58.86
C ILE LA 116 -45.41 -25.00 -59.82
N ASN LA 117 -44.68 -26.03 -60.28
CA ASN LA 117 -45.28 -27.04 -61.13
C ASN LA 117 -46.36 -27.80 -60.40
N GLN LA 118 -46.15 -28.09 -59.12
CA GLN LA 118 -47.19 -28.75 -58.33
C GLN LA 118 -48.43 -27.88 -58.24
N ARG LA 119 -48.24 -26.58 -58.01
CA ARG LA 119 -49.38 -25.66 -57.95
C ARG LA 119 -50.11 -25.60 -59.30
N LEU LA 120 -49.36 -25.55 -60.40
CA LEU LA 120 -49.97 -25.51 -61.72
C LEU LA 120 -50.75 -26.79 -62.01
N ALA LA 121 -50.18 -27.93 -61.60
CA ALA LA 121 -50.89 -29.19 -61.76
C ALA LA 121 -52.19 -29.20 -60.96
N ASP LA 122 -52.16 -28.62 -59.75
CA ASP LA 122 -53.40 -28.53 -58.98
C ASP LA 122 -54.41 -27.63 -59.66
N ILE LA 123 -53.95 -26.52 -60.24
CA ILE LA 123 -54.86 -25.61 -60.94
C ILE LA 123 -55.52 -26.36 -62.10
N ASP LA 124 -54.72 -27.09 -62.88
CA ASP LA 124 -55.27 -27.85 -63.99
C ASP LA 124 -56.23 -28.93 -63.50
N ARG LA 125 -55.90 -29.57 -62.37
CA ARG LA 125 -56.80 -30.55 -61.79
C ARG LA 125 -58.14 -29.94 -61.42
N ILE LA 126 -58.11 -28.78 -60.75
CA ILE LA 126 -59.34 -28.09 -60.38
C ILE LA 126 -60.15 -27.76 -61.62
N SER LA 127 -59.47 -27.35 -62.69
CA SER LA 127 -60.16 -27.07 -63.94
C SER LA 127 -60.86 -28.31 -64.48
N GLU LA 128 -60.13 -29.42 -64.57
CA GLU LA 128 -60.68 -30.62 -65.20
C GLU LA 128 -61.69 -31.34 -64.33
N GLN LA 129 -61.72 -31.09 -63.02
CA GLN LA 129 -62.52 -31.91 -62.12
C GLN LA 129 -63.59 -31.17 -61.35
N THR LA 130 -63.65 -29.84 -61.42
CA THR LA 130 -64.74 -29.13 -60.76
C THR LA 130 -66.04 -29.50 -61.47
N ASP LA 131 -66.84 -30.34 -60.84
CA ASP LA 131 -68.01 -30.93 -61.47
C ASP LA 131 -69.27 -30.50 -60.74
N PHE LA 132 -70.36 -30.36 -61.51
CA PHE LA 132 -71.65 -30.00 -60.96
C PHE LA 132 -72.71 -30.70 -61.82
N ASN LA 133 -73.25 -31.80 -61.32
CA ASN LA 133 -74.26 -32.58 -62.04
C ASN LA 133 -73.74 -33.00 -63.41
N GLY LA 134 -72.55 -33.59 -63.44
CA GLY LA 134 -71.96 -34.04 -64.68
C GLY LA 134 -71.55 -32.94 -65.62
N VAL LA 135 -71.38 -31.72 -65.12
CA VAL LA 135 -70.97 -30.57 -65.92
C VAL LA 135 -69.63 -30.08 -65.39
N LYS LA 136 -68.62 -30.06 -66.25
CA LYS LA 136 -67.31 -29.53 -65.90
C LYS LA 136 -67.36 -28.02 -66.03
N VAL LA 137 -67.86 -27.37 -64.98
CA VAL LA 137 -68.22 -25.96 -65.06
C VAL LA 137 -66.99 -25.08 -65.24
N LEU LA 138 -65.96 -25.30 -64.43
CA LEU LA 138 -64.73 -24.49 -64.53
C LEU LA 138 -63.66 -25.20 -65.35
N SER LA 139 -64.00 -25.61 -66.57
CA SER LA 139 -63.09 -26.45 -67.33
C SER LA 139 -62.79 -25.87 -68.70
N ASP LA 140 -62.11 -26.65 -69.53
CA ASP LA 140 -61.76 -26.24 -70.88
C ASP LA 140 -62.90 -26.47 -71.86
N SER LA 141 -63.97 -27.16 -71.44
CA SER LA 141 -65.15 -27.39 -72.27
C SER LA 141 -66.36 -27.02 -71.42
N ALA LA 142 -66.72 -25.74 -71.42
CA ALA LA 142 -67.83 -25.26 -70.59
C ALA LA 142 -68.51 -24.11 -71.34
N LYS LA 143 -69.56 -24.46 -72.09
CA LYS LA 143 -70.36 -23.44 -72.74
C LYS LA 143 -71.27 -22.75 -71.72
N PRO LA 144 -71.62 -21.49 -71.96
CA PRO LA 144 -72.53 -20.81 -71.03
C PRO LA 144 -73.89 -21.48 -70.98
N LEU LA 145 -74.51 -21.46 -69.80
CA LEU LA 145 -75.78 -22.11 -69.58
C LEU LA 145 -76.93 -21.15 -69.87
N THR LA 146 -78.16 -21.57 -69.60
CA THR LA 146 -79.34 -20.79 -69.93
C THR LA 146 -80.16 -20.39 -68.72
N LEU LA 147 -80.52 -21.33 -67.85
CA LEU LA 147 -81.30 -21.06 -66.65
C LEU LA 147 -82.66 -20.41 -66.98
N GLN LA 148 -83.49 -21.20 -67.65
CA GLN LA 148 -84.85 -20.77 -67.92
C GLN LA 148 -85.52 -20.34 -66.63
N VAL LA 149 -85.88 -19.05 -66.55
CA VAL LA 149 -86.49 -18.47 -65.35
C VAL LA 149 -87.80 -17.81 -65.78
N GLY LA 150 -88.89 -18.57 -65.68
CA GLY LA 150 -90.22 -18.04 -65.93
C GLY LA 150 -90.98 -18.83 -66.96
N ALA LA 151 -92.30 -18.76 -66.91
CA ALA LA 151 -93.11 -19.35 -67.96
C ALA LA 151 -92.98 -18.52 -69.23
N ASN LA 152 -93.74 -18.89 -70.26
CA ASN LA 152 -93.70 -18.21 -71.55
C ASN LA 152 -92.28 -18.25 -72.12
N ASP LA 153 -91.88 -19.48 -72.46
CA ASP LA 153 -90.53 -19.82 -72.90
C ASP LA 153 -89.95 -18.76 -73.83
N GLY LA 154 -88.68 -18.44 -73.61
CA GLY LA 154 -88.02 -17.40 -74.39
C GLY LA 154 -87.04 -16.54 -73.62
N GLU LA 155 -86.90 -16.80 -72.31
CA GLU LA 155 -86.00 -16.03 -71.46
C GLU LA 155 -84.97 -16.94 -70.82
N THR LA 156 -83.76 -16.41 -70.64
CA THR LA 156 -82.64 -17.15 -70.09
C THR LA 156 -81.78 -16.21 -69.26
N ILE LA 157 -80.95 -16.80 -68.41
CA ILE LA 157 -79.93 -16.06 -67.65
C ILE LA 157 -78.61 -16.75 -67.95
N THR LA 158 -77.89 -16.23 -68.97
CA THR LA 158 -76.63 -16.82 -69.38
C THR LA 158 -75.58 -16.67 -68.29
N LEU LA 159 -74.81 -17.75 -68.07
CA LEU LA 159 -73.77 -17.72 -67.04
C LEU LA 159 -72.46 -17.16 -67.55
N ASN LA 160 -72.04 -17.53 -68.76
CA ASN LA 160 -70.77 -17.11 -69.34
C ASN LA 160 -69.60 -17.49 -68.41
N LEU LA 161 -69.44 -18.80 -68.24
CA LEU LA 161 -68.37 -19.36 -67.41
C LEU LA 161 -67.58 -20.36 -68.24
N SER LA 162 -66.26 -20.21 -68.22
CA SER LA 162 -65.37 -21.09 -68.99
C SER LA 162 -63.92 -20.71 -68.73
N GLU LA 163 -63.03 -21.65 -69.02
CA GLU LA 163 -61.62 -21.40 -69.25
C GLU LA 163 -60.93 -20.75 -68.05
N ILE LA 164 -60.86 -21.52 -66.97
CA ILE LA 164 -59.99 -21.18 -65.84
C ILE LA 164 -59.07 -22.38 -65.63
N SER LA 165 -57.82 -22.25 -66.07
CA SER LA 165 -56.82 -23.31 -65.97
C SER LA 165 -55.49 -22.74 -66.42
N VAL LA 166 -54.44 -23.53 -66.21
CA VAL LA 166 -53.22 -23.30 -66.97
C VAL LA 166 -53.56 -23.49 -68.45
N LYS LA 167 -52.79 -22.83 -69.31
CA LYS LA 167 -52.94 -22.76 -70.75
C LYS LA 167 -54.08 -21.82 -71.15
N THR LA 168 -54.86 -21.31 -70.19
CA THR LA 168 -55.83 -20.26 -70.48
C THR LA 168 -55.73 -19.06 -69.57
N LEU LA 169 -55.11 -19.18 -68.39
CA LEU LA 169 -54.70 -18.01 -67.63
C LEU LA 169 -53.43 -17.38 -68.21
N GLY LA 170 -52.84 -17.98 -69.22
CA GLY LA 170 -51.74 -17.40 -69.97
C GLY LA 170 -50.37 -17.93 -69.59
N LEU LA 171 -50.23 -18.54 -68.42
CA LEU LA 171 -48.91 -19.00 -68.00
C LEU LA 171 -48.38 -20.08 -68.93
N ASP LA 172 -48.99 -21.27 -68.88
CA ASP LA 172 -48.77 -22.36 -69.82
C ASP LA 172 -47.35 -22.90 -69.80
N GLY LA 173 -46.43 -22.15 -69.22
CA GLY LA 173 -45.04 -22.55 -69.22
C GLY LA 173 -44.25 -22.02 -68.05
N PHE LA 174 -44.93 -21.59 -66.98
CA PHE LA 174 -44.31 -20.77 -65.95
C PHE LA 174 -43.04 -21.40 -65.44
N ASN LA 175 -41.90 -20.76 -65.73
CA ASN LA 175 -40.58 -21.34 -65.53
C ASN LA 175 -39.76 -20.30 -64.77
N VAL LA 176 -39.85 -20.33 -63.44
CA VAL LA 176 -39.16 -19.33 -62.63
C VAL LA 176 -37.65 -19.53 -62.70
N ASN LA 177 -37.20 -20.77 -62.82
CA ASN LA 177 -35.78 -21.03 -63.03
C ASN LA 177 -35.51 -21.14 -64.52
N GLY LA 178 -34.34 -21.64 -64.88
CA GLY LA 178 -33.94 -21.77 -66.27
C GLY LA 178 -32.66 -21.02 -66.55
N LYS LA 179 -32.29 -20.98 -67.83
CA LYS LA 179 -31.06 -20.32 -68.23
C LYS LA 179 -31.11 -18.81 -68.04
N GLY LA 180 -32.29 -18.25 -67.79
CA GLY LA 180 -32.39 -16.81 -67.60
C GLY LA 180 -32.03 -16.07 -68.87
N VAL LA 181 -31.01 -15.22 -68.79
CA VAL LA 181 -30.54 -14.44 -69.92
C VAL LA 181 -29.24 -15.10 -70.39
N THR LA 182 -29.32 -15.86 -71.48
CA THR LA 182 -28.14 -16.55 -72.00
C THR LA 182 -27.17 -15.56 -72.61
N GLN LA 183 -25.88 -15.88 -72.51
CA GLN LA 183 -24.82 -15.04 -73.03
C GLN LA 183 -24.28 -15.63 -74.32
N ASN LA 184 -24.37 -14.86 -75.41
CA ASN LA 184 -23.77 -15.30 -76.66
C ASN LA 184 -22.25 -15.22 -76.57
N ARG LA 185 -21.59 -16.03 -77.38
CA ARG LA 185 -20.14 -16.08 -77.38
C ARG LA 185 -19.58 -15.36 -78.60
N SER LA 186 -18.44 -14.68 -78.41
CA SER LA 186 -17.89 -13.83 -79.45
C SER LA 186 -17.50 -14.64 -80.67
N ALA LA 187 -17.87 -14.14 -81.85
CA ALA LA 187 -17.53 -14.77 -83.10
C ALA LA 187 -16.04 -14.60 -83.40
N THR LA 188 -15.54 -15.41 -84.32
CA THR LA 188 -14.14 -15.36 -84.72
C THR LA 188 -14.04 -15.70 -86.20
N VAL LA 189 -12.80 -15.74 -86.71
CA VAL LA 189 -12.58 -15.94 -88.14
C VAL LA 189 -13.12 -17.28 -88.60
N THR LA 190 -13.09 -18.30 -87.75
CA THR LA 190 -13.60 -19.61 -88.14
C THR LA 190 -15.09 -19.52 -88.48
N ASP LA 191 -15.87 -18.83 -87.65
CA ASP LA 191 -17.30 -18.70 -87.91
C ASP LA 191 -17.54 -17.97 -89.23
N VAL LA 192 -16.83 -16.88 -89.46
CA VAL LA 192 -17.08 -16.08 -90.66
C VAL LA 192 -16.70 -16.86 -91.91
N ILE LA 193 -15.54 -17.54 -91.90
CA ILE LA 193 -15.17 -18.33 -93.06
C ILE LA 193 -16.08 -19.55 -93.20
N ALA LA 194 -16.75 -19.96 -92.12
CA ALA LA 194 -17.79 -20.98 -92.25
C ALA LA 194 -19.03 -20.42 -92.92
N GLN LA 195 -19.29 -19.12 -92.76
CA GLN LA 195 -20.40 -18.52 -93.50
C GLN LA 195 -20.11 -18.38 -94.99
N GLY LA 196 -18.85 -18.51 -95.41
CA GLY LA 196 -18.54 -18.65 -96.81
C GLY LA 196 -18.32 -17.37 -97.59
N GLY LA 197 -18.13 -16.24 -96.93
CA GLY LA 197 -17.79 -15.00 -97.60
C GLY LA 197 -16.31 -14.91 -97.87
N THR LA 198 -15.86 -13.72 -98.25
CA THR LA 198 -14.50 -13.50 -98.70
C THR LA 198 -13.72 -12.64 -97.71
N LEU LA 199 -12.42 -12.89 -97.64
CA LEU LA 199 -11.48 -12.08 -96.87
C LEU LA 199 -10.73 -11.14 -97.80
N GLN LA 200 -10.11 -10.14 -97.20
CA GLN LA 200 -9.23 -9.23 -97.93
C GLN LA 200 -8.16 -8.74 -96.96
N GLY LA 201 -7.45 -7.68 -97.35
CA GLY LA 201 -6.37 -7.17 -96.52
C GLY LA 201 -6.85 -6.77 -95.14
N ASP LA 202 -5.94 -6.87 -94.18
CA ASP LA 202 -6.18 -6.54 -92.77
C ASP LA 202 -7.27 -7.42 -92.14
N GLY LA 203 -7.52 -8.58 -92.72
CA GLY LA 203 -8.47 -9.53 -92.16
C GLY LA 203 -9.93 -9.16 -92.29
N THR LA 204 -10.24 -8.03 -92.92
CA THR LA 204 -11.63 -7.63 -93.09
C THR LA 204 -12.39 -8.64 -93.94
N TYR LA 205 -13.57 -9.02 -93.46
CA TYR LA 205 -14.34 -10.11 -94.04
C TYR LA 205 -15.66 -9.58 -94.58
N LYS LA 206 -16.17 -10.24 -95.62
CA LYS LA 206 -17.42 -9.85 -96.27
C LYS LA 206 -18.45 -10.96 -96.01
N ALA LA 207 -19.15 -10.86 -94.88
CA ALA LA 207 -20.18 -11.81 -94.53
C ALA LA 207 -21.49 -11.44 -95.21
N THR LA 208 -22.14 -12.44 -95.81
CA THR LA 208 -23.38 -12.24 -96.56
C THR LA 208 -24.51 -12.92 -95.80
N THR LA 209 -25.49 -12.13 -95.36
CA THR LA 209 -26.58 -12.61 -94.54
C THR LA 209 -27.89 -12.56 -95.31
N THR LA 210 -28.59 -13.69 -95.35
CA THR LA 210 -29.91 -13.77 -95.99
C THR LA 210 -31.00 -13.39 -95.00
N PHE LA 211 -32.10 -12.86 -95.54
CA PHE LA 211 -33.19 -12.32 -94.73
C PHE LA 211 -34.52 -12.99 -95.03
N ASN LA 212 -34.52 -14.27 -95.40
CA ASN LA 212 -35.75 -14.96 -95.78
C ASN LA 212 -36.77 -14.88 -94.65
N ALA LA 213 -37.85 -14.12 -94.88
CA ALA LA 213 -38.75 -13.74 -93.81
C ALA LA 213 -40.06 -13.27 -94.43
N ALA LA 214 -40.87 -12.56 -93.64
CA ALA LA 214 -42.19 -12.07 -94.04
C ALA LA 214 -43.18 -13.23 -94.21
N SER LA 215 -43.18 -14.11 -93.22
CA SER LA 215 -44.11 -15.23 -93.17
C SER LA 215 -45.38 -14.82 -92.42
N ALA LA 216 -46.16 -15.82 -92.01
CA ALA LA 216 -47.49 -15.53 -91.46
C ALA LA 216 -47.41 -14.78 -90.14
N GLU LA 217 -46.51 -15.20 -89.24
CA GLU LA 217 -46.54 -14.68 -87.87
C GLU LA 217 -46.26 -13.19 -87.84
N THR LA 218 -45.52 -12.66 -88.82
CA THR LA 218 -45.18 -11.25 -88.81
C THR LA 218 -46.05 -10.40 -89.73
N VAL LA 219 -46.52 -10.96 -90.85
CA VAL LA 219 -47.34 -10.17 -91.77
C VAL LA 219 -48.71 -9.91 -91.16
N LEU LA 220 -49.35 -10.94 -90.62
CA LEU LA 220 -50.69 -10.79 -90.06
C LEU LA 220 -50.70 -9.99 -88.77
N SER LA 221 -49.53 -9.74 -88.17
CA SER LA 221 -49.50 -8.99 -86.92
C SER LA 221 -49.93 -7.54 -87.12
N LYS LA 222 -49.68 -6.95 -88.28
CA LYS LA 222 -50.11 -5.59 -88.61
C LYS LA 222 -51.00 -5.67 -89.84
N LEU LA 223 -52.31 -5.62 -89.63
CA LEU LA 223 -53.26 -5.80 -90.72
C LEU LA 223 -54.60 -5.17 -90.37
N GLU LA 224 -55.11 -4.34 -91.28
CA GLU LA 224 -56.49 -3.88 -91.23
C GLU LA 224 -57.19 -3.90 -92.59
N ASP LA 225 -56.46 -3.92 -93.70
CA ASP LA 225 -57.04 -3.85 -95.03
C ASP LA 225 -57.23 -5.25 -95.60
N GLY LA 226 -57.51 -5.34 -96.90
CA GLY LA 226 -57.95 -6.59 -97.48
C GLY LA 226 -56.85 -7.65 -97.51
N ASN LA 227 -57.30 -8.92 -97.53
CA ASN LA 227 -56.42 -10.08 -97.58
C ASN LA 227 -57.05 -11.12 -98.50
N THR LA 228 -56.24 -11.71 -99.37
CA THR LA 228 -56.74 -12.64 -100.38
C THR LA 228 -56.01 -13.97 -100.30
N VAL LA 229 -56.76 -15.05 -100.52
CA VAL LA 229 -56.19 -16.39 -100.68
C VAL LA 229 -56.85 -17.03 -101.89
N ALA LA 230 -56.09 -17.89 -102.57
CA ALA LA 230 -56.57 -18.57 -103.77
C ALA LA 230 -55.59 -19.68 -104.12
N VAL LA 231 -56.13 -20.77 -104.67
CA VAL LA 231 -55.33 -21.93 -105.05
C VAL LA 231 -55.31 -22.05 -106.57
N GLY LA 232 -54.10 -22.05 -107.14
CA GLY LA 232 -53.93 -22.27 -108.56
C GLY LA 232 -54.74 -21.30 -109.39
N GLY LA 233 -55.46 -21.84 -110.38
CA GLY LA 233 -56.37 -21.08 -111.20
C GLY LA 233 -57.81 -21.10 -110.72
N GLY LA 234 -58.06 -21.58 -109.51
CA GLY LA 234 -59.41 -21.66 -108.98
C GLY LA 234 -59.92 -20.32 -108.50
N ALA LA 235 -61.04 -20.37 -107.77
CA ALA LA 235 -61.67 -19.16 -107.28
C ALA LA 235 -60.80 -18.46 -106.25
N THR LA 236 -60.93 -17.14 -106.19
CA THR LA 236 -60.16 -16.30 -105.28
C THR LA 236 -61.10 -15.70 -104.23
N TYR LA 237 -60.69 -15.75 -102.97
CA TYR LA 237 -61.50 -15.25 -101.86
C TYR LA 237 -60.73 -14.16 -101.11
N THR LA 238 -61.48 -13.17 -100.63
CA THR LA 238 -60.91 -11.97 -100.04
C THR LA 238 -61.37 -11.82 -98.60
N TYR LA 239 -60.51 -11.22 -97.78
CA TYR LA 239 -60.74 -11.07 -96.35
C TYR LA 239 -60.55 -9.60 -95.96
N ASP LA 240 -61.12 -9.23 -94.82
CA ASP LA 240 -61.01 -7.87 -94.30
C ASP LA 240 -60.91 -7.93 -92.78
N ALA LA 241 -59.75 -7.56 -92.24
CA ALA LA 241 -59.50 -7.62 -90.81
C ALA LA 241 -60.15 -6.42 -90.14
N ALA LA 242 -61.37 -6.60 -89.64
CA ALA LA 242 -62.10 -5.55 -88.95
C ALA LA 242 -62.56 -6.05 -87.58
N LYS LA 243 -62.24 -5.29 -86.53
CA LYS LA 243 -62.62 -5.62 -85.16
C LYS LA 243 -62.09 -6.99 -84.75
N GLY LA 244 -60.88 -7.32 -85.18
CA GLY LA 244 -60.24 -8.56 -84.80
C GLY LA 244 -60.72 -9.79 -85.56
N ASN LA 245 -61.57 -9.63 -86.56
CA ASN LA 245 -62.08 -10.75 -87.32
C ASN LA 245 -62.08 -10.40 -88.80
N PHE LA 246 -62.11 -11.43 -89.63
CA PHE LA 246 -62.07 -11.26 -91.08
C PHE LA 246 -63.45 -11.54 -91.65
N THR LA 247 -63.96 -10.62 -92.48
CA THR LA 247 -65.28 -10.74 -93.06
C THR LA 247 -65.23 -11.63 -94.29
N TYR LA 248 -65.03 -12.92 -94.04
CA TYR LA 248 -65.03 -13.90 -95.11
C TYR LA 248 -66.42 -14.06 -95.69
N THR LA 249 -66.50 -14.09 -97.02
CA THR LA 249 -67.74 -14.33 -97.75
C THR LA 249 -67.59 -15.63 -98.51
N LYS LA 250 -68.41 -16.62 -98.17
CA LYS LA 250 -68.36 -17.92 -98.84
C LYS LA 250 -68.98 -17.77 -100.22
N THR LA 251 -68.14 -17.56 -101.22
CA THR LA 251 -68.61 -17.40 -102.59
C THR LA 251 -68.73 -18.76 -103.25
N VAL LA 252 -69.90 -19.04 -103.83
CA VAL LA 252 -70.10 -20.31 -104.51
C VAL LA 252 -69.15 -20.41 -105.70
N ASP LA 253 -68.68 -21.62 -105.96
CA ASP LA 253 -67.96 -21.88 -107.20
C ASP LA 253 -68.88 -21.57 -108.37
N THR LA 254 -68.35 -20.89 -109.39
CA THR LA 254 -69.20 -20.43 -110.48
C THR LA 254 -69.23 -21.45 -111.61
N THR LA 255 -68.09 -21.63 -112.30
CA THR LA 255 -67.81 -22.75 -113.20
C THR LA 255 -69.02 -23.28 -113.97
N VAL LA 256 -69.85 -22.40 -114.54
CA VAL LA 256 -71.11 -22.81 -115.14
C VAL LA 256 -71.38 -21.98 -116.39
N GLY LA 257 -71.91 -22.65 -117.41
CA GLY LA 257 -72.53 -22.00 -118.55
C GLY LA 257 -74.03 -22.03 -118.38
N ALA LA 258 -74.69 -22.99 -119.01
CA ALA LA 258 -76.14 -23.17 -118.86
C ALA LA 258 -76.50 -24.18 -117.79
N ASP LA 259 -75.52 -24.74 -117.07
CA ASP LA 259 -75.77 -25.79 -116.07
C ASP LA 259 -75.94 -25.17 -114.69
N VAL LA 260 -77.05 -24.46 -114.52
CA VAL LA 260 -77.39 -23.85 -113.24
C VAL LA 260 -77.58 -24.89 -112.15
N THR LA 261 -77.88 -26.14 -112.55
CA THR LA 261 -78.10 -27.20 -111.58
C THR LA 261 -76.88 -27.43 -110.70
N ALA LA 262 -75.67 -27.19 -111.22
CA ALA LA 262 -74.47 -27.36 -110.40
C ALA LA 262 -74.49 -26.40 -109.21
N LEU LA 263 -74.79 -25.12 -109.47
CA LEU LA 263 -74.87 -24.15 -108.39
C LEU LA 263 -76.02 -24.47 -107.45
N ALA LA 264 -77.17 -24.87 -108.00
CA ALA LA 264 -78.32 -25.19 -107.16
C ALA LA 264 -78.00 -26.34 -106.21
N ASN LA 265 -77.39 -27.40 -106.73
CA ASN LA 265 -77.06 -28.57 -105.93
C ASN LA 265 -75.82 -28.37 -105.07
N LYS LA 266 -75.03 -27.32 -105.30
CA LYS LA 266 -74.01 -26.98 -104.33
C LYS LA 266 -74.61 -26.18 -103.17
N ILE LA 267 -75.60 -25.34 -103.45
CA ILE LA 267 -76.27 -24.61 -102.38
C ILE LA 267 -77.12 -25.55 -101.54
N LYS LA 268 -77.75 -26.52 -102.17
CA LYS LA 268 -78.73 -27.39 -101.51
C LYS LA 268 -78.21 -28.06 -100.23
N PRO LA 269 -77.01 -28.66 -100.20
CA PRO LA 269 -76.58 -29.33 -98.96
C PRO LA 269 -76.43 -28.40 -97.77
N SER LA 270 -76.23 -27.10 -98.00
CA SER LA 270 -76.15 -26.16 -96.89
C SER LA 270 -77.47 -26.06 -96.13
N SER LA 271 -78.58 -26.43 -96.76
CA SER LA 271 -79.88 -26.43 -96.10
C SER LA 271 -80.70 -27.65 -96.49
N GLY LA 272 -80.04 -28.77 -96.75
CA GLY LA 272 -80.71 -29.96 -97.24
C GLY LA 272 -81.46 -30.76 -96.19
N THR LA 273 -82.46 -30.14 -95.56
CA THR LA 273 -83.28 -30.80 -94.57
C THR LA 273 -84.64 -30.10 -94.53
N ILE LA 274 -85.66 -30.83 -94.10
CA ILE LA 274 -87.00 -30.29 -94.01
C ILE LA 274 -87.04 -29.30 -92.84
N SER LA 275 -87.34 -28.04 -93.14
CA SER LA 275 -87.36 -26.98 -92.14
C SER LA 275 -88.47 -26.00 -92.51
N GLY LA 276 -88.52 -24.88 -91.79
CA GLY LA 276 -89.54 -23.88 -91.99
C GLY LA 276 -89.01 -22.50 -91.70
N SER LA 277 -89.90 -21.51 -91.82
CA SER LA 277 -89.59 -20.10 -91.58
C SER LA 277 -88.49 -19.60 -92.51
N TYR LA 278 -88.37 -20.20 -93.69
CA TYR LA 278 -87.39 -19.73 -94.66
C TYR LA 278 -87.79 -18.36 -95.18
N GLU LA 279 -86.77 -17.57 -95.54
CA GLU LA 279 -86.96 -16.21 -96.01
C GLU LA 279 -86.51 -16.14 -97.47
N ILE LA 280 -87.46 -16.12 -98.38
CA ILE LA 280 -87.19 -16.01 -99.81
C ILE LA 280 -87.42 -14.55 -100.19
N SER LA 281 -86.34 -13.79 -100.33
CA SER LA 281 -86.41 -12.39 -100.70
C SER LA 281 -85.90 -12.27 -102.14
N THR LA 282 -86.80 -12.47 -103.09
CA THR LA 282 -86.50 -12.36 -104.52
C THR LA 282 -87.07 -11.05 -105.04
N GLY LA 283 -86.74 -10.75 -106.30
CA GLY LA 283 -87.16 -9.51 -106.89
C GLY LA 283 -86.61 -8.31 -106.17
N LYS LA 284 -87.47 -7.57 -105.48
CA LYS LA 284 -87.00 -6.45 -104.68
C LYS LA 284 -87.44 -6.51 -103.23
N SER LA 285 -88.70 -6.84 -102.97
CA SER LA 285 -89.25 -6.78 -101.62
C SER LA 285 -90.14 -7.99 -101.35
N ALA LA 286 -89.68 -9.18 -101.73
CA ALA LA 286 -90.47 -10.39 -101.50
C ALA LA 286 -90.72 -10.61 -100.01
N SER LA 287 -89.64 -10.82 -99.26
CA SER LA 287 -89.69 -10.96 -97.79
C SER LA 287 -90.76 -11.96 -97.36
N PHE LA 288 -90.63 -13.18 -97.86
CA PHE LA 288 -91.56 -14.24 -97.54
C PHE LA 288 -91.17 -14.95 -96.24
N ASP LA 289 -92.14 -15.68 -95.69
CA ASP LA 289 -91.97 -16.51 -94.48
C ASP LA 289 -92.60 -17.85 -94.81
N VAL LA 290 -91.83 -18.77 -95.37
CA VAL LA 290 -92.34 -19.97 -96.00
C VAL LA 290 -91.80 -21.20 -95.27
N ASP LA 291 -92.32 -22.36 -95.67
CA ASP LA 291 -91.88 -23.66 -95.17
C ASP LA 291 -91.40 -24.50 -96.35
N ALA LA 292 -90.56 -25.48 -96.04
CA ALA LA 292 -90.00 -26.33 -97.09
C ALA LA 292 -89.89 -27.75 -96.57
N ALA LA 293 -90.59 -28.67 -97.22
CA ALA LA 293 -90.53 -30.10 -96.91
C ALA LA 293 -90.27 -30.88 -98.19
N GLY LA 294 -89.28 -30.43 -98.97
CA GLY LA 294 -89.09 -30.88 -100.32
C GLY LA 294 -89.89 -30.10 -101.34
N LYS LA 295 -90.64 -29.09 -100.91
CA LYS LA 295 -91.46 -28.27 -101.79
C LYS LA 295 -91.77 -26.97 -101.08
N ILE LA 296 -91.49 -25.84 -101.73
CA ILE LA 296 -91.66 -24.54 -101.08
C ILE LA 296 -93.13 -24.22 -100.92
N THR LA 297 -93.51 -23.81 -99.72
CA THR LA 297 -94.89 -23.42 -99.44
C THR LA 297 -94.91 -22.48 -98.25
N ILE LA 298 -95.92 -21.61 -98.23
CA ILE LA 298 -96.12 -20.68 -97.13
C ILE LA 298 -97.28 -21.22 -96.30
N GLY LA 299 -97.43 -20.67 -95.09
CA GLY LA 299 -98.43 -21.16 -94.16
C GLY LA 299 -99.85 -21.13 -94.69
N GLY LA 300 -100.39 -22.30 -94.98
CA GLY LA 300 -101.75 -22.42 -95.47
C GLY LA 300 -101.92 -22.30 -96.97
N ASN LA 301 -100.84 -22.28 -97.74
CA ASN LA 301 -100.93 -22.08 -99.18
C ASN LA 301 -99.92 -23.01 -99.85
N ALA LA 302 -99.70 -22.81 -101.15
CA ALA LA 302 -98.78 -23.62 -101.94
C ALA LA 302 -97.58 -22.85 -102.45
N ALA LA 303 -97.70 -21.54 -102.69
CA ALA LA 303 -96.59 -20.67 -103.07
C ALA LA 303 -95.92 -21.16 -104.36
N PHE LA 304 -96.71 -21.10 -105.44
CA PHE LA 304 -96.19 -21.43 -106.76
C PHE LA 304 -95.19 -20.39 -107.23
N LEU LA 305 -94.38 -20.78 -108.21
CA LEU LA 305 -93.40 -19.89 -108.83
C LEU LA 305 -93.97 -19.31 -110.11
N ASN LA 306 -93.66 -18.04 -110.38
CA ASN LA 306 -94.28 -17.32 -111.49
C ASN LA 306 -93.22 -16.52 -112.25
N ALA LA 307 -93.65 -16.00 -113.40
CA ALA LA 307 -92.95 -14.93 -114.11
C ALA LA 307 -91.52 -15.34 -114.48
N ASP LA 308 -91.43 -16.31 -115.38
CA ASP LA 308 -90.13 -16.67 -115.95
C ASP LA 308 -89.44 -15.45 -116.56
N GLY LA 309 -88.15 -15.31 -116.28
CA GLY LA 309 -87.43 -14.10 -116.58
C GLY LA 309 -87.44 -13.08 -115.44
N GLU LA 310 -88.49 -13.06 -114.64
CA GLU LA 310 -88.56 -12.28 -113.41
C GLU LA 310 -88.53 -13.15 -112.16
N LEU LA 311 -89.21 -14.30 -112.19
CA LEU LA 311 -89.08 -15.34 -111.17
C LEU LA 311 -89.48 -14.83 -109.79
N THR LA 312 -90.75 -14.46 -109.67
CA THR LA 312 -91.34 -14.04 -108.40
C THR LA 312 -92.33 -15.10 -107.92
N THR LA 313 -92.33 -15.36 -106.62
CA THR LA 313 -93.15 -16.41 -106.03
C THR LA 313 -94.46 -15.81 -105.52
N ASN LA 314 -95.57 -16.32 -106.04
CA ASN LA 314 -96.89 -15.94 -105.54
C ASN LA 314 -97.81 -17.15 -105.64
N ASP LA 315 -98.77 -17.23 -104.71
CA ASP LA 315 -99.64 -18.40 -104.63
C ASP LA 315 -100.60 -18.50 -105.79
N ALA LA 316 -101.04 -17.37 -106.34
CA ALA LA 316 -102.01 -17.39 -107.43
C ALA LA 316 -101.34 -17.88 -108.71
N SER LA 317 -101.80 -19.01 -109.23
CA SER LA 317 -101.16 -19.63 -110.38
C SER LA 317 -101.44 -18.84 -111.65
N GLY LA 318 -100.47 -18.86 -112.57
CA GLY LA 318 -100.62 -18.19 -113.85
C GLY LA 318 -100.49 -19.15 -115.02
N ALA LA 319 -100.91 -20.40 -114.81
CA ALA LA 319 -100.92 -21.49 -115.79
C ALA LA 319 -99.52 -21.97 -116.18
N LEU LA 320 -98.45 -21.39 -115.63
CA LEU LA 320 -97.08 -21.79 -115.91
C LEU LA 320 -96.28 -21.89 -114.61
N THR LA 321 -96.86 -22.56 -113.62
CA THR LA 321 -96.31 -22.61 -112.27
C THR LA 321 -95.71 -23.98 -111.99
N GLN LA 322 -94.66 -23.99 -111.17
CA GLN LA 322 -93.95 -25.22 -110.84
C GLN LA 322 -93.87 -25.50 -109.34
N ALA LA 323 -93.62 -24.47 -108.53
CA ALA LA 323 -93.63 -24.58 -107.07
C ALA LA 323 -92.64 -25.65 -106.58
N THR LA 324 -91.36 -25.43 -106.85
CA THR LA 324 -90.32 -26.37 -106.45
C THR LA 324 -89.16 -25.62 -105.81
N LEU LA 325 -88.62 -26.19 -104.74
CA LEU LA 325 -87.47 -25.59 -104.07
C LEU LA 325 -86.25 -25.56 -104.99
N ASP LA 326 -86.04 -26.62 -105.76
CA ASP LA 326 -84.96 -26.60 -106.75
C ASP LA 326 -85.20 -25.49 -107.77
N ASP LA 327 -86.46 -25.35 -108.22
CA ASP LA 327 -86.79 -24.28 -109.15
C ASP LA 327 -86.54 -22.91 -108.53
N VAL LA 328 -86.89 -22.76 -107.25
CA VAL LA 328 -86.64 -21.49 -106.56
C VAL LA 328 -85.14 -21.19 -106.53
N LEU LA 329 -84.34 -22.17 -106.09
CA LEU LA 329 -82.91 -21.94 -105.93
C LEU LA 329 -82.24 -21.65 -107.26
N THR LA 330 -82.64 -22.37 -108.32
CA THR LA 330 -82.14 -22.03 -109.65
C THR LA 330 -82.58 -20.62 -110.04
N SER LA 331 -83.81 -20.25 -109.69
CA SER LA 331 -84.34 -18.95 -110.05
C SER LA 331 -83.67 -17.84 -109.23
N VAL LA 332 -83.71 -17.96 -107.90
CA VAL LA 332 -83.38 -16.84 -107.03
C VAL LA 332 -81.92 -16.41 -107.20
N GLY LA 333 -81.74 -15.22 -107.74
CA GLY LA 333 -80.42 -14.62 -107.86
C GLY LA 333 -79.40 -15.44 -108.61
N THR LA 334 -79.83 -16.60 -109.09
CA THR LA 334 -78.92 -17.56 -109.73
C THR LA 334 -79.21 -17.72 -111.20
N GLU LA 335 -80.40 -17.34 -111.67
CA GLU LA 335 -80.70 -17.32 -113.10
C GLU LA 335 -81.07 -15.93 -113.60
N ALA LA 336 -82.05 -15.27 -112.98
CA ALA LA 336 -82.54 -14.02 -113.55
C ALA LA 336 -82.84 -12.96 -112.49
N ASN LA 337 -82.18 -13.03 -111.34
CA ASN LA 337 -82.38 -12.03 -110.29
C ASN LA 337 -81.04 -11.52 -109.79
N SER LA 338 -81.04 -10.29 -109.29
CA SER LA 338 -79.85 -9.64 -108.78
C SER LA 338 -80.16 -9.00 -107.43
N SER LA 339 -79.16 -9.00 -106.56
CA SER LA 339 -79.28 -8.41 -105.22
C SER LA 339 -80.48 -8.97 -104.47
N VAL LA 340 -80.65 -10.29 -104.55
CA VAL LA 340 -81.70 -10.99 -103.82
C VAL LA 340 -81.05 -12.05 -102.95
N THR LA 341 -81.82 -12.54 -101.98
CA THR LA 341 -81.26 -13.39 -100.93
C THR LA 341 -82.21 -14.54 -100.62
N ILE LA 342 -81.65 -15.61 -100.06
CA ILE LA 342 -82.40 -16.69 -99.46
C ILE LA 342 -82.08 -16.67 -97.97
N GLY LA 343 -83.00 -16.16 -97.17
CA GLY LA 343 -82.79 -16.05 -95.74
C GLY LA 343 -83.31 -17.25 -94.99
N GLY LA 344 -83.71 -17.01 -93.74
CA GLY LA 344 -84.23 -18.06 -92.89
C GLY LA 344 -83.16 -19.03 -92.42
N THR LA 345 -83.38 -19.64 -91.26
CA THR LA 345 -82.46 -20.62 -90.68
C THR LA 345 -81.06 -20.02 -90.55
N LYS LA 346 -81.01 -18.78 -90.05
CA LYS LA 346 -79.77 -18.08 -89.70
C LYS LA 346 -78.72 -18.12 -90.81
N TYR LA 347 -79.17 -17.95 -92.06
CA TYR LA 347 -78.25 -17.72 -93.16
C TYR LA 347 -78.92 -16.80 -94.16
N SER LA 348 -78.10 -16.21 -95.03
CA SER LA 348 -78.61 -15.30 -96.05
C SER LA 348 -77.76 -15.50 -97.30
N HIS LA 349 -78.27 -16.31 -98.24
CA HIS LA 349 -77.55 -16.60 -99.48
C HIS LA 349 -77.79 -15.46 -100.46
N SER LA 350 -77.03 -14.38 -100.27
CA SER LA 350 -77.13 -13.23 -101.15
C SER LA 350 -76.62 -13.58 -102.54
N ALA LA 351 -77.16 -12.89 -103.54
CA ALA LA 351 -76.81 -13.13 -104.93
C ALA LA 351 -75.85 -12.04 -105.41
N ALA LA 352 -74.60 -12.42 -105.62
CA ALA LA 352 -73.63 -11.47 -106.16
C ALA LA 352 -73.81 -11.27 -107.66
N ASP LA 353 -74.11 -12.33 -108.40
CA ASP LA 353 -74.26 -12.25 -109.85
C ASP LA 353 -75.39 -13.16 -110.30
N GLU LA 354 -75.98 -12.82 -111.43
CA GLU LA 354 -77.02 -13.61 -112.07
C GLU LA 354 -76.48 -14.29 -113.32
N LEU LA 355 -77.19 -15.31 -113.77
CA LEU LA 355 -76.76 -16.14 -114.90
C LEU LA 355 -77.43 -15.65 -116.17
N SER LA 356 -76.69 -14.94 -117.01
CA SER LA 356 -77.14 -14.61 -118.35
C SER LA 356 -77.12 -15.81 -119.28
N TYR LA 357 -76.81 -16.99 -118.75
CA TYR LA 357 -76.62 -18.25 -119.46
C TYR LA 357 -75.39 -18.23 -120.35
N THR LA 358 -74.70 -17.10 -120.44
CA THR LA 358 -73.35 -17.01 -120.96
C THR LA 358 -72.36 -16.56 -119.88
N ALA LA 359 -72.64 -15.42 -119.24
CA ALA LA 359 -71.92 -15.05 -118.03
C ALA LA 359 -72.48 -15.82 -116.85
N VAL LA 360 -71.59 -16.24 -115.96
CA VAL LA 360 -71.94 -17.17 -114.90
C VAL LA 360 -72.45 -16.41 -113.69
N ALA LA 361 -73.36 -17.05 -112.96
CA ALA LA 361 -73.92 -16.50 -111.73
C ALA LA 361 -73.09 -16.93 -110.52
N THR LA 362 -73.33 -16.25 -109.40
CA THR LA 362 -72.71 -16.63 -108.15
C THR LA 362 -73.54 -16.08 -106.99
N THR LA 363 -73.82 -16.94 -106.01
CA THR LA 363 -74.46 -16.55 -104.78
C THR LA 363 -73.51 -16.78 -103.62
N ALA LA 364 -73.51 -15.86 -102.67
CA ALA LA 364 -72.59 -15.95 -101.56
C ALA LA 364 -73.31 -15.61 -100.26
N ASP LA 365 -72.87 -16.25 -99.18
CA ASP LA 365 -73.32 -15.94 -97.83
C ASP LA 365 -72.13 -15.44 -97.04
N VAL LA 366 -72.33 -14.37 -96.27
CA VAL LA 366 -71.25 -13.82 -95.48
C VAL LA 366 -71.20 -14.59 -94.17
N LEU LA 367 -70.52 -15.74 -94.20
CA LEU LA 367 -70.39 -16.55 -92.99
C LEU LA 367 -69.50 -15.90 -91.95
N SER LA 368 -68.67 -14.94 -92.34
CA SER LA 368 -67.59 -14.41 -91.50
C SER LA 368 -66.70 -15.53 -90.99
N ALA LA 369 -66.68 -16.65 -91.70
CA ALA LA 369 -65.92 -17.82 -91.28
C ALA LA 369 -64.42 -17.52 -91.30
N MET LA 370 -63.67 -18.38 -90.63
CA MET LA 370 -62.22 -18.22 -90.49
C MET LA 370 -61.91 -16.88 -89.81
N GLY LA 371 -62.87 -16.39 -89.04
CA GLY LA 371 -62.89 -15.03 -88.53
C GLY LA 371 -61.64 -14.60 -87.79
N SER LA 372 -61.34 -15.29 -86.69
CA SER LA 372 -60.15 -14.97 -85.91
C SER LA 372 -58.90 -15.08 -86.79
N SER LA 373 -58.00 -14.11 -86.63
CA SER LA 373 -56.78 -14.10 -87.41
C SER LA 373 -55.95 -15.37 -87.20
N THR LA 374 -56.13 -16.05 -86.07
CA THR LA 374 -55.46 -17.33 -85.87
C THR LA 374 -55.92 -18.35 -86.90
N ALA LA 375 -57.22 -18.38 -87.19
CA ALA LA 375 -57.74 -19.29 -88.21
C ALA LA 375 -57.18 -18.97 -89.59
N VAL LA 376 -57.15 -17.68 -89.95
CA VAL LA 376 -56.60 -17.30 -91.25
C VAL LA 376 -55.15 -17.72 -91.33
N SER LA 377 -54.37 -17.43 -90.28
CA SER LA 377 -52.96 -17.80 -90.27
C SER LA 377 -52.79 -19.29 -90.43
N THR LA 378 -53.54 -20.08 -89.65
CA THR LA 378 -53.39 -21.53 -89.69
C THR LA 378 -53.72 -22.09 -91.07
N VAL LA 379 -54.76 -21.55 -91.71
CA VAL LA 379 -55.13 -22.04 -93.03
C VAL LA 379 -54.08 -21.65 -94.07
N THR LA 380 -53.60 -20.41 -94.03
CA THR LA 380 -52.58 -20.01 -95.00
C THR LA 380 -51.20 -20.57 -94.65
N LEU LA 381 -50.94 -20.84 -93.37
CA LEU LA 381 -49.69 -21.47 -92.96
C LEU LA 381 -49.83 -22.98 -93.10
N GLY LA 382 -49.81 -23.43 -94.36
CA GLY LA 382 -50.03 -24.82 -94.67
C GLY LA 382 -51.28 -25.04 -95.49
N SER LA 383 -51.11 -25.34 -96.77
CA SER LA 383 -52.22 -25.49 -97.69
C SER LA 383 -51.73 -26.32 -98.88
N GLY LA 384 -52.43 -26.22 -100.01
CA GLY LA 384 -52.05 -26.93 -101.21
C GLY LA 384 -51.23 -26.03 -102.10
N ILE LA 385 -51.84 -25.52 -103.17
CA ILE LA 385 -51.17 -24.53 -104.01
C ILE LA 385 -51.81 -23.18 -103.73
N THR LA 386 -52.33 -23.01 -102.53
CA THR LA 386 -53.06 -21.80 -102.14
C THR LA 386 -52.05 -20.69 -101.82
N SER LA 387 -51.78 -19.84 -102.80
CA SER LA 387 -50.85 -18.72 -102.63
C SER LA 387 -51.65 -17.49 -102.18
N ALA LA 388 -51.38 -17.03 -100.96
CA ALA LA 388 -52.10 -15.91 -100.39
C ALA LA 388 -51.45 -14.59 -100.78
N ALA LA 389 -52.17 -13.50 -100.53
CA ALA LA 389 -51.66 -12.15 -100.73
C ALA LA 389 -52.33 -11.24 -99.72
N VAL LA 390 -51.53 -10.37 -99.09
CA VAL LA 390 -52.00 -9.51 -98.02
C VAL LA 390 -51.81 -8.05 -98.43
N THR LA 391 -52.90 -7.29 -98.37
CA THR LA 391 -52.87 -5.84 -98.57
C THR LA 391 -53.04 -5.20 -97.21
N PHE LA 392 -51.96 -4.62 -96.67
CA PHE LA 392 -51.95 -4.29 -95.25
C PHE LA 392 -51.40 -2.90 -94.95
N ALA LA 393 -51.74 -1.90 -95.77
CA ALA LA 393 -51.31 -0.54 -95.48
C ALA LA 393 -52.39 0.44 -95.90
N ILE LA 394 -52.08 1.73 -95.76
CA ILE LA 394 -52.96 2.80 -96.22
C ILE LA 394 -52.90 2.85 -97.75
N ALA LA 395 -54.07 3.04 -98.38
CA ALA LA 395 -54.16 2.91 -99.83
C ALA LA 395 -53.18 3.81 -100.57
N THR LA 396 -52.86 4.97 -100.01
CA THR LA 396 -51.85 5.83 -100.61
C THR LA 396 -50.46 5.21 -100.51
N THR LA 397 -50.17 4.57 -99.38
CA THR LA 397 -48.85 4.00 -99.12
C THR LA 397 -48.91 2.49 -98.95
N ASP LA 398 -49.68 1.83 -99.81
CA ASP LA 398 -49.93 0.41 -99.71
C ASP LA 398 -49.17 -0.36 -100.78
N SER LA 399 -48.99 -1.65 -100.51
CA SER LA 399 -48.49 -2.60 -101.49
C SER LA 399 -48.98 -3.98 -101.08
N ASN LA 400 -48.49 -5.01 -101.75
CA ASN LA 400 -48.91 -6.38 -101.49
C ASN LA 400 -47.69 -7.29 -101.42
N ASN LA 401 -47.84 -8.40 -100.73
CA ASN LA 401 -46.85 -9.46 -100.72
C ASN LA 401 -47.51 -10.76 -101.16
N THR LA 402 -46.87 -11.48 -102.07
CA THR LA 402 -47.35 -12.81 -102.41
C THR LA 402 -46.90 -13.79 -101.34
N TRP LA 403 -47.52 -14.97 -101.34
CA TRP LA 403 -47.28 -15.92 -100.27
C TRP LA 403 -46.99 -17.30 -100.85
N VAL LA 404 -46.05 -18.01 -100.23
CA VAL LA 404 -45.79 -19.39 -100.60
C VAL LA 404 -46.89 -20.26 -100.01
N ASP LA 405 -47.39 -21.20 -100.84
CA ASP LA 405 -48.60 -21.92 -100.51
C ASP LA 405 -48.45 -22.75 -99.24
N ASN LA 406 -47.41 -23.56 -99.16
CA ASN LA 406 -47.32 -24.58 -98.11
C ASN LA 406 -46.66 -24.08 -96.83
N LYS LA 407 -46.13 -22.85 -96.82
CA LYS LA 407 -45.58 -22.30 -95.59
C LYS LA 407 -45.93 -20.84 -95.35
N GLY LA 408 -46.66 -20.19 -96.25
CA GLY LA 408 -47.06 -18.82 -96.03
C GLY LA 408 -45.91 -17.83 -95.99
N GLU LA 409 -44.73 -18.25 -96.40
CA GLU LA 409 -43.55 -17.41 -96.41
C GLU LA 409 -43.40 -16.76 -97.78
N LEU LA 410 -42.54 -15.74 -97.86
CA LEU LA 410 -42.27 -15.06 -99.12
C LEU LA 410 -40.77 -15.03 -99.42
N THR LA 411 -40.44 -15.30 -100.68
CA THR LA 411 -39.07 -15.17 -101.17
C THR LA 411 -38.81 -13.80 -101.80
N ASP LA 412 -39.81 -13.22 -102.45
CA ASP LA 412 -39.58 -11.98 -103.19
C ASP LA 412 -39.20 -10.85 -102.25
N ILE LA 413 -39.96 -10.65 -101.19
CA ILE LA 413 -39.73 -9.59 -100.23
C ILE LA 413 -39.26 -10.20 -98.92
N GLN LA 414 -38.08 -9.79 -98.47
CA GLN LA 414 -37.50 -10.24 -97.21
C GLN LA 414 -37.66 -9.14 -96.16
N THR LA 415 -37.11 -9.38 -94.98
CA THR LA 415 -37.12 -8.38 -93.92
C THR LA 415 -35.71 -8.24 -93.35
N PHE LA 416 -35.22 -7.02 -93.31
CA PHE LA 416 -33.98 -6.72 -92.61
C PHE LA 416 -34.15 -6.97 -91.11
N ASP LA 417 -33.04 -6.89 -90.37
CA ASP LA 417 -33.06 -7.12 -88.94
C ASP LA 417 -34.10 -6.25 -88.24
N THR LA 418 -34.28 -5.02 -88.73
CA THR LA 418 -35.25 -4.10 -88.15
C THR LA 418 -36.27 -3.56 -89.15
N SER LA 419 -36.30 -4.07 -90.38
CA SER LA 419 -37.11 -3.44 -91.43
C SER LA 419 -37.43 -4.47 -92.50
N TYR LA 420 -38.37 -4.10 -93.38
CA TYR LA 420 -38.82 -4.96 -94.49
C TYR LA 420 -38.17 -4.51 -95.79
N LYS LA 421 -37.03 -5.12 -96.13
CA LYS LA 421 -36.31 -4.79 -97.35
C LYS LA 421 -36.39 -5.93 -98.35
N ILE LA 422 -36.61 -5.57 -99.62
CA ILE LA 422 -36.61 -6.58 -100.68
C ILE LA 422 -35.23 -7.20 -100.83
N ASN LA 423 -34.17 -6.43 -100.60
CA ASN LA 423 -32.81 -6.95 -100.70
C ASN LA 423 -32.58 -8.04 -99.67
N ALA LA 424 -32.51 -9.30 -100.12
CA ALA LA 424 -32.35 -10.42 -99.22
C ALA LA 424 -30.97 -10.46 -98.58
N ASP LA 425 -29.94 -9.95 -99.26
CA ASP LA 425 -28.57 -10.04 -98.78
C ASP LA 425 -27.94 -8.66 -98.74
N THR LA 426 -27.20 -8.38 -97.67
CA THR LA 426 -26.54 -7.10 -97.49
C THR LA 426 -25.03 -7.15 -97.64
N GLY LA 427 -24.41 -8.30 -97.42
CA GLY LA 427 -22.95 -8.36 -97.47
C GLY LA 427 -22.30 -7.55 -96.38
N GLU LA 428 -22.74 -7.76 -95.14
CA GLU LA 428 -22.18 -7.03 -94.01
C GLU LA 428 -20.67 -7.19 -93.96
N VAL LA 429 -19.99 -6.15 -93.48
CA VAL LA 429 -18.54 -6.07 -93.48
C VAL LA 429 -18.05 -6.14 -92.04
N THR LA 430 -17.37 -7.23 -91.70
CA THR LA 430 -16.79 -7.41 -90.38
C THR LA 430 -15.29 -7.60 -90.51
N VAL LA 431 -14.55 -7.07 -89.53
CA VAL LA 431 -13.10 -7.19 -89.50
C VAL LA 431 -12.72 -8.05 -88.31
N VAL LA 432 -11.84 -9.02 -88.54
CA VAL LA 432 -11.35 -9.90 -87.47
C VAL LA 432 -10.27 -9.13 -86.73
N GLY LA 433 -10.58 -8.67 -85.52
CA GLY LA 433 -9.62 -7.92 -84.74
C GLY LA 433 -8.37 -8.74 -84.46
N ASP LA 434 -7.28 -8.39 -85.12
CA ASP LA 434 -6.04 -9.12 -84.93
C ASP LA 434 -5.54 -8.95 -83.50
N ASN LA 435 -5.04 -10.04 -82.94
CA ASN LA 435 -4.59 -10.15 -81.55
C ASN LA 435 -5.75 -10.08 -80.56
N SER LA 436 -6.97 -9.84 -81.03
CA SER LA 436 -8.15 -9.86 -80.18
C SER LA 436 -9.09 -11.01 -80.46
N ALA LA 437 -9.01 -11.62 -81.65
CA ALA LA 437 -9.81 -12.78 -82.01
C ALA LA 437 -11.31 -12.49 -81.91
N THR LA 438 -11.71 -11.24 -82.13
CA THR LA 438 -13.10 -10.86 -82.09
C THR LA 438 -13.45 -10.15 -83.39
N ALA LA 439 -14.52 -10.61 -84.05
CA ALA LA 439 -14.93 -10.06 -85.33
C ALA LA 439 -15.59 -8.71 -85.10
N GLY LA 440 -14.75 -7.69 -84.93
CA GLY LA 440 -15.27 -6.34 -84.76
C GLY LA 440 -16.04 -5.89 -85.98
N GLN LA 441 -17.14 -5.19 -85.75
CA GLN LA 441 -17.98 -4.72 -86.84
C GLN LA 441 -17.25 -3.62 -87.62
N TYR LA 442 -17.54 -3.56 -88.92
CA TYR LA 442 -16.86 -2.58 -89.78
C TYR LA 442 -17.84 -1.81 -90.66
N ALA LA 443 -18.99 -2.38 -90.98
CA ALA LA 443 -19.88 -1.79 -91.97
C ALA LA 443 -20.42 -0.43 -91.55
N SER LA 444 -21.27 -0.38 -90.53
CA SER LA 444 -21.82 0.89 -90.08
C SER LA 444 -21.76 1.04 -88.57
N ALA LA 445 -21.83 -0.08 -87.84
CA ALA LA 445 -21.74 0.00 -86.38
C ALA LA 445 -20.32 0.33 -85.94
N ASP LA 446 -19.33 -0.08 -86.72
CA ASP LA 446 -17.94 0.34 -86.56
C ASP LA 446 -17.41 -0.02 -85.16
N GLY LA 447 -17.38 -1.32 -84.90
CA GLY LA 447 -16.83 -1.83 -83.66
C GLY LA 447 -17.87 -2.38 -82.72
N ALA LA 448 -18.91 -3.01 -83.28
CA ALA LA 448 -19.99 -3.57 -82.47
C ALA LA 448 -19.60 -4.87 -81.79
N LYS LA 449 -18.43 -5.44 -82.10
CA LYS LA 449 -17.94 -6.66 -81.47
C LYS LA 449 -18.94 -7.80 -81.66
N VAL LA 450 -19.06 -8.22 -82.92
CA VAL LA 450 -20.05 -9.21 -83.31
C VAL LA 450 -19.97 -10.47 -82.44
N LEU LA 451 -21.13 -10.95 -82.02
CA LEU LA 451 -21.28 -12.23 -81.34
C LEU LA 451 -22.15 -13.18 -82.17
N VAL LA 452 -21.92 -14.47 -81.98
CA VAL LA 452 -22.71 -15.49 -82.66
C VAL LA 452 -24.06 -15.62 -81.98
N GLY LA 453 -25.14 -15.49 -82.76
CA GLY LA 453 -26.48 -15.60 -82.23
C GLY LA 453 -26.86 -17.04 -81.92
N SER LA 454 -28.05 -17.19 -81.34
CA SER LA 454 -28.53 -18.52 -80.98
C SER LA 454 -28.85 -19.37 -82.20
N ASP LA 455 -29.10 -18.74 -83.36
CA ASP LA 455 -29.38 -19.46 -84.59
C ASP LA 455 -28.13 -19.65 -85.45
N GLY LA 456 -26.96 -19.26 -84.94
CA GLY LA 456 -25.71 -19.44 -85.64
C GLY LA 456 -25.31 -18.29 -86.54
N LYS LA 457 -26.20 -17.33 -86.80
CA LYS LA 457 -25.87 -16.19 -87.62
C LYS LA 457 -25.13 -15.14 -86.80
N LEU LA 458 -24.45 -14.23 -87.51
CA LEU LA 458 -23.70 -13.17 -86.87
C LEU LA 458 -24.63 -12.04 -86.44
N THR LA 459 -24.39 -11.51 -85.25
CA THR LA 459 -25.18 -10.41 -84.72
C THR LA 459 -24.31 -9.58 -83.79
N THR LA 460 -24.73 -8.33 -83.58
CA THR LA 460 -24.01 -7.42 -82.70
C THR LA 460 -24.49 -7.46 -81.27
N GLU LA 461 -25.60 -8.13 -80.98
CA GLU LA 461 -26.17 -8.10 -79.66
C GLU LA 461 -25.48 -9.15 -78.78
N THR LA 462 -25.40 -8.86 -77.48
CA THR LA 462 -24.56 -9.65 -76.58
C THR LA 462 -25.29 -10.81 -75.90
N THR LA 463 -26.49 -10.59 -75.38
CA THR LA 463 -27.16 -11.58 -74.54
C THR LA 463 -28.48 -12.03 -75.15
N SER LA 464 -28.63 -13.34 -75.34
CA SER LA 464 -29.81 -13.89 -75.98
C SER LA 464 -30.96 -13.98 -74.99
N ALA LA 465 -32.12 -14.40 -75.50
CA ALA LA 465 -33.33 -14.45 -74.66
C ALA LA 465 -33.20 -15.48 -73.55
N GLY LA 466 -32.57 -16.61 -73.83
CA GLY LA 466 -32.49 -17.68 -72.85
C GLY LA 466 -33.72 -18.56 -72.87
N ASP LA 467 -34.09 -19.12 -71.72
CA ASP LA 467 -35.26 -20.00 -71.64
C ASP LA 467 -35.91 -19.81 -70.27
N LYS LA 468 -36.88 -18.88 -70.20
CA LYS LA 468 -37.38 -18.32 -68.92
C LYS LA 468 -38.53 -17.36 -69.20
N THR LA 469 -39.50 -17.27 -68.31
CA THR LA 469 -40.61 -16.35 -68.49
C THR LA 469 -40.10 -14.92 -68.33
N THR LA 470 -40.04 -14.19 -69.45
CA THR LA 470 -39.36 -12.89 -69.45
C THR LA 470 -40.03 -11.90 -68.50
N ASP LA 471 -41.35 -11.97 -68.39
CA ASP LA 471 -42.12 -11.11 -67.48
C ASP LA 471 -43.00 -11.99 -66.61
N PRO LA 472 -42.42 -12.60 -65.56
CA PRO LA 472 -43.22 -13.53 -64.75
C PRO LA 472 -44.36 -12.85 -64.03
N LEU LA 473 -44.07 -11.78 -63.28
CA LEU LA 473 -45.11 -11.13 -62.49
C LEU LA 473 -46.13 -10.43 -63.38
N LYS LA 474 -45.73 -9.95 -64.55
CA LYS LA 474 -46.70 -9.36 -65.47
C LYS LA 474 -47.72 -10.41 -65.94
N THR LA 475 -47.24 -11.60 -66.30
CA THR LA 475 -48.15 -12.66 -66.68
C THR LA 475 -49.02 -13.09 -65.51
N LEU LA 476 -48.44 -13.11 -64.30
CA LEU LA 476 -49.23 -13.44 -63.12
C LEU LA 476 -50.33 -12.42 -62.89
N ASP LA 477 -50.03 -11.13 -63.10
CA ASP LA 477 -51.05 -10.11 -62.94
C ASP LA 477 -52.12 -10.21 -64.03
N ALA LA 478 -51.72 -10.59 -65.24
CA ALA LA 478 -52.72 -10.81 -66.29
C ALA LA 478 -53.65 -11.96 -65.92
N ALA LA 479 -53.09 -13.05 -65.40
CA ALA LA 479 -53.92 -14.16 -64.93
C ALA LA 479 -54.82 -13.73 -63.79
N PHE LA 480 -54.29 -12.92 -62.88
CA PHE LA 480 -55.09 -12.40 -61.77
C PHE LA 480 -56.26 -11.58 -62.29
N THR LA 481 -56.01 -10.73 -63.29
CA THR LA 481 -57.09 -9.92 -63.85
C THR LA 481 -58.15 -10.79 -64.51
N LYS LA 482 -57.73 -11.82 -65.26
CA LYS LA 482 -58.70 -12.71 -65.89
C LYS LA 482 -59.55 -13.41 -64.85
N LEU LA 483 -58.90 -13.97 -63.81
CA LEU LA 483 -59.63 -14.69 -62.79
C LEU LA 483 -60.56 -13.76 -62.02
N ASP LA 484 -60.10 -12.55 -61.71
CA ASP LA 484 -60.93 -11.59 -60.99
C ASP LA 484 -62.14 -11.18 -61.82
N LYS LA 485 -61.93 -10.98 -63.14
CA LYS LA 485 -63.05 -10.64 -64.01
C LYS LA 485 -64.08 -11.76 -64.00
N LEU LA 486 -63.63 -13.02 -64.12
CA LEU LA 486 -64.58 -14.12 -64.14
C LEU LA 486 -65.30 -14.25 -62.80
N THR LA 487 -64.57 -14.09 -61.69
CA THR LA 487 -65.19 -14.19 -60.37
C THR LA 487 -66.22 -13.08 -60.15
N GLY LA 488 -65.88 -11.86 -60.56
CA GLY LA 488 -66.83 -10.77 -60.43
C GLY LA 488 -68.06 -10.96 -61.29
N GLU LA 489 -67.87 -11.47 -62.51
CA GLU LA 489 -69.03 -11.77 -63.35
C GLU LA 489 -69.90 -12.82 -62.70
N LEU LA 490 -69.30 -13.86 -62.13
CA LEU LA 490 -70.07 -14.90 -61.46
C LEU LA 490 -70.83 -14.35 -60.25
N GLY LA 491 -70.18 -13.48 -59.47
CA GLY LA 491 -70.84 -12.89 -58.34
C GLY LA 491 -72.01 -12.01 -58.74
N ALA LA 492 -71.84 -11.24 -59.82
CA ALA LA 492 -72.93 -10.42 -60.32
C ALA LA 492 -74.09 -11.28 -60.78
N VAL LA 493 -73.80 -12.37 -61.50
CA VAL LA 493 -74.86 -13.28 -61.94
C VAL LA 493 -75.56 -13.89 -60.74
N GLN LA 494 -74.82 -14.25 -59.70
CA GLN LA 494 -75.42 -14.84 -58.52
C GLN LA 494 -76.33 -13.85 -57.79
N ASN LA 495 -75.88 -12.58 -57.68
CA ASN LA 495 -76.73 -11.57 -57.06
C ASN LA 495 -78.00 -11.35 -57.87
N ARG LA 496 -77.86 -11.26 -59.19
CA ARG LA 496 -79.04 -11.10 -60.04
C ARG LA 496 -79.97 -12.30 -59.89
N LEU LA 497 -79.41 -13.51 -59.76
CA LEU LA 497 -80.23 -14.69 -59.60
C LEU LA 497 -80.98 -14.68 -58.26
N GLU LA 498 -80.32 -14.20 -57.20
CA GLU LA 498 -81.01 -14.07 -55.92
C GLU LA 498 -82.16 -13.06 -56.03
N SER LA 499 -81.92 -11.94 -56.72
CA SER LA 499 -82.97 -10.97 -56.92
C SER LA 499 -84.12 -11.56 -57.73
N THR LA 500 -83.80 -12.39 -58.72
CA THR LA 500 -84.86 -13.07 -59.47
C THR LA 500 -85.62 -14.04 -58.57
N ILE LA 501 -84.93 -14.71 -57.66
CA ILE LA 501 -85.62 -15.58 -56.70
C ILE LA 501 -86.64 -14.77 -55.91
N ALA LA 502 -86.22 -13.62 -55.39
CA ALA LA 502 -87.14 -12.79 -54.62
C ALA LA 502 -88.31 -12.32 -55.47
N ASN LA 503 -88.02 -11.86 -56.69
CA ASN LA 503 -89.07 -11.34 -57.55
C ASN LA 503 -90.07 -12.43 -57.93
N LEU LA 504 -89.58 -13.62 -58.29
CA LEU LA 504 -90.47 -14.71 -58.64
C LEU LA 504 -91.28 -15.17 -57.44
N ASN LA 505 -90.69 -15.21 -56.25
CA ASN LA 505 -91.47 -15.57 -55.07
C ASN LA 505 -92.59 -14.57 -54.83
N ASN LA 506 -92.29 -13.29 -54.94
CA ASN LA 506 -93.33 -12.27 -54.75
C ASN LA 506 -94.42 -12.41 -55.80
N VAL LA 507 -94.03 -12.61 -57.07
CA VAL LA 507 -95.02 -12.74 -58.14
C VAL LA 507 -95.86 -13.99 -57.94
N VAL LA 508 -95.25 -15.08 -57.48
CA VAL LA 508 -96.00 -16.29 -57.19
C VAL LA 508 -97.04 -16.03 -56.11
N ASN LA 509 -96.64 -15.32 -55.06
CA ASN LA 509 -97.60 -14.99 -54.00
C ASN LA 509 -98.77 -14.18 -54.54
N ASN LA 510 -98.46 -13.15 -55.36
CA ASN LA 510 -99.53 -12.29 -55.84
C ASN LA 510 -100.47 -13.01 -56.80
N LEU LA 511 -99.94 -13.85 -57.70
CA LEU LA 511 -100.82 -14.59 -58.59
C LEU LA 511 -101.56 -15.71 -57.87
N SER LA 512 -100.98 -16.28 -56.80
CA SER LA 512 -101.75 -17.19 -55.98
C SER LA 512 -102.92 -16.47 -55.33
N SER LA 513 -102.70 -15.24 -54.87
CA SER LA 513 -103.80 -14.44 -54.35
C SER LA 513 -104.84 -14.17 -55.43
N ALA LA 514 -104.41 -13.83 -56.64
CA ALA LA 514 -105.37 -13.57 -57.71
C ALA LA 514 -106.19 -14.82 -58.02
N ARG LA 515 -105.53 -15.98 -58.05
CA ARG LA 515 -106.26 -17.23 -58.25
C ARG LA 515 -107.22 -17.48 -57.10
N SER LA 516 -106.86 -17.06 -55.89
CA SER LA 516 -107.77 -17.21 -54.75
C SER LA 516 -109.00 -16.32 -54.92
N ARG LA 517 -108.81 -15.06 -55.31
CA ARG LA 517 -109.94 -14.18 -55.54
C ARG LA 517 -110.85 -14.71 -56.64
N ILE LA 518 -110.26 -15.26 -57.69
CA ILE LA 518 -111.10 -15.65 -58.84
C ILE LA 518 -111.75 -17.01 -58.62
N GLN LA 519 -111.03 -17.95 -58.01
CA GLN LA 519 -111.39 -19.37 -58.04
C GLN LA 519 -111.87 -19.92 -56.70
N ASP LA 520 -111.22 -19.58 -55.60
CA ASP LA 520 -111.57 -20.16 -54.32
C ASP LA 520 -112.95 -19.69 -53.87
N ALA LA 521 -113.53 -20.42 -52.94
CA ALA LA 521 -114.85 -20.12 -52.39
C ALA LA 521 -114.72 -19.71 -50.93
N ASP LA 522 -115.23 -18.54 -50.61
CA ASP LA 522 -115.23 -18.01 -49.24
C ASP LA 522 -116.35 -18.66 -48.42
N TYR LA 523 -115.94 -19.54 -47.51
CA TYR LA 523 -116.86 -20.51 -46.92
C TYR LA 523 -118.07 -19.90 -46.25
N ALA LA 524 -117.98 -18.66 -45.76
CA ALA LA 524 -119.13 -18.06 -45.10
C ALA LA 524 -120.33 -18.00 -46.04
N THR LA 525 -120.12 -17.53 -47.27
CA THR LA 525 -121.23 -17.31 -48.19
C THR LA 525 -121.95 -18.61 -48.51
N GLU LA 526 -121.22 -19.63 -48.95
CA GLU LA 526 -121.89 -20.85 -49.38
C GLU LA 526 -122.26 -21.74 -48.20
N VAL LA 527 -121.68 -21.52 -47.03
CA VAL LA 527 -122.24 -22.17 -45.84
C VAL LA 527 -123.61 -21.60 -45.52
N SER LA 528 -123.76 -20.27 -45.59
CA SER LA 528 -125.07 -19.66 -45.44
C SER LA 528 -126.02 -20.14 -46.53
N ASN LA 529 -125.51 -20.28 -47.75
CA ASN LA 529 -126.33 -20.79 -48.84
C ASN LA 529 -126.77 -22.23 -48.60
N MET LA 530 -125.89 -23.05 -48.04
CA MET LA 530 -126.27 -24.42 -47.69
C MET LA 530 -127.36 -24.43 -46.64
N SER LA 531 -127.24 -23.57 -45.62
CA SER LA 531 -128.27 -23.52 -44.59
C SER LA 531 -129.61 -23.09 -45.18
N LYS LA 532 -129.59 -22.05 -46.02
CA LYS LA 532 -130.81 -21.58 -46.66
C LYS LA 532 -131.41 -22.65 -47.55
N ALA LA 533 -130.56 -23.37 -48.29
CA ALA LA 533 -131.05 -24.42 -49.17
C ALA LA 533 -131.64 -25.58 -48.39
N GLN LA 534 -131.05 -25.92 -47.24
CA GLN LA 534 -131.61 -26.98 -46.42
C GLN LA 534 -132.97 -26.59 -45.85
N ILE LA 535 -133.09 -25.35 -45.35
CA ILE LA 535 -134.38 -24.89 -44.85
C ILE LA 535 -135.41 -24.88 -45.98
N LEU LA 536 -135.00 -24.42 -47.17
CA LEU LA 536 -135.89 -24.43 -48.31
C LEU LA 536 -136.30 -25.83 -48.69
N GLN LA 537 -135.36 -26.79 -48.58
CA GLN LA 537 -135.66 -28.17 -48.92
C GLN LA 537 -136.73 -28.73 -47.99
N GLN LA 538 -136.55 -28.53 -46.67
CA GLN LA 538 -137.53 -29.03 -45.73
C GLN LA 538 -138.89 -28.36 -45.91
N ALA LA 539 -138.88 -27.04 -46.12
CA ALA LA 539 -140.13 -26.32 -46.33
C ALA LA 539 -140.83 -26.79 -47.60
N GLY LA 540 -140.06 -27.00 -48.68
CA GLY LA 540 -140.65 -27.47 -49.92
C GLY LA 540 -141.21 -28.86 -49.80
N THR LA 541 -140.52 -29.75 -49.09
CA THR LA 541 -141.06 -31.09 -48.88
C THR LA 541 -142.35 -31.03 -48.09
N SER LA 542 -142.41 -30.20 -47.05
CA SER LA 542 -143.64 -30.08 -46.26
C SER LA 542 -144.78 -29.51 -47.10
N VAL LA 543 -144.51 -28.46 -47.86
CA VAL LA 543 -145.56 -27.84 -48.67
C VAL LA 543 -146.03 -28.79 -49.74
N LEU LA 544 -145.11 -29.55 -50.34
CA LEU LA 544 -145.52 -30.58 -51.29
C LEU LA 544 -146.39 -31.63 -50.61
N ALA LA 545 -146.06 -31.97 -49.36
CA ALA LA 545 -146.91 -32.89 -48.62
C ALA LA 545 -148.33 -32.36 -48.50
N GLN LA 546 -148.49 -31.13 -48.00
CA GLN LA 546 -149.85 -30.59 -47.83
C GLN LA 546 -150.56 -30.47 -49.17
N ALA LA 547 -149.82 -30.12 -50.23
CA ALA LA 547 -150.43 -30.13 -51.56
C ALA LA 547 -150.94 -31.51 -51.94
N ASN LA 548 -150.23 -32.56 -51.51
CA ASN LA 548 -150.67 -33.91 -51.82
C ASN LA 548 -151.99 -34.27 -51.14
N GLN LA 549 -152.23 -33.80 -49.92
CA GLN LA 549 -153.53 -34.02 -49.30
C GLN LA 549 -154.54 -32.94 -49.61
N VAL LA 550 -154.18 -31.92 -50.39
CA VAL LA 550 -155.19 -30.96 -50.86
C VAL LA 550 -156.38 -31.66 -51.50
N PRO LA 551 -156.20 -32.64 -52.41
CA PRO LA 551 -157.39 -33.27 -53.02
C PRO LA 551 -158.13 -34.23 -52.10
N GLN LA 552 -157.59 -34.56 -50.92
CA GLN LA 552 -158.31 -35.43 -50.00
C GLN LA 552 -159.65 -34.85 -49.58
N THR LA 553 -159.77 -33.52 -49.58
CA THR LA 553 -161.05 -32.89 -49.23
C THR LA 553 -162.14 -33.31 -50.19
N VAL LA 554 -161.78 -33.73 -51.40
CA VAL LA 554 -162.78 -34.28 -52.33
C VAL LA 554 -163.42 -35.52 -51.72
N LEU LA 555 -162.63 -36.33 -51.01
CA LEU LA 555 -163.19 -37.51 -50.35
C LEU LA 555 -163.82 -37.13 -49.03
N SER LA 556 -164.67 -36.11 -49.05
CA SER LA 556 -165.59 -35.80 -47.96
C SER LA 556 -167.03 -35.85 -48.45
N LEU LA 557 -167.29 -35.29 -49.63
CA LEU LA 557 -168.56 -35.45 -50.31
C LEU LA 557 -168.49 -36.70 -51.20
N LEU LA 558 -169.55 -37.50 -51.16
CA LEU LA 558 -169.60 -38.73 -51.96
C LEU LA 558 -171.01 -39.01 -52.44
N ALA MA 2 -134.60 -61.04 -44.40
CA ALA MA 2 -136.02 -61.25 -44.21
C ALA MA 2 -136.64 -60.10 -43.43
N ALA MA 3 -137.65 -60.41 -42.62
CA ALA MA 3 -138.24 -59.45 -41.69
C ALA MA 3 -138.29 -60.03 -40.29
N VAL MA 4 -137.31 -60.84 -39.95
CA VAL MA 4 -137.30 -61.54 -38.67
C VAL MA 4 -136.86 -60.58 -37.57
N ILE MA 5 -137.34 -60.85 -36.35
CA ILE MA 5 -136.95 -60.07 -35.19
C ILE MA 5 -136.36 -60.91 -34.07
N ASN MA 6 -136.64 -62.22 -34.02
CA ASN MA 6 -136.11 -63.05 -32.94
C ASN MA 6 -134.59 -63.12 -33.00
N THR MA 7 -134.03 -63.23 -34.20
CA THR MA 7 -132.59 -63.28 -34.40
C THR MA 7 -132.17 -62.13 -35.30
N ASN MA 8 -131.08 -61.47 -34.93
CA ASN MA 8 -130.52 -60.36 -35.69
C ASN MA 8 -129.08 -60.72 -36.02
N TYR MA 9 -128.86 -61.31 -37.19
CA TYR MA 9 -127.53 -61.77 -37.56
C TYR MA 9 -126.55 -60.60 -37.62
N LEU MA 10 -127.01 -59.43 -38.06
CA LEU MA 10 -126.13 -58.26 -38.12
C LEU MA 10 -125.62 -57.89 -36.75
N SER MA 11 -126.48 -57.95 -35.73
CA SER MA 11 -126.04 -57.65 -34.37
C SER MA 11 -124.98 -58.64 -33.90
N LEU MA 12 -125.16 -59.93 -34.23
CA LEU MA 12 -124.17 -60.92 -33.83
C LEU MA 12 -122.83 -60.68 -34.51
N VAL MA 13 -122.85 -60.37 -35.81
CA VAL MA 13 -121.60 -60.09 -36.51
C VAL MA 13 -120.92 -58.86 -35.91
N ALA MA 14 -121.71 -57.83 -35.61
CA ALA MA 14 -121.15 -56.64 -35.00
C ALA MA 14 -120.53 -56.96 -33.64
N GLN MA 15 -121.20 -57.79 -32.85
CA GLN MA 15 -120.65 -58.17 -31.56
C GLN MA 15 -119.34 -58.93 -31.70
N ASN MA 16 -119.26 -59.84 -32.69
CA ASN MA 16 -118.01 -60.57 -32.90
C ASN MA 16 -116.88 -59.64 -33.28
N ASN MA 17 -117.12 -58.73 -34.21
CA ASN MA 17 -116.06 -57.80 -34.62
C ASN MA 17 -115.69 -56.88 -33.47
N LEU MA 18 -116.67 -56.48 -32.66
CA LEU MA 18 -116.40 -55.66 -31.49
C LEU MA 18 -115.51 -56.40 -30.51
N ASN MA 19 -115.78 -57.69 -30.30
CA ASN MA 19 -114.94 -58.48 -29.40
C ASN MA 19 -113.52 -58.61 -29.92
N LYS MA 20 -113.37 -58.85 -31.23
CA LYS MA 20 -112.03 -58.95 -31.79
C LYS MA 20 -111.26 -57.65 -31.64
N SER MA 21 -111.93 -56.52 -31.94
CA SER MA 21 -111.29 -55.21 -31.78
C SER MA 21 -110.95 -54.95 -30.31
N GLN MA 22 -111.82 -55.36 -29.39
CA GLN MA 22 -111.56 -55.18 -27.98
C GLN MA 22 -110.35 -56.00 -27.54
N SER MA 23 -110.22 -57.22 -28.05
CA SER MA 23 -109.05 -58.02 -27.72
C SER MA 23 -107.77 -57.36 -28.24
N SER MA 24 -107.81 -56.84 -29.47
CA SER MA 24 -106.64 -56.15 -30.00
C SER MA 24 -106.29 -54.93 -29.16
N LEU MA 25 -107.31 -54.16 -28.76
CA LEU MA 25 -107.08 -53.00 -27.92
C LEU MA 25 -106.49 -53.40 -26.57
N GLY MA 26 -106.98 -54.50 -25.99
CA GLY MA 26 -106.43 -54.95 -24.72
C GLY MA 26 -104.98 -55.35 -24.84
N THR MA 27 -104.63 -56.05 -25.92
CA THR MA 27 -103.22 -56.39 -26.13
C THR MA 27 -102.37 -55.14 -26.29
N ALA MA 28 -102.87 -54.14 -27.03
CA ALA MA 28 -102.12 -52.90 -27.18
C ALA MA 28 -101.93 -52.19 -25.85
N ILE MA 29 -102.98 -52.14 -25.03
CA ILE MA 29 -102.88 -51.49 -23.73
C ILE MA 29 -101.89 -52.22 -22.84
N GLU MA 30 -101.94 -53.55 -22.84
CA GLU MA 30 -101.01 -54.31 -22.02
C GLU MA 30 -99.56 -54.07 -22.47
N ARG MA 31 -99.32 -54.06 -23.78
CA ARG MA 31 -97.96 -53.84 -24.27
C ARG MA 31 -97.46 -52.45 -23.93
N LEU MA 32 -98.34 -51.44 -24.02
CA LEU MA 32 -97.92 -50.10 -23.63
C LEU MA 32 -97.65 -50.00 -22.14
N SER MA 33 -98.55 -50.53 -21.30
CA SER MA 33 -98.40 -50.37 -19.87
C SER MA 33 -97.16 -51.10 -19.35
N SER MA 34 -97.00 -52.36 -19.75
CA SER MA 34 -95.82 -53.11 -19.33
C SER MA 34 -94.57 -52.58 -20.01
N GLY MA 35 -94.69 -52.15 -21.26
CA GLY MA 35 -93.54 -51.77 -22.05
C GLY MA 35 -92.80 -52.91 -22.70
N LEU MA 36 -93.24 -54.14 -22.50
CA LEU MA 36 -92.59 -55.32 -23.06
C LEU MA 36 -93.50 -55.96 -24.09
N ARG MA 37 -93.00 -56.14 -25.30
CA ARG MA 37 -93.80 -56.80 -26.34
C ARG MA 37 -94.09 -58.24 -25.96
N ILE MA 38 -93.11 -58.94 -25.42
CA ILE MA 38 -93.28 -60.32 -24.98
C ILE MA 38 -93.57 -60.28 -23.48
N ASN MA 39 -94.85 -60.16 -23.14
CA ASN MA 39 -95.34 -60.43 -21.81
C ASN MA 39 -96.55 -61.34 -21.96
N SER MA 40 -96.86 -62.08 -20.89
CA SER MA 40 -97.91 -63.10 -20.96
C SER MA 40 -97.59 -64.07 -22.11
N ALA MA 41 -96.56 -64.88 -21.87
CA ALA MA 41 -95.77 -65.57 -22.88
C ALA MA 41 -96.57 -66.18 -24.03
N LYS MA 42 -97.88 -66.38 -23.84
CA LYS MA 42 -98.76 -66.94 -24.87
C LYS MA 42 -98.50 -66.36 -26.26
N ASP MA 43 -98.04 -65.12 -26.33
CA ASP MA 43 -97.57 -64.54 -27.59
C ASP MA 43 -96.06 -64.67 -27.67
N ASP MA 44 -95.57 -65.29 -28.74
CA ASP MA 44 -94.14 -65.49 -28.97
C ASP MA 44 -93.50 -66.26 -27.81
N ALA MA 45 -93.96 -67.51 -27.64
CA ALA MA 45 -93.41 -68.35 -26.57
C ALA MA 45 -91.91 -68.57 -26.75
N ALA MA 46 -91.47 -68.83 -27.98
CA ALA MA 46 -90.05 -68.94 -28.24
C ALA MA 46 -89.35 -67.63 -27.91
N GLY MA 47 -89.99 -66.51 -28.24
CA GLY MA 47 -89.44 -65.22 -27.84
C GLY MA 47 -89.33 -65.07 -26.34
N MET MA 48 -90.32 -65.59 -25.60
CA MET MA 48 -90.24 -65.54 -24.15
C MET MA 48 -89.06 -66.37 -23.64
N ALA MA 49 -88.86 -67.56 -24.20
CA ALA MA 49 -87.73 -68.38 -23.79
C ALA MA 49 -86.40 -67.68 -24.09
N ILE MA 50 -86.30 -67.06 -25.26
CA ILE MA 50 -85.07 -66.35 -25.62
C ILE MA 50 -84.83 -65.18 -24.67
N ALA MA 51 -85.88 -64.42 -24.36
CA ALA MA 51 -85.74 -63.30 -23.44
C ALA MA 51 -85.36 -63.78 -22.05
N ASN MA 52 -85.93 -64.90 -21.61
CA ASN MA 52 -85.56 -65.48 -20.31
C ASN MA 52 -84.08 -65.84 -20.28
N ARG MA 53 -83.60 -66.50 -21.33
CA ARG MA 53 -82.20 -66.88 -21.38
C ARG MA 53 -81.32 -65.63 -21.37
N PHE MA 54 -81.71 -64.61 -22.13
CA PHE MA 54 -80.92 -63.38 -22.17
C PHE MA 54 -80.90 -62.68 -20.82
N THR MA 55 -82.05 -62.64 -20.12
CA THR MA 55 -82.08 -62.02 -18.80
C THR MA 55 -81.17 -62.77 -17.85
N ALA MA 56 -81.25 -64.10 -17.84
CA ALA MA 56 -80.39 -64.87 -16.95
C ALA MA 56 -78.93 -64.60 -17.24
N ASN MA 57 -78.57 -64.60 -18.52
CA ASN MA 57 -77.18 -64.34 -18.90
C ASN MA 57 -76.75 -62.93 -18.48
N VAL MA 58 -77.63 -61.94 -18.63
CA VAL MA 58 -77.27 -60.56 -18.32
C VAL MA 58 -77.03 -60.39 -16.82
N ARG MA 59 -77.94 -60.92 -16.00
CA ARG MA 59 -77.71 -60.82 -14.55
C ARG MA 59 -76.46 -61.59 -14.15
N GLY MA 60 -76.25 -62.78 -14.72
CA GLY MA 60 -75.05 -63.53 -14.41
C GLY MA 60 -73.79 -62.76 -14.76
N LEU MA 61 -73.78 -62.08 -15.90
CA LEU MA 61 -72.58 -61.36 -16.33
C LEU MA 61 -72.38 -60.08 -15.53
N THR MA 62 -73.45 -59.40 -15.12
CA THR MA 62 -73.29 -58.25 -14.24
C THR MA 62 -72.70 -58.68 -12.90
N GLN MA 63 -73.21 -59.78 -12.33
CA GLN MA 63 -72.62 -60.28 -11.10
C GLN MA 63 -71.18 -60.74 -11.33
N ALA MA 64 -70.88 -61.24 -12.53
CA ALA MA 64 -69.51 -61.60 -12.87
C ALA MA 64 -68.60 -60.38 -12.88
N ALA MA 65 -69.08 -59.27 -13.43
CA ALA MA 65 -68.31 -58.04 -13.40
C ALA MA 65 -68.07 -57.59 -11.96
N ARG MA 66 -69.09 -57.73 -11.11
CA ARG MA 66 -68.89 -57.42 -9.70
C ARG MA 66 -67.82 -58.31 -9.08
N ASN MA 67 -67.86 -59.61 -9.38
CA ASN MA 67 -66.88 -60.53 -8.82
C ASN MA 67 -65.47 -60.19 -9.28
N ALA MA 68 -65.32 -59.86 -10.57
CA ALA MA 68 -64.00 -59.50 -11.08
C ALA MA 68 -63.51 -58.18 -10.49
N ASN MA 69 -64.43 -57.24 -10.21
CA ASN MA 69 -64.04 -56.04 -9.51
C ASN MA 69 -63.52 -56.36 -8.11
N ASP MA 70 -64.20 -57.28 -7.42
CA ASP MA 70 -63.72 -57.71 -6.11
C ASP MA 70 -62.34 -58.34 -6.21
N GLY MA 71 -62.11 -59.14 -7.26
CA GLY MA 71 -60.79 -59.71 -7.47
C GLY MA 71 -59.73 -58.66 -7.72
N ILE MA 72 -60.07 -57.62 -8.50
CA ILE MA 72 -59.14 -56.52 -8.72
C ILE MA 72 -58.79 -55.85 -7.41
N SER MA 73 -59.80 -55.61 -6.57
CA SER MA 73 -59.54 -54.98 -5.28
C SER MA 73 -58.66 -55.84 -4.40
N LEU MA 74 -58.91 -57.15 -4.38
CA LEU MA 74 -58.05 -58.06 -3.62
C LEU MA 74 -56.62 -58.01 -4.12
N ALA MA 75 -56.44 -58.03 -5.44
CA ALA MA 75 -55.10 -57.94 -6.00
C ALA MA 75 -54.44 -56.61 -5.62
N GLN MA 76 -55.23 -55.53 -5.57
CA GLN MA 76 -54.69 -54.24 -5.18
C GLN MA 76 -54.16 -54.26 -3.76
N THR MA 77 -54.95 -54.80 -2.83
CA THR MA 77 -54.50 -54.87 -1.43
C THR MA 77 -53.24 -55.72 -1.31
N THR MA 78 -53.25 -56.89 -1.97
CA THR MA 78 -52.10 -57.78 -1.86
C THR MA 78 -50.87 -57.13 -2.46
N GLU MA 79 -51.03 -56.43 -3.57
CA GLU MA 79 -49.92 -55.74 -4.23
C GLU MA 79 -49.37 -54.63 -3.35
N GLY MA 80 -50.25 -53.87 -2.67
CA GLY MA 80 -49.77 -52.85 -1.77
C GLY MA 80 -48.94 -53.42 -0.63
N ALA MA 81 -49.44 -54.50 -0.02
CA ALA MA 81 -48.66 -55.14 1.04
C ALA MA 81 -47.33 -55.67 0.50
N ALA MA 82 -47.35 -56.25 -0.70
CA ALA MA 82 -46.12 -56.75 -1.29
C ALA MA 82 -45.14 -55.62 -1.56
N SER MA 83 -45.62 -54.47 -1.99
CA SER MA 83 -44.73 -53.33 -2.23
C SER MA 83 -44.12 -52.85 -0.92
N GLU MA 84 -44.89 -52.85 0.16
CA GLU MA 84 -44.31 -52.48 1.45
C GLU MA 84 -43.24 -53.48 1.88
N VAL MA 85 -43.49 -54.78 1.67
CA VAL MA 85 -42.45 -55.77 1.96
C VAL MA 85 -41.24 -55.53 1.07
N ASN MA 86 -41.47 -55.07 -0.16
CA ASN MA 86 -40.38 -54.73 -1.07
C ASN MA 86 -39.52 -53.60 -0.50
N THR MA 87 -40.17 -52.56 0.03
CA THR MA 87 -39.42 -51.48 0.67
C THR MA 87 -38.64 -52.00 1.87
N HIS MA 88 -39.24 -52.92 2.63
CA HIS MA 88 -38.53 -53.50 3.76
C HIS MA 88 -37.29 -54.28 3.30
N LEU MA 89 -37.41 -55.03 2.21
CA LEU MA 89 -36.26 -55.73 1.66
C LEU MA 89 -35.19 -54.73 1.21
N GLN MA 90 -35.61 -53.62 0.61
CA GLN MA 90 -34.65 -52.59 0.21
C GLN MA 90 -33.88 -52.06 1.41
N ARG MA 91 -34.58 -51.73 2.49
CA ARG MA 91 -33.91 -51.23 3.69
C ARG MA 91 -32.99 -52.28 4.29
N ILE MA 92 -33.43 -53.55 4.30
CA ILE MA 92 -32.61 -54.62 4.83
C ILE MA 92 -31.33 -54.77 4.02
N ARG MA 93 -31.44 -54.70 2.69
CA ARG MA 93 -30.25 -54.80 1.85
C ARG MA 93 -29.32 -53.62 2.06
N GLU MA 94 -29.89 -52.43 2.28
CA GLU MA 94 -29.09 -51.26 2.61
C GLU MA 94 -28.28 -51.49 3.88
N LEU MA 95 -28.93 -51.98 4.94
CA LEU MA 95 -28.22 -52.29 6.18
C LEU MA 95 -27.20 -53.40 5.96
N THR MA 96 -27.53 -54.40 5.15
CA THR MA 96 -26.61 -55.49 4.91
C THR MA 96 -25.33 -55.01 4.23
N VAL MA 97 -25.48 -54.11 3.24
CA VAL MA 97 -24.31 -53.53 2.61
C VAL MA 97 -23.52 -52.69 3.61
N GLN MA 98 -24.23 -51.91 4.44
CA GLN MA 98 -23.53 -51.05 5.39
C GLN MA 98 -22.73 -51.86 6.40
N ALA MA 99 -23.33 -52.91 6.96
CA ALA MA 99 -22.70 -53.71 8.00
C ALA MA 99 -21.76 -54.76 7.45
N SER MA 100 -21.76 -55.01 6.14
CA SER MA 100 -20.79 -55.92 5.57
C SER MA 100 -19.37 -55.38 5.68
N ASN MA 101 -19.22 -54.08 5.89
CA ASN MA 101 -17.91 -53.48 6.12
C ASN MA 101 -17.33 -54.00 7.43
N GLY MA 102 -16.00 -54.03 7.49
CA GLY MA 102 -15.31 -54.47 8.68
C GLY MA 102 -14.96 -53.38 9.66
N SER MA 103 -15.09 -52.11 9.26
CA SER MA 103 -14.71 -51.02 10.15
C SER MA 103 -15.63 -50.91 11.36
N TYR MA 104 -16.88 -51.36 11.22
CA TYR MA 104 -17.83 -51.28 12.33
C TYR MA 104 -17.48 -52.31 13.39
N SER MA 105 -17.45 -51.88 14.65
CA SER MA 105 -17.20 -52.80 15.75
C SER MA 105 -18.46 -53.61 16.04
N GLN MA 106 -18.37 -54.49 17.04
CA GLN MA 106 -19.44 -55.45 17.28
C GLN MA 106 -20.72 -54.76 17.74
N GLU MA 107 -20.60 -53.67 18.49
CA GLU MA 107 -21.79 -53.03 19.04
C GLU MA 107 -22.65 -52.39 17.95
N GLN MA 108 -22.01 -51.71 17.00
CA GLN MA 108 -22.77 -51.14 15.89
C GLN MA 108 -23.39 -52.24 15.05
N LEU MA 109 -22.69 -53.36 14.89
CA LEU MA 109 -23.28 -54.50 14.20
C LEU MA 109 -24.49 -55.02 14.95
N ASP MA 110 -24.45 -55.00 16.28
CA ASP MA 110 -25.60 -55.43 17.06
C ASP MA 110 -26.78 -54.48 16.88
N SER MA 111 -26.50 -53.17 16.81
CA SER MA 111 -27.57 -52.21 16.53
C SER MA 111 -28.17 -52.44 15.15
N VAL MA 112 -27.31 -52.69 14.15
CA VAL MA 112 -27.79 -52.99 12.81
C VAL MA 112 -28.66 -54.24 12.83
N GLN MA 113 -28.22 -55.27 13.56
CA GLN MA 113 -28.99 -56.50 13.61
C GLN MA 113 -30.32 -56.28 14.30
N GLY MA 114 -30.35 -55.44 15.32
CA GLY MA 114 -31.62 -55.09 15.95
C GLY MA 114 -32.57 -54.42 14.98
N GLU MA 115 -32.05 -53.48 14.18
CA GLU MA 115 -32.89 -52.84 13.17
C GLU MA 115 -33.39 -53.83 12.14
N ILE MA 116 -32.52 -54.75 11.72
CA ILE MA 116 -32.91 -55.76 10.75
C ILE MA 116 -33.98 -56.69 11.34
N ASN MA 117 -33.84 -57.03 12.61
CA ASN MA 117 -34.84 -57.85 13.28
C ASN MA 117 -36.17 -57.11 13.35
N GLN MA 118 -36.14 -55.81 13.62
CA GLN MA 118 -37.37 -55.04 13.60
C GLN MA 118 -38.02 -55.08 12.23
N ARG MA 119 -37.23 -54.92 11.18
CA ARG MA 119 -37.76 -54.98 9.82
C ARG MA 119 -38.34 -56.35 9.51
N LEU MA 120 -37.65 -57.42 9.91
CA LEU MA 120 -38.14 -58.76 9.67
C LEU MA 120 -39.44 -59.03 10.42
N ALA MA 121 -39.53 -58.55 11.66
CA ALA MA 121 -40.76 -58.68 12.42
C ALA MA 121 -41.89 -57.92 11.74
N ASP MA 122 -41.60 -56.77 11.15
CA ASP MA 122 -42.62 -56.05 10.40
C ASP MA 122 -43.06 -56.84 9.18
N ILE MA 123 -42.11 -57.47 8.49
CA ILE MA 123 -42.47 -58.28 7.31
C ILE MA 123 -43.39 -59.41 7.73
N ASP MA 124 -43.05 -60.08 8.83
CA ASP MA 124 -43.89 -61.17 9.33
C ASP MA 124 -45.26 -60.65 9.73
N ARG MA 125 -45.31 -59.46 10.34
CA ARG MA 125 -46.59 -58.86 10.71
C ARG MA 125 -47.44 -58.59 9.48
N ILE MA 126 -46.82 -58.03 8.44
CA ILE MA 126 -47.54 -57.76 7.19
C ILE MA 126 -48.11 -59.06 6.64
N SER MA 127 -47.31 -60.13 6.69
CA SER MA 127 -47.78 -61.42 6.21
C SER MA 127 -48.99 -61.91 7.00
N GLU MA 128 -48.89 -61.86 8.33
CA GLU MA 128 -49.96 -62.42 9.15
C GLU MA 128 -51.21 -61.55 9.21
N GLN MA 129 -51.10 -60.26 8.89
CA GLN MA 129 -52.20 -59.35 9.13
C GLN MA 129 -52.78 -58.68 7.89
N THR MA 130 -52.17 -58.85 6.72
CA THR MA 130 -52.78 -58.31 5.51
C THR MA 130 -54.09 -59.04 5.26
N ASP MA 131 -55.20 -58.39 5.55
CA ASP MA 131 -56.51 -59.03 5.54
C ASP MA 131 -57.41 -58.38 4.51
N PHE MA 132 -58.29 -59.18 3.93
CA PHE MA 132 -59.25 -58.70 2.95
C PHE MA 132 -60.49 -59.59 3.06
N ASN MA 133 -61.54 -59.06 3.69
CA ASN MA 133 -62.78 -59.81 3.89
C ASN MA 133 -62.53 -61.12 4.62
N GLY MA 134 -61.82 -61.03 5.75
CA GLY MA 134 -61.54 -62.21 6.53
C GLY MA 134 -60.61 -63.21 5.87
N VAL MA 135 -59.87 -62.78 4.85
CA VAL MA 135 -58.92 -63.63 4.15
C VAL MA 135 -57.53 -63.04 4.33
N LYS MA 136 -56.64 -63.81 4.94
CA LYS MA 136 -55.25 -63.38 5.10
C LYS MA 136 -54.54 -63.64 3.78
N VAL MA 137 -54.73 -62.69 2.86
CA VAL MA 137 -54.36 -62.92 1.47
C VAL MA 137 -52.85 -63.09 1.32
N LEU MA 138 -52.05 -62.24 1.94
CA LEU MA 138 -50.60 -62.33 1.78
C LEU MA 138 -49.98 -63.07 2.95
N SER MA 139 -50.46 -64.27 3.23
CA SER MA 139 -50.07 -64.93 4.47
C SER MA 139 -49.50 -66.33 4.22
N ASP MA 140 -49.28 -67.07 5.31
CA ASP MA 140 -48.77 -68.43 5.22
C ASP MA 140 -49.88 -69.44 4.96
N SER MA 141 -51.14 -69.03 5.04
CA SER MA 141 -52.29 -69.89 4.74
C SER MA 141 -53.17 -69.11 3.75
N ALA MA 142 -52.85 -69.23 2.47
CA ALA MA 142 -53.58 -68.48 1.44
C ALA MA 142 -53.60 -69.33 0.17
N LYS MA 143 -54.68 -70.09 0.01
CA LYS MA 143 -54.86 -70.86 -1.21
C LYS MA 143 -55.30 -69.95 -2.36
N PRO MA 144 -54.96 -70.31 -3.59
CA PRO MA 144 -55.43 -69.52 -4.73
C PRO MA 144 -56.94 -69.50 -4.82
N LEU MA 145 -57.48 -68.38 -5.28
CA LEU MA 145 -58.91 -68.17 -5.31
C LEU MA 145 -59.47 -68.60 -6.67
N THR MA 146 -60.76 -68.32 -6.90
CA THR MA 146 -61.44 -68.73 -8.12
C THR MA 146 -61.90 -67.56 -8.98
N LEU MA 147 -62.66 -66.63 -8.41
CA LEU MA 147 -63.15 -65.44 -9.12
C LEU MA 147 -63.99 -65.85 -10.34
N GLN MA 148 -65.13 -66.48 -10.04
CA GLN MA 148 -66.08 -66.85 -11.07
C GLN MA 148 -66.46 -65.63 -11.91
N VAL MA 149 -66.11 -65.67 -13.20
CA VAL MA 149 -66.36 -64.57 -14.12
C VAL MA 149 -67.20 -65.11 -15.27
N GLY MA 150 -68.52 -65.03 -15.12
CA GLY MA 150 -69.44 -65.41 -16.17
C GLY MA 150 -70.44 -66.46 -15.73
N ALA MA 151 -71.58 -66.52 -16.41
CA ALA MA 151 -72.53 -67.59 -16.17
C ALA MA 151 -71.97 -68.90 -16.71
N ASN MA 152 -72.77 -69.97 -16.59
CA ASN MA 152 -72.39 -71.29 -17.09
C ASN MA 152 -71.08 -71.75 -16.43
N ASP MA 153 -71.19 -71.99 -15.12
CA ASP MA 153 -70.05 -72.33 -14.27
C ASP MA 153 -69.09 -73.29 -14.95
N GLY MA 154 -67.80 -73.08 -14.70
CA GLY MA 154 -66.77 -73.88 -15.34
C GLY MA 154 -65.54 -73.05 -15.63
N GLU MA 155 -65.64 -71.74 -15.38
CA GLU MA 155 -64.55 -70.80 -15.62
C GLU MA 155 -64.18 -70.10 -14.33
N THR MA 156 -62.87 -69.91 -14.14
CA THR MA 156 -62.33 -69.24 -12.97
C THR MA 156 -61.11 -68.44 -13.37
N ILE MA 157 -60.74 -67.49 -12.53
CA ILE MA 157 -59.51 -66.72 -12.69
C ILE MA 157 -58.71 -66.95 -11.42
N THR MA 158 -57.84 -67.96 -11.45
CA THR MA 158 -57.03 -68.28 -10.29
C THR MA 158 -56.04 -67.15 -10.00
N LEU MA 159 -55.94 -66.77 -8.72
CA LEU MA 159 -55.05 -65.69 -8.33
C LEU MA 159 -53.63 -66.17 -8.06
N ASN MA 160 -53.48 -67.33 -7.42
CA ASN MA 160 -52.17 -67.91 -7.11
C ASN MA 160 -51.33 -66.94 -6.28
N LEU MA 161 -51.83 -66.67 -5.08
CA LEU MA 161 -51.16 -65.78 -4.13
C LEU MA 161 -50.93 -66.53 -2.83
N SER MA 162 -49.69 -66.45 -2.31
CA SER MA 162 -49.34 -67.13 -1.07
C SER MA 162 -47.90 -66.82 -0.71
N GLU MA 163 -47.60 -66.95 0.59
CA GLU MA 163 -46.26 -67.16 1.11
C GLU MA 163 -45.30 -66.01 0.74
N ILE MA 164 -45.59 -64.84 1.31
CA ILE MA 164 -44.63 -63.75 1.36
C ILE MA 164 -44.45 -63.39 2.84
N SER MA 165 -43.31 -63.76 3.40
CA SER MA 165 -42.99 -63.53 4.80
C SER MA 165 -41.56 -63.96 5.03
N VAL MA 166 -41.04 -63.64 6.22
CA VAL MA 166 -39.87 -64.36 6.69
C VAL MA 166 -40.26 -65.83 6.79
N LYS MA 167 -39.26 -66.70 6.68
CA LYS MA 167 -39.35 -68.15 6.65
C LYS MA 167 -39.86 -68.66 5.30
N THR MA 168 -40.28 -67.79 4.39
CA THR MA 168 -40.60 -68.21 3.03
C THR MA 168 -39.90 -67.41 1.94
N LEU MA 169 -39.44 -66.19 2.24
CA LEU MA 169 -38.49 -65.53 1.34
C LEU MA 169 -37.09 -66.08 1.45
N GLY MA 170 -36.86 -67.01 2.39
CA GLY MA 170 -35.61 -67.72 2.49
C GLY MA 170 -34.68 -67.24 3.59
N LEU MA 171 -34.89 -66.03 4.10
CA LEU MA 171 -34.00 -65.50 5.12
C LEU MA 171 -34.06 -66.34 6.39
N ASP MA 172 -35.18 -66.27 7.10
CA ASP MA 172 -35.54 -67.16 8.20
C ASP MA 172 -34.60 -67.07 9.40
N GLY MA 173 -33.42 -66.51 9.21
CA GLY MA 173 -32.46 -66.37 10.29
C GLY MA 173 -31.51 -65.22 10.09
N PHE MA 174 -31.86 -64.29 9.20
CA PHE MA 174 -30.88 -63.39 8.60
C PHE MA 174 -30.10 -62.64 9.67
N ASN MA 175 -28.81 -62.93 9.77
CA ASN MA 175 -27.99 -62.57 10.92
C ASN MA 175 -26.77 -61.81 10.42
N VAL MA 176 -26.90 -60.49 10.31
CA VAL MA 176 -25.81 -59.69 9.74
C VAL MA 176 -24.60 -59.66 10.67
N ASN MA 177 -24.81 -59.70 11.98
CA ASN MA 177 -23.71 -59.80 12.92
C ASN MA 177 -23.49 -61.27 13.27
N GLY MA 178 -22.69 -61.54 14.29
CA GLY MA 178 -22.39 -62.88 14.70
C GLY MA 178 -20.90 -63.15 14.67
N LYS MA 179 -20.54 -64.41 14.92
CA LYS MA 179 -19.13 -64.79 14.95
C LYS MA 179 -18.47 -64.72 13.58
N GLY MA 180 -19.24 -64.56 12.52
CA GLY MA 180 -18.64 -64.52 11.19
C GLY MA 180 -18.00 -65.84 10.86
N VAL MA 181 -16.70 -65.82 10.60
CA VAL MA 181 -15.92 -67.02 10.35
C VAL MA 181 -15.09 -67.29 11.60
N THR MA 182 -15.42 -68.36 12.31
CA THR MA 182 -14.67 -68.71 13.51
C THR MA 182 -13.32 -69.34 13.15
N GLN MA 183 -12.33 -69.12 14.01
CA GLN MA 183 -11.00 -69.66 13.82
C GLN MA 183 -10.80 -70.83 14.77
N ASN MA 184 -10.50 -72.00 14.20
CA ASN MA 184 -10.25 -73.17 15.03
C ASN MA 184 -8.91 -73.03 15.74
N ARG MA 185 -8.75 -73.79 16.81
CA ARG MA 185 -7.51 -73.78 17.60
C ARG MA 185 -6.62 -74.94 17.17
N SER MA 186 -5.32 -74.70 17.17
CA SER MA 186 -4.37 -75.75 16.80
C SER MA 186 -4.45 -76.90 17.79
N ALA MA 187 -4.50 -78.12 17.26
CA ALA MA 187 -4.53 -79.31 18.09
C ALA MA 187 -3.16 -79.56 18.72
N THR MA 188 -3.14 -80.45 19.70
CA THR MA 188 -1.90 -80.78 20.40
C THR MA 188 -1.95 -82.24 20.83
N VAL MA 189 -0.93 -82.65 21.59
CA VAL MA 189 -0.82 -84.05 21.99
C VAL MA 189 -1.95 -84.44 22.93
N THR MA 190 -2.43 -83.53 23.77
CA THR MA 190 -3.50 -83.87 24.70
C THR MA 190 -4.76 -84.30 23.96
N ASP MA 191 -5.12 -83.56 22.91
CA ASP MA 191 -6.32 -83.89 22.16
C ASP MA 191 -6.20 -85.25 21.49
N VAL MA 192 -5.04 -85.52 20.87
CA VAL MA 192 -4.90 -86.78 20.15
C VAL MA 192 -4.89 -87.96 21.11
N ILE MA 193 -4.18 -87.85 22.23
CA ILE MA 193 -4.21 -88.93 23.20
C ILE MA 193 -5.58 -89.06 23.84
N ALA MA 194 -6.38 -87.97 23.84
CA ALA MA 194 -7.76 -88.09 24.26
C ALA MA 194 -8.59 -88.85 23.24
N GLN MA 195 -8.22 -88.79 21.96
CA GLN MA 195 -8.91 -89.62 20.98
C GLN MA 195 -8.55 -91.10 21.11
N GLY MA 196 -7.52 -91.43 21.88
CA GLY MA 196 -7.30 -92.81 22.28
C GLY MA 196 -6.48 -93.68 21.35
N GLY MA 197 -5.73 -93.09 20.43
CA GLY MA 197 -4.83 -93.84 19.57
C GLY MA 197 -3.53 -94.14 20.25
N THR MA 198 -2.55 -94.57 19.44
CA THR MA 198 -1.27 -95.03 19.95
C THR MA 198 -0.16 -94.06 19.54
N LEU MA 199 0.87 -94.00 20.38
CA LEU MA 199 2.07 -93.21 20.11
C LEU MA 199 3.19 -94.13 19.67
N GLN MA 200 4.21 -93.54 19.06
CA GLN MA 200 5.42 -94.28 18.73
C GLN MA 200 6.59 -93.30 18.75
N GLY MA 201 7.73 -93.72 18.21
CA GLY MA 201 8.91 -92.89 18.25
C GLY MA 201 8.71 -91.56 17.52
N ASP MA 202 9.44 -90.54 17.97
CA ASP MA 202 9.40 -89.19 17.43
C ASP MA 202 8.02 -88.55 17.58
N GLY MA 203 7.20 -89.05 18.50
CA GLY MA 203 5.92 -88.44 18.79
C GLY MA 203 4.85 -88.63 17.74
N THR MA 204 5.14 -89.35 16.65
CA THR MA 204 4.13 -89.59 15.63
C THR MA 204 2.98 -90.39 16.22
N TYR MA 205 1.76 -89.95 15.92
CA TYR MA 205 0.56 -90.48 16.56
C TYR MA 205 -0.32 -91.14 15.52
N LYS MA 206 -1.03 -92.20 15.94
CA LYS MA 206 -1.91 -92.96 15.08
C LYS MA 206 -3.35 -92.69 15.51
N ALA MA 207 -3.95 -91.63 14.96
CA ALA MA 207 -5.32 -91.28 15.27
C ALA MA 207 -6.27 -92.07 14.40
N THR MA 208 -7.30 -92.64 15.03
CA THR MA 208 -8.33 -93.41 14.32
C THR MA 208 -9.62 -92.61 14.35
N THR MA 209 -10.15 -92.28 13.17
CA THR MA 209 -11.34 -91.47 13.04
C THR MA 209 -12.47 -92.30 12.45
N THR MA 210 -13.61 -92.32 13.14
CA THR MA 210 -14.80 -92.99 12.62
C THR MA 210 -15.55 -92.06 11.69
N PHE MA 211 -16.16 -92.65 10.65
CA PHE MA 211 -16.71 -91.89 9.53
C PHE MA 211 -18.20 -92.12 9.35
N ASN MA 212 -18.91 -92.42 10.44
CA ASN MA 212 -20.33 -92.77 10.38
C ASN MA 212 -21.13 -91.68 9.67
N ALA MA 213 -21.74 -92.04 8.54
CA ALA MA 213 -22.39 -91.06 7.68
C ALA MA 213 -23.32 -91.80 6.73
N ALA MA 214 -23.73 -91.12 5.65
CA ALA MA 214 -24.63 -91.66 4.64
C ALA MA 214 -26.05 -91.82 5.19
N SER MA 215 -26.54 -90.77 5.83
CA SER MA 215 -27.89 -90.70 6.36
C SER MA 215 -28.82 -90.10 5.32
N ALA MA 216 -30.02 -89.71 5.75
CA ALA MA 216 -31.04 -89.25 4.81
C ALA MA 216 -30.64 -87.96 4.11
N GLU MA 217 -30.10 -87.00 4.86
CA GLU MA 217 -29.91 -85.66 4.30
C GLU MA 217 -28.91 -85.67 3.15
N THR MA 218 -27.98 -86.62 3.13
CA THR MA 218 -26.97 -86.64 2.09
C THR MA 218 -27.27 -87.62 0.97
N VAL MA 219 -27.91 -88.75 1.25
CA VAL MA 219 -28.20 -89.72 0.20
C VAL MA 219 -29.29 -89.19 -0.73
N LEU MA 220 -30.37 -88.65 -0.15
CA LEU MA 220 -31.48 -88.18 -0.96
C LEU MA 220 -31.15 -86.93 -1.75
N SER MA 221 -30.02 -86.27 -1.47
CA SER MA 221 -29.65 -85.08 -2.22
C SER MA 221 -29.28 -85.40 -3.66
N LYS MA 222 -28.75 -86.59 -3.92
CA LYS MA 222 -28.44 -87.04 -5.28
C LYS MA 222 -29.23 -88.33 -5.52
N LEU MA 223 -30.31 -88.22 -6.29
CA LEU MA 223 -31.25 -89.32 -6.48
C LEU MA 223 -32.09 -89.10 -7.72
N GLU MA 224 -32.12 -90.10 -8.60
CA GLU MA 224 -33.10 -90.14 -9.67
C GLU MA 224 -33.70 -91.53 -9.90
N ASP MA 225 -33.04 -92.60 -9.47
CA ASP MA 225 -33.53 -93.96 -9.71
C ASP MA 225 -34.41 -94.41 -8.54
N GLY MA 226 -34.68 -95.72 -8.47
CA GLY MA 226 -35.67 -96.22 -7.54
C GLY MA 226 -35.23 -96.11 -6.09
N ASN MA 227 -36.23 -96.00 -5.21
CA ASN MA 227 -36.01 -95.95 -3.76
C ASN MA 227 -37.07 -96.81 -3.09
N THR MA 228 -36.67 -97.57 -2.07
CA THR MA 228 -37.55 -98.54 -1.44
C THR MA 228 -37.58 -98.33 0.07
N VAL MA 229 -38.75 -98.51 0.67
CA VAL MA 229 -38.92 -98.56 2.11
C VAL MA 229 -39.81 -99.75 2.45
N ALA MA 230 -39.60 -100.32 3.63
CA ALA MA 230 -40.36 -101.48 4.08
C ALA MA 230 -40.07 -101.71 5.56
N VAL MA 231 -41.08 -102.17 6.29
CA VAL MA 231 -40.97 -102.43 7.72
C VAL MA 231 -41.00 -103.93 7.97
N GLY MA 232 -39.95 -104.43 8.61
CA GLY MA 232 -39.91 -105.83 9.02
C GLY MA 232 -40.12 -106.77 7.85
N GLY MA 233 -40.99 -107.75 8.07
CA GLY MA 233 -41.41 -108.69 7.05
C GLY MA 233 -42.68 -108.31 6.32
N GLY MA 234 -43.16 -107.08 6.52
CA GLY MA 234 -44.39 -106.63 5.89
C GLY MA 234 -44.20 -106.27 4.43
N ALA MA 235 -45.17 -105.54 3.89
CA ALA MA 235 -45.14 -105.16 2.50
C ALA MA 235 -43.99 -104.19 2.22
N THR MA 236 -43.50 -104.23 0.99
CA THR MA 236 -42.39 -103.41 0.54
C THR MA 236 -42.88 -102.45 -0.53
N TYR MA 237 -42.48 -101.17 -0.43
CA TYR MA 237 -42.94 -100.14 -1.34
C TYR MA 237 -41.74 -99.46 -2.01
N THR MA 238 -41.93 -99.10 -3.27
CA THR MA 238 -40.84 -98.58 -4.10
C THR MA 238 -41.19 -97.17 -4.60
N TYR MA 239 -40.17 -96.35 -4.77
CA TYR MA 239 -40.31 -94.96 -5.16
C TYR MA 239 -39.43 -94.66 -6.36
N ASP MA 240 -39.76 -93.58 -7.06
CA ASP MA 240 -39.00 -93.14 -8.23
C ASP MA 240 -38.95 -91.62 -8.23
N ALA MA 241 -37.76 -91.06 -8.04
CA ALA MA 241 -37.58 -89.61 -7.96
C ALA MA 241 -37.55 -89.04 -9.38
N ALA MA 242 -38.70 -88.58 -9.86
CA ALA MA 242 -38.81 -88.01 -11.19
C ALA MA 242 -39.46 -86.63 -11.10
N LYS MA 243 -38.83 -85.63 -11.71
CA LYS MA 243 -39.32 -84.26 -11.73
C LYS MA 243 -39.53 -83.71 -10.31
N GLY MA 244 -38.63 -84.06 -9.40
CA GLY MA 244 -38.67 -83.55 -8.05
C GLY MA 244 -39.68 -84.21 -7.15
N ASN MA 245 -40.35 -85.26 -7.60
CA ASN MA 245 -41.35 -85.95 -6.80
C ASN MA 245 -41.19 -87.45 -7.00
N PHE MA 246 -41.76 -88.21 -6.06
CA PHE MA 246 -41.67 -89.66 -6.08
C PHE MA 246 -43.01 -90.26 -6.47
N THR MA 247 -42.98 -91.16 -7.46
CA THR MA 247 -44.20 -91.80 -7.97
C THR MA 247 -44.57 -92.98 -7.08
N TYR MA 248 -45.03 -92.65 -5.87
CA TYR MA 248 -45.49 -93.66 -4.94
C TYR MA 248 -46.77 -94.31 -5.43
N THR MA 249 -46.85 -95.63 -5.30
CA THR MA 249 -48.05 -96.39 -5.61
C THR MA 249 -48.53 -97.04 -4.32
N LYS MA 250 -49.74 -96.69 -3.89
CA LYS MA 250 -50.32 -97.25 -2.67
C LYS MA 250 -50.75 -98.67 -2.95
N THR MA 251 -49.90 -99.64 -2.60
CA THR MA 251 -50.20 -101.04 -2.83
C THR MA 251 -50.97 -101.60 -1.63
N VAL MA 252 -52.12 -102.21 -1.91
CA VAL MA 252 -52.91 -102.81 -0.85
C VAL MA 252 -52.12 -103.95 -0.21
N ASP MA 253 -52.27 -104.08 1.11
CA ASP MA 253 -51.79 -105.28 1.78
C ASP MA 253 -52.46 -106.49 1.16
N THR MA 254 -51.68 -107.54 0.91
CA THR MA 254 -52.22 -108.68 0.17
C THR MA 254 -52.78 -109.72 1.13
N THR MA 255 -51.90 -110.35 1.92
CA THR MA 255 -52.23 -111.14 3.10
C THR MA 255 -53.56 -111.89 3.02
N VAL MA 256 -53.82 -112.58 1.91
CA VAL MA 256 -55.12 -113.21 1.68
C VAL MA 256 -54.93 -114.54 0.98
N GLY MA 257 -55.72 -115.53 1.41
CA GLY MA 257 -55.92 -116.76 0.69
C GLY MA 257 -57.22 -116.67 -0.08
N ALA MA 258 -58.29 -117.24 0.47
CA ALA MA 258 -59.61 -117.12 -0.11
C ALA MA 258 -60.43 -115.98 0.49
N ASP MA 259 -59.85 -115.17 1.37
CA ASP MA 259 -60.58 -114.11 2.06
C ASP MA 259 -60.42 -112.79 1.33
N VAL MA 260 -61.04 -112.74 0.14
CA VAL MA 260 -61.04 -111.52 -0.67
C VAL MA 260 -61.74 -110.37 0.04
N THR MA 261 -62.61 -110.68 1.01
CA THR MA 261 -63.34 -109.65 1.72
C THR MA 261 -62.41 -108.70 2.45
N ALA MA 262 -61.24 -109.18 2.89
CA ALA MA 262 -60.28 -108.30 3.54
C ALA MA 262 -59.84 -107.19 2.61
N LEU MA 263 -59.45 -107.54 1.39
CA LEU MA 263 -59.05 -106.52 0.41
C LEU MA 263 -60.22 -105.62 0.06
N ALA MA 264 -61.41 -106.21 -0.12
CA ALA MA 264 -62.58 -105.40 -0.47
C ALA MA 264 -62.87 -104.36 0.61
N ASN MA 265 -62.86 -104.78 1.87
CA ASN MA 265 -63.14 -103.89 2.99
C ASN MA 265 -61.98 -102.98 3.33
N LYS MA 266 -60.79 -103.24 2.81
CA LYS MA 266 -59.72 -102.25 2.93
C LYS MA 266 -59.85 -101.19 1.85
N ILE MA 267 -60.29 -101.58 0.66
CA ILE MA 267 -60.52 -100.59 -0.40
C ILE MA 267 -61.72 -99.71 -0.08
N LYS MA 268 -62.76 -100.30 0.52
CA LYS MA 268 -64.02 -99.60 0.75
C LYS MA 268 -63.89 -98.26 1.48
N PRO MA 269 -63.14 -98.13 2.58
CA PRO MA 269 -63.08 -96.84 3.27
C PRO MA 269 -62.49 -95.72 2.44
N SER MA 270 -61.68 -96.05 1.42
CA SER MA 270 -61.15 -95.01 0.54
C SER MA 270 -62.26 -94.34 -0.26
N SER MA 271 -63.40 -95.00 -0.43
CA SER MA 271 -64.53 -94.43 -1.15
C SER MA 271 -65.85 -94.75 -0.46
N GLY MA 272 -65.85 -94.85 0.86
CA GLY MA 272 -67.03 -95.29 1.60
C GLY MA 272 -68.06 -94.21 1.83
N THR MA 273 -68.64 -93.68 0.75
CA THR MA 273 -69.69 -92.68 0.83
C THR MA 273 -70.50 -92.75 -0.45
N ILE MA 274 -71.76 -92.32 -0.36
CA ILE MA 274 -72.65 -92.30 -1.52
C ILE MA 274 -72.17 -91.21 -2.47
N SER MA 275 -71.81 -91.61 -3.69
CA SER MA 275 -71.31 -90.69 -4.71
C SER MA 275 -71.82 -91.16 -6.07
N GLY MA 276 -71.31 -90.52 -7.12
CA GLY MA 276 -71.73 -90.83 -8.47
C GLY MA 276 -70.60 -90.64 -9.45
N SER MA 277 -70.90 -90.89 -10.72
CA SER MA 277 -69.95 -90.76 -11.82
C SER MA 277 -68.74 -91.67 -11.63
N TYR MA 278 -68.93 -92.80 -10.95
CA TYR MA 278 -67.85 -93.76 -10.78
C TYR MA 278 -67.50 -94.42 -12.11
N GLU MA 279 -66.24 -94.77 -12.26
CA GLU MA 279 -65.72 -95.39 -13.47
C GLU MA 279 -65.33 -96.82 -13.14
N ILE MA 280 -66.12 -97.78 -13.61
CA ILE MA 280 -65.83 -99.20 -13.44
C ILE MA 280 -65.29 -99.70 -14.77
N SER MA 281 -63.97 -99.86 -14.84
CA SER MA 281 -63.30 -100.34 -16.04
C SER MA 281 -62.81 -101.75 -15.76
N THR MA 282 -63.68 -102.73 -15.97
CA THR MA 282 -63.39 -104.14 -15.79
C THR MA 282 -63.21 -104.80 -17.16
N GLY MA 283 -62.70 -106.03 -17.13
CA GLY MA 283 -62.44 -106.73 -18.37
C GLY MA 283 -61.39 -106.03 -19.21
N LYS MA 284 -61.80 -105.49 -20.35
CA LYS MA 284 -60.84 -104.79 -21.19
C LYS MA 284 -61.27 -103.37 -21.55
N SER MA 285 -62.53 -103.16 -21.89
CA SER MA 285 -63.00 -101.87 -22.37
C SER MA 285 -64.36 -101.53 -21.77
N ALA MA 286 -64.52 -101.76 -20.47
CA ALA MA 286 -65.80 -101.46 -19.82
C ALA MA 286 -66.12 -99.97 -19.90
N SER MA 287 -65.30 -99.15 -19.23
CA SER MA 287 -65.44 -97.70 -19.25
C SER MA 287 -66.87 -97.24 -18.96
N PHE MA 288 -67.36 -97.62 -17.79
CA PHE MA 288 -68.70 -97.26 -17.37
C PHE MA 288 -68.72 -95.90 -16.67
N ASP MA 289 -69.92 -95.34 -16.56
CA ASP MA 289 -70.18 -94.10 -15.83
C ASP MA 289 -71.40 -94.35 -14.95
N VAL MA 290 -71.17 -94.83 -13.73
CA VAL MA 290 -72.23 -95.37 -12.89
C VAL MA 290 -72.35 -94.53 -11.62
N ASP MA 291 -73.36 -94.86 -10.82
CA ASP MA 291 -73.62 -94.24 -9.54
C ASP MA 291 -73.61 -95.30 -8.45
N ALA MA 292 -73.37 -94.87 -7.22
CA ALA MA 292 -73.27 -95.79 -6.10
C ALA MA 292 -73.90 -95.16 -4.87
N ALA MA 293 -74.93 -95.81 -4.33
CA ALA MA 293 -75.60 -95.40 -3.09
C ALA MA 293 -75.74 -96.59 -2.16
N GLY MA 294 -74.65 -97.34 -1.99
CA GLY MA 294 -74.71 -98.64 -1.37
C GLY MA 294 -75.06 -99.77 -2.32
N LYS MA 295 -75.22 -99.46 -3.61
CA LYS MA 295 -75.60 -100.43 -4.63
C LYS MA 295 -75.26 -99.84 -5.99
N ILE MA 296 -74.47 -100.57 -6.77
CA ILE MA 296 -73.98 -100.03 -8.03
C ILE MA 296 -75.12 -99.98 -9.04
N THR MA 297 -75.28 -98.82 -9.68
CA THR MA 297 -76.27 -98.65 -10.72
C THR MA 297 -75.86 -97.50 -11.63
N ILE MA 298 -76.26 -97.58 -12.88
CA ILE MA 298 -75.99 -96.54 -13.86
C ILE MA 298 -77.29 -95.74 -14.05
N GLY MA 299 -77.15 -94.56 -14.63
CA GLY MA 299 -78.28 -93.66 -14.78
C GLY MA 299 -79.45 -94.24 -15.55
N GLY MA 300 -80.53 -94.52 -14.83
CA GLY MA 300 -81.72 -95.09 -15.43
C GLY MA 300 -81.76 -96.60 -15.52
N ASN MA 301 -80.82 -97.30 -14.91
CA ASN MA 301 -80.78 -98.76 -14.98
C ASN MA 301 -80.37 -99.29 -13.61
N ALA MA 302 -80.06 -100.58 -13.55
CA ALA MA 302 -79.69 -101.26 -12.31
C ALA MA 302 -78.25 -101.76 -12.28
N ALA MA 303 -77.67 -102.06 -13.45
CA ALA MA 303 -76.27 -102.46 -13.58
C ALA MA 303 -75.97 -103.71 -12.75
N PHE MA 304 -76.60 -104.80 -13.16
CA PHE MA 304 -76.34 -106.10 -12.53
C PHE MA 304 -74.95 -106.61 -12.90
N LEU MA 305 -74.44 -107.50 -12.05
CA LEU MA 305 -73.15 -108.15 -12.27
C LEU MA 305 -73.36 -109.49 -12.96
N ASN MA 306 -72.44 -109.83 -13.87
CA ASN MA 306 -72.60 -110.99 -14.71
C ASN MA 306 -71.30 -111.78 -14.78
N ALA MA 307 -71.38 -112.96 -15.41
CA ALA MA 307 -70.21 -113.69 -15.92
C ALA MA 307 -69.22 -114.01 -14.80
N ASP MA 308 -69.65 -114.89 -13.90
CA ASP MA 308 -68.73 -115.40 -12.90
C ASP MA 308 -67.50 -116.03 -13.55
N GLY MA 309 -66.33 -115.72 -13.00
CA GLY MA 309 -65.07 -116.06 -13.62
C GLY MA 309 -64.57 -115.01 -14.58
N GLU MA 310 -65.47 -114.25 -15.20
CA GLU MA 310 -65.13 -113.11 -16.04
C GLU MA 310 -65.53 -111.78 -15.42
N LEU MA 311 -66.68 -111.74 -14.73
CA LEU MA 311 -67.07 -110.64 -13.87
C LEU MA 311 -67.17 -109.33 -14.65
N THR MA 312 -68.11 -109.29 -15.58
CA THR MA 312 -68.41 -108.11 -16.37
C THR MA 312 -69.78 -107.56 -16.00
N THR MA 313 -69.89 -106.24 -15.96
CA THR MA 313 -71.13 -105.58 -15.55
C THR MA 313 -71.97 -105.24 -16.79
N ASN MA 314 -73.19 -105.74 -16.83
CA ASN MA 314 -74.15 -105.38 -17.87
C ASN MA 314 -75.55 -105.40 -17.26
N ASP MA 315 -76.42 -104.54 -17.76
CA ASP MA 315 -77.75 -104.38 -17.18
C ASP MA 315 -78.63 -105.60 -17.39
N ALA MA 316 -78.48 -106.30 -18.52
CA ALA MA 316 -79.35 -107.43 -18.82
C ALA MA 316 -78.98 -108.61 -17.92
N SER MA 317 -79.93 -109.08 -17.13
CA SER MA 317 -79.66 -110.13 -16.17
C SER MA 317 -79.51 -111.49 -16.87
N GLY MA 318 -78.70 -112.36 -16.27
CA GLY MA 318 -78.50 -113.69 -16.79
C GLY MA 318 -78.85 -114.78 -15.79
N ALA MA 319 -79.84 -114.48 -14.93
CA ALA MA 319 -80.35 -115.36 -13.88
C ALA MA 319 -79.34 -115.62 -12.76
N LEU MA 320 -78.15 -115.06 -12.83
CA LEU MA 320 -77.11 -115.22 -11.82
C LEU MA 320 -76.48 -113.88 -11.47
N THR MA 321 -77.33 -112.88 -11.24
CA THR MA 321 -76.89 -111.51 -11.05
C THR MA 321 -77.07 -111.08 -9.59
N GLN MA 322 -76.16 -110.23 -9.13
CA GLN MA 322 -76.18 -109.75 -7.76
C GLN MA 322 -76.23 -108.24 -7.64
N ALA MA 323 -75.48 -107.51 -8.47
CA ALA MA 323 -75.51 -106.05 -8.52
C ALA MA 323 -75.21 -105.41 -7.16
N THR MA 324 -73.99 -105.67 -6.67
CA THR MA 324 -73.57 -105.14 -5.38
C THR MA 324 -72.21 -104.48 -5.52
N LEU MA 325 -72.04 -103.34 -4.83
CA LEU MA 325 -70.76 -102.64 -4.85
C LEU MA 325 -69.67 -103.49 -4.21
N ASP MA 326 -69.99 -104.17 -3.11
CA ASP MA 326 -69.03 -105.10 -2.52
C ASP MA 326 -68.70 -106.22 -3.50
N ASP MA 327 -69.72 -106.74 -4.19
CA ASP MA 327 -69.49 -107.76 -5.20
C ASP MA 327 -68.60 -107.25 -6.32
N VAL MA 328 -68.83 -106.02 -6.77
CA VAL MA 328 -67.99 -105.44 -7.82
C VAL MA 328 -66.56 -105.31 -7.34
N LEU MA 329 -66.36 -104.75 -6.15
CA LEU MA 329 -65.01 -104.51 -5.66
C LEU MA 329 -64.25 -105.82 -5.45
N THR MA 330 -64.93 -106.84 -4.93
CA THR MA 330 -64.31 -108.16 -4.87
C THR MA 330 -63.99 -108.68 -6.26
N SER MA 331 -64.91 -108.49 -7.20
CA SER MA 331 -64.74 -109.00 -8.55
C SER MA 331 -63.64 -108.27 -9.29
N VAL MA 332 -63.66 -106.94 -9.27
CA VAL MA 332 -62.84 -106.14 -10.17
C VAL MA 332 -61.37 -106.34 -9.86
N GLY MA 333 -60.66 -106.99 -10.79
CA GLY MA 333 -59.23 -107.17 -10.70
C GLY MA 333 -58.73 -107.83 -9.43
N THR MA 334 -59.66 -108.20 -8.55
CA THR MA 334 -59.32 -108.70 -7.23
C THR MA 334 -59.65 -110.18 -7.08
N GLU MA 335 -60.51 -110.72 -7.94
CA GLU MA 335 -60.69 -112.17 -8.02
C GLU MA 335 -60.32 -112.74 -9.39
N ALA MA 336 -60.87 -112.22 -10.47
CA ALA MA 336 -60.70 -112.90 -11.75
C ALA MA 336 -60.46 -111.94 -12.91
N ASN MA 337 -59.93 -110.75 -12.64
CA ASN MA 337 -59.60 -109.80 -13.69
C ASN MA 337 -58.19 -109.28 -13.50
N SER MA 338 -57.58 -108.84 -14.60
CA SER MA 338 -56.23 -108.33 -14.58
C SER MA 338 -56.16 -107.03 -15.36
N SER MA 339 -55.30 -106.12 -14.89
CA SER MA 339 -55.10 -104.82 -15.54
C SER MA 339 -56.41 -104.07 -15.72
N VAL MA 340 -57.24 -104.09 -14.67
CA VAL MA 340 -58.50 -103.36 -14.66
C VAL MA 340 -58.48 -102.41 -13.46
N THR MA 341 -59.38 -101.43 -13.48
CA THR MA 341 -59.29 -100.32 -12.55
C THR MA 341 -60.69 -99.84 -12.17
N ILE MA 342 -60.82 -99.35 -10.94
CA ILE MA 342 -62.02 -98.65 -10.48
C ILE MA 342 -61.69 -97.17 -10.45
N GLY MA 343 -62.24 -96.43 -11.40
CA GLY MA 343 -61.99 -95.01 -11.52
C GLY MA 343 -63.03 -94.18 -10.79
N GLY MA 344 -63.24 -92.98 -11.31
CA GLY MA 344 -64.22 -92.07 -10.75
C GLY MA 344 -63.79 -91.45 -9.44
N THR MA 345 -64.31 -90.26 -9.15
CA THR MA 345 -64.03 -89.53 -7.91
C THR MA 345 -62.51 -89.35 -7.75
N LYS MA 346 -61.86 -88.93 -8.84
CA LYS MA 346 -60.44 -88.56 -8.88
C LYS MA 346 -59.54 -89.60 -8.22
N TYR MA 347 -59.85 -90.88 -8.44
CA TYR MA 347 -58.91 -91.93 -8.08
C TYR MA 347 -59.02 -93.05 -9.11
N SER MA 348 -58.01 -93.92 -9.13
CA SER MA 348 -57.97 -95.03 -10.06
C SER MA 348 -57.34 -96.22 -9.35
N HIS MA 349 -58.18 -97.10 -8.82
CA HIS MA 349 -57.72 -98.28 -8.08
C HIS MA 349 -57.41 -99.40 -9.08
N SER MA 350 -56.26 -99.29 -9.72
CA SER MA 350 -55.83 -100.30 -10.66
C SER MA 350 -55.47 -101.59 -9.93
N ALA MA 351 -55.67 -102.71 -10.62
CA ALA MA 351 -55.39 -104.03 -10.06
C ALA MA 351 -54.07 -104.54 -10.64
N ALA MA 352 -53.07 -104.70 -9.77
CA ALA MA 352 -51.80 -105.25 -10.22
C ALA MA 352 -51.87 -106.77 -10.37
N ASP MA 353 -52.59 -107.45 -9.48
CA ASP MA 353 -52.65 -108.90 -9.49
C ASP MA 353 -54.08 -109.36 -9.19
N GLU MA 354 -54.42 -110.53 -9.70
CA GLU MA 354 -55.71 -111.16 -9.45
C GLU MA 354 -55.55 -112.33 -8.48
N LEU MA 355 -56.66 -112.72 -7.88
CA LEU MA 355 -56.68 -113.77 -6.87
C LEU MA 355 -57.03 -115.09 -7.52
N SER MA 356 -56.04 -115.95 -7.70
CA SER MA 356 -56.29 -117.33 -8.10
C SER MA 356 -56.87 -118.16 -6.97
N TYR MA 357 -57.16 -117.53 -5.83
CA TYR MA 357 -57.62 -118.13 -4.58
C TYR MA 357 -56.55 -118.97 -3.93
N THR MA 358 -55.39 -119.12 -4.57
CA THR MA 358 -54.16 -119.61 -3.95
C THR MA 358 -53.09 -118.53 -3.91
N ALA MA 359 -52.75 -117.98 -5.08
CA ALA MA 359 -51.93 -116.78 -5.13
C ALA MA 359 -52.78 -115.56 -4.83
N VAL MA 360 -52.22 -114.62 -4.10
CA VAL MA 360 -52.98 -113.50 -3.54
C VAL MA 360 -53.04 -112.38 -4.56
N ALA MA 361 -54.13 -111.62 -4.51
CA ALA MA 361 -54.34 -110.48 -5.39
C ALA MA 361 -53.85 -109.19 -4.74
N THR MA 362 -53.75 -108.14 -5.56
CA THR MA 362 -53.40 -106.82 -5.06
C THR MA 362 -53.92 -105.76 -6.02
N THR MA 363 -54.51 -104.71 -5.47
CA THR MA 363 -54.92 -103.55 -6.23
C THR MA 363 -54.21 -102.32 -5.67
N ALA MA 364 -53.89 -101.38 -6.56
CA ALA MA 364 -53.12 -100.21 -6.14
C ALA MA 364 -53.59 -98.99 -6.90
N ASP MA 365 -53.49 -97.84 -6.24
CA ASP MA 365 -53.73 -96.54 -6.85
C ASP MA 365 -52.44 -95.73 -6.75
N VAL MA 366 -52.08 -95.05 -7.84
CA VAL MA 366 -50.86 -94.27 -7.85
C VAL MA 366 -51.18 -92.91 -7.25
N LEU MA 367 -51.15 -92.81 -5.93
CA LEU MA 367 -51.48 -91.57 -5.25
C LEU MA 367 -50.42 -90.50 -5.45
N SER MA 368 -49.18 -90.90 -5.75
CA SER MA 368 -48.02 -90.01 -5.78
C SER MA 368 -47.83 -89.29 -4.44
N ALA MA 369 -48.44 -89.80 -3.38
CA ALA MA 369 -48.26 -89.24 -2.05
C ALA MA 369 -46.83 -89.49 -1.58
N MET MA 370 -46.42 -88.72 -0.57
CA MET MA 370 -45.02 -88.72 -0.13
C MET MA 370 -44.12 -88.31 -1.30
N GLY MA 371 -44.70 -87.58 -2.26
CA GLY MA 371 -44.03 -87.19 -3.48
C GLY MA 371 -42.81 -86.33 -3.25
N SER MA 372 -42.96 -85.23 -2.52
CA SER MA 372 -41.83 -84.35 -2.26
C SER MA 372 -40.74 -85.09 -1.51
N SER MA 373 -39.49 -84.87 -1.94
CA SER MA 373 -38.36 -85.52 -1.29
C SER MA 373 -38.26 -85.16 0.18
N THR MA 374 -38.76 -83.98 0.58
CA THR MA 374 -38.83 -83.66 2.00
C THR MA 374 -39.72 -84.64 2.74
N ALA MA 375 -40.87 -84.98 2.16
CA ALA MA 375 -41.76 -85.97 2.77
C ALA MA 375 -41.09 -87.33 2.87
N VAL MA 376 -40.40 -87.75 1.80
CA VAL MA 376 -39.71 -89.03 1.81
C VAL MA 376 -38.67 -89.05 2.93
N SER MA 377 -37.86 -88.01 3.02
CA SER MA 377 -36.85 -87.94 4.06
C SER MA 377 -37.49 -87.99 5.43
N THR MA 378 -38.56 -87.20 5.64
CA THR MA 378 -39.20 -87.14 6.95
C THR MA 378 -39.75 -88.49 7.35
N VAL MA 379 -40.33 -89.23 6.40
CA VAL MA 379 -40.86 -90.55 6.72
C VAL MA 379 -39.74 -91.52 7.05
N THR MA 380 -38.69 -91.54 6.22
CA THR MA 380 -37.60 -92.47 6.48
C THR MA 380 -36.70 -92.01 7.63
N LEU MA 381 -36.63 -90.71 7.90
CA LEU MA 381 -35.87 -90.21 9.04
C LEU MA 381 -36.75 -90.24 10.28
N GLY MA 382 -36.94 -91.45 10.80
CA GLY MA 382 -37.83 -91.66 11.92
C GLY MA 382 -39.02 -92.53 11.55
N SER MA 383 -39.00 -93.77 12.02
CA SER MA 383 -40.02 -94.75 11.68
C SER MA 383 -40.00 -95.84 12.75
N GLY MA 384 -40.56 -97.00 12.42
CA GLY MA 384 -40.57 -98.12 13.33
C GLY MA 384 -39.41 -99.06 13.04
N ILE MA 385 -39.68 -100.18 12.38
CA ILE MA 385 -38.62 -101.07 11.92
C ILE MA 385 -38.52 -100.91 10.40
N THR MA 386 -38.91 -99.74 9.90
CA THR MA 386 -38.93 -99.48 8.46
C THR MA 386 -37.51 -99.20 7.98
N SER MA 387 -36.85 -100.24 7.45
CA SER MA 387 -35.49 -100.12 6.93
C SER MA 387 -35.57 -99.79 5.44
N ALA MA 388 -35.10 -98.60 5.08
CA ALA MA 388 -35.16 -98.15 3.70
C ALA MA 388 -33.93 -98.62 2.92
N ALA MA 389 -34.03 -98.54 1.60
CA ALA MA 389 -32.93 -98.86 0.70
C ALA MA 389 -33.03 -97.95 -0.51
N VAL MA 390 -31.90 -97.39 -0.94
CA VAL MA 390 -31.88 -96.38 -1.99
C VAL MA 390 -31.00 -96.87 -3.13
N THR MA 391 -31.55 -96.90 -4.34
CA THR MA 391 -30.82 -97.21 -5.55
C THR MA 391 -30.67 -95.90 -6.33
N PHE MA 392 -29.45 -95.35 -6.35
CA PHE MA 392 -29.32 -93.96 -6.76
C PHE MA 392 -28.17 -93.73 -7.73
N ALA MA 393 -27.96 -94.62 -8.69
CA ALA MA 393 -26.93 -94.41 -9.69
C ALA MA 393 -27.38 -94.94 -11.04
N ILE MA 394 -26.48 -94.89 -12.01
CA ILE MA 394 -26.71 -95.46 -13.33
C ILE MA 394 -26.65 -96.98 -13.23
N ALA MA 395 -27.57 -97.66 -13.94
CA ALA MA 395 -27.73 -99.10 -13.77
C ALA MA 395 -26.42 -99.86 -13.99
N THR MA 396 -25.57 -99.38 -14.89
CA THR MA 396 -24.26 -100.01 -15.06
C THR MA 396 -23.38 -99.80 -13.84
N THR MA 397 -23.45 -98.62 -13.23
CA THR MA 397 -22.57 -98.28 -12.11
C THR MA 397 -23.39 -97.99 -10.85
N ASP MA 398 -24.38 -98.83 -10.58
CA ASP MA 398 -25.28 -98.62 -9.46
C ASP MA 398 -25.01 -99.60 -8.35
N SER MA 399 -25.47 -99.23 -7.15
CA SER MA 399 -25.49 -100.11 -5.99
C SER MA 399 -26.59 -99.63 -5.06
N ASN MA 400 -26.65 -100.21 -3.86
CA ASN MA 400 -27.68 -99.86 -2.90
C ASN MA 400 -27.05 -99.65 -1.54
N ASN MA 401 -27.72 -98.86 -0.71
CA ASN MA 401 -27.37 -98.70 0.69
C ASN MA 401 -28.60 -99.00 1.54
N THR MA 402 -28.43 -99.80 2.57
CA THR MA 402 -29.52 -100.04 3.50
C THR MA 402 -29.62 -98.89 4.49
N TRP MA 403 -30.75 -98.82 5.17
CA TRP MA 403 -31.01 -97.71 6.08
C TRP MA 403 -31.42 -98.24 7.45
N VAL MA 404 -30.95 -97.56 8.49
CA VAL MA 404 -31.40 -97.85 9.84
C VAL MA 404 -32.78 -97.24 10.03
N ASP MA 405 -33.68 -98.03 10.63
CA ASP MA 405 -35.10 -97.70 10.62
C ASP MA 405 -35.38 -96.37 11.31
N ASN MA 406 -34.87 -96.19 12.53
CA ASN MA 406 -35.29 -95.06 13.35
C ASN MA 406 -34.50 -93.78 13.08
N LYS MA 407 -33.44 -93.83 12.27
CA LYS MA 407 -32.71 -92.62 11.95
C LYS MA 407 -32.32 -92.50 10.48
N GLY MA 408 -32.62 -93.48 9.63
CA GLY MA 408 -32.28 -93.38 8.23
C GLY MA 408 -30.80 -93.33 7.95
N GLU MA 409 -29.97 -93.64 8.93
CA GLU MA 409 -28.53 -93.66 8.79
C GLU MA 409 -28.06 -95.07 8.45
N LEU MA 410 -26.82 -95.18 7.98
CA LEU MA 410 -26.23 -96.47 7.67
C LEU MA 410 -24.91 -96.66 8.38
N THR MA 411 -24.73 -97.84 8.97
CA THR MA 411 -23.45 -98.22 9.57
C THR MA 411 -22.57 -98.99 8.61
N ASP MA 412 -23.17 -99.72 7.66
CA ASP MA 412 -22.37 -100.57 6.77
C ASP MA 412 -21.48 -99.71 5.88
N ILE MA 413 -22.05 -98.71 5.22
CA ILE MA 413 -21.32 -97.85 4.29
C ILE MA 413 -21.23 -96.46 4.91
N GLN MA 414 -20.02 -95.96 5.05
CA GLN MA 414 -19.74 -94.64 5.57
C GLN MA 414 -19.35 -93.72 4.42
N THR MA 415 -19.01 -92.47 4.75
CA THR MA 415 -18.56 -91.51 3.76
C THR MA 415 -17.25 -90.90 4.21
N PHE MA 416 -16.27 -90.88 3.29
CA PHE MA 416 -15.01 -90.20 3.55
C PHE MA 416 -15.24 -88.70 3.61
N ASP MA 417 -14.21 -87.97 4.05
CA ASP MA 417 -14.30 -86.52 4.14
C ASP MA 417 -14.74 -85.90 2.81
N THR MA 418 -14.33 -86.50 1.70
CA THR MA 418 -14.69 -86.01 0.38
C THR MA 418 -15.38 -87.04 -0.50
N SER MA 419 -15.69 -88.22 0.03
CA SER MA 419 -16.14 -89.33 -0.81
C SER MA 419 -16.92 -90.34 0.03
N TYR MA 420 -17.43 -91.38 -0.64
CA TYR MA 420 -18.22 -92.43 0.01
C TYR MA 420 -17.40 -93.71 0.09
N LYS MA 421 -16.73 -93.93 1.23
CA LYS MA 421 -15.93 -95.12 1.45
C LYS MA 421 -16.57 -96.02 2.50
N ILE MA 422 -16.58 -97.32 2.22
CA ILE MA 422 -17.11 -98.28 3.18
C ILE MA 422 -16.25 -98.33 4.43
N ASN MA 423 -14.94 -98.15 4.29
CA ASN MA 423 -14.04 -98.21 5.43
C ASN MA 423 -14.36 -97.10 6.43
N ALA MA 424 -14.95 -97.48 7.57
CA ALA MA 424 -15.39 -96.50 8.56
C ALA MA 424 -14.23 -95.78 9.24
N ASP MA 425 -13.05 -96.41 9.28
CA ASP MA 425 -11.91 -95.86 9.98
C ASP MA 425 -10.75 -95.68 9.02
N THR MA 426 -10.06 -94.55 9.15
CA THR MA 426 -8.98 -94.21 8.23
C THR MA 426 -7.59 -94.35 8.83
N GLY MA 427 -7.46 -94.28 10.16
CA GLY MA 427 -6.16 -94.40 10.78
C GLY MA 427 -5.22 -93.29 10.39
N GLU MA 428 -5.69 -92.05 10.42
CA GLU MA 428 -4.87 -90.91 10.05
C GLU MA 428 -3.64 -90.83 10.93
N VAL MA 429 -2.53 -90.41 10.34
CA VAL MA 429 -1.24 -90.36 11.02
C VAL MA 429 -0.85 -88.90 11.20
N THR MA 430 -0.77 -88.48 12.46
CA THR MA 430 -0.36 -87.12 12.80
C THR MA 430 0.90 -87.17 13.64
N VAL MA 431 1.78 -86.19 13.46
CA VAL MA 431 3.02 -86.09 14.21
C VAL MA 431 2.93 -84.86 15.11
N VAL MA 432 3.27 -85.04 16.38
CA VAL MA 432 3.29 -83.95 17.35
C VAL MA 432 4.59 -83.20 17.15
N GLY MA 433 4.52 -82.03 16.51
CA GLY MA 433 5.71 -81.26 16.26
C GLY MA 433 6.39 -80.86 17.55
N ASP MA 434 7.52 -81.49 17.85
CA ASP MA 434 8.23 -81.19 19.08
C ASP MA 434 8.75 -79.76 19.04
N ASN MA 435 8.66 -79.07 20.18
CA ASN MA 435 9.00 -77.66 20.36
C ASN MA 435 8.00 -76.75 19.65
N SER MA 436 7.03 -77.30 18.92
CA SER MA 436 5.98 -76.51 18.30
C SER MA 436 4.61 -76.79 18.87
N ALA MA 437 4.40 -77.95 19.49
CA ALA MA 437 3.13 -78.32 20.11
C ALA MA 437 1.97 -78.27 19.13
N THR MA 438 2.26 -78.51 17.85
CA THR MA 438 1.23 -78.52 16.83
C THR MA 438 1.25 -79.88 16.14
N ALA MA 439 0.10 -80.55 16.11
CA ALA MA 439 0.00 -81.88 15.53
C ALA MA 439 0.01 -81.75 14.01
N GLY MA 440 1.21 -81.61 13.45
CA GLY MA 440 1.34 -81.57 12.01
C GLY MA 440 0.92 -82.89 11.38
N GLN MA 441 0.30 -82.79 10.22
CA GLN MA 441 -0.15 -83.99 9.52
C GLN MA 441 1.04 -84.79 9.01
N TYR MA 442 0.87 -86.10 8.93
CA TYR MA 442 1.97 -86.97 8.52
C TYR MA 442 1.56 -87.94 7.42
N ALA MA 443 0.29 -88.34 7.38
CA ALA MA 443 -0.14 -89.42 6.49
C ALA MA 443 0.07 -89.10 5.01
N SER MA 444 -0.70 -88.13 4.49
CA SER MA 444 -0.56 -87.78 3.08
C SER MA 444 -0.49 -86.27 2.87
N ALA MA 445 -1.12 -85.50 3.77
CA ALA MA 445 -1.05 -84.05 3.66
C ALA MA 445 0.33 -83.52 4.01
N ASP MA 446 1.05 -84.23 4.88
CA ASP MA 446 2.46 -84.00 5.16
C ASP MA 446 2.71 -82.57 5.62
N GLY MA 447 2.11 -82.25 6.76
CA GLY MA 447 2.32 -80.95 7.37
C GLY MA 447 1.13 -80.02 7.23
N ALA MA 448 -0.08 -80.58 7.27
CA ALA MA 448 -1.29 -79.78 7.14
C ALA MA 448 -1.59 -78.95 8.39
N LYS MA 449 -0.85 -79.16 9.48
CA LYS MA 449 -1.03 -78.39 10.72
C LYS MA 449 -2.46 -78.55 11.23
N VAL MA 450 -2.76 -79.79 11.66
CA VAL MA 450 -4.12 -80.13 12.06
C VAL MA 450 -4.64 -79.19 13.15
N LEU MA 451 -5.88 -78.75 12.97
CA LEU MA 451 -6.61 -78.00 13.99
C LEU MA 451 -7.81 -78.80 14.46
N VAL MA 452 -8.25 -78.51 15.69
CA VAL MA 452 -9.42 -79.15 16.25
C VAL MA 452 -10.67 -78.54 15.63
N GLY MA 453 -11.55 -79.38 15.09
CA GLY MA 453 -12.75 -78.91 14.46
C GLY MA 453 -13.81 -78.50 15.46
N SER MA 454 -14.93 -78.02 14.93
CA SER MA 454 -16.02 -77.55 15.78
C SER MA 454 -16.69 -78.70 16.53
N ASP MA 455 -16.60 -79.93 16.02
CA ASP MA 455 -17.18 -81.09 16.68
C ASP MA 455 -16.17 -81.85 17.53
N GLY MA 456 -14.95 -81.35 17.64
CA GLY MA 456 -13.93 -81.97 18.45
C GLY MA 456 -13.00 -82.92 17.72
N LYS MA 457 -13.34 -83.31 16.50
CA LYS MA 457 -12.48 -84.20 15.75
C LYS MA 457 -11.32 -83.44 15.12
N LEU MA 458 -10.29 -84.19 14.72
CA LEU MA 458 -9.13 -83.61 14.08
C LEU MA 458 -9.42 -83.31 12.62
N THR MA 459 -8.93 -82.16 12.14
CA THR MA 459 -9.15 -81.76 10.77
C THR MA 459 -8.05 -80.80 10.34
N THR MA 460 -7.87 -80.68 9.03
CA THR MA 460 -6.80 -79.87 8.47
C THR MA 460 -7.22 -78.45 8.14
N GLU MA 461 -8.51 -78.11 8.30
CA GLU MA 461 -8.97 -76.76 8.02
C GLU MA 461 -8.59 -75.82 9.16
N THR MA 462 -8.45 -74.54 8.83
CA THR MA 462 -8.11 -73.54 9.83
C THR MA 462 -9.31 -72.75 10.32
N THR MA 463 -10.26 -72.47 9.44
CA THR MA 463 -11.42 -71.65 9.76
C THR MA 463 -12.70 -72.43 9.53
N SER MA 464 -13.63 -72.32 10.46
CA SER MA 464 -14.91 -73.03 10.40
C SER MA 464 -15.98 -72.13 9.79
N ALA MA 465 -17.19 -72.67 9.69
CA ALA MA 465 -18.30 -71.91 9.12
C ALA MA 465 -18.66 -70.71 9.99
N GLY MA 466 -18.65 -70.89 11.31
CA GLY MA 466 -19.06 -69.82 12.21
C GLY MA 466 -20.56 -69.79 12.43
N ASP MA 467 -21.12 -68.61 12.68
CA ASP MA 467 -22.56 -68.50 12.92
C ASP MA 467 -23.02 -67.15 12.36
N LYS MA 468 -23.43 -67.17 11.06
CA LYS MA 468 -23.60 -65.94 10.24
C LYS MA 468 -24.13 -66.35 8.87
N THR MA 469 -24.93 -65.49 8.24
CA THR MA 469 -25.43 -65.79 6.90
C THR MA 469 -24.29 -65.73 5.91
N THR MA 470 -23.86 -66.90 5.41
CA THR MA 470 -22.66 -66.98 4.60
C THR MA 470 -22.78 -66.14 3.33
N ASP MA 471 -23.97 -66.09 2.75
CA ASP MA 471 -24.23 -65.33 1.52
C ASP MA 471 -25.41 -64.40 1.78
N PRO MA 472 -25.18 -63.27 2.46
CA PRO MA 472 -26.30 -62.39 2.82
C PRO MA 472 -26.99 -61.79 1.60
N LEU MA 473 -26.24 -61.11 0.74
CA LEU MA 473 -26.85 -60.42 -0.38
C LEU MA 473 -27.42 -61.40 -1.41
N LYS MA 474 -26.82 -62.56 -1.58
CA LYS MA 474 -27.38 -63.53 -2.52
C LYS MA 474 -28.73 -64.04 -2.05
N THR MA 475 -28.86 -64.34 -0.75
CA THR MA 475 -30.17 -64.71 -0.22
C THR MA 475 -31.16 -63.56 -0.32
N LEU MA 476 -30.69 -62.33 -0.09
CA LEU MA 476 -31.56 -61.18 -0.26
C LEU MA 476 -32.05 -61.06 -1.71
N ASP MA 477 -31.15 -61.29 -2.67
CA ASP MA 477 -31.55 -61.25 -4.08
C ASP MA 477 -32.53 -62.37 -4.40
N ALA MA 478 -32.38 -63.53 -3.76
CA ALA MA 478 -33.38 -64.57 -3.91
C ALA MA 478 -34.74 -64.10 -3.39
N ALA MA 479 -34.74 -63.40 -2.28
CA ALA MA 479 -35.98 -62.83 -1.75
C ALA MA 479 -36.59 -61.83 -2.72
N PHE MA 480 -35.76 -60.95 -3.31
CA PHE MA 480 -36.26 -60.02 -4.32
C PHE MA 480 -36.84 -60.77 -5.51
N THR MA 481 -36.17 -61.84 -5.97
CA THR MA 481 -36.68 -62.57 -7.12
C THR MA 481 -38.04 -63.17 -6.82
N LYS MA 482 -38.19 -63.79 -5.64
CA LYS MA 482 -39.48 -64.38 -5.28
C LYS MA 482 -40.57 -63.31 -5.20
N LEU MA 483 -40.28 -62.21 -4.49
CA LEU MA 483 -41.28 -61.15 -4.33
C LEU MA 483 -41.63 -60.53 -5.68
N ASP MA 484 -40.64 -60.28 -6.53
CA ASP MA 484 -40.88 -59.68 -7.83
C ASP MA 484 -41.71 -60.60 -8.71
N LYS MA 485 -41.43 -61.91 -8.67
CA LYS MA 485 -42.23 -62.85 -9.42
C LYS MA 485 -43.68 -62.81 -8.97
N LEU MA 486 -43.91 -62.81 -7.66
CA LEU MA 486 -45.29 -62.78 -7.17
C LEU MA 486 -45.97 -61.47 -7.54
N THR MA 487 -45.27 -60.34 -7.40
CA THR MA 487 -45.87 -59.04 -7.71
C THR MA 487 -46.20 -58.93 -9.19
N GLY MA 488 -45.29 -59.36 -10.06
CA GLY MA 488 -45.56 -59.33 -11.49
C GLY MA 488 -46.71 -60.23 -11.88
N GLU MA 489 -46.79 -61.42 -11.28
CA GLU MA 489 -47.90 -62.31 -11.56
C GLU MA 489 -49.22 -61.68 -11.12
N LEU MA 490 -49.23 -61.04 -9.96
CA LEU MA 490 -50.44 -60.39 -9.48
C LEU MA 490 -50.84 -59.23 -10.38
N GLY MA 491 -49.87 -58.45 -10.84
CA GLY MA 491 -50.17 -57.36 -11.76
C GLY MA 491 -50.74 -57.86 -13.07
N ALA MA 492 -50.19 -58.96 -13.60
CA ALA MA 492 -50.73 -59.54 -14.81
C ALA MA 492 -52.16 -60.02 -14.61
N VAL MA 493 -52.43 -60.67 -13.47
CA VAL MA 493 -53.78 -61.14 -13.18
C VAL MA 493 -54.73 -59.96 -13.06
N GLN MA 494 -54.29 -58.87 -12.43
CA GLN MA 494 -55.16 -57.72 -12.27
C GLN MA 494 -55.45 -57.04 -13.60
N ASN MA 495 -54.44 -56.96 -14.48
CA ASN MA 495 -54.67 -56.43 -15.82
C ASN MA 495 -55.66 -57.30 -16.60
N ARG MA 496 -55.49 -58.62 -16.52
CA ARG MA 496 -56.43 -59.51 -17.18
C ARG MA 496 -57.83 -59.36 -16.60
N LEU MA 497 -57.94 -59.13 -15.29
CA LEU MA 497 -59.25 -58.92 -14.68
C LEU MA 497 -59.88 -57.63 -15.17
N GLU MA 498 -59.09 -56.58 -15.35
CA GLU MA 498 -59.63 -55.35 -15.92
C GLU MA 498 -60.12 -55.58 -17.35
N SER MA 499 -59.36 -56.34 -18.13
CA SER MA 499 -59.79 -56.66 -19.49
C SER MA 499 -61.07 -57.48 -19.46
N THR MA 500 -61.21 -58.40 -18.51
CA THR MA 500 -62.47 -59.12 -18.36
C THR MA 500 -63.61 -58.19 -17.99
N ILE MA 501 -63.34 -57.20 -17.15
CA ILE MA 501 -64.37 -56.21 -16.83
C ILE MA 501 -64.86 -55.54 -18.09
N ALA MA 502 -63.93 -55.07 -18.93
CA ALA MA 502 -64.32 -54.40 -20.17
C ALA MA 502 -65.10 -55.34 -21.09
N ASN MA 503 -64.61 -56.58 -21.23
CA ASN MA 503 -65.26 -57.52 -22.13
C ASN MA 503 -66.66 -57.87 -21.65
N LEU MA 504 -66.82 -58.13 -20.36
CA LEU MA 504 -68.13 -58.45 -19.82
C LEU MA 504 -69.08 -57.26 -19.92
N ASN MA 505 -68.58 -56.04 -19.70
CA ASN MA 505 -69.45 -54.88 -19.87
C ASN MA 505 -69.93 -54.77 -21.31
N ASN MA 506 -69.03 -54.97 -22.27
CA ASN MA 506 -69.43 -54.91 -23.68
C ASN MA 506 -70.46 -56.00 -24.00
N VAL MA 507 -70.22 -57.22 -23.51
CA VAL MA 507 -71.14 -58.31 -23.78
C VAL MA 507 -72.49 -58.05 -23.13
N VAL MA 508 -72.50 -57.46 -21.93
CA VAL MA 508 -73.75 -57.11 -21.27
C VAL MA 508 -74.51 -56.10 -22.10
N ASN MA 509 -73.82 -55.08 -22.62
CA ASN MA 509 -74.50 -54.09 -23.44
C ASN MA 509 -75.11 -54.72 -24.67
N ASN MA 510 -74.35 -55.57 -25.37
CA ASN MA 510 -74.86 -56.19 -26.59
C ASN MA 510 -76.02 -57.15 -26.30
N LEU MA 511 -75.93 -57.92 -25.23
CA LEU MA 511 -77.01 -58.84 -24.89
C LEU MA 511 -78.25 -58.10 -24.42
N SER MA 512 -78.09 -56.98 -23.71
CA SER MA 512 -79.25 -56.15 -23.38
C SER MA 512 -79.88 -55.59 -24.64
N SER MA 513 -79.06 -55.22 -25.63
CA SER MA 513 -79.61 -54.79 -26.91
C SER MA 513 -80.40 -55.91 -27.57
N ALA MA 514 -79.86 -57.13 -27.57
CA ALA MA 514 -80.55 -58.26 -28.18
C ALA MA 514 -81.87 -58.52 -27.47
N ARG MA 515 -81.86 -58.42 -26.13
CA ARG MA 515 -83.10 -58.57 -25.38
C ARG MA 515 -84.09 -57.48 -25.73
N SER MA 516 -83.59 -56.27 -25.99
CA SER MA 516 -84.48 -55.19 -26.40
C SER MA 516 -85.12 -55.49 -27.75
N ARG MA 517 -84.32 -55.95 -28.71
CA ARG MA 517 -84.88 -56.30 -30.02
C ARG MA 517 -85.91 -57.41 -29.90
N ILE MA 518 -85.64 -58.43 -29.09
CA ILE MA 518 -86.52 -59.59 -29.09
C ILE MA 518 -87.75 -59.36 -28.21
N GLN MA 519 -87.61 -58.63 -27.11
CA GLN MA 519 -88.63 -58.57 -26.07
C GLN MA 519 -89.31 -57.22 -25.97
N ASP MA 520 -88.57 -56.12 -26.03
CA ASP MA 520 -89.16 -54.81 -25.85
C ASP MA 520 -90.08 -54.45 -27.02
N ALA MA 521 -90.96 -53.49 -26.79
CA ALA MA 521 -91.96 -53.09 -27.76
C ALA MA 521 -91.71 -51.65 -28.18
N ASP MA 522 -91.64 -51.43 -29.50
CA ASP MA 522 -91.43 -50.10 -30.07
C ASP MA 522 -92.74 -49.32 -30.00
N TYR MA 523 -92.80 -48.33 -29.11
CA TYR MA 523 -94.08 -47.72 -28.78
C TYR MA 523 -94.79 -47.09 -29.96
N ALA MA 524 -94.08 -46.67 -31.01
CA ALA MA 524 -94.76 -46.07 -32.15
C ALA MA 524 -95.78 -47.04 -32.76
N THR MA 525 -95.35 -48.28 -32.97
CA THR MA 525 -96.22 -49.27 -33.62
C THR MA 525 -97.48 -49.53 -32.80
N GLU MA 526 -97.31 -49.85 -31.51
CA GLU MA 526 -98.47 -50.21 -30.71
C GLU MA 526 -99.29 -49.00 -30.31
N VAL MA 527 -98.72 -47.80 -30.32
CA VAL MA 527 -99.54 -46.61 -30.16
C VAL MA 527 -100.43 -46.41 -31.38
N SER MA 528 -99.88 -46.62 -32.58
CA SER MA 528 -100.72 -46.58 -33.77
C SER MA 528 -101.79 -47.66 -33.71
N ASN MA 529 -101.42 -48.85 -33.23
CA ASN MA 529 -102.39 -49.92 -33.08
C ASN MA 529 -103.47 -49.57 -32.07
N MET MA 530 -103.08 -48.90 -30.97
CA MET MA 530 -104.04 -48.42 -30.00
C MET MA 530 -105.04 -47.45 -30.63
N SER MA 531 -104.54 -46.50 -31.40
CA SER MA 531 -105.44 -45.54 -32.03
C SER MA 531 -106.39 -46.24 -33.00
N LYS MA 532 -105.85 -47.16 -33.80
CA LYS MA 532 -106.68 -47.92 -34.73
C LYS MA 532 -107.73 -48.74 -33.99
N ALA MA 533 -107.33 -49.36 -32.89
CA ALA MA 533 -108.25 -50.18 -32.11
C ALA MA 533 -109.34 -49.33 -31.47
N GLN MA 534 -109.00 -48.14 -30.99
CA GLN MA 534 -110.00 -47.26 -30.40
C GLN MA 534 -111.01 -46.79 -31.45
N ILE MA 535 -110.52 -46.38 -32.62
CA ILE MA 535 -111.44 -45.96 -33.67
C ILE MA 535 -112.31 -47.13 -34.10
N LEU MA 536 -111.73 -48.33 -34.20
CA LEU MA 536 -112.50 -49.51 -34.53
C LEU MA 536 -113.55 -49.81 -33.47
N GLN MA 537 -113.20 -49.59 -32.19
CA GLN MA 537 -114.14 -49.82 -31.10
C GLN MA 537 -115.33 -48.91 -31.21
N GLN MA 538 -115.07 -47.62 -31.42
CA GLN MA 538 -116.18 -46.66 -31.53
C GLN MA 538 -117.04 -46.96 -32.76
N ALA MA 539 -116.40 -47.25 -33.89
CA ALA MA 539 -117.15 -47.56 -35.10
C ALA MA 539 -117.97 -48.83 -34.92
N GLY MA 540 -117.41 -49.85 -34.27
CA GLY MA 540 -118.14 -51.07 -34.04
C GLY MA 540 -119.32 -50.87 -33.11
N THR MA 541 -119.15 -50.06 -32.06
CA THR MA 541 -120.27 -49.78 -31.18
C THR MA 541 -121.38 -49.07 -31.93
N SER MA 542 -121.02 -48.09 -32.76
CA SER MA 542 -122.04 -47.38 -33.53
C SER MA 542 -122.75 -48.29 -34.51
N VAL MA 543 -121.99 -49.13 -35.22
CA VAL MA 543 -122.58 -50.03 -36.21
C VAL MA 543 -123.48 -51.04 -35.53
N LEU MA 544 -123.06 -51.56 -34.37
CA LEU MA 544 -123.92 -52.44 -33.60
C LEU MA 544 -125.19 -51.71 -33.19
N ALA MA 545 -125.07 -50.43 -32.84
CA ALA MA 545 -126.26 -49.66 -32.51
C ALA MA 545 -127.23 -49.65 -33.69
N GLN MA 546 -126.76 -49.26 -34.88
CA GLN MA 546 -127.68 -49.21 -36.02
C GLN MA 546 -128.25 -50.58 -36.36
N ALA MA 547 -127.43 -51.63 -36.21
CA ALA MA 547 -127.96 -52.98 -36.38
C ALA MA 547 -129.07 -53.27 -35.40
N ASN MA 548 -128.99 -52.69 -34.19
CA ASN MA 548 -130.04 -52.92 -33.20
C ASN MA 548 -131.36 -52.26 -33.60
N GLN MA 549 -131.32 -51.09 -34.25
CA GLN MA 549 -132.58 -50.52 -34.75
C GLN MA 549 -132.95 -51.00 -36.13
N VAL MA 550 -132.13 -51.84 -36.76
CA VAL MA 550 -132.54 -52.45 -38.03
C VAL MA 550 -133.92 -53.10 -37.93
N PRO MA 551 -134.23 -53.91 -36.91
CA PRO MA 551 -135.58 -54.52 -36.87
C PRO MA 551 -136.69 -53.56 -36.48
N GLN MA 552 -136.39 -52.33 -36.06
CA GLN MA 552 -137.45 -51.38 -35.75
C GLN MA 552 -138.33 -51.09 -36.95
N THR MA 553 -137.77 -51.20 -38.17
CA THR MA 553 -138.56 -50.96 -39.37
C THR MA 553 -139.73 -51.94 -39.46
N VAL MA 554 -139.62 -53.10 -38.82
CA VAL MA 554 -140.74 -54.02 -38.75
C VAL MA 554 -141.92 -53.35 -38.05
N LEU MA 555 -141.65 -52.57 -37.01
CA LEU MA 555 -142.71 -51.84 -36.32
C LEU MA 555 -143.05 -50.56 -37.08
N SER MA 556 -143.28 -50.69 -38.38
CA SER MA 556 -143.89 -49.65 -39.20
C SER MA 556 -145.17 -50.16 -39.83
N LEU MA 557 -145.15 -51.38 -40.37
CA LEU MA 557 -146.35 -52.07 -40.79
C LEU MA 557 -146.87 -52.92 -39.64
N LEU MA 558 -148.18 -52.89 -39.43
CA LEU MA 558 -148.80 -53.65 -38.35
C LEU MA 558 -150.18 -54.17 -38.76
N ALA NA 2 -129.64 -43.24 -2.10
CA ALA NA 2 -130.79 -42.55 -2.66
C ALA NA 2 -130.40 -41.62 -3.79
N ALA NA 3 -131.37 -41.25 -4.61
CA ALA NA 3 -131.16 -40.42 -5.79
C ALA NA 3 -131.62 -38.98 -5.52
N VAL NA 4 -131.42 -38.53 -4.30
CA VAL NA 4 -131.88 -37.21 -3.89
C VAL NA 4 -131.03 -36.14 -4.58
N ILE NA 5 -131.60 -34.95 -4.73
CA ILE NA 5 -130.88 -33.83 -5.33
C ILE NA 5 -130.78 -32.63 -4.42
N ASN NA 6 -131.70 -32.44 -3.47
CA ASN NA 6 -131.66 -31.26 -2.61
C ASN NA 6 -130.40 -31.25 -1.75
N THR NA 7 -130.00 -32.42 -1.24
CA THR NA 7 -128.80 -32.55 -0.43
C THR NA 7 -127.85 -33.53 -1.12
N ASN NA 8 -126.58 -33.16 -1.19
CA ASN NA 8 -125.55 -33.99 -1.79
C ASN NA 8 -124.47 -34.23 -0.74
N TYR NA 9 -124.56 -35.36 -0.05
CA TYR NA 9 -123.63 -35.65 1.03
C TYR NA 9 -122.20 -35.73 0.51
N LEU NA 10 -122.01 -36.27 -0.69
CA LEU NA 10 -120.68 -36.39 -1.27
C LEU NA 10 -120.05 -35.01 -1.47
N SER NA 11 -120.84 -34.04 -1.92
CA SER NA 11 -120.31 -32.69 -2.08
C SER NA 11 -119.87 -32.11 -0.75
N LEU NA 12 -120.65 -32.36 0.32
CA LEU NA 12 -120.27 -31.86 1.64
C LEU NA 12 -118.97 -32.50 2.11
N VAL NA 13 -118.83 -33.81 1.93
CA VAL NA 13 -117.60 -34.48 2.34
C VAL NA 13 -116.41 -33.93 1.56
N ALA NA 14 -116.58 -33.73 0.25
CA ALA NA 14 -115.52 -33.17 -0.56
C ALA NA 14 -115.15 -31.77 -0.10
N GLN NA 15 -116.15 -30.96 0.25
CA GLN NA 15 -115.88 -29.61 0.74
C GLN NA 15 -115.10 -29.64 2.04
N ASN NA 16 -115.46 -30.54 2.95
CA ASN NA 16 -114.74 -30.64 4.22
C ASN NA 16 -113.29 -31.04 4.00
N ASN NA 17 -113.06 -32.05 3.18
CA ASN NA 17 -111.68 -32.48 2.94
C ASN NA 17 -110.89 -31.40 2.21
N LEU NA 18 -111.55 -30.68 1.30
CA LEU NA 18 -110.92 -29.56 0.62
C LEU NA 18 -110.51 -28.49 1.62
N ASN NA 19 -111.38 -28.19 2.58
CA ASN NA 19 -111.06 -27.18 3.59
C ASN NA 19 -109.89 -27.61 4.45
N LYS NA 20 -109.86 -28.89 4.85
CA LYS NA 20 -108.75 -29.38 5.66
C LYS NA 20 -107.43 -29.29 4.88
N SER NA 21 -107.45 -29.71 3.62
CA SER NA 21 -106.26 -29.62 2.79
C SER NA 21 -105.84 -28.18 2.59
N GLN NA 22 -106.80 -27.28 2.43
CA GLN NA 22 -106.48 -25.86 2.27
C GLN NA 22 -105.85 -25.29 3.53
N SER NA 23 -106.34 -25.70 4.70
CA SER NA 23 -105.73 -25.23 5.94
C SER NA 23 -104.30 -25.74 6.06
N SER NA 24 -104.06 -27.00 5.71
CA SER NA 24 -102.70 -27.52 5.73
C SER NA 24 -101.81 -26.76 4.76
N LEU NA 25 -102.32 -26.46 3.57
CA LEU NA 25 -101.56 -25.70 2.60
C LEU NA 25 -101.24 -24.30 3.11
N GLY NA 26 -102.21 -23.66 3.77
CA GLY NA 26 -101.97 -22.34 4.32
C GLY NA 26 -100.89 -22.36 5.39
N THR NA 27 -100.93 -23.36 6.27
CA THR NA 27 -99.87 -23.49 7.27
C THR NA 27 -98.52 -23.70 6.61
N ALA NA 28 -98.47 -24.54 5.57
CA ALA NA 28 -97.20 -24.75 4.87
C ALA NA 28 -96.69 -23.47 4.24
N ILE NA 29 -97.58 -22.71 3.60
CA ILE NA 29 -97.18 -21.46 2.95
C ILE NA 29 -96.66 -20.48 3.98
N GLU NA 30 -97.36 -20.36 5.11
CA GLU NA 30 -96.93 -19.42 6.14
C GLU NA 30 -95.58 -19.82 6.72
N ARG NA 31 -95.38 -21.11 6.98
CA ARG NA 31 -94.09 -21.55 7.51
C ARG NA 31 -92.97 -21.33 6.51
N LEU NA 32 -93.23 -21.56 5.22
CA LEU NA 32 -92.19 -21.33 4.22
C LEU NA 32 -91.87 -19.85 4.10
N SER NA 33 -92.89 -18.99 4.04
CA SER NA 33 -92.67 -17.57 3.83
C SER NA 33 -91.94 -16.95 5.01
N SER NA 34 -92.43 -17.20 6.23
CA SER NA 34 -91.76 -16.66 7.41
C SER NA 34 -90.41 -17.32 7.63
N GLY NA 35 -90.32 -18.62 7.37
CA GLY NA 35 -89.14 -19.38 7.68
C GLY NA 35 -89.06 -19.87 9.11
N LEU NA 36 -90.03 -19.53 9.95
CA LEU NA 36 -90.06 -19.93 11.35
C LEU NA 36 -91.17 -20.96 11.54
N ARG NA 37 -90.81 -22.15 12.00
CA ARG NA 37 -91.82 -23.17 12.26
C ARG NA 37 -92.78 -22.73 13.35
N ILE NA 38 -92.26 -22.11 14.40
CA ILE NA 38 -93.09 -21.59 15.48
C ILE NA 38 -93.32 -20.11 15.18
N ASN NA 39 -94.36 -19.84 14.41
CA ASN NA 39 -94.93 -18.51 14.26
C ASN NA 39 -96.43 -18.63 14.43
N SER NA 40 -97.06 -17.53 14.81
CA SER NA 40 -98.48 -17.56 15.15
C SER NA 40 -98.71 -18.59 16.27
N ALA NA 41 -98.25 -18.21 17.45
CA ALA NA 41 -97.92 -19.10 18.56
C ALA NA 41 -98.89 -20.24 18.80
N LYS NA 42 -100.12 -20.13 18.29
CA LYS NA 42 -101.16 -21.14 18.48
C LYS NA 42 -100.64 -22.56 18.27
N ASP NA 43 -99.63 -22.75 17.42
CA ASP NA 43 -98.95 -24.03 17.29
C ASP NA 43 -97.70 -24.02 18.15
N ASP NA 44 -97.56 -25.03 19.01
CA ASP NA 44 -96.42 -25.18 19.91
C ASP NA 44 -96.22 -23.94 20.78
N ALA NA 45 -97.23 -23.68 21.63
CA ALA NA 45 -97.16 -22.53 22.52
C ALA NA 45 -95.97 -22.63 23.45
N ALA NA 46 -95.71 -23.82 24.00
CA ALA NA 46 -94.52 -24.01 24.84
C ALA NA 46 -93.25 -23.77 24.03
N GLY NA 47 -93.23 -24.25 22.78
CA GLY NA 47 -92.11 -23.95 21.92
C GLY NA 47 -91.96 -22.46 21.67
N MET NA 48 -93.09 -21.76 21.56
CA MET NA 48 -93.03 -20.30 21.38
C MET NA 48 -92.38 -19.66 22.61
N ALA NA 49 -92.80 -20.07 23.81
CA ALA NA 49 -92.22 -19.50 25.01
C ALA NA 49 -90.73 -19.80 25.10
N ILE NA 50 -90.33 -21.02 24.74
CA ILE NA 50 -88.92 -21.39 24.79
C ILE NA 50 -88.11 -20.55 23.80
N ALA NA 51 -88.63 -20.36 22.59
CA ALA NA 51 -87.94 -19.54 21.60
C ALA NA 51 -87.86 -18.09 22.06
N ASN NA 52 -88.91 -17.60 22.71
CA ASN NA 52 -88.90 -16.24 23.25
C ASN NA 52 -87.80 -16.09 24.29
N ARG NA 53 -87.71 -17.05 25.21
CA ARG NA 53 -86.66 -17.01 26.23
C ARG NA 53 -85.28 -17.06 25.59
N PHE NA 54 -85.12 -17.89 24.58
CA PHE NA 54 -83.84 -17.99 23.90
C PHE NA 54 -83.49 -16.70 23.17
N THR NA 55 -84.45 -16.07 22.52
CA THR NA 55 -84.19 -14.80 21.85
C THR NA 55 -83.77 -13.73 22.84
N ALA NA 56 -84.48 -13.64 23.96
CA ALA NA 56 -84.12 -12.66 24.97
C ALA NA 56 -82.72 -12.91 25.50
N ASN NA 57 -82.40 -14.18 25.78
CA ASN NA 57 -81.08 -14.52 26.28
C ASN NA 57 -80.00 -14.19 25.26
N VAL NA 58 -80.26 -14.48 23.98
CA VAL NA 58 -79.26 -14.27 22.94
C VAL NA 58 -78.99 -12.77 22.76
N ARG NA 59 -80.04 -11.96 22.72
CA ARG NA 59 -79.84 -10.52 22.60
C ARG NA 59 -79.11 -9.97 23.82
N GLY NA 60 -79.50 -10.42 25.02
CA GLY NA 60 -78.82 -9.98 26.22
C GLY NA 60 -77.35 -10.33 26.21
N LEU NA 61 -77.01 -11.54 25.75
CA LEU NA 61 -75.62 -11.96 25.75
C LEU NA 61 -74.81 -11.26 24.67
N THR NA 62 -75.41 -10.97 23.51
CA THR NA 62 -74.70 -10.18 22.51
C THR NA 62 -74.40 -8.77 23.04
N GLN NA 63 -75.40 -8.15 23.67
CA GLN NA 63 -75.14 -6.85 24.28
C GLN NA 63 -74.12 -6.95 25.41
N ALA NA 64 -74.10 -8.08 26.11
CA ALA NA 64 -73.10 -8.30 27.14
C ALA NA 64 -71.70 -8.37 26.54
N ALA NA 65 -71.56 -9.05 25.40
CA ALA NA 65 -70.27 -9.09 24.72
C ALA NA 65 -69.85 -7.68 24.31
N ARG NA 66 -70.80 -6.89 23.84
CA ARG NA 66 -70.48 -5.49 23.52
C ARG NA 66 -70.00 -4.74 24.76
N ASN NA 67 -70.68 -4.93 25.89
CA ASN NA 67 -70.29 -4.26 27.12
C ASN NA 67 -68.89 -4.68 27.57
N ALA NA 68 -68.59 -5.97 27.48
CA ALA NA 68 -67.26 -6.45 27.87
C ALA NA 68 -66.19 -5.92 26.93
N ASN NA 69 -66.51 -5.78 25.63
CA ASN NA 69 -65.57 -5.16 24.72
C ASN NA 69 -65.30 -3.71 25.10
N ASP NA 70 -66.35 -2.99 25.51
CA ASP NA 70 -66.17 -1.63 25.99
C ASP NA 70 -65.27 -1.60 27.22
N GLY NA 71 -65.46 -2.54 28.13
CA GLY NA 71 -64.59 -2.64 29.29
C GLY NA 71 -63.15 -2.91 28.91
N ILE NA 72 -62.94 -3.77 27.91
CA ILE NA 72 -61.59 -4.05 27.43
C ILE NA 72 -60.95 -2.77 26.88
N SER NA 73 -61.71 -2.00 26.12
CA SER NA 73 -61.16 -0.76 25.57
C SER NA 73 -60.82 0.23 26.69
N LEU NA 74 -61.69 0.32 27.70
CA LEU NA 74 -61.40 1.20 28.84
C LEU NA 74 -60.12 0.76 29.54
N ALA NA 75 -59.96 -0.55 29.74
CA ALA NA 75 -58.73 -1.07 30.34
C ALA NA 75 -57.53 -0.74 29.47
N GLN NA 76 -57.69 -0.79 28.15
CA GLN NA 76 -56.60 -0.44 27.25
C GLN NA 76 -56.16 1.00 27.45
N THR NA 77 -57.12 1.93 27.48
CA THR NA 77 -56.76 3.34 27.67
C THR NA 77 -56.07 3.56 29.01
N THR NA 78 -56.65 3.00 30.07
CA THR NA 78 -56.08 3.19 31.40
C THR NA 78 -54.69 2.58 31.49
N GLU NA 79 -54.49 1.41 30.89
CA GLU NA 79 -53.18 0.76 30.89
C GLU NA 79 -52.16 1.57 30.11
N GLY NA 80 -52.55 2.16 28.98
CA GLY NA 80 -51.63 3.01 28.25
C GLY NA 80 -51.19 4.21 29.08
N ALA NA 81 -52.15 4.87 29.74
CA ALA NA 81 -51.79 5.99 30.60
C ALA NA 81 -50.88 5.54 31.74
N ALA NA 82 -51.16 4.37 32.31
CA ALA NA 82 -50.32 3.85 33.39
C ALA NA 82 -48.91 3.57 32.90
N SER NA 83 -48.76 3.03 31.70
CA SER NA 83 -47.44 2.78 31.14
C SER NA 83 -46.68 4.08 30.92
N GLU NA 84 -47.38 5.12 30.48
CA GLU NA 84 -46.70 6.40 30.32
C GLU NA 84 -46.24 6.96 31.66
N VAL NA 85 -47.08 6.84 32.69
CA VAL NA 85 -46.66 7.26 34.02
C VAL NA 85 -45.47 6.42 34.49
N ASN NA 86 -45.44 5.14 34.08
CA ASN NA 86 -44.32 4.27 34.42
C ASN NA 86 -43.02 4.78 33.80
N THR NA 87 -43.08 5.19 32.53
CA THR NA 87 -41.89 5.78 31.89
C THR NA 87 -41.47 7.05 32.61
N HIS NA 88 -42.45 7.87 33.01
CA HIS NA 88 -42.12 9.06 33.77
C HIS NA 88 -41.43 8.72 35.09
N LEU NA 89 -41.90 7.68 35.78
CA LEU NA 89 -41.26 7.25 37.01
C LEU NA 89 -39.84 6.79 36.76
N GLN NA 90 -39.61 6.08 35.66
CA GLN NA 90 -38.26 5.66 35.31
C GLN NA 90 -37.34 6.86 35.14
N ARG NA 91 -37.80 7.86 34.38
CA ARG NA 91 -36.96 9.03 34.16
C ARG NA 91 -36.72 9.79 35.45
N ILE NA 92 -37.75 9.90 36.30
CA ILE NA 92 -37.59 10.57 37.59
C ILE NA 92 -36.56 9.84 38.44
N ARG NA 93 -36.58 8.51 38.40
CA ARG NA 93 -35.60 7.73 39.16
C ARG NA 93 -34.20 7.98 38.65
N GLU NA 94 -34.02 8.08 37.33
CA GLU NA 94 -32.72 8.45 36.80
C GLU NA 94 -32.27 9.83 37.27
N LEU NA 95 -33.17 10.82 37.23
CA LEU NA 95 -32.79 12.13 37.71
C LEU NA 95 -32.40 12.09 39.19
N THR NA 96 -33.13 11.31 39.98
CA THR NA 96 -32.78 11.16 41.39
C THR NA 96 -31.41 10.54 41.56
N VAL NA 97 -31.12 9.48 40.81
CA VAL NA 97 -29.83 8.79 40.94
C VAL NA 97 -28.70 9.72 40.52
N GLN NA 98 -28.87 10.43 39.40
CA GLN NA 98 -27.83 11.33 38.93
C GLN NA 98 -27.61 12.47 39.91
N ALA NA 99 -28.68 13.03 40.46
CA ALA NA 99 -28.55 14.13 41.40
C ALA NA 99 -28.20 13.67 42.80
N SER NA 100 -28.31 12.37 43.10
CA SER NA 100 -27.87 11.88 44.40
C SER NA 100 -26.37 11.99 44.58
N ASN NA 101 -25.62 12.11 43.48
CA ASN NA 101 -24.19 12.35 43.57
C ASN NA 101 -23.93 13.72 44.19
N GLY NA 102 -22.84 13.81 44.95
CA GLY NA 102 -22.46 15.05 45.59
C GLY NA 102 -21.62 15.98 44.75
N SER NA 103 -21.10 15.50 43.61
CA SER NA 103 -20.23 16.34 42.79
C SER NA 103 -21.00 17.48 42.15
N TYR NA 104 -22.31 17.33 41.97
CA TYR NA 104 -23.11 18.38 41.35
C TYR NA 104 -23.33 19.53 42.32
N SER NA 105 -23.10 20.76 41.85
CA SER NA 105 -23.35 21.93 42.67
C SER NA 105 -24.84 22.22 42.74
N GLN NA 106 -25.19 23.31 43.41
CA GLN NA 106 -26.60 23.60 43.67
C GLN NA 106 -27.36 23.91 42.39
N GLU NA 107 -26.72 24.57 41.43
CA GLU NA 107 -27.44 25.00 40.22
C GLU NA 107 -27.86 23.82 39.37
N GLN NA 108 -26.97 22.84 39.18
CA GLN NA 108 -27.34 21.66 38.42
C GLN NA 108 -28.42 20.86 39.15
N LEU NA 109 -28.36 20.82 40.48
CA LEU NA 109 -29.43 20.18 41.24
C LEU NA 109 -30.74 20.91 41.03
N ASP NA 110 -30.70 22.23 40.93
CA ASP NA 110 -31.91 23.00 40.67
C ASP NA 110 -32.47 22.69 39.29
N SER NA 111 -31.60 22.54 38.29
CA SER NA 111 -32.06 22.15 36.96
C SER NA 111 -32.68 20.76 36.98
N VAL NA 112 -32.06 19.83 37.70
CA VAL NA 112 -32.62 18.49 37.86
C VAL NA 112 -33.99 18.57 38.51
N GLN NA 113 -34.12 19.40 39.54
CA GLN NA 113 -35.39 19.55 40.23
C GLN NA 113 -36.44 20.15 39.31
N GLY NA 114 -36.04 21.06 38.44
CA GLY NA 114 -36.98 21.59 37.46
C GLY NA 114 -37.47 20.53 36.50
N GLU NA 115 -36.56 19.67 36.03
CA GLU NA 115 -36.96 18.56 35.18
C GLU NA 115 -37.89 17.61 35.92
N ILE NA 116 -37.59 17.32 37.18
CA ILE NA 116 -38.43 16.42 37.96
C ILE NA 116 -39.80 17.04 38.19
N ASN NA 117 -39.85 18.35 38.42
CA ASN NA 117 -41.14 19.03 38.56
C ASN NA 117 -41.94 18.95 37.27
N GLN NA 118 -41.27 19.10 36.12
CA GLN NA 118 -41.96 18.96 34.85
C GLN NA 118 -42.54 17.57 34.71
N ARG NA 119 -41.76 16.54 35.06
CA ARG NA 119 -42.25 15.17 34.98
C ARG NA 119 -43.43 14.93 35.91
N LEU NA 120 -43.35 15.46 37.14
CA LEU NA 120 -44.45 15.31 38.09
C LEU NA 120 -45.70 16.01 37.58
N ALA NA 121 -45.54 17.19 37.01
CA ALA NA 121 -46.68 17.90 36.44
C ALA NA 121 -47.29 17.10 35.31
N ASP NA 122 -46.46 16.44 34.49
CA ASP NA 122 -47.00 15.60 33.43
C ASP NA 122 -47.77 14.41 33.99
N ILE NA 123 -47.24 13.79 35.06
CA ILE NA 123 -47.95 12.68 35.68
C ILE NA 123 -49.31 13.13 36.19
N ASP NA 124 -49.34 14.28 36.86
CA ASP NA 124 -50.60 14.80 37.35
C ASP NA 124 -51.55 15.13 36.20
N ARG NA 125 -51.03 15.66 35.10
CA ARG NA 125 -51.84 15.95 33.92
C ARG NA 125 -52.44 14.67 33.36
N ILE NA 126 -51.63 13.62 33.24
CA ILE NA 126 -52.11 12.34 32.74
C ILE NA 126 -53.23 11.83 33.63
N SER NA 127 -53.07 11.99 34.95
CA SER NA 127 -54.12 11.60 35.87
C SER NA 127 -55.41 12.37 35.62
N GLU NA 128 -55.31 13.70 35.55
CA GLU NA 128 -56.51 14.51 35.46
C GLU NA 128 -57.17 14.45 34.09
N GLN NA 129 -56.47 14.02 33.04
CA GLN NA 129 -56.99 14.15 31.70
C GLN NA 129 -57.15 12.83 30.94
N THR NA 130 -56.71 11.71 31.48
CA THR NA 130 -56.96 10.44 30.83
C THR NA 130 -58.44 10.16 30.87
N ASP NA 131 -59.12 10.36 29.75
CA ASP NA 131 -60.57 10.33 29.68
C ASP NA 131 -61.05 9.22 28.76
N PHE NA 132 -62.21 8.66 29.09
CA PHE NA 132 -62.81 7.60 28.30
C PHE NA 132 -64.33 7.73 28.44
N ASN NA 133 -64.98 8.21 27.39
CA ASN NA 133 -66.43 8.41 27.40
C ASN NA 133 -66.84 9.33 28.54
N GLY NA 134 -66.11 10.43 28.70
CA GLY NA 134 -66.41 11.37 29.76
C GLY NA 134 -66.13 10.85 31.15
N VAL NA 135 -65.33 9.79 31.27
CA VAL NA 135 -64.96 9.22 32.56
C VAL NA 135 -63.46 9.36 32.72
N LYS NA 136 -63.04 10.12 33.73
CA LYS NA 136 -61.61 10.32 34.01
C LYS NA 136 -61.12 9.05 34.69
N VAL NA 137 -60.82 8.05 33.86
CA VAL NA 137 -60.61 6.69 34.38
C VAL NA 137 -59.40 6.64 35.29
N LEU NA 138 -58.27 7.20 34.86
CA LEU NA 138 -57.06 7.17 35.68
C LEU NA 138 -56.89 8.45 36.47
N SER NA 139 -57.91 8.82 37.25
CA SER NA 139 -57.88 10.12 37.91
C SER NA 139 -58.07 10.01 39.41
N ASP NA 140 -58.24 11.16 40.06
CA ASP NA 140 -58.44 11.21 41.51
C ASP NA 140 -59.89 10.94 41.90
N SER NA 141 -60.81 10.92 40.94
CA SER NA 141 -62.21 10.61 41.20
C SER NA 141 -62.62 9.54 40.19
N ALA NA 142 -62.37 8.28 40.53
CA ALA NA 142 -62.65 7.16 39.63
C ALA NA 142 -63.08 5.97 40.48
N LYS NA 143 -64.39 5.83 40.64
CA LYS NA 143 -64.91 4.67 41.34
C LYS NA 143 -64.85 3.44 40.43
N PRO NA 144 -64.71 2.25 41.02
CA PRO NA 144 -64.72 1.03 40.20
C PRO NA 144 -66.03 0.85 39.44
N LEU NA 145 -65.93 0.30 38.25
CA LEU NA 145 -67.09 0.16 37.36
C LEU NA 145 -67.76 -1.20 37.57
N THR NA 146 -68.75 -1.51 36.75
CA THR NA 146 -69.52 -2.73 36.90
C THR NA 146 -69.37 -3.68 35.72
N LEU NA 147 -69.58 -3.21 34.49
CA LEU NA 147 -69.45 -4.02 33.27
C LEU NA 147 -70.40 -5.22 33.33
N GLN NA 148 -71.70 -4.90 33.31
CA GLN NA 148 -72.73 -5.94 33.25
C GLN NA 148 -72.47 -6.87 32.07
N VAL NA 149 -72.18 -8.13 32.37
CA VAL NA 149 -71.87 -9.14 31.36
C VAL NA 149 -72.85 -10.30 31.53
N GLY NA 150 -73.98 -10.22 30.82
CA GLY NA 150 -74.94 -11.30 30.78
C GLY NA 150 -76.33 -10.85 31.18
N ALA NA 151 -77.34 -11.60 30.73
CA ALA NA 151 -78.70 -11.35 31.16
C ALA NA 151 -78.86 -11.76 32.63
N ASN NA 152 -80.07 -11.60 33.15
CA ASN NA 152 -80.38 -11.97 34.53
C ASN NA 152 -79.47 -11.23 35.50
N ASP NA 153 -79.69 -9.91 35.54
CA ASP NA 153 -78.86 -8.97 36.30
C ASP NA 153 -78.49 -9.53 37.68
N GLY NA 154 -77.26 -9.23 38.09
CA GLY NA 154 -76.74 -9.75 39.35
C GLY NA 154 -75.26 -10.04 39.24
N GLU NA 155 -74.71 -9.89 38.04
CA GLU NA 155 -73.31 -10.16 37.77
C GLU NA 155 -72.63 -8.90 37.23
N THR NA 156 -71.41 -8.68 37.68
CA THR NA 156 -70.61 -7.53 37.26
C THR NA 156 -69.16 -7.95 37.21
N ILE NA 157 -68.36 -7.16 36.49
CA ILE NA 157 -66.91 -7.33 36.46
C ILE NA 157 -66.32 -6.01 36.94
N THR NA 158 -66.07 -5.93 38.24
CA THR NA 158 -65.52 -4.71 38.82
C THR NA 158 -64.11 -4.46 38.31
N LEU NA 159 -63.84 -3.21 37.92
CA LEU NA 159 -62.53 -2.87 37.37
C LEU NA 159 -61.52 -2.49 38.45
N ASN NA 160 -61.95 -1.76 39.48
CA ASN NA 160 -61.08 -1.34 40.57
C ASN NA 160 -59.88 -0.53 40.05
N LEU NA 161 -60.20 0.60 39.44
CA LEU NA 161 -59.19 1.50 38.90
C LEU NA 161 -59.35 2.87 39.54
N SER NA 162 -58.25 3.44 40.04
CA SER NA 162 -58.28 4.74 40.68
C SER NA 162 -56.88 5.14 41.10
N GLU NA 163 -56.69 6.46 41.24
CA GLU NA 163 -55.61 7.05 42.04
C GLU NA 163 -54.22 6.65 41.52
N ILE NA 164 -53.91 7.13 40.32
CA ILE NA 164 -52.54 7.14 39.82
C ILE NA 164 -52.21 8.59 39.49
N SER NA 165 -51.44 9.22 40.37
CA SER NA 165 -51.05 10.62 40.21
C SER NA 165 -50.00 10.94 41.26
N VAL NA 166 -49.44 12.15 41.15
CA VAL NA 166 -48.76 12.71 42.30
C VAL NA 166 -49.80 12.90 43.40
N LYS NA 167 -49.32 12.88 44.64
CA LYS NA 167 -50.09 12.97 45.88
C LYS NA 167 -50.79 11.64 46.18
N THR NA 168 -50.75 10.65 45.29
CA THR NA 168 -51.20 9.31 45.61
C THR NA 168 -50.18 8.23 45.33
N LEU NA 169 -49.23 8.46 44.42
CA LEU NA 169 -48.05 7.60 44.33
C LEU NA 169 -47.07 7.85 45.46
N GLY NA 170 -47.37 8.79 46.35
CA GLY NA 170 -46.62 9.00 47.57
C GLY NA 170 -45.59 10.09 47.51
N LEU NA 171 -45.16 10.48 46.30
CA LEU NA 171 -44.11 11.50 46.21
C LEU NA 171 -44.58 12.82 46.76
N ASP NA 172 -45.48 13.50 46.05
CA ASP NA 172 -46.26 14.64 46.52
C ASP NA 172 -45.38 15.83 46.87
N GLY NA 173 -44.07 15.61 47.00
CA GLY NA 173 -43.16 16.67 47.35
C GLY NA 173 -41.77 16.46 46.81
N PHE NA 174 -41.63 15.59 45.81
CA PHE NA 174 -40.31 15.08 45.42
C PHE NA 174 -39.33 16.21 45.17
N ASN NA 175 -38.32 16.29 46.03
CA ASN NA 175 -37.41 17.44 46.09
C ASN NA 175 -35.99 16.88 46.10
N VAL NA 176 -35.43 16.67 44.91
CA VAL NA 176 -34.13 16.04 44.82
C VAL NA 176 -33.03 16.99 45.30
N ASN NA 177 -33.21 18.29 45.12
CA ASN NA 177 -32.32 19.27 45.70
C ASN NA 177 -32.87 19.72 47.04
N GLY NA 178 -32.32 20.79 47.60
CA GLY NA 178 -32.74 21.29 48.88
C GLY NA 178 -31.59 21.35 49.86
N LYS NA 179 -31.91 21.72 51.09
CA LYS NA 179 -30.88 21.86 52.11
C LYS NA 179 -30.25 20.53 52.51
N GLY NA 180 -30.82 19.41 52.09
CA GLY NA 180 -30.27 18.12 52.46
C GLY NA 180 -30.37 17.93 53.97
N VAL NA 181 -29.22 17.74 54.61
CA VAL NA 181 -29.14 17.62 56.05
C VAL NA 181 -28.56 18.93 56.59
N THR NA 182 -29.40 19.71 57.27
CA THR NA 182 -28.95 20.97 57.83
C THR NA 182 -28.09 20.73 59.07
N GLN NA 183 -27.14 21.63 59.30
CA GLN NA 183 -26.23 21.55 60.43
C GLN NA 183 -26.63 22.58 61.48
N ASN NA 184 -26.93 22.10 62.69
CA ASN NA 184 -27.26 23.00 63.78
C ASN NA 184 -26.01 23.76 64.23
N ARG NA 185 -26.23 24.90 64.88
CA ARG NA 185 -25.13 25.73 65.35
C ARG NA 185 -25.01 25.61 66.86
N SER NA 186 -23.77 25.59 67.34
CA SER NA 186 -23.49 25.33 68.74
C SER NA 186 -24.08 26.42 69.63
N ALA NA 187 -24.74 26.00 70.70
CA ALA NA 187 -25.35 26.92 71.64
C ALA NA 187 -24.27 27.62 72.48
N THR NA 188 -24.68 28.69 73.15
CA THR NA 188 -23.77 29.44 74.01
C THR NA 188 -24.55 29.97 75.20
N VAL NA 189 -23.88 30.78 76.03
CA VAL NA 189 -24.50 31.28 77.25
C VAL NA 189 -25.71 32.16 76.94
N THR NA 190 -25.68 32.88 75.81
CA THR NA 190 -26.79 33.76 75.49
C THR NA 190 -28.09 32.97 75.33
N ASP NA 191 -28.03 31.85 74.62
CA ASP NA 191 -29.23 31.04 74.42
C ASP NA 191 -29.75 30.49 75.75
N VAL NA 192 -28.85 29.99 76.59
CA VAL NA 192 -29.29 29.37 77.82
C VAL NA 192 -29.91 30.41 78.76
N ILE NA 193 -29.28 31.59 78.88
CA ILE NA 193 -29.87 32.63 79.70
C ILE NA 193 -31.14 33.20 79.06
N ALA NA 194 -31.30 33.03 77.74
CA ALA NA 194 -32.57 33.36 77.11
C ALA NA 194 -33.65 32.38 77.50
N GLN NA 195 -33.29 31.13 77.78
CA GLN NA 195 -34.28 30.20 78.31
C GLN NA 195 -34.66 30.51 79.75
N GLY NA 196 -33.91 31.37 80.44
CA GLY NA 196 -34.35 31.91 81.71
C GLY NA 196 -34.07 31.07 82.93
N GLY NA 197 -33.16 30.12 82.87
CA GLY NA 197 -32.76 29.34 84.03
C GLY NA 197 -31.74 30.08 84.87
N THR NA 198 -31.11 29.34 85.77
CA THR NA 198 -30.20 29.91 86.75
C THR NA 198 -28.77 29.48 86.48
N LEU NA 199 -27.83 30.36 86.82
CA LEU NA 199 -26.41 30.09 86.73
C LEU NA 199 -25.87 29.74 88.11
N GLN NA 200 -24.69 29.14 88.14
CA GLN NA 200 -23.99 28.91 89.40
C GLN NA 200 -22.49 28.92 89.11
N GLY NA 201 -21.70 28.44 90.07
CA GLY NA 201 -20.26 28.49 89.91
C GLY NA 201 -19.79 27.68 88.71
N ASP NA 202 -18.66 28.12 88.15
CA ASP NA 202 -18.03 27.52 86.98
C ASP NA 202 -18.91 27.57 85.75
N GLY NA 203 -19.90 28.47 85.74
CA GLY NA 203 -20.73 28.67 84.57
C GLY NA 203 -21.74 27.58 84.27
N THR NA 204 -21.80 26.54 85.10
CA THR NA 204 -22.79 25.48 84.89
C THR NA 204 -24.19 26.04 85.03
N TYR NA 205 -25.05 25.67 84.08
CA TYR NA 205 -26.36 26.30 83.92
C TYR NA 205 -27.46 25.27 84.13
N LYS NA 206 -28.61 25.75 84.59
CA LYS NA 206 -29.77 24.89 84.87
C LYS NA 206 -30.88 25.28 83.89
N ALA NA 207 -30.88 24.65 82.72
CA ALA NA 207 -31.90 24.89 81.72
C ALA NA 207 -33.11 24.01 81.96
N THR NA 208 -34.30 24.60 81.85
CA THR NA 208 -35.56 23.91 82.11
C THR NA 208 -36.31 23.74 80.80
N THR NA 209 -36.53 22.49 80.40
CA THR NA 209 -37.14 22.15 79.12
C THR NA 209 -38.50 21.52 79.35
N THR NA 210 -39.53 22.10 78.73
CA THR NA 210 -40.88 21.57 78.81
C THR NA 210 -41.11 20.53 77.71
N PHE NA 211 -41.99 19.56 78.01
CA PHE NA 211 -42.24 18.42 77.14
C PHE NA 211 -43.69 18.33 76.69
N ASN NA 212 -44.38 19.47 76.57
CA ASN NA 212 -45.80 19.46 76.24
C ASN NA 212 -46.04 18.71 74.93
N ALA NA 213 -46.66 17.55 75.02
CA ALA NA 213 -46.72 16.61 73.91
C ALA NA 213 -47.83 15.60 74.19
N ALA NA 214 -47.81 14.47 73.47
CA ALA NA 214 -48.80 13.41 73.58
C ALA NA 214 -50.14 13.86 72.99
N SER NA 215 -50.08 14.46 71.81
CA SER NA 215 -51.26 14.86 71.06
C SER NA 215 -51.72 13.72 70.15
N ALA NA 216 -52.57 14.04 69.19
CA ALA NA 216 -53.21 13.01 68.37
C ALA NA 216 -52.21 12.24 67.52
N GLU NA 217 -51.27 12.95 66.87
CA GLU NA 217 -50.44 12.30 65.86
C GLU NA 217 -49.56 11.22 66.46
N THR NA 218 -49.23 11.33 67.75
CA THR NA 218 -48.33 10.36 68.37
C THR NA 218 -49.08 9.32 69.21
N VAL NA 219 -50.20 9.68 69.82
CA VAL NA 219 -50.95 8.70 70.61
C VAL NA 219 -51.63 7.69 69.71
N LEU NA 220 -52.29 8.17 68.65
CA LEU NA 220 -53.02 7.27 67.77
C LEU NA 220 -52.12 6.40 66.92
N SER NA 221 -50.82 6.70 66.87
CA SER NA 221 -49.90 5.88 66.08
C SER NA 221 -49.75 4.48 66.66
N LYS NA 222 -49.92 4.33 67.97
CA LYS NA 222 -49.88 3.03 68.64
C LYS NA 222 -51.20 2.84 69.39
N LEU NA 223 -52.11 2.08 68.80
CA LEU NA 223 -53.44 1.89 69.35
C LEU NA 223 -54.05 0.60 68.83
N GLU NA 224 -54.56 -0.22 69.74
CA GLU NA 224 -55.42 -1.34 69.39
C GLU NA 224 -56.63 -1.49 70.31
N ASP NA 225 -56.61 -0.92 71.51
CA ASP NA 225 -57.69 -1.08 72.48
C ASP NA 225 -58.68 0.08 72.35
N GLY NA 226 -59.58 0.20 73.33
CA GLY NA 226 -60.69 1.12 73.20
C GLY NA 226 -60.26 2.58 73.24
N ASN NA 227 -61.08 3.42 72.60
CA ASN NA 227 -60.85 4.86 72.53
C ASN NA 227 -62.19 5.56 72.67
N THR NA 228 -62.23 6.62 73.50
CA THR NA 228 -63.48 7.28 73.84
C THR NA 228 -63.40 8.76 73.50
N VAL NA 229 -64.53 9.31 73.04
CA VAL NA 229 -64.71 10.74 72.87
C VAL NA 229 -66.06 11.14 73.46
N ALA NA 230 -66.15 12.38 73.93
CA ALA NA 230 -67.38 12.90 74.53
C ALA NA 230 -67.23 14.39 74.71
N VAL NA 231 -68.34 15.11 74.54
CA VAL NA 231 -68.36 16.57 74.66
C VAL NA 231 -69.13 16.94 75.92
N GLY NA 232 -68.47 17.70 76.80
CA GLY NA 232 -69.11 18.21 78.00
C GLY NA 232 -69.75 17.11 78.83
N GLY NA 233 -71.00 17.35 79.23
CA GLY NA 233 -71.80 16.37 79.94
C GLY NA 233 -72.71 15.55 79.06
N GLY NA 234 -72.53 15.62 77.74
CA GLY NA 234 -73.36 14.89 76.81
C GLY NA 234 -73.01 13.42 76.74
N ALA NA 235 -73.52 12.76 75.70
CA ALA NA 235 -73.31 11.33 75.53
C ALA NA 235 -71.85 11.03 75.25
N THR NA 236 -71.42 9.83 75.64
CA THR NA 236 -70.04 9.38 75.48
C THR NA 236 -70.01 8.24 74.47
N TYR NA 237 -69.04 8.29 73.55
CA TYR NA 237 -68.92 7.31 72.48
C TYR NA 237 -67.53 6.68 72.52
N THR NA 238 -67.49 5.38 72.22
CA THR NA 238 -66.28 4.59 72.34
C THR NA 238 -65.91 3.99 71.00
N TYR NA 239 -64.60 3.80 70.79
CA TYR NA 239 -64.05 3.29 69.55
C TYR NA 239 -63.12 2.12 69.85
N ASP NA 240 -62.88 1.29 68.84
CA ASP NA 240 -62.02 0.11 68.97
C ASP NA 240 -61.24 -0.08 67.68
N ALA NA 241 -59.92 0.13 67.75
CA ALA NA 241 -59.06 0.04 66.57
C ALA NA 241 -58.82 -1.43 66.24
N ALA NA 242 -59.57 -1.96 65.29
CA ALA NA 242 -59.41 -3.34 64.84
C ALA NA 242 -59.25 -3.35 63.32
N LYS NA 243 -58.20 -4.02 62.85
CA LYS NA 243 -57.92 -4.16 61.42
C LYS NA 243 -57.83 -2.79 60.73
N GLY NA 244 -57.22 -1.83 61.42
CA GLY NA 244 -57.03 -0.51 60.85
C GLY NA 244 -58.25 0.37 60.87
N ASN NA 245 -59.34 -0.06 61.50
CA ASN NA 245 -60.57 0.71 61.54
C ASN NA 245 -61.14 0.67 62.95
N PHE NA 246 -61.99 1.65 63.24
CA PHE NA 246 -62.62 1.78 64.56
C PHE NA 246 -64.08 1.40 64.46
N THR NA 247 -64.52 0.51 65.35
CA THR NA 247 -65.89 0.00 65.35
C THR NA 247 -66.81 0.97 66.10
N TYR NA 248 -67.00 2.14 65.48
CA TYR NA 248 -67.91 3.12 66.04
C TYR NA 248 -69.35 2.62 65.97
N THR NA 249 -70.09 2.79 67.06
CA THR NA 249 -71.50 2.46 67.13
C THR NA 249 -72.28 3.74 67.38
N LYS NA 250 -73.16 4.09 66.45
CA LYS NA 250 -73.93 5.33 66.54
C LYS NA 250 -75.01 5.14 67.61
N THR NA 251 -74.73 5.59 68.82
CA THR NA 251 -75.68 5.49 69.92
C THR NA 251 -76.61 6.69 69.90
N VAL NA 252 -77.92 6.43 69.86
CA VAL NA 252 -78.89 7.50 69.90
C VAL NA 252 -78.77 8.25 71.23
N ASP NA 253 -79.01 9.55 71.19
CA ASP NA 253 -79.19 10.30 72.42
C ASP NA 253 -80.36 9.70 73.20
N THR NA 254 -80.19 9.57 74.51
CA THR NA 254 -81.21 8.88 75.31
C THR NA 254 -82.20 9.90 75.86
N THR NA 255 -81.75 10.78 76.75
CA THR NA 255 -82.41 12.02 77.15
C THR NA 255 -83.94 11.96 77.17
N VAL NA 256 -84.52 10.91 77.73
CA VAL NA 256 -85.96 10.69 77.66
C VAL NA 256 -86.47 10.09 78.96
N GLY NA 257 -87.64 10.55 79.40
CA GLY NA 257 -88.41 9.88 80.43
C GLY NA 257 -89.51 9.08 79.76
N ALA NA 258 -90.72 9.63 79.71
CA ALA NA 258 -91.83 9.00 79.02
C ALA NA 258 -91.98 9.49 77.58
N ASP NA 259 -91.10 10.35 77.10
CA ASP NA 259 -91.24 10.95 75.77
C ASP NA 259 -90.42 10.15 74.75
N VAL NA 260 -90.91 8.94 74.49
CA VAL NA 260 -90.27 8.06 73.51
C VAL NA 260 -90.32 8.64 72.10
N THR NA 261 -91.25 9.55 71.85
CA THR NA 261 -91.39 10.15 70.53
C THR NA 261 -90.11 10.85 70.09
N ALA NA 262 -89.33 11.38 71.03
CA ALA NA 262 -88.07 12.02 70.66
C ALA NA 262 -87.12 11.01 70.01
N LEU NA 263 -86.97 9.84 70.63
CA LEU NA 263 -86.12 8.81 70.05
C LEU NA 263 -86.68 8.31 68.74
N ALA NA 264 -88.01 8.13 68.67
CA ALA NA 264 -88.61 7.63 67.44
C ALA NA 264 -88.38 8.59 66.28
N ASN NA 265 -88.57 9.88 66.52
CA ASN NA 265 -88.39 10.90 65.50
C ASN NA 265 -86.92 11.23 65.26
N LYS NA 266 -86.01 10.79 66.12
CA LYS NA 266 -84.60 10.87 65.78
C LYS NA 266 -84.21 9.71 64.87
N ILE NA 267 -84.77 8.53 65.11
CA ILE NA 267 -84.48 7.38 64.25
C ILE NA 267 -85.10 7.58 62.88
N LYS NA 268 -86.29 8.18 62.82
CA LYS NA 268 -87.05 8.29 61.57
C LYS NA 268 -86.28 8.90 60.41
N PRO NA 269 -85.57 10.02 60.55
CA PRO NA 269 -84.89 10.61 59.37
C PRO NA 269 -83.83 9.72 58.78
N SER NA 270 -83.27 8.78 59.55
CA SER NA 270 -82.31 7.84 58.99
C SER NA 270 -82.93 6.94 57.94
N SER NA 271 -84.25 6.77 57.96
CA SER NA 271 -84.95 5.98 56.96
C SER NA 271 -86.26 6.64 56.55
N GLY NA 272 -86.30 7.98 56.54
CA GLY NA 272 -87.53 8.70 56.29
C GLY NA 272 -87.92 8.80 54.83
N THR NA 273 -88.15 7.66 54.18
CA THR NA 273 -88.57 7.63 52.79
C THR NA 273 -89.30 6.31 52.56
N ILE NA 274 -90.22 6.31 51.59
CA ILE NA 274 -90.95 5.11 51.24
C ILE NA 274 -89.99 4.10 50.63
N SER NA 275 -89.87 2.93 51.27
CA SER NA 275 -88.96 1.89 50.83
C SER NA 275 -89.63 0.54 51.06
N GLY NA 276 -88.87 -0.53 50.83
CA GLY NA 276 -89.40 -1.87 50.99
C GLY NA 276 -88.32 -2.80 51.49
N SER NA 277 -88.70 -4.06 51.69
CA SER NA 277 -87.80 -5.12 52.18
C SER NA 277 -87.22 -4.79 53.55
N TYR NA 278 -87.94 -3.99 54.34
CA TYR NA 278 -87.50 -3.71 55.70
C TYR NA 278 -87.53 -4.98 56.53
N GLU NA 279 -86.58 -5.08 57.45
CA GLU NA 279 -86.43 -6.24 58.32
C GLU NA 279 -86.76 -5.82 59.74
N ILE NA 280 -87.93 -6.22 60.22
CA ILE NA 280 -88.37 -5.95 61.58
C ILE NA 280 -88.11 -7.21 62.39
N SER NA 281 -87.04 -7.21 63.17
CA SER NA 281 -86.68 -8.35 64.02
C SER NA 281 -86.97 -7.93 65.46
N THR NA 282 -88.21 -8.11 65.89
CA THR NA 282 -88.64 -7.82 67.25
C THR NA 282 -88.80 -9.12 68.02
N GLY NA 283 -88.98 -8.98 69.33
CA GLY NA 283 -89.10 -10.14 70.19
C GLY NA 283 -87.85 -10.99 70.17
N LYS NA 284 -87.94 -12.17 69.59
CA LYS NA 284 -86.75 -13.00 69.49
C LYS NA 284 -86.44 -13.47 68.07
N SER NA 285 -87.46 -13.88 67.31
CA SER NA 285 -87.23 -14.47 65.99
C SER NA 285 -88.26 -13.96 64.99
N ALA NA 286 -88.50 -12.65 64.98
CA ALA NA 286 -89.48 -12.08 64.06
C ALA NA 286 -89.04 -12.28 62.61
N SER NA 287 -87.91 -11.67 62.24
CA SER NA 287 -87.31 -11.83 60.91
C SER NA 287 -88.33 -11.61 59.80
N PHE NA 288 -88.95 -10.42 59.83
CA PHE NA 288 -89.94 -10.06 58.82
C PHE NA 288 -89.28 -9.50 57.57
N ASP NA 289 -90.04 -9.50 56.48
CA ASP NA 289 -89.64 -8.92 55.19
C ASP NA 289 -90.83 -8.07 54.73
N VAL NA 290 -90.85 -6.80 55.14
CA VAL NA 290 -92.04 -5.97 55.03
C VAL NA 290 -91.74 -4.76 54.16
N ASP NA 291 -92.80 -4.00 53.86
CA ASP NA 291 -92.72 -2.77 53.10
C ASP NA 291 -93.26 -1.62 53.93
N ALA NA 292 -92.85 -0.41 53.59
CA ALA NA 292 -93.25 0.77 54.34
C ALA NA 292 -93.48 1.94 53.37
N ALA NA 293 -94.70 2.45 53.34
CA ALA NA 293 -95.07 3.62 52.55
C ALA NA 293 -95.78 4.64 53.44
N GLY NA 294 -95.19 4.90 54.60
CA GLY NA 294 -95.88 5.61 55.66
C GLY NA 294 -96.69 4.72 56.56
N LYS NA 295 -96.69 3.42 56.32
CA LYS NA 295 -97.44 2.46 57.12
C LYS NA 295 -96.84 1.09 56.89
N ILE NA 296 -96.51 0.39 57.98
CA ILE NA 296 -95.82 -0.90 57.87
C ILE NA 296 -96.79 -1.94 57.34
N THR NA 297 -96.36 -2.67 56.31
CA THR NA 297 -97.15 -3.76 55.75
C THR NA 297 -96.23 -4.72 55.05
N ILE NA 298 -96.62 -6.00 55.04
CA ILE NA 298 -95.87 -7.04 54.38
C ILE NA 298 -96.60 -7.36 53.08
N GLY NA 299 -95.90 -8.07 52.18
CA GLY NA 299 -96.42 -8.34 50.85
C GLY NA 299 -97.75 -9.08 50.85
N GLY NA 300 -98.81 -8.37 50.48
CA GLY NA 300 -100.14 -8.94 50.43
C GLY NA 300 -100.93 -8.90 51.71
N ASN NA 301 -100.44 -8.22 52.74
CA ASN NA 301 -101.13 -8.17 54.04
C ASN NA 301 -101.03 -6.75 54.58
N ALA NA 302 -101.43 -6.58 55.85
CA ALA NA 302 -101.44 -5.28 56.49
C ALA NA 302 -100.45 -5.15 57.64
N ALA NA 303 -100.10 -6.26 58.31
CA ALA NA 303 -99.08 -6.30 59.35
C ALA NA 303 -99.43 -5.35 60.50
N PHE NA 304 -100.53 -5.67 61.18
CA PHE NA 304 -100.92 -4.95 62.37
C PHE NA 304 -99.96 -5.22 63.52
N LEU NA 305 -99.97 -4.33 64.51
CA LEU NA 305 -99.17 -4.45 65.71
C LEU NA 305 -100.00 -5.03 66.84
N ASN NA 306 -99.38 -5.88 67.66
CA ASN NA 306 -100.10 -6.62 68.68
C ASN NA 306 -99.32 -6.62 69.99
N ALA NA 307 -99.99 -7.12 71.03
CA ALA NA 307 -99.35 -7.54 72.28
C ALA NA 307 -98.57 -6.39 72.94
N ASP NA 308 -99.33 -5.40 73.40
CA ASP NA 308 -98.73 -4.32 74.17
C ASP NA 308 -97.97 -4.89 75.38
N GLY NA 309 -96.85 -4.25 75.70
CA GLY NA 309 -95.92 -4.79 76.67
C GLY NA 309 -94.95 -5.80 76.09
N GLU NA 310 -95.37 -6.52 75.04
CA GLU NA 310 -94.52 -7.42 74.27
C GLU NA 310 -94.24 -6.92 72.87
N LEU NA 311 -95.24 -6.32 72.22
CA LEU NA 311 -95.06 -5.57 70.97
C LEU NA 311 -94.52 -6.47 69.85
N THR NA 312 -95.34 -7.44 69.47
CA THR NA 312 -95.03 -8.37 68.39
C THR NA 312 -95.97 -8.10 67.22
N THR NA 313 -95.42 -8.15 66.00
CA THR NA 313 -96.17 -7.84 64.80
C THR NA 313 -96.70 -9.12 64.16
N ASN NA 314 -98.02 -9.19 63.97
CA ASN NA 314 -98.64 -10.28 63.25
C ASN NA 314 -99.87 -9.76 62.54
N ASP NA 315 -100.17 -10.32 61.37
CA ASP NA 315 -101.27 -9.82 60.55
C ASP NA 315 -102.63 -10.03 61.18
N ALA NA 316 -102.80 -11.07 61.99
CA ALA NA 316 -104.10 -11.37 62.59
C ALA NA 316 -104.40 -10.36 63.69
N SER NA 317 -105.45 -9.57 63.48
CA SER NA 317 -105.77 -8.49 64.42
C SER NA 317 -106.36 -9.06 65.71
N GLY NA 318 -106.03 -8.40 66.82
CA GLY NA 318 -106.53 -8.81 68.12
C GLY NA 318 -107.38 -7.75 68.80
N ALA NA 319 -108.11 -6.97 68.00
CA ALA NA 319 -109.03 -5.92 68.43
C ALA NA 319 -108.34 -4.74 69.10
N LEU NA 320 -107.01 -4.73 69.21
CA LEU NA 320 -106.24 -3.65 69.80
C LEU NA 320 -105.03 -3.33 68.95
N THR NA 321 -105.23 -3.26 67.63
CA THR NA 321 -104.14 -3.13 66.67
C THR NA 321 -104.03 -1.70 66.16
N GLN NA 322 -102.80 -1.31 65.82
CA GLN NA 322 -102.51 0.03 65.34
C GLN NA 322 -101.92 0.06 63.94
N ALA NA 323 -100.89 -0.76 63.68
CA ALA NA 323 -100.26 -0.89 62.37
C ALA NA 323 -99.72 0.44 61.85
N THR NA 324 -98.74 0.98 62.58
CA THR NA 324 -98.10 2.23 62.21
C THR NA 324 -96.59 2.10 62.35
N LEU NA 325 -95.86 2.69 61.41
CA LEU NA 325 -94.40 2.65 61.46
C LEU NA 325 -93.87 3.39 62.68
N ASP NA 326 -94.47 4.53 63.01
CA ASP NA 326 -94.09 5.23 64.24
C ASP NA 326 -94.36 4.34 65.45
N ASP NA 327 -95.49 3.64 65.45
CA ASP NA 327 -95.80 2.73 66.54
C ASP NA 327 -94.79 1.61 66.63
N VAL NA 328 -94.37 1.07 65.48
CA VAL NA 328 -93.36 0.01 65.49
C VAL NA 328 -92.05 0.53 66.05
N LEU NA 329 -91.61 1.71 65.57
CA LEU NA 329 -90.33 2.24 66.01
C LEU NA 329 -90.32 2.56 67.50
N THR NA 330 -91.42 3.12 68.01
CA THR NA 330 -91.53 3.28 69.46
C THR NA 330 -91.51 1.93 70.15
N SER NA 331 -92.18 0.94 69.56
CA SER NA 331 -92.26 -0.39 70.16
C SER NA 331 -90.91 -1.10 70.11
N VAL NA 332 -90.27 -1.11 68.94
CA VAL NA 332 -89.14 -2.03 68.71
C VAL NA 332 -87.96 -1.65 69.58
N GLY NA 333 -87.69 -2.47 70.60
CA GLY NA 333 -86.51 -2.32 71.44
C GLY NA 333 -86.38 -0.97 72.11
N THR NA 334 -87.36 -0.10 71.88
CA THR NA 334 -87.31 1.25 72.38
C THR NA 334 -88.30 1.48 73.51
N GLU NA 335 -89.33 0.65 73.63
CA GLU NA 335 -90.23 0.71 74.77
C GLU NA 335 -90.25 -0.57 75.58
N ALA NA 336 -90.47 -1.73 74.95
CA ALA NA 336 -90.67 -2.94 75.73
C ALA NA 336 -89.96 -4.16 75.12
N ASN NA 337 -88.89 -3.96 74.38
CA ASN NA 337 -88.12 -5.07 73.83
C ASN NA 337 -86.63 -4.85 74.07
N SER NA 338 -85.89 -5.96 74.10
CA SER NA 338 -84.45 -5.92 74.31
C SER NA 338 -83.77 -6.82 73.30
N SER NA 339 -82.58 -6.40 72.88
CA SER NA 339 -81.76 -7.15 71.91
C SER NA 339 -82.53 -7.44 70.63
N VAL NA 340 -83.28 -6.44 70.15
CA VAL NA 340 -84.00 -6.54 68.90
C VAL NA 340 -83.51 -5.45 67.97
N THR NA 341 -83.85 -5.58 66.69
CA THR NA 341 -83.24 -4.77 65.65
C THR NA 341 -84.26 -4.41 64.59
N ILE NA 342 -84.02 -3.29 63.90
CA ILE NA 342 -84.71 -2.93 62.67
C ILE NA 342 -83.70 -3.06 61.54
N GLY NA 343 -83.84 -4.09 60.72
CA GLY NA 343 -82.95 -4.32 59.61
C GLY NA 343 -83.44 -3.70 58.33
N GLY NA 344 -83.02 -4.29 57.22
CA GLY NA 344 -83.42 -3.81 55.91
C GLY NA 344 -82.76 -2.51 55.50
N THR NA 345 -82.64 -2.29 54.19
CA THR NA 345 -82.04 -1.07 53.64
C THR NA 345 -80.63 -0.87 54.23
N LYS NA 346 -79.85 -1.96 54.25
CA LYS NA 346 -78.44 -1.96 54.63
C LYS NA 346 -78.17 -1.21 55.94
N TYR NA 347 -79.06 -1.40 56.91
CA TYR NA 347 -78.77 -0.95 58.27
C TYR NA 347 -79.42 -1.91 59.25
N SER NA 348 -78.98 -1.83 60.51
CA SER NA 348 -79.53 -2.67 61.57
C SER NA 348 -79.52 -1.84 62.85
N HIS NA 349 -80.68 -1.26 63.18
CA HIS NA 349 -80.80 -0.41 64.36
C HIS NA 349 -81.04 -1.30 65.59
N SER NA 350 -79.95 -1.84 66.10
CA SER NA 350 -80.03 -2.65 67.32
C SER NA 350 -80.39 -1.78 68.50
N ALA NA 351 -81.16 -2.37 69.42
CA ALA NA 351 -81.63 -1.66 70.62
C ALA NA 351 -80.80 -2.10 71.81
N ALA NA 352 -79.94 -1.22 72.29
CA ALA NA 352 -79.10 -1.54 73.44
C ALA NA 352 -79.90 -1.59 74.73
N ASP NA 353 -80.89 -0.70 74.88
CA ASP NA 353 -81.68 -0.62 76.11
C ASP NA 353 -83.14 -0.38 75.75
N GLU NA 354 -84.02 -0.80 76.66
CA GLU NA 354 -85.45 -0.59 76.54
C GLU NA 354 -85.89 0.49 77.53
N LEU NA 355 -87.06 1.07 77.26
CA LEU NA 355 -87.59 2.16 78.06
C LEU NA 355 -88.55 1.59 79.10
N SER NA 356 -88.10 1.50 80.34
CA SER NA 356 -88.99 1.18 81.44
C SER NA 356 -89.90 2.35 81.81
N TYR NA 357 -89.85 3.42 81.03
CA TYR NA 357 -90.53 4.70 81.25
C TYR NA 357 -89.99 5.44 82.45
N THR NA 358 -89.05 4.84 83.19
CA THR NA 358 -88.21 5.53 84.15
C THR NA 358 -86.75 5.49 83.73
N ALA NA 359 -86.20 4.31 83.49
CA ALA NA 359 -84.92 4.18 82.84
C ALA NA 359 -85.08 4.37 81.33
N VAL NA 360 -84.11 5.02 80.71
CA VAL NA 360 -84.23 5.47 79.34
C VAL NA 360 -83.71 4.40 78.39
N ALA NA 361 -84.29 4.34 77.20
CA ALA NA 361 -83.91 3.39 76.17
C ALA NA 361 -82.87 4.00 75.22
N THR NA 362 -82.29 3.14 74.39
CA THR NA 362 -81.37 3.58 73.36
C THR NA 362 -81.30 2.54 72.26
N THR NA 363 -81.34 2.99 71.02
CA THR NA 363 -81.09 2.14 69.86
C THR NA 363 -79.82 2.59 69.17
N ALA NA 364 -79.04 1.63 68.71
CA ALA NA 364 -77.76 1.94 68.11
C ALA NA 364 -77.54 1.09 66.87
N ASP NA 365 -76.92 1.68 65.86
CA ASP NA 365 -76.50 0.98 64.67
C ASP NA 365 -74.99 1.04 64.58
N VAL NA 366 -74.36 -0.07 64.25
CA VAL NA 366 -72.90 -0.11 64.16
C VAL NA 366 -72.52 0.37 62.77
N LEU NA 367 -72.44 1.68 62.60
CA LEU NA 367 -72.09 2.25 61.30
C LEU NA 367 -70.64 1.99 60.93
N SER NA 368 -69.79 1.64 61.92
CA SER NA 368 -68.34 1.61 61.75
C SER NA 368 -67.82 2.95 61.26
N ALA NA 369 -68.54 4.02 61.56
CA ALA NA 369 -68.20 5.35 61.10
C ALA NA 369 -66.87 5.80 61.70
N MET NA 370 -66.27 6.81 61.06
CA MET NA 370 -64.96 7.30 61.44
C MET NA 370 -63.93 6.17 61.38
N GLY NA 371 -64.15 5.22 60.48
CA GLY NA 371 -63.40 3.98 60.44
C GLY NA 371 -61.90 4.17 60.39
N SER NA 372 -61.41 4.80 59.33
CA SER NA 372 -59.99 5.09 59.23
C SER NA 372 -59.55 5.95 60.41
N SER NA 373 -58.39 5.61 60.98
CA SER NA 373 -57.87 6.37 62.12
C SER NA 373 -57.67 7.83 61.79
N THR NA 374 -57.51 8.17 60.51
CA THR NA 374 -57.41 9.57 60.12
C THR NA 374 -58.69 10.32 60.46
N ALA NA 375 -59.85 9.69 60.24
CA ALA NA 375 -61.13 10.35 60.54
C ALA NA 375 -61.26 10.65 62.02
N VAL NA 376 -60.95 9.67 62.87
CA VAL NA 376 -61.02 9.89 64.31
C VAL NA 376 -60.02 10.96 64.73
N SER NA 377 -58.81 10.90 64.18
CA SER NA 377 -57.79 11.89 64.50
C SER NA 377 -58.27 13.29 64.17
N THR NA 378 -58.82 13.47 62.97
CA THR NA 378 -59.29 14.79 62.56
C THR NA 378 -60.45 15.25 63.43
N VAL NA 379 -61.33 14.32 63.81
CA VAL NA 379 -62.46 14.69 64.65
C VAL NA 379 -62.00 15.17 66.02
N THR NA 380 -61.07 14.45 66.63
CA THR NA 380 -60.56 14.87 67.93
C THR NA 380 -59.55 16.01 67.83
N LEU NA 381 -58.84 16.12 66.70
CA LEU NA 381 -57.94 17.25 66.46
C LEU NA 381 -58.74 18.43 65.92
N GLY NA 382 -59.48 19.05 66.83
CA GLY NA 382 -60.38 20.13 66.46
C GLY NA 382 -61.83 19.77 66.67
N SER NA 383 -62.41 20.28 67.75
CA SER NA 383 -63.78 19.96 68.13
C SER NA 383 -64.30 21.09 68.99
N GLY NA 384 -65.35 20.82 69.77
CA GLY NA 384 -65.93 21.81 70.66
C GLY NA 384 -65.37 21.67 72.05
N ILE NA 385 -66.15 21.09 72.97
CA ILE NA 385 -65.66 20.76 74.29
C ILE NA 385 -65.48 19.25 74.36
N THR NA 386 -65.22 18.64 73.20
CA THR NA 386 -65.12 17.18 73.08
C THR NA 386 -63.75 16.73 73.58
N SER NA 387 -63.68 16.28 74.83
CA SER NA 387 -62.45 15.80 75.44
C SER NA 387 -62.34 14.29 75.22
N ALA NA 388 -61.33 13.87 74.47
CA ALA NA 388 -61.13 12.46 74.16
C ALA NA 388 -60.32 11.77 75.25
N ALA NA 389 -60.34 10.43 75.21
CA ALA NA 389 -59.51 9.62 76.08
C ALA NA 389 -59.20 8.32 75.35
N VAL NA 390 -57.92 7.92 75.39
CA VAL NA 390 -57.45 6.76 74.65
C VAL NA 390 -56.91 5.72 75.62
N THR NA 391 -57.41 4.50 75.52
CA THR NA 391 -56.91 3.35 76.24
C THR NA 391 -56.15 2.48 75.25
N PHE NA 392 -54.82 2.45 75.35
CA PHE NA 392 -54.03 1.93 74.23
C PHE NA 392 -52.91 0.99 74.67
N ALA NA 393 -53.16 0.14 75.67
CA ALA NA 393 -52.15 -0.82 76.09
C ALA NA 393 -52.80 -2.14 76.45
N ILE NA 394 -51.97 -3.06 76.94
CA ILE NA 394 -52.44 -4.35 77.45
C ILE NA 394 -53.13 -4.11 78.78
N ALA NA 395 -54.27 -4.80 79.00
CA ALA NA 395 -55.12 -4.51 80.15
C ALA NA 395 -54.36 -4.60 81.48
N THR NA 396 -53.36 -5.49 81.56
CA THR NA 396 -52.55 -5.56 82.77
C THR NA 396 -51.66 -4.33 82.90
N THR NA 397 -51.15 -3.82 81.79
CA THR NA 397 -50.20 -2.70 81.80
C THR NA 397 -50.77 -1.50 81.05
N ASP NA 398 -52.04 -1.20 81.28
CA ASP NA 398 -52.74 -0.15 80.56
C ASP NA 398 -52.99 1.05 81.46
N SER NA 399 -53.24 2.19 80.80
CA SER NA 399 -53.71 3.40 81.46
C SER NA 399 -54.44 4.24 80.42
N ASN NA 400 -54.76 5.48 80.77
CA ASN NA 400 -55.51 6.35 79.89
C ASN NA 400 -54.85 7.72 79.86
N ASN NA 401 -55.10 8.46 78.78
CA ASN NA 401 -54.68 9.84 78.65
C ASN NA 401 -55.90 10.70 78.33
N THR NA 402 -56.04 11.81 79.03
CA THR NA 402 -57.10 12.76 78.73
C THR NA 402 -56.66 13.67 77.59
N TRP NA 403 -57.63 14.26 76.90
CA TRP NA 403 -57.35 15.04 75.71
C TRP NA 403 -57.99 16.41 75.81
N VAL NA 404 -57.26 17.42 75.33
CA VAL NA 404 -57.80 18.76 75.21
C VAL NA 404 -58.70 18.82 73.99
N ASP NA 405 -59.85 19.46 74.15
CA ASP NA 405 -60.93 19.36 73.16
C ASP NA 405 -60.50 19.91 71.80
N ASN NA 406 -59.95 21.12 71.78
CA ASN NA 406 -59.76 21.83 70.52
C ASN NA 406 -58.46 21.49 69.80
N LYS NA 407 -57.55 20.75 70.43
CA LYS NA 407 -56.32 20.38 69.77
C LYS NA 407 -55.89 18.94 70.03
N GLY NA 408 -56.63 18.18 70.84
CA GLY NA 408 -56.29 16.78 71.05
C GLY NA 408 -54.98 16.55 71.78
N GLU NA 409 -54.37 17.60 72.31
CA GLU NA 409 -53.14 17.50 73.07
C GLU NA 409 -53.46 17.31 74.55
N LEU NA 410 -52.47 16.87 75.31
CA LEU NA 410 -52.65 16.60 76.73
C LEU NA 410 -51.65 17.42 77.52
N THR NA 411 -52.12 18.11 78.56
CA THR NA 411 -51.25 18.87 79.44
C THR NA 411 -50.78 18.06 80.64
N ASP NA 412 -51.60 17.12 81.11
CA ASP NA 412 -51.23 16.34 82.29
C ASP NA 412 -50.06 15.43 82.01
N ILE NA 413 -50.08 14.73 80.88
CA ILE NA 413 -49.05 13.76 80.52
C ILE NA 413 -48.24 14.32 79.37
N GLN NA 414 -46.94 14.43 79.56
CA GLN NA 414 -46.01 14.91 78.56
C GLN NA 414 -45.21 13.74 78.00
N THR NA 415 -44.28 14.04 77.10
CA THR NA 415 -43.41 13.03 76.53
C THR NA 415 -41.97 13.51 76.57
N PHE NA 416 -41.10 12.73 77.20
CA PHE NA 416 -39.68 13.00 77.17
C PHE NA 416 -39.16 12.86 75.73
N ASP NA 417 -37.91 13.28 75.53
CA ASP NA 417 -37.30 13.21 74.21
C ASP NA 417 -37.38 11.81 73.62
N THR NA 418 -37.31 10.78 74.47
CA THR NA 418 -37.38 9.40 74.02
C THR NA 418 -38.47 8.58 74.71
N SER NA 419 -39.30 9.18 75.55
CA SER NA 419 -40.18 8.40 76.41
C SER NA 419 -41.40 9.23 76.80
N TYR NA 420 -42.40 8.54 77.36
CA TYR NA 420 -43.66 9.14 77.80
C TYR NA 420 -43.61 9.37 79.31
N LYS NA 421 -43.19 10.57 79.71
CA LYS NA 421 -43.06 10.90 81.12
C LYS NA 421 -44.07 11.97 81.52
N ILE NA 422 -44.72 11.78 82.67
CA ILE NA 422 -45.61 12.79 83.20
C ILE NA 422 -44.85 14.06 83.56
N ASN NA 423 -43.61 13.92 84.03
CA ASN NA 423 -42.82 15.08 84.40
C ASN NA 423 -42.56 15.96 83.17
N ALA NA 424 -43.22 17.12 83.12
CA ALA NA 424 -43.09 18.00 81.97
C ALA NA 424 -41.69 18.61 81.87
N ASP NA 425 -41.04 18.87 82.99
CA ASP NA 425 -39.77 19.59 83.02
C ASP NA 425 -38.73 18.76 83.75
N THR NA 426 -37.51 18.75 83.19
CA THR NA 426 -36.42 17.97 83.77
C THR NA 426 -35.33 18.83 84.39
N GLY NA 427 -35.19 20.09 83.99
CA GLY NA 427 -34.11 20.90 84.52
C GLY NA 427 -32.75 20.40 84.07
N GLU NA 428 -32.59 20.22 82.76
CA GLU NA 428 -31.33 19.72 82.22
C GLU NA 428 -30.18 20.65 82.63
N VAL NA 429 -29.02 20.05 82.89
CA VAL NA 429 -27.87 20.75 83.42
C VAL NA 429 -26.81 20.83 82.33
N THR NA 430 -26.54 22.04 81.85
CA THR NA 430 -25.53 22.29 80.83
C THR NA 430 -24.47 23.21 81.41
N VAL NA 431 -23.22 22.97 81.03
CA VAL NA 431 -22.09 23.77 81.47
C VAL NA 431 -21.55 24.57 80.29
N VAL NA 432 -21.36 25.86 80.49
CA VAL NA 432 -20.79 26.73 79.46
C VAL NA 432 -19.28 26.55 79.50
N GLY NA 433 -18.75 25.79 78.54
CA GLY NA 433 -17.32 25.54 78.50
C GLY NA 433 -16.53 26.82 78.34
N ASP NA 434 -15.87 27.25 79.41
CA ASP NA 434 -15.12 28.49 79.38
C ASP NA 434 -13.97 28.37 78.38
N ASN NA 435 -13.71 29.45 77.65
CA ASN NA 435 -12.73 29.55 76.58
C ASN NA 435 -13.14 28.72 75.36
N SER NA 436 -14.24 28.00 75.42
CA SER NA 436 -14.77 27.27 74.27
C SER NA 436 -16.12 27.79 73.80
N ALA NA 437 -16.87 28.48 74.66
CA ALA NA 437 -18.14 29.09 74.29
C ALA NA 437 -19.13 28.06 73.76
N THR NA 438 -19.02 26.82 74.22
CA THR NA 438 -19.92 25.76 73.82
C THR NA 438 -20.58 25.17 75.07
N ALA NA 439 -21.90 25.13 75.06
CA ALA NA 439 -22.66 24.64 76.23
C ALA NA 439 -22.54 23.13 76.28
N GLY NA 440 -21.42 22.66 76.85
CA GLY NA 440 -21.25 21.23 77.03
C GLY NA 440 -22.28 20.68 78.01
N GLN NA 441 -22.71 19.46 77.74
CA GLN NA 441 -23.70 18.82 78.60
C GLN NA 441 -23.07 18.43 79.93
N TYR NA 442 -23.90 18.41 80.97
CA TYR NA 442 -23.39 18.12 82.31
C TYR NA 442 -24.21 17.05 83.04
N ALA NA 443 -25.51 16.97 82.73
CA ALA NA 443 -26.41 16.14 83.52
C ALA NA 443 -26.06 14.65 83.47
N SER NA 444 -26.24 14.02 82.30
CA SER NA 444 -25.91 12.60 82.18
C SER NA 444 -25.11 12.31 80.91
N ALA NA 445 -25.29 13.12 79.87
CA ALA NA 445 -24.52 12.93 78.65
C ALA NA 445 -23.06 13.34 78.86
N ASP NA 446 -22.83 14.32 79.74
CA ASP NA 446 -21.49 14.66 80.22
C ASP NA 446 -20.55 15.02 79.06
N GLY NA 447 -20.92 16.08 78.37
CA GLY NA 447 -20.10 16.60 77.29
C GLY NA 447 -20.66 16.32 75.92
N ALA NA 448 -21.99 16.34 75.81
CA ALA NA 448 -22.65 16.10 74.53
C ALA NA 448 -22.51 17.26 73.57
N LYS NA 449 -21.97 18.40 74.01
CA LYS NA 449 -21.77 19.57 73.16
C LYS NA 449 -23.10 20.03 72.55
N VAL NA 450 -23.96 20.54 73.43
CA VAL NA 450 -25.32 20.89 73.05
C VAL NA 450 -25.33 21.87 71.88
N LEU NA 451 -26.18 21.59 70.89
CA LEU NA 451 -26.46 22.51 69.80
C LEU NA 451 -27.91 22.96 69.86
N VAL NA 452 -28.16 24.15 69.34
CA VAL NA 452 -29.52 24.69 69.27
C VAL NA 452 -30.26 24.02 68.13
N GLY NA 453 -31.43 23.45 68.44
CA GLY NA 453 -32.23 22.77 67.45
C GLY NA 453 -32.97 23.72 66.54
N SER NA 454 -33.72 23.15 65.60
CA SER NA 454 -34.46 23.95 64.64
C SER NA 454 -35.62 24.70 65.28
N ASP NA 455 -36.13 24.21 66.41
CA ASP NA 455 -37.24 24.85 67.10
C ASP NA 455 -36.77 25.81 68.19
N GLY NA 456 -35.47 26.05 68.30
CA GLY NA 456 -34.91 26.96 69.28
C GLY NA 456 -34.57 26.34 70.62
N LYS NA 457 -34.95 25.09 70.85
CA LYS NA 457 -34.64 24.43 72.11
C LYS NA 457 -33.23 23.83 72.05
N LEU NA 458 -32.71 23.48 73.22
CA LEU NA 458 -31.40 22.86 73.33
C LEU NA 458 -31.52 21.36 73.08
N THR NA 459 -30.55 20.82 72.35
CA THR NA 459 -30.53 19.41 72.01
C THR NA 459 -29.10 18.97 71.79
N THR NA 460 -28.88 17.66 71.91
CA THR NA 460 -27.54 17.09 71.80
C THR NA 460 -27.19 16.64 70.38
N GLU NA 461 -28.13 16.68 69.45
CA GLU NA 461 -27.84 16.30 68.08
C GLU NA 461 -27.08 17.41 67.37
N THR NA 462 -26.34 17.03 66.33
CA THR NA 462 -25.57 18.00 65.55
C THR NA 462 -26.24 18.35 64.24
N THR NA 463 -26.92 17.41 63.60
CA THR NA 463 -27.52 17.60 62.29
C THR NA 463 -29.02 17.36 62.35
N SER NA 464 -29.78 18.25 61.73
CA SER NA 464 -31.23 18.17 61.71
C SER NA 464 -31.72 17.47 60.45
N ALA NA 465 -33.04 17.35 60.34
CA ALA NA 465 -33.62 16.67 59.18
C ALA NA 465 -33.35 17.42 57.88
N GLY NA 466 -33.44 18.75 57.91
CA GLY NA 466 -33.28 19.53 56.70
C GLY NA 466 -34.58 19.68 55.93
N ASP NA 467 -34.48 19.84 54.62
CA ASP NA 467 -35.69 20.01 53.80
C ASP NA 467 -35.45 19.35 52.45
N LYS NA 468 -35.80 18.05 52.36
CA LYS NA 468 -35.38 17.13 51.28
C LYS NA 468 -36.05 15.77 51.49
N THR NA 469 -36.33 15.05 50.40
CA THR NA 469 -36.92 13.72 50.54
C THR NA 469 -35.89 12.77 51.14
N THR NA 470 -36.09 12.39 52.40
CA THR NA 470 -35.05 11.66 53.12
C THR NA 470 -34.74 10.32 52.47
N ASP NA 471 -35.75 9.67 51.88
CA ASP NA 471 -35.59 8.39 51.21
C ASP NA 471 -36.14 8.49 49.80
N PRO NA 472 -35.40 9.11 48.89
CA PRO NA 472 -35.96 9.35 47.54
C PRO NA 472 -36.23 8.07 46.77
N LEU NA 473 -35.20 7.22 46.62
CA LEU NA 473 -35.37 6.02 45.81
C LEU NA 473 -36.33 5.04 46.46
N LYS NA 474 -36.37 4.98 47.79
CA LYS NA 474 -37.35 4.10 48.44
C LYS NA 474 -38.78 4.54 48.16
N THR NA 475 -39.04 5.85 48.22
CA THR NA 475 -40.36 6.34 47.87
C THR NA 475 -40.67 6.08 46.40
N LEU NA 476 -39.66 6.21 45.54
CA LEU NA 476 -39.87 5.91 44.13
C LEU NA 476 -40.20 4.43 43.93
N ASP NA 477 -39.55 3.54 44.68
CA ASP NA 477 -39.87 2.13 44.60
C ASP NA 477 -41.27 1.85 45.12
N ALA NA 478 -41.70 2.56 46.15
CA ALA NA 478 -43.07 2.40 46.63
C ALA NA 478 -44.07 2.82 45.55
N ALA NA 479 -43.80 3.94 44.88
CA ALA NA 479 -44.65 4.35 43.77
C ALA NA 479 -44.63 3.33 42.65
N PHE NA 480 -43.46 2.76 42.36
CA PHE NA 480 -43.34 1.70 41.37
C PHE NA 480 -44.22 0.51 41.74
N THR NA 481 -44.18 0.11 43.01
CA THR NA 481 -44.98 -1.04 43.45
C THR NA 481 -46.46 -0.76 43.30
N LYS NA 482 -46.90 0.44 43.70
CA LYS NA 482 -48.32 0.77 43.57
C LYS NA 482 -48.75 0.76 42.10
N LEU NA 483 -47.95 1.39 41.23
CA LEU NA 483 -48.31 1.43 39.83
C LEU NA 483 -48.30 0.04 39.20
N ASP NA 484 -47.31 -0.78 39.55
CA ASP NA 484 -47.25 -2.12 39.01
C ASP NA 484 -48.42 -2.97 39.48
N LYS NA 485 -48.82 -2.80 40.74
CA LYS NA 485 -49.99 -3.52 41.24
C LYS NA 485 -51.23 -3.14 40.46
N LEU NA 486 -51.43 -1.83 40.23
CA LEU NA 486 -52.60 -1.40 39.48
C LEU NA 486 -52.55 -1.91 38.03
N THR NA 487 -51.39 -1.84 37.39
CA THR NA 487 -51.26 -2.28 36.02
C THR NA 487 -51.51 -3.79 35.90
N GLY NA 488 -50.96 -4.58 36.82
CA GLY NA 488 -51.20 -6.01 36.80
C GLY NA 488 -52.66 -6.35 37.03
N GLU NA 489 -53.31 -5.63 37.96
CA GLU NA 489 -54.73 -5.86 38.19
C GLU NA 489 -55.54 -5.55 36.94
N LEU NA 490 -55.23 -4.45 36.27
CA LEU NA 490 -55.94 -4.09 35.04
C LEU NA 490 -55.69 -5.12 33.95
N GLY NA 491 -54.46 -5.61 33.83
CA GLY NA 491 -54.18 -6.64 32.83
C GLY NA 491 -54.91 -7.93 33.10
N ALA NA 492 -54.97 -8.34 34.37
CA ALA NA 492 -55.72 -9.54 34.72
C ALA NA 492 -57.20 -9.38 34.41
N VAL NA 493 -57.77 -8.22 34.73
CA VAL NA 493 -59.16 -7.97 34.39
C VAL NA 493 -59.37 -7.99 32.89
N GLN NA 494 -58.41 -7.46 32.13
CA GLN NA 494 -58.52 -7.47 30.67
C GLN NA 494 -58.49 -8.90 30.12
N ASN NA 495 -57.60 -9.74 30.64
CA ASN NA 495 -57.57 -11.13 30.20
C ASN NA 495 -58.86 -11.84 30.53
N ARG NA 496 -59.37 -11.64 31.75
CA ARG NA 496 -60.64 -12.25 32.13
C ARG NA 496 -61.77 -11.75 31.24
N LEU NA 497 -61.75 -10.48 30.87
CA LEU NA 497 -62.77 -9.94 29.98
C LEU NA 497 -62.69 -10.55 28.60
N GLU NA 498 -61.47 -10.77 28.09
CA GLU NA 498 -61.33 -11.46 26.80
C GLU NA 498 -61.89 -12.88 26.88
N SER NA 499 -61.61 -13.57 27.99
CA SER NA 499 -62.17 -14.90 28.18
C SER NA 499 -63.70 -14.85 28.24
N THR NA 500 -64.26 -13.83 28.88
CA THR NA 500 -65.70 -13.66 28.88
C THR NA 500 -66.23 -13.42 27.48
N ILE NA 501 -65.51 -12.64 26.68
CA ILE NA 501 -65.92 -12.45 25.28
C ILE NA 501 -66.01 -13.79 24.58
N ALA NA 502 -64.98 -14.61 24.72
CA ALA NA 502 -64.99 -15.92 24.06
C ALA NA 502 -66.14 -16.79 24.57
N ASN NA 503 -66.33 -16.82 25.89
CA ASN NA 503 -67.36 -17.67 26.46
C ASN NA 503 -68.75 -17.23 26.04
N LEU NA 504 -69.01 -15.92 26.08
CA LEU NA 504 -70.31 -15.41 25.67
C LEU NA 504 -70.56 -15.63 24.18
N ASN NA 505 -69.53 -15.48 23.35
CA ASN NA 505 -69.72 -15.77 21.93
C ASN NA 505 -70.07 -17.24 21.72
N ASN NA 506 -69.38 -18.14 22.40
CA ASN NA 506 -69.69 -19.56 22.28
C ASN NA 506 -71.12 -19.85 22.75
N VAL NA 507 -71.51 -19.27 23.89
CA VAL NA 507 -72.85 -19.51 24.42
C VAL NA 507 -73.91 -18.95 23.49
N VAL NA 508 -73.63 -17.80 22.87
CA VAL NA 508 -74.55 -17.23 21.89
C VAL NA 508 -74.72 -18.17 20.71
N ASN NA 509 -73.61 -18.71 20.22
CA ASN NA 509 -73.71 -19.65 19.10
C ASN NA 509 -74.55 -20.87 19.47
N ASN NA 510 -74.30 -21.44 20.65
CA ASN NA 510 -75.05 -22.64 21.05
C ASN NA 510 -76.53 -22.36 21.28
N LEU NA 511 -76.85 -21.22 21.90
CA LEU NA 511 -78.25 -20.88 22.12
C LEU NA 511 -78.96 -20.52 20.82
N SER NA 512 -78.25 -19.89 19.87
CA SER NA 512 -78.83 -19.68 18.55
C SER NA 512 -79.11 -21.01 17.87
N SER NA 513 -78.22 -21.98 18.04
CA SER NA 513 -78.48 -23.32 17.52
C SER NA 513 -79.71 -23.93 18.18
N ALA NA 514 -79.83 -23.79 19.51
CA ALA NA 514 -81.00 -24.34 20.19
C ALA NA 514 -82.29 -23.69 19.68
N ARG NA 515 -82.26 -22.38 19.48
CA ARG NA 515 -83.41 -21.70 18.90
C ARG NA 515 -83.67 -22.20 17.48
N SER NA 516 -82.62 -22.54 16.75
CA SER NA 516 -82.80 -23.10 15.41
C SER NA 516 -83.52 -24.45 15.46
N ARG NA 517 -83.09 -25.32 16.36
CA ARG NA 517 -83.76 -26.61 16.52
C ARG NA 517 -85.22 -26.42 16.94
N ILE NA 518 -85.49 -25.50 17.84
CA ILE NA 518 -86.83 -25.43 18.41
C ILE NA 518 -87.79 -24.67 17.50
N GLN NA 519 -87.32 -23.64 16.81
CA GLN NA 519 -88.18 -22.65 16.18
C GLN NA 519 -88.16 -22.65 14.66
N ASP NA 520 -86.98 -22.76 14.05
CA ASP NA 520 -86.87 -22.60 12.61
C ASP NA 520 -87.46 -23.81 11.88
N ALA NA 521 -87.65 -23.64 10.57
CA ALA NA 521 -88.28 -24.64 9.73
C ALA NA 521 -87.26 -25.27 8.79
N ASP NA 522 -87.17 -26.59 8.82
CA ASP NA 522 -86.32 -27.35 7.90
C ASP NA 522 -87.02 -27.50 6.56
N TYR NA 523 -86.70 -26.58 5.63
CA TYR NA 523 -87.56 -26.36 4.47
C TYR NA 523 -87.86 -27.60 3.65
N ALA NA 524 -87.07 -28.67 3.77
CA ALA NA 524 -87.39 -29.89 3.04
C ALA NA 524 -88.78 -30.39 3.42
N THR NA 525 -89.06 -30.44 4.73
CA THR NA 525 -90.35 -30.95 5.20
C THR NA 525 -91.50 -30.06 4.74
N GLU NA 526 -91.36 -28.74 4.89
CA GLU NA 526 -92.44 -27.85 4.50
C GLU NA 526 -92.64 -27.82 3.00
N VAL NA 527 -91.58 -27.93 2.21
CA VAL NA 527 -91.73 -27.98 0.77
C VAL NA 527 -92.45 -29.26 0.34
N SER NA 528 -92.07 -30.39 0.94
CA SER NA 528 -92.77 -31.64 0.64
C SER NA 528 -94.23 -31.57 1.05
N ASN NA 529 -94.51 -30.98 2.21
CA ASN NA 529 -95.89 -30.82 2.65
C ASN NA 529 -96.65 -29.88 1.75
N MET NA 530 -95.99 -28.84 1.26
CA MET NA 530 -96.60 -27.93 0.30
C MET NA 530 -96.99 -28.66 -0.97
N SER NA 531 -96.10 -29.49 -1.50
CA SER NA 531 -96.42 -30.22 -2.73
C SER NA 531 -97.57 -31.19 -2.48
N LYS NA 532 -97.53 -31.90 -1.35
CA LYS NA 532 -98.61 -32.82 -1.02
C LYS NA 532 -99.94 -32.09 -0.89
N ALA NA 533 -99.92 -30.92 -0.23
CA ALA NA 533 -101.14 -30.14 -0.05
C ALA NA 533 -101.66 -29.62 -1.38
N GLN NA 534 -100.78 -29.21 -2.28
CA GLN NA 534 -101.22 -28.73 -3.59
C GLN NA 534 -101.87 -29.85 -4.40
N ILE NA 535 -101.24 -31.03 -4.41
CA ILE NA 535 -101.83 -32.15 -5.13
C ILE NA 535 -103.16 -32.53 -4.50
N LEU NA 536 -103.24 -32.52 -3.17
CA LEU NA 536 -104.50 -32.80 -2.49
C LEU NA 536 -105.54 -31.76 -2.85
N GLN NA 537 -105.14 -30.50 -2.99
CA GLN NA 537 -106.07 -29.44 -3.34
C GLN NA 537 -106.66 -29.68 -4.72
N GLN NA 538 -105.80 -29.98 -5.70
CA GLN NA 538 -106.29 -30.23 -7.05
C GLN NA 538 -107.19 -31.46 -7.10
N ALA NA 539 -106.78 -32.53 -6.42
CA ALA NA 539 -107.58 -33.74 -6.38
C ALA NA 539 -108.92 -33.49 -5.72
N GLY NA 540 -108.93 -32.74 -4.62
CA GLY NA 540 -110.18 -32.43 -3.94
C GLY NA 540 -111.11 -31.60 -4.80
N THR NA 541 -110.55 -30.61 -5.52
CA THR NA 541 -111.39 -29.82 -6.40
C THR NA 541 -112.00 -30.68 -7.49
N SER NA 542 -111.21 -31.58 -8.09
CA SER NA 542 -111.74 -32.43 -9.14
C SER NA 542 -112.81 -33.37 -8.60
N VAL NA 543 -112.55 -33.98 -7.44
CA VAL NA 543 -113.50 -34.93 -6.87
C VAL NA 543 -114.79 -34.22 -6.48
N LEU NA 544 -114.68 -33.02 -5.93
CA LEU NA 544 -115.86 -32.22 -5.65
C LEU NA 544 -116.61 -31.91 -6.93
N ALA NA 545 -115.88 -31.66 -8.02
CA ALA NA 545 -116.52 -31.43 -9.30
C ALA NA 545 -117.37 -32.63 -9.69
N GLN NA 546 -116.78 -33.83 -9.69
CA GLN NA 546 -117.55 -35.02 -10.09
C GLN NA 546 -118.73 -35.27 -9.15
N ALA NA 547 -118.53 -35.04 -7.85
CA ALA NA 547 -119.64 -35.15 -6.91
C ALA NA 547 -120.76 -34.18 -7.28
N ASN NA 548 -120.41 -33.02 -7.85
CA ASN NA 548 -121.44 -32.07 -8.23
C ASN NA 548 -122.28 -32.56 -9.39
N GLN NA 549 -121.70 -33.28 -10.36
CA GLN NA 549 -122.54 -33.85 -11.42
C GLN NA 549 -123.05 -35.24 -11.09
N VAL NA 550 -122.73 -35.78 -9.90
CA VAL NA 550 -123.37 -37.03 -9.47
C VAL NA 550 -124.88 -36.97 -9.59
N PRO NA 551 -125.58 -35.91 -9.13
CA PRO NA 551 -127.05 -35.91 -9.26
C PRO NA 551 -127.55 -35.64 -10.68
N GLN NA 552 -126.69 -35.28 -11.63
CA GLN NA 552 -127.15 -35.09 -13.01
C GLN NA 552 -127.76 -36.36 -13.59
N THR NA 553 -127.33 -37.53 -13.10
CA THR NA 553 -127.92 -38.77 -13.59
C THR NA 553 -129.41 -38.84 -13.31
N VAL NA 554 -129.89 -38.08 -12.33
CA VAL NA 554 -131.33 -37.97 -12.10
C VAL NA 554 -132.01 -37.38 -13.34
N LEU NA 555 -131.36 -36.41 -13.97
CA LEU NA 555 -131.91 -35.83 -15.19
C LEU NA 555 -131.58 -36.71 -16.39
N SER NA 556 -131.86 -38.00 -16.26
CA SER NA 556 -131.90 -38.93 -17.38
C SER NA 556 -133.27 -39.57 -17.49
N LEU NA 557 -133.83 -39.99 -16.37
CA LEU NA 557 -135.23 -40.41 -16.29
C LEU NA 557 -136.08 -39.20 -15.92
N LEU NA 558 -137.22 -39.06 -16.58
CA LEU NA 558 -138.12 -37.95 -16.32
C LEU NA 558 -139.58 -38.37 -16.45
N ALA OA 2 -116.18 -2.28 -19.35
CA ALA OA 2 -117.20 -2.90 -20.17
C ALA OA 2 -116.76 -4.28 -20.64
N ALA OA 3 -117.26 -4.70 -21.80
CA ALA OA 3 -116.85 -5.95 -22.44
C ALA OA 3 -116.41 -5.70 -23.87
N VAL OA 4 -115.82 -4.55 -24.12
CA VAL OA 4 -115.48 -4.14 -25.47
C VAL OA 4 -114.19 -4.83 -25.91
N ILE OA 5 -114.05 -5.03 -27.22
CA ILE OA 5 -112.86 -5.68 -27.77
C ILE OA 5 -112.19 -4.84 -28.86
N ASN OA 6 -112.91 -3.95 -29.53
CA ASN OA 6 -112.28 -3.18 -30.61
C ASN OA 6 -111.19 -2.27 -30.06
N THR OA 7 -111.43 -1.66 -28.92
CA THR OA 7 -110.46 -0.82 -28.25
C THR OA 7 -110.12 -1.41 -26.89
N ASN OA 8 -108.83 -1.45 -26.57
CA ASN OA 8 -108.34 -1.96 -25.29
C ASN OA 8 -107.52 -0.86 -24.65
N TYR OA 9 -108.14 -0.08 -23.77
CA TYR OA 9 -107.46 1.06 -23.14
C TYR OA 9 -106.25 0.59 -22.34
N LEU OA 10 -106.36 -0.56 -21.67
CA LEU OA 10 -105.26 -1.06 -20.86
C LEU OA 10 -104.02 -1.34 -21.72
N SER OA 11 -104.23 -1.91 -22.91
CA SER OA 11 -103.11 -2.15 -23.81
C SER OA 11 -102.44 -0.84 -24.22
N LEU OA 12 -103.25 0.19 -24.49
CA LEU OA 12 -102.68 1.48 -24.86
C LEU OA 12 -101.87 2.09 -23.73
N VAL OA 13 -102.38 2.02 -22.49
CA VAL OA 13 -101.64 2.56 -21.36
C VAL OA 13 -100.34 1.78 -21.17
N ALA OA 14 -100.40 0.46 -21.31
CA ALA OA 14 -99.19 -0.35 -21.20
C ALA OA 14 -98.18 0.04 -22.27
N GLN OA 15 -98.65 0.30 -23.49
CA GLN OA 15 -97.75 0.74 -24.55
C GLN OA 15 -97.11 2.08 -24.22
N ASN OA 16 -97.89 3.00 -23.66
CA ASN OA 16 -97.34 4.30 -23.27
C ASN OA 16 -96.22 4.13 -22.25
N ASN OA 17 -96.49 3.37 -21.19
CA ASN OA 17 -95.48 3.19 -20.15
C ASN OA 17 -94.27 2.44 -20.68
N LEU OA 18 -94.49 1.47 -21.57
CA LEU OA 18 -93.39 0.76 -22.20
C LEU OA 18 -92.52 1.71 -23.01
N ASN OA 19 -93.15 2.62 -23.76
CA ASN OA 19 -92.39 3.58 -24.54
C ASN OA 19 -91.58 4.51 -23.65
N LYS OA 20 -92.18 4.98 -22.55
CA LYS OA 20 -91.45 5.86 -21.64
C LYS OA 20 -90.26 5.15 -21.02
N SER OA 21 -90.47 3.91 -20.56
CA SER OA 21 -89.37 3.13 -19.99
C SER OA 21 -88.31 2.84 -21.03
N GLN OA 22 -88.72 2.58 -22.27
CA GLN OA 22 -87.75 2.34 -23.35
C GLN OA 22 -86.91 3.59 -23.61
N SER OA 23 -87.54 4.76 -23.60
CA SER OA 23 -86.78 6.00 -23.78
C SER OA 23 -85.78 6.19 -22.65
N SER OA 24 -86.21 5.93 -21.41
CA SER OA 24 -85.27 6.04 -20.29
C SER OA 24 -84.12 5.06 -20.44
N LEU OA 25 -84.41 3.83 -20.85
CA LEU OA 25 -83.36 2.84 -21.06
C LEU OA 25 -82.41 3.28 -22.16
N GLY OA 26 -82.93 3.83 -23.24
CA GLY OA 26 -82.09 4.30 -24.31
C GLY OA 26 -81.16 5.43 -23.88
N THR OA 27 -81.69 6.37 -23.11
CA THR OA 27 -80.84 7.43 -22.58
C THR OA 27 -79.76 6.88 -21.67
N ALA OA 28 -80.12 5.90 -20.82
CA ALA OA 28 -79.12 5.31 -19.94
C ALA OA 28 -78.04 4.58 -20.74
N ILE OA 29 -78.42 3.83 -21.77
CA ILE OA 29 -77.45 3.12 -22.59
C ILE OA 29 -76.53 4.10 -23.30
N GLU OA 30 -77.09 5.18 -23.85
CA GLU OA 30 -76.26 6.16 -24.54
C GLU OA 30 -75.27 6.81 -23.58
N ARG OA 31 -75.74 7.18 -22.38
CA ARG OA 31 -74.84 7.80 -21.41
C ARG OA 31 -73.75 6.82 -20.98
N LEU OA 32 -74.09 5.55 -20.82
CA LEU OA 32 -73.09 4.56 -20.45
C LEU OA 32 -72.06 4.37 -21.54
N SER OA 33 -72.52 4.22 -22.79
CA SER OA 33 -71.60 3.92 -23.88
C SER OA 33 -70.68 5.09 -24.16
N SER OA 34 -71.25 6.30 -24.27
CA SER OA 34 -70.41 7.47 -24.51
C SER OA 34 -69.54 7.80 -23.30
N GLY OA 35 -70.07 7.58 -22.10
CA GLY OA 35 -69.39 8.01 -20.90
C GLY OA 35 -69.58 9.47 -20.56
N LEU OA 36 -70.30 10.22 -21.38
CA LEU OA 36 -70.55 11.64 -21.16
C LEU OA 36 -72.02 11.82 -20.84
N ARG OA 37 -72.31 12.44 -19.69
CA ARG OA 37 -73.71 12.71 -19.34
C ARG OA 37 -74.32 13.70 -20.33
N ILE OA 38 -73.56 14.72 -20.72
CA ILE OA 38 -74.03 15.71 -21.69
C ILE OA 38 -73.52 15.26 -23.06
N ASN OA 39 -74.33 14.45 -23.74
CA ASN OA 39 -74.17 14.17 -25.15
C ASN OA 39 -75.54 14.33 -25.79
N SER OA 40 -75.55 14.61 -27.10
CA SER OA 40 -76.80 14.92 -27.78
C SER OA 40 -77.49 16.10 -27.09
N ALA OA 41 -76.88 17.27 -27.27
CA ALA OA 41 -77.03 18.45 -26.43
C ALA OA 41 -78.45 18.74 -25.95
N LYS OA 42 -79.46 18.17 -26.61
CA LYS OA 42 -80.86 18.37 -26.25
C LYS OA 42 -81.10 18.29 -24.74
N ASP OA 43 -80.29 17.52 -24.02
CA ASP OA 43 -80.32 17.52 -22.56
C ASP OA 43 -79.23 18.43 -22.03
N ASP OA 44 -79.61 19.36 -21.15
CA ASP OA 44 -78.68 20.31 -20.54
C ASP OA 44 -77.92 21.12 -21.59
N ALA OA 45 -78.68 21.93 -22.33
CA ALA OA 45 -78.08 22.78 -23.36
C ALA OA 45 -77.07 23.74 -22.77
N ALA OA 46 -77.40 24.35 -21.63
CA ALA OA 46 -76.42 25.19 -20.93
C ALA OA 46 -75.22 24.35 -20.50
N GLY OA 47 -75.47 23.14 -20.05
CA GLY OA 47 -74.36 22.25 -19.74
C GLY OA 47 -73.50 21.96 -20.95
N MET OA 48 -74.14 21.80 -22.12
CA MET OA 48 -73.38 21.61 -23.35
C MET OA 48 -72.51 22.81 -23.66
N ALA OA 49 -73.07 24.02 -23.51
CA ALA OA 49 -72.28 25.22 -23.75
C ALA OA 49 -71.11 25.32 -22.78
N ILE OA 50 -71.36 24.97 -21.51
CA ILE OA 50 -70.30 25.02 -20.51
C ILE OA 50 -69.19 24.02 -20.85
N ALA OA 51 -69.58 22.81 -21.24
CA ALA OA 51 -68.59 21.80 -21.62
C ALA OA 51 -67.81 22.23 -22.84
N ASN OA 52 -68.49 22.83 -23.82
CA ASN OA 52 -67.80 23.32 -25.01
C ASN OA 52 -66.76 24.38 -24.65
N ARG OA 53 -67.16 25.34 -23.83
CA ARG OA 53 -66.23 26.40 -23.43
C ARG OA 53 -65.05 25.82 -22.66
N PHE OA 54 -65.32 24.87 -21.76
CA PHE OA 54 -64.24 24.28 -20.98
C PHE OA 54 -63.29 23.47 -21.86
N THR OA 55 -63.83 22.73 -22.82
CA THR OA 55 -62.98 21.98 -23.75
C THR OA 55 -62.08 22.92 -24.54
N ALA OA 56 -62.68 23.99 -25.07
CA ALA OA 56 -61.89 24.95 -25.82
C ALA OA 56 -60.79 25.56 -24.96
N ASN OA 57 -61.12 25.94 -23.74
CA ASN OA 57 -60.13 26.53 -22.85
C ASN OA 57 -59.03 25.52 -22.50
N VAL OA 58 -59.40 24.26 -22.28
CA VAL OA 58 -58.42 23.26 -21.89
C VAL OA 58 -57.44 22.98 -23.03
N ARG OA 59 -57.96 22.81 -24.25
CA ARG OA 59 -57.07 22.61 -25.40
C ARG OA 59 -56.18 23.83 -25.62
N GLY OA 60 -56.77 25.02 -25.52
CA GLY OA 60 -55.96 26.22 -25.68
C GLY OA 60 -54.85 26.31 -24.66
N LEU OA 61 -55.14 25.96 -23.41
CA LEU OA 61 -54.12 26.05 -22.37
C LEU OA 61 -53.07 24.96 -22.49
N THR OA 62 -53.44 23.77 -22.94
CA THR OA 62 -52.43 22.75 -23.20
C THR OA 62 -51.49 23.18 -24.33
N GLN OA 63 -52.06 23.72 -25.40
CA GLN OA 63 -51.21 24.25 -26.47
C GLN OA 63 -50.37 25.43 -25.96
N ALA OA 64 -50.91 26.20 -25.03
CA ALA OA 64 -50.15 27.28 -24.41
C ALA OA 64 -48.96 26.74 -23.62
N ALA OA 65 -49.16 25.65 -22.89
CA ALA OA 65 -48.06 25.01 -22.18
C ALA OA 65 -47.00 24.53 -23.16
N ARG OA 66 -47.43 23.98 -24.30
CA ARG OA 66 -46.47 23.60 -25.33
C ARG OA 66 -45.68 24.80 -25.83
N ASN OA 67 -46.37 25.92 -26.07
CA ASN OA 67 -45.71 27.13 -26.54
C ASN OA 67 -44.71 27.63 -25.51
N ALA OA 68 -45.08 27.62 -24.24
CA ALA OA 68 -44.18 28.06 -23.19
C ALA OA 68 -42.98 27.14 -23.08
N ASN OA 69 -43.16 25.84 -23.26
CA ASN OA 69 -42.03 24.93 -23.27
C ASN OA 69 -41.08 25.25 -24.43
N ASP OA 70 -41.64 25.56 -25.59
CA ASP OA 70 -40.81 25.98 -26.71
C ASP OA 70 -40.04 27.25 -26.39
N GLY OA 71 -40.69 28.19 -25.71
CA GLY OA 71 -40.00 29.40 -25.28
C GLY OA 71 -38.86 29.10 -24.32
N ILE OA 72 -39.09 28.19 -23.37
CA ILE OA 72 -38.03 27.79 -22.45
C ILE OA 72 -36.85 27.20 -23.21
N SER OA 73 -37.15 26.33 -24.19
CA SER OA 73 -36.07 25.72 -24.95
C SER OA 73 -35.28 26.77 -25.75
N LEU OA 74 -36.00 27.72 -26.35
CA LEU OA 74 -35.33 28.81 -27.08
C LEU OA 74 -34.42 29.61 -26.14
N ALA OA 75 -34.94 29.95 -24.96
CA ALA OA 75 -34.14 30.67 -23.99
C ALA OA 75 -32.93 29.86 -23.57
N GLN OA 76 -33.09 28.53 -23.46
CA GLN OA 76 -31.96 27.67 -23.11
C GLN OA 76 -30.87 27.73 -24.15
N THR OA 77 -31.24 27.62 -25.43
CA THR OA 77 -30.24 27.69 -26.50
C THR OA 77 -29.53 29.03 -26.48
N THR OA 78 -30.30 30.11 -26.38
CA THR OA 78 -29.71 31.44 -26.40
C THR OA 78 -28.78 31.64 -25.19
N GLU OA 79 -29.20 31.16 -24.03
CA GLU OA 79 -28.38 31.28 -22.83
C GLU OA 79 -27.09 30.48 -22.94
N GLY OA 80 -27.15 29.28 -23.51
CA GLY OA 80 -25.94 28.50 -23.68
C GLY OA 80 -24.94 29.19 -24.61
N ALA OA 81 -25.44 29.70 -25.75
CA ALA OA 81 -24.56 30.43 -26.65
C ALA OA 81 -23.99 31.68 -25.97
N ALA OA 82 -24.83 32.38 -25.19
CA ALA OA 82 -24.36 33.56 -24.47
C ALA OA 82 -23.28 33.20 -23.46
N SER OA 83 -23.43 32.06 -22.77
CA SER OA 83 -22.42 31.63 -21.83
C SER OA 83 -21.10 31.32 -22.53
N GLU OA 84 -21.17 30.71 -23.71
CA GLU OA 84 -19.93 30.48 -24.45
C GLU OA 84 -19.28 31.80 -24.87
N VAL OA 85 -20.09 32.76 -25.30
CA VAL OA 85 -19.54 34.09 -25.60
C VAL OA 85 -18.94 34.71 -24.34
N ASN OA 86 -19.55 34.45 -23.19
CA ASN OA 86 -19.02 34.95 -21.92
C ASN OA 86 -17.64 34.37 -21.65
N THR OA 87 -17.46 33.08 -21.90
CA THR OA 87 -16.14 32.48 -21.75
C THR OA 87 -15.15 33.10 -22.73
N HIS OA 88 -15.61 33.41 -23.95
CA HIS OA 88 -14.75 34.09 -24.90
C HIS OA 88 -14.31 35.45 -24.39
N LEU OA 89 -15.23 36.22 -23.81
CA LEU OA 89 -14.86 37.52 -23.24
C LEU OA 89 -13.88 37.35 -22.09
N GLN OA 90 -14.07 36.33 -21.26
CA GLN OA 90 -13.13 36.05 -20.19
C GLN OA 90 -11.73 35.78 -20.72
N ARG OA 91 -11.64 34.95 -21.75
CA ARG OA 91 -10.33 34.65 -22.33
C ARG OA 91 -9.71 35.89 -22.96
N ILE OA 92 -10.52 36.70 -23.63
CA ILE OA 92 -10.01 37.93 -24.24
C ILE OA 92 -9.47 38.87 -23.16
N ARG OA 93 -10.19 39.00 -22.04
CA ARG OA 93 -9.71 39.83 -20.95
C ARG OA 93 -8.42 39.30 -20.35
N GLU OA 94 -8.30 37.97 -20.27
CA GLU OA 94 -7.06 37.36 -19.81
C GLU OA 94 -5.89 37.73 -20.72
N LEU OA 95 -6.08 37.61 -22.03
CA LEU OA 95 -5.04 38.01 -22.98
C LEU OA 95 -4.74 39.50 -22.88
N THR OA 96 -5.77 40.32 -22.70
CA THR OA 96 -5.58 41.75 -22.61
C THR OA 96 -4.75 42.12 -21.39
N VAL OA 97 -5.02 41.48 -20.26
CA VAL OA 97 -4.20 41.70 -19.06
C VAL OA 97 -2.77 41.24 -19.31
N GLN OA 98 -2.61 40.08 -19.98
CA GLN OA 98 -1.26 39.57 -20.23
C GLN OA 98 -0.47 40.52 -21.12
N ALA OA 99 -1.09 41.02 -22.18
CA ALA OA 99 -0.39 41.85 -23.15
C ALA OA 99 -0.33 43.32 -22.75
N SER OA 100 -1.08 43.72 -21.72
CA SER OA 100 -0.94 45.09 -21.22
C SER OA 100 0.43 45.34 -20.62
N ASN OA 101 1.15 44.27 -20.30
CA ASN OA 101 2.53 44.40 -19.84
C ASN OA 101 3.40 44.94 -20.98
N GLY OA 102 4.46 45.66 -20.60
CA GLY OA 102 5.39 46.20 -21.57
C GLY OA 102 6.57 45.32 -21.89
N SER OA 103 6.80 44.27 -21.09
CA SER OA 103 7.96 43.42 -21.33
C SER OA 103 7.85 42.65 -22.63
N TYR OA 104 6.64 42.44 -23.12
CA TYR OA 104 6.45 41.70 -24.37
C TYR OA 104 6.83 42.58 -25.56
N SER OA 105 7.62 42.02 -26.46
CA SER OA 105 8.00 42.74 -27.67
C SER OA 105 6.85 42.70 -28.67
N GLN OA 106 7.08 43.29 -29.85
CA GLN OA 106 5.99 43.50 -30.80
C GLN OA 106 5.49 42.19 -31.38
N GLU OA 107 6.37 41.20 -31.56
CA GLU OA 107 5.94 39.95 -32.17
C GLU OA 107 4.99 39.17 -31.27
N GLN OA 108 5.29 39.10 -29.98
CA GLN OA 108 4.40 38.41 -29.06
C GLN OA 108 3.07 39.15 -28.95
N LEU OA 109 3.11 40.49 -28.98
CA LEU OA 109 1.86 41.24 -29.00
C LEU OA 109 1.06 40.94 -30.26
N ASP OA 110 1.75 40.75 -31.39
CA ASP OA 110 1.06 40.39 -32.62
C ASP OA 110 0.41 39.01 -32.50
N SER OA 111 1.10 38.07 -31.87
CA SER OA 111 0.50 36.76 -31.64
C SER OA 111 -0.70 36.84 -30.73
N VAL OA 112 -0.61 37.66 -29.67
CA VAL OA 112 -1.76 37.88 -28.79
C VAL OA 112 -2.92 38.47 -29.57
N GLN OA 113 -2.63 39.44 -30.44
CA GLN OA 113 -3.69 40.07 -31.21
C GLN OA 113 -4.30 39.08 -32.19
N GLY OA 114 -3.49 38.18 -32.75
CA GLY OA 114 -4.04 37.13 -33.59
C GLY OA 114 -4.98 36.23 -32.83
N GLU OA 115 -4.60 35.84 -31.61
CA GLU OA 115 -5.49 35.04 -30.78
C GLU OA 115 -6.78 35.78 -30.46
N ILE OA 116 -6.67 37.08 -30.15
CA ILE OA 116 -7.85 37.88 -29.84
C ILE OA 116 -8.75 37.98 -31.07
N ASN OA 117 -8.16 38.14 -32.25
CA ASN OA 117 -8.93 38.18 -33.48
C ASN OA 117 -9.65 36.86 -33.72
N GLN OA 118 -8.98 35.75 -33.44
CA GLN OA 118 -9.63 34.45 -33.56
C GLN OA 118 -10.82 34.35 -32.62
N ARG OA 119 -10.65 34.80 -31.38
CA ARG OA 119 -11.74 34.78 -30.42
C ARG OA 119 -12.91 35.65 -30.86
N LEU OA 120 -12.60 36.84 -31.38
CA LEU OA 120 -13.64 37.74 -31.86
C LEU OA 120 -14.38 37.14 -33.04
N ALA OA 121 -13.64 36.50 -33.95
CA ALA OA 121 -14.28 35.82 -35.07
C ALA OA 121 -15.20 34.72 -34.57
N ASP OA 122 -14.80 33.99 -33.53
CA ASP OA 122 -15.69 32.98 -32.97
C ASP OA 122 -16.93 33.61 -32.36
N ILE OA 123 -16.77 34.75 -31.67
CA ILE OA 123 -17.94 35.42 -31.10
C ILE OA 123 -18.91 35.81 -32.20
N ASP OA 124 -18.39 36.37 -33.29
CA ASP OA 124 -19.24 36.75 -34.40
C ASP OA 124 -19.89 35.53 -35.04
N ARG OA 125 -19.15 34.43 -35.13
CA ARG OA 125 -19.72 33.19 -35.67
C ARG OA 125 -20.88 32.71 -34.81
N ILE OA 126 -20.68 32.70 -33.48
CA ILE OA 126 -21.75 32.30 -32.57
C ILE OA 126 -22.97 33.18 -32.77
N SER OA 127 -22.74 34.49 -32.93
CA SER OA 127 -23.85 35.40 -33.14
C SER OA 127 -24.60 35.06 -34.42
N GLU OA 128 -23.89 34.92 -35.53
CA GLU OA 128 -24.56 34.70 -36.81
C GLU OA 128 -25.15 33.31 -36.96
N GLN OA 129 -24.71 32.34 -36.17
CA GLN OA 129 -25.09 30.96 -36.41
C GLN OA 129 -25.88 30.29 -35.30
N THR OA 130 -26.07 30.93 -34.16
CA THR OA 130 -26.91 30.35 -33.12
C THR OA 130 -28.34 30.32 -33.63
N ASP OA 131 -28.80 29.15 -34.06
CA ASP OA 131 -30.07 29.00 -34.74
C ASP OA 131 -31.02 28.14 -33.92
N PHE OA 132 -32.30 28.47 -33.99
CA PHE OA 132 -33.34 27.72 -33.29
C PHE OA 132 -34.59 27.76 -34.15
N ASN OA 133 -34.89 26.65 -34.81
CA ASN OA 133 -36.07 26.54 -35.67
C ASN OA 133 -36.04 27.61 -36.76
N GLY OA 134 -34.88 27.79 -37.39
CA GLY OA 134 -34.75 28.79 -38.42
C GLY OA 134 -34.77 30.22 -37.94
N VAL OA 135 -34.50 30.45 -36.66
CA VAL OA 135 -34.45 31.78 -36.08
C VAL OA 135 -33.04 32.00 -35.53
N LYS OA 136 -32.34 33.00 -36.07
CA LYS OA 136 -31.01 33.34 -35.58
C LYS OA 136 -31.20 34.16 -34.31
N VAL OA 137 -31.43 33.45 -33.21
CA VAL OA 137 -31.90 34.10 -31.98
C VAL OA 137 -30.84 35.05 -31.44
N LEU OA 138 -29.60 34.60 -31.34
CA LEU OA 138 -28.58 35.44 -30.72
C LEU OA 138 -27.78 36.18 -31.79
N SER OA 139 -28.49 36.88 -32.67
CA SER OA 139 -27.85 37.45 -33.84
C SER OA 139 -28.09 38.94 -33.99
N ASP OA 140 -27.68 39.49 -35.12
CA ASP OA 140 -27.86 40.91 -35.41
C ASP OA 140 -29.25 41.23 -35.95
N SER OA 141 -30.04 40.22 -36.29
CA SER OA 141 -31.41 40.39 -36.78
C SER OA 141 -32.28 39.46 -35.93
N ALA OA 142 -32.71 39.96 -34.77
CA ALA OA 142 -33.49 39.14 -33.84
C ALA OA 142 -34.46 40.06 -33.10
N LYS OA 143 -35.67 40.17 -33.63
CA LYS OA 143 -36.71 40.90 -32.95
C LYS OA 143 -37.24 40.08 -31.77
N PRO OA 144 -37.71 40.75 -30.71
CA PRO OA 144 -38.28 40.02 -29.59
C PRO OA 144 -39.51 39.21 -30.01
N LEU OA 145 -39.70 38.06 -29.35
CA LEU OA 145 -40.75 37.13 -29.71
C LEU OA 145 -42.01 37.42 -28.91
N THR OA 146 -43.03 36.58 -29.07
CA THR OA 146 -44.32 36.77 -28.42
C THR OA 146 -44.64 35.68 -27.41
N LEU OA 147 -44.58 34.41 -27.82
CA LEU OA 147 -44.88 33.27 -26.94
C LEU OA 147 -46.30 33.38 -26.37
N GLN OA 148 -47.27 33.27 -27.28
CA GLN OA 148 -48.67 33.27 -26.88
C GLN OA 148 -48.90 32.18 -25.84
N VAL OA 149 -49.26 32.59 -24.62
CA VAL OA 149 -49.45 31.68 -23.49
C VAL OA 149 -50.88 31.86 -22.99
N GLY OA 150 -51.79 31.06 -23.52
CA GLY OA 150 -53.17 31.06 -23.08
C GLY OA 150 -54.13 31.34 -24.20
N ALA OA 151 -55.40 30.96 -24.03
CA ALA OA 151 -56.42 31.31 -25.00
C ALA OA 151 -56.75 32.79 -24.87
N ASN OA 152 -57.68 33.26 -25.71
CA ASN OA 152 -58.14 34.65 -25.67
C ASN OA 152 -56.98 35.62 -25.88
N ASP OA 153 -56.45 35.60 -27.12
CA ASP OA 153 -55.29 36.39 -27.50
C ASP OA 153 -55.34 37.80 -26.92
N GLY OA 154 -54.18 38.30 -26.53
CA GLY OA 154 -54.07 39.57 -25.86
C GLY OA 154 -52.95 39.51 -24.84
N GLU OA 155 -52.37 38.32 -24.68
CA GLU OA 155 -51.27 38.09 -23.76
C GLU OA 155 -50.10 37.48 -24.52
N THR OA 156 -48.91 37.98 -24.23
CA THR OA 156 -47.67 37.48 -24.82
C THR OA 156 -46.57 37.60 -23.77
N ILE OA 157 -45.51 36.85 -23.98
CA ILE OA 157 -44.32 36.92 -23.13
C ILE OA 157 -43.17 37.32 -24.04
N THR OA 158 -42.90 38.62 -24.12
CA THR OA 158 -41.81 39.11 -24.94
C THR OA 158 -40.47 38.64 -24.38
N LEU OA 159 -39.61 38.14 -25.26
CA LEU OA 159 -38.31 37.64 -24.85
C LEU OA 159 -37.25 38.73 -24.77
N ASN OA 160 -37.27 39.70 -25.68
CA ASN OA 160 -36.32 40.80 -25.70
C ASN OA 160 -34.88 40.29 -25.81
N LEU OA 161 -34.62 39.61 -26.94
CA LEU OA 161 -33.32 38.98 -27.20
C LEU OA 161 -32.78 39.49 -28.52
N SER OA 162 -31.52 39.94 -28.51
CA SER OA 162 -30.87 40.48 -29.70
C SER OA 162 -29.45 40.93 -29.36
N GLU OA 163 -28.63 41.01 -30.40
CA GLU OA 163 -27.42 41.85 -30.42
C GLU OA 163 -26.40 41.44 -29.35
N ILE OA 164 -25.87 40.24 -29.51
CA ILE OA 164 -24.62 39.84 -28.85
C ILE OA 164 -23.65 39.40 -29.93
N SER OA 165 -22.68 40.25 -30.24
CA SER OA 165 -21.68 40.00 -31.26
C SER OA 165 -20.59 41.05 -31.14
N VAL OA 166 -19.50 40.84 -31.86
CA VAL OA 166 -18.61 41.95 -32.12
C VAL OA 166 -19.40 43.00 -32.90
N LYS OA 167 -19.01 44.26 -32.74
CA LYS OA 167 -19.65 45.46 -33.28
C LYS OA 167 -20.92 45.83 -32.50
N THR OA 168 -21.37 45.00 -31.55
CA THR OA 168 -22.46 45.40 -30.67
C THR OA 168 -22.14 45.25 -29.19
N LEU OA 169 -21.14 44.44 -28.82
CA LEU OA 169 -20.58 44.52 -27.47
C LEU OA 169 -19.65 45.71 -27.32
N GLY OA 170 -19.41 46.45 -28.39
CA GLY OA 170 -18.66 47.68 -28.35
C GLY OA 170 -17.22 47.56 -28.75
N LEU OA 171 -16.66 46.36 -28.75
CA LEU OA 171 -15.25 46.21 -29.09
C LEU OA 171 -14.99 46.63 -30.52
N ASP OA 172 -15.44 45.80 -31.48
CA ASP OA 172 -15.52 46.14 -32.89
C ASP OA 172 -14.15 46.41 -33.51
N GLY OA 173 -13.14 46.61 -32.67
CA GLY OA 173 -11.82 46.93 -33.14
C GLY OA 173 -10.71 46.48 -32.21
N PHE OA 174 -11.02 45.55 -31.31
CA PHE OA 174 -10.13 45.27 -30.19
C PHE OA 174 -8.72 44.98 -30.66
N ASN OA 175 -7.81 45.88 -30.33
CA ASN OA 175 -6.45 45.90 -30.91
C ASN OA 175 -5.48 46.03 -29.75
N VAL OA 176 -5.09 44.88 -29.18
CA VAL OA 176 -4.25 44.91 -27.99
C VAL OA 176 -2.84 45.38 -28.34
N ASN OA 177 -2.36 45.09 -29.55
CA ASN OA 177 -1.10 45.63 -30.01
C ASN OA 177 -1.36 46.92 -30.78
N GLY OA 178 -0.36 47.41 -31.48
CA GLY OA 178 -0.47 48.63 -32.24
C GLY OA 178 0.59 49.63 -31.84
N LYS OA 179 0.48 50.82 -32.42
CA LYS OA 179 1.44 51.89 -32.12
C LYS OA 179 1.33 52.40 -30.69
N GLY OA 180 0.28 52.03 -29.97
CA GLY OA 180 0.14 52.51 -28.61
C GLY OA 180 -0.08 54.01 -28.61
N VAL OA 181 0.81 54.73 -27.93
CA VAL OA 181 0.78 56.18 -27.89
C VAL OA 181 1.88 56.69 -28.82
N THR OA 182 1.49 57.32 -29.91
CA THR OA 182 2.46 57.84 -30.87
C THR OA 182 3.15 59.07 -30.31
N GLN OA 183 4.43 59.22 -30.66
CA GLN OA 183 5.22 60.37 -30.25
C GLN OA 183 5.38 61.32 -31.44
N ASN OA 184 4.91 62.55 -31.28
CA ASN OA 184 5.05 63.54 -32.33
C ASN OA 184 6.50 64.00 -32.43
N ARG OA 185 6.87 64.54 -33.58
CA ARG OA 185 8.21 65.06 -33.80
C ARG OA 185 8.21 66.57 -33.62
N SER OA 186 9.30 67.08 -33.07
CA SER OA 186 9.42 68.52 -32.84
C SER OA 186 9.41 69.28 -34.16
N ALA OA 187 8.64 70.35 -34.21
CA ALA OA 187 8.55 71.18 -35.40
C ALA OA 187 9.83 71.99 -35.56
N THR OA 188 9.98 72.58 -36.75
CA THR OA 188 11.15 73.39 -37.06
C THR OA 188 10.75 74.47 -38.04
N VAL OA 189 11.73 75.28 -38.46
CA VAL OA 189 11.44 76.43 -39.30
C VAL OA 189 10.87 76.01 -40.65
N THR OA 190 11.28 74.84 -41.17
CA THR OA 190 10.77 74.40 -42.45
C THR OA 190 9.26 74.21 -42.40
N ASP OA 191 8.76 73.58 -41.34
CA ASP OA 191 7.32 73.37 -41.22
C ASP OA 191 6.57 74.69 -41.12
N VAL OA 192 7.08 75.62 -40.31
CA VAL OA 192 6.37 76.87 -40.10
C VAL OA 192 6.35 77.69 -41.39
N ILE OA 193 7.47 77.77 -42.10
CA ILE OA 193 7.46 78.48 -43.37
C ILE OA 193 6.65 77.74 -44.43
N ALA OA 194 6.45 76.42 -44.24
CA ALA OA 194 5.51 75.71 -45.10
C ALA OA 194 4.07 76.11 -44.80
N GLN OA 195 3.78 76.48 -43.55
CA GLN OA 195 2.46 77.01 -43.26
C GLN OA 195 2.25 78.41 -43.83
N GLY OA 196 3.30 79.07 -44.27
CA GLY OA 196 3.14 80.27 -45.08
C GLY OA 196 3.02 81.58 -44.34
N GLY OA 197 3.38 81.64 -43.07
CA GLY OA 197 3.36 82.87 -42.31
C GLY OA 197 4.60 83.70 -42.56
N THR OA 198 4.82 84.68 -41.69
CA THR OA 198 5.89 85.64 -41.85
C THR OA 198 6.92 85.50 -40.74
N LEU OA 199 8.16 85.87 -41.06
CA LEU OA 199 9.25 85.90 -40.10
C LEU OA 199 9.52 87.33 -39.66
N GLN OA 200 10.26 87.48 -38.58
CA GLN OA 200 10.75 88.79 -38.16
C GLN OA 200 12.07 88.59 -37.42
N GLY OA 201 12.52 89.63 -36.72
CA GLY OA 201 13.79 89.55 -36.03
C GLY OA 201 13.81 88.45 -34.99
N ASP OA 202 15.01 87.91 -34.76
CA ASP OA 202 15.26 86.83 -33.80
C ASP OA 202 14.51 85.55 -34.16
N GLY OA 203 14.11 85.40 -35.42
CA GLY OA 203 13.49 84.18 -35.88
C GLY OA 203 12.07 83.94 -35.41
N THR OA 204 11.50 84.87 -34.65
CA THR OA 204 10.12 84.71 -34.21
C THR OA 204 9.18 84.70 -35.39
N TYR OA 205 8.26 83.75 -35.41
CA TYR OA 205 7.44 83.44 -36.57
C TYR OA 205 5.98 83.71 -36.26
N LYS OA 206 5.23 84.10 -37.28
CA LYS OA 206 3.80 84.43 -37.16
C LYS OA 206 3.03 83.39 -37.95
N ALA OA 207 2.67 82.29 -37.30
CA ALA OA 207 1.89 81.24 -37.92
C ALA OA 207 0.41 81.55 -37.78
N THR OA 208 -0.33 81.38 -38.88
CA THR OA 208 -1.77 81.61 -38.90
C THR OA 208 -2.46 80.27 -39.06
N THR OA 209 -3.21 79.87 -38.04
CA THR OA 209 -3.89 78.58 -38.02
C THR OA 209 -5.38 78.80 -38.21
N THR OA 210 -5.96 78.11 -39.19
CA THR OA 210 -7.40 78.15 -39.41
C THR OA 210 -8.08 77.11 -38.52
N PHE OA 211 -9.28 77.45 -38.07
CA PHE OA 211 -9.98 76.68 -37.05
C PHE OA 211 -11.33 76.16 -37.55
N ASN OA 212 -11.46 75.91 -38.85
CA ASN OA 212 -12.73 75.49 -39.44
C ASN OA 212 -13.27 74.26 -38.74
N ALA OA 213 -14.40 74.41 -38.04
CA ALA OA 213 -14.88 73.40 -37.12
C ALA OA 213 -16.36 73.67 -36.84
N ALA OA 214 -16.88 73.07 -35.77
CA ALA OA 214 -18.27 73.22 -35.34
C ALA OA 214 -19.21 72.53 -36.34
N SER OA 215 -18.85 71.31 -36.71
CA SER OA 215 -19.66 70.51 -37.62
C SER OA 215 -20.70 69.74 -36.81
N ALA OA 216 -21.39 68.80 -37.47
CA ALA OA 216 -22.53 68.14 -36.85
C ALA OA 216 -22.12 67.32 -35.64
N GLU OA 217 -21.01 66.58 -35.73
CA GLU OA 217 -20.70 65.59 -34.71
C GLU OA 217 -20.41 66.23 -33.36
N THR OA 218 -19.94 67.48 -33.34
CA THR OA 218 -19.60 68.14 -32.09
C THR OA 218 -20.71 69.01 -31.54
N VAL OA 219 -21.50 69.66 -32.39
CA VAL OA 219 -22.61 70.45 -31.90
C VAL OA 219 -23.72 69.54 -31.34
N LEU OA 220 -24.04 68.48 -32.07
CA LEU OA 220 -25.12 67.59 -31.63
C LEU OA 220 -24.77 66.82 -30.37
N SER OA 221 -23.49 66.80 -29.96
CA SER OA 221 -23.12 66.13 -28.73
C SER OA 221 -23.68 66.83 -27.50
N LYS OA 222 -23.90 68.15 -27.57
CA LYS OA 222 -24.52 68.92 -26.50
C LYS OA 222 -25.74 69.62 -27.08
N LEU OA 223 -26.92 69.06 -26.82
CA LEU OA 223 -28.16 69.57 -27.38
C LEU OA 223 -29.34 69.11 -26.53
N GLU OA 224 -30.18 70.07 -26.15
CA GLU OA 224 -31.48 69.77 -25.57
C GLU OA 224 -32.61 70.64 -26.11
N ASP OA 225 -32.32 71.80 -26.70
CA ASP OA 225 -33.35 72.72 -27.17
C ASP OA 225 -33.66 72.47 -28.65
N GLY OA 226 -34.38 73.40 -29.26
CA GLY OA 226 -34.91 73.17 -30.60
C GLY OA 226 -33.82 73.10 -31.65
N ASN OA 227 -34.11 72.35 -32.71
CA ASN OA 227 -33.22 72.16 -33.83
C ASN OA 227 -34.03 72.18 -35.12
N THR OA 228 -33.57 72.92 -36.12
CA THR OA 228 -34.34 73.13 -37.33
C THR OA 228 -33.53 72.72 -38.55
N VAL OA 229 -34.20 72.12 -39.53
CA VAL OA 229 -33.63 71.83 -40.84
C VAL OA 229 -34.61 72.32 -41.90
N ALA OA 230 -34.07 72.71 -43.05
CA ALA OA 230 -34.88 73.24 -44.14
C ALA OA 230 -34.02 73.32 -45.39
N VAL OA 231 -34.64 73.09 -46.55
CA VAL OA 231 -33.94 73.12 -47.84
C VAL OA 231 -34.43 74.33 -48.64
N GLY OA 232 -33.49 75.18 -49.03
CA GLY OA 232 -33.82 76.30 -49.90
C GLY OA 232 -34.92 77.17 -49.32
N GLY OA 233 -35.88 77.51 -50.16
CA GLY OA 233 -37.08 78.23 -49.76
C GLY OA 233 -38.26 77.35 -49.43
N GLY OA 234 -38.05 76.04 -49.31
CA GLY OA 234 -39.13 75.13 -49.02
C GLY OA 234 -39.55 75.15 -47.56
N ALA OA 235 -40.30 74.12 -47.18
CA ALA OA 235 -40.82 74.03 -45.82
C ALA OA 235 -39.68 73.85 -44.82
N THR OA 236 -39.90 74.35 -43.61
CA THR OA 236 -38.94 74.28 -42.52
C THR OA 236 -39.47 73.36 -41.43
N TYR OA 237 -38.62 72.48 -40.92
CA TYR OA 237 -39.01 71.50 -39.92
C TYR OA 237 -38.12 71.65 -38.69
N THR OA 238 -38.72 71.46 -37.52
CA THR OA 238 -38.08 71.71 -36.25
C THR OA 238 -38.02 70.43 -35.42
N TYR OA 239 -36.98 70.32 -34.60
CA TYR OA 239 -36.71 69.15 -33.78
C TYR OA 239 -36.50 69.60 -32.34
N ASP OA 240 -36.72 68.67 -31.40
CA ASP OA 240 -36.54 68.93 -29.98
C ASP OA 240 -35.92 67.70 -29.32
N ALA OA 241 -34.68 67.82 -28.87
CA ALA OA 241 -33.96 66.70 -28.27
C ALA OA 241 -34.45 66.51 -26.84
N ALA OA 242 -35.33 65.54 -26.63
CA ALA OA 242 -35.85 65.22 -25.31
C ALA OA 242 -35.74 63.71 -25.08
N LYS OA 243 -35.16 63.33 -23.95
CA LYS OA 243 -34.99 61.92 -23.58
C LYS OA 243 -34.24 61.14 -24.65
N GLY OA 244 -33.25 61.77 -25.25
CA GLY OA 244 -32.41 61.11 -26.24
C GLY OA 244 -33.03 60.99 -27.61
N ASN OA 245 -34.20 61.56 -27.85
CA ASN OA 245 -34.86 61.48 -29.14
C ASN OA 245 -35.41 62.85 -29.50
N PHE OA 246 -35.66 63.04 -30.79
CA PHE OA 246 -36.15 64.30 -31.32
C PHE OA 246 -37.62 64.16 -31.69
N THR OA 247 -38.45 65.09 -31.19
CA THR OA 247 -39.89 65.06 -31.43
C THR OA 247 -40.19 65.71 -32.78
N TYR OA 248 -39.85 65.00 -33.84
CA TYR OA 248 -40.14 65.45 -35.19
C TYR OA 248 -41.64 65.40 -35.45
N THR OA 249 -42.14 66.43 -36.12
CA THR OA 249 -43.53 66.49 -36.57
C THR OA 249 -43.54 66.52 -38.10
N LYS OA 250 -44.15 65.50 -38.70
CA LYS OA 250 -44.24 65.44 -40.15
C LYS OA 250 -45.28 66.43 -40.62
N THR OA 251 -44.85 67.62 -41.01
CA THR OA 251 -45.74 68.67 -41.46
C THR OA 251 -45.98 68.54 -42.95
N VAL OA 252 -47.26 68.50 -43.34
CA VAL OA 252 -47.60 68.45 -44.76
C VAL OA 252 -47.10 69.72 -45.44
N ASP OA 253 -46.69 69.58 -46.70
CA ASP OA 253 -46.47 70.75 -47.53
C ASP OA 253 -47.77 71.53 -47.63
N THR OA 254 -47.68 72.85 -47.57
CA THR OA 254 -48.89 73.67 -47.57
C THR OA 254 -49.25 74.08 -48.99
N THR OA 255 -48.42 74.91 -49.62
CA THR OA 255 -48.39 75.18 -51.06
C THR OA 255 -49.76 75.12 -51.75
N VAL OA 256 -50.77 75.75 -51.17
CA VAL OA 256 -52.14 75.64 -51.66
C VAL OA 256 -52.87 76.97 -51.50
N GLY OA 257 -53.67 77.31 -52.50
CA GLY OA 257 -54.67 78.35 -52.40
C GLY OA 257 -56.02 77.71 -52.14
N ALA OA 258 -56.82 77.55 -53.19
CA ALA OA 258 -58.09 76.85 -53.09
C ALA OA 258 -58.00 75.37 -53.45
N ASP OA 259 -56.80 74.87 -53.73
CA ASP OA 259 -56.63 73.49 -54.20
C ASP OA 259 -56.33 72.57 -53.01
N VAL OA 260 -57.37 72.37 -52.19
CA VAL OA 260 -57.27 71.48 -51.04
C VAL OA 260 -56.99 70.04 -51.46
N THR OA 261 -57.32 69.69 -52.70
CA THR OA 261 -57.11 68.32 -53.17
C THR OA 261 -55.65 67.91 -53.10
N ALA OA 262 -54.73 68.85 -53.26
CA ALA OA 262 -53.31 68.52 -53.15
C ALA OA 262 -52.99 67.97 -51.76
N LEU OA 263 -53.43 68.68 -50.71
CA LEU OA 263 -53.19 68.21 -49.35
C LEU OA 263 -53.93 66.91 -49.08
N ALA OA 264 -55.18 66.80 -49.56
CA ALA OA 264 -55.95 65.58 -49.32
C ALA OA 264 -55.26 64.37 -49.93
N ASN OA 265 -54.79 64.51 -51.18
CA ASN OA 265 -54.13 63.41 -51.86
C ASN OA 265 -52.69 63.20 -51.42
N LYS OA 266 -52.10 64.16 -50.71
CA LYS OA 266 -50.84 63.88 -50.05
C LYS OA 266 -51.06 63.07 -48.77
N ILE OA 267 -52.13 63.38 -48.04
CA ILE OA 267 -52.44 62.62 -46.83
C ILE OA 267 -52.88 61.20 -47.18
N LYS OA 268 -53.62 61.05 -48.27
CA LYS OA 268 -54.24 59.77 -48.62
C LYS OA 268 -53.28 58.58 -48.66
N PRO OA 269 -52.11 58.66 -49.31
CA PRO OA 269 -51.24 57.48 -49.38
C PRO OA 269 -50.76 56.98 -48.02
N SER OA 270 -50.71 57.85 -47.01
CA SER OA 270 -50.34 57.40 -45.68
C SER OA 270 -51.34 56.40 -45.11
N SER OA 271 -52.56 56.38 -45.64
CA SER OA 271 -53.58 55.41 -45.22
C SER OA 271 -54.37 54.91 -46.41
N GLY OA 272 -53.73 54.78 -47.57
CA GLY OA 272 -54.42 54.43 -48.79
C GLY OA 272 -54.72 52.95 -48.95
N THR OA 273 -55.49 52.39 -48.01
CA THR OA 273 -55.88 50.99 -48.07
C THR OA 273 -57.17 50.83 -47.26
N ILE OA 274 -57.94 49.80 -47.60
CA ILE OA 274 -59.18 49.52 -46.88
C ILE OA 274 -58.83 49.03 -45.49
N SER OA 275 -59.30 49.76 -44.47
CA SER OA 275 -59.01 49.43 -43.08
C SER OA 275 -60.25 49.73 -42.26
N GLY OA 276 -60.13 49.63 -40.95
CA GLY OA 276 -61.23 49.87 -40.05
C GLY OA 276 -60.74 50.49 -38.75
N SER OA 277 -61.70 50.74 -37.85
CA SER OA 277 -61.43 51.34 -36.54
C SER OA 277 -60.78 52.71 -36.66
N TYR OA 278 -61.03 53.41 -37.77
CA TYR OA 278 -60.52 54.76 -37.92
C TYR OA 278 -61.17 55.69 -36.91
N GLU OA 279 -60.39 56.66 -36.45
CA GLU OA 279 -60.83 57.63 -35.46
C GLU OA 279 -60.91 59.00 -36.13
N ILE OA 280 -62.12 59.45 -36.40
CA ILE OA 280 -62.37 60.76 -36.99
C ILE OA 280 -62.75 61.69 -35.85
N SER OA 281 -61.80 62.49 -35.40
CA SER OA 281 -62.02 63.45 -34.31
C SER OA 281 -62.08 64.84 -34.94
N THR OA 282 -63.26 65.22 -35.41
CA THR OA 282 -63.51 66.53 -35.98
C THR OA 282 -64.32 67.38 -35.00
N GLY OA 283 -64.42 68.67 -35.31
CA GLY OA 283 -65.11 69.58 -34.43
C GLY OA 283 -64.46 69.69 -33.08
N LYS OA 284 -65.11 69.20 -32.05
CA LYS OA 284 -64.52 69.23 -30.72
C LYS OA 284 -64.45 67.86 -30.05
N SER OA 285 -65.53 67.08 -30.12
CA SER OA 285 -65.60 65.82 -29.40
C SER OA 285 -66.24 64.73 -30.27
N ALA OA 286 -65.82 64.66 -31.54
CA ALA OA 286 -66.38 63.65 -32.44
C ALA OA 286 -66.07 62.24 -31.93
N SER OA 287 -64.80 61.88 -31.87
CA SER OA 287 -64.34 60.60 -31.33
C SER OA 287 -65.11 59.43 -31.91
N PHE OA 288 -65.11 59.35 -33.24
CA PHE OA 288 -65.80 58.27 -33.94
C PHE OA 288 -64.92 57.03 -34.03
N ASP OA 289 -65.58 55.89 -34.26
CA ASP OA 289 -64.92 54.60 -34.45
C ASP OA 289 -65.53 54.00 -35.71
N VAL OA 290 -64.94 54.31 -36.86
CA VAL OA 290 -65.56 54.08 -38.16
C VAL OA 290 -64.71 53.12 -38.98
N ASP OA 291 -65.24 52.75 -40.14
CA ASP OA 291 -64.56 51.89 -41.11
C ASP OA 291 -64.46 52.62 -42.43
N ALA OA 292 -63.49 52.20 -43.25
CA ALA OA 292 -63.28 52.83 -44.55
C ALA OA 292 -62.91 51.77 -45.57
N ALA OA 293 -63.72 51.66 -46.61
CA ALA OA 293 -63.48 50.76 -47.75
C ALA OA 293 -63.59 51.54 -49.05
N GLY OA 294 -62.96 52.71 -49.08
CA GLY OA 294 -63.20 53.68 -50.13
C GLY OA 294 -64.34 54.62 -49.82
N LYS OA 295 -64.98 54.48 -48.66
CA LYS OA 295 -66.12 55.31 -48.27
C LYS OA 295 -66.28 55.20 -46.76
N ILE OA 296 -66.33 56.35 -46.09
CA ILE OA 296 -66.38 56.36 -44.63
C ILE OA 296 -67.72 55.84 -44.15
N THR OA 297 -67.70 54.90 -43.22
CA THR OA 297 -68.91 54.37 -42.62
C THR OA 297 -68.58 53.78 -41.26
N ILE OA 298 -69.56 53.81 -40.37
CA ILE OA 298 -69.42 53.22 -39.04
C ILE OA 298 -70.19 51.92 -39.03
N GLY OA 299 -69.94 51.10 -38.01
CA GLY OA 299 -70.52 49.77 -37.94
C GLY OA 299 -72.04 49.76 -37.97
N GLY OA 300 -72.60 49.30 -39.09
CA GLY OA 300 -74.03 49.21 -39.26
C GLY OA 300 -74.71 50.47 -39.76
N ASN OA 301 -73.96 51.49 -40.18
CA ASN OA 301 -74.55 52.75 -40.63
C ASN OA 301 -73.77 53.25 -41.84
N ALA OA 302 -74.06 54.48 -42.25
CA ALA OA 302 -73.43 55.08 -43.42
C ALA OA 302 -72.53 56.26 -43.09
N ALA OA 303 -72.81 57.01 -42.01
CA ALA OA 303 -71.96 58.09 -41.53
C ALA OA 303 -71.76 59.16 -42.61
N PHE OA 304 -72.87 59.81 -42.96
CA PHE OA 304 -72.83 60.91 -43.91
C PHE OA 304 -72.11 62.12 -43.31
N LEU OA 305 -71.65 63.00 -44.20
CA LEU OA 305 -71.01 64.25 -43.81
C LEU OA 305 -72.01 65.39 -43.86
N ASN OA 306 -71.91 66.31 -42.92
CA ASN OA 306 -72.92 67.36 -42.75
C ASN OA 306 -72.25 68.70 -42.51
N ALA OA 307 -73.08 69.74 -42.45
CA ALA OA 307 -72.72 71.04 -41.89
C ALA OA 307 -71.52 71.66 -42.59
N ASP OA 308 -71.74 72.02 -43.85
CA ASP OA 308 -70.72 72.77 -44.59
C ASP OA 308 -70.34 74.04 -43.85
N GLY OA 309 -69.03 74.31 -43.79
CA GLY OA 309 -68.50 75.33 -42.93
C GLY OA 309 -68.17 74.86 -41.53
N GLU OA 310 -68.89 73.86 -41.03
CA GLU OA 310 -68.61 73.21 -39.77
C GLU OA 310 -68.11 71.78 -39.92
N LEU OA 311 -68.66 71.04 -40.89
CA LEU OA 311 -68.11 69.76 -41.35
C LEU OA 311 -68.05 68.73 -40.22
N THR OA 312 -69.23 68.38 -39.72
CA THR OA 312 -69.39 67.33 -38.72
C THR OA 312 -70.03 66.10 -39.35
N THR OA 313 -69.53 64.93 -39.01
CA THR OA 313 -70.01 63.68 -39.58
C THR OA 313 -71.08 63.07 -38.69
N ASN OA 314 -72.29 62.91 -39.23
CA ASN OA 314 -73.38 62.29 -38.50
C ASN OA 314 -74.23 61.48 -39.47
N ASP OA 315 -74.83 60.40 -38.97
CA ASP OA 315 -75.57 59.50 -39.83
C ASP OA 315 -76.87 60.11 -40.37
N ALA OA 316 -77.53 60.96 -39.58
CA ALA OA 316 -78.80 61.53 -39.99
C ALA OA 316 -78.57 62.53 -41.11
N SER OA 317 -79.10 62.22 -42.30
CA SER OA 317 -78.85 63.05 -43.47
C SER OA 317 -79.61 64.36 -43.39
N GLY OA 318 -78.98 65.43 -43.91
CA GLY OA 318 -79.60 66.74 -43.92
C GLY OA 318 -79.79 67.29 -45.31
N ALA OA 319 -80.07 66.41 -46.27
CA ALA OA 319 -80.36 66.70 -47.68
C ALA OA 319 -79.15 67.23 -48.44
N LEU OA 320 -78.00 67.42 -47.80
CA LEU OA 320 -76.78 67.91 -48.42
C LEU OA 320 -75.59 67.07 -48.01
N THR OA 321 -75.75 65.75 -48.06
CA THR OA 321 -74.76 64.81 -47.52
C THR OA 321 -73.97 64.17 -48.65
N GLN OA 322 -72.71 63.87 -48.35
CA GLN OA 322 -71.79 63.26 -49.32
C GLN OA 322 -71.24 61.92 -48.86
N ALA OA 323 -70.73 61.84 -47.62
CA ALA OA 323 -70.20 60.60 -47.05
C ALA OA 323 -69.08 60.02 -47.91
N THR OA 324 -67.99 60.79 -48.02
CA THR OA 324 -66.82 60.37 -48.79
C THR OA 324 -65.56 60.61 -47.98
N LEU OA 325 -64.63 59.65 -48.05
CA LEU OA 325 -63.37 59.80 -47.33
C LEU OA 325 -62.57 60.98 -47.85
N ASP OA 326 -62.55 61.19 -49.16
CA ASP OA 326 -61.90 62.37 -49.70
C ASP OA 326 -62.57 63.64 -49.19
N ASP OA 327 -63.90 63.64 -49.13
CA ASP OA 327 -64.63 64.78 -48.59
C ASP OA 327 -64.29 65.00 -47.12
N VAL OA 328 -64.18 63.92 -46.36
CA VAL OA 328 -63.80 64.06 -44.95
C VAL OA 328 -62.41 64.66 -44.83
N LEU OA 329 -61.44 64.11 -45.56
CA LEU OA 329 -60.06 64.57 -45.44
C LEU OA 329 -59.91 66.02 -45.86
N THR OA 330 -60.60 66.43 -46.94
CA THR OA 330 -60.63 67.84 -47.27
C THR OA 330 -61.29 68.64 -46.16
N SER OA 331 -62.34 68.11 -45.58
CA SER OA 331 -63.06 68.82 -44.52
C SER OA 331 -62.24 68.89 -43.24
N VAL OA 332 -61.76 67.74 -42.76
CA VAL OA 332 -61.21 67.65 -41.41
C VAL OA 332 -59.97 68.51 -41.27
N GLY OA 333 -60.08 69.59 -40.50
CA GLY OA 333 -58.95 70.43 -40.15
C GLY OA 333 -58.18 70.99 -41.33
N THR OA 334 -58.63 70.67 -42.53
CA THR OA 334 -57.93 71.04 -43.74
C THR OA 334 -58.70 72.08 -44.54
N GLU OA 335 -60.00 72.23 -44.32
CA GLU OA 335 -60.76 73.31 -44.90
C GLU OA 335 -61.38 74.24 -43.86
N ALA OA 336 -62.13 73.71 -42.90
CA ALA OA 336 -62.89 74.59 -42.01
C ALA OA 336 -62.88 74.12 -40.56
N ASN OA 337 -61.87 73.37 -40.14
CA ASN OA 337 -61.76 72.94 -38.76
C ASN OA 337 -60.35 73.20 -38.24
N SER OA 338 -60.24 73.33 -36.93
CA SER OA 338 -58.97 73.58 -36.28
C SER OA 338 -58.83 72.66 -35.08
N SER OA 339 -57.58 72.27 -34.81
CA SER OA 339 -57.25 71.40 -33.68
C SER OA 339 -58.06 70.11 -33.70
N VAL OA 340 -58.22 69.53 -34.89
CA VAL OA 340 -58.91 68.27 -35.07
C VAL OA 340 -57.95 67.30 -35.74
N THR OA 341 -58.30 66.01 -35.67
CA THR OA 341 -57.34 64.97 -35.99
C THR OA 341 -58.05 63.77 -36.60
N ILE OA 342 -57.34 63.06 -37.48
CA ILE OA 342 -57.78 61.77 -38.02
C ILE OA 342 -56.93 60.71 -37.33
N GLY OA 343 -57.53 60.02 -36.36
CA GLY OA 343 -56.83 59.01 -35.59
C GLY OA 343 -57.00 57.63 -36.15
N GLY OA 344 -56.88 56.65 -35.27
CA GLY OA 344 -57.01 55.25 -35.66
C GLY OA 344 -55.83 54.74 -36.44
N THR OA 345 -55.62 53.43 -36.45
CA THR OA 345 -54.54 52.79 -37.20
C THR OA 345 -53.19 53.39 -36.82
N LYS OA 346 -52.99 53.58 -35.51
CA LYS OA 346 -51.73 54.01 -34.90
C LYS OA 346 -51.13 55.24 -35.59
N TYR OA 347 -51.98 56.19 -35.97
CA TYR OA 347 -51.50 57.51 -36.36
C TYR OA 347 -52.55 58.54 -35.98
N SER OA 348 -52.13 59.80 -35.95
CA SER OA 348 -53.03 60.90 -35.60
C SER OA 348 -52.61 62.12 -36.41
N HIS OA 349 -53.34 62.37 -37.51
CA HIS OA 349 -53.07 63.52 -38.37
C HIS OA 349 -53.76 64.75 -37.79
N SER OA 350 -53.13 65.34 -36.78
CA SER OA 350 -53.61 66.59 -36.23
C SER OA 350 -53.46 67.71 -37.25
N ALA OA 351 -54.40 68.65 -37.23
CA ALA OA 351 -54.42 69.75 -38.18
C ALA OA 351 -53.93 71.02 -37.49
N ALA OA 352 -52.75 71.49 -37.89
CA ALA OA 352 -52.21 72.70 -37.29
C ALA OA 352 -52.97 73.95 -37.72
N ASP OA 353 -53.36 74.02 -38.99
CA ASP OA 353 -54.03 75.19 -39.53
C ASP OA 353 -55.17 74.76 -40.44
N GLU OA 354 -56.14 75.66 -40.59
CA GLU OA 354 -57.28 75.47 -41.48
C GLU OA 354 -57.13 76.35 -42.70
N LEU OA 355 -57.87 75.99 -43.75
CA LEU OA 355 -57.78 76.66 -45.05
C LEU OA 355 -58.90 77.69 -45.15
N SER OA 356 -58.55 78.96 -44.97
CA SER OA 356 -59.49 80.04 -45.25
C SER OA 356 -59.69 80.25 -46.74
N TYR OA 357 -59.12 79.38 -47.57
CA TYR OA 357 -59.08 79.45 -49.03
C TYR OA 357 -58.23 80.62 -49.51
N THR OA 358 -57.72 81.45 -48.60
CA THR OA 358 -56.63 82.37 -48.86
C THR OA 358 -55.38 82.01 -48.07
N ALA OA 359 -55.51 81.91 -46.75
CA ALA OA 359 -54.47 81.32 -45.93
C ALA OA 359 -54.52 79.81 -46.04
N VAL OA 360 -53.35 79.20 -46.09
CA VAL OA 360 -53.23 77.77 -46.42
C VAL OA 360 -53.29 76.95 -45.15
N ALA OA 361 -53.85 75.74 -45.26
CA ALA OA 361 -53.98 74.81 -44.16
C ALA OA 361 -52.78 73.87 -44.09
N THR OA 362 -52.67 73.15 -42.98
CA THR OA 362 -51.63 72.15 -42.82
C THR OA 362 -52.06 71.14 -41.77
N THR OA 363 -51.85 69.86 -42.07
CA THR OA 363 -52.05 68.78 -41.12
C THR OA 363 -50.71 68.11 -40.83
N ALA OA 364 -50.53 67.69 -39.58
CA ALA OA 364 -49.27 67.10 -39.18
C ALA OA 364 -49.52 65.93 -38.25
N ASP OA 365 -48.69 64.91 -38.38
CA ASP OA 365 -48.66 63.78 -37.46
C ASP OA 365 -47.31 63.75 -36.79
N VAL OA 366 -47.30 63.53 -35.47
CA VAL OA 366 -46.04 63.49 -34.74
C VAL OA 366 -45.49 62.08 -34.86
N LEU OA 367 -44.78 61.81 -35.96
CA LEU OA 367 -44.21 60.49 -36.17
C LEU OA 367 -43.08 60.19 -35.21
N SER OA 368 -42.53 61.22 -34.57
CA SER OA 368 -41.29 61.10 -33.79
C SER OA 368 -40.16 60.54 -34.64
N ALA OA 369 -40.28 60.63 -35.95
CA ALA OA 369 -39.26 60.15 -36.86
C ALA OA 369 -37.96 60.92 -36.65
N MET OA 370 -36.88 60.40 -37.24
CA MET OA 370 -35.55 60.97 -37.06
C MET OA 370 -35.16 60.99 -35.60
N GLY OA 371 -35.80 60.11 -34.82
CA GLY OA 371 -35.78 60.16 -33.37
C GLY OA 371 -34.40 60.19 -32.76
N SER OA 372 -33.67 59.08 -32.90
CA SER OA 372 -32.30 59.04 -32.38
C SER OA 372 -31.46 60.13 -33.04
N SER OA 373 -30.61 60.76 -32.23
CA SER OA 373 -29.76 61.82 -32.74
C SER OA 373 -28.87 61.36 -33.87
N THR OA 374 -28.61 60.05 -33.96
CA THR OA 374 -27.84 59.53 -35.09
C THR OA 374 -28.57 59.75 -36.40
N ALA OA 375 -29.89 59.55 -36.42
CA ALA OA 375 -30.65 59.73 -37.65
C ALA OA 375 -30.61 61.19 -38.11
N VAL OA 376 -30.84 62.12 -37.18
CA VAL OA 376 -30.78 63.53 -37.53
C VAL OA 376 -29.39 63.92 -38.01
N SER OA 377 -28.36 63.44 -37.29
CA SER OA 377 -26.99 63.74 -37.70
C SER OA 377 -26.71 63.23 -39.11
N THR OA 378 -27.12 61.99 -39.40
CA THR OA 378 -26.88 61.43 -40.72
C THR OA 378 -27.61 62.22 -41.80
N VAL OA 379 -28.84 62.66 -41.50
CA VAL OA 379 -29.59 63.43 -42.48
C VAL OA 379 -28.93 64.77 -42.76
N THR OA 380 -28.54 65.48 -41.70
CA THR OA 380 -27.89 66.78 -41.91
C THR OA 380 -26.45 66.63 -42.37
N LEU OA 381 -25.79 65.52 -42.07
CA LEU OA 381 -24.44 65.26 -42.55
C LEU OA 381 -24.53 64.63 -43.94
N GLY OA 382 -24.88 65.46 -44.91
CA GLY OA 382 -25.11 64.99 -46.26
C GLY OA 382 -26.56 65.13 -46.68
N SER OA 383 -26.84 66.14 -47.50
CA SER OA 383 -28.20 66.44 -47.93
C SER OA 383 -28.10 67.20 -49.26
N GLY OA 384 -29.17 67.92 -49.60
CA GLY OA 384 -29.19 68.69 -50.82
C GLY OA 384 -28.79 70.13 -50.57
N ILE OA 385 -29.76 71.04 -50.55
CA ILE OA 385 -29.51 72.42 -50.15
C ILE OA 385 -30.12 72.62 -48.77
N THR OA 386 -30.20 71.53 -48.00
CA THR OA 386 -30.84 71.54 -46.69
C THR OA 386 -29.88 72.13 -45.67
N SER OA 387 -30.03 73.43 -45.39
CA SER OA 387 -29.21 74.13 -44.41
C SER OA 387 -29.93 74.10 -43.07
N ALA OA 388 -29.34 73.41 -42.09
CA ALA OA 388 -29.94 73.27 -40.78
C ALA OA 388 -29.58 74.44 -39.88
N ALA OA 389 -30.25 74.50 -38.72
CA ALA OA 389 -29.91 75.46 -37.68
C ALA OA 389 -30.21 74.82 -36.33
N VAL OA 390 -29.27 74.94 -35.39
CA VAL OA 390 -29.35 74.29 -34.10
C VAL OA 390 -29.37 75.35 -33.00
N THR OA 391 -30.38 75.29 -32.16
CA THR OA 391 -30.48 76.12 -30.96
C THR OA 391 -30.23 75.22 -29.76
N PHE OA 392 -29.08 75.38 -29.10
CA PHE OA 392 -28.63 74.35 -28.17
C PHE OA 392 -28.12 74.92 -26.85
N ALA OA 393 -28.75 75.97 -26.33
CA ALA OA 393 -28.33 76.52 -25.05
C ALA OA 393 -29.56 76.92 -24.25
N ILE OA 394 -29.31 77.51 -23.08
CA ILE OA 394 -30.35 78.07 -22.23
C ILE OA 394 -30.85 79.37 -22.85
N ALA OA 395 -32.16 79.57 -22.82
CA ALA OA 395 -32.78 80.66 -23.57
C ALA OA 395 -32.17 82.02 -23.24
N THR OA 396 -31.72 82.22 -21.99
CA THR OA 396 -31.06 83.47 -21.65
C THR OA 396 -29.69 83.57 -22.30
N THR OA 397 -28.96 82.46 -22.35
CA THR OA 397 -27.61 82.44 -22.89
C THR OA 397 -27.53 81.60 -24.16
N ASP OA 398 -28.51 81.76 -25.04
CA ASP OA 398 -28.62 80.94 -26.23
C ASP OA 398 -28.24 81.72 -27.48
N SER OA 399 -27.87 80.97 -28.51
CA SER OA 399 -27.66 81.52 -29.85
C SER OA 399 -27.91 80.38 -30.84
N ASN OA 400 -27.54 80.60 -32.09
CA ASN OA 400 -27.77 79.61 -33.13
C ASN OA 400 -26.53 79.50 -34.01
N ASN OA 401 -26.39 78.34 -34.65
CA ASN OA 401 -25.41 78.15 -35.71
C ASN OA 401 -26.13 77.66 -36.96
N THR OA 402 -25.81 78.26 -38.10
CA THR OA 402 -26.30 77.76 -39.36
C THR OA 402 -25.41 76.60 -39.82
N TRP OA 403 -25.84 75.93 -40.88
CA TRP OA 403 -25.18 74.72 -41.30
C TRP OA 403 -25.01 74.68 -42.81
N VAL OA 404 -23.86 74.17 -43.25
CA VAL OA 404 -23.65 73.91 -44.67
C VAL OA 404 -24.41 72.65 -45.05
N ASP OA 405 -25.12 72.72 -46.18
CA ASP OA 405 -26.09 71.69 -46.53
C ASP OA 405 -25.43 70.32 -46.71
N ASN OA 406 -24.38 70.25 -47.53
CA ASN OA 406 -23.88 68.98 -48.01
C ASN OA 406 -22.85 68.32 -47.09
N LYS OA 407 -22.39 69.00 -46.05
CA LYS OA 407 -21.45 68.37 -45.13
C LYS OA 407 -21.76 68.60 -43.66
N GLY OA 408 -22.78 69.39 -43.33
CA GLY OA 408 -23.09 69.60 -41.93
C GLY OA 408 -22.00 70.34 -41.18
N GLU OA 409 -21.18 71.11 -41.87
CA GLU OA 409 -20.17 71.95 -41.25
C GLU OA 409 -20.63 73.40 -41.28
N LEU OA 410 -20.01 74.24 -40.45
CA LEU OA 410 -20.27 75.67 -40.43
C LEU OA 410 -18.99 76.46 -40.62
N THR OA 411 -19.07 77.48 -41.48
CA THR OA 411 -17.96 78.37 -41.75
C THR OA 411 -17.97 79.63 -40.89
N ASP OA 412 -19.16 80.19 -40.63
CA ASP OA 412 -19.23 81.45 -39.89
C ASP OA 412 -18.64 81.29 -38.49
N ILE OA 413 -18.99 80.20 -37.81
CA ILE OA 413 -18.52 79.94 -36.46
C ILE OA 413 -17.49 78.82 -36.51
N GLN OA 414 -16.32 79.08 -35.96
CA GLN OA 414 -15.27 78.09 -35.80
C GLN OA 414 -15.19 77.67 -34.33
N THR OA 415 -14.24 76.81 -34.02
CA THR OA 415 -13.99 76.39 -32.64
C THR OA 415 -12.51 76.51 -32.34
N PHE OA 416 -12.19 77.17 -31.24
CA PHE OA 416 -10.83 77.18 -30.74
C PHE OA 416 -10.42 75.78 -30.30
N ASP OA 417 -9.13 75.61 -30.02
CA ASP OA 417 -8.62 74.32 -29.55
C ASP OA 417 -9.42 73.79 -28.38
N THR OA 418 -9.85 74.67 -27.47
CA THR OA 418 -10.62 74.27 -26.31
C THR OA 418 -11.96 74.97 -26.19
N SER OA 419 -12.40 75.71 -27.21
CA SER OA 419 -13.56 76.57 -27.05
C SER OA 419 -14.17 76.89 -28.41
N TYR OA 420 -15.34 77.54 -28.38
CA TYR OA 420 -16.11 77.89 -29.57
C TYR OA 420 -15.94 79.37 -29.87
N LYS OA 421 -14.97 79.70 -30.72
CA LYS OA 421 -14.70 81.09 -31.08
C LYS OA 421 -15.06 81.36 -32.53
N ILE OA 422 -15.70 82.51 -32.77
CA ILE OA 422 -16.01 82.92 -34.14
C ILE OA 422 -14.74 83.18 -34.92
N ASN OA 423 -13.70 83.70 -34.27
CA ASN OA 423 -12.46 84.05 -34.95
C ASN OA 423 -11.81 82.81 -35.55
N ALA OA 424 -11.86 82.69 -36.88
CA ALA OA 424 -11.32 81.52 -37.55
C ALA OA 424 -9.81 81.40 -37.42
N ASP OA 425 -9.10 82.52 -37.32
CA ASP OA 425 -7.65 82.53 -37.33
C ASP OA 425 -7.13 83.15 -36.03
N THR OA 426 -6.10 82.54 -35.47
CA THR OA 426 -5.55 82.97 -34.18
C THR OA 426 -4.23 83.70 -34.29
N GLY OA 427 -3.46 83.49 -35.35
CA GLY OA 427 -2.17 84.15 -35.47
C GLY OA 427 -1.20 83.76 -34.37
N GLU OA 428 -1.09 82.45 -34.11
CA GLU OA 428 -0.17 81.97 -33.09
C GLU OA 428 1.26 82.39 -33.41
N VAL OA 429 1.99 82.77 -32.37
CA VAL OA 429 3.34 83.32 -32.52
C VAL OA 429 4.32 82.34 -31.91
N THR OA 430 5.16 81.74 -32.75
CA THR OA 430 6.19 80.81 -32.33
C THR OA 430 7.56 81.33 -32.73
N VAL OA 431 8.57 81.00 -31.93
CA VAL OA 431 9.94 81.43 -32.18
C VAL OA 431 10.78 80.20 -32.48
N VAL OA 432 11.57 80.27 -33.55
CA VAL OA 432 12.49 79.19 -33.90
C VAL OA 432 13.69 79.31 -32.97
N GLY OA 433 13.77 78.44 -31.98
CA GLY OA 433 14.88 78.47 -31.04
C GLY OA 433 16.20 78.28 -31.75
N ASP OA 434 16.96 79.36 -31.86
CA ASP OA 434 18.24 79.29 -32.55
C ASP OA 434 19.18 78.36 -31.80
N ASN OA 435 19.95 77.58 -32.56
CA ASN OA 435 20.86 76.55 -32.08
C ASN OA 435 20.11 75.36 -31.48
N SER OA 436 18.79 75.42 -31.40
CA SER OA 436 17.99 74.29 -30.94
C SER OA 436 17.07 73.73 -32.01
N ALA OA 437 16.71 74.53 -33.02
CA ALA OA 437 15.87 74.09 -34.13
C ALA OA 437 14.53 73.54 -33.64
N THR OA 438 14.02 74.09 -32.54
CA THR OA 438 12.72 73.72 -32.01
C THR OA 438 11.86 74.96 -31.92
N ALA OA 439 10.67 74.90 -32.51
CA ALA OA 439 9.79 76.07 -32.57
C ALA OA 439 9.17 76.27 -31.20
N GLY OA 440 9.94 76.90 -30.32
CA GLY OA 440 9.43 77.23 -29.00
C GLY OA 440 8.25 78.18 -29.09
N GLN OA 441 7.23 77.91 -28.30
CA GLN OA 441 6.03 78.74 -28.29
C GLN OA 441 6.34 80.11 -27.69
N TYR OA 442 5.66 81.13 -28.18
CA TYR OA 442 5.96 82.50 -27.75
C TYR OA 442 4.72 83.27 -27.31
N ALA OA 443 3.56 82.95 -27.88
CA ALA OA 443 2.37 83.78 -27.69
C ALA OA 443 1.93 83.86 -26.23
N SER OA 444 1.47 82.75 -25.66
CA SER OA 444 1.02 82.76 -24.28
C SER OA 444 1.59 81.60 -23.47
N ALA OA 445 1.86 80.47 -24.13
CA ALA OA 445 2.47 79.35 -23.43
C ALA OA 445 3.93 79.63 -23.12
N ASP OA 446 4.61 80.40 -23.98
CA ASP OA 446 5.96 80.92 -23.73
C ASP OA 446 6.95 79.78 -23.46
N GLY OA 447 7.11 78.94 -24.46
CA GLY OA 447 8.07 77.86 -24.39
C GLY OA 447 7.43 76.49 -24.32
N ALA OA 448 6.30 76.33 -24.99
CA ALA OA 448 5.62 75.04 -25.01
C ALA OA 448 6.33 74.01 -25.88
N LYS OA 449 7.35 74.41 -26.65
CA LYS OA 449 8.13 73.50 -27.49
C LYS OA 449 7.21 72.78 -28.49
N VAL OA 450 6.67 73.57 -29.41
CA VAL OA 450 5.66 73.08 -30.34
C VAL OA 450 6.16 71.85 -31.08
N LEU OA 451 5.27 70.85 -31.20
CA LEU OA 451 5.49 69.68 -32.02
C LEU OA 451 4.45 69.64 -33.14
N VAL OA 452 4.81 68.99 -34.24
CA VAL OA 452 3.90 68.82 -35.37
C VAL OA 452 2.92 67.71 -35.04
N GLY OA 453 1.63 68.01 -35.16
CA GLY OA 453 0.59 67.04 -34.86
C GLY OA 453 0.44 65.99 -35.96
N SER OA 454 -0.51 65.08 -35.73
CA SER OA 454 -0.75 64.01 -36.68
C SER OA 454 -1.36 64.51 -37.98
N ASP OA 455 -2.02 65.67 -37.97
CA ASP OA 455 -2.63 66.24 -39.16
C ASP OA 455 -1.76 67.29 -39.83
N GLY OA 456 -0.52 67.46 -39.37
CA GLY OA 456 0.40 68.40 -39.97
C GLY OA 456 0.37 69.80 -39.38
N LYS OA 457 -0.61 70.10 -38.52
CA LYS OA 457 -0.67 71.42 -37.91
C LYS OA 457 0.21 71.48 -36.67
N LEU OA 458 0.47 72.70 -36.22
CA LEU OA 458 1.31 72.94 -35.05
C LEU OA 458 0.50 72.76 -33.78
N THR OA 459 1.11 72.13 -32.79
CA THR OA 459 0.44 71.88 -31.52
C THR OA 459 1.50 71.76 -30.42
N THR OA 460 1.05 71.94 -29.19
CA THR OA 460 1.94 71.91 -28.03
C THR OA 460 2.05 70.52 -27.39
N GLU OA 461 1.22 69.57 -27.80
CA GLU OA 461 1.27 68.23 -27.21
C GLU OA 461 2.47 67.46 -27.74
N THR OA 462 3.00 66.57 -26.90
CA THR OA 462 4.14 65.75 -27.30
C THR OA 462 3.72 64.39 -27.82
N THR OA 463 2.67 63.79 -27.26
CA THR OA 463 2.23 62.45 -27.61
C THR OA 463 0.80 62.50 -28.13
N SER OA 464 0.55 61.79 -29.23
CA SER OA 464 -0.76 61.76 -29.86
C SER OA 464 -1.52 60.51 -29.43
N ALA OA 465 -2.71 60.32 -30.01
CA ALA OA 465 -3.56 59.20 -29.62
C ALA OA 465 -2.92 57.86 -30.00
N GLY OA 466 -2.32 57.78 -31.19
CA GLY OA 466 -1.78 56.52 -31.66
C GLY OA 466 -2.82 55.68 -32.36
N ASP OA 467 -2.68 54.35 -32.31
CA ASP OA 467 -3.64 53.47 -32.97
C ASP OA 467 -3.77 52.19 -32.14
N LYS OA 468 -4.73 52.19 -31.19
CA LYS OA 468 -4.80 51.22 -30.08
C LYS OA 468 -6.06 51.48 -29.26
N THR OA 469 -6.65 50.44 -28.69
CA THR OA 469 -7.83 50.63 -27.84
C THR OA 469 -7.42 51.32 -26.56
N THR OA 470 -7.74 52.62 -26.44
CA THR OA 470 -7.20 53.43 -25.36
C THR OA 470 -7.65 52.92 -23.99
N ASP OA 471 -8.82 52.32 -23.92
CA ASP OA 471 -9.38 51.80 -22.67
C ASP OA 471 -9.78 50.35 -22.88
N PRO OA 472 -8.82 49.42 -22.91
CA PRO OA 472 -9.15 48.03 -23.26
C PRO OA 472 -10.03 47.36 -22.22
N LEU OA 473 -9.59 47.34 -20.97
CA LEU OA 473 -10.32 46.60 -19.95
C LEU OA 473 -11.64 47.28 -19.61
N LYS OA 474 -11.72 48.61 -19.71
CA LYS OA 474 -13.00 49.27 -19.46
C LYS OA 474 -14.03 48.91 -20.53
N THR OA 475 -13.61 48.85 -21.80
CA THR OA 475 -14.53 48.40 -22.84
C THR OA 475 -14.90 46.93 -22.64
N LEU OA 476 -13.94 46.12 -22.20
CA LEU OA 476 -14.26 44.73 -21.88
C LEU OA 476 -15.30 44.64 -20.76
N ASP OA 477 -15.17 45.48 -19.75
CA ASP OA 477 -16.15 45.50 -18.67
C ASP OA 477 -17.51 45.96 -19.16
N ALA OA 478 -17.54 46.92 -20.08
CA ALA OA 478 -18.81 47.34 -20.66
C ALA OA 478 -19.47 46.20 -21.42
N ALA OA 479 -18.68 45.46 -22.21
CA ALA OA 479 -19.22 44.28 -22.89
C ALA OA 479 -19.70 43.24 -21.90
N PHE OA 480 -18.95 43.05 -20.81
CA PHE OA 480 -19.36 42.13 -19.76
C PHE OA 480 -20.70 42.53 -19.16
N THR OA 481 -20.86 43.83 -18.88
CA THR OA 481 -22.11 44.30 -18.30
C THR OA 481 -23.27 44.09 -19.26
N LYS OA 482 -23.07 44.38 -20.55
CA LYS OA 482 -24.14 44.16 -21.52
C LYS OA 482 -24.53 42.70 -21.59
N LEU OA 483 -23.53 41.82 -21.69
CA LEU OA 483 -23.82 40.39 -21.79
C LEU OA 483 -24.49 39.87 -20.53
N ASP OA 484 -24.01 40.32 -19.37
CA ASP OA 484 -24.61 39.88 -18.11
C ASP OA 484 -26.05 40.38 -17.99
N LYS OA 485 -26.32 41.60 -18.44
CA LYS OA 485 -27.68 42.10 -18.42
C LYS OA 485 -28.60 41.23 -19.27
N LEU OA 486 -28.15 40.92 -20.49
CA LEU OA 486 -29.00 40.09 -21.35
C LEU OA 486 -29.15 38.68 -20.78
N THR OA 487 -28.09 38.11 -20.23
CA THR OA 487 -28.17 36.77 -19.66
C THR OA 487 -29.13 36.73 -18.47
N GLY OA 488 -29.04 37.73 -17.59
CA GLY OA 488 -29.96 37.80 -16.46
C GLY OA 488 -31.40 37.99 -16.91
N GLU OA 489 -31.61 38.82 -17.93
CA GLU OA 489 -32.96 38.99 -18.46
C GLU OA 489 -33.49 37.66 -18.99
N LEU OA 490 -32.67 36.92 -19.73
CA LEU OA 490 -33.11 35.64 -20.27
C LEU OA 490 -33.39 34.63 -19.17
N GLY OA 491 -32.56 34.63 -18.12
CA GLY OA 491 -32.80 33.73 -17.01
C GLY OA 491 -34.08 34.04 -16.27
N ALA OA 492 -34.36 35.33 -16.05
CA ALA OA 492 -35.60 35.73 -15.42
C ALA OA 492 -36.80 35.33 -16.27
N VAL OA 493 -36.71 35.53 -17.58
CA VAL OA 493 -37.79 35.13 -18.47
C VAL OA 493 -37.99 33.62 -18.43
N GLN OA 494 -36.90 32.86 -18.39
CA GLN OA 494 -37.03 31.41 -18.36
C GLN OA 494 -37.67 30.94 -17.05
N ASN OA 495 -37.31 31.57 -15.92
CA ASN OA 495 -37.96 31.25 -14.66
C ASN OA 495 -39.45 31.57 -14.71
N ARG OA 496 -39.80 32.73 -15.27
CA ARG OA 496 -41.21 33.10 -15.38
C ARG OA 496 -41.95 32.13 -16.28
N LEU OA 497 -41.30 31.65 -17.35
CA LEU OA 497 -41.93 30.66 -18.22
C LEU OA 497 -42.14 29.33 -17.49
N GLU OA 498 -41.19 28.93 -16.65
CA GLU OA 498 -41.40 27.73 -15.84
C GLU OA 498 -42.59 27.91 -14.91
N SER OA 499 -42.70 29.08 -14.29
CA SER OA 499 -43.84 29.35 -13.41
C SER OA 499 -45.15 29.34 -14.20
N THR OA 500 -45.14 29.88 -15.41
CA THR OA 500 -46.32 29.81 -16.26
C THR OA 500 -46.66 28.37 -16.61
N ILE OA 501 -45.66 27.54 -16.87
CA ILE OA 501 -45.91 26.13 -17.12
C ILE OA 501 -46.65 25.50 -15.94
N ALA OA 502 -46.14 25.75 -14.73
CA ALA OA 502 -46.78 25.18 -13.55
C ALA OA 502 -48.21 25.70 -13.39
N ASN OA 503 -48.40 27.02 -13.55
CA ASN OA 503 -49.72 27.61 -13.35
C ASN OA 503 -50.71 27.11 -14.39
N LEU OA 504 -50.30 27.05 -15.66
CA LEU OA 504 -51.18 26.55 -16.71
C LEU OA 504 -51.50 25.08 -16.52
N ASN OA 505 -50.53 24.27 -16.10
CA ASN OA 505 -50.84 22.87 -15.85
C ASN OA 505 -51.86 22.73 -14.73
N ASN OA 506 -51.71 23.51 -13.66
CA ASN OA 506 -52.68 23.46 -12.57
C ASN OA 506 -54.06 23.89 -13.04
N VAL OA 507 -54.11 24.97 -13.84
CA VAL OA 507 -55.40 25.46 -14.32
C VAL OA 507 -56.05 24.44 -15.26
N VAL OA 508 -55.25 23.76 -16.08
CA VAL OA 508 -55.80 22.71 -16.93
C VAL OA 508 -56.39 21.59 -16.08
N ASN OA 509 -55.67 21.18 -15.02
CA ASN OA 509 -56.20 20.13 -14.16
C ASN OA 509 -57.54 20.55 -13.54
N ASN OA 510 -57.61 21.77 -13.02
CA ASN OA 510 -58.85 22.21 -12.38
C ASN OA 510 -59.98 22.37 -13.38
N LEU OA 511 -59.69 22.88 -14.57
CA LEU OA 511 -60.74 23.03 -15.57
C LEU OA 511 -61.20 21.68 -16.11
N SER OA 512 -60.30 20.71 -16.23
CA SER OA 512 -60.72 19.36 -16.59
C SER OA 512 -61.60 18.78 -15.50
N SER OA 513 -61.29 19.06 -14.23
CA SER OA 513 -62.18 18.64 -13.15
C SER OA 513 -63.55 19.29 -13.29
N ALA OA 514 -63.59 20.59 -13.59
CA ALA OA 514 -64.88 21.27 -13.74
C ALA OA 514 -65.66 20.67 -14.89
N ARG OA 515 -64.99 20.37 -16.00
CA ARG OA 515 -65.65 19.69 -17.11
C ARG OA 515 -66.15 18.33 -16.70
N SER OA 516 -65.42 17.64 -15.82
CA SER OA 516 -65.87 16.34 -15.33
C SER OA 516 -67.14 16.47 -14.51
N ARG OA 517 -67.18 17.45 -13.61
CA ARG OA 517 -68.39 17.68 -12.83
C ARG OA 517 -69.58 18.03 -13.73
N ILE OA 518 -69.35 18.87 -14.74
CA ILE OA 518 -70.48 19.37 -15.50
C ILE OA 518 -70.95 18.36 -16.55
N GLN OA 519 -70.03 17.61 -17.15
CA GLN OA 519 -70.29 16.87 -18.37
C GLN OA 519 -70.29 15.35 -18.20
N ASP OA 520 -69.35 14.80 -17.45
CA ASP OA 520 -69.19 13.36 -17.41
C ASP OA 520 -70.33 12.69 -16.64
N ALA OA 521 -70.42 11.37 -16.80
CA ALA OA 521 -71.47 10.57 -16.20
C ALA OA 521 -70.87 9.65 -15.14
N ASP OA 522 -71.41 9.72 -13.92
CA ASP OA 522 -70.96 8.87 -12.81
C ASP OA 522 -71.67 7.53 -12.94
N TYR OA 523 -70.91 6.51 -13.35
CA TYR OA 523 -71.49 5.25 -13.81
C TYR OA 523 -72.36 4.57 -12.78
N ALA OA 524 -72.21 4.88 -11.49
CA ALA OA 524 -73.11 4.31 -10.50
C ALA OA 524 -74.56 4.66 -10.82
N THR OA 525 -74.84 5.95 -11.03
CA THR OA 525 -76.21 6.38 -11.28
C THR OA 525 -76.75 5.81 -12.58
N GLU OA 526 -75.95 5.85 -13.65
CA GLU OA 526 -76.45 5.36 -14.94
C GLU OA 526 -76.62 3.85 -14.94
N VAL OA 527 -75.74 3.11 -14.26
CA VAL OA 527 -75.92 1.67 -14.16
C VAL OA 527 -77.19 1.34 -13.38
N SER OA 528 -77.41 2.04 -12.25
CA SER OA 528 -78.62 1.80 -11.49
C SER OA 528 -79.87 2.14 -12.31
N ASN OA 529 -79.83 3.25 -13.02
CA ASN OA 529 -80.98 3.64 -13.85
C ASN OA 529 -81.20 2.65 -14.99
N MET OA 530 -80.12 2.13 -15.56
CA MET OA 530 -80.24 1.10 -16.59
C MET OA 530 -80.91 -0.15 -16.04
N SER OA 531 -80.49 -0.59 -14.85
CA SER OA 531 -81.09 -1.79 -14.26
C SER OA 531 -82.57 -1.57 -13.98
N LYS OA 532 -82.90 -0.40 -13.41
CA LYS OA 532 -84.30 -0.07 -13.17
C LYS OA 532 -85.09 -0.05 -14.47
N ALA OA 533 -84.51 0.52 -15.53
CA ALA OA 533 -85.18 0.59 -16.81
C ALA OA 533 -85.40 -0.79 -17.40
N GLN OA 534 -84.43 -1.69 -17.26
CA GLN OA 534 -84.60 -3.05 -17.78
C GLN OA 534 -85.70 -3.79 -17.04
N ILE OA 535 -85.71 -3.68 -15.70
CA ILE OA 535 -86.77 -4.34 -14.95
C ILE OA 535 -88.13 -3.75 -15.32
N LEU OA 536 -88.19 -2.43 -15.50
CA LEU OA 536 -89.42 -1.79 -15.94
C LEU OA 536 -89.83 -2.27 -17.32
N GLN OA 537 -88.86 -2.49 -18.20
CA GLN OA 537 -89.14 -2.97 -19.55
C GLN OA 537 -89.78 -4.34 -19.51
N GLN OA 538 -89.18 -5.26 -18.75
CA GLN OA 538 -89.73 -6.61 -18.66
C GLN OA 538 -91.11 -6.60 -18.02
N ALA OA 539 -91.27 -5.81 -16.94
CA ALA OA 539 -92.57 -5.73 -16.29
C ALA OA 539 -93.62 -5.15 -17.21
N GLY OA 540 -93.26 -4.11 -17.97
CA GLY OA 540 -94.20 -3.52 -18.90
C GLY OA 540 -94.60 -4.46 -20.01
N THR OA 541 -93.64 -5.22 -20.53
CA THR OA 541 -93.96 -6.21 -21.56
C THR OA 541 -94.91 -7.26 -21.01
N SER OA 542 -94.66 -7.75 -19.79
CA SER OA 542 -95.53 -8.75 -19.20
C SER OA 542 -96.93 -8.20 -18.96
N VAL OA 543 -97.01 -6.98 -18.42
CA VAL OA 543 -98.31 -6.39 -18.11
C VAL OA 543 -99.09 -6.13 -19.39
N LEU OA 544 -98.40 -5.67 -20.44
CA LEU OA 544 -99.04 -5.51 -21.73
C LEU OA 544 -99.53 -6.86 -22.24
N ALA OA 545 -98.75 -7.92 -22.00
CA ALA OA 545 -99.20 -9.26 -22.39
C ALA OA 545 -100.53 -9.60 -21.72
N GLN OA 546 -100.61 -9.45 -20.40
CA GLN OA 546 -101.86 -9.77 -19.70
C GLN OA 546 -103.01 -8.88 -20.18
N ALA OA 547 -102.74 -7.60 -20.39
CA ALA OA 547 -103.77 -6.71 -20.92
C ALA OA 547 -104.26 -7.18 -22.28
N ASN OA 548 -103.38 -7.78 -23.08
CA ASN OA 548 -103.80 -8.28 -24.38
C ASN OA 548 -104.79 -9.43 -24.27
N GLN OA 549 -104.63 -10.31 -23.27
CA GLN OA 549 -105.61 -11.38 -23.10
C GLN OA 549 -106.74 -11.01 -22.16
N VAL OA 550 -106.75 -9.79 -21.63
CA VAL OA 550 -107.91 -9.31 -20.88
C VAL OA 550 -109.21 -9.52 -21.66
N PRO OA 551 -109.31 -9.15 -22.95
CA PRO OA 551 -110.58 -9.36 -23.66
C PRO OA 551 -110.87 -10.82 -24.01
N GLN OA 552 -109.93 -11.75 -23.82
CA GLN OA 552 -110.23 -13.15 -24.08
C GLN OA 552 -111.37 -13.66 -23.21
N THR OA 553 -111.55 -13.10 -22.02
CA THR OA 553 -112.65 -13.51 -21.15
C THR OA 553 -114.00 -13.30 -21.82
N VAL OA 554 -114.07 -12.40 -22.80
CA VAL OA 554 -115.27 -12.26 -23.60
C VAL OA 554 -115.57 -13.57 -24.32
N LEU OA 555 -114.54 -14.22 -24.83
CA LEU OA 555 -114.73 -15.50 -25.51
C LEU OA 555 -114.83 -16.64 -24.52
N SER OA 556 -115.69 -16.47 -23.52
CA SER OA 556 -116.19 -17.55 -22.69
C SER OA 556 -117.71 -17.62 -22.76
N LEU OA 557 -118.36 -16.47 -22.73
CA LEU OA 557 -119.78 -16.35 -23.04
C LEU OA 557 -119.95 -16.10 -24.53
N LEU OA 558 -120.92 -16.77 -25.14
CA LEU OA 558 -121.17 -16.64 -26.56
C LEU OA 558 -122.65 -16.79 -26.88
N ALA PA 2 -84.33 -21.85 -46.80
CA ALA PA 2 -85.63 -22.43 -46.50
C ALA PA 2 -85.68 -22.90 -45.05
N ALA PA 3 -86.68 -23.71 -44.72
CA ALA PA 3 -86.84 -24.24 -43.37
C ALA PA 3 -86.38 -25.69 -43.32
N VAL PA 4 -85.32 -25.98 -44.08
CA VAL PA 4 -84.80 -27.34 -44.16
C VAL PA 4 -84.00 -27.65 -42.90
N ILE PA 5 -83.98 -28.93 -42.53
CA ILE PA 5 -83.19 -29.38 -41.39
C ILE PA 5 -82.20 -30.47 -41.75
N ASN PA 6 -82.40 -31.20 -42.85
CA ASN PA 6 -81.52 -32.31 -43.18
C ASN PA 6 -80.09 -31.83 -43.43
N THR PA 7 -79.94 -30.71 -44.14
CA THR PA 7 -78.64 -30.10 -44.34
C THR PA 7 -78.67 -28.69 -43.77
N ASN PA 8 -77.61 -28.31 -43.08
CA ASN PA 8 -77.49 -26.98 -42.50
C ASN PA 8 -76.23 -26.35 -43.10
N TYR PA 9 -76.43 -25.57 -44.16
CA TYR PA 9 -75.30 -25.01 -44.89
C TYR PA 9 -74.47 -24.09 -44.00
N LEU PA 10 -75.14 -23.35 -43.10
CA LEU PA 10 -74.41 -22.47 -42.20
C LEU PA 10 -73.48 -23.25 -41.29
N SER PA 11 -73.93 -24.40 -40.80
CA SER PA 11 -73.08 -25.23 -39.96
C SER PA 11 -71.85 -25.70 -40.74
N LEU PA 12 -72.04 -26.09 -42.01
CA LEU PA 12 -70.91 -26.53 -42.82
C LEU PA 12 -69.91 -25.39 -43.04
N VAL PA 13 -70.40 -24.19 -43.33
CA VAL PA 13 -69.51 -23.05 -43.52
C VAL PA 13 -68.75 -22.76 -42.24
N ALA PA 14 -69.44 -22.80 -41.11
CA ALA PA 14 -68.79 -22.58 -39.83
C ALA PA 14 -67.72 -23.63 -39.56
N GLN PA 15 -68.01 -24.89 -39.91
CA GLN PA 15 -67.02 -25.94 -39.72
C GLN PA 15 -65.79 -25.71 -40.59
N ASN PA 16 -66.00 -25.28 -41.84
CA ASN PA 16 -64.86 -25.01 -42.72
C ASN PA 16 -63.99 -23.89 -42.17
N ASN PA 17 -64.62 -22.79 -41.76
CA ASN PA 17 -63.84 -21.67 -41.22
C ASN PA 17 -63.15 -22.06 -39.92
N LEU PA 18 -63.81 -22.88 -39.10
CA LEU PA 18 -63.19 -23.37 -37.88
C LEU PA 18 -61.97 -24.21 -38.20
N ASN PA 19 -62.06 -25.08 -39.21
CA ASN PA 19 -60.93 -25.91 -39.58
C ASN PA 19 -59.77 -25.06 -40.08
N LYS PA 20 -60.06 -24.05 -40.91
CA LYS PA 20 -58.99 -23.18 -41.40
C LYS PA 20 -58.31 -22.42 -40.26
N SER PA 21 -59.11 -21.87 -39.34
CA SER PA 21 -58.55 -21.18 -38.19
C SER PA 21 -57.74 -22.13 -37.31
N GLN PA 22 -58.21 -23.36 -37.15
CA GLN PA 22 -57.48 -24.34 -36.36
C GLN PA 22 -56.15 -24.70 -37.00
N SER PA 23 -56.13 -24.81 -38.33
CA SER PA 23 -54.87 -25.08 -39.02
C SER PA 23 -53.89 -23.93 -38.82
N SER PA 24 -54.39 -22.69 -38.93
CA SER PA 24 -53.52 -21.54 -38.68
C SER PA 24 -52.99 -21.55 -37.25
N LEU PA 25 -53.86 -21.85 -36.29
CA LEU PA 25 -53.43 -21.93 -34.90
C LEU PA 25 -52.38 -23.01 -34.71
N GLY PA 26 -52.57 -24.17 -35.33
CA GLY PA 26 -51.60 -25.23 -35.21
C GLY PA 26 -50.25 -24.86 -35.78
N THR PA 27 -50.24 -24.19 -36.94
CA THR PA 27 -48.98 -23.72 -37.49
C THR PA 27 -48.31 -22.72 -36.56
N ALA PA 28 -49.08 -21.80 -35.99
CA ALA PA 28 -48.51 -20.83 -35.07
C ALA PA 28 -47.92 -21.51 -33.84
N ILE PA 29 -48.64 -22.49 -33.27
CA ILE PA 29 -48.16 -23.19 -32.10
C ILE PA 29 -46.89 -23.95 -32.41
N GLU PA 30 -46.84 -24.62 -33.56
CA GLU PA 30 -45.64 -25.35 -33.94
C GLU PA 30 -44.45 -24.41 -34.11
N ARG PA 31 -44.67 -23.27 -34.76
CA ARG PA 31 -43.58 -22.31 -34.95
C ARG PA 31 -43.09 -21.76 -33.62
N LEU PA 32 -44.01 -21.49 -32.69
CA LEU PA 32 -43.60 -21.01 -31.38
C LEU PA 32 -42.82 -22.07 -30.62
N SER PA 33 -43.32 -23.30 -30.58
CA SER PA 33 -42.69 -24.34 -29.79
C SER PA 33 -41.31 -24.68 -30.33
N SER PA 34 -41.20 -24.86 -31.64
CA SER PA 34 -39.89 -25.16 -32.22
C SER PA 34 -38.97 -23.95 -32.17
N GLY PA 35 -39.52 -22.76 -32.35
CA GLY PA 35 -38.71 -21.57 -32.50
C GLY PA 35 -38.17 -21.37 -33.90
N LEU PA 36 -38.44 -22.28 -34.82
CA LEU PA 36 -37.97 -22.20 -36.19
C LEU PA 36 -39.16 -21.94 -37.11
N ARG PA 37 -39.10 -20.84 -37.87
CA ARG PA 37 -40.17 -20.56 -38.82
C ARG PA 37 -40.23 -21.63 -39.91
N ILE PA 38 -39.07 -22.06 -40.40
CA ILE PA 38 -39.00 -23.10 -41.42
C ILE PA 38 -38.74 -24.41 -40.69
N ASN PA 39 -39.83 -25.08 -40.32
CA ASN PA 39 -39.80 -26.47 -39.89
C ASN PA 39 -40.92 -27.19 -40.63
N SER PA 40 -40.77 -28.51 -40.76
CA SER PA 40 -41.71 -29.30 -41.55
C SER PA 40 -41.78 -28.72 -42.97
N ALA PA 41 -40.69 -28.94 -43.69
CA ALA PA 41 -40.27 -28.15 -44.86
C ALA PA 41 -41.39 -27.76 -45.82
N LYS PA 42 -42.53 -28.45 -45.78
CA LYS PA 42 -43.66 -28.17 -46.65
C LYS PA 42 -43.93 -26.68 -46.81
N ASP PA 43 -43.61 -25.87 -45.80
CA ASP PA 43 -43.63 -24.42 -45.94
C ASP PA 43 -42.22 -23.92 -46.22
N ASP PA 44 -42.09 -23.14 -47.30
CA ASP PA 44 -40.81 -22.55 -47.70
C ASP PA 44 -39.75 -23.64 -47.92
N ALA PA 45 -39.99 -24.48 -48.92
CA ALA PA 45 -39.05 -25.54 -49.26
C ALA PA 45 -37.70 -24.96 -49.67
N ALA PA 46 -37.71 -23.90 -50.47
CA ALA PA 46 -36.46 -23.23 -50.81
C ALA PA 46 -35.78 -22.68 -49.56
N GLY PA 47 -36.58 -22.10 -48.65
CA GLY PA 47 -36.03 -21.68 -47.38
C GLY PA 47 -35.43 -22.83 -46.61
N MET PA 48 -36.06 -24.01 -46.67
CA MET PA 48 -35.51 -25.17 -46.01
C MET PA 48 -34.15 -25.54 -46.60
N ALA PA 49 -34.05 -25.55 -47.93
CA ALA PA 49 -32.76 -25.86 -48.56
C ALA PA 49 -31.70 -24.83 -48.18
N ILE PA 50 -32.09 -23.56 -48.14
CA ILE PA 50 -31.16 -22.50 -47.76
C ILE PA 50 -30.66 -22.72 -46.33
N ALA PA 51 -31.59 -23.02 -45.42
CA ALA PA 51 -31.20 -23.25 -44.03
C ALA PA 51 -30.32 -24.48 -43.90
N ASN PA 52 -30.62 -25.53 -44.66
CA ASN PA 52 -29.79 -26.73 -44.65
C ASN PA 52 -28.37 -26.41 -45.10
N ARG PA 53 -28.23 -25.69 -46.21
CA ARG PA 53 -26.90 -25.33 -46.69
C ARG PA 53 -26.17 -24.46 -45.69
N PHE PA 54 -26.88 -23.51 -45.08
CA PHE PA 54 -26.25 -22.65 -44.09
C PHE PA 54 -25.80 -23.42 -42.86
N THR PA 55 -26.62 -24.37 -42.40
CA THR PA 55 -26.24 -25.18 -41.25
C THR PA 55 -25.00 -26.00 -41.57
N ALA PA 56 -24.99 -26.64 -42.74
CA ALA PA 56 -23.83 -27.43 -43.13
C ALA PA 56 -22.58 -26.56 -43.18
N ASN PA 57 -22.69 -25.39 -43.79
CA ASN PA 57 -21.54 -24.49 -43.87
C ASN PA 57 -21.08 -24.03 -42.50
N VAL PA 58 -22.02 -23.74 -41.60
CA VAL PA 58 -21.67 -23.24 -40.28
C VAL PA 58 -20.95 -24.31 -39.47
N ARG PA 59 -21.47 -25.53 -39.49
CA ARG PA 59 -20.79 -26.61 -38.77
C ARG PA 59 -19.42 -26.89 -39.37
N GLY PA 60 -19.33 -26.90 -40.70
CA GLY PA 60 -18.04 -27.10 -41.33
C GLY PA 60 -17.04 -26.03 -40.96
N LEU PA 61 -17.47 -24.77 -40.90
CA LEU PA 61 -16.55 -23.69 -40.58
C LEU PA 61 -16.17 -23.67 -39.10
N THR PA 62 -17.09 -24.04 -38.20
CA THR PA 62 -16.71 -24.17 -36.81
C THR PA 62 -15.67 -25.27 -36.62
N GLN PA 63 -15.89 -26.42 -37.26
CA GLN PA 63 -14.89 -27.48 -37.20
C GLN PA 63 -13.59 -27.04 -37.85
N ALA PA 64 -13.67 -26.20 -38.88
CA ALA PA 64 -12.47 -25.66 -39.51
C ALA PA 64 -11.71 -24.76 -38.56
N ALA PA 65 -12.41 -23.94 -37.79
CA ALA PA 65 -11.77 -23.12 -36.78
C ALA PA 65 -11.07 -23.99 -35.75
N ARG PA 66 -11.73 -25.08 -35.35
CA ARG PA 66 -11.08 -26.03 -34.44
C ARG PA 66 -9.81 -26.60 -35.06
N ASN PA 67 -9.87 -26.98 -36.34
CA ASN PA 67 -8.69 -27.53 -37.00
C ASN PA 67 -7.56 -26.52 -37.07
N ALA PA 68 -7.88 -25.27 -37.38
CA ALA PA 68 -6.85 -24.24 -37.45
C ALA PA 68 -6.27 -23.96 -36.07
N ASN PA 69 -7.07 -24.03 -35.02
CA ASN PA 69 -6.54 -23.90 -33.68
C ASN PA 69 -5.57 -25.03 -33.36
N ASP PA 70 -5.91 -26.26 -33.79
CA ASP PA 70 -4.99 -27.37 -33.62
C ASP PA 70 -3.69 -27.14 -34.37
N GLY PA 71 -3.78 -26.59 -35.58
CA GLY PA 71 -2.58 -26.25 -36.32
C GLY PA 71 -1.74 -25.20 -35.61
N ILE PA 72 -2.41 -24.20 -35.01
CA ILE PA 72 -1.69 -23.18 -34.25
C ILE PA 72 -0.95 -23.83 -33.08
N SER PA 73 -1.60 -24.73 -32.36
CA SER PA 73 -0.94 -25.39 -31.24
C SER PA 73 0.24 -26.23 -31.70
N LEU PA 74 0.09 -26.93 -32.83
CA LEU PA 74 1.20 -27.69 -33.38
C LEU PA 74 2.37 -26.78 -33.72
N ALA PA 75 2.09 -25.64 -34.35
CA ALA PA 75 3.13 -24.68 -34.67
C ALA PA 75 3.79 -24.16 -33.41
N GLN PA 76 3.00 -23.97 -32.34
CA GLN PA 76 3.56 -23.50 -31.08
C GLN PA 76 4.55 -24.50 -30.50
N THR PA 77 4.17 -25.79 -30.46
CA THR PA 77 5.07 -26.80 -29.93
C THR PA 77 6.35 -26.88 -30.77
N THR PA 78 6.20 -26.90 -32.09
CA THR PA 78 7.36 -26.99 -32.96
C THR PA 78 8.27 -25.77 -32.80
N GLU PA 79 7.67 -24.58 -32.68
CA GLU PA 79 8.45 -23.37 -32.48
C GLU PA 79 9.18 -23.37 -31.15
N GLY PA 80 8.54 -23.87 -30.10
CA GLY PA 80 9.24 -23.97 -28.82
C GLY PA 80 10.43 -24.89 -28.89
N ALA PA 81 10.25 -26.06 -29.51
CA ALA PA 81 11.40 -26.97 -29.68
C ALA PA 81 12.49 -26.30 -30.51
N ALA PA 82 12.11 -25.59 -31.57
CA ALA PA 82 13.08 -24.91 -32.41
C ALA PA 82 13.85 -23.85 -31.61
N SER PA 83 13.15 -23.13 -30.74
CA SER PA 83 13.81 -22.11 -29.92
C SER PA 83 14.80 -22.76 -28.96
N GLU PA 84 14.45 -23.90 -28.39
CA GLU PA 84 15.41 -24.57 -27.51
C GLU PA 84 16.64 -25.04 -28.29
N VAL PA 85 16.43 -25.55 -29.51
CA VAL PA 85 17.56 -25.89 -30.36
C VAL PA 85 18.37 -24.66 -30.69
N ASN PA 86 17.71 -23.52 -30.84
CA ASN PA 86 18.40 -22.26 -31.08
C ASN PA 86 19.32 -21.91 -29.92
N THR PA 87 18.84 -22.08 -28.69
CA THR PA 87 19.68 -21.84 -27.52
C THR PA 87 20.86 -22.81 -27.50
N HIS PA 88 20.61 -24.06 -27.89
CA HIS PA 88 21.72 -25.03 -27.98
C HIS PA 88 22.76 -24.59 -28.99
N LEU PA 89 22.32 -24.09 -30.14
CA LEU PA 89 23.26 -23.60 -31.15
C LEU PA 89 24.04 -22.41 -30.64
N GLN PA 90 23.37 -21.52 -29.90
CA GLN PA 90 24.06 -20.38 -29.30
C GLN PA 90 25.15 -20.83 -28.33
N ARG PA 91 24.83 -21.80 -27.47
CA ARG PA 91 25.83 -22.30 -26.54
C ARG PA 91 26.98 -22.98 -27.27
N ILE PA 92 26.67 -23.75 -28.33
CA ILE PA 92 27.71 -24.41 -29.10
C ILE PA 92 28.64 -23.38 -29.74
N ARG PA 93 28.07 -22.31 -30.30
CA ARG PA 93 28.90 -21.26 -30.89
C ARG PA 93 29.75 -20.57 -29.84
N GLU PA 94 29.21 -20.39 -28.64
CA GLU PA 94 29.99 -19.82 -27.54
C GLU PA 94 31.20 -20.69 -27.23
N LEU PA 95 30.98 -22.00 -27.09
CA LEU PA 95 32.09 -22.92 -26.85
C LEU PA 95 33.07 -22.93 -28.01
N THR PA 96 32.57 -22.84 -29.25
CA THR PA 96 33.44 -22.85 -30.41
C THR PA 96 34.36 -21.63 -30.42
N VAL PA 97 33.81 -20.47 -30.08
CA VAL PA 97 34.63 -19.27 -29.98
C VAL PA 97 35.65 -19.42 -28.87
N GLN PA 98 35.23 -19.97 -27.73
CA GLN PA 98 36.15 -20.13 -26.61
C GLN PA 98 37.30 -21.08 -26.96
N ALA PA 99 36.99 -22.19 -27.62
CA ALA PA 99 37.99 -23.20 -27.93
C ALA PA 99 38.77 -22.90 -29.20
N SER PA 100 38.34 -21.94 -30.00
CA SER PA 100 39.13 -21.55 -31.16
C SER PA 100 40.45 -20.90 -30.76
N ASN PA 101 40.58 -20.49 -29.50
CA ASN PA 101 41.83 -19.96 -29.00
C ASN PA 101 42.90 -21.04 -28.99
N GLY PA 102 44.15 -20.60 -29.11
CA GLY PA 102 45.28 -21.52 -29.05
C GLY PA 102 45.88 -21.74 -27.68
N SER PA 103 45.51 -20.90 -26.71
CA SER PA 103 46.11 -21.03 -25.37
C SER PA 103 45.64 -22.29 -24.66
N TYR PA 104 44.44 -22.77 -24.99
CA TYR PA 104 43.92 -23.95 -24.34
C TYR PA 104 44.67 -25.20 -24.81
N SER PA 105 45.08 -26.04 -23.86
CA SER PA 105 45.76 -27.27 -24.19
C SER PA 105 44.74 -28.32 -24.65
N GLN PA 106 45.24 -29.53 -24.95
CA GLN PA 106 44.40 -30.53 -25.58
C GLN PA 106 43.31 -31.03 -24.63
N GLU PA 107 43.61 -31.12 -23.33
CA GLU PA 107 42.64 -31.69 -22.39
C GLU PA 107 41.42 -30.79 -22.22
N GLN PA 108 41.63 -29.48 -22.10
CA GLN PA 108 40.50 -28.57 -22.01
C GLN PA 108 39.70 -28.57 -23.30
N LEU PA 109 40.37 -28.70 -24.45
CA LEU PA 109 39.65 -28.83 -25.71
C LEU PA 109 38.82 -30.10 -25.72
N ASP PA 110 39.33 -31.18 -25.11
CA ASP PA 110 38.55 -32.41 -25.02
C ASP PA 110 37.32 -32.22 -24.14
N SER PA 111 37.46 -31.47 -23.04
CA SER PA 111 36.30 -31.17 -22.22
C SER PA 111 35.27 -30.34 -22.99
N VAL PA 112 35.75 -29.35 -23.74
CA VAL PA 112 34.85 -28.55 -24.57
C VAL PA 112 34.14 -29.43 -25.59
N GLN PA 113 34.88 -30.35 -26.21
CA GLN PA 113 34.27 -31.23 -27.19
C GLN PA 113 33.24 -32.15 -26.56
N GLY PA 114 33.50 -32.59 -25.33
CA GLY PA 114 32.50 -33.37 -24.62
C GLY PA 114 31.23 -32.58 -24.35
N GLU PA 115 31.39 -31.31 -23.96
CA GLU PA 115 30.22 -30.46 -23.76
C GLU PA 115 29.45 -30.26 -25.06
N ILE PA 116 30.18 -30.05 -26.16
CA ILE PA 116 29.54 -29.86 -27.46
C ILE PA 116 28.82 -31.14 -27.88
N ASN PA 117 29.42 -32.30 -27.60
CA ASN PA 117 28.76 -33.56 -27.91
C ASN PA 117 27.49 -33.73 -27.09
N GLN PA 118 27.52 -33.32 -25.83
CA GLN PA 118 26.31 -33.37 -25.02
C GLN PA 118 25.23 -32.48 -25.62
N ARG PA 119 25.61 -31.28 -26.06
CA ARG PA 119 24.65 -30.37 -26.68
C ARG PA 119 24.08 -30.95 -27.96
N LEU PA 120 24.93 -31.56 -28.79
CA LEU PA 120 24.47 -32.17 -30.03
C LEU PA 120 23.53 -33.33 -29.76
N ALA PA 121 23.86 -34.14 -28.75
CA ALA PA 121 22.97 -35.23 -28.36
C ALA PA 121 21.62 -34.70 -27.92
N ASP PA 122 21.61 -33.58 -27.19
CA ASP PA 122 20.34 -32.98 -26.80
C ASP PA 122 19.57 -32.48 -28.03
N ILE PA 123 20.26 -31.89 -29.00
CA ILE PA 123 19.59 -31.42 -30.21
C ILE PA 123 18.93 -32.60 -30.92
N ASP PA 124 19.68 -33.69 -31.06
CA ASP PA 124 19.13 -34.87 -31.72
C ASP PA 124 17.96 -35.45 -30.93
N ARG PA 125 18.06 -35.43 -29.60
CA ARG PA 125 16.97 -35.90 -28.76
C ARG PA 125 15.72 -35.05 -28.97
N ILE PA 126 15.88 -33.72 -28.99
CA ILE PA 126 14.76 -32.83 -29.23
C ILE PA 126 14.12 -33.15 -30.57
N SER PA 127 14.95 -33.41 -31.58
CA SER PA 127 14.43 -33.76 -32.89
C SER PA 127 13.60 -35.04 -32.83
N GLU PA 128 14.15 -36.08 -32.22
CA GLU PA 128 13.46 -37.37 -32.23
C GLU PA 128 12.27 -37.44 -31.28
N GLN PA 129 12.16 -36.52 -30.33
CA GLN PA 129 11.15 -36.65 -29.28
C GLN PA 129 10.16 -35.51 -29.19
N THR PA 130 10.33 -34.45 -29.96
CA THR PA 130 9.31 -33.40 -29.99
C THR PA 130 8.05 -33.96 -30.62
N ASP PA 131 7.06 -34.28 -29.80
CA ASP PA 131 5.89 -35.01 -30.23
C ASP PA 131 4.64 -34.18 -30.04
N PHE PA 132 3.68 -34.38 -30.94
CA PHE PA 132 2.40 -33.67 -30.89
C PHE PA 132 1.35 -34.60 -31.47
N ASN PA 133 0.52 -35.19 -30.60
CA ASN PA 133 -0.52 -36.12 -31.03
C ASN PA 133 0.06 -37.28 -31.84
N GLY PA 134 1.15 -37.85 -31.33
CA GLY PA 134 1.79 -38.96 -32.02
C GLY PA 134 2.49 -38.58 -33.30
N VAL PA 135 2.77 -37.29 -33.51
CA VAL PA 135 3.46 -36.81 -34.69
C VAL PA 135 4.78 -36.19 -34.24
N LYS PA 136 5.89 -36.74 -34.72
CA LYS PA 136 7.22 -36.22 -34.40
C LYS PA 136 7.45 -35.01 -35.31
N VAL PA 137 6.93 -33.87 -34.86
CA VAL PA 137 6.82 -32.70 -35.74
C VAL PA 137 8.21 -32.19 -36.14
N LEU PA 138 9.11 -32.03 -35.18
CA LEU PA 138 10.46 -31.54 -35.48
C LEU PA 138 11.44 -32.69 -35.63
N SER PA 139 11.12 -33.67 -36.48
CA SER PA 139 11.95 -34.85 -36.57
C SER PA 139 12.47 -35.09 -37.98
N ASP PA 140 13.13 -36.23 -38.17
CA ASP PA 140 13.65 -36.60 -39.48
C ASP PA 140 12.59 -37.20 -40.38
N SER PA 141 11.41 -37.50 -39.84
CA SER PA 141 10.29 -38.04 -40.61
C SER PA 141 9.09 -37.16 -40.30
N ALA PA 142 8.95 -36.06 -41.03
CA ALA PA 142 7.88 -35.11 -40.77
C ALA PA 142 7.48 -34.48 -42.10
N LYS PA 143 6.46 -35.05 -42.73
CA LYS PA 143 5.92 -34.48 -43.94
C LYS PA 143 5.06 -33.27 -43.61
N PRO PA 144 4.97 -32.30 -44.53
CA PRO PA 144 4.09 -31.15 -44.30
C PRO PA 144 2.65 -31.59 -44.16
N LEU PA 145 1.90 -30.86 -43.32
CA LEU PA 145 0.54 -31.23 -43.00
C LEU PA 145 -0.44 -30.53 -43.95
N THR PA 146 -1.74 -30.63 -43.66
CA THR PA 146 -2.77 -30.08 -44.52
C THR PA 146 -3.58 -28.98 -43.85
N LEU PA 147 -4.14 -29.24 -42.67
CA LEU PA 147 -4.93 -28.28 -41.92
C LEU PA 147 -6.13 -27.78 -42.74
N GLN PA 148 -7.03 -28.72 -43.01
CA GLN PA 148 -8.26 -28.39 -43.71
C GLN PA 148 -8.99 -27.26 -42.98
N VAL PA 149 -9.14 -26.13 -43.65
CA VAL PA 149 -9.78 -24.95 -43.08
C VAL PA 149 -10.93 -24.55 -43.99
N GLY PA 150 -12.13 -25.07 -43.70
CA GLY PA 150 -13.32 -24.72 -44.42
C GLY PA 150 -13.99 -25.92 -45.05
N ALA PA 151 -15.29 -25.82 -45.29
CA ALA PA 151 -15.98 -26.86 -46.04
C ALA PA 151 -15.58 -26.77 -47.51
N ASN PA 152 -16.18 -27.61 -48.34
CA ASN PA 152 -15.95 -27.59 -49.79
C ASN PA 152 -14.47 -27.83 -50.09
N ASP PA 153 -14.04 -29.07 -49.82
CA ASP PA 153 -12.65 -29.48 -49.90
C ASP PA 153 -11.95 -28.91 -51.13
N GLY PA 154 -10.67 -28.57 -50.94
CA GLY PA 154 -9.89 -27.96 -51.99
C GLY PA 154 -8.89 -26.97 -51.43
N GLU PA 155 -8.97 -26.73 -50.13
CA GLU PA 155 -8.12 -25.77 -49.44
C GLU PA 155 -7.35 -26.46 -48.33
N THR PA 156 -6.09 -26.06 -48.17
CA THR PA 156 -5.23 -26.57 -47.12
C THR PA 156 -4.31 -25.45 -46.65
N ILE PA 157 -3.72 -25.64 -45.49
CA ILE PA 157 -2.69 -24.76 -44.97
C ILE PA 157 -1.48 -25.64 -44.72
N THR PA 158 -0.60 -25.76 -45.71
CA THR PA 158 0.59 -26.59 -45.58
C THR PA 158 1.57 -25.98 -44.59
N LEU PA 159 2.06 -26.80 -43.67
CA LEU PA 159 2.97 -26.30 -42.63
C LEU PA 159 4.42 -26.25 -43.08
N ASN PA 160 4.88 -27.25 -43.85
CA ASN PA 160 6.25 -27.33 -44.32
C ASN PA 160 7.24 -27.32 -43.15
N LEU PA 161 7.15 -28.35 -42.32
CA LEU PA 161 8.01 -28.51 -41.16
C LEU PA 161 8.74 -29.84 -41.27
N SER PA 162 10.06 -29.81 -41.08
CA SER PA 162 10.88 -31.01 -41.17
C SER PA 162 12.33 -30.67 -40.88
N GLU PA 163 13.08 -31.69 -40.45
CA GLU PA 163 14.54 -31.72 -40.53
C GLU PA 163 15.19 -30.57 -39.76
N ILE PA 164 15.02 -30.63 -38.44
CA ILE PA 164 15.83 -29.85 -37.51
C ILE PA 164 16.48 -30.84 -36.55
N SER PA 165 17.77 -31.08 -36.75
CA SER PA 165 18.54 -32.03 -35.95
C SER PA 165 20.00 -31.91 -36.37
N VAL PA 166 20.88 -32.57 -35.61
CA VAL PA 166 22.18 -32.88 -36.16
C VAL PA 166 21.98 -33.77 -37.37
N LYS PA 167 22.95 -33.73 -38.29
CA LYS PA 167 22.97 -34.42 -39.57
C LYS PA 167 22.05 -33.72 -40.59
N THR PA 168 21.27 -32.73 -40.18
CA THR PA 168 20.54 -31.89 -41.13
C THR PA 168 20.76 -30.41 -40.93
N LEU PA 169 21.21 -29.97 -39.75
CA LEU PA 169 21.74 -28.62 -39.60
C LEU PA 169 23.14 -28.48 -40.18
N GLY PA 170 23.74 -29.57 -40.63
CA GLY PA 170 24.98 -29.55 -41.37
C GLY PA 170 26.21 -29.91 -40.56
N LEU PA 171 26.13 -29.85 -39.23
CA LEU PA 171 27.29 -30.15 -38.41
C LEU PA 171 27.72 -31.60 -38.58
N ASP PA 172 26.91 -32.53 -38.06
CA ASP PA 172 26.99 -33.96 -38.30
C ASP PA 172 28.29 -34.59 -37.77
N GLY PA 173 29.30 -33.78 -37.50
CA GLY PA 173 30.55 -34.28 -36.97
C GLY PA 173 31.28 -33.25 -36.15
N PHE PA 174 30.57 -32.20 -35.72
CA PHE PA 174 31.19 -30.95 -35.32
C PHE PA 174 32.23 -31.19 -34.24
N ASN PA 175 33.51 -30.96 -34.58
CA ASN PA 175 34.65 -31.44 -33.80
C ASN PA 175 35.56 -30.24 -33.53
N VAL PA 176 35.31 -29.56 -32.40
CA VAL PA 176 36.06 -28.35 -32.11
C VAL PA 176 37.52 -28.65 -31.80
N ASN PA 177 37.80 -29.81 -31.19
CA ASN PA 177 39.17 -30.23 -30.98
C ASN PA 177 39.59 -31.14 -32.13
N GLY PA 178 40.73 -31.80 -31.98
CA GLY PA 178 41.25 -32.68 -33.00
C GLY PA 178 42.65 -32.30 -33.39
N LYS PA 179 43.16 -32.98 -34.44
CA LYS PA 179 44.51 -32.74 -34.91
C LYS PA 179 44.68 -31.36 -35.53
N GLY PA 180 43.60 -30.65 -35.80
CA GLY PA 180 43.72 -29.33 -36.42
C GLY PA 180 44.27 -29.46 -37.82
N VAL PA 181 45.41 -28.84 -38.07
CA VAL PA 181 46.09 -28.92 -39.35
C VAL PA 181 47.30 -29.83 -39.16
N THR PA 182 47.27 -30.99 -39.81
CA THR PA 182 48.36 -31.94 -39.68
C THR PA 182 49.57 -31.47 -40.49
N GLN PA 183 50.76 -31.78 -39.98
CA GLN PA 183 52.01 -31.42 -40.63
C GLN PA 183 52.61 -32.66 -41.26
N ASN PA 184 52.80 -32.62 -42.58
CA ASN PA 184 53.43 -33.73 -43.28
C ASN PA 184 54.92 -33.79 -42.94
N ARG PA 185 55.51 -34.96 -43.15
CA ARG PA 185 56.93 -35.16 -42.90
C ARG PA 185 57.69 -35.10 -44.21
N SER PA 186 58.90 -34.56 -44.16
CA SER PA 186 59.73 -34.45 -45.35
C SER PA 186 60.10 -35.83 -45.89
N ALA PA 187 59.95 -36.00 -47.20
CA ALA PA 187 60.31 -37.25 -47.84
C ALA PA 187 61.82 -37.40 -47.93
N THR PA 188 62.27 -38.60 -48.30
CA THR PA 188 63.68 -38.87 -48.44
C THR PA 188 63.87 -39.92 -49.54
N VAL PA 189 65.11 -40.37 -49.70
CA VAL PA 189 65.43 -41.31 -50.77
C VAL PA 189 64.71 -42.64 -50.57
N THR PA 190 64.51 -43.06 -49.31
CA THR PA 190 63.86 -44.33 -49.06
C THR PA 190 62.45 -44.35 -49.62
N ASP PA 191 61.69 -43.28 -49.39
CA ASP PA 191 60.32 -43.23 -49.90
C ASP PA 191 60.30 -43.25 -51.42
N VAL PA 192 61.16 -42.47 -52.05
CA VAL PA 192 61.14 -42.38 -53.50
C VAL PA 192 61.53 -43.71 -54.13
N ILE PA 193 62.57 -44.37 -53.60
CA ILE PA 193 62.93 -45.68 -54.13
C ILE PA 193 61.87 -46.71 -53.78
N ALA PA 194 61.07 -46.48 -52.74
CA ALA PA 194 59.93 -47.34 -52.50
C ALA PA 194 58.85 -47.14 -53.55
N GLN PA 195 58.75 -45.94 -54.12
CA GLN PA 195 57.83 -45.74 -55.24
C GLN PA 195 58.32 -46.42 -56.52
N GLY PA 196 59.56 -46.86 -56.56
CA GLY PA 196 60.02 -47.75 -57.62
C GLY PA 196 60.51 -47.10 -58.89
N GLY PA 197 60.80 -45.80 -58.88
CA GLY PA 197 61.40 -45.13 -60.03
C GLY PA 197 62.89 -45.35 -60.07
N THR PA 198 63.56 -44.54 -60.89
CA THR PA 198 64.97 -44.72 -61.17
C THR PA 198 65.78 -43.55 -60.64
N LEU PA 199 67.03 -43.83 -60.30
CA LEU PA 199 68.01 -42.85 -59.86
C LEU PA 199 69.07 -42.65 -60.93
N GLN PA 200 69.75 -41.51 -60.85
CA GLN PA 200 70.84 -41.20 -61.76
C GLN PA 200 71.87 -40.36 -61.01
N GLY PA 201 72.78 -39.74 -61.76
CA GLY PA 201 73.85 -38.98 -61.13
C GLY PA 201 73.31 -37.84 -60.29
N ASP PA 202 74.09 -37.48 -59.26
CA ASP PA 202 73.76 -36.43 -58.30
C ASP PA 202 72.48 -36.72 -57.52
N GLY PA 203 72.07 -37.98 -57.46
CA GLY PA 203 70.93 -38.38 -56.66
C GLY PA 203 69.57 -37.99 -57.20
N THR PA 204 69.51 -37.34 -58.36
CA THR PA 204 68.23 -36.97 -58.93
C THR PA 204 67.42 -38.20 -59.27
N TYR PA 205 66.15 -38.20 -58.88
CA TYR PA 205 65.30 -39.36 -58.93
C TYR PA 205 64.14 -39.12 -59.89
N LYS PA 206 63.67 -40.19 -60.52
CA LYS PA 206 62.58 -40.12 -61.50
C LYS PA 206 61.38 -40.85 -60.90
N ALA PA 207 60.57 -40.12 -60.14
CA ALA PA 207 59.36 -40.69 -59.53
C ALA PA 207 58.20 -40.63 -60.52
N THR PA 208 57.45 -41.72 -60.59
CA THR PA 208 56.33 -41.83 -61.52
C THR PA 208 55.02 -41.80 -60.73
N THR PA 209 54.19 -40.80 -61.01
CA THR PA 209 52.94 -40.59 -60.28
C THR PA 209 51.76 -40.88 -61.18
N THR PA 210 50.91 -41.80 -60.75
CA THR PA 210 49.66 -42.11 -61.43
C THR PA 210 48.56 -41.19 -60.95
N PHE PA 211 47.60 -40.91 -61.85
CA PHE PA 211 46.51 -39.99 -61.54
C PHE PA 211 45.14 -40.61 -61.77
N ASN PA 212 45.00 -41.91 -61.47
CA ASN PA 212 43.71 -42.58 -61.62
C ASN PA 212 42.62 -41.81 -60.88
N ALA PA 213 41.73 -41.17 -61.62
CA ALA PA 213 40.84 -40.17 -61.06
C ALA PA 213 39.69 -39.96 -62.04
N ALA PA 214 38.97 -38.84 -61.88
CA ALA PA 214 37.84 -38.46 -62.72
C ALA PA 214 36.67 -39.41 -62.50
N SER PA 215 36.37 -39.68 -61.23
CA SER PA 215 35.26 -40.55 -60.88
C SER PA 215 33.99 -39.72 -60.77
N ALA PA 216 32.92 -40.33 -60.23
CA ALA PA 216 31.62 -39.69 -60.24
C ALA PA 216 31.60 -38.40 -59.42
N GLU PA 217 32.24 -38.41 -58.24
CA GLU PA 217 32.07 -37.29 -57.31
C GLU PA 217 32.65 -36.00 -57.88
N THR PA 218 33.63 -36.09 -58.77
CA THR PA 218 34.25 -34.89 -59.32
C THR PA 218 33.70 -34.49 -60.68
N VAL PA 219 33.33 -35.44 -61.53
CA VAL PA 219 32.73 -35.09 -62.81
C VAL PA 219 31.33 -34.52 -62.61
N LEU PA 220 30.52 -35.16 -61.77
CA LEU PA 220 29.16 -34.69 -61.58
C LEU PA 220 29.08 -33.35 -60.87
N SER PA 221 30.18 -32.89 -60.26
CA SER PA 221 30.20 -31.56 -59.67
C SER PA 221 30.09 -30.46 -60.71
N LYS PA 222 30.53 -30.73 -61.93
CA LYS PA 222 30.44 -29.77 -63.04
C LYS PA 222 29.59 -30.43 -64.12
N LEU PA 223 28.31 -30.06 -64.19
CA LEU PA 223 27.40 -30.71 -65.12
C LEU PA 223 26.19 -29.82 -65.39
N GLU PA 224 25.93 -29.56 -66.66
CA GLU PA 224 24.66 -29.00 -67.10
C GLU PA 224 24.12 -29.66 -68.37
N ASP PA 225 24.94 -30.39 -69.12
CA ASP PA 225 24.52 -30.98 -70.38
C ASP PA 225 24.11 -32.44 -70.16
N GLY PA 226 23.96 -33.18 -71.26
CA GLY PA 226 23.39 -34.52 -71.18
C GLY PA 226 24.31 -35.52 -70.51
N ASN PA 227 23.70 -36.54 -69.92
CA ASN PA 227 24.40 -37.63 -69.24
C ASN PA 227 23.69 -38.93 -69.58
N THR PA 228 24.46 -39.98 -69.90
CA THR PA 228 23.91 -41.23 -70.36
C THR PA 228 24.40 -42.38 -69.49
N VAL PA 229 23.51 -43.35 -69.25
CA VAL PA 229 23.86 -44.61 -68.60
C VAL PA 229 23.26 -45.74 -69.42
N ALA PA 230 23.93 -46.90 -69.38
CA ALA PA 230 23.49 -48.06 -70.14
C ALA PA 230 24.28 -49.27 -69.69
N VAL PA 231 23.62 -50.43 -69.66
CA VAL PA 231 24.24 -51.68 -69.24
C VAL PA 231 24.39 -52.60 -70.44
N GLY PA 232 25.63 -53.01 -70.70
CA GLY PA 232 25.90 -53.97 -71.76
C GLY PA 232 25.36 -53.52 -73.09
N GLY PA 233 24.68 -54.43 -73.79
CA GLY PA 233 24.01 -54.15 -75.04
C GLY PA 233 22.55 -53.80 -74.90
N GLY PA 234 22.08 -53.55 -73.68
CA GLY PA 234 20.68 -53.23 -73.45
C GLY PA 234 20.34 -51.80 -73.83
N ALA PA 235 19.18 -51.35 -73.36
CA ALA PA 235 18.71 -50.02 -73.69
C ALA PA 235 19.61 -48.95 -73.06
N THR PA 236 19.65 -47.79 -73.70
CA THR PA 236 20.46 -46.66 -73.25
C THR PA 236 19.54 -45.55 -72.77
N TYR PA 237 19.87 -44.95 -71.63
CA TYR PA 237 19.06 -43.89 -71.05
C TYR PA 237 19.89 -42.63 -70.85
N THR PA 238 19.27 -41.49 -71.11
CA THR PA 238 19.94 -40.21 -71.12
C THR PA 238 19.35 -39.29 -70.05
N TYR PA 239 20.20 -38.43 -69.50
CA TYR PA 239 19.84 -37.52 -68.43
C TYR PA 239 20.22 -36.10 -68.81
N ASP PA 240 19.56 -35.12 -68.19
CA ASP PA 240 19.83 -33.71 -68.45
C ASP PA 240 19.74 -32.95 -67.14
N ALA PA 241 20.87 -32.44 -66.65
CA ALA PA 241 20.92 -31.74 -65.38
C ALA PA 241 20.45 -30.31 -65.57
N ALA PA 242 19.20 -30.04 -65.21
CA ALA PA 242 18.62 -28.71 -65.30
C ALA PA 242 17.96 -28.36 -63.97
N LYS PA 243 18.29 -27.18 -63.43
CA LYS PA 243 17.72 -26.70 -62.17
C LYS PA 243 17.97 -27.68 -61.03
N GLY PA 244 19.15 -28.28 -61.00
CA GLY PA 244 19.53 -29.17 -59.93
C GLY PA 244 18.96 -30.57 -60.00
N ASN PA 245 18.27 -30.91 -61.08
CA ASN PA 245 17.69 -32.24 -61.23
C ASN PA 245 17.89 -32.73 -62.65
N PHE PA 246 17.78 -34.04 -62.83
CA PHE PA 246 17.98 -34.68 -64.12
C PHE PA 246 16.62 -35.07 -64.71
N THR PA 247 16.40 -34.71 -65.97
CA THR PA 247 15.12 -34.98 -66.64
C THR PA 247 15.16 -36.39 -67.24
N TYR PA 248 15.12 -37.38 -66.35
CA TYR PA 248 15.07 -38.76 -66.78
C TYR PA 248 13.73 -39.08 -67.42
N THR PA 249 13.77 -39.78 -68.55
CA THR PA 249 12.57 -40.25 -69.23
C THR PA 249 12.58 -41.77 -69.21
N LYS PA 250 11.63 -42.36 -68.51
CA LYS PA 250 11.55 -43.82 -68.39
C LYS PA 250 11.11 -44.38 -69.74
N THR PA 251 12.07 -44.89 -70.50
CA THR PA 251 11.79 -45.48 -71.81
C THR PA 251 11.52 -46.97 -71.65
N VAL PA 252 10.39 -47.42 -72.20
CA VAL PA 252 10.07 -48.84 -72.19
C VAL PA 252 11.12 -49.62 -72.97
N ASP PA 253 11.41 -50.82 -72.52
CA ASP PA 253 12.18 -51.75 -73.34
C ASP PA 253 11.42 -52.00 -74.63
N THR PA 254 12.12 -52.00 -75.75
CA THR PA 254 11.45 -52.10 -77.05
C THR PA 254 11.35 -53.58 -77.47
N THR PA 255 12.50 -54.20 -77.75
CA THR PA 255 12.66 -55.65 -77.87
C THR PA 255 11.46 -56.40 -78.43
N VAL PA 256 10.87 -55.91 -79.51
CA VAL PA 256 9.62 -56.47 -80.05
C VAL PA 256 9.65 -56.47 -81.56
N GLY PA 257 9.12 -57.54 -82.14
CA GLY PA 257 8.78 -57.58 -83.55
C GLY PA 257 7.29 -57.33 -83.69
N ALA PA 258 6.52 -58.39 -83.84
CA ALA PA 258 5.06 -58.30 -83.89
C ALA PA 258 4.40 -58.50 -82.54
N ASP PA 259 5.17 -58.69 -81.47
CA ASP PA 259 4.62 -59.01 -80.16
C ASP PA 259 4.48 -57.75 -79.31
N VAL PA 260 3.55 -56.90 -79.73
CA VAL PA 260 3.24 -55.66 -79.00
C VAL PA 260 2.72 -55.96 -77.60
N THR PA 261 2.23 -57.18 -77.37
CA THR PA 261 1.71 -57.54 -76.05
C THR PA 261 2.78 -57.40 -74.98
N ALA PA 262 4.04 -57.59 -75.32
CA ALA PA 262 5.11 -57.40 -74.34
C ALA PA 262 5.14 -55.97 -73.83
N LEU PA 263 5.09 -54.99 -74.75
CA LEU PA 263 5.06 -53.60 -74.33
C LEU PA 263 3.78 -53.28 -73.56
N ALA PA 264 2.65 -53.79 -74.04
CA ALA PA 264 1.38 -53.50 -73.36
C ALA PA 264 1.39 -54.02 -71.93
N ASN PA 265 1.86 -55.25 -71.73
CA ASN PA 265 1.90 -55.86 -70.41
C ASN PA 265 3.05 -55.34 -69.56
N LYS PA 266 4.03 -54.67 -70.16
CA LYS PA 266 4.99 -53.95 -69.33
C LYS PA 266 4.40 -52.64 -68.84
N ILE PA 267 3.61 -51.97 -69.68
CA ILE PA 267 2.95 -50.74 -69.26
C ILE PA 267 1.89 -51.02 -68.20
N LYS PA 268 1.18 -52.14 -68.34
CA LYS PA 268 0.02 -52.44 -67.49
C LYS PA 268 0.29 -52.35 -65.99
N PRO PA 269 1.37 -52.94 -65.44
CA PRO PA 269 1.55 -52.87 -63.98
C PRO PA 269 1.73 -51.46 -63.44
N SER PA 270 2.18 -50.52 -64.28
CA SER PA 270 2.29 -49.13 -63.83
C SER PA 270 0.93 -48.52 -63.51
N SER PA 271 -0.15 -49.10 -64.04
CA SER PA 271 -1.50 -48.64 -63.75
C SER PA 271 -2.46 -49.82 -63.58
N GLY PA 272 -1.98 -50.93 -63.05
CA GLY PA 272 -2.78 -52.15 -62.97
C GLY PA 272 -3.76 -52.19 -61.81
N THR PA 273 -4.71 -51.25 -61.80
CA THR PA 273 -5.73 -51.22 -60.77
C THR PA 273 -6.93 -50.46 -61.33
N ILE PA 274 -8.11 -50.76 -60.79
CA ILE PA 274 -9.33 -50.08 -61.22
C ILE PA 274 -9.27 -48.63 -60.75
N SER PA 275 -9.37 -47.70 -61.68
CA SER PA 275 -9.29 -46.28 -61.38
C SER PA 275 -10.22 -45.55 -62.33
N GLY PA 276 -10.14 -44.21 -62.32
CA GLY PA 276 -10.99 -43.38 -63.15
C GLY PA 276 -10.25 -42.13 -63.57
N SER PA 277 -10.95 -41.30 -64.35
CA SER PA 277 -10.43 -40.04 -64.87
C SER PA 277 -9.18 -40.24 -65.71
N TYR PA 278 -9.05 -41.41 -66.34
CA TYR PA 278 -7.94 -41.65 -67.25
C TYR PA 278 -8.05 -40.76 -68.47
N GLU PA 279 -6.91 -40.32 -68.97
CA GLU PA 279 -6.83 -39.42 -70.13
C GLU PA 279 -6.25 -40.20 -71.30
N ILE PA 280 -7.11 -40.56 -72.25
CA ILE PA 280 -6.70 -41.25 -73.46
C ILE PA 280 -6.57 -40.20 -74.55
N SER PA 281 -5.34 -39.78 -74.82
CA SER PA 281 -5.07 -38.78 -75.85
C SER PA 281 -4.41 -39.51 -77.01
N THR PA 282 -5.24 -40.06 -77.89
CA THR PA 282 -4.78 -40.74 -79.10
C THR PA 282 -5.07 -39.88 -80.31
N GLY PA 283 -4.53 -40.29 -81.46
CA GLY PA 283 -4.69 -39.53 -82.67
C GLY PA 283 -4.05 -38.16 -82.57
N LYS PA 284 -4.86 -37.11 -82.57
CA LYS PA 284 -4.31 -35.76 -82.44
C LYS PA 284 -4.93 -34.98 -81.30
N SER PA 285 -6.25 -35.03 -81.13
CA SER PA 285 -6.94 -34.20 -80.16
C SER PA 285 -8.02 -34.99 -79.43
N ALA PA 286 -7.68 -36.21 -79.00
CA ALA PA 286 -8.68 -37.03 -78.32
C ALA PA 286 -9.10 -36.40 -76.99
N SER PA 287 -8.16 -36.26 -76.06
CA SER PA 287 -8.38 -35.59 -74.77
C SER PA 287 -9.65 -36.11 -74.08
N PHE PA 288 -9.64 -37.40 -73.78
CA PHE PA 288 -10.78 -38.04 -73.14
C PHE PA 288 -10.67 -37.96 -71.61
N ASP PA 289 -11.80 -38.23 -70.95
CA ASP PA 289 -11.90 -38.33 -69.51
C ASP PA 289 -12.71 -39.59 -69.22
N VAL PA 290 -12.04 -40.73 -69.11
CA VAL PA 290 -12.69 -42.03 -69.12
C VAL PA 290 -12.44 -42.74 -67.79
N ASP PA 291 -13.11 -43.88 -67.63
CA ASP PA 291 -12.95 -44.75 -66.47
C ASP PA 291 -12.48 -46.12 -66.94
N ALA PA 292 -11.84 -46.85 -66.03
CA ALA PA 292 -11.32 -48.18 -66.36
C ALA PA 292 -11.49 -49.09 -65.16
N ALA PA 293 -12.24 -50.18 -65.35
CA ALA PA 293 -12.45 -51.22 -64.35
C ALA PA 293 -12.13 -52.58 -64.96
N GLY PA 294 -11.01 -52.67 -65.66
CA GLY PA 294 -10.73 -53.78 -66.54
C GLY PA 294 -11.28 -53.61 -67.94
N LYS PA 295 -11.94 -52.48 -68.22
CA LYS PA 295 -12.53 -52.22 -69.53
C LYS PA 295 -12.74 -50.72 -69.65
N ILE PA 296 -12.24 -50.14 -70.74
CA ILE PA 296 -12.28 -48.69 -70.90
C ILE PA 296 -13.71 -48.24 -71.17
N THR PA 297 -14.16 -47.25 -70.42
CA THR PA 297 -15.48 -46.66 -70.63
C THR PA 297 -15.48 -45.24 -70.09
N ILE PA 298 -16.28 -44.39 -70.71
CA ILE PA 298 -16.44 -43.02 -70.28
C ILE PA 298 -17.75 -42.91 -69.51
N GLY PA 299 -17.92 -41.83 -68.76
CA GLY PA 299 -19.07 -41.69 -67.89
C GLY PA 299 -20.40 -41.75 -68.62
N GLY PA 300 -21.13 -42.85 -68.40
CA GLY PA 300 -22.43 -43.05 -69.01
C GLY PA 300 -22.42 -43.70 -70.37
N ASN PA 301 -21.28 -44.21 -70.84
CA ASN PA 301 -21.18 -44.80 -72.18
C ASN PA 301 -20.28 -46.04 -72.09
N ALA PA 302 -19.91 -46.56 -73.26
CA ALA PA 302 -19.05 -47.73 -73.34
C ALA PA 302 -17.67 -47.45 -73.93
N ALA PA 303 -17.55 -46.44 -74.79
CA ALA PA 303 -16.26 -46.00 -75.35
C ALA PA 303 -15.57 -47.14 -76.10
N PHE PA 304 -16.22 -47.57 -77.18
CA PHE PA 304 -15.65 -48.60 -78.03
C PHE PA 304 -14.43 -48.09 -78.78
N LEU PA 305 -13.61 -49.03 -79.25
CA LEU PA 305 -12.42 -48.74 -80.05
C LEU PA 305 -12.76 -48.91 -81.52
N ASN PA 306 -12.19 -48.03 -82.36
CA ASN PA 306 -12.56 -47.99 -83.76
C ASN PA 306 -11.32 -47.83 -84.62
N ALA PA 307 -11.53 -47.92 -85.94
CA ALA PA 307 -10.59 -47.42 -86.95
C ALA PA 307 -9.22 -48.09 -86.81
N ASP PA 308 -9.20 -49.39 -87.12
CA ASP PA 308 -7.92 -50.10 -87.18
C ASP PA 308 -6.98 -49.40 -88.16
N GLY PA 309 -5.71 -49.34 -87.79
CA GLY PA 309 -4.74 -48.52 -88.50
C GLY PA 309 -4.71 -47.08 -88.04
N GLU PA 310 -5.84 -46.57 -87.55
CA GLU PA 310 -5.93 -45.23 -86.96
C GLU PA 310 -6.20 -45.27 -85.46
N LEU PA 311 -7.03 -46.20 -85.01
CA LEU PA 311 -7.19 -46.54 -83.59
C LEU PA 311 -7.67 -45.33 -82.78
N THR PA 312 -8.89 -44.89 -83.10
CA THR PA 312 -9.54 -43.79 -82.40
C THR PA 312 -10.72 -44.33 -81.60
N THR PA 313 -10.86 -43.85 -80.36
CA THR PA 313 -11.88 -44.32 -79.45
C THR PA 313 -13.11 -43.42 -79.54
N ASN PA 314 -14.24 -43.99 -79.97
CA ASN PA 314 -15.51 -43.28 -79.99
C ASN PA 314 -16.62 -44.26 -79.65
N ASP PA 315 -17.65 -43.77 -78.97
CA ASP PA 315 -18.69 -44.63 -78.44
C ASP PA 315 -19.54 -45.28 -79.54
N ALA PA 316 -19.77 -44.59 -80.65
CA ALA PA 316 -20.63 -45.12 -81.70
C ALA PA 316 -19.91 -46.27 -82.41
N SER PA 317 -20.52 -47.45 -82.36
CA SER PA 317 -19.88 -48.64 -82.90
C SER PA 317 -19.84 -48.61 -84.42
N GLY PA 318 -18.78 -49.19 -84.98
CA GLY PA 318 -18.64 -49.31 -86.42
C GLY PA 318 -18.57 -50.74 -86.89
N ALA PA 319 -19.23 -51.64 -86.16
CA ALA PA 319 -19.33 -53.07 -86.42
C ALA PA 319 -18.00 -53.81 -86.25
N LEU PA 320 -16.92 -53.13 -85.91
CA LEU PA 320 -15.61 -53.74 -85.69
C LEU PA 320 -14.99 -53.21 -84.41
N THR PA 321 -15.76 -53.19 -83.33
CA THR PA 321 -15.36 -52.55 -82.08
C THR PA 321 -14.96 -53.60 -81.05
N GLN PA 322 -14.01 -53.23 -80.20
CA GLN PA 322 -13.51 -54.11 -79.16
C GLN PA 322 -13.67 -53.55 -77.76
N ALA PA 323 -13.28 -52.30 -77.53
CA ALA PA 323 -13.45 -51.62 -76.24
C ALA PA 323 -12.78 -52.39 -75.11
N THR PA 324 -11.45 -52.50 -75.19
CA THR PA 324 -10.67 -53.20 -74.18
C THR PA 324 -9.45 -52.36 -73.82
N LEU PA 325 -9.11 -52.37 -72.52
CA LEU PA 325 -7.94 -51.61 -72.07
C LEU PA 325 -6.67 -52.15 -72.68
N ASP PA 326 -6.53 -53.48 -72.75
CA ASP PA 326 -5.37 -54.06 -73.42
C ASP PA 326 -5.34 -53.66 -74.89
N ASP PA 327 -6.52 -53.67 -75.54
CA ASP PA 327 -6.58 -53.26 -76.94
C ASP PA 327 -6.18 -51.81 -77.11
N VAL PA 328 -6.62 -50.94 -76.20
CA VAL PA 328 -6.23 -49.53 -76.28
C VAL PA 328 -4.72 -49.39 -76.10
N LEU PA 329 -4.17 -50.04 -75.08
CA LEU PA 329 -2.75 -49.89 -74.79
C LEU PA 329 -1.88 -50.40 -75.94
N THR PA 330 -2.26 -51.53 -76.52
CA THR PA 330 -1.59 -51.97 -77.74
C THR PA 330 -1.75 -50.94 -78.85
N SER PA 331 -2.96 -50.39 -78.98
CA SER PA 331 -3.23 -49.42 -80.02
C SER PA 331 -2.49 -48.11 -79.80
N VAL PA 332 -2.62 -47.54 -78.60
CA VAL PA 332 -2.21 -46.15 -78.36
C VAL PA 332 -0.71 -45.99 -78.54
N GLY PA 333 -0.32 -45.28 -79.59
CA GLY PA 333 1.06 -44.91 -79.83
C GLY PA 333 2.03 -46.07 -79.90
N THR PA 334 1.52 -47.28 -79.74
CA THR PA 334 2.34 -48.46 -79.65
C THR PA 334 2.17 -49.38 -80.84
N GLU PA 335 1.10 -49.23 -81.62
CA GLU PA 335 0.94 -49.95 -82.87
C GLU PA 335 0.84 -49.02 -84.07
N ALA PA 336 -0.08 -48.05 -84.05
CA ALA PA 336 -0.31 -47.26 -85.25
C ALA PA 336 -0.54 -45.78 -84.96
N ASN PA 337 -0.02 -45.28 -83.84
CA ASN PA 337 -0.14 -43.87 -83.50
C ASN PA 337 1.21 -43.31 -83.10
N SER PA 338 1.36 -42.00 -83.28
CA SER PA 338 2.60 -41.32 -82.95
C SER PA 338 2.28 -40.03 -82.21
N SER PA 339 3.17 -39.67 -81.29
CA SER PA 339 3.04 -38.46 -80.48
C SER PA 339 1.71 -38.41 -79.75
N VAL PA 340 1.30 -39.56 -79.21
CA VAL PA 340 0.09 -39.67 -78.42
C VAL PA 340 0.46 -40.21 -77.04
N THR PA 341 -0.47 -40.08 -76.10
CA THR PA 341 -0.16 -40.30 -74.70
C THR PA 341 -1.37 -40.85 -73.97
N ILE PA 342 -1.13 -41.67 -72.95
CA ILE PA 342 -2.15 -42.10 -72.01
C ILE PA 342 -1.93 -41.31 -70.73
N GLY PA 343 -2.78 -40.33 -70.48
CA GLY PA 343 -2.67 -39.46 -69.33
C GLY PA 343 -3.46 -39.99 -68.15
N GLY PA 344 -3.87 -39.04 -67.30
CA GLY PA 344 -4.66 -39.37 -66.13
C GLY PA 344 -3.85 -40.05 -65.04
N THR PA 345 -4.32 -39.96 -63.79
CA THR PA 345 -3.68 -40.59 -62.64
C THR PA 345 -2.21 -40.15 -62.53
N LYS PA 346 -1.99 -38.85 -62.71
CA LYS PA 346 -0.69 -38.20 -62.52
C LYS PA 346 0.45 -38.93 -63.24
N TYR PA 347 0.16 -39.47 -64.42
CA TYR PA 347 1.23 -39.92 -65.31
C TYR PA 347 0.84 -39.62 -66.74
N SER PA 348 1.82 -39.71 -67.62
CA SER PA 348 1.60 -39.46 -69.05
C SER PA 348 2.54 -40.37 -69.83
N HIS PA 349 2.03 -41.50 -70.29
CA HIS PA 349 2.83 -42.46 -71.07
C HIS PA 349 2.84 -42.02 -72.52
N SER PA 350 3.67 -41.03 -72.81
CA SER PA 350 3.84 -40.57 -74.18
C SER PA 350 4.52 -41.65 -75.02
N ALA PA 351 4.15 -41.70 -76.29
CA ALA PA 351 4.69 -42.69 -77.22
C ALA PA 351 5.72 -42.01 -78.11
N ALA PA 352 6.98 -42.42 -77.96
CA ALA PA 352 8.04 -41.86 -78.81
C ALA PA 352 8.01 -42.48 -80.21
N ASP PA 353 7.71 -43.77 -80.31
CA ASP PA 353 7.73 -44.47 -81.59
C ASP PA 353 6.54 -45.41 -81.70
N GLU PA 354 6.13 -45.66 -82.93
CA GLU PA 354 5.06 -46.59 -83.23
C GLU PA 354 5.62 -47.87 -83.83
N LEU PA 355 4.80 -48.92 -83.81
CA LEU PA 355 5.21 -50.25 -84.26
C LEU PA 355 4.74 -50.46 -85.69
N SER PA 356 5.65 -50.35 -86.65
CA SER PA 356 5.37 -50.75 -88.02
C SER PA 356 5.31 -52.27 -88.17
N TYR PA 357 5.41 -53.01 -87.06
CA TYR PA 357 5.48 -54.46 -86.96
C TYR PA 357 6.79 -54.98 -87.52
N THR PA 358 7.64 -54.12 -88.08
CA THR PA 358 9.04 -54.42 -88.35
C THR PA 358 9.96 -53.54 -87.51
N ALA PA 359 9.81 -52.23 -87.58
CA ALA PA 359 10.44 -51.33 -86.64
C ALA PA 359 9.66 -51.32 -85.34
N VAL PA 360 10.37 -51.29 -84.23
CA VAL PA 360 9.77 -51.51 -82.91
C VAL PA 360 9.28 -50.18 -82.35
N ALA PA 361 8.22 -50.25 -81.55
CA ALA PA 361 7.62 -49.10 -80.90
C ALA PA 361 8.23 -48.88 -79.52
N THR PA 362 7.92 -47.73 -78.93
CA THR PA 362 8.35 -47.41 -77.57
C THR PA 362 7.44 -46.34 -76.99
N THR PA 363 7.03 -46.53 -75.74
CA THR PA 363 6.30 -45.54 -74.98
C THR PA 363 7.13 -45.13 -73.77
N ALA PA 364 7.05 -43.85 -73.42
CA ALA PA 364 7.85 -43.34 -72.33
C ALA PA 364 7.06 -42.34 -71.51
N ASP PA 365 7.35 -42.30 -70.22
CA ASP PA 365 6.84 -41.29 -69.32
C ASP PA 365 8.02 -40.56 -68.69
N VAL PA 366 7.93 -39.24 -68.61
CA VAL PA 366 9.02 -38.46 -68.03
C VAL PA 366 8.83 -38.43 -66.52
N LEU PA 367 9.32 -39.47 -65.85
CA LEU PA 367 9.16 -39.57 -64.41
C LEU PA 367 10.02 -38.56 -63.66
N SER PA 368 11.02 -37.98 -64.32
CA SER PA 368 12.07 -37.20 -63.67
C SER PA 368 12.76 -38.00 -62.58
N ALA PA 369 12.73 -39.33 -62.71
CA ALA PA 369 13.33 -40.20 -61.72
C ALA PA 369 14.83 -39.97 -61.65
N MET PA 370 15.43 -40.41 -60.54
CA MET PA 370 16.84 -40.17 -60.27
C MET PA 370 17.15 -38.68 -60.29
N GLY PA 371 16.14 -37.87 -59.96
CA GLY PA 371 16.18 -36.43 -60.15
C GLY PA 371 17.39 -35.75 -59.55
N SER PA 372 17.50 -35.77 -58.22
CA SER PA 372 18.65 -35.18 -57.57
C SER PA 372 19.93 -35.84 -58.05
N SER PA 373 20.97 -35.02 -58.25
CA SER PA 373 22.24 -35.54 -58.73
C SER PA 373 22.80 -36.61 -57.81
N THR PA 374 22.44 -36.58 -56.52
CA THR PA 374 22.87 -37.64 -55.60
C THR PA 374 22.32 -38.99 -56.02
N ALA PA 375 21.05 -39.02 -56.47
CA ALA PA 375 20.46 -40.29 -56.90
C ALA PA 375 21.19 -40.86 -58.11
N VAL PA 376 21.46 -40.01 -59.11
CA VAL PA 376 22.17 -40.47 -60.30
C VAL PA 376 23.57 -40.94 -59.92
N SER PA 377 24.26 -40.18 -59.06
CA SER PA 377 25.58 -40.57 -58.62
C SER PA 377 25.55 -41.93 -57.96
N THR PA 378 24.63 -42.14 -57.02
CA THR PA 378 24.54 -43.40 -56.31
C THR PA 378 24.23 -44.55 -57.27
N VAL PA 379 23.39 -44.29 -58.27
CA VAL PA 379 23.07 -45.34 -59.24
C VAL PA 379 24.30 -45.71 -60.05
N THR PA 380 25.02 -44.71 -60.57
CA THR PA 380 26.21 -45.00 -61.36
C THR PA 380 27.42 -45.39 -60.51
N LEU PA 381 27.47 -44.93 -59.26
CA LEU PA 381 28.57 -45.30 -58.35
C LEU PA 381 28.23 -46.65 -57.71
N GLY PA 382 28.35 -47.69 -58.53
CA GLY PA 382 27.95 -49.02 -58.11
C GLY PA 382 26.77 -49.54 -58.91
N SER PA 383 27.03 -50.48 -59.81
CA SER PA 383 26.02 -51.01 -60.70
C SER PA 383 26.49 -52.38 -61.19
N GLY PA 384 25.91 -52.85 -62.29
CA GLY PA 384 26.29 -54.12 -62.87
C GLY PA 384 27.32 -53.93 -63.95
N ILE PA 385 26.90 -54.03 -65.21
CA ILE PA 385 27.77 -53.71 -66.33
C ILE PA 385 27.31 -52.37 -66.91
N THR PA 386 26.72 -51.54 -66.05
CA THR PA 386 26.14 -50.26 -66.45
C THR PA 386 27.27 -49.24 -66.59
N SER PA 387 27.77 -49.07 -67.81
CA SER PA 387 28.84 -48.11 -68.09
C SER PA 387 28.20 -46.80 -68.56
N ALA PA 388 28.42 -45.74 -67.80
CA ALA PA 388 27.83 -44.44 -68.09
C ALA PA 388 28.71 -43.61 -69.02
N ALA PA 389 28.16 -42.48 -69.46
CA ALA PA 389 28.92 -41.48 -70.20
C ALA PA 389 28.33 -40.12 -69.89
N VAL PA 390 29.20 -39.15 -69.60
CA VAL PA 390 28.78 -37.83 -69.15
C VAL PA 390 29.30 -36.78 -70.12
N THR PA 391 28.39 -35.94 -70.62
CA THR PA 391 28.71 -34.82 -71.48
C THR PA 391 28.41 -33.54 -70.72
N PHE PA 392 29.46 -32.77 -70.38
CA PHE PA 392 29.27 -31.70 -69.40
C PHE PA 392 29.98 -30.41 -69.77
N ALA PA 393 30.10 -30.10 -71.07
CA ALA PA 393 30.76 -28.88 -71.48
C ALA PA 393 29.93 -28.18 -72.54
N ILE PA 394 30.45 -27.07 -73.04
CA ILE PA 394 29.80 -26.32 -74.10
C ILE PA 394 30.00 -27.06 -75.42
N ALA PA 395 28.94 -27.13 -76.23
CA ALA PA 395 28.94 -27.99 -77.41
C ALA PA 395 30.13 -27.71 -78.33
N THR PA 396 30.59 -26.46 -78.40
CA THR PA 396 31.79 -26.17 -79.16
C THR PA 396 33.03 -26.77 -78.52
N THR PA 397 33.10 -26.74 -77.18
CA THR PA 397 34.29 -27.19 -76.46
C THR PA 397 33.96 -28.39 -75.56
N ASP PA 398 33.19 -29.32 -76.09
CA ASP PA 398 32.69 -30.44 -75.32
C ASP PA 398 33.37 -31.75 -75.72
N SER PA 399 33.33 -32.71 -74.80
CA SER PA 399 33.73 -34.08 -75.06
C SER PA 399 33.01 -34.97 -74.06
N ASN PA 400 33.38 -36.24 -74.01
CA ASN PA 400 32.71 -37.20 -73.15
C ASN PA 400 33.75 -37.98 -72.35
N ASN PA 401 33.31 -38.54 -71.23
CA ASN PA 401 34.11 -39.45 -70.45
C ASN PA 401 33.37 -40.77 -70.28
N THR PA 402 34.05 -41.87 -70.55
CA THR PA 402 33.47 -43.18 -70.31
C THR PA 402 33.62 -43.54 -68.84
N TRP PA 403 32.91 -44.57 -68.41
CA TRP PA 403 32.82 -44.87 -67.00
C TRP PA 403 32.94 -46.37 -66.76
N VAL PA 404 33.63 -46.73 -65.69
CA VAL PA 404 33.65 -48.12 -65.24
C VAL PA 404 32.36 -48.41 -64.51
N ASP PA 405 31.77 -49.56 -64.82
CA ASP PA 405 30.41 -49.86 -64.38
C ASP PA 405 30.29 -49.90 -62.85
N ASN PA 406 31.15 -50.67 -62.20
CA ASN PA 406 30.92 -51.03 -60.81
C ASN PA 406 31.47 -50.02 -59.80
N LYS PA 407 32.27 -49.05 -60.23
CA LYS PA 407 32.79 -48.06 -59.28
C LYS PA 407 32.61 -46.62 -59.74
N GLY PA 408 32.14 -46.38 -60.96
CA GLY PA 408 31.99 -45.00 -61.40
C GLY PA 408 33.29 -44.27 -61.57
N GLU PA 409 34.38 -44.98 -61.78
CA GLU PA 409 35.67 -44.38 -62.09
C GLU PA 409 35.98 -44.55 -63.58
N LEU PA 410 36.91 -43.74 -64.08
CA LEU PA 410 37.33 -43.78 -65.47
C LEU PA 410 38.81 -44.07 -65.54
N THR PA 411 39.19 -45.03 -66.38
CA THR PA 411 40.60 -45.35 -66.61
C THR PA 411 41.22 -44.55 -67.74
N ASP PA 412 40.46 -44.29 -68.81
CA ASP PA 412 41.03 -43.63 -69.99
C ASP PA 412 41.46 -42.21 -69.67
N ILE PA 413 40.58 -41.43 -69.04
CA ILE PA 413 40.83 -40.02 -68.76
C ILE PA 413 41.12 -39.87 -67.28
N GLN PA 414 42.31 -39.37 -66.96
CA GLN PA 414 42.74 -39.12 -65.59
C GLN PA 414 42.64 -37.63 -65.30
N THR PA 415 43.04 -37.25 -64.08
CA THR PA 415 43.11 -35.85 -63.70
C THR PA 415 44.45 -35.55 -63.05
N PHE PA 416 45.14 -34.54 -63.57
CA PHE PA 416 46.34 -34.04 -62.93
C PHE PA 416 45.99 -33.46 -61.56
N ASP PA 417 47.03 -33.11 -60.79
CA ASP PA 417 46.83 -32.54 -59.46
C ASP PA 417 45.89 -31.34 -59.50
N THR PA 418 45.96 -30.55 -60.57
CA THR PA 418 45.11 -29.37 -60.71
C THR PA 418 44.30 -29.34 -62.00
N SER PA 419 44.29 -30.41 -62.78
CA SER PA 419 43.71 -30.35 -64.12
C SER PA 419 43.31 -31.75 -64.58
N TYR PA 420 42.54 -31.79 -65.67
CA TYR PA 420 42.04 -33.04 -66.26
C TYR PA 420 42.94 -33.45 -67.41
N LYS PA 421 43.95 -34.28 -67.12
CA LYS PA 421 44.90 -34.71 -68.13
C LYS PA 421 44.73 -36.20 -68.44
N ILE PA 422 44.72 -36.52 -69.73
CA ILE PA 422 44.65 -37.92 -70.15
C ILE PA 422 45.91 -38.67 -69.74
N ASN PA 423 47.06 -38.00 -69.75
CA ASN PA 423 48.32 -38.66 -69.43
C ASN PA 423 48.31 -39.18 -67.99
N ALA PA 424 48.24 -40.50 -67.84
CA ALA PA 424 48.12 -41.09 -66.51
C ALA PA 424 49.38 -40.94 -65.68
N ASP PA 425 50.54 -40.73 -66.31
CA ASP PA 425 51.80 -40.61 -65.61
C ASP PA 425 52.58 -39.41 -66.12
N THR PA 426 53.19 -38.67 -65.18
CA THR PA 426 54.01 -37.51 -65.54
C THR PA 426 55.51 -37.72 -65.34
N GLY PA 427 55.92 -38.67 -64.50
CA GLY PA 427 57.33 -38.86 -64.25
C GLY PA 427 57.97 -37.68 -63.53
N GLU PA 428 57.38 -37.26 -62.41
CA GLU PA 428 57.92 -36.14 -61.65
C GLU PA 428 59.37 -36.41 -61.26
N VAL PA 429 60.19 -35.37 -61.32
CA VAL PA 429 61.63 -35.49 -61.13
C VAL PA 429 62.01 -34.77 -59.84
N THR PA 430 62.42 -35.55 -58.84
CA THR PA 430 62.86 -35.02 -57.56
C THR PA 430 64.33 -35.35 -57.35
N VAL PA 431 65.05 -34.43 -56.73
CA VAL PA 431 66.46 -34.60 -56.43
C VAL PA 431 66.62 -34.68 -54.91
N VAL PA 432 67.34 -35.70 -54.46
CA VAL PA 432 67.58 -35.90 -53.03
C VAL PA 432 68.72 -34.96 -52.62
N GLY PA 433 68.38 -33.88 -51.91
CA GLY PA 433 69.39 -32.95 -51.47
C GLY PA 433 70.42 -33.62 -50.59
N ASP PA 434 71.63 -33.80 -51.13
CA ASP PA 434 72.69 -34.45 -50.37
C ASP PA 434 73.06 -33.60 -49.17
N ASN PA 435 73.31 -34.25 -48.04
CA ASN PA 435 73.58 -33.65 -46.74
C ASN PA 435 72.34 -32.98 -46.15
N SER PA 436 71.23 -32.95 -46.87
CA SER PA 436 69.98 -32.43 -46.36
C SER PA 436 68.89 -33.47 -46.23
N ALA PA 437 68.98 -34.59 -46.96
CA ALA PA 437 68.03 -35.69 -46.87
C ALA PA 437 66.60 -35.23 -47.14
N THR PA 438 66.44 -34.20 -47.97
CA THR PA 438 65.12 -33.71 -48.35
C THR PA 438 65.01 -33.75 -49.86
N ALA PA 439 63.99 -34.44 -50.35
CA ALA PA 439 63.80 -34.61 -51.80
C ALA PA 439 63.29 -33.30 -52.37
N GLY PA 440 64.22 -32.37 -52.59
CA GLY PA 440 63.85 -31.11 -53.20
C GLY PA 440 63.33 -31.32 -54.62
N GLN PA 441 62.30 -30.56 -54.98
CA GLN PA 441 61.72 -30.69 -56.31
C GLN PA 441 62.70 -30.18 -57.37
N TYR PA 442 62.63 -30.78 -58.55
CA TYR PA 442 63.59 -30.45 -59.60
C TYR PA 442 62.92 -30.16 -60.92
N ALA PA 443 61.76 -30.76 -61.17
CA ALA PA 443 61.13 -30.71 -62.50
C ALA PA 443 60.75 -29.30 -62.91
N SER PA 444 59.77 -28.68 -62.23
CA SER PA 444 59.35 -27.34 -62.59
C SER PA 444 59.24 -26.42 -61.38
N ALA PA 445 58.93 -27.00 -60.21
CA ALA PA 445 58.90 -26.19 -58.99
C ALA PA 445 60.30 -25.82 -58.56
N ASP PA 446 61.29 -26.68 -58.83
CA ASP PA 446 62.71 -26.39 -58.65
C ASP PA 446 63.02 -25.99 -57.21
N GLY PA 447 62.77 -26.94 -56.31
CA GLY PA 447 63.08 -26.74 -54.91
C GLY PA 447 61.86 -26.56 -54.04
N ALA PA 448 60.79 -27.29 -54.36
CA ALA PA 448 59.56 -27.21 -53.57
C ALA PA 448 59.65 -27.97 -52.26
N LYS PA 449 60.73 -28.70 -52.02
CA LYS PA 449 60.95 -29.43 -50.77
C LYS PA 449 59.80 -30.41 -50.52
N VAL PA 450 59.75 -31.44 -51.38
CA VAL PA 450 58.65 -32.40 -51.36
C VAL PA 450 58.48 -33.01 -49.98
N LEU PA 451 57.23 -33.13 -49.55
CA LEU PA 451 56.85 -33.87 -48.36
C LEU PA 451 55.92 -35.02 -48.73
N VAL PA 452 55.94 -36.06 -47.91
CA VAL PA 452 55.06 -37.20 -48.11
C VAL PA 452 53.65 -36.84 -47.65
N GLY PA 453 52.68 -37.04 -48.53
CA GLY PA 453 51.31 -36.71 -48.23
C GLY PA 453 50.66 -37.73 -47.31
N SER PA 454 49.38 -37.47 -47.00
CA SER PA 454 48.63 -38.35 -46.11
C SER PA 454 48.37 -39.71 -46.74
N ASP PA 455 48.35 -39.81 -48.06
CA ASP PA 455 48.12 -41.06 -48.75
C ASP PA 455 49.42 -41.73 -49.19
N GLY PA 456 50.56 -41.20 -48.81
CA GLY PA 456 51.85 -41.79 -49.13
C GLY PA 456 52.48 -41.30 -50.41
N LYS PA 457 51.76 -40.58 -51.25
CA LYS PA 457 52.33 -40.06 -52.48
C LYS PA 457 53.15 -38.81 -52.20
N LEU PA 458 54.02 -38.48 -53.16
CA LEU PA 458 54.87 -37.31 -53.05
C LEU PA 458 54.10 -36.05 -53.43
N THR PA 459 54.28 -34.99 -52.65
CA THR PA 459 53.59 -33.73 -52.88
C THR PA 459 54.41 -32.60 -52.31
N THR PA 460 54.13 -31.39 -52.80
CA THR PA 460 54.90 -30.21 -52.40
C THR PA 460 54.29 -29.47 -51.21
N GLU PA 461 53.08 -29.83 -50.79
CA GLU PA 461 52.47 -29.15 -49.67
C GLU PA 461 53.13 -29.58 -48.36
N THR PA 462 53.12 -28.67 -47.38
CA THR PA 462 53.72 -28.94 -46.09
C THR PA 462 52.69 -29.37 -45.04
N THR PA 463 51.49 -28.82 -45.10
CA THR PA 463 50.44 -29.09 -44.12
C THR PA 463 49.22 -29.68 -44.80
N SER PA 464 48.67 -30.74 -44.22
CA SER PA 464 47.51 -31.43 -44.76
C SER PA 464 46.24 -30.91 -44.10
N ALA PA 465 45.11 -31.51 -44.47
CA ALA PA 465 43.82 -31.07 -43.95
C ALA PA 465 43.70 -31.29 -42.44
N GLY PA 466 44.18 -32.43 -41.95
CA GLY PA 466 44.02 -32.76 -40.56
C GLY PA 466 42.71 -33.47 -40.29
N ASP PA 467 42.16 -33.31 -39.08
CA ASP PA 467 40.88 -33.95 -38.77
C ASP PA 467 40.13 -33.05 -37.79
N LYS PA 468 39.30 -32.13 -38.35
CA LYS PA 468 38.75 -30.96 -37.64
C LYS PA 468 37.80 -30.22 -38.56
N THR PA 469 36.76 -29.59 -38.02
CA THR PA 469 35.84 -28.81 -38.84
C THR PA 469 36.56 -27.57 -39.34
N THR PA 470 36.90 -27.54 -40.62
CA THR PA 470 37.77 -26.50 -41.15
C THR PA 470 37.15 -25.11 -40.98
N ASP PA 471 35.83 -25.02 -41.05
CA ASP PA 471 35.11 -23.75 -40.92
C ASP PA 471 34.03 -23.92 -39.87
N PRO PA 472 34.40 -23.92 -38.58
CA PRO PA 472 33.39 -24.21 -37.54
C PRO PA 472 32.29 -23.15 -37.48
N LEU PA 473 32.67 -21.88 -37.30
CA LEU PA 473 31.68 -20.83 -37.14
C LEU PA 473 30.87 -20.62 -38.41
N LYS PA 474 31.48 -20.84 -39.59
CA LYS PA 474 30.72 -20.72 -40.83
C LYS PA 474 29.63 -21.78 -40.92
N THR PA 475 29.95 -23.02 -40.56
CA THR PA 475 28.92 -24.06 -40.54
C THR PA 475 27.86 -23.75 -39.49
N LEU PA 476 28.28 -23.21 -38.33
CA LEU PA 476 27.30 -22.83 -37.32
C LEU PA 476 26.39 -21.71 -37.82
N ASP PA 477 26.93 -20.77 -38.59
CA ASP PA 477 26.09 -19.72 -39.16
C ASP PA 477 25.13 -20.30 -40.19
N ALA PA 478 25.57 -21.28 -40.96
CA ALA PA 478 24.66 -21.94 -41.90
C ALA PA 478 23.53 -22.63 -41.16
N ALA PA 479 23.85 -23.32 -40.06
CA ALA PA 479 22.81 -23.95 -39.25
C ALA PA 479 21.87 -22.91 -38.66
N PHE PA 480 22.44 -21.79 -38.21
CA PHE PA 480 21.62 -20.69 -37.69
C PHE PA 480 20.65 -20.18 -38.74
N THR PA 481 21.14 -20.00 -39.97
CA THR PA 481 20.29 -19.51 -41.05
C THR PA 481 19.16 -20.51 -41.34
N LYS PA 482 19.49 -21.80 -41.38
CA LYS PA 482 18.46 -22.80 -41.63
C LYS PA 482 17.40 -22.78 -40.53
N LEU PA 483 17.83 -22.78 -39.27
CA LEU PA 483 16.89 -22.80 -38.16
C LEU PA 483 16.04 -21.53 -38.14
N ASP PA 484 16.67 -20.37 -38.39
CA ASP PA 484 15.93 -19.12 -38.40
C ASP PA 484 14.92 -19.09 -39.53
N LYS PA 485 15.28 -19.62 -40.70
CA LYS PA 485 14.34 -19.68 -41.81
C LYS PA 485 13.13 -20.53 -41.45
N LEU PA 486 13.37 -21.70 -40.85
CA LEU PA 486 12.24 -22.55 -40.49
C LEU PA 486 11.39 -21.90 -39.39
N THR PA 487 12.03 -21.27 -38.41
CA THR PA 487 11.28 -20.61 -37.34
C THR PA 487 10.43 -19.47 -37.88
N GLY PA 488 10.99 -18.65 -38.78
CA GLY PA 488 10.22 -17.59 -39.39
C GLY PA 488 9.07 -18.11 -40.22
N GLU PA 489 9.31 -19.21 -40.95
CA GLU PA 489 8.23 -19.82 -41.73
C GLU PA 489 7.11 -20.28 -40.82
N LEU PA 490 7.45 -20.92 -39.71
CA LEU PA 490 6.42 -21.39 -38.77
C LEU PA 490 5.67 -20.22 -38.15
N GLY PA 491 6.39 -19.15 -37.81
CA GLY PA 491 5.72 -17.98 -37.25
C GLY PA 491 4.77 -17.33 -38.23
N ALA PA 492 5.18 -17.22 -39.50
CA ALA PA 492 4.29 -16.68 -40.52
C ALA PA 492 3.06 -17.55 -40.71
N VAL PA 493 3.25 -18.88 -40.74
CA VAL PA 493 2.11 -19.78 -40.89
C VAL PA 493 1.17 -19.65 -39.70
N GLN PA 494 1.72 -19.49 -38.50
CA GLN PA 494 0.86 -19.41 -37.32
C GLN PA 494 0.11 -18.08 -37.29
N ASN PA 495 0.75 -16.99 -37.73
CA ASN PA 495 0.04 -15.72 -37.86
C ASN PA 495 -1.09 -15.81 -38.87
N ARG PA 496 -0.81 -16.43 -40.02
CA ARG PA 496 -1.86 -16.64 -41.01
C ARG PA 496 -2.98 -17.50 -40.46
N LEU PA 497 -2.64 -18.49 -39.63
CA LEU PA 497 -3.66 -19.34 -39.02
C LEU PA 497 -4.52 -18.55 -38.04
N GLU PA 498 -3.92 -17.64 -37.28
CA GLU PA 498 -4.69 -16.77 -36.41
C GLU PA 498 -5.64 -15.88 -37.22
N SER PA 499 -5.15 -15.35 -38.33
CA SER PA 499 -6.01 -14.55 -39.20
C SER PA 499 -7.14 -15.38 -39.77
N THR PA 500 -6.86 -16.64 -40.14
CA THR PA 500 -7.94 -17.52 -40.58
C THR PA 500 -8.93 -17.78 -39.47
N ILE PA 501 -8.47 -17.91 -38.23
CA ILE PA 501 -9.38 -18.08 -37.11
C ILE PA 501 -10.34 -16.90 -37.04
N ALA PA 502 -9.79 -15.68 -37.11
CA ALA PA 502 -10.64 -14.50 -37.05
C ALA PA 502 -11.61 -14.45 -38.22
N ASN PA 503 -11.12 -14.74 -39.43
CA ASN PA 503 -11.97 -14.67 -40.61
C ASN PA 503 -13.09 -15.71 -40.55
N LEU PA 504 -12.76 -16.94 -40.16
CA LEU PA 504 -13.78 -17.97 -40.06
C LEU PA 504 -14.78 -17.66 -38.96
N ASN PA 505 -14.34 -17.10 -37.85
CA ASN PA 505 -15.28 -16.71 -36.80
C ASN PA 505 -16.25 -15.65 -37.31
N ASN PA 506 -15.73 -14.65 -38.03
CA ASN PA 506 -16.60 -13.61 -38.58
C ASN PA 506 -17.58 -14.20 -39.58
N VAL PA 507 -17.10 -15.08 -40.45
CA VAL PA 507 -17.98 -15.68 -41.46
C VAL PA 507 -19.03 -16.54 -40.79
N VAL PA 508 -18.67 -17.25 -39.72
CA VAL PA 508 -19.65 -18.06 -38.98
C VAL PA 508 -20.72 -17.17 -38.38
N ASN PA 509 -20.31 -16.04 -37.79
CA ASN PA 509 -21.30 -15.13 -37.22
C ASN PA 509 -22.26 -14.62 -38.29
N ASN PA 510 -21.73 -14.19 -39.43
CA ASN PA 510 -22.59 -13.65 -40.47
C ASN PA 510 -23.49 -14.72 -41.08
N LEU PA 511 -22.98 -15.93 -41.26
CA LEU PA 511 -23.81 -17.01 -41.79
C LEU PA 511 -24.88 -17.45 -40.80
N SER PA 512 -24.56 -17.44 -39.51
CA SER PA 512 -25.59 -17.70 -38.51
C SER PA 512 -26.65 -16.61 -38.54
N SER PA 513 -26.25 -15.36 -38.76
CA SER PA 513 -27.23 -14.30 -38.94
C SER PA 513 -28.10 -14.56 -40.16
N ALA PA 514 -27.50 -14.96 -41.28
CA ALA PA 514 -28.29 -15.24 -42.48
C ALA PA 514 -29.27 -16.37 -42.22
N ARG PA 515 -28.83 -17.41 -41.52
CA ARG PA 515 -29.74 -18.49 -41.16
C ARG PA 515 -30.84 -17.99 -40.23
N SER PA 516 -30.52 -17.03 -39.37
CA SER PA 516 -31.54 -16.45 -38.50
C SER PA 516 -32.60 -15.71 -39.31
N ARG PA 517 -32.16 -14.89 -40.26
CA ARG PA 517 -33.11 -14.18 -41.12
C ARG PA 517 -33.96 -15.15 -41.92
N ILE PA 518 -33.37 -16.23 -42.43
CA ILE PA 518 -34.12 -17.08 -43.35
C ILE PA 518 -35.01 -18.06 -42.59
N GLN PA 519 -34.56 -18.58 -41.45
CA GLN PA 519 -35.15 -19.77 -40.83
C GLN PA 519 -35.89 -19.49 -39.54
N ASP PA 520 -35.31 -18.70 -38.64
CA ASP PA 520 -35.88 -18.55 -37.31
C ASP PA 520 -37.18 -17.76 -37.35
N ALA PA 521 -37.92 -17.82 -36.26
CA ALA PA 521 -39.22 -17.18 -36.13
C ALA PA 521 -39.12 -16.01 -35.16
N ASP PA 522 -39.56 -14.84 -35.61
CA ASP PA 522 -39.61 -13.64 -34.77
C ASP PA 522 -40.90 -13.66 -33.93
N TYR PA 523 -40.73 -13.99 -32.64
CA TYR PA 523 -41.83 -14.42 -31.80
C TYR PA 523 -42.98 -13.42 -31.72
N ALA PA 524 -42.73 -12.13 -32.00
CA ALA PA 524 -43.83 -11.18 -31.98
C ALA PA 524 -44.91 -11.55 -32.98
N THR PA 525 -44.52 -11.83 -34.22
CA THR PA 525 -45.49 -12.16 -35.26
C THR PA 525 -46.25 -13.44 -34.94
N GLU PA 526 -45.52 -14.48 -34.51
CA GLU PA 526 -46.19 -15.75 -34.23
C GLU PA 526 -47.10 -15.65 -33.01
N VAL PA 527 -46.70 -14.89 -31.99
CA VAL PA 527 -47.57 -14.70 -30.84
C VAL PA 527 -48.83 -13.95 -31.24
N SER PA 528 -48.69 -12.89 -32.03
CA SER PA 528 -49.87 -12.16 -32.48
C SER PA 528 -50.79 -13.03 -33.33
N ASN PA 529 -50.20 -13.82 -34.23
CA ASN PA 529 -51.00 -14.72 -35.05
C ASN PA 529 -51.68 -15.79 -34.20
N MET PA 530 -50.99 -16.28 -33.18
CA MET PA 530 -51.60 -17.25 -32.28
C MET PA 530 -52.78 -16.65 -31.53
N SER PA 531 -52.64 -15.42 -31.05
CA SER PA 531 -53.75 -14.79 -30.35
C SER PA 531 -54.93 -14.57 -31.29
N LYS PA 532 -54.65 -14.10 -32.50
CA LYS PA 532 -55.71 -13.93 -33.49
C LYS PA 532 -56.39 -15.26 -33.79
N ALA PA 533 -55.60 -16.33 -33.91
CA ALA PA 533 -56.16 -17.65 -34.19
C ALA PA 533 -57.02 -18.14 -33.04
N GLN PA 534 -56.61 -17.89 -31.80
CA GLN PA 534 -57.40 -18.32 -30.66
C GLN PA 534 -58.74 -17.57 -30.61
N ILE PA 535 -58.70 -16.25 -30.82
CA ILE PA 535 -59.95 -15.49 -30.83
C ILE PA 535 -60.85 -15.97 -31.96
N LEU PA 536 -60.25 -16.23 -33.12
CA LEU PA 536 -61.02 -16.77 -34.25
C LEU PA 536 -61.60 -18.13 -33.90
N GLN PA 537 -60.86 -18.95 -33.17
CA GLN PA 537 -61.35 -20.27 -32.78
C GLN PA 537 -62.57 -20.16 -31.90
N GLN PA 538 -62.49 -19.31 -30.87
CA GLN PA 538 -63.62 -19.14 -29.97
C GLN PA 538 -64.83 -18.56 -30.70
N ALA PA 539 -64.60 -17.55 -31.55
CA ALA PA 539 -65.69 -16.95 -32.31
C ALA PA 539 -66.33 -17.97 -33.25
N GLY PA 540 -65.49 -18.77 -33.92
CA GLY PA 540 -66.02 -19.78 -34.83
C GLY PA 540 -66.82 -20.85 -34.10
N THR PA 541 -66.34 -21.27 -32.94
CA THR PA 541 -67.11 -22.25 -32.16
C THR PA 541 -68.46 -21.67 -31.76
N SER PA 542 -68.49 -20.42 -31.32
CA SER PA 542 -69.76 -19.80 -30.93
C SER PA 542 -70.70 -19.66 -32.12
N VAL PA 543 -70.17 -19.20 -33.25
CA VAL PA 543 -71.00 -19.00 -34.43
C VAL PA 543 -71.54 -20.33 -34.94
N LEU PA 544 -70.71 -21.37 -34.91
CA LEU PA 544 -71.17 -22.71 -35.24
C LEU PA 544 -72.27 -23.14 -34.29
N ALA PA 545 -72.13 -22.80 -33.01
CA ALA PA 545 -73.19 -23.13 -32.06
C ALA PA 545 -74.50 -22.49 -32.49
N GLN PA 546 -74.51 -21.17 -32.72
CA GLN PA 546 -75.77 -20.53 -33.09
C GLN PA 546 -76.31 -21.08 -34.42
N ALA PA 547 -75.41 -21.45 -35.33
CA ALA PA 547 -75.84 -22.11 -36.55
C ALA PA 547 -76.56 -23.42 -36.25
N ASN PA 548 -76.10 -24.14 -35.23
CA ASN PA 548 -76.75 -25.40 -34.88
C ASN PA 548 -78.15 -25.20 -34.34
N GLN PA 549 -78.42 -24.11 -33.61
CA GLN PA 549 -79.79 -23.84 -33.19
C GLN PA 549 -80.58 -23.03 -34.20
N VAL PA 550 -79.98 -22.63 -35.32
CA VAL PA 550 -80.76 -22.03 -36.40
C VAL PA 550 -81.98 -22.87 -36.77
N PRO PA 551 -81.87 -24.19 -36.97
CA PRO PA 551 -83.07 -24.95 -37.35
C PRO PA 551 -84.04 -25.21 -36.20
N GLN PA 552 -83.69 -24.87 -34.96
CA GLN PA 552 -84.63 -25.04 -33.86
C GLN PA 552 -85.89 -24.21 -34.06
N THR PA 553 -85.80 -23.09 -34.77
CA THR PA 553 -86.97 -22.27 -35.02
C THR PA 553 -88.05 -23.04 -35.77
N VAL PA 554 -87.66 -24.10 -36.47
CA VAL PA 554 -88.65 -24.98 -37.10
C VAL PA 554 -89.55 -25.60 -36.05
N LEU PA 555 -88.99 -25.99 -34.91
CA LEU PA 555 -89.81 -26.56 -33.84
C LEU PA 555 -90.47 -25.45 -33.05
N SER PA 556 -91.12 -24.53 -33.75
CA SER PA 556 -92.07 -23.58 -33.19
C SER PA 556 -93.43 -23.74 -33.82
N LEU PA 557 -93.47 -23.89 -35.14
CA LEU PA 557 -94.68 -24.29 -35.85
C LEU PA 557 -94.68 -25.81 -36.01
N LEU PA 558 -95.84 -26.42 -35.76
CA LEU PA 558 -95.96 -27.87 -35.87
C LEU PA 558 -97.35 -28.25 -36.38
N ALA QA 2 -65.97 -45.61 -12.12
CA ALA QA 2 -67.39 -45.55 -11.83
C ALA QA 2 -67.95 -44.13 -11.96
N ALA QA 3 -69.02 -43.85 -11.24
CA ALA QA 3 -69.58 -42.52 -11.11
C ALA QA 3 -69.91 -42.21 -9.66
N VAL QA 4 -69.09 -42.73 -8.76
CA VAL QA 4 -69.35 -42.68 -7.34
C VAL QA 4 -68.87 -41.36 -6.77
N ILE QA 5 -69.48 -40.93 -5.66
CA ILE QA 5 -69.04 -39.74 -4.96
C ILE QA 5 -68.73 -39.99 -3.49
N ASN QA 6 -69.30 -41.03 -2.87
CA ASN QA 6 -69.05 -41.26 -1.45
C ASN QA 6 -67.58 -41.51 -1.17
N THR QA 7 -66.93 -42.28 -2.03
CA THR QA 7 -65.50 -42.51 -1.94
C THR QA 7 -64.83 -42.03 -3.21
N ASN QA 8 -63.70 -41.36 -3.06
CA ASN QA 8 -62.91 -40.88 -4.18
C ASN QA 8 -61.52 -41.48 -4.05
N TYR QA 9 -61.29 -42.59 -4.76
CA TYR QA 9 -60.02 -43.29 -4.64
C TYR QA 9 -58.86 -42.41 -5.09
N LEU QA 10 -59.08 -41.60 -6.13
CA LEU QA 10 -58.02 -40.73 -6.63
C LEU QA 10 -57.61 -39.72 -5.57
N SER QA 11 -58.57 -39.18 -4.83
CA SER QA 11 -58.24 -38.24 -3.75
C SER QA 11 -57.40 -38.92 -2.68
N LEU QA 12 -57.74 -40.16 -2.34
CA LEU QA 12 -56.96 -40.88 -1.33
C LEU QA 12 -55.54 -41.14 -1.80
N VAL QA 13 -55.38 -41.54 -3.07
CA VAL QA 13 -54.03 -41.77 -3.60
C VAL QA 13 -53.24 -40.48 -3.59
N ALA QA 14 -53.87 -39.37 -3.99
CA ALA QA 14 -53.20 -38.08 -3.97
C ALA QA 14 -52.78 -37.71 -2.56
N GLN QA 15 -53.65 -37.96 -1.58
CA GLN QA 15 -53.31 -37.66 -0.19
C GLN QA 15 -52.12 -38.50 0.27
N ASN QA 16 -52.09 -39.78 -0.09
CA ASN QA 16 -50.96 -40.62 0.30
C ASN QA 16 -49.66 -40.11 -0.29
N ASN QA 17 -49.66 -39.81 -1.59
CA ASN QA 17 -48.44 -39.32 -2.23
C ASN QA 17 -48.03 -37.98 -1.64
N LEU QA 18 -49.01 -37.12 -1.34
CA LEU QA 18 -48.72 -35.84 -0.71
C LEU QA 18 -48.07 -36.03 0.65
N ASN QA 19 -48.57 -36.99 1.44
CA ASN QA 19 -47.98 -37.26 2.75
C ASN QA 19 -46.55 -37.77 2.62
N LYS QA 20 -46.31 -38.67 1.66
CA LYS QA 20 -44.95 -39.18 1.48
C LYS QA 20 -44.00 -38.07 1.06
N SER QA 21 -44.43 -37.23 0.11
CA SER QA 21 -43.60 -36.10 -0.30
C SER QA 21 -43.37 -35.13 0.83
N GLN QA 22 -44.40 -34.90 1.66
CA GLN QA 22 -44.25 -34.01 2.80
C GLN QA 22 -43.26 -34.56 3.82
N SER QA 23 -43.29 -35.87 4.05
CA SER QA 23 -42.30 -36.47 4.95
C SER QA 23 -40.90 -36.31 4.40
N SER QA 24 -40.72 -36.52 3.09
CA SER QA 24 -39.41 -36.32 2.48
C SER QA 24 -38.96 -34.87 2.63
N LEU QA 25 -39.87 -33.93 2.41
CA LEU QA 25 -39.55 -32.51 2.57
C LEU QA 25 -39.16 -32.20 3.99
N GLY QA 26 -39.89 -32.76 4.96
CA GLY QA 26 -39.57 -32.52 6.35
C GLY QA 26 -38.19 -33.04 6.73
N THR QA 27 -37.85 -34.24 6.25
CA THR QA 27 -36.52 -34.77 6.49
C THR QA 27 -35.46 -33.86 5.86
N ALA QA 28 -35.71 -33.39 4.64
CA ALA QA 28 -34.75 -32.51 3.99
C ALA QA 28 -34.57 -31.21 4.77
N ILE QA 29 -35.67 -30.62 5.23
CA ILE QA 29 -35.60 -29.38 6.00
C ILE QA 29 -34.84 -29.59 7.30
N GLU QA 30 -35.12 -30.70 7.99
CA GLU QA 30 -34.44 -30.97 9.25
C GLU QA 30 -32.94 -31.16 9.03
N ARG QA 31 -32.57 -31.90 7.97
CA ARG QA 31 -31.15 -32.10 7.68
C ARG QA 31 -30.47 -30.78 7.31
N LEU QA 32 -31.16 -29.93 6.56
CA LEU QA 32 -30.58 -28.63 6.20
C LEU QA 32 -30.38 -27.76 7.44
N SER QA 33 -31.41 -27.67 8.29
CA SER QA 33 -31.33 -26.79 9.45
C SER QA 33 -30.30 -27.27 10.44
N SER QA 34 -30.32 -28.56 10.78
CA SER QA 34 -29.35 -29.09 11.71
C SER QA 34 -27.94 -29.06 11.13
N GLY QA 35 -27.82 -29.31 9.84
CA GLY QA 35 -26.52 -29.47 9.21
C GLY QA 35 -25.91 -30.83 9.39
N LEU QA 36 -26.57 -31.74 10.11
CA LEU QA 36 -26.09 -33.08 10.37
C LEU QA 36 -27.01 -34.08 9.67
N ARG QA 37 -26.43 -34.93 8.82
CA ARG QA 37 -27.23 -35.94 8.14
C ARG QA 37 -27.80 -36.93 9.15
N ILE QA 38 -27.01 -37.36 10.11
CA ILE QA 38 -27.46 -38.28 11.15
C ILE QA 38 -27.84 -37.44 12.37
N ASN QA 39 -29.09 -37.00 12.38
CA ASN QA 39 -29.72 -36.43 13.57
C ASN QA 39 -31.08 -37.07 13.69
N SER QA 40 -31.58 -37.18 14.92
CA SER QA 40 -32.77 -37.98 15.19
C SER QA 40 -32.52 -39.42 14.75
N ALA QA 41 -31.66 -40.08 15.52
CA ALA QA 41 -30.93 -41.30 15.15
C ALA QA 41 -31.73 -42.35 14.39
N LYS QA 42 -33.07 -42.28 14.48
CA LYS QA 42 -33.95 -43.23 13.80
C LYS QA 42 -33.49 -43.55 12.37
N ASP QA 43 -32.84 -42.62 11.71
CA ASP QA 43 -32.18 -42.88 10.44
C ASP QA 43 -30.69 -43.14 10.69
N ASP QA 44 -30.19 -44.28 10.20
CA ASP QA 44 -28.80 -44.67 10.35
C ASP QA 44 -28.40 -44.75 11.83
N ALA QA 45 -29.03 -45.67 12.54
CA ALA QA 45 -28.73 -45.87 13.95
C ALA QA 45 -27.27 -46.26 14.17
N ALA QA 46 -26.75 -47.15 13.32
CA ALA QA 46 -25.33 -47.47 13.38
C ALA QA 46 -24.48 -46.25 13.10
N GLY QA 47 -24.91 -45.42 12.15
CA GLY QA 47 -24.22 -44.17 11.92
C GLY QA 47 -24.24 -43.27 13.15
N MET QA 48 -25.36 -43.26 13.88
CA MET QA 48 -25.42 -42.49 15.11
C MET QA 48 -24.43 -43.02 16.14
N ALA QA 49 -24.34 -44.34 16.28
CA ALA QA 49 -23.38 -44.91 17.21
C ALA QA 49 -21.95 -44.56 16.81
N ILE QA 50 -21.66 -44.62 15.51
CA ILE QA 50 -20.33 -44.26 15.01
C ILE QA 50 -20.02 -42.81 15.33
N ALA QA 51 -20.98 -41.92 15.07
CA ALA QA 51 -20.77 -40.49 15.33
C ALA QA 51 -20.60 -40.23 16.82
N ASN QA 52 -21.37 -40.92 17.65
CA ASN QA 52 -21.24 -40.78 19.10
C ASN QA 52 -19.85 -41.19 19.56
N ARG QA 53 -19.38 -42.35 19.09
CA ARG QA 53 -18.04 -42.80 19.48
C ARG QA 53 -16.98 -41.83 19.01
N PHE QA 54 -17.12 -41.33 17.77
CA PHE QA 54 -16.14 -40.39 17.24
C PHE QA 54 -16.14 -39.08 18.02
N THR QA 55 -17.32 -38.58 18.38
CA THR QA 55 -17.39 -37.36 19.18
C THR QA 55 -16.72 -37.56 20.53
N ALA QA 56 -17.02 -38.68 21.19
CA ALA QA 56 -16.39 -38.95 22.48
C ALA QA 56 -14.88 -39.00 22.34
N ASN QA 57 -14.39 -39.70 21.31
CA ASN QA 57 -12.95 -39.79 21.11
C ASN QA 57 -12.34 -38.43 20.81
N VAL QA 58 -13.04 -37.58 20.04
CA VAL QA 58 -12.50 -36.29 19.67
C VAL QA 58 -12.39 -35.38 20.88
N ARG QA 59 -13.44 -35.33 21.71
CA ARG QA 59 -13.34 -34.53 22.93
C ARG QA 59 -12.27 -35.07 23.86
N GLY QA 60 -12.18 -36.40 23.99
CA GLY QA 60 -11.16 -36.99 24.83
C GLY QA 60 -9.76 -36.62 24.36
N LEU QA 61 -9.53 -36.65 23.05
CA LEU QA 61 -8.19 -36.37 22.54
C LEU QA 61 -7.86 -34.88 22.58
N THR QA 62 -8.86 -34.00 22.39
CA THR QA 62 -8.60 -32.57 22.58
C THR QA 62 -8.23 -32.28 24.03
N GLN QA 63 -8.97 -32.86 24.97
CA GLN QA 63 -8.61 -32.69 26.38
C GLN QA 63 -7.25 -33.32 26.68
N ALA QA 64 -6.91 -34.40 25.97
CA ALA QA 64 -5.59 -35.00 26.11
C ALA QA 64 -4.49 -34.05 25.65
N ALA QA 65 -4.73 -33.36 24.53
CA ALA QA 65 -3.78 -32.36 24.06
C ALA QA 65 -3.63 -31.25 25.09
N ARG QA 66 -4.73 -30.84 25.70
CA ARG QA 66 -4.64 -29.84 26.76
C ARG QA 66 -3.80 -30.35 27.94
N ASN QA 67 -4.02 -31.61 28.33
CA ASN QA 67 -3.25 -32.19 29.44
C ASN QA 67 -1.77 -32.26 29.11
N ALA QA 68 -1.44 -32.66 27.89
CA ALA QA 68 -0.04 -32.74 27.49
C ALA QA 68 0.60 -31.35 27.42
N ASN QA 69 -0.17 -30.33 27.01
CA ASN QA 69 0.35 -28.97 27.04
C ASN QA 69 0.63 -28.54 28.48
N ASP QA 70 -0.26 -28.91 29.41
CA ASP QA 70 0.00 -28.61 30.82
C ASP QA 70 1.25 -29.30 31.30
N GLY QA 71 1.46 -30.55 30.88
CA GLY QA 71 2.69 -31.25 31.23
C GLY QA 71 3.93 -30.57 30.67
N ILE QA 72 3.83 -30.09 29.42
CA ILE QA 72 4.95 -29.37 28.82
C ILE QA 72 5.28 -28.12 29.64
N SER QA 73 4.24 -27.37 30.04
CA SER QA 73 4.48 -26.17 30.83
C SER QA 73 5.09 -26.50 32.18
N LEU QA 74 4.62 -27.58 32.82
CA LEU QA 74 5.21 -28.00 34.09
C LEU QA 74 6.68 -28.35 33.91
N ALA QA 75 7.00 -29.11 32.86
CA ALA QA 75 8.39 -29.43 32.58
C ALA QA 75 9.20 -28.17 32.33
N GLN QA 76 8.61 -27.18 31.67
CA GLN QA 76 9.30 -25.92 31.41
C GLN QA 76 9.67 -25.22 32.71
N THR QA 77 8.71 -25.11 33.63
CA THR QA 77 8.99 -24.46 34.91
C THR QA 77 10.07 -25.21 35.68
N THR QA 78 9.94 -26.54 35.73
CA THR QA 78 10.89 -27.34 36.50
C THR QA 78 12.29 -27.23 35.89
N GLU QA 79 12.36 -27.25 34.55
CA GLU QA 79 13.65 -27.11 33.87
C GLU QA 79 14.26 -25.75 34.10
N GLY QA 80 13.46 -24.69 34.12
CA GLY QA 80 14.00 -23.37 34.43
C GLY QA 80 14.60 -23.31 35.82
N ALA QA 81 13.88 -23.86 36.80
CA ALA QA 81 14.43 -23.91 38.15
C ALA QA 81 15.71 -24.73 38.19
N ALA QA 82 15.73 -25.86 37.47
CA ALA QA 82 16.93 -26.70 37.43
C ALA QA 82 18.10 -25.96 36.80
N SER QA 83 17.84 -25.17 35.76
CA SER QA 83 18.91 -24.38 35.14
C SER QA 83 19.46 -23.35 36.11
N GLU QA 84 18.59 -22.71 36.90
CA GLU QA 84 19.09 -21.78 37.90
C GLU QA 84 19.94 -22.49 38.95
N VAL QA 85 19.50 -23.68 39.38
CA VAL QA 85 20.32 -24.45 40.31
C VAL QA 85 21.65 -24.82 39.66
N ASN QA 86 21.63 -25.08 38.35
CA ASN QA 86 22.86 -25.39 37.63
C ASN QA 86 23.83 -24.21 37.65
N THR QA 87 23.31 -23.00 37.46
CA THR QA 87 24.16 -21.83 37.57
C THR QA 87 24.71 -21.69 38.98
N HIS QA 88 23.89 -22.00 39.98
CA HIS QA 88 24.37 -21.97 41.36
C HIS QA 88 25.51 -22.96 41.58
N LEU QA 89 25.37 -24.17 41.04
CA LEU QA 89 26.44 -25.16 41.15
C LEU QA 89 27.70 -24.69 40.46
N GLN QA 90 27.55 -24.04 39.30
CA GLN QA 90 28.71 -23.49 38.59
C GLN QA 90 29.43 -22.45 39.45
N ARG QA 91 28.67 -21.54 40.06
CA ARG QA 91 29.29 -20.52 40.90
C ARG QA 91 29.96 -21.15 42.12
N ILE QA 92 29.32 -22.16 42.72
CA ILE QA 92 29.90 -22.84 43.88
C ILE QA 92 31.21 -23.50 43.49
N ARG QA 93 31.24 -24.16 42.32
CA ARG QA 93 32.48 -24.80 41.87
C ARG QA 93 33.56 -23.77 41.60
N GLU QA 94 33.18 -22.61 41.07
CA GLU QA 94 34.14 -21.53 40.87
C GLU QA 94 34.76 -21.09 42.20
N LEU QA 95 33.93 -20.87 43.21
CA LEU QA 95 34.46 -20.53 44.54
C LEU QA 95 35.29 -21.66 45.12
N THR QA 96 34.91 -22.90 44.87
CA THR QA 96 35.65 -24.03 45.39
C THR QA 96 37.05 -24.09 44.79
N VAL QA 97 37.15 -23.85 43.48
CA VAL QA 97 38.45 -23.81 42.83
C VAL QA 97 39.26 -22.65 43.37
N GLN QA 98 38.64 -21.48 43.55
CA GLN QA 98 39.37 -20.33 44.04
C GLN QA 98 39.90 -20.55 45.45
N ALA QA 99 39.07 -21.10 46.33
CA ALA QA 99 39.44 -21.26 47.74
C ALA QA 99 40.29 -22.49 48.00
N SER QA 100 40.40 -23.41 47.03
CA SER QA 100 41.30 -24.54 47.20
C SER QA 100 42.75 -24.10 47.26
N ASN QA 101 43.05 -22.88 46.81
CA ASN QA 101 44.39 -22.33 46.91
C ASN QA 101 44.76 -22.15 48.38
N GLY QA 102 46.05 -22.35 48.67
CA GLY QA 102 46.55 -22.16 50.01
C GLY QA 102 46.98 -20.76 50.37
N SER QA 103 47.12 -19.87 49.37
CA SER QA 103 47.57 -18.52 49.65
C SER QA 103 46.54 -17.72 50.43
N TYR QA 104 45.26 -18.09 50.33
CA TYR QA 104 44.22 -17.37 51.06
C TYR QA 104 44.25 -17.72 52.53
N SER QA 105 44.21 -16.70 53.38
CA SER QA 105 44.19 -16.91 54.82
C SER QA 105 42.80 -17.32 55.26
N GLN QA 106 42.62 -17.47 56.58
CA GLN QA 106 41.37 -18.03 57.11
C GLN QA 106 40.19 -17.10 56.88
N GLU QA 107 40.41 -15.78 56.95
CA GLU QA 107 39.29 -14.85 56.82
C GLU QA 107 38.70 -14.86 55.42
N GLN QA 108 39.55 -14.89 54.39
CA GLN QA 108 39.02 -14.97 53.03
C GLN QA 108 38.30 -16.28 52.80
N LEU QA 109 38.82 -17.37 53.39
CA LEU QA 109 38.11 -18.65 53.31
C LEU QA 109 36.76 -18.56 54.00
N ASP QA 110 36.67 -17.83 55.10
CA ASP QA 110 35.39 -17.65 55.77
C ASP QA 110 34.42 -16.86 54.91
N SER QA 111 34.91 -15.83 54.22
CA SER QA 111 34.05 -15.08 53.31
C SER QA 111 33.57 -15.96 52.16
N VAL QA 112 34.47 -16.78 51.60
CA VAL QA 112 34.08 -17.71 50.55
C VAL QA 112 33.03 -18.68 51.06
N GLN QA 113 33.22 -19.19 52.28
CA GLN QA 113 32.25 -20.12 52.85
C GLN QA 113 30.91 -19.45 53.07
N GLY QA 114 30.91 -18.17 53.47
CA GLY QA 114 29.67 -17.44 53.59
C GLY QA 114 28.95 -17.30 52.26
N GLU QA 115 29.70 -17.00 51.19
CA GLU QA 115 29.09 -16.91 49.87
C GLU QA 115 28.53 -18.26 49.44
N ILE QA 116 29.28 -19.34 49.70
CA ILE QA 116 28.81 -20.68 49.34
C ILE QA 116 27.57 -21.04 50.14
N ASN QA 117 27.52 -20.65 51.41
CA ASN QA 117 26.33 -20.89 52.22
C ASN QA 117 25.14 -20.13 51.66
N GLN QA 118 25.36 -18.90 51.22
CA GLN QA 118 24.27 -18.15 50.59
C GLN QA 118 23.77 -18.87 49.34
N ARG QA 119 24.70 -19.36 48.52
CA ARG QA 119 24.31 -20.10 47.32
C ARG QA 119 23.54 -21.36 47.66
N LEU QA 120 24.00 -22.11 48.67
CA LEU QA 120 23.31 -23.33 49.07
C LEU QA 120 21.92 -23.03 49.62
N ALA QA 121 21.80 -21.96 50.39
CA ALA QA 121 20.49 -21.55 50.88
C ALA QA 121 19.57 -21.20 49.72
N ASP QA 122 20.10 -20.55 48.69
CA ASP QA 122 19.29 -20.26 47.51
C ASP QA 122 18.87 -21.54 46.80
N ILE QA 123 19.78 -22.52 46.72
CA ILE QA 123 19.43 -23.80 46.10
C ILE QA 123 18.28 -24.45 46.86
N ASP QA 124 18.37 -24.45 48.18
CA ASP QA 124 17.32 -25.04 49.00
C ASP QA 124 16.02 -24.26 48.83
N ARG QA 125 16.10 -22.93 48.75
CA ARG QA 125 14.91 -22.11 48.54
C ARG QA 125 14.25 -22.42 47.22
N ILE QA 126 15.04 -22.53 46.15
CA ILE QA 126 14.51 -22.91 44.85
C ILE QA 126 13.80 -24.25 44.93
N SER QA 127 14.41 -25.19 45.66
CA SER QA 127 13.79 -26.50 45.83
C SER QA 127 12.44 -26.39 46.52
N GLU QA 128 12.39 -25.69 47.65
CA GLU QA 128 11.17 -25.65 48.45
C GLU QA 128 10.08 -24.77 47.83
N GLN QA 129 10.43 -23.87 46.91
CA GLN QA 129 9.47 -22.88 46.46
C GLN QA 129 9.17 -22.91 44.97
N THR QA 130 9.87 -23.72 44.18
CA THR QA 130 9.49 -23.87 42.78
C THR QA 130 8.13 -24.53 42.72
N ASP QA 131 7.10 -23.76 42.43
CA ASP QA 131 5.72 -24.22 42.52
C ASP QA 131 5.05 -24.14 41.16
N PHE QA 132 4.13 -25.07 40.91
CA PHE QA 132 3.35 -25.10 39.68
C PHE QA 132 1.98 -25.65 40.04
N ASN QA 133 0.98 -24.77 40.09
CA ASN QA 133 -0.39 -25.17 40.43
C ASN QA 133 -0.43 -25.85 41.80
N GLY QA 134 0.22 -25.22 42.78
CA GLY QA 134 0.23 -25.78 44.11
C GLY QA 134 1.02 -27.07 44.24
N VAL QA 135 1.91 -27.36 43.30
CA VAL QA 135 2.72 -28.57 43.31
C VAL QA 135 4.18 -28.16 43.37
N LYS QA 136 4.86 -28.54 44.45
CA LYS QA 136 6.28 -28.22 44.62
C LYS QA 136 7.07 -29.20 43.78
N VAL QA 137 7.20 -28.86 42.49
CA VAL QA 137 7.71 -29.82 41.52
C VAL QA 137 9.17 -30.15 41.78
N LEU QA 138 10.01 -29.15 41.98
CA LEU QA 138 11.43 -29.39 42.22
C LEU QA 138 11.75 -29.43 43.71
N SER QA 139 11.02 -30.24 44.47
CA SER QA 139 11.15 -30.20 45.91
C SER QA 139 11.47 -31.55 46.52
N ASP QA 140 11.44 -31.63 47.85
CA ASP QA 140 11.70 -32.86 48.57
C ASP QA 140 10.47 -33.75 48.66
N SER QA 141 9.30 -33.26 48.24
CA SER QA 141 8.06 -34.04 48.20
C SER QA 141 7.46 -33.86 46.81
N ALA QA 142 7.92 -34.67 45.86
CA ALA QA 142 7.44 -34.55 44.47
C ALA QA 142 7.40 -35.96 43.87
N LYS QA 143 6.22 -36.57 43.94
CA LYS QA 143 6.02 -37.85 43.29
C LYS QA 143 5.86 -37.64 41.79
N PRO QA 144 6.25 -38.63 40.97
CA PRO QA 144 6.05 -38.51 39.53
C PRO QA 144 4.57 -38.41 39.19
N LEU QA 145 4.27 -37.66 38.12
CA LEU QA 145 2.90 -37.38 37.73
C LEU QA 145 2.42 -38.42 36.72
N THR QA 146 1.24 -38.20 36.14
CA THR QA 146 0.63 -39.14 35.21
C THR QA 146 0.47 -38.58 33.81
N LEU QA 147 -0.17 -37.41 33.67
CA LEU QA 147 -0.38 -36.76 32.38
C LEU QA 147 -1.16 -37.66 31.42
N GLN QA 148 -2.41 -37.93 31.81
CA GLN QA 148 -3.32 -38.71 30.98
C GLN QA 148 -3.39 -38.11 29.58
N VAL QA 149 -2.95 -38.88 28.59
CA VAL QA 149 -2.91 -38.43 27.19
C VAL QA 149 -3.72 -39.43 26.36
N GLY QA 150 -5.01 -39.16 26.20
CA GLY QA 150 -5.86 -39.96 25.35
C GLY QA 150 -7.06 -40.51 26.08
N ALA QA 151 -8.11 -40.85 25.34
CA ALA QA 151 -9.25 -41.54 25.92
C ALA QA 151 -8.87 -42.99 26.24
N ASN QA 152 -9.84 -43.75 26.75
CA ASN QA 152 -9.63 -45.15 27.07
C ASN QA 152 -8.50 -45.30 28.09
N ASP QA 153 -8.79 -44.81 29.30
CA ASP QA 153 -7.82 -44.74 30.40
C ASP QA 153 -6.94 -45.98 30.48
N GLY QA 154 -5.68 -45.76 30.80
CA GLY QA 154 -4.71 -46.85 30.87
C GLY QA 154 -3.35 -46.39 30.40
N GLU QA 155 -3.27 -45.15 29.94
CA GLU QA 155 -2.03 -44.58 29.42
C GLU QA 155 -1.67 -43.33 30.22
N THR QA 156 -0.37 -43.18 30.49
CA THR QA 156 0.15 -42.05 31.24
C THR QA 156 1.52 -41.69 30.70
N ILE QA 157 1.96 -40.49 31.02
CA ILE QA 157 3.32 -40.04 30.71
C ILE QA 157 3.95 -39.65 32.05
N THR QA 158 4.61 -40.61 32.68
CA THR QA 158 5.26 -40.36 33.97
C THR QA 158 6.39 -39.36 33.80
N LEU QA 159 6.44 -38.36 34.69
CA LEU QA 159 7.46 -37.32 34.61
C LEU QA 159 8.75 -37.71 35.31
N ASN QA 160 8.66 -38.40 36.45
CA ASN QA 160 9.83 -38.82 37.21
C ASN QA 160 10.69 -37.60 37.60
N LEU QA 161 10.07 -36.70 38.36
CA LEU QA 161 10.70 -35.48 38.81
C LEU QA 161 10.67 -35.42 40.32
N SER QA 162 11.84 -35.17 40.93
CA SER QA 162 11.96 -35.09 42.38
C SER QA 162 13.41 -34.76 42.76
N GLU QA 163 13.56 -34.22 43.96
CA GLU QA 163 14.82 -34.24 44.71
C GLU QA 163 15.95 -33.52 43.98
N ILE QA 164 15.78 -32.22 43.83
CA ILE QA 164 16.88 -31.31 43.50
C ILE QA 164 16.96 -30.27 44.62
N SER QA 165 17.94 -30.42 45.48
CA SER QA 165 18.12 -29.55 46.64
C SER QA 165 19.46 -29.89 47.28
N VAL QA 166 19.88 -29.03 48.22
CA VAL QA 166 20.89 -29.46 49.15
C VAL QA 166 20.32 -30.65 49.94
N LYS QA 167 21.22 -31.51 50.43
CA LYS QA 167 20.96 -32.75 51.14
C LYS QA 167 20.50 -33.85 50.18
N THR QA 168 20.25 -33.55 48.91
CA THR QA 168 20.01 -34.59 47.92
C THR QA 168 20.91 -34.50 46.70
N LEU QA 169 21.53 -33.36 46.43
CA LEU QA 169 22.66 -33.31 45.52
C LEU QA 169 23.93 -33.84 46.17
N GLY QA 170 23.88 -34.14 47.46
CA GLY QA 170 24.96 -34.82 48.16
C GLY QA 170 25.83 -33.91 49.00
N LEU QA 171 25.81 -32.61 48.76
CA LEU QA 171 26.69 -31.73 49.52
C LEU QA 171 26.33 -31.72 51.01
N ASP QA 172 25.21 -31.07 51.34
CA ASP QA 172 24.57 -31.13 52.65
C ASP QA 172 25.43 -30.58 53.79
N GLY QA 173 26.73 -30.41 53.55
CA GLY QA 173 27.61 -29.86 54.56
C GLY QA 173 28.77 -29.13 53.94
N PHE QA 174 28.64 -28.78 52.66
CA PHE QA 174 29.78 -28.41 51.83
C PHE QA 174 30.56 -27.27 52.48
N ASN QA 175 31.77 -27.58 52.95
CA ASN QA 175 32.52 -26.71 53.86
C ASN QA 175 33.90 -26.48 53.24
N VAL QA 176 34.01 -25.43 52.41
CA VAL QA 176 35.25 -25.18 51.70
C VAL QA 176 36.37 -24.79 52.66
N ASN QA 177 36.05 -24.07 53.72
CA ASN QA 177 37.04 -23.75 54.75
C ASN QA 177 36.95 -24.78 55.86
N GLY QA 178 37.60 -24.52 56.97
CA GLY QA 178 37.63 -25.44 58.10
C GLY QA 178 39.05 -25.81 58.46
N LYS QA 179 39.16 -26.77 59.38
CA LYS QA 179 40.46 -27.20 59.86
C LYS QA 179 41.26 -27.93 58.79
N GLY QA 180 40.65 -28.31 57.68
CA GLY QA 180 41.37 -29.02 56.65
C GLY QA 180 41.81 -30.37 57.15
N VAL QA 181 43.12 -30.61 57.14
CA VAL QA 181 43.70 -31.83 57.67
C VAL QA 181 44.32 -31.51 59.03
N THR QA 182 43.73 -32.05 60.09
CA THR QA 182 44.24 -31.81 61.43
C THR QA 182 45.53 -32.58 61.66
N GLN QA 183 46.40 -32.02 62.51
CA GLN QA 183 47.66 -32.64 62.86
C GLN QA 183 47.58 -33.16 64.29
N ASN QA 184 47.79 -34.46 64.47
CA ASN QA 184 47.79 -35.05 65.79
C ASN QA 184 49.05 -34.65 66.56
N ARG QA 185 49.00 -34.80 67.87
CA ARG QA 185 50.12 -34.48 68.73
C ARG QA 185 50.84 -35.76 69.15
N SER QA 186 52.16 -35.69 69.25
CA SER QA 186 52.94 -36.84 69.67
C SER QA 186 52.59 -37.22 71.10
N ALA QA 187 52.35 -38.50 71.33
CA ALA QA 187 52.02 -39.00 72.65
C ALA QA 187 53.28 -39.05 73.53
N THR QA 188 53.07 -39.25 74.82
CA THR QA 188 54.16 -39.31 75.77
C THR QA 188 53.80 -40.28 76.89
N VAL QA 189 54.67 -40.35 77.90
CA VAL QA 189 54.47 -41.30 78.99
C VAL QA 189 53.19 -41.02 79.74
N THR QA 190 52.79 -39.75 79.87
CA THR QA 190 51.57 -39.43 80.60
C THR QA 190 50.36 -40.07 79.96
N ASP QA 191 50.26 -39.98 78.62
CA ASP QA 191 49.12 -40.57 77.93
C ASP QA 191 49.11 -42.08 78.09
N VAL QA 192 50.26 -42.72 77.93
CA VAL QA 192 50.30 -44.18 77.98
C VAL QA 192 49.96 -44.68 79.38
N ILE QA 193 50.51 -44.04 80.42
CA ILE QA 193 50.15 -44.44 81.77
C ILE QA 193 48.70 -44.08 82.09
N ALA QA 194 48.13 -43.11 81.38
CA ALA QA 194 46.70 -42.88 81.50
C ALA QA 194 45.89 -44.01 80.88
N GLN QA 195 46.45 -44.68 79.86
CA GLN QA 195 45.79 -45.87 79.34
C GLN QA 195 45.87 -47.05 80.29
N GLY QA 196 46.74 -47.00 81.29
CA GLY QA 196 46.70 -47.95 82.39
C GLY QA 196 47.48 -49.23 82.21
N GLY QA 197 48.42 -49.29 81.27
CA GLY QA 197 49.27 -50.44 81.09
C GLY QA 197 50.44 -50.43 82.04
N THR QA 198 51.40 -51.31 81.78
CA THR QA 198 52.54 -51.52 82.66
C THR QA 198 53.82 -51.06 82.01
N LEU QA 199 54.76 -50.62 82.83
CA LEU QA 199 56.09 -50.22 82.38
C LEU QA 199 57.08 -51.33 82.69
N GLN QA 200 58.24 -51.26 82.03
CA GLN QA 200 59.33 -52.17 82.35
C GLN QA 200 60.64 -51.44 82.07
N GLY QA 201 61.74 -52.18 82.02
CA GLY QA 201 63.03 -51.57 81.84
C GLY QA 201 63.13 -50.81 80.52
N ASP QA 202 63.96 -49.76 80.53
CA ASP QA 202 64.20 -48.89 79.39
C ASP QA 202 62.93 -48.15 78.95
N GLY QA 203 61.95 -48.01 79.84
CA GLY QA 203 60.77 -47.23 79.55
C GLY QA 203 59.78 -47.87 78.61
N THR QA 204 60.06 -49.08 78.12
CA THR QA 204 59.13 -49.75 77.22
C THR QA 204 57.80 -50.01 77.92
N TYR QA 205 56.72 -49.71 77.22
CA TYR QA 205 55.38 -49.70 77.80
C TYR QA 205 54.50 -50.73 77.13
N LYS QA 206 53.55 -51.27 77.88
CA LYS QA 206 52.64 -52.31 77.41
C LYS QA 206 51.23 -51.72 77.38
N ALA QA 207 50.87 -51.11 76.26
CA ALA QA 207 49.55 -50.52 76.10
C ALA QA 207 48.57 -51.56 75.59
N THR QA 208 47.38 -51.57 76.19
CA THR QA 208 46.33 -52.54 75.85
C THR QA 208 45.19 -51.78 75.17
N THR QA 209 44.95 -52.10 73.90
CA THR QA 209 43.95 -51.40 73.10
C THR QA 209 42.80 -52.33 72.78
N THR QA 210 41.59 -51.91 73.15
CA THR QA 210 40.37 -52.67 72.86
C THR QA 210 39.86 -52.34 71.46
N PHE QA 211 39.15 -53.31 70.87
CA PHE QA 211 38.72 -53.25 69.48
C PHE QA 211 37.22 -53.42 69.31
N ASN QA 212 36.43 -53.02 70.31
CA ASN QA 212 34.99 -53.23 70.26
C ASN QA 212 34.39 -52.60 69.01
N ALA QA 213 33.92 -53.42 68.09
CA ALA QA 213 33.57 -52.97 66.75
C ALA QA 213 32.68 -54.03 66.10
N ALA QA 214 32.54 -53.96 64.77
CA ALA QA 214 31.73 -54.88 63.97
C ALA QA 214 30.23 -54.66 64.24
N SER QA 215 29.82 -53.39 64.20
CA SER QA 215 28.43 -53.02 64.35
C SER QA 215 27.75 -52.95 62.99
N ALA QA 216 26.58 -52.32 62.94
CA ALA QA 216 25.77 -52.33 61.73
C ALA QA 216 26.45 -51.61 60.57
N GLU QA 217 27.06 -50.45 60.83
CA GLU QA 217 27.54 -49.62 59.73
C GLU QA 217 28.65 -50.30 58.94
N THR QA 218 29.40 -51.19 59.57
CA THR QA 218 30.53 -51.83 58.89
C THR QA 218 30.22 -53.24 58.41
N VAL QA 219 29.40 -54.01 59.13
CA VAL QA 219 29.08 -55.36 58.69
C VAL QA 219 28.19 -55.33 57.47
N LEU QA 220 27.16 -54.48 57.48
CA LEU QA 220 26.22 -54.42 56.37
C LEU QA 220 26.83 -53.82 55.11
N SER QA 221 28.01 -53.20 55.22
CA SER QA 221 28.69 -52.69 54.03
C SER QA 221 29.17 -53.81 53.14
N LYS QA 222 29.43 -54.99 53.69
CA LYS QA 222 29.81 -56.17 52.92
C LYS QA 222 28.74 -57.22 53.15
N LEU QA 223 27.80 -57.35 52.21
CA LEU QA 223 26.68 -58.27 52.39
C LEU QA 223 26.06 -58.61 51.06
N GLU QA 224 25.98 -59.92 50.78
CA GLU QA 224 25.11 -60.43 49.71
C GLU QA 224 24.30 -61.64 50.12
N ASP QA 225 24.71 -62.40 51.14
CA ASP QA 225 24.04 -63.63 51.53
C ASP QA 225 22.98 -63.34 52.59
N GLY QA 226 22.48 -64.38 53.24
CA GLY QA 226 21.34 -64.23 54.12
C GLY QA 226 21.65 -63.44 55.38
N ASN QA 227 20.61 -62.82 55.93
CA ASN QA 227 20.68 -62.05 57.16
C ASN QA 227 19.45 -62.35 57.99
N THR QA 228 19.63 -62.50 59.30
CA THR QA 228 18.55 -62.92 60.19
C THR QA 228 18.40 -61.93 61.34
N VAL QA 229 17.15 -61.68 61.72
CA VAL QA 229 16.83 -60.93 62.94
C VAL QA 229 15.76 -61.70 63.69
N ALA QA 230 15.75 -61.53 65.02
CA ALA QA 230 14.79 -62.20 65.88
C ALA QA 230 14.87 -61.59 67.27
N VAL QA 231 13.72 -61.52 67.94
CA VAL QA 231 13.63 -60.94 69.28
C VAL QA 231 13.30 -62.06 70.28
N GLY QA 232 14.17 -62.20 71.28
CA GLY QA 232 13.93 -63.16 72.34
C GLY QA 232 13.69 -64.57 71.81
N GLY QA 233 12.65 -65.20 72.34
CA GLY QA 233 12.19 -66.49 71.87
C GLY QA 233 11.09 -66.44 70.85
N GLY QA 234 10.79 -65.27 70.28
CA GLY QA 234 9.73 -65.11 69.32
C GLY QA 234 10.13 -65.60 67.94
N ALA QA 235 9.34 -65.18 66.96
CA ALA QA 235 9.57 -65.61 65.58
C ALA QA 235 10.89 -65.05 65.05
N THR QA 236 11.49 -65.81 64.14
CA THR QA 236 12.76 -65.44 63.52
C THR QA 236 12.51 -65.08 62.06
N TYR QA 237 13.11 -63.99 61.61
CA TYR QA 237 12.94 -63.51 60.25
C TYR QA 237 14.28 -63.41 59.54
N THR QA 238 14.28 -63.78 58.26
CA THR QA 238 15.51 -63.89 57.47
C THR QA 238 15.44 -62.91 56.31
N TYR QA 239 16.62 -62.40 55.92
CA TYR QA 239 16.75 -61.40 54.87
C TYR QA 239 17.78 -61.87 53.86
N ASP QA 240 17.70 -61.33 52.65
CA ASP QA 240 18.62 -61.68 51.57
C ASP QA 240 18.92 -60.43 50.76
N ALA QA 241 20.16 -59.95 50.83
CA ALA QA 241 20.57 -58.74 50.13
C ALA QA 241 20.81 -59.09 48.67
N ALA QA 242 19.83 -58.80 47.82
CA ALA QA 242 19.92 -59.05 46.38
C ALA QA 242 19.55 -57.79 45.62
N LYS QA 243 20.42 -57.37 44.70
CA LYS QA 243 20.18 -56.18 43.87
C LYS QA 243 19.95 -54.93 44.73
N GLY QA 244 20.69 -54.83 45.83
CA GLY QA 244 20.60 -53.66 46.68
C GLY QA 244 19.42 -53.63 47.62
N ASN QA 245 18.61 -54.69 47.66
CA ASN QA 245 17.44 -54.72 48.53
C ASN QA 245 17.36 -56.08 49.20
N PHE QA 246 16.64 -56.13 50.30
CA PHE QA 246 16.47 -57.35 51.09
C PHE QA 246 15.08 -57.92 50.85
N THR QA 247 15.03 -59.22 50.50
CA THR QA 247 13.78 -59.90 50.18
C THR QA 247 13.14 -60.41 51.47
N TYR QA 248 12.62 -59.48 52.26
CA TYR QA 248 11.93 -59.84 53.49
C TYR QA 248 10.61 -60.55 53.17
N THR QA 249 10.31 -61.58 53.95
CA THR QA 249 9.04 -62.29 53.87
C THR QA 249 8.28 -62.08 55.16
N LYS QA 250 7.12 -61.43 55.07
CA LYS QA 250 6.29 -61.17 56.25
C LYS QA 250 5.63 -62.49 56.65
N THR QA 251 6.27 -63.20 57.59
CA THR QA 251 5.75 -64.48 58.04
C THR QA 251 4.79 -64.26 59.21
N VAL QA 252 3.59 -64.84 59.09
CA VAL QA 252 2.63 -64.76 60.17
C VAL QA 252 3.19 -65.44 61.41
N ASP QA 253 2.85 -64.90 62.58
CA ASP QA 253 3.08 -65.63 63.82
C ASP QA 253 2.33 -66.95 63.75
N THR QA 254 2.98 -68.02 64.24
CA THR QA 254 2.36 -69.34 64.12
C THR QA 254 1.55 -69.65 65.37
N THR QA 255 2.22 -69.81 66.51
CA THR QA 255 1.64 -69.78 67.86
C THR QA 255 0.22 -70.33 67.96
N VAL QA 256 -0.04 -71.49 67.37
CA VAL QA 256 -1.40 -72.02 67.30
C VAL QA 256 -1.37 -73.54 67.43
N GLY QA 257 -2.35 -74.07 68.14
CA GLY QA 257 -2.68 -75.48 68.12
C GLY QA 257 -3.85 -75.69 67.20
N ALA QA 258 -5.05 -75.80 67.76
CA ALA QA 258 -6.28 -75.91 66.97
C ALA QA 258 -6.96 -74.57 66.73
N ASP QA 259 -6.37 -73.47 67.18
CA ASP QA 259 -7.01 -72.15 67.10
C ASP QA 259 -6.53 -71.40 65.85
N VAL QA 260 -6.95 -71.91 64.70
CA VAL QA 260 -6.63 -71.29 63.42
C VAL QA 260 -7.22 -69.88 63.31
N THR QA 261 -8.24 -69.59 64.13
CA THR QA 261 -8.89 -68.28 64.07
C THR QA 261 -7.92 -67.15 64.36
N ALA QA 262 -6.90 -67.39 65.19
CA ALA QA 262 -5.90 -66.36 65.44
C ALA QA 262 -5.18 -65.96 64.17
N LEU QA 263 -4.74 -66.95 63.40
CA LEU QA 263 -4.07 -66.65 62.12
C LEU QA 263 -5.02 -66.00 61.14
N ALA QA 264 -6.26 -66.49 61.08
CA ALA QA 264 -7.23 -65.91 60.17
C ALA QA 264 -7.49 -64.44 60.49
N ASN QA 265 -7.66 -64.12 61.77
CA ASN QA 265 -7.90 -62.75 62.21
C ASN QA 265 -6.64 -61.90 62.22
N LYS QA 266 -5.46 -62.49 62.09
CA LYS QA 266 -4.28 -61.70 61.83
C LYS QA 266 -4.15 -61.36 60.35
N ILE QA 267 -4.56 -62.29 59.49
CA ILE QA 267 -4.55 -62.02 58.05
C ILE QA 267 -5.61 -60.98 57.71
N LYS QA 268 -6.77 -61.06 58.34
CA LYS QA 268 -7.92 -60.24 57.97
C LYS QA 268 -7.65 -58.74 57.95
N PRO QA 269 -7.01 -58.12 58.95
CA PRO QA 269 -6.82 -56.66 58.91
C PRO QA 269 -5.96 -56.20 57.74
N SER QA 270 -5.10 -57.06 57.19
CA SER QA 270 -4.32 -56.67 56.03
C SER QA 270 -5.18 -56.41 54.81
N SER QA 271 -6.41 -56.95 54.79
CA SER QA 271 -7.34 -56.72 53.69
C SER QA 271 -8.77 -56.54 54.21
N GLY QA 272 -8.91 -55.98 55.41
CA GLY QA 272 -10.22 -55.86 56.04
C GLY QA 272 -11.10 -54.77 55.48
N THR QA 273 -11.45 -54.87 54.20
CA THR QA 273 -12.32 -53.90 53.55
C THR QA 273 -12.99 -54.58 52.38
N ILE QA 274 -14.16 -54.08 51.99
CA ILE QA 274 -14.88 -54.61 50.84
C ILE QA 274 -14.11 -54.25 49.57
N SER QA 275 -13.73 -55.26 48.81
CA SER QA 275 -12.97 -55.06 47.58
C SER QA 275 -13.42 -56.12 46.57
N GLY QA 276 -12.72 -56.17 45.44
CA GLY QA 276 -13.05 -57.11 44.39
C GLY QA 276 -11.80 -57.57 43.67
N SER QA 277 -12.00 -58.43 42.67
CA SER QA 277 -10.92 -58.99 41.87
C SER QA 277 -9.91 -59.76 42.72
N TYR QA 278 -10.38 -60.33 43.84
CA TYR QA 278 -9.51 -61.15 44.66
C TYR QA 278 -9.13 -62.43 43.93
N GLU QA 279 -7.91 -62.90 44.17
CA GLU QA 279 -7.37 -64.10 43.54
C GLU QA 279 -7.22 -65.17 44.61
N ILE QA 280 -8.11 -66.16 44.56
CA ILE QA 280 -8.05 -67.31 45.47
C ILE QA 280 -7.42 -68.46 44.69
N SER QA 281 -6.16 -68.74 44.96
CA SER QA 281 -5.44 -69.85 44.34
C SER QA 281 -5.21 -70.90 45.41
N THR QA 282 -6.20 -71.76 45.60
CA THR QA 282 -6.13 -72.87 46.55
C THR QA 282 -5.98 -74.17 45.79
N GLY QA 283 -5.63 -75.22 46.54
CA GLY QA 283 -5.32 -76.49 45.91
C GLY QA 283 -4.07 -76.38 45.06
N LYS QA 284 -4.23 -76.48 43.74
CA LYS QA 284 -3.08 -76.32 42.85
C LYS QA 284 -3.31 -75.29 41.77
N SER QA 285 -4.49 -75.25 41.17
CA SER QA 285 -4.73 -74.42 39.98
C SER QA 285 -6.09 -73.74 40.06
N ALA QA 286 -6.41 -73.18 41.23
CA ALA QA 286 -7.69 -72.49 41.38
C ALA QA 286 -7.77 -71.27 40.49
N SER QA 287 -6.88 -70.30 40.71
CA SER QA 287 -6.77 -69.08 39.89
C SER QA 287 -8.13 -68.40 39.72
N PHE QA 288 -8.64 -67.90 40.82
CA PHE QA 288 -9.96 -67.28 40.86
C PHE QA 288 -9.90 -65.78 40.62
N ASP QA 289 -11.03 -65.22 40.21
CA ASP QA 289 -11.24 -63.77 40.09
C ASP QA 289 -12.58 -63.47 40.76
N VAL QA 290 -12.55 -63.20 42.06
CA VAL QA 290 -13.75 -63.16 42.88
C VAL QA 290 -13.86 -61.80 43.56
N ASP QA 291 -15.01 -61.59 44.21
CA ASP QA 291 -15.30 -60.38 44.96
C ASP QA 291 -15.58 -60.75 46.41
N ALA QA 292 -15.43 -59.76 47.29
CA ALA QA 292 -15.66 -59.98 48.72
C ALA QA 292 -16.26 -58.72 49.33
N ALA QA 293 -17.45 -58.86 49.90
CA ALA QA 293 -18.14 -57.78 50.60
C ALA QA 293 -18.56 -58.27 51.98
N GLY QA 294 -17.63 -58.91 52.69
CA GLY QA 294 -17.95 -59.68 53.86
C GLY QA 294 -18.34 -61.12 53.56
N LYS QA 295 -18.34 -61.50 52.28
CA LYS QA 295 -18.72 -62.84 51.87
C LYS QA 295 -18.14 -63.08 50.47
N ILE QA 296 -17.45 -64.21 50.30
CA ILE QA 296 -16.78 -64.48 49.05
C ILE QA 296 -17.79 -64.81 47.96
N THR QA 297 -17.67 -64.16 46.81
CA THR QA 297 -18.51 -64.45 45.67
C THR QA 297 -17.80 -64.01 44.40
N ILE QA 298 -18.10 -64.69 43.30
CA ILE QA 298 -17.58 -64.33 41.99
C ILE QA 298 -18.70 -63.63 41.24
N GLY QA 299 -18.35 -62.92 40.18
CA GLY QA 299 -19.31 -62.11 39.45
C GLY QA 299 -20.49 -62.90 38.92
N GLY QA 300 -21.65 -62.69 39.51
CA GLY QA 300 -22.87 -63.36 39.11
C GLY QA 300 -23.15 -64.69 39.78
N ASN QA 301 -22.39 -65.06 40.80
CA ASN QA 301 -22.56 -66.35 41.45
C ASN QA 301 -22.39 -66.19 42.95
N ALA QA 302 -22.28 -67.31 43.66
CA ALA QA 302 -22.15 -67.32 45.11
C ALA QA 302 -20.81 -67.85 45.62
N ALA QA 303 -20.21 -68.81 44.92
CA ALA QA 303 -18.88 -69.33 45.24
C ALA QA 303 -18.84 -69.91 46.66
N PHE QA 304 -19.59 -70.98 46.83
CA PHE QA 304 -19.59 -71.72 48.09
C PHE QA 304 -18.25 -72.43 48.30
N LEU QA 305 -18.04 -72.91 49.52
CA LEU QA 305 -16.85 -73.68 49.88
C LEU QA 305 -17.21 -75.15 50.00
N ASN QA 306 -16.30 -76.02 49.56
CA ASN QA 306 -16.58 -77.44 49.50
C ASN QA 306 -15.38 -78.23 50.01
N ALA QA 307 -15.56 -79.55 50.06
CA ALA QA 307 -14.48 -80.52 50.18
C ALA QA 307 -13.65 -80.29 51.45
N ASP QA 308 -14.30 -80.55 52.59
CA ASP QA 308 -13.58 -80.53 53.85
C ASP QA 308 -12.37 -81.48 53.82
N GLY QA 309 -11.23 -80.98 54.27
CA GLY QA 309 -9.97 -81.66 54.10
C GLY QA 309 -9.25 -81.33 52.80
N GLU QA 310 -10.01 -80.95 51.76
CA GLU QA 310 -9.46 -80.48 50.50
C GLU QA 310 -9.71 -79.01 50.26
N LEU QA 311 -10.90 -78.52 50.64
CA LEU QA 311 -11.19 -77.10 50.78
C LEU QA 311 -11.02 -76.35 49.45
N THR QA 312 -11.87 -76.72 48.49
CA THR QA 312 -11.96 -76.02 47.21
C THR QA 312 -13.21 -75.16 47.18
N THR QA 313 -13.07 -73.93 46.71
CA THR QA 313 -14.18 -72.98 46.67
C THR QA 313 -14.93 -73.16 45.36
N ASN QA 314 -16.22 -73.49 45.45
CA ASN QA 314 -16.98 -73.83 44.25
C ASN QA 314 -18.43 -73.41 44.44
N ASP QA 315 -19.01 -72.84 43.39
CA ASP QA 315 -20.38 -72.35 43.48
C ASP QA 315 -21.40 -73.48 43.58
N ALA QA 316 -21.01 -74.70 43.23
CA ALA QA 316 -21.92 -75.84 43.32
C ALA QA 316 -21.99 -76.33 44.76
N SER QA 317 -23.19 -76.35 45.31
CA SER QA 317 -23.38 -76.80 46.68
C SER QA 317 -23.22 -78.32 46.78
N GLY QA 318 -22.67 -78.77 47.90
CA GLY QA 318 -22.57 -80.19 48.17
C GLY QA 318 -23.20 -80.57 49.50
N ALA QA 319 -24.24 -79.84 49.89
CA ALA QA 319 -24.99 -79.97 51.13
C ALA QA 319 -24.15 -79.66 52.38
N LEU QA 320 -22.88 -79.31 52.23
CA LEU QA 320 -21.99 -78.99 53.34
C LEU QA 320 -21.20 -77.72 53.04
N THR QA 321 -21.89 -76.69 52.56
CA THR QA 321 -21.26 -75.47 52.08
C THR QA 321 -21.48 -74.33 53.07
N GLN QA 322 -20.50 -73.43 53.13
CA GLN QA 322 -20.55 -72.29 54.03
C GLN QA 322 -20.41 -70.95 53.34
N ALA QA 323 -19.50 -70.83 52.37
CA ALA QA 323 -19.32 -69.62 51.57
C ALA QA 323 -19.04 -68.39 52.44
N THR QA 324 -17.91 -68.44 53.15
CA THR QA 324 -17.53 -67.36 54.06
C THR QA 324 -16.07 -67.01 53.84
N LEU QA 325 -15.76 -65.71 53.87
CA LEU QA 325 -14.38 -65.27 53.73
C LEU QA 325 -13.52 -65.78 54.88
N ASP QA 326 -14.05 -65.74 56.10
CA ASP QA 326 -13.31 -66.30 57.23
C ASP QA 326 -13.08 -67.79 57.05
N ASP QA 327 -14.10 -68.51 56.57
CA ASP QA 327 -13.96 -69.93 56.30
C ASP QA 327 -12.90 -70.18 55.24
N VAL QA 328 -12.89 -69.36 54.18
CA VAL QA 328 -11.88 -69.51 53.14
C VAL QA 328 -10.49 -69.28 53.71
N LEU QA 329 -10.32 -68.20 54.47
CA LEU QA 329 -9.00 -67.85 54.98
C LEU QA 329 -8.50 -68.91 55.96
N THR QA 330 -9.37 -69.44 56.82
CA THR QA 330 -8.98 -70.57 57.66
C THR QA 330 -8.61 -71.77 56.81
N SER QA 331 -9.38 -72.03 55.75
CA SER QA 331 -9.11 -73.17 54.89
C SER QA 331 -7.83 -72.99 54.10
N VAL QA 332 -7.69 -71.85 53.42
CA VAL QA 332 -6.65 -71.69 52.40
C VAL QA 332 -5.26 -71.77 53.03
N GLY QA 333 -4.54 -72.84 52.73
CA GLY QA 333 -3.17 -73.00 53.14
C GLY QA 333 -2.92 -72.88 54.62
N THR QA 334 -3.98 -72.66 55.39
CA THR QA 334 -3.87 -72.44 56.81
C THR QA 334 -4.46 -73.58 57.62
N GLU QA 335 -5.29 -74.42 57.01
CA GLU QA 335 -5.77 -75.64 57.65
C GLU QA 335 -5.38 -76.90 56.89
N ALA QA 336 -5.71 -77.00 55.61
CA ALA QA 336 -5.49 -78.27 54.91
C ALA QA 336 -4.97 -78.09 53.49
N ASN QA 337 -4.28 -76.99 53.20
CA ASN QA 337 -3.70 -76.79 51.89
C ASN QA 337 -2.24 -76.39 52.02
N SER QA 338 -1.47 -76.68 50.98
CA SER QA 338 -0.04 -76.38 50.96
C SER QA 338 0.31 -75.69 49.66
N SER QA 339 1.24 -74.73 49.77
CA SER QA 339 1.74 -73.99 48.62
C SER QA 339 0.61 -73.32 47.83
N VAL QA 340 -0.35 -72.76 48.57
CA VAL QA 340 -1.46 -72.03 47.98
C VAL QA 340 -1.40 -70.59 48.46
N THR QA 341 -2.16 -69.72 47.80
CA THR QA 341 -2.01 -68.29 47.99
C THR QA 341 -3.34 -67.59 47.82
N ILE QA 342 -3.50 -66.48 48.54
CA ILE QA 342 -4.62 -65.57 48.36
C ILE QA 342 -4.07 -64.32 47.68
N GLY QA 343 -4.30 -64.22 46.38
CA GLY QA 343 -3.79 -63.12 45.58
C GLY QA 343 -4.75 -61.96 45.51
N GLY QA 344 -4.65 -61.20 44.42
CA GLY QA 344 -5.50 -60.05 44.21
C GLY QA 344 -5.14 -58.88 45.09
N THR QA 345 -5.50 -57.68 44.67
CA THR QA 345 -5.27 -56.45 45.44
C THR QA 345 -3.79 -56.31 45.79
N LYS QA 346 -2.93 -56.59 44.80
CA LYS QA 346 -1.48 -56.40 44.86
C LYS QA 346 -0.85 -56.98 46.12
N TYR QA 347 -1.37 -58.13 46.57
CA TYR QA 347 -0.66 -58.93 47.57
C TYR QA 347 -0.89 -60.40 47.27
N SER QA 348 -0.05 -61.24 47.86
CA SER QA 348 -0.14 -62.68 47.65
C SER QA 348 0.26 -63.36 48.95
N HIS QA 349 -0.73 -63.77 49.74
CA HIS QA 349 -0.49 -64.46 51.00
C HIS QA 349 -0.26 -65.94 50.72
N SER QA 350 0.96 -66.26 50.30
CA SER QA 350 1.34 -67.65 50.09
C SER QA 350 1.39 -68.38 51.42
N ALA QA 351 1.12 -69.68 51.37
CA ALA QA 351 1.09 -70.52 52.57
C ALA QA 351 2.34 -71.39 52.61
N ALA QA 352 3.20 -71.14 53.59
CA ALA QA 352 4.38 -71.96 53.75
C ALA QA 352 4.06 -73.30 54.41
N ASP QA 353 3.14 -73.31 55.37
CA ASP QA 353 2.82 -74.52 56.11
C ASP QA 353 1.31 -74.61 56.33
N GLU QA 354 0.83 -75.84 56.48
CA GLU QA 354 -0.57 -76.12 56.76
C GLU QA 354 -0.70 -76.59 58.21
N LEU QA 355 -1.94 -76.53 58.71
CA LEU QA 355 -2.24 -76.86 60.10
C LEU QA 355 -2.76 -78.28 60.19
N SER QA 356 -1.91 -79.20 60.63
CA SER QA 356 -2.35 -80.54 60.97
C SER QA 356 -3.15 -80.58 62.27
N TYR QA 357 -3.42 -79.41 62.85
CA TYR QA 357 -4.08 -79.21 64.14
C TYR QA 357 -3.19 -79.66 65.29
N THR QA 358 -2.03 -80.24 65.01
CA THR QA 358 -0.95 -80.42 65.98
C THR QA 358 0.27 -79.61 65.60
N ALA QA 359 0.78 -79.80 64.38
CA ALA QA 359 1.78 -78.91 63.83
C ALA QA 359 1.11 -77.65 63.31
N VAL QA 360 1.74 -76.52 63.53
CA VAL QA 360 1.12 -75.22 63.31
C VAL QA 360 1.35 -74.78 61.88
N ALA QA 361 0.39 -74.03 61.34
CA ALA QA 361 0.45 -73.50 59.99
C ALA QA 361 1.09 -72.11 59.98
N THR QA 362 1.43 -71.66 58.78
CA THR QA 362 1.96 -70.31 58.61
C THR QA 362 1.70 -69.85 57.17
N THR QA 363 1.23 -68.62 57.03
CA THR QA 363 1.06 -67.96 55.74
C THR QA 363 1.97 -66.75 55.67
N ALA QA 364 2.56 -66.54 54.50
CA ALA QA 364 3.51 -65.45 54.36
C ALA QA 364 3.33 -64.77 53.02
N ASP QA 365 3.55 -63.46 53.00
CA ASP QA 365 3.57 -62.67 51.79
C ASP QA 365 4.94 -62.04 51.67
N VAL QA 366 5.51 -62.07 50.46
CA VAL QA 366 6.84 -61.50 50.25
C VAL QA 366 6.66 -60.02 49.99
N LEU QA 367 6.54 -59.22 51.05
CA LEU QA 367 6.38 -57.79 50.91
C LEU QA 367 7.63 -57.12 50.37
N SER QA 368 8.79 -57.77 50.47
CA SER QA 368 10.08 -57.17 50.18
C SER QA 368 10.31 -55.92 51.02
N ALA QA 369 9.59 -55.80 52.13
CA ALA QA 369 9.72 -54.67 53.02
C ALA QA 369 11.12 -54.64 53.63
N MET QA 370 11.45 -53.52 54.25
CA MET QA 370 12.79 -53.29 54.79
C MET QA 370 13.82 -53.41 53.69
N GLY QA 371 13.40 -53.15 52.46
CA GLY QA 371 14.19 -53.43 51.27
C GLY QA 371 15.56 -52.79 51.25
N SER QA 372 15.60 -51.47 51.23
CA SER QA 372 16.87 -50.77 51.27
C SER QA 372 17.64 -51.15 52.51
N SER QA 373 18.95 -51.36 52.35
CA SER QA 373 19.78 -51.77 53.48
C SER QA 373 19.75 -50.74 54.61
N THR QA 374 19.43 -49.48 54.29
CA THR QA 374 19.29 -48.46 55.32
C THR QA 374 18.17 -48.80 56.29
N ALA QA 375 17.03 -49.28 55.78
CA ALA QA 375 15.91 -49.61 56.65
C ALA QA 375 16.28 -50.76 57.60
N VAL QA 376 16.90 -51.82 57.07
CA VAL QA 376 17.30 -52.93 57.90
C VAL QA 376 18.32 -52.48 58.94
N SER QA 377 19.30 -51.68 58.51
CA SER QA 377 20.30 -51.17 59.43
C SER QA 377 19.65 -50.38 60.56
N THR QA 378 18.72 -49.49 60.22
CA THR QA 378 18.05 -48.67 61.22
C THR QA 378 17.26 -49.55 62.19
N VAL QA 379 16.59 -50.58 61.67
CA VAL QA 379 15.81 -51.45 62.55
C VAL QA 379 16.72 -52.20 63.51
N THR QA 380 17.81 -52.78 63.00
CA THR QA 380 18.71 -53.51 63.90
C THR QA 380 19.57 -52.56 64.74
N LEU QA 381 19.79 -51.33 64.27
CA LEU QA 381 20.49 -50.33 65.07
C LEU QA 381 19.47 -49.60 65.95
N GLY QA 382 19.05 -50.30 67.01
CA GLY QA 382 18.02 -49.79 67.88
C GLY QA 382 16.75 -50.61 67.81
N SER QA 383 16.54 -51.45 68.82
CA SER QA 383 15.40 -52.36 68.84
C SER QA 383 15.15 -52.75 70.30
N GLY QA 384 14.45 -53.86 70.50
CA GLY QA 384 14.15 -54.34 71.83
C GLY QA 384 15.16 -55.38 72.27
N ILE QA 385 14.78 -56.65 72.25
CA ILE QA 385 15.71 -57.73 72.50
C ILE QA 385 15.99 -58.42 71.17
N THR QA 386 15.87 -57.66 70.08
CA THR QA 386 16.04 -58.20 68.73
C THR QA 386 17.52 -58.33 68.42
N SER QA 387 18.05 -59.53 68.59
CA SER QA 387 19.46 -59.83 68.32
C SER QA 387 19.58 -60.36 66.90
N ALA QA 388 20.25 -59.60 66.04
CA ALA QA 388 20.40 -59.98 64.64
C ALA QA 388 21.64 -60.85 64.44
N ALA QA 389 21.69 -61.49 63.27
CA ALA QA 389 22.85 -62.27 62.86
C ALA QA 389 22.96 -62.19 61.34
N VAL QA 390 24.17 -61.94 60.85
CA VAL QA 390 24.41 -61.66 59.44
C VAL QA 390 25.36 -62.71 58.88
N THR QA 391 24.96 -63.34 57.78
CA THR QA 391 25.79 -64.29 57.05
C THR QA 391 26.19 -63.64 55.74
N PHE QA 392 27.47 -63.27 55.60
CA PHE QA 392 27.86 -62.38 54.51
C PHE QA 392 29.13 -62.83 53.81
N ALA QA 393 29.35 -64.13 53.65
CA ALA QA 393 30.53 -64.61 52.95
C ALA QA 393 30.14 -65.76 52.02
N ILE QA 394 31.13 -66.31 51.34
CA ILE QA 394 30.93 -67.48 50.49
C ILE QA 394 30.73 -68.69 51.38
N ALA QA 395 29.77 -69.55 51.00
CA ALA QA 395 29.36 -70.65 51.87
C ALA QA 395 30.53 -71.54 52.28
N THR QA 396 31.55 -71.65 51.43
CA THR QA 396 32.75 -72.38 51.82
C THR QA 396 33.54 -71.63 52.88
N THR QA 397 33.60 -70.30 52.78
CA THR QA 397 34.41 -69.50 53.67
C THR QA 397 33.55 -68.53 54.48
N ASP QA 398 32.43 -69.02 54.99
CA ASP QA 398 31.44 -68.20 55.65
C ASP QA 398 31.42 -68.47 57.15
N SER QA 399 30.84 -67.51 57.88
CA SER QA 399 30.57 -67.64 59.30
C SER QA 399 29.44 -66.69 59.66
N ASN QA 400 29.23 -66.47 60.95
CA ASN QA 400 28.15 -65.61 61.41
C ASN QA 400 28.66 -64.69 62.52
N ASN QA 401 27.97 -63.57 62.67
CA ASN QA 401 28.23 -62.64 63.76
C ASN QA 401 26.93 -62.40 64.53
N THR QA 402 27.01 -62.44 65.85
CA THR QA 402 25.86 -62.10 66.67
C THR QA 402 25.82 -60.59 66.92
N TRP QA 403 24.64 -60.09 67.25
CA TRP QA 403 24.43 -58.66 67.40
C TRP QA 403 23.77 -58.35 68.73
N VAL QA 404 24.21 -57.25 69.34
CA VAL QA 404 23.55 -56.71 70.52
C VAL QA 404 22.27 -56.02 70.08
N ASP QA 405 21.19 -56.28 70.82
CA ASP QA 405 19.85 -55.90 70.37
C ASP QA 405 19.72 -54.39 70.19
N ASN QA 406 20.11 -53.62 71.18
CA ASN QA 406 19.78 -52.20 71.22
C ASN QA 406 20.79 -51.32 70.48
N LYS QA 407 21.91 -51.86 70.03
CA LYS QA 407 22.86 -51.06 69.27
C LYS QA 407 23.43 -51.77 68.06
N GLY QA 408 23.06 -53.02 67.80
CA GLY QA 408 23.58 -53.72 66.64
C GLY QA 408 25.07 -53.96 66.68
N GLU QA 409 25.69 -53.83 67.84
CA GLU QA 409 27.12 -54.06 67.98
C GLU QA 409 27.36 -55.49 68.45
N LEU QA 410 28.61 -55.93 68.34
CA LEU QA 410 28.99 -57.29 68.69
C LEU QA 410 30.14 -57.25 69.69
N THR QA 411 30.03 -58.02 70.77
CA THR QA 411 31.08 -58.14 71.76
C THR QA 411 32.02 -59.30 71.48
N ASP QA 412 31.49 -60.42 70.98
CA ASP QA 412 32.32 -61.60 70.77
C ASP QA 412 33.38 -61.36 69.70
N ILE QA 413 32.98 -60.78 68.57
CA ILE QA 413 33.88 -60.55 67.44
C ILE QA 413 34.18 -59.07 67.37
N GLN QA 414 35.45 -58.72 67.41
CA GLN QA 414 35.93 -57.36 67.28
C GLN QA 414 36.58 -57.19 65.90
N THR QA 415 37.11 -55.99 65.66
CA THR QA 415 37.85 -55.72 64.43
C THR QA 415 39.17 -55.04 64.77
N PHE QA 416 40.25 -55.60 64.22
CA PHE QA 416 41.55 -54.95 64.28
C PHE QA 416 41.51 -53.63 63.51
N ASP QA 417 42.59 -52.85 63.65
CA ASP QA 417 42.69 -51.58 62.94
C ASP QA 417 42.45 -51.75 61.45
N THR QA 418 42.88 -52.87 60.88
CA THR QA 418 42.72 -53.13 59.46
C THR QA 418 42.02 -54.45 59.13
N SER QA 419 41.50 -55.17 60.13
CA SER QA 419 41.03 -56.52 59.90
C SER QA 419 40.01 -56.92 60.95
N TYR QA 420 39.33 -58.04 60.70
CA TYR QA 420 38.29 -58.57 61.57
C TYR QA 420 38.87 -59.66 62.46
N LYS QA 421 39.33 -59.29 63.65
CA LYS QA 421 39.93 -60.23 64.57
C LYS QA 421 39.05 -60.41 65.82
N ILE QA 422 38.87 -61.67 66.23
CA ILE QA 422 38.12 -61.95 67.45
C ILE QA 422 38.84 -61.41 68.68
N ASN QA 423 40.17 -61.44 68.67
CA ASN QA 423 40.95 -60.96 69.81
C ASN QA 423 40.67 -59.48 70.05
N ALA QA 424 40.00 -59.17 71.15
CA ALA QA 424 39.61 -57.80 71.43
C ALA QA 424 40.79 -56.91 71.83
N ASP QA 425 41.82 -57.50 72.44
CA ASP QA 425 42.95 -56.73 72.95
C ASP QA 425 44.24 -57.29 72.39
N THR QA 426 45.15 -56.39 72.01
CA THR QA 426 46.42 -56.78 71.41
C THR QA 426 47.63 -56.60 72.31
N GLY QA 427 47.57 -55.68 73.28
CA GLY QA 427 48.73 -55.42 74.10
C GLY QA 427 49.87 -54.81 73.31
N GLU QA 428 49.56 -53.77 72.53
CA GLU QA 428 50.58 -53.09 71.73
C GLU QA 428 51.70 -52.58 72.62
N VAL QA 429 52.93 -52.68 72.12
CA VAL QA 429 54.12 -52.39 72.91
C VAL QA 429 54.78 -51.15 72.32
N THR QA 430 54.75 -50.06 73.08
CA THR QA 430 55.40 -48.81 72.70
C THR QA 430 56.50 -48.50 73.71
N VAL QA 431 57.57 -47.87 73.22
CA VAL QA 431 58.70 -47.50 74.06
C VAL QA 431 58.74 -45.98 74.16
N VAL QA 432 58.90 -45.49 75.38
CA VAL QA 432 59.00 -44.05 75.62
C VAL QA 432 60.43 -43.62 75.32
N GLY QA 433 60.63 -43.01 74.15
CA GLY QA 433 61.96 -42.60 73.75
C GLY QA 433 62.56 -41.60 74.72
N ASP QA 434 63.53 -42.06 75.50
CA ASP QA 434 64.16 -41.20 76.50
C ASP QA 434 64.89 -40.05 75.80
N ASN QA 435 64.82 -38.87 76.41
CA ASN QA 435 65.36 -37.62 75.89
C ASN QA 435 64.63 -37.15 74.63
N SER QA 436 63.65 -37.90 74.15
CA SER QA 436 62.81 -37.47 73.04
C SER QA 436 61.35 -37.29 73.43
N ALA QA 437 60.89 -37.94 74.49
CA ALA QA 437 59.52 -37.82 74.99
C ALA QA 437 58.50 -38.17 73.91
N THR QA 438 58.86 -39.08 73.01
CA THR QA 438 57.95 -39.56 71.99
C THR QA 438 57.82 -41.06 72.11
N ALA QA 439 56.59 -41.54 72.23
CA ALA QA 439 56.33 -42.97 72.43
C ALA QA 439 56.53 -43.68 71.10
N GLY QA 440 57.80 -43.96 70.80
CA GLY QA 440 58.11 -44.71 69.60
C GLY QA 440 57.54 -46.12 69.66
N GLN QA 441 57.05 -46.61 68.53
CA GLN QA 441 56.49 -47.94 68.47
C GLN QA 441 57.59 -48.98 68.59
N TYR QA 442 57.25 -50.13 69.15
CA TYR QA 442 58.25 -51.16 69.39
C TYR QA 442 57.80 -52.54 68.89
N ALA QA 443 56.49 -52.78 68.86
CA ALA QA 443 55.97 -54.12 68.59
C ALA QA 443 56.34 -54.63 67.21
N SER QA 444 55.79 -54.04 66.16
CA SER QA 444 56.10 -54.49 64.81
C SER QA 444 56.43 -53.32 63.89
N ALA QA 445 55.86 -52.15 64.17
CA ALA QA 445 56.18 -50.97 63.37
C ALA QA 445 57.60 -50.50 63.63
N ASP QA 446 58.10 -50.70 64.85
CA ASP QA 446 59.49 -50.49 65.21
C ASP QA 446 59.94 -49.05 64.92
N GLY QA 447 59.28 -48.13 65.62
CA GLY QA 447 59.64 -46.73 65.53
C GLY QA 447 58.65 -45.92 64.72
N ALA QA 448 57.36 -46.23 64.86
CA ALA QA 448 56.33 -45.51 64.14
C ALA QA 448 56.06 -44.13 64.70
N LYS QA 449 56.63 -43.78 65.86
CA LYS QA 449 56.46 -42.47 66.47
C LYS QA 449 54.97 -42.18 66.72
N VAL QA 450 54.41 -42.96 67.65
CA VAL QA 450 52.98 -42.93 67.91
C VAL QA 450 52.51 -41.51 68.24
N LEU QA 451 51.36 -41.14 67.67
CA LEU QA 451 50.67 -39.91 68.01
C LEU QA 451 49.29 -40.24 68.58
N VAL QA 452 48.78 -39.32 69.41
CA VAL QA 452 47.46 -39.47 69.99
C VAL QA 452 46.41 -39.18 68.92
N GLY QA 453 45.49 -40.12 68.71
CA GLY QA 453 44.44 -39.96 67.74
C GLY QA 453 43.36 -39.00 68.21
N SER QA 454 42.40 -38.77 67.32
CA SER QA 454 41.31 -37.84 67.64
C SER QA 454 40.40 -38.38 68.73
N ASP QA 455 40.35 -39.70 68.94
CA ASP QA 455 39.53 -40.29 69.97
C ASP QA 455 40.31 -40.58 71.26
N GLY QA 456 41.57 -40.17 71.32
CA GLY QA 456 42.37 -40.36 72.51
C GLY QA 456 43.20 -41.63 72.53
N LYS QA 457 42.94 -42.57 71.64
CA LYS QA 457 43.72 -43.79 71.60
C LYS QA 457 45.05 -43.56 70.87
N LEU QA 458 45.98 -44.49 71.07
CA LEU QA 458 47.29 -44.41 70.44
C LEU QA 458 47.22 -44.93 69.01
N THR QA 459 47.89 -44.21 68.11
CA THR QA 459 47.90 -44.57 66.70
C THR QA 459 49.20 -44.07 66.06
N THR QA 460 49.54 -44.67 64.92
CA THR QA 460 50.79 -44.34 64.24
C THR QA 460 50.63 -43.25 63.20
N GLU QA 461 49.41 -42.84 62.89
CA GLU QA 461 49.19 -41.79 61.90
C GLU QA 461 49.57 -40.42 62.48
N THR QA 462 50.02 -39.53 61.60
CA THR QA 462 50.40 -38.19 62.03
C THR QA 462 49.28 -37.18 61.81
N THR QA 463 48.49 -37.33 60.75
CA THR QA 463 47.45 -36.37 60.39
C THR QA 463 46.10 -37.07 60.38
N SER QA 464 45.11 -36.43 60.98
CA SER QA 464 43.76 -36.96 61.05
C SER QA 464 42.92 -36.41 59.90
N ALA QA 465 41.64 -36.80 59.86
CA ALA QA 465 40.76 -36.37 58.79
C ALA QA 465 40.52 -34.86 58.84
N GLY QA 466 40.38 -34.30 60.04
CA GLY QA 466 40.05 -32.90 60.16
C GLY QA 466 38.56 -32.66 60.10
N ASP QA 467 38.14 -31.50 59.60
CA ASP QA 467 36.71 -31.20 59.48
C ASP QA 467 36.51 -30.33 58.24
N LYS QA 468 36.26 -30.99 57.10
CA LYS QA 468 36.36 -30.37 55.75
C LYS QA 468 35.92 -31.39 54.70
N THR QA 469 35.32 -30.92 53.60
CA THR QA 469 34.92 -31.82 52.53
C THR QA 469 36.15 -32.37 51.84
N THR QA 470 36.45 -33.66 52.09
CA THR QA 470 37.71 -34.23 51.64
C THR QA 470 37.84 -34.17 50.12
N ASP QA 471 36.74 -34.33 49.40
CA ASP QA 471 36.73 -34.30 47.94
C ASP QA 471 35.68 -33.30 47.49
N PRO QA 472 35.98 -31.99 47.56
CA PRO QA 472 34.97 -30.99 47.21
C PRO QA 472 34.53 -31.07 45.76
N LEU QA 473 35.48 -31.02 44.83
CA LEU QA 473 35.13 -31.01 43.41
C LEU QA 473 34.53 -32.35 42.98
N LYS QA 474 34.93 -33.45 43.62
CA LYS QA 474 34.31 -34.73 43.29
C LYS QA 474 32.83 -34.72 43.65
N THR QA 475 32.48 -34.22 44.84
CA THR QA 475 31.08 -34.12 45.22
C THR QA 475 30.34 -33.15 44.31
N LEU QA 476 30.99 -32.05 43.93
CA LEU QA 476 30.36 -31.10 43.01
C LEU QA 476 30.08 -31.75 41.65
N ASP QA 477 31.01 -32.56 41.17
CA ASP QA 477 30.78 -33.27 39.91
C ASP QA 477 29.67 -34.30 40.05
N ALA QA 478 29.57 -34.95 41.21
CA ALA QA 478 28.47 -35.88 41.43
C ALA QA 478 27.12 -35.14 41.40
N ALA QA 479 27.06 -33.98 42.05
CA ALA QA 479 25.84 -33.18 41.98
C ALA QA 479 25.56 -32.71 40.56
N PHE QA 480 26.60 -32.35 39.83
CA PHE QA 480 26.45 -31.98 38.42
C PHE QA 480 25.85 -33.12 37.62
N THR QA 481 26.34 -34.34 37.83
CA THR QA 481 25.82 -35.49 37.12
C THR QA 481 24.36 -35.74 37.45
N LYS QA 482 24.01 -35.64 38.73
CA LYS QA 482 22.61 -35.85 39.12
C LYS QA 482 21.71 -34.81 38.47
N LEU QA 483 22.08 -33.54 38.56
CA LEU QA 483 21.27 -32.48 37.97
C LEU QA 483 21.18 -32.63 36.47
N ASP QA 484 22.28 -32.96 35.81
CA ASP QA 484 22.27 -33.12 34.36
C ASP QA 484 21.39 -34.29 33.95
N LYS QA 485 21.44 -35.39 34.69
CA LYS QA 485 20.59 -36.53 34.40
C LYS QA 485 19.11 -36.15 34.51
N LEU QA 486 18.75 -35.44 35.57
CA LEU QA 486 17.35 -35.05 35.72
C LEU QA 486 16.93 -34.07 34.64
N THR QA 487 17.81 -33.12 34.30
CA THR QA 487 17.48 -32.14 33.26
C THR QA 487 17.30 -32.81 31.91
N GLY QA 488 18.19 -33.75 31.57
CA GLY QA 488 18.05 -34.47 30.32
C GLY QA 488 16.79 -35.32 30.29
N GLU QA 489 16.45 -35.95 31.41
CA GLU QA 489 15.21 -36.71 31.48
C GLU QA 489 14.01 -35.80 31.22
N LEU QA 490 14.00 -34.63 31.86
CA LEU QA 490 12.90 -33.70 31.68
C LEU QA 490 12.82 -33.20 30.24
N GLY QA 491 13.97 -32.91 29.63
CA GLY QA 491 13.97 -32.48 28.23
C GLY QA 491 13.45 -33.54 27.30
N ALA QA 492 13.84 -34.80 27.53
CA ALA QA 492 13.32 -35.90 26.72
C ALA QA 492 11.82 -36.04 26.89
N VAL QA 493 11.32 -35.94 28.14
CA VAL QA 493 9.89 -36.02 28.37
C VAL QA 493 9.17 -34.88 27.66
N GLN QA 494 9.74 -33.69 27.69
CA GLN QA 494 9.10 -32.54 27.05
C GLN QA 494 9.06 -32.71 25.53
N ASN QA 495 10.15 -33.22 24.95
CA ASN QA 495 10.14 -33.49 23.51
C ASN QA 495 9.10 -34.53 23.14
N ARG QA 496 9.03 -35.62 23.92
CA ARG QA 496 8.02 -36.63 23.67
C ARG QA 496 6.62 -36.07 23.83
N LEU QA 497 6.42 -35.17 24.78
CA LEU QA 497 5.12 -34.54 24.96
C LEU QA 497 4.76 -33.66 23.77
N GLU QA 498 5.74 -32.94 23.22
CA GLU QA 498 5.49 -32.17 22.00
C GLU QA 498 5.09 -33.08 20.85
N SER QA 499 5.79 -34.22 20.72
CA SER QA 499 5.43 -35.17 19.68
C SER QA 499 4.03 -35.73 19.89
N THR QA 500 3.66 -36.00 21.15
CA THR QA 500 2.30 -36.42 21.44
C THR QA 500 1.29 -35.33 21.07
N ILE QA 501 1.62 -34.07 21.31
CA ILE QA 501 0.75 -32.97 20.92
C ILE QA 501 0.50 -33.04 19.42
N ALA QA 502 1.57 -33.17 18.65
CA ALA QA 502 1.42 -33.22 17.19
C ALA QA 502 0.59 -34.43 16.76
N ASN QA 503 0.88 -35.60 17.35
CA ASN QA 503 0.18 -36.82 16.96
C ASN QA 503 -1.30 -36.75 17.30
N LEU QA 504 -1.62 -36.27 18.51
CA LEU QA 504 -3.02 -36.15 18.90
C LEU QA 504 -3.75 -35.12 18.06
N ASN QA 505 -3.08 -34.01 17.70
CA ASN QA 505 -3.72 -33.04 16.82
C ASN QA 505 -4.04 -33.66 15.47
N ASN QA 506 -3.09 -34.42 14.91
CA ASN QA 506 -3.34 -35.07 13.63
C ASN QA 506 -4.48 -36.08 13.74
N VAL QA 507 -4.50 -36.87 14.81
CA VAL QA 507 -5.55 -37.87 14.97
C VAL QA 507 -6.90 -37.19 15.17
N VAL QA 508 -6.93 -36.06 15.86
CA VAL QA 508 -8.17 -35.31 16.03
C VAL QA 508 -8.67 -34.82 14.68
N ASN QA 509 -7.78 -34.30 13.85
CA ASN QA 509 -8.19 -33.83 12.53
C ASN QA 509 -8.77 -34.98 11.71
N ASN QA 510 -8.09 -36.13 11.70
CA ASN QA 510 -8.58 -37.25 10.90
C ASN QA 510 -9.89 -37.81 11.44
N LEU QA 511 -10.04 -37.87 12.77
CA LEU QA 511 -11.29 -38.38 13.33
C LEU QA 511 -12.44 -37.40 13.13
N SER QA 512 -12.18 -36.10 13.17
CA SER QA 512 -13.21 -35.14 12.82
C SER QA 512 -13.61 -35.29 11.36
N SER QA 513 -12.63 -35.56 10.48
CA SER QA 513 -12.97 -35.86 9.10
C SER QA 513 -13.85 -37.10 8.99
N ALA QA 514 -13.51 -38.15 9.73
CA ALA QA 514 -14.33 -39.37 9.70
C ALA QA 514 -15.74 -39.08 10.18
N ARG QA 515 -15.87 -38.30 11.24
CA ARG QA 515 -17.19 -37.90 11.72
C ARG QA 515 -17.92 -37.08 10.67
N SER QA 516 -17.19 -36.28 9.89
CA SER QA 516 -17.82 -35.51 8.83
C SER QA 516 -18.35 -36.43 7.73
N ARG QA 517 -17.55 -37.39 7.29
CA ARG QA 517 -18.01 -38.33 6.28
C ARG QA 517 -19.22 -39.12 6.76
N ILE QA 518 -19.24 -39.50 8.04
CA ILE QA 518 -20.31 -40.39 8.50
C ILE QA 518 -21.57 -39.61 8.85
N GLN QA 519 -21.42 -38.40 9.39
CA GLN QA 519 -22.53 -37.71 10.07
C GLN QA 519 -23.02 -36.47 9.35
N ASP QA 520 -22.13 -35.65 8.81
CA ASP QA 520 -22.54 -34.37 8.26
C ASP QA 520 -23.32 -34.56 6.96
N ALA QA 521 -24.00 -33.49 6.56
CA ALA QA 521 -24.84 -33.48 5.37
C ALA QA 521 -24.20 -32.60 4.30
N ASP QA 522 -24.00 -33.17 3.11
CA ASP QA 522 -23.45 -32.43 1.98
C ASP QA 522 -24.55 -31.61 1.31
N TYR QA 523 -24.60 -30.32 1.66
CA TYR QA 523 -25.74 -29.47 1.37
C TYR QA 523 -26.21 -29.51 -0.08
N ALA QA 524 -25.36 -29.90 -1.02
CA ALA QA 524 -25.81 -30.00 -2.40
C ALA QA 524 -26.98 -30.99 -2.52
N THR QA 525 -26.79 -32.20 -1.98
CA THR QA 525 -27.80 -33.23 -2.10
C THR QA 525 -29.08 -32.83 -1.37
N GLU QA 526 -28.95 -32.28 -0.16
CA GLU QA 526 -30.14 -31.94 0.60
C GLU QA 526 -30.88 -30.75 0.01
N VAL QA 527 -30.16 -29.77 -0.54
CA VAL QA 527 -30.84 -28.67 -1.21
C VAL QA 527 -31.58 -29.16 -2.45
N SER QA 528 -30.93 -30.03 -3.24
CA SER QA 528 -31.62 -30.60 -4.40
C SER QA 528 -32.85 -31.40 -3.99
N ASN QA 529 -32.73 -32.16 -2.91
CA ASN QA 529 -33.87 -32.94 -2.41
C ASN QA 529 -34.98 -32.03 -1.92
N MET QA 530 -34.63 -30.92 -1.26
CA MET QA 530 -35.64 -29.95 -0.85
C MET QA 530 -36.37 -29.38 -2.06
N SER QA 531 -35.63 -29.02 -3.11
CA SER QA 531 -36.28 -28.47 -4.30
C SER QA 531 -37.20 -29.50 -4.93
N LYS QA 532 -36.74 -30.74 -5.06
CA LYS QA 532 -37.57 -31.79 -5.64
C LYS QA 532 -38.81 -32.02 -4.79
N ALA QA 533 -38.65 -32.02 -3.46
CA ALA QA 533 -39.78 -32.23 -2.57
C ALA QA 533 -40.78 -31.08 -2.67
N GLN QA 534 -40.30 -29.85 -2.81
CA GLN QA 534 -41.20 -28.71 -2.95
C GLN QA 534 -41.99 -28.81 -4.25
N ILE QA 535 -41.31 -29.15 -5.35
CA ILE QA 535 -42.02 -29.31 -6.62
C ILE QA 535 -43.04 -30.43 -6.51
N LEU QA 536 -42.67 -31.54 -5.87
CA LEU QA 536 -43.60 -32.65 -5.68
C LEU QA 536 -44.78 -32.23 -4.81
N GLN QA 537 -44.53 -31.39 -3.80
CA GLN QA 537 -45.59 -30.93 -2.92
C GLN QA 537 -46.61 -30.11 -3.70
N GLN QA 538 -46.13 -29.14 -4.48
CA GLN QA 538 -47.04 -28.31 -5.26
C GLN QA 538 -47.80 -29.15 -6.28
N ALA QA 539 -47.10 -30.06 -6.97
CA ALA QA 539 -47.76 -30.92 -7.94
C ALA QA 539 -48.81 -31.81 -7.28
N GLY QA 540 -48.49 -32.35 -6.11
CA GLY QA 540 -49.45 -33.19 -5.40
C GLY QA 540 -50.68 -32.42 -4.96
N THR QA 541 -50.48 -31.20 -4.47
CA THR QA 541 -51.64 -30.38 -4.11
C THR QA 541 -52.50 -30.09 -5.33
N SER QA 542 -51.88 -29.76 -6.46
CA SER QA 542 -52.67 -29.48 -7.66
C SER QA 542 -53.42 -30.71 -8.14
N VAL QA 543 -52.74 -31.87 -8.15
CA VAL QA 543 -53.37 -33.09 -8.63
C VAL QA 543 -54.51 -33.50 -7.70
N LEU QA 544 -54.30 -33.35 -6.39
CA LEU QA 544 -55.39 -33.60 -5.45
C LEU QA 544 -56.54 -32.64 -5.70
N ALA QA 545 -56.23 -31.40 -6.06
CA ALA QA 545 -57.29 -30.45 -6.40
C ALA QA 545 -58.12 -30.98 -7.56
N GLN QA 546 -57.48 -31.37 -8.67
CA GLN QA 546 -58.25 -31.86 -9.81
C GLN QA 546 -59.02 -33.13 -9.46
N ALA QA 547 -58.42 -34.01 -8.67
CA ALA QA 547 -59.13 -35.20 -8.22
C ALA QA 547 -60.37 -34.83 -7.41
N ASN QA 548 -60.32 -33.71 -6.69
CA ASN QA 548 -61.48 -33.30 -5.91
C ASN QA 548 -62.65 -32.87 -6.78
N GLN QA 549 -62.39 -32.22 -7.92
CA GLN QA 549 -63.49 -31.89 -8.82
C GLN QA 549 -63.76 -32.97 -9.86
N VAL QA 550 -63.00 -34.07 -9.84
CA VAL QA 550 -63.36 -35.22 -10.67
C VAL QA 550 -64.83 -35.61 -10.52
N PRO QA 551 -65.40 -35.74 -9.31
CA PRO QA 551 -66.81 -36.11 -9.21
C PRO QA 551 -67.79 -35.00 -9.56
N GLN QA 552 -67.33 -33.76 -9.77
CA GLN QA 552 -68.25 -32.70 -10.18
C GLN QA 552 -68.91 -33.02 -11.52
N THR QA 553 -68.26 -33.80 -12.37
CA THR QA 553 -68.85 -34.16 -13.65
C THR QA 553 -70.16 -34.92 -13.46
N VAL QA 554 -70.34 -35.54 -12.29
CA VAL QA 554 -71.63 -36.15 -11.97
C VAL QA 554 -72.72 -35.09 -11.95
N LEU QA 555 -72.42 -33.93 -11.36
CA LEU QA 555 -73.41 -32.85 -11.31
C LEU QA 555 -73.43 -32.09 -12.63
N SER QA 556 -73.52 -32.82 -13.72
CA SER QA 556 -73.91 -32.30 -15.03
C SER QA 556 -75.16 -32.99 -15.53
N LEU QA 557 -75.22 -34.30 -15.37
CA LEU QA 557 -76.44 -35.08 -15.57
C LEU QA 557 -77.20 -35.17 -14.26
N LEU QA 558 -78.52 -35.01 -14.33
CA LEU QA 558 -79.37 -35.04 -13.15
C LEU QA 558 -80.73 -35.65 -13.46
N ALA RA 2 -62.46 -8.18 14.66
CA ALA RA 2 -63.63 -8.65 13.92
C ALA RA 2 -63.33 -8.80 12.44
N ALA RA 3 -64.10 -8.12 11.61
CA ALA RA 3 -63.86 -8.04 10.17
C ALA RA 3 -63.94 -6.60 9.69
N VAL RA 4 -63.53 -5.68 10.54
CA VAL RA 4 -63.68 -4.25 10.29
C VAL RA 4 -62.59 -3.77 9.33
N ILE RA 5 -62.93 -2.76 8.54
CA ILE RA 5 -61.95 -2.17 7.63
C ILE RA 5 -61.74 -0.68 7.85
N ASN RA 6 -62.73 0.05 8.38
CA ASN RA 6 -62.58 1.49 8.52
C ASN RA 6 -61.47 1.84 9.50
N THR RA 7 -61.35 1.07 10.57
CA THR RA 7 -60.26 1.24 11.52
C THR RA 7 -59.43 -0.04 11.57
N ASN RA 8 -58.12 0.12 11.53
CA ASN RA 8 -57.19 -1.01 11.59
C ASN RA 8 -56.26 -0.75 12.76
N TYR RA 9 -56.62 -1.30 13.93
CA TYR RA 9 -55.84 -1.05 15.14
C TYR RA 9 -54.41 -1.55 14.99
N LEU RA 10 -54.22 -2.65 14.26
CA LEU RA 10 -52.87 -3.18 14.07
C LEU RA 10 -52.00 -2.19 13.30
N SER RA 11 -52.55 -1.54 12.28
CA SER RA 11 -51.79 -0.54 11.55
C SER RA 11 -51.40 0.63 12.45
N LEU RA 12 -52.32 1.06 13.32
CA LEU RA 12 -52.00 2.15 14.24
C LEU RA 12 -50.89 1.76 15.20
N VAL RA 13 -50.95 0.54 15.75
CA VAL RA 13 -49.90 0.10 16.66
C VAL RA 13 -48.56 0.03 15.93
N ALA RA 14 -48.57 -0.48 14.70
CA ALA RA 14 -47.35 -0.54 13.91
C ALA RA 14 -46.80 0.86 13.67
N GLN RA 15 -47.68 1.82 13.37
CA GLN RA 15 -47.23 3.19 13.15
C GLN RA 15 -46.61 3.78 14.41
N ASN RA 16 -47.21 3.52 15.57
CA ASN RA 16 -46.66 4.04 16.82
C ASN RA 16 -45.27 3.47 17.09
N ASN RA 17 -45.12 2.16 16.94
CA ASN RA 17 -43.82 1.55 17.18
C ASN RA 17 -42.80 2.03 16.16
N LEU RA 18 -43.23 2.21 14.91
CA LEU RA 18 -42.35 2.76 13.89
C LEU RA 18 -41.90 4.16 14.26
N ASN RA 19 -42.80 4.98 14.78
CA ASN RA 19 -42.43 6.34 15.18
C ASN RA 19 -41.44 6.33 16.33
N LYS RA 20 -41.65 5.46 17.31
CA LYS RA 20 -40.72 5.37 18.43
C LYS RA 20 -39.34 4.94 17.96
N SER RA 21 -39.29 3.91 17.09
CA SER RA 21 -38.02 3.46 16.55
C SER RA 21 -37.36 4.55 15.72
N GLN RA 22 -38.14 5.30 14.97
CA GLN RA 22 -37.60 6.40 14.17
C GLN RA 22 -37.00 7.47 15.06
N SER RA 23 -37.66 7.80 16.16
CA SER RA 23 -37.09 8.77 17.09
C SER RA 23 -35.79 8.28 17.68
N SER RA 24 -35.73 7.00 18.06
CA SER RA 24 -34.49 6.44 18.58
C SER RA 24 -33.38 6.49 17.53
N LEU RA 25 -33.72 6.16 16.28
CA LEU RA 25 -32.73 6.21 15.21
C LEU RA 25 -32.25 7.64 14.99
N GLY RA 26 -33.16 8.61 15.05
CA GLY RA 26 -32.76 9.99 14.89
C GLY RA 26 -31.82 10.45 15.98
N THR RA 27 -32.10 10.07 17.23
CA THR RA 27 -31.20 10.41 18.31
C THR RA 27 -29.83 9.77 18.10
N ALA RA 28 -29.81 8.50 17.67
CA ALA RA 28 -28.53 7.83 17.43
C ALA RA 28 -27.74 8.52 16.33
N ILE RA 29 -28.41 8.89 15.23
CA ILE RA 29 -27.74 9.56 14.12
C ILE RA 29 -27.20 10.91 14.56
N GLU RA 30 -27.99 11.66 15.33
CA GLU RA 30 -27.52 12.95 15.82
C GLU RA 30 -26.31 12.80 16.72
N ARG RA 31 -26.33 11.80 17.61
CA ARG RA 31 -25.20 11.60 18.51
C ARG RA 31 -23.95 11.18 17.74
N LEU RA 32 -24.10 10.35 16.70
CA LEU RA 32 -22.93 10.00 15.89
C LEU RA 32 -22.41 11.21 15.12
N SER RA 33 -23.28 11.95 14.45
CA SER RA 33 -22.82 13.04 13.60
C SER RA 33 -22.18 14.14 14.44
N SER RA 34 -22.82 14.54 15.53
CA SER RA 34 -22.23 15.54 16.41
C SER RA 34 -21.03 15.00 17.16
N GLY RA 35 -21.11 13.74 17.59
CA GLY RA 35 -20.11 13.16 18.46
C GLY RA 35 -20.29 13.49 19.93
N LEU RA 36 -21.29 14.30 20.27
CA LEU RA 36 -21.51 14.75 21.64
C LEU RA 36 -22.78 14.09 22.15
N ARG RA 37 -22.65 13.36 23.26
CA ARG RA 37 -23.82 12.69 23.83
C ARG RA 37 -24.86 13.71 24.31
N ILE RA 38 -24.42 14.78 24.95
CA ILE RA 38 -25.30 15.87 25.34
C ILE RA 38 -25.16 16.96 24.27
N ASN RA 39 -25.99 16.86 23.23
CA ASN RA 39 -26.25 17.96 22.33
C ASN RA 39 -27.75 18.02 22.16
N SER RA 40 -28.26 19.23 21.89
CA SER RA 40 -29.69 19.49 22.01
C SER RA 40 -30.15 19.18 23.44
N ALA RA 41 -29.71 20.05 24.34
CA ALA RA 41 -29.62 19.82 25.78
C ALA RA 41 -30.82 19.11 26.40
N LYS RA 42 -31.97 19.12 25.72
CA LYS RA 42 -33.19 18.47 26.21
C LYS RA 42 -32.92 17.11 26.85
N ASP RA 43 -31.88 16.40 26.42
CA ASP RA 43 -31.42 15.20 27.09
C ASP RA 43 -30.27 15.56 28.03
N ASP RA 44 -30.40 15.15 29.29
CA ASP RA 44 -29.38 15.38 30.32
C ASP RA 44 -29.08 16.87 30.47
N ALA RA 45 -30.10 17.61 30.93
CA ALA RA 45 -29.93 19.05 31.15
C ALA RA 45 -28.83 19.32 32.17
N ALA RA 46 -28.80 18.54 33.26
CA ALA RA 46 -27.71 18.66 34.21
C ALA RA 46 -26.37 18.36 33.55
N GLY RA 47 -26.34 17.34 32.69
CA GLY RA 47 -25.13 17.08 31.93
C GLY RA 47 -24.74 18.24 31.04
N MET RA 48 -25.73 18.91 30.46
CA MET RA 48 -25.44 20.08 29.64
C MET RA 48 -24.81 21.19 30.48
N ALA RA 49 -25.37 21.43 31.67
CA ALA RA 49 -24.81 22.47 32.54
C ALA RA 49 -23.40 22.11 32.96
N ILE RA 50 -23.17 20.83 33.29
CA ILE RA 50 -21.83 20.37 33.68
C ILE RA 50 -20.85 20.59 32.54
N ALA RA 51 -21.24 20.21 31.32
CA ALA RA 51 -20.37 20.38 30.17
C ALA RA 51 -20.10 21.85 29.90
N ASN RA 52 -21.12 22.70 30.05
CA ASN RA 52 -20.94 24.14 29.86
C ASN RA 52 -19.92 24.70 30.85
N ARG RA 53 -20.07 24.35 32.13
CA ARG RA 53 -19.15 24.85 33.14
C ARG RA 53 -17.74 24.34 32.88
N PHE RA 54 -17.62 23.07 32.50
CA PHE RA 54 -16.29 22.52 32.23
C PHE RA 54 -15.65 23.18 31.01
N THR RA 55 -16.43 23.44 29.96
CA THR RA 55 -15.90 24.13 28.79
C THR RA 55 -15.41 25.52 29.17
N ALA RA 56 -16.22 26.27 29.92
CA ALA RA 56 -15.81 27.60 30.33
C ALA RA 56 -14.52 27.55 31.14
N ASN RA 57 -14.44 26.61 32.08
CA ASN RA 57 -13.24 26.48 32.90
C ASN RA 57 -12.04 26.11 32.04
N VAL RA 58 -12.22 25.24 31.06
CA VAL RA 58 -11.09 24.78 30.24
C VAL RA 58 -10.55 25.91 29.39
N ARG RA 59 -11.45 26.66 28.74
CA ARG RA 59 -10.98 27.81 27.96
C ARG RA 59 -10.31 28.85 28.86
N GLY RA 60 -10.90 29.12 30.02
CA GLY RA 60 -10.30 30.07 30.94
C GLY RA 60 -8.91 29.64 31.38
N LEU RA 61 -8.72 28.35 31.64
CA LEU RA 61 -7.43 27.89 32.11
C LEU RA 61 -6.40 27.83 30.99
N THR RA 62 -6.82 27.51 29.76
CA THR RA 62 -5.88 27.60 28.64
C THR RA 62 -5.43 29.04 28.42
N GLN RA 63 -6.36 29.98 28.47
CA GLN RA 63 -5.97 31.39 28.36
C GLN RA 63 -5.11 31.80 29.54
N ALA RA 64 -5.34 31.23 30.72
CA ALA RA 64 -4.49 31.50 31.87
C ALA RA 64 -3.08 30.99 31.65
N ALA RA 65 -2.95 29.81 31.05
CA ALA RA 65 -1.62 29.31 30.71
C ALA RA 65 -0.93 30.23 29.73
N ARG RA 66 -1.67 30.76 28.76
CA ARG RA 66 -1.10 31.75 27.85
C ARG RA 66 -0.63 32.99 28.60
N ASN RA 67 -1.44 33.47 29.55
CA ASN RA 67 -1.07 34.65 30.33
C ASN RA 67 0.18 34.40 31.15
N ALA RA 68 0.28 33.22 31.77
CA ALA RA 68 1.46 32.91 32.55
C ALA RA 68 2.69 32.75 31.68
N ASN RA 69 2.52 32.23 30.46
CA ASN RA 69 3.65 32.19 29.52
C ASN RA 69 4.10 33.60 29.17
N ASP RA 70 3.15 34.52 28.97
CA ASP RA 70 3.52 35.91 28.73
C ASP RA 70 4.27 36.50 29.92
N GLY RA 71 3.84 36.17 31.13
CA GLY RA 71 4.56 36.62 32.31
C GLY RA 71 5.97 36.06 32.37
N ILE RA 72 6.13 34.78 32.02
CA ILE RA 72 7.47 34.19 31.97
C ILE RA 72 8.35 34.92 30.98
N SER RA 73 7.81 35.23 29.80
CA SER RA 73 8.60 35.94 28.79
C SER RA 73 8.97 37.34 29.27
N LEU RA 74 8.04 38.03 29.93
CA LEU RA 74 8.34 39.35 30.48
C LEU RA 74 9.46 39.26 31.52
N ALA RA 75 9.38 38.26 32.41
CA ALA RA 75 10.44 38.05 33.38
C ALA RA 75 11.76 37.76 32.69
N GLN RA 76 11.72 37.02 31.58
CA GLN RA 76 12.94 36.71 30.84
C GLN RA 76 13.60 37.98 30.30
N THR RA 77 12.81 38.84 29.66
CA THR RA 77 13.39 40.08 29.13
C THR RA 77 13.94 40.95 30.25
N THR RA 78 13.18 41.10 31.33
CA THR RA 78 13.62 41.95 32.42
C THR RA 78 14.89 41.39 33.07
N GLU RA 79 14.96 40.07 33.22
CA GLU RA 79 16.14 39.44 33.79
C GLU RA 79 17.35 39.59 32.88
N GLY RA 80 17.17 39.50 31.57
CA GLY RA 80 18.29 39.75 30.67
C GLY RA 80 18.83 41.16 30.80
N ALA RA 81 17.93 42.14 30.85
CA ALA RA 81 18.38 43.52 31.05
C ALA RA 81 19.09 43.67 32.39
N ALA RA 82 18.55 43.02 33.44
CA ALA RA 82 19.19 43.09 34.74
C ALA RA 82 20.58 42.47 34.72
N SER RA 83 20.75 41.37 34.00
CA SER RA 83 22.06 40.75 33.89
C SER RA 83 23.05 41.66 33.18
N GLU RA 84 22.60 42.36 32.14
CA GLU RA 84 23.50 43.30 31.48
C GLU RA 84 23.89 44.44 32.43
N VAL RA 85 22.92 44.94 33.20
CA VAL RA 85 23.25 45.96 34.20
C VAL RA 85 24.22 45.39 35.23
N ASN RA 86 24.09 44.11 35.54
CA ASN RA 86 25.00 43.46 36.48
C ASN RA 86 26.43 43.46 35.94
N THR RA 87 26.59 43.14 34.66
CA THR RA 87 27.90 43.21 34.05
C THR RA 87 28.44 44.63 34.07
N HIS RA 88 27.58 45.62 33.85
CA HIS RA 88 28.00 47.01 33.95
C HIS RA 88 28.48 47.35 35.35
N LEU RA 89 27.77 46.88 36.38
CA LEU RA 89 28.19 47.12 37.75
C LEU RA 89 29.53 46.46 38.04
N GLN RA 90 29.74 45.26 37.52
CA GLN RA 90 31.03 44.59 37.68
C GLN RA 90 32.16 45.43 37.07
N ARG RA 91 31.95 45.91 35.84
CA ARG RA 91 32.99 46.69 35.20
C ARG RA 91 33.25 48.00 35.95
N ILE RA 92 32.18 48.64 36.43
CA ILE RA 92 32.34 49.87 37.20
C ILE RA 92 33.14 49.61 38.47
N ARG RA 93 32.86 48.49 39.14
CA ARG RA 93 33.61 48.14 40.34
C ARG RA 93 35.08 47.92 40.02
N GLU RA 94 35.36 47.28 38.88
CA GLU RA 94 36.76 47.02 38.53
C GLU RA 94 37.49 48.32 38.25
N LEU RA 95 36.84 49.25 37.54
CA LEU RA 95 37.44 50.58 37.35
C LEU RA 95 37.62 51.30 38.67
N THR RA 96 36.66 51.15 39.59
CA THR RA 96 36.80 51.79 40.90
C THR RA 96 38.01 51.27 41.64
N VAL RA 97 38.22 49.95 41.60
CA VAL RA 97 39.39 49.36 42.25
C VAL RA 97 40.67 49.86 41.59
N GLN RA 98 40.69 49.90 40.24
CA GLN RA 98 41.89 50.34 39.54
C GLN RA 98 42.22 51.80 39.86
N ALA RA 99 41.22 52.66 39.87
CA ALA RA 99 41.42 54.09 40.10
C ALA RA 99 41.55 54.44 41.57
N SER RA 100 41.22 53.52 42.48
CA SER RA 100 41.43 53.77 43.90
C SER RA 100 42.91 53.87 44.25
N ASN RA 101 43.78 53.36 43.39
CA ASN RA 101 45.22 53.47 43.61
C ASN RA 101 45.66 54.93 43.52
N GLY RA 102 46.70 55.25 44.28
CA GLY RA 102 47.26 56.59 44.26
C GLY RA 102 48.30 56.85 43.20
N SER RA 103 48.81 55.81 42.54
CA SER RA 103 49.85 55.99 41.54
C SER RA 103 49.33 56.69 40.30
N TYR RA 104 48.03 56.56 40.01
CA TYR RA 104 47.47 57.16 38.80
C TYR RA 104 47.35 58.67 38.98
N SER RA 105 47.83 59.42 37.98
CA SER RA 105 47.72 60.87 38.02
C SER RA 105 46.30 61.29 37.63
N GLN RA 106 46.09 62.60 37.59
CA GLN RA 106 44.73 63.13 37.42
C GLN RA 106 44.15 62.78 36.06
N GLU RA 107 44.96 62.78 35.01
CA GLU RA 107 44.44 62.56 33.67
C GLU RA 107 43.91 61.13 33.49
N GLN RA 108 44.65 60.14 34.00
CA GLN RA 108 44.16 58.76 33.91
C GLN RA 108 42.90 58.59 34.75
N LEU RA 109 42.83 59.26 35.89
CA LEU RA 109 41.60 59.22 36.68
C LEU RA 109 40.44 59.84 35.91
N ASP RA 110 40.71 60.90 35.15
CA ASP RA 110 39.66 61.51 34.33
C ASP RA 110 39.21 60.57 33.23
N SER RA 111 40.14 59.83 32.62
CA SER RA 111 39.75 58.83 31.63
C SER RA 111 38.91 57.74 32.25
N VAL RA 112 39.29 57.28 33.45
CA VAL RA 112 38.50 56.28 34.17
C VAL RA 112 37.11 56.82 34.45
N GLN RA 113 37.02 58.08 34.87
CA GLN RA 113 35.73 58.68 35.17
C GLN RA 113 34.88 58.78 33.92
N GLY RA 114 35.50 59.10 32.78
CA GLY RA 114 34.75 59.11 31.54
C GLY RA 114 34.21 57.74 31.17
N GLU RA 115 35.02 56.70 31.36
CA GLU RA 115 34.54 55.35 31.09
C GLU RA 115 33.39 54.98 32.03
N ILE RA 116 33.51 55.37 33.31
CA ILE RA 116 32.46 55.09 34.28
C ILE RA 116 31.18 55.84 33.90
N ASN RA 117 31.32 57.08 33.42
CA ASN RA 117 30.16 57.83 32.98
C ASN RA 117 29.51 57.17 31.79
N GLN RA 118 30.31 56.64 30.87
CA GLN RA 118 29.74 55.92 29.74
C GLN RA 118 28.95 54.70 30.22
N ARG RA 119 29.51 53.96 31.18
CA ARG RA 119 28.82 52.80 31.73
C ARG RA 119 27.52 53.20 32.42
N LEU RA 120 27.55 54.29 33.19
CA LEU RA 120 26.35 54.76 33.88
C LEU RA 120 25.28 55.20 32.88
N ALA RA 121 25.70 55.88 31.81
CA ALA RA 121 24.77 56.26 30.76
C ALA RA 121 24.15 55.04 30.12
N ASP RA 122 24.95 53.99 29.92
CA ASP RA 122 24.37 52.75 29.40
C ASP RA 122 23.38 52.13 30.36
N ILE RA 123 23.68 52.17 31.66
CA ILE RA 123 22.75 51.63 32.64
C ILE RA 123 21.43 52.38 32.57
N ASP RA 124 21.49 53.70 32.51
CA ASP RA 124 20.28 54.51 32.41
C ASP RA 124 19.54 54.24 31.10
N ARG RA 125 20.28 54.03 30.01
CA ARG RA 125 19.67 53.70 28.73
C ARG RA 125 18.92 52.37 28.81
N ILE RA 126 19.55 51.36 29.40
CA ILE RA 126 18.89 50.07 29.60
C ILE RA 126 17.63 50.25 30.42
N SER RA 127 17.69 51.10 31.44
CA SER RA 127 16.52 51.35 32.26
C SER RA 127 15.38 51.96 31.44
N GLU RA 128 15.69 53.01 30.69
CA GLU RA 128 14.64 53.74 29.97
C GLU RA 128 14.14 53.01 28.74
N GLN RA 129 14.88 52.03 28.22
CA GLN RA 129 14.54 51.44 26.94
C GLN RA 129 14.27 49.95 26.96
N THR RA 130 14.48 49.26 28.09
CA THR RA 130 14.09 47.85 28.16
C THR RA 130 12.58 47.77 28.08
N ASP RA 131 12.07 47.39 26.92
CA ASP RA 131 10.64 47.46 26.64
C ASP RA 131 10.09 46.08 26.35
N PHE RA 132 8.82 45.88 26.72
CA PHE RA 132 8.14 44.62 26.49
C PHE RA 132 6.67 44.95 26.27
N ASN RA 133 6.20 44.84 25.02
CA ASN RA 133 4.81 45.14 24.68
C ASN RA 133 4.43 46.55 25.12
N GLY RA 134 5.31 47.52 24.82
CA GLY RA 134 5.03 48.89 25.20
C GLY RA 134 5.10 49.16 26.68
N VAL RA 135 5.71 48.26 27.46
CA VAL RA 135 5.84 48.42 28.90
C VAL RA 135 7.33 48.52 29.23
N LYS RA 136 7.73 49.66 29.79
CA LYS RA 136 9.12 49.88 30.19
C LYS RA 136 9.33 49.13 31.50
N VAL RA 137 9.61 47.84 31.37
CA VAL RA 137 9.58 46.95 32.53
C VAL RA 137 10.67 47.30 33.53
N LEU RA 138 11.90 47.47 33.07
CA LEU RA 138 13.01 47.79 33.97
C LEU RA 138 13.28 49.30 34.01
N SER RA 139 12.25 50.08 34.31
CA SER RA 139 12.40 51.53 34.22
C SER RA 139 12.03 52.23 35.52
N ASP RA 140 11.97 53.55 35.48
CA ASP RA 140 11.61 54.35 36.64
C ASP RA 140 10.10 54.46 36.83
N SER RA 141 9.30 54.02 35.86
CA SER RA 141 7.85 53.99 35.97
C SER RA 141 7.40 52.59 35.58
N ALA RA 142 7.39 51.67 36.56
CA ALA RA 142 7.02 50.29 36.29
C ALA RA 142 6.30 49.75 37.53
N LYS RA 143 4.97 49.83 37.51
CA LYS RA 143 4.19 49.27 38.58
C LYS RA 143 4.16 47.74 38.47
N PRO RA 144 4.02 47.04 39.60
CA PRO RA 144 3.91 45.58 39.53
C PRO RA 144 2.69 45.15 38.76
N LEU RA 145 2.80 44.01 38.07
CA LEU RA 145 1.75 43.53 37.19
C LEU RA 145 0.83 42.59 37.94
N THR RA 146 -0.12 41.97 37.23
CA THR RA 146 -1.11 41.10 37.85
C THR RA 146 -1.00 39.65 37.38
N LEU RA 147 -0.99 39.41 36.06
CA LEU RA 147 -0.88 38.06 35.50
C LEU RA 147 -2.02 37.17 35.99
N GLN RA 148 -3.23 37.54 35.60
CA GLN RA 148 -4.41 36.73 35.90
C GLN RA 148 -4.18 35.29 35.44
N VAL RA 149 -4.19 34.36 36.40
CA VAL RA 149 -3.92 32.95 36.13
C VAL RA 149 -5.11 32.14 36.66
N GLY RA 150 -6.10 31.92 35.80
CA GLY RA 150 -7.21 31.07 36.14
C GLY RA 150 -8.55 31.77 35.98
N ALA RA 151 -9.61 30.99 35.84
CA ALA RA 151 -10.96 31.56 35.85
C ALA RA 151 -11.30 32.01 37.26
N ASN RA 152 -12.52 32.52 37.44
CA ASN RA 152 -13.00 32.99 38.74
C ASN RA 152 -12.07 34.07 39.29
N ASP RA 153 -12.10 35.22 38.61
CA ASP RA 153 -11.23 36.36 38.91
C ASP RA 153 -11.08 36.59 40.40
N GLY RA 154 -9.88 36.98 40.81
CA GLY RA 154 -9.58 37.17 42.21
C GLY RA 154 -8.18 36.71 42.55
N GLU RA 155 -7.47 36.19 41.55
CA GLU RA 155 -6.12 35.68 41.71
C GLU RA 155 -5.17 36.42 40.78
N THR RA 156 -3.97 36.69 41.27
CA THR RA 156 -2.94 37.38 40.50
C THR RA 156 -1.59 36.80 40.86
N ILE RA 157 -0.62 37.03 39.98
CA ILE RA 157 0.78 36.72 40.26
C ILE RA 157 1.53 38.04 40.08
N THR RA 158 1.69 38.78 41.18
CA THR RA 158 2.37 40.06 41.13
C THR RA 158 3.85 39.87 40.80
N LEU RA 159 4.36 40.68 39.86
CA LEU RA 159 5.75 40.58 39.47
C LEU RA 159 6.67 41.38 40.37
N ASN RA 160 6.25 42.57 40.80
CA ASN RA 160 7.05 43.43 41.68
C ASN RA 160 8.40 43.75 41.04
N LEU RA 161 8.33 44.43 39.90
CA LEU RA 161 9.52 44.83 39.16
C LEU RA 161 9.50 46.34 38.96
N SER RA 162 10.62 47.00 39.28
CA SER RA 162 10.72 48.44 39.16
C SER RA 162 12.13 48.89 39.52
N GLU RA 163 12.50 50.07 39.02
CA GLU RA 163 13.58 50.88 39.58
C GLU RA 163 14.93 50.16 39.56
N ILE RA 164 15.41 49.91 38.34
CA ILE RA 164 16.80 49.54 38.14
C ILE RA 164 17.39 50.57 37.18
N SER RA 165 18.26 51.43 37.71
CA SER RA 165 18.86 52.52 36.95
C SER RA 165 19.85 53.23 37.86
N VAL RA 166 20.59 54.17 37.26
CA VAL RA 166 21.27 55.16 38.07
C VAL RA 166 20.19 55.97 38.79
N LYS RA 167 20.57 56.54 39.94
CA LYS RA 167 19.74 57.34 40.83
C LYS RA 167 18.78 56.46 41.64
N THR RA 168 18.71 55.15 41.36
CA THR RA 168 17.98 54.22 42.21
C THR RA 168 18.83 53.07 42.70
N LEU RA 169 19.94 52.74 42.04
CA LEU RA 169 20.95 51.89 42.64
C LEU RA 169 21.81 52.64 43.65
N GLY RA 170 21.60 53.95 43.78
CA GLY RA 170 22.22 54.75 44.81
C GLY RA 170 23.41 55.55 44.37
N LEU RA 171 24.04 55.21 43.25
CA LEU RA 171 25.23 55.94 42.82
C LEU RA 171 24.89 57.39 42.50
N ASP RA 172 24.21 57.61 41.38
CA ASP RA 172 23.53 58.85 41.02
C ASP RA 172 24.52 60.01 40.87
N GLY RA 173 25.73 59.84 41.37
CA GLY RA 173 26.77 60.85 41.25
C GLY RA 173 28.16 60.26 41.25
N PHE RA 174 28.26 58.95 40.98
CA PHE RA 174 29.45 58.19 41.28
C PHE RA 174 30.67 58.80 40.60
N ASN RA 175 31.61 59.31 41.40
CA ASN RA 175 32.69 60.19 40.94
C ASN RA 175 34.01 59.61 41.43
N VAL RA 176 34.63 58.75 40.61
CA VAL RA 176 35.84 58.08 41.03
C VAL RA 176 37.01 59.05 41.13
N ASN RA 177 37.04 60.08 40.29
CA ASN RA 177 38.06 61.11 40.41
C ASN RA 177 37.49 62.28 41.20
N GLY RA 178 38.19 63.41 41.20
CA GLY RA 178 37.77 64.58 41.93
C GLY RA 178 38.81 65.03 42.91
N LYS RA 179 38.44 66.03 43.71
CA LYS RA 179 39.37 66.60 44.68
C LYS RA 179 39.72 65.64 45.80
N GLY RA 180 38.99 64.52 45.93
CA GLY RA 180 39.29 63.58 47.00
C GLY RA 180 39.01 64.20 48.34
N VAL RA 181 40.03 64.27 49.18
CA VAL RA 181 39.93 64.90 50.50
C VAL RA 181 40.62 66.27 50.39
N THR RA 182 39.83 67.33 50.48
CA THR RA 182 40.37 68.67 50.40
C THR RA 182 41.09 69.03 51.71
N GLN RA 183 42.15 69.83 51.58
CA GLN RA 183 42.93 70.28 52.71
C GLN RA 183 42.59 71.75 53.00
N ASN RA 184 42.12 72.02 54.21
CA ASN RA 184 41.83 73.38 54.60
C ASN RA 184 43.12 74.17 54.80
N ARG RA 185 43.01 75.50 54.75
CA ARG RA 185 44.16 76.37 54.94
C ARG RA 185 44.14 76.94 56.35
N SER RA 186 45.33 77.10 56.92
CA SER RA 186 45.45 77.66 58.27
C SER RA 186 44.96 79.11 58.28
N ALA RA 187 44.18 79.46 59.30
CA ALA RA 187 43.66 80.80 59.45
C ALA RA 187 44.75 81.74 59.97
N THR RA 188 44.45 83.03 59.93
CA THR RA 188 45.36 84.04 60.47
C THR RA 188 44.52 85.18 61.04
N VAL RA 189 45.21 86.23 61.49
CA VAL RA 189 44.54 87.34 62.17
C VAL RA 189 43.56 88.05 61.24
N THR RA 190 43.84 88.05 59.93
CA THR RA 190 42.94 88.73 59.00
C THR RA 190 41.55 88.09 59.02
N ASP RA 191 41.50 86.76 58.99
CA ASP RA 191 40.21 86.07 59.00
C ASP RA 191 39.46 86.34 60.30
N VAL RA 192 40.16 86.26 61.44
CA VAL RA 192 39.49 86.42 62.72
C VAL RA 192 38.96 87.85 62.87
N ILE RA 193 39.76 88.85 62.50
CA ILE RA 193 39.24 90.22 62.55
C ILE RA 193 38.17 90.45 61.50
N ALA RA 194 38.14 89.62 60.45
CA ALA RA 194 37.03 89.67 59.52
C ALA RA 194 35.75 89.14 60.14
N GLN RA 195 35.85 88.19 61.07
CA GLN RA 195 34.65 87.78 61.81
C GLN RA 195 34.16 88.83 62.79
N GLY RA 196 34.96 89.86 63.09
CA GLY RA 196 34.48 90.99 63.83
C GLY RA 196 34.53 90.90 65.34
N GLY RA 197 35.30 89.97 65.89
CA GLY RA 197 35.51 89.90 67.33
C GLY RA 197 36.55 90.88 67.78
N THR RA 198 36.97 90.73 69.03
CA THR RA 198 37.85 91.70 69.69
C THR RA 198 39.22 91.08 69.95
N LEU RA 199 40.23 91.94 70.01
CA LEU RA 199 41.59 91.56 70.33
C LEU RA 199 41.87 91.92 71.79
N GLN RA 200 42.94 91.33 72.33
CA GLN RA 200 43.44 91.74 73.64
C GLN RA 200 44.94 91.49 73.66
N GLY RA 201 45.53 91.54 74.85
CA GLY RA 201 46.96 91.36 74.97
C GLY RA 201 47.42 90.00 74.47
N ASP RA 202 48.65 89.96 73.96
CA ASP RA 202 49.28 88.77 73.42
C ASP RA 202 48.54 88.19 72.21
N GLY RA 203 47.75 89.03 71.53
CA GLY RA 203 47.09 88.62 70.30
C GLY RA 203 45.93 87.67 70.48
N THR RA 204 45.57 87.31 71.70
CA THR RA 204 44.44 86.42 71.93
C THR RA 204 43.16 87.08 71.45
N TYR RA 205 42.36 86.32 70.71
CA TYR RA 205 41.20 86.84 69.99
C TYR RA 205 39.93 86.19 70.51
N LYS RA 206 38.84 86.94 70.45
CA LYS RA 206 37.53 86.49 70.92
C LYS RA 206 36.60 86.35 69.72
N ALA RA 207 36.62 85.18 69.09
CA ALA RA 207 35.78 84.91 67.94
C ALA RA 207 34.41 84.42 68.38
N THR RA 208 33.37 84.95 67.75
CA THR RA 208 31.99 84.65 68.10
C THR RA 208 31.39 83.82 66.97
N THR RA 209 30.99 82.58 67.28
CA THR RA 209 30.49 81.64 66.29
C THR RA 209 29.00 81.37 66.54
N THR RA 210 28.19 81.57 65.51
CA THR RA 210 26.78 81.29 65.57
C THR RA 210 26.50 79.83 65.18
N PHE RA 211 25.40 79.29 65.70
CA PHE RA 211 25.06 77.89 65.48
C PHE RA 211 23.63 77.70 64.98
N ASN RA 212 23.13 78.63 64.15
CA ASN RA 212 21.76 78.54 63.64
C ASN RA 212 21.56 77.19 62.95
N ALA RA 213 20.70 76.35 63.52
CA ALA RA 213 20.62 74.96 63.11
C ALA RA 213 19.29 74.39 63.61
N ALA RA 214 19.18 73.06 63.62
CA ALA RA 214 17.98 72.33 64.04
C ALA RA 214 16.85 72.53 63.02
N SER RA 215 17.20 72.40 61.75
CA SER RA 215 16.24 72.46 60.66
C SER RA 215 15.68 71.07 60.39
N ALA RA 216 15.03 70.90 59.24
CA ALA RA 216 14.31 69.67 58.95
C ALA RA 216 15.26 68.47 58.82
N GLU RA 217 16.38 68.64 58.12
CA GLU RA 217 17.20 67.48 57.79
C GLU RA 217 17.78 66.81 59.03
N THR RA 218 17.99 67.58 60.09
CA THR RA 218 18.60 67.03 61.29
C THR RA 218 17.60 66.70 62.38
N VAL RA 219 16.50 67.44 62.49
CA VAL RA 219 15.51 67.13 63.52
C VAL RA 219 14.77 65.85 63.19
N LEU RA 220 14.33 65.69 61.95
CA LEU RA 220 13.58 64.51 61.56
C LEU RA 220 14.44 63.26 61.50
N SER RA 221 15.77 63.40 61.52
CA SER RA 221 16.64 62.24 61.54
C SER RA 221 16.49 61.42 62.82
N LYS RA 222 16.13 62.05 63.92
CA LYS RA 222 15.86 61.38 65.19
C LYS RA 222 14.41 61.65 65.55
N LEU RA 223 13.53 60.68 65.30
CA LEU RA 223 12.11 60.88 65.52
C LEU RA 223 11.40 59.54 65.65
N GLU RA 224 10.68 59.37 66.76
CA GLU RA 224 9.69 58.31 66.88
C GLU RA 224 8.38 58.77 67.50
N ASP RA 225 8.35 59.88 68.23
CA ASP RA 225 7.16 60.33 68.94
C ASP RA 225 6.38 61.33 68.09
N GLY RA 226 5.42 62.01 68.70
CA GLY RA 226 4.49 62.83 67.95
C GLY RA 226 5.15 64.03 67.28
N ASN RA 227 4.56 64.45 66.16
CA ASN RA 227 5.02 65.60 65.40
C ASN RA 227 3.79 66.40 64.96
N THR RA 228 3.86 67.72 65.09
CA THR RA 228 2.72 68.58 64.84
C THR RA 228 3.07 69.65 63.82
N VAL RA 229 2.10 69.96 62.95
CA VAL RA 229 2.19 71.10 62.05
C VAL RA 229 0.87 71.85 62.11
N ALA RA 230 0.94 73.16 61.84
CA ALA RA 230 -0.24 74.02 61.90
C ALA RA 230 0.12 75.37 61.29
N VAL RA 231 -0.84 75.97 60.60
CA VAL RA 231 -0.65 77.27 59.96
C VAL RA 231 -1.48 78.31 60.70
N GLY RA 232 -0.80 79.35 61.20
CA GLY RA 232 -1.48 80.46 61.84
C GLY RA 232 -2.38 80.01 62.98
N GLY RA 233 -3.60 80.53 63.00
CA GLY RA 233 -4.63 80.15 63.94
C GLY RA 233 -5.56 79.07 63.45
N GLY RA 234 -5.26 78.43 62.32
CA GLY RA 234 -6.11 77.40 61.76
C GLY RA 234 -5.99 76.09 62.49
N ALA RA 235 -6.48 75.03 61.84
CA ALA RA 235 -6.46 73.71 62.44
C ALA RA 235 -5.04 73.20 62.61
N THR RA 236 -4.85 72.38 63.63
CA THR RA 236 -3.56 71.79 63.96
C THR RA 236 -3.60 70.30 63.69
N TYR RA 237 -2.54 69.78 63.05
CA TYR RA 237 -2.47 68.37 62.68
C TYR RA 237 -1.26 67.74 63.35
N THR RA 238 -1.43 66.50 63.80
CA THR RA 238 -0.41 65.79 64.55
C THR RA 238 -0.02 64.51 63.82
N TYR RA 239 1.26 64.16 63.91
CA TYR RA 239 1.83 63.03 63.20
C TYR RA 239 2.58 62.14 64.19
N ASP RA 240 2.75 60.88 63.81
CA ASP RA 240 3.43 59.90 64.66
C ASP RA 240 4.29 59.00 63.79
N ALA RA 241 5.60 59.09 63.94
CA ALA RA 241 6.54 58.30 63.14
C ALA RA 241 6.60 56.89 63.70
N ALA RA 242 5.87 55.97 63.08
CA ALA RA 242 5.86 54.57 63.47
C ALA RA 242 6.14 53.72 62.25
N LYS RA 243 7.13 52.82 62.36
CA LYS RA 243 7.53 51.93 61.28
C LYS RA 243 7.91 52.70 60.01
N GLY RA 244 8.58 53.84 60.20
CA GLY RA 244 9.06 54.63 59.09
C GLY RA 244 8.04 55.50 58.41
N ASN RA 245 6.81 55.53 58.91
CA ASN RA 245 5.76 56.34 58.31
C ASN RA 245 5.01 57.08 59.41
N PHE RA 246 4.33 58.16 59.01
CA PHE RA 246 3.60 59.00 59.95
C PHE RA 246 2.11 58.73 59.83
N THR RA 247 1.47 58.44 60.96
CA THR RA 247 0.04 58.12 60.99
C THR RA 247 -0.76 59.43 61.00
N TYR RA 248 -0.66 60.16 59.90
CA TYR RA 248 -1.41 61.39 59.75
C TYR RA 248 -2.89 61.10 59.65
N THR RA 249 -3.69 61.89 60.35
CA THR RA 249 -5.14 61.76 60.36
C THR RA 249 -5.75 63.02 59.76
N LYS RA 250 -6.43 62.87 58.62
CA LYS RA 250 -7.06 63.99 57.95
C LYS RA 250 -8.25 64.45 58.77
N THR RA 251 -8.07 65.50 59.56
CA THR RA 251 -9.15 66.06 60.37
C THR RA 251 -9.90 67.11 59.58
N VAL RA 252 -11.22 66.97 59.50
CA VAL RA 252 -12.02 67.98 58.81
C VAL RA 252 -11.90 69.31 59.54
N ASP RA 253 -11.93 70.40 58.76
CA ASP RA 253 -12.09 71.71 59.36
C ASP RA 253 -13.40 71.75 60.11
N THR RA 254 -13.38 72.33 61.32
CA THR RA 254 -14.57 72.27 62.17
C THR RA 254 -15.44 73.51 61.94
N THR RA 255 -14.94 74.69 62.34
CA THR RA 255 -15.44 76.00 61.93
C THR RA 255 -16.95 76.06 61.72
N VAL RA 256 -17.74 75.52 62.63
CA VAL RA 256 -19.18 75.41 62.44
C VAL RA 256 -19.92 75.62 63.76
N GLY RA 257 -21.04 76.33 63.69
CA GLY RA 257 -22.01 76.38 64.76
C GLY RA 257 -23.15 75.44 64.41
N ALA RA 258 -24.23 75.98 63.87
CA ALA RA 258 -25.36 75.18 63.41
C ALA RA 258 -25.28 74.85 61.92
N ASP RA 259 -24.20 75.22 61.25
CA ASP RA 259 -24.09 75.03 59.79
C ASP RA 259 -23.35 73.72 59.50
N VAL RA 260 -24.02 72.61 59.82
CA VAL RA 260 -23.47 71.29 59.57
C VAL RA 260 -23.26 71.05 58.07
N THR RA 261 -23.98 71.79 57.23
CA THR RA 261 -23.86 71.61 55.79
C THR RA 261 -22.43 71.87 55.30
N ALA RA 262 -21.69 72.75 55.98
CA ALA RA 262 -20.31 72.98 55.60
C ALA RA 262 -19.48 71.70 55.71
N LEU RA 263 -19.59 71.02 56.85
CA LEU RA 263 -18.87 69.76 57.03
C LEU RA 263 -19.37 68.70 56.06
N ALA RA 264 -20.69 68.62 55.86
CA ALA RA 264 -21.24 67.61 54.97
C ALA RA 264 -20.73 67.81 53.54
N ASN RA 265 -20.73 69.05 53.07
CA ASN RA 265 -20.27 69.36 51.72
C ASN RA 265 -18.75 69.37 51.61
N LYS RA 266 -18.02 69.40 52.72
CA LYS RA 266 -16.58 69.16 52.63
C LYS RA 266 -16.29 67.67 52.53
N ILE RA 267 -17.06 66.84 53.22
CA ILE RA 267 -16.88 65.40 53.13
C ILE RA 267 -17.31 64.89 51.75
N LYS RA 268 -18.37 65.48 51.21
CA LYS RA 268 -18.99 64.97 49.97
C LYS RA 268 -18.01 64.80 48.80
N PRO RA 269 -17.15 65.76 48.47
CA PRO RA 269 -16.27 65.56 47.31
C PRO RA 269 -15.31 64.40 47.45
N SER RA 270 -15.00 63.97 48.68
CA SER RA 270 -14.14 62.82 48.86
C SER RA 270 -14.78 61.54 48.32
N SER RA 271 -16.11 61.52 48.18
CA SER RA 271 -16.81 60.37 47.61
C SER RA 271 -17.93 60.82 46.68
N GLY RA 272 -17.76 61.95 46.00
CA GLY RA 272 -18.82 62.53 45.21
C GLY RA 272 -19.03 61.89 43.85
N THR RA 273 -19.38 60.60 43.84
CA THR RA 273 -19.67 59.88 42.61
C THR RA 273 -20.58 58.71 42.96
N ILE RA 274 -21.35 58.25 41.97
CA ILE RA 274 -22.24 57.13 42.17
C ILE RA 274 -21.41 55.86 42.34
N SER RA 275 -21.55 55.21 43.49
CA SER RA 275 -20.79 54.00 43.80
C SER RA 275 -21.70 53.08 44.61
N GLY RA 276 -21.12 51.97 45.09
CA GLY RA 276 -21.88 51.00 45.85
C GLY RA 276 -21.00 50.38 46.93
N SER RA 277 -21.60 49.45 47.67
CA SER RA 277 -20.95 48.74 48.77
C SER RA 277 -20.46 49.70 49.84
N TYR RA 278 -21.12 50.86 49.98
CA TYR RA 278 -20.78 51.78 51.04
C TYR RA 278 -21.08 51.16 52.39
N GLU RA 279 -20.25 51.50 53.38
CA GLU RA 279 -20.39 50.98 54.74
C GLU RA 279 -20.79 52.12 55.65
N ILE RA 280 -22.07 52.17 55.99
CA ILE RA 280 -22.61 53.16 56.92
C ILE RA 280 -22.65 52.50 58.30
N SER RA 281 -21.67 52.81 59.13
CA SER RA 281 -21.58 52.28 60.48
C SER RA 281 -21.89 53.44 61.43
N THR RA 282 -23.18 53.66 61.68
CA THR RA 282 -23.65 54.65 62.63
C THR RA 282 -24.11 53.96 63.90
N GLY RA 283 -24.36 54.75 64.93
CA GLY RA 283 -24.72 54.19 66.22
C GLY RA 283 -23.59 53.41 66.82
N LYS RA 284 -23.76 52.10 66.93
CA LYS RA 284 -22.68 51.27 67.47
C LYS RA 284 -22.35 50.09 66.59
N SER RA 285 -23.34 49.42 66.01
CA SER RA 285 -23.11 48.19 65.26
C SER RA 285 -23.96 48.17 63.99
N ALA RA 286 -23.97 49.28 63.26
CA ALA RA 286 -24.76 49.34 62.03
C ALA RA 286 -24.23 48.37 60.99
N SER RA 287 -22.99 48.57 60.55
CA SER RA 287 -22.31 47.68 59.59
C SER RA 287 -23.17 47.43 58.36
N PHE RA 288 -23.39 48.49 57.60
CA PHE RA 288 -24.24 48.43 56.42
C PHE RA 288 -23.44 48.06 55.17
N ASP RA 289 -24.17 47.58 54.15
CA ASP RA 289 -23.64 47.33 52.81
C ASP RA 289 -24.65 47.92 51.84
N VAL RA 290 -24.50 49.21 51.51
CA VAL RA 290 -25.51 49.96 50.79
C VAL RA 290 -24.94 50.47 49.48
N ASP RA 291 -25.83 51.03 48.66
CA ASP RA 291 -25.48 51.66 47.40
C ASP RA 291 -25.91 53.12 47.42
N ALA RA 292 -25.27 53.93 46.58
CA ALA RA 292 -25.57 55.35 46.54
C ALA RA 292 -25.51 55.83 45.10
N ALA RA 293 -26.62 56.37 44.62
CA ALA RA 293 -26.74 56.96 43.28
C ALA RA 293 -27.38 58.34 43.38
N GLY RA 294 -26.89 59.15 44.32
CA GLY RA 294 -27.59 60.34 44.73
C GLY RA 294 -28.61 60.12 45.83
N LYS RA 295 -28.75 58.88 46.31
CA LYS RA 295 -29.70 58.54 47.35
C LYS RA 295 -29.29 57.21 47.95
N ILE RA 296 -29.20 57.15 49.27
CA ILE RA 296 -28.73 55.94 49.94
C ILE RA 296 -29.77 54.84 49.84
N THR RA 297 -29.34 53.65 49.44
CA THR RA 297 -30.23 52.50 49.37
C THR RA 297 -29.40 51.23 49.49
N ILE RA 298 -30.01 50.19 50.05
CA ILE RA 298 -29.39 48.88 50.15
C ILE RA 298 -30.01 47.98 49.10
N GLY RA 299 -29.37 46.85 48.84
CA GLY RA 299 -29.79 45.95 47.78
C GLY RA 299 -31.23 45.47 47.91
N GLY RA 300 -32.09 45.97 47.03
CA GLY RA 300 -33.49 45.60 47.03
C GLY RA 300 -34.39 46.38 47.95
N ASN RA 301 -33.89 47.46 48.57
CA ASN RA 301 -34.68 48.21 49.53
C ASN RA 301 -34.40 49.70 49.34
N ALA RA 302 -34.87 50.51 50.29
CA ALA RA 302 -34.75 51.96 50.20
C ALA RA 302 -33.87 52.58 51.28
N ALA RA 303 -33.82 51.98 52.48
CA ALA RA 303 -32.92 52.40 53.55
C ALA RA 303 -33.19 53.86 53.96
N PHE RA 304 -34.39 54.07 54.49
CA PHE RA 304 -34.76 55.38 55.00
C PHE RA 304 -33.95 55.73 56.25
N LEU RA 305 -33.98 57.02 56.60
CA LEU RA 305 -33.34 57.52 57.82
C LEU RA 305 -34.38 57.75 58.90
N ASN RA 306 -34.03 57.44 60.14
CA ASN RA 306 -34.99 57.48 61.24
C ASN RA 306 -34.34 58.10 62.48
N ALA RA 307 -35.17 58.25 63.52
CA ALA RA 307 -34.71 58.48 64.89
C ALA RA 307 -33.85 59.74 65.00
N ASP RA 308 -34.51 60.87 64.80
CA ASP RA 308 -33.83 62.15 65.05
C ASP RA 308 -33.29 62.19 66.47
N GLY RA 309 -32.07 62.71 66.61
CA GLY RA 309 -31.34 62.63 67.85
C GLY RA 309 -30.52 61.35 67.99
N GLU RA 310 -30.98 60.27 67.35
CA GLU RA 310 -30.24 59.01 67.28
C GLU RA 310 -29.74 58.69 65.88
N LEU RA 311 -30.54 58.99 64.87
CA LEU RA 311 -30.10 59.02 63.47
C LEU RA 311 -29.58 57.66 63.01
N THR RA 312 -30.48 56.68 62.98
CA THR RA 312 -30.20 55.35 62.46
C THR RA 312 -30.90 55.18 61.11
N THR RA 313 -30.17 54.66 60.13
CA THR RA 313 -30.69 54.46 58.78
C THR RA 313 -31.41 53.12 58.72
N ASN RA 314 -32.70 53.15 58.41
CA ASN RA 314 -33.50 51.94 58.46
C ASN RA 314 -34.59 51.99 57.41
N ASP RA 315 -34.81 50.86 56.73
CA ASP RA 315 -35.77 50.83 55.63
C ASP RA 315 -37.21 50.91 56.12
N ALA RA 316 -37.46 50.67 57.40
CA ALA RA 316 -38.82 50.75 57.94
C ALA RA 316 -39.16 52.20 58.23
N SER RA 317 -40.18 52.72 57.55
CA SER RA 317 -40.54 54.12 57.70
C SER RA 317 -41.23 54.39 59.02
N GLY RA 318 -40.96 55.56 59.60
CA GLY RA 318 -41.61 55.96 60.84
C GLY RA 318 -42.32 57.29 60.72
N ALA RA 319 -42.84 57.60 59.53
CA ALA RA 319 -43.56 58.82 59.18
C ALA RA 319 -42.67 60.07 59.20
N LEU RA 320 -41.39 59.94 59.54
CA LEU RA 320 -40.46 61.06 59.60
C LEU RA 320 -39.14 60.68 58.90
N THR RA 321 -39.25 60.10 57.71
CA THR RA 321 -38.11 59.54 57.01
C THR RA 321 -37.71 60.43 55.83
N GLN RA 322 -36.42 60.47 55.57
CA GLN RA 322 -35.86 61.26 54.48
C GLN RA 322 -35.12 60.44 53.45
N ALA RA 323 -34.21 59.55 53.88
CA ALA RA 323 -33.44 58.68 52.99
C ALA RA 323 -32.63 59.48 51.98
N THR RA 324 -31.69 60.28 52.49
CA THR RA 324 -30.85 61.12 51.67
C THR RA 324 -29.40 60.98 52.10
N LEU RA 325 -28.50 60.93 51.11
CA LEU RA 325 -27.07 60.82 51.43
C LEU RA 325 -26.57 62.05 52.16
N ASP RA 326 -27.05 63.23 51.79
CA ASP RA 326 -26.70 64.44 52.53
C ASP RA 326 -27.21 64.36 53.97
N ASP RA 327 -28.44 63.86 54.14
CA ASP RA 327 -28.98 63.69 55.49
C ASP RA 327 -28.17 62.68 56.27
N VAL RA 328 -27.75 61.59 55.62
CA VAL RA 328 -26.92 60.59 56.30
C VAL RA 328 -25.60 61.22 56.75
N LEU RA 329 -24.94 61.95 55.86
CA LEU RA 329 -23.64 62.53 56.19
C LEU RA 329 -23.75 63.57 57.30
N THR RA 330 -24.79 64.41 57.26
CA THR RA 330 -25.03 65.34 58.36
C THR RA 330 -25.28 64.58 59.65
N SER RA 331 -26.05 63.49 59.58
CA SER RA 331 -26.39 62.73 60.76
C SER RA 331 -25.17 61.98 61.32
N VAL RA 332 -24.48 61.23 60.46
CA VAL RA 332 -23.50 60.25 60.92
C VAL RA 332 -22.34 60.94 61.63
N GLY RA 333 -22.26 60.72 62.94
CA GLY RA 333 -21.15 61.20 63.75
C GLY RA 333 -20.89 62.69 63.66
N THR RA 334 -21.73 63.39 62.89
CA THR RA 334 -21.52 64.78 62.59
C THR RA 334 -22.57 65.67 63.24
N GLU RA 335 -23.72 65.12 63.61
CA GLU RA 335 -24.72 65.85 64.38
C GLU RA 335 -25.02 65.21 65.72
N ALA RA 336 -25.36 63.92 65.76
CA ALA RA 336 -25.81 63.34 67.02
C ALA RA 336 -25.26 61.93 67.25
N ASN RA 337 -24.12 61.59 66.65
CA ASN RA 337 -23.50 60.30 66.87
C ASN RA 337 -22.03 60.49 67.21
N SER RA 338 -21.48 59.51 67.93
CA SER RA 338 -20.09 59.55 68.34
C SER RA 338 -19.44 58.20 68.06
N SER RA 339 -18.16 58.24 67.71
CA SER RA 339 -17.36 57.04 67.44
C SER RA 339 -18.02 56.17 66.38
N VAL RA 340 -18.54 56.81 65.33
CA VAL RA 340 -19.12 56.10 64.20
C VAL RA 340 -18.35 56.49 62.94
N THR RA 341 -18.58 55.74 61.87
CA THR RA 341 -17.73 55.85 60.69
C THR RA 341 -18.54 55.57 59.43
N ILE RA 342 -18.17 56.25 58.35
CA ILE RA 342 -18.68 55.95 57.02
C ILE RA 342 -17.58 55.20 56.28
N GLY RA 343 -17.78 53.90 56.09
CA GLY RA 343 -16.81 53.06 55.42
C GLY RA 343 -17.09 52.96 53.93
N GLY RA 344 -16.68 51.82 53.37
CA GLY RA 344 -16.87 51.56 51.96
C GLY RA 344 -15.94 52.37 51.08
N THR RA 345 -15.66 51.85 49.88
CA THR RA 345 -14.81 52.52 48.90
C THR RA 345 -13.44 52.85 49.51
N LYS RA 346 -12.88 51.86 50.22
CA LYS RA 346 -11.53 51.92 50.79
C LYS RA 346 -11.25 53.21 51.54
N TYR RA 347 -12.26 53.72 52.26
CA TYR RA 347 -12.04 54.80 53.20
C TYR RA 347 -12.91 54.56 54.43
N SER RA 348 -12.57 55.26 55.51
CA SER RA 348 -13.33 55.14 56.75
C SER RA 348 -13.36 56.52 57.40
N HIS RA 349 -14.45 57.25 57.17
CA HIS RA 349 -14.61 58.60 57.72
C HIS RA 349 -15.16 58.49 59.14
N SER RA 350 -14.26 58.16 60.07
CA SER RA 350 -14.62 58.13 61.47
C SER RA 350 -14.92 59.53 61.98
N ALA RA 351 -15.77 59.60 63.01
CA ALA RA 351 -16.18 60.87 63.59
C ALA RA 351 -15.52 61.02 64.95
N ALA RA 352 -14.66 62.05 65.08
CA ALA RA 352 -14.03 62.32 66.35
C ALA RA 352 -14.99 62.97 67.34
N ASP RA 353 -15.81 63.91 66.87
CA ASP RA 353 -16.71 64.65 67.74
C ASP RA 353 -18.06 64.80 67.07
N GLU RA 354 -19.10 64.97 67.89
CA GLU RA 354 -20.45 65.22 67.43
C GLU RA 354 -20.80 66.70 67.64
N LEU RA 355 -21.83 67.14 66.92
CA LEU RA 355 -22.24 68.54 66.92
C LEU RA 355 -23.37 68.72 67.92
N SER RA 356 -23.05 69.28 69.08
CA SER RA 356 -24.08 69.69 70.02
C SER RA 356 -24.83 70.94 69.56
N TYR RA 357 -24.53 71.42 68.35
CA TYR RA 357 -25.04 72.65 67.74
C TYR RA 357 -24.52 73.89 68.46
N THR RA 358 -23.77 73.72 69.55
CA THR RA 358 -22.93 74.76 70.13
C THR RA 358 -21.47 74.39 70.03
N ALA RA 359 -21.08 73.23 70.56
CA ALA RA 359 -19.77 72.67 70.30
C ALA RA 359 -19.75 72.06 68.91
N VAL RA 360 -18.64 72.20 68.23
CA VAL RA 360 -18.53 71.83 66.82
C VAL RA 360 -18.13 70.36 66.70
N ALA RA 361 -18.59 69.72 65.64
CA ALA RA 361 -18.26 68.33 65.35
C ALA RA 361 -17.05 68.25 64.43
N THR RA 362 -16.51 67.04 64.30
CA THR RA 362 -15.40 66.79 63.38
C THR RA 362 -15.37 65.32 63.03
N THR RA 363 -15.20 65.04 61.74
CA THR RA 363 -15.00 63.68 61.24
C THR RA 363 -13.62 63.60 60.61
N ALA RA 364 -12.99 62.43 60.77
CA ALA RA 364 -11.63 62.27 60.28
C ALA RA 364 -11.45 60.86 59.73
N ASP RA 365 -10.63 60.76 58.70
CA ASP RA 365 -10.22 59.48 58.14
C ASP RA 365 -8.72 59.35 58.31
N VAL RA 366 -8.26 58.17 58.73
CA VAL RA 366 -6.83 57.95 58.88
C VAL RA 366 -6.29 57.52 57.53
N LEU RA 367 -5.98 58.51 56.68
CA LEU RA 367 -5.48 58.21 55.35
C LEU RA 367 -4.10 57.58 55.37
N SER RA 368 -3.40 57.66 56.49
CA SER RA 368 -1.97 57.35 56.59
C SER RA 368 -1.16 58.18 55.61
N ALA RA 369 -1.77 59.22 55.05
CA ALA RA 369 -1.09 60.11 54.12
C ALA RA 369 0.05 60.83 54.82
N MET RA 370 0.81 61.58 54.02
CA MET RA 370 2.01 62.25 54.49
C MET RA 370 2.97 61.23 55.09
N GLY RA 371 2.93 60.00 54.57
CA GLY RA 371 3.56 58.86 55.20
C GLY RA 371 5.06 58.94 55.35
N SER RA 372 5.78 58.88 54.23
CA SER RA 372 7.23 58.87 54.28
C SER RA 372 7.75 60.16 54.91
N SER RA 373 8.76 60.03 55.77
CA SER RA 373 9.32 61.19 56.44
C SER RA 373 9.89 62.20 55.45
N THR RA 374 10.29 61.75 54.26
CA THR RA 374 10.74 62.68 53.23
C THR RA 374 9.61 63.63 52.82
N ALA RA 375 8.39 63.10 52.67
CA ALA RA 375 7.26 63.94 52.31
C ALA RA 375 6.97 64.96 53.41
N VAL RA 376 6.98 64.53 54.66
CA VAL RA 376 6.75 65.45 55.77
C VAL RA 376 7.82 66.53 55.78
N SER RA 377 9.09 66.13 55.60
CA SER RA 377 10.17 67.10 55.53
C SER RA 377 9.93 68.11 54.42
N THR RA 378 9.55 67.63 53.24
CA THR RA 378 9.33 68.53 52.11
C THR RA 378 8.21 69.51 52.40
N VAL RA 379 7.12 69.04 53.02
CA VAL RA 379 6.01 69.93 53.33
C VAL RA 379 6.43 70.96 54.36
N THR RA 380 7.11 70.53 55.43
CA THR RA 380 7.51 71.48 56.46
C THR RA 380 8.72 72.32 56.04
N LEU RA 381 9.52 71.83 55.09
CA LEU RA 381 10.62 72.62 54.53
C LEU RA 381 10.10 73.41 53.33
N GLY RA 382 9.39 74.49 53.64
CA GLY RA 382 8.74 75.28 52.62
C GLY RA 382 7.22 75.20 52.70
N SER RA 383 6.61 76.24 53.26
CA SER RA 383 5.18 76.29 53.47
C SER RA 383 4.76 77.75 53.54
N GLY RA 384 3.59 78.01 54.13
CA GLY RA 384 3.09 79.36 54.28
C GLY RA 384 3.45 79.92 55.65
N ILE RA 385 2.47 79.97 56.55
CA ILE RA 385 2.74 80.35 57.93
C ILE RA 385 2.65 79.09 58.78
N THR RA 386 2.93 77.94 58.16
CA THR RA 386 2.81 76.64 58.82
C THR RA 386 4.03 76.42 59.71
N SER RA 387 3.88 76.71 61.00
CA SER RA 387 4.95 76.54 61.98
C SER RA 387 4.82 75.17 62.61
N ALA RA 388 5.79 74.30 62.39
CA ALA RA 388 5.75 72.94 62.90
C ALA RA 388 6.34 72.86 64.31
N ALA RA 389 6.10 71.72 64.96
CA ALA RA 389 6.70 71.42 66.24
C ALA RA 389 6.92 69.91 66.32
N VAL RA 390 8.10 69.51 66.78
CA VAL RA 390 8.51 68.11 66.76
C VAL RA 390 8.80 67.66 68.19
N THR RA 391 8.15 66.56 68.59
CA THR RA 391 8.37 65.92 69.88
C THR RA 391 9.04 64.58 69.61
N PHE RA 392 10.32 64.46 69.95
CA PHE RA 392 11.10 63.31 69.49
C PHE RA 392 12.00 62.71 70.57
N ALA RA 393 11.54 62.68 71.81
CA ALA RA 393 12.33 62.06 72.88
C ALA RA 393 11.42 61.20 73.75
N ILE RA 394 12.00 60.66 74.81
CA ILE RA 394 11.26 59.89 75.79
C ILE RA 394 10.49 60.83 76.71
N ALA RA 395 9.24 60.48 77.01
CA ALA RA 395 8.34 61.40 77.70
C ALA RA 395 8.92 61.92 79.01
N THR RA 396 9.76 61.12 79.67
CA THR RA 396 10.45 61.62 80.87
C THR RA 396 11.49 62.66 80.50
N THR RA 397 12.20 62.46 79.39
CA THR RA 397 13.30 63.33 79.00
C THR RA 397 13.02 64.02 77.67
N ASP RA 398 11.79 64.49 77.49
CA ASP RA 398 11.34 65.05 76.23
C ASP RA 398 11.16 66.55 76.33
N SER RA 399 11.19 67.19 75.16
CA SER RA 399 10.85 68.60 75.03
C SER RA 399 10.39 68.83 73.59
N ASN RA 400 10.23 70.09 73.21
CA ASN RA 400 9.73 70.43 71.89
C ASN RA 400 10.57 71.54 71.28
N ASN RA 401 10.56 71.61 69.95
CA ASN RA 401 11.17 72.71 69.23
C ASN RA 401 10.13 73.32 68.29
N THR RA 402 10.05 74.64 68.26
CA THR RA 402 9.20 75.30 67.28
C THR RA 402 9.92 75.36 65.95
N TRP RA 403 9.17 75.65 64.89
CA TRP RA 403 9.73 75.62 63.56
C TRP RA 403 9.38 76.90 62.82
N VAL RA 404 10.31 77.38 62.01
CA VAL RA 404 10.04 78.52 61.13
C VAL RA 404 9.29 78.00 59.90
N ASP RA 405 8.25 78.73 59.53
CA ASP RA 405 7.27 78.22 58.57
C ASP RA 405 7.90 77.95 57.20
N ASN RA 406 8.59 78.94 56.65
CA ASN RA 406 9.02 78.86 55.25
C ASN RA 406 10.33 78.12 55.04
N LYS RA 407 11.04 77.77 56.11
CA LYS RA 407 12.28 77.03 55.97
C LYS RA 407 12.47 75.91 56.99
N GLY RA 408 11.52 75.71 57.91
CA GLY RA 408 11.62 74.59 58.83
C GLY RA 408 12.79 74.66 59.78
N GLU RA 409 13.46 75.80 59.86
CA GLU RA 409 14.61 75.98 60.74
C GLU RA 409 14.12 76.60 62.05
N LEU RA 410 14.98 76.60 63.06
CA LEU RA 410 14.67 77.19 64.34
C LEU RA 410 15.75 78.17 64.79
N THR RA 411 15.31 79.32 65.32
CA THR RA 411 16.20 80.30 65.92
C THR RA 411 16.33 80.12 67.43
N ASP RA 412 15.26 79.70 68.10
CA ASP RA 412 15.29 79.62 69.56
C ASP RA 412 16.32 78.60 70.04
N ILE RA 413 16.28 77.39 69.48
CA ILE RA 413 17.21 76.33 69.86
C ILE RA 413 18.17 76.10 68.72
N GLN RA 414 19.45 76.23 69.00
CA GLN RA 414 20.52 75.99 68.05
C GLN RA 414 21.17 74.64 68.34
N THR RA 415 22.20 74.31 67.58
CA THR RA 415 22.98 73.10 67.82
C THR RA 415 24.46 73.45 67.80
N PHE RA 416 25.15 73.07 68.87
CA PHE RA 416 26.59 73.20 68.93
C PHE RA 416 27.24 72.31 67.87
N ASP RA 417 28.56 72.44 67.72
CA ASP RA 417 29.30 71.65 66.74
C ASP RA 417 29.00 70.16 66.88
N THR RA 418 28.84 69.67 68.11
CA THR RA 418 28.57 68.27 68.35
C THR RA 418 27.33 68.02 69.20
N SER RA 419 26.51 69.04 69.47
CA SER RA 419 25.44 68.90 70.45
C SER RA 419 24.35 69.93 70.18
N TYR RA 420 23.19 69.72 70.81
CA TYR RA 420 22.03 70.60 70.67
C TYR RA 420 22.01 71.60 71.82
N LYS RA 421 22.59 72.77 71.61
CA LYS RA 421 22.66 73.80 72.64
C LYS RA 421 21.81 75.00 72.26
N ILE RA 422 21.02 75.48 73.22
CA ILE RA 422 20.22 76.68 73.00
C ILE RA 422 21.11 77.90 72.82
N ASN RA 423 22.27 77.93 73.48
CA ASN RA 423 23.16 79.07 73.35
C ASN RA 423 23.68 79.19 71.92
N ALA RA 424 23.20 80.21 71.20
CA ALA RA 424 23.56 80.38 69.80
C ALA RA 424 25.01 80.80 69.62
N ASP RA 425 25.65 81.34 70.66
CA ASP RA 425 27.03 81.79 70.58
C ASP RA 425 27.82 81.32 71.79
N THR RA 426 29.05 80.89 71.54
CA THR RA 426 29.98 80.51 72.62
C THR RA 426 31.13 81.49 72.80
N GLY RA 427 31.47 82.27 71.78
CA GLY RA 427 32.61 83.17 71.91
C GLY RA 427 33.92 82.44 72.02
N GLU RA 428 34.19 81.56 71.05
CA GLU RA 428 35.43 80.79 71.07
C GLU RA 428 36.64 81.72 71.12
N VAL RA 429 37.64 81.33 71.91
CA VAL RA 429 38.79 82.17 72.20
C VAL RA 429 40.01 81.55 71.54
N THR RA 430 40.54 82.23 70.53
CA THR RA 430 41.71 81.78 69.80
C THR RA 430 42.83 82.80 69.97
N VAL RA 431 44.07 82.33 69.95
CA VAL RA 431 45.24 83.18 70.06
C VAL RA 431 46.02 83.12 68.75
N VAL RA 432 46.38 84.28 68.22
CA VAL RA 432 47.14 84.37 66.98
C VAL RA 432 48.60 84.10 67.33
N GLY RA 433 49.10 82.92 66.97
CA GLY RA 433 50.46 82.55 67.28
C GLY RA 433 51.46 83.51 66.67
N ASP RA 434 52.07 84.34 67.50
CA ASP RA 434 53.04 85.31 66.99
C ASP RA 434 54.25 84.57 66.43
N ASN RA 435 54.74 85.06 65.29
CA ASN RA 435 55.84 84.47 64.52
C ASN RA 435 55.44 83.14 63.88
N SER RA 436 54.22 82.65 64.13
CA SER RA 436 53.73 81.44 63.49
C SER RA 436 52.57 81.70 62.54
N ALA RA 437 51.89 82.84 62.66
CA ALA RA 437 50.80 83.23 61.76
C ALA RA 437 49.69 82.19 61.74
N THR RA 438 49.52 81.45 62.83
CA THR RA 438 48.48 80.43 62.92
C THR RA 438 47.66 80.70 64.17
N ALA RA 439 46.33 80.78 63.99
CA ALA RA 439 45.42 81.05 65.10
C ALA RA 439 45.29 79.79 65.93
N GLY RA 440 46.27 79.58 66.80
CA GLY RA 440 46.21 78.45 67.71
C GLY RA 440 45.02 78.57 68.65
N GLN RA 441 44.35 77.44 68.87
CA GLN RA 441 43.18 77.43 69.74
C GLN RA 441 43.60 77.66 71.19
N TYR RA 442 42.73 78.32 71.95
CA TYR RA 442 43.09 78.71 73.31
C TYR RA 442 42.04 78.32 74.33
N ALA RA 443 40.77 78.25 73.93
CA ALA RA 443 39.66 78.10 74.86
C ALA RA 443 39.72 76.80 75.66
N SER RA 444 39.54 75.65 75.00
CA SER RA 444 39.58 74.37 75.69
C SER RA 444 40.44 73.35 74.97
N ALA RA 445 40.53 73.47 73.64
CA ALA RA 445 41.40 72.58 72.89
C ALA RA 445 42.87 72.91 73.14
N ASP RA 446 43.18 74.19 73.37
CA ASP RA 446 44.49 74.65 73.80
C ASP RA 446 45.59 74.21 72.81
N GLY RA 447 45.46 74.71 71.59
CA GLY RA 447 46.46 74.48 70.57
C GLY RA 447 45.97 73.57 69.46
N ALA RA 448 44.70 73.70 69.09
CA ALA RA 448 44.15 72.89 68.02
C ALA RA 448 44.59 73.35 66.64
N LYS RA 449 45.26 74.49 66.53
CA LYS RA 449 45.76 75.01 65.26
C LYS RA 449 44.61 75.20 64.26
N VAL RA 450 43.75 76.18 64.59
CA VAL RA 450 42.52 76.38 63.84
C VAL RA 450 42.80 76.58 62.36
N LEU RA 451 41.99 75.93 61.52
CA LEU RA 451 41.98 76.15 60.08
C LEU RA 451 40.63 76.69 59.65
N VAL RA 452 40.63 77.39 58.52
CA VAL RA 452 39.39 77.92 57.95
C VAL RA 452 38.66 76.80 57.24
N GLY RA 453 37.39 76.61 57.57
CA GLY RA 453 36.58 75.57 56.98
C GLY RA 453 36.11 75.93 55.58
N SER RA 454 35.37 75.00 54.98
CA SER RA 454 34.88 75.21 53.62
C SER RA 454 33.81 76.30 53.55
N ASP RA 455 33.14 76.60 54.65
CA ASP RA 455 32.10 77.62 54.68
C ASP RA 455 32.61 78.97 55.16
N GLY RA 456 33.91 79.09 55.42
CA GLY RA 456 34.49 80.33 55.88
C GLY RA 456 34.58 80.50 57.38
N LYS RA 457 33.93 79.62 58.15
CA LYS RA 457 34.02 79.69 59.59
C LYS RA 457 35.30 79.02 60.08
N LEU RA 458 35.65 79.29 61.34
CA LEU RA 458 36.83 78.70 61.95
C LEU RA 458 36.50 77.33 62.55
N THR RA 459 37.41 76.39 62.35
CA THR RA 459 37.22 75.03 62.84
C THR RA 459 38.59 74.41 63.11
N THR RA 460 38.60 73.36 63.91
CA THR RA 460 39.84 72.71 64.30
C THR RA 460 40.23 71.54 63.39
N GLU RA 461 39.39 71.17 62.43
CA GLU RA 461 39.74 70.09 61.52
C GLU RA 461 40.73 70.58 60.47
N THR RA 462 41.54 69.65 59.98
CA THR RA 462 42.53 69.98 58.97
C THR RA 462 42.08 69.63 57.56
N THR RA 463 41.34 68.54 57.39
CA THR RA 463 40.91 68.06 56.09
C THR RA 463 39.39 68.02 56.02
N SER RA 464 38.85 68.51 54.91
CA SER RA 464 37.41 68.55 54.71
C SER RA 464 36.95 67.33 53.92
N ALA RA 465 35.66 67.27 53.64
CA ALA RA 465 35.10 66.14 52.91
C ALA RA 465 35.64 66.08 51.48
N GLY RA 466 35.77 67.23 50.83
CA GLY RA 466 36.20 67.26 49.44
C GLY RA 466 35.03 67.10 48.49
N ASP RA 467 35.26 66.49 47.33
CA ASP RA 467 34.20 66.31 46.34
C ASP RA 467 34.44 64.99 45.61
N LYS RA 468 33.88 63.89 46.15
CA LYS RA 468 34.26 62.50 45.80
C LYS RA 468 33.35 61.54 46.55
N THR RA 469 33.06 60.38 45.97
CA THR RA 469 32.24 59.39 46.65
C THR RA 469 33.02 58.79 47.81
N THR RA 470 32.63 59.14 49.04
CA THR RA 470 33.44 58.81 50.20
C THR RA 470 33.60 57.29 50.36
N ASP RA 471 32.57 56.54 50.00
CA ASP RA 471 32.58 55.07 50.12
C ASP RA 471 32.21 54.48 48.76
N PRO RA 472 33.14 54.47 47.81
CA PRO RA 472 32.79 54.01 46.45
C PRO RA 472 32.38 52.55 46.41
N LEU RA 473 33.25 51.65 46.90
CA LEU RA 473 32.94 50.23 46.80
C LEU RA 473 31.78 49.84 47.70
N LYS RA 474 31.58 50.54 48.82
CA LYS RA 474 30.43 50.24 49.67
C LYS RA 474 29.12 50.57 48.95
N THR RA 475 29.06 51.72 48.28
CA THR RA 475 27.89 52.04 47.48
C THR RA 475 27.71 51.05 46.34
N LEU RA 476 28.82 50.61 45.73
CA LEU RA 476 28.73 49.61 44.68
C LEU RA 476 28.18 48.30 45.21
N ASP RA 477 28.59 47.90 46.42
CA ASP RA 477 28.03 46.69 47.02
C ASP RA 477 26.56 46.86 47.35
N ALA RA 478 26.14 48.05 47.77
CA ALA RA 478 24.72 48.30 48.00
C ALA RA 478 23.93 48.15 46.70
N ALA RA 479 24.45 48.70 45.61
CA ALA RA 479 23.80 48.55 44.32
C ALA RA 479 23.76 47.07 43.90
N PHE RA 480 24.85 46.34 44.15
CA PHE RA 480 24.88 44.92 43.86
C PHE RA 480 23.81 44.18 44.63
N THR RA 481 23.66 44.52 45.92
CA THR RA 481 22.64 43.85 46.74
C THR RA 481 21.24 44.14 46.22
N LYS RA 482 20.96 45.40 45.86
CA LYS RA 482 19.65 45.74 45.34
C LYS RA 482 19.35 44.97 44.05
N LEU RA 483 20.32 44.99 43.12
CA LEU RA 483 20.11 44.31 41.85
C LEU RA 483 19.96 42.81 42.03
N ASP RA 484 20.78 42.22 42.91
CA ASP RA 484 20.69 40.78 43.16
C ASP RA 484 19.35 40.42 43.80
N LYS RA 485 18.86 41.26 44.71
CA LYS RA 485 17.55 41.01 45.31
C LYS RA 485 16.47 41.02 44.24
N LEU RA 486 16.49 42.01 43.36
CA LEU RA 486 15.46 42.06 42.33
C LEU RA 486 15.59 40.88 41.37
N THR RA 487 16.82 40.50 41.00
CA THR RA 487 17.01 39.38 40.10
C THR RA 487 16.54 38.08 40.72
N GLY RA 488 16.85 37.86 42.00
CA GLY RA 488 16.38 36.66 42.67
C GLY RA 488 14.87 36.62 42.79
N GLU RA 489 14.26 37.77 43.08
CA GLU RA 489 12.80 37.83 43.12
C GLU RA 489 12.21 37.47 41.76
N LEU RA 490 12.78 38.01 40.69
CA LEU RA 490 12.27 37.73 39.36
C LEU RA 490 12.45 36.25 39.00
N GLY RA 491 13.59 35.66 39.36
CA GLY RA 491 13.80 34.25 39.10
C GLY RA 491 12.82 33.38 39.86
N ALA RA 492 12.55 33.73 41.12
CA ALA RA 492 11.57 32.98 41.90
C ALA RA 492 10.19 33.08 41.28
N VAL RA 493 9.80 34.29 40.85
CA VAL RA 493 8.50 34.46 40.21
C VAL RA 493 8.42 33.66 38.92
N GLN RA 494 9.51 33.64 38.15
CA GLN RA 494 9.51 32.87 36.90
C GLN RA 494 9.40 31.37 37.16
N ASN RA 495 10.10 30.87 38.18
CA ASN RA 495 9.97 29.46 38.53
C ASN RA 495 8.54 29.14 38.97
N ARG RA 496 7.96 30.00 39.81
CA ARG RA 496 6.58 29.79 40.22
C ARG RA 496 5.63 29.83 39.02
N LEU RA 497 5.90 30.70 38.06
CA LEU RA 497 5.06 30.76 36.87
C LEU RA 497 5.19 29.50 36.03
N GLU RA 498 6.40 28.94 35.93
CA GLU RA 498 6.57 27.65 35.26
C GLU RA 498 5.78 26.55 35.96
N SER RA 499 5.82 26.54 37.29
CA SER RA 499 5.04 25.57 38.04
C SER RA 499 3.55 25.76 37.81
N THR RA 500 3.10 27.01 37.73
CA THR RA 500 1.71 27.27 37.40
C THR RA 500 1.37 26.77 36.01
N ILE RA 501 2.29 26.92 35.05
CA ILE RA 501 2.07 26.40 33.71
C ILE RA 501 1.82 24.90 33.78
N ALA RA 502 2.69 24.18 34.49
CA ALA RA 502 2.53 22.74 34.62
C ALA RA 502 1.21 22.38 35.29
N ASN RA 503 0.88 23.08 36.39
CA ASN RA 503 -0.33 22.77 37.13
C ASN RA 503 -1.57 23.03 36.31
N LEU RA 504 -1.63 24.17 35.63
CA LEU RA 504 -2.78 24.48 34.78
C LEU RA 504 -2.89 23.51 33.62
N ASN RA 505 -1.78 23.10 33.02
CA ASN RA 505 -1.86 22.11 31.95
C ASN RA 505 -2.43 20.80 32.46
N ASN RA 506 -1.98 20.35 33.63
CA ASN RA 506 -2.51 19.11 34.20
C ASN RA 506 -4.00 19.25 34.51
N VAL RA 507 -4.40 20.38 35.09
CA VAL RA 507 -5.80 20.57 35.41
C VAL RA 507 -6.65 20.63 34.14
N VAL RA 508 -6.13 21.25 33.08
CA VAL RA 508 -6.84 21.29 31.81
C VAL RA 508 -7.03 19.89 31.26
N ASN RA 509 -5.99 19.06 31.33
CA ASN RA 509 -6.12 17.69 30.84
C ASN RA 509 -7.17 16.92 31.62
N ASN RA 510 -7.14 17.04 32.96
CA ASN RA 510 -8.10 16.29 33.77
C ASN RA 510 -9.53 16.81 33.57
N LEU RA 511 -9.70 18.12 33.43
CA LEU RA 511 -11.04 18.65 33.19
C LEU RA 511 -11.54 18.29 31.81
N SER RA 512 -10.64 18.23 30.81
CA SER RA 512 -11.05 17.73 29.50
C SER RA 512 -11.48 16.28 29.58
N SER RA 513 -10.79 15.47 30.41
CA SER RA 513 -11.22 14.10 30.62
C SER RA 513 -12.60 14.05 31.26
N ALA RA 514 -12.84 14.91 32.25
CA ALA RA 514 -14.15 14.95 32.89
C ALA RA 514 -15.23 15.35 31.90
N ARG RA 515 -14.95 16.34 31.06
CA ARG RA 515 -15.91 16.75 30.05
C ARG RA 515 -16.15 15.65 29.04
N SER RA 516 -15.12 14.87 28.73
CA SER RA 516 -15.30 13.71 27.85
C SER RA 516 -16.21 12.68 28.51
N ARG RA 517 -15.99 12.42 29.79
CA ARG RA 517 -16.80 11.45 30.50
C ARG RA 517 -18.26 11.88 30.53
N ILE RA 518 -18.52 13.17 30.75
CA ILE RA 518 -19.89 13.61 30.94
C ILE RA 518 -20.58 13.86 29.61
N GLN RA 519 -19.88 14.44 28.64
CA GLN RA 519 -20.47 15.00 27.43
C GLN RA 519 -20.24 14.18 26.18
N ASP RA 520 -19.03 13.67 25.96
CA ASP RA 520 -18.76 12.93 24.74
C ASP RA 520 -19.54 11.62 24.71
N ALA RA 521 -19.77 11.11 23.51
CA ALA RA 521 -20.50 9.88 23.31
C ALA RA 521 -19.55 8.82 22.75
N ASP RA 522 -19.46 7.69 23.44
CA ASP RA 522 -18.58 6.59 23.03
C ASP RA 522 -19.29 5.82 21.91
N TYR RA 523 -18.65 5.80 20.74
CA TYR RA 523 -19.35 5.42 19.51
C TYR RA 523 -19.82 3.97 19.49
N ALA RA 524 -19.20 3.07 20.24
CA ALA RA 524 -19.62 1.68 20.19
C ALA RA 524 -21.10 1.54 20.56
N THR RA 525 -21.51 2.17 21.67
CA THR RA 525 -22.88 2.01 22.15
C THR RA 525 -23.88 2.54 21.15
N GLU RA 526 -23.71 3.79 20.71
CA GLU RA 526 -24.72 4.38 19.83
C GLU RA 526 -24.63 3.84 18.40
N VAL RA 527 -23.48 3.29 18.01
CA VAL RA 527 -23.43 2.57 16.74
C VAL RA 527 -24.26 1.29 16.83
N SER RA 528 -24.14 0.55 17.94
CA SER RA 528 -24.99 -0.62 18.13
C SER RA 528 -26.46 -0.20 18.18
N ASN RA 529 -26.75 0.91 18.85
CA ASN RA 529 -28.13 1.39 18.90
C ASN RA 529 -28.63 1.81 17.53
N MET RA 530 -27.77 2.41 16.71
CA MET RA 530 -28.15 2.76 15.35
C MET RA 530 -28.48 1.51 14.54
N SER RA 531 -27.66 0.48 14.65
CA SER RA 531 -27.95 -0.77 13.92
C SER RA 531 -29.26 -1.37 14.39
N LYS RA 532 -29.47 -1.40 15.71
CA LYS RA 532 -30.72 -1.92 16.24
C LYS RA 532 -31.91 -1.12 15.76
N ALA RA 533 -31.77 0.21 15.73
CA ALA RA 533 -32.84 1.08 15.28
C ALA RA 533 -33.15 0.87 13.80
N GLN RA 534 -32.11 0.66 12.98
CA GLN RA 534 -32.34 0.40 11.57
C GLN RA 534 -33.06 -0.93 11.36
N ILE RA 535 -32.64 -1.98 12.06
CA ILE RA 535 -33.32 -3.26 11.94
C ILE RA 535 -34.75 -3.13 12.42
N LEU RA 536 -34.97 -2.41 13.52
CA LEU RA 536 -36.32 -2.18 14.02
C LEU RA 536 -37.15 -1.40 13.01
N GLN RA 537 -36.54 -0.43 12.32
CA GLN RA 537 -37.24 0.34 11.31
C GLN RA 537 -37.73 -0.54 10.18
N GLN RA 538 -36.83 -1.38 9.66
CA GLN RA 538 -37.21 -2.27 8.56
C GLN RA 538 -38.28 -3.27 9.01
N ALA RA 539 -38.11 -3.83 10.21
CA ALA RA 539 -39.10 -4.78 10.72
C ALA RA 539 -40.45 -4.11 10.92
N GLY RA 540 -40.45 -2.88 11.45
CA GLY RA 540 -41.70 -2.17 11.66
C GLY RA 540 -42.38 -1.82 10.36
N THR RA 541 -41.61 -1.41 9.35
CA THR RA 541 -42.21 -1.15 8.05
C THR RA 541 -42.84 -2.40 7.46
N SER RA 542 -42.14 -3.53 7.56
CA SER RA 542 -42.68 -4.78 7.04
C SER RA 542 -43.95 -5.19 7.78
N VAL RA 543 -43.92 -5.11 9.12
CA VAL RA 543 -45.06 -5.51 9.92
C VAL RA 543 -46.25 -4.60 9.65
N LEU RA 544 -45.99 -3.30 9.49
CA LEU RA 544 -47.04 -2.37 9.10
C LEU RA 544 -47.61 -2.75 7.74
N ALA RA 545 -46.74 -3.18 6.82
CA ALA RA 545 -47.22 -3.63 5.53
C ALA RA 545 -48.21 -4.79 5.70
N GLN RA 546 -47.80 -5.84 6.42
CA GLN RA 546 -48.70 -6.99 6.57
C GLN RA 546 -49.99 -6.60 7.29
N ALA RA 547 -49.89 -5.70 8.27
CA ALA RA 547 -51.10 -5.19 8.91
C ALA RA 547 -52.00 -4.49 7.90
N ASN RA 548 -51.41 -3.83 6.90
CA ASN RA 548 -52.23 -3.15 5.90
C ASN RA 548 -53.01 -4.14 5.03
N GLN RA 549 -52.44 -5.31 4.71
CA GLN RA 549 -53.21 -6.31 3.99
C GLN RA 549 -53.99 -7.26 4.89
N VAL RA 550 -53.90 -7.10 6.21
CA VAL RA 550 -54.79 -7.86 7.09
C VAL RA 550 -56.25 -7.74 6.68
N PRO RA 551 -56.80 -6.55 6.40
CA PRO RA 551 -58.22 -6.47 6.02
C PRO RA 551 -58.52 -6.97 4.61
N GLN RA 552 -57.50 -7.26 3.79
CA GLN RA 552 -57.77 -7.80 2.45
C GLN RA 552 -58.51 -9.12 2.51
N THR RA 553 -58.33 -9.89 3.60
CA THR RA 553 -59.03 -11.16 3.73
C THR RA 553 -60.53 -10.96 3.72
N VAL RA 554 -61.00 -9.77 4.07
CA VAL RA 554 -62.42 -9.46 3.94
C VAL RA 554 -62.85 -9.57 2.49
N LEU RA 555 -62.02 -9.08 1.57
CA LEU RA 555 -62.35 -9.15 0.15
C LEU RA 555 -61.99 -10.52 -0.41
N SER RA 556 -62.45 -11.57 0.29
CA SER RA 556 -62.53 -12.92 -0.23
C SER RA 556 -63.97 -13.42 -0.20
N LEU RA 557 -64.67 -13.14 0.90
CA LEU RA 557 -66.10 -13.34 0.98
C LEU RA 557 -66.81 -12.06 0.57
N LEU RA 558 -67.87 -12.20 -0.21
CA LEU RA 558 -68.64 -11.04 -0.69
C LEU RA 558 -70.11 -11.39 -0.84
N ALA SA 2 -40.57 15.68 -17.85
CA ALA SA 2 -41.62 14.85 -18.42
C ALA SA 2 -41.55 13.40 -17.91
N ALA SA 3 -41.88 12.46 -18.79
CA ALA SA 3 -41.72 11.04 -18.55
C ALA SA 3 -41.13 10.36 -19.79
N VAL SA 4 -40.25 11.09 -20.47
CA VAL SA 4 -39.75 10.65 -21.78
C VAL SA 4 -38.56 9.74 -21.59
N ILE SA 5 -38.36 8.84 -22.56
CA ILE SA 5 -37.19 7.98 -22.58
C ILE SA 5 -36.37 8.11 -23.85
N ASN SA 6 -36.95 8.58 -24.95
CA ASN SA 6 -36.20 8.70 -26.20
C ASN SA 6 -35.02 9.66 -26.04
N THR SA 7 -35.26 10.78 -25.36
CA THR SA 7 -34.21 11.73 -25.04
C THR SA 7 -34.11 11.86 -23.53
N ASN SA 8 -32.90 11.86 -23.02
CA ASN SA 8 -32.65 12.04 -21.59
C ASN SA 8 -31.72 13.25 -21.46
N TYR SA 9 -32.31 14.41 -21.21
CA TYR SA 9 -31.53 15.64 -21.16
C TYR SA 9 -30.51 15.60 -20.03
N LEU SA 10 -30.87 14.98 -18.91
CA LEU SA 10 -29.95 14.90 -17.78
C LEU SA 10 -28.71 14.10 -18.14
N SER SA 11 -28.88 13.01 -18.88
CA SER SA 11 -27.72 12.22 -19.32
C SER SA 11 -26.82 13.05 -20.22
N LEU SA 12 -27.40 13.84 -21.12
CA LEU SA 12 -26.59 14.67 -22.00
C LEU SA 12 -25.82 15.73 -21.21
N VAL SA 13 -26.47 16.37 -20.25
CA VAL SA 13 -25.77 17.36 -19.43
C VAL SA 13 -24.64 16.71 -18.65
N ALA SA 14 -24.89 15.53 -18.10
CA ALA SA 14 -23.86 14.81 -17.38
C ALA SA 14 -22.69 14.47 -18.29
N GLN SA 15 -22.98 14.06 -19.53
CA GLN SA 15 -21.92 13.75 -20.47
C GLN SA 15 -21.09 14.98 -20.80
N ASN SA 16 -21.75 16.13 -20.98
CA ASN SA 16 -21.01 17.36 -21.27
C ASN SA 16 -20.09 17.73 -20.13
N ASN SA 17 -20.61 17.70 -18.90
CA ASN SA 17 -19.78 18.06 -17.75
C ASN SA 17 -18.65 17.05 -17.56
N LEU SA 18 -18.93 15.78 -17.82
CA LEU SA 18 -17.90 14.75 -17.77
C LEU SA 18 -16.80 15.03 -18.79
N ASN SA 19 -17.18 15.44 -19.99
CA ASN SA 19 -16.19 15.76 -21.02
C ASN SA 19 -15.34 16.96 -20.61
N LYS SA 20 -15.96 17.98 -20.04
CA LYS SA 20 -15.20 19.15 -19.60
C LYS SA 20 -14.21 18.78 -18.50
N SER SA 21 -14.67 17.99 -17.52
CA SER SA 21 -13.79 17.53 -16.45
C SER SA 21 -12.66 16.66 -17.00
N GLN SA 22 -12.98 15.82 -17.99
CA GLN SA 22 -11.96 14.97 -18.60
C GLN SA 22 -10.91 15.81 -19.31
N SER SA 23 -11.33 16.87 -20.00
CA SER SA 23 -10.37 17.74 -20.67
C SER SA 23 -9.47 18.42 -19.65
N SER SA 24 -10.04 18.90 -18.55
CA SER SA 24 -9.22 19.51 -17.51
C SER SA 24 -8.23 18.50 -16.93
N LEU SA 25 -8.69 17.28 -16.69
CA LEU SA 25 -7.81 16.23 -16.19
C LEU SA 25 -6.68 15.93 -17.16
N GLY SA 26 -7.00 15.88 -18.45
CA GLY SA 26 -5.98 15.63 -19.45
C GLY SA 26 -4.93 16.73 -19.49
N THR SA 27 -5.37 17.99 -19.41
CA THR SA 27 -4.41 19.08 -19.35
C THR SA 27 -3.52 18.99 -18.11
N ALA SA 28 -4.12 18.66 -16.96
CA ALA SA 28 -3.33 18.53 -15.74
C ALA SA 28 -2.31 17.40 -15.86
N ILE SA 29 -2.73 16.26 -16.40
CA ILE SA 29 -1.82 15.12 -16.54
C ILE SA 29 -0.69 15.46 -17.49
N GLU SA 30 -1.00 16.14 -18.60
CA GLU SA 30 0.05 16.52 -19.54
C GLU SA 30 1.03 17.48 -18.89
N ARG SA 31 0.53 18.46 -18.14
CA ARG SA 31 1.43 19.42 -17.49
C ARG SA 31 2.31 18.75 -16.45
N LEU SA 32 1.77 17.80 -15.70
CA LEU SA 32 2.60 17.06 -14.75
C LEU SA 32 3.64 16.21 -15.45
N SER SA 33 3.24 15.47 -16.49
CA SER SA 33 4.16 14.54 -17.13
C SER SA 33 5.29 15.29 -17.81
N SER SA 34 4.96 16.33 -18.59
CA SER SA 34 5.99 17.11 -19.25
C SER SA 34 6.77 17.96 -18.24
N GLY SA 35 6.09 18.47 -17.22
CA GLY SA 35 6.69 19.43 -16.32
C GLY SA 35 6.69 20.84 -16.82
N LEU SA 36 6.17 21.10 -18.01
CA LEU SA 36 6.13 22.42 -18.62
C LEU SA 36 4.69 22.91 -18.65
N ARG SA 37 4.42 24.05 -18.03
CA ARG SA 37 3.09 24.63 -18.11
C ARG SA 37 2.73 25.01 -19.54
N ILE SA 38 3.69 25.57 -20.27
CA ILE SA 38 3.50 25.92 -21.67
C ILE SA 38 4.08 24.78 -22.49
N ASN SA 39 3.24 23.78 -22.76
CA ASN SA 39 3.51 22.77 -23.77
C ASN SA 39 2.26 22.69 -24.63
N SER SA 40 2.44 22.23 -25.88
CA SER SA 40 1.33 22.25 -26.84
C SER SA 40 0.80 23.67 -26.96
N ALA SA 41 1.60 24.52 -27.59
CA ALA SA 41 1.57 25.98 -27.51
C ALA SA 41 0.18 26.59 -27.51
N LYS SA 42 -0.83 25.85 -27.97
CA LYS SA 42 -2.22 26.32 -28.04
C LYS SA 42 -2.64 27.07 -26.78
N ASP SA 43 -2.07 26.74 -25.62
CA ASP SA 43 -2.28 27.52 -24.41
C ASP SA 43 -1.11 28.48 -24.22
N ASP SA 44 -1.42 29.77 -24.06
CA ASP SA 44 -0.42 30.81 -23.86
C ASP SA 44 0.57 30.86 -25.02
N ALA SA 45 0.06 31.19 -26.20
CA ALA SA 45 0.91 31.30 -27.38
C ALA SA 45 1.99 32.35 -27.20
N ALA SA 46 1.63 33.50 -26.62
CA ALA SA 46 2.65 34.49 -26.29
C ALA SA 46 3.65 33.92 -25.30
N GLY SA 47 3.18 33.15 -24.32
CA GLY SA 47 4.09 32.49 -23.41
C GLY SA 47 5.02 31.53 -24.14
N MET SA 48 4.50 30.83 -25.14
CA MET SA 48 5.35 29.94 -25.93
C MET SA 48 6.41 30.73 -26.68
N ALA SA 49 6.04 31.86 -27.26
CA ALA SA 49 7.03 32.68 -27.96
C ALA SA 49 8.10 33.19 -26.99
N ILE SA 50 7.67 33.61 -25.80
CA ILE SA 50 8.62 34.08 -24.79
C ILE SA 50 9.57 32.96 -24.39
N ALA SA 51 9.04 31.77 -24.16
CA ALA SA 51 9.87 30.64 -23.77
C ALA SA 51 10.83 30.25 -24.89
N ASN SA 52 10.37 30.29 -26.14
CA ASN SA 52 11.24 30.00 -27.27
C ASN SA 52 12.39 30.99 -27.34
N ARG SA 53 12.08 32.29 -27.23
CA ARG SA 53 13.13 33.29 -27.28
C ARG SA 53 14.11 33.12 -26.12
N PHE SA 54 13.59 32.81 -24.93
CA PHE SA 54 14.47 32.63 -23.78
C PHE SA 54 15.36 31.40 -23.94
N THR SA 55 14.82 30.30 -24.47
CA THR SA 55 15.62 29.12 -24.72
C THR SA 55 16.74 29.41 -25.70
N ALA SA 56 16.40 30.09 -26.80
CA ALA SA 56 17.42 30.42 -27.79
C ALA SA 56 18.49 31.30 -27.17
N ASN SA 57 18.08 32.32 -26.41
CA ASN SA 57 19.05 33.21 -25.78
C ASN SA 57 19.93 32.48 -24.79
N VAL SA 58 19.34 31.58 -23.99
CA VAL SA 58 20.10 30.87 -22.96
C VAL SA 58 21.13 29.96 -23.59
N ARG SA 59 20.72 29.20 -24.62
CA ARG SA 59 21.68 28.32 -25.29
C ARG SA 59 22.78 29.14 -25.97
N GLY SA 60 22.40 30.24 -26.63
CA GLY SA 60 23.40 31.10 -27.25
C GLY SA 60 24.40 31.63 -26.24
N LEU SA 61 23.92 32.02 -25.06
CA LEU SA 61 24.82 32.58 -24.06
C LEU SA 61 25.70 31.52 -23.40
N THR SA 62 25.18 30.30 -23.22
CA THR SA 62 26.03 29.22 -22.74
C THR SA 62 27.14 28.93 -23.74
N GLN SA 63 26.79 28.86 -25.03
CA GLN SA 63 27.81 28.68 -26.04
C GLN SA 63 28.77 29.87 -26.09
N ALA SA 64 28.28 31.06 -25.78
CA ALA SA 64 29.14 32.23 -25.68
C ALA SA 64 30.14 32.10 -24.54
N ALA SA 65 29.68 31.59 -23.39
CA ALA SA 65 30.59 31.34 -22.29
C ALA SA 65 31.65 30.32 -22.69
N ARG SA 66 31.25 29.29 -23.43
CA ARG SA 66 32.23 28.32 -23.93
C ARG SA 66 33.24 29.01 -24.84
N ASN SA 67 32.78 29.87 -25.75
CA ASN SA 67 33.67 30.56 -26.66
C ASN SA 67 34.64 31.46 -25.90
N ALA SA 68 34.16 32.18 -24.90
CA ALA SA 68 35.04 33.06 -24.14
C ALA SA 68 36.03 32.26 -23.30
N ASN SA 69 35.63 31.08 -22.82
CA ASN SA 69 36.58 30.21 -22.15
C ASN SA 69 37.67 29.75 -23.11
N ASP SA 70 37.30 29.43 -24.35
CA ASP SA 70 38.30 29.09 -25.35
C ASP SA 70 39.24 30.26 -25.61
N GLY SA 71 38.70 31.47 -25.65
CA GLY SA 71 39.55 32.65 -25.79
C GLY SA 71 40.50 32.82 -24.62
N ILE SA 72 40.02 32.56 -23.41
CA ILE SA 72 40.89 32.63 -22.23
C ILE SA 72 42.02 31.63 -22.36
N SER SA 73 41.70 30.41 -22.79
CA SER SA 73 42.75 29.39 -22.93
C SER SA 73 43.76 29.78 -24.00
N LEU SA 74 43.29 30.33 -25.12
CA LEU SA 74 44.20 30.80 -26.16
C LEU SA 74 45.11 31.89 -25.63
N ALA SA 75 44.55 32.85 -24.90
CA ALA SA 75 45.34 33.91 -24.31
C ALA SA 75 46.36 33.33 -23.33
N GLN SA 76 45.98 32.29 -22.59
CA GLN SA 76 46.90 31.66 -21.66
C GLN SA 76 48.09 31.05 -22.38
N THR SA 77 47.85 30.31 -23.46
CA THR SA 77 48.95 29.71 -24.21
C THR SA 77 49.86 30.79 -24.78
N THR SA 78 49.26 31.82 -25.39
CA THR SA 78 50.05 32.88 -25.99
C THR SA 78 50.87 33.62 -24.94
N GLU SA 79 50.27 33.86 -23.77
CA GLU SA 79 50.98 34.53 -22.69
C GLU SA 79 52.13 33.68 -22.16
N GLY SA 80 51.94 32.36 -22.07
CA GLY SA 80 53.03 31.50 -21.65
C GLY SA 80 54.20 31.54 -22.62
N ALA SA 81 53.90 31.47 -23.92
CA ALA SA 81 54.97 31.60 -24.91
C ALA SA 81 55.65 32.95 -24.81
N ALA SA 82 54.87 34.02 -24.61
CA ALA SA 82 55.44 35.35 -24.48
C ALA SA 82 56.36 35.43 -23.26
N SER SA 83 55.96 34.80 -22.15
CA SER SA 83 56.80 34.81 -20.97
C SER SA 83 58.11 34.07 -21.20
N GLU SA 84 58.07 32.97 -21.95
CA GLU SA 84 59.31 32.27 -22.26
C GLU SA 84 60.21 33.13 -23.15
N VAL SA 85 59.62 33.83 -24.13
CA VAL SA 85 60.41 34.75 -24.93
C VAL SA 85 60.97 35.87 -24.07
N ASN SA 86 60.21 36.28 -23.04
CA ASN SA 86 60.69 37.28 -22.11
C ASN SA 86 61.93 36.81 -21.36
N THR SA 87 61.91 35.55 -20.90
CA THR SA 87 63.11 34.99 -20.26
C THR SA 87 64.28 34.93 -21.23
N HIS SA 88 63.99 34.61 -22.49
CA HIS SA 88 65.06 34.61 -23.50
C HIS SA 88 65.65 36.01 -23.68
N LEU SA 89 64.80 37.04 -23.72
CA LEU SA 89 65.29 38.40 -23.84
C LEU SA 89 66.13 38.79 -22.63
N GLN SA 90 65.70 38.35 -21.44
CA GLN SA 90 66.49 38.61 -20.23
C GLN SA 90 67.87 37.98 -20.33
N ARG SA 91 67.93 36.71 -20.77
CA ARG SA 91 69.23 36.05 -20.89
C ARG SA 91 70.10 36.74 -21.94
N ILE SA 92 69.49 37.14 -23.06
CA ILE SA 92 70.24 37.84 -24.10
C ILE SA 92 70.81 39.14 -23.57
N ARG SA 93 70.02 39.90 -22.81
CA ARG SA 93 70.51 41.14 -22.23
C ARG SA 93 71.63 40.89 -21.25
N GLU SA 94 71.53 39.81 -20.47
CA GLU SA 94 72.60 39.44 -19.56
C GLU SA 94 73.90 39.17 -20.31
N LEU SA 95 73.83 38.38 -21.39
CA LEU SA 95 75.02 38.14 -22.20
C LEU SA 95 75.54 39.42 -22.85
N THR SA 96 74.63 40.30 -23.27
CA THR SA 96 75.04 41.56 -23.89
C THR SA 96 75.81 42.42 -22.90
N VAL SA 97 75.34 42.49 -21.65
CA VAL SA 97 76.06 43.23 -20.63
C VAL SA 97 77.41 42.59 -20.36
N GLN SA 98 77.45 41.25 -20.31
CA GLN SA 98 78.72 40.58 -20.04
C GLN SA 98 79.73 40.83 -21.14
N ALA SA 99 79.32 40.73 -22.39
CA ALA SA 99 80.23 40.83 -23.52
C ALA SA 99 80.52 42.27 -23.93
N SER SA 100 79.75 43.24 -23.40
CA SER SA 100 80.08 44.64 -23.68
C SER SA 100 81.40 45.05 -23.06
N ASN SA 101 81.90 44.27 -22.11
CA ASN SA 101 83.21 44.54 -21.51
C ASN SA 101 84.32 44.37 -22.55
N GLY SA 102 85.38 45.15 -22.39
CA GLY SA 102 86.54 45.05 -23.24
C GLY SA 102 87.56 44.01 -22.84
N SER SA 103 87.43 43.43 -21.64
CA SER SA 103 88.41 42.46 -21.17
C SER SA 103 88.31 41.14 -21.94
N TYR SA 104 87.12 40.76 -22.38
CA TYR SA 104 86.95 39.52 -23.11
C TYR SA 104 87.60 39.62 -24.50
N SER SA 105 88.40 38.63 -24.85
CA SER SA 105 89.01 38.59 -26.17
C SER SA 105 87.99 38.15 -27.21
N GLN SA 106 88.46 37.96 -28.44
CA GLN SA 106 87.54 37.71 -29.55
C GLN SA 106 86.89 36.34 -29.45
N GLU SA 107 87.61 35.35 -28.92
CA GLU SA 107 87.05 33.99 -28.87
C GLU SA 107 85.91 33.89 -27.87
N GLN SA 108 86.06 34.49 -26.69
CA GLN SA 108 84.96 34.48 -25.73
C GLN SA 108 83.76 35.26 -26.28
N LEU SA 109 84.02 36.35 -26.99
CA LEU SA 109 82.93 37.08 -27.63
C LEU SA 109 82.24 36.20 -28.67
N ASP SA 110 83.00 35.39 -29.40
CA ASP SA 110 82.40 34.49 -30.37
C ASP SA 110 81.54 33.44 -29.70
N SER SA 111 81.99 32.90 -28.57
CA SER SA 111 81.17 31.94 -27.84
C SER SA 111 79.90 32.59 -27.32
N VAL SA 112 80.00 33.81 -26.79
CA VAL SA 112 78.83 34.53 -26.34
C VAL SA 112 77.87 34.78 -27.48
N GLN SA 113 78.40 35.17 -28.65
CA GLN SA 113 77.55 35.38 -29.81
C GLN SA 113 76.88 34.10 -30.25
N GLY SA 114 77.58 32.98 -30.15
CA GLY SA 114 76.96 31.69 -30.45
C GLY SA 114 75.80 31.38 -29.51
N GLU SA 115 75.99 31.67 -28.23
CA GLU SA 115 74.90 31.47 -27.28
C GLU SA 115 73.72 32.39 -27.60
N ILE SA 116 74.01 33.64 -27.97
CA ILE SA 116 72.95 34.57 -28.33
C ILE SA 116 72.22 34.09 -29.58
N ASN SA 117 72.95 33.55 -30.55
CA ASN SA 117 72.31 32.99 -31.74
C ASN SA 117 71.42 31.82 -31.38
N GLN SA 118 71.87 30.98 -30.45
CA GLN SA 118 71.03 29.87 -30.01
C GLN SA 118 69.74 30.41 -29.39
N ARG SA 119 69.85 31.44 -28.55
CA ARG SA 119 68.67 32.04 -27.93
C ARG SA 119 67.74 32.63 -28.98
N LEU SA 120 68.29 33.32 -29.97
CA LEU SA 120 67.47 33.91 -31.03
C LEU SA 120 66.77 32.85 -31.84
N ALA SA 121 67.47 31.75 -32.15
CA ALA SA 121 66.85 30.65 -32.87
C ALA SA 121 65.72 30.05 -32.05
N ASP SA 122 65.90 29.95 -30.73
CA ASP SA 122 64.82 29.47 -29.89
C ASP SA 122 63.63 30.42 -29.90
N ILE SA 123 63.89 31.73 -29.88
CA ILE SA 123 62.80 32.69 -29.94
C ILE SA 123 62.02 32.53 -31.24
N ASP SA 124 62.74 32.39 -32.34
CA ASP SA 124 62.09 32.21 -33.63
C ASP SA 124 61.31 30.89 -33.67
N ARG SA 125 61.86 29.85 -33.05
CA ARG SA 125 61.16 28.57 -32.98
C ARG SA 125 59.86 28.71 -32.20
N ILE SA 126 59.91 29.39 -31.04
CA ILE SA 126 58.71 29.62 -30.26
C ILE SA 126 57.68 30.36 -31.08
N SER SA 127 58.13 31.35 -31.86
CA SER SA 127 57.23 32.10 -32.71
C SER SA 127 56.56 31.18 -33.73
N GLU SA 128 57.35 30.40 -34.46
CA GLU SA 128 56.80 29.60 -35.54
C GLU SA 128 56.00 28.40 -35.06
N GLN SA 129 56.17 27.96 -33.81
CA GLN SA 129 55.59 26.71 -33.37
C GLN SA 129 54.61 26.82 -32.22
N THR SA 130 54.42 28.01 -31.63
CA THR SA 130 53.40 28.15 -30.61
C THR SA 130 52.04 27.98 -31.27
N ASP SA 131 51.43 26.82 -31.08
CA ASP SA 131 50.22 26.45 -31.80
C ASP SA 131 49.08 26.22 -30.84
N PHE SA 132 47.88 26.58 -31.28
CA PHE SA 132 46.67 26.40 -30.50
C PHE SA 132 45.53 26.12 -31.48
N ASN SA 133 45.06 24.87 -31.49
CA ASN SA 133 43.98 24.46 -32.39
C ASN SA 133 44.34 24.75 -33.84
N GLY SA 134 45.57 24.43 -34.22
CA GLY SA 134 46.03 24.69 -35.57
C GLY SA 134 46.21 26.15 -35.90
N VAL SA 135 46.32 27.01 -34.89
CA VAL SA 135 46.52 28.44 -35.09
C VAL SA 135 47.86 28.82 -34.47
N LYS SA 136 48.78 29.30 -35.31
CA LYS SA 136 50.09 29.73 -34.84
C LYS SA 136 49.93 31.12 -34.23
N VAL SA 137 49.52 31.13 -32.96
CA VAL SA 137 49.05 32.37 -32.34
C VAL SA 137 50.19 33.38 -32.22
N LEU SA 138 51.34 32.95 -31.70
CA LEU SA 138 52.46 33.88 -31.52
C LEU SA 138 53.42 33.81 -32.70
N SER SA 139 52.89 33.93 -33.92
CA SER SA 139 53.72 33.74 -35.10
C SER SA 139 53.73 34.95 -36.01
N ASP SA 140 54.35 34.81 -37.18
CA ASP SA 140 54.42 35.88 -38.15
C ASP SA 140 53.15 36.00 -38.98
N SER SA 141 52.24 35.04 -38.88
CA SER SA 141 50.96 35.07 -39.60
C SER SA 141 49.88 34.79 -38.56
N ALA SA 142 49.42 35.84 -37.88
CA ALA SA 142 48.41 35.68 -36.84
C ALA SA 142 47.52 36.92 -36.85
N LYS SA 143 46.40 36.82 -37.56
CA LYS SA 143 45.44 37.91 -37.56
C LYS SA 143 44.66 37.91 -36.24
N PRO SA 144 44.19 39.07 -35.80
CA PRO SA 144 43.38 39.12 -34.58
C PRO SA 144 42.09 38.31 -34.72
N LEU SA 145 41.65 37.73 -33.61
CA LEU SA 145 40.50 36.84 -33.62
C LEU SA 145 39.22 37.62 -33.36
N THR SA 146 38.11 36.91 -33.19
CA THR SA 146 36.81 37.54 -32.98
C THR SA 146 36.20 37.19 -31.62
N LEU SA 147 36.11 35.91 -31.29
CA LEU SA 147 35.56 35.45 -30.01
C LEU SA 147 34.12 35.95 -29.83
N GLN SA 148 33.25 35.46 -30.71
CA GLN SA 148 31.83 35.75 -30.61
C GLN SA 148 31.31 35.42 -29.22
N VAL SA 149 30.89 36.43 -28.48
CA VAL SA 149 30.40 36.27 -27.10
C VAL SA 149 28.98 36.82 -27.04
N GLY SA 150 28.00 35.95 -27.26
CA GLY SA 150 26.61 36.30 -27.10
C GLY SA 150 25.78 36.03 -28.33
N ALA SA 151 24.47 35.93 -28.16
CA ALA SA 151 23.57 35.82 -29.29
C ALA SA 151 23.48 37.18 -29.99
N ASN SA 152 22.65 37.24 -31.03
CA ASN SA 152 22.43 38.49 -31.78
C ASN SA 152 23.74 39.03 -32.33
N ASP SA 153 24.30 38.26 -33.27
CA ASP SA 153 25.62 38.52 -33.85
C ASP SA 153 25.83 40.00 -34.14
N GLY SA 154 27.05 40.46 -33.88
CA GLY SA 154 27.38 41.86 -34.01
C GLY SA 154 28.40 42.27 -32.98
N GLU SA 155 28.76 41.35 -32.09
CA GLU SA 155 29.71 41.61 -31.02
C GLU SA 155 30.88 40.64 -31.10
N THR SA 156 32.07 41.16 -30.81
CA THR SA 156 33.30 40.38 -30.85
C THR SA 156 34.23 40.88 -29.75
N ILE SA 157 35.20 40.04 -29.40
CA ILE SA 157 36.28 40.43 -28.49
C ILE SA 157 37.58 40.19 -29.26
N THR SA 158 38.06 41.22 -29.94
CA THR SA 158 39.28 41.10 -30.71
C THR SA 158 40.48 40.92 -29.80
N LEU SA 159 41.33 39.95 -30.14
CA LEU SA 159 42.50 39.64 -29.31
C LEU SA 159 43.69 40.52 -29.64
N ASN SA 160 43.91 40.86 -30.90
CA ASN SA 160 45.02 41.70 -31.34
C ASN SA 160 46.36 41.11 -30.91
N LEU SA 161 46.63 39.92 -31.45
CA LEU SA 161 47.84 39.17 -31.12
C LEU SA 161 48.57 38.82 -32.41
N SER SA 162 49.88 39.12 -32.45
CA SER SA 162 50.70 38.86 -33.62
C SER SA 162 52.14 39.27 -33.35
N GLU SA 163 53.05 38.70 -34.14
CA GLU SA 163 54.38 39.25 -34.39
C GLU SA 163 55.22 39.39 -33.11
N ILE SA 164 55.53 38.23 -32.54
CA ILE SA 164 56.59 38.12 -31.53
C ILE SA 164 57.61 37.12 -32.05
N SER SA 165 58.75 37.63 -32.52
CA SER SA 165 59.81 36.81 -33.09
C SER SA 165 61.02 37.70 -33.32
N VAL SA 166 62.15 37.07 -33.65
CA VAL SA 166 63.20 37.82 -34.28
C VAL SA 166 62.66 38.34 -35.62
N LYS SA 167 63.24 39.44 -36.08
CA LYS SA 167 62.86 40.21 -37.26
C LYS SA 167 61.60 41.04 -37.01
N THR SA 168 60.94 40.88 -35.87
CA THR SA 168 59.87 41.79 -35.48
C THR SA 168 60.04 42.37 -34.09
N LEU SA 169 60.85 41.77 -33.22
CA LEU SA 169 61.31 42.45 -32.01
C LEU SA 169 62.41 43.45 -32.30
N GLY SA 170 62.88 43.53 -33.55
CA GLY SA 170 63.79 44.56 -33.99
C GLY SA 170 65.23 44.13 -34.07
N LEU SA 171 65.61 43.04 -33.39
CA LEU SA 171 67.01 42.62 -33.39
C LEU SA 171 67.47 42.24 -34.80
N ASP SA 172 66.95 41.12 -35.31
CA ASP SA 172 67.06 40.71 -36.70
C ASP SA 172 68.50 40.42 -37.14
N GLY SA 173 69.47 40.91 -36.39
CA GLY SA 173 70.87 40.67 -36.72
C GLY SA 173 71.77 40.73 -35.50
N PHE SA 174 71.19 40.63 -34.31
CA PHE SA 174 71.82 41.08 -33.08
C PHE SA 174 73.20 40.44 -32.92
N ASN SA 175 74.24 41.26 -33.01
CA ASN SA 175 75.63 40.80 -33.23
C ASN SA 175 76.48 41.41 -32.12
N VAL SA 176 76.59 40.70 -31.00
CA VAL SA 176 77.31 41.25 -29.86
C VAL SA 176 78.81 41.36 -30.15
N ASN SA 177 79.36 40.42 -30.90
CA ASN SA 177 80.75 40.53 -31.32
C ASN SA 177 80.80 41.19 -32.70
N GLY SA 178 81.96 41.15 -33.33
CA GLY SA 178 82.15 41.78 -34.63
C GLY SA 178 83.27 42.78 -34.59
N LYS SA 179 83.42 43.50 -35.71
CA LYS SA 179 84.49 44.47 -35.84
C LYS SA 179 84.33 45.67 -34.91
N GLY SA 180 83.16 45.83 -34.30
CA GLY SA 180 82.95 46.98 -33.42
C GLY SA 180 83.00 48.26 -34.22
N VAL SA 181 83.94 49.13 -33.87
CA VAL SA 181 84.16 50.38 -34.59
C VAL SA 181 85.44 50.20 -35.42
N THR SA 182 85.29 50.19 -36.73
CA THR SA 182 86.43 50.02 -37.61
C THR SA 182 87.23 51.30 -37.71
N GLN SA 183 88.55 51.16 -37.85
CA GLN SA 183 89.46 52.29 -37.98
C GLN SA 183 89.91 52.41 -39.43
N ASN SA 184 89.63 53.57 -40.04
CA ASN SA 184 90.07 53.80 -41.40
C ASN SA 184 91.57 54.03 -41.45
N ARG SA 185 92.16 53.84 -42.63
CA ARG SA 185 93.59 54.02 -42.82
C ARG SA 185 93.86 55.32 -43.57
N SER SA 186 94.92 56.00 -43.17
CA SER SA 186 95.23 57.32 -43.71
C SER SA 186 95.51 57.25 -45.20
N ALA SA 187 94.96 58.20 -45.95
CA ALA SA 187 95.16 58.27 -47.38
C ALA SA 187 96.56 58.79 -47.70
N THR SA 188 96.94 58.67 -48.97
CA THR SA 188 98.23 59.14 -49.43
C THR SA 188 98.09 59.63 -50.87
N VAL SA 189 99.24 59.95 -51.48
CA VAL SA 189 99.23 60.52 -52.83
C VAL SA 189 98.71 59.50 -53.84
N THR SA 190 98.96 58.20 -53.62
CA THR SA 190 98.51 57.20 -54.57
C THR SA 190 96.99 57.20 -54.69
N ASP SA 191 96.30 57.27 -53.55
CA ASP SA 191 94.84 57.29 -53.57
C ASP SA 191 94.32 58.51 -54.30
N VAL SA 192 94.89 59.68 -54.02
CA VAL SA 192 94.36 60.90 -54.61
C VAL SA 192 94.62 60.91 -56.12
N ILE SA 193 95.81 60.49 -56.56
CA ILE SA 193 96.05 60.42 -58.00
C ILE SA 193 95.24 59.31 -58.64
N ALA SA 194 94.79 58.33 -57.85
CA ALA SA 194 93.85 57.34 -58.37
C ALA SA 194 92.47 57.96 -58.56
N GLN SA 195 92.10 58.95 -57.74
CA GLN SA 195 90.85 59.64 -57.98
C GLN SA 195 90.91 60.55 -59.21
N GLY SA 196 92.09 60.78 -59.77
CA GLY SA 196 92.20 61.39 -61.07
C GLY SA 196 92.21 62.91 -61.12
N GLY SA 197 92.43 63.58 -60.00
CA GLY SA 197 92.55 65.03 -59.99
C GLY SA 197 93.95 65.47 -60.38
N THR SA 198 94.21 66.76 -60.15
CA THR SA 198 95.45 67.39 -60.60
C THR SA 198 96.33 67.74 -59.41
N LEU SA 199 97.63 67.79 -59.66
CA LEU SA 199 98.62 68.19 -58.67
C LEU SA 199 99.11 69.60 -59.00
N GLN SA 200 99.74 70.24 -58.03
CA GLN SA 200 100.41 71.51 -58.26
C GLN SA 200 101.58 71.62 -57.29
N GLY SA 201 102.13 72.82 -57.15
CA GLY SA 201 103.30 73.00 -56.30
C GLY SA 201 103.01 72.65 -54.86
N ASP SA 202 104.06 72.21 -54.17
CA ASP SA 202 104.02 71.80 -52.77
C ASP SA 202 103.12 70.58 -52.55
N GLY SA 203 102.83 69.83 -53.60
CA GLY SA 203 102.08 68.60 -53.48
C GLY SA 203 100.60 68.77 -53.23
N THR SA 204 100.10 70.00 -53.15
CA THR SA 204 98.68 70.22 -52.92
C THR SA 204 97.87 69.67 -54.08
N TYR SA 205 96.81 68.95 -53.75
CA TYR SA 205 96.06 68.16 -54.71
C TYR SA 205 94.63 68.69 -54.83
N LYS SA 206 94.05 68.52 -56.02
CA LYS SA 206 92.70 68.97 -56.31
C LYS SA 206 91.83 67.74 -56.56
N ALA SA 207 91.22 67.23 -55.48
CA ALA SA 207 90.36 66.07 -55.57
C ALA SA 207 88.93 66.49 -55.87
N THR SA 208 88.28 65.75 -56.77
CA THR SA 208 86.92 66.03 -57.20
C THR SA 208 86.00 64.92 -56.68
N THR SA 209 85.03 65.31 -55.85
CA THR SA 209 84.13 64.35 -55.22
C THR SA 209 82.70 64.57 -55.73
N THR SA 210 82.11 63.52 -56.29
CA THR SA 210 80.73 63.57 -56.76
C THR SA 210 79.78 63.22 -55.62
N PHE SA 211 78.58 63.81 -55.67
CA PHE SA 211 77.59 63.68 -54.61
C PHE SA 211 76.28 63.05 -55.08
N ASN SA 212 76.36 62.13 -56.05
CA ASN SA 212 75.15 61.52 -56.60
C ASN SA 212 74.31 60.89 -55.49
N ALA SA 213 73.17 61.51 -55.19
CA ALA SA 213 72.40 61.17 -54.00
C ALA SA 213 71.00 61.74 -54.17
N ALA SA 214 70.26 61.84 -53.06
CA ALA SA 214 68.89 62.35 -53.02
C ALA SA 214 67.93 61.38 -53.72
N SER SA 215 68.06 60.10 -53.38
CA SER SA 215 67.16 59.07 -53.87
C SER SA 215 65.97 58.92 -52.93
N ALA SA 216 65.22 57.83 -53.10
CA ALA SA 216 63.95 57.68 -52.39
C ALA SA 216 64.16 57.54 -50.88
N GLU SA 217 65.15 56.76 -50.46
CA GLU SA 217 65.26 56.42 -49.04
C GLU SA 217 65.56 57.63 -48.17
N THR SA 218 66.19 58.65 -48.73
CA THR SA 218 66.52 59.85 -47.96
C THR SA 218 65.54 60.98 -48.16
N VAL SA 219 64.94 61.11 -49.34
CA VAL SA 219 63.94 62.16 -49.55
C VAL SA 219 62.66 61.84 -48.78
N LEU SA 220 62.19 60.59 -48.87
CA LEU SA 220 60.96 60.21 -48.22
C LEU SA 220 61.07 60.20 -46.69
N SER SA 221 62.28 60.27 -46.15
CA SER SA 221 62.45 60.30 -44.70
C SER SA 221 61.90 61.59 -44.10
N LYS SA 222 61.93 62.69 -44.84
CA LYS SA 222 61.36 63.96 -44.41
C LYS SA 222 60.30 64.36 -45.43
N LEU SA 223 59.03 64.12 -45.08
CA LEU SA 223 57.93 64.36 -46.02
C LEU SA 223 56.63 64.51 -45.26
N GLU SA 224 55.90 65.59 -45.56
CA GLU SA 224 54.51 65.73 -45.15
C GLU SA 224 53.61 66.29 -46.23
N ASP SA 225 54.14 66.97 -47.24
CA ASP SA 225 53.33 67.58 -48.29
C ASP SA 225 53.15 66.61 -49.46
N GLY SA 226 52.68 67.12 -50.59
CA GLY SA 226 52.27 66.25 -51.68
C GLY SA 226 53.43 65.53 -52.33
N ASN SA 227 53.11 64.38 -52.94
CA ASN SA 227 54.08 63.56 -53.66
C ASN SA 227 53.40 63.03 -54.92
N THR SA 228 54.14 63.04 -56.03
CA THR SA 228 53.58 62.67 -57.33
C THR SA 228 54.41 61.57 -57.98
N VAL SA 229 53.71 60.63 -58.63
CA VAL SA 229 54.34 59.64 -59.49
C VAL SA 229 53.56 59.56 -60.78
N ALA SA 230 54.26 59.21 -61.86
CA ALA SA 230 53.66 59.11 -63.18
C ALA SA 230 54.64 58.44 -64.13
N VAL SA 231 54.13 57.66 -65.07
CA VAL SA 231 54.95 56.95 -66.05
C VAL SA 231 54.73 57.57 -67.42
N GLY SA 232 55.81 58.01 -68.05
CA GLY SA 232 55.76 58.51 -69.41
C GLY SA 232 54.75 59.63 -69.56
N GLY SA 233 53.94 59.54 -70.62
CA GLY SA 233 52.85 60.45 -70.88
C GLY SA 233 51.51 60.00 -70.34
N GLY SA 234 51.48 58.95 -69.53
CA GLY SA 234 50.24 58.42 -69.00
C GLY SA 234 49.70 59.26 -67.86
N ALA SA 235 48.77 58.67 -67.12
CA ALA SA 235 48.12 59.39 -66.03
C ALA SA 235 49.11 59.69 -64.91
N THR SA 236 48.85 60.77 -64.19
CA THR SA 236 49.68 61.22 -63.08
C THR SA 236 48.91 61.05 -61.78
N TYR SA 237 49.58 60.53 -60.76
CA TYR SA 237 48.96 60.26 -59.47
C TYR SA 237 49.70 61.02 -58.39
N THR SA 238 48.94 61.57 -57.44
CA THR SA 238 49.47 62.43 -56.39
C THR SA 238 49.19 61.82 -55.02
N TYR SA 239 50.11 62.06 -54.09
CA TYR SA 239 50.07 61.47 -52.77
C TYR SA 239 50.19 62.57 -51.72
N ASP SA 240 49.74 62.27 -50.51
CA ASP SA 240 49.84 63.21 -49.39
C ASP SA 240 50.17 62.42 -48.13
N ALA SA 241 51.36 62.65 -47.57
CA ALA SA 241 51.82 61.92 -46.40
C ALA SA 241 51.20 62.55 -45.15
N ALA SA 242 50.14 61.92 -44.63
CA ALA SA 242 49.47 62.39 -43.43
C ALA SA 242 49.31 61.23 -42.46
N LYS SA 243 49.71 61.45 -41.21
CA LYS SA 243 49.61 60.45 -40.15
C LYS SA 243 50.32 59.15 -40.52
N GLY SA 244 51.46 59.27 -41.17
CA GLY SA 244 52.27 58.11 -41.52
C GLY SA 244 51.80 57.34 -42.73
N ASN SA 245 50.78 57.82 -43.43
CA ASN SA 245 50.26 57.13 -44.60
C ASN SA 245 49.99 58.15 -45.71
N PHE SA 246 49.93 57.64 -46.94
CA PHE SA 246 49.69 58.47 -48.11
C PHE SA 246 48.26 58.28 -48.60
N THR SA 247 47.56 59.39 -48.81
CA THR SA 247 46.16 59.36 -49.23
C THR SA 247 46.06 59.24 -50.75
N TYR SA 248 46.41 58.06 -51.25
CA TYR SA 248 46.30 57.78 -52.67
C TYR SA 248 44.86 57.75 -53.11
N THR SA 249 44.57 58.36 -54.25
CA THR SA 249 43.27 58.33 -54.89
C THR SA 249 43.39 57.58 -56.21
N LYS SA 250 42.74 56.42 -56.30
CA LYS SA 250 42.81 55.60 -57.51
C LYS SA 250 41.99 56.28 -58.59
N THR SA 251 42.65 57.07 -59.43
CA THR SA 251 41.97 57.79 -60.50
C THR SA 251 41.87 56.88 -61.73
N VAL SA 252 40.65 56.73 -62.24
CA VAL SA 252 40.45 55.94 -63.45
C VAL SA 252 41.21 56.58 -64.61
N ASP SA 253 41.73 55.73 -65.49
CA ASP SA 253 42.23 56.24 -66.77
C ASP SA 253 41.08 56.93 -67.50
N THR SA 254 41.37 58.09 -68.09
CA THR SA 254 40.30 58.89 -68.68
C THR SA 254 40.15 58.54 -70.16
N THR SA 255 41.16 58.84 -70.98
CA THR SA 255 41.36 58.30 -72.32
C THR SA 255 40.09 58.01 -73.11
N VAL SA 256 39.13 58.94 -73.11
CA VAL SA 256 37.83 58.68 -73.72
C VAL SA 256 37.32 59.94 -74.40
N GLY SA 257 36.69 59.75 -75.57
CA GLY SA 257 35.87 60.76 -76.19
C GLY SA 257 34.42 60.45 -75.89
N ALA SA 258 33.73 59.81 -76.84
CA ALA SA 258 32.35 59.37 -76.63
C ALA SA 258 32.26 57.92 -76.16
N ASP SA 259 33.40 57.26 -75.90
CA ASP SA 259 33.41 55.85 -75.55
C ASP SA 259 33.46 55.68 -74.03
N VAL SA 260 32.37 56.10 -73.39
CA VAL SA 260 32.25 55.97 -71.94
C VAL SA 260 32.26 54.51 -71.51
N THR SA 261 31.96 53.59 -72.42
CA THR SA 261 31.96 52.17 -72.09
C THR SA 261 33.31 51.70 -71.59
N ALA SA 262 34.40 52.34 -72.04
CA ALA SA 262 35.72 51.97 -71.53
C ALA SA 262 35.82 52.22 -70.03
N LEU SA 263 35.39 53.40 -69.58
CA LEU SA 263 35.40 53.70 -68.16
C LEU SA 263 34.44 52.79 -67.41
N ALA SA 264 33.26 52.54 -67.97
CA ALA SA 264 32.28 51.69 -67.29
C ALA SA 264 32.82 50.29 -67.09
N ASN SA 265 33.44 49.72 -68.14
CA ASN SA 265 33.99 48.37 -68.06
C ASN SA 265 35.33 48.31 -67.34
N LYS SA 266 35.98 49.45 -67.10
CA LYS SA 266 37.11 49.45 -66.18
C LYS SA 266 36.63 49.45 -64.73
N ILE SA 267 35.54 50.16 -64.45
CA ILE SA 267 35.00 50.18 -63.10
C ILE SA 267 34.38 48.83 -62.75
N LYS SA 268 33.72 48.19 -63.73
CA LYS SA 268 32.95 46.97 -63.47
C LYS SA 268 33.72 45.87 -62.76
N PRO SA 269 34.95 45.51 -63.15
CA PRO SA 269 35.63 44.41 -62.44
C PRO SA 269 35.89 44.69 -60.98
N SER SA 270 35.97 45.96 -60.57
CA SER SA 270 36.14 46.26 -59.16
C SER SA 270 34.93 45.84 -58.33
N SER SA 271 33.77 45.64 -58.95
CA SER SA 271 32.59 45.16 -58.26
C SER SA 271 31.82 44.16 -59.11
N GLY SA 272 32.52 43.38 -59.94
CA GLY SA 272 31.87 42.50 -60.89
C GLY SA 272 31.37 41.19 -60.31
N THR SA 273 30.44 41.28 -59.36
CA THR SA 273 29.85 40.09 -58.76
C THR SA 273 28.47 40.49 -58.22
N ILE SA 274 27.58 39.51 -58.14
CA ILE SA 274 26.24 39.76 -57.61
C ILE SA 274 26.35 40.05 -56.11
N SER SA 275 25.91 41.24 -55.71
CA SER SA 275 25.99 41.67 -54.32
C SER SA 275 24.73 42.47 -54.01
N GLY SA 276 24.71 43.10 -52.83
CA GLY SA 276 23.58 43.86 -52.38
C GLY SA 276 24.02 45.03 -51.52
N SER SA 277 23.04 45.81 -51.09
CA SER SA 277 23.26 46.99 -50.24
C SER SA 277 24.15 48.01 -50.92
N TYR SA 278 24.15 48.04 -52.25
CA TYR SA 278 24.90 49.05 -52.98
C TYR SA 278 24.32 50.43 -52.70
N GLU SA 279 25.21 51.42 -52.65
CA GLU SA 279 24.84 52.80 -52.36
C GLU SA 279 25.04 53.61 -53.63
N ILE SA 280 23.94 53.96 -54.29
CA ILE SA 280 23.96 54.79 -55.49
C ILE SA 280 23.62 56.21 -55.05
N SER SA 281 24.64 57.06 -54.98
CA SER SA 281 24.45 58.46 -54.62
C SER SA 281 24.73 59.29 -55.87
N THR SA 282 23.69 59.45 -56.69
CA THR SA 282 23.74 60.27 -57.89
C THR SA 282 22.98 61.56 -57.66
N GLY SA 283 23.18 62.51 -58.56
CA GLY SA 283 22.61 63.83 -58.37
C GLY SA 283 23.23 64.51 -57.16
N LYS SA 284 22.44 64.73 -56.13
CA LYS SA 284 22.98 65.36 -54.92
C LYS SA 284 22.68 64.57 -53.65
N SER SA 285 21.48 64.00 -53.52
CA SER SA 285 21.06 63.38 -52.27
C SER SA 285 20.33 62.07 -52.54
N ALA SA 286 20.87 61.25 -53.44
CA ALA SA 286 20.20 59.98 -53.75
C ALA SA 286 20.19 59.06 -52.55
N SER SA 287 21.37 58.66 -52.07
CA SER SA 287 21.52 57.82 -50.88
C SER SA 287 20.65 56.56 -50.96
N PHE SA 288 20.99 55.72 -51.94
CA PHE SA 288 20.23 54.51 -52.20
C PHE SA 288 20.74 53.32 -51.40
N ASP SA 289 19.88 52.32 -51.24
CA ASP SA 289 20.21 51.03 -50.64
C ASP SA 289 19.61 49.97 -51.56
N VAL SA 290 20.37 49.54 -52.56
CA VAL SA 290 19.84 48.74 -53.65
C VAL SA 290 20.60 47.42 -53.73
N ASP SA 291 20.11 46.54 -54.61
CA ASP SA 291 20.72 45.25 -54.88
C ASP SA 291 21.07 45.16 -56.36
N ALA SA 292 22.01 44.27 -56.68
CA ALA SA 292 22.45 44.10 -58.06
C ALA SA 292 22.75 42.63 -58.32
N ALA SA 293 22.05 42.05 -59.29
CA ALA SA 293 22.27 40.68 -59.74
C ALA SA 293 22.43 40.65 -61.26
N GLY SA 294 23.25 41.57 -61.76
CA GLY SA 294 23.29 41.86 -63.18
C GLY SA 294 22.27 42.90 -63.61
N LYS SA 295 21.48 43.42 -62.67
CA LYS SA 295 20.47 44.42 -62.97
C LYS SA 295 20.14 45.14 -61.67
N ILE SA 296 20.20 46.48 -61.70
CA ILE SA 296 20.03 47.26 -60.48
C ILE SA 296 18.57 47.24 -60.05
N THR SA 297 18.35 46.93 -58.78
CA THR SA 297 17.01 46.94 -58.21
C THR SA 297 17.10 47.14 -56.71
N ILE SA 298 16.08 47.76 -56.15
CA ILE SA 298 15.99 47.98 -54.72
C ILE SA 298 15.00 46.97 -54.14
N GLY SA 299 15.01 46.84 -52.82
CA GLY SA 299 14.22 45.81 -52.16
C GLY SA 299 12.74 45.88 -52.45
N GLY SA 300 12.24 44.93 -53.23
CA GLY SA 300 10.84 44.87 -53.59
C GLY SA 300 10.42 45.71 -54.79
N ASN SA 301 11.37 46.25 -55.54
CA ASN SA 301 11.05 47.13 -56.65
C ASN SA 301 11.99 46.82 -57.82
N ALA SA 302 11.99 47.70 -58.83
CA ALA SA 302 12.77 47.50 -60.03
C ALA SA 302 13.87 48.54 -60.24
N ALA SA 303 13.65 49.79 -59.80
CA ALA SA 303 14.67 50.85 -59.85
C ALA SA 303 15.14 51.11 -61.29
N PHE SA 304 14.20 51.59 -62.09
CA PHE SA 304 14.51 52.00 -63.46
C PHE SA 304 15.40 53.24 -63.46
N LEU SA 305 15.94 53.55 -64.63
CA LEU SA 305 16.75 54.73 -64.83
C LEU SA 305 15.96 55.78 -65.60
N ASN SA 306 16.12 57.05 -65.21
CA ASN SA 306 15.28 58.12 -65.74
C ASN SA 306 16.14 59.33 -66.07
N ALA SA 307 15.50 60.31 -66.71
CA ALA SA 307 15.99 61.68 -66.82
C ALA SA 307 17.37 61.74 -67.49
N ASP SA 308 17.39 61.41 -68.77
CA ASP SA 308 18.60 61.57 -69.55
C ASP SA 308 19.12 63.00 -69.47
N GLY SA 309 20.43 63.15 -69.32
CA GLY SA 309 21.04 64.41 -69.00
C GLY SA 309 21.09 64.71 -67.51
N GLU SA 310 20.13 64.18 -66.75
CA GLU SA 310 20.11 64.25 -65.29
C GLU SA 310 20.39 62.90 -64.63
N LEU SA 311 19.85 61.82 -65.21
CA LEU SA 311 20.26 60.45 -64.90
C LEU SA 311 20.03 60.10 -63.43
N THR SA 312 18.75 60.09 -63.04
CA THR SA 312 18.33 59.63 -61.73
C THR SA 312 17.69 58.25 -61.85
N THR SA 313 18.11 57.34 -60.97
CA THR SA 313 17.64 55.96 -61.00
C THR SA 313 16.39 55.84 -60.13
N ASN SA 314 15.26 55.50 -60.75
CA ASN SA 314 14.00 55.44 -60.00
C ASN SA 314 13.08 54.37 -60.54
N ASP SA 315 12.30 53.79 -59.63
CA ASP SA 315 11.39 52.71 -59.99
C ASP SA 315 10.20 53.21 -60.81
N ALA SA 316 9.93 54.51 -60.81
CA ALA SA 316 8.81 55.05 -61.59
C ALA SA 316 9.22 55.17 -63.05
N SER SA 317 8.52 54.44 -63.91
CA SER SA 317 8.83 54.47 -65.34
C SER SA 317 8.35 55.76 -65.98
N GLY SA 318 9.11 56.25 -66.94
CA GLY SA 318 8.73 57.44 -67.68
C GLY SA 318 8.80 57.25 -69.19
N ALA SA 319 8.51 56.04 -69.66
CA ALA SA 319 8.50 55.64 -71.06
C ALA SA 319 9.89 55.62 -71.69
N LEU SA 320 10.94 55.98 -70.96
CA LEU SA 320 12.31 56.03 -71.45
C LEU SA 320 13.26 55.40 -70.44
N THR SA 321 12.88 54.25 -69.90
CA THR SA 321 13.61 53.63 -68.80
C THR SA 321 14.39 52.41 -69.28
N GLN SA 322 15.53 52.17 -68.66
CA GLN SA 322 16.42 51.07 -69.00
C GLN SA 322 16.68 50.12 -67.85
N ALA SA 323 17.03 50.65 -66.67
CA ALA SA 323 17.28 49.84 -65.47
C ALA SA 323 18.40 48.82 -65.70
N THR SA 324 19.59 49.32 -65.97
CA THR SA 324 20.76 48.48 -66.21
C THR SA 324 21.94 49.01 -65.42
N LEU SA 325 22.71 48.08 -64.83
CA LEU SA 325 23.88 48.48 -64.04
C LEU SA 325 24.94 49.13 -64.92
N ASP SA 326 25.11 48.62 -66.15
CA ASP SA 326 26.00 49.30 -67.09
C ASP SA 326 25.50 50.71 -67.39
N ASP SA 327 24.19 50.85 -67.59
CA ASP SA 327 23.61 52.17 -67.80
C ASP SA 327 23.82 53.07 -66.59
N VAL SA 328 23.65 52.52 -65.39
CA VAL SA 328 23.87 53.31 -64.19
C VAL SA 328 25.31 53.79 -64.12
N LEU SA 329 26.27 52.88 -64.33
CA LEU SA 329 27.67 53.24 -64.22
C LEU SA 329 28.07 54.27 -65.27
N THR SA 330 27.60 54.11 -66.50
CA THR SA 330 27.84 55.13 -67.52
C THR SA 330 27.23 56.46 -67.11
N SER SA 331 26.01 56.42 -66.57
CA SER SA 331 25.32 57.63 -66.17
C SER SA 331 26.01 58.32 -64.99
N VAL SA 332 26.31 57.55 -63.93
CA VAL SA 332 26.66 58.14 -62.64
C VAL SA 332 28.01 58.86 -62.73
N GLY SA 333 27.95 60.19 -62.69
CA GLY SA 333 29.15 61.01 -62.63
C GLY SA 333 30.14 60.80 -63.75
N THR SA 334 29.80 59.89 -64.66
CA THR SA 334 30.68 59.54 -65.75
C THR SA 334 30.16 60.05 -67.09
N GLU SA 335 28.88 60.42 -67.16
CA GLU SA 335 28.34 61.09 -68.34
C GLU SA 335 27.78 62.47 -68.03
N ALA SA 336 26.86 62.59 -67.07
CA ALA SA 336 26.19 63.88 -66.90
C ALA SA 336 25.97 64.24 -65.42
N ASN SA 337 26.78 63.72 -64.52
CA ASN SA 337 26.68 64.07 -63.11
C ASN SA 337 28.04 64.48 -62.58
N SER SA 338 28.03 65.27 -61.51
CA SER SA 338 29.24 65.75 -60.88
C SER SA 338 29.12 65.59 -59.37
N SER SA 339 30.26 65.31 -58.74
CA SER SA 339 30.34 65.15 -57.28
C SER SA 339 29.34 64.10 -56.79
N VAL SA 340 29.24 63.01 -57.54
CA VAL SA 340 28.38 61.88 -57.17
C VAL SA 340 29.27 60.65 -56.99
N THR SA 341 28.70 59.63 -56.35
CA THR SA 341 29.50 58.49 -55.91
C THR SA 341 28.66 57.22 -55.95
N ILE SA 342 29.31 56.11 -56.26
CA ILE SA 342 28.72 54.78 -56.15
C ILE SA 342 29.32 54.15 -54.90
N GLY SA 343 28.56 54.14 -53.82
CA GLY SA 343 29.01 53.58 -52.56
C GLY SA 343 28.70 52.11 -52.44
N GLY SA 344 28.54 51.67 -51.19
CA GLY SA 344 28.20 50.29 -50.92
C GLY SA 344 29.37 49.35 -51.11
N THR SA 345 29.35 48.22 -50.40
CA THR SA 345 30.40 47.20 -50.47
C THR SA 345 31.77 47.82 -50.20
N LYS SA 346 31.81 48.65 -49.16
CA LYS SA 346 33.04 49.25 -48.62
C LYS SA 346 33.91 49.89 -49.71
N TYR SA 347 33.28 50.57 -50.64
CA TYR SA 347 34.00 51.43 -51.57
C TYR SA 347 33.13 52.63 -51.92
N SER SA 348 33.78 53.66 -52.47
CA SER SA 348 33.07 54.88 -52.83
C SER SA 348 33.70 55.42 -54.10
N HIS SA 349 33.08 55.11 -55.24
CA HIS SA 349 33.60 55.53 -56.55
C HIS SA 349 33.09 56.93 -56.85
N SER SA 350 33.70 57.91 -56.19
CA SER SA 350 33.37 59.30 -56.42
C SER SA 350 33.80 59.72 -57.81
N ALA SA 351 33.01 60.59 -58.43
CA ALA SA 351 33.26 61.07 -59.79
C ALA SA 351 33.91 62.44 -59.72
N ALA SA 352 35.17 62.53 -60.13
CA ALA SA 352 35.86 63.81 -60.14
C ALA SA 352 35.42 64.68 -61.30
N ASP SA 353 35.16 64.08 -62.47
CA ASP SA 353 34.78 64.82 -63.65
C ASP SA 353 33.69 64.07 -64.41
N GLU SA 354 32.87 64.83 -65.13
CA GLU SA 354 31.83 64.29 -65.98
C GLU SA 354 32.24 64.38 -67.44
N LEU SA 355 31.54 63.61 -68.28
CA LEU SA 355 31.85 63.51 -69.70
C LEU SA 355 30.93 64.44 -70.48
N SER SA 356 31.47 65.58 -70.91
CA SER SA 356 30.76 66.43 -71.86
C SER SA 356 30.73 65.83 -73.26
N TYR SA 357 31.23 64.61 -73.42
CA TYR SA 357 31.40 63.88 -74.67
C TYR SA 357 32.48 64.50 -75.55
N THR SA 358 33.04 65.64 -75.15
CA THR SA 358 34.28 66.18 -75.69
C THR SA 358 35.39 66.19 -74.65
N ALA SA 359 35.15 66.85 -73.51
CA ALA SA 359 36.02 66.71 -72.37
C ALA SA 359 35.74 65.39 -71.68
N VAL SA 360 36.79 64.75 -71.19
CA VAL SA 360 36.70 63.38 -70.71
C VAL SA 360 36.32 63.36 -69.24
N ALA SA 361 35.64 62.29 -68.84
CA ALA SA 361 35.22 62.11 -67.46
C ALA SA 361 36.25 61.27 -66.69
N THR SA 362 36.10 61.29 -65.36
CA THR SA 362 36.94 60.46 -64.50
C THR SA 362 36.22 60.23 -63.18
N THR SA 363 36.24 58.98 -62.72
CA THR SA 363 35.74 58.60 -61.41
C THR SA 363 36.88 57.97 -60.61
N ALA SA 364 36.85 58.18 -59.30
CA ALA SA 364 37.94 57.71 -58.47
C ALA SA 364 37.42 57.29 -57.11
N ASP SA 365 38.11 56.32 -56.51
CA ASP SA 365 37.87 55.90 -55.15
C ASP SA 365 39.14 56.15 -54.35
N VAL SA 366 38.99 56.68 -53.15
CA VAL SA 366 40.15 56.96 -52.31
C VAL SA 366 40.48 55.69 -51.56
N LEU SA 367 41.24 54.81 -52.21
CA LEU SA 367 41.62 53.54 -51.61
C LEU SA 367 42.58 53.71 -50.45
N SER SA 368 43.24 54.87 -50.34
CA SER SA 368 44.36 55.07 -49.44
C SER SA 368 45.45 54.04 -49.67
N ALA SA 369 45.48 53.48 -50.87
CA ALA SA 369 46.44 52.45 -51.22
C ALA SA 369 47.86 53.02 -51.21
N MET SA 370 48.84 52.12 -51.21
CA MET SA 370 50.24 52.50 -51.10
C MET SA 370 50.48 53.28 -49.81
N GLY SA 371 49.66 52.98 -48.79
CA GLY SA 371 49.56 53.79 -47.59
C GLY SA 371 50.87 54.02 -46.88
N SER SA 372 51.44 52.97 -46.32
CA SER SA 372 52.72 53.09 -45.62
C SER SA 372 53.78 53.63 -46.57
N SER SA 373 54.62 54.52 -46.06
CA SER SA 373 55.67 55.12 -46.89
C SER SA 373 56.60 54.06 -47.46
N THR SA 374 56.69 52.90 -46.81
CA THR SA 374 57.48 51.80 -47.36
C THR SA 374 56.92 51.34 -48.71
N ALA SA 375 55.59 51.26 -48.82
CA ALA SA 375 54.98 50.82 -50.07
C ALA SA 375 55.30 51.78 -51.21
N VAL SA 376 55.12 53.08 -50.96
CA VAL SA 376 55.41 54.07 -52.00
C VAL SA 376 56.90 54.04 -52.35
N SER SA 377 57.76 53.95 -51.33
CA SER SA 377 59.19 53.88 -51.57
C SER SA 377 59.54 52.70 -52.46
N THR SA 378 59.01 51.52 -52.14
CA THR SA 378 59.30 50.32 -52.92
C THR SA 378 58.79 50.47 -54.35
N VAL SA 379 57.62 51.08 -54.52
CA VAL SA 379 57.05 51.24 -55.86
C VAL SA 379 57.93 52.18 -56.69
N THR SA 380 58.33 53.32 -56.12
CA THR SA 380 59.19 54.24 -56.85
C THR SA 380 60.63 53.75 -56.94
N LEU SA 381 61.08 52.96 -55.97
CA LEU SA 381 62.42 52.37 -56.02
C LEU SA 381 62.35 51.08 -56.85
N GLY SA 382 62.27 51.28 -58.17
CA GLY SA 382 62.08 50.17 -59.07
C GLY SA 382 60.73 50.21 -59.76
N SER SA 383 60.73 50.63 -61.02
CA SER SA 383 59.50 50.81 -61.79
C SER SA 383 59.86 50.74 -63.27
N GLY SA 384 58.99 51.28 -64.11
CA GLY SA 384 59.22 51.30 -65.55
C GLY SA 384 59.81 52.62 -65.97
N ILE SA 385 59.00 53.49 -66.57
CA ILE SA 385 59.43 54.85 -66.89
C ILE SA 385 58.72 55.78 -65.91
N THR SA 386 58.40 55.27 -64.73
CA THR SA 386 57.64 56.02 -63.72
C THR SA 386 58.57 57.00 -63.02
N SER SA 387 58.59 58.24 -63.49
CA SER SA 387 59.42 59.29 -62.90
C SER SA 387 58.62 60.02 -61.82
N ALA SA 388 59.05 59.85 -60.57
CA ALA SA 388 58.34 60.45 -59.44
C ALA SA 388 58.90 61.85 -59.13
N ALA SA 389 58.11 62.62 -58.39
CA ALA SA 389 58.51 63.94 -57.92
C ALA SA 389 57.89 64.18 -56.56
N VAL SA 390 58.68 64.76 -55.66
CA VAL SA 390 58.28 64.91 -54.25
C VAL SA 390 58.28 66.39 -53.89
N THR SA 391 57.16 66.84 -53.32
CA THR SA 391 57.02 68.18 -52.78
C THR SA 391 57.03 68.05 -51.25
N PHE SA 392 58.13 68.46 -50.61
CA PHE SA 392 58.34 68.04 -49.24
C PHE SA 392 58.80 69.18 -48.33
N ALA SA 393 58.29 70.39 -48.53
CA ALA SA 393 58.66 71.51 -47.66
C ALA SA 393 57.45 72.39 -47.42
N ILE SA 394 57.68 73.48 -46.70
CA ILE SA 394 56.67 74.50 -46.47
C ILE SA 394 56.45 75.30 -47.74
N ALA SA 395 55.18 75.59 -48.06
CA ALA SA 395 54.85 76.15 -49.36
C ALA SA 395 55.62 77.43 -49.66
N THR SA 396 55.96 78.22 -48.64
CA THR SA 396 56.78 79.41 -48.87
C THR SA 396 58.21 79.03 -49.23
N THR SA 397 58.73 77.97 -48.60
CA THR SA 397 60.12 77.57 -48.79
C THR SA 397 60.21 76.18 -49.38
N ASP SA 398 59.39 75.91 -50.39
CA ASP SA 398 59.27 74.59 -50.98
C ASP SA 398 59.88 74.55 -52.37
N SER SA 399 60.21 73.34 -52.79
CA SER SA 399 60.63 73.05 -54.16
C SER SA 399 60.32 71.58 -54.43
N ASN SA 400 60.80 71.08 -55.57
CA ASN SA 400 60.53 69.69 -55.95
C ASN SA 400 61.82 69.04 -56.41
N ASN SA 401 61.88 67.72 -56.25
CA ASN SA 401 62.96 66.90 -56.79
C ASN SA 401 62.37 65.84 -57.70
N THR SA 402 63.00 65.63 -58.85
CA THR SA 402 62.60 64.57 -59.75
C THR SA 402 63.39 63.30 -59.44
N TRP SA 403 62.86 62.17 -59.89
CA TRP SA 403 63.48 60.87 -59.61
C TRP SA 403 63.65 60.09 -60.90
N VAL SA 404 64.76 59.35 -60.98
CA VAL SA 404 64.97 58.42 -62.07
C VAL SA 404 64.04 57.23 -61.89
N ASP SA 405 63.43 56.78 -63.00
CA ASP SA 405 62.31 55.87 -62.92
C ASP SA 405 62.67 54.56 -62.23
N ASN SA 406 63.77 53.93 -62.65
CA ASN SA 406 64.06 52.57 -62.20
C ASN SA 406 64.78 52.50 -60.86
N LYS SA 407 65.25 53.63 -60.33
CA LYS SA 407 65.94 53.61 -59.05
C LYS SA 407 65.54 54.73 -58.11
N GLY SA 408 64.66 55.63 -58.52
CA GLY SA 408 64.22 56.70 -57.63
C GLY SA 408 65.29 57.67 -57.25
N GLU SA 409 66.45 57.62 -57.90
CA GLU SA 409 67.54 58.55 -57.63
C GLU SA 409 67.42 59.77 -58.53
N LEU SA 410 68.13 60.83 -58.16
CA LEU SA 410 68.05 62.09 -58.88
C LEU SA 410 69.45 62.49 -59.34
N THR SA 411 69.55 62.84 -60.63
CA THR SA 411 70.82 63.29 -61.19
C THR SA 411 70.95 64.81 -61.16
N ASP SA 412 69.83 65.54 -61.23
CA ASP SA 412 69.89 67.00 -61.25
C ASP SA 412 70.37 67.55 -59.91
N ILE SA 413 69.78 67.07 -58.82
CA ILE SA 413 70.04 67.59 -57.49
C ILE SA 413 70.80 66.52 -56.70
N GLN SA 414 71.92 66.90 -56.12
CA GLN SA 414 72.75 66.03 -55.31
C GLN SA 414 72.65 66.44 -53.84
N THR SA 415 73.41 65.76 -52.99
CA THR SA 415 73.47 66.09 -51.58
C THR SA 415 74.93 66.17 -51.13
N PHE SA 416 75.30 67.29 -50.53
CA PHE SA 416 76.60 67.42 -49.90
C PHE SA 416 76.71 66.45 -48.73
N ASP SA 417 77.92 66.33 -48.19
CA ASP SA 417 78.15 65.43 -47.06
C ASP SA 417 77.21 65.73 -45.90
N THR SA 418 76.84 67.00 -45.73
CA THR SA 418 75.93 67.39 -44.65
C THR SA 418 74.72 68.19 -45.12
N SER SA 419 74.50 68.32 -46.43
CA SER SA 419 73.48 69.24 -46.93
C SER SA 419 73.05 68.82 -48.33
N TYR SA 420 71.97 69.44 -48.81
CA TYR SA 420 71.39 69.16 -50.11
C TYR SA 420 71.81 70.24 -51.10
N LYS SA 421 72.92 70.02 -51.79
CA LYS SA 421 73.44 70.98 -52.76
C LYS SA 421 73.29 70.44 -54.18
N ILE SA 422 72.83 71.32 -55.08
CA ILE SA 422 72.73 70.94 -56.49
C ILE SA 422 74.12 70.68 -57.07
N ASN SA 423 75.13 71.41 -56.61
CA ASN SA 423 76.49 71.22 -57.11
C ASN SA 423 76.99 69.83 -56.76
N ALA SA 424 77.07 68.96 -57.78
CA ALA SA 424 77.49 67.58 -57.56
C ALA SA 424 78.94 67.48 -57.12
N ASP SA 425 79.80 68.38 -57.58
CA ASP SA 425 81.23 68.30 -57.32
C ASP SA 425 81.72 69.56 -56.64
N THR SA 426 82.60 69.39 -55.65
CA THR SA 426 83.16 70.50 -54.90
C THR SA 426 84.61 70.81 -55.22
N GLY SA 427 85.37 69.85 -55.74
CA GLY SA 427 86.77 70.08 -55.99
C GLY SA 427 87.55 70.29 -54.71
N GLU SA 428 87.40 69.37 -53.75
CA GLU SA 428 88.08 69.50 -52.48
C GLU SA 428 89.59 69.54 -52.67
N VAL SA 429 90.27 70.31 -51.82
CA VAL SA 429 91.69 70.59 -51.97
C VAL SA 429 92.42 69.98 -50.78
N THR SA 430 93.24 68.98 -51.04
CA THR SA 430 94.03 68.32 -50.01
C THR SA 430 95.51 68.43 -50.37
N VAL SA 431 96.36 68.43 -49.34
CA VAL SA 431 97.80 68.52 -49.52
C VAL SA 431 98.43 67.24 -49.00
N VAL SA 432 99.33 66.66 -49.79
CA VAL SA 432 100.09 65.48 -49.37
C VAL SA 432 101.21 65.99 -48.45
N GLY SA 433 101.03 65.80 -47.15
CA GLY SA 433 102.02 66.25 -46.20
C GLY SA 433 103.37 65.62 -46.46
N ASP SA 434 104.31 66.42 -46.97
CA ASP SA 434 105.62 65.90 -47.31
C ASP SA 434 106.32 65.41 -46.05
N ASN SA 435 107.04 64.29 -46.18
CA ASN SA 435 107.70 63.59 -45.08
C ASN SA 435 106.70 62.93 -44.13
N SER SA 436 105.41 63.14 -44.31
CA SER SA 436 104.40 62.47 -43.52
C SER SA 436 103.51 61.54 -44.32
N ALA SA 437 103.41 61.74 -45.63
CA ALA SA 437 102.60 60.89 -46.52
C ALA SA 437 101.16 60.79 -46.05
N THR SA 438 100.63 61.86 -45.49
CA THR SA 438 99.25 61.92 -45.04
C THR SA 438 98.57 63.09 -45.74
N ALA SA 439 97.44 62.83 -46.39
CA ALA SA 439 96.75 63.84 -47.18
C ALA SA 439 96.05 64.80 -46.24
N GLY SA 440 96.83 65.75 -45.72
CA GLY SA 440 96.26 66.78 -44.87
C GLY SA 440 95.26 67.63 -45.63
N GLN SA 441 94.16 67.96 -44.99
CA GLN SA 441 93.12 68.75 -45.62
C GLN SA 441 93.59 70.21 -45.78
N TYR SA 442 93.14 70.85 -46.85
CA TYR SA 442 93.61 72.20 -47.15
C TYR SA 442 92.46 73.17 -47.41
N ALA SA 443 91.33 72.68 -47.91
CA ALA SA 443 90.28 73.58 -48.39
C ALA SA 443 89.70 74.47 -47.31
N SER SA 444 89.00 73.90 -46.33
CA SER SA 444 88.43 74.71 -45.25
C SER SA 444 88.70 74.10 -43.88
N ALA SA 445 88.84 72.77 -43.82
CA ALA SA 445 89.16 72.13 -42.55
C ALA SA 445 90.60 72.40 -42.15
N ASP SA 446 91.49 72.56 -43.13
CA ASP SA 446 92.86 73.02 -42.94
C ASP SA 446 93.62 72.11 -41.96
N GLY SA 447 93.78 70.87 -42.40
CA GLY SA 447 94.56 69.91 -41.64
C GLY SA 447 93.73 68.85 -40.96
N ALA SA 448 92.66 68.41 -41.62
CA ALA SA 448 91.78 67.39 -41.04
C ALA SA 448 92.38 66.00 -41.11
N LYS SA 449 93.52 65.81 -41.77
CA LYS SA 449 94.19 64.52 -41.86
C LYS SA 449 93.27 63.46 -42.46
N VAL SA 450 92.98 63.66 -43.75
CA VAL SA 450 92.00 62.84 -44.45
C VAL SA 450 92.36 61.36 -44.38
N LEU SA 451 91.35 60.53 -44.15
CA LEU SA 451 91.46 59.07 -44.22
C LEU SA 451 90.56 58.53 -45.32
N VAL SA 452 90.93 57.37 -45.84
CA VAL SA 452 90.13 56.71 -46.87
C VAL SA 452 88.92 56.06 -46.21
N GLY SA 453 87.73 56.38 -46.72
CA GLY SA 453 86.50 55.83 -46.19
C GLY SA 453 86.29 54.39 -46.58
N SER SA 454 85.19 53.82 -46.06
CA SER SA 454 84.87 52.43 -46.35
C SER SA 454 84.48 52.20 -47.80
N ASP SA 455 84.04 53.23 -48.51
CA ASP SA 455 83.67 53.12 -49.91
C ASP SA 455 84.79 53.54 -50.85
N GLY SA 456 85.97 53.86 -50.32
CA GLY SA 456 87.10 54.26 -51.12
C GLY SA 456 87.24 55.75 -51.35
N LYS SA 457 86.24 56.55 -51.00
CA LYS SA 457 86.33 57.98 -51.17
C LYS SA 457 87.11 58.62 -50.02
N LEU SA 458 87.53 59.86 -50.22
CA LEU SA 458 88.24 60.61 -49.21
C LEU SA 458 87.27 61.20 -48.20
N THR SA 459 87.64 61.13 -46.94
CA THR SA 459 86.80 61.64 -45.86
C THR SA 459 87.68 62.02 -44.68
N THR SA 460 87.14 62.91 -43.84
CA THR SA 460 87.88 63.43 -42.70
C THR SA 460 87.68 62.62 -41.42
N GLU SA 461 86.77 61.65 -41.43
CA GLU SA 461 86.54 60.83 -40.25
C GLU SA 461 87.66 59.81 -40.08
N THR SA 462 87.91 59.43 -38.83
CA THR SA 462 88.95 58.45 -38.53
C THR SA 462 88.39 57.05 -38.32
N THR SA 463 87.22 56.94 -37.70
CA THR SA 463 86.62 55.64 -37.37
C THR SA 463 85.29 55.50 -38.08
N SER SA 464 85.08 54.34 -38.70
CA SER SA 464 83.86 54.06 -39.45
C SER SA 464 82.85 53.34 -38.55
N ALA SA 465 81.70 53.00 -39.14
CA ALA SA 465 80.64 52.35 -38.38
C ALA SA 465 81.07 50.97 -37.88
N GLY SA 466 81.77 50.20 -38.72
CA GLY SA 466 82.12 48.85 -38.37
C GLY SA 466 81.02 47.87 -38.71
N ASP SA 467 80.92 46.78 -37.96
CA ASP SA 467 79.88 45.78 -38.24
C ASP SA 467 79.45 45.16 -36.91
N LYS SA 468 78.43 45.77 -36.27
CA LYS SA 468 78.07 45.54 -34.86
C LYS SA 468 76.82 46.33 -34.52
N THR SA 469 75.98 45.82 -33.62
CA THR SA 469 74.79 46.54 -33.22
C THR SA 469 75.19 47.78 -32.42
N THR SA 470 75.02 48.96 -33.03
CA THR SA 470 75.57 50.19 -32.44
C THR SA 470 74.99 50.44 -31.06
N ASP SA 471 73.72 50.13 -30.85
CA ASP SA 471 73.04 50.31 -29.56
C ASP SA 471 72.39 48.98 -29.18
N PRO SA 472 73.17 48.04 -28.66
CA PRO SA 472 72.59 46.72 -28.33
C PRO SA 472 71.53 46.80 -27.26
N LEU SA 473 71.85 47.41 -26.13
CA LEU SA 473 70.90 47.46 -25.03
C LEU SA 473 69.70 48.32 -25.36
N LYS SA 474 69.86 49.36 -26.17
CA LYS SA 474 68.71 50.16 -26.59
C LYS SA 474 67.73 49.32 -27.41
N THR SA 475 68.25 48.54 -28.36
CA THR SA 475 67.39 47.66 -29.15
C THR SA 475 66.74 46.60 -28.26
N LEU SA 476 67.49 46.08 -27.30
CA LEU SA 476 66.92 45.10 -26.37
C LEU SA 476 65.80 45.72 -25.54
N ASP SA 477 65.97 46.97 -25.11
CA ASP SA 477 64.91 47.64 -24.38
C ASP SA 477 63.69 47.89 -25.27
N ALA SA 478 63.92 48.20 -26.55
CA ALA SA 478 62.80 48.36 -27.47
C ALA SA 478 62.03 47.05 -27.62
N ALA SA 479 62.75 45.94 -27.75
CA ALA SA 479 62.10 44.63 -27.82
C ALA SA 479 61.35 44.32 -26.53
N PHE SA 480 61.95 44.67 -25.39
CA PHE SA 480 61.28 44.49 -24.11
C PHE SA 480 59.99 45.27 -24.05
N THR SA 481 60.01 46.52 -24.52
CA THR SA 481 58.80 47.35 -24.51
C THR SA 481 57.72 46.74 -25.39
N LYS SA 482 58.10 46.27 -26.59
CA LYS SA 482 57.12 45.66 -27.48
C LYS SA 482 56.50 44.42 -26.84
N LEU SA 483 57.35 43.55 -26.29
CA LEU SA 483 56.86 42.32 -25.68
C LEU SA 483 55.98 42.62 -24.47
N ASP SA 484 56.39 43.58 -23.64
CA ASP SA 484 55.60 43.93 -22.47
C ASP SA 484 54.26 44.53 -22.88
N LYS SA 485 54.25 45.35 -23.93
CA LYS SA 485 52.99 45.91 -24.41
C LYS SA 485 52.04 44.81 -24.84
N LEU SA 486 52.55 43.85 -25.63
CA LEU SA 486 51.67 42.77 -26.07
C LEU SA 486 51.21 41.90 -24.90
N THR SA 487 52.11 41.62 -23.96
CA THR SA 487 51.74 40.80 -22.81
C THR SA 487 50.67 41.48 -21.96
N GLY SA 488 50.83 42.78 -21.71
CA GLY SA 488 49.81 43.50 -20.97
C GLY SA 488 48.49 43.55 -21.70
N GLU SA 489 48.54 43.72 -23.03
CA GLU SA 489 47.31 43.69 -23.82
C GLU SA 489 46.61 42.35 -23.68
N LEU SA 490 47.36 41.25 -23.78
CA LEU SA 490 46.77 39.94 -23.66
C LEU SA 490 46.19 39.71 -22.26
N GLY SA 491 46.91 40.14 -21.23
CA GLY SA 491 46.40 40.00 -19.88
C GLY SA 491 45.12 40.77 -19.64
N ALA SA 492 45.06 42.01 -20.15
CA ALA SA 492 43.85 42.79 -20.02
C ALA SA 492 42.69 42.15 -20.77
N VAL SA 493 42.94 41.65 -21.98
CA VAL SA 493 41.90 40.99 -22.74
C VAL SA 493 41.40 39.76 -22.00
N GLN SA 494 42.31 39.01 -21.38
CA GLN SA 494 41.89 37.79 -20.71
C GLN SA 494 41.12 38.09 -19.44
N ASN SA 495 41.52 39.17 -18.73
CA ASN SA 495 40.72 39.62 -17.58
C ASN SA 495 39.32 40.03 -18.01
N ARG SA 496 39.22 40.79 -19.10
CA ARG SA 496 37.91 41.15 -19.61
C ARG SA 496 37.11 39.92 -20.01
N LEU SA 497 37.79 38.90 -20.55
CA LEU SA 497 37.09 37.67 -20.91
C LEU SA 497 36.57 36.95 -19.68
N GLU SA 498 37.35 36.95 -18.59
CA GLU SA 498 36.86 36.36 -17.34
C GLU SA 498 35.64 37.12 -16.83
N SER SA 499 35.68 38.45 -16.92
CA SER SA 499 34.51 39.24 -16.51
C SER SA 499 33.31 38.93 -17.39
N THR SA 500 33.52 38.73 -18.69
CA THR SA 500 32.43 38.31 -19.56
C THR SA 500 31.90 36.94 -19.17
N ILE SA 501 32.78 36.02 -18.77
CA ILE SA 501 32.33 34.72 -18.29
C ILE SA 501 31.37 34.91 -17.11
N ALA SA 502 31.78 35.73 -16.14
CA ALA SA 502 30.94 35.95 -14.97
C ALA SA 502 29.61 36.59 -15.36
N ASN SA 503 29.66 37.61 -16.23
CA ASN SA 503 28.45 38.32 -16.60
C ASN SA 503 27.49 37.42 -17.37
N LEU SA 504 28.02 36.65 -18.32
CA LEU SA 504 27.17 35.74 -19.09
C LEU SA 504 26.60 34.64 -18.22
N ASN SA 505 27.38 34.13 -17.26
CA ASN SA 505 26.82 33.12 -16.34
C ASN SA 505 25.68 33.70 -15.53
N ASN SA 506 25.85 34.93 -15.03
CA ASN SA 506 24.78 35.56 -14.27
C ASN SA 506 23.54 35.77 -15.13
N VAL SA 507 23.74 36.26 -16.36
CA VAL SA 507 22.61 36.50 -17.25
C VAL SA 507 21.92 35.18 -17.61
N VAL SA 508 22.69 34.10 -17.77
CA VAL SA 508 22.10 32.80 -18.03
C VAL SA 508 21.24 32.36 -16.87
N ASN SA 509 21.74 32.53 -15.64
CA ASN SA 509 20.95 32.14 -14.48
C ASN SA 509 19.64 32.93 -14.42
N ASN SA 510 19.71 34.24 -14.63
CA ASN SA 510 18.50 35.06 -14.52
C ASN SA 510 17.52 34.76 -15.66
N LEU SA 511 18.03 34.52 -16.87
CA LEU SA 511 17.14 34.19 -17.97
C LEU SA 511 16.52 32.81 -17.82
N SER SA 512 17.27 31.85 -17.25
CA SER SA 512 16.68 30.56 -16.94
C SER SA 512 15.59 30.71 -15.88
N SER SA 513 15.80 31.59 -14.91
CA SER SA 513 14.74 31.88 -13.95
C SER SA 513 13.52 32.47 -14.64
N ALA SA 514 13.72 33.42 -15.55
CA ALA SA 514 12.60 34.01 -16.27
C ALA SA 514 11.85 32.95 -17.07
N ARG SA 515 12.59 32.06 -17.72
CA ARG SA 515 11.96 30.97 -18.45
C ARG SA 515 11.20 30.05 -17.51
N SER SA 516 11.70 29.87 -16.29
CA SER SA 516 11.00 29.05 -15.32
C SER SA 516 9.68 29.70 -14.91
N ARG SA 517 9.70 31.01 -14.62
CA ARG SA 517 8.47 31.69 -14.28
C ARG SA 517 7.46 31.64 -15.41
N ILE SA 518 7.92 31.82 -16.66
CA ILE SA 518 6.96 31.94 -17.75
C ILE SA 518 6.49 30.58 -18.24
N GLN SA 519 7.37 29.58 -18.26
CA GLN SA 519 7.11 28.31 -18.95
C GLN SA 519 6.87 27.14 -18.02
N ASP SA 520 7.67 26.99 -16.97
CA ASP SA 520 7.55 25.83 -16.10
C ASP SA 520 6.25 25.87 -15.31
N ALA SA 521 5.83 24.70 -14.85
CA ALA SA 521 4.60 24.54 -14.09
C ALA SA 521 4.95 24.17 -12.65
N ASP SA 522 4.45 24.95 -11.71
CA ASP SA 522 4.65 24.67 -10.28
C ASP SA 522 3.67 23.59 -9.86
N TYR SA 523 4.23 22.45 -9.41
CA TYR SA 523 3.44 21.22 -9.33
C TYR SA 523 2.32 21.28 -8.30
N ALA SA 524 2.41 22.12 -7.27
CA ALA SA 524 1.36 22.15 -6.26
C ALA SA 524 0.00 22.46 -6.90
N THR SA 525 -0.04 23.48 -7.75
CA THR SA 525 -1.31 23.91 -8.33
C THR SA 525 -1.92 22.83 -9.19
N GLU SA 526 -1.16 22.30 -10.15
CA GLU SA 526 -1.75 21.32 -11.07
C GLU SA 526 -1.93 19.95 -10.42
N VAL SA 527 -1.19 19.66 -9.35
CA VAL SA 527 -1.50 18.46 -8.58
C VAL SA 527 -2.84 18.60 -7.88
N SER SA 528 -3.10 19.75 -7.27
CA SER SA 528 -4.42 20.00 -6.70
C SER SA 528 -5.49 19.94 -7.77
N ASN SA 529 -5.20 20.51 -8.94
CA ASN SA 529 -6.16 20.46 -10.05
C ASN SA 529 -6.40 19.04 -10.52
N MET SA 530 -5.35 18.22 -10.55
CA MET SA 530 -5.51 16.81 -10.90
C MET SA 530 -6.42 16.09 -9.91
N SER SA 531 -6.21 16.34 -8.61
CA SER SA 531 -7.06 15.70 -7.62
C SER SA 531 -8.51 16.16 -7.78
N LYS SA 532 -8.71 17.46 -7.98
CA LYS SA 532 -10.06 17.98 -8.18
C LYS SA 532 -10.69 17.38 -9.43
N ALA SA 533 -9.91 17.25 -10.51
CA ALA SA 533 -10.42 16.69 -11.74
C ALA SA 533 -10.79 15.21 -11.57
N GLN SA 534 -9.99 14.46 -10.82
CA GLN SA 534 -10.31 13.06 -10.59
C GLN SA 534 -11.60 12.92 -9.77
N ILE SA 535 -11.73 13.72 -8.71
CA ILE SA 535 -12.97 13.67 -7.93
C ILE SA 535 -14.15 14.07 -8.79
N LEU SA 536 -13.98 15.10 -9.62
CA LEU SA 536 -15.04 15.50 -10.54
C LEU SA 536 -15.37 14.40 -11.52
N GLN SA 537 -14.36 13.67 -12.00
CA GLN SA 537 -14.59 12.57 -12.94
C GLN SA 537 -15.44 11.49 -12.30
N GLN SA 538 -15.08 11.08 -11.09
CA GLN SA 538 -15.83 10.03 -10.40
C GLN SA 538 -17.25 10.50 -10.10
N ALA SA 539 -17.39 11.74 -9.62
CA ALA SA 539 -18.73 12.27 -9.33
C ALA SA 539 -19.57 12.36 -10.59
N GLY SA 540 -18.98 12.81 -11.70
CA GLY SA 540 -19.71 12.91 -12.94
C GLY SA 540 -20.13 11.56 -13.47
N THR SA 541 -19.26 10.56 -13.37
CA THR SA 541 -19.63 9.21 -13.79
C THR SA 541 -20.78 8.69 -12.95
N SER SA 542 -20.74 8.90 -11.63
CA SER SA 542 -21.82 8.44 -10.78
C SER SA 542 -23.12 9.16 -11.09
N VAL SA 543 -23.06 10.47 -11.27
CA VAL SA 543 -24.26 11.26 -11.55
C VAL SA 543 -24.85 10.87 -12.89
N LEU SA 544 -24.00 10.65 -13.89
CA LEU SA 544 -24.47 10.15 -15.17
C LEU SA 544 -25.12 8.79 -14.99
N ALA SA 545 -24.56 7.96 -14.12
CA ALA SA 545 -25.16 6.67 -13.84
C ALA SA 545 -26.59 6.85 -13.34
N GLN SA 546 -26.79 7.68 -12.31
CA GLN SA 546 -28.15 7.87 -11.78
C GLN SA 546 -29.07 8.47 -12.83
N ALA SA 547 -28.57 9.41 -13.63
CA ALA SA 547 -29.37 9.96 -14.71
C ALA SA 547 -29.80 8.89 -15.69
N ASN SA 548 -28.98 7.85 -15.85
CA ASN SA 548 -29.34 6.77 -16.77
C ASN SA 548 -30.53 5.96 -16.27
N GLN SA 549 -30.65 5.72 -14.97
CA GLN SA 549 -31.83 5.00 -14.49
C GLN SA 549 -32.95 5.93 -14.05
N VAL SA 550 -32.80 7.24 -14.21
CA VAL SA 550 -33.96 8.13 -14.07
C VAL SA 550 -35.17 7.65 -14.85
N PRO SA 551 -35.06 7.26 -16.13
CA PRO SA 551 -36.25 6.81 -16.85
C PRO SA 551 -36.75 5.42 -16.47
N GLN SA 552 -36.01 4.66 -15.65
CA GLN SA 552 -36.52 3.38 -15.17
C GLN SA 552 -37.81 3.54 -14.38
N THR SA 553 -38.01 4.68 -13.73
CA THR SA 553 -39.24 4.90 -12.97
C THR SA 553 -40.46 4.81 -13.86
N VAL SA 554 -40.29 5.02 -15.17
CA VAL SA 554 -41.38 4.78 -16.10
C VAL SA 554 -41.79 3.31 -16.06
N LEU SA 555 -40.81 2.40 -15.99
CA LEU SA 555 -41.13 0.99 -15.95
C LEU SA 555 -41.50 0.56 -14.54
N SER SA 556 -42.41 1.31 -13.93
CA SER SA 556 -43.18 0.87 -12.77
C SER SA 556 -44.66 0.90 -13.08
N LEU SA 557 -45.11 1.94 -13.77
CA LEU SA 557 -46.44 2.00 -14.34
C LEU SA 557 -46.40 1.42 -15.75
N LEU SA 558 -47.42 0.65 -16.10
CA LEU SA 558 -47.50 0.03 -17.42
C LEU SA 558 -48.95 -0.09 -17.87
N ALA TA 2 -10.15 -17.89 -25.20
CA ALA TA 2 -11.57 -18.17 -25.07
C ALA TA 2 -12.12 -17.63 -23.75
N ALA TA 3 -12.89 -18.46 -23.06
CA ALA TA 3 -13.35 -18.16 -21.71
C ALA TA 3 -13.12 -19.35 -20.79
N VAL TA 4 -12.03 -20.06 -21.03
CA VAL TA 4 -11.76 -21.31 -20.32
C VAL TA 4 -11.18 -21.00 -18.94
N ILE TA 5 -11.40 -21.91 -18.00
CA ILE TA 5 -10.83 -21.79 -16.67
C ILE TA 5 -10.01 -23.00 -16.26
N ASN TA 6 -10.23 -24.18 -16.85
CA ASN TA 6 -9.51 -25.38 -16.42
C ASN TA 6 -8.01 -25.22 -16.65
N THR TA 7 -7.63 -24.65 -17.78
CA THR TA 7 -6.23 -24.35 -18.05
C THR TA 7 -6.09 -22.86 -18.32
N ASN TA 8 -5.03 -22.27 -17.77
CA ASN TA 8 -4.73 -20.86 -17.96
C ASN TA 8 -3.34 -20.77 -18.56
N TYR TA 9 -3.27 -20.69 -19.90
CA TYR TA 9 -1.99 -20.68 -20.57
C TYR TA 9 -1.13 -19.49 -20.14
N LEU TA 10 -1.77 -18.36 -19.88
CA LEU TA 10 -1.03 -17.18 -19.45
C LEU TA 10 -0.34 -17.42 -18.11
N SER TA 11 -1.02 -18.09 -17.19
CA SER TA 11 -0.41 -18.40 -15.90
C SER TA 11 0.79 -19.32 -16.09
N LEU TA 12 0.68 -20.31 -16.98
CA LEU TA 12 1.81 -21.20 -17.22
C LEU TA 12 3.00 -20.47 -17.81
N VAL TA 13 2.73 -19.58 -18.77
CA VAL TA 13 3.83 -18.79 -19.37
C VAL TA 13 4.49 -17.92 -18.32
N ALA TA 14 3.67 -17.29 -17.46
CA ALA TA 14 4.22 -16.47 -16.38
C ALA TA 14 5.07 -17.30 -15.45
N GLN TA 15 4.62 -18.52 -15.13
CA GLN TA 15 5.40 -19.39 -14.26
C GLN TA 15 6.73 -19.76 -14.89
N ASN TA 16 6.72 -20.05 -16.19
CA ASN TA 16 7.97 -20.41 -16.87
C ASN TA 16 8.96 -19.26 -16.86
N ASN TA 17 8.48 -18.05 -17.19
CA ASN TA 17 9.38 -16.90 -17.19
C ASN TA 17 9.86 -16.59 -15.78
N LEU TA 18 8.99 -16.77 -14.79
CA LEU TA 18 9.39 -16.60 -13.40
C LEU TA 18 10.49 -17.59 -13.03
N ASN TA 19 10.36 -18.83 -13.48
CA ASN TA 19 11.38 -19.83 -13.17
C ASN TA 19 12.71 -19.49 -13.83
N LYS TA 20 12.67 -19.02 -15.08
CA LYS TA 20 13.91 -18.64 -15.76
C LYS TA 20 14.58 -17.46 -15.04
N SER TA 21 13.79 -16.46 -14.67
CA SER TA 21 14.34 -15.31 -13.94
C SER TA 21 14.88 -15.74 -12.59
N GLN TA 22 14.20 -16.68 -11.92
CA GLN TA 22 14.67 -17.18 -10.63
C GLN TA 22 15.99 -17.91 -10.78
N SER TA 23 16.14 -18.70 -11.83
CA SER TA 23 17.42 -19.38 -12.07
C SER TA 23 18.53 -18.38 -12.31
N SER TA 24 18.25 -17.33 -13.11
CA SER TA 24 19.25 -16.30 -13.33
C SER TA 24 19.63 -15.61 -12.02
N LEU TA 25 18.64 -15.30 -11.20
CA LEU TA 25 18.89 -14.66 -9.91
C LEU TA 25 19.73 -15.58 -9.01
N GLY TA 26 19.42 -16.87 -9.02
CA GLY TA 26 20.19 -17.80 -8.20
C GLY TA 26 21.64 -17.89 -8.64
N THR TA 27 21.88 -17.93 -9.95
CA THR TA 27 23.25 -17.93 -10.44
C THR TA 27 23.97 -16.64 -10.05
N ALA TA 28 23.27 -15.50 -10.16
CA ALA TA 28 23.89 -14.23 -9.79
C ALA TA 28 24.24 -14.21 -8.30
N ILE TA 29 23.33 -14.67 -7.45
CA ILE TA 29 23.57 -14.68 -6.01
C ILE TA 29 24.73 -15.61 -5.66
N GLU TA 30 24.78 -16.78 -6.30
CA GLU TA 30 25.87 -17.71 -6.05
C GLU TA 30 27.21 -17.12 -6.46
N ARG TA 31 27.26 -16.50 -7.64
CA ARG TA 31 28.51 -15.87 -8.08
C ARG TA 31 28.91 -14.72 -7.15
N LEU TA 32 27.93 -13.95 -6.67
CA LEU TA 32 28.23 -12.85 -5.78
C LEU TA 32 28.78 -13.35 -4.45
N SER TA 33 28.13 -14.35 -3.86
CA SER TA 33 28.54 -14.84 -2.54
C SER TA 33 29.89 -15.53 -2.61
N SER TA 34 30.09 -16.40 -3.60
CA SER TA 34 31.37 -17.09 -3.72
C SER TA 34 32.48 -16.11 -4.11
N GLY TA 35 32.16 -15.14 -4.96
CA GLY TA 35 33.16 -14.27 -5.53
C GLY TA 35 33.90 -14.86 -6.70
N LEU TA 36 33.59 -16.09 -7.09
CA LEU TA 36 34.24 -16.76 -8.22
C LEU TA 36 33.20 -16.95 -9.32
N ARG TA 37 33.51 -16.45 -10.52
CA ARG TA 37 32.60 -16.64 -11.64
C ARG TA 37 32.50 -18.11 -12.01
N ILE TA 38 33.62 -18.83 -12.01
CA ILE TA 38 33.63 -20.26 -12.31
C ILE TA 38 33.61 -21.00 -10.97
N ASN TA 39 32.41 -21.26 -10.48
CA ASN TA 39 32.18 -22.22 -9.43
C ASN TA 39 31.00 -23.09 -9.85
N SER TA 40 30.92 -24.29 -9.28
CA SER TA 40 29.93 -25.27 -9.75
C SER TA 40 30.13 -25.53 -11.25
N ALA TA 41 31.22 -26.22 -11.54
CA ALA TA 41 31.89 -26.25 -12.83
C ALA TA 41 30.96 -26.34 -14.04
N LYS TA 42 29.72 -26.78 -13.83
CA LYS TA 42 28.74 -26.92 -14.90
C LYS TA 42 28.73 -25.73 -15.86
N ASP TA 43 29.07 -24.54 -15.38
CA ASP TA 43 29.28 -23.40 -16.25
C ASP TA 43 30.77 -23.22 -16.51
N ASP TA 44 31.14 -23.16 -17.79
CA ASP TA 44 32.53 -23.00 -18.22
C ASP TA 44 33.41 -24.11 -17.65
N ALA TA 45 33.13 -25.34 -18.09
CA ALA TA 45 33.93 -26.48 -17.66
C ALA TA 45 35.39 -26.34 -18.07
N ALA TA 46 35.63 -25.86 -19.30
CA ALA TA 46 37.00 -25.58 -19.71
C ALA TA 46 37.62 -24.52 -18.83
N GLY TA 47 36.85 -23.48 -18.48
CA GLY TA 47 37.33 -22.49 -17.55
C GLY TA 47 37.66 -23.10 -16.19
N MET TA 48 36.85 -24.07 -15.75
CA MET TA 48 37.14 -24.75 -14.50
C MET TA 48 38.46 -25.50 -14.58
N ALA TA 49 38.70 -26.21 -15.68
CA ALA TA 49 39.96 -26.92 -15.84
C ALA TA 49 41.14 -25.95 -15.87
N ILE TA 50 40.97 -24.82 -16.56
CA ILE TA 50 42.03 -23.82 -16.61
C ILE TA 50 42.33 -23.28 -15.23
N ALA TA 51 41.28 -22.96 -14.46
CA ALA TA 51 41.47 -22.45 -13.11
C ALA TA 51 42.12 -23.49 -12.21
N ASN TA 52 41.72 -24.76 -12.35
CA ASN TA 52 42.33 -25.83 -11.58
C ASN TA 52 43.82 -25.93 -11.87
N ARG TA 53 44.19 -25.94 -13.15
CA ARG TA 53 45.60 -26.03 -13.51
C ARG TA 53 46.37 -24.83 -12.98
N PHE TA 54 45.77 -23.63 -13.09
CA PHE TA 54 46.45 -22.43 -12.60
C PHE TA 54 46.62 -22.47 -11.09
N THR TA 55 45.61 -22.94 -10.36
CA THR TA 55 45.74 -23.05 -8.91
C THR TA 55 46.85 -24.02 -8.53
N ALA TA 56 46.89 -25.18 -9.19
CA ALA TA 56 47.93 -26.15 -8.90
C ALA TA 56 49.30 -25.56 -9.18
N ASN TA 57 49.44 -24.88 -10.32
CA ASN TA 57 50.72 -24.26 -10.67
C ASN TA 57 51.11 -23.19 -9.65
N VAL TA 58 50.14 -22.39 -9.21
CA VAL TA 58 50.44 -21.29 -8.28
C VAL TA 58 50.90 -21.83 -6.94
N ARG TA 59 50.19 -22.84 -6.41
CA ARG TA 59 50.63 -23.43 -5.15
C ARG TA 59 51.99 -24.08 -5.29
N GLY TA 60 52.21 -24.81 -6.40
CA GLY TA 60 53.51 -25.41 -6.62
C GLY TA 60 54.63 -24.39 -6.67
N LEU TA 61 54.39 -23.25 -7.33
CA LEU TA 61 55.43 -22.25 -7.46
C LEU TA 61 55.65 -21.49 -6.15
N THR TA 62 54.61 -21.26 -5.37
CA THR TA 62 54.81 -20.65 -4.05
C THR TA 62 55.64 -21.57 -3.15
N GLN TA 63 55.31 -22.86 -3.15
CA GLN TA 63 56.12 -23.81 -2.39
C GLN TA 63 57.54 -23.89 -2.94
N ALA TA 64 57.68 -23.70 -4.25
CA ALA TA 64 59.01 -23.65 -4.86
C ALA TA 64 59.80 -22.46 -4.35
N ALA TA 65 59.15 -21.30 -4.24
CA ALA TA 65 59.80 -20.12 -3.67
C ALA TA 65 60.23 -20.39 -2.24
N ARG TA 66 59.38 -21.07 -1.47
CA ARG TA 66 59.76 -21.43 -0.10
C ARG TA 66 60.99 -22.34 -0.10
N ASN TA 67 61.00 -23.34 -1.00
CA ASN TA 67 62.14 -24.26 -1.07
C ASN TA 67 63.42 -23.52 -1.44
N ALA TA 68 63.33 -22.61 -2.41
CA ALA TA 68 64.52 -21.86 -2.81
C ALA TA 68 64.98 -20.93 -1.70
N ASN TA 69 64.05 -20.37 -0.92
CA ASN TA 69 64.46 -19.58 0.24
C ASN TA 69 65.20 -20.45 1.25
N ASP TA 70 64.72 -21.68 1.47
CA ASP TA 70 65.45 -22.60 2.34
C ASP TA 70 66.84 -22.88 1.80
N GLY TA 71 66.96 -23.05 0.49
CA GLY TA 71 68.27 -23.25 -0.10
C GLY TA 71 69.18 -22.05 0.08
N ILE TA 72 68.63 -20.84 -0.05
CA ILE TA 72 69.42 -19.64 0.18
C ILE TA 72 69.92 -19.60 1.62
N SER TA 73 69.05 -19.93 2.57
CA SER TA 73 69.46 -19.93 3.97
C SER TA 73 70.54 -20.97 4.23
N LEU TA 74 70.40 -22.16 3.63
CA LEU TA 74 71.43 -23.18 3.77
C LEU TA 74 72.77 -22.70 3.21
N ALA TA 75 72.74 -22.09 2.03
CA ALA TA 75 73.95 -21.54 1.46
C ALA TA 75 74.55 -20.46 2.35
N GLN TA 76 73.69 -19.67 3.00
CA GLN TA 76 74.17 -18.64 3.90
C GLN TA 76 74.93 -19.24 5.08
N THR TA 77 74.35 -20.25 5.72
CA THR TA 77 75.02 -20.89 6.85
C THR TA 77 76.34 -21.50 6.42
N THR TA 78 76.34 -22.21 5.29
CA THR TA 78 77.54 -22.88 4.84
C THR TA 78 78.62 -21.87 4.47
N GLU TA 79 78.22 -20.77 3.84
CA GLU TA 79 79.17 -19.71 3.50
C GLU TA 79 79.75 -19.07 4.74
N GLY TA 80 78.93 -18.86 5.77
CA GLY TA 80 79.47 -18.31 7.02
C GLY TA 80 80.50 -19.23 7.66
N ALA TA 81 80.20 -20.53 7.70
CA ALA TA 81 81.19 -21.48 8.21
C ALA TA 81 82.45 -21.47 7.38
N ALA TA 82 82.31 -21.41 6.05
CA ALA TA 82 83.47 -21.37 5.18
C ALA TA 82 84.31 -20.12 5.42
N SER TA 83 83.65 -18.98 5.64
CA SER TA 83 84.37 -17.74 5.93
C SER TA 83 85.14 -17.85 7.24
N GLU TA 84 84.55 -18.48 8.25
CA GLU TA 84 85.29 -18.67 9.50
C GLU TA 84 86.50 -19.56 9.28
N VAL TA 85 86.34 -20.63 8.49
CA VAL TA 85 87.49 -21.46 8.16
C VAL TA 85 88.53 -20.66 7.39
N ASN TA 86 88.09 -19.73 6.56
CA ASN TA 86 89.02 -18.86 5.84
C ASN TA 86 89.83 -18.00 6.79
N THR TA 87 89.17 -17.45 7.82
CA THR TA 87 89.90 -16.69 8.84
C THR TA 87 90.91 -17.58 9.55
N HIS TA 88 90.52 -18.83 9.85
CA HIS TA 88 91.46 -19.78 10.42
C HIS TA 88 92.66 -20.00 9.51
N LEU TA 89 92.42 -20.13 8.22
CA LEU TA 89 93.51 -20.35 7.27
C LEU TA 89 94.44 -19.15 7.21
N GLN TA 90 93.87 -17.94 7.23
CA GLN TA 90 94.71 -16.74 7.24
C GLN TA 90 95.59 -16.70 8.48
N ARG TA 91 95.01 -17.01 9.64
CA ARG TA 91 95.80 -17.01 10.87
C ARG TA 91 96.89 -18.07 10.81
N ILE TA 92 96.57 -19.26 10.30
CA ILE TA 92 97.54 -20.34 10.20
C ILE TA 92 98.68 -19.93 9.27
N ARG TA 93 98.36 -19.25 8.18
CA ARG TA 93 99.40 -18.79 7.27
C ARG TA 93 100.29 -17.76 7.93
N GLU TA 94 99.72 -16.84 8.70
CA GLU TA 94 100.54 -15.86 9.40
C GLU TA 94 101.47 -16.54 10.40
N LEU TA 95 100.96 -17.53 11.14
CA LEU TA 95 101.83 -18.28 12.04
C LEU TA 95 102.92 -19.03 11.28
N THR TA 96 102.57 -19.60 10.13
CA THR TA 96 103.58 -20.32 9.34
C THR TA 96 104.68 -19.39 8.89
N VAL TA 97 104.31 -18.19 8.44
CA VAL TA 97 105.30 -17.20 8.04
C VAL TA 97 106.17 -16.82 9.23
N GLN TA 98 105.55 -16.61 10.39
CA GLN TA 98 106.31 -16.21 11.57
C GLN TA 98 107.30 -17.30 11.98
N ALA TA 99 106.85 -18.55 12.04
CA ALA TA 99 107.68 -19.63 12.56
C ALA TA 99 108.65 -20.19 11.52
N SER TA 100 108.47 -19.85 10.24
CA SER TA 100 109.45 -20.23 9.24
C SER TA 100 110.78 -19.51 9.45
N ASN TA 101 110.77 -18.41 10.20
CA ASN TA 101 111.99 -17.71 10.53
C ASN TA 101 112.91 -18.59 11.36
N GLY TA 102 114.21 -18.48 11.11
CA GLY TA 102 115.18 -19.33 11.77
C GLY TA 102 115.63 -18.88 13.15
N SER TA 103 115.28 -17.66 13.55
CA SER TA 103 115.72 -17.17 14.85
C SER TA 103 115.02 -17.89 16.00
N TYR TA 104 113.82 -18.40 15.77
CA TYR TA 104 113.05 -19.02 16.84
C TYR TA 104 113.65 -20.36 17.23
N SER TA 105 113.81 -20.59 18.53
CA SER TA 105 114.30 -21.87 19.02
C SER TA 105 113.18 -22.90 19.01
N GLN TA 106 113.48 -24.10 19.51
CA GLN TA 106 112.54 -25.22 19.37
C GLN TA 106 111.29 -25.01 20.22
N GLU TA 107 111.42 -24.39 21.39
CA GLU TA 107 110.27 -24.25 22.28
C GLU TA 107 109.22 -23.31 21.69
N GLN TA 108 109.66 -22.18 21.12
CA GLN TA 108 108.70 -21.28 20.48
C GLN TA 108 108.04 -21.95 19.29
N LEU TA 109 108.80 -22.75 18.54
CA LEU TA 109 108.21 -23.50 17.44
C LEU TA 109 107.18 -24.49 17.94
N ASP TA 110 107.44 -25.10 19.10
CA ASP TA 110 106.47 -26.03 19.69
C ASP TA 110 105.20 -25.30 20.10
N SER TA 111 105.34 -24.11 20.67
CA SER TA 111 104.16 -23.32 21.04
C SER TA 111 103.37 -22.93 19.80
N VAL TA 112 104.05 -22.52 18.73
CA VAL TA 112 103.38 -22.19 17.49
C VAL TA 112 102.67 -23.41 16.93
N GLN TA 113 103.31 -24.58 17.02
CA GLN TA 113 102.69 -25.81 16.54
C GLN TA 113 101.45 -26.15 17.37
N GLY TA 114 101.51 -25.90 18.67
CA GLY TA 114 100.31 -26.08 19.49
C GLY TA 114 99.18 -25.17 19.07
N GLU TA 115 99.50 -23.91 18.77
CA GLU TA 115 98.47 -22.99 18.28
C GLU TA 115 97.90 -23.47 16.95
N ILE TA 116 98.77 -23.94 16.04
CA ILE TA 116 98.31 -24.43 14.75
C ILE TA 116 97.44 -25.67 14.93
N ASN TA 117 97.81 -26.55 15.87
CA ASN TA 117 96.99 -27.72 16.16
C ASN TA 117 95.62 -27.30 16.68
N GLN TA 118 95.58 -26.28 17.54
CA GLN TA 118 94.30 -25.79 18.03
C GLN TA 118 93.45 -25.26 16.88
N ARG TA 119 94.06 -24.51 15.96
CA ARG TA 119 93.33 -24.00 14.81
C ARG TA 119 92.81 -25.13 13.93
N LEU TA 120 93.64 -26.14 13.69
CA LEU TA 120 93.22 -27.27 12.87
C LEU TA 120 92.08 -28.03 13.53
N ALA TA 121 92.16 -28.21 14.85
CA ALA TA 121 91.07 -28.87 15.56
C ALA TA 121 89.79 -28.07 15.46
N ASP TA 122 89.90 -26.73 15.51
CA ASP TA 122 88.71 -25.91 15.33
C ASP TA 122 88.13 -26.06 13.92
N ILE TA 123 89.01 -26.12 12.92
CA ILE TA 123 88.53 -26.32 11.55
C ILE TA 123 87.78 -27.63 11.44
N ASP TA 124 88.35 -28.69 12.03
CA ASP TA 124 87.70 -30.00 11.99
C ASP TA 124 86.37 -29.96 12.74
N ARG TA 125 86.33 -29.25 13.86
CA ARG TA 125 85.08 -29.10 14.61
C ARG TA 125 84.02 -28.40 13.77
N ILE TA 126 84.40 -27.31 13.10
CA ILE TA 126 83.48 -26.60 12.23
C ILE TA 126 82.95 -27.53 11.16
N SER TA 127 83.82 -28.36 10.61
CA SER TA 127 83.40 -29.31 9.59
C SER TA 127 82.37 -30.30 10.15
N GLU TA 128 82.68 -30.90 11.29
CA GLU TA 128 81.81 -31.95 11.82
C GLU TA 128 80.52 -31.42 12.43
N GLN TA 129 80.45 -30.14 12.77
CA GLN TA 129 79.32 -29.64 13.55
C GLN TA 129 78.51 -28.54 12.88
N THR TA 130 78.95 -28.01 11.76
CA THR TA 130 78.13 -27.03 11.04
C THR TA 130 76.88 -27.73 10.54
N ASP TA 131 75.75 -27.49 11.21
CA ASP TA 131 74.53 -28.25 10.98
C ASP TA 131 73.42 -27.33 10.52
N PHE TA 132 72.54 -27.88 9.68
CA PHE TA 132 71.39 -27.15 9.17
C PHE TA 132 70.28 -28.15 8.97
N ASN TA 133 69.27 -28.12 9.85
CA ASN TA 133 68.14 -29.04 9.78
C ASN TA 133 68.62 -30.50 9.80
N GLY TA 134 69.52 -30.81 10.73
CA GLY TA 134 70.04 -32.15 10.83
C GLY TA 134 70.92 -32.59 9.68
N VAL TA 135 71.44 -31.65 8.90
CA VAL TA 135 72.30 -31.94 7.77
C VAL TA 135 73.65 -31.30 8.04
N LYS TA 136 74.70 -32.11 8.12
CA LYS TA 136 76.06 -31.62 8.34
C LYS TA 136 76.59 -31.13 6.99
N VAL TA 137 76.23 -29.89 6.68
CA VAL TA 137 76.44 -29.37 5.33
C VAL TA 137 77.92 -29.25 5.01
N LEU TA 138 78.70 -28.65 5.90
CA LEU TA 138 80.12 -28.47 5.64
C LEU TA 138 80.95 -29.60 6.24
N SER TA 139 80.58 -30.84 5.95
CA SER TA 139 81.22 -31.96 6.62
C SER TA 139 81.81 -32.96 5.63
N ASP TA 140 82.27 -34.10 6.14
CA ASP TA 140 82.85 -35.13 5.30
C ASP TA 140 81.79 -36.06 4.72
N SER TA 141 80.53 -35.93 5.12
CA SER TA 141 79.42 -36.70 4.58
C SER TA 141 78.33 -35.71 4.20
N ALA TA 142 78.42 -35.16 2.98
CA ALA TA 142 77.47 -34.14 2.53
C ALA TA 142 77.34 -34.26 1.01
N LYS TA 143 76.33 -35.00 0.58
CA LYS TA 143 76.04 -35.10 -0.85
C LYS TA 143 75.38 -33.82 -1.33
N PRO TA 144 75.55 -33.48 -2.61
CA PRO TA 144 74.86 -32.31 -3.17
C PRO TA 144 73.35 -32.47 -3.08
N LEU TA 145 72.66 -31.35 -2.85
CA LEU TA 145 71.22 -31.36 -2.63
C LEU TA 145 70.49 -31.16 -3.95
N THR TA 146 69.16 -31.00 -3.88
CA THR TA 146 68.33 -30.88 -5.07
C THR TA 146 67.64 -29.52 -5.18
N LEU TA 147 66.92 -29.10 -4.14
CA LEU TA 147 66.20 -27.83 -4.13
C LEU TA 147 65.19 -27.76 -5.29
N GLN TA 148 64.19 -28.64 -5.20
CA GLN TA 148 63.10 -28.64 -6.17
C GLN TA 148 62.48 -27.25 -6.24
N VAL TA 149 62.59 -26.62 -7.41
CA VAL TA 149 62.09 -25.27 -7.63
C VAL TA 149 61.13 -25.30 -8.82
N GLY TA 150 59.85 -25.50 -8.53
CA GLY TA 150 58.82 -25.44 -9.55
C GLY TA 150 57.98 -26.69 -9.60
N ALA TA 151 56.77 -26.57 -10.14
CA ALA TA 151 55.95 -27.75 -10.38
C ALA TA 151 56.53 -28.56 -11.53
N ASN TA 152 55.87 -29.66 -11.89
CA ASN TA 152 56.28 -30.50 -12.99
C ASN TA 152 57.71 -31.03 -12.77
N ASP TA 153 57.82 -31.89 -11.75
CA ASP TA 153 59.09 -32.42 -11.27
C ASP TA 153 60.02 -32.78 -12.42
N GLY TA 154 61.31 -32.51 -12.21
CA GLY TA 154 62.30 -32.74 -13.23
C GLY TA 154 63.38 -31.69 -13.22
N GLU TA 155 63.22 -30.69 -12.36
CA GLU TA 155 64.16 -29.59 -12.23
C GLU TA 155 64.68 -29.51 -10.80
N THR TA 156 65.98 -29.21 -10.68
CA THR TA 156 66.65 -29.12 -9.40
C THR TA 156 67.71 -28.02 -9.48
N ILE TA 157 68.14 -27.57 -8.32
CA ILE TA 157 69.27 -26.65 -8.20
C ILE TA 157 70.28 -27.34 -7.29
N THR TA 158 71.21 -28.07 -7.90
CA THR TA 158 72.22 -28.79 -7.13
C THR TA 158 73.16 -27.81 -6.43
N LEU TA 159 73.43 -28.07 -5.16
CA LEU TA 159 74.29 -27.18 -4.37
C LEU TA 159 75.77 -27.51 -4.52
N ASN TA 160 76.11 -28.79 -4.62
CA ASN TA 160 77.51 -29.23 -4.78
C ASN TA 160 78.36 -28.72 -3.62
N LEU TA 161 78.00 -29.17 -2.41
CA LEU TA 161 78.66 -28.77 -1.18
C LEU TA 161 79.17 -30.01 -0.47
N SER TA 162 80.45 -29.99 -0.09
CA SER TA 162 81.08 -31.12 0.59
C SER TA 162 82.52 -30.78 0.92
N GLU TA 163 83.05 -31.48 1.94
CA GLU TA 163 84.48 -31.70 2.13
C GLU TA 163 85.25 -30.38 2.32
N ILE TA 164 84.94 -29.70 3.42
CA ILE TA 164 85.77 -28.62 3.94
C ILE TA 164 86.18 -29.01 5.35
N SER TA 165 87.42 -29.47 5.52
CA SER TA 165 87.94 -29.92 6.79
C SER TA 165 89.44 -30.14 6.64
N VAL TA 166 90.11 -30.36 7.77
CA VAL TA 166 91.41 -30.98 7.70
C VAL TA 166 91.23 -32.38 7.10
N LYS TA 167 92.30 -32.87 6.47
CA LYS TA 167 92.37 -34.13 5.74
C LYS TA 167 91.68 -34.01 4.37
N THR TA 168 91.00 -32.91 4.07
CA THR TA 168 90.51 -32.66 2.72
C THR TA 168 90.95 -31.33 2.14
N LEU TA 169 91.30 -30.35 2.97
CA LEU TA 169 92.02 -29.18 2.48
C LEU TA 169 93.48 -29.49 2.16
N GLY TA 170 93.94 -30.70 2.47
CA GLY TA 170 95.25 -31.17 2.08
C GLY TA 170 96.29 -31.12 3.18
N LEU TA 171 96.06 -30.33 4.23
CA LEU TA 171 97.07 -30.22 5.28
C LEU TA 171 97.28 -31.56 5.97
N ASP TA 172 96.29 -31.96 6.78
CA ASP TA 172 96.17 -33.31 7.34
C ASP TA 172 97.32 -33.65 8.27
N GLY TA 173 98.39 -32.87 8.22
CA GLY TA 173 99.57 -33.15 9.02
C GLY TA 173 100.35 -31.90 9.37
N PHE TA 174 99.73 -30.72 9.28
CA PHE TA 174 100.46 -29.47 9.29
C PHE TA 174 101.39 -29.39 10.49
N ASN TA 175 102.69 -29.41 10.24
CA ASN TA 175 103.72 -29.56 11.26
C ASN TA 175 104.77 -28.49 11.00
N VAL TA 176 104.56 -27.31 11.58
CA VAL TA 176 105.47 -26.20 11.31
C VAL TA 176 106.82 -26.44 11.97
N ASN TA 177 106.84 -27.08 13.14
CA ASN TA 177 108.09 -27.47 13.76
C ASN TA 177 108.45 -28.88 13.30
N GLY TA 178 109.43 -29.48 13.93
CA GLY TA 178 109.90 -30.80 13.58
C GLY TA 178 111.37 -30.80 13.27
N LYS TA 179 111.86 -31.95 12.80
CA LYS TA 179 113.28 -32.10 12.51
C LYS TA 179 113.72 -31.28 11.30
N GLY TA 180 112.79 -30.72 10.54
CA GLY TA 180 113.16 -29.94 9.37
C GLY TA 180 113.84 -30.83 8.34
N VAL TA 181 115.07 -30.50 7.99
CA VAL TA 181 115.88 -31.29 7.08
C VAL TA 181 116.90 -32.05 7.92
N THR TA 182 116.74 -33.36 8.01
CA THR TA 182 117.65 -34.18 8.79
C THR TA 182 118.98 -34.33 8.07
N GLN TA 183 120.05 -34.41 8.86
CA GLN TA 183 121.41 -34.58 8.34
C GLN TA 183 121.85 -36.02 8.56
N ASN TA 184 122.18 -36.71 7.47
CA ASN TA 184 122.69 -38.06 7.57
C ASN TA 184 124.11 -38.05 8.14
N ARG TA 185 124.55 -39.20 8.65
CA ARG TA 185 125.88 -39.34 9.21
C ARG TA 185 126.79 -40.03 8.22
N SER TA 186 128.07 -39.64 8.24
CA SER TA 186 129.05 -40.27 7.36
C SER TA 186 129.21 -41.75 7.71
N ALA TA 187 129.24 -42.59 6.68
CA ALA TA 187 129.41 -44.02 6.86
C ALA TA 187 130.86 -44.34 7.23
N THR TA 188 131.07 -45.57 7.67
CA THR TA 188 132.41 -46.04 8.04
C THR TA 188 132.53 -47.50 7.60
N VAL TA 189 133.70 -48.09 7.85
CA VAL TA 189 133.96 -49.45 7.41
C VAL TA 189 133.03 -50.44 8.10
N THR TA 190 132.62 -50.14 9.33
CA THR TA 190 131.73 -51.05 10.05
C THR TA 190 130.41 -51.22 9.31
N ASP TA 191 129.86 -50.11 8.82
CA ASP TA 191 128.58 -50.18 8.09
C ASP TA 191 128.73 -51.01 6.82
N VAL TA 192 129.80 -50.77 6.06
CA VAL TA 192 129.95 -51.47 4.80
C VAL TA 192 130.17 -52.96 5.03
N ILE TA 193 131.00 -53.33 6.01
CA ILE TA 193 131.18 -54.75 6.30
C ILE TA 193 129.91 -55.35 6.91
N ALA TA 194 129.04 -54.51 7.50
CA ALA TA 194 127.75 -55.01 7.93
C ALA TA 194 126.84 -55.28 6.74
N GLN TA 195 127.03 -54.56 5.62
CA GLN TA 195 126.30 -54.91 4.41
C GLN TA 195 126.81 -56.20 3.78
N GLY TA 196 127.96 -56.71 4.21
CA GLY TA 196 128.35 -58.06 3.87
C GLY TA 196 129.10 -58.24 2.57
N GLY TA 197 129.63 -57.17 1.98
CA GLY TA 197 130.45 -57.27 0.80
C GLY TA 197 131.89 -57.63 1.13
N THR TA 198 132.75 -57.51 0.12
CA THR TA 198 134.13 -57.94 0.23
C THR TA 198 135.07 -56.75 0.21
N LEU TA 199 136.23 -56.92 0.84
CA LEU TA 199 137.28 -55.92 0.85
C LEU TA 199 138.39 -56.34 -0.11
N GLN TA 200 139.25 -55.40 -0.44
CA GLN TA 200 140.45 -55.71 -1.20
C GLN TA 200 141.54 -54.71 -0.80
N GLY TA 201 142.61 -54.65 -1.59
CA GLY TA 201 143.71 -53.77 -1.26
C GLY TA 201 143.28 -52.31 -1.19
N ASP TA 202 143.98 -51.55 -0.35
CA ASP TA 202 143.72 -50.14 -0.11
C ASP TA 202 142.33 -49.88 0.48
N GLY TA 203 141.72 -50.90 1.08
CA GLY TA 203 140.45 -50.73 1.74
C GLY TA 203 139.26 -50.57 0.83
N THR TA 204 139.45 -50.62 -0.49
CA THR TA 204 138.34 -50.48 -1.42
C THR TA 204 137.35 -51.63 -1.22
N TYR TA 205 136.07 -51.28 -1.15
CA TYR TA 205 135.02 -52.19 -0.72
C TYR TA 205 134.02 -52.40 -1.84
N LYS TA 206 133.43 -53.59 -1.89
CA LYS TA 206 132.45 -53.95 -2.91
C LYS TA 206 131.10 -54.14 -2.23
N ALA TA 207 130.33 -53.06 -2.13
CA ALA TA 207 129.01 -53.11 -1.52
C ALA TA 207 127.97 -53.47 -2.57
N THR TA 208 127.05 -54.36 -2.20
CA THR TA 208 126.02 -54.86 -3.10
C THR TA 208 124.68 -54.31 -2.66
N THR TA 209 124.02 -53.57 -3.55
CA THR TA 209 122.76 -52.91 -3.26
C THR TA 209 121.63 -53.52 -4.08
N THR TA 210 120.57 -53.96 -3.42
CA THR TA 210 119.40 -54.48 -4.09
C THR TA 210 118.42 -53.36 -4.41
N PHE TA 211 117.62 -53.56 -5.44
CA PHE TA 211 116.71 -52.53 -5.95
C PHE TA 211 115.25 -52.99 -6.00
N ASN TA 212 114.86 -53.90 -5.10
CA ASN TA 212 113.51 -54.46 -5.12
C ASN TA 212 112.49 -53.34 -5.06
N ALA TA 213 111.76 -53.13 -6.16
CA ALA TA 213 110.95 -51.94 -6.34
C ALA TA 213 109.94 -52.21 -7.45
N ALA TA 214 109.36 -51.13 -8.00
CA ALA TA 214 108.36 -51.20 -9.08
C ALA TA 214 107.05 -51.79 -8.57
N SER TA 215 106.60 -51.29 -7.42
CA SER TA 215 105.33 -51.68 -6.83
C SER TA 215 104.23 -50.74 -7.31
N ALA TA 216 103.09 -50.77 -6.63
CA ALA TA 216 101.90 -50.05 -7.11
C ALA TA 216 102.11 -48.54 -7.09
N GLU TA 217 102.72 -48.01 -6.02
CA GLU TA 217 102.77 -46.56 -5.86
C GLU TA 217 103.56 -45.90 -6.99
N THR TA 218 104.51 -46.61 -7.59
CA THR TA 218 105.34 -46.02 -8.62
C THR TA 218 104.95 -46.44 -10.03
N VAL TA 219 104.45 -47.66 -10.22
CA VAL TA 219 104.07 -48.10 -11.56
C VAL TA 219 102.82 -47.36 -12.03
N LEU TA 220 101.81 -47.27 -11.16
CA LEU TA 220 100.56 -46.62 -11.54
C LEU TA 220 100.69 -45.11 -11.67
N SER TA 221 101.81 -44.53 -11.21
CA SER TA 221 102.01 -43.10 -11.37
C SER TA 221 102.18 -42.68 -12.82
N LYS TA 222 102.66 -43.59 -13.68
CA LYS TA 222 102.84 -43.35 -15.10
C LYS TA 222 102.02 -44.39 -15.85
N LEU TA 223 100.80 -44.04 -16.25
CA LEU TA 223 99.92 -44.99 -16.89
C LEU TA 223 98.91 -44.28 -17.78
N GLU TA 224 98.83 -44.70 -19.03
CA GLU TA 224 97.70 -44.35 -19.90
C GLU TA 224 97.18 -45.53 -20.70
N ASP TA 225 97.95 -46.60 -20.89
CA ASP TA 225 97.57 -47.72 -21.73
C ASP TA 225 96.93 -48.82 -20.87
N GLY TA 226 96.77 -50.01 -21.45
CA GLY TA 226 96.00 -51.06 -20.80
C GLY TA 226 96.67 -51.60 -19.56
N ASN TA 227 95.84 -52.12 -18.65
CA ASN TA 227 96.27 -52.72 -17.40
C ASN TA 227 95.41 -53.96 -17.13
N THR TA 228 96.05 -55.05 -16.74
CA THR TA 228 95.37 -56.33 -16.59
C THR TA 228 95.55 -56.87 -15.18
N VAL TA 229 94.49 -57.46 -14.63
CA VAL TA 229 94.57 -58.22 -13.38
C VAL TA 229 93.84 -59.54 -13.58
N ALA TA 230 94.28 -60.56 -12.84
CA ALA TA 230 93.70 -61.89 -12.93
C ALA TA 230 94.22 -62.72 -11.77
N VAL TA 231 93.38 -63.62 -11.26
CA VAL TA 231 93.73 -64.47 -10.13
C VAL TA 231 93.84 -65.91 -10.62
N GLY TA 232 95.01 -66.52 -10.42
CA GLY TA 232 95.21 -67.93 -10.74
C GLY TA 232 94.89 -68.22 -12.20
N GLY TA 233 94.14 -69.29 -12.41
CA GLY TA 233 93.65 -69.67 -13.72
C GLY TA 233 92.26 -69.18 -14.05
N GLY TA 234 91.72 -68.28 -13.24
CA GLY TA 234 90.37 -67.77 -13.45
C GLY TA 234 90.32 -66.74 -14.56
N ALA TA 235 89.22 -66.00 -14.59
CA ALA TA 235 89.00 -65.00 -15.62
C ALA TA 235 90.00 -63.85 -15.48
N THR TA 236 90.28 -63.20 -16.60
CA THR TA 236 91.23 -62.10 -16.67
C THR TA 236 90.47 -60.81 -16.99
N TYR TA 237 90.82 -59.72 -16.31
CA TYR TA 237 90.17 -58.44 -16.48
C TYR TA 237 91.18 -57.39 -16.88
N THR TA 238 90.80 -56.54 -17.82
CA THR TA 238 91.68 -55.54 -18.41
C THR TA 238 91.13 -54.14 -18.14
N TYR TA 239 92.06 -53.20 -17.94
CA TYR TA 239 91.72 -51.83 -17.58
C TYR TA 239 92.37 -50.87 -18.56
N ASP TA 240 91.83 -49.66 -18.63
CA ASP TA 240 92.37 -48.60 -19.50
C ASP TA 240 92.26 -47.28 -18.76
N ALA TA 241 93.41 -46.71 -18.40
CA ALA TA 241 93.45 -45.45 -17.66
C ALA TA 241 93.22 -44.29 -18.63
N ALA TA 242 91.99 -43.79 -18.68
CA ALA TA 242 91.63 -42.67 -19.53
C ALA TA 242 90.91 -41.62 -18.71
N LYS TA 243 91.37 -40.36 -18.82
CA LYS TA 243 90.77 -39.23 -18.11
C LYS TA 243 90.75 -39.46 -16.60
N GLY TA 244 91.81 -40.06 -16.08
CA GLY TA 244 91.94 -40.29 -14.66
C GLY TA 244 91.15 -41.47 -14.11
N ASN TA 245 90.52 -42.26 -14.98
CA ASN TA 245 89.71 -43.38 -14.54
C ASN TA 245 90.00 -44.58 -15.43
N PHE TA 246 89.68 -45.76 -14.92
CA PHE TA 246 89.88 -47.01 -15.64
C PHE TA 246 88.55 -47.54 -16.13
N THR TA 247 88.49 -47.87 -17.42
CA THR TA 247 87.25 -48.34 -18.04
C THR TA 247 87.11 -49.84 -17.84
N TYR TA 248 86.81 -50.21 -16.60
CA TYR TA 248 86.58 -51.61 -16.28
C TYR TA 248 85.29 -52.10 -16.92
N THR TA 249 85.32 -53.32 -17.44
CA THR TA 249 84.14 -54.00 -17.97
C THR TA 249 83.90 -55.24 -17.12
N LYS TA 250 82.77 -55.27 -16.42
CA LYS TA 250 82.42 -56.40 -15.58
C LYS TA 250 82.04 -57.57 -16.48
N THR TA 251 82.99 -58.47 -16.72
CA THR TA 251 82.77 -59.62 -17.58
C THR TA 251 82.26 -60.79 -16.77
N VAL TA 252 81.13 -61.36 -17.20
CA VAL TA 252 80.59 -62.53 -16.53
C VAL TA 252 81.59 -63.68 -16.62
N ASP TA 253 81.65 -64.48 -15.56
CA ASP TA 253 82.34 -65.75 -15.65
C ASP TA 253 81.70 -66.59 -16.75
N THR TA 254 82.53 -67.24 -17.56
CA THR TA 254 81.99 -67.95 -18.72
C THR TA 254 81.68 -69.40 -18.36
N THR TA 255 82.73 -70.18 -18.07
CA THR TA 255 82.65 -71.48 -17.39
C THR TA 255 81.40 -72.29 -17.69
N VAL TA 256 81.00 -72.40 -18.96
CA VAL TA 256 79.74 -73.03 -19.33
C VAL TA 256 79.90 -73.82 -20.62
N GLY TA 257 79.28 -74.99 -20.67
CA GLY TA 257 79.05 -75.72 -21.90
C GLY TA 257 77.64 -75.47 -22.37
N ALA TA 258 76.73 -76.39 -22.08
CA ALA TA 258 75.31 -76.20 -22.38
C ALA TA 258 74.53 -75.66 -21.19
N ASP TA 259 75.18 -75.34 -20.07
CA ASP TA 259 74.49 -74.89 -18.87
C ASP TA 259 74.42 -73.37 -18.82
N VAL TA 260 73.60 -72.83 -19.73
CA VAL TA 260 73.38 -71.40 -19.83
C VAL TA 260 72.73 -70.84 -18.56
N THR TA 261 72.06 -71.70 -17.79
CA THR TA 261 71.38 -71.24 -16.58
C THR TA 261 72.35 -70.61 -15.59
N ALA TA 262 73.61 -71.04 -15.58
CA ALA TA 262 74.59 -70.44 -14.69
C ALA TA 262 74.78 -68.96 -15.01
N LEU TA 263 74.98 -68.63 -16.29
CA LEU TA 263 75.11 -67.24 -16.67
C LEU TA 263 73.82 -66.46 -16.44
N ALA TA 264 72.68 -67.08 -16.74
CA ALA TA 264 71.41 -66.39 -16.54
C ALA TA 264 71.20 -66.03 -15.07
N ASN TA 265 71.47 -66.98 -14.18
CA ASN TA 265 71.29 -66.77 -12.75
C ASN TA 265 72.43 -65.98 -12.12
N LYS TA 266 73.54 -65.78 -12.84
CA LYS TA 266 74.52 -64.81 -12.38
C LYS TA 266 74.11 -63.39 -12.75
N ILE TA 267 73.50 -63.23 -13.93
CA ILE TA 267 73.01 -61.91 -14.33
C ILE TA 267 71.81 -61.51 -13.49
N LYS TA 268 70.94 -62.46 -13.17
CA LYS TA 268 69.67 -62.16 -12.49
C LYS TA 268 69.81 -61.33 -11.22
N PRO TA 269 70.71 -61.64 -10.28
CA PRO TA 269 70.76 -60.85 -9.04
C PRO TA 269 71.12 -59.39 -9.27
N SER TA 270 71.78 -59.05 -10.37
CA SER TA 270 72.08 -57.67 -10.66
C SER TA 270 70.81 -56.84 -10.89
N SER TA 271 69.71 -57.50 -11.25
CA SER TA 271 68.44 -56.82 -11.45
C SER TA 271 67.28 -57.64 -10.90
N GLY TA 272 67.51 -58.39 -9.83
CA GLY TA 272 66.50 -59.30 -9.30
C GLY TA 272 65.41 -58.62 -8.49
N THR TA 273 64.63 -57.75 -9.11
CA THR TA 273 63.53 -57.07 -8.45
C THR TA 273 62.53 -56.66 -9.52
N ILE TA 274 61.27 -56.52 -9.11
CA ILE TA 274 60.22 -56.08 -10.02
C ILE TA 274 60.46 -54.62 -10.38
N SER TA 275 60.66 -54.34 -11.66
CA SER TA 275 60.96 -52.99 -12.13
C SER TA 275 60.26 -52.80 -13.48
N GLY TA 276 60.55 -51.68 -14.12
CA GLY TA 276 59.94 -51.35 -15.40
C GLY TA 276 60.91 -50.57 -16.27
N SER TA 277 60.44 -50.23 -17.47
CA SER TA 277 61.21 -49.49 -18.46
C SER TA 277 62.50 -50.21 -18.84
N TYR TA 278 62.51 -51.54 -18.74
CA TYR TA 278 63.66 -52.30 -19.18
C TYR TA 278 63.83 -52.17 -20.69
N GLU TA 279 65.08 -52.20 -21.13
CA GLU TA 279 65.43 -52.06 -22.54
C GLU TA 279 66.01 -53.39 -23.01
N ILE TA 280 65.21 -54.15 -23.75
CA ILE TA 280 65.64 -55.40 -24.33
C ILE TA 280 66.03 -55.11 -25.78
N SER TA 281 67.32 -54.95 -26.03
CA SER TA 281 67.84 -54.66 -27.36
C SER TA 281 68.52 -55.93 -27.85
N THR TA 282 67.73 -56.83 -28.43
CA THR TA 282 68.23 -58.06 -29.03
C THR TA 282 68.22 -57.92 -30.54
N GLY TA 283 68.89 -58.86 -31.20
CA GLY TA 283 69.05 -58.78 -32.63
C GLY TA 283 69.89 -57.58 -33.03
N LYS TA 284 69.29 -56.62 -33.70
CA LYS TA 284 70.03 -55.44 -34.13
C LYS TA 284 69.39 -54.13 -33.72
N SER TA 285 68.07 -54.01 -33.84
CA SER TA 285 67.38 -52.75 -33.59
C SER TA 285 66.10 -52.98 -32.80
N ALA TA 286 66.18 -53.79 -31.75
CA ALA TA 286 65.00 -54.06 -30.93
C ALA TA 286 64.52 -52.79 -30.24
N SER TA 287 65.35 -52.25 -29.35
CA SER TA 287 65.06 -51.00 -28.63
C SER TA 287 63.68 -51.03 -27.98
N PHE TA 288 63.55 -51.91 -26.99
CA PHE TA 288 62.28 -52.11 -26.30
C PHE TA 288 62.15 -51.19 -25.08
N ASP TA 289 60.91 -51.03 -24.64
CA ASP TA 289 60.57 -50.34 -23.39
C ASP TA 289 59.55 -51.22 -22.68
N VAL TA 290 60.02 -52.18 -21.87
CA VAL TA 290 59.18 -53.23 -21.33
C VAL TA 290 59.16 -53.14 -19.81
N ASP TA 291 58.30 -53.94 -19.20
CA ASP TA 291 58.18 -54.07 -17.76
C ASP TA 291 58.43 -55.51 -17.36
N ALA TA 292 58.82 -55.71 -16.10
CA ALA TA 292 59.14 -57.05 -15.60
C ALA TA 292 58.67 -57.18 -14.16
N ALA TA 293 57.79 -58.15 -13.92
CA ALA TA 293 57.31 -58.49 -12.58
C ALA TA 293 57.43 -60.00 -12.36
N GLY TA 294 58.58 -60.54 -12.71
CA GLY TA 294 58.74 -61.98 -12.84
C GLY TA 294 58.38 -62.51 -14.20
N LYS TA 295 57.98 -61.64 -15.13
CA LYS TA 295 57.59 -62.03 -16.47
C LYS TA 295 57.64 -60.80 -17.36
N ILE TA 296 58.34 -60.91 -18.49
CA ILE TA 296 58.57 -59.75 -19.35
C ILE TA 296 57.28 -59.36 -20.05
N THR TA 297 56.94 -58.09 -20.02
CA THR TA 297 55.78 -57.57 -20.72
C THR TA 297 55.96 -56.09 -21.01
N ILE TA 298 55.34 -55.63 -22.08
CA ILE TA 298 55.34 -54.22 -22.43
C ILE TA 298 53.96 -53.66 -22.08
N GLY TA 299 53.87 -52.33 -22.05
CA GLY TA 299 52.65 -51.67 -21.60
C GLY TA 299 51.42 -52.05 -22.40
N GLY TA 300 50.52 -52.80 -21.77
CA GLY TA 300 49.30 -53.23 -22.40
C GLY TA 300 49.37 -54.50 -23.23
N ASN TA 301 50.49 -55.24 -23.15
CA ASN TA 301 50.67 -56.42 -23.99
C ASN TA 301 51.33 -57.51 -23.15
N ALA TA 302 51.77 -58.57 -23.82
CA ALA TA 302 52.37 -59.72 -23.16
C ALA TA 302 53.83 -59.97 -23.52
N ALA TA 303 54.25 -59.63 -24.74
CA ALA TA 303 55.66 -59.69 -25.16
C ALA TA 303 56.21 -61.10 -25.03
N PHE TA 304 55.65 -62.00 -25.83
CA PHE TA 304 56.14 -63.37 -25.89
C PHE TA 304 57.50 -63.43 -26.58
N LEU TA 305 58.15 -64.59 -26.47
CA LEU TA 305 59.43 -64.85 -27.11
C LEU TA 305 59.22 -65.71 -28.34
N ASN TA 306 59.95 -65.41 -29.41
CA ASN TA 306 59.78 -66.10 -30.68
C ASN TA 306 61.13 -66.43 -31.30
N ALA TA 307 61.07 -67.15 -32.42
CA ALA TA 307 62.21 -67.33 -33.32
C ALA TA 307 63.39 -68.00 -32.62
N ASP TA 308 63.17 -69.26 -32.25
CA ASP TA 308 64.27 -70.07 -31.73
C ASP TA 308 65.42 -70.08 -32.71
N GLY TA 309 66.63 -69.83 -32.21
CA GLY TA 309 67.79 -69.59 -33.03
C GLY TA 309 68.01 -68.12 -33.36
N GLU TA 310 66.94 -67.32 -33.41
CA GLU TA 310 67.03 -65.88 -33.58
C GLU TA 310 66.59 -65.12 -32.33
N LEU TA 311 65.59 -65.63 -31.62
CA LEU TA 311 65.26 -65.20 -30.27
C LEU TA 311 64.90 -63.71 -30.21
N THR TA 312 63.79 -63.37 -30.86
CA THR TA 312 63.24 -62.03 -30.83
C THR TA 312 61.97 -62.03 -29.97
N THR TA 313 61.88 -61.04 -29.08
CA THR TA 313 60.75 -60.93 -28.16
C THR TA 313 59.62 -60.16 -28.85
N ASN TA 314 58.46 -60.80 -28.99
CA ASN TA 314 57.39 -60.22 -29.76
C ASN TA 314 56.04 -60.63 -29.16
N ASP TA 315 55.10 -59.69 -29.15
CA ASP TA 315 53.80 -59.95 -28.56
C ASP TA 315 52.96 -60.91 -29.41
N ALA TA 316 53.28 -61.06 -30.69
CA ALA TA 316 52.53 -61.95 -31.56
C ALA TA 316 53.02 -63.38 -31.35
N SER TA 317 52.09 -64.27 -31.00
CA SER TA 317 52.45 -65.65 -30.72
C SER TA 317 52.71 -66.42 -32.00
N GLY TA 318 53.65 -67.37 -31.93
CA GLY TA 318 53.94 -68.22 -33.07
C GLY TA 318 53.87 -69.70 -32.74
N ALA TA 319 52.98 -70.06 -31.81
CA ALA TA 319 52.74 -71.42 -31.32
C ALA TA 319 53.90 -72.01 -30.54
N LEU TA 320 55.01 -71.28 -30.39
CA LEU TA 320 56.18 -71.74 -29.66
C LEU TA 320 56.69 -70.64 -28.74
N THR TA 321 55.77 -70.02 -28.00
CA THR TA 321 56.08 -68.84 -27.20
C THR TA 321 56.13 -69.17 -25.72
N GLN TA 322 57.04 -68.50 -25.02
CA GLN TA 322 57.25 -68.71 -23.59
C GLN TA 322 57.03 -67.46 -22.76
N ALA TA 323 57.62 -66.32 -23.15
CA ALA TA 323 57.46 -65.05 -22.45
C ALA TA 323 57.90 -65.15 -21.00
N THR TA 324 59.19 -65.42 -20.80
CA THR TA 324 59.77 -65.53 -19.48
C THR TA 324 61.04 -64.70 -19.41
N LEU TA 325 61.24 -64.01 -18.28
CA LEU TA 325 62.45 -63.20 -18.11
C LEU TA 325 63.69 -64.06 -18.10
N ASP TA 326 63.63 -65.24 -17.47
CA ASP TA 326 64.75 -66.17 -17.54
C ASP TA 326 65.00 -66.60 -18.98
N ASP TA 327 63.93 -66.86 -19.73
CA ASP TA 327 64.07 -67.20 -21.13
C ASP TA 327 64.69 -66.06 -21.92
N VAL TA 328 64.28 -64.82 -21.63
CA VAL TA 328 64.87 -63.67 -22.31
C VAL TA 328 66.35 -63.59 -22.02
N LEU TA 329 66.73 -63.70 -20.74
CA LEU TA 329 68.14 -63.53 -20.37
C LEU TA 329 69.00 -64.65 -20.94
N THR TA 330 68.50 -65.89 -20.95
CA THR TA 330 69.24 -66.96 -21.61
C THR TA 330 69.35 -66.69 -23.10
N SER TA 331 68.27 -66.22 -23.72
CA SER TA 331 68.27 -65.97 -25.15
C SER TA 331 69.19 -64.81 -25.51
N VAL TA 332 69.05 -63.69 -24.82
CA VAL TA 332 69.67 -62.44 -25.26
C VAL TA 332 71.19 -62.55 -25.22
N GLY TA 333 71.81 -62.55 -26.40
CA GLY TA 333 73.24 -62.52 -26.53
C GLY TA 333 73.99 -63.62 -25.82
N THR TA 334 73.24 -64.52 -25.17
CA THR TA 334 73.84 -65.54 -24.34
C THR TA 334 73.67 -66.93 -24.92
N GLU TA 335 72.74 -67.12 -25.85
CA GLU TA 335 72.68 -68.35 -26.64
C GLU TA 335 72.88 -68.12 -28.13
N ALA TA 336 72.10 -67.22 -28.74
CA ALA TA 336 72.12 -67.15 -30.21
C ALA TA 336 72.08 -65.70 -30.72
N ASN TA 337 72.55 -64.74 -29.92
CA ASN TA 337 72.62 -63.36 -30.37
C ASN TA 337 74.01 -62.80 -30.08
N SER TA 338 74.39 -61.80 -30.88
CA SER TA 338 75.68 -61.16 -30.75
C SER TA 338 75.51 -59.65 -30.81
N SER TA 339 76.37 -58.95 -30.07
CA SER TA 339 76.35 -57.48 -30.02
C SER TA 339 74.98 -56.94 -29.64
N VAL TA 340 74.35 -57.59 -28.67
CA VAL TA 340 73.06 -57.18 -28.16
C VAL TA 340 73.19 -56.87 -26.67
N THR TA 341 72.19 -56.18 -26.13
CA THR TA 341 72.28 -55.64 -24.78
C THR TA 341 70.94 -55.78 -24.08
N ILE TA 342 71.00 -55.77 -22.75
CA ILE TA 342 69.83 -55.61 -21.90
C ILE TA 342 69.99 -54.27 -21.18
N GLY TA 343 69.31 -53.25 -21.66
CA GLY TA 343 69.41 -51.92 -21.11
C GLY TA 343 68.39 -51.65 -20.03
N GLY TA 344 68.07 -50.37 -19.87
CA GLY TA 344 67.11 -49.96 -18.86
C GLY TA 344 67.66 -50.03 -17.45
N THR TA 345 67.11 -49.24 -16.55
CA THR TA 345 67.50 -49.24 -15.14
C THR TA 345 69.01 -48.99 -15.00
N LYS TA 346 69.51 -48.02 -15.77
CA LYS TA 346 70.89 -47.52 -15.71
C LYS TA 346 71.94 -48.65 -15.72
N TYR TA 347 71.68 -49.68 -16.52
CA TYR TA 347 72.73 -50.63 -16.85
C TYR TA 347 72.49 -51.12 -18.28
N SER TA 348 73.54 -51.69 -18.87
CA SER TA 348 73.44 -52.22 -20.23
C SER TA 348 74.33 -53.45 -20.31
N HIS TA 349 73.73 -54.63 -20.15
CA HIS TA 349 74.46 -55.90 -20.19
C HIS TA 349 74.71 -56.27 -21.65
N SER TA 350 75.76 -55.70 -22.20
CA SER TA 350 76.20 -56.06 -23.54
C SER TA 350 76.71 -57.49 -23.56
N ALA TA 351 76.48 -58.18 -24.67
CA ALA TA 351 76.90 -59.58 -24.83
C ALA TA 351 78.08 -59.62 -25.78
N ALA TA 352 79.26 -59.94 -25.24
CA ALA TA 352 80.45 -60.00 -26.07
C ALA TA 352 80.49 -61.27 -26.92
N ASP TA 353 79.98 -62.39 -26.39
CA ASP TA 353 80.03 -63.66 -27.07
C ASP TA 353 78.70 -64.39 -26.92
N GLU TA 354 78.39 -65.23 -27.91
CA GLU TA 354 77.22 -66.09 -27.87
C GLU TA 354 77.64 -67.54 -27.64
N LEU TA 355 76.70 -68.33 -27.15
CA LEU TA 355 76.95 -69.71 -26.75
C LEU TA 355 76.48 -70.64 -27.86
N SER TA 356 77.42 -71.16 -28.64
CA SER TA 356 77.13 -72.19 -29.63
C SER TA 356 76.88 -73.54 -29.00
N TYR TA 357 76.75 -73.60 -27.68
CA TYR TA 357 76.61 -74.80 -26.85
C TYR TA 357 77.89 -75.61 -26.81
N THR TA 358 78.91 -75.22 -27.58
CA THR TA 358 80.28 -75.71 -27.42
C THR TA 358 81.22 -74.60 -27.01
N ALA TA 359 81.25 -73.51 -27.78
CA ALA TA 359 81.93 -72.29 -27.35
C ALA TA 359 81.06 -71.55 -26.34
N VAL TA 360 81.70 -70.97 -25.35
CA VAL TA 360 81.00 -70.37 -24.22
C VAL TA 360 80.69 -68.92 -24.52
N ALA TA 361 79.54 -68.46 -24.02
CA ALA TA 361 79.12 -67.07 -24.18
C ALA TA 361 79.61 -66.22 -23.02
N THR TA 362 79.51 -64.91 -23.20
CA THR TA 362 79.84 -63.98 -22.14
C THR TA 362 79.08 -62.67 -22.37
N THR TA 363 78.46 -62.16 -21.32
CA THR TA 363 77.82 -60.86 -21.31
C THR TA 363 78.52 -59.96 -20.30
N ALA TA 364 78.70 -58.70 -20.67
CA ALA TA 364 79.43 -57.78 -19.81
C ALA TA 364 78.76 -56.42 -19.83
N ASP TA 365 78.81 -55.75 -18.69
CA ASP TA 365 78.37 -54.37 -18.55
C ASP TA 365 79.57 -53.52 -18.20
N VAL TA 366 79.68 -52.36 -18.84
CA VAL TA 366 80.81 -51.49 -18.57
C VAL TA 366 80.45 -50.64 -17.35
N LEU TA 367 80.68 -51.19 -16.16
CA LEU TA 367 80.37 -50.48 -14.93
C LEU TA 367 81.31 -49.31 -14.70
N SER TA 368 82.46 -49.27 -15.39
CA SER TA 368 83.54 -48.36 -15.07
C SER TA 368 83.95 -48.47 -13.62
N ALA TA 369 83.67 -49.61 -12.99
CA ALA TA 369 83.96 -49.81 -11.59
C ALA TA 369 85.47 -49.76 -11.34
N MET TA 370 85.84 -49.55 -10.08
CA MET TA 370 87.24 -49.44 -9.68
C MET TA 370 87.90 -48.28 -10.42
N GLY TA 371 87.08 -47.31 -10.83
CA GLY TA 371 87.48 -46.27 -11.76
C GLY TA 371 88.71 -45.48 -11.37
N SER TA 372 88.66 -44.83 -10.21
CA SER TA 372 89.80 -44.06 -9.75
C SER TA 372 91.02 -44.96 -9.58
N SER TA 373 92.19 -44.45 -9.97
CA SER TA 373 93.41 -45.21 -9.87
C SER TA 373 93.71 -45.63 -8.44
N THR TA 374 93.18 -44.89 -7.46
CA THR TA 374 93.33 -45.30 -6.07
C THR TA 374 92.67 -46.64 -5.82
N ALA TA 375 91.48 -46.86 -6.39
CA ALA TA 375 90.80 -48.14 -6.23
C ALA TA 375 91.58 -49.27 -6.87
N VAL TA 376 92.10 -49.05 -8.09
CA VAL TA 376 92.89 -50.09 -8.74
C VAL TA 376 94.10 -50.42 -7.90
N SER TA 377 94.80 -49.39 -7.42
CA SER TA 377 95.98 -49.62 -6.59
C SER TA 377 95.63 -50.41 -5.33
N THR TA 378 94.57 -49.99 -4.64
CA THR TA 378 94.21 -50.65 -3.38
C THR TA 378 93.84 -52.10 -3.61
N VAL TA 379 93.14 -52.40 -4.71
CA VAL TA 379 92.76 -53.78 -4.98
C VAL TA 379 93.98 -54.62 -5.34
N THR TA 380 94.85 -54.10 -6.21
CA THR TA 380 96.03 -54.87 -6.57
C THR TA 380 97.09 -54.88 -5.46
N LEU TA 381 97.11 -53.85 -4.62
CA LEU TA 381 98.00 -53.81 -3.45
C LEU TA 381 97.32 -54.56 -2.30
N GLY TA 382 97.33 -55.88 -2.41
CA GLY TA 382 96.64 -56.72 -1.45
C GLY TA 382 95.46 -57.46 -2.08
N SER TA 383 95.66 -58.74 -2.34
CA SER TA 383 94.66 -59.56 -3.01
C SER TA 383 94.94 -61.02 -2.65
N GLY TA 384 94.44 -61.94 -3.46
CA GLY TA 384 94.66 -63.35 -3.24
C GLY TA 384 95.84 -63.84 -4.05
N ILE TA 385 95.57 -64.54 -5.15
CA ILE TA 385 96.62 -64.93 -6.08
C ILE TA 385 96.48 -64.06 -7.32
N THR TA 386 95.93 -62.87 -7.15
CA THR TA 386 95.66 -61.96 -8.27
C THR TA 386 96.95 -61.27 -8.70
N SER TA 387 97.58 -61.82 -9.74
CA SER TA 387 98.82 -61.27 -10.28
C SER TA 387 98.48 -60.26 -11.38
N ALA TA 388 98.80 -59.00 -11.13
CA ALA TA 388 98.49 -57.94 -12.08
C ALA TA 388 99.60 -57.81 -13.13
N ALA TA 389 99.28 -57.08 -14.19
CA ALA TA 389 100.26 -56.75 -15.23
C ALA TA 389 99.87 -55.41 -15.83
N VAL TA 390 100.85 -54.52 -15.98
CA VAL TA 390 100.60 -53.15 -16.40
C VAL TA 390 101.34 -52.88 -17.70
N THR TA 391 100.62 -52.43 -18.71
CA THR TA 391 101.18 -51.99 -19.98
C THR TA 391 101.06 -50.48 -20.04
N PHE TA 392 102.18 -49.78 -19.90
CA PHE TA 392 102.11 -48.35 -19.60
C PHE TA 392 103.08 -47.52 -20.43
N ALA TA 393 103.27 -47.85 -21.71
CA ALA TA 393 104.14 -47.07 -22.57
C ALA TA 393 103.51 -46.96 -23.95
N ILE TA 394 104.27 -46.37 -24.88
CA ILE TA 394 103.85 -46.24 -26.26
C ILE TA 394 104.05 -47.59 -26.96
N ALA TA 395 103.09 -47.97 -27.80
CA ALA TA 395 103.05 -49.33 -28.36
C ALA TA 395 104.34 -49.69 -29.06
N THR TA 396 105.04 -48.72 -29.64
CA THR TA 396 106.34 -49.01 -30.23
C THR TA 396 107.39 -49.27 -29.16
N THR TA 397 107.32 -48.55 -28.05
CA THR TA 397 108.34 -48.64 -27.00
C THR TA 397 107.73 -49.12 -25.69
N ASP TA 398 106.88 -50.13 -25.77
CA ASP TA 398 106.12 -50.61 -24.62
C ASP TA 398 106.63 -51.96 -24.17
N SER TA 399 106.33 -52.27 -22.90
CA SER TA 399 106.55 -53.58 -22.33
C SER TA 399 105.58 -53.76 -21.17
N ASN TA 400 105.73 -54.85 -20.42
CA ASN TA 400 104.84 -55.16 -19.32
C ASN TA 400 105.66 -55.51 -18.09
N ASN TA 401 105.03 -55.34 -16.93
CA ASN TA 401 105.61 -55.76 -15.66
C ASN TA 401 104.65 -56.73 -14.98
N THR TA 402 105.17 -57.86 -14.51
CA THR TA 402 104.36 -58.78 -13.73
C THR TA 402 104.31 -58.30 -12.28
N TRP TA 403 103.29 -58.77 -11.57
CA TRP TA 403 103.02 -58.23 -10.24
C TRP TA 403 102.83 -59.37 -9.24
N VAL TA 404 103.35 -59.16 -8.03
CA VAL TA 404 103.13 -60.10 -6.94
C VAL TA 404 101.75 -59.85 -6.35
N ASP TA 405 101.01 -60.94 -6.12
CA ASP TA 405 99.58 -60.85 -5.83
C ASP TA 405 99.30 -60.06 -4.57
N ASN TA 406 99.95 -60.41 -3.47
CA ASN TA 406 99.57 -59.88 -2.15
C ASN TA 406 100.20 -58.54 -1.82
N LYS TA 407 101.16 -58.07 -2.62
CA LYS TA 407 101.77 -56.77 -2.36
C LYS TA 407 101.96 -55.92 -3.60
N GLY TA 408 101.59 -56.40 -4.79
CA GLY TA 408 101.68 -55.59 -5.98
C GLY TA 408 103.08 -55.20 -6.39
N GLU TA 409 104.09 -55.81 -5.78
CA GLU TA 409 105.48 -55.54 -6.09
C GLU TA 409 105.97 -56.53 -7.14
N LEU TA 410 107.12 -56.23 -7.74
CA LEU TA 410 107.69 -57.06 -8.79
C LEU TA 410 109.11 -57.46 -8.40
N THR TA 411 109.42 -58.74 -8.53
CA THR TA 411 110.77 -59.25 -8.28
C THR TA 411 111.61 -59.26 -9.55
N ASP TA 412 111.02 -59.59 -10.70
CA ASP TA 412 111.78 -59.70 -11.93
C ASP TA 412 112.40 -58.37 -12.35
N ILE TA 413 111.61 -57.30 -12.30
CA ILE TA 413 112.06 -55.99 -12.75
C ILE TA 413 112.17 -55.08 -11.54
N GLN TA 414 113.36 -54.55 -11.32
CA GLN TA 414 113.65 -53.63 -10.23
C GLN TA 414 113.75 -52.22 -10.79
N THR TA 415 114.08 -51.27 -9.90
CA THR TA 415 114.31 -49.89 -10.31
C THR TA 415 115.61 -49.40 -9.69
N PHE TA 416 116.49 -48.87 -10.53
CA PHE TA 416 117.70 -48.22 -10.05
C PHE TA 416 117.33 -46.97 -9.25
N ASP TA 417 118.34 -46.38 -8.61
CA ASP TA 417 118.12 -45.17 -7.82
C ASP TA 417 117.42 -44.08 -8.64
N THR TA 418 117.71 -44.01 -9.93
CA THR TA 418 117.12 -43.01 -10.80
C THR TA 418 116.44 -43.59 -12.03
N SER TA 419 116.32 -44.91 -12.15
CA SER TA 419 115.87 -45.51 -13.40
C SER TA 419 115.28 -46.88 -13.14
N TYR TA 420 114.62 -47.43 -14.16
CA TYR TA 420 113.95 -48.73 -14.09
C TYR TA 420 114.85 -49.79 -14.70
N LYS TA 421 115.74 -50.38 -13.90
CA LYS TA 421 116.68 -51.38 -14.37
C LYS TA 421 116.31 -52.76 -13.85
N ILE TA 422 116.34 -53.74 -14.74
CA ILE TA 422 116.09 -55.12 -14.34
C ILE TA 422 117.18 -55.63 -13.40
N ASN TA 423 118.43 -55.19 -13.61
CA ASN TA 423 119.53 -55.64 -12.77
C ASN TA 423 119.31 -55.22 -11.33
N ALA TA 424 118.99 -56.18 -10.46
CA ALA TA 424 118.66 -55.88 -9.08
C ALA TA 424 119.86 -55.40 -8.28
N ASP TA 425 121.07 -55.79 -8.67
CA ASP TA 425 122.27 -55.47 -7.91
C ASP TA 425 123.32 -54.85 -8.82
N THR TA 426 123.95 -53.77 -8.34
CA THR TA 426 124.98 -53.07 -9.08
C THR TA 426 126.39 -53.28 -8.55
N GLY TA 427 126.55 -53.66 -7.29
CA GLY TA 427 127.88 -53.82 -6.74
C GLY TA 427 128.63 -52.50 -6.61
N GLU TA 428 128.01 -51.52 -5.97
CA GLU TA 428 128.64 -50.21 -5.79
C GLU TA 428 129.97 -50.37 -5.06
N VAL TA 429 130.95 -49.56 -5.48
CA VAL TA 429 132.33 -49.68 -5.01
C VAL TA 429 132.66 -48.45 -4.18
N THR TA 430 132.89 -48.65 -2.88
CA THR TA 430 133.25 -47.58 -1.97
C THR TA 430 134.63 -47.85 -1.39
N VAL TA 431 135.36 -46.77 -1.09
CA VAL TA 431 136.70 -46.86 -0.53
C VAL TA 431 136.68 -46.20 0.84
N VAL TA 432 137.25 -46.89 1.83
CA VAL TA 432 137.37 -46.35 3.18
C VAL TA 432 138.64 -45.50 3.22
N GLY TA 433 138.48 -44.18 3.11
CA GLY TA 433 139.61 -43.28 3.15
C GLY TA 433 140.36 -43.39 4.46
N ASP TA 434 141.56 -43.95 4.42
CA ASP TA 434 142.32 -44.19 5.63
C ASP TA 434 142.70 -42.87 6.29
N ASN TA 435 142.76 -42.89 7.62
CA ASN TA 435 143.05 -41.76 8.49
C ASN TA 435 141.92 -40.72 8.49
N SER TA 436 140.86 -40.94 7.71
CA SER TA 436 139.68 -40.08 7.74
C SER TA 436 138.41 -40.82 8.10
N ALA TA 437 138.38 -42.15 7.98
CA ALA TA 437 137.23 -42.97 8.37
C ALA TA 437 135.95 -42.56 7.65
N THR TA 438 136.06 -42.20 6.37
CA THR TA 438 134.89 -41.84 5.57
C THR TA 438 134.89 -42.68 4.29
N ALA TA 439 133.76 -43.34 4.03
CA ALA TA 439 133.64 -44.22 2.87
C ALA TA 439 133.42 -43.38 1.61
N GLY TA 440 134.52 -42.95 1.02
CA GLY TA 440 134.44 -42.22 -0.24
C GLY TA 440 133.96 -43.12 -1.36
N GLN TA 441 133.19 -42.53 -2.28
CA GLN TA 441 132.70 -43.28 -3.43
C GLN TA 441 133.84 -43.54 -4.41
N TYR TA 442 133.74 -44.66 -5.14
CA TYR TA 442 134.81 -45.04 -6.05
C TYR TA 442 134.31 -45.39 -7.45
N ALA TA 443 133.08 -45.91 -7.55
CA ALA TA 443 132.61 -46.48 -8.80
C ALA TA 443 132.54 -45.47 -9.94
N SER TA 444 131.65 -44.49 -9.85
CA SER TA 444 131.54 -43.49 -10.90
C SER TA 444 131.48 -42.08 -10.35
N ALA TA 445 130.95 -41.93 -9.13
CA ALA TA 445 130.91 -40.60 -8.52
C ALA TA 445 132.31 -40.16 -8.08
N ASP TA 446 133.16 -41.11 -7.72
CA ASP TA 446 134.60 -40.88 -7.49
C ASP TA 446 134.81 -39.80 -6.41
N GLY TA 447 134.34 -40.14 -5.21
CA GLY TA 447 134.54 -39.27 -4.07
C GLY TA 447 133.28 -38.56 -3.63
N ALA TA 448 132.15 -39.23 -3.73
CA ALA TA 448 130.88 -38.64 -3.34
C ALA TA 448 130.71 -38.56 -1.83
N LYS TA 449 131.62 -39.14 -1.05
CA LYS TA 449 131.55 -39.11 0.42
C LYS TA 449 130.23 -39.71 0.91
N VAL TA 450 130.11 -41.02 0.71
CA VAL TA 450 128.88 -41.73 1.03
C VAL TA 450 128.46 -41.52 2.48
N LEU TA 451 127.17 -41.29 2.67
CA LEU TA 451 126.55 -41.24 3.99
C LEU TA 451 125.49 -42.33 4.11
N VAL TA 452 125.26 -42.76 5.35
CA VAL TA 452 124.23 -43.76 5.63
C VAL TA 452 122.87 -43.09 5.59
N GLY TA 453 121.96 -43.63 4.77
CA GLY TA 453 120.64 -43.06 4.63
C GLY TA 453 119.74 -43.37 5.81
N SER TA 454 118.48 -42.93 5.68
CA SER TA 454 117.52 -43.14 6.75
C SER TA 454 117.10 -44.59 6.89
N ASP TA 455 117.21 -45.38 5.82
CA ASP TA 455 116.83 -46.79 5.87
C ASP TA 455 118.02 -47.72 6.12
N GLY TA 456 119.21 -47.16 6.34
CA GLY TA 456 120.39 -47.95 6.61
C GLY TA 456 121.24 -48.29 5.41
N LYS TA 457 120.74 -48.08 4.20
CA LYS TA 457 121.54 -48.33 3.01
C LYS TA 457 122.48 -47.16 2.74
N LEU TA 458 123.51 -47.44 1.94
CA LEU TA 458 124.49 -46.43 1.58
C LEU TA 458 123.94 -45.53 0.48
N THR TA 459 124.22 -44.24 0.59
CA THR TA 459 123.76 -43.26 -0.38
C THR TA 459 124.72 -42.08 -0.40
N THR TA 460 124.67 -41.33 -1.49
CA THR TA 460 125.56 -40.19 -1.68
C THR TA 460 125.00 -38.88 -1.16
N GLU TA 461 123.72 -38.84 -0.79
CA GLU TA 461 123.12 -37.61 -0.30
C GLU TA 461 123.57 -37.32 1.12
N THR TA 462 123.60 -36.04 1.47
CA THR TA 462 124.01 -35.62 2.80
C THR TA 462 122.84 -35.32 3.71
N THR TA 463 121.76 -34.75 3.16
CA THR TA 463 120.60 -34.34 3.95
C THR TA 463 119.36 -35.09 3.47
N SER TA 464 118.59 -35.61 4.42
CA SER TA 464 117.39 -36.38 4.13
C SER TA 464 116.16 -35.48 4.20
N ALA TA 465 114.99 -36.10 4.00
CA ALA TA 465 113.75 -35.34 4.01
C ALA TA 465 113.44 -34.75 5.38
N GLY TA 466 113.69 -35.52 6.44
CA GLY TA 466 113.34 -35.08 7.77
C GLY TA 466 111.91 -35.42 8.13
N ASP TA 467 111.27 -34.60 8.96
CA ASP TA 467 109.88 -34.85 9.34
C ASP TA 467 109.19 -33.50 9.55
N LYS TA 468 108.60 -32.96 8.47
CA LYS TA 468 108.19 -31.54 8.38
C LYS TA 468 107.46 -31.32 7.06
N THR TA 469 106.49 -30.40 7.03
CA THR TA 469 105.77 -30.09 5.79
C THR TA 469 106.71 -29.36 4.84
N THR TA 470 107.12 -30.04 3.78
CA THR TA 470 108.19 -29.53 2.92
C THR TA 470 107.82 -28.18 2.31
N ASP TA 471 106.55 -28.01 1.94
CA ASP TA 471 106.06 -26.77 1.32
C ASP TA 471 104.87 -26.28 2.12
N PRO TA 472 105.10 -25.66 3.27
CA PRO TA 472 103.96 -25.26 4.12
C PRO TA 472 103.08 -24.21 3.46
N LEU TA 473 103.67 -23.11 3.02
CA LEU TA 473 102.88 -22.03 2.41
C LEU TA 473 102.23 -22.49 1.11
N LYS TA 474 102.88 -23.36 0.36
CA LYS TA 474 102.29 -23.85 -0.89
C LYS TA 474 101.05 -24.69 -0.61
N THR TA 475 101.12 -25.59 0.38
CA THR TA 475 99.94 -26.35 0.76
C THR TA 475 98.85 -25.45 1.29
N LEU TA 476 99.23 -24.40 2.03
CA LEU TA 476 98.24 -23.44 2.52
C LEU TA 476 97.57 -22.72 1.36
N ASP TA 477 98.33 -22.37 0.33
CA ASP TA 477 97.73 -21.75 -0.85
C ASP TA 477 96.80 -22.71 -1.58
N ALA TA 478 97.16 -23.99 -1.62
CA ALA TA 478 96.26 -24.98 -2.22
C ALA TA 478 94.95 -25.07 -1.45
N ALA TA 479 95.03 -25.08 -0.12
CA ALA TA 479 93.83 -25.09 0.70
C ALA TA 479 93.02 -23.82 0.49
N PHE TA 480 93.70 -22.67 0.37
CA PHE TA 480 93.02 -21.42 0.08
C PHE TA 480 92.28 -21.48 -1.25
N THR TA 481 92.92 -22.05 -2.27
CA THR TA 481 92.27 -22.17 -3.57
C THR TA 481 91.04 -23.06 -3.50
N LYS TA 482 91.15 -24.19 -2.79
CA LYS TA 482 90.00 -25.08 -2.66
C LYS TA 482 88.84 -24.38 -1.95
N LEU TA 483 89.13 -23.73 -0.81
CA LEU TA 483 88.09 -23.05 -0.06
C LEU TA 483 87.48 -21.91 -0.85
N ASP TA 484 88.31 -21.15 -1.57
CA ASP TA 484 87.81 -20.04 -2.38
C ASP TA 484 86.93 -20.55 -3.51
N LYS TA 485 87.31 -21.67 -4.13
CA LYS TA 485 86.48 -22.24 -5.18
C LYS TA 485 85.12 -22.64 -4.63
N LEU TA 486 85.10 -23.30 -3.48
CA LEU TA 486 83.83 -23.70 -2.91
C LEU TA 486 82.99 -22.49 -2.50
N THR TA 487 83.63 -21.47 -1.91
CA THR TA 487 82.90 -20.27 -1.51
C THR TA 487 82.31 -19.55 -2.73
N GLY TA 488 83.09 -19.43 -3.80
CA GLY TA 488 82.58 -18.79 -5.00
C GLY TA 488 81.44 -19.57 -5.63
N GLU TA 489 81.55 -20.91 -5.63
CA GLU TA 489 80.46 -21.72 -6.14
C GLU TA 489 79.19 -21.50 -5.32
N LEU TA 490 79.33 -21.46 -3.99
CA LEU TA 490 78.16 -21.27 -3.13
C LEU TA 490 77.57 -19.88 -3.32
N GLY TA 491 78.40 -18.86 -3.46
CA GLY TA 491 77.89 -17.54 -3.71
C GLY TA 491 77.15 -17.43 -5.04
N ALA TA 492 77.69 -18.07 -6.07
CA ALA TA 492 77.00 -18.09 -7.36
C ALA TA 492 75.66 -18.79 -7.25
N VAL TA 493 75.62 -19.92 -6.53
CA VAL TA 493 74.36 -20.64 -6.35
C VAL TA 493 73.36 -19.78 -5.57
N GLN TA 494 73.83 -19.06 -4.56
CA GLN TA 494 72.94 -18.22 -3.78
C GLN TA 494 72.38 -17.08 -4.62
N ASN TA 495 73.22 -16.45 -5.44
CA ASN TA 495 72.73 -15.39 -6.32
C ASN TA 495 71.72 -15.93 -7.33
N ARG TA 496 72.02 -17.08 -7.92
CA ARG TA 496 71.07 -17.69 -8.84
C ARG TA 496 69.77 -18.02 -8.14
N LEU TA 497 69.83 -18.48 -6.89
CA LEU TA 497 68.62 -18.79 -6.15
C LEU TA 497 67.81 -17.55 -5.86
N GLU TA 498 68.47 -16.43 -5.57
CA GLU TA 498 67.75 -15.17 -5.40
C GLU TA 498 67.05 -14.77 -6.70
N SER TA 499 67.74 -14.95 -7.83
CA SER TA 499 67.11 -14.66 -9.12
C SER TA 499 65.93 -15.58 -9.37
N THR TA 500 66.05 -16.85 -8.98
CA THR TA 500 64.90 -17.76 -9.10
C THR TA 500 63.76 -17.31 -8.21
N ILE TA 501 64.05 -16.82 -7.02
CA ILE TA 501 63.00 -16.28 -6.15
C ILE TA 501 62.25 -15.17 -6.87
N ALA TA 502 63.00 -14.23 -7.44
CA ALA TA 502 62.37 -13.12 -8.16
C ALA TA 502 61.53 -13.62 -9.33
N ASN TA 503 62.09 -14.55 -10.11
CA ASN TA 503 61.39 -15.05 -11.30
C ASN TA 503 60.11 -15.79 -10.92
N LEU TA 504 60.20 -16.66 -9.92
CA LEU TA 504 59.02 -17.41 -9.48
C LEU TA 504 57.98 -16.49 -8.88
N ASN TA 505 58.39 -15.47 -8.12
CA ASN TA 505 57.41 -14.53 -7.59
C ASN TA 505 56.70 -13.79 -8.71
N ASN TA 506 57.45 -13.36 -9.73
CA ASN TA 506 56.83 -12.70 -10.87
C ASN TA 506 55.85 -13.63 -11.58
N VAL TA 507 56.25 -14.88 -11.79
CA VAL TA 507 55.38 -15.82 -12.48
C VAL TA 507 54.13 -16.11 -11.65
N VAL TA 508 54.29 -16.19 -10.33
CA VAL TA 508 53.14 -16.38 -9.45
C VAL TA 508 52.18 -15.21 -9.57
N ASN TA 509 52.70 -13.99 -9.58
CA ASN TA 509 51.83 -12.82 -9.70
C ASN TA 509 51.07 -12.84 -11.02
N ASN TA 510 51.77 -13.14 -12.12
CA ASN TA 510 51.11 -13.14 -13.43
C ASN TA 510 50.08 -14.28 -13.53
N LEU TA 511 50.40 -15.45 -12.99
CA LEU TA 511 49.46 -16.55 -13.05
C LEU TA 511 48.26 -16.34 -12.15
N SER TA 512 48.45 -15.70 -10.99
CA SER TA 512 47.31 -15.35 -10.15
C SER TA 512 46.43 -14.33 -10.84
N SER TA 513 47.03 -13.36 -11.55
CA SER TA 513 46.24 -12.44 -12.34
C SER TA 513 45.47 -13.16 -13.42
N ALA TA 514 46.11 -14.11 -14.11
CA ALA TA 514 45.42 -14.87 -15.15
C ALA TA 514 44.26 -15.66 -14.56
N ARG TA 515 44.46 -16.26 -13.39
CA ARG TA 515 43.38 -16.95 -12.71
C ARG TA 515 42.26 -15.99 -12.35
N SER TA 516 42.60 -14.76 -11.98
CA SER TA 516 41.58 -13.76 -11.69
C SER TA 516 40.78 -13.42 -12.94
N ARG TA 517 41.45 -13.24 -14.09
CA ARG TA 517 40.73 -13.00 -15.33
C ARG TA 517 39.80 -14.17 -15.67
N ILE TA 518 40.28 -15.40 -15.52
CA ILE TA 518 39.50 -16.52 -16.04
C ILE TA 518 38.41 -16.93 -15.07
N GLN TA 519 38.66 -16.82 -13.77
CA GLN TA 519 37.82 -17.44 -12.74
C GLN TA 519 37.06 -16.46 -11.87
N ASP TA 520 37.72 -15.41 -11.40
CA ASP TA 520 37.08 -14.48 -10.46
C ASP TA 520 35.98 -13.70 -11.18
N ALA TA 521 35.11 -13.09 -10.37
CA ALA TA 521 33.94 -12.38 -10.87
C ALA TA 521 34.15 -10.88 -10.71
N ASP TA 522 33.97 -10.14 -11.81
CA ASP TA 522 34.04 -8.68 -11.79
C ASP TA 522 32.70 -8.11 -11.28
N TYR TA 523 32.73 -7.66 -10.02
CA TYR TA 523 31.53 -7.56 -9.21
C TYR TA 523 30.44 -6.70 -9.84
N ALA TA 524 30.80 -5.70 -10.65
CA ALA TA 524 29.80 -4.81 -11.22
C ALA TA 524 28.79 -5.59 -12.06
N THR TA 525 29.28 -6.51 -12.89
CA THR TA 525 28.39 -7.26 -13.78
C THR TA 525 27.41 -8.11 -12.99
N GLU TA 526 27.88 -8.82 -11.96
CA GLU TA 526 26.98 -9.66 -11.18
C GLU TA 526 26.00 -8.82 -10.37
N VAL TA 527 26.44 -7.66 -9.87
CA VAL TA 527 25.52 -6.81 -9.14
C VAL TA 527 24.41 -6.30 -10.06
N SER TA 528 24.78 -5.85 -11.26
CA SER TA 528 23.77 -5.38 -12.21
C SER TA 528 22.83 -6.51 -12.62
N ASN TA 529 23.37 -7.70 -12.87
CA ASN TA 529 22.53 -8.83 -13.24
C ASN TA 529 21.60 -9.22 -12.11
N MET TA 530 22.09 -9.16 -10.86
CA MET TA 530 21.26 -9.45 -9.71
C MET TA 530 20.11 -8.44 -9.61
N SER TA 531 20.40 -7.16 -9.81
CA SER TA 531 19.34 -6.16 -9.75
C SER TA 531 18.31 -6.40 -10.84
N LYS TA 532 18.78 -6.68 -12.05
CA LYS TA 532 17.87 -6.96 -13.17
C LYS TA 532 17.02 -8.18 -12.87
N ALA TA 533 17.62 -9.22 -12.29
CA ALA TA 533 16.88 -10.43 -11.96
C ALA TA 533 15.85 -10.16 -10.88
N GLN TA 534 16.17 -9.32 -9.90
CA GLN TA 534 15.20 -8.97 -8.87
C GLN TA 534 14.01 -8.22 -9.46
N ILE TA 535 14.29 -7.26 -10.35
CA ILE TA 535 13.20 -6.53 -10.98
C ILE TA 535 12.34 -7.47 -11.82
N LEU TA 536 12.99 -8.39 -12.54
CA LEU TA 536 12.26 -9.37 -13.32
C LEU TA 536 11.43 -10.28 -12.42
N GLN TA 537 11.95 -10.65 -11.25
CA GLN TA 537 11.22 -11.50 -10.33
C GLN TA 537 9.94 -10.82 -9.86
N GLN TA 538 10.07 -9.56 -9.43
CA GLN TA 538 8.89 -8.84 -8.96
C GLN TA 538 7.88 -8.64 -10.08
N ALA TA 539 8.35 -8.26 -11.26
CA ALA TA 539 7.45 -8.06 -12.39
C ALA TA 539 6.76 -9.35 -12.78
N GLY TA 540 7.49 -10.47 -12.79
CA GLY TA 540 6.90 -11.74 -13.11
C GLY TA 540 5.87 -12.18 -12.09
N THR TA 541 6.15 -11.96 -10.81
CA THR TA 541 5.16 -12.30 -9.79
C THR TA 541 3.89 -11.48 -9.97
N SER TA 542 4.04 -10.18 -10.23
CA SER TA 542 2.86 -9.33 -10.43
C SER TA 542 2.08 -9.76 -11.67
N VAL TA 543 2.79 -10.04 -12.76
CA VAL TA 543 2.11 -10.41 -14.00
C VAL TA 543 1.41 -11.74 -13.84
N LEU TA 544 2.04 -12.69 -13.15
CA LEU TA 544 1.38 -13.95 -12.84
C LEU TA 544 0.15 -13.70 -11.98
N ALA TA 545 0.23 -12.73 -11.07
CA ALA TA 545 -0.94 -12.38 -10.28
C ALA TA 545 -2.09 -11.97 -11.18
N GLN TA 546 -1.85 -11.00 -12.08
CA GLN TA 546 -2.94 -10.55 -12.96
C GLN TA 546 -3.45 -11.68 -13.85
N ALA TA 547 -2.55 -12.53 -14.33
CA ALA TA 547 -2.98 -13.68 -15.11
C ALA TA 547 -3.88 -14.60 -14.30
N ASN TA 548 -3.65 -14.67 -12.98
CA ASN TA 548 -4.49 -15.52 -12.14
C ASN TA 548 -5.92 -14.99 -12.05
N GLN TA 549 -6.12 -13.68 -12.02
CA GLN TA 549 -7.48 -13.15 -12.02
C GLN TA 549 -8.02 -12.89 -13.42
N VAL TA 550 -7.23 -13.16 -14.46
CA VAL TA 550 -7.79 -13.13 -15.82
C VAL TA 550 -9.07 -13.94 -15.95
N PRO TA 551 -9.16 -15.18 -15.44
CA PRO TA 551 -10.43 -15.93 -15.58
C PRO TA 551 -11.55 -15.45 -14.66
N GLN TA 552 -11.27 -14.56 -13.70
CA GLN TA 552 -12.35 -14.02 -12.87
C GLN TA 552 -13.41 -13.30 -13.70
N THR TA 553 -13.03 -12.76 -14.85
CA THR TA 553 -13.99 -12.08 -15.71
C THR TA 553 -15.12 -13.00 -16.13
N VAL TA 554 -14.87 -14.31 -16.14
CA VAL TA 554 -15.94 -15.27 -16.40
C VAL TA 554 -17.00 -15.18 -15.32
N LEU TA 555 -16.59 -14.99 -14.07
CA LEU TA 555 -17.56 -14.86 -12.98
C LEU TA 555 -18.09 -13.44 -12.92
N SER TA 556 -18.52 -12.92 -14.06
CA SER TA 556 -19.39 -11.75 -14.15
C SER TA 556 -20.68 -12.10 -14.87
N LEU TA 557 -20.59 -12.87 -15.95
CA LEU TA 557 -21.73 -13.49 -16.60
C LEU TA 557 -21.97 -14.86 -15.99
N LEU TA 558 -23.23 -15.21 -15.78
CA LEU TA 558 -23.59 -16.48 -15.18
C LEU TA 558 -24.90 -17.01 -15.74
N ALA UA 2 0.13 -21.57 19.57
CA ALA UA 2 -1.24 -21.39 19.14
C ALA UA 2 -1.39 -20.22 18.18
N ALA UA 3 -2.32 -19.33 18.48
CA ALA UA 3 -2.47 -18.06 17.77
C ALA UA 3 -2.81 -16.93 18.72
N VAL UA 4 -2.39 -17.06 19.97
CA VAL UA 4 -2.88 -16.20 21.04
C VAL UA 4 -2.25 -14.82 20.92
N ILE UA 5 -2.94 -13.83 21.47
CA ILE UA 5 -2.45 -12.46 21.48
C ILE UA 5 -2.35 -11.88 22.90
N ASN UA 6 -3.12 -12.40 23.86
CA ASN UA 6 -3.06 -11.84 25.21
C ASN UA 6 -1.68 -11.99 25.82
N THR UA 7 -1.06 -13.15 25.62
CA THR UA 7 0.29 -13.41 26.10
C THR UA 7 1.19 -13.77 24.93
N ASN UA 8 2.39 -13.22 24.93
CA ASN UA 8 3.38 -13.50 23.89
C ASN UA 8 4.62 -14.05 24.58
N TYR UA 9 4.74 -15.37 24.64
CA TYR UA 9 5.87 -16.00 25.32
C TYR UA 9 7.19 -15.61 24.68
N LEU UA 10 7.21 -15.47 23.35
CA LEU UA 10 8.44 -15.09 22.66
C LEU UA 10 8.91 -13.72 23.11
N SER UA 11 7.98 -12.77 23.26
CA SER UA 11 8.35 -11.44 23.73
C SER UA 11 8.94 -11.49 25.13
N LEU UA 12 8.36 -12.30 26.01
CA LEU UA 12 8.88 -12.41 27.38
C LEU UA 12 10.28 -13.02 27.38
N VAL UA 13 10.51 -14.06 26.58
CA VAL UA 13 11.83 -14.67 26.52
C VAL UA 13 12.84 -13.66 25.96
N ALA UA 14 12.46 -12.91 24.93
CA ALA UA 14 13.34 -11.89 24.38
C ALA UA 14 13.66 -10.84 25.43
N GLN UA 15 12.66 -10.44 26.22
CA GLN UA 15 12.90 -9.45 27.27
C GLN UA 15 13.88 -9.98 28.31
N ASN UA 16 13.73 -11.23 28.70
CA ASN UA 16 14.65 -11.81 29.69
C ASN UA 16 16.07 -11.85 29.16
N ASN UA 17 16.25 -12.31 27.92
CA ASN UA 17 17.60 -12.37 27.36
C ASN UA 17 18.17 -10.97 27.20
N LEU UA 18 17.32 -10.00 26.84
CA LEU UA 18 17.76 -8.62 26.75
C LEU UA 18 18.23 -8.11 28.11
N ASN UA 19 17.49 -8.45 29.17
CA ASN UA 19 17.90 -8.02 30.51
C ASN UA 19 19.23 -8.63 30.91
N LYS UA 20 19.42 -9.92 30.62
CA LYS UA 20 20.70 -10.57 30.95
C LYS UA 20 21.85 -9.93 30.19
N SER UA 21 21.65 -9.68 28.89
CA SER UA 21 22.69 -9.03 28.10
C SER UA 21 22.97 -7.61 28.60
N GLN UA 22 21.92 -6.89 29.00
CA GLN UA 22 22.10 -5.54 29.52
C GLN UA 22 22.87 -5.55 30.82
N SER UA 23 22.60 -6.53 31.69
CA SER UA 23 23.36 -6.63 32.93
C SER UA 23 24.84 -6.92 32.64
N SER UA 24 25.11 -7.81 31.69
CA SER UA 24 26.49 -8.07 31.31
C SER UA 24 27.16 -6.82 30.76
N LEU UA 25 26.44 -6.07 29.93
CA LEU UA 25 26.97 -4.83 29.38
C LEU UA 25 27.26 -3.82 30.48
N GLY UA 26 26.35 -3.70 31.44
CA GLY UA 26 26.58 -2.78 32.54
C GLY UA 26 27.79 -3.14 33.37
N THR UA 27 27.96 -4.43 33.64
CA THR UA 27 29.17 -4.87 34.36
C THR UA 27 30.42 -4.55 33.56
N ALA UA 28 30.40 -4.78 32.25
CA ALA UA 28 31.55 -4.47 31.42
C ALA UA 28 31.88 -2.99 31.44
N ILE UA 29 30.86 -2.14 31.30
CA ILE UA 29 31.08 -0.70 31.31
C ILE UA 29 31.61 -0.24 32.65
N GLU UA 30 31.08 -0.79 33.73
CA GLU UA 30 31.56 -0.42 35.06
C GLU UA 30 33.02 -0.82 35.25
N ARG UA 31 33.39 -2.02 34.79
CA ARG UA 31 34.77 -2.46 34.91
C ARG UA 31 35.71 -1.59 34.07
N LEU UA 32 35.28 -1.20 32.87
CA LEU UA 32 36.10 -0.32 32.06
C LEU UA 32 36.26 1.05 32.71
N SER UA 33 35.16 1.64 33.17
CA SER UA 33 35.22 3.00 33.69
C SER UA 33 36.01 3.06 34.98
N SER UA 34 35.70 2.17 35.93
CA SER UA 34 36.44 2.16 37.20
C SER UA 34 37.88 1.72 36.99
N GLY UA 35 38.10 0.81 36.04
CA GLY UA 35 39.43 0.27 35.81
C GLY UA 35 39.83 -0.86 36.72
N LEU UA 36 38.98 -1.23 37.69
CA LEU UA 36 39.27 -2.30 38.63
C LEU UA 36 38.26 -3.43 38.38
N ARG UA 37 38.78 -4.64 38.19
CA ARG UA 37 37.88 -5.78 38.01
C ARG UA 37 37.07 -6.05 39.26
N ILE UA 38 37.69 -5.97 40.43
CA ILE UA 38 37.00 -6.17 41.70
C ILE UA 38 36.65 -4.78 42.23
N ASN UA 39 35.50 -4.29 41.81
CA ASN UA 39 34.86 -3.13 42.42
C ASN UA 39 33.40 -3.48 42.59
N SER UA 40 32.75 -2.89 43.60
CA SER UA 40 31.43 -3.33 44.03
C SER UA 40 31.49 -4.81 44.42
N ALA UA 41 32.14 -5.04 45.56
CA ALA UA 41 32.71 -6.31 45.99
C ALA UA 41 31.82 -7.53 45.75
N LYS UA 42 30.52 -7.32 45.56
CA LYS UA 42 29.56 -8.41 45.33
C LYS UA 42 30.10 -9.47 44.37
N ASP UA 43 30.96 -9.08 43.44
CA ASP UA 43 31.69 -10.04 42.62
C ASP UA 43 33.08 -10.25 43.22
N ASP UA 44 33.42 -11.51 43.49
CA ASP UA 44 34.71 -11.89 44.08
C ASP UA 44 34.95 -11.18 45.41
N ALA UA 45 34.08 -11.52 46.38
CA ALA UA 45 34.22 -10.94 47.72
C ALA UA 45 35.56 -11.29 48.35
N ALA UA 46 36.00 -12.54 48.20
CA ALA UA 46 37.33 -12.91 48.67
C ALA UA 46 38.40 -12.10 47.94
N GLY UA 47 38.20 -11.87 46.65
CA GLY UA 47 39.11 -11.00 45.93
C GLY UA 47 39.12 -9.59 46.49
N MET UA 48 37.97 -9.10 46.92
CA MET UA 48 37.91 -7.79 47.55
C MET UA 48 38.69 -7.78 48.85
N ALA UA 49 38.55 -8.83 49.66
CA ALA UA 49 39.31 -8.91 50.91
C ALA UA 49 40.80 -8.95 50.64
N ILE UA 50 41.21 -9.72 49.62
CA ILE UA 50 42.62 -9.79 49.25
C ILE UA 50 43.14 -8.41 48.82
N ALA UA 51 42.37 -7.72 47.98
CA ALA UA 51 42.78 -6.41 47.51
C ALA UA 51 42.84 -5.41 48.65
N ASN UA 52 41.89 -5.49 49.58
CA ASN UA 52 41.89 -4.60 50.74
C ASN UA 52 43.14 -4.83 51.59
N ARG UA 53 43.46 -6.09 51.87
CA ARG UA 53 44.65 -6.38 52.66
C ARG UA 53 45.91 -5.91 51.94
N PHE UA 54 45.98 -6.13 50.63
CA PHE UA 54 47.15 -5.70 49.87
C PHE UA 54 47.27 -4.18 49.85
N THR UA 55 46.16 -3.46 49.71
CA THR UA 55 46.21 -2.00 49.74
C THR UA 55 46.70 -1.51 51.10
N ALA UA 56 46.16 -2.08 52.17
CA ALA UA 56 46.59 -1.67 53.50
C ALA UA 56 48.08 -1.92 53.69
N ASN UA 57 48.55 -3.09 53.25
CA ASN UA 57 49.96 -3.41 53.37
C ASN UA 57 50.81 -2.46 52.54
N VAL UA 58 50.36 -2.11 51.34
CA VAL UA 58 51.14 -1.26 50.45
C VAL UA 58 51.27 0.14 51.03
N ARG UA 59 50.17 0.71 51.51
CA ARG UA 59 50.25 2.03 52.13
C ARG UA 59 51.12 1.99 53.38
N GLY UA 60 50.96 0.95 54.20
CA GLY UA 60 51.79 0.83 55.38
C GLY UA 60 53.27 0.77 55.05
N LEU UA 61 53.62 0.01 54.02
CA LEU UA 61 55.04 -0.13 53.66
C LEU UA 61 55.59 1.12 53.00
N THR UA 62 54.79 1.84 52.21
CA THR UA 62 55.25 3.12 51.68
C THR UA 62 55.52 4.11 52.80
N GLN UA 63 54.59 4.19 53.76
CA GLN UA 63 54.83 5.06 54.91
C GLN UA 63 56.02 4.58 55.73
N ALA UA 64 56.25 3.27 55.76
CA ALA UA 64 57.43 2.73 56.41
C ALA UA 64 58.71 3.18 55.74
N ALA UA 65 58.72 3.17 54.41
CA ALA UA 65 59.87 3.67 53.67
C ALA UA 65 60.10 5.14 53.97
N ARG UA 66 59.02 5.91 54.08
CA ARG UA 66 59.16 7.32 54.46
C ARG UA 66 59.78 7.45 55.86
N ASN UA 67 59.30 6.62 56.80
CA ASN UA 67 59.85 6.66 58.16
C ASN UA 67 61.32 6.31 58.17
N ALA UA 68 61.71 5.28 57.42
CA ALA UA 68 63.11 4.88 57.38
C ALA UA 68 63.97 5.96 56.73
N ASN UA 69 63.44 6.65 55.71
CA ASN UA 69 64.18 7.77 55.13
C ASN UA 69 64.37 8.88 56.15
N ASP UA 70 63.34 9.16 56.95
CA ASP UA 70 63.50 10.13 58.03
C ASP UA 70 64.57 9.71 59.01
N GLY UA 71 64.60 8.41 59.34
CA GLY UA 71 65.65 7.91 60.21
C GLY UA 71 67.04 8.06 59.61
N ILE UA 72 67.16 7.81 58.29
CA ILE UA 72 68.43 8.01 57.62
C ILE UA 72 68.88 9.46 57.70
N SER UA 73 67.95 10.39 57.48
CA SER UA 73 68.31 11.80 57.58
C SER UA 73 68.75 12.17 58.99
N LEU UA 74 68.04 11.64 60.00
CA LEU UA 74 68.44 11.88 61.39
C LEU UA 74 69.84 11.35 61.65
N ALA UA 75 70.13 10.14 61.20
CA ALA UA 75 71.46 9.57 61.37
C ALA UA 75 72.50 10.40 60.65
N GLN UA 76 72.15 10.94 59.48
CA GLN UA 76 73.09 11.76 58.72
C GLN UA 76 73.47 13.01 59.50
N THR UA 77 72.47 13.72 60.03
CA THR UA 77 72.77 14.94 60.79
C THR UA 77 73.57 14.61 62.04
N THR UA 78 73.20 13.53 62.75
CA THR UA 78 73.92 13.16 63.95
C THR UA 78 75.36 12.78 63.63
N GLU UA 79 75.58 12.06 62.53
CA GLU UA 79 76.94 11.70 62.11
C GLU UA 79 77.74 12.93 61.73
N GLY UA 80 77.12 13.91 61.08
CA GLY UA 80 77.82 15.14 60.78
C GLY UA 80 78.29 15.87 62.02
N ALA UA 81 77.38 15.99 63.00
CA ALA UA 81 77.78 16.62 64.27
C ALA UA 81 78.89 15.84 64.94
N ALA UA 82 78.80 14.50 64.92
CA ALA UA 82 79.85 13.68 65.51
C ALA UA 82 81.18 13.89 64.81
N SER UA 83 81.17 14.00 63.48
CA SER UA 83 82.40 14.23 62.74
C SER UA 83 83.01 15.59 63.09
N GLU UA 84 82.17 16.61 63.28
CA GLU UA 84 82.71 17.90 63.71
C GLU UA 84 83.34 17.80 65.10
N VAL UA 85 82.68 17.07 66.01
CA VAL UA 85 83.28 16.87 67.33
C VAL UA 85 84.59 16.09 67.20
N ASN UA 86 84.66 15.17 66.25
CA ASN UA 86 85.90 14.42 66.02
C ASN UA 86 87.03 15.34 65.57
N THR UA 87 86.71 16.29 64.67
CA THR UA 87 87.73 17.27 64.28
C THR UA 87 88.16 18.11 65.48
N HIS UA 88 87.21 18.47 66.34
CA HIS UA 88 87.55 19.19 67.57
C HIS UA 88 88.49 18.37 68.44
N LEU UA 89 88.22 17.07 68.57
CA LEU UA 89 89.08 16.21 69.39
C LEU UA 89 90.47 16.10 68.79
N GLN UA 90 90.57 16.00 67.47
CA GLN UA 90 91.87 15.96 66.83
C GLN UA 90 92.67 17.22 67.12
N ARG UA 91 92.01 18.38 67.01
CA ARG UA 91 92.69 19.64 67.28
C ARG UA 91 93.11 19.72 68.75
N ILE UA 92 92.25 19.29 69.66
CA ILE UA 92 92.57 19.31 71.07
C ILE UA 92 93.76 18.41 71.36
N ARG UA 93 93.81 17.24 70.72
CA ARG UA 93 94.94 16.33 70.93
C ARG UA 93 96.23 16.94 70.41
N GLU UA 94 96.18 17.61 69.26
CA GLU UA 94 97.40 18.25 68.75
C GLU UA 94 97.87 19.35 69.70
N LEU UA 95 96.93 20.14 70.24
CA LEU UA 95 97.32 21.14 71.24
C LEU UA 95 97.89 20.48 72.49
N THR UA 96 97.31 19.37 72.93
CA THR UA 96 97.81 18.69 74.11
C THR UA 96 99.23 18.19 73.90
N VAL UA 97 99.50 17.64 72.72
CA VAL UA 97 100.85 17.20 72.39
C VAL UA 97 101.81 18.38 72.39
N GLN UA 98 101.38 19.50 71.80
CA GLN UA 98 102.24 20.68 71.75
C GLN UA 98 102.55 21.21 73.15
N ALA UA 99 101.54 21.30 74.01
CA ALA UA 99 101.70 21.88 75.33
C ALA UA 99 102.29 20.91 76.34
N SER UA 100 102.32 19.62 76.04
CA SER UA 100 103.01 18.68 76.92
C SER UA 100 104.51 18.92 76.93
N ASN UA 101 105.03 19.66 75.96
CA ASN UA 101 106.44 20.01 75.93
C ASN UA 101 106.78 20.89 77.12
N GLY UA 102 108.00 20.72 77.62
CA GLY UA 102 108.45 21.49 78.77
C GLY UA 102 109.04 22.84 78.46
N SER UA 103 109.32 23.13 77.20
CA SER UA 103 109.94 24.40 76.85
C SER UA 103 108.98 25.57 77.01
N TYR UA 104 107.68 25.33 76.82
CA TYR UA 104 106.70 26.40 76.87
C TYR UA 104 106.55 26.90 78.31
N SER UA 105 106.57 28.22 78.48
CA SER UA 105 106.39 28.83 79.79
C SER UA 105 104.91 28.86 80.15
N GLN UA 106 104.60 29.46 81.30
CA GLN UA 106 103.24 29.37 81.83
C GLN UA 106 102.25 30.16 81.00
N GLU UA 107 102.66 31.28 80.42
CA GLU UA 107 101.73 32.11 79.66
C GLU UA 107 101.27 31.42 78.38
N GLN UA 108 102.20 30.79 77.65
CA GLN UA 108 101.81 30.05 76.47
C GLN UA 108 100.91 28.87 76.82
N LEU UA 109 101.19 28.21 77.94
CA LEU UA 109 100.31 27.14 78.40
C LEU UA 109 98.92 27.69 78.72
N ASP UA 110 98.85 28.89 79.29
CA ASP UA 110 97.56 29.50 79.57
C ASP UA 110 96.80 29.81 78.29
N SER UA 111 97.49 30.30 77.27
CA SER UA 111 96.84 30.55 75.98
C SER UA 111 96.34 29.25 75.35
N VAL UA 112 97.15 28.20 75.42
CA VAL UA 112 96.74 26.90 74.90
C VAL UA 112 95.52 26.39 75.67
N GLN UA 113 95.52 26.58 76.99
CA GLN UA 113 94.38 26.15 77.79
C GLN UA 113 93.13 26.94 77.43
N GLY UA 114 93.29 28.23 77.13
CA GLY UA 114 92.15 29.02 76.67
C GLY UA 114 91.60 28.50 75.35
N GLU UA 115 92.49 28.15 74.42
CA GLU UA 115 92.04 27.57 73.16
C GLU UA 115 91.33 26.24 73.39
N ILE UA 116 91.86 25.41 74.28
CA ILE UA 116 91.23 24.13 74.59
C ILE UA 116 89.85 24.35 75.22
N ASN UA 117 89.74 25.37 76.08
CA ASN UA 117 88.44 25.68 76.67
C ASN UA 117 87.46 26.14 75.62
N GLN UA 118 87.92 26.93 74.65
CA GLN UA 118 87.05 27.31 73.53
C GLN UA 118 86.57 26.09 72.77
N ARG UA 119 87.49 25.15 72.50
CA ARG UA 119 87.11 23.94 71.79
C ARG UA 119 86.10 23.12 72.58
N LEU UA 120 86.30 22.99 73.90
CA LEU UA 120 85.37 22.23 74.73
C LEU UA 120 84.01 22.90 74.78
N ALA UA 121 83.99 24.23 74.88
CA ALA UA 121 82.73 24.96 74.84
C ALA UA 121 82.02 24.75 73.51
N ASP UA 122 82.78 24.71 72.41
CA ASP UA 122 82.16 24.43 71.12
C ASP UA 122 81.59 23.02 71.06
N ILE UA 123 82.30 22.06 71.64
CA ILE UA 123 81.79 20.68 71.68
C ILE UA 123 80.48 20.64 72.46
N ASP UA 124 80.45 21.30 73.61
CA ASP UA 124 79.23 21.33 74.41
C ASP UA 124 78.10 22.04 73.67
N ARG UA 125 78.43 23.10 72.93
CA ARG UA 125 77.43 23.80 72.13
C ARG UA 125 76.87 22.89 71.04
N ILE UA 126 77.74 22.13 70.37
CA ILE UA 126 77.29 21.17 69.37
C ILE UA 126 76.35 20.16 69.99
N SER UA 127 76.69 19.68 71.19
CA SER UA 127 75.82 18.72 71.87
C SER UA 127 74.46 19.34 72.19
N GLU UA 128 74.46 20.55 72.72
CA GLU UA 128 73.23 21.16 73.21
C GLU UA 128 72.33 21.68 72.11
N GLN UA 129 72.88 22.06 70.95
CA GLN UA 129 72.11 22.73 69.93
C GLN UA 129 71.93 21.92 68.64
N THR UA 130 72.50 20.73 68.54
CA THR UA 130 72.25 19.88 67.39
C THR UA 130 70.81 19.39 67.45
N ASP UA 131 69.96 19.92 66.58
CA ASP UA 131 68.53 19.66 66.64
C ASP UA 131 68.05 19.04 65.33
N PHE UA 132 67.02 18.20 65.45
CA PHE UA 132 66.42 17.56 64.29
C PHE UA 132 64.93 17.40 64.58
N ASN UA 133 64.12 18.28 63.99
CA ASN UA 133 62.67 18.30 64.22
C ASN UA 133 62.35 18.36 65.71
N GLY UA 134 62.98 19.30 66.40
CA GLY UA 134 62.74 19.47 67.82
C GLY UA 134 63.31 18.37 68.69
N VAL UA 135 64.25 17.59 68.17
CA VAL UA 135 64.89 16.52 68.92
C VAL UA 135 66.38 16.85 69.00
N LYS UA 136 66.88 17.01 70.22
CA LYS UA 136 68.31 17.27 70.44
C LYS UA 136 69.02 15.92 70.37
N VAL UA 137 69.32 15.51 69.14
CA VAL UA 137 69.74 14.13 68.89
C VAL UA 137 71.08 13.83 69.56
N LEU UA 138 72.07 14.69 69.38
CA LEU UA 138 73.38 14.49 69.98
C LEU UA 138 73.53 15.23 71.29
N SER UA 139 72.60 15.02 72.23
CA SER UA 139 72.61 15.82 73.44
C SER UA 139 72.63 14.96 74.70
N ASP UA 140 72.47 15.60 75.85
CA ASP UA 140 72.48 14.91 77.13
C ASP UA 140 71.13 14.29 77.47
N SER UA 141 70.10 14.59 76.69
CA SER UA 141 68.76 14.01 76.87
C SER UA 141 68.33 13.48 75.51
N ALA UA 142 68.73 12.25 75.19
CA ALA UA 142 68.43 11.68 73.88
C ALA UA 142 68.23 10.17 74.06
N LYS UA 143 66.98 9.77 74.23
CA LYS UA 143 66.67 8.35 74.30
C LYS UA 143 66.71 7.74 72.90
N PRO UA 144 67.00 6.45 72.78
CA PRO UA 144 66.98 5.80 71.48
C PRO UA 144 65.58 5.85 70.87
N LEU UA 145 65.54 5.92 69.53
CA LEU UA 145 64.29 6.08 68.82
C LEU UA 145 63.74 4.71 68.40
N THR UA 146 62.67 4.70 67.62
CA THR UA 146 62.01 3.48 67.21
C THR UA 146 62.07 3.24 65.71
N LEU UA 147 61.64 4.21 64.90
CA LEU UA 147 61.64 4.09 63.45
C LEU UA 147 60.81 2.90 62.98
N GLN UA 148 59.52 3.00 63.25
CA GLN UA 148 58.56 2.00 62.79
C GLN UA 148 58.73 1.76 61.30
N VAL UA 149 59.13 0.54 60.92
CA VAL UA 149 59.37 0.19 59.52
C VAL UA 149 58.51 -1.04 59.21
N GLY UA 150 57.30 -0.79 58.72
CA GLY UA 150 56.42 -1.85 58.28
C GLY UA 150 55.10 -1.83 59.01
N ALA UA 151 54.05 -2.38 58.39
CA ALA UA 151 52.79 -2.56 59.07
C ALA UA 151 52.92 -3.68 60.10
N ASN UA 152 51.81 -3.98 60.78
CA ASN UA 152 51.77 -5.07 61.75
C ASN UA 152 52.79 -4.83 62.88
N ASP UA 153 52.49 -3.81 63.68
CA ASP UA 153 53.38 -3.32 64.73
C ASP UA 153 54.06 -4.44 65.49
N GLY UA 154 55.31 -4.20 65.86
CA GLY UA 154 56.12 -5.17 66.56
C GLY UA 154 57.57 -5.07 66.16
N GLU UA 155 57.85 -4.20 65.19
CA GLU UA 155 59.19 -4.02 64.65
C GLU UA 155 59.61 -2.57 64.80
N THR UA 156 60.87 -2.37 65.17
CA THR UA 156 61.47 -1.05 65.29
C THR UA 156 62.93 -1.14 64.88
N ILE UA 157 63.50 -0.01 64.52
CA ILE UA 157 64.93 0.10 64.26
C ILE UA 157 65.47 1.10 65.27
N THR UA 158 65.94 0.59 66.42
CA THR UA 158 66.47 1.45 67.46
C THR UA 158 67.75 2.12 67.00
N LEU UA 159 67.85 3.42 67.26
CA LEU UA 159 69.03 4.18 66.85
C LEU UA 159 70.15 4.12 67.89
N ASN UA 160 69.81 4.18 69.17
CA ASN UA 160 70.78 4.12 70.26
C ASN UA 160 71.81 5.25 70.14
N LEU UA 161 71.31 6.47 70.21
CA LEU UA 161 72.13 7.67 70.10
C LEU UA 161 71.96 8.51 71.37
N SER UA 162 73.06 8.93 71.96
CA SER UA 162 73.04 9.72 73.18
C SER UA 162 74.46 10.09 73.58
N GLU UA 163 74.56 11.15 74.38
CA GLU UA 163 75.72 11.43 75.23
C GLU UA 163 77.01 11.57 74.42
N ILE UA 164 77.04 12.63 73.61
CA ILE UA 164 78.28 13.12 73.02
C ILE UA 164 78.42 14.58 73.43
N SER UA 165 79.30 14.84 74.39
CA SER UA 165 79.52 16.18 74.92
C SER UA 165 80.70 16.10 75.88
N VAL UA 166 81.17 17.27 76.31
CA VAL UA 166 82.00 17.30 77.49
C VAL UA 166 81.19 16.75 78.66
N LYS UA 167 81.89 16.18 79.63
CA LYS UA 167 81.38 15.52 80.83
C LYS UA 167 80.81 14.14 80.50
N THR UA 168 80.71 13.76 79.23
CA THR UA 168 80.38 12.39 78.88
C THR UA 168 81.40 11.74 77.95
N LEU UA 169 82.20 12.51 77.22
CA LEU UA 169 83.41 11.98 76.63
C LEU UA 169 84.50 11.76 77.67
N GLY UA 170 84.27 12.18 78.91
CA GLY UA 170 85.14 11.88 80.02
C GLY UA 170 86.09 12.99 80.41
N LEU UA 171 86.32 13.96 79.53
CA LEU UA 171 87.28 15.00 79.85
C LEU UA 171 86.82 15.83 81.04
N ASP UA 172 85.82 16.68 80.83
CA ASP UA 172 85.09 17.39 81.89
C ASP UA 172 85.96 18.30 82.73
N GLY UA 173 87.28 18.18 82.59
CA GLY UA 173 88.19 18.97 83.39
C GLY UA 173 89.49 19.23 82.67
N PHE UA 174 89.50 19.08 81.34
CA PHE UA 174 90.74 19.08 80.59
C PHE UA 174 91.55 20.33 80.88
N ASN UA 175 92.69 20.16 81.55
CA ASN UA 175 93.48 21.26 82.09
C ASN UA 175 94.92 21.01 81.68
N VAL UA 176 95.28 21.47 80.48
CA VAL UA 176 96.61 21.18 79.96
C VAL UA 176 97.67 21.94 80.74
N ASN UA 177 97.34 23.12 81.26
CA ASN UA 177 98.25 23.84 82.15
C ASN UA 177 97.88 23.50 83.59
N GLY UA 178 98.46 24.21 84.54
CA GLY UA 178 98.21 23.99 85.95
C GLY UA 178 99.51 23.72 86.69
N LYS UA 179 99.36 23.40 87.97
CA LYS UA 179 100.52 23.14 88.81
C LYS UA 179 101.28 21.89 88.41
N GLY UA 180 100.72 21.05 87.56
CA GLY UA 180 101.40 19.83 87.17
C GLY UA 180 101.57 18.93 88.37
N VAL UA 181 102.81 18.65 88.73
CA VAL UA 181 103.15 17.87 89.92
C VAL UA 181 103.69 18.86 90.96
N THR UA 182 102.94 19.04 92.04
CA THR UA 182 103.38 19.93 93.10
C THR UA 182 104.46 19.27 93.95
N GLN UA 183 105.35 20.09 94.49
CA GLN UA 183 106.44 19.62 95.33
C GLN UA 183 106.14 19.96 96.78
N ASN UA 184 106.07 18.93 97.63
CA ASN UA 184 105.82 19.15 99.04
C ASN UA 184 107.05 19.76 99.70
N ARG UA 185 106.84 20.36 100.87
CA ARG UA 185 107.91 20.99 101.62
C ARG UA 185 108.33 20.08 102.78
N SER UA 186 109.64 20.04 103.04
CA SER UA 186 110.16 19.22 104.12
C SER UA 186 109.64 19.71 105.46
N ALA UA 187 109.19 18.78 106.30
CA ALA UA 187 108.66 19.12 107.60
C ALA UA 187 109.78 19.55 108.55
N THR UA 188 109.38 20.14 109.67
CA THR UA 188 110.31 20.58 110.70
C THR UA 188 109.71 20.28 112.06
N VAL UA 189 110.45 20.65 113.11
CA VAL UA 189 110.00 20.34 114.48
C VAL UA 189 108.68 21.05 114.79
N THR UA 190 108.46 22.24 114.21
CA THR UA 190 107.23 22.97 114.50
C THR UA 190 106.01 22.17 114.06
N ASP UA 191 106.07 21.56 112.88
CA ASP UA 191 104.94 20.78 112.40
C ASP UA 191 104.67 19.58 113.30
N VAL UA 192 105.72 18.86 113.68
CA VAL UA 192 105.52 17.66 114.50
C VAL UA 192 104.98 18.03 115.87
N ILE UA 193 105.51 19.07 116.50
CA ILE UA 193 104.97 19.48 117.79
C ILE UA 193 103.57 20.07 117.63
N ALA UA 194 103.22 20.54 116.43
CA ALA UA 194 101.83 20.93 116.18
C ALA UA 194 100.92 19.72 116.10
N GLN UA 195 101.44 18.57 115.65
CA GLN UA 195 100.63 17.36 115.70
C GLN UA 195 100.46 16.84 117.12
N GLY UA 196 101.22 17.36 118.09
CA GLY UA 196 100.92 17.15 119.49
C GLY UA 196 101.48 15.90 120.13
N GLY UA 197 102.48 15.27 119.53
CA GLY UA 197 103.14 14.12 120.13
C GLY UA 197 104.19 14.53 121.12
N THR UA 198 105.03 13.57 121.50
CA THR UA 198 106.02 13.76 122.54
C THR UA 198 107.42 13.72 121.97
N LEU UA 199 108.33 14.43 122.62
CA LEU UA 199 109.74 14.44 122.26
C LEU UA 199 110.51 13.58 123.27
N GLN UA 200 111.72 13.19 122.88
CA GLN UA 200 112.63 12.52 123.81
C GLN UA 200 114.05 12.88 123.41
N GLY UA 201 115.02 12.14 123.95
CA GLY UA 201 116.41 12.45 123.68
C GLY UA 201 116.75 12.38 122.21
N ASP UA 202 117.74 13.19 121.82
CA ASP UA 202 118.22 13.30 120.44
C ASP UA 202 117.14 13.79 119.48
N GLY UA 203 116.10 14.44 120.01
CA GLY UA 203 115.08 15.04 119.17
C GLY UA 203 114.12 14.08 118.50
N THR UA 204 114.26 12.78 118.74
CA THR UA 204 113.35 11.81 118.15
C THR UA 204 111.94 12.04 118.65
N TYR UA 205 110.99 12.02 117.73
CA TYR UA 205 109.63 12.47 117.98
C TYR UA 205 108.64 11.32 117.79
N LYS UA 206 107.55 11.36 118.54
CA LYS UA 206 106.52 10.32 118.50
C LYS UA 206 105.24 10.95 117.94
N ALA UA 207 105.10 10.92 116.62
CA ALA UA 207 103.92 11.44 115.95
C ALA UA 207 102.83 10.39 115.87
N THR UA 208 101.60 10.80 116.14
CA THR UA 208 100.45 9.90 116.16
C THR UA 208 99.53 10.26 114.99
N THR UA 209 99.32 9.30 114.08
CA THR UA 209 98.55 9.53 112.87
C THR UA 209 97.27 8.70 112.91
N THR UA 210 96.13 9.35 112.69
CA THR UA 210 94.85 8.68 112.62
C THR UA 210 94.57 8.22 111.18
N PHE UA 211 93.81 7.15 111.06
CA PHE UA 211 93.54 6.52 109.76
C PHE UA 211 92.04 6.43 109.46
N ASN UA 212 91.25 7.36 109.99
CA ASN UA 212 89.79 7.32 109.80
C ASN UA 212 89.45 7.21 108.32
N ALA UA 213 88.90 6.07 107.92
CA ALA UA 213 88.77 5.74 106.51
C ALA UA 213 87.75 4.61 106.38
N ALA UA 214 87.76 3.95 105.21
CA ALA UA 214 86.83 2.85 104.88
C ALA UA 214 85.41 3.38 104.69
N SER UA 215 85.31 4.46 103.94
CA SER UA 215 84.03 5.04 103.57
C SER UA 215 83.52 4.40 102.28
N ALA UA 216 82.50 5.03 101.68
CA ALA UA 216 81.84 4.43 100.53
C ALA UA 216 82.76 4.32 99.32
N GLU UA 217 83.55 5.37 99.04
CA GLU UA 217 84.31 5.39 97.80
C GLU UA 217 85.32 4.25 97.73
N THR UA 218 85.82 3.80 98.87
CA THR UA 218 86.83 2.75 98.88
C THR UA 218 86.28 1.37 99.19
N VAL UA 219 85.23 1.27 100.00
CA VAL UA 219 84.67 -0.04 100.31
C VAL UA 219 83.94 -0.62 99.10
N LEU UA 220 83.10 0.20 98.45
CA LEU UA 220 82.33 -0.28 97.31
C LEU UA 220 83.18 -0.50 96.07
N SER UA 221 84.42 -0.02 96.06
CA SER UA 221 85.28 -0.22 94.89
C SER UA 221 85.64 -1.68 94.68
N LYS UA 222 85.74 -2.45 95.75
CA LYS UA 222 86.00 -3.90 95.66
C LYS UA 222 84.83 -4.63 96.32
N LEU UA 223 83.93 -5.15 95.49
CA LEU UA 223 82.70 -5.75 95.99
C LEU UA 223 82.13 -6.72 94.96
N GLU UA 224 81.83 -7.95 95.41
CA GLU UA 224 81.00 -8.86 94.63
C GLU UA 224 79.96 -9.59 95.47
N ASP UA 225 80.15 -9.73 96.79
CA ASP UA 225 79.24 -10.49 97.63
C ASP UA 225 78.16 -9.56 98.21
N GLY UA 226 77.43 -10.04 99.21
CA GLY UA 226 76.25 -9.35 99.68
C GLY UA 226 76.54 -8.03 100.36
N ASN UA 227 75.56 -7.14 100.31
CA ASN UA 227 75.64 -5.82 100.94
C ASN UA 227 74.28 -5.50 101.55
N THR UA 228 74.29 -4.96 102.77
CA THR UA 228 73.06 -4.73 103.51
C THR UA 228 72.96 -3.28 103.94
N VAL UA 229 71.74 -2.75 103.92
CA VAL UA 229 71.41 -1.45 104.50
C VAL UA 229 70.15 -1.61 105.33
N ALA UA 230 70.05 -0.80 106.39
CA ALA UA 230 68.91 -0.84 107.29
C ALA UA 230 68.94 0.38 108.20
N VAL UA 231 67.77 0.91 108.51
CA VAL UA 231 67.64 2.10 109.34
C VAL UA 231 67.05 1.70 110.70
N GLY UA 232 67.80 2.00 111.76
CA GLY UA 232 67.30 1.77 113.11
C GLY UA 232 66.85 0.34 113.33
N GLY UA 233 65.68 0.20 113.94
CA GLY UA 233 65.05 -1.08 114.15
C GLY UA 233 64.09 -1.50 113.06
N GLY UA 234 64.07 -0.80 111.93
CA GLY UA 234 63.17 -1.11 110.84
C GLY UA 234 63.66 -2.29 110.02
N ALA UA 235 63.05 -2.45 108.86
CA ALA UA 235 63.37 -3.58 107.99
C ALA UA 235 64.79 -3.46 107.44
N THR UA 236 65.38 -4.61 107.15
CA THR UA 236 66.75 -4.70 106.63
C THR UA 236 66.71 -5.21 105.21
N TYR UA 237 67.46 -4.57 104.32
CA TYR UA 237 67.48 -4.94 102.91
C TYR UA 237 68.91 -5.29 102.50
N THR UA 238 69.01 -6.29 101.61
CA THR UA 238 70.28 -6.88 101.23
C THR UA 238 70.50 -6.72 99.72
N TYR UA 239 71.76 -6.56 99.34
CA TYR UA 239 72.15 -6.31 97.95
C TYR UA 239 73.19 -7.33 97.53
N ASP UA 240 73.32 -7.51 96.21
CA ASP UA 240 74.31 -8.43 95.64
C ASP UA 240 74.87 -7.80 94.37
N ALA UA 241 76.16 -7.48 94.39
CA ALA UA 241 76.82 -6.84 93.24
C ALA UA 241 77.16 -7.89 92.21
N ALA UA 242 76.31 -8.04 91.20
CA ALA UA 242 76.52 -9.01 90.12
C ALA UA 242 76.40 -8.29 88.79
N LYS UA 243 77.42 -8.46 87.94
CA LYS UA 243 77.45 -7.85 86.60
C LYS UA 243 77.31 -6.33 86.66
N GLY UA 244 77.95 -5.73 87.67
CA GLY UA 244 77.94 -4.29 87.79
C GLY UA 244 76.69 -3.68 88.36
N ASN UA 245 75.74 -4.49 88.82
CA ASN UA 245 74.50 -4.00 89.37
C ASN UA 245 74.14 -4.80 90.62
N PHE UA 246 73.31 -4.20 91.45
CA PHE UA 246 72.86 -4.83 92.69
C PHE UA 246 71.44 -5.33 92.53
N THR UA 247 71.22 -6.61 92.85
CA THR UA 247 69.92 -7.25 92.70
C THR UA 247 69.05 -6.92 93.92
N TYR UA 248 68.65 -5.65 93.98
CA TYR UA 248 67.77 -5.20 95.05
C TYR UA 248 66.38 -5.82 94.90
N THR UA 249 65.81 -6.25 96.02
CA THR UA 249 64.45 -6.77 96.07
C THR UA 249 63.63 -5.87 96.97
N LYS UA 250 62.58 -5.27 96.42
CA LYS UA 250 61.73 -4.37 97.19
C LYS UA 250 60.86 -5.23 98.11
N THR UA 251 61.29 -5.36 99.36
CA THR UA 251 60.56 -6.15 100.34
C THR UA 251 59.51 -5.28 101.02
N VAL UA 252 58.26 -5.75 101.02
CA VAL UA 252 57.21 -5.03 101.70
C VAL UA 252 57.48 -5.00 103.20
N ASP UA 253 57.12 -3.89 103.84
CA ASP UA 253 57.10 -3.87 105.29
C ASP UA 253 56.13 -4.94 105.79
N THR UA 254 56.52 -5.63 106.85
CA THR UA 254 55.71 -6.77 107.32
C THR UA 254 54.73 -6.30 108.39
N THR UA 255 55.24 -5.88 109.54
CA THR UA 255 54.53 -5.10 110.57
C THR UA 255 53.04 -5.40 110.69
N VAL UA 256 52.66 -6.68 110.72
CA VAL UA 256 51.25 -7.06 110.70
C VAL UA 256 51.01 -8.25 111.60
N GLY UA 257 49.88 -8.23 112.31
CA GLY UA 257 49.34 -9.39 112.97
C GLY UA 257 48.25 -9.97 112.10
N ALA UA 258 47.00 -9.64 112.40
CA ALA UA 258 45.87 -10.03 111.57
C ALA UA 258 45.45 -8.96 110.57
N ASP UA 259 46.18 -7.86 110.48
CA ASP UA 259 45.80 -6.74 109.63
C ASP UA 259 46.52 -6.82 108.27
N VAL UA 260 46.12 -7.82 107.50
CA VAL UA 260 46.66 -8.00 106.15
C VAL UA 260 46.31 -6.81 105.25
N THR UA 261 45.29 -6.04 105.62
CA THR UA 261 44.88 -4.90 104.81
C THR UA 261 46.01 -3.89 104.64
N ALA UA 262 46.88 -3.76 105.64
CA ALA UA 262 48.02 -2.84 105.50
C ALA UA 262 48.91 -3.25 104.34
N LEU UA 263 49.26 -4.54 104.27
CA LEU UA 263 50.10 -5.02 103.17
C LEU UA 263 49.36 -4.91 101.85
N ALA UA 264 48.06 -5.24 101.83
CA ALA UA 264 47.31 -5.15 100.58
C ALA UA 264 47.27 -3.73 100.05
N ASN UA 265 47.01 -2.75 100.93
CA ASN UA 265 46.94 -1.36 100.54
C ASN UA 265 48.32 -0.74 100.35
N LYS UA 266 49.39 -1.39 100.78
CA LYS UA 266 50.72 -0.94 100.40
C LYS UA 266 51.08 -1.45 99.02
N ILE UA 267 50.65 -2.67 98.67
CA ILE UA 267 50.89 -3.19 97.33
C ILE UA 267 50.06 -2.45 96.31
N LYS UA 268 48.82 -2.10 96.67
CA LYS UA 268 47.86 -1.53 95.74
C LYS UA 268 48.37 -0.31 94.97
N PRO UA 269 48.98 0.71 95.60
CA PRO UA 269 49.39 1.89 94.82
C PRO UA 269 50.43 1.58 93.76
N SER UA 270 51.20 0.50 93.90
CA SER UA 270 52.15 0.12 92.87
C SER UA 270 51.46 -0.27 91.57
N SER UA 271 50.18 -0.64 91.63
CA SER UA 271 49.40 -0.97 90.45
C SER UA 271 47.98 -0.43 90.55
N GLY UA 272 47.80 0.70 91.22
CA GLY UA 272 46.46 1.22 91.48
C GLY UA 272 45.83 1.97 90.32
N THR UA 273 45.61 1.27 89.21
CA THR UA 273 44.97 1.85 88.04
C THR UA 273 44.31 0.73 87.25
N ILE UA 274 43.32 1.09 86.45
CA ILE UA 274 42.64 0.10 85.59
C ILE UA 274 43.61 -0.34 84.51
N SER UA 275 43.89 -1.64 84.47
CA SER UA 275 44.82 -2.20 83.50
C SER UA 275 44.30 -3.57 83.08
N GLY UA 276 45.10 -4.29 82.30
CA GLY UA 276 44.73 -5.60 81.82
C GLY UA 276 45.94 -6.49 81.69
N SER UA 277 45.69 -7.73 81.23
CA SER UA 277 46.74 -8.74 81.05
C SER UA 277 47.49 -9.03 82.34
N TYR UA 278 46.82 -8.85 83.48
CA TYR UA 278 47.45 -9.19 84.75
C TYR UA 278 47.67 -10.68 84.86
N GLU UA 279 48.72 -11.06 85.57
CA GLU UA 279 49.11 -12.46 85.76
C GLU UA 279 48.95 -12.79 87.24
N ILE UA 280 47.91 -13.54 87.55
CA ILE UA 280 47.65 -13.99 88.92
C ILE UA 280 48.12 -15.43 89.00
N SER UA 281 49.32 -15.64 89.52
CA SER UA 281 49.91 -16.97 89.64
C SER UA 281 49.88 -17.33 91.12
N THR UA 282 48.77 -17.89 91.57
CA THR UA 282 48.59 -18.38 92.92
C THR UA 282 48.65 -19.90 92.93
N GLY UA 283 48.76 -20.46 94.14
CA GLY UA 283 48.93 -21.89 94.26
C GLY UA 283 50.26 -22.34 93.69
N LYS UA 284 50.23 -23.10 92.62
CA LYS UA 284 51.47 -23.55 92.01
C LYS UA 284 51.56 -23.22 90.52
N SER UA 285 50.49 -23.41 89.77
CA SER UA 285 50.52 -23.27 88.31
C SER UA 285 49.29 -22.53 87.82
N ALA UA 286 48.92 -21.44 88.49
CA ALA UA 286 47.75 -20.68 88.07
C ALA UA 286 47.93 -20.11 86.68
N SER UA 287 48.93 -19.23 86.52
CA SER UA 287 49.29 -18.64 85.23
C SER UA 287 48.07 -18.04 84.53
N PHE UA 288 47.51 -17.01 85.14
CA PHE UA 288 46.33 -16.34 84.63
C PHE UA 288 46.69 -15.23 83.66
N ASP UA 289 45.71 -14.86 82.82
CA ASP UA 289 45.78 -13.71 81.92
C ASP UA 289 44.46 -12.96 82.08
N VAL UA 290 44.40 -12.04 83.04
CA VAL UA 290 43.14 -11.46 83.49
C VAL UA 290 43.17 -9.95 83.30
N ASP UA 291 42.01 -9.34 83.51
CA ASP UA 291 41.83 -7.89 83.45
C ASP UA 291 41.35 -7.40 84.80
N ALA UA 292 41.61 -6.12 85.08
CA ALA UA 292 41.23 -5.55 86.36
C ALA UA 292 40.85 -4.08 86.15
N ALA UA 293 39.62 -3.74 86.54
CA ALA UA 293 39.14 -2.36 86.57
C ALA UA 293 38.67 -2.01 87.97
N GLY UA 294 39.44 -2.43 88.96
CA GLY UA 294 39.00 -2.50 90.33
C GLY UA 294 38.30 -3.80 90.67
N LYS UA 295 38.22 -4.74 89.74
CA LYS UA 295 37.49 -6.00 89.89
C LYS UA 295 38.16 -7.02 89.00
N ILE UA 296 38.62 -8.12 89.59
CA ILE UA 296 39.37 -9.11 88.83
C ILE UA 296 38.43 -9.88 87.91
N THR UA 297 38.81 -9.97 86.64
CA THR UA 297 38.04 -10.74 85.66
C THR UA 297 38.96 -11.12 84.51
N ILE UA 298 38.64 -12.25 83.88
CA ILE UA 298 39.35 -12.69 82.70
C ILE UA 298 38.44 -12.41 81.50
N GLY UA 299 39.02 -12.47 80.30
CA GLY UA 299 38.29 -12.09 79.11
C GLY UA 299 37.02 -12.88 78.87
N GLY UA 300 35.87 -12.22 79.05
CA GLY UA 300 34.58 -12.85 78.86
C GLY UA 300 34.02 -13.58 80.06
N ASN UA 301 34.61 -13.43 81.25
CA ASN UA 301 34.18 -14.17 82.43
C ASN UA 301 34.22 -13.25 83.63
N ALA UA 302 34.08 -13.83 84.83
CA ALA UA 302 34.03 -13.08 86.08
C ALA UA 302 35.17 -13.36 87.03
N ALA UA 303 35.70 -14.59 87.03
CA ALA UA 303 36.88 -14.97 87.82
C ALA UA 303 36.67 -14.71 89.32
N PHE UA 304 35.74 -15.48 89.88
CA PHE UA 304 35.48 -15.41 91.31
C PHE UA 304 36.64 -16.02 92.10
N LEU UA 305 36.59 -15.82 93.41
CA LEU UA 305 37.58 -16.37 94.32
C LEU UA 305 36.97 -17.53 95.11
N ASN UA 306 37.77 -18.58 95.32
CA ASN UA 306 37.29 -19.79 95.98
C ASN UA 306 38.33 -20.32 96.94
N ALA UA 307 37.97 -21.38 97.65
CA ALA UA 307 38.89 -22.21 98.43
C ALA UA 307 39.62 -21.39 99.50
N ASP UA 308 38.84 -20.93 100.47
CA ASP UA 308 39.43 -20.27 101.63
C ASP UA 308 40.45 -21.19 102.29
N GLY UA 309 41.62 -20.63 102.61
CA GLY UA 309 42.76 -21.41 103.03
C GLY UA 309 43.64 -21.86 101.89
N GLU UA 310 43.06 -22.05 100.70
CA GLU UA 310 43.80 -22.36 99.48
C GLU UA 310 43.80 -21.21 98.48
N LEU UA 311 42.67 -20.50 98.37
CA LEU UA 311 42.58 -19.20 97.70
C LEU UA 311 43.00 -19.28 96.23
N THR UA 312 42.20 -20.02 95.47
CA THR UA 312 42.36 -20.12 94.02
C THR UA 312 41.27 -19.31 93.33
N THR UA 313 41.65 -18.48 92.36
CA THR UA 313 40.72 -17.62 91.65
C THR UA 313 40.06 -18.43 90.54
N ASN UA 314 38.73 -18.49 90.56
CA ASN UA 314 38.03 -19.41 89.68
C ASN UA 314 36.69 -18.81 89.28
N ASP UA 315 36.39 -18.87 87.98
CA ASP UA 315 35.13 -18.32 87.48
C ASP UA 315 33.93 -19.15 87.94
N ALA UA 316 34.16 -20.37 88.42
CA ALA UA 316 33.06 -21.19 88.92
C ALA UA 316 32.74 -20.80 90.35
N SER UA 317 31.50 -20.39 90.59
CA SER UA 317 31.06 -20.04 91.94
C SER UA 317 30.90 -21.29 92.80
N GLY UA 318 31.22 -21.16 94.08
CA GLY UA 318 31.07 -22.24 95.03
C GLY UA 318 30.31 -21.80 96.27
N ALA UA 319 29.37 -20.87 96.10
CA ALA UA 319 28.51 -20.31 97.14
C ALA UA 319 29.26 -19.46 98.14
N LEU UA 320 30.59 -19.33 98.02
CA LEU UA 320 31.41 -18.56 98.94
C LEU UA 320 32.40 -17.68 98.16
N THR UA 321 31.90 -16.99 97.15
CA THR UA 321 32.74 -16.27 96.20
C THR UA 321 32.65 -14.76 96.44
N GLN UA 322 33.77 -14.09 96.23
CA GLN UA 322 33.87 -12.64 96.39
C GLN UA 322 34.28 -11.91 95.12
N ALA UA 323 35.35 -12.37 94.46
CA ALA UA 323 35.83 -11.80 93.20
C ALA UA 323 36.19 -10.32 93.36
N THR UA 324 37.19 -10.06 94.19
CA THR UA 324 37.65 -8.70 94.45
C THR UA 324 39.16 -8.64 94.36
N LEU UA 325 39.68 -7.56 93.77
CA LEU UA 325 41.12 -7.38 93.67
C LEU UA 325 41.78 -7.28 95.04
N ASP UA 326 41.13 -6.56 95.97
CA ASP UA 326 41.63 -6.52 97.34
C ASP UA 326 41.62 -7.90 97.96
N ASP UA 327 40.55 -8.67 97.73
CA ASP UA 327 40.48 -10.03 98.24
C ASP UA 327 41.59 -10.90 97.65
N VAL UA 328 41.85 -10.75 96.34
CA VAL UA 328 42.92 -11.51 95.71
C VAL UA 328 44.26 -11.15 96.32
N LEU UA 329 44.55 -9.84 96.44
CA LEU UA 329 45.84 -9.40 96.92
C LEU UA 329 46.08 -9.83 98.37
N THR UA 330 45.05 -9.74 99.21
CA THR UA 330 45.16 -10.30 100.56
C THR UA 330 45.38 -11.80 100.49
N SER UA 331 44.70 -12.48 99.58
CA SER UA 331 44.82 -13.93 99.46
C SER UA 331 46.19 -14.32 98.93
N VAL UA 332 46.59 -13.73 97.80
CA VAL UA 332 47.76 -14.23 97.06
C VAL UA 332 49.03 -14.06 97.88
N GLY UA 333 49.60 -15.18 98.30
CA GLY UA 333 50.89 -15.20 98.97
C GLY UA 333 51.00 -14.34 100.20
N THR UA 334 49.90 -13.69 100.57
CA THR UA 334 49.90 -12.75 101.67
C THR UA 334 49.07 -13.24 102.84
N GLU UA 335 48.17 -14.20 102.61
CA GLU UA 335 47.44 -14.84 103.70
C GLU UA 335 47.68 -16.34 103.77
N ALA UA 336 47.47 -17.08 102.68
CA ALA UA 336 47.53 -18.54 102.78
C ALA UA 336 48.19 -19.18 101.57
N ASN UA 337 49.07 -18.47 100.87
CA ASN UA 337 49.81 -19.03 99.76
C ASN UA 337 51.29 -18.72 99.91
N SER UA 338 52.11 -19.57 99.31
CA SER UA 338 53.56 -19.44 99.38
C SER UA 338 54.16 -19.60 98.00
N SER UA 339 55.26 -18.89 97.77
CA SER UA 339 56.00 -18.96 96.51
C SER UA 339 55.09 -18.68 95.31
N VAL UA 340 54.20 -17.69 95.47
CA VAL UA 340 53.30 -17.29 94.42
C VAL UA 340 53.54 -15.81 94.11
N THR UA 341 52.95 -15.35 93.02
CA THR UA 341 53.32 -14.04 92.48
C THR UA 341 52.13 -13.43 91.76
N ILE UA 342 52.05 -12.10 91.80
CA ILE UA 342 51.14 -11.32 90.97
C ILE UA 342 51.97 -10.73 89.85
N GLY UA 343 51.90 -11.33 88.67
CA GLY UA 343 52.66 -10.89 87.52
C GLY UA 343 51.92 -9.84 86.71
N GLY UA 344 52.27 -9.76 85.44
CA GLY UA 344 51.63 -8.83 84.53
C GLY UA 344 52.05 -7.39 84.75
N THR UA 345 51.92 -6.58 83.71
CA THR UA 345 52.28 -5.15 83.76
C THR UA 345 53.72 -4.97 84.22
N LYS UA 346 54.60 -5.80 83.66
CA LYS UA 346 56.06 -5.74 83.86
C LYS UA 346 56.46 -5.64 85.33
N TYR UA 347 55.73 -6.37 86.19
CA TYR UA 347 56.18 -6.55 87.57
C TYR UA 347 55.80 -7.95 88.01
N SER UA 348 56.47 -8.41 89.06
CA SER UA 348 56.22 -9.75 89.59
C SER UA 348 56.32 -9.67 91.11
N HIS UA 349 55.17 -9.53 91.77
CA HIS UA 349 55.12 -9.39 93.23
C HIS UA 349 55.15 -10.79 93.85
N SER UA 350 56.34 -11.37 93.88
CA SER UA 350 56.52 -12.67 94.49
C SER UA 350 56.31 -12.59 96.00
N ALA UA 351 55.83 -13.69 96.57
CA ALA UA 351 55.53 -13.76 98.00
C ALA UA 351 56.62 -14.59 98.69
N ALA UA 352 57.40 -13.96 99.56
CA ALA UA 352 58.40 -14.69 100.31
C ALA UA 352 57.78 -15.43 101.50
N ASP UA 353 56.78 -14.85 102.14
CA ASP UA 353 56.18 -15.45 103.33
C ASP UA 353 54.67 -15.27 103.28
N GLU UA 354 53.97 -16.19 103.94
CA GLU UA 354 52.52 -16.14 104.08
C GLU UA 354 52.16 -15.78 105.52
N LEU UA 355 50.93 -15.32 105.70
CA LEU UA 355 50.44 -14.83 106.98
C LEU UA 355 49.69 -15.95 107.70
N SER UA 356 50.34 -16.58 108.68
CA SER UA 356 49.65 -17.51 109.55
C SER UA 356 48.73 -16.82 110.53
N TYR UA 357 48.56 -15.50 110.40
CA TYR UA 357 47.80 -14.61 111.28
C TYR UA 357 48.46 -14.47 112.64
N THR UA 358 49.55 -15.19 112.89
CA THR UA 358 50.47 -14.93 113.99
C THR UA 358 51.84 -14.55 113.48
N ALA UA 359 52.44 -15.39 112.63
CA ALA UA 359 53.62 -15.00 111.88
C ALA UA 359 53.22 -14.14 110.70
N VAL UA 360 54.01 -13.12 110.44
CA VAL UA 360 53.65 -12.09 109.47
C VAL UA 360 54.10 -12.51 108.07
N ALA UA 361 53.37 -12.04 107.07
CA ALA UA 361 53.67 -12.32 105.68
C ALA UA 361 54.53 -11.21 105.07
N THR UA 362 55.03 -11.49 103.86
CA THR UA 362 55.77 -10.48 103.11
C THR UA 362 55.75 -10.87 101.63
N THR UA 363 55.50 -9.89 100.78
CA THR UA 363 55.59 -10.04 99.33
C THR UA 363 56.62 -9.07 98.79
N ALA UA 364 57.38 -9.53 97.79
CA ALA UA 364 58.47 -8.71 97.27
C ALA UA 364 58.54 -8.85 95.76
N ASP UA 365 58.91 -7.75 95.11
CA ASP UA 365 59.22 -7.74 93.69
C ASP UA 365 60.68 -7.40 93.53
N VAL UA 366 61.36 -8.12 92.64
CA VAL UA 366 62.78 -7.86 92.41
C VAL UA 366 62.88 -6.73 91.40
N LEU UA 367 62.80 -5.49 91.89
CA LEU UA 367 62.90 -4.34 91.01
C LEU UA 367 64.29 -4.15 90.44
N SER UA 368 65.29 -4.77 91.06
CA SER UA 368 66.70 -4.49 90.77
C SER UA 368 67.01 -3.00 90.93
N ALA UA 369 66.20 -2.31 91.72
CA ALA UA 369 66.35 -0.87 91.90
C ALA UA 369 67.70 -0.57 92.54
N MET UA 370 68.10 0.71 92.44
CA MET UA 370 69.36 1.18 92.99
C MET UA 370 70.53 0.39 92.37
N GLY UA 371 70.31 -0.12 91.16
CA GLY UA 371 71.17 -1.10 90.53
C GLY UA 371 72.63 -0.73 90.44
N SER UA 372 72.93 0.35 89.72
CA SER UA 372 74.31 0.80 89.59
C SER UA 372 74.92 1.09 90.95
N SER UA 373 76.18 0.71 91.12
CA SER UA 373 76.86 0.92 92.39
C SER UA 373 76.91 2.40 92.77
N THR UA 374 76.81 3.29 91.77
CA THR UA 374 76.75 4.71 92.08
C THR UA 374 75.49 5.03 92.89
N ALA UA 375 74.37 4.42 92.53
CA ALA UA 375 73.13 4.65 93.29
C ALA UA 375 73.25 4.15 94.71
N VAL UA 376 73.80 2.94 94.89
CA VAL UA 376 73.97 2.40 96.24
C VAL UA 376 74.87 3.32 97.05
N SER UA 377 75.98 3.76 96.46
CA SER UA 377 76.91 4.64 97.15
C SER UA 377 76.22 5.94 97.55
N THR UA 378 75.48 6.55 96.62
CA THR UA 378 74.83 7.83 96.90
C THR UA 378 73.81 7.69 98.01
N VAL UA 379 73.05 6.59 98.01
CA VAL UA 379 72.02 6.41 99.04
C VAL UA 379 72.66 6.16 100.40
N THR UA 380 73.69 5.30 100.45
CA THR UA 380 74.33 5.06 101.74
C THR UA 380 75.23 6.22 102.16
N LEU UA 381 75.74 7.00 101.22
CA LEU UA 381 76.49 8.21 101.53
C LEU UA 381 75.50 9.36 101.72
N GLY UA 382 74.87 9.35 102.89
CA GLY UA 382 73.83 10.32 103.19
C GLY UA 382 72.46 9.67 103.32
N SER UA 383 72.01 9.52 104.56
CA SER UA 383 70.75 8.85 104.85
C SER UA 383 70.28 9.33 106.22
N GLY UA 384 69.42 8.55 106.86
CA GLY UA 384 68.92 8.88 108.17
C GLY UA 384 69.71 8.17 109.24
N ILE UA 385 69.15 7.13 109.83
CA ILE UA 385 69.88 6.28 110.76
C ILE UA 385 70.19 4.97 110.05
N THR UA 386 70.29 5.03 108.73
CA THR UA 386 70.52 3.84 107.91
C THR UA 386 71.99 3.44 107.98
N SER UA 387 72.28 2.47 108.85
CA SER UA 387 73.64 1.96 109.02
C SER UA 387 73.84 0.78 108.08
N ALA UA 388 74.75 0.94 107.13
CA ALA UA 388 75.01 -0.10 106.14
C ALA UA 388 76.04 -1.10 106.65
N ALA UA 389 76.11 -2.24 105.96
CA ALA UA 389 77.13 -3.25 106.22
C ALA UA 389 77.44 -3.96 104.92
N VAL UA 390 78.72 -4.14 104.63
CA VAL UA 390 79.17 -4.70 103.36
C VAL UA 390 79.93 -5.99 103.62
N THR UA 391 79.50 -7.07 102.97
CA THR UA 391 80.19 -8.35 102.98
C THR UA 391 80.85 -8.51 101.61
N PHE UA 392 82.18 -8.36 101.56
CA PHE UA 392 82.83 -8.15 100.27
C PHE UA 392 84.08 -9.00 100.09
N ALA UA 393 84.08 -10.24 100.56
CA ALA UA 393 85.24 -11.12 100.35
C ALA UA 393 84.76 -12.54 100.08
N ILE UA 394 85.73 -13.43 99.93
CA ILE UA 394 85.45 -14.85 99.79
C ILE UA 394 84.95 -15.41 101.11
N ALA UA 395 83.93 -16.27 101.06
CA ALA UA 395 83.25 -16.72 102.28
C ALA UA 395 84.22 -17.34 103.28
N THR UA 396 85.29 -17.98 102.81
CA THR UA 396 86.29 -18.49 103.73
C THR UA 396 87.07 -17.36 104.41
N THR UA 397 87.34 -16.29 103.66
CA THR UA 397 88.18 -15.19 104.16
C THR UA 397 87.40 -13.88 104.17
N ASP UA 398 86.16 -13.92 104.65
CA ASP UA 398 85.27 -12.77 104.60
C ASP UA 398 85.06 -12.19 105.99
N SER UA 399 84.68 -10.91 106.01
CA SER UA 399 84.21 -10.24 107.21
C SER UA 399 83.32 -9.09 106.75
N ASN UA 400 82.84 -8.30 107.72
CA ASN UA 400 81.92 -7.21 107.42
C ASN UA 400 82.44 -5.93 108.04
N ASN UA 401 82.01 -4.80 107.49
CA ASN UA 401 82.29 -3.48 108.05
C ASN UA 401 80.97 -2.78 108.35
N THR UA 402 80.85 -2.25 109.56
CA THR UA 402 79.70 -1.43 109.91
C THR UA 402 79.90 -0.03 109.36
N TRP UA 403 78.79 0.71 109.22
CA TRP UA 403 78.82 1.98 108.52
C TRP UA 403 78.08 3.05 109.32
N VAL UA 404 78.64 4.26 109.31
CA VAL UA 404 77.98 5.40 109.92
C VAL UA 404 76.87 5.89 108.98
N ASP UA 405 75.70 6.14 109.55
CA ASP UA 405 74.49 6.36 108.75
C ASP UA 405 74.63 7.56 107.83
N ASN UA 406 75.05 8.70 108.36
CA ASN UA 406 74.95 9.95 107.63
C ASN UA 406 76.14 10.22 106.71
N LYS UA 407 77.22 9.43 106.81
CA LYS UA 407 78.36 9.62 105.93
C LYS UA 407 78.95 8.33 105.38
N GLY UA 408 78.42 7.17 105.76
CA GLY UA 408 78.92 5.92 105.21
C GLY UA 408 80.35 5.59 105.58
N GLU UA 409 80.93 6.30 106.54
CA GLU UA 409 82.27 6.05 107.02
C GLU UA 409 82.21 5.11 108.22
N LEU UA 410 83.36 4.53 108.55
CA LEU UA 410 83.44 3.57 109.65
C LEU UA 410 84.49 4.05 110.65
N THR UA 411 84.12 4.04 111.93
CA THR UA 411 85.06 4.40 112.99
C THR UA 411 85.76 3.17 113.57
N ASP UA 412 85.11 2.01 113.54
CA ASP UA 412 85.71 0.81 114.12
C ASP UA 412 86.92 0.35 113.31
N ILE UA 413 86.78 0.28 111.99
CA ILE UA 413 87.82 -0.24 111.11
C ILE UA 413 88.35 0.91 110.27
N GLN UA 414 89.66 1.14 110.35
CA GLN UA 414 90.34 2.17 109.60
C GLN UA 414 91.14 1.52 108.48
N THR UA 415 91.87 2.35 107.73
CA THR UA 415 92.76 1.86 106.69
C THR UA 415 94.12 2.50 106.83
N PHE UA 416 95.16 1.66 106.91
CA PHE UA 416 96.52 2.13 106.87
C PHE UA 416 96.82 2.79 105.53
N ASP UA 417 97.99 3.42 105.43
CA ASP UA 417 98.39 4.10 104.20
C ASP UA 417 98.29 3.17 103.00
N THR UA 418 98.60 1.89 103.18
CA THR UA 418 98.55 0.92 102.09
C THR UA 418 97.67 -0.28 102.39
N SER UA 419 96.93 -0.29 103.50
CA SER UA 419 96.25 -1.51 103.93
C SER UA 419 95.08 -1.15 104.83
N TYR UA 420 94.24 -2.16 105.10
CA TYR UA 420 93.04 -2.00 105.92
C TYR UA 420 93.31 -2.53 107.32
N LYS UA 421 93.77 -1.67 108.21
CA LYS UA 421 94.07 -2.05 109.59
C LYS UA 421 93.06 -1.44 110.55
N ILE UA 422 92.62 -2.24 111.53
CA ILE UA 422 91.71 -1.75 112.55
C ILE UA 422 92.41 -0.69 113.42
N ASN UA 423 93.70 -0.84 113.65
CA ASN UA 423 94.43 0.11 114.49
C ASN UA 423 94.43 1.48 113.84
N ALA UA 424 93.64 2.41 114.40
CA ALA UA 424 93.52 3.75 113.84
C ALA UA 424 94.81 4.54 113.97
N ASP UA 425 95.68 4.19 114.91
CA ASP UA 425 96.90 4.93 115.16
C ASP UA 425 98.10 4.00 115.20
N THR UA 426 99.20 4.45 114.61
CA THR UA 426 100.45 3.69 114.59
C THR UA 426 101.55 4.30 115.44
N GLY UA 427 101.47 5.59 115.75
CA GLY UA 427 102.52 6.23 116.51
C GLY UA 427 103.83 6.29 115.75
N GLU UA 428 103.77 6.82 114.53
CA GLU UA 428 104.97 6.91 113.70
C GLU UA 428 106.06 7.70 114.40
N VAL UA 429 107.30 7.26 114.22
CA VAL UA 429 108.45 7.82 114.94
C VAL UA 429 109.35 8.50 113.93
N THR UA 430 109.49 9.81 114.08
CA THR UA 430 110.36 10.61 113.22
C THR UA 430 111.44 11.27 114.07
N VAL UA 431 112.62 11.42 113.48
CA VAL UA 431 113.76 12.02 114.16
C VAL UA 431 114.10 13.34 113.46
N VAL UA 432 114.29 14.39 114.26
CA VAL UA 432 114.61 15.71 113.74
C VAL UA 432 116.13 15.79 113.60
N GLY UA 433 116.61 15.68 112.37
CA GLY UA 433 118.04 15.77 112.11
C GLY UA 433 118.59 17.13 112.52
N ASP UA 434 119.38 17.14 113.58
CA ASP UA 434 119.94 18.39 114.09
C ASP UA 434 120.90 18.99 113.06
N ASN UA 435 120.95 20.32 113.03
CA ASN UA 435 121.73 21.12 112.09
C ASN UA 435 121.26 20.96 110.66
N SER UA 436 120.20 20.19 110.42
CA SER UA 436 119.60 20.05 109.10
C SER UA 436 118.14 20.46 109.05
N ALA UA 437 117.45 20.49 110.19
CA ALA UA 437 116.06 20.94 110.28
C ALA UA 437 115.14 20.13 109.38
N THR UA 438 115.41 18.83 109.22
CA THR UA 438 114.58 17.95 108.43
C THR UA 438 114.21 16.74 109.26
N ALA UA 439 112.91 16.43 109.31
CA ALA UA 439 112.39 15.33 110.12
C ALA UA 439 112.56 14.01 109.37
N GLY UA 440 113.75 13.43 109.53
CA GLY UA 440 114.00 12.12 108.95
C GLY UA 440 113.17 11.05 109.64
N GLN UA 441 112.78 10.03 108.89
CA GLN UA 441 112.02 8.92 109.45
C GLN UA 441 112.91 8.05 110.33
N TYR UA 442 112.30 7.38 111.29
CA TYR UA 442 113.06 6.55 112.21
C TYR UA 442 112.43 5.18 112.43
N ALA UA 443 111.11 5.08 112.27
CA ALA UA 443 110.40 3.85 112.64
C ALA UA 443 110.83 2.64 111.81
N SER UA 444 110.49 2.63 110.52
CA SER UA 444 110.87 1.53 109.66
C SER UA 444 111.46 2.02 108.33
N ALA UA 445 111.05 3.21 107.90
CA ALA UA 445 111.63 3.77 106.68
C ALA UA 445 113.07 4.17 106.90
N ASP UA 446 113.40 4.64 108.11
CA ASP UA 446 114.77 4.88 108.54
C ASP UA 446 115.49 5.86 107.60
N GLY UA 447 114.95 7.07 107.56
CA GLY UA 447 115.55 8.12 106.77
C GLY UA 447 114.76 8.47 105.52
N ALA UA 448 113.43 8.41 105.62
CA ALA UA 448 112.58 8.73 104.49
C ALA UA 448 112.49 10.23 104.22
N LYS UA 449 113.01 11.06 105.13
CA LYS UA 449 113.02 12.52 104.94
C LYS UA 449 111.59 13.04 104.76
N VAL UA 450 110.81 12.92 105.85
CA VAL UA 450 109.39 13.24 105.80
C VAL UA 450 109.14 14.62 105.21
N LEU UA 451 108.14 14.71 104.34
CA LEU UA 451 107.61 15.97 103.85
C LEU UA 451 106.15 16.11 104.27
N VAL UA 452 105.72 17.36 104.44
CA VAL UA 452 104.34 17.63 104.80
C VAL UA 452 103.46 17.46 103.56
N GLY UA 453 102.42 16.63 103.69
CA GLY UA 453 101.53 16.36 102.58
C GLY UA 453 100.56 17.49 102.33
N SER UA 454 99.72 17.29 101.31
CA SER UA 454 98.74 18.31 100.94
C SER UA 454 97.65 18.50 101.99
N ASP UA 455 97.38 17.48 102.81
CA ASP UA 455 96.37 17.56 103.85
C ASP UA 455 96.95 17.94 105.21
N GLY UA 456 98.24 18.25 105.27
CA GLY UA 456 98.88 18.67 106.50
C GLY UA 456 99.46 17.54 107.33
N LYS UA 457 99.18 16.29 107.00
CA LYS UA 457 99.76 15.19 107.74
C LYS UA 457 101.17 14.88 107.24
N LEU UA 458 101.92 14.15 108.06
CA LEU UA 458 103.29 13.78 107.72
C LEU UA 458 103.28 12.58 106.79
N THR UA 459 104.14 12.62 105.78
CA THR UA 459 104.21 11.57 104.79
C THR UA 459 105.62 11.51 104.22
N THR UA 460 105.96 10.38 103.61
CA THR UA 460 107.30 10.15 103.09
C THR UA 460 107.44 10.51 101.61
N GLU UA 461 106.35 10.86 100.94
CA GLU UA 461 106.43 11.22 99.54
C GLU UA 461 106.99 12.62 99.37
N THR UA 462 107.62 12.86 98.22
CA THR UA 462 108.19 14.18 97.93
C THR UA 462 107.29 15.02 97.03
N THR UA 463 106.59 14.39 96.09
CA THR UA 463 105.77 15.10 95.12
C THR UA 463 104.32 14.63 95.21
N SER UA 464 103.38 15.57 95.16
CA SER UA 464 101.97 15.28 95.27
C SER UA 464 101.34 15.19 93.89
N ALA UA 465 100.02 14.97 93.87
CA ALA UA 465 99.31 14.84 92.60
C ALA UA 465 99.30 16.16 91.82
N GLY UA 466 99.14 17.27 92.51
CA GLY UA 466 99.04 18.56 91.85
C GLY UA 466 97.62 18.86 91.41
N ASP UA 467 97.47 19.63 90.32
CA ASP UA 467 96.14 19.97 89.83
C ASP UA 467 96.20 20.08 88.31
N LYS UA 468 95.95 18.94 87.63
CA LYS UA 468 96.29 18.75 86.20
C LYS UA 468 95.79 17.37 85.74
N THR UA 469 95.39 17.25 84.48
CA THR UA 469 94.94 15.96 83.96
C THR UA 469 96.14 15.02 83.88
N THR UA 470 96.18 14.03 84.76
CA THR UA 470 97.39 13.21 84.91
C THR UA 470 97.74 12.47 83.63
N ASP UA 471 96.72 12.02 82.89
CA ASP UA 471 96.91 11.29 81.63
C ASP UA 471 96.08 11.98 80.55
N PRO UA 472 96.57 13.10 80.02
CA PRO UA 472 95.75 13.85 79.05
C PRO UA 472 95.50 13.09 77.77
N LEU UA 473 96.57 12.58 77.14
CA LEU UA 473 96.42 11.86 75.88
C LEU UA 473 95.62 10.57 76.06
N LYS UA 474 95.77 9.90 77.20
CA LYS UA 474 95.01 8.68 77.44
C LYS UA 474 93.51 8.96 77.55
N THR UA 475 93.15 10.03 78.27
CA THR UA 475 91.74 10.43 78.33
C THR UA 475 91.23 10.83 76.95
N LEU UA 476 92.07 11.51 76.17
CA LEU UA 476 91.67 11.86 74.82
C LEU UA 476 91.45 10.63 73.95
N ASP UA 477 92.29 9.61 74.13
CA ASP UA 477 92.09 8.36 73.40
C ASP UA 477 90.81 7.66 73.84
N ALA UA 478 90.48 7.73 75.13
CA ALA UA 478 89.21 7.17 75.59
C ALA UA 478 88.03 7.88 74.96
N ALA UA 479 88.09 9.22 74.89
CA ALA UA 479 87.04 9.98 74.23
C ALA UA 479 86.97 9.62 72.75
N PHE UA 480 88.12 9.45 72.10
CA PHE UA 480 88.16 9.04 70.71
C PHE UA 480 87.47 7.69 70.52
N THR UA 481 87.75 6.75 71.42
CA THR UA 481 87.13 5.42 71.30
C THR UA 481 85.62 5.51 71.47
N LYS UA 482 85.16 6.30 72.45
CA LYS UA 482 83.72 6.44 72.64
C LYS UA 482 83.06 7.05 71.41
N LEU UA 483 83.63 8.14 70.90
CA LEU UA 483 83.05 8.81 69.74
C LEU UA 483 83.08 7.92 68.51
N ASP UA 484 84.18 7.19 68.31
CA ASP UA 484 84.28 6.29 67.17
C ASP UA 484 83.27 5.16 67.28
N LYS UA 485 83.06 4.63 68.48
CA LYS UA 485 82.05 3.59 68.66
C LYS UA 485 80.67 4.11 68.31
N LEU UA 486 80.33 5.31 68.78
CA LEU UA 486 79.02 5.87 68.47
C LEU UA 486 78.88 6.14 66.97
N THR UA 487 79.92 6.68 66.34
CA THR UA 487 79.86 6.96 64.91
C THR UA 487 79.72 5.67 64.10
N GLY UA 488 80.45 4.62 64.47
CA GLY UA 488 80.32 3.35 63.79
C GLY UA 488 78.95 2.75 63.95
N GLU UA 489 78.38 2.85 65.16
CA GLU UA 489 77.03 2.36 65.37
C GLU UA 489 76.04 3.11 64.49
N LEU UA 490 76.17 4.44 64.43
CA LEU UA 490 75.26 5.23 63.61
C LEU UA 490 75.41 4.90 62.13
N GLY UA 491 76.65 4.71 61.66
CA GLY UA 491 76.86 4.35 60.27
C GLY UA 491 76.28 2.98 59.94
N ALA UA 492 76.44 2.02 60.85
CA ALA UA 492 75.86 0.70 60.64
C ALA UA 492 74.34 0.78 60.58
N VAL UA 493 73.73 1.56 61.47
CA VAL UA 493 72.28 1.72 61.46
C VAL UA 493 71.83 2.40 60.17
N GLN UA 494 72.62 3.37 59.68
CA GLN UA 494 72.28 4.03 58.43
C GLN UA 494 72.33 3.07 57.25
N ASN UA 495 73.36 2.22 57.20
CA ASN UA 495 73.46 1.23 56.13
C ASN UA 495 72.31 0.23 56.19
N ARG UA 496 72.00 -0.24 57.40
CA ARG UA 496 70.86 -1.15 57.56
C ARG UA 496 69.56 -0.48 57.14
N LEU UA 497 69.41 0.81 57.44
CA LEU UA 497 68.20 1.53 57.04
C LEU UA 497 68.12 1.67 55.53
N GLU UA 498 69.26 1.89 54.86
CA GLU UA 498 69.24 1.93 53.40
C GLU UA 498 68.84 0.57 52.83
N SER UA 499 69.34 -0.51 53.42
CA SER UA 499 68.94 -1.85 52.99
C SER UA 499 67.45 -2.07 53.23
N THR UA 500 66.92 -1.57 54.35
CA THR UA 500 65.49 -1.66 54.57
C THR UA 500 64.71 -0.87 53.53
N ILE UA 501 65.22 0.30 53.14
CA ILE UA 501 64.56 1.07 52.09
C ILE UA 501 64.48 0.25 50.82
N ALA UA 502 65.59 -0.39 50.42
CA ALA UA 502 65.59 -1.20 49.21
C ALA UA 502 64.61 -2.37 49.34
N ASN UA 503 64.64 -3.06 50.48
CA ASN UA 503 63.79 -4.22 50.66
C ASN UA 503 62.31 -3.83 50.64
N LEU UA 504 61.95 -2.77 51.36
CA LEU UA 504 60.56 -2.31 51.38
C LEU UA 504 60.12 -1.84 50.00
N ASN UA 505 60.99 -1.16 49.25
CA ASN UA 505 60.61 -0.76 47.90
C ASN UA 505 60.34 -1.97 47.03
N ASN UA 506 61.20 -2.99 47.11
CA ASN UA 506 60.97 -4.20 46.33
C ASN UA 506 59.67 -4.88 46.73
N VAL UA 507 59.40 -4.97 48.04
CA VAL UA 507 58.18 -5.62 48.50
C VAL UA 507 56.95 -4.85 48.06
N VAL UA 508 57.02 -3.50 48.09
CA VAL UA 508 55.90 -2.69 47.62
C VAL UA 508 55.66 -2.93 46.14
N ASN UA 509 56.73 -2.99 45.35
CA ASN UA 509 56.55 -3.25 43.92
C ASN UA 509 55.87 -4.60 43.69
N ASN UA 510 56.34 -5.64 44.38
CA ASN UA 510 55.75 -6.97 44.19
C ASN UA 510 54.31 -7.03 44.67
N LEU UA 511 54.01 -6.38 45.80
CA LEU UA 511 52.64 -6.40 46.31
C LEU UA 511 51.70 -5.58 45.44
N SER UA 512 52.18 -4.47 44.88
CA SER UA 512 51.35 -3.72 43.94
C SER UA 512 51.09 -4.53 42.68
N SER UA 513 52.10 -5.28 42.22
CA SER UA 513 51.87 -6.18 41.09
C SER UA 513 50.85 -7.25 41.44
N ALA UA 514 50.95 -7.83 42.64
CA ALA UA 514 49.98 -8.83 43.05
C ALA UA 514 48.57 -8.25 43.12
N ARG UA 515 48.45 -7.03 43.63
CA ARG UA 515 47.16 -6.36 43.66
C ARG UA 515 46.65 -6.11 42.25
N SER UA 516 47.55 -5.82 41.31
CA SER UA 516 47.15 -5.64 39.92
C SER UA 516 46.61 -6.95 39.33
N ARG UA 517 47.30 -8.06 39.60
CA ARG UA 517 46.79 -9.36 39.13
C ARG UA 517 45.42 -9.67 39.72
N ILE UA 518 45.25 -9.42 41.02
CA ILE UA 518 44.02 -9.89 41.68
C ILE UA 518 42.86 -8.94 41.43
N GLN UA 519 43.12 -7.64 41.33
CA GLN UA 519 42.08 -6.63 41.37
C GLN UA 519 41.88 -5.89 40.06
N ASP UA 520 42.96 -5.48 39.40
CA ASP UA 520 42.83 -4.64 38.21
C ASP UA 520 42.25 -5.44 37.05
N ALA UA 521 41.81 -4.72 36.02
CA ALA UA 521 41.15 -5.31 34.86
C ALA UA 521 42.07 -5.24 33.65
N ASP UA 522 42.23 -6.37 32.98
CA ASP UA 522 42.98 -6.43 31.72
C ASP UA 522 42.10 -5.99 30.56
N TYR UA 523 42.30 -4.75 30.13
CA TYR UA 523 41.30 -4.02 29.35
C TYR UA 523 40.87 -4.74 28.08
N ALA UA 524 41.73 -5.61 27.51
CA ALA UA 524 41.35 -6.29 26.28
C ALA UA 524 40.10 -7.15 26.48
N THR UA 525 40.07 -7.93 27.56
CA THR UA 525 38.94 -8.83 27.79
C THR UA 525 37.66 -8.05 28.04
N GLU UA 526 37.73 -6.97 28.84
CA GLU UA 526 36.53 -6.19 29.10
C GLU UA 526 36.06 -5.45 27.86
N VAL UA 527 36.97 -4.98 27.02
CA VAL UA 527 36.57 -4.33 25.77
C VAL UA 527 35.87 -5.34 24.86
N SER UA 528 36.43 -6.55 24.74
CA SER UA 528 35.79 -7.56 23.92
C SER UA 528 34.42 -7.93 24.48
N ASN UA 529 34.31 -8.03 25.80
CA ASN UA 529 33.03 -8.34 26.42
C ASN UA 529 32.02 -7.22 26.19
N MET UA 530 32.47 -5.97 26.25
CA MET UA 530 31.59 -4.84 25.94
C MET UA 530 31.09 -4.90 24.51
N SER UA 531 31.98 -5.22 23.58
CA SER UA 531 31.56 -5.32 22.18
C SER UA 531 30.55 -6.45 21.99
N LYS UA 532 30.82 -7.60 22.58
CA LYS UA 532 29.88 -8.72 22.48
C LYS UA 532 28.55 -8.36 23.12
N ALA UA 533 28.57 -7.68 24.25
CA ALA UA 533 27.34 -7.27 24.91
C ALA UA 533 26.55 -6.29 24.07
N GLN UA 534 27.24 -5.36 23.39
CA GLN UA 534 26.54 -4.40 22.54
C GLN UA 534 25.90 -5.11 21.35
N ILE UA 535 26.62 -6.03 20.72
CA ILE UA 535 26.04 -6.77 19.60
C ILE UA 535 24.84 -7.58 20.08
N LEU UA 536 24.97 -8.22 21.25
CA LEU UA 536 23.85 -8.96 21.82
C LEU UA 536 22.68 -8.05 22.11
N GLN UA 537 22.95 -6.83 22.57
CA GLN UA 537 21.89 -5.88 22.87
C GLN UA 537 21.12 -5.53 21.62
N GLN UA 538 21.83 -5.21 20.54
CA GLN UA 538 21.16 -4.86 19.30
C GLN UA 538 20.38 -6.04 18.74
N ALA UA 539 20.98 -7.24 18.77
CA ALA UA 539 20.28 -8.42 18.27
C ALA UA 539 19.04 -8.72 19.10
N GLY UA 540 19.14 -8.60 20.43
CA GLY UA 540 18.00 -8.85 21.28
C GLY UA 540 16.89 -7.83 21.07
N THR UA 541 17.25 -6.57 20.89
CA THR UA 541 16.24 -5.56 20.61
C THR UA 541 15.52 -5.87 19.30
N SER UA 542 16.27 -6.26 18.27
CA SER UA 542 15.64 -6.59 17.00
C SER UA 542 14.72 -7.79 17.13
N VAL UA 543 15.19 -8.85 17.79
CA VAL UA 543 14.40 -10.07 17.91
C VAL UA 543 13.15 -9.80 18.73
N LEU UA 544 13.27 -9.02 19.81
CA LEU UA 544 12.10 -8.62 20.58
C LEU UA 544 11.13 -7.83 19.71
N ALA UA 545 11.68 -6.95 18.85
CA ALA UA 545 10.83 -6.18 17.96
C ALA UA 545 9.99 -7.10 17.09
N GLN UA 546 10.63 -8.05 16.39
CA GLN UA 546 9.87 -8.92 15.49
C GLN UA 546 8.93 -9.84 16.26
N ALA UA 547 9.33 -10.28 17.45
CA ALA UA 547 8.42 -11.04 18.29
C ALA UA 547 7.18 -10.22 18.62
N ASN UA 548 7.32 -8.90 18.71
CA ASN UA 548 6.16 -8.07 18.96
C ASN UA 548 5.16 -8.10 17.80
N GLN UA 549 5.63 -8.14 16.55
CA GLN UA 549 4.69 -8.25 15.44
C GLN UA 549 4.38 -9.69 15.07
N VAL UA 550 4.95 -10.67 15.77
CA VAL UA 550 4.52 -12.06 15.57
C VAL UA 550 3.00 -12.21 15.63
N PRO UA 551 2.29 -11.65 16.62
CA PRO UA 551 0.83 -11.82 16.64
C PRO UA 551 0.08 -10.99 15.61
N GLN UA 552 0.73 -10.08 14.88
CA GLN UA 552 0.05 -9.33 13.83
C GLN UA 552 -0.53 -10.26 12.76
N THR UA 553 0.09 -11.43 12.55
CA THR UA 553 -0.43 -12.37 11.57
C THR UA 553 -1.85 -12.80 11.90
N VAL UA 554 -2.25 -12.68 13.17
CA VAL UA 554 -3.64 -12.90 13.53
C VAL UA 554 -4.54 -11.89 12.83
N LEU UA 555 -4.10 -10.64 12.74
CA LEU UA 555 -4.88 -9.63 12.04
C LEU UA 555 -4.64 -9.70 10.55
N SER UA 556 -4.76 -10.91 9.99
CA SER UA 556 -4.90 -11.14 8.57
C SER UA 556 -6.19 -11.88 8.27
N LEU UA 557 -6.49 -12.90 9.07
CA LEU UA 557 -7.80 -13.54 9.07
C LEU UA 557 -8.70 -12.83 10.09
N LEU UA 558 -9.95 -12.61 9.71
CA LEU UA 558 -10.89 -11.91 10.57
C LEU UA 558 -12.30 -12.46 10.41
N ALA VA 2 7.51 23.80 23.62
CA ALA VA 2 6.39 23.65 22.71
C ALA VA 2 6.68 22.61 21.62
N ALA VA 3 6.08 22.80 20.45
CA ALA VA 3 6.36 22.01 19.26
C ALA VA 3 6.55 22.92 18.06
N VAL VA 4 7.09 24.10 18.30
CA VAL VA 4 7.16 25.15 17.29
C VAL VA 4 8.39 24.94 16.42
N ILE VA 5 8.31 25.41 15.17
CA ILE VA 5 9.45 25.39 14.27
C ILE VA 5 9.82 26.78 13.75
N ASN VA 6 8.87 27.73 13.72
CA ASN VA 6 9.17 29.06 13.16
C ASN VA 6 10.27 29.75 13.95
N THR VA 7 10.22 29.64 15.28
CA THR VA 7 11.27 30.17 16.13
C THR VA 7 11.87 29.03 16.93
N ASN VA 8 13.19 29.03 17.05
CA ASN VA 8 13.91 28.04 17.84
C ASN VA 8 14.74 28.80 18.87
N TYR VA 9 14.17 28.95 20.07
CA TYR VA 9 14.84 29.73 21.11
C TYR VA 9 16.20 29.14 21.47
N LEU VA 10 16.29 27.80 21.47
CA LEU VA 10 17.55 27.15 21.79
C LEU VA 10 18.64 27.51 20.79
N SER VA 11 18.29 27.55 19.51
CA SER VA 11 19.26 27.94 18.49
C SER VA 11 19.75 29.37 18.71
N LEU VA 12 18.84 30.28 19.05
CA LEU VA 12 19.25 31.66 19.31
C LEU VA 12 20.16 31.76 20.51
N VAL VA 13 19.84 31.04 21.59
CA VAL VA 13 20.70 31.07 22.78
C VAL VA 13 22.07 30.51 22.44
N ALA VA 14 22.12 29.42 21.69
CA ALA VA 14 23.39 28.84 21.27
C ALA VA 14 24.18 29.83 20.43
N GLN VA 15 23.50 30.55 19.53
CA GLN VA 15 24.18 31.53 18.70
C GLN VA 15 24.78 32.65 19.54
N ASN VA 16 24.03 33.12 20.55
CA ASN VA 16 24.54 34.19 21.40
C ASN VA 16 25.76 33.74 22.18
N ASN VA 17 25.69 32.55 22.78
CA ASN VA 17 26.84 32.05 23.54
C ASN VA 17 28.02 31.81 22.62
N LEU VA 18 27.76 31.33 21.41
CA LEU VA 18 28.83 31.15 20.42
C LEU VA 18 29.48 32.48 20.08
N ASN VA 19 28.68 33.54 19.91
CA ASN VA 19 29.23 34.85 19.62
C ASN VA 19 30.08 35.37 20.76
N LYS VA 20 29.62 35.18 22.01
CA LYS VA 20 30.41 35.63 23.15
C LYS VA 20 31.74 34.87 23.23
N SER VA 21 31.70 33.55 23.05
CA SER VA 21 32.91 32.75 23.06
C SER VA 21 33.85 33.16 21.92
N GLN VA 22 33.29 33.45 20.75
CA GLN VA 22 34.11 33.86 19.62
C GLN VA 22 34.77 35.20 19.88
N SER VA 23 34.05 36.14 20.51
CA SER VA 23 34.66 37.41 20.87
C SER VA 23 35.80 37.22 21.84
N SER VA 24 35.61 36.35 22.85
CA SER VA 24 36.70 36.06 23.78
C SER VA 24 37.89 35.44 23.05
N LEU VA 25 37.63 34.52 22.13
CA LEU VA 25 38.69 33.91 21.35
C LEU VA 25 39.44 34.96 20.53
N GLY VA 26 38.70 35.87 19.90
CA GLY VA 26 39.34 36.90 19.11
C GLY VA 26 40.23 37.81 19.95
N THR VA 27 39.75 38.19 21.13
CA THR VA 27 40.59 38.99 22.03
C THR VA 27 41.84 38.22 22.43
N ALA VA 28 41.69 36.94 22.75
CA ALA VA 28 42.85 36.13 23.14
C ALA VA 28 43.87 36.04 22.00
N ILE VA 29 43.39 35.79 20.77
CA ILE VA 29 44.29 35.66 19.63
C ILE VA 29 44.98 36.99 19.35
N GLU VA 30 44.24 38.09 19.44
CA GLU VA 30 44.85 39.41 19.23
C GLU VA 30 45.94 39.69 20.27
N ARG VA 31 45.66 39.39 21.54
CA ARG VA 31 46.66 39.60 22.58
C ARG VA 31 47.89 38.71 22.36
N LEU VA 32 47.68 37.47 21.94
CA LEU VA 32 48.81 36.59 21.65
C LEU VA 32 49.64 37.11 20.50
N SER VA 33 49.00 37.48 19.39
CA SER VA 33 49.73 37.86 18.20
C SER VA 33 50.49 39.16 18.42
N SER VA 34 49.82 40.19 18.93
CA SER VA 34 50.51 41.46 19.15
C SER VA 34 51.48 41.37 20.31
N GLY VA 35 51.17 40.54 21.31
CA GLY VA 35 52.00 40.41 22.48
C GLY VA 35 51.79 41.47 23.54
N LEU VA 36 50.87 42.40 23.33
CA LEU VA 36 50.59 43.47 24.27
C LEU VA 36 49.18 43.28 24.82
N ARG VA 37 49.06 43.23 26.15
CA ARG VA 37 47.73 43.11 26.74
C ARG VA 37 46.90 44.35 26.48
N ILE VA 38 47.49 45.53 26.59
CA ILE VA 38 46.80 46.78 26.31
C ILE VA 38 47.14 47.18 24.88
N ASN VA 39 46.34 46.69 23.95
CA ASN VA 39 46.28 47.21 22.59
C ASN VA 39 44.82 47.39 22.25
N SER VA 40 44.54 48.27 21.29
CA SER VA 40 43.17 48.65 20.99
C SER VA 40 42.49 49.19 22.26
N ALA VA 41 42.95 50.39 22.64
CA ALA VA 41 42.83 50.96 23.98
C ALA VA 41 41.48 50.74 24.66
N LYS VA 42 40.44 50.43 23.88
CA LYS VA 42 39.09 50.21 24.41
C LYS VA 42 39.08 49.36 25.67
N ASP VA 43 40.05 48.46 25.84
CA ASP VA 43 40.23 47.75 27.09
C ASP VA 43 41.34 48.43 27.90
N ASP VA 44 41.02 48.77 29.14
CA ASP VA 44 41.97 49.43 30.06
C ASP VA 44 42.49 50.74 29.46
N ALA VA 45 41.57 51.69 29.28
CA ALA VA 45 41.94 52.99 28.73
C ALA VA 45 42.94 53.70 29.63
N ALA VA 46 42.73 53.65 30.94
CA ALA VA 46 43.73 54.19 31.86
C ALA VA 46 45.05 53.47 31.72
N GLY VA 47 45.01 52.15 31.53
CA GLY VA 47 46.22 51.41 31.26
C GLY VA 47 46.89 51.88 29.98
N MET VA 48 46.10 52.21 28.97
CA MET VA 48 46.67 52.74 27.73
C MET VA 48 47.37 54.07 27.97
N ALA VA 49 46.73 54.96 28.75
CA ALA VA 49 47.38 56.23 29.05
C ALA VA 49 48.66 56.03 29.84
N ILE VA 50 48.64 55.10 30.79
CA ILE VA 50 49.83 54.79 31.59
C ILE VA 50 50.95 54.28 30.69
N ALA VA 51 50.62 53.36 29.78
CA ALA VA 51 51.62 52.80 28.88
C ALA VA 51 52.16 53.86 27.94
N ASN VA 52 51.29 54.75 27.44
CA ASN VA 52 51.73 55.84 26.58
C ASN VA 52 52.72 56.74 27.31
N ARG VA 53 52.38 57.14 28.54
CA ARG VA 53 53.27 58.01 29.30
C ARG VA 53 54.59 57.32 29.58
N PHE VA 54 54.54 56.02 29.90
CA PHE VA 54 55.78 55.29 30.17
C PHE VA 54 56.64 55.16 28.93
N THR VA 55 56.03 54.90 27.77
CA THR VA 55 56.79 54.84 26.52
C THR VA 55 57.45 56.17 26.23
N ALA VA 56 56.71 57.26 26.38
CA ALA VA 56 57.29 58.57 26.14
C ALA VA 56 58.45 58.84 27.08
N ASN VA 57 58.28 58.53 28.37
CA ASN VA 57 59.34 58.76 29.34
C ASN VA 57 60.57 57.91 29.03
N VAL VA 58 60.36 56.64 28.66
CA VAL VA 58 61.47 55.75 28.39
C VAL VA 58 62.25 56.22 27.17
N ARG VA 59 61.53 56.59 26.10
CA ARG VA 59 62.21 57.10 24.91
C ARG VA 59 62.98 58.37 25.22
N GLY VA 60 62.36 59.29 25.97
CA GLY VA 60 63.04 60.52 26.33
C GLY VA 60 64.29 60.26 27.15
N LEU VA 61 64.23 59.31 28.08
CA LEU VA 61 65.38 59.04 28.93
C LEU VA 61 66.49 58.30 28.18
N THR VA 62 66.14 57.43 27.23
CA THR VA 62 67.16 56.83 26.40
C THR VA 62 67.87 57.88 25.56
N GLN VA 63 67.10 58.78 24.95
CA GLN VA 63 67.73 59.88 24.21
C GLN VA 63 68.55 60.77 25.14
N ALA VA 64 68.11 60.91 26.39
CA ALA VA 64 68.88 61.65 27.37
C ALA VA 64 70.22 60.98 27.67
N ALA VA 65 70.22 59.66 27.77
CA ALA VA 65 71.46 58.93 27.94
C ALA VA 65 72.38 59.15 26.76
N ARG VA 66 71.82 59.15 25.54
CA ARG VA 66 72.62 59.46 24.37
C ARG VA 66 73.22 60.86 24.46
N ASN VA 67 72.41 61.84 24.85
CA ASN VA 67 72.90 63.22 24.97
C ASN VA 67 74.01 63.32 26.00
N ALA VA 68 73.85 62.67 27.14
CA ALA VA 68 74.87 62.72 28.17
C ALA VA 68 76.14 62.02 27.73
N ASN VA 69 76.03 60.94 26.94
CA ASN VA 69 77.21 60.31 26.38
C ASN VA 69 77.94 61.27 25.44
N ASP VA 70 77.17 62.01 24.63
CA ASP VA 70 77.79 63.01 23.77
C ASP VA 70 78.52 64.07 24.59
N GLY VA 71 77.90 64.49 25.70
CA GLY VA 71 78.56 65.44 26.58
C GLY VA 71 79.83 64.90 27.19
N ILE VA 72 79.82 63.61 27.55
CA ILE VA 72 81.02 62.98 28.09
C ILE VA 72 82.13 62.97 27.04
N SER VA 73 81.78 62.65 25.79
CA SER VA 73 82.78 62.66 24.73
C SER VA 73 83.35 64.06 24.51
N LEU VA 74 82.48 65.07 24.54
CA LEU VA 74 82.93 66.46 24.40
C LEU VA 74 83.90 66.82 25.53
N ALA VA 75 83.54 66.47 26.76
CA ALA VA 75 84.43 66.75 27.88
C ALA VA 75 85.74 66.01 27.74
N GLN VA 76 85.71 64.78 27.21
CA GLN VA 76 86.92 64.02 27.00
C GLN VA 76 87.86 64.73 26.03
N THR VA 77 87.33 65.17 24.88
CA THR VA 77 88.18 65.84 23.90
C THR VA 77 88.73 67.14 24.47
N THR VA 78 87.89 67.91 25.15
CA THR VA 78 88.35 69.17 25.72
C THR VA 78 89.42 68.94 26.78
N GLU VA 79 89.24 67.91 27.60
CA GLU VA 79 90.24 67.59 28.62
C GLU VA 79 91.55 67.15 27.99
N GLY VA 80 91.49 66.39 26.91
CA GLY VA 80 92.71 66.00 26.22
C GLY VA 80 93.47 67.21 25.68
N ALA VA 81 92.75 68.13 25.04
CA ALA VA 81 93.39 69.35 24.56
C ALA VA 81 93.99 70.15 25.72
N ALA VA 82 93.25 70.23 26.83
CA ALA VA 82 93.76 70.95 28.00
C ALA VA 82 95.01 70.29 28.54
N SER VA 83 95.07 68.96 28.55
CA SER VA 83 96.25 68.27 29.02
C SER VA 83 97.45 68.54 28.12
N GLU VA 84 97.23 68.60 26.80
CA GLU VA 84 98.32 68.95 25.92
C GLU VA 84 98.82 70.37 26.18
N VAL VA 85 97.89 71.30 26.42
CA VAL VA 85 98.29 72.66 26.79
C VAL VA 85 99.05 72.65 28.09
N ASN VA 86 98.68 71.78 29.02
CA ASN VA 86 99.39 71.68 30.29
C ASN VA 86 100.83 71.21 30.08
N THR VA 87 101.02 70.24 29.19
CA THR VA 87 102.38 69.82 28.86
C THR VA 87 103.16 70.98 28.24
N HIS VA 88 102.51 71.76 27.39
CA HIS VA 88 103.16 72.94 26.83
C HIS VA 88 103.58 73.91 27.93
N LEU VA 89 102.70 74.12 28.91
CA LEU VA 89 103.02 75.04 30.01
C LEU VA 89 104.18 74.52 30.84
N GLN VA 90 104.22 73.20 31.09
CA GLN VA 90 105.34 72.64 31.82
C GLN VA 90 106.66 72.87 31.08
N ARG VA 91 106.65 72.64 29.77
CA ARG VA 91 107.87 72.87 28.99
C ARG VA 91 108.26 74.34 29.02
N ILE VA 92 107.29 75.24 28.89
CA ILE VA 92 107.57 76.67 28.91
C ILE VA 92 108.16 77.08 30.25
N ARG VA 93 107.64 76.52 31.34
CA ARG VA 93 108.17 76.83 32.65
C ARG VA 93 109.60 76.34 32.80
N GLU VA 94 109.89 75.13 32.30
CA GLU VA 94 111.26 74.64 32.38
C GLU VA 94 112.22 75.52 31.58
N LEU VA 95 111.79 75.96 30.39
CA LEU VA 95 112.60 76.91 29.63
C LEU VA 95 112.78 78.22 30.36
N THR VA 96 111.72 78.71 31.02
CA THR VA 96 111.83 79.95 31.76
C THR VA 96 112.83 79.84 32.89
N VAL VA 97 112.81 78.71 33.61
CA VAL VA 97 113.78 78.48 34.67
C VAL VA 97 115.19 78.43 34.09
N GLN VA 98 115.36 77.74 32.96
CA GLN VA 98 116.68 77.64 32.35
C GLN VA 98 117.21 78.99 31.92
N ALA VA 99 116.37 79.80 31.29
CA ALA VA 99 116.80 81.09 30.76
C ALA VA 99 116.81 82.20 31.79
N SER VA 100 116.23 81.97 32.97
CA SER VA 100 116.35 82.93 34.06
C SER VA 100 117.79 83.02 34.57
N ASN VA 101 118.61 82.02 34.28
CA ASN VA 101 120.01 82.05 34.66
C ASN VA 101 120.73 83.18 33.94
N GLY VA 102 121.69 83.78 34.64
CA GLY VA 102 122.45 84.88 34.08
C GLY VA 102 123.63 84.51 33.23
N SER VA 103 124.02 83.24 33.23
CA SER VA 103 125.19 82.82 32.47
C SER VA 103 124.94 82.85 30.96
N TYR VA 104 123.70 82.65 30.55
CA TYR VA 104 123.38 82.61 29.12
C TYR VA 104 123.50 84.00 28.51
N SER VA 105 124.15 84.07 27.35
CA SER VA 105 124.27 85.33 26.63
C SER VA 105 122.98 85.60 25.87
N GLN VA 106 122.97 86.69 25.09
CA GLN VA 106 121.74 87.14 24.45
C GLN VA 106 121.27 86.17 23.37
N GLU VA 107 122.20 85.53 22.66
CA GLU VA 107 121.80 84.69 21.53
C GLU VA 107 121.09 83.42 22.00
N GLN VA 108 121.59 82.78 23.05
CA GLN VA 108 120.90 81.62 23.60
C GLN VA 108 119.53 82.02 24.12
N LEU VA 109 119.43 83.19 24.75
CA LEU VA 109 118.15 83.68 25.21
C LEU VA 109 117.20 83.89 24.03
N ASP VA 110 117.73 84.36 22.90
CA ASP VA 110 116.89 84.55 21.71
C ASP VA 110 116.40 83.22 21.17
N SER VA 111 117.26 82.20 21.15
CA SER VA 111 116.83 80.88 20.72
C SER VA 111 115.76 80.31 21.64
N VAL VA 112 115.95 80.47 22.96
CA VAL VA 112 114.95 80.02 23.92
C VAL VA 112 113.64 80.76 23.72
N GLN VA 113 113.71 82.06 23.47
CA GLN VA 113 112.51 82.84 23.25
C GLN VA 113 111.80 82.40 21.97
N GLY VA 114 112.57 82.05 20.94
CA GLY VA 114 111.96 81.51 19.74
C GLY VA 114 111.23 80.20 20.00
N GLU VA 115 111.84 79.33 20.81
CA GLU VA 115 111.17 78.08 21.18
C GLU VA 115 109.90 78.36 21.97
N ILE VA 116 109.96 79.33 22.88
CA ILE VA 116 108.77 79.69 23.66
C ILE VA 116 107.68 80.26 22.74
N ASN VA 117 108.08 81.04 21.74
CA ASN VA 117 107.11 81.55 20.78
C ASN VA 117 106.46 80.41 20.00
N GLN VA 118 107.25 79.41 19.62
CA GLN VA 118 106.68 78.25 18.96
C GLN VA 118 105.67 77.55 19.87
N ARG VA 119 106.02 77.40 21.15
CA ARG VA 119 105.09 76.76 22.08
C ARG VA 119 103.81 77.57 22.24
N LEU VA 120 103.93 78.89 22.34
CA LEU VA 120 102.73 79.73 22.48
C LEU VA 120 101.88 79.69 21.24
N ALA VA 121 102.51 79.69 20.06
CA ALA VA 121 101.76 79.55 18.82
C ALA VA 121 101.04 78.22 18.77
N ASP VA 122 101.68 77.16 19.26
CA ASP VA 122 101.00 75.86 19.31
C ASP VA 122 99.82 75.89 20.27
N ILE VA 123 99.97 76.58 21.41
CA ILE VA 123 98.87 76.70 22.35
C ILE VA 123 97.69 77.41 21.69
N ASP VA 124 97.98 78.51 21.00
CA ASP VA 124 96.92 79.26 20.32
C ASP VA 124 96.29 78.41 19.22
N ARG VA 125 97.10 77.62 18.52
CA ARG VA 125 96.57 76.72 17.50
C ARG VA 125 95.63 75.69 18.11
N ILE VA 126 96.02 75.13 19.26
CA ILE VA 126 95.15 74.20 19.96
C ILE VA 126 93.83 74.86 20.30
N SER VA 127 93.89 76.11 20.76
CA SER VA 127 92.68 76.84 21.08
C SER VA 127 91.79 77.01 19.86
N GLU VA 128 92.36 77.45 18.75
CA GLU VA 128 91.55 77.79 17.58
C GLU VA 128 91.05 76.57 16.82
N GLN VA 129 91.77 75.45 16.84
CA GLN VA 129 91.45 74.33 15.96
C GLN VA 129 90.92 73.10 16.68
N THR VA 130 90.83 73.10 18.01
CA THR VA 130 90.19 71.99 18.71
C THR VA 130 88.69 72.05 18.44
N ASP VA 131 88.19 71.09 17.68
CA ASP VA 131 86.80 71.11 17.22
C ASP VA 131 86.08 69.85 17.66
N PHE VA 132 84.77 69.99 17.88
CA PHE VA 132 83.92 68.87 18.23
C PHE VA 132 82.55 69.12 17.63
N ASN VA 133 82.23 68.42 16.54
CA ASN VA 133 80.96 68.60 15.83
C ASN VA 133 80.75 70.06 15.45
N GLY VA 134 81.77 70.67 14.86
CA GLY VA 134 81.67 72.06 14.45
C GLY VA 134 81.63 73.05 15.59
N VAL VA 135 82.03 72.65 16.79
CA VAL VA 135 82.04 73.52 17.95
C VAL VA 135 83.49 73.66 18.41
N LYS VA 136 84.02 74.87 18.34
CA LYS VA 136 85.39 75.13 18.80
C LYS VA 136 85.35 75.19 20.33
N VAL VA 137 85.39 74.00 20.92
CA VAL VA 137 85.07 73.87 22.35
C VAL VA 137 86.09 74.60 23.21
N LEU VA 138 87.38 74.36 22.97
CA LEU VA 138 88.42 75.00 23.78
C LEU VA 138 88.94 76.26 23.09
N SER VA 139 88.05 77.18 22.76
CA SER VA 139 88.44 78.33 21.96
C SER VA 139 88.05 79.64 22.62
N ASP VA 140 88.21 80.74 21.89
CA ASP VA 140 87.87 82.06 22.39
C ASP VA 140 86.38 82.37 22.24
N SER VA 141 85.64 81.55 21.51
CA SER VA 141 84.20 81.71 21.33
C SER VA 141 83.55 80.38 21.68
N ALA VA 142 83.29 80.17 22.96
CA ALA VA 142 82.74 78.89 23.43
C ALA VA 142 81.85 79.18 24.63
N LYS VA 143 80.56 79.36 24.37
CA LYS VA 143 79.60 79.51 25.44
C LYS VA 143 79.35 78.16 26.13
N PRO VA 144 78.98 78.17 27.39
CA PRO VA 144 78.63 76.91 28.07
C PRO VA 144 77.44 76.24 27.40
N LEU VA 145 77.46 74.90 27.39
CA LEU VA 145 76.45 74.13 26.69
C LEU VA 145 75.29 73.79 27.64
N THR VA 146 74.34 72.98 27.16
CA THR VA 146 73.15 72.65 27.93
C THR VA 146 73.07 71.19 28.30
N LEU VA 147 73.19 70.28 27.33
CA LEU VA 147 73.16 68.84 27.56
C LEU VA 147 71.85 68.42 28.25
N GLN VA 148 70.76 68.61 27.50
CA GLN VA 148 69.44 68.19 27.97
C GLN VA 148 69.48 66.72 28.39
N VAL VA 149 69.24 66.46 29.68
CA VAL VA 149 69.26 65.11 30.24
C VAL VA 149 67.90 64.85 30.86
N GLY VA 150 66.99 64.28 30.09
CA GLY VA 150 65.70 63.84 30.60
C GLY VA 150 64.54 64.49 29.90
N ALA VA 151 63.37 63.85 29.95
CA ALA VA 151 62.16 64.46 29.43
C ALA VA 151 61.73 65.60 30.35
N ASN VA 152 60.60 66.21 30.02
CA ASN VA 152 60.04 67.32 30.82
C ASN VA 152 61.04 68.47 30.90
N ASP VA 153 61.28 69.08 29.73
CA ASP VA 153 62.29 70.12 29.57
C ASP VA 153 62.28 71.11 30.72
N GLY VA 154 63.49 71.51 31.13
CA GLY VA 154 63.67 72.38 32.27
C GLY VA 154 64.94 72.05 33.02
N GLU VA 155 65.64 71.01 32.58
CA GLU VA 155 66.88 70.57 33.20
C GLU VA 155 68.00 70.55 32.17
N THR VA 156 69.19 70.98 32.59
CA THR VA 156 70.37 71.04 31.74
C THR VA 156 71.59 70.71 32.57
N ILE VA 157 72.68 70.35 31.90
CA ILE VA 157 73.97 70.15 32.52
C ILE VA 157 74.93 71.13 31.86
N THR VA 158 75.08 72.30 32.46
CA THR VA 158 75.97 73.31 31.92
C THR VA 158 77.42 72.86 32.02
N LEU VA 159 78.17 73.05 30.93
CA LEU VA 159 79.57 72.62 30.91
C LEU VA 159 80.53 73.69 31.42
N ASN VA 160 80.30 74.96 31.06
CA ASN VA 160 81.17 76.07 31.46
C ASN VA 160 82.61 75.83 31.00
N LEU VA 161 82.77 75.79 29.68
CA LEU VA 161 84.07 75.61 29.05
C LEU VA 161 84.33 76.79 28.13
N SER VA 162 85.49 77.43 28.28
CA SER VA 162 85.84 78.59 27.49
C SER VA 162 87.24 79.05 27.82
N GLU VA 163 87.86 79.76 26.87
CA GLU VA 163 88.99 80.66 27.10
C GLU VA 163 90.20 79.92 27.69
N ILE VA 164 90.76 79.03 26.87
CA ILE VA 164 92.08 78.47 27.10
C ILE VA 164 92.91 78.78 25.86
N SER VA 165 93.79 79.76 25.97
CA SER VA 165 94.62 80.20 24.85
C SER VA 165 95.63 81.22 25.39
N VAL VA 166 96.60 81.56 24.54
CA VAL VA 166 97.37 82.75 24.80
C VAL VA 166 96.41 83.93 24.79
N LYS VA 167 96.76 84.98 25.55
CA LYS VA 167 96.01 86.21 25.76
C LYS VA 167 94.83 85.98 26.70
N THR VA 168 94.54 84.75 27.11
CA THR VA 168 93.59 84.52 28.19
C THR VA 168 94.16 83.72 29.35
N LEU VA 169 95.24 82.98 29.15
CA LEU VA 169 96.03 82.48 30.28
C LEU VA 169 96.86 83.58 30.91
N GLY VA 170 96.91 84.76 30.31
CA GLY VA 170 97.53 85.92 30.90
C GLY VA 170 98.90 86.24 30.35
N LEU VA 171 99.58 85.30 29.71
CA LEU VA 171 100.91 85.58 29.19
C LEU VA 171 100.86 86.65 28.12
N ASP VA 172 100.32 86.29 26.95
CA ASP VA 172 99.89 87.20 25.88
C ASP VA 172 101.10 87.94 25.30
N GLY VA 173 102.21 87.98 26.04
CA GLY VA 173 103.40 88.66 25.60
C GLY VA 173 104.66 88.04 26.17
N PHE VA 174 104.54 86.80 26.65
CA PHE VA 174 105.55 86.21 27.51
C PHE VA 174 106.93 86.25 26.83
N ASN VA 175 107.83 87.03 27.41
CA ASN VA 175 109.08 87.44 26.77
C ASN VA 175 110.23 87.17 27.73
N VAL VA 176 110.83 85.98 27.60
CA VAL VA 176 111.88 85.60 28.54
C VAL VA 176 113.13 86.45 28.34
N ASN VA 177 113.47 86.79 27.10
CA ASN VA 177 114.61 87.65 26.85
C ASN VA 177 114.14 89.10 26.76
N GLY VA 178 115.01 89.98 26.32
CA GLY VA 178 114.72 91.40 26.24
C GLY VA 178 115.72 92.22 27.01
N LYS VA 179 115.44 93.51 27.13
CA LYS VA 179 116.33 94.42 27.83
C LYS VA 179 116.41 94.14 29.33
N GLY VA 180 115.52 93.31 29.86
CA GLY VA 180 115.55 93.05 31.29
C GLY VA 180 115.21 94.31 32.07
N VAL VA 181 116.15 94.76 32.90
CA VAL VA 181 116.00 95.99 33.66
C VAL VA 181 116.89 97.03 32.99
N THR VA 182 116.28 98.05 32.40
CA THR VA 182 117.03 99.10 31.74
C THR VA 182 117.69 100.01 32.75
N GLN VA 183 118.87 100.52 32.40
CA GLN VA 183 119.62 101.44 33.26
C GLN VA 183 119.53 102.84 32.67
N ASN VA 184 119.02 103.77 33.47
CA ASN VA 184 118.92 105.15 33.02
C ASN VA 184 120.29 105.80 33.01
N ARG VA 185 120.39 106.93 32.31
CA ARG VA 185 121.63 107.68 32.22
C ARG VA 185 121.56 108.91 33.13
N SER VA 186 122.70 109.25 33.73
CA SER VA 186 122.76 110.40 34.63
C SER VA 186 122.48 111.68 33.88
N ALA VA 187 121.66 112.54 34.46
CA ALA VA 187 121.31 113.81 33.84
C ALA VA 187 122.49 114.78 33.92
N THR VA 188 122.42 115.81 33.09
CA THR VA 188 123.46 116.84 33.04
C THR VA 188 122.80 118.18 32.85
N VAL VA 189 123.62 119.24 32.77
CA VAL VA 189 123.07 120.60 32.68
C VAL VA 189 122.29 120.78 31.38
N THR VA 190 122.67 120.08 30.32
CA THR VA 190 121.97 120.24 29.05
C THR VA 190 120.50 119.84 29.18
N ASP VA 191 120.23 118.70 29.82
CA ASP VA 191 118.85 118.25 29.97
C ASP VA 191 118.04 119.23 30.81
N VAL VA 192 118.61 119.69 31.92
CA VAL VA 192 117.85 120.56 32.80
C VAL VA 192 117.56 121.90 32.12
N ILE VA 193 118.55 122.48 31.43
CA ILE VA 193 118.28 123.72 30.71
C ILE VA 193 117.36 123.48 29.52
N ALA VA 194 117.28 122.23 29.04
CA ALA VA 194 116.27 121.91 28.04
C ALA VA 194 114.87 121.88 28.65
N GLN VA 195 114.76 121.56 29.93
CA GLN VA 195 113.46 121.67 30.58
C GLN VA 195 113.05 123.12 30.82
N GLY VA 196 113.97 124.07 30.65
CA GLY VA 196 113.59 125.47 30.58
C GLY VA 196 113.48 126.21 31.90
N GLY VA 197 114.01 125.66 33.00
CA GLY VA 197 114.03 126.35 34.27
C GLY VA 197 115.18 127.33 34.35
N THR VA 198 115.41 127.83 35.56
CA THR VA 198 116.38 128.89 35.80
C THR VA 198 117.57 128.36 36.58
N LEU VA 199 118.72 128.99 36.35
CA LEU VA 199 119.94 128.71 37.08
C LEU VA 199 120.14 129.79 38.13
N GLN VA 200 121.04 129.52 39.08
CA GLN VA 200 121.46 130.53 40.04
C GLN VA 200 122.88 130.22 40.46
N GLY VA 201 123.33 130.86 41.55
CA GLY VA 201 124.70 130.67 41.99
C GLY VA 201 125.01 129.23 42.30
N ASP VA 202 126.27 128.85 42.09
CA ASP VA 202 126.79 127.50 42.31
C ASP VA 202 126.11 126.47 41.42
N GLY VA 203 125.49 126.92 40.32
CA GLY VA 203 124.92 126.01 39.34
C GLY VA 203 123.63 125.32 39.76
N THR VA 204 123.12 125.60 40.95
CA THR VA 204 121.87 124.98 41.38
C THR VA 204 120.73 125.42 40.47
N TYR VA 205 119.92 124.46 40.06
CA TYR VA 205 118.94 124.64 39.00
C TYR VA 205 117.53 124.48 39.56
N LYS VA 206 116.59 125.23 38.98
CA LYS VA 206 115.19 125.21 39.41
C LYS VA 206 114.36 124.56 38.30
N ALA VA 207 114.26 123.24 38.35
CA ALA VA 207 113.48 122.49 37.36
C ALA VA 207 112.02 122.46 37.77
N THR VA 208 111.13 122.64 36.79
CA THR VA 208 109.69 122.67 37.02
C THR VA 208 109.09 121.42 36.39
N THR VA 209 108.45 120.60 37.22
CA THR VA 209 107.88 119.32 36.78
C THR VA 209 106.37 119.38 36.89
N THR VA 210 105.69 119.08 35.78
CA THR VA 210 104.24 118.98 35.74
C THR VA 210 103.82 117.55 36.04
N PHE VA 211 102.60 117.40 36.55
CA PHE VA 211 102.08 116.09 36.90
C PHE VA 211 100.69 115.83 36.33
N ASN VA 212 100.45 116.27 35.10
CA ASN VA 212 99.15 116.06 34.45
C ASN VA 212 98.81 114.57 34.47
N ALA VA 213 97.84 114.20 35.28
CA ALA VA 213 97.62 112.80 35.64
C ALA VA 213 96.21 112.66 36.20
N ALA VA 214 95.95 111.56 36.92
CA ALA VA 214 94.65 111.25 37.50
C ALA VA 214 93.65 110.91 36.41
N SER VA 215 94.06 110.02 35.50
CA SER VA 215 93.21 109.63 34.39
C SER VA 215 92.27 108.51 34.82
N ALA VA 216 91.55 107.94 33.86
CA ALA VA 216 90.61 106.87 34.17
C ALA VA 216 91.32 105.65 34.74
N GLU VA 217 92.48 105.30 34.17
CA GLU VA 217 93.13 104.04 34.53
C GLU VA 217 93.54 104.02 36.00
N THR VA 218 93.86 105.17 36.58
CA THR VA 218 94.32 105.20 37.96
C THR VA 218 93.22 105.55 38.96
N VAL VA 219 92.27 106.40 38.60
CA VAL VA 219 91.16 106.69 39.51
C VAL VA 219 90.25 105.49 39.65
N LEU VA 220 89.89 104.86 38.53
CA LEU VA 220 88.96 103.75 38.59
C LEU VA 220 89.54 102.52 39.27
N SER VA 221 90.85 102.47 39.48
CA SER VA 221 91.45 101.34 40.17
C SER VA 221 91.05 101.30 41.64
N LYS VA 222 90.76 102.44 42.25
CA LYS VA 222 90.28 102.52 43.63
C LYS VA 222 88.91 103.19 43.61
N LEU VA 223 87.86 102.38 43.67
CA LEU VA 223 86.50 102.89 43.55
C LEU VA 223 85.51 101.93 44.19
N GLU VA 224 84.66 102.45 45.06
CA GLU VA 224 83.48 101.73 45.52
C GLU VA 224 82.22 102.58 45.59
N ASP VA 225 82.33 103.91 45.66
CA ASP VA 225 81.18 104.78 45.80
C ASP VA 225 80.67 105.22 44.43
N GLY VA 226 79.81 106.23 44.41
CA GLY VA 226 79.12 106.60 43.19
C GLY VA 226 80.04 107.17 42.13
N ASN VA 227 79.65 106.99 40.87
CA ASN VA 227 80.37 107.50 39.71
C ASN VA 227 79.36 108.00 38.70
N THR VA 228 79.59 109.18 38.15
CA THR VA 228 78.62 109.82 37.26
C THR VA 228 79.24 110.14 35.92
N VAL VA 229 78.45 110.01 34.86
CA VAL VA 229 78.80 110.48 33.53
C VAL VA 229 77.63 111.26 32.96
N ALA VA 230 77.94 112.24 32.12
CA ALA VA 230 76.92 113.10 31.52
C ALA VA 230 77.57 113.91 30.41
N VAL VA 231 76.80 114.16 29.35
CA VAL VA 231 77.28 114.90 28.18
C VAL VA 231 76.58 116.25 28.15
N GLY VA 232 77.37 117.33 28.19
CA GLY VA 232 76.84 118.67 28.04
C GLY VA 232 75.75 118.96 29.05
N GLY VA 233 74.65 119.54 28.55
CA GLY VA 233 73.47 119.82 29.33
C GLY VA 233 72.43 118.72 29.30
N GLY VA 234 72.75 117.55 28.75
CA GLY VA 234 71.82 116.46 28.65
C GLY VA 234 71.64 115.74 29.97
N ALA VA 235 71.02 114.56 29.90
CA ALA VA 235 70.74 113.78 31.09
C ALA VA 235 72.02 113.29 31.74
N THR VA 236 71.98 113.15 33.06
CA THR VA 236 73.11 112.70 33.86
C THR VA 236 72.82 111.32 34.43
N TYR VA 237 73.78 110.41 34.30
CA TYR VA 237 73.63 109.05 34.78
C TYR VA 237 74.71 108.74 35.81
N THR VA 238 74.37 107.89 36.78
CA THR VA 238 75.21 107.59 37.91
C THR VA 238 75.50 106.11 37.98
N TYR VA 239 76.66 105.76 38.54
CA TYR VA 239 77.12 104.39 38.67
C TYR VA 239 77.53 104.12 40.11
N ASP VA 240 77.55 102.85 40.49
CA ASP VA 240 78.00 102.43 41.82
C ASP VA 240 78.78 101.14 41.69
N ALA VA 241 80.07 101.18 42.01
CA ALA VA 241 80.94 100.01 41.88
C ALA VA 241 80.70 99.09 43.08
N ALA VA 242 79.88 98.06 42.87
CA ALA VA 242 79.57 97.08 43.90
C ALA VA 242 79.83 95.68 43.36
N LYS VA 243 80.62 94.90 44.11
CA LYS VA 243 80.95 93.52 43.74
C LYS VA 243 81.58 93.44 42.35
N GLY VA 244 82.44 94.41 42.03
CA GLY VA 244 83.16 94.40 40.77
C GLY VA 244 82.36 94.87 39.57
N ASN VA 245 81.15 95.36 39.77
CA ASN VA 245 80.31 95.82 38.67
C ASN VA 245 79.60 97.09 39.08
N PHE VA 246 79.13 97.83 38.06
CA PHE VA 246 78.45 99.09 38.28
C PHE VA 246 76.95 98.91 38.01
N THR VA 247 76.13 99.34 38.97
CA THR VA 247 74.68 99.19 38.87
C THR VA 247 74.09 100.35 38.05
N TYR VA 248 74.44 100.37 36.77
CA TYR VA 248 73.90 101.35 35.85
C TYR VA 248 72.39 101.17 35.70
N THR VA 249 71.67 102.29 35.77
CA THR VA 249 70.22 102.31 35.60
C THR VA 249 69.92 103.10 34.33
N LYS VA 250 69.32 102.43 33.36
CA LYS VA 250 68.99 103.09 32.09
C LYS VA 250 67.80 104.00 32.32
N THR VA 251 68.07 105.28 32.58
CA THR VA 251 67.02 106.26 32.82
C THR VA 251 66.54 106.84 31.50
N VAL VA 252 65.23 106.79 31.27
CA VAL VA 252 64.67 107.36 30.06
C VAL VA 252 64.94 108.86 30.01
N ASP VA 253 65.16 109.37 28.80
CA ASP VA 253 65.17 110.81 28.61
C ASP VA 253 63.81 111.36 29.00
N THR VA 254 63.81 112.50 29.69
CA THR VA 254 62.55 113.03 30.22
C THR VA 254 61.92 114.01 29.22
N THR VA 255 62.57 115.16 29.02
CA THR VA 255 62.32 116.10 27.91
C THR VA 255 60.86 116.17 27.46
N VAL VA 256 59.91 116.27 28.38
CA VAL VA 256 58.50 116.21 28.04
C VAL VA 256 57.70 117.15 28.93
N GLY VA 257 56.72 117.82 28.34
CA GLY VA 257 55.68 118.50 29.06
C GLY VA 257 54.44 117.63 29.08
N ALA VA 258 53.49 117.88 28.18
CA ALA VA 258 52.31 117.06 28.03
C ALA VA 258 52.46 115.98 26.96
N ASP VA 259 53.63 115.86 26.34
CA ASP VA 259 53.82 114.94 25.22
C ASP VA 259 54.41 113.62 25.72
N VAL VA 260 53.57 112.88 26.46
CA VAL VA 260 53.96 111.59 27.00
C VAL VA 260 54.28 110.58 25.91
N THR VA 261 53.77 110.82 24.69
CA THR VA 261 54.01 109.89 23.59
C THR VA 261 55.48 109.71 23.30
N ALA VA 262 56.30 110.75 23.54
CA ALA VA 262 57.73 110.61 23.33
C ALA VA 262 58.32 109.52 24.21
N LEU VA 263 57.99 109.55 25.51
CA LEU VA 263 58.48 108.52 26.41
C LEU VA 263 57.89 107.16 26.07
N ALA VA 264 56.61 107.12 25.72
CA ALA VA 264 55.98 105.84 25.39
C ALA VA 264 56.67 105.20 24.18
N ASN VA 265 56.92 105.99 23.13
CA ASN VA 265 57.54 105.49 21.92
C ASN VA 265 59.05 105.31 22.05
N LYS VA 266 59.67 105.87 23.10
CA LYS VA 266 61.04 105.50 23.39
C LYS VA 266 61.10 104.15 24.11
N ILE VA 267 60.14 103.90 25.00
CA ILE VA 267 60.09 102.61 25.69
C ILE VA 267 59.71 101.50 24.72
N LYS VA 268 58.81 101.78 23.79
CA LYS VA 268 58.26 100.74 22.90
C LYS VA 268 59.29 99.91 22.16
N PRO VA 269 60.32 100.48 21.52
CA PRO VA 269 61.27 99.63 20.77
C PRO VA 269 62.03 98.65 21.64
N SER VA 270 62.16 98.92 22.94
CA SER VA 270 62.80 97.96 23.84
C SER VA 270 62.03 96.66 23.94
N SER VA 271 60.73 96.68 23.62
CA SER VA 271 59.91 95.47 23.62
C SER VA 271 58.96 95.46 22.44
N GLY VA 272 59.35 96.03 21.31
CA GLY VA 272 58.47 96.19 20.17
C GLY VA 272 58.29 94.94 19.34
N THR VA 273 57.75 93.88 19.94
CA THR VA 273 57.48 92.64 19.24
C THR VA 273 56.36 91.92 19.98
N ILE VA 274 55.63 91.09 19.25
CA ILE VA 274 54.55 90.31 19.85
C ILE VA 274 55.15 89.26 20.76
N SER VA 275 54.79 89.32 22.05
CA SER VA 275 55.31 88.40 23.05
C SER VA 275 54.19 88.09 24.03
N GLY VA 276 54.53 87.38 25.10
CA GLY VA 276 53.56 86.99 26.10
C GLY VA 276 54.19 86.96 27.48
N SER VA 277 53.37 86.59 28.47
CA SER VA 277 53.78 86.50 29.87
C SER VA 277 54.30 87.83 30.39
N TYR VA 278 53.82 88.94 29.83
CA TYR VA 278 54.20 90.26 30.32
C TYR VA 278 53.66 90.48 31.73
N GLU VA 279 54.43 91.22 32.52
CA GLU VA 279 54.08 91.53 33.90
C GLU VA 279 53.78 93.03 33.99
N ILE VA 280 52.51 93.36 34.19
CA ILE VA 280 52.07 94.74 34.35
C ILE VA 280 51.78 94.93 35.83
N SER VA 281 52.71 95.57 36.54
CA SER VA 281 52.56 95.86 37.96
C SER VA 281 52.34 97.36 38.10
N THR VA 282 51.09 97.79 37.96
CA THR VA 282 50.70 99.18 38.14
C THR VA 282 49.99 99.33 39.49
N GLY VA 283 49.83 100.58 39.90
CA GLY VA 283 49.28 100.85 41.21
C GLY VA 283 50.20 100.37 42.31
N LYS VA 284 49.78 99.36 43.05
CA LYS VA 284 50.64 98.82 44.11
C LYS VA 284 50.84 97.31 44.01
N SER VA 285 49.78 96.56 43.69
CA SER VA 285 49.84 95.10 43.73
C SER VA 285 49.13 94.50 42.52
N ALA VA 286 49.39 95.05 41.33
CA ALA VA 286 48.76 94.51 40.13
C ALA VA 286 49.25 93.10 39.85
N SER VA 287 50.54 92.94 39.58
CA SER VA 287 51.18 91.65 39.38
C SER VA 287 50.43 90.82 38.33
N PHE VA 288 50.43 91.32 37.11
CA PHE VA 288 49.70 90.69 36.02
C PHE VA 288 50.55 89.65 35.29
N ASP VA 289 49.86 88.76 34.57
CA ASP VA 289 50.48 87.78 33.68
C ASP VA 289 49.69 87.84 32.37
N VAL VA 290 50.10 88.71 31.46
CA VAL VA 290 49.30 89.07 30.30
C VAL VA 290 50.07 88.78 29.02
N ASP VA 291 49.38 88.91 27.90
CA ASP VA 291 49.96 88.75 26.57
C ASP VA 291 49.77 90.04 25.78
N ALA VA 292 50.62 90.21 24.77
CA ALA VA 292 50.58 91.43 23.96
C ALA VA 292 50.89 91.07 22.51
N ALA VA 293 49.94 91.36 21.63
CA ALA VA 293 50.08 91.17 20.18
C ALA VA 293 49.68 92.44 19.45
N GLY VA 294 50.20 93.57 19.94
CA GLY VA 294 49.69 94.87 19.55
C GLY VA 294 48.50 95.33 20.37
N LYS VA 295 48.08 94.53 21.35
CA LYS VA 295 46.92 94.83 22.18
C LYS VA 295 47.03 94.02 23.45
N ILE VA 296 46.98 94.68 24.60
CA ILE VA 296 47.19 94.01 25.88
C ILE VA 296 45.99 93.14 26.21
N THR VA 297 46.25 91.88 26.53
CA THR VA 297 45.19 90.97 26.95
C THR VA 297 45.79 89.85 27.79
N ILE VA 298 45.00 89.36 28.74
CA ILE VA 298 45.39 88.25 29.59
C ILE VA 298 44.74 86.99 29.02
N GLY VA 299 45.22 85.83 29.46
CA GLY VA 299 44.79 84.57 28.92
C GLY VA 299 43.30 84.32 29.03
N GLY VA 300 42.61 84.38 27.88
CA GLY VA 300 41.18 84.17 27.83
C GLY VA 300 40.32 85.39 28.05
N ASN VA 301 40.91 86.58 28.05
CA ASN VA 301 40.16 87.81 28.35
C ASN VA 301 40.64 88.91 27.43
N ALA VA 302 40.23 90.15 27.74
CA ALA VA 302 40.58 91.32 26.95
C ALA VA 302 41.44 92.34 27.69
N ALA VA 303 41.29 92.45 29.01
CA ALA VA 303 42.14 93.29 29.85
C ALA VA 303 42.08 94.76 29.41
N PHE VA 304 40.89 95.33 29.57
CA PHE VA 304 40.69 96.74 29.27
C PHE VA 304 41.43 97.61 30.28
N LEU VA 305 41.55 98.90 29.95
CA LEU VA 305 42.14 99.89 30.82
C LEU VA 305 41.04 100.74 31.46
N ASN VA 306 41.22 101.09 32.74
CA ASN VA 306 40.18 101.79 33.49
C ASN VA 306 40.79 102.90 34.32
N ALA VA 307 39.91 103.66 34.97
CA ALA VA 307 40.26 104.55 36.07
C ALA VA 307 41.29 105.60 35.64
N ASP VA 308 40.86 106.49 34.75
CA ASP VA 308 41.67 107.63 34.42
C ASP VA 308 42.06 108.42 35.67
N GLY VA 309 43.34 108.78 35.77
CA GLY VA 309 43.89 109.32 36.98
C GLY VA 309 44.45 108.27 37.92
N GLU VA 310 43.91 107.05 37.88
CA GLU VA 310 44.43 105.91 38.62
C GLU VA 310 45.01 104.83 37.72
N LEU VA 311 44.38 104.60 36.56
CA LEU VA 311 44.97 103.82 35.47
C LEU VA 311 45.31 102.39 35.90
N THR VA 312 44.25 101.64 36.22
CA THR VA 312 44.36 100.22 36.53
C THR VA 312 43.79 99.41 35.37
N THR VA 313 44.53 98.38 34.95
CA THR VA 313 44.14 97.55 33.82
C THR VA 313 43.21 96.45 34.33
N ASN VA 314 42.00 96.39 33.75
CA ASN VA 314 41.00 95.46 34.25
C ASN VA 314 40.10 95.02 33.10
N ASP VA 315 39.74 93.74 33.11
CA ASP VA 315 38.91 93.20 32.03
C ASP VA 315 37.47 93.69 32.12
N ALA VA 316 37.06 94.25 33.25
CA ALA VA 316 35.70 94.77 33.39
C ALA VA 316 35.61 96.15 32.79
N SER VA 317 34.73 96.31 31.81
CA SER VA 317 34.56 97.61 31.15
C SER VA 317 33.82 98.57 32.05
N GLY VA 318 34.21 99.85 31.99
CA GLY VA 318 33.53 100.89 32.73
C GLY VA 318 33.06 102.03 31.85
N ALA VA 319 32.69 101.70 30.61
CA ALA VA 319 32.20 102.62 29.58
C ALA VA 319 33.26 103.60 29.09
N LEU VA 320 34.47 103.57 29.64
CA LEU VA 320 35.56 104.46 29.25
C LEU VA 320 36.85 103.66 29.08
N THR VA 321 36.78 102.54 28.37
CA THR VA 321 37.88 101.61 28.26
C THR VA 321 38.53 101.69 26.89
N GLN VA 322 39.85 101.49 26.87
CA GLN VA 322 40.64 101.54 25.65
C GLN VA 322 41.36 100.25 25.33
N ALA VA 323 42.05 99.65 26.30
CA ALA VA 323 42.74 98.38 26.14
C ALA VA 323 43.78 98.44 25.00
N THR VA 324 44.78 99.29 25.20
CA THR VA 324 45.84 99.46 24.21
C THR VA 324 47.19 99.43 24.91
N LEU VA 325 48.17 98.80 24.28
CA LEU VA 325 49.51 98.73 24.85
C LEU VA 325 50.12 100.12 24.97
N ASP VA 326 49.92 100.96 23.95
CA ASP VA 326 50.38 102.35 24.05
C ASP VA 326 49.70 103.06 25.22
N ASP VA 327 48.40 102.83 25.38
CA ASP VA 327 47.66 103.43 26.50
C ASP VA 327 48.20 102.95 27.83
N VAL VA 328 48.51 101.65 27.93
CA VAL VA 328 49.09 101.12 29.17
C VAL VA 328 50.43 101.77 29.45
N LEU VA 329 51.30 101.83 28.44
CA LEU VA 329 52.65 102.37 28.65
C LEU VA 329 52.61 103.85 29.03
N THR VA 330 51.74 104.62 28.38
CA THR VA 330 51.55 106.01 28.81
C THR VA 330 51.01 106.08 30.22
N SER VA 331 50.07 105.19 30.55
CA SER VA 331 49.49 105.17 31.89
C SER VA 331 50.50 104.74 32.94
N VAL VA 332 51.17 103.61 32.71
CA VAL VA 332 51.93 102.95 33.77
C VAL VA 332 53.09 103.82 34.21
N GLY VA 333 53.00 104.34 35.44
CA GLY VA 333 54.08 105.08 36.07
C GLY VA 333 54.60 106.26 35.28
N THR VA 334 54.00 106.50 34.12
CA THR VA 334 54.47 107.53 33.21
C THR VA 334 53.52 108.70 33.13
N GLU VA 335 52.26 108.52 33.51
CA GLU VA 335 51.31 109.62 33.60
C GLU VA 335 50.77 109.83 35.01
N ALA VA 336 50.24 108.78 35.65
CA ALA VA 336 49.57 109.01 36.93
C ALA VA 336 49.86 107.90 37.95
N ASN VA 337 50.98 107.21 37.82
CA ASN VA 337 51.36 106.19 38.78
C ASN VA 337 52.81 106.38 39.21
N SER VA 338 53.13 105.88 40.40
CA SER VA 338 54.47 105.99 40.95
C SER VA 338 54.90 104.65 41.52
N SER VA 339 56.20 104.38 41.43
CA SER VA 339 56.79 103.14 41.96
C SER VA 339 56.11 101.91 41.38
N VAL VA 340 55.82 101.95 40.08
CA VAL VA 340 55.22 100.83 39.37
C VAL VA 340 56.15 100.42 38.24
N THR VA 341 55.90 99.25 37.68
CA THR VA 341 56.87 98.63 36.78
C THR VA 341 56.15 97.79 35.74
N ILE VA 342 56.75 97.70 34.55
CA ILE VA 342 56.32 96.78 33.51
C ILE VA 342 57.36 95.66 33.49
N GLY VA 343 57.01 94.52 34.06
CA GLY VA 343 57.90 93.39 34.16
C GLY VA 343 57.76 92.45 32.98
N GLY VA 344 58.11 91.18 33.23
CA GLY VA 344 58.02 90.15 32.22
C GLY VA 344 59.10 90.26 31.16
N THR VA 345 59.39 89.15 30.48
CA THR VA 345 60.37 89.12 29.40
C THR VA 345 61.72 89.67 29.86
N LYS VA 346 62.12 89.27 31.07
CA LYS VA 346 63.43 89.56 31.66
C LYS VA 346 63.80 91.05 31.58
N TYR VA 347 62.81 91.92 31.77
CA TYR VA 347 63.10 93.32 32.02
C TYR VA 347 62.06 93.86 32.98
N SER VA 348 62.39 94.99 33.62
CA SER VA 348 61.49 95.61 34.58
C SER VA 348 61.64 97.12 34.45
N HIS VA 349 60.73 97.74 33.70
CA HIS VA 349 60.74 99.19 33.50
C HIS VA 349 60.08 99.86 34.70
N SER VA 350 60.85 99.99 35.77
CA SER VA 350 60.36 100.68 36.95
C SER VA 350 60.17 102.16 36.66
N ALA VA 351 59.18 102.76 37.32
CA ALA VA 351 58.84 104.17 37.12
C ALA VA 351 59.43 104.99 38.24
N ALA VA 352 60.42 105.83 37.91
CA ALA VA 352 61.02 106.70 38.90
C ALA VA 352 60.13 107.89 39.23
N ASP VA 353 59.47 108.47 38.22
CA ASP VA 353 58.65 109.66 38.42
C ASP VA 353 57.40 109.56 37.56
N GLU VA 354 56.36 110.28 37.98
CA GLU VA 354 55.11 110.38 37.24
C GLU VA 354 54.99 111.76 36.61
N LEU VA 355 54.12 111.85 35.61
CA LEU VA 355 53.95 113.06 34.81
C LEU VA 355 52.74 113.83 35.33
N SER VA 356 52.99 114.90 36.07
CA SER VA 356 51.93 115.84 36.43
C SER VA 356 51.50 116.70 35.26
N TYR VA 357 52.03 116.43 34.07
CA TYR VA 357 51.86 117.18 32.83
C TYR VA 357 52.53 118.54 32.90
N THR VA 358 53.08 118.91 34.04
CA THR VA 358 54.02 120.01 34.18
C THR VA 358 55.40 119.52 34.59
N ALA VA 359 55.49 118.79 35.68
CA ALA VA 359 56.70 118.05 36.02
C ALA VA 359 56.76 116.77 35.20
N VAL VA 360 57.94 116.44 34.74
CA VAL VA 360 58.12 115.38 33.75
C VAL VA 360 58.32 114.04 34.46
N ALA VA 361 57.85 112.97 33.83
CA ALA VA 361 57.99 111.62 34.34
C ALA VA 361 59.27 110.98 33.81
N THR VA 362 59.62 109.85 34.43
CA THR VA 362 60.74 109.05 33.95
C THR VA 362 60.58 107.62 34.43
N THR VA 363 60.77 106.67 33.52
CA THR VA 363 60.81 105.25 33.85
C THR VA 363 62.20 104.71 33.52
N ALA VA 364 62.68 103.81 34.37
CA ALA VA 364 64.02 103.30 34.20
C ALA VA 364 64.04 101.81 34.51
N ASP VA 365 64.91 101.10 33.80
CA ASP VA 365 65.18 99.69 34.05
C ASP VA 365 66.63 99.56 34.49
N VAL VA 366 66.86 98.76 35.53
CA VAL VA 366 68.21 98.59 36.03
C VAL VA 366 68.88 97.51 35.20
N LEU VA 367 69.42 97.91 34.05
CA LEU VA 367 70.08 96.96 33.16
C LEU VA 367 71.37 96.43 33.73
N SER VA 368 71.94 97.11 34.72
CA SER VA 368 73.30 96.85 35.21
C SER VA 368 74.32 96.91 34.08
N ALA VA 369 73.99 97.63 33.02
CA ALA VA 369 74.86 97.76 31.87
C ALA VA 369 76.16 98.45 32.28
N MET VA 370 77.15 98.42 31.37
CA MET VA 370 78.47 98.95 31.65
C MET VA 370 79.07 98.28 32.87
N GLY VA 371 78.65 97.05 33.13
CA GLY VA 371 78.90 96.36 34.38
C GLY VA 371 80.35 96.32 34.79
N SER VA 372 81.16 95.58 34.05
CA SER VA 372 82.58 95.51 34.35
C SER VA 372 83.19 96.91 34.27
N SER VA 373 84.10 97.20 35.20
CA SER VA 373 84.74 98.51 35.22
C SER VA 373 85.47 98.81 33.93
N THR VA 374 85.85 97.77 33.17
CA THR VA 374 86.48 98.00 31.88
C THR VA 374 85.51 98.70 30.92
N ALA VA 375 84.24 98.29 30.92
CA ALA VA 375 83.26 98.93 30.04
C ALA VA 375 83.08 100.41 30.38
N VAL VA 376 82.94 100.70 31.68
CA VAL VA 376 82.79 102.10 32.10
C VAL VA 376 84.02 102.90 31.72
N SER VA 377 85.21 102.34 31.97
CA SER VA 377 86.44 103.03 31.62
C SER VA 377 86.50 103.32 30.13
N THR VA 378 86.21 102.32 29.30
CA THR VA 378 86.26 102.50 27.85
C THR VA 378 85.26 103.56 27.40
N VAL VA 379 84.07 103.59 28.02
CA VAL VA 379 83.09 104.60 27.65
C VAL VA 379 83.57 106.00 28.02
N THR VA 380 84.07 106.17 29.24
CA THR VA 380 84.56 107.48 29.64
C THR VA 380 85.91 107.81 29.03
N LEU VA 381 86.72 106.80 28.69
CA LEU VA 381 88.00 107.03 28.02
C LEU VA 381 87.75 107.12 26.51
N GLY VA 382 87.19 108.27 26.11
CA GLY VA 382 86.79 108.47 24.73
C GLY VA 382 85.29 108.59 24.58
N SER VA 383 84.83 109.82 24.37
CA SER VA 383 83.40 110.11 24.30
C SER VA 383 83.23 111.41 23.52
N GLY VA 384 82.08 112.05 23.69
CA GLY VA 384 81.80 113.30 23.02
C GLY VA 384 82.12 114.47 23.93
N ILE VA 385 81.09 115.10 24.50
CA ILE VA 385 81.29 116.13 25.51
C ILE VA 385 80.91 115.53 26.86
N THR VA 386 81.05 114.21 26.98
CA THR VA 386 80.64 113.49 28.18
C THR VA 386 81.71 113.68 29.26
N SER VA 387 81.48 114.65 30.14
CA SER VA 387 82.38 114.93 31.26
C SER VA 387 81.92 114.13 32.48
N ALA VA 388 82.74 113.18 32.90
CA ALA VA 388 82.39 112.32 34.02
C ALA VA 388 82.76 112.97 35.35
N ALA VA 389 82.32 112.33 36.43
CA ALA VA 389 82.74 112.70 37.78
C ALA VA 389 82.69 111.45 38.65
N VAL VA 390 83.75 111.24 39.44
CA VAL VA 390 83.90 110.02 40.23
C VAL VA 390 83.98 110.41 41.71
N THR VA 391 83.10 109.81 42.51
CA THR VA 391 83.10 109.95 43.96
C THR VA 391 83.62 108.64 44.53
N PHE VA 392 84.83 108.65 45.09
CA PHE VA 392 85.51 107.39 45.34
C PHE VA 392 86.18 107.32 46.71
N ALA VA 393 85.54 107.87 47.74
CA ALA VA 393 86.10 107.79 49.08
C ALA VA 393 84.98 107.60 50.10
N ILE VA 394 85.37 107.64 51.37
CA ILE VA 394 84.42 107.57 52.47
C ILE VA 394 83.74 108.93 52.61
N ALA VA 395 82.42 108.90 52.86
CA ALA VA 395 81.62 110.13 52.82
C ALA VA 395 82.16 111.20 53.74
N THR VA 396 82.77 110.81 54.86
CA THR VA 396 83.41 111.80 55.73
C THR VA 396 84.65 112.40 55.07
N THR VA 397 85.42 111.58 54.36
CA THR VA 397 86.68 112.02 53.77
C THR VA 397 86.65 111.89 52.26
N ASP VA 398 85.54 112.30 51.64
CA ASP VA 398 85.33 112.14 50.21
C ASP VA 398 85.44 113.47 49.49
N SER VA 399 85.65 113.37 48.18
CA SER VA 399 85.62 114.51 47.27
C SER VA 399 85.29 113.98 45.88
N ASN VA 400 85.41 114.84 44.88
CA ASN VA 400 85.07 114.49 43.52
C ASN VA 400 86.16 114.98 42.58
N ASN VA 401 86.27 114.32 41.42
CA ASN VA 401 87.18 114.74 40.36
C ASN VA 401 86.39 114.91 39.08
N THR VA 402 86.58 116.04 38.40
CA THR VA 402 85.97 116.24 37.10
C THR VA 402 86.83 115.58 36.03
N TRP VA 403 86.27 115.44 34.84
CA TRP VA 403 86.93 114.66 33.80
C TRP VA 403 86.83 115.36 32.46
N VAL VA 404 87.91 115.28 31.70
CA VAL VA 404 87.90 115.76 30.32
C VAL VA 404 87.18 114.72 29.46
N ASP VA 405 86.29 115.21 28.60
CA ASP VA 405 85.34 114.33 27.92
C ASP VA 405 86.05 113.32 27.02
N ASN VA 406 86.97 113.78 26.17
CA ASN VA 406 87.47 112.97 25.08
C ASN VA 406 88.67 112.11 25.44
N LYS VA 407 89.25 112.27 26.63
CA LYS VA 407 90.39 111.43 27.00
C LYS VA 407 90.30 110.89 28.43
N GLY VA 408 89.29 111.25 29.20
CA GLY VA 408 89.21 110.73 30.55
C GLY VA 408 90.34 111.16 31.46
N GLU VA 409 90.93 112.32 31.20
CA GLU VA 409 91.92 112.91 32.07
C GLU VA 409 91.35 114.13 32.78
N LEU VA 410 92.00 114.55 33.86
CA LEU VA 410 91.58 115.71 34.63
C LEU VA 410 92.71 116.72 34.66
N THR VA 411 92.37 117.98 34.36
CA THR VA 411 93.35 119.07 34.41
C THR VA 411 93.43 119.71 35.79
N ASP VA 412 92.30 119.84 36.48
CA ASP VA 412 92.28 120.55 37.75
C ASP VA 412 93.13 119.81 38.79
N ILE VA 413 92.96 118.49 38.89
CA ILE VA 413 93.63 117.69 39.89
C ILE VA 413 94.71 116.84 39.22
N GLN VA 414 95.95 116.99 39.69
CA GLN VA 414 97.08 116.22 39.23
C GLN VA 414 97.45 115.17 40.27
N THR VA 415 98.48 114.39 39.99
CA THR VA 415 99.01 113.42 40.94
C THR VA 415 100.52 113.58 41.04
N PHE VA 416 101.01 113.80 42.25
CA PHE VA 416 102.44 113.80 42.49
C PHE VA 416 103.02 112.41 42.21
N ASP VA 417 104.35 112.33 42.22
CA ASP VA 417 105.03 111.06 41.96
C ASP VA 417 104.50 109.94 42.84
N THR VA 418 104.14 110.27 44.09
CA THR VA 418 103.62 109.28 45.02
C THR VA 418 102.27 109.62 45.62
N SER VA 419 101.62 110.69 45.15
CA SER VA 419 100.43 111.19 45.83
C SER VA 419 99.57 111.98 44.86
N TYR VA 420 98.33 112.26 45.29
CA TYR VA 420 97.35 113.01 44.49
C TYR VA 420 97.33 114.45 44.96
N LYS VA 421 98.13 115.30 44.32
CA LYS VA 421 98.22 116.72 44.68
C LYS VA 421 97.63 117.59 43.59
N ILE VA 422 96.84 118.59 44.01
CA ILE VA 422 96.29 119.55 43.07
C ILE VA 422 97.39 120.40 42.45
N ASN VA 423 98.46 120.66 43.20
CA ASN VA 423 99.54 121.51 42.70
C ASN VA 423 100.21 120.88 41.49
N ALA VA 424 99.98 121.48 40.32
CA ALA VA 424 100.48 120.91 39.08
C ALA VA 424 101.99 121.03 38.93
N ASP VA 425 102.63 121.92 39.69
CA ASP VA 425 104.07 122.12 39.60
C ASP VA 425 104.67 122.21 40.99
N THR VA 426 105.85 121.61 41.16
CA THR VA 426 106.56 121.64 42.44
C THR VA 426 107.83 122.46 42.42
N GLY VA 427 108.44 122.68 41.26
CA GLY VA 427 109.68 123.42 41.20
C GLY VA 427 110.84 122.71 41.87
N GLU VA 428 111.06 121.44 41.50
CA GLU VA 428 112.13 120.66 42.08
C GLU VA 428 113.47 121.36 41.90
N VAL VA 429 114.34 121.22 42.90
CA VAL VA 429 115.60 121.94 42.94
C VAL VA 429 116.73 120.92 42.80
N THR VA 430 117.49 121.03 41.70
CA THR VA 430 118.62 120.17 41.43
C THR VA 430 119.88 121.02 41.29
N VAL VA 431 121.01 120.46 41.70
CA VAL VA 431 122.30 121.14 41.62
C VAL VA 431 123.21 120.34 40.69
N VAL VA 432 123.88 121.05 39.80
CA VAL VA 432 124.80 120.43 38.86
C VAL VA 432 126.18 120.33 39.53
N GLY VA 433 126.55 119.12 39.94
CA GLY VA 433 127.83 118.91 40.57
C GLY VA 433 128.99 119.26 39.66
N ASP VA 434 129.67 120.37 39.97
CA ASP VA 434 130.77 120.81 39.13
C ASP VA 434 131.92 119.81 39.20
N ASN VA 435 132.62 119.65 38.08
CA ASN VA 435 133.71 118.71 37.86
C ASN VA 435 133.24 117.26 37.95
N SER VA 436 131.94 117.02 38.13
CA SER VA 436 131.37 115.68 38.10
C SER VA 436 130.27 115.51 37.06
N ALA VA 437 129.68 116.61 36.59
CA ALA VA 437 128.68 116.58 35.52
C ALA VA 437 127.48 115.69 35.87
N THR VA 438 127.06 115.70 37.13
CA THR VA 438 125.91 114.94 37.56
C THR VA 438 124.97 115.85 38.34
N ALA VA 439 123.70 115.89 37.94
CA ALA VA 439 122.70 116.77 38.55
C ALA VA 439 122.23 116.15 39.87
N GLY VA 440 122.98 116.44 40.93
CA GLY VA 440 122.58 115.98 42.25
C GLY VA 440 121.31 116.67 42.72
N GLN VA 441 120.48 115.92 43.44
CA GLN VA 441 119.25 116.48 43.98
C GLN VA 441 119.55 117.45 45.12
N TYR VA 442 118.68 118.44 45.28
CA TYR VA 442 118.92 119.47 46.28
C TYR VA 442 117.71 119.72 47.18
N ALA VA 443 116.50 119.52 46.65
CA ALA VA 443 115.30 119.95 47.36
C ALA VA 443 115.08 119.26 48.70
N SER VA 444 114.82 117.96 48.68
CA SER VA 444 114.61 117.22 49.92
C SER VA 444 115.38 115.91 49.96
N ALA VA 445 115.62 115.32 48.78
CA ALA VA 445 116.40 114.10 48.74
C ALA VA 445 117.87 114.35 49.06
N ASP VA 446 118.37 115.53 48.69
CA ASP VA 446 119.69 116.01 49.08
C ASP VA 446 120.79 115.04 48.65
N GLY VA 447 120.88 114.87 47.34
CA GLY VA 447 121.93 114.05 46.77
C GLY VA 447 121.41 112.75 46.17
N ALA VA 448 120.22 112.79 45.58
CA ALA VA 448 119.65 111.60 44.97
C ALA VA 448 120.29 111.22 43.66
N LYS VA 449 121.16 112.08 43.10
CA LYS VA 449 121.87 111.79 41.85
C LYS VA 449 120.88 111.51 40.72
N VAL VA 450 120.16 112.57 40.34
CA VAL VA 450 119.07 112.46 39.38
C VAL VA 450 119.54 111.80 38.09
N LEU VA 451 118.74 110.86 37.58
CA LEU VA 451 118.91 110.28 36.27
C LEU VA 451 117.70 110.60 35.41
N VAL VA 452 117.93 110.71 34.10
CA VAL VA 452 116.85 110.98 33.16
C VAL VA 452 116.03 109.71 32.96
N GLY VA 453 114.72 109.82 33.14
CA GLY VA 453 113.84 108.67 33.01
C GLY VA 453 113.59 108.29 31.57
N SER VA 454 112.74 107.27 31.39
CA SER VA 454 112.42 106.79 30.06
C SER VA 454 111.55 107.77 29.28
N ASP VA 455 110.79 108.62 29.96
CA ASP VA 455 109.95 109.60 29.31
C ASP VA 455 110.63 110.95 29.15
N GLY VA 456 111.90 111.06 29.53
CA GLY VA 456 112.66 112.28 29.39
C GLY VA 456 112.63 113.21 30.58
N LYS VA 457 111.75 112.97 31.56
CA LYS VA 457 111.70 113.82 32.74
C LYS VA 457 112.76 113.41 33.74
N LEU VA 458 113.04 114.30 34.69
CA LEU VA 458 114.03 114.05 35.73
C LEU VA 458 113.43 113.21 36.84
N THR VA 459 114.21 112.24 37.32
CA THR VA 459 113.75 111.34 38.38
C THR VA 459 114.97 110.83 39.14
N THR VA 460 114.71 110.35 40.35
CA THR VA 460 115.77 109.89 41.24
C THR VA 460 116.08 108.42 41.10
N GLU VA 461 115.30 107.66 40.34
CA GLU VA 461 115.57 106.24 40.16
C GLU VA 461 116.72 106.02 39.21
N THR VA 462 117.44 104.91 39.42
CA THR VA 462 118.56 104.57 38.56
C THR VA 462 118.19 103.56 37.48
N THR VA 463 117.31 102.61 37.78
CA THR VA 463 116.93 101.55 36.87
C THR VA 463 115.43 101.61 36.59
N SER VA 464 115.07 101.49 35.31
CA SER VA 464 113.69 101.54 34.89
C SER VA 464 113.11 100.13 34.77
N ALA VA 465 111.86 100.05 34.31
CA ALA VA 465 111.19 98.76 34.19
C ALA VA 465 111.86 97.87 33.16
N GLY VA 466 112.27 98.45 32.03
CA GLY VA 466 112.82 97.67 30.93
C GLY VA 466 111.74 97.15 30.01
N ASP VA 467 111.99 96.01 29.35
CA ASP VA 467 110.99 95.44 28.45
C ASP VA 467 111.12 93.92 28.51
N LYS VA 468 110.37 93.30 29.44
CA LYS VA 468 110.56 91.90 29.88
C LYS VA 468 109.46 91.57 30.87
N THR VA 469 109.00 90.32 30.90
CA THR VA 469 107.95 89.92 31.83
C THR VA 469 108.51 89.93 33.25
N THR VA 470 108.07 90.89 34.06
CA THR VA 470 108.72 91.13 35.35
C THR VA 470 108.64 89.92 36.26
N ASP VA 471 107.53 89.17 36.21
CA ASP VA 471 107.34 87.98 37.03
C ASP VA 471 106.98 86.81 36.12
N PRO VA 472 107.96 86.22 35.45
CA PRO VA 472 107.64 85.15 34.48
C PRO VA 472 107.04 83.92 35.14
N LEU VA 473 107.72 83.38 36.16
CA LEU VA 473 107.25 82.18 36.82
C LEU VA 473 105.92 82.42 37.53
N LYS VA 474 105.72 83.62 38.09
CA LYS VA 474 104.45 83.91 38.76
C LYS VA 474 103.28 83.92 37.77
N THR VA 475 103.48 84.54 36.61
CA THR VA 475 102.45 84.51 35.58
C THR VA 475 102.21 83.09 35.08
N LEU VA 476 103.28 82.30 34.96
CA LEU VA 476 103.12 80.91 34.55
C LEU VA 476 102.32 80.12 35.59
N ASP VA 477 102.56 80.40 36.87
CA ASP VA 477 101.78 79.74 37.93
C ASP VA 477 100.32 80.17 37.88
N ALA VA 478 100.06 81.44 37.56
CA ALA VA 478 98.68 81.89 37.41
C ALA VA 478 97.99 81.16 36.26
N ALA VA 479 98.70 81.01 35.13
CA ALA VA 479 98.16 80.25 34.01
C ALA VA 479 97.93 78.79 34.41
N PHE VA 480 98.85 78.22 35.18
CA PHE VA 480 98.68 76.87 35.68
C PHE VA 480 97.43 76.74 36.52
N THR VA 481 97.20 77.71 37.41
CA THR VA 481 96.01 77.66 38.26
C THR VA 481 94.74 77.75 37.43
N LYS VA 482 94.72 78.65 36.43
CA LYS VA 482 93.54 78.77 35.58
C LYS VA 482 93.27 77.45 34.84
N LEU VA 483 94.31 76.89 34.23
CA LEU VA 483 94.14 75.66 33.47
C LEU VA 483 93.72 74.51 34.38
N ASP VA 484 94.31 74.42 35.57
CA ASP VA 484 93.97 73.35 36.49
C ASP VA 484 92.53 73.49 36.96
N LYS VA 485 92.08 74.72 37.22
CA LYS VA 485 90.70 74.93 37.61
C LYS VA 485 89.74 74.47 36.51
N LEU VA 486 90.05 74.85 35.25
CA LEU VA 486 89.18 74.43 34.16
C LEU VA 486 89.18 72.93 33.98
N THR VA 487 90.37 72.30 34.08
CA THR VA 487 90.46 70.86 33.92
C THR VA 487 89.70 70.13 35.03
N GLY VA 488 89.84 70.60 36.27
CA GLY VA 488 89.09 69.99 37.35
C GLY VA 488 87.60 70.16 37.20
N GLU VA 489 87.16 71.33 36.73
CA GLU VA 489 85.74 71.53 36.48
C GLU VA 489 85.23 70.56 35.42
N LEU VA 490 86.00 70.40 34.35
CA LEU VA 490 85.59 69.48 33.28
C LEU VA 490 85.56 68.05 33.77
N GLY VA 491 86.54 67.65 34.58
CA GLY VA 491 86.54 66.31 35.12
C GLY VA 491 85.37 66.05 36.05
N ALA VA 492 85.03 67.03 36.88
CA ALA VA 492 83.87 66.88 37.75
C ALA VA 492 82.59 66.76 36.95
N VAL VA 493 82.46 67.57 35.89
CA VAL VA 493 81.28 67.47 35.04
C VAL VA 493 81.21 66.11 34.36
N GLN VA 494 82.37 65.60 33.92
CA GLN VA 494 82.39 64.29 33.28
C GLN VA 494 81.99 63.19 34.26
N ASN VA 495 82.47 63.26 35.50
CA ASN VA 495 82.09 62.27 36.50
C ASN VA 495 80.60 62.34 36.79
N ARG VA 496 80.06 63.55 36.96
CA ARG VA 496 78.63 63.70 37.18
C ARG VA 496 77.84 63.19 36.00
N LEU VA 497 78.33 63.39 34.78
CA LEU VA 497 77.64 62.91 33.60
C LEU VA 497 77.64 61.38 33.54
N GLU VA 498 78.75 60.75 33.95
CA GLU VA 498 78.76 59.30 34.05
C GLU VA 498 77.75 58.81 35.07
N SER VA 499 77.66 59.50 36.21
CA SER VA 499 76.66 59.15 37.21
C SER VA 499 75.24 59.31 36.66
N THR VA 500 75.01 60.37 35.89
CA THR VA 500 73.71 60.54 35.24
C THR VA 500 73.43 59.41 34.26
N ILE VA 501 74.46 58.97 33.52
CA ILE VA 501 74.29 57.83 32.62
C ILE VA 501 73.79 56.62 33.41
N ALA VA 502 74.46 56.32 34.53
CA ALA VA 502 74.07 55.18 35.34
C ALA VA 502 72.65 55.33 35.87
N ASN VA 503 72.33 56.51 36.39
CA ASN VA 503 71.02 56.74 36.98
C ASN VA 503 69.91 56.63 35.94
N LEU VA 504 70.12 57.24 34.78
CA LEU VA 504 69.12 57.17 33.72
C LEU VA 504 68.96 55.76 33.19
N ASN VA 505 70.06 55.00 33.08
CA ASN VA 505 69.93 53.61 32.67
C ASN VA 505 69.12 52.82 33.67
N ASN VA 506 69.37 53.02 34.96
CA ASN VA 506 68.59 52.32 35.98
C ASN VA 506 67.12 52.70 35.90
N VAL VA 507 66.83 54.00 35.75
CA VAL VA 507 65.44 54.44 35.69
C VAL VA 507 64.76 53.90 34.44
N VAL VA 508 65.49 53.83 33.33
CA VAL VA 508 64.93 53.26 32.11
C VAL VA 508 64.59 51.79 32.31
N ASN VA 509 65.48 51.04 32.96
CA ASN VA 509 65.20 49.64 33.21
C ASN VA 509 63.96 49.47 34.08
N ASN VA 510 63.86 50.25 35.16
CA ASN VA 510 62.70 50.13 36.04
C ASN VA 510 61.41 50.55 35.36
N LEU VA 511 61.46 51.62 34.56
CA LEU VA 511 60.25 52.07 33.87
C LEU VA 511 59.85 51.11 32.76
N SER VA 512 60.80 50.49 32.08
CA SER VA 512 60.47 49.46 31.11
C SER VA 512 59.84 48.26 31.79
N SER VA 513 60.34 47.88 32.96
CA SER VA 513 59.69 46.82 33.72
C SER VA 513 58.27 47.21 34.12
N ALA VA 514 58.08 48.46 34.56
CA ALA VA 514 56.75 48.91 34.92
C ALA VA 514 55.82 48.87 33.72
N ARG VA 515 56.30 49.28 32.56
CA ARG VA 515 55.51 49.19 31.35
C ARG VA 515 55.19 47.75 31.00
N SER VA 516 56.12 46.83 31.27
CA SER VA 516 55.85 45.42 31.04
C SER VA 516 54.75 44.91 31.96
N ARG VA 517 54.79 45.28 33.24
CA ARG VA 517 53.71 44.91 34.15
C ARG VA 517 52.37 45.47 33.67
N ILE VA 518 52.34 46.74 33.27
CA ILE VA 518 51.05 47.37 33.03
C ILE VA 518 50.50 47.01 31.66
N GLN VA 519 51.37 46.82 30.66
CA GLN VA 519 50.97 46.75 29.26
C GLN VA 519 51.14 45.38 28.64
N ASP VA 520 52.28 44.72 28.86
CA ASP VA 520 52.55 43.46 28.18
C ASP VA 520 51.63 42.38 28.71
N ALA VA 521 51.53 41.29 27.94
CA ALA VA 521 50.65 40.18 28.25
C ALA VA 521 51.49 38.98 28.67
N ASP VA 522 51.17 38.38 29.82
CA ASP VA 522 51.85 37.19 30.29
C ASP VA 522 51.28 35.96 29.59
N TYR VA 523 52.13 35.32 28.77
CA TYR VA 523 51.65 34.42 27.74
C TYR VA 523 50.89 33.21 28.30
N ALA VA 524 51.17 32.81 29.53
CA ALA VA 524 50.50 31.63 30.08
C ALA VA 524 49.00 31.82 30.14
N THR VA 525 48.54 32.93 30.72
CA THR VA 525 47.11 33.15 30.87
C THR VA 525 46.42 33.30 29.53
N GLU VA 526 47.05 34.03 28.59
CA GLU VA 526 46.43 34.21 27.28
C GLU VA 526 46.36 32.89 26.52
N VAL VA 527 47.40 32.05 26.61
CA VAL VA 527 47.35 30.75 25.94
C VAL VA 527 46.24 29.89 26.55
N SER VA 528 46.14 29.88 27.88
CA SER VA 528 45.09 29.10 28.53
C SER VA 528 43.71 29.61 28.12
N ASN VA 529 43.54 30.93 28.06
CA ASN VA 529 42.26 31.50 27.66
C ASN VA 529 41.94 31.17 26.21
N MET VA 530 42.95 31.17 25.34
CA MET VA 530 42.73 30.77 23.95
C MET VA 530 42.28 29.33 23.86
N SER VA 531 42.91 28.44 24.64
CA SER VA 531 42.50 27.04 24.63
C SER VA 531 41.07 26.87 25.13
N LYS VA 532 40.75 27.56 26.23
CA LYS VA 532 39.39 27.49 26.76
C LYS VA 532 38.38 28.02 25.75
N ALA VA 533 38.73 29.11 25.06
CA ALA VA 533 37.84 29.68 24.06
C ALA VA 533 37.64 28.73 22.90
N GLN VA 534 38.70 28.03 22.48
CA GLN VA 534 38.56 27.07 21.38
C GLN VA 534 37.66 25.90 21.79
N ILE VA 535 37.86 25.38 23.00
CA ILE VA 535 37.00 24.28 23.45
C ILE VA 535 35.56 24.76 23.54
N LEU VA 536 35.35 25.98 24.06
CA LEU VA 536 34.01 26.54 24.11
C LEU VA 536 33.42 26.71 22.72
N GLN VA 537 34.25 27.09 21.75
CA GLN VA 537 33.78 27.26 20.38
C GLN VA 537 33.28 25.94 19.81
N GLN VA 538 34.07 24.89 19.97
CA GLN VA 538 33.67 23.58 19.46
C GLN VA 538 32.42 23.08 20.15
N ALA VA 539 32.36 23.23 21.48
CA ALA VA 539 31.17 22.79 22.21
C ALA VA 539 29.95 23.58 21.79
N GLY VA 540 30.09 24.89 21.62
CA GLY VA 540 28.97 25.70 21.20
C GLY VA 540 28.49 25.35 19.81
N THR VA 541 29.42 25.09 18.90
CA THR VA 541 29.01 24.67 17.56
C THR VA 541 28.24 23.36 17.61
N SER VA 542 28.72 22.40 18.39
CA SER VA 542 28.02 21.12 18.50
C SER VA 542 26.64 21.30 19.12
N VAL VA 543 26.55 22.08 20.19
CA VAL VA 543 25.27 22.27 20.88
C VAL VA 543 24.29 22.99 19.98
N LEU VA 544 24.76 24.01 19.26
CA LEU VA 544 23.92 24.67 18.27
C LEU VA 544 23.46 23.68 17.22
N ALA VA 545 24.35 22.77 16.82
CA ALA VA 545 23.95 21.75 15.86
C ALA VA 545 22.77 20.95 16.38
N GLN VA 546 22.90 20.38 17.58
CA GLN VA 546 21.80 19.54 18.09
C GLN VA 546 20.53 20.37 18.28
N ALA VA 547 20.68 21.64 18.65
CA ALA VA 547 19.52 22.51 18.73
C ALA VA 547 18.83 22.65 17.38
N ASN VA 548 19.61 22.61 16.29
CA ASN VA 548 18.99 22.70 14.96
C ASN VA 548 18.16 21.47 14.63
N GLN VA 549 18.55 20.26 15.05
CA GLN VA 549 17.67 19.12 14.81
C GLN VA 549 16.69 18.88 15.94
N VAL VA 550 16.68 19.73 16.98
CA VAL VA 550 15.61 19.66 17.97
C VAL VA 550 14.23 19.68 17.32
N PRO VA 551 13.93 20.59 16.37
CA PRO VA 551 12.57 20.58 15.79
C PRO VA 551 12.31 19.44 14.80
N GLN VA 552 13.33 18.67 14.41
CA GLN VA 552 13.09 17.53 13.53
C GLN VA 552 12.15 16.52 14.15
N THR VA 553 12.08 16.46 15.49
CA THR VA 553 11.16 15.54 16.14
C THR VA 553 9.71 15.81 15.74
N VAL VA 554 9.42 17.03 15.29
CA VAL VA 554 8.10 17.31 14.73
C VAL VA 554 7.85 16.45 13.51
N LEU VA 555 8.86 16.30 12.65
CA LEU VA 555 8.69 15.48 11.45
C LEU VA 555 8.88 14.01 11.77
N SER VA 556 8.18 13.55 12.80
CA SER VA 556 7.92 12.13 13.05
C SER VA 556 6.43 11.86 13.08
N LEU VA 557 5.67 12.75 13.73
CA LEU VA 557 4.22 12.76 13.65
C LEU VA 557 3.80 13.67 12.50
N LEU VA 558 2.79 13.24 11.76
CA LEU VA 558 2.29 14.00 10.62
C LEU VA 558 0.79 13.83 10.45
#